data_9B0S
#
_entry.id   9B0S
#
loop_
_entity.id
_entity.type
_entity.pdbx_description
1 polymer 'Endothelial differentiation-related factor 1'
2 polymer 'Small ribosomal subunit protein eS4, X isoform'
3 polymer '40S ribosomal protein S8'
4 polymer '40S ribosomal protein S11'
5 polymer '40S ribosomal protein S23'
6 polymer '40S ribosomal protein S6'
7 polymer '40S ribosomal protein S9'
8 polymer '40S ribosomal protein S24'
9 polymer 'Small ribosomal subunit protein eS30'
10 polymer '40S ribosomal protein SA'
11 polymer '40S ribosomal protein S3a'
12 polymer 'Small ribosomal subunit protein eS7'
13 polymer '40S ribosomal protein S21'
14 polymer '40S ribosomal protein S26'
15 polymer '40S ribosomal protein S2'
16 polymer '40S ribosomal protein S13'
17 polymer 'Small ribosomal subunit protein uS11'
18 polymer '40S ribosomal protein S15a'
19 polymer 'Small ribosomal subunit protein eS27'
20 polymer '5S rRNA [Homo sapiens]'
21 polymer '5.8S rRNA [Homo sapiens]'
22 polymer '60S ribosomal protein L8'
23 polymer 'Large ribosomal subunit protein uL3'
24 polymer '60S ribosomal protein L4'
25 polymer 'Large ribosomal subunit protein uL18'
26 polymer 'Large ribosomal subunit protein eL6'
27 polymer '60S ribosomal protein L7'
28 polymer '60S ribosomal protein L7a'
29 polymer '60S ribosomal protein L9'
30 polymer 'Ribosomal protein uL16-like'
31 polymer '60S ribosomal protein L11'
32 polymer 'Large ribosomal subunit protein eL13'
33 polymer '60S ribosomal protein L14'
34 polymer '60S ribosomal protein L15'
35 polymer '60S ribosomal protein L13a'
36 polymer '60S ribosomal protein L17'
37 polymer '60S ribosomal protein L18'
38 polymer '60S ribosomal protein L19'
39 polymer '60S ribosomal protein L18a'
40 polymer '60S ribosomal protein L21'
41 polymer 'Heparin-binding protein HBp15'
42 polymer '60S ribosomal protein L23'
43 polymer '60S ribosomal protein L23a'
44 polymer '60S ribosomal protein L26'
45 polymer '60S ribosomal protein L27'
46 polymer '60S ribosomal protein L27a'
47 polymer 'Large ribosomal subunit protein eL29'
48 polymer '60S ribosomal protein L30'
49 polymer '60S ribosomal protein L31'
50 polymer '60S ribosomal protein L32'
51 polymer '60S ribosomal protein L35a'
52 polymer '60S ribosomal protein L34'
53 polymer '60S ribosomal protein L35'
54 polymer '60S ribosomal protein L36'
55 polymer '60S ribosomal protein L37'
56 polymer '60S ribosomal protein L38'
57 polymer '60S ribosomal protein L39'
58 polymer 'Large ribosomal subunit protein eL40'
59 polymer '60S ribosomal protein L41'
60 polymer '60S ribosomal protein L36a'
61 polymer '60S ribosomal protein L37a'
62 polymer '60S ribosomal protein L28'
63 polymer '60S ribosomal protein L10a'
64 polymer '40S ribosomal protein S17'
65 polymer 'Small ribosomal subunit protein uS3'
66 polymer '40S ribosomal protein S5'
67 polymer '40S ribosomal protein S10'
68 polymer 'Small ribosomal subunit protein uS19'
69 polymer 'Small ribosomal subunit protein uS9'
70 polymer '40S ribosomal protein S18'
71 polymer '40S ribosomal protein S19'
72 polymer '40S ribosomal protein S20'
73 polymer '40S ribosomal protein S28'
74 polymer '40S ribosomal protein S29'
75 polymer 'Receptor of activated protein C kinase 1'
76 polymer 'Small ribosomal subunit protein eS12'
77 polymer 'Small ribosomal subunit protein eS25'
78 polymer 'Ubiquitin-40S ribosomal protein S27a'
79 polymer '18S rRNA [Homo sapiens]'
80 polymer 'Elongation factor 2'
81 polymer 'A/P site tRNA [Homo sapiens]'
82 polymer 'P/E site tRNA [Homo sapiens]'
83 polymer '60S acidic ribosomal protein P0'
84 polymer '60S ribosomal protein L12 [Homo sapiens]'
85 polymer '28S rRNA [Homo sapiens]'
86 polymer 'Ribosomal protein L24'
87 polymer 'A/T site tRNA [Homo sapiens]'
88 polymer 'Putative elongation factor 1-alpha-like 3'
89 polymer 'P site tRNA'
90 non-polymer 'ZINC ION'
91 non-polymer 'MAGNESIUM ION'
#
loop_
_entity_poly.entity_id
_entity_poly.type
_entity_poly.pdbx_seq_one_letter_code
_entity_poly.pdbx_strand_id
1 'polypeptide(L)'
;QAILAARRAAAGEDVETSKKWAAGQNKQHSITKNTAKLDRETEELHHDRVTLEVGKVIQQGRQSKGLTQKDLATKINEKP
QVIADYESGRAIPNNQVLGKIERAIGLKLRGKDIGKPIEKGPRAK
;
cH
2 'polypeptide(L)'
;ARGPKKHLKRVAAPKHWMLDKLTGVFAPRPSTGPHKLRECLPLIIFLRNRLKYALTGDEVKKICMQRFIKIDGKVRTDIT
YPAGFMDVISIDKTGENFRLIYDTKGRFAVHRITPEEAKYKLCKVRKIFVGTKGIPHLVTHDARTIRYPDPLIKVNDTIQ
IDLETGKITDFIKFDTGNLCMVTGGANLGRIGVITNRERHPGSFDVVHVKDANGNSFATRLSNIFVIGKGNKPWISLPRG
KGIRLTIAEERDKRLAAKQSSG
;
sE,SE
3 'polypeptide(L)'
;GISRDNWHKRRKTGGKRKPYHKKRKYELGRPAANTKIGPRRIHTVRVRGGNKKYRALRLDVGNFSWGSECCTRKTRIIDV
VYNASNNELVRTKTLVKNCIVLIDSTPYRQWYESHYALPLGRKKGAKLTPEEEEILNKKRSKKIQKKYDERKKNAKISSL
LEEQFQQGKLLACIASRPGQCGRADGYVLEGKELEFYLRKIKARKG
;
sI,SI
4 'polypeptide(L)'
;ADIQTERAYQKQPTIFQNKKRVLLGETGKEKLPRYYKNIGLGFKTPKEAIEGTYIDKKCPFTGNVSIRGRILSGVVTKMK
MQRTIVIRRDYLHYIRKYNRFEKRHKNMSVHLSPCFRDVQIGDIVTVGECRPLSKTVRFNVLKVTKAAGTKKQ
;
sL,SL
5 'polypeptide(L)'
;GKCRGLRTARKLRSHRRDQKWHDKQYKKAHLGTALKANPFGGASHAKGIVLEKVGVEAKQPNSAIRKCVRVQLIKNGKKI
TAFVPNDGCLNFIEENDEVLVAGFGRKGHAVGDIPGVRFKVVKVANVSLLALYKGKKERPR
;
sX,SX
6 'polypeptide(L)'
;MKLNISFPATGCQKLIEVDDERKLRTFYEKRMATEVAADALGEEWKGYVVRISGGNDKQGFPMKQGVLTHGRVRLLLSKG
HSCYRPRRTGERKRKSVRGCIVDANLSVLNLVIVKKGEKDIPGLTDTTVPRRLGPKRASRIRKLFNLSKEDDVRQYVVRK
PLNKEGKKPRTKAPKIQRLVTPRVLQHKRRRIALKKQRTKKNKEEAAEYAKLLAKRMKEAKEKRQEQIAKRRRLSSL
;
sG,SG
7 'polypeptide(L)'
;PVARSWVCRKTYVTPRRPFEKSRLDQELKLIGEYGLRNKREVWRVKFTLAKIRKAARELLTLDEKDPRRLFEGNALLRRL
VRIGVLDEGKMKLDYILGLKIEDFLERRLQTQVFKLGLAKSIHHARVLIRQRHIRVRKQVVNIPSFIVRLDSQKHIDFSL
RSPYGGGRPGRVKRKNAKKGQGGAG
;
sJ,SJ
8 'polypeptide(L)'
;NDTVTIRTRKFMTNRLLQRKQMVIDVLHPGKATVPKTEIREKLAKMYKTTPDVIFVFGFRTHFGGGKTTGFGMIYDSLDY
AKKNEPKHRLARHGLYEKKKTSRKQRKERKNRMKKVRGTAKANVGAGKKPK
;
sY,SY
9 'polypeptide(L)' VHGSLARAGKVRGQTPKVAKQEKKKKKTGRAKRRMQYNRRFVNVVPTFGKKKGPNANS se,Se
10 'polypeptide(L)'
;GALDVLQMKEEDVLKFLAAGTHLGGTNLDFQMEQYIYKRKSDGIYIINLKRTWEKLLLAARAIVAIENPADVSVISSRNT
GQRAVLKFAAATGATPIAGRFTPGTFTNQIQAAFREPRLLVVTDPRADHQPLTEASYVNLPTIALCNTDSPLRYVDIAIP
CNNKGAHSVGLMWWMLAREVLRMRGTISREHPWEVMPDLYFYRDPEEIEKEEQAAAEKAVT
;
sA,SA
11 'polypeptide(L)'
;VVDPFSKKDWYDVKAPAMFNIRNIGKTLVTRTQGTKIASDGLKGRVFEVSLADLQNDEVAFRKFKLITEDVQGKNCLTNF
HGMDLTRDKMCSMVKKWQTMIEAHVDVKTTDGYLLRLFCVGFTKKRNNQIRKTSYAQHQQVRQIRKKMMEIMTREVQTND
LKEVVNKLIPDSIGKDIEKACQSIYPLHDVFVRKVKMLKKPKFELGKLMELHGE
;
sB,SB
12 'polypeptide(L)'
;SAKIVKPNGEKPDEFESGISQALLELEMNSDLKAQLRELNITAAKEIEVGGGRKAIIIFVPVPQLKSFQKIQVRLVRELE
KKFSGKHVVFIAQRRILPKPTRKSRTKNKQKRPRSRTLTAVHDAILEDLVFPSEIVGKRIRVKLDGSRLIKVHLDKAQQN
NVEHKVETFSGVYKKLTGKDVNFEFPEFQ
;
sH,SH
13 'polypeptide(L)'
;MQNDAGEFVDLYVPRKCSASNRIIGAKDHASIQMNVAEVDKVTGRFNGQFKTYAICGAIRRMGESDDSILRLAKADGIVS
KNF
;
sV,SV
14 'polypeptide(L)'
;TKKRRNNGRAKKGRGHVQPIRCTNCARCVPKDKAIKKFVIRNIVEAAAVRDISEASVFDAYVLPKLYVKLHYCVSCAIHS
KVVRNRSREARKDRTPPPRFRP
;
sa,Sa
15 'polypeptide(L)'
;EWMPVTKLGRLVKDMKIKSLEEIYLFSLPIKESEIIDFFLGASLKDEVLKIMPVQKQTRAGQRTRFKAFVAIGDYNGHVG
LGVKCSKEVATAIRGAIILAKLSIVPVRRGYWGNKIGKPHTVPCKVTGRCGSVLVRLIPAPRGTGIVSAPVPKKLLMMAG
IDDCYTSARGCTATLGNFAKATFDAISKTYSYLTPDLWKETVFTKSPYQEFTDHLVKTHTRV
;
sC,SC
16 'polypeptide(L)'
;GRMHAPGKGLSQSALPYRRSVPTWLKLTSDDVKEQIYKLAKKGLTPSQIGVILRDSHGVAQVRFVTGNKILRILKSKGLA
PDLPEDLYHLIKKAVAVRKHLERNRKDKDAKFRLILIESRIHRLARYYKTKRVLPPNWKYESSTASALVA
;
sN,SN
17 'polypeptide(L)'
;EQVISLGPQVAEGENVFGVCHIFASFNDTFVHVTDLSGKETICRVTGGMKVKADRDESSPYAAMLAAQDVAQRCKELGIT
ALHIKLRATGGNRTKTPGPGAQSALRALARSGMKIGRIEDVTPIPSDSTRRKGGRRGRRL
;
sO,SO
18 'polypeptide(L)'
;VRMNVLADALKSINNAEKRGKRQVLIRPCSKVIVRFLTVMMKHGYIGEFEIIDDHRAGKIVVNLTGRLNKCGVISPRFDV
QLKDLEKWQNNLLPSRQFGFIVLTTSAGIMDHEEARRKHTGGKILGFFF
;
sW,SW
19 'polypeptide(L)'
;PLAKDLLHPSPEEEKRKHKKKRLVQSPNSYFMDVKCPGCYKITTVFSHAQTVVLCVGCSTVLCQPTGGKARLTEGCSFRR
KQH
;
sb,Sb
20 'polyribonucleotide'
;GUCUACGGCCAUACCACCCUGAACGCGCCCGAUCUCGUCUGAUCUCGGAAGCUAAGCAGGGUCGGGCCUGGUUAGUACUU
GGAUGGGAGACCGCCUGGGAAUACCGGGUGCUGUAGGCUU
;
l7,L7
21 'polyribonucleotide'
;CGACUCUUAGCGGUGGAUCACUCGGCUCGUGCGUCGAUGAAGAACGCAGCUAGCUGCGAGAAUUAAUGUGAAUUGCAGGA
CACAUUGAUCAUCGACACUUCGAACGCACUUGCGGCCCCGGGUUCCUCCCGGGGCUACGCCUGUCUGAGCGUCGCU
;
l8,L8
22 'polypeptide(L)'
;GRVIRGQRKGAGSVFRAHVKHRKGAARLRAVDFAERHGYIKGIVKDIIHDPGRGAPLAKVVFRDPYRFKKRTELFIAAEG
IHTGQFVYCGKKAQLNIGNVLPVGTMPEGTIVCCLEEKPGDRGKLARASGNYATVISHNPETKKTRVKLPSGSKKVISSA
NRAVVGVVAGGGRIDKPILKAGRAYHKYKAKRNCWPRVRGVAMNPVEHPFGGGNHQHIGKPSTIRRDAPAGRKVGLIAAR
RTGRLRGT
;
lA,LA
23 'polypeptide(L)'
;SHRKFSAPRHGSLGFLPRKRSSRHRGKVKSFPKDDPSKPVHLTAFLGYKAGMTHIVREVDRPGSKVNKKEVVEAVTIVET
PPMVVVGIVGYVETPRGLRTFKTVFAEHISDECKRRFYKNWHKSKKKAFTKYCKKWQDEDGKKQLEKDFSSMKKYCQVIR
VIAHTQMRLLPLRQKKAHLMEIQVNGGTVAEKLDWARERLEQQVPVNQVFGQDEMIDVIGVTKGKGYKGVTSRWHTKKLP
RKTHRGLRKVACIGAWHPARVAFSVARAGQKGYHHRTEINKKIYKIGQGYLIKDGKLIKNNASTDYDLSDKSINPLGGFV
HYGEVTNDFVMLKGCVVGTKKRVLTLRKSLLVQTKRRALEKIDLKFIDTTSKFGHGRFQTMEEKKAFMGPLKKDRIAKEE
GA
;
lB,LB
24 'polypeptide(L)'
;MACARPLISVYSEKGESSGKNVTLPAVFKAPIRPDIVNFVHTNLRKNNRQPYAVSELAGHQTSAESWGTGRAVARIPRVR
GGGTHRSGQGAFGNMCRGGRMFAPTKTWRRWHRRVNTTQKRYAICSALAASALPALVMSKGHRIEEVPELPLVVEDKVEG
YKKTKEAVLLLKKLKAWNDIKKVYASQRMRAGKGKMRNRRRIQRRGPCIIYNEDNGIIKAFRNIPGITLLNVSKLNILKL
APGGHVGRFCIWTESAFRKLDELYGTWRKAASLKSNYNLPMHKMINTDLSRILKSPEIQRALRAPRKKIHRRVLKKNPLK
NLRIMLKLNPYAKTMRRNTILRQARNHKLRVDKAAAAAAALQAKSDEK
;
lC,LC
25 'polypeptide(L)'
;GFVKVVKNKAYFKRYQVKFRRRREGKTDYYARKRLVIQDKNKYNTPKYRMIVRVTNRDIICQIAYARIEGDMIVCAAYAH
ELPKYGVKVGLTNYAAAYCTGLLLARRLLNRFGMDKIYEGQVEVTGDEYNVESIDGQPGAFTCYLDAGLARTTTGNKVFG
ALKGAVDGGLSIPHSTKRFPGYDSESKEFNAEVHRKHIMGQNVADYMRYLMEEDEDAYKKQFSQYIKNSVTPDMMEEMYK
KAHAAIRENPVYEKKPKKEVKKKRWNRPKMSLAQKKDRVAQKKASFLRAQERA
;
lD,LD
26 'polypeptide(L)'
;PHCSRNPVLVRGIGRYSRSAMYSRKAMYKRKYSAAKSKVEKKKKEKVLATVTKPVGGDKNGGTRVVKLRKMPRYYPTEDV
PRKLLSHGKKPFSQHVRKLRASITPGTILIILTGRHRGKRVVFLKQLASGLLLVTGPLVLNRVPLRRTHQKFVIATSTKI
DISNVKIPKHLTDAYFKKKKLRKPRHQEGEIFDTEKEKYEITEQRKIDQKAVDSQILPKIKAIPQLQGYLRSVFALTNGI
YPHKLVF
;
lE,LE
27 'polypeptide(L)'
;NFAELKIKRLRKKFAQKMLRKARRKLIYEKAKHYHKEYRQMYRTEIRMARMARKAGNFYVPAEPKLAFVIRIRGINGVSP
KVRKVLQLLRLRQIFNGTFVKLNKASINMLRIVEPYIAWGYPNLKSVNELIYKRGYGKINKKRIALTDNALIARSLGKYG
IICMEDLIHEIYTVGKRFKEANNFLWPFKLSSPRGGMKKKTTHFVEGGDAGNREDQINRLIRRMN
;
lF,LF
28 'polypeptide(L)'
;KVVNPLFEKRPKNFGIGQDIQPKRDLTRFVKWPRYIRLQRQRAILYKRLKVPPAINQFTQALDRQTATQLLKLAHKYRPE
TKQEKKQRLLARAEKKAAGKGDVPTKRPPVLRAGVNTVTTLVENKKAQLVVIAHDVDPIELVVFLPALCRKMGVPYCIIK
GKARLGRLVHRKTCTTVAFTQVNSEDKGALAKLVEAIRTNYNDRYDEIRRHWGGNVLGPKSVARIAKLEKAKAKELATKL
G
;
lG,LG
29 'polypeptide(L)'
;MKTILSNQTVDIPENVDITLKGRTVIVKGPRGTLRRDFNHINVELSLLGKKKKRLRVDKWWGNRKELATVRTICSHVQNM
IKGVTLGFRYKMRSVYAHFPINVVIQENGSLVEIRNFLGEKYIRRVRMRPGVACSVSQAQKDELILEGNDIELVSNSAAL
IQQATTVKNKDIRKFLDGIYVSEKGTVQQA
;
lH,LH
30 'polypeptide(L)'
;GRRPARCYRYCKNKPYPKSRFCRGVPDAKIRIFDLGRKKAKVDEFPLGGHMVSDEYEQLSSEALEAARICANKYMVKSCG
RDGFHMRVRLHPFHVIRINKMLSCAGADRLQTGMRGAFGKPQGTVARVHIGQVIMSIRTKLQNEEHVIEALRRAKFKFPG
RQKIHISKKWGFTKFNADEFEDMVAKKCLIPDGCGVKYVPSHGPLDKWRVLHS
;
lI,LI
31 'polypeptide(L)'
;QDQGEKENPMRELRIRKLCLNICVGESGDRLTRAAKVLEQLTGQTPVFSKARYTVRSFGIRRNEKIAVHCTVRGAKAEEI
LEKGLKVREYELRKNNFSDTGNFGFGIQEHIDLGIKYDPSIGIYGLDFYVVLGRPGFSIADKKRRTGCIGAKHRISKEEA
MRWFQQKYDGIILPGK
;
lJ,LJ
32 'polypeptide(L)'
;APSRNGMVLKPHFHKDWQRRVATWFNQPARKIRRRKARQAKARRIAPRPASGPIRPIVRCPTVRYHTKVRAGRGFSLEEL
RVAGIHKKVARTIGISVDPRRRNKSTESLQANVQRLKEYRSKLILFPRKPSAPKKGDSSAEELKLATQLTGPVMPVRNVY
KKEKARVITEEEKNFKAFASLRMARANARLFGIRAKRAKEAAEQDVEKKK
;
lL,LL
33 'polypeptide(L)'
;VFRRFVEVGRVAYVSFGPHAGKLVAIVDVIDQNRALVDGPCTQVRRQAMPFKCMQLTDFILKFPHSAHQKYVRQAWQKAD
INTKWAATRWAKKIEARERKAKMTDFDRFKVMKAKKMRNRIIKNEVKKLQKAALLKASP
;
lM,LM
34 'polypeptide(L)'
;GAYKYIQELWRKKQSDVMRFLLRVRCWQYRQLSALHRAPRPTRPDKARRLGYKAKQGYVIYRIRVRRGGRKRPVPKGATY
GKPVHHGVNQLKFARSLQSVAEERAGRHCGALRVLNSYWVGEDSTYKFFEVILIDPFHKAIRRNPDTQWITKPVHKHREM
RGLTSAGRKSRGLGKGHKFHHTIGGSRRAAWRRRNTLQLHRYR
;
lN,LN
35 'polypeptide(L)'
;EVQVLVLDGRGHLLGRLAAIVAKQVLLGRKVVVVRCEGINISGNFYRNKLKYLAFLRKRMNTNPSRGPYHFRAPSRIFWR
TVRGMLPHKTKRGQAALDRLKVFDGIPPPYDKKKRMVVPAALKVVRLKPTRKFAYLGRLAHEVGWKYQAVTATLEEKRKE
KAKIHYRKKKQLMRLRKQAEKNVEKKIDKYTEVLKTHGLLV
;
lO,LO
36 'polypeptide(L)'
;VRYSLDPENPTKSCKSRGSNLRVHFKNTRETAQAIKGMHIRKATKYLKDVTLQKQCVPFRRYNGGVGRCAQAKQWGWTQG
RWPKKSAEFLLHMLKNAESNAELKGLDVDSLVIEHIQVNKAPKMRRRTYRAHGRINPYMSSPCHIEMILTEKE
;
lP,LP
37 'polypeptide(L)'
;GVDIRHNKDRKVRRKEPKSQDIYLRLLVKLYRFLARRTNSTFNQVVLKRLFMSRTNRPPLSLSRMIRKMKLPGRENKTAV
VVGTITDDVRVQEVPKLKVCALRVTSRARSRILRAGGKILTFDQLALDSPKGCGTVLLSGPRKGREVYRHFGKAPGTPHS
HTKPYVRSKGRKFERARGRRASRGYKN
;
lQ,LQ
38 'polypeptide(L)'
;SMLRLQKRLASSVLRCGKKKVWLDPNETNEIANANSRQQIRKLIKDGLIIRKPVTVHSRARCRKNTLARRKGRHMGIGKR
KGTANARMPEKVTWMRRMRILRRLLRRYRESKKIDRHMYHSLYLKVKGNVFKNKRILMEHIHKLKADKARKKLLADQAEA
RRSKTKEARKRREERLQAKKEEIIKTL
;
lR,LR
39 'polypeptide(L)'
;KASGTLREYKVVGRCLPTPKCHTPPLYRMRIFAPNHVVAKSRFWYFVSQLKKMKKSSGEIVYCGQVFEKSPLRVKNFGIW
LRYDSRSGTHNMYREYRDLTTAGAVTQCYRDMGARHRARAHSIQIMKVEEIAASKCRRPAVKQFHDSKIKFPLPHRVLRR
QHKPRFTTKRPNTFF
;
lS,LS
40 'polypeptide(L)'
;TNTKGKRRGTRYMFSRPFRKHGVVPLATYMRIYKKGDIVDIKGMGTVQKGMPHKCYHGKTGRVYNVTQHAVGIVVNKQVK
GKILAKRINVRIEHIKHSKSRDSFLKRVKENDQKKKEAKEKGTWVQLKRQPAPPREAHFVRTNGKEPELLEPIPYEFMA
;
lT,LT
41 'polypeptide(L)'
;QVLKFTLDCTHPVEDGIMDAANFEQFLQERIKVNGKAGNLGGGVVTIERSKSKITVTSEVPFSKRYLKYLTKKYLKKNNL
RDWLRVVANSKESYELRYFQI
;
lU,LU
42 'polypeptide(L)'
;SGAKFRISLGLPVGAVINCADNTGAKNLYIISVKGIKGRLNRLPAAGVGDMVMATVKKGKPELRKKVHPAVVIRQRKSYR
RKDGVFLYFEDNAGVIVNNKGEMKGSAITGPVAKECADLWPRIASNAGSIA
;
lV,LV
43 'polypeptide(L)'
;KKKIRTSPTFRRPKTLRLRRQPKYPRKSAPRRNKLDHYAIIKFPLTTESAMKKIEDNNTLVFIVDVKANKHQIKQAVKKL
YDIDVAKVNTLIRPDGEKKAYVRLAPDYDALDVANKIGII
;
lX,LX
44 'polypeptide(L)'
;MKFNPFVTSDRSKNRKRHFNAPSHIRRKIMSSPLSKELRQKYNVRSMPIRKDDEVQVVRGHYKGQQIGKVVQVYRKKYVI
YIERVQREKANGTTVHVGIHPSKVVITRLKLDKDRKKILERKAKSRQVGKEKGK
;
lY,LY
45 'polypeptide(L)'
;GKFMKPGKVVLVLAGRYSGRKAVIVKNIDDGTSDRPYSHALVAGIDRYPRKVTAAMGKKKIAKRSKIKSFVKVYNYNHLM
PTRYSVDIPLDKTVVNKDVFRDPALKRKARREAKVKFEERYKTGKNKWFFQKLRF
;
lZ,LZ
46 'polypeptide(L)'
;PSRLRKTRKLRGHVSHGHGRIGKHRKHPGGRGNAGGLHHHRINFDKYHPGYFGKVGMKHYHLKRNQSFCPTVNLDKLWTL
VSEQTRVNAAKNKTGAAPIIDVVRSGYYKVLGKGKLPKQPVIVKAKFFSRRAEEKIKSVGGACVLVA
;
la,La
47 'polypeptide(L)'
;AKSKNHTTHNQSRKWHRNGIKKPRSQRYESLKGVDPKFLRNMRFAKKHNKKGLKKMQANNAKAMSARAEAIKALVKPKEV
KPKIPKGVSRKLDRLAYIAHPKLGKRARARIAKGLRLCRPK
;
lb,Lb
48 'polypeptide(L)'
;KSLESINSRLQLVMKSGKYVLGYKQTLKMIRQGKAKLVILANNCPALRKSEIEYYAMLAKTGVHHYSGNNIELGTACGKY
YRVCTLAIIDPGDSDIIR
;
lc,Lc
49 'polypeptide(L)'
;NEVVTREYTINIHKRIHGVGFKKRAPRALKEIRKFAMKEMGTPDVRIDTRLNKAVWAKGIRNVPYRIRVRLSRKRNEDED
SPNKLYTLVTYVPVTTFKNLQTVNVDE
;
ld,Ld
50 'polypeptide(L)'
;AALRPLVKPKIVKKRTKKFIRHQSDRYVKIKRNWRKPRGIDNRVRRRFKGQILMPNIGYGSNKKTKHMLPSGFRKFLVHN
VKELEVLLMCNKSYCAEIAHNVSSKNRKAIVERAAQLAIRVTNPNARL
;
le,Le
51 'polypeptide(L)'
;SGRLWSKAIFAGYKRGLRNQREHTALLKIEGVYARDETEFYLGKRCAYVYKAKNNTVTPGGKPNKTRVIWGKVTRAHGNS
GMVRAKFRSNLPAKAIGHRIRVMLYPSRI
;
lf,Lf
52 'polypeptide(L)'
;VQRLTYRRRLSYNTASNKTRLSRTPGNRIVYLYTKKVGKAPKSACGVCPGRLRGVRAVRPKVLMRLSKTKKHVSRAYGGS
MCAKCVRDRIKRAFLIEEQKIVVKVLKAQAQSQK
;
lg,Lg
53 'polypeptide(L)'
;AKIKARDLRGKKKEELLKQLDDLKVELSQLRVAKVTGGAASKLSKIRVVRKSIARVLTVINQTQKENLRKFYKGKKYKPL
DLRPKKTRAMRRRLNKHEENLKTKKQQRKERLYPLRKYAVKA
;
lh,Lh
54 'polypeptide(L)'
;ALRYPMAVGLNKGHKVTKNVSKPRHSRRRGRLTKHTKFVRDMIREVCGFAPYERRAMELLKVSKDKRALKFIKKRVGTHI
RAKRKREELSNVLAAMRKAAAK
;
li,Li
55 'polypeptide(L)'
;TKGTSSFGKRRNKTHTLCRRCGSKAYHLQKSTCGKCGYPAKRKRKYNWSAKAKRRNTTGTGRMRHLKIVYRRFRHGFREG
TTPKPK
;
lj,Lj
56 'polypeptide(L)' PRKIEEIKDFLLTARRKDAKSVKIKKNKDNVKFKVRCSRYLYTLVITDKEKAEKLKQSLPPGLAVKELK lk,Lk
57 'polypeptide(L)' SSHKTFRIKRFLAKKQKQNRPIPQWIRMKTGNKIRYNSKRRHWRRTKLGL ll,Ll
58 'polypeptide(L)' IIEPSLRQLAQKYNCDKMICRKCYARLHPRAVNCRKKKCGHTNNLRPKKKVK lm,Lm
59 'polypeptide(L)' MRAKWRKKRMRRLKRKRRKMRQRS ln,Ln
60 'polypeptide(L)'
;VNVPKTRRTFCKKCGKHQPHKVTQYKKGKDSLYAQGKRRYDRKQSGYGGQTKPIFRKKAKTTKKIVLRLECVEPNCRSKR
MLAIKRCKHFELGGDKKRKGQVIQF
;
lo,Lo
61 'polypeptide(L)'
;AKRTKKVGIVGKYGTRYGASLRKMVKKIEISQHAKYTCSFCGKTKMKRRAVGIWHCGSCMKTVAGGAWTYNTTSAVTVKS
AIRRLKELKDQ
;
lp,Lp
62 'polypeptide(L)'
;SAHLQWMVVRNCSSFLIKRNKQTYSTEPNNLKARNSFRYNGLIHRKTVGVEPAADGKGVVVVIKRRSGQRKPATSYVRTT
INKNARATLSSIRHMIRKNKYRPDLRMAAIRRASAILRSQKPVMV
;
lr,Lr
63 'polypeptide(L)'
;MSSKVSRDTLYEAVREVLHGNQRKRRKFLETVELQISLKNYDPQKDKRFSGTVRLKSTPRPKFSVCVLGDQQHCDEAKAV
DIPHMDIEALKKLNKNKKLVKKLAKKYDAFLASESLIKQIPRILGPGLNKAGKFPSLLTHNENMVAKVDEVKSTIKFQMK
KVLCLAVAVGHVKMTDDELVYNIHLAVNFLVSLLKKNWQNVRALYIKSTMGKPQRLY
;
lz,Lz
64 'polypeptide(L)'
;MGRVRTKTVKKAARVIIEKYYTRLGNDFHTNKRVCEEIAIIPSKKLRNKIAGYVTHLMKRIQRGPVRGISIKLQEEERER
RDNYVPEVSALDQEIIEVDPDTKEMLKLLDFGSLSNLQVTQPTVGMNFKTPRGPV
;
sR,SR
65 'polypeptide(L)'
;MAVQISKKRKFVADGIFKAELNEFLTRELAEDGYSGVEVRVTPTRTEIIILATRTQNVLGEKGRRIRELTAVVQKRFGFP
EGSVELYAEKVATRGLCAIAQAESLRYKLLGGLAVRRACYGVLRFIMESGAKGCEVVVSGKLRGQRAKSMKFVDGLMIHS
GDPVNYYVDTAVRHVLLRQGVLGIKVKIMLPWDPTGKIGPKKPLPDHVSIVEPKDEILPTTPISEQK
;
sD,SD
66 'polypeptide(L)'
;DIKLFGKWSTDDVQINDISLQDYIAVKEKYAKYLPHSAGRYAAKRFRKAQCPIVERLTNSMMMHGRNNGKKLMTVRIVKH
AFEIIHLLTGENPLQVLVNAIINSGPREDSTRIGRAGTVRRQAVDVSPLRRVNQAIWLLCTGAREAAFRNIKTIAECLAD
ELINAAKGSSNSYAIKKKDELERVAKSNR
;
sF,SF
67 'polypeptide(L)'
;MLMPKKNRIAIYELLFKEGVMVAKKDVHMPKHPELADKNVPNLHVMKAMQSLKSRGYVKEQFAWRHFYWYLTNEGIQYLR
DYLHLPPEIVPATLRRSR
;
sK,SK
68 'polypeptide(L)'
;TYRGVDLDQLLDMSYEQLMQLYSARQRRRLNRGLRRKQHSLLKRLRKAKKEAPPMEKPEVVKTHLRDMIILPEMVGSMVG
VYNGKTFNQVEIKPEMIGHYLGEFSITYKPVKHGRPGIGAT
;
sP,SP
69 'polypeptide(L)'
;SKGPLQSVQVFGRKKTATAVAHCKRGNGLIKVNGRPLEMIEPRTLQYKLLEPVLLLGKERFAGVDIRVRVKGGGHVAQIY
AIRQSISKALVAYYQKYVDEASKKEIKDILIQYDRTLLVADPRRCESKKFGGPGARARYQKSYR
;
sQ,SQ
70 'polypeptide(L)'
;MSLVIPEKFQHILRVLNTNIDGRRKIAFAITAIKGVGRRYAHVVLRKADIDLTKRAGELTEDEVERVITIMQNPRQYKIP
DWFLNRQKDVKDGKYSQVLANGLDNKLREDLERLKKIRAHRGLRHFWGLRVRGQHTKTTGRRGRT
;
sS,SS
71 'polypeptide(L)'
;PGVTVKDVNQQEFVRALAAFLKKSGKLKVPEWVDTVKLAKHKELAPYDENWFYTRAASTARHLYLRGGAGVGSMTKIYGG
RQRNGVMPSHFSRGSKSVARRVLQALEGLKMVEKDQDGGRKLTPQGQRDLDRIAGQVAAANKK
;
sT,ST
72 'polypeptide(L)'
;AIHRIRITLTSRNVKSLEKVCADLIRGAKEKNLKVKGPVRMPTKTLRITTRKTPCGEGSKTWDRFQMRIHKRLIDLHSPS
EIVKQITSISIEPGVEVEVTIADA
;
sU,SU
73 'polypeptide(L)' RVQPIKLARVTKVLGRTGSQGQCTQVRVEFMDDTSRSIIRNVKGPVREGDVLTLLESEREARRL sc,Sc
74 'polypeptide(L)' GHQQLYWSHPRKFGQGSRSCRVCSNRHGLIRKYGLNMCRQCFRQYAKDIGFIKLD sd,Sd
75 'polypeptide(L)'
;TEQMTLRGTLKGHNGWVTQIATTPQFPDMILSASRDKTIIMWKLTRDETNYGIPQRALRGHSHFVSDVVISSDGQFALSG
SWDGTLRLWDLTTGTTTRRFVGHTKDVLSVAFSSDNRQIVSGSRDKTIKLWNTLGVCKYTVQDESHSEWVSCVRFSPNSS
NPIIVSCGWDKLVKVWNLANCKLKTNHIGHTGYLNTVTVSPDGSLCASGGKDGQAMLWDLNEGKHLYTLDGGDIINALCF
SPNRYWLCAATGPSIKIWDLEGKIIVDELKQEVISTSSKAEPPQCTSLAWSADGQTLFAGYTDNLVRVWQVTI
;
sg,Sg
76 'polypeptide(L)'
;VMDVNTALQEVLKTALIHDGLARGIREAAKALDKRQAHLCVLASNCDEPMYVKLVEALCAEHQINLIKVDDNKKLGEWVG
LCKIDREGKPRKVVGCSCVVVKDYGKESQAKDVIEEYFKCKK
;
sM,SM
77 'polypeptide(L)' RDKLNNLVLFDKATYDKLCKEVPNYKLITPAVVSERLKIRGSLARAALQELLSKGLIKLVSKHRAQVIYTRNTKG sZ,SZ
78 'polypeptide(L)' YTTPKKNKHKRKKVKLAVLKYYKVDENGKISRLRRECPSDECGAGVFMASHFDRHYCGKCCLTYCFN sf,Sf
79 'polyribonucleotide'
;UACCUGGUUGAUCCUGCCAGUAGCAUAUGCUUGUCUCAAAGAUUAAGCCAUGCAUGUCUAAGUACGCACGGCCGGUACAG
UGAAACUGCGAAUGGCUCAUUAAAUCAGUUAUGGUUCCUUUGGUCGCUCGCUCCUCUCCCACUUGGAUAACUGUGGUAAU
UCUAGAGCUAAUACAUGCCGACGGGCGCUGACCCCCUUCGCGGGGGGGAUGCGUGCAUUUAUCAGUGGUGACUCUAGAUA
ACCUCGGGCCGAUCGCACGCCCCCCGUGGCGGCGACGACCCAUUCGAACGUCUGCCCUAUCAACUUUCGAUGGUAGUCGC
CGUGCCUACCAUGGUGACCACGGGUGACGGGGAAUCAGGGUUCGAUUCCGGAGAGGGAGCCUGAGAAACGGCUACCACAU
CCAAGGAAGGCAGCAGGCGCGCAAAUUACCCACUCCCGACCCGGGGAGGUAGUGACGAAAAAUAACAAUACAGGACUCUU
UCGAGGCCCUGUAAUUGGAAUGAGUCCACUUUAAAUCCUUUAACGAGGAUCCAUUGGAGGGCAAGUCUGGUGCCAGCAGC
CGCGGUAAUUCCAGCUCCAAUAGCGUAUAUUAAAGUUGCUGCAGUUAAAAAGCUCGUAGUUGGAUCUUGGGAGCGGGCGU
CCCCGCCCUCUCGGCCGGGGCCCGAAGCGUUUACUUUGAAAAAAUUAGAGUGUUCAAAGCAGGCCCGAGCCGCCUGGAUA
CCGCAGCUAGGAAUAAUGGAAUAGGACCGCGGUUCUAUUUUGUUGGUUUUCGGAACUGAGGCCAUGAUUAAGAGGGACGG
CCGGGGGCAUUCGUAUUGCGCCGCUAGAGGUGAAAUUCUUGGACCGGCGCAAGACGGACCAGAGCGAAAGCAUUUGCCAA
GAAUGUUUUCAUUAAUCAAGAACGAAAGUCGGAGGUUCGAAGACGAUCAGAUACCGUCGUAGUUCCGACCAUAAACGAUG
CCGACCGGCGAUGCGGCGGCGUUAUUCCCAUGACCCGCCGGGCAGCUUCCGGGAAACCAAAGUCUUUGGGUUCCGGGGGG
AGUAUGGUUGCAAAGCUGAAACUUAAAGGAAUUGACGGAAGGGCACCACCAGGAGUGGAGCCUGCGGCUUAAUUUGACUC
AACACGGGAAACCUCACCCGGCCCGGACACGGACAGGAUUGACAGAUUGAUAGCUCUUUCUCGAUUCCGUGGGUGGUGGU
GCAUGGCCGUUCUUAGUUGGUGGAGCGAUUUGUCUGGUUAAUUCCGAUAACGAACGAGACUCUGGCAUGCUAACUAGUUA
CGCGACCCCCGAGCGGUCGGCGUCCCCCAACUUCUUAGAGGGACAAGUGGCGUUCAGCCACCCGAGAUUGAGCAAUAACA
GGUCUGUGAUGCCCUUAGAUGUCCGGGGCUGCACGCGCGCUACACUGACUGGCUCAGCGUGUGCCUACCCUACGCCGGCA
GGCGCGGGUAACCCGUUGAACCCCAUUCGUGAUGGGGAUCGGGGAUUGCAAUUAUUCCCCAUGAACGAGGAAUUCCCAGU
AAGUGCGGGUCAUAAGCUUGCGUUGAUUAAGUCCCUGCCCUUUGUACACACCGCCCGUCGCUACUACCGAUUGGAUGGUU
UAGUGAGGCCCUCGGAUCGGCCCCGCCGGGGUCGGCCCACGGCCCUGGCGGAGCGCUGAGAAGACGGUCGAACUUGACUA
UCUAGAGGAAGUAAAAGUCGUAACAAGGUUUCCGUAGGUGAACCUGCGGAAGGAUCAUUA
;
s2,S2
80 'polypeptide(L)'
;NFTVDQIRAIMDKKANIRNMSVIAHVDHGKSTLTDSLVCKAGIIASARAGETRFTDTRKDEQERCITIKSTAISLFYELS
ENDLNFIKQSKDGAGFLINLIDSPGHVDFSSEVTAALRVTDGALVVVDCVSGVCVQTETVLRQAIAERIKPVLMMNKMDR
ALLELQLEPEELYQTFQRIVENVNVIISTYGEGESGPMGNIMIDPVLGTVGFGSGLHGWAFTLKQFAEMYVAKFAERAKK
VEDMMKKLWGDRYFDPANGKFSKSATSPEGKKLPRTFCQLILDPIFKVFDAIMNFKKEETAKLIEKLDIKLDSEDKDKEG
KPLLKAVMRRWLPAGDALLQMITIHLPSPVTAQKYRCELLYEGPPDDEAAMGIKSCDPKGPLMMYISKMVPTSDKGRFYA
FGRVFSGLVSTGLKVRIMGPNYTPGKKEDLYLKPIQRTILMMGRYVEPIEDVPCGNIVGLVGVDQFLVKTGTITTFEHAH
NMRVMKFSVSPVVRVAVEAKNPADLPKLVEGLKRLAKSDPMVQCIIEESGEHIIAGAGELHLEICLKDLEEDHACIPIKK
SDPVVSYRETVSEESNVLCLSKSPNKHNRLYMKARPFPDGLAEDIDKGEVSARQELKQRARYLAEKYEWDVAEARKIWCF
GPDGTGPNILTDITKGVQYLNEIKDSVVAGFQWATKEGALCEENMRGVRFDVHDVTLHADAIHRGGGQIIPTARRCLYAS
VLTAQPRLMEPIYLVEIQCPEQVVGGIYGVLNRKRGHVFEESQVAGTPMFVVKAYLPVNESFGFTADLRSNTGGQAFPQC
VFDHWQILPGDPFDNSSRPSQVVAETRKRKGLKEGIPALDNFLDKL
;
cB
81 'polyribonucleotide' GUCUCCGUAGUGUAGGGUAUCACGUUCGCCUAACACGCGAAAGGUCCUCGGUUCGAAACCGGGCGGAAACA aP
82 'polyribonucleotide' GCCCGGAUAGCUCAGCUGUAGAGCAUCAGACUUUUAAUCUGAGGGUCCAGGGUUCAAGUCCCUGUUCGGGCGCCA pE,Et
83 'polypeptide(L)'
;DRATWKSNYFLKIIQLLDDYPKCFIVGADNVGSKQMQQIRMSLRGKAVVLMGKNTMMRKAIRGHLENNPALEKLLPHIRG
NVGFVFTKEDLTEIRDMLLANKVPAAARAGAIAPCEVTVPAQNTGLGPEKTSFFQALGITTKISRGTIEILSDVQLIKTG
DKVGASEATLLNMLNISPFSFGLVIQQVFDNGSIYN
;
ls,Ls
84 'polypeptide(L)'
;PNEIKVVYLRCTGGEVGATSALAPKIGPLGLSPKKVGDDIAKATGDWKGLRITVKLTIQNRQAQIEVVPSASALIIKALK
EITFDEIVNIARQMRHRSLARELSGTIKEILGTAQSVGCNVDGRHPHDIIDDINSGAVECP
;
lt,Lt
85 'polyribonucleotide'
;CGCGACCUCAGAUCAGACGUGGCGACCCGCUGAAUUUAAGCAUAUUAGUCAGCGGAGGAGAAGAAACUAACCAGGAUUCC
CUCAGUAACGGCGAGUGAACAGGGAAGAGCCCAGCGCCGAAUCCCCGCCCCGCGGCGGGGCGCGGGACAUGUGGCGUACG
GAAGACCCGCUCCCCGGCGCCGCUCGUGGGGGGCCCAAGUCCUUCUGAUCGAGGCCCAGCCCGUGGACGGUGUGAGGCCG
GUAGCGGCCCCCGGCGCGCCGGGCCCGGGUCUUCCCGGAGUCGGGUUGCUUGGGAAUGCAGCCCAAAGCGGGUGGUAAAC
UCCAUCUAAGGCUAAAUACCGGCACGAGACCGAUAGUCAACAAGUACCGUAAGGGAAAGUUGAAAAGAACUUUGAAGAGA
GAGUUCAAGAGGGCGUGAAACCGUUAAGAGGUAAACGGGUGGGGUCCGCGCAGUCCGCCCGGAGGAUUCAACCCGGCGGC
GGGUCCGGCCGUGUCGGCGGCCCGGCGGAUCUUUCCCGCGCGGGGGACCGUCCCCCGACCGGCGACCGGCCGCCGCCGGG
CGCAUUUCCACCGCGGCGGUGCGCCGCGACCGGCUCCGGGACGGCUGGGAAGGCCCGGCGGGGAAGGUGGCUCGGGGGCC
CCCGAGUGUUACAGCCCCCCCGGCAGCAGCACUCGCCGAAUCCCGGGGCCGAGGGAGCGAGACCCGUCGCCGCGCUCUCC
CCCCUCCCGGCGCGCCGGGGGGGGCCGGGCCACCCCUCCCACGGCGCGACCGCUCGGGGCGGACUGUCCCCAGUGCGCCC
CGGGCGGGUCGCGCCGUCGGGCCCGGGGGAGGCCACGCGCGCGUCCCCCGAAGAGGGGGACGGCGGAGCGAGCGCACGGG
GUCGGCGGCGACGUCGGCUACCCACCCGACCCGUCUUGAAACACGGACCAAGGAGUCUAACACGUGCGCGAGUCGGGGGC
UCGCACGAAAGCCGCCGUGGCGCAAUGAAGGUGAAGGCCGGCGCGCUCGCCGGCCGAGGUGGGAUCCCGAGGCCUCUCCA
GUCCGCCGAGGGCGCACCACCGGCCCGUCUCGCCCGCCGCGCCGGGGAGGUGGAGCACGAGCGCACGUGUUAGGACCCGA
AAGAUGGUGAACUAUGCCUGGGCAGGGCGAAGCCAGAGGAAACUCUGGUGGAGGUCCGUAGCGGUCCUGACGUGCAAAUC
GGUCGUCCGACCUGGGUAUAGGGGCGAAAGACUAAUCGAACCAUCUAGUAGCUGGUUCCCUCCGAAGUUUCCCUCAGGAU
AGCUGGCGCUCUCGCAGACCCGACGCCCGCCACGCAGUUUUAUCCGGUAAAGCGAAUGAUUAGAGGUCUUGGGGCCGAAA
CGAUCUCAACCUAUUCUCAAACUUUAAAUGGGUAAGAAGCCCGGCUCGCUGGCGUGGAGCCGGGCGUGGAAUGCGAGUGC
CUAGUGGGCCACUUUUGGUAAGCAGAACUGGCGCUGCGGGAUGAACCGAACGCCGGGUUAAGGCGCCCGAUGCCGACGCU
CAUCAGACCCCAGAAAAGGUGUUGGUUGAUAUAGACAGCAGGACGGUGGCCAUGGAAGUCGGAAUCCGCUAAGGAGUGUG
UAACAACUCACCUGCCGAAUCAACUAGCCCUGAAAAUGGAUGGCGCUGGAGCGUCGGGCCCAUACCCGGCCGUCGCCGGC
AGUCGAGAGUGGACGGGAGCGGCGGCCGGAGCCCCGCGGACGCUACGCCGCGACGAGUAGGAGGGCCGCUGCGGUGAGCC
UUGAAGCCUAGGGCGCGGGCCCGGGUGGAGCCGCCGCAGGUGCAGAUCUUGGUGGUAGUAGCAAAUAUUCAAACGAGAAC
UUUGAAGGCCGAAGUGGAGAAGGGUUCCAUGUGAACAGCAGUUGAACAUGGGUCAGUCGGUCCUGAGAGAUGGGCGAGCG
CCGUUCCGAAGGGACGGGCGAUGGCCUCCGUUGCCCUCGGCCGAUCGAAAGGGAGUCGGGUUCAGAUCCCCGAAUCCGGA
GUGGCGGAGAUGGGCGCCGCGAGGCGUCCAGUGCGGUAACGCGACCGAUCCCGGAGAAGCCGGCGGGAGCCCCGGGGAGA
GUUCUCUUUUCUUUGUGAAGGGCAGGGCGCCCUGGAAUGGGUUCGCCCCGAGAGAGGGGCCCGUGCCUUGGAAAGCGUCG
CGGUUCCGGCGGCGUCCGGUGAGCUCUCGCUGGCCCUUGAAAAUCCGGGGGAGAGGGUGUAAAUCUCGCGCCGGGCCGUA
CCCAUAUCCGCAGCAGGUCUCCAAGGUGAACAGCCUCUGGCAUGUUGGAACAAUGUAGGUAAGGGAAGUCGGCAAGCCGG
AUCCGUAACUUCGGGAUAAGGAUUGGCUCUAAGGGCUGGGUCGGUCGCGGCCGGCGCCUAGCAGCCGACUUAGAACUGGU
GCGGACCAGGGGAAUCCGACUGUUUAAUUAAAACAAAGCAUCGCGAAGGCCCGCGGCGGGUGUUGACGCGAUGUGAUUUC
UGCCCAGUGCUCUGAAUGUCAAAGUGAAGAAAUUCAAUGAAGCGCGGGUAAACGGCGGGAGUAACUAUGACUCUCUUAAG
GUAGCCAAAUGCCUCGUCAUCUAAUUAGUGACGCGCAUGAAUGGAUGAACGAGAUUCCCACUGUCCCUACCUACUAUCCA
GCGAAACCACAGCCAAGGGAACGGGCUUGGCGGAAUCAGCGGGGAAAGAAGACCCUGUUGAGCUUGACUCUAGUCUGGCA
CGGUGAAGAGACAUGAGAGGUGUAGAAUAAGUGGGAGGCCCCCGGCGCCGGUCCGCCGGCCCUGCGGGCCGCCGGUGAAA
UACCACUACUCUGAUCGUUUUUUCACUGACCCGGUGAGGCGGGGGGGCGAGCCCCGAGGGGCUCUCGCUUCUGGCGCCAA
GCGCCCGGCCGCGCGCCGGCCGGGCGCGACCCGCUCCGGGGACAGUGCCAGGUGGGGAGUUUGACUGGGGCGGUACACCU
GUCAAACGGUAACGCAGGUGUCCUAAGGCGAGCUCAGGGAGGACAGAAACCUCCCGUGGAGCAGAAGGGCAAAAGCUCGC
UUGAUCUUGAUUUUCAGUACGAAUACAGACCGUGAAAGCGGGGCCUCACGAUCCUUCUGACCUUUUGGGUUUUAAGCAGG
AGGUGUCAGAAAAGUUACCACAGGGAUAACUGGCUUGUGGCGGCCAAGCGUUCAUAGCGACGUCGCUUUUUGAUCCUUCG
AUGUCGGCUCUUCCUAUCAUUGUGAAGCAGAAUUCACCAAGCGUUGGAUUGUUCACCCACUAAUAGGGAACGUGAGCUGG
GUUUAGACCGUCGUGAGACAGGUUAGUUUUACCCUACUGAUGAUGUGUUGUUGCCAUGGUAAUCCUGCUCAGUACGAGAG
GAACCGCAGGUUCAGACAUUUGGUGUAUGUGCUUGGCUGAGGAGCCAAUGGGGCGAAGCUACCAUCUGUGGGAUUAUGAC
UGAACGCCUCUAAGUCAGAAUCCCGCCCAGGCGGAACGAUACGGCAGCGCCGCGGAGCCUCGGUUGGCCUCGGAUAGCCG
GUCCCCCGCCGGGGUCCGGUGCGGAGUGCCCUUCGUCCUGGGAAACGGGGCGCGGCCGGAGAGGCGGCCGCCCCCUCGCC
CGUCACGCACCGCACGUUCGUGGGGAACCUGGCGCUAAACCAUUCGUAGACGACCUGCUUCUGGGUCGGGGUUUCGUACG
UAGCAGAGCAGCUCCCUCGCUGCGAUCUAUUGAAAGUCAGCCCUCGACACAAGGGUUUGU
;
l5,L5
86 'polypeptide(L)'
;MKVELCSFSGYKIYPGHGRRYARTDGKVFQFLNAKCESAFLSKRNPRQINWTVLYRRKHKKGQSEEIQKKRTRRAVKFQR
AITGASLADIMAKRNQKPEVRKAQREQAIRAAKEAKKAKQASKK
;
LW
87 'polyribonucleotide' GUCUCCGUAGUGUAGCAGGUUAUCACGUUCGCCUAACACGCGAAAGGUCCUCGGUUCGAAACCGGGCGGAAACACCA AT
88 'polypeptide(L)'
;EKTHINIVVIGHVDSGKSTTTGHLIYKCGGIDKRTIEKFEKEAAEMGKGSFKYAWVLDKLKAERERGITIDISLWKFETS
KYYVTIIDAPGHRDFIKNMITGTSQADCAVLIVAAGVGEFEAGISKNGQTREHALLAYTLGVKQLIVGVNKMDSTEPPY
(SEP)QKRYEEIVKEVSTYIKKIGYNPDTVAFVPISGWNGDNMLEPSANMPWFKGWKVTRKDGNASGTTLLEALDCILPP
TRPTDKPLRLPLQDVYKIGGIGTVPVGRVETGVLKPGMVVTFAPVNVTTEVKSVEMHHEALSEALPGDNVGFNVKNVSVK
DVRRGNVAGDSKNDPPMEAAGFTAQVIILNHPGQISAGYAPVLDCHTAHIACKFAELKEKIDRRSGKKLEDGPKFLKSGD
AAIVDMVPGKPMCVESFSDYPPLGRFAVRDMRQTVAVGVIKAVDKK
;
CF
89 'polyribonucleotide' GUCUCCGUAGUGUAGGGUAUCACGUUCGCCUAACACGCGAAAGGUCCUCGGUUCGAAACCGGGCGGAAACACCA Pt
#
loop_
_chem_comp.id
_chem_comp.type
_chem_comp.name
_chem_comp.formula
A RNA linking ADENOSINE-5'-MONOPHOSPHATE 'C10 H14 N5 O7 P'
C RNA linking CYTIDINE-5'-MONOPHOSPHATE 'C9 H14 N3 O8 P'
G RNA linking GUANOSINE-5'-MONOPHOSPHATE 'C10 H14 N5 O8 P'
MG non-polymer 'MAGNESIUM ION' 'Mg 2'
U RNA linking URIDINE-5'-MONOPHOSPHATE 'C9 H13 N2 O9 P'
ZN non-polymer 'ZINC ION' 'Zn 2'
#
# COMPACT_ATOMS: atom_id res chain seq x y z
N GLN A 1 3.40 -0.14 14.42
CA GLN A 1 4.32 -0.47 15.50
C GLN A 1 5.27 -1.60 15.10
N ALA A 2 5.77 -2.31 16.11
CA ALA A 2 6.82 -3.30 15.88
C ALA A 2 6.30 -4.49 15.07
N ILE A 3 5.17 -5.08 15.48
CA ILE A 3 4.66 -6.23 14.74
C ILE A 3 3.85 -5.78 13.54
N LEU A 4 3.47 -4.50 13.49
CA LEU A 4 2.72 -3.99 12.34
C LEU A 4 3.52 -4.13 11.07
N ALA A 5 4.82 -3.84 11.13
CA ALA A 5 5.69 -4.18 10.01
C ALA A 5 5.81 -5.69 9.85
N ALA A 6 5.83 -6.43 10.96
CA ALA A 6 5.90 -7.88 10.88
C ALA A 6 4.60 -8.48 10.36
N ARG A 7 3.46 -7.85 10.68
CA ARG A 7 2.19 -8.35 10.17
C ARG A 7 2.13 -8.27 8.65
N ARG A 8 2.65 -7.17 8.08
CA ARG A 8 2.78 -7.10 6.63
C ARG A 8 3.78 -8.13 6.12
N ALA A 9 4.80 -8.44 6.93
CA ALA A 9 5.78 -9.43 6.54
C ALA A 9 5.14 -10.82 6.43
N ALA A 10 4.18 -11.12 7.30
CA ALA A 10 3.48 -12.40 7.27
C ALA A 10 2.37 -12.38 6.22
N ALA A 11 2.77 -11.99 5.01
CA ALA A 11 1.82 -11.91 3.90
C ALA A 11 1.32 -13.29 3.50
N GLY A 12 2.22 -14.28 3.46
CA GLY A 12 1.85 -15.58 2.95
C GLY A 12 0.81 -16.29 3.81
N GLU A 13 0.99 -16.27 5.13
CA GLU A 13 0.13 -17.04 6.01
C GLU A 13 0.05 -16.36 7.37
N ASP A 14 -0.71 -16.98 8.27
CA ASP A 14 -0.88 -16.54 9.65
C ASP A 14 -1.75 -15.30 9.74
N VAL A 15 -1.59 -14.55 10.85
CA VAL A 15 -2.24 -13.26 11.10
C VAL A 15 -3.66 -13.47 11.59
N GLU A 16 -4.01 -12.82 12.69
CA GLU A 16 -5.34 -12.90 13.28
C GLU A 16 -5.90 -11.49 13.45
N THR A 17 -7.21 -11.37 13.24
CA THR A 17 -7.93 -10.13 13.47
C THR A 17 -8.90 -10.35 14.62
N SER A 18 -8.63 -9.68 15.75
CA SER A 18 -9.36 -9.96 16.98
C SER A 18 -10.45 -8.95 17.32
N LYS A 19 -10.73 -7.99 16.43
CA LYS A 19 -11.66 -6.90 16.72
C LYS A 19 -11.19 -6.16 17.97
N LYS A 20 -12.13 -5.49 18.65
CA LYS A 20 -11.86 -4.92 19.97
C LYS A 20 -13.12 -4.33 20.57
N TRP A 21 -12.99 -3.96 21.83
CA TRP A 21 -13.85 -3.19 22.71
C TRP A 21 -14.53 -2.09 21.93
N ALA A 22 -13.80 -1.55 20.95
CA ALA A 22 -14.28 -0.49 20.07
C ALA A 22 -15.20 -1.03 18.99
N ALA A 23 -15.21 -0.38 17.83
CA ALA A 23 -16.04 -0.77 16.68
C ALA A 23 -17.51 -0.42 16.85
N GLY A 24 -17.77 0.89 16.95
CA GLY A 24 -19.03 1.44 16.54
C GLY A 24 -19.69 2.39 17.52
N GLN A 25 -19.67 2.12 18.81
CA GLN A 25 -20.54 2.86 19.71
C GLN A 25 -19.89 4.15 20.19
N ASN A 26 -20.67 4.96 20.92
CA ASN A 26 -20.27 6.25 21.46
C ASN A 26 -20.75 6.32 22.91
N LYS A 27 -19.95 6.92 23.79
CA LYS A 27 -20.40 7.05 25.18
C LYS A 27 -20.20 8.44 25.77
N GLN A 28 -19.16 9.16 25.35
CA GLN A 28 -19.01 10.62 25.57
C GLN A 28 -18.81 11.04 27.03
N HIS A 29 -18.16 10.20 27.83
CA HIS A 29 -17.30 10.72 28.90
C HIS A 29 -16.38 9.66 29.49
N SER A 30 -15.06 9.80 29.33
CA SER A 30 -14.17 8.69 29.63
C SER A 30 -14.05 8.48 31.14
N ILE A 31 -14.75 7.48 31.66
CA ILE A 31 -14.51 7.00 33.01
C ILE A 31 -13.05 6.57 33.07
N THR A 32 -12.26 7.26 33.90
CA THR A 32 -10.82 7.06 33.88
C THR A 32 -10.41 5.86 34.72
N LYS A 33 -11.10 5.63 35.84
CA LYS A 33 -10.76 4.54 36.73
C LYS A 33 -11.04 3.20 36.05
N ASN A 34 -10.31 2.17 36.50
CA ASN A 34 -10.49 0.85 35.92
C ASN A 34 -11.91 0.32 36.11
N THR A 35 -12.45 0.46 37.32
CA THR A 35 -13.71 -0.15 37.75
C THR A 35 -13.58 -1.67 37.68
N ALA A 36 -12.41 -2.15 37.27
CA ALA A 36 -12.03 -3.53 37.45
C ALA A 36 -11.20 -3.69 38.71
N LYS A 37 -10.15 -2.87 38.83
CA LYS A 37 -9.46 -2.73 40.10
C LYS A 37 -10.39 -2.20 41.18
N LEU A 38 -11.28 -1.28 40.80
CA LEU A 38 -12.20 -0.69 41.77
C LEU A 38 -13.08 -1.76 42.41
N ASP A 39 -13.60 -2.68 41.61
CA ASP A 39 -14.35 -3.80 42.17
C ASP A 39 -13.44 -4.70 43.00
N ARG A 40 -12.23 -4.98 42.49
CA ARG A 40 -11.31 -5.85 43.22
C ARG A 40 -10.86 -5.21 44.53
N GLU A 41 -10.55 -3.92 44.52
CA GLU A 41 -9.89 -3.31 45.66
C GLU A 41 -10.82 -3.23 46.87
N THR A 42 -10.23 -3.29 48.06
CA THR A 42 -10.94 -3.16 49.32
C THR A 42 -10.34 -2.13 50.26
N GLU A 43 -9.01 -1.97 50.24
CA GLU A 43 -8.35 -1.12 51.24
C GLU A 43 -8.70 0.35 51.04
N GLU A 44 -8.57 0.85 49.81
CA GLU A 44 -8.54 2.28 49.56
C GLU A 44 -9.95 2.85 49.52
N LEU A 45 -10.19 3.89 50.33
CA LEU A 45 -11.50 4.52 50.43
C LEU A 45 -11.45 6.01 50.11
N HIS A 46 -10.38 6.47 49.47
CA HIS A 46 -10.17 7.90 49.25
C HIS A 46 -9.85 8.15 47.78
N HIS A 47 -10.42 9.21 47.25
CA HIS A 47 -10.11 9.68 45.90
C HIS A 47 -9.24 10.92 46.01
N ASP A 48 -8.31 11.06 45.06
CA ASP A 48 -7.32 12.13 45.14
C ASP A 48 -7.97 13.51 45.10
N ARG A 49 -9.16 13.61 44.49
CA ARG A 49 -9.83 14.88 44.27
C ARG A 49 -8.98 15.73 43.34
N VAL A 50 -9.36 16.98 43.09
CA VAL A 50 -8.61 17.85 42.19
C VAL A 50 -7.95 18.93 43.04
N THR A 51 -6.72 19.28 42.69
CA THR A 51 -5.97 20.24 43.49
C THR A 51 -6.22 21.67 43.00
N LEU A 52 -6.29 22.59 43.96
CA LEU A 52 -6.78 23.93 43.72
C LEU A 52 -5.93 24.72 42.74
N GLU A 53 -4.63 24.43 42.65
CA GLU A 53 -3.80 25.15 41.70
C GLU A 53 -4.32 25.03 40.28
N VAL A 54 -4.68 23.81 39.86
CA VAL A 54 -5.18 23.66 38.50
C VAL A 54 -6.50 24.41 38.33
N GLY A 55 -7.28 24.52 39.42
CA GLY A 55 -8.47 25.36 39.36
C GLY A 55 -8.15 26.79 39.02
N LYS A 56 -7.02 27.29 39.54
CA LYS A 56 -6.58 28.63 39.18
C LYS A 56 -6.20 28.70 37.71
N VAL A 57 -5.53 27.66 37.20
CA VAL A 57 -5.14 27.66 35.79
C VAL A 57 -6.37 27.78 34.90
N ILE A 58 -7.46 27.10 35.26
CA ILE A 58 -8.73 27.32 34.56
C ILE A 58 -9.16 28.77 34.67
N GLN A 59 -9.01 29.35 35.86
CA GLN A 59 -9.46 30.73 36.06
C GLN A 59 -8.71 31.68 35.15
N GLN A 60 -7.37 31.60 35.12
CA GLN A 60 -6.60 32.46 34.23
C GLN A 60 -6.88 32.12 32.77
N GLY A 61 -7.28 30.87 32.51
CA GLY A 61 -7.57 30.49 31.14
C GLY A 61 -8.74 31.24 30.56
N ARG A 62 -9.94 31.01 31.11
CA ARG A 62 -11.14 31.64 30.54
C ARG A 62 -11.10 33.16 30.73
N GLN A 63 -10.47 33.64 31.79
CA GLN A 63 -10.33 35.07 31.98
C GLN A 63 -9.52 35.69 30.84
N SER A 64 -8.45 35.01 30.43
CA SER A 64 -7.67 35.50 29.29
C SER A 64 -8.46 35.36 27.99
N LYS A 65 -9.34 34.39 27.89
CA LYS A 65 -10.12 34.15 26.67
C LYS A 65 -11.50 34.78 26.72
N GLY A 66 -11.84 35.47 27.81
CA GLY A 66 -13.14 36.10 27.90
C GLY A 66 -14.32 35.16 27.85
N LEU A 67 -14.25 34.05 28.58
CA LEU A 67 -15.35 33.10 28.67
C LEU A 67 -15.81 32.98 30.12
N THR A 68 -17.09 33.22 30.37
CA THR A 68 -17.63 32.84 31.66
C THR A 68 -17.83 31.33 31.69
N GLN A 69 -18.13 30.82 32.89
CA GLN A 69 -18.23 29.38 33.07
C GLN A 69 -19.29 28.78 32.14
N LYS A 70 -20.37 29.52 31.88
CA LYS A 70 -21.41 29.00 31.01
C LYS A 70 -20.93 28.82 29.58
N ASP A 71 -20.14 29.76 29.07
CA ASP A 71 -19.71 29.68 27.68
C ASP A 71 -18.72 28.55 27.48
N LEU A 72 -17.74 28.42 28.36
CA LEU A 72 -16.66 27.47 28.11
C LEU A 72 -17.17 26.04 28.27
N ALA A 73 -18.27 25.86 29.01
CA ALA A 73 -18.90 24.54 29.08
C ALA A 73 -19.50 24.14 27.75
N THR A 74 -20.11 25.10 27.06
CA THR A 74 -20.68 24.80 25.74
C THR A 74 -19.60 24.39 24.77
N LYS A 75 -18.40 24.97 24.90
CA LYS A 75 -17.25 24.47 24.14
C LYS A 75 -16.95 23.03 24.50
N ILE A 76 -16.85 22.74 25.80
CA ILE A 76 -16.43 21.42 26.27
C ILE A 76 -17.55 20.40 26.11
N ASN A 77 -18.78 20.87 25.91
CA ASN A 77 -19.98 20.05 25.77
C ASN A 77 -20.30 19.29 27.05
N GLU A 78 -19.98 19.87 28.22
CA GLU A 78 -20.38 19.33 29.50
C GLU A 78 -21.21 20.35 30.26
N LYS A 79 -21.82 19.90 31.36
CA LYS A 79 -22.66 20.76 32.15
C LYS A 79 -21.85 21.90 32.74
N PRO A 80 -22.43 23.10 32.89
CA PRO A 80 -21.66 24.21 33.47
C PRO A 80 -21.20 23.96 34.89
N GLN A 81 -21.85 23.04 35.59
CA GLN A 81 -21.48 22.78 36.98
C GLN A 81 -20.13 22.06 37.08
N VAL A 82 -19.84 21.15 36.15
CA VAL A 82 -18.55 20.45 36.20
C VAL A 82 -17.41 21.42 36.02
N ILE A 83 -17.67 22.56 35.37
CA ILE A 83 -16.67 23.62 35.32
C ILE A 83 -16.47 24.21 36.70
N ALA A 84 -17.57 24.56 37.37
CA ALA A 84 -17.47 25.14 38.70
C ALA A 84 -16.87 24.15 39.68
N ASP A 85 -17.23 22.87 39.55
CA ASP A 85 -16.58 21.85 40.35
C ASP A 85 -15.09 21.82 40.08
N TYR A 86 -14.69 21.89 38.81
CA TYR A 86 -13.27 21.91 38.50
C TYR A 86 -12.62 23.18 39.04
N GLU A 87 -13.30 24.31 38.94
CA GLU A 87 -12.76 25.54 39.50
C GLU A 87 -12.79 25.53 41.02
N SER A 88 -13.93 25.12 41.62
CA SER A 88 -14.06 25.19 43.07
C SER A 88 -13.07 24.27 43.77
N GLY A 89 -12.96 23.02 43.32
CA GLY A 89 -11.92 22.13 43.80
C GLY A 89 -12.34 20.73 44.19
N ARG A 90 -13.61 20.36 44.07
CA ARG A 90 -13.94 18.97 44.38
C ARG A 90 -13.73 18.07 43.16
N ALA A 91 -14.69 18.09 42.25
CA ALA A 91 -14.52 17.84 40.83
C ALA A 91 -14.05 16.44 40.41
N ILE A 92 -13.52 15.65 41.35
CA ILE A 92 -13.05 14.28 41.10
C ILE A 92 -12.44 14.18 39.70
N PRO A 93 -11.26 14.75 39.46
CA PRO A 93 -10.87 15.08 38.08
C PRO A 93 -10.85 13.87 37.15
N ASN A 94 -11.21 14.10 35.89
CA ASN A 94 -11.29 13.06 34.86
C ASN A 94 -10.39 13.45 33.69
N ASN A 95 -9.62 12.49 33.19
CA ASN A 95 -8.50 12.82 32.32
C ASN A 95 -8.92 13.56 31.06
N GLN A 96 -9.90 13.02 30.31
CA GLN A 96 -10.24 13.65 29.04
C GLN A 96 -10.96 14.97 29.25
N VAL A 97 -11.78 15.06 30.32
CA VAL A 97 -12.51 16.30 30.55
C VAL A 97 -11.54 17.44 30.87
N LEU A 98 -10.51 17.15 31.66
CA LEU A 98 -9.40 18.10 31.77
C LEU A 98 -8.77 18.33 30.41
N GLY A 99 -8.58 17.27 29.64
CA GLY A 99 -8.03 17.41 28.29
C GLY A 99 -8.89 18.30 27.41
N LYS A 100 -10.21 18.12 27.49
CA LYS A 100 -11.10 19.01 26.75
C LYS A 100 -10.88 20.46 27.16
N ILE A 101 -10.83 20.72 28.47
CA ILE A 101 -10.53 22.06 28.95
C ILE A 101 -9.10 22.44 28.62
N GLU A 102 -8.21 21.44 28.53
CA GLU A 102 -6.85 21.70 28.08
C GLU A 102 -6.84 22.24 26.66
N ARG A 103 -7.70 21.68 25.80
CA ARG A 103 -7.74 22.15 24.42
C ARG A 103 -8.39 23.52 24.30
N ALA A 104 -9.51 23.73 25.02
CA ALA A 104 -10.22 25.00 24.91
C ALA A 104 -9.40 26.14 25.50
N ILE A 105 -8.78 25.91 26.64
CA ILE A 105 -7.93 26.91 27.27
C ILE A 105 -6.54 26.86 26.66
N GLY A 106 -5.97 28.04 26.40
CA GLY A 106 -4.63 28.07 25.84
C GLY A 106 -3.62 27.36 26.70
N LEU A 107 -3.74 27.48 28.01
CA LEU A 107 -2.82 26.83 28.93
C LEU A 107 -3.08 25.32 28.95
N LYS A 108 -2.15 24.57 29.54
CA LYS A 108 -2.27 23.12 29.66
C LYS A 108 -2.27 22.76 31.14
N LEU A 109 -3.45 22.35 31.64
CA LEU A 109 -3.51 21.80 32.98
C LEU A 109 -3.29 20.29 32.98
N ARG A 110 -3.55 19.66 31.85
CA ARG A 110 -3.34 18.21 31.74
C ARG A 110 -1.87 17.87 31.90
N GLY A 111 -1.60 16.74 32.56
CA GLY A 111 -0.24 16.26 32.68
C GLY A 111 0.45 16.73 33.92
N LYS A 112 1.77 16.51 33.93
CA LYS A 112 2.58 16.82 35.10
C LYS A 112 2.75 18.32 35.28
N ASP A 113 3.04 19.03 34.19
CA ASP A 113 3.17 20.47 34.26
C ASP A 113 1.85 21.10 34.66
N ILE A 114 1.89 22.01 35.64
CA ILE A 114 0.66 22.64 36.13
C ILE A 114 0.07 23.54 35.04
N GLY A 115 0.90 24.39 34.44
CA GLY A 115 0.44 25.30 33.42
C GLY A 115 1.48 25.51 32.37
N LYS A 116 1.04 25.49 31.13
CA LYS A 116 1.91 25.71 29.99
C LYS A 116 1.54 27.04 29.33
N PRO A 117 2.51 27.83 28.87
CA PRO A 117 2.15 29.06 28.14
C PRO A 117 1.27 28.78 26.94
N ILE A 118 1.45 27.64 26.29
CA ILE A 118 0.59 27.19 25.21
C ILE A 118 0.44 25.68 25.33
N GLU A 119 -0.71 25.17 24.90
CA GLU A 119 -0.95 23.73 24.94
C GLU A 119 -0.34 23.07 23.70
N LYS A 120 0.68 22.24 23.93
CA LYS A 120 1.29 21.42 22.88
C LYS A 120 1.81 22.27 21.72
N GLY A 121 2.27 23.47 22.05
CA GLY A 121 2.87 24.35 21.06
C GLY A 121 1.87 25.29 20.42
N PRO A 122 2.33 26.49 20.08
CA PRO A 122 1.45 27.45 19.39
C PRO A 122 1.13 26.96 17.99
N ARG A 123 -0.17 26.86 17.68
CA ARG A 123 -0.63 26.21 16.46
C ARG A 123 -0.12 24.77 16.38
N ALA A 124 0.01 24.14 17.54
CA ALA A 124 0.54 22.78 17.65
C ALA A 124 1.88 22.66 16.93
N LYS A 125 2.87 23.39 17.44
CA LYS A 125 4.21 23.44 16.85
C LYS A 125 4.19 24.08 15.48
N ALA B 1 -50.34 -7.13 -43.43
CA ALA B 1 -49.65 -6.52 -44.54
C ALA B 1 -50.48 -6.63 -45.82
N ARG B 2 -50.31 -5.65 -46.71
CA ARG B 2 -51.05 -5.59 -47.95
C ARG B 2 -50.34 -6.25 -49.12
N GLY B 3 -49.12 -6.74 -48.92
CA GLY B 3 -48.36 -7.32 -50.01
C GLY B 3 -47.11 -8.04 -49.51
N PRO B 4 -46.34 -8.62 -50.42
CA PRO B 4 -45.18 -9.41 -50.01
C PRO B 4 -44.17 -8.56 -49.26
N LYS B 5 -43.55 -9.17 -48.25
CA LYS B 5 -42.49 -8.51 -47.51
C LYS B 5 -41.27 -8.31 -48.38
N LYS B 6 -40.62 -7.16 -48.24
CA LYS B 6 -39.44 -6.85 -49.02
C LYS B 6 -38.17 -6.75 -48.18
N HIS B 7 -38.27 -6.94 -46.88
CA HIS B 7 -37.15 -6.77 -45.97
C HIS B 7 -36.90 -8.06 -45.19
N LEU B 8 -35.86 -8.03 -44.36
CA LEU B 8 -35.53 -9.15 -43.47
C LEU B 8 -34.65 -8.62 -42.36
N LYS B 9 -35.09 -8.77 -41.12
CA LYS B 9 -34.32 -8.29 -39.99
C LYS B 9 -33.13 -9.21 -39.70
N ARG B 10 -32.01 -8.61 -39.33
CA ARG B 10 -30.79 -9.37 -39.13
C ARG B 10 -30.96 -10.43 -38.05
N VAL B 11 -31.64 -10.08 -36.96
CA VAL B 11 -31.89 -11.06 -35.90
C VAL B 11 -32.78 -12.19 -36.41
N ALA B 12 -33.73 -11.89 -37.29
CA ALA B 12 -34.62 -12.91 -37.83
C ALA B 12 -33.95 -13.80 -38.86
N ALA B 13 -32.72 -13.50 -39.26
CA ALA B 13 -32.04 -14.30 -40.27
C ALA B 13 -31.81 -15.71 -39.76
N PRO B 14 -31.78 -16.73 -40.63
CA PRO B 14 -31.62 -18.12 -40.16
C PRO B 14 -30.28 -18.39 -39.51
N LYS B 15 -30.17 -19.53 -38.83
CA LYS B 15 -28.95 -19.84 -38.09
C LYS B 15 -27.80 -20.15 -39.03
N HIS B 16 -28.06 -20.86 -40.12
CA HIS B 16 -26.97 -21.28 -41.00
C HIS B 16 -26.38 -20.10 -41.74
N TRP B 17 -27.14 -19.00 -41.88
CA TRP B 17 -26.52 -17.77 -42.37
C TRP B 17 -25.50 -17.23 -41.38
N MET B 18 -25.82 -17.29 -40.09
CA MET B 18 -24.81 -17.26 -39.04
C MET B 18 -24.05 -15.94 -39.08
N LEU B 19 -24.82 -14.87 -38.92
CA LEU B 19 -24.35 -13.49 -38.90
C LEU B 19 -24.16 -13.06 -37.45
N ASP B 20 -23.93 -11.77 -37.25
CA ASP B 20 -23.79 -11.17 -35.93
C ASP B 20 -25.00 -10.27 -35.66
N LYS B 21 -24.99 -9.62 -34.51
CA LYS B 21 -26.12 -8.83 -34.05
C LYS B 21 -25.87 -7.33 -34.14
N LEU B 22 -24.70 -6.91 -34.62
CA LEU B 22 -24.28 -5.52 -34.42
C LEU B 22 -24.09 -4.75 -35.71
N THR B 23 -23.64 -5.41 -36.79
CA THR B 23 -23.30 -4.66 -38.00
C THR B 23 -24.51 -3.97 -38.60
N GLY B 24 -25.67 -4.62 -38.58
CA GLY B 24 -26.85 -4.01 -39.16
C GLY B 24 -28.15 -4.43 -38.54
N VAL B 25 -29.24 -3.81 -38.98
CA VAL B 25 -30.58 -4.19 -38.55
C VAL B 25 -31.31 -5.00 -39.62
N PHE B 26 -30.70 -5.20 -40.78
CA PHE B 26 -31.36 -5.84 -41.91
C PHE B 26 -30.53 -6.99 -42.44
N ALA B 27 -31.16 -8.15 -42.57
CA ALA B 27 -30.54 -9.26 -43.27
C ALA B 27 -30.62 -9.03 -44.78
N PRO B 28 -29.82 -9.75 -45.57
CA PRO B 28 -29.82 -9.51 -47.01
C PRO B 28 -31.15 -9.73 -47.70
N ARG B 29 -32.09 -10.47 -47.11
CA ARG B 29 -33.39 -10.70 -47.71
C ARG B 29 -33.23 -11.25 -49.13
N PRO B 30 -32.87 -12.52 -49.28
CA PRO B 30 -32.53 -13.03 -50.61
C PRO B 30 -33.71 -12.94 -51.56
N SER B 31 -33.39 -12.67 -52.83
CA SER B 31 -34.41 -12.68 -53.85
C SER B 31 -34.98 -14.08 -54.00
N THR B 32 -36.17 -14.15 -54.60
CA THR B 32 -36.77 -15.44 -54.86
C THR B 32 -35.91 -16.24 -55.85
N GLY B 33 -35.95 -17.55 -55.73
CA GLY B 33 -35.12 -18.39 -56.57
C GLY B 33 -35.45 -19.86 -56.44
N PRO B 34 -34.56 -20.71 -56.95
CA PRO B 34 -34.83 -22.16 -56.94
C PRO B 34 -34.95 -22.77 -55.56
N HIS B 35 -34.41 -22.13 -54.53
CA HIS B 35 -34.41 -22.70 -53.18
C HIS B 35 -35.19 -21.80 -52.23
N LYS B 36 -35.86 -22.42 -51.27
CA LYS B 36 -36.65 -21.68 -50.30
C LYS B 36 -35.77 -20.72 -49.51
N LEU B 37 -36.36 -19.61 -49.07
CA LEU B 37 -35.59 -18.54 -48.46
C LEU B 37 -34.89 -19.00 -47.18
N ARG B 38 -35.50 -19.93 -46.45
CA ARG B 38 -34.87 -20.41 -45.22
C ARG B 38 -33.78 -21.44 -45.47
N GLU B 39 -33.75 -22.04 -46.66
CA GLU B 39 -32.74 -23.03 -47.01
C GLU B 39 -31.89 -22.55 -48.18
N CYS B 40 -31.45 -21.30 -48.13
CA CYS B 40 -30.60 -20.73 -49.15
C CYS B 40 -29.52 -19.89 -48.50
N LEU B 41 -28.46 -19.64 -49.25
CA LEU B 41 -27.37 -18.80 -48.78
C LEU B 41 -27.05 -17.75 -49.83
N PRO B 42 -27.44 -16.50 -49.62
CA PRO B 42 -27.15 -15.46 -50.61
C PRO B 42 -25.65 -15.28 -50.80
N LEU B 43 -25.28 -14.94 -52.04
CA LEU B 43 -23.87 -14.74 -52.35
C LEU B 43 -23.26 -13.59 -51.58
N ILE B 44 -24.09 -12.62 -51.17
CA ILE B 44 -23.56 -11.46 -50.46
C ILE B 44 -22.88 -11.88 -49.16
N ILE B 45 -23.50 -12.80 -48.42
CA ILE B 45 -22.84 -13.29 -47.22
C ILE B 45 -21.80 -14.34 -47.56
N PHE B 46 -21.88 -14.95 -48.74
CA PHE B 46 -20.90 -15.96 -49.12
C PHE B 46 -19.54 -15.31 -49.35
N LEU B 47 -19.51 -14.24 -50.13
CA LEU B 47 -18.27 -13.57 -50.46
C LEU B 47 -17.82 -12.57 -49.39
N ARG B 48 -18.65 -12.33 -48.38
CA ARG B 48 -18.29 -11.42 -47.30
C ARG B 48 -18.14 -12.14 -45.96
N ASN B 49 -19.15 -12.93 -45.58
CA ASN B 49 -19.16 -13.53 -44.26
C ASN B 49 -18.54 -14.92 -44.19
N ARG B 50 -18.10 -15.49 -45.31
CA ARG B 50 -17.46 -16.79 -45.29
C ARG B 50 -16.06 -16.74 -45.87
N LEU B 51 -15.86 -16.00 -46.97
CA LEU B 51 -14.55 -15.87 -47.59
C LEU B 51 -13.84 -14.58 -47.23
N LYS B 52 -14.57 -13.56 -46.78
CA LYS B 52 -14.02 -12.24 -46.50
C LYS B 52 -13.30 -11.67 -47.72
N TYR B 53 -13.63 -12.18 -48.91
CA TYR B 53 -13.14 -11.57 -50.14
C TYR B 53 -13.67 -10.15 -50.29
N ALA B 54 -14.92 -9.94 -49.92
CA ALA B 54 -15.53 -8.62 -49.94
C ALA B 54 -15.79 -8.15 -48.52
N LEU B 55 -15.33 -6.94 -48.20
CA LEU B 55 -15.46 -6.43 -46.84
C LEU B 55 -16.89 -5.94 -46.56
N THR B 56 -17.56 -5.40 -47.58
CA THR B 56 -18.81 -4.70 -47.35
C THR B 56 -19.78 -5.00 -48.49
N GLY B 57 -21.00 -4.45 -48.35
CA GLY B 57 -22.02 -4.69 -49.36
C GLY B 57 -21.69 -4.06 -50.70
N ASP B 58 -21.17 -2.84 -50.68
CA ASP B 58 -20.77 -2.21 -51.94
C ASP B 58 -19.65 -2.98 -52.62
N GLU B 59 -18.64 -3.39 -51.85
CA GLU B 59 -17.50 -4.09 -52.45
C GLU B 59 -17.92 -5.43 -53.02
N VAL B 60 -18.88 -6.11 -52.39
CA VAL B 60 -19.42 -7.33 -52.99
C VAL B 60 -20.38 -6.98 -54.12
N LYS B 61 -21.04 -5.82 -54.04
CA LYS B 61 -21.92 -5.40 -55.13
C LYS B 61 -21.15 -5.17 -56.41
N LYS B 62 -20.03 -4.46 -56.34
CA LYS B 62 -19.21 -4.25 -57.51
C LYS B 62 -18.53 -5.52 -57.98
N ILE B 63 -18.14 -6.40 -57.05
CA ILE B 63 -17.56 -7.68 -57.44
C ILE B 63 -18.54 -8.50 -58.26
N CYS B 64 -19.81 -8.54 -57.85
CA CYS B 64 -20.76 -9.42 -58.49
C CYS B 64 -21.02 -9.02 -59.94
N MET B 65 -21.08 -7.72 -60.21
CA MET B 65 -21.38 -7.25 -61.55
C MET B 65 -20.14 -7.16 -62.44
N GLN B 66 -18.96 -7.47 -61.90
CA GLN B 66 -17.78 -7.65 -62.74
C GLN B 66 -17.97 -8.81 -63.71
N ARG B 67 -18.98 -9.65 -63.49
CA ARG B 67 -19.48 -10.62 -64.45
C ARG B 67 -18.59 -11.84 -64.61
N PHE B 68 -17.77 -12.16 -63.61
CA PHE B 68 -17.14 -13.48 -63.55
C PHE B 68 -17.42 -14.08 -62.18
N ILE B 69 -18.63 -14.60 -62.01
CA ILE B 69 -19.01 -15.54 -60.96
C ILE B 69 -20.03 -16.49 -61.57
N LYS B 70 -19.61 -17.68 -61.99
CA LYS B 70 -20.54 -18.64 -62.60
C LYS B 70 -21.12 -19.50 -61.48
N ILE B 71 -22.43 -19.39 -61.27
CA ILE B 71 -23.15 -20.25 -60.35
C ILE B 71 -23.85 -21.31 -61.17
N ASP B 72 -23.50 -22.57 -60.93
CA ASP B 72 -24.07 -23.69 -61.67
C ASP B 72 -23.89 -23.52 -63.17
N GLY B 73 -22.69 -23.10 -63.57
CA GLY B 73 -22.37 -22.97 -64.97
C GLY B 73 -22.85 -21.70 -65.64
N LYS B 74 -23.55 -20.84 -64.92
CA LYS B 74 -24.04 -19.58 -65.47
C LYS B 74 -23.67 -18.44 -64.53
N VAL B 75 -23.32 -17.31 -65.12
CA VAL B 75 -22.97 -16.11 -64.37
C VAL B 75 -24.24 -15.40 -63.97
N ARG B 76 -24.34 -15.02 -62.71
CA ARG B 76 -25.54 -14.38 -62.16
C ARG B 76 -25.16 -13.08 -61.48
N THR B 77 -25.79 -11.99 -61.89
CA THR B 77 -25.47 -10.67 -61.37
C THR B 77 -26.30 -10.29 -60.17
N ASP B 78 -27.34 -11.05 -59.85
CA ASP B 78 -28.18 -10.75 -58.70
C ASP B 78 -27.36 -10.94 -57.43
N ILE B 79 -26.98 -9.83 -56.80
CA ILE B 79 -26.04 -9.90 -55.69
C ILE B 79 -26.58 -10.71 -54.52
N THR B 80 -27.90 -10.76 -54.35
CA THR B 80 -28.51 -11.50 -53.26
C THR B 80 -29.21 -12.76 -53.73
N TYR B 81 -28.79 -13.32 -54.86
CA TYR B 81 -29.41 -14.50 -55.42
C TYR B 81 -29.26 -15.68 -54.46
N PRO B 82 -30.33 -16.44 -54.21
CA PRO B 82 -30.22 -17.59 -53.30
C PRO B 82 -29.42 -18.72 -53.91
N ALA B 83 -28.23 -18.99 -53.37
CA ALA B 83 -27.36 -20.01 -53.95
C ALA B 83 -28.02 -21.38 -53.88
N GLY B 84 -28.27 -21.88 -52.69
CA GLY B 84 -28.95 -23.15 -52.53
C GLY B 84 -28.00 -24.32 -52.34
N PHE B 85 -28.62 -25.47 -52.06
CA PHE B 85 -27.88 -26.66 -51.67
C PHE B 85 -27.22 -27.34 -52.86
N MET B 86 -25.96 -27.75 -52.66
CA MET B 86 -25.24 -28.64 -53.56
C MET B 86 -24.95 -27.96 -54.90
N ASP B 87 -25.38 -26.71 -55.04
CA ASP B 87 -25.00 -25.90 -56.19
C ASP B 87 -23.49 -25.69 -56.21
N VAL B 88 -22.96 -25.54 -57.41
CA VAL B 88 -21.53 -25.35 -57.62
C VAL B 88 -21.32 -23.96 -58.22
N ILE B 89 -20.42 -23.20 -57.63
CA ILE B 89 -20.11 -21.86 -58.09
C ILE B 89 -18.63 -21.80 -58.46
N SER B 90 -18.33 -21.13 -59.56
CA SER B 90 -16.97 -21.02 -60.06
C SER B 90 -16.63 -19.55 -60.32
N ILE B 91 -15.34 -19.23 -60.31
CA ILE B 91 -14.90 -17.85 -60.48
C ILE B 91 -14.13 -17.66 -61.77
N ASP B 92 -13.25 -18.59 -62.10
CA ASP B 92 -12.39 -18.63 -63.29
C ASP B 92 -11.26 -17.62 -63.28
N LYS B 93 -11.20 -16.71 -62.31
CA LYS B 93 -10.00 -15.90 -62.18
C LYS B 93 -8.87 -16.67 -61.53
N THR B 94 -9.21 -17.64 -60.66
CA THR B 94 -8.28 -18.62 -60.14
C THR B 94 -8.89 -20.00 -60.05
N GLY B 95 -10.11 -20.19 -60.54
CA GLY B 95 -10.73 -21.50 -60.61
C GLY B 95 -10.99 -22.16 -59.28
N GLU B 96 -11.47 -21.40 -58.30
CA GLU B 96 -11.73 -21.97 -56.98
C GLU B 96 -12.78 -23.07 -57.04
N ASN B 97 -13.86 -22.83 -57.78
CA ASN B 97 -14.91 -23.83 -58.02
C ASN B 97 -15.47 -24.37 -56.70
N PHE B 98 -16.09 -23.47 -55.96
CA PHE B 98 -16.69 -23.83 -54.69
C PHE B 98 -17.97 -24.62 -54.91
N ARG B 99 -18.07 -25.77 -54.24
CA ARG B 99 -19.29 -26.56 -54.20
C ARG B 99 -19.93 -26.40 -52.85
N LEU B 100 -21.21 -26.04 -52.85
CA LEU B 100 -21.94 -25.82 -51.61
C LEU B 100 -22.38 -27.16 -51.02
N ILE B 101 -22.30 -27.26 -49.70
CA ILE B 101 -22.67 -28.48 -49.00
C ILE B 101 -22.87 -28.14 -47.52
N TYR B 102 -23.61 -28.99 -46.82
CA TYR B 102 -23.83 -28.78 -45.40
C TYR B 102 -22.65 -29.29 -44.59
N ASP B 103 -22.49 -28.73 -43.39
CA ASP B 103 -21.41 -29.15 -42.51
C ASP B 103 -21.95 -30.13 -41.47
N THR B 104 -21.10 -30.55 -40.53
CA THR B 104 -21.54 -31.41 -39.45
C THR B 104 -22.32 -30.66 -38.38
N LYS B 105 -22.39 -29.32 -38.48
CA LYS B 105 -23.08 -28.49 -37.50
C LYS B 105 -24.23 -27.72 -38.13
N GLY B 106 -24.79 -28.21 -39.23
CA GLY B 106 -25.94 -27.59 -39.85
C GLY B 106 -25.71 -26.22 -40.46
N ARG B 107 -24.59 -26.04 -41.15
CA ARG B 107 -24.29 -24.80 -41.85
C ARG B 107 -23.70 -25.13 -43.22
N PHE B 108 -23.66 -24.12 -44.09
CA PHE B 108 -22.98 -24.27 -45.37
C PHE B 108 -21.49 -23.95 -45.22
N ALA B 109 -20.65 -24.98 -45.15
CA ALA B 109 -19.23 -24.77 -45.02
C ALA B 109 -18.56 -24.68 -46.39
N VAL B 110 -17.48 -23.89 -46.45
CA VAL B 110 -16.70 -23.78 -47.67
C VAL B 110 -16.11 -25.13 -48.02
N HIS B 111 -16.13 -25.47 -49.30
CA HIS B 111 -15.57 -26.76 -49.72
C HIS B 111 -15.10 -26.62 -51.15
N ARG B 112 -13.80 -26.41 -51.33
CA ARG B 112 -13.21 -26.35 -52.65
C ARG B 112 -13.27 -27.71 -53.29
N ILE B 113 -13.55 -27.75 -54.59
CA ILE B 113 -13.58 -28.99 -55.34
C ILE B 113 -12.80 -28.82 -56.64
N THR B 114 -12.48 -29.96 -57.25
CA THR B 114 -11.78 -29.96 -58.51
C THR B 114 -12.66 -29.35 -59.60
N PRO B 115 -12.06 -28.56 -60.50
CA PRO B 115 -12.84 -28.03 -61.63
C PRO B 115 -13.58 -29.10 -62.41
N GLU B 116 -12.98 -30.29 -62.57
CA GLU B 116 -13.67 -31.37 -63.27
C GLU B 116 -14.82 -31.96 -62.46
N GLU B 117 -14.84 -31.73 -61.14
CA GLU B 117 -16.00 -32.14 -60.35
C GLU B 117 -17.18 -31.21 -60.57
N ALA B 118 -16.94 -30.00 -61.09
CA ALA B 118 -18.03 -29.07 -61.37
C ALA B 118 -18.90 -29.51 -62.53
N LYS B 119 -18.32 -30.21 -63.52
CA LYS B 119 -19.02 -30.43 -64.77
C LYS B 119 -20.37 -31.09 -64.54
N TYR B 120 -20.41 -32.08 -63.67
CA TYR B 120 -21.67 -32.70 -63.27
C TYR B 120 -22.17 -32.08 -61.97
N LYS B 121 -23.44 -32.31 -61.68
CA LYS B 121 -24.02 -31.90 -60.40
C LYS B 121 -25.20 -32.83 -60.12
N LEU B 122 -25.45 -33.07 -58.84
CA LEU B 122 -26.52 -33.96 -58.41
C LEU B 122 -27.72 -33.14 -57.98
N CYS B 123 -28.92 -33.73 -58.07
CA CYS B 123 -30.17 -33.09 -57.70
C CYS B 123 -31.16 -34.15 -57.26
N LYS B 124 -32.17 -33.74 -56.51
CA LYS B 124 -33.19 -34.64 -55.99
C LYS B 124 -34.52 -34.38 -56.67
N VAL B 125 -35.10 -35.42 -57.27
CA VAL B 125 -36.36 -35.24 -57.97
C VAL B 125 -37.48 -35.02 -56.97
N ARG B 126 -38.18 -33.90 -57.11
CA ARG B 126 -39.26 -33.53 -56.21
C ARG B 126 -40.63 -33.94 -56.72
N LYS B 127 -40.81 -33.97 -58.04
CA LYS B 127 -42.07 -34.39 -58.64
C LYS B 127 -41.80 -34.88 -60.05
N ILE B 128 -42.56 -35.91 -60.45
CA ILE B 128 -42.55 -36.40 -61.82
C ILE B 128 -43.99 -36.47 -62.29
N PHE B 129 -44.24 -35.96 -63.49
CA PHE B 129 -45.59 -35.98 -64.06
C PHE B 129 -45.46 -36.08 -65.57
N VAL B 130 -46.60 -35.99 -66.25
CA VAL B 130 -46.66 -36.06 -67.70
C VAL B 130 -47.33 -34.79 -68.21
N GLY B 131 -46.76 -34.21 -69.26
CA GLY B 131 -47.29 -32.99 -69.82
C GLY B 131 -48.15 -33.25 -71.05
N THR B 132 -48.44 -32.19 -71.80
CA THR B 132 -49.27 -32.33 -73.00
C THR B 132 -48.52 -33.16 -74.03
N LYS B 133 -49.26 -33.67 -75.03
CA LYS B 133 -48.76 -34.63 -76.02
C LYS B 133 -48.35 -35.95 -75.39
N GLY B 134 -48.69 -36.15 -74.12
CA GLY B 134 -48.34 -37.39 -73.43
C GLY B 134 -46.86 -37.57 -73.22
N ILE B 135 -46.14 -36.49 -72.93
CA ILE B 135 -44.70 -36.57 -72.68
C ILE B 135 -44.42 -36.31 -71.21
N PRO B 136 -43.54 -37.09 -70.58
CA PRO B 136 -43.28 -36.92 -69.14
C PRO B 136 -42.44 -35.70 -68.84
N HIS B 137 -42.60 -35.20 -67.61
CA HIS B 137 -41.81 -34.10 -67.09
C HIS B 137 -41.34 -34.45 -65.69
N LEU B 138 -40.29 -33.75 -65.25
CA LEU B 138 -39.69 -34.03 -63.95
C LEU B 138 -39.10 -32.73 -63.42
N VAL B 139 -39.56 -32.30 -62.24
CA VAL B 139 -39.03 -31.12 -61.58
C VAL B 139 -38.25 -31.56 -60.34
N THR B 140 -37.01 -31.11 -60.24
CA THR B 140 -36.08 -31.63 -59.25
C THR B 140 -36.08 -30.78 -57.99
N HIS B 141 -35.07 -30.98 -57.14
CA HIS B 141 -34.92 -30.19 -55.92
C HIS B 141 -34.80 -28.71 -56.22
N ASP B 142 -34.01 -28.34 -57.23
CA ASP B 142 -33.97 -26.96 -57.65
C ASP B 142 -35.23 -26.63 -58.45
N ALA B 143 -35.28 -25.40 -58.96
CA ALA B 143 -36.36 -25.05 -59.87
C ALA B 143 -36.22 -25.72 -61.22
N ARG B 144 -35.10 -26.37 -61.48
CA ARG B 144 -34.87 -27.04 -62.75
C ARG B 144 -35.96 -28.07 -63.03
N THR B 145 -36.55 -27.99 -64.22
CA THR B 145 -37.48 -29.00 -64.70
C THR B 145 -37.01 -29.46 -66.06
N ILE B 146 -36.86 -30.78 -66.21
CA ILE B 146 -36.37 -31.37 -67.44
C ILE B 146 -37.49 -32.23 -68.02
N ARG B 147 -37.40 -32.45 -69.32
CA ARG B 147 -38.34 -33.32 -70.01
C ARG B 147 -37.63 -34.60 -70.41
N TYR B 148 -38.43 -35.61 -70.68
CA TYR B 148 -37.97 -36.88 -71.23
C TYR B 148 -36.95 -37.54 -70.31
N PRO B 149 -37.29 -37.78 -69.04
CA PRO B 149 -36.32 -38.45 -68.16
C PRO B 149 -36.37 -39.95 -68.34
N ASP B 150 -35.46 -40.66 -67.67
CA ASP B 150 -35.51 -42.11 -67.70
C ASP B 150 -36.82 -42.59 -67.08
N PRO B 151 -37.43 -43.65 -67.62
CA PRO B 151 -38.67 -44.16 -67.02
C PRO B 151 -38.49 -44.81 -65.67
N LEU B 152 -37.25 -45.03 -65.23
CA LEU B 152 -37.00 -45.57 -63.90
C LEU B 152 -36.97 -44.51 -62.81
N ILE B 153 -37.00 -43.22 -63.17
CA ILE B 153 -36.95 -42.18 -62.15
C ILE B 153 -38.31 -42.04 -61.49
N LYS B 154 -38.34 -42.18 -60.17
CA LYS B 154 -39.56 -42.01 -59.39
C LYS B 154 -39.37 -40.84 -58.42
N VAL B 155 -40.35 -40.66 -57.54
CA VAL B 155 -40.28 -39.56 -56.58
C VAL B 155 -39.07 -39.75 -55.65
N ASN B 156 -38.61 -38.63 -55.09
CA ASN B 156 -37.48 -38.49 -54.16
C ASN B 156 -36.37 -39.51 -54.41
N ASP B 157 -35.99 -39.67 -55.66
CA ASP B 157 -34.73 -40.24 -56.07
C ASP B 157 -33.74 -39.09 -56.27
N THR B 158 -32.62 -39.39 -56.91
CA THR B 158 -31.66 -38.35 -57.27
C THR B 158 -31.12 -38.61 -58.67
N ILE B 159 -30.77 -37.51 -59.35
CA ILE B 159 -30.23 -37.58 -60.69
C ILE B 159 -28.97 -36.73 -60.76
N GLN B 160 -27.96 -37.28 -61.43
CA GLN B 160 -26.71 -36.57 -61.70
C GLN B 160 -26.84 -35.90 -63.06
N ILE B 161 -26.89 -34.59 -63.08
CA ILE B 161 -27.11 -33.82 -64.30
C ILE B 161 -25.91 -32.91 -64.54
N ASP B 162 -25.32 -33.02 -65.73
CA ASP B 162 -24.19 -32.19 -66.06
C ASP B 162 -24.67 -30.75 -66.34
N LEU B 163 -23.75 -29.81 -66.14
CA LEU B 163 -24.11 -28.41 -66.25
C LEU B 163 -24.21 -28.00 -67.72
N GLU B 164 -24.81 -26.83 -67.94
CA GLU B 164 -24.97 -26.16 -69.24
C GLU B 164 -25.55 -27.09 -70.31
N THR B 165 -26.09 -28.23 -69.92
CA THR B 165 -26.90 -29.07 -70.81
C THR B 165 -28.21 -29.49 -70.18
N GLY B 166 -28.20 -29.78 -68.88
CA GLY B 166 -29.40 -30.18 -68.17
C GLY B 166 -29.77 -31.65 -68.28
N LYS B 167 -29.03 -32.43 -69.05
CA LYS B 167 -29.40 -33.81 -69.29
C LYS B 167 -29.09 -34.70 -68.09
N ILE B 168 -29.79 -35.81 -68.01
CA ILE B 168 -29.63 -36.77 -66.92
C ILE B 168 -28.49 -37.72 -67.28
N THR B 169 -27.29 -37.42 -66.77
CA THR B 169 -26.16 -38.32 -67.02
C THR B 169 -26.37 -39.67 -66.33
N ASP B 170 -26.69 -39.65 -65.04
CA ASP B 170 -26.94 -40.86 -64.29
C ASP B 170 -27.77 -40.51 -63.07
N PHE B 171 -28.24 -41.53 -62.36
CA PHE B 171 -29.21 -41.31 -61.30
C PHE B 171 -29.11 -42.43 -60.28
N ILE B 172 -29.65 -42.16 -59.08
CA ILE B 172 -29.64 -43.10 -57.97
C ILE B 172 -31.08 -43.34 -57.53
N LYS B 173 -31.47 -44.61 -57.48
CA LYS B 173 -32.77 -44.98 -56.94
C LYS B 173 -32.78 -44.82 -55.44
N PHE B 174 -33.91 -44.35 -54.91
CA PHE B 174 -34.08 -44.32 -53.46
C PHE B 174 -34.33 -45.74 -52.96
N ASP B 175 -33.41 -46.24 -52.14
CA ASP B 175 -33.48 -47.61 -51.65
C ASP B 175 -32.66 -47.73 -50.38
N THR B 176 -33.14 -48.55 -49.45
CA THR B 176 -32.41 -48.82 -48.23
C THR B 176 -31.06 -49.45 -48.53
N GLY B 177 -30.04 -49.04 -47.80
CA GLY B 177 -28.70 -49.49 -48.07
C GLY B 177 -27.96 -48.54 -48.98
N ASN B 178 -28.38 -47.29 -49.02
CA ASN B 178 -27.78 -46.27 -49.86
C ASN B 178 -27.29 -45.12 -48.99
N LEU B 179 -26.18 -44.53 -49.40
CA LEU B 179 -25.65 -43.37 -48.68
C LEU B 179 -26.51 -42.16 -48.98
N CYS B 180 -26.90 -41.44 -47.93
CA CYS B 180 -27.79 -40.31 -48.06
C CYS B 180 -27.26 -39.11 -47.28
N MET B 181 -28.00 -38.01 -47.37
CA MET B 181 -27.58 -36.74 -46.81
C MET B 181 -28.85 -36.01 -46.35
N VAL B 182 -29.17 -36.15 -45.06
CA VAL B 182 -30.34 -35.50 -44.51
C VAL B 182 -30.09 -33.99 -44.47
N THR B 183 -31.05 -33.22 -44.99
CA THR B 183 -30.88 -31.79 -45.20
C THR B 183 -32.05 -31.00 -44.63
N GLY B 184 -32.46 -31.32 -43.41
CA GLY B 184 -33.51 -30.57 -42.75
C GLY B 184 -33.77 -31.01 -41.32
N GLY B 185 -34.05 -30.06 -40.44
CA GLY B 185 -34.32 -30.38 -39.06
C GLY B 185 -33.06 -30.46 -38.22
N ALA B 186 -33.16 -31.25 -37.14
CA ALA B 186 -32.05 -31.36 -36.20
C ALA B 186 -30.87 -32.12 -36.77
N ASN B 187 -31.09 -32.93 -37.82
CA ASN B 187 -30.03 -33.70 -38.44
C ASN B 187 -29.42 -33.01 -39.66
N LEU B 188 -29.39 -31.68 -39.67
CA LEU B 188 -28.79 -30.93 -40.76
C LEU B 188 -27.34 -31.35 -41.00
N GLY B 189 -27.06 -31.89 -42.18
CA GLY B 189 -25.70 -32.17 -42.58
C GLY B 189 -25.09 -33.41 -41.95
N ARG B 190 -25.83 -34.52 -41.95
CA ARG B 190 -25.31 -35.79 -41.46
C ARG B 190 -25.31 -36.81 -42.57
N ILE B 191 -24.22 -37.54 -42.70
CA ILE B 191 -24.04 -38.53 -43.75
C ILE B 191 -24.21 -39.91 -43.15
N GLY B 192 -25.02 -40.74 -43.80
CA GLY B 192 -25.22 -42.09 -43.33
C GLY B 192 -25.93 -42.90 -44.39
N VAL B 193 -26.10 -44.18 -44.09
CA VAL B 193 -26.77 -45.11 -44.99
C VAL B 193 -28.20 -45.31 -44.50
N ILE B 194 -29.12 -45.46 -45.45
CA ILE B 194 -30.52 -45.70 -45.13
C ILE B 194 -30.70 -47.17 -44.80
N THR B 195 -31.36 -47.46 -43.69
CA THR B 195 -31.62 -48.82 -43.25
C THR B 195 -33.08 -49.21 -43.37
N ASN B 196 -34.00 -48.29 -43.10
CA ASN B 196 -35.41 -48.62 -43.05
C ASN B 196 -36.21 -47.38 -43.38
N ARG B 197 -37.42 -47.59 -43.90
CA ARG B 197 -38.33 -46.50 -44.25
C ARG B 197 -39.72 -46.85 -43.72
N GLU B 198 -40.07 -46.30 -42.56
CA GLU B 198 -41.37 -46.54 -41.95
C GLU B 198 -42.36 -45.56 -42.55
N ARG B 199 -42.90 -45.90 -43.71
CA ARG B 199 -43.84 -45.02 -44.42
C ARG B 199 -45.13 -44.88 -43.64
N HIS B 200 -45.69 -43.67 -43.69
CA HIS B 200 -46.95 -43.36 -43.04
C HIS B 200 -47.88 -42.67 -44.02
N PRO B 201 -48.92 -43.34 -44.51
CA PRO B 201 -49.88 -42.67 -45.39
C PRO B 201 -50.56 -41.51 -44.68
N GLY B 202 -50.80 -40.44 -45.43
CA GLY B 202 -51.42 -39.26 -44.89
C GLY B 202 -50.41 -38.28 -44.31
N SER B 203 -49.63 -38.75 -43.36
CA SER B 203 -48.63 -37.93 -42.69
C SER B 203 -47.28 -38.07 -43.40
N PHE B 204 -46.23 -37.56 -42.78
CA PHE B 204 -44.89 -37.67 -43.34
C PHE B 204 -44.35 -39.09 -43.14
N ASP B 205 -43.31 -39.41 -43.91
CA ASP B 205 -42.63 -40.68 -43.80
C ASP B 205 -41.31 -40.51 -43.07
N VAL B 206 -40.99 -41.48 -42.22
CA VAL B 206 -39.81 -41.43 -41.38
C VAL B 206 -38.86 -42.55 -41.81
N VAL B 207 -37.57 -42.24 -41.87
CA VAL B 207 -36.53 -43.19 -42.21
C VAL B 207 -35.45 -43.15 -41.14
N HIS B 208 -34.68 -44.22 -41.04
CA HIS B 208 -33.60 -44.30 -40.07
C HIS B 208 -32.26 -44.38 -40.80
N VAL B 209 -31.33 -43.52 -40.40
CA VAL B 209 -30.05 -43.38 -41.07
C VAL B 209 -28.96 -43.87 -40.13
N LYS B 210 -28.14 -44.82 -40.59
CA LYS B 210 -27.02 -45.33 -39.83
C LYS B 210 -25.73 -44.75 -40.40
N ASP B 211 -25.00 -44.02 -39.57
CA ASP B 211 -23.72 -43.48 -40.00
C ASP B 211 -22.66 -44.56 -39.97
N ALA B 212 -21.46 -44.21 -40.44
CA ALA B 212 -20.35 -45.16 -40.41
C ALA B 212 -19.95 -45.49 -38.99
N ASN B 213 -20.26 -44.61 -38.03
CA ASN B 213 -19.88 -44.87 -36.64
C ASN B 213 -20.89 -45.79 -35.96
N GLY B 214 -22.02 -46.07 -36.60
CA GLY B 214 -23.02 -46.95 -36.04
C GLY B 214 -24.19 -46.25 -35.37
N ASN B 215 -24.17 -44.92 -35.29
CA ASN B 215 -25.24 -44.16 -34.65
C ASN B 215 -26.43 -44.05 -35.61
N SER B 216 -27.61 -44.36 -35.10
CA SER B 216 -28.83 -44.24 -35.88
C SER B 216 -29.61 -43.01 -35.44
N PHE B 217 -30.25 -42.36 -36.41
CA PHE B 217 -31.12 -41.23 -36.14
C PHE B 217 -32.24 -41.23 -37.16
N ALA B 218 -33.47 -41.03 -36.68
CA ALA B 218 -34.64 -40.98 -37.54
C ALA B 218 -34.81 -39.57 -38.09
N THR B 219 -35.56 -39.45 -39.18
CA THR B 219 -35.85 -38.16 -39.78
C THR B 219 -37.05 -38.31 -40.71
N ARG B 220 -37.71 -37.19 -41.00
CA ARG B 220 -38.78 -37.20 -41.98
C ARG B 220 -38.21 -37.49 -43.36
N LEU B 221 -39.09 -37.90 -44.29
CA LEU B 221 -38.63 -38.22 -45.64
C LEU B 221 -38.31 -36.97 -46.44
N SER B 222 -38.98 -35.86 -46.15
CA SER B 222 -38.77 -34.64 -46.90
C SER B 222 -37.37 -34.06 -46.73
N ASN B 223 -36.64 -34.47 -45.69
CA ASN B 223 -35.33 -33.91 -45.39
C ASN B 223 -34.19 -34.77 -45.93
N ILE B 224 -34.51 -35.83 -46.66
CA ILE B 224 -33.52 -36.79 -47.12
C ILE B 224 -33.04 -36.40 -48.50
N PHE B 225 -31.76 -36.69 -48.77
CA PHE B 225 -31.12 -36.39 -50.05
C PHE B 225 -30.08 -37.49 -50.27
N VAL B 226 -30.48 -38.54 -51.00
CA VAL B 226 -29.57 -39.64 -51.28
C VAL B 226 -28.50 -39.16 -52.26
N ILE B 227 -27.25 -39.46 -51.94
CA ILE B 227 -26.11 -38.90 -52.67
C ILE B 227 -25.20 -39.94 -53.27
N GLY B 228 -25.24 -41.19 -52.80
CA GLY B 228 -24.29 -42.18 -53.27
C GLY B 228 -24.88 -43.58 -53.31
N LYS B 229 -24.25 -44.46 -54.09
CA LYS B 229 -24.71 -45.84 -54.23
C LYS B 229 -24.06 -46.69 -53.14
N GLY B 230 -24.85 -47.07 -52.14
CA GLY B 230 -24.40 -48.03 -51.15
C GLY B 230 -23.52 -47.45 -50.07
N ASN B 231 -22.28 -47.18 -50.40
CA ASN B 231 -21.33 -46.60 -49.45
C ASN B 231 -20.58 -45.41 -50.00
N LYS B 232 -20.17 -45.46 -51.26
CA LYS B 232 -19.36 -44.39 -51.85
C LYS B 232 -20.27 -43.24 -52.23
N PRO B 233 -20.03 -42.03 -51.73
CA PRO B 233 -20.79 -40.88 -52.22
C PRO B 233 -20.38 -40.51 -53.63
N TRP B 234 -21.31 -39.92 -54.37
CA TRP B 234 -20.99 -39.50 -55.73
C TRP B 234 -20.42 -38.10 -55.80
N ILE B 235 -20.35 -37.39 -54.67
CA ILE B 235 -19.74 -36.07 -54.58
C ILE B 235 -18.78 -36.09 -53.40
N SER B 236 -17.68 -35.34 -53.50
CA SER B 236 -16.79 -35.19 -52.37
C SER B 236 -17.55 -34.65 -51.17
N LEU B 237 -17.36 -35.29 -50.04
CA LEU B 237 -18.00 -34.91 -48.80
C LEU B 237 -17.30 -33.71 -48.18
N PRO B 238 -17.94 -33.00 -47.27
CA PRO B 238 -17.26 -31.92 -46.56
C PRO B 238 -16.20 -32.48 -45.61
N ARG B 239 -15.40 -31.56 -45.07
CA ARG B 239 -14.39 -31.97 -44.10
C ARG B 239 -15.05 -32.62 -42.90
N GLY B 240 -14.52 -33.76 -42.49
CA GLY B 240 -15.13 -34.56 -41.45
C GLY B 240 -16.02 -35.69 -41.95
N LYS B 241 -16.25 -35.78 -43.27
CA LYS B 241 -17.02 -36.85 -43.88
C LYS B 241 -18.44 -36.92 -43.33
N GLY B 242 -18.98 -35.79 -42.90
CA GLY B 242 -20.37 -35.73 -42.49
C GLY B 242 -20.70 -36.48 -41.22
N ILE B 243 -19.71 -36.75 -40.37
CA ILE B 243 -19.98 -37.39 -39.09
C ILE B 243 -20.36 -36.34 -38.06
N ARG B 244 -21.33 -36.69 -37.21
CA ARG B 244 -21.77 -35.81 -36.14
C ARG B 244 -21.01 -36.17 -34.87
N LEU B 245 -20.12 -35.28 -34.44
CA LEU B 245 -19.29 -35.50 -33.28
C LEU B 245 -19.92 -34.83 -32.07
N THR B 246 -20.14 -35.61 -31.01
CA THR B 246 -20.69 -35.07 -29.79
C THR B 246 -19.70 -34.10 -29.15
N ILE B 247 -20.15 -33.42 -28.10
CA ILE B 247 -19.37 -32.33 -27.53
C ILE B 247 -18.08 -32.84 -26.91
N ALA B 248 -18.12 -34.04 -26.33
CA ALA B 248 -16.96 -34.54 -25.60
C ALA B 248 -15.74 -34.70 -26.49
N GLU B 249 -15.90 -35.39 -27.62
CA GLU B 249 -14.75 -35.59 -28.51
C GLU B 249 -14.36 -34.31 -29.23
N GLU B 250 -15.32 -33.43 -29.50
CA GLU B 250 -14.99 -32.15 -30.11
C GLU B 250 -14.09 -31.34 -29.19
N ARG B 251 -14.40 -31.32 -27.89
CA ARG B 251 -13.49 -30.70 -26.93
C ARG B 251 -12.18 -31.47 -26.85
N ASP B 252 -12.24 -32.79 -26.91
CA ASP B 252 -11.02 -33.60 -26.92
C ASP B 252 -10.15 -33.26 -28.12
N LYS B 253 -10.75 -33.22 -29.31
CA LYS B 253 -9.99 -32.81 -30.49
C LYS B 253 -9.53 -31.36 -30.38
N ARG B 254 -10.26 -30.55 -29.63
CA ARG B 254 -9.83 -29.17 -29.40
C ARG B 254 -8.68 -29.12 -28.39
N LEU B 255 -8.74 -29.98 -27.38
CA LEU B 255 -7.63 -30.05 -26.44
C LEU B 255 -6.39 -30.64 -27.11
N ALA B 256 -6.59 -31.67 -27.94
CA ALA B 256 -5.48 -32.23 -28.69
C ALA B 256 -4.95 -31.24 -29.72
N ALA B 257 -5.83 -30.34 -30.20
CA ALA B 257 -5.42 -29.37 -31.21
C ALA B 257 -4.33 -28.44 -30.68
N LYS B 258 -4.50 -27.96 -29.45
CA LYS B 258 -3.54 -27.01 -28.91
C LYS B 258 -2.19 -27.66 -28.64
N GLN B 259 -2.19 -28.83 -27.98
CA GLN B 259 -0.94 -29.43 -27.52
C GLN B 259 -0.03 -29.79 -28.69
N SER B 260 -0.56 -30.53 -29.66
CA SER B 260 0.28 -30.98 -30.78
C SER B 260 0.85 -29.80 -31.57
N SER B 261 0.05 -28.75 -31.76
CA SER B 261 0.52 -27.54 -32.42
C SER B 261 1.50 -26.76 -31.57
N GLY B 262 1.38 -26.81 -30.24
CA GLY B 262 2.30 -26.10 -29.36
C GLY B 262 1.73 -25.74 -28.00
N GLY C 1 -68.56 -2.40 -50.04
CA GLY C 1 -69.26 -3.17 -51.06
C GLY C 1 -69.82 -4.46 -50.52
N ILE C 2 -70.39 -5.27 -51.40
CA ILE C 2 -70.92 -6.56 -50.99
C ILE C 2 -69.80 -7.39 -50.38
N SER C 3 -70.03 -7.86 -49.16
CA SER C 3 -68.99 -8.56 -48.42
C SER C 3 -69.30 -10.05 -48.35
N ARG C 4 -68.31 -10.85 -48.73
CA ARG C 4 -68.35 -12.29 -48.61
C ARG C 4 -67.83 -12.76 -47.26
N ASP C 5 -67.57 -11.83 -46.35
CA ASP C 5 -66.95 -12.13 -45.07
C ASP C 5 -67.79 -13.14 -44.28
N ASN C 6 -67.11 -13.83 -43.36
CA ASN C 6 -67.76 -14.73 -42.44
C ASN C 6 -67.98 -14.15 -41.05
N TRP C 7 -67.26 -13.09 -40.69
CA TRP C 7 -67.36 -12.55 -39.34
C TRP C 7 -68.61 -11.73 -39.12
N HIS C 8 -69.32 -11.36 -40.19
CA HIS C 8 -70.58 -10.66 -39.99
C HIS C 8 -71.68 -11.62 -39.53
N LYS C 9 -71.47 -12.92 -39.69
CA LYS C 9 -72.46 -13.90 -39.30
C LYS C 9 -72.45 -14.11 -37.79
N ARG C 10 -73.53 -14.68 -37.29
CA ARG C 10 -73.61 -15.04 -35.89
C ARG C 10 -72.78 -16.28 -35.62
N ARG C 11 -72.18 -16.34 -34.43
CA ARG C 11 -71.34 -17.47 -34.07
C ARG C 11 -72.17 -18.74 -33.95
N LYS C 12 -71.47 -19.88 -33.92
CA LYS C 12 -72.15 -21.17 -33.91
C LYS C 12 -73.04 -21.32 -32.69
N THR C 13 -72.55 -20.91 -31.52
CA THR C 13 -73.37 -20.98 -30.31
C THR C 13 -74.54 -20.03 -30.33
N GLY C 14 -74.57 -19.09 -31.29
CA GLY C 14 -75.61 -18.10 -31.34
C GLY C 14 -75.24 -16.74 -30.81
N GLY C 15 -74.05 -16.57 -30.26
CA GLY C 15 -73.58 -15.30 -29.77
C GLY C 15 -73.15 -14.41 -30.92
N LYS C 16 -73.12 -13.11 -30.66
CA LYS C 16 -72.69 -12.17 -31.68
C LYS C 16 -71.17 -12.07 -31.73
N ARG C 17 -70.63 -12.12 -32.94
CA ARG C 17 -69.22 -11.87 -33.20
C ARG C 17 -69.06 -10.43 -33.62
N LYS C 18 -67.99 -9.81 -33.19
CA LYS C 18 -67.83 -8.44 -33.63
C LYS C 18 -66.52 -8.27 -34.36
N PRO C 19 -66.47 -7.40 -35.37
CA PRO C 19 -65.30 -7.36 -36.26
C PRO C 19 -64.07 -6.83 -35.55
N TYR C 20 -62.91 -7.32 -35.98
CA TYR C 20 -61.64 -6.78 -35.53
C TYR C 20 -60.93 -5.98 -36.61
N HIS C 21 -61.49 -5.93 -37.81
CA HIS C 21 -60.89 -5.21 -38.93
C HIS C 21 -61.98 -4.76 -39.88
N LYS C 22 -61.69 -3.70 -40.62
CA LYS C 22 -62.60 -3.24 -41.65
C LYS C 22 -62.66 -4.26 -42.77
N LYS C 23 -63.56 -4.04 -43.73
CA LYS C 23 -63.68 -4.95 -44.86
C LYS C 23 -62.40 -4.93 -45.68
N ARG C 24 -62.05 -6.08 -46.24
CA ARG C 24 -60.89 -6.21 -47.11
C ARG C 24 -61.34 -6.47 -48.53
N LYS C 25 -60.44 -6.18 -49.48
CA LYS C 25 -60.76 -6.39 -50.88
C LYS C 25 -60.93 -7.87 -51.19
N TYR C 26 -60.13 -8.73 -50.57
CA TYR C 26 -60.11 -10.13 -50.97
C TYR C 26 -61.39 -10.87 -50.60
N GLU C 27 -62.28 -10.26 -49.83
CA GLU C 27 -63.58 -10.85 -49.51
C GLU C 27 -64.72 -9.99 -50.03
N LEU C 28 -64.57 -9.46 -51.24
CA LEU C 28 -65.61 -8.63 -51.82
C LEU C 28 -66.60 -9.49 -52.61
N GLY C 29 -67.78 -8.92 -52.83
CA GLY C 29 -68.76 -9.55 -53.71
C GLY C 29 -69.19 -8.57 -54.78
N ARG C 30 -69.79 -9.12 -55.82
CA ARG C 30 -70.20 -8.35 -56.98
C ARG C 30 -71.65 -8.63 -57.30
N PRO C 31 -72.36 -7.68 -57.92
CA PRO C 31 -73.77 -7.87 -58.21
C PRO C 31 -74.00 -9.01 -59.18
N ALA C 32 -75.17 -9.63 -59.07
CA ALA C 32 -75.50 -10.80 -59.86
C ALA C 32 -75.48 -10.48 -61.35
N ALA C 33 -75.05 -11.46 -62.14
CA ALA C 33 -75.03 -11.27 -63.59
C ALA C 33 -76.44 -11.13 -64.14
N ASN C 34 -77.34 -12.01 -63.72
CA ASN C 34 -78.74 -11.99 -64.16
C ASN C 34 -78.83 -12.06 -65.69
N THR C 35 -78.17 -13.05 -66.26
CA THR C 35 -78.11 -13.18 -67.72
C THR C 35 -79.51 -13.32 -68.30
N LYS C 36 -79.81 -12.52 -69.32
CA LYS C 36 -81.09 -12.58 -69.99
C LYS C 36 -80.93 -13.38 -71.28
N ILE C 37 -82.02 -13.54 -72.01
CA ILE C 37 -81.99 -14.17 -73.34
C ILE C 37 -82.21 -13.09 -74.38
N GLY C 38 -81.21 -12.89 -75.23
CA GLY C 38 -81.25 -11.85 -76.22
C GLY C 38 -79.93 -11.65 -76.92
N PRO C 39 -79.70 -10.46 -77.47
CA PRO C 39 -78.46 -10.20 -78.19
C PRO C 39 -77.24 -10.36 -77.29
N ARG C 40 -76.14 -10.82 -77.87
CA ARG C 40 -74.92 -11.04 -77.10
C ARG C 40 -74.44 -9.71 -76.51
N ARG C 41 -74.14 -9.74 -75.21
CA ARG C 41 -73.48 -8.63 -74.53
C ARG C 41 -72.63 -9.22 -73.42
N ILE C 42 -71.32 -9.14 -73.58
CA ILE C 42 -70.37 -9.71 -72.63
C ILE C 42 -69.52 -8.58 -72.05
N HIS C 43 -69.45 -8.52 -70.73
CA HIS C 43 -68.59 -7.58 -70.04
C HIS C 43 -67.50 -8.34 -69.31
N THR C 44 -66.33 -7.72 -69.24
CA THR C 44 -65.18 -8.31 -68.56
C THR C 44 -64.95 -7.55 -67.26
N VAL C 45 -64.72 -8.29 -66.19
CA VAL C 45 -64.39 -7.71 -64.89
C VAL C 45 -63.01 -8.22 -64.50
N ARG C 46 -62.16 -7.31 -64.04
CA ARG C 46 -60.87 -7.70 -63.53
C ARG C 46 -61.05 -8.33 -62.15
N VAL C 47 -60.36 -9.43 -61.91
CA VAL C 47 -60.51 -10.19 -60.68
C VAL C 47 -59.16 -10.29 -59.98
N ARG C 48 -59.14 -11.01 -58.87
CA ARG C 48 -57.91 -11.23 -58.13
C ARG C 48 -56.85 -11.84 -59.04
N GLY C 49 -55.63 -11.30 -58.96
CA GLY C 49 -54.55 -11.78 -59.79
C GLY C 49 -54.52 -11.20 -61.19
N GLY C 50 -55.32 -10.18 -61.48
CA GLY C 50 -55.33 -9.61 -62.81
C GLY C 50 -55.94 -10.47 -63.86
N ASN C 51 -56.53 -11.60 -63.48
CA ASN C 51 -57.21 -12.46 -64.43
C ASN C 51 -58.51 -11.81 -64.87
N LYS C 52 -59.23 -12.46 -65.78
CA LYS C 52 -60.44 -11.90 -66.36
C LYS C 52 -61.59 -12.89 -66.21
N LYS C 53 -62.75 -12.36 -65.81
CA LYS C 53 -63.97 -13.14 -65.69
C LYS C 53 -64.96 -12.68 -66.74
N TYR C 54 -65.37 -13.59 -67.61
CA TYR C 54 -66.27 -13.27 -68.71
C TYR C 54 -67.70 -13.33 -68.20
N ARG C 55 -68.31 -12.16 -68.03
CA ARG C 55 -69.64 -12.05 -67.47
C ARG C 55 -70.63 -11.68 -68.55
N ALA C 56 -71.66 -12.50 -68.71
CA ALA C 56 -72.69 -12.30 -69.72
C ALA C 56 -73.87 -11.54 -69.12
N LEU C 57 -74.63 -10.90 -70.00
CA LEU C 57 -75.83 -10.19 -69.59
C LEU C 57 -77.03 -10.71 -70.38
N ARG C 58 -76.77 -11.10 -71.63
CA ARG C 58 -77.84 -11.55 -72.52
C ARG C 58 -77.19 -12.47 -73.55
N LEU C 59 -77.68 -13.71 -73.64
CA LEU C 59 -77.12 -14.71 -74.54
C LEU C 59 -78.23 -15.27 -75.42
N ASP C 60 -77.86 -15.80 -76.57
CA ASP C 60 -78.81 -16.45 -77.48
C ASP C 60 -78.32 -17.75 -78.06
N VAL C 61 -77.05 -18.12 -77.87
CA VAL C 61 -76.47 -19.32 -78.47
C VAL C 61 -75.51 -19.98 -77.49
N GLY C 62 -75.05 -21.16 -77.87
CA GLY C 62 -74.06 -21.88 -77.08
C GLY C 62 -74.02 -23.34 -77.46
N ASN C 63 -72.96 -24.01 -76.99
CA ASN C 63 -72.80 -25.44 -77.22
C ASN C 63 -73.82 -26.23 -76.41
N PHE C 64 -74.38 -27.26 -77.04
CA PHE C 64 -75.21 -28.23 -76.34
C PHE C 64 -74.89 -29.62 -76.86
N SER C 65 -74.92 -30.60 -75.97
CA SER C 65 -74.54 -31.96 -76.29
C SER C 65 -75.78 -32.84 -76.36
N TRP C 66 -75.81 -33.76 -77.32
CA TRP C 66 -76.86 -34.76 -77.33
C TRP C 66 -76.66 -35.77 -76.21
N GLY C 67 -75.40 -36.01 -75.83
CA GLY C 67 -75.09 -36.92 -74.76
C GLY C 67 -74.96 -38.36 -75.20
N SER C 68 -76.04 -38.93 -75.72
CA SER C 68 -76.04 -40.34 -76.09
C SER C 68 -75.22 -40.63 -77.34
N GLU C 69 -75.11 -39.68 -78.26
CA GLU C 69 -74.44 -39.92 -79.53
C GLU C 69 -73.21 -39.05 -79.75
N CYS C 70 -72.78 -38.30 -78.75
CA CYS C 70 -71.58 -37.45 -78.85
C CYS C 70 -71.73 -36.43 -79.98
N CYS C 71 -72.80 -35.63 -79.89
CA CYS C 71 -73.09 -34.59 -80.87
C CYS C 71 -73.22 -33.26 -80.14
N THR C 72 -72.27 -32.36 -80.36
CA THR C 72 -72.31 -31.02 -79.81
C THR C 72 -72.40 -30.01 -80.95
N ARG C 73 -73.44 -29.19 -80.94
CA ARG C 73 -73.66 -28.18 -81.95
C ARG C 73 -73.87 -26.83 -81.29
N LYS C 74 -73.52 -25.76 -82.00
CA LYS C 74 -73.79 -24.39 -81.56
C LYS C 74 -75.24 -24.08 -81.91
N THR C 75 -76.11 -24.10 -80.92
CA THR C 75 -77.54 -23.99 -81.13
C THR C 75 -78.05 -22.69 -80.51
N ARG C 76 -79.23 -22.26 -80.94
CA ARG C 76 -79.77 -20.98 -80.50
C ARG C 76 -80.74 -21.16 -79.34
N ILE C 77 -80.54 -20.38 -78.28
CA ILE C 77 -81.43 -20.41 -77.13
C ILE C 77 -82.81 -19.96 -77.53
N ILE C 78 -83.83 -20.45 -76.83
CA ILE C 78 -85.20 -20.05 -77.12
C ILE C 78 -85.80 -19.34 -75.91
N ASP C 79 -85.92 -20.05 -74.80
CA ASP C 79 -86.47 -19.52 -73.55
C ASP C 79 -86.25 -20.55 -72.46
N VAL C 80 -86.56 -20.16 -71.22
CA VAL C 80 -86.37 -21.00 -70.05
C VAL C 80 -87.74 -21.42 -69.54
N VAL C 81 -87.90 -22.72 -69.27
CA VAL C 81 -89.18 -23.25 -68.85
C VAL C 81 -89.20 -23.66 -67.38
N TYR C 82 -88.09 -24.12 -66.83
CA TYR C 82 -88.06 -24.56 -65.44
C TYR C 82 -86.76 -24.12 -64.78
N ASN C 83 -86.86 -23.78 -63.50
CA ASN C 83 -85.70 -23.54 -62.65
C ASN C 83 -85.90 -24.30 -61.36
N ALA C 84 -84.84 -24.95 -60.90
CA ALA C 84 -84.91 -25.86 -59.76
C ALA C 84 -84.55 -25.19 -58.45
N SER C 85 -84.51 -23.87 -58.41
CA SER C 85 -84.22 -23.17 -57.16
C SER C 85 -85.35 -22.22 -56.81
N ASN C 86 -85.86 -21.53 -57.82
CA ASN C 86 -86.91 -20.53 -57.63
C ASN C 86 -87.55 -20.25 -58.98
N ASN C 87 -88.89 -20.13 -58.97
CA ASN C 87 -89.64 -19.95 -60.21
C ASN C 87 -89.69 -18.51 -60.68
N GLU C 88 -89.45 -17.53 -59.82
CA GLU C 88 -89.41 -16.15 -60.27
C GLU C 88 -88.28 -15.94 -61.26
N LEU C 89 -87.24 -16.78 -61.20
CA LEU C 89 -86.20 -16.73 -62.21
C LEU C 89 -86.75 -17.10 -63.57
N VAL C 90 -87.68 -18.06 -63.61
CA VAL C 90 -88.33 -18.43 -64.87
C VAL C 90 -89.17 -17.28 -65.40
N ARG C 91 -89.92 -16.61 -64.51
CA ARG C 91 -90.82 -15.54 -64.96
C ARG C 91 -90.04 -14.38 -65.56
N THR C 92 -88.90 -14.03 -64.99
CA THR C 92 -88.06 -13.00 -65.58
C THR C 92 -87.23 -13.51 -66.74
N LYS C 93 -87.25 -14.83 -67.00
CA LYS C 93 -86.57 -15.44 -68.14
C LYS C 93 -85.07 -15.15 -68.13
N THR C 94 -84.43 -15.56 -67.04
CA THR C 94 -82.98 -15.43 -66.92
C THR C 94 -82.36 -16.81 -67.00
N LEU C 95 -81.04 -16.83 -67.11
CA LEU C 95 -80.27 -18.05 -67.15
C LEU C 95 -79.29 -18.11 -65.98
N VAL C 96 -79.29 -19.24 -65.30
CA VAL C 96 -78.34 -19.54 -64.25
C VAL C 96 -77.75 -20.92 -64.55
N LYS C 97 -76.93 -21.43 -63.63
CA LYS C 97 -76.14 -22.62 -63.96
C LYS C 97 -77.02 -23.83 -64.27
N ASN C 98 -78.19 -23.92 -63.66
CA ASN C 98 -79.01 -25.13 -63.76
C ASN C 98 -80.44 -24.80 -64.13
N CYS C 99 -80.62 -23.95 -65.15
CA CYS C 99 -81.96 -23.75 -65.70
C CYS C 99 -82.32 -24.92 -66.60
N ILE C 100 -83.58 -24.97 -67.00
CA ILE C 100 -84.06 -25.94 -67.97
C ILE C 100 -84.56 -25.14 -69.16
N VAL C 101 -83.68 -24.95 -70.14
CA VAL C 101 -83.87 -23.95 -71.19
C VAL C 101 -84.41 -24.66 -72.43
N LEU C 102 -85.25 -23.96 -73.17
CA LEU C 102 -85.77 -24.49 -74.43
C LEU C 102 -84.78 -24.25 -75.55
N ILE C 103 -84.59 -25.25 -76.40
CA ILE C 103 -83.65 -25.19 -77.51
C ILE C 103 -84.35 -25.69 -78.77
N ASP C 104 -83.82 -25.28 -79.92
CA ASP C 104 -84.40 -25.72 -81.19
C ASP C 104 -83.70 -26.97 -81.69
N SER C 105 -84.36 -27.69 -82.59
CA SER C 105 -83.97 -29.05 -82.95
C SER C 105 -83.21 -29.15 -84.26
N THR C 106 -83.22 -28.11 -85.09
CA THR C 106 -82.71 -28.26 -86.45
C THR C 106 -81.25 -28.70 -86.54
N PRO C 107 -80.29 -28.14 -85.76
CA PRO C 107 -78.90 -28.59 -85.96
C PRO C 107 -78.70 -30.06 -85.68
N TYR C 108 -79.47 -30.63 -84.73
CA TYR C 108 -79.39 -32.06 -84.48
C TYR C 108 -80.13 -32.84 -85.55
N ARG C 109 -81.22 -32.29 -86.07
CA ARG C 109 -81.93 -32.93 -87.17
C ARG C 109 -81.03 -33.06 -88.39
N GLN C 110 -80.34 -31.98 -88.75
CA GLN C 110 -79.47 -32.01 -89.92
C GLN C 110 -78.33 -33.00 -89.74
N TRP C 111 -77.73 -33.03 -88.55
CA TRP C 111 -76.66 -34.00 -88.30
C TRP C 111 -77.21 -35.42 -88.31
N TYR C 112 -78.39 -35.62 -87.73
CA TYR C 112 -78.90 -36.97 -87.53
C TYR C 112 -79.27 -37.60 -88.88
N GLU C 113 -79.85 -36.81 -89.78
CA GLU C 113 -80.09 -37.31 -91.13
C GLU C 113 -78.78 -37.53 -91.87
N SER C 114 -77.78 -36.66 -91.64
CA SER C 114 -76.49 -36.86 -92.30
C SER C 114 -75.85 -38.16 -91.84
N HIS C 115 -75.95 -38.47 -90.55
CA HIS C 115 -75.29 -39.67 -90.04
C HIS C 115 -76.03 -40.95 -90.42
N TYR C 116 -77.35 -40.99 -90.25
CA TYR C 116 -78.08 -42.24 -90.46
C TYR C 116 -79.10 -42.19 -91.59
N ALA C 117 -79.46 -41.01 -92.09
CA ALA C 117 -80.38 -40.86 -93.22
C ALA C 117 -81.73 -41.52 -92.93
N LEU C 118 -82.36 -41.06 -91.85
CA LEU C 118 -83.70 -41.47 -91.48
C LEU C 118 -84.59 -40.25 -91.30
N PRO C 119 -85.85 -40.32 -91.74
CA PRO C 119 -86.77 -39.21 -91.53
C PRO C 119 -87.36 -39.20 -90.13
N LEU C 120 -86.90 -38.26 -89.30
CA LEU C 120 -87.44 -38.03 -87.97
C LEU C 120 -87.70 -36.54 -87.81
N GLY C 121 -88.71 -36.21 -87.00
CA GLY C 121 -89.25 -34.87 -87.00
C GLY C 121 -90.26 -34.62 -88.10
N ARG C 122 -90.53 -35.63 -88.91
CA ARG C 122 -91.44 -35.54 -90.04
C ARG C 122 -92.68 -36.37 -89.77
N LYS C 123 -93.78 -36.01 -90.42
CA LYS C 123 -95.07 -36.64 -90.15
C LYS C 123 -95.43 -37.69 -91.20
N LYS C 124 -95.47 -37.29 -92.47
CA LYS C 124 -95.80 -38.19 -93.56
C LYS C 124 -94.70 -38.35 -94.59
N GLY C 125 -93.66 -37.51 -94.54
CA GLY C 125 -92.54 -37.63 -95.46
C GLY C 125 -92.84 -37.00 -96.82
N ALA C 126 -91.83 -37.05 -97.68
CA ALA C 126 -91.91 -36.57 -99.06
C ALA C 126 -92.30 -35.09 -99.13
N LYS C 127 -91.98 -34.35 -98.06
CA LYS C 127 -92.29 -32.94 -97.99
C LYS C 127 -91.07 -32.04 -97.91
N LEU C 128 -89.87 -32.60 -97.96
CA LEU C 128 -88.64 -31.83 -98.09
C LEU C 128 -87.86 -32.33 -99.29
N THR C 129 -88.54 -32.45 -100.42
CA THR C 129 -87.94 -33.00 -101.64
C THR C 129 -86.63 -32.35 -102.07
N PRO C 130 -86.44 -31.02 -102.01
CA PRO C 130 -85.19 -30.44 -102.55
C PRO C 130 -83.91 -31.06 -102.00
N GLU C 131 -83.97 -31.80 -100.89
CA GLU C 131 -82.78 -32.49 -100.42
C GLU C 131 -83.01 -33.92 -99.95
N GLU C 132 -84.25 -34.34 -99.69
CA GLU C 132 -84.46 -35.60 -98.97
C GLU C 132 -84.07 -36.82 -99.82
N GLU C 133 -84.43 -36.83 -101.11
CA GLU C 133 -84.19 -38.05 -101.89
C GLU C 133 -82.71 -38.34 -102.05
N GLU C 134 -81.89 -37.32 -102.30
CA GLU C 134 -80.47 -37.59 -102.47
C GLU C 134 -79.80 -38.01 -101.17
N ILE C 135 -80.19 -37.43 -100.03
CA ILE C 135 -79.63 -37.90 -98.77
C ILE C 135 -80.15 -39.28 -98.39
N LEU C 136 -81.22 -39.74 -99.03
CA LEU C 136 -81.72 -41.10 -98.87
C LEU C 136 -81.13 -42.06 -99.90
N ASN C 137 -81.21 -41.70 -101.19
CA ASN C 137 -80.70 -42.58 -102.24
C ASN C 137 -79.18 -42.50 -102.33
N LYS C 138 -78.66 -41.31 -102.64
CA LYS C 138 -77.24 -40.94 -102.70
C LYS C 138 -76.41 -41.81 -103.63
N LYS C 139 -77.05 -42.72 -104.38
CA LYS C 139 -76.39 -43.58 -105.36
C LYS C 139 -75.04 -44.08 -104.82
N ARG C 140 -75.10 -44.86 -103.75
CA ARG C 140 -73.87 -45.36 -103.18
C ARG C 140 -73.83 -46.88 -103.19
N SER C 141 -72.61 -47.41 -103.23
CA SER C 141 -72.41 -48.84 -103.43
C SER C 141 -72.97 -49.63 -102.27
N LYS C 142 -73.06 -50.95 -102.47
CA LYS C 142 -73.52 -51.83 -101.41
C LYS C 142 -72.64 -51.71 -100.18
N LYS C 143 -71.34 -51.51 -100.36
CA LYS C 143 -70.45 -51.32 -99.22
C LYS C 143 -70.85 -50.09 -98.41
N ILE C 144 -71.04 -48.95 -99.09
CA ILE C 144 -71.43 -47.73 -98.39
C ILE C 144 -72.85 -47.86 -97.86
N GLN C 145 -73.75 -48.45 -98.64
CA GLN C 145 -75.10 -48.69 -98.14
C GLN C 145 -75.09 -49.63 -96.94
N LYS C 146 -74.45 -50.80 -97.08
CA LYS C 146 -74.52 -51.80 -96.01
C LYS C 146 -74.08 -51.22 -94.67
N LYS C 147 -73.10 -50.32 -94.69
CA LYS C 147 -72.76 -49.56 -93.49
C LYS C 147 -73.94 -48.70 -93.05
N TYR C 148 -74.62 -48.06 -93.99
CA TYR C 148 -75.80 -47.26 -93.65
C TYR C 148 -76.92 -48.13 -93.09
N ASP C 149 -77.21 -49.28 -93.71
CA ASP C 149 -78.16 -50.18 -93.09
C ASP C 149 -77.65 -50.68 -91.74
N GLU C 150 -76.37 -51.03 -91.66
CA GLU C 150 -75.82 -51.41 -90.37
C GLU C 150 -75.91 -50.27 -89.36
N ARG C 151 -75.86 -49.03 -89.83
CA ARG C 151 -76.01 -47.90 -88.91
C ARG C 151 -77.48 -47.68 -88.52
N LYS C 152 -78.41 -47.84 -89.47
CA LYS C 152 -79.81 -47.64 -89.11
C LYS C 152 -80.35 -48.78 -88.26
N LYS C 153 -79.69 -49.95 -88.28
CA LYS C 153 -80.01 -50.97 -87.29
C LYS C 153 -79.70 -50.47 -85.89
N ASN C 154 -78.84 -49.46 -85.78
CA ASN C 154 -78.46 -48.86 -84.51
C ASN C 154 -79.02 -47.45 -84.33
N ALA C 155 -79.96 -47.01 -85.17
CA ALA C 155 -80.38 -45.62 -85.24
C ALA C 155 -81.69 -45.34 -84.53
N LYS C 156 -82.25 -46.31 -83.82
CA LYS C 156 -83.49 -46.06 -83.10
C LYS C 156 -83.26 -45.04 -82.00
N ILE C 157 -84.28 -44.24 -81.75
CA ILE C 157 -84.20 -43.11 -80.84
C ILE C 157 -85.39 -43.17 -79.89
N SER C 158 -85.16 -42.70 -78.66
CA SER C 158 -86.17 -42.81 -77.61
C SER C 158 -87.47 -42.17 -78.04
N SER C 159 -88.58 -42.81 -77.67
CA SER C 159 -89.89 -42.35 -78.12
C SER C 159 -90.18 -40.94 -77.63
N LEU C 160 -89.75 -40.62 -76.41
CA LEU C 160 -90.09 -39.32 -75.84
C LEU C 160 -89.27 -38.21 -76.49
N LEU C 161 -88.03 -38.51 -76.89
CA LEU C 161 -87.24 -37.53 -77.62
C LEU C 161 -87.72 -37.40 -79.06
N GLU C 162 -88.22 -38.49 -79.63
CA GLU C 162 -88.81 -38.42 -80.97
C GLU C 162 -89.94 -37.39 -81.01
N GLU C 163 -90.86 -37.48 -80.06
CA GLU C 163 -92.04 -36.63 -80.08
C GLU C 163 -91.67 -35.15 -79.94
N GLN C 164 -90.61 -34.87 -79.16
CA GLN C 164 -90.16 -33.49 -79.03
C GLN C 164 -89.63 -32.95 -80.35
N PHE C 165 -88.93 -33.79 -81.12
CA PHE C 165 -88.35 -33.36 -82.39
C PHE C 165 -89.43 -32.87 -83.35
N GLN C 166 -90.51 -33.64 -83.51
CA GLN C 166 -91.57 -33.24 -84.42
C GLN C 166 -92.20 -31.92 -83.99
N GLN C 167 -92.19 -31.64 -82.68
CA GLN C 167 -92.67 -30.35 -82.20
C GLN C 167 -91.68 -29.24 -82.55
N GLY C 168 -90.47 -29.60 -82.96
CA GLY C 168 -89.51 -28.64 -83.47
C GLY C 168 -88.55 -28.08 -82.44
N LYS C 169 -88.87 -28.16 -81.16
CA LYS C 169 -88.02 -27.61 -80.11
C LYS C 169 -87.70 -28.70 -79.09
N LEU C 170 -86.51 -28.63 -78.52
CA LEU C 170 -86.05 -29.60 -77.54
C LEU C 170 -85.76 -28.92 -76.22
N LEU C 171 -85.75 -29.73 -75.17
CA LEU C 171 -85.56 -29.27 -73.80
C LEU C 171 -84.14 -29.60 -73.36
N ALA C 172 -83.45 -28.60 -72.82
CA ALA C 172 -82.06 -28.77 -72.44
C ALA C 172 -81.82 -28.14 -71.08
N CYS C 173 -80.98 -28.79 -70.29
CA CYS C 173 -80.53 -28.29 -69.00
C CYS C 173 -79.16 -27.66 -69.20
N ILE C 174 -79.06 -26.37 -68.91
CA ILE C 174 -77.80 -25.67 -69.06
C ILE C 174 -76.81 -26.17 -68.02
N ALA C 175 -75.52 -26.13 -68.38
CA ALA C 175 -74.50 -26.70 -67.52
C ALA C 175 -73.34 -25.78 -67.22
N SER C 176 -73.13 -24.71 -67.99
CA SER C 176 -72.05 -23.79 -67.73
C SER C 176 -72.43 -22.85 -66.59
N ARG C 177 -71.63 -21.80 -66.45
CA ARG C 177 -71.84 -20.84 -65.38
C ARG C 177 -71.93 -19.44 -65.99
N PRO C 178 -73.06 -19.09 -66.59
CA PRO C 178 -73.19 -17.75 -67.17
C PRO C 178 -72.99 -16.69 -66.09
N GLY C 179 -72.25 -15.65 -66.46
CA GLY C 179 -71.80 -14.67 -65.51
C GLY C 179 -70.41 -14.90 -64.97
N GLN C 180 -69.85 -16.10 -65.17
CA GLN C 180 -68.45 -16.35 -64.91
C GLN C 180 -67.72 -16.82 -66.18
N CYS C 181 -68.31 -17.76 -66.92
CA CYS C 181 -67.74 -18.15 -68.19
C CYS C 181 -68.29 -17.30 -69.33
N GLY C 182 -69.42 -16.64 -69.12
CA GLY C 182 -70.01 -15.81 -70.16
C GLY C 182 -70.53 -16.61 -71.33
N ARG C 183 -70.62 -17.93 -71.18
CA ARG C 183 -71.06 -18.79 -72.27
C ARG C 183 -72.11 -19.75 -71.73
N ALA C 184 -73.11 -20.03 -72.56
CA ALA C 184 -74.24 -20.87 -72.19
C ALA C 184 -74.05 -22.26 -72.80
N ASP C 185 -73.57 -23.20 -71.98
CA ASP C 185 -73.37 -24.57 -72.39
C ASP C 185 -74.32 -25.47 -71.63
N GLY C 186 -74.95 -26.41 -72.33
CA GLY C 186 -75.90 -27.29 -71.71
C GLY C 186 -75.92 -28.65 -72.38
N TYR C 187 -76.86 -29.48 -71.96
CA TYR C 187 -77.10 -30.79 -72.55
C TYR C 187 -78.60 -31.02 -72.68
N VAL C 188 -78.98 -31.81 -73.68
CA VAL C 188 -80.40 -32.11 -73.85
C VAL C 188 -80.83 -33.14 -72.82
N LEU C 189 -82.01 -32.93 -72.25
CA LEU C 189 -82.53 -33.83 -71.23
C LEU C 189 -83.00 -35.12 -71.88
N GLU C 190 -82.55 -36.26 -71.35
CA GLU C 190 -82.91 -37.55 -71.90
C GLU C 190 -83.32 -38.50 -70.79
N GLY C 191 -84.17 -39.45 -71.12
CA GLY C 191 -84.50 -40.55 -70.24
C GLY C 191 -85.15 -40.11 -68.94
N LYS C 192 -84.88 -40.89 -67.90
CA LYS C 192 -85.55 -40.73 -66.61
C LYS C 192 -85.39 -39.31 -66.07
N GLU C 193 -84.24 -38.68 -66.29
CA GLU C 193 -84.08 -37.29 -65.92
C GLU C 193 -85.04 -36.41 -66.71
N LEU C 194 -85.14 -36.65 -68.01
CA LEU C 194 -86.05 -35.88 -68.85
C LEU C 194 -87.50 -36.13 -68.45
N GLU C 195 -87.84 -37.39 -68.15
CA GLU C 195 -89.19 -37.68 -67.67
C GLU C 195 -89.48 -36.92 -66.39
N PHE C 196 -88.49 -36.83 -65.50
CA PHE C 196 -88.67 -36.13 -64.24
C PHE C 196 -89.00 -34.67 -64.45
N TYR C 197 -88.31 -34.02 -65.40
CA TYR C 197 -88.50 -32.59 -65.56
C TYR C 197 -89.85 -32.26 -66.18
N LEU C 198 -90.24 -33.00 -67.22
CA LEU C 198 -91.56 -32.77 -67.78
C LEU C 198 -92.65 -33.14 -66.78
N ARG C 199 -92.46 -34.22 -66.01
CA ARG C 199 -93.38 -34.52 -64.94
C ARG C 199 -93.40 -33.39 -63.91
N LYS C 200 -92.25 -32.80 -63.63
CA LYS C 200 -92.21 -31.64 -62.75
C LYS C 200 -92.94 -30.45 -63.37
N ILE C 201 -92.77 -30.27 -64.69
CA ILE C 201 -93.55 -29.25 -65.39
C ILE C 201 -95.03 -29.60 -65.38
N LYS C 202 -95.36 -30.86 -65.71
CA LYS C 202 -96.76 -31.26 -65.78
C LYS C 202 -97.40 -31.27 -64.39
N ALA C 203 -96.65 -31.60 -63.34
CA ALA C 203 -97.22 -31.57 -62.00
C ALA C 203 -97.63 -30.15 -61.61
N ARG C 204 -96.79 -29.16 -61.92
CA ARG C 204 -97.16 -27.77 -61.65
C ARG C 204 -98.29 -27.32 -62.57
N LYS C 205 -98.27 -27.75 -63.83
CA LYS C 205 -99.32 -27.37 -64.78
C LYS C 205 -99.70 -28.61 -65.59
N GLY C 206 -100.90 -29.12 -65.36
CA GLY C 206 -101.39 -30.28 -66.07
C GLY C 206 -102.86 -30.16 -66.45
N ALA D 1 -89.51 -45.23 -50.84
CA ALA D 1 -89.77 -44.45 -52.05
C ALA D 1 -88.47 -44.08 -52.75
N ASP D 2 -88.59 -43.51 -53.95
CA ASP D 2 -87.43 -43.09 -54.69
C ASP D 2 -86.80 -41.87 -54.04
N ILE D 3 -85.51 -41.67 -54.33
CA ILE D 3 -84.75 -40.59 -53.71
C ILE D 3 -85.02 -39.24 -54.36
N GLN D 4 -85.86 -39.22 -55.38
CA GLN D 4 -86.14 -37.98 -56.11
C GLN D 4 -87.22 -37.20 -55.37
N THR D 5 -86.79 -36.26 -54.53
CA THR D 5 -87.70 -35.51 -53.68
C THR D 5 -87.60 -34.01 -53.89
N GLU D 6 -86.42 -33.48 -54.18
CA GLU D 6 -86.25 -32.06 -54.35
C GLU D 6 -86.69 -31.63 -55.75
N ARG D 7 -86.38 -30.38 -56.10
CA ARG D 7 -86.85 -29.84 -57.38
C ARG D 7 -85.85 -30.02 -58.51
N ALA D 8 -84.67 -30.55 -58.24
CA ALA D 8 -83.68 -30.81 -59.27
C ALA D 8 -83.41 -32.32 -59.33
N TYR D 9 -83.05 -32.81 -60.51
CA TYR D 9 -82.65 -34.20 -60.62
C TYR D 9 -81.36 -34.43 -59.86
N GLN D 10 -81.34 -35.46 -59.03
CA GLN D 10 -80.16 -35.81 -58.24
C GLN D 10 -79.52 -37.05 -58.84
N LYS D 11 -78.38 -36.85 -59.50
CA LYS D 11 -77.59 -37.93 -60.06
C LYS D 11 -76.12 -37.65 -59.78
N GLN D 12 -75.34 -38.70 -59.75
CA GLN D 12 -73.90 -38.53 -59.59
C GLN D 12 -73.32 -37.94 -60.86
N PRO D 13 -72.64 -36.80 -60.81
CA PRO D 13 -72.21 -36.14 -62.05
C PRO D 13 -71.37 -37.02 -62.95
N THR D 14 -70.57 -37.92 -62.40
CA THR D 14 -69.64 -38.69 -63.21
C THR D 14 -70.35 -39.74 -64.06
N ILE D 15 -71.45 -40.30 -63.57
CA ILE D 15 -72.09 -41.41 -64.25
C ILE D 15 -73.15 -40.88 -65.21
N PHE D 16 -73.37 -41.63 -66.28
CA PHE D 16 -74.36 -41.30 -67.30
C PHE D 16 -75.26 -42.50 -67.52
N GLN D 17 -76.55 -42.25 -67.70
CA GLN D 17 -77.54 -43.33 -67.78
C GLN D 17 -77.84 -43.76 -69.22
N ASN D 18 -78.25 -42.84 -70.09
CA ASN D 18 -78.80 -43.21 -71.39
C ASN D 18 -77.67 -43.56 -72.37
N LYS D 19 -77.16 -44.79 -72.24
CA LYS D 19 -76.06 -45.19 -73.09
C LYS D 19 -76.59 -45.64 -74.46
N LYS D 20 -77.42 -44.80 -75.08
CA LYS D 20 -77.97 -45.04 -76.41
C LYS D 20 -78.52 -46.46 -76.53
N ARG D 21 -79.52 -46.75 -75.71
CA ARG D 21 -80.00 -48.12 -75.54
C ARG D 21 -80.57 -48.64 -76.85
N VAL D 22 -79.88 -49.62 -77.44
CA VAL D 22 -80.32 -50.29 -78.65
C VAL D 22 -81.16 -51.50 -78.25
N LEU D 23 -81.96 -52.00 -79.20
CA LEU D 23 -82.78 -53.18 -78.94
C LEU D 23 -81.95 -54.39 -78.56
N LEU D 24 -80.66 -54.41 -78.90
CA LEU D 24 -79.78 -55.43 -78.37
C LEU D 24 -79.71 -55.36 -76.85
N GLY D 25 -79.86 -54.17 -76.28
CA GLY D 25 -80.09 -54.06 -74.86
C GLY D 25 -81.49 -54.53 -74.50
N GLU D 26 -81.63 -55.11 -73.32
CA GLU D 26 -82.89 -55.70 -72.92
C GLU D 26 -83.89 -54.62 -72.49
N THR D 27 -85.16 -55.03 -72.43
CA THR D 27 -86.27 -54.19 -71.99
C THR D 27 -87.15 -54.93 -71.00
N GLY D 28 -86.57 -55.47 -69.92
CA GLY D 28 -85.22 -55.23 -69.45
C GLY D 28 -84.53 -56.40 -68.78
N LYS D 29 -83.89 -56.12 -67.65
CA LYS D 29 -83.95 -54.78 -67.08
C LYS D 29 -82.58 -54.10 -67.06
N GLU D 30 -82.56 -52.83 -67.46
CA GLU D 30 -81.36 -52.03 -67.41
C GLU D 30 -81.00 -51.72 -65.96
N LYS D 31 -79.73 -51.84 -65.62
CA LYS D 31 -79.22 -51.47 -64.30
C LYS D 31 -78.15 -50.41 -64.47
N LEU D 32 -78.32 -49.30 -63.75
CA LEU D 32 -77.38 -48.19 -63.86
C LEU D 32 -76.20 -48.40 -62.90
N PRO D 33 -74.98 -48.10 -63.35
CA PRO D 33 -73.82 -48.26 -62.49
C PRO D 33 -73.86 -47.32 -61.30
N ARG D 34 -73.26 -47.77 -60.20
CA ARG D 34 -73.26 -47.02 -58.95
C ARG D 34 -71.82 -46.63 -58.65
N TYR D 35 -71.50 -45.35 -58.86
CA TYR D 35 -70.14 -44.87 -58.66
C TYR D 35 -69.78 -44.89 -57.17
N TYR D 36 -68.57 -45.36 -56.89
CA TYR D 36 -68.05 -45.36 -55.53
C TYR D 36 -66.55 -45.14 -55.59
N LYS D 37 -65.98 -44.71 -54.47
CA LYS D 37 -64.55 -44.58 -54.32
C LYS D 37 -64.16 -45.07 -52.94
N ASN D 38 -62.89 -45.41 -52.78
CA ASN D 38 -62.39 -45.78 -51.46
C ASN D 38 -61.41 -44.74 -50.95
N ILE D 39 -61.23 -44.72 -49.63
CA ILE D 39 -60.39 -43.73 -48.96
C ILE D 39 -59.27 -44.49 -48.26
N GLY D 40 -58.14 -43.82 -48.08
CA GLY D 40 -56.97 -44.46 -47.50
C GLY D 40 -57.13 -44.83 -46.05
N LEU D 41 -56.00 -45.07 -45.37
CA LEU D 41 -55.99 -45.51 -43.97
C LEU D 41 -56.83 -46.76 -43.77
N GLY D 42 -56.93 -47.59 -44.80
CA GLY D 42 -57.62 -48.86 -44.69
C GLY D 42 -59.08 -48.74 -44.35
N PHE D 43 -59.74 -47.69 -44.82
CA PHE D 43 -61.13 -47.46 -44.50
C PHE D 43 -62.00 -48.24 -45.47
N LYS D 44 -62.59 -49.34 -44.99
CA LYS D 44 -63.39 -50.19 -45.84
C LYS D 44 -64.66 -49.46 -46.27
N THR D 45 -64.91 -49.44 -47.57
CA THR D 45 -66.15 -48.86 -48.09
C THR D 45 -67.29 -49.82 -47.81
N PRO D 46 -68.28 -49.44 -47.02
CA PRO D 46 -69.37 -50.37 -46.69
C PRO D 46 -70.14 -50.80 -47.93
N LYS D 47 -70.56 -52.07 -47.91
CA LYS D 47 -71.32 -52.61 -49.03
C LYS D 47 -72.60 -51.83 -49.27
N GLU D 48 -73.16 -51.23 -48.22
CA GLU D 48 -74.30 -50.34 -48.41
C GLU D 48 -73.92 -49.16 -49.30
N ALA D 49 -72.75 -48.57 -49.05
CA ALA D 49 -72.28 -47.50 -49.93
C ALA D 49 -71.94 -48.03 -51.32
N ILE D 50 -71.40 -49.26 -51.38
CA ILE D 50 -71.03 -49.85 -52.67
C ILE D 50 -72.26 -50.00 -53.55
N GLU D 51 -73.33 -50.55 -53.00
CA GLU D 51 -74.50 -50.93 -53.78
C GLU D 51 -75.77 -50.30 -53.24
N GLY D 52 -75.67 -49.08 -52.72
CA GLY D 52 -76.84 -48.36 -52.31
C GLY D 52 -77.54 -47.69 -53.47
N THR D 53 -78.73 -47.17 -53.19
CA THR D 53 -79.51 -46.44 -54.18
C THR D 53 -79.58 -44.95 -53.89
N TYR D 54 -79.17 -44.51 -52.71
CA TYR D 54 -79.31 -43.12 -52.29
C TYR D 54 -78.47 -42.22 -53.18
N ILE D 55 -78.59 -40.91 -52.94
CA ILE D 55 -77.76 -39.91 -53.60
C ILE D 55 -77.47 -38.79 -52.61
N ASP D 56 -76.21 -38.40 -52.53
CA ASP D 56 -75.77 -37.36 -51.61
C ASP D 56 -74.38 -36.93 -52.05
N LYS D 57 -74.19 -35.64 -52.29
CA LYS D 57 -72.92 -35.19 -52.84
C LYS D 57 -71.88 -34.92 -51.76
N LYS D 58 -72.23 -35.07 -50.49
CA LYS D 58 -71.26 -34.94 -49.41
C LYS D 58 -70.88 -36.28 -48.80
N CYS D 59 -71.34 -37.38 -49.37
CA CYS D 59 -70.91 -38.70 -48.92
C CYS D 59 -69.42 -38.88 -49.19
N PRO D 60 -68.66 -39.46 -48.26
CA PRO D 60 -67.23 -39.65 -48.50
C PRO D 60 -66.94 -40.63 -49.62
N PHE D 61 -67.82 -41.59 -49.87
CA PHE D 61 -67.60 -42.60 -50.88
C PHE D 61 -68.24 -42.26 -52.21
N THR D 62 -69.40 -41.60 -52.20
CA THR D 62 -70.16 -41.32 -53.41
C THR D 62 -70.37 -39.83 -53.62
N GLY D 63 -69.32 -39.04 -53.38
CA GLY D 63 -69.39 -37.61 -53.59
C GLY D 63 -68.01 -37.02 -53.72
N ASN D 64 -67.95 -35.84 -54.32
CA ASN D 64 -66.66 -35.18 -54.59
C ASN D 64 -66.17 -34.49 -53.33
N VAL D 65 -65.85 -35.31 -52.32
CA VAL D 65 -65.29 -34.85 -51.07
C VAL D 65 -64.04 -35.66 -50.77
N SER D 66 -62.90 -34.98 -50.70
CA SER D 66 -61.63 -35.61 -50.38
C SER D 66 -61.43 -35.58 -48.87
N ILE D 67 -60.81 -36.62 -48.34
CA ILE D 67 -60.60 -36.77 -46.91
C ILE D 67 -59.12 -36.65 -46.61
N ARG D 68 -58.75 -35.61 -45.89
CA ARG D 68 -57.35 -35.34 -45.59
C ARG D 68 -57.26 -34.52 -44.32
N GLY D 69 -56.19 -34.73 -43.56
CA GLY D 69 -55.96 -33.92 -42.38
C GLY D 69 -56.00 -34.69 -41.07
N ARG D 70 -56.98 -34.37 -40.24
CA ARG D 70 -57.06 -34.90 -38.88
C ARG D 70 -58.18 -35.92 -38.77
N ILE D 71 -57.83 -37.13 -38.35
CA ILE D 71 -58.80 -38.19 -38.11
C ILE D 71 -59.02 -38.30 -36.60
N LEU D 72 -60.28 -38.24 -36.19
CA LEU D 72 -60.59 -38.22 -34.77
C LEU D 72 -61.96 -38.83 -34.54
N SER D 73 -62.12 -39.42 -33.35
CA SER D 73 -63.33 -40.13 -32.99
C SER D 73 -64.25 -39.27 -32.15
N GLY D 74 -65.47 -39.76 -31.93
CA GLY D 74 -66.45 -39.05 -31.13
C GLY D 74 -67.61 -39.93 -30.77
N VAL D 75 -68.51 -39.39 -29.94
CA VAL D 75 -69.72 -40.08 -29.53
C VAL D 75 -70.92 -39.26 -29.96
N VAL D 76 -71.85 -39.88 -30.70
CA VAL D 76 -73.02 -39.17 -31.19
C VAL D 76 -73.89 -38.71 -30.02
N THR D 77 -74.57 -37.59 -30.22
CA THR D 77 -75.46 -37.04 -29.21
C THR D 77 -76.91 -36.91 -29.68
N LYS D 78 -77.13 -36.32 -30.86
CA LYS D 78 -78.48 -36.06 -31.34
C LYS D 78 -78.62 -36.59 -32.75
N MET D 79 -79.51 -37.57 -32.95
CA MET D 79 -79.76 -38.15 -34.26
C MET D 79 -80.70 -37.30 -35.10
N LYS D 80 -81.08 -36.13 -34.61
CA LYS D 80 -81.87 -35.15 -35.35
C LYS D 80 -80.89 -34.43 -36.27
N MET D 81 -81.22 -33.25 -36.79
CA MET D 81 -80.27 -32.49 -37.61
C MET D 81 -79.95 -33.26 -38.90
N GLN D 82 -80.97 -33.35 -39.74
CA GLN D 82 -81.01 -34.23 -40.91
C GLN D 82 -79.70 -34.20 -41.72
N ARG D 83 -79.35 -35.38 -42.23
CA ARG D 83 -78.26 -35.60 -43.18
C ARG D 83 -76.89 -35.34 -42.56
N THR D 84 -76.86 -34.85 -41.33
CA THR D 84 -75.63 -34.66 -40.58
C THR D 84 -75.84 -35.27 -39.21
N ILE D 85 -74.84 -35.18 -38.31
CA ILE D 85 -75.03 -35.70 -36.97
C ILE D 85 -74.11 -34.91 -36.05
N VAL D 86 -74.47 -34.85 -34.78
CA VAL D 86 -73.73 -34.09 -33.78
C VAL D 86 -73.04 -35.07 -32.85
N ILE D 87 -71.71 -35.00 -32.80
CA ILE D 87 -70.92 -35.89 -31.95
C ILE D 87 -70.31 -35.07 -30.84
N ARG D 88 -70.48 -35.55 -29.61
CA ARG D 88 -69.88 -34.94 -28.44
C ARG D 88 -68.68 -35.78 -28.03
N ARG D 89 -67.52 -35.14 -27.93
CA ARG D 89 -66.31 -35.83 -27.48
C ARG D 89 -65.67 -35.03 -26.37
N ASP D 90 -65.18 -35.73 -25.36
CA ASP D 90 -64.66 -35.13 -24.14
C ASP D 90 -63.20 -35.49 -24.01
N TYR D 91 -62.39 -34.52 -23.60
CA TYR D 91 -60.97 -34.72 -23.41
C TYR D 91 -60.61 -34.49 -21.94
N LEU D 92 -59.32 -34.44 -21.67
CA LEU D 92 -58.78 -34.37 -20.33
C LEU D 92 -57.76 -33.25 -20.30
N HIS D 93 -58.19 -32.07 -19.87
CA HIS D 93 -57.31 -30.91 -19.82
C HIS D 93 -56.48 -30.92 -18.54
N TYR D 94 -55.23 -30.52 -18.64
CA TYR D 94 -54.30 -30.53 -17.52
C TYR D 94 -54.03 -29.10 -17.06
N ILE D 95 -54.31 -28.85 -15.78
CA ILE D 95 -54.08 -27.54 -15.17
C ILE D 95 -52.78 -27.63 -14.39
N ARG D 96 -51.77 -26.88 -14.84
CA ARG D 96 -50.43 -27.05 -14.30
C ARG D 96 -50.37 -26.68 -12.82
N LYS D 97 -51.08 -25.62 -12.42
CA LYS D 97 -51.01 -25.15 -11.04
C LYS D 97 -51.44 -26.22 -10.06
N TYR D 98 -52.53 -26.91 -10.35
CA TYR D 98 -53.06 -27.91 -9.44
C TYR D 98 -52.62 -29.32 -9.77
N ASN D 99 -51.78 -29.51 -10.78
CA ASN D 99 -51.27 -30.84 -11.16
C ASN D 99 -52.40 -31.81 -11.46
N ARG D 100 -53.61 -31.29 -11.64
CA ARG D 100 -54.81 -32.09 -11.73
C ARG D 100 -55.48 -31.87 -13.08
N PHE D 101 -56.47 -32.69 -13.37
CA PHE D 101 -57.10 -32.70 -14.67
C PHE D 101 -58.48 -32.07 -14.60
N GLU D 102 -58.96 -31.62 -15.75
CA GLU D 102 -60.31 -31.09 -15.89
C GLU D 102 -60.86 -31.55 -17.22
N LYS D 103 -62.04 -32.15 -17.20
CA LYS D 103 -62.63 -32.74 -18.40
C LYS D 103 -63.57 -31.74 -19.05
N ARG D 104 -63.12 -31.15 -20.16
CA ARG D 104 -63.92 -30.23 -20.95
C ARG D 104 -64.43 -30.96 -22.18
N HIS D 105 -65.72 -30.86 -22.44
CA HIS D 105 -66.30 -31.43 -23.64
C HIS D 105 -66.40 -30.38 -24.73
N LYS D 106 -66.21 -30.81 -25.97
CA LYS D 106 -66.49 -30.00 -27.15
C LYS D 106 -67.22 -30.89 -28.14
N ASN D 107 -68.34 -30.40 -28.66
CA ASN D 107 -69.13 -31.15 -29.64
C ASN D 107 -69.09 -30.44 -30.98
N MET D 108 -69.02 -31.22 -32.04
CA MET D 108 -68.99 -30.69 -33.39
C MET D 108 -70.03 -31.40 -34.24
N SER D 109 -70.77 -30.63 -35.04
CA SER D 109 -71.67 -31.24 -36.00
C SER D 109 -70.86 -31.89 -37.11
N VAL D 110 -71.40 -32.95 -37.69
CA VAL D 110 -70.68 -33.71 -38.70
C VAL D 110 -71.68 -34.30 -39.67
N HIS D 111 -71.36 -34.21 -40.96
CA HIS D 111 -72.22 -34.76 -41.98
C HIS D 111 -72.11 -36.28 -42.00
N LEU D 112 -73.26 -36.95 -42.07
CA LEU D 112 -73.33 -38.40 -42.07
C LEU D 112 -74.03 -38.85 -43.33
N SER D 113 -73.33 -39.59 -44.17
CA SER D 113 -73.94 -40.09 -45.39
C SER D 113 -75.07 -41.05 -45.04
N PRO D 114 -76.14 -41.10 -45.84
CA PRO D 114 -77.23 -42.05 -45.54
C PRO D 114 -76.80 -43.51 -45.67
N CYS D 115 -75.54 -43.78 -46.03
CA CYS D 115 -75.07 -45.16 -46.07
C CYS D 115 -75.07 -45.77 -44.67
N PHE D 116 -74.65 -45.00 -43.67
CA PHE D 116 -74.66 -45.48 -42.29
C PHE D 116 -76.07 -45.32 -41.75
N ARG D 117 -76.80 -46.44 -41.73
CA ARG D 117 -78.22 -46.41 -41.40
C ARG D 117 -78.47 -46.74 -39.94
N ASP D 118 -77.85 -47.82 -39.46
CA ASP D 118 -78.06 -48.28 -38.09
C ASP D 118 -77.21 -47.41 -37.18
N VAL D 119 -77.76 -46.30 -36.73
CA VAL D 119 -77.10 -45.42 -35.79
C VAL D 119 -78.07 -45.12 -34.66
N GLN D 120 -77.65 -45.38 -33.42
CA GLN D 120 -78.41 -45.02 -32.23
C GLN D 120 -77.59 -44.01 -31.43
N ILE D 121 -78.25 -43.32 -30.51
CA ILE D 121 -77.55 -42.40 -29.64
C ILE D 121 -76.49 -43.15 -28.85
N GLY D 122 -75.34 -42.49 -28.69
CA GLY D 122 -74.28 -43.05 -27.88
C GLY D 122 -73.54 -44.25 -28.45
N ASP D 123 -73.19 -44.22 -29.73
CA ASP D 123 -72.22 -45.16 -30.26
C ASP D 123 -71.02 -44.38 -30.80
N ILE D 124 -69.86 -45.03 -30.79
CA ILE D 124 -68.60 -44.38 -31.11
C ILE D 124 -68.35 -44.50 -32.60
N VAL D 125 -68.15 -43.36 -33.27
CA VAL D 125 -67.86 -43.31 -34.68
C VAL D 125 -66.54 -42.59 -34.88
N THR D 126 -65.88 -42.88 -36.01
CA THR D 126 -64.63 -42.24 -36.35
C THR D 126 -64.88 -41.26 -37.49
N VAL D 127 -64.22 -40.11 -37.43
CA VAL D 127 -64.53 -38.99 -38.29
C VAL D 127 -63.27 -38.50 -38.98
N GLY D 128 -63.40 -38.16 -40.26
CA GLY D 128 -62.26 -37.72 -41.04
C GLY D 128 -62.44 -36.31 -41.54
N GLU D 129 -61.35 -35.56 -41.54
CA GLU D 129 -61.39 -34.16 -41.96
C GLU D 129 -61.59 -34.05 -43.46
N CYS D 130 -62.39 -33.07 -43.86
CA CYS D 130 -62.69 -32.86 -45.28
C CYS D 130 -62.80 -31.36 -45.54
N ARG D 131 -63.20 -31.02 -46.77
CA ARG D 131 -63.43 -29.63 -47.12
C ARG D 131 -64.66 -29.11 -46.39
N PRO D 132 -64.74 -27.81 -46.13
CA PRO D 132 -65.91 -27.26 -45.44
C PRO D 132 -67.19 -27.53 -46.20
N LEU D 133 -68.24 -27.86 -45.45
CA LEU D 133 -69.53 -28.21 -46.03
C LEU D 133 -70.65 -27.28 -45.61
N SER D 134 -70.54 -26.67 -44.44
CA SER D 134 -71.44 -25.59 -44.03
C SER D 134 -70.66 -24.71 -43.05
N LYS D 135 -71.37 -23.91 -42.25
CA LYS D 135 -70.70 -23.11 -41.25
C LYS D 135 -69.86 -23.94 -40.30
N THR D 136 -70.39 -25.07 -39.85
CA THR D 136 -69.77 -25.81 -38.77
C THR D 136 -69.14 -27.12 -39.20
N VAL D 137 -69.75 -27.82 -40.16
CA VAL D 137 -69.27 -29.14 -40.53
C VAL D 137 -68.01 -29.01 -41.39
N ARG D 138 -66.92 -29.61 -40.91
CA ARG D 138 -65.70 -29.77 -41.69
C ARG D 138 -65.25 -31.22 -41.70
N PHE D 139 -66.17 -32.13 -41.40
CA PHE D 139 -65.83 -33.49 -41.03
C PHE D 139 -66.83 -34.44 -41.68
N ASN D 140 -66.55 -35.74 -41.60
CA ASN D 140 -67.37 -36.72 -42.28
C ASN D 140 -67.26 -38.06 -41.58
N VAL D 141 -68.40 -38.73 -41.41
CA VAL D 141 -68.40 -40.03 -40.75
C VAL D 141 -67.85 -41.08 -41.69
N LEU D 142 -66.92 -41.91 -41.19
CA LEU D 142 -66.23 -42.90 -42.00
C LEU D 142 -66.54 -44.32 -41.59
N LYS D 143 -66.48 -44.61 -40.30
CA LYS D 143 -66.75 -45.94 -39.77
C LYS D 143 -67.52 -45.80 -38.47
N VAL D 144 -68.56 -46.61 -38.31
CA VAL D 144 -69.42 -46.57 -37.14
C VAL D 144 -69.17 -47.82 -36.32
N THR D 145 -68.85 -47.63 -35.04
CA THR D 145 -68.62 -48.73 -34.10
C THR D 145 -69.73 -48.71 -33.06
N LYS D 146 -70.45 -49.81 -32.95
CA LYS D 146 -71.56 -49.88 -32.00
C LYS D 146 -71.04 -49.94 -30.57
N ALA D 147 -71.78 -49.32 -29.65
CA ALA D 147 -71.39 -49.24 -28.25
C ALA D 147 -72.29 -50.16 -27.43
N ALA D 148 -71.82 -51.40 -27.24
CA ALA D 148 -72.50 -52.38 -26.39
C ALA D 148 -73.95 -52.59 -26.80
N GLY D 149 -74.21 -52.53 -28.10
CA GLY D 149 -75.56 -52.72 -28.60
C GLY D 149 -75.71 -53.98 -29.43
N THR D 150 -76.17 -53.83 -30.67
CA THR D 150 -76.35 -54.91 -31.65
C THR D 150 -77.29 -56.01 -31.16
N LYS D 151 -77.96 -55.82 -30.04
CA LYS D 151 -78.93 -56.81 -29.55
C LYS D 151 -79.90 -56.09 -28.62
N LYS D 152 -81.17 -56.06 -29.02
CA LYS D 152 -82.21 -55.39 -28.25
C LYS D 152 -83.30 -56.39 -27.90
N GLN D 153 -83.88 -56.20 -26.72
CA GLN D 153 -84.94 -57.08 -26.22
C GLN D 153 -86.26 -56.79 -26.91
N GLY E 1 -63.45 -31.60 4.81
CA GLY E 1 -62.11 -31.42 4.31
C GLY E 1 -62.05 -30.70 2.98
N LYS E 2 -61.08 -31.07 2.15
CA LYS E 2 -60.94 -30.49 0.82
C LYS E 2 -60.85 -31.62 -0.20
N CYS E 3 -61.41 -31.38 -1.38
CA CYS E 3 -61.39 -32.38 -2.43
C CYS E 3 -59.98 -32.58 -2.94
N ARG E 4 -59.66 -33.82 -3.32
CA ARG E 4 -58.30 -34.15 -3.72
C ARG E 4 -58.24 -34.98 -4.99
N GLY E 5 -59.38 -35.25 -5.64
CA GLY E 5 -59.38 -36.04 -6.84
C GLY E 5 -58.55 -35.41 -7.94
N LEU E 6 -57.98 -36.26 -8.80
CA LEU E 6 -57.10 -35.75 -9.83
C LEU E 6 -57.87 -35.09 -10.96
N ARG E 7 -59.14 -35.45 -11.15
CA ARG E 7 -59.99 -34.78 -12.14
C ARG E 7 -60.90 -33.77 -11.44
N THR E 8 -60.27 -32.76 -10.83
CA THR E 8 -60.99 -31.85 -9.96
C THR E 8 -60.61 -30.40 -10.21
N ALA E 9 -59.60 -30.14 -11.03
CA ALA E 9 -58.98 -28.82 -11.11
C ALA E 9 -60.03 -27.73 -11.32
N ARG E 10 -61.17 -28.06 -11.92
CA ARG E 10 -62.23 -27.07 -12.06
C ARG E 10 -62.76 -26.63 -10.71
N LYS E 11 -62.96 -27.58 -9.80
CA LYS E 11 -63.45 -27.23 -8.47
C LYS E 11 -62.43 -26.39 -7.72
N LEU E 12 -61.15 -26.77 -7.79
CA LEU E 12 -60.13 -26.09 -7.02
C LEU E 12 -59.92 -24.68 -7.52
N ARG E 13 -59.75 -24.51 -8.83
CA ARG E 13 -59.48 -23.18 -9.37
C ARG E 13 -60.67 -22.26 -9.18
N SER E 14 -61.89 -22.76 -9.36
CA SER E 14 -63.07 -21.95 -9.12
C SER E 14 -63.18 -21.54 -7.67
N HIS E 15 -62.91 -22.46 -6.75
CA HIS E 15 -62.98 -22.14 -5.34
C HIS E 15 -61.86 -21.19 -4.92
N ARG E 16 -60.62 -21.45 -5.35
CA ARG E 16 -59.51 -20.60 -4.94
C ARG E 16 -59.65 -19.20 -5.51
N ARG E 17 -60.21 -19.08 -6.72
CA ARG E 17 -60.47 -17.75 -7.26
C ARG E 17 -61.68 -17.11 -6.62
N ASP E 18 -62.58 -17.92 -6.03
CA ASP E 18 -63.71 -17.37 -5.31
C ASP E 18 -63.27 -16.78 -3.98
N GLN E 19 -62.60 -17.59 -3.15
CA GLN E 19 -62.08 -17.10 -1.87
C GLN E 19 -60.98 -16.07 -2.05
N LYS E 20 -60.40 -15.96 -3.24
CA LYS E 20 -59.36 -14.97 -3.46
C LYS E 20 -59.89 -13.56 -3.28
N TRP E 21 -61.19 -13.36 -3.46
CA TRP E 21 -61.78 -12.04 -3.30
C TRP E 21 -61.92 -11.61 -1.85
N HIS E 22 -61.64 -12.50 -0.90
CA HIS E 22 -62.03 -12.25 0.48
C HIS E 22 -60.95 -11.60 1.32
N ASP E 23 -59.81 -11.24 0.74
CA ASP E 23 -58.81 -10.48 1.47
C ASP E 23 -58.79 -9.03 1.00
N LYS E 24 -58.41 -8.13 1.91
CA LYS E 24 -58.40 -6.71 1.61
C LYS E 24 -57.45 -6.39 0.47
N GLN E 25 -56.25 -6.98 0.49
CA GLN E 25 -55.21 -6.57 -0.45
C GLN E 25 -55.62 -6.83 -1.89
N TYR E 26 -56.06 -8.05 -2.20
CA TYR E 26 -56.39 -8.37 -3.58
C TYR E 26 -57.69 -7.70 -4.01
N LYS E 27 -58.69 -7.66 -3.13
CA LYS E 27 -59.97 -7.06 -3.50
C LYS E 27 -59.81 -5.59 -3.86
N LYS E 28 -59.03 -4.85 -3.08
CA LYS E 28 -58.78 -3.45 -3.38
C LYS E 28 -58.04 -3.29 -4.70
N ALA E 29 -57.11 -4.18 -5.00
CA ALA E 29 -56.34 -4.07 -6.23
C ALA E 29 -57.19 -4.33 -7.46
N HIS E 30 -58.15 -5.24 -7.38
CA HIS E 30 -58.84 -5.73 -8.56
C HIS E 30 -60.25 -5.18 -8.75
N LEU E 31 -60.93 -4.78 -7.67
CA LEU E 31 -62.31 -4.32 -7.82
C LEU E 31 -62.40 -3.10 -8.72
N GLY E 32 -61.42 -2.20 -8.64
CA GLY E 32 -61.43 -1.02 -9.47
C GLY E 32 -62.10 0.16 -8.80
N THR E 33 -63.10 -0.12 -7.96
CA THR E 33 -63.79 0.96 -7.26
C THR E 33 -62.83 1.77 -6.39
N ALA E 34 -61.91 1.10 -5.71
CA ALA E 34 -60.92 1.82 -4.92
C ALA E 34 -60.06 2.72 -5.81
N LEU E 35 -59.81 2.29 -7.05
CA LEU E 35 -59.04 3.12 -7.97
C LEU E 35 -59.79 4.40 -8.31
N LYS E 36 -61.11 4.30 -8.48
CA LYS E 36 -61.91 5.50 -8.70
C LYS E 36 -61.90 6.41 -7.48
N ALA E 37 -62.02 5.81 -6.28
CA ALA E 37 -62.07 6.61 -5.06
C ALA E 37 -60.72 7.21 -4.70
N ASN E 38 -59.63 6.69 -5.23
CA ASN E 38 -58.31 7.21 -4.91
C ASN E 38 -58.19 8.60 -5.52
N PRO E 39 -57.89 9.63 -4.73
CA PRO E 39 -57.76 10.98 -5.30
C PRO E 39 -56.65 11.08 -6.33
N PHE E 40 -55.59 10.27 -6.21
CA PHE E 40 -54.53 10.29 -7.19
C PHE E 40 -54.85 9.44 -8.42
N GLY E 41 -55.79 8.50 -8.30
CA GLY E 41 -56.15 7.66 -9.42
C GLY E 41 -55.02 6.79 -9.92
N GLY E 42 -54.28 6.17 -9.01
CA GLY E 42 -53.16 5.33 -9.37
C GLY E 42 -51.85 6.06 -9.53
N ALA E 43 -51.81 7.36 -9.28
CA ALA E 43 -50.58 8.12 -9.40
C ALA E 43 -49.83 8.14 -8.07
N SER E 44 -48.51 8.32 -8.16
CA SER E 44 -47.68 8.45 -6.97
C SER E 44 -47.60 9.88 -6.46
N HIS E 45 -47.69 10.86 -7.35
CA HIS E 45 -47.69 12.26 -6.99
C HIS E 45 -48.77 12.98 -7.78
N ALA E 46 -49.21 14.13 -7.27
CA ALA E 46 -50.24 14.90 -7.94
C ALA E 46 -50.04 16.38 -7.66
N LYS E 47 -50.01 17.17 -8.73
CA LYS E 47 -49.94 18.62 -8.60
C LYS E 47 -51.27 19.16 -8.09
N GLY E 48 -51.21 20.28 -7.37
CA GLY E 48 -52.42 20.89 -6.86
C GLY E 48 -52.22 22.36 -6.57
N ILE E 49 -53.34 23.04 -6.35
CA ILE E 49 -53.36 24.46 -6.01
C ILE E 49 -53.92 24.61 -4.60
N VAL E 50 -53.14 25.25 -3.73
CA VAL E 50 -53.52 25.35 -2.32
C VAL E 50 -54.72 26.29 -2.17
N LEU E 51 -55.64 25.92 -1.28
CA LEU E 51 -56.80 26.75 -0.99
C LEU E 51 -56.78 27.34 0.41
N GLU E 52 -56.35 26.59 1.41
CA GLU E 52 -56.54 27.05 2.79
C GLU E 52 -55.50 26.41 3.70
N LYS E 53 -54.75 27.25 4.40
CA LYS E 53 -53.81 26.75 5.41
C LYS E 53 -54.58 26.43 6.68
N VAL E 54 -54.49 25.17 7.12
CA VAL E 54 -55.27 24.69 8.26
C VAL E 54 -54.36 24.04 9.29
N GLY E 55 -54.85 24.02 10.52
CA GLY E 55 -54.21 23.25 11.57
C GLY E 55 -55.18 22.22 12.13
N VAL E 56 -54.75 20.98 12.20
CA VAL E 56 -55.58 19.88 12.68
C VAL E 56 -54.93 19.30 13.93
N GLU E 57 -55.72 19.08 14.96
CA GLU E 57 -55.18 18.64 16.25
C GLU E 57 -54.73 17.19 16.18
N ALA E 58 -53.97 16.79 17.19
CA ALA E 58 -53.35 15.48 17.27
C ALA E 58 -54.33 14.46 17.85
N LYS E 59 -53.83 13.27 18.16
CA LYS E 59 -54.60 12.28 18.90
C LYS E 59 -54.37 12.48 20.40
N GLN E 60 -55.06 11.68 21.21
CA GLN E 60 -55.03 11.89 22.66
C GLN E 60 -53.67 11.67 23.29
N PRO E 61 -52.91 10.61 22.97
CA PRO E 61 -51.59 10.48 23.59
C PRO E 61 -50.66 11.64 23.28
N ASN E 62 -50.93 12.38 22.22
CA ASN E 62 -50.18 13.57 21.88
C ASN E 62 -51.01 14.82 22.19
N SER E 63 -50.39 15.98 21.97
CA SER E 63 -51.08 17.26 22.12
C SER E 63 -50.36 18.29 21.25
N ALA E 64 -50.93 18.56 20.08
CA ALA E 64 -50.39 19.56 19.17
C ALA E 64 -51.40 19.79 18.06
N ILE E 65 -51.11 20.78 17.23
CA ILE E 65 -51.86 20.97 15.99
C ILE E 65 -50.90 20.69 14.85
N ARG E 66 -51.45 20.11 13.77
CA ARG E 66 -50.66 19.72 12.62
C ARG E 66 -51.02 20.64 11.46
N LYS E 67 -50.02 21.37 10.97
CA LYS E 67 -50.24 22.42 9.98
C LYS E 67 -50.38 21.78 8.61
N CYS E 68 -51.62 21.63 8.15
CA CYS E 68 -51.90 21.07 6.84
C CYS E 68 -52.45 22.18 5.93
N VAL E 69 -52.63 21.84 4.66
CA VAL E 69 -53.21 22.76 3.68
C VAL E 69 -54.21 21.99 2.82
N ARG E 70 -55.40 22.56 2.65
CA ARG E 70 -56.36 22.03 1.71
C ARG E 70 -55.93 22.41 0.30
N VAL E 71 -56.17 21.54 -0.67
CA VAL E 71 -55.66 21.72 -2.02
C VAL E 71 -56.66 21.15 -3.03
N GLN E 72 -56.83 21.84 -4.15
CA GLN E 72 -57.52 21.28 -5.31
C GLN E 72 -56.53 20.63 -6.24
N LEU E 73 -56.79 19.38 -6.61
CA LEU E 73 -55.98 18.74 -7.62
C LEU E 73 -56.26 19.35 -8.99
N ILE E 74 -55.26 19.31 -9.86
CA ILE E 74 -55.39 19.86 -11.20
C ILE E 74 -56.32 19.01 -12.06
N LYS E 75 -55.96 17.76 -12.31
CA LYS E 75 -56.89 16.80 -12.88
C LYS E 75 -57.94 16.48 -11.82
N ASN E 76 -59.13 16.12 -12.28
CA ASN E 76 -60.24 15.65 -11.43
C ASN E 76 -60.31 16.42 -10.11
N GLY E 77 -60.55 17.72 -10.23
CA GLY E 77 -60.21 18.66 -9.19
C GLY E 77 -60.99 18.55 -7.89
N LYS E 78 -60.90 17.39 -7.23
CA LYS E 78 -61.41 17.27 -5.88
C LYS E 78 -60.44 17.91 -4.89
N LYS E 79 -60.91 18.10 -3.67
CA LYS E 79 -60.11 18.73 -2.62
C LYS E 79 -59.68 17.70 -1.59
N ILE E 80 -58.40 17.74 -1.21
CA ILE E 80 -57.85 16.93 -0.14
C ILE E 80 -57.06 17.84 0.78
N THR E 81 -56.71 17.30 1.95
CA THR E 81 -55.82 17.98 2.90
C THR E 81 -54.54 17.19 3.00
N ALA E 82 -53.41 17.89 3.03
CA ALA E 82 -52.11 17.26 3.07
C ALA E 82 -51.22 17.95 4.08
N PHE E 83 -50.77 17.19 5.07
CA PHE E 83 -49.83 17.67 6.07
C PHE E 83 -48.50 17.96 5.40
N VAL E 84 -47.89 19.09 5.78
CA VAL E 84 -46.64 19.49 5.13
C VAL E 84 -45.50 19.34 6.13
N PRO E 85 -44.59 18.38 5.93
CA PRO E 85 -43.60 18.08 6.96
C PRO E 85 -42.40 19.01 6.95
N ASN E 86 -42.33 19.89 7.94
CA ASN E 86 -41.12 20.46 8.52
C ASN E 86 -41.57 21.48 9.55
N ASP E 87 -40.58 22.02 10.28
CA ASP E 87 -40.86 23.04 11.28
C ASP E 87 -41.48 24.29 10.65
N GLY E 88 -40.73 24.96 9.78
CA GLY E 88 -41.12 26.24 9.24
C GLY E 88 -41.57 26.28 7.79
N CYS E 89 -42.01 25.15 7.22
CA CYS E 89 -42.43 25.14 5.82
C CYS E 89 -43.67 25.98 5.58
N LEU E 90 -44.48 26.23 6.60
CA LEU E 90 -45.69 27.02 6.41
C LEU E 90 -45.36 28.44 5.97
N ASN E 91 -44.39 29.07 6.61
CA ASN E 91 -43.99 30.42 6.22
C ASN E 91 -43.35 30.43 4.85
N PHE E 92 -42.93 29.25 4.36
CA PHE E 92 -42.35 29.16 3.03
C PHE E 92 -43.41 29.24 1.95
N ILE E 93 -44.57 28.63 2.20
CA ILE E 93 -45.66 28.62 1.24
C ILE E 93 -46.67 29.68 1.62
N GLU E 94 -47.42 30.16 0.63
CA GLU E 94 -48.55 31.05 0.87
C GLU E 94 -49.76 30.54 0.09
N GLU E 95 -50.78 31.39 0.03
CA GLU E 95 -52.04 30.98 -0.59
C GLU E 95 -51.90 30.79 -2.09
N ASN E 96 -52.57 29.75 -2.60
CA ASN E 96 -52.78 29.53 -4.03
C ASN E 96 -51.45 29.33 -4.77
N ASP E 97 -50.73 28.27 -4.37
CA ASP E 97 -49.50 27.91 -5.03
C ASP E 97 -49.59 26.48 -5.55
N GLU E 98 -48.68 26.16 -6.47
CA GLU E 98 -48.61 24.83 -7.08
C GLU E 98 -47.75 23.92 -6.21
N VAL E 99 -48.35 22.85 -5.70
CA VAL E 99 -47.68 21.93 -4.79
C VAL E 99 -47.79 20.51 -5.33
N LEU E 100 -46.72 19.73 -5.17
CA LEU E 100 -46.66 18.36 -5.65
C LEU E 100 -46.96 17.43 -4.48
N VAL E 101 -48.24 17.19 -4.25
CA VAL E 101 -48.68 16.33 -3.17
C VAL E 101 -48.34 14.88 -3.50
N ALA E 102 -47.82 14.16 -2.51
CA ALA E 102 -47.60 12.73 -2.62
C ALA E 102 -48.25 12.03 -1.43
N GLY E 103 -48.30 10.70 -1.50
CA GLY E 103 -48.89 9.93 -0.43
C GLY E 103 -48.08 10.01 0.84
N PHE E 104 -48.73 9.69 1.97
CA PHE E 104 -48.04 9.80 3.25
C PHE E 104 -47.00 8.70 3.40
N GLY E 105 -47.32 7.47 2.99
CA GLY E 105 -46.35 6.41 3.09
C GLY E 105 -46.89 5.03 3.41
N ARG E 106 -48.13 4.93 3.87
CA ARG E 106 -48.74 3.64 4.14
C ARG E 106 -50.00 3.43 3.31
N LYS E 107 -49.91 3.76 2.02
CA LYS E 107 -50.90 3.37 1.03
C LYS E 107 -52.29 3.90 1.36
N GLY E 108 -52.40 5.23 1.40
CA GLY E 108 -53.67 5.87 1.61
C GLY E 108 -54.27 5.63 2.99
N HIS E 109 -53.44 5.66 4.03
CA HIS E 109 -53.91 5.53 5.40
C HIS E 109 -53.28 6.61 6.25
N ALA E 110 -54.01 7.08 7.24
CA ALA E 110 -53.51 8.13 8.11
C ALA E 110 -52.27 7.67 8.86
N VAL E 111 -51.36 8.60 9.10
CA VAL E 111 -50.05 8.30 9.67
C VAL E 111 -49.98 8.87 11.08
N GLY E 112 -49.73 8.00 12.06
CA GLY E 112 -49.48 8.46 13.41
C GLY E 112 -50.65 9.21 14.01
N ASP E 113 -50.31 10.30 14.70
CA ASP E 113 -51.27 11.08 15.47
C ASP E 113 -52.11 12.00 14.62
N ILE E 114 -51.80 12.16 13.33
CA ILE E 114 -52.64 12.98 12.46
C ILE E 114 -53.89 12.17 12.12
N PRO E 115 -55.08 12.71 12.34
CA PRO E 115 -56.30 11.97 11.97
C PRO E 115 -56.75 12.26 10.55
N GLY E 116 -56.91 11.20 9.75
CA GLY E 116 -57.57 11.31 8.47
C GLY E 116 -56.79 11.97 7.36
N VAL E 117 -55.55 12.37 7.58
CA VAL E 117 -54.72 12.95 6.51
C VAL E 117 -53.81 11.84 5.97
N ARG E 118 -53.79 11.71 4.65
CA ARG E 118 -53.08 10.61 3.99
C ARG E 118 -52.03 11.11 3.01
N PHE E 119 -51.79 12.41 2.97
CA PHE E 119 -50.92 13.00 1.97
C PHE E 119 -49.90 13.91 2.62
N LYS E 120 -48.73 14.01 2.01
CA LYS E 120 -47.70 14.93 2.44
C LYS E 120 -47.31 15.83 1.28
N VAL E 121 -47.10 17.10 1.59
CA VAL E 121 -46.81 18.11 0.57
C VAL E 121 -45.32 18.16 0.34
N VAL E 122 -44.90 18.04 -0.92
CA VAL E 122 -43.53 18.32 -1.34
C VAL E 122 -43.62 19.15 -2.61
N LYS E 123 -42.51 19.81 -2.94
CA LYS E 123 -42.38 20.54 -4.20
C LYS E 123 -43.51 21.56 -4.36
N VAL E 124 -43.46 22.58 -3.51
CA VAL E 124 -44.18 23.82 -3.74
C VAL E 124 -43.58 24.42 -5.02
N ALA E 125 -44.17 25.51 -5.51
CA ALA E 125 -43.86 26.08 -6.82
C ALA E 125 -42.42 25.85 -7.22
N ASN E 126 -42.20 25.42 -8.46
CA ASN E 126 -41.34 24.28 -8.80
C ASN E 126 -40.12 24.06 -7.91
N VAL E 127 -39.59 25.13 -7.30
CA VAL E 127 -38.52 24.95 -6.34
C VAL E 127 -38.97 23.99 -5.24
N SER E 128 -38.13 23.01 -4.93
CA SER E 128 -38.44 21.95 -3.98
C SER E 128 -38.72 22.51 -2.59
N LEU E 129 -39.49 21.74 -1.81
CA LEU E 129 -39.76 22.13 -0.44
C LEU E 129 -38.53 21.90 0.44
N LEU E 130 -37.87 20.76 0.26
CA LEU E 130 -36.69 20.47 1.07
C LEU E 130 -35.57 21.46 0.81
N ALA E 131 -35.50 22.00 -0.42
CA ALA E 131 -34.48 22.99 -0.73
C ALA E 131 -34.65 24.25 0.09
N LEU E 132 -35.90 24.67 0.32
CA LEU E 132 -36.14 25.86 1.12
C LEU E 132 -35.68 25.66 2.56
N TYR E 133 -36.05 24.53 3.16
CA TYR E 133 -35.74 24.30 4.58
C TYR E 133 -34.24 24.23 4.82
N LYS E 134 -33.51 23.53 3.96
CA LYS E 134 -32.06 23.59 4.04
C LYS E 134 -31.48 24.90 3.52
N GLY E 135 -32.30 25.72 2.87
CA GLY E 135 -31.81 26.93 2.26
C GLY E 135 -30.98 26.72 1.02
N LYS E 136 -31.02 25.52 0.44
CA LYS E 136 -30.16 25.22 -0.70
C LYS E 136 -30.50 26.10 -1.89
N LYS E 137 -31.78 26.36 -2.11
CA LYS E 137 -32.23 27.31 -3.11
C LYS E 137 -33.43 28.06 -2.56
N GLU E 138 -33.55 29.33 -2.92
CA GLU E 138 -34.49 30.25 -2.28
C GLU E 138 -35.76 30.41 -3.12
N ARG E 139 -36.65 31.25 -2.62
CA ARG E 139 -37.90 31.54 -3.30
C ARG E 139 -37.64 32.21 -4.64
N PRO E 140 -38.49 31.98 -5.64
CA PRO E 140 -38.37 32.74 -6.91
C PRO E 140 -38.94 34.15 -6.79
N ARG E 141 -38.43 34.88 -5.81
CA ARG E 141 -38.89 36.25 -5.53
C ARG E 141 -38.53 37.20 -6.68
N MET F 1 -63.78 40.51 -71.92
CA MET F 1 -63.89 39.51 -72.97
C MET F 1 -62.70 39.56 -73.90
N LYS F 2 -61.80 38.59 -73.76
CA LYS F 2 -60.62 38.47 -74.60
C LYS F 2 -60.85 37.33 -75.58
N LEU F 3 -60.55 37.57 -76.85
CA LEU F 3 -60.81 36.60 -77.91
C LEU F 3 -59.49 36.02 -78.39
N ASN F 4 -59.35 34.70 -78.31
CA ASN F 4 -58.15 34.02 -78.74
C ASN F 4 -58.43 33.31 -80.07
N ILE F 5 -57.79 33.79 -81.13
CA ILE F 5 -58.08 33.35 -82.50
C ILE F 5 -56.87 32.64 -83.07
N SER F 6 -57.11 31.55 -83.78
CA SER F 6 -56.03 30.73 -84.32
C SER F 6 -56.34 30.30 -85.74
N PHE F 7 -55.30 30.22 -86.58
CA PHE F 7 -55.38 29.53 -87.85
C PHE F 7 -54.78 28.14 -87.72
N PRO F 8 -55.60 27.08 -87.80
CA PRO F 8 -54.99 25.74 -87.89
C PRO F 8 -54.12 25.57 -89.11
N ALA F 9 -54.47 26.24 -90.22
CA ALA F 9 -53.69 26.11 -91.44
C ALA F 9 -52.32 26.76 -91.31
N THR F 10 -52.27 28.00 -90.82
CA THR F 10 -51.04 28.78 -90.83
C THR F 10 -50.48 29.09 -89.46
N GLY F 11 -51.21 28.79 -88.38
CA GLY F 11 -50.74 29.22 -87.08
C GLY F 11 -50.89 30.72 -86.91
N CYS F 12 -49.84 31.35 -86.41
CA CYS F 12 -49.79 32.81 -86.24
C CYS F 12 -50.95 33.32 -85.39
N GLN F 13 -51.37 32.53 -84.41
CA GLN F 13 -52.49 32.91 -83.56
C GLN F 13 -52.12 34.13 -82.72
N LYS F 14 -53.13 34.94 -82.41
CA LYS F 14 -52.95 36.11 -81.56
C LYS F 14 -54.23 36.34 -80.78
N LEU F 15 -54.13 37.14 -79.72
CA LEU F 15 -55.24 37.39 -78.82
C LEU F 15 -55.66 38.85 -78.93
N ILE F 16 -56.96 39.10 -78.99
CA ILE F 16 -57.52 40.43 -79.09
C ILE F 16 -58.60 40.60 -78.03
N GLU F 17 -58.92 41.85 -77.75
CA GLU F 17 -59.98 42.20 -76.81
C GLU F 17 -61.13 42.84 -77.58
N VAL F 18 -62.33 42.32 -77.36
CA VAL F 18 -63.54 42.84 -77.99
C VAL F 18 -64.55 43.15 -76.89
N ASP F 19 -65.12 44.36 -76.92
CA ASP F 19 -65.98 44.79 -75.82
C ASP F 19 -67.40 45.13 -76.21
N ASP F 20 -67.70 45.45 -77.47
CA ASP F 20 -69.08 45.77 -77.84
C ASP F 20 -69.94 44.52 -77.73
N GLU F 21 -71.09 44.66 -77.07
CA GLU F 21 -71.93 43.49 -76.81
C GLU F 21 -72.56 42.96 -78.09
N ARG F 22 -72.89 43.85 -79.03
CA ARG F 22 -73.43 43.40 -80.31
C ARG F 22 -72.48 42.44 -81.01
N LYS F 23 -71.17 42.70 -80.89
CA LYS F 23 -70.18 41.80 -81.46
C LYS F 23 -70.24 40.42 -80.82
N LEU F 24 -70.42 40.38 -79.50
CA LEU F 24 -70.44 39.10 -78.79
C LEU F 24 -71.72 38.31 -79.06
N ARG F 25 -72.78 38.97 -79.51
CA ARG F 25 -74.07 38.31 -79.64
C ARG F 25 -74.00 37.14 -80.62
N THR F 26 -73.20 37.29 -81.68
CA THR F 26 -73.21 36.31 -82.75
C THR F 26 -72.70 34.95 -82.30
N PHE F 27 -71.92 34.89 -81.22
CA PHE F 27 -71.54 33.61 -80.65
C PHE F 27 -72.01 33.43 -79.22
N TYR F 28 -72.96 34.23 -78.76
CA TYR F 28 -73.59 33.99 -77.47
C TYR F 28 -74.54 32.79 -77.56
N GLU F 29 -74.80 32.18 -76.41
CA GLU F 29 -75.65 30.98 -76.27
C GLU F 29 -75.34 29.96 -77.39
N LYS F 30 -74.05 29.66 -77.52
CA LYS F 30 -73.55 28.76 -78.54
C LYS F 30 -72.86 27.56 -77.91
N ARG F 31 -73.01 26.41 -78.55
CA ARG F 31 -72.33 25.19 -78.19
C ARG F 31 -70.85 25.32 -78.54
N MET F 32 -70.06 24.35 -78.09
CA MET F 32 -68.70 24.25 -78.59
C MET F 32 -68.69 23.49 -79.92
N ALA F 33 -67.58 23.64 -80.65
CA ALA F 33 -67.39 22.97 -81.94
C ALA F 33 -68.51 23.29 -82.92
N THR F 34 -69.04 24.50 -82.84
CA THR F 34 -70.08 24.96 -83.75
C THR F 34 -69.53 26.02 -84.69
N GLU F 35 -70.06 26.07 -85.91
CA GLU F 35 -69.60 27.05 -86.88
C GLU F 35 -70.41 28.33 -86.74
N VAL F 36 -69.72 29.43 -86.44
CA VAL F 36 -70.36 30.73 -86.30
C VAL F 36 -69.65 31.72 -87.21
N ALA F 37 -70.43 32.47 -87.97
CA ALA F 37 -69.90 33.46 -88.90
C ALA F 37 -69.53 34.72 -88.10
N ALA F 38 -68.24 35.06 -88.13
CA ALA F 38 -67.75 36.21 -87.39
C ALA F 38 -67.77 37.49 -88.21
N ASP F 39 -68.65 37.58 -89.21
CA ASP F 39 -68.76 38.79 -90.00
C ASP F 39 -69.27 39.96 -89.18
N ALA F 40 -69.93 39.70 -88.05
CA ALA F 40 -70.41 40.75 -87.17
C ALA F 40 -69.28 41.61 -86.61
N LEU F 41 -68.05 41.12 -86.65
CA LEU F 41 -66.88 41.89 -86.19
C LEU F 41 -66.50 42.89 -87.27
N GLY F 42 -67.05 44.09 -87.17
CA GLY F 42 -66.65 45.18 -88.04
C GLY F 42 -66.89 44.87 -89.51
N GLU F 43 -65.88 45.16 -90.33
CA GLU F 43 -65.95 44.99 -91.77
C GLU F 43 -64.88 44.05 -92.32
N GLU F 44 -63.83 43.79 -91.57
CA GLU F 44 -62.67 43.06 -92.10
C GLU F 44 -62.74 41.56 -91.88
N TRP F 45 -63.80 41.05 -91.25
CA TRP F 45 -63.94 39.62 -91.01
C TRP F 45 -64.99 38.98 -91.92
N LYS F 46 -65.26 39.58 -93.08
CA LYS F 46 -66.19 38.98 -94.02
C LYS F 46 -65.65 37.65 -94.54
N GLY F 47 -66.55 36.68 -94.71
CA GLY F 47 -66.16 35.38 -95.18
C GLY F 47 -65.47 34.53 -94.16
N TYR F 48 -65.55 34.89 -92.89
CA TYR F 48 -64.89 34.16 -91.81
C TYR F 48 -65.92 33.45 -90.95
N VAL F 49 -66.23 32.21 -91.31
CA VAL F 49 -67.00 31.33 -90.46
C VAL F 49 -66.03 30.62 -89.53
N VAL F 50 -66.23 30.80 -88.23
CA VAL F 50 -65.24 30.40 -87.23
C VAL F 50 -65.83 29.32 -86.34
N ARG F 51 -64.96 28.46 -85.85
CA ARG F 51 -65.32 27.35 -84.97
C ARG F 51 -64.93 27.71 -83.55
N ILE F 52 -65.87 27.57 -82.63
CA ILE F 52 -65.59 27.80 -81.21
C ILE F 52 -64.89 26.57 -80.66
N SER F 53 -63.63 26.73 -80.26
CA SER F 53 -62.86 25.59 -79.77
C SER F 53 -62.62 25.65 -78.27
N GLY F 54 -63.41 26.43 -77.54
CA GLY F 54 -63.41 26.41 -76.10
C GLY F 54 -63.37 27.80 -75.53
N GLY F 55 -62.94 27.89 -74.27
CA GLY F 55 -62.67 29.16 -73.63
C GLY F 55 -62.26 28.91 -72.20
N ASN F 56 -62.13 30.00 -71.45
CA ASN F 56 -61.87 29.93 -70.03
C ASN F 56 -62.79 30.90 -69.30
N ASP F 57 -63.43 30.42 -68.25
CA ASP F 57 -64.30 31.24 -67.43
C ASP F 57 -63.49 32.37 -66.79
N LYS F 58 -64.22 33.35 -66.25
CA LYS F 58 -63.56 34.47 -65.58
C LYS F 58 -62.74 34.01 -64.39
N GLN F 59 -63.07 32.87 -63.80
CA GLN F 59 -62.33 32.34 -62.67
C GLN F 59 -61.27 31.34 -63.09
N GLY F 60 -60.90 31.32 -64.36
CA GLY F 60 -59.84 30.44 -64.83
C GLY F 60 -60.24 28.99 -64.95
N PHE F 61 -61.55 28.71 -65.06
CA PHE F 61 -62.03 27.35 -65.12
C PHE F 61 -62.29 26.98 -66.57
N PRO F 62 -61.56 26.04 -67.16
CA PRO F 62 -61.77 25.70 -68.57
C PRO F 62 -63.12 25.04 -68.78
N MET F 63 -63.63 25.19 -70.00
CA MET F 63 -64.86 24.50 -70.37
C MET F 63 -64.57 23.06 -70.77
N LYS F 64 -65.44 22.15 -70.36
CA LYS F 64 -65.37 20.75 -70.72
C LYS F 64 -66.37 20.45 -71.83
N GLN F 65 -65.96 19.60 -72.76
CA GLN F 65 -66.81 19.27 -73.89
C GLN F 65 -67.94 18.33 -73.46
N GLY F 66 -69.16 18.69 -73.84
CA GLY F 66 -70.30 17.86 -73.52
C GLY F 66 -70.94 18.11 -72.18
N VAL F 67 -70.56 19.18 -71.48
CA VAL F 67 -71.18 19.48 -70.19
C VAL F 67 -72.63 19.90 -70.38
N LEU F 68 -72.92 20.67 -71.42
CA LEU F 68 -74.28 20.98 -71.83
C LEU F 68 -75.05 21.74 -70.76
N THR F 69 -74.36 22.64 -70.07
CA THR F 69 -75.05 23.60 -69.21
C THR F 69 -74.18 24.81 -68.92
N HIS F 70 -74.67 25.99 -69.28
CA HIS F 70 -73.96 27.21 -68.96
C HIS F 70 -73.76 27.33 -67.45
N GLY F 71 -72.64 27.90 -67.06
CA GLY F 71 -72.26 27.95 -65.67
C GLY F 71 -71.16 26.96 -65.34
N ARG F 72 -71.03 26.67 -64.05
CA ARG F 72 -69.95 25.85 -63.54
C ARG F 72 -70.50 24.64 -62.80
N VAL F 73 -69.82 23.50 -62.96
CA VAL F 73 -70.26 22.25 -62.37
C VAL F 73 -69.04 21.46 -61.88
N ARG F 74 -69.27 20.61 -60.89
CA ARG F 74 -68.22 19.77 -60.31
C ARG F 74 -68.36 18.37 -60.86
N LEU F 75 -67.31 17.85 -61.49
CA LEU F 75 -67.31 16.55 -62.11
C LEU F 75 -66.17 15.70 -61.59
N LEU F 76 -66.38 14.39 -61.58
CA LEU F 76 -65.31 13.46 -61.26
C LEU F 76 -64.60 13.06 -62.55
N LEU F 77 -63.32 13.39 -62.65
CA LEU F 77 -62.55 13.14 -63.85
C LEU F 77 -61.53 12.03 -63.58
N SER F 78 -61.61 10.97 -64.37
CA SER F 78 -60.59 9.94 -64.40
C SER F 78 -59.48 10.36 -65.36
N LYS F 79 -58.57 9.45 -65.65
CA LYS F 79 -57.48 9.77 -66.57
C LYS F 79 -58.02 9.91 -67.99
N GLY F 80 -57.58 10.97 -68.66
CA GLY F 80 -57.82 11.11 -70.08
C GLY F 80 -59.18 11.62 -70.50
N HIS F 81 -59.92 12.30 -69.61
CA HIS F 81 -61.15 12.95 -70.07
C HIS F 81 -60.83 14.28 -70.74
N SER F 82 -60.33 15.22 -69.97
CA SER F 82 -59.81 16.56 -70.35
C SER F 82 -59.57 17.33 -69.07
N CYS F 83 -58.96 18.50 -69.23
CA CYS F 83 -58.73 19.49 -68.19
C CYS F 83 -58.32 18.88 -66.86
N TYR F 84 -57.64 17.74 -66.88
CA TYR F 84 -57.20 17.08 -65.65
C TYR F 84 -56.09 16.10 -66.01
N ARG F 85 -54.94 16.27 -65.38
CA ARG F 85 -53.81 15.36 -65.60
C ARG F 85 -53.58 14.55 -64.35
N PRO F 86 -53.86 13.24 -64.35
CA PRO F 86 -53.68 12.45 -63.14
C PRO F 86 -52.21 12.37 -62.75
N ARG F 87 -51.95 12.44 -61.45
CA ARG F 87 -50.59 12.42 -60.93
C ARG F 87 -50.10 11.02 -60.61
N ARG F 88 -50.95 10.01 -60.73
CA ARG F 88 -50.56 8.62 -60.59
C ARG F 88 -51.60 7.76 -61.28
N THR F 89 -51.20 6.54 -61.61
CA THR F 89 -52.08 5.66 -62.37
C THR F 89 -53.36 5.38 -61.60
N GLY F 90 -54.49 5.50 -62.29
CA GLY F 90 -55.79 5.24 -61.69
C GLY F 90 -56.32 6.31 -60.78
N GLU F 91 -55.69 7.48 -60.73
CA GLU F 91 -56.12 8.52 -59.82
C GLU F 91 -57.21 9.37 -60.46
N ARG F 92 -58.35 9.47 -59.78
CA ARG F 92 -59.45 10.29 -60.22
C ARG F 92 -59.65 11.44 -59.25
N LYS F 93 -59.78 12.65 -59.78
CA LYS F 93 -59.96 13.85 -58.97
C LYS F 93 -61.28 14.51 -59.36
N ARG F 94 -62.00 15.02 -58.36
CA ARG F 94 -63.23 15.77 -58.60
C ARG F 94 -62.86 17.24 -58.71
N LYS F 95 -62.93 17.77 -59.92
CA LYS F 95 -62.54 19.15 -60.19
C LYS F 95 -63.71 19.91 -60.82
N SER F 96 -63.66 21.22 -60.68
CA SER F 96 -64.73 22.09 -61.16
C SER F 96 -64.39 22.63 -62.55
N VAL F 97 -65.35 22.47 -63.46
CA VAL F 97 -65.17 22.88 -64.85
C VAL F 97 -66.32 23.79 -65.24
N ARG F 98 -66.09 24.57 -66.30
CA ARG F 98 -67.13 25.43 -66.83
C ARG F 98 -67.91 24.71 -67.93
N GLY F 99 -69.15 25.13 -68.13
CA GLY F 99 -70.00 24.50 -69.12
C GLY F 99 -69.57 24.80 -70.54
N CYS F 100 -70.05 23.96 -71.45
CA CYS F 100 -69.72 24.15 -72.87
C CYS F 100 -70.42 25.39 -73.42
N ILE F 101 -71.62 25.69 -72.92
CA ILE F 101 -72.35 26.85 -73.40
C ILE F 101 -71.62 28.12 -72.97
N VAL F 102 -71.52 29.07 -73.89
CA VAL F 102 -70.80 30.32 -73.63
C VAL F 102 -71.81 31.41 -73.29
N ASP F 103 -71.36 32.40 -72.54
CA ASP F 103 -72.16 33.57 -72.19
C ASP F 103 -71.18 34.65 -71.77
N ALA F 104 -71.69 35.75 -71.21
CA ALA F 104 -70.83 36.86 -70.82
C ALA F 104 -69.87 36.51 -69.71
N ASN F 105 -70.12 35.42 -68.97
CA ASN F 105 -69.26 35.07 -67.85
C ASN F 105 -68.02 34.33 -68.31
N LEU F 106 -67.29 34.89 -69.27
CA LEU F 106 -66.08 34.28 -69.80
C LEU F 106 -64.96 35.29 -69.82
N SER F 107 -63.77 34.87 -69.38
CA SER F 107 -62.61 35.75 -69.44
C SER F 107 -61.98 35.74 -70.82
N VAL F 108 -61.56 34.56 -71.27
CA VAL F 108 -61.00 34.39 -72.61
C VAL F 108 -61.74 33.27 -73.31
N LEU F 109 -62.12 33.50 -74.56
CA LEU F 109 -62.77 32.49 -75.39
C LEU F 109 -61.88 32.25 -76.60
N ASN F 110 -61.38 31.03 -76.73
CA ASN F 110 -60.48 30.69 -77.83
C ASN F 110 -61.23 29.91 -78.90
N LEU F 111 -60.94 30.22 -80.15
CA LEU F 111 -61.74 29.72 -81.27
C LEU F 111 -60.92 29.82 -82.54
N VAL F 112 -61.22 28.95 -83.50
CA VAL F 112 -60.41 28.77 -84.69
C VAL F 112 -61.28 28.85 -85.94
N ILE F 113 -60.75 29.50 -86.98
CA ILE F 113 -61.44 29.62 -88.26
C ILE F 113 -61.14 28.39 -89.10
N VAL F 114 -62.11 28.00 -89.93
CA VAL F 114 -61.99 26.81 -90.77
C VAL F 114 -61.93 27.15 -92.25
N LYS F 115 -62.23 28.38 -92.64
CA LYS F 115 -62.19 28.75 -94.06
C LYS F 115 -61.82 30.22 -94.19
N LYS F 116 -61.06 30.53 -95.23
CA LYS F 116 -60.56 31.88 -95.46
C LYS F 116 -61.70 32.84 -95.74
N GLY F 117 -61.46 34.12 -95.50
CA GLY F 117 -62.41 35.18 -95.73
C GLY F 117 -62.20 35.86 -97.06
N GLU F 118 -62.64 37.12 -97.14
CA GLU F 118 -62.56 37.85 -98.41
C GLU F 118 -61.15 38.38 -98.66
N LYS F 119 -60.42 38.72 -97.61
CA LYS F 119 -59.03 39.17 -97.76
C LYS F 119 -58.29 38.86 -96.45
N ASP F 120 -57.05 39.35 -96.37
CA ASP F 120 -56.14 38.97 -95.30
C ASP F 120 -56.41 39.77 -94.02
N ILE F 121 -55.96 39.23 -92.90
CA ILE F 121 -56.04 39.86 -91.59
C ILE F 121 -54.63 40.23 -91.16
N PRO F 122 -54.41 41.43 -90.62
CA PRO F 122 -53.05 41.81 -90.21
C PRO F 122 -52.53 40.93 -89.10
N GLY F 123 -51.34 40.38 -89.31
CA GLY F 123 -50.68 39.58 -88.29
C GLY F 123 -51.30 38.23 -88.03
N LEU F 124 -52.29 37.81 -88.81
CA LEU F 124 -52.94 36.52 -88.60
C LEU F 124 -52.77 35.58 -89.80
N THR F 125 -53.11 36.05 -91.00
CA THR F 125 -53.09 35.21 -92.19
C THR F 125 -51.79 35.31 -92.97
N ASP F 126 -50.75 35.88 -92.39
CA ASP F 126 -49.45 36.00 -93.05
C ASP F 126 -48.37 35.49 -92.11
N THR F 127 -47.16 35.41 -92.64
CA THR F 127 -46.00 34.89 -91.91
C THR F 127 -46.28 33.49 -91.37
N THR F 128 -46.64 32.59 -92.28
CA THR F 128 -46.99 31.23 -91.91
C THR F 128 -45.82 30.56 -91.18
N VAL F 129 -46.02 30.28 -89.90
CA VAL F 129 -44.98 29.63 -89.11
C VAL F 129 -44.81 28.18 -89.59
N PRO F 130 -43.59 27.73 -89.89
CA PRO F 130 -43.42 26.37 -90.40
C PRO F 130 -43.57 25.32 -89.33
N ARG F 131 -43.84 24.08 -89.76
CA ARG F 131 -43.87 22.96 -88.84
C ARG F 131 -42.53 22.85 -88.12
N ARG F 132 -42.59 22.67 -86.80
CA ARG F 132 -41.37 22.78 -86.00
C ARG F 132 -40.37 21.68 -86.34
N LEU F 133 -40.84 20.48 -86.64
CA LEU F 133 -39.95 19.39 -87.01
C LEU F 133 -40.69 18.41 -87.90
N GLY F 134 -39.92 17.71 -88.74
CA GLY F 134 -40.49 16.84 -89.73
C GLY F 134 -40.76 15.45 -89.20
N PRO F 135 -41.15 14.56 -90.10
CA PRO F 135 -41.56 13.22 -89.69
C PRO F 135 -40.38 12.33 -89.31
N LYS F 136 -40.68 11.31 -88.53
CA LYS F 136 -39.68 10.37 -88.05
C LYS F 136 -39.98 8.92 -88.42
N ARG F 137 -41.23 8.49 -88.36
CA ARG F 137 -41.60 7.16 -88.82
C ARG F 137 -41.27 7.03 -90.30
N ALA F 138 -40.56 5.96 -90.67
CA ALA F 138 -40.15 5.83 -92.05
C ALA F 138 -41.28 5.27 -92.90
N SER F 139 -42.48 5.82 -92.75
CA SER F 139 -43.57 5.60 -93.68
C SER F 139 -44.23 6.93 -93.96
N ARG F 140 -44.13 7.85 -92.99
CA ARG F 140 -44.67 9.19 -93.19
C ARG F 140 -43.71 10.06 -93.97
N ILE F 141 -42.41 9.73 -93.93
CA ILE F 141 -41.45 10.42 -94.79
C ILE F 141 -41.67 10.03 -96.24
N ARG F 142 -41.80 8.73 -96.50
CA ARG F 142 -41.99 8.28 -97.87
C ARG F 142 -43.36 8.68 -98.41
N LYS F 143 -44.37 8.76 -97.55
CA LYS F 143 -45.69 9.19 -98.00
C LYS F 143 -45.71 10.68 -98.30
N LEU F 144 -45.11 11.50 -97.44
CA LEU F 144 -45.04 12.93 -97.72
C LEU F 144 -44.20 13.21 -98.94
N PHE F 145 -43.12 12.46 -99.12
CA PHE F 145 -42.24 12.61 -100.29
C PHE F 145 -42.65 11.72 -101.44
N ASN F 146 -43.82 11.07 -101.35
CA ASN F 146 -44.39 10.30 -102.47
C ASN F 146 -43.44 9.22 -102.96
N LEU F 147 -42.77 8.55 -102.03
CA LEU F 147 -41.91 7.41 -102.35
C LEU F 147 -42.71 6.13 -102.26
N SER F 148 -42.33 5.13 -103.04
CA SER F 148 -43.07 3.87 -103.12
C SER F 148 -42.28 2.69 -102.58
N LYS F 149 -41.07 2.47 -103.10
CA LYS F 149 -40.31 1.28 -102.74
C LYS F 149 -38.83 1.51 -103.01
N GLU F 150 -38.02 1.41 -101.97
CA GLU F 150 -36.57 1.57 -102.05
C GLU F 150 -36.20 2.88 -102.75
N ASP F 151 -36.89 3.95 -102.36
CA ASP F 151 -36.62 5.26 -102.95
C ASP F 151 -35.64 6.08 -102.10
N ASP F 152 -34.51 5.47 -101.74
CA ASP F 152 -33.38 6.15 -101.09
C ASP F 152 -33.84 7.04 -99.93
N VAL F 153 -34.36 6.38 -98.90
CA VAL F 153 -34.84 7.09 -97.72
C VAL F 153 -33.72 7.80 -96.98
N ARG F 154 -32.50 7.26 -97.04
CA ARG F 154 -31.37 7.84 -96.31
C ARG F 154 -31.11 9.28 -96.76
N GLN F 155 -31.19 9.53 -98.07
CA GLN F 155 -30.95 10.87 -98.60
C GLN F 155 -32.22 11.70 -98.74
N TYR F 156 -33.39 11.10 -98.56
CA TYR F 156 -34.67 11.79 -98.74
C TYR F 156 -35.27 12.21 -97.42
N VAL F 157 -34.44 12.58 -96.46
CA VAL F 157 -34.89 12.97 -95.15
C VAL F 157 -34.83 14.50 -95.05
N VAL F 158 -35.47 15.05 -94.02
CA VAL F 158 -35.47 16.48 -93.77
C VAL F 158 -34.39 16.79 -92.75
N ARG F 159 -33.46 17.66 -93.12
CA ARG F 159 -32.42 18.14 -92.22
C ARG F 159 -32.73 19.57 -91.79
N LYS F 160 -32.23 19.94 -90.61
CA LYS F 160 -32.46 21.28 -90.10
C LYS F 160 -31.14 21.92 -89.70
N PRO F 161 -31.03 23.25 -89.81
CA PRO F 161 -29.77 23.93 -89.50
C PRO F 161 -29.73 24.47 -88.07
N LEU F 162 -28.53 24.79 -87.61
CA LEU F 162 -28.32 25.43 -86.30
C LEU F 162 -27.19 26.43 -86.43
N ASN F 163 -27.51 27.72 -86.28
CA ASN F 163 -26.54 28.77 -86.57
C ASN F 163 -26.38 29.77 -85.43
N LYS F 164 -26.22 29.27 -84.20
CA LYS F 164 -25.94 30.16 -83.08
C LYS F 164 -24.58 30.81 -83.27
N GLU F 165 -24.45 32.03 -82.72
CA GLU F 165 -23.26 32.83 -82.97
C GLU F 165 -21.99 32.19 -82.41
N GLY F 166 -22.11 31.41 -81.35
CA GLY F 166 -20.95 30.78 -80.75
C GLY F 166 -20.48 29.50 -81.42
N LYS F 167 -21.17 29.04 -82.45
CA LYS F 167 -20.87 27.75 -83.05
C LYS F 167 -20.99 27.87 -84.56
N LYS F 168 -20.26 27.01 -85.26
CA LYS F 168 -20.35 27.00 -86.71
C LYS F 168 -21.75 26.51 -87.11
N PRO F 169 -22.37 27.14 -88.11
CA PRO F 169 -23.68 26.64 -88.58
C PRO F 169 -23.61 25.18 -88.97
N ARG F 170 -24.29 24.32 -88.23
CA ARG F 170 -24.26 22.89 -88.44
C ARG F 170 -25.66 22.40 -88.81
N THR F 171 -25.69 21.27 -89.50
CA THR F 171 -26.93 20.67 -89.96
C THR F 171 -27.21 19.40 -89.15
N LYS F 172 -28.47 19.26 -88.73
CA LYS F 172 -28.87 18.15 -87.87
C LYS F 172 -29.94 17.33 -88.58
N ALA F 173 -29.88 16.01 -88.40
CA ALA F 173 -30.87 15.10 -88.98
C ALA F 173 -31.42 14.21 -87.87
N PRO F 174 -32.68 13.80 -87.93
CA PRO F 174 -33.26 12.98 -86.87
C PRO F 174 -32.93 11.51 -87.08
N LYS F 175 -33.13 10.72 -86.02
CA LYS F 175 -32.98 9.27 -86.07
C LYS F 175 -34.25 8.70 -86.64
N ILE F 176 -34.11 7.95 -87.74
CA ILE F 176 -35.28 7.44 -88.44
C ILE F 176 -35.64 6.07 -87.88
N GLN F 177 -36.83 5.99 -87.29
CA GLN F 177 -37.30 4.75 -86.68
C GLN F 177 -38.35 4.10 -87.56
N ARG F 178 -38.56 2.81 -87.35
CA ARG F 178 -39.47 1.98 -88.16
C ARG F 178 -38.98 1.91 -89.61
N LEU F 179 -37.66 1.81 -89.77
CA LEU F 179 -37.02 1.74 -91.07
C LEU F 179 -36.33 0.39 -91.22
N VAL F 180 -36.54 -0.24 -92.39
CA VAL F 180 -35.89 -1.50 -92.68
C VAL F 180 -34.38 -1.29 -92.68
N THR F 181 -33.67 -2.09 -91.90
CA THR F 181 -32.27 -1.89 -91.59
C THR F 181 -31.57 -3.23 -91.62
N PRO F 182 -30.30 -3.29 -92.04
CA PRO F 182 -29.57 -4.56 -91.94
C PRO F 182 -29.53 -5.11 -90.54
N ARG F 183 -29.52 -4.25 -89.52
CA ARG F 183 -29.51 -4.72 -88.14
C ARG F 183 -30.79 -5.48 -87.81
N VAL F 184 -31.95 -4.86 -88.07
CA VAL F 184 -33.20 -5.52 -87.73
C VAL F 184 -33.41 -6.75 -88.60
N LEU F 185 -32.88 -6.75 -89.82
CA LEU F 185 -32.91 -7.96 -90.63
C LEU F 185 -32.10 -9.07 -89.99
N GLN F 186 -30.93 -8.74 -89.45
CA GLN F 186 -30.15 -9.74 -88.72
C GLN F 186 -30.89 -10.16 -87.45
N HIS F 187 -31.63 -9.24 -86.84
CA HIS F 187 -32.50 -9.61 -85.74
C HIS F 187 -33.57 -10.61 -86.19
N LYS F 188 -34.20 -10.33 -87.33
CA LYS F 188 -35.16 -11.26 -87.89
C LYS F 188 -34.50 -12.58 -88.27
N ARG F 189 -33.32 -12.49 -88.91
CA ARG F 189 -32.58 -13.70 -89.25
C ARG F 189 -32.22 -14.50 -88.01
N ARG F 190 -31.97 -13.81 -86.89
CA ARG F 190 -31.70 -14.50 -85.64
C ARG F 190 -32.92 -15.29 -85.17
N ARG F 191 -34.11 -14.71 -85.32
CA ARG F 191 -35.31 -15.31 -84.76
C ARG F 191 -35.63 -16.65 -85.42
N ILE F 192 -35.65 -16.69 -86.76
CA ILE F 192 -35.83 -17.96 -87.43
C ILE F 192 -34.67 -18.90 -87.11
N ALA F 193 -33.47 -18.37 -86.96
CA ALA F 193 -32.34 -19.19 -86.50
C ALA F 193 -32.65 -19.82 -85.16
N LEU F 194 -33.21 -19.03 -84.23
CA LEU F 194 -33.66 -19.60 -82.96
C LEU F 194 -34.76 -20.63 -83.21
N LYS F 195 -35.66 -20.35 -84.14
CA LYS F 195 -36.75 -21.27 -84.45
C LYS F 195 -36.20 -22.56 -85.07
N LYS F 196 -35.27 -22.44 -86.01
CA LYS F 196 -34.79 -23.60 -86.75
C LYS F 196 -34.07 -24.59 -85.84
N GLN F 197 -33.25 -24.07 -84.92
CA GLN F 197 -32.45 -24.97 -84.10
C GLN F 197 -33.28 -25.63 -83.00
N ARG F 198 -34.36 -24.97 -82.56
CA ARG F 198 -35.14 -25.53 -81.46
C ARG F 198 -36.05 -26.65 -81.92
N THR F 199 -36.64 -26.54 -83.12
CA THR F 199 -37.45 -27.65 -83.62
C THR F 199 -36.59 -28.87 -83.88
N LYS F 200 -35.38 -28.67 -84.41
CA LYS F 200 -34.44 -29.78 -84.53
C LYS F 200 -34.09 -30.34 -83.15
N LYS F 201 -33.96 -29.47 -82.15
CA LYS F 201 -33.78 -29.95 -80.79
C LYS F 201 -35.01 -30.72 -80.31
N ASN F 202 -36.19 -30.23 -80.65
CA ASN F 202 -37.42 -30.91 -80.24
C ASN F 202 -37.50 -32.29 -80.86
N LYS F 203 -37.19 -32.41 -82.16
CA LYS F 203 -37.20 -33.71 -82.80
C LYS F 203 -36.10 -34.60 -82.23
N GLU F 204 -34.89 -34.06 -82.04
CA GLU F 204 -33.77 -34.87 -81.62
C GLU F 204 -34.00 -35.44 -80.22
N GLU F 205 -34.61 -34.65 -79.32
CA GLU F 205 -34.92 -35.18 -78.00
C GLU F 205 -36.11 -36.14 -78.05
N ALA F 206 -37.09 -35.88 -78.92
CA ALA F 206 -38.18 -36.82 -79.11
C ALA F 206 -37.67 -38.10 -79.77
N ALA F 207 -36.77 -37.98 -80.75
CA ALA F 207 -36.23 -39.16 -81.40
C ALA F 207 -35.27 -39.90 -80.48
N GLU F 208 -34.46 -39.17 -79.71
CA GLU F 208 -33.57 -39.83 -78.76
C GLU F 208 -34.39 -40.64 -77.76
N TYR F 209 -35.45 -40.03 -77.23
CA TYR F 209 -36.37 -40.76 -76.35
C TYR F 209 -36.91 -42.01 -77.03
N ALA F 210 -37.16 -41.94 -78.35
CA ALA F 210 -37.63 -43.12 -79.06
C ALA F 210 -36.63 -44.27 -78.97
N LYS F 211 -35.34 -43.97 -79.15
CA LYS F 211 -34.33 -44.99 -78.92
C LYS F 211 -34.31 -45.44 -77.47
N LEU F 212 -34.50 -44.50 -76.54
CA LEU F 212 -34.51 -44.85 -75.12
C LEU F 212 -35.74 -45.69 -74.78
N LEU F 213 -36.91 -45.31 -75.30
CA LEU F 213 -38.10 -46.12 -75.06
C LEU F 213 -38.08 -47.41 -75.86
N ALA F 214 -37.42 -47.45 -77.02
CA ALA F 214 -37.23 -48.73 -77.68
C ALA F 214 -36.40 -49.66 -76.80
N LYS F 215 -35.32 -49.13 -76.21
CA LYS F 215 -34.58 -49.88 -75.21
C LYS F 215 -35.44 -50.21 -74.01
N ARG F 216 -36.27 -49.26 -73.58
CA ARG F 216 -37.13 -49.48 -72.43
C ARG F 216 -38.31 -50.38 -72.81
N MET F 217 -38.86 -51.05 -71.80
CA MET F 217 -39.93 -52.04 -71.92
C MET F 217 -39.52 -53.18 -72.85
N LYS F 218 -38.29 -53.13 -73.37
CA LYS F 218 -37.67 -54.35 -73.89
C LYS F 218 -37.17 -55.22 -72.75
N GLU F 219 -36.70 -54.58 -71.67
CA GLU F 219 -36.41 -55.31 -70.45
C GLU F 219 -37.67 -55.75 -69.75
N ALA F 220 -38.77 -55.00 -69.92
CA ALA F 220 -40.05 -55.44 -69.38
C ALA F 220 -40.55 -56.66 -70.13
N LYS F 221 -40.45 -56.65 -71.46
CA LYS F 221 -40.73 -57.87 -72.21
C LYS F 221 -39.81 -58.99 -71.80
N GLU F 222 -38.54 -58.67 -71.52
CA GLU F 222 -37.63 -59.66 -70.95
C GLU F 222 -38.13 -60.15 -69.59
N LYS F 223 -38.73 -59.25 -68.80
CA LYS F 223 -39.26 -59.65 -67.51
C LYS F 223 -40.47 -60.57 -67.66
N ARG F 224 -41.37 -60.25 -68.60
CA ARG F 224 -42.52 -61.12 -68.80
C ARG F 224 -42.16 -62.38 -69.57
N GLN F 225 -41.14 -62.33 -70.43
CA GLN F 225 -40.69 -63.55 -71.08
C GLN F 225 -39.87 -64.41 -70.13
N GLU F 226 -39.36 -63.82 -69.06
CA GLU F 226 -38.78 -64.63 -67.99
C GLU F 226 -39.88 -65.26 -67.13
N GLN F 227 -40.95 -64.51 -66.87
CA GLN F 227 -42.09 -65.06 -66.15
C GLN F 227 -42.71 -66.23 -66.90
N ILE F 228 -42.90 -66.08 -68.20
CA ILE F 228 -43.43 -67.18 -69.00
C ILE F 228 -42.43 -68.33 -69.05
N ALA F 229 -41.13 -68.00 -69.12
CA ALA F 229 -40.10 -69.05 -69.11
C ALA F 229 -40.11 -69.82 -67.80
N LYS F 230 -40.23 -69.12 -66.67
CA LYS F 230 -40.37 -69.81 -65.39
C LYS F 230 -41.64 -70.65 -65.34
N ARG F 231 -42.70 -70.18 -66.01
CA ARG F 231 -43.95 -70.94 -66.04
C ARG F 231 -43.77 -72.26 -66.78
N ARG F 232 -43.23 -72.22 -68.00
CA ARG F 232 -43.19 -73.37 -68.87
C ARG F 232 -42.06 -74.34 -68.57
N ARG F 233 -40.88 -73.83 -68.20
CA ARG F 233 -39.70 -74.69 -68.07
C ARG F 233 -39.89 -75.76 -67.01
N LEU F 234 -40.37 -75.38 -65.83
CA LEU F 234 -40.58 -76.29 -64.72
C LEU F 234 -42.08 -76.41 -64.49
N SER F 235 -42.69 -77.40 -65.13
CA SER F 235 -44.12 -77.63 -65.00
C SER F 235 -44.45 -78.85 -64.15
N SER F 236 -43.57 -79.84 -64.07
CA SER F 236 -43.83 -81.08 -63.35
C SER F 236 -42.80 -81.37 -62.26
N LEU F 237 -41.63 -80.74 -62.31
CA LEU F 237 -40.61 -80.98 -61.30
C LEU F 237 -40.79 -80.07 -60.09
N PRO G 1 -35.58 -1.53 -35.33
CA PRO G 1 -35.37 -0.08 -35.45
C PRO G 1 -34.09 0.40 -34.80
N VAL G 2 -33.41 -0.49 -34.08
CA VAL G 2 -32.22 -0.14 -33.33
C VAL G 2 -31.25 -1.31 -33.40
N ALA G 3 -29.96 -1.01 -33.58
CA ALA G 3 -28.93 -2.03 -33.72
C ALA G 3 -28.09 -2.19 -32.46
N ARG G 4 -28.68 -2.00 -31.29
CA ARG G 4 -27.97 -2.15 -30.03
C ARG G 4 -28.26 -3.51 -29.42
N SER G 5 -27.79 -3.71 -28.19
CA SER G 5 -27.86 -5.01 -27.53
C SER G 5 -28.82 -5.04 -26.35
N TRP G 6 -28.69 -4.08 -25.42
CA TRP G 6 -29.48 -4.03 -24.19
C TRP G 6 -29.28 -5.27 -23.32
N VAL G 7 -28.17 -5.98 -23.48
CA VAL G 7 -27.91 -7.21 -22.73
C VAL G 7 -27.00 -6.85 -21.57
N CYS G 8 -27.55 -6.82 -20.36
CA CYS G 8 -26.79 -6.44 -19.19
C CYS G 8 -27.47 -7.02 -17.96
N ARG G 9 -26.70 -7.13 -16.88
CA ARG G 9 -27.22 -7.70 -15.65
C ARG G 9 -26.41 -7.16 -14.47
N LYS G 10 -26.97 -7.33 -13.28
CA LYS G 10 -26.29 -6.90 -12.07
C LYS G 10 -25.30 -7.97 -11.62
N THR G 11 -24.05 -7.56 -11.41
CA THR G 11 -23.00 -8.46 -11.01
C THR G 11 -22.96 -8.71 -9.51
N TYR G 12 -23.77 -8.00 -8.75
CA TYR G 12 -23.75 -8.09 -7.30
C TYR G 12 -25.17 -8.27 -6.77
N VAL G 13 -25.27 -8.57 -5.48
CA VAL G 13 -26.56 -8.73 -4.81
C VAL G 13 -26.49 -7.97 -3.50
N THR G 14 -27.64 -7.50 -3.04
CA THR G 14 -27.73 -6.82 -1.76
C THR G 14 -28.09 -7.81 -0.67
N PRO G 15 -27.43 -7.76 0.49
CA PRO G 15 -27.77 -8.69 1.57
C PRO G 15 -29.20 -8.48 2.03
N ARG G 16 -29.86 -9.60 2.34
CA ARG G 16 -31.26 -9.55 2.71
C ARG G 16 -31.47 -8.77 4.00
N ARG G 17 -30.60 -8.97 4.98
CA ARG G 17 -30.74 -8.36 6.29
C ARG G 17 -29.70 -7.27 6.49
N PRO G 18 -30.05 -6.00 6.29
CA PRO G 18 -29.12 -4.93 6.62
C PRO G 18 -29.02 -4.75 8.13
N PHE G 19 -27.91 -4.16 8.55
CA PHE G 19 -27.67 -3.85 9.96
C PHE G 19 -27.68 -5.13 10.80
N GLU G 20 -26.80 -6.06 10.45
CA GLU G 20 -26.51 -7.21 11.27
C GLU G 20 -25.09 -7.08 11.80
N LYS G 21 -24.93 -7.25 13.11
CA LYS G 21 -23.62 -7.05 13.72
C LYS G 21 -22.60 -8.04 13.18
N SER G 22 -23.00 -9.31 13.02
CA SER G 22 -22.06 -10.32 12.58
C SER G 22 -21.62 -10.11 11.14
N ARG G 23 -22.54 -9.68 10.27
CA ARG G 23 -22.20 -9.54 8.86
C ARG G 23 -21.37 -8.29 8.60
N LEU G 24 -21.57 -7.25 9.39
CA LEU G 24 -20.92 -5.98 9.10
C LEU G 24 -19.41 -6.05 9.33
N ASP G 25 -19.00 -6.59 10.48
CA ASP G 25 -17.57 -6.66 10.77
C ASP G 25 -16.88 -7.76 9.99
N GLN G 26 -17.54 -8.89 9.75
CA GLN G 26 -16.93 -9.94 8.94
C GLN G 26 -16.64 -9.43 7.53
N GLU G 27 -17.57 -8.68 6.96
CA GLU G 27 -17.30 -8.02 5.68
C GLU G 27 -16.19 -6.98 5.84
N LEU G 28 -16.24 -6.19 6.92
CA LEU G 28 -15.19 -5.21 7.14
C LEU G 28 -13.84 -5.87 7.32
N LYS G 29 -13.81 -7.08 7.89
CA LYS G 29 -12.56 -7.81 7.95
C LYS G 29 -12.04 -8.07 6.54
N LEU G 30 -12.94 -8.33 5.60
CA LEU G 30 -12.50 -8.68 4.25
C LEU G 30 -11.94 -7.46 3.53
N ILE G 31 -12.66 -6.33 3.56
CA ILE G 31 -12.21 -5.17 2.80
C ILE G 31 -10.96 -4.57 3.43
N GLY G 32 -10.85 -4.60 4.75
CA GLY G 32 -9.71 -4.01 5.41
C GLY G 32 -8.42 -4.75 5.12
N GLU G 33 -8.47 -6.08 5.12
CA GLU G 33 -7.27 -6.86 4.86
C GLU G 33 -7.10 -7.19 3.38
N TYR G 34 -7.98 -6.67 2.52
CA TYR G 34 -7.83 -6.84 1.09
C TYR G 34 -7.85 -5.51 0.35
N GLY G 35 -7.99 -4.40 1.07
CA GLY G 35 -7.91 -3.09 0.45
C GLY G 35 -8.96 -2.87 -0.63
N LEU G 36 -10.22 -3.18 -0.31
CA LEU G 36 -11.29 -2.95 -1.25
C LEU G 36 -11.88 -1.54 -1.05
N ARG G 37 -12.53 -1.04 -2.09
CA ARG G 37 -13.05 0.32 -2.06
C ARG G 37 -14.38 0.42 -1.31
N ASN G 38 -15.25 -0.57 -1.49
CA ASN G 38 -16.53 -0.59 -0.80
C ASN G 38 -17.00 -2.03 -0.70
N LYS G 39 -18.09 -2.24 0.03
CA LYS G 39 -18.62 -3.58 0.19
C LYS G 39 -19.30 -4.10 -1.07
N ARG G 40 -19.49 -3.25 -2.09
CA ARG G 40 -20.04 -3.73 -3.35
C ARG G 40 -19.16 -4.80 -3.96
N GLU G 41 -17.84 -4.60 -3.92
CA GLU G 41 -16.93 -5.60 -4.46
C GLU G 41 -16.99 -6.90 -3.66
N VAL G 42 -17.09 -6.79 -2.34
CA VAL G 42 -17.28 -7.99 -1.52
C VAL G 42 -18.56 -8.71 -1.91
N TRP G 43 -19.62 -7.95 -2.20
CA TRP G 43 -20.84 -8.57 -2.68
C TRP G 43 -20.69 -9.08 -4.11
N ARG G 44 -19.88 -8.41 -4.92
CA ARG G 44 -19.69 -8.84 -6.30
C ARG G 44 -19.03 -10.21 -6.35
N VAL G 45 -18.01 -10.44 -5.52
CA VAL G 45 -17.33 -11.72 -5.53
C VAL G 45 -18.22 -12.81 -4.95
N LYS G 46 -18.95 -12.49 -3.88
CA LYS G 46 -19.83 -13.50 -3.29
C LYS G 46 -20.96 -13.87 -4.24
N PHE G 47 -21.39 -12.94 -5.10
CA PHE G 47 -22.41 -13.27 -6.09
C PHE G 47 -21.86 -14.21 -7.15
N THR G 48 -20.62 -13.98 -7.58
CA THR G 48 -19.98 -14.90 -8.51
C THR G 48 -19.76 -16.27 -7.88
N LEU G 49 -19.34 -16.28 -6.61
CA LEU G 49 -19.20 -17.54 -5.89
C LEU G 49 -20.54 -18.24 -5.76
N ALA G 50 -21.60 -17.50 -5.47
CA ALA G 50 -22.92 -18.10 -5.35
C ALA G 50 -23.35 -18.75 -6.67
N LYS G 51 -22.98 -18.13 -7.80
CA LYS G 51 -23.37 -18.68 -9.09
C LYS G 51 -22.65 -20.00 -9.34
N ILE G 52 -21.32 -20.03 -9.19
CA ILE G 52 -20.59 -21.28 -9.44
C ILE G 52 -20.97 -22.33 -8.42
N ARG G 53 -21.31 -21.92 -7.21
CA ARG G 53 -21.92 -22.86 -6.26
C ARG G 53 -23.26 -23.37 -6.79
N LYS G 54 -24.10 -22.47 -7.30
CA LYS G 54 -25.41 -22.86 -7.78
C LYS G 54 -25.31 -23.84 -8.94
N ALA G 55 -24.44 -23.55 -9.90
CA ALA G 55 -24.27 -24.45 -11.04
C ALA G 55 -23.74 -25.80 -10.58
N ALA G 56 -22.77 -25.79 -9.66
CA ALA G 56 -22.19 -27.04 -9.19
C ALA G 56 -23.22 -27.87 -8.42
N ARG G 57 -24.11 -27.21 -7.69
CA ARG G 57 -25.21 -27.91 -7.05
C ARG G 57 -26.13 -28.55 -8.08
N GLU G 58 -26.42 -27.81 -9.16
CA GLU G 58 -27.24 -28.37 -10.24
C GLU G 58 -26.57 -29.60 -10.84
N LEU G 59 -25.28 -29.52 -11.10
CA LEU G 59 -24.56 -30.66 -11.68
C LEU G 59 -24.61 -31.86 -10.74
N LEU G 60 -24.45 -31.63 -9.44
CA LEU G 60 -24.43 -32.74 -8.50
C LEU G 60 -25.78 -33.44 -8.39
N THR G 61 -26.88 -32.67 -8.32
CA THR G 61 -28.19 -33.32 -8.24
C THR G 61 -28.56 -33.99 -9.55
N LEU G 62 -27.89 -33.65 -10.64
CA LEU G 62 -28.02 -34.41 -11.87
C LEU G 62 -27.28 -35.73 -11.73
N ASP G 63 -27.86 -36.78 -12.30
CA ASP G 63 -27.31 -38.12 -12.12
C ASP G 63 -25.95 -38.25 -12.80
N GLU G 64 -25.15 -39.17 -12.29
CA GLU G 64 -23.87 -39.50 -12.89
C GLU G 64 -24.09 -40.17 -14.25
N LYS G 65 -23.06 -40.09 -15.11
CA LYS G 65 -23.01 -40.66 -16.45
C LYS G 65 -23.81 -39.86 -17.47
N ASP G 66 -24.53 -38.84 -17.03
CA ASP G 66 -25.24 -38.00 -17.98
C ASP G 66 -24.21 -37.18 -18.74
N PRO G 67 -24.28 -37.13 -20.08
CA PRO G 67 -23.20 -36.46 -20.83
C PRO G 67 -22.98 -35.01 -20.43
N ARG G 68 -24.03 -34.28 -20.10
CA ARG G 68 -23.85 -32.86 -19.77
C ARG G 68 -23.18 -32.69 -18.41
N ARG G 69 -23.47 -33.59 -17.46
CA ARG G 69 -22.85 -33.48 -16.14
C ARG G 69 -21.34 -33.62 -16.23
N LEU G 70 -20.86 -34.61 -16.98
CA LEU G 70 -19.42 -34.75 -17.17
C LEU G 70 -18.85 -33.57 -17.94
N PHE G 71 -19.46 -33.21 -19.07
CA PHE G 71 -18.90 -32.17 -19.93
C PHE G 71 -18.78 -30.85 -19.19
N GLU G 72 -19.85 -30.41 -18.54
CA GLU G 72 -19.76 -29.23 -17.69
C GLU G 72 -18.92 -29.50 -16.46
N GLY G 73 -18.91 -30.75 -16.00
CA GLY G 73 -18.08 -31.09 -14.85
C GLY G 73 -16.61 -30.77 -15.07
N ASN G 74 -16.06 -31.16 -16.22
CA ASN G 74 -14.71 -30.72 -16.52
C ASN G 74 -14.67 -29.24 -16.84
N ALA G 75 -15.70 -28.74 -17.54
CA ALA G 75 -15.67 -27.35 -17.99
C ALA G 75 -15.58 -26.39 -16.81
N LEU G 76 -16.44 -26.57 -15.81
CA LEU G 76 -16.35 -25.75 -14.61
C LEU G 76 -15.01 -25.97 -13.90
N LEU G 77 -14.64 -27.23 -13.70
CA LEU G 77 -13.41 -27.53 -12.98
C LEU G 77 -12.18 -27.02 -13.72
N ARG G 78 -12.10 -27.31 -15.02
CA ARG G 78 -10.91 -26.96 -15.78
C ARG G 78 -10.73 -25.44 -15.84
N ARG G 79 -11.81 -24.68 -15.69
CA ARG G 79 -11.65 -23.23 -15.69
C ARG G 79 -11.32 -22.71 -14.30
N LEU G 80 -11.80 -23.37 -13.25
CA LEU G 80 -11.49 -22.92 -11.90
C LEU G 80 -10.01 -23.07 -11.59
N VAL G 81 -9.40 -24.21 -11.97
CA VAL G 81 -7.96 -24.35 -11.81
C VAL G 81 -7.25 -23.33 -12.68
N ARG G 82 -7.82 -23.02 -13.85
CA ARG G 82 -7.25 -21.98 -14.70
C ARG G 82 -7.23 -20.63 -13.97
N ILE G 83 -8.28 -20.34 -13.20
CA ILE G 83 -8.24 -19.18 -12.32
C ILE G 83 -7.21 -19.37 -11.22
N GLY G 84 -7.07 -20.60 -10.72
CA GLY G 84 -6.17 -20.90 -9.63
C GLY G 84 -6.82 -20.97 -8.26
N VAL G 85 -8.13 -20.81 -8.17
CA VAL G 85 -8.80 -20.95 -6.89
C VAL G 85 -8.84 -22.40 -6.46
N LEU G 86 -8.70 -23.32 -7.40
CA LEU G 86 -8.75 -24.75 -7.12
C LEU G 86 -7.39 -25.36 -7.44
N ASP G 87 -7.03 -26.41 -6.73
CA ASP G 87 -5.74 -27.05 -6.97
C ASP G 87 -5.87 -28.05 -8.12
N GLU G 88 -4.84 -28.11 -8.95
CA GLU G 88 -4.86 -28.97 -10.14
C GLU G 88 -5.17 -30.41 -9.83
N GLY G 89 -4.71 -30.93 -8.70
CA GLY G 89 -4.91 -32.33 -8.35
C GLY G 89 -6.26 -32.68 -7.78
N LYS G 90 -7.15 -31.70 -7.62
CA LYS G 90 -8.50 -31.94 -7.12
C LYS G 90 -9.45 -31.78 -8.30
N MET G 91 -10.08 -32.89 -8.70
CA MET G 91 -10.98 -32.94 -9.84
C MET G 91 -12.39 -33.37 -9.39
N LYS G 92 -12.69 -33.17 -8.11
CA LYS G 92 -13.98 -33.52 -7.56
C LYS G 92 -14.78 -32.24 -7.34
N LEU G 93 -16.02 -32.23 -7.84
CA LEU G 93 -16.79 -31.00 -7.91
C LEU G 93 -17.22 -30.51 -6.53
N ASP G 94 -17.51 -31.40 -5.60
CA ASP G 94 -18.00 -30.95 -4.30
C ASP G 94 -16.95 -30.20 -3.51
N TYR G 95 -15.68 -30.23 -3.92
CA TYR G 95 -14.70 -29.34 -3.33
C TYR G 95 -14.87 -27.90 -3.80
N ILE G 96 -15.71 -27.66 -4.81
CA ILE G 96 -16.16 -26.29 -5.06
C ILE G 96 -17.08 -25.84 -3.94
N LEU G 97 -17.90 -26.76 -3.42
CA LEU G 97 -18.84 -26.39 -2.37
C LEU G 97 -18.13 -25.94 -1.11
N GLY G 98 -17.06 -26.65 -0.72
CA GLY G 98 -16.29 -26.24 0.43
C GLY G 98 -15.42 -25.03 0.19
N LEU G 99 -15.25 -24.65 -1.08
CA LEU G 99 -14.46 -23.49 -1.45
C LEU G 99 -15.11 -22.21 -0.92
N LYS G 100 -14.26 -21.30 -0.45
CA LYS G 100 -14.71 -20.11 0.27
C LYS G 100 -14.40 -18.85 -0.55
N ILE G 101 -14.77 -17.70 0.00
CA ILE G 101 -14.72 -16.44 -0.74
C ILE G 101 -13.34 -15.82 -0.74
N GLU G 102 -12.62 -15.89 0.39
CA GLU G 102 -11.42 -15.08 0.57
C GLU G 102 -10.34 -15.41 -0.45
N ASP G 103 -10.42 -16.59 -1.08
CA ASP G 103 -9.37 -16.97 -2.03
C ASP G 103 -9.68 -16.45 -3.44
N PHE G 104 -10.94 -16.20 -3.77
CA PHE G 104 -11.21 -15.50 -5.02
C PHE G 104 -10.53 -14.15 -5.05
N LEU G 105 -10.56 -13.43 -3.92
CA LEU G 105 -9.86 -12.16 -3.83
C LEU G 105 -8.35 -12.36 -3.90
N GLU G 106 -7.86 -13.52 -3.43
CA GLU G 106 -6.45 -13.87 -3.64
C GLU G 106 -6.09 -13.95 -5.11
N ARG G 107 -7.06 -14.13 -6.00
CA ARG G 107 -6.76 -14.13 -7.42
C ARG G 107 -6.85 -12.73 -8.03
N ARG G 108 -7.25 -11.73 -7.26
CA ARG G 108 -7.27 -10.37 -7.77
C ARG G 108 -5.85 -9.90 -8.06
N LEU G 109 -5.71 -9.06 -9.09
CA LEU G 109 -4.40 -8.49 -9.38
C LEU G 109 -3.95 -7.55 -8.28
N GLN G 110 -4.90 -7.00 -7.52
CA GLN G 110 -4.54 -6.08 -6.45
C GLN G 110 -3.75 -6.80 -5.35
N THR G 111 -4.18 -8.01 -4.99
CA THR G 111 -3.49 -8.75 -3.95
C THR G 111 -2.35 -9.59 -4.47
N GLN G 112 -2.40 -9.98 -5.74
CA GLN G 112 -1.32 -10.78 -6.32
C GLN G 112 -0.01 -10.01 -6.34
N VAL G 113 -0.07 -8.72 -6.70
CA VAL G 113 1.16 -7.93 -6.73
C VAL G 113 1.73 -7.76 -5.33
N PHE G 114 0.87 -7.63 -4.32
CA PHE G 114 1.37 -7.51 -2.96
C PHE G 114 2.08 -8.78 -2.50
N LYS G 115 1.48 -9.95 -2.76
CA LYS G 115 2.13 -11.19 -2.38
C LYS G 115 3.41 -11.40 -3.17
N LEU G 116 3.41 -10.99 -4.45
CA LEU G 116 4.64 -11.04 -5.24
C LEU G 116 5.65 -10.01 -4.79
N GLY G 117 5.25 -9.09 -3.91
CA GLY G 117 6.16 -8.12 -3.34
C GLY G 117 6.48 -6.94 -4.23
N LEU G 118 6.04 -6.98 -5.49
CA LEU G 118 6.32 -5.87 -6.40
C LEU G 118 5.68 -4.58 -5.90
N ALA G 119 4.57 -4.70 -5.16
CA ALA G 119 3.86 -3.56 -4.62
C ALA G 119 3.56 -3.83 -3.16
N LYS G 120 4.37 -3.27 -2.27
CA LYS G 120 4.17 -3.46 -0.85
C LYS G 120 2.91 -2.73 -0.39
N SER G 121 2.47 -3.04 0.83
CA SER G 121 1.41 -2.27 1.47
C SER G 121 0.13 -2.27 0.64
N ILE G 122 -0.58 -3.39 0.58
CA ILE G 122 -1.59 -3.73 -0.42
C ILE G 122 -2.45 -2.54 -0.85
N HIS G 123 -2.71 -1.63 0.07
CA HIS G 123 -3.36 -0.38 -0.33
C HIS G 123 -2.50 0.38 -1.34
N HIS G 124 -1.20 0.44 -1.10
CA HIS G 124 -0.29 1.00 -2.09
C HIS G 124 -0.25 0.15 -3.35
N ALA G 125 -0.56 -1.15 -3.22
CA ALA G 125 -0.56 -2.01 -4.41
C ALA G 125 -1.68 -1.60 -5.37
N ARG G 126 -2.88 -1.36 -4.83
CA ARG G 126 -4.01 -1.06 -5.69
C ARG G 126 -3.84 0.28 -6.41
N VAL G 127 -3.33 1.30 -5.71
CA VAL G 127 -3.24 2.61 -6.34
C VAL G 127 -2.28 2.58 -7.52
N LEU G 128 -1.11 1.97 -7.37
CA LEU G 128 -0.18 1.94 -8.49
C LEU G 128 -0.72 1.10 -9.63
N ILE G 129 -1.65 0.19 -9.37
CA ILE G 129 -2.38 -0.45 -10.45
C ILE G 129 -3.18 0.59 -11.21
N ARG G 130 -3.96 1.40 -10.49
CA ARG G 130 -4.67 2.50 -11.13
C ARG G 130 -3.71 3.50 -11.74
N GLN G 131 -2.50 3.63 -11.17
CA GLN G 131 -1.49 4.51 -11.74
C GLN G 131 -0.87 3.95 -13.02
N ARG G 132 -1.22 2.71 -13.38
CA ARG G 132 -0.84 2.10 -14.66
C ARG G 132 0.67 1.86 -14.77
N HIS G 133 1.30 1.55 -13.63
CA HIS G 133 2.69 1.10 -13.67
C HIS G 133 2.83 -0.41 -13.77
N ILE G 134 1.77 -1.17 -13.48
CA ILE G 134 1.90 -2.62 -13.53
C ILE G 134 1.44 -3.13 -14.90
N ARG G 135 2.26 -4.00 -15.49
CA ARG G 135 2.06 -4.43 -16.86
C ARG G 135 1.98 -5.94 -16.91
N VAL G 136 0.86 -6.45 -17.44
CA VAL G 136 0.67 -7.88 -17.67
C VAL G 136 1.58 -8.32 -18.81
N ARG G 137 1.61 -9.63 -19.08
CA ARG G 137 2.56 -10.28 -19.99
C ARG G 137 2.97 -9.43 -21.19
N LYS G 138 2.02 -8.79 -21.86
CA LYS G 138 2.36 -7.92 -22.98
C LYS G 138 1.53 -6.65 -22.98
N GLN G 139 0.97 -6.24 -21.85
CA GLN G 139 -0.02 -5.18 -21.88
C GLN G 139 -0.12 -4.51 -20.52
N VAL G 140 -0.51 -3.23 -20.54
CA VAL G 140 -0.62 -2.42 -19.33
C VAL G 140 -2.09 -2.33 -18.94
N VAL G 141 -2.41 -2.74 -17.72
CA VAL G 141 -3.79 -2.86 -17.26
C VAL G 141 -3.91 -2.15 -15.90
N ASN G 142 -4.97 -1.36 -15.75
CA ASN G 142 -5.27 -0.68 -14.48
C ASN G 142 -6.66 -1.12 -14.04
N ILE G 143 -6.73 -2.28 -13.40
CA ILE G 143 -7.99 -2.86 -12.95
C ILE G 143 -7.76 -3.54 -11.62
N PRO G 144 -8.15 -2.92 -10.50
CA PRO G 144 -7.91 -3.55 -9.19
C PRO G 144 -8.62 -4.88 -9.01
N SER G 145 -9.69 -5.14 -9.78
CA SER G 145 -10.41 -6.41 -9.69
C SER G 145 -9.98 -7.39 -10.76
N PHE G 146 -8.90 -7.11 -11.47
CA PHE G 146 -8.37 -8.03 -12.48
C PHE G 146 -8.09 -9.35 -11.80
N ILE G 147 -8.59 -10.44 -12.37
CA ILE G 147 -8.31 -11.76 -11.84
C ILE G 147 -7.30 -12.44 -12.75
N VAL G 148 -6.17 -12.85 -12.18
CA VAL G 148 -5.10 -13.40 -12.98
C VAL G 148 -5.23 -14.92 -13.03
N ARG G 149 -5.19 -15.45 -14.24
CA ARG G 149 -5.19 -16.89 -14.45
C ARG G 149 -3.83 -17.46 -14.04
N LEU G 150 -3.78 -18.78 -13.92
CA LEU G 150 -2.52 -19.42 -13.55
C LEU G 150 -1.46 -19.23 -14.64
N ASP G 151 -1.89 -19.22 -15.90
CA ASP G 151 -0.93 -19.13 -16.99
C ASP G 151 -0.15 -17.82 -16.96
N SER G 152 -0.74 -16.76 -16.42
CA SER G 152 -0.10 -15.46 -16.39
C SER G 152 0.27 -14.99 -14.99
N GLN G 153 0.39 -15.91 -14.03
CA GLN G 153 0.78 -15.51 -12.67
C GLN G 153 2.17 -14.90 -12.64
N LYS G 154 3.11 -15.48 -13.37
CA LYS G 154 4.52 -15.11 -13.27
C LYS G 154 4.88 -13.88 -14.10
N HIS G 155 3.97 -13.41 -14.95
CA HIS G 155 4.27 -12.36 -15.91
C HIS G 155 3.77 -10.99 -15.46
N ILE G 156 3.79 -10.73 -14.17
CA ILE G 156 3.34 -9.46 -13.60
C ILE G 156 4.59 -8.63 -13.32
N ASP G 157 4.80 -7.59 -14.14
CA ASP G 157 5.99 -6.76 -14.02
C ASP G 157 5.62 -5.30 -14.28
N PHE G 158 6.49 -4.40 -13.82
CA PHE G 158 6.26 -2.98 -14.03
C PHE G 158 6.39 -2.61 -15.50
N SER G 159 5.57 -1.66 -15.93
CA SER G 159 5.57 -1.24 -17.32
C SER G 159 6.85 -0.48 -17.67
N LEU G 160 7.14 -0.43 -18.97
CA LEU G 160 8.33 0.29 -19.42
C LEU G 160 8.12 1.79 -19.40
N ARG G 161 6.89 2.25 -19.63
CA ARG G 161 6.64 3.68 -19.56
C ARG G 161 6.49 4.17 -18.13
N SER G 162 6.32 3.25 -17.19
CA SER G 162 6.33 3.61 -15.77
C SER G 162 7.75 3.97 -15.33
N PRO G 163 7.89 4.81 -14.31
CA PRO G 163 9.23 5.11 -13.79
C PRO G 163 9.66 4.10 -12.72
N TYR G 164 9.42 2.83 -13.00
CA TYR G 164 10.00 1.73 -12.23
C TYR G 164 10.54 0.62 -13.11
N GLY G 165 10.09 0.51 -14.36
CA GLY G 165 10.64 -0.42 -15.32
C GLY G 165 11.60 0.31 -16.23
N GLY G 166 11.13 0.71 -17.41
CA GLY G 166 11.90 1.58 -18.28
C GLY G 166 12.09 2.96 -17.69
N GLY G 167 12.56 3.90 -18.50
CA GLY G 167 12.91 5.21 -18.00
C GLY G 167 11.75 6.17 -17.86
N ARG G 168 11.95 7.40 -18.35
CA ARG G 168 11.00 8.50 -18.24
C ARG G 168 10.54 8.69 -16.80
N PRO G 169 11.37 9.27 -15.93
CA PRO G 169 10.91 9.58 -14.57
C PRO G 169 9.69 10.48 -14.58
N GLY G 170 8.83 10.27 -13.60
CA GLY G 170 7.56 10.97 -13.52
C GLY G 170 7.72 12.48 -13.40
N ARG G 171 6.57 13.16 -13.41
CA ARG G 171 6.59 14.61 -13.56
C ARG G 171 7.15 15.32 -12.32
N VAL G 172 6.95 14.76 -11.13
CA VAL G 172 7.55 15.38 -9.96
C VAL G 172 9.07 15.24 -10.00
N LYS G 173 9.58 14.12 -10.50
CA LYS G 173 11.01 13.99 -10.73
C LYS G 173 11.49 15.04 -11.72
N ARG G 174 10.65 15.37 -12.71
CA ARG G 174 11.04 16.37 -13.69
C ARG G 174 11.06 17.77 -13.09
N LYS G 175 10.02 18.13 -12.33
CA LYS G 175 9.94 19.49 -11.81
C LYS G 175 11.06 19.78 -10.83
N ASN G 176 11.37 18.81 -9.95
CA ASN G 176 12.46 19.05 -9.00
C ASN G 176 13.81 19.05 -9.69
N ALA G 177 13.92 18.40 -10.84
CA ALA G 177 15.16 18.45 -11.60
C ALA G 177 15.41 19.84 -12.17
N LYS G 178 14.40 20.42 -12.83
CA LYS G 178 14.60 21.71 -13.48
C LYS G 178 14.67 22.85 -12.48
N LYS G 179 13.88 22.79 -11.40
CA LYS G 179 14.04 23.78 -10.34
C LYS G 179 15.39 23.63 -9.65
N GLY G 180 15.93 22.41 -9.64
CA GLY G 180 17.30 22.23 -9.18
C GLY G 180 18.32 22.77 -10.15
N GLN G 181 18.13 22.51 -11.45
CA GLN G 181 19.08 22.98 -12.44
C GLN G 181 19.04 24.50 -12.60
N GLY G 182 17.92 25.12 -12.23
CA GLY G 182 17.84 26.57 -12.27
C GLY G 182 18.43 27.26 -11.06
N GLY G 183 18.35 26.63 -9.89
CA GLY G 183 18.90 27.19 -8.67
C GLY G 183 20.36 26.90 -8.44
N ALA G 184 20.99 26.12 -9.31
CA ALA G 184 22.39 25.76 -9.19
C ALA G 184 23.03 25.76 -10.58
N GLY G 185 24.36 25.75 -10.59
CA GLY G 185 25.11 25.73 -11.83
C GLY G 185 26.49 25.12 -11.69
N ASN H 1 10.87 6.65 -36.05
CA ASN H 1 11.35 5.77 -37.12
C ASN H 1 12.49 4.89 -36.62
N ASP H 2 13.24 5.40 -35.65
CA ASP H 2 14.33 4.62 -35.07
C ASP H 2 13.80 3.36 -34.39
N THR H 3 12.67 3.48 -33.67
CA THR H 3 11.99 2.32 -33.09
C THR H 3 10.51 2.40 -33.48
N VAL H 4 10.21 1.94 -34.70
CA VAL H 4 8.85 1.75 -35.21
C VAL H 4 8.93 0.64 -36.24
N THR H 5 8.10 -0.38 -36.08
CA THR H 5 8.13 -1.53 -36.97
C THR H 5 6.72 -1.94 -37.36
N ILE H 6 6.61 -2.52 -38.55
CA ILE H 6 5.34 -2.92 -39.14
C ILE H 6 5.33 -4.42 -39.33
N ARG H 7 4.22 -5.05 -38.97
CA ARG H 7 4.01 -6.47 -39.26
C ARG H 7 2.63 -6.65 -39.87
N THR H 8 2.54 -7.56 -40.82
CA THR H 8 1.31 -7.85 -41.54
C THR H 8 0.88 -9.28 -41.28
N ARG H 9 -0.42 -9.46 -41.15
CA ARG H 9 -0.99 -10.78 -40.91
C ARG H 9 -2.31 -10.90 -41.64
N LYS H 10 -2.86 -12.12 -41.63
CA LYS H 10 -4.11 -12.42 -42.32
C LYS H 10 -4.10 -11.89 -43.74
N PHE H 11 -2.96 -12.08 -44.42
CA PHE H 11 -2.77 -11.56 -45.76
C PHE H 11 -3.24 -12.58 -46.77
N MET H 12 -4.23 -12.21 -47.58
CA MET H 12 -4.69 -13.04 -48.67
C MET H 12 -4.88 -12.16 -49.90
N THR H 13 -4.43 -12.68 -51.04
CA THR H 13 -4.51 -11.96 -52.30
C THR H 13 -5.82 -12.28 -53.00
N ASN H 14 -6.28 -11.30 -53.79
CA ASN H 14 -7.47 -11.52 -54.61
C ASN H 14 -7.41 -10.64 -55.84
N ARG H 15 -7.31 -11.29 -57.00
CA ARG H 15 -7.44 -10.58 -58.25
C ARG H 15 -8.89 -10.30 -58.58
N LEU H 16 -9.83 -10.83 -57.79
CA LEU H 16 -11.21 -10.36 -57.85
C LEU H 16 -11.27 -8.85 -57.64
N LEU H 17 -10.55 -8.35 -56.66
CA LEU H 17 -10.41 -6.91 -56.43
C LEU H 17 -8.99 -6.43 -56.71
N GLN H 18 -8.22 -7.20 -57.49
CA GLN H 18 -6.89 -6.82 -57.98
C GLN H 18 -6.11 -6.07 -56.91
N ARG H 19 -5.97 -6.74 -55.77
CA ARG H 19 -5.33 -6.23 -54.57
C ARG H 19 -5.02 -7.42 -53.68
N LYS H 20 -4.38 -7.15 -52.55
CA LYS H 20 -4.18 -8.16 -51.52
C LYS H 20 -4.68 -7.61 -50.21
N GLN H 21 -5.55 -8.37 -49.54
CA GLN H 21 -6.20 -7.94 -48.30
C GLN H 21 -5.38 -8.44 -47.13
N MET H 22 -5.13 -7.54 -46.18
CA MET H 22 -4.19 -7.82 -45.11
C MET H 22 -4.32 -6.75 -44.04
N VAL H 23 -3.95 -7.10 -42.81
CA VAL H 23 -4.09 -6.25 -41.64
C VAL H 23 -2.71 -6.01 -41.06
N ILE H 24 -2.41 -4.74 -40.74
CA ILE H 24 -1.11 -4.36 -40.20
C ILE H 24 -1.20 -4.26 -38.68
N ASP H 25 -0.03 -4.24 -38.07
CA ASP H 25 0.12 -3.86 -36.68
C ASP H 25 1.44 -3.09 -36.56
N VAL H 26 1.47 -2.10 -35.67
CA VAL H 26 2.64 -1.25 -35.50
C VAL H 26 3.01 -1.21 -34.03
N LEU H 27 4.28 -1.47 -33.74
CA LEU H 27 4.84 -1.24 -32.41
C LEU H 27 5.48 0.13 -32.40
N HIS H 28 4.90 1.06 -31.64
CA HIS H 28 5.48 2.38 -31.43
C HIS H 28 5.51 2.63 -29.93
N PRO H 29 6.50 2.08 -29.24
CA PRO H 29 6.46 2.03 -27.78
C PRO H 29 6.29 3.38 -27.11
N GLY H 30 7.19 4.32 -27.37
CA GLY H 30 7.13 5.61 -26.72
C GLY H 30 6.61 6.71 -27.61
N LYS H 31 5.86 6.34 -28.64
CA LYS H 31 5.36 7.30 -29.63
C LYS H 31 3.85 7.37 -29.55
N ALA H 32 3.31 8.41 -30.17
CA ALA H 32 1.87 8.52 -30.32
C ALA H 32 1.39 7.54 -31.38
N THR H 33 0.09 7.59 -31.66
CA THR H 33 -0.43 6.88 -32.82
C THR H 33 0.22 7.43 -34.07
N VAL H 34 0.89 6.57 -34.81
CA VAL H 34 1.63 7.01 -35.98
C VAL H 34 0.64 7.48 -37.05
N PRO H 35 0.87 8.64 -37.66
CA PRO H 35 0.01 9.06 -38.77
C PRO H 35 -0.03 8.03 -39.87
N LYS H 36 -1.16 7.98 -40.59
CA LYS H 36 -1.30 7.03 -41.68
C LYS H 36 -0.29 7.27 -42.80
N THR H 37 0.15 8.52 -42.97
CA THR H 37 0.98 8.85 -44.12
C THR H 37 2.31 8.10 -44.09
N GLU H 38 3.05 8.17 -42.99
CA GLU H 38 4.36 7.52 -42.99
C GLU H 38 4.24 6.01 -42.88
N ILE H 39 3.06 5.49 -42.56
CA ILE H 39 2.82 4.08 -42.79
C ILE H 39 2.86 3.78 -44.28
N ARG H 40 2.24 4.64 -45.09
CA ARG H 40 1.96 4.30 -46.49
C ARG H 40 3.21 3.88 -47.24
N GLU H 41 4.28 4.66 -47.14
CA GLU H 41 5.51 4.25 -47.81
C GLU H 41 6.21 3.14 -47.03
N LYS H 42 5.99 3.07 -45.72
CA LYS H 42 6.67 2.04 -44.91
C LYS H 42 6.27 0.64 -45.34
N LEU H 43 4.98 0.42 -45.63
CA LEU H 43 4.63 -0.88 -46.21
C LEU H 43 4.94 -0.91 -47.71
N ALA H 44 5.13 0.26 -48.32
CA ALA H 44 5.50 0.29 -49.73
C ALA H 44 6.94 -0.18 -49.93
N LYS H 45 7.87 0.33 -49.12
CA LYS H 45 9.28 0.05 -49.36
C LYS H 45 9.60 -1.42 -49.13
N MET H 46 8.92 -2.07 -48.20
CA MET H 46 9.12 -3.50 -48.00
C MET H 46 8.13 -4.33 -48.81
N TYR H 47 7.28 -3.69 -49.61
CA TYR H 47 6.48 -4.36 -50.62
C TYR H 47 6.82 -3.89 -52.03
N LYS H 48 7.90 -3.12 -52.18
CA LYS H 48 8.40 -2.62 -53.46
C LYS H 48 7.27 -2.22 -54.41
N THR H 49 6.36 -1.40 -53.90
CA THR H 49 5.24 -0.90 -54.67
C THR H 49 5.26 0.62 -54.69
N THR H 50 4.36 1.19 -55.49
CA THR H 50 4.23 2.63 -55.54
C THR H 50 3.57 3.13 -54.26
N PRO H 51 4.21 4.01 -53.51
CA PRO H 51 3.60 4.51 -52.28
C PRO H 51 2.55 5.58 -52.55
N ASP H 52 1.73 5.36 -53.57
CA ASP H 52 0.61 6.23 -53.89
C ASP H 52 -0.68 5.47 -54.17
N VAL H 53 -0.63 4.16 -54.36
CA VAL H 53 -1.84 3.33 -54.44
C VAL H 53 -2.20 2.74 -53.09
N ILE H 54 -1.68 3.30 -52.01
CA ILE H 54 -1.68 2.64 -50.71
C ILE H 54 -2.87 3.14 -49.91
N PHE H 55 -3.70 2.23 -49.41
CA PHE H 55 -4.87 2.60 -48.63
C PHE H 55 -4.86 1.89 -47.30
N VAL H 56 -4.91 2.66 -46.21
CA VAL H 56 -4.84 2.14 -44.85
C VAL H 56 -5.80 2.92 -43.99
N PHE H 57 -6.46 2.24 -43.05
CA PHE H 57 -7.40 2.91 -42.15
C PHE H 57 -7.64 2.04 -40.93
N GLY H 58 -8.59 2.44 -40.09
CA GLY H 58 -8.99 1.65 -38.95
C GLY H 58 -7.93 1.46 -37.90
N PHE H 59 -7.18 2.50 -37.57
CA PHE H 59 -6.05 2.39 -36.65
C PHE H 59 -6.50 2.76 -35.25
N ARG H 60 -6.76 1.75 -34.43
CA ARG H 60 -7.01 1.96 -33.01
C ARG H 60 -5.94 1.21 -32.23
N THR H 61 -5.35 1.90 -31.26
CA THR H 61 -4.26 1.34 -30.48
C THR H 61 -4.80 0.67 -29.23
N HIS H 62 -4.22 -0.48 -28.90
CA HIS H 62 -4.62 -1.18 -27.70
C HIS H 62 -4.29 -0.34 -26.47
N PHE H 63 -4.81 -0.78 -25.33
CA PHE H 63 -4.64 -0.02 -24.10
C PHE H 63 -3.18 -0.02 -23.68
N GLY H 64 -2.77 1.07 -23.04
CA GLY H 64 -1.40 1.22 -22.61
C GLY H 64 -0.43 1.65 -23.68
N GLY H 65 -0.89 1.87 -24.91
CA GLY H 65 -0.02 2.30 -25.97
C GLY H 65 0.75 1.16 -26.60
N GLY H 66 1.62 1.53 -27.54
CA GLY H 66 2.43 0.56 -28.23
C GLY H 66 1.73 -0.08 -29.42
N LYS H 67 1.26 -1.31 -29.24
CA LYS H 67 0.63 -2.05 -30.34
C LYS H 67 -0.61 -1.32 -30.84
N THR H 68 -0.66 -1.08 -32.15
CA THR H 68 -1.79 -0.44 -32.82
C THR H 68 -2.08 -1.25 -34.07
N THR H 69 -3.31 -1.72 -34.20
CA THR H 69 -3.71 -2.52 -35.35
C THR H 69 -4.65 -1.74 -36.26
N GLY H 70 -4.72 -2.18 -37.50
CA GLY H 70 -5.61 -1.56 -38.45
C GLY H 70 -5.49 -2.23 -39.81
N PHE H 71 -6.31 -1.76 -40.73
CA PHE H 71 -6.47 -2.43 -42.02
C PHE H 71 -5.74 -1.66 -43.09
N GLY H 72 -5.03 -2.39 -43.96
CA GLY H 72 -4.35 -1.81 -45.09
C GLY H 72 -4.89 -2.37 -46.40
N MET H 73 -4.62 -1.67 -47.51
CA MET H 73 -5.16 -2.07 -48.80
C MET H 73 -4.17 -1.61 -49.86
N ILE H 74 -3.49 -2.55 -50.50
CA ILE H 74 -2.47 -2.26 -51.50
C ILE H 74 -2.98 -2.70 -52.85
N TYR H 75 -2.90 -1.83 -53.85
CA TYR H 75 -3.41 -2.12 -55.16
C TYR H 75 -2.27 -2.35 -56.15
N ASP H 76 -2.64 -2.55 -57.41
CA ASP H 76 -1.67 -2.70 -58.49
C ASP H 76 -1.47 -1.41 -59.27
N SER H 77 -2.54 -0.68 -59.56
CA SER H 77 -2.45 0.59 -60.27
C SER H 77 -3.55 1.49 -59.76
N LEU H 78 -3.35 2.80 -59.92
CA LEU H 78 -4.38 3.74 -59.51
C LEU H 78 -5.66 3.53 -60.30
N ASP H 79 -5.54 3.14 -61.57
CA ASP H 79 -6.72 2.97 -62.42
C ASP H 79 -7.65 1.89 -61.87
N TYR H 80 -7.10 0.71 -61.59
CA TYR H 80 -7.89 -0.35 -60.99
C TYR H 80 -8.34 0.03 -59.59
N ALA H 81 -7.51 0.79 -58.87
CA ALA H 81 -7.90 1.30 -57.56
C ALA H 81 -9.10 2.24 -57.67
N LYS H 82 -9.08 3.15 -58.63
CA LYS H 82 -10.18 4.11 -58.75
C LYS H 82 -11.49 3.39 -59.07
N LYS H 83 -11.44 2.39 -59.94
CA LYS H 83 -12.67 1.71 -60.36
C LYS H 83 -13.35 1.03 -59.18
N ASN H 84 -12.58 0.34 -58.33
CA ASN H 84 -13.17 -0.45 -57.25
C ASN H 84 -12.57 -0.06 -55.88
N GLU H 85 -13.13 1.00 -55.32
CA GLU H 85 -12.68 1.55 -54.05
C GLU H 85 -13.72 2.56 -53.60
N PRO H 86 -14.12 2.55 -52.33
CA PRO H 86 -14.97 3.64 -51.82
C PRO H 86 -14.33 5.00 -52.00
N LYS H 87 -15.18 5.97 -52.35
CA LYS H 87 -14.71 7.31 -52.68
C LYS H 87 -14.22 8.10 -51.48
N HIS H 88 -14.66 7.76 -50.26
CA HIS H 88 -14.35 8.58 -49.11
C HIS H 88 -12.86 8.55 -48.76
N ARG H 89 -12.19 7.42 -48.95
CA ARG H 89 -10.75 7.39 -48.72
C ARG H 89 -10.01 8.21 -49.78
N LEU H 90 -10.46 8.13 -51.04
CA LEU H 90 -9.89 8.98 -52.06
C LEU H 90 -10.10 10.45 -51.76
N ALA H 91 -11.08 10.77 -50.92
CA ALA H 91 -11.23 12.13 -50.43
C ALA H 91 -10.23 12.47 -49.35
N ARG H 92 -9.80 11.46 -48.57
CA ARG H 92 -8.84 11.71 -47.49
C ARG H 92 -7.53 12.25 -48.05
N HIS H 93 -6.85 11.46 -48.86
CA HIS H 93 -5.77 11.97 -49.70
C HIS H 93 -6.40 12.30 -51.05
N GLY H 94 -6.59 13.59 -51.32
CA GLY H 94 -7.45 14.04 -52.39
C GLY H 94 -7.10 13.55 -53.79
N LEU H 95 -7.90 12.62 -54.30
CA LEU H 95 -7.85 12.25 -55.71
C LEU H 95 -9.25 12.37 -56.32
N TYR H 96 -10.26 11.96 -55.56
CA TYR H 96 -11.65 12.08 -55.99
C TYR H 96 -12.20 13.39 -55.43
N GLU H 97 -12.59 14.29 -56.32
CA GLU H 97 -13.12 15.58 -55.89
C GLU H 97 -14.47 15.39 -55.22
N LYS H 98 -14.72 16.18 -54.17
CA LYS H 98 -15.91 15.97 -53.34
C LYS H 98 -16.29 17.32 -52.72
N LYS H 99 -17.23 18.01 -53.36
CA LYS H 99 -17.80 19.23 -52.80
C LYS H 99 -19.19 19.38 -53.42
N LYS H 100 -20.22 19.11 -52.63
CA LYS H 100 -21.59 19.24 -53.06
C LYS H 100 -22.39 19.94 -51.98
N THR H 101 -23.58 20.40 -52.34
CA THR H 101 -24.48 20.98 -51.36
C THR H 101 -24.94 19.92 -50.37
N SER H 102 -25.22 20.35 -49.15
CA SER H 102 -25.71 19.44 -48.14
C SER H 102 -27.02 18.80 -48.58
N ARG H 103 -27.38 17.71 -47.90
CA ARG H 103 -28.59 16.98 -48.30
C ARG H 103 -29.84 17.81 -48.10
N LYS H 104 -29.76 18.86 -47.28
CA LYS H 104 -30.92 19.70 -47.04
C LYS H 104 -31.33 20.45 -48.31
N GLN H 105 -30.41 21.24 -48.86
CA GLN H 105 -30.74 21.99 -50.07
C GLN H 105 -31.02 21.06 -51.24
N ARG H 106 -30.39 19.87 -51.26
CA ARG H 106 -30.77 18.87 -52.24
C ARG H 106 -32.25 18.54 -52.12
N LYS H 107 -32.71 18.28 -50.90
CA LYS H 107 -34.12 17.99 -50.69
C LYS H 107 -34.99 19.20 -51.00
N GLU H 108 -34.55 20.39 -50.59
CA GLU H 108 -35.30 21.60 -50.90
C GLU H 108 -35.37 21.82 -52.40
N ARG H 109 -34.23 21.67 -53.10
CA ARG H 109 -34.23 21.79 -54.55
C ARG H 109 -35.04 20.68 -55.18
N LYS H 110 -34.90 19.44 -54.70
CA LYS H 110 -35.58 18.31 -55.32
C LYS H 110 -37.09 18.47 -55.25
N ASN H 111 -37.60 18.90 -54.10
CA ASN H 111 -39.03 19.14 -53.99
C ASN H 111 -39.44 20.36 -54.80
N ARG H 112 -38.50 21.26 -55.09
CA ARG H 112 -38.84 22.42 -55.91
C ARG H 112 -39.13 22.02 -57.35
N MET H 113 -38.25 21.25 -57.98
CA MET H 113 -38.51 20.81 -59.34
C MET H 113 -39.70 19.86 -59.41
N LYS H 114 -39.98 19.16 -58.31
CA LYS H 114 -41.17 18.33 -58.27
C LYS H 114 -42.44 19.16 -58.38
N LYS H 115 -42.37 20.41 -57.92
CA LYS H 115 -43.52 21.32 -58.05
C LYS H 115 -43.71 21.75 -59.50
N VAL H 116 -42.64 22.15 -60.18
CA VAL H 116 -42.75 22.62 -61.56
C VAL H 116 -42.81 21.43 -62.50
N ARG H 117 -43.81 21.44 -63.38
CA ARG H 117 -44.12 20.29 -64.22
C ARG H 117 -43.61 20.50 -65.63
N GLY H 118 -43.00 19.46 -66.18
CA GLY H 118 -42.76 19.39 -67.61
C GLY H 118 -41.65 20.28 -68.13
N THR H 119 -41.85 21.59 -68.06
CA THR H 119 -40.94 22.55 -68.68
C THR H 119 -39.49 22.34 -68.24
N ALA H 120 -38.65 21.93 -69.18
CA ALA H 120 -37.23 21.76 -68.88
C ALA H 120 -36.58 23.09 -68.51
N LYS H 121 -37.04 24.18 -69.13
CA LYS H 121 -36.47 25.48 -68.86
C LYS H 121 -36.69 25.90 -67.40
N ALA H 122 -37.88 25.64 -66.87
CA ALA H 122 -38.15 25.97 -65.48
C ALA H 122 -37.77 24.85 -64.53
N ASN H 123 -37.72 23.60 -65.00
CA ASN H 123 -37.16 22.53 -64.16
C ASN H 123 -35.71 22.82 -63.85
N VAL H 124 -34.93 23.23 -64.84
CA VAL H 124 -33.58 23.71 -64.56
C VAL H 124 -33.60 25.14 -64.01
N GLY H 125 -34.67 25.89 -64.28
CA GLY H 125 -34.81 27.22 -63.73
C GLY H 125 -35.23 27.28 -62.28
N ALA H 126 -35.53 26.13 -61.69
CA ALA H 126 -35.90 26.10 -60.28
C ALA H 126 -34.70 26.33 -59.36
N GLY H 127 -33.50 26.42 -59.91
CA GLY H 127 -32.32 26.70 -59.11
C GLY H 127 -31.66 28.01 -59.47
N LYS H 128 -32.10 28.64 -60.56
CA LYS H 128 -31.49 29.90 -60.97
C LYS H 128 -31.93 31.04 -60.07
N LYS H 129 -33.23 31.29 -60.00
CA LYS H 129 -33.78 32.27 -59.06
C LYS H 129 -34.02 31.61 -57.69
N PRO H 130 -34.72 30.45 -57.63
CA PRO H 130 -34.81 29.79 -56.30
C PRO H 130 -33.54 29.00 -55.98
N LYS H 131 -32.51 29.73 -55.58
CA LYS H 131 -31.23 29.14 -55.19
C LYS H 131 -31.02 29.30 -53.69
N VAL I 1 -60.64 29.71 11.80
CA VAL I 1 -59.49 28.98 12.35
C VAL I 1 -59.00 29.66 13.62
N HIS I 2 -58.25 28.92 14.43
CA HIS I 2 -57.74 29.46 15.69
C HIS I 2 -56.73 30.57 15.49
N GLY I 3 -56.10 30.65 14.33
CA GLY I 3 -54.99 31.58 14.14
C GLY I 3 -53.76 31.18 14.92
N SER I 4 -53.77 29.98 15.50
CA SER I 4 -52.67 29.50 16.32
C SER I 4 -51.54 28.90 15.49
N LEU I 5 -51.64 29.00 14.16
CA LEU I 5 -50.55 28.56 13.30
C LEU I 5 -49.47 29.63 13.15
N ALA I 6 -49.65 30.80 13.77
CA ALA I 6 -48.59 31.80 13.77
C ALA I 6 -47.35 31.32 14.51
N ARG I 7 -47.48 30.30 15.35
CA ARG I 7 -46.36 29.70 16.04
C ARG I 7 -45.60 28.71 15.16
N ALA I 8 -45.82 28.72 13.86
CA ALA I 8 -45.09 27.84 12.96
C ALA I 8 -43.62 28.22 12.93
N GLY I 9 -42.75 27.22 13.08
CA GLY I 9 -41.32 27.45 13.02
C GLY I 9 -40.77 28.30 14.14
N LYS I 10 -41.35 28.19 15.34
CA LYS I 10 -40.85 28.97 16.46
C LYS I 10 -39.49 28.47 16.93
N VAL I 11 -39.33 27.16 17.09
CA VAL I 11 -38.11 26.64 17.70
C VAL I 11 -36.92 26.76 16.76
N ARG I 12 -37.18 26.90 15.45
CA ARG I 12 -36.08 27.25 14.55
C ARG I 12 -35.71 28.72 14.70
N GLY I 13 -36.70 29.57 14.97
CA GLY I 13 -36.40 30.98 15.18
C GLY I 13 -35.59 31.21 16.44
N GLN I 14 -35.98 30.55 17.53
CA GLN I 14 -35.31 30.75 18.82
C GLN I 14 -34.02 29.97 18.96
N THR I 15 -33.71 29.09 18.03
CA THR I 15 -32.46 28.34 18.12
C THR I 15 -31.29 29.28 17.85
N PRO I 16 -30.37 29.43 18.80
CA PRO I 16 -29.21 30.29 18.56
C PRO I 16 -28.39 29.78 17.39
N LYS I 17 -27.93 30.71 16.55
CA LYS I 17 -27.23 30.37 15.32
C LYS I 17 -25.74 30.22 15.64
N VAL I 18 -25.29 28.98 15.69
CA VAL I 18 -23.88 28.65 15.78
C VAL I 18 -23.49 27.98 14.47
N ALA I 19 -22.23 28.09 14.10
CA ALA I 19 -21.82 27.74 12.75
C ALA I 19 -20.89 26.54 12.73
N LYS I 20 -20.84 25.87 11.58
CA LYS I 20 -19.92 24.77 11.32
C LYS I 20 -18.52 25.38 11.22
N GLN I 21 -17.65 25.02 12.16
CA GLN I 21 -16.30 25.57 12.13
C GLN I 21 -15.39 24.71 11.25
N GLU I 22 -14.25 25.28 10.89
CA GLU I 22 -13.32 24.63 9.97
C GLU I 22 -12.74 23.36 10.58
N LYS I 23 -13.02 22.23 9.94
CA LYS I 23 -12.47 20.94 10.33
C LYS I 23 -11.69 20.34 9.18
N LYS I 24 -10.88 19.34 9.48
CA LYS I 24 -10.11 18.68 8.45
C LYS I 24 -11.02 17.78 7.62
N LYS I 25 -10.90 17.88 6.31
CA LYS I 25 -11.70 17.04 5.41
C LYS I 25 -11.35 15.57 5.65
N LYS I 26 -12.39 14.74 5.78
CA LYS I 26 -12.16 13.33 6.06
C LYS I 26 -11.91 12.56 4.77
N LYS I 27 -11.12 11.50 4.89
CA LYS I 27 -10.81 10.66 3.75
C LYS I 27 -12.06 9.99 3.21
N THR I 28 -12.07 9.73 1.91
CA THR I 28 -13.21 9.12 1.25
C THR I 28 -12.75 7.91 0.46
N GLY I 29 -13.71 7.25 -0.19
CA GLY I 29 -13.38 6.08 -0.99
C GLY I 29 -12.81 4.96 -0.13
N ARG I 30 -11.86 4.23 -0.72
CA ARG I 30 -11.18 3.18 0.02
C ARG I 30 -10.49 3.73 1.27
N ALA I 31 -9.97 4.96 1.19
CA ALA I 31 -9.25 5.54 2.31
C ALA I 31 -10.14 5.66 3.53
N LYS I 32 -11.40 6.07 3.34
CA LYS I 32 -12.33 6.06 4.46
C LYS I 32 -12.52 4.65 4.99
N ARG I 33 -12.62 3.68 4.10
CA ARG I 33 -12.68 2.28 4.50
C ARG I 33 -11.37 1.77 5.07
N ARG I 34 -10.29 2.55 4.97
CA ARG I 34 -9.05 2.18 5.64
C ARG I 34 -9.09 2.51 7.12
N MET I 35 -9.26 3.79 7.45
CA MET I 35 -8.90 4.24 8.80
C MET I 35 -9.82 3.63 9.84
N GLN I 36 -11.11 3.46 9.55
CA GLN I 36 -12.00 2.91 10.56
C GLN I 36 -11.72 1.43 10.78
N TYR I 37 -11.32 0.72 9.73
CA TYR I 37 -10.93 -0.68 9.89
C TYR I 37 -9.72 -0.81 10.82
N ASN I 38 -8.73 0.06 10.63
CA ASN I 38 -7.58 0.05 11.52
C ASN I 38 -7.96 0.51 12.92
N ARG I 39 -8.97 1.36 13.02
CA ARG I 39 -9.33 1.91 14.32
C ARG I 39 -10.03 0.88 15.20
N ARG I 40 -10.79 -0.03 14.59
CA ARG I 40 -11.72 -0.86 15.35
C ARG I 40 -11.36 -2.33 15.40
N PHE I 41 -10.33 -2.77 14.69
CA PHE I 41 -10.10 -4.20 14.47
C PHE I 41 -8.76 -4.68 15.02
N VAL I 42 -7.65 -4.06 14.65
CA VAL I 42 -6.35 -4.39 15.26
C VAL I 42 -6.03 -3.25 16.22
N ASN I 43 -6.38 -3.46 17.49
CA ASN I 43 -6.15 -2.47 18.54
C ASN I 43 -6.30 -3.16 19.87
N VAL I 44 -5.26 -3.10 20.72
CA VAL I 44 -5.28 -3.71 22.05
C VAL I 44 -4.91 -2.63 23.06
N VAL I 45 -5.88 -1.91 23.58
CA VAL I 45 -5.64 -0.95 24.66
C VAL I 45 -5.92 -1.64 26.00
N PRO I 46 -5.06 -1.46 27.00
CA PRO I 46 -5.11 -2.32 28.20
C PRO I 46 -6.15 -1.91 29.25
N THR I 47 -7.14 -1.10 28.91
CA THR I 47 -8.06 -0.60 29.93
C THR I 47 -9.45 -1.23 29.79
N PHE I 48 -10.32 -0.89 30.73
CA PHE I 48 -11.72 -1.33 30.75
C PHE I 48 -12.57 -0.31 29.99
N GLY I 49 -13.89 -0.41 30.12
CA GLY I 49 -14.83 0.51 29.52
C GLY I 49 -16.17 -0.11 29.15
N LYS I 50 -16.36 -1.40 29.45
CA LYS I 50 -17.61 -2.11 29.18
C LYS I 50 -17.95 -2.05 27.69
N LYS I 51 -17.01 -2.49 26.88
CA LYS I 51 -17.15 -2.52 25.42
C LYS I 51 -17.64 -1.16 24.89
N LYS I 52 -16.90 -0.12 25.28
CA LYS I 52 -17.24 1.24 24.86
C LYS I 52 -16.85 1.46 23.40
N GLY I 53 -16.89 2.72 22.97
CA GLY I 53 -16.78 3.03 21.56
C GLY I 53 -15.36 3.16 21.04
N PRO I 54 -15.21 3.33 19.70
CA PRO I 54 -13.89 3.65 19.14
C PRO I 54 -13.54 5.10 19.35
N ASN I 55 -14.51 5.89 19.81
CA ASN I 55 -14.28 7.23 20.31
C ASN I 55 -14.27 7.24 21.83
N ALA I 56 -13.70 6.19 22.41
CA ALA I 56 -14.05 5.72 23.75
C ALA I 56 -14.00 6.82 24.81
N ASN I 57 -15.18 7.20 25.29
CA ASN I 57 -15.33 8.08 26.43
C ASN I 57 -16.34 7.41 27.36
N SER I 58 -15.83 6.52 28.22
CA SER I 58 -16.60 5.54 29.01
C SER I 58 -17.72 6.04 29.94
N GLY J 1 -39.38 -75.68 35.54
CA GLY J 1 -38.64 -75.24 34.38
C GLY J 1 -37.76 -76.31 33.77
N ALA J 2 -36.91 -75.92 32.81
CA ALA J 2 -36.05 -76.89 32.15
C ALA J 2 -35.09 -77.54 33.13
N LEU J 3 -34.46 -76.75 34.00
CA LEU J 3 -33.52 -77.30 34.96
C LEU J 3 -34.28 -77.96 36.10
N ASP J 4 -34.01 -79.24 36.32
CA ASP J 4 -34.64 -79.95 37.43
C ASP J 4 -34.06 -79.54 38.78
N VAL J 5 -32.78 -79.15 38.82
CA VAL J 5 -32.17 -78.75 40.08
C VAL J 5 -32.84 -77.51 40.66
N LEU J 6 -33.69 -76.85 39.88
CA LEU J 6 -34.49 -75.72 40.35
C LEU J 6 -35.91 -75.91 39.83
N GLN J 7 -36.83 -76.24 40.73
CA GLN J 7 -38.18 -76.66 40.36
C GLN J 7 -39.14 -76.20 41.46
N MET J 8 -40.34 -76.77 41.47
CA MET J 8 -41.36 -76.36 42.42
C MET J 8 -40.99 -76.69 43.87
N LYS J 9 -40.28 -77.80 44.09
CA LYS J 9 -39.93 -78.25 45.44
C LYS J 9 -41.21 -78.41 46.29
N GLU J 10 -41.99 -79.42 45.90
CA GLU J 10 -43.40 -79.59 46.25
C GLU J 10 -43.75 -79.17 47.68
N GLU J 11 -42.83 -79.36 48.63
CA GLU J 11 -43.08 -78.81 49.96
C GLU J 11 -43.30 -77.30 49.90
N ASP J 12 -42.72 -76.64 48.90
CA ASP J 12 -42.89 -75.21 48.75
C ASP J 12 -44.32 -74.84 48.36
N VAL J 13 -44.87 -75.52 47.36
CA VAL J 13 -46.20 -75.17 46.88
C VAL J 13 -47.26 -75.46 47.93
N LEU J 14 -47.15 -76.59 48.63
CA LEU J 14 -48.04 -76.84 49.75
C LEU J 14 -47.96 -75.72 50.77
N LYS J 15 -46.74 -75.35 51.17
CA LYS J 15 -46.51 -74.18 52.00
C LYS J 15 -47.03 -72.91 51.33
N PHE J 16 -47.06 -72.88 50.00
CA PHE J 16 -47.44 -71.67 49.28
C PHE J 16 -48.96 -71.52 49.27
N LEU J 17 -49.67 -72.59 48.92
CA LEU J 17 -51.12 -72.57 48.79
C LEU J 17 -51.82 -72.43 50.14
N ALA J 18 -51.16 -72.79 51.24
CA ALA J 18 -51.80 -72.72 52.55
C ALA J 18 -52.01 -71.29 53.00
N ALA J 19 -51.19 -70.35 52.54
CA ALA J 19 -51.32 -68.94 52.89
C ALA J 19 -52.10 -68.17 51.84
N GLY J 20 -53.06 -68.81 51.18
CA GLY J 20 -53.78 -68.13 50.11
C GLY J 20 -52.85 -67.91 48.93
N THR J 21 -52.61 -66.64 48.61
CA THR J 21 -51.63 -66.16 47.62
C THR J 21 -51.72 -66.91 46.29
N HIS J 22 -52.84 -67.58 46.05
CA HIS J 22 -53.18 -68.09 44.73
C HIS J 22 -54.50 -67.55 44.23
N LEU J 23 -55.14 -66.68 45.00
CA LEU J 23 -56.43 -66.10 44.66
C LEU J 23 -56.41 -64.60 44.93
N GLY J 24 -56.66 -63.81 43.90
CA GLY J 24 -56.46 -62.37 44.01
C GLY J 24 -57.48 -61.49 43.33
N GLY J 25 -58.73 -61.93 43.25
CA GLY J 25 -59.76 -61.17 42.58
C GLY J 25 -60.10 -59.89 43.33
N THR J 26 -61.27 -59.35 42.98
CA THR J 26 -62.21 -59.91 42.03
C THR J 26 -62.16 -59.16 40.71
N ASN J 27 -61.34 -58.11 40.65
CA ASN J 27 -61.15 -57.33 39.44
C ASN J 27 -59.81 -57.68 38.82
N LEU J 28 -59.78 -57.72 37.49
CA LEU J 28 -58.63 -58.20 36.74
C LEU J 28 -58.13 -57.11 35.81
N ASP J 29 -56.92 -56.62 36.07
CA ASP J 29 -56.26 -55.71 35.14
C ASP J 29 -55.94 -56.50 33.87
N PHE J 30 -56.14 -55.87 32.71
CA PHE J 30 -56.02 -56.59 31.46
C PHE J 30 -54.59 -57.05 31.16
N GLN J 31 -53.58 -56.43 31.77
CA GLN J 31 -52.21 -56.90 31.59
C GLN J 31 -51.91 -58.17 32.37
N MET J 32 -52.82 -58.58 33.25
CA MET J 32 -52.62 -59.77 34.07
C MET J 32 -53.40 -60.97 33.56
N GLU J 33 -53.93 -60.90 32.34
CA GLU J 33 -54.63 -62.04 31.77
C GLU J 33 -53.71 -63.23 31.59
N GLN J 34 -52.41 -63.00 31.38
CA GLN J 34 -51.50 -64.10 31.12
C GLN J 34 -51.23 -64.94 32.36
N TYR J 35 -51.11 -64.29 33.52
CA TYR J 35 -50.80 -65.02 34.73
C TYR J 35 -52.05 -65.59 35.40
N ILE J 36 -53.21 -65.00 35.15
CA ILE J 36 -54.43 -65.43 35.82
C ILE J 36 -54.93 -66.71 35.16
N TYR J 37 -55.30 -67.70 35.98
CA TYR J 37 -55.68 -69.00 35.44
C TYR J 37 -57.12 -69.01 34.97
N LYS J 38 -58.07 -68.84 35.89
CA LYS J 38 -59.48 -68.90 35.56
C LYS J 38 -60.30 -68.42 36.74
N ARG J 39 -61.32 -67.59 36.49
CA ARG J 39 -62.07 -67.01 37.59
C ARG J 39 -62.91 -68.07 38.28
N LYS J 40 -62.84 -68.10 39.61
CA LYS J 40 -63.45 -69.18 40.36
C LYS J 40 -64.86 -68.79 40.80
N SER J 41 -65.59 -69.79 41.29
CA SER J 41 -67.03 -69.63 41.53
C SER J 41 -67.33 -68.49 42.49
N ASP J 42 -66.52 -68.33 43.53
CA ASP J 42 -66.70 -67.27 44.52
C ASP J 42 -66.30 -65.90 43.98
N GLY J 43 -66.05 -65.79 42.67
CA GLY J 43 -65.72 -64.53 42.06
C GLY J 43 -64.25 -64.14 42.08
N ILE J 44 -63.41 -64.90 42.77
CA ILE J 44 -61.99 -64.58 42.90
C ILE J 44 -61.22 -65.28 41.79
N TYR J 45 -60.35 -64.53 41.12
CA TYR J 45 -59.48 -65.09 40.10
C TYR J 45 -58.43 -65.98 40.74
N ILE J 46 -57.90 -66.92 39.98
CA ILE J 46 -56.84 -67.81 40.44
C ILE J 46 -55.62 -67.59 39.56
N ILE J 47 -54.45 -67.52 40.17
CA ILE J 47 -53.21 -67.27 39.43
C ILE J 47 -52.41 -68.55 39.33
N ASN J 48 -51.94 -68.84 38.11
CA ASN J 48 -51.10 -70.00 37.86
C ASN J 48 -49.95 -70.04 38.85
N LEU J 49 -49.89 -71.10 39.67
CA LEU J 49 -48.78 -71.22 40.61
C LEU J 49 -47.45 -71.34 39.88
N LYS J 50 -47.41 -72.11 38.79
CA LYS J 50 -46.16 -72.28 38.07
C LYS J 50 -45.76 -71.00 37.35
N ARG J 51 -46.72 -70.21 36.89
CA ARG J 51 -46.37 -68.95 36.25
C ARG J 51 -45.87 -67.94 37.28
N THR J 52 -46.47 -67.93 38.47
CA THR J 52 -45.92 -67.10 39.54
C THR J 52 -44.52 -67.56 39.90
N TRP J 53 -44.33 -68.87 40.04
CA TRP J 53 -43.03 -69.40 40.44
C TRP J 53 -41.91 -68.94 39.52
N GLU J 54 -42.16 -68.98 38.20
CA GLU J 54 -41.13 -68.60 37.26
C GLU J 54 -40.90 -67.10 37.27
N LYS J 55 -41.76 -66.35 37.97
CA LYS J 55 -41.52 -64.92 38.12
C LYS J 55 -40.64 -64.62 39.33
N LEU J 56 -40.84 -65.33 40.44
CA LEU J 56 -39.89 -65.19 41.54
C LEU J 56 -38.48 -65.54 41.10
N LEU J 57 -38.35 -66.61 40.32
CA LEU J 57 -37.04 -66.95 39.78
C LEU J 57 -36.49 -65.82 38.92
N LEU J 58 -37.31 -65.28 38.02
CA LEU J 58 -36.89 -64.13 37.23
C LEU J 58 -36.55 -62.94 38.11
N ALA J 59 -37.41 -62.65 39.08
CA ALA J 59 -37.13 -61.54 39.99
C ALA J 59 -35.85 -61.78 40.77
N ALA J 60 -35.72 -62.98 41.35
CA ALA J 60 -34.50 -63.31 42.07
C ALA J 60 -33.30 -63.36 41.14
N ARG J 61 -33.50 -63.84 39.91
CA ARG J 61 -32.42 -63.87 38.94
C ARG J 61 -31.96 -62.45 38.62
N ALA J 62 -32.87 -61.49 38.69
CA ALA J 62 -32.49 -60.09 38.50
C ALA J 62 -31.78 -59.54 39.72
N ILE J 63 -32.12 -60.03 40.91
CA ILE J 63 -31.44 -59.56 42.12
C ILE J 63 -29.99 -60.01 42.13
N VAL J 64 -29.74 -61.29 41.84
CA VAL J 64 -28.38 -61.80 41.86
C VAL J 64 -27.53 -61.24 40.73
N ALA J 65 -28.15 -60.59 39.75
CA ALA J 65 -27.37 -59.97 38.68
C ALA J 65 -26.50 -58.85 39.21
N ILE J 66 -26.94 -58.17 40.26
CA ILE J 66 -26.18 -57.09 40.86
C ILE J 66 -25.22 -57.66 41.89
N GLU J 67 -23.92 -57.58 41.61
CA GLU J 67 -22.91 -58.18 42.45
C GLU J 67 -22.75 -57.47 43.79
N ASN J 68 -23.26 -56.25 43.94
CA ASN J 68 -23.20 -55.58 45.21
C ASN J 68 -24.56 -55.70 45.88
N PRO J 69 -24.70 -56.50 46.94
CA PRO J 69 -26.04 -56.70 47.53
C PRO J 69 -26.69 -55.42 47.99
N ALA J 70 -25.93 -54.49 48.56
CA ALA J 70 -26.51 -53.29 49.17
C ALA J 70 -26.80 -52.23 48.11
N ASP J 71 -27.46 -52.64 47.07
CA ASP J 71 -27.91 -51.74 46.02
C ASP J 71 -29.38 -51.91 45.72
N VAL J 72 -29.88 -53.15 45.73
CA VAL J 72 -31.29 -53.39 45.46
C VAL J 72 -32.12 -52.89 46.64
N SER J 73 -32.76 -51.74 46.46
CA SER J 73 -33.60 -51.16 47.50
C SER J 73 -34.95 -51.84 47.47
N VAL J 74 -35.43 -52.22 48.65
CA VAL J 74 -36.70 -52.93 48.79
C VAL J 74 -37.63 -52.06 49.62
N ILE J 75 -38.83 -51.84 49.11
CA ILE J 75 -39.72 -50.83 49.66
C ILE J 75 -41.08 -51.43 49.99
N SER J 76 -41.68 -50.91 51.06
CA SER J 76 -43.03 -51.31 51.45
C SER J 76 -43.63 -50.19 52.28
N SER J 77 -44.57 -49.45 51.70
CA SER J 77 -45.25 -48.40 52.45
C SER J 77 -46.22 -48.97 53.47
N ARG J 78 -46.97 -49.99 53.09
CA ARG J 78 -47.95 -50.60 53.98
C ARG J 78 -47.24 -51.40 55.07
N ASN J 79 -47.82 -51.42 56.27
CA ASN J 79 -47.27 -52.22 57.35
C ASN J 79 -47.35 -53.70 57.04
N THR J 80 -48.28 -54.12 56.19
CA THR J 80 -48.37 -55.53 55.80
C THR J 80 -47.21 -55.87 54.88
N GLY J 81 -45.99 -55.82 55.40
CA GLY J 81 -44.81 -56.01 54.60
C GLY J 81 -43.66 -55.15 55.07
N GLN J 82 -43.95 -54.21 55.97
CA GLN J 82 -42.89 -53.36 56.50
C GLN J 82 -41.85 -54.20 57.24
N ARG J 83 -42.30 -55.17 58.02
CA ARG J 83 -41.34 -56.02 58.73
C ARG J 83 -40.63 -56.96 57.76
N ALA J 84 -41.33 -57.40 56.72
CA ALA J 84 -40.74 -58.37 55.80
C ALA J 84 -39.58 -57.76 55.03
N VAL J 85 -39.75 -56.55 54.50
CA VAL J 85 -38.71 -55.92 53.70
C VAL J 85 -37.49 -55.63 54.55
N LEU J 86 -37.67 -55.45 55.86
CA LEU J 86 -36.53 -55.21 56.73
C LEU J 86 -35.64 -56.44 56.81
N LYS J 87 -36.24 -57.60 57.08
CA LYS J 87 -35.42 -58.81 57.22
C LYS J 87 -34.97 -59.36 55.87
N PHE J 88 -35.78 -59.18 54.82
CA PHE J 88 -35.28 -59.49 53.48
C PHE J 88 -34.01 -58.69 53.21
N ALA J 89 -34.05 -57.38 53.47
CA ALA J 89 -32.84 -56.58 53.34
C ALA J 89 -31.80 -56.99 54.37
N ALA J 90 -32.23 -57.47 55.53
CA ALA J 90 -31.27 -57.94 56.53
C ALA J 90 -30.66 -59.28 56.12
N ALA J 91 -31.46 -60.15 55.52
CA ALA J 91 -30.96 -61.47 55.15
C ALA J 91 -30.01 -61.38 53.96
N THR J 92 -30.40 -60.64 52.92
CA THR J 92 -29.63 -60.60 51.68
C THR J 92 -28.79 -59.33 51.53
N GLY J 93 -28.78 -58.47 52.54
CA GLY J 93 -27.97 -57.27 52.47
C GLY J 93 -28.55 -56.14 51.66
N ALA J 94 -29.82 -56.24 51.26
CA ALA J 94 -30.46 -55.16 50.51
C ALA J 94 -30.63 -53.93 51.39
N THR J 95 -31.13 -52.86 50.79
CA THR J 95 -31.36 -51.61 51.51
C THR J 95 -32.85 -51.37 51.65
N PRO J 96 -33.41 -51.44 52.85
CA PRO J 96 -34.87 -51.38 53.00
C PRO J 96 -35.40 -49.97 53.18
N ILE J 97 -36.65 -49.80 52.76
CA ILE J 97 -37.45 -48.62 53.07
C ILE J 97 -38.80 -49.12 53.58
N ALA J 98 -39.11 -48.80 54.82
CA ALA J 98 -40.36 -49.24 55.44
C ALA J 98 -41.12 -48.04 55.95
N GLY J 99 -42.45 -48.10 55.81
CA GLY J 99 -43.26 -46.98 56.21
C GLY J 99 -43.30 -45.91 55.13
N ARG J 100 -43.54 -44.68 55.55
CA ARG J 100 -43.67 -43.57 54.62
C ARG J 100 -42.41 -43.42 53.77
N PHE J 101 -42.61 -43.27 52.47
CA PHE J 101 -41.51 -43.07 51.53
C PHE J 101 -41.47 -41.61 51.13
N THR J 102 -40.42 -40.91 51.52
CA THR J 102 -40.31 -39.49 51.20
C THR J 102 -40.25 -39.31 49.69
N PRO J 103 -41.12 -38.49 49.10
CA PRO J 103 -41.03 -38.27 47.66
C PRO J 103 -39.78 -37.51 47.28
N GLY J 104 -39.00 -38.11 46.39
CA GLY J 104 -37.76 -37.49 45.96
C GLY J 104 -36.50 -38.06 46.57
N THR J 105 -36.53 -39.31 47.05
CA THR J 105 -35.30 -39.92 47.51
C THR J 105 -34.40 -40.34 46.35
N PHE J 106 -34.88 -40.30 45.11
CA PHE J 106 -34.05 -40.63 43.97
C PHE J 106 -33.69 -39.44 43.09
N THR J 107 -34.39 -38.31 43.23
CA THR J 107 -34.16 -37.17 42.36
C THR J 107 -33.57 -35.97 43.08
N ASN J 108 -33.39 -36.06 44.39
CA ASN J 108 -32.81 -34.98 45.19
C ASN J 108 -31.45 -35.44 45.70
N GLN J 109 -30.38 -34.92 45.08
CA GLN J 109 -29.04 -35.36 45.42
C GLN J 109 -28.49 -34.69 46.67
N ILE J 110 -29.07 -33.58 47.12
CA ILE J 110 -28.47 -32.86 48.24
C ILE J 110 -29.05 -33.24 49.60
N GLN J 111 -30.07 -34.11 49.64
CA GLN J 111 -30.57 -34.60 50.91
C GLN J 111 -29.75 -35.80 51.38
N ALA J 112 -29.52 -35.85 52.69
CA ALA J 112 -28.78 -36.98 53.27
C ALA J 112 -29.53 -38.28 53.06
N ALA J 113 -30.86 -38.22 52.92
CA ALA J 113 -31.65 -39.40 52.62
C ALA J 113 -31.82 -39.57 51.12
N PHE J 114 -30.72 -39.56 50.38
CA PHE J 114 -30.74 -39.74 48.93
C PHE J 114 -30.16 -41.11 48.59
N ARG J 115 -30.95 -41.94 47.94
CA ARG J 115 -30.52 -43.26 47.51
C ARG J 115 -30.55 -43.35 45.99
N GLU J 116 -29.63 -44.13 45.45
CA GLU J 116 -29.37 -44.18 44.01
C GLU J 116 -29.30 -45.63 43.52
N PRO J 117 -30.32 -46.43 43.82
CA PRO J 117 -30.23 -47.86 43.56
C PRO J 117 -30.21 -48.20 42.08
N ARG J 118 -29.64 -49.36 41.80
CA ARG J 118 -29.63 -49.92 40.45
C ARG J 118 -30.81 -50.85 40.19
N LEU J 119 -31.63 -51.11 41.20
CA LEU J 119 -32.79 -51.97 41.04
C LEU J 119 -33.67 -51.79 42.27
N LEU J 120 -34.98 -51.74 42.03
CA LEU J 120 -35.96 -51.54 43.07
C LEU J 120 -36.96 -52.70 43.07
N VAL J 121 -37.31 -53.16 44.27
CA VAL J 121 -38.34 -54.18 44.44
C VAL J 121 -39.42 -53.61 45.33
N VAL J 122 -40.66 -53.61 44.84
CA VAL J 122 -41.77 -52.99 45.53
C VAL J 122 -42.83 -54.04 45.81
N THR J 123 -43.47 -53.95 46.98
CA THR J 123 -44.47 -54.94 47.38
C THR J 123 -45.84 -54.65 46.79
N ASP J 124 -46.06 -53.46 46.25
CA ASP J 124 -47.35 -53.14 45.65
C ASP J 124 -47.23 -51.93 44.75
N PRO J 125 -47.68 -52.01 43.49
CA PRO J 125 -47.54 -50.86 42.60
C PRO J 125 -48.61 -49.81 42.84
N ARG J 126 -49.81 -50.19 43.23
CA ARG J 126 -50.85 -49.21 43.53
C ARG J 126 -50.50 -48.43 44.80
N ALA J 127 -50.14 -49.13 45.86
CA ALA J 127 -49.84 -48.49 47.14
C ALA J 127 -48.55 -47.70 47.13
N ASP J 128 -47.59 -48.08 46.30
CA ASP J 128 -46.29 -47.44 46.22
C ASP J 128 -46.02 -46.88 44.83
N HIS J 129 -46.99 -46.13 44.29
CA HIS J 129 -46.82 -45.53 42.97
C HIS J 129 -45.64 -44.57 42.95
N GLN J 130 -45.47 -43.79 44.02
CA GLN J 130 -44.45 -42.73 44.01
C GLN J 130 -43.05 -43.27 43.77
N PRO J 131 -42.56 -44.31 44.46
CA PRO J 131 -41.23 -44.82 44.14
C PRO J 131 -41.10 -45.34 42.72
N LEU J 132 -42.16 -45.95 42.17
CA LEU J 132 -42.11 -46.32 40.76
C LEU J 132 -42.03 -45.10 39.86
N THR J 133 -42.82 -44.07 40.17
CA THR J 133 -42.82 -42.87 39.34
C THR J 133 -41.45 -42.21 39.33
N GLU J 134 -40.81 -42.10 40.50
CA GLU J 134 -39.47 -41.56 40.55
C GLU J 134 -38.49 -42.48 39.85
N ALA J 135 -38.71 -43.79 39.92
CA ALA J 135 -37.85 -44.73 39.22
C ALA J 135 -37.89 -44.50 37.72
N SER J 136 -38.92 -43.83 37.23
CA SER J 136 -38.94 -43.46 35.82
C SER J 136 -38.04 -42.28 35.52
N TYR J 137 -37.69 -41.49 36.54
CA TYR J 137 -36.78 -40.35 36.36
C TYR J 137 -35.32 -40.72 36.52
N VAL J 138 -35.01 -41.78 37.26
CA VAL J 138 -33.64 -42.25 37.39
C VAL J 138 -33.38 -43.51 36.58
N ASN J 139 -34.28 -43.85 35.66
CA ASN J 139 -34.13 -44.95 34.70
C ASN J 139 -33.58 -46.21 35.35
N LEU J 140 -34.15 -46.55 36.50
CA LEU J 140 -33.77 -47.76 37.21
C LEU J 140 -34.92 -48.76 37.14
N PRO J 141 -34.62 -50.03 36.87
CA PRO J 141 -35.69 -51.01 36.70
C PRO J 141 -36.32 -51.40 38.02
N THR J 142 -37.56 -51.90 37.94
CA THR J 142 -38.34 -52.19 39.14
C THR J 142 -39.00 -53.55 39.03
N ILE J 143 -39.30 -54.12 40.20
CA ILE J 143 -40.00 -55.40 40.33
C ILE J 143 -41.12 -55.19 41.33
N ALA J 144 -42.33 -55.64 40.98
CA ALA J 144 -43.48 -55.46 41.86
C ALA J 144 -44.07 -56.78 42.30
N LEU J 145 -44.69 -56.75 43.47
CA LEU J 145 -45.45 -57.87 44.01
C LEU J 145 -46.90 -57.66 43.60
N CYS J 146 -47.10 -57.53 42.30
CA CYS J 146 -48.37 -57.10 41.74
C CYS J 146 -49.44 -58.17 41.92
N ASN J 147 -50.69 -57.73 41.89
CA ASN J 147 -51.87 -58.57 42.07
C ASN J 147 -52.61 -58.69 40.74
N THR J 148 -53.81 -59.26 40.80
CA THR J 148 -54.64 -59.43 39.61
C THR J 148 -55.17 -58.12 39.07
N ASP J 149 -55.12 -57.03 39.84
CA ASP J 149 -55.72 -55.77 39.45
C ASP J 149 -54.75 -54.60 39.42
N SER J 150 -53.58 -54.74 40.03
CA SER J 150 -52.67 -53.62 40.15
C SER J 150 -52.14 -53.21 38.78
N PRO J 151 -52.07 -51.91 38.50
CA PRO J 151 -51.49 -51.47 37.22
C PRO J 151 -50.01 -51.74 37.15
N LEU J 152 -49.51 -51.87 35.93
CA LEU J 152 -48.10 -52.12 35.65
C LEU J 152 -47.49 -50.95 34.89
N ARG J 153 -47.76 -49.74 35.37
CA ARG J 153 -47.38 -48.54 34.62
C ARG J 153 -45.88 -48.44 34.43
N TYR J 154 -45.10 -48.94 35.39
CA TYR J 154 -43.65 -48.78 35.32
C TYR J 154 -42.89 -50.00 35.83
N VAL J 155 -43.51 -51.18 35.83
CA VAL J 155 -42.90 -52.35 36.45
C VAL J 155 -42.59 -53.42 35.42
N ASP J 156 -41.56 -54.22 35.71
CA ASP J 156 -41.00 -55.18 34.78
C ASP J 156 -41.23 -56.64 35.20
N ILE J 157 -40.83 -57.03 36.39
CA ILE J 157 -40.80 -58.45 36.75
C ILE J 157 -41.94 -58.72 37.71
N ALA J 158 -43.09 -58.10 37.46
CA ALA J 158 -44.27 -58.23 38.30
C ALA J 158 -44.53 -59.67 38.71
N ILE J 159 -44.44 -59.95 40.00
CA ILE J 159 -44.72 -61.27 40.55
C ILE J 159 -46.21 -61.32 40.91
N PRO J 160 -47.00 -62.13 40.24
CA PRO J 160 -48.47 -62.03 40.36
C PRO J 160 -49.06 -62.97 41.41
N CYS J 161 -48.55 -62.90 42.64
CA CYS J 161 -49.09 -63.82 43.63
C CYS J 161 -50.22 -63.20 44.46
N ASN J 162 -49.88 -62.20 45.27
CA ASN J 162 -50.83 -61.52 46.14
C ASN J 162 -50.08 -60.44 46.90
N ASN J 163 -50.80 -59.42 47.33
CA ASN J 163 -50.19 -58.43 48.20
C ASN J 163 -51.15 -57.91 49.28
N LYS J 164 -52.37 -58.44 49.36
CA LYS J 164 -53.31 -57.93 50.35
C LYS J 164 -53.35 -58.76 51.62
N GLY J 165 -53.18 -60.09 51.51
CA GLY J 165 -53.17 -60.94 52.68
C GLY J 165 -51.82 -60.87 53.37
N ALA J 166 -51.85 -60.59 54.68
CA ALA J 166 -50.62 -60.60 55.45
C ALA J 166 -49.94 -61.95 55.38
N HIS J 167 -50.73 -63.01 55.22
CA HIS J 167 -50.16 -64.35 55.06
C HIS J 167 -49.33 -64.42 53.79
N SER J 168 -49.83 -63.81 52.71
CA SER J 168 -49.19 -63.93 51.41
C SER J 168 -47.92 -63.11 51.32
N VAL J 169 -47.95 -61.88 51.83
CA VAL J 169 -46.78 -61.00 51.73
C VAL J 169 -45.60 -61.61 52.46
N GLY J 170 -45.82 -62.08 53.69
CA GLY J 170 -44.75 -62.71 54.42
C GLY J 170 -44.24 -63.98 53.76
N LEU J 171 -45.06 -64.61 52.93
CA LEU J 171 -44.72 -65.90 52.37
C LEU J 171 -43.78 -65.78 51.19
N MET J 172 -44.17 -65.04 50.15
CA MET J 172 -43.29 -64.93 49.00
C MET J 172 -42.01 -64.19 49.35
N TRP J 173 -42.07 -63.20 50.25
CA TRP J 173 -40.86 -62.53 50.67
C TRP J 173 -39.90 -63.52 51.31
N TRP J 174 -40.44 -64.47 52.08
CA TRP J 174 -39.65 -65.63 52.46
C TRP J 174 -39.15 -66.35 51.21
N MET J 175 -40.06 -66.65 50.30
CA MET J 175 -39.69 -67.39 49.10
C MET J 175 -38.70 -66.62 48.23
N LEU J 176 -38.88 -65.30 48.09
CA LEU J 176 -37.92 -64.51 47.33
C LEU J 176 -36.56 -64.48 48.01
N ALA J 177 -36.54 -64.18 49.31
CA ALA J 177 -35.28 -64.21 50.04
C ALA J 177 -34.69 -65.61 50.05
N ARG J 178 -35.56 -66.62 50.11
CA ARG J 178 -35.10 -68.01 50.03
C ARG J 178 -34.37 -68.26 48.72
N GLU J 179 -34.91 -67.74 47.62
CA GLU J 179 -34.38 -68.11 46.32
C GLU J 179 -33.05 -67.44 46.06
N VAL J 180 -32.92 -66.14 46.36
CA VAL J 180 -31.66 -65.44 46.13
C VAL J 180 -30.55 -66.03 47.00
N LEU J 181 -30.84 -66.31 48.26
CA LEU J 181 -29.89 -66.99 49.11
C LEU J 181 -29.56 -68.38 48.59
N ARG J 182 -30.41 -68.94 47.74
CA ARG J 182 -30.13 -70.22 47.11
C ARG J 182 -29.35 -70.06 45.81
N MET J 183 -29.25 -68.84 45.27
CA MET J 183 -28.36 -68.60 44.15
C MET J 183 -26.94 -68.34 44.63
N ARG J 184 -26.74 -67.27 45.41
CA ARG J 184 -25.42 -67.05 45.98
C ARG J 184 -25.08 -68.18 46.94
N GLY J 185 -23.81 -68.26 47.32
CA GLY J 185 -23.38 -69.37 48.12
C GLY J 185 -23.61 -69.16 49.60
N THR J 186 -24.74 -69.63 50.08
CA THR J 186 -25.10 -69.64 51.50
C THR J 186 -25.63 -71.00 51.93
N ILE J 187 -26.40 -71.66 51.08
CA ILE J 187 -26.95 -72.98 51.32
C ILE J 187 -26.84 -73.77 50.03
N SER J 188 -26.65 -75.09 50.16
CA SER J 188 -26.26 -75.93 49.04
C SER J 188 -27.46 -76.46 48.26
N ARG J 189 -28.59 -75.78 48.31
CA ARG J 189 -29.79 -76.04 47.52
C ARG J 189 -30.52 -77.30 47.97
N GLU J 190 -29.99 -78.06 48.91
CA GLU J 190 -30.62 -79.33 49.21
C GLU J 190 -31.17 -79.41 50.63
N HIS J 191 -30.43 -78.95 51.60
CA HIS J 191 -30.93 -78.90 52.97
C HIS J 191 -31.99 -77.80 53.07
N PRO J 192 -33.21 -78.11 53.51
CA PRO J 192 -34.26 -77.09 53.55
C PRO J 192 -33.84 -75.90 54.40
N TRP J 193 -34.25 -74.72 53.95
CA TRP J 193 -33.76 -73.49 54.56
C TRP J 193 -34.18 -73.42 56.02
N GLU J 194 -33.20 -73.22 56.91
CA GLU J 194 -33.46 -73.26 58.34
C GLU J 194 -34.38 -72.14 58.81
N VAL J 195 -34.45 -71.04 58.09
CA VAL J 195 -35.20 -69.88 58.55
C VAL J 195 -36.70 -70.13 58.36
N MET J 196 -37.48 -69.55 59.25
CA MET J 196 -38.88 -69.73 59.58
C MET J 196 -39.75 -68.96 58.58
N PRO J 197 -40.99 -69.38 58.34
CA PRO J 197 -41.88 -68.52 57.53
C PRO J 197 -42.31 -67.25 58.24
N ASP J 198 -42.74 -67.37 59.50
CA ASP J 198 -43.43 -66.29 60.18
C ASP J 198 -42.51 -65.22 60.73
N LEU J 199 -41.19 -65.47 60.77
CA LEU J 199 -40.26 -64.39 61.02
C LEU J 199 -40.44 -63.27 60.02
N TYR J 200 -40.82 -63.62 58.79
CA TYR J 200 -41.11 -62.64 57.74
C TYR J 200 -42.55 -62.16 57.79
N PHE J 201 -43.37 -62.72 58.67
CA PHE J 201 -44.81 -62.47 58.64
C PHE J 201 -45.15 -61.21 59.43
N TYR J 202 -45.88 -60.31 58.80
CA TYR J 202 -46.30 -59.10 59.48
C TYR J 202 -47.32 -59.46 60.55
N ARG J 203 -47.07 -59.03 61.78
CA ARG J 203 -48.01 -59.21 62.87
C ARG J 203 -48.68 -57.89 63.17
N ASP J 204 -50.00 -57.89 63.15
CA ASP J 204 -50.77 -56.69 63.44
C ASP J 204 -50.62 -56.33 64.91
N PRO J 205 -50.94 -55.10 65.30
CA PRO J 205 -50.68 -54.67 66.68
C PRO J 205 -51.60 -55.31 67.70
N GLU J 206 -52.33 -56.36 67.34
CA GLU J 206 -53.06 -57.20 68.27
C GLU J 206 -52.33 -58.52 68.51
N GLU J 207 -51.08 -58.60 68.08
CA GLU J 207 -50.29 -59.82 68.25
C GLU J 207 -49.12 -59.69 69.22
N ILE J 208 -48.71 -58.48 69.58
CA ILE J 208 -47.61 -58.29 70.50
C ILE J 208 -48.11 -57.95 71.91
N GLU J 209 -49.36 -58.32 72.22
CA GLU J 209 -49.94 -57.98 73.50
C GLU J 209 -50.47 -59.18 74.28
N LYS J 210 -50.60 -60.34 73.68
CA LYS J 210 -51.12 -61.50 74.41
C LYS J 210 -50.24 -62.72 74.31
N GLU J 211 -49.59 -62.95 73.16
CA GLU J 211 -48.88 -64.20 72.94
C GLU J 211 -47.73 -64.38 73.94
N GLU J 212 -46.90 -63.34 74.10
CA GLU J 212 -45.78 -63.45 75.04
C GLU J 212 -46.27 -63.59 76.47
N GLN J 213 -47.30 -62.83 76.84
CA GLN J 213 -47.78 -62.85 78.23
C GLN J 213 -48.32 -64.23 78.59
N ALA J 214 -49.13 -64.82 77.71
CA ALA J 214 -49.61 -66.17 77.96
C ALA J 214 -48.46 -67.17 77.95
N ALA J 215 -47.49 -66.97 77.07
CA ALA J 215 -46.32 -67.85 77.03
C ALA J 215 -45.52 -67.75 78.31
N ALA J 216 -45.37 -66.55 78.85
CA ALA J 216 -44.66 -66.38 80.12
C ALA J 216 -45.37 -67.13 81.25
N GLU J 217 -46.70 -67.10 81.25
CA GLU J 217 -47.44 -67.87 82.24
C GLU J 217 -47.17 -69.36 82.10
N LYS J 218 -47.12 -69.86 80.86
CA LYS J 218 -46.91 -71.29 80.64
C LYS J 218 -45.54 -71.73 81.13
N ALA J 219 -44.50 -70.93 80.85
CA ALA J 219 -43.16 -71.30 81.27
C ALA J 219 -43.04 -71.37 82.79
N VAL J 220 -43.67 -70.42 83.49
CA VAL J 220 -43.59 -70.41 84.95
C VAL J 220 -44.62 -71.38 85.54
N THR J 221 -45.58 -71.82 84.74
CA THR J 221 -46.58 -72.78 85.20
C THR J 221 -46.65 -74.00 84.26
N VAL K 1 -126.85 -12.62 67.86
CA VAL K 1 -126.87 -12.61 69.32
C VAL K 1 -127.25 -14.00 69.84
N VAL K 2 -128.25 -14.59 69.20
CA VAL K 2 -128.67 -15.93 69.56
C VAL K 2 -127.62 -16.93 69.07
N ASP K 3 -127.23 -17.85 69.95
CA ASP K 3 -126.23 -18.84 69.58
C ASP K 3 -126.81 -19.73 68.50
N PRO K 4 -126.20 -19.81 67.31
CA PRO K 4 -126.77 -20.64 66.24
C PRO K 4 -126.84 -22.10 66.60
N PHE K 5 -125.93 -22.58 67.45
CA PHE K 5 -125.93 -24.00 67.81
C PHE K 5 -127.07 -24.33 68.75
N SER K 6 -127.74 -23.31 69.30
CA SER K 6 -128.95 -23.55 70.07
C SER K 6 -130.08 -24.03 69.17
N LYS K 7 -129.89 -23.91 67.85
CA LYS K 7 -130.86 -24.44 66.90
C LYS K 7 -130.41 -25.77 66.28
N LYS K 8 -129.15 -26.15 66.46
CA LYS K 8 -128.68 -27.42 65.93
C LYS K 8 -129.13 -28.57 66.82
N ASP K 9 -129.11 -29.78 66.24
CA ASP K 9 -129.26 -30.99 67.04
C ASP K 9 -128.35 -32.05 66.47
N TRP K 10 -128.01 -33.02 67.31
CA TRP K 10 -126.97 -33.99 67.01
C TRP K 10 -127.56 -35.32 66.59
N TYR K 11 -127.00 -35.91 65.54
CA TYR K 11 -127.35 -37.25 65.09
C TYR K 11 -126.09 -38.07 64.93
N ASP K 12 -126.17 -39.34 65.32
CA ASP K 12 -125.10 -40.30 65.08
C ASP K 12 -125.36 -41.02 63.77
N VAL K 13 -124.29 -41.27 63.02
CA VAL K 13 -124.36 -41.99 61.76
C VAL K 13 -123.87 -43.40 61.99
N LYS K 14 -124.59 -44.38 61.43
CA LYS K 14 -124.24 -45.79 61.55
C LYS K 14 -123.82 -46.31 60.19
N ALA K 15 -122.72 -47.07 60.17
CA ALA K 15 -122.29 -47.70 58.94
C ALA K 15 -123.12 -48.95 58.67
N PRO K 16 -123.12 -49.44 57.43
CA PRO K 16 -123.82 -50.69 57.13
C PRO K 16 -123.32 -51.84 58.00
N ALA K 17 -124.21 -52.82 58.21
CA ALA K 17 -123.96 -53.89 59.16
C ALA K 17 -122.76 -54.75 58.78
N MET K 18 -122.30 -54.67 57.54
CA MET K 18 -121.11 -55.40 57.12
C MET K 18 -119.84 -54.90 57.80
N PHE K 19 -119.89 -53.73 58.43
CA PHE K 19 -118.76 -53.25 59.22
C PHE K 19 -118.98 -53.61 60.69
N ASN K 20 -117.95 -54.17 61.32
CA ASN K 20 -118.10 -54.60 62.71
C ASN K 20 -118.38 -53.41 63.63
N ILE K 21 -117.72 -52.28 63.38
CA ILE K 21 -117.91 -51.07 64.17
C ILE K 21 -118.94 -50.22 63.44
N ARG K 22 -120.21 -50.34 63.86
CA ARG K 22 -121.28 -49.62 63.19
C ARG K 22 -121.20 -48.13 63.44
N ASN K 23 -120.91 -47.73 64.68
CA ASN K 23 -120.87 -46.31 65.03
C ASN K 23 -119.72 -45.64 64.32
N ILE K 24 -119.92 -44.41 63.88
CA ILE K 24 -118.91 -43.65 63.15
C ILE K 24 -118.62 -42.34 63.86
N GLY K 25 -119.64 -41.51 64.00
CA GLY K 25 -119.48 -40.23 64.64
C GLY K 25 -120.83 -39.58 64.83
N LYS K 26 -120.82 -38.43 65.50
CA LYS K 26 -122.04 -37.70 65.80
C LYS K 26 -121.99 -36.36 65.09
N THR K 27 -122.89 -36.17 64.13
CA THR K 27 -122.96 -34.94 63.35
C THR K 27 -124.14 -34.12 63.81
N LEU K 28 -124.23 -32.88 63.31
CA LEU K 28 -125.26 -31.96 63.72
C LEU K 28 -125.86 -31.26 62.51
N VAL K 29 -127.04 -30.68 62.73
CA VAL K 29 -127.73 -29.90 61.71
C VAL K 29 -128.75 -29.02 62.40
N THR K 30 -129.16 -27.94 61.74
CA THR K 30 -130.16 -27.05 62.31
C THR K 30 -131.50 -27.78 62.43
N ARG K 31 -132.26 -27.41 63.47
CA ARG K 31 -133.54 -28.04 63.71
C ARG K 31 -134.51 -27.74 62.58
N THR K 32 -135.37 -28.71 62.28
CA THR K 32 -136.31 -28.54 61.19
C THR K 32 -137.28 -27.40 61.49
N GLN K 33 -137.52 -26.56 60.49
CA GLN K 33 -138.39 -25.41 60.62
C GLN K 33 -138.73 -24.89 59.22
N GLY K 34 -139.89 -24.29 59.11
CA GLY K 34 -140.32 -23.77 57.82
C GLY K 34 -140.33 -24.89 56.79
N THR K 35 -139.61 -24.67 55.69
CA THR K 35 -139.38 -25.72 54.70
C THR K 35 -138.03 -26.39 54.83
N LYS K 36 -137.16 -25.90 55.72
CA LYS K 36 -135.90 -26.57 55.97
C LYS K 36 -136.13 -27.81 56.81
N ILE K 37 -135.86 -28.97 56.23
CA ILE K 37 -136.10 -30.26 56.86
C ILE K 37 -134.76 -30.85 57.28
N ALA K 38 -134.70 -31.36 58.50
CA ALA K 38 -133.49 -32.04 58.94
C ALA K 38 -133.17 -33.22 58.04
N SER K 39 -134.19 -33.91 57.52
CA SER K 39 -133.95 -35.13 56.76
C SER K 39 -133.10 -34.87 55.54
N ASP K 40 -133.41 -33.82 54.77
CA ASP K 40 -132.56 -33.48 53.64
C ASP K 40 -131.42 -32.56 54.05
N GLY K 41 -131.41 -32.10 55.30
CA GLY K 41 -130.25 -31.39 55.80
C GLY K 41 -129.03 -32.30 55.92
N LEU K 42 -129.25 -33.55 56.32
CA LEU K 42 -128.13 -34.48 56.46
C LEU K 42 -127.89 -35.29 55.19
N LYS K 43 -128.95 -35.78 54.55
CA LYS K 43 -128.77 -36.74 53.47
C LYS K 43 -127.98 -36.10 52.33
N GLY K 44 -127.31 -36.96 51.57
CA GLY K 44 -126.32 -36.48 50.61
C GLY K 44 -125.07 -35.91 51.25
N ARG K 45 -124.56 -36.57 52.29
CA ARG K 45 -123.36 -36.15 53.00
C ARG K 45 -122.37 -37.29 53.02
N VAL K 46 -121.10 -36.97 52.79
CA VAL K 46 -120.05 -37.98 52.77
C VAL K 46 -119.31 -37.95 54.09
N PHE K 47 -118.67 -39.07 54.42
CA PHE K 47 -117.98 -39.25 55.70
C PHE K 47 -116.68 -39.99 55.44
N GLU K 48 -115.59 -39.24 55.30
CA GLU K 48 -114.30 -39.85 55.05
C GLU K 48 -113.80 -40.55 56.32
N VAL K 49 -113.93 -41.87 56.36
CA VAL K 49 -113.61 -42.67 57.53
C VAL K 49 -112.56 -43.71 57.18
N SER K 50 -111.52 -43.80 58.01
CA SER K 50 -110.46 -44.77 57.81
C SER K 50 -110.94 -46.17 58.16
N LEU K 51 -110.26 -47.16 57.58
CA LEU K 51 -110.60 -48.56 57.85
C LEU K 51 -110.27 -48.96 59.29
N ALA K 52 -109.17 -48.42 59.85
CA ALA K 52 -108.70 -48.90 61.14
C ALA K 52 -109.75 -48.73 62.23
N ASP K 53 -110.39 -47.57 62.27
CA ASP K 53 -111.48 -47.34 63.22
C ASP K 53 -112.84 -47.70 62.65
N LEU K 54 -112.87 -48.33 61.47
CA LEU K 54 -114.12 -48.88 60.94
C LEU K 54 -114.16 -50.39 61.13
N GLN K 55 -113.04 -51.06 60.88
CA GLN K 55 -112.84 -52.44 61.26
C GLN K 55 -112.20 -52.49 62.64
N ASN K 56 -111.73 -53.66 63.05
CA ASN K 56 -111.09 -53.79 64.37
C ASN K 56 -109.57 -53.73 64.27
N ASP K 57 -108.97 -54.65 63.53
CA ASP K 57 -107.52 -54.79 63.44
C ASP K 57 -107.08 -54.73 61.98
N GLU K 58 -107.54 -53.70 61.26
CA GLU K 58 -107.29 -53.59 59.84
C GLU K 58 -106.26 -52.49 59.55
N VAL K 59 -106.02 -52.25 58.27
CA VAL K 59 -105.04 -51.25 57.87
C VAL K 59 -105.62 -49.85 58.06
N ALA K 60 -104.77 -48.92 58.46
CA ALA K 60 -105.19 -47.54 58.71
C ALA K 60 -105.10 -46.66 57.48
N PHE K 61 -104.47 -47.13 56.40
CA PHE K 61 -104.25 -46.31 55.22
C PHE K 61 -105.33 -46.47 54.17
N ARG K 62 -106.38 -47.24 54.45
CA ARG K 62 -107.50 -47.40 53.55
C ARG K 62 -108.65 -46.53 54.03
N LYS K 63 -109.25 -45.79 53.11
CA LYS K 63 -110.19 -44.72 53.43
C LYS K 63 -111.51 -44.95 52.69
N PHE K 64 -112.60 -44.61 53.38
CA PHE K 64 -113.93 -44.92 52.88
C PHE K 64 -114.80 -43.67 52.97
N LYS K 65 -115.78 -43.58 52.07
CA LYS K 65 -116.51 -42.32 51.91
C LYS K 65 -117.88 -42.33 52.58
N LEU K 66 -118.68 -43.38 52.39
CA LEU K 66 -119.87 -43.64 53.21
C LEU K 66 -120.86 -42.46 53.17
N ILE K 67 -121.44 -42.27 51.99
CA ILE K 67 -122.48 -41.25 51.84
C ILE K 67 -123.75 -41.70 52.57
N THR K 68 -124.42 -40.74 53.21
CA THR K 68 -125.66 -41.02 53.93
C THR K 68 -126.85 -40.91 52.98
N GLU K 69 -127.86 -41.73 53.23
CA GLU K 69 -129.05 -41.76 52.39
C GLU K 69 -130.30 -41.31 53.15
N ASP K 70 -130.56 -41.88 54.32
CA ASP K 70 -131.82 -41.70 55.00
C ASP K 70 -131.60 -41.38 56.48
N VAL K 71 -132.60 -40.74 57.08
CA VAL K 71 -132.57 -40.39 58.49
C VAL K 71 -133.77 -41.05 59.16
N GLN K 72 -133.50 -41.86 60.17
CA GLN K 72 -134.53 -42.57 60.93
C GLN K 72 -134.71 -42.00 62.33
N GLY K 73 -134.56 -40.69 62.47
CA GLY K 73 -134.52 -40.08 63.78
C GLY K 73 -133.10 -39.79 64.21
N LYS K 74 -132.73 -40.25 65.39
CA LYS K 74 -131.37 -40.03 65.88
C LYS K 74 -130.35 -40.71 64.98
N ASN K 75 -130.69 -41.88 64.43
CA ASN K 75 -129.78 -42.58 63.55
C ASN K 75 -130.05 -42.22 62.09
N CYS K 76 -129.06 -41.61 61.43
CA CYS K 76 -129.12 -41.36 59.98
C CYS K 76 -128.13 -42.34 59.37
N LEU K 77 -128.67 -43.29 58.61
CA LEU K 77 -127.86 -44.41 58.16
C LEU K 77 -127.33 -44.17 56.75
N THR K 78 -126.10 -44.65 56.53
CA THR K 78 -125.36 -44.38 55.31
C THR K 78 -125.15 -45.68 54.55
N ASN K 79 -124.43 -45.56 53.42
CA ASN K 79 -123.91 -46.70 52.70
C ASN K 79 -122.62 -46.29 52.00
N PHE K 80 -121.96 -47.27 51.40
CA PHE K 80 -120.67 -47.04 50.76
C PHE K 80 -120.77 -46.04 49.62
N HIS K 81 -119.75 -45.21 49.47
CA HIS K 81 -119.69 -44.19 48.42
C HIS K 81 -118.40 -44.20 47.62
N GLY K 82 -117.31 -44.75 48.14
CA GLY K 82 -116.05 -44.75 47.43
C GLY K 82 -114.94 -45.18 48.35
N MET K 83 -113.78 -45.41 47.75
CA MET K 83 -112.61 -45.84 48.51
C MET K 83 -111.41 -45.04 48.04
N ASP K 84 -110.48 -44.80 48.96
CA ASP K 84 -109.26 -44.08 48.66
C ASP K 84 -108.18 -44.55 49.63
N LEU K 85 -106.97 -44.11 49.40
CA LEU K 85 -105.84 -44.31 50.30
C LEU K 85 -105.33 -42.97 50.78
N THR K 86 -104.88 -42.94 52.03
CA THR K 86 -104.26 -41.74 52.56
C THR K 86 -103.07 -41.38 51.70
N ARG K 87 -103.02 -40.12 51.25
CA ARG K 87 -101.94 -39.75 50.33
C ARG K 87 -100.58 -39.90 50.99
N ASP K 88 -100.54 -39.96 52.32
CA ASP K 88 -99.31 -40.38 53.00
C ASP K 88 -98.90 -41.77 52.56
N LYS K 89 -99.85 -42.69 52.46
CA LYS K 89 -99.53 -44.02 51.96
C LYS K 89 -99.24 -44.00 50.47
N MET K 90 -100.07 -43.28 49.71
CA MET K 90 -100.01 -43.39 48.25
C MET K 90 -98.69 -42.88 47.69
N CYS K 91 -98.30 -41.67 48.04
CA CYS K 91 -97.05 -41.14 47.49
C CYS K 91 -95.83 -41.58 48.28
N SER K 92 -95.96 -42.63 49.09
CA SER K 92 -94.78 -43.23 49.70
C SER K 92 -94.27 -44.41 48.88
N MET K 93 -95.16 -45.18 48.26
CA MET K 93 -94.70 -46.32 47.47
C MET K 93 -94.10 -45.89 46.15
N VAL K 94 -94.56 -44.78 45.58
CA VAL K 94 -93.94 -44.29 44.35
C VAL K 94 -92.48 -43.95 44.65
N LYS K 95 -91.59 -44.46 43.82
CA LYS K 95 -90.17 -44.34 44.09
C LYS K 95 -89.43 -44.32 42.77
N LYS K 96 -88.23 -43.73 42.80
CA LYS K 96 -87.40 -43.76 41.61
C LYS K 96 -86.87 -45.17 41.38
N TRP K 97 -86.42 -45.42 40.15
CA TRP K 97 -85.77 -46.67 39.76
C TRP K 97 -86.72 -47.86 39.77
N GLN K 98 -88.02 -47.61 39.56
CA GLN K 98 -89.01 -48.66 39.41
C GLN K 98 -90.29 -48.02 38.90
N THR K 99 -90.96 -48.73 37.99
CA THR K 99 -92.11 -48.20 37.27
C THR K 99 -93.38 -48.44 38.06
N MET K 100 -94.25 -47.44 38.10
CA MET K 100 -95.61 -47.66 38.57
C MET K 100 -96.53 -47.87 37.38
N ILE K 101 -97.47 -48.81 37.55
CA ILE K 101 -98.35 -49.23 36.48
C ILE K 101 -99.79 -49.02 36.94
N GLU K 102 -100.50 -48.14 36.26
CA GLU K 102 -101.83 -47.70 36.67
C GLU K 102 -102.86 -48.19 35.67
N ALA K 103 -103.98 -48.67 36.20
CA ALA K 103 -105.06 -49.15 35.34
C ALA K 103 -106.39 -48.68 35.92
N HIS K 104 -107.34 -48.43 35.03
CA HIS K 104 -108.66 -47.97 35.42
C HIS K 104 -109.71 -48.69 34.58
N VAL K 105 -110.89 -48.88 35.14
CA VAL K 105 -111.97 -49.60 34.46
C VAL K 105 -113.30 -49.11 34.98
N ASP K 106 -114.27 -48.94 34.08
CA ASP K 106 -115.64 -48.63 34.43
C ASP K 106 -116.44 -49.93 34.39
N VAL K 107 -116.95 -50.36 35.53
CA VAL K 107 -117.62 -51.64 35.67
C VAL K 107 -118.95 -51.41 36.37
N LYS K 108 -119.90 -52.31 36.09
CA LYS K 108 -121.23 -52.24 36.68
C LYS K 108 -121.49 -53.53 37.45
N THR K 109 -121.86 -53.40 38.72
CA THR K 109 -122.22 -54.56 39.52
C THR K 109 -123.62 -55.04 39.17
N THR K 110 -123.92 -56.28 39.57
CA THR K 110 -125.20 -56.88 39.26
C THR K 110 -126.36 -56.14 39.94
N ASP K 111 -126.05 -55.32 40.93
CA ASP K 111 -127.04 -54.55 41.67
C ASP K 111 -127.54 -53.36 40.86
N GLY K 112 -126.79 -52.96 39.84
CA GLY K 112 -127.01 -51.69 39.19
C GLY K 112 -126.03 -50.62 39.63
N TYR K 113 -125.31 -50.84 40.72
CA TYR K 113 -124.23 -49.96 41.14
C TYR K 113 -123.08 -50.12 40.16
N LEU K 114 -122.70 -49.05 39.48
CA LEU K 114 -121.51 -49.09 38.65
C LEU K 114 -120.39 -48.31 39.34
N LEU K 115 -119.17 -48.83 39.23
CA LEU K 115 -118.04 -48.28 39.95
C LEU K 115 -116.91 -48.03 38.96
N ARG K 116 -116.10 -47.02 39.28
CA ARG K 116 -114.89 -46.73 38.52
C ARG K 116 -113.72 -47.16 39.39
N LEU K 117 -113.03 -48.21 38.97
CA LEU K 117 -111.99 -48.83 39.79
C LEU K 117 -110.61 -48.34 39.35
N PHE K 118 -109.79 -47.99 40.31
CA PHE K 118 -108.41 -47.55 40.07
C PHE K 118 -107.48 -48.50 40.82
N CYS K 119 -106.51 -49.07 40.12
CA CYS K 119 -105.52 -49.93 40.73
C CYS K 119 -104.11 -49.54 40.28
N VAL K 120 -103.13 -49.79 41.15
CA VAL K 120 -101.73 -49.50 40.86
C VAL K 120 -100.90 -50.73 41.12
N GLY K 121 -99.75 -50.78 40.48
CA GLY K 121 -98.80 -51.85 40.68
C GLY K 121 -97.39 -51.32 40.56
N PHE K 122 -96.51 -51.84 41.40
CA PHE K 122 -95.12 -51.41 41.42
C PHE K 122 -94.22 -52.63 41.33
N THR K 123 -93.05 -52.45 40.76
CA THR K 123 -92.06 -53.51 40.80
C THR K 123 -91.24 -53.43 42.07
N LYS K 124 -90.56 -54.52 42.40
CA LYS K 124 -89.86 -54.68 43.66
C LYS K 124 -88.36 -54.84 43.40
N LYS K 125 -87.63 -55.26 44.43
CA LYS K 125 -86.20 -55.57 44.31
C LYS K 125 -85.95 -56.98 44.84
N ARG K 126 -85.28 -57.81 44.05
CA ARG K 126 -84.94 -59.16 44.49
C ARG K 126 -83.89 -59.11 45.59
N ASN K 127 -83.50 -60.30 46.06
CA ASN K 127 -82.49 -60.42 47.11
C ASN K 127 -81.08 -60.54 46.57
N ASN K 128 -80.89 -60.45 45.25
CA ASN K 128 -79.58 -60.49 44.60
C ASN K 128 -79.41 -59.26 43.72
N GLN K 129 -79.68 -58.09 44.29
CA GLN K 129 -80.12 -56.93 43.54
C GLN K 129 -79.57 -55.65 44.14
N ILE K 130 -78.62 -54.98 43.45
CA ILE K 130 -77.92 -53.82 44.03
C ILE K 130 -77.89 -52.59 43.13
N ARG K 131 -78.05 -52.78 41.81
CA ARG K 131 -77.95 -51.66 40.88
C ARG K 131 -79.13 -50.70 41.05
N LYS K 132 -78.91 -49.46 40.62
CA LYS K 132 -79.91 -48.41 40.70
C LYS K 132 -81.29 -48.85 40.22
N THR K 133 -81.42 -49.19 38.94
CA THR K 133 -82.69 -49.09 38.25
C THR K 133 -83.15 -50.42 37.64
N SER K 134 -84.47 -50.59 37.56
CA SER K 134 -85.06 -51.80 36.98
C SER K 134 -86.47 -51.46 36.53
N TYR K 135 -86.73 -51.58 35.23
CA TYR K 135 -87.97 -51.10 34.66
C TYR K 135 -88.65 -52.23 33.92
N ALA K 136 -89.96 -52.13 33.77
CA ALA K 136 -90.69 -53.10 32.97
C ALA K 136 -90.95 -52.55 31.57
N GLN K 137 -90.72 -53.40 30.57
CA GLN K 137 -90.90 -52.96 29.19
C GLN K 137 -92.35 -52.58 28.93
N HIS K 138 -92.54 -51.74 27.91
CA HIS K 138 -93.88 -51.23 27.61
C HIS K 138 -94.83 -52.37 27.30
N GLN K 139 -94.38 -53.33 26.50
CA GLN K 139 -95.24 -54.46 26.17
C GLN K 139 -95.59 -55.29 27.40
N GLN K 140 -94.66 -55.41 28.35
CA GLN K 140 -94.99 -56.02 29.63
C GLN K 140 -95.96 -55.15 30.41
N VAL K 141 -95.73 -53.84 30.41
CA VAL K 141 -96.60 -52.93 31.15
C VAL K 141 -98.01 -52.97 30.59
N ARG K 142 -98.14 -52.97 29.27
CA ARG K 142 -99.45 -53.15 28.67
C ARG K 142 -100.06 -54.48 29.08
N GLN K 143 -99.24 -55.52 29.14
CA GLN K 143 -99.77 -56.87 29.32
C GLN K 143 -100.28 -57.09 30.73
N ILE K 144 -99.54 -56.66 31.75
CA ILE K 144 -100.03 -56.85 33.10
C ILE K 144 -101.25 -55.96 33.33
N ARG K 145 -101.25 -54.75 32.77
CA ARG K 145 -102.38 -53.85 32.96
C ARG K 145 -103.65 -54.44 32.38
N LYS K 146 -103.61 -54.87 31.12
CA LYS K 146 -104.77 -55.53 30.53
C LYS K 146 -105.13 -56.78 31.32
N LYS K 147 -104.13 -57.53 31.78
CA LYS K 147 -104.42 -58.67 32.64
C LYS K 147 -105.04 -58.23 33.96
N MET K 148 -104.52 -57.17 34.57
CA MET K 148 -105.11 -56.69 35.81
C MET K 148 -106.35 -55.85 35.56
N MET K 149 -106.58 -55.46 34.30
CA MET K 149 -107.89 -54.92 33.93
C MET K 149 -108.96 -56.00 33.99
N GLU K 150 -108.68 -57.16 33.40
CA GLU K 150 -109.72 -58.16 33.23
C GLU K 150 -110.06 -58.85 34.54
N ILE K 151 -109.06 -59.20 35.35
CA ILE K 151 -109.34 -59.92 36.58
C ILE K 151 -110.13 -59.05 37.53
N MET K 152 -109.79 -57.76 37.60
CA MET K 152 -110.61 -56.82 38.35
C MET K 152 -112.00 -56.68 37.73
N THR K 153 -112.07 -56.61 36.40
CA THR K 153 -113.37 -56.51 35.74
C THR K 153 -114.20 -57.75 35.97
N ARG K 154 -113.62 -58.93 35.73
CA ARG K 154 -114.38 -60.16 35.93
C ARG K 154 -114.70 -60.36 37.39
N GLU K 155 -113.97 -59.72 38.28
CA GLU K 155 -114.25 -59.91 39.70
C GLU K 155 -115.50 -59.18 40.14
N VAL K 156 -115.64 -57.89 39.80
CA VAL K 156 -116.79 -57.11 40.24
C VAL K 156 -118.10 -57.55 39.61
N GLN K 157 -118.09 -57.93 38.33
CA GLN K 157 -119.32 -58.17 37.59
C GLN K 157 -120.15 -59.30 38.20
N THR K 158 -119.51 -60.38 38.63
CA THR K 158 -120.25 -61.55 39.09
C THR K 158 -121.04 -61.25 40.37
N ASN K 159 -120.39 -60.69 41.38
CA ASN K 159 -121.03 -60.51 42.67
C ASN K 159 -121.52 -59.08 42.83
N ASP K 160 -122.32 -58.88 43.88
CA ASP K 160 -123.08 -57.65 44.08
C ASP K 160 -122.23 -56.61 44.80
N LEU K 161 -122.86 -55.48 45.14
CA LEU K 161 -122.15 -54.42 45.84
C LEU K 161 -121.61 -54.89 47.18
N LYS K 162 -122.47 -55.51 47.99
CA LYS K 162 -122.06 -55.94 49.32
C LYS K 162 -120.90 -56.91 49.24
N GLU K 163 -120.96 -57.86 48.31
CA GLU K 163 -119.85 -58.79 48.14
C GLU K 163 -118.62 -58.10 47.57
N VAL K 164 -118.79 -56.92 46.98
CA VAL K 164 -117.63 -56.15 46.54
C VAL K 164 -116.98 -55.47 47.73
N VAL K 165 -117.74 -54.66 48.45
CA VAL K 165 -117.17 -53.88 49.55
C VAL K 165 -116.74 -54.77 50.71
N ASN K 166 -117.50 -55.83 51.00
CA ASN K 166 -117.16 -56.65 52.16
C ASN K 166 -115.78 -57.27 52.03
N LYS K 167 -115.42 -57.72 50.83
CA LYS K 167 -114.08 -58.22 50.59
C LYS K 167 -113.17 -57.18 49.97
N LEU K 168 -113.67 -55.98 49.70
CA LEU K 168 -112.79 -54.86 49.42
C LEU K 168 -112.03 -54.44 50.67
N ILE K 169 -112.59 -54.71 51.85
CA ILE K 169 -111.94 -54.33 53.09
C ILE K 169 -110.56 -54.97 53.24
N PRO K 170 -110.39 -56.29 53.10
CA PRO K 170 -109.04 -56.85 53.14
C PRO K 170 -108.24 -56.59 51.89
N ASP K 171 -108.84 -55.96 50.88
CA ASP K 171 -108.21 -55.77 49.57
C ASP K 171 -107.71 -57.10 49.01
N SER K 172 -108.58 -58.10 49.01
CA SER K 172 -108.23 -59.37 48.40
C SER K 172 -107.87 -59.18 46.93
N ILE K 173 -108.47 -58.20 46.27
CA ILE K 173 -108.06 -57.85 44.92
C ILE K 173 -106.61 -57.39 44.90
N GLY K 174 -106.18 -56.64 45.91
CA GLY K 174 -104.79 -56.23 45.97
C GLY K 174 -103.80 -57.34 46.14
N LYS K 175 -104.27 -58.56 46.36
CA LYS K 175 -103.38 -59.72 46.48
C LYS K 175 -103.57 -60.74 45.38
N ASP K 176 -104.80 -60.89 44.85
CA ASP K 176 -104.97 -61.82 43.74
C ASP K 176 -104.44 -61.24 42.43
N ILE K 177 -104.07 -59.95 42.44
CA ILE K 177 -103.38 -59.37 41.29
C ILE K 177 -101.93 -59.85 41.26
N GLU K 178 -101.20 -59.59 42.35
CA GLU K 178 -99.77 -59.85 42.34
C GLU K 178 -99.46 -61.33 42.23
N LYS K 179 -100.24 -62.19 42.89
CA LYS K 179 -99.93 -63.62 42.87
C LYS K 179 -100.13 -64.20 41.48
N ALA K 180 -100.95 -63.56 40.65
CA ALA K 180 -101.16 -64.04 39.30
C ALA K 180 -100.29 -63.31 38.29
N CYS K 181 -99.87 -62.08 38.60
CA CYS K 181 -98.95 -61.34 37.75
C CYS K 181 -97.50 -61.66 38.04
N GLN K 182 -97.22 -62.45 39.06
CA GLN K 182 -95.84 -62.75 39.44
C GLN K 182 -95.07 -63.35 38.27
N SER K 183 -95.74 -64.18 37.47
CA SER K 183 -95.04 -64.97 36.47
C SER K 183 -94.52 -64.14 35.31
N ILE K 184 -94.94 -62.89 35.19
CA ILE K 184 -94.56 -62.06 34.05
C ILE K 184 -93.91 -60.75 34.51
N TYR K 185 -94.14 -60.34 35.75
CA TYR K 185 -93.26 -59.39 36.41
C TYR K 185 -93.54 -59.35 37.91
N PRO K 186 -92.52 -59.54 38.75
CA PRO K 186 -92.75 -59.51 40.20
C PRO K 186 -93.21 -58.13 40.66
N LEU K 187 -94.40 -58.08 41.23
CA LEU K 187 -94.98 -56.86 41.76
C LEU K 187 -95.12 -56.99 43.27
N HIS K 188 -94.90 -55.90 44.00
CA HIS K 188 -94.97 -55.96 45.45
C HIS K 188 -96.05 -55.08 46.08
N ASP K 189 -96.13 -53.81 45.71
CA ASP K 189 -97.08 -52.88 46.33
C ASP K 189 -98.24 -52.69 45.34
N VAL K 190 -99.19 -53.61 45.38
CA VAL K 190 -100.31 -53.61 44.45
C VAL K 190 -101.58 -53.47 45.29
N PHE K 191 -102.21 -52.31 45.19
CA PHE K 191 -103.47 -52.05 45.89
C PHE K 191 -104.43 -51.40 44.92
N VAL K 192 -105.72 -51.66 45.10
CA VAL K 192 -106.74 -50.81 44.49
C VAL K 192 -106.71 -49.47 45.20
N ARG K 193 -106.42 -48.41 44.44
CA ARG K 193 -106.17 -47.12 45.07
C ARG K 193 -107.41 -46.26 45.21
N LYS K 194 -108.38 -46.39 44.29
CA LYS K 194 -109.58 -45.58 44.36
C LYS K 194 -110.71 -46.32 43.69
N VAL K 195 -111.91 -46.21 44.27
CA VAL K 195 -113.15 -46.52 43.59
C VAL K 195 -114.06 -45.32 43.78
N LYS K 196 -114.76 -44.93 42.73
CA LYS K 196 -115.68 -43.80 42.79
C LYS K 196 -117.01 -44.21 42.20
N MET K 197 -118.08 -43.98 42.95
CA MET K 197 -119.42 -44.27 42.48
C MET K 197 -119.80 -43.29 41.38
N LEU K 198 -120.56 -43.76 40.40
CA LEU K 198 -121.00 -42.92 39.30
C LEU K 198 -122.49 -42.59 39.36
N LYS K 199 -123.34 -43.57 39.67
CA LYS K 199 -124.73 -43.29 39.97
C LYS K 199 -125.33 -44.38 40.85
N LYS K 200 -126.14 -43.98 41.83
CA LYS K 200 -126.86 -44.92 42.67
C LYS K 200 -128.19 -45.28 42.01
N PRO K 201 -128.51 -46.56 41.82
CA PRO K 201 -129.71 -46.92 41.07
C PRO K 201 -131.00 -46.77 41.86
N LYS K 202 -131.72 -45.69 41.58
CA LYS K 202 -133.13 -45.54 41.92
C LYS K 202 -133.39 -45.39 43.41
N PHE K 203 -132.35 -45.58 44.22
CA PHE K 203 -132.46 -45.50 45.67
C PHE K 203 -133.58 -46.41 46.18
N GLU K 204 -133.36 -47.71 45.99
CA GLU K 204 -134.29 -48.66 46.58
C GLU K 204 -134.26 -48.54 48.09
N LEU K 205 -135.44 -48.41 48.68
CA LEU K 205 -135.55 -48.21 50.13
C LEU K 205 -135.11 -49.44 50.91
N GLY K 206 -135.69 -50.59 50.61
CA GLY K 206 -135.50 -51.75 51.44
C GLY K 206 -134.08 -52.25 51.44
N LYS K 207 -133.38 -52.15 50.29
CA LYS K 207 -132.09 -52.83 50.13
C LYS K 207 -131.04 -52.29 51.10
N LEU K 208 -131.12 -51.01 51.43
CA LEU K 208 -130.23 -50.49 52.45
C LEU K 208 -130.71 -50.86 53.85
N MET K 209 -131.99 -51.21 53.99
CA MET K 209 -132.47 -51.66 55.28
C MET K 209 -132.14 -53.13 55.53
N GLU K 210 -131.67 -53.86 54.51
CA GLU K 210 -131.07 -55.15 54.80
C GLU K 210 -129.58 -55.03 55.07
N LEU K 211 -128.86 -54.20 54.31
CA LEU K 211 -127.42 -54.11 54.56
C LEU K 211 -127.12 -53.37 55.85
N HIS K 212 -128.10 -52.67 56.41
CA HIS K 212 -128.02 -52.18 57.78
C HIS K 212 -128.62 -53.15 58.77
N GLY K 213 -129.31 -54.20 58.31
CA GLY K 213 -129.89 -55.19 59.19
C GLY K 213 -129.15 -56.50 59.13
N GLU K 214 -129.89 -57.59 58.92
CA GLU K 214 -129.28 -58.91 58.82
C GLU K 214 -129.26 -59.37 57.36
N SER L 1 -51.54 -104.15 -29.21
CA SER L 1 -52.28 -104.77 -28.12
C SER L 1 -53.66 -104.13 -27.96
N ALA L 2 -54.26 -104.31 -26.78
CA ALA L 2 -55.57 -103.75 -26.50
C ALA L 2 -55.42 -102.41 -25.79
N LYS L 3 -55.85 -101.34 -26.44
CA LYS L 3 -55.87 -100.01 -25.84
C LYS L 3 -57.18 -99.31 -26.21
N ILE L 4 -58.30 -100.02 -26.05
CA ILE L 4 -59.59 -99.51 -26.51
C ILE L 4 -59.98 -98.26 -25.74
N VAL L 5 -59.54 -98.13 -24.49
CA VAL L 5 -59.86 -96.95 -23.69
C VAL L 5 -58.61 -96.10 -23.51
N LYS L 6 -58.37 -95.17 -24.43
CA LYS L 6 -57.29 -94.21 -24.29
C LYS L 6 -57.45 -92.99 -25.19
N PRO L 7 -58.52 -92.20 -25.05
CA PRO L 7 -58.59 -90.95 -25.82
C PRO L 7 -57.40 -90.06 -25.50
N ASN L 8 -56.95 -89.32 -26.50
CA ASN L 8 -55.78 -88.47 -26.36
C ASN L 8 -55.98 -87.27 -27.27
N GLY L 9 -54.90 -86.55 -27.58
CA GLY L 9 -55.02 -85.46 -28.52
C GLY L 9 -55.40 -85.97 -29.89
N GLU L 10 -54.45 -86.58 -30.62
CA GLU L 10 -54.83 -87.42 -31.74
C GLU L 10 -54.20 -88.81 -31.67
N LYS L 11 -52.87 -88.86 -31.70
CA LYS L 11 -52.05 -90.07 -31.73
C LYS L 11 -51.66 -90.68 -30.38
N PRO L 12 -51.17 -89.88 -29.42
CA PRO L 12 -50.09 -90.36 -28.55
C PRO L 12 -50.47 -91.55 -27.67
N ASP L 13 -49.44 -92.32 -27.32
CA ASP L 13 -49.54 -93.39 -26.33
C ASP L 13 -48.12 -93.62 -25.80
N GLU L 14 -47.87 -93.22 -24.56
CA GLU L 14 -46.53 -93.32 -23.96
C GLU L 14 -46.49 -94.55 -23.05
N PHE L 15 -46.10 -95.68 -23.65
CA PHE L 15 -46.07 -96.99 -22.99
C PHE L 15 -47.23 -97.18 -22.03
N GLU L 16 -48.43 -96.93 -22.55
CA GLU L 16 -49.66 -96.98 -21.77
C GLU L 16 -50.14 -98.40 -21.52
N SER L 17 -49.44 -99.41 -22.05
CA SER L 17 -49.79 -100.79 -21.77
C SER L 17 -49.74 -101.11 -20.28
N GLY L 18 -48.97 -100.34 -19.52
CA GLY L 18 -48.97 -100.50 -18.08
C GLY L 18 -50.09 -99.79 -17.34
N ILE L 19 -50.86 -98.95 -18.03
CA ILE L 19 -51.91 -98.19 -17.36
C ILE L 19 -53.27 -98.42 -18.02
N SER L 20 -53.41 -98.03 -19.29
CA SER L 20 -54.69 -98.19 -19.97
C SER L 20 -55.04 -99.66 -20.15
N GLN L 21 -54.10 -100.44 -20.69
CA GLN L 21 -54.27 -101.89 -20.72
C GLN L 21 -54.44 -102.46 -19.32
N ALA L 22 -53.77 -101.88 -18.32
CA ALA L 22 -54.03 -102.25 -16.93
C ALA L 22 -55.44 -101.84 -16.51
N LEU L 23 -55.90 -100.68 -16.98
CA LEU L 23 -57.32 -100.37 -16.84
C LEU L 23 -58.17 -101.30 -17.68
N LEU L 24 -57.61 -101.85 -18.76
CA LEU L 24 -58.31 -102.81 -19.59
C LEU L 24 -58.27 -104.23 -19.02
N GLU L 25 -57.25 -104.56 -18.22
CA GLU L 25 -57.31 -105.79 -17.45
C GLU L 25 -58.13 -105.65 -16.18
N LEU L 26 -58.50 -104.41 -15.83
CA LEU L 26 -59.28 -104.15 -14.63
C LEU L 26 -60.75 -104.52 -14.81
N GLU L 27 -61.13 -105.00 -15.99
CA GLU L 27 -62.48 -105.50 -16.22
C GLU L 27 -62.72 -106.79 -15.42
N MET L 28 -63.97 -107.27 -15.48
CA MET L 28 -64.40 -108.52 -14.85
C MET L 28 -64.37 -108.40 -13.32
N ASN L 29 -64.08 -107.19 -12.84
CA ASN L 29 -64.00 -106.93 -11.41
C ASN L 29 -65.39 -107.01 -10.78
N SER L 30 -65.39 -107.10 -9.45
CA SER L 30 -66.64 -107.19 -8.70
C SER L 30 -67.21 -105.80 -8.48
N ASP L 31 -68.45 -105.59 -8.94
CA ASP L 31 -69.25 -104.38 -8.75
C ASP L 31 -68.50 -103.08 -8.98
N LEU L 32 -67.49 -103.10 -9.85
CA LEU L 32 -66.74 -101.90 -10.18
C LEU L 32 -66.78 -101.54 -11.66
N LYS L 33 -67.04 -102.50 -12.55
CA LYS L 33 -67.02 -102.26 -13.99
C LYS L 33 -68.29 -101.60 -14.49
N ALA L 34 -69.30 -101.46 -13.65
CA ALA L 34 -70.58 -100.92 -14.12
C ALA L 34 -70.47 -99.47 -14.59
N GLN L 35 -69.46 -98.73 -14.16
CA GLN L 35 -69.27 -97.35 -14.59
C GLN L 35 -68.12 -97.20 -15.55
N LEU L 36 -66.99 -97.85 -15.26
CA LEU L 36 -65.74 -97.53 -15.94
C LEU L 36 -65.74 -97.85 -17.43
N ARG L 37 -66.70 -98.63 -17.94
CA ARG L 37 -66.68 -98.90 -19.37
C ARG L 37 -67.18 -97.71 -20.19
N GLU L 38 -68.07 -96.89 -19.62
CA GLU L 38 -68.52 -95.70 -20.32
C GLU L 38 -67.72 -94.45 -19.99
N LEU L 39 -66.72 -94.57 -19.11
CA LEU L 39 -65.85 -93.46 -18.76
C LEU L 39 -64.43 -93.77 -19.23
N ASN L 40 -63.85 -92.83 -19.96
CA ASN L 40 -62.56 -93.02 -20.62
C ASN L 40 -61.47 -92.29 -19.83
N ILE L 41 -60.28 -92.22 -20.42
CA ILE L 41 -59.17 -91.51 -19.82
C ILE L 41 -58.40 -90.80 -20.92
N THR L 42 -57.82 -89.65 -20.59
CA THR L 42 -57.24 -88.79 -21.63
C THR L 42 -55.73 -88.66 -21.53
N ALA L 43 -55.17 -88.63 -20.32
CA ALA L 43 -53.73 -88.50 -20.18
C ALA L 43 -53.30 -89.10 -18.85
N ALA L 44 -52.01 -89.43 -18.76
CA ALA L 44 -51.44 -89.94 -17.53
C ALA L 44 -49.93 -89.73 -17.56
N LYS L 45 -49.38 -89.40 -16.41
CA LYS L 45 -47.94 -89.23 -16.25
C LYS L 45 -47.47 -90.00 -15.03
N GLU L 46 -46.21 -90.39 -15.05
CA GLU L 46 -45.61 -91.28 -14.05
C GLU L 46 -44.38 -90.64 -13.44
N ILE L 47 -44.52 -89.38 -13.01
CA ILE L 47 -43.39 -88.59 -12.54
C ILE L 47 -42.81 -89.16 -11.26
N GLU L 48 -41.61 -88.72 -10.90
CA GLU L 48 -40.93 -89.14 -9.69
C GLU L 48 -41.02 -88.07 -8.63
N VAL L 49 -41.10 -88.49 -7.37
CA VAL L 49 -41.19 -87.58 -6.24
C VAL L 49 -39.92 -87.73 -5.43
N GLY L 50 -39.21 -86.61 -5.22
CA GLY L 50 -37.92 -86.65 -4.56
C GLY L 50 -36.99 -87.71 -5.12
N GLY L 51 -36.76 -88.75 -4.33
CA GLY L 51 -35.90 -89.86 -4.72
C GLY L 51 -36.68 -91.08 -5.15
N GLY L 52 -36.86 -92.02 -4.22
CA GLY L 52 -37.45 -93.30 -4.53
C GLY L 52 -38.95 -93.35 -4.61
N ARG L 53 -39.64 -92.26 -4.29
CA ARG L 53 -41.09 -92.22 -4.50
C ARG L 53 -41.40 -91.99 -5.98
N LYS L 54 -42.51 -92.57 -6.42
CA LYS L 54 -42.90 -92.59 -7.82
C LYS L 54 -44.41 -92.42 -7.85
N ALA L 55 -44.88 -91.27 -8.33
CA ALA L 55 -46.30 -90.92 -8.29
C ALA L 55 -46.82 -90.86 -9.73
N ILE L 56 -47.95 -91.52 -9.97
CA ILE L 56 -48.56 -91.56 -11.30
C ILE L 56 -49.79 -90.67 -11.29
N ILE L 57 -49.78 -89.65 -12.13
CA ILE L 57 -50.83 -88.64 -12.17
C ILE L 57 -51.60 -88.80 -13.48
N ILE L 58 -52.92 -88.70 -13.38
CA ILE L 58 -53.83 -89.07 -14.47
C ILE L 58 -54.77 -87.91 -14.74
N PHE L 59 -54.77 -87.42 -15.97
CA PHE L 59 -55.58 -86.27 -16.38
C PHE L 59 -56.95 -86.77 -16.82
N VAL L 60 -57.99 -85.96 -16.61
CA VAL L 60 -59.35 -86.34 -16.97
C VAL L 60 -60.04 -85.18 -17.68
N PRO L 61 -60.99 -85.43 -18.59
CA PRO L 61 -61.91 -84.37 -18.99
C PRO L 61 -62.85 -84.01 -17.85
N VAL L 62 -63.23 -82.73 -17.82
CA VAL L 62 -63.95 -82.16 -16.68
C VAL L 62 -65.30 -82.84 -16.45
N PRO L 63 -66.21 -82.94 -17.44
CA PRO L 63 -67.49 -83.60 -17.15
C PRO L 63 -67.33 -85.04 -16.76
N GLN L 64 -66.31 -85.71 -17.31
CA GLN L 64 -66.03 -87.10 -16.98
C GLN L 64 -65.40 -87.22 -15.61
N LEU L 65 -64.63 -86.23 -15.17
CA LEU L 65 -64.00 -86.27 -13.85
C LEU L 65 -65.03 -86.26 -12.74
N LYS L 66 -66.12 -85.51 -12.93
CA LYS L 66 -67.15 -85.44 -11.89
C LYS L 66 -67.70 -86.83 -11.58
N SER L 67 -67.60 -87.75 -12.54
CA SER L 67 -68.06 -89.12 -12.31
C SER L 67 -67.14 -89.87 -11.37
N PHE L 68 -65.83 -89.84 -11.64
CA PHE L 68 -64.92 -90.61 -10.79
C PHE L 68 -64.90 -90.14 -9.34
N GLN L 69 -65.25 -88.89 -9.06
CA GLN L 69 -65.26 -88.43 -7.68
C GLN L 69 -66.15 -89.32 -6.82
N LYS L 70 -67.24 -89.83 -7.38
CA LYS L 70 -68.08 -90.74 -6.62
C LYS L 70 -67.46 -92.14 -6.53
N ILE L 71 -66.56 -92.48 -7.44
CA ILE L 71 -66.04 -93.84 -7.52
C ILE L 71 -64.52 -93.86 -7.43
N GLN L 72 -63.93 -92.78 -6.91
CA GLN L 72 -62.48 -92.69 -6.79
C GLN L 72 -61.90 -93.76 -5.87
N VAL L 73 -62.22 -93.69 -4.58
CA VAL L 73 -61.62 -94.61 -3.62
C VAL L 73 -62.08 -96.05 -3.84
N ARG L 74 -63.10 -96.25 -4.68
CA ARG L 74 -63.46 -97.61 -5.08
C ARG L 74 -62.36 -98.27 -5.89
N LEU L 75 -61.47 -97.48 -6.50
CA LEU L 75 -60.47 -98.02 -7.39
C LEU L 75 -59.04 -97.67 -7.02
N VAL L 76 -58.79 -96.55 -6.33
CA VAL L 76 -57.42 -96.14 -6.06
C VAL L 76 -56.68 -97.23 -5.28
N ARG L 77 -57.40 -97.98 -4.46
CA ARG L 77 -56.80 -99.15 -3.83
C ARG L 77 -56.39 -100.17 -4.87
N GLU L 78 -57.24 -100.39 -5.88
CA GLU L 78 -56.96 -101.43 -6.87
C GLU L 78 -55.68 -101.12 -7.66
N LEU L 79 -55.54 -99.90 -8.16
CA LEU L 79 -54.32 -99.56 -8.90
C LEU L 79 -53.09 -99.63 -8.02
N GLU L 80 -53.19 -99.20 -6.76
CA GLU L 80 -52.07 -99.35 -5.86
C GLU L 80 -51.77 -100.82 -5.59
N LYS L 81 -52.81 -101.66 -5.55
CA LYS L 81 -52.61 -103.08 -5.32
C LYS L 81 -51.74 -103.72 -6.39
N LYS L 82 -52.02 -103.42 -7.65
CA LYS L 82 -51.26 -104.03 -8.74
C LYS L 82 -49.92 -103.35 -8.98
N PHE L 83 -49.75 -102.09 -8.58
CA PHE L 83 -48.45 -101.42 -8.68
C PHE L 83 -48.21 -100.75 -7.32
N SER L 84 -47.61 -101.51 -6.40
CA SER L 84 -47.34 -100.98 -5.07
C SER L 84 -46.28 -99.88 -5.15
N GLY L 85 -46.46 -98.86 -4.31
CA GLY L 85 -45.55 -97.74 -4.29
C GLY L 85 -45.78 -96.71 -5.36
N LYS L 86 -46.74 -96.94 -6.24
CA LYS L 86 -47.07 -96.00 -7.31
C LYS L 86 -48.26 -95.16 -6.84
N HIS L 87 -47.99 -93.93 -6.42
CA HIS L 87 -49.00 -93.05 -5.86
C HIS L 87 -49.87 -92.55 -7.01
N VAL L 88 -51.19 -92.68 -6.86
CA VAL L 88 -52.14 -92.41 -7.92
C VAL L 88 -52.99 -91.22 -7.54
N VAL L 89 -53.11 -90.26 -8.46
CA VAL L 89 -53.91 -89.06 -8.29
C VAL L 89 -54.67 -88.80 -9.57
N PHE L 90 -55.89 -88.29 -9.43
CA PHE L 90 -56.76 -87.99 -10.57
C PHE L 90 -57.07 -86.51 -10.58
N ILE L 91 -56.73 -85.83 -11.68
CA ILE L 91 -57.04 -84.42 -11.87
C ILE L 91 -57.62 -84.23 -13.27
N ALA L 92 -58.25 -83.08 -13.47
CA ALA L 92 -58.91 -82.76 -14.72
C ALA L 92 -57.97 -82.04 -15.67
N GLN L 93 -58.43 -81.85 -16.90
CA GLN L 93 -57.80 -80.90 -17.81
C GLN L 93 -58.69 -79.67 -17.89
N ARG L 94 -58.10 -78.51 -17.65
CA ARG L 94 -58.83 -77.26 -17.83
C ARG L 94 -58.49 -76.56 -19.14
N ARG L 95 -57.52 -77.07 -19.89
CA ARG L 95 -57.03 -76.48 -21.14
C ARG L 95 -56.95 -74.96 -21.02
N ILE L 96 -56.09 -74.54 -20.08
CA ILE L 96 -56.02 -73.14 -19.67
C ILE L 96 -55.89 -72.21 -20.88
N LEU L 97 -56.48 -71.03 -20.74
CA LEU L 97 -56.49 -70.02 -21.78
C LEU L 97 -55.52 -68.89 -21.43
N PRO L 98 -55.01 -68.17 -22.42
CA PRO L 98 -54.06 -67.10 -22.12
C PRO L 98 -54.78 -65.79 -21.79
N LYS L 99 -54.09 -64.98 -21.01
CA LYS L 99 -54.56 -63.63 -20.71
C LYS L 99 -54.47 -62.80 -21.99
N PRO L 100 -55.58 -62.26 -22.50
CA PRO L 100 -55.51 -61.52 -23.76
C PRO L 100 -54.90 -60.14 -23.56
N THR L 101 -53.66 -60.00 -24.01
CA THR L 101 -53.00 -58.71 -24.01
C THR L 101 -53.47 -57.92 -25.23
N ARG L 102 -52.81 -56.79 -25.49
CA ARG L 102 -53.17 -56.00 -26.65
C ARG L 102 -52.70 -56.63 -27.95
N LYS L 103 -51.95 -57.73 -27.87
CA LYS L 103 -51.60 -58.52 -29.03
C LYS L 103 -51.89 -60.00 -28.80
N LYS L 107 -59.35 -63.31 -37.20
CA LYS L 107 -58.85 -62.38 -36.20
C LYS L 107 -59.97 -61.97 -35.24
N ASN L 108 -60.62 -62.96 -34.62
CA ASN L 108 -61.71 -62.72 -33.68
C ASN L 108 -61.81 -63.87 -32.70
N LYS L 109 -61.93 -63.55 -31.42
CA LYS L 109 -62.19 -64.51 -30.36
C LYS L 109 -63.28 -63.94 -29.47
N GLN L 110 -64.05 -64.80 -28.82
CA GLN L 110 -65.03 -64.33 -27.86
C GLN L 110 -64.42 -64.35 -26.45
N LYS L 111 -65.22 -63.97 -25.46
CA LYS L 111 -64.72 -63.70 -24.13
C LYS L 111 -64.06 -64.94 -23.51
N ARG L 112 -62.95 -64.73 -22.83
CA ARG L 112 -62.38 -65.78 -22.00
C ARG L 112 -63.29 -66.00 -20.80
N PRO L 113 -63.83 -67.20 -20.60
CA PRO L 113 -64.61 -67.46 -19.40
C PRO L 113 -63.76 -67.37 -18.15
N ARG L 114 -64.39 -66.98 -17.04
CA ARG L 114 -63.66 -66.81 -15.80
C ARG L 114 -63.17 -68.14 -15.22
N SER L 115 -63.63 -69.26 -15.77
CA SER L 115 -63.14 -70.56 -15.34
C SER L 115 -61.99 -71.07 -16.20
N ARG L 116 -61.54 -70.29 -17.20
CA ARG L 116 -60.43 -70.66 -18.05
C ARG L 116 -59.22 -69.78 -17.79
N THR L 117 -59.03 -69.36 -16.54
CA THR L 117 -57.91 -68.52 -16.16
C THR L 117 -57.13 -69.20 -15.04
N LEU L 118 -55.83 -68.86 -14.96
CA LEU L 118 -54.92 -69.66 -14.16
C LEU L 118 -55.33 -69.75 -12.70
N THR L 119 -55.54 -68.60 -12.05
CA THR L 119 -55.86 -68.64 -10.62
C THR L 119 -57.26 -69.20 -10.37
N ALA L 120 -58.03 -69.43 -11.42
CA ALA L 120 -59.32 -70.10 -11.27
C ALA L 120 -59.27 -71.57 -11.66
N VAL L 121 -58.12 -72.09 -12.05
CA VAL L 121 -57.99 -73.50 -12.34
C VAL L 121 -57.02 -74.21 -11.39
N HIS L 122 -55.85 -73.64 -11.12
CA HIS L 122 -54.88 -74.37 -10.31
C HIS L 122 -55.31 -74.43 -8.85
N ASP L 123 -56.31 -73.63 -8.45
CA ASP L 123 -56.98 -73.88 -7.18
C ASP L 123 -57.96 -75.04 -7.31
N ALA L 124 -58.66 -75.10 -8.45
CA ALA L 124 -59.50 -76.25 -8.73
C ALA L 124 -58.67 -77.50 -8.98
N ILE L 125 -57.46 -77.33 -9.53
CA ILE L 125 -56.56 -78.47 -9.63
C ILE L 125 -56.27 -79.04 -8.26
N LEU L 126 -55.88 -78.22 -7.29
CA LEU L 126 -55.59 -78.76 -5.97
C LEU L 126 -56.86 -79.20 -5.26
N GLU L 127 -58.03 -78.76 -5.76
CA GLU L 127 -59.28 -79.18 -5.13
C GLU L 127 -59.55 -80.65 -5.38
N ASP L 128 -59.47 -81.08 -6.64
CA ASP L 128 -59.59 -82.49 -6.96
C ASP L 128 -58.30 -83.25 -6.76
N LEU L 129 -57.19 -82.55 -6.53
CA LEU L 129 -55.92 -83.19 -6.27
C LEU L 129 -55.92 -83.88 -4.91
N VAL L 130 -56.45 -83.20 -3.89
CA VAL L 130 -56.51 -83.74 -2.54
C VAL L 130 -57.91 -84.30 -2.24
N PHE L 131 -58.62 -84.76 -3.27
CA PHE L 131 -60.05 -84.98 -3.27
C PHE L 131 -60.54 -85.84 -2.10
N PRO L 132 -59.80 -86.89 -1.68
CA PRO L 132 -60.22 -87.61 -0.46
C PRO L 132 -60.65 -86.69 0.66
N SER L 133 -59.99 -85.55 0.81
CA SER L 133 -60.38 -84.49 1.72
C SER L 133 -60.74 -83.24 0.91
N GLU L 134 -61.01 -82.16 1.60
CA GLU L 134 -61.38 -80.91 0.94
C GLU L 134 -60.67 -79.75 1.61
N ILE L 135 -60.43 -78.71 0.83
CA ILE L 135 -59.72 -77.52 1.30
C ILE L 135 -60.56 -76.85 2.38
N VAL L 136 -59.90 -76.41 3.44
CA VAL L 136 -60.55 -75.59 4.46
C VAL L 136 -60.04 -74.16 4.47
N GLY L 137 -58.75 -73.94 4.21
CA GLY L 137 -58.22 -72.60 4.11
C GLY L 137 -56.80 -72.64 3.60
N LYS L 138 -56.37 -71.54 3.00
CA LYS L 138 -55.06 -71.45 2.39
C LYS L 138 -54.38 -70.16 2.81
N ARG L 139 -53.05 -70.21 2.88
CA ARG L 139 -52.24 -69.22 3.59
C ARG L 139 -51.00 -68.84 2.79
N ILE L 140 -51.18 -68.39 1.54
CA ILE L 140 -50.07 -68.04 0.65
C ILE L 140 -48.97 -67.29 1.40
N ARG L 141 -47.74 -67.77 1.29
CA ARG L 141 -46.67 -67.39 2.20
C ARG L 141 -45.44 -66.89 1.45
N VAL L 142 -45.06 -65.64 1.70
CA VAL L 142 -43.83 -65.08 1.14
C VAL L 142 -42.71 -65.32 2.13
N LYS L 143 -41.72 -66.12 1.74
CA LYS L 143 -40.71 -66.61 2.68
C LYS L 143 -39.50 -65.66 2.75
N LEU L 144 -39.79 -64.38 2.96
CA LEU L 144 -38.78 -63.37 3.30
C LEU L 144 -37.86 -63.04 2.11
N ASP L 145 -38.06 -63.69 0.97
CA ASP L 145 -37.24 -63.36 -0.20
C ASP L 145 -38.06 -63.17 -1.46
N GLY L 146 -39.38 -63.08 -1.37
CA GLY L 146 -40.22 -62.84 -2.53
C GLY L 146 -40.84 -64.07 -3.15
N SER L 147 -40.36 -65.26 -2.83
CA SER L 147 -40.95 -66.49 -3.34
C SER L 147 -42.06 -66.94 -2.40
N ARG L 148 -43.13 -67.47 -2.98
CA ARG L 148 -44.37 -67.73 -2.25
C ARG L 148 -44.61 -69.23 -2.11
N LEU L 149 -45.00 -69.64 -0.91
CA LEU L 149 -45.39 -71.02 -0.63
C LEU L 149 -46.82 -71.04 -0.13
N ILE L 150 -47.54 -72.09 -0.46
CA ILE L 150 -48.93 -72.24 -0.03
C ILE L 150 -48.98 -73.26 1.09
N LYS L 151 -49.66 -72.91 2.18
CA LYS L 151 -49.90 -73.87 3.25
C LYS L 151 -51.42 -74.01 3.41
N VAL L 152 -51.92 -75.19 3.03
CA VAL L 152 -53.35 -75.45 2.88
C VAL L 152 -53.82 -76.26 4.07
N HIS L 153 -54.96 -75.86 4.64
CA HIS L 153 -55.59 -76.62 5.71
C HIS L 153 -56.51 -77.67 5.14
N LEU L 154 -56.46 -78.87 5.71
CA LEU L 154 -57.37 -79.95 5.36
C LEU L 154 -58.43 -80.11 6.44
N ASP L 155 -59.22 -81.18 6.36
CA ASP L 155 -60.33 -81.36 7.27
C ASP L 155 -59.89 -81.83 8.65
N LYS L 156 -58.71 -82.46 8.75
CA LYS L 156 -58.36 -83.27 9.91
C LYS L 156 -59.46 -84.30 10.18
N ALA L 157 -59.93 -84.93 9.11
CA ALA L 157 -60.87 -86.04 9.21
C ALA L 157 -60.31 -87.30 8.59
N GLN L 158 -59.68 -87.21 7.43
CA GLN L 158 -59.12 -88.37 6.73
C GLN L 158 -57.64 -88.55 7.03
N GLN L 159 -57.28 -88.59 8.32
CA GLN L 159 -55.89 -88.89 8.68
C GLN L 159 -55.51 -90.30 8.24
N ASN L 160 -56.37 -91.27 8.52
CA ASN L 160 -56.10 -92.62 8.06
C ASN L 160 -56.16 -92.70 6.54
N ASN L 161 -57.13 -92.02 5.93
CA ASN L 161 -57.31 -92.14 4.48
C ASN L 161 -56.24 -91.36 3.73
N VAL L 162 -56.07 -90.08 4.04
CA VAL L 162 -55.01 -89.30 3.41
C VAL L 162 -54.31 -88.38 4.41
N GLU L 163 -53.16 -88.83 4.90
CA GLU L 163 -52.24 -88.00 5.66
C GLU L 163 -50.80 -88.18 5.24
N HIS L 164 -50.45 -89.31 4.66
CA HIS L 164 -49.08 -89.67 4.33
C HIS L 164 -48.73 -89.38 2.88
N LYS L 165 -49.67 -88.84 2.10
CA LYS L 165 -49.43 -88.54 0.70
C LYS L 165 -49.28 -87.04 0.44
N VAL L 166 -49.13 -86.23 1.50
CA VAL L 166 -49.03 -84.79 1.31
C VAL L 166 -47.71 -84.43 0.64
N GLU L 167 -46.65 -85.20 0.90
CA GLU L 167 -45.38 -84.96 0.23
C GLU L 167 -45.50 -85.22 -1.27
N THR L 168 -46.18 -86.31 -1.64
CA THR L 168 -46.44 -86.56 -3.04
C THR L 168 -47.29 -85.45 -3.64
N PHE L 169 -48.26 -84.96 -2.87
CA PHE L 169 -49.24 -84.05 -3.45
C PHE L 169 -48.60 -82.73 -3.82
N SER L 170 -47.72 -82.22 -2.96
CA SER L 170 -46.95 -81.03 -3.28
C SER L 170 -46.03 -81.27 -4.47
N GLY L 171 -45.40 -82.45 -4.51
CA GLY L 171 -44.50 -82.75 -5.61
C GLY L 171 -45.19 -82.74 -6.95
N VAL L 172 -46.37 -83.35 -7.03
CA VAL L 172 -47.12 -83.35 -8.28
C VAL L 172 -47.60 -81.94 -8.61
N TYR L 173 -47.89 -81.13 -7.59
CA TYR L 173 -48.29 -79.75 -7.82
C TYR L 173 -47.13 -78.94 -8.40
N LYS L 174 -45.96 -79.01 -7.76
CA LYS L 174 -44.80 -78.28 -8.27
C LYS L 174 -44.45 -78.76 -9.67
N LYS L 175 -44.78 -80.01 -9.99
CA LYS L 175 -44.46 -80.55 -11.30
C LYS L 175 -45.19 -79.79 -12.41
N LEU L 176 -46.49 -79.54 -12.22
CA LEU L 176 -47.31 -79.00 -13.29
C LEU L 176 -47.68 -77.54 -13.10
N THR L 177 -47.36 -76.94 -11.96
CA THR L 177 -47.67 -75.53 -11.76
C THR L 177 -46.48 -74.78 -11.18
N GLY L 178 -45.53 -75.52 -10.61
CA GLY L 178 -44.30 -74.91 -10.13
C GLY L 178 -44.44 -74.14 -8.84
N LYS L 179 -45.56 -74.23 -8.14
CA LYS L 179 -45.78 -73.51 -6.90
C LYS L 179 -45.77 -74.49 -5.73
N ASP L 180 -44.79 -74.31 -4.85
CA ASP L 180 -44.59 -75.21 -3.73
C ASP L 180 -45.70 -75.03 -2.70
N VAL L 181 -46.26 -76.16 -2.26
CA VAL L 181 -47.38 -76.20 -1.34
C VAL L 181 -47.00 -77.16 -0.22
N ASN L 182 -47.58 -76.94 0.96
CA ASN L 182 -47.52 -77.93 2.02
C ASN L 182 -48.83 -77.92 2.79
N PHE L 183 -49.30 -79.11 3.13
CA PHE L 183 -50.62 -79.28 3.74
C PHE L 183 -50.46 -79.59 5.21
N GLU L 184 -51.42 -79.14 6.01
CA GLU L 184 -51.41 -79.40 7.44
C GLU L 184 -52.82 -79.77 7.89
N PHE L 185 -52.88 -80.49 9.00
CA PHE L 185 -54.14 -80.89 9.60
C PHE L 185 -54.45 -79.95 10.75
N PRO L 186 -55.42 -79.06 10.62
CA PRO L 186 -55.69 -78.08 11.68
C PRO L 186 -56.45 -78.72 12.82
N GLU L 187 -56.43 -78.06 13.97
CA GLU L 187 -57.26 -78.46 15.10
C GLU L 187 -58.71 -78.16 14.75
N PHE L 188 -59.64 -78.49 15.64
CA PHE L 188 -61.06 -78.35 15.33
C PHE L 188 -61.39 -76.92 14.93
N GLN L 189 -62.23 -76.78 13.91
CA GLN L 189 -62.58 -75.49 13.34
C GLN L 189 -63.75 -74.86 14.08
N MET M 1 -22.68 -42.89 9.50
CA MET M 1 -21.43 -43.62 9.69
C MET M 1 -21.06 -44.38 8.43
N GLN M 2 -19.85 -44.93 8.40
CA GLN M 2 -19.38 -45.77 7.30
C GLN M 2 -19.49 -45.02 5.97
N ASN M 3 -18.69 -43.98 5.84
CA ASN M 3 -18.64 -43.19 4.61
C ASN M 3 -18.10 -44.04 3.45
N ASP M 4 -18.05 -43.44 2.26
CA ASP M 4 -17.41 -44.10 1.14
C ASP M 4 -15.94 -44.39 1.46
N ALA M 5 -15.30 -43.52 2.24
CA ALA M 5 -13.95 -43.80 2.71
C ALA M 5 -13.92 -45.03 3.61
N GLY M 6 -15.00 -45.30 4.34
CA GLY M 6 -15.15 -46.53 5.08
C GLY M 6 -14.95 -46.43 6.57
N GLU M 7 -14.73 -45.23 7.14
CA GLU M 7 -14.54 -45.12 8.57
C GLU M 7 -15.88 -44.95 9.28
N PHE M 8 -15.95 -45.47 10.50
CA PHE M 8 -17.13 -45.27 11.34
C PHE M 8 -17.17 -43.82 11.80
N VAL M 9 -17.86 -42.97 11.05
CA VAL M 9 -17.93 -41.54 11.37
C VAL M 9 -19.19 -41.36 12.20
N ASP M 10 -19.01 -41.44 13.53
CA ASP M 10 -20.07 -41.20 14.49
C ASP M 10 -19.41 -41.10 15.86
N LEU M 11 -19.72 -40.04 16.61
CA LEU M 11 -19.11 -39.90 17.92
C LEU M 11 -19.61 -40.95 18.90
N TYR M 12 -20.82 -41.47 18.70
CA TYR M 12 -21.28 -42.64 19.43
C TYR M 12 -22.48 -43.22 18.68
N VAL M 13 -22.81 -44.46 19.04
CA VAL M 13 -23.96 -45.16 18.49
C VAL M 13 -24.98 -45.38 19.60
N PRO M 14 -26.24 -45.01 19.38
CA PRO M 14 -27.23 -45.13 20.45
C PRO M 14 -27.77 -46.54 20.54
N ARG M 15 -27.88 -47.04 21.77
CA ARG M 15 -28.39 -48.38 21.95
C ARG M 15 -29.89 -48.39 21.67
N LYS M 16 -30.38 -49.56 21.27
CA LYS M 16 -31.72 -49.71 20.71
C LYS M 16 -32.44 -50.79 21.50
N CYS M 17 -33.62 -50.46 22.02
CA CYS M 17 -34.28 -51.33 22.98
C CYS M 17 -34.60 -52.69 22.36
N SER M 18 -34.41 -53.75 23.13
CA SER M 18 -34.64 -55.10 22.66
C SER M 18 -36.11 -55.44 22.51
N ALA M 19 -37.01 -54.70 23.15
CA ALA M 19 -38.43 -55.00 23.06
C ALA M 19 -38.97 -54.73 21.66
N SER M 20 -38.72 -53.55 21.12
CA SER M 20 -39.26 -53.16 19.82
C SER M 20 -38.26 -52.45 18.94
N ASN M 21 -36.96 -52.61 19.18
CA ASN M 21 -35.89 -52.01 18.38
C ASN M 21 -36.20 -50.54 18.04
N ARG M 22 -36.76 -49.87 19.04
CA ARG M 22 -36.93 -48.42 19.05
C ARG M 22 -35.65 -47.78 19.53
N ILE M 23 -35.13 -46.80 18.79
CA ILE M 23 -33.88 -46.17 19.17
C ILE M 23 -34.11 -45.32 20.40
N ILE M 24 -33.27 -45.53 21.40
CA ILE M 24 -33.38 -44.85 22.68
C ILE M 24 -32.70 -43.50 22.60
N GLY M 25 -33.37 -42.49 23.16
CA GLY M 25 -32.80 -41.16 23.16
C GLY M 25 -31.76 -41.00 24.26
N ALA M 26 -30.75 -40.18 23.97
CA ALA M 26 -29.68 -39.94 24.94
C ALA M 26 -30.20 -39.27 26.20
N LYS M 27 -31.28 -38.50 26.10
CA LYS M 27 -31.89 -37.85 27.25
C LYS M 27 -33.16 -38.54 27.70
N ASP M 28 -33.36 -39.80 27.33
CA ASP M 28 -34.51 -40.56 27.78
C ASP M 28 -34.16 -41.06 29.18
N HIS M 29 -34.59 -40.33 30.19
CA HIS M 29 -34.25 -40.65 31.57
C HIS M 29 -35.11 -41.75 32.14
N ALA M 30 -35.82 -42.48 31.28
CA ALA M 30 -36.72 -43.55 31.70
C ALA M 30 -36.28 -44.93 31.24
N SER M 31 -35.68 -45.03 30.06
CA SER M 31 -35.29 -46.33 29.53
C SER M 31 -34.31 -47.02 30.47
N ILE M 32 -34.42 -48.34 30.55
CA ILE M 32 -33.67 -49.13 31.51
C ILE M 32 -32.83 -50.16 30.78
N GLN M 33 -31.77 -50.62 31.43
CA GLN M 33 -30.92 -51.69 30.94
C GLN M 33 -30.87 -52.75 32.04
N MET M 34 -31.81 -53.69 31.99
CA MET M 34 -31.86 -54.72 33.01
C MET M 34 -30.77 -55.76 32.76
N ASN M 35 -30.38 -56.45 33.83
CA ASN M 35 -29.40 -57.52 33.76
C ASN M 35 -30.02 -58.78 34.29
N VAL M 36 -29.86 -59.87 33.55
CA VAL M 36 -30.44 -61.16 33.90
C VAL M 36 -29.32 -62.19 33.96
N ALA M 37 -29.29 -62.96 35.04
CA ALA M 37 -28.16 -63.80 35.39
C ALA M 37 -28.51 -65.27 35.21
N GLU M 38 -27.85 -65.92 34.26
CA GLU M 38 -28.10 -67.34 34.05
C GLU M 38 -27.52 -68.12 35.21
N VAL M 39 -27.69 -69.45 35.19
CA VAL M 39 -27.29 -70.31 36.29
C VAL M 39 -26.44 -71.45 35.73
N ASP M 40 -26.02 -72.34 36.62
CA ASP M 40 -25.31 -73.53 36.17
C ASP M 40 -26.26 -74.72 36.18
N LYS M 41 -25.91 -75.74 35.40
CA LYS M 41 -26.79 -76.88 35.23
C LYS M 41 -26.89 -77.70 36.51
N VAL M 42 -25.78 -77.90 37.21
CA VAL M 42 -25.74 -78.87 38.29
C VAL M 42 -26.53 -78.42 39.52
N THR M 43 -26.51 -77.13 39.85
CA THR M 43 -27.15 -76.71 41.09
C THR M 43 -27.93 -75.40 40.99
N GLY M 44 -28.08 -74.80 39.82
CA GLY M 44 -28.71 -73.50 39.75
C GLY M 44 -27.90 -72.38 40.35
N ARG M 45 -26.64 -72.62 40.68
CA ARG M 45 -25.76 -71.56 41.15
C ARG M 45 -25.55 -70.54 40.04
N PHE M 46 -25.40 -69.27 40.44
CA PHE M 46 -24.94 -68.26 39.51
C PHE M 46 -23.56 -68.62 38.98
N ASN M 47 -23.48 -68.93 37.68
CA ASN M 47 -22.19 -69.32 37.10
C ASN M 47 -21.18 -68.19 37.18
N GLY M 48 -21.64 -66.95 36.98
CA GLY M 48 -20.77 -65.80 37.10
C GLY M 48 -20.92 -64.84 35.96
N GLN M 49 -21.15 -65.36 34.76
CA GLN M 49 -21.36 -64.52 33.60
C GLN M 49 -22.85 -64.20 33.46
N PHE M 50 -23.16 -63.23 32.62
CA PHE M 50 -24.46 -62.58 32.62
C PHE M 50 -24.87 -62.23 31.21
N LYS M 51 -26.14 -61.87 31.06
CA LYS M 51 -26.66 -61.35 29.80
C LYS M 51 -27.81 -60.39 30.12
N THR M 52 -28.21 -59.60 29.12
CA THR M 52 -28.97 -58.39 29.43
C THR M 52 -30.03 -58.13 28.37
N TYR M 53 -30.99 -57.30 28.75
CA TYR M 53 -32.01 -56.72 27.87
C TYR M 53 -31.96 -55.20 27.99
N ALA M 54 -32.74 -54.54 27.13
CA ALA M 54 -32.88 -53.09 27.17
C ALA M 54 -34.31 -52.74 26.84
N ILE M 55 -34.93 -51.91 27.67
CA ILE M 55 -36.33 -51.57 27.54
C ILE M 55 -36.44 -50.06 27.34
N CYS M 56 -37.18 -49.66 26.32
CA CYS M 56 -37.31 -48.25 25.99
C CYS M 56 -38.19 -47.55 27.00
N GLY M 57 -38.10 -46.22 27.02
CA GLY M 57 -38.88 -45.45 27.97
C GLY M 57 -40.37 -45.57 27.73
N ALA M 58 -40.79 -45.45 26.47
CA ALA M 58 -42.22 -45.47 26.17
C ALA M 58 -42.86 -46.81 26.52
N ILE M 59 -42.24 -47.91 26.08
CA ILE M 59 -42.87 -49.22 26.24
C ILE M 59 -43.05 -49.55 27.72
N ARG M 60 -42.03 -49.32 28.53
CA ARG M 60 -42.18 -49.54 29.97
C ARG M 60 -43.14 -48.54 30.59
N ARG M 61 -43.38 -47.42 29.93
CA ARG M 61 -44.33 -46.43 30.43
C ARG M 61 -45.77 -46.86 30.20
N MET M 62 -46.04 -47.52 29.07
CA MET M 62 -47.41 -47.91 28.78
C MET M 62 -47.75 -49.30 29.32
N GLY M 63 -46.83 -49.92 30.05
CA GLY M 63 -47.11 -51.17 30.72
C GLY M 63 -46.68 -52.44 30.02
N GLU M 64 -45.89 -52.34 28.97
CA GLU M 64 -45.50 -53.53 28.21
C GLU M 64 -44.12 -54.07 28.60
N SER M 65 -43.52 -53.54 29.67
CA SER M 65 -42.22 -54.05 30.08
C SER M 65 -42.29 -55.49 30.53
N ASP M 66 -43.27 -55.82 31.36
CA ASP M 66 -43.37 -57.19 31.87
C ASP M 66 -43.58 -58.17 30.72
N ASP M 67 -44.45 -57.81 29.77
CA ASP M 67 -44.75 -58.70 28.67
C ASP M 67 -43.54 -58.84 27.75
N SER M 68 -42.90 -57.72 27.45
CA SER M 68 -41.73 -57.78 26.57
C SER M 68 -40.59 -58.56 27.23
N ILE M 69 -40.36 -58.33 28.53
CA ILE M 69 -39.29 -59.06 29.21
C ILE M 69 -39.58 -60.55 29.24
N LEU M 70 -40.84 -60.94 29.38
CA LEU M 70 -41.19 -62.35 29.32
C LEU M 70 -40.85 -62.94 27.96
N ARG M 71 -41.28 -62.29 26.88
CA ARG M 71 -40.99 -62.83 25.55
C ARG M 71 -39.49 -62.90 25.30
N LEU M 72 -38.75 -61.84 25.66
CA LEU M 72 -37.30 -61.91 25.56
C LEU M 72 -36.67 -62.80 26.62
N ALA M 73 -37.43 -63.22 27.63
CA ALA M 73 -36.95 -64.28 28.52
C ALA M 73 -37.34 -65.65 28.00
N LYS M 74 -38.52 -65.77 27.38
CA LYS M 74 -38.90 -67.03 26.77
C LYS M 74 -38.01 -67.36 25.59
N ALA M 75 -37.72 -66.38 24.75
CA ALA M 75 -37.05 -66.66 23.48
C ALA M 75 -35.62 -67.15 23.67
N ASP M 76 -34.85 -66.51 24.54
CA ASP M 76 -33.42 -66.72 24.58
C ASP M 76 -32.96 -67.72 25.64
N GLY M 77 -33.89 -68.40 26.31
CA GLY M 77 -33.48 -69.59 27.03
C GLY M 77 -33.56 -69.58 28.54
N ILE M 78 -34.55 -68.88 29.10
CA ILE M 78 -34.73 -68.91 30.55
C ILE M 78 -35.40 -70.23 30.91
N VAL M 79 -35.47 -70.53 32.21
CA VAL M 79 -35.68 -71.91 32.69
C VAL M 79 -36.94 -72.52 32.12
N SER M 80 -38.08 -71.84 32.21
CA SER M 80 -39.36 -72.47 31.95
C SER M 80 -39.52 -72.95 30.51
N LYS M 81 -39.58 -72.01 29.57
CA LYS M 81 -39.91 -72.29 28.18
C LYS M 81 -41.25 -73.00 28.02
N ASN M 82 -42.09 -72.97 29.06
CA ASN M 82 -43.34 -73.71 29.06
C ASN M 82 -44.49 -72.81 29.51
N PHE M 83 -44.57 -71.62 28.94
CA PHE M 83 -45.69 -70.72 29.19
C PHE M 83 -46.71 -70.81 28.06
N THR N 1 -64.93 -19.84 28.67
CA THR N 1 -64.79 -21.17 28.09
C THR N 1 -65.83 -22.13 28.65
N LYS N 2 -65.81 -23.36 28.12
CA LYS N 2 -66.74 -24.38 28.58
C LYS N 2 -66.53 -24.68 30.05
N LYS N 3 -67.49 -24.30 30.89
CA LYS N 3 -67.31 -24.46 32.33
C LYS N 3 -67.37 -25.93 32.74
N ARG N 4 -68.32 -26.68 32.18
CA ARG N 4 -68.48 -28.09 32.53
C ARG N 4 -68.73 -28.91 31.28
N ARG N 5 -68.33 -30.19 31.34
CA ARG N 5 -68.39 -31.06 30.17
C ARG N 5 -69.82 -31.23 29.67
N ASN N 6 -70.66 -31.88 30.45
CA ASN N 6 -72.08 -31.65 30.27
C ASN N 6 -72.39 -30.25 30.77
N ASN N 7 -73.47 -29.66 30.27
CA ASN N 7 -73.65 -28.23 30.41
C ASN N 7 -74.50 -27.86 31.62
N GLY N 8 -74.38 -28.61 32.71
CA GLY N 8 -75.18 -28.39 33.89
C GLY N 8 -76.53 -29.08 33.87
N ARG N 9 -76.79 -29.89 32.85
CA ARG N 9 -78.07 -30.55 32.68
C ARG N 9 -77.86 -32.02 32.34
N ALA N 10 -78.83 -32.85 32.71
CA ALA N 10 -78.76 -34.28 32.44
C ALA N 10 -79.49 -34.61 31.15
N LYS N 11 -79.05 -33.97 30.07
CA LYS N 11 -79.49 -34.30 28.72
C LYS N 11 -78.28 -34.83 27.97
N LYS N 12 -78.41 -36.00 27.37
CA LYS N 12 -77.31 -36.47 26.56
C LYS N 12 -77.73 -36.96 25.19
N GLY N 13 -78.88 -37.59 25.07
CA GLY N 13 -79.24 -38.20 23.80
C GLY N 13 -80.41 -37.54 23.09
N ARG N 14 -81.28 -36.88 23.84
CA ARG N 14 -82.50 -36.31 23.30
C ARG N 14 -82.24 -34.92 22.75
N GLY N 15 -83.29 -34.31 22.22
CA GLY N 15 -83.19 -32.98 21.64
C GLY N 15 -83.59 -31.88 22.59
N HIS N 16 -84.77 -32.02 23.21
CA HIS N 16 -85.29 -30.98 24.08
C HIS N 16 -86.09 -31.63 25.20
N VAL N 17 -85.99 -31.05 26.39
CA VAL N 17 -86.64 -31.59 27.58
C VAL N 17 -87.73 -30.63 28.04
N GLN N 18 -88.71 -31.19 28.72
CA GLN N 18 -89.89 -30.43 29.11
C GLN N 18 -89.57 -29.51 30.28
N PRO N 19 -89.81 -28.21 30.16
CA PRO N 19 -89.48 -27.30 31.25
C PRO N 19 -90.40 -27.49 32.45
N ILE N 20 -89.83 -27.19 33.62
CA ILE N 20 -90.57 -27.17 34.88
C ILE N 20 -90.36 -25.79 35.51
N ARG N 21 -91.12 -25.53 36.57
CA ARG N 21 -91.09 -24.22 37.19
C ARG N 21 -90.50 -24.29 38.59
N CYS N 22 -89.49 -23.45 38.83
CA CYS N 22 -88.80 -23.41 40.11
C CYS N 22 -89.78 -23.14 41.24
N THR N 23 -89.66 -23.91 42.32
CA THR N 23 -90.59 -23.78 43.43
C THR N 23 -90.51 -22.41 44.11
N ASN N 24 -89.32 -22.00 44.53
CA ASN N 24 -89.14 -20.75 45.25
C ASN N 24 -89.06 -19.55 44.32
N CYS N 25 -89.02 -19.77 43.01
CA CYS N 25 -88.69 -18.71 42.07
C CYS N 25 -89.65 -18.60 40.89
N ALA N 26 -90.35 -19.68 40.52
CA ALA N 26 -91.35 -19.67 39.45
C ALA N 26 -90.75 -19.53 38.06
N ARG N 27 -89.43 -19.64 37.95
CA ARG N 27 -88.75 -19.52 36.67
C ARG N 27 -88.77 -20.86 35.95
N CYS N 28 -89.06 -20.83 34.65
CA CYS N 28 -89.07 -22.04 33.84
C CYS N 28 -87.64 -22.50 33.60
N VAL N 29 -87.35 -23.74 34.00
CA VAL N 29 -86.06 -24.36 33.73
C VAL N 29 -86.29 -25.76 33.19
N PRO N 30 -85.42 -26.29 32.34
CA PRO N 30 -85.58 -27.66 31.89
C PRO N 30 -85.51 -28.63 33.07
N LYS N 31 -86.23 -29.75 32.95
CA LYS N 31 -86.34 -30.67 34.07
C LYS N 31 -84.97 -31.17 34.51
N ASP N 32 -84.12 -31.56 33.56
CA ASP N 32 -82.81 -32.10 33.91
C ASP N 32 -81.94 -31.04 34.58
N LYS N 33 -81.98 -29.81 34.07
CA LYS N 33 -81.11 -28.77 34.62
C LYS N 33 -81.49 -28.43 36.06
N ALA N 34 -82.76 -28.54 36.40
CA ALA N 34 -83.21 -28.15 37.72
C ALA N 34 -82.64 -29.06 38.79
N ILE N 35 -82.54 -28.52 40.00
CA ILE N 35 -82.01 -29.23 41.16
C ILE N 35 -83.17 -29.84 41.91
N LYS N 36 -83.09 -31.14 42.20
CA LYS N 36 -84.17 -31.88 42.84
C LYS N 36 -83.83 -32.09 44.30
N LYS N 37 -84.81 -31.85 45.17
CA LYS N 37 -84.69 -32.14 46.59
C LYS N 37 -85.97 -32.80 47.05
N PHE N 38 -85.90 -34.09 47.37
CA PHE N 38 -87.07 -34.85 47.79
C PHE N 38 -87.13 -34.82 49.31
N VAL N 39 -87.87 -33.85 49.85
CA VAL N 39 -87.97 -33.71 51.30
C VAL N 39 -88.94 -34.76 51.84
N ILE N 40 -88.51 -35.49 52.86
CA ILE N 40 -89.28 -36.61 53.39
C ILE N 40 -89.67 -36.30 54.83
N ARG N 41 -89.75 -35.02 55.15
CA ARG N 41 -90.03 -34.59 56.51
C ARG N 41 -91.40 -35.08 56.96
N ASN N 42 -91.55 -35.27 58.26
CA ASN N 42 -92.87 -35.56 58.82
C ASN N 42 -93.51 -34.27 59.30
N ILE N 43 -94.84 -34.24 59.29
CA ILE N 43 -95.58 -33.00 59.52
C ILE N 43 -95.69 -32.61 60.97
N VAL N 44 -95.03 -33.32 61.89
CA VAL N 44 -95.27 -33.12 63.32
C VAL N 44 -94.10 -32.44 64.02
N GLU N 45 -92.98 -32.25 63.34
CA GLU N 45 -91.84 -31.48 63.88
C GLU N 45 -91.32 -32.16 65.14
N ALA N 46 -90.58 -33.23 64.89
CA ALA N 46 -90.08 -34.16 65.91
C ALA N 46 -89.50 -33.50 67.15
N ALA N 47 -89.02 -32.27 67.05
CA ALA N 47 -88.66 -31.58 68.28
C ALA N 47 -89.86 -31.33 69.17
N ALA N 48 -91.08 -31.47 68.64
CA ALA N 48 -92.31 -31.11 69.34
C ALA N 48 -93.39 -32.16 69.12
N VAL N 49 -92.99 -33.42 69.03
CA VAL N 49 -93.92 -34.52 68.82
C VAL N 49 -94.35 -35.18 70.13
N ARG N 50 -93.48 -35.23 71.13
CA ARG N 50 -93.74 -36.05 72.31
C ARG N 50 -95.04 -35.65 73.00
N ASP N 51 -95.32 -34.35 73.09
CA ASP N 51 -96.54 -33.90 73.73
C ASP N 51 -97.78 -34.24 72.89
N ILE N 52 -97.61 -34.34 71.56
CA ILE N 52 -98.71 -34.77 70.71
C ILE N 52 -99.08 -36.21 71.02
N SER N 53 -98.11 -37.04 71.34
CA SER N 53 -98.35 -38.47 71.47
C SER N 53 -99.41 -38.77 72.54
N GLU N 54 -99.29 -38.17 73.71
CA GLU N 54 -100.28 -38.40 74.76
C GLU N 54 -101.60 -37.70 74.47
N ALA N 55 -101.64 -36.79 73.50
CA ALA N 55 -102.90 -36.21 73.09
C ALA N 55 -103.71 -37.14 72.21
N SER N 56 -103.07 -38.11 71.57
CA SER N 56 -103.77 -39.01 70.66
C SER N 56 -104.69 -39.93 71.43
N VAL N 57 -105.86 -40.23 70.84
CA VAL N 57 -106.76 -41.19 71.46
C VAL N 57 -106.16 -42.58 71.44
N PHE N 58 -105.28 -42.87 70.48
CA PHE N 58 -104.54 -44.12 70.48
C PHE N 58 -103.30 -43.99 71.35
N ASP N 59 -102.53 -45.07 71.44
CA ASP N 59 -101.22 -45.04 72.06
C ASP N 59 -100.13 -45.55 71.14
N ALA N 60 -100.43 -46.58 70.35
CA ALA N 60 -99.48 -47.12 69.38
C ALA N 60 -99.76 -46.55 67.98
N TYR N 61 -99.51 -45.25 67.86
CA TYR N 61 -99.74 -44.54 66.61
C TYR N 61 -98.42 -44.11 66.00
N VAL N 62 -98.26 -44.40 64.71
CA VAL N 62 -97.12 -43.88 63.94
C VAL N 62 -97.59 -42.64 63.20
N LEU N 63 -96.81 -41.57 63.31
CA LEU N 63 -97.23 -40.31 62.72
C LEU N 63 -96.90 -40.29 61.23
N PRO N 64 -97.79 -39.75 60.41
CA PRO N 64 -97.60 -39.83 58.96
C PRO N 64 -96.57 -38.82 58.47
N LYS N 65 -95.92 -39.18 57.37
CA LYS N 65 -94.84 -38.36 56.83
C LYS N 65 -95.39 -37.40 55.78
N LEU N 66 -94.49 -36.67 55.13
CA LEU N 66 -94.90 -35.63 54.17
C LEU N 66 -93.88 -35.61 53.04
N TYR N 67 -94.18 -36.30 51.95
CA TYR N 67 -93.27 -36.40 50.81
C TYR N 67 -93.63 -35.32 49.81
N VAL N 68 -92.68 -34.40 49.58
CA VAL N 68 -92.82 -33.34 48.60
C VAL N 68 -91.55 -33.32 47.77
N LYS N 69 -91.69 -33.33 46.45
CA LYS N 69 -90.55 -33.24 45.56
C LYS N 69 -90.36 -31.77 45.19
N LEU N 70 -89.15 -31.28 45.35
CA LEU N 70 -88.85 -29.86 45.22
C LEU N 70 -88.01 -29.63 43.98
N HIS N 71 -88.29 -28.54 43.27
CA HIS N 71 -87.56 -28.18 42.07
C HIS N 71 -87.05 -26.75 42.21
N TYR N 72 -85.76 -26.56 41.97
CA TYR N 72 -85.13 -25.25 42.05
C TYR N 72 -84.47 -24.91 40.72
N CYS N 73 -84.66 -23.67 40.29
CA CYS N 73 -83.69 -23.10 39.38
C CYS N 73 -82.37 -22.90 40.13
N VAL N 74 -81.27 -22.92 39.39
CA VAL N 74 -79.97 -22.81 40.03
C VAL N 74 -79.85 -21.48 40.76
N SER N 75 -80.47 -20.44 40.23
CA SER N 75 -80.37 -19.12 40.83
C SER N 75 -80.90 -19.12 42.26
N CYS N 76 -82.03 -19.79 42.49
CA CYS N 76 -82.53 -19.94 43.86
C CYS N 76 -81.79 -21.04 44.61
N ALA N 77 -81.23 -22.01 43.89
CA ALA N 77 -80.53 -23.11 44.56
C ALA N 77 -79.34 -22.58 45.36
N ILE N 78 -78.47 -21.80 44.72
CA ILE N 78 -77.33 -21.24 45.44
C ILE N 78 -77.77 -20.18 46.43
N HIS N 79 -78.82 -19.41 46.11
CA HIS N 79 -79.33 -18.43 47.06
C HIS N 79 -79.78 -19.07 48.36
N SER N 80 -80.58 -20.12 48.27
CA SER N 80 -80.96 -20.86 49.47
C SER N 80 -79.84 -21.74 49.99
N LYS N 81 -78.68 -21.71 49.34
CA LYS N 81 -77.49 -22.42 49.78
C LYS N 81 -77.74 -23.92 49.89
N VAL N 82 -78.51 -24.46 48.94
CA VAL N 82 -78.61 -25.91 48.82
C VAL N 82 -77.50 -26.47 47.94
N VAL N 83 -76.82 -25.62 47.16
CA VAL N 83 -75.65 -26.00 46.40
C VAL N 83 -74.56 -24.95 46.63
N ARG N 84 -73.32 -25.37 46.50
CA ARG N 84 -72.16 -24.51 46.71
C ARG N 84 -71.39 -24.42 45.41
N ASN N 85 -70.73 -23.28 45.18
CA ASN N 85 -69.70 -23.24 44.15
C ASN N 85 -68.47 -23.98 44.66
N ARG N 86 -67.88 -24.82 43.82
CA ARG N 86 -66.76 -25.64 44.21
C ARG N 86 -65.61 -25.44 43.24
N SER N 87 -64.42 -25.85 43.67
CA SER N 87 -63.20 -25.70 42.88
C SER N 87 -63.31 -26.55 41.61
N ARG N 88 -62.37 -26.35 40.68
CA ARG N 88 -62.41 -27.10 39.43
C ARG N 88 -62.43 -28.60 39.69
N GLU N 89 -61.48 -29.08 40.50
CA GLU N 89 -61.42 -30.52 40.76
C GLU N 89 -62.62 -30.98 41.59
N ALA N 90 -63.02 -30.19 42.58
CA ALA N 90 -64.18 -30.59 43.39
C ALA N 90 -65.47 -30.51 42.59
N ARG N 91 -65.50 -29.67 41.56
CA ARG N 91 -66.67 -29.58 40.70
C ARG N 91 -66.91 -30.90 39.98
N LYS N 92 -65.83 -31.55 39.55
CA LYS N 92 -65.91 -32.80 38.80
C LYS N 92 -66.10 -33.99 39.73
N ASP N 93 -67.08 -33.89 40.62
CA ASP N 93 -67.39 -34.94 41.59
C ASP N 93 -68.90 -34.99 41.75
N ARG N 94 -69.47 -36.19 41.71
CA ARG N 94 -70.91 -36.35 41.55
C ARG N 94 -71.56 -37.08 42.73
N THR N 95 -70.77 -37.69 43.60
CA THR N 95 -71.34 -38.39 44.75
C THR N 95 -72.07 -37.40 45.66
N PRO N 96 -73.29 -37.69 46.08
CA PRO N 96 -74.04 -36.75 46.92
C PRO N 96 -73.39 -36.61 48.28
N PRO N 97 -73.62 -35.49 48.97
CA PRO N 97 -73.04 -35.34 50.30
C PRO N 97 -73.55 -36.39 51.24
N PRO N 98 -72.77 -36.75 52.28
CA PRO N 98 -73.11 -37.91 53.10
C PRO N 98 -74.32 -37.66 53.97
N ARG N 99 -74.89 -38.75 54.52
CA ARG N 99 -76.14 -38.68 55.25
C ARG N 99 -75.95 -38.49 56.76
N PHE N 100 -74.82 -38.91 57.32
CA PHE N 100 -74.57 -38.83 58.76
C PHE N 100 -75.64 -39.61 59.53
N ARG N 101 -75.66 -40.93 59.29
CA ARG N 101 -76.59 -41.79 60.01
C ARG N 101 -76.39 -41.75 61.53
N PRO N 102 -75.16 -41.82 62.08
CA PRO N 102 -75.07 -41.64 63.54
C PRO N 102 -75.56 -40.26 63.99
N GLU O 1 -11.16 -28.74 44.45
CA GLU O 1 -12.02 -27.98 45.33
C GLU O 1 -13.48 -28.40 45.17
N TRP O 2 -13.72 -29.29 44.21
CA TRP O 2 -15.04 -29.85 44.02
C TRP O 2 -15.21 -31.11 44.85
N MET O 3 -16.41 -31.31 45.40
CA MET O 3 -16.73 -32.49 46.19
C MET O 3 -17.97 -33.16 45.64
N PRO O 4 -17.83 -34.09 44.70
CA PRO O 4 -18.98 -34.76 44.06
C PRO O 4 -19.88 -35.44 45.09
N VAL O 5 -21.20 -35.28 44.91
CA VAL O 5 -22.16 -36.15 45.56
C VAL O 5 -23.07 -36.78 44.50
N THR O 6 -22.62 -37.90 43.94
CA THR O 6 -23.34 -38.70 42.94
C THR O 6 -22.43 -39.87 42.60
N LYS O 7 -22.97 -40.95 42.04
CA LYS O 7 -22.10 -41.99 41.51
C LYS O 7 -21.31 -41.48 40.31
N LEU O 8 -22.01 -40.91 39.32
CA LEU O 8 -21.33 -40.41 38.13
C LEU O 8 -20.35 -39.30 38.47
N GLY O 9 -20.74 -38.41 39.39
CA GLY O 9 -19.81 -37.38 39.83
C GLY O 9 -18.54 -37.95 40.40
N ARG O 10 -18.65 -39.04 41.17
CA ARG O 10 -17.45 -39.69 41.68
C ARG O 10 -16.70 -40.41 40.56
N LEU O 11 -17.42 -41.09 39.68
CA LEU O 11 -16.75 -41.84 38.62
C LEU O 11 -16.03 -40.95 37.63
N VAL O 12 -16.27 -39.64 37.64
CA VAL O 12 -15.53 -38.74 36.76
C VAL O 12 -14.52 -37.87 37.51
N LYS O 13 -14.71 -37.66 38.81
CA LYS O 13 -13.72 -36.93 39.58
C LYS O 13 -12.41 -37.69 39.65
N ASP O 14 -12.49 -39.02 39.65
CA ASP O 14 -11.31 -39.88 39.75
C ASP O 14 -10.79 -40.32 38.39
N MET O 15 -11.34 -39.79 37.30
CA MET O 15 -10.93 -40.16 35.95
C MET O 15 -11.07 -41.66 35.70
N LYS O 16 -12.05 -42.28 36.35
CA LYS O 16 -12.31 -43.68 36.07
C LYS O 16 -12.98 -43.89 34.73
N ILE O 17 -13.72 -42.90 34.25
CA ILE O 17 -14.44 -42.98 32.98
C ILE O 17 -14.11 -41.75 32.15
N LYS O 18 -13.95 -41.95 30.84
CA LYS O 18 -13.74 -40.88 29.88
C LYS O 18 -14.86 -40.93 28.84
N SER O 19 -14.71 -40.11 27.80
CA SER O 19 -15.56 -40.20 26.60
C SER O 19 -17.03 -40.06 26.96
N LEU O 20 -17.39 -38.83 27.32
CA LEU O 20 -18.69 -38.49 27.89
C LEU O 20 -19.87 -39.20 27.24
N GLU O 21 -19.71 -39.56 25.96
CA GLU O 21 -20.78 -40.20 25.21
C GLU O 21 -21.29 -41.49 25.84
N GLU O 22 -20.48 -42.18 26.65
CA GLU O 22 -20.98 -43.39 27.30
C GLU O 22 -22.06 -43.07 28.31
N ILE O 23 -22.03 -41.87 28.90
CA ILE O 23 -23.14 -41.42 29.73
C ILE O 23 -24.40 -41.29 28.91
N TYR O 24 -24.31 -40.72 27.72
CA TYR O 24 -25.43 -40.64 26.81
C TYR O 24 -25.86 -42.00 26.28
N LEU O 25 -24.90 -42.88 25.98
CA LEU O 25 -25.25 -44.15 25.35
C LEU O 25 -26.09 -45.00 26.30
N PHE O 26 -25.96 -44.76 27.60
CA PHE O 26 -26.86 -45.36 28.58
C PHE O 26 -27.97 -44.42 29.02
N SER O 27 -27.96 -43.17 28.54
CA SER O 27 -29.01 -42.20 28.82
C SER O 27 -29.20 -41.97 30.31
N LEU O 28 -28.10 -41.96 31.05
CA LEU O 28 -28.16 -41.69 32.47
C LEU O 28 -28.51 -40.22 32.69
N PRO O 29 -29.25 -39.90 33.75
CA PRO O 29 -29.47 -38.51 34.08
C PRO O 29 -28.22 -37.83 34.57
N ILE O 30 -28.14 -36.52 34.37
CA ILE O 30 -26.99 -35.74 34.78
C ILE O 30 -27.45 -34.69 35.78
N LYS O 31 -26.77 -34.62 36.92
CA LYS O 31 -27.19 -33.75 38.01
C LYS O 31 -26.15 -32.69 38.36
N GLU O 32 -24.93 -32.81 37.88
CA GLU O 32 -23.87 -31.88 38.24
C GLU O 32 -23.31 -31.22 36.99
N SER O 33 -23.18 -29.90 37.05
CA SER O 33 -22.64 -29.14 35.94
C SER O 33 -21.15 -29.28 35.78
N GLU O 34 -20.40 -29.28 36.88
CA GLU O 34 -18.94 -29.25 36.80
C GLU O 34 -18.36 -30.52 36.20
N ILE O 35 -19.12 -31.62 36.15
CA ILE O 35 -18.56 -32.86 35.62
C ILE O 35 -18.21 -32.69 34.15
N ILE O 36 -19.08 -32.05 33.38
CA ILE O 36 -18.81 -31.87 31.97
C ILE O 36 -17.80 -30.76 31.73
N ASP O 37 -17.54 -29.92 32.74
CA ASP O 37 -16.44 -28.97 32.63
C ASP O 37 -15.12 -29.69 32.42
N PHE O 38 -14.93 -30.81 33.12
CA PHE O 38 -13.75 -31.63 32.86
C PHE O 38 -13.83 -32.29 31.49
N PHE O 39 -15.03 -32.65 31.04
CA PHE O 39 -15.12 -33.42 29.81
C PHE O 39 -14.84 -32.56 28.59
N LEU O 40 -15.42 -31.37 28.53
CA LEU O 40 -15.33 -30.52 27.35
C LEU O 40 -15.21 -29.04 27.70
N GLY O 41 -14.61 -28.73 28.84
CA GLY O 41 -14.34 -27.35 29.17
C GLY O 41 -13.26 -26.76 28.27
N ALA O 42 -13.31 -25.43 28.12
CA ALA O 42 -12.38 -24.65 27.30
C ALA O 42 -12.57 -24.95 25.82
N SER O 43 -13.40 -25.93 25.51
CA SER O 43 -13.93 -26.15 24.17
C SER O 43 -15.41 -25.80 24.10
N LEU O 44 -15.95 -25.26 25.17
CA LEU O 44 -17.35 -24.85 25.26
C LEU O 44 -17.39 -23.32 25.34
N LYS O 45 -18.16 -22.72 24.43
CA LYS O 45 -18.38 -21.28 24.45
C LYS O 45 -19.85 -21.02 24.72
N ASP O 46 -20.11 -20.12 25.66
CA ASP O 46 -21.46 -19.81 26.10
C ASP O 46 -21.91 -18.49 25.48
N GLU O 47 -23.22 -18.37 25.28
CA GLU O 47 -23.80 -17.14 24.79
C GLU O 47 -25.24 -17.05 25.29
N VAL O 48 -25.60 -15.86 25.75
CA VAL O 48 -26.94 -15.60 26.28
C VAL O 48 -27.81 -15.04 25.16
N LEU O 49 -28.97 -15.66 24.95
CA LEU O 49 -29.85 -15.29 23.85
C LEU O 49 -30.62 -14.01 24.17
N LYS O 50 -31.43 -14.03 25.22
CA LYS O 50 -32.25 -12.87 25.56
C LYS O 50 -32.54 -12.88 27.04
N ILE O 51 -32.60 -11.69 27.63
CA ILE O 51 -32.99 -11.51 29.02
C ILE O 51 -34.33 -10.81 29.02
N MET O 52 -35.40 -11.54 29.34
CA MET O 52 -36.73 -10.98 29.27
C MET O 52 -37.28 -10.76 30.67
N PRO O 53 -37.85 -9.59 30.94
CA PRO O 53 -38.26 -9.23 32.32
C PRO O 53 -39.70 -9.61 32.63
N VAL O 54 -39.94 -10.89 32.86
CA VAL O 54 -41.27 -11.35 33.24
C VAL O 54 -41.55 -10.90 34.66
N GLN O 55 -42.79 -10.45 34.90
CA GLN O 55 -43.17 -9.94 36.21
C GLN O 55 -44.58 -10.41 36.57
N LYS O 56 -44.88 -10.31 37.87
CA LYS O 56 -46.13 -10.81 38.43
C LYS O 56 -46.71 -9.78 39.39
N GLN O 57 -47.97 -9.43 39.19
CA GLN O 57 -48.63 -8.42 40.02
C GLN O 57 -48.85 -8.96 41.43
N THR O 58 -48.26 -8.29 42.41
CA THR O 58 -48.47 -8.61 43.80
C THR O 58 -49.41 -7.59 44.43
N ARG O 59 -49.56 -7.66 45.76
CA ARG O 59 -50.46 -6.75 46.46
C ARG O 59 -50.02 -5.31 46.29
N ALA O 60 -48.73 -5.04 46.41
CA ALA O 60 -48.17 -3.70 46.28
C ALA O 60 -47.20 -3.70 45.11
N GLY O 61 -47.56 -3.00 44.04
CA GLY O 61 -46.71 -2.97 42.86
C GLY O 61 -46.60 -4.33 42.20
N GLN O 62 -45.55 -4.49 41.42
CA GLN O 62 -45.22 -5.76 40.79
C GLN O 62 -43.80 -6.15 41.18
N ARG O 63 -43.59 -7.45 41.36
CA ARG O 63 -42.27 -7.99 41.62
C ARG O 63 -41.70 -8.41 40.28
N THR O 64 -40.55 -7.84 39.93
CA THR O 64 -39.99 -8.03 38.60
C THR O 64 -38.75 -8.93 38.70
N ARG O 65 -38.87 -10.13 38.16
CA ARG O 65 -37.75 -11.04 38.04
C ARG O 65 -37.21 -10.96 36.60
N PHE O 66 -36.29 -11.85 36.27
CA PHE O 66 -35.59 -11.79 35.00
C PHE O 66 -35.30 -13.19 34.50
N LYS O 67 -35.84 -13.53 33.33
CA LYS O 67 -35.58 -14.81 32.68
C LYS O 67 -34.46 -14.64 31.68
N ALA O 68 -33.47 -15.52 31.74
CA ALA O 68 -32.32 -15.47 30.84
C ALA O 68 -32.24 -16.78 30.06
N PHE O 69 -32.01 -16.67 28.76
CA PHE O 69 -31.89 -17.83 27.88
C PHE O 69 -30.45 -17.90 27.38
N VAL O 70 -29.74 -18.95 27.79
CA VAL O 70 -28.36 -19.15 27.37
C VAL O 70 -28.29 -20.43 26.54
N ALA O 71 -27.69 -20.34 25.37
CA ALA O 71 -27.41 -21.50 24.53
C ALA O 71 -25.90 -21.73 24.56
N ILE O 72 -25.50 -22.92 24.97
CA ILE O 72 -24.09 -23.23 25.12
C ILE O 72 -23.78 -24.50 24.36
N GLY O 73 -22.50 -24.75 24.19
CA GLY O 73 -22.08 -25.98 23.55
C GLY O 73 -20.78 -25.78 22.79
N ASP O 74 -20.12 -26.89 22.50
CA ASP O 74 -18.96 -26.89 21.63
C ASP O 74 -19.45 -26.74 20.20
N TYR O 75 -18.55 -26.83 19.23
CA TYR O 75 -18.93 -26.71 17.83
C TYR O 75 -18.72 -28.02 17.07
N ASN O 76 -18.73 -29.15 17.78
CA ASN O 76 -18.51 -30.45 17.17
C ASN O 76 -19.61 -31.45 17.46
N GLY O 77 -20.77 -31.00 17.95
CA GLY O 77 -21.89 -31.91 18.13
C GLY O 77 -22.49 -31.99 19.53
N HIS O 78 -22.34 -30.93 20.32
CA HIS O 78 -22.99 -30.83 21.61
C HIS O 78 -23.62 -29.45 21.76
N VAL O 79 -24.79 -29.41 22.39
CA VAL O 79 -25.54 -28.17 22.53
C VAL O 79 -26.47 -28.32 23.73
N GLY O 80 -26.79 -27.19 24.36
CA GLY O 80 -27.68 -27.20 25.50
C GLY O 80 -28.43 -25.90 25.72
N LEU O 81 -29.67 -25.99 26.20
CA LEU O 81 -30.50 -24.84 26.48
C LEU O 81 -30.84 -24.77 27.96
N GLY O 82 -30.65 -23.60 28.55
CA GLY O 82 -31.00 -23.37 29.94
C GLY O 82 -31.80 -22.10 30.11
N VAL O 83 -32.88 -22.18 30.89
CA VAL O 83 -33.77 -21.03 31.11
C VAL O 83 -33.96 -20.91 32.61
N LYS O 84 -33.20 -20.02 33.24
CA LYS O 84 -33.29 -19.80 34.68
C LYS O 84 -33.93 -18.45 34.93
N CYS O 85 -34.84 -18.40 35.89
CA CYS O 85 -35.55 -17.18 36.27
C CYS O 85 -35.12 -16.80 37.67
N SER O 86 -34.78 -15.53 37.87
CA SER O 86 -34.31 -15.07 39.18
C SER O 86 -34.54 -13.58 39.31
N LYS O 87 -34.34 -13.08 40.53
CA LYS O 87 -34.58 -11.68 40.85
C LYS O 87 -33.51 -10.75 40.31
N GLU O 88 -32.34 -11.27 39.96
CA GLU O 88 -31.26 -10.45 39.44
C GLU O 88 -30.72 -11.09 38.17
N VAL O 89 -30.47 -10.25 37.16
CA VAL O 89 -29.98 -10.76 35.89
C VAL O 89 -28.64 -11.45 36.07
N ALA O 90 -27.79 -10.89 36.95
CA ALA O 90 -26.48 -11.49 37.19
C ALA O 90 -26.63 -12.93 37.68
N THR O 91 -27.52 -13.16 38.65
CA THR O 91 -27.74 -14.53 39.09
C THR O 91 -28.61 -15.31 38.12
N ALA O 92 -29.37 -14.61 37.27
CA ALA O 92 -30.14 -15.29 36.24
C ALA O 92 -29.22 -15.97 35.24
N ILE O 93 -28.15 -15.29 34.83
CA ILE O 93 -27.21 -15.91 33.91
C ILE O 93 -26.46 -17.06 34.57
N ARG O 94 -25.94 -16.85 35.79
CA ARG O 94 -25.15 -17.90 36.45
C ARG O 94 -25.97 -19.17 36.60
N GLY O 95 -27.21 -19.04 37.05
CA GLY O 95 -28.08 -20.21 37.13
C GLY O 95 -28.42 -20.77 35.77
N ALA O 96 -28.58 -19.91 34.77
CA ALA O 96 -28.95 -20.39 33.44
C ALA O 96 -27.85 -21.23 32.83
N ILE O 97 -26.59 -20.80 32.96
CA ILE O 97 -25.49 -21.53 32.34
C ILE O 97 -25.37 -22.94 32.91
N ILE O 98 -25.47 -23.07 34.24
CA ILE O 98 -25.36 -24.40 34.84
C ILE O 98 -26.56 -25.25 34.46
N LEU O 99 -27.72 -24.63 34.24
CA LEU O 99 -28.85 -25.36 33.70
C LEU O 99 -28.64 -25.69 32.24
N ALA O 100 -28.05 -24.77 31.48
CA ALA O 100 -27.68 -25.07 30.10
C ALA O 100 -26.64 -26.18 30.06
N LYS O 101 -25.69 -26.18 30.99
CA LYS O 101 -24.74 -27.29 31.09
C LYS O 101 -25.47 -28.61 31.22
N LEU O 102 -26.48 -28.67 32.07
CA LEU O 102 -27.11 -29.94 32.39
C LEU O 102 -27.76 -30.56 31.16
N SER O 103 -28.47 -29.77 30.37
CA SER O 103 -29.16 -30.33 29.20
C SER O 103 -28.31 -30.26 27.95
N ILE O 104 -27.07 -30.73 28.03
CA ILE O 104 -26.21 -30.82 26.86
C ILE O 104 -26.57 -32.11 26.14
N VAL O 105 -26.86 -32.02 24.85
CA VAL O 105 -27.41 -33.14 24.12
C VAL O 105 -26.46 -33.48 22.97
N PRO O 106 -26.38 -34.74 22.55
CA PRO O 106 -25.56 -35.06 21.37
C PRO O 106 -26.35 -34.81 20.09
N VAL O 107 -25.74 -34.04 19.20
CA VAL O 107 -26.34 -33.67 17.93
C VAL O 107 -25.74 -34.54 16.85
N ARG O 108 -26.58 -35.30 16.15
CA ARG O 108 -26.13 -36.12 15.05
C ARG O 108 -25.88 -35.25 13.82
N ARG O 109 -24.74 -35.47 13.18
CA ARG O 109 -24.41 -34.80 11.93
C ARG O 109 -24.39 -35.83 10.82
N GLY O 110 -25.09 -35.54 9.73
CA GLY O 110 -25.16 -36.45 8.61
C GLY O 110 -24.64 -35.84 7.32
N TYR O 111 -24.95 -36.46 6.19
CA TYR O 111 -24.46 -36.02 4.89
C TYR O 111 -25.63 -35.77 3.96
N TRP O 112 -25.48 -34.76 3.10
CA TRP O 112 -26.48 -34.50 2.07
C TRP O 112 -26.34 -35.41 0.87
N GLY O 113 -25.24 -36.13 0.76
CA GLY O 113 -24.99 -36.99 -0.38
C GLY O 113 -23.52 -37.37 -0.39
N ASN O 114 -23.19 -38.28 -1.32
CA ASN O 114 -21.83 -38.70 -1.66
C ASN O 114 -20.93 -38.72 -0.42
N LYS O 115 -21.25 -39.58 0.54
CA LYS O 115 -20.69 -39.49 1.89
C LYS O 115 -19.19 -39.72 1.88
N ILE O 116 -18.41 -38.65 1.95
CA ILE O 116 -16.96 -38.79 1.83
C ILE O 116 -16.25 -38.20 3.05
N GLY O 117 -16.41 -36.90 3.29
CA GLY O 117 -15.64 -36.23 4.31
C GLY O 117 -16.22 -36.32 5.69
N LYS O 118 -16.03 -35.27 6.49
CA LYS O 118 -16.64 -35.14 7.79
C LYS O 118 -18.12 -34.78 7.63
N PRO O 119 -18.97 -35.21 8.57
CA PRO O 119 -20.40 -34.90 8.44
C PRO O 119 -20.63 -33.40 8.55
N HIS O 120 -21.63 -32.92 7.84
CA HIS O 120 -21.86 -31.48 7.72
C HIS O 120 -23.29 -31.05 8.01
N THR O 121 -24.27 -31.92 7.80
CA THR O 121 -25.67 -31.51 7.92
C THR O 121 -26.40 -32.43 8.89
N VAL O 122 -27.67 -32.12 9.08
CA VAL O 122 -28.58 -32.94 9.88
C VAL O 122 -28.76 -34.26 9.13
N PRO O 123 -28.79 -35.40 9.82
CA PRO O 123 -28.89 -36.68 9.09
C PRO O 123 -30.14 -36.80 8.25
N CYS O 124 -31.24 -36.23 8.71
CA CYS O 124 -32.50 -36.26 7.97
C CYS O 124 -33.34 -35.10 8.46
N LYS O 125 -34.38 -34.77 7.70
CA LYS O 125 -35.22 -33.64 8.08
C LYS O 125 -36.02 -33.97 9.33
N VAL O 126 -35.91 -33.10 10.32
CA VAL O 126 -36.48 -33.31 11.64
C VAL O 126 -37.28 -32.07 12.00
N THR O 127 -38.31 -32.23 12.83
CA THR O 127 -39.13 -31.11 13.28
C THR O 127 -39.06 -31.02 14.80
N GLY O 128 -39.11 -29.80 15.31
CA GLY O 128 -39.16 -29.54 16.74
C GLY O 128 -40.39 -28.72 17.09
N ARG O 129 -41.15 -29.20 18.07
CA ARG O 129 -42.38 -28.56 18.48
C ARG O 129 -42.22 -27.99 19.88
N CYS O 130 -42.68 -26.76 20.07
CA CYS O 130 -42.64 -26.12 21.38
C CYS O 130 -43.77 -25.10 21.44
N GLY O 131 -44.82 -25.39 22.19
CA GLY O 131 -45.97 -24.51 22.14
C GLY O 131 -46.56 -24.52 20.74
N SER O 132 -46.35 -23.43 20.02
CA SER O 132 -46.80 -23.38 18.64
C SER O 132 -45.65 -23.35 17.63
N VAL O 133 -44.46 -22.95 18.03
CA VAL O 133 -43.37 -22.76 17.07
C VAL O 133 -42.97 -24.14 16.54
N LEU O 134 -43.02 -24.29 15.23
CA LEU O 134 -42.54 -25.48 14.55
C LEU O 134 -41.22 -25.16 13.87
N VAL O 135 -40.15 -25.83 14.28
CA VAL O 135 -38.85 -25.69 13.64
C VAL O 135 -38.58 -26.99 12.91
N ARG O 136 -38.62 -26.94 11.59
CA ARG O 136 -38.26 -28.07 10.73
C ARG O 136 -36.95 -27.72 10.06
N LEU O 137 -35.92 -28.52 10.32
CA LEU O 137 -34.63 -28.36 9.69
C LEU O 137 -34.39 -29.49 8.70
N ILE O 138 -33.82 -29.14 7.56
CA ILE O 138 -33.74 -30.04 6.42
C ILE O 138 -32.28 -30.22 6.02
N PRO O 139 -31.86 -31.43 5.62
CA PRO O 139 -30.49 -31.59 5.12
C PRO O 139 -30.22 -30.71 3.92
N ALA O 140 -29.02 -30.14 3.88
CA ALA O 140 -28.64 -29.18 2.85
C ALA O 140 -27.29 -29.57 2.27
N PRO O 141 -27.04 -29.23 1.01
CA PRO O 141 -25.74 -29.54 0.40
C PRO O 141 -24.58 -28.84 1.10
N ARG O 142 -23.36 -29.29 0.83
CA ARG O 142 -22.19 -28.72 1.49
C ARG O 142 -22.00 -27.28 1.07
N GLY O 143 -21.58 -26.45 2.03
CA GLY O 143 -21.22 -25.08 1.73
C GLY O 143 -22.36 -24.09 1.68
N THR O 144 -23.62 -24.55 1.84
CA THR O 144 -24.73 -23.62 1.85
C THR O 144 -24.79 -22.80 3.14
N GLY O 145 -24.00 -23.17 4.13
CA GLY O 145 -24.07 -22.50 5.41
C GLY O 145 -25.39 -22.80 6.11
N ILE O 146 -25.58 -22.13 7.23
CA ILE O 146 -26.83 -22.23 7.97
C ILE O 146 -27.76 -21.13 7.49
N VAL O 147 -29.00 -21.49 7.17
CA VAL O 147 -29.99 -20.57 6.67
C VAL O 147 -31.20 -20.67 7.58
N SER O 148 -31.40 -19.68 8.42
CA SER O 148 -32.43 -19.72 9.45
C SER O 148 -32.58 -18.31 10.03
N ALA O 149 -33.48 -18.19 11.00
CA ALA O 149 -33.61 -16.96 11.74
C ALA O 149 -32.37 -16.77 12.60
N PRO O 150 -32.07 -15.53 12.98
CA PRO O 150 -30.88 -15.31 13.83
C PRO O 150 -30.94 -16.06 15.14
N VAL O 151 -32.12 -16.25 15.71
CA VAL O 151 -32.23 -16.90 17.02
C VAL O 151 -31.81 -18.37 16.96
N PRO O 152 -32.33 -19.21 16.05
CA PRO O 152 -31.84 -20.58 15.98
C PRO O 152 -30.53 -20.72 15.23
N LYS O 153 -30.14 -19.72 14.44
CA LYS O 153 -28.86 -19.81 13.74
C LYS O 153 -27.72 -19.91 14.74
N LYS O 154 -27.70 -19.07 15.76
CA LYS O 154 -26.63 -19.16 16.75
C LYS O 154 -26.73 -20.47 17.53
N LEU O 155 -27.93 -21.06 17.60
CA LEU O 155 -28.07 -22.36 18.22
C LEU O 155 -27.49 -23.46 17.34
N LEU O 156 -27.42 -23.23 16.03
CA LEU O 156 -26.98 -24.28 15.13
C LEU O 156 -25.49 -24.20 14.85
N MET O 157 -24.96 -22.99 14.66
CA MET O 157 -23.52 -22.85 14.52
C MET O 157 -22.76 -23.36 15.73
N MET O 158 -23.33 -23.23 16.94
CA MET O 158 -22.74 -23.88 18.10
C MET O 158 -23.29 -25.28 18.32
N ALA O 159 -23.99 -25.83 17.33
CA ALA O 159 -24.36 -27.25 17.39
C ALA O 159 -23.44 -28.11 16.54
N GLY O 160 -22.65 -27.49 15.66
CA GLY O 160 -21.74 -28.22 14.81
C GLY O 160 -22.22 -28.47 13.40
N ILE O 161 -23.40 -27.99 13.04
CA ILE O 161 -23.94 -28.21 11.70
C ILE O 161 -23.49 -27.08 10.79
N ASP O 162 -22.70 -27.43 9.77
CA ASP O 162 -22.22 -26.41 8.84
C ASP O 162 -23.34 -25.94 7.91
N ASP O 163 -24.11 -26.88 7.36
CA ASP O 163 -25.12 -26.56 6.37
C ASP O 163 -26.43 -27.23 6.72
N CYS O 164 -27.51 -26.46 6.70
CA CYS O 164 -28.84 -26.98 7.04
C CYS O 164 -29.95 -26.00 6.68
N TYR O 165 -30.93 -26.44 5.89
CA TYR O 165 -32.10 -25.64 5.60
C TYR O 165 -33.06 -25.65 6.80
N THR O 166 -33.98 -24.69 6.81
CA THR O 166 -34.95 -24.64 7.90
C THR O 166 -36.29 -24.12 7.39
N SER O 167 -37.32 -24.35 8.19
CA SER O 167 -38.66 -23.85 7.92
C SER O 167 -39.38 -23.69 9.24
N ALA O 168 -39.67 -22.44 9.61
CA ALA O 168 -40.29 -22.13 10.89
C ALA O 168 -41.78 -21.86 10.68
N ARG O 169 -42.55 -22.02 11.75
CA ARG O 169 -43.99 -21.78 11.72
C ARG O 169 -44.47 -21.50 13.14
N GLY O 170 -45.39 -20.56 13.27
CA GLY O 170 -45.94 -20.21 14.55
C GLY O 170 -45.46 -18.85 15.02
N CYS O 171 -45.69 -18.59 16.30
CA CYS O 171 -45.26 -17.33 16.88
C CYS O 171 -43.76 -17.35 17.12
N THR O 172 -42.97 -17.16 16.06
CA THR O 172 -41.52 -17.16 16.19
C THR O 172 -41.00 -15.93 16.90
N ALA O 173 -41.86 -14.98 17.25
CA ALA O 173 -41.50 -13.82 18.06
C ALA O 173 -41.46 -14.16 19.54
N THR O 174 -41.25 -15.43 19.85
CA THR O 174 -41.38 -15.97 21.20
C THR O 174 -40.08 -16.68 21.56
N LEU O 175 -38.97 -15.95 21.45
CA LEU O 175 -37.61 -16.48 21.51
C LEU O 175 -37.45 -17.56 22.57
N GLY O 176 -38.24 -17.47 23.65
CA GLY O 176 -38.34 -18.58 24.56
C GLY O 176 -38.70 -19.87 23.85
N ASN O 177 -39.89 -19.90 23.25
CA ASN O 177 -40.33 -21.11 22.57
C ASN O 177 -39.52 -21.38 21.31
N PHE O 178 -39.14 -20.34 20.58
CA PHE O 178 -38.43 -20.53 19.31
C PHE O 178 -37.10 -21.23 19.52
N ALA O 179 -36.37 -20.84 20.57
CA ALA O 179 -35.10 -21.51 20.85
C ALA O 179 -35.33 -22.95 21.29
N LYS O 180 -36.38 -23.20 22.07
CA LYS O 180 -36.60 -24.55 22.59
C LYS O 180 -37.02 -25.50 21.49
N ALA O 181 -37.81 -25.02 20.52
CA ALA O 181 -38.19 -25.88 19.39
C ALA O 181 -36.97 -26.31 18.61
N THR O 182 -36.06 -25.38 18.34
CA THR O 182 -34.81 -25.75 17.67
C THR O 182 -34.00 -26.72 18.52
N PHE O 183 -33.93 -26.48 19.83
CA PHE O 183 -33.27 -27.44 20.71
C PHE O 183 -34.00 -28.78 20.69
N ASP O 184 -35.33 -28.75 20.69
CA ASP O 184 -36.09 -29.99 20.61
C ASP O 184 -35.84 -30.68 19.28
N ALA O 185 -35.76 -29.90 18.20
CA ALA O 185 -35.55 -30.51 16.88
C ALA O 185 -34.20 -31.21 16.80
N ILE O 186 -33.14 -30.54 17.26
CA ILE O 186 -31.82 -31.13 17.18
C ILE O 186 -31.64 -32.25 18.19
N SER O 187 -32.31 -32.17 19.34
CA SER O 187 -32.13 -33.19 20.37
C SER O 187 -32.59 -34.55 19.90
N LYS O 188 -33.58 -34.58 19.01
CA LYS O 188 -34.10 -35.85 18.52
C LYS O 188 -33.47 -36.28 17.21
N THR O 189 -32.38 -35.63 16.77
CA THR O 189 -31.66 -36.10 15.60
C THR O 189 -31.08 -37.49 15.83
N TYR O 190 -30.75 -37.80 17.08
CA TYR O 190 -30.34 -39.16 17.41
C TYR O 190 -31.52 -40.05 17.75
N SER O 191 -32.74 -39.55 17.62
CA SER O 191 -33.91 -40.40 17.84
C SER O 191 -34.48 -40.95 16.54
N TYR O 192 -33.86 -40.68 15.40
CA TYR O 192 -34.33 -41.26 14.15
C TYR O 192 -33.64 -42.59 13.88
N LEU O 193 -34.36 -43.47 13.20
CA LEU O 193 -33.84 -44.76 12.76
C LEU O 193 -33.45 -44.67 11.30
N THR O 194 -32.18 -44.90 11.00
CA THR O 194 -31.64 -44.80 9.66
C THR O 194 -30.87 -46.08 9.33
N PRO O 195 -30.75 -46.41 8.02
CA PRO O 195 -30.23 -47.76 7.63
C PRO O 195 -28.93 -48.12 8.22
N ASP O 196 -28.16 -47.13 8.65
CA ASP O 196 -26.95 -47.47 9.37
C ASP O 196 -27.25 -47.98 10.77
N LEU O 197 -28.46 -47.78 11.27
CA LEU O 197 -28.84 -48.27 12.60
C LEU O 197 -29.73 -49.50 12.54
N TRP O 198 -29.94 -50.07 11.35
CA TRP O 198 -30.56 -51.37 11.19
C TRP O 198 -29.85 -52.48 11.96
N LYS O 199 -28.53 -52.40 12.14
CA LYS O 199 -27.81 -53.48 12.79
C LYS O 199 -28.31 -53.70 14.23
N GLU O 200 -28.44 -54.96 14.60
CA GLU O 200 -28.78 -55.32 15.98
C GLU O 200 -27.64 -54.94 16.91
N THR O 201 -27.98 -54.36 18.06
CA THR O 201 -26.98 -53.78 18.93
C THR O 201 -26.37 -54.82 19.87
N VAL O 202 -25.08 -54.64 20.15
CA VAL O 202 -24.44 -55.34 21.25
C VAL O 202 -24.62 -54.54 22.53
N PHE O 203 -24.36 -55.17 23.67
CA PHE O 203 -24.51 -54.54 24.97
C PHE O 203 -23.19 -54.60 25.72
N THR O 204 -22.71 -53.45 26.16
CA THR O 204 -21.50 -53.40 26.97
C THR O 204 -21.89 -53.27 28.45
N LYS O 205 -20.91 -53.43 29.32
CA LYS O 205 -21.12 -53.27 30.75
C LYS O 205 -21.57 -51.84 31.04
N SER O 206 -22.57 -51.70 31.91
CA SER O 206 -22.98 -50.37 32.33
C SER O 206 -21.94 -49.78 33.29
N PRO O 207 -21.83 -48.45 33.34
CA PRO O 207 -20.79 -47.85 34.19
C PRO O 207 -20.88 -48.25 35.65
N TYR O 208 -22.04 -48.72 36.10
CA TYR O 208 -22.22 -48.97 37.53
C TYR O 208 -21.67 -50.32 37.95
N GLN O 209 -22.07 -51.40 37.26
CA GLN O 209 -21.59 -52.72 37.65
C GLN O 209 -20.16 -53.00 37.18
N GLU O 210 -19.69 -52.34 36.14
CA GLU O 210 -18.29 -52.50 35.78
C GLU O 210 -17.35 -51.83 36.78
N PHE O 211 -17.82 -50.76 37.44
CA PHE O 211 -17.05 -50.03 38.44
C PHE O 211 -17.75 -49.98 39.78
N THR O 212 -18.32 -51.10 40.22
CA THR O 212 -18.88 -51.15 41.57
C THR O 212 -17.81 -51.43 42.61
N ASP O 213 -16.90 -52.36 42.31
CA ASP O 213 -15.83 -52.70 43.24
C ASP O 213 -15.04 -51.46 43.66
N HIS O 214 -14.78 -50.57 42.71
CA HIS O 214 -14.15 -49.30 43.05
C HIS O 214 -15.12 -48.38 43.79
N LEU O 215 -16.42 -48.53 43.52
CA LEU O 215 -17.39 -47.58 44.07
C LEU O 215 -17.56 -47.77 45.58
N VAL O 216 -17.65 -49.02 46.04
CA VAL O 216 -17.76 -49.25 47.48
C VAL O 216 -16.52 -48.77 48.22
N LYS O 217 -15.32 -49.04 47.70
CA LYS O 217 -14.10 -48.68 48.39
C LYS O 217 -13.79 -47.20 48.33
N THR O 218 -14.55 -46.40 47.58
CA THR O 218 -14.30 -44.97 47.48
C THR O 218 -15.52 -44.10 47.74
N HIS O 219 -16.73 -44.65 47.67
CA HIS O 219 -17.93 -43.82 47.81
C HIS O 219 -18.65 -44.11 49.11
N THR O 220 -18.65 -45.37 49.53
CA THR O 220 -19.30 -45.81 50.77
C THR O 220 -18.35 -46.73 51.51
N ARG O 221 -17.57 -46.17 52.44
CA ARG O 221 -17.61 -44.75 52.78
C ARG O 221 -16.25 -44.09 52.56
N VAL O 222 -15.22 -44.68 53.16
CA VAL O 222 -13.85 -44.14 53.25
C VAL O 222 -13.82 -42.61 53.29
N GLY P 1 -72.96 -47.73 6.32
CA GLY P 1 -74.18 -47.27 6.94
C GLY P 1 -75.38 -47.38 6.02
N ARG P 2 -76.58 -47.27 6.58
CA ARG P 2 -77.81 -47.40 5.82
C ARG P 2 -78.01 -46.19 4.92
N MET P 3 -78.78 -46.39 3.86
CA MET P 3 -78.98 -45.33 2.88
C MET P 3 -79.70 -44.14 3.48
N HIS P 4 -80.85 -44.38 4.12
CA HIS P 4 -81.71 -43.29 4.57
C HIS P 4 -82.05 -43.39 6.05
N ALA P 5 -81.10 -43.78 6.88
CA ALA P 5 -81.27 -43.80 8.32
C ALA P 5 -79.91 -43.76 8.97
N PRO P 6 -79.79 -43.16 10.15
CA PRO P 6 -78.51 -43.16 10.87
C PRO P 6 -78.31 -44.51 11.54
N GLY P 7 -77.43 -45.32 10.97
CA GLY P 7 -77.19 -46.64 11.52
C GLY P 7 -76.09 -47.37 10.79
N LYS P 8 -75.19 -48.00 11.55
CA LYS P 8 -74.08 -48.76 10.99
C LYS P 8 -74.26 -50.25 11.28
N GLY P 9 -75.50 -50.72 11.28
CA GLY P 9 -75.81 -52.07 11.69
C GLY P 9 -75.09 -53.15 10.92
N LEU P 10 -74.36 -54.00 11.64
CA LEU P 10 -73.62 -55.11 11.06
C LEU P 10 -74.40 -56.39 11.35
N SER P 11 -75.40 -56.67 10.52
CA SER P 11 -76.22 -57.87 10.67
C SER P 11 -76.49 -58.40 9.26
N GLN P 12 -75.76 -59.45 8.90
CA GLN P 12 -75.91 -60.06 7.59
C GLN P 12 -75.42 -61.50 7.66
N SER P 13 -75.72 -62.25 6.61
CA SER P 13 -75.28 -63.64 6.54
C SER P 13 -73.77 -63.72 6.39
N ALA P 14 -73.21 -64.81 6.90
CA ALA P 14 -71.77 -65.06 6.76
C ALA P 14 -71.61 -66.54 6.42
N LEU P 15 -71.66 -66.85 5.12
CA LEU P 15 -71.65 -68.23 4.71
C LEU P 15 -70.23 -68.78 4.75
N PRO P 16 -70.08 -70.10 4.90
CA PRO P 16 -68.76 -70.66 5.19
C PRO P 16 -67.86 -70.71 3.96
N TYR P 17 -66.58 -70.95 4.24
CA TYR P 17 -65.59 -71.29 3.23
C TYR P 17 -65.96 -72.53 2.45
N ARG P 18 -66.75 -73.42 3.04
CA ARG P 18 -67.03 -74.73 2.46
C ARG P 18 -67.99 -74.55 1.28
N ARG P 19 -67.45 -74.27 0.10
CA ARG P 19 -68.29 -74.18 -1.09
C ARG P 19 -68.96 -75.50 -1.43
N SER P 20 -68.33 -76.62 -1.07
CA SER P 20 -68.83 -77.92 -1.46
C SER P 20 -70.10 -78.28 -0.70
N VAL P 21 -71.00 -78.95 -1.40
CA VAL P 21 -72.20 -79.52 -0.78
C VAL P 21 -71.80 -80.66 0.14
N PRO P 22 -72.30 -80.79 1.37
CA PRO P 22 -71.81 -81.82 2.24
C PRO P 22 -72.41 -83.17 1.90
N THR P 23 -71.86 -84.21 2.52
CA THR P 23 -72.23 -85.58 2.16
C THR P 23 -73.70 -85.86 2.45
N TRP P 24 -74.22 -85.34 3.55
CA TRP P 24 -75.57 -85.73 3.96
C TRP P 24 -76.67 -85.12 3.12
N LEU P 25 -76.38 -84.44 2.00
CA LEU P 25 -77.41 -84.02 1.06
C LEU P 25 -77.56 -85.11 0.00
N LYS P 26 -78.59 -85.93 0.12
CA LYS P 26 -79.01 -86.83 -0.95
C LYS P 26 -80.12 -86.18 -1.78
N LEU P 27 -79.86 -84.97 -2.24
CA LEU P 27 -80.79 -84.20 -3.04
C LEU P 27 -80.09 -83.77 -4.32
N THR P 28 -80.48 -84.33 -5.44
CA THR P 28 -79.76 -84.12 -6.68
C THR P 28 -79.97 -82.71 -7.20
N SER P 29 -79.02 -82.25 -8.01
CA SER P 29 -79.05 -80.88 -8.53
C SER P 29 -80.28 -80.64 -9.39
N ASP P 30 -80.59 -81.57 -10.29
CA ASP P 30 -81.80 -81.39 -11.10
C ASP P 30 -83.06 -81.49 -10.26
N ASP P 31 -83.02 -82.27 -9.18
CA ASP P 31 -84.19 -82.39 -8.31
C ASP P 31 -84.48 -81.08 -7.59
N VAL P 32 -83.46 -80.49 -6.96
CA VAL P 32 -83.68 -79.24 -6.24
C VAL P 32 -84.11 -78.15 -7.21
N LYS P 33 -83.58 -78.16 -8.44
CA LYS P 33 -84.10 -77.29 -9.48
C LYS P 33 -85.59 -77.54 -9.69
N GLU P 34 -85.97 -78.81 -9.85
CA GLU P 34 -87.38 -79.15 -10.07
C GLU P 34 -88.23 -78.71 -8.89
N GLN P 35 -87.71 -78.87 -7.67
CA GLN P 35 -88.42 -78.41 -6.49
C GLN P 35 -88.60 -76.90 -6.52
N ILE P 36 -87.58 -76.18 -6.99
CA ILE P 36 -87.69 -74.73 -7.12
C ILE P 36 -88.79 -74.35 -8.09
N TYR P 37 -88.88 -75.05 -9.23
CA TYR P 37 -89.88 -74.71 -10.23
C TYR P 37 -91.28 -74.77 -9.64
N LYS P 38 -91.63 -75.88 -9.00
CA LYS P 38 -92.95 -76.03 -8.39
C LYS P 38 -93.26 -74.86 -7.46
N LEU P 39 -92.30 -74.48 -6.62
CA LEU P 39 -92.48 -73.33 -5.76
C LEU P 39 -92.60 -72.03 -6.54
N ALA P 40 -91.86 -71.89 -7.64
CA ALA P 40 -91.93 -70.67 -8.42
C ALA P 40 -93.32 -70.46 -8.99
N LYS P 41 -93.93 -71.52 -9.55
CA LYS P 41 -95.29 -71.41 -10.04
C LYS P 41 -96.29 -71.16 -8.92
N LYS P 42 -95.94 -71.51 -7.68
CA LYS P 42 -96.81 -71.21 -6.56
C LYS P 42 -96.90 -69.70 -6.35
N GLY P 43 -95.92 -68.95 -6.83
CA GLY P 43 -95.96 -67.50 -6.81
C GLY P 43 -95.15 -66.86 -5.71
N LEU P 44 -93.97 -67.41 -5.44
CA LEU P 44 -93.13 -66.93 -4.35
C LEU P 44 -91.88 -66.24 -4.91
N THR P 45 -91.51 -65.17 -4.23
CA THR P 45 -90.28 -64.45 -4.54
C THR P 45 -89.07 -65.37 -4.37
N PRO P 46 -88.06 -65.22 -5.23
CA PRO P 46 -86.83 -66.02 -5.07
C PRO P 46 -86.19 -65.88 -3.69
N SER P 47 -86.37 -64.74 -3.04
CA SER P 47 -85.94 -64.62 -1.66
C SER P 47 -86.70 -65.59 -0.76
N GLN P 48 -88.02 -65.70 -0.97
CA GLN P 48 -88.80 -66.64 -0.17
C GLN P 48 -88.53 -68.08 -0.55
N ILE P 49 -88.09 -68.32 -1.77
CA ILE P 49 -87.71 -69.69 -2.15
C ILE P 49 -86.53 -70.14 -1.31
N GLY P 50 -85.49 -69.32 -1.24
CA GLY P 50 -84.31 -69.71 -0.49
C GLY P 50 -84.59 -69.90 0.99
N VAL P 51 -85.52 -69.11 1.53
CA VAL P 51 -85.84 -69.20 2.95
C VAL P 51 -86.40 -70.57 3.28
N ILE P 52 -87.32 -71.07 2.47
CA ILE P 52 -87.98 -72.33 2.80
C ILE P 52 -87.14 -73.51 2.35
N LEU P 53 -86.35 -73.35 1.28
CA LEU P 53 -85.46 -74.43 0.88
C LEU P 53 -84.39 -74.69 1.93
N ARG P 54 -83.89 -73.63 2.57
CA ARG P 54 -82.93 -73.81 3.64
C ARG P 54 -83.58 -74.30 4.92
N ASP P 55 -84.80 -73.87 5.20
CA ASP P 55 -85.47 -74.18 6.45
C ASP P 55 -85.90 -75.65 6.52
N SER P 56 -86.63 -76.10 5.51
CA SER P 56 -87.25 -77.42 5.56
C SER P 56 -86.51 -78.43 4.68
N HIS P 57 -85.95 -77.99 3.57
CA HIS P 57 -85.37 -78.92 2.61
C HIS P 57 -83.87 -79.10 2.81
N GLY P 58 -83.27 -78.35 3.72
CA GLY P 58 -81.87 -78.56 4.07
C GLY P 58 -80.89 -78.25 2.95
N VAL P 59 -81.20 -77.28 2.11
CA VAL P 59 -80.27 -76.80 1.10
C VAL P 59 -80.03 -75.32 1.37
N ALA P 60 -78.79 -74.97 1.72
CA ALA P 60 -78.53 -73.62 2.21
C ALA P 60 -78.23 -72.66 1.06
N GLN P 61 -77.21 -72.96 0.27
CA GLN P 61 -76.84 -72.15 -0.88
C GLN P 61 -77.19 -72.91 -2.14
N VAL P 62 -78.21 -72.41 -2.85
CA VAL P 62 -78.63 -73.07 -4.08
C VAL P 62 -77.53 -73.03 -5.12
N ARG P 63 -76.74 -71.95 -5.15
CA ARG P 63 -75.68 -71.84 -6.14
C ARG P 63 -74.67 -72.98 -5.99
N PHE P 64 -74.39 -73.40 -4.76
CA PHE P 64 -73.40 -74.46 -4.57
C PHE P 64 -73.90 -75.78 -5.14
N VAL P 65 -75.13 -76.17 -4.80
CA VAL P 65 -75.64 -77.47 -5.21
C VAL P 65 -75.93 -77.48 -6.72
N THR P 66 -76.46 -76.39 -7.25
CA THR P 66 -76.84 -76.34 -8.66
C THR P 66 -75.78 -75.78 -9.57
N GLY P 67 -74.86 -74.96 -9.06
CA GLY P 67 -73.96 -74.27 -9.95
C GLY P 67 -74.61 -73.12 -10.68
N ASN P 68 -75.84 -72.80 -10.32
CA ASN P 68 -76.58 -71.71 -10.95
C ASN P 68 -77.30 -70.92 -9.88
N LYS P 69 -77.35 -69.61 -10.06
CA LYS P 69 -78.01 -68.72 -9.13
C LYS P 69 -79.52 -68.87 -9.27
N ILE P 70 -80.25 -68.61 -8.19
CA ILE P 70 -81.67 -68.96 -8.15
C ILE P 70 -82.48 -68.14 -9.15
N LEU P 71 -82.19 -66.84 -9.28
CA LEU P 71 -82.89 -66.05 -10.29
C LEU P 71 -82.51 -66.48 -11.70
N ARG P 72 -81.24 -66.85 -11.90
CA ARG P 72 -80.80 -67.28 -13.21
C ARG P 72 -81.61 -68.47 -13.71
N ILE P 73 -81.94 -69.41 -12.81
CA ILE P 73 -82.81 -70.51 -13.18
C ILE P 73 -84.20 -70.00 -13.55
N LEU P 74 -84.73 -69.06 -12.76
CA LEU P 74 -86.07 -68.55 -13.02
C LEU P 74 -86.15 -67.88 -14.37
N LYS P 75 -85.16 -67.06 -14.71
CA LYS P 75 -85.15 -66.41 -16.03
C LYS P 75 -84.96 -67.43 -17.14
N SER P 76 -84.18 -68.48 -16.89
CA SER P 76 -83.90 -69.46 -17.93
C SER P 76 -85.17 -70.16 -18.40
N LYS P 77 -86.03 -70.56 -17.46
CA LYS P 77 -87.29 -71.16 -17.84
C LYS P 77 -88.30 -70.12 -18.31
N GLY P 78 -88.08 -68.85 -17.97
CA GLY P 78 -88.93 -67.77 -18.43
C GLY P 78 -90.01 -67.35 -17.47
N LEU P 79 -90.25 -68.09 -16.40
CA LEU P 79 -91.30 -67.77 -15.45
C LEU P 79 -90.85 -66.78 -14.39
N ALA P 80 -89.69 -66.16 -14.56
CA ALA P 80 -89.27 -65.10 -13.66
C ALA P 80 -90.16 -63.88 -13.85
N PRO P 81 -90.43 -63.12 -12.79
CA PRO P 81 -91.35 -61.97 -12.94
C PRO P 81 -90.71 -60.86 -13.75
N ASP P 82 -91.57 -60.01 -14.32
CA ASP P 82 -91.07 -58.89 -15.10
C ASP P 82 -90.37 -57.86 -14.22
N LEU P 83 -91.01 -57.48 -13.13
CA LEU P 83 -90.38 -56.57 -12.19
C LEU P 83 -89.37 -57.31 -11.31
N PRO P 84 -88.20 -56.73 -11.10
CA PRO P 84 -87.31 -57.26 -10.06
C PRO P 84 -87.96 -57.13 -8.68
N GLU P 85 -87.65 -58.09 -7.81
CA GLU P 85 -88.23 -58.09 -6.48
C GLU P 85 -87.91 -56.79 -5.75
N ASP P 86 -86.65 -56.38 -5.79
CA ASP P 86 -86.23 -55.21 -5.03
C ASP P 86 -87.09 -54.00 -5.36
N LEU P 87 -87.41 -53.81 -6.63
CA LEU P 87 -88.26 -52.68 -7.02
C LEU P 87 -89.71 -52.90 -6.58
N TYR P 88 -90.21 -54.13 -6.73
CA TYR P 88 -91.64 -54.36 -6.50
C TYR P 88 -92.00 -54.12 -5.03
N HIS P 89 -91.23 -54.67 -4.10
CA HIS P 89 -91.53 -54.46 -2.69
C HIS P 89 -91.28 -53.01 -2.28
N LEU P 90 -90.34 -52.34 -2.94
CA LEU P 90 -90.24 -50.90 -2.79
C LEU P 90 -91.49 -50.21 -3.32
N ILE P 91 -91.98 -50.67 -4.47
CA ILE P 91 -93.19 -50.09 -5.05
C ILE P 91 -94.39 -50.33 -4.16
N LYS P 92 -94.58 -51.59 -3.74
CA LYS P 92 -95.70 -51.90 -2.84
C LYS P 92 -95.59 -51.09 -1.55
N LYS P 93 -94.37 -50.90 -1.06
CA LYS P 93 -94.18 -50.10 0.13
C LYS P 93 -94.54 -48.64 -0.11
N ALA P 94 -94.12 -48.09 -1.26
CA ALA P 94 -94.44 -46.71 -1.57
C ALA P 94 -95.94 -46.49 -1.73
N VAL P 95 -96.62 -47.43 -2.36
CA VAL P 95 -98.07 -47.33 -2.51
C VAL P 95 -98.74 -47.40 -1.14
N ALA P 96 -98.27 -48.30 -0.27
CA ALA P 96 -98.88 -48.44 1.05
C ALA P 96 -98.82 -47.14 1.82
N VAL P 97 -97.64 -46.53 1.91
CA VAL P 97 -97.53 -45.27 2.62
C VAL P 97 -98.26 -44.16 1.87
N ARG P 98 -98.38 -44.28 0.55
CA ARG P 98 -99.15 -43.31 -0.21
C ARG P 98 -100.63 -43.39 0.14
N LYS P 99 -101.17 -44.61 0.24
CA LYS P 99 -102.58 -44.76 0.59
C LYS P 99 -102.86 -44.28 2.01
N HIS P 100 -101.96 -44.59 2.94
CA HIS P 100 -102.11 -44.07 4.30
C HIS P 100 -102.01 -42.56 4.32
N LEU P 101 -101.08 -42.00 3.56
CA LEU P 101 -100.90 -40.55 3.55
C LEU P 101 -102.12 -39.84 2.97
N GLU P 102 -102.66 -40.35 1.88
CA GLU P 102 -103.81 -39.68 1.26
C GLU P 102 -105.02 -39.69 2.19
N ARG P 103 -105.18 -40.75 2.98
CA ARG P 103 -106.20 -40.76 4.01
C ARG P 103 -105.85 -39.87 5.18
N ASN P 104 -104.58 -39.82 5.55
CA ASN P 104 -104.11 -39.19 6.79
C ASN P 104 -103.23 -38.01 6.41
N ARG P 105 -103.81 -36.81 6.38
CA ARG P 105 -103.20 -35.70 5.68
C ARG P 105 -101.97 -35.15 6.39
N LYS P 106 -102.05 -34.97 7.71
CA LYS P 106 -101.01 -34.25 8.44
C LYS P 106 -99.88 -35.14 8.91
N ASP P 107 -99.62 -36.26 8.22
CA ASP P 107 -98.54 -37.17 8.61
C ASP P 107 -97.23 -36.65 8.04
N LYS P 108 -96.73 -35.58 8.65
CA LYS P 108 -95.49 -34.97 8.15
C LYS P 108 -94.32 -35.94 8.29
N ASP P 109 -94.38 -36.85 9.26
CA ASP P 109 -93.35 -37.89 9.34
C ASP P 109 -93.48 -38.87 8.19
N ALA P 110 -94.72 -39.20 7.81
CA ALA P 110 -94.91 -40.11 6.68
C ALA P 110 -94.52 -39.43 5.37
N LYS P 111 -94.80 -38.14 5.22
CA LYS P 111 -94.34 -37.42 4.04
C LYS P 111 -92.82 -37.50 3.92
N PHE P 112 -92.11 -37.24 5.01
CA PHE P 112 -90.66 -37.42 5.00
C PHE P 112 -90.28 -38.85 4.69
N ARG P 113 -90.94 -39.82 5.32
CA ARG P 113 -90.62 -41.21 5.07
C ARG P 113 -90.93 -41.60 3.63
N LEU P 114 -92.05 -41.10 3.09
CA LEU P 114 -92.38 -41.38 1.69
C LEU P 114 -91.31 -40.83 0.76
N ILE P 115 -90.82 -39.62 1.04
CA ILE P 115 -89.79 -39.01 0.21
C ILE P 115 -88.57 -39.92 0.12
N LEU P 116 -88.19 -40.53 1.25
CA LEU P 116 -87.09 -41.48 1.21
C LEU P 116 -87.43 -42.70 0.36
N ILE P 117 -88.68 -43.18 0.45
CA ILE P 117 -89.04 -44.38 -0.29
C ILE P 117 -88.95 -44.15 -1.78
N GLU P 118 -89.50 -43.01 -2.26
CA GLU P 118 -89.45 -42.71 -3.68
C GLU P 118 -88.01 -42.59 -4.17
N SER P 119 -87.15 -41.96 -3.38
CA SER P 119 -85.76 -41.79 -3.78
C SER P 119 -85.09 -43.14 -3.99
N ARG P 120 -85.33 -44.09 -3.09
CA ARG P 120 -84.74 -45.42 -3.27
C ARG P 120 -85.34 -46.11 -4.49
N ILE P 121 -86.59 -45.80 -4.81
CA ILE P 121 -87.23 -46.39 -5.99
C ILE P 121 -86.59 -45.86 -7.27
N HIS P 122 -86.37 -44.55 -7.34
CA HIS P 122 -85.79 -43.96 -8.53
C HIS P 122 -84.31 -44.34 -8.66
N ARG P 123 -83.59 -44.37 -7.55
CA ARG P 123 -82.18 -44.79 -7.59
C ARG P 123 -82.06 -46.23 -8.05
N LEU P 124 -82.90 -47.11 -7.51
CA LEU P 124 -82.86 -48.51 -7.91
C LEU P 124 -83.29 -48.69 -9.36
N ALA P 125 -84.37 -48.03 -9.77
CA ALA P 125 -84.80 -48.13 -11.17
C ALA P 125 -83.72 -47.60 -12.09
N ARG P 126 -83.02 -46.55 -11.67
CA ARG P 126 -81.91 -46.04 -12.45
C ARG P 126 -80.87 -47.11 -12.70
N TYR P 127 -80.55 -47.90 -11.66
CA TYR P 127 -79.55 -48.94 -11.81
C TYR P 127 -80.00 -50.00 -12.82
N TYR P 128 -81.28 -50.37 -12.76
CA TYR P 128 -81.77 -51.43 -13.64
C TYR P 128 -81.77 -50.99 -15.11
N LYS P 129 -82.10 -49.72 -15.37
CA LYS P 129 -82.17 -49.27 -16.75
C LYS P 129 -80.81 -49.32 -17.44
N THR P 130 -79.72 -49.01 -16.72
CA THR P 130 -78.40 -49.13 -17.32
C THR P 130 -77.99 -50.58 -17.46
N LYS P 131 -78.52 -51.47 -16.62
CA LYS P 131 -78.27 -52.89 -16.74
C LYS P 131 -79.30 -53.59 -17.62
N ARG P 132 -80.20 -52.83 -18.24
CA ARG P 132 -81.12 -53.26 -19.28
C ARG P 132 -82.23 -54.16 -18.75
N VAL P 133 -82.39 -54.29 -17.43
CA VAL P 133 -83.47 -55.09 -16.89
C VAL P 133 -84.82 -54.45 -17.22
N LEU P 134 -84.91 -53.14 -17.07
CA LEU P 134 -86.10 -52.38 -17.39
C LEU P 134 -85.96 -51.72 -18.75
N PRO P 135 -87.06 -51.43 -19.43
CA PRO P 135 -87.00 -50.73 -20.71
C PRO P 135 -86.42 -49.35 -20.54
N PRO P 136 -85.75 -48.81 -21.57
CA PRO P 136 -85.15 -47.48 -21.43
C PRO P 136 -86.17 -46.39 -21.14
N ASN P 137 -87.39 -46.55 -21.65
CA ASN P 137 -88.43 -45.56 -21.40
C ASN P 137 -89.25 -45.87 -20.15
N TRP P 138 -88.90 -46.90 -19.39
CA TRP P 138 -89.65 -47.23 -18.18
C TRP P 138 -89.57 -46.08 -17.19
N LYS P 139 -90.72 -45.73 -16.63
CA LYS P 139 -90.81 -44.60 -15.72
C LYS P 139 -91.91 -44.86 -14.71
N TYR P 140 -91.59 -44.59 -13.44
CA TYR P 140 -92.48 -44.85 -12.32
C TYR P 140 -93.14 -43.54 -11.92
N GLU P 141 -94.46 -43.52 -11.90
CA GLU P 141 -95.21 -42.32 -11.56
C GLU P 141 -96.22 -42.71 -10.50
N SER P 142 -96.41 -41.81 -9.52
CA SER P 142 -97.20 -42.14 -8.34
C SER P 142 -98.64 -42.50 -8.71
N SER P 143 -99.25 -41.82 -9.67
CA SER P 143 -100.63 -42.13 -10.02
C SER P 143 -100.75 -43.53 -10.59
N THR P 144 -99.79 -43.94 -11.42
CA THR P 144 -99.77 -45.29 -11.96
C THR P 144 -98.98 -46.26 -11.09
N ALA P 145 -98.53 -45.83 -9.91
CA ALA P 145 -97.75 -46.70 -9.04
C ALA P 145 -98.56 -47.92 -8.60
N SER P 146 -99.81 -47.70 -8.20
CA SER P 146 -100.64 -48.80 -7.73
C SER P 146 -100.92 -49.79 -8.84
N ALA P 147 -100.79 -49.36 -10.10
CA ALA P 147 -100.98 -50.28 -11.22
C ALA P 147 -99.86 -51.30 -11.30
N LEU P 148 -98.61 -50.85 -11.16
CA LEU P 148 -97.47 -51.73 -11.33
C LEU P 148 -97.48 -52.87 -10.32
N VAL P 149 -97.74 -52.54 -9.05
CA VAL P 149 -97.85 -53.57 -8.02
C VAL P 149 -99.22 -54.22 -8.08
N ALA P 150 -99.23 -55.54 -7.94
CA ALA P 150 -100.47 -56.32 -7.92
C ALA P 150 -101.31 -56.09 -9.16
N GLU Q 1 -120.46 -29.29 81.23
CA GLU Q 1 -121.27 -30.32 81.87
C GLU Q 1 -121.97 -29.75 83.10
N GLN Q 2 -123.20 -29.28 82.92
CA GLN Q 2 -123.89 -29.26 81.64
C GLN Q 2 -123.86 -27.84 81.09
N VAL Q 3 -124.12 -27.68 79.79
CA VAL Q 3 -123.79 -26.44 79.09
C VAL Q 3 -125.02 -25.62 78.64
N ILE Q 4 -126.17 -26.22 78.37
CA ILE Q 4 -126.74 -27.57 78.46
C ILE Q 4 -127.00 -28.22 77.09
N SER Q 5 -127.88 -27.59 76.30
CA SER Q 5 -128.37 -28.24 75.09
C SER Q 5 -127.29 -28.44 74.04
N LEU Q 6 -126.28 -27.56 74.02
CA LEU Q 6 -125.19 -27.70 73.08
C LEU Q 6 -124.42 -28.99 73.35
N GLY Q 7 -124.03 -29.65 72.26
CA GLY Q 7 -123.30 -30.90 72.38
C GLY Q 7 -124.22 -32.09 72.45
N PRO Q 8 -123.71 -33.25 72.04
CA PRO Q 8 -124.50 -34.48 72.10
C PRO Q 8 -124.31 -35.22 73.40
N GLN Q 9 -125.29 -36.08 73.71
CA GLN Q 9 -125.26 -36.84 74.95
C GLN Q 9 -124.26 -37.98 74.83
N VAL Q 10 -123.09 -37.80 75.43
CA VAL Q 10 -122.04 -38.82 75.42
C VAL Q 10 -121.70 -39.19 76.85
N ALA Q 11 -121.34 -40.45 77.05
CA ALA Q 11 -120.98 -40.95 78.37
C ALA Q 11 -119.59 -40.47 78.75
N GLU Q 12 -119.21 -40.80 79.98
CA GLU Q 12 -117.89 -40.41 80.48
C GLU Q 12 -116.77 -41.11 79.72
N GLY Q 13 -116.97 -42.39 79.37
CA GLY Q 13 -115.88 -43.19 78.83
C GLY Q 13 -115.41 -42.79 77.44
N GLU Q 14 -116.28 -42.15 76.66
CA GLU Q 14 -115.93 -41.88 75.27
C GLU Q 14 -116.02 -40.39 74.93
N ASN Q 15 -115.81 -40.05 73.66
CA ASN Q 15 -115.72 -38.66 73.25
C ASN Q 15 -116.31 -38.51 71.85
N VAL Q 16 -116.74 -37.30 71.56
CA VAL Q 16 -117.36 -36.97 70.27
C VAL Q 16 -116.32 -36.33 69.37
N PHE Q 17 -116.29 -36.78 68.12
CA PHE Q 17 -115.19 -36.49 67.21
C PHE Q 17 -115.55 -35.39 66.22
N GLY Q 18 -114.54 -34.66 65.78
CA GLY Q 18 -114.69 -33.66 64.75
C GLY Q 18 -113.50 -33.68 63.80
N VAL Q 19 -113.43 -32.67 62.96
CA VAL Q 19 -112.34 -32.51 62.01
C VAL Q 19 -111.87 -31.07 62.06
N CYS Q 20 -110.55 -30.87 62.10
CA CYS Q 20 -109.96 -29.55 62.10
C CYS Q 20 -109.11 -29.38 60.84
N HIS Q 21 -109.55 -28.52 59.93
CA HIS Q 21 -108.82 -28.26 58.70
C HIS Q 21 -107.82 -27.14 58.97
N ILE Q 22 -106.54 -27.48 58.97
CA ILE Q 22 -105.46 -26.51 59.17
C ILE Q 22 -104.93 -26.16 57.79
N PHE Q 23 -105.35 -24.99 57.28
CA PHE Q 23 -104.91 -24.51 55.97
C PHE Q 23 -103.71 -23.61 56.23
N ALA Q 24 -102.56 -24.23 56.41
CA ALA Q 24 -101.35 -23.54 56.84
C ALA Q 24 -100.52 -23.16 55.62
N SER Q 25 -100.87 -22.05 55.01
CA SER Q 25 -100.10 -21.50 53.92
C SER Q 25 -99.10 -20.49 54.48
N PHE Q 26 -98.27 -19.94 53.60
CA PHE Q 26 -97.62 -18.68 53.91
C PHE Q 26 -98.68 -17.60 53.90
N ASN Q 27 -98.36 -16.45 54.49
CA ASN Q 27 -99.16 -15.23 54.39
C ASN Q 27 -100.43 -15.34 55.22
N ASP Q 28 -100.78 -16.53 55.71
CA ASP Q 28 -101.90 -16.72 56.63
C ASP Q 28 -101.98 -18.18 57.03
N THR Q 29 -102.72 -18.44 58.11
CA THR Q 29 -102.98 -19.80 58.57
C THR Q 29 -104.42 -19.89 59.07
N PHE Q 30 -105.08 -21.00 58.77
CA PHE Q 30 -106.47 -21.23 59.17
C PHE Q 30 -106.53 -22.39 60.14
N VAL Q 31 -107.31 -22.25 61.20
CA VAL Q 31 -107.42 -23.27 62.23
C VAL Q 31 -108.90 -23.69 62.21
N HIS Q 32 -109.47 -23.74 61.01
CA HIS Q 32 -110.83 -24.22 60.81
C HIS Q 32 -111.06 -25.53 61.54
N VAL Q 33 -112.22 -25.66 62.16
CA VAL Q 33 -112.68 -26.92 62.72
C VAL Q 33 -114.06 -27.21 62.14
N THR Q 34 -114.42 -28.49 62.08
CA THR Q 34 -115.61 -28.90 61.36
C THR Q 34 -116.08 -30.24 61.91
N ASP Q 35 -117.38 -30.49 61.78
CA ASP Q 35 -117.93 -31.78 62.16
C ASP Q 35 -117.38 -32.88 61.27
N LEU Q 36 -117.76 -34.12 61.58
CA LEU Q 36 -117.21 -35.26 60.86
C LEU Q 36 -117.58 -35.23 59.38
N SER Q 37 -118.75 -34.71 59.05
CA SER Q 37 -119.20 -34.71 57.66
C SER Q 37 -118.46 -33.68 56.81
N GLY Q 38 -118.27 -32.46 57.33
CA GLY Q 38 -117.62 -31.44 56.54
C GLY Q 38 -118.49 -30.27 56.15
N LYS Q 39 -119.77 -30.28 56.50
CA LYS Q 39 -120.66 -29.17 56.14
C LYS Q 39 -120.73 -28.10 57.22
N GLU Q 40 -121.21 -28.45 58.41
CA GLU Q 40 -121.38 -27.48 59.50
C GLU Q 40 -120.02 -27.18 60.09
N THR Q 41 -119.75 -25.91 60.35
CA THR Q 41 -118.54 -25.52 61.05
C THR Q 41 -118.86 -25.22 62.50
N ILE Q 42 -117.96 -25.62 63.38
CA ILE Q 42 -118.13 -25.38 64.80
C ILE Q 42 -117.43 -24.08 65.18
N CYS Q 43 -116.16 -23.96 64.80
CA CYS Q 43 -115.40 -22.76 65.10
C CYS Q 43 -114.40 -22.51 63.98
N ARG Q 44 -114.15 -21.23 63.71
CA ARG Q 44 -113.17 -20.82 62.71
C ARG Q 44 -112.48 -19.55 63.23
N VAL Q 45 -111.21 -19.66 63.56
CA VAL Q 45 -110.40 -18.49 63.83
C VAL Q 45 -109.17 -18.56 62.94
N THR Q 46 -108.44 -17.45 62.89
CA THR Q 46 -107.39 -17.29 61.90
C THR Q 46 -106.35 -16.32 62.45
N GLY Q 47 -105.10 -16.51 62.05
CA GLY Q 47 -104.04 -15.63 62.52
C GLY Q 47 -104.32 -14.17 62.27
N GLY Q 48 -105.05 -13.86 61.19
CA GLY Q 48 -105.41 -12.48 60.92
C GLY Q 48 -106.47 -11.95 61.85
N MET Q 49 -107.23 -12.84 62.51
CA MET Q 49 -108.21 -12.39 63.49
C MET Q 49 -107.52 -11.73 64.68
N LYS Q 50 -106.36 -12.25 65.08
CA LYS Q 50 -105.72 -11.78 66.30
C LYS Q 50 -104.77 -10.62 66.03
N VAL Q 51 -103.79 -10.81 65.16
CA VAL Q 51 -102.76 -9.80 64.96
C VAL Q 51 -103.31 -8.66 64.10
N LYS Q 52 -102.91 -7.43 64.42
CA LYS Q 52 -103.24 -6.27 63.61
C LYS Q 52 -102.06 -5.78 62.79
N ALA Q 53 -100.88 -6.39 62.96
CA ALA Q 53 -99.70 -5.92 62.26
C ALA Q 53 -99.78 -6.19 60.76
N ASP Q 54 -100.52 -7.22 60.35
CA ASP Q 54 -100.79 -7.59 58.97
C ASP Q 54 -99.56 -8.18 58.28
N ARG Q 55 -98.39 -8.11 58.91
CA ARG Q 55 -97.20 -8.74 58.36
C ARG Q 55 -96.90 -10.09 58.98
N ASP Q 56 -97.62 -10.45 60.04
CA ASP Q 56 -97.38 -11.68 60.78
C ASP Q 56 -98.69 -12.42 61.03
N GLU Q 57 -99.63 -12.32 60.08
CA GLU Q 57 -100.81 -13.16 60.14
C GLU Q 57 -100.44 -14.63 60.01
N SER Q 58 -99.29 -14.92 59.42
CA SER Q 58 -98.78 -16.26 59.28
C SER Q 58 -97.81 -16.64 60.40
N SER Q 59 -97.64 -15.78 61.39
CA SER Q 59 -96.67 -16.05 62.45
C SER Q 59 -97.10 -17.25 63.30
N PRO Q 60 -96.15 -18.06 63.75
CA PRO Q 60 -96.50 -19.17 64.64
C PRO Q 60 -97.18 -18.72 65.92
N TYR Q 61 -96.77 -17.58 66.48
CA TYR Q 61 -97.44 -17.08 67.68
C TYR Q 61 -98.90 -16.75 67.39
N ALA Q 62 -99.19 -16.22 66.19
CA ALA Q 62 -100.57 -15.98 65.82
C ALA Q 62 -101.36 -17.27 65.73
N ALA Q 63 -100.77 -18.30 65.12
CA ALA Q 63 -101.45 -19.59 65.01
C ALA Q 63 -101.67 -20.22 66.36
N MET Q 64 -100.69 -20.13 67.26
CA MET Q 64 -100.79 -20.83 68.54
C MET Q 64 -101.97 -20.34 69.37
N LEU Q 65 -102.05 -19.02 69.61
CA LEU Q 65 -103.13 -18.52 70.43
C LEU Q 65 -104.46 -18.60 69.68
N ALA Q 66 -104.42 -18.54 68.35
CA ALA Q 66 -105.64 -18.76 67.57
C ALA Q 66 -106.18 -20.16 67.79
N ALA Q 67 -105.33 -21.17 67.67
CA ALA Q 67 -105.78 -22.54 67.88
C ALA Q 67 -106.23 -22.75 69.32
N GLN Q 68 -105.68 -21.98 70.26
CA GLN Q 68 -106.18 -22.03 71.63
C GLN Q 68 -107.61 -21.52 71.71
N ASP Q 69 -107.95 -20.48 70.95
CA ASP Q 69 -109.31 -19.96 70.96
C ASP Q 69 -110.29 -20.99 70.46
N VAL Q 70 -109.94 -21.72 69.38
CA VAL Q 70 -110.78 -22.82 68.92
C VAL Q 70 -110.83 -23.92 69.97
N ALA Q 71 -109.68 -24.22 70.57
CA ALA Q 71 -109.63 -25.31 71.54
C ALA Q 71 -110.57 -25.05 72.71
N GLN Q 72 -110.60 -23.81 73.20
CA GLN Q 72 -111.54 -23.48 74.27
C GLN Q 72 -112.97 -23.52 73.77
N ARG Q 73 -113.20 -23.11 72.51
CA ARG Q 73 -114.55 -23.16 71.96
C ARG Q 73 -115.05 -24.59 71.85
N CYS Q 74 -114.21 -25.51 71.43
CA CYS Q 74 -114.65 -26.90 71.23
C CYS Q 74 -115.07 -27.53 72.55
N LYS Q 75 -114.20 -27.47 73.56
CA LYS Q 75 -114.55 -28.07 74.84
C LYS Q 75 -115.65 -27.30 75.55
N GLU Q 76 -115.85 -26.03 75.23
CA GLU Q 76 -117.02 -25.32 75.73
C GLU Q 76 -118.29 -25.89 75.10
N LEU Q 77 -118.30 -26.07 73.78
CA LEU Q 77 -119.48 -26.58 73.11
C LEU Q 77 -119.74 -28.03 73.50
N GLY Q 78 -118.71 -28.88 73.41
CA GLY Q 78 -118.89 -30.29 73.65
C GLY Q 78 -118.01 -31.20 72.83
N ILE Q 79 -117.42 -30.69 71.74
CA ILE Q 79 -116.49 -31.50 70.97
C ILE Q 79 -115.19 -31.65 71.76
N THR Q 80 -114.73 -32.90 71.92
CA THR Q 80 -113.51 -33.15 72.67
C THR Q 80 -112.54 -34.09 71.95
N ALA Q 81 -112.72 -34.31 70.65
CA ALA Q 81 -111.78 -35.12 69.88
C ALA Q 81 -111.74 -34.59 68.46
N LEU Q 82 -110.59 -34.69 67.81
CA LEU Q 82 -110.37 -33.96 66.58
C LEU Q 82 -109.53 -34.75 65.59
N HIS Q 83 -110.00 -34.82 64.34
CA HIS Q 83 -109.20 -35.25 63.21
C HIS Q 83 -108.56 -34.03 62.55
N ILE Q 84 -107.35 -34.20 62.06
CA ILE Q 84 -106.55 -33.10 61.56
C ILE Q 84 -106.37 -33.28 60.07
N LYS Q 85 -106.53 -32.19 59.31
CA LYS Q 85 -106.32 -32.20 57.87
C LYS Q 85 -105.43 -31.01 57.50
N LEU Q 86 -104.13 -31.27 57.39
CA LEU Q 86 -103.20 -30.23 56.95
C LEU Q 86 -103.46 -29.87 55.49
N ARG Q 87 -103.14 -28.62 55.16
CA ARG Q 87 -103.31 -28.16 53.79
C ARG Q 87 -102.44 -26.94 53.56
N ALA Q 88 -101.50 -27.05 52.63
CA ALA Q 88 -100.77 -25.90 52.14
C ALA Q 88 -101.59 -25.26 51.03
N THR Q 89 -101.04 -24.24 50.38
CA THR Q 89 -101.80 -23.55 49.34
C THR Q 89 -102.19 -24.53 48.23
N GLY Q 90 -101.28 -25.41 47.86
CA GLY Q 90 -101.60 -26.40 46.87
C GLY Q 90 -101.81 -25.81 45.49
N GLY Q 91 -102.48 -26.58 44.66
CA GLY Q 91 -102.62 -26.19 43.27
C GLY Q 91 -101.25 -26.06 42.64
N ASN Q 92 -101.04 -24.97 41.91
CA ASN Q 92 -99.71 -24.73 41.35
C ASN Q 92 -98.78 -24.02 42.31
N ARG Q 93 -99.29 -23.45 43.40
CA ARG Q 93 -98.42 -22.76 44.36
C ARG Q 93 -97.66 -23.79 45.19
N THR Q 94 -97.00 -23.33 46.25
CA THR Q 94 -96.11 -24.19 47.02
C THR Q 94 -96.86 -25.29 47.74
N LYS Q 95 -96.13 -26.37 48.05
CA LYS Q 95 -96.71 -27.51 48.75
C LYS Q 95 -96.28 -27.60 50.20
N THR Q 96 -95.20 -26.95 50.60
CA THR Q 96 -94.79 -27.00 51.99
C THR Q 96 -95.74 -26.16 52.83
N PRO Q 97 -96.33 -26.73 53.88
CA PRO Q 97 -97.23 -25.95 54.72
C PRO Q 97 -96.52 -24.79 55.39
N GLY Q 98 -97.28 -23.74 55.65
CA GLY Q 98 -96.73 -22.52 56.18
C GLY Q 98 -96.25 -22.68 57.61
N PRO Q 99 -95.73 -21.61 58.17
CA PRO Q 99 -95.15 -21.70 59.52
C PRO Q 99 -96.21 -21.77 60.61
N GLY Q 100 -97.48 -21.85 60.21
CA GLY Q 100 -98.56 -21.94 61.18
C GLY Q 100 -99.00 -23.37 61.43
N ALA Q 101 -98.48 -24.29 60.63
CA ALA Q 101 -98.86 -25.69 60.78
C ALA Q 101 -98.39 -26.26 62.12
N GLN Q 102 -97.11 -26.06 62.43
CA GLN Q 102 -96.58 -26.56 63.69
C GLN Q 102 -97.24 -25.92 64.89
N SER Q 103 -97.41 -24.61 64.84
CA SER Q 103 -97.89 -23.88 66.01
C SER Q 103 -99.30 -24.29 66.39
N ALA Q 104 -100.18 -24.41 65.40
CA ALA Q 104 -101.58 -24.73 65.69
C ALA Q 104 -101.73 -26.10 66.34
N LEU Q 105 -101.06 -27.11 65.77
CA LEU Q 105 -101.16 -28.45 66.33
C LEU Q 105 -100.65 -28.49 67.77
N ARG Q 106 -99.44 -27.98 68.00
CA ARG Q 106 -98.88 -27.97 69.35
C ARG Q 106 -99.73 -27.12 70.28
N ALA Q 107 -100.42 -26.11 69.74
CA ALA Q 107 -101.38 -25.37 70.54
C ALA Q 107 -102.55 -26.25 70.95
N LEU Q 108 -102.98 -27.13 70.05
CA LEU Q 108 -104.10 -28.02 70.31
C LEU Q 108 -103.75 -29.11 71.30
N ALA Q 109 -102.52 -29.62 71.27
CA ALA Q 109 -102.10 -30.62 72.23
C ALA Q 109 -101.92 -30.00 73.61
N ARG Q 110 -101.24 -28.86 73.69
CA ARG Q 110 -101.06 -28.18 74.97
C ARG Q 110 -102.37 -27.68 75.55
N SER Q 111 -103.44 -27.63 74.75
CA SER Q 111 -104.75 -27.24 75.24
C SER Q 111 -105.55 -28.42 75.76
N GLY Q 112 -104.96 -29.60 75.84
CA GLY Q 112 -105.66 -30.78 76.33
C GLY Q 112 -106.78 -31.24 75.42
N MET Q 113 -106.55 -31.30 74.12
CA MET Q 113 -107.55 -31.73 73.17
C MET Q 113 -107.15 -33.08 72.56
N LYS Q 114 -108.06 -34.04 72.64
CA LYS Q 114 -107.77 -35.36 72.10
C LYS Q 114 -107.63 -35.31 70.58
N ILE Q 115 -106.67 -36.05 70.06
CA ILE Q 115 -106.20 -35.89 68.68
C ILE Q 115 -106.37 -37.20 67.93
N GLY Q 116 -107.01 -37.15 66.78
CA GLY Q 116 -107.21 -38.31 65.94
C GLY Q 116 -106.06 -38.51 64.96
N ARG Q 117 -106.36 -39.10 63.81
CA ARG Q 117 -105.34 -39.27 62.78
C ARG Q 117 -105.11 -37.96 62.05
N ILE Q 118 -103.88 -37.80 61.57
CA ILE Q 118 -103.47 -36.61 60.83
C ILE Q 118 -103.30 -36.99 59.37
N GLU Q 119 -103.80 -36.15 58.47
CA GLU Q 119 -103.59 -36.31 57.04
C GLU Q 119 -103.49 -34.93 56.43
N ASP Q 120 -102.73 -34.83 55.34
CA ASP Q 120 -102.70 -33.59 54.57
C ASP Q 120 -103.51 -33.74 53.30
N VAL Q 121 -104.20 -32.67 52.92
CA VAL Q 121 -105.11 -32.71 51.78
C VAL Q 121 -104.79 -31.58 50.82
N THR Q 122 -103.52 -31.16 50.80
CA THR Q 122 -103.13 -30.06 49.94
C THR Q 122 -103.44 -30.42 48.49
N PRO Q 123 -104.19 -29.58 47.77
CA PRO Q 123 -104.59 -29.93 46.41
C PRO Q 123 -103.37 -30.11 45.50
N ILE Q 124 -103.28 -31.30 44.92
CA ILE Q 124 -102.12 -31.68 44.12
C ILE Q 124 -102.58 -31.86 42.68
N PRO Q 125 -102.24 -30.92 41.79
CA PRO Q 125 -102.59 -31.07 40.38
C PRO Q 125 -101.76 -32.15 39.72
N SER Q 126 -102.33 -32.73 38.66
CA SER Q 126 -101.57 -33.60 37.77
C SER Q 126 -101.06 -32.76 36.58
N ASP Q 127 -100.12 -31.88 36.90
CA ASP Q 127 -99.45 -31.00 35.94
C ASP Q 127 -100.46 -30.14 35.18
N SER Q 128 -101.07 -29.22 35.92
CA SER Q 128 -102.08 -28.36 35.34
C SER Q 128 -101.81 -26.92 35.74
N THR Q 129 -102.71 -26.01 35.35
CA THR Q 129 -102.79 -24.62 35.80
C THR Q 129 -101.46 -23.90 35.86
N ARG Q 130 -100.88 -23.59 34.70
CA ARG Q 130 -99.62 -22.85 34.58
C ARG Q 130 -99.49 -21.76 35.64
N ARG Q 131 -98.36 -21.74 36.33
CA ARG Q 131 -98.17 -20.89 37.50
C ARG Q 131 -98.13 -19.42 37.11
N LYS Q 132 -97.98 -18.57 38.12
CA LYS Q 132 -97.96 -17.12 37.91
C LYS Q 132 -96.57 -16.61 38.28
N GLY Q 133 -95.67 -16.66 37.31
CA GLY Q 133 -94.39 -16.00 37.49
C GLY Q 133 -93.85 -15.31 36.25
N GLY Q 134 -94.45 -15.59 35.11
CA GLY Q 134 -93.78 -15.34 33.84
C GLY Q 134 -92.74 -16.42 33.58
N ARG Q 135 -92.06 -16.29 32.45
CA ARG Q 135 -91.03 -17.25 32.11
C ARG Q 135 -89.87 -17.19 33.11
N ARG Q 136 -89.37 -15.99 33.36
CA ARG Q 136 -88.18 -15.81 34.18
C ARG Q 136 -88.46 -15.81 35.67
N GLY Q 137 -89.72 -15.91 36.07
CA GLY Q 137 -90.07 -16.05 37.47
C GLY Q 137 -90.11 -14.73 38.20
N ARG Q 138 -90.32 -14.83 39.51
CA ARG Q 138 -90.35 -13.66 40.36
C ARG Q 138 -88.95 -13.14 40.60
N ARG Q 139 -88.44 -12.32 39.68
CA ARG Q 139 -87.12 -11.72 39.84
C ARG Q 139 -87.21 -10.60 40.87
N LEU Q 140 -87.42 -11.00 42.12
CA LEU Q 140 -87.59 -10.05 43.20
C LEU Q 140 -86.31 -9.25 43.41
N VAL R 1 -68.10 -45.45 1.58
CA VAL R 1 -67.40 -46.56 2.21
C VAL R 1 -65.90 -46.45 1.87
N ARG R 2 -65.11 -47.46 2.23
CA ARG R 2 -63.70 -47.48 1.92
C ARG R 2 -63.49 -47.30 0.42
N MET R 3 -62.56 -46.42 0.07
CA MET R 3 -62.32 -46.08 -1.32
C MET R 3 -60.99 -46.65 -1.80
N ASN R 4 -59.92 -46.36 -1.08
CA ASN R 4 -58.59 -46.88 -1.38
C ASN R 4 -58.25 -47.96 -0.36
N VAL R 5 -58.28 -49.22 -0.80
CA VAL R 5 -57.89 -50.31 0.09
C VAL R 5 -56.41 -50.19 0.44
N LEU R 6 -55.59 -49.74 -0.51
CA LEU R 6 -54.17 -49.58 -0.24
C LEU R 6 -53.93 -48.53 0.85
N ALA R 7 -54.67 -47.43 0.81
CA ALA R 7 -54.51 -46.41 1.83
C ALA R 7 -54.84 -46.95 3.21
N ASP R 8 -55.91 -47.74 3.31
CA ASP R 8 -56.29 -48.30 4.61
C ASP R 8 -55.22 -49.24 5.14
N ALA R 9 -54.66 -50.08 4.26
CA ALA R 9 -53.61 -50.99 4.70
C ALA R 9 -52.38 -50.24 5.16
N LEU R 10 -51.97 -49.21 4.41
CA LEU R 10 -50.79 -48.45 4.80
C LEU R 10 -50.99 -47.76 6.13
N LYS R 11 -52.16 -47.15 6.35
CA LYS R 11 -52.40 -46.49 7.62
C LYS R 11 -52.51 -47.50 8.76
N SER R 12 -52.94 -48.73 8.47
CA SER R 12 -52.99 -49.75 9.51
C SER R 12 -51.59 -50.16 9.94
N ILE R 13 -50.70 -50.40 8.98
CA ILE R 13 -49.31 -50.67 9.32
C ILE R 13 -48.70 -49.45 10.00
N ASN R 14 -49.08 -48.26 9.56
CA ASN R 14 -48.60 -47.04 10.20
C ASN R 14 -49.03 -46.98 11.66
N ASN R 15 -50.28 -47.34 11.93
CA ASN R 15 -50.81 -47.17 13.28
C ASN R 15 -50.28 -48.24 14.22
N ALA R 16 -50.10 -49.46 13.71
CA ALA R 16 -49.61 -50.55 14.56
C ALA R 16 -48.20 -50.26 15.05
N GLU R 17 -47.33 -49.77 14.17
CA GLU R 17 -45.94 -49.51 14.57
C GLU R 17 -45.83 -48.40 15.58
N LYS R 18 -46.62 -47.32 15.44
CA LYS R 18 -46.57 -46.25 16.43
C LYS R 18 -46.98 -46.77 17.80
N ARG R 19 -47.77 -47.85 17.83
CA ARG R 19 -48.16 -48.47 19.09
C ARG R 19 -47.19 -49.56 19.53
N GLY R 20 -46.17 -49.86 18.75
CA GLY R 20 -45.18 -50.83 19.12
C GLY R 20 -45.60 -52.28 18.96
N LYS R 21 -46.75 -52.54 18.37
CA LYS R 21 -47.22 -53.91 18.19
C LYS R 21 -46.31 -54.65 17.21
N ARG R 22 -46.28 -55.98 17.38
CA ARG R 22 -45.46 -56.83 16.52
C ARG R 22 -46.17 -57.26 15.25
N GLN R 23 -47.47 -57.51 15.30
CA GLN R 23 -48.20 -57.94 14.12
C GLN R 23 -49.47 -57.11 13.97
N VAL R 24 -49.91 -56.95 12.73
CA VAL R 24 -51.10 -56.16 12.41
C VAL R 24 -51.94 -56.92 11.39
N LEU R 25 -53.25 -56.88 11.57
CA LEU R 25 -54.17 -57.42 10.58
C LEU R 25 -54.56 -56.33 9.60
N ILE R 26 -54.76 -56.71 8.35
CA ILE R 26 -55.12 -55.77 7.29
C ILE R 26 -56.42 -56.26 6.66
N ARG R 27 -57.43 -55.40 6.66
CA ARG R 27 -58.80 -55.86 6.50
C ARG R 27 -59.16 -56.27 5.08
N PRO R 28 -58.96 -55.43 4.06
CA PRO R 28 -59.08 -55.91 2.68
C PRO R 28 -57.70 -56.29 2.14
N CYS R 29 -57.67 -56.79 0.91
CA CYS R 29 -56.41 -57.15 0.29
C CYS R 29 -56.52 -57.04 -1.22
N SER R 30 -55.37 -56.88 -1.87
CA SER R 30 -55.33 -56.78 -3.31
C SER R 30 -53.90 -57.04 -3.78
N LYS R 31 -53.75 -57.38 -5.05
CA LYS R 31 -52.41 -57.59 -5.59
C LYS R 31 -51.56 -56.33 -5.46
N VAL R 32 -52.18 -55.16 -5.50
CA VAL R 32 -51.43 -53.92 -5.26
C VAL R 32 -50.94 -53.86 -3.83
N ILE R 33 -51.75 -54.35 -2.88
CA ILE R 33 -51.34 -54.34 -1.48
C ILE R 33 -50.15 -55.27 -1.26
N VAL R 34 -50.23 -56.49 -1.80
CA VAL R 34 -49.13 -57.43 -1.61
C VAL R 34 -47.89 -56.96 -2.36
N ARG R 35 -48.06 -56.32 -3.52
CA ARG R 35 -46.90 -55.84 -4.25
C ARG R 35 -46.26 -54.64 -3.54
N PHE R 36 -47.09 -53.78 -2.95
CA PHE R 36 -46.57 -52.72 -2.10
C PHE R 36 -45.86 -53.32 -0.89
N LEU R 37 -46.48 -54.29 -0.24
CA LEU R 37 -45.84 -54.91 0.92
C LEU R 37 -44.55 -55.61 0.54
N THR R 38 -44.54 -56.28 -0.62
CA THR R 38 -43.32 -56.95 -1.07
C THR R 38 -42.20 -55.95 -1.30
N VAL R 39 -42.53 -54.78 -1.85
CA VAL R 39 -41.49 -53.80 -2.16
C VAL R 39 -40.81 -53.32 -0.89
N MET R 40 -41.59 -53.08 0.17
CA MET R 40 -40.98 -52.76 1.47
C MET R 40 -40.12 -53.92 1.96
N MET R 41 -40.65 -55.14 1.87
CA MET R 41 -40.01 -56.31 2.46
C MET R 41 -38.76 -56.75 1.72
N LYS R 42 -38.64 -56.40 0.44
CA LYS R 42 -37.38 -56.67 -0.25
C LYS R 42 -36.27 -55.78 0.28
N HIS R 43 -36.63 -54.60 0.77
CA HIS R 43 -35.65 -53.71 1.38
C HIS R 43 -35.56 -53.87 2.89
N GLY R 44 -36.53 -54.54 3.51
CA GLY R 44 -36.38 -54.95 4.90
C GLY R 44 -37.11 -54.10 5.92
N TYR R 45 -37.93 -53.14 5.50
CA TYR R 45 -38.65 -52.33 6.46
C TYR R 45 -39.72 -53.13 7.19
N ILE R 46 -40.01 -54.34 6.73
CA ILE R 46 -41.15 -55.12 7.17
C ILE R 46 -40.75 -56.59 7.16
N GLY R 47 -41.23 -57.32 8.16
CA GLY R 47 -40.87 -58.71 8.34
C GLY R 47 -41.56 -59.62 7.35
N GLU R 48 -41.14 -60.88 7.39
CA GLU R 48 -41.77 -61.90 6.55
C GLU R 48 -43.25 -61.99 6.92
N PHE R 49 -44.11 -61.52 6.02
CA PHE R 49 -45.51 -61.33 6.35
C PHE R 49 -46.35 -62.50 5.86
N GLU R 50 -47.10 -63.07 6.80
CA GLU R 50 -48.09 -64.08 6.50
C GLU R 50 -49.33 -63.42 5.90
N ILE R 51 -50.19 -64.23 5.30
CA ILE R 51 -51.51 -63.80 4.87
C ILE R 51 -52.46 -64.95 5.14
N ILE R 52 -53.75 -64.64 5.24
CA ILE R 52 -54.77 -65.69 5.25
C ILE R 52 -55.53 -65.54 3.95
N ASP R 53 -56.52 -66.41 3.74
CA ASP R 53 -57.31 -66.30 2.52
C ASP R 53 -58.69 -66.88 2.78
N ASP R 54 -59.69 -66.17 2.26
CA ASP R 54 -61.07 -66.65 2.23
C ASP R 54 -61.59 -66.36 0.82
N HIS R 55 -62.79 -66.87 0.53
CA HIS R 55 -63.28 -66.77 -0.84
C HIS R 55 -63.59 -65.35 -1.26
N ARG R 56 -63.76 -64.43 -0.32
CA ARG R 56 -63.86 -63.02 -0.63
C ARG R 56 -62.46 -62.42 -0.66
N ALA R 57 -62.36 -61.10 -0.64
CA ALA R 57 -61.05 -60.47 -0.52
C ALA R 57 -60.38 -60.92 0.77
N GLY R 58 -59.09 -61.25 0.67
CA GLY R 58 -58.36 -61.79 1.79
C GLY R 58 -57.96 -60.73 2.80
N LYS R 59 -57.34 -61.20 3.88
CA LYS R 59 -56.80 -60.31 4.89
C LYS R 59 -55.31 -60.59 5.03
N ILE R 60 -54.52 -59.54 4.99
CA ILE R 60 -53.08 -59.70 5.13
C ILE R 60 -52.74 -59.47 6.59
N VAL R 61 -51.74 -60.20 7.08
CA VAL R 61 -51.13 -59.92 8.37
C VAL R 61 -49.70 -59.53 8.09
N VAL R 62 -49.05 -58.87 9.04
CA VAL R 62 -47.71 -58.36 8.85
C VAL R 62 -46.91 -58.55 10.13
N ASN R 63 -45.69 -59.08 10.00
CA ASN R 63 -44.75 -59.16 11.11
C ASN R 63 -43.93 -57.87 11.11
N LEU R 64 -44.35 -56.91 11.92
CA LEU R 64 -43.64 -55.63 11.97
C LEU R 64 -42.24 -55.83 12.52
N THR R 65 -41.26 -55.18 11.90
CA THR R 65 -39.89 -55.27 12.39
C THR R 65 -39.49 -54.12 13.30
N GLY R 66 -40.38 -53.17 13.55
CA GLY R 66 -40.04 -52.04 14.39
C GLY R 66 -39.27 -50.96 13.67
N ARG R 67 -38.54 -51.36 12.62
CA ARG R 67 -37.70 -50.44 11.87
C ARG R 67 -38.47 -49.71 10.79
N LEU R 68 -39.63 -49.16 11.15
CA LEU R 68 -40.50 -48.45 10.23
C LEU R 68 -40.87 -47.11 10.85
N ASN R 69 -40.60 -46.03 10.12
CA ASN R 69 -40.94 -44.70 10.58
C ASN R 69 -42.23 -44.17 9.98
N LYS R 70 -42.49 -44.47 8.71
CA LYS R 70 -43.64 -43.92 8.01
C LYS R 70 -43.91 -44.79 6.79
N CYS R 71 -45.19 -45.07 6.55
CA CYS R 71 -45.62 -45.82 5.37
C CYS R 71 -46.84 -45.18 4.76
N GLY R 72 -46.79 -43.87 4.55
CA GLY R 72 -47.95 -43.15 4.06
C GLY R 72 -48.26 -43.47 2.61
N VAL R 73 -49.42 -42.99 2.16
CA VAL R 73 -49.92 -43.20 0.81
C VAL R 73 -50.21 -41.85 0.18
N ILE R 74 -49.79 -41.68 -1.07
CA ILE R 74 -50.21 -40.53 -1.86
C ILE R 74 -51.52 -40.87 -2.55
N SER R 75 -52.57 -40.15 -2.21
CA SER R 75 -53.90 -40.63 -2.58
C SER R 75 -54.20 -40.45 -4.07
N PRO R 76 -54.21 -39.22 -4.61
CA PRO R 76 -54.51 -39.11 -6.05
C PRO R 76 -53.29 -39.54 -6.85
N ARG R 77 -53.42 -40.63 -7.58
CA ARG R 77 -52.25 -41.25 -8.20
C ARG R 77 -51.76 -40.36 -9.33
N PHE R 78 -50.92 -39.40 -9.00
CA PHE R 78 -50.41 -38.45 -9.97
C PHE R 78 -49.53 -39.15 -11.00
N ASP R 79 -49.34 -38.49 -12.12
CA ASP R 79 -48.47 -39.00 -13.17
C ASP R 79 -47.06 -38.47 -12.93
N VAL R 80 -46.20 -39.30 -12.37
CA VAL R 80 -44.82 -38.94 -12.16
C VAL R 80 -44.03 -39.34 -13.39
N GLN R 81 -43.05 -38.51 -13.75
CA GLN R 81 -42.15 -38.77 -14.86
C GLN R 81 -40.72 -38.77 -14.34
N LEU R 82 -39.78 -39.08 -15.23
CA LEU R 82 -38.38 -39.00 -14.84
C LEU R 82 -37.91 -37.56 -14.72
N LYS R 83 -38.56 -36.63 -15.41
CA LYS R 83 -38.18 -35.23 -15.34
C LYS R 83 -38.57 -34.59 -14.01
N ASP R 84 -39.44 -35.24 -13.22
CA ASP R 84 -39.87 -34.64 -11.97
C ASP R 84 -39.86 -35.61 -10.80
N LEU R 85 -39.30 -36.81 -10.96
CA LEU R 85 -39.19 -37.73 -9.85
C LEU R 85 -38.33 -37.15 -8.74
N GLU R 86 -37.23 -36.48 -9.11
CA GLU R 86 -36.37 -35.85 -8.12
C GLU R 86 -37.10 -34.77 -7.36
N LYS R 87 -38.09 -34.13 -7.98
CA LYS R 87 -38.89 -33.14 -7.28
C LYS R 87 -39.75 -33.80 -6.22
N TRP R 88 -40.18 -35.05 -6.46
CA TRP R 88 -40.87 -35.81 -5.43
C TRP R 88 -39.91 -36.31 -4.37
N GLN R 89 -38.65 -36.54 -4.75
CA GLN R 89 -37.66 -37.05 -3.81
C GLN R 89 -37.52 -36.13 -2.61
N ASN R 90 -37.12 -34.88 -2.85
CA ASN R 90 -36.86 -33.95 -1.76
C ASN R 90 -38.15 -33.47 -1.10
N ASN R 91 -39.30 -33.81 -1.68
CA ASN R 91 -40.57 -33.33 -1.14
C ASN R 91 -41.21 -34.34 -0.20
N LEU R 92 -40.79 -35.60 -0.26
CA LEU R 92 -41.36 -36.66 0.54
C LEU R 92 -40.34 -37.46 1.34
N LEU R 93 -39.06 -37.35 1.01
CA LEU R 93 -38.26 -38.25 1.82
C LEU R 93 -37.41 -37.46 2.81
N PRO R 94 -37.08 -38.06 3.95
CA PRO R 94 -36.21 -37.37 4.91
C PRO R 94 -34.85 -37.02 4.36
N SER R 95 -34.30 -37.83 3.45
CA SER R 95 -33.01 -37.53 2.84
C SER R 95 -32.89 -38.35 1.57
N ARG R 96 -31.84 -38.04 0.80
CA ARG R 96 -31.50 -38.87 -0.35
C ARG R 96 -30.75 -40.13 0.06
N GLN R 97 -30.24 -40.19 1.29
CA GLN R 97 -29.53 -41.37 1.76
C GLN R 97 -30.44 -42.58 1.83
N PHE R 98 -31.68 -42.40 2.28
CA PHE R 98 -32.60 -43.49 2.49
C PHE R 98 -34.02 -42.98 2.27
N GLY R 99 -34.99 -43.81 2.61
CA GLY R 99 -36.37 -43.45 2.35
C GLY R 99 -36.71 -43.70 0.90
N PHE R 100 -37.88 -44.27 0.62
CA PHE R 100 -38.16 -44.74 -0.71
C PHE R 100 -39.56 -44.37 -1.15
N ILE R 101 -39.68 -44.04 -2.43
CA ILE R 101 -40.94 -43.77 -3.10
C ILE R 101 -41.24 -44.96 -3.98
N VAL R 102 -42.40 -45.57 -3.77
CA VAL R 102 -42.87 -46.67 -4.60
C VAL R 102 -43.89 -46.11 -5.57
N LEU R 103 -43.85 -46.58 -6.81
CA LEU R 103 -44.75 -46.07 -7.84
C LEU R 103 -44.93 -47.15 -8.90
N THR R 104 -46.15 -47.23 -9.43
CA THR R 104 -46.51 -48.25 -10.40
C THR R 104 -46.02 -47.83 -11.77
N THR R 105 -45.49 -48.79 -12.52
CA THR R 105 -45.06 -48.57 -13.89
C THR R 105 -45.56 -49.71 -14.76
N SER R 106 -45.37 -49.56 -16.07
CA SER R 106 -45.77 -50.61 -16.99
C SER R 106 -44.97 -51.89 -16.78
N ALA R 107 -43.77 -51.80 -16.22
CA ALA R 107 -42.99 -52.99 -15.91
C ALA R 107 -43.39 -53.62 -14.59
N GLY R 108 -44.20 -52.94 -13.78
CA GLY R 108 -44.67 -53.49 -12.53
C GLY R 108 -44.76 -52.46 -11.42
N ILE R 109 -44.76 -52.94 -10.18
CA ILE R 109 -44.74 -52.08 -9.00
C ILE R 109 -43.33 -52.10 -8.46
N MET R 110 -42.62 -50.98 -8.55
CA MET R 110 -41.25 -50.95 -8.09
C MET R 110 -40.97 -49.62 -7.40
N ASP R 111 -39.87 -49.60 -6.68
CA ASP R 111 -39.31 -48.42 -6.06
C ASP R 111 -38.85 -47.42 -7.10
N HIS R 112 -38.59 -46.19 -6.66
CA HIS R 112 -38.07 -45.18 -7.58
C HIS R 112 -36.63 -45.50 -7.97
N GLU R 113 -35.90 -46.23 -7.11
CA GLU R 113 -34.48 -46.42 -7.33
C GLU R 113 -34.22 -47.17 -8.63
N GLU R 114 -34.99 -48.23 -8.89
CA GLU R 114 -34.87 -48.92 -10.16
C GLU R 114 -35.72 -48.27 -11.24
N ALA R 115 -36.74 -47.49 -10.87
CA ALA R 115 -37.60 -46.87 -11.86
C ALA R 115 -36.79 -46.00 -12.82
N ARG R 116 -35.79 -45.28 -12.31
CA ARG R 116 -34.86 -44.61 -13.20
C ARG R 116 -33.84 -45.58 -13.80
N ARG R 117 -33.53 -46.69 -13.10
CA ARG R 117 -32.60 -47.65 -13.66
C ARG R 117 -33.16 -48.30 -14.92
N LYS R 118 -34.42 -48.70 -14.89
CA LYS R 118 -35.04 -49.17 -16.12
C LYS R 118 -35.64 -48.03 -16.94
N HIS R 119 -35.37 -46.78 -16.55
CA HIS R 119 -35.66 -45.61 -17.38
C HIS R 119 -37.14 -45.53 -17.71
N THR R 120 -37.97 -45.60 -16.68
CA THR R 120 -39.41 -45.58 -16.86
C THR R 120 -40.06 -44.77 -15.75
N GLY R 121 -41.24 -44.24 -16.05
CA GLY R 121 -42.04 -43.54 -15.07
C GLY R 121 -43.47 -44.03 -15.12
N GLY R 122 -44.24 -43.65 -14.10
CA GLY R 122 -45.61 -44.09 -14.03
C GLY R 122 -46.45 -43.27 -13.08
N LYS R 123 -47.30 -43.93 -12.31
CA LYS R 123 -48.16 -43.29 -11.33
C LYS R 123 -47.66 -43.62 -9.93
N ILE R 124 -47.87 -42.70 -9.00
CA ILE R 124 -47.31 -42.79 -7.66
C ILE R 124 -48.35 -43.40 -6.74
N LEU R 125 -47.92 -44.36 -5.92
CA LEU R 125 -48.81 -45.04 -4.98
C LEU R 125 -48.60 -44.59 -3.54
N GLY R 126 -47.36 -44.62 -3.05
CA GLY R 126 -47.11 -44.27 -1.68
C GLY R 126 -45.63 -44.16 -1.42
N PHE R 127 -45.26 -44.21 -0.14
CA PHE R 127 -43.88 -44.09 0.25
C PHE R 127 -43.68 -44.80 1.58
N PHE R 128 -42.41 -44.97 1.96
CA PHE R 128 -42.08 -45.56 3.24
C PHE R 128 -40.66 -45.18 3.60
N PHE R 129 -40.43 -44.92 4.88
CA PHE R 129 -39.10 -44.64 5.39
C PHE R 129 -39.07 -44.78 6.91
N PRO S 1 -51.03 -58.07 23.94
CA PRO S 1 -50.95 -56.62 23.71
C PRO S 1 -49.89 -56.26 22.68
N LEU S 2 -48.63 -56.43 23.04
CA LEU S 2 -47.55 -56.09 22.12
C LEU S 2 -47.45 -57.11 20.99
N ALA S 3 -47.40 -58.39 21.32
CA ALA S 3 -47.08 -59.42 20.34
C ALA S 3 -48.08 -60.58 20.42
N LYS S 4 -49.37 -60.26 20.47
CA LYS S 4 -50.38 -61.29 20.36
C LYS S 4 -50.32 -61.91 18.97
N ASP S 5 -50.30 -63.24 18.91
CA ASP S 5 -50.14 -63.95 17.64
C ASP S 5 -51.50 -64.03 16.96
N LEU S 6 -51.70 -63.20 15.93
CA LEU S 6 -52.97 -63.22 15.22
C LEU S 6 -53.14 -64.49 14.39
N LEU S 7 -52.02 -65.10 13.98
CA LEU S 7 -52.09 -66.23 13.06
C LEU S 7 -52.65 -67.48 13.72
N HIS S 8 -52.26 -67.74 14.96
CA HIS S 8 -52.75 -68.91 15.70
C HIS S 8 -53.44 -68.41 16.96
N PRO S 9 -54.65 -67.89 16.84
CA PRO S 9 -55.43 -67.56 18.05
C PRO S 9 -55.96 -68.82 18.70
N SER S 10 -56.22 -68.72 20.00
CA SER S 10 -56.72 -69.88 20.73
C SER S 10 -58.04 -70.37 20.09
N PRO S 11 -58.19 -71.67 19.85
CA PRO S 11 -59.46 -72.20 19.37
C PRO S 11 -60.71 -71.73 19.97
N GLU S 12 -60.70 -71.42 21.24
CA GLU S 12 -61.89 -70.85 21.83
C GLU S 12 -62.05 -69.40 21.40
N GLU S 13 -60.94 -68.76 21.00
CA GLU S 13 -60.98 -67.33 20.74
C GLU S 13 -61.80 -67.00 19.50
N GLU S 14 -61.71 -67.84 18.48
CA GLU S 14 -62.45 -67.55 17.25
C GLU S 14 -63.95 -67.68 17.48
N LYS S 15 -64.37 -68.72 18.19
CA LYS S 15 -65.79 -68.91 18.45
C LYS S 15 -66.33 -67.86 19.41
N ARG S 16 -65.54 -67.45 20.40
CA ARG S 16 -65.97 -66.40 21.31
C ARG S 16 -66.07 -65.06 20.60
N LYS S 17 -65.41 -64.93 19.47
CA LYS S 17 -65.47 -63.70 18.70
C LYS S 17 -66.71 -63.68 17.82
N HIS S 18 -66.97 -62.53 17.21
CA HIS S 18 -68.14 -62.35 16.35
C HIS S 18 -68.08 -63.33 15.18
N LYS S 19 -69.24 -63.54 14.53
CA LYS S 19 -69.24 -64.35 13.32
C LYS S 19 -68.39 -63.71 12.24
N LYS S 20 -68.50 -62.40 12.08
CA LYS S 20 -67.53 -61.64 11.31
C LYS S 20 -66.32 -61.36 12.18
N LYS S 21 -65.35 -60.64 11.61
CA LYS S 21 -64.17 -60.20 12.34
C LYS S 21 -63.29 -61.36 12.78
N ARG S 22 -63.63 -62.58 12.38
CA ARG S 22 -62.72 -63.70 12.54
C ARG S 22 -61.68 -63.67 11.43
N LEU S 23 -60.67 -64.53 11.57
CA LEU S 23 -59.75 -64.73 10.45
C LEU S 23 -60.50 -65.30 9.25
N VAL S 24 -61.08 -66.48 9.42
CA VAL S 24 -61.95 -67.07 8.41
C VAL S 24 -63.39 -66.81 8.82
N GLN S 25 -64.15 -66.22 7.91
CA GLN S 25 -65.54 -65.90 8.20
C GLN S 25 -66.38 -67.17 8.18
N SER S 26 -67.12 -67.41 9.26
CA SER S 26 -67.85 -68.65 9.43
C SER S 26 -69.20 -68.44 10.11
N PRO S 27 -70.25 -69.11 9.66
CA PRO S 27 -71.56 -68.92 10.28
C PRO S 27 -71.65 -69.55 11.66
N ASN S 28 -72.40 -68.89 12.53
CA ASN S 28 -72.65 -69.43 13.86
C ASN S 28 -73.77 -70.46 13.86
N SER S 29 -74.56 -70.54 12.80
CA SER S 29 -75.67 -71.46 12.72
C SER S 29 -75.19 -72.85 12.34
N TYR S 30 -76.13 -73.78 12.27
CA TYR S 30 -75.82 -75.17 11.94
C TYR S 30 -77.08 -75.80 11.34
N PHE S 31 -77.01 -77.10 11.07
CA PHE S 31 -78.12 -77.83 10.47
C PHE S 31 -78.38 -79.07 11.32
N MET S 32 -79.54 -79.11 11.97
CA MET S 32 -79.82 -80.14 12.94
C MET S 32 -81.01 -80.97 12.49
N ASP S 33 -80.89 -82.29 12.67
CA ASP S 33 -81.95 -83.23 12.34
C ASP S 33 -82.76 -83.58 13.57
N VAL S 34 -84.06 -83.72 13.39
CA VAL S 34 -84.99 -83.96 14.48
C VAL S 34 -85.99 -85.04 14.06
N LYS S 35 -86.18 -86.04 14.92
CA LYS S 35 -87.27 -87.00 14.78
C LYS S 35 -88.24 -86.78 15.92
N CYS S 36 -89.47 -86.42 15.58
CA CYS S 36 -90.50 -86.27 16.59
C CYS S 36 -91.09 -87.63 16.95
N PRO S 37 -91.51 -87.81 18.21
CA PRO S 37 -92.12 -89.09 18.60
C PRO S 37 -93.42 -89.32 17.86
N GLY S 38 -93.78 -90.59 17.71
CA GLY S 38 -95.00 -90.95 17.00
C GLY S 38 -94.89 -90.80 15.50
N CYS S 39 -93.67 -90.80 14.96
CA CYS S 39 -93.45 -90.68 13.53
C CYS S 39 -92.19 -91.45 13.17
N TYR S 40 -91.78 -91.35 11.91
CA TYR S 40 -90.62 -92.05 11.41
C TYR S 40 -89.70 -91.18 10.56
N LYS S 41 -90.22 -90.10 9.97
CA LYS S 41 -89.44 -89.27 9.07
C LYS S 41 -88.33 -88.55 9.82
N ILE S 42 -87.23 -88.30 9.11
CA ILE S 42 -86.08 -87.56 9.63
C ILE S 42 -85.95 -86.28 8.82
N THR S 43 -86.17 -85.14 9.47
CA THR S 43 -86.16 -83.85 8.80
C THR S 43 -84.84 -83.14 9.09
N THR S 44 -84.52 -82.15 8.26
CA THR S 44 -83.24 -81.47 8.34
C THR S 44 -83.44 -79.97 8.53
N VAL S 45 -84.23 -79.59 9.52
CA VAL S 45 -84.56 -78.19 9.76
C VAL S 45 -83.30 -77.38 10.02
N PHE S 46 -83.30 -76.13 9.58
CA PHE S 46 -82.19 -75.22 9.77
C PHE S 46 -82.28 -74.58 11.15
N SER S 47 -81.12 -74.33 11.76
CA SER S 47 -81.07 -73.91 13.16
C SER S 47 -81.90 -72.65 13.39
N HIS S 48 -81.50 -71.55 12.77
CA HIS S 48 -82.24 -70.30 12.88
C HIS S 48 -83.33 -70.29 11.81
N ALA S 49 -84.20 -71.29 11.91
CA ALA S 49 -85.26 -71.46 10.92
C ALA S 49 -86.16 -70.24 10.93
N GLN S 50 -86.64 -69.87 9.74
CA GLN S 50 -87.31 -68.60 9.58
C GLN S 50 -88.82 -68.76 9.40
N THR S 51 -89.28 -69.97 9.15
CA THR S 51 -90.70 -70.26 9.03
C THR S 51 -91.03 -71.50 9.85
N VAL S 52 -92.31 -71.67 10.19
CA VAL S 52 -92.74 -72.86 10.88
C VAL S 52 -92.57 -74.06 9.95
N VAL S 53 -91.99 -75.13 10.48
CA VAL S 53 -91.72 -76.32 9.68
C VAL S 53 -92.70 -77.41 10.10
N LEU S 54 -92.93 -78.35 9.19
CA LEU S 54 -93.98 -79.33 9.35
C LEU S 54 -93.58 -80.62 8.66
N CYS S 55 -93.68 -81.74 9.39
CA CYS S 55 -93.47 -83.03 8.76
C CYS S 55 -94.55 -83.25 7.71
N VAL S 56 -94.14 -83.74 6.55
CA VAL S 56 -95.09 -83.97 5.46
C VAL S 56 -96.10 -85.04 5.85
N GLY S 57 -95.64 -86.09 6.51
CA GLY S 57 -96.53 -87.14 6.98
C GLY S 57 -97.28 -86.77 8.24
N CYS S 58 -96.56 -86.54 9.34
CA CYS S 58 -97.18 -86.20 10.61
C CYS S 58 -97.43 -84.70 10.67
N SER S 59 -98.68 -84.31 10.96
CA SER S 59 -99.06 -82.90 10.93
C SER S 59 -98.73 -82.20 12.25
N THR S 60 -97.47 -82.33 12.65
CA THR S 60 -96.98 -81.73 13.89
C THR S 60 -95.88 -80.73 13.55
N VAL S 61 -96.07 -79.49 14.00
CA VAL S 61 -95.02 -78.48 13.84
C VAL S 61 -93.85 -78.83 14.74
N LEU S 62 -92.65 -78.66 14.21
CA LEU S 62 -91.44 -78.93 14.98
C LEU S 62 -90.73 -77.69 15.46
N CYS S 63 -90.70 -76.62 14.68
CA CYS S 63 -90.05 -75.37 15.08
C CYS S 63 -90.97 -74.19 14.80
N GLN S 64 -90.87 -73.18 15.66
CA GLN S 64 -91.58 -71.94 15.47
C GLN S 64 -90.54 -70.83 15.59
N PRO S 65 -90.44 -69.95 14.59
CA PRO S 65 -89.33 -68.99 14.57
C PRO S 65 -89.39 -68.02 15.75
N THR S 66 -88.21 -67.60 16.17
CA THR S 66 -88.04 -66.69 17.29
C THR S 66 -87.03 -65.62 16.88
N GLY S 67 -86.49 -64.91 17.86
CA GLY S 67 -85.49 -63.89 17.58
C GLY S 67 -84.28 -64.39 16.82
N GLY S 68 -83.48 -65.23 17.46
CA GLY S 68 -82.24 -65.66 16.83
C GLY S 68 -82.12 -67.14 16.53
N LYS S 69 -82.72 -67.99 17.35
CA LYS S 69 -82.65 -69.44 17.14
C LYS S 69 -84.08 -69.97 17.17
N ALA S 70 -84.51 -70.57 16.06
CA ALA S 70 -85.85 -71.12 15.99
C ALA S 70 -86.05 -72.14 17.09
N ARG S 71 -86.92 -71.80 18.05
CA ARG S 71 -87.20 -72.75 19.12
C ARG S 71 -87.96 -73.94 18.56
N LEU S 72 -87.55 -75.12 19.00
CA LEU S 72 -88.21 -76.36 18.61
C LEU S 72 -89.34 -76.65 19.60
N THR S 73 -90.23 -77.54 19.19
CA THR S 73 -91.39 -77.86 20.02
C THR S 73 -91.01 -78.80 21.14
N GLU S 74 -92.00 -79.45 21.76
CA GLU S 74 -91.77 -80.37 22.86
C GLU S 74 -90.58 -81.27 22.57
N GLY S 75 -89.83 -81.58 23.63
CA GLY S 75 -88.56 -82.27 23.53
C GLY S 75 -88.53 -83.49 22.64
N CYS S 76 -87.76 -83.43 21.56
CA CYS S 76 -87.53 -84.54 20.66
C CYS S 76 -86.10 -85.05 20.85
N SER S 77 -85.73 -86.04 20.06
CA SER S 77 -84.35 -86.51 19.98
C SER S 77 -83.75 -85.92 18.72
N PHE S 78 -82.95 -84.87 18.90
CA PHE S 78 -82.42 -84.06 17.81
C PHE S 78 -80.91 -84.21 17.79
N ARG S 79 -80.34 -84.38 16.59
CA ARG S 79 -78.91 -84.60 16.48
C ARG S 79 -78.25 -83.51 15.66
N ARG S 80 -77.18 -82.96 16.23
CA ARG S 80 -76.23 -82.10 15.52
C ARG S 80 -75.21 -83.01 14.84
N LYS S 81 -75.29 -83.14 13.52
CA LYS S 81 -74.53 -84.14 12.79
C LYS S 81 -73.30 -83.52 12.14
N GLN S 82 -72.16 -84.21 12.31
CA GLN S 82 -70.88 -83.97 11.64
C GLN S 82 -70.41 -82.52 11.67
N HIS S 83 -71.00 -81.72 12.54
CA HIS S 83 -70.60 -80.32 12.75
C HIS S 83 -70.51 -79.50 11.46
N GLY V 1 -138.24 21.19 13.71
CA GLY V 1 -139.69 21.32 13.77
C GLY V 1 -140.38 20.24 12.97
N ARG V 2 -139.61 19.30 12.45
CA ARG V 2 -140.13 18.23 11.61
C ARG V 2 -139.81 16.89 12.24
N VAL V 3 -140.76 15.95 12.17
CA VAL V 3 -140.53 14.64 12.75
C VAL V 3 -139.44 13.91 11.97
N ILE V 4 -138.70 13.06 12.68
CA ILE V 4 -137.48 12.47 12.15
C ILE V 4 -137.74 11.01 11.80
N ARG V 5 -136.86 10.44 11.00
CA ARG V 5 -136.94 9.02 10.70
C ARG V 5 -136.56 8.22 11.95
N GLY V 6 -137.18 7.06 12.08
CA GLY V 6 -137.14 6.36 13.34
C GLY V 6 -138.43 6.66 14.09
N GLN V 7 -138.78 7.94 14.19
CA GLN V 7 -140.14 8.27 14.60
C GLN V 7 -141.15 7.86 13.54
N ARG V 8 -140.82 8.08 12.27
CA ARG V 8 -141.69 7.60 11.22
C ARG V 8 -141.69 6.08 11.14
N LYS V 9 -140.61 5.45 11.60
CA LYS V 9 -140.48 4.00 11.47
C LYS V 9 -141.56 3.27 12.26
N GLY V 10 -141.86 3.74 13.46
CA GLY V 10 -142.88 3.09 14.26
C GLY V 10 -144.29 3.31 13.76
N ALA V 11 -144.48 4.24 12.82
CA ALA V 11 -145.81 4.53 12.33
C ALA V 11 -146.35 3.49 11.37
N GLY V 12 -145.52 2.54 10.94
CA GLY V 12 -146.04 1.53 10.04
C GLY V 12 -145.66 1.66 8.57
N SER V 13 -146.55 2.29 7.80
CA SER V 13 -146.79 1.99 6.39
C SER V 13 -145.57 1.58 5.58
N VAL V 14 -144.57 2.46 5.48
CA VAL V 14 -143.48 2.16 4.57
C VAL V 14 -142.44 1.29 5.24
N PHE V 15 -142.37 1.31 6.56
CA PHE V 15 -141.35 0.58 7.30
C PHE V 15 -141.87 -0.73 7.88
N ARG V 16 -142.92 -1.29 7.31
CA ARG V 16 -143.38 -2.61 7.73
C ARG V 16 -142.54 -3.70 7.08
N ALA V 17 -142.67 -4.91 7.61
CA ALA V 17 -141.87 -6.02 7.11
C ALA V 17 -142.37 -6.46 5.74
N HIS V 18 -141.42 -6.92 4.91
CA HIS V 18 -141.75 -7.47 3.59
C HIS V 18 -142.03 -8.95 3.76
N VAL V 19 -143.21 -9.28 4.26
CA VAL V 19 -143.53 -10.65 4.65
C VAL V 19 -144.37 -11.35 3.59
N LYS V 20 -144.26 -10.94 2.33
CA LYS V 20 -145.09 -11.54 1.30
C LYS V 20 -144.74 -13.01 1.09
N HIS V 21 -143.45 -13.31 0.91
CA HIS V 21 -143.02 -14.63 0.51
C HIS V 21 -142.51 -15.47 1.67
N ARG V 22 -142.67 -15.03 2.91
CA ARG V 22 -142.20 -15.81 4.04
C ARG V 22 -143.07 -17.05 4.21
N LYS V 23 -142.44 -18.15 4.61
CA LYS V 23 -143.08 -19.45 4.58
C LYS V 23 -144.00 -19.70 5.78
N GLY V 24 -144.05 -18.82 6.75
CA GLY V 24 -144.88 -18.99 7.91
C GLY V 24 -144.13 -18.68 9.20
N ALA V 25 -144.85 -18.80 10.31
CA ALA V 25 -144.28 -18.57 11.62
C ALA V 25 -143.45 -19.77 12.01
N ALA V 26 -142.15 -19.56 12.19
CA ALA V 26 -141.27 -20.64 12.60
C ALA V 26 -141.39 -20.88 14.10
N ARG V 27 -141.93 -22.03 14.47
CA ARG V 27 -142.19 -22.32 15.88
C ARG V 27 -142.40 -23.81 16.04
N LEU V 28 -142.50 -24.24 17.30
CA LEU V 28 -142.75 -25.63 17.63
C LEU V 28 -144.25 -25.92 17.62
N ARG V 29 -144.60 -27.10 18.11
CA ARG V 29 -146.00 -27.47 18.23
C ARG V 29 -146.50 -27.22 19.66
N ALA V 30 -147.81 -27.08 19.80
CA ALA V 30 -148.41 -26.81 21.09
C ALA V 30 -148.17 -27.97 22.04
N VAL V 31 -148.03 -27.64 23.33
CA VAL V 31 -147.82 -28.67 24.34
C VAL V 31 -149.06 -29.55 24.45
N ASP V 32 -148.83 -30.85 24.60
CA ASP V 32 -149.91 -31.83 24.57
C ASP V 32 -149.46 -33.05 25.38
N PHE V 33 -150.32 -34.08 25.40
CA PHE V 33 -149.92 -35.34 26.02
C PHE V 33 -148.59 -35.85 25.47
N ALA V 34 -148.47 -35.87 24.14
CA ALA V 34 -147.24 -36.36 23.54
C ALA V 34 -146.01 -35.61 24.01
N GLU V 35 -146.16 -34.35 24.42
CA GLU V 35 -145.04 -33.58 24.92
C GLU V 35 -144.99 -33.49 26.44
N ARG V 36 -146.05 -33.91 27.13
CA ARG V 36 -146.10 -33.77 28.58
C ARG V 36 -145.92 -35.07 29.32
N HIS V 37 -146.22 -36.21 28.70
CA HIS V 37 -146.05 -37.50 29.35
C HIS V 37 -145.25 -38.50 28.55
N GLY V 38 -145.11 -38.35 27.24
CA GLY V 38 -144.40 -39.31 26.43
C GLY V 38 -143.61 -38.61 25.35
N TYR V 39 -143.71 -39.15 24.14
CA TYR V 39 -143.05 -38.56 22.99
C TYR V 39 -143.81 -38.96 21.73
N ILE V 40 -143.77 -38.09 20.73
CA ILE V 40 -144.42 -38.33 19.45
C ILE V 40 -143.36 -38.29 18.36
N LYS V 41 -143.49 -39.17 17.39
CA LYS V 41 -142.50 -39.31 16.32
C LYS V 41 -143.03 -38.66 15.05
N GLY V 42 -142.26 -37.71 14.51
CA GLY V 42 -142.55 -37.11 13.23
C GLY V 42 -141.33 -37.17 12.33
N ILE V 43 -141.57 -36.99 11.04
CA ILE V 43 -140.51 -37.11 10.04
C ILE V 43 -140.31 -35.75 9.39
N VAL V 44 -139.06 -35.45 9.05
CA VAL V 44 -138.72 -34.18 8.42
C VAL V 44 -138.98 -34.31 6.92
N LYS V 45 -139.92 -33.53 6.41
CA LYS V 45 -140.33 -33.66 5.03
C LYS V 45 -139.52 -32.81 4.07
N ASP V 46 -139.07 -31.62 4.50
CA ASP V 46 -138.25 -30.78 3.64
C ASP V 46 -137.55 -29.72 4.47
N ILE V 47 -136.40 -29.28 3.97
CA ILE V 47 -135.67 -28.15 4.50
C ILE V 47 -135.79 -27.02 3.48
N ILE V 48 -136.28 -25.87 3.91
CA ILE V 48 -136.60 -24.78 3.00
C ILE V 48 -135.91 -23.51 3.47
N HIS V 49 -135.81 -22.55 2.56
CA HIS V 49 -135.21 -21.26 2.85
C HIS V 49 -136.31 -20.23 3.06
N ASP V 50 -136.37 -19.67 4.26
CA ASP V 50 -137.34 -18.64 4.56
C ASP V 50 -136.75 -17.29 4.20
N PRO V 51 -137.33 -16.55 3.26
CA PRO V 51 -136.74 -15.27 2.87
C PRO V 51 -136.66 -14.31 4.04
N GLY V 52 -135.57 -13.54 4.08
CA GLY V 52 -135.39 -12.50 5.07
C GLY V 52 -134.89 -12.97 6.42
N ARG V 53 -134.85 -14.27 6.66
CA ARG V 53 -134.43 -14.86 7.93
C ARG V 53 -133.42 -15.97 7.63
N GLY V 54 -132.33 -15.61 6.97
CA GLY V 54 -131.49 -16.68 6.45
C GLY V 54 -131.00 -17.59 7.55
N ALA V 55 -131.70 -18.70 7.67
CA ALA V 55 -131.51 -19.87 8.51
C ALA V 55 -132.53 -20.87 8.01
N PRO V 56 -132.15 -22.09 7.69
CA PRO V 56 -133.10 -22.99 7.05
C PRO V 56 -134.23 -23.37 7.97
N LEU V 57 -135.38 -23.65 7.38
CA LEU V 57 -136.59 -24.00 8.12
C LEU V 57 -136.96 -25.44 7.80
N ALA V 58 -137.11 -26.24 8.84
CA ALA V 58 -137.46 -27.65 8.68
C ALA V 58 -138.97 -27.78 8.68
N LYS V 59 -139.48 -28.65 7.82
CA LYS V 59 -140.92 -28.89 7.73
C LYS V 59 -141.20 -30.32 8.15
N VAL V 60 -141.62 -30.51 9.39
CA VAL V 60 -141.80 -31.84 9.96
C VAL V 60 -143.28 -32.16 10.00
N VAL V 61 -143.61 -33.43 9.76
CA VAL V 61 -144.99 -33.89 9.65
C VAL V 61 -145.27 -34.85 10.80
N PHE V 62 -146.35 -34.59 11.53
CA PHE V 62 -146.72 -35.36 12.70
C PHE V 62 -148.08 -36.02 12.48
N ARG V 63 -148.26 -37.17 13.11
CA ARG V 63 -149.53 -37.85 13.12
C ARG V 63 -150.40 -37.27 14.24
N ASP V 64 -151.62 -36.89 13.89
CA ASP V 64 -152.51 -36.32 14.89
C ASP V 64 -152.92 -37.40 15.88
N PRO V 65 -152.84 -37.15 17.19
CA PRO V 65 -153.15 -38.22 18.15
C PRO V 65 -154.62 -38.36 18.47
N TYR V 66 -155.44 -37.35 18.15
CA TYR V 66 -156.84 -37.35 18.56
C TYR V 66 -157.80 -37.59 17.42
N ARG V 67 -157.48 -37.14 16.22
CA ARG V 67 -158.25 -37.41 15.03
C ARG V 67 -157.32 -37.90 13.93
N PHE V 68 -157.89 -38.48 12.89
CA PHE V 68 -157.12 -39.12 11.85
C PHE V 68 -156.70 -38.06 10.83
N LYS V 69 -155.50 -37.54 11.00
CA LYS V 69 -155.01 -36.43 10.18
C LYS V 69 -153.50 -36.35 10.36
N LYS V 70 -152.88 -35.40 9.64
CA LYS V 70 -151.45 -35.17 9.76
C LYS V 70 -151.18 -33.67 9.85
N ARG V 71 -150.36 -33.29 10.82
CA ARG V 71 -149.98 -31.91 11.07
C ARG V 71 -148.58 -31.67 10.53
N THR V 72 -148.38 -30.52 9.91
CA THR V 72 -147.06 -30.11 9.43
C THR V 72 -146.60 -28.87 10.18
N GLU V 73 -145.40 -28.92 10.73
CA GLU V 73 -144.83 -27.83 11.50
C GLU V 73 -143.73 -27.14 10.70
N LEU V 74 -143.18 -26.08 11.30
CA LEU V 74 -142.18 -25.24 10.67
C LEU V 74 -141.01 -25.02 11.61
N PHE V 75 -140.47 -26.10 12.15
CA PHE V 75 -139.41 -26.01 13.15
C PHE V 75 -138.20 -25.25 12.60
N ILE V 76 -137.53 -24.55 13.51
CA ILE V 76 -136.17 -24.08 13.25
C ILE V 76 -135.26 -25.28 13.02
N ALA V 77 -134.42 -25.19 12.01
CA ALA V 77 -133.58 -26.31 11.61
C ALA V 77 -132.29 -26.30 12.43
N ALA V 78 -132.10 -27.32 13.25
CA ALA V 78 -130.82 -27.54 13.92
C ALA V 78 -129.86 -28.20 12.95
N GLU V 79 -128.66 -27.65 12.83
CA GLU V 79 -127.77 -28.10 11.77
C GLU V 79 -127.38 -29.56 11.97
N GLY V 80 -127.37 -30.29 10.86
CA GLY V 80 -127.07 -31.71 10.88
C GLY V 80 -128.27 -32.61 10.70
N ILE V 81 -129.48 -32.07 10.74
CA ILE V 81 -130.69 -32.85 10.50
C ILE V 81 -130.94 -32.85 9.00
N HIS V 82 -131.34 -34.00 8.50
CA HIS V 82 -131.53 -34.21 7.07
C HIS V 82 -132.98 -34.59 6.82
N THR V 83 -133.45 -34.28 5.62
CA THR V 83 -134.83 -34.59 5.28
C THR V 83 -135.03 -36.10 5.29
N GLY V 84 -136.21 -36.53 5.72
CA GLY V 84 -136.50 -37.94 5.83
C GLY V 84 -136.13 -38.59 7.15
N GLN V 85 -135.45 -37.88 8.04
CA GLN V 85 -135.12 -38.43 9.35
C GLN V 85 -136.30 -38.21 10.29
N PHE V 86 -136.29 -38.95 11.40
CA PHE V 86 -137.35 -38.87 12.39
C PHE V 86 -136.98 -37.86 13.46
N VAL V 87 -137.97 -37.12 13.95
CA VAL V 87 -137.80 -36.24 15.09
C VAL V 87 -138.82 -36.62 16.14
N TYR V 88 -138.41 -36.55 17.39
CA TYR V 88 -139.24 -36.96 18.51
C TYR V 88 -139.30 -35.84 19.53
N CYS V 89 -140.50 -35.44 19.91
CA CYS V 89 -140.71 -34.33 20.85
C CYS V 89 -141.49 -34.85 22.05
N GLY V 90 -141.12 -34.38 23.22
CA GLY V 90 -141.77 -34.79 24.45
C GLY V 90 -140.75 -35.06 25.54
N LYS V 91 -141.26 -35.27 26.76
CA LYS V 91 -140.36 -35.43 27.90
C LYS V 91 -139.70 -36.80 27.90
N LYS V 92 -140.29 -37.79 27.22
CA LYS V 92 -139.66 -39.09 27.13
C LYS V 92 -138.83 -39.28 25.88
N ALA V 93 -138.75 -38.27 25.01
CA ALA V 93 -137.91 -38.38 23.83
C ALA V 93 -136.44 -38.18 24.21
N GLN V 94 -135.62 -39.15 23.87
CA GLN V 94 -134.24 -39.11 24.32
C GLN V 94 -133.48 -37.98 23.64
N LEU V 95 -132.46 -37.47 24.34
CA LEU V 95 -131.71 -36.33 23.86
C LEU V 95 -130.79 -36.77 22.73
N ASN V 96 -131.27 -36.61 21.50
CA ASN V 96 -130.49 -36.88 20.30
C ASN V 96 -130.70 -35.69 19.39
N ILE V 97 -129.72 -35.45 18.52
CA ILE V 97 -129.64 -34.19 17.77
C ILE V 97 -130.96 -33.94 17.05
N GLY V 98 -131.52 -32.73 17.24
CA GLY V 98 -132.73 -32.32 16.57
C GLY V 98 -134.02 -32.58 17.33
N ASN V 99 -133.98 -33.36 18.40
CA ASN V 99 -135.19 -33.67 19.14
C ASN V 99 -135.61 -32.48 19.99
N VAL V 100 -136.80 -32.59 20.57
CA VAL V 100 -137.38 -31.55 21.42
C VAL V 100 -137.75 -32.19 22.74
N LEU V 101 -137.38 -31.55 23.84
CA LEU V 101 -137.73 -32.07 25.16
C LEU V 101 -137.58 -30.97 26.19
N PRO V 102 -138.27 -31.06 27.33
CA PRO V 102 -138.16 -30.00 28.34
C PRO V 102 -136.73 -29.84 28.84
N VAL V 103 -136.38 -28.62 29.21
CA VAL V 103 -135.05 -28.37 29.75
C VAL V 103 -134.86 -29.09 31.07
N GLY V 104 -135.94 -29.31 31.84
CA GLY V 104 -135.80 -29.98 33.11
C GLY V 104 -135.32 -31.40 33.03
N THR V 105 -135.35 -32.01 31.85
CA THR V 105 -134.96 -33.40 31.69
C THR V 105 -133.69 -33.56 30.85
N MET V 106 -132.96 -32.47 30.61
CA MET V 106 -131.66 -32.59 29.97
C MET V 106 -130.59 -32.22 30.98
N PRO V 107 -129.50 -32.97 31.05
CA PRO V 107 -128.46 -32.69 32.04
C PRO V 107 -127.79 -31.34 31.77
N GLU V 108 -127.09 -30.86 32.79
CA GLU V 108 -126.72 -29.45 32.83
C GLU V 108 -125.49 -29.16 32.00
N GLY V 109 -125.43 -29.65 30.78
CA GLY V 109 -124.37 -29.24 29.87
C GLY V 109 -124.78 -29.21 28.43
N THR V 110 -126.08 -29.36 28.17
CA THR V 110 -126.58 -29.65 26.83
C THR V 110 -126.64 -28.37 26.02
N ILE V 111 -126.38 -28.50 24.71
CA ILE V 111 -126.45 -27.36 23.82
C ILE V 111 -127.79 -27.41 23.11
N VAL V 112 -128.54 -26.31 23.16
CA VAL V 112 -129.94 -26.33 22.74
C VAL V 112 -130.25 -25.04 21.97
N CYS V 113 -131.24 -25.12 21.08
CA CYS V 113 -131.33 -24.14 20.00
C CYS V 113 -132.71 -23.54 19.73
N CYS V 114 -133.71 -23.78 20.59
CA CYS V 114 -134.96 -23.02 20.43
C CYS V 114 -135.70 -23.04 21.75
N LEU V 115 -135.57 -21.99 22.55
CA LEU V 115 -136.08 -22.02 23.91
C LEU V 115 -137.50 -21.49 23.96
N GLU V 116 -138.13 -21.76 25.10
CA GLU V 116 -139.40 -21.15 25.46
C GLU V 116 -139.15 -20.19 26.62
N GLU V 117 -139.54 -18.93 26.46
CA GLU V 117 -139.53 -18.04 27.61
C GLU V 117 -140.49 -18.53 28.68
N LYS V 118 -141.70 -18.91 28.28
CA LYS V 118 -142.75 -19.34 29.18
C LYS V 118 -143.22 -20.75 28.81
N PRO V 119 -143.69 -21.53 29.76
CA PRO V 119 -144.03 -22.93 29.48
C PRO V 119 -145.33 -23.08 28.73
N GLY V 120 -145.27 -23.04 27.40
CA GLY V 120 -146.48 -23.23 26.62
C GLY V 120 -146.51 -22.44 25.33
N ASP V 121 -145.68 -21.41 25.22
CA ASP V 121 -145.50 -20.73 23.95
C ASP V 121 -144.56 -21.57 23.09
N ARG V 122 -144.01 -20.98 22.05
CA ARG V 122 -143.15 -21.73 21.16
C ARG V 122 -141.72 -21.17 21.22
N GLY V 123 -140.86 -21.66 20.34
CA GLY V 123 -139.48 -21.22 20.33
C GLY V 123 -139.33 -19.72 20.23
N LYS V 124 -138.83 -19.08 21.29
CA LYS V 124 -138.60 -17.65 21.29
C LYS V 124 -137.14 -17.26 21.40
N LEU V 125 -136.29 -18.09 21.99
CA LEU V 125 -134.90 -17.73 22.23
C LEU V 125 -133.97 -18.56 21.36
N ALA V 126 -132.88 -17.93 20.93
CA ALA V 126 -131.81 -18.58 20.16
C ALA V 126 -132.36 -19.19 18.87
N ARG V 127 -132.89 -18.31 18.01
CA ARG V 127 -133.45 -18.74 16.75
C ARG V 127 -132.69 -18.24 15.54
N ALA V 128 -131.89 -17.19 15.68
CA ALA V 128 -131.10 -16.70 14.56
C ALA V 128 -130.03 -17.71 14.19
N SER V 129 -129.63 -17.68 12.92
CA SER V 129 -128.79 -18.73 12.38
C SER V 129 -127.48 -18.87 13.15
N GLY V 130 -127.14 -20.10 13.49
CA GLY V 130 -125.81 -20.40 13.98
C GLY V 130 -125.55 -20.11 15.44
N ASN V 131 -126.58 -19.90 16.25
CA ASN V 131 -126.39 -19.66 17.67
C ASN V 131 -127.23 -20.61 18.50
N TYR V 132 -126.94 -20.63 19.79
CA TYR V 132 -127.35 -21.74 20.65
C TYR V 132 -127.44 -21.24 22.08
N ALA V 133 -128.16 -22.00 22.90
CA ALA V 133 -128.30 -21.70 24.32
C ALA V 133 -127.85 -22.90 25.12
N THR V 134 -127.20 -22.62 26.25
CA THR V 134 -126.64 -23.65 27.11
C THR V 134 -127.47 -23.78 28.37
N VAL V 135 -127.69 -25.01 28.82
CA VAL V 135 -128.40 -25.29 30.05
C VAL V 135 -127.37 -25.33 31.16
N ILE V 136 -127.26 -24.25 31.92
CA ILE V 136 -126.24 -24.16 32.95
C ILE V 136 -126.52 -25.15 34.06
N SER V 137 -127.73 -25.14 34.60
CA SER V 137 -128.06 -26.00 35.74
C SER V 137 -129.56 -26.01 35.95
N HIS V 138 -130.02 -27.01 36.69
CA HIS V 138 -131.38 -27.06 37.20
C HIS V 138 -131.36 -26.81 38.70
N ASN V 139 -132.54 -26.85 39.29
CA ASN V 139 -132.68 -26.96 40.73
C ASN V 139 -133.85 -27.89 41.04
N PRO V 140 -133.76 -28.65 42.12
CA PRO V 140 -134.81 -29.65 42.41
C PRO V 140 -136.15 -29.01 42.68
N GLU V 141 -136.19 -28.09 43.64
CA GLU V 141 -137.43 -27.41 43.99
C GLU V 141 -137.63 -26.21 43.07
N THR V 142 -138.86 -25.68 43.08
CA THR V 142 -139.30 -24.50 42.35
C THR V 142 -139.32 -24.69 40.83
N LYS V 143 -138.84 -25.83 40.33
CA LYS V 143 -138.91 -26.15 38.90
C LYS V 143 -138.33 -25.04 38.04
N LYS V 144 -137.03 -24.80 38.21
CA LYS V 144 -136.33 -23.73 37.53
C LYS V 144 -135.00 -24.24 36.99
N THR V 145 -134.64 -23.79 35.80
CA THR V 145 -133.30 -24.04 35.26
C THR V 145 -132.72 -22.73 34.77
N ARG V 146 -131.47 -22.47 35.13
CA ARG V 146 -130.75 -21.32 34.62
C ARG V 146 -130.04 -21.69 33.34
N VAL V 147 -130.25 -20.90 32.29
CA VAL V 147 -129.67 -21.17 30.99
C VAL V 147 -128.92 -19.94 30.51
N LYS V 148 -127.95 -20.18 29.62
CA LYS V 148 -127.08 -19.12 29.12
C LYS V 148 -127.50 -18.77 27.70
N LEU V 149 -127.91 -17.53 27.51
CA LEU V 149 -128.48 -17.08 26.25
C LEU V 149 -127.38 -16.68 25.28
N PRO V 150 -127.69 -16.61 23.98
CA PRO V 150 -126.66 -16.25 23.00
C PRO V 150 -126.04 -14.89 23.23
N SER V 151 -126.71 -14.00 23.96
CA SER V 151 -126.10 -12.74 24.34
C SER V 151 -125.15 -12.88 25.52
N GLY V 152 -124.97 -14.09 26.05
CA GLY V 152 -124.17 -14.28 27.23
C GLY V 152 -124.89 -13.99 28.53
N SER V 153 -126.18 -13.69 28.47
CA SER V 153 -126.92 -13.38 29.69
C SER V 153 -127.30 -14.65 30.43
N LYS V 154 -127.23 -14.58 31.76
CA LYS V 154 -127.66 -15.65 32.64
C LYS V 154 -129.11 -15.37 33.02
N LYS V 155 -130.04 -16.21 32.59
CA LYS V 155 -131.43 -16.03 32.93
C LYS V 155 -132.00 -17.34 33.46
N VAL V 156 -132.95 -17.22 34.39
CA VAL V 156 -133.56 -18.37 35.05
C VAL V 156 -134.90 -18.64 34.39
N ILE V 157 -135.16 -19.92 34.11
CA ILE V 157 -136.22 -20.33 33.21
C ILE V 157 -136.97 -21.52 33.80
N SER V 158 -138.28 -21.50 33.61
CA SER V 158 -139.13 -22.58 34.11
C SER V 158 -138.69 -23.92 33.53
N SER V 159 -138.63 -24.94 34.39
CA SER V 159 -138.04 -26.21 34.00
C SER V 159 -138.88 -26.95 32.97
N ALA V 160 -140.13 -26.56 32.76
CA ALA V 160 -140.99 -27.27 31.82
C ALA V 160 -140.87 -26.74 30.40
N ASN V 161 -139.94 -25.84 30.15
CA ASN V 161 -139.85 -25.22 28.83
C ASN V 161 -139.22 -26.19 27.82
N ARG V 162 -139.92 -26.43 26.72
CA ARG V 162 -139.39 -27.28 25.68
C ARG V 162 -138.38 -26.53 24.83
N ALA V 163 -137.45 -27.29 24.24
CA ALA V 163 -136.43 -26.68 23.39
C ALA V 163 -135.85 -27.75 22.48
N VAL V 164 -135.27 -27.29 21.37
CA VAL V 164 -134.73 -28.17 20.33
C VAL V 164 -133.25 -28.33 20.57
N VAL V 165 -132.83 -29.56 20.87
CA VAL V 165 -131.42 -29.80 21.15
C VAL V 165 -130.60 -29.67 19.87
N GLY V 166 -129.49 -28.95 19.96
CA GLY V 166 -128.62 -28.74 18.84
C GLY V 166 -128.29 -27.27 18.70
N VAL V 167 -127.77 -26.92 17.54
CA VAL V 167 -127.48 -25.53 17.19
C VAL V 167 -128.09 -25.25 15.82
N VAL V 168 -128.80 -24.13 15.71
CA VAL V 168 -129.53 -23.83 14.50
C VAL V 168 -128.58 -23.66 13.32
N ALA V 169 -128.97 -24.21 12.18
CA ALA V 169 -128.14 -24.15 10.98
C ALA V 169 -128.06 -22.71 10.47
N GLY V 170 -127.13 -22.50 9.55
CA GLY V 170 -126.78 -21.17 9.06
C GLY V 170 -125.32 -20.82 9.32
N GLY V 171 -124.79 -21.22 10.47
CA GLY V 171 -123.38 -21.10 10.77
C GLY V 171 -122.86 -19.69 10.57
N GLY V 172 -121.57 -19.59 10.27
CA GLY V 172 -120.92 -18.31 10.19
C GLY V 172 -121.31 -17.50 8.97
N ARG V 173 -122.55 -17.00 8.97
CA ARG V 173 -123.02 -16.22 7.83
C ARG V 173 -122.29 -14.88 7.74
N ILE V 174 -121.88 -14.32 8.89
CA ILE V 174 -121.30 -12.99 8.89
C ILE V 174 -119.91 -12.98 8.28
N ASP V 175 -119.18 -14.09 8.36
CA ASP V 175 -117.77 -14.10 7.99
C ASP V 175 -117.57 -13.62 6.55
N LYS V 176 -118.50 -13.95 5.68
CA LYS V 176 -118.38 -13.50 4.31
C LYS V 176 -118.84 -12.05 4.23
N PRO V 177 -117.97 -11.12 3.88
CA PRO V 177 -118.38 -9.72 3.80
C PRO V 177 -119.43 -9.53 2.71
N ILE V 178 -120.34 -8.58 2.96
CA ILE V 178 -121.37 -8.28 1.99
C ILE V 178 -120.73 -7.87 0.67
N LEU V 179 -119.59 -7.19 0.74
CA LEU V 179 -118.65 -7.07 -0.37
C LEU V 179 -119.17 -6.18 -1.47
N LYS V 180 -120.39 -5.66 -1.37
CA LYS V 180 -121.01 -4.95 -2.48
C LYS V 180 -122.20 -4.17 -1.97
N ALA V 181 -122.37 -2.95 -2.48
CA ALA V 181 -123.55 -2.17 -2.14
C ALA V 181 -124.82 -2.88 -2.62
N GLY V 182 -124.74 -3.51 -3.78
CA GLY V 182 -125.91 -4.22 -4.30
C GLY V 182 -126.29 -5.41 -3.44
N ARG V 183 -125.31 -6.20 -3.02
CA ARG V 183 -125.61 -7.37 -2.20
C ARG V 183 -126.32 -6.96 -0.92
N ALA V 184 -125.92 -5.84 -0.32
CA ALA V 184 -126.62 -5.33 0.85
C ALA V 184 -128.05 -4.94 0.49
N TYR V 185 -128.24 -4.36 -0.70
CA TYR V 185 -129.58 -3.97 -1.13
C TYR V 185 -130.50 -5.17 -1.22
N HIS V 186 -129.99 -6.25 -1.81
CA HIS V 186 -130.82 -7.45 -1.96
C HIS V 186 -131.11 -8.09 -0.62
N LYS V 187 -130.14 -8.06 0.31
CA LYS V 187 -130.36 -8.64 1.63
C LYS V 187 -131.49 -7.91 2.35
N TYR V 188 -131.51 -6.59 2.28
CA TYR V 188 -132.51 -5.81 3.01
C TYR V 188 -133.80 -5.62 2.22
N LYS V 189 -133.83 -6.00 0.95
CA LYS V 189 -135.09 -5.94 0.22
C LYS V 189 -136.07 -6.98 0.76
N ALA V 190 -135.55 -8.16 1.14
CA ALA V 190 -136.40 -9.18 1.73
C ALA V 190 -136.68 -8.94 3.20
N LYS V 191 -135.89 -8.10 3.87
CA LYS V 191 -136.15 -7.83 5.28
C LYS V 191 -137.22 -6.76 5.46
N ARG V 192 -136.89 -5.53 5.10
CA ARG V 192 -137.77 -4.37 5.28
C ARG V 192 -137.02 -3.15 4.75
N ASN V 193 -137.72 -2.02 4.67
CA ASN V 193 -137.12 -0.77 4.18
C ASN V 193 -136.37 -0.13 5.35
N CYS V 194 -135.09 -0.47 5.47
CA CYS V 194 -134.25 0.16 6.48
C CYS V 194 -132.81 0.36 6.03
N TRP V 195 -132.44 0.00 4.79
CA TRP V 195 -131.03 -0.15 4.48
C TRP V 195 -130.29 1.16 4.33
N PRO V 196 -130.59 2.02 3.35
CA PRO V 196 -129.69 3.15 3.08
C PRO V 196 -129.81 4.14 4.23
N ARG V 197 -128.85 4.10 5.13
CA ARG V 197 -128.87 4.93 6.32
C ARG V 197 -128.12 6.23 6.05
N VAL V 198 -128.86 7.33 6.07
CA VAL V 198 -128.28 8.66 5.93
C VAL V 198 -127.84 9.12 7.32
N ARG V 199 -126.60 9.55 7.43
CA ARG V 199 -126.08 10.00 8.71
C ARG V 199 -126.76 11.29 9.12
N GLY V 200 -127.10 11.39 10.41
CA GLY V 200 -127.78 12.57 10.88
C GLY V 200 -126.99 13.84 10.66
N VAL V 201 -125.66 13.75 10.70
CA VAL V 201 -124.83 14.93 10.44
C VAL V 201 -125.02 15.40 9.01
N ALA V 202 -125.32 14.48 8.09
CA ALA V 202 -125.54 14.84 6.71
C ALA V 202 -126.95 15.34 6.47
N MET V 203 -127.78 15.40 7.51
CA MET V 203 -129.16 15.81 7.37
C MET V 203 -129.28 17.31 7.64
N ASN V 204 -130.50 17.79 7.65
CA ASN V 204 -130.70 19.18 8.02
C ASN V 204 -131.30 19.27 9.41
N PRO V 205 -131.14 20.41 10.09
CA PRO V 205 -131.48 20.46 11.52
C PRO V 205 -132.94 20.17 11.82
N VAL V 206 -133.83 20.23 10.84
CA VAL V 206 -135.22 19.89 11.10
C VAL V 206 -135.40 18.39 11.29
N GLU V 207 -134.68 17.57 10.53
CA GLU V 207 -134.90 16.13 10.52
C GLU V 207 -134.00 15.40 11.49
N HIS V 208 -133.14 16.10 12.23
CA HIS V 208 -132.28 15.39 13.15
C HIS V 208 -131.68 16.33 14.18
N PRO V 209 -131.51 15.88 15.42
CA PRO V 209 -130.80 16.72 16.40
C PRO V 209 -129.34 16.94 16.03
N PHE V 210 -128.82 16.19 15.07
CA PHE V 210 -127.44 16.33 14.65
C PHE V 210 -127.28 17.15 13.38
N GLY V 211 -128.36 17.45 12.68
CA GLY V 211 -128.24 18.12 11.41
C GLY V 211 -127.77 19.55 11.54
N GLY V 212 -127.46 20.15 10.39
CA GLY V 212 -127.05 21.54 10.35
C GLY V 212 -125.58 21.71 10.62
N GLY V 213 -125.13 22.95 10.41
CA GLY V 213 -123.74 23.30 10.63
C GLY V 213 -122.93 23.37 9.35
N ASN V 214 -122.07 24.38 9.25
CA ASN V 214 -121.20 24.46 8.08
C ASN V 214 -120.20 23.33 8.05
N HIS V 215 -119.80 22.84 9.21
CA HIS V 215 -118.99 21.63 9.30
C HIS V 215 -119.85 20.46 9.73
N GLN V 216 -119.50 19.28 9.24
CA GLN V 216 -120.28 18.09 9.51
C GLN V 216 -119.96 17.52 10.89
N HIS V 217 -120.49 18.16 11.93
CA HIS V 217 -120.23 17.80 13.31
C HIS V 217 -121.53 17.77 14.08
N ILE V 218 -121.63 16.86 15.06
CA ILE V 218 -122.90 16.69 15.75
C ILE V 218 -123.10 17.80 16.78
N GLY V 219 -122.02 18.42 17.23
CA GLY V 219 -122.11 19.61 18.04
C GLY V 219 -122.58 19.43 19.46
N LYS V 220 -123.24 18.33 19.77
CA LYS V 220 -123.71 18.06 21.13
C LYS V 220 -123.30 16.65 21.49
N PRO V 221 -123.16 16.34 22.78
CA PRO V 221 -122.75 14.99 23.16
C PRO V 221 -123.68 13.94 22.59
N SER V 222 -123.09 12.89 22.02
CA SER V 222 -123.90 11.86 21.38
C SER V 222 -124.61 10.97 22.38
N THR V 223 -123.95 10.64 23.49
CA THR V 223 -124.58 9.80 24.51
C THR V 223 -125.74 10.55 25.14
N ILE V 224 -126.96 10.13 24.80
CA ILE V 224 -128.17 10.79 25.26
C ILE V 224 -128.81 9.93 26.33
N ARG V 225 -129.49 10.59 27.27
CA ARG V 225 -130.05 9.89 28.42
C ARG V 225 -131.20 8.99 28.00
N ARG V 226 -131.51 8.03 28.88
CA ARG V 226 -132.53 7.03 28.55
C ARG V 226 -133.90 7.66 28.43
N ASP V 227 -134.23 8.62 29.28
CA ASP V 227 -135.55 9.23 29.32
C ASP V 227 -135.71 10.36 28.33
N ALA V 228 -134.83 10.47 27.33
CA ALA V 228 -134.95 11.55 26.37
C ALA V 228 -136.26 11.44 25.60
N PRO V 229 -136.86 12.57 25.23
CA PRO V 229 -138.13 12.52 24.52
C PRO V 229 -137.98 11.83 23.17
N ALA V 230 -139.04 11.15 22.76
CA ALA V 230 -139.05 10.56 21.43
C ALA V 230 -138.82 11.65 20.39
N GLY V 231 -137.94 11.38 19.45
CA GLY V 231 -137.51 12.40 18.53
C GLY V 231 -136.27 13.15 18.95
N ARG V 232 -135.72 12.85 20.11
CA ARG V 232 -134.47 13.43 20.56
C ARG V 232 -133.41 12.39 20.87
N LYS V 233 -133.78 11.23 21.41
CA LYS V 233 -132.78 10.23 21.73
C LYS V 233 -132.26 9.62 20.44
N VAL V 234 -131.02 9.96 20.08
CA VAL V 234 -130.34 9.44 18.92
C VAL V 234 -128.88 9.20 19.31
N GLY V 235 -128.17 8.52 18.43
CA GLY V 235 -126.80 8.16 18.76
C GLY V 235 -126.76 7.12 19.86
N LEU V 236 -125.88 7.32 20.83
CA LEU V 236 -125.70 6.37 21.91
C LEU V 236 -126.77 6.60 22.96
N ILE V 237 -127.64 5.61 23.15
CA ILE V 237 -128.77 5.73 24.06
C ILE V 237 -128.39 5.09 25.38
N ALA V 238 -128.35 5.89 26.44
CA ALA V 238 -128.07 5.40 27.80
C ALA V 238 -126.77 4.62 27.85
N ALA V 239 -125.77 5.09 27.12
CA ALA V 239 -124.51 4.37 27.02
C ALA V 239 -123.71 4.47 28.31
N ARG V 240 -123.29 3.31 28.83
CA ARG V 240 -122.44 3.24 30.00
C ARG V 240 -121.02 3.67 29.69
N ARG V 241 -120.49 3.26 28.55
CA ARG V 241 -119.12 3.55 28.16
C ARG V 241 -119.09 3.71 26.65
N THR V 242 -118.05 4.37 26.16
CA THR V 242 -117.83 4.51 24.72
C THR V 242 -116.37 4.25 24.42
N GLY V 243 -116.03 4.21 23.15
CA GLY V 243 -114.64 4.18 22.75
C GLY V 243 -114.10 2.82 22.34
N ARG V 244 -112.79 2.66 22.51
CA ARG V 244 -112.04 1.53 21.95
C ARG V 244 -112.53 0.18 22.43
N LEU V 245 -113.19 0.12 23.59
CA LEU V 245 -113.58 -1.15 24.23
C LEU V 245 -112.36 -2.04 24.43
N ARG V 246 -111.45 -1.53 25.25
CA ARG V 246 -110.25 -2.26 25.63
C ARG V 246 -110.44 -2.78 27.06
N GLY V 247 -110.45 -4.11 27.21
CA GLY V 247 -110.65 -4.71 28.51
C GLY V 247 -111.57 -5.91 28.49
N THR V 248 -112.29 -6.08 27.40
CA THR V 248 -113.18 -7.22 27.23
C THR V 248 -113.53 -7.41 25.76
N SER W 1 -112.45 56.32 -20.97
CA SER W 1 -111.46 56.71 -19.98
C SER W 1 -110.18 55.95 -20.20
N HIS W 2 -109.23 56.58 -20.91
CA HIS W 2 -107.86 56.08 -20.98
C HIS W 2 -107.84 54.66 -21.55
N ARG W 3 -108.12 54.58 -22.85
CA ARG W 3 -108.34 53.32 -23.57
C ARG W 3 -107.26 52.28 -23.29
N LYS W 4 -106.12 52.71 -22.75
CA LYS W 4 -105.09 51.85 -22.15
C LYS W 4 -104.27 51.11 -23.20
N PHE W 5 -104.68 51.21 -24.46
CA PHE W 5 -103.87 50.67 -25.56
C PHE W 5 -104.18 51.51 -26.80
N SER W 6 -103.27 52.42 -27.11
CA SER W 6 -103.47 53.30 -28.25
C SER W 6 -103.49 52.49 -29.54
N ALA W 7 -104.38 52.85 -30.45
CA ALA W 7 -104.43 52.24 -31.76
C ALA W 7 -105.01 53.26 -32.74
N PRO W 8 -104.46 53.36 -33.95
CA PRO W 8 -105.00 54.32 -34.92
C PRO W 8 -106.42 53.96 -35.32
N ARG W 9 -107.20 54.99 -35.66
CA ARG W 9 -108.59 54.80 -36.04
C ARG W 9 -108.68 54.05 -37.37
N HIS W 10 -109.81 53.38 -37.56
CA HIS W 10 -110.07 52.65 -38.79
C HIS W 10 -110.75 53.56 -39.79
N GLY W 11 -110.33 53.48 -41.04
CA GLY W 11 -110.90 54.29 -42.10
C GLY W 11 -110.50 55.75 -41.97
N SER W 12 -110.76 56.49 -43.05
CA SER W 12 -110.35 57.88 -43.16
C SER W 12 -111.55 58.80 -43.00
N LEU W 13 -111.38 59.86 -42.21
CA LEU W 13 -112.43 60.84 -41.99
C LEU W 13 -112.51 61.88 -43.09
N GLY W 14 -111.63 61.82 -44.09
CA GLY W 14 -111.65 62.72 -45.22
C GLY W 14 -112.33 62.15 -46.44
N PHE W 15 -113.14 61.11 -46.30
CA PHE W 15 -113.75 60.43 -47.44
C PHE W 15 -115.22 60.13 -47.18
N LEU W 16 -115.78 60.54 -46.04
CA LEU W 16 -116.84 59.66 -45.59
C LEU W 16 -118.25 60.25 -45.54
N PRO W 17 -118.69 60.92 -46.58
CA PRO W 17 -120.03 60.61 -47.05
C PRO W 17 -119.86 59.38 -47.90
N ARG W 18 -120.12 58.20 -47.33
CA ARG W 18 -119.72 56.95 -47.99
C ARG W 18 -120.89 56.41 -48.79
N LYS W 19 -121.44 57.29 -49.61
CA LYS W 19 -122.64 57.05 -50.39
C LYS W 19 -122.28 56.70 -51.83
N ARG W 20 -123.26 56.19 -52.55
CA ARG W 20 -123.09 56.04 -53.99
C ARG W 20 -122.84 57.40 -54.62
N SER W 21 -121.91 57.44 -55.56
CA SER W 21 -121.59 58.68 -56.23
C SER W 21 -122.82 59.24 -56.93
N SER W 22 -123.01 60.54 -56.83
CA SER W 22 -124.12 61.17 -57.55
C SER W 22 -123.86 61.25 -59.03
N ARG W 23 -122.77 60.66 -59.51
CA ARG W 23 -122.43 60.64 -60.92
C ARG W 23 -121.76 59.32 -61.25
N HIS W 24 -121.81 58.97 -62.53
CA HIS W 24 -121.17 57.76 -63.03
C HIS W 24 -119.89 58.02 -63.80
N ARG W 25 -119.77 59.17 -64.46
CA ARG W 25 -118.62 59.43 -65.31
C ARG W 25 -117.39 59.76 -64.46
N GLY W 26 -117.54 60.58 -63.43
CA GLY W 26 -116.40 60.98 -62.63
C GLY W 26 -115.93 62.38 -62.97
N LYS W 27 -116.30 63.36 -62.15
CA LYS W 27 -116.03 64.76 -62.42
C LYS W 27 -114.61 65.10 -62.00
N VAL W 28 -113.98 66.00 -62.77
CA VAL W 28 -112.59 66.35 -62.54
C VAL W 28 -112.42 67.10 -61.23
N LYS W 29 -113.21 68.15 -61.03
CA LYS W 29 -113.27 68.93 -59.80
C LYS W 29 -112.04 69.80 -59.59
N SER W 30 -111.00 69.61 -60.41
CA SER W 30 -109.83 70.48 -60.36
C SER W 30 -109.04 70.28 -61.65
N PHE W 31 -109.04 71.29 -62.49
CA PHE W 31 -108.19 71.26 -63.67
C PHE W 31 -106.84 71.90 -63.37
N PRO W 32 -105.79 71.51 -64.08
CA PRO W 32 -104.47 72.03 -63.78
C PRO W 32 -104.42 73.54 -63.92
N LYS W 33 -103.61 74.16 -63.07
CA LYS W 33 -103.45 75.61 -63.10
C LYS W 33 -102.99 76.07 -64.47
N ASP W 34 -103.65 77.10 -64.98
CA ASP W 34 -103.37 77.62 -66.31
C ASP W 34 -102.32 78.71 -66.24
N ASP W 35 -101.41 78.72 -67.22
CA ASP W 35 -100.49 79.80 -67.42
C ASP W 35 -100.33 80.06 -68.92
N PRO W 36 -100.50 81.31 -69.36
CA PRO W 36 -100.53 81.61 -70.80
C PRO W 36 -99.24 81.31 -71.53
N SER W 37 -98.10 81.19 -70.83
CA SER W 37 -96.83 80.99 -71.52
C SER W 37 -96.81 79.68 -72.29
N LYS W 38 -97.51 78.67 -71.79
CA LYS W 38 -97.50 77.37 -72.43
C LYS W 38 -98.29 77.39 -73.73
N PRO W 39 -98.06 76.40 -74.60
CA PRO W 39 -98.90 76.26 -75.80
C PRO W 39 -100.31 75.85 -75.41
N VAL W 40 -101.23 76.06 -76.36
CA VAL W 40 -102.61 75.63 -76.14
C VAL W 40 -102.69 74.12 -76.17
N HIS W 41 -103.31 73.54 -75.15
CA HIS W 41 -103.40 72.09 -75.03
C HIS W 41 -104.60 71.75 -74.17
N LEU W 42 -105.01 70.49 -74.23
CA LEU W 42 -106.08 69.98 -73.38
C LEU W 42 -105.51 69.52 -72.04
N THR W 43 -106.41 69.29 -71.09
CA THR W 43 -106.01 68.88 -69.75
C THR W 43 -106.74 67.64 -69.25
N ALA W 44 -107.49 66.95 -70.09
CA ALA W 44 -108.25 65.79 -69.65
C ALA W 44 -108.58 64.94 -70.87
N PHE W 45 -109.10 63.75 -70.60
CA PHE W 45 -109.52 62.80 -71.63
C PHE W 45 -110.42 61.77 -70.99
N LEU W 46 -111.04 60.95 -71.83
CA LEU W 46 -111.93 59.90 -71.37
C LEU W 46 -111.45 58.56 -71.90
N GLY W 47 -111.58 57.52 -71.07
CA GLY W 47 -111.22 56.18 -71.48
C GLY W 47 -112.11 55.15 -70.80
N TYR W 48 -111.96 53.91 -71.26
CA TYR W 48 -112.75 52.81 -70.75
C TYR W 48 -111.82 51.69 -70.30
N LYS W 49 -111.95 51.27 -69.05
CA LYS W 49 -111.04 50.28 -68.48
C LYS W 49 -111.27 48.93 -69.15
N ALA W 50 -110.33 48.56 -70.04
CA ALA W 50 -110.47 47.30 -70.77
C ALA W 50 -110.14 46.11 -69.89
N GLY W 51 -108.94 46.08 -69.35
CA GLY W 51 -108.47 44.98 -68.51
C GLY W 51 -107.13 45.36 -67.93
N MET W 52 -106.31 44.34 -67.68
CA MET W 52 -104.96 44.61 -67.25
C MET W 52 -104.08 43.39 -67.47
N THR W 53 -102.82 43.64 -67.77
CA THR W 53 -101.83 42.61 -68.01
C THR W 53 -100.62 42.93 -67.14
N HIS W 54 -99.56 42.15 -67.28
CA HIS W 54 -98.27 42.52 -66.74
C HIS W 54 -97.28 42.63 -67.89
N ILE W 55 -96.24 43.43 -67.68
CA ILE W 55 -95.24 43.67 -68.71
C ILE W 55 -93.86 43.45 -68.13
N VAL W 56 -92.90 43.21 -69.01
CA VAL W 56 -91.50 43.02 -68.64
C VAL W 56 -90.74 44.25 -69.10
N ARG W 57 -89.99 44.85 -68.17
CA ARG W 57 -89.33 46.12 -68.44
C ARG W 57 -87.98 46.14 -67.74
N GLU W 58 -86.99 46.71 -68.42
CA GLU W 58 -85.68 46.93 -67.84
C GLU W 58 -85.69 48.23 -67.05
N VAL W 59 -85.24 48.17 -65.81
CA VAL W 59 -85.29 49.30 -64.89
C VAL W 59 -83.91 49.94 -64.82
N ASP W 60 -83.87 51.27 -64.90
CA ASP W 60 -82.63 52.04 -64.74
C ASP W 60 -82.84 53.07 -63.63
N ARG W 61 -82.58 52.66 -62.40
CA ARG W 61 -82.73 53.53 -61.24
C ARG W 61 -81.43 53.54 -60.46
N PRO W 62 -80.56 54.53 -60.68
CA PRO W 62 -79.22 54.49 -60.07
C PRO W 62 -79.31 54.47 -58.55
N GLY W 63 -78.61 53.49 -57.96
CA GLY W 63 -78.65 53.29 -56.54
C GLY W 63 -79.65 52.27 -56.05
N SER W 64 -80.56 51.82 -56.92
CA SER W 64 -81.54 50.81 -56.56
C SER W 64 -80.98 49.41 -56.77
N LYS W 65 -81.67 48.42 -56.22
CA LYS W 65 -81.28 47.04 -56.45
C LYS W 65 -81.75 46.53 -57.80
N VAL W 66 -82.58 47.30 -58.51
CA VAL W 66 -83.14 46.88 -59.78
C VAL W 66 -82.48 47.58 -60.96
N ASN W 67 -81.29 48.15 -60.76
CA ASN W 67 -80.57 48.77 -61.86
C ASN W 67 -80.26 47.76 -62.93
N LYS W 68 -80.57 48.11 -64.18
CA LYS W 68 -80.24 47.29 -65.34
C LYS W 68 -80.69 45.84 -65.15
N LYS W 69 -81.74 45.64 -64.36
CA LYS W 69 -82.33 44.32 -64.15
C LYS W 69 -83.80 44.38 -64.51
N GLU W 70 -84.23 43.51 -65.41
CA GLU W 70 -85.60 43.54 -65.88
C GLU W 70 -86.54 43.11 -64.76
N VAL W 71 -87.64 43.84 -64.61
CA VAL W 71 -88.66 43.53 -63.63
C VAL W 71 -90.00 43.48 -64.34
N VAL W 72 -90.96 42.81 -63.72
CA VAL W 72 -92.31 42.73 -64.27
C VAL W 72 -93.21 43.61 -63.43
N GLU W 73 -94.18 44.23 -64.10
CA GLU W 73 -95.07 45.19 -63.46
C GLU W 73 -96.47 45.01 -64.02
N ALA W 74 -97.47 45.13 -63.15
CA ALA W 74 -98.85 45.08 -63.60
C ALA W 74 -99.23 46.41 -64.26
N VAL W 75 -99.87 46.33 -65.42
CA VAL W 75 -100.30 47.53 -66.13
C VAL W 75 -101.78 47.41 -66.43
N THR W 76 -102.51 48.50 -66.23
CA THR W 76 -103.93 48.56 -66.55
C THR W 76 -104.08 49.17 -67.94
N ILE W 77 -105.02 48.66 -68.71
CA ILE W 77 -105.09 48.93 -70.14
C ILE W 77 -106.39 49.69 -70.41
N VAL W 78 -106.27 50.93 -70.86
CA VAL W 78 -107.42 51.82 -71.02
C VAL W 78 -107.59 52.14 -72.50
N GLU W 79 -108.76 51.84 -73.03
CA GLU W 79 -109.05 52.08 -74.44
C GLU W 79 -109.64 53.48 -74.60
N THR W 80 -108.95 54.33 -75.36
CA THR W 80 -109.33 55.73 -75.53
C THR W 80 -109.40 56.06 -77.02
N PRO W 81 -110.52 55.77 -77.67
CA PRO W 81 -110.69 56.22 -79.05
C PRO W 81 -110.74 57.73 -79.11
N PRO W 82 -110.32 58.34 -80.22
CA PRO W 82 -110.36 59.79 -80.33
C PRO W 82 -111.76 60.33 -80.15
N MET W 83 -111.88 61.39 -79.35
CA MET W 83 -113.16 62.00 -79.08
C MET W 83 -113.44 63.11 -80.08
N VAL W 84 -114.69 63.56 -80.11
CA VAL W 84 -115.12 64.63 -80.99
C VAL W 84 -115.52 65.82 -80.12
N VAL W 85 -114.89 66.96 -80.37
CA VAL W 85 -115.21 68.17 -79.62
C VAL W 85 -116.30 68.93 -80.36
N VAL W 86 -117.40 69.21 -79.67
CA VAL W 86 -118.60 69.74 -80.31
C VAL W 86 -119.06 71.07 -79.72
N GLY W 87 -118.56 71.47 -78.55
CA GLY W 87 -119.04 72.67 -77.91
C GLY W 87 -117.92 73.41 -77.22
N ILE W 88 -118.16 74.70 -76.99
CA ILE W 88 -117.20 75.58 -76.33
C ILE W 88 -117.91 76.29 -75.20
N VAL W 89 -117.34 76.25 -74.01
CA VAL W 89 -117.94 76.81 -72.80
C VAL W 89 -116.97 77.81 -72.18
N GLY W 90 -117.48 78.99 -71.86
CA GLY W 90 -116.68 80.02 -71.22
C GLY W 90 -117.21 80.36 -69.86
N TYR W 91 -116.31 80.76 -68.97
CA TYR W 91 -116.66 81.10 -67.59
C TYR W 91 -116.10 82.48 -67.25
N VAL W 92 -116.70 83.12 -66.25
CA VAL W 92 -116.18 84.37 -65.70
C VAL W 92 -116.00 84.18 -64.20
N GLU W 93 -115.03 84.90 -63.64
CA GLU W 93 -114.73 84.80 -62.22
C GLU W 93 -115.56 85.84 -61.47
N THR W 94 -116.71 85.42 -61.00
CA THR W 94 -117.48 86.25 -60.08
C THR W 94 -116.85 86.20 -58.70
N PRO W 95 -117.09 87.21 -57.86
CA PRO W 95 -116.71 87.10 -56.45
C PRO W 95 -117.44 85.99 -55.72
N ARG W 96 -118.40 85.34 -56.36
CA ARG W 96 -119.11 84.19 -55.80
C ARG W 96 -118.66 82.86 -56.41
N GLY W 97 -117.67 82.87 -57.28
CA GLY W 97 -117.20 81.64 -57.89
C GLY W 97 -116.99 81.75 -59.37
N LEU W 98 -117.21 80.64 -60.09
CA LEU W 98 -117.12 80.60 -61.54
C LEU W 98 -118.53 80.48 -62.10
N ARG W 99 -118.88 81.39 -63.02
CA ARG W 99 -120.18 81.39 -63.66
C ARG W 99 -120.02 80.98 -65.12
N THR W 100 -120.83 80.02 -65.55
CA THR W 100 -120.88 79.67 -66.97
C THR W 100 -121.42 80.88 -67.72
N PHE W 101 -120.60 81.45 -68.59
CA PHE W 101 -120.98 82.70 -69.24
C PHE W 101 -121.80 82.44 -70.50
N LYS W 102 -121.23 81.74 -71.46
CA LYS W 102 -121.93 81.42 -72.70
C LYS W 102 -121.63 79.99 -73.09
N THR W 103 -122.39 79.50 -74.06
CA THR W 103 -122.17 78.16 -74.61
C THR W 103 -122.48 78.16 -76.09
N VAL W 104 -121.62 77.53 -76.87
CA VAL W 104 -121.75 77.48 -78.32
C VAL W 104 -121.52 76.04 -78.76
N PHE W 105 -122.47 75.50 -79.53
CA PHE W 105 -122.37 74.15 -80.06
C PHE W 105 -122.22 74.18 -81.57
N ALA W 106 -121.35 73.32 -82.08
CA ALA W 106 -121.17 73.17 -83.52
C ALA W 106 -122.39 72.50 -84.13
N GLU W 107 -122.52 72.64 -85.44
CA GLU W 107 -123.61 71.97 -86.13
C GLU W 107 -123.27 70.50 -86.36
N HIS W 108 -124.28 69.74 -86.75
CA HIS W 108 -124.14 68.30 -87.00
C HIS W 108 -123.55 67.59 -85.78
N ILE W 109 -124.27 67.67 -84.66
CA ILE W 109 -123.89 66.89 -83.50
C ILE W 109 -124.03 65.42 -83.83
N SER W 110 -123.07 64.62 -83.39
CA SER W 110 -123.08 63.20 -83.75
C SER W 110 -124.30 62.50 -83.18
N ASP W 111 -124.71 61.43 -83.84
CA ASP W 111 -125.90 60.70 -83.41
C ASP W 111 -125.72 60.14 -82.01
N GLU W 112 -124.55 59.60 -81.71
CA GLU W 112 -124.31 59.08 -80.38
C GLU W 112 -124.25 60.19 -79.34
N CYS W 113 -123.74 61.36 -79.74
CA CYS W 113 -123.73 62.49 -78.81
C CYS W 113 -125.14 62.97 -78.51
N LYS W 114 -125.97 63.10 -79.53
CA LYS W 114 -127.37 63.47 -79.31
C LYS W 114 -128.08 62.44 -78.44
N ARG W 115 -127.63 61.19 -78.49
CA ARG W 115 -128.27 60.15 -77.70
C ARG W 115 -128.13 60.40 -76.21
N ARG W 116 -127.12 61.18 -75.81
CA ARG W 116 -126.90 61.43 -74.39
C ARG W 116 -128.02 62.27 -73.79
N PHE W 117 -128.57 63.21 -74.57
CA PHE W 117 -129.53 64.16 -74.01
C PHE W 117 -130.86 63.48 -73.70
N TYR W 118 -131.10 62.28 -74.24
CA TYR W 118 -132.38 61.62 -74.06
C TYR W 118 -132.27 60.44 -73.11
N LYS W 119 -133.33 60.23 -72.33
CA LYS W 119 -133.39 59.04 -71.49
C LYS W 119 -134.02 57.87 -72.25
N ASN W 120 -134.99 58.15 -73.12
CA ASN W 120 -135.59 57.17 -74.01
C ASN W 120 -135.27 57.60 -75.43
N TRP W 121 -134.12 57.19 -75.94
CA TRP W 121 -133.73 57.53 -77.31
C TRP W 121 -134.68 56.91 -78.31
N HIS W 122 -135.06 55.66 -78.09
CA HIS W 122 -135.84 54.91 -79.08
C HIS W 122 -137.24 55.51 -79.26
N LYS W 123 -137.88 55.89 -78.15
CA LYS W 123 -139.23 56.43 -78.23
C LYS W 123 -139.27 57.89 -78.64
N SER W 124 -138.12 58.55 -78.68
CA SER W 124 -138.09 59.95 -79.06
C SER W 124 -138.04 60.12 -80.57
N LYS W 125 -138.15 61.37 -81.01
CA LYS W 125 -138.03 61.71 -82.42
C LYS W 125 -136.72 62.42 -82.73
N LYS W 126 -135.73 62.33 -81.84
CA LYS W 126 -134.39 62.87 -82.02
C LYS W 126 -134.45 64.32 -82.52
N LYS W 127 -135.17 65.15 -81.78
CA LYS W 127 -135.35 66.55 -82.14
C LYS W 127 -134.35 67.48 -81.47
N ALA W 128 -133.39 66.94 -80.72
CA ALA W 128 -132.47 67.80 -79.99
C ALA W 128 -131.59 68.59 -80.95
N PHE W 129 -131.42 69.87 -80.64
CA PHE W 129 -130.53 70.79 -81.34
C PHE W 129 -130.94 71.03 -82.79
N THR W 130 -132.11 70.54 -83.21
CA THR W 130 -132.49 70.66 -84.61
C THR W 130 -132.64 72.12 -85.02
N LYS W 131 -133.26 72.93 -84.17
CA LYS W 131 -133.42 74.34 -84.51
C LYS W 131 -132.17 75.14 -84.19
N TYR W 132 -131.34 74.67 -83.26
CA TYR W 132 -130.10 75.36 -82.94
C TYR W 132 -129.14 75.35 -84.13
N CYS W 133 -129.00 74.21 -84.79
CA CYS W 133 -128.10 74.14 -85.94
C CYS W 133 -128.56 75.01 -87.09
N LYS W 134 -129.82 75.44 -87.09
CA LYS W 134 -130.27 76.36 -88.13
C LYS W 134 -129.57 77.71 -88.03
N LYS W 135 -129.27 78.17 -86.81
CA LYS W 135 -128.59 79.45 -86.69
C LYS W 135 -127.13 79.39 -87.10
N TRP W 136 -126.60 78.18 -87.34
CA TRP W 136 -125.27 78.07 -87.92
C TRP W 136 -125.28 78.31 -89.42
N GLN W 137 -126.44 78.29 -90.05
CA GLN W 137 -126.57 78.44 -91.50
C GLN W 137 -127.06 79.80 -91.94
N ASP W 138 -128.15 80.30 -91.34
CA ASP W 138 -128.68 81.59 -91.75
C ASP W 138 -127.75 82.72 -91.34
N GLU W 139 -127.94 83.88 -91.98
CA GLU W 139 -127.02 84.99 -91.79
C GLU W 139 -127.13 85.57 -90.39
N ASP W 140 -128.36 85.85 -89.94
CA ASP W 140 -128.55 86.49 -88.65
C ASP W 140 -128.10 85.60 -87.51
N GLY W 141 -128.28 84.29 -87.64
CA GLY W 141 -127.78 83.37 -86.63
C GLY W 141 -126.26 83.39 -86.54
N LYS W 142 -125.58 83.31 -87.68
CA LYS W 142 -124.12 83.33 -87.68
C LYS W 142 -123.59 84.65 -87.13
N LYS W 143 -124.22 85.77 -87.52
CA LYS W 143 -123.84 87.05 -86.96
C LYS W 143 -124.05 87.07 -85.45
N GLN W 144 -125.14 86.46 -84.98
CA GLN W 144 -125.35 86.32 -83.55
C GLN W 144 -124.27 85.46 -82.91
N LEU W 145 -123.87 84.38 -83.58
CA LEU W 145 -122.80 83.53 -83.06
C LEU W 145 -121.49 84.29 -82.99
N GLU W 146 -121.16 85.05 -84.03
CA GLU W 146 -119.92 85.82 -84.03
C GLU W 146 -119.90 86.84 -82.89
N LYS W 147 -121.07 87.35 -82.52
CA LYS W 147 -121.16 88.24 -81.38
C LYS W 147 -120.92 87.48 -80.07
N ASP W 148 -121.35 86.23 -80.02
CA ASP W 148 -121.15 85.42 -78.82
C ASP W 148 -119.67 85.18 -78.56
N PHE W 149 -118.90 84.92 -79.62
CA PHE W 149 -117.48 84.67 -79.44
C PHE W 149 -116.74 85.95 -79.07
N SER W 150 -117.18 87.09 -79.60
CA SER W 150 -116.57 88.36 -79.22
C SER W 150 -116.78 88.64 -77.75
N SER W 151 -117.98 88.38 -77.23
CA SER W 151 -118.23 88.59 -75.81
C SER W 151 -117.54 87.52 -74.97
N MET W 152 -117.46 86.30 -75.48
CA MET W 152 -116.67 85.26 -74.82
C MET W 152 -115.22 85.67 -74.73
N LYS W 153 -114.68 86.18 -75.84
CA LYS W 153 -113.27 86.56 -75.89
C LYS W 153 -112.99 87.74 -74.96
N LYS W 154 -113.91 88.69 -74.90
CA LYS W 154 -113.64 89.92 -74.18
C LYS W 154 -114.00 89.85 -72.70
N TYR W 155 -114.70 88.80 -72.26
CA TYR W 155 -115.14 88.72 -70.87
C TYR W 155 -114.62 87.48 -70.16
N CYS W 156 -114.70 86.32 -70.79
CA CYS W 156 -114.41 85.06 -70.11
C CYS W 156 -112.95 84.97 -69.72
N GLN W 157 -112.69 84.22 -68.65
CA GLN W 157 -111.35 84.04 -68.11
C GLN W 157 -110.84 82.61 -68.23
N VAL W 158 -111.73 81.63 -68.25
CA VAL W 158 -111.34 80.24 -68.44
C VAL W 158 -112.27 79.61 -69.46
N ILE W 159 -111.67 78.89 -70.41
CA ILE W 159 -112.38 78.32 -71.55
C ILE W 159 -112.28 76.81 -71.50
N ARG W 160 -113.41 76.15 -71.72
CA ARG W 160 -113.46 74.69 -71.80
C ARG W 160 -114.13 74.29 -73.10
N VAL W 161 -113.82 73.09 -73.56
CA VAL W 161 -114.41 72.54 -74.77
C VAL W 161 -115.22 71.31 -74.38
N ILE W 162 -116.46 71.24 -74.88
CA ILE W 162 -117.29 70.06 -74.69
C ILE W 162 -116.91 69.02 -75.73
N ALA W 163 -116.51 67.84 -75.27
CA ALA W 163 -116.12 66.76 -76.15
C ALA W 163 -116.85 65.50 -75.73
N HIS W 164 -117.31 64.75 -76.71
CA HIS W 164 -118.02 63.50 -76.48
C HIS W 164 -117.22 62.35 -77.05
N THR W 165 -117.31 61.20 -76.40
CA THR W 165 -116.57 60.03 -76.82
C THR W 165 -117.41 59.17 -77.75
N GLN W 166 -116.88 58.93 -78.95
CA GLN W 166 -117.57 58.10 -79.93
C GLN W 166 -117.45 56.65 -79.49
N MET W 167 -118.61 56.00 -79.36
CA MET W 167 -118.67 54.61 -78.92
C MET W 167 -119.15 53.66 -79.99
N ARG W 168 -119.20 54.10 -81.26
CA ARG W 168 -119.42 53.13 -82.34
C ARG W 168 -118.26 52.16 -82.44
N LEU W 169 -117.07 52.59 -82.04
CA LEU W 169 -115.86 51.78 -82.15
C LEU W 169 -115.60 50.95 -80.90
N LEU W 170 -116.51 50.99 -79.94
CA LEU W 170 -116.31 50.27 -78.69
C LEU W 170 -117.02 48.93 -78.75
N PRO W 171 -116.43 47.88 -78.14
CA PRO W 171 -117.12 46.61 -78.05
C PRO W 171 -118.23 46.57 -77.02
N LEU W 172 -118.58 47.71 -76.45
CA LEU W 172 -119.58 47.78 -75.40
C LEU W 172 -120.97 47.58 -75.98
N ARG W 173 -121.89 47.14 -75.13
CA ARG W 173 -123.30 47.10 -75.51
C ARG W 173 -123.88 48.51 -75.59
N GLN W 174 -123.39 49.42 -74.76
CA GLN W 174 -123.91 50.78 -74.73
C GLN W 174 -123.60 51.51 -76.02
N LYS W 175 -124.53 52.37 -76.43
CA LYS W 175 -124.37 53.21 -77.61
C LYS W 175 -124.39 54.69 -77.26
N LYS W 176 -124.63 55.05 -76.01
CA LYS W 176 -124.81 56.43 -75.59
C LYS W 176 -123.45 57.04 -75.27
N ALA W 177 -123.08 58.06 -76.04
CA ALA W 177 -121.77 58.67 -75.91
C ALA W 177 -121.65 59.39 -74.58
N HIS W 178 -120.41 59.48 -74.09
CA HIS W 178 -120.07 60.19 -72.87
C HIS W 178 -119.45 61.53 -73.25
N LEU W 179 -119.99 62.61 -72.69
CA LEU W 179 -119.50 63.94 -73.03
C LEU W 179 -119.15 64.71 -71.76
N MET W 180 -118.17 65.60 -71.88
CA MET W 180 -117.58 66.29 -70.75
C MET W 180 -116.84 67.51 -71.29
N GLU W 181 -116.48 68.41 -70.37
CA GLU W 181 -115.70 69.58 -70.74
C GLU W 181 -114.25 69.41 -70.29
N ILE W 182 -113.33 69.61 -71.22
CA ILE W 182 -111.90 69.58 -70.94
C ILE W 182 -111.40 71.02 -71.00
N GLN W 183 -110.88 71.52 -69.88
CA GLN W 183 -110.41 72.89 -69.84
C GLN W 183 -109.24 73.09 -70.80
N VAL W 184 -109.29 74.18 -71.55
CA VAL W 184 -108.27 74.53 -72.53
C VAL W 184 -107.28 75.48 -71.88
N ASN W 185 -106.07 74.99 -71.63
CA ASN W 185 -105.06 75.76 -70.90
C ASN W 185 -103.98 76.24 -71.87
N GLY W 186 -103.12 77.12 -71.37
CA GLY W 186 -101.94 77.51 -72.10
C GLY W 186 -102.13 78.54 -73.20
N GLY W 187 -102.50 79.76 -72.84
CA GLY W 187 -102.52 80.85 -73.79
C GLY W 187 -103.50 81.91 -73.37
N THR W 188 -103.44 83.03 -74.09
CA THR W 188 -104.41 84.09 -73.88
C THR W 188 -105.80 83.60 -74.26
N VAL W 189 -106.80 84.11 -73.55
CA VAL W 189 -108.18 83.62 -73.74
C VAL W 189 -108.62 83.82 -75.18
N ALA W 190 -108.16 84.91 -75.80
CA ALA W 190 -108.42 85.10 -77.22
C ALA W 190 -107.78 83.99 -78.05
N GLU W 191 -106.54 83.61 -77.71
CA GLU W 191 -105.80 82.67 -78.52
C GLU W 191 -106.35 81.25 -78.38
N LYS W 192 -106.78 80.88 -77.17
CA LYS W 192 -107.31 79.53 -76.97
C LYS W 192 -108.70 79.38 -77.57
N LEU W 193 -109.46 80.47 -77.69
CA LEU W 193 -110.76 80.38 -78.35
C LEU W 193 -110.60 80.08 -79.84
N ASP W 194 -109.66 80.75 -80.50
CA ASP W 194 -109.41 80.46 -81.92
C ASP W 194 -108.91 79.04 -82.10
N TRP W 195 -108.03 78.58 -81.20
CA TRP W 195 -107.58 77.20 -81.25
C TRP W 195 -108.74 76.23 -81.02
N ALA W 196 -109.78 76.67 -80.31
CA ALA W 196 -110.94 75.83 -80.06
C ALA W 196 -111.93 75.88 -81.22
N ARG W 197 -112.17 77.06 -81.79
CA ARG W 197 -113.08 77.17 -82.92
C ARG W 197 -112.58 76.38 -84.12
N GLU W 198 -111.26 76.35 -84.34
CA GLU W 198 -110.74 75.62 -85.47
C GLU W 198 -110.94 74.12 -85.33
N ARG W 199 -111.12 73.62 -84.10
CA ARG W 199 -111.30 72.20 -83.87
C ARG W 199 -112.74 71.82 -83.60
N LEU W 200 -113.68 72.76 -83.68
CA LEU W 200 -115.09 72.42 -83.53
C LEU W 200 -115.46 71.31 -84.51
N GLU W 201 -115.98 70.21 -83.97
CA GLU W 201 -116.43 69.07 -84.76
C GLU W 201 -115.25 68.32 -85.39
N GLN W 202 -114.14 68.28 -84.67
CA GLN W 202 -112.96 67.58 -85.16
C GLN W 202 -112.52 66.52 -84.17
N GLN W 203 -112.10 65.38 -84.71
CA GLN W 203 -111.61 64.29 -83.87
C GLN W 203 -110.33 64.69 -83.16
N VAL W 204 -110.16 64.22 -81.93
CA VAL W 204 -108.99 64.55 -81.13
C VAL W 204 -108.35 63.26 -80.63
N PRO W 205 -107.34 62.74 -81.32
CA PRO W 205 -106.68 61.51 -80.88
C PRO W 205 -105.96 61.73 -79.55
N VAL W 206 -105.86 60.66 -78.77
CA VAL W 206 -105.29 60.76 -77.43
C VAL W 206 -103.81 61.09 -77.43
N ASN W 207 -103.11 60.85 -78.55
CA ASN W 207 -101.68 61.13 -78.58
C ASN W 207 -101.40 62.62 -78.60
N GLN W 208 -102.41 63.45 -78.89
CA GLN W 208 -102.22 64.90 -78.85
C GLN W 208 -102.39 65.47 -77.45
N VAL W 209 -102.95 64.70 -76.51
CA VAL W 209 -103.20 65.17 -75.16
C VAL W 209 -102.11 64.73 -74.19
N PHE W 210 -101.76 63.45 -74.21
CA PHE W 210 -100.76 62.90 -73.31
C PHE W 210 -99.53 62.50 -74.11
N GLY W 211 -98.58 61.88 -73.42
CA GLY W 211 -97.34 61.47 -74.05
C GLY W 211 -96.75 60.25 -73.38
N GLN W 212 -95.69 59.75 -73.99
CA GLN W 212 -94.99 58.61 -73.42
C GLN W 212 -94.35 58.99 -72.08
N ASP W 213 -94.46 58.08 -71.12
CA ASP W 213 -93.82 58.23 -69.80
C ASP W 213 -94.24 59.53 -69.12
N GLU W 214 -95.53 59.81 -69.19
CA GLU W 214 -96.09 60.97 -68.51
C GLU W 214 -96.78 60.52 -67.23
N MET W 215 -96.91 61.45 -66.28
CA MET W 215 -97.58 61.22 -65.01
C MET W 215 -98.93 61.89 -65.05
N ILE W 216 -99.99 61.12 -64.83
CA ILE W 216 -101.35 61.62 -64.89
C ILE W 216 -102.09 61.20 -63.62
N ASP W 217 -103.25 61.81 -63.42
CA ASP W 217 -104.16 61.44 -62.36
C ASP W 217 -105.43 60.90 -63.02
N VAL W 218 -105.98 59.85 -62.43
CA VAL W 218 -107.15 59.17 -62.99
C VAL W 218 -108.35 59.44 -62.08
N ILE W 219 -109.50 59.60 -62.70
CA ILE W 219 -110.75 59.91 -62.01
C ILE W 219 -111.78 58.86 -62.40
N GLY W 220 -112.45 58.28 -61.41
CA GLY W 220 -113.43 57.27 -61.71
C GLY W 220 -114.28 56.95 -60.50
N VAL W 221 -115.06 55.88 -60.63
CA VAL W 221 -115.93 55.40 -59.56
C VAL W 221 -115.55 53.96 -59.25
N THR W 222 -115.36 53.66 -57.97
CA THR W 222 -114.94 52.32 -57.57
C THR W 222 -116.00 51.29 -57.92
N LYS W 223 -115.64 50.02 -57.80
CA LYS W 223 -116.59 48.94 -57.99
C LYS W 223 -117.63 48.98 -56.88
N GLY W 224 -118.85 48.57 -57.20
CA GLY W 224 -119.90 48.56 -56.20
C GLY W 224 -119.93 47.26 -55.43
N LYS W 225 -120.19 47.36 -54.13
CA LYS W 225 -120.29 46.20 -53.25
C LYS W 225 -121.59 46.15 -52.48
N GLY W 226 -122.49 47.12 -52.69
CA GLY W 226 -123.77 47.07 -52.03
C GLY W 226 -123.68 47.31 -50.54
N TYR W 227 -124.75 46.91 -49.85
CA TYR W 227 -124.80 47.02 -48.40
C TYR W 227 -123.76 46.12 -47.78
N LYS W 228 -122.80 46.71 -47.06
CA LYS W 228 -121.75 45.95 -46.41
C LYS W 228 -121.63 46.37 -44.96
N GLY W 229 -121.26 45.41 -44.11
CA GLY W 229 -121.14 45.67 -42.70
C GLY W 229 -119.81 46.32 -42.35
N VAL W 230 -119.64 46.57 -41.05
CA VAL W 230 -118.47 47.31 -40.58
C VAL W 230 -117.18 46.56 -40.87
N THR W 231 -117.18 45.24 -40.67
CA THR W 231 -115.95 44.48 -40.87
C THR W 231 -115.44 44.60 -42.30
N SER W 232 -116.35 44.72 -43.25
CA SER W 232 -115.93 44.85 -44.64
C SER W 232 -115.88 46.30 -45.09
N ARG W 233 -116.71 47.16 -44.49
CA ARG W 233 -116.73 48.56 -44.87
C ARG W 233 -115.61 49.36 -44.22
N TRP W 234 -115.07 48.89 -43.11
CA TRP W 234 -114.02 49.62 -42.41
C TRP W 234 -112.86 48.74 -41.97
N HIS W 235 -112.92 47.43 -42.20
CA HIS W 235 -111.86 46.52 -41.79
C HIS W 235 -111.59 46.62 -40.29
N THR W 236 -112.66 46.75 -39.51
CA THR W 236 -112.54 46.74 -38.07
C THR W 236 -112.25 45.33 -37.57
N LYS W 237 -111.91 45.24 -36.29
CA LYS W 237 -111.61 43.94 -35.70
C LYS W 237 -112.88 43.10 -35.59
N LYS W 238 -112.78 41.83 -35.97
CA LYS W 238 -113.88 40.92 -35.74
C LYS W 238 -113.94 40.53 -34.27
N LEU W 239 -115.10 40.32 -33.81
CA LEU W 239 -115.19 40.02 -32.40
C LEU W 239 -114.96 38.54 -32.15
N PRO W 240 -114.64 38.14 -30.92
CA PRO W 240 -114.34 36.73 -30.65
C PRO W 240 -115.46 35.80 -31.05
N ARG W 241 -115.13 34.52 -31.11
CA ARG W 241 -116.10 33.51 -31.55
C ARG W 241 -117.30 33.45 -30.60
N LYS W 242 -117.04 33.51 -29.29
CA LYS W 242 -118.10 33.38 -28.30
C LYS W 242 -118.66 34.78 -28.00
N THR W 243 -119.48 35.27 -28.91
CA THR W 243 -120.22 36.50 -28.72
C THR W 243 -121.67 36.27 -29.11
N HIS W 244 -122.59 36.81 -28.32
CA HIS W 244 -123.97 36.36 -28.40
C HIS W 244 -124.66 36.86 -29.66
N ARG W 245 -124.79 38.18 -29.79
CA ARG W 245 -125.63 38.76 -30.82
C ARG W 245 -124.92 38.87 -32.17
N GLY W 246 -123.64 38.53 -32.24
CA GLY W 246 -122.91 38.64 -33.49
C GLY W 246 -121.48 39.10 -33.30
N LEU W 247 -120.61 38.77 -34.25
CA LEU W 247 -119.19 39.11 -34.13
C LEU W 247 -118.69 40.07 -35.19
N ARG W 248 -119.38 40.20 -36.33
CA ARG W 248 -118.95 41.14 -37.36
C ARG W 248 -119.54 42.52 -37.13
N LYS W 249 -119.34 43.03 -35.92
CA LYS W 249 -119.93 44.31 -35.51
C LYS W 249 -118.84 45.11 -34.81
N VAL W 250 -119.17 46.37 -34.51
CA VAL W 250 -118.35 47.20 -33.64
C VAL W 250 -118.97 47.17 -32.25
N ALA W 251 -118.18 46.77 -31.26
CA ALA W 251 -118.75 46.45 -29.95
C ALA W 251 -119.37 47.68 -29.30
N CYS W 252 -118.59 48.76 -29.19
CA CYS W 252 -119.07 49.97 -28.54
C CYS W 252 -119.06 51.13 -29.52
N ILE W 253 -120.19 51.80 -29.65
CA ILE W 253 -120.31 52.94 -30.54
C ILE W 253 -120.47 54.17 -29.66
N GLY W 254 -119.37 54.91 -29.48
CA GLY W 254 -119.40 56.10 -28.66
C GLY W 254 -119.53 55.81 -27.18
N ALA W 255 -119.04 56.73 -26.36
CA ALA W 255 -119.19 56.62 -24.92
C ALA W 255 -120.61 57.01 -24.52
N TRP W 256 -120.89 56.92 -23.23
CA TRP W 256 -122.22 57.31 -22.76
C TRP W 256 -122.49 58.77 -23.07
N HIS W 257 -121.56 59.66 -22.75
CA HIS W 257 -122.04 61.03 -22.68
C HIS W 257 -121.33 62.02 -23.57
N PRO W 258 -120.99 61.66 -24.81
CA PRO W 258 -121.24 62.55 -25.93
C PRO W 258 -122.73 62.71 -26.17
N ALA W 259 -123.53 61.82 -25.59
CA ALA W 259 -124.99 61.78 -25.58
C ALA W 259 -125.58 61.31 -26.90
N ARG W 260 -124.76 61.07 -27.92
CA ARG W 260 -125.25 60.70 -29.23
C ARG W 260 -124.25 59.72 -29.84
N VAL W 261 -124.48 59.37 -31.10
CA VAL W 261 -123.52 58.57 -31.87
C VAL W 261 -122.79 59.54 -32.80
N ALA W 262 -121.49 59.65 -32.62
CA ALA W 262 -120.71 60.58 -33.42
C ALA W 262 -120.62 60.11 -34.86
N PHE W 263 -120.30 61.04 -35.75
CA PHE W 263 -120.15 60.68 -37.15
C PHE W 263 -118.88 59.88 -37.38
N SER W 264 -117.96 59.90 -36.42
CA SER W 264 -116.67 59.25 -36.59
C SER W 264 -116.73 57.75 -36.34
N VAL W 265 -117.87 57.22 -35.90
CA VAL W 265 -117.96 55.81 -35.55
C VAL W 265 -118.25 54.99 -36.81
N ALA W 266 -117.60 53.83 -36.92
CA ALA W 266 -117.82 52.97 -38.07
C ALA W 266 -119.20 52.36 -38.04
N ARG W 267 -119.93 52.46 -39.14
CA ARG W 267 -121.28 51.92 -39.25
C ARG W 267 -121.42 51.22 -40.60
N ALA W 268 -122.40 50.31 -40.67
CA ALA W 268 -122.63 49.57 -41.89
C ALA W 268 -123.37 50.43 -42.91
N GLY W 269 -123.35 49.97 -44.14
CA GLY W 269 -124.03 50.67 -45.21
C GLY W 269 -123.39 50.35 -46.55
N GLN W 270 -123.67 51.21 -47.52
CA GLN W 270 -123.15 51.04 -48.86
C GLN W 270 -121.63 51.08 -48.85
N LYS W 271 -121.01 50.15 -49.58
CA LYS W 271 -119.57 50.10 -49.77
C LYS W 271 -119.24 50.05 -51.24
N GLY W 272 -118.24 50.82 -51.64
CA GLY W 272 -117.85 50.88 -53.03
C GLY W 272 -118.75 51.82 -53.81
N TYR W 273 -118.47 51.89 -55.12
CA TYR W 273 -119.13 52.82 -56.02
C TYR W 273 -119.00 54.25 -55.52
N HIS W 274 -117.85 54.55 -54.94
CA HIS W 274 -117.53 55.90 -54.49
C HIS W 274 -116.70 56.60 -55.56
N HIS W 275 -116.84 57.91 -55.64
CA HIS W 275 -116.02 58.70 -56.55
C HIS W 275 -114.62 58.86 -55.95
N ARG W 276 -113.60 58.54 -56.74
CA ARG W 276 -112.23 58.60 -56.26
C ARG W 276 -111.32 59.11 -57.35
N THR W 277 -110.28 59.84 -56.96
CA THR W 277 -109.23 60.29 -57.87
C THR W 277 -107.89 59.87 -57.30
N GLU W 278 -107.15 59.05 -58.06
CA GLU W 278 -105.80 58.67 -57.71
C GLU W 278 -104.84 59.45 -58.59
N ILE W 279 -103.73 59.90 -58.00
CA ILE W 279 -102.75 60.68 -58.73
C ILE W 279 -101.52 59.84 -58.98
N ASN W 280 -100.62 60.36 -59.82
CA ASN W 280 -99.32 59.74 -60.09
C ASN W 280 -99.46 58.33 -60.64
N LYS W 281 -100.18 58.23 -61.76
CA LYS W 281 -100.20 57.04 -62.58
C LYS W 281 -99.38 57.33 -63.83
N LYS W 282 -98.48 56.42 -64.18
CA LYS W 282 -97.47 56.66 -65.20
C LYS W 282 -97.90 56.02 -66.51
N ILE W 283 -97.89 56.80 -67.59
CA ILE W 283 -98.16 56.24 -68.91
C ILE W 283 -96.99 55.38 -69.34
N TYR W 284 -97.29 54.16 -69.76
CA TYR W 284 -96.31 53.19 -70.21
C TYR W 284 -96.35 52.91 -71.70
N LYS W 285 -97.48 53.14 -72.36
CA LYS W 285 -97.52 53.05 -73.80
C LYS W 285 -98.73 53.82 -74.31
N ILE W 286 -98.69 54.16 -75.59
CA ILE W 286 -99.81 54.76 -76.29
C ILE W 286 -100.13 53.89 -77.49
N GLY W 287 -101.33 53.34 -77.53
CA GLY W 287 -101.71 52.41 -78.55
C GLY W 287 -101.82 53.06 -79.91
N GLN W 288 -101.93 52.21 -80.93
CA GLN W 288 -101.97 52.67 -82.30
C GLN W 288 -103.27 52.37 -83.02
N GLY W 289 -104.12 51.52 -82.47
CA GLY W 289 -105.37 51.20 -83.13
C GLY W 289 -105.17 50.31 -84.34
N TYR W 290 -106.28 49.99 -84.99
CA TYR W 290 -106.31 49.07 -86.11
C TYR W 290 -106.39 49.89 -87.40
N LEU W 291 -105.25 50.38 -87.86
CA LEU W 291 -105.20 51.13 -89.10
C LEU W 291 -105.07 50.18 -90.27
N ILE W 292 -105.56 50.63 -91.43
CA ILE W 292 -105.63 49.81 -92.63
C ILE W 292 -104.92 50.54 -93.76
N LYS W 293 -103.93 49.89 -94.36
CA LYS W 293 -103.39 50.28 -95.65
C LYS W 293 -103.15 49.11 -96.59
N ASP W 294 -103.25 47.88 -96.10
CA ASP W 294 -103.06 46.64 -96.83
C ASP W 294 -103.92 45.60 -96.14
N GLY W 295 -103.60 44.32 -96.34
CA GLY W 295 -104.10 43.32 -95.43
C GLY W 295 -103.78 43.74 -94.01
N LYS W 296 -104.72 43.54 -93.09
CA LYS W 296 -104.67 44.17 -91.78
C LYS W 296 -103.35 43.87 -91.07
N LEU W 297 -102.75 44.90 -90.47
CA LEU W 297 -101.48 44.77 -89.78
C LEU W 297 -101.67 45.07 -88.30
N ILE W 298 -101.13 44.18 -87.46
CA ILE W 298 -101.32 44.20 -86.03
C ILE W 298 -100.03 44.52 -85.28
N LYS W 299 -98.87 44.32 -85.91
CA LYS W 299 -97.58 44.61 -85.30
C LYS W 299 -97.56 45.95 -84.57
N ASN W 300 -98.27 46.95 -85.09
CA ASN W 300 -98.31 48.27 -84.50
C ASN W 300 -98.83 48.26 -83.06
N ASN W 301 -99.58 47.24 -82.68
CA ASN W 301 -100.01 47.05 -81.30
C ASN W 301 -98.86 46.49 -80.48
N ALA W 302 -99.16 45.88 -79.33
CA ALA W 302 -98.14 45.64 -78.33
C ALA W 302 -97.12 44.62 -78.80
N SER W 303 -96.36 44.99 -79.83
CA SER W 303 -95.10 44.36 -80.20
C SER W 303 -94.02 45.35 -79.81
N THR W 304 -93.11 44.94 -78.94
CA THR W 304 -92.36 45.86 -78.10
C THR W 304 -90.88 45.93 -78.43
N ASP W 305 -90.50 45.90 -79.71
CA ASP W 305 -89.12 46.09 -80.16
C ASP W 305 -88.18 45.01 -79.65
N TYR W 306 -88.68 44.05 -78.88
CA TYR W 306 -87.94 42.87 -78.50
C TYR W 306 -88.69 41.58 -78.83
N ASP W 307 -90.02 41.59 -78.81
CA ASP W 307 -90.80 40.46 -79.31
C ASP W 307 -90.72 40.37 -80.82
N LEU W 308 -90.91 41.50 -81.50
CA LEU W 308 -90.96 41.52 -82.95
C LEU W 308 -92.03 40.58 -83.48
N SER W 309 -93.04 40.30 -82.65
CA SER W 309 -94.10 39.36 -83.00
C SER W 309 -95.35 40.11 -83.46
N ASP W 310 -96.25 39.39 -84.13
CA ASP W 310 -97.43 39.98 -84.74
C ASP W 310 -98.62 40.02 -83.80
N LYS W 311 -98.39 40.07 -82.50
CA LYS W 311 -99.48 39.95 -81.55
C LYS W 311 -100.03 41.33 -81.18
N SER W 312 -101.33 41.37 -80.92
CA SER W 312 -102.01 42.60 -80.56
C SER W 312 -101.83 42.87 -79.07
N ILE W 313 -102.56 43.85 -78.57
CA ILE W 313 -102.67 44.06 -77.14
C ILE W 313 -103.63 43.08 -76.50
N ASN W 314 -104.65 42.63 -77.22
CA ASN W 314 -105.65 41.76 -76.66
C ASN W 314 -105.04 40.42 -76.28
N PRO W 315 -105.43 39.83 -75.16
CA PRO W 315 -104.96 38.48 -74.83
C PRO W 315 -105.52 37.47 -75.81
N LEU W 316 -104.96 36.27 -75.76
CA LEU W 316 -105.44 35.18 -76.61
C LEU W 316 -106.85 34.83 -76.16
N GLY W 317 -107.84 35.27 -76.91
CA GLY W 317 -109.23 35.06 -76.54
C GLY W 317 -109.93 36.27 -75.97
N GLY W 318 -109.47 37.48 -76.26
CA GLY W 318 -110.14 38.69 -75.87
C GLY W 318 -110.00 39.00 -74.40
N PHE W 319 -110.17 40.28 -74.09
CA PHE W 319 -110.20 40.74 -72.71
C PHE W 319 -111.47 40.24 -72.03
N VAL W 320 -111.30 39.66 -70.85
CA VAL W 320 -112.44 39.04 -70.17
C VAL W 320 -113.42 40.10 -69.72
N HIS W 321 -114.71 39.85 -69.98
CA HIS W 321 -115.81 40.71 -69.55
C HIS W 321 -115.78 42.08 -70.22
N TYR W 322 -114.88 42.31 -71.15
CA TYR W 322 -114.86 43.60 -71.84
C TYR W 322 -115.14 43.50 -73.33
N GLY W 323 -114.40 42.66 -74.04
CA GLY W 323 -114.35 42.73 -75.48
C GLY W 323 -112.90 42.82 -75.90
N GLU W 324 -112.63 43.26 -77.13
CA GLU W 324 -111.25 43.44 -77.57
C GLU W 324 -111.04 44.87 -78.02
N VAL W 325 -109.89 45.43 -77.62
CA VAL W 325 -109.55 46.80 -77.98
C VAL W 325 -109.24 46.87 -79.47
N THR W 326 -110.17 47.40 -80.25
CA THR W 326 -110.03 47.45 -81.71
C THR W 326 -109.56 48.81 -82.20
N ASN W 327 -109.11 49.69 -81.32
CA ASN W 327 -108.64 51.00 -81.73
C ASN W 327 -107.68 51.52 -80.67
N ASP W 328 -107.40 52.82 -80.72
CA ASP W 328 -106.32 53.41 -79.94
C ASP W 328 -106.55 53.20 -78.45
N PHE W 329 -105.47 52.97 -77.71
CA PHE W 329 -105.51 52.75 -76.28
C PHE W 329 -104.35 53.48 -75.60
N VAL W 330 -104.41 53.50 -74.27
CA VAL W 330 -103.29 53.86 -73.42
C VAL W 330 -103.26 52.86 -72.28
N MET W 331 -102.09 52.32 -71.98
CA MET W 331 -101.96 51.37 -70.89
C MET W 331 -101.25 52.06 -69.73
N LEU W 332 -101.79 51.89 -68.54
CA LEU W 332 -101.35 52.60 -67.35
C LEU W 332 -100.78 51.59 -66.38
N LYS W 333 -99.70 51.96 -65.70
CA LYS W 333 -99.06 51.02 -64.80
C LYS W 333 -99.75 51.00 -63.44
N GLY W 334 -100.10 49.81 -63.01
CA GLY W 334 -100.78 49.61 -61.75
C GLY W 334 -102.29 49.52 -61.92
N CYS W 335 -102.93 48.99 -60.90
CA CYS W 335 -104.38 48.91 -60.90
C CYS W 335 -104.99 50.30 -60.85
N VAL W 336 -106.11 50.46 -61.56
CA VAL W 336 -106.81 51.72 -61.57
C VAL W 336 -108.26 51.47 -61.19
N VAL W 337 -108.88 52.50 -60.64
CA VAL W 337 -110.17 52.34 -59.99
C VAL W 337 -111.25 52.00 -61.02
N GLY W 338 -112.31 51.33 -60.54
CA GLY W 338 -113.44 51.02 -61.37
C GLY W 338 -113.40 49.61 -61.93
N THR W 339 -114.57 49.14 -62.36
CA THR W 339 -114.74 47.83 -62.95
C THR W 339 -114.15 47.82 -64.35
N LYS W 340 -114.36 46.70 -65.05
CA LYS W 340 -114.14 46.70 -66.48
C LYS W 340 -115.22 47.50 -67.17
N LYS W 341 -114.97 47.82 -68.43
CA LYS W 341 -115.87 48.61 -69.30
C LYS W 341 -116.49 49.79 -68.54
N ARG W 342 -115.69 50.39 -67.67
CA ARG W 342 -116.14 51.51 -66.85
C ARG W 342 -115.43 52.79 -67.29
N VAL W 343 -116.23 53.79 -67.69
CA VAL W 343 -115.66 55.04 -68.14
C VAL W 343 -114.89 55.70 -66.99
N LEU W 344 -113.74 56.28 -67.31
CA LEU W 344 -112.92 56.92 -66.30
C LEU W 344 -112.14 58.05 -66.95
N THR W 345 -112.05 59.17 -66.23
CA THR W 345 -111.39 60.36 -66.72
C THR W 345 -109.91 60.31 -66.40
N LEU W 346 -109.11 60.80 -67.34
CA LEU W 346 -107.67 60.94 -67.13
C LEU W 346 -107.34 62.41 -67.31
N ARG W 347 -106.70 63.00 -66.31
CA ARG W 347 -106.36 64.40 -66.34
C ARG W 347 -104.88 64.61 -66.05
N LYS W 348 -104.31 65.64 -66.65
CA LYS W 348 -102.88 65.87 -66.52
C LYS W 348 -102.53 66.19 -65.08
N SER W 349 -101.33 65.75 -64.67
CA SER W 349 -100.87 65.98 -63.31
C SER W 349 -100.83 67.47 -63.03
N LEU W 350 -101.51 67.90 -61.96
CA LEU W 350 -101.49 69.31 -61.60
C LEU W 350 -100.32 69.67 -60.71
N LEU W 351 -99.49 68.70 -60.33
CA LEU W 351 -98.26 68.98 -59.61
C LEU W 351 -97.12 69.18 -60.61
N VAL W 352 -95.90 69.21 -60.11
CA VAL W 352 -94.70 69.27 -60.94
C VAL W 352 -93.88 68.01 -60.66
N GLN W 353 -93.58 67.26 -61.70
CA GLN W 353 -92.81 66.02 -61.59
C GLN W 353 -91.35 66.36 -61.74
N THR W 354 -90.61 66.28 -60.64
CA THR W 354 -89.16 66.47 -60.65
C THR W 354 -88.43 65.31 -59.99
N LYS W 355 -89.15 64.31 -59.49
CA LYS W 355 -88.54 63.17 -58.83
C LYS W 355 -88.08 62.15 -59.86
N ARG W 356 -87.01 61.43 -59.53
CA ARG W 356 -86.48 60.44 -60.45
C ARG W 356 -87.48 59.31 -60.71
N ARG W 357 -88.39 59.07 -59.78
CA ARG W 357 -89.42 58.07 -60.02
C ARG W 357 -90.36 58.51 -61.14
N ALA W 358 -90.60 59.81 -61.26
CA ALA W 358 -91.25 60.38 -62.43
C ALA W 358 -90.18 60.73 -63.45
N LEU W 359 -90.61 61.37 -64.55
CA LEU W 359 -89.74 61.82 -65.65
C LEU W 359 -88.67 60.80 -66.01
N GLU W 360 -88.99 59.52 -65.94
CA GLU W 360 -88.02 58.46 -66.19
C GLU W 360 -88.45 57.69 -67.42
N LYS W 361 -87.57 57.65 -68.43
CA LYS W 361 -87.89 57.00 -69.69
C LYS W 361 -87.89 55.49 -69.53
N ILE W 362 -88.92 54.83 -70.06
CA ILE W 362 -89.02 53.39 -69.99
C ILE W 362 -88.94 52.82 -71.40
N ASP W 363 -88.41 51.60 -71.48
CA ASP W 363 -88.31 50.88 -72.75
C ASP W 363 -88.88 49.48 -72.51
N LEU W 364 -90.03 49.21 -73.08
CA LEU W 364 -90.74 47.97 -72.83
C LEU W 364 -90.00 46.79 -73.46
N LYS W 365 -89.83 45.73 -72.69
CA LYS W 365 -89.17 44.52 -73.16
C LYS W 365 -90.14 43.45 -73.63
N PHE W 366 -91.26 43.28 -72.93
CA PHE W 366 -92.18 42.20 -73.22
C PHE W 366 -93.53 42.52 -72.60
N ILE W 367 -94.59 42.20 -73.34
CA ILE W 367 -95.97 42.44 -72.90
C ILE W 367 -96.72 41.13 -72.98
N ASP W 368 -97.35 40.74 -71.88
CA ASP W 368 -98.02 39.45 -71.81
C ASP W 368 -99.34 39.49 -72.56
N THR W 369 -99.60 38.42 -73.32
CA THR W 369 -100.86 38.28 -74.05
C THR W 369 -101.45 36.88 -73.86
N THR W 370 -101.05 36.17 -72.82
CA THR W 370 -101.70 34.90 -72.52
C THR W 370 -103.14 35.16 -72.08
N SER W 371 -103.98 34.16 -72.29
CA SER W 371 -105.39 34.29 -71.95
C SER W 371 -105.55 34.56 -70.46
N LYS W 372 -106.52 35.38 -70.12
CA LYS W 372 -106.83 35.69 -68.73
C LYS W 372 -108.16 35.11 -68.30
N PHE W 373 -108.81 34.35 -69.17
CA PHE W 373 -109.95 33.51 -68.85
C PHE W 373 -109.52 32.23 -68.14
N GLY W 374 -108.28 32.20 -67.69
CA GLY W 374 -107.72 31.01 -67.05
C GLY W 374 -106.21 31.13 -66.98
N HIS W 375 -105.57 30.03 -66.61
CA HIS W 375 -104.12 29.98 -66.57
C HIS W 375 -103.62 29.78 -68.00
N GLY W 376 -103.64 30.86 -68.77
CA GLY W 376 -103.20 30.80 -70.15
C GLY W 376 -101.74 30.40 -70.26
N ARG W 377 -101.45 29.62 -71.30
CA ARG W 377 -100.11 29.07 -71.50
C ARG W 377 -99.42 29.66 -72.72
N PHE W 378 -100.17 30.20 -73.67
CA PHE W 378 -99.63 30.60 -74.96
C PHE W 378 -99.92 32.07 -75.24
N GLN W 379 -99.04 32.70 -76.01
CA GLN W 379 -99.12 34.14 -76.20
C GLN W 379 -99.92 34.51 -77.44
N THR W 380 -99.89 33.68 -78.47
CA THR W 380 -100.51 34.00 -79.75
C THR W 380 -101.09 32.75 -80.37
N MET W 381 -101.93 32.93 -81.40
CA MET W 381 -102.49 31.81 -82.13
C MET W 381 -101.40 30.89 -82.68
N GLU W 382 -100.41 31.45 -83.36
CA GLU W 382 -99.42 30.62 -84.03
C GLU W 382 -98.59 29.81 -83.04
N GLU W 383 -98.19 30.42 -81.92
CA GLU W 383 -97.34 29.70 -80.98
C GLU W 383 -98.07 28.51 -80.38
N LYS W 384 -99.35 28.68 -80.06
CA LYS W 384 -100.13 27.56 -79.54
C LYS W 384 -100.24 26.45 -80.57
N LYS W 385 -100.59 26.79 -81.81
CA LYS W 385 -100.72 25.78 -82.84
C LYS W 385 -99.39 25.09 -83.11
N ALA W 386 -98.30 25.84 -83.11
CA ALA W 386 -96.98 25.23 -83.30
C ALA W 386 -96.66 24.26 -82.17
N PHE W 387 -97.00 24.62 -80.94
CA PHE W 387 -96.76 23.73 -79.81
C PHE W 387 -97.70 22.54 -79.85
N MET W 388 -98.99 22.78 -80.05
CA MET W 388 -99.97 21.71 -80.04
C MET W 388 -99.91 20.84 -81.29
N GLY W 389 -99.81 21.45 -82.47
CA GLY W 389 -99.86 20.70 -83.70
C GLY W 389 -101.29 20.42 -84.09
N PRO W 390 -101.47 19.51 -85.06
CA PRO W 390 -102.83 19.17 -85.49
C PRO W 390 -103.64 18.55 -84.37
N LEU W 391 -104.92 18.91 -84.32
CA LEU W 391 -105.88 18.36 -83.39
C LEU W 391 -106.97 17.62 -84.15
N LYS W 392 -107.83 16.92 -83.42
CA LYS W 392 -108.86 16.11 -84.07
C LYS W 392 -109.81 16.98 -84.89
N LYS W 393 -110.22 18.12 -84.35
CA LYS W 393 -111.08 19.02 -85.11
C LYS W 393 -110.37 19.50 -86.37
N ASP W 394 -109.09 19.86 -86.23
CA ASP W 394 -108.32 20.29 -87.40
C ASP W 394 -108.16 19.15 -88.39
N ARG W 395 -107.90 17.95 -87.89
CA ARG W 395 -107.69 16.80 -88.76
C ARG W 395 -108.94 16.47 -89.57
N ILE W 396 -110.11 16.47 -88.92
CA ILE W 396 -111.34 16.17 -89.65
C ILE W 396 -111.71 17.35 -90.55
N ALA W 397 -111.18 18.54 -90.27
CA ALA W 397 -111.39 19.67 -91.17
C ALA W 397 -110.69 19.43 -92.50
N LYS W 398 -109.47 18.88 -92.47
CA LYS W 398 -108.79 18.51 -93.70
C LYS W 398 -109.47 17.33 -94.38
N GLU W 399 -109.93 16.36 -93.58
CA GLU W 399 -110.52 15.15 -94.15
C GLU W 399 -111.79 15.46 -94.93
N GLU W 400 -112.65 16.33 -94.38
CA GLU W 400 -113.87 16.69 -95.09
C GLU W 400 -113.59 17.56 -96.31
N GLY W 401 -112.64 18.48 -96.21
CA GLY W 401 -112.34 19.39 -97.30
C GLY W 401 -111.36 18.88 -98.32
N ALA W 402 -110.78 17.70 -98.09
CA ALA W 402 -109.80 17.10 -99.00
C ALA W 402 -108.61 18.03 -99.25
N MET X 1 -206.86 85.10 29.87
CA MET X 1 -207.48 86.41 29.79
C MET X 1 -207.67 86.82 28.33
N ALA X 2 -208.82 87.43 28.03
CA ALA X 2 -209.12 87.92 26.70
C ALA X 2 -208.36 89.23 26.45
N CYS X 3 -207.87 89.41 25.21
CA CYS X 3 -207.88 88.66 23.95
C CYS X 3 -209.28 88.29 23.49
N ALA X 4 -210.08 89.31 23.16
CA ALA X 4 -211.49 89.15 22.87
C ALA X 4 -211.76 88.09 21.81
N ARG X 5 -212.46 87.03 22.20
CA ARG X 5 -212.82 85.97 21.28
C ARG X 5 -214.22 86.25 20.74
N PRO X 6 -214.39 86.48 19.43
CA PRO X 6 -215.69 86.89 18.91
C PRO X 6 -216.68 85.74 18.91
N LEU X 7 -217.83 86.01 18.31
CA LEU X 7 -218.93 85.04 18.22
C LEU X 7 -219.15 84.73 16.74
N ILE X 8 -219.01 83.46 16.37
CA ILE X 8 -219.13 83.06 14.98
C ILE X 8 -220.39 82.22 14.80
N SER X 9 -220.88 82.16 13.56
CA SER X 9 -222.15 81.54 13.25
C SER X 9 -221.95 80.15 12.67
N VAL X 10 -222.99 79.33 12.80
CA VAL X 10 -222.99 77.94 12.34
C VAL X 10 -223.87 77.86 11.10
N TYR X 11 -223.33 77.29 10.03
CA TYR X 11 -224.01 77.28 8.74
C TYR X 11 -224.78 75.99 8.53
N SER X 12 -225.98 76.13 7.99
CA SER X 12 -226.86 74.99 7.74
C SER X 12 -226.34 74.20 6.54
N GLU X 13 -226.94 73.03 6.33
CA GLU X 13 -226.57 72.20 5.17
C GLU X 13 -226.82 72.94 3.88
N LYS X 14 -227.77 73.88 3.89
CA LYS X 14 -228.10 74.62 2.67
C LYS X 14 -227.03 75.67 2.35
N GLY X 15 -226.34 76.18 3.37
CA GLY X 15 -225.26 77.14 3.18
C GLY X 15 -225.41 78.40 4.01
N GLU X 16 -226.64 78.83 4.25
CA GLU X 16 -226.85 80.05 5.01
C GLU X 16 -226.67 79.79 6.50
N SER X 17 -226.68 80.86 7.28
CA SER X 17 -226.60 80.73 8.72
C SER X 17 -227.90 80.19 9.28
N SER X 18 -227.79 79.22 10.19
CA SER X 18 -228.95 78.64 10.85
C SER X 18 -229.36 79.40 12.10
N GLY X 19 -228.67 80.48 12.43
CA GLY X 19 -228.99 81.29 13.59
C GLY X 19 -228.27 80.93 14.86
N LYS X 20 -227.67 79.75 14.95
CA LYS X 20 -226.92 79.36 16.13
C LYS X 20 -225.51 79.92 16.04
N ASN X 21 -225.00 80.38 17.18
CA ASN X 21 -223.67 80.97 17.25
C ASN X 21 -222.88 80.29 18.36
N VAL X 22 -221.59 80.14 18.14
CA VAL X 22 -220.66 79.65 19.14
C VAL X 22 -219.46 80.59 19.18
N THR X 23 -219.03 80.94 20.38
CA THR X 23 -217.90 81.83 20.51
C THR X 23 -216.63 81.14 20.03
N LEU X 24 -215.70 81.94 19.52
CA LEU X 24 -214.45 81.40 19.02
C LEU X 24 -213.72 80.67 20.14
N PRO X 25 -213.42 79.39 19.99
CA PRO X 25 -212.59 78.72 20.99
C PRO X 25 -211.23 79.37 21.09
N ALA X 26 -210.73 79.44 22.31
CA ALA X 26 -209.48 80.18 22.55
C ALA X 26 -208.30 79.56 21.83
N VAL X 27 -208.40 78.29 21.40
CA VAL X 27 -207.30 77.67 20.70
C VAL X 27 -207.01 78.34 19.37
N PHE X 28 -207.99 79.05 18.80
CA PHE X 28 -207.75 79.76 17.55
C PHE X 28 -207.03 81.08 17.75
N LYS X 29 -206.85 81.51 18.99
CA LYS X 29 -206.04 82.68 19.29
C LYS X 29 -204.71 82.32 19.94
N ALA X 30 -204.32 81.05 19.90
CA ALA X 30 -203.05 80.57 20.42
C ALA X 30 -201.92 81.15 19.57
N PRO X 31 -200.70 81.24 20.08
CA PRO X 31 -199.60 81.79 19.29
C PRO X 31 -199.34 80.96 18.05
N ILE X 32 -199.07 81.63 16.93
CA ILE X 32 -198.77 80.98 15.67
C ILE X 32 -197.27 80.94 15.52
N ARG X 33 -196.71 79.72 15.54
CA ARG X 33 -195.26 79.52 15.55
C ARG X 33 -194.90 78.54 14.45
N PRO X 34 -194.76 79.02 13.21
CA PRO X 34 -194.47 78.11 12.11
C PRO X 34 -193.18 77.33 12.28
N ASP X 35 -192.18 77.88 12.96
CA ASP X 35 -190.95 77.13 13.20
C ASP X 35 -191.22 75.92 14.08
N ILE X 36 -192.07 76.08 15.10
CA ILE X 36 -192.47 74.94 15.90
C ILE X 36 -193.24 73.94 15.05
N VAL X 37 -194.16 74.42 14.23
CA VAL X 37 -194.99 73.53 13.41
C VAL X 37 -194.13 72.73 12.46
N ASN X 38 -193.20 73.40 11.77
CA ASN X 38 -192.33 72.69 10.84
C ASN X 38 -191.43 71.71 11.57
N PHE X 39 -190.90 72.10 12.72
CA PHE X 39 -190.00 71.22 13.45
C PHE X 39 -190.73 69.96 13.92
N VAL X 40 -191.95 70.13 14.44
CA VAL X 40 -192.75 68.98 14.84
C VAL X 40 -193.13 68.14 13.62
N HIS X 41 -193.56 68.79 12.55
CA HIS X 41 -193.97 68.06 11.36
C HIS X 41 -192.78 67.34 10.74
N THR X 42 -191.60 67.94 10.78
CA THR X 42 -190.41 67.29 10.27
C THR X 42 -190.11 66.00 11.02
N ASN X 43 -190.21 66.04 12.34
CA ASN X 43 -189.80 64.89 13.14
C ASN X 43 -190.88 63.82 13.20
N LEU X 44 -192.15 64.23 13.14
CA LEU X 44 -193.22 63.23 13.17
C LEU X 44 -193.39 62.53 11.83
N ARG X 45 -193.15 63.25 10.73
CA ARG X 45 -193.21 62.59 9.43
C ARG X 45 -192.15 61.50 9.30
N LYS X 46 -191.08 61.58 10.10
CA LYS X 46 -190.08 60.53 10.12
C LYS X 46 -190.61 59.26 10.76
N ASN X 47 -191.68 59.37 11.56
CA ASN X 47 -192.06 58.29 12.45
C ASN X 47 -192.78 57.17 11.71
N ASN X 48 -193.38 57.47 10.56
CA ASN X 48 -194.04 56.44 9.77
C ASN X 48 -193.16 55.87 8.68
N ARG X 49 -191.84 55.94 8.84
CA ARG X 49 -190.94 55.49 7.79
C ARG X 49 -190.67 54.00 7.94
N GLN X 50 -190.66 53.30 6.82
CA GLN X 50 -190.32 51.89 6.81
C GLN X 50 -188.82 51.72 6.61
N PRO X 51 -188.18 50.77 7.28
CA PRO X 51 -186.73 50.62 7.13
C PRO X 51 -186.35 50.13 5.74
N TYR X 52 -185.14 50.52 5.32
CA TYR X 52 -184.53 49.98 4.12
C TYR X 52 -183.04 49.77 4.39
N ALA X 53 -182.48 48.74 3.77
CA ALA X 53 -181.06 48.45 3.93
C ALA X 53 -180.64 47.50 2.83
N VAL X 54 -179.32 47.41 2.63
CA VAL X 54 -178.79 46.44 1.68
C VAL X 54 -178.47 45.15 2.41
N SER X 55 -178.47 44.05 1.66
CA SER X 55 -178.17 42.74 2.23
C SER X 55 -176.75 42.78 2.78
N GLU X 56 -176.57 42.27 4.00
CA GLU X 56 -175.23 42.29 4.58
C GLU X 56 -174.30 41.28 3.94
N LEU X 57 -174.85 40.32 3.19
CA LEU X 57 -174.00 39.42 2.42
C LEU X 57 -173.66 39.98 1.04
N ALA X 58 -174.15 41.17 0.70
CA ALA X 58 -173.94 41.71 -0.64
C ALA X 58 -172.47 42.04 -0.85
N GLY X 59 -171.91 41.49 -1.93
CA GLY X 59 -170.55 41.77 -2.32
C GLY X 59 -169.49 41.06 -1.51
N HIS X 60 -169.87 40.21 -0.56
CA HIS X 60 -168.91 39.55 0.31
C HIS X 60 -168.96 38.03 0.21
N GLN X 61 -169.69 37.49 -0.75
CA GLN X 61 -169.72 36.04 -0.96
C GLN X 61 -168.82 35.65 -2.14
N THR X 62 -167.53 35.94 -2.03
CA THR X 62 -166.64 35.81 -3.16
C THR X 62 -165.38 34.99 -2.89
N SER X 63 -164.81 35.09 -1.69
CA SER X 63 -163.57 34.40 -1.35
C SER X 63 -162.44 34.80 -2.28
N ALA X 64 -162.06 36.08 -2.21
CA ALA X 64 -161.11 36.65 -3.16
C ALA X 64 -159.78 36.95 -2.48
N GLU X 65 -158.70 36.46 -3.10
CA GLU X 65 -157.36 36.77 -2.64
C GLU X 65 -156.97 38.18 -3.06
N SER X 66 -155.87 38.68 -2.48
CA SER X 66 -155.40 40.02 -2.78
C SER X 66 -154.44 40.06 -3.95
N TRP X 67 -154.08 38.93 -4.54
CA TRP X 67 -153.29 38.83 -5.76
C TRP X 67 -151.83 39.24 -5.56
N GLY X 68 -151.44 39.72 -4.38
CA GLY X 68 -150.07 40.10 -4.15
C GLY X 68 -149.69 41.41 -4.83
N THR X 69 -148.39 41.66 -4.83
CA THR X 69 -147.84 42.87 -5.45
C THR X 69 -146.84 42.61 -6.56
N GLY X 70 -146.32 41.39 -6.70
CA GLY X 70 -145.34 41.14 -7.74
C GLY X 70 -145.89 41.32 -9.14
N ARG X 71 -147.17 41.02 -9.35
CA ARG X 71 -147.77 41.16 -10.67
C ARG X 71 -148.24 42.60 -10.87
N ALA X 72 -148.01 43.14 -12.07
CA ALA X 72 -148.23 44.56 -12.34
C ALA X 72 -149.73 44.82 -12.46
N VAL X 73 -150.43 44.64 -11.35
CA VAL X 73 -151.84 44.96 -11.23
C VAL X 73 -152.06 45.56 -9.85
N ALA X 74 -153.23 46.15 -9.64
CA ALA X 74 -153.53 46.78 -8.36
C ALA X 74 -153.59 45.74 -7.25
N ARG X 75 -153.64 46.23 -6.02
CA ARG X 75 -153.62 45.36 -4.85
C ARG X 75 -155.01 45.04 -4.31
N ILE X 76 -156.06 45.48 -4.99
CA ILE X 76 -157.43 45.19 -4.59
C ILE X 76 -157.64 43.69 -4.65
N PRO X 77 -158.41 43.10 -3.73
CA PRO X 77 -158.64 41.66 -3.80
C PRO X 77 -159.32 41.25 -5.10
N ARG X 78 -158.90 40.12 -5.65
CA ARG X 78 -159.39 39.62 -6.91
C ARG X 78 -159.92 38.21 -6.75
N VAL X 79 -160.96 37.88 -7.51
CA VAL X 79 -161.59 36.58 -7.45
C VAL X 79 -160.64 35.52 -7.98
N ARG X 80 -160.58 34.39 -7.30
CA ARG X 80 -159.76 33.28 -7.79
C ARG X 80 -160.60 32.43 -8.75
N GLY X 81 -160.00 31.40 -9.31
CA GLY X 81 -160.68 30.57 -10.28
C GLY X 81 -159.88 30.41 -11.55
N GLY X 82 -160.43 30.85 -12.68
CA GLY X 82 -159.68 30.82 -13.92
C GLY X 82 -160.51 30.47 -15.14
N GLY X 83 -161.70 29.94 -14.95
CA GLY X 83 -162.47 29.48 -16.08
C GLY X 83 -163.61 30.35 -16.52
N THR X 84 -163.72 31.57 -16.02
CA THR X 84 -164.86 32.42 -16.32
C THR X 84 -164.43 33.88 -16.31
N HIS X 85 -165.29 34.74 -16.86
CA HIS X 85 -165.00 36.16 -16.91
C HIS X 85 -164.79 36.73 -15.50
N ARG X 86 -165.49 36.19 -14.51
CA ARG X 86 -165.40 36.73 -13.16
C ARG X 86 -164.03 36.50 -12.54
N SER X 87 -163.28 35.52 -13.04
CA SER X 87 -161.97 35.24 -12.49
C SER X 87 -161.01 36.40 -12.74
N GLY X 88 -160.32 36.81 -11.69
CA GLY X 88 -159.31 37.85 -11.82
C GLY X 88 -159.83 39.26 -11.70
N GLN X 89 -161.14 39.41 -11.52
CA GLN X 89 -161.71 40.73 -11.34
C GLN X 89 -161.75 41.12 -9.88
N GLY X 90 -161.74 42.43 -9.63
CA GLY X 90 -161.75 42.94 -8.28
C GLY X 90 -163.03 42.63 -7.54
N ALA X 91 -162.94 42.68 -6.21
CA ALA X 91 -164.08 42.39 -5.35
C ALA X 91 -163.84 43.04 -3.99
N PHE X 92 -164.81 42.90 -3.10
CA PHE X 92 -164.73 43.35 -1.73
C PHE X 92 -164.52 44.85 -1.58
N GLY X 93 -165.08 45.67 -2.46
CA GLY X 93 -164.86 47.09 -2.26
C GLY X 93 -165.83 47.92 -3.07
N ASN X 94 -166.09 49.12 -2.55
CA ASN X 94 -166.73 50.14 -3.36
C ASN X 94 -165.90 50.46 -4.59
N MET X 95 -164.61 50.15 -4.54
CA MET X 95 -163.77 50.20 -5.72
C MET X 95 -164.44 49.56 -6.92
N CYS X 96 -164.91 48.34 -6.75
CA CYS X 96 -165.09 47.39 -7.83
C CYS X 96 -166.57 47.20 -8.18
N ARG X 97 -166.80 46.85 -9.45
CA ARG X 97 -168.10 46.39 -9.89
C ARG X 97 -168.39 45.04 -9.24
N GLY X 98 -169.60 44.89 -8.71
CA GLY X 98 -169.94 43.68 -8.00
C GLY X 98 -169.44 43.62 -6.59
N GLY X 99 -168.67 44.62 -6.16
CA GLY X 99 -168.13 44.64 -4.81
C GLY X 99 -169.08 45.26 -3.82
N ARG X 100 -168.64 45.27 -2.57
CA ARG X 100 -169.43 45.79 -1.46
C ARG X 100 -169.56 47.30 -1.55
N MET X 101 -170.75 47.79 -1.23
CA MET X 101 -170.97 49.23 -1.16
C MET X 101 -170.26 49.80 0.06
N PHE X 102 -169.84 51.06 -0.03
CA PHE X 102 -169.19 51.70 1.11
C PHE X 102 -170.22 51.96 2.21
N ALA X 103 -169.88 51.60 3.44
CA ALA X 103 -170.74 51.81 4.59
C ALA X 103 -172.14 51.31 4.28
N PRO X 104 -172.35 50.01 4.19
CA PRO X 104 -173.67 49.50 3.84
C PRO X 104 -174.72 49.99 4.83
N THR X 105 -175.87 50.41 4.31
CA THR X 105 -176.91 50.95 5.15
C THR X 105 -177.45 49.87 6.06
N LYS X 106 -177.64 50.20 7.33
CA LYS X 106 -178.13 49.25 8.31
C LYS X 106 -179.56 49.57 8.68
N THR X 107 -180.30 48.53 9.07
CA THR X 107 -181.70 48.73 9.44
C THR X 107 -181.83 49.54 10.71
N TRP X 108 -180.86 49.45 11.62
CA TRP X 108 -180.92 50.17 12.90
C TRP X 108 -180.37 51.58 12.68
N ARG X 109 -181.10 52.36 11.89
CA ARG X 109 -180.69 53.69 11.49
C ARG X 109 -181.30 54.78 12.37
N ARG X 110 -182.09 54.42 13.37
CA ARG X 110 -182.87 55.37 14.16
C ARG X 110 -183.81 56.18 13.25
N TRP X 111 -184.72 55.45 12.61
CA TRP X 111 -185.66 56.09 11.71
C TRP X 111 -186.62 57.00 12.45
N HIS X 112 -187.01 56.63 13.65
CA HIS X 112 -188.06 57.32 14.37
C HIS X 112 -187.48 58.41 15.26
N ARG X 113 -188.27 59.45 15.47
CA ARG X 113 -187.90 60.55 16.34
C ARG X 113 -189.05 60.78 17.32
N ARG X 114 -188.71 60.93 18.59
CA ARG X 114 -189.71 61.21 19.62
C ARG X 114 -189.71 62.70 19.92
N VAL X 115 -190.90 63.28 19.95
CA VAL X 115 -191.08 64.69 20.29
C VAL X 115 -191.91 64.76 21.57
N ASN X 116 -191.47 65.57 22.51
CA ASN X 116 -192.16 65.67 23.79
C ASN X 116 -193.58 66.19 23.58
N THR X 117 -194.52 65.66 24.37
CA THR X 117 -195.93 65.85 24.07
C THR X 117 -196.34 67.31 24.07
N THR X 118 -195.87 68.09 25.05
CA THR X 118 -196.31 69.47 25.15
C THR X 118 -195.91 70.27 23.91
N GLN X 119 -194.84 69.85 23.24
CA GLN X 119 -194.50 70.49 21.98
C GLN X 119 -195.41 70.00 20.87
N LYS X 120 -195.85 68.75 20.92
CA LYS X 120 -196.77 68.25 19.92
C LYS X 120 -198.09 69.01 19.97
N ARG X 121 -198.59 69.26 21.18
CA ARG X 121 -199.81 70.05 21.32
C ARG X 121 -199.60 71.49 20.87
N TYR X 122 -198.43 72.05 21.15
CA TYR X 122 -198.15 73.42 20.73
C TYR X 122 -198.30 73.58 19.24
N ALA X 123 -197.75 72.65 18.46
CA ALA X 123 -197.91 72.69 17.01
C ALA X 123 -199.37 72.57 16.62
N ILE X 124 -200.11 71.69 17.30
CA ILE X 124 -201.53 71.54 17.02
C ILE X 124 -202.26 72.83 17.31
N CYS X 125 -201.95 73.46 18.44
CA CYS X 125 -202.56 74.74 18.76
C CYS X 125 -202.23 75.79 17.71
N SER X 126 -200.96 75.83 17.27
CA SER X 126 -200.56 76.82 16.28
C SER X 126 -201.20 76.54 14.92
N ALA X 127 -201.29 75.26 14.54
CA ALA X 127 -201.89 74.93 13.25
C ALA X 127 -203.36 75.30 13.22
N LEU X 128 -204.08 75.06 14.31
CA LEU X 128 -205.48 75.46 14.40
C LEU X 128 -205.61 76.98 14.32
N ALA X 129 -204.72 77.69 15.02
CA ALA X 129 -204.80 79.15 15.06
C ALA X 129 -204.63 79.74 13.67
N ALA X 130 -203.71 79.19 12.87
CA ALA X 130 -203.49 79.72 11.54
C ALA X 130 -204.68 79.46 10.62
N SER X 131 -205.41 78.37 10.86
CA SER X 131 -206.52 78.03 9.98
C SER X 131 -207.64 79.07 10.03
N ALA X 132 -207.67 79.89 11.08
CA ALA X 132 -208.72 80.89 11.21
C ALA X 132 -208.34 82.23 10.60
N LEU X 133 -207.18 82.33 9.95
CA LEU X 133 -206.74 83.56 9.34
C LEU X 133 -206.77 83.45 7.83
N PRO X 134 -207.64 84.20 7.14
CA PRO X 134 -207.84 83.98 5.69
C PRO X 134 -206.58 84.17 4.86
N ALA X 135 -205.73 85.13 5.24
CA ALA X 135 -204.50 85.35 4.49
C ALA X 135 -203.60 84.13 4.56
N LEU X 136 -203.49 83.50 5.73
CA LEU X 136 -202.65 82.32 5.86
C LEU X 136 -203.22 81.16 5.06
N VAL X 137 -204.54 80.95 5.12
CA VAL X 137 -205.13 79.81 4.42
C VAL X 137 -205.02 80.01 2.92
N MET X 138 -205.31 81.21 2.43
CA MET X 138 -205.15 81.50 1.01
C MET X 138 -203.69 81.35 0.59
N SER X 139 -202.75 81.64 1.49
CA SER X 139 -201.34 81.48 1.16
C SER X 139 -200.98 80.02 0.95
N LYS X 140 -201.85 79.11 1.40
CA LYS X 140 -201.75 77.71 1.02
C LYS X 140 -202.47 77.42 -0.29
N GLY X 141 -203.02 78.43 -0.93
CA GLY X 141 -203.70 78.26 -2.20
C GLY X 141 -204.95 77.42 -2.13
N HIS X 142 -205.73 77.57 -1.06
CA HIS X 142 -206.91 76.75 -0.89
C HIS X 142 -208.12 77.32 -1.60
N ARG X 143 -207.99 78.46 -2.28
CA ARG X 143 -209.02 78.97 -3.17
C ARG X 143 -210.35 79.12 -2.45
N ILE X 144 -210.32 79.82 -1.32
CA ILE X 144 -211.53 80.08 -0.56
C ILE X 144 -211.84 81.57 -0.57
N GLU X 145 -212.65 81.99 -1.54
CA GLU X 145 -213.01 83.39 -1.67
C GLU X 145 -214.49 83.64 -1.54
N GLU X 146 -215.33 82.62 -1.72
CA GLU X 146 -216.76 82.75 -1.57
C GLU X 146 -217.30 82.11 -0.31
N VAL X 147 -216.47 81.39 0.43
CA VAL X 147 -216.91 80.79 1.69
C VAL X 147 -217.10 81.91 2.72
N PRO X 148 -218.20 81.92 3.46
CA PRO X 148 -218.37 82.90 4.52
C PRO X 148 -217.92 82.34 5.87
N GLU X 149 -217.48 83.25 6.74
CA GLU X 149 -217.07 82.90 8.09
C GLU X 149 -215.99 81.82 8.08
N LEU X 150 -214.80 82.23 7.62
CA LEU X 150 -213.67 81.34 7.37
C LEU X 150 -213.52 80.24 8.41
N PRO X 151 -213.62 80.51 9.72
CA PRO X 151 -213.75 79.37 10.64
C PRO X 151 -215.11 78.75 10.41
N LEU X 152 -215.12 77.64 9.67
CA LEU X 152 -216.33 77.16 9.03
C LEU X 152 -216.91 76.02 9.83
N VAL X 153 -218.19 76.14 10.19
CA VAL X 153 -218.85 75.19 11.06
C VAL X 153 -220.22 74.87 10.48
N VAL X 154 -220.57 73.59 10.49
CA VAL X 154 -221.85 73.10 10.01
C VAL X 154 -222.53 72.38 11.18
N GLU X 155 -223.84 72.19 11.08
CA GLU X 155 -224.53 71.50 12.17
C GLU X 155 -224.20 70.02 12.14
N ASP X 156 -224.55 69.33 13.22
CA ASP X 156 -224.21 67.93 13.40
C ASP X 156 -224.88 67.01 12.38
N LYS X 157 -225.90 67.49 11.67
CA LYS X 157 -226.63 66.61 10.77
C LYS X 157 -225.75 66.06 9.66
N VAL X 158 -224.64 66.74 9.38
CA VAL X 158 -223.74 66.25 8.34
C VAL X 158 -222.95 65.04 8.83
N GLU X 159 -222.86 64.83 10.14
CA GLU X 159 -222.21 63.63 10.65
C GLU X 159 -223.01 62.38 10.31
N GLY X 160 -224.29 62.54 9.99
CA GLY X 160 -225.14 61.44 9.61
C GLY X 160 -225.36 61.27 8.13
N TYR X 161 -224.57 61.95 7.30
CA TYR X 161 -224.69 61.79 5.86
C TYR X 161 -224.22 60.39 5.45
N LYS X 162 -224.99 59.76 4.56
CA LYS X 162 -224.73 58.38 4.20
C LYS X 162 -224.43 58.20 2.71
N LYS X 163 -224.33 59.30 1.95
CA LYS X 163 -224.15 59.20 0.52
C LYS X 163 -223.11 60.20 0.07
N THR X 164 -222.32 59.82 -0.93
CA THR X 164 -221.34 60.76 -1.48
C THR X 164 -222.01 61.91 -2.20
N LYS X 165 -223.15 61.65 -2.83
CA LYS X 165 -223.85 62.69 -3.59
C LYS X 165 -224.21 63.88 -2.69
N GLU X 166 -224.78 63.61 -1.51
CA GLU X 166 -225.18 64.70 -0.63
C GLU X 166 -223.97 65.38 -0.02
N ALA X 167 -222.89 64.65 0.22
CA ALA X 167 -221.67 65.29 0.71
C ALA X 167 -221.13 66.26 -0.33
N VAL X 168 -221.20 65.89 -1.61
CA VAL X 168 -220.79 66.79 -2.68
C VAL X 168 -221.69 68.02 -2.72
N LEU X 169 -223.00 67.81 -2.55
CA LEU X 169 -223.93 68.94 -2.56
C LEU X 169 -223.61 69.92 -1.45
N LEU X 170 -223.17 69.41 -0.29
CA LEU X 170 -222.76 70.28 0.80
C LEU X 170 -221.58 71.16 0.39
N LEU X 171 -220.59 70.56 -0.27
CA LEU X 171 -219.40 71.32 -0.66
C LEU X 171 -219.76 72.40 -1.67
N LYS X 172 -220.64 72.08 -2.62
CA LYS X 172 -221.09 73.09 -3.57
C LYS X 172 -221.83 74.21 -2.88
N LYS X 173 -222.70 73.88 -1.92
CA LYS X 173 -223.47 74.91 -1.24
C LYS X 173 -222.59 75.77 -0.34
N LEU X 174 -221.63 75.15 0.33
CA LEU X 174 -220.71 75.89 1.18
C LEU X 174 -219.60 76.58 0.40
N LYS X 175 -219.61 76.45 -0.92
CA LYS X 175 -218.65 77.09 -1.82
C LYS X 175 -217.23 76.63 -1.59
N ALA X 176 -217.05 75.43 -1.05
CA ALA X 176 -215.75 74.80 -0.98
C ALA X 176 -215.48 73.88 -2.16
N TRP X 177 -216.43 73.75 -3.09
CA TRP X 177 -216.23 72.88 -4.25
C TRP X 177 -215.15 73.39 -5.17
N ASN X 178 -214.88 74.70 -5.18
CA ASN X 178 -213.80 75.22 -6.00
C ASN X 178 -212.47 74.66 -5.55
N ASP X 179 -212.28 74.50 -4.23
CA ASP X 179 -211.05 73.91 -3.72
C ASP X 179 -210.90 72.47 -4.20
N ILE X 180 -211.99 71.70 -4.20
CA ILE X 180 -211.94 70.35 -4.73
C ILE X 180 -211.66 70.38 -6.23
N LYS X 181 -212.31 71.29 -6.96
CA LYS X 181 -212.08 71.38 -8.39
C LYS X 181 -210.62 71.74 -8.70
N LYS X 182 -209.96 72.44 -7.78
CA LYS X 182 -208.54 72.72 -7.96
C LYS X 182 -207.71 71.46 -7.80
N VAL X 183 -208.14 70.57 -6.90
CA VAL X 183 -207.42 69.31 -6.70
C VAL X 183 -207.50 68.46 -7.97
N TYR X 184 -208.67 68.43 -8.60
CA TYR X 184 -208.84 67.61 -9.80
C TYR X 184 -207.85 67.99 -10.89
N ALA X 185 -207.78 69.27 -11.23
CA ALA X 185 -206.85 69.70 -12.27
C ALA X 185 -205.40 69.52 -11.82
N SER X 186 -205.19 69.35 -10.52
CA SER X 186 -203.85 69.12 -10.00
C SER X 186 -203.47 67.64 -10.03
N GLN X 187 -204.39 66.75 -10.37
CA GLN X 187 -204.08 65.32 -10.44
C GLN X 187 -203.22 65.06 -11.67
N ARG X 188 -201.99 64.59 -11.45
CA ARG X 188 -201.07 64.33 -12.53
C ARG X 188 -200.06 63.28 -12.09
N MET X 189 -199.35 62.73 -13.06
CA MET X 189 -198.35 61.71 -12.76
C MET X 189 -197.16 62.33 -12.03
N ARG X 190 -196.40 61.48 -11.35
CA ARG X 190 -195.26 61.94 -10.58
C ARG X 190 -194.03 62.05 -11.49
N ALA X 191 -192.88 62.34 -10.91
CA ALA X 191 -191.65 62.51 -11.67
C ALA X 191 -190.57 61.65 -11.05
N GLY X 192 -190.00 60.75 -11.85
CA GLY X 192 -188.84 60.01 -11.41
C GLY X 192 -189.19 58.57 -11.08
N LYS X 193 -188.32 57.96 -10.28
CA LYS X 193 -188.44 56.54 -9.95
C LYS X 193 -189.58 56.23 -9.01
N GLY X 194 -190.20 57.25 -8.41
CA GLY X 194 -191.30 56.99 -7.49
C GLY X 194 -192.48 56.33 -8.16
N LYS X 195 -192.61 56.47 -9.48
CA LYS X 195 -193.77 55.95 -10.17
C LYS X 195 -193.77 54.42 -10.20
N MET X 196 -192.60 53.81 -10.30
CA MET X 196 -192.54 52.36 -10.23
C MET X 196 -192.25 51.85 -8.82
N ARG X 197 -192.29 52.72 -7.82
CA ARG X 197 -192.22 52.31 -6.43
C ARG X 197 -193.57 52.40 -5.74
N ASN X 198 -194.66 52.38 -6.51
CA ASN X 198 -196.04 52.30 -6.09
C ASN X 198 -196.58 53.65 -5.60
N ARG X 199 -195.80 54.72 -5.68
CA ARG X 199 -196.31 56.08 -5.46
C ARG X 199 -196.61 56.70 -6.82
N ARG X 200 -197.69 56.21 -7.43
CA ARG X 200 -197.89 56.38 -8.86
C ARG X 200 -198.24 57.83 -9.22
N ARG X 201 -199.35 58.34 -8.67
CA ARG X 201 -199.85 59.64 -9.04
C ARG X 201 -200.00 60.52 -7.80
N ILE X 202 -200.01 61.83 -8.03
CA ILE X 202 -200.06 62.81 -6.96
C ILE X 202 -201.18 63.80 -7.25
N GLN X 203 -201.57 64.53 -6.22
CA GLN X 203 -202.62 65.53 -6.33
C GLN X 203 -202.47 66.53 -5.19
N ARG X 204 -203.07 67.70 -5.36
CA ARG X 204 -203.11 68.69 -4.31
C ARG X 204 -203.89 68.17 -3.12
N ARG X 205 -203.71 68.83 -1.98
CA ARG X 205 -204.48 68.51 -0.78
C ARG X 205 -205.77 69.31 -0.79
N GLY X 206 -206.87 68.67 -0.41
CA GLY X 206 -208.15 69.34 -0.37
C GLY X 206 -208.45 69.91 1.00
N PRO X 207 -209.69 70.30 1.22
CA PRO X 207 -210.08 70.85 2.52
C PRO X 207 -210.05 69.78 3.61
N CYS X 208 -210.35 70.21 4.82
CA CYS X 208 -210.31 69.35 6.00
C CYS X 208 -211.68 69.33 6.68
N ILE X 209 -212.20 68.13 6.87
CA ILE X 209 -213.49 67.94 7.52
C ILE X 209 -213.25 67.37 8.91
N ILE X 210 -213.73 68.07 9.93
CA ILE X 210 -213.51 67.70 11.31
C ILE X 210 -214.86 67.41 11.95
N TYR X 211 -215.03 66.20 12.47
CA TYR X 211 -216.28 65.75 13.03
C TYR X 211 -216.08 65.29 14.46
N ASN X 212 -217.16 65.28 15.24
CA ASN X 212 -217.08 64.79 16.60
C ASN X 212 -217.39 63.31 16.70
N GLU X 213 -218.45 62.86 16.04
CA GLU X 213 -218.85 61.47 16.04
C GLU X 213 -219.05 60.97 14.61
N ASP X 214 -218.68 59.72 14.38
CA ASP X 214 -218.76 59.11 13.06
C ASP X 214 -220.08 58.36 12.93
N ASN X 215 -221.06 58.99 12.29
CA ASN X 215 -222.34 58.36 12.01
C ASN X 215 -222.51 58.15 10.51
N GLY X 216 -221.43 57.79 9.85
CA GLY X 216 -221.42 57.62 8.41
C GLY X 216 -220.77 58.74 7.63
N ILE X 217 -220.19 59.74 8.30
CA ILE X 217 -219.61 60.86 7.59
C ILE X 217 -218.38 60.44 6.79
N ILE X 218 -217.63 59.44 7.27
CA ILE X 218 -216.42 59.05 6.55
C ILE X 218 -216.79 58.35 5.25
N LYS X 219 -217.80 57.49 5.28
CA LYS X 219 -218.21 56.81 4.06
C LYS X 219 -218.82 57.78 3.07
N ALA X 220 -219.60 58.74 3.55
CA ALA X 220 -220.16 59.76 2.65
C ALA X 220 -219.06 60.55 1.96
N PHE X 221 -218.06 60.95 2.71
CA PHE X 221 -216.85 61.56 2.17
C PHE X 221 -215.89 60.45 1.78
N ARG X 222 -214.61 60.78 1.61
CA ARG X 222 -213.49 59.88 1.34
C ARG X 222 -213.46 59.42 -0.11
N ASN X 223 -214.48 59.70 -0.91
CA ASN X 223 -214.38 59.47 -2.34
C ASN X 223 -214.12 60.74 -3.11
N ILE X 224 -214.44 61.89 -2.52
CA ILE X 224 -214.08 63.17 -3.10
C ILE X 224 -212.59 63.36 -2.86
N PRO X 225 -211.78 63.48 -3.90
CA PRO X 225 -210.33 63.59 -3.70
C PRO X 225 -209.96 64.83 -2.92
N GLY X 226 -208.97 64.69 -2.04
CA GLY X 226 -208.47 65.77 -1.24
C GLY X 226 -209.08 65.89 0.15
N ILE X 227 -210.24 65.28 0.39
CA ILE X 227 -210.89 65.40 1.67
C ILE X 227 -210.15 64.55 2.70
N THR X 228 -209.91 65.12 3.87
CA THR X 228 -209.26 64.42 4.98
C THR X 228 -210.13 64.59 6.22
N LEU X 229 -210.52 63.47 6.83
CA LEU X 229 -211.31 63.50 8.05
C LEU X 229 -210.38 63.42 9.26
N LEU X 230 -210.80 64.04 10.37
CA LEU X 230 -209.90 64.17 11.52
C LEU X 230 -210.42 63.64 12.84
N ASN X 231 -211.72 63.69 13.11
CA ASN X 231 -212.25 63.19 14.39
C ASN X 231 -211.62 63.91 15.57
N VAL X 232 -212.04 65.17 15.74
CA VAL X 232 -211.40 66.18 16.57
C VAL X 232 -210.89 65.65 17.92
N SER X 233 -211.53 64.60 18.43
CA SER X 233 -211.06 64.03 19.69
C SER X 233 -209.58 63.64 19.61
N LYS X 234 -209.13 63.21 18.42
CA LYS X 234 -207.73 62.91 18.18
C LYS X 234 -207.30 63.60 16.89
N LEU X 235 -206.69 64.77 17.02
CA LEU X 235 -206.26 65.52 15.85
C LEU X 235 -204.97 64.94 15.30
N ASN X 236 -204.43 65.58 14.27
CA ASN X 236 -203.26 65.07 13.57
C ASN X 236 -202.53 66.23 12.92
N ILE X 237 -201.37 66.59 13.45
CA ILE X 237 -200.61 67.69 12.87
C ILE X 237 -200.17 67.37 11.45
N LEU X 238 -199.88 66.09 11.17
CA LEU X 238 -199.46 65.71 9.83
C LEU X 238 -200.53 66.01 8.79
N LYS X 239 -201.80 66.08 9.21
CA LYS X 239 -202.88 66.41 8.30
C LYS X 239 -203.33 67.86 8.41
N LEU X 240 -203.08 68.49 9.57
CA LEU X 240 -203.46 69.88 9.75
C LEU X 240 -202.48 70.81 9.04
N ALA X 241 -201.21 70.44 8.98
CA ALA X 241 -200.19 71.19 8.26
C ALA X 241 -199.51 70.23 7.30
N PRO X 242 -200.04 70.05 6.10
CA PRO X 242 -199.61 68.91 5.27
C PRO X 242 -198.13 68.88 4.96
N GLY X 243 -197.50 70.03 4.78
CA GLY X 243 -196.08 70.06 4.50
C GLY X 243 -195.31 70.87 5.53
N GLY X 244 -195.75 70.82 6.78
CA GLY X 244 -195.20 71.71 7.77
C GLY X 244 -195.55 73.15 7.54
N HIS X 245 -196.54 73.42 6.69
CA HIS X 245 -196.95 74.76 6.34
C HIS X 245 -198.33 75.01 6.94
N VAL X 246 -198.40 75.94 7.88
CA VAL X 246 -199.64 76.22 8.58
C VAL X 246 -200.66 76.81 7.61
N GLY X 247 -201.93 76.63 7.92
CA GLY X 247 -202.97 77.28 7.16
C GLY X 247 -203.72 76.40 6.18
N ARG X 248 -204.08 75.19 6.60
CA ARG X 248 -204.92 74.34 5.77
C ARG X 248 -206.39 74.68 6.00
N PHE X 249 -207.16 74.70 4.92
CA PHE X 249 -208.58 74.99 5.01
C PHE X 249 -209.29 73.85 5.72
N CYS X 250 -210.01 74.20 6.79
CA CYS X 250 -210.72 73.21 7.59
C CYS X 250 -212.20 73.56 7.67
N ILE X 251 -213.03 72.52 7.64
CA ILE X 251 -214.46 72.64 7.86
C ILE X 251 -214.80 71.86 9.12
N TRP X 252 -215.52 72.50 10.03
CA TRP X 252 -215.83 71.93 11.33
C TRP X 252 -217.31 71.59 11.42
N THR X 253 -217.65 70.92 12.51
CA THR X 253 -219.02 70.58 12.85
C THR X 253 -219.37 71.22 14.19
N GLU X 254 -220.65 71.58 14.34
CA GLU X 254 -221.10 72.24 15.57
C GLU X 254 -220.71 71.44 16.80
N SER X 255 -220.84 70.12 16.75
CA SER X 255 -220.43 69.29 17.89
C SER X 255 -218.92 69.33 18.08
N ALA X 256 -218.16 69.22 16.98
CA ALA X 256 -216.70 69.23 17.10
C ALA X 256 -216.20 70.58 17.58
N PHE X 257 -216.80 71.67 17.09
CA PHE X 257 -216.38 73.00 17.49
C PHE X 257 -216.54 73.21 18.99
N ARG X 258 -217.70 72.80 19.54
CA ARG X 258 -217.93 73.02 20.96
C ARG X 258 -217.03 72.16 21.82
N LYS X 259 -216.53 71.04 21.30
CA LYS X 259 -215.63 70.21 22.08
C LYS X 259 -214.21 70.77 22.13
N LEU X 260 -213.93 71.79 21.30
CA LEU X 260 -212.56 72.28 21.18
C LEU X 260 -212.09 72.94 22.48
N ASP X 261 -212.97 73.71 23.12
CA ASP X 261 -212.58 74.37 24.37
C ASP X 261 -212.28 73.37 25.46
N GLU X 262 -213.10 72.31 25.59
CA GLU X 262 -212.80 71.29 26.58
C GLU X 262 -211.60 70.45 26.20
N LEU X 263 -211.11 70.57 24.96
CA LEU X 263 -210.03 69.71 24.51
C LEU X 263 -208.67 70.36 24.73
N TYR X 264 -208.58 71.68 24.59
CA TYR X 264 -207.35 72.41 24.83
C TYR X 264 -207.47 73.47 25.89
N GLY X 265 -208.67 73.81 26.34
CA GLY X 265 -208.86 74.80 27.37
C GLY X 265 -208.76 76.22 26.84
N THR X 266 -209.38 77.13 27.56
CA THR X 266 -209.15 78.55 27.32
C THR X 266 -207.91 78.95 28.11
N TRP X 267 -207.60 80.24 28.15
CA TRP X 267 -206.45 80.66 28.94
C TRP X 267 -206.78 80.68 30.43
N ARG X 268 -208.04 80.90 30.77
CA ARG X 268 -208.44 80.94 32.17
C ARG X 268 -208.97 79.61 32.68
N LYS X 269 -209.16 78.62 31.82
CA LYS X 269 -209.59 77.30 32.22
C LYS X 269 -208.74 76.24 31.51
N ALA X 270 -208.17 75.33 32.28
CA ALA X 270 -207.30 74.31 31.71
C ALA X 270 -208.12 73.29 30.94
N ALA X 271 -207.43 72.49 30.13
CA ALA X 271 -208.09 71.49 29.31
C ALA X 271 -208.65 70.38 30.19
N SER X 272 -209.96 70.18 30.14
CA SER X 272 -210.57 69.14 30.98
C SER X 272 -210.18 67.75 30.50
N LEU X 273 -210.13 67.53 29.19
CA LEU X 273 -209.91 66.19 28.66
C LEU X 273 -208.44 65.80 28.65
N LYS X 274 -207.54 66.77 28.81
CA LYS X 274 -206.12 66.45 28.84
C LYS X 274 -205.54 66.51 30.24
N SER X 275 -206.27 67.04 31.22
CA SER X 275 -206.01 66.82 32.63
C SER X 275 -204.71 67.45 33.12
N ASN X 276 -203.89 67.97 32.22
CA ASN X 276 -202.67 68.65 32.63
C ASN X 276 -202.29 69.82 31.75
N TYR X 277 -203.09 70.16 30.74
CA TYR X 277 -202.67 71.06 29.68
C TYR X 277 -203.34 72.42 29.82
N ASN X 278 -202.66 73.43 29.26
CA ASN X 278 -203.22 74.77 29.14
C ASN X 278 -202.61 75.42 27.90
N LEU X 279 -203.30 76.42 27.40
CA LEU X 279 -202.87 77.08 26.16
C LEU X 279 -201.51 77.73 26.38
N PRO X 280 -200.64 77.75 25.37
CA PRO X 280 -199.35 78.40 25.52
C PRO X 280 -199.49 79.92 25.63
N MET X 281 -198.74 80.48 26.58
CA MET X 281 -198.75 81.92 26.79
C MET X 281 -198.17 82.66 25.59
N HIS X 282 -198.72 83.84 25.32
CA HIS X 282 -198.14 84.72 24.32
C HIS X 282 -196.95 85.46 24.89
N LYS X 283 -195.85 85.47 24.15
CA LYS X 283 -194.71 86.29 24.52
C LYS X 283 -194.75 87.65 23.87
N MET X 284 -195.82 87.96 23.14
CA MET X 284 -196.06 89.29 22.60
C MET X 284 -197.57 89.40 22.43
N ILE X 285 -198.22 90.19 23.27
CA ILE X 285 -199.67 90.20 23.32
C ILE X 285 -200.25 91.10 22.24
N ASN X 286 -199.67 92.26 22.00
CA ASN X 286 -200.16 93.20 20.99
C ASN X 286 -199.19 93.13 19.82
N THR X 287 -199.46 92.23 18.89
CA THR X 287 -198.56 91.97 17.77
C THR X 287 -198.91 92.80 16.54
N ASP X 288 -199.04 94.11 16.68
CA ASP X 288 -199.32 94.99 15.55
C ASP X 288 -198.28 96.09 15.64
N LEU X 289 -197.18 95.93 14.92
CA LEU X 289 -196.10 96.89 14.97
C LEU X 289 -196.54 98.26 14.49
N SER X 290 -197.33 98.31 13.41
CA SER X 290 -197.75 99.59 12.86
C SER X 290 -198.55 100.39 13.88
N ARG X 291 -199.44 99.72 14.61
CA ARG X 291 -200.20 100.41 15.65
C ARG X 291 -199.29 100.89 16.77
N ILE X 292 -198.34 100.07 17.18
CA ILE X 292 -197.48 100.41 18.31
C ILE X 292 -196.57 101.57 17.97
N LEU X 293 -195.94 101.51 16.78
CA LEU X 293 -194.99 102.55 16.41
C LEU X 293 -195.70 103.88 16.17
N LYS X 294 -196.91 103.85 15.61
CA LYS X 294 -197.68 105.07 15.39
C LYS X 294 -198.36 105.57 16.64
N SER X 295 -198.25 104.85 17.75
CA SER X 295 -198.89 105.29 18.98
C SER X 295 -198.22 106.58 19.46
N PRO X 296 -198.99 107.53 20.00
CA PRO X 296 -198.38 108.81 20.40
C PRO X 296 -197.30 108.70 21.44
N GLU X 297 -197.43 107.82 22.44
CA GLU X 297 -196.45 107.77 23.51
C GLU X 297 -195.08 107.36 22.98
N ILE X 298 -195.05 106.47 21.99
CA ILE X 298 -193.78 106.14 21.35
C ILE X 298 -193.21 107.37 20.64
N GLN X 299 -194.06 108.09 19.91
CA GLN X 299 -193.58 109.20 19.10
C GLN X 299 -192.97 110.31 19.94
N ARG X 300 -193.57 110.59 21.10
CA ARG X 300 -193.03 111.65 21.95
C ARG X 300 -191.60 111.33 22.37
N ALA X 301 -191.30 110.05 22.59
CA ALA X 301 -189.95 109.67 22.98
C ALA X 301 -188.97 109.70 21.81
N LEU X 302 -189.47 109.69 20.58
CA LEU X 302 -188.59 109.58 19.42
C LEU X 302 -187.79 110.86 19.23
N ARG X 303 -186.55 110.70 18.79
CA ARG X 303 -185.78 111.83 18.30
C ARG X 303 -186.24 112.19 16.88
N ALA X 304 -185.91 113.40 16.46
CA ALA X 304 -186.29 113.85 15.13
C ALA X 304 -185.58 113.02 14.08
N PRO X 305 -186.26 112.59 13.01
CA PRO X 305 -185.61 111.73 12.03
C PRO X 305 -184.74 112.53 11.08
N ARG X 306 -183.53 112.04 10.86
CA ARG X 306 -182.61 112.63 9.90
C ARG X 306 -182.75 111.87 8.58
N LYS X 307 -183.09 112.58 7.52
CA LYS X 307 -183.44 111.94 6.26
C LYS X 307 -182.59 112.37 5.07
N LYS X 308 -181.85 113.47 5.17
CA LYS X 308 -181.04 113.93 4.05
C LYS X 308 -179.85 113.00 3.85
N ILE X 309 -179.56 112.67 2.60
CA ILE X 309 -178.47 111.75 2.28
C ILE X 309 -177.19 112.55 2.09
N HIS X 310 -176.17 112.22 2.88
CA HIS X 310 -174.89 112.93 2.86
C HIS X 310 -173.90 112.16 1.99
N ARG X 311 -174.02 112.35 0.68
CA ARG X 311 -173.12 111.65 -0.23
C ARG X 311 -171.73 112.27 -0.18
N ARG X 312 -170.76 111.52 -0.68
CA ARG X 312 -169.38 111.94 -0.60
C ARG X 312 -169.15 113.17 -1.46
N VAL X 313 -168.23 114.03 -0.99
CA VAL X 313 -167.86 115.24 -1.69
C VAL X 313 -166.58 114.95 -2.47
N LEU X 314 -166.62 115.20 -3.77
CA LEU X 314 -165.38 115.14 -4.55
C LEU X 314 -164.48 116.26 -4.07
N LYS X 315 -163.31 115.90 -3.54
CA LYS X 315 -162.42 116.88 -2.94
C LYS X 315 -161.81 117.71 -4.06
N LYS X 316 -162.41 118.85 -4.35
CA LYS X 316 -161.77 119.81 -5.23
C LYS X 316 -160.54 120.38 -4.53
N ASN X 317 -159.48 120.58 -5.28
CA ASN X 317 -158.21 120.94 -4.69
C ASN X 317 -158.11 122.46 -4.54
N PRO X 318 -157.92 122.97 -3.33
CA PRO X 318 -157.47 124.35 -3.18
C PRO X 318 -156.11 124.54 -3.84
N LEU X 319 -155.63 125.78 -3.82
CA LEU X 319 -154.40 126.17 -4.48
C LEU X 319 -154.56 126.09 -6.00
N LYS X 320 -155.69 125.61 -6.45
CA LYS X 320 -156.11 125.66 -7.85
C LYS X 320 -157.52 126.22 -8.00
N ASN X 321 -158.42 125.87 -7.10
CA ASN X 321 -159.81 126.32 -7.14
C ASN X 321 -160.02 127.28 -5.98
N LEU X 322 -159.98 128.59 -6.26
CA LEU X 322 -159.93 129.53 -5.15
C LEU X 322 -161.24 129.60 -4.38
N ARG X 323 -162.39 129.45 -5.04
CA ARG X 323 -163.65 129.52 -4.32
C ARG X 323 -163.76 128.36 -3.32
N ILE X 324 -163.07 127.26 -3.59
CA ILE X 324 -162.87 126.25 -2.55
C ILE X 324 -161.93 126.78 -1.48
N MET X 325 -160.82 127.41 -1.89
CA MET X 325 -159.89 127.99 -0.94
C MET X 325 -160.54 129.10 -0.14
N LEU X 326 -161.33 129.94 -0.81
CA LEU X 326 -162.06 131.00 -0.12
C LEU X 326 -163.06 130.44 0.87
N LYS X 327 -163.70 129.32 0.54
CA LYS X 327 -164.65 128.71 1.47
C LYS X 327 -163.95 128.29 2.76
N LEU X 328 -162.76 127.72 2.64
CA LEU X 328 -161.98 127.35 3.81
C LEU X 328 -161.24 128.52 4.43
N ASN X 329 -160.70 129.42 3.61
CA ASN X 329 -159.89 130.53 4.08
C ASN X 329 -160.36 131.83 3.45
N PRO X 330 -161.34 132.51 4.03
CA PRO X 330 -161.88 133.71 3.38
C PRO X 330 -160.86 134.81 3.19
N TYR X 331 -159.80 134.85 3.99
CA TYR X 331 -158.83 135.92 3.84
C TYR X 331 -157.90 135.68 2.66
N ALA X 332 -157.89 134.47 2.10
CA ALA X 332 -157.00 134.17 0.98
C ALA X 332 -157.28 135.07 -0.22
N LYS X 333 -158.53 135.49 -0.39
CA LYS X 333 -158.85 136.39 -1.50
C LYS X 333 -158.15 137.73 -1.32
N THR X 334 -158.12 138.24 -0.09
CA THR X 334 -157.40 139.48 0.16
C THR X 334 -155.89 139.28 0.03
N MET X 335 -155.38 138.12 0.41
CA MET X 335 -153.98 137.82 0.13
C MET X 335 -153.71 137.84 -1.37
N ARG X 336 -154.60 137.21 -2.14
CA ARG X 336 -154.39 137.16 -3.59
C ARG X 336 -154.57 138.53 -4.22
N ARG X 337 -155.57 139.29 -3.78
CA ARG X 337 -155.80 140.60 -4.37
C ARG X 337 -154.63 141.53 -4.10
N ASN X 338 -154.13 141.55 -2.87
CA ASN X 338 -153.02 142.44 -2.54
C ASN X 338 -151.77 142.08 -3.34
N THR X 339 -151.47 140.79 -3.45
CA THR X 339 -150.22 140.39 -4.10
C THR X 339 -150.28 140.62 -5.61
N ILE X 340 -151.46 140.53 -6.22
CA ILE X 340 -151.57 140.83 -7.64
C ILE X 340 -151.29 142.30 -7.89
N LEU X 341 -151.89 143.18 -7.07
CA LEU X 341 -151.61 144.60 -7.20
C LEU X 341 -150.15 144.92 -6.91
N ARG X 342 -149.60 144.33 -5.85
CA ARG X 342 -148.21 144.60 -5.48
C ARG X 342 -147.26 144.17 -6.58
N GLN X 343 -147.50 142.99 -7.16
CA GLN X 343 -146.69 142.54 -8.28
C GLN X 343 -146.88 143.45 -9.48
N ALA X 344 -148.10 143.95 -9.69
CA ALA X 344 -148.35 144.82 -10.84
C ALA X 344 -147.60 146.13 -10.70
N ARG X 345 -147.72 146.80 -9.55
CA ARG X 345 -147.08 148.10 -9.41
C ARG X 345 -145.58 147.96 -9.23
N ASN X 346 -145.10 146.79 -8.83
CA ASN X 346 -143.67 146.55 -8.82
C ASN X 346 -143.16 146.28 -10.24
N HIS X 347 -143.96 145.59 -11.05
CA HIS X 347 -143.57 145.35 -12.42
C HIS X 347 -143.55 146.63 -13.23
N LYS X 348 -144.55 147.49 -13.03
CA LYS X 348 -144.53 148.81 -13.65
C LYS X 348 -143.35 149.63 -13.17
N LEU X 349 -143.09 149.63 -11.86
CA LEU X 349 -142.06 150.46 -11.28
C LEU X 349 -140.67 150.15 -11.79
N ARG X 350 -140.46 148.97 -12.36
CA ARG X 350 -139.19 148.63 -12.96
C ARG X 350 -139.16 148.83 -14.47
N VAL X 351 -140.30 148.61 -15.14
CA VAL X 351 -140.31 148.76 -16.59
C VAL X 351 -140.13 150.22 -16.99
N ASP X 352 -140.56 151.17 -16.15
CA ASP X 352 -140.37 152.57 -16.52
C ASP X 352 -138.92 153.00 -16.33
N LYS X 353 -138.31 152.63 -15.20
CA LYS X 353 -136.94 153.07 -14.97
C LYS X 353 -135.96 152.41 -15.94
N ALA X 354 -136.25 151.19 -16.39
CA ALA X 354 -135.48 150.62 -17.50
C ALA X 354 -135.65 151.47 -18.76
N ALA X 355 -136.87 151.94 -19.00
CA ALA X 355 -137.08 152.89 -20.07
C ALA X 355 -136.48 154.25 -19.74
N ALA X 356 -136.61 154.68 -18.49
CA ALA X 356 -136.06 155.98 -18.09
C ALA X 356 -134.54 155.97 -18.16
N ALA X 357 -133.90 154.90 -17.66
CA ALA X 357 -132.44 154.83 -17.73
C ALA X 357 -131.97 154.78 -19.18
N ALA X 358 -132.68 154.03 -20.04
CA ALA X 358 -132.33 153.99 -21.45
C ALA X 358 -132.49 155.37 -22.09
N ALA X 359 -133.45 156.16 -21.61
CA ALA X 359 -133.57 157.54 -22.06
C ALA X 359 -132.32 158.33 -21.68
N ALA X 360 -131.81 158.10 -20.47
CA ALA X 360 -130.56 158.74 -20.06
C ALA X 360 -129.41 158.28 -20.94
N LEU X 361 -129.40 157.01 -21.33
CA LEU X 361 -128.37 156.52 -22.25
C LEU X 361 -128.38 157.29 -23.56
N GLN X 362 -129.56 157.44 -24.17
CA GLN X 362 -129.65 158.12 -25.45
C GLN X 362 -129.32 159.60 -25.32
N ALA X 363 -129.89 160.26 -24.31
CA ALA X 363 -129.67 161.68 -24.12
C ALA X 363 -128.20 161.97 -23.80
N LYS X 364 -127.57 161.10 -23.02
CA LYS X 364 -126.15 161.28 -22.71
C LYS X 364 -125.23 160.79 -23.82
N SER X 365 -125.76 160.12 -24.84
CA SER X 365 -124.95 159.72 -25.98
C SER X 365 -125.05 160.71 -27.14
N ASP X 366 -126.23 161.27 -27.37
CA ASP X 366 -126.45 162.23 -28.44
C ASP X 366 -126.70 163.63 -27.91
N GLU X 367 -125.99 164.01 -26.83
CA GLU X 367 -126.13 165.36 -26.31
C GLU X 367 -125.43 166.38 -27.20
N LYS X 368 -124.48 165.92 -28.02
CA LYS X 368 -123.77 166.78 -28.98
C LYS X 368 -123.18 168.03 -28.34
N GLY Y 1 -81.86 90.17 50.50
CA GLY Y 1 -81.87 89.77 49.11
C GLY Y 1 -81.74 88.26 48.94
N PHE Y 2 -82.36 87.53 49.87
CA PHE Y 2 -82.33 86.07 49.85
C PHE Y 2 -83.70 85.44 49.99
N VAL Y 3 -84.66 86.16 50.58
CA VAL Y 3 -85.96 85.62 50.92
C VAL Y 3 -87.03 86.54 50.32
N LYS Y 4 -88.08 85.92 49.77
CA LYS Y 4 -89.17 86.68 49.19
C LYS Y 4 -89.84 87.56 50.24
N VAL Y 5 -90.04 88.82 49.90
CA VAL Y 5 -90.72 89.76 50.79
C VAL Y 5 -92.21 89.51 50.69
N VAL Y 6 -92.86 89.32 51.84
CA VAL Y 6 -94.27 88.92 51.84
C VAL Y 6 -95.18 90.12 51.62
N LYS Y 7 -94.97 91.19 52.38
CA LYS Y 7 -95.82 92.37 52.30
C LYS Y 7 -95.33 93.26 51.16
N ASN Y 8 -95.38 92.71 49.95
CA ASN Y 8 -94.97 93.44 48.77
C ASN Y 8 -96.12 94.33 48.30
N LYS Y 9 -95.91 95.02 47.18
CA LYS Y 9 -96.94 95.92 46.66
C LYS Y 9 -98.20 95.15 46.29
N ALA Y 10 -98.04 93.95 45.72
CA ALA Y 10 -99.19 93.15 45.35
C ALA Y 10 -100.01 92.75 46.57
N TYR Y 11 -99.34 92.48 47.69
CA TYR Y 11 -100.04 92.07 48.89
C TYR Y 11 -101.01 93.16 49.36
N PHE Y 12 -100.58 94.42 49.30
CA PHE Y 12 -101.44 95.50 49.73
C PHE Y 12 -102.50 95.83 48.69
N LYS Y 13 -102.19 95.67 47.40
CA LYS Y 13 -103.14 96.00 46.35
C LYS Y 13 -104.40 95.16 46.46
N ARG Y 14 -104.28 93.98 47.05
CA ARG Y 14 -105.36 93.00 47.10
C ARG Y 14 -105.87 92.76 48.52
N TYR Y 15 -105.11 93.18 49.52
CA TYR Y 15 -105.50 93.00 50.92
C TYR Y 15 -106.83 93.68 51.21
N GLN Y 16 -107.72 92.96 51.88
CA GLN Y 16 -109.00 93.49 52.32
C GLN Y 16 -108.92 93.85 53.79
N VAL Y 17 -109.44 95.01 54.14
CA VAL Y 17 -109.33 95.54 55.50
C VAL Y 17 -110.59 95.17 56.27
N LYS Y 18 -110.42 94.62 57.48
CA LYS Y 18 -111.54 94.21 58.30
C LYS Y 18 -112.33 95.43 58.77
N PHE Y 19 -113.45 95.18 59.44
CA PHE Y 19 -114.22 96.27 60.01
C PHE Y 19 -113.40 97.00 61.07
N ARG Y 20 -113.62 98.31 61.20
CA ARG Y 20 -112.74 99.13 62.02
C ARG Y 20 -112.74 98.65 63.48
N ARG Y 21 -113.92 98.40 64.03
CA ARG Y 21 -113.98 97.97 65.42
C ARG Y 21 -113.42 96.57 65.59
N ARG Y 22 -113.46 95.75 64.54
CA ARG Y 22 -112.78 94.47 64.62
C ARG Y 22 -111.27 94.65 64.57
N ARG Y 23 -110.80 95.61 63.78
CA ARG Y 23 -109.36 95.85 63.72
C ARG Y 23 -108.81 96.28 65.08
N GLU Y 24 -109.52 97.16 65.78
CA GLU Y 24 -109.11 97.52 67.13
C GLU Y 24 -109.47 96.46 68.15
N GLY Y 25 -110.14 95.39 67.74
CA GLY Y 25 -110.47 94.31 68.65
C GLY Y 25 -111.42 94.69 69.76
N LYS Y 26 -112.40 95.54 69.48
CA LYS Y 26 -113.34 96.00 70.49
C LYS Y 26 -114.74 95.44 70.31
N THR Y 27 -114.96 94.61 69.29
CA THR Y 27 -116.30 94.11 69.01
C THR Y 27 -116.19 92.86 68.16
N ASP Y 28 -116.97 91.83 68.50
CA ASP Y 28 -117.09 90.65 67.64
C ASP Y 28 -118.42 90.74 66.90
N TYR Y 29 -118.36 90.75 65.57
CA TYR Y 29 -119.57 90.93 64.79
C TYR Y 29 -120.35 89.64 64.63
N TYR Y 30 -119.77 88.51 65.04
CA TYR Y 30 -120.51 87.26 65.06
C TYR Y 30 -121.60 87.30 66.13
N ALA Y 31 -121.22 87.63 67.37
CA ALA Y 31 -122.19 87.67 68.44
C ALA Y 31 -123.06 88.90 68.37
N ARG Y 32 -122.50 90.03 67.91
CA ARG Y 32 -123.26 91.27 67.86
C ARG Y 32 -124.44 91.14 66.91
N LYS Y 33 -124.24 90.52 65.74
CA LYS Y 33 -125.34 90.34 64.80
C LYS Y 33 -126.46 89.51 65.43
N ARG Y 34 -126.09 88.42 66.11
CA ARG Y 34 -127.07 87.63 66.84
C ARG Y 34 -127.71 88.42 67.97
N LEU Y 35 -126.98 89.33 68.59
CA LEU Y 35 -127.41 90.05 69.78
C LEU Y 35 -128.16 91.33 69.49
N VAL Y 36 -127.95 91.92 68.31
CA VAL Y 36 -128.52 93.23 67.99
C VAL Y 36 -129.75 93.14 67.10
N ILE Y 37 -129.77 92.23 66.13
CA ILE Y 37 -130.74 92.28 65.05
C ILE Y 37 -132.13 91.96 65.59
N GLN Y 38 -133.06 92.88 65.39
CA GLN Y 38 -134.45 92.65 65.78
C GLN Y 38 -135.15 91.79 64.73
N ASP Y 39 -136.09 90.99 65.19
CA ASP Y 39 -136.89 90.17 64.27
C ASP Y 39 -137.61 91.08 63.28
N LYS Y 40 -137.66 90.65 62.02
CA LYS Y 40 -138.10 91.56 60.97
C LYS Y 40 -139.56 91.95 61.12
N ASN Y 41 -140.41 91.03 61.54
CA ASN Y 41 -141.83 91.37 61.69
C ASN Y 41 -142.10 92.02 63.05
N LYS Y 42 -141.29 93.02 63.38
CA LYS Y 42 -141.50 93.96 64.47
C LYS Y 42 -141.27 95.40 64.03
N TYR Y 43 -140.30 95.62 63.14
CA TYR Y 43 -140.10 96.80 62.32
C TYR Y 43 -139.64 98.04 63.09
N ASN Y 44 -139.90 98.12 64.39
CA ASN Y 44 -139.32 99.22 65.15
C ASN Y 44 -139.06 98.87 66.60
N THR Y 45 -139.49 97.69 67.03
CA THR Y 45 -139.38 97.34 68.42
C THR Y 45 -137.91 97.16 68.77
N PRO Y 46 -137.33 98.02 69.61
CA PRO Y 46 -135.88 98.01 69.80
C PRO Y 46 -135.46 96.87 70.72
N LYS Y 47 -134.46 96.11 70.28
CA LYS Y 47 -133.89 95.07 71.14
C LYS Y 47 -132.90 95.73 72.08
N TYR Y 48 -133.23 95.74 73.37
CA TYR Y 48 -132.38 96.40 74.36
C TYR Y 48 -131.29 95.46 74.84
N ARG Y 49 -130.06 95.95 74.83
CA ARG Y 49 -128.91 95.19 75.32
C ARG Y 49 -128.37 95.87 76.56
N MET Y 50 -128.01 95.08 77.57
CA MET Y 50 -127.36 95.60 78.76
C MET Y 50 -125.86 95.41 78.55
N ILE Y 51 -125.20 96.47 78.12
CA ILE Y 51 -123.76 96.43 77.82
C ILE Y 51 -123.00 96.59 79.12
N VAL Y 52 -122.10 95.66 79.40
CA VAL Y 52 -121.23 95.73 80.57
C VAL Y 52 -119.79 95.62 80.09
N ARG Y 53 -118.96 96.58 80.48
CA ARG Y 53 -117.56 96.59 80.09
C ARG Y 53 -116.71 96.84 81.33
N VAL Y 54 -115.84 95.90 81.63
CA VAL Y 54 -114.95 96.00 82.79
C VAL Y 54 -113.63 96.60 82.34
N THR Y 55 -113.17 97.61 83.06
CA THR Y 55 -111.96 98.32 82.73
C THR Y 55 -111.00 98.23 83.91
N ASN Y 56 -109.71 98.48 83.64
CA ASN Y 56 -108.71 98.37 84.70
C ASN Y 56 -109.02 99.29 85.87
N ARG Y 57 -109.71 100.40 85.62
CA ARG Y 57 -110.00 101.38 86.66
C ARG Y 57 -111.49 101.50 86.96
N ASP Y 58 -112.37 101.11 86.05
CA ASP Y 58 -113.77 101.49 86.11
C ASP Y 58 -114.61 100.33 85.56
N ILE Y 59 -115.93 100.46 85.67
CA ILE Y 59 -116.86 99.50 85.09
C ILE Y 59 -117.89 100.27 84.29
N ILE Y 60 -117.91 100.05 82.98
CA ILE Y 60 -118.85 100.71 82.08
C ILE Y 60 -120.05 99.78 81.95
N CYS Y 61 -121.25 100.32 82.12
CA CYS Y 61 -122.45 99.51 82.10
C CYS Y 61 -123.62 100.36 81.60
N GLN Y 62 -124.02 100.11 80.35
CA GLN Y 62 -125.02 100.93 79.66
C GLN Y 62 -126.08 100.02 79.07
N ILE Y 63 -127.19 100.63 78.66
CA ILE Y 63 -128.29 99.92 78.00
C ILE Y 63 -128.58 100.65 76.69
N ALA Y 64 -128.64 99.89 75.59
CA ALA Y 64 -128.76 100.50 74.27
C ALA Y 64 -129.57 99.61 73.34
N TYR Y 65 -129.86 100.17 72.17
CA TYR Y 65 -130.48 99.47 71.06
C TYR Y 65 -129.94 100.08 69.78
N ALA Y 66 -129.78 99.27 68.73
CA ALA Y 66 -129.02 99.68 67.56
C ALA Y 66 -129.92 100.16 66.44
N ARG Y 67 -129.48 101.24 65.77
CA ARG Y 67 -130.13 101.78 64.59
C ARG Y 67 -129.13 101.84 63.44
N ILE Y 68 -129.58 102.37 62.30
CA ILE Y 68 -128.72 102.49 61.12
C ILE Y 68 -127.55 103.41 61.41
N GLU Y 69 -127.84 104.58 62.00
CA GLU Y 69 -126.79 105.55 62.26
C GLU Y 69 -125.84 105.08 63.34
N GLY Y 70 -126.35 104.37 64.35
CA GLY Y 70 -125.54 103.84 65.41
C GLY Y 70 -126.42 103.33 66.52
N ASP Y 71 -125.79 102.87 67.58
CA ASP Y 71 -126.51 102.42 68.77
C ASP Y 71 -126.90 103.64 69.60
N MET Y 72 -128.14 103.63 70.09
CA MET Y 72 -128.64 104.72 70.92
C MET Y 72 -128.67 104.28 72.38
N ILE Y 73 -127.93 105.02 73.21
CA ILE Y 73 -127.90 104.76 74.65
C ILE Y 73 -129.09 105.46 75.28
N VAL Y 74 -129.92 104.71 75.99
CA VAL Y 74 -131.03 105.31 76.70
C VAL Y 74 -130.58 105.85 78.05
N CYS Y 75 -129.75 105.10 78.76
CA CYS Y 75 -129.16 105.54 80.01
C CYS Y 75 -127.99 104.63 80.32
N ALA Y 76 -127.06 105.14 81.12
CA ALA Y 76 -125.83 104.42 81.43
C ALA Y 76 -125.45 104.64 82.88
N ALA Y 77 -124.66 103.72 83.41
CA ALA Y 77 -124.15 103.80 84.76
C ALA Y 77 -122.65 103.57 84.75
N TYR Y 78 -122.00 104.08 85.78
CA TYR Y 78 -120.54 104.11 85.84
C TYR Y 78 -120.08 103.84 87.26
N ALA Y 79 -118.99 103.09 87.39
CA ALA Y 79 -118.47 102.83 88.74
C ALA Y 79 -117.75 104.05 89.30
N HIS Y 80 -117.17 104.89 88.45
CA HIS Y 80 -116.49 106.07 88.95
C HIS Y 80 -117.46 107.06 89.58
N GLU Y 81 -118.75 106.96 89.28
CA GLU Y 81 -119.75 107.83 89.88
C GLU Y 81 -120.36 107.23 91.13
N LEU Y 82 -120.00 105.99 91.48
CA LEU Y 82 -120.41 105.43 92.75
C LEU Y 82 -119.92 106.24 93.96
N PRO Y 83 -118.67 106.74 94.00
CA PRO Y 83 -118.25 107.55 95.15
C PRO Y 83 -119.12 108.75 95.44
N LYS Y 84 -120.00 109.14 94.52
CA LYS Y 84 -120.91 110.24 94.78
C LYS Y 84 -121.88 109.93 95.92
N TYR Y 85 -122.02 108.66 96.29
CA TYR Y 85 -122.81 108.27 97.45
C TYR Y 85 -122.39 106.87 97.89
N GLY Y 86 -122.25 106.71 99.19
CA GLY Y 86 -121.88 105.42 99.74
C GLY Y 86 -120.45 105.02 99.50
N VAL Y 87 -120.25 103.99 98.67
CA VAL Y 87 -118.92 103.40 98.50
C VAL Y 87 -117.97 104.42 97.89
N LYS Y 88 -116.78 104.53 98.48
CA LYS Y 88 -115.73 105.39 97.94
C LYS Y 88 -114.47 104.62 97.58
N VAL Y 89 -114.30 103.39 98.06
CA VAL Y 89 -113.10 102.61 97.83
C VAL Y 89 -113.52 101.20 97.45
N GLY Y 90 -112.88 100.64 96.43
CA GLY Y 90 -113.17 99.28 96.04
C GLY Y 90 -113.87 99.18 94.71
N LEU Y 91 -113.59 100.14 93.83
CA LEU Y 91 -114.18 100.10 92.49
C LEU Y 91 -113.58 98.95 91.71
N THR Y 92 -114.26 98.57 90.62
CA THR Y 92 -113.85 97.47 89.76
C THR Y 92 -113.63 96.19 90.57
N ASN Y 93 -114.51 95.93 91.52
CA ASN Y 93 -114.58 94.65 92.20
C ASN Y 93 -115.97 94.09 91.97
N TYR Y 94 -116.21 92.86 92.45
CA TYR Y 94 -117.51 92.24 92.21
C TYR Y 94 -118.64 93.03 92.85
N ALA Y 95 -118.43 93.51 94.07
CA ALA Y 95 -119.47 94.29 94.73
C ALA Y 95 -119.76 95.56 93.95
N ALA Y 96 -118.72 96.26 93.51
CA ALA Y 96 -118.94 97.46 92.72
C ALA Y 96 -119.67 97.13 91.42
N ALA Y 97 -119.41 95.95 90.86
CA ALA Y 97 -120.16 95.51 89.68
C ALA Y 97 -121.63 95.35 90.01
N TYR Y 98 -121.95 94.85 91.20
CA TYR Y 98 -123.35 94.68 91.58
C TYR Y 98 -124.05 96.01 91.70
N CYS Y 99 -123.40 97.00 92.33
CA CYS Y 99 -124.06 98.29 92.54
C CYS Y 99 -124.28 99.02 91.22
N THR Y 100 -123.27 99.03 90.34
CA THR Y 100 -123.42 99.76 89.09
C THR Y 100 -124.50 99.15 88.21
N GLY Y 101 -124.69 97.82 88.29
CA GLY Y 101 -125.85 97.23 87.65
C GLY Y 101 -127.14 97.66 88.31
N LEU Y 102 -127.17 97.66 89.65
CA LEU Y 102 -128.34 98.14 90.36
C LEU Y 102 -128.58 99.61 90.10
N LEU Y 103 -127.52 100.40 90.04
CA LEU Y 103 -127.67 101.82 89.71
C LEU Y 103 -128.22 101.99 88.31
N LEU Y 104 -127.73 101.20 87.36
CA LEU Y 104 -128.28 101.27 86.01
C LEU Y 104 -129.77 100.94 86.00
N ALA Y 105 -130.16 99.93 86.76
CA ALA Y 105 -131.57 99.56 86.83
C ALA Y 105 -132.41 100.72 87.35
N ARG Y 106 -132.02 101.29 88.50
CA ARG Y 106 -132.88 102.28 89.15
C ARG Y 106 -132.96 103.55 88.33
N ARG Y 107 -131.85 104.00 87.74
CA ARG Y 107 -131.89 105.28 87.04
C ARG Y 107 -132.69 105.18 85.75
N LEU Y 108 -132.69 104.00 85.10
CA LEU Y 108 -133.55 103.82 83.94
C LEU Y 108 -135.02 103.78 84.34
N LEU Y 109 -135.34 103.05 85.41
CA LEU Y 109 -136.73 102.95 85.84
C LEU Y 109 -137.27 104.31 86.24
N ASN Y 110 -136.49 105.10 86.98
CA ASN Y 110 -136.93 106.44 87.35
C ASN Y 110 -137.13 107.31 86.11
N ARG Y 111 -136.15 107.32 85.20
CA ARG Y 111 -136.28 108.07 83.97
C ARG Y 111 -137.49 107.61 83.16
N PHE Y 112 -137.93 106.38 83.39
CA PHE Y 112 -139.01 105.77 82.62
C PHE Y 112 -140.37 106.01 83.25
N GLY Y 113 -140.43 106.69 84.39
CA GLY Y 113 -141.66 106.76 85.15
C GLY Y 113 -142.11 105.43 85.71
N MET Y 114 -141.25 104.41 85.67
CA MET Y 114 -141.61 103.06 86.03
C MET Y 114 -140.88 102.56 87.27
N ASP Y 115 -140.31 103.47 88.07
CA ASP Y 115 -139.54 103.04 89.23
C ASP Y 115 -140.42 102.61 90.39
N LYS Y 116 -141.55 103.28 90.59
CA LYS Y 116 -142.42 102.95 91.72
C LYS Y 116 -142.96 101.53 91.60
N ILE Y 117 -143.28 101.12 90.39
CA ILE Y 117 -143.62 99.73 90.12
C ILE Y 117 -142.33 98.97 89.83
N TYR Y 118 -142.33 97.66 90.07
CA TYR Y 118 -141.15 96.81 89.86
C TYR Y 118 -139.96 97.33 90.64
N GLU Y 119 -140.08 97.33 91.97
CA GLU Y 119 -138.97 97.75 92.81
C GLU Y 119 -137.81 96.78 92.75
N GLY Y 120 -138.05 95.54 92.35
CA GLY Y 120 -136.99 94.55 92.23
C GLY Y 120 -136.83 93.75 93.52
N GLN Y 121 -135.66 93.86 94.13
CA GLN Y 121 -135.37 93.21 95.41
C GLN Y 121 -134.66 94.24 96.29
N VAL Y 122 -135.40 94.91 97.15
CA VAL Y 122 -134.78 95.87 98.06
C VAL Y 122 -133.87 95.15 99.05
N GLU Y 123 -134.23 93.94 99.45
CA GLU Y 123 -133.35 93.13 100.27
C GLU Y 123 -132.47 92.26 99.38
N VAL Y 124 -131.17 92.30 99.61
CA VAL Y 124 -130.21 91.66 98.72
C VAL Y 124 -129.96 90.24 99.21
N THR Y 125 -130.18 89.27 98.33
CA THR Y 125 -129.90 87.87 98.62
C THR Y 125 -129.50 87.16 97.34
N GLY Y 126 -128.71 86.11 97.49
CA GLY Y 126 -128.06 85.50 96.35
C GLY Y 126 -128.88 84.53 95.55
N ASP Y 127 -130.15 84.35 95.85
CA ASP Y 127 -130.97 83.36 95.18
C ASP Y 127 -131.29 83.81 93.76
N GLU Y 128 -132.20 83.07 93.11
CA GLU Y 128 -132.65 83.44 91.79
C GLU Y 128 -133.90 84.30 91.88
N TYR Y 129 -133.86 85.45 91.21
CA TYR Y 129 -135.01 86.35 91.19
C TYR Y 129 -135.04 87.01 89.82
N ASN Y 130 -136.11 86.74 89.06
CA ASN Y 130 -136.33 87.38 87.77
C ASN Y 130 -137.67 88.09 87.82
N VAL Y 131 -137.70 89.35 87.37
CA VAL Y 131 -138.90 90.16 87.50
C VAL Y 131 -140.00 89.62 86.59
N GLU Y 132 -141.24 89.74 87.05
CA GLU Y 132 -142.41 89.35 86.29
C GLU Y 132 -143.31 90.57 86.08
N SER Y 133 -143.92 90.63 84.90
CA SER Y 133 -144.81 91.73 84.60
C SER Y 133 -146.09 91.63 85.40
N ILE Y 134 -146.72 92.78 85.63
CA ILE Y 134 -147.97 92.87 86.39
C ILE Y 134 -149.04 93.42 85.48
N ASP Y 135 -150.19 92.74 85.43
CA ASP Y 135 -151.28 93.16 84.55
C ASP Y 135 -151.82 94.52 84.99
N GLY Y 136 -152.25 95.30 84.00
CA GLY Y 136 -152.77 96.63 84.28
C GLY Y 136 -151.71 97.67 84.55
N GLN Y 137 -150.44 97.28 84.59
CA GLN Y 137 -149.31 98.18 84.74
C GLN Y 137 -148.42 98.07 83.51
N PRO Y 138 -147.61 99.08 83.24
CA PRO Y 138 -146.66 98.98 82.13
C PRO Y 138 -145.81 97.72 82.27
N GLY Y 139 -145.62 97.04 81.14
CA GLY Y 139 -144.92 95.77 81.16
C GLY Y 139 -143.49 95.95 81.65
N ALA Y 140 -142.94 94.88 82.22
CA ALA Y 140 -141.58 94.92 82.74
C ALA Y 140 -140.59 95.18 81.61
N PHE Y 141 -139.56 95.96 81.92
CA PHE Y 141 -138.51 96.22 80.97
C PHE Y 141 -137.68 94.96 80.78
N THR Y 142 -137.47 94.58 79.52
CA THR Y 142 -136.70 93.40 79.18
C THR Y 142 -135.50 93.80 78.35
N CYS Y 143 -134.35 93.21 78.67
CA CYS Y 143 -133.11 93.50 77.97
C CYS Y 143 -132.20 92.30 78.13
N TYR Y 144 -131.17 92.24 77.29
CA TYR Y 144 -130.23 91.14 77.28
C TYR Y 144 -128.83 91.65 77.56
N LEU Y 145 -127.92 90.75 77.91
CA LEU Y 145 -126.60 91.17 78.37
C LEU Y 145 -125.55 90.95 77.29
N ASP Y 146 -124.79 92.00 77.01
CA ASP Y 146 -123.73 92.00 76.01
C ASP Y 146 -122.42 91.74 76.75
N ALA Y 147 -122.08 90.47 76.91
CA ALA Y 147 -120.85 90.12 77.63
C ALA Y 147 -119.62 90.69 76.92
N GLY Y 148 -119.61 90.63 75.60
CA GLY Y 148 -118.47 91.13 74.86
C GLY Y 148 -117.37 90.08 74.75
N LEU Y 149 -116.13 90.53 74.57
CA LEU Y 149 -115.01 89.61 74.45
C LEU Y 149 -114.63 88.94 75.77
N ALA Y 150 -115.20 89.39 76.88
CA ALA Y 150 -114.85 88.82 78.18
C ALA Y 150 -115.33 87.37 78.28
N ARG Y 151 -114.47 86.52 78.84
CA ARG Y 151 -114.78 85.12 79.01
C ARG Y 151 -115.97 84.99 79.96
N THR Y 152 -116.98 84.25 79.55
CA THR Y 152 -118.16 84.04 80.37
C THR Y 152 -117.97 82.75 81.15
N THR Y 153 -117.02 82.77 82.07
CA THR Y 153 -116.77 81.66 82.98
C THR Y 153 -117.39 81.99 84.33
N THR Y 154 -117.76 80.94 85.06
CA THR Y 154 -118.50 81.12 86.31
C THR Y 154 -117.75 82.03 87.26
N GLY Y 155 -118.44 83.02 87.79
CA GLY Y 155 -117.84 83.99 88.68
C GLY Y 155 -117.11 85.07 87.93
N ASN Y 156 -117.81 85.77 87.04
CA ASN Y 156 -117.26 86.86 86.26
C ASN Y 156 -118.01 88.13 86.61
N LYS Y 157 -117.26 89.23 86.73
CA LYS Y 157 -117.86 90.48 87.19
C LYS Y 157 -119.01 90.92 86.29
N VAL Y 158 -118.99 90.52 85.02
CA VAL Y 158 -120.08 90.89 84.12
C VAL Y 158 -121.38 90.27 84.60
N PHE Y 159 -121.32 89.07 85.16
CA PHE Y 159 -122.52 88.43 85.67
C PHE Y 159 -122.95 89.02 87.01
N GLY Y 160 -122.05 89.73 87.69
CA GLY Y 160 -122.47 90.51 88.83
C GLY Y 160 -123.39 91.65 88.44
N ALA Y 161 -123.04 92.36 87.37
CA ALA Y 161 -123.89 93.44 86.88
C ALA Y 161 -125.23 92.90 86.40
N LEU Y 162 -125.27 91.62 86.04
CA LEU Y 162 -126.54 90.99 85.70
C LEU Y 162 -127.45 90.89 86.92
N LYS Y 163 -126.98 90.23 87.97
CA LYS Y 163 -127.80 90.09 89.18
C LYS Y 163 -128.10 91.46 89.78
N GLY Y 164 -127.15 92.39 89.70
CA GLY Y 164 -127.43 93.75 90.15
C GLY Y 164 -128.55 94.40 89.36
N ALA Y 165 -128.59 94.15 88.05
CA ALA Y 165 -129.65 94.73 87.23
C ALA Y 165 -130.99 94.09 87.55
N VAL Y 166 -131.04 92.76 87.59
CA VAL Y 166 -132.32 92.09 87.81
C VAL Y 166 -132.84 92.37 89.21
N ASP Y 167 -131.95 92.61 90.16
CA ASP Y 167 -132.40 93.03 91.49
C ASP Y 167 -133.02 94.42 91.43
N GLY Y 168 -132.61 95.25 90.47
CA GLY Y 168 -133.19 96.57 90.32
C GLY Y 168 -134.48 96.57 89.51
N GLY Y 169 -134.76 95.51 88.76
CA GLY Y 169 -136.06 95.38 88.14
C GLY Y 169 -136.10 95.10 86.66
N LEU Y 170 -134.95 94.81 86.03
CA LEU Y 170 -134.94 94.41 84.62
C LEU Y 170 -135.26 92.93 84.52
N SER Y 171 -136.02 92.57 83.50
CA SER Y 171 -136.35 91.17 83.25
C SER Y 171 -135.33 90.63 82.25
N ILE Y 172 -134.11 90.41 82.72
CA ILE Y 172 -133.03 89.88 81.89
C ILE Y 172 -133.06 88.37 81.98
N PRO Y 173 -133.21 87.65 80.87
CA PRO Y 173 -133.15 86.18 80.92
C PRO Y 173 -131.75 85.73 81.31
N HIS Y 174 -131.67 84.81 82.26
CA HIS Y 174 -130.39 84.35 82.74
C HIS Y 174 -130.58 83.06 83.54
N SER Y 175 -129.67 82.12 83.32
CA SER Y 175 -129.59 80.95 84.17
C SER Y 175 -128.76 81.31 85.39
N THR Y 176 -128.84 80.49 86.44
CA THR Y 176 -128.12 80.73 87.68
C THR Y 176 -126.78 80.01 87.69
N LYS Y 177 -126.26 79.73 86.51
CA LYS Y 177 -125.05 78.92 86.35
C LYS Y 177 -123.77 79.71 86.48
N ARG Y 178 -123.69 80.89 85.86
CA ARG Y 178 -122.47 81.68 85.90
C ARG Y 178 -122.50 82.73 87.00
N PHE Y 179 -122.80 82.31 88.22
CA PHE Y 179 -122.64 83.12 89.40
C PHE Y 179 -121.62 82.45 90.30
N PRO Y 180 -120.97 83.22 91.20
CA PRO Y 180 -119.94 82.62 92.06
C PRO Y 180 -120.45 81.49 92.93
N GLY Y 181 -121.74 81.46 93.26
CA GLY Y 181 -122.25 80.43 94.15
C GLY Y 181 -122.40 79.07 93.51
N TYR Y 182 -122.28 78.96 92.19
CA TYR Y 182 -122.53 77.70 91.49
C TYR Y 182 -121.33 76.78 91.60
N ASP Y 183 -121.57 75.57 92.12
CA ASP Y 183 -120.54 74.55 92.22
C ASP Y 183 -120.61 73.67 90.98
N SER Y 184 -119.54 73.70 90.18
CA SER Y 184 -119.56 73.03 88.89
C SER Y 184 -119.75 71.53 89.06
N GLU Y 185 -119.04 70.91 90.00
CA GLU Y 185 -119.14 69.47 90.18
C GLU Y 185 -120.51 69.07 90.71
N SER Y 186 -120.98 69.72 91.76
CA SER Y 186 -122.25 69.36 92.37
C SER Y 186 -123.46 69.87 91.61
N LYS Y 187 -123.26 70.75 90.62
CA LYS Y 187 -124.34 71.31 89.81
C LYS Y 187 -125.39 72.00 90.67
N GLU Y 188 -124.98 72.54 91.81
CA GLU Y 188 -125.87 73.24 92.73
C GLU Y 188 -125.47 74.72 92.82
N PHE Y 189 -126.40 75.52 93.31
CA PHE Y 189 -126.16 76.95 93.55
C PHE Y 189 -126.22 77.19 95.05
N ASN Y 190 -125.08 77.57 95.63
CA ASN Y 190 -125.02 77.76 97.08
C ASN Y 190 -125.87 78.94 97.52
N ALA Y 191 -125.87 80.03 96.77
CA ALA Y 191 -126.69 81.21 96.95
C ALA Y 191 -126.32 82.03 98.19
N GLU Y 192 -125.36 81.59 98.99
CA GLU Y 192 -124.88 82.38 100.11
C GLU Y 192 -123.47 82.89 99.90
N VAL Y 193 -122.58 82.09 99.32
CA VAL Y 193 -121.30 82.64 98.90
C VAL Y 193 -121.52 83.62 97.75
N HIS Y 194 -122.64 83.48 97.02
CA HIS Y 194 -122.98 84.47 96.02
C HIS Y 194 -123.22 85.83 96.65
N ARG Y 195 -123.97 85.88 97.74
CA ARG Y 195 -124.20 87.16 98.41
C ARG Y 195 -122.97 87.60 99.18
N LYS Y 196 -122.12 86.66 99.61
CA LYS Y 196 -120.87 87.05 100.24
C LYS Y 196 -119.98 87.80 99.25
N HIS Y 197 -119.92 87.31 98.00
CA HIS Y 197 -119.22 88.07 96.97
C HIS Y 197 -119.96 89.36 96.63
N ILE Y 198 -121.29 89.33 96.66
CA ILE Y 198 -122.06 90.50 96.26
C ILE Y 198 -121.77 91.68 97.17
N MET Y 199 -121.71 91.45 98.49
CA MET Y 199 -121.52 92.54 99.43
C MET Y 199 -120.08 92.65 99.91
N GLY Y 200 -119.16 91.89 99.33
CA GLY Y 200 -117.75 92.17 99.52
C GLY Y 200 -117.06 91.30 100.53
N GLN Y 201 -117.77 90.31 101.09
CA GLN Y 201 -117.13 89.39 102.02
C GLN Y 201 -116.02 88.62 101.35
N ASN Y 202 -116.06 88.52 100.02
CA ASN Y 202 -115.01 87.86 99.27
C ASN Y 202 -113.66 88.55 99.44
N VAL Y 203 -113.65 89.88 99.57
CA VAL Y 203 -112.41 90.60 99.76
C VAL Y 203 -112.29 90.98 101.22
N ALA Y 204 -113.42 91.01 101.93
CA ALA Y 204 -113.38 91.36 103.35
C ALA Y 204 -112.57 90.33 104.13
N ASP Y 205 -112.87 89.05 103.95
CA ASP Y 205 -112.11 88.02 104.66
C ASP Y 205 -110.65 88.01 104.21
N TYR Y 206 -110.42 88.18 102.91
CA TYR Y 206 -109.05 88.31 102.42
C TYR Y 206 -108.36 89.48 103.08
N MET Y 207 -109.04 90.61 103.16
CA MET Y 207 -108.48 91.77 103.85
C MET Y 207 -108.39 91.56 105.35
N ARG Y 208 -109.29 90.78 105.93
CA ARG Y 208 -109.14 90.42 107.33
C ARG Y 208 -108.20 89.22 107.50
N TYR Y 209 -107.78 88.62 106.38
CA TYR Y 209 -106.76 87.58 106.43
C TYR Y 209 -105.36 88.17 106.29
N LEU Y 210 -105.26 89.47 106.04
CA LEU Y 210 -104.00 90.01 105.55
C LEU Y 210 -103.24 90.76 106.63
N MET Y 211 -103.91 91.30 107.65
CA MET Y 211 -103.19 92.03 108.68
C MET Y 211 -102.29 91.10 109.48
N GLU Y 212 -102.83 89.94 109.89
CA GLU Y 212 -102.06 89.03 110.72
C GLU Y 212 -100.90 88.41 109.95
N GLU Y 213 -100.95 88.47 108.62
CA GLU Y 213 -99.86 87.92 107.82
C GLU Y 213 -98.76 88.95 107.58
N ASP Y 214 -99.13 90.22 107.38
CA ASP Y 214 -98.15 91.22 106.99
C ASP Y 214 -98.78 92.61 107.12
N GLU Y 215 -97.92 93.63 107.13
CA GLU Y 215 -98.35 95.02 107.08
C GLU Y 215 -97.92 95.73 105.81
N ASP Y 216 -96.68 95.52 105.36
CA ASP Y 216 -96.26 96.21 104.14
C ASP Y 216 -96.81 95.52 102.89
N ALA Y 217 -97.11 94.22 102.97
CA ALA Y 217 -97.94 93.62 101.93
C ALA Y 217 -99.37 94.17 102.01
N TYR Y 218 -99.88 94.32 103.22
CA TYR Y 218 -101.16 95.00 103.42
C TYR Y 218 -101.10 96.43 102.91
N LYS Y 219 -99.98 97.12 103.16
CA LYS Y 219 -99.83 98.48 102.67
C LYS Y 219 -99.73 98.51 101.15
N LYS Y 220 -98.87 97.66 100.58
CA LYS Y 220 -98.61 97.77 99.15
C LYS Y 220 -99.77 97.25 98.33
N GLN Y 221 -100.65 96.43 98.93
CA GLN Y 221 -101.78 95.89 98.17
C GLN Y 221 -103.03 96.74 98.38
N PHE Y 222 -103.49 96.87 99.62
CA PHE Y 222 -104.63 97.71 99.94
C PHE Y 222 -104.17 99.07 100.48
N SER Y 223 -103.52 99.84 99.62
CA SER Y 223 -103.04 101.15 100.04
C SER Y 223 -104.19 102.14 100.18
N GLN Y 224 -105.03 102.27 99.15
CA GLN Y 224 -106.18 103.15 99.25
C GLN Y 224 -107.25 102.62 100.19
N TYR Y 225 -107.13 101.37 100.63
CA TYR Y 225 -107.98 100.92 101.73
C TYR Y 225 -107.50 101.47 103.07
N ILE Y 226 -106.21 101.74 103.21
CA ILE Y 226 -105.70 102.37 104.42
C ILE Y 226 -106.27 103.77 104.54
N LYS Y 227 -106.14 104.59 103.50
CA LYS Y 227 -106.74 105.90 103.54
C LYS Y 227 -108.24 105.79 103.40
N ASN Y 228 -108.94 106.76 104.00
CA ASN Y 228 -110.39 106.73 104.23
C ASN Y 228 -110.72 105.72 105.32
N SER Y 229 -109.71 104.96 105.74
CA SER Y 229 -109.80 104.04 106.88
C SER Y 229 -110.99 103.09 106.77
N VAL Y 230 -111.11 102.47 105.60
CA VAL Y 230 -112.12 101.44 105.42
C VAL Y 230 -111.59 100.13 106.04
N THR Y 231 -112.18 99.75 107.15
CA THR Y 231 -111.77 98.56 107.88
C THR Y 231 -112.40 97.33 107.27
N PRO Y 232 -111.93 96.14 107.65
CA PRO Y 232 -112.64 94.92 107.24
C PRO Y 232 -114.10 94.93 107.65
N ASP Y 233 -114.42 95.48 108.81
CA ASP Y 233 -115.81 95.65 109.19
C ASP Y 233 -116.31 96.97 108.62
N MET Y 234 -117.60 97.26 108.82
CA MET Y 234 -118.23 98.49 108.36
C MET Y 234 -118.09 98.64 106.85
N MET Y 235 -117.73 97.57 106.15
CA MET Y 235 -117.85 97.52 104.71
C MET Y 235 -119.16 96.89 104.27
N GLU Y 236 -120.00 96.48 105.20
CA GLU Y 236 -121.31 95.92 104.89
C GLU Y 236 -122.36 97.01 104.81
N GLU Y 237 -122.56 97.75 105.90
CA GLU Y 237 -123.62 98.74 105.97
C GLU Y 237 -123.41 99.85 104.94
N MET Y 238 -122.16 100.17 104.63
CA MET Y 238 -121.89 101.15 103.58
C MET Y 238 -122.44 100.67 102.24
N TYR Y 239 -122.27 99.39 101.92
CA TYR Y 239 -122.88 98.86 100.72
C TYR Y 239 -124.40 98.92 100.83
N LYS Y 240 -124.94 98.66 102.02
CA LYS Y 240 -126.37 98.83 102.22
C LYS Y 240 -126.78 100.28 101.94
N LYS Y 241 -126.10 101.24 102.57
CA LYS Y 241 -126.35 102.64 102.21
C LYS Y 241 -126.06 102.90 100.75
N ALA Y 242 -125.03 102.23 100.19
CA ALA Y 242 -124.80 102.34 98.76
C ALA Y 242 -125.99 101.77 97.99
N HIS Y 243 -126.51 100.63 98.44
CA HIS Y 243 -127.72 100.10 97.80
C HIS Y 243 -128.92 100.96 98.12
N ALA Y 244 -129.01 101.47 99.36
CA ALA Y 244 -130.16 102.28 99.73
C ALA Y 244 -130.16 103.61 99.00
N ALA Y 245 -129.02 104.29 98.97
CA ALA Y 245 -128.96 105.59 98.30
C ALA Y 245 -129.12 105.45 96.80
N ILE Y 246 -128.87 104.26 96.25
CA ILE Y 246 -129.18 104.02 94.84
C ILE Y 246 -130.68 104.12 94.61
N ARG Y 247 -131.48 103.54 95.51
CA ARG Y 247 -132.92 103.64 95.38
C ARG Y 247 -133.40 105.08 95.55
N GLU Y 248 -132.86 105.78 96.56
CA GLU Y 248 -133.36 107.11 96.88
C GLU Y 248 -133.17 108.09 95.72
N ASN Y 249 -131.97 108.14 95.17
CA ASN Y 249 -131.66 109.10 94.10
C ASN Y 249 -130.65 108.50 93.14
N PRO Y 250 -131.14 107.83 92.09
CA PRO Y 250 -130.24 107.29 91.06
C PRO Y 250 -130.05 108.18 89.84
N VAL Y 251 -130.62 109.38 89.83
CA VAL Y 251 -130.52 110.23 88.65
C VAL Y 251 -129.12 110.80 88.53
N TYR Y 252 -128.75 111.21 87.33
CA TYR Y 252 -127.42 111.72 87.04
C TYR Y 252 -127.50 113.18 86.62
N GLU Y 253 -126.41 113.91 86.85
CA GLU Y 253 -126.32 115.31 86.47
C GLU Y 253 -124.89 115.64 86.08
N LYS Y 254 -124.69 116.85 85.59
CA LYS Y 254 -123.44 117.26 84.96
C LYS Y 254 -122.73 118.32 85.79
N LYS Y 255 -121.59 118.78 85.28
CA LYS Y 255 -120.87 119.93 85.80
C LYS Y 255 -120.65 120.88 84.61
N PRO Y 256 -121.44 121.94 84.49
CA PRO Y 256 -121.17 122.92 83.42
C PRO Y 256 -119.83 123.59 83.58
N LYS Y 257 -118.91 123.34 82.64
CA LYS Y 257 -117.55 123.87 82.69
C LYS Y 257 -117.24 124.47 81.32
N LYS Y 258 -117.59 125.74 81.15
CA LYS Y 258 -117.41 126.44 79.89
C LYS Y 258 -116.14 127.29 79.87
N GLU Y 259 -115.45 127.41 81.00
CA GLU Y 259 -114.26 128.24 81.11
C GLU Y 259 -113.08 127.47 80.52
N VAL Y 260 -113.09 127.33 79.20
CA VAL Y 260 -112.02 126.69 78.46
C VAL Y 260 -111.64 127.58 77.29
N LYS Y 261 -110.51 127.26 76.67
CA LYS Y 261 -110.04 127.98 75.50
C LYS Y 261 -109.88 127.00 74.33
N LYS Y 262 -109.42 127.52 73.20
CA LYS Y 262 -109.24 126.77 71.97
C LYS Y 262 -107.81 126.31 71.80
N LYS Y 263 -107.15 125.95 72.90
CA LYS Y 263 -105.78 125.44 72.80
C LYS Y 263 -105.80 124.11 72.10
N ARG Y 264 -105.34 124.10 70.84
CA ARG Y 264 -105.18 122.84 70.12
C ARG Y 264 -104.01 122.07 70.71
N TRP Y 265 -104.25 120.83 71.09
CA TRP Y 265 -103.24 120.02 71.75
C TRP Y 265 -102.44 119.16 70.77
N ASN Y 266 -102.72 119.25 69.49
CA ASN Y 266 -102.00 118.53 68.45
C ASN Y 266 -101.53 119.52 67.40
N ARG Y 267 -101.02 118.99 66.28
CA ARG Y 267 -100.61 119.81 65.17
C ARG Y 267 -101.50 119.57 63.97
N PRO Y 268 -102.03 120.61 63.34
CA PRO Y 268 -102.78 120.42 62.10
C PRO Y 268 -101.86 119.92 60.99
N LYS Y 269 -102.45 119.15 60.08
CA LYS Y 269 -101.67 118.59 58.99
C LYS Y 269 -101.08 119.72 58.15
N MET Y 270 -99.82 119.55 57.75
CA MET Y 270 -99.17 120.54 56.91
C MET Y 270 -99.83 120.55 55.53
N SER Y 271 -100.07 121.76 55.03
CA SER Y 271 -100.71 121.91 53.73
C SER Y 271 -99.78 121.45 52.62
N LEU Y 272 -100.29 121.52 51.39
CA LEU Y 272 -99.49 121.12 50.24
C LEU Y 272 -98.28 122.04 50.06
N ALA Y 273 -98.46 123.34 50.30
CA ALA Y 273 -97.35 124.27 50.12
C ALA Y 273 -96.17 123.92 51.03
N GLN Y 274 -96.46 123.58 52.29
CA GLN Y 274 -95.39 123.24 53.21
C GLN Y 274 -94.66 121.97 52.78
N LYS Y 275 -95.40 121.00 52.26
CA LYS Y 275 -94.76 119.78 51.77
C LYS Y 275 -93.84 120.07 50.60
N LYS Y 276 -94.34 120.79 49.59
CA LYS Y 276 -93.53 121.08 48.42
C LYS Y 276 -92.33 121.93 48.77
N ASP Y 277 -92.50 122.91 49.66
CA ASP Y 277 -91.37 123.71 50.10
C ASP Y 277 -90.35 122.86 50.84
N ARG Y 278 -90.82 121.94 51.69
CA ARG Y 278 -89.91 121.17 52.53
C ARG Y 278 -88.99 120.30 51.69
N VAL Y 279 -89.53 119.61 50.69
CA VAL Y 279 -88.69 118.77 49.85
C VAL Y 279 -87.74 119.64 49.04
N ALA Y 280 -88.18 120.84 48.65
CA ALA Y 280 -87.30 121.75 47.91
C ALA Y 280 -86.08 122.11 48.73
N GLN Y 281 -86.27 122.48 50.00
CA GLN Y 281 -85.11 122.82 50.83
C GLN Y 281 -84.36 121.58 51.29
N LYS Y 282 -85.05 120.45 51.43
CA LYS Y 282 -84.33 119.20 51.64
C LYS Y 282 -83.44 118.88 50.45
N LYS Y 283 -83.95 119.08 49.23
CA LYS Y 283 -83.09 119.00 48.05
C LYS Y 283 -82.03 120.08 48.09
N ALA Y 284 -82.42 121.31 48.41
CA ALA Y 284 -81.48 122.43 48.38
C ALA Y 284 -80.33 122.21 49.35
N SER Y 285 -80.63 121.70 50.54
CA SER Y 285 -79.57 121.40 51.50
C SER Y 285 -78.66 120.30 50.99
N PHE Y 286 -79.22 119.31 50.28
CA PHE Y 286 -78.40 118.20 49.79
C PHE Y 286 -77.40 118.68 48.75
N LEU Y 287 -77.84 119.49 47.78
CA LEU Y 287 -76.91 120.01 46.79
C LEU Y 287 -75.86 120.91 47.42
N ARG Y 288 -76.28 121.70 48.41
CA ARG Y 288 -75.33 122.52 49.15
C ARG Y 288 -74.29 121.68 49.88
N ALA Y 289 -74.74 120.63 50.54
CA ALA Y 289 -73.85 119.83 51.36
C ALA Y 289 -72.81 119.11 50.50
N GLN Y 290 -73.22 118.56 49.36
CA GLN Y 290 -72.25 117.87 48.50
C GLN Y 290 -71.30 118.86 47.85
N GLU Y 291 -71.80 120.06 47.51
CA GLU Y 291 -70.94 121.06 46.87
C GLU Y 291 -69.81 121.49 47.79
N ARG Y 292 -70.09 121.60 49.09
CA ARG Y 292 -69.04 121.95 50.05
C ARG Y 292 -67.92 120.91 50.03
N ALA Y 293 -68.27 119.63 50.11
CA ALA Y 293 -67.31 118.53 50.09
C ALA Y 293 -66.24 118.70 51.16
N PRO Z 1 -179.32 150.82 -13.12
CA PRO Z 1 -178.59 149.93 -14.02
C PRO Z 1 -177.15 150.40 -14.28
N HIS Z 2 -176.48 150.87 -13.24
CA HIS Z 2 -175.13 151.40 -13.36
C HIS Z 2 -174.14 150.26 -13.63
N CYS Z 3 -172.94 150.64 -14.07
CA CYS Z 3 -171.89 149.68 -14.33
C CYS Z 3 -171.43 149.03 -13.03
N SER Z 4 -170.57 148.01 -13.17
CA SER Z 4 -170.20 147.16 -12.05
C SER Z 4 -169.41 147.88 -10.97
N ARG Z 5 -168.80 149.03 -11.27
CA ARG Z 5 -167.98 149.77 -10.31
C ARG Z 5 -166.85 148.91 -9.74
N ASN Z 6 -166.58 147.76 -10.35
CA ASN Z 6 -165.57 146.85 -9.87
C ASN Z 6 -164.80 146.27 -11.04
N PRO Z 7 -163.61 146.78 -11.34
CA PRO Z 7 -162.85 146.26 -12.48
C PRO Z 7 -162.20 144.93 -12.13
N VAL Z 8 -162.58 143.88 -12.84
CA VAL Z 8 -161.98 142.57 -12.60
C VAL Z 8 -160.50 142.66 -12.97
N LEU Z 9 -159.64 142.15 -12.10
CA LEU Z 9 -158.21 142.13 -12.40
C LEU Z 9 -157.72 140.70 -12.59
N VAL Z 10 -158.32 139.76 -11.88
CA VAL Z 10 -158.18 138.33 -12.15
C VAL Z 10 -159.56 137.72 -11.98
N ARG Z 11 -159.96 136.85 -12.92
CA ARG Z 11 -161.33 136.38 -12.94
C ARG Z 11 -161.73 135.82 -11.59
N GLY Z 12 -162.87 136.26 -11.08
CA GLY Z 12 -163.32 135.87 -9.77
C GLY Z 12 -162.79 136.73 -8.64
N ILE Z 13 -161.86 137.63 -8.91
CA ILE Z 13 -161.32 138.54 -7.90
C ILE Z 13 -161.49 139.97 -8.38
N GLY Z 14 -162.08 140.80 -7.53
CA GLY Z 14 -162.28 142.18 -7.86
C GLY Z 14 -161.10 143.06 -7.45
N ARG Z 15 -161.11 144.28 -7.96
CA ARG Z 15 -160.03 145.22 -7.66
C ARG Z 15 -160.14 145.75 -6.23
N TYR Z 16 -161.35 146.06 -5.78
CA TYR Z 16 -161.54 146.74 -4.52
C TYR Z 16 -162.17 145.82 -3.49
N SER Z 17 -161.71 145.96 -2.25
CA SER Z 17 -162.19 145.14 -1.15
C SER Z 17 -163.59 145.59 -0.72
N ARG Z 18 -164.13 144.91 0.29
CA ARG Z 18 -165.51 145.17 0.71
C ARG Z 18 -165.67 146.59 1.23
N SER Z 19 -164.75 147.05 2.08
CA SER Z 19 -164.88 148.38 2.65
C SER Z 19 -164.84 149.45 1.57
N ALA Z 20 -164.00 149.26 0.55
CA ALA Z 20 -164.02 150.18 -0.58
C ALA Z 20 -165.35 150.11 -1.32
N MET Z 21 -165.92 148.91 -1.44
CA MET Z 21 -167.19 148.76 -2.13
C MET Z 21 -168.32 149.41 -1.36
N TYR Z 22 -168.31 149.28 -0.03
CA TYR Z 22 -169.31 149.96 0.79
C TYR Z 22 -169.30 151.46 0.52
N SER Z 23 -168.10 152.03 0.43
CA SER Z 23 -167.99 153.45 0.13
C SER Z 23 -168.41 153.75 -1.29
N ARG Z 24 -167.93 152.97 -2.26
CA ARG Z 24 -168.15 153.29 -3.67
C ARG Z 24 -169.62 153.18 -4.04
N LYS Z 25 -170.26 152.06 -3.69
CA LYS Z 25 -171.68 151.92 -3.98
C LYS Z 25 -172.53 152.74 -3.03
N ALA Z 26 -171.95 153.31 -1.98
CA ALA Z 26 -172.64 154.20 -1.04
C ALA Z 26 -173.84 153.51 -0.40
N MET Z 27 -173.57 152.36 0.22
CA MET Z 27 -174.59 151.70 1.03
C MET Z 27 -174.65 152.26 2.43
N TYR Z 28 -173.79 153.22 2.76
CA TYR Z 28 -173.86 153.86 4.07
C TYR Z 28 -175.11 154.71 4.22
N LYS Z 29 -175.76 155.09 3.13
CA LYS Z 29 -176.96 155.91 3.19
C LYS Z 29 -178.21 155.21 2.70
N ARG Z 30 -178.09 154.27 1.76
CA ARG Z 30 -179.27 153.53 1.31
C ARG Z 30 -179.41 152.20 2.03
N LYS Z 31 -179.66 152.28 3.34
CA LYS Z 31 -179.94 151.11 4.17
C LYS Z 31 -181.45 150.99 4.33
N TYR Z 32 -182.01 149.88 3.87
CA TYR Z 32 -183.45 149.72 3.79
C TYR Z 32 -183.93 148.73 4.83
N SER Z 33 -184.92 149.14 5.64
CA SER Z 33 -185.31 148.36 6.81
C SER Z 33 -186.29 147.25 6.45
N ALA Z 34 -187.48 147.62 5.96
CA ALA Z 34 -188.53 146.65 5.71
C ALA Z 34 -189.43 147.17 4.60
N ALA Z 35 -190.44 146.40 4.21
CA ALA Z 35 -191.32 146.76 3.13
C ALA Z 35 -192.64 147.32 3.65
N VAL Z 47 -201.37 131.14 -12.70
CA VAL Z 47 -202.09 132.36 -13.02
C VAL Z 47 -202.27 132.50 -14.54
N LEU Z 48 -203.43 132.07 -15.04
CA LEU Z 48 -204.46 131.39 -14.24
C LEU Z 48 -204.64 129.97 -14.75
N ALA Z 49 -204.63 129.01 -13.82
CA ALA Z 49 -204.73 127.61 -14.20
C ALA Z 49 -206.08 127.26 -14.81
N THR Z 50 -207.12 128.02 -14.48
CA THR Z 50 -208.45 127.77 -15.02
C THR Z 50 -208.99 129.07 -15.60
N VAL Z 51 -209.91 128.94 -16.54
CA VAL Z 51 -210.62 130.07 -17.10
C VAL Z 51 -212.12 129.81 -16.88
N THR Z 52 -212.90 130.86 -17.02
CA THR Z 52 -214.36 130.76 -16.88
C THR Z 52 -214.95 130.93 -18.27
N LYS Z 53 -214.98 129.84 -19.03
CA LYS Z 53 -215.55 129.89 -20.36
C LYS Z 53 -217.05 130.11 -20.26
N PRO Z 54 -217.64 130.81 -21.23
CA PRO Z 54 -219.07 131.13 -21.13
C PRO Z 54 -219.96 129.90 -21.15
N VAL Z 55 -221.20 130.05 -20.69
CA VAL Z 55 -222.09 128.91 -20.52
C VAL Z 55 -222.30 128.19 -21.86
N GLY Z 56 -222.86 128.90 -22.83
CA GLY Z 56 -223.28 128.25 -24.06
C GLY Z 56 -224.41 127.28 -23.78
N GLY Z 57 -225.58 127.81 -23.43
CA GLY Z 57 -226.73 126.99 -23.10
C GLY Z 57 -227.65 126.76 -24.27
N ASP Z 58 -228.95 126.96 -24.05
CA ASP Z 58 -229.50 127.41 -22.78
C ASP Z 58 -229.88 126.24 -21.88
N LYS Z 59 -230.44 126.57 -20.72
CA LYS Z 59 -230.79 125.63 -19.67
C LYS Z 59 -229.60 124.78 -19.22
N ASN Z 60 -228.39 125.16 -19.65
CA ASN Z 60 -227.13 124.58 -19.21
C ASN Z 60 -226.36 125.60 -18.37
N GLY Z 61 -227.10 126.44 -17.65
CA GLY Z 61 -226.50 127.60 -17.03
C GLY Z 61 -225.43 127.23 -16.03
N GLY Z 62 -224.56 128.20 -15.74
CA GLY Z 62 -223.40 127.95 -14.91
C GLY Z 62 -222.16 127.79 -15.76
N THR Z 63 -221.35 128.84 -15.85
CA THR Z 63 -220.20 128.82 -16.74
C THR Z 63 -219.26 127.67 -16.39
N ARG Z 64 -218.77 126.99 -17.42
CA ARG Z 64 -217.86 125.87 -17.25
C ARG Z 64 -216.52 126.40 -16.79
N VAL Z 65 -216.05 125.90 -15.64
CA VAL Z 65 -214.73 126.27 -15.14
C VAL Z 65 -213.72 125.38 -15.86
N VAL Z 66 -213.28 125.81 -17.02
CA VAL Z 66 -212.35 125.03 -17.83
C VAL Z 66 -210.94 125.32 -17.36
N LYS Z 67 -210.26 124.28 -16.86
CA LYS Z 67 -208.91 124.45 -16.37
C LYS Z 67 -207.91 124.02 -17.44
N LEU Z 68 -206.83 124.79 -17.57
CA LEU Z 68 -205.73 124.36 -18.41
C LEU Z 68 -204.92 123.32 -17.67
N ARG Z 69 -203.81 122.89 -18.28
CA ARG Z 69 -202.88 121.93 -17.68
C ARG Z 69 -203.62 120.70 -17.15
N LYS Z 70 -204.49 120.16 -18.02
CA LYS Z 70 -205.34 119.05 -17.65
C LYS Z 70 -204.50 117.81 -17.32
N MET Z 71 -205.05 116.96 -16.46
CA MET Z 71 -204.30 115.84 -15.92
C MET Z 71 -203.96 114.82 -17.01
N PRO Z 72 -202.85 114.10 -16.90
CA PRO Z 72 -202.50 113.11 -17.93
C PRO Z 72 -203.49 111.96 -17.94
N ARG Z 73 -203.74 111.43 -19.15
CA ARG Z 73 -204.63 110.29 -19.29
C ARG Z 73 -203.91 108.96 -19.25
N TYR Z 74 -202.58 108.94 -19.19
CA TYR Z 74 -201.82 107.71 -19.11
C TYR Z 74 -200.53 107.95 -18.34
N TYR Z 75 -200.24 107.07 -17.40
CA TYR Z 75 -199.01 107.10 -16.65
C TYR Z 75 -198.18 105.87 -16.98
N PRO Z 76 -196.88 106.01 -17.23
CA PRO Z 76 -196.06 104.84 -17.49
C PRO Z 76 -195.90 103.99 -16.23
N THR Z 77 -195.53 102.73 -16.43
CA THR Z 77 -195.37 101.82 -15.31
C THR Z 77 -194.27 102.27 -14.37
N GLU Z 78 -193.19 102.84 -14.90
CA GLU Z 78 -192.09 103.33 -14.09
C GLU Z 78 -191.60 104.66 -14.65
N ASP Z 79 -190.89 105.40 -13.82
CA ASP Z 79 -190.29 106.68 -14.21
C ASP Z 79 -188.83 106.66 -13.81
N VAL Z 80 -188.12 107.71 -14.20
CA VAL Z 80 -186.72 107.86 -13.80
C VAL Z 80 -186.63 109.04 -12.84
N PRO Z 81 -185.83 108.95 -11.77
CA PRO Z 81 -185.70 110.08 -10.86
C PRO Z 81 -184.99 111.24 -11.53
N ARG Z 82 -185.35 112.45 -11.11
CA ARG Z 82 -184.77 113.64 -11.71
C ARG Z 82 -183.30 113.77 -11.32
N LYS Z 83 -182.54 114.38 -12.21
CA LYS Z 83 -181.11 114.51 -12.00
C LYS Z 83 -180.81 115.54 -10.92
N LEU Z 84 -179.63 115.42 -10.32
CA LEU Z 84 -179.17 116.42 -9.38
C LEU Z 84 -178.70 117.67 -10.12
N LEU Z 85 -178.62 118.77 -9.40
CA LEU Z 85 -178.33 120.06 -10.03
C LEU Z 85 -176.82 120.23 -10.20
N SER Z 86 -176.43 120.80 -11.35
CA SER Z 86 -175.06 120.73 -11.80
C SER Z 86 -174.25 122.00 -11.57
N HIS Z 87 -174.89 123.17 -11.48
CA HIS Z 87 -174.26 124.44 -11.14
C HIS Z 87 -173.31 124.96 -12.22
N GLY Z 88 -173.09 124.18 -13.27
CA GLY Z 88 -172.28 124.65 -14.37
C GLY Z 88 -172.86 124.19 -15.69
N LYS Z 89 -171.99 123.80 -16.63
CA LYS Z 89 -172.40 123.10 -17.84
C LYS Z 89 -173.42 123.91 -18.63
N LYS Z 90 -172.99 125.09 -19.07
CA LYS Z 90 -173.86 125.96 -19.83
C LYS Z 90 -174.05 125.40 -21.25
N PRO Z 91 -175.20 125.66 -21.86
CA PRO Z 91 -175.46 125.14 -23.20
C PRO Z 91 -174.55 125.79 -24.24
N PHE Z 92 -174.37 125.07 -25.35
CA PHE Z 92 -173.40 125.45 -26.35
C PHE Z 92 -173.64 126.85 -26.90
N SER Z 93 -174.89 127.32 -26.89
CA SER Z 93 -175.19 128.63 -27.46
C SER Z 93 -174.49 129.74 -26.70
N GLN Z 94 -174.36 129.60 -25.38
CA GLN Z 94 -173.70 130.60 -24.55
C GLN Z 94 -172.36 130.12 -24.03
N HIS Z 95 -171.66 129.31 -24.82
CA HIS Z 95 -170.30 128.92 -24.50
C HIS Z 95 -169.34 130.04 -24.86
N VAL Z 96 -168.22 130.07 -24.15
CA VAL Z 96 -167.19 131.07 -24.42
C VAL Z 96 -166.43 130.66 -25.67
N ARG Z 97 -166.30 131.58 -26.62
CA ARG Z 97 -165.58 131.32 -27.86
C ARG Z 97 -164.17 131.83 -27.73
N LYS Z 98 -163.20 130.93 -27.87
CA LYS Z 98 -161.79 131.29 -27.78
C LYS Z 98 -161.16 131.16 -29.16
N LEU Z 99 -160.53 132.23 -29.62
CA LEU Z 99 -159.92 132.27 -30.94
C LEU Z 99 -158.41 132.25 -30.78
N ARG Z 100 -157.77 131.36 -31.54
CA ARG Z 100 -156.32 131.22 -31.48
C ARG Z 100 -155.66 132.56 -31.77
N ALA Z 101 -154.57 132.85 -31.06
CA ALA Z 101 -153.96 134.17 -31.14
C ALA Z 101 -153.45 134.49 -32.53
N SER Z 102 -152.84 133.51 -33.20
CA SER Z 102 -152.23 133.76 -34.50
C SER Z 102 -153.25 133.95 -35.60
N ILE Z 103 -154.53 133.70 -35.34
CA ILE Z 103 -155.58 133.83 -36.35
C ILE Z 103 -156.27 135.18 -36.15
N THR Z 104 -156.04 136.10 -37.08
CA THR Z 104 -156.68 137.41 -37.07
C THR Z 104 -157.27 137.67 -38.45
N PRO Z 105 -158.29 138.52 -38.53
CA PRO Z 105 -158.95 138.76 -39.82
C PRO Z 105 -157.98 139.16 -40.93
N GLY Z 106 -157.80 138.29 -41.91
CA GLY Z 106 -156.95 138.56 -43.05
C GLY Z 106 -155.76 137.63 -43.24
N THR Z 107 -155.63 136.58 -42.45
CA THR Z 107 -154.51 135.67 -42.63
C THR Z 107 -154.79 134.69 -43.77
N ILE Z 108 -153.72 134.04 -44.23
CA ILE Z 108 -153.81 132.97 -45.20
C ILE Z 108 -153.81 131.65 -44.46
N LEU Z 109 -154.76 130.78 -44.78
CA LEU Z 109 -155.14 129.69 -43.91
C LEU Z 109 -155.35 128.43 -44.73
N ILE Z 110 -154.81 127.31 -44.27
CA ILE Z 110 -154.87 126.06 -45.00
C ILE Z 110 -155.99 125.19 -44.45
N ILE Z 111 -156.78 124.61 -45.34
CA ILE Z 111 -157.81 123.66 -44.95
C ILE Z 111 -157.22 122.27 -44.95
N LEU Z 112 -157.41 121.53 -43.85
CA LEU Z 112 -156.73 120.26 -43.66
C LEU Z 112 -157.59 119.02 -43.85
N THR Z 113 -158.91 119.14 -43.81
CA THR Z 113 -159.75 117.94 -43.80
C THR Z 113 -160.71 117.87 -44.97
N GLY Z 114 -161.44 118.94 -45.25
CA GLY Z 114 -162.57 118.88 -46.16
C GLY Z 114 -162.19 118.56 -47.58
N ARG Z 115 -163.20 118.66 -48.46
CA ARG Z 115 -162.97 118.46 -49.88
C ARG Z 115 -161.94 119.45 -50.43
N HIS Z 116 -161.75 120.57 -49.72
CA HIS Z 116 -160.73 121.55 -50.06
C HIS Z 116 -159.42 121.30 -49.33
N ARG Z 117 -159.08 120.04 -49.11
CA ARG Z 117 -157.84 119.69 -48.43
C ARG Z 117 -156.64 120.34 -49.10
N GLY Z 118 -155.85 121.06 -48.31
CA GLY Z 118 -154.63 121.66 -48.80
C GLY Z 118 -154.80 123.01 -49.45
N LYS Z 119 -156.03 123.47 -49.66
CA LYS Z 119 -156.24 124.79 -50.23
C LYS Z 119 -155.91 125.88 -49.22
N ARG Z 120 -155.25 126.92 -49.68
CA ARG Z 120 -154.94 128.09 -48.85
C ARG Z 120 -156.03 129.13 -49.08
N VAL Z 121 -156.70 129.54 -48.01
CA VAL Z 121 -157.83 130.45 -48.11
C VAL Z 121 -157.59 131.63 -47.17
N VAL Z 122 -158.39 132.67 -47.34
CA VAL Z 122 -158.29 133.89 -46.55
C VAL Z 122 -159.28 133.80 -45.39
N PHE Z 123 -158.90 134.40 -44.28
CA PHE Z 123 -159.68 134.33 -43.04
C PHE Z 123 -160.47 135.62 -42.86
N LEU Z 124 -161.79 135.49 -42.90
CA LEU Z 124 -162.69 136.60 -42.61
C LEU Z 124 -163.07 136.55 -41.13
N LYS Z 125 -164.11 137.28 -40.74
CA LYS Z 125 -164.55 137.29 -39.36
C LYS Z 125 -164.88 135.89 -38.87
N GLN Z 126 -164.77 135.68 -37.56
CA GLN Z 126 -165.19 134.43 -36.94
C GLN Z 126 -166.63 134.54 -36.50
N LEU Z 127 -167.39 133.47 -36.71
CA LEU Z 127 -168.82 133.51 -36.45
C LEU Z 127 -169.13 133.40 -34.97
N ALA Z 128 -170.42 133.48 -34.64
CA ALA Z 128 -170.84 133.42 -33.25
C ALA Z 128 -170.73 132.01 -32.68
N SER Z 129 -170.79 131.00 -33.53
CA SER Z 129 -170.70 129.63 -33.04
C SER Z 129 -169.26 129.16 -32.89
N GLY Z 130 -168.28 130.01 -33.21
CA GLY Z 130 -166.89 129.65 -33.13
C GLY Z 130 -166.32 129.12 -34.43
N LEU Z 131 -167.16 128.67 -35.36
CA LEU Z 131 -166.68 128.26 -36.67
C LEU Z 131 -166.15 129.47 -37.42
N LEU Z 132 -164.96 129.33 -37.99
CA LEU Z 132 -164.32 130.42 -38.71
C LEU Z 132 -165.02 130.60 -40.05
N LEU Z 133 -165.50 131.80 -40.32
CA LEU Z 133 -166.00 132.14 -41.64
C LEU Z 133 -164.80 132.52 -42.49
N VAL Z 134 -164.44 131.66 -43.43
CA VAL Z 134 -163.34 131.91 -44.34
C VAL Z 134 -163.89 131.87 -45.76
N THR Z 135 -163.13 132.46 -46.67
CA THR Z 135 -163.46 132.33 -48.07
C THR Z 135 -162.17 132.15 -48.85
N GLY Z 136 -162.29 131.41 -49.94
CA GLY Z 136 -161.30 131.48 -50.98
C GLY Z 136 -161.80 132.48 -51.98
N PRO Z 137 -160.91 133.20 -52.61
CA PRO Z 137 -161.36 134.11 -53.66
C PRO Z 137 -161.85 133.28 -54.83
N LEU Z 138 -163.12 132.88 -54.76
CA LEU Z 138 -163.71 131.82 -55.57
C LEU Z 138 -163.18 131.77 -56.99
N VAL Z 139 -162.96 132.94 -57.60
CA VAL Z 139 -162.40 133.00 -58.95
C VAL Z 139 -160.96 132.51 -58.99
N LEU Z 140 -160.42 132.09 -57.85
CA LEU Z 140 -159.01 131.72 -57.76
C LEU Z 140 -158.78 130.27 -57.32
N ASN Z 141 -159.52 129.78 -56.34
CA ASN Z 141 -159.29 128.45 -55.80
C ASN Z 141 -160.53 127.64 -55.48
N ARG Z 142 -161.71 128.05 -55.97
CA ARG Z 142 -162.94 127.26 -55.86
C ARG Z 142 -163.30 126.96 -54.41
N VAL Z 143 -163.16 127.95 -53.53
CA VAL Z 143 -163.63 127.84 -52.16
C VAL Z 143 -164.58 129.01 -51.91
N PRO Z 144 -165.87 128.77 -51.74
CA PRO Z 144 -166.80 129.88 -51.55
C PRO Z 144 -166.85 130.35 -50.11
N LEU Z 145 -167.75 131.29 -49.81
CA LEU Z 145 -167.98 131.66 -48.42
C LEU Z 145 -168.42 130.44 -47.64
N ARG Z 146 -167.58 129.98 -46.72
CA ARG Z 146 -167.81 128.71 -46.06
C ARG Z 146 -167.17 128.74 -44.68
N ARG Z 147 -167.83 128.11 -43.73
CA ARG Z 147 -167.29 127.97 -42.38
C ARG Z 147 -166.27 126.85 -42.32
N THR Z 148 -165.31 126.99 -41.42
CA THR Z 148 -164.36 125.93 -41.13
C THR Z 148 -163.98 126.00 -39.67
N HIS Z 149 -163.60 124.86 -39.11
CA HIS Z 149 -163.28 124.79 -37.69
C HIS Z 149 -161.92 125.38 -37.41
N GLN Z 150 -161.78 126.03 -36.27
CA GLN Z 150 -160.53 126.68 -35.90
C GLN Z 150 -159.41 125.66 -35.69
N LYS Z 151 -159.71 124.54 -35.03
CA LYS Z 151 -158.65 123.61 -34.68
C LYS Z 151 -158.23 122.74 -35.85
N PHE Z 152 -158.95 122.80 -36.96
CA PHE Z 152 -158.67 121.94 -38.09
C PHE Z 152 -157.99 122.66 -39.23
N VAL Z 153 -157.40 123.83 -38.97
CA VAL Z 153 -156.74 124.62 -40.00
C VAL Z 153 -155.40 125.10 -39.47
N ILE Z 154 -154.48 125.38 -40.40
CA ILE Z 154 -153.14 125.84 -40.07
C ILE Z 154 -153.05 127.32 -40.42
N ALA Z 155 -152.88 128.16 -39.40
CA ALA Z 155 -152.74 129.59 -39.60
C ALA Z 155 -151.29 129.92 -39.91
N THR Z 156 -151.07 130.61 -41.03
CA THR Z 156 -149.73 131.03 -41.42
C THR Z 156 -149.46 132.43 -40.87
N SER Z 157 -148.22 132.88 -41.06
CA SER Z 157 -147.79 134.18 -40.59
C SER Z 157 -147.99 135.28 -41.64
N THR Z 158 -148.62 134.96 -42.76
CA THR Z 158 -148.82 135.91 -43.84
C THR Z 158 -150.23 136.46 -43.77
N LYS Z 159 -150.33 137.78 -43.60
CA LYS Z 159 -151.61 138.45 -43.43
C LYS Z 159 -151.77 139.49 -44.52
N ILE Z 160 -153.02 139.73 -44.92
CA ILE Z 160 -153.37 140.85 -45.78
C ILE Z 160 -154.40 141.69 -45.04
N ASP Z 161 -154.17 143.00 -44.97
CA ASP Z 161 -155.02 143.87 -44.18
C ASP Z 161 -156.36 144.00 -44.89
N ILE Z 162 -157.42 143.49 -44.26
CA ILE Z 162 -158.74 143.54 -44.85
C ILE Z 162 -159.63 144.46 -44.00
N SER Z 163 -159.02 145.46 -43.38
CA SER Z 163 -159.81 146.49 -42.74
C SER Z 163 -160.56 147.30 -43.79
N ASN Z 164 -161.66 147.91 -43.36
CA ASN Z 164 -162.53 148.68 -44.25
C ASN Z 164 -163.05 147.83 -45.41
N VAL Z 165 -163.38 146.58 -45.12
CA VAL Z 165 -164.17 145.76 -46.02
C VAL Z 165 -165.52 145.52 -45.35
N LYS Z 166 -166.55 145.33 -46.17
CA LYS Z 166 -167.91 145.21 -45.67
C LYS Z 166 -168.36 143.76 -45.76
N ILE Z 167 -168.53 143.14 -44.60
CA ILE Z 167 -169.09 141.80 -44.46
C ILE Z 167 -170.59 141.96 -44.25
N PRO Z 168 -171.44 141.43 -45.13
CA PRO Z 168 -172.88 141.60 -44.96
C PRO Z 168 -173.37 141.04 -43.64
N LYS Z 169 -174.36 141.72 -43.06
CA LYS Z 169 -174.82 141.32 -41.73
C LYS Z 169 -175.50 139.96 -41.73
N HIS Z 170 -176.05 139.54 -42.88
CA HIS Z 170 -176.78 138.29 -42.92
C HIS Z 170 -175.87 137.12 -43.24
N LEU Z 171 -174.76 136.99 -42.53
CA LEU Z 171 -173.87 135.83 -42.65
C LEU Z 171 -173.71 135.15 -41.32
N THR Z 172 -174.82 134.98 -40.61
CA THR Z 172 -174.83 134.20 -39.38
C THR Z 172 -174.58 132.73 -39.71
N ASP Z 173 -174.36 131.93 -38.66
CA ASP Z 173 -174.24 130.50 -38.87
C ASP Z 173 -175.53 129.91 -39.40
N ALA Z 174 -176.68 130.51 -39.06
CA ALA Z 174 -177.95 130.03 -39.57
C ALA Z 174 -178.00 130.13 -41.09
N TYR Z 175 -177.23 131.04 -41.67
CA TYR Z 175 -177.15 131.13 -43.12
C TYR Z 175 -176.48 129.89 -43.70
N PHE Z 176 -175.33 129.51 -43.18
CA PHE Z 176 -174.58 128.38 -43.70
C PHE Z 176 -175.02 127.04 -43.13
N LYS Z 177 -176.03 127.02 -42.27
CA LYS Z 177 -176.54 125.76 -41.76
C LYS Z 177 -177.09 124.92 -42.89
N LYS Z 178 -176.84 123.62 -42.83
CA LYS Z 178 -177.26 122.73 -43.89
C LYS Z 178 -178.77 122.57 -43.89
N LYS Z 179 -179.39 122.71 -45.06
CA LYS Z 179 -180.83 122.54 -45.20
C LYS Z 179 -181.14 121.09 -45.55
N LYS Z 180 -182.20 120.56 -44.94
CA LYS Z 180 -182.57 119.16 -45.11
C LYS Z 180 -184.03 119.09 -45.58
N LEU Z 181 -184.32 118.11 -46.43
CA LEU Z 181 -185.65 117.96 -47.00
C LEU Z 181 -186.37 116.70 -46.52
N ARG Z 182 -185.76 115.52 -46.71
CA ARG Z 182 -186.41 114.27 -46.34
C ARG Z 182 -186.58 114.19 -44.82
N LYS Z 183 -187.68 113.58 -44.39
CA LYS Z 183 -188.67 112.90 -45.21
C LYS Z 183 -190.09 113.35 -44.88
N PRO Z 184 -190.68 114.17 -45.75
CA PRO Z 184 -192.07 114.62 -45.56
C PRO Z 184 -193.06 113.57 -46.05
N ARG Z 185 -193.75 112.92 -45.10
CA ARG Z 185 -194.82 111.96 -45.38
C ARG Z 185 -194.35 110.83 -46.30
N HIS Z 186 -193.28 110.15 -45.90
CA HIS Z 186 -192.85 108.89 -46.51
C HIS Z 186 -192.33 108.01 -45.38
N GLN Z 187 -193.06 106.96 -45.03
CA GLN Z 187 -192.62 106.08 -43.96
C GLN Z 187 -191.93 104.83 -44.51
N GLU Z 188 -192.62 104.08 -45.37
CA GLU Z 188 -192.03 102.92 -46.03
C GLU Z 188 -191.22 103.42 -47.22
N GLY Z 189 -189.90 103.32 -47.14
CA GLY Z 189 -189.06 103.83 -48.21
C GLY Z 189 -188.86 102.82 -49.32
N GLU Z 190 -189.68 102.92 -50.36
CA GLU Z 190 -189.58 102.05 -51.53
C GLU Z 190 -189.33 102.83 -52.80
N ILE Z 191 -190.10 103.89 -53.06
CA ILE Z 191 -189.82 104.81 -54.15
C ILE Z 191 -188.78 105.81 -53.63
N PHE Z 192 -187.54 105.64 -54.07
CA PHE Z 192 -186.45 106.43 -53.52
C PHE Z 192 -186.60 107.89 -53.87
N ASP Z 193 -186.16 108.76 -52.96
CA ASP Z 193 -186.15 110.19 -53.21
C ASP Z 193 -184.96 110.51 -54.11
N THR Z 194 -185.17 110.42 -55.42
CA THR Z 194 -184.12 110.68 -56.40
C THR Z 194 -183.94 112.16 -56.68
N GLU Z 195 -184.71 113.02 -56.02
CA GLU Z 195 -184.60 114.45 -56.17
C GLU Z 195 -183.87 115.02 -54.96
N LYS Z 196 -183.43 116.27 -55.09
CA LYS Z 196 -182.69 117.03 -54.09
C LYS Z 196 -181.28 116.48 -53.89
N GLU Z 197 -180.90 115.39 -54.55
CA GLU Z 197 -179.52 114.91 -54.44
C GLU Z 197 -178.54 115.95 -54.98
N LYS Z 198 -179.02 116.88 -55.78
CA LYS Z 198 -178.19 117.99 -56.27
C LYS Z 198 -178.45 119.21 -55.39
N TYR Z 199 -177.49 119.53 -54.51
CA TYR Z 199 -177.57 120.77 -53.76
C TYR Z 199 -177.38 121.94 -54.71
N GLU Z 200 -178.36 122.82 -54.78
CA GLU Z 200 -178.32 123.92 -55.72
C GLU Z 200 -177.78 125.17 -55.04
N ILE Z 201 -176.88 125.87 -55.72
CA ILE Z 201 -176.33 127.13 -55.21
C ILE Z 201 -177.41 128.20 -55.35
N THR Z 202 -178.00 128.60 -54.24
CA THR Z 202 -178.98 129.68 -54.24
C THR Z 202 -178.34 130.97 -54.75
N GLU Z 203 -179.08 131.69 -55.60
CA GLU Z 203 -178.56 132.92 -56.18
C GLU Z 203 -178.12 133.90 -55.12
N GLN Z 204 -178.76 133.89 -53.94
CA GLN Z 204 -178.36 134.77 -52.86
C GLN Z 204 -176.90 134.52 -52.46
N ARG Z 205 -176.49 133.25 -52.43
CA ARG Z 205 -175.10 132.94 -52.15
C ARG Z 205 -174.19 133.49 -53.24
N LYS Z 206 -174.64 133.46 -54.49
CA LYS Z 206 -173.82 133.94 -55.60
C LYS Z 206 -173.52 135.43 -55.44
N ILE Z 207 -174.53 136.22 -55.10
CA ILE Z 207 -174.32 137.66 -54.98
C ILE Z 207 -173.44 137.97 -53.77
N ASP Z 208 -173.62 137.23 -52.67
CA ASP Z 208 -172.80 137.45 -51.49
C ASP Z 208 -171.33 137.15 -51.78
N GLN Z 209 -171.07 136.04 -52.45
CA GLN Z 209 -169.70 135.71 -52.82
C GLN Z 209 -169.10 136.81 -53.70
N LYS Z 210 -169.83 137.23 -54.72
CA LYS Z 210 -169.34 138.28 -55.58
C LYS Z 210 -169.19 139.59 -54.83
N ALA Z 211 -170.12 139.87 -53.90
CA ALA Z 211 -170.05 141.11 -53.14
C ALA Z 211 -168.81 141.14 -52.25
N VAL Z 212 -168.58 140.06 -51.49
CA VAL Z 212 -167.42 140.01 -50.61
C VAL Z 212 -166.13 139.95 -51.41
N ASP Z 213 -166.10 139.16 -52.48
CA ASP Z 213 -164.91 139.06 -53.30
C ASP Z 213 -164.62 140.34 -54.06
N SER Z 214 -165.64 141.15 -54.35
CA SER Z 214 -165.43 142.36 -55.13
C SER Z 214 -164.43 143.28 -54.46
N GLN Z 215 -164.51 143.40 -53.13
CA GLN Z 215 -163.63 144.29 -52.38
C GLN Z 215 -162.38 143.60 -51.88
N ILE Z 216 -162.19 142.31 -52.17
CA ILE Z 216 -161.06 141.58 -51.62
C ILE Z 216 -160.08 141.22 -52.72
N LEU Z 217 -160.57 141.07 -53.95
CA LEU Z 217 -159.68 140.76 -55.06
C LEU Z 217 -158.68 141.88 -55.35
N PRO Z 218 -159.08 143.12 -55.59
CA PRO Z 218 -158.07 144.15 -55.89
C PRO Z 218 -157.08 144.32 -54.77
N LYS Z 219 -157.48 144.05 -53.54
CA LYS Z 219 -156.58 144.19 -52.40
C LYS Z 219 -155.53 143.09 -52.37
N ILE Z 220 -155.91 141.86 -52.76
CA ILE Z 220 -154.93 140.78 -52.81
C ILE Z 220 -154.07 140.88 -54.05
N LYS Z 221 -154.56 141.55 -55.10
CA LYS Z 221 -153.74 141.79 -56.29
C LYS Z 221 -152.52 142.66 -55.98
N ALA Z 222 -152.52 143.38 -54.86
CA ALA Z 222 -151.42 144.30 -54.57
C ALA Z 222 -150.14 143.54 -54.24
N ILE Z 223 -150.17 142.73 -53.19
CA ILE Z 223 -148.98 141.97 -52.81
C ILE Z 223 -148.63 140.99 -53.92
N PRO Z 224 -147.39 140.98 -54.40
CA PRO Z 224 -147.08 140.21 -55.61
C PRO Z 224 -147.26 138.71 -55.42
N GLN Z 225 -147.63 138.05 -56.51
CA GLN Z 225 -147.75 136.59 -56.63
C GLN Z 225 -148.45 135.96 -55.42
N LEU Z 226 -149.41 136.65 -54.82
CA LEU Z 226 -150.27 136.01 -53.83
C LEU Z 226 -151.23 135.04 -54.49
N GLN Z 227 -151.73 135.38 -55.68
CA GLN Z 227 -152.70 134.53 -56.35
C GLN Z 227 -152.14 133.14 -56.59
N GLY Z 228 -150.95 133.07 -57.20
CA GLY Z 228 -150.32 131.78 -57.40
C GLY Z 228 -150.08 131.05 -56.10
N TYR Z 229 -149.73 131.79 -55.04
CA TYR Z 229 -149.59 131.18 -53.73
C TYR Z 229 -150.92 130.60 -53.26
N LEU Z 230 -152.01 131.36 -53.44
CA LEU Z 230 -153.31 130.85 -53.03
C LEU Z 230 -153.87 129.84 -54.01
N ARG Z 231 -153.51 129.94 -55.30
CA ARG Z 231 -153.93 128.91 -56.24
C ARG Z 231 -153.28 127.57 -55.94
N SER Z 232 -152.07 127.59 -55.37
CA SER Z 232 -151.37 126.35 -55.09
C SER Z 232 -152.02 125.62 -53.93
N VAL Z 233 -151.66 124.35 -53.77
CA VAL Z 233 -152.17 123.49 -52.71
C VAL Z 233 -151.01 123.12 -51.80
N PHE Z 234 -151.20 123.31 -50.50
CA PHE Z 234 -150.15 122.93 -49.55
C PHE Z 234 -149.95 121.42 -49.55
N ALA Z 235 -148.70 121.00 -49.43
CA ALA Z 235 -148.37 119.58 -49.50
C ALA Z 235 -147.02 119.35 -48.83
N LEU Z 236 -146.74 118.09 -48.55
CA LEU Z 236 -145.47 117.67 -47.99
C LEU Z 236 -144.72 116.84 -49.02
N THR Z 237 -143.40 117.02 -49.07
CA THR Z 237 -142.53 116.23 -49.91
C THR Z 237 -141.75 115.24 -49.05
N ASN Z 238 -140.92 114.41 -49.68
CA ASN Z 238 -140.12 113.46 -48.93
C ASN Z 238 -138.95 114.12 -48.22
N GLY Z 239 -138.93 115.44 -48.17
CA GLY Z 239 -137.94 116.22 -47.46
C GLY Z 239 -138.48 116.74 -46.16
N ILE Z 240 -139.00 117.97 -46.20
CA ILE Z 240 -139.38 118.73 -45.03
C ILE Z 240 -140.34 117.95 -44.12
N TYR Z 241 -140.34 118.34 -42.85
CA TYR Z 241 -141.23 117.83 -41.83
C TYR Z 241 -141.97 118.99 -41.16
N PRO Z 242 -143.23 118.79 -40.77
CA PRO Z 242 -144.03 119.94 -40.31
C PRO Z 242 -143.49 120.63 -39.08
N HIS Z 243 -142.83 119.91 -38.16
CA HIS Z 243 -142.32 120.57 -36.97
C HIS Z 243 -141.20 121.54 -37.30
N LYS Z 244 -140.36 121.18 -38.27
CA LYS Z 244 -139.29 122.08 -38.68
C LYS Z 244 -139.83 123.30 -39.43
N LEU Z 245 -140.96 123.14 -40.11
CA LEU Z 245 -141.52 124.24 -40.90
C LEU Z 245 -142.08 125.32 -40.00
N VAL Z 246 -141.74 126.57 -40.33
CA VAL Z 246 -142.35 127.73 -39.70
C VAL Z 246 -143.37 128.31 -40.69
N PHE Z 247 -144.65 128.14 -40.39
CA PHE Z 247 -145.70 128.62 -41.26
C PHE Z 247 -145.88 130.11 -41.07
N ASN AA 1 -203.08 130.38 13.00
CA ASN AA 1 -201.82 130.75 13.62
C ASN AA 1 -200.67 130.69 12.63
N PHE AA 2 -201.01 130.50 11.35
CA PHE AA 2 -199.99 130.25 10.34
C PHE AA 2 -199.00 131.40 10.26
N ALA AA 3 -199.43 132.62 10.57
CA ALA AA 3 -198.53 133.75 10.56
C ALA AA 3 -197.45 133.62 11.62
N GLU AA 4 -197.82 133.17 12.82
CA GLU AA 4 -196.86 133.10 13.92
C GLU AA 4 -195.74 132.11 13.64
N LEU AA 5 -196.08 130.94 13.08
CA LEU AA 5 -195.07 129.91 12.88
C LEU AA 5 -194.14 130.25 11.72
N LYS AA 6 -194.65 130.97 10.71
CA LYS AA 6 -193.80 131.35 9.60
C LYS AA 6 -192.77 132.40 10.00
N ILE AA 7 -193.21 133.43 10.74
CA ILE AA 7 -192.26 134.44 11.17
C ILE AA 7 -191.31 133.89 12.21
N LYS AA 8 -191.77 132.94 13.05
CA LYS AA 8 -190.88 132.31 14.01
C LYS AA 8 -189.76 131.56 13.31
N ARG AA 9 -190.08 130.83 12.25
CA ARG AA 9 -189.03 130.17 11.47
C ARG AA 9 -188.14 131.19 10.77
N LEU AA 10 -188.74 132.25 10.21
CA LEU AA 10 -187.94 133.32 9.62
C LEU AA 10 -187.01 133.95 10.66
N ARG AA 11 -187.48 134.07 11.90
CA ARG AA 11 -186.60 134.47 12.99
C ARG AA 11 -185.45 133.49 13.16
N LYS AA 12 -185.76 132.19 13.09
CA LYS AA 12 -184.73 131.17 13.27
C LYS AA 12 -183.68 131.25 12.17
N LYS AA 13 -184.11 131.22 10.91
CA LYS AA 13 -183.17 131.19 9.80
C LYS AA 13 -182.30 132.44 9.77
N PHE AA 14 -182.90 133.60 10.03
CA PHE AA 14 -182.10 134.83 10.12
C PHE AA 14 -181.12 134.76 11.28
N ALA AA 15 -181.52 134.14 12.40
CA ALA AA 15 -180.61 133.99 13.53
C ALA AA 15 -179.39 133.18 13.15
N GLN AA 16 -179.59 132.05 12.45
CA GLN AA 16 -178.45 131.25 12.02
C GLN AA 16 -177.63 131.99 10.97
N LYS AA 17 -178.28 132.77 10.12
CA LYS AA 17 -177.55 133.51 9.08
C LYS AA 17 -176.57 134.49 9.69
N MET AA 18 -177.02 135.27 10.68
CA MET AA 18 -176.12 136.22 11.31
C MET AA 18 -175.07 135.52 12.16
N LEU AA 19 -175.41 134.36 12.71
CA LEU AA 19 -174.40 133.55 13.39
C LEU AA 19 -173.35 133.06 12.40
N ARG AA 20 -173.77 132.71 11.19
CA ARG AA 20 -172.84 132.17 10.22
C ARG AA 20 -171.87 133.23 9.72
N LYS AA 21 -172.36 134.42 9.40
CA LYS AA 21 -171.44 135.46 8.95
C LYS AA 21 -170.60 136.00 10.10
N ALA AA 22 -171.11 135.89 11.34
CA ALA AA 22 -170.28 136.24 12.48
C ALA AA 22 -169.07 135.31 12.57
N ARG AA 23 -169.28 134.02 12.36
CA ARG AA 23 -168.18 133.07 12.38
C ARG AA 23 -167.24 133.29 11.20
N ARG AA 24 -167.80 133.63 10.03
CA ARG AA 24 -166.95 133.91 8.87
C ARG AA 24 -166.04 135.09 9.12
N LYS AA 25 -166.57 136.16 9.72
CA LYS AA 25 -165.73 137.31 10.04
C LYS AA 25 -164.62 136.93 11.00
N LEU AA 26 -164.93 136.12 12.01
CA LEU AA 26 -163.90 135.66 12.93
C LEU AA 26 -162.84 134.86 12.20
N ILE AA 27 -163.27 134.01 11.28
CA ILE AA 27 -162.31 133.17 10.56
C ILE AA 27 -161.45 134.02 9.62
N TYR AA 28 -162.06 135.00 8.97
CA TYR AA 28 -161.29 135.92 8.13
C TYR AA 28 -160.28 136.69 8.96
N GLU AA 29 -160.71 137.17 10.12
CA GLU AA 29 -159.85 138.04 10.92
C GLU AA 29 -158.72 137.26 11.57
N LYS AA 30 -159.02 136.06 12.08
CA LYS AA 30 -157.98 135.27 12.74
C LYS AA 30 -156.83 134.96 11.79
N ALA AA 31 -157.15 134.61 10.54
CA ALA AA 31 -156.11 134.37 9.56
C ALA AA 31 -155.29 135.63 9.31
N LYS AA 32 -155.94 136.79 9.30
CA LYS AA 32 -155.21 138.04 9.09
C LYS AA 32 -154.18 138.25 10.19
N HIS AA 33 -154.58 138.01 11.44
CA HIS AA 33 -153.62 138.07 12.54
C HIS AA 33 -152.55 137.00 12.40
N TYR AA 34 -152.93 135.81 11.93
CA TYR AA 34 -151.94 134.76 11.71
C TYR AA 34 -150.95 135.17 10.63
N HIS AA 35 -151.43 135.86 9.59
CA HIS AA 35 -150.52 136.33 8.55
C HIS AA 35 -149.51 137.31 9.10
N LYS AA 36 -149.95 138.21 9.99
CA LYS AA 36 -149.02 139.09 10.66
C LYS AA 36 -148.06 138.32 11.56
N GLU AA 37 -148.59 137.35 12.31
CA GLU AA 37 -147.76 136.63 13.26
C GLU AA 37 -146.67 135.83 12.56
N TYR AA 38 -147.01 135.20 11.43
CA TYR AA 38 -146.01 134.46 10.67
C TYR AA 38 -144.89 135.38 10.20
N ARG AA 39 -145.24 136.52 9.60
CA ARG AA 39 -144.23 137.41 9.06
C ARG AA 39 -143.31 137.93 10.15
N GLN AA 40 -143.83 138.16 11.34
CA GLN AA 40 -142.97 138.58 12.44
C GLN AA 40 -141.93 137.53 12.78
N MET AA 41 -142.31 136.25 12.74
CA MET AA 41 -141.31 135.20 12.95
C MET AA 41 -140.23 135.25 11.89
N TYR AA 42 -140.62 135.42 10.62
CA TYR AA 42 -139.62 135.42 9.55
C TYR AA 42 -138.68 136.60 9.68
N ARG AA 43 -139.22 137.80 9.89
CA ARG AA 43 -138.38 138.98 9.96
C ARG AA 43 -137.47 138.96 11.18
N THR AA 44 -137.97 138.43 12.30
CA THR AA 44 -137.15 138.38 13.50
C THR AA 44 -135.95 137.47 13.31
N GLU AA 45 -136.16 136.27 12.78
CA GLU AA 45 -135.03 135.37 12.55
C GLU AA 45 -134.04 135.97 11.57
N ILE AA 46 -134.49 136.89 10.71
CA ILE AA 46 -133.58 137.62 9.85
C ILE AA 46 -132.82 138.66 10.65
N ARG AA 47 -133.53 139.45 11.46
CA ARG AA 47 -132.90 140.60 12.09
C ARG AA 47 -132.02 140.22 13.27
N MET AA 48 -132.35 139.17 14.01
CA MET AA 48 -131.45 138.73 15.07
C MET AA 48 -130.12 138.27 14.50
N ALA AA 49 -130.16 137.55 13.37
CA ALA AA 49 -128.92 137.13 12.73
C ALA AA 49 -128.15 138.32 12.17
N ARG AA 50 -128.87 139.35 11.71
CA ARG AA 50 -128.19 140.53 11.18
C ARG AA 50 -127.37 141.23 12.25
N MET AA 51 -127.99 141.51 13.39
CA MET AA 51 -127.34 142.27 14.45
C MET AA 51 -126.33 141.45 15.24
N ALA AA 52 -126.42 140.12 15.22
CA ALA AA 52 -125.32 139.32 15.73
C ALA AA 52 -124.12 139.41 14.80
N ARG AA 53 -124.37 139.41 13.49
CA ARG AA 53 -123.29 139.58 12.53
C ARG AA 53 -122.68 140.96 12.65
N LYS AA 54 -123.51 141.98 12.86
CA LYS AA 54 -122.99 143.35 12.93
C LYS AA 54 -122.08 143.52 14.13
N ALA AA 55 -122.46 142.96 15.28
CA ALA AA 55 -121.67 143.11 16.50
C ALA AA 55 -120.46 142.18 16.54
N GLY AA 56 -120.38 141.20 15.64
CA GLY AA 56 -119.26 140.30 15.59
C GLY AA 56 -119.48 138.96 16.26
N ASN AA 57 -120.69 138.68 16.75
CA ASN AA 57 -120.98 137.41 17.39
C ASN AA 57 -121.61 136.44 16.39
N PHE AA 58 -122.13 135.34 16.92
CA PHE AA 58 -122.86 134.35 16.15
C PHE AA 58 -124.22 134.14 16.78
N TYR AA 59 -125.27 134.14 15.95
CA TYR AA 59 -126.62 133.91 16.42
C TYR AA 59 -127.00 132.47 16.09
N VAL AA 60 -127.21 131.68 17.13
CA VAL AA 60 -127.64 130.30 16.95
C VAL AA 60 -129.17 130.28 16.95
N PRO AA 61 -129.81 129.93 15.85
CA PRO AA 61 -131.27 129.86 15.84
C PRO AA 61 -131.77 128.64 16.59
N ALA AA 62 -133.00 128.67 17.07
CA ALA AA 62 -133.50 127.56 17.85
C ALA AA 62 -133.76 126.36 16.95
N GLU AA 63 -133.19 125.22 17.30
CA GLU AA 63 -133.39 124.05 16.46
C GLU AA 63 -134.87 123.72 16.43
N PRO AA 64 -135.40 123.34 15.28
CA PRO AA 64 -136.84 123.38 15.06
C PRO AA 64 -137.60 122.44 15.99
N LYS AA 65 -138.82 122.84 16.31
CA LYS AA 65 -139.71 122.06 17.13
C LYS AA 65 -140.62 121.14 16.33
N LEU AA 66 -140.69 121.33 15.01
CA LEU AA 66 -141.60 120.57 14.16
C LEU AA 66 -140.82 119.88 13.06
N ALA AA 67 -141.15 118.62 12.81
CA ALA AA 67 -140.52 117.85 11.76
C ALA AA 67 -141.58 117.08 10.98
N PHE AA 68 -141.31 116.88 9.70
CA PHE AA 68 -142.14 116.06 8.84
C PHE AA 68 -141.38 114.79 8.47
N VAL AA 69 -141.98 113.64 8.74
CA VAL AA 69 -141.35 112.35 8.53
C VAL AA 69 -142.06 111.63 7.40
N ILE AA 70 -141.29 111.08 6.46
CA ILE AA 70 -141.83 110.33 5.35
C ILE AA 70 -141.21 108.94 5.35
N ARG AA 71 -142.06 107.92 5.29
CA ARG AA 71 -141.58 106.55 5.19
C ARG AA 71 -141.14 106.27 3.76
N ILE AA 72 -140.01 105.59 3.61
CA ILE AA 72 -139.37 105.39 2.32
C ILE AA 72 -139.02 103.93 2.04
N ARG AA 73 -139.52 103.00 2.84
CA ARG AA 73 -139.28 101.59 2.59
C ARG AA 73 -140.59 100.83 2.77
N GLY AA 74 -140.67 99.68 2.11
CA GLY AA 74 -141.85 98.86 2.15
C GLY AA 74 -142.07 98.22 3.50
N ILE AA 75 -142.99 97.25 3.51
CA ILE AA 75 -143.35 96.58 4.75
C ILE AA 75 -142.77 95.18 4.86
N ASN AA 76 -141.96 94.75 3.91
CA ASN AA 76 -141.40 93.40 3.92
C ASN AA 76 -140.10 93.40 4.71
N GLY AA 77 -139.93 92.40 5.56
CA GLY AA 77 -138.69 92.19 6.28
C GLY AA 77 -138.29 93.35 7.17
N VAL AA 78 -139.12 93.63 8.17
CA VAL AA 78 -138.88 94.73 9.09
C VAL AA 78 -138.65 94.16 10.48
N SER AA 79 -137.58 94.58 11.13
CA SER AA 79 -137.30 94.13 12.48
C SER AA 79 -138.40 94.63 13.43
N PRO AA 80 -138.75 93.83 14.44
CA PRO AA 80 -139.92 94.19 15.28
C PRO AA 80 -139.76 95.51 16.03
N LYS AA 81 -138.56 95.83 16.50
CA LYS AA 81 -138.37 97.12 17.15
C LYS AA 81 -138.59 98.26 16.19
N VAL AA 82 -138.11 98.12 14.96
CA VAL AA 82 -138.38 99.14 13.94
C VAL AA 82 -139.85 99.14 13.56
N ARG AA 83 -140.43 97.95 13.38
CA ARG AA 83 -141.83 97.87 12.95
C ARG AA 83 -142.75 98.52 13.97
N LYS AA 84 -142.52 98.28 15.26
CA LYS AA 84 -143.41 98.83 16.27
C LYS AA 84 -143.38 100.36 16.26
N VAL AA 85 -142.19 100.95 16.11
CA VAL AA 85 -142.07 102.40 16.17
C VAL AA 85 -142.79 103.04 14.99
N LEU AA 86 -142.68 102.43 13.80
CA LEU AA 86 -143.31 103.00 12.63
C LEU AA 86 -144.82 103.08 12.79
N GLN AA 87 -145.43 102.06 13.38
CA GLN AA 87 -146.85 102.15 13.71
C GLN AA 87 -147.11 103.26 14.74
N LEU AA 88 -146.20 103.41 15.70
CA LEU AA 88 -146.37 104.46 16.70
C LEU AA 88 -146.32 105.84 16.07
N LEU AA 89 -145.63 105.97 14.95
CA LEU AA 89 -145.61 107.22 14.19
C LEU AA 89 -146.71 107.29 13.16
N ARG AA 90 -147.57 106.28 13.08
CA ARG AA 90 -148.62 106.17 12.08
C ARG AA 90 -148.07 106.08 10.65
N LEU AA 91 -146.84 105.63 10.49
CA LEU AA 91 -146.27 105.37 9.17
C LEU AA 91 -146.40 103.88 8.84
N ARG AA 92 -147.65 103.46 8.62
CA ARG AA 92 -147.89 102.05 8.35
C ARG AA 92 -147.75 101.68 6.88
N GLN AA 93 -147.45 102.65 6.02
CA GLN AA 93 -147.39 102.42 4.59
C GLN AA 93 -146.23 103.20 3.98
N ILE AA 94 -145.74 102.73 2.83
CA ILE AA 94 -144.69 103.46 2.14
C ILE AA 94 -145.26 104.76 1.59
N PHE AA 95 -144.47 105.82 1.67
CA PHE AA 95 -144.91 107.17 1.28
C PHE AA 95 -146.22 107.53 1.98
N ASN AA 96 -146.16 107.55 3.31
CA ASN AA 96 -147.32 107.79 4.16
C ASN AA 96 -146.96 108.76 5.28
N GLY AA 97 -146.37 109.88 4.92
CA GLY AA 97 -145.74 110.75 5.89
C GLY AA 97 -146.69 111.40 6.89
N THR AA 98 -146.09 111.90 7.97
CA THR AA 98 -146.83 112.57 9.02
C THR AA 98 -145.92 113.54 9.76
N PHE AA 99 -146.55 114.49 10.43
CA PHE AA 99 -145.88 115.49 11.26
C PHE AA 99 -145.51 114.89 12.60
N VAL AA 100 -144.49 115.47 13.22
CA VAL AA 100 -143.98 114.96 14.49
C VAL AA 100 -143.43 116.11 15.32
N LYS AA 101 -143.91 116.22 16.56
CA LYS AA 101 -143.32 117.15 17.51
C LYS AA 101 -141.93 116.68 17.88
N LEU AA 102 -140.97 117.61 17.87
CA LEU AA 102 -139.59 117.29 18.14
C LEU AA 102 -139.23 117.54 19.58
N ASN AA 103 -138.58 116.57 20.20
CA ASN AA 103 -138.08 116.63 21.57
C ASN AA 103 -137.16 115.43 21.75
N LYS AA 104 -136.58 115.29 22.95
CA LYS AA 104 -135.62 114.22 23.15
C LYS AA 104 -136.27 112.85 22.98
N ALA AA 105 -137.52 112.70 23.40
CA ALA AA 105 -138.20 111.41 23.26
C ALA AA 105 -138.46 111.08 21.81
N SER AA 106 -138.99 112.03 21.04
CA SER AA 106 -139.30 111.76 19.64
C SER AA 106 -138.03 111.62 18.82
N ILE AA 107 -137.00 112.42 19.11
CA ILE AA 107 -135.76 112.34 18.35
C ILE AA 107 -135.16 110.95 18.46
N ASN AA 108 -135.18 110.37 19.67
CA ASN AA 108 -134.59 109.04 19.84
C ASN AA 108 -135.35 107.99 19.06
N MET AA 109 -136.66 108.18 18.87
CA MET AA 109 -137.40 107.27 18.00
C MET AA 109 -136.93 107.36 16.57
N LEU AA 110 -136.75 108.59 16.06
CA LEU AA 110 -136.35 108.76 14.67
C LEU AA 110 -134.97 108.19 14.41
N ARG AA 111 -134.09 108.23 15.41
CA ARG AA 111 -132.79 107.60 15.25
C ARG AA 111 -132.90 106.09 15.23
N ILE AA 112 -133.96 105.54 15.82
CA ILE AA 112 -134.15 104.09 15.79
C ILE AA 112 -134.57 103.64 14.40
N VAL AA 113 -135.68 104.15 13.91
CA VAL AA 113 -136.13 103.83 12.56
C VAL AA 113 -135.50 104.90 11.66
N GLU AA 114 -134.20 104.73 11.42
CA GLU AA 114 -133.47 105.65 10.57
C GLU AA 114 -133.60 105.29 9.08
N PRO AA 115 -133.28 104.06 8.67
CA PRO AA 115 -133.27 103.78 7.23
C PRO AA 115 -134.65 103.59 6.64
N TYR AA 116 -135.71 103.60 7.46
CA TYR AA 116 -137.05 103.45 6.93
C TYR AA 116 -137.78 104.77 6.77
N ILE AA 117 -137.15 105.89 7.12
CA ILE AA 117 -137.78 107.20 7.03
C ILE AA 117 -136.80 108.19 6.42
N ALA AA 118 -137.36 109.29 5.92
CA ALA AA 118 -136.58 110.45 5.50
C ALA AA 118 -137.33 111.69 5.96
N TRP AA 119 -136.78 112.36 6.97
CA TRP AA 119 -137.51 113.42 7.65
C TRP AA 119 -136.73 114.72 7.60
N GLY AA 120 -137.40 115.80 8.00
CA GLY AA 120 -136.79 117.11 7.96
C GLY AA 120 -137.74 118.15 8.48
N TYR AA 121 -137.31 119.40 8.39
CA TYR AA 121 -138.02 120.52 9.00
C TYR AA 121 -138.80 121.27 7.94
N PRO AA 122 -140.13 121.19 7.94
CA PRO AA 122 -140.91 121.83 6.88
C PRO AA 122 -141.09 123.32 7.16
N ASN AA 123 -141.14 124.10 6.08
CA ASN AA 123 -141.40 125.52 6.20
C ASN AA 123 -142.90 125.77 6.10
N LEU AA 124 -143.28 127.04 6.14
CA LEU AA 124 -144.70 127.39 6.15
C LEU AA 124 -145.39 126.96 4.86
N LYS AA 125 -144.72 127.16 3.72
CA LYS AA 125 -145.35 126.82 2.44
C LYS AA 125 -145.63 125.33 2.35
N SER AA 126 -144.68 124.50 2.77
CA SER AA 126 -144.87 123.06 2.68
C SER AA 126 -146.02 122.62 3.58
N VAL AA 127 -146.12 123.19 4.78
CA VAL AA 127 -147.25 122.88 5.65
C VAL AA 127 -148.55 123.32 4.98
N ASN AA 128 -148.54 124.51 4.37
CA ASN AA 128 -149.71 124.99 3.66
C ASN AA 128 -150.09 124.07 2.52
N GLU AA 129 -149.10 123.66 1.72
CA GLU AA 129 -149.39 122.80 0.58
C GLU AA 129 -149.86 121.43 1.03
N LEU AA 130 -149.28 120.91 2.11
CA LEU AA 130 -149.62 119.57 2.57
C LEU AA 130 -151.06 119.52 3.06
N ILE AA 131 -151.48 120.51 3.85
CA ILE AA 131 -152.78 120.44 4.49
C ILE AA 131 -153.91 120.59 3.49
N TYR AA 132 -153.80 121.56 2.58
CA TYR AA 132 -154.90 121.80 1.65
C TYR AA 132 -155.03 120.67 0.64
N LYS AA 133 -153.91 120.25 0.06
CA LYS AA 133 -153.96 119.27 -1.02
C LYS AA 133 -154.21 117.86 -0.49
N ARG AA 134 -153.74 117.56 0.72
CA ARG AA 134 -153.82 116.21 1.26
C ARG AA 134 -154.23 116.21 2.73
N GLY AA 135 -155.17 117.07 3.09
CA GLY AA 135 -155.61 117.09 4.48
C GLY AA 135 -156.90 116.34 4.71
N TYR AA 136 -156.79 115.18 5.34
CA TYR AA 136 -157.94 114.35 5.69
C TYR AA 136 -157.98 114.18 7.19
N GLY AA 137 -159.15 114.40 7.78
CA GLY AA 137 -159.32 114.32 9.21
C GLY AA 137 -159.83 112.96 9.63
N LYS AA 138 -159.53 112.57 10.86
CA LYS AA 138 -159.99 111.32 11.43
C LYS AA 138 -161.24 111.60 12.28
N ILE AA 139 -162.41 111.42 11.67
CA ILE AA 139 -163.68 111.68 12.33
C ILE AA 139 -164.41 110.36 12.47
N ASN AA 140 -164.70 109.96 13.71
CA ASN AA 140 -165.35 108.69 13.99
C ASN AA 140 -164.57 107.52 13.39
N LYS AA 141 -163.24 107.65 13.44
CA LYS AA 141 -162.32 106.68 12.85
C LYS AA 141 -162.53 106.51 11.35
N LYS AA 142 -163.13 107.49 10.68
CA LYS AA 142 -163.28 107.47 9.24
C LYS AA 142 -162.51 108.63 8.64
N ARG AA 143 -161.74 108.34 7.60
CA ARG AA 143 -160.88 109.33 6.96
C ARG AA 143 -161.74 110.18 6.04
N ILE AA 144 -162.08 111.38 6.50
CA ILE AA 144 -162.97 112.29 5.79
C ILE AA 144 -162.15 113.47 5.29
N ALA AA 145 -162.38 113.87 4.04
CA ALA AA 145 -161.63 114.96 3.46
C ALA AA 145 -162.01 116.28 4.11
N LEU AA 146 -161.00 117.07 4.49
CA LEU AA 146 -161.23 118.37 5.11
C LEU AA 146 -161.66 119.34 4.03
N THR AA 147 -162.92 119.22 3.62
CA THR AA 147 -163.48 120.03 2.57
C THR AA 147 -164.36 121.15 3.08
N ASP AA 148 -164.39 121.39 4.38
CA ASP AA 148 -165.23 122.43 4.96
C ASP AA 148 -164.77 122.69 6.38
N ASN AA 149 -164.70 123.96 6.76
CA ASN AA 149 -164.19 124.32 8.09
C ASN AA 149 -165.08 123.76 9.20
N ALA AA 150 -166.41 123.84 9.03
CA ALA AA 150 -167.31 123.38 10.07
C ALA AA 150 -167.03 121.93 10.44
N LEU AA 151 -166.54 121.15 9.48
CA LEU AA 151 -166.17 119.78 9.76
C LEU AA 151 -165.01 119.70 10.74
N ILE AA 152 -164.10 120.68 10.68
CA ILE AA 152 -163.00 120.73 11.63
C ILE AA 152 -163.50 121.14 13.01
N ALA AA 153 -164.34 122.17 13.06
CA ALA AA 153 -164.81 122.69 14.35
C ALA AA 153 -165.64 121.67 15.11
N ARG AA 154 -166.16 120.64 14.44
CA ARG AA 154 -166.91 119.61 15.14
C ARG AA 154 -166.07 118.94 16.21
N SER AA 155 -164.86 118.50 15.84
CA SER AA 155 -164.04 117.70 16.73
C SER AA 155 -162.87 118.44 17.35
N LEU AA 156 -162.36 119.48 16.69
CA LEU AA 156 -161.22 120.22 17.22
C LEU AA 156 -161.61 121.55 17.85
N GLY AA 157 -162.88 121.92 17.80
CA GLY AA 157 -163.28 123.22 18.28
C GLY AA 157 -163.04 123.43 19.77
N LYS AA 158 -163.21 122.37 20.57
CA LYS AA 158 -163.06 122.51 22.01
C LYS AA 158 -161.66 122.95 22.41
N TYR AA 159 -160.72 122.97 21.48
CA TYR AA 159 -159.36 123.41 21.73
C TYR AA 159 -159.06 124.77 21.11
N GLY AA 160 -160.08 125.45 20.60
CA GLY AA 160 -159.88 126.71 19.91
C GLY AA 160 -159.59 126.58 18.43
N ILE AA 161 -159.52 125.38 17.89
CA ILE AA 161 -159.26 125.16 16.48
C ILE AA 161 -160.59 125.09 15.76
N ILE AA 162 -160.86 126.08 14.91
CA ILE AA 162 -162.17 126.18 14.27
C ILE AA 162 -162.04 126.08 12.75
N CYS AA 163 -161.02 126.70 12.17
CA CYS AA 163 -160.88 126.72 10.73
C CYS AA 163 -159.60 126.02 10.30
N MET AA 164 -159.34 126.04 8.99
CA MET AA 164 -158.12 125.47 8.45
C MET AA 164 -156.89 126.21 8.96
N GLU AA 165 -156.90 127.55 8.90
CA GLU AA 165 -155.73 128.30 9.31
C GLU AA 165 -155.42 128.10 10.79
N ASP AA 166 -156.44 127.75 11.58
CA ASP AA 166 -156.17 127.33 12.95
C ASP AA 166 -155.31 126.07 12.98
N LEU AA 167 -155.60 125.11 12.09
CA LEU AA 167 -154.77 123.92 12.00
C LEU AA 167 -153.36 124.28 11.56
N ILE AA 168 -153.23 125.15 10.56
CA ILE AA 168 -151.91 125.55 10.10
C ILE AA 168 -151.13 126.21 11.23
N HIS AA 169 -151.77 127.13 11.94
CA HIS AA 169 -151.10 127.81 13.04
C HIS AA 169 -150.75 126.83 14.16
N GLU AA 170 -151.67 125.92 14.47
CA GLU AA 170 -151.41 124.96 15.54
C GLU AA 170 -150.29 124.00 15.17
N ILE AA 171 -150.19 123.66 13.88
CA ILE AA 171 -149.18 122.69 13.45
C ILE AA 171 -147.83 123.38 13.29
N TYR AA 172 -147.79 124.47 12.53
CA TYR AA 172 -146.54 125.18 12.33
C TYR AA 172 -146.00 125.71 13.66
N THR AA 173 -146.71 126.65 14.26
CA THR AA 173 -146.38 127.08 15.61
C THR AA 173 -146.94 126.03 16.55
N VAL AA 174 -146.08 125.10 16.96
CA VAL AA 174 -146.53 123.96 17.76
C VAL AA 174 -147.11 124.48 19.07
N GLY AA 175 -148.43 124.35 19.21
CA GLY AA 175 -149.15 124.93 20.31
C GLY AA 175 -149.47 123.91 21.38
N LYS AA 176 -150.30 124.34 22.34
CA LYS AA 176 -150.67 123.47 23.44
C LYS AA 176 -151.39 122.22 22.94
N ARG AA 177 -152.26 122.38 21.95
CA ARG AA 177 -153.07 121.28 21.44
C ARG AA 177 -152.51 120.70 20.14
N PHE AA 178 -151.19 120.64 20.00
CA PHE AA 178 -150.60 119.99 18.83
C PHE AA 178 -150.96 118.51 18.80
N LYS AA 179 -150.90 117.85 19.95
CA LYS AA 179 -151.17 116.41 19.99
C LYS AA 179 -152.59 116.11 19.54
N GLU AA 180 -153.55 116.90 20.01
CA GLU AA 180 -154.94 116.68 19.61
C GLU AA 180 -155.15 117.01 18.15
N ALA AA 181 -154.47 118.04 17.65
CA ALA AA 181 -154.64 118.44 16.26
C ALA AA 181 -153.96 117.48 15.31
N ASN AA 182 -152.75 117.03 15.68
CA ASN AA 182 -152.02 116.11 14.83
C ASN AA 182 -152.71 114.75 14.75
N ASN AA 183 -153.16 114.23 15.90
CA ASN AA 183 -153.86 112.95 15.88
C ASN AA 183 -155.15 113.04 15.08
N PHE AA 184 -155.77 114.21 15.06
CA PHE AA 184 -156.95 114.42 14.24
C PHE AA 184 -156.60 114.31 12.76
N LEU AA 185 -155.33 114.51 12.42
CA LEU AA 185 -154.92 114.51 11.03
C LEU AA 185 -154.53 113.11 10.59
N TRP AA 186 -155.18 112.61 9.56
CA TRP AA 186 -154.81 111.32 9.01
C TRP AA 186 -153.39 111.40 8.44
N PRO AA 187 -152.61 110.33 8.54
CA PRO AA 187 -151.28 110.35 7.94
C PRO AA 187 -151.37 110.62 6.44
N PHE AA 188 -150.45 111.45 5.95
CA PHE AA 188 -150.53 111.97 4.60
C PHE AA 188 -150.08 110.92 3.61
N LYS AA 189 -151.01 110.43 2.81
CA LYS AA 189 -150.69 109.44 1.78
C LYS AA 189 -150.25 110.16 0.52
N LEU AA 190 -148.93 110.22 0.31
CA LEU AA 190 -148.34 111.05 -0.73
C LEU AA 190 -148.01 110.20 -1.95
N SER AA 191 -147.81 110.88 -3.07
CA SER AA 191 -147.48 110.23 -4.32
C SER AA 191 -146.06 109.67 -4.25
N SER AA 192 -145.65 109.02 -5.27
CA SER AA 192 -144.24 108.71 -5.29
C SER AA 192 -143.45 109.95 -5.68
N PRO AA 193 -142.18 110.06 -5.29
CA PRO AA 193 -141.43 111.28 -5.60
C PRO AA 193 -141.21 111.44 -7.09
N ARG AA 194 -141.69 112.55 -7.65
CA ARG AA 194 -141.52 112.79 -9.08
C ARG AA 194 -140.08 113.17 -9.37
N GLY AA 195 -139.42 112.39 -10.21
CA GLY AA 195 -138.02 112.57 -10.49
C GLY AA 195 -137.09 111.62 -9.80
N GLY AA 196 -137.62 110.63 -9.07
CA GLY AA 196 -136.80 109.65 -8.41
C GLY AA 196 -136.13 110.20 -7.16
N MET AA 197 -135.35 109.36 -6.47
CA MET AA 197 -134.59 109.84 -5.33
C MET AA 197 -133.16 109.31 -5.32
N LYS AA 198 -132.73 108.64 -6.40
CA LYS AA 198 -131.32 108.38 -6.73
C LYS AA 198 -130.64 107.45 -5.73
N LYS AA 199 -131.30 107.15 -4.63
CA LYS AA 199 -130.92 106.10 -3.68
C LYS AA 199 -131.98 106.05 -2.61
N LYS AA 200 -132.21 104.87 -2.07
CA LYS AA 200 -133.25 104.69 -1.06
C LYS AA 200 -132.67 103.97 0.15
N THR AA 201 -131.58 103.26 -0.06
CA THR AA 201 -131.02 102.44 1.00
C THR AA 201 -130.14 103.24 1.94
N THR AA 202 -129.21 104.01 1.39
CA THR AA 202 -128.21 104.68 2.21
C THR AA 202 -128.80 105.93 2.86
N HIS AA 203 -128.04 106.47 3.81
CA HIS AA 203 -128.41 107.71 4.48
C HIS AA 203 -128.26 108.89 3.53
N PHE AA 204 -129.00 109.96 3.83
CA PHE AA 204 -128.96 111.15 2.96
C PHE AA 204 -127.59 111.77 2.93
N VAL AA 205 -126.88 111.74 4.06
CA VAL AA 205 -125.58 112.38 4.14
C VAL AA 205 -124.61 111.74 3.16
N GLU AA 206 -124.68 110.42 2.98
CA GLU AA 206 -123.75 109.70 2.13
C GLU AA 206 -124.29 109.51 0.71
N GLY AA 207 -125.08 110.46 0.21
CA GLY AA 207 -125.57 110.40 -1.15
C GLY AA 207 -126.88 109.70 -1.34
N GLY AA 208 -127.47 109.17 -0.28
CA GLY AA 208 -128.76 108.51 -0.36
C GLY AA 208 -129.91 109.43 -0.02
N ASP AA 209 -130.99 108.82 0.47
CA ASP AA 209 -132.19 109.55 0.80
C ASP AA 209 -132.67 109.32 2.23
N ALA AA 210 -132.37 108.18 2.84
CA ALA AA 210 -132.81 107.92 4.20
C ALA AA 210 -132.11 108.84 5.18
N GLY AA 211 -132.73 109.06 6.33
CA GLY AA 211 -132.11 109.85 7.37
C GLY AA 211 -132.75 111.21 7.55
N ASN AA 212 -131.94 112.20 7.94
CA ASN AA 212 -132.43 113.53 8.27
C ASN AA 212 -131.80 114.56 7.35
N ARG AA 213 -132.65 115.35 6.70
CA ARG AA 213 -132.21 116.52 5.97
C ARG AA 213 -132.93 117.73 6.55
N GLU AA 214 -132.17 118.74 6.98
CA GLU AA 214 -132.75 119.84 7.72
C GLU AA 214 -133.79 120.59 6.90
N ASP AA 215 -133.42 121.03 5.70
CA ASP AA 215 -134.31 121.83 4.87
C ASP AA 215 -134.76 121.10 3.62
N GLN AA 216 -133.92 120.25 3.05
CA GLN AA 216 -134.21 119.66 1.76
C GLN AA 216 -135.36 118.66 1.80
N ILE AA 217 -136.02 118.50 2.94
CA ILE AA 217 -137.29 117.79 2.92
C ILE AA 217 -138.33 118.58 2.15
N ASN AA 218 -138.20 119.90 2.15
CA ASN AA 218 -139.13 120.73 1.39
C ASN AA 218 -138.98 120.50 -0.10
N ARG AA 219 -137.74 120.38 -0.59
CA ARG AA 219 -137.53 120.02 -1.99
C ARG AA 219 -138.17 118.67 -2.30
N LEU AA 220 -138.08 117.74 -1.36
CA LEU AA 220 -138.68 116.43 -1.57
C LEU AA 220 -140.20 116.51 -1.54
N ILE AA 221 -140.75 117.37 -0.68
CA ILE AA 221 -142.21 117.50 -0.57
C ILE AA 221 -142.79 118.06 -1.86
N ARG AA 222 -142.15 119.08 -2.44
CA ARG AA 222 -142.62 119.62 -3.70
C ARG AA 222 -142.64 118.54 -4.77
N ARG AA 223 -141.61 117.69 -4.78
CA ARG AA 223 -141.61 116.59 -5.74
C ARG AA 223 -142.65 115.54 -5.39
N MET AA 224 -142.95 115.38 -4.09
CA MET AA 224 -143.91 114.38 -3.67
C MET AA 224 -145.34 114.86 -3.85
N ASN AA 225 -145.52 116.18 -3.95
CA ASN AA 225 -146.86 116.75 -4.07
C ASN AA 225 -146.89 118.11 -4.74
N LYS BA 1 -169.36 -72.97 21.48
CA LYS BA 1 -168.59 -74.12 21.02
C LYS BA 1 -168.80 -74.35 19.53
N VAL BA 2 -169.31 -73.32 18.86
CA VAL BA 2 -169.55 -73.36 17.42
C VAL BA 2 -168.97 -72.09 16.81
N VAL BA 3 -168.16 -71.39 17.59
CA VAL BA 3 -167.62 -70.09 17.19
C VAL BA 3 -166.89 -70.22 15.86
N ASN BA 4 -167.23 -69.34 14.92
CA ASN BA 4 -166.54 -69.32 13.65
C ASN BA 4 -165.12 -68.81 13.84
N PRO BA 5 -164.11 -69.52 13.32
CA PRO BA 5 -162.72 -69.14 13.63
C PRO BA 5 -162.32 -67.78 13.10
N LEU BA 6 -163.07 -67.21 12.16
CA LEU BA 6 -162.70 -65.90 11.61
C LEU BA 6 -162.87 -64.77 12.62
N PHE BA 7 -163.59 -64.98 13.73
CA PHE BA 7 -163.75 -63.95 14.74
C PHE BA 7 -162.60 -64.01 15.74
N GLU BA 8 -162.07 -62.84 16.11
CA GLU BA 8 -161.05 -62.76 17.14
C GLU BA 8 -160.98 -61.33 17.64
N LYS BA 9 -160.39 -61.16 18.82
CA LYS BA 9 -160.15 -59.83 19.34
C LYS BA 9 -159.19 -59.08 18.44
N ARG BA 10 -159.47 -57.80 18.20
CA ARG BA 10 -158.50 -56.87 17.63
C ARG BA 10 -158.48 -55.61 18.48
N PRO BA 11 -157.96 -55.70 19.69
CA PRO BA 11 -157.97 -54.54 20.58
C PRO BA 11 -156.94 -53.51 20.15
N LYS BA 12 -157.29 -52.25 20.36
CA LYS BA 12 -156.41 -51.13 20.08
C LYS BA 12 -155.94 -50.54 21.39
N ASN BA 13 -154.63 -50.31 21.50
CA ASN BA 13 -154.05 -49.73 22.71
C ASN BA 13 -153.82 -48.25 22.48
N PHE BA 14 -154.27 -47.42 23.42
CA PHE BA 14 -154.22 -45.98 23.30
C PHE BA 14 -152.99 -45.39 23.99
N GLY BA 15 -151.86 -46.07 23.90
CA GLY BA 15 -150.62 -45.48 24.37
C GLY BA 15 -150.22 -44.28 23.52
N ILE BA 16 -149.32 -43.48 24.08
CA ILE BA 16 -148.89 -42.27 23.39
C ILE BA 16 -148.30 -42.65 22.04
N GLY BA 17 -148.86 -42.08 20.98
CA GLY BA 17 -148.36 -42.31 19.64
C GLY BA 17 -148.87 -43.57 18.98
N GLN BA 18 -149.61 -44.40 19.70
CA GLN BA 18 -150.21 -45.59 19.13
C GLN BA 18 -151.51 -45.19 18.42
N ASP BA 19 -152.35 -46.17 18.08
CA ASP BA 19 -153.60 -45.89 17.41
C ASP BA 19 -154.39 -44.81 18.16
N ILE BA 20 -155.06 -43.95 17.40
CA ILE BA 20 -155.49 -42.66 17.94
C ILE BA 20 -156.58 -42.86 18.99
N GLN BA 21 -156.68 -41.87 19.87
CA GLN BA 21 -157.50 -41.99 21.06
C GLN BA 21 -158.98 -42.02 20.70
N PRO BA 22 -159.81 -42.62 21.54
CA PRO BA 22 -161.25 -42.57 21.32
C PRO BA 22 -161.81 -41.21 21.70
N LYS BA 23 -163.13 -41.08 21.60
CA LYS BA 23 -163.80 -39.83 21.91
C LYS BA 23 -164.36 -39.91 23.33
N ARG BA 24 -163.47 -39.74 24.29
CA ARG BA 24 -163.83 -39.82 25.70
C ARG BA 24 -164.52 -38.52 26.12
N ASP BA 25 -164.77 -38.38 27.42
CA ASP BA 25 -165.37 -37.16 27.95
C ASP BA 25 -164.43 -35.97 27.83
N LEU BA 26 -165.00 -34.81 27.49
CA LEU BA 26 -164.27 -33.56 27.47
C LEU BA 26 -165.01 -32.47 28.23
N THR BA 27 -166.04 -32.86 28.99
CA THR BA 27 -166.86 -31.88 29.71
C THR BA 27 -166.02 -31.05 30.67
N ARG BA 28 -164.96 -31.65 31.21
CA ARG BA 28 -164.05 -30.90 32.07
C ARG BA 28 -163.31 -29.81 31.30
N PHE BA 29 -163.06 -30.02 30.01
CA PHE BA 29 -162.20 -29.12 29.23
C PHE BA 29 -162.94 -28.43 28.09
N VAL BA 30 -164.27 -28.34 28.17
CA VAL BA 30 -165.02 -27.69 27.11
C VAL BA 30 -164.85 -26.19 27.20
N LYS BA 31 -164.55 -25.56 26.06
CA LYS BA 31 -164.54 -24.11 25.99
C LYS BA 31 -165.98 -23.63 26.05
N TRP BA 32 -166.40 -23.20 27.23
CA TRP BA 32 -167.77 -22.80 27.45
C TRP BA 32 -168.00 -21.37 26.98
N PRO BA 33 -169.25 -21.01 26.71
CA PRO BA 33 -169.55 -19.61 26.37
C PRO BA 33 -169.25 -18.68 27.55
N ARG BA 34 -169.32 -17.38 27.26
CA ARG BA 34 -168.95 -16.39 28.26
C ARG BA 34 -169.89 -16.42 29.45
N TYR BA 35 -171.19 -16.59 29.21
CA TYR BA 35 -172.15 -16.53 30.32
C TYR BA 35 -172.05 -17.78 31.18
N ILE BA 36 -171.82 -18.94 30.59
CA ILE BA 36 -171.64 -20.16 31.37
C ILE BA 36 -170.37 -20.04 32.21
N ARG BA 37 -169.28 -19.57 31.60
CA ARG BA 37 -168.05 -19.40 32.33
C ARG BA 37 -168.20 -18.39 33.46
N LEU BA 38 -169.20 -17.51 33.37
CA LEU BA 38 -169.35 -16.49 34.39
C LEU BA 38 -170.08 -17.02 35.62
N GLN BA 39 -171.22 -17.66 35.41
CA GLN BA 39 -171.99 -18.15 36.57
C GLN BA 39 -171.24 -19.26 37.29
N ARG BA 40 -170.47 -20.06 36.56
CA ARG BA 40 -169.64 -21.06 37.23
C ARG BA 40 -168.53 -20.40 38.02
N GLN BA 41 -167.94 -19.33 37.49
CA GLN BA 41 -166.90 -18.63 38.24
C GLN BA 41 -167.49 -17.86 39.41
N ARG BA 42 -168.69 -17.31 39.27
CA ARG BA 42 -169.31 -16.62 40.40
C ARG BA 42 -169.57 -17.57 41.55
N ALA BA 43 -170.03 -18.78 41.26
CA ALA BA 43 -170.26 -19.77 42.30
C ALA BA 43 -168.96 -20.12 43.01
N ILE BA 44 -167.87 -20.25 42.25
CA ILE BA 44 -166.58 -20.57 42.85
C ILE BA 44 -166.12 -19.44 43.75
N LEU BA 45 -166.41 -18.19 43.37
CA LEU BA 45 -166.01 -17.06 44.19
C LEU BA 45 -166.67 -17.12 45.56
N TYR BA 46 -167.95 -17.47 45.62
CA TYR BA 46 -168.66 -17.49 46.89
C TYR BA 46 -168.04 -18.48 47.86
N LYS BA 47 -167.38 -19.51 47.34
CA LYS BA 47 -166.60 -20.39 48.20
C LYS BA 47 -165.29 -19.73 48.61
N ARG BA 48 -164.78 -18.83 47.79
CA ARG BA 48 -163.43 -18.32 47.98
C ARG BA 48 -163.38 -17.15 48.96
N LEU BA 49 -164.13 -16.09 48.69
CA LEU BA 49 -164.08 -14.93 49.57
C LEU BA 49 -164.80 -15.22 50.88
N LYS BA 50 -164.42 -14.47 51.91
CA LYS BA 50 -165.06 -14.56 53.22
C LYS BA 50 -166.42 -13.89 53.13
N VAL BA 51 -167.46 -14.68 52.88
CA VAL BA 51 -168.81 -14.15 52.75
C VAL BA 51 -169.27 -13.61 54.10
N PRO BA 52 -169.87 -12.42 54.15
CA PRO BA 52 -170.27 -11.87 55.44
C PRO BA 52 -171.36 -12.67 56.06
N PRO BA 53 -171.47 -12.70 57.39
CA PRO BA 53 -172.51 -13.49 58.05
C PRO BA 53 -173.91 -13.09 57.66
N ALA BA 54 -174.15 -11.82 57.37
CA ALA BA 54 -175.49 -11.40 56.96
C ALA BA 54 -175.92 -12.03 55.65
N ILE BA 55 -174.97 -12.51 54.85
CA ILE BA 55 -175.28 -13.24 53.62
C ILE BA 55 -175.16 -14.74 53.83
N ASN BA 56 -174.13 -15.17 54.55
CA ASN BA 56 -173.89 -16.59 54.75
C ASN BA 56 -174.99 -17.25 55.60
N GLN BA 57 -175.79 -16.47 56.31
CA GLN BA 57 -176.89 -17.06 57.06
C GLN BA 57 -177.88 -17.75 56.13
N PHE BA 58 -177.86 -17.38 54.85
CA PHE BA 58 -178.74 -18.01 53.89
C PHE BA 58 -178.17 -19.31 53.35
N THR BA 59 -176.85 -19.49 53.42
CA THR BA 59 -176.26 -20.72 52.90
C THR BA 59 -176.78 -21.94 53.64
N GLN BA 60 -176.89 -21.85 54.96
CA GLN BA 60 -177.49 -22.93 55.73
C GLN BA 60 -179.01 -22.84 55.62
N ALA BA 61 -179.61 -23.87 55.04
CA ALA BA 61 -181.05 -23.93 54.85
C ALA BA 61 -181.64 -24.94 55.82
N LEU BA 62 -182.95 -25.16 55.70
CA LEU BA 62 -183.65 -26.07 56.60
C LEU BA 62 -183.71 -27.47 56.02
N ASP BA 63 -183.91 -28.44 56.92
CA ASP BA 63 -183.82 -29.84 56.57
C ASP BA 63 -184.85 -30.20 55.51
N ARG BA 64 -184.48 -31.19 54.68
CA ARG BA 64 -185.34 -31.58 53.55
C ARG BA 64 -186.71 -32.02 54.01
N GLN BA 65 -186.78 -32.92 54.99
CA GLN BA 65 -188.06 -33.42 55.46
C GLN BA 65 -188.89 -32.31 56.09
N THR BA 66 -188.25 -31.40 56.82
CA THR BA 66 -188.98 -30.33 57.47
C THR BA 66 -189.69 -29.44 56.46
N ALA BA 67 -188.99 -29.07 55.38
CA ALA BA 67 -189.60 -28.21 54.37
C ALA BA 67 -190.80 -28.85 53.72
N THR BA 68 -190.70 -30.14 53.38
CA THR BA 68 -191.80 -30.84 52.73
C THR BA 68 -193.07 -30.73 53.57
N GLN BA 69 -192.93 -30.88 54.88
CA GLN BA 69 -194.07 -30.66 55.77
C GLN BA 69 -194.41 -29.19 55.88
N LEU BA 70 -193.42 -28.30 55.83
CA LEU BA 70 -193.71 -26.87 55.80
C LEU BA 70 -194.46 -26.51 54.53
N LEU BA 71 -194.03 -27.04 53.38
CA LEU BA 71 -194.74 -26.79 52.15
C LEU BA 71 -196.15 -27.36 52.19
N LYS BA 72 -196.28 -28.61 52.63
CA LYS BA 72 -197.58 -29.27 52.65
C LYS BA 72 -198.59 -28.47 53.45
N LEU BA 73 -198.17 -27.92 54.58
CA LEU BA 73 -199.06 -27.07 55.37
C LEU BA 73 -199.35 -25.77 54.65
N ALA BA 74 -198.33 -25.11 54.08
CA ALA BA 74 -198.55 -23.85 53.38
C ALA BA 74 -199.41 -24.06 52.14
N HIS BA 75 -199.20 -25.18 51.43
CA HIS BA 75 -200.06 -25.57 50.33
C HIS BA 75 -201.52 -25.64 50.77
N LYS BA 76 -201.76 -26.00 52.03
CA LYS BA 76 -203.13 -26.14 52.52
C LYS BA 76 -203.86 -24.81 52.59
N TYR BA 77 -203.15 -23.70 52.79
CA TYR BA 77 -203.76 -22.37 52.90
C TYR BA 77 -203.46 -21.54 51.66
N ARG BA 78 -203.20 -22.21 50.55
CA ARG BA 78 -202.64 -21.57 49.37
C ARG BA 78 -203.58 -20.50 48.83
N PRO BA 79 -203.06 -19.36 48.37
CA PRO BA 79 -203.92 -18.34 47.77
C PRO BA 79 -204.69 -18.89 46.59
N GLU BA 80 -205.91 -18.41 46.44
CA GLU BA 80 -206.74 -18.77 45.30
C GLU BA 80 -206.14 -18.17 44.02
N THR BA 81 -206.31 -18.90 42.93
CA THR BA 81 -205.91 -18.40 41.62
C THR BA 81 -206.99 -17.46 41.08
N LYS BA 82 -206.77 -17.00 39.85
CA LYS BA 82 -207.73 -16.07 39.25
C LYS BA 82 -209.04 -16.79 38.93
N GLN BA 83 -208.96 -18.02 38.44
CA GLN BA 83 -210.18 -18.75 38.09
C GLN BA 83 -211.07 -18.95 39.31
N GLU BA 84 -210.50 -19.40 40.43
CA GLU BA 84 -211.29 -19.52 41.64
C GLU BA 84 -211.80 -18.17 42.12
N LYS BA 85 -210.94 -17.15 42.07
CA LYS BA 85 -211.36 -15.81 42.50
C LYS BA 85 -212.56 -15.33 41.71
N LYS BA 86 -212.56 -15.58 40.40
CA LYS BA 86 -213.72 -15.26 39.58
C LYS BA 86 -214.94 -16.04 40.04
N GLN BA 87 -214.77 -17.34 40.33
CA GLN BA 87 -215.89 -18.18 40.69
C GLN BA 87 -216.48 -17.77 42.04
N ARG BA 88 -215.64 -17.61 43.07
CA ARG BA 88 -216.16 -17.29 44.39
C ARG BA 88 -216.85 -15.94 44.41
N LEU BA 89 -216.50 -15.05 43.47
CA LEU BA 89 -217.22 -13.78 43.37
C LEU BA 89 -218.63 -14.01 42.85
N LEU BA 90 -218.79 -14.85 41.82
CA LEU BA 90 -220.11 -15.09 41.26
C LEU BA 90 -221.04 -15.68 42.30
N ALA BA 91 -220.55 -16.64 43.10
CA ALA BA 91 -221.38 -17.21 44.15
C ALA BA 91 -221.78 -16.16 45.18
N ARG BA 92 -220.81 -15.38 45.66
CA ARG BA 92 -221.14 -14.34 46.62
C ARG BA 92 -221.90 -13.20 45.97
N ALA BA 93 -221.77 -13.05 44.65
CA ALA BA 93 -222.66 -12.13 43.93
C ALA BA 93 -224.10 -12.64 43.99
N GLU BA 94 -224.28 -13.96 43.89
CA GLU BA 94 -225.62 -14.53 43.90
C GLU BA 94 -226.12 -14.81 45.31
N LYS BA 95 -225.25 -15.32 46.19
CA LYS BA 95 -225.70 -15.60 47.54
C LYS BA 95 -226.10 -14.33 48.27
N LYS BA 96 -225.54 -13.19 47.89
CA LYS BA 96 -226.03 -11.91 48.38
C LYS BA 96 -227.16 -11.37 47.52
N ALA BA 97 -227.25 -11.79 46.25
CA ALA BA 97 -228.45 -11.53 45.47
C ALA BA 97 -229.64 -12.28 46.06
N ALA BA 98 -229.42 -13.52 46.48
CA ALA BA 98 -230.45 -14.32 47.17
C ALA BA 98 -229.76 -15.44 47.92
N GLY BA 99 -229.86 -15.43 49.24
CA GLY BA 99 -230.51 -14.42 50.05
C GLY BA 99 -229.82 -14.20 51.38
N LYS BA 100 -228.55 -14.62 51.45
CA LYS BA 100 -227.76 -14.49 52.68
C LYS BA 100 -227.50 -13.04 53.06
N GLY BA 101 -227.50 -12.12 52.10
CA GLY BA 101 -227.14 -10.74 52.42
C GLY BA 101 -225.64 -10.56 52.36
N ASP BA 102 -225.11 -9.73 53.26
CA ASP BA 102 -223.68 -9.39 53.20
C ASP BA 102 -222.83 -10.62 53.48
N VAL BA 103 -222.94 -11.18 54.68
CA VAL BA 103 -222.32 -12.45 55.05
C VAL BA 103 -220.84 -12.48 54.67
N PRO BA 104 -219.96 -11.77 55.38
CA PRO BA 104 -218.52 -11.94 55.13
C PRO BA 104 -218.05 -13.37 55.34
N THR BA 105 -218.65 -14.08 56.30
CA THR BA 105 -218.41 -15.51 56.53
C THR BA 105 -216.93 -15.82 56.72
N LYS BA 106 -216.37 -15.23 57.79
CA LYS BA 106 -215.03 -15.53 58.30
C LYS BA 106 -214.01 -15.65 57.18
N ARG BA 107 -213.70 -14.52 56.51
CA ARG BA 107 -212.77 -14.48 55.39
C ARG BA 107 -211.56 -15.38 55.67
N PRO BA 108 -211.39 -16.43 54.88
CA PRO BA 108 -210.46 -17.50 55.25
C PRO BA 108 -209.05 -16.97 55.42
N PRO BA 109 -208.33 -17.46 56.41
CA PRO BA 109 -206.94 -17.02 56.61
C PRO BA 109 -206.06 -17.63 55.52
N VAL BA 110 -205.34 -16.77 54.82
CA VAL BA 110 -204.43 -17.19 53.78
C VAL BA 110 -203.06 -16.60 54.09
N LEU BA 111 -202.03 -17.26 53.57
CA LEU BA 111 -200.66 -16.81 53.79
C LEU BA 111 -200.29 -15.76 52.77
N ARG BA 112 -199.63 -14.70 53.25
CA ARG BA 112 -199.40 -13.48 52.48
C ARG BA 112 -198.04 -13.56 51.81
N ALA BA 113 -197.92 -12.93 50.65
CA ALA BA 113 -196.71 -12.98 49.85
C ALA BA 113 -196.16 -11.57 49.63
N GLY BA 114 -194.96 -11.50 49.08
CA GLY BA 114 -194.31 -10.23 48.83
C GLY BA 114 -193.60 -9.71 50.06
N VAL BA 115 -192.41 -9.16 49.89
CA VAL BA 115 -191.63 -8.72 51.04
C VAL BA 115 -192.32 -7.57 51.76
N ASN BA 116 -192.98 -6.69 51.00
CA ASN BA 116 -193.58 -5.50 51.60
C ASN BA 116 -194.73 -5.86 52.53
N THR BA 117 -195.61 -6.77 52.10
CA THR BA 117 -196.67 -7.21 52.99
C THR BA 117 -196.11 -7.93 54.20
N VAL BA 118 -195.12 -8.79 54.00
CA VAL BA 118 -194.55 -9.54 55.10
C VAL BA 118 -193.85 -8.60 56.08
N THR BA 119 -193.08 -7.64 55.57
CA THR BA 119 -192.30 -6.78 56.47
C THR BA 119 -193.22 -5.97 57.38
N THR BA 120 -194.32 -5.46 56.84
CA THR BA 120 -195.29 -4.75 57.67
C THR BA 120 -195.91 -5.68 58.69
N LEU BA 121 -196.20 -6.93 58.29
CA LEU BA 121 -196.77 -7.89 59.23
C LEU BA 121 -195.85 -8.13 60.41
N VAL BA 122 -194.58 -8.39 60.14
CA VAL BA 122 -193.64 -8.65 61.23
C VAL BA 122 -193.48 -7.42 62.11
N GLU BA 123 -193.38 -6.25 61.48
CA GLU BA 123 -193.27 -5.01 62.25
C GLU BA 123 -194.49 -4.81 63.14
N ASN BA 124 -195.63 -5.36 62.74
CA ASN BA 124 -196.86 -5.24 63.51
C ASN BA 124 -197.11 -6.43 64.42
N LYS BA 125 -196.17 -7.37 64.50
CA LYS BA 125 -196.32 -8.61 65.29
C LYS BA 125 -197.50 -9.44 64.81
N LYS BA 126 -197.88 -9.29 63.55
CA LYS BA 126 -199.08 -9.90 63.00
C LYS BA 126 -198.79 -11.16 62.19
N ALA BA 127 -197.61 -11.76 62.36
CA ALA BA 127 -197.26 -12.99 61.69
C ALA BA 127 -196.93 -14.04 62.73
N GLN BA 128 -197.14 -15.31 62.37
CA GLN BA 128 -196.73 -16.41 63.23
C GLN BA 128 -195.52 -17.16 62.69
N LEU BA 129 -195.40 -17.27 61.37
CA LEU BA 129 -194.26 -17.97 60.79
C LEU BA 129 -194.04 -17.45 59.38
N VAL BA 130 -192.83 -16.98 59.12
CA VAL BA 130 -192.46 -16.50 57.78
C VAL BA 130 -191.42 -17.44 57.21
N VAL BA 131 -191.45 -17.59 55.88
CA VAL BA 131 -190.44 -18.34 55.15
C VAL BA 131 -189.73 -17.36 54.24
N ILE BA 132 -188.44 -17.61 53.99
CA ILE BA 132 -187.62 -16.72 53.19
C ILE BA 132 -186.89 -17.56 52.15
N ALA BA 133 -186.87 -17.08 50.92
CA ALA BA 133 -186.11 -17.75 49.88
C ALA BA 133 -184.62 -17.69 50.19
N HIS BA 134 -183.90 -18.73 49.80
CA HIS BA 134 -182.47 -18.77 50.06
C HIS BA 134 -181.63 -18.27 48.90
N ASP BA 135 -182.22 -18.05 47.73
CA ASP BA 135 -181.45 -17.70 46.53
C ASP BA 135 -182.10 -16.55 45.78
N VAL BA 136 -182.46 -15.49 46.50
CA VAL BA 136 -182.97 -14.30 45.85
C VAL BA 136 -181.78 -13.50 45.29
N ASP BA 137 -181.78 -13.30 43.97
CA ASP BA 137 -180.56 -12.84 43.30
C ASP BA 137 -180.13 -11.44 43.72
N PRO BA 138 -180.97 -10.41 43.65
CA PRO BA 138 -180.48 -9.10 44.14
C PRO BA 138 -180.55 -9.10 45.66
N ILE BA 139 -179.61 -9.79 46.29
CA ILE BA 139 -179.76 -10.12 47.70
C ILE BA 139 -179.26 -8.94 48.52
N GLU BA 140 -180.12 -7.93 48.64
CA GLU BA 140 -179.98 -6.90 49.64
C GLU BA 140 -181.34 -6.49 50.16
N LEU BA 141 -182.39 -7.20 49.78
CA LEU BA 141 -183.76 -6.85 50.14
C LEU BA 141 -184.39 -7.82 51.12
N VAL BA 142 -183.71 -8.91 51.46
CA VAL BA 142 -184.14 -9.79 52.55
C VAL BA 142 -183.01 -10.09 53.52
N VAL BA 143 -181.87 -9.42 53.39
CA VAL BA 143 -180.76 -9.68 54.32
C VAL BA 143 -181.16 -9.30 55.74
N PHE BA 144 -182.10 -8.36 55.87
CA PHE BA 144 -182.51 -7.89 57.18
C PHE BA 144 -183.59 -8.74 57.83
N LEU BA 145 -184.38 -9.48 57.04
CA LEU BA 145 -185.52 -10.20 57.60
C LEU BA 145 -185.13 -11.17 58.71
N PRO BA 146 -184.13 -12.03 58.55
CA PRO BA 146 -183.73 -12.87 59.69
C PRO BA 146 -183.35 -12.06 60.91
N ALA BA 147 -182.66 -10.93 60.72
CA ALA BA 147 -182.30 -10.08 61.85
C ALA BA 147 -183.54 -9.41 62.42
N LEU BA 148 -184.46 -9.00 61.56
CA LEU BA 148 -185.62 -8.26 62.02
C LEU BA 148 -186.64 -9.19 62.68
N CYS BA 149 -186.70 -10.44 62.23
CA CYS BA 149 -187.63 -11.38 62.84
C CYS BA 149 -187.28 -11.66 64.29
N ARG BA 150 -185.99 -11.85 64.59
CA ARG BA 150 -185.60 -12.08 65.98
C ARG BA 150 -185.93 -10.87 66.84
N LYS BA 151 -185.70 -9.67 66.31
CA LYS BA 151 -185.85 -8.45 67.10
C LYS BA 151 -187.25 -8.32 67.67
N MET BA 152 -188.24 -8.93 67.01
CA MET BA 152 -189.60 -8.86 67.51
C MET BA 152 -190.02 -10.15 68.21
N GLY BA 153 -189.75 -11.30 67.62
CA GLY BA 153 -190.05 -12.55 68.28
C GLY BA 153 -190.80 -13.51 67.39
N VAL BA 154 -190.93 -13.19 66.11
CA VAL BA 154 -191.59 -14.08 65.17
C VAL BA 154 -190.55 -15.03 64.59
N PRO BA 155 -190.85 -16.31 64.45
CA PRO BA 155 -189.88 -17.23 63.87
C PRO BA 155 -189.80 -17.10 62.37
N TYR BA 156 -188.58 -17.21 61.85
CA TYR BA 156 -188.33 -17.26 60.42
C TYR BA 156 -187.62 -18.56 60.09
N CYS BA 157 -187.82 -19.03 58.87
CA CYS BA 157 -187.13 -20.22 58.40
C CYS BA 157 -186.64 -19.98 56.97
N ILE BA 158 -185.39 -20.31 56.72
CA ILE BA 158 -184.81 -20.16 55.38
C ILE BA 158 -185.07 -21.44 54.61
N ILE BA 159 -185.74 -21.31 53.47
CA ILE BA 159 -186.18 -22.45 52.68
C ILE BA 159 -185.48 -22.42 51.33
N LYS BA 160 -185.08 -23.60 50.87
CA LYS BA 160 -184.28 -23.70 49.65
C LYS BA 160 -185.21 -23.60 48.45
N GLY BA 161 -185.04 -22.53 47.68
CA GLY BA 161 -185.76 -22.36 46.44
C GLY BA 161 -186.80 -21.26 46.49
N LYS BA 162 -186.66 -20.25 45.64
CA LYS BA 162 -187.68 -19.22 45.52
C LYS BA 162 -188.71 -19.57 44.46
N ALA BA 163 -188.38 -20.44 43.51
CA ALA BA 163 -189.37 -20.90 42.56
C ALA BA 163 -190.40 -21.81 43.24
N ARG BA 164 -189.99 -22.56 44.26
CA ARG BA 164 -190.93 -23.38 45.00
C ARG BA 164 -192.00 -22.53 45.67
N LEU BA 165 -191.58 -21.44 46.31
CA LEU BA 165 -192.56 -20.53 46.88
C LEU BA 165 -193.42 -19.89 45.80
N GLY BA 166 -192.84 -19.69 44.62
CA GLY BA 166 -193.63 -19.14 43.51
C GLY BA 166 -194.73 -20.07 43.07
N ARG BA 167 -194.41 -21.36 42.90
CA ARG BA 167 -195.45 -22.34 42.57
C ARG BA 167 -196.54 -22.33 43.63
N LEU BA 168 -196.16 -22.09 44.88
CA LEU BA 168 -197.13 -22.06 45.96
C LEU BA 168 -198.10 -20.90 45.79
N VAL BA 169 -197.61 -19.74 45.33
CA VAL BA 169 -198.44 -18.55 45.22
C VAL BA 169 -199.14 -18.44 43.87
N HIS BA 170 -198.78 -19.30 42.91
CA HIS BA 170 -199.22 -19.21 41.51
C HIS BA 170 -198.56 -18.04 40.78
N ARG BA 171 -197.27 -17.84 41.01
CA ARG BA 171 -196.47 -16.91 40.25
C ARG BA 171 -195.14 -17.57 39.91
N LYS BA 172 -194.33 -16.88 39.12
CA LYS BA 172 -193.03 -17.44 38.73
C LYS BA 172 -192.13 -17.60 39.94
N THR BA 173 -192.08 -16.59 40.80
CA THR BA 173 -191.26 -16.64 42.00
C THR BA 173 -191.82 -15.69 43.04
N CYS BA 174 -191.50 -15.98 44.30
CA CYS BA 174 -191.84 -15.13 45.43
C CYS BA 174 -190.69 -15.14 46.41
N THR BA 175 -190.39 -13.98 46.99
CA THR BA 175 -189.22 -13.89 47.85
C THR BA 175 -189.53 -14.43 49.24
N THR BA 176 -190.52 -13.85 49.91
CA THR BA 176 -190.84 -14.24 51.27
C THR BA 176 -192.33 -14.44 51.39
N VAL BA 177 -192.72 -15.35 52.27
CA VAL BA 177 -194.11 -15.69 52.50
C VAL BA 177 -194.34 -15.79 54.00
N ALA BA 178 -195.43 -15.20 54.47
CA ALA BA 178 -195.74 -15.14 55.89
C ALA BA 178 -197.06 -15.85 56.19
N PHE BA 179 -197.10 -16.48 57.37
CA PHE BA 179 -198.28 -17.17 57.86
C PHE BA 179 -199.06 -16.23 58.76
N THR BA 180 -200.27 -15.88 58.32
CA THR BA 180 -201.23 -15.13 59.12
C THR BA 180 -201.93 -16.14 60.02
N GLN BA 181 -203.07 -15.79 60.64
CA GLN BA 181 -203.77 -16.73 61.49
C GLN BA 181 -204.01 -18.06 60.80
N VAL BA 182 -204.23 -19.09 61.61
CA VAL BA 182 -204.34 -20.47 61.14
C VAL BA 182 -205.43 -21.15 61.95
N ASN BA 183 -206.24 -21.98 61.28
CA ASN BA 183 -207.36 -22.65 61.91
C ASN BA 183 -206.87 -23.69 62.91
N SER BA 184 -207.81 -24.20 63.71
CA SER BA 184 -207.46 -25.08 64.81
C SER BA 184 -207.01 -26.46 64.36
N GLU BA 185 -207.31 -26.86 63.12
CA GLU BA 185 -206.81 -28.13 62.64
C GLU BA 185 -205.30 -28.11 62.44
N ASP BA 186 -204.78 -27.01 61.93
CA ASP BA 186 -203.35 -26.84 61.74
C ASP BA 186 -202.70 -26.02 62.84
N LYS BA 187 -203.44 -25.67 63.89
CA LYS BA 187 -202.84 -25.03 65.05
C LYS BA 187 -201.77 -25.94 65.65
N GLY BA 188 -202.08 -27.22 65.78
CA GLY BA 188 -201.07 -28.18 66.21
C GLY BA 188 -199.93 -28.30 65.23
N ALA BA 189 -200.23 -28.16 63.93
CA ALA BA 189 -199.18 -28.25 62.92
C ALA BA 189 -198.13 -27.17 63.11
N LEU BA 190 -198.57 -25.91 63.22
CA LEU BA 190 -197.62 -24.83 63.47
C LEU BA 190 -196.89 -25.03 64.79
N ALA BA 191 -197.60 -25.42 65.84
CA ALA BA 191 -196.97 -25.54 67.15
C ALA BA 191 -195.78 -26.48 67.11
N LYS BA 192 -195.92 -27.64 66.47
CA LYS BA 192 -194.81 -28.57 66.39
C LYS BA 192 -193.73 -28.10 65.42
N LEU BA 193 -194.06 -27.16 64.54
CA LEU BA 193 -193.05 -26.59 63.66
C LEU BA 193 -192.23 -25.52 64.37
N VAL BA 194 -192.91 -24.56 64.99
CA VAL BA 194 -192.20 -23.43 65.60
C VAL BA 194 -191.26 -23.91 66.68
N GLU BA 195 -191.71 -24.81 67.57
CA GLU BA 195 -190.84 -25.26 68.64
C GLU BA 195 -189.60 -25.95 68.08
N ALA BA 196 -189.67 -26.39 66.83
CA ALA BA 196 -188.52 -27.04 66.21
C ALA BA 196 -187.65 -26.03 65.49
N ILE BA 197 -188.23 -25.21 64.62
CA ILE BA 197 -187.42 -24.33 63.79
C ILE BA 197 -187.03 -23.04 64.50
N ARG BA 198 -187.73 -22.67 65.58
CA ARG BA 198 -187.24 -21.57 66.39
C ARG BA 198 -185.90 -21.93 67.02
N THR BA 199 -185.74 -23.19 67.42
CA THR BA 199 -184.46 -23.63 67.98
C THR BA 199 -183.36 -23.61 66.92
N ASN BA 200 -183.69 -23.95 65.68
CA ASN BA 200 -182.69 -23.96 64.64
C ASN BA 200 -182.54 -22.61 63.94
N TYR BA 201 -183.41 -21.64 64.22
CA TYR BA 201 -183.27 -20.34 63.59
C TYR BA 201 -183.18 -19.17 64.56
N ASN BA 202 -184.10 -19.08 65.53
CA ASN BA 202 -184.16 -17.88 66.35
C ASN BA 202 -183.39 -18.02 67.66
N ASP BA 203 -183.21 -19.24 68.16
CA ASP BA 203 -182.56 -19.44 69.45
C ASP BA 203 -181.05 -19.64 69.35
N ARG BA 204 -180.47 -19.57 68.15
CA ARG BA 204 -179.02 -19.63 68.01
C ARG BA 204 -178.49 -18.42 67.26
N TYR BA 205 -179.17 -17.29 67.35
CA TYR BA 205 -178.77 -16.12 66.58
C TYR BA 205 -177.42 -15.57 67.05
N ASP BA 206 -177.05 -15.79 68.31
CA ASP BA 206 -175.79 -15.25 68.85
C ASP BA 206 -174.59 -15.73 68.04
N GLU BA 207 -174.58 -17.00 67.63
CA GLU BA 207 -173.49 -17.50 66.82
C GLU BA 207 -173.83 -17.57 65.34
N ILE BA 208 -174.97 -17.03 64.92
CA ILE BA 208 -175.20 -16.78 63.51
C ILE BA 208 -174.46 -15.52 63.08
N ARG BA 209 -174.46 -14.51 63.94
CA ARG BA 209 -173.72 -13.28 63.64
C ARG BA 209 -172.24 -13.54 63.47
N ARG BA 210 -171.65 -14.38 64.33
CA ARG BA 210 -170.23 -14.64 64.28
C ARG BA 210 -169.84 -15.64 63.19
N HIS BA 211 -170.81 -16.27 62.56
CA HIS BA 211 -170.55 -17.35 61.61
C HIS BA 211 -170.36 -16.76 60.21
N TRP BA 212 -169.11 -16.68 59.77
CA TRP BA 212 -168.81 -16.16 58.44
C TRP BA 212 -169.02 -17.27 57.41
N GLY BA 213 -168.60 -17.05 56.18
CA GLY BA 213 -168.76 -18.04 55.14
C GLY BA 213 -167.61 -18.02 54.17
N GLY BA 214 -167.57 -19.03 53.32
CA GLY BA 214 -166.52 -19.10 52.32
C GLY BA 214 -165.16 -19.33 52.96
N ASN BA 215 -164.13 -18.72 52.37
CA ASN BA 215 -162.76 -18.85 52.85
C ASN BA 215 -162.27 -20.29 52.79
N VAL BA 216 -162.75 -21.05 51.81
CA VAL BA 216 -162.26 -22.40 51.56
C VAL BA 216 -161.53 -22.39 50.23
N LEU BA 217 -160.35 -23.01 50.21
CA LEU BA 217 -159.49 -23.01 49.04
C LEU BA 217 -160.01 -24.03 48.03
N GLY BA 218 -159.42 -23.99 46.84
CA GLY BA 218 -159.79 -24.91 45.80
C GLY BA 218 -159.31 -26.32 46.10
N PRO BA 219 -159.90 -27.31 45.45
CA PRO BA 219 -159.47 -28.70 45.69
C PRO BA 219 -158.00 -28.91 45.41
N LYS BA 220 -157.46 -28.28 44.37
CA LYS BA 220 -156.04 -28.44 44.06
C LYS BA 220 -155.17 -27.83 45.13
N SER BA 221 -155.53 -26.63 45.60
CA SER BA 221 -154.69 -25.95 46.58
C SER BA 221 -154.68 -26.68 47.91
N VAL BA 222 -155.84 -27.13 48.38
CA VAL BA 222 -155.87 -27.87 49.64
C VAL BA 222 -155.12 -29.18 49.51
N ALA BA 223 -155.01 -29.72 48.30
CA ALA BA 223 -154.22 -30.92 48.10
C ALA BA 223 -152.74 -30.65 48.32
N ARG BA 224 -152.23 -29.53 47.83
CA ARG BA 224 -150.81 -29.23 47.99
C ARG BA 224 -150.44 -29.04 49.45
N ILE BA 225 -151.23 -28.24 50.17
CA ILE BA 225 -150.96 -28.06 51.60
C ILE BA 225 -151.16 -29.37 52.34
N ALA BA 226 -152.01 -30.25 51.82
CA ALA BA 226 -152.10 -31.59 52.38
C ALA BA 226 -150.80 -32.36 52.17
N LYS BA 227 -150.21 -32.26 50.97
CA LYS BA 227 -148.94 -32.93 50.71
C LYS BA 227 -147.84 -32.35 51.57
N LEU BA 228 -147.83 -31.02 51.74
CA LEU BA 228 -146.81 -30.40 52.59
C LEU BA 228 -146.95 -30.87 54.03
N GLU BA 229 -148.18 -31.04 54.51
CA GLU BA 229 -148.37 -31.46 55.90
C GLU BA 229 -147.81 -32.86 56.14
N LYS BA 230 -148.21 -33.83 55.30
CA LYS BA 230 -147.72 -35.18 55.49
C LYS BA 230 -146.23 -35.28 55.15
N ALA BA 231 -145.74 -34.41 54.27
CA ALA BA 231 -144.31 -34.35 54.01
C ALA BA 231 -143.52 -33.86 55.22
N LYS BA 232 -144.18 -33.26 56.20
CA LYS BA 232 -143.51 -32.91 57.45
C LYS BA 232 -143.86 -33.88 58.56
N ALA BA 233 -145.00 -34.56 58.46
CA ALA BA 233 -145.40 -35.48 59.51
C ALA BA 233 -144.57 -36.75 59.51
N LYS BA 234 -144.19 -37.25 58.32
CA LYS BA 234 -143.55 -38.57 58.26
C LYS BA 234 -142.21 -38.57 58.97
N GLU BA 235 -141.35 -37.58 58.70
CA GLU BA 235 -140.07 -37.52 59.38
C GLU BA 235 -140.19 -37.01 60.81
N LEU BA 236 -141.23 -36.22 61.12
CA LEU BA 236 -141.40 -35.75 62.48
C LEU BA 236 -141.69 -36.90 63.43
N ALA BA 237 -142.48 -37.88 62.99
CA ALA BA 237 -142.73 -39.06 63.81
C ALA BA 237 -141.44 -39.84 64.05
N THR BA 238 -140.55 -39.87 63.05
CA THR BA 238 -139.29 -40.59 63.20
C THR BA 238 -138.30 -39.80 64.06
N LYS BA 239 -138.30 -38.46 63.94
CA LYS BA 239 -137.30 -37.67 64.65
C LYS BA 239 -137.43 -37.81 66.16
N LEU BA 240 -138.65 -37.74 66.67
CA LEU BA 240 -138.86 -37.87 68.11
C LEU BA 240 -138.90 -39.34 68.53
N GLY BA 241 -138.77 -39.56 69.83
CA GLY BA 241 -138.81 -40.89 70.39
C GLY BA 241 -137.51 -41.66 70.25
N MET CA 1 -100.57 111.82 -19.23
CA MET CA 1 -99.76 113.04 -19.20
C MET CA 1 -99.49 113.56 -20.59
N LYS CA 2 -100.15 114.65 -20.96
CA LYS CA 2 -100.01 115.22 -22.28
C LYS CA 2 -99.15 116.47 -22.21
N THR CA 3 -97.94 116.39 -22.77
CA THR CA 3 -97.10 117.56 -22.91
C THR CA 3 -97.68 118.49 -23.97
N ILE CA 4 -97.57 119.79 -23.72
CA ILE CA 4 -98.15 120.77 -24.65
C ILE CA 4 -97.59 120.57 -26.04
N LEU CA 5 -96.27 120.43 -26.14
CA LEU CA 5 -95.60 120.28 -27.43
C LEU CA 5 -94.23 119.67 -27.20
N SER CA 6 -93.85 118.73 -28.05
CA SER CA 6 -92.50 118.21 -28.10
C SER CA 6 -92.04 118.34 -29.54
N ASN CA 7 -90.87 118.96 -29.76
CA ASN CA 7 -90.40 119.19 -31.10
C ASN CA 7 -88.88 119.11 -31.13
N GLN CA 8 -88.36 118.81 -32.33
CA GLN CA 8 -86.93 118.90 -32.59
C GLN CA 8 -86.76 119.09 -34.09
N THR CA 9 -85.59 119.61 -34.47
CA THR CA 9 -85.34 120.04 -35.83
C THR CA 9 -84.12 119.33 -36.40
N VAL CA 10 -84.24 118.90 -37.66
CA VAL CA 10 -83.12 118.33 -38.40
C VAL CA 10 -82.83 119.21 -39.61
N ASP CA 11 -81.58 119.14 -40.06
CA ASP CA 11 -81.10 120.00 -41.13
C ASP CA 11 -80.78 119.17 -42.38
N ILE CA 12 -81.10 119.72 -43.54
CA ILE CA 12 -80.77 119.14 -44.82
C ILE CA 12 -79.72 120.01 -45.49
N PRO CA 13 -78.60 119.45 -45.92
CA PRO CA 13 -77.55 120.27 -46.54
C PRO CA 13 -77.99 120.85 -47.88
N GLU CA 14 -77.05 121.56 -48.52
CA GLU CA 14 -77.37 122.24 -49.76
C GLU CA 14 -77.50 121.26 -50.92
N ASN CA 15 -76.59 120.29 -51.01
CA ASN CA 15 -76.56 119.40 -52.16
C ASN CA 15 -77.81 118.54 -52.29
N VAL CA 16 -78.43 118.19 -51.18
CA VAL CA 16 -79.63 117.36 -51.18
C VAL CA 16 -80.84 118.23 -50.91
N ASP CA 17 -81.87 118.07 -51.74
CA ASP CA 17 -83.11 118.82 -51.62
C ASP CA 17 -84.22 117.85 -51.24
N ILE CA 18 -85.16 118.34 -50.44
CA ILE CA 18 -86.19 117.49 -49.85
C ILE CA 18 -87.55 118.13 -50.06
N THR CA 19 -88.54 117.29 -50.34
CA THR CA 19 -89.91 117.73 -50.59
C THR CA 19 -90.85 116.98 -49.68
N LEU CA 20 -91.89 117.65 -49.22
CA LEU CA 20 -92.88 117.07 -48.32
C LEU CA 20 -94.19 116.86 -49.07
N LYS CA 21 -94.76 115.66 -48.94
CA LYS CA 21 -96.09 115.37 -49.46
C LYS CA 21 -96.92 114.83 -48.29
N GLY CA 22 -97.52 115.74 -47.53
CA GLY CA 22 -98.18 115.33 -46.31
C GLY CA 22 -97.16 114.70 -45.36
N ARG CA 23 -97.49 113.52 -44.85
CA ARG CA 23 -96.54 112.77 -44.03
C ARG CA 23 -95.74 111.78 -44.87
N THR CA 24 -95.15 112.29 -45.95
CA THR CA 24 -94.33 111.47 -46.84
C THR CA 24 -93.16 112.32 -47.32
N VAL CA 25 -91.99 112.04 -46.79
CA VAL CA 25 -90.78 112.79 -47.12
C VAL CA 25 -90.13 112.14 -48.33
N ILE CA 26 -89.53 112.97 -49.19
CA ILE CA 26 -88.77 112.50 -50.33
C ILE CA 26 -87.50 113.33 -50.42
N VAL CA 27 -86.35 112.68 -50.28
CA VAL CA 27 -85.06 113.36 -50.35
C VAL CA 27 -84.50 113.19 -51.76
N LYS CA 28 -83.64 114.12 -52.16
CA LYS CA 28 -83.11 114.13 -53.52
C LYS CA 28 -81.60 114.34 -53.54
N GLY CA 29 -80.86 113.49 -52.83
CA GLY CA 29 -79.41 113.54 -52.88
C GLY CA 29 -78.87 113.13 -54.23
N PRO CA 30 -77.58 113.41 -54.45
CA PRO CA 30 -76.96 113.01 -55.72
C PRO CA 30 -76.99 111.52 -55.98
N ARG CA 31 -76.96 110.70 -54.93
CA ARG CA 31 -76.91 109.25 -55.09
C ARG CA 31 -78.29 108.64 -55.31
N GLY CA 32 -79.26 109.43 -55.71
CA GLY CA 32 -80.61 108.96 -55.93
C GLY CA 32 -81.61 109.61 -55.00
N THR CA 33 -82.85 109.17 -55.13
CA THR CA 33 -83.96 109.69 -54.34
C THR CA 33 -84.54 108.60 -53.45
N LEU CA 34 -84.99 109.01 -52.27
CA LEU CA 34 -85.62 108.09 -51.33
C LEU CA 34 -86.95 108.66 -50.90
N ARG CA 35 -87.96 107.81 -50.83
CA ARG CA 35 -89.31 108.19 -50.45
C ARG CA 35 -89.74 107.37 -49.25
N ARG CA 36 -90.27 108.03 -48.23
CA ARG CA 36 -90.76 107.31 -47.07
C ARG CA 36 -91.95 108.05 -46.47
N ASP CA 37 -93.02 107.32 -46.19
CA ASP CA 37 -94.19 107.89 -45.56
C ASP CA 37 -94.20 107.55 -44.07
N PHE CA 38 -94.95 108.35 -43.31
CA PHE CA 38 -95.01 108.21 -41.86
C PHE CA 38 -96.43 108.34 -41.36
N ASN CA 39 -97.40 107.97 -42.20
CA ASN CA 39 -98.81 108.09 -41.84
C ASN CA 39 -99.16 107.27 -40.60
N HIS CA 40 -98.35 106.26 -40.30
CA HIS CA 40 -98.50 105.51 -39.05
C HIS CA 40 -98.31 106.39 -37.82
N ILE CA 41 -97.64 107.53 -37.94
CA ILE CA 41 -97.35 108.40 -36.81
C ILE CA 41 -98.01 109.76 -37.04
N ASN CA 42 -98.79 110.18 -36.06
CA ASN CA 42 -99.52 111.45 -36.13
C ASN CA 42 -98.62 112.57 -35.63
N VAL CA 43 -97.88 113.18 -36.55
CA VAL CA 43 -97.12 114.39 -36.30
C VAL CA 43 -97.35 115.33 -37.46
N GLU CA 44 -96.67 116.48 -37.42
CA GLU CA 44 -96.63 117.39 -38.56
C GLU CA 44 -95.18 117.64 -38.91
N LEU CA 45 -94.89 117.66 -40.21
CA LEU CA 45 -93.56 117.99 -40.71
C LEU CA 45 -93.65 119.30 -41.47
N SER CA 46 -92.67 120.17 -41.27
CA SER CA 46 -92.69 121.48 -41.90
C SER CA 46 -91.28 121.90 -42.27
N LEU CA 47 -91.14 122.50 -43.45
CA LEU CA 47 -89.87 123.06 -43.89
C LEU CA 47 -89.82 124.52 -43.46
N LEU CA 48 -88.73 124.91 -42.79
CA LEU CA 48 -88.66 126.21 -42.16
C LEU CA 48 -87.89 127.22 -43.01
N GLY CA 49 -86.64 126.90 -43.33
CA GLY CA 49 -85.78 127.80 -44.10
C GLY CA 49 -85.72 127.38 -45.56
N LYS CA 50 -85.80 128.37 -46.45
CA LYS CA 50 -85.81 128.11 -47.88
C LYS CA 50 -84.42 128.08 -48.50
N LYS CA 51 -83.36 128.32 -47.70
CA LYS CA 51 -82.01 128.15 -48.21
C LYS CA 51 -81.14 127.46 -47.16
N LYS CA 52 -81.69 127.28 -45.96
CA LYS CA 52 -81.01 126.52 -44.91
C LYS CA 52 -81.53 125.09 -44.83
N LYS CA 53 -82.79 124.88 -45.19
CA LYS CA 53 -83.41 123.57 -45.23
C LYS CA 53 -83.39 122.90 -43.85
N ARG CA 54 -84.19 123.46 -42.96
CA ARG CA 54 -84.50 122.84 -41.67
C ARG CA 54 -85.84 122.12 -41.76
N LEU CA 55 -85.92 120.93 -41.18
CA LEU CA 55 -87.15 120.16 -41.07
C LEU CA 55 -87.56 120.07 -39.61
N ARG CA 56 -88.85 120.15 -39.33
CA ARG CA 56 -89.36 120.26 -37.97
C ARG CA 56 -90.49 119.28 -37.74
N VAL CA 57 -90.51 118.65 -36.57
CA VAL CA 57 -91.52 117.67 -36.19
C VAL CA 57 -92.18 118.12 -34.90
N ASP CA 58 -93.50 118.19 -34.89
CA ASP CA 58 -94.27 118.60 -33.72
C ASP CA 58 -95.18 117.48 -33.28
N LYS CA 59 -95.47 117.42 -31.98
CA LYS CA 59 -96.25 116.30 -31.44
C LYS CA 59 -97.55 116.71 -30.78
N TRP CA 60 -97.62 117.85 -30.09
CA TRP CA 60 -98.92 118.44 -29.75
C TRP CA 60 -99.85 117.54 -28.94
N TRP CA 61 -99.60 117.41 -27.63
CA TRP CA 61 -100.39 116.56 -26.74
C TRP CA 61 -100.18 115.07 -27.00
N GLY CA 62 -98.97 114.60 -26.75
CA GLY CA 62 -98.69 113.18 -26.74
C GLY CA 62 -98.10 112.76 -25.41
N ASN CA 63 -98.65 111.67 -24.85
CA ASN CA 63 -98.02 111.05 -23.69
C ASN CA 63 -96.72 110.38 -24.14
N ARG CA 64 -95.95 109.88 -23.17
CA ARG CA 64 -94.59 109.47 -23.48
C ARG CA 64 -94.54 108.29 -24.45
N LYS CA 65 -95.68 107.62 -24.68
CA LYS CA 65 -95.68 106.55 -25.68
C LYS CA 65 -95.47 107.08 -27.08
N GLU CA 66 -96.08 108.22 -27.42
CA GLU CA 66 -95.84 108.79 -28.74
C GLU CA 66 -94.89 109.98 -28.74
N LEU CA 67 -94.43 110.44 -27.58
CA LEU CA 67 -93.30 111.36 -27.58
C LEU CA 67 -92.04 110.67 -28.09
N ALA CA 68 -91.97 109.35 -27.95
CA ALA CA 68 -90.81 108.61 -28.43
C ALA CA 68 -90.73 108.61 -29.95
N THR CA 69 -91.84 108.89 -30.63
CA THR CA 69 -91.86 108.87 -32.08
C THR CA 69 -91.31 110.15 -32.70
N VAL CA 70 -91.08 111.19 -31.91
CA VAL CA 70 -90.58 112.44 -32.47
C VAL CA 70 -89.14 112.29 -32.96
N ARG CA 71 -88.28 111.77 -32.10
CA ARG CA 71 -86.89 111.54 -32.49
C ARG CA 71 -86.73 110.34 -33.39
N THR CA 72 -87.61 109.34 -33.28
CA THR CA 72 -87.56 108.19 -34.19
C THR CA 72 -87.74 108.64 -35.62
N ILE CA 73 -88.63 109.60 -35.87
CA ILE CA 73 -88.79 110.15 -37.21
C ILE CA 73 -87.52 110.85 -37.65
N CYS CA 74 -86.95 111.67 -36.77
CA CYS CA 74 -85.76 112.43 -37.14
C CYS CA 74 -84.58 111.52 -37.42
N SER CA 75 -84.37 110.48 -36.60
CA SER CA 75 -83.30 109.53 -36.90
C SER CA 75 -83.55 108.84 -38.23
N HIS CA 76 -84.82 108.61 -38.57
CA HIS CA 76 -85.13 108.06 -39.88
C HIS CA 76 -84.82 109.02 -41.01
N VAL CA 77 -85.15 110.30 -40.83
CA VAL CA 77 -84.89 111.29 -41.87
C VAL CA 77 -83.40 111.52 -42.01
N GLN CA 78 -82.69 111.60 -40.88
CA GLN CA 78 -81.23 111.76 -40.95
C GLN CA 78 -80.55 110.55 -41.56
N ASN CA 79 -81.17 109.37 -41.50
CA ASN CA 79 -80.55 108.20 -42.09
C ASN CA 79 -80.71 108.19 -43.60
N MET CA 80 -81.76 108.82 -44.11
CA MET CA 80 -81.91 108.87 -45.56
C MET CA 80 -81.14 110.02 -46.19
N ILE CA 81 -80.98 111.15 -45.48
CA ILE CA 81 -80.18 112.23 -46.04
C ILE CA 81 -78.73 111.79 -46.20
N LYS CA 82 -78.21 111.04 -45.23
CA LYS CA 82 -76.90 110.43 -45.43
C LYS CA 82 -77.00 109.21 -46.32
N GLY CA 83 -78.20 108.66 -46.48
CA GLY CA 83 -78.38 107.58 -47.44
C GLY CA 83 -78.24 108.04 -48.88
N VAL CA 84 -78.78 109.22 -49.20
CA VAL CA 84 -78.76 109.70 -50.57
C VAL CA 84 -77.57 110.60 -50.87
N THR CA 85 -76.83 111.05 -49.85
CA THR CA 85 -75.63 111.83 -50.08
C THR CA 85 -74.35 111.07 -49.76
N LEU CA 86 -74.42 109.98 -49.00
CA LEU CA 86 -73.24 109.20 -48.69
C LEU CA 86 -73.42 107.70 -48.84
N GLY CA 87 -74.62 107.19 -49.02
CA GLY CA 87 -74.82 105.76 -49.15
C GLY CA 87 -74.62 105.05 -47.82
N PHE CA 88 -74.69 103.72 -47.88
CA PHE CA 88 -74.44 102.88 -46.72
C PHE CA 88 -73.59 101.69 -47.15
N ARG CA 89 -72.53 101.42 -46.40
CA ARG CA 89 -71.60 100.35 -46.71
C ARG CA 89 -71.45 99.48 -45.48
N TYR CA 90 -71.75 98.19 -45.61
CA TYR CA 90 -71.73 97.25 -44.49
C TYR CA 90 -70.71 96.16 -44.80
N LYS CA 91 -69.46 96.39 -44.44
CA LYS CA 91 -68.44 95.36 -44.59
C LYS CA 91 -68.82 94.16 -43.74
N MET CA 92 -68.75 92.97 -44.33
CA MET CA 92 -69.18 91.74 -43.67
C MET CA 92 -68.11 90.68 -43.82
N ARG CA 93 -67.40 90.39 -42.73
CA ARG CA 93 -66.41 89.33 -42.73
C ARG CA 93 -67.08 87.98 -42.57
N SER CA 94 -66.42 86.94 -43.08
CA SER CA 94 -66.93 85.57 -42.98
C SER CA 94 -65.89 84.72 -42.28
N VAL CA 95 -66.24 84.20 -41.10
CA VAL CA 95 -65.33 83.43 -40.28
C VAL CA 95 -65.55 81.95 -40.55
N TYR CA 96 -64.46 81.19 -40.55
CA TYR CA 96 -64.52 79.75 -40.71
C TYR CA 96 -63.36 79.12 -39.97
N ALA CA 97 -63.64 78.02 -39.27
CA ALA CA 97 -62.62 77.27 -38.55
C ALA CA 97 -61.90 76.30 -39.48
N HIS CA 98 -62.64 75.43 -40.16
CA HIS CA 98 -62.09 74.44 -41.06
C HIS CA 98 -62.50 74.66 -42.50
N PHE CA 99 -63.79 74.72 -42.77
CA PHE CA 99 -64.30 74.75 -44.14
C PHE CA 99 -64.37 76.18 -44.63
N PRO CA 100 -63.59 76.57 -45.63
CA PRO CA 100 -63.75 77.90 -46.22
C PRO CA 100 -65.14 78.06 -46.81
N ILE CA 101 -65.70 79.24 -46.62
CA ILE CA 101 -67.05 79.54 -47.08
C ILE CA 101 -66.95 80.20 -48.45
N ASN CA 102 -67.51 79.55 -49.46
CA ASN CA 102 -67.44 80.02 -50.84
C ASN CA 102 -68.66 80.89 -51.11
N VAL CA 103 -68.42 82.10 -51.61
CA VAL CA 103 -69.48 83.06 -51.87
C VAL CA 103 -69.46 83.43 -53.35
N VAL CA 104 -70.58 83.26 -54.02
CA VAL CA 104 -70.74 83.62 -55.42
C VAL CA 104 -71.89 84.58 -55.57
N ILE CA 105 -71.63 85.74 -56.17
CA ILE CA 105 -72.65 86.76 -56.39
C ILE CA 105 -73.22 86.58 -57.77
N GLN CA 106 -74.53 86.46 -57.86
CA GLN CA 106 -75.20 86.31 -59.14
C GLN CA 106 -75.59 87.66 -59.71
N GLU CA 107 -76.50 87.64 -60.70
CA GLU CA 107 -76.73 88.77 -61.58
C GLU CA 107 -76.78 90.10 -60.84
N ASN CA 108 -76.01 91.06 -61.36
CA ASN CA 108 -75.93 92.45 -60.91
C ASN CA 108 -76.00 92.60 -59.40
N GLY CA 109 -75.32 91.72 -58.66
CA GLY CA 109 -75.20 91.88 -57.22
C GLY CA 109 -76.51 91.79 -56.46
N SER CA 110 -77.50 91.12 -57.02
CA SER CA 110 -78.79 90.98 -56.36
C SER CA 110 -79.00 89.62 -55.72
N LEU CA 111 -78.20 88.62 -56.10
CA LEU CA 111 -78.31 87.28 -55.55
C LEU CA 111 -76.96 86.83 -55.06
N VAL CA 112 -76.95 86.22 -53.87
CA VAL CA 112 -75.73 85.72 -53.25
C VAL CA 112 -75.91 84.24 -52.94
N GLU CA 113 -74.88 83.45 -53.21
CA GLU CA 113 -74.88 82.03 -52.90
C GLU CA 113 -73.77 81.74 -51.90
N ILE CA 114 -74.09 80.97 -50.87
CA ILE CA 114 -73.12 80.45 -49.92
C ILE CA 114 -73.00 78.96 -50.18
N ARG CA 115 -71.84 78.52 -50.66
CA ARG CA 115 -71.68 77.18 -51.20
C ARG CA 115 -71.23 76.18 -50.15
N ASN CA 116 -70.07 76.40 -49.54
CA ASN CA 116 -69.43 75.40 -48.68
C ASN CA 116 -69.40 75.94 -47.25
N PHE CA 117 -70.49 75.73 -46.52
CA PHE CA 117 -70.60 76.15 -45.13
C PHE CA 117 -70.67 74.93 -44.25
N LEU CA 118 -69.65 74.74 -43.40
CA LEU CA 118 -69.59 73.58 -42.51
C LEU CA 118 -69.75 72.27 -43.26
N GLY CA 119 -69.18 72.18 -44.47
CA GLY CA 119 -69.24 70.95 -45.23
C GLY CA 119 -70.63 70.54 -45.60
N GLU CA 120 -71.46 71.49 -46.01
CA GLU CA 120 -72.87 71.23 -46.28
C GLU CA 120 -73.09 71.19 -47.79
N LYS CA 121 -73.66 70.09 -48.27
CA LYS CA 121 -74.05 70.01 -49.67
C LYS CA 121 -75.16 70.97 -50.00
N TYR CA 122 -75.86 71.51 -49.00
CA TYR CA 122 -76.94 72.44 -49.23
C TYR CA 122 -76.37 73.77 -49.71
N ILE CA 123 -76.80 74.22 -50.87
CA ILE CA 123 -76.43 75.54 -51.36
C ILE CA 123 -77.50 76.53 -50.99
N ARG CA 124 -77.11 77.61 -50.31
CA ARG CA 124 -78.04 78.62 -49.83
C ARG CA 124 -77.99 79.82 -50.76
N ARG CA 125 -79.14 80.21 -51.27
CA ARG CA 125 -79.28 81.38 -52.13
C ARG CA 125 -80.14 82.41 -51.41
N VAL CA 126 -79.60 83.63 -51.27
CA VAL CA 126 -80.30 84.73 -50.63
C VAL CA 126 -80.49 85.84 -51.65
N ARG CA 127 -81.72 86.30 -51.81
CA ARG CA 127 -82.05 87.37 -52.75
C ARG CA 127 -82.31 88.63 -51.93
N MET CA 128 -81.37 89.56 -51.98
CA MET CA 128 -81.46 90.76 -51.16
C MET CA 128 -82.49 91.73 -51.74
N ARG CA 129 -82.73 92.79 -50.98
CA ARG CA 129 -83.79 93.73 -51.32
C ARG CA 129 -83.41 94.53 -52.57
N PRO CA 130 -84.40 95.03 -53.31
CA PRO CA 130 -84.08 95.94 -54.41
C PRO CA 130 -83.40 97.19 -53.89
N GLY CA 131 -82.49 97.73 -54.71
CA GLY CA 131 -81.69 98.87 -54.31
C GLY CA 131 -80.43 98.54 -53.56
N VAL CA 132 -80.15 97.26 -53.35
CA VAL CA 132 -78.97 96.81 -52.61
C VAL CA 132 -78.08 96.03 -53.57
N ALA CA 133 -76.81 96.37 -53.61
CA ALA CA 133 -75.83 95.68 -54.44
C ALA CA 133 -74.71 95.14 -53.55
N CYS CA 134 -74.42 93.85 -53.70
CA CYS CA 134 -73.43 93.16 -52.87
C CYS CA 134 -72.24 92.77 -53.73
N SER CA 135 -71.03 93.02 -53.22
CA SER CA 135 -69.80 92.71 -53.92
C SER CA 135 -68.80 92.11 -52.95
N VAL CA 136 -67.83 91.39 -53.49
CA VAL CA 136 -66.73 90.82 -52.70
C VAL CA 136 -65.58 91.82 -52.74
N SER CA 137 -65.03 92.10 -51.57
CA SER CA 137 -63.89 93.00 -51.47
C SER CA 137 -62.69 92.40 -52.16
N GLN CA 138 -61.90 93.26 -52.79
CA GLN CA 138 -60.59 92.86 -53.29
C GLN CA 138 -59.51 93.02 -52.25
N ALA CA 139 -59.72 93.92 -51.28
CA ALA CA 139 -58.72 94.14 -50.25
C ALA CA 139 -58.60 92.95 -49.30
N GLN CA 140 -59.72 92.44 -48.81
CA GLN CA 140 -59.74 91.40 -47.80
C GLN CA 140 -60.02 90.05 -48.42
N LYS CA 141 -59.50 89.00 -47.78
CA LYS CA 141 -59.51 87.67 -48.38
C LYS CA 141 -60.95 87.17 -48.54
N ASP CA 142 -61.72 87.20 -47.46
CA ASP CA 142 -63.12 86.74 -47.51
C ASP CA 142 -63.96 87.80 -46.79
N GLU CA 143 -64.57 88.66 -47.58
CA GLU CA 143 -65.39 89.76 -47.09
C GLU CA 143 -66.36 90.18 -48.17
N LEU CA 144 -67.57 90.52 -47.78
CA LEU CA 144 -68.57 91.06 -48.71
C LEU CA 144 -68.88 92.49 -48.36
N ILE CA 145 -68.91 93.35 -49.37
CA ILE CA 145 -69.33 94.74 -49.25
C ILE CA 145 -70.65 94.85 -49.99
N LEU CA 146 -71.71 95.27 -49.29
CA LEU CA 146 -73.00 95.47 -49.92
C LEU CA 146 -73.39 96.94 -49.80
N GLU CA 147 -73.76 97.53 -50.92
CA GLU CA 147 -74.03 98.97 -51.02
C GLU CA 147 -75.51 99.19 -51.23
N GLY CA 148 -76.02 100.27 -50.64
CA GLY CA 148 -77.41 100.63 -50.87
C GLY CA 148 -77.71 101.96 -50.22
N ASN CA 149 -78.75 102.61 -50.77
CA ASN CA 149 -79.14 103.93 -50.32
C ASN CA 149 -79.91 103.93 -49.01
N ASP CA 150 -80.70 102.90 -48.75
CA ASP CA 150 -81.59 102.87 -47.59
C ASP CA 150 -80.97 101.97 -46.53
N ILE CA 151 -80.92 102.46 -45.29
CA ILE CA 151 -80.25 101.71 -44.23
C ILE CA 151 -81.00 100.41 -43.93
N GLU CA 152 -82.34 100.45 -43.96
CA GLU CA 152 -83.12 99.26 -43.66
C GLU CA 152 -82.79 98.13 -44.64
N LEU CA 153 -82.86 98.44 -45.94
CA LEU CA 153 -82.66 97.42 -46.95
C LEU CA 153 -81.21 96.94 -46.97
N VAL CA 154 -80.27 97.83 -46.66
CA VAL CA 154 -78.87 97.43 -46.55
C VAL CA 154 -78.69 96.47 -45.37
N SER CA 155 -79.19 96.86 -44.20
CA SER CA 155 -78.99 96.04 -43.02
C SER CA 155 -79.83 94.78 -43.05
N ASN CA 156 -81.08 94.87 -43.51
CA ASN CA 156 -81.91 93.68 -43.60
C ASN CA 156 -81.31 92.65 -44.53
N SER CA 157 -80.80 93.09 -45.68
CA SER CA 157 -80.07 92.18 -46.56
C SER CA 157 -78.82 91.66 -45.88
N ALA CA 158 -78.14 92.52 -45.12
CA ALA CA 158 -76.99 92.07 -44.35
C ALA CA 158 -77.38 91.00 -43.34
N ALA CA 159 -78.44 91.26 -42.58
CA ALA CA 159 -78.88 90.30 -41.57
C ALA CA 159 -79.41 89.03 -42.22
N LEU CA 160 -80.06 89.15 -43.38
CA LEU CA 160 -80.61 87.98 -44.05
C LEU CA 160 -79.54 86.94 -44.32
N ILE CA 161 -78.40 87.35 -44.85
CA ILE CA 161 -77.37 86.38 -45.18
C ILE CA 161 -76.59 85.99 -43.92
N GLN CA 162 -76.58 86.85 -42.91
CA GLN CA 162 -76.01 86.46 -41.63
C GLN CA 162 -76.81 85.34 -40.99
N GLN CA 163 -78.13 85.49 -40.97
CA GLN CA 163 -78.98 84.44 -40.42
C GLN CA 163 -79.13 83.29 -41.40
N ALA CA 164 -78.69 83.47 -42.65
CA ALA CA 164 -78.66 82.34 -43.57
C ALA CA 164 -77.64 81.30 -43.13
N THR CA 165 -76.55 81.73 -42.52
CA THR CA 165 -75.50 80.82 -42.08
C THR CA 165 -75.51 80.76 -40.55
N THR CA 166 -76.34 79.89 -40.00
CA THR CA 166 -76.31 79.60 -38.58
C THR CA 166 -76.07 78.11 -38.39
N VAL CA 167 -75.21 77.78 -37.43
CA VAL CA 167 -74.84 76.40 -37.13
C VAL CA 167 -75.86 75.83 -36.17
N LYS CA 168 -76.41 74.67 -36.52
CA LYS CA 168 -77.52 74.07 -35.79
C LYS CA 168 -77.04 72.82 -35.06
N ASN CA 169 -77.69 72.54 -33.92
CA ASN CA 169 -77.49 71.32 -33.16
C ASN CA 169 -76.10 71.23 -32.53
N LYS CA 170 -75.33 72.31 -32.60
CA LYS CA 170 -73.98 72.32 -32.05
C LYS CA 170 -73.90 73.37 -30.97
N ASP CA 171 -72.81 73.32 -30.20
CA ASP CA 171 -72.55 74.34 -29.19
C ASP CA 171 -72.25 75.65 -29.90
N ILE CA 172 -73.13 76.63 -29.73
CA ILE CA 172 -73.02 77.87 -30.51
C ILE CA 172 -71.81 78.68 -30.09
N ARG CA 173 -71.29 78.48 -28.87
CA ARG CA 173 -70.13 79.23 -28.43
C ARG CA 173 -68.85 78.77 -29.13
N LYS CA 174 -68.66 77.47 -29.28
CA LYS CA 174 -67.73 76.92 -30.25
C LYS CA 174 -68.46 76.94 -31.59
N PHE CA 175 -67.83 76.39 -32.64
CA PHE CA 175 -68.43 76.39 -33.97
C PHE CA 175 -68.87 77.80 -34.36
N LEU CA 176 -67.98 78.74 -34.19
CA LEU CA 176 -68.31 80.14 -34.43
C LEU CA 176 -68.48 80.46 -35.89
N ASP CA 177 -68.33 79.45 -36.75
CA ASP CA 177 -68.43 79.63 -38.19
C ASP CA 177 -69.73 80.32 -38.56
N GLY CA 178 -69.73 80.94 -39.73
CA GLY CA 178 -70.80 81.77 -40.20
C GLY CA 178 -70.22 83.05 -40.77
N ILE CA 179 -71.11 83.96 -41.16
CA ILE CA 179 -70.71 85.24 -41.70
C ILE CA 179 -71.45 86.35 -40.94
N TYR CA 180 -70.69 87.30 -40.40
CA TYR CA 180 -71.23 88.30 -39.49
C TYR CA 180 -70.90 89.69 -40.01
N VAL CA 181 -71.84 90.62 -39.82
CA VAL CA 181 -71.62 92.00 -40.23
C VAL CA 181 -70.57 92.63 -39.33
N SER CA 182 -69.69 93.44 -39.91
CA SER CA 182 -68.53 93.95 -39.19
C SER CA 182 -68.55 95.44 -39.00
N GLU CA 183 -68.73 96.23 -40.06
CA GLU CA 183 -68.61 97.67 -39.97
C GLU CA 183 -69.72 98.33 -40.75
N LYS CA 184 -70.36 99.32 -40.13
CA LYS CA 184 -71.42 100.11 -40.75
C LYS CA 184 -70.81 101.41 -41.25
N GLY CA 185 -70.65 101.53 -42.56
CA GLY CA 185 -69.94 102.65 -43.15
C GLY CA 185 -70.74 103.32 -44.25
N THR CA 186 -70.02 104.11 -45.04
CA THR CA 186 -70.62 104.91 -46.10
C THR CA 186 -69.74 104.90 -47.34
N VAL CA 187 -70.01 105.79 -48.28
CA VAL CA 187 -69.08 106.09 -49.36
C VAL CA 187 -68.81 107.58 -49.33
N GLN CA 188 -67.66 107.96 -49.92
CA GLN CA 188 -67.14 109.33 -49.93
C GLN CA 188 -66.60 109.69 -48.55
N GLN CA 189 -66.88 108.86 -47.56
CA GLN CA 189 -66.24 108.90 -46.25
C GLN CA 189 -66.18 110.30 -45.63
N ALA CA 190 -67.18 111.13 -45.88
CA ALA CA 190 -67.17 112.48 -45.32
C ALA CA 190 -68.58 113.06 -45.25
N GLY DA 1 -96.11 64.83 7.55
CA GLY DA 1 -97.10 64.71 8.61
C GLY DA 1 -97.75 66.02 9.00
N ARG DA 2 -97.23 67.13 8.49
CA ARG DA 2 -97.74 68.45 8.79
C ARG DA 2 -98.65 68.91 7.67
N ARG DA 3 -99.80 69.48 8.02
CA ARG DA 3 -100.69 70.03 7.03
C ARG DA 3 -100.12 71.34 6.47
N PRO DA 4 -100.51 71.72 5.26
CA PRO DA 4 -100.08 73.01 4.72
C PRO DA 4 -100.56 74.16 5.61
N ALA DA 5 -99.75 75.21 5.68
CA ALA DA 5 -100.05 76.32 6.56
C ALA DA 5 -101.34 77.03 6.21
N ARG DA 6 -101.79 76.93 4.95
CA ARG DA 6 -103.03 77.60 4.57
C ARG DA 6 -104.23 77.01 5.31
N CYS DA 7 -104.08 75.81 5.85
CA CYS DA 7 -105.18 75.17 6.56
C CYS DA 7 -105.41 75.76 7.94
N TYR DA 8 -104.43 76.48 8.49
CA TYR DA 8 -104.53 77.03 9.82
C TYR DA 8 -104.17 78.51 9.83
N ARG DA 9 -104.52 79.23 8.78
CA ARG DA 9 -104.02 80.59 8.61
C ARG DA 9 -104.83 81.60 9.41
N TYR DA 10 -106.16 81.45 9.45
CA TYR DA 10 -107.02 82.47 10.03
C TYR DA 10 -107.36 82.14 11.48
N CYS DA 11 -107.28 83.16 12.33
CA CYS DA 11 -107.66 83.02 13.74
C CYS DA 11 -109.17 82.92 13.82
N LYS DA 12 -109.68 81.72 14.00
CA LYS DA 12 -111.13 81.53 14.03
C LYS DA 12 -111.59 80.57 15.11
N ASN DA 13 -110.80 80.29 16.14
CA ASN DA 13 -111.15 79.23 17.07
C ASN DA 13 -110.87 79.60 18.51
N LYS DA 14 -111.21 80.84 18.92
CA LYS DA 14 -111.39 81.14 20.35
C LYS DA 14 -110.20 80.70 21.21
N PRO DA 15 -109.14 81.52 21.30
CA PRO DA 15 -107.80 81.03 21.66
C PRO DA 15 -107.74 79.88 22.64
N TYR DA 16 -106.94 78.87 22.27
CA TYR DA 16 -106.86 77.57 22.94
C TYR DA 16 -105.43 77.39 23.45
N PRO DA 17 -105.11 77.91 24.62
CA PRO DA 17 -103.74 77.84 25.12
C PRO DA 17 -103.45 76.53 25.85
N LYS DA 18 -102.16 76.25 26.01
CA LYS DA 18 -101.73 75.09 26.77
C LYS DA 18 -102.07 75.31 28.25
N SER DA 19 -102.84 74.38 28.81
CA SER DA 19 -103.36 74.52 30.17
C SER DA 19 -103.64 73.13 30.72
N ARG DA 20 -104.15 73.07 31.95
CA ARG DA 20 -104.50 71.79 32.54
C ARG DA 20 -105.60 71.10 31.75
N PHE DA 21 -106.43 71.85 31.04
CA PHE DA 21 -107.43 71.24 30.18
C PHE DA 21 -106.79 70.71 28.90
N CYS DA 22 -105.82 71.44 28.34
CA CYS DA 22 -105.13 71.03 27.12
C CYS DA 22 -103.79 70.42 27.49
N ARG DA 23 -103.79 69.12 27.73
CA ARG DA 23 -102.57 68.37 28.00
C ARG DA 23 -102.15 67.59 26.77
N GLY DA 24 -100.86 67.28 26.70
CA GLY DA 24 -100.32 66.57 25.55
C GLY DA 24 -100.06 67.46 24.35
N VAL DA 25 -99.57 68.66 24.59
CA VAL DA 25 -99.25 69.58 23.48
C VAL DA 25 -97.80 69.38 23.07
N PRO DA 26 -97.51 69.18 21.79
CA PRO DA 26 -96.11 69.07 21.35
C PRO DA 26 -95.35 70.37 21.59
N ASP DA 27 -94.05 70.23 21.85
CA ASP DA 27 -93.21 71.40 22.04
C ASP DA 27 -93.19 72.25 20.78
N ALA DA 28 -93.28 73.57 20.95
CA ALA DA 28 -93.23 74.47 19.83
C ALA DA 28 -91.86 74.40 19.16
N LYS DA 29 -91.85 74.62 17.84
CA LYS DA 29 -90.59 74.58 17.11
C LYS DA 29 -89.66 75.73 17.49
N ILE DA 30 -90.19 76.84 17.96
CA ILE DA 30 -89.38 77.98 18.37
C ILE DA 30 -89.10 77.84 19.86
N ARG DA 31 -87.82 77.92 20.22
CA ARG DA 31 -87.39 77.91 21.61
C ARG DA 31 -86.49 79.06 21.97
N ILE DA 32 -85.75 79.62 21.01
CA ILE DA 32 -84.85 80.74 21.24
C ILE DA 32 -85.53 81.98 20.67
N PHE DA 33 -85.72 82.99 21.51
CA PHE DA 33 -86.40 84.21 21.08
C PHE DA 33 -85.47 85.40 20.92
N ASP DA 34 -84.34 85.43 21.60
CA ASP DA 34 -83.42 86.55 21.54
C ASP DA 34 -82.07 86.11 21.00
N LEU DA 35 -81.60 86.79 19.97
CA LEU DA 35 -80.35 86.46 19.30
C LEU DA 35 -79.45 87.68 19.26
N GLY DA 36 -78.15 87.42 19.14
CA GLY DA 36 -77.19 88.49 18.99
C GLY DA 36 -76.63 88.95 20.31
N ARG DA 37 -76.09 90.17 20.29
CA ARG DA 37 -75.51 90.77 21.48
C ARG DA 37 -76.63 91.25 22.39
N LYS DA 38 -77.19 90.29 23.14
CA LYS DA 38 -78.18 90.64 24.15
C LYS DA 38 -77.58 91.40 25.31
N LYS DA 39 -76.26 91.37 25.47
CA LYS DA 39 -75.60 92.13 26.52
C LYS DA 39 -75.49 93.61 26.22
N ALA DA 40 -75.66 94.02 24.96
CA ALA DA 40 -75.55 95.42 24.58
C ALA DA 40 -76.52 96.26 25.39
N LYS DA 41 -76.03 97.36 25.96
CA LYS DA 41 -76.78 97.94 27.06
C LYS DA 41 -77.93 98.85 26.66
N VAL DA 42 -77.65 100.07 26.20
CA VAL DA 42 -78.72 100.96 25.81
C VAL DA 42 -78.39 101.77 24.57
N ASP DA 43 -77.09 101.93 24.30
CA ASP DA 43 -76.67 103.08 23.51
C ASP DA 43 -75.83 102.67 22.32
N GLU DA 44 -75.22 101.49 22.38
CA GLU DA 44 -74.50 100.99 21.23
C GLU DA 44 -75.44 100.61 20.09
N PHE DA 45 -76.71 100.33 20.40
CA PHE DA 45 -77.70 99.93 19.39
C PHE DA 45 -78.89 100.87 19.50
N PRO DA 46 -78.77 102.10 18.99
CA PRO DA 46 -79.88 103.05 19.12
C PRO DA 46 -81.01 102.82 18.13
N LEU DA 47 -80.71 102.46 16.89
CA LEU DA 47 -81.74 102.29 15.88
C LEU DA 47 -82.49 100.99 16.16
N GLY DA 48 -83.83 101.05 16.09
CA GLY DA 48 -84.65 99.87 16.27
C GLY DA 48 -85.55 99.60 15.08
N GLY DA 49 -85.31 98.50 14.38
CA GLY DA 49 -86.12 98.15 13.23
C GLY DA 49 -87.22 97.17 13.59
N HIS DA 50 -88.42 97.41 13.07
CA HIS DA 50 -89.57 96.57 13.39
C HIS DA 50 -90.13 95.95 12.13
N MET DA 51 -90.71 94.77 12.27
CA MET DA 51 -91.52 94.15 11.24
C MET DA 51 -92.95 94.03 11.74
N VAL DA 52 -93.85 94.77 11.12
CA VAL DA 52 -95.25 94.80 11.54
C VAL DA 52 -96.09 94.12 10.47
N SER DA 53 -96.98 93.24 10.92
CA SER DA 53 -97.86 92.48 10.05
C SER DA 53 -99.25 93.09 10.09
N ASP DA 54 -99.87 93.27 8.93
CA ASP DA 54 -101.23 93.79 8.86
C ASP DA 54 -102.18 92.75 8.27
N GLU DA 55 -102.54 91.78 9.11
CA GLU DA 55 -103.61 90.81 8.90
C GLU DA 55 -103.95 90.21 10.26
N TYR DA 56 -105.19 89.78 10.41
CA TYR DA 56 -105.56 89.02 11.61
C TYR DA 56 -105.43 87.53 11.36
N GLU DA 57 -104.17 87.11 11.20
CA GLU DA 57 -103.83 85.74 10.89
C GLU DA 57 -102.99 85.16 12.03
N GLN DA 58 -102.73 83.86 11.96
CA GLN DA 58 -101.88 83.21 12.94
C GLN DA 58 -100.65 82.61 12.27
N LEU DA 59 -99.49 82.83 12.89
CA LEU DA 59 -98.21 82.39 12.35
C LEU DA 59 -97.78 81.14 13.07
N SER DA 60 -97.52 80.07 12.32
CA SER DA 60 -97.11 78.82 12.92
C SER DA 60 -95.76 78.97 13.60
N SER DA 61 -95.59 78.23 14.70
CA SER DA 61 -94.34 78.29 15.45
C SER DA 61 -93.15 77.96 14.58
N GLU DA 62 -93.36 77.14 13.56
CA GLU DA 62 -92.30 76.79 12.63
C GLU DA 62 -91.99 77.97 11.70
N ALA DA 63 -92.99 78.81 11.42
CA ALA DA 63 -92.76 79.96 10.54
C ALA DA 63 -91.79 80.94 11.17
N LEU DA 64 -91.94 81.21 12.46
CA LEU DA 64 -91.03 82.15 13.11
C LEU DA 64 -89.61 81.60 13.23
N GLU DA 65 -89.47 80.29 13.44
CA GLU DA 65 -88.15 79.70 13.45
C GLU DA 65 -87.44 79.90 12.12
N ALA DA 66 -88.16 79.68 11.02
CA ALA DA 66 -87.59 79.93 9.70
C ALA DA 66 -87.28 81.41 9.53
N ALA DA 67 -88.18 82.27 9.99
CA ALA DA 67 -87.96 83.71 9.87
C ALA DA 67 -86.80 84.15 10.76
N ARG DA 68 -86.78 83.70 12.01
CA ARG DA 68 -85.71 84.11 12.91
C ARG DA 68 -84.35 83.64 12.41
N ILE DA 69 -84.27 82.38 11.96
CA ILE DA 69 -82.99 81.85 11.50
C ILE DA 69 -82.50 82.61 10.28
N CYS DA 70 -83.40 82.85 9.32
CA CYS DA 70 -82.99 83.52 8.09
C CYS DA 70 -82.47 84.92 8.36
N ALA DA 71 -83.02 85.60 9.37
CA ALA DA 71 -82.57 86.95 9.68
C ALA DA 71 -81.20 86.95 10.34
N ASN DA 72 -80.97 86.05 11.30
CA ASN DA 72 -79.68 86.05 11.98
C ASN DA 72 -78.55 85.65 11.04
N LYS DA 73 -78.81 84.73 10.12
CA LYS DA 73 -77.78 84.35 9.16
C LYS DA 73 -77.39 85.54 8.28
N TYR DA 74 -78.30 86.50 8.11
CA TYR DA 74 -77.97 87.68 7.33
C TYR DA 74 -77.15 88.67 8.15
N MET DA 75 -77.57 88.95 9.38
CA MET DA 75 -76.87 89.93 10.20
C MET DA 75 -75.42 89.53 10.43
N VAL DA 76 -75.18 88.27 10.77
CA VAL DA 76 -73.80 87.81 10.91
C VAL DA 76 -73.05 87.91 9.58
N LYS DA 77 -73.76 87.81 8.46
CA LYS DA 77 -73.11 87.91 7.17
C LYS DA 77 -72.73 89.35 6.84
N SER DA 78 -73.61 90.30 7.14
CA SER DA 78 -73.38 91.70 6.82
C SER DA 78 -73.05 92.55 8.04
N CYS DA 79 -73.90 92.51 9.06
CA CYS DA 79 -73.72 93.39 10.22
C CYS DA 79 -72.74 92.82 11.24
N GLY DA 80 -72.20 91.63 11.01
CA GLY DA 80 -71.27 91.03 11.93
C GLY DA 80 -71.96 90.22 13.00
N ARG DA 81 -71.23 89.30 13.63
CA ARG DA 81 -71.81 88.49 14.69
C ARG DA 81 -72.03 89.31 15.95
N ASP DA 82 -71.20 90.33 16.18
CA ASP DA 82 -71.20 91.10 17.41
C ASP DA 82 -72.09 92.33 17.35
N GLY DA 83 -72.69 92.63 16.20
CA GLY DA 83 -73.22 93.96 16.00
C GLY DA 83 -74.72 94.13 15.90
N PHE DA 84 -75.49 93.16 16.39
CA PHE DA 84 -76.94 93.26 16.30
C PHE DA 84 -77.56 92.54 17.48
N HIS DA 85 -78.79 92.92 17.80
CA HIS DA 85 -79.62 92.19 18.75
C HIS DA 85 -81.00 92.05 18.17
N MET DA 86 -81.43 90.81 17.99
CA MET DA 86 -82.71 90.49 17.34
C MET DA 86 -83.64 89.89 18.38
N ARG DA 87 -84.91 90.30 18.32
CA ARG DA 87 -85.91 89.81 19.26
C ARG DA 87 -87.21 89.58 18.50
N VAL DA 88 -87.77 88.38 18.65
CA VAL DA 88 -89.09 88.10 18.09
C VAL DA 88 -90.14 88.42 19.14
N ARG DA 89 -91.14 89.21 18.75
CA ARG DA 89 -92.16 89.70 19.67
C ARG DA 89 -93.44 88.88 19.58
N LEU DA 90 -93.31 87.58 19.33
CA LEU DA 90 -94.44 86.69 19.27
C LEU DA 90 -94.11 85.43 20.07
N HIS DA 91 -95.15 84.77 20.57
CA HIS DA 91 -95.00 83.50 21.25
C HIS DA 91 -96.12 82.58 20.77
N PRO DA 92 -95.83 81.34 20.45
CA PRO DA 92 -96.86 80.41 19.95
C PRO DA 92 -97.66 79.78 21.09
N PHE DA 93 -98.68 80.50 21.55
CA PHE DA 93 -99.49 80.01 22.64
C PHE DA 93 -100.80 79.38 22.18
N HIS DA 94 -101.36 79.84 21.07
CA HIS DA 94 -102.55 79.19 20.53
C HIS DA 94 -102.20 77.81 20.01
N VAL DA 95 -103.06 76.84 20.32
CA VAL DA 95 -102.84 75.44 19.97
C VAL DA 95 -103.86 75.05 18.91
N ILE DA 96 -103.37 74.52 17.81
CA ILE DA 96 -104.23 74.08 16.72
C ILE DA 96 -104.39 72.57 16.80
N ARG DA 97 -105.58 72.08 16.48
CA ARG DA 97 -105.89 70.67 16.63
C ARG DA 97 -106.17 70.06 15.26
N ILE DA 98 -105.96 68.75 15.16
CA ILE DA 98 -106.20 67.99 13.94
C ILE DA 98 -107.00 66.75 14.29
N ASN DA 99 -108.01 66.45 13.49
CA ASN DA 99 -108.76 65.20 13.61
C ASN DA 99 -108.27 64.27 12.50
N LYS DA 100 -107.76 63.10 12.90
CA LYS DA 100 -107.08 62.21 11.97
C LYS DA 100 -108.10 61.46 11.12
N MET DA 101 -107.61 60.56 10.28
CA MET DA 101 -108.48 59.74 9.44
C MET DA 101 -109.40 58.86 10.29
N GLY DA 113 -116.05 58.15 11.05
CA GLY DA 113 -116.42 59.34 10.31
C GLY DA 113 -116.10 60.62 11.04
N MET DA 114 -117.13 61.30 11.53
CA MET DA 114 -116.97 62.49 12.36
C MET DA 114 -117.59 62.30 13.73
N ARG DA 115 -117.43 61.09 14.30
CA ARG DA 115 -117.83 60.86 15.67
C ARG DA 115 -116.70 61.28 16.61
N GLY DA 116 -117.00 62.17 17.55
CA GLY DA 116 -115.97 62.67 18.42
C GLY DA 116 -114.91 63.41 17.64
N ALA DA 117 -115.34 64.28 16.74
CA ALA DA 117 -114.44 64.92 15.79
C ALA DA 117 -113.43 65.85 16.43
N PHE DA 118 -113.60 66.19 17.71
CA PHE DA 118 -112.64 67.05 18.40
C PHE DA 118 -111.25 66.45 18.27
N GLY DA 119 -110.36 67.18 17.59
CA GLY DA 119 -109.05 66.63 17.28
C GLY DA 119 -108.03 66.91 18.36
N LYS DA 120 -107.00 66.09 18.36
CA LYS DA 120 -105.87 66.23 19.27
C LYS DA 120 -104.97 67.38 18.82
N PRO DA 121 -104.28 68.03 19.75
CA PRO DA 121 -103.31 69.06 19.35
C PRO DA 121 -102.20 68.43 18.52
N GLN DA 122 -101.72 69.19 17.53
CA GLN DA 122 -100.53 68.79 16.83
C GLN DA 122 -99.53 69.91 16.61
N GLY DA 123 -99.90 71.16 16.86
CA GLY DA 123 -98.97 72.26 16.68
C GLY DA 123 -99.40 73.46 17.47
N THR DA 124 -98.53 74.44 17.52
CA THR DA 124 -98.79 75.71 18.21
C THR DA 124 -98.59 76.83 17.21
N VAL DA 125 -99.42 77.87 17.31
CA VAL DA 125 -99.32 79.04 16.45
C VAL DA 125 -99.40 80.28 17.33
N ALA DA 126 -99.11 81.43 16.71
CA ALA DA 126 -99.17 82.71 17.38
C ALA DA 126 -100.08 83.64 16.58
N ARG DA 127 -101.09 84.19 17.24
CA ARG DA 127 -102.02 85.10 16.59
C ARG DA 127 -101.46 86.51 16.61
N VAL DA 128 -101.75 87.27 15.55
CA VAL DA 128 -101.28 88.63 15.42
C VAL DA 128 -102.46 89.52 15.04
N HIS DA 129 -102.26 90.82 15.14
CA HIS DA 129 -103.28 91.80 14.83
C HIS DA 129 -102.75 92.77 13.78
N ILE DA 130 -103.58 93.75 13.43
CA ILE DA 130 -103.21 94.68 12.37
C ILE DA 130 -101.97 95.46 12.75
N GLY DA 131 -101.94 96.01 13.96
CA GLY DA 131 -100.71 96.61 14.44
C GLY DA 131 -100.04 95.71 15.45
N GLN DA 132 -99.08 94.91 14.99
CA GLN DA 132 -98.46 93.92 15.86
C GLN DA 132 -97.07 93.61 15.30
N VAL DA 133 -96.04 94.07 15.99
CA VAL DA 133 -94.68 93.86 15.54
C VAL DA 133 -94.28 92.41 15.76
N ILE DA 134 -93.76 91.78 14.72
CA ILE DA 134 -93.33 90.40 14.78
C ILE DA 134 -91.85 90.31 15.19
N MET DA 135 -90.99 91.01 14.47
CA MET DA 135 -89.56 90.97 14.70
C MET DA 135 -89.06 92.33 15.16
N SER DA 136 -88.12 92.33 16.09
CA SER DA 136 -87.50 93.55 16.57
C SER DA 136 -85.99 93.43 16.40
N ILE DA 137 -85.38 94.45 15.80
CA ILE DA 137 -83.94 94.50 15.59
C ILE DA 137 -83.44 95.85 16.09
N ARG DA 138 -82.44 95.82 16.97
CA ARG DA 138 -81.77 97.03 17.43
C ARG DA 138 -80.33 96.97 16.95
N THR DA 139 -79.86 98.05 16.33
CA THR DA 139 -78.55 98.04 15.70
C THR DA 139 -78.01 99.48 15.74
N LYS DA 140 -76.84 99.69 15.13
CA LYS DA 140 -76.27 101.01 14.99
C LYS DA 140 -77.06 101.83 13.96
N LEU DA 141 -76.75 103.12 13.88
CA LEU DA 141 -77.41 103.95 12.86
C LEU DA 141 -77.01 103.54 11.46
N GLN DA 142 -75.71 103.36 11.20
CA GLN DA 142 -75.26 103.12 9.83
C GLN DA 142 -75.59 101.72 9.34
N ASN DA 143 -76.36 100.95 10.08
CA ASN DA 143 -76.73 99.60 9.70
C ASN DA 143 -78.17 99.52 9.19
N GLU DA 144 -78.80 100.66 8.91
CA GLU DA 144 -80.21 100.67 8.56
C GLU DA 144 -80.47 99.91 7.26
N GLU DA 145 -79.58 100.04 6.27
CA GLU DA 145 -79.79 99.34 5.01
C GLU DA 145 -79.80 97.83 5.22
N HIS DA 146 -78.91 97.31 6.08
CA HIS DA 146 -78.87 95.87 6.32
C HIS DA 146 -80.13 95.40 7.02
N VAL DA 147 -80.55 96.09 8.08
CA VAL DA 147 -81.71 95.64 8.84
C VAL DA 147 -82.98 95.73 8.01
N ILE DA 148 -83.10 96.74 7.15
CA ILE DA 148 -84.29 96.88 6.32
C ILE DA 148 -84.46 95.66 5.43
N GLU DA 149 -83.39 95.24 4.77
CA GLU DA 149 -83.52 94.18 3.77
C GLU DA 149 -83.26 92.82 4.42
N ALA DA 150 -82.72 92.79 5.64
CA ALA DA 150 -82.68 91.55 6.41
C ALA DA 150 -84.08 91.08 6.73
N LEU DA 151 -84.91 91.97 7.28
CA LEU DA 151 -86.29 91.63 7.56
C LEU DA 151 -87.05 91.31 6.27
N ARG DA 152 -86.70 91.98 5.17
CA ARG DA 152 -87.34 91.69 3.89
C ARG DA 152 -87.18 90.22 3.53
N ARG DA 153 -85.99 89.65 3.78
CA ARG DA 153 -85.81 88.23 3.58
C ARG DA 153 -86.63 87.43 4.59
N ALA DA 154 -86.78 87.95 5.81
CA ALA DA 154 -87.59 87.27 6.81
C ALA DA 154 -89.08 87.38 6.50
N LYS DA 155 -89.47 88.35 5.67
CA LYS DA 155 -90.87 88.47 5.28
C LYS DA 155 -91.32 87.28 4.45
N PHE DA 156 -90.41 86.68 3.67
CA PHE DA 156 -90.81 85.65 2.73
C PHE DA 156 -91.15 84.34 3.41
N LYS DA 157 -90.89 84.21 4.70
CA LYS DA 157 -91.22 83.02 5.47
C LYS DA 157 -92.54 83.17 6.21
N PHE DA 158 -93.37 84.14 5.83
CA PHE DA 158 -94.59 84.43 6.56
C PHE DA 158 -95.78 84.42 5.60
N PRO DA 159 -96.93 83.92 6.05
CA PRO DA 159 -98.07 83.76 5.12
C PRO DA 159 -98.67 85.07 4.66
N GLY DA 160 -98.88 86.02 5.55
CA GLY DA 160 -99.56 87.25 5.21
C GLY DA 160 -98.65 88.26 4.53
N ARG DA 161 -99.08 89.52 4.59
CA ARG DA 161 -98.30 90.65 4.08
C ARG DA 161 -97.90 91.51 5.26
N GLN DA 162 -96.61 91.85 5.31
CA GLN DA 162 -96.03 92.54 6.46
C GLN DA 162 -95.35 93.82 6.01
N LYS DA 163 -95.59 94.88 6.76
CA LYS DA 163 -94.92 96.16 6.53
C LYS DA 163 -93.65 96.26 7.35
N ILE DA 164 -92.75 97.12 6.91
CA ILE DA 164 -91.45 97.30 7.54
C ILE DA 164 -91.35 98.74 7.98
N HIS DA 165 -91.08 98.95 9.27
CA HIS DA 165 -91.10 100.29 9.85
C HIS DA 165 -89.86 100.44 10.72
N ILE DA 166 -89.27 101.63 10.70
CA ILE DA 166 -88.13 101.93 11.55
C ILE DA 166 -88.64 102.78 12.71
N SER DA 167 -88.60 102.23 13.92
CA SER DA 167 -89.18 102.90 15.07
C SER DA 167 -88.46 104.21 15.36
N LYS DA 168 -89.23 105.26 15.61
CA LYS DA 168 -88.65 106.54 15.99
C LYS DA 168 -88.11 106.51 17.41
N LYS DA 169 -88.37 105.42 18.14
CA LYS DA 169 -87.88 105.30 19.50
C LYS DA 169 -86.45 104.76 19.52
N TRP DA 170 -85.83 104.84 20.69
CA TRP DA 170 -84.45 104.43 20.88
C TRP DA 170 -84.40 102.95 21.20
N GLY DA 171 -84.00 102.13 20.23
CA GLY DA 171 -83.83 100.71 20.48
C GLY DA 171 -85.14 100.07 20.90
N PHE DA 172 -85.04 99.09 21.79
CA PHE DA 172 -86.22 98.39 22.30
C PHE DA 172 -86.89 99.15 23.43
N THR DA 173 -86.39 100.33 23.77
CA THR DA 173 -87.01 101.18 24.77
C THR DA 173 -88.26 101.84 24.19
N LYS DA 174 -89.25 102.07 25.05
CA LYS DA 174 -90.50 102.69 24.61
C LYS DA 174 -90.40 104.21 24.49
N PHE DA 175 -89.21 104.79 24.58
CA PHE DA 175 -89.04 106.24 24.57
C PHE DA 175 -88.38 106.69 23.27
N ASN DA 176 -88.78 107.87 22.80
CA ASN DA 176 -88.34 108.34 21.49
C ASN DA 176 -86.83 108.56 21.45
N ALA DA 177 -86.26 108.32 20.27
CA ALA DA 177 -84.81 108.43 20.12
C ALA DA 177 -84.33 109.87 20.14
N ASP DA 178 -85.17 110.83 19.75
CA ASP DA 178 -84.72 112.22 19.73
C ASP DA 178 -84.47 112.74 21.13
N GLU DA 179 -85.39 112.49 22.04
CA GLU DA 179 -85.31 112.97 23.41
C GLU DA 179 -84.77 111.91 24.38
N PHE DA 180 -84.19 110.83 23.87
CA PHE DA 180 -83.61 109.83 24.75
C PHE DA 180 -82.36 110.37 25.45
N GLU DA 181 -81.44 110.97 24.69
CA GLU DA 181 -80.15 111.34 25.24
C GLU DA 181 -80.28 112.37 26.36
N ASP DA 182 -81.16 113.36 26.19
CA ASP DA 182 -81.31 114.35 27.24
C ASP DA 182 -82.01 113.78 28.46
N MET DA 183 -82.96 112.86 28.26
CA MET DA 183 -83.65 112.26 29.40
C MET DA 183 -82.68 111.52 30.29
N VAL DA 184 -81.86 110.65 29.72
CA VAL DA 184 -80.85 109.98 30.52
C VAL DA 184 -79.83 110.99 31.02
N ALA DA 185 -79.56 112.05 30.26
CA ALA DA 185 -78.67 113.10 30.74
C ALA DA 185 -79.24 113.80 31.96
N LYS DA 186 -80.54 114.11 31.95
CA LYS DA 186 -81.17 114.72 33.11
C LYS DA 186 -81.43 113.72 34.23
N LYS DA 187 -80.93 112.49 34.09
CA LYS DA 187 -80.91 111.47 35.11
C LYS DA 187 -82.31 111.05 35.55
N CYS DA 188 -83.33 111.26 34.74
CA CYS DA 188 -84.64 110.68 34.99
C CYS DA 188 -84.85 109.40 34.21
N LEU DA 189 -83.93 109.04 33.33
CA LEU DA 189 -83.87 107.73 32.71
C LEU DA 189 -82.50 107.14 33.01
N ILE DA 190 -82.49 105.90 33.48
CA ILE DA 190 -81.22 105.25 33.79
C ILE DA 190 -81.12 103.95 33.02
N PRO DA 191 -79.92 103.51 32.66
CA PRO DA 191 -79.78 102.28 31.89
C PRO DA 191 -79.56 101.05 32.75
N ASP DA 192 -80.14 99.94 32.31
CA ASP DA 192 -79.92 98.64 32.94
C ASP DA 192 -80.19 97.56 31.89
N GLY DA 193 -79.30 96.57 31.81
CA GLY DA 193 -79.52 95.48 30.90
C GLY DA 193 -79.67 95.94 29.46
N CYS DA 194 -80.60 95.31 28.75
CA CYS DA 194 -80.85 95.68 27.36
C CYS DA 194 -81.82 96.84 27.25
N GLY DA 195 -82.41 97.27 28.36
CA GLY DA 195 -83.37 98.36 28.34
C GLY DA 195 -82.99 99.49 29.29
N VAL DA 196 -84.01 100.26 29.68
CA VAL DA 196 -83.83 101.36 30.63
C VAL DA 196 -84.81 101.21 31.77
N LYS DA 197 -84.57 101.96 32.84
CA LYS DA 197 -85.49 102.05 33.97
C LYS DA 197 -85.98 103.48 34.08
N TYR DA 198 -87.28 103.67 34.00
CA TYR DA 198 -87.84 104.99 34.24
C TYR DA 198 -87.81 105.31 35.72
N VAL DA 199 -87.34 106.51 36.04
CA VAL DA 199 -87.23 106.93 37.43
C VAL DA 199 -88.20 108.08 37.66
N PRO DA 200 -89.40 107.81 38.16
CA PRO DA 200 -90.34 108.90 38.43
C PRO DA 200 -89.91 109.71 39.64
N SER DA 201 -90.37 110.95 39.69
CA SER DA 201 -90.05 111.83 40.80
C SER DA 201 -91.13 111.81 41.88
N HIS DA 202 -91.56 110.61 42.29
CA HIS DA 202 -92.52 110.54 43.39
C HIS DA 202 -92.19 109.38 44.34
N GLY DA 203 -90.92 109.06 44.48
CA GLY DA 203 -90.50 108.09 45.47
C GLY DA 203 -90.12 108.79 46.76
N PRO DA 204 -89.29 108.14 47.58
CA PRO DA 204 -88.73 108.83 48.74
C PRO DA 204 -87.43 109.53 48.39
N LEU DA 205 -87.10 110.61 49.11
CA LEU DA 205 -85.89 111.37 48.80
C LEU DA 205 -84.63 110.54 48.93
N ASP DA 206 -84.64 109.48 49.76
CA ASP DA 206 -83.47 108.62 49.87
C ASP DA 206 -83.17 107.95 48.54
N LYS DA 207 -84.20 107.53 47.82
CA LYS DA 207 -84.00 107.02 46.47
C LYS DA 207 -83.49 108.12 45.55
N TRP DA 208 -84.04 109.33 45.69
CA TRP DA 208 -83.57 110.45 44.89
C TRP DA 208 -82.11 110.74 45.15
N ARG DA 209 -81.73 110.85 46.42
CA ARG DA 209 -80.43 111.36 46.80
C ARG DA 209 -79.30 110.35 46.69
N VAL DA 210 -79.61 109.06 46.55
CA VAL DA 210 -78.53 108.09 46.34
C VAL DA 210 -77.86 108.38 45.00
N LEU DA 211 -78.63 108.84 44.04
CA LEU DA 211 -78.12 109.42 42.80
C LEU DA 211 -78.40 110.93 42.84
N HIS DA 212 -78.12 111.61 41.73
CA HIS DA 212 -77.84 113.05 41.71
C HIS DA 212 -76.61 113.42 42.54
N SER DA 213 -75.90 112.42 43.07
CA SER DA 213 -74.65 112.63 43.79
C SER DA 213 -73.97 111.31 44.07
N GLN EA 1 -76.85 111.20 81.71
CA GLN EA 1 -77.38 111.19 83.07
C GLN EA 1 -78.90 111.25 83.08
N ASP EA 2 -79.44 112.47 83.26
CA ASP EA 2 -80.89 112.62 83.39
C ASP EA 2 -81.61 112.34 82.08
N GLN EA 3 -80.97 112.66 80.95
CA GLN EA 3 -81.60 112.43 79.65
C GLN EA 3 -81.86 110.95 79.42
N GLY EA 4 -80.89 110.10 79.74
CA GLY EA 4 -81.08 108.67 79.66
C GLY EA 4 -81.76 108.05 80.85
N GLU EA 5 -82.04 108.83 81.88
CA GLU EA 5 -82.74 108.34 83.07
C GLU EA 5 -84.24 108.66 82.97
N LYS EA 6 -84.83 108.25 81.85
CA LYS EA 6 -86.26 108.45 81.61
C LYS EA 6 -86.99 107.20 81.12
N GLU EA 7 -86.29 106.25 80.46
CA GLU EA 7 -86.90 105.04 79.92
C GLU EA 7 -86.61 103.81 80.75
N ASN EA 8 -85.66 103.87 81.67
CA ASN EA 8 -85.11 102.70 82.35
C ASN EA 8 -86.11 101.86 83.13
N PRO EA 9 -87.03 102.44 83.92
CA PRO EA 9 -87.69 101.63 84.94
C PRO EA 9 -88.77 100.71 84.38
N MET EA 10 -88.99 100.68 83.06
CA MET EA 10 -89.82 99.63 82.49
C MET EA 10 -89.27 99.08 81.17
N ARG EA 11 -88.41 99.83 80.51
CA ARG EA 11 -87.92 99.17 79.31
C ARG EA 11 -86.90 98.10 79.58
N GLU EA 12 -86.65 97.66 80.81
CA GLU EA 12 -85.61 96.68 81.05
C GLU EA 12 -86.04 95.30 80.57
N LEU EA 13 -85.06 94.53 80.09
CA LEU EA 13 -85.29 93.18 79.58
C LEU EA 13 -85.53 92.25 80.76
N ARG EA 14 -86.74 91.74 80.86
CA ARG EA 14 -87.07 90.75 81.88
C ARG EA 14 -87.17 89.37 81.25
N ILE EA 15 -86.71 88.36 81.98
CA ILE EA 15 -86.67 86.99 81.47
C ILE EA 15 -88.09 86.45 81.43
N ARG EA 16 -88.59 86.21 80.24
CA ARG EA 16 -89.91 85.63 80.04
C ARG EA 16 -89.76 84.11 79.95
N LYS EA 17 -90.78 83.45 79.39
CA LYS EA 17 -90.88 82.00 79.27
C LYS EA 17 -89.54 81.32 79.02
N LEU EA 18 -89.32 80.21 79.74
CA LEU EA 18 -88.07 79.46 79.67
C LEU EA 18 -88.14 78.36 78.60
N CYS EA 19 -89.26 77.65 78.54
CA CYS EA 19 -89.57 76.70 77.47
C CYS EA 19 -88.51 75.60 77.35
N LEU EA 20 -88.42 74.81 78.41
CA LEU EA 20 -87.69 73.55 78.36
C LEU EA 20 -88.38 72.60 77.39
N ASN EA 21 -87.59 71.78 76.71
CA ASN EA 21 -88.12 70.83 75.74
C ASN EA 21 -87.16 69.66 75.62
N ILE EA 22 -87.72 68.48 75.36
CA ILE EA 22 -86.96 67.28 75.11
C ILE EA 22 -87.70 66.42 74.09
N CYS EA 23 -86.99 66.01 73.05
CA CYS EA 23 -87.61 65.27 71.96
C CYS EA 23 -86.92 63.93 71.80
N VAL EA 24 -87.73 62.88 71.70
CA VAL EA 24 -87.23 61.54 71.43
C VAL EA 24 -88.12 60.93 70.35
N GLY EA 25 -87.51 60.30 69.36
CA GLY EA 25 -88.27 59.83 68.22
C GLY EA 25 -88.98 58.51 68.40
N GLU EA 26 -89.58 58.31 69.56
CA GLU EA 26 -90.31 57.07 69.81
C GLU EA 26 -91.31 57.33 70.94
N SER EA 27 -91.99 56.29 71.38
CA SER EA 27 -92.92 56.40 72.50
C SER EA 27 -93.00 55.06 73.21
N GLY EA 28 -92.99 55.12 74.53
CA GLY EA 28 -92.93 53.94 75.35
C GLY EA 28 -92.56 54.31 76.76
N ASP EA 29 -92.09 53.32 77.52
CA ASP EA 29 -91.74 53.56 78.91
C ASP EA 29 -90.65 54.60 79.03
N ARG EA 30 -89.69 54.62 78.11
CA ARG EA 30 -88.59 55.57 78.23
C ARG EA 30 -89.05 56.99 77.95
N LEU EA 31 -90.07 57.15 77.11
CA LEU EA 31 -90.68 58.48 76.99
C LEU EA 31 -91.27 58.91 78.32
N THR EA 32 -91.95 57.99 79.01
CA THR EA 32 -92.39 58.28 80.36
C THR EA 32 -91.21 58.53 81.28
N ARG EA 33 -90.14 57.75 81.11
CA ARG EA 33 -88.91 58.05 81.84
C ARG EA 33 -88.35 59.39 81.43
N ALA EA 34 -88.40 59.71 80.14
CA ALA EA 34 -88.03 61.05 79.70
C ALA EA 34 -89.02 62.08 80.20
N ALA EA 35 -90.28 61.68 80.39
CA ALA EA 35 -91.28 62.62 80.87
C ALA EA 35 -91.03 63.04 82.31
N LYS EA 36 -90.67 62.08 83.17
CA LYS EA 36 -90.59 62.39 84.59
C LYS EA 36 -89.40 63.28 84.91
N VAL EA 37 -88.39 63.34 84.03
CA VAL EA 37 -87.23 64.17 84.32
C VAL EA 37 -87.63 65.63 84.45
N LEU EA 38 -88.67 66.05 83.74
CA LEU EA 38 -89.05 67.47 83.78
C LEU EA 38 -89.61 67.85 85.13
N GLU EA 39 -90.16 66.88 85.86
CA GLU EA 39 -90.53 67.16 87.25
C GLU EA 39 -89.29 67.21 88.14
N GLN EA 40 -88.25 66.46 87.79
CA GLN EA 40 -87.08 66.41 88.64
C GLN EA 40 -86.36 67.75 88.69
N LEU EA 41 -86.43 68.53 87.62
CA LEU EA 41 -85.70 69.80 87.63
C LEU EA 41 -86.64 71.01 87.62
N THR EA 42 -87.92 70.80 87.32
CA THR EA 42 -88.88 71.90 87.37
C THR EA 42 -89.97 71.73 88.41
N GLY EA 43 -90.17 70.52 88.94
CA GLY EA 43 -91.30 70.31 89.83
C GLY EA 43 -92.61 70.67 89.18
N GLN EA 44 -92.77 70.34 87.90
CA GLN EA 44 -93.85 70.85 87.09
C GLN EA 44 -94.30 69.76 86.12
N THR EA 45 -95.59 69.49 86.10
CA THR EA 45 -96.14 68.43 85.26
C THR EA 45 -95.84 68.75 83.80
N PRO EA 46 -95.39 67.80 83.00
CA PRO EA 46 -95.07 68.10 81.61
C PRO EA 46 -96.25 67.82 80.68
N VAL EA 47 -96.10 68.27 79.43
CA VAL EA 47 -97.13 68.11 78.40
C VAL EA 47 -96.50 67.40 77.21
N PHE EA 48 -97.20 66.39 76.70
CA PHE EA 48 -96.68 65.58 75.61
C PHE EA 48 -96.89 66.30 74.27
N SER EA 49 -96.26 65.78 73.23
CA SER EA 49 -96.33 66.37 71.91
C SER EA 49 -96.53 65.28 70.88
N LYS EA 50 -97.36 65.58 69.88
CA LYS EA 50 -97.74 64.61 68.86
C LYS EA 50 -97.08 64.96 67.53
N ALA EA 51 -96.59 63.93 66.85
CA ALA EA 51 -96.09 64.08 65.50
C ALA EA 51 -97.23 64.42 64.56
N ARG EA 52 -96.92 65.13 63.48
CA ARG EA 52 -97.94 65.52 62.52
C ARG EA 52 -97.86 64.79 61.19
N TYR EA 53 -96.90 63.89 61.02
CA TYR EA 53 -96.70 63.23 59.74
C TYR EA 53 -96.19 61.82 59.96
N THR EA 54 -95.99 61.09 58.86
CA THR EA 54 -95.45 59.74 58.88
C THR EA 54 -94.28 59.73 57.89
N VAL EA 55 -93.09 59.97 58.40
CA VAL EA 55 -91.94 60.09 57.52
C VAL EA 55 -91.10 58.80 57.47
N ARG EA 56 -91.05 58.06 58.58
CA ARG EA 56 -90.53 56.70 58.64
C ARG EA 56 -89.05 56.59 58.32
N SER EA 57 -88.40 57.68 57.95
CA SER EA 57 -86.98 57.62 57.60
C SER EA 57 -86.18 57.17 58.81
N PHE EA 58 -86.17 58.01 59.85
CA PHE EA 58 -85.75 57.57 61.17
C PHE EA 58 -86.84 56.76 61.87
N GLY EA 59 -88.09 56.94 61.45
CA GLY EA 59 -89.18 56.09 61.86
C GLY EA 59 -90.08 56.69 62.91
N ILE EA 60 -91.16 57.32 62.46
CA ILE EA 60 -92.23 57.84 63.31
C ILE EA 60 -93.51 57.82 62.48
N ARG EA 61 -94.64 57.71 63.17
CA ARG EA 61 -95.95 57.78 62.55
C ARG EA 61 -96.69 58.95 63.17
N ARG EA 62 -97.81 59.33 62.57
CA ARG EA 62 -98.42 60.56 63.02
C ARG EA 62 -99.20 60.34 64.31
N ASN EA 63 -99.33 61.42 65.07
CA ASN EA 63 -100.16 61.48 66.27
C ASN EA 63 -99.67 60.57 67.40
N GLU EA 64 -98.47 59.99 67.30
CA GLU EA 64 -97.91 59.35 68.48
C GLU EA 64 -97.27 60.42 69.34
N LYS EA 65 -96.93 60.06 70.57
CA LYS EA 65 -96.22 60.95 71.48
C LYS EA 65 -94.74 60.86 71.13
N ILE EA 66 -94.17 61.97 70.67
CA ILE EA 66 -92.75 62.05 70.37
C ILE EA 66 -91.99 62.81 71.43
N ALA EA 67 -92.37 64.06 71.67
CA ALA EA 67 -91.59 64.94 72.53
C ALA EA 67 -92.45 65.38 73.71
N VAL EA 68 -91.78 65.88 74.73
CA VAL EA 68 -92.44 66.37 75.93
C VAL EA 68 -91.72 67.63 76.38
N HIS EA 69 -92.49 68.61 76.86
CA HIS EA 69 -91.92 69.92 77.14
C HIS EA 69 -92.70 70.59 78.26
N CYS EA 70 -92.16 71.71 78.73
CA CYS EA 70 -92.82 72.53 79.72
C CYS EA 70 -92.55 74.00 79.42
N THR EA 71 -93.19 74.87 80.18
CA THR EA 71 -92.95 76.31 80.14
C THR EA 71 -92.75 76.76 81.58
N VAL EA 72 -91.63 77.45 81.82
CA VAL EA 72 -91.29 77.93 83.16
C VAL EA 72 -91.09 79.43 83.10
N ARG EA 73 -91.72 80.16 84.01
CA ARG EA 73 -91.53 81.59 84.14
C ARG EA 73 -91.31 81.95 85.59
N GLY EA 74 -90.70 83.11 85.82
CA GLY EA 74 -90.53 83.62 87.16
C GLY EA 74 -89.22 83.22 87.79
N ALA EA 75 -89.20 83.14 89.13
CA ALA EA 75 -87.98 82.75 89.83
C ALA EA 75 -87.52 81.38 89.40
N LYS EA 76 -88.44 80.43 89.25
CA LYS EA 76 -88.08 79.08 88.81
C LYS EA 76 -87.37 79.11 87.46
N ALA EA 77 -87.77 80.04 86.58
CA ALA EA 77 -87.15 80.11 85.27
C ALA EA 77 -85.73 80.66 85.35
N GLU EA 78 -85.54 81.72 86.12
CA GLU EA 78 -84.25 82.39 86.15
C GLU EA 78 -83.18 81.54 86.83
N GLU EA 79 -83.58 80.56 87.64
CA GLU EA 79 -82.59 79.75 88.35
C GLU EA 79 -82.29 78.48 87.58
N ILE EA 80 -83.29 77.91 86.90
CA ILE EA 80 -83.01 76.80 86.00
C ILE EA 80 -82.13 77.25 84.85
N LEU EA 81 -82.35 78.48 84.37
CA LEU EA 81 -81.54 79.00 83.27
C LEU EA 81 -80.07 79.07 83.65
N GLU EA 82 -79.76 79.82 84.72
CA GLU EA 82 -78.37 79.92 85.16
C GLU EA 82 -77.81 78.57 85.58
N LYS EA 83 -78.68 77.65 85.98
CA LYS EA 83 -78.26 76.27 86.20
C LYS EA 83 -77.80 75.63 84.89
N GLY EA 84 -78.42 76.04 83.78
CA GLY EA 84 -78.00 75.53 82.48
C GLY EA 84 -76.72 76.16 81.97
N LEU EA 85 -76.58 77.48 82.12
CA LEU EA 85 -75.35 78.12 81.68
C LEU EA 85 -74.16 77.70 82.52
N LYS EA 86 -74.38 77.42 83.81
CA LYS EA 86 -73.29 76.98 84.68
C LYS EA 86 -72.67 75.70 84.15
N VAL EA 87 -73.46 74.87 83.47
CA VAL EA 87 -72.91 73.71 82.75
C VAL EA 87 -71.88 74.19 81.73
N ARG EA 88 -72.11 75.35 81.14
CA ARG EA 88 -71.21 75.92 80.14
C ARG EA 88 -70.17 76.84 80.74
N GLU EA 89 -70.27 77.16 82.03
CA GLU EA 89 -69.56 78.29 82.63
C GLU EA 89 -69.88 79.59 81.88
N TYR EA 90 -71.17 79.88 81.80
CA TYR EA 90 -71.68 81.14 81.23
C TYR EA 90 -71.24 81.31 79.77
N GLU EA 91 -71.10 80.19 79.07
CA GLU EA 91 -70.53 80.19 77.73
C GLU EA 91 -71.61 79.88 76.70
N LEU EA 92 -71.74 80.76 75.70
CA LEU EA 92 -72.71 80.60 74.62
C LEU EA 92 -72.16 81.38 73.43
N ARG EA 93 -71.55 80.68 72.48
CA ARG EA 93 -70.44 81.31 71.75
C ARG EA 93 -70.89 82.37 70.74
N LYS EA 94 -71.56 81.99 69.66
CA LYS EA 94 -71.66 82.91 68.52
C LYS EA 94 -73.09 83.24 68.11
N ASN EA 95 -73.90 82.25 67.77
CA ASN EA 95 -75.08 82.51 66.96
C ASN EA 95 -76.31 81.76 67.42
N ASN EA 96 -76.31 81.24 68.65
CA ASN EA 96 -77.52 80.63 69.16
C ASN EA 96 -78.57 81.69 69.49
N PHE EA 97 -78.17 82.95 69.45
CA PHE EA 97 -79.12 84.06 69.58
C PHE EA 97 -79.97 84.19 68.33
N SER EA 98 -81.28 84.32 68.53
CA SER EA 98 -82.21 84.54 67.44
C SER EA 98 -82.48 86.04 67.27
N ASP EA 99 -82.58 86.46 66.02
CA ASP EA 99 -82.66 87.89 65.72
C ASP EA 99 -83.89 88.55 66.33
N THR EA 100 -84.91 87.78 66.70
CA THR EA 100 -86.07 88.37 67.33
C THR EA 100 -85.83 88.71 68.80
N GLY EA 101 -84.69 88.32 69.36
CA GLY EA 101 -84.31 88.71 70.70
C GLY EA 101 -84.02 87.53 71.59
N ASN EA 102 -84.80 86.47 71.43
CA ASN EA 102 -84.64 85.29 72.26
C ASN EA 102 -83.44 84.46 71.79
N PHE EA 103 -83.04 83.51 72.63
CA PHE EA 103 -81.96 82.59 72.30
C PHE EA 103 -82.23 81.25 72.97
N GLY EA 104 -81.34 80.29 72.75
CA GLY EA 104 -81.51 78.98 73.29
C GLY EA 104 -80.26 78.16 73.06
N PHE EA 105 -80.27 76.94 73.62
CA PHE EA 105 -79.13 76.04 73.55
C PHE EA 105 -79.56 74.68 74.09
N GLY EA 106 -78.80 73.66 73.73
CA GLY EA 106 -79.07 72.30 74.16
C GLY EA 106 -77.92 71.74 74.98
N ILE EA 107 -78.23 70.74 75.81
CA ILE EA 107 -77.24 70.03 76.60
C ILE EA 107 -77.49 68.53 76.47
N GLN EA 108 -76.55 67.74 76.98
CA GLN EA 108 -76.58 66.29 76.79
C GLN EA 108 -76.83 65.51 78.06
N GLU EA 109 -76.12 65.81 79.15
CA GLU EA 109 -76.24 65.08 80.40
C GLU EA 109 -77.02 65.93 81.39
N HIS EA 110 -78.04 65.33 82.01
CA HIS EA 110 -78.84 66.02 83.00
C HIS EA 110 -78.59 65.56 84.42
N ILE EA 111 -77.97 64.38 84.62
CA ILE EA 111 -77.70 63.90 85.96
C ILE EA 111 -76.75 64.82 86.69
N ASP EA 112 -75.70 65.29 86.00
CA ASP EA 112 -74.67 66.15 86.57
C ASP EA 112 -75.29 67.26 87.41
N LEU EA 113 -76.04 68.15 86.75
CA LEU EA 113 -76.97 69.04 87.41
C LEU EA 113 -78.27 68.97 86.62
N GLY EA 114 -79.39 68.78 87.31
CA GLY EA 114 -79.46 68.80 88.76
C GLY EA 114 -79.53 67.47 89.45
N ILE EA 115 -80.75 67.05 89.79
CA ILE EA 115 -80.98 65.91 90.65
C ILE EA 115 -80.14 64.71 90.20
N LYS EA 116 -79.67 63.94 91.19
CA LYS EA 116 -78.71 62.89 90.94
C LYS EA 116 -79.32 61.79 90.08
N TYR EA 117 -78.45 60.87 89.64
CA TYR EA 117 -78.86 59.78 88.77
C TYR EA 117 -79.97 58.96 89.43
N ASP EA 118 -81.02 58.68 88.66
CA ASP EA 118 -82.07 57.76 89.04
C ASP EA 118 -81.97 56.52 88.17
N PRO EA 119 -82.00 55.31 88.76
CA PRO EA 119 -81.61 54.11 88.00
C PRO EA 119 -82.52 53.81 86.83
N SER EA 120 -83.83 54.06 86.98
CA SER EA 120 -84.78 53.72 85.93
C SER EA 120 -84.59 54.60 84.71
N ILE EA 121 -84.45 55.91 84.93
CA ILE EA 121 -84.35 56.88 83.85
C ILE EA 121 -83.06 56.68 83.07
N GLY EA 122 -83.03 57.16 81.84
CA GLY EA 122 -81.87 56.99 80.97
C GLY EA 122 -80.92 58.17 81.02
N ILE EA 123 -80.42 58.54 79.84
CA ILE EA 123 -79.31 59.47 79.72
C ILE EA 123 -79.66 60.60 78.77
N TYR EA 124 -80.94 60.95 78.68
CA TYR EA 124 -81.38 61.90 77.68
C TYR EA 124 -80.68 63.25 77.82
N GLY EA 125 -80.59 63.96 76.70
CA GLY EA 125 -80.35 65.38 76.69
C GLY EA 125 -81.63 66.15 76.49
N LEU EA 126 -81.51 67.47 76.34
CA LEU EA 126 -82.65 68.34 76.13
C LEU EA 126 -82.12 69.69 75.66
N ASP EA 127 -83.02 70.67 75.53
CA ASP EA 127 -82.62 71.99 75.06
C ASP EA 127 -83.40 73.09 75.79
N PHE EA 128 -82.68 74.12 76.22
CA PHE EA 128 -83.29 75.33 76.73
C PHE EA 128 -83.47 76.33 75.60
N TYR EA 129 -84.52 77.14 75.68
CA TYR EA 129 -84.71 78.26 74.76
C TYR EA 129 -85.57 79.30 75.47
N VAL EA 130 -84.91 80.32 76.02
CA VAL EA 130 -85.60 81.38 76.74
C VAL EA 130 -86.09 82.42 75.75
N VAL EA 131 -87.10 83.18 76.16
CA VAL EA 131 -87.60 84.30 75.39
C VAL EA 131 -87.48 85.55 76.26
N LEU EA 132 -86.96 86.61 75.67
CA LEU EA 132 -86.79 87.88 76.36
C LEU EA 132 -87.99 88.76 76.08
N GLY EA 133 -88.27 89.65 77.02
CA GLY EA 133 -89.43 90.51 76.89
C GLY EA 133 -89.32 91.69 77.83
N ARG EA 134 -90.22 92.64 77.61
CA ARG EA 134 -90.33 93.85 78.39
C ARG EA 134 -91.76 94.00 78.88
N PRO EA 135 -91.98 94.67 79.99
CA PRO EA 135 -93.36 94.93 80.42
C PRO EA 135 -94.13 95.67 79.35
N GLY EA 136 -95.15 95.02 78.79
CA GLY EA 136 -95.85 95.57 77.65
C GLY EA 136 -95.81 94.60 76.49
N PHE EA 137 -95.01 93.54 76.64
CA PHE EA 137 -95.00 92.47 75.65
C PHE EA 137 -96.24 91.60 75.75
N SER EA 138 -97.02 91.76 76.82
CA SER EA 138 -98.22 90.96 77.01
C SER EA 138 -99.37 91.38 76.13
N ILE EA 139 -99.39 92.62 75.65
CA ILE EA 139 -100.52 93.12 74.87
C ILE EA 139 -100.68 92.35 73.58
N ALA EA 140 -99.62 91.71 73.09
CA ALA EA 140 -99.75 90.89 71.89
C ALA EA 140 -100.57 89.63 72.15
N ASP EA 141 -100.66 89.21 73.41
CA ASP EA 141 -101.47 88.06 73.79
C ASP EA 141 -102.83 88.45 74.36
N LYS EA 142 -103.10 89.74 74.50
CA LYS EA 142 -104.34 90.19 75.10
C LYS EA 142 -105.53 89.80 74.23
N LYS EA 143 -106.62 89.37 74.88
CA LYS EA 143 -107.81 89.00 74.13
C LYS EA 143 -108.54 90.22 73.61
N ARG EA 144 -108.57 91.30 74.39
CA ARG EA 144 -109.27 92.52 74.02
C ARG EA 144 -108.27 93.56 73.53
N ARG EA 145 -108.57 94.18 72.40
CA ARG EA 145 -107.76 95.25 71.84
C ARG EA 145 -106.30 94.80 71.67
N THR EA 146 -106.12 93.59 71.15
CA THR EA 146 -104.78 93.08 70.88
C THR EA 146 -104.07 93.99 69.89
N GLY EA 147 -102.74 94.04 69.99
CA GLY EA 147 -101.98 94.87 69.08
C GLY EA 147 -100.55 94.40 68.98
N CYS EA 148 -99.80 95.05 68.11
CA CYS EA 148 -98.36 94.84 68.03
C CYS EA 148 -97.66 95.65 69.11
N ILE EA 149 -96.35 95.44 69.25
CA ILE EA 149 -95.59 96.03 70.35
C ILE EA 149 -94.86 97.30 69.95
N GLY EA 150 -94.69 97.57 68.68
CA GLY EA 150 -93.97 98.78 68.32
C GLY EA 150 -92.52 98.48 67.99
N ALA EA 151 -91.98 99.24 67.04
CA ALA EA 151 -90.68 98.92 66.46
C ALA EA 151 -89.56 99.08 67.48
N LYS EA 152 -89.51 100.24 68.15
CA LYS EA 152 -88.36 100.51 69.01
C LYS EA 152 -88.50 99.87 70.39
N HIS EA 153 -89.68 99.37 70.73
CA HIS EA 153 -89.84 98.59 71.94
C HIS EA 153 -89.59 97.11 71.71
N ARG EA 154 -89.31 96.70 70.47
CA ARG EA 154 -88.95 95.31 70.19
C ARG EA 154 -87.55 95.06 70.72
N ILE EA 155 -87.13 93.80 70.71
CA ILE EA 155 -85.78 93.43 71.10
C ILE EA 155 -85.04 92.96 69.86
N SER EA 156 -83.73 93.14 69.87
CA SER EA 156 -82.89 92.74 68.75
C SER EA 156 -81.81 91.79 69.25
N LYS EA 157 -81.16 91.11 68.31
CA LYS EA 157 -80.04 90.25 68.68
C LYS EA 157 -78.95 91.05 69.38
N GLU EA 158 -78.74 92.29 68.95
CA GLU EA 158 -77.66 93.10 69.51
C GLU EA 158 -77.83 93.32 71.00
N GLU EA 159 -79.06 93.61 71.44
CA GLU EA 159 -79.28 93.83 72.86
C GLU EA 159 -79.60 92.55 73.62
N ALA EA 160 -79.52 91.39 72.96
CA ALA EA 160 -79.57 90.13 73.69
C ALA EA 160 -78.22 89.82 74.33
N MET EA 161 -77.14 89.92 73.54
CA MET EA 161 -75.82 89.73 74.11
C MET EA 161 -75.50 90.78 75.17
N ARG EA 162 -75.83 92.04 74.91
CA ARG EA 162 -75.55 93.09 75.88
C ARG EA 162 -76.27 92.82 77.19
N TRP EA 163 -77.53 92.38 77.11
CA TRP EA 163 -78.24 91.98 78.33
C TRP EA 163 -77.56 90.80 78.99
N PHE EA 164 -77.11 89.83 78.18
CA PHE EA 164 -76.36 88.71 78.73
C PHE EA 164 -75.06 89.16 79.37
N GLN EA 165 -74.25 89.90 78.62
CA GLN EA 165 -72.94 90.31 79.14
C GLN EA 165 -73.07 91.27 80.31
N GLN EA 166 -74.11 92.12 80.32
CA GLN EA 166 -74.30 93.02 81.44
C GLN EA 166 -74.70 92.29 82.70
N LYS EA 167 -75.49 91.22 82.57
CA LYS EA 167 -76.14 90.61 83.73
C LYS EA 167 -75.41 89.36 84.22
N TYR EA 168 -75.07 88.45 83.31
CA TYR EA 168 -74.35 87.24 83.68
C TYR EA 168 -72.85 87.32 83.40
N ASP EA 169 -72.36 88.43 82.85
CA ASP EA 169 -70.96 88.59 82.49
C ASP EA 169 -70.46 87.44 81.63
N GLY EA 170 -71.37 86.81 80.89
CA GLY EA 170 -71.00 85.74 79.99
C GLY EA 170 -70.21 86.24 78.81
N ILE EA 171 -69.46 85.32 78.20
CA ILE EA 171 -68.57 85.65 77.09
C ILE EA 171 -69.20 85.11 75.81
N ILE EA 172 -69.41 85.99 74.85
CA ILE EA 172 -70.07 85.67 73.58
C ILE EA 172 -69.10 86.04 72.46
N LEU EA 173 -69.44 85.63 71.24
CA LEU EA 173 -68.69 85.92 70.02
C LEU EA 173 -67.19 85.63 70.17
N PRO EA 174 -66.78 84.38 70.32
CA PRO EA 174 -65.36 84.06 70.13
C PRO EA 174 -64.91 84.47 68.74
N GLY EA 175 -63.66 84.93 68.65
CA GLY EA 175 -63.17 85.53 67.42
C GLY EA 175 -62.94 84.54 66.30
N LYS EA 176 -64.01 83.96 65.78
CA LYS EA 176 -63.92 82.98 64.71
C LYS EA 176 -64.52 83.51 63.41
N ALA FA 1 -157.40 57.69 22.05
CA ALA FA 1 -156.59 58.88 22.12
C ALA FA 1 -157.39 60.08 22.63
N PRO FA 2 -157.27 60.35 23.93
CA PRO FA 2 -158.02 61.47 24.52
C PRO FA 2 -157.54 62.79 23.93
N SER FA 3 -158.49 63.61 23.46
CA SER FA 3 -158.09 64.80 22.71
C SER FA 3 -157.71 65.94 23.64
N ARG FA 4 -158.67 66.51 24.35
CA ARG FA 4 -158.34 67.52 25.36
C ARG FA 4 -158.92 67.20 26.72
N ASN FA 5 -160.24 67.02 26.84
CA ASN FA 5 -160.84 66.88 28.16
C ASN FA 5 -162.26 66.35 28.00
N GLY FA 6 -162.55 65.25 28.68
CA GLY FA 6 -163.87 64.66 28.60
C GLY FA 6 -163.96 63.44 29.49
N MET FA 7 -165.09 62.75 29.37
CA MET FA 7 -165.30 61.53 30.13
C MET FA 7 -164.31 60.46 29.67
N VAL FA 8 -163.94 59.57 30.57
CA VAL FA 8 -163.14 58.41 30.18
C VAL FA 8 -164.10 57.32 29.75
N LEU FA 9 -164.26 57.18 28.44
CA LEU FA 9 -165.27 56.29 27.89
C LEU FA 9 -164.80 54.86 27.86
N LYS FA 10 -165.68 53.93 28.22
CA LYS FA 10 -165.43 52.50 28.10
C LYS FA 10 -166.65 51.86 27.45
N PRO FA 11 -166.80 52.02 26.14
CA PRO FA 11 -167.96 51.42 25.46
C PRO FA 11 -167.79 49.93 25.34
N HIS FA 12 -168.84 49.19 25.70
CA HIS FA 12 -168.82 47.74 25.63
C HIS FA 12 -169.20 47.27 24.23
N PHE FA 13 -168.28 47.51 23.29
CA PHE FA 13 -168.50 47.21 21.87
C PHE FA 13 -167.34 46.45 21.29
N HIS FA 14 -166.76 45.53 22.07
CA HIS FA 14 -165.63 44.74 21.60
C HIS FA 14 -166.02 43.29 21.35
N LYS FA 15 -167.30 42.99 21.16
CA LYS FA 15 -167.77 41.61 21.17
C LYS FA 15 -168.63 41.25 19.96
N ASP FA 16 -168.32 41.79 18.78
CA ASP FA 16 -169.08 41.49 17.57
C ASP FA 16 -170.57 41.72 17.80
N TRP FA 17 -170.88 42.89 18.36
CA TRP FA 17 -172.24 43.20 18.75
C TRP FA 17 -173.18 43.29 17.55
N GLN FA 18 -172.65 43.52 16.36
CA GLN FA 18 -173.49 43.82 15.21
C GLN FA 18 -174.37 42.63 14.86
N ARG FA 19 -173.85 41.41 15.00
CA ARG FA 19 -174.67 40.23 14.75
C ARG FA 19 -175.79 40.11 15.79
N ARG FA 20 -175.48 40.41 17.04
CA ARG FA 20 -176.45 40.27 18.13
C ARG FA 20 -177.10 41.62 18.42
N VAL FA 21 -177.98 42.03 17.52
CA VAL FA 21 -178.74 43.27 17.66
C VAL FA 21 -180.22 42.92 17.57
N ALA FA 22 -181.00 43.42 18.52
CA ALA FA 22 -182.45 43.23 18.52
C ALA FA 22 -183.10 44.54 18.06
N THR FA 23 -183.90 44.45 17.02
CA THR FA 23 -184.55 45.64 16.51
C THR FA 23 -186.06 45.57 16.75
N TRP FA 24 -186.67 46.73 16.94
CA TRP FA 24 -188.02 46.81 17.50
C TRP FA 24 -189.05 47.25 16.47
N PHE FA 25 -188.84 46.96 15.18
CA PHE FA 25 -189.83 47.36 14.19
C PHE FA 25 -191.12 46.57 14.31
N ASN FA 26 -191.12 45.48 15.06
CA ASN FA 26 -192.32 44.68 15.28
C ASN FA 26 -193.10 45.12 16.50
N GLN FA 27 -192.59 46.09 17.26
CA GLN FA 27 -193.28 46.52 18.47
C GLN FA 27 -194.70 47.00 18.22
N PRO FA 28 -194.98 47.88 17.25
CA PRO FA 28 -196.38 48.21 16.98
C PRO FA 28 -197.20 47.02 16.54
N ALA FA 29 -196.58 46.08 15.82
CA ALA FA 29 -197.29 44.86 15.47
C ALA FA 29 -197.42 43.94 16.69
N ARG FA 30 -196.36 43.86 17.50
CA ARG FA 30 -196.46 43.08 18.73
C ARG FA 30 -197.50 43.67 19.67
N LYS FA 31 -197.51 45.00 19.80
CA LYS FA 31 -198.45 45.66 20.69
C LYS FA 31 -199.89 45.48 20.19
N ILE FA 32 -200.06 45.39 18.88
CA ILE FA 32 -201.37 45.10 18.33
C ILE FA 32 -201.77 43.66 18.61
N ARG FA 33 -200.85 42.71 18.41
CA ARG FA 33 -201.19 41.30 18.60
C ARG FA 33 -201.58 41.02 20.04
N ARG FA 34 -200.86 41.59 21.01
CA ARG FA 34 -201.23 41.39 22.41
C ARG FA 34 -202.61 41.95 22.69
N ARG FA 35 -202.98 43.02 22.01
CA ARG FA 35 -204.26 43.67 22.30
C ARG FA 35 -205.42 42.79 21.86
N LYS FA 36 -205.34 42.20 20.67
CA LYS FA 36 -206.45 41.40 20.18
C LYS FA 36 -206.49 40.03 20.84
N ALA FA 37 -205.33 39.50 21.24
CA ALA FA 37 -205.34 38.28 22.06
C ALA FA 37 -205.97 38.56 23.41
N ARG FA 38 -205.68 39.72 23.99
CA ARG FA 38 -206.34 40.12 25.25
C ARG FA 38 -207.84 40.27 25.07
N GLN FA 39 -208.26 40.84 23.93
CA GLN FA 39 -209.69 40.97 23.66
C GLN FA 39 -210.34 39.60 23.50
N ALA FA 40 -209.67 38.69 22.81
CA ALA FA 40 -210.23 37.35 22.61
C ALA FA 40 -210.41 36.61 23.92
N LYS FA 41 -209.42 36.70 24.81
CA LYS FA 41 -209.56 36.05 26.11
C LYS FA 41 -210.70 36.66 26.90
N ALA FA 42 -210.83 37.98 26.89
CA ALA FA 42 -211.88 38.64 27.66
C ALA FA 42 -213.25 38.24 27.16
N ARG FA 43 -213.45 38.21 25.84
CA ARG FA 43 -214.76 37.87 25.32
C ARG FA 43 -215.02 36.37 25.37
N ARG FA 44 -213.98 35.56 25.53
CA ARG FA 44 -214.19 34.13 25.75
C ARG FA 44 -214.74 33.87 27.15
N ILE FA 45 -214.01 34.31 28.16
CA ILE FA 45 -214.52 34.29 29.55
C ILE FA 45 -215.26 35.60 29.76
N ALA FA 46 -216.53 35.62 29.36
CA ALA FA 46 -217.25 36.88 29.33
C ALA FA 46 -217.71 37.34 30.71
N PRO FA 47 -218.50 36.57 31.49
CA PRO FA 47 -218.91 37.08 32.80
C PRO FA 47 -217.74 37.31 33.74
N ARG FA 48 -216.65 36.58 33.53
CA ARG FA 48 -215.49 36.72 34.40
C ARG FA 48 -214.80 38.06 34.14
N PRO FA 49 -214.16 38.65 35.17
CA PRO FA 49 -213.81 40.07 35.08
C PRO FA 49 -212.54 40.40 34.33
N ALA FA 50 -212.26 39.67 33.24
CA ALA FA 50 -211.36 40.15 32.19
C ALA FA 50 -209.94 40.45 32.64
N SER FA 51 -209.60 40.20 33.91
CA SER FA 51 -208.23 40.41 34.37
C SER FA 51 -207.79 39.28 35.28
N GLY FA 52 -208.39 38.11 35.13
CA GLY FA 52 -208.08 37.00 35.99
C GLY FA 52 -208.68 37.19 37.36
N PRO FA 53 -208.10 36.55 38.35
CA PRO FA 53 -208.71 36.50 39.68
C PRO FA 53 -208.43 37.74 40.52
N ILE FA 54 -208.80 37.67 41.79
CA ILE FA 54 -208.56 38.76 42.72
C ILE FA 54 -207.20 38.57 43.39
N ARG FA 55 -206.49 39.67 43.58
CA ARG FA 55 -205.17 39.64 44.18
C ARG FA 55 -205.16 40.31 45.55
N PRO FA 56 -204.28 39.89 46.45
CA PRO FA 56 -204.30 40.39 47.82
C PRO FA 56 -203.48 41.66 48.00
N ILE FA 57 -203.71 42.33 49.13
CA ILE FA 57 -202.92 43.49 49.52
C ILE FA 57 -201.56 43.00 50.01
N VAL FA 58 -200.50 43.60 49.47
CA VAL FA 58 -199.14 43.11 49.70
C VAL FA 58 -198.22 44.28 49.97
N ARG FA 59 -197.46 44.20 51.05
CA ARG FA 59 -196.52 45.23 51.45
C ARG FA 59 -195.17 44.98 50.80
N CYS FA 60 -194.60 46.00 50.17
CA CYS FA 60 -193.38 45.82 49.41
C CYS FA 60 -192.20 45.50 50.34
N PRO FA 61 -191.37 44.53 49.99
CA PRO FA 61 -190.38 43.97 50.92
C PRO FA 61 -189.00 44.63 50.85
N THR FA 62 -188.93 45.92 51.15
CA THR FA 62 -187.64 46.55 51.38
C THR FA 62 -187.84 47.88 52.10
N VAL FA 63 -186.80 48.32 52.80
CA VAL FA 63 -186.84 49.62 53.48
C VAL FA 63 -187.12 50.73 52.49
N ARG FA 64 -186.74 50.56 51.23
CA ARG FA 64 -186.98 51.59 50.24
C ARG FA 64 -188.44 51.66 49.86
N TYR FA 65 -189.11 50.52 49.74
CA TYR FA 65 -190.44 50.45 49.17
C TYR FA 65 -191.53 50.10 50.17
N HIS FA 66 -191.18 49.73 51.41
CA HIS FA 66 -192.19 49.20 52.32
C HIS FA 66 -193.22 50.24 52.72
N THR FA 67 -193.01 51.52 52.42
CA THR FA 67 -194.04 52.50 52.71
C THR FA 67 -195.25 52.32 51.80
N LYS FA 68 -195.03 51.83 50.59
CA LYS FA 68 -196.11 51.63 49.62
C LYS FA 68 -196.56 50.17 49.60
N VAL FA 69 -197.76 49.96 49.07
CA VAL FA 69 -198.41 48.66 49.08
C VAL FA 69 -198.78 48.31 47.65
N ARG FA 70 -198.92 47.03 47.36
CA ARG FA 70 -199.20 46.57 46.01
C ARG FA 70 -200.00 45.28 46.05
N ALA FA 71 -200.27 44.74 44.86
CA ALA FA 71 -200.97 43.47 44.69
C ALA FA 71 -199.94 42.36 44.51
N GLY FA 72 -200.25 41.18 45.03
CA GLY FA 72 -199.32 40.07 45.03
C GLY FA 72 -199.82 38.88 44.23
N ARG FA 73 -199.11 37.76 44.39
CA ARG FA 73 -199.42 36.56 43.62
C ARG FA 73 -200.79 36.01 43.99
N GLY FA 74 -201.06 35.86 45.27
CA GLY FA 74 -202.34 35.33 45.69
C GLY FA 74 -202.49 35.32 47.19
N PHE FA 75 -203.67 34.90 47.63
CA PHE FA 75 -204.01 34.89 49.04
C PHE FA 75 -203.39 33.68 49.73
N SER FA 76 -203.04 33.86 50.99
CA SER FA 76 -202.44 32.80 51.78
C SER FA 76 -203.51 31.83 52.24
N LEU FA 77 -203.07 30.68 52.76
CA LEU FA 77 -203.99 29.69 53.32
C LEU FA 77 -204.67 30.18 54.59
N GLU FA 78 -203.93 30.86 55.47
CA GLU FA 78 -204.54 31.32 56.72
C GLU FA 78 -205.56 32.41 56.47
N GLU FA 79 -205.41 33.16 55.37
CA GLU FA 79 -206.43 34.15 55.03
C GLU FA 79 -207.67 33.46 54.45
N LEU FA 80 -207.48 32.39 53.69
CA LEU FA 80 -208.63 31.61 53.26
C LEU FA 80 -209.24 30.84 54.42
N ARG FA 81 -208.41 30.28 55.29
CA ARG FA 81 -208.91 29.48 56.40
C ARG FA 81 -209.79 30.32 57.32
N VAL FA 82 -209.37 31.55 57.61
CA VAL FA 82 -210.16 32.44 58.45
C VAL FA 82 -211.37 33.00 57.72
N ALA FA 83 -211.33 33.08 56.39
CA ALA FA 83 -212.47 33.56 55.63
C ALA FA 83 -213.46 32.45 55.31
N GLY FA 84 -213.18 31.22 55.72
CA GLY FA 84 -214.11 30.12 55.50
C GLY FA 84 -214.34 29.75 54.05
N ILE FA 85 -213.28 29.66 53.26
CA ILE FA 85 -213.35 29.20 51.88
C ILE FA 85 -212.30 28.11 51.69
N HIS FA 86 -212.66 27.06 50.97
CA HIS FA 86 -211.73 25.95 50.75
C HIS FA 86 -210.67 26.36 49.74
N LYS FA 87 -209.43 25.91 49.98
CA LYS FA 87 -208.33 26.29 49.10
C LYS FA 87 -208.53 25.75 47.69
N LYS FA 88 -209.09 24.55 47.54
CA LYS FA 88 -209.29 24.00 46.22
C LYS FA 88 -210.40 24.73 45.48
N VAL FA 89 -211.42 25.18 46.21
CA VAL FA 89 -212.57 25.80 45.57
C VAL FA 89 -212.34 27.28 45.29
N ALA FA 90 -211.33 27.89 45.92
CA ALA FA 90 -211.09 29.31 45.74
C ALA FA 90 -210.58 29.62 44.34
N ARG FA 91 -209.81 28.72 43.75
CA ARG FA 91 -209.28 28.97 42.42
C ARG FA 91 -210.37 28.91 41.36
N THR FA 92 -211.34 28.00 41.53
CA THR FA 92 -212.43 27.90 40.59
C THR FA 92 -213.32 29.15 40.62
N ILE FA 93 -213.59 29.65 41.82
CA ILE FA 93 -214.48 30.81 41.93
C ILE FA 93 -213.75 32.10 41.58
N GLY FA 94 -212.42 32.05 41.49
CA GLY FA 94 -211.65 33.18 41.02
C GLY FA 94 -210.91 33.97 42.08
N ILE FA 95 -210.23 33.29 42.99
CA ILE FA 95 -209.61 33.95 44.13
C ILE FA 95 -208.09 33.80 44.16
N SER FA 96 -207.52 32.79 43.48
CA SER FA 96 -206.08 32.70 43.26
C SER FA 96 -205.30 32.60 44.57
N VAL FA 97 -205.48 31.47 45.25
CA VAL FA 97 -204.66 31.16 46.40
C VAL FA 97 -203.26 30.77 45.96
N ASP FA 98 -202.25 31.26 46.67
CA ASP FA 98 -200.90 30.68 46.56
C ASP FA 98 -200.54 30.04 47.89
N PRO FA 99 -199.86 28.91 47.89
CA PRO FA 99 -199.65 28.19 49.15
C PRO FA 99 -198.45 28.66 49.96
N ARG FA 100 -197.44 29.23 49.29
CA ARG FA 100 -196.15 29.40 49.93
C ARG FA 100 -196.00 30.72 50.68
N ARG FA 101 -197.02 31.56 50.73
CA ARG FA 101 -196.94 32.82 51.45
C ARG FA 101 -197.52 32.68 52.85
N ARG FA 102 -196.84 33.25 53.83
CA ARG FA 102 -197.29 33.27 55.22
C ARG FA 102 -197.36 34.69 55.74
N ASN FA 103 -198.20 34.89 56.75
CA ASN FA 103 -198.39 36.21 57.35
C ASN FA 103 -197.68 36.25 58.70
N LYS FA 104 -196.88 37.30 58.91
CA LYS FA 104 -196.24 37.54 60.19
C LYS FA 104 -196.88 38.68 60.96
N SER FA 105 -198.05 39.14 60.52
CA SER FA 105 -198.76 40.24 61.16
C SER FA 105 -200.26 40.02 61.02
N THR FA 106 -200.99 40.19 62.12
CA THR FA 106 -202.44 40.10 62.05
C THR FA 106 -203.01 41.23 61.22
N GLU FA 107 -202.45 42.43 61.34
CA GLU FA 107 -202.98 43.58 60.61
C GLU FA 107 -202.95 43.36 59.11
N SER FA 108 -201.85 42.82 58.60
CA SER FA 108 -201.82 42.42 57.19
C SER FA 108 -202.81 41.30 56.93
N LEU FA 109 -202.86 40.32 57.83
CA LEU FA 109 -203.78 39.20 57.66
C LEU FA 109 -205.23 39.66 57.72
N GLN FA 110 -205.54 40.57 58.64
CA GLN FA 110 -206.93 40.99 58.80
C GLN FA 110 -207.37 41.92 57.69
N ALA FA 111 -206.44 42.67 57.11
CA ALA FA 111 -206.79 43.54 55.99
C ALA FA 111 -207.18 42.72 54.77
N ASN FA 112 -206.47 41.62 54.52
CA ASN FA 112 -206.71 40.85 53.31
C ASN FA 112 -207.99 40.03 53.42
N VAL FA 113 -208.29 39.51 54.61
CA VAL FA 113 -209.50 38.70 54.75
C VAL FA 113 -210.75 39.55 54.63
N GLN FA 114 -210.74 40.78 55.16
CA GLN FA 114 -211.89 41.66 54.97
C GLN FA 114 -211.99 42.09 53.51
N ARG FA 115 -210.85 42.15 52.82
CA ARG FA 115 -210.90 42.29 51.36
C ARG FA 115 -211.53 41.07 50.71
N LEU FA 116 -211.18 39.89 51.19
CA LEU FA 116 -211.77 38.67 50.66
C LEU FA 116 -213.27 38.63 50.91
N LYS FA 117 -213.67 38.81 52.17
CA LYS FA 117 -215.08 38.77 52.53
C LYS FA 117 -215.89 39.77 51.71
N GLU FA 118 -215.31 40.95 51.48
CA GLU FA 118 -215.99 41.95 50.67
C GLU FA 118 -216.15 41.48 49.23
N TYR FA 119 -215.11 40.87 48.66
CA TYR FA 119 -215.22 40.33 47.31
C TYR FA 119 -216.27 39.22 47.25
N ARG FA 120 -216.33 38.38 48.29
CA ARG FA 120 -217.34 37.33 48.34
C ARG FA 120 -218.74 37.92 48.32
N SER FA 121 -218.94 39.03 49.04
CA SER FA 121 -220.24 39.70 49.03
C SER FA 121 -220.58 40.24 47.65
N LYS FA 122 -219.60 40.87 46.99
CA LYS FA 122 -219.80 41.50 45.70
C LYS FA 122 -219.98 40.49 44.57
N LEU FA 123 -219.57 39.25 44.76
CA LEU FA 123 -219.51 38.27 43.68
C LEU FA 123 -220.87 37.65 43.45
N ILE FA 124 -221.28 37.58 42.18
CA ILE FA 124 -222.49 36.85 41.78
C ILE FA 124 -222.06 35.59 41.05
N LEU FA 125 -222.79 34.51 41.29
CA LEU FA 125 -222.37 33.18 40.86
C LEU FA 125 -223.44 32.56 39.98
N PHE FA 126 -223.04 32.13 38.79
CA PHE FA 126 -223.98 31.49 37.87
C PHE FA 126 -224.21 30.05 38.29
N PRO FA 127 -225.45 29.55 38.27
CA PRO FA 127 -225.66 28.13 38.51
C PRO FA 127 -225.01 27.31 37.42
N ARG FA 128 -224.41 26.19 37.81
CA ARG FA 128 -223.79 25.33 36.80
C ARG FA 128 -224.84 24.84 35.80
N LYS FA 129 -226.00 24.43 36.30
CA LYS FA 129 -227.13 24.14 35.43
C LYS FA 129 -228.06 25.35 35.46
N PRO FA 130 -228.18 26.11 34.36
CA PRO FA 130 -229.03 27.31 34.39
C PRO FA 130 -230.47 27.02 34.74
N SER FA 131 -231.00 25.86 34.33
CA SER FA 131 -232.38 25.53 34.66
C SER FA 131 -232.54 25.18 36.14
N ALA FA 132 -231.47 24.75 36.80
CA ALA FA 132 -231.51 24.33 38.20
C ALA FA 132 -230.56 25.18 39.02
N PRO FA 133 -231.03 26.29 39.57
CA PRO FA 133 -230.18 27.07 40.48
C PRO FA 133 -230.11 26.46 41.87
N LYS FA 134 -229.00 25.82 42.23
CA LYS FA 134 -228.97 25.11 43.51
C LYS FA 134 -228.73 26.06 44.69
N LYS FA 135 -227.55 26.65 44.80
CA LYS FA 135 -227.28 27.69 45.77
C LYS FA 135 -226.45 28.85 45.20
N GLY FA 136 -226.42 29.02 43.87
CA GLY FA 136 -225.53 30.03 43.33
C GLY FA 136 -225.92 31.45 43.67
N ASP FA 137 -226.99 31.95 43.04
CA ASP FA 137 -227.47 33.31 43.27
C ASP FA 137 -228.90 33.38 42.74
N SER FA 138 -229.50 34.56 42.84
CA SER FA 138 -230.88 34.77 42.46
C SER FA 138 -230.95 35.18 40.99
N SER FA 139 -231.95 34.65 40.28
CA SER FA 139 -232.09 34.93 38.87
C SER FA 139 -232.37 36.41 38.62
N ALA FA 140 -232.96 37.09 39.60
CA ALA FA 140 -233.29 38.51 39.42
C ALA FA 140 -232.02 39.34 39.25
N GLU FA 141 -231.02 39.11 40.11
CA GLU FA 141 -229.75 39.79 39.96
C GLU FA 141 -228.85 39.17 38.91
N GLU FA 142 -229.11 37.92 38.53
CA GLU FA 142 -228.24 37.26 37.57
C GLU FA 142 -228.36 37.86 36.18
N LEU FA 143 -229.57 38.24 35.77
CA LEU FA 143 -229.78 38.76 34.43
C LEU FA 143 -229.16 40.15 34.27
N LYS FA 144 -229.67 41.11 35.04
CA LYS FA 144 -229.28 42.50 34.83
C LYS FA 144 -227.86 42.78 35.28
N LEU FA 145 -227.46 42.27 36.44
CA LEU FA 145 -226.17 42.62 37.02
C LEU FA 145 -225.01 41.92 36.34
N ALA FA 146 -225.26 40.96 35.46
CA ALA FA 146 -224.18 40.21 34.83
C ALA FA 146 -223.45 41.11 33.84
N THR FA 147 -222.32 41.66 34.27
CA THR FA 147 -221.48 42.46 33.40
C THR FA 147 -220.02 42.11 33.64
N GLN FA 148 -219.24 42.11 32.58
CA GLN FA 148 -217.81 41.87 32.66
C GLN FA 148 -217.15 43.08 33.29
N LEU FA 149 -216.22 42.85 34.21
CA LEU FA 149 -215.53 43.95 34.87
C LEU FA 149 -214.24 44.27 34.14
N THR FA 150 -214.05 45.53 33.78
CA THR FA 150 -212.85 45.94 33.06
C THR FA 150 -211.76 46.36 34.03
N GLY FA 151 -210.52 46.25 33.58
CA GLY FA 151 -209.39 46.56 34.42
C GLY FA 151 -209.19 45.49 35.47
N PRO FA 152 -208.35 45.77 36.46
CA PRO FA 152 -208.16 44.80 37.55
C PRO FA 152 -209.40 44.70 38.41
N VAL FA 153 -209.49 43.62 39.19
CA VAL FA 153 -210.46 43.53 40.27
C VAL FA 153 -210.06 44.61 41.28
N MET FA 154 -210.95 44.89 42.25
CA MET FA 154 -210.87 46.08 43.08
C MET FA 154 -209.43 46.37 43.49
N PRO FA 155 -208.85 47.44 42.95
CA PRO FA 155 -207.39 47.55 42.93
C PRO FA 155 -206.79 47.93 44.27
N VAL FA 156 -205.52 47.59 44.43
CA VAL FA 156 -204.78 48.01 45.60
C VAL FA 156 -204.58 49.52 45.55
N ARG FA 157 -204.77 50.17 46.68
CA ARG FA 157 -204.69 51.62 46.76
C ARG FA 157 -203.90 52.00 48.00
N ASN FA 158 -202.98 52.95 47.86
CA ASN FA 158 -202.19 53.43 48.99
C ASN FA 158 -203.01 54.48 49.75
N VAL FA 159 -203.71 54.01 50.77
CA VAL FA 159 -204.44 54.93 51.63
C VAL FA 159 -203.46 55.72 52.48
N TYR FA 160 -203.86 56.93 52.85
CA TYR FA 160 -203.02 57.77 53.71
C TYR FA 160 -203.91 58.44 54.73
N LYS FA 161 -203.82 58.00 55.98
CA LYS FA 161 -204.63 58.55 57.07
C LYS FA 161 -204.08 59.90 57.46
N LYS FA 162 -204.88 60.94 57.26
CA LYS FA 162 -204.43 62.30 57.54
C LYS FA 162 -204.45 62.56 59.04
N GLU FA 163 -203.40 63.19 59.55
CA GLU FA 163 -203.35 63.62 60.94
C GLU FA 163 -203.79 65.07 61.01
N LYS FA 164 -204.89 65.32 61.72
CA LYS FA 164 -205.41 66.67 61.84
C LYS FA 164 -204.50 67.51 62.73
N ALA FA 165 -204.54 68.82 62.53
CA ALA FA 165 -203.72 69.74 63.30
C ALA FA 165 -204.12 69.71 64.77
N ARG FA 166 -203.13 69.76 65.65
CA ARG FA 166 -203.37 69.72 67.08
C ARG FA 166 -202.28 70.49 67.79
N VAL FA 167 -202.59 70.94 69.01
CA VAL FA 167 -201.64 71.70 69.79
C VAL FA 167 -200.47 70.81 70.20
N ILE FA 168 -199.27 71.38 70.22
CA ILE FA 168 -198.05 70.67 70.58
C ILE FA 168 -197.93 70.67 72.10
N THR FA 169 -197.93 69.47 72.69
CA THR FA 169 -197.76 69.36 74.12
C THR FA 169 -196.36 69.80 74.52
N GLU FA 170 -196.23 70.28 75.76
CA GLU FA 170 -194.93 70.74 76.23
C GLU FA 170 -193.92 69.60 76.28
N GLU FA 171 -194.34 68.42 76.74
CA GLU FA 171 -193.38 67.34 76.95
C GLU FA 171 -192.75 66.89 75.64
N GLU FA 172 -193.43 67.12 74.51
CA GLU FA 172 -192.84 66.79 73.23
C GLU FA 172 -192.10 67.98 72.62
N LYS FA 173 -192.13 69.15 73.26
CA LYS FA 173 -191.28 70.25 72.83
C LYS FA 173 -189.82 69.95 73.17
N ASN FA 174 -189.57 69.43 74.36
CA ASN FA 174 -188.21 69.08 74.78
C ASN FA 174 -187.95 67.60 74.52
N PHE FA 175 -188.14 67.21 73.26
CA PHE FA 175 -187.79 65.87 72.82
C PHE FA 175 -186.61 65.96 71.87
N LYS FA 176 -185.48 65.42 72.29
CA LYS FA 176 -184.24 65.50 71.53
C LYS FA 176 -184.26 64.40 70.48
N ALA FA 177 -184.93 64.68 69.36
CA ALA FA 177 -185.08 63.68 68.30
C ALA FA 177 -183.72 63.27 67.74
N PHE FA 178 -182.84 64.24 67.50
CA PHE FA 178 -181.51 63.91 67.02
C PHE FA 178 -180.72 63.13 68.07
N ALA FA 179 -180.76 63.59 69.31
CA ALA FA 179 -179.96 62.95 70.36
C ALA FA 179 -180.43 61.52 70.61
N SER FA 180 -181.74 61.29 70.60
CA SER FA 180 -182.24 59.95 70.82
C SER FA 180 -181.85 59.01 69.69
N LEU FA 181 -181.75 59.53 68.46
CA LEU FA 181 -181.26 58.71 67.36
C LEU FA 181 -179.81 58.31 67.57
N ARG FA 182 -178.98 59.25 68.01
CA ARG FA 182 -177.57 58.93 68.22
C ARG FA 182 -177.40 57.93 69.36
N MET FA 183 -178.13 58.10 70.46
CA MET FA 183 -178.06 57.13 71.54
C MET FA 183 -178.54 55.76 71.06
N ALA FA 184 -179.66 55.71 70.35
CA ALA FA 184 -180.19 54.44 69.87
C ALA FA 184 -179.20 53.78 68.92
N ARG FA 185 -178.61 54.56 68.02
CA ARG FA 185 -177.58 54.02 67.14
C ARG FA 185 -176.38 53.55 67.94
N ALA FA 186 -175.96 54.31 68.95
CA ALA FA 186 -174.82 53.93 69.76
C ALA FA 186 -175.12 52.69 70.58
N ASN FA 187 -176.33 52.58 71.11
CA ASN FA 187 -176.70 51.41 71.90
C ASN FA 187 -176.65 50.15 71.06
N ALA FA 188 -177.10 50.23 69.80
CA ALA FA 188 -177.03 49.07 68.92
C ALA FA 188 -175.58 48.66 68.68
N ARG FA 189 -174.69 49.62 68.47
CA ARG FA 189 -173.31 49.31 68.16
C ARG FA 189 -172.62 48.60 69.31
N LEU FA 190 -172.86 49.04 70.55
CA LEU FA 190 -172.11 48.57 71.70
C LEU FA 190 -172.88 47.58 72.55
N PHE FA 191 -174.00 47.05 72.07
CA PHE FA 191 -174.80 46.15 72.90
C PHE FA 191 -174.04 44.89 73.25
N GLY FA 192 -173.51 44.21 72.23
CA GLY FA 192 -172.88 42.92 72.47
C GLY FA 192 -171.64 43.02 73.34
N ILE FA 193 -170.80 44.03 73.09
CA ILE FA 193 -169.58 44.16 73.88
C ILE FA 193 -169.89 44.61 75.30
N ARG FA 194 -170.98 45.37 75.48
CA ARG FA 194 -171.36 45.76 76.84
C ARG FA 194 -171.76 44.55 77.66
N ALA FA 195 -172.48 43.61 77.05
CA ALA FA 195 -172.86 42.39 77.77
C ALA FA 195 -171.63 41.60 78.17
N LYS FA 196 -170.64 41.50 77.29
CA LYS FA 196 -169.42 40.80 77.63
C LYS FA 196 -168.73 41.43 78.85
N ARG FA 197 -168.55 42.75 78.82
CA ARG FA 197 -167.88 43.42 79.94
C ARG FA 197 -168.69 43.29 81.22
N ALA FA 198 -170.01 43.14 81.10
CA ALA FA 198 -170.81 42.82 82.28
C ALA FA 198 -170.48 41.43 82.81
N LYS FA 199 -170.30 40.46 81.91
CA LYS FA 199 -169.99 39.10 82.35
C LYS FA 199 -168.64 39.04 83.04
N GLU FA 200 -167.65 39.77 82.52
CA GLU FA 200 -166.36 39.84 83.22
C GLU FA 200 -166.53 40.44 84.61
N ALA FA 201 -167.40 41.44 84.74
CA ALA FA 201 -167.67 42.01 86.06
C ALA FA 201 -168.25 40.95 87.00
N ALA FA 202 -169.17 40.13 86.49
CA ALA FA 202 -169.66 39.01 87.29
C ALA FA 202 -168.55 38.05 87.65
N GLU FA 203 -167.61 37.84 86.73
CA GLU FA 203 -166.47 36.96 87.04
C GLU FA 203 -165.66 37.52 88.19
N GLN FA 204 -165.43 38.83 88.20
CA GLN FA 204 -164.69 39.44 89.32
C GLN FA 204 -165.54 39.45 90.59
N ASP FA 205 -166.88 39.40 90.43
CA ASP FA 205 -167.74 39.33 91.60
C ASP FA 205 -167.63 37.99 92.31
N VAL FA 206 -167.51 36.90 91.54
CA VAL FA 206 -167.42 35.58 92.15
C VAL FA 206 -166.00 35.26 92.63
N GLU FA 207 -165.08 36.21 92.51
CA GLU FA 207 -163.74 36.09 93.10
C GLU FA 207 -163.33 37.42 93.74
N LYS FA 208 -164.32 38.15 94.25
CA LYS FA 208 -164.06 39.50 94.76
C LYS FA 208 -163.06 39.49 95.91
N LYS FA 209 -163.22 38.55 96.85
CA LYS FA 209 -162.32 38.42 97.99
C LYS FA 209 -161.92 36.96 98.13
N LYS FA 210 -160.62 36.73 98.28
CA LYS FA 210 -160.09 35.37 98.39
C LYS FA 210 -159.19 35.23 99.61
N VAL GA 1 -100.03 123.01 -42.51
CA VAL GA 1 -100.97 122.38 -41.59
C VAL GA 1 -101.06 123.22 -40.32
N PHE GA 2 -102.23 123.19 -39.68
CA PHE GA 2 -102.50 123.98 -38.47
C PHE GA 2 -102.31 125.48 -38.75
N ARG GA 3 -103.22 125.98 -39.58
CA ARG GA 3 -103.23 127.40 -39.90
C ARG GA 3 -103.49 128.25 -38.65
N ARG GA 4 -104.36 127.78 -37.76
CA ARG GA 4 -104.76 128.56 -36.59
C ARG GA 4 -104.49 127.76 -35.32
N PHE GA 5 -104.08 128.46 -34.28
CA PHE GA 5 -103.76 127.87 -32.98
C PHE GA 5 -104.62 128.49 -31.89
N VAL GA 6 -104.43 128.02 -30.67
CA VAL GA 6 -105.12 128.55 -29.50
C VAL GA 6 -104.15 129.47 -28.79
N GLU GA 7 -104.18 130.75 -29.15
CA GLU GA 7 -103.34 131.77 -28.56
C GLU GA 7 -104.13 132.57 -27.54
N VAL GA 8 -103.41 133.40 -26.80
CA VAL GA 8 -104.05 134.38 -25.94
C VAL GA 8 -104.51 135.55 -26.81
N GLY GA 9 -105.82 135.79 -26.83
CA GLY GA 9 -106.38 136.76 -27.73
C GLY GA 9 -106.92 136.18 -29.01
N ARG GA 10 -107.01 134.86 -29.11
CA ARG GA 10 -107.61 134.22 -30.27
C ARG GA 10 -109.12 134.25 -30.18
N VAL GA 11 -109.77 134.66 -31.25
CA VAL GA 11 -111.23 134.73 -31.30
C VAL GA 11 -111.77 133.38 -31.73
N ALA GA 12 -112.73 132.87 -30.96
CA ALA GA 12 -113.35 131.59 -31.26
C ALA GA 12 -114.86 131.78 -31.29
N TYR GA 13 -115.54 130.86 -31.97
CA TYR GA 13 -116.98 130.94 -32.16
C TYR GA 13 -117.63 129.83 -31.34
N VAL GA 14 -118.51 130.22 -30.42
CA VAL GA 14 -119.14 129.26 -29.51
C VAL GA 14 -120.22 128.52 -30.28
N SER GA 15 -119.91 127.30 -30.71
CA SER GA 15 -120.83 126.53 -31.53
C SER GA 15 -122.06 126.10 -30.75
N PHE GA 16 -121.87 125.43 -29.63
CA PHE GA 16 -122.97 124.93 -28.83
C PHE GA 16 -122.76 125.29 -27.37
N GLY GA 17 -123.84 125.30 -26.61
CA GLY GA 17 -123.78 125.64 -25.21
C GLY GA 17 -124.67 126.82 -24.90
N PRO GA 18 -124.55 127.35 -23.68
CA PRO GA 18 -125.40 128.48 -23.29
C PRO GA 18 -125.23 129.70 -24.17
N HIS GA 19 -124.02 129.97 -24.65
CA HIS GA 19 -123.76 131.10 -25.53
C HIS GA 19 -123.54 130.64 -26.97
N ALA GA 20 -124.32 129.67 -27.42
CA ALA GA 20 -124.17 129.15 -28.77
C ALA GA 20 -124.39 130.25 -29.80
N GLY GA 21 -123.49 130.31 -30.77
CA GLY GA 21 -123.58 131.27 -31.85
C GLY GA 21 -122.94 132.61 -31.59
N LYS GA 22 -122.44 132.84 -30.38
CA LYS GA 22 -121.78 134.09 -30.06
C LYS GA 22 -120.32 134.04 -30.52
N LEU GA 23 -119.63 135.16 -30.35
CA LEU GA 23 -118.20 135.25 -30.60
C LEU GA 23 -117.48 135.62 -29.31
N VAL GA 24 -116.27 135.08 -29.15
CA VAL GA 24 -115.56 135.21 -27.88
C VAL GA 24 -114.07 135.11 -28.17
N ALA GA 25 -113.28 135.80 -27.35
CA ALA GA 25 -111.82 135.78 -27.44
C ALA GA 25 -111.27 135.29 -26.11
N ILE GA 26 -110.43 134.28 -26.15
CA ILE GA 26 -109.95 133.68 -24.91
C ILE GA 26 -108.90 134.58 -24.28
N VAL GA 27 -108.85 134.55 -22.95
CA VAL GA 27 -107.94 135.39 -22.18
C VAL GA 27 -106.80 134.56 -21.59
N ASP GA 28 -107.07 133.34 -21.17
CA ASP GA 28 -106.05 132.49 -20.58
C ASP GA 28 -106.50 131.04 -20.73
N VAL GA 29 -105.55 130.13 -20.56
CA VAL GA 29 -105.76 128.70 -20.78
C VAL GA 29 -105.64 127.97 -19.45
N ILE GA 30 -106.44 126.91 -19.30
CA ILE GA 30 -106.47 126.11 -18.07
C ILE GA 30 -106.54 124.64 -18.43
N ASP GA 31 -105.70 123.84 -17.77
CA ASP GA 31 -105.83 122.38 -17.70
C ASP GA 31 -106.23 121.73 -19.03
N GLN GA 32 -105.77 122.27 -20.15
CA GLN GA 32 -105.81 121.63 -21.46
C GLN GA 32 -107.22 121.42 -21.99
N ASN GA 33 -108.23 121.75 -21.20
CA ASN GA 33 -109.61 121.52 -21.57
C ASN GA 33 -110.49 122.74 -21.45
N ARG GA 34 -110.22 123.64 -20.50
CA ARG GA 34 -110.99 124.86 -20.33
C ARG GA 34 -110.10 126.05 -20.64
N ALA GA 35 -110.73 127.10 -21.16
CA ALA GA 35 -110.03 128.35 -21.42
C ALA GA 35 -110.82 129.49 -20.82
N LEU GA 36 -110.11 130.48 -20.31
CA LEU GA 36 -110.75 131.68 -19.79
C LEU GA 36 -111.10 132.58 -20.98
N VAL GA 37 -112.34 132.50 -21.45
CA VAL GA 37 -112.80 133.27 -22.59
C VAL GA 37 -113.62 134.44 -22.08
N ASP GA 38 -113.71 135.48 -22.91
CA ASP GA 38 -114.42 136.69 -22.53
C ASP GA 38 -114.67 137.49 -23.79
N GLY GA 39 -115.94 137.78 -24.08
CA GLY GA 39 -116.27 138.68 -25.15
C GLY GA 39 -117.11 139.85 -24.66
N PRO GA 40 -116.50 141.02 -24.57
CA PRO GA 40 -117.21 142.18 -24.02
C PRO GA 40 -118.24 142.73 -24.99
N CYS GA 41 -117.86 142.81 -26.26
CA CYS GA 41 -118.73 143.41 -27.27
C CYS GA 41 -119.69 142.42 -27.89
N THR GA 42 -119.54 141.13 -27.61
CA THR GA 42 -120.46 140.11 -28.10
C THR GA 42 -121.40 139.62 -27.01
N GLN GA 43 -121.47 140.32 -25.89
CA GLN GA 43 -122.56 140.15 -24.93
C GLN GA 43 -122.42 138.81 -24.21
N VAL GA 44 -121.18 138.42 -23.98
CA VAL GA 44 -120.84 137.19 -23.28
C VAL GA 44 -119.77 137.52 -22.25
N ARG GA 45 -120.12 137.46 -20.98
CA ARG GA 45 -119.20 137.96 -19.95
C ARG GA 45 -118.08 136.96 -19.71
N ARG GA 46 -117.10 137.40 -18.94
CA ARG GA 46 -115.89 136.62 -18.71
C ARG GA 46 -116.19 135.38 -17.88
N GLN GA 47 -115.76 134.22 -18.37
CA GLN GA 47 -116.06 132.94 -17.74
C GLN GA 47 -115.16 131.88 -18.35
N ALA GA 48 -115.11 130.73 -17.71
CA ALA GA 48 -114.40 129.57 -18.21
C ALA GA 48 -115.29 128.81 -19.20
N MET GA 49 -114.74 128.46 -20.35
CA MET GA 49 -115.47 127.69 -21.35
C MET GA 49 -114.58 126.56 -21.85
N PRO GA 50 -115.11 125.35 -21.96
CA PRO GA 50 -114.30 124.23 -22.45
C PRO GA 50 -113.92 124.40 -23.91
N PHE GA 51 -112.81 123.76 -24.28
CA PHE GA 51 -112.32 123.78 -25.65
C PHE GA 51 -113.19 122.99 -26.61
N LYS GA 52 -114.09 122.15 -26.10
CA LYS GA 52 -114.90 121.29 -26.94
C LYS GA 52 -116.05 122.05 -27.61
N CYS GA 53 -116.38 123.25 -27.14
CA CYS GA 53 -117.50 123.99 -27.69
C CYS GA 53 -117.10 125.04 -28.71
N MET GA 54 -115.96 125.68 -28.56
CA MET GA 54 -115.67 126.82 -29.42
C MET GA 54 -115.03 126.36 -30.72
N GLN GA 55 -115.10 127.24 -31.71
CA GLN GA 55 -114.66 126.98 -33.07
C GLN GA 55 -113.63 128.04 -33.42
N LEU GA 56 -112.42 127.59 -33.76
CA LEU GA 56 -111.30 128.51 -33.89
C LEU GA 56 -111.41 129.32 -35.18
N THR GA 57 -111.15 130.62 -35.08
CA THR GA 57 -111.21 131.52 -36.21
C THR GA 57 -109.84 132.12 -36.47
N ASP GA 58 -109.68 132.69 -37.66
CA ASP GA 58 -108.40 133.29 -38.05
C ASP GA 58 -108.14 134.62 -37.38
N PHE GA 59 -109.12 135.17 -36.66
CA PHE GA 59 -108.95 136.49 -36.08
C PHE GA 59 -108.14 136.40 -34.79
N ILE GA 60 -107.21 137.33 -34.62
CA ILE GA 60 -106.31 137.34 -33.48
C ILE GA 60 -106.20 138.77 -32.96
N LEU GA 61 -106.32 138.94 -31.65
CA LEU GA 61 -106.10 140.21 -30.98
C LEU GA 61 -104.79 140.15 -30.22
N LYS GA 62 -104.22 141.32 -29.93
CA LYS GA 62 -103.00 141.42 -29.16
C LYS GA 62 -103.28 142.16 -27.87
N PHE GA 63 -103.16 141.45 -26.75
CA PHE GA 63 -103.26 142.02 -25.41
C PHE GA 63 -102.71 141.01 -24.42
N PRO GA 64 -102.21 141.45 -23.27
CA PRO GA 64 -101.57 140.52 -22.34
C PRO GA 64 -102.56 139.50 -21.80
N HIS GA 65 -102.03 138.34 -21.42
CA HIS GA 65 -102.87 137.31 -20.84
C HIS GA 65 -103.35 137.72 -19.46
N SER GA 66 -104.57 137.28 -19.12
CA SER GA 66 -105.25 137.66 -17.89
C SER GA 66 -105.45 139.16 -17.80
N ALA GA 67 -105.50 139.84 -18.95
CA ALA GA 67 -105.76 141.26 -18.95
C ALA GA 67 -107.17 141.53 -18.47
N HIS GA 68 -107.39 142.73 -17.97
CA HIS GA 68 -108.66 143.08 -17.36
C HIS GA 68 -109.68 143.35 -18.47
N GLN GA 69 -110.95 143.42 -18.10
CA GLN GA 69 -111.99 143.48 -19.13
C GLN GA 69 -111.92 144.76 -19.95
N LYS GA 70 -111.47 145.86 -19.35
CA LYS GA 70 -111.42 147.12 -20.10
C LYS GA 70 -110.44 147.04 -21.26
N TYR GA 71 -109.38 146.24 -21.13
CA TYR GA 71 -108.38 146.16 -22.18
C TYR GA 71 -108.86 145.29 -23.34
N VAL GA 72 -109.68 144.28 -23.07
CA VAL GA 72 -110.14 143.40 -24.13
C VAL GA 72 -111.13 144.14 -25.04
N ARG GA 73 -112.04 144.90 -24.44
CA ARG GA 73 -113.08 145.55 -25.26
C ARG GA 73 -112.48 146.64 -26.14
N GLN GA 74 -111.49 147.38 -25.65
CA GLN GA 74 -110.86 148.37 -26.51
C GLN GA 74 -110.09 147.70 -27.64
N ALA GA 75 -109.37 146.62 -27.35
CA ALA GA 75 -108.74 145.85 -28.40
C ALA GA 75 -109.77 145.21 -29.31
N TRP GA 76 -110.97 144.95 -28.79
CA TRP GA 76 -112.06 144.50 -29.65
C TRP GA 76 -112.65 145.66 -30.44
N GLN GA 77 -112.73 146.84 -29.83
CA GLN GA 77 -113.24 148.01 -30.54
C GLN GA 77 -112.30 148.43 -31.65
N LYS GA 78 -111.01 148.60 -31.33
CA LYS GA 78 -110.04 148.89 -32.37
C LYS GA 78 -109.77 147.63 -33.18
N ALA GA 79 -109.66 147.80 -34.51
CA ALA GA 79 -109.68 146.67 -35.43
C ALA GA 79 -110.86 145.77 -35.10
N ASP GA 80 -112.06 146.35 -35.21
CA ASP GA 80 -113.26 145.74 -34.65
C ASP GA 80 -113.59 144.45 -35.38
N ILE GA 81 -114.04 143.45 -34.62
CA ILE GA 81 -114.29 142.13 -35.16
C ILE GA 81 -115.66 142.00 -35.79
N ASN GA 82 -116.67 142.68 -35.24
CA ASN GA 82 -118.04 142.52 -35.71
C ASN GA 82 -118.23 143.01 -37.13
N THR GA 83 -117.28 143.74 -37.70
CA THR GA 83 -117.40 144.10 -39.11
C THR GA 83 -116.52 143.22 -40.00
N LYS GA 84 -115.32 142.86 -39.53
CA LYS GA 84 -114.52 141.88 -40.26
C LYS GA 84 -115.25 140.54 -40.30
N TRP GA 85 -115.48 139.94 -39.14
CA TRP GA 85 -116.53 138.93 -39.03
C TRP GA 85 -117.86 139.60 -39.34
N ALA GA 86 -118.84 138.79 -39.76
CA ALA GA 86 -120.12 139.38 -40.16
C ALA GA 86 -119.89 140.31 -41.35
N ALA GA 87 -119.80 139.74 -42.56
CA ALA GA 87 -119.02 140.16 -43.73
C ALA GA 87 -117.66 139.47 -43.78
N THR GA 88 -117.48 138.45 -42.96
CA THR GA 88 -116.59 137.37 -43.38
C THR GA 88 -117.42 136.26 -44.01
N ARG GA 89 -116.78 135.48 -44.88
CA ARG GA 89 -117.54 134.49 -45.64
C ARG GA 89 -118.18 133.45 -44.72
N TRP GA 90 -117.51 133.11 -43.62
CA TRP GA 90 -118.08 132.15 -42.67
C TRP GA 90 -119.36 132.69 -42.05
N ALA GA 91 -119.35 133.97 -41.64
CA ALA GA 91 -120.45 134.50 -40.86
C ALA GA 91 -121.72 134.64 -41.70
N LYS GA 92 -121.61 135.21 -42.89
CA LYS GA 92 -122.80 135.34 -43.74
C LYS GA 92 -123.29 133.97 -44.19
N LYS GA 93 -122.43 132.96 -44.09
CA LYS GA 93 -122.84 131.60 -44.43
C LYS GA 93 -123.77 131.03 -43.36
N ILE GA 94 -123.43 131.23 -42.09
CA ILE GA 94 -124.30 130.73 -41.03
C ILE GA 94 -125.55 131.59 -40.89
N GLU GA 95 -125.44 132.89 -41.15
CA GLU GA 95 -126.61 133.75 -41.02
C GLU GA 95 -127.59 133.50 -42.15
N ALA GA 96 -127.09 133.11 -43.32
CA ALA GA 96 -127.98 132.67 -44.38
C ALA GA 96 -128.54 131.29 -44.09
N ARG GA 97 -127.75 130.46 -43.39
CA ARG GA 97 -128.31 129.21 -42.88
C ARG GA 97 -129.46 129.50 -41.92
N GLU GA 98 -129.40 130.63 -41.23
CA GLU GA 98 -130.48 131.03 -40.33
C GLU GA 98 -131.69 131.52 -41.13
N ARG GA 99 -131.45 132.29 -42.20
CA ARG GA 99 -132.56 132.82 -42.98
C ARG GA 99 -133.40 131.70 -43.57
N LYS GA 100 -132.75 130.60 -43.97
CA LYS GA 100 -133.48 129.48 -44.56
C LYS GA 100 -134.46 128.88 -43.56
N ALA GA 101 -134.04 128.77 -42.30
CA ALA GA 101 -134.93 128.24 -41.27
C ALA GA 101 -136.15 129.14 -41.06
N LYS GA 102 -135.93 130.44 -41.00
CA LYS GA 102 -137.00 131.39 -40.74
C LYS GA 102 -138.00 131.52 -41.89
N MET GA 103 -137.64 131.02 -43.07
CA MET GA 103 -138.49 131.15 -44.25
C MET GA 103 -139.88 130.60 -44.00
N THR GA 104 -140.89 131.37 -44.38
CA THR GA 104 -142.29 131.05 -44.14
C THR GA 104 -142.89 130.34 -45.36
N ASP GA 105 -144.15 129.93 -45.23
CA ASP GA 105 -144.81 129.17 -46.29
C ASP GA 105 -144.92 129.99 -47.57
N PHE GA 106 -145.36 131.24 -47.46
CA PHE GA 106 -145.44 132.10 -48.64
C PHE GA 106 -144.07 132.30 -49.26
N ASP GA 107 -143.05 132.50 -48.43
CA ASP GA 107 -141.69 132.64 -48.93
C ASP GA 107 -141.25 131.37 -49.65
N ARG GA 108 -141.57 130.20 -49.08
CA ARG GA 108 -141.17 128.94 -49.70
C ARG GA 108 -141.80 128.79 -51.08
N PHE GA 109 -143.00 129.34 -51.26
CA PHE GA 109 -143.61 129.35 -52.58
C PHE GA 109 -142.82 130.22 -53.54
N LYS GA 110 -142.45 131.42 -53.11
CA LYS GA 110 -141.75 132.35 -53.99
C LYS GA 110 -140.39 131.80 -54.38
N VAL GA 111 -139.68 131.19 -53.42
CA VAL GA 111 -138.39 130.58 -53.74
C VAL GA 111 -138.58 129.44 -54.73
N MET GA 112 -139.62 128.62 -54.53
CA MET GA 112 -139.86 127.51 -55.44
C MET GA 112 -140.15 128.01 -56.85
N LYS GA 113 -140.94 129.07 -56.98
CA LYS GA 113 -141.18 129.64 -58.30
C LYS GA 113 -139.91 130.26 -58.85
N ALA GA 114 -139.16 130.99 -58.03
CA ALA GA 114 -137.93 131.62 -58.49
C ALA GA 114 -136.89 130.57 -58.89
N LYS GA 115 -136.80 129.49 -58.12
CA LYS GA 115 -135.83 128.45 -58.46
C LYS GA 115 -136.24 127.69 -59.72
N LYS GA 116 -137.54 127.71 -60.05
CA LYS GA 116 -137.98 127.08 -61.28
C LYS GA 116 -137.42 127.81 -62.50
N MET GA 117 -137.58 129.13 -62.55
CA MET GA 117 -136.94 129.91 -63.59
C MET GA 117 -135.43 129.81 -63.55
N ARG GA 118 -134.84 129.91 -62.37
CA ARG GA 118 -133.39 129.90 -62.24
C ARG GA 118 -132.78 128.69 -62.95
N ASN GA 119 -133.31 127.50 -62.67
CA ASN GA 119 -132.79 126.31 -63.35
C ASN GA 119 -133.27 126.23 -64.79
N ARG GA 120 -134.44 126.78 -65.09
CA ARG GA 120 -134.93 126.74 -66.47
C ARG GA 120 -133.99 127.50 -67.39
N ILE GA 121 -133.54 128.68 -66.96
CA ILE GA 121 -132.64 129.47 -67.78
C ILE GA 121 -131.28 128.79 -67.89
N ILE GA 122 -130.82 128.16 -66.81
CA ILE GA 122 -129.56 127.44 -66.86
C ILE GA 122 -129.67 126.23 -67.76
N LYS GA 123 -130.71 125.42 -67.56
CA LYS GA 123 -130.82 124.15 -68.27
C LYS GA 123 -131.02 124.35 -69.77
N ASN GA 124 -131.83 125.33 -70.15
CA ASN GA 124 -132.06 125.56 -71.57
C ASN GA 124 -130.90 126.26 -72.24
N GLU GA 125 -129.91 126.72 -71.47
CA GLU GA 125 -128.75 127.39 -72.06
C GLU GA 125 -127.51 126.53 -72.01
N VAL GA 126 -127.38 125.63 -71.03
CA VAL GA 126 -126.28 124.67 -71.10
C VAL GA 126 -126.42 123.80 -72.33
N LYS GA 127 -127.65 123.52 -72.75
CA LYS GA 127 -127.85 122.76 -73.99
C LYS GA 127 -127.28 123.52 -75.17
N LYS GA 128 -127.21 124.85 -75.09
CA LYS GA 128 -126.57 125.61 -76.15
C LYS GA 128 -125.06 125.52 -76.06
N LEU GA 129 -124.53 125.31 -74.85
CA LEU GA 129 -123.09 125.21 -74.69
C LEU GA 129 -122.57 123.85 -75.13
N GLN GA 130 -123.33 122.78 -74.83
CA GLN GA 130 -122.91 121.46 -75.29
C GLN GA 130 -123.00 121.35 -76.80
N LYS GA 131 -124.11 121.80 -77.40
CA LYS GA 131 -124.21 121.76 -78.85
C LYS GA 131 -123.13 122.61 -79.50
N ALA GA 132 -122.71 123.68 -78.83
CA ALA GA 132 -121.58 124.46 -79.33
C ALA GA 132 -120.28 123.70 -79.18
N ALA GA 133 -120.20 122.79 -78.21
CA ALA GA 133 -119.00 122.00 -78.03
C ALA GA 133 -118.94 120.83 -79.00
N LEU GA 134 -120.06 120.48 -79.63
CA LEU GA 134 -120.07 119.34 -80.53
C LEU GA 134 -119.32 119.60 -81.82
N LEU GA 135 -119.01 120.85 -82.13
CA LEU GA 135 -118.29 121.18 -83.37
C LEU GA 135 -116.82 120.88 -83.17
N LYS GA 136 -116.51 119.59 -83.07
CA LYS GA 136 -115.14 119.10 -82.88
C LYS GA 136 -114.96 117.87 -83.76
N ALA GA 137 -114.43 118.07 -84.96
CA ALA GA 137 -114.15 116.99 -85.90
C ALA GA 137 -112.76 117.14 -86.48
N SER GA 138 -111.82 117.64 -85.67
CA SER GA 138 -110.46 117.85 -86.14
C SER GA 138 -109.60 116.61 -85.90
N PRO GA 139 -108.62 116.35 -86.77
CA PRO GA 139 -107.71 115.22 -86.59
C PRO GA 139 -106.91 115.31 -85.29
N GLY HA 1 -192.86 -0.75 53.67
CA GLY HA 1 -192.16 -1.39 54.77
C GLY HA 1 -190.78 -1.86 54.39
N ALA HA 2 -190.69 -2.79 53.44
CA ALA HA 2 -189.41 -3.37 53.08
C ALA HA 2 -188.51 -2.35 52.39
N TYR HA 3 -189.09 -1.46 51.57
CA TYR HA 3 -188.28 -0.55 50.78
C TYR HA 3 -187.48 0.40 51.66
N LYS HA 4 -188.00 0.72 52.85
CA LYS HA 4 -187.25 1.55 53.77
C LYS HA 4 -185.95 0.88 54.21
N TYR HA 5 -186.01 -0.42 54.50
CA TYR HA 5 -184.84 -1.12 54.98
C TYR HA 5 -183.77 -1.21 53.90
N ILE HA 6 -184.16 -1.64 52.70
CA ILE HA 6 -183.16 -1.85 51.66
C ILE HA 6 -182.64 -0.52 51.14
N GLN HA 7 -183.38 0.56 51.38
CA GLN HA 7 -182.84 1.89 51.08
C GLN HA 7 -181.79 2.29 52.11
N GLU HA 8 -182.06 2.07 53.39
CA GLU HA 8 -181.17 2.53 54.43
C GLU HA 8 -179.83 1.80 54.37
N LEU HA 9 -179.83 0.50 54.12
CA LEU HA 9 -178.58 -0.23 54.10
C LEU HA 9 -177.77 0.08 52.84
N TRP HA 10 -178.43 0.52 51.77
CA TRP HA 10 -177.69 1.02 50.62
C TRP HA 10 -176.97 2.32 50.97
N ARG HA 11 -177.31 2.92 52.08
CA ARG HA 11 -176.56 4.07 52.57
C ARG HA 11 -175.43 3.67 53.46
N LYS HA 12 -175.14 2.36 53.50
CA LYS HA 12 -174.08 1.83 54.33
C LYS HA 12 -173.04 1.15 53.44
N LYS HA 13 -172.61 1.84 52.39
CA LYS HA 13 -171.76 1.22 51.37
C LYS HA 13 -170.45 0.72 51.95
N GLN HA 14 -169.95 1.37 53.01
CA GLN HA 14 -168.68 0.94 53.59
C GLN HA 14 -168.86 -0.29 54.46
N SER HA 15 -170.10 -0.62 54.81
CA SER HA 15 -170.35 -1.79 55.65
C SER HA 15 -169.89 -3.06 54.96
N ASP HA 16 -169.34 -3.98 55.76
CA ASP HA 16 -168.73 -5.18 55.19
C ASP HA 16 -169.76 -6.06 54.49
N VAL HA 17 -171.02 -6.04 54.95
CA VAL HA 17 -172.06 -6.81 54.26
C VAL HA 17 -172.30 -6.24 52.87
N MET HA 18 -172.25 -4.92 52.75
CA MET HA 18 -172.41 -4.27 51.46
C MET HA 18 -171.10 -4.12 50.71
N ARG HA 19 -169.97 -4.03 51.41
CA ARG HA 19 -168.69 -3.97 50.73
C ARG HA 19 -168.43 -5.26 49.96
N PHE HA 20 -168.85 -6.40 50.52
CA PHE HA 20 -168.72 -7.66 49.78
C PHE HA 20 -169.59 -7.67 48.55
N LEU HA 21 -170.86 -7.27 48.70
CA LEU HA 21 -171.79 -7.31 47.58
C LEU HA 21 -171.29 -6.44 46.44
N LEU HA 22 -170.76 -5.27 46.76
CA LEU HA 22 -170.23 -4.39 45.72
C LEU HA 22 -169.02 -5.02 45.03
N ARG HA 23 -168.16 -5.70 45.79
CA ARG HA 23 -166.99 -6.32 45.20
C ARG HA 23 -167.39 -7.38 44.18
N VAL HA 24 -168.25 -8.32 44.58
CA VAL HA 24 -168.59 -9.43 43.70
C VAL HA 24 -169.43 -8.93 42.52
N ARG HA 25 -170.36 -8.00 42.78
CA ARG HA 25 -171.20 -7.49 41.72
C ARG HA 25 -170.38 -6.72 40.69
N CYS HA 26 -169.41 -5.93 41.16
CA CYS HA 26 -168.54 -5.21 40.24
C CYS HA 26 -167.74 -6.16 39.37
N TRP HA 27 -167.22 -7.24 39.95
CA TRP HA 27 -166.43 -8.20 39.18
C TRP HA 27 -167.26 -8.79 38.06
N GLN HA 28 -168.51 -9.14 38.36
CA GLN HA 28 -169.36 -9.78 37.36
C GLN HA 28 -169.73 -8.83 36.24
N TYR HA 29 -170.02 -7.56 36.56
CA TYR HA 29 -170.24 -6.58 35.50
C TYR HA 29 -169.00 -6.40 34.65
N ARG HA 30 -167.83 -6.36 35.30
CA ARG HA 30 -166.58 -6.12 34.59
C ARG HA 30 -166.30 -7.23 33.58
N GLN HA 31 -166.67 -8.46 33.90
CA GLN HA 31 -166.50 -9.55 32.95
C GLN HA 31 -167.59 -9.55 31.88
N LEU HA 32 -168.63 -8.75 32.06
CA LEU HA 32 -169.69 -8.68 31.08
C LEU HA 32 -169.30 -7.72 29.96
N SER HA 33 -170.29 -7.40 29.13
CA SER HA 33 -170.07 -6.45 28.05
C SER HA 33 -170.31 -5.02 28.54
N ALA HA 34 -169.71 -4.06 27.83
CA ALA HA 34 -169.89 -2.66 28.20
C ALA HA 34 -171.36 -2.24 28.07
N LEU HA 35 -171.99 -2.61 26.97
CA LEU HA 35 -173.41 -2.36 26.75
C LEU HA 35 -174.18 -3.64 27.00
N HIS HA 36 -175.10 -3.60 27.96
CA HIS HA 36 -175.78 -4.81 28.38
C HIS HA 36 -177.18 -4.43 28.84
N ARG HA 37 -178.07 -5.40 28.83
CA ARG HA 37 -179.43 -5.23 29.31
C ARG HA 37 -179.61 -6.04 30.57
N ALA HA 38 -180.10 -5.40 31.62
CA ALA HA 38 -180.43 -6.09 32.87
C ALA HA 38 -181.89 -6.52 32.83
N PRO HA 39 -182.19 -7.81 32.98
CA PRO HA 39 -183.60 -8.23 32.97
C PRO HA 39 -184.38 -7.68 34.14
N ARG HA 40 -183.70 -7.26 35.20
CA ARG HA 40 -184.30 -6.70 36.39
C ARG HA 40 -183.36 -5.66 36.97
N PRO HA 41 -183.88 -4.54 37.47
CA PRO HA 41 -183.01 -3.56 38.11
C PRO HA 41 -182.31 -4.15 39.33
N THR HA 42 -181.00 -3.90 39.42
CA THR HA 42 -180.24 -4.39 40.57
C THR HA 42 -180.69 -3.73 41.86
N ARG HA 43 -181.08 -2.46 41.81
CA ARG HA 43 -181.58 -1.72 42.96
C ARG HA 43 -183.05 -1.41 42.69
N PRO HA 44 -183.94 -2.36 42.95
CA PRO HA 44 -185.36 -2.13 42.61
C PRO HA 44 -185.97 -0.97 43.34
N ASP HA 45 -185.48 -0.66 44.55
CA ASP HA 45 -186.01 0.47 45.28
C ASP HA 45 -185.59 1.80 44.66
N LYS HA 46 -184.31 1.92 44.29
CA LYS HA 46 -183.82 3.19 43.78
C LYS HA 46 -184.36 3.46 42.37
N ALA HA 47 -184.38 2.43 41.52
CA ALA HA 47 -184.94 2.58 40.19
C ALA HA 47 -186.39 3.03 40.27
N ARG HA 48 -187.17 2.38 41.14
CA ARG HA 48 -188.55 2.76 41.36
C ARG HA 48 -188.67 4.16 41.93
N ARG HA 49 -187.73 4.56 42.80
CA ARG HA 49 -187.75 5.91 43.35
C ARG HA 49 -187.54 6.95 42.26
N LEU HA 50 -186.96 6.55 41.13
CA LEU HA 50 -186.66 7.50 40.07
C LEU HA 50 -187.72 7.50 38.97
N GLY HA 51 -188.65 6.55 38.98
CA GLY HA 51 -189.70 6.53 37.99
C GLY HA 51 -189.99 5.17 37.40
N TYR HA 52 -189.23 4.16 37.81
CA TYR HA 52 -189.47 2.80 37.36
C TYR HA 52 -190.76 2.25 37.94
N LYS HA 53 -191.50 1.51 37.12
CA LYS HA 53 -192.64 0.72 37.57
C LYS HA 53 -192.53 -0.65 36.91
N ALA HA 54 -192.79 -1.70 37.67
CA ALA HA 54 -192.63 -3.07 37.17
C ALA HA 54 -193.79 -3.40 36.24
N LYS HA 55 -193.73 -2.84 35.03
CA LYS HA 55 -194.69 -3.16 33.99
C LYS HA 55 -193.94 -3.29 32.68
N GLN HA 56 -194.65 -3.76 31.67
CA GLN HA 56 -194.05 -3.90 30.35
C GLN HA 56 -193.88 -2.53 29.71
N GLY HA 57 -192.77 -2.37 28.98
CA GLY HA 57 -192.37 -1.10 28.45
C GLY HA 57 -191.26 -0.44 29.21
N TYR HA 58 -190.92 -0.95 30.38
CA TYR HA 58 -189.79 -0.45 31.16
C TYR HA 58 -188.64 -1.44 31.02
N VAL HA 59 -187.52 -0.96 30.48
CA VAL HA 59 -186.34 -1.79 30.29
C VAL HA 59 -185.18 -1.17 31.03
N ILE HA 60 -184.27 -2.01 31.52
CA ILE HA 60 -183.12 -1.58 32.29
C ILE HA 60 -181.86 -1.96 31.53
N TYR HA 61 -181.00 -0.98 31.28
CA TYR HA 61 -179.75 -1.18 30.56
C TYR HA 61 -178.59 -0.79 31.46
N ARG HA 62 -177.64 -1.71 31.59
CA ARG HA 62 -176.43 -1.48 32.37
C ARG HA 62 -175.34 -0.94 31.46
N ILE HA 63 -174.69 0.14 31.90
CA ILE HA 63 -173.69 0.81 31.08
C ILE HA 63 -172.39 0.90 31.87
N ARG HA 64 -171.31 0.46 31.24
CA ARG HA 64 -169.97 0.60 31.80
C ARG HA 64 -169.27 1.77 31.11
N VAL HA 65 -168.83 2.74 31.90
CA VAL HA 65 -168.20 3.95 31.39
C VAL HA 65 -166.78 4.00 31.92
N ARG HA 66 -165.81 4.13 31.02
CA ARG HA 66 -164.41 4.20 31.42
C ARG HA 66 -164.19 5.49 32.20
N ARG HA 67 -164.04 5.34 33.51
CA ARG HA 67 -163.98 6.49 34.40
C ARG HA 67 -162.63 7.19 34.31
N GLY HA 68 -162.63 8.47 34.68
CA GLY HA 68 -161.44 9.27 34.64
C GLY HA 68 -161.66 10.62 34.00
N GLY HA 69 -160.60 11.42 33.88
CA GLY HA 69 -160.71 12.74 33.31
C GLY HA 69 -160.81 12.70 31.80
N ARG HA 70 -160.74 13.87 31.20
CA ARG HA 70 -160.76 14.02 29.75
C ARG HA 70 -159.40 14.51 29.28
N LYS HA 71 -158.83 13.81 28.32
CA LYS HA 71 -157.58 14.21 27.68
C LYS HA 71 -157.89 14.94 26.39
N ARG HA 72 -157.28 16.10 26.20
CA ARG HA 72 -157.58 16.91 25.03
C ARG HA 72 -157.12 16.16 23.77
N PRO HA 73 -158.01 15.88 22.85
CA PRO HA 73 -157.67 15.01 21.70
C PRO HA 73 -156.88 15.75 20.62
N VAL HA 74 -155.65 16.08 20.92
CA VAL HA 74 -154.76 16.81 20.02
C VAL HA 74 -153.58 15.90 19.68
N PRO HA 75 -153.10 15.91 18.44
CA PRO HA 75 -151.98 15.04 18.08
C PRO HA 75 -150.71 15.42 18.82
N LYS HA 76 -150.04 14.41 19.37
CA LYS HA 76 -148.79 14.56 20.11
C LYS HA 76 -148.90 15.54 21.27
N GLY HA 77 -150.11 15.83 21.73
CA GLY HA 77 -150.27 16.81 22.80
C GLY HA 77 -149.73 18.17 22.43
N ALA HA 78 -150.03 18.65 21.23
CA ALA HA 78 -149.51 19.92 20.74
C ALA HA 78 -150.69 20.83 20.40
N THR HA 79 -151.19 21.51 21.42
CA THR HA 79 -152.07 22.65 21.20
C THR HA 79 -151.22 23.82 20.71
N TYR HA 80 -151.86 24.76 20.02
CA TYR HA 80 -151.15 25.86 19.39
C TYR HA 80 -151.67 27.19 19.91
N GLY HA 81 -150.75 28.06 20.34
CA GLY HA 81 -151.08 29.42 20.68
C GLY HA 81 -151.57 29.64 22.10
N LYS HA 82 -151.19 30.80 22.67
CA LYS HA 82 -151.73 31.26 23.95
C LYS HA 82 -151.57 30.21 25.04
N PRO HA 83 -150.39 30.10 25.65
CA PRO HA 83 -150.11 29.01 26.58
C PRO HA 83 -151.18 28.71 27.63
N VAL HA 84 -152.14 29.62 27.81
CA VAL HA 84 -153.29 29.31 28.67
C VAL HA 84 -154.01 28.07 28.17
N HIS HA 85 -153.97 27.83 26.86
CA HIS HA 85 -154.66 26.69 26.27
C HIS HA 85 -153.72 25.53 26.00
N HIS HA 86 -152.52 25.55 26.55
CA HIS HA 86 -151.58 24.44 26.37
C HIS HA 86 -152.01 23.17 27.07
N GLY HA 87 -152.90 23.26 28.05
CA GLY HA 87 -153.25 22.12 28.87
C GLY HA 87 -153.78 20.93 28.09
N VAL HA 88 -153.28 19.74 28.43
CA VAL HA 88 -153.69 18.52 27.75
C VAL HA 88 -154.20 17.50 28.76
N ASN HA 89 -153.50 17.35 29.88
CA ASN HA 89 -153.74 16.22 30.76
C ASN HA 89 -154.83 16.48 31.78
N GLN HA 90 -154.66 17.53 32.60
CA GLN HA 90 -155.49 17.72 33.78
C GLN HA 90 -156.86 18.31 33.46
N LEU HA 91 -157.27 18.30 32.20
CA LEU HA 91 -158.56 18.84 31.82
C LEU HA 91 -159.69 17.94 32.30
N LYS HA 92 -160.84 18.54 32.55
CA LYS HA 92 -162.02 17.83 33.04
C LYS HA 92 -163.23 18.13 32.17
N PHE HA 93 -164.04 17.10 31.94
CA PHE HA 93 -165.20 17.23 31.08
C PHE HA 93 -166.34 17.95 31.82
N ALA HA 94 -167.17 18.65 31.04
CA ALA HA 94 -168.22 19.46 31.64
C ALA HA 94 -169.36 18.60 32.17
N ARG HA 95 -169.69 17.52 31.49
CA ARG HA 95 -170.76 16.64 31.93
C ARG HA 95 -170.20 15.47 32.71
N SER HA 96 -170.99 15.00 33.66
CA SER HA 96 -170.58 13.92 34.55
C SER HA 96 -170.64 12.58 33.81
N LEU HA 97 -169.93 11.60 34.37
CA LEU HA 97 -169.90 10.27 33.76
C LEU HA 97 -171.26 9.62 33.77
N GLN HA 98 -172.08 9.90 34.78
CA GLN HA 98 -173.42 9.33 34.82
C GLN HA 98 -174.24 9.81 33.64
N SER HA 99 -174.11 11.09 33.29
CA SER HA 99 -174.79 11.61 32.11
C SER HA 99 -174.27 10.94 30.84
N VAL HA 100 -172.96 10.69 30.78
CA VAL HA 100 -172.40 10.02 29.61
C VAL HA 100 -172.93 8.61 29.49
N ALA HA 101 -173.10 7.93 30.63
CA ALA HA 101 -173.65 6.58 30.62
C ALA HA 101 -175.06 6.57 30.08
N GLU HA 102 -175.88 7.55 30.48
CA GLU HA 102 -177.24 7.66 29.96
C GLU HA 102 -177.21 7.87 28.45
N GLU HA 103 -176.32 8.74 27.98
CA GLU HA 103 -176.27 9.07 26.56
C GLU HA 103 -175.90 7.86 25.71
N ARG HA 104 -174.91 7.08 26.16
CA ARG HA 104 -174.48 5.94 25.37
C ARG HA 104 -175.56 4.86 25.32
N ALA HA 105 -176.36 4.75 26.38
CA ALA HA 105 -177.48 3.81 26.37
C ALA HA 105 -178.61 4.31 25.49
N GLY HA 106 -178.93 5.59 25.60
CA GLY HA 106 -180.00 6.14 24.78
C GLY HA 106 -179.65 6.16 23.30
N ARG HA 107 -178.39 6.48 22.97
CA ARG HA 107 -177.99 6.52 21.56
C ARG HA 107 -178.13 5.16 20.92
N HIS HA 108 -177.82 4.09 21.65
CA HIS HA 108 -177.97 2.75 21.08
C HIS HA 108 -179.44 2.40 20.91
N CYS HA 109 -180.18 2.40 22.01
CA CYS HA 109 -181.61 2.12 21.97
C CYS HA 109 -182.38 3.36 21.49
N GLY HA 110 -182.27 3.61 20.18
CA GLY HA 110 -182.83 4.81 19.62
C GLY HA 110 -184.34 4.92 19.76
N ALA HA 111 -185.04 3.79 19.75
CA ALA HA 111 -186.49 3.82 19.80
C ALA HA 111 -187.05 4.08 21.19
N LEU HA 112 -186.24 3.95 22.22
CA LEU HA 112 -186.67 4.10 23.60
C LEU HA 112 -186.41 5.52 24.09
N ARG HA 113 -186.82 5.78 25.33
CA ARG HA 113 -186.60 7.06 25.97
C ARG HA 113 -185.92 6.83 27.31
N VAL HA 114 -185.14 7.81 27.73
CA VAL HA 114 -184.32 7.71 28.94
C VAL HA 114 -185.00 8.46 30.07
N LEU HA 115 -185.23 7.77 31.19
CA LEU HA 115 -185.83 8.42 32.36
C LEU HA 115 -184.77 8.89 33.35
N ASN HA 116 -184.00 7.98 33.92
CA ASN HA 116 -183.04 8.27 34.97
C ASN HA 116 -181.99 7.17 34.96
N SER HA 117 -181.12 7.19 35.97
CA SER HA 117 -180.07 6.20 36.11
C SER HA 117 -179.53 6.27 37.54
N TYR HA 118 -178.74 5.26 37.90
CA TYR HA 118 -178.18 5.22 39.24
C TYR HA 118 -176.90 4.42 39.22
N TRP HA 119 -176.09 4.60 40.27
CA TRP HA 119 -174.78 4.00 40.39
C TRP HA 119 -174.89 2.62 41.01
N VAL HA 120 -174.24 1.64 40.39
CA VAL HA 120 -174.34 0.25 40.86
C VAL HA 120 -172.96 -0.31 41.19
N GLY HA 121 -172.03 0.55 41.61
CA GLY HA 121 -170.71 0.10 41.96
C GLY HA 121 -169.69 0.36 40.88
N GLU HA 122 -168.64 1.11 41.18
CA GLU HA 122 -167.91 1.61 40.02
C GLU HA 122 -166.67 0.81 39.61
N ASP HA 123 -165.51 1.16 40.17
CA ASP HA 123 -164.22 0.49 39.95
C ASP HA 123 -163.13 1.45 40.39
N SER HA 124 -161.86 1.05 40.25
CA SER HA 124 -160.82 2.05 40.05
C SER HA 124 -160.80 2.61 38.64
N THR HA 125 -161.16 1.80 37.65
CA THR HA 125 -161.02 2.19 36.25
C THR HA 125 -162.32 2.11 35.46
N TYR HA 126 -163.47 2.07 36.13
CA TYR HA 126 -164.76 1.95 35.47
C TYR HA 126 -165.83 2.54 36.39
N LYS HA 127 -166.97 2.86 35.80
CA LYS HA 127 -168.13 3.28 36.57
C LYS HA 127 -169.37 2.67 35.95
N PHE HA 128 -170.06 1.84 36.72
CA PHE HA 128 -171.19 1.08 36.23
C PHE HA 128 -172.47 1.79 36.64
N PHE HA 129 -173.29 2.13 35.64
CA PHE HA 129 -174.58 2.75 35.89
C PHE HA 129 -175.66 1.89 35.25
N GLU HA 130 -176.85 1.97 35.80
CA GLU HA 130 -177.99 1.20 35.31
C GLU HA 130 -179.07 2.19 34.90
N VAL HA 131 -179.45 2.16 33.63
CA VAL HA 131 -180.27 3.22 33.04
C VAL HA 131 -181.66 2.67 32.77
N ILE HA 132 -182.66 3.34 33.31
CA ILE HA 132 -184.06 2.98 33.09
C ILE HA 132 -184.52 3.59 31.78
N LEU HA 133 -185.09 2.75 30.91
CA LEU HA 133 -185.49 3.16 29.58
C LEU HA 133 -186.96 2.86 29.39
N ILE HA 134 -187.64 3.68 28.60
CA ILE HA 134 -189.07 3.53 28.34
C ILE HA 134 -189.29 3.30 26.86
N ASP HA 135 -190.10 2.31 26.53
CA ASP HA 135 -190.58 2.17 25.16
C ASP HA 135 -191.85 3.01 25.01
N PRO HA 136 -191.82 4.09 24.24
CA PRO HA 136 -192.97 4.99 24.16
C PRO HA 136 -194.07 4.53 23.23
N PHE HA 137 -194.04 3.29 22.75
CA PHE HA 137 -195.07 2.78 21.88
C PHE HA 137 -195.75 1.53 22.39
N HIS HA 138 -195.32 0.99 23.54
CA HIS HA 138 -196.08 -0.05 24.19
C HIS HA 138 -197.39 0.50 24.70
N LYS HA 139 -198.48 -0.23 24.47
CA LYS HA 139 -199.80 0.26 24.86
C LYS HA 139 -199.91 0.44 26.36
N ALA HA 140 -199.22 -0.40 27.15
CA ALA HA 140 -199.34 -0.34 28.59
C ALA HA 140 -198.91 1.02 29.14
N ILE HA 141 -198.04 1.72 28.41
CA ILE HA 141 -197.60 3.04 28.85
C ILE HA 141 -198.19 4.14 27.98
N ARG HA 142 -198.40 3.85 26.69
CA ARG HA 142 -199.09 4.80 25.83
C ARG HA 142 -200.49 5.11 26.35
N ARG HA 143 -201.18 4.11 26.90
CA ARG HA 143 -202.55 4.25 27.35
C ARG HA 143 -202.68 4.70 28.80
N ASN HA 144 -201.57 4.82 29.53
CA ASN HA 144 -201.61 5.19 30.93
C ASN HA 144 -201.22 6.66 31.10
N PRO HA 145 -202.14 7.52 31.53
CA PRO HA 145 -201.78 8.91 31.80
C PRO HA 145 -200.70 8.99 32.86
N ASP HA 146 -200.11 10.17 32.97
CA ASP HA 146 -198.90 10.42 33.76
C ASP HA 146 -197.70 9.66 33.23
N THR HA 147 -197.84 8.97 32.10
CA THR HA 147 -196.71 8.37 31.41
C THR HA 147 -196.73 8.66 29.92
N GLN HA 148 -197.76 9.33 29.41
CA GLN HA 148 -197.77 9.71 28.00
C GLN HA 148 -196.87 10.90 27.70
N TRP HA 149 -196.49 11.68 28.72
CA TRP HA 149 -195.61 12.80 28.50
C TRP HA 149 -194.30 12.37 27.88
N ILE HA 150 -193.83 11.15 28.20
CA ILE HA 150 -192.63 10.64 27.56
C ILE HA 150 -192.86 10.29 26.11
N THR HA 151 -194.11 10.07 25.70
CA THR HA 151 -194.41 9.71 24.32
C THR HA 151 -194.59 10.92 23.41
N LYS HA 152 -194.67 12.12 23.97
CA LYS HA 152 -194.72 13.31 23.14
C LYS HA 152 -193.39 13.46 22.39
N PRO HA 153 -193.41 13.96 21.16
CA PRO HA 153 -192.14 14.10 20.42
C PRO HA 153 -191.15 15.05 21.07
N VAL HA 154 -191.62 15.93 21.96
CA VAL HA 154 -190.70 16.86 22.61
C VAL HA 154 -189.69 16.13 23.47
N HIS HA 155 -190.10 15.05 24.12
CA HIS HA 155 -189.28 14.34 25.09
C HIS HA 155 -188.46 13.22 24.47
N LYS HA 156 -188.13 13.32 23.18
CA LYS HA 156 -187.31 12.30 22.54
C LYS HA 156 -185.85 12.68 22.65
N HIS HA 157 -185.03 11.70 23.02
CA HIS HA 157 -183.60 11.89 23.21
C HIS HA 157 -183.32 12.95 24.29
N ARG HA 158 -183.87 12.73 25.47
CA ARG HA 158 -183.63 13.66 26.58
C ARG HA 158 -182.22 13.55 27.13
N GLU HA 159 -181.53 12.44 26.89
CA GLU HA 159 -180.23 12.23 27.50
C GLU HA 159 -179.17 13.15 26.90
N MET HA 160 -179.20 13.36 25.59
CA MET HA 160 -178.20 14.21 24.96
C MET HA 160 -178.61 15.67 24.89
N ARG HA 161 -179.84 16.01 25.25
CA ARG HA 161 -180.18 17.41 25.44
C ARG HA 161 -180.02 17.87 26.87
N GLY HA 162 -179.74 16.96 27.79
CA GLY HA 162 -179.53 17.32 29.18
C GLY HA 162 -180.80 17.50 30.00
N LEU HA 163 -181.91 16.90 29.59
CA LEU HA 163 -183.15 17.11 30.33
C LEU HA 163 -183.39 16.08 31.42
N THR HA 164 -182.58 15.03 31.49
CA THR HA 164 -182.69 14.10 32.61
C THR HA 164 -181.90 14.64 33.80
N SER HA 165 -182.16 14.05 34.97
CA SER HA 165 -181.57 14.56 36.21
C SER HA 165 -180.05 14.53 36.14
N ALA HA 166 -179.48 13.45 35.61
CA ALA HA 166 -178.03 13.39 35.46
C ALA HA 166 -177.55 14.46 34.48
N GLY HA 167 -178.28 14.67 33.39
CA GLY HA 167 -177.90 15.70 32.43
C GLY HA 167 -178.19 17.09 32.92
N ARG HA 168 -179.26 17.26 33.69
CA ARG HA 168 -179.63 18.59 34.17
C ARG HA 168 -178.58 19.14 35.12
N LYS HA 169 -177.99 18.28 35.96
CA LYS HA 169 -177.08 18.76 36.99
C LYS HA 169 -175.86 19.43 36.40
N SER HA 170 -175.54 19.15 35.13
CA SER HA 170 -174.35 19.73 34.52
C SER HA 170 -174.65 21.06 33.86
N ARG HA 171 -175.92 21.47 33.82
CA ARG HA 171 -176.27 22.70 33.12
C ARG HA 171 -176.10 23.94 33.99
N GLY HA 172 -176.02 23.77 35.30
CA GLY HA 172 -175.92 24.92 36.18
C GLY HA 172 -177.22 25.60 36.50
N LEU HA 173 -178.35 24.96 36.19
CA LEU HA 173 -179.65 25.56 36.48
C LEU HA 173 -179.91 25.55 37.98
N GLY HA 174 -180.92 26.31 38.38
CA GLY HA 174 -181.32 26.38 39.76
C GLY HA 174 -181.82 27.75 40.12
N LYS HA 175 -182.50 27.82 41.26
CA LYS HA 175 -183.03 29.06 41.80
C LYS HA 175 -182.07 29.59 42.84
N GLY HA 176 -181.73 30.87 42.72
CA GLY HA 176 -180.92 31.47 43.77
C GLY HA 176 -179.82 32.39 43.29
N HIS HA 177 -179.07 32.92 44.24
CA HIS HA 177 -177.95 33.79 43.93
C HIS HA 177 -176.75 33.03 43.40
N LYS HA 178 -176.75 31.70 43.46
CA LYS HA 178 -175.64 30.91 42.99
C LYS HA 178 -175.78 30.49 41.53
N PHE HA 179 -176.94 30.73 40.91
CA PHE HA 179 -177.17 30.30 39.54
C PHE HA 179 -177.61 31.48 38.68
N HIS HA 180 -176.87 32.59 38.73
CA HIS HA 180 -177.21 33.74 37.91
C HIS HA 180 -176.84 33.54 36.45
N HIS HA 181 -175.94 32.59 36.16
CA HIS HA 181 -175.53 32.35 34.78
C HIS HA 181 -176.66 31.79 33.93
N THR HA 182 -177.57 31.02 34.52
CA THR HA 182 -178.66 30.39 33.78
C THR HA 182 -180.00 31.01 34.13
N ILE HA 183 -180.07 32.34 34.28
CA ILE HA 183 -181.31 32.98 34.67
C ILE HA 183 -182.19 33.29 33.48
N GLY HA 184 -181.81 32.81 32.30
CA GLY HA 184 -182.66 32.88 31.13
C GLY HA 184 -183.19 31.54 30.65
N GLY HA 185 -182.93 30.47 31.39
CA GLY HA 185 -183.29 29.12 31.00
C GLY HA 185 -182.11 28.25 30.67
N SER HA 186 -180.97 28.85 30.32
CA SER HA 186 -179.77 28.09 30.00
C SER HA 186 -178.59 29.02 30.05
N ARG HA 187 -177.39 28.43 30.11
CA ARG HA 187 -176.18 29.23 30.18
C ARG HA 187 -176.04 30.12 28.95
N ARG HA 188 -176.36 29.58 27.78
CA ARG HA 188 -176.27 30.36 26.56
C ARG HA 188 -177.44 31.33 26.42
N ALA HA 189 -178.64 30.92 26.83
CA ALA HA 189 -179.81 31.78 26.67
C ALA HA 189 -179.67 33.06 27.47
N ALA HA 190 -179.24 32.95 28.72
CA ALA HA 190 -179.00 34.14 29.53
C ALA HA 190 -177.88 34.98 28.93
N TRP HA 191 -176.82 34.35 28.46
CA TRP HA 191 -175.73 35.08 27.83
C TRP HA 191 -176.21 35.84 26.60
N ARG HA 192 -177.05 35.20 25.80
CA ARG HA 192 -177.57 35.86 24.61
C ARG HA 192 -178.41 37.07 24.98
N ARG HA 193 -179.23 36.96 26.03
CA ARG HA 193 -180.08 38.06 26.44
C ARG HA 193 -179.27 39.25 26.92
N ARG HA 194 -178.25 39.00 27.75
CA ARG HA 194 -177.48 40.09 28.34
C ARG HA 194 -176.41 40.62 27.41
N ASN HA 195 -176.17 39.97 26.27
CA ASN HA 195 -175.22 40.46 25.30
C ASN HA 195 -175.88 40.96 24.02
N THR HA 196 -177.21 41.07 24.00
CA THR HA 196 -177.91 41.60 22.84
C THR HA 196 -178.21 43.07 23.06
N LEU HA 197 -177.85 43.90 22.08
CA LEU HA 197 -178.06 45.34 22.19
C LEU HA 197 -179.47 45.69 21.74
N GLN HA 198 -180.33 46.02 22.70
CA GLN HA 198 -181.72 46.35 22.41
C GLN HA 198 -181.75 47.77 21.84
N LEU HA 199 -182.10 47.88 20.57
CA LEU HA 199 -182.11 49.15 19.86
C LEU HA 199 -183.57 49.50 19.57
N HIS HA 200 -184.17 50.28 20.44
CA HIS HA 200 -185.59 50.60 20.30
C HIS HA 200 -185.84 51.44 19.07
N ARG HA 201 -187.12 51.54 18.69
CA ARG HA 201 -187.49 52.43 17.60
C ARG HA 201 -187.27 53.88 17.97
N TYR HA 202 -187.69 54.27 19.17
CA TYR HA 202 -187.47 55.61 19.69
C TYR HA 202 -186.37 55.56 20.72
N ARG HA 203 -185.34 56.38 20.52
CA ARG HA 203 -184.22 56.43 21.45
C ARG HA 203 -184.02 57.84 21.96
N GLU IA 1 -137.51 106.00 -45.10
CA GLU IA 1 -137.16 106.08 -46.52
C GLU IA 1 -137.68 104.86 -47.27
N VAL IA 2 -138.58 105.10 -48.23
CA VAL IA 2 -139.14 104.02 -49.03
C VAL IA 2 -138.04 103.32 -49.81
N GLN IA 3 -137.15 104.09 -50.42
CA GLN IA 3 -136.07 103.48 -51.20
C GLN IA 3 -135.14 102.69 -50.29
N VAL IA 4 -134.51 101.68 -50.87
CA VAL IA 4 -133.54 100.89 -50.12
C VAL IA 4 -132.35 101.76 -49.81
N LEU IA 5 -131.76 101.55 -48.63
CA LEU IA 5 -130.65 102.37 -48.18
C LEU IA 5 -129.35 101.59 -48.35
N VAL IA 6 -128.46 102.11 -49.20
CA VAL IA 6 -127.20 101.46 -49.50
C VAL IA 6 -126.13 102.10 -48.62
N LEU IA 7 -125.29 101.26 -48.02
CA LEU IA 7 -124.23 101.71 -47.12
C LEU IA 7 -122.89 101.21 -47.64
N ASP IA 8 -121.87 102.03 -47.47
CA ASP IA 8 -120.51 101.65 -47.82
C ASP IA 8 -119.82 101.17 -46.55
N GLY IA 9 -119.50 99.88 -46.49
CA GLY IA 9 -118.89 99.33 -45.31
C GLY IA 9 -117.45 99.66 -45.11
N ARG IA 10 -116.82 100.33 -46.08
CA ARG IA 10 -115.43 100.70 -45.96
C ARG IA 10 -115.25 101.75 -44.85
N GLY IA 11 -114.28 101.51 -43.99
CA GLY IA 11 -114.02 102.42 -42.89
C GLY IA 11 -114.97 102.30 -41.72
N HIS IA 12 -115.80 101.28 -41.70
CA HIS IA 12 -116.83 101.12 -40.68
C HIS IA 12 -116.41 100.08 -39.65
N LEU IA 13 -116.95 100.20 -38.45
CA LEU IA 13 -116.68 99.29 -37.35
C LEU IA 13 -117.77 98.24 -37.28
N LEU IA 14 -117.35 96.98 -37.23
CA LEU IA 14 -118.26 95.85 -37.42
C LEU IA 14 -119.47 95.94 -36.50
N GLY IA 15 -119.25 95.92 -35.18
CA GLY IA 15 -120.36 95.94 -34.25
C GLY IA 15 -121.10 97.27 -34.27
N ARG IA 16 -120.37 98.37 -34.40
CA ARG IA 16 -120.99 99.68 -34.41
C ARG IA 16 -121.88 99.83 -35.63
N LEU IA 17 -121.46 99.29 -36.78
CA LEU IA 17 -122.27 99.35 -37.98
C LEU IA 17 -123.49 98.45 -37.88
N ALA IA 18 -123.31 97.23 -37.35
CA ALA IA 18 -124.40 96.27 -37.31
C ALA IA 18 -125.50 96.70 -36.35
N ALA IA 19 -125.12 97.25 -35.20
CA ALA IA 19 -126.12 97.65 -34.21
C ALA IA 19 -127.05 98.72 -34.79
N ILE IA 20 -126.48 99.68 -35.52
CA ILE IA 20 -127.32 100.65 -36.21
C ILE IA 20 -128.17 99.98 -37.28
N VAL IA 21 -127.57 99.09 -38.06
CA VAL IA 21 -128.29 98.45 -39.16
C VAL IA 21 -129.43 97.58 -38.62
N ALA IA 22 -129.17 96.83 -37.55
CA ALA IA 22 -130.18 95.92 -37.03
C ALA IA 22 -131.44 96.66 -36.59
N LYS IA 23 -131.28 97.79 -35.91
CA LYS IA 23 -132.45 98.59 -35.56
C LYS IA 23 -133.10 99.17 -36.82
N GLN IA 24 -132.28 99.67 -37.75
CA GLN IA 24 -132.80 100.24 -38.98
C GLN IA 24 -133.60 99.23 -39.80
N VAL IA 25 -133.31 97.95 -39.66
CA VAL IA 25 -134.04 96.95 -40.42
C VAL IA 25 -135.19 96.36 -39.63
N LEU IA 26 -135.19 96.52 -38.31
CA LEU IA 26 -136.32 96.08 -37.50
C LEU IA 26 -137.53 96.99 -37.68
N LEU IA 27 -137.33 98.16 -38.28
CA LEU IA 27 -138.40 99.11 -38.53
C LEU IA 27 -138.76 99.21 -40.00
N GLY IA 28 -138.72 98.10 -40.74
CA GLY IA 28 -138.87 98.18 -42.18
C GLY IA 28 -137.57 98.69 -42.76
N ARG IA 29 -137.65 99.54 -43.78
CA ARG IA 29 -136.48 100.23 -44.32
C ARG IA 29 -135.41 99.22 -44.74
N LYS IA 30 -135.73 98.50 -45.81
CA LYS IA 30 -134.78 97.61 -46.46
C LYS IA 30 -133.42 98.29 -46.59
N VAL IA 31 -132.36 97.56 -46.24
CA VAL IA 31 -131.02 98.12 -46.14
C VAL IA 31 -130.07 97.21 -46.90
N VAL IA 32 -129.14 97.81 -47.65
CA VAL IA 32 -128.08 97.09 -48.34
C VAL IA 32 -126.75 97.63 -47.87
N VAL IA 33 -125.83 96.73 -47.54
CA VAL IA 33 -124.48 97.10 -47.15
C VAL IA 33 -123.53 96.51 -48.18
N VAL IA 34 -122.89 97.38 -48.95
CA VAL IA 34 -121.95 96.96 -49.99
C VAL IA 34 -120.54 97.14 -49.45
N ARG IA 35 -119.58 96.55 -50.16
CA ARG IA 35 -118.17 96.62 -49.79
C ARG IA 35 -117.97 96.12 -48.36
N CYS IA 36 -118.32 94.85 -48.15
CA CYS IA 36 -118.17 94.28 -46.81
C CYS IA 36 -116.71 93.99 -46.48
N GLU IA 37 -115.85 93.88 -47.50
CA GLU IA 37 -114.44 93.63 -47.23
C GLU IA 37 -113.72 94.87 -46.71
N GLY IA 38 -114.40 96.01 -46.70
CA GLY IA 38 -113.82 97.22 -46.16
C GLY IA 38 -114.11 97.49 -44.70
N ILE IA 39 -114.90 96.64 -44.06
CA ILE IA 39 -115.23 96.82 -42.65
C ILE IA 39 -113.98 96.59 -41.81
N ASN IA 40 -113.79 97.44 -40.80
CA ASN IA 40 -112.68 97.32 -39.87
C ASN IA 40 -113.21 96.88 -38.51
N ILE IA 41 -112.42 96.06 -37.83
CA ILE IA 41 -112.70 95.63 -36.46
C ILE IA 41 -111.61 96.20 -35.56
N SER IA 42 -112.02 96.74 -34.41
CA SER IA 42 -111.05 97.32 -33.50
C SER IA 42 -110.17 96.21 -32.90
N GLY IA 43 -108.98 96.60 -32.47
CA GLY IA 43 -108.01 95.67 -31.98
C GLY IA 43 -107.06 95.20 -33.08
N ASN IA 44 -105.83 94.88 -32.67
CA ASN IA 44 -104.82 94.48 -33.62
C ASN IA 44 -105.27 93.24 -34.39
N PHE IA 45 -104.67 93.04 -35.56
CA PHE IA 45 -105.16 92.02 -36.47
C PHE IA 45 -105.04 90.63 -35.88
N TYR IA 46 -103.94 90.35 -35.18
CA TYR IA 46 -103.70 88.99 -34.73
C TYR IA 46 -104.75 88.55 -33.72
N ARG IA 47 -105.13 89.44 -32.80
CA ARG IA 47 -106.10 89.05 -31.78
C ARG IA 47 -107.50 88.94 -32.35
N ASN IA 48 -107.81 89.67 -33.41
CA ASN IA 48 -109.10 89.48 -34.06
C ASN IA 48 -109.14 88.17 -34.84
N LYS IA 49 -108.02 87.79 -35.46
CA LYS IA 49 -107.96 86.51 -36.15
C LYS IA 49 -108.15 85.36 -35.16
N LEU IA 50 -107.53 85.45 -33.99
CA LEU IA 50 -107.71 84.42 -32.97
C LEU IA 50 -109.15 84.32 -32.54
N LYS IA 51 -109.88 85.43 -32.56
CA LYS IA 51 -111.28 85.40 -32.16
C LYS IA 51 -112.12 84.61 -33.14
N TYR IA 52 -111.79 84.70 -34.44
CA TYR IA 52 -112.49 83.88 -35.42
C TYR IA 52 -111.96 82.45 -35.42
N LEU IA 53 -110.65 82.27 -35.23
CA LEU IA 53 -110.12 80.91 -35.14
C LEU IA 53 -110.72 80.16 -33.96
N ALA IA 54 -111.05 80.87 -32.89
CA ALA IA 54 -111.81 80.27 -31.81
C ALA IA 54 -113.20 79.85 -32.28
N PHE IA 55 -113.82 80.68 -33.12
CA PHE IA 55 -115.15 80.36 -33.61
C PHE IA 55 -115.13 79.17 -34.55
N LEU IA 56 -114.02 78.98 -35.28
CA LEU IA 56 -113.87 77.79 -36.10
C LEU IA 56 -113.86 76.53 -35.24
N ARG IA 57 -113.31 76.63 -34.04
CA ARG IA 57 -113.19 75.47 -33.18
C ARG IA 57 -114.52 75.09 -32.51
N LYS IA 58 -115.46 76.03 -32.43
CA LYS IA 58 -116.79 75.72 -31.92
C LYS IA 58 -117.56 74.91 -32.96
N ARG IA 59 -117.81 73.64 -32.68
CA ARG IA 59 -118.34 72.72 -33.67
C ARG IA 59 -118.90 71.49 -32.97
N MET IA 60 -120.07 71.04 -33.39
CA MET IA 60 -120.69 69.86 -32.79
C MET IA 60 -119.86 68.63 -33.11
N ASN IA 61 -119.25 68.03 -32.10
CA ASN IA 61 -118.27 66.97 -32.36
C ASN IA 61 -118.95 65.69 -32.83
N THR IA 62 -120.18 65.43 -32.40
CA THR IA 62 -120.86 64.24 -32.88
C THR IA 62 -121.23 64.36 -34.36
N ASN IA 63 -121.63 65.53 -34.81
CA ASN IA 63 -121.93 65.73 -36.21
C ASN IA 63 -121.69 67.19 -36.58
N PRO IA 64 -120.50 67.53 -37.07
CA PRO IA 64 -120.21 68.94 -37.39
C PRO IA 64 -121.10 69.51 -38.47
N SER IA 65 -121.70 68.68 -39.32
CA SER IA 65 -122.54 69.19 -40.39
C SER IA 65 -123.76 69.92 -39.83
N ARG IA 66 -124.17 69.57 -38.62
CA ARG IA 66 -125.25 70.27 -37.93
C ARG IA 66 -124.74 71.38 -37.03
N GLY IA 67 -123.44 71.48 -36.84
CA GLY IA 67 -122.88 72.44 -35.92
C GLY IA 67 -122.93 73.83 -36.48
N PRO IA 68 -122.34 74.79 -35.79
CA PRO IA 68 -122.37 76.18 -36.27
C PRO IA 68 -121.76 76.27 -37.65
N TYR IA 69 -122.37 77.09 -38.50
CA TYR IA 69 -121.89 77.26 -39.86
C TYR IA 69 -120.97 78.47 -39.90
N HIS IA 70 -119.69 78.22 -40.11
CA HIS IA 70 -118.67 79.27 -40.09
C HIS IA 70 -118.56 79.83 -41.51
N PHE IA 71 -119.37 80.84 -41.80
CA PHE IA 71 -119.27 81.49 -43.09
C PHE IA 71 -117.99 82.29 -43.18
N ARG IA 72 -117.36 82.23 -44.34
CA ARG IA 72 -116.05 82.81 -44.54
C ARG IA 72 -116.06 84.15 -45.28
N ALA IA 73 -117.02 84.38 -46.16
CA ALA IA 73 -117.04 85.62 -46.91
C ALA IA 73 -117.29 86.80 -45.97
N PRO IA 74 -116.66 87.95 -46.21
CA PRO IA 74 -116.90 89.11 -45.34
C PRO IA 74 -118.35 89.54 -45.27
N SER IA 75 -119.09 89.48 -46.37
CA SER IA 75 -120.50 89.77 -46.31
C SER IA 75 -121.23 88.81 -45.39
N ARG IA 76 -120.94 87.52 -45.52
CA ARG IA 76 -121.55 86.53 -44.65
C ARG IA 76 -121.08 86.71 -43.21
N ILE IA 77 -119.85 87.20 -43.03
CA ILE IA 77 -119.38 87.48 -41.67
C ILE IA 77 -120.16 88.63 -41.07
N PHE IA 78 -120.31 89.73 -41.81
CA PHE IA 78 -121.09 90.85 -41.32
C PHE IA 78 -122.57 90.47 -41.17
N TRP IA 79 -123.10 89.70 -42.12
CA TRP IA 79 -124.49 89.32 -42.04
C TRP IA 79 -124.77 88.50 -40.79
N ARG IA 80 -123.83 87.64 -40.41
CA ARG IA 80 -124.01 86.84 -39.21
C ARG IA 80 -123.97 87.70 -37.95
N THR IA 81 -123.15 88.75 -37.97
CA THR IA 81 -123.09 89.65 -36.82
C THR IA 81 -124.43 90.34 -36.61
N VAL IA 82 -125.04 90.80 -37.69
CA VAL IA 82 -126.39 91.36 -37.59
C VAL IA 82 -127.37 90.30 -37.11
N ARG IA 83 -127.19 89.06 -37.57
CA ARG IA 83 -128.10 87.99 -37.18
C ARG IA 83 -128.11 87.79 -35.68
N GLY IA 84 -126.99 88.08 -35.01
CA GLY IA 84 -126.95 87.98 -33.57
C GLY IA 84 -127.67 89.13 -32.89
N MET IA 85 -127.85 90.23 -33.61
CA MET IA 85 -128.49 91.41 -33.03
C MET IA 85 -129.99 91.44 -33.29
N LEU IA 86 -130.52 90.45 -33.99
CA LEU IA 86 -131.94 90.39 -34.31
C LEU IA 86 -132.57 89.18 -33.64
N PRO IA 87 -133.88 89.21 -33.39
CA PRO IA 87 -134.55 88.01 -32.90
C PRO IA 87 -134.84 87.04 -34.04
N HIS IA 88 -133.80 86.39 -34.56
CA HIS IA 88 -133.95 85.62 -35.78
C HIS IA 88 -134.85 84.41 -35.59
N LYS IA 89 -135.02 83.94 -34.36
CA LYS IA 89 -135.87 82.78 -34.14
C LYS IA 89 -137.35 83.12 -34.15
N THR IA 90 -137.70 84.40 -34.08
CA THR IA 90 -139.09 84.84 -34.15
C THR IA 90 -139.42 85.31 -35.56
N LYS IA 91 -140.72 85.36 -35.85
CA LYS IA 91 -141.16 85.77 -37.18
C LYS IA 91 -140.76 87.20 -37.51
N ARG IA 92 -140.86 88.10 -36.53
CA ARG IA 92 -140.47 89.48 -36.77
C ARG IA 92 -138.99 89.59 -37.13
N GLY IA 93 -138.13 88.85 -36.41
CA GLY IA 93 -136.71 88.90 -36.69
C GLY IA 93 -136.36 88.31 -38.04
N GLN IA 94 -136.99 87.19 -38.40
CA GLN IA 94 -136.73 86.60 -39.70
C GLN IA 94 -137.11 87.54 -40.82
N ALA IA 95 -138.26 88.21 -40.70
CA ALA IA 95 -138.67 89.15 -41.73
C ALA IA 95 -137.69 90.30 -41.84
N ALA IA 96 -137.17 90.77 -40.70
CA ALA IA 96 -136.15 91.82 -40.73
C ALA IA 96 -134.90 91.35 -41.45
N LEU IA 97 -134.49 90.11 -41.22
CA LEU IA 97 -133.29 89.58 -41.89
C LEU IA 97 -133.45 89.64 -43.40
N ASP IA 98 -134.63 89.29 -43.90
CA ASP IA 98 -134.83 89.26 -45.35
C ASP IA 98 -134.73 90.66 -45.95
N ARG IA 99 -134.97 91.69 -45.14
CA ARG IA 99 -134.86 93.06 -45.65
C ARG IA 99 -133.41 93.45 -45.86
N LEU IA 100 -132.50 92.82 -45.13
CA LEU IA 100 -131.08 93.15 -45.25
C LEU IA 100 -130.49 92.48 -46.48
N LYS IA 101 -129.44 93.09 -47.04
CA LYS IA 101 -128.65 92.50 -48.11
C LYS IA 101 -127.20 92.90 -47.92
N VAL IA 102 -126.30 91.94 -48.08
CA VAL IA 102 -124.88 92.16 -47.87
C VAL IA 102 -124.11 91.71 -49.10
N PHE IA 103 -123.13 92.53 -49.50
CA PHE IA 103 -122.37 92.24 -50.70
C PHE IA 103 -120.89 92.52 -50.46
N ASP IA 104 -120.04 91.71 -51.09
CA ASP IA 104 -118.63 92.02 -51.19
C ASP IA 104 -118.40 92.86 -52.42
N GLY IA 105 -117.59 93.91 -52.30
CA GLY IA 105 -117.49 94.85 -53.39
C GLY IA 105 -118.82 95.55 -53.57
N ILE IA 106 -119.10 95.90 -54.81
CA ILE IA 106 -120.36 96.52 -55.19
C ILE IA 106 -120.85 95.89 -56.49
N PRO IA 107 -121.88 95.04 -56.42
CA PRO IA 107 -122.40 94.44 -57.64
C PRO IA 107 -123.08 95.49 -58.50
N PRO IA 108 -123.36 95.19 -59.76
CA PRO IA 108 -123.84 96.23 -60.67
C PRO IA 108 -125.35 96.33 -60.76
N PRO IA 109 -126.10 96.27 -59.66
CA PRO IA 109 -127.29 97.12 -59.57
C PRO IA 109 -127.11 98.29 -58.62
N TYR IA 110 -126.00 98.34 -57.88
CA TYR IA 110 -125.80 99.31 -56.83
C TYR IA 110 -124.64 100.27 -57.07
N ASP IA 111 -123.67 99.90 -57.91
CA ASP IA 111 -122.55 100.82 -58.16
C ASP IA 111 -122.99 102.07 -58.89
N LYS IA 112 -124.16 102.05 -59.52
CA LYS IA 112 -124.72 103.22 -60.17
C LYS IA 112 -125.55 104.07 -59.21
N LYS IA 113 -125.33 103.96 -57.91
CA LYS IA 113 -126.12 104.67 -56.92
C LYS IA 113 -125.20 105.35 -55.92
N LYS IA 114 -125.71 106.42 -55.31
CA LYS IA 114 -124.91 107.17 -54.35
C LYS IA 114 -124.87 106.43 -53.01
N ARG IA 115 -123.69 105.94 -52.66
CA ARG IA 115 -123.51 105.23 -51.41
C ARG IA 115 -123.69 106.18 -50.22
N MET IA 116 -123.92 105.59 -49.05
CA MET IA 116 -124.14 106.35 -47.83
C MET IA 116 -123.24 105.79 -46.74
N VAL IA 117 -122.85 106.64 -45.80
CA VAL IA 117 -121.92 106.27 -44.74
C VAL IA 117 -122.50 106.74 -43.42
N VAL IA 118 -122.43 105.89 -42.39
CA VAL IA 118 -122.95 106.27 -41.08
C VAL IA 118 -121.79 106.75 -40.22
N PRO IA 119 -121.87 107.93 -39.64
CA PRO IA 119 -120.73 108.46 -38.89
C PRO IA 119 -120.59 107.81 -37.52
N ALA IA 120 -121.69 107.33 -36.95
CA ALA IA 120 -121.62 106.76 -35.61
C ALA IA 120 -120.82 105.46 -35.57
N ALA IA 121 -120.52 104.88 -36.73
CA ALA IA 121 -119.78 103.62 -36.80
C ALA IA 121 -118.49 103.76 -37.59
N LEU IA 122 -118.03 104.97 -37.85
CA LEU IA 122 -116.82 105.18 -38.64
C LEU IA 122 -115.58 104.98 -37.78
N LYS IA 123 -114.56 104.35 -38.37
CA LYS IA 123 -113.31 104.13 -37.65
C LYS IA 123 -112.62 105.46 -37.34
N VAL IA 124 -112.82 106.46 -38.19
CA VAL IA 124 -112.14 107.74 -38.00
C VAL IA 124 -112.62 108.43 -36.73
N VAL IA 125 -113.89 108.27 -36.38
CA VAL IA 125 -114.46 109.05 -35.29
C VAL IA 125 -114.65 108.22 -34.04
N ARG IA 126 -114.68 106.89 -34.18
CA ARG IA 126 -114.94 106.04 -33.03
C ARG IA 126 -113.68 105.45 -32.41
N LEU IA 127 -112.56 105.45 -33.11
CA LEU IA 127 -111.33 104.86 -32.62
C LEU IA 127 -110.27 105.94 -32.46
N LYS IA 128 -109.50 105.83 -31.37
CA LYS IA 128 -108.36 106.72 -31.21
C LYS IA 128 -107.34 106.46 -32.33
N PRO IA 129 -106.70 107.50 -32.84
CA PRO IA 129 -105.78 107.29 -33.98
C PRO IA 129 -104.64 106.33 -33.66
N THR IA 130 -104.15 106.34 -32.43
CA THR IA 130 -103.04 105.45 -32.07
C THR IA 130 -103.58 104.13 -31.54
N ARG IA 131 -104.47 103.50 -32.29
CA ARG IA 131 -104.99 102.19 -31.96
C ARG IA 131 -104.91 101.32 -33.19
N LYS IA 132 -104.60 100.04 -32.98
CA LYS IA 132 -104.46 99.10 -34.08
C LYS IA 132 -105.82 98.49 -34.39
N PHE IA 133 -106.14 98.40 -35.68
CA PHE IA 133 -107.39 97.79 -36.11
C PHE IA 133 -107.10 96.68 -37.12
N ALA IA 134 -108.15 96.10 -37.69
CA ALA IA 134 -108.00 95.03 -38.65
C ALA IA 134 -109.11 95.12 -39.69
N TYR IA 135 -108.78 94.73 -40.92
CA TYR IA 135 -109.72 94.74 -42.02
C TYR IA 135 -110.49 93.43 -42.01
N LEU IA 136 -111.80 93.50 -42.25
CA LEU IA 136 -112.58 92.29 -42.39
C LEU IA 136 -112.16 91.50 -43.61
N GLY IA 137 -111.94 92.18 -44.73
CA GLY IA 137 -111.59 91.48 -45.96
C GLY IA 137 -110.29 90.70 -45.84
N ARG IA 138 -109.26 91.32 -45.26
CA ARG IA 138 -107.99 90.62 -45.11
C ARG IA 138 -108.12 89.46 -44.12
N LEU IA 139 -108.92 89.65 -43.07
CA LEU IA 139 -109.14 88.55 -42.12
C LEU IA 139 -109.88 87.41 -42.77
N ALA IA 140 -110.90 87.71 -43.59
CA ALA IA 140 -111.67 86.66 -44.23
C ALA IA 140 -110.82 85.83 -45.17
N HIS IA 141 -109.96 86.49 -45.96
CA HIS IA 141 -109.12 85.77 -46.90
C HIS IA 141 -108.16 84.85 -46.16
N GLU IA 142 -107.89 85.16 -44.89
CA GLU IA 142 -106.94 84.36 -44.13
C GLU IA 142 -107.62 83.29 -43.29
N VAL IA 143 -108.95 83.20 -43.34
CA VAL IA 143 -109.66 82.14 -42.66
C VAL IA 143 -110.45 81.26 -43.62
N GLY IA 144 -110.28 81.45 -44.92
CA GLY IA 144 -110.91 80.54 -45.86
C GLY IA 144 -111.50 81.18 -47.10
N TRP IA 145 -111.73 82.49 -47.06
CA TRP IA 145 -112.28 83.17 -48.22
C TRP IA 145 -111.40 82.98 -49.44
N LYS IA 146 -112.04 82.69 -50.58
CA LYS IA 146 -111.34 82.38 -51.81
C LYS IA 146 -111.47 83.49 -52.84
N TYR IA 147 -112.02 84.64 -52.47
CA TYR IA 147 -112.32 85.67 -53.46
C TYR IA 147 -111.79 87.04 -53.07
N GLN IA 148 -110.71 87.07 -52.28
CA GLN IA 148 -110.01 88.33 -52.03
C GLN IA 148 -109.44 88.89 -53.32
N ALA IA 149 -108.77 88.05 -54.11
CA ALA IA 149 -108.05 88.54 -55.28
C ALA IA 149 -109.00 88.96 -56.39
N VAL IA 150 -110.02 88.15 -56.67
CA VAL IA 150 -110.92 88.45 -57.79
C VAL IA 150 -111.76 89.69 -57.47
N THR IA 151 -112.22 89.82 -56.23
CA THR IA 151 -112.97 91.02 -55.85
C THR IA 151 -112.10 92.26 -55.97
N ALA IA 152 -110.86 92.18 -55.51
CA ALA IA 152 -109.96 93.33 -55.60
C ALA IA 152 -109.75 93.76 -57.04
N THR IA 153 -109.61 92.78 -57.95
CA THR IA 153 -109.53 93.13 -59.37
C THR IA 153 -110.82 93.74 -59.87
N LEU IA 154 -111.95 93.07 -59.61
CA LEU IA 154 -113.23 93.58 -60.08
C LEU IA 154 -113.57 94.91 -59.43
N GLU IA 155 -113.20 95.09 -58.16
CA GLU IA 155 -113.43 96.37 -57.53
C GLU IA 155 -112.60 97.46 -58.18
N GLU IA 156 -111.36 97.16 -58.53
CA GLU IA 156 -110.53 98.14 -59.21
C GLU IA 156 -111.10 98.52 -60.56
N LYS IA 157 -111.62 97.54 -61.30
CA LYS IA 157 -112.24 97.84 -62.59
C LYS IA 157 -113.46 98.72 -62.42
N ARG IA 158 -114.20 98.54 -61.32
CA ARG IA 158 -115.31 99.42 -61.02
C ARG IA 158 -114.84 100.84 -60.72
N LYS IA 159 -113.72 100.98 -60.00
CA LYS IA 159 -113.23 102.30 -59.64
C LYS IA 159 -112.87 103.12 -60.86
N GLU IA 160 -112.25 102.50 -61.86
CA GLU IA 160 -111.86 103.23 -63.05
C GLU IA 160 -113.08 103.69 -63.83
N LYS IA 161 -114.12 102.87 -63.89
CA LYS IA 161 -115.36 103.28 -64.53
C LYS IA 161 -115.99 104.46 -63.79
N ALA IA 162 -115.84 104.49 -62.47
CA ALA IA 162 -116.36 105.62 -61.70
C ALA IA 162 -115.62 106.91 -62.02
N LYS IA 163 -114.29 106.83 -62.18
CA LYS IA 163 -113.51 108.03 -62.48
C LYS IA 163 -113.98 108.68 -63.76
N ILE IA 164 -114.33 107.88 -64.76
CA ILE IA 164 -114.88 108.43 -66.00
C ILE IA 164 -116.19 109.14 -65.73
N HIS IA 165 -117.01 108.58 -64.85
CA HIS IA 165 -118.25 109.26 -64.49
C HIS IA 165 -117.97 110.55 -63.75
N TYR IA 166 -116.93 110.57 -62.92
CA TYR IA 166 -116.62 111.76 -62.13
C TYR IA 166 -116.00 112.85 -63.00
N ARG IA 167 -115.17 112.46 -63.97
CA ARG IA 167 -114.64 113.46 -64.89
C ARG IA 167 -115.74 114.08 -65.73
N LYS IA 168 -116.74 113.27 -66.11
CA LYS IA 168 -117.88 113.80 -66.85
C LYS IA 168 -118.70 114.74 -65.98
N LYS IA 169 -118.89 114.39 -64.72
CA LYS IA 169 -119.65 115.24 -63.81
C LYS IA 169 -118.97 116.59 -63.62
N LYS IA 170 -117.66 116.57 -63.39
CA LYS IA 170 -116.92 117.82 -63.27
C LYS IA 170 -116.97 118.62 -64.57
N GLN IA 171 -116.86 117.94 -65.71
CA GLN IA 171 -116.98 118.62 -66.99
C GLN IA 171 -118.33 119.31 -67.11
N LEU IA 172 -119.40 118.61 -66.72
CA LEU IA 172 -120.73 119.20 -66.84
C LEU IA 172 -120.98 120.24 -65.75
N MET IA 173 -120.38 120.07 -64.58
CA MET IA 173 -120.54 121.07 -63.54
C MET IA 173 -119.74 122.33 -63.86
N ARG IA 174 -118.51 122.17 -64.36
CA ARG IA 174 -117.75 123.32 -64.85
C ARG IA 174 -118.50 124.03 -65.96
N LEU IA 175 -119.07 123.25 -66.89
CA LEU IA 175 -119.88 123.82 -67.96
C LEU IA 175 -121.05 124.61 -67.38
N ARG IA 176 -121.64 124.12 -66.29
CA ARG IA 176 -122.72 124.86 -65.64
C ARG IA 176 -122.19 126.09 -64.91
N LYS IA 177 -121.04 125.99 -64.27
CA LYS IA 177 -120.44 127.16 -63.63
C LYS IA 177 -120.15 128.24 -64.66
N GLN IA 178 -119.71 127.85 -65.85
CA GLN IA 178 -119.59 128.79 -66.96
C GLN IA 178 -120.95 129.33 -67.37
N ALA IA 179 -121.99 128.50 -67.28
CA ALA IA 179 -123.31 128.90 -67.77
C ALA IA 179 -123.84 130.10 -67.00
N GLU IA 180 -123.87 129.99 -65.67
CA GLU IA 180 -124.30 131.12 -64.86
C GLU IA 180 -123.38 132.32 -64.99
N LYS IA 181 -122.11 132.09 -65.37
CA LYS IA 181 -121.23 133.20 -65.73
C LYS IA 181 -121.72 133.92 -66.97
N ASN IA 182 -122.37 133.22 -67.90
CA ASN IA 182 -122.89 133.85 -69.10
C ASN IA 182 -124.23 134.54 -68.85
N VAL IA 183 -125.23 133.78 -68.43
CA VAL IA 183 -126.54 134.36 -68.14
C VAL IA 183 -126.48 135.00 -66.75
N GLU IA 184 -126.43 136.33 -66.72
CA GLU IA 184 -126.19 137.04 -65.49
C GLU IA 184 -127.25 138.10 -65.25
N LYS IA 185 -127.66 138.77 -66.31
CA LYS IA 185 -128.67 139.81 -66.22
C LYS IA 185 -130.09 139.24 -66.27
N LYS IA 186 -130.27 138.10 -66.90
CA LYS IA 186 -131.53 137.39 -66.93
C LYS IA 186 -131.72 136.51 -65.70
N ILE IA 187 -130.75 136.50 -64.80
CA ILE IA 187 -130.79 135.67 -63.61
C ILE IA 187 -130.68 136.48 -62.34
N ASP IA 188 -130.19 137.73 -62.41
CA ASP IA 188 -129.88 138.50 -61.22
C ASP IA 188 -131.09 138.67 -60.31
N LYS IA 189 -132.27 138.91 -60.89
CA LYS IA 189 -133.46 139.10 -60.07
C LYS IA 189 -133.94 137.78 -59.49
N TYR IA 190 -133.52 136.66 -60.08
CA TYR IA 190 -133.84 135.36 -59.51
C TYR IA 190 -132.78 134.88 -58.53
N THR IA 191 -131.51 135.23 -58.76
CA THR IA 191 -130.49 134.93 -57.76
C THR IA 191 -130.77 135.68 -56.48
N GLU IA 192 -131.15 136.97 -56.59
CA GLU IA 192 -131.23 137.81 -55.41
C GLU IA 192 -132.29 137.31 -54.44
N VAL IA 193 -133.45 136.89 -54.96
CA VAL IA 193 -134.52 136.44 -54.06
C VAL IA 193 -134.08 135.21 -53.28
N LEU IA 194 -133.40 134.26 -53.94
CA LEU IA 194 -132.88 133.12 -53.21
C LEU IA 194 -131.80 133.55 -52.22
N LYS IA 195 -131.12 134.67 -52.48
CA LYS IA 195 -130.13 135.15 -51.53
C LYS IA 195 -130.79 135.77 -50.30
N THR IA 196 -131.92 136.44 -50.47
CA THR IA 196 -132.61 136.98 -49.31
C THR IA 196 -133.16 135.87 -48.42
N HIS IA 197 -133.23 134.65 -48.93
CA HIS IA 197 -133.85 133.55 -48.23
C HIS IA 197 -132.87 132.44 -47.86
N GLY IA 198 -131.57 132.73 -47.88
CA GLY IA 198 -130.55 131.86 -47.34
C GLY IA 198 -129.89 130.94 -48.35
N LEU IA 199 -130.51 130.74 -49.50
CA LEU IA 199 -129.93 129.87 -50.52
C LEU IA 199 -128.88 130.62 -51.32
N LEU IA 200 -127.76 129.95 -51.58
CA LEU IA 200 -126.63 130.54 -52.31
C LEU IA 200 -126.16 131.83 -51.64
N VAL IA 201 -125.55 131.65 -50.47
CA VAL IA 201 -124.93 132.75 -49.74
C VAL IA 201 -124.12 133.68 -50.64
N VAL JA 1 -180.59 53.57 -48.74
CA VAL JA 1 -179.99 53.53 -47.41
C VAL JA 1 -179.26 54.85 -47.19
N ARG JA 2 -179.02 55.20 -45.92
CA ARG JA 2 -178.44 56.49 -45.55
C ARG JA 2 -176.95 56.49 -45.84
N TYR JA 3 -176.59 57.01 -47.01
CA TYR JA 3 -175.19 57.22 -47.34
C TYR JA 3 -174.71 58.53 -46.74
N SER JA 4 -173.41 58.57 -46.43
CA SER JA 4 -172.74 59.85 -46.22
C SER JA 4 -172.54 60.51 -47.58
N LEU JA 5 -172.58 61.83 -47.60
CA LEU JA 5 -172.33 62.59 -48.83
C LEU JA 5 -173.32 62.18 -49.92
N ASP JA 6 -174.57 62.52 -49.68
CA ASP JA 6 -175.60 62.23 -50.67
C ASP JA 6 -175.31 63.00 -51.96
N PRO JA 7 -175.66 62.46 -53.12
CA PRO JA 7 -175.26 63.10 -54.38
C PRO JA 7 -176.08 64.34 -54.66
N GLU JA 8 -175.61 65.12 -55.63
CA GLU JA 8 -176.26 66.39 -55.97
C GLU JA 8 -177.60 66.18 -56.67
N ASN JA 9 -177.65 65.30 -57.65
CA ASN JA 9 -178.89 65.05 -58.37
C ASN JA 9 -179.09 63.55 -58.53
N PRO JA 10 -179.90 62.94 -57.68
CA PRO JA 10 -180.04 61.48 -57.66
C PRO JA 10 -180.86 60.92 -58.83
N THR JA 11 -180.55 61.38 -60.02
CA THR JA 11 -181.07 60.83 -61.26
C THR JA 11 -179.96 60.52 -62.25
N LYS JA 12 -178.88 61.27 -62.22
CA LYS JA 12 -177.66 60.97 -62.98
C LYS JA 12 -176.57 60.42 -62.08
N SER JA 13 -176.94 59.70 -61.03
CA SER JA 13 -175.98 59.15 -60.10
C SER JA 13 -176.37 57.72 -59.75
N CYS JA 14 -175.35 56.90 -59.49
CA CYS JA 14 -175.55 55.52 -59.10
C CYS JA 14 -174.88 55.28 -57.76
N LYS JA 15 -175.46 54.38 -56.97
CA LYS JA 15 -174.96 54.10 -55.63
C LYS JA 15 -174.70 52.61 -55.48
N SER JA 16 -173.75 52.28 -54.60
CA SER JA 16 -173.45 50.91 -54.27
C SER JA 16 -172.70 50.89 -52.95
N ARG JA 17 -172.93 49.84 -52.16
CA ARG JA 17 -172.33 49.76 -50.84
C ARG JA 17 -172.20 48.30 -50.44
N GLY JA 18 -171.40 48.08 -49.41
CA GLY JA 18 -171.21 46.75 -48.84
C GLY JA 18 -170.85 46.88 -47.38
N SER JA 19 -171.02 45.78 -46.65
CA SER JA 19 -170.76 45.77 -45.22
C SER JA 19 -170.06 44.49 -44.82
N ASN JA 20 -169.21 44.60 -43.79
CA ASN JA 20 -168.52 43.46 -43.19
C ASN JA 20 -167.76 42.64 -44.22
N LEU JA 21 -167.09 43.33 -45.13
CA LEU JA 21 -166.33 42.66 -46.18
C LEU JA 21 -164.95 42.28 -45.65
N ARG JA 22 -164.66 40.98 -45.68
CA ARG JA 22 -163.41 40.46 -45.11
C ARG JA 22 -162.24 40.86 -46.00
N VAL JA 23 -161.99 42.16 -46.05
CA VAL JA 23 -160.83 42.71 -46.73
C VAL JA 23 -160.19 43.75 -45.82
N HIS JA 24 -158.87 43.83 -45.86
CA HIS JA 24 -158.14 44.67 -44.92
C HIS JA 24 -158.52 46.13 -45.09
N PHE JA 25 -158.79 46.79 -43.97
CA PHE JA 25 -159.21 48.18 -44.03
C PHE JA 25 -158.09 49.08 -44.54
N LYS JA 26 -156.87 48.89 -44.03
CA LYS JA 26 -155.77 49.78 -44.39
C LYS JA 26 -155.48 49.72 -45.88
N ASN JA 27 -155.43 48.50 -46.45
CA ASN JA 27 -155.21 48.38 -47.88
C ASN JA 27 -156.37 48.97 -48.67
N THR JA 28 -157.61 48.70 -48.23
CA THR JA 28 -158.77 49.17 -48.97
C THR JA 28 -158.85 50.69 -48.95
N ARG JA 29 -158.54 51.33 -47.82
CA ARG JA 29 -158.60 52.77 -47.76
C ARG JA 29 -157.63 53.41 -48.75
N GLU JA 30 -156.42 52.85 -48.85
CA GLU JA 30 -155.43 53.45 -49.73
C GLU JA 30 -155.82 53.29 -51.20
N THR JA 31 -156.25 52.09 -51.59
CA THR JA 31 -156.69 51.90 -52.97
C THR JA 31 -157.99 52.65 -53.24
N ALA JA 32 -158.79 52.90 -52.20
CA ALA JA 32 -159.99 53.69 -52.39
C ALA JA 32 -159.65 55.13 -52.73
N GLN JA 33 -158.62 55.69 -52.09
CA GLN JA 33 -158.24 57.06 -52.38
C GLN JA 33 -157.74 57.20 -53.81
N ALA JA 34 -157.03 56.20 -54.30
CA ALA JA 34 -156.46 56.29 -55.65
C ALA JA 34 -157.54 56.26 -56.71
N ILE JA 35 -158.48 55.32 -56.61
CA ILE JA 35 -159.50 55.15 -57.64
C ILE JA 35 -160.50 56.30 -57.65
N LYS JA 36 -160.64 57.02 -56.54
CA LYS JA 36 -161.62 58.09 -56.43
C LYS JA 36 -161.38 59.15 -57.50
N GLY JA 37 -162.46 59.61 -58.12
CA GLY JA 37 -162.38 60.78 -58.97
C GLY JA 37 -162.23 60.48 -60.44
N MET JA 38 -161.78 59.27 -60.77
CA MET JA 38 -161.44 58.94 -62.14
C MET JA 38 -162.53 58.07 -62.77
N HIS JA 39 -162.63 58.16 -64.09
CA HIS JA 39 -163.74 57.62 -64.84
C HIS JA 39 -163.74 56.10 -64.78
N ILE JA 40 -164.95 55.52 -64.85
CA ILE JA 40 -165.13 54.11 -64.49
C ILE JA 40 -164.33 53.20 -65.42
N ARG JA 41 -164.34 53.48 -66.72
CA ARG JA 41 -163.60 52.61 -67.64
C ARG JA 41 -162.10 52.69 -67.37
N LYS JA 42 -161.59 53.88 -67.10
CA LYS JA 42 -160.19 53.98 -66.70
C LYS JA 42 -160.01 53.44 -65.28
N ALA JA 43 -161.08 53.41 -64.50
CA ALA JA 43 -160.98 52.86 -63.15
C ALA JA 43 -160.86 51.35 -63.18
N THR JA 44 -161.68 50.69 -63.99
CA THR JA 44 -161.67 49.23 -63.98
C THR JA 44 -160.35 48.68 -64.54
N LYS JA 45 -159.82 49.28 -65.60
CA LYS JA 45 -158.57 48.79 -66.16
C LYS JA 45 -157.42 49.02 -65.20
N TYR JA 46 -157.48 50.10 -64.43
CA TYR JA 46 -156.49 50.30 -63.37
C TYR JA 46 -156.60 49.24 -62.30
N LEU JA 47 -157.82 48.89 -61.90
CA LEU JA 47 -158.00 47.89 -60.86
C LEU JA 47 -157.45 46.54 -61.29
N LYS JA 48 -157.69 46.15 -62.55
CA LYS JA 48 -157.13 44.90 -63.06
C LYS JA 48 -155.61 44.95 -63.04
N ASP JA 49 -155.03 46.11 -63.36
CA ASP JA 49 -153.58 46.22 -63.45
C ASP JA 49 -152.94 46.12 -62.07
N VAL JA 50 -153.65 46.52 -61.02
CA VAL JA 50 -153.14 46.28 -59.67
C VAL JA 50 -153.04 44.78 -59.41
N THR JA 51 -154.06 44.03 -59.81
CA THR JA 51 -154.00 42.58 -59.66
C THR JA 51 -152.89 41.98 -60.50
N LEU JA 52 -152.72 42.43 -61.75
CA LEU JA 52 -151.63 41.97 -62.58
C LEU JA 52 -150.29 42.57 -62.19
N GLN JA 53 -150.28 43.51 -61.24
CA GLN JA 53 -149.06 44.08 -60.71
C GLN JA 53 -148.29 44.84 -61.79
N LYS JA 54 -148.99 45.75 -62.45
CA LYS JA 54 -148.40 46.62 -63.46
C LYS JA 54 -148.41 48.09 -63.07
N GLN JA 55 -149.46 48.58 -62.43
CA GLN JA 55 -149.42 49.88 -61.77
C GLN JA 55 -149.91 49.71 -60.35
N CYS JA 56 -149.17 50.29 -59.41
CA CYS JA 56 -149.41 50.14 -57.99
C CYS JA 56 -150.47 51.12 -57.52
N VAL JA 57 -150.68 51.18 -56.22
CA VAL JA 57 -151.49 52.20 -55.58
C VAL JA 57 -150.65 52.81 -54.46
N PRO JA 58 -150.47 54.12 -54.42
CA PRO JA 58 -149.57 54.70 -53.43
C PRO JA 58 -150.15 54.62 -52.03
N PHE JA 59 -149.38 54.08 -51.08
CA PHE JA 59 -149.82 54.04 -49.70
C PHE JA 59 -149.43 55.34 -49.02
N ARG JA 60 -150.41 56.24 -48.88
CA ARG JA 60 -150.10 57.61 -48.46
C ARG JA 60 -150.20 57.77 -46.95
N ARG JA 61 -151.29 57.32 -46.33
CA ARG JA 61 -151.45 57.43 -44.90
C ARG JA 61 -150.86 56.23 -44.16
N TYR JA 62 -151.38 55.04 -44.41
CA TYR JA 62 -150.91 53.83 -43.73
C TYR JA 62 -149.71 53.26 -44.48
N ASN JA 63 -148.61 53.99 -44.38
CA ASN JA 63 -147.40 53.67 -45.12
C ASN JA 63 -146.32 53.06 -44.25
N GLY JA 64 -146.59 52.79 -42.97
CA GLY JA 64 -145.57 52.29 -42.08
C GLY JA 64 -145.00 50.94 -42.49
N GLY JA 65 -143.75 50.93 -42.90
CA GLY JA 65 -143.10 49.71 -43.33
C GLY JA 65 -143.37 49.29 -44.76
N VAL JA 66 -144.19 50.05 -45.49
CA VAL JA 66 -144.51 49.72 -46.87
C VAL JA 66 -143.29 50.02 -47.74
N GLY JA 67 -142.84 49.01 -48.47
CA GLY JA 67 -141.66 49.17 -49.30
C GLY JA 67 -141.93 50.04 -50.50
N ARG JA 68 -140.85 50.53 -51.08
CA ARG JA 68 -140.90 51.41 -52.24
C ARG JA 68 -141.03 50.60 -53.52
N CYS JA 69 -141.47 51.27 -54.58
CA CYS JA 69 -141.60 50.63 -55.89
C CYS JA 69 -141.46 51.68 -56.96
N ALA JA 70 -140.96 51.25 -58.12
CA ALA JA 70 -140.79 52.18 -59.23
C ALA JA 70 -142.12 52.63 -59.80
N GLN JA 71 -143.18 51.88 -59.56
CA GLN JA 71 -144.50 52.23 -60.07
C GLN JA 71 -145.18 53.32 -59.25
N ALA JA 72 -144.57 53.75 -58.15
CA ALA JA 72 -145.15 54.75 -57.28
C ALA JA 72 -144.68 56.16 -57.60
N LYS JA 73 -144.15 56.38 -58.80
CA LYS JA 73 -143.78 57.73 -59.21
C LYS JA 73 -144.84 58.40 -60.07
N GLN JA 74 -145.78 57.63 -60.63
CA GLN JA 74 -146.88 58.23 -61.38
C GLN JA 74 -147.69 59.15 -60.48
N TRP JA 75 -148.00 58.69 -59.28
CA TRP JA 75 -148.37 59.55 -58.18
C TRP JA 75 -147.10 60.04 -57.51
N GLY JA 76 -147.01 61.34 -57.26
CA GLY JA 76 -145.83 61.84 -56.59
C GLY JA 76 -145.70 61.20 -55.22
N TRP JA 77 -144.80 60.24 -55.11
CA TRP JA 77 -144.73 59.38 -53.92
C TRP JA 77 -143.57 58.41 -54.12
N THR JA 78 -143.26 57.68 -53.06
CA THR JA 78 -142.18 56.71 -53.14
C THR JA 78 -142.63 55.30 -52.79
N GLN JA 79 -143.69 55.15 -52.02
CA GLN JA 79 -144.14 53.83 -51.60
C GLN JA 79 -145.46 53.46 -52.26
N GLY JA 80 -145.65 52.16 -52.44
CA GLY JA 80 -146.87 51.64 -53.02
C GLY JA 80 -146.90 50.12 -52.98
N ARG JA 81 -148.09 49.54 -53.10
CA ARG JA 81 -148.25 48.10 -53.09
C ARG JA 81 -149.37 47.74 -54.06
N TRP JA 82 -149.64 46.45 -54.18
CA TRP JA 82 -150.65 45.94 -55.11
C TRP JA 82 -151.61 45.03 -54.36
N PRO JA 83 -152.56 45.61 -53.62
CA PRO JA 83 -153.49 44.77 -52.87
C PRO JA 83 -154.41 44.00 -53.80
N LYS JA 84 -154.15 42.70 -53.94
CA LYS JA 84 -155.00 41.88 -54.78
C LYS JA 84 -156.42 41.80 -54.22
N LYS JA 85 -156.55 41.51 -52.93
CA LYS JA 85 -157.88 41.32 -52.35
C LYS JA 85 -158.68 42.61 -52.38
N SER JA 86 -158.06 43.74 -52.04
CA SER JA 86 -158.79 45.01 -52.07
C SER JA 86 -159.17 45.37 -53.50
N ALA JA 87 -158.37 44.95 -54.47
CA ALA JA 87 -158.70 45.23 -55.86
C ALA JA 87 -159.88 44.38 -56.33
N GLU JA 88 -159.86 43.08 -56.01
CA GLU JA 88 -160.93 42.21 -56.49
C GLU JA 88 -162.25 42.53 -55.79
N PHE JA 89 -162.19 43.02 -54.56
CA PHE JA 89 -163.41 43.45 -53.88
C PHE JA 89 -163.97 44.71 -54.51
N LEU JA 90 -163.12 45.71 -54.74
CA LEU JA 90 -163.58 46.95 -55.36
C LEU JA 90 -164.07 46.70 -56.77
N LEU JA 91 -163.44 45.79 -57.50
CA LEU JA 91 -163.86 45.51 -58.87
C LEU JA 91 -165.28 44.95 -58.90
N HIS JA 92 -165.57 44.01 -58.00
CA HIS JA 92 -166.91 43.44 -57.94
C HIS JA 92 -167.93 44.49 -57.54
N MET JA 93 -167.60 45.32 -56.56
CA MET JA 93 -168.51 46.38 -56.16
C MET JA 93 -168.69 47.40 -57.26
N LEU JA 94 -167.62 47.70 -58.00
CA LEU JA 94 -167.73 48.54 -59.18
C LEU JA 94 -168.66 47.93 -60.22
N LYS JA 95 -168.51 46.64 -60.49
CA LYS JA 95 -169.39 45.97 -61.44
C LYS JA 95 -170.84 46.05 -60.99
N ASN JA 96 -171.08 45.86 -59.69
CA ASN JA 96 -172.43 45.98 -59.17
C ASN JA 96 -172.95 47.40 -59.35
N ALA JA 97 -172.10 48.40 -59.15
CA ALA JA 97 -172.50 49.78 -59.39
C ALA JA 97 -172.81 50.00 -60.87
N GLU JA 98 -171.95 49.48 -61.75
CA GLU JA 98 -172.18 49.66 -63.18
C GLU JA 98 -173.48 49.02 -63.63
N SER JA 99 -173.75 47.79 -63.19
CA SER JA 99 -175.04 47.18 -63.47
C SER JA 99 -176.16 47.98 -62.83
N ASN JA 100 -175.86 48.61 -61.69
CA ASN JA 100 -176.87 49.37 -60.98
C ASN JA 100 -177.26 50.62 -61.76
N ALA JA 101 -176.36 51.14 -62.58
CA ALA JA 101 -176.68 52.30 -63.40
C ALA JA 101 -177.61 51.92 -64.54
N GLU JA 102 -177.34 50.80 -65.20
CA GLU JA 102 -178.14 50.43 -66.36
C GLU JA 102 -179.59 50.17 -65.98
N LEU JA 103 -179.84 49.71 -64.76
CA LEU JA 103 -181.22 49.45 -64.33
C LEU JA 103 -182.02 50.74 -64.27
N LYS JA 104 -181.43 51.79 -63.69
CA LYS JA 104 -182.14 53.05 -63.58
C LYS JA 104 -181.98 53.93 -64.81
N GLY JA 105 -181.45 53.38 -65.91
CA GLY JA 105 -181.51 54.02 -67.20
C GLY JA 105 -180.62 55.22 -67.40
N LEU JA 106 -179.31 55.05 -67.25
CA LEU JA 106 -178.36 56.05 -67.71
C LEU JA 106 -177.12 55.34 -68.21
N ASP JA 107 -176.39 56.01 -69.10
CA ASP JA 107 -175.23 55.38 -69.75
C ASP JA 107 -174.11 55.13 -68.73
N VAL JA 108 -173.27 54.15 -69.03
CA VAL JA 108 -172.16 53.79 -68.16
C VAL JA 108 -170.83 54.35 -68.64
N ASP JA 109 -170.74 54.72 -69.92
CA ASP JA 109 -169.48 55.22 -70.46
C ASP JA 109 -169.16 56.61 -69.95
N SER JA 110 -170.15 57.33 -69.42
CA SER JA 110 -169.94 58.69 -68.90
C SER JA 110 -169.96 58.72 -67.38
N LEU JA 111 -169.81 57.58 -66.74
CA LEU JA 111 -169.87 57.50 -65.28
C LEU JA 111 -168.49 57.74 -64.71
N VAL JA 112 -168.39 58.73 -63.83
CA VAL JA 112 -167.16 59.04 -63.12
C VAL JA 112 -167.39 58.78 -61.64
N ILE JA 113 -166.34 58.38 -60.94
CA ILE JA 113 -166.46 58.05 -59.52
C ILE JA 113 -166.45 59.34 -58.72
N GLU JA 114 -167.60 59.71 -58.16
CA GLU JA 114 -167.72 61.00 -57.49
C GLU JA 114 -167.27 60.90 -56.04
N HIS JA 115 -167.75 59.89 -55.32
CA HIS JA 115 -167.45 59.74 -53.91
C HIS JA 115 -167.42 58.28 -53.52
N ILE JA 116 -166.31 57.84 -52.94
CA ILE JA 116 -166.22 56.54 -52.30
C ILE JA 116 -165.57 56.73 -50.94
N GLN JA 117 -165.84 55.80 -50.04
CA GLN JA 117 -165.32 55.87 -48.69
C GLN JA 117 -165.36 54.48 -48.07
N VAL JA 118 -164.48 54.26 -47.10
CA VAL JA 118 -164.39 52.99 -46.38
C VAL JA 118 -164.47 53.28 -44.90
N ASN JA 119 -165.13 52.39 -44.17
CA ASN JA 119 -165.31 52.52 -42.73
C ASN JA 119 -164.94 51.20 -42.07
N LYS JA 120 -164.34 51.29 -40.88
CA LYS JA 120 -163.97 50.10 -40.15
C LYS JA 120 -165.23 49.37 -39.71
N ALA JA 121 -165.40 48.14 -40.17
CA ALA JA 121 -166.49 47.29 -39.75
C ALA JA 121 -166.16 46.65 -38.42
N PRO JA 122 -167.16 46.13 -37.70
CA PRO JA 122 -166.87 45.47 -36.43
C PRO JA 122 -165.89 44.33 -36.62
N LYS JA 123 -164.94 44.21 -35.70
CA LYS JA 123 -163.84 43.28 -35.83
C LYS JA 123 -164.25 41.91 -35.31
N MET JA 124 -163.90 40.87 -36.05
CA MET JA 124 -164.19 39.50 -35.65
C MET JA 124 -162.96 38.89 -34.99
N ARG JA 125 -163.17 38.23 -33.85
CA ARG JA 125 -162.08 37.84 -32.97
C ARG JA 125 -161.54 36.45 -33.31
N ARG JA 126 -160.22 36.31 -33.23
CA ARG JA 126 -159.54 35.04 -33.26
C ARG JA 126 -158.40 35.08 -32.25
N ARG JA 127 -157.85 33.90 -31.96
CA ARG JA 127 -156.86 33.76 -30.90
C ARG JA 127 -155.53 33.32 -31.50
N THR JA 128 -154.44 33.72 -30.85
CA THR JA 128 -153.11 33.24 -31.21
C THR JA 128 -152.36 32.92 -29.91
N TYR JA 129 -151.40 32.02 -30.03
CA TYR JA 129 -150.72 31.45 -28.87
C TYR JA 129 -149.28 31.94 -28.81
N ARG JA 130 -148.90 32.51 -27.67
CA ARG JA 130 -147.62 33.17 -27.49
C ARG JA 130 -146.73 32.34 -26.58
N ALA JA 131 -145.60 32.92 -26.18
CA ALA JA 131 -144.50 32.13 -25.63
C ALA JA 131 -144.89 31.40 -24.37
N HIS JA 132 -145.15 32.12 -23.29
CA HIS JA 132 -145.29 31.48 -21.98
C HIS JA 132 -146.75 31.19 -21.64
N GLY JA 133 -147.37 30.33 -22.43
CA GLY JA 133 -148.75 29.96 -22.18
C GLY JA 133 -149.71 31.11 -22.18
N ARG JA 134 -149.54 32.07 -23.09
CA ARG JA 134 -150.37 33.26 -23.13
C ARG JA 134 -151.16 33.30 -24.44
N ILE JA 135 -152.39 33.79 -24.33
CA ILE JA 135 -153.28 33.94 -25.48
C ILE JA 135 -153.29 35.42 -25.87
N ASN JA 136 -153.17 35.68 -27.16
CA ASN JA 136 -153.20 37.06 -27.64
C ASN JA 136 -154.22 37.21 -28.74
N PRO JA 137 -154.79 38.40 -28.90
CA PRO JA 137 -155.80 38.59 -29.94
C PRO JA 137 -155.23 38.42 -31.34
N TYR JA 138 -156.07 37.91 -32.23
CA TYR JA 138 -155.75 37.80 -33.64
C TYR JA 138 -156.85 38.50 -34.42
N MET JA 139 -157.19 39.70 -33.99
CA MET JA 139 -158.37 40.41 -34.47
C MET JA 139 -158.32 40.61 -35.98
N SER JA 140 -159.49 40.62 -36.59
CA SER JA 140 -159.63 40.96 -37.99
C SER JA 140 -159.91 42.45 -38.12
N SER JA 141 -160.06 42.92 -39.35
CA SER JA 141 -160.34 44.34 -39.62
C SER JA 141 -161.08 44.46 -40.94
N PRO JA 142 -162.32 44.01 -41.01
CA PRO JA 142 -163.11 44.21 -42.21
C PRO JA 142 -163.47 45.68 -42.38
N CYS JA 143 -164.18 45.99 -43.46
CA CYS JA 143 -164.53 47.37 -43.73
C CYS JA 143 -165.85 47.48 -44.45
N HIS JA 144 -166.71 48.38 -43.97
CA HIS JA 144 -167.84 48.83 -44.77
C HIS JA 144 -167.35 49.77 -45.87
N ILE JA 145 -167.85 49.57 -47.07
CA ILE JA 145 -167.40 50.34 -48.22
C ILE JA 145 -168.60 50.77 -49.03
N GLU JA 146 -168.60 52.03 -49.45
CA GLU JA 146 -169.72 52.60 -50.19
C GLU JA 146 -169.17 53.56 -51.22
N MET JA 147 -169.95 53.78 -52.28
CA MET JA 147 -169.50 54.66 -53.35
C MET JA 147 -170.69 55.22 -54.11
N ILE JA 148 -170.48 56.40 -54.67
CA ILE JA 148 -171.46 57.08 -55.51
C ILE JA 148 -170.82 57.32 -56.87
N LEU JA 149 -171.52 56.93 -57.92
CA LEU JA 149 -171.10 57.23 -59.28
C LEU JA 149 -171.91 58.42 -59.80
N THR JA 150 -171.35 59.11 -60.80
CA THR JA 150 -172.00 60.28 -61.35
C THR JA 150 -171.80 60.30 -62.86
N GLU JA 151 -172.89 60.56 -63.58
CA GLU JA 151 -172.85 60.70 -65.02
C GLU JA 151 -172.37 62.11 -65.36
N LYS JA 152 -171.18 62.20 -65.96
CA LYS JA 152 -170.59 63.48 -66.29
C LYS JA 152 -169.51 63.27 -67.33
N GLU JA 153 -169.49 64.15 -68.33
CA GLU JA 153 -168.50 64.09 -69.40
C GLU JA 153 -168.14 65.47 -69.90
N GLY KA 1 -148.35 97.31 0.14
CA GLY KA 1 -149.44 97.11 1.07
C GLY KA 1 -149.28 97.87 2.37
N VAL KA 2 -150.29 97.76 3.23
CA VAL KA 2 -150.28 98.41 4.54
C VAL KA 2 -150.30 97.32 5.60
N ASP KA 3 -149.37 97.42 6.56
CA ASP KA 3 -149.21 96.37 7.56
C ASP KA 3 -150.32 96.47 8.64
N ILE KA 4 -151.33 95.64 8.50
CA ILE KA 4 -152.39 95.49 9.49
C ILE KA 4 -152.57 94.00 9.75
N ARG KA 5 -152.81 93.63 10.99
CA ARG KA 5 -153.19 92.25 11.26
C ARG KA 5 -154.69 92.09 11.13
N HIS KA 6 -155.13 91.58 9.99
CA HIS KA 6 -156.56 91.47 9.71
C HIS KA 6 -157.24 90.41 10.51
N ASN KA 7 -156.60 89.75 11.48
CA ASN KA 7 -157.28 88.67 12.20
C ASN KA 7 -158.38 89.16 13.12
N LYS KA 8 -158.48 90.46 13.36
CA LYS KA 8 -159.41 90.99 14.33
C LYS KA 8 -160.38 92.03 13.78
N ASP KA 9 -160.40 92.25 12.46
CA ASP KA 9 -161.30 93.25 11.91
C ASP KA 9 -162.76 92.86 12.09
N ARG KA 10 -163.09 91.59 11.84
CA ARG KA 10 -164.47 91.13 11.92
C ARG KA 10 -164.79 90.82 13.38
N LYS KA 11 -165.48 91.74 14.03
CA LYS KA 11 -165.85 91.56 15.43
C LYS KA 11 -167.03 90.61 15.52
N VAL KA 12 -166.88 89.57 16.34
CA VAL KA 12 -167.87 88.50 16.43
C VAL KA 12 -168.88 88.89 17.50
N ARG KA 13 -170.08 89.26 17.07
CA ARG KA 13 -171.15 89.60 18.00
C ARG KA 13 -172.48 89.43 17.27
N ARG KA 14 -173.53 89.24 18.07
CA ARG KA 14 -174.85 88.96 17.53
C ARG KA 14 -175.42 90.20 16.87
N LYS KA 15 -175.81 90.08 15.61
CA LYS KA 15 -176.50 91.15 14.91
C LYS KA 15 -178.02 90.98 14.93
N GLU KA 16 -178.50 89.75 15.02
CA GLU KA 16 -179.93 89.45 15.08
C GLU KA 16 -180.09 88.12 15.80
N PRO KA 17 -181.28 87.84 16.32
CA PRO KA 17 -181.49 86.55 16.97
C PRO KA 17 -181.23 85.41 16.00
N LYS KA 18 -180.58 84.35 16.50
CA LYS KA 18 -180.40 83.14 15.72
C LYS KA 18 -181.69 82.35 15.58
N SER KA 19 -182.72 82.69 16.36
CA SER KA 19 -183.98 81.98 16.32
C SER KA 19 -184.78 82.40 15.09
N GLN KA 20 -185.82 81.63 14.76
CA GLN KA 20 -186.78 82.04 13.75
C GLN KA 20 -188.13 82.34 14.39
N ASP KA 21 -188.16 82.50 15.70
CA ASP KA 21 -189.38 82.85 16.41
C ASP KA 21 -189.99 84.12 15.83
N ILE KA 22 -191.15 83.99 15.19
CA ILE KA 22 -191.74 85.13 14.51
C ILE KA 22 -192.25 86.16 15.52
N TYR KA 23 -192.44 85.75 16.77
CA TYR KA 23 -192.81 86.74 17.79
C TYR KA 23 -191.59 87.47 18.29
N LEU KA 24 -190.48 86.75 18.52
CA LEU KA 24 -189.24 87.42 18.91
C LEU KA 24 -188.76 88.34 17.79
N ARG KA 25 -188.87 87.88 16.55
CA ARG KA 25 -188.48 88.73 15.42
C ARG KA 25 -189.32 90.00 15.38
N LEU KA 26 -190.55 89.95 15.87
CA LEU KA 26 -191.38 91.15 15.89
C LEU KA 26 -190.90 92.12 16.96
N LEU KA 27 -190.64 91.63 18.17
CA LEU KA 27 -190.09 92.50 19.20
C LEU KA 27 -188.73 93.05 18.82
N VAL KA 28 -187.89 92.25 18.15
CA VAL KA 28 -186.63 92.77 17.66
C VAL KA 28 -186.88 93.92 16.71
N LYS KA 29 -187.87 93.78 15.83
CA LYS KA 29 -188.25 94.89 14.96
C LYS KA 29 -188.69 96.10 15.78
N LEU KA 30 -189.48 95.86 16.83
CA LEU KA 30 -189.98 96.96 17.64
C LEU KA 30 -188.86 97.64 18.41
N TYR KA 31 -187.93 96.84 18.95
CA TYR KA 31 -186.88 97.42 19.78
C TYR KA 31 -185.67 97.86 18.97
N ARG KA 32 -185.47 97.30 17.78
CA ARG KA 32 -184.42 97.81 16.91
C ARG KA 32 -184.72 99.25 16.50
N PHE KA 33 -186.01 99.56 16.32
CA PHE KA 33 -186.40 100.92 15.97
C PHE KA 33 -186.38 101.83 17.19
N LEU KA 34 -186.61 101.28 18.38
CA LEU KA 34 -186.61 102.09 19.59
C LEU KA 34 -185.20 102.50 19.97
N ALA KA 35 -184.24 101.58 19.84
CA ALA KA 35 -182.85 101.93 20.14
C ALA KA 35 -182.34 102.99 19.17
N ARG KA 36 -182.72 102.89 17.90
CA ARG KA 36 -182.22 103.83 16.91
C ARG KA 36 -182.80 105.22 17.11
N ARG KA 37 -184.11 105.33 17.34
CA ARG KA 37 -184.80 106.60 17.32
C ARG KA 37 -184.91 107.23 18.70
N THR KA 38 -184.32 106.64 19.72
CA THR KA 38 -184.24 107.23 21.04
C THR KA 38 -182.80 107.24 21.51
N ASN KA 39 -182.47 108.16 22.40
CA ASN KA 39 -181.13 108.21 22.97
C ASN KA 39 -180.99 107.35 24.21
N SER KA 40 -182.09 106.77 24.70
CA SER KA 40 -182.05 106.02 25.94
C SER KA 40 -181.27 104.73 25.76
N THR KA 41 -180.17 104.59 26.49
CA THR KA 41 -179.34 103.40 26.39
C THR KA 41 -180.04 102.16 26.91
N PHE KA 42 -181.14 102.32 27.65
CA PHE KA 42 -181.90 101.16 28.08
C PHE KA 42 -182.45 100.39 26.90
N ASN KA 43 -182.91 101.10 25.87
CA ASN KA 43 -183.40 100.43 24.68
C ASN KA 43 -182.31 99.61 24.01
N GLN KA 44 -181.10 100.14 23.96
CA GLN KA 44 -180.00 99.39 23.35
C GLN KA 44 -179.71 98.12 24.14
N VAL KA 45 -179.51 98.25 25.46
CA VAL KA 45 -179.09 97.09 26.25
C VAL KA 45 -180.16 96.01 26.23
N VAL KA 46 -181.43 96.39 26.15
CA VAL KA 46 -182.48 95.40 25.97
C VAL KA 46 -182.42 94.81 24.57
N LEU KA 47 -182.12 95.65 23.58
CA LEU KA 47 -182.07 95.17 22.19
C LEU KA 47 -180.96 94.14 22.02
N LYS KA 48 -179.78 94.39 22.59
CA LYS KA 48 -178.71 93.41 22.49
C LYS KA 48 -179.02 92.15 23.28
N ARG KA 49 -179.85 92.26 24.32
CA ARG KA 49 -180.22 91.10 25.10
C ARG KA 49 -181.21 90.20 24.38
N LEU KA 50 -182.07 90.77 23.54
CA LEU KA 50 -182.98 89.96 22.73
C LEU KA 50 -182.24 89.07 21.75
N PHE KA 51 -180.97 89.36 21.49
CA PHE KA 51 -180.20 88.61 20.51
C PHE KA 51 -179.63 87.31 21.08
N MET KA 52 -179.09 87.35 22.29
CA MET KA 52 -178.20 86.30 22.76
C MET KA 52 -178.96 85.00 23.01
N SER KA 53 -178.22 83.92 23.14
CA SER KA 53 -178.73 82.58 23.26
C SER KA 53 -179.41 82.38 24.61
N ARG KA 54 -180.17 81.28 24.71
CA ARG KA 54 -180.85 80.98 25.96
C ARG KA 54 -179.86 80.76 27.09
N THR KA 55 -178.70 80.19 26.78
CA THR KA 55 -177.67 80.03 27.81
C THR KA 55 -177.12 81.39 28.25
N ASN KA 56 -177.32 82.42 27.44
CA ASN KA 56 -176.95 83.78 27.83
C ASN KA 56 -178.13 84.58 28.36
N ARG KA 57 -179.31 83.96 28.44
CA ARG KA 57 -180.50 84.58 29.03
C ARG KA 57 -181.01 83.62 30.09
N PRO KA 58 -180.27 83.45 31.18
CA PRO KA 58 -180.63 82.43 32.16
C PRO KA 58 -181.94 82.80 32.85
N PRO KA 59 -182.71 81.81 33.29
CA PRO KA 59 -183.93 82.10 34.03
C PRO KA 59 -183.61 82.87 35.30
N LEU KA 60 -184.52 83.77 35.66
CA LEU KA 60 -184.38 84.59 36.85
C LEU KA 60 -185.41 84.13 37.86
N SER KA 61 -184.94 83.59 38.98
CA SER KA 61 -185.84 83.06 40.00
C SER KA 61 -186.67 84.17 40.59
N LEU KA 62 -187.87 83.81 41.06
CA LEU KA 62 -188.73 84.81 41.69
C LEU KA 62 -188.10 85.36 42.95
N SER KA 63 -187.46 84.49 43.74
CA SER KA 63 -186.85 84.94 44.99
C SER KA 63 -185.69 85.90 44.73
N ARG KA 64 -184.98 85.70 43.62
CA ARG KA 64 -183.88 86.61 43.33
C ARG KA 64 -184.38 88.02 43.07
N MET KA 65 -185.46 88.18 42.31
CA MET KA 65 -185.95 89.53 42.07
C MET KA 65 -186.64 90.10 43.30
N ILE KA 66 -187.17 89.25 44.17
CA ILE KA 66 -187.66 89.75 45.45
C ILE KA 66 -186.51 90.38 46.24
N ARG KA 67 -185.35 89.74 46.21
CA ARG KA 67 -184.16 90.34 46.79
C ARG KA 67 -183.83 91.66 46.10
N LYS KA 68 -183.87 91.68 44.78
CA LYS KA 68 -183.37 92.82 44.02
C LYS KA 68 -184.41 93.91 43.83
N MET KA 69 -185.60 93.77 44.40
CA MET KA 69 -186.55 94.87 44.48
C MET KA 69 -186.84 95.31 45.92
N LYS KA 70 -186.44 94.51 46.91
CA LYS KA 70 -186.49 94.97 48.28
C LYS KA 70 -185.44 96.02 48.60
N LEU KA 71 -184.46 96.20 47.71
CA LEU KA 71 -183.39 97.15 47.98
C LEU KA 71 -183.94 98.57 48.04
N PRO KA 72 -183.38 99.43 48.89
CA PRO KA 72 -184.02 100.72 49.13
C PRO KA 72 -183.97 101.61 47.90
N GLY KA 73 -184.99 102.45 47.76
CA GLY KA 73 -185.11 103.32 46.62
C GLY KA 73 -185.67 102.67 45.38
N ARG KA 74 -185.79 101.34 45.37
CA ARG KA 74 -186.30 100.61 44.22
C ARG KA 74 -187.79 100.35 44.31
N GLU KA 75 -188.54 101.20 45.02
CA GLU KA 75 -189.98 100.99 45.13
C GLU KA 75 -190.69 101.56 43.91
N ASN KA 76 -191.80 100.91 43.54
CA ASN KA 76 -192.68 101.37 42.48
C ASN KA 76 -191.96 101.50 41.16
N LYS KA 77 -190.99 100.61 40.93
CA LYS KA 77 -190.28 100.52 39.65
C LYS KA 77 -190.67 99.20 39.00
N THR KA 78 -190.77 99.20 37.68
CA THR KA 78 -191.07 97.99 36.96
C THR KA 78 -189.81 97.18 36.72
N ALA KA 79 -189.85 95.90 37.06
CA ALA KA 79 -188.70 95.01 36.88
C ALA KA 79 -188.75 94.37 35.51
N VAL KA 80 -187.64 94.48 34.79
CA VAL KA 80 -187.54 93.98 33.42
C VAL KA 80 -186.39 92.99 33.34
N VAL KA 81 -186.70 91.79 32.87
CA VAL KA 81 -185.71 90.78 32.55
C VAL KA 81 -186.02 90.21 31.17
N VAL KA 82 -184.99 90.14 30.33
CA VAL KA 82 -185.15 89.52 29.02
C VAL KA 82 -184.89 88.03 29.17
N GLY KA 83 -185.92 87.29 29.55
CA GLY KA 83 -185.75 85.88 29.84
C GLY KA 83 -187.01 85.31 30.50
N THR KA 84 -186.78 84.34 31.38
CA THR KA 84 -187.87 83.60 31.99
C THR KA 84 -187.96 83.89 33.48
N ILE KA 85 -189.18 84.12 33.96
CA ILE KA 85 -189.46 84.23 35.38
C ILE KA 85 -189.91 82.86 35.89
N THR KA 86 -189.06 82.23 36.68
CA THR KA 86 -189.37 80.94 37.28
C THR KA 86 -189.68 81.14 38.75
N ASP KA 87 -190.53 80.28 39.30
CA ASP KA 87 -190.94 80.43 40.68
C ASP KA 87 -189.90 79.78 41.58
N ASP KA 88 -189.75 80.33 42.79
CA ASP KA 88 -188.87 79.78 43.81
C ASP KA 88 -189.75 79.36 44.99
N VAL KA 89 -190.00 78.05 45.09
CA VAL KA 89 -190.86 77.53 46.15
C VAL KA 89 -190.30 77.79 47.54
N ARG KA 90 -189.02 78.16 47.63
CA ARG KA 90 -188.42 78.49 48.92
C ARG KA 90 -188.93 79.81 49.49
N VAL KA 91 -189.67 80.60 48.71
CA VAL KA 91 -190.23 81.85 49.19
C VAL KA 91 -191.74 81.66 49.35
N GLN KA 92 -192.28 82.13 50.47
CA GLN KA 92 -193.70 81.98 50.77
C GLN KA 92 -194.47 83.27 50.47
N GLU KA 93 -194.06 84.36 51.09
CA GLU KA 93 -194.71 85.64 50.87
C GLU KA 93 -194.18 86.27 49.57
N VAL KA 94 -195.10 86.83 48.79
CA VAL KA 94 -194.78 87.51 47.54
C VAL KA 94 -195.38 88.91 47.60
N PRO KA 95 -194.59 89.95 47.45
CA PRO KA 95 -195.13 91.32 47.48
C PRO KA 95 -195.65 91.75 46.12
N LYS KA 96 -196.29 92.92 46.13
CA LYS KA 96 -196.81 93.52 44.91
C LYS KA 96 -195.67 93.90 43.98
N LEU KA 97 -195.64 93.30 42.79
CA LEU KA 97 -194.59 93.57 41.83
C LEU KA 97 -195.19 93.88 40.47
N LYS KA 98 -194.62 94.87 39.80
CA LYS KA 98 -194.87 95.12 38.39
C LYS KA 98 -193.65 94.64 37.62
N VAL KA 99 -193.82 93.64 36.77
CA VAL KA 99 -192.71 93.01 36.09
C VAL KA 99 -192.97 92.97 34.59
N CYS KA 100 -191.89 92.82 33.83
CA CYS KA 100 -191.96 92.65 32.39
C CYS KA 100 -190.88 91.67 31.98
N ALA KA 101 -191.29 90.60 31.29
CA ALA KA 101 -190.34 89.56 30.93
C ALA KA 101 -190.80 88.90 29.64
N LEU KA 102 -189.86 88.22 28.98
CA LEU KA 102 -190.19 87.50 27.77
C LEU KA 102 -191.10 86.32 28.06
N ARG KA 103 -190.93 85.68 29.22
CA ARG KA 103 -191.69 84.50 29.55
C ARG KA 103 -191.77 84.37 31.07
N VAL KA 104 -192.91 83.91 31.55
CA VAL KA 104 -193.13 83.66 32.96
C VAL KA 104 -193.73 82.27 33.13
N THR KA 105 -193.12 81.46 33.98
CA THR KA 105 -193.62 80.11 34.20
C THR KA 105 -195.00 80.17 34.86
N SER KA 106 -195.80 79.13 34.62
CA SER KA 106 -197.21 79.17 34.98
C SER KA 106 -197.40 79.30 36.48
N ARG KA 107 -196.65 78.52 37.27
CA ARG KA 107 -196.82 78.59 38.71
C ARG KA 107 -196.33 79.92 39.26
N ALA KA 108 -195.29 80.50 38.64
CA ALA KA 108 -194.85 81.84 39.04
C ALA KA 108 -195.85 82.90 38.60
N ARG KA 109 -196.50 82.69 37.46
CA ARG KA 109 -197.48 83.66 36.98
C ARG KA 109 -198.65 83.76 37.95
N SER KA 110 -199.13 82.63 38.45
CA SER KA 110 -200.22 82.66 39.41
C SER KA 110 -199.82 83.39 40.68
N ARG KA 111 -198.60 83.16 41.17
CA ARG KA 111 -198.17 83.76 42.42
C ARG KA 111 -198.09 85.27 42.32
N ILE KA 112 -197.58 85.79 41.21
CA ILE KA 112 -197.47 87.23 41.04
C ILE KA 112 -198.85 87.87 40.98
N LEU KA 113 -199.76 87.28 40.19
CA LEU KA 113 -201.08 87.85 40.04
C LEU KA 113 -201.92 87.68 41.30
N ARG KA 114 -201.70 86.59 42.05
CA ARG KA 114 -202.46 86.39 43.29
C ARG KA 114 -202.05 87.40 44.34
N ALA KA 115 -200.86 87.99 44.21
CA ALA KA 115 -200.44 89.07 45.08
C ALA KA 115 -200.95 90.43 44.64
N GLY KA 116 -201.70 90.49 43.54
CA GLY KA 116 -202.18 91.74 43.02
C GLY KA 116 -201.21 92.46 42.11
N GLY KA 117 -200.09 91.83 41.77
CA GLY KA 117 -199.12 92.47 40.90
C GLY KA 117 -199.55 92.45 39.44
N LYS KA 118 -198.69 92.99 38.60
CA LYS KA 118 -198.97 93.14 37.18
C LYS KA 118 -197.84 92.53 36.36
N ILE KA 119 -198.20 91.84 35.29
CA ILE KA 119 -197.24 91.19 34.41
C ILE KA 119 -197.30 91.85 33.04
N LEU KA 120 -196.14 92.21 32.52
CA LEU KA 120 -196.05 92.90 31.24
C LEU KA 120 -195.21 92.10 30.26
N THR KA 121 -195.49 92.28 28.97
CA THR KA 121 -194.63 91.82 27.92
C THR KA 121 -194.03 93.02 27.19
N PHE KA 122 -192.94 92.78 26.47
CA PHE KA 122 -192.12 93.87 25.95
C PHE KA 122 -192.85 94.73 24.94
N ASP KA 123 -193.93 94.23 24.33
CA ASP KA 123 -194.76 95.11 23.50
C ASP KA 123 -195.50 96.13 24.36
N GLN KA 124 -195.96 95.72 25.54
CA GLN KA 124 -196.60 96.67 26.44
C GLN KA 124 -195.60 97.55 27.16
N LEU KA 125 -194.42 96.99 27.50
CA LEU KA 125 -193.43 97.78 28.24
C LEU KA 125 -192.96 98.97 27.40
N ALA KA 126 -192.82 98.77 26.09
CA ALA KA 126 -192.46 99.88 25.22
C ALA KA 126 -193.52 100.97 25.24
N LEU KA 127 -194.80 100.59 25.35
CA LEU KA 127 -195.88 101.56 25.31
C LEU KA 127 -195.84 102.50 26.51
N ASP KA 128 -195.55 101.97 27.69
CA ASP KA 128 -195.69 102.77 28.90
C ASP KA 128 -194.37 103.48 29.24
N SER KA 129 -193.23 102.81 29.04
CA SER KA 129 -191.92 103.39 29.28
C SER KA 129 -191.01 103.07 28.10
N PRO KA 130 -191.22 103.72 26.95
CA PRO KA 130 -190.34 103.47 25.80
C PRO KA 130 -188.88 103.80 26.09
N LYS KA 131 -188.62 104.80 26.90
CA LYS KA 131 -187.27 105.15 27.30
C LYS KA 131 -186.78 104.32 28.48
N GLY KA 132 -187.61 103.41 28.97
CA GLY KA 132 -187.27 102.67 30.16
C GLY KA 132 -187.17 103.54 31.40
N CYS KA 133 -188.07 104.50 31.55
CA CYS KA 133 -188.06 105.37 32.71
C CYS KA 133 -188.69 104.65 33.90
N GLY KA 134 -187.99 104.67 35.04
CA GLY KA 134 -188.50 103.99 36.22
C GLY KA 134 -188.53 102.50 36.11
N THR KA 135 -187.51 101.90 35.51
CA THR KA 135 -187.40 100.45 35.40
C THR KA 135 -186.04 99.99 35.89
N VAL KA 136 -185.97 98.73 36.29
CA VAL KA 136 -184.71 98.11 36.70
C VAL KA 136 -184.47 96.88 35.84
N LEU KA 137 -183.30 96.81 35.22
CA LEU KA 137 -182.92 95.68 34.40
C LEU KA 137 -182.28 94.61 35.27
N LEU KA 138 -182.83 93.41 35.24
CA LEU KA 138 -182.32 92.29 36.01
C LEU KA 138 -181.86 91.18 35.08
N SER KA 139 -180.94 90.36 35.59
CA SER KA 139 -180.44 89.24 34.83
C SER KA 139 -180.19 88.09 35.78
N GLY KA 140 -180.66 86.91 35.39
CA GLY KA 140 -180.44 85.72 36.18
C GLY KA 140 -178.97 85.41 36.26
N PRO KA 141 -178.58 84.48 37.12
CA PRO KA 141 -177.16 84.20 37.29
C PRO KA 141 -176.56 83.58 36.04
N ARG KA 142 -175.82 84.39 35.29
CA ARG KA 142 -175.28 83.94 34.02
C ARG KA 142 -174.32 82.77 34.20
N LYS KA 143 -173.46 82.84 35.20
CA LYS KA 143 -172.51 81.78 35.48
C LYS KA 143 -173.13 80.64 36.28
N GLY KA 144 -174.44 80.67 36.51
CA GLY KA 144 -175.08 79.59 37.23
C GLY KA 144 -175.48 78.48 36.28
N ARG KA 145 -174.63 77.45 36.17
CA ARG KA 145 -174.80 76.37 35.22
C ARG KA 145 -173.83 75.27 35.59
N GLU KA 146 -174.16 74.04 35.20
CA GLU KA 146 -173.28 72.92 35.49
C GLU KA 146 -171.98 72.97 34.71
N VAL KA 147 -171.94 73.70 33.58
CA VAL KA 147 -170.73 73.71 32.78
C VAL KA 147 -169.60 74.41 33.51
N TYR KA 148 -169.91 75.47 34.26
CA TYR KA 148 -168.86 76.27 34.87
C TYR KA 148 -168.22 75.56 36.06
N ARG KA 149 -168.82 74.46 36.52
CA ARG KA 149 -168.11 73.62 37.49
C ARG KA 149 -166.96 72.89 36.82
N HIS KA 150 -167.04 72.69 35.50
CA HIS KA 150 -165.97 72.01 34.79
C HIS KA 150 -164.98 72.99 34.17
N PHE KA 151 -165.31 74.28 34.19
CA PHE KA 151 -164.43 75.26 33.55
C PHE KA 151 -163.40 75.78 34.53
N GLY KA 152 -162.24 76.14 33.99
CA GLY KA 152 -161.15 76.70 34.78
C GLY KA 152 -159.87 75.89 34.59
N LYS KA 153 -159.03 75.90 35.62
CA LYS KA 153 -157.81 75.12 35.60
C LYS KA 153 -158.14 73.62 35.52
N ALA KA 154 -157.21 72.87 34.95
CA ALA KA 154 -157.41 71.44 34.86
C ALA KA 154 -157.47 70.82 36.25
N PRO KA 155 -158.28 69.77 36.44
CA PRO KA 155 -158.42 69.19 37.78
C PRO KA 155 -157.13 68.68 38.37
N GLY KA 156 -156.18 68.27 37.53
CA GLY KA 156 -154.94 67.70 38.03
C GLY KA 156 -153.83 68.70 38.20
N THR KA 157 -154.17 69.95 38.50
CA THR KA 157 -153.18 70.99 38.70
C THR KA 157 -153.45 71.71 40.01
N PRO KA 158 -152.43 72.12 40.75
CA PRO KA 158 -152.66 72.86 41.99
C PRO KA 158 -152.78 74.34 41.72
N HIS KA 159 -153.80 74.95 42.32
CA HIS KA 159 -154.75 74.28 43.17
C HIS KA 159 -156.14 74.49 42.62
N SER KA 160 -156.55 73.64 41.70
CA SER KA 160 -157.81 73.79 41.01
C SER KA 160 -158.92 73.08 41.76
N HIS KA 161 -160.11 73.68 41.70
CA HIS KA 161 -161.31 73.12 42.31
C HIS KA 161 -162.38 72.88 41.26
N THR KA 162 -161.96 72.46 40.08
CA THR KA 162 -162.88 72.26 38.97
C THR KA 162 -163.35 70.82 38.90
N LYS KA 163 -164.63 70.66 38.60
CA LYS KA 163 -165.28 69.35 38.63
C LYS KA 163 -164.86 68.55 37.41
N PRO KA 164 -164.28 67.37 37.57
CA PRO KA 164 -163.87 66.58 36.41
C PRO KA 164 -165.06 65.89 35.75
N TYR KA 165 -164.82 65.42 34.54
CA TYR KA 165 -165.84 64.71 33.76
C TYR KA 165 -165.75 63.23 34.10
N VAL KA 166 -166.43 62.82 35.16
CA VAL KA 166 -166.43 61.43 35.61
C VAL KA 166 -167.82 60.85 35.43
N ARG KA 167 -167.89 59.60 34.96
CA ARG KA 167 -169.16 59.01 34.59
C ARG KA 167 -170.00 58.57 35.79
N SER KA 168 -169.40 58.47 36.97
CA SER KA 168 -170.15 58.10 38.16
C SER KA 168 -169.41 58.58 39.40
N LYS KA 169 -170.17 58.90 40.45
CA LYS KA 169 -169.59 59.30 41.73
C LYS KA 169 -169.43 58.07 42.62
N GLY KA 170 -168.22 57.82 43.09
CA GLY KA 170 -167.98 56.69 43.98
C GLY KA 170 -166.51 56.60 44.31
N ARG KA 171 -166.22 55.72 45.28
CA ARG KA 171 -164.84 55.57 45.71
C ARG KA 171 -163.97 54.98 44.62
N LYS KA 172 -164.55 54.21 43.70
CA LYS KA 172 -163.76 53.60 42.64
C LYS KA 172 -163.47 54.56 41.49
N PHE KA 173 -164.18 55.66 41.40
CA PHE KA 173 -164.10 56.56 40.24
C PHE KA 173 -163.31 57.79 40.63
N GLU KA 174 -162.02 57.79 40.31
CA GLU KA 174 -161.16 58.96 40.41
C GLU KA 174 -161.05 59.49 41.84
N ARG KA 175 -160.58 58.63 42.74
CA ARG KA 175 -160.15 59.04 44.07
C ARG KA 175 -158.78 58.47 44.42
N ALA KA 176 -158.16 57.78 43.46
CA ALA KA 176 -156.91 57.06 43.63
C ALA KA 176 -155.73 57.99 43.34
N ARG KA 177 -154.58 57.42 43.00
CA ARG KA 177 -153.35 58.17 42.72
C ARG KA 177 -153.61 59.47 41.97
N GLY KA 178 -153.17 60.57 42.57
CA GLY KA 178 -153.47 61.90 42.11
C GLY KA 178 -154.39 62.69 43.02
N ARG KA 179 -155.04 62.03 43.98
CA ARG KA 179 -155.96 62.70 44.88
C ARG KA 179 -155.59 62.59 46.34
N ARG KA 180 -154.62 61.75 46.70
CA ARG KA 180 -154.22 61.59 48.10
C ARG KA 180 -152.75 61.24 48.16
N ALA KA 181 -152.07 61.76 49.18
CA ALA KA 181 -150.63 61.56 49.30
C ALA KA 181 -150.26 60.11 49.51
N SER KA 182 -151.20 59.28 49.96
CA SER KA 182 -150.90 57.86 50.13
C SER KA 182 -150.70 57.18 48.78
N ARG KA 183 -151.36 57.68 47.75
CA ARG KA 183 -151.30 57.08 46.42
C ARG KA 183 -150.57 58.05 45.48
N GLY KA 184 -149.25 57.92 45.44
CA GLY KA 184 -148.46 58.64 44.47
C GLY KA 184 -148.21 60.09 44.80
N TYR KA 185 -149.22 60.93 44.58
CA TYR KA 185 -149.07 62.36 44.83
C TYR KA 185 -150.45 62.95 45.03
N LYS KA 186 -150.47 64.14 45.63
CA LYS KA 186 -151.71 64.82 45.98
C LYS KA 186 -152.01 66.01 45.07
N ASN KA 187 -151.08 66.95 44.97
CA ASN KA 187 -151.23 68.18 44.19
C ASN KA 187 -152.51 68.94 44.52
N SER LA 1 -163.48 14.14 -60.04
CA SER LA 1 -164.08 15.07 -59.10
C SER LA 1 -163.64 14.77 -57.67
N MET LA 2 -163.99 13.58 -57.19
CA MET LA 2 -163.73 13.17 -55.82
C MET LA 2 -163.68 11.65 -55.79
N LEU LA 3 -162.47 11.08 -55.75
CA LEU LA 3 -162.32 9.63 -55.79
C LEU LA 3 -161.56 9.09 -54.59
N ARG LA 4 -161.58 9.79 -53.45
CA ARG LA 4 -160.93 9.23 -52.27
C ARG LA 4 -161.62 7.96 -51.80
N LEU LA 5 -162.95 7.93 -51.90
CA LEU LA 5 -163.69 6.73 -51.53
C LEU LA 5 -163.31 5.54 -52.42
N GLN LA 6 -163.34 5.75 -53.74
CA GLN LA 6 -163.13 4.64 -54.67
C GLN LA 6 -161.73 4.06 -54.52
N LYS LA 7 -160.72 4.92 -54.36
CA LYS LA 7 -159.36 4.41 -54.15
C LYS LA 7 -159.29 3.57 -52.89
N ARG LA 8 -160.02 3.97 -51.85
CA ARG LA 8 -160.03 3.20 -50.62
C ARG LA 8 -160.66 1.83 -50.82
N LEU LA 9 -161.85 1.79 -51.43
CA LEU LA 9 -162.52 0.51 -51.64
C LEU LA 9 -161.74 -0.37 -52.59
N ALA LA 10 -161.25 0.20 -53.70
CA ALA LA 10 -160.51 -0.60 -54.66
C ALA LA 10 -159.30 -1.25 -54.01
N SER LA 11 -158.63 -0.52 -53.12
CA SER LA 11 -157.49 -1.10 -52.42
C SER LA 11 -157.92 -2.26 -51.54
N SER LA 12 -159.04 -2.13 -50.84
CA SER LA 12 -159.47 -3.18 -49.93
C SER LA 12 -159.91 -4.44 -50.68
N VAL LA 13 -160.61 -4.26 -51.80
CA VAL LA 13 -161.09 -5.42 -52.53
C VAL LA 13 -159.97 -6.06 -53.35
N LEU LA 14 -158.92 -5.30 -53.66
CA LEU LA 14 -157.77 -5.84 -54.33
C LEU LA 14 -156.73 -6.39 -53.37
N ARG LA 15 -156.94 -6.22 -52.07
CA ARG LA 15 -155.96 -6.62 -51.06
C ARG LA 15 -154.58 -6.02 -51.34
N CYS LA 16 -154.56 -4.76 -51.78
CA CYS LA 16 -153.32 -4.06 -52.06
C CYS LA 16 -153.43 -2.63 -51.55
N GLY LA 17 -152.28 -1.98 -51.37
CA GLY LA 17 -152.27 -0.63 -50.89
C GLY LA 17 -152.73 0.37 -51.94
N LYS LA 18 -152.96 1.61 -51.49
CA LYS LA 18 -153.38 2.66 -52.40
C LYS LA 18 -152.29 3.07 -53.38
N LYS LA 19 -151.04 2.68 -53.13
CA LYS LA 19 -149.99 2.93 -54.11
C LYS LA 19 -150.29 2.18 -55.41
N LYS LA 20 -150.75 0.94 -55.30
CA LYS LA 20 -150.86 0.04 -56.44
C LYS LA 20 -152.22 0.12 -57.13
N VAL LA 21 -153.12 0.98 -56.64
CA VAL LA 21 -154.43 1.14 -57.24
C VAL LA 21 -154.33 2.15 -58.37
N TRP LA 22 -154.83 1.78 -59.54
CA TRP LA 22 -154.79 2.64 -60.71
C TRP LA 22 -156.22 2.86 -61.21
N LEU LA 23 -156.68 4.09 -61.10
CA LEU LA 23 -158.00 4.48 -61.59
C LEU LA 23 -157.83 5.21 -62.92
N ASP LA 24 -158.62 4.79 -63.90
CA ASP LA 24 -158.50 5.34 -65.24
C ASP LA 24 -158.80 6.83 -65.22
N PRO LA 25 -157.81 7.70 -65.48
CA PRO LA 25 -158.09 9.13 -65.45
C PRO LA 25 -158.97 9.60 -66.59
N ASN LA 26 -158.99 8.90 -67.71
CA ASN LA 26 -159.81 9.34 -68.83
C ASN LA 26 -161.30 9.16 -68.54
N GLU LA 27 -161.69 8.00 -68.02
CA GLU LA 27 -163.07 7.73 -67.67
C GLU LA 27 -163.17 7.83 -66.16
N THR LA 28 -163.41 9.04 -65.66
CA THR LA 28 -163.48 9.29 -64.23
C THR LA 28 -164.90 9.39 -63.69
N ASN LA 29 -165.90 9.58 -64.55
CA ASN LA 29 -167.27 9.61 -64.07
C ASN LA 29 -167.76 8.23 -63.67
N GLU LA 30 -167.39 7.21 -64.45
CA GLU LA 30 -167.82 5.85 -64.13
C GLU LA 30 -167.32 5.43 -62.76
N ILE LA 31 -166.10 5.83 -62.42
CA ILE LA 31 -165.57 5.54 -61.09
C ILE LA 31 -166.36 6.29 -60.03
N ALA LA 32 -166.80 7.51 -60.35
CA ALA LA 32 -167.54 8.30 -59.38
C ALA LA 32 -168.87 7.65 -59.02
N ASN LA 33 -169.57 7.10 -60.00
CA ASN LA 33 -170.84 6.43 -59.72
C ASN LA 33 -170.63 5.21 -58.84
N ALA LA 34 -169.52 4.51 -59.02
CA ALA LA 34 -169.25 3.29 -58.27
C ALA LA 34 -168.96 3.68 -56.83
N ASN LA 35 -170.01 3.68 -56.01
CA ASN LA 35 -169.90 4.10 -54.61
C ASN LA 35 -169.99 2.90 -53.66
N SER LA 36 -169.82 1.69 -54.17
CA SER LA 36 -169.96 0.52 -53.34
C SER LA 36 -169.15 -0.62 -53.95
N ARG LA 37 -168.80 -1.58 -53.11
CA ARG LA 37 -168.28 -2.83 -53.63
C ARG LA 37 -169.38 -3.55 -54.39
N GLN LA 38 -168.96 -4.52 -55.21
CA GLN LA 38 -169.80 -5.18 -56.21
C GLN LA 38 -170.13 -4.21 -57.34
N GLN LA 39 -169.74 -2.95 -57.19
CA GLN LA 39 -169.52 -2.05 -58.31
C GLN LA 39 -168.05 -1.81 -58.56
N ILE LA 40 -167.26 -1.74 -57.49
CA ILE LA 40 -165.81 -1.71 -57.67
C ILE LA 40 -165.35 -3.00 -58.32
N ARG LA 41 -165.84 -4.15 -57.82
CA ARG LA 41 -165.45 -5.44 -58.40
C ARG LA 41 -165.79 -5.49 -59.88
N LYS LA 42 -166.92 -4.89 -60.27
CA LYS LA 42 -167.29 -4.85 -61.68
C LYS LA 42 -166.27 -4.06 -62.48
N LEU LA 43 -165.82 -2.92 -61.95
CA LEU LA 43 -164.85 -2.10 -62.67
C LEU LA 43 -163.53 -2.82 -62.83
N ILE LA 44 -163.07 -3.51 -61.77
CA ILE LA 44 -161.83 -4.27 -61.87
C ILE LA 44 -161.95 -5.36 -62.92
N LYS LA 45 -163.12 -6.00 -63.00
CA LYS LA 45 -163.28 -7.12 -63.91
C LYS LA 45 -163.29 -6.66 -65.36
N ASP LA 46 -163.76 -5.45 -65.65
CA ASP LA 46 -163.75 -4.92 -67.00
C ASP LA 46 -162.60 -3.94 -67.25
N GLY LA 47 -161.66 -3.82 -66.33
CA GLY LA 47 -160.40 -3.16 -66.60
C GLY LA 47 -160.34 -1.67 -66.33
N LEU LA 48 -161.31 -1.10 -65.63
CA LEU LA 48 -161.23 0.33 -65.33
C LEU LA 48 -160.40 0.59 -64.08
N ILE LA 49 -160.08 -0.45 -63.32
CA ILE LA 49 -159.21 -0.35 -62.15
C ILE LA 49 -158.16 -1.43 -62.27
N ILE LA 50 -156.88 -1.04 -62.15
CA ILE LA 50 -155.77 -1.95 -62.35
C ILE LA 50 -154.91 -1.95 -61.10
N ARG LA 51 -154.56 -3.14 -60.62
CA ARG LA 51 -153.57 -3.28 -59.55
C ARG LA 51 -152.18 -3.20 -60.16
N LYS LA 52 -151.54 -2.04 -60.03
CA LYS LA 52 -150.25 -1.85 -60.66
C LYS LA 52 -149.22 -2.80 -60.04
N PRO LA 53 -148.32 -3.37 -60.84
CA PRO LA 53 -147.34 -4.31 -60.31
C PRO LA 53 -146.36 -3.60 -59.39
N VAL LA 54 -145.74 -4.39 -58.51
CA VAL LA 54 -144.79 -3.84 -57.56
C VAL LA 54 -143.58 -3.30 -58.31
N THR LA 55 -142.94 -2.27 -57.73
CA THR LA 55 -141.72 -1.75 -58.30
C THR LA 55 -140.62 -2.81 -58.23
N VAL LA 56 -139.76 -2.82 -59.24
CA VAL LA 56 -138.74 -3.86 -59.30
C VAL LA 56 -137.66 -3.58 -58.27
N HIS LA 57 -137.30 -4.61 -57.50
CA HIS LA 57 -136.14 -4.55 -56.61
C HIS LA 57 -135.33 -5.80 -56.92
N SER LA 58 -134.47 -5.72 -57.91
CA SER LA 58 -133.75 -6.87 -58.40
C SER LA 58 -132.64 -7.27 -57.43
N ARG LA 59 -132.46 -8.57 -57.26
CA ARG LA 59 -131.34 -9.13 -56.50
C ARG LA 59 -130.21 -9.57 -57.43
N ALA LA 60 -130.27 -9.20 -58.71
CA ALA LA 60 -129.23 -9.60 -59.64
C ALA LA 60 -127.89 -8.98 -59.27
N ARG LA 61 -127.89 -7.72 -58.83
CA ARG LA 61 -126.64 -7.07 -58.46
C ARG LA 61 -125.99 -7.76 -57.28
N CYS LA 62 -126.77 -8.07 -56.25
CA CYS LA 62 -126.22 -8.79 -55.10
C CYS LA 62 -125.78 -10.19 -55.48
N ARG LA 63 -126.58 -10.90 -56.28
CA ARG LA 63 -126.30 -12.30 -56.55
C ARG LA 63 -124.97 -12.47 -57.27
N LYS LA 64 -124.65 -11.55 -58.19
CA LYS LA 64 -123.35 -11.62 -58.84
C LYS LA 64 -122.22 -11.26 -57.89
N ASN LA 65 -122.48 -10.39 -56.91
CA ASN LA 65 -121.44 -10.06 -55.94
C ASN LA 65 -121.12 -11.25 -55.05
N THR LA 66 -122.14 -11.99 -54.62
CA THR LA 66 -121.89 -13.19 -53.83
C THR LA 66 -121.02 -14.18 -54.58
N LEU LA 67 -121.22 -14.31 -55.90
CA LEU LA 67 -120.34 -15.16 -56.68
C LEU LA 67 -118.90 -14.67 -56.62
N ALA LA 68 -118.70 -13.36 -56.72
CA ALA LA 68 -117.36 -12.82 -56.50
C ALA LA 68 -116.90 -13.07 -55.07
N ARG LA 69 -117.80 -12.91 -54.10
CA ARG LA 69 -117.43 -13.18 -52.71
C ARG LA 69 -117.14 -14.65 -52.49
N ARG LA 70 -117.88 -15.55 -53.15
CA ARG LA 70 -117.55 -16.97 -53.08
C ARG LA 70 -116.16 -17.24 -53.63
N LYS LA 71 -115.82 -16.58 -54.74
CA LYS LA 71 -114.48 -16.71 -55.31
C LYS LA 71 -113.41 -16.03 -54.46
N GLY LA 72 -113.80 -15.39 -53.36
CA GLY LA 72 -112.85 -14.76 -52.46
C GLY LA 72 -112.69 -13.27 -52.65
N ARG LA 73 -113.28 -12.70 -53.70
CA ARG LA 73 -113.15 -11.28 -53.94
C ARG LA 73 -113.97 -10.48 -52.92
N HIS LA 74 -113.64 -9.20 -52.80
CA HIS LA 74 -114.34 -8.23 -51.95
C HIS LA 74 -114.26 -8.55 -50.47
N MET LA 75 -113.46 -9.54 -50.07
CA MET LA 75 -113.19 -9.75 -48.65
C MET LA 75 -111.91 -9.03 -48.23
N GLY LA 76 -110.78 -9.37 -48.85
CA GLY LA 76 -109.53 -8.68 -48.62
C GLY LA 76 -109.21 -8.56 -47.15
N ILE LA 77 -108.35 -7.59 -46.84
CA ILE LA 77 -108.09 -7.20 -45.46
C ILE LA 77 -108.79 -5.90 -45.10
N GLY LA 78 -109.06 -5.02 -46.06
CA GLY LA 78 -109.69 -3.75 -45.77
C GLY LA 78 -111.20 -3.77 -45.80
N LYS LA 79 -111.79 -4.79 -46.40
CA LYS LA 79 -113.24 -4.86 -46.49
C LYS LA 79 -113.89 -5.52 -45.28
N ARG LA 80 -113.11 -6.00 -44.32
CA ARG LA 80 -113.67 -6.60 -43.11
C ARG LA 80 -113.67 -5.56 -42.00
N LYS LA 81 -114.81 -5.44 -41.31
CA LYS LA 81 -114.96 -4.43 -40.28
C LYS LA 81 -115.03 -5.02 -38.87
N GLY LA 82 -115.72 -6.14 -38.70
CA GLY LA 82 -115.76 -6.78 -37.42
C GLY LA 82 -114.52 -7.59 -37.13
N THR LA 83 -114.35 -7.95 -35.86
CA THR LA 83 -113.19 -8.73 -35.46
C THR LA 83 -113.31 -10.15 -36.01
N ALA LA 84 -112.16 -10.82 -36.10
CA ALA LA 84 -112.15 -12.20 -36.60
C ALA LA 84 -113.05 -13.09 -35.75
N ASN LA 85 -113.08 -12.86 -34.44
CA ASN LA 85 -114.02 -13.55 -33.57
C ASN LA 85 -115.45 -13.17 -33.92
N ALA LA 86 -115.69 -11.90 -34.25
CA ALA LA 86 -117.05 -11.47 -34.57
C ALA LA 86 -117.52 -12.05 -35.89
N ARG LA 87 -116.62 -12.15 -36.87
CA ARG LA 87 -117.02 -12.66 -38.18
C ARG LA 87 -117.20 -14.18 -38.14
N MET LA 88 -116.19 -14.89 -37.70
CA MET LA 88 -116.27 -16.34 -37.53
C MET LA 88 -115.93 -16.70 -36.09
N PRO LA 89 -116.91 -16.95 -35.24
CA PRO LA 89 -116.63 -17.17 -33.81
C PRO LA 89 -115.73 -18.38 -33.60
N GLU LA 90 -114.81 -18.25 -32.65
CA GLU LA 90 -113.91 -19.35 -32.33
C GLU LA 90 -114.65 -20.49 -31.66
N LYS LA 91 -115.73 -20.19 -30.92
CA LYS LA 91 -116.51 -21.25 -30.31
C LYS LA 91 -117.19 -22.09 -31.39
N VAL LA 92 -117.72 -21.43 -32.43
CA VAL LA 92 -118.35 -22.16 -33.53
C VAL LA 92 -117.32 -23.04 -34.23
N THR LA 93 -116.12 -22.52 -34.47
CA THR LA 93 -115.08 -23.34 -35.06
C THR LA 93 -114.76 -24.54 -34.18
N TRP LA 94 -114.76 -24.34 -32.87
CA TRP LA 94 -114.58 -25.46 -31.95
C TRP LA 94 -115.76 -26.43 -32.00
N MET LA 95 -116.97 -25.89 -31.90
CA MET LA 95 -118.19 -26.68 -32.03
C MET LA 95 -118.09 -27.61 -33.23
N ARG LA 96 -117.80 -27.03 -34.39
CA ARG LA 96 -117.72 -27.85 -35.60
C ARG LA 96 -116.58 -28.86 -35.51
N ARG LA 97 -115.43 -28.44 -34.98
CA ARG LA 97 -114.24 -29.28 -35.02
C ARG LA 97 -114.44 -30.61 -34.32
N MET LA 98 -114.91 -30.60 -33.08
CA MET LA 98 -115.19 -31.85 -32.39
C MET LA 98 -116.36 -32.60 -32.98
N ARG LA 99 -117.40 -31.91 -33.45
CA ARG LA 99 -118.54 -32.60 -34.00
C ARG LA 99 -118.18 -33.43 -35.23
N ILE LA 100 -117.09 -33.10 -35.91
CA ILE LA 100 -116.57 -33.96 -36.96
C ILE LA 100 -115.67 -35.04 -36.40
N LEU LA 101 -114.69 -34.66 -35.59
CA LEU LA 101 -113.69 -35.60 -35.14
C LEU LA 101 -114.30 -36.67 -34.24
N ARG LA 102 -115.19 -36.27 -33.32
CA ARG LA 102 -115.86 -37.27 -32.50
C ARG LA 102 -116.76 -38.16 -33.34
N ARG LA 103 -117.33 -37.62 -34.42
CA ARG LA 103 -118.13 -38.45 -35.32
C ARG LA 103 -117.23 -39.44 -36.06
N LEU LA 104 -116.06 -38.99 -36.50
CA LEU LA 104 -115.11 -39.88 -37.15
C LEU LA 104 -114.64 -40.97 -36.21
N LEU LA 105 -114.34 -40.61 -34.96
CA LEU LA 105 -113.86 -41.59 -34.00
C LEU LA 105 -114.94 -42.60 -33.64
N ARG LA 106 -116.21 -42.20 -33.74
CA ARG LA 106 -117.29 -43.12 -33.44
C ARG LA 106 -117.47 -44.14 -34.57
N ARG LA 107 -117.28 -43.71 -35.81
CA ARG LA 107 -117.41 -44.63 -36.93
C ARG LA 107 -116.23 -45.59 -36.99
N TYR LA 108 -115.04 -45.11 -36.65
CA TYR LA 108 -113.87 -45.99 -36.63
C TYR LA 108 -113.99 -47.05 -35.54
N ARG LA 109 -114.51 -46.67 -34.38
CA ARG LA 109 -114.71 -47.64 -33.31
C ARG LA 109 -115.75 -48.68 -33.70
N GLU LA 110 -116.81 -48.25 -34.38
CA GLU LA 110 -117.82 -49.20 -34.84
C GLU LA 110 -117.29 -50.08 -35.97
N SER LA 111 -116.56 -49.49 -36.91
CA SER LA 111 -115.99 -50.27 -38.00
C SER LA 111 -114.88 -51.19 -37.54
N LYS LA 112 -114.48 -51.10 -36.28
CA LYS LA 112 -113.48 -51.96 -35.66
C LYS LA 112 -112.10 -51.80 -36.27
N LYS LA 113 -111.79 -50.63 -36.83
CA LYS LA 113 -110.40 -50.34 -37.15
C LYS LA 113 -109.67 -49.79 -35.93
N ILE LA 114 -110.40 -49.37 -34.90
CA ILE LA 114 -109.83 -49.01 -33.62
C ILE LA 114 -110.66 -49.66 -32.52
N ASP LA 115 -110.05 -49.90 -31.37
CA ASP LA 115 -110.74 -50.51 -30.25
C ASP LA 115 -111.14 -49.45 -29.24
N ARG LA 116 -111.89 -49.85 -28.22
CA ARG LA 116 -112.39 -48.92 -27.21
C ARG LA 116 -111.26 -48.16 -26.55
N HIS LA 117 -110.11 -48.80 -26.38
CA HIS LA 117 -109.06 -48.23 -25.54
C HIS LA 117 -108.31 -47.12 -26.26
N MET LA 118 -107.86 -47.38 -27.48
CA MET LA 118 -107.23 -46.31 -28.24
C MET LA 118 -108.24 -45.27 -28.69
N TYR LA 119 -109.51 -45.67 -28.87
CA TYR LA 119 -110.55 -44.68 -29.12
C TYR LA 119 -110.68 -43.71 -27.95
N HIS LA 120 -110.68 -44.24 -26.73
CA HIS LA 120 -110.82 -43.38 -25.56
C HIS LA 120 -109.63 -42.45 -25.41
N SER LA 121 -108.42 -42.95 -25.63
CA SER LA 121 -107.25 -42.07 -25.57
C SER LA 121 -107.31 -41.01 -26.65
N LEU LA 122 -107.69 -41.40 -27.87
CA LEU LA 122 -107.84 -40.42 -28.94
C LEU LA 122 -108.96 -39.44 -28.65
N TYR LA 123 -110.08 -39.93 -28.10
CA TYR LA 123 -111.19 -39.05 -27.76
C TYR LA 123 -110.76 -38.01 -26.74
N LEU LA 124 -109.94 -38.40 -25.77
CA LEU LA 124 -109.40 -37.43 -24.83
C LEU LA 124 -108.39 -36.53 -25.51
N LYS LA 125 -107.61 -37.08 -26.44
CA LYS LA 125 -106.59 -36.27 -27.12
C LYS LA 125 -107.21 -35.21 -28.02
N VAL LA 126 -108.26 -35.58 -28.77
CA VAL LA 126 -108.95 -34.57 -29.58
C VAL LA 126 -109.61 -33.53 -28.69
N LYS LA 127 -110.08 -33.95 -27.51
CA LYS LA 127 -110.59 -32.98 -26.55
C LYS LA 127 -109.50 -31.98 -26.16
N GLY LA 128 -108.26 -32.45 -26.08
CA GLY LA 128 -107.15 -31.58 -25.75
C GLY LA 128 -106.62 -30.74 -26.89
N ASN LA 129 -107.29 -30.76 -28.05
CA ASN LA 129 -106.87 -30.00 -29.22
C ASN LA 129 -105.46 -30.41 -29.66
N VAL LA 130 -105.33 -31.68 -30.05
CA VAL LA 130 -104.12 -32.22 -30.63
C VAL LA 130 -104.27 -32.40 -32.13
N PHE LA 131 -105.49 -32.56 -32.62
CA PHE LA 131 -105.76 -32.86 -34.02
C PHE LA 131 -106.49 -31.69 -34.64
N LYS LA 132 -105.87 -31.10 -35.67
CA LYS LA 132 -106.37 -29.88 -36.27
C LYS LA 132 -107.57 -30.13 -37.19
N ASN LA 133 -107.62 -31.28 -37.84
CA ASN LA 133 -108.73 -31.60 -38.73
C ASN LA 133 -108.80 -33.12 -38.88
N LYS LA 134 -109.76 -33.57 -39.68
CA LYS LA 134 -109.96 -35.01 -39.81
C LYS LA 134 -108.88 -35.65 -40.67
N ARG LA 135 -108.31 -34.92 -41.61
CA ARG LA 135 -107.20 -35.47 -42.37
C ARG LA 135 -106.03 -35.79 -41.47
N ILE LA 136 -105.68 -34.87 -40.57
CA ILE LA 136 -104.57 -35.09 -39.66
C ILE LA 136 -104.88 -36.24 -38.72
N LEU LA 137 -106.11 -36.30 -38.20
CA LEU LA 137 -106.48 -37.36 -37.26
C LEU LA 137 -106.30 -38.74 -37.88
N MET LA 138 -106.75 -38.91 -39.13
CA MET LA 138 -106.56 -40.20 -39.79
C MET LA 138 -105.09 -40.51 -40.00
N GLU LA 139 -104.29 -39.51 -40.39
CA GLU LA 139 -102.86 -39.75 -40.56
C GLU LA 139 -102.23 -40.24 -39.26
N HIS LA 140 -102.59 -39.62 -38.14
CA HIS LA 140 -102.07 -40.07 -36.86
C HIS LA 140 -102.52 -41.49 -36.55
N ILE LA 141 -103.76 -41.82 -36.89
CA ILE LA 141 -104.24 -43.18 -36.65
C ILE LA 141 -103.43 -44.19 -37.46
N HIS LA 142 -103.18 -43.89 -38.73
CA HIS LA 142 -102.50 -44.85 -39.59
C HIS LA 142 -101.10 -45.14 -39.10
N LYS LA 143 -100.36 -44.11 -38.69
CA LYS LA 143 -99.04 -44.34 -38.12
C LYS LA 143 -99.13 -45.18 -36.86
N LEU LA 144 -100.23 -45.06 -36.12
CA LEU LA 144 -100.33 -45.74 -34.84
C LEU LA 144 -100.58 -47.23 -35.03
N LYS LA 145 -101.39 -47.60 -36.02
CA LYS LA 145 -101.58 -49.02 -36.33
C LYS LA 145 -100.38 -49.59 -37.07
N ALA LA 146 -99.79 -48.83 -38.00
CA ALA LA 146 -98.59 -49.30 -38.68
C ALA LA 146 -97.46 -49.51 -37.68
N ASP LA 147 -97.34 -48.62 -36.70
CA ASP LA 147 -96.37 -48.83 -35.63
C ASP LA 147 -96.69 -50.10 -34.86
N LYS LA 148 -97.96 -50.34 -34.59
CA LYS LA 148 -98.34 -51.54 -33.85
C LYS LA 148 -97.99 -52.80 -34.63
N ALA LA 149 -98.20 -52.78 -35.95
CA ALA LA 149 -97.84 -53.93 -36.77
C ALA LA 149 -96.34 -54.18 -36.74
N ARG LA 150 -95.53 -53.11 -36.79
CA ARG LA 150 -94.09 -53.28 -36.76
C ARG LA 150 -93.63 -53.93 -35.46
N LYS LA 151 -94.19 -53.52 -34.33
CA LYS LA 151 -93.83 -54.12 -33.06
C LYS LA 151 -94.22 -55.60 -33.02
N LYS LA 152 -95.42 -55.92 -33.53
CA LYS LA 152 -95.84 -57.31 -33.58
C LYS LA 152 -94.95 -58.12 -34.50
N LEU LA 153 -94.75 -57.63 -35.73
CA LEU LA 153 -93.91 -58.32 -36.71
C LEU LA 153 -92.49 -58.53 -36.21
N LEU LA 154 -91.94 -57.60 -35.43
CA LEU LA 154 -90.67 -57.86 -34.76
C LEU LA 154 -90.84 -58.91 -33.66
N ALA LA 155 -91.94 -58.83 -32.92
CA ALA LA 155 -92.11 -59.71 -31.76
C ALA LA 155 -92.28 -61.16 -32.18
N ASP LA 156 -93.14 -61.43 -33.17
CA ASP LA 156 -93.47 -62.81 -33.50
C ASP LA 156 -92.26 -63.56 -34.06
N GLN LA 157 -91.45 -62.90 -34.90
CA GLN LA 157 -90.28 -63.57 -35.44
C GLN LA 157 -89.20 -63.74 -34.39
N ALA LA 158 -89.09 -62.80 -33.46
CA ALA LA 158 -88.20 -62.98 -32.32
C ALA LA 158 -88.65 -64.15 -31.46
N GLU LA 159 -89.96 -64.26 -31.23
CA GLU LA 159 -90.49 -65.42 -30.53
C GLU LA 159 -90.36 -66.68 -31.38
N ALA LA 160 -90.55 -66.56 -32.69
CA ALA LA 160 -90.35 -67.69 -33.58
C ALA LA 160 -88.91 -68.18 -33.51
N ARG LA 161 -87.95 -67.26 -33.49
CA ARG LA 161 -86.55 -67.66 -33.36
C ARG LA 161 -86.25 -68.18 -31.96
N ARG LA 162 -86.97 -67.69 -30.95
CA ARG LA 162 -86.82 -68.27 -29.61
C ARG LA 162 -87.28 -69.73 -29.61
N SER LA 163 -88.39 -70.02 -30.28
CA SER LA 163 -88.87 -71.39 -30.33
C SER LA 163 -87.92 -72.28 -31.13
N LYS LA 164 -87.37 -71.77 -32.23
CA LYS LA 164 -86.61 -72.62 -33.14
C LYS LA 164 -85.35 -73.16 -32.47
N THR LA 165 -84.66 -72.33 -31.70
CA THR LA 165 -83.44 -72.78 -31.03
C THR LA 165 -83.77 -73.64 -29.82
N LYS LA 166 -84.80 -73.26 -29.07
CA LYS LA 166 -85.17 -74.04 -27.89
C LYS LA 166 -85.62 -75.44 -28.30
N GLU LA 167 -86.48 -75.54 -29.31
CA GLU LA 167 -86.91 -76.85 -29.77
C GLU LA 167 -85.79 -77.62 -30.45
N ALA LA 168 -84.88 -76.93 -31.14
CA ALA LA 168 -83.74 -77.61 -31.73
C ALA LA 168 -82.86 -78.26 -30.67
N ARG LA 169 -82.65 -77.57 -29.55
CA ARG LA 169 -81.92 -78.19 -28.44
C ARG LA 169 -82.74 -79.30 -27.81
N LYS LA 170 -84.04 -79.08 -27.64
CA LYS LA 170 -84.87 -80.03 -26.91
C LYS LA 170 -84.92 -81.38 -27.59
N ARG LA 171 -84.98 -81.40 -28.93
CA ARG LA 171 -85.03 -82.69 -29.60
C ARG LA 171 -83.64 -83.31 -29.71
N ARG LA 172 -82.61 -82.58 -29.28
CA ARG LA 172 -81.30 -83.19 -29.09
C ARG LA 172 -81.17 -83.78 -27.69
N GLU LA 173 -81.62 -83.05 -26.67
CA GLU LA 173 -81.58 -83.58 -25.31
C GLU LA 173 -82.54 -84.74 -25.13
N GLU LA 174 -83.60 -84.83 -25.94
CA GLU LA 174 -84.51 -85.97 -25.80
C GLU LA 174 -83.88 -87.23 -26.37
N ARG LA 175 -83.12 -87.11 -27.47
CA ARG LA 175 -82.45 -88.28 -28.01
C ARG LA 175 -81.14 -88.55 -27.27
N LEU LA 176 -80.55 -87.52 -26.67
CA LEU LA 176 -79.44 -87.74 -25.74
C LEU LA 176 -79.86 -88.64 -24.60
N GLN LA 177 -80.98 -88.32 -23.94
CA GLN LA 177 -81.45 -89.14 -22.84
C GLN LA 177 -81.94 -90.50 -23.31
N ALA LA 178 -82.33 -90.60 -24.58
CA ALA LA 178 -82.64 -91.91 -25.15
C ALA LA 178 -81.41 -92.82 -25.11
N LYS LA 179 -80.24 -92.25 -25.34
CA LYS LA 179 -79.00 -93.04 -25.29
C LYS LA 179 -78.64 -93.39 -23.85
N LYS LA 180 -79.09 -92.58 -22.89
CA LYS LA 180 -78.80 -92.90 -21.49
C LYS LA 180 -79.70 -94.01 -20.97
N GLU LA 181 -80.97 -94.01 -21.39
CA GLU LA 181 -81.95 -94.95 -20.86
C GLU LA 181 -82.10 -96.21 -21.70
N GLU LA 182 -81.19 -96.45 -22.64
CA GLU LA 182 -81.19 -97.70 -23.40
C GLU LA 182 -80.25 -98.76 -22.84
N ILE LA 183 -79.56 -98.46 -21.75
CA ILE LA 183 -78.63 -99.40 -21.14
C ILE LA 183 -79.14 -99.90 -19.80
N ILE LA 184 -79.78 -99.04 -19.01
CA ILE LA 184 -80.26 -99.45 -17.69
C ILE LA 184 -81.41 -100.45 -17.78
N LYS LA 185 -82.13 -100.48 -18.90
CA LYS LA 185 -83.27 -101.39 -19.05
C LYS LA 185 -82.87 -102.80 -19.44
N THR LA 186 -81.60 -103.04 -19.75
CA THR LA 186 -81.15 -104.34 -20.22
C THR LA 186 -79.99 -104.93 -19.44
N LEU LA 187 -79.13 -104.12 -18.83
CA LEU LA 187 -77.95 -104.59 -18.10
C LEU LA 187 -77.09 -105.51 -18.98
N LYS MA 1 -119.81 109.69 1.44
CA LYS MA 1 -120.05 110.95 0.78
C LYS MA 1 -120.05 110.82 -0.73
N ALA MA 2 -121.12 111.26 -1.36
CA ALA MA 2 -121.21 111.34 -2.81
C ALA MA 2 -120.70 112.71 -3.25
N SER MA 3 -121.00 113.11 -4.47
CA SER MA 3 -120.46 114.36 -4.97
C SER MA 3 -121.47 114.99 -5.94
N GLY MA 4 -120.98 115.93 -6.73
CA GLY MA 4 -121.77 116.83 -7.56
C GLY MA 4 -120.81 117.90 -8.02
N THR MA 5 -121.17 119.18 -7.85
CA THR MA 5 -120.18 120.24 -7.88
C THR MA 5 -119.97 120.68 -6.44
N LEU MA 6 -118.77 120.48 -5.93
CA LEU MA 6 -118.50 120.67 -4.51
C LEU MA 6 -118.61 122.14 -4.14
N ARG MA 7 -118.98 122.39 -2.90
CA ARG MA 7 -119.07 123.76 -2.40
C ARG MA 7 -118.35 123.84 -1.07
N GLU MA 8 -117.58 124.91 -0.90
CA GLU MA 8 -116.76 125.10 0.29
C GLU MA 8 -117.60 125.76 1.37
N TYR MA 9 -117.72 125.07 2.51
CA TYR MA 9 -118.48 125.58 3.65
C TYR MA 9 -117.53 125.85 4.80
N LYS MA 10 -117.62 127.04 5.38
CA LYS MA 10 -116.99 127.28 6.66
C LYS MA 10 -117.99 126.94 7.76
N VAL MA 11 -117.56 126.11 8.70
CA VAL MA 11 -118.42 125.62 9.76
C VAL MA 11 -117.76 125.95 11.08
N VAL MA 12 -118.49 126.64 11.96
CA VAL MA 12 -118.01 127.02 13.28
C VAL MA 12 -118.86 126.32 14.31
N GLY MA 13 -118.21 125.60 15.22
CA GLY MA 13 -118.93 124.83 16.22
C GLY MA 13 -118.24 124.91 17.56
N ARG MA 14 -118.92 124.35 18.56
CA ARG MA 14 -118.42 124.36 19.93
C ARG MA 14 -119.26 123.37 20.73
N CYS MA 15 -118.77 123.05 21.92
CA CYS MA 15 -119.56 122.23 22.83
C CYS MA 15 -120.63 123.10 23.50
N LEU MA 16 -121.68 122.45 23.99
CA LEU MA 16 -122.66 123.18 24.77
C LEU MA 16 -121.99 123.72 26.04
N PRO MA 17 -122.39 124.88 26.52
CA PRO MA 17 -121.70 125.42 27.70
C PRO MA 17 -122.03 124.61 28.94
N THR MA 18 -121.08 123.78 29.35
CA THR MA 18 -121.24 123.00 30.56
C THR MA 18 -120.87 123.87 31.76
N PRO MA 19 -121.46 123.62 32.93
CA PRO MA 19 -121.16 124.48 34.08
C PRO MA 19 -119.78 124.18 34.68
N LYS MA 20 -118.80 123.99 33.81
CA LYS MA 20 -117.39 123.94 34.15
C LYS MA 20 -116.57 124.91 33.34
N CYS MA 21 -116.86 125.05 32.04
CA CYS MA 21 -116.31 126.12 31.21
C CYS MA 21 -117.50 126.74 30.48
N HIS MA 22 -118.06 127.78 31.09
CA HIS MA 22 -119.29 128.39 30.56
C HIS MA 22 -119.07 129.01 29.18
N THR MA 23 -117.81 129.23 28.78
CA THR MA 23 -117.48 129.74 27.46
C THR MA 23 -116.48 128.76 26.85
N PRO MA 24 -116.97 127.68 26.23
CA PRO MA 24 -116.05 126.74 25.61
C PRO MA 24 -115.44 127.33 24.36
N PRO MA 25 -114.27 126.84 23.95
CA PRO MA 25 -113.64 127.37 22.73
C PRO MA 25 -114.51 127.12 21.51
N LEU MA 26 -114.50 128.07 20.60
CA LEU MA 26 -115.18 127.94 19.32
C LEU MA 26 -114.21 127.34 18.32
N TYR MA 27 -114.72 126.47 17.46
CA TYR MA 27 -113.87 125.74 16.53
C TYR MA 27 -114.39 125.92 15.11
N ARG MA 28 -113.48 126.34 14.22
CA ARG MA 28 -113.83 126.63 12.85
C ARG MA 28 -113.05 125.69 11.93
N MET MA 29 -113.69 125.29 10.83
CA MET MA 29 -113.04 124.40 9.88
C MET MA 29 -113.60 124.70 8.50
N ARG MA 30 -112.83 124.31 7.48
CA ARG MA 30 -113.25 124.43 6.10
C ARG MA 30 -113.65 123.07 5.58
N ILE MA 31 -114.95 122.89 5.30
CA ILE MA 31 -115.49 121.62 4.84
C ILE MA 31 -115.93 121.80 3.40
N PHE MA 32 -115.60 120.83 2.55
CA PHE MA 32 -116.05 120.79 1.17
C PHE MA 32 -117.09 119.69 1.03
N ALA MA 33 -118.34 120.09 0.86
CA ALA MA 33 -119.46 119.15 0.80
C ALA MA 33 -120.47 119.64 -0.22
N PRO MA 34 -121.26 118.74 -0.81
CA PRO MA 34 -122.25 119.16 -1.80
C PRO MA 34 -123.31 120.10 -1.24
N ASN MA 35 -123.62 120.02 0.04
CA ASN MA 35 -124.63 120.89 0.62
C ASN MA 35 -124.38 121.03 2.12
N HIS MA 36 -125.06 122.01 2.72
CA HIS MA 36 -124.83 122.33 4.12
C HIS MA 36 -125.21 121.19 5.05
N VAL MA 37 -126.15 120.32 4.65
CA VAL MA 37 -126.47 119.17 5.48
C VAL MA 37 -125.26 118.24 5.59
N VAL MA 38 -124.63 117.95 4.46
CA VAL MA 38 -123.44 117.10 4.48
C VAL MA 38 -122.28 117.80 5.16
N ALA MA 39 -122.14 119.11 4.92
CA ALA MA 39 -121.03 119.85 5.52
C ALA MA 39 -121.11 119.79 7.03
N LYS MA 40 -122.30 119.96 7.60
CA LYS MA 40 -122.43 119.87 9.05
C LYS MA 40 -122.04 118.48 9.55
N SER MA 41 -122.48 117.43 8.85
CA SER MA 41 -122.14 116.08 9.27
C SER MA 41 -120.65 115.80 9.11
N ARG MA 42 -120.04 116.30 8.03
CA ARG MA 42 -118.61 116.15 7.86
C ARG MA 42 -117.84 116.91 8.94
N PHE MA 43 -118.40 118.02 9.42
CA PHE MA 43 -117.72 118.80 10.45
C PHE MA 43 -117.49 117.97 11.70
N TRP MA 44 -118.52 117.27 12.16
CA TRP MA 44 -118.39 116.48 13.37
C TRP MA 44 -117.41 115.32 13.18
N TYR MA 45 -117.37 114.75 11.97
CA TYR MA 45 -116.43 113.67 11.72
C TYR MA 45 -115.00 114.12 11.92
N PHE MA 46 -114.64 115.28 11.39
CA PHE MA 46 -113.27 115.76 11.54
C PHE MA 46 -113.03 116.27 12.95
N VAL MA 47 -114.03 116.91 13.56
CA VAL MA 47 -113.83 117.45 14.89
C VAL MA 47 -113.74 116.33 15.91
N SER MA 48 -114.60 115.32 15.83
CA SER MA 48 -114.54 114.24 16.80
C SER MA 48 -113.23 113.47 16.69
N GLN MA 49 -112.70 113.34 15.48
CA GLN MA 49 -111.34 112.82 15.32
C GLN MA 49 -110.32 113.76 15.95
N LEU MA 50 -110.55 115.08 15.80
CA LEU MA 50 -109.57 116.07 16.23
C LEU MA 50 -109.60 116.28 17.74
N LYS MA 51 -110.77 116.56 18.29
CA LYS MA 51 -110.92 116.84 19.70
C LYS MA 51 -112.12 116.10 20.26
N LYS MA 52 -112.06 115.80 21.56
CA LYS MA 52 -113.01 114.91 22.20
C LYS MA 52 -114.35 115.64 22.34
N MET MA 53 -115.13 115.62 21.27
CA MET MA 53 -116.47 116.17 21.32
C MET MA 53 -117.32 115.49 20.26
N LYS MA 54 -118.59 115.31 20.58
CA LYS MA 54 -119.56 114.65 19.71
C LYS MA 54 -120.63 115.65 19.28
N LYS MA 55 -121.47 115.22 18.33
CA LYS MA 55 -122.59 116.04 17.93
C LYS MA 55 -123.55 116.26 19.09
N SER MA 56 -123.74 115.23 19.92
CA SER MA 56 -124.59 115.37 21.09
C SER MA 56 -123.97 116.31 22.12
N SER MA 57 -122.66 116.34 22.21
CA SER MA 57 -121.95 117.19 23.15
C SER MA 57 -121.43 118.45 22.48
N GLY MA 58 -122.18 118.96 21.53
CA GLY MA 58 -121.74 120.15 20.82
C GLY MA 58 -122.85 120.68 19.93
N GLU MA 59 -122.53 121.74 19.20
CA GLU MA 59 -123.50 122.37 18.32
C GLU MA 59 -122.77 123.16 17.26
N ILE MA 60 -123.47 123.41 16.15
CA ILE MA 60 -123.00 124.29 15.10
C ILE MA 60 -123.51 125.69 15.41
N VAL MA 61 -122.61 126.67 15.43
CA VAL MA 61 -122.99 128.05 15.61
C VAL MA 61 -123.07 128.81 14.29
N TYR MA 62 -122.47 128.31 13.23
CA TYR MA 62 -122.55 128.95 11.92
C TYR MA 62 -122.14 127.93 10.87
N CYS MA 63 -122.86 127.93 9.76
CA CYS MA 63 -122.54 127.07 8.63
C CYS MA 63 -122.97 127.81 7.36
N GLY MA 64 -122.01 128.44 6.70
CA GLY MA 64 -122.30 129.20 5.51
C GLY MA 64 -121.31 128.93 4.40
N GLN MA 65 -121.76 129.06 3.15
CA GLN MA 65 -120.87 128.81 2.03
C GLN MA 65 -119.82 129.90 1.93
N VAL MA 66 -118.62 129.53 1.48
CA VAL MA 66 -117.53 130.47 1.28
C VAL MA 66 -117.40 130.71 -0.21
N PHE MA 67 -117.94 131.83 -0.68
CA PHE MA 67 -117.84 132.17 -2.09
C PHE MA 67 -116.39 132.45 -2.46
N GLU MA 68 -116.04 132.11 -3.69
CA GLU MA 68 -114.68 132.29 -4.14
C GLU MA 68 -114.31 133.77 -4.15
N LYS MA 69 -113.13 134.07 -3.59
CA LYS MA 69 -112.70 135.46 -3.49
C LYS MA 69 -112.42 136.05 -4.86
N SER MA 70 -111.78 135.29 -5.73
CA SER MA 70 -111.42 135.74 -7.08
C SER MA 70 -111.76 134.65 -8.09
N PRO MA 71 -113.04 134.45 -8.37
CA PRO MA 71 -113.45 133.41 -9.33
C PRO MA 71 -113.26 133.78 -10.79
N LEU MA 72 -112.51 134.83 -11.09
CA LEU MA 72 -112.29 135.24 -12.47
C LEU MA 72 -110.82 135.29 -12.84
N ARG MA 73 -109.94 134.77 -12.00
CA ARG MA 73 -108.52 134.75 -12.26
C ARG MA 73 -108.02 133.31 -12.11
N VAL MA 74 -107.38 132.79 -13.15
CA VAL MA 74 -106.83 131.45 -13.09
C VAL MA 74 -105.76 131.39 -12.00
N LYS MA 75 -105.76 130.31 -11.24
CA LYS MA 75 -104.77 130.16 -10.19
C LYS MA 75 -104.47 128.69 -9.98
N ASN MA 76 -103.33 128.41 -9.36
CA ASN MA 76 -102.86 127.06 -9.12
C ASN MA 76 -103.07 126.70 -7.65
N PHE MA 77 -103.68 125.57 -7.40
CA PHE MA 77 -104.06 125.14 -6.07
C PHE MA 77 -103.18 123.97 -5.64
N GLY MA 78 -102.75 123.99 -4.38
CA GLY MA 78 -102.03 122.89 -3.79
C GLY MA 78 -102.86 122.27 -2.67
N ILE MA 79 -103.22 121.00 -2.85
CA ILE MA 79 -104.07 120.28 -1.92
C ILE MA 79 -103.22 119.24 -1.22
N TRP MA 80 -103.15 119.32 0.11
CA TRP MA 80 -102.56 118.28 0.93
C TRP MA 80 -103.70 117.43 1.46
N LEU MA 81 -103.70 116.15 1.13
CA LEU MA 81 -104.75 115.25 1.58
C LEU MA 81 -104.16 113.88 1.90
N ARG MA 82 -104.88 113.12 2.70
CA ARG MA 82 -104.52 111.75 3.02
C ARG MA 82 -105.68 110.85 2.66
N TYR MA 83 -105.36 109.61 2.34
CA TYR MA 83 -106.39 108.65 1.97
C TYR MA 83 -105.87 107.25 2.25
N ASP MA 84 -106.79 106.31 2.40
CA ASP MA 84 -106.46 104.93 2.67
C ASP MA 84 -106.81 104.09 1.46
N SER MA 85 -105.83 103.37 0.94
CA SER MA 85 -106.01 102.50 -0.21
C SER MA 85 -106.37 101.10 0.27
N ARG MA 86 -106.28 100.13 -0.62
CA ARG MA 86 -106.52 98.74 -0.21
C ARG MA 86 -105.49 98.30 0.83
N SER MA 87 -104.25 98.73 0.69
CA SER MA 87 -103.24 98.58 1.73
C SER MA 87 -103.39 99.73 2.72
N GLY MA 88 -102.38 99.92 3.57
CA GLY MA 88 -102.40 101.03 4.52
C GLY MA 88 -102.57 102.38 3.84
N THR MA 89 -102.76 103.40 4.68
CA THR MA 89 -103.08 104.72 4.18
C THR MA 89 -101.82 105.53 3.88
N HIS MA 90 -102.01 106.63 3.15
CA HIS MA 90 -100.91 107.45 2.66
C HIS MA 90 -101.22 108.92 2.82
N ASN MA 91 -100.17 109.73 2.88
CA ASN MA 91 -100.29 111.17 2.77
C ASN MA 91 -99.89 111.61 1.36
N MET MA 92 -100.63 112.58 0.82
CA MET MA 92 -100.46 112.90 -0.59
C MET MA 92 -100.58 114.40 -0.81
N TYR MA 93 -99.93 114.88 -1.87
CA TYR MA 93 -99.97 116.29 -2.25
C TYR MA 93 -100.13 116.37 -3.77
N ARG MA 94 -101.12 117.14 -4.22
CA ARG MA 94 -101.42 117.30 -5.63
C ARG MA 94 -101.68 118.77 -5.95
N GLU MA 95 -101.54 119.12 -7.22
CA GLU MA 95 -101.75 120.48 -7.68
C GLU MA 95 -102.74 120.51 -8.84
N TYR MA 96 -103.64 121.50 -8.82
CA TYR MA 96 -104.65 121.65 -9.85
C TYR MA 96 -104.80 123.13 -10.19
N ARG MA 97 -105.23 123.38 -11.42
CA ARG MA 97 -105.50 124.74 -11.92
C ARG MA 97 -106.99 124.89 -12.11
N ASP MA 98 -107.60 125.88 -11.45
CA ASP MA 98 -109.02 126.10 -11.59
C ASP MA 98 -109.37 127.52 -11.13
N LEU MA 99 -110.53 128.00 -11.56
CA LEU MA 99 -110.98 129.32 -11.16
C LEU MA 99 -111.43 129.35 -9.70
N THR MA 100 -112.09 128.29 -9.23
CA THR MA 100 -112.68 128.27 -7.90
C THR MA 100 -112.07 127.17 -7.07
N THR MA 101 -111.83 127.46 -5.79
CA THR MA 101 -111.18 126.49 -4.92
C THR MA 101 -112.03 125.22 -4.78
N ALA MA 102 -113.35 125.38 -4.68
CA ALA MA 102 -114.22 124.21 -4.67
C ALA MA 102 -114.09 123.44 -5.98
N GLY MA 103 -113.89 124.15 -7.09
CA GLY MA 103 -113.68 123.46 -8.34
C GLY MA 103 -112.38 122.67 -8.36
N ALA MA 104 -111.36 123.16 -7.66
CA ALA MA 104 -110.12 122.41 -7.56
C ALA MA 104 -110.31 121.15 -6.74
N VAL MA 105 -110.99 121.26 -5.60
CA VAL MA 105 -111.21 120.09 -4.76
C VAL MA 105 -112.04 119.05 -5.49
N THR MA 106 -113.06 119.49 -6.23
CA THR MA 106 -113.82 118.57 -7.07
C THR MA 106 -112.90 117.85 -8.04
N GLN MA 107 -112.00 118.60 -8.69
CA GLN MA 107 -111.03 117.98 -9.58
C GLN MA 107 -110.20 116.95 -8.83
N CYS MA 108 -109.81 117.27 -7.60
CA CYS MA 108 -109.01 116.33 -6.81
C CYS MA 108 -109.81 115.06 -6.52
N TYR MA 109 -111.10 115.19 -6.21
CA TYR MA 109 -111.91 114.02 -5.93
C TYR MA 109 -112.03 113.14 -7.16
N ARG MA 110 -112.27 113.74 -8.34
CA ARG MA 110 -112.32 112.96 -9.56
C ARG MA 110 -110.96 112.38 -9.91
N ASP MA 111 -109.91 113.20 -9.84
CA ASP MA 111 -108.59 112.72 -10.19
C ASP MA 111 -108.13 111.60 -9.25
N MET MA 112 -108.42 111.75 -7.95
CA MET MA 112 -108.11 110.68 -7.02
C MET MA 112 -108.92 109.43 -7.35
N GLY MA 113 -110.20 109.60 -7.66
CA GLY MA 113 -111.03 108.45 -8.00
C GLY MA 113 -110.59 107.80 -9.31
N ALA MA 114 -110.12 108.61 -10.26
CA ALA MA 114 -109.77 108.07 -11.57
C ALA MA 114 -108.44 107.33 -11.55
N ARG MA 115 -107.50 107.76 -10.70
CA ARG MA 115 -106.15 107.20 -10.72
C ARG MA 115 -105.97 106.13 -9.65
N HIS MA 116 -106.22 106.48 -8.39
CA HIS MA 116 -105.98 105.57 -7.28
C HIS MA 116 -107.23 104.85 -6.82
N ARG MA 117 -108.35 105.02 -7.51
CA ARG MA 117 -109.59 104.32 -7.20
C ARG MA 117 -110.04 104.57 -5.76
N ALA MA 118 -109.76 105.76 -5.25
CA ALA MA 118 -110.10 106.11 -3.88
C ALA MA 118 -111.47 106.75 -3.84
N ARG MA 119 -112.43 106.07 -3.22
CA ARG MA 119 -113.77 106.61 -3.10
C ARG MA 119 -113.77 107.80 -2.15
N ALA MA 120 -114.79 108.65 -2.30
CA ALA MA 120 -114.80 109.93 -1.59
C ALA MA 120 -114.74 109.76 -0.08
N HIS MA 121 -115.36 108.70 0.44
CA HIS MA 121 -115.34 108.47 1.88
C HIS MA 121 -113.96 108.12 2.39
N SER MA 122 -113.04 107.73 1.51
CA SER MA 122 -111.68 107.38 1.90
C SER MA 122 -110.75 108.58 1.98
N ILE MA 123 -111.21 109.75 1.55
CA ILE MA 123 -110.35 110.92 1.36
C ILE MA 123 -110.65 111.93 2.47
N GLN MA 124 -109.59 112.44 3.09
CA GLN MA 124 -109.68 113.58 4.01
C GLN MA 124 -108.69 114.64 3.57
N ILE MA 125 -109.21 115.78 3.12
CA ILE MA 125 -108.40 116.91 2.70
C ILE MA 125 -108.09 117.75 3.93
N MET MA 126 -106.81 117.98 4.20
CA MET MA 126 -106.42 118.77 5.36
C MET MA 126 -106.02 120.18 5.02
N LYS MA 127 -105.41 120.41 3.86
CA LYS MA 127 -104.86 121.71 3.53
C LYS MA 127 -105.14 122.05 2.08
N VAL MA 128 -105.61 123.27 1.84
CA VAL MA 128 -105.78 123.80 0.49
C VAL MA 128 -105.22 125.22 0.48
N GLU MA 129 -104.25 125.48 -0.39
CA GLU MA 129 -103.64 126.80 -0.49
C GLU MA 129 -103.62 127.27 -1.94
N GLU MA 130 -103.54 128.58 -2.09
CA GLU MA 130 -103.28 129.20 -3.38
C GLU MA 130 -101.77 129.26 -3.57
N ILE MA 131 -101.29 128.55 -4.58
CA ILE MA 131 -99.86 128.34 -4.79
C ILE MA 131 -99.42 129.16 -5.99
N ALA MA 132 -98.36 129.94 -5.81
CA ALA MA 132 -97.80 130.70 -6.91
C ALA MA 132 -97.09 129.78 -7.89
N ALA MA 133 -97.15 130.15 -9.18
CA ALA MA 133 -96.63 129.28 -10.23
C ALA MA 133 -95.15 129.00 -10.05
N SER MA 134 -94.40 129.96 -9.51
CA SER MA 134 -92.99 129.73 -9.23
C SER MA 134 -92.77 128.63 -8.20
N LYS MA 135 -93.75 128.40 -7.32
CA LYS MA 135 -93.64 127.40 -6.27
C LYS MA 135 -94.38 126.11 -6.60
N CYS MA 136 -94.99 126.01 -7.78
CA CYS MA 136 -95.63 124.77 -8.17
C CYS MA 136 -94.59 123.67 -8.37
N ARG MA 137 -95.02 122.43 -8.16
CA ARG MA 137 -94.12 121.29 -8.25
C ARG MA 137 -94.50 120.28 -9.32
N ARG MA 138 -95.78 120.13 -9.64
CA ARG MA 138 -96.21 119.13 -10.59
C ARG MA 138 -95.98 119.62 -12.02
N PRO MA 139 -95.24 118.89 -12.85
CA PRO MA 139 -95.04 119.34 -14.23
C PRO MA 139 -96.32 119.47 -15.03
N ALA MA 140 -97.38 118.76 -14.63
CA ALA MA 140 -98.66 118.92 -15.29
C ALA MA 140 -99.16 120.35 -15.21
N VAL MA 141 -98.81 121.06 -14.14
CA VAL MA 141 -99.22 122.45 -13.97
C VAL MA 141 -98.14 123.40 -14.45
N LYS MA 142 -96.86 123.03 -14.27
CA LYS MA 142 -95.77 123.90 -14.70
C LYS MA 142 -95.82 124.15 -16.20
N GLN MA 143 -96.32 123.19 -16.97
CA GLN MA 143 -96.37 123.35 -18.42
C GLN MA 143 -97.37 124.40 -18.85
N PHE MA 144 -98.23 124.87 -17.94
CA PHE MA 144 -99.25 125.86 -18.27
C PHE MA 144 -98.87 127.26 -17.79
N HIS MA 145 -97.61 127.48 -17.46
CA HIS MA 145 -97.10 128.78 -17.03
C HIS MA 145 -96.26 129.32 -18.16
N ASP MA 146 -96.90 130.08 -19.05
CA ASP MA 146 -96.23 130.68 -20.19
C ASP MA 146 -97.13 131.78 -20.71
N SER MA 147 -96.59 132.99 -20.85
CA SER MA 147 -97.37 134.11 -21.34
C SER MA 147 -97.74 133.95 -22.81
N LYS MA 148 -96.96 133.22 -23.58
CA LYS MA 148 -97.18 133.02 -25.02
C LYS MA 148 -97.50 131.56 -25.29
N ILE MA 149 -98.39 131.00 -24.46
CA ILE MA 149 -98.78 129.61 -24.62
C ILE MA 149 -99.48 129.42 -25.97
N LYS MA 150 -99.13 128.33 -26.64
CA LYS MA 150 -99.50 128.10 -28.02
C LYS MA 150 -99.78 126.63 -28.23
N PHE MA 151 -100.98 126.30 -28.69
CA PHE MA 151 -101.24 124.94 -29.12
C PHE MA 151 -102.44 124.91 -30.07
N PRO MA 152 -102.44 124.01 -31.04
CA PRO MA 152 -103.61 123.82 -31.89
C PRO MA 152 -104.59 122.83 -31.29
N LEU MA 153 -105.63 122.48 -32.04
CA LEU MA 153 -106.55 121.46 -31.61
C LEU MA 153 -106.51 120.34 -32.63
N PRO MA 154 -105.62 119.34 -32.47
CA PRO MA 154 -105.29 118.44 -33.57
C PRO MA 154 -106.42 117.58 -34.10
N HIS MA 155 -107.04 116.79 -33.22
CA HIS MA 155 -108.08 115.85 -33.62
C HIS MA 155 -109.41 116.38 -33.10
N ARG MA 156 -110.26 116.84 -34.00
CA ARG MA 156 -111.60 117.31 -33.66
C ARG MA 156 -112.57 116.21 -34.06
N VAL MA 157 -112.79 115.27 -33.14
CA VAL MA 157 -113.68 114.16 -33.40
C VAL MA 157 -115.11 114.66 -33.55
N LEU MA 158 -115.85 114.08 -34.48
CA LEU MA 158 -117.23 114.46 -34.69
C LEU MA 158 -118.08 114.00 -33.51
N ARG MA 159 -118.80 114.94 -32.89
CA ARG MA 159 -119.66 114.60 -31.77
C ARG MA 159 -121.14 114.54 -32.13
N ARG MA 160 -121.54 115.13 -33.25
CA ARG MA 160 -122.91 115.00 -33.73
C ARG MA 160 -123.06 113.78 -34.63
N GLN MA 161 -122.74 112.60 -34.09
CA GLN MA 161 -122.77 111.38 -34.87
C GLN MA 161 -124.19 110.94 -35.22
N HIS MA 162 -125.20 111.51 -34.58
CA HIS MA 162 -126.57 111.09 -34.80
C HIS MA 162 -127.47 112.20 -35.31
N LYS MA 163 -126.93 113.38 -35.59
CA LYS MA 163 -127.68 114.47 -36.20
C LYS MA 163 -126.82 115.02 -37.34
N PRO MA 164 -126.84 114.38 -38.51
CA PRO MA 164 -127.62 113.21 -38.91
C PRO MA 164 -126.97 111.89 -38.55
N ARG MA 165 -127.72 110.79 -38.61
CA ARG MA 165 -127.12 109.48 -38.46
C ARG MA 165 -126.72 108.88 -39.80
N PHE MA 166 -127.29 109.37 -40.90
CA PHE MA 166 -126.99 108.86 -42.23
C PHE MA 166 -126.68 110.05 -43.13
N THR MA 167 -125.51 110.03 -43.76
CA THR MA 167 -125.07 111.12 -44.61
C THR MA 167 -124.06 110.60 -45.59
N THR MA 168 -124.05 111.17 -46.80
CA THR MA 168 -123.19 110.63 -47.85
C THR MA 168 -121.73 110.98 -47.59
N LYS MA 169 -121.47 112.14 -46.98
CA LYS MA 169 -120.09 112.59 -46.85
C LYS MA 169 -119.48 112.18 -45.52
N ARG MA 170 -118.33 111.53 -45.59
CA ARG MA 170 -117.57 111.24 -44.38
C ARG MA 170 -117.06 112.54 -43.78
N PRO MA 171 -117.03 112.64 -42.46
CA PRO MA 171 -116.64 113.90 -41.82
C PRO MA 171 -115.16 114.17 -42.04
N ASN MA 172 -114.74 115.38 -41.69
CA ASN MA 172 -113.34 115.74 -41.73
C ASN MA 172 -112.95 116.26 -40.36
N THR MA 173 -111.71 116.01 -40.00
CA THR MA 173 -111.24 116.27 -38.65
C THR MA 173 -110.35 117.49 -38.54
N PHE MA 174 -109.50 117.74 -39.53
CA PHE MA 174 -108.64 118.90 -39.47
C PHE MA 174 -109.46 120.16 -39.68
N PHE MA 175 -109.07 121.24 -39.02
CA PHE MA 175 -109.77 122.51 -39.18
C PHE MA 175 -108.81 123.68 -39.20
N THR NA 1 -128.52 69.44 26.99
CA THR NA 1 -127.11 69.25 27.32
C THR NA 1 -126.82 69.68 28.75
N ASN NA 2 -126.77 71.00 28.94
CA ASN NA 2 -126.33 71.55 30.20
C ASN NA 2 -127.32 71.21 31.32
N THR NA 3 -126.79 71.06 32.52
CA THR NA 3 -127.55 70.62 33.67
C THR NA 3 -128.55 71.69 34.07
N LYS NA 4 -129.38 71.38 35.07
CA LYS NA 4 -130.40 72.28 35.56
C LYS NA 4 -130.23 72.49 37.06
N GLY NA 5 -128.98 72.53 37.51
CA GLY NA 5 -128.72 72.77 38.91
C GLY NA 5 -129.17 74.15 39.34
N LYS NA 6 -129.55 74.26 40.60
CA LYS NA 6 -130.12 75.51 41.10
C LYS NA 6 -129.13 76.66 41.10
N ARG NA 7 -127.84 76.40 40.92
CA ARG NA 7 -126.84 77.46 40.92
C ARG NA 7 -125.88 77.30 39.76
N ARG NA 8 -126.37 76.79 38.64
CA ARG NA 8 -125.52 76.70 37.46
C ARG NA 8 -125.37 78.07 36.81
N GLY NA 9 -124.15 78.37 36.37
CA GLY NA 9 -123.92 79.63 35.69
C GLY NA 9 -123.84 80.83 36.59
N THR NA 10 -123.72 80.63 37.90
CA THR NA 10 -123.60 81.71 38.86
C THR NA 10 -122.20 81.80 39.46
N ARG NA 11 -121.17 81.52 38.67
CA ARG NA 11 -119.80 81.62 39.17
C ARG NA 11 -119.50 83.05 39.59
N TYR NA 12 -119.84 84.02 38.75
CA TYR NA 12 -119.62 85.42 39.07
C TYR NA 12 -120.88 86.11 39.59
N MET NA 13 -122.06 85.52 39.36
CA MET NA 13 -123.31 86.20 39.72
C MET NA 13 -123.38 86.45 41.22
N PHE NA 14 -123.18 85.41 42.02
CA PHE NA 14 -123.24 85.53 43.47
C PHE NA 14 -121.90 85.89 44.09
N SER NA 15 -120.82 85.90 43.30
CA SER NA 15 -119.50 86.21 43.85
C SER NA 15 -119.49 87.60 44.46
N ARG NA 16 -118.85 87.71 45.62
CA ARG NA 16 -118.74 89.01 46.27
C ARG NA 16 -117.86 89.94 45.45
N PRO NA 17 -118.11 91.24 45.51
CA PRO NA 17 -117.24 92.20 44.80
C PRO NA 17 -115.83 92.16 45.34
N PHE NA 18 -114.90 92.72 44.57
CA PHE NA 18 -113.51 92.73 44.97
C PHE NA 18 -113.33 93.49 46.28
N ARG NA 19 -112.55 92.91 47.19
CA ARG NA 19 -112.23 93.51 48.48
C ARG NA 19 -113.49 93.80 49.28
N LYS NA 20 -114.53 93.01 49.05
CA LYS NA 20 -115.75 93.12 49.85
C LYS NA 20 -116.22 91.78 50.40
N HIS NA 21 -115.33 90.80 50.52
CA HIS NA 21 -115.69 89.56 51.18
C HIS NA 21 -115.83 89.79 52.68
N GLY NA 22 -116.14 88.72 53.39
CA GLY NA 22 -116.10 88.76 54.83
C GLY NA 22 -117.44 88.96 55.52
N VAL NA 23 -117.38 89.49 56.74
CA VAL NA 23 -118.58 89.66 57.55
C VAL NA 23 -119.53 90.63 56.85
N VAL NA 24 -120.78 90.23 56.72
CA VAL NA 24 -121.84 91.07 56.16
C VAL NA 24 -122.04 92.27 57.09
N PRO NA 25 -122.08 93.49 56.56
CA PRO NA 25 -122.29 94.65 57.44
C PRO NA 25 -123.66 94.59 58.09
N LEU NA 26 -123.78 95.20 59.26
CA LEU NA 26 -124.96 95.00 60.08
C LEU NA 26 -126.14 95.84 59.62
N ALA NA 27 -125.88 97.04 59.09
CA ALA NA 27 -126.98 97.93 58.73
C ALA NA 27 -127.90 97.33 57.68
N THR NA 28 -127.42 96.37 56.89
CA THR NA 28 -128.30 95.69 55.95
C THR NA 28 -129.29 94.78 56.64
N TYR NA 29 -129.12 94.54 57.95
CA TYR NA 29 -130.05 93.70 58.68
C TYR NA 29 -131.13 94.53 59.36
N MET NA 30 -130.78 95.74 59.81
CA MET NA 30 -131.75 96.56 60.51
C MET NA 30 -132.57 97.45 59.58
N ARG NA 31 -132.45 97.31 58.26
CA ARG NA 31 -133.36 98.00 57.37
C ARG NA 31 -134.77 97.44 57.57
N ILE NA 32 -135.76 98.31 57.46
CA ILE NA 32 -137.15 97.95 57.78
C ILE NA 32 -137.93 97.79 56.49
N TYR NA 33 -138.48 96.60 56.27
CA TYR NA 33 -139.26 96.30 55.09
C TYR NA 33 -140.72 96.16 55.47
N LYS NA 34 -141.52 97.14 55.07
CA LYS NA 34 -142.96 97.12 55.33
C LYS NA 34 -143.62 96.16 54.35
N LYS NA 35 -144.95 96.11 54.37
CA LYS NA 35 -145.71 95.31 53.43
C LYS NA 35 -146.20 96.23 52.31
N GLY NA 36 -145.84 95.89 51.08
CA GLY NA 36 -146.21 96.70 49.93
C GLY NA 36 -145.10 97.56 49.37
N ASP NA 37 -144.00 97.74 50.10
CA ASP NA 37 -142.90 98.51 49.56
C ASP NA 37 -142.10 97.67 48.56
N ILE NA 38 -141.32 98.36 47.74
CA ILE NA 38 -140.69 97.78 46.56
C ILE NA 38 -139.24 97.50 46.88
N VAL NA 39 -138.78 96.28 46.57
CA VAL NA 39 -137.44 95.82 46.90
C VAL NA 39 -136.78 95.26 45.64
N ASP NA 40 -135.45 95.29 45.64
CA ASP NA 40 -134.64 94.72 44.57
C ASP NA 40 -133.92 93.49 45.09
N ILE NA 41 -133.86 92.46 44.25
CA ILE NA 41 -133.30 91.17 44.62
C ILE NA 41 -131.88 91.08 44.06
N LYS NA 42 -130.90 90.93 44.95
CA LYS NA 42 -129.51 90.81 44.57
C LYS NA 42 -128.95 89.42 44.83
N GLY NA 43 -129.14 88.88 46.03
CA GLY NA 43 -128.61 87.57 46.33
C GLY NA 43 -127.14 87.60 46.71
N MET NA 44 -126.83 88.22 47.83
CA MET NA 44 -125.47 88.16 48.37
C MET NA 44 -125.07 86.72 48.61
N GLY NA 45 -123.95 86.31 48.03
CA GLY NA 45 -123.56 84.91 48.02
C GLY NA 45 -122.96 84.41 49.32
N THR NA 46 -122.72 85.32 50.26
CA THR NA 46 -122.16 84.93 51.55
C THR NA 46 -123.14 84.05 52.32
N VAL NA 47 -124.43 84.39 52.26
CA VAL NA 47 -125.43 83.65 53.03
C VAL NA 47 -126.03 82.56 52.16
N GLN NA 48 -125.90 81.32 52.59
CA GLN NA 48 -126.37 80.17 51.84
C GLN NA 48 -127.82 79.80 52.17
N LYS NA 49 -128.49 80.57 53.01
CA LYS NA 49 -129.86 80.27 53.39
C LYS NA 49 -130.81 81.32 52.80
N GLY NA 50 -131.94 80.84 52.29
CA GLY NA 50 -132.92 81.73 51.71
C GLY NA 50 -132.44 82.46 50.47
N MET NA 51 -131.60 81.81 49.66
CA MET NA 51 -131.16 82.43 48.43
C MET NA 51 -132.32 82.52 47.45
N PRO NA 52 -132.40 83.57 46.63
CA PRO NA 52 -133.30 83.53 45.49
C PRO NA 52 -132.71 82.67 44.39
N HIS NA 53 -133.53 82.36 43.40
CA HIS NA 53 -133.01 81.66 42.24
C HIS NA 53 -132.27 82.65 41.33
N LYS NA 54 -131.42 82.10 40.47
CA LYS NA 54 -130.61 82.96 39.60
C LYS NA 54 -131.46 83.77 38.66
N CYS NA 55 -132.67 83.30 38.34
CA CYS NA 55 -133.53 84.06 37.44
C CYS NA 55 -134.09 85.31 38.11
N TYR NA 56 -134.13 85.33 39.44
CA TYR NA 56 -134.67 86.47 40.16
C TYR NA 56 -133.61 87.48 40.55
N HIS NA 57 -132.33 87.16 40.37
CA HIS NA 57 -131.28 88.12 40.64
C HIS NA 57 -131.46 89.35 39.75
N GLY NA 58 -131.33 90.53 40.34
CA GLY NA 58 -131.51 91.75 39.59
C GLY NA 58 -132.91 91.96 39.08
N LYS NA 59 -133.92 91.56 39.83
CA LYS NA 59 -135.31 91.82 39.50
C LYS NA 59 -135.95 92.56 40.66
N THR NA 60 -136.89 93.44 40.32
CA THR NA 60 -137.50 94.34 41.28
C THR NA 60 -138.95 93.94 41.51
N GLY NA 61 -139.31 93.67 42.76
CA GLY NA 61 -140.63 93.18 43.09
C GLY NA 61 -141.24 94.00 44.20
N ARG NA 62 -142.29 93.42 44.80
CA ARG NA 62 -143.04 94.06 45.87
C ARG NA 62 -143.19 93.06 47.00
N VAL NA 63 -143.37 93.57 48.22
CA VAL NA 63 -143.41 92.70 49.39
C VAL NA 63 -144.85 92.49 49.84
N TYR NA 64 -145.22 91.23 50.09
CA TYR NA 64 -146.55 90.90 50.59
C TYR NA 64 -146.53 90.21 51.94
N ASN NA 65 -145.39 89.71 52.39
CA ASN NA 65 -145.31 88.94 53.63
C ASN NA 65 -143.98 89.22 54.31
N VAL NA 66 -144.04 89.42 55.62
CA VAL NA 66 -142.85 89.70 56.42
C VAL NA 66 -142.77 88.67 57.53
N THR NA 67 -141.60 88.05 57.68
CA THR NA 67 -141.41 87.02 58.69
C THR NA 67 -140.18 87.34 59.55
N GLN NA 68 -139.73 86.37 60.35
CA GLN NA 68 -138.66 86.64 61.30
C GLN NA 68 -137.39 87.12 60.61
N HIS NA 69 -136.92 86.40 59.60
CA HIS NA 69 -135.69 86.75 58.93
C HIS NA 69 -135.83 87.03 57.44
N ALA NA 70 -136.98 86.76 56.85
CA ALA NA 70 -137.14 86.92 55.40
C ALA NA 70 -138.42 87.70 55.11
N VAL NA 71 -138.61 88.00 53.83
CA VAL NA 71 -139.80 88.71 53.36
C VAL NA 71 -140.33 87.97 52.14
N GLY NA 72 -141.64 88.02 51.96
CA GLY NA 72 -142.25 87.44 50.79
C GLY NA 72 -142.37 88.46 49.68
N ILE NA 73 -141.90 88.11 48.48
CA ILE NA 73 -141.81 89.08 47.39
C ILE NA 73 -142.61 88.57 46.21
N VAL NA 74 -143.44 89.45 45.65
CA VAL NA 74 -144.18 89.18 44.44
C VAL NA 74 -143.44 89.83 43.27
N VAL NA 75 -142.71 89.01 42.52
CA VAL NA 75 -141.86 89.49 41.44
C VAL NA 75 -142.32 88.87 40.13
N ASN NA 76 -142.50 89.70 39.11
CA ASN NA 76 -142.91 89.22 37.81
C ASN NA 76 -141.78 88.44 37.18
N LYS NA 77 -142.09 87.24 36.69
CA LYS NA 77 -141.12 86.43 35.97
C LYS NA 77 -141.69 86.10 34.59
N GLN NA 78 -140.89 86.31 33.56
CA GLN NA 78 -141.29 86.02 32.20
C GLN NA 78 -140.86 84.59 31.87
N VAL NA 79 -141.82 83.69 31.76
CA VAL NA 79 -141.58 82.40 31.14
C VAL NA 79 -141.60 82.62 29.64
N LYS NA 80 -141.24 81.59 28.88
CA LYS NA 80 -141.13 81.72 27.43
C LYS NA 80 -142.29 82.50 26.82
N GLY NA 81 -143.53 82.11 27.13
CA GLY NA 81 -144.66 82.68 26.43
C GLY NA 81 -145.26 83.92 27.07
N LYS NA 82 -145.13 84.07 28.38
CA LYS NA 82 -145.87 85.11 29.07
C LYS NA 82 -145.16 85.45 30.37
N ILE NA 83 -145.81 86.29 31.18
CA ILE NA 83 -145.25 86.79 32.44
C ILE NA 83 -146.12 86.29 33.58
N LEU NA 84 -145.49 85.67 34.58
CA LEU NA 84 -146.19 85.22 35.76
C LEU NA 84 -145.74 86.01 36.98
N ALA NA 85 -146.71 86.32 37.84
CA ALA NA 85 -146.43 86.96 39.12
C ALA NA 85 -146.09 85.87 40.12
N LYS NA 86 -144.80 85.67 40.38
CA LYS NA 86 -144.32 84.60 41.23
C LYS NA 86 -143.98 85.14 42.61
N ARG NA 87 -144.27 84.34 43.64
CA ARG NA 87 -143.96 84.70 45.01
C ARG NA 87 -142.79 83.86 45.49
N ILE NA 88 -141.80 84.51 46.09
CA ILE NA 88 -140.59 83.84 46.57
C ILE NA 88 -140.32 84.32 47.99
N ASN NA 89 -139.63 83.50 48.77
CA ASN NA 89 -139.21 83.85 50.11
C ASN NA 89 -137.71 84.03 50.11
N VAL NA 90 -137.26 85.23 50.50
CA VAL NA 90 -135.86 85.61 50.41
C VAL NA 90 -135.45 86.27 51.72
N ARG NA 91 -134.32 85.84 52.28
CA ARG NA 91 -133.79 86.49 53.46
C ARG NA 91 -133.34 87.91 53.14
N ILE NA 92 -133.40 88.78 54.15
CA ILE NA 92 -133.28 90.21 53.91
C ILE NA 92 -131.91 90.61 53.40
N GLU NA 93 -130.87 89.81 53.63
CA GLU NA 93 -129.55 90.20 53.14
C GLU NA 93 -129.37 89.98 51.65
N HIS NA 94 -130.31 89.33 50.98
CA HIS NA 94 -130.28 89.19 49.53
C HIS NA 94 -131.04 90.29 48.82
N ILE NA 95 -131.70 91.19 49.57
CA ILE NA 95 -132.53 92.23 48.97
C ILE NA 95 -132.16 93.57 49.58
N LYS NA 96 -132.63 94.63 48.93
CA LYS NA 96 -132.43 95.98 49.41
C LYS NA 96 -133.59 96.84 48.91
N HIS NA 97 -133.80 97.97 49.57
CA HIS NA 97 -134.85 98.87 49.15
C HIS NA 97 -134.60 99.39 47.74
N SER NA 98 -135.69 99.73 47.06
CA SER NA 98 -135.60 100.25 45.70
C SER NA 98 -135.64 101.77 45.75
N LYS NA 99 -134.63 102.41 45.18
CA LYS NA 99 -134.64 103.86 45.06
C LYS NA 99 -135.48 104.34 43.88
N SER NA 100 -135.95 103.43 43.04
CA SER NA 100 -136.79 103.83 41.90
C SER NA 100 -138.09 104.43 42.38
N ARG NA 101 -138.81 103.72 43.24
CA ARG NA 101 -140.06 104.25 43.78
C ARG NA 101 -139.81 105.41 44.74
N ASP NA 102 -138.69 105.38 45.46
CA ASP NA 102 -138.40 106.43 46.43
C ASP NA 102 -138.23 107.78 45.74
N SER NA 103 -137.61 107.81 44.58
CA SER NA 103 -137.44 109.07 43.86
C SER NA 103 -138.78 109.66 43.45
N PHE NA 104 -139.70 108.81 42.99
CA PHE NA 104 -141.01 109.30 42.56
C PHE NA 104 -141.82 109.85 43.74
N LEU NA 105 -141.74 109.18 44.89
CA LEU NA 105 -142.47 109.66 46.06
C LEU NA 105 -141.99 111.03 46.50
N LYS NA 106 -140.69 111.31 46.38
CA LYS NA 106 -140.20 112.66 46.66
C LYS NA 106 -140.84 113.66 45.71
N ARG NA 107 -140.96 113.31 44.43
CA ARG NA 107 -141.50 114.25 43.46
C ARG NA 107 -142.94 114.62 43.79
N VAL NA 108 -143.78 113.62 44.11
CA VAL NA 108 -145.17 113.89 44.44
C VAL NA 108 -145.26 114.76 45.68
N LYS NA 109 -144.46 114.45 46.70
CA LYS NA 109 -144.44 115.28 47.90
C LYS NA 109 -144.00 116.70 47.58
N GLU NA 110 -142.99 116.85 46.74
CA GLU NA 110 -142.61 118.18 46.26
C GLU NA 110 -143.66 118.72 45.29
N ASN NA 111 -144.34 117.83 44.57
CA ASN NA 111 -145.35 118.27 43.61
C ASN NA 111 -146.63 118.71 44.29
N ASP NA 112 -147.08 117.95 45.30
CA ASP NA 112 -148.31 118.30 46.00
C ASP NA 112 -148.15 119.61 46.77
N GLN NA 113 -146.94 119.84 47.31
CA GLN NA 113 -146.68 121.11 47.96
C GLN NA 113 -146.72 122.26 46.96
N LYS NA 114 -146.31 122.00 45.72
CA LYS NA 114 -146.48 123.00 44.66
C LYS NA 114 -147.96 123.27 44.40
N LYS NA 115 -148.79 122.22 44.46
CA LYS NA 115 -150.21 122.39 44.23
C LYS NA 115 -150.84 123.30 45.28
N LYS NA 116 -150.53 123.07 46.55
CA LYS NA 116 -151.08 123.92 47.60
C LYS NA 116 -150.59 125.35 47.47
N GLU NA 117 -149.26 125.53 47.34
CA GLU NA 117 -148.69 126.87 47.31
C GLU NA 117 -149.11 127.66 46.08
N ALA NA 118 -149.51 126.99 45.00
CA ALA NA 118 -149.90 127.70 43.79
C ALA NA 118 -151.30 128.30 43.89
N LYS NA 119 -152.22 127.62 44.59
CA LYS NA 119 -153.63 128.00 44.54
C LYS NA 119 -153.85 129.41 45.07
N GLU NA 120 -153.35 129.70 46.28
CA GLU NA 120 -153.63 131.01 46.86
C GLU NA 120 -152.85 132.10 46.15
N LYS NA 121 -151.72 131.75 45.52
CA LYS NA 121 -151.01 132.71 44.70
C LYS NA 121 -151.79 133.07 43.44
N GLY NA 122 -152.70 132.20 43.00
CA GLY NA 122 -153.53 132.51 41.86
C GLY NA 122 -152.90 132.32 40.51
N THR NA 123 -151.65 131.85 40.46
CA THR NA 123 -151.03 131.57 39.17
C THR NA 123 -151.13 130.09 38.82
N TRP NA 124 -150.80 129.79 37.57
CA TRP NA 124 -150.84 128.44 37.04
C TRP NA 124 -149.42 127.93 36.84
N VAL NA 125 -149.09 126.82 37.49
CA VAL NA 125 -147.74 126.30 37.48
C VAL NA 125 -147.70 125.02 36.66
N GLN NA 126 -146.50 124.63 36.26
CA GLN NA 126 -146.28 123.45 35.43
C GLN NA 126 -146.19 122.21 36.30
N LEU NA 127 -146.94 121.18 35.91
CA LEU NA 127 -147.08 119.95 36.69
C LEU NA 127 -146.37 118.78 36.06
N LYS NA 128 -146.51 118.59 34.75
CA LYS NA 128 -145.86 117.50 34.06
C LYS NA 128 -144.38 117.83 33.86
N ARG NA 129 -143.62 116.80 33.48
CA ARG NA 129 -142.22 116.96 33.10
C ARG NA 129 -142.10 116.64 31.61
N GLN NA 130 -141.47 117.52 30.89
CA GLN NA 130 -141.39 117.42 29.44
C GLN NA 130 -140.10 116.77 28.99
N PRO NA 131 -140.05 116.21 27.79
CA PRO NA 131 -138.84 115.52 27.32
C PRO NA 131 -137.81 116.41 26.63
N ALA NA 132 -137.18 117.29 27.42
CA ALA NA 132 -136.01 118.06 26.98
C ALA NA 132 -136.27 118.82 25.69
N PRO NA 133 -136.99 119.94 25.74
CA PRO NA 133 -137.33 120.66 24.51
C PRO NA 133 -136.09 121.18 23.80
N PRO NA 134 -136.26 121.70 22.58
CA PRO NA 134 -135.12 122.29 21.85
C PRO NA 134 -134.45 123.42 22.63
N ARG NA 135 -133.35 123.90 22.07
CA ARG NA 135 -132.32 124.59 22.84
C ARG NA 135 -132.45 126.11 22.85
N GLU NA 136 -133.61 126.66 22.47
CA GLU NA 136 -133.90 128.05 22.83
C GLU NA 136 -132.87 129.04 22.30
N ALA NA 137 -132.97 129.37 21.00
CA ALA NA 137 -132.00 130.18 20.26
C ALA NA 137 -131.27 131.23 21.08
N HIS NA 138 -129.94 131.26 20.97
CA HIS NA 138 -129.07 132.05 21.81
C HIS NA 138 -128.00 132.71 20.94
N PHE NA 139 -127.23 133.60 21.55
CA PHE NA 139 -126.10 134.26 20.91
C PHE NA 139 -124.81 133.70 21.48
N VAL NA 140 -123.81 133.57 20.62
CA VAL NA 140 -122.50 133.06 21.02
C VAL NA 140 -121.48 134.18 20.83
N ARG NA 141 -120.81 134.56 21.92
CA ARG NA 141 -119.87 135.66 21.90
C ARG NA 141 -118.53 135.20 21.34
N THR NA 142 -117.82 136.13 20.71
CA THR NA 142 -116.47 135.87 20.24
C THR NA 142 -115.39 136.56 21.05
N ASN NA 143 -115.72 137.68 21.71
CA ASN NA 143 -114.78 138.42 22.55
C ASN NA 143 -113.52 138.81 21.78
N GLY NA 144 -113.68 139.16 20.51
CA GLY NA 144 -112.53 139.47 19.69
C GLY NA 144 -111.59 138.31 19.44
N LYS NA 145 -111.98 137.09 19.81
CA LYS NA 145 -111.14 135.92 19.63
C LYS NA 145 -111.61 135.15 18.41
N GLU NA 146 -110.78 135.07 17.39
CA GLU NA 146 -111.15 134.32 16.20
C GLU NA 146 -111.18 132.83 16.52
N PRO NA 147 -112.27 132.14 16.19
CA PRO NA 147 -112.28 130.68 16.36
C PRO NA 147 -111.25 130.05 15.43
N GLU NA 148 -110.18 129.52 16.00
CA GLU NA 148 -109.05 129.12 15.18
C GLU NA 148 -109.38 127.87 14.37
N LEU NA 149 -108.71 127.73 13.24
CA LEU NA 149 -109.05 126.74 12.23
C LEU NA 149 -108.51 125.39 12.66
N LEU NA 150 -109.33 124.36 12.55
CA LEU NA 150 -108.94 123.00 12.87
C LEU NA 150 -108.66 122.21 11.60
N GLU NA 151 -107.59 121.40 11.65
CA GLU NA 151 -107.15 120.68 10.47
C GLU NA 151 -106.75 119.25 10.86
N PRO NA 152 -107.17 118.25 10.08
CA PRO NA 152 -106.78 116.87 10.41
C PRO NA 152 -105.27 116.68 10.37
N ILE NA 153 -104.78 115.87 11.30
CA ILE NA 153 -103.36 115.49 11.33
C ILE NA 153 -103.04 114.65 10.11
N PRO NA 154 -101.92 114.85 9.43
CA PRO NA 154 -101.57 113.93 8.34
C PRO NA 154 -101.07 112.62 8.92
N TYR NA 155 -101.51 111.53 8.30
CA TYR NA 155 -101.29 110.21 8.88
C TYR NA 155 -99.81 109.89 8.98
N GLU NA 156 -99.44 109.20 10.05
CA GLU NA 156 -98.07 108.72 10.22
C GLU NA 156 -98.12 107.39 10.98
N PHE NA 157 -97.25 106.47 10.58
CA PHE NA 157 -97.28 105.08 11.03
C PHE NA 157 -96.56 104.96 12.36
N MET NA 158 -97.32 105.09 13.45
CA MET NA 158 -96.73 104.91 14.77
C MET NA 158 -96.27 103.48 14.98
N ALA NA 159 -97.21 102.54 14.98
CA ALA NA 159 -96.90 101.15 15.29
C ALA NA 159 -98.04 100.22 14.88
N GLN OA 1 -138.70 -36.64 -73.20
CA GLN OA 1 -140.05 -36.61 -72.64
C GLN OA 1 -140.57 -35.18 -72.52
N VAL OA 2 -139.72 -34.23 -72.90
CA VAL OA 2 -140.08 -32.81 -72.92
C VAL OA 2 -140.64 -32.39 -74.28
N LEU OA 3 -140.62 -33.29 -75.25
CA LEU OA 3 -140.89 -32.99 -76.65
C LEU OA 3 -142.36 -32.55 -76.86
N LYS OA 4 -142.69 -32.31 -78.12
CA LYS OA 4 -144.02 -31.87 -78.55
C LYS OA 4 -144.41 -30.55 -77.87
N PHE OA 5 -143.67 -29.51 -78.23
CA PHE OA 5 -143.82 -28.19 -77.64
C PHE OA 5 -144.17 -27.21 -78.75
N THR OA 6 -145.34 -26.57 -78.65
CA THR OA 6 -145.89 -25.80 -79.76
C THR OA 6 -146.06 -24.32 -79.42
N LEU OA 7 -146.13 -23.50 -80.48
CA LEU OA 7 -146.37 -22.07 -80.41
C LEU OA 7 -147.37 -21.72 -81.50
N ASP OA 8 -148.28 -20.79 -81.21
CA ASP OA 8 -149.35 -20.43 -82.14
C ASP OA 8 -149.33 -18.92 -82.35
N CYS OA 9 -149.16 -18.52 -83.61
CA CYS OA 9 -149.39 -17.13 -84.04
C CYS OA 9 -150.23 -17.22 -85.32
N THR OA 10 -151.52 -16.96 -85.19
CA THR OA 10 -152.42 -17.04 -86.33
C THR OA 10 -153.13 -15.72 -86.61
N HIS OA 11 -153.56 -14.99 -85.58
CA HIS OA 11 -154.28 -13.74 -85.81
C HIS OA 11 -153.43 -12.66 -86.46
N PRO OA 12 -152.22 -12.33 -85.99
CA PRO OA 12 -151.43 -11.33 -86.73
C PRO OA 12 -151.08 -11.78 -88.14
N VAL OA 13 -150.84 -13.08 -88.33
CA VAL OA 13 -150.42 -13.56 -89.65
C VAL OA 13 -151.57 -13.49 -90.65
N GLU OA 14 -152.78 -13.87 -90.25
CA GLU OA 14 -153.92 -13.61 -91.13
C GLU OA 14 -154.17 -12.11 -91.26
N ASP OA 15 -153.78 -11.32 -90.27
CA ASP OA 15 -153.70 -9.88 -90.44
C ASP OA 15 -152.50 -9.48 -91.30
N GLY OA 16 -151.58 -10.41 -91.55
CA GLY OA 16 -150.45 -10.15 -92.41
C GLY OA 16 -149.40 -9.21 -91.85
N ILE OA 17 -149.49 -8.88 -90.56
CA ILE OA 17 -148.59 -7.89 -89.99
C ILE OA 17 -147.21 -8.47 -89.70
N MET OA 18 -147.05 -9.78 -89.84
CA MET OA 18 -145.76 -10.41 -89.57
C MET OA 18 -145.62 -11.63 -90.46
N ASP OA 19 -144.38 -12.06 -90.66
CA ASP OA 19 -144.06 -13.23 -91.45
C ASP OA 19 -143.55 -14.34 -90.55
N ALA OA 20 -144.27 -15.45 -90.51
CA ALA OA 20 -143.84 -16.58 -89.71
C ALA OA 20 -142.64 -17.30 -90.32
N ALA OA 21 -142.29 -16.99 -91.57
CA ALA OA 21 -141.20 -17.67 -92.24
C ALA OA 21 -139.84 -17.31 -91.67
N ASN OA 22 -139.66 -16.08 -91.20
CA ASN OA 22 -138.37 -15.69 -90.64
C ASN OA 22 -138.13 -16.29 -89.27
N PHE OA 23 -139.19 -16.67 -88.55
CA PHE OA 23 -139.01 -17.30 -87.23
C PHE OA 23 -138.09 -18.50 -87.31
N GLU OA 24 -138.30 -19.37 -88.30
CA GLU OA 24 -137.42 -20.52 -88.47
C GLU OA 24 -135.96 -20.06 -88.53
N GLN OA 25 -135.67 -19.07 -89.37
CA GLN OA 25 -134.31 -18.55 -89.41
C GLN OA 25 -134.08 -17.45 -88.39
N PHE OA 26 -135.09 -17.09 -87.59
CA PHE OA 26 -134.86 -16.23 -86.44
C PHE OA 26 -134.43 -17.01 -85.21
N LEU OA 27 -135.24 -17.98 -84.79
CA LEU OA 27 -134.96 -18.63 -83.52
C LEU OA 27 -134.17 -19.92 -83.68
N GLN OA 28 -133.79 -20.31 -84.90
CA GLN OA 28 -132.87 -21.43 -85.04
C GLN OA 28 -131.47 -21.09 -84.58
N GLU OA 29 -131.09 -19.80 -84.62
CA GLU OA 29 -129.81 -19.37 -84.11
C GLU OA 29 -129.89 -18.65 -82.78
N ARG OA 30 -131.02 -18.04 -82.45
CA ARG OA 30 -131.23 -17.52 -81.09
C ARG OA 30 -131.93 -18.54 -80.21
N ILE OA 31 -131.42 -19.76 -80.18
CA ILE OA 31 -131.75 -20.73 -79.15
C ILE OA 31 -130.43 -21.20 -78.55
N LYS OA 32 -130.36 -21.19 -77.22
CA LYS OA 32 -129.10 -21.33 -76.49
C LYS OA 32 -129.12 -22.66 -75.74
N VAL OA 33 -128.79 -23.73 -76.45
CA VAL OA 33 -128.70 -25.05 -75.86
C VAL OA 33 -127.30 -25.16 -75.26
N ASN OA 34 -127.25 -25.40 -73.95
CA ASN OA 34 -126.00 -25.30 -73.20
C ASN OA 34 -125.32 -23.96 -73.44
N GLY OA 35 -126.13 -22.91 -73.58
CA GLY OA 35 -125.63 -21.57 -73.77
C GLY OA 35 -124.86 -21.36 -75.06
N LYS OA 36 -125.31 -21.96 -76.15
CA LYS OA 36 -124.70 -21.73 -77.45
C LYS OA 36 -125.77 -21.37 -78.46
N ALA OA 37 -125.50 -20.33 -79.24
CA ALA OA 37 -126.44 -19.78 -80.19
C ALA OA 37 -126.17 -20.37 -81.57
N GLY OA 38 -127.23 -20.77 -82.26
CA GLY OA 38 -127.09 -21.43 -83.55
C GLY OA 38 -126.92 -22.92 -83.42
N ASN OA 39 -127.02 -23.60 -84.57
CA ASN OA 39 -126.75 -25.02 -84.72
C ASN OA 39 -127.68 -25.88 -83.86
N LEU OA 40 -128.64 -25.25 -83.20
CA LEU OA 40 -129.71 -25.88 -82.43
C LEU OA 40 -129.21 -26.89 -81.40
N GLY OA 41 -127.91 -26.89 -81.09
CA GLY OA 41 -127.31 -27.96 -80.34
C GLY OA 41 -126.83 -29.12 -81.19
N GLY OA 42 -127.44 -29.32 -82.35
CA GLY OA 42 -127.02 -30.34 -83.28
C GLY OA 42 -127.92 -31.55 -83.27
N GLY OA 43 -128.88 -31.58 -84.19
CA GLY OA 43 -129.79 -32.71 -84.33
C GLY OA 43 -130.59 -33.04 -83.09
N VAL OA 44 -130.76 -32.10 -82.17
CA VAL OA 44 -131.46 -32.40 -80.93
C VAL OA 44 -132.83 -31.73 -80.90
N VAL OA 45 -132.87 -30.40 -80.90
CA VAL OA 45 -134.13 -29.67 -80.92
C VAL OA 45 -134.52 -29.45 -82.37
N THR OA 46 -135.71 -29.89 -82.72
CA THR OA 46 -136.18 -29.85 -84.10
C THR OA 46 -137.35 -28.88 -84.18
N ILE OA 47 -137.26 -27.92 -85.09
CA ILE OA 47 -138.28 -26.92 -85.30
C ILE OA 47 -138.97 -27.22 -86.62
N GLU OA 48 -140.29 -27.20 -86.61
CA GLU OA 48 -141.10 -27.30 -87.81
C GLU OA 48 -142.23 -26.29 -87.71
N ARG OA 49 -142.98 -26.15 -88.80
CA ARG OA 49 -144.08 -25.19 -88.82
C ARG OA 49 -145.12 -25.66 -89.84
N SER OA 50 -146.38 -25.73 -89.41
CA SER OA 50 -147.48 -26.10 -90.31
C SER OA 50 -148.16 -24.87 -90.90
N LYS OA 51 -147.35 -23.94 -91.40
CA LYS OA 51 -147.78 -22.78 -92.18
C LYS OA 51 -148.58 -21.78 -91.34
N SER OA 52 -148.93 -22.16 -90.11
CA SER OA 52 -149.63 -21.25 -89.22
C SER OA 52 -149.20 -21.37 -87.77
N LYS OA 53 -148.33 -22.32 -87.44
CA LYS OA 53 -148.04 -22.66 -86.05
C LYS OA 53 -146.60 -23.11 -85.98
N ILE OA 54 -145.97 -22.93 -84.83
CA ILE OA 54 -144.59 -23.33 -84.62
C ILE OA 54 -144.54 -24.38 -83.51
N THR OA 55 -143.84 -25.48 -83.77
CA THR OA 55 -143.57 -26.49 -82.76
C THR OA 55 -142.07 -26.61 -82.57
N VAL OA 56 -141.63 -26.66 -81.32
CA VAL OA 56 -140.21 -26.58 -80.99
C VAL OA 56 -139.79 -27.81 -80.20
N THR OA 57 -140.36 -28.97 -80.53
CA THR OA 57 -140.09 -30.22 -79.81
C THR OA 57 -138.60 -30.42 -79.54
N SER OA 58 -138.29 -30.99 -78.38
CA SER OA 58 -136.92 -31.12 -77.92
C SER OA 58 -136.78 -32.34 -77.03
N GLU OA 59 -135.55 -32.84 -76.90
CA GLU OA 59 -135.21 -33.90 -75.96
C GLU OA 59 -134.37 -33.42 -74.78
N VAL OA 60 -134.17 -32.11 -74.65
CA VAL OA 60 -133.44 -31.54 -73.51
C VAL OA 60 -134.46 -31.09 -72.47
N PRO OA 61 -134.06 -30.53 -71.30
CA PRO OA 61 -135.06 -30.04 -70.35
C PRO OA 61 -135.64 -28.69 -70.73
N PHE OA 62 -135.60 -28.38 -72.03
CA PHE OA 62 -136.11 -27.16 -72.64
C PHE OA 62 -137.36 -26.61 -71.95
N SER OA 63 -137.34 -25.33 -71.62
CA SER OA 63 -138.41 -24.70 -70.87
C SER OA 63 -139.38 -23.99 -71.81
N LYS OA 64 -140.56 -23.63 -71.27
CA LYS OA 64 -141.54 -22.87 -72.03
C LYS OA 64 -141.20 -21.40 -72.12
N ARG OA 65 -140.87 -20.78 -71.00
CA ARG OA 65 -140.54 -19.37 -71.00
C ARG OA 65 -139.34 -19.08 -71.88
N TYR OA 66 -138.49 -20.08 -72.14
CA TYR OA 66 -137.53 -20.02 -73.23
C TYR OA 66 -138.19 -19.47 -74.49
N LEU OA 67 -139.25 -20.15 -74.94
CA LEU OA 67 -140.03 -19.67 -76.08
C LEU OA 67 -140.70 -18.34 -75.77
N LYS OA 68 -141.24 -18.20 -74.57
CA LYS OA 68 -141.90 -16.95 -74.17
C LYS OA 68 -140.92 -15.78 -74.20
N TYR OA 69 -139.73 -15.98 -73.64
CA TYR OA 69 -138.73 -14.92 -73.63
C TYR OA 69 -138.29 -14.56 -75.04
N LEU OA 70 -138.17 -15.58 -75.90
CA LEU OA 70 -137.68 -15.34 -77.25
C LEU OA 70 -138.69 -14.59 -78.09
N THR OA 71 -139.97 -14.97 -78.03
CA THR OA 71 -140.97 -14.29 -78.84
C THR OA 71 -141.18 -12.87 -78.36
N LYS OA 72 -141.02 -12.63 -77.05
CA LYS OA 72 -141.07 -11.26 -76.54
C LYS OA 72 -139.94 -10.42 -77.12
N LYS OA 73 -138.73 -10.99 -77.19
CA LYS OA 73 -137.61 -10.27 -77.78
C LYS OA 73 -137.87 -9.97 -79.24
N TYR OA 74 -138.39 -10.95 -79.98
CA TYR OA 74 -138.70 -10.73 -81.39
C TYR OA 74 -139.75 -9.65 -81.54
N LEU OA 75 -140.79 -9.69 -80.70
CA LEU OA 75 -141.90 -8.77 -80.86
C LEU OA 75 -141.46 -7.32 -80.67
N LYS OA 76 -140.54 -7.08 -79.73
CA LYS OA 76 -139.98 -5.75 -79.56
C LYS OA 76 -139.07 -5.36 -80.72
N LYS OA 77 -138.26 -6.31 -81.20
CA LYS OA 77 -137.27 -5.98 -82.21
C LYS OA 77 -137.93 -5.46 -83.48
N ASN OA 78 -139.02 -6.12 -83.90
CA ASN OA 78 -139.80 -5.65 -85.03
C ASN OA 78 -140.91 -4.69 -84.59
N ASN OA 79 -140.91 -4.28 -83.32
CA ASN OA 79 -141.77 -3.21 -82.81
C ASN OA 79 -143.24 -3.57 -82.99
N LEU OA 80 -143.68 -4.59 -82.27
CA LEU OA 80 -145.08 -4.93 -82.20
C LEU OA 80 -145.65 -4.88 -80.79
N ARG OA 81 -144.81 -4.78 -79.76
CA ARG OA 81 -145.29 -4.80 -78.37
C ARG OA 81 -145.94 -3.47 -78.03
N ASP OA 82 -146.95 -3.12 -78.82
CA ASP OA 82 -147.83 -2.01 -78.52
C ASP OA 82 -149.26 -2.48 -78.76
N TRP OA 83 -149.42 -3.52 -79.57
CA TRP OA 83 -150.73 -4.08 -79.86
C TRP OA 83 -150.81 -5.58 -79.66
N LEU OA 84 -149.69 -6.30 -79.70
CA LEU OA 84 -149.69 -7.75 -79.65
C LEU OA 84 -149.24 -8.21 -78.28
N ARG OA 85 -149.98 -9.16 -77.71
CA ARG OA 85 -149.74 -9.69 -76.38
C ARG OA 85 -149.66 -11.20 -76.45
N VAL OA 86 -148.59 -11.76 -75.90
CA VAL OA 86 -148.24 -13.17 -76.07
C VAL OA 86 -148.70 -13.93 -74.83
N VAL OA 87 -149.75 -14.72 -74.98
CA VAL OA 87 -150.48 -15.29 -73.84
C VAL OA 87 -150.70 -16.78 -74.06
N ALA OA 88 -150.45 -17.58 -73.03
CA ALA OA 88 -150.57 -19.03 -73.13
C ALA OA 88 -152.04 -19.44 -73.12
N ASN OA 89 -152.35 -20.55 -73.79
CA ASN OA 89 -153.69 -21.10 -73.80
C ASN OA 89 -153.81 -22.36 -72.95
N SER OA 90 -152.84 -23.27 -73.04
CA SER OA 90 -152.92 -24.56 -72.39
C SER OA 90 -151.50 -25.03 -72.08
N LYS OA 91 -151.39 -26.24 -71.53
CA LYS OA 91 -150.08 -26.83 -71.32
C LYS OA 91 -149.36 -26.97 -72.65
N GLU OA 92 -148.04 -26.79 -72.61
CA GLU OA 92 -147.11 -27.06 -73.71
C GLU OA 92 -147.47 -26.32 -74.98
N SER OA 93 -148.50 -25.49 -74.91
CA SER OA 93 -148.99 -24.77 -76.08
C SER OA 93 -149.05 -23.29 -75.74
N TYR OA 94 -148.48 -22.46 -76.60
CA TYR OA 94 -148.49 -21.03 -76.37
C TYR OA 94 -149.08 -20.37 -77.60
N GLU OA 95 -149.97 -19.42 -77.41
CA GLU OA 95 -150.50 -18.65 -78.53
C GLU OA 95 -150.22 -17.17 -78.32
N LEU OA 96 -150.56 -16.36 -79.31
CA LEU OA 96 -150.24 -14.94 -79.28
C LEU OA 96 -151.47 -14.18 -79.76
N ARG OA 97 -152.11 -13.45 -78.86
CA ARG OA 97 -153.37 -12.81 -79.15
C ARG OA 97 -153.17 -11.30 -79.25
N TYR OA 98 -154.27 -10.58 -79.45
CA TYR OA 98 -154.25 -9.13 -79.55
C TYR OA 98 -154.34 -8.53 -78.14
N PHE OA 99 -154.56 -7.22 -78.08
CA PHE OA 99 -154.77 -6.51 -76.82
C PHE OA 99 -156.25 -6.30 -76.56
N GLN OA 100 -156.58 -5.98 -75.32
CA GLN OA 100 -157.97 -5.77 -74.95
C GLN OA 100 -158.50 -4.50 -75.61
N ILE OA 101 -159.59 -4.64 -76.36
CA ILE OA 101 -160.09 -3.57 -77.20
C ILE OA 101 -160.94 -2.59 -76.41
N SER PA 1 -75.00 49.87 -53.94
CA SER PA 1 -75.66 49.19 -52.84
C SER PA 1 -77.12 48.92 -53.15
N GLY PA 2 -77.98 49.17 -52.16
CA GLY PA 2 -79.41 48.96 -52.34
C GLY PA 2 -80.05 48.20 -51.20
N ALA PA 3 -81.18 48.69 -50.70
CA ALA PA 3 -81.87 48.06 -49.59
C ALA PA 3 -82.82 46.98 -50.10
N LYS PA 4 -83.25 46.10 -49.20
CA LYS PA 4 -84.08 44.98 -49.56
C LYS PA 4 -85.48 45.47 -49.92
N PHE PA 5 -86.26 44.62 -50.58
CA PHE PA 5 -87.63 44.93 -50.93
C PHE PA 5 -88.57 44.18 -49.99
N ARG PA 6 -89.75 44.75 -49.79
CA ARG PA 6 -90.74 44.10 -48.95
C ARG PA 6 -91.12 42.74 -49.52
N ILE PA 7 -91.20 41.76 -48.63
CA ILE PA 7 -91.53 40.39 -49.00
C ILE PA 7 -92.56 39.87 -48.01
N SER PA 8 -93.35 38.90 -48.46
CA SER PA 8 -94.37 38.33 -47.58
C SER PA 8 -93.71 37.71 -46.36
N LEU PA 9 -94.23 38.03 -45.17
CA LEU PA 9 -93.56 37.61 -43.94
C LEU PA 9 -93.89 36.16 -43.61
N GLY PA 10 -95.16 35.88 -43.28
CA GLY PA 10 -95.62 34.53 -43.04
C GLY PA 10 -94.80 33.71 -42.06
N LEU PA 11 -94.03 34.34 -41.18
CA LEU PA 11 -93.22 33.63 -40.19
C LEU PA 11 -93.38 34.35 -38.85
N PRO PA 12 -94.51 34.16 -38.18
CA PRO PA 12 -94.81 34.98 -36.98
C PRO PA 12 -93.99 34.63 -35.76
N VAL PA 13 -94.35 35.26 -34.63
CA VAL PA 13 -93.55 35.14 -33.42
C VAL PA 13 -93.53 33.69 -32.94
N GLY PA 14 -94.68 33.03 -32.93
CA GLY PA 14 -94.74 31.70 -32.34
C GLY PA 14 -94.00 30.64 -33.11
N ALA PA 15 -93.40 30.98 -34.25
CA ALA PA 15 -92.82 30.00 -35.14
C ALA PA 15 -91.61 29.30 -34.53
N VAL PA 16 -91.50 28.01 -34.80
CA VAL PA 16 -90.34 27.21 -34.45
C VAL PA 16 -89.73 26.71 -35.74
N ILE PA 17 -88.52 27.18 -36.05
CA ILE PA 17 -87.83 26.84 -37.28
C ILE PA 17 -86.56 26.08 -36.93
N ASN PA 18 -86.10 25.26 -37.86
CA ASN PA 18 -84.94 24.42 -37.61
C ASN PA 18 -83.67 25.16 -38.01
N CYS PA 19 -82.66 25.05 -37.15
CA CYS PA 19 -81.38 25.68 -37.37
C CYS PA 19 -80.66 24.95 -38.49
N ALA PA 20 -80.15 25.70 -39.46
CA ALA PA 20 -79.57 25.15 -40.67
C ALA PA 20 -78.06 25.25 -40.66
N ASP PA 21 -77.45 25.14 -39.48
CA ASP PA 21 -76.01 25.27 -39.37
C ASP PA 21 -75.42 24.13 -38.55
N ASN PA 22 -74.17 24.30 -38.11
CA ASN PA 22 -73.45 23.27 -37.36
C ASN PA 22 -73.11 23.70 -35.93
N THR PA 23 -73.88 24.60 -35.34
CA THR PA 23 -73.56 25.01 -33.97
C THR PA 23 -74.03 24.00 -32.94
N GLY PA 24 -74.77 22.97 -33.36
CA GLY PA 24 -75.32 22.00 -32.45
C GLY PA 24 -76.76 22.25 -32.06
N ALA PA 25 -77.26 23.48 -32.23
CA ALA PA 25 -78.66 23.75 -32.00
C ALA PA 25 -79.48 23.28 -33.19
N LYS PA 26 -80.65 22.70 -32.91
CA LYS PA 26 -81.50 22.14 -33.95
C LYS PA 26 -82.74 22.99 -34.20
N ASN PA 27 -83.43 23.42 -33.15
CA ASN PA 27 -84.66 24.17 -33.29
C ASN PA 27 -84.41 25.65 -33.02
N LEU PA 28 -85.40 26.46 -33.36
CA LEU PA 28 -85.29 27.91 -33.15
C LEU PA 28 -86.70 28.47 -32.98
N TYR PA 29 -87.06 28.78 -31.74
CA TYR PA 29 -88.35 29.35 -31.41
C TYR PA 29 -88.28 30.86 -31.52
N ILE PA 30 -88.84 31.41 -32.61
CA ILE PA 30 -88.79 32.85 -32.83
C ILE PA 30 -89.40 33.56 -31.63
N ILE PA 31 -88.79 34.67 -31.23
CA ILE PA 31 -89.17 35.25 -29.95
C ILE PA 31 -89.67 36.65 -30.21
N SER PA 32 -89.12 37.28 -31.24
CA SER PA 32 -89.48 38.61 -31.69
C SER PA 32 -88.62 38.94 -32.90
N VAL PA 33 -89.02 39.97 -33.63
CA VAL PA 33 -88.31 40.42 -34.83
C VAL PA 33 -87.64 41.75 -34.54
N LYS PA 34 -86.40 41.89 -34.96
CA LYS PA 34 -85.68 43.14 -34.76
C LYS PA 34 -86.13 44.19 -35.78
N GLY PA 35 -86.48 45.36 -35.27
CA GLY PA 35 -86.76 46.49 -36.12
C GLY PA 35 -88.20 46.68 -36.56
N ILE PA 36 -89.15 45.99 -35.93
CA ILE PA 36 -90.57 46.13 -36.27
C ILE PA 36 -91.26 46.90 -35.17
N LYS PA 37 -91.92 48.00 -35.54
CA LYS PA 37 -92.54 48.86 -34.54
C LYS PA 37 -93.75 48.21 -33.90
N GLY PA 38 -94.63 47.63 -34.72
CA GLY PA 38 -95.77 46.90 -34.20
C GLY PA 38 -97.07 47.67 -34.26
N ARG PA 39 -98.14 46.94 -33.96
CA ARG PA 39 -99.50 47.46 -34.00
C ARG PA 39 -100.31 46.68 -32.98
N LEU PA 40 -101.49 47.22 -32.64
CA LEU PA 40 -102.33 46.56 -31.65
C LEU PA 40 -102.75 45.18 -32.14
N ASN PA 41 -102.44 44.15 -31.34
CA ASN PA 41 -102.83 42.77 -31.59
C ASN PA 41 -102.13 42.16 -32.79
N ARG PA 42 -101.33 42.94 -33.53
CA ARG PA 42 -100.64 42.42 -34.70
C ARG PA 42 -99.42 41.65 -34.23
N LEU PA 43 -99.25 40.45 -34.76
CA LEU PA 43 -98.12 39.61 -34.37
C LEU PA 43 -96.89 39.99 -35.19
N PRO PA 44 -95.77 40.32 -34.55
CA PRO PA 44 -94.54 40.54 -35.31
C PRO PA 44 -94.18 39.29 -36.09
N ALA PA 45 -93.77 39.49 -37.34
CA ALA PA 45 -93.48 38.39 -38.23
C ALA PA 45 -92.17 38.64 -38.97
N ALA PA 46 -91.54 37.56 -39.40
CA ALA PA 46 -90.24 37.61 -40.03
C ALA PA 46 -90.34 37.12 -41.46
N GLY PA 47 -89.34 37.49 -42.25
CA GLY PA 47 -89.18 36.97 -43.59
C GLY PA 47 -87.74 36.54 -43.76
N VAL PA 48 -87.41 36.09 -44.96
CA VAL PA 48 -86.03 35.73 -45.24
C VAL PA 48 -85.16 36.97 -45.13
N GLY PA 49 -83.99 36.81 -44.52
CA GLY PA 49 -83.10 37.94 -44.31
C GLY PA 49 -83.53 38.91 -43.24
N ASP PA 50 -84.35 38.45 -42.29
CA ASP PA 50 -84.81 39.29 -41.20
C ASP PA 50 -84.12 38.86 -39.92
N MET PA 51 -83.52 39.81 -39.22
CA MET PA 51 -82.86 39.55 -37.95
C MET PA 51 -83.92 39.37 -36.89
N VAL PA 52 -83.95 38.20 -36.25
CA VAL PA 52 -84.92 37.89 -35.22
C VAL PA 52 -84.18 37.42 -33.98
N MET PA 53 -84.84 37.54 -32.85
CA MET PA 53 -84.36 36.95 -31.61
C MET PA 53 -85.13 35.67 -31.35
N ALA PA 54 -84.42 34.63 -30.95
CA ALA PA 54 -85.04 33.33 -30.80
C ALA PA 54 -84.30 32.53 -29.76
N THR PA 55 -84.98 31.53 -29.21
CA THR PA 55 -84.41 30.59 -28.25
C THR PA 55 -84.49 29.19 -28.84
N VAL PA 56 -83.41 28.44 -28.73
CA VAL PA 56 -83.38 27.08 -29.24
C VAL PA 56 -84.14 26.18 -28.27
N LYS PA 57 -85.00 25.34 -28.83
CA LYS PA 57 -85.84 24.48 -28.00
C LYS PA 57 -85.19 23.14 -27.73
N LYS PA 58 -84.61 22.51 -28.76
CA LYS PA 58 -83.89 21.25 -28.61
C LYS PA 58 -82.52 21.36 -29.26
N GLY PA 59 -81.52 20.80 -28.60
CA GLY PA 59 -80.17 20.85 -29.07
C GLY PA 59 -79.19 20.71 -27.91
N LYS PA 60 -78.01 21.28 -28.09
CA LYS PA 60 -76.96 21.20 -27.10
C LYS PA 60 -77.37 22.00 -25.86
N PRO PA 61 -77.29 21.38 -24.67
CA PRO PA 61 -77.83 22.00 -23.45
C PRO PA 61 -77.43 23.43 -23.13
N GLU PA 62 -76.12 23.75 -23.03
CA GLU PA 62 -75.77 25.07 -22.53
C GLU PA 62 -76.16 26.16 -23.54
N LEU PA 63 -76.52 25.77 -24.75
CA LEU PA 63 -77.03 26.72 -25.73
C LEU PA 63 -78.53 26.94 -25.61
N ARG PA 64 -79.20 26.27 -24.67
CA ARG PA 64 -80.66 26.19 -24.72
C ARG PA 64 -81.32 27.33 -23.96
N LYS PA 65 -81.00 27.48 -22.68
CA LYS PA 65 -81.75 28.38 -21.80
C LYS PA 65 -81.34 29.83 -21.98
N LYS PA 66 -81.34 30.32 -23.21
CA LYS PA 66 -80.82 31.64 -23.52
C LYS PA 66 -81.63 32.27 -24.63
N VAL PA 67 -81.28 33.51 -24.95
CA VAL PA 67 -81.85 34.24 -26.08
C VAL PA 67 -80.71 34.64 -26.99
N HIS PA 68 -80.78 34.22 -28.25
CA HIS PA 68 -79.77 34.60 -29.23
C HIS PA 68 -80.43 35.34 -30.37
N PRO PA 69 -79.72 36.28 -30.99
CA PRO PA 69 -80.17 36.78 -32.29
C PRO PA 69 -80.06 35.67 -33.33
N ALA PA 70 -80.92 35.74 -34.34
CA ALA PA 70 -80.94 34.77 -35.41
C ALA PA 70 -81.40 35.42 -36.69
N VAL PA 71 -81.10 34.77 -37.82
CA VAL PA 71 -81.42 35.28 -39.14
C VAL PA 71 -82.17 34.20 -39.90
N VAL PA 72 -83.31 34.57 -40.46
CA VAL PA 72 -84.10 33.63 -41.27
C VAL PA 72 -83.52 33.57 -42.68
N ILE PA 73 -83.10 32.39 -43.09
CA ILE PA 73 -82.54 32.21 -44.43
C ILE PA 73 -83.49 31.49 -45.38
N ARG PA 74 -84.50 30.79 -44.87
CA ARG PA 74 -85.39 30.01 -45.70
C ARG PA 74 -86.80 30.12 -45.14
N GLN PA 75 -87.80 30.00 -46.01
CA GLN PA 75 -89.17 30.05 -45.54
C GLN PA 75 -90.08 29.32 -46.51
N ARG PA 76 -91.17 28.80 -45.97
CA ARG PA 76 -92.17 28.07 -46.74
C ARG PA 76 -93.18 28.99 -47.42
N LYS PA 77 -93.29 30.23 -46.96
CA LYS PA 77 -94.27 31.16 -47.51
C LYS PA 77 -93.72 31.79 -48.76
N SER PA 78 -94.43 31.65 -49.87
CA SER PA 78 -93.94 32.17 -51.14
C SER PA 78 -93.92 33.69 -51.12
N TYR PA 79 -92.97 34.26 -51.86
CA TYR PA 79 -92.83 35.70 -51.96
C TYR PA 79 -92.28 36.04 -53.34
N ARG PA 80 -92.74 37.16 -53.89
CA ARG PA 80 -92.30 37.53 -55.23
C ARG PA 80 -91.00 38.31 -55.17
N ARG PA 81 -90.14 38.08 -56.16
CA ARG PA 81 -88.76 38.57 -56.14
C ARG PA 81 -88.57 39.80 -57.01
N LYS PA 82 -89.58 40.67 -57.09
CA LYS PA 82 -89.50 41.94 -57.79
C LYS PA 82 -89.37 41.77 -59.30
N ASP PA 83 -89.29 40.52 -59.77
CA ASP PA 83 -89.33 40.24 -61.20
C ASP PA 83 -90.39 39.21 -61.54
N GLY PA 84 -91.33 38.98 -60.63
CA GLY PA 84 -92.51 38.18 -60.91
C GLY PA 84 -92.41 36.70 -60.62
N VAL PA 85 -91.31 36.24 -60.05
CA VAL PA 85 -91.16 34.82 -59.71
C VAL PA 85 -91.40 34.67 -58.21
N PHE PA 86 -92.20 33.68 -57.85
CA PHE PA 86 -92.55 33.41 -56.47
C PHE PA 86 -91.74 32.22 -55.96
N LEU PA 87 -90.94 32.45 -54.93
CA LEU PA 87 -90.10 31.41 -54.33
C LEU PA 87 -90.65 31.00 -52.98
N TYR PA 88 -90.80 29.70 -52.79
CA TYR PA 88 -90.95 29.11 -51.48
C TYR PA 88 -90.05 27.90 -51.40
N PHE PA 89 -89.52 27.64 -50.22
CA PHE PA 89 -88.49 26.63 -50.03
C PHE PA 89 -89.09 25.37 -49.44
N GLU PA 90 -88.23 24.38 -49.23
CA GLU PA 90 -88.68 23.11 -48.66
C GLU PA 90 -89.11 23.28 -47.22
N ASP PA 91 -88.53 24.24 -46.50
CA ASP PA 91 -88.82 24.46 -45.09
C ASP PA 91 -88.33 25.84 -44.69
N ASN PA 92 -88.69 26.26 -43.48
CA ASN PA 92 -88.17 27.48 -42.88
C ASN PA 92 -86.95 27.11 -42.04
N ALA PA 93 -85.85 27.81 -42.26
CA ALA PA 93 -84.63 27.55 -41.51
C ALA PA 93 -83.96 28.87 -41.16
N GLY PA 94 -83.33 28.89 -39.99
CA GLY PA 94 -82.60 30.06 -39.55
C GLY PA 94 -81.24 29.64 -39.03
N VAL PA 95 -80.37 30.63 -38.86
CA VAL PA 95 -79.01 30.39 -38.38
C VAL PA 95 -78.78 31.26 -37.16
N ILE PA 96 -78.06 30.71 -36.18
CA ILE PA 96 -77.77 31.48 -34.99
C ILE PA 96 -76.61 32.42 -35.28
N VAL PA 97 -76.80 33.70 -34.94
CA VAL PA 97 -75.83 34.74 -35.27
C VAL PA 97 -75.64 35.64 -34.06
N ASN PA 98 -74.52 36.36 -34.07
CA ASN PA 98 -74.25 37.33 -33.02
C ASN PA 98 -74.91 38.66 -33.36
N ASN PA 99 -74.68 39.66 -32.51
CA ASN PA 99 -75.36 40.94 -32.65
C ASN PA 99 -74.96 41.63 -33.96
N LYS PA 100 -73.67 41.58 -34.32
CA LYS PA 100 -73.18 42.30 -35.48
C LYS PA 100 -73.53 41.61 -36.80
N GLY PA 101 -74.25 40.51 -36.77
CA GLY PA 101 -74.57 39.77 -37.98
C GLY PA 101 -73.60 38.65 -38.29
N GLU PA 102 -72.62 38.40 -37.42
CA GLU PA 102 -71.68 37.32 -37.62
C GLU PA 102 -72.29 36.00 -37.18
N MET PA 103 -72.21 34.99 -38.03
CA MET PA 103 -72.74 33.68 -37.72
C MET PA 103 -71.88 33.00 -36.66
N LYS PA 104 -72.53 32.26 -35.77
CA LYS PA 104 -71.82 31.53 -34.72
C LYS PA 104 -71.42 30.13 -35.13
N GLY PA 105 -71.84 29.66 -36.29
CA GLY PA 105 -71.48 28.36 -36.80
C GLY PA 105 -70.37 28.43 -37.82
N SER PA 106 -70.20 27.33 -38.56
CA SER PA 106 -69.16 27.30 -39.58
C SER PA 106 -69.65 26.78 -40.93
N ALA PA 107 -70.89 26.30 -41.05
CA ALA PA 107 -71.41 25.89 -42.34
C ALA PA 107 -72.93 25.92 -42.29
N ILE PA 108 -73.53 25.97 -43.49
CA ILE PA 108 -74.98 25.98 -43.66
C ILE PA 108 -75.37 24.78 -44.50
N THR PA 109 -76.36 24.03 -44.03
CA THR PA 109 -76.95 22.93 -44.77
C THR PA 109 -78.13 23.47 -45.57
N GLY PA 110 -78.20 23.11 -46.85
CA GLY PA 110 -79.27 23.54 -47.71
C GLY PA 110 -79.03 24.91 -48.28
N PRO PA 111 -79.89 25.34 -49.19
CA PRO PA 111 -79.74 26.65 -49.82
C PRO PA 111 -80.11 27.79 -48.90
N VAL PA 112 -79.66 28.98 -49.27
CA VAL PA 112 -79.96 30.21 -48.57
C VAL PA 112 -80.56 31.19 -49.56
N ALA PA 113 -81.67 31.82 -49.17
CA ALA PA 113 -82.36 32.74 -50.06
C ALA PA 113 -81.44 33.88 -50.46
N LYS PA 114 -81.58 34.32 -51.71
CA LYS PA 114 -80.72 35.38 -52.23
C LYS PA 114 -80.90 36.68 -51.45
N GLU PA 115 -82.14 37.01 -51.11
CA GLU PA 115 -82.39 38.23 -50.35
C GLU PA 115 -81.70 38.19 -48.99
N CYS PA 116 -81.50 36.98 -48.46
CA CYS PA 116 -80.72 36.85 -47.24
C CYS PA 116 -79.23 37.02 -47.50
N ALA PA 117 -78.80 36.71 -48.73
CA ALA PA 117 -77.37 36.67 -49.02
C ALA PA 117 -76.76 38.06 -49.00
N ASP PA 118 -77.20 38.93 -49.91
CA ASP PA 118 -76.60 40.25 -50.03
C ASP PA 118 -76.80 41.11 -48.80
N LEU PA 119 -77.90 40.90 -48.06
CA LEU PA 119 -78.13 41.64 -46.83
C LEU PA 119 -77.08 41.35 -45.78
N TRP PA 120 -76.74 40.07 -45.59
CA TRP PA 120 -75.71 39.66 -44.64
C TRP PA 120 -74.64 38.92 -45.41
N PRO PA 121 -73.56 39.61 -45.78
CA PRO PA 121 -72.54 38.96 -46.62
C PRO PA 121 -71.89 37.76 -45.97
N ARG PA 122 -71.91 37.69 -44.64
CA ARG PA 122 -71.15 36.66 -43.96
C ARG PA 122 -71.79 35.29 -44.11
N ILE PA 123 -73.11 35.20 -43.94
CA ILE PA 123 -73.77 33.93 -44.20
C ILE PA 123 -73.76 33.62 -45.70
N ALA PA 124 -73.81 34.66 -46.53
CA ALA PA 124 -73.68 34.47 -47.97
C ALA PA 124 -72.31 33.89 -48.32
N SER PA 125 -71.27 34.31 -47.59
CA SER PA 125 -69.94 33.78 -47.84
C SER PA 125 -69.87 32.29 -47.57
N ASN PA 126 -70.73 31.80 -46.68
CA ASN PA 126 -70.64 30.43 -46.20
C ASN PA 126 -71.72 29.54 -46.79
N ALA PA 127 -72.80 30.12 -47.31
CA ALA PA 127 -73.89 29.33 -47.88
C ALA PA 127 -73.40 28.52 -49.07
N GLY PA 128 -73.68 27.22 -49.07
CA GLY PA 128 -73.24 26.36 -50.16
C GLY PA 128 -73.88 26.72 -51.49
N SER PA 129 -75.19 26.91 -51.49
CA SER PA 129 -75.92 27.28 -52.70
C SER PA 129 -76.88 28.41 -52.37
N ILE PA 130 -77.12 29.28 -53.34
CA ILE PA 130 -77.97 30.45 -53.16
C ILE PA 130 -79.20 30.31 -54.04
N ALA PA 131 -80.37 30.37 -53.43
CA ALA PA 131 -81.63 30.25 -54.16
C ALA PA 131 -82.39 31.56 -54.16
N LYS QA 1 -173.24 -39.97 30.38
CA LYS QA 1 -174.04 -41.18 30.51
C LYS QA 1 -175.52 -40.86 30.38
N LYS QA 2 -176.01 -40.80 29.14
CA LYS QA 2 -175.23 -41.00 27.93
C LYS QA 2 -174.89 -39.68 27.25
N LYS QA 3 -175.47 -38.58 27.73
CA LYS QA 3 -175.21 -37.29 27.12
C LYS QA 3 -173.76 -36.89 27.40
N ILE QA 4 -172.94 -36.87 26.35
CA ILE QA 4 -171.51 -36.68 26.50
C ILE QA 4 -171.03 -35.61 25.54
N ARG QA 5 -169.86 -35.06 25.86
CA ARG QA 5 -169.19 -34.06 25.02
C ARG QA 5 -167.86 -34.62 24.54
N THR QA 6 -167.78 -34.95 23.25
CA THR QA 6 -166.56 -35.49 22.67
C THR QA 6 -165.72 -34.45 21.94
N SER QA 7 -166.20 -33.21 21.83
CA SER QA 7 -165.46 -32.15 21.16
C SER QA 7 -165.29 -30.97 22.12
N PRO QA 8 -164.07 -30.47 22.29
CA PRO QA 8 -163.87 -29.41 23.28
C PRO QA 8 -164.61 -28.13 22.95
N THR QA 9 -164.90 -27.87 21.69
CA THR QA 9 -165.64 -26.68 21.30
C THR QA 9 -167.10 -26.82 21.69
N PHE QA 10 -167.72 -25.70 22.03
CA PHE QA 10 -169.14 -25.64 22.29
C PHE QA 10 -169.81 -24.92 21.13
N ARG QA 11 -170.35 -25.67 20.19
CA ARG QA 11 -171.07 -25.08 19.08
C ARG QA 11 -172.44 -24.61 19.54
N ARG QA 12 -172.93 -23.56 18.92
CA ARG QA 12 -174.24 -23.04 19.28
C ARG QA 12 -175.32 -24.08 19.00
N PRO QA 13 -176.22 -24.34 19.92
CA PRO QA 13 -177.28 -25.31 19.67
C PRO QA 13 -178.13 -24.89 18.47
N LYS QA 14 -178.51 -25.87 17.67
CA LYS QA 14 -179.31 -25.58 16.48
C LYS QA 14 -180.79 -25.57 16.85
N THR QA 15 -181.32 -24.37 17.04
CA THR QA 15 -182.74 -24.20 17.31
C THR QA 15 -183.48 -24.32 15.99
N LEU QA 16 -184.80 -24.08 16.02
CA LEU QA 16 -185.59 -24.14 14.80
C LEU QA 16 -186.02 -22.74 14.41
N ARG QA 17 -185.87 -22.44 13.12
CA ARG QA 17 -186.30 -21.19 12.53
C ARG QA 17 -187.68 -21.43 11.93
N LEU QA 18 -188.69 -20.78 12.49
CA LEU QA 18 -190.05 -20.97 12.01
C LEU QA 18 -190.31 -20.05 10.83
N ARG QA 19 -190.97 -20.59 9.81
CA ARG QA 19 -191.24 -19.82 8.61
C ARG QA 19 -192.18 -18.66 8.90
N ARG QA 20 -192.02 -17.58 8.15
CA ARG QA 20 -192.79 -16.37 8.42
C ARG QA 20 -194.23 -16.55 7.95
N GLN QA 21 -195.17 -16.16 8.80
CA GLN QA 21 -196.61 -16.26 8.52
C GLN QA 21 -197.25 -14.91 8.84
N PRO QA 22 -197.23 -13.97 7.90
CA PRO QA 22 -197.66 -12.62 8.21
C PRO QA 22 -199.16 -12.53 8.48
N LYS QA 23 -199.50 -11.59 9.36
CA LYS QA 23 -200.90 -11.38 9.73
C LYS QA 23 -201.63 -10.52 8.71
N TYR QA 24 -200.90 -9.89 7.80
CA TYR QA 24 -201.47 -9.03 6.77
C TYR QA 24 -200.39 -8.75 5.75
N PRO QA 25 -200.71 -8.75 4.46
CA PRO QA 25 -199.69 -8.47 3.45
C PRO QA 25 -199.17 -7.04 3.61
N ARG QA 26 -197.86 -6.88 3.42
CA ARG QA 26 -197.26 -5.56 3.57
C ARG QA 26 -197.78 -4.60 2.51
N LYS QA 27 -197.88 -5.06 1.27
CA LYS QA 27 -198.54 -4.29 0.22
C LYS QA 27 -199.76 -5.06 -0.26
N SER QA 28 -200.78 -4.30 -0.66
CA SER QA 28 -202.11 -4.90 -0.85
C SER QA 28 -202.13 -5.88 -2.01
N ALA QA 29 -201.63 -5.47 -3.16
CA ALA QA 29 -201.74 -6.28 -4.37
C ALA QA 29 -200.41 -6.27 -5.10
N PRO QA 30 -200.09 -7.34 -5.84
CA PRO QA 30 -198.82 -7.37 -6.56
C PRO QA 30 -198.86 -6.43 -7.77
N ARG QA 31 -197.89 -5.52 -7.82
CA ARG QA 31 -197.79 -4.60 -8.95
C ARG QA 31 -197.61 -5.38 -10.24
N ARG QA 32 -198.36 -4.98 -11.26
CA ARG QA 32 -198.27 -5.65 -12.55
C ARG QA 32 -196.87 -5.45 -13.13
N ASN QA 33 -196.43 -6.44 -13.90
CA ASN QA 33 -195.15 -6.31 -14.58
C ASN QA 33 -195.29 -5.30 -15.71
N LYS QA 34 -194.72 -4.12 -15.52
CA LYS QA 34 -194.82 -3.09 -16.54
C LYS QA 34 -194.06 -3.49 -17.79
N LEU QA 35 -192.96 -4.22 -17.64
CA LEU QA 35 -192.19 -4.72 -18.78
C LEU QA 35 -192.90 -5.95 -19.33
N ASP QA 36 -194.08 -5.71 -19.91
CA ASP QA 36 -194.86 -6.78 -20.53
C ASP QA 36 -194.40 -6.96 -21.97
N HIS QA 37 -195.18 -7.68 -22.77
CA HIS QA 37 -194.81 -7.92 -24.16
C HIS QA 37 -194.86 -6.65 -24.99
N TYR QA 38 -195.81 -5.76 -24.72
CA TYR QA 38 -195.92 -4.55 -25.51
C TYR QA 38 -194.87 -3.53 -25.12
N ALA QA 39 -194.44 -3.55 -23.86
CA ALA QA 39 -193.37 -2.65 -23.44
C ALA QA 39 -192.02 -3.11 -23.94
N ILE QA 40 -191.89 -4.39 -24.32
CA ILE QA 40 -190.60 -4.88 -24.78
C ILE QA 40 -190.30 -4.36 -26.18
N ILE QA 41 -191.20 -4.63 -27.13
CA ILE QA 41 -190.97 -4.23 -28.51
C ILE QA 41 -191.49 -2.81 -28.68
N LYS QA 42 -190.56 -1.86 -28.81
CA LYS QA 42 -190.95 -0.46 -28.93
C LYS QA 42 -191.39 -0.13 -30.35
N PHE QA 43 -190.53 -0.40 -31.33
CA PHE QA 43 -190.84 -0.18 -32.73
C PHE QA 43 -189.74 -0.82 -33.57
N PRO QA 44 -190.06 -1.20 -34.80
CA PRO QA 44 -189.07 -1.89 -35.64
C PRO QA 44 -188.25 -0.91 -36.48
N LEU QA 45 -186.97 -1.22 -36.60
CA LEU QA 45 -186.03 -0.40 -37.35
C LEU QA 45 -186.24 -0.60 -38.85
N THR QA 46 -186.06 0.48 -39.61
CA THR QA 46 -186.29 0.48 -41.05
C THR QA 46 -185.15 1.16 -41.80
N THR QA 47 -183.95 1.16 -41.22
CA THR QA 47 -182.80 1.77 -41.89
C THR QA 47 -182.40 0.94 -43.11
N GLU QA 48 -181.49 1.49 -43.90
CA GLU QA 48 -181.03 0.80 -45.10
C GLU QA 48 -180.37 -0.52 -44.75
N SER QA 49 -179.47 -0.53 -43.77
CA SER QA 49 -178.84 -1.77 -43.36
C SER QA 49 -179.84 -2.71 -42.70
N ALA QA 50 -180.90 -2.15 -42.10
CA ALA QA 50 -181.94 -2.98 -41.51
C ALA QA 50 -182.61 -3.86 -42.56
N MET QA 51 -183.03 -3.26 -43.68
CA MET QA 51 -183.62 -4.05 -44.75
C MET QA 51 -182.65 -5.00 -45.40
N LYS QA 52 -181.36 -4.64 -45.46
CA LYS QA 52 -180.36 -5.59 -45.96
C LYS QA 52 -180.35 -6.85 -45.12
N LYS QA 53 -180.73 -6.73 -43.85
CA LYS QA 53 -180.77 -7.89 -42.97
C LYS QA 53 -182.11 -8.61 -43.06
N ILE QA 54 -183.18 -7.90 -43.44
CA ILE QA 54 -184.49 -8.53 -43.56
C ILE QA 54 -184.50 -9.49 -44.75
N GLU QA 55 -183.98 -9.05 -45.88
CA GLU QA 55 -184.00 -9.90 -47.07
C GLU QA 55 -182.88 -10.92 -47.06
N ASP QA 56 -181.63 -10.49 -46.95
CA ASP QA 56 -180.49 -11.39 -47.10
C ASP QA 56 -180.39 -12.39 -45.95
N ASN QA 57 -180.54 -11.92 -44.72
CA ASN QA 57 -180.26 -12.74 -43.55
C ASN QA 57 -181.52 -13.30 -42.89
N ASN QA 58 -182.70 -13.07 -43.48
CA ASN QA 58 -183.95 -13.65 -42.98
C ASN QA 58 -184.20 -13.26 -41.52
N THR QA 59 -183.76 -12.08 -41.13
CA THR QA 59 -183.86 -11.63 -39.75
C THR QA 59 -184.53 -10.26 -39.67
N LEU QA 60 -185.45 -10.12 -38.71
CA LEU QA 60 -186.01 -8.82 -38.40
C LEU QA 60 -185.11 -8.07 -37.43
N VAL QA 61 -185.29 -6.76 -37.34
CA VAL QA 61 -184.54 -5.91 -36.44
C VAL QA 61 -185.50 -4.94 -35.79
N PHE QA 62 -185.34 -4.73 -34.49
CA PHE QA 62 -186.27 -3.94 -33.70
C PHE QA 62 -185.51 -2.95 -32.82
N ILE QA 63 -186.26 -2.21 -32.03
CA ILE QA 63 -185.72 -1.42 -30.93
C ILE QA 63 -186.53 -1.76 -29.70
N VAL QA 64 -185.86 -2.24 -28.65
CA VAL QA 64 -186.54 -2.81 -27.49
C VAL QA 64 -186.09 -2.10 -26.23
N ASP QA 65 -186.79 -2.39 -25.14
CA ASP QA 65 -186.45 -1.82 -23.84
C ASP QA 65 -185.09 -2.34 -23.40
N VAL QA 66 -184.34 -1.46 -22.73
CA VAL QA 66 -182.98 -1.80 -22.32
C VAL QA 66 -182.96 -2.89 -21.27
N LYS QA 67 -184.08 -3.18 -20.63
CA LYS QA 67 -184.13 -4.18 -19.58
C LYS QA 67 -184.53 -5.56 -20.07
N ALA QA 68 -184.73 -5.73 -21.38
CA ALA QA 68 -185.20 -6.98 -21.94
C ALA QA 68 -184.01 -7.79 -22.42
N ASN QA 69 -183.93 -9.05 -21.99
CA ASN QA 69 -182.85 -9.92 -22.40
C ASN QA 69 -183.27 -10.77 -23.60
N LYS QA 70 -182.37 -11.64 -24.06
CA LYS QA 70 -182.66 -12.44 -25.24
C LYS QA 70 -183.88 -13.31 -25.02
N HIS QA 71 -183.99 -13.94 -23.86
CA HIS QA 71 -185.14 -14.80 -23.57
C HIS QA 71 -186.42 -13.98 -23.56
N GLN QA 72 -186.36 -12.77 -23.04
CA GLN QA 72 -187.56 -11.94 -22.97
C GLN QA 72 -187.95 -11.42 -24.34
N ILE QA 73 -186.96 -11.03 -25.15
CA ILE QA 73 -187.24 -10.53 -26.49
C ILE QA 73 -187.83 -11.63 -27.35
N LYS QA 74 -187.23 -12.83 -27.30
CA LYS QA 74 -187.72 -13.94 -28.10
C LYS QA 74 -189.16 -14.28 -27.73
N GLN QA 75 -189.47 -14.25 -26.43
CA GLN QA 75 -190.83 -14.54 -25.99
C GLN QA 75 -191.81 -13.50 -26.50
N ALA QA 76 -191.40 -12.24 -26.53
CA ALA QA 76 -192.29 -11.17 -26.97
C ALA QA 76 -192.63 -11.30 -28.45
N VAL QA 77 -191.61 -11.43 -29.29
CA VAL QA 77 -191.85 -11.52 -30.73
C VAL QA 77 -192.61 -12.80 -31.06
N LYS QA 78 -192.21 -13.91 -30.46
CA LYS QA 78 -192.84 -15.19 -30.76
C LYS QA 78 -194.32 -15.20 -30.38
N LYS QA 79 -194.69 -14.45 -29.35
CA LYS QA 79 -196.06 -14.51 -28.84
C LYS QA 79 -196.95 -13.49 -29.54
N LEU QA 80 -196.45 -12.27 -29.74
CA LEU QA 80 -197.27 -11.19 -30.28
C LEU QA 80 -197.15 -11.05 -31.80
N TYR QA 81 -196.37 -11.92 -32.44
CA TYR QA 81 -196.35 -11.99 -33.89
C TYR QA 81 -196.63 -13.39 -34.43
N ASP QA 82 -196.81 -14.38 -33.56
CA ASP QA 82 -197.10 -15.76 -33.96
C ASP QA 82 -196.07 -16.28 -34.97
N ILE QA 83 -194.79 -16.00 -34.69
CA ILE QA 83 -193.69 -16.50 -35.49
C ILE QA 83 -192.69 -17.16 -34.56
N ASP QA 84 -191.81 -17.98 -35.13
CA ASP QA 84 -190.77 -18.65 -34.38
C ASP QA 84 -189.42 -18.04 -34.75
N VAL QA 85 -188.62 -17.76 -33.74
CA VAL QA 85 -187.30 -17.16 -33.95
C VAL QA 85 -186.23 -18.17 -33.59
N ALA QA 86 -185.20 -18.21 -34.42
CA ALA QA 86 -184.10 -19.13 -34.17
C ALA QA 86 -183.18 -18.61 -33.07
N LYS QA 87 -182.68 -17.39 -33.23
CA LYS QA 87 -181.82 -16.79 -32.22
C LYS QA 87 -181.98 -15.29 -32.28
N VAL QA 88 -181.61 -14.63 -31.19
CA VAL QA 88 -181.73 -13.19 -31.03
C VAL QA 88 -180.34 -12.63 -30.74
N ASN QA 89 -179.97 -11.58 -31.47
CA ASN QA 89 -178.73 -10.88 -31.23
C ASN QA 89 -179.05 -9.45 -30.81
N THR QA 90 -178.46 -9.03 -29.71
CA THR QA 90 -178.80 -7.75 -29.11
C THR QA 90 -177.55 -6.90 -28.94
N LEU QA 91 -177.77 -5.59 -28.82
CA LEU QA 91 -176.70 -4.63 -28.60
C LEU QA 91 -177.34 -3.31 -28.19
N ILE QA 92 -176.54 -2.41 -27.66
CA ILE QA 92 -177.01 -1.11 -27.22
C ILE QA 92 -176.32 -0.05 -28.08
N ARG QA 93 -177.12 0.63 -28.89
CA ARG QA 93 -176.57 1.67 -29.73
C ARG QA 93 -176.12 2.86 -28.89
N PRO QA 94 -175.24 3.71 -29.42
CA PRO QA 94 -174.80 4.88 -28.64
C PRO QA 94 -175.92 5.86 -28.33
N ASP QA 95 -177.03 5.81 -29.05
CA ASP QA 95 -178.20 6.58 -28.67
C ASP QA 95 -178.68 6.17 -27.28
N GLY QA 96 -178.67 4.88 -26.97
CA GLY QA 96 -178.88 4.45 -25.62
C GLY QA 96 -180.01 3.46 -25.41
N GLU QA 97 -180.51 2.86 -26.49
CA GLU QA 97 -181.57 1.87 -26.39
C GLU QA 97 -181.09 0.57 -27.01
N LYS QA 98 -181.72 -0.52 -26.62
CA LYS QA 98 -181.34 -1.84 -27.13
C LYS QA 98 -181.81 -1.97 -28.57
N LYS QA 99 -180.98 -2.60 -29.40
CA LYS QA 99 -181.35 -2.98 -30.75
C LYS QA 99 -181.21 -4.50 -30.84
N ALA QA 100 -182.22 -5.15 -31.41
CA ALA QA 100 -182.24 -6.60 -31.47
C ALA QA 100 -182.32 -7.05 -32.91
N TYR QA 101 -181.39 -7.92 -33.31
CA TYR QA 101 -181.49 -8.64 -34.58
C TYR QA 101 -182.00 -10.04 -34.28
N VAL QA 102 -183.26 -10.29 -34.59
CA VAL QA 102 -183.90 -11.57 -34.29
C VAL QA 102 -183.98 -12.37 -35.59
N ARG QA 103 -183.33 -13.52 -35.61
CA ARG QA 103 -183.34 -14.38 -36.79
C ARG QA 103 -184.53 -15.33 -36.71
N LEU QA 104 -185.33 -15.34 -37.77
CA LEU QA 104 -186.52 -16.16 -37.80
C LEU QA 104 -186.17 -17.61 -38.09
N ALA QA 105 -187.08 -18.50 -37.71
CA ALA QA 105 -186.88 -19.92 -37.92
C ALA QA 105 -186.79 -20.21 -39.43
N PRO QA 106 -185.99 -21.19 -39.82
CA PRO QA 106 -185.77 -21.41 -41.27
C PRO QA 106 -187.05 -21.63 -42.06
N ASP QA 107 -188.04 -22.33 -41.49
CA ASP QA 107 -189.28 -22.56 -42.23
C ASP QA 107 -190.11 -21.30 -42.37
N TYR QA 108 -189.93 -20.33 -41.48
CA TYR QA 108 -190.59 -19.04 -41.62
C TYR QA 108 -189.83 -18.18 -42.63
N ASP QA 109 -190.38 -17.01 -42.92
CA ASP QA 109 -189.77 -16.09 -43.87
C ASP QA 109 -189.82 -14.69 -43.28
N ALA QA 110 -188.85 -13.85 -43.67
CA ALA QA 110 -188.71 -12.53 -43.07
C ALA QA 110 -189.35 -11.43 -43.89
N LEU QA 111 -189.68 -11.66 -45.16
CA LEU QA 111 -190.28 -10.61 -45.95
C LEU QA 111 -191.79 -10.54 -45.75
N ASP QA 112 -192.45 -11.69 -45.70
CA ASP QA 112 -193.90 -11.70 -45.56
C ASP QA 112 -194.33 -11.11 -44.21
N VAL QA 113 -193.58 -11.42 -43.16
CA VAL QA 113 -193.93 -10.91 -41.84
C VAL QA 113 -193.73 -9.40 -41.78
N ALA QA 114 -192.65 -8.89 -42.35
CA ALA QA 114 -192.48 -7.44 -42.42
C ALA QA 114 -193.59 -6.81 -43.25
N ASN QA 115 -194.05 -7.51 -44.29
CA ASN QA 115 -195.23 -7.05 -45.03
C ASN QA 115 -196.45 -6.99 -44.13
N LYS QA 116 -196.62 -8.00 -43.27
CA LYS QA 116 -197.71 -7.98 -42.29
C LYS QA 116 -197.55 -6.79 -41.35
N ILE QA 117 -196.32 -6.48 -40.96
CA ILE QA 117 -196.08 -5.41 -40.01
C ILE QA 117 -196.20 -4.04 -40.68
N GLY QA 118 -195.70 -3.94 -41.90
CA GLY QA 118 -195.68 -2.67 -42.60
C GLY QA 118 -194.34 -1.97 -42.66
N ILE QA 119 -193.28 -2.60 -42.17
CA ILE QA 119 -191.96 -1.98 -42.16
C ILE QA 119 -191.24 -2.30 -43.46
N ILE QA 120 -191.94 -2.88 -44.41
CA ILE QA 120 -191.35 -3.21 -45.69
C ILE QA 120 -190.99 -1.92 -46.41
N MET RA 1 -210.96 53.09 -3.08
CA MET RA 1 -209.85 52.92 -2.15
C MET RA 1 -209.81 51.51 -1.62
N LYS RA 2 -208.81 50.74 -2.05
CA LYS RA 2 -208.70 49.35 -1.62
C LYS RA 2 -208.54 49.25 -0.11
N PHE RA 3 -209.30 48.34 0.50
CA PHE RA 3 -209.25 48.16 1.94
C PHE RA 3 -208.86 46.75 2.38
N ASN RA 4 -209.03 45.74 1.55
CA ASN RA 4 -208.60 44.41 1.95
C ASN RA 4 -207.09 44.40 2.13
N PRO RA 5 -206.57 43.98 3.28
CA PRO RA 5 -205.12 43.75 3.40
C PRO RA 5 -204.67 42.49 2.71
N PHE RA 6 -205.57 41.79 2.01
CA PHE RA 6 -205.24 40.55 1.34
C PHE RA 6 -205.21 40.67 -0.17
N VAL RA 7 -205.60 41.82 -0.73
CA VAL RA 7 -205.43 42.08 -2.15
C VAL RA 7 -204.46 43.24 -2.29
N THR RA 8 -203.57 43.13 -3.27
CA THR RA 8 -202.47 44.06 -3.42
C THR RA 8 -202.85 45.21 -4.35
N SER RA 9 -202.07 46.29 -4.24
CA SER RA 9 -202.12 47.38 -5.19
C SER RA 9 -200.75 47.63 -5.83
N ASP RA 10 -199.80 46.72 -5.61
CA ASP RA 10 -198.46 46.88 -6.18
C ASP RA 10 -198.53 46.82 -7.69
N ARG RA 11 -197.81 47.72 -8.35
CA ARG RA 11 -197.82 47.77 -9.80
C ARG RA 11 -197.21 46.51 -10.39
N SER RA 12 -196.12 46.03 -9.81
CA SER RA 12 -195.47 44.83 -10.34
C SER RA 12 -196.29 43.58 -10.07
N LYS RA 13 -196.88 43.50 -8.87
CA LYS RA 13 -197.66 42.32 -8.52
C LYS RA 13 -198.90 42.18 -9.40
N ASN RA 14 -199.55 43.32 -9.71
CA ASN RA 14 -200.74 43.27 -10.55
C ASN RA 14 -200.37 43.02 -12.01
N ARG RA 15 -199.21 43.48 -12.45
CA ARG RA 15 -198.78 43.21 -13.81
C ARG RA 15 -198.34 41.76 -13.98
N LYS RA 16 -197.61 41.23 -12.99
CA LYS RA 16 -197.19 39.84 -13.07
C LYS RA 16 -198.39 38.90 -13.07
N ARG RA 17 -199.39 39.19 -12.25
CA ARG RA 17 -200.58 38.34 -12.22
C ARG RA 17 -201.36 38.44 -13.52
N HIS RA 18 -201.20 39.53 -14.26
CA HIS RA 18 -201.93 39.70 -15.50
C HIS RA 18 -201.33 38.84 -16.61
N PHE RA 19 -200.01 38.94 -16.80
CA PHE RA 19 -199.37 38.29 -17.93
C PHE RA 19 -199.17 36.79 -17.73
N ASN RA 20 -199.07 36.34 -16.48
CA ASN RA 20 -198.92 34.93 -16.18
C ASN RA 20 -200.21 34.30 -15.69
N ALA RA 21 -201.33 34.98 -15.86
CA ALA RA 21 -202.61 34.41 -15.49
C ALA RA 21 -202.92 33.23 -16.41
N PRO RA 22 -203.42 32.12 -15.87
CA PRO RA 22 -203.79 30.99 -16.73
C PRO RA 22 -204.98 31.34 -17.61
N SER RA 23 -205.31 30.40 -18.51
CA SER RA 23 -206.35 30.67 -19.49
C SER RA 23 -207.72 30.85 -18.85
N HIS RA 24 -208.08 30.03 -17.86
CA HIS RA 24 -209.43 30.07 -17.33
C HIS RA 24 -209.73 31.41 -16.66
N ILE RA 25 -208.70 32.14 -16.26
CA ILE RA 25 -208.90 33.49 -15.75
C ILE RA 25 -208.57 34.53 -16.82
N ARG RA 26 -207.76 34.16 -17.81
CA ARG RA 26 -207.59 35.04 -18.96
C ARG RA 26 -208.91 35.27 -19.67
N ARG RA 27 -209.83 34.30 -19.58
CA ARG RA 27 -211.15 34.46 -20.17
C ARG RA 27 -211.91 35.60 -19.49
N LYS RA 28 -211.75 35.74 -18.18
CA LYS RA 28 -212.38 36.83 -17.46
C LYS RA 28 -211.74 38.17 -17.84
N ILE RA 29 -210.42 38.18 -18.05
CA ILE RA 29 -209.72 39.41 -18.40
C ILE RA 29 -210.16 39.91 -19.76
N MET RA 30 -210.41 39.01 -20.69
CA MET RA 30 -210.77 39.37 -22.06
C MET RA 30 -212.23 39.73 -22.23
N SER RA 31 -212.94 40.08 -21.17
CA SER RA 31 -214.35 40.39 -21.30
C SER RA 31 -214.54 41.66 -22.12
N SER RA 32 -215.71 41.77 -22.74
CA SER RA 32 -216.06 42.86 -23.63
C SER RA 32 -217.44 43.39 -23.27
N PRO RA 33 -217.74 44.64 -23.58
CA PRO RA 33 -219.08 45.16 -23.31
C PRO RA 33 -220.07 44.70 -24.37
N LEU RA 34 -221.34 44.88 -24.06
CA LEU RA 34 -222.41 44.57 -25.00
C LEU RA 34 -223.02 45.85 -25.55
N SER RA 35 -223.74 45.71 -26.66
CA SER RA 35 -224.44 46.84 -27.23
C SER RA 35 -225.51 47.35 -26.28
N LYS RA 36 -225.98 48.58 -26.54
CA LYS RA 36 -226.99 49.17 -25.68
C LYS RA 36 -228.23 48.30 -25.64
N GLU RA 37 -228.59 47.67 -26.76
CA GLU RA 37 -229.74 46.78 -26.75
C GLU RA 37 -229.52 45.59 -25.83
N LEU RA 38 -228.41 44.89 -25.98
CA LEU RA 38 -228.16 43.73 -25.14
C LEU RA 38 -228.05 44.11 -23.68
N ARG RA 39 -227.57 45.32 -23.39
CA ARG RA 39 -227.52 45.79 -22.02
C ARG RA 39 -228.92 45.96 -21.44
N GLN RA 40 -229.91 46.21 -22.29
CA GLN RA 40 -231.29 46.38 -21.82
C GLN RA 40 -232.14 45.13 -22.02
N LYS RA 41 -231.88 44.35 -23.09
CA LYS RA 41 -232.58 43.07 -23.20
C LYS RA 41 -232.26 42.13 -22.05
N TYR RA 42 -231.06 42.27 -21.49
CA TYR RA 42 -230.66 41.60 -20.27
C TYR RA 42 -230.36 42.67 -19.24
N ASN RA 43 -229.79 42.27 -18.11
CA ASN RA 43 -229.41 43.25 -17.10
C ASN RA 43 -227.93 43.15 -16.83
N VAL RA 44 -227.13 42.96 -17.87
CA VAL RA 44 -225.69 42.77 -17.73
C VAL RA 44 -225.00 43.75 -18.66
N ARG RA 45 -223.73 44.01 -18.36
CA ARG RA 45 -222.96 45.03 -19.06
C ARG RA 45 -221.78 44.47 -19.83
N SER RA 46 -221.04 43.54 -19.24
CA SER RA 46 -219.85 42.98 -19.87
C SER RA 46 -219.95 41.46 -19.92
N MET RA 47 -219.41 40.89 -21.00
CA MET RA 47 -219.44 39.44 -21.18
C MET RA 47 -218.14 38.98 -21.84
N PRO RA 48 -217.52 37.91 -21.35
CA PRO RA 48 -216.31 37.40 -22.00
C PRO RA 48 -216.59 36.92 -23.40
N ILE RA 49 -215.59 37.08 -24.27
CA ILE RA 49 -215.78 36.82 -25.69
C ILE RA 49 -215.88 35.32 -25.94
N ARG RA 50 -216.76 34.95 -26.87
CA ARG RA 50 -216.96 33.57 -27.31
C ARG RA 50 -216.38 33.41 -28.71
N LYS RA 51 -216.31 32.16 -29.17
CA LYS RA 51 -215.66 31.87 -30.45
C LYS RA 51 -216.48 32.38 -31.62
N ASP RA 52 -217.80 32.50 -31.46
CA ASP RA 52 -218.69 32.81 -32.59
C ASP RA 52 -219.65 33.92 -32.22
N ASP RA 53 -219.13 35.01 -31.65
CA ASP RA 53 -219.93 36.16 -31.27
C ASP RA 53 -219.69 37.30 -32.25
N GLU RA 54 -220.77 37.81 -32.83
CA GLU RA 54 -220.70 38.97 -33.70
C GLU RA 54 -220.35 40.21 -32.88
N VAL RA 55 -219.48 41.04 -33.42
CA VAL RA 55 -218.95 42.17 -32.68
C VAL RA 55 -218.55 43.26 -33.67
N GLN RA 56 -218.46 44.50 -33.18
CA GLN RA 56 -218.05 45.62 -33.99
C GLN RA 56 -216.99 46.41 -33.24
N VAL RA 57 -216.10 47.06 -33.99
CA VAL RA 57 -214.93 47.71 -33.43
C VAL RA 57 -215.20 49.19 -33.28
N VAL RA 58 -214.87 49.75 -32.12
CA VAL RA 58 -215.11 51.15 -31.82
C VAL RA 58 -213.83 51.95 -31.66
N ARG RA 59 -212.67 51.31 -31.71
CA ARG RA 59 -211.40 52.01 -31.54
C ARG RA 59 -210.38 51.46 -32.51
N GLY RA 60 -209.39 52.29 -32.83
CA GLY RA 60 -208.31 51.85 -33.67
C GLY RA 60 -208.53 52.15 -35.15
N HIS RA 61 -207.64 51.58 -35.97
CA HIS RA 61 -207.70 51.78 -37.41
C HIS RA 61 -208.98 51.18 -38.00
N TYR RA 62 -209.58 50.22 -37.30
CA TYR RA 62 -210.72 49.46 -37.81
C TYR RA 62 -212.02 49.87 -37.14
N LYS RA 63 -212.10 51.10 -36.62
CA LYS RA 63 -213.34 51.58 -36.03
C LYS RA 63 -214.41 51.74 -37.10
N GLY RA 64 -215.64 51.46 -36.73
CA GLY RA 64 -216.73 51.52 -37.68
C GLY RA 64 -217.88 50.66 -37.20
N GLN RA 65 -218.89 50.56 -38.06
CA GLN RA 65 -220.08 49.76 -37.76
C GLN RA 65 -220.19 48.52 -38.66
N GLN RA 66 -219.08 48.04 -39.21
CA GLN RA 66 -219.12 46.80 -39.96
C GLN RA 66 -219.14 45.64 -38.98
N ILE RA 67 -220.27 44.92 -38.92
CA ILE RA 67 -220.46 43.88 -37.94
C ILE RA 67 -219.91 42.58 -38.50
N GLY RA 68 -219.00 41.95 -37.77
CA GLY RA 68 -218.41 40.69 -38.19
C GLY RA 68 -218.13 39.80 -37.00
N LYS RA 69 -218.41 38.50 -37.17
CA LYS RA 69 -218.24 37.54 -36.09
C LYS RA 69 -216.75 37.32 -35.83
N VAL RA 70 -216.40 37.16 -34.55
CA VAL RA 70 -215.05 36.78 -34.21
C VAL RA 70 -214.77 35.39 -34.74
N VAL RA 71 -213.53 35.16 -35.17
CA VAL RA 71 -213.16 33.88 -35.74
C VAL RA 71 -212.15 33.11 -34.90
N GLN RA 72 -211.44 33.78 -34.00
CA GLN RA 72 -210.43 33.13 -33.17
C GLN RA 72 -210.01 34.10 -32.07
N VAL RA 73 -209.87 33.57 -30.86
CA VAL RA 73 -209.37 34.36 -29.73
C VAL RA 73 -208.04 33.77 -29.30
N TYR RA 74 -207.02 34.61 -29.27
CA TYR RA 74 -205.66 34.20 -28.97
C TYR RA 74 -205.36 34.62 -27.53
N ARG RA 75 -205.82 33.81 -26.58
CA ARG RA 75 -205.61 34.15 -25.18
C ARG RA 75 -204.12 34.32 -24.87
N LYS RA 76 -203.28 33.55 -25.55
CA LYS RA 76 -201.84 33.73 -25.37
C LYS RA 76 -201.40 35.13 -25.78
N LYS RA 77 -201.95 35.63 -26.89
CA LYS RA 77 -201.59 36.94 -27.41
C LYS RA 77 -202.51 38.04 -26.90
N TYR RA 78 -203.54 37.69 -26.13
CA TYR RA 78 -204.44 38.66 -25.54
C TYR RA 78 -205.19 39.48 -26.59
N VAL RA 79 -205.48 38.88 -27.74
CA VAL RA 79 -206.17 39.54 -28.84
C VAL RA 79 -207.27 38.62 -29.34
N ILE RA 80 -208.11 39.16 -30.24
CA ILE RA 80 -209.17 38.39 -30.89
C ILE RA 80 -209.07 38.66 -32.39
N TYR RA 81 -209.49 37.69 -33.19
CA TYR RA 81 -209.46 37.81 -34.64
C TYR RA 81 -210.88 37.91 -35.17
N ILE RA 82 -211.16 38.96 -35.93
CA ILE RA 82 -212.51 39.24 -36.41
C ILE RA 82 -212.54 39.06 -37.93
N GLU RA 83 -213.76 38.93 -38.47
CA GLU RA 83 -213.94 38.52 -39.85
C GLU RA 83 -213.28 39.49 -40.83
N ARG RA 84 -213.65 40.76 -40.77
CA ARG RA 84 -213.20 41.72 -41.76
C ARG RA 84 -211.97 42.50 -41.33
N VAL RA 85 -211.44 42.25 -40.13
CA VAL RA 85 -210.25 42.96 -39.68
C VAL RA 85 -209.04 42.22 -40.22
N GLN RA 86 -208.63 42.56 -41.44
CA GLN RA 86 -207.57 41.85 -42.14
C GLN RA 86 -206.59 42.84 -42.74
N ARG RA 87 -205.40 42.34 -43.04
CA ARG RA 87 -204.36 43.12 -43.70
C ARG RA 87 -203.66 42.23 -44.71
N GLU RA 88 -203.22 42.84 -45.80
CA GLU RA 88 -202.50 42.12 -46.85
C GLU RA 88 -201.01 42.30 -46.61
N LYS RA 89 -200.28 41.19 -46.51
CA LYS RA 89 -198.84 41.28 -46.31
C LYS RA 89 -198.14 41.31 -47.66
N ALA RA 90 -196.83 41.12 -47.66
CA ALA RA 90 -196.03 41.33 -48.86
C ALA RA 90 -196.46 40.39 -49.99
N ASN RA 91 -196.50 39.09 -49.72
CA ASN RA 91 -196.89 38.13 -50.74
C ASN RA 91 -198.35 38.25 -51.14
N GLY RA 92 -199.14 39.03 -50.39
CA GLY RA 92 -200.54 39.21 -50.70
C GLY RA 92 -201.49 38.29 -49.96
N THR RA 93 -200.97 37.39 -49.12
CA THR RA 93 -201.85 36.59 -48.28
C THR RA 93 -202.49 37.44 -47.21
N THR RA 94 -203.67 37.01 -46.76
CA THR RA 94 -204.45 37.76 -45.79
C THR RA 94 -204.15 37.28 -44.38
N VAL RA 95 -203.95 38.24 -43.48
CA VAL RA 95 -203.70 37.95 -42.07
C VAL RA 95 -204.65 38.80 -41.23
N HIS RA 96 -205.24 38.17 -40.21
CA HIS RA 96 -206.08 38.90 -39.28
C HIS RA 96 -205.24 39.82 -38.41
N VAL RA 97 -205.85 40.90 -37.96
CA VAL RA 97 -205.18 41.88 -37.10
C VAL RA 97 -205.75 41.72 -35.69
N GLY RA 98 -204.91 41.26 -34.78
CA GLY RA 98 -205.34 41.07 -33.41
C GLY RA 98 -205.64 42.40 -32.73
N ILE RA 99 -206.85 42.51 -32.18
CA ILE RA 99 -207.29 43.71 -31.49
C ILE RA 99 -207.92 43.32 -30.16
N HIS RA 100 -207.69 44.16 -29.15
CA HIS RA 100 -208.01 43.79 -27.78
C HIS RA 100 -209.53 43.68 -27.60
N PRO RA 101 -209.99 42.66 -26.87
CA PRO RA 101 -211.45 42.51 -26.67
C PRO RA 101 -212.11 43.71 -26.03
N SER RA 102 -211.40 44.46 -25.19
CA SER RA 102 -212.02 45.60 -24.53
C SER RA 102 -212.40 46.71 -25.50
N LYS RA 103 -211.90 46.67 -26.74
CA LYS RA 103 -212.14 47.72 -27.70
C LYS RA 103 -213.27 47.42 -28.65
N VAL RA 104 -214.00 46.32 -28.43
CA VAL RA 104 -215.13 45.97 -29.29
C VAL RA 104 -216.37 45.76 -28.44
N VAL RA 105 -217.49 46.26 -28.94
CA VAL RA 105 -218.78 46.15 -28.28
C VAL RA 105 -219.58 45.06 -28.98
N ILE RA 106 -220.08 44.10 -28.20
CA ILE RA 106 -220.80 42.96 -28.76
C ILE RA 106 -222.20 43.40 -29.15
N THR RA 107 -222.63 42.98 -30.33
CA THR RA 107 -223.98 43.23 -30.82
C THR RA 107 -224.84 41.99 -30.85
N ARG RA 108 -224.31 40.88 -31.37
CA ARG RA 108 -224.98 39.59 -31.35
C ARG RA 108 -224.12 38.61 -30.57
N LEU RA 109 -224.78 37.72 -29.82
CA LEU RA 109 -224.06 36.86 -28.89
C LEU RA 109 -224.58 35.44 -29.03
N LYS RA 110 -223.68 34.46 -28.92
CA LYS RA 110 -224.03 33.07 -29.13
C LYS RA 110 -224.43 32.41 -27.82
N LEU RA 111 -225.55 31.70 -27.82
CA LEU RA 111 -226.15 31.17 -26.61
C LEU RA 111 -225.96 29.65 -26.53
N ASP RA 112 -225.72 29.17 -25.31
CA ASP RA 112 -225.88 27.77 -24.97
C ASP RA 112 -226.30 27.72 -23.50
N LYS RA 113 -226.41 26.51 -22.95
CA LYS RA 113 -226.84 26.39 -21.57
C LYS RA 113 -225.88 27.09 -20.63
N ASP RA 114 -224.58 27.08 -20.96
CA ASP RA 114 -223.59 27.68 -20.08
C ASP RA 114 -223.61 29.20 -20.15
N ARG RA 115 -223.72 29.75 -21.35
CA ARG RA 115 -223.79 31.21 -21.49
C ARG RA 115 -225.10 31.74 -20.91
N LYS RA 116 -226.20 31.02 -21.11
CA LYS RA 116 -227.48 31.43 -20.56
C LYS RA 116 -227.44 31.45 -19.03
N LYS RA 117 -226.75 30.48 -18.44
CA LYS RA 117 -226.67 30.42 -16.98
C LYS RA 117 -225.97 31.64 -16.40
N ILE RA 118 -224.86 32.04 -17.01
CA ILE RA 118 -224.12 33.19 -16.48
C ILE RA 118 -224.78 34.48 -16.90
N LEU RA 119 -225.52 34.48 -18.01
CA LEU RA 119 -226.28 35.66 -18.39
C LEU RA 119 -227.35 35.96 -17.35
N GLU RA 120 -228.04 34.92 -16.88
CA GLU RA 120 -228.98 35.09 -15.78
C GLU RA 120 -228.26 35.36 -14.46
N ARG RA 121 -227.13 34.70 -14.25
CA ARG RA 121 -226.43 34.81 -12.97
C ARG RA 121 -225.89 36.21 -12.75
N LYS RA 122 -225.36 36.84 -13.81
CA LYS RA 122 -224.89 38.21 -13.69
C LYS RA 122 -226.05 39.18 -13.52
N ALA RA 123 -227.12 39.00 -14.29
CA ALA RA 123 -228.27 39.87 -14.18
C ALA RA 123 -228.93 39.75 -12.81
N LYS RA 124 -229.01 38.54 -12.28
CA LYS RA 124 -229.61 38.35 -10.96
C LYS RA 124 -228.83 39.09 -9.88
N SER RA 125 -227.51 38.99 -9.92
CA SER RA 125 -226.70 39.63 -8.89
C SER RA 125 -226.78 41.15 -8.97
N ARG RA 126 -226.93 41.69 -10.18
CA ARG RA 126 -227.15 43.12 -10.32
C ARG RA 126 -228.44 43.54 -9.66
N GLN RA 127 -229.50 42.74 -9.84
CA GLN RA 127 -230.80 43.07 -9.28
C GLN RA 127 -230.76 43.11 -7.75
N VAL RA 128 -230.07 42.16 -7.12
CA VAL RA 128 -229.97 42.17 -5.67
C VAL RA 128 -229.28 43.42 -5.19
N GLY RA 129 -228.18 43.79 -5.84
CA GLY RA 129 -227.49 45.02 -5.49
C GLY RA 129 -228.34 46.24 -5.76
N LYS RA 130 -229.12 46.22 -6.83
CA LYS RA 130 -230.04 47.32 -7.12
C LYS RA 130 -231.12 47.42 -6.05
N GLU RA 131 -231.68 46.27 -5.63
CA GLU RA 131 -232.67 46.30 -4.57
C GLU RA 131 -232.03 46.53 -3.22
N LYS RA 132 -230.76 46.15 -3.05
CA LYS RA 132 -230.06 46.48 -1.81
C LYS RA 132 -229.92 47.99 -1.63
N GLY RA 133 -229.58 48.70 -2.70
CA GLY RA 133 -229.46 50.13 -2.65
C GLY RA 133 -230.79 50.82 -2.86
N LYS RA 134 -231.76 50.50 -2.01
CA LYS RA 134 -233.10 51.07 -2.09
C LYS RA 134 -233.11 52.54 -1.68
N GLY SA 1 -129.47 -72.26 2.16
CA GLY SA 1 -129.43 -72.64 0.77
C GLY SA 1 -130.58 -72.10 -0.05
N LYS SA 2 -131.00 -72.86 -1.05
CA LYS SA 2 -132.13 -72.46 -1.87
C LYS SA 2 -133.38 -72.36 -1.02
N PHE SA 3 -134.22 -71.36 -1.30
CA PHE SA 3 -135.41 -71.16 -0.49
C PHE SA 3 -136.68 -70.90 -1.29
N MET SA 4 -136.58 -70.56 -2.57
CA MET SA 4 -137.75 -70.22 -3.37
C MET SA 4 -138.46 -71.50 -3.80
N LYS SA 5 -138.98 -72.21 -2.81
CA LYS SA 5 -139.62 -73.48 -3.10
C LYS SA 5 -141.12 -73.31 -3.26
N PRO SA 6 -141.78 -74.22 -3.98
CA PRO SA 6 -143.24 -74.16 -4.09
C PRO SA 6 -143.90 -74.21 -2.72
N GLY SA 7 -145.00 -73.48 -2.59
CA GLY SA 7 -145.72 -73.41 -1.34
C GLY SA 7 -145.33 -72.28 -0.42
N LYS SA 8 -144.28 -71.52 -0.76
CA LYS SA 8 -143.88 -70.39 0.04
C LYS SA 8 -144.69 -69.16 -0.35
N VAL SA 9 -145.27 -68.51 0.65
CA VAL SA 9 -146.00 -67.27 0.42
C VAL SA 9 -145.01 -66.21 -0.05
N VAL SA 10 -145.36 -65.50 -1.11
CA VAL SA 10 -144.53 -64.41 -1.61
C VAL SA 10 -145.46 -63.30 -2.08
N LEU SA 11 -145.12 -62.06 -1.74
CA LEU SA 11 -145.95 -60.91 -2.08
C LEU SA 11 -145.31 -60.16 -3.24
N VAL SA 12 -146.17 -59.60 -4.09
CA VAL SA 12 -145.75 -59.05 -5.37
C VAL SA 12 -145.25 -57.63 -5.18
N LEU SA 13 -144.15 -57.30 -5.86
CA LEU SA 13 -143.56 -55.97 -5.76
C LEU SA 13 -144.04 -55.03 -6.86
N ALA SA 14 -144.04 -55.50 -8.11
CA ALA SA 14 -144.36 -54.64 -9.23
C ALA SA 14 -145.57 -55.14 -9.99
N GLY SA 15 -145.93 -54.45 -11.07
CA GLY SA 15 -147.06 -54.86 -11.89
C GLY SA 15 -148.38 -54.45 -11.29
N ARG SA 16 -149.45 -54.88 -11.98
CA ARG SA 16 -150.80 -54.53 -11.56
C ARG SA 16 -151.12 -55.00 -10.15
N TYR SA 17 -150.55 -56.13 -9.76
CA TYR SA 17 -150.86 -56.77 -8.48
C TYR SA 17 -149.85 -56.42 -7.41
N SER SA 18 -149.33 -55.20 -7.44
CA SER SA 18 -148.39 -54.76 -6.42
C SER SA 18 -149.00 -54.84 -5.04
N GLY SA 19 -148.25 -55.37 -4.08
CA GLY SA 19 -148.74 -55.54 -2.73
C GLY SA 19 -149.84 -56.57 -2.60
N ARG SA 20 -149.72 -57.67 -3.32
CA ARG SA 20 -150.67 -58.77 -3.26
C ARG SA 20 -149.96 -60.02 -2.79
N LYS SA 21 -150.48 -60.65 -1.75
CA LYS SA 21 -149.92 -61.90 -1.28
C LYS SA 21 -150.16 -63.01 -2.31
N ALA SA 22 -149.21 -63.93 -2.41
CA ALA SA 22 -149.26 -64.96 -3.43
C ALA SA 22 -148.40 -66.13 -2.98
N VAL SA 23 -148.64 -67.29 -3.57
CA VAL SA 23 -147.92 -68.52 -3.23
C VAL SA 23 -147.33 -69.13 -4.49
N ILE SA 24 -146.07 -69.54 -4.40
CA ILE SA 24 -145.34 -70.08 -5.55
C ILE SA 24 -145.90 -71.44 -5.94
N VAL SA 25 -146.55 -71.51 -7.09
CA VAL SA 25 -147.02 -72.80 -7.58
C VAL SA 25 -145.86 -73.67 -8.01
N LYS SA 26 -144.97 -73.15 -8.84
CA LYS SA 26 -143.74 -73.86 -9.20
C LYS SA 26 -142.74 -72.87 -9.75
N ASN SA 27 -141.47 -73.12 -9.46
CA ASN SA 27 -140.40 -72.24 -9.85
C ASN SA 27 -139.49 -72.94 -10.83
N ILE SA 28 -138.84 -72.16 -11.69
CA ILE SA 28 -137.90 -72.66 -12.68
C ILE SA 28 -136.49 -72.14 -12.40
N ASP SA 29 -136.36 -70.82 -12.30
CA ASP SA 29 -135.16 -70.12 -11.81
C ASP SA 29 -133.88 -70.64 -12.46
N ASP SA 30 -133.95 -70.93 -13.75
CA ASP SA 30 -132.76 -71.37 -14.45
C ASP SA 30 -132.54 -70.74 -15.82
N GLY SA 31 -133.55 -70.15 -16.43
CA GLY SA 31 -133.39 -69.63 -17.78
C GLY SA 31 -133.86 -70.63 -18.81
N THR SA 32 -135.02 -70.37 -19.43
CA THR SA 32 -135.69 -71.35 -20.27
C THR SA 32 -135.63 -71.00 -21.75
N SER SA 33 -134.80 -70.02 -22.12
CA SER SA 33 -134.56 -69.55 -23.47
C SER SA 33 -135.74 -68.78 -24.06
N ASP SA 34 -136.86 -68.68 -23.35
CA ASP SA 34 -137.91 -67.75 -23.72
C ASP SA 34 -138.09 -66.76 -22.57
N ARG SA 35 -137.72 -67.20 -21.37
CA ARG SA 35 -137.60 -66.33 -20.21
C ARG SA 35 -136.23 -66.57 -19.59
N PRO SA 36 -135.18 -66.00 -20.17
CA PRO SA 36 -133.83 -66.24 -19.65
C PRO SA 36 -133.66 -65.85 -18.20
N TYR SA 37 -134.45 -64.90 -17.70
CA TYR SA 37 -134.36 -64.57 -16.29
C TYR SA 37 -135.05 -65.64 -15.46
N SER SA 38 -134.61 -65.76 -14.22
CA SER SA 38 -135.26 -66.66 -13.29
C SER SA 38 -136.67 -66.17 -12.97
N HIS SA 39 -137.62 -67.09 -12.95
CA HIS SA 39 -139.02 -66.73 -12.77
C HIS SA 39 -139.75 -67.88 -12.11
N ALA SA 40 -140.98 -67.61 -11.66
CA ALA SA 40 -141.80 -68.61 -10.99
C ALA SA 40 -143.26 -68.37 -11.31
N LEU SA 41 -143.95 -69.42 -11.72
CA LEU SA 41 -145.40 -69.39 -11.79
C LEU SA 41 -145.95 -69.20 -10.38
N VAL SA 42 -146.88 -68.26 -10.22
CA VAL SA 42 -147.41 -67.94 -8.91
C VAL SA 42 -148.93 -67.82 -9.01
N ALA SA 43 -149.62 -68.34 -7.99
CA ALA SA 43 -151.05 -68.17 -7.85
C ALA SA 43 -151.31 -67.30 -6.64
N GLY SA 44 -151.90 -66.13 -6.85
CA GLY SA 44 -152.09 -65.17 -5.79
C GLY SA 44 -153.53 -64.69 -5.74
N ILE SA 45 -153.86 -64.07 -4.62
CA ILE SA 45 -155.23 -63.61 -4.37
C ILE SA 45 -155.30 -62.12 -4.62
N ASP SA 46 -156.23 -61.73 -5.48
CA ASP SA 46 -156.38 -60.33 -5.89
C ASP SA 46 -157.34 -59.58 -4.98
N ARG SA 47 -158.58 -60.07 -4.84
CA ARG SA 47 -159.56 -59.42 -4.00
C ARG SA 47 -159.58 -60.13 -2.65
N TYR SA 48 -159.06 -59.46 -1.65
CA TYR SA 48 -159.05 -60.02 -0.31
C TYR SA 48 -160.47 -60.11 0.24
N PRO SA 49 -160.75 -61.04 1.13
CA PRO SA 49 -162.06 -61.07 1.77
C PRO SA 49 -162.21 -59.88 2.72
N ARG SA 50 -163.43 -59.39 2.84
CA ARG SA 50 -163.68 -58.27 3.73
C ARG SA 50 -163.71 -58.73 5.18
N LYS SA 51 -163.60 -57.76 6.09
CA LYS SA 51 -163.63 -58.09 7.51
C LYS SA 51 -165.00 -58.63 7.89
N VAL SA 52 -165.05 -59.47 8.91
CA VAL SA 52 -166.26 -60.17 9.29
C VAL SA 52 -166.39 -60.09 10.81
N THR SA 53 -167.40 -59.37 11.28
CA THR SA 53 -167.67 -59.28 12.70
C THR SA 53 -168.63 -60.40 13.12
N ALA SA 54 -168.92 -60.47 14.42
CA ALA SA 54 -169.70 -61.58 14.95
C ALA SA 54 -171.14 -61.55 14.45
N ALA SA 55 -171.80 -60.40 14.55
CA ALA SA 55 -173.23 -60.30 14.28
C ALA SA 55 -173.47 -59.54 12.98
N MET SA 56 -173.41 -60.26 11.87
CA MET SA 56 -173.86 -59.72 10.59
C MET SA 56 -174.90 -60.59 9.90
N GLY SA 57 -174.77 -61.91 10.01
CA GLY SA 57 -175.71 -62.81 9.38
C GLY SA 57 -174.98 -63.80 8.50
N LYS SA 58 -175.40 -65.07 8.57
CA LYS SA 58 -174.67 -66.14 7.90
C LYS SA 58 -174.58 -65.92 6.39
N LYS SA 59 -175.51 -65.16 5.82
CA LYS SA 59 -175.37 -64.77 4.42
C LYS SA 59 -174.28 -63.72 4.26
N LYS SA 60 -174.24 -62.73 5.15
CA LYS SA 60 -173.25 -61.67 5.06
C LYS SA 60 -171.83 -62.19 5.23
N ILE SA 61 -171.63 -63.17 6.10
CA ILE SA 61 -170.32 -63.82 6.20
C ILE SA 61 -169.92 -64.40 4.86
N ALA SA 62 -170.84 -65.16 4.24
CA ALA SA 62 -170.53 -65.76 2.95
C ALA SA 62 -170.34 -64.69 1.87
N LYS SA 63 -171.16 -63.64 1.92
CA LYS SA 63 -171.08 -62.60 0.89
C LYS SA 63 -169.72 -61.93 0.87
N ARG SA 64 -169.14 -61.70 2.04
CA ARG SA 64 -167.84 -61.03 2.11
C ARG SA 64 -166.69 -62.01 2.17
N SER SA 65 -166.95 -63.30 2.33
CA SER SA 65 -165.90 -64.31 2.31
C SER SA 65 -165.79 -64.94 0.93
N LYS SA 66 -165.73 -64.10 -0.09
CA LYS SA 66 -165.47 -64.54 -1.45
C LYS SA 66 -164.27 -63.77 -1.99
N ILE SA 67 -163.43 -64.47 -2.73
CA ILE SA 67 -162.10 -63.98 -3.07
C ILE SA 67 -161.84 -64.23 -4.55
N LYS SA 68 -161.12 -63.32 -5.17
CA LYS SA 68 -160.79 -63.38 -6.59
C LYS SA 68 -159.28 -63.52 -6.72
N SER SA 69 -158.84 -64.50 -7.50
CA SER SA 69 -157.43 -64.88 -7.56
C SER SA 69 -156.82 -64.50 -8.92
N PHE SA 70 -155.54 -64.82 -9.08
CA PHE SA 70 -154.83 -64.56 -10.33
C PHE SA 70 -153.64 -65.51 -10.41
N VAL SA 71 -153.16 -65.70 -11.63
CA VAL SA 71 -151.97 -66.51 -11.88
C VAL SA 71 -151.07 -65.74 -12.82
N LYS SA 72 -149.77 -65.74 -12.51
CA LYS SA 72 -148.81 -65.01 -13.34
C LYS SA 72 -147.44 -65.66 -13.16
N VAL SA 73 -146.50 -65.25 -14.02
CA VAL SA 73 -145.21 -65.92 -14.15
C VAL SA 73 -144.10 -64.91 -13.84
N TYR SA 74 -144.37 -64.04 -12.88
CA TYR SA 74 -143.48 -62.94 -12.53
C TYR SA 74 -142.02 -63.34 -12.52
N ASN SA 75 -141.16 -62.41 -12.93
CA ASN SA 75 -139.74 -62.53 -12.70
C ASN SA 75 -139.47 -62.58 -11.20
N TYR SA 76 -138.34 -63.19 -10.83
CA TYR SA 76 -138.03 -63.39 -9.43
C TYR SA 76 -137.87 -62.09 -8.67
N ASN SA 77 -137.14 -61.12 -9.24
CA ASN SA 77 -136.82 -59.91 -8.49
C ASN SA 77 -137.98 -58.92 -8.48
N HIS SA 78 -139.14 -59.30 -9.01
CA HIS SA 78 -140.38 -58.58 -8.76
C HIS SA 78 -141.14 -59.18 -7.59
N LEU SA 79 -140.49 -60.06 -6.83
CA LEU SA 79 -141.08 -60.74 -5.69
C LEU SA 79 -140.17 -60.56 -4.48
N MET SA 80 -140.78 -60.30 -3.33
CA MET SA 80 -140.06 -60.32 -2.05
C MET SA 80 -140.46 -61.59 -1.33
N PRO SA 81 -139.54 -62.53 -1.15
CA PRO SA 81 -139.90 -63.79 -0.49
C PRO SA 81 -140.29 -63.55 0.96
N THR SA 82 -141.05 -64.49 1.50
CA THR SA 82 -141.65 -64.33 2.81
C THR SA 82 -141.48 -65.62 3.62
N ARG SA 83 -141.24 -65.47 4.92
CA ARG SA 83 -140.80 -66.62 5.73
C ARG SA 83 -141.92 -67.64 5.91
N TYR SA 84 -143.18 -67.23 5.84
CA TYR SA 84 -144.25 -68.20 5.99
C TYR SA 84 -144.44 -69.01 4.71
N SER SA 85 -144.91 -70.24 4.90
CA SER SA 85 -145.19 -71.13 3.78
C SER SA 85 -146.58 -71.74 3.99
N VAL SA 86 -147.27 -71.97 2.88
CA VAL SA 86 -148.60 -72.57 2.93
C VAL SA 86 -148.60 -73.84 2.10
N ASP SA 87 -149.03 -74.94 2.71
CA ASP SA 87 -149.16 -76.22 2.00
C ASP SA 87 -150.55 -76.37 1.41
N ILE SA 88 -150.96 -75.38 0.63
CA ILE SA 88 -152.26 -75.37 -0.03
C ILE SA 88 -152.13 -76.18 -1.32
N PRO SA 89 -152.92 -77.24 -1.50
CA PRO SA 89 -152.72 -78.11 -2.67
C PRO SA 89 -153.43 -77.68 -3.96
N LEU SA 90 -152.82 -76.74 -4.67
CA LEU SA 90 -153.18 -76.50 -6.06
C LEU SA 90 -152.70 -77.68 -6.90
N ASP SA 91 -153.34 -77.89 -8.04
CA ASP SA 91 -152.93 -78.98 -8.92
C ASP SA 91 -152.08 -78.43 -10.05
N LYS SA 92 -150.86 -78.97 -10.18
CA LYS SA 92 -149.93 -78.44 -11.16
C LYS SA 92 -150.40 -78.69 -12.59
N THR SA 93 -151.15 -79.76 -12.82
CA THR SA 93 -151.59 -80.07 -14.18
C THR SA 93 -152.60 -79.05 -14.68
N VAL SA 94 -153.54 -78.65 -13.81
CA VAL SA 94 -154.56 -77.69 -14.23
C VAL SA 94 -154.11 -76.26 -13.98
N VAL SA 95 -153.08 -76.06 -13.17
CA VAL SA 95 -152.43 -74.76 -13.02
C VAL SA 95 -150.96 -75.00 -13.34
N ASN SA 96 -150.61 -74.84 -14.60
CA ASN SA 96 -149.29 -75.15 -15.13
C ASN SA 96 -148.67 -73.90 -15.74
N LYS SA 97 -147.44 -74.03 -16.22
CA LYS SA 97 -146.77 -72.89 -16.83
C LYS SA 97 -147.49 -72.45 -18.11
N ASP SA 98 -147.90 -73.40 -18.95
CA ASP SA 98 -148.43 -73.08 -20.27
C ASP SA 98 -149.92 -72.79 -20.28
N VAL SA 99 -150.51 -72.47 -19.13
CA VAL SA 99 -151.93 -72.11 -19.10
C VAL SA 99 -152.18 -70.84 -19.91
N PHE SA 100 -151.18 -69.98 -20.03
CA PHE SA 100 -151.40 -68.66 -20.62
C PHE SA 100 -151.44 -68.76 -22.14
N ARG SA 101 -152.19 -69.72 -22.67
CA ARG SA 101 -152.49 -69.81 -24.10
C ARG SA 101 -153.98 -69.80 -24.36
N ASP SA 102 -154.74 -70.62 -23.62
CA ASP SA 102 -156.18 -70.73 -23.80
C ASP SA 102 -156.85 -69.89 -22.73
N PRO SA 103 -157.62 -68.86 -23.09
CA PRO SA 103 -158.32 -68.06 -22.07
C PRO SA 103 -159.23 -68.87 -21.18
N ALA SA 104 -159.91 -69.88 -21.73
CA ALA SA 104 -160.76 -70.73 -20.90
C ALA SA 104 -159.94 -71.48 -19.87
N LEU SA 105 -158.78 -72.01 -20.27
CA LEU SA 105 -157.92 -72.71 -19.34
C LEU SA 105 -157.34 -71.76 -18.29
N LYS SA 106 -157.17 -70.49 -18.64
CA LYS SA 106 -156.75 -69.52 -17.64
C LYS SA 106 -157.86 -69.28 -16.62
N ARG SA 107 -159.11 -69.22 -17.07
CA ARG SA 107 -160.23 -69.02 -16.16
C ARG SA 107 -160.33 -70.16 -15.16
N LYS SA 108 -160.13 -71.40 -15.63
CA LYS SA 108 -160.08 -72.53 -14.71
C LYS SA 108 -158.90 -72.43 -13.77
N ALA SA 109 -157.75 -71.98 -14.27
CA ALA SA 109 -156.58 -71.85 -13.40
C ALA SA 109 -156.85 -70.90 -12.26
N ARG SA 110 -157.53 -69.79 -12.53
CA ARG SA 110 -157.90 -68.88 -11.47
C ARG SA 110 -158.98 -69.47 -10.58
N ARG SA 111 -159.70 -70.47 -11.09
CA ARG SA 111 -160.74 -71.11 -10.28
C ARG SA 111 -160.14 -71.95 -9.17
N GLU SA 112 -159.29 -72.92 -9.53
CA GLU SA 112 -158.65 -73.75 -8.52
C GLU SA 112 -157.88 -72.88 -7.53
N ALA SA 113 -157.25 -71.81 -8.02
CA ALA SA 113 -156.66 -70.84 -7.11
C ALA SA 113 -157.73 -70.23 -6.23
N LYS SA 114 -158.88 -69.88 -6.80
CA LYS SA 114 -159.93 -69.23 -6.03
C LYS SA 114 -160.55 -70.19 -5.02
N VAL SA 115 -160.94 -71.39 -5.48
CA VAL SA 115 -161.70 -72.28 -4.60
C VAL SA 115 -160.83 -72.81 -3.48
N LYS SA 116 -159.62 -73.28 -3.80
CA LYS SA 116 -158.76 -73.85 -2.77
C LYS SA 116 -158.37 -72.80 -1.74
N PHE SA 117 -158.37 -71.53 -2.14
CA PHE SA 117 -158.10 -70.47 -1.18
C PHE SA 117 -159.24 -70.35 -0.17
N GLU SA 118 -160.48 -70.59 -0.62
CA GLU SA 118 -161.63 -70.40 0.26
C GLU SA 118 -161.64 -71.39 1.41
N GLU SA 119 -161.47 -72.68 1.12
CA GLU SA 119 -161.44 -73.65 2.21
C GLU SA 119 -160.26 -73.41 3.15
N ARG SA 120 -159.10 -73.03 2.63
CA ARG SA 120 -158.02 -72.67 3.54
C ARG SA 120 -158.35 -71.40 4.31
N TYR SA 121 -159.07 -70.47 3.68
CA TYR SA 121 -159.52 -69.28 4.39
C TYR SA 121 -160.54 -69.64 5.45
N LYS SA 122 -161.28 -70.73 5.24
CA LYS SA 122 -162.13 -71.26 6.31
C LYS SA 122 -161.26 -71.84 7.40
N THR SA 123 -161.87 -72.06 8.57
CA THR SA 123 -161.22 -72.59 9.76
C THR SA 123 -160.14 -71.65 10.30
N GLY SA 124 -159.98 -70.49 9.69
CA GLY SA 124 -159.05 -69.49 10.22
C GLY SA 124 -157.61 -69.95 10.28
N LYS SA 125 -157.18 -70.75 9.32
CA LYS SA 125 -155.79 -71.15 9.22
C LYS SA 125 -155.03 -70.06 8.46
N ASN SA 126 -153.71 -70.01 8.69
CA ASN SA 126 -152.77 -69.06 8.08
C ASN SA 126 -153.42 -67.69 7.86
N LYS SA 127 -153.86 -67.12 8.98
CA LYS SA 127 -154.55 -65.83 8.96
C LYS SA 127 -153.75 -64.77 8.21
N TRP SA 128 -152.42 -64.79 8.37
CA TRP SA 128 -151.59 -63.74 7.82
C TRP SA 128 -151.66 -63.69 6.30
N PHE SA 129 -151.76 -64.84 5.66
CA PHE SA 129 -151.72 -64.87 4.19
C PHE SA 129 -152.94 -64.17 3.61
N PHE SA 130 -154.06 -64.18 4.32
CA PHE SA 130 -155.29 -63.61 3.80
C PHE SA 130 -155.51 -62.18 4.26
N GLN SA 131 -154.94 -61.79 5.41
CA GLN SA 131 -155.02 -60.42 5.88
C GLN SA 131 -154.22 -59.51 4.96
N LYS SA 132 -154.90 -58.54 4.37
CA LYS SA 132 -154.26 -57.63 3.42
C LYS SA 132 -153.10 -56.90 4.08
N LEU SA 133 -151.98 -56.84 3.38
CA LEU SA 133 -150.82 -56.12 3.91
C LEU SA 133 -151.12 -54.63 3.89
N ARG SA 134 -150.90 -53.98 5.03
CA ARG SA 134 -151.33 -52.60 5.23
C ARG SA 134 -150.19 -51.68 4.83
N PHE SA 135 -150.31 -51.09 3.65
CA PHE SA 135 -149.31 -50.14 3.17
C PHE SA 135 -149.97 -49.03 2.37
N PRO TA 1 -179.29 65.30 8.95
CA PRO TA 1 -179.17 65.98 7.65
C PRO TA 1 -177.75 66.00 7.16
N SER TA 2 -177.42 65.11 6.22
CA SER TA 2 -176.07 65.03 5.71
C SER TA 2 -175.69 66.27 4.91
N ARG TA 3 -176.70 67.00 4.41
CA ARG TA 3 -176.42 68.16 3.59
C ARG TA 3 -175.95 69.36 4.40
N LEU TA 4 -175.99 69.28 5.73
CA LEU TA 4 -175.47 70.32 6.59
C LEU TA 4 -174.12 69.95 7.20
N ARG TA 5 -173.58 68.81 6.82
CA ARG TA 5 -172.35 68.30 7.39
C ARG TA 5 -171.14 68.99 6.76
N LYS TA 6 -169.98 68.76 7.38
CA LYS TA 6 -168.74 69.34 6.87
C LYS TA 6 -168.25 68.65 5.61
N THR TA 7 -168.61 67.39 5.40
CA THR TA 7 -168.07 66.67 4.25
C THR TA 7 -168.58 67.24 2.94
N ARG TA 8 -169.70 67.96 2.96
CA ARG TA 8 -170.21 68.54 1.73
C ARG TA 8 -169.37 69.73 1.31
N LYS TA 9 -168.76 70.42 2.27
CA LYS TA 9 -167.90 71.56 1.93
C LYS TA 9 -166.49 71.10 1.60
N LEU TA 10 -166.06 69.96 2.14
CA LEU TA 10 -164.73 69.45 1.91
C LEU TA 10 -164.65 68.54 0.69
N ARG TA 11 -165.73 68.39 -0.06
CA ARG TA 11 -165.74 67.47 -1.19
C ARG TA 11 -165.13 68.14 -2.41
N GLY TA 12 -163.98 68.78 -2.23
CA GLY TA 12 -163.18 69.20 -3.37
C GLY TA 12 -161.70 69.26 -3.06
N HIS TA 13 -161.32 68.86 -1.86
CA HIS TA 13 -159.98 69.11 -1.33
C HIS TA 13 -159.34 67.77 -1.00
N VAL TA 14 -158.06 67.63 -1.36
CA VAL TA 14 -157.47 66.30 -1.48
C VAL TA 14 -157.41 65.59 -0.12
N SER TA 15 -157.14 66.33 0.94
CA SER TA 15 -156.90 65.69 2.22
C SER TA 15 -158.14 65.54 3.07
N HIS TA 16 -159.28 66.08 2.63
CA HIS TA 16 -160.53 66.02 3.37
C HIS TA 16 -160.36 66.51 4.80
N GLY TA 17 -159.59 67.58 4.97
CA GLY TA 17 -159.46 68.22 6.25
C GLY TA 17 -158.67 67.45 7.29
N HIS TA 18 -157.78 66.55 6.88
CA HIS TA 18 -156.96 65.81 7.83
C HIS TA 18 -155.47 65.97 7.58
N GLY TA 19 -155.08 66.89 6.70
CA GLY TA 19 -153.68 67.25 6.56
C GLY TA 19 -152.93 66.60 5.42
N ARG TA 20 -152.05 67.39 4.79
CA ARG TA 20 -151.15 66.83 3.79
C ARG TA 20 -150.11 65.93 4.45
N ILE TA 21 -149.32 66.51 5.36
CA ILE TA 21 -148.36 65.71 6.12
C ILE TA 21 -149.09 64.62 6.88
N GLY TA 22 -150.15 65.00 7.58
CA GLY TA 22 -151.17 64.15 8.16
C GLY TA 22 -150.62 62.89 8.78
N LYS TA 23 -151.33 61.80 8.54
CA LYS TA 23 -152.57 61.83 7.77
C LYS TA 23 -153.65 61.25 8.65
N HIS TA 24 -154.81 60.96 8.08
CA HIS TA 24 -155.82 60.23 8.85
C HIS TA 24 -155.51 58.74 8.72
N ARG TA 25 -154.62 58.28 9.59
CA ARG TA 25 -154.28 56.86 9.65
C ARG TA 25 -155.34 56.15 10.49
N LYS TA 26 -155.18 54.83 10.64
CA LYS TA 26 -156.21 54.06 11.33
C LYS TA 26 -156.24 54.38 12.81
N HIS TA 27 -155.17 54.08 13.53
CA HIS TA 27 -155.13 54.24 14.98
C HIS TA 27 -153.75 54.63 15.44
N PRO TA 28 -153.33 55.86 15.17
CA PRO TA 28 -152.06 56.33 15.72
C PRO TA 28 -152.22 56.73 17.18
N GLY TA 29 -151.33 56.22 18.02
CA GLY TA 29 -151.35 56.51 19.43
C GLY TA 29 -151.97 55.45 20.30
N GLY TA 30 -152.65 54.48 19.71
CA GLY TA 30 -153.24 53.40 20.49
C GLY TA 30 -154.70 53.24 20.14
N ARG TA 31 -155.38 52.45 20.96
CA ARG TA 31 -156.78 52.13 20.76
C ARG TA 31 -157.52 52.31 22.08
N GLY TA 32 -158.68 52.95 22.02
CA GLY TA 32 -159.44 53.23 23.23
C GLY TA 32 -158.69 54.10 24.20
N ASN TA 33 -158.55 53.63 25.44
CA ASN TA 33 -157.85 54.36 26.50
C ASN TA 33 -156.43 53.81 26.69
N ALA TA 34 -155.79 53.44 25.59
CA ALA TA 34 -154.46 52.86 25.65
C ALA TA 34 -153.44 53.89 26.13
N GLY TA 35 -152.34 53.39 26.68
CA GLY TA 35 -151.27 54.25 27.11
C GLY TA 35 -151.63 55.21 28.21
N GLY TA 36 -152.55 54.84 29.10
CA GLY TA 36 -152.93 55.72 30.17
C GLY TA 36 -151.81 56.04 31.15
N LEU TA 37 -150.73 55.25 31.14
CA LEU TA 37 -149.60 55.47 32.01
C LEU TA 37 -148.30 55.71 31.25
N HIS TA 38 -148.30 55.57 29.93
CA HIS TA 38 -147.06 55.59 29.18
C HIS TA 38 -146.95 56.78 28.26
N HIS TA 39 -147.87 56.99 27.36
CA HIS TA 39 -147.71 58.15 26.49
C HIS TA 39 -148.89 59.09 26.55
N HIS TA 40 -150.04 58.64 27.05
CA HIS TA 40 -151.12 59.54 27.37
C HIS TA 40 -151.17 59.89 28.85
N ARG TA 41 -150.06 59.72 29.57
CA ARG TA 41 -150.06 59.96 31.00
C ARG TA 41 -150.32 61.42 31.33
N ILE TA 42 -149.84 62.33 30.48
CA ILE TA 42 -149.99 63.76 30.77
C ILE TA 42 -151.47 64.13 30.77
N ASN TA 43 -152.21 63.68 29.76
CA ASN TA 43 -153.63 64.02 29.69
C ASN TA 43 -154.41 63.39 30.83
N PHE TA 44 -154.09 62.14 31.16
CA PHE TA 44 -154.80 61.46 32.24
C PHE TA 44 -154.55 62.14 33.57
N ASP TA 45 -153.28 62.39 33.91
CA ASP TA 45 -152.94 63.03 35.16
C ASP TA 45 -153.38 64.48 35.22
N LYS TA 46 -153.71 65.09 34.09
CA LYS TA 46 -154.10 66.49 34.08
C LYS TA 46 -155.61 66.64 34.25
N TYR TA 47 -156.38 65.83 33.52
CA TYR TA 47 -157.83 65.98 33.49
C TYR TA 47 -158.58 64.92 34.27
N HIS TA 48 -157.99 63.77 34.54
CA HIS TA 48 -158.60 62.75 35.40
C HIS TA 48 -157.60 62.31 36.46
N PRO TA 49 -157.34 63.16 37.45
CA PRO TA 49 -156.54 62.70 38.58
C PRO TA 49 -157.31 61.70 39.42
N GLY TA 50 -156.57 60.75 39.99
CA GLY TA 50 -157.20 59.72 40.78
C GLY TA 50 -157.68 58.52 40.00
N TYR TA 51 -157.33 58.41 38.72
CA TYR TA 51 -157.83 57.32 37.90
C TYR TA 51 -157.23 55.97 38.26
N PHE TA 52 -155.95 55.90 38.61
CA PHE TA 52 -155.24 54.65 38.78
C PHE TA 52 -155.05 54.36 40.26
N GLY TA 53 -155.52 53.19 40.71
CA GLY TA 53 -155.28 52.78 42.07
C GLY TA 53 -156.50 52.26 42.81
N LYS TA 54 -156.30 51.82 44.05
CA LYS TA 54 -157.36 51.28 44.88
C LYS TA 54 -157.50 52.13 46.14
N VAL TA 55 -158.76 52.42 46.52
CA VAL TA 55 -159.04 53.10 47.77
C VAL TA 55 -160.28 52.47 48.41
N GLY TA 56 -160.23 52.33 49.73
CA GLY TA 56 -161.40 51.98 50.50
C GLY TA 56 -161.74 50.49 50.50
N MET TA 57 -162.86 50.20 51.16
CA MET TA 57 -163.39 48.84 51.20
C MET TA 57 -163.90 48.42 49.83
N LYS TA 58 -163.90 47.12 49.60
CA LYS TA 58 -164.69 46.52 48.53
C LYS TA 58 -165.81 45.75 49.22
N HIS TA 59 -167.05 46.08 48.87
CA HIS TA 59 -168.22 45.57 49.55
C HIS TA 59 -168.99 44.70 48.58
N TYR TA 60 -168.93 43.39 48.79
CA TYR TA 60 -169.63 42.46 47.90
C TYR TA 60 -171.13 42.57 48.08
N HIS TA 61 -171.85 42.39 46.97
CA HIS TA 61 -173.31 42.31 46.98
C HIS TA 61 -173.95 43.54 47.62
N LEU TA 62 -173.52 44.72 47.19
CA LEU TA 62 -174.11 45.94 47.73
C LEU TA 62 -175.50 46.12 47.15
N LYS TA 63 -176.49 46.21 48.03
CA LYS TA 63 -177.87 46.44 47.63
C LYS TA 63 -178.20 47.90 47.86
N ARG TA 64 -178.46 48.64 46.78
CA ARG TA 64 -178.76 50.05 46.89
C ARG TA 64 -180.06 50.33 47.62
N ASN TA 65 -180.90 49.31 47.83
CA ASN TA 65 -182.18 49.53 48.48
C ASN TA 65 -182.03 49.74 49.98
N GLN TA 66 -181.08 49.03 50.59
CA GLN TA 66 -180.92 49.12 52.04
C GLN TA 66 -180.47 50.50 52.50
N SER TA 67 -179.64 51.18 51.71
CA SER TA 67 -179.15 52.50 52.08
C SER TA 67 -180.06 53.62 51.60
N PHE TA 68 -181.23 53.28 51.06
CA PHE TA 68 -182.13 54.27 50.49
C PHE TA 68 -182.64 55.21 51.57
N CYS TA 69 -182.36 56.51 51.42
CA CYS TA 69 -182.73 57.51 52.43
C CYS TA 69 -182.78 58.89 51.77
N PRO TA 70 -183.80 59.13 50.94
CA PRO TA 70 -183.91 60.44 50.30
C PRO TA 70 -184.20 61.52 51.32
N THR TA 71 -183.69 62.71 51.04
CA THR TA 71 -183.69 63.80 52.00
C THR TA 71 -184.44 65.01 51.45
N VAL TA 72 -184.73 65.95 52.35
CA VAL TA 72 -185.32 67.22 51.97
C VAL TA 72 -184.99 68.23 53.05
N ASN TA 73 -184.53 69.40 52.64
CA ASN TA 73 -184.20 70.47 53.56
C ASN TA 73 -185.48 71.08 54.08
N LEU TA 74 -185.39 71.76 55.23
CA LEU TA 74 -186.59 72.35 55.80
C LEU TA 74 -186.95 73.67 55.12
N ASP TA 75 -186.12 74.16 54.20
CA ASP TA 75 -186.50 75.35 53.45
C ASP TA 75 -187.65 75.05 52.49
N LYS TA 76 -187.61 73.90 51.84
CA LYS TA 76 -188.69 73.46 50.95
C LYS TA 76 -189.71 72.60 51.67
N LEU TA 77 -189.58 72.43 52.98
CA LEU TA 77 -190.42 71.49 53.71
C LEU TA 77 -191.88 71.89 53.66
N TRP TA 78 -192.15 73.20 53.62
CA TRP TA 78 -193.54 73.65 53.67
C TRP TA 78 -194.27 73.40 52.37
N THR TA 79 -193.57 72.97 51.32
CA THR TA 79 -194.21 72.63 50.06
C THR TA 79 -194.78 71.23 50.05
N LEU TA 80 -194.54 70.44 51.10
CA LEU TA 80 -195.05 69.07 51.11
C LEU TA 80 -196.56 69.04 51.27
N VAL TA 81 -197.12 70.04 51.95
CA VAL TA 81 -198.55 70.09 52.20
C VAL TA 81 -199.18 71.17 51.33
N SER TA 82 -200.50 71.12 51.21
CA SER TA 82 -201.22 72.12 50.42
C SER TA 82 -201.11 73.49 51.07
N GLU TA 83 -201.11 74.52 50.22
CA GLU TA 83 -200.97 75.89 50.72
C GLU TA 83 -202.14 76.29 51.64
N GLN TA 84 -203.32 75.69 51.43
CA GLN TA 84 -204.43 75.98 52.33
C GLN TA 84 -204.08 75.61 53.77
N THR TA 85 -203.28 74.55 53.95
CA THR TA 85 -202.81 74.20 55.28
C THR TA 85 -201.90 75.28 55.84
N ARG TA 86 -201.04 75.85 54.99
CA ARG TA 86 -200.10 76.87 55.45
C ARG TA 86 -200.83 78.08 56.02
N VAL TA 87 -201.70 78.69 55.21
CA VAL TA 87 -202.39 79.90 55.67
C VAL TA 87 -203.31 79.58 56.83
N ASN TA 88 -203.93 78.40 56.84
CA ASN TA 88 -204.77 78.02 57.97
C ASN TA 88 -203.98 77.99 59.27
N ALA TA 89 -202.78 77.41 59.23
CA ALA TA 89 -201.95 77.37 60.43
C ALA TA 89 -201.57 78.76 60.89
N ALA TA 90 -201.20 79.64 59.95
CA ALA TA 90 -200.77 80.98 60.32
C ALA TA 90 -201.89 81.77 60.98
N LYS TA 91 -203.09 81.68 60.43
CA LYS TA 91 -204.23 82.42 60.97
C LYS TA 91 -204.93 81.67 62.09
N ASN TA 92 -204.46 80.47 62.44
CA ASN TA 92 -205.10 79.71 63.51
C ASN TA 92 -204.92 80.41 64.84
N LYS TA 93 -206.03 80.64 65.53
CA LYS TA 93 -205.98 81.36 66.80
C LYS TA 93 -205.22 80.57 67.85
N THR TA 94 -205.45 79.26 67.91
CA THR TA 94 -204.80 78.42 68.90
C THR TA 94 -203.36 78.14 68.47
N GLY TA 95 -202.68 77.30 69.23
CA GLY TA 95 -201.31 76.93 68.89
C GLY TA 95 -201.25 75.66 68.09
N ALA TA 96 -202.41 75.20 67.59
CA ALA TA 96 -202.46 73.96 66.83
C ALA TA 96 -201.51 74.01 65.65
N ALA TA 97 -200.72 72.96 65.47
CA ALA TA 97 -199.73 72.89 64.43
C ALA TA 97 -200.05 71.78 63.45
N PRO TA 98 -199.97 72.04 62.15
CA PRO TA 98 -200.28 70.99 61.17
C PRO TA 98 -199.24 69.90 61.17
N ILE TA 99 -199.66 68.71 60.75
CA ILE TA 99 -198.80 67.54 60.67
C ILE TA 99 -198.22 67.48 59.26
N ILE TA 100 -196.90 67.30 59.17
CA ILE TA 100 -196.23 67.09 57.90
C ILE TA 100 -195.52 65.75 57.96
N ASP TA 101 -196.05 64.77 57.24
CA ASP TA 101 -195.51 63.42 57.21
C ASP TA 101 -194.60 63.37 55.98
N VAL TA 102 -193.35 63.78 56.16
CA VAL TA 102 -192.43 63.80 55.04
C VAL TA 102 -192.16 62.40 54.54
N VAL TA 103 -192.30 61.39 55.40
CA VAL TA 103 -192.19 60.00 54.96
C VAL TA 103 -193.27 59.70 53.93
N ARG TA 104 -194.47 60.26 54.12
CA ARG TA 104 -195.54 60.05 53.16
C ARG TA 104 -195.21 60.72 51.82
N SER TA 105 -194.59 61.89 51.87
CA SER TA 105 -194.27 62.59 50.63
C SER TA 105 -193.22 61.83 49.82
N GLY TA 106 -192.28 61.19 50.49
CA GLY TA 106 -191.29 60.40 49.78
C GLY TA 106 -189.86 60.60 50.25
N TYR TA 107 -189.67 61.40 51.28
CA TYR TA 107 -188.34 61.65 51.83
C TYR TA 107 -188.25 61.11 53.25
N TYR TA 108 -187.06 60.65 53.63
CA TYR TA 108 -186.85 60.09 54.96
C TYR TA 108 -186.17 61.07 55.89
N LYS TA 109 -184.99 61.56 55.50
CA LYS TA 109 -184.23 62.45 56.36
C LYS TA 109 -184.59 63.90 56.09
N VAL TA 110 -184.73 64.69 57.15
CA VAL TA 110 -185.04 66.11 57.05
C VAL TA 110 -183.79 66.89 57.38
N LEU TA 111 -183.22 67.54 56.38
CA LEU TA 111 -181.98 68.28 56.57
C LEU TA 111 -182.27 69.74 56.91
N GLY TA 112 -181.20 70.47 57.22
CA GLY TA 112 -181.35 71.77 57.84
C GLY TA 112 -181.01 72.99 57.00
N LYS TA 113 -181.10 72.88 55.68
CA LYS TA 113 -180.79 74.04 54.86
C LYS TA 113 -181.98 75.00 54.82
N GLY TA 114 -181.69 76.29 54.86
CA GLY TA 114 -182.72 77.31 54.81
C GLY TA 114 -183.27 77.64 56.19
N LYS TA 115 -184.36 78.40 56.19
CA LYS TA 115 -185.02 78.79 57.42
C LYS TA 115 -186.52 78.63 57.24
N LEU TA 116 -187.20 78.36 58.35
CA LEU TA 116 -188.64 78.15 58.35
C LEU TA 116 -189.38 79.46 58.62
N PRO TA 117 -190.62 79.57 58.15
CA PRO TA 117 -191.46 80.71 58.56
C PRO TA 117 -192.00 80.50 59.97
N LYS TA 118 -192.20 81.62 60.66
CA LYS TA 118 -192.49 81.58 62.09
C LYS TA 118 -193.92 81.10 62.31
N GLN TA 119 -194.07 79.77 62.41
CA GLN TA 119 -195.30 79.15 62.88
C GLN TA 119 -194.99 77.71 63.23
N PRO TA 120 -195.53 77.21 64.33
CA PRO TA 120 -195.17 75.85 64.76
C PRO TA 120 -195.69 74.80 63.81
N VAL TA 121 -194.99 73.67 63.79
CA VAL TA 121 -195.36 72.55 62.92
C VAL TA 121 -194.70 71.30 63.48
N ILE TA 122 -195.39 70.17 63.36
CA ILE TA 122 -194.86 68.87 63.73
C ILE TA 122 -194.59 68.11 62.44
N VAL TA 123 -193.35 67.62 62.30
CA VAL TA 123 -192.93 66.92 61.09
C VAL TA 123 -192.56 65.49 61.47
N LYS TA 124 -192.99 64.54 60.65
CA LYS TA 124 -192.84 63.12 60.93
C LYS TA 124 -191.80 62.53 59.99
N ALA TA 125 -190.59 62.30 60.48
CA ALA TA 125 -189.51 61.78 59.66
C ALA TA 125 -188.79 60.66 60.39
N LYS TA 126 -188.08 59.85 59.61
CA LYS TA 126 -187.27 58.79 60.19
C LYS TA 126 -186.01 59.33 60.84
N PHE TA 127 -185.36 60.31 60.20
CA PHE TA 127 -184.13 60.87 60.73
C PHE TA 127 -184.18 62.38 60.64
N PHE TA 128 -183.36 63.04 61.46
CA PHE TA 128 -183.21 64.48 61.44
C PHE TA 128 -181.75 64.86 61.59
N SER TA 129 -181.33 65.88 60.87
CA SER TA 129 -180.06 66.52 61.18
C SER TA 129 -180.21 67.29 62.48
N ARG TA 130 -179.08 67.51 63.15
CA ARG TA 130 -179.15 68.21 64.42
C ARG TA 130 -179.68 69.62 64.25
N ARG TA 131 -179.21 70.32 63.21
CA ARG TA 131 -179.64 71.69 63.01
C ARG TA 131 -181.11 71.77 62.63
N ALA TA 132 -181.57 70.85 61.77
CA ALA TA 132 -182.98 70.81 61.43
C ALA TA 132 -183.83 70.55 62.65
N GLU TA 133 -183.27 69.86 63.64
CA GLU TA 133 -183.94 69.76 64.93
C GLU TA 133 -184.05 71.14 65.58
N GLU TA 134 -182.92 71.85 65.68
CA GLU TA 134 -182.94 73.15 66.35
C GLU TA 134 -183.87 74.13 65.64
N LYS TA 135 -183.79 74.20 64.31
CA LYS TA 135 -184.58 75.17 63.57
C LYS TA 135 -186.07 74.91 63.74
N ILE TA 136 -186.48 73.64 63.72
CA ILE TA 136 -187.88 73.33 63.98
C ILE TA 136 -188.26 73.69 65.41
N LYS TA 137 -187.40 73.36 66.37
CA LYS TA 137 -187.64 73.75 67.75
C LYS TA 137 -187.67 75.26 67.92
N SER TA 138 -186.74 75.98 67.27
CA SER TA 138 -186.65 77.42 67.48
C SER TA 138 -187.92 78.12 67.06
N VAL TA 139 -188.48 77.74 65.91
CA VAL TA 139 -189.76 78.31 65.48
C VAL TA 139 -190.89 77.95 66.41
N GLY TA 140 -190.74 76.89 67.20
CA GLY TA 140 -191.77 76.46 68.11
C GLY TA 140 -192.44 75.16 67.75
N GLY TA 141 -192.00 74.51 66.69
CA GLY TA 141 -192.60 73.25 66.30
C GLY TA 141 -192.10 72.10 67.13
N ALA TA 142 -192.54 70.90 66.76
CA ALA TA 142 -192.18 69.68 67.44
C ALA TA 142 -191.58 68.70 66.43
N CYS TA 143 -190.68 67.87 66.92
CA CYS TA 143 -189.93 66.92 66.09
C CYS TA 143 -190.32 65.51 66.51
N VAL TA 144 -191.21 64.89 65.75
CA VAL TA 144 -191.69 63.54 66.05
C VAL TA 144 -191.01 62.56 65.11
N LEU TA 145 -190.54 61.44 65.67
CA LEU TA 145 -189.87 60.40 64.91
C LEU TA 145 -190.85 59.31 64.53
N VAL TA 146 -190.58 58.65 63.40
CA VAL TA 146 -191.42 57.57 62.91
C VAL TA 146 -190.52 56.40 62.53
N ALA TA 147 -191.10 55.21 62.52
CA ALA TA 147 -190.35 54.00 62.23
C ALA TA 147 -190.24 53.76 60.74
N ALA UA 1 -133.00 59.08 10.77
CA ALA UA 1 -131.76 59.01 11.52
C ALA UA 1 -131.57 60.28 12.35
N LYS UA 2 -130.58 61.08 11.99
CA LYS UA 2 -130.30 62.31 12.71
C LYS UA 2 -131.41 63.33 12.47
N SER UA 3 -131.51 64.31 13.36
CA SER UA 3 -132.52 65.34 13.29
C SER UA 3 -132.07 66.58 14.04
N LYS UA 4 -132.73 67.71 13.77
CA LYS UA 4 -132.46 68.92 14.53
C LYS UA 4 -132.87 68.73 15.98
N ASN UA 5 -132.00 69.12 16.89
CA ASN UA 5 -132.19 68.79 18.30
C ASN UA 5 -133.11 69.80 18.98
N HIS UA 6 -132.69 71.06 19.03
CA HIS UA 6 -133.44 72.08 19.76
C HIS UA 6 -133.23 73.40 19.06
N THR UA 7 -134.29 74.23 19.06
CA THR UA 7 -134.17 75.58 18.52
C THR UA 7 -135.27 76.44 19.12
N THR UA 8 -134.95 77.69 19.38
CA THR UA 8 -135.93 78.67 19.81
C THR UA 8 -136.34 79.60 18.69
N HIS UA 9 -135.84 79.36 17.47
CA HIS UA 9 -136.18 80.19 16.33
C HIS UA 9 -137.69 80.19 16.12
N ASN UA 10 -138.23 81.36 15.80
CA ASN UA 10 -139.65 81.60 15.55
C ASN UA 10 -140.49 81.58 16.81
N GLN UA 11 -139.92 81.22 17.96
CA GLN UA 11 -140.71 81.16 19.18
C GLN UA 11 -141.10 82.55 19.65
N SER UA 12 -140.16 83.50 19.59
CA SER UA 12 -140.47 84.87 20.01
C SER UA 12 -141.55 85.48 19.14
N ARG UA 13 -141.52 85.18 17.84
CA ARG UA 13 -142.59 85.61 16.95
C ARG UA 13 -143.93 85.02 17.37
N LYS UA 14 -143.91 83.78 17.87
CA LYS UA 14 -145.15 83.09 18.19
C LYS UA 14 -145.86 83.73 19.37
N TRP UA 15 -145.21 83.77 20.53
CA TRP UA 15 -145.92 84.22 21.71
C TRP UA 15 -146.07 85.73 21.78
N HIS UA 16 -145.31 86.47 20.98
CA HIS UA 16 -145.60 87.88 20.80
C HIS UA 16 -146.78 88.12 19.89
N ARG UA 17 -147.14 87.14 19.05
CA ARG UA 17 -148.25 87.31 18.12
C ARG UA 17 -149.56 87.50 18.87
N ASN UA 18 -149.77 86.71 19.92
CA ASN UA 18 -150.95 86.89 20.76
C ASN UA 18 -150.71 87.90 21.86
N GLY UA 19 -149.53 88.50 21.91
CA GLY UA 19 -149.24 89.52 22.89
C GLY UA 19 -148.73 88.96 24.20
N ILE UA 20 -147.53 89.38 24.61
CA ILE UA 20 -147.03 89.01 25.93
C ILE UA 20 -147.74 89.87 26.96
N LYS UA 21 -148.61 89.24 27.75
CA LYS UA 21 -149.51 89.96 28.64
C LYS UA 21 -148.97 89.90 30.07
N LYS UA 22 -148.76 91.07 30.65
CA LYS UA 22 -148.42 91.13 32.06
C LYS UA 22 -149.60 90.65 32.89
N PRO UA 23 -149.35 90.07 34.07
CA PRO UA 23 -150.44 89.44 34.80
C PRO UA 23 -151.41 90.48 35.35
N ARG UA 24 -152.66 90.07 35.49
CA ARG UA 24 -153.72 90.99 35.88
C ARG UA 24 -153.58 91.35 37.36
N SER UA 25 -153.24 92.61 37.62
CA SER UA 25 -153.08 93.12 38.97
C SER UA 25 -154.27 93.98 39.33
N GLN UA 26 -154.87 93.71 40.48
CA GLN UA 26 -156.09 94.41 40.88
C GLN UA 26 -156.05 94.67 42.38
N ARG UA 27 -156.80 95.69 42.78
CA ARG UA 27 -156.93 96.05 44.18
C ARG UA 27 -157.39 94.84 45.00
N TYR UA 28 -156.96 94.80 46.26
CA TYR UA 28 -157.33 93.72 47.18
C TYR UA 28 -156.87 92.36 46.65
N GLU UA 29 -155.55 92.21 46.65
CA GLU UA 29 -154.93 90.92 46.30
C GLU UA 29 -155.20 89.91 47.40
N SER UA 30 -155.03 88.63 47.07
CA SER UA 30 -155.28 87.55 48.00
C SER UA 30 -154.14 87.46 49.02
N LEU UA 31 -154.49 86.98 50.22
CA LEU UA 31 -153.55 86.94 51.33
C LEU UA 31 -153.09 85.54 51.67
N LYS UA 32 -153.22 84.59 50.75
CA LYS UA 32 -152.74 83.25 51.02
C LYS UA 32 -151.22 83.23 51.08
N GLY UA 33 -150.69 82.45 52.00
CA GLY UA 33 -149.25 82.34 52.16
C GLY UA 33 -148.61 83.37 53.05
N VAL UA 34 -149.39 84.17 53.76
CA VAL UA 34 -148.84 85.11 54.74
C VAL UA 34 -148.57 84.37 56.03
N ASP UA 35 -147.83 85.00 56.94
CA ASP UA 35 -147.54 84.45 58.26
C ASP UA 35 -148.84 84.04 58.95
N PRO UA 36 -149.08 82.76 59.17
CA PRO UA 36 -150.36 82.35 59.78
C PRO UA 36 -150.59 82.95 61.16
N LYS UA 37 -149.54 83.16 61.96
CA LYS UA 37 -149.71 83.82 63.24
C LYS UA 37 -150.21 85.24 63.05
N PHE UA 38 -149.65 85.95 62.07
CA PHE UA 38 -150.10 87.31 61.79
C PHE UA 38 -151.50 87.29 61.19
N LEU UA 39 -151.82 86.26 60.40
CA LEU UA 39 -153.14 86.17 59.79
C LEU UA 39 -154.21 85.85 60.82
N ARG UA 40 -153.96 84.87 61.70
CA ARG UA 40 -154.98 84.51 62.68
C ARG UA 40 -155.30 85.66 63.60
N ASN UA 41 -154.32 86.53 63.87
CA ASN UA 41 -154.59 87.70 64.68
C ASN UA 41 -155.39 88.75 63.91
N MET UA 42 -154.97 89.05 62.68
CA MET UA 42 -155.72 90.02 61.89
C MET UA 42 -157.09 89.49 61.52
N ARG UA 43 -157.25 88.16 61.45
CA ARG UA 43 -158.58 87.58 61.40
C ARG UA 43 -159.38 87.96 62.63
N PHE UA 44 -158.75 87.91 63.80
CA PHE UA 44 -159.43 88.26 65.04
C PHE UA 44 -159.76 89.74 65.08
N ALA UA 45 -158.90 90.57 64.48
CA ALA UA 45 -159.14 92.01 64.48
C ALA UA 45 -160.43 92.34 63.76
N LYS UA 46 -160.70 91.66 62.64
CA LYS UA 46 -161.91 91.95 61.88
C LYS UA 46 -163.15 91.47 62.62
N LYS UA 47 -163.06 90.32 63.30
CA LYS UA 47 -164.24 89.79 64.00
C LYS UA 47 -164.71 90.76 65.07
N HIS UA 48 -163.78 91.38 65.79
CA HIS UA 48 -164.12 92.29 66.87
C HIS UA 48 -164.23 93.74 66.40
N ASN UA 49 -164.14 93.98 65.09
CA ASN UA 49 -164.38 95.32 64.56
C ASN UA 49 -165.78 95.83 64.93
N LYS UA 50 -166.73 94.91 65.15
CA LYS UA 50 -168.06 95.32 65.59
C LYS UA 50 -168.02 96.05 66.92
N LYS UA 51 -167.20 95.56 67.85
CA LYS UA 51 -167.04 96.26 69.12
C LYS UA 51 -166.60 97.70 68.89
N GLY UA 52 -167.20 98.62 69.61
CA GLY UA 52 -166.93 100.03 69.41
C GLY UA 52 -167.42 100.55 68.08
N LEU UA 53 -168.57 100.06 67.60
CA LEU UA 53 -169.19 100.67 66.44
C LEU UA 53 -169.77 102.03 66.78
N LYS UA 54 -170.35 102.18 67.98
CA LYS UA 54 -170.86 103.47 68.40
C LYS UA 54 -169.74 104.49 68.53
N LYS UA 55 -168.58 104.08 69.06
CA LYS UA 55 -167.48 105.00 69.29
C LYS UA 55 -167.02 105.63 67.97
N MET UA 56 -166.93 104.83 66.91
CA MET UA 56 -166.61 105.42 65.61
C MET UA 56 -167.70 106.36 65.13
N GLN UA 57 -168.97 105.96 65.24
CA GLN UA 57 -170.04 106.81 64.75
C GLN UA 57 -170.15 108.08 65.58
N ALA UA 58 -169.90 107.99 66.89
CA ALA UA 58 -169.92 109.17 67.73
C ALA UA 58 -168.75 110.09 67.39
N ASN UA 59 -167.56 109.51 67.19
CA ASN UA 59 -166.41 110.32 66.81
C ASN UA 59 -166.62 110.95 65.43
N ASN UA 60 -167.21 110.20 64.50
CA ASN UA 60 -167.50 110.75 63.19
C ASN UA 60 -168.50 111.90 63.29
N ALA UA 61 -169.52 111.74 64.15
CA ALA UA 61 -170.52 112.79 64.31
C ALA UA 61 -169.90 114.07 64.85
N LYS UA 62 -169.01 113.93 65.84
CA LYS UA 62 -168.33 115.12 66.36
C LYS UA 62 -167.32 115.65 65.34
N ALA UA 63 -166.94 114.83 64.36
CA ALA UA 63 -165.92 115.25 63.41
C ALA UA 63 -166.48 116.20 62.36
N MET UA 64 -167.43 115.73 61.54
CA MET UA 64 -167.88 116.57 60.44
C MET UA 64 -168.72 117.73 60.91
N SER UA 65 -169.37 117.62 62.07
CA SER UA 65 -170.09 118.76 62.64
C SER UA 65 -169.12 119.90 62.93
N ALA UA 66 -167.95 119.58 63.48
CA ALA UA 66 -166.92 120.59 63.67
C ALA UA 66 -166.44 121.14 62.34
N ARG UA 67 -166.24 120.27 61.34
CA ARG UA 67 -165.81 120.74 60.03
C ARG UA 67 -166.88 121.62 59.39
N ALA UA 68 -168.14 121.21 59.47
CA ALA UA 68 -169.21 121.95 58.81
C ALA UA 68 -169.35 123.35 59.39
N GLU UA 69 -169.34 123.47 60.72
CA GLU UA 69 -169.43 124.80 61.33
C GLU UA 69 -168.18 125.62 61.02
N ALA UA 70 -167.02 124.97 60.94
CA ALA UA 70 -165.82 125.67 60.50
C ALA UA 70 -165.91 126.05 59.03
N ILE UA 71 -166.44 125.15 58.19
CA ILE UA 71 -166.57 125.43 56.77
C ILE UA 71 -167.62 126.51 56.54
N LYS UA 72 -168.73 126.45 57.27
CA LYS UA 72 -169.80 127.43 57.13
C LYS UA 72 -169.55 128.72 57.90
N ALA UA 73 -168.40 128.82 58.58
CA ALA UA 73 -168.05 130.03 59.34
C ALA UA 73 -167.65 131.12 58.35
N LEU UA 74 -168.64 131.59 57.60
CA LEU UA 74 -168.43 132.61 56.58
C LEU UA 74 -168.55 134.00 57.19
N VAL UA 75 -167.47 134.76 57.10
CA VAL UA 75 -167.34 136.13 57.65
C VAL UA 75 -168.08 136.32 58.98
N VAL UA 88 -159.02 147.05 26.36
CA VAL UA 88 -159.20 148.00 25.27
C VAL UA 88 -160.18 147.46 24.23
N SER UA 89 -159.95 147.80 22.97
CA SER UA 89 -160.82 147.32 21.90
C SER UA 89 -160.64 145.83 21.67
N ARG UA 90 -159.41 145.41 21.34
CA ARG UA 90 -159.06 144.00 21.18
C ARG UA 90 -160.00 143.32 20.17
N LYS UA 91 -159.84 143.75 18.92
CA LYS UA 91 -160.72 143.30 17.85
C LYS UA 91 -160.82 141.78 17.79
N LEU UA 92 -159.70 141.08 17.98
CA LEU UA 92 -159.73 139.62 17.90
C LEU UA 92 -160.64 139.02 18.96
N ASP UA 93 -160.53 139.51 20.20
CA ASP UA 93 -161.33 138.93 21.28
C ASP UA 93 -162.79 139.36 21.19
N ARG UA 94 -163.04 140.57 20.69
CA ARG UA 94 -164.42 140.99 20.47
C ARG UA 94 -165.11 140.08 19.45
N LEU UA 95 -164.41 139.78 18.35
CA LEU UA 95 -165.00 138.91 17.32
C LEU UA 95 -165.29 137.52 17.86
N ALA UA 96 -164.39 136.99 18.69
CA ALA UA 96 -164.66 135.71 19.33
C ALA UA 96 -165.89 135.79 20.22
N TYR UA 97 -166.04 136.91 20.94
CA TYR UA 97 -167.22 137.10 21.78
C TYR UA 97 -168.48 137.17 20.93
N ILE UA 98 -168.40 137.84 19.79
CA ILE UA 98 -169.56 137.93 18.90
C ILE UA 98 -169.97 136.55 18.42
N ALA UA 99 -169.01 135.74 18.00
CA ALA UA 99 -169.28 134.46 17.35
C ALA UA 99 -169.80 133.39 18.30
N HIS UA 100 -169.73 133.61 19.61
CA HIS UA 100 -170.26 132.63 20.54
C HIS UA 100 -171.77 132.57 20.42
N PRO UA 101 -172.36 131.39 20.19
CA PRO UA 101 -173.80 131.32 19.94
C PRO UA 101 -174.67 131.85 21.06
N LYS UA 102 -174.19 131.85 22.31
CA LYS UA 102 -175.02 132.29 23.41
C LYS UA 102 -174.61 133.63 24.01
N LEU UA 103 -173.31 133.91 24.16
CA LEU UA 103 -172.88 135.16 24.74
C LEU UA 103 -172.85 136.30 23.74
N GLY UA 104 -173.12 136.03 22.47
CA GLY UA 104 -173.13 137.07 21.47
C GLY UA 104 -174.46 137.18 20.75
N LYS UA 105 -175.52 136.63 21.35
CA LYS UA 105 -176.85 136.77 20.76
C LYS UA 105 -177.25 138.23 20.67
N ARG UA 106 -177.15 138.95 21.79
CA ARG UA 106 -177.57 140.35 21.81
C ARG UA 106 -176.57 141.24 21.10
N ALA UA 107 -175.29 140.86 21.11
CA ALA UA 107 -174.27 141.70 20.51
C ALA UA 107 -174.36 141.70 18.98
N ARG UA 108 -174.70 140.56 18.40
CA ARG UA 108 -174.76 140.47 16.95
C ARG UA 108 -176.13 140.83 16.40
N ALA UA 109 -177.16 140.81 17.24
CA ALA UA 109 -178.49 141.21 16.78
C ALA UA 109 -178.61 142.72 16.66
N ARG UA 110 -177.91 143.45 17.52
CA ARG UA 110 -178.00 144.91 17.49
C ARG UA 110 -177.25 145.49 16.30
N ILE UA 111 -176.14 144.86 15.91
CA ILE UA 111 -175.46 145.31 14.70
C ILE UA 111 -176.22 144.85 13.46
N ALA UA 112 -177.01 143.78 13.59
CA ALA UA 112 -177.87 143.36 12.49
C ALA UA 112 -178.92 144.41 12.19
N LYS UA 113 -179.65 144.84 13.22
CA LYS UA 113 -180.61 145.93 13.04
C LYS UA 113 -179.93 147.27 12.84
N GLY UA 114 -178.72 147.45 13.40
CA GLY UA 114 -177.99 148.68 13.18
C GLY UA 114 -177.58 148.89 11.74
N LEU UA 115 -177.09 147.84 11.09
CA LEU UA 115 -176.71 147.97 9.69
C LEU UA 115 -177.92 148.08 8.77
N ARG UA 116 -179.13 147.87 9.27
CA ARG UA 116 -180.34 147.95 8.46
C ARG UA 116 -181.35 148.83 9.22
N LEU UA 117 -181.18 150.14 9.06
CA LEU UA 117 -182.14 151.15 9.47
C LEU UA 117 -181.57 152.50 9.05
N CYS UA 118 -182.46 153.42 8.66
CA CYS UA 118 -182.05 154.75 8.25
C CYS UA 118 -182.44 155.74 9.34
N ARG UA 119 -181.44 156.29 10.03
CA ARG UA 119 -181.68 157.32 11.02
C ARG UA 119 -180.59 158.39 10.91
N PRO UA 120 -180.97 159.65 10.88
CA PRO UA 120 -179.97 160.72 10.83
C PRO UA 120 -179.58 161.17 12.24
N LYS UA 121 -178.56 162.03 12.30
CA LYS UA 121 -178.06 162.55 13.57
C LYS UA 121 -177.63 161.43 14.51
N LYS VA 1 -104.28 -55.27 15.41
CA LYS VA 1 -104.19 -56.71 15.25
C LYS VA 1 -105.47 -57.28 14.62
N SER VA 2 -106.62 -56.81 15.09
CA SER VA 2 -107.90 -57.33 14.60
C SER VA 2 -108.29 -56.70 13.27
N LEU VA 3 -108.25 -55.36 13.20
CA LEU VA 3 -108.54 -54.69 11.93
C LEU VA 3 -107.46 -54.98 10.90
N GLU VA 4 -106.25 -55.34 11.37
CA GLU VA 4 -105.22 -55.83 10.46
C GLU VA 4 -105.64 -57.13 9.79
N SER VA 5 -106.57 -57.86 10.42
CA SER VA 5 -106.93 -59.18 9.92
C SER VA 5 -108.03 -59.09 8.87
N ILE VA 6 -109.11 -58.35 9.16
CA ILE VA 6 -110.28 -58.35 8.28
C ILE VA 6 -109.93 -57.80 6.91
N ASN VA 7 -109.20 -56.68 6.86
CA ASN VA 7 -108.82 -56.13 5.56
C ASN VA 7 -107.81 -57.02 4.86
N SER VA 8 -106.94 -57.69 5.62
CA SER VA 8 -106.00 -58.61 5.01
C SER VA 8 -106.74 -59.76 4.33
N ARG VA 9 -107.81 -60.26 4.96
CA ARG VA 9 -108.58 -61.33 4.34
C ARG VA 9 -109.65 -60.81 3.40
N LEU VA 10 -109.78 -59.48 3.27
CA LEU VA 10 -110.68 -58.96 2.25
C LEU VA 10 -109.98 -58.81 0.91
N GLN VA 11 -108.68 -58.51 0.91
CA GLN VA 11 -107.94 -58.60 -0.34
C GLN VA 11 -107.59 -60.03 -0.68
N LEU VA 12 -107.30 -60.85 0.34
CA LEU VA 12 -106.75 -62.17 0.08
C LEU VA 12 -107.81 -63.11 -0.47
N VAL VA 13 -109.10 -62.79 -0.26
CA VAL VA 13 -110.14 -63.54 -0.95
C VAL VA 13 -110.08 -63.27 -2.45
N MET VA 14 -109.81 -62.02 -2.82
CA MET VA 14 -109.57 -61.70 -4.21
C MET VA 14 -108.22 -62.27 -4.66
N LYS VA 15 -108.12 -62.54 -5.95
CA LYS VA 15 -107.06 -63.34 -6.60
C LYS VA 15 -106.85 -64.68 -5.89
N SER VA 16 -107.82 -65.11 -5.08
CA SER VA 16 -107.86 -66.47 -4.56
C SER VA 16 -109.25 -67.06 -4.52
N GLY VA 17 -110.30 -66.26 -4.64
CA GLY VA 17 -111.66 -66.78 -4.55
C GLY VA 17 -112.58 -65.96 -5.42
N LYS VA 18 -113.79 -66.48 -5.57
CA LYS VA 18 -114.79 -65.86 -6.44
C LYS VA 18 -115.83 -65.12 -5.62
N TYR VA 19 -116.43 -64.12 -6.25
CA TYR VA 19 -117.31 -63.18 -5.56
C TYR VA 19 -118.03 -62.33 -6.59
N VAL VA 20 -119.10 -61.67 -6.15
CA VAL VA 20 -119.83 -60.71 -6.97
C VAL VA 20 -119.93 -59.40 -6.23
N LEU VA 21 -119.99 -58.30 -6.99
CA LEU VA 21 -120.00 -56.96 -6.45
C LEU VA 21 -121.30 -56.28 -6.85
N GLY VA 22 -121.81 -55.43 -5.97
CA GLY VA 22 -123.04 -54.72 -6.29
C GLY VA 22 -124.26 -55.41 -5.73
N TYR VA 23 -125.32 -54.61 -5.54
CA TYR VA 23 -126.50 -55.10 -4.83
C TYR VA 23 -127.29 -56.10 -5.64
N LYS VA 24 -127.56 -55.80 -6.92
CA LYS VA 24 -128.44 -56.66 -7.70
C LYS VA 24 -127.85 -58.04 -7.90
N GLN VA 25 -126.57 -58.11 -8.25
CA GLN VA 25 -125.90 -59.40 -8.32
C GLN VA 25 -125.86 -60.09 -6.97
N THR VA 26 -125.62 -59.33 -5.89
CA THR VA 26 -125.62 -59.91 -4.55
C THR VA 26 -126.95 -60.58 -4.26
N LEU VA 27 -128.05 -59.86 -4.44
CA LEU VA 27 -129.36 -60.41 -4.12
C LEU VA 27 -129.68 -61.60 -5.00
N LYS VA 28 -129.27 -61.55 -6.28
CA LYS VA 28 -129.46 -62.71 -7.15
C LYS VA 28 -128.67 -63.91 -6.65
N MET VA 29 -127.42 -63.70 -6.24
CA MET VA 29 -126.57 -64.82 -5.84
C MET VA 29 -127.11 -65.50 -4.58
N ILE VA 30 -127.50 -64.72 -3.58
CA ILE VA 30 -127.99 -65.32 -2.35
C ILE VA 30 -129.35 -65.96 -2.56
N ARG VA 31 -130.10 -65.49 -3.56
CA ARG VA 31 -131.35 -66.16 -3.89
C ARG VA 31 -131.10 -67.52 -4.51
N GLN VA 32 -130.04 -67.69 -5.29
CA GLN VA 32 -129.63 -68.99 -5.78
C GLN VA 32 -129.00 -69.85 -4.69
N GLY VA 33 -128.68 -69.27 -3.55
CA GLY VA 33 -128.19 -70.03 -2.42
C GLY VA 33 -126.70 -70.27 -2.38
N LYS VA 34 -125.97 -69.97 -3.45
CA LYS VA 34 -124.53 -70.24 -3.49
C LYS VA 34 -123.71 -69.12 -2.88
N ALA VA 35 -124.32 -68.28 -2.03
CA ALA VA 35 -123.61 -67.26 -1.30
C ALA VA 35 -123.29 -67.77 0.09
N LYS VA 36 -122.07 -67.54 0.55
CA LYS VA 36 -121.66 -67.98 1.87
C LYS VA 36 -121.76 -66.87 2.91
N LEU VA 37 -121.50 -65.63 2.52
CA LEU VA 37 -121.52 -64.51 3.43
C LEU VA 37 -121.59 -63.22 2.64
N VAL VA 38 -122.24 -62.22 3.22
CA VAL VA 38 -122.49 -60.94 2.56
C VAL VA 38 -122.00 -59.82 3.47
N ILE VA 39 -121.18 -58.94 2.93
CA ILE VA 39 -120.77 -57.72 3.62
C ILE VA 39 -121.74 -56.62 3.21
N LEU VA 40 -121.98 -55.70 4.14
CA LEU VA 40 -122.87 -54.56 3.91
C LEU VA 40 -122.14 -53.28 4.31
N ALA VA 41 -122.26 -52.25 3.49
CA ALA VA 41 -121.70 -50.97 3.87
C ALA VA 41 -122.54 -50.32 4.94
N ASN VA 42 -121.87 -49.66 5.88
CA ASN VA 42 -122.59 -48.90 6.91
C ASN VA 42 -123.45 -47.81 6.28
N ASN VA 43 -123.00 -47.24 5.16
CA ASN VA 43 -123.70 -46.18 4.47
C ASN VA 43 -124.91 -46.70 3.68
N CYS VA 44 -125.08 -48.01 3.59
CA CYS VA 44 -126.12 -48.59 2.76
C CYS VA 44 -127.50 -48.07 3.18
N PRO VA 45 -128.43 -47.91 2.23
CA PRO VA 45 -129.78 -47.46 2.58
C PRO VA 45 -130.41 -48.36 3.62
N ALA VA 46 -131.06 -47.73 4.60
CA ALA VA 46 -131.52 -48.47 5.77
C ALA VA 46 -132.54 -49.53 5.39
N LEU VA 47 -133.26 -49.34 4.28
CA LEU VA 47 -134.16 -50.39 3.82
C LEU VA 47 -133.39 -51.53 3.16
N ARG VA 48 -132.33 -51.19 2.41
CA ARG VA 48 -131.56 -52.25 1.75
C ARG VA 48 -130.93 -53.20 2.76
N LYS VA 49 -130.35 -52.66 3.84
CA LYS VA 49 -129.73 -53.54 4.82
C LYS VA 49 -130.77 -54.34 5.58
N SER VA 50 -132.01 -53.85 5.65
CA SER VA 50 -133.06 -54.62 6.28
C SER VA 50 -133.58 -55.71 5.35
N GLU VA 51 -133.62 -55.45 4.06
CA GLU VA 51 -134.01 -56.49 3.11
C GLU VA 51 -132.95 -57.58 3.02
N ILE VA 52 -131.67 -57.18 2.89
CA ILE VA 52 -130.61 -58.17 2.85
C ILE VA 52 -130.57 -58.98 4.13
N GLU VA 53 -130.72 -58.31 5.28
CA GLU VA 53 -130.73 -59.02 6.55
C GLU VA 53 -131.91 -59.98 6.63
N TYR VA 54 -132.92 -59.77 5.79
CA TYR VA 54 -134.04 -60.71 5.75
C TYR VA 54 -133.77 -61.84 4.77
N TYR VA 55 -133.27 -61.52 3.58
CA TYR VA 55 -132.92 -62.55 2.61
C TYR VA 55 -131.95 -63.56 3.21
N ALA VA 56 -130.95 -63.05 3.94
CA ALA VA 56 -129.95 -63.94 4.52
C ALA VA 56 -130.57 -64.94 5.48
N MET VA 57 -131.45 -64.47 6.37
CA MET VA 57 -132.07 -65.37 7.33
C MET VA 57 -132.98 -66.38 6.65
N LEU VA 58 -133.39 -66.11 5.41
CA LEU VA 58 -134.13 -67.11 4.65
C LEU VA 58 -133.19 -68.18 4.11
N ALA VA 59 -131.99 -67.79 3.71
CA ALA VA 59 -131.00 -68.72 3.16
C ALA VA 59 -129.92 -69.11 4.16
N LYS VA 60 -130.02 -68.63 5.41
CA LYS VA 60 -129.04 -68.92 6.45
C LYS VA 60 -127.63 -68.60 5.98
N THR VA 61 -127.44 -67.34 5.59
CA THR VA 61 -126.16 -66.84 5.12
C THR VA 61 -125.68 -65.75 6.06
N GLY VA 62 -124.36 -65.65 6.22
CA GLY VA 62 -123.82 -64.65 7.11
C GLY VA 62 -123.97 -63.24 6.56
N VAL VA 63 -124.05 -62.28 7.47
CA VAL VA 63 -124.04 -60.87 7.13
C VAL VA 63 -123.02 -60.17 8.00
N HIS VA 64 -122.14 -59.40 7.38
CA HIS VA 64 -121.19 -58.56 8.08
C HIS VA 64 -121.61 -57.11 7.93
N HIS VA 65 -121.16 -56.27 8.85
CA HIS VA 65 -121.62 -54.90 8.98
C HIS VA 65 -120.47 -53.92 8.83
N TYR VA 66 -119.70 -54.07 7.75
CA TYR VA 66 -118.43 -53.40 7.51
C TYR VA 66 -118.39 -52.00 8.09
N SER VA 67 -117.35 -51.72 8.85
CA SER VA 67 -117.23 -50.50 9.65
C SER VA 67 -116.94 -49.27 8.79
N GLY VA 68 -117.15 -49.35 7.48
CA GLY VA 68 -116.95 -48.21 6.63
C GLY VA 68 -118.14 -47.95 5.73
N ASN VA 69 -117.92 -47.22 4.65
CA ASN VA 69 -118.98 -46.90 3.69
C ASN VA 69 -118.57 -47.49 2.35
N ASN VA 70 -119.42 -47.27 1.33
CA ASN VA 70 -119.16 -47.87 0.03
C ASN VA 70 -117.85 -47.35 -0.57
N ILE VA 71 -117.50 -46.09 -0.31
CA ILE VA 71 -116.22 -45.59 -0.79
C ILE VA 71 -115.07 -46.35 -0.13
N GLU VA 72 -115.15 -46.54 1.18
CA GLU VA 72 -114.09 -47.28 1.87
C GLU VA 72 -114.14 -48.76 1.53
N LEU VA 73 -115.33 -49.33 1.38
CA LEU VA 73 -115.43 -50.74 1.04
C LEU VA 73 -114.93 -50.98 -0.39
N GLY VA 74 -115.16 -50.03 -1.29
CA GLY VA 74 -114.63 -50.15 -2.63
C GLY VA 74 -113.11 -50.18 -2.64
N THR VA 75 -112.49 -49.26 -1.91
CA THR VA 75 -111.03 -49.30 -1.77
C THR VA 75 -110.56 -50.52 -0.98
N ALA VA 76 -111.40 -51.05 -0.10
CA ALA VA 76 -111.06 -52.29 0.58
C ALA VA 76 -111.02 -53.45 -0.41
N CYS VA 77 -111.90 -53.42 -1.41
CA CYS VA 77 -111.89 -54.42 -2.46
C CYS VA 77 -110.82 -54.17 -3.52
N GLY VA 78 -110.15 -53.01 -3.47
CA GLY VA 78 -109.21 -52.67 -4.51
C GLY VA 78 -109.83 -52.16 -5.78
N LYS VA 79 -111.14 -51.95 -5.79
CA LYS VA 79 -111.83 -51.44 -6.96
C LYS VA 79 -111.99 -49.93 -6.87
N TYR VA 80 -112.05 -49.29 -8.03
CA TYR VA 80 -112.10 -47.83 -8.10
C TYR VA 80 -113.52 -47.30 -8.22
N TYR VA 81 -114.48 -47.99 -7.61
CA TYR VA 81 -115.85 -47.51 -7.54
C TYR VA 81 -116.42 -47.86 -6.19
N ARG VA 82 -117.50 -47.16 -5.82
CA ARG VA 82 -118.18 -47.46 -4.57
C ARG VA 82 -118.98 -48.74 -4.70
N VAL VA 83 -119.11 -49.47 -3.60
CA VAL VA 83 -119.90 -50.69 -3.54
C VAL VA 83 -120.44 -50.86 -2.14
N CYS VA 84 -121.76 -51.03 -2.03
CA CYS VA 84 -122.42 -51.21 -0.75
C CYS VA 84 -122.48 -52.67 -0.31
N THR VA 85 -123.04 -53.55 -1.15
CA THR VA 85 -123.21 -54.94 -0.79
C THR VA 85 -122.43 -55.83 -1.76
N LEU VA 86 -121.67 -56.77 -1.21
CA LEU VA 86 -121.07 -57.83 -2.02
C LEU VA 86 -121.22 -59.14 -1.28
N ALA VA 87 -121.22 -60.23 -2.05
CA ALA VA 87 -121.28 -61.57 -1.52
C ALA VA 87 -120.02 -62.32 -1.91
N ILE VA 88 -119.58 -63.21 -1.02
CA ILE VA 88 -118.41 -64.04 -1.26
C ILE VA 88 -118.92 -65.41 -1.70
N ILE VA 89 -118.56 -65.81 -2.92
CA ILE VA 89 -118.98 -67.11 -3.41
C ILE VA 89 -118.20 -68.21 -2.71
N ASP VA 90 -116.89 -68.05 -2.57
CA ASP VA 90 -116.03 -68.96 -1.84
C ASP VA 90 -114.78 -68.21 -1.44
N PRO VA 91 -114.23 -68.48 -0.27
CA PRO VA 91 -112.97 -67.87 0.12
C PRO VA 91 -111.79 -68.67 -0.43
N GLY VA 92 -110.59 -68.18 -0.15
CA GLY VA 92 -109.37 -68.88 -0.53
C GLY VA 92 -108.38 -68.91 0.61
N ASP VA 93 -108.80 -68.43 1.78
CA ASP VA 93 -107.93 -68.32 2.94
C ASP VA 93 -108.64 -68.72 4.22
N SER VA 94 -109.85 -69.28 4.10
CA SER VA 94 -110.71 -69.55 5.25
C SER VA 94 -111.02 -68.26 6.00
N ASP VA 95 -111.71 -67.36 5.29
CA ASP VA 95 -112.26 -66.15 5.88
C ASP VA 95 -113.46 -66.46 6.77
N ILE VA 96 -114.18 -67.55 6.48
CA ILE VA 96 -115.42 -67.86 7.19
C ILE VA 96 -115.12 -68.07 8.67
N ILE VA 97 -115.65 -67.18 9.51
CA ILE VA 97 -115.57 -67.29 10.95
C ILE VA 97 -116.98 -67.16 11.51
N ARG VA 98 -117.23 -67.84 12.62
CA ARG VA 98 -118.57 -67.91 13.19
C ARG VA 98 -118.65 -67.13 14.51
N ASN WA 1 -147.74 33.23 -89.56
CA ASN WA 1 -149.09 32.70 -89.41
C ASN WA 1 -149.40 32.40 -87.95
N GLU WA 2 -150.38 31.53 -87.69
CA GLU WA 2 -150.83 31.26 -86.34
C GLU WA 2 -150.81 29.79 -85.96
N VAL WA 3 -150.84 28.87 -86.92
CA VAL WA 3 -150.79 27.45 -86.60
C VAL WA 3 -149.39 26.95 -86.90
N VAL WA 4 -148.41 27.86 -86.88
CA VAL WA 4 -147.03 27.47 -87.15
C VAL WA 4 -146.50 26.58 -86.04
N THR WA 5 -145.62 25.66 -86.41
CA THR WA 5 -144.93 24.81 -85.46
C THR WA 5 -143.45 24.79 -85.80
N ARG WA 6 -142.62 25.02 -84.80
CA ARG WA 6 -141.18 25.09 -85.00
C ARG WA 6 -140.51 24.08 -84.07
N GLU WA 7 -139.18 24.10 -84.06
CA GLU WA 7 -138.39 23.17 -83.28
C GLU WA 7 -137.12 23.86 -82.83
N TYR WA 8 -136.98 24.04 -81.53
CA TYR WA 8 -135.85 24.77 -80.95
C TYR WA 8 -135.04 23.84 -80.07
N THR WA 9 -133.87 24.32 -79.67
CA THR WA 9 -133.14 23.76 -78.55
C THR WA 9 -132.82 24.89 -77.59
N ILE WA 10 -133.01 24.63 -76.30
CA ILE WA 10 -132.89 25.66 -75.28
C ILE WA 10 -131.78 25.28 -74.32
N ASN WA 11 -130.81 26.18 -74.16
CA ASN WA 11 -129.69 25.96 -73.27
C ASN WA 11 -130.17 26.21 -71.85
N ILE WA 12 -130.73 25.16 -71.25
CA ILE WA 12 -131.21 25.27 -69.88
C ILE WA 12 -130.06 25.57 -68.93
N HIS WA 13 -128.88 24.99 -69.18
CA HIS WA 13 -127.73 25.23 -68.32
C HIS WA 13 -127.46 26.71 -68.15
N LYS WA 14 -127.57 27.47 -69.24
CA LYS WA 14 -127.43 28.92 -69.15
C LYS WA 14 -128.63 29.55 -68.44
N ARG WA 15 -129.82 29.00 -68.63
CA ARG WA 15 -131.01 29.54 -68.00
C ARG WA 15 -131.16 29.12 -66.55
N ILE WA 16 -130.33 28.19 -66.08
CA ILE WA 16 -130.44 27.66 -64.73
C ILE WA 16 -129.30 28.12 -63.83
N HIS WA 17 -128.12 28.36 -64.40
CA HIS WA 17 -126.89 28.59 -63.65
C HIS WA 17 -127.07 29.58 -62.50
N GLY WA 18 -126.84 29.12 -61.27
CA GLY WA 18 -126.98 29.94 -60.09
C GLY WA 18 -128.19 29.64 -59.24
N VAL WA 19 -128.89 28.53 -59.48
CA VAL WA 19 -130.10 28.18 -58.75
C VAL WA 19 -129.80 26.99 -57.85
N GLY WA 20 -130.28 27.06 -56.61
CA GLY WA 20 -129.96 26.04 -55.63
C GLY WA 20 -130.40 24.65 -56.07
N PHE WA 21 -129.90 23.66 -55.33
CA PHE WA 21 -130.11 22.26 -55.72
C PHE WA 21 -131.59 21.90 -55.74
N LYS WA 22 -132.31 22.23 -54.68
CA LYS WA 22 -133.70 21.80 -54.57
C LYS WA 22 -134.65 22.66 -55.37
N LYS WA 23 -134.14 23.52 -56.26
CA LYS WA 23 -135.00 24.41 -57.04
C LYS WA 23 -134.58 24.45 -58.50
N ARG WA 24 -133.59 23.64 -58.90
CA ARG WA 24 -133.13 23.67 -60.28
C ARG WA 24 -134.21 23.20 -61.24
N ALA WA 25 -134.76 22.01 -61.00
CA ALA WA 25 -135.76 21.47 -61.92
C ALA WA 25 -137.02 22.32 -62.00
N PRO WA 26 -137.64 22.74 -60.89
CA PRO WA 26 -138.83 23.60 -61.04
C PRO WA 26 -138.53 24.91 -61.74
N ARG WA 27 -137.36 25.50 -61.49
CA ARG WA 27 -137.02 26.76 -62.14
C ARG WA 27 -136.76 26.57 -63.62
N ALA WA 28 -136.05 25.50 -63.99
CA ALA WA 28 -135.82 25.22 -65.40
C ALA WA 28 -137.12 25.08 -66.14
N LEU WA 29 -138.12 24.51 -65.48
CA LEU WA 29 -139.40 24.27 -66.13
C LEU WA 29 -140.17 25.57 -66.26
N LYS WA 30 -139.98 26.47 -65.31
CA LYS WA 30 -140.55 27.80 -65.42
C LYS WA 30 -139.85 28.64 -66.48
N GLU WA 31 -138.60 28.28 -66.81
CA GLU WA 31 -137.90 28.98 -67.88
C GLU WA 31 -138.41 28.55 -69.25
N ILE WA 32 -138.73 27.27 -69.40
CA ILE WA 32 -139.28 26.78 -70.66
C ILE WA 32 -140.60 27.49 -70.97
N ARG WA 33 -141.46 27.64 -69.97
CA ARG WA 33 -142.70 28.37 -70.19
C ARG WA 33 -142.43 29.83 -70.55
N LYS WA 34 -141.46 30.45 -69.87
CA LYS WA 34 -141.09 31.81 -70.22
C LYS WA 34 -140.53 31.88 -71.64
N PHE WA 35 -139.71 30.91 -72.02
CA PHE WA 35 -139.14 30.90 -73.37
C PHE WA 35 -140.24 30.76 -74.41
N ALA WA 36 -141.21 29.87 -74.17
CA ALA WA 36 -142.32 29.73 -75.09
C ALA WA 36 -143.14 31.01 -75.14
N MET WA 37 -143.41 31.62 -73.99
CA MET WA 37 -144.08 32.91 -73.96
C MET WA 37 -143.28 33.95 -74.74
N LYS WA 38 -141.98 34.06 -74.45
CA LYS WA 38 -141.17 35.06 -75.11
C LYS WA 38 -141.09 34.82 -76.61
N GLU WA 39 -140.88 33.57 -77.02
CA GLU WA 39 -140.68 33.30 -78.44
C GLU WA 39 -141.93 33.59 -79.24
N MET WA 40 -143.09 33.17 -78.75
CA MET WA 40 -144.35 33.36 -79.45
C MET WA 40 -145.38 33.81 -78.44
N GLY WA 41 -145.71 35.09 -78.47
CA GLY WA 41 -146.26 35.79 -77.32
C GLY WA 41 -147.66 35.40 -76.94
N THR WA 42 -147.87 34.11 -76.67
CA THR WA 42 -149.17 33.63 -76.27
C THR WA 42 -149.06 32.89 -74.95
N PRO WA 43 -149.71 33.38 -73.89
CA PRO WA 43 -149.74 32.64 -72.63
C PRO WA 43 -150.62 31.40 -72.75
N ASP WA 44 -150.86 30.73 -71.63
CA ASP WA 44 -151.48 29.40 -71.62
C ASP WA 44 -150.60 28.42 -72.39
N VAL WA 45 -149.31 28.49 -72.09
CA VAL WA 45 -148.33 27.56 -72.64
C VAL WA 45 -148.56 26.21 -71.99
N ARG WA 46 -148.79 25.19 -72.81
CA ARG WA 46 -149.09 23.86 -72.32
C ARG WA 46 -147.84 23.00 -72.53
N ILE WA 47 -147.29 22.49 -71.45
CA ILE WA 47 -146.12 21.64 -71.51
C ILE WA 47 -146.57 20.19 -71.43
N ASP WA 48 -146.12 19.38 -72.38
CA ASP WA 48 -146.49 17.98 -72.39
C ASP WA 48 -145.86 17.24 -71.21
N THR WA 49 -146.55 16.18 -70.76
CA THR WA 49 -146.03 15.37 -69.67
C THR WA 49 -144.73 14.68 -70.04
N ARG WA 50 -144.54 14.37 -71.32
CA ARG WA 50 -143.28 13.76 -71.74
C ARG WA 50 -142.11 14.69 -71.46
N LEU WA 51 -142.29 15.98 -71.73
CA LEU WA 51 -141.23 16.95 -71.46
C LEU WA 51 -140.88 16.97 -69.97
N ASN WA 52 -141.88 16.80 -69.11
CA ASN WA 52 -141.62 16.68 -67.68
C ASN WA 52 -140.65 15.55 -67.39
N LYS WA 53 -140.93 14.37 -67.95
CA LYS WA 53 -140.05 13.23 -67.74
C LYS WA 53 -138.63 13.53 -68.22
N ALA WA 54 -138.51 14.33 -69.28
CA ALA WA 54 -137.19 14.67 -69.79
C ALA WA 54 -136.43 15.58 -68.83
N VAL WA 55 -137.10 16.63 -68.35
CA VAL WA 55 -136.43 17.55 -67.43
C VAL WA 55 -136.16 16.87 -66.10
N TRP WA 56 -137.15 16.16 -65.56
CA TRP WA 56 -137.02 15.49 -64.27
C TRP WA 56 -136.40 14.10 -64.39
N ALA WA 57 -135.70 13.81 -65.49
CA ALA WA 57 -135.12 12.48 -65.68
C ALA WA 57 -133.98 12.24 -64.70
N LYS WA 58 -133.12 13.23 -64.49
CA LYS WA 58 -131.92 13.06 -63.70
C LYS WA 58 -132.04 13.81 -62.37
N GLY WA 59 -133.22 13.77 -61.77
CA GLY WA 59 -133.41 14.33 -60.46
C GLY WA 59 -133.73 15.81 -60.50
N ILE WA 60 -133.74 16.41 -59.31
CA ILE WA 60 -134.13 17.80 -59.18
C ILE WA 60 -132.94 18.74 -59.29
N ARG WA 61 -131.73 18.26 -59.04
CA ARG WA 61 -130.54 19.11 -59.05
C ARG WA 61 -129.57 18.76 -60.16
N ASN WA 62 -129.96 17.89 -61.09
CA ASN WA 62 -129.19 17.63 -62.30
C ASN WA 62 -130.17 17.63 -63.45
N VAL WA 63 -130.44 18.81 -64.00
CA VAL WA 63 -131.30 18.92 -65.17
C VAL WA 63 -130.43 18.74 -66.41
N PRO WA 64 -130.96 18.24 -67.52
CA PRO WA 64 -130.16 18.15 -68.74
C PRO WA 64 -129.67 19.52 -69.15
N TYR WA 65 -128.42 19.58 -69.60
CA TYR WA 65 -127.79 20.87 -69.87
C TYR WA 65 -128.51 21.61 -70.99
N ARG WA 66 -128.86 20.89 -72.06
CA ARG WA 66 -129.73 21.40 -73.10
C ARG WA 66 -130.79 20.38 -73.38
N ILE WA 67 -131.90 20.82 -73.95
CA ILE WA 67 -133.01 19.94 -74.29
C ILE WA 67 -133.64 20.44 -75.59
N ARG WA 68 -134.04 19.51 -76.44
CA ARG WA 68 -134.62 19.81 -77.74
C ARG WA 68 -136.13 19.72 -77.61
N VAL WA 69 -136.82 20.82 -77.85
CA VAL WA 69 -138.27 20.87 -77.73
C VAL WA 69 -138.88 21.29 -79.05
N ARG WA 70 -140.00 20.68 -79.38
CA ARG WA 70 -140.79 21.03 -80.56
C ARG WA 70 -141.94 21.90 -80.10
N LEU WA 71 -142.00 23.12 -80.61
CA LEU WA 71 -142.89 24.13 -80.10
C LEU WA 71 -143.95 24.48 -81.14
N SER WA 72 -145.21 24.43 -80.73
CA SER WA 72 -146.32 24.47 -81.67
C SER WA 72 -147.41 25.39 -81.13
N ARG WA 73 -147.77 26.41 -81.91
CA ARG WA 73 -148.88 27.28 -81.56
C ARG WA 73 -150.15 26.79 -82.26
N LYS WA 74 -151.14 26.44 -81.47
CA LYS WA 74 -152.40 25.95 -82.00
C LYS WA 74 -153.53 26.80 -81.46
N ARG WA 75 -154.57 26.93 -82.27
CA ARG WA 75 -155.72 27.73 -81.90
C ARG WA 75 -156.38 27.16 -80.66
N ASN WA 76 -156.93 28.04 -79.83
CA ASN WA 76 -157.70 27.66 -78.65
C ASN WA 76 -159.19 27.64 -78.95
N GLU WA 77 -159.59 27.24 -80.16
CA GLU WA 77 -160.99 27.21 -80.56
C GLU WA 77 -161.67 25.92 -80.10
N ASP WA 78 -161.86 25.82 -78.79
CA ASP WA 78 -162.63 24.73 -78.21
C ASP WA 78 -163.64 25.15 -77.15
N GLU WA 79 -163.47 26.30 -76.50
CA GLU WA 79 -164.42 26.76 -75.50
C GLU WA 79 -164.29 28.27 -75.34
N ASP WA 80 -165.12 28.82 -74.48
CA ASP WA 80 -165.02 30.23 -74.09
C ASP WA 80 -163.67 30.44 -73.40
N SER WA 81 -162.77 31.17 -74.04
CA SER WA 81 -161.46 31.44 -73.50
C SER WA 81 -161.08 32.89 -73.72
N PRO WA 82 -160.29 33.50 -72.83
CA PRO WA 82 -159.82 34.86 -73.09
C PRO WA 82 -158.74 34.93 -74.15
N ASN WA 83 -157.96 33.86 -74.31
CA ASN WA 83 -156.92 33.78 -75.33
C ASN WA 83 -157.31 32.71 -76.33
N LYS WA 84 -157.43 33.10 -77.61
CA LYS WA 84 -157.79 32.16 -78.65
C LYS WA 84 -156.58 31.42 -79.21
N LEU WA 85 -155.40 31.65 -78.66
CA LEU WA 85 -154.18 31.01 -79.12
C LEU WA 85 -153.39 30.53 -77.91
N TYR WA 86 -152.76 29.36 -78.05
CA TYR WA 86 -151.94 28.81 -76.98
C TYR WA 86 -150.79 28.05 -77.59
N THR WA 87 -149.97 27.44 -76.73
CA THR WA 87 -148.82 26.67 -77.17
C THR WA 87 -148.78 25.33 -76.48
N LEU WA 88 -148.51 24.29 -77.26
CA LEU WA 88 -148.22 22.96 -76.74
C LEU WA 88 -146.79 22.61 -77.13
N VAL WA 89 -145.93 22.44 -76.13
CA VAL WA 89 -144.51 22.19 -76.35
C VAL WA 89 -144.17 20.80 -75.87
N THR WA 90 -143.66 19.98 -76.78
CA THR WA 90 -143.38 18.57 -76.53
C THR WA 90 -141.88 18.33 -76.48
N TYR WA 91 -141.52 17.05 -76.37
CA TYR WA 91 -140.13 16.65 -76.24
C TYR WA 91 -139.67 16.01 -77.55
N VAL WA 92 -138.51 16.41 -78.03
CA VAL WA 92 -137.85 15.77 -79.15
C VAL WA 92 -136.61 15.06 -78.64
N PRO WA 93 -136.62 13.73 -78.55
CA PRO WA 93 -135.41 13.01 -78.14
C PRO WA 93 -134.35 13.11 -79.23
N VAL WA 94 -133.13 13.42 -78.82
CA VAL WA 94 -132.01 13.52 -79.74
C VAL WA 94 -130.80 12.82 -79.16
N THR WA 95 -129.88 12.44 -80.04
CA THR WA 95 -128.66 11.77 -79.61
C THR WA 95 -127.50 12.76 -79.40
N THR WA 96 -127.50 13.86 -80.13
CA THR WA 96 -126.46 14.87 -79.99
C THR WA 96 -127.08 16.25 -80.09
N PHE WA 97 -126.39 17.23 -79.52
CA PHE WA 97 -126.84 18.62 -79.54
C PHE WA 97 -125.88 19.49 -80.32
N LYS WA 98 -125.13 18.91 -81.25
CA LYS WA 98 -124.12 19.63 -82.01
C LYS WA 98 -124.68 20.01 -83.37
N ASN WA 99 -124.63 21.30 -83.68
CA ASN WA 99 -125.05 21.80 -84.99
C ASN WA 99 -126.51 21.43 -85.27
N LEU WA 100 -127.41 22.01 -84.50
CA LEU WA 100 -128.83 22.02 -84.83
C LEU WA 100 -129.34 23.45 -84.74
N GLN WA 101 -130.06 23.88 -85.76
CA GLN WA 101 -130.67 25.19 -85.80
C GLN WA 101 -132.16 25.04 -85.52
N THR WA 102 -132.83 26.16 -85.31
CA THR WA 102 -134.28 26.14 -85.23
C THR WA 102 -134.85 25.95 -86.64
N VAL WA 103 -135.83 25.06 -86.78
CA VAL WA 103 -136.42 24.76 -88.07
C VAL WA 103 -137.94 24.83 -87.95
N ASN WA 104 -138.59 25.02 -89.10
CA ASN WA 104 -140.04 25.04 -89.19
C ASN WA 104 -140.48 23.69 -89.71
N VAL WA 105 -140.89 22.80 -88.80
CA VAL WA 105 -141.32 21.47 -89.18
C VAL WA 105 -142.70 21.53 -89.81
N ASP WA 106 -143.06 20.49 -90.54
CA ASP WA 106 -144.34 20.42 -91.24
C ASP WA 106 -145.44 20.03 -90.25
N GLU WA 107 -146.63 19.76 -90.77
CA GLU WA 107 -147.76 19.36 -89.94
C GLU WA 107 -147.58 17.93 -89.42
N ALA XA 1 -187.73 99.43 -33.41
CA ALA XA 1 -188.99 98.80 -33.78
C ALA XA 1 -189.56 97.99 -32.62
N ALA XA 2 -188.74 97.76 -31.60
CA ALA XA 2 -189.12 96.95 -30.46
C ALA XA 2 -189.58 97.84 -29.31
N LEU XA 3 -189.79 97.22 -28.14
CA LEU XA 3 -190.11 97.94 -26.92
C LEU XA 3 -188.81 98.28 -26.20
N ARG XA 4 -188.53 99.57 -26.07
CA ARG XA 4 -187.29 99.98 -25.43
C ARG XA 4 -187.43 99.94 -23.92
N PRO XA 5 -186.35 99.71 -23.19
CA PRO XA 5 -186.42 99.73 -21.73
C PRO XA 5 -186.47 101.15 -21.20
N LEU XA 6 -186.55 101.25 -19.86
CA LEU XA 6 -186.50 102.56 -19.22
C LEU XA 6 -185.19 103.26 -19.48
N VAL XA 7 -184.08 102.59 -19.20
CA VAL XA 7 -182.75 103.16 -19.37
C VAL XA 7 -181.85 102.11 -19.99
N LYS XA 8 -180.96 102.56 -20.87
CA LYS XA 8 -179.95 101.69 -21.47
C LYS XA 8 -178.58 102.24 -21.07
N PRO XA 9 -178.14 101.95 -19.86
CA PRO XA 9 -176.79 102.34 -19.46
C PRO XA 9 -175.76 101.49 -20.19
N LYS XA 10 -174.56 102.05 -20.31
CA LYS XA 10 -173.47 101.33 -20.97
C LYS XA 10 -173.15 100.09 -20.16
N ILE XA 11 -173.24 98.92 -20.79
CA ILE XA 11 -172.91 97.67 -20.12
C ILE XA 11 -171.41 97.45 -20.20
N VAL XA 12 -170.75 97.44 -19.05
CA VAL XA 12 -169.31 97.28 -18.98
C VAL XA 12 -169.03 95.94 -18.32
N LYS XA 13 -168.44 95.02 -19.07
CA LYS XA 13 -168.09 93.70 -18.57
C LYS XA 13 -166.60 93.67 -18.28
N LYS XA 14 -166.25 93.31 -17.04
CA LYS XA 14 -164.83 93.27 -16.67
C LYS XA 14 -164.08 92.18 -17.41
N ARG XA 15 -164.78 91.15 -17.90
CA ARG XA 15 -164.13 90.10 -18.66
C ARG XA 15 -165.18 89.44 -19.53
N THR XA 16 -164.81 89.12 -20.77
CA THR XA 16 -165.75 88.49 -21.68
C THR XA 16 -165.41 87.04 -21.99
N LYS XA 17 -164.14 86.69 -22.02
CA LYS XA 17 -163.75 85.30 -22.22
C LYS XA 17 -164.08 84.47 -20.98
N LYS XA 18 -164.43 83.22 -21.22
CA LYS XA 18 -164.78 82.31 -20.14
C LYS XA 18 -163.56 81.96 -19.30
N PHE XA 19 -163.81 81.46 -18.09
CA PHE XA 19 -162.76 80.95 -17.22
C PHE XA 19 -162.70 79.45 -17.44
N ILE XA 20 -161.67 78.99 -18.16
CA ILE XA 20 -161.58 77.56 -18.43
C ILE XA 20 -160.71 76.89 -17.38
N ARG XA 21 -161.02 75.62 -17.14
CA ARG XA 21 -160.29 74.84 -16.15
C ARG XA 21 -158.86 74.61 -16.61
N HIS XA 22 -157.95 74.56 -15.64
CA HIS XA 22 -156.56 74.27 -15.94
C HIS XA 22 -156.43 72.92 -16.61
N GLN XA 23 -155.64 72.86 -17.68
CA GLN XA 23 -155.42 71.66 -18.47
C GLN XA 23 -156.70 71.11 -19.08
N SER XA 24 -157.71 71.95 -19.30
CA SER XA 24 -158.94 71.49 -19.94
C SER XA 24 -158.74 71.29 -21.43
N ASP XA 25 -157.59 71.71 -21.96
CA ASP XA 25 -157.35 71.57 -23.39
C ASP XA 25 -156.59 70.29 -23.72
N ARG XA 26 -155.76 69.81 -22.80
CA ARG XA 26 -154.97 68.61 -23.09
C ARG XA 26 -155.83 67.36 -23.08
N TYR XA 27 -156.77 67.23 -22.15
CA TYR XA 27 -157.59 66.03 -22.05
C TYR XA 27 -159.05 66.38 -22.26
N VAL XA 28 -159.79 65.46 -22.87
CA VAL XA 28 -161.23 65.62 -23.02
C VAL XA 28 -161.99 65.00 -21.85
N LYS XA 29 -161.32 64.20 -21.03
CA LYS XA 29 -161.92 63.77 -19.77
C LYS XA 29 -162.13 64.93 -18.81
N ILE XA 30 -161.47 66.06 -19.04
CA ILE XA 30 -161.60 67.23 -18.20
C ILE XA 30 -162.53 68.22 -18.90
N LYS XA 31 -163.65 68.51 -18.27
CA LYS XA 31 -164.62 69.41 -18.86
C LYS XA 31 -164.13 70.85 -18.77
N ARG XA 32 -164.75 71.72 -19.57
CA ARG XA 32 -164.34 73.12 -19.60
C ARG XA 32 -164.81 73.85 -18.35
N ASN XA 33 -165.71 73.25 -17.57
CA ASN XA 33 -166.21 73.86 -16.35
C ASN XA 33 -165.06 74.20 -15.41
N TRP XA 34 -165.13 75.36 -14.78
CA TRP XA 34 -164.04 75.80 -13.93
C TRP XA 34 -163.97 75.01 -12.63
N ARG XA 35 -162.75 74.76 -12.17
CA ARG XA 35 -162.49 74.11 -10.89
C ARG XA 35 -161.26 74.75 -10.26
N LYS XA 36 -161.37 75.11 -9.00
CA LYS XA 36 -160.24 75.74 -8.31
C LYS XA 36 -159.14 74.71 -8.13
N PRO XA 37 -157.94 74.95 -8.65
CA PRO XA 37 -156.88 73.94 -8.59
C PRO XA 37 -156.16 73.99 -7.25
N ARG XA 38 -156.13 72.87 -6.55
CA ARG XA 38 -155.46 72.77 -5.26
C ARG XA 38 -154.34 71.76 -5.41
N GLY XA 39 -153.19 72.24 -5.86
CA GLY XA 39 -152.03 71.40 -6.02
C GLY XA 39 -150.81 72.02 -5.36
N ILE XA 40 -150.04 71.18 -4.68
CA ILE XA 40 -148.88 71.68 -3.95
C ILE XA 40 -147.86 72.29 -4.91
N ASP XA 41 -147.81 71.80 -6.15
CA ASP XA 41 -146.90 72.30 -7.16
C ASP XA 41 -147.60 73.12 -8.23
N ASN XA 42 -148.92 73.31 -8.11
CA ASN XA 42 -149.73 73.83 -9.19
C ASN XA 42 -149.33 75.26 -9.53
N ARG XA 43 -149.02 75.51 -10.81
CA ARG XA 43 -148.51 76.83 -11.16
C ARG XA 43 -149.63 77.82 -11.44
N VAL XA 44 -150.81 77.33 -11.82
CA VAL XA 44 -151.90 78.28 -12.06
C VAL XA 44 -152.56 78.68 -10.75
N ARG XA 45 -152.56 77.81 -9.75
CA ARG XA 45 -153.04 78.20 -8.42
C ARG XA 45 -152.13 79.25 -7.81
N ARG XA 46 -150.82 79.05 -7.92
CA ARG XA 46 -149.87 80.01 -7.37
C ARG XA 46 -149.88 81.34 -8.12
N ARG XA 47 -150.65 81.43 -9.20
CA ARG XA 47 -150.83 82.69 -9.94
C ARG XA 47 -149.52 83.20 -10.52
N PHE XA 48 -148.87 82.35 -11.32
CA PHE XA 48 -147.72 82.77 -12.10
C PHE XA 48 -148.16 83.65 -13.27
N LYS XA 49 -147.19 84.30 -13.89
CA LYS XA 49 -147.48 85.11 -15.06
C LYS XA 49 -147.64 84.22 -16.29
N GLY XA 50 -148.52 84.65 -17.18
CA GLY XA 50 -148.72 83.96 -18.44
C GLY XA 50 -149.43 82.62 -18.34
N GLN XA 51 -150.21 82.43 -17.27
CA GLN XA 51 -150.93 81.20 -17.06
C GLN XA 51 -152.43 81.44 -17.21
N ILE XA 52 -153.22 80.40 -16.93
CA ILE XA 52 -154.67 80.53 -16.93
C ILE XA 52 -155.07 81.48 -15.81
N LEU XA 53 -155.98 82.39 -16.11
CA LEU XA 53 -156.46 83.29 -15.06
C LEU XA 53 -157.44 82.58 -14.15
N MET XA 54 -157.46 82.98 -12.89
CA MET XA 54 -158.28 82.34 -11.87
C MET XA 54 -159.43 83.28 -11.49
N PRO XA 55 -160.68 82.85 -11.57
CA PRO XA 55 -161.80 83.73 -11.24
C PRO XA 55 -161.77 84.11 -9.77
N ASN XA 56 -162.23 85.32 -9.48
CA ASN XA 56 -162.34 85.82 -8.12
C ASN XA 56 -163.40 86.91 -8.10
N ILE XA 57 -163.65 87.44 -6.90
CA ILE XA 57 -164.72 88.42 -6.75
C ILE XA 57 -164.41 89.75 -7.44
N GLY XA 58 -163.16 89.97 -7.84
CA GLY XA 58 -162.80 91.22 -8.49
C GLY XA 58 -163.52 91.43 -9.80
N TYR XA 59 -163.80 90.34 -10.52
CA TYR XA 59 -164.45 90.42 -11.83
C TYR XA 59 -165.96 90.67 -11.72
N GLY XA 60 -166.46 90.94 -10.52
CA GLY XA 60 -167.88 91.16 -10.33
C GLY XA 60 -168.43 92.32 -11.14
N SER XA 61 -169.53 92.10 -11.85
CA SER XA 61 -170.09 93.15 -12.68
C SER XA 61 -170.75 94.23 -11.83
N ASN XA 62 -171.00 95.37 -12.46
CA ASN XA 62 -171.60 96.50 -11.79
C ASN XA 62 -173.02 96.16 -11.33
N LYS XA 63 -173.46 96.82 -10.25
CA LYS XA 63 -174.77 96.52 -9.68
C LYS XA 63 -175.88 96.71 -10.70
N LYS XA 64 -175.92 97.87 -11.34
CA LYS XA 64 -177.05 98.22 -12.21
C LYS XA 64 -177.06 97.42 -13.49
N THR XA 65 -175.91 96.97 -13.98
CA THR XA 65 -175.83 96.22 -15.22
C THR XA 65 -175.73 94.72 -15.03
N LYS XA 66 -175.73 94.24 -13.79
CA LYS XA 66 -175.71 92.80 -13.56
C LYS XA 66 -177.02 92.19 -14.03
N HIS XA 67 -176.91 91.02 -14.66
CA HIS XA 67 -178.08 90.29 -15.17
C HIS XA 67 -178.84 91.11 -16.19
N MET XA 68 -178.12 91.94 -16.95
CA MET XA 68 -178.72 92.82 -17.94
C MET XA 68 -178.42 92.29 -19.33
N LEU XA 69 -179.48 91.99 -20.08
CA LEU XA 69 -179.36 91.50 -21.44
C LEU XA 69 -178.80 92.62 -22.32
N PRO XA 70 -178.24 92.28 -23.50
CA PRO XA 70 -177.57 93.31 -24.30
C PRO XA 70 -178.48 94.46 -24.72
N SER XA 71 -179.78 94.38 -24.46
CA SER XA 71 -180.68 95.51 -24.68
C SER XA 71 -181.42 95.78 -23.38
N GLY XA 72 -180.76 96.48 -22.47
CA GLY XA 72 -181.39 97.16 -21.35
C GLY XA 72 -182.45 96.43 -20.55
N PHE XA 73 -182.50 95.10 -20.64
CA PHE XA 73 -183.59 94.37 -20.01
C PHE XA 73 -183.01 93.33 -19.06
N ARG XA 74 -183.90 92.68 -18.32
CA ARG XA 74 -183.55 91.60 -17.42
C ARG XA 74 -184.43 90.40 -17.71
N LYS XA 75 -183.93 89.22 -17.41
CA LYS XA 75 -184.58 87.98 -17.81
C LYS XA 75 -185.72 87.63 -16.86
N PHE XA 76 -186.75 86.97 -17.40
CA PHE XA 76 -187.74 86.30 -16.57
C PHE XA 76 -188.34 85.16 -17.37
N LEU XA 77 -188.47 84.00 -16.72
CA LEU XA 77 -188.89 82.78 -17.39
C LEU XA 77 -190.35 82.48 -17.06
N VAL XA 78 -191.19 82.42 -18.09
CA VAL XA 78 -192.62 82.19 -17.90
C VAL XA 78 -192.98 80.85 -18.49
N HIS XA 79 -194.07 80.28 -17.99
CA HIS XA 79 -194.56 78.98 -18.44
C HIS XA 79 -195.97 79.05 -18.99
N ASN XA 80 -196.83 79.90 -18.42
CA ASN XA 80 -198.19 80.07 -18.90
C ASN XA 80 -198.55 81.54 -18.84
N VAL XA 81 -199.77 81.85 -19.28
CA VAL XA 81 -200.19 83.25 -19.37
C VAL XA 81 -200.26 83.89 -17.99
N LYS XA 82 -200.60 83.11 -16.97
CA LYS XA 82 -200.65 83.66 -15.61
C LYS XA 82 -199.29 84.23 -15.21
N GLU XA 83 -198.22 83.49 -15.46
CA GLU XA 83 -196.89 83.97 -15.12
C GLU XA 83 -196.51 85.23 -15.88
N LEU XA 84 -197.01 85.39 -17.10
CA LEU XA 84 -196.76 86.61 -17.86
C LEU XA 84 -197.44 87.80 -17.20
N GLU XA 85 -198.64 87.58 -16.66
CA GLU XA 85 -199.43 88.64 -16.05
C GLU XA 85 -198.69 89.30 -14.90
N VAL XA 86 -197.99 88.53 -14.06
CA VAL XA 86 -197.36 89.09 -12.87
C VAL XA 86 -196.32 90.14 -13.25
N LEU XA 87 -195.86 90.11 -14.50
CA LEU XA 87 -194.84 91.03 -14.97
C LEU XA 87 -195.46 92.23 -15.70
N LEU XA 88 -196.78 92.39 -15.60
CA LEU XA 88 -197.49 93.44 -16.30
C LEU XA 88 -197.04 94.84 -15.92
N MET XA 89 -196.49 95.03 -14.72
CA MET XA 89 -196.12 96.38 -14.32
C MET XA 89 -194.64 96.54 -13.96
N CYS XA 90 -193.78 95.63 -14.40
CA CYS XA 90 -192.38 95.97 -14.55
C CYS XA 90 -192.15 96.51 -15.95
N ASN XA 91 -192.35 95.69 -16.98
CA ASN XA 91 -192.77 96.14 -18.31
C ASN XA 91 -191.75 97.04 -18.98
N LYS XA 92 -190.72 97.45 -18.25
CA LYS XA 92 -189.71 98.36 -18.76
C LYS XA 92 -188.30 97.98 -18.37
N SER XA 93 -188.14 97.08 -17.40
CA SER XA 93 -186.83 96.59 -17.02
C SER XA 93 -186.71 95.08 -17.13
N TYR XA 94 -187.81 94.35 -17.15
CA TYR XA 94 -187.79 92.90 -17.22
C TYR XA 94 -188.56 92.44 -18.45
N CYS XA 95 -187.93 91.54 -19.22
CA CYS XA 95 -188.54 90.95 -20.40
C CYS XA 95 -188.72 89.46 -20.17
N ALA XA 96 -189.91 88.96 -20.47
CA ALA XA 96 -190.22 87.55 -20.26
C ALA XA 96 -189.82 86.74 -21.48
N GLU XA 97 -189.23 85.58 -21.23
CA GLU XA 97 -189.04 84.64 -22.31
C GLU XA 97 -189.61 83.30 -21.90
N ILE XA 98 -190.22 82.63 -22.84
CA ILE XA 98 -191.06 81.47 -22.60
C ILE XA 98 -190.21 80.21 -22.58
N ALA XA 99 -190.58 79.26 -21.72
CA ALA XA 99 -189.78 78.07 -21.48
C ALA XA 99 -189.73 77.16 -22.71
N HIS XA 100 -188.75 76.26 -22.72
CA HIS XA 100 -188.61 75.35 -23.86
C HIS XA 100 -189.62 74.20 -23.80
N ASN XA 101 -190.01 73.78 -22.60
CA ASN XA 101 -190.96 72.68 -22.49
C ASN XA 101 -192.36 73.04 -22.96
N VAL XA 102 -192.65 74.33 -23.15
CA VAL XA 102 -194.01 74.73 -23.48
C VAL XA 102 -194.33 74.29 -24.91
N SER XA 103 -195.61 74.05 -25.17
CA SER XA 103 -196.01 73.56 -26.49
C SER XA 103 -196.03 74.68 -27.50
N SER XA 104 -196.16 74.29 -28.77
CA SER XA 104 -196.21 75.27 -29.85
C SER XA 104 -197.46 76.14 -29.75
N LYS XA 105 -198.61 75.51 -29.47
CA LYS XA 105 -199.87 76.25 -29.46
C LYS XA 105 -199.99 77.11 -28.22
N ASN XA 106 -199.41 76.67 -27.11
CA ASN XA 106 -199.56 77.43 -25.87
C ASN XA 106 -198.73 78.70 -25.89
N ARG XA 107 -197.48 78.62 -26.35
CA ARG XA 107 -196.68 79.83 -26.43
C ARG XA 107 -197.21 80.76 -27.51
N LYS XA 108 -197.96 80.22 -28.46
CA LYS XA 108 -198.59 81.07 -29.48
C LYS XA 108 -199.56 82.04 -28.84
N ALA XA 109 -200.34 81.57 -27.86
CA ALA XA 109 -201.21 82.48 -27.12
C ALA XA 109 -200.41 83.44 -26.26
N ILE XA 110 -199.33 82.97 -25.65
CA ILE XA 110 -198.57 83.80 -24.72
C ILE XA 110 -197.94 84.97 -25.46
N VAL XA 111 -197.38 84.74 -26.65
CA VAL XA 111 -196.67 85.80 -27.37
C VAL XA 111 -197.62 86.94 -27.73
N GLU XA 112 -198.88 86.60 -28.03
CA GLU XA 112 -199.81 87.66 -28.39
C GLU XA 112 -200.36 88.38 -27.17
N ARG XA 113 -200.51 87.67 -26.05
CA ARG XA 113 -200.92 88.35 -24.82
C ARG XA 113 -199.85 89.32 -24.36
N ALA XA 114 -198.58 88.94 -24.50
CA ALA XA 114 -197.50 89.85 -24.17
C ALA XA 114 -197.54 91.08 -25.07
N ALA XA 115 -197.81 90.88 -26.35
CA ALA XA 115 -197.80 91.99 -27.29
C ALA XA 115 -198.80 93.06 -26.90
N GLN XA 116 -200.01 92.64 -26.50
CA GLN XA 116 -201.00 93.61 -26.07
C GLN XA 116 -200.67 94.15 -24.68
N LEU XA 117 -199.84 93.44 -23.94
CA LEU XA 117 -199.39 93.94 -22.64
C LEU XA 117 -198.10 94.75 -22.73
N ALA XA 118 -197.57 94.95 -23.94
CA ALA XA 118 -196.36 95.73 -24.16
C ALA XA 118 -195.18 95.18 -23.35
N ILE XA 119 -194.95 93.88 -23.47
CA ILE XA 119 -193.87 93.20 -22.78
C ILE XA 119 -192.94 92.60 -23.81
N ARG XA 120 -191.64 92.85 -23.66
CA ARG XA 120 -190.66 92.28 -24.57
C ARG XA 120 -190.54 90.78 -24.34
N VAL XA 121 -190.59 90.02 -25.42
CA VAL XA 121 -190.34 88.58 -25.39
C VAL XA 121 -189.08 88.31 -26.20
N THR XA 122 -188.11 87.65 -25.58
CA THR XA 122 -186.82 87.46 -26.23
C THR XA 122 -186.92 86.48 -27.39
N ASN XA 123 -187.80 85.49 -27.29
CA ASN XA 123 -187.97 84.47 -28.33
C ASN XA 123 -189.43 84.41 -28.74
N PRO XA 124 -189.92 85.42 -29.44
CA PRO XA 124 -191.32 85.37 -29.89
C PRO XA 124 -191.57 84.34 -30.96
N ASN XA 125 -190.57 83.99 -31.76
CA ASN XA 125 -190.71 83.00 -32.83
C ASN XA 125 -189.89 81.77 -32.42
N ALA XA 126 -190.51 80.86 -31.69
CA ALA XA 126 -189.79 79.72 -31.14
C ALA XA 126 -190.34 78.37 -31.56
N ARG XA 127 -191.46 78.32 -32.28
CA ARG XA 127 -191.95 77.05 -32.82
C ARG XA 127 -192.45 77.23 -34.24
N LEU XA 128 -191.82 78.12 -35.00
CA LEU XA 128 -192.23 78.40 -36.37
C LEU XA 128 -191.10 79.10 -37.13
N SER YA 1 -153.27 115.60 -54.22
CA SER YA 1 -152.12 116.36 -54.70
C SER YA 1 -151.22 116.77 -53.56
N GLY YA 2 -151.11 115.91 -52.55
CA GLY YA 2 -150.28 116.21 -51.40
C GLY YA 2 -150.30 115.13 -50.34
N ARG YA 3 -149.13 114.87 -49.74
CA ARG YA 3 -149.04 113.84 -48.72
C ARG YA 3 -149.88 114.19 -47.49
N LEU YA 4 -149.77 115.44 -47.03
CA LEU YA 4 -150.68 116.04 -46.06
C LEU YA 4 -150.65 115.41 -44.68
N TRP YA 5 -149.86 114.36 -44.46
CA TRP YA 5 -149.71 113.79 -43.13
C TRP YA 5 -148.26 113.39 -42.91
N SER YA 6 -147.84 113.43 -41.66
CA SER YA 6 -146.50 112.97 -41.31
C SER YA 6 -146.43 111.46 -41.39
N LYS YA 7 -145.31 110.96 -41.88
CA LYS YA 7 -145.10 109.52 -41.98
C LYS YA 7 -144.31 109.03 -40.79
N ALA YA 8 -144.83 108.00 -40.13
CA ALA YA 8 -144.21 107.44 -38.93
C ALA YA 8 -144.22 105.93 -39.05
N ILE YA 9 -143.51 105.28 -38.13
CA ILE YA 9 -143.36 103.83 -38.14
C ILE YA 9 -143.84 103.28 -36.82
N PHE YA 10 -144.63 102.21 -36.88
CA PHE YA 10 -145.00 101.48 -35.68
C PHE YA 10 -143.78 100.74 -35.15
N ALA YA 11 -143.32 101.12 -33.97
CA ALA YA 11 -142.12 100.53 -33.41
C ALA YA 11 -142.40 99.38 -32.45
N GLY YA 12 -143.56 99.38 -31.81
CA GLY YA 12 -143.90 98.34 -30.86
C GLY YA 12 -144.70 98.90 -29.71
N TYR YA 13 -145.37 98.05 -28.96
CA TYR YA 13 -146.13 98.51 -27.82
C TYR YA 13 -145.20 98.90 -26.68
N LYS YA 14 -145.70 99.73 -25.77
CA LYS YA 14 -144.95 100.03 -24.57
C LYS YA 14 -144.75 98.75 -23.79
N ARG YA 15 -143.58 98.62 -23.16
CA ARG YA 15 -143.24 97.35 -22.54
C ARG YA 15 -142.14 97.56 -21.52
N GLY YA 16 -141.96 96.56 -20.68
CA GLY YA 16 -140.73 96.42 -19.94
C GLY YA 16 -139.86 95.47 -20.73
N LEU YA 17 -139.06 94.67 -20.05
CA LEU YA 17 -138.32 93.62 -20.74
C LEU YA 17 -139.14 92.36 -20.90
N ARG YA 18 -140.08 92.10 -20.00
CA ARG YA 18 -140.86 90.88 -20.04
C ARG YA 18 -142.36 91.12 -19.92
N ASN YA 19 -142.80 92.37 -19.87
CA ASN YA 19 -144.21 92.70 -19.79
C ASN YA 19 -144.52 93.79 -20.81
N GLN YA 20 -145.45 93.52 -21.71
CA GLN YA 20 -145.80 94.50 -22.72
C GLN YA 20 -147.26 94.86 -22.59
N ARG YA 21 -147.53 96.16 -22.71
CA ARG YA 21 -148.85 96.75 -22.56
C ARG YA 21 -149.32 97.18 -23.94
N GLU YA 22 -150.20 96.40 -24.54
CA GLU YA 22 -150.62 96.64 -25.91
C GLU YA 22 -151.51 97.87 -26.07
N HIS YA 23 -151.99 98.46 -24.98
CA HIS YA 23 -152.95 99.53 -25.13
C HIS YA 23 -152.32 100.87 -25.47
N THR YA 24 -150.99 100.97 -25.52
CA THR YA 24 -150.30 102.11 -26.08
C THR YA 24 -149.25 101.63 -27.06
N ALA YA 25 -149.01 102.44 -28.09
CA ALA YA 25 -148.03 102.09 -29.11
C ALA YA 25 -146.98 103.19 -29.19
N LEU YA 26 -145.77 102.80 -29.58
CA LEU YA 26 -144.64 103.70 -29.70
C LEU YA 26 -144.39 103.96 -31.18
N LEU YA 27 -144.45 105.22 -31.60
CA LEU YA 27 -144.32 105.59 -33.00
C LEU YA 27 -143.07 106.43 -33.18
N LYS YA 28 -142.25 106.06 -34.17
CA LYS YA 28 -141.11 106.86 -34.56
C LYS YA 28 -141.45 107.68 -35.80
N ILE YA 29 -141.54 108.99 -35.64
CA ILE YA 29 -141.83 109.89 -36.76
C ILE YA 29 -140.52 110.27 -37.42
N GLU YA 30 -140.47 110.15 -38.74
CA GLU YA 30 -139.27 110.54 -39.47
C GLU YA 30 -139.06 112.05 -39.35
N GLY YA 31 -137.85 112.44 -38.96
CA GLY YA 31 -137.48 113.84 -38.87
C GLY YA 31 -137.42 114.37 -37.45
N VAL YA 32 -137.97 113.66 -36.48
CA VAL YA 32 -137.90 114.06 -35.07
C VAL YA 32 -137.05 113.04 -34.33
N TYR YA 33 -135.92 113.50 -33.80
CA TYR YA 33 -134.95 112.65 -33.12
C TYR YA 33 -134.53 113.25 -31.79
N ALA YA 34 -135.46 113.89 -31.09
CA ALA YA 34 -135.21 114.48 -29.79
C ALA YA 34 -136.54 114.68 -29.08
N ARG YA 35 -136.48 114.86 -27.77
CA ARG YA 35 -137.71 115.08 -27.01
C ARG YA 35 -138.35 116.42 -27.36
N ASP YA 36 -137.53 117.48 -27.44
CA ASP YA 36 -138.09 118.82 -27.59
C ASP YA 36 -138.77 119.01 -28.95
N GLU YA 37 -138.37 118.23 -29.97
CA GLU YA 37 -139.04 118.32 -31.25
C GLU YA 37 -140.46 117.76 -31.22
N THR YA 38 -140.74 116.83 -30.31
CA THR YA 38 -142.03 116.16 -30.27
C THR YA 38 -143.17 117.05 -29.82
N GLU YA 39 -142.90 118.25 -29.31
CA GLU YA 39 -143.98 119.09 -28.79
C GLU YA 39 -145.01 119.39 -29.86
N PHE YA 40 -144.60 119.42 -31.14
CA PHE YA 40 -145.53 119.72 -32.22
C PHE YA 40 -146.58 118.63 -32.34
N TYR YA 41 -146.19 117.38 -32.20
CA TYR YA 41 -147.06 116.24 -32.50
C TYR YA 41 -147.83 115.72 -31.29
N LEU YA 42 -147.76 116.40 -30.15
CA LEU YA 42 -148.20 115.78 -28.90
C LEU YA 42 -149.71 115.60 -28.81
N GLY YA 43 -150.48 116.15 -29.74
CA GLY YA 43 -151.91 115.99 -29.64
C GLY YA 43 -152.54 115.51 -30.93
N LYS YA 44 -151.75 115.44 -32.00
CA LYS YA 44 -152.27 115.16 -33.32
C LYS YA 44 -152.89 113.77 -33.38
N ARG YA 45 -153.64 113.53 -34.44
CA ARG YA 45 -154.33 112.28 -34.66
C ARG YA 45 -153.52 111.38 -35.58
N CYS YA 46 -153.28 110.16 -35.13
CA CYS YA 46 -152.51 109.17 -35.89
C CYS YA 46 -153.45 108.10 -36.39
N ALA YA 47 -153.27 107.69 -37.64
CA ALA YA 47 -154.13 106.70 -38.28
C ALA YA 47 -153.28 105.55 -38.82
N TYR YA 48 -153.75 104.33 -38.60
CA TYR YA 48 -153.12 103.15 -39.19
C TYR YA 48 -154.03 102.64 -40.31
N VAL YA 49 -153.53 102.69 -41.53
CA VAL YA 49 -154.32 102.40 -42.72
C VAL YA 49 -153.86 101.08 -43.31
N TYR YA 50 -154.82 100.18 -43.53
CA TYR YA 50 -154.53 98.88 -44.11
C TYR YA 50 -155.70 98.48 -45.00
N LYS YA 51 -155.52 97.37 -45.72
CA LYS YA 51 -156.53 96.84 -46.61
C LYS YA 51 -156.94 95.45 -46.16
N ALA YA 52 -158.10 95.00 -46.62
CA ALA YA 52 -158.59 93.66 -46.30
C ALA YA 52 -159.24 93.09 -47.55
N LYS YA 53 -159.84 91.91 -47.40
CA LYS YA 53 -160.55 91.29 -48.52
C LYS YA 53 -161.91 91.95 -48.74
N ASN YA 54 -162.75 91.91 -47.72
CA ASN YA 54 -164.11 92.44 -47.85
C ASN YA 54 -164.10 93.96 -47.96
N ASN YA 55 -165.04 94.49 -48.73
CA ASN YA 55 -165.16 95.93 -48.87
C ASN YA 55 -165.84 96.53 -47.65
N THR YA 56 -165.36 97.70 -47.24
CA THR YA 56 -165.89 98.42 -46.09
C THR YA 56 -166.29 99.82 -46.52
N VAL YA 57 -167.44 100.28 -46.02
CA VAL YA 57 -167.97 101.58 -46.42
C VAL YA 57 -166.96 102.68 -46.11
N THR YA 58 -166.77 103.57 -47.09
CA THR YA 58 -165.85 104.68 -46.97
C THR YA 58 -166.65 105.97 -46.88
N PRO YA 59 -166.54 106.72 -45.79
CA PRO YA 59 -167.24 108.01 -45.71
C PRO YA 59 -166.77 108.94 -46.81
N GLY YA 60 -167.73 109.65 -47.40
CA GLY YA 60 -167.42 110.51 -48.53
C GLY YA 60 -166.90 109.77 -49.74
N GLY YA 61 -167.30 108.52 -49.94
CA GLY YA 61 -166.82 107.77 -51.09
C GLY YA 61 -167.56 106.46 -51.23
N LYS YA 62 -167.11 105.67 -52.19
CA LYS YA 62 -167.65 104.34 -52.46
C LYS YA 62 -167.00 103.31 -51.55
N PRO YA 63 -167.63 102.15 -51.37
CA PRO YA 63 -166.98 101.08 -50.60
C PRO YA 63 -165.67 100.65 -51.25
N ASN YA 64 -164.70 100.30 -50.41
CA ASN YA 64 -163.39 99.91 -50.89
C ASN YA 64 -162.78 98.95 -49.88
N LYS YA 65 -161.56 98.49 -50.18
CA LYS YA 65 -160.92 97.50 -49.34
C LYS YA 65 -160.11 98.11 -48.20
N THR YA 66 -160.02 99.43 -48.11
CA THR YA 66 -159.21 100.05 -47.08
C THR YA 66 -159.98 100.19 -45.79
N ARG YA 67 -159.33 99.87 -44.68
CA ARG YA 67 -159.86 100.10 -43.33
C ARG YA 67 -158.79 100.82 -42.52
N VAL YA 68 -159.22 101.59 -41.53
CA VAL YA 68 -158.33 102.40 -40.73
C VAL YA 68 -158.68 102.25 -39.26
N ILE YA 69 -157.66 102.07 -38.43
CA ILE YA 69 -157.79 102.11 -36.97
C ILE YA 69 -157.26 103.45 -36.51
N TRP YA 70 -158.12 104.24 -35.88
CA TRP YA 70 -157.78 105.61 -35.53
C TRP YA 70 -157.10 105.65 -34.18
N GLY YA 71 -156.50 106.80 -33.87
CA GLY YA 71 -155.85 107.01 -32.60
C GLY YA 71 -155.26 108.40 -32.56
N LYS YA 72 -154.64 108.72 -31.42
CA LYS YA 72 -154.05 110.04 -31.27
C LYS YA 72 -152.81 109.92 -30.40
N VAL YA 73 -151.88 110.83 -30.64
CA VAL YA 73 -150.58 110.83 -29.98
C VAL YA 73 -150.72 111.43 -28.59
N THR YA 74 -150.14 110.76 -27.60
CA THR YA 74 -150.36 111.14 -26.20
C THR YA 74 -149.23 111.99 -25.63
N ARG YA 75 -148.02 111.44 -25.56
CA ARG YA 75 -146.90 112.11 -24.92
C ARG YA 75 -145.61 111.49 -25.44
N ALA YA 76 -144.52 112.24 -25.35
CA ALA YA 76 -143.22 111.78 -25.84
C ALA YA 76 -142.72 110.60 -25.03
N HIS YA 77 -141.94 109.73 -25.68
CA HIS YA 77 -141.39 108.54 -25.03
C HIS YA 77 -139.88 108.49 -25.28
N GLY YA 78 -139.14 109.28 -24.52
CA GLY YA 78 -137.76 109.03 -24.18
C GLY YA 78 -136.71 109.66 -25.08
N ASN YA 79 -136.29 110.88 -24.77
CA ASN YA 79 -134.99 111.42 -25.10
C ASN YA 79 -134.68 111.51 -26.59
N SER YA 80 -135.50 110.90 -27.46
CA SER YA 80 -135.26 110.98 -28.88
C SER YA 80 -136.55 110.64 -29.62
N GLY YA 81 -137.29 111.67 -30.03
CA GLY YA 81 -138.55 111.49 -30.71
C GLY YA 81 -139.35 110.32 -30.18
N MET YA 82 -139.73 109.42 -31.09
CA MET YA 82 -140.31 108.13 -30.76
C MET YA 82 -141.42 108.28 -29.72
N VAL YA 83 -142.41 109.09 -30.09
CA VAL YA 83 -143.52 109.40 -29.20
C VAL YA 83 -144.42 108.18 -29.04
N ARG YA 84 -145.20 108.13 -27.97
CA ARG YA 84 -146.12 107.03 -27.74
C ARG YA 84 -147.56 107.48 -27.94
N ALA YA 85 -148.37 106.60 -28.52
CA ALA YA 85 -149.72 106.95 -28.93
C ALA YA 85 -150.70 105.87 -28.51
N LYS YA 86 -151.97 106.24 -28.43
CA LYS YA 86 -153.06 105.34 -28.09
C LYS YA 86 -154.06 105.30 -29.23
N PHE YA 87 -154.64 104.12 -29.43
CA PHE YA 87 -155.59 103.88 -30.51
C PHE YA 87 -156.90 103.35 -29.92
N ARG YA 88 -157.98 103.51 -30.70
CA ARG YA 88 -159.28 103.08 -30.22
C ARG YA 88 -159.30 101.57 -29.96
N SER YA 89 -158.75 100.79 -30.89
CA SER YA 89 -158.53 99.38 -30.69
C SER YA 89 -157.04 99.11 -30.84
N ASN YA 90 -156.49 98.38 -29.88
CA ASN YA 90 -155.05 98.18 -29.84
C ASN YA 90 -154.55 97.55 -31.13
N LEU YA 91 -153.44 98.10 -31.64
CA LEU YA 91 -153.00 97.75 -32.98
C LEU YA 91 -152.62 96.28 -33.07
N PRO YA 92 -152.85 95.66 -34.21
CA PRO YA 92 -152.36 94.29 -34.42
C PRO YA 92 -150.85 94.25 -34.46
N ALA YA 93 -150.29 93.15 -33.98
CA ALA YA 93 -148.85 92.98 -33.96
C ALA YA 93 -148.24 92.82 -35.33
N LYS YA 94 -149.05 92.56 -36.36
CA LYS YA 94 -148.52 92.46 -37.71
C LYS YA 94 -148.13 93.81 -38.28
N ALA YA 95 -148.49 94.90 -37.61
CA ALA YA 95 -148.22 96.25 -38.11
C ALA YA 95 -146.87 96.77 -37.66
N ILE YA 96 -146.09 95.97 -36.93
CA ILE YA 96 -144.80 96.42 -36.46
C ILE YA 96 -143.88 96.62 -37.65
N GLY YA 97 -143.19 97.75 -37.68
CA GLY YA 97 -142.37 98.10 -38.82
C GLY YA 97 -143.19 98.41 -40.07
N HIS YA 98 -144.34 99.05 -39.89
CA HIS YA 98 -145.17 99.47 -41.02
C HIS YA 98 -145.52 100.93 -40.83
N ARG YA 99 -146.28 101.46 -41.78
CA ARG YA 99 -146.54 102.89 -41.81
C ARG YA 99 -147.73 103.26 -40.94
N ILE YA 100 -147.57 104.32 -40.15
CA ILE YA 100 -148.67 105.00 -39.49
C ILE YA 100 -148.58 106.47 -39.85
N ARG YA 101 -149.69 107.04 -40.31
CA ARG YA 101 -149.76 108.46 -40.62
C ARG YA 101 -150.02 109.23 -39.34
N VAL YA 102 -149.46 110.44 -39.28
CA VAL YA 102 -149.82 111.41 -38.26
C VAL YA 102 -150.48 112.56 -39.00
N MET YA 103 -151.76 112.81 -38.70
CA MET YA 103 -152.63 113.39 -39.71
C MET YA 103 -152.75 114.91 -39.64
N LEU YA 104 -151.94 115.59 -38.82
CA LEU YA 104 -151.95 117.06 -38.75
C LEU YA 104 -153.29 117.58 -38.26
N TYR YA 105 -154.11 116.71 -37.71
CA TYR YA 105 -155.38 117.07 -37.11
C TYR YA 105 -155.10 117.72 -35.76
N PRO YA 106 -156.12 118.01 -34.94
CA PRO YA 106 -156.26 119.35 -34.37
C PRO YA 106 -154.95 120.05 -34.05
N SER YA 107 -154.75 121.20 -34.69
CA SER YA 107 -153.48 121.91 -34.67
C SER YA 107 -153.54 123.03 -33.64
N ARG YA 108 -152.53 123.09 -32.78
CA ARG YA 108 -152.39 124.24 -31.90
C ARG YA 108 -151.73 125.42 -32.60
N ILE YA 109 -151.27 125.23 -33.83
CA ILE YA 109 -150.83 126.34 -34.66
C ILE YA 109 -152.03 126.88 -35.43
N VAL ZA 1 -142.70 -10.44 -47.55
CA VAL ZA 1 -143.01 -10.67 -46.15
C VAL ZA 1 -144.31 -9.97 -45.76
N GLN ZA 2 -144.99 -10.53 -44.76
CA GLN ZA 2 -146.24 -9.98 -44.25
C GLN ZA 2 -146.15 -9.96 -42.73
N ARG ZA 3 -146.56 -8.84 -42.14
CA ARG ZA 3 -146.40 -8.62 -40.71
C ARG ZA 3 -147.71 -8.86 -39.98
N LEU ZA 4 -147.60 -9.21 -38.71
CA LEU ZA 4 -148.73 -9.72 -37.94
C LEU ZA 4 -149.36 -8.65 -37.06
N THR ZA 5 -150.55 -8.96 -36.56
CA THR ZA 5 -151.23 -8.20 -35.54
C THR ZA 5 -151.85 -9.17 -34.55
N TYR ZA 6 -152.09 -8.70 -33.33
CA TYR ZA 6 -152.79 -9.54 -32.36
C TYR ZA 6 -154.25 -9.73 -32.79
N ARG ZA 7 -154.87 -10.75 -32.25
CA ARG ZA 7 -156.25 -11.07 -32.60
C ARG ZA 7 -157.24 -10.74 -31.50
N ARG ZA 8 -156.76 -10.38 -30.31
CA ARG ZA 8 -157.60 -10.03 -29.18
C ARG ZA 8 -157.09 -8.73 -28.57
N ARG ZA 9 -157.89 -8.15 -27.68
CA ARG ZA 9 -157.57 -6.83 -27.15
C ARG ZA 9 -156.41 -6.83 -26.18
N LEU ZA 10 -155.91 -7.99 -25.76
CA LEU ZA 10 -154.76 -8.04 -24.86
C LEU ZA 10 -153.49 -7.91 -25.71
N SER ZA 11 -152.85 -6.75 -25.62
CA SER ZA 11 -151.72 -6.43 -26.49
C SER ZA 11 -150.37 -6.61 -25.81
N TYR ZA 12 -150.32 -7.14 -24.60
CA TYR ZA 12 -149.06 -7.31 -23.88
C TYR ZA 12 -148.64 -8.77 -23.91
N ASN ZA 13 -147.33 -8.99 -23.95
CA ASN ZA 13 -146.77 -10.34 -24.09
C ASN ZA 13 -146.75 -11.07 -22.75
N THR ZA 14 -147.93 -11.19 -22.14
CA THR ZA 14 -148.04 -11.85 -20.85
C THR ZA 14 -147.98 -13.36 -21.04
N ALA ZA 15 -148.15 -14.08 -19.92
CA ALA ZA 15 -148.10 -15.54 -19.97
C ALA ZA 15 -149.32 -16.10 -20.68
N SER ZA 16 -150.47 -15.45 -20.55
CA SER ZA 16 -151.68 -15.93 -21.18
C SER ZA 16 -151.79 -15.52 -22.64
N ASN ZA 17 -150.96 -14.58 -23.10
CA ASN ZA 17 -151.02 -14.08 -24.46
C ASN ZA 17 -150.05 -14.77 -25.39
N LYS ZA 18 -149.51 -15.91 -25.00
CA LYS ZA 18 -148.60 -16.65 -25.87
C LYS ZA 18 -149.33 -17.09 -27.12
N THR ZA 19 -148.67 -16.95 -28.26
CA THR ZA 19 -149.27 -17.22 -29.56
C THR ZA 19 -148.36 -18.11 -30.38
N ARG ZA 20 -148.95 -18.76 -31.39
CA ARG ZA 20 -148.21 -19.52 -32.37
C ARG ZA 20 -148.67 -19.13 -33.76
N LEU ZA 21 -147.86 -19.47 -34.75
CA LEU ZA 21 -147.98 -18.94 -36.10
C LEU ZA 21 -148.27 -20.05 -37.10
N SER ZA 22 -149.33 -19.88 -37.89
CA SER ZA 22 -149.78 -20.92 -38.79
C SER ZA 22 -150.37 -20.30 -40.06
N ARG ZA 23 -150.51 -21.14 -41.09
CA ARG ZA 23 -151.04 -20.73 -42.38
C ARG ZA 23 -152.44 -21.29 -42.57
N THR ZA 24 -153.27 -20.55 -43.30
CA THR ZA 24 -154.67 -20.88 -43.50
C THR ZA 24 -154.92 -21.31 -44.95
N PRO ZA 25 -156.10 -21.87 -45.23
CA PRO ZA 25 -156.45 -22.17 -46.63
C PRO ZA 25 -156.34 -20.97 -47.54
N GLY ZA 26 -156.63 -19.77 -47.05
CA GLY ZA 26 -156.53 -18.59 -47.88
C GLY ZA 26 -155.12 -18.07 -48.06
N ASN ZA 27 -154.13 -18.76 -47.50
CA ASN ZA 27 -152.72 -18.41 -47.67
C ASN ZA 27 -152.42 -17.03 -47.08
N ARG ZA 28 -152.76 -16.86 -45.81
CA ARG ZA 28 -152.29 -15.71 -45.04
C ARG ZA 28 -151.90 -16.19 -43.65
N ILE ZA 29 -150.78 -15.69 -43.16
CA ILE ZA 29 -150.29 -16.10 -41.85
C ILE ZA 29 -151.12 -15.42 -40.78
N VAL ZA 30 -151.54 -16.20 -39.78
CA VAL ZA 30 -152.37 -15.71 -38.70
C VAL ZA 30 -151.76 -16.14 -37.38
N TYR ZA 31 -152.37 -15.70 -36.30
CA TYR ZA 31 -151.96 -16.07 -34.95
C TYR ZA 31 -152.96 -17.02 -34.34
N LEU ZA 32 -152.45 -18.13 -33.79
CA LEU ZA 32 -153.25 -19.05 -32.99
C LEU ZA 32 -152.79 -18.95 -31.56
N TYR ZA 33 -153.73 -18.78 -30.64
CA TYR ZA 33 -153.41 -18.59 -29.22
C TYR ZA 33 -153.29 -19.97 -28.57
N THR ZA 34 -152.06 -20.43 -28.42
CA THR ZA 34 -151.82 -21.73 -27.81
C THR ZA 34 -152.17 -21.70 -26.33
N LYS ZA 35 -152.70 -22.82 -25.84
CA LYS ZA 35 -152.87 -22.99 -24.41
C LYS ZA 35 -151.52 -23.27 -23.77
N LYS ZA 36 -151.45 -23.10 -22.46
CA LYS ZA 36 -150.21 -23.34 -21.75
C LYS ZA 36 -149.86 -24.83 -21.77
N VAL ZA 37 -148.59 -25.13 -21.55
CA VAL ZA 37 -148.17 -26.53 -21.50
C VAL ZA 37 -148.54 -27.12 -20.15
N GLY ZA 38 -148.96 -28.38 -20.18
CA GLY ZA 38 -149.32 -29.10 -18.98
C GLY ZA 38 -148.18 -30.00 -18.54
N LYS ZA 39 -148.18 -30.35 -17.27
CA LYS ZA 39 -147.16 -31.23 -16.71
C LYS ZA 39 -147.82 -32.38 -15.96
N ALA ZA 40 -147.26 -33.57 -16.13
CA ALA ZA 40 -147.78 -34.74 -15.46
C ALA ZA 40 -147.55 -34.62 -13.96
N PRO ZA 41 -148.37 -35.31 -13.15
CA PRO ZA 41 -148.17 -35.24 -11.69
C PRO ZA 41 -146.80 -35.73 -11.28
N LYS ZA 42 -146.23 -35.05 -10.30
CA LYS ZA 42 -145.03 -35.58 -9.67
C LYS ZA 42 -145.45 -36.50 -8.53
N SER ZA 43 -144.63 -37.52 -8.29
CA SER ZA 43 -145.01 -38.57 -7.37
C SER ZA 43 -145.16 -38.02 -5.95
N ALA ZA 44 -146.04 -38.66 -5.19
CA ALA ZA 44 -146.28 -38.30 -3.80
C ALA ZA 44 -145.12 -38.68 -2.89
N CYS ZA 45 -144.14 -39.42 -3.40
CA CYS ZA 45 -142.98 -39.76 -2.59
C CYS ZA 45 -142.22 -38.52 -2.14
N GLY ZA 46 -142.06 -37.55 -3.04
CA GLY ZA 46 -141.27 -36.38 -2.72
C GLY ZA 46 -139.79 -36.56 -2.87
N VAL ZA 47 -139.34 -37.74 -3.30
CA VAL ZA 47 -137.92 -38.03 -3.49
C VAL ZA 47 -137.58 -38.13 -4.97
N CYS ZA 48 -138.36 -38.88 -5.73
CA CYS ZA 48 -138.09 -39.06 -7.14
C CYS ZA 48 -138.47 -37.82 -7.92
N PRO ZA 49 -137.54 -37.18 -8.62
CA PRO ZA 49 -137.83 -35.88 -9.26
C PRO ZA 49 -138.77 -35.95 -10.45
N GLY ZA 50 -138.52 -36.88 -11.37
CA GLY ZA 50 -139.25 -36.89 -12.62
C GLY ZA 50 -140.73 -37.19 -12.41
N ARG ZA 51 -141.56 -36.58 -13.26
CA ARG ZA 51 -142.99 -36.83 -13.21
C ARG ZA 51 -143.30 -38.28 -13.57
N LEU ZA 52 -144.37 -38.80 -12.99
CA LEU ZA 52 -144.73 -40.19 -13.21
C LEU ZA 52 -145.29 -40.37 -14.61
N ARG ZA 53 -145.10 -41.56 -15.17
CA ARG ZA 53 -145.44 -41.82 -16.56
C ARG ZA 53 -146.82 -42.48 -16.67
N GLY ZA 54 -147.27 -42.64 -17.91
CA GLY ZA 54 -148.54 -43.26 -18.19
C GLY ZA 54 -149.74 -42.36 -18.08
N VAL ZA 55 -149.55 -41.10 -17.68
CA VAL ZA 55 -150.64 -40.14 -17.51
C VAL ZA 55 -150.38 -38.97 -18.42
N ARG ZA 56 -151.45 -38.31 -18.89
CA ARG ZA 56 -151.30 -37.23 -19.84
C ARG ZA 56 -150.97 -35.92 -19.13
N ALA ZA 57 -150.03 -35.18 -19.70
CA ALA ZA 57 -149.62 -33.89 -19.17
C ALA ZA 57 -150.49 -32.83 -19.80
N VAL ZA 58 -151.52 -32.38 -19.08
CA VAL ZA 58 -152.49 -31.43 -19.57
C VAL ZA 58 -152.81 -30.45 -18.44
N ARG ZA 59 -153.54 -29.39 -18.79
CA ARG ZA 59 -153.92 -28.38 -17.82
C ARG ZA 59 -154.92 -28.95 -16.82
N PRO ZA 60 -155.01 -28.38 -15.62
CA PRO ZA 60 -155.87 -28.98 -14.59
C PRO ZA 60 -157.34 -29.04 -14.98
N LYS ZA 61 -157.89 -27.96 -15.52
CA LYS ZA 61 -159.33 -27.92 -15.78
C LYS ZA 61 -159.74 -28.80 -16.96
N VAL ZA 62 -158.78 -29.28 -17.76
CA VAL ZA 62 -159.08 -30.18 -18.86
C VAL ZA 62 -158.99 -31.63 -18.45
N LEU ZA 63 -158.69 -31.90 -17.17
CA LEU ZA 63 -158.71 -33.26 -16.66
C LEU ZA 63 -160.11 -33.82 -16.51
N MET ZA 64 -161.13 -32.98 -16.56
CA MET ZA 64 -162.51 -33.47 -16.47
C MET ZA 64 -162.84 -34.37 -17.66
N ARG ZA 65 -162.61 -33.86 -18.86
CA ARG ZA 65 -163.13 -34.56 -20.05
C ARG ZA 65 -162.27 -35.69 -20.49
N LEU ZA 66 -161.30 -36.14 -19.71
CA LEU ZA 66 -160.46 -37.27 -20.06
C LEU ZA 66 -160.96 -38.52 -19.35
N SER ZA 67 -160.95 -39.65 -20.08
CA SER ZA 67 -161.42 -40.90 -19.50
C SER ZA 67 -160.53 -41.29 -18.32
N LYS ZA 68 -161.10 -42.11 -17.42
CA LYS ZA 68 -160.42 -42.45 -16.18
C LYS ZA 68 -159.07 -43.11 -16.44
N THR ZA 69 -158.95 -43.89 -17.51
CA THR ZA 69 -157.71 -44.62 -17.78
C THR ZA 69 -156.57 -43.70 -18.15
N LYS ZA 70 -156.84 -42.50 -18.66
CA LYS ZA 70 -155.78 -41.61 -19.08
C LYS ZA 70 -155.29 -40.72 -17.95
N LYS ZA 71 -155.84 -40.88 -16.75
CA LYS ZA 71 -155.40 -40.13 -15.59
C LYS ZA 71 -154.80 -41.02 -14.51
N HIS ZA 72 -154.52 -42.29 -14.81
CA HIS ZA 72 -153.85 -43.17 -13.86
C HIS ZA 72 -153.26 -44.35 -14.60
N VAL ZA 73 -152.63 -45.24 -13.84
CA VAL ZA 73 -152.14 -46.52 -14.35
C VAL ZA 73 -152.68 -47.62 -13.45
N SER ZA 74 -152.71 -48.83 -13.99
CA SER ZA 74 -153.30 -49.97 -13.29
C SER ZA 74 -152.30 -50.49 -12.26
N ARG ZA 75 -152.37 -49.95 -11.05
CA ARG ZA 75 -151.50 -50.33 -9.96
C ARG ZA 75 -152.00 -49.66 -8.69
N ALA ZA 76 -151.68 -50.26 -7.55
CA ALA ZA 76 -151.90 -49.58 -6.28
C ALA ZA 76 -151.09 -48.29 -6.26
N TYR ZA 77 -151.74 -47.21 -5.82
CA TYR ZA 77 -151.18 -45.85 -5.89
C TYR ZA 77 -150.84 -45.46 -7.32
N GLY ZA 78 -151.37 -46.17 -8.30
CA GLY ZA 78 -151.09 -45.85 -9.69
C GLY ZA 78 -151.61 -44.48 -10.05
N GLY ZA 79 -150.78 -43.68 -10.71
CA GLY ZA 79 -151.15 -42.32 -11.02
C GLY ZA 79 -150.88 -41.33 -9.93
N SER ZA 80 -150.44 -41.79 -8.75
CA SER ZA 80 -150.09 -40.89 -7.66
C SER ZA 80 -148.72 -41.20 -7.07
N MET ZA 81 -148.11 -42.34 -7.38
CA MET ZA 81 -146.81 -42.69 -6.86
C MET ZA 81 -145.99 -43.35 -7.96
N CYS ZA 82 -144.68 -43.09 -7.93
CA CYS ZA 82 -143.76 -43.70 -8.87
C CYS ZA 82 -143.63 -45.18 -8.58
N ALA ZA 83 -143.22 -45.94 -9.60
CA ALA ZA 83 -143.13 -47.39 -9.46
C ALA ZA 83 -142.12 -47.78 -8.39
N LYS ZA 84 -140.95 -47.13 -8.36
CA LYS ZA 84 -139.92 -47.51 -7.39
C LYS ZA 84 -140.39 -47.26 -5.97
N CYS ZA 85 -141.09 -46.14 -5.74
CA CYS ZA 85 -141.46 -45.80 -4.38
C CYS ZA 85 -142.66 -46.60 -3.90
N VAL ZA 86 -143.29 -47.37 -4.80
CA VAL ZA 86 -144.31 -48.31 -4.35
C VAL ZA 86 -143.68 -49.63 -3.94
N ARG ZA 87 -142.74 -50.13 -4.74
CA ARG ZA 87 -141.97 -51.29 -4.30
C ARG ZA 87 -141.26 -50.99 -2.99
N ASP ZA 88 -140.56 -49.85 -2.93
CA ASP ZA 88 -139.86 -49.49 -1.71
C ASP ZA 88 -140.81 -49.42 -0.53
N ARG ZA 89 -142.03 -48.95 -0.75
CA ARG ZA 89 -143.03 -48.94 0.32
C ARG ZA 89 -143.43 -50.36 0.69
N ILE ZA 90 -143.59 -51.24 -0.30
CA ILE ZA 90 -144.07 -52.60 -0.01
C ILE ZA 90 -143.07 -53.34 0.86
N LYS ZA 91 -141.79 -53.34 0.47
CA LYS ZA 91 -140.79 -53.98 1.32
C LYS ZA 91 -140.69 -53.29 2.66
N ARG ZA 92 -140.70 -51.95 2.66
CA ARG ZA 92 -140.63 -51.22 3.93
C ARG ZA 92 -141.80 -51.59 4.82
N ALA ZA 93 -143.00 -51.68 4.26
CA ALA ZA 93 -144.15 -52.08 5.04
C ALA ZA 93 -143.99 -53.48 5.60
N PHE ZA 94 -143.40 -54.38 4.81
CA PHE ZA 94 -143.25 -55.77 5.24
C PHE ZA 94 -142.20 -55.90 6.33
N LEU ZA 95 -140.98 -55.44 6.07
CA LEU ZA 95 -139.85 -55.82 6.91
C LEU ZA 95 -139.91 -55.26 8.32
N ILE ZA 96 -140.77 -54.27 8.59
CA ILE ZA 96 -140.90 -53.85 9.98
C ILE ZA 96 -142.09 -54.53 10.64
N GLU ZA 97 -143.01 -55.10 9.87
CA GLU ZA 97 -143.95 -56.03 10.47
C GLU ZA 97 -143.21 -57.22 11.04
N GLU ZA 98 -142.22 -57.74 10.30
CA GLU ZA 98 -141.40 -58.83 10.81
C GLU ZA 98 -140.58 -58.39 12.01
N GLN ZA 99 -140.00 -57.19 11.96
CA GLN ZA 99 -139.14 -56.75 13.05
C GLN ZA 99 -139.95 -56.55 14.33
N LYS ZA 100 -141.22 -56.16 14.20
CA LYS ZA 100 -142.07 -56.05 15.39
C LYS ZA 100 -142.35 -57.42 15.98
N ILE ZA 101 -142.56 -58.43 15.12
CA ILE ZA 101 -142.71 -59.80 15.61
C ILE ZA 101 -141.41 -60.27 16.25
N VAL ZA 102 -140.27 -59.91 15.66
CA VAL ZA 102 -138.98 -60.34 16.21
C VAL ZA 102 -138.81 -59.83 17.64
N VAL ZA 103 -139.17 -58.57 17.88
CA VAL ZA 103 -138.99 -58.01 19.21
C VAL ZA 103 -140.05 -58.54 20.17
N LYS ZA 104 -141.20 -59.01 19.66
CA LYS ZA 104 -142.23 -59.49 20.57
C LYS ZA 104 -141.93 -60.89 21.08
N VAL ZA 105 -141.30 -61.75 20.27
CA VAL ZA 105 -140.88 -63.03 20.79
C VAL ZA 105 -139.69 -62.88 21.73
N LEU ZA 106 -138.83 -61.89 21.49
CA LEU ZA 106 -137.68 -61.67 22.36
C LEU ZA 106 -138.13 -61.31 23.77
N LYS ZA 107 -139.15 -60.45 23.87
CA LYS ZA 107 -139.73 -60.17 25.18
C LYS ZA 107 -140.48 -61.37 25.74
N ALA ZA 108 -141.09 -62.18 24.86
CA ALA ZA 108 -141.80 -63.36 25.32
C ALA ZA 108 -140.86 -64.35 25.98
N GLN ZA 109 -139.74 -64.66 25.32
CA GLN ZA 109 -138.78 -65.58 25.91
C GLN ZA 109 -138.05 -65.00 27.11
N ALA ZA 110 -137.90 -63.68 27.17
CA ALA ZA 110 -137.24 -63.05 28.31
C ALA ZA 110 -138.13 -63.06 29.55
N GLN ZA 111 -139.44 -63.12 29.37
CA GLN ZA 111 -140.35 -63.22 30.50
C GLN ZA 111 -140.37 -64.60 31.14
N SER ZA 112 -139.69 -65.58 30.53
CA SER ZA 112 -139.65 -66.94 31.06
C SER ZA 112 -139.00 -67.02 32.43
N GLN ZA 113 -138.18 -66.03 32.81
CA GLN ZA 113 -137.59 -65.96 34.14
C GLN ZA 113 -138.28 -64.87 34.94
N LYS ZA 114 -138.61 -65.19 36.19
CA LYS ZA 114 -139.27 -64.22 37.06
C LYS ZA 114 -138.27 -63.20 37.61
N ALA AB 1 -216.24 7.11 -30.43
CA ALA AB 1 -214.84 6.99 -30.83
C ALA AB 1 -213.92 6.84 -29.62
N LYS AB 2 -213.85 7.89 -28.81
CA LYS AB 2 -212.96 7.89 -27.65
C LYS AB 2 -213.65 7.23 -26.45
N ILE AB 3 -212.84 6.85 -25.48
CA ILE AB 3 -213.32 6.19 -24.27
C ILE AB 3 -213.29 7.19 -23.12
N LYS AB 4 -214.31 7.10 -22.28
CA LYS AB 4 -214.44 7.99 -21.13
C LYS AB 4 -214.42 7.16 -19.86
N ALA AB 5 -213.65 7.63 -18.87
CA ALA AB 5 -213.49 6.86 -17.64
C ALA AB 5 -214.80 6.69 -16.89
N ARG AB 6 -215.77 7.57 -17.12
CA ARG AB 6 -217.03 7.48 -16.39
C ARG AB 6 -217.81 6.24 -16.78
N ASP AB 7 -217.79 5.87 -18.07
CA ASP AB 7 -218.55 4.71 -18.51
C ASP AB 7 -217.81 3.40 -18.26
N LEU AB 8 -216.48 3.43 -18.26
CA LEU AB 8 -215.70 2.21 -18.10
C LEU AB 8 -215.90 1.54 -16.75
N ARG AB 9 -216.45 2.26 -15.76
CA ARG AB 9 -216.46 1.73 -14.40
C ARG AB 9 -217.40 0.54 -14.24
N GLY AB 10 -218.45 0.46 -15.06
CA GLY AB 10 -219.38 -0.64 -14.94
C GLY AB 10 -218.83 -1.98 -15.38
N LYS AB 11 -217.87 -1.98 -16.29
CA LYS AB 11 -217.36 -3.22 -16.86
C LYS AB 11 -216.50 -3.97 -15.86
N LYS AB 12 -216.46 -5.29 -16.02
CA LYS AB 12 -215.67 -6.15 -15.17
C LYS AB 12 -214.25 -6.25 -15.70
N LYS AB 13 -213.33 -6.66 -14.80
CA LYS AB 13 -211.92 -6.64 -15.12
C LYS AB 13 -211.56 -7.53 -16.29
N GLU AB 14 -212.32 -8.61 -16.52
CA GLU AB 14 -212.02 -9.52 -17.61
C GLU AB 14 -212.16 -8.82 -18.96
N GLU AB 15 -213.18 -7.96 -19.10
CA GLU AB 15 -213.37 -7.24 -20.35
C GLU AB 15 -212.36 -6.11 -20.49
N LEU AB 16 -211.99 -5.46 -19.39
CA LEU AB 16 -211.09 -4.31 -19.47
C LEU AB 16 -209.75 -4.72 -20.06
N LEU AB 17 -209.22 -5.88 -19.66
CA LEU AB 17 -207.97 -6.36 -20.26
C LEU AB 17 -208.12 -6.57 -21.76
N LYS AB 18 -209.29 -7.05 -22.20
CA LYS AB 18 -209.51 -7.24 -23.63
C LYS AB 18 -209.43 -5.92 -24.38
N GLN AB 19 -210.03 -4.87 -23.82
CA GLN AB 19 -209.90 -3.56 -24.43
C GLN AB 19 -208.50 -3.00 -24.27
N LEU AB 20 -207.89 -3.26 -23.10
CA LEU AB 20 -206.54 -2.76 -22.88
C LEU AB 20 -205.56 -3.33 -23.89
N ASP AB 21 -205.63 -4.64 -24.13
CA ASP AB 21 -204.79 -5.23 -25.17
C ASP AB 21 -205.14 -4.65 -26.54
N ASP AB 22 -206.42 -4.36 -26.76
CA ASP AB 22 -206.83 -3.78 -28.03
C ASP AB 22 -206.21 -2.40 -28.24
N LEU AB 23 -206.09 -1.62 -27.17
CA LEU AB 23 -205.48 -0.30 -27.28
C LEU AB 23 -203.99 -0.40 -27.55
N LYS AB 24 -203.30 -1.32 -26.87
CA LYS AB 24 -201.85 -1.41 -27.01
C LYS AB 24 -201.44 -2.00 -28.35
N VAL AB 25 -202.16 -3.01 -28.84
CA VAL AB 25 -201.80 -3.58 -30.13
C VAL AB 25 -201.99 -2.54 -31.23
N GLU AB 26 -203.00 -1.70 -31.10
CA GLU AB 26 -203.21 -0.65 -32.09
C GLU AB 26 -202.14 0.42 -31.96
N LEU AB 27 -201.65 0.68 -30.74
CA LEU AB 27 -200.53 1.59 -30.56
C LEU AB 27 -199.23 1.01 -31.12
N SER AB 28 -199.03 -0.30 -30.98
CA SER AB 28 -197.81 -0.91 -31.46
C SER AB 28 -197.63 -0.72 -32.96
N GLN AB 29 -198.70 -0.96 -33.74
CA GLN AB 29 -198.66 -0.71 -35.17
C GLN AB 29 -198.77 0.76 -35.51
N LEU AB 30 -199.20 1.59 -34.55
CA LEU AB 30 -199.22 3.02 -34.79
C LEU AB 30 -197.81 3.61 -34.67
N ARG AB 31 -197.02 3.08 -33.72
CA ARG AB 31 -195.60 3.44 -33.69
C ARG AB 31 -194.90 3.05 -34.97
N VAL AB 32 -195.26 1.89 -35.53
CA VAL AB 32 -194.68 1.47 -36.80
C VAL AB 32 -194.95 2.50 -37.88
N ALA AB 33 -196.16 3.08 -37.86
CA ALA AB 33 -196.49 4.12 -38.83
C ALA AB 33 -195.59 5.33 -38.68
N LYS AB 34 -195.19 5.64 -37.44
CA LYS AB 34 -194.39 6.84 -37.21
C LYS AB 34 -193.00 6.72 -37.83
N VAL AB 35 -192.37 5.55 -37.69
CA VAL AB 35 -190.99 5.41 -38.13
C VAL AB 35 -190.91 5.23 -39.65
N THR AB 36 -191.95 4.70 -40.26
CA THR AB 36 -191.98 4.52 -41.71
C THR AB 36 -192.74 5.64 -42.43
N GLY AB 37 -192.67 6.86 -41.90
CA GLY AB 37 -193.31 7.99 -42.55
C GLY AB 37 -194.72 8.25 -42.06
N GLY AB 38 -195.66 7.39 -42.47
CA GLY AB 38 -197.02 7.53 -41.97
C GLY AB 38 -197.63 8.86 -42.39
N ALA AB 39 -198.69 9.24 -41.68
CA ALA AB 39 -199.39 10.48 -41.92
C ALA AB 39 -199.66 11.17 -40.60
N ALA AB 40 -199.89 12.49 -40.66
CA ALA AB 40 -200.12 13.27 -39.45
C ALA AB 40 -201.31 12.75 -38.67
N SER AB 41 -202.32 12.21 -39.35
CA SER AB 41 -203.48 11.67 -38.67
C SER AB 41 -203.08 10.53 -37.73
N LYS AB 42 -202.25 9.62 -38.21
CA LYS AB 42 -201.74 8.56 -37.35
C LYS AB 42 -200.82 9.13 -36.28
N LEU AB 43 -200.03 10.14 -36.62
CA LEU AB 43 -199.11 10.71 -35.64
C LEU AB 43 -199.86 11.44 -34.53
N SER AB 44 -200.98 12.07 -34.87
CA SER AB 44 -201.78 12.72 -33.83
C SER AB 44 -202.40 11.71 -32.88
N LYS AB 45 -202.77 10.53 -33.40
CA LYS AB 45 -203.40 9.52 -32.55
C LYS AB 45 -202.45 8.91 -31.53
N ILE AB 46 -201.15 9.18 -31.65
CA ILE AB 46 -200.18 8.54 -30.76
C ILE AB 46 -200.46 8.93 -29.31
N ARG AB 47 -200.69 10.22 -29.07
CA ARG AB 47 -201.01 10.64 -27.69
C ARG AB 47 -202.47 10.40 -27.36
N VAL AB 48 -203.34 10.37 -28.37
CA VAL AB 48 -204.75 10.06 -28.12
C VAL AB 48 -204.87 8.65 -27.55
N VAL AB 49 -204.18 7.69 -28.16
CA VAL AB 49 -204.24 6.32 -27.69
C VAL AB 49 -203.48 6.17 -26.39
N ARG AB 50 -202.31 6.82 -26.29
CA ARG AB 50 -201.52 6.74 -25.07
C ARG AB 50 -202.34 7.21 -23.87
N LYS AB 51 -203.07 8.32 -24.01
CA LYS AB 51 -203.91 8.79 -22.92
C LYS AB 51 -205.06 7.83 -22.67
N SER AB 52 -205.57 7.17 -23.71
CA SER AB 52 -206.64 6.20 -23.52
C SER AB 52 -206.18 5.03 -22.66
N ILE AB 53 -204.95 4.55 -22.90
CA ILE AB 53 -204.41 3.48 -22.07
C ILE AB 53 -204.28 3.93 -20.63
N ALA AB 54 -203.83 5.17 -20.43
CA ALA AB 54 -203.80 5.72 -19.08
C ALA AB 54 -205.19 5.78 -18.48
N ARG AB 55 -206.18 6.11 -19.29
CA ARG AB 55 -207.56 6.15 -18.82
C ARG AB 55 -208.02 4.78 -18.36
N VAL AB 56 -207.73 3.74 -19.15
CA VAL AB 56 -208.19 2.41 -18.80
C VAL AB 56 -207.50 1.90 -17.55
N LEU AB 57 -206.17 2.03 -17.49
CA LEU AB 57 -205.42 1.46 -16.38
C LEU AB 57 -205.82 2.08 -15.05
N THR AB 58 -206.23 3.35 -15.07
CA THR AB 58 -206.74 3.96 -13.85
C THR AB 58 -208.00 3.26 -13.36
N VAL AB 59 -208.93 2.99 -14.28
CA VAL AB 59 -210.20 2.39 -13.89
C VAL AB 59 -209.97 1.01 -13.28
N ILE AB 60 -209.09 0.22 -13.89
CA ILE AB 60 -208.77 -1.08 -13.32
C ILE AB 60 -208.11 -0.93 -11.96
N ASN AB 61 -207.21 0.05 -11.82
CA ASN AB 61 -206.52 0.23 -10.54
C ASN AB 61 -207.44 0.84 -9.49
N GLN AB 62 -208.26 1.83 -9.87
CA GLN AB 62 -209.23 2.37 -8.94
C GLN AB 62 -210.24 1.30 -8.53
N THR AB 63 -210.65 0.44 -9.47
CA THR AB 63 -211.47 -0.70 -9.12
C THR AB 63 -210.74 -1.62 -8.15
N GLN AB 64 -209.52 -2.03 -8.50
CA GLN AB 64 -208.82 -3.02 -7.69
C GLN AB 64 -208.53 -2.48 -6.30
N LYS AB 65 -208.17 -1.21 -6.19
CA LYS AB 65 -207.88 -0.65 -4.88
C LYS AB 65 -209.13 -0.56 -4.02
N GLU AB 66 -210.29 -0.35 -4.65
CA GLU AB 66 -211.52 -0.17 -3.88
C GLU AB 66 -211.97 -1.49 -3.25
N ASN AB 67 -211.99 -2.57 -4.04
CA ASN AB 67 -212.39 -3.86 -3.48
C ASN AB 67 -211.41 -4.32 -2.42
N LEU AB 68 -210.11 -4.04 -2.60
CA LEU AB 68 -209.16 -4.29 -1.53
C LEU AB 68 -209.48 -3.45 -0.31
N ARG AB 69 -209.94 -2.21 -0.52
CA ARG AB 69 -210.39 -1.40 0.61
C ARG AB 69 -211.62 -2.01 1.26
N LYS AB 70 -212.57 -2.49 0.45
CA LYS AB 70 -213.78 -3.10 1.01
C LYS AB 70 -213.48 -4.42 1.70
N PHE AB 71 -212.54 -5.18 1.15
CA PHE AB 71 -212.18 -6.45 1.78
C PHE AB 71 -211.61 -6.23 3.18
N TYR AB 72 -210.78 -5.21 3.34
CA TYR AB 72 -210.06 -5.00 4.59
C TYR AB 72 -210.81 -4.10 5.57
N LYS AB 73 -212.03 -3.69 5.23
CA LYS AB 73 -212.82 -2.90 6.17
C LYS AB 73 -213.17 -3.73 7.40
N GLY AB 74 -212.89 -3.17 8.57
CA GLY AB 74 -213.13 -3.87 9.81
C GLY AB 74 -212.01 -4.78 10.27
N LYS AB 75 -211.06 -5.12 9.39
CA LYS AB 75 -209.93 -5.92 9.79
C LYS AB 75 -209.03 -5.13 10.74
N LYS AB 76 -208.51 -5.82 11.76
CA LYS AB 76 -207.62 -5.17 12.70
C LYS AB 76 -206.33 -4.73 12.02
N TYR AB 77 -205.80 -5.57 11.12
CA TYR AB 77 -204.61 -5.26 10.35
C TYR AB 77 -204.99 -5.05 8.89
N LYS AB 78 -204.44 -4.01 8.28
CA LYS AB 78 -204.62 -3.69 6.87
C LYS AB 78 -203.27 -3.48 6.22
N PRO AB 79 -203.16 -3.69 4.91
CA PRO AB 79 -201.88 -3.49 4.23
C PRO AB 79 -201.39 -2.07 4.39
N LEU AB 80 -200.06 -1.93 4.38
CA LEU AB 80 -199.45 -0.61 4.58
C LEU AB 80 -199.94 0.39 3.55
N ASP AB 81 -200.26 -0.09 2.34
CA ASP AB 81 -200.82 0.79 1.33
C ASP AB 81 -202.16 1.36 1.77
N LEU AB 82 -203.04 0.52 2.33
CA LEU AB 82 -204.41 0.92 2.63
C LEU AB 82 -204.54 1.78 3.88
N ARG AB 83 -203.63 1.65 4.84
CA ARG AB 83 -203.71 2.44 6.05
C ARG AB 83 -203.50 3.92 5.73
N PRO AB 84 -203.95 4.81 6.60
CA PRO AB 84 -203.77 6.25 6.35
C PRO AB 84 -202.31 6.62 6.15
N LYS AB 85 -202.10 7.80 5.58
CA LYS AB 85 -200.78 8.22 5.13
C LYS AB 85 -200.32 9.55 5.71
N LYS AB 86 -201.22 10.35 6.30
CA LYS AB 86 -201.06 11.80 6.35
C LYS AB 86 -199.63 12.28 6.50
N THR AB 87 -198.92 11.84 7.54
CA THR AB 87 -197.54 12.28 7.76
C THR AB 87 -196.91 11.40 8.82
N ARG AB 88 -195.69 10.92 8.56
CA ARG AB 88 -195.03 10.03 9.49
C ARG AB 88 -194.98 10.62 10.89
N ALA AB 89 -194.81 11.93 10.99
CA ALA AB 89 -194.74 12.57 12.30
C ALA AB 89 -196.08 12.46 13.03
N MET AB 90 -197.19 12.63 12.31
CA MET AB 90 -198.49 12.56 12.97
C MET AB 90 -199.16 11.20 12.82
N ARG AB 91 -198.45 10.21 12.28
CA ARG AB 91 -198.93 8.84 12.40
C ARG AB 91 -198.39 8.19 13.66
N ARG AB 92 -197.36 8.78 14.27
CA ARG AB 92 -196.78 8.25 15.50
C ARG AB 92 -197.48 8.76 16.75
N ARG AB 93 -198.34 9.76 16.63
CA ARG AB 93 -198.88 10.43 17.80
C ARG AB 93 -200.03 9.63 18.40
N LEU AB 94 -200.56 10.11 19.52
CA LEU AB 94 -201.64 9.45 20.23
C LEU AB 94 -202.96 9.67 19.53
N ASN AB 95 -203.76 8.61 19.46
CA ASN AB 95 -205.06 8.70 18.82
C ASN AB 95 -206.05 9.39 19.76
N LYS AB 96 -207.29 9.55 19.29
CA LYS AB 96 -208.27 10.31 20.06
C LYS AB 96 -208.57 9.66 21.39
N HIS AB 97 -208.65 8.32 21.43
CA HIS AB 97 -208.91 7.65 22.70
C HIS AB 97 -207.80 7.92 23.69
N GLU AB 98 -206.59 7.47 23.37
CA GLU AB 98 -205.50 7.54 24.34
C GLU AB 98 -204.98 8.94 24.55
N GLU AB 99 -205.52 9.94 23.85
CA GLU AB 99 -205.17 11.33 24.14
C GLU AB 99 -206.12 11.95 25.15
N ASN AB 100 -207.34 11.43 25.25
CA ASN AB 100 -208.34 12.10 26.07
C ASN AB 100 -208.40 11.60 27.51
N LEU AB 101 -208.17 10.31 27.75
CA LEU AB 101 -208.50 9.72 29.04
C LEU AB 101 -207.67 10.38 30.14
N LYS AB 102 -208.21 10.38 31.35
CA LYS AB 102 -207.57 10.99 32.50
C LYS AB 102 -207.47 9.96 33.61
N THR AB 103 -206.55 10.21 34.54
CA THR AB 103 -206.40 9.33 35.69
C THR AB 103 -207.62 9.45 36.60
N LYS AB 104 -207.82 8.43 37.42
CA LYS AB 104 -208.90 8.46 38.40
C LYS AB 104 -208.79 9.70 39.28
N LYS AB 105 -207.56 10.05 39.68
CA LYS AB 105 -207.37 11.23 40.52
C LYS AB 105 -207.75 12.50 39.79
N GLN AB 106 -207.38 12.61 38.52
CA GLN AB 106 -207.68 13.81 37.75
C GLN AB 106 -209.18 13.99 37.59
N GLN AB 107 -209.90 12.91 37.27
CA GLN AB 107 -211.34 13.01 37.09
C GLN AB 107 -212.04 13.38 38.39
N ARG AB 108 -211.63 12.78 39.50
CA ARG AB 108 -212.28 13.05 40.78
C ARG AB 108 -212.08 14.49 41.21
N LYS AB 109 -210.89 15.05 40.95
CA LYS AB 109 -210.62 16.42 41.39
C LYS AB 109 -211.36 17.45 40.55
N GLU AB 110 -211.62 17.15 39.27
CA GLU AB 110 -212.40 18.09 38.46
C GLU AB 110 -213.89 18.00 38.77
N ARG AB 111 -214.36 16.79 39.09
CA ARG AB 111 -215.76 16.65 39.49
C ARG AB 111 -216.05 17.42 40.76
N LEU AB 112 -215.14 17.38 41.73
CA LEU AB 112 -215.36 18.05 43.00
C LEU AB 112 -215.31 19.56 42.87
N TYR AB 113 -214.39 20.08 42.06
CA TYR AB 113 -214.13 21.52 41.97
C TYR AB 113 -214.14 21.93 40.51
N PRO AB 114 -215.31 22.02 39.89
CA PRO AB 114 -215.39 22.45 38.49
C PRO AB 114 -215.18 23.95 38.38
N LEU AB 115 -214.86 24.38 37.16
CA LEU AB 115 -214.64 25.80 36.89
C LEU AB 115 -215.99 26.51 36.86
N ARG AB 116 -216.28 27.26 37.90
CA ARG AB 116 -217.59 27.90 38.05
C ARG AB 116 -217.65 29.18 37.22
N LYS AB 117 -218.74 29.35 36.48
CA LYS AB 117 -219.00 30.60 35.79
C LYS AB 117 -219.49 31.64 36.80
N TYR AB 118 -218.90 32.82 36.76
CA TYR AB 118 -219.19 33.83 37.77
C TYR AB 118 -218.97 35.21 37.19
N ALA AB 119 -219.63 36.19 37.79
CA ALA AB 119 -219.38 37.59 37.48
C ALA AB 119 -219.27 38.36 38.78
N VAL AB 120 -218.45 39.40 38.79
CA VAL AB 120 -218.26 40.21 39.98
C VAL AB 120 -218.95 41.55 39.75
N LYS AB 121 -219.71 41.99 40.76
CA LYS AB 121 -220.49 43.21 40.62
C LYS AB 121 -219.57 44.42 40.53
N ALA AB 122 -220.07 45.48 39.91
CA ALA AB 122 -219.31 46.71 39.78
C ALA AB 122 -219.02 47.33 41.14
N ALA BB 1 -194.39 61.91 72.26
CA ALA BB 1 -193.82 61.88 73.61
C ALA BB 1 -192.53 61.10 73.63
N LEU BB 2 -192.30 60.40 74.73
CA LEU BB 2 -191.10 59.58 74.91
C LEU BB 2 -191.19 58.32 74.06
N ARG BB 3 -190.02 57.86 73.59
CA ARG BB 3 -189.86 56.54 73.00
C ARG BB 3 -190.79 56.34 71.80
N TYR BB 4 -190.52 57.13 70.76
CA TYR BB 4 -191.13 56.91 69.48
C TYR BB 4 -190.55 55.65 68.82
N PRO BB 5 -191.29 55.02 67.92
CA PRO BB 5 -190.71 53.89 67.18
C PRO BB 5 -189.64 54.39 66.22
N MET BB 6 -188.43 53.90 66.40
CA MET BB 6 -187.26 54.40 65.68
C MET BB 6 -187.03 53.58 64.42
N ALA BB 7 -186.17 54.11 63.56
CA ALA BB 7 -185.61 53.34 62.45
C ALA BB 7 -184.30 52.68 62.80
N VAL BB 8 -183.76 52.94 63.99
CA VAL BB 8 -182.51 52.38 64.46
C VAL BB 8 -182.68 51.97 65.91
N GLY BB 9 -181.60 51.49 66.52
CA GLY BB 9 -181.63 51.13 67.93
C GLY BB 9 -181.84 49.64 68.16
N LEU BB 10 -181.80 49.28 69.45
CA LEU BB 10 -181.95 47.88 69.83
C LEU BB 10 -183.28 47.31 69.37
N ASN BB 11 -184.34 48.09 69.49
CA ASN BB 11 -185.69 47.66 69.17
C ASN BB 11 -186.16 48.56 68.03
N LYS BB 12 -185.88 48.16 66.80
CA LYS BB 12 -186.18 48.95 65.62
C LYS BB 12 -187.30 48.28 64.82
N GLY BB 13 -188.12 49.11 64.19
CA GLY BB 13 -189.18 48.59 63.36
C GLY BB 13 -190.51 49.29 63.50
N HIS BB 14 -191.46 48.93 62.63
CA HIS BB 14 -192.76 49.58 62.55
C HIS BB 14 -193.73 49.16 63.64
N LYS BB 15 -193.41 48.13 64.42
CA LYS BB 15 -194.22 47.73 65.57
C LYS BB 15 -195.64 47.34 65.16
N VAL BB 16 -195.73 46.24 64.42
CA VAL BB 16 -197.02 45.62 64.09
C VAL BB 16 -197.12 44.31 64.85
N THR BB 17 -198.30 44.03 65.39
CA THR BB 17 -198.47 42.86 66.24
C THR BB 17 -198.28 41.57 65.45
N LYS BB 18 -197.49 40.67 65.99
CA LYS BB 18 -197.16 39.41 65.36
C LYS BB 18 -198.30 38.43 65.57
N ASN BB 19 -198.61 37.65 64.53
CA ASN BB 19 -199.56 36.57 64.70
C ASN BB 19 -198.85 35.27 65.07
N VAL BB 20 -199.56 34.41 65.79
CA VAL BB 20 -199.04 33.13 66.22
C VAL BB 20 -199.68 32.04 65.38
N SER BB 21 -198.87 31.10 64.90
CA SER BB 21 -199.37 30.06 64.02
C SER BB 21 -198.47 28.85 64.12
N LYS BB 22 -199.06 27.68 63.88
CA LYS BB 22 -198.28 26.47 63.78
C LYS BB 22 -197.30 26.58 62.61
N PRO BB 23 -196.06 26.16 62.78
CA PRO BB 23 -195.11 26.21 61.66
C PRO BB 23 -195.58 25.31 60.54
N ARG BB 24 -195.24 25.71 59.31
CA ARG BB 24 -195.63 24.93 58.14
C ARG BB 24 -194.99 23.54 58.19
N HIS BB 25 -195.65 22.59 57.55
CA HIS BB 25 -195.21 21.20 57.65
C HIS BB 25 -193.85 20.97 57.00
N SER BB 26 -193.38 21.88 56.16
CA SER BB 26 -192.04 21.74 55.61
C SER BB 26 -190.98 21.78 56.69
N ARG BB 27 -191.20 22.56 57.75
CA ARG BB 27 -190.19 22.72 58.79
C ARG BB 27 -189.94 21.42 59.54
N ARG BB 28 -190.94 20.56 59.64
CA ARG BB 28 -190.81 19.35 60.45
C ARG BB 28 -189.85 18.33 59.83
N ARG BB 29 -189.41 18.53 58.60
CA ARG BB 29 -188.58 17.53 57.94
C ARG BB 29 -187.30 17.27 58.73
N GLY BB 30 -186.88 16.02 58.74
CA GLY BB 30 -185.70 15.61 59.45
C GLY BB 30 -185.90 15.29 60.90
N ARG BB 31 -187.08 15.60 61.47
CA ARG BB 31 -187.34 15.23 62.85
C ARG BB 31 -187.52 13.72 62.91
N LEU BB 32 -186.65 13.05 63.64
CA LEU BB 32 -186.60 11.60 63.62
C LEU BB 32 -187.86 11.04 64.27
N THR BB 33 -188.53 10.16 63.55
CA THR BB 33 -189.75 9.51 64.03
C THR BB 33 -189.40 8.21 64.73
N LYS BB 34 -190.32 7.76 65.61
CA LYS BB 34 -190.06 6.57 66.38
C LYS BB 34 -189.94 5.34 65.49
N HIS BB 35 -190.75 5.27 64.44
CA HIS BB 35 -190.68 4.13 63.54
C HIS BB 35 -189.43 4.18 62.68
N THR BB 36 -189.05 5.38 62.22
CA THR BB 36 -187.86 5.49 61.39
C THR BB 36 -186.59 5.25 62.19
N LYS BB 37 -186.56 5.70 63.45
CA LYS BB 37 -185.38 5.43 64.26
C LYS BB 37 -185.22 3.94 64.50
N PHE BB 38 -186.33 3.19 64.46
CA PHE BB 38 -186.25 1.75 64.62
C PHE BB 38 -185.57 1.09 63.43
N VAL BB 39 -185.81 1.60 62.22
CA VAL BB 39 -185.16 1.03 61.05
C VAL BB 39 -183.65 1.23 61.15
N ARG BB 40 -183.21 2.43 61.54
CA ARG BB 40 -181.80 2.76 61.42
C ARG BB 40 -180.94 2.01 62.42
N ASP BB 41 -181.30 1.99 63.70
CA ASP BB 41 -180.41 1.41 64.69
C ASP BB 41 -180.26 -0.09 64.47
N MET BB 42 -181.32 -0.72 63.97
CA MET BB 42 -181.26 -2.14 63.65
C MET BB 42 -180.42 -2.41 62.41
N ILE BB 43 -180.48 -1.55 61.40
CA ILE BB 43 -179.56 -1.69 60.27
C ILE BB 43 -178.13 -1.44 60.73
N ARG BB 44 -177.96 -0.52 61.68
CA ARG BB 44 -176.63 -0.20 62.18
C ARG BB 44 -175.95 -1.43 62.78
N GLU BB 45 -176.69 -2.22 63.55
CA GLU BB 45 -176.09 -3.43 64.11
C GLU BB 45 -175.96 -4.54 63.07
N VAL BB 46 -176.88 -4.59 62.10
CA VAL BB 46 -176.75 -5.58 61.04
C VAL BB 46 -175.58 -5.24 60.13
N CYS BB 47 -175.53 -3.99 59.64
CA CYS BB 47 -174.47 -3.62 58.71
C CYS BB 47 -173.16 -3.38 59.43
N GLY BB 48 -173.21 -2.90 60.67
CA GLY BB 48 -172.00 -2.65 61.41
C GLY BB 48 -171.51 -1.23 61.27
N PHE BB 49 -170.21 -1.05 61.13
CA PHE BB 49 -169.62 0.27 61.02
C PHE BB 49 -168.65 0.27 59.85
N ALA BB 50 -168.22 1.45 59.45
CA ALA BB 50 -167.24 1.63 58.40
C ALA BB 50 -165.83 1.47 58.96
N PRO BB 51 -164.85 1.16 58.10
CA PRO BB 51 -163.48 1.06 58.59
C PRO BB 51 -162.98 2.32 59.29
N TYR BB 52 -163.43 3.50 58.85
CA TYR BB 52 -163.00 4.71 59.51
C TYR BB 52 -163.69 4.90 60.85
N GLU BB 53 -164.96 4.50 60.95
CA GLU BB 53 -165.64 4.58 62.24
C GLU BB 53 -164.99 3.66 63.26
N ARG BB 54 -164.62 2.45 62.83
CA ARG BB 54 -163.97 1.52 63.75
C ARG BB 54 -162.59 2.00 64.17
N ARG BB 55 -161.94 2.86 63.39
CA ARG BB 55 -160.72 3.50 63.88
C ARG BB 55 -161.02 4.56 64.92
N ALA BB 56 -162.17 5.21 64.82
CA ALA BB 56 -162.54 6.24 65.79
C ALA BB 56 -162.68 5.66 67.19
N MET BB 57 -163.32 4.48 67.30
CA MET BB 57 -163.50 3.88 68.61
C MET BB 57 -162.17 3.59 69.29
N GLU BB 58 -161.20 3.07 68.54
CA GLU BB 58 -159.89 2.81 69.13
C GLU BB 58 -159.26 4.08 69.66
N LEU BB 59 -159.60 5.22 69.07
CA LEU BB 59 -159.13 6.48 69.61
C LEU BB 59 -159.91 6.88 70.86
N LEU BB 60 -161.16 6.44 70.97
CA LEU BB 60 -161.95 6.76 72.15
C LEU BB 60 -161.63 5.86 73.33
N LYS BB 61 -161.40 4.57 73.10
CA LYS BB 61 -161.09 3.69 74.23
C LYS BB 61 -159.79 4.11 74.90
N VAL BB 62 -158.72 4.32 74.12
CA VAL BB 62 -157.48 4.85 74.69
C VAL BB 62 -157.62 6.32 75.08
N SER BB 63 -158.76 6.93 74.77
CA SER BB 63 -159.13 8.27 75.24
C SER BB 63 -158.30 9.36 74.57
N LYS BB 64 -157.86 9.13 73.33
CA LYS BB 64 -157.30 10.19 72.50
C LYS BB 64 -158.44 10.95 71.83
N ASP BB 65 -159.21 11.66 72.66
CA ASP BB 65 -160.41 12.33 72.18
C ASP BB 65 -160.07 13.44 71.19
N LYS BB 66 -159.07 14.25 71.51
CA LYS BB 66 -158.68 15.33 70.61
C LYS BB 66 -158.17 14.79 69.28
N ARG BB 67 -157.52 13.64 69.32
CA ARG BB 67 -157.13 12.94 68.09
C ARG BB 67 -158.35 12.55 67.28
N ALA BB 68 -159.41 12.10 67.96
CA ALA BB 68 -160.60 11.60 67.26
C ALA BB 68 -161.28 12.70 66.48
N LEU BB 69 -161.33 13.92 67.02
CA LEU BB 69 -161.88 15.04 66.27
C LEU BB 69 -161.07 15.30 65.01
N LYS BB 70 -159.74 15.35 65.14
CA LYS BB 70 -158.90 15.56 63.97
C LYS BB 70 -159.12 14.46 62.94
N PHE BB 71 -159.15 13.20 63.39
CA PHE BB 71 -159.31 12.10 62.45
C PHE BB 71 -160.68 12.13 61.78
N ILE BB 72 -161.74 12.28 62.57
CA ILE BB 72 -163.09 12.24 62.01
C ILE BB 72 -163.35 13.45 61.12
N LYS BB 73 -162.96 14.64 61.57
CA LYS BB 73 -163.15 15.84 60.74
C LYS BB 73 -162.40 15.71 59.43
N LYS BB 74 -161.19 15.14 59.47
CA LYS BB 74 -160.47 14.84 58.24
C LYS BB 74 -161.25 13.86 57.38
N ARG BB 75 -161.89 12.87 58.02
CA ARG BB 75 -162.57 11.81 57.27
C ARG BB 75 -163.89 12.29 56.69
N VAL BB 76 -164.64 13.11 57.43
CA VAL BB 76 -165.97 13.50 56.99
C VAL BB 76 -165.93 14.86 56.31
N GLY BB 77 -165.33 15.85 56.96
CA GLY BB 77 -165.09 17.10 56.28
C GLY BB 77 -165.32 18.39 57.05
N THR BB 78 -166.30 18.42 57.95
CA THR BB 78 -166.65 19.65 58.64
C THR BB 78 -166.65 19.44 60.15
N HIS BB 79 -166.49 20.53 60.88
CA HIS BB 79 -166.40 20.45 62.34
C HIS BB 79 -167.73 20.03 62.95
N ILE BB 80 -168.83 20.62 62.52
CA ILE BB 80 -170.12 20.33 63.13
C ILE BB 80 -170.52 18.88 62.86
N ARG BB 81 -170.17 18.36 61.69
CA ARG BB 81 -170.44 16.96 61.41
C ARG BB 81 -169.52 16.05 62.22
N ALA BB 82 -168.25 16.44 62.34
CA ALA BB 82 -167.32 15.65 63.15
C ALA BB 82 -167.74 15.64 64.61
N LYS BB 83 -168.14 16.80 65.15
CA LYS BB 83 -168.57 16.85 66.53
C LYS BB 83 -169.82 16.01 66.76
N ARG BB 84 -170.79 16.09 65.85
CA ARG BB 84 -171.99 15.27 65.98
C ARG BB 84 -171.67 13.80 65.84
N LYS BB 85 -170.77 13.46 64.92
CA LYS BB 85 -170.38 12.07 64.75
C LYS BB 85 -169.62 11.57 65.97
N ARG BB 86 -168.62 12.33 66.43
CA ARG BB 86 -167.80 11.90 67.56
C ARG BB 86 -168.66 11.56 68.77
N GLU BB 87 -169.59 12.46 69.13
CA GLU BB 87 -170.42 12.21 70.29
C GLU BB 87 -171.38 11.05 70.05
N GLU BB 88 -171.55 10.65 68.79
CA GLU BB 88 -172.45 9.55 68.50
C GLU BB 88 -171.74 8.21 68.59
N LEU BB 89 -170.42 8.18 68.36
CA LEU BB 89 -169.67 6.95 68.57
C LEU BB 89 -169.36 6.73 70.03
N SER BB 90 -169.32 7.81 70.82
CA SER BB 90 -168.96 7.69 72.23
C SER BB 90 -170.07 7.04 73.03
N ASN BB 91 -171.32 7.48 72.84
CA ASN BB 91 -172.42 6.92 73.62
C ASN BB 91 -172.71 5.49 73.20
N VAL BB 92 -172.48 5.16 71.93
CA VAL BB 92 -172.53 3.76 71.53
C VAL BB 92 -171.42 2.97 72.20
N LEU BB 93 -170.22 3.55 72.30
CA LEU BB 93 -169.16 2.92 73.07
C LEU BB 93 -169.56 2.77 74.53
N ALA BB 94 -170.18 3.80 75.10
CA ALA BB 94 -170.68 3.70 76.46
C ALA BB 94 -171.87 2.76 76.56
N ALA BB 95 -172.60 2.58 75.45
CA ALA BB 95 -173.73 1.65 75.46
C ALA BB 95 -173.25 0.22 75.64
N MET BB 96 -172.22 -0.18 74.89
CA MET BB 96 -171.67 -1.51 75.06
C MET BB 96 -170.78 -1.62 76.30
N ARG BB 97 -170.16 -0.52 76.72
CA ARG BB 97 -169.29 -0.57 77.89
C ARG BB 97 -170.07 -0.98 79.13
N LYS BB 98 -171.28 -0.44 79.30
CA LYS BB 98 -172.12 -0.87 80.40
C LYS BB 98 -172.78 -2.21 80.11
N ALA BB 99 -173.00 -2.54 78.84
CA ALA BB 99 -173.53 -3.85 78.49
C ALA BB 99 -172.54 -4.96 78.85
N ALA BB 100 -171.26 -4.74 78.56
CA ALA BB 100 -170.24 -5.71 78.95
C ALA BB 100 -170.15 -5.84 80.45
N ALA BB 101 -170.52 -4.80 81.19
CA ALA BB 101 -170.52 -4.88 82.65
C ALA BB 101 -171.70 -5.69 83.16
N LYS BB 102 -172.77 -5.76 82.39
CA LYS BB 102 -173.99 -6.47 82.81
C LYS BB 102 -174.28 -7.64 81.87
N THR CB 1 -138.51 17.68 -15.05
CA THR CB 1 -139.33 18.62 -15.80
C THR CB 1 -140.80 18.57 -15.36
N LYS CB 2 -141.19 19.55 -14.55
CA LYS CB 2 -142.47 19.53 -13.85
C LYS CB 2 -143.59 20.21 -14.63
N GLY CB 3 -143.27 20.82 -15.77
CA GLY CB 3 -144.25 21.63 -16.46
C GLY CB 3 -145.05 20.89 -17.52
N THR CB 4 -144.80 21.21 -18.78
CA THR CB 4 -145.60 20.64 -19.86
C THR CB 4 -145.41 19.13 -19.96
N SER CB 5 -144.16 18.67 -19.95
CA SER CB 5 -143.91 17.24 -20.14
C SER CB 5 -144.46 16.42 -18.98
N SER CB 6 -144.56 17.01 -17.79
CA SER CB 6 -145.12 16.27 -16.66
C SER CB 6 -146.62 16.08 -16.83
N PHE CB 7 -147.31 17.03 -17.44
CA PHE CB 7 -148.74 16.90 -17.64
C PHE CB 7 -149.08 15.84 -18.68
N GLY CB 8 -148.11 15.37 -19.44
CA GLY CB 8 -148.44 14.43 -20.49
C GLY CB 8 -148.74 13.03 -20.05
N LYS CB 9 -148.48 12.69 -18.79
CA LYS CB 9 -148.59 11.31 -18.33
C LYS CB 9 -149.67 11.14 -17.28
N ARG CB 10 -150.75 11.92 -17.37
CA ARG CB 10 -151.89 11.76 -16.49
C ARG CB 10 -153.03 11.13 -17.27
N ARG CB 11 -153.26 9.84 -17.05
CA ARG CB 11 -154.30 9.10 -17.74
C ARG CB 11 -155.01 8.12 -16.81
N ASN CB 12 -155.07 8.43 -15.51
CA ASN CB 12 -155.69 7.56 -14.52
C ASN CB 12 -156.58 8.41 -13.63
N LYS CB 13 -157.89 8.22 -13.75
CA LYS CB 13 -158.81 9.00 -12.93
C LYS CB 13 -158.64 8.65 -11.46
N THR CB 14 -158.61 9.68 -10.61
CA THR CB 14 -158.65 9.47 -9.17
C THR CB 14 -160.07 9.53 -8.62
N HIS CB 15 -160.97 10.19 -9.34
CA HIS CB 15 -162.38 10.29 -8.96
C HIS CB 15 -163.25 9.84 -10.12
N THR CB 16 -164.34 9.16 -9.80
CA THR CB 16 -165.38 8.84 -10.75
C THR CB 16 -166.69 9.44 -10.26
N LEU CB 17 -167.78 9.07 -10.94
CA LEU CB 17 -169.09 9.55 -10.52
C LEU CB 17 -169.49 8.92 -9.19
N CYS CB 18 -170.29 9.65 -8.43
CA CYS CB 18 -170.77 9.20 -7.13
C CYS CB 18 -172.23 8.79 -7.28
N ARG CB 19 -172.60 7.65 -6.71
CA ARG CB 19 -173.97 7.16 -6.86
C ARG CB 19 -174.95 8.11 -6.20
N ARG CB 20 -174.69 8.48 -4.95
CA ARG CB 20 -175.48 9.48 -4.25
C ARG CB 20 -174.79 10.82 -4.38
N CYS CB 21 -175.56 11.85 -4.72
CA CYS CB 21 -175.14 13.22 -5.04
C CYS CB 21 -174.58 13.36 -6.45
N GLY CB 22 -174.39 12.27 -7.19
CA GLY CB 22 -174.11 12.33 -8.61
C GLY CB 22 -172.94 13.17 -9.08
N SER CB 23 -172.07 13.60 -8.17
CA SER CB 23 -170.92 14.40 -8.56
C SER CB 23 -169.74 13.51 -8.87
N LYS CB 24 -168.77 14.06 -9.60
CA LYS CB 24 -167.57 13.33 -9.97
C LYS CB 24 -166.53 13.48 -8.87
N ALA CB 25 -166.85 12.91 -7.71
CA ALA CB 25 -165.97 13.03 -6.56
C ALA CB 25 -165.84 11.74 -5.77
N TYR CB 26 -166.23 10.60 -6.34
CA TYR CB 26 -166.06 9.32 -5.65
C TYR CB 26 -164.62 8.87 -5.80
N HIS CB 27 -163.81 9.14 -4.79
CA HIS CB 27 -162.42 8.71 -4.78
C HIS CB 27 -162.35 7.18 -4.83
N LEU CB 28 -161.85 6.62 -5.92
CA LEU CB 28 -161.85 5.17 -6.07
C LEU CB 28 -161.00 4.50 -4.99
N GLN CB 29 -159.75 4.92 -4.85
CA GLN CB 29 -158.85 4.24 -3.93
C GLN CB 29 -159.28 4.42 -2.48
N LYS CB 30 -159.80 5.60 -2.15
CA LYS CB 30 -160.37 5.81 -0.82
C LYS CB 30 -161.79 5.27 -0.72
N SER CB 31 -162.45 4.99 -1.84
CA SER CB 31 -163.82 4.50 -1.86
C SER CB 31 -164.75 5.44 -1.12
N THR CB 32 -164.59 6.74 -1.33
CA THR CB 32 -165.28 7.77 -0.58
C THR CB 32 -165.55 8.97 -1.47
N CYS CB 33 -166.73 9.56 -1.33
CA CYS CB 33 -167.05 10.76 -2.08
C CYS CB 33 -166.56 11.99 -1.34
N GLY CB 34 -165.94 12.90 -2.08
CA GLY CB 34 -165.43 14.13 -1.50
C GLY CB 34 -166.48 15.20 -1.39
N LYS CB 35 -167.66 14.95 -1.96
CA LYS CB 35 -168.74 15.92 -1.92
C LYS CB 35 -169.77 15.56 -0.84
N CYS CB 36 -170.28 14.33 -0.88
CA CYS CB 36 -171.30 13.88 0.07
C CYS CB 36 -170.82 12.78 1.00
N GLY CB 37 -169.67 12.17 0.74
CA GLY CB 37 -169.17 11.20 1.68
C GLY CB 37 -170.01 9.94 1.68
N TYR CB 38 -169.90 9.13 0.64
CA TYR CB 38 -170.74 7.96 0.62
C TYR CB 38 -169.98 6.55 0.72
N PRO CB 39 -169.17 6.28 1.61
CA PRO CB 39 -169.44 5.12 2.41
C PRO CB 39 -170.54 5.28 3.43
N ALA CB 40 -170.82 6.52 3.68
CA ALA CB 40 -171.38 6.90 4.97
C ALA CB 40 -172.84 7.29 4.86
N LYS CB 41 -173.52 7.28 6.00
CA LYS CB 41 -174.96 7.46 6.05
C LYS CB 41 -175.35 8.92 6.28
N ARG CB 42 -174.59 9.66 7.05
CA ARG CB 42 -174.88 11.08 7.21
C ARG CB 42 -174.19 11.88 6.10
N LYS CB 43 -174.98 12.72 5.43
CA LYS CB 43 -174.48 13.49 4.31
C LYS CB 43 -173.47 14.53 4.78
N ARG CB 44 -172.42 14.72 4.00
CA ARG CB 44 -171.34 15.64 4.36
C ARG CB 44 -171.78 17.07 4.10
N LYS CB 45 -171.74 17.90 5.16
CA LYS CB 45 -172.19 19.27 5.07
C LYS CB 45 -171.42 20.09 6.11
N TYR CB 46 -170.81 21.17 5.67
CA TYR CB 46 -169.98 21.99 6.54
C TYR CB 46 -170.46 23.42 6.55
N ASN CB 47 -170.41 24.05 7.73
CA ASN CB 47 -170.90 25.41 7.87
C ASN CB 47 -169.91 26.43 7.32
N TRP CB 48 -168.63 26.08 7.22
CA TRP CB 48 -167.66 27.06 6.76
C TRP CB 48 -167.78 27.35 5.27
N SER CB 49 -168.61 26.62 4.54
CA SER CB 49 -168.91 26.93 3.15
C SER CB 49 -170.42 27.02 3.01
N ALA CB 50 -170.95 28.22 3.25
CA ALA CB 50 -172.40 28.41 3.15
C ALA CB 50 -172.86 28.35 1.69
N LYS CB 51 -171.95 28.62 0.75
CA LYS CB 51 -172.32 28.54 -0.66
C LYS CB 51 -172.64 27.10 -1.05
N ALA CB 52 -171.74 26.17 -0.72
CA ALA CB 52 -171.94 24.79 -1.14
C ALA CB 52 -173.17 24.18 -0.47
N LYS CB 53 -173.50 24.66 0.73
CA LYS CB 53 -174.74 24.21 1.37
C LYS CB 53 -175.94 24.56 0.52
N ARG CB 54 -175.99 25.79 0.02
CA ARG CB 54 -177.14 26.21 -0.77
C ARG CB 54 -177.09 25.68 -2.19
N ARG CB 55 -175.95 25.14 -2.61
CA ARG CB 55 -175.89 24.50 -3.93
C ARG CB 55 -176.65 23.19 -3.93
N ASN CB 56 -176.66 22.49 -2.80
CA ASN CB 56 -177.24 21.16 -2.69
C ASN CB 56 -178.16 21.03 -1.48
N THR CB 57 -179.07 21.98 -1.30
CA THR CB 57 -179.96 21.99 -0.17
C THR CB 57 -181.39 21.69 -0.61
N THR CB 58 -182.28 21.56 0.37
CA THR CB 58 -183.68 21.29 0.08
C THR CB 58 -184.30 22.42 -0.72
N GLY CB 59 -185.03 22.07 -1.76
CA GLY CB 59 -185.63 23.03 -2.66
C GLY CB 59 -184.82 23.32 -3.91
N THR CB 60 -183.57 22.85 -3.97
CA THR CB 60 -182.77 22.97 -5.17
C THR CB 60 -183.21 22.03 -6.28
N GLY CB 61 -183.56 20.81 -5.95
CA GLY CB 61 -183.84 19.78 -6.93
C GLY CB 61 -185.28 19.81 -7.41
N ARG CB 62 -185.94 18.65 -7.34
CA ARG CB 62 -187.28 18.50 -7.86
C ARG CB 62 -188.36 18.53 -6.79
N MET CB 63 -188.09 18.02 -5.60
CA MET CB 63 -189.07 17.96 -4.52
C MET CB 63 -190.29 17.14 -4.94
N ARG CB 64 -190.07 15.85 -5.22
CA ARG CB 64 -191.18 15.00 -5.61
C ARG CB 64 -192.24 14.95 -4.53
N HIS CB 65 -191.83 14.78 -3.28
CA HIS CB 65 -192.74 14.58 -2.17
C HIS CB 65 -193.00 15.86 -1.39
N LEU CB 66 -191.96 16.66 -1.17
CA LEU CB 66 -192.11 17.84 -0.33
C LEU CB 66 -193.03 18.86 -0.99
N LYS CB 67 -193.02 18.92 -2.31
CA LYS CB 67 -193.91 19.82 -3.05
C LYS CB 67 -195.38 19.48 -2.81
N ILE CB 68 -195.70 18.21 -2.61
CA ILE CB 68 -197.08 17.79 -2.45
C ILE CB 68 -197.55 17.94 -1.01
N VAL CB 69 -196.72 17.53 -0.04
CA VAL CB 69 -197.12 17.68 1.35
C VAL CB 69 -197.32 19.16 1.68
N TYR CB 70 -196.54 20.04 1.04
CA TYR CB 70 -196.81 21.46 1.16
C TYR CB 70 -198.21 21.81 0.66
N ARG CB 71 -198.67 21.10 -0.37
CA ARG CB 71 -199.98 21.39 -0.94
C ARG CB 71 -201.08 20.68 -0.16
N ARG CB 72 -200.81 19.46 0.31
CA ARG CB 72 -201.80 18.75 1.11
C ARG CB 72 -202.06 19.43 2.46
N PHE CB 73 -201.03 20.02 3.06
CA PHE CB 73 -201.20 20.69 4.35
C PHE CB 73 -202.25 21.79 4.27
N ARG CB 74 -202.44 22.37 3.08
CA ARG CB 74 -203.36 23.49 2.93
C ARG CB 74 -204.80 23.08 3.20
N HIS CB 75 -205.09 21.78 3.22
CA HIS CB 75 -206.43 21.28 3.50
C HIS CB 75 -206.45 20.35 4.71
N GLY CB 76 -205.42 20.40 5.56
CA GLY CB 76 -205.39 19.58 6.74
C GLY CB 76 -205.00 18.14 6.51
N PHE CB 77 -204.28 17.86 5.42
CA PHE CB 77 -203.90 16.50 5.05
C PHE CB 77 -205.11 15.58 4.97
N ARG CB 78 -206.20 16.08 4.39
CA ARG CB 78 -207.37 15.26 4.16
C ARG CB 78 -207.02 14.13 3.21
N GLU CB 79 -207.66 12.99 3.41
CA GLU CB 79 -207.39 11.83 2.58
C GLU CB 79 -208.49 10.80 2.78
N GLY CB 80 -208.57 9.85 1.86
CA GLY CB 80 -209.59 8.83 1.92
C GLY CB 80 -210.98 9.37 1.63
N THR CB 81 -211.04 10.59 1.10
CA THR CB 81 -212.32 11.23 0.77
C THR CB 81 -212.39 11.46 -0.74
N THR CB 82 -213.57 11.82 -1.18
CA THR CB 82 -213.87 12.08 -2.56
C THR CB 82 -214.46 13.48 -2.71
N PRO CB 83 -214.37 14.11 -3.87
CA PRO CB 83 -214.86 15.48 -4.02
C PRO CB 83 -216.37 15.59 -4.05
N LYS CB 84 -217.09 14.58 -3.53
CA LYS CB 84 -218.54 14.60 -3.44
C LYS CB 84 -219.09 14.71 -4.85
N PRO CB 85 -219.04 13.63 -5.63
CA PRO CB 85 -219.44 13.72 -7.04
C PRO CB 85 -220.93 14.02 -7.18
N LYS CB 86 -221.29 14.45 -8.38
CA LYS CB 86 -222.70 14.67 -8.70
C LYS CB 86 -223.45 13.35 -8.78
N PRO DB 1 -164.62 -33.75 -38.21
CA PRO DB 1 -164.98 -34.78 -39.19
C PRO DB 1 -164.27 -36.09 -38.92
N ARG DB 2 -164.96 -37.20 -39.13
CA ARG DB 2 -164.39 -38.52 -38.92
C ARG DB 2 -164.43 -39.32 -40.22
N LYS DB 3 -163.35 -40.04 -40.46
CA LYS DB 3 -163.18 -40.83 -41.68
C LYS DB 3 -163.59 -42.26 -41.42
N ILE DB 4 -164.39 -42.80 -42.34
CA ILE DB 4 -164.88 -44.17 -42.24
C ILE DB 4 -164.11 -45.04 -43.24
N GLU DB 5 -163.52 -46.11 -42.74
CA GLU DB 5 -162.61 -46.94 -43.53
C GLU DB 5 -163.37 -47.97 -44.35
N GLU DB 6 -164.12 -48.85 -43.69
CA GLU DB 6 -164.81 -49.92 -44.37
C GLU DB 6 -166.23 -49.46 -44.73
N ILE DB 7 -167.06 -50.40 -45.19
CA ILE DB 7 -168.31 -50.04 -45.84
C ILE DB 7 -169.51 -50.30 -44.92
N LYS DB 8 -169.51 -51.42 -44.20
CA LYS DB 8 -170.68 -51.76 -43.38
C LYS DB 8 -170.96 -50.70 -42.33
N ASP DB 9 -169.92 -50.14 -41.72
CA ASP DB 9 -170.12 -49.12 -40.70
C ASP DB 9 -170.74 -47.86 -41.28
N PHE DB 10 -170.30 -47.45 -42.48
CA PHE DB 10 -170.84 -46.24 -43.08
C PHE DB 10 -172.32 -46.39 -43.37
N LEU DB 11 -172.73 -47.56 -43.87
CA LEU DB 11 -174.16 -47.80 -44.06
C LEU DB 11 -174.90 -47.70 -42.74
N LEU DB 12 -174.44 -48.42 -41.72
CA LEU DB 12 -175.12 -48.40 -40.43
C LEU DB 12 -175.28 -46.98 -39.89
N THR DB 13 -174.30 -46.11 -40.12
CA THR DB 13 -174.45 -44.71 -39.75
C THR DB 13 -175.13 -43.89 -40.84
N ALA DB 14 -175.29 -44.44 -42.04
CA ALA DB 14 -176.08 -43.76 -43.06
C ALA DB 14 -177.57 -43.86 -42.76
N ARG DB 15 -178.02 -45.05 -42.35
CA ARG DB 15 -179.40 -45.22 -41.90
C ARG DB 15 -179.68 -44.53 -40.57
N ARG DB 16 -178.65 -43.96 -39.93
CA ARG DB 16 -178.81 -43.39 -38.60
C ARG DB 16 -179.84 -42.28 -38.61
N LYS DB 17 -180.61 -42.21 -37.52
CA LYS DB 17 -181.78 -41.33 -37.45
C LYS DB 17 -181.40 -39.87 -37.69
N ASP DB 18 -180.27 -39.44 -37.17
CA ASP DB 18 -179.87 -38.04 -37.21
C ASP DB 18 -179.12 -37.67 -38.50
N ALA DB 19 -178.96 -38.61 -39.43
CA ALA DB 19 -178.24 -38.35 -40.67
C ALA DB 19 -179.06 -37.38 -41.51
N LYS DB 20 -178.54 -36.18 -41.71
CA LYS DB 20 -179.31 -35.13 -42.37
C LYS DB 20 -179.22 -35.22 -43.89
N SER DB 21 -178.03 -35.53 -44.41
CA SER DB 21 -177.82 -35.56 -45.85
C SER DB 21 -176.53 -36.30 -46.14
N VAL DB 22 -176.40 -36.75 -47.38
CA VAL DB 22 -175.17 -37.35 -47.89
C VAL DB 22 -174.75 -36.57 -49.13
N LYS DB 23 -173.45 -36.36 -49.29
CA LYS DB 23 -172.89 -35.57 -50.37
C LYS DB 23 -172.00 -36.47 -51.21
N ILE DB 24 -172.14 -36.40 -52.52
CA ILE DB 24 -171.33 -37.18 -53.45
C ILE DB 24 -170.23 -36.28 -54.00
N LYS DB 25 -168.98 -36.66 -53.80
CA LYS DB 25 -167.85 -35.90 -54.32
C LYS DB 25 -166.99 -36.86 -55.14
N LYS DB 26 -166.69 -36.46 -56.38
CA LYS DB 26 -165.87 -37.26 -57.27
C LYS DB 26 -164.62 -36.47 -57.64
N ASN DB 27 -163.46 -37.02 -57.32
CA ASN DB 27 -162.19 -36.43 -57.70
C ASN DB 27 -161.58 -37.28 -58.82
N LYS DB 28 -160.36 -36.92 -59.21
CA LYS DB 28 -159.70 -37.66 -60.27
C LYS DB 28 -159.26 -39.05 -59.82
N ASP DB 29 -159.14 -39.28 -58.51
CA ASP DB 29 -158.60 -40.52 -58.01
C ASP DB 29 -159.47 -41.21 -56.97
N ASN DB 30 -160.57 -40.59 -56.55
CA ASN DB 30 -161.47 -41.20 -55.58
C ASN DB 30 -162.84 -40.55 -55.65
N VAL DB 31 -163.77 -41.11 -54.86
CA VAL DB 31 -165.11 -40.58 -54.71
C VAL DB 31 -165.44 -40.54 -53.23
N LYS DB 32 -165.93 -39.39 -52.75
CA LYS DB 32 -166.17 -39.20 -51.33
C LYS DB 32 -167.67 -39.18 -51.04
N PHE DB 33 -168.06 -39.89 -50.00
CA PHE DB 33 -169.42 -39.87 -49.47
C PHE DB 33 -169.38 -39.17 -48.12
N LYS DB 34 -170.15 -38.10 -47.98
CA LYS DB 34 -170.12 -37.29 -46.78
C LYS DB 34 -171.52 -37.21 -46.20
N VAL DB 35 -171.81 -38.04 -45.20
CA VAL DB 35 -173.08 -38.01 -44.49
C VAL DB 35 -172.96 -37.00 -43.35
N ARG DB 36 -173.91 -36.07 -43.28
CA ARG DB 36 -173.91 -35.02 -42.28
C ARG DB 36 -174.72 -35.50 -41.08
N CYS DB 37 -174.03 -35.89 -40.01
CA CYS DB 37 -174.67 -36.29 -38.78
C CYS DB 37 -174.84 -35.08 -37.88
N SER DB 38 -175.19 -35.34 -36.62
CA SER DB 38 -175.41 -34.24 -35.68
C SER DB 38 -174.08 -33.63 -35.22
N ARG DB 39 -173.18 -34.47 -34.71
CA ARG DB 39 -171.90 -34.00 -34.18
C ARG DB 39 -170.81 -33.95 -35.24
N TYR DB 40 -170.65 -35.02 -36.01
CA TYR DB 40 -169.57 -35.15 -36.98
C TYR DB 40 -170.11 -35.18 -38.40
N LEU DB 41 -169.23 -34.89 -39.35
CA LEU DB 41 -169.50 -35.12 -40.77
C LEU DB 41 -168.63 -36.28 -41.23
N TYR DB 42 -169.25 -37.43 -41.45
CA TYR DB 42 -168.53 -38.67 -41.74
C TYR DB 42 -168.23 -38.75 -43.22
N THR DB 43 -166.98 -38.99 -43.56
CA THR DB 43 -166.54 -39.11 -44.94
C THR DB 43 -166.04 -40.53 -45.20
N LEU DB 44 -166.49 -41.11 -46.31
CA LEU DB 44 -166.01 -42.41 -46.77
C LEU DB 44 -165.44 -42.24 -48.16
N VAL DB 45 -164.24 -42.76 -48.37
CA VAL DB 45 -163.51 -42.56 -49.62
C VAL DB 45 -163.18 -43.92 -50.21
N ILE DB 46 -163.53 -44.12 -51.48
CA ILE DB 46 -163.15 -45.34 -52.18
C ILE DB 46 -162.44 -44.97 -53.47
N THR DB 47 -161.60 -45.89 -53.93
CA THR DB 47 -160.72 -45.66 -55.08
C THR DB 47 -161.44 -45.91 -56.41
N ASP DB 48 -161.91 -47.14 -56.62
CA ASP DB 48 -162.44 -47.53 -57.92
C ASP DB 48 -163.97 -47.53 -57.87
N LYS DB 49 -164.57 -47.12 -58.99
CA LYS DB 49 -165.96 -46.69 -59.02
C LYS DB 49 -166.97 -47.83 -59.16
N GLU DB 50 -166.52 -49.07 -59.35
CA GLU DB 50 -167.49 -50.15 -59.50
C GLU DB 50 -168.12 -50.52 -58.15
N LYS DB 51 -167.42 -50.25 -57.04
CA LYS DB 51 -168.07 -50.27 -55.74
C LYS DB 51 -168.85 -48.98 -55.50
N ALA DB 52 -168.40 -47.87 -56.09
CA ALA DB 52 -169.09 -46.60 -55.92
C ALA DB 52 -170.49 -46.66 -56.52
N GLU DB 53 -170.62 -47.29 -57.69
CA GLU DB 53 -171.93 -47.40 -58.32
C GLU DB 53 -172.88 -48.23 -57.47
N LYS DB 54 -172.36 -49.29 -56.85
CA LYS DB 54 -173.21 -50.11 -55.99
C LYS DB 54 -173.65 -49.35 -54.75
N LEU DB 55 -172.75 -48.58 -54.15
CA LEU DB 55 -173.07 -47.90 -52.91
C LEU DB 55 -174.17 -46.87 -53.14
N LYS DB 56 -174.07 -46.11 -54.23
CA LYS DB 56 -175.08 -45.09 -54.51
C LYS DB 56 -176.42 -45.74 -54.85
N GLN DB 57 -176.39 -46.99 -55.33
CA GLN DB 57 -177.64 -47.70 -55.56
C GLN DB 57 -178.23 -48.22 -54.25
N SER DB 58 -177.37 -48.65 -53.34
CA SER DB 58 -177.78 -49.31 -52.10
C SER DB 58 -177.82 -48.34 -50.91
N LEU DB 59 -177.65 -47.06 -51.17
CA LEU DB 59 -177.71 -46.10 -50.07
C LEU DB 59 -179.14 -46.01 -49.52
N PRO DB 60 -179.30 -45.63 -48.27
CA PRO DB 60 -180.65 -45.58 -47.67
C PRO DB 60 -181.49 -44.50 -48.32
N PRO DB 61 -182.74 -44.81 -48.65
CA PRO DB 61 -183.61 -43.80 -49.27
C PRO DB 61 -184.24 -42.89 -48.23
N GLY DB 62 -184.99 -41.89 -48.69
CA GLY DB 62 -185.55 -40.90 -47.78
C GLY DB 62 -184.49 -40.00 -47.19
N LEU DB 63 -183.35 -39.89 -47.85
CA LEU DB 63 -182.24 -39.07 -47.37
C LEU DB 63 -181.77 -38.21 -48.53
N ALA DB 64 -181.32 -37.00 -48.20
CA ALA DB 64 -180.79 -36.11 -49.23
C ALA DB 64 -179.53 -36.71 -49.84
N VAL DB 65 -179.54 -36.85 -51.16
CA VAL DB 65 -178.44 -37.48 -51.88
C VAL DB 65 -177.86 -36.43 -52.82
N LYS DB 66 -177.87 -35.18 -52.38
CA LYS DB 66 -177.33 -34.09 -53.18
C LYS DB 66 -175.94 -34.43 -53.72
N GLU DB 67 -175.75 -34.15 -55.01
CA GLU DB 67 -174.52 -34.42 -55.74
C GLU DB 67 -173.79 -33.11 -56.05
N LEU DB 68 -172.48 -33.13 -55.87
CA LEU DB 68 -171.69 -31.91 -55.92
C LEU DB 68 -171.16 -31.57 -57.30
N LYS DB 69 -171.54 -32.34 -58.31
CA LYS DB 69 -171.29 -31.99 -59.70
C LYS DB 69 -172.49 -32.36 -60.57
N SER EB 1 -162.15 5.05 -24.42
CA SER EB 1 -161.80 3.65 -24.35
C SER EB 1 -162.92 2.78 -24.87
N SER EB 2 -162.57 1.81 -25.73
CA SER EB 2 -163.55 0.83 -26.18
C SER EB 2 -164.14 0.05 -25.01
N HIS EB 3 -163.35 -0.19 -23.97
CA HIS EB 3 -163.85 -0.80 -22.74
C HIS EB 3 -164.53 0.27 -21.91
N LYS EB 4 -165.85 0.17 -21.78
CA LYS EB 4 -166.58 1.10 -20.92
C LYS EB 4 -167.66 0.33 -20.17
N THR EB 5 -167.99 0.84 -18.99
CA THR EB 5 -169.04 0.25 -18.17
C THR EB 5 -170.41 0.63 -18.73
N PHE EB 6 -171.45 0.07 -18.12
CA PHE EB 6 -172.80 0.42 -18.53
C PHE EB 6 -173.20 1.82 -18.05
N ARG EB 7 -172.81 2.17 -16.81
CA ARG EB 7 -173.16 3.47 -16.28
C ARG EB 7 -172.55 4.58 -17.11
N ILE EB 8 -171.32 4.40 -17.56
CA ILE EB 8 -170.65 5.43 -18.34
C ILE EB 8 -171.29 5.54 -19.72
N LYS EB 9 -171.54 4.41 -20.37
CA LYS EB 9 -172.10 4.43 -21.71
C LYS EB 9 -173.48 5.07 -21.73
N ARG EB 10 -174.29 4.80 -20.70
CA ARG EB 10 -175.57 5.46 -20.58
C ARG EB 10 -175.40 6.97 -20.45
N PHE EB 11 -174.40 7.40 -19.67
CA PHE EB 11 -174.13 8.82 -19.51
C PHE EB 11 -173.68 9.45 -20.83
N LEU EB 12 -172.80 8.76 -21.56
CA LEU EB 12 -172.35 9.28 -22.85
C LEU EB 12 -173.51 9.39 -23.82
N ALA EB 13 -174.48 8.48 -23.73
CA ALA EB 13 -175.63 8.53 -24.62
C ALA EB 13 -176.42 9.82 -24.41
N LYS EB 14 -176.66 10.18 -23.16
CA LYS EB 14 -177.46 11.37 -22.89
C LYS EB 14 -176.76 12.63 -23.38
N LYS EB 15 -175.45 12.73 -23.19
CA LYS EB 15 -174.72 13.91 -23.63
C LYS EB 15 -174.78 14.05 -25.14
N GLN EB 16 -174.50 12.97 -25.86
CA GLN EB 16 -174.56 13.02 -27.32
C GLN EB 16 -175.98 13.28 -27.80
N LYS EB 17 -176.97 12.72 -27.12
CA LYS EB 17 -178.36 13.00 -27.45
C LYS EB 17 -178.73 14.44 -27.11
N GLN EB 18 -178.11 15.00 -26.07
CA GLN EB 18 -178.40 16.36 -25.63
C GLN EB 18 -177.76 17.42 -26.53
N ASN EB 19 -176.56 17.15 -27.05
CA ASN EB 19 -175.84 18.11 -27.88
C ASN EB 19 -176.37 17.98 -29.31
N ARG EB 20 -177.42 18.73 -29.59
CA ARG EB 20 -178.12 18.66 -30.87
C ARG EB 20 -178.76 20.02 -31.13
N PRO EB 21 -178.76 20.48 -32.38
CA PRO EB 21 -179.27 21.82 -32.67
C PRO EB 21 -180.73 21.99 -32.29
N ILE EB 22 -181.07 23.24 -31.94
CA ILE EB 22 -182.43 23.60 -31.56
C ILE EB 22 -183.35 23.43 -32.75
N PRO EB 23 -184.57 22.92 -32.56
CA PRO EB 23 -185.52 22.84 -33.67
C PRO EB 23 -185.83 24.21 -34.24
N GLN EB 24 -186.10 24.24 -35.54
CA GLN EB 24 -186.26 25.53 -36.22
C GLN EB 24 -187.59 26.18 -35.88
N TRP EB 25 -188.67 25.40 -35.82
CA TRP EB 25 -189.99 25.95 -35.55
C TRP EB 25 -190.09 26.60 -34.17
N ILE EB 26 -189.24 26.20 -33.23
CA ILE EB 26 -189.23 26.83 -31.92
C ILE EB 26 -188.99 28.32 -32.05
N ARG EB 27 -188.19 28.72 -33.03
CA ARG EB 27 -187.85 30.12 -33.18
C ARG EB 27 -189.07 30.99 -33.44
N MET EB 28 -190.09 30.43 -34.08
CA MET EB 28 -191.29 31.18 -34.43
C MET EB 28 -192.33 31.18 -33.33
N LYS EB 29 -192.10 30.49 -32.22
CA LYS EB 29 -193.05 30.45 -31.13
C LYS EB 29 -193.15 31.83 -30.46
N THR EB 30 -194.33 32.16 -29.96
CA THR EB 30 -194.52 33.49 -29.36
C THR EB 30 -193.74 33.60 -28.06
N GLY EB 31 -193.18 34.79 -27.83
CA GLY EB 31 -192.31 34.96 -26.68
C GLY EB 31 -191.10 34.05 -26.74
N ASN EB 32 -190.43 34.00 -27.88
CA ASN EB 32 -189.36 33.02 -28.11
C ASN EB 32 -188.21 33.24 -27.14
N LYS EB 33 -187.51 34.36 -27.27
CA LYS EB 33 -186.35 34.70 -26.45
C LYS EB 33 -185.30 33.59 -26.42
N ILE EB 34 -185.12 32.88 -27.53
CA ILE EB 34 -184.04 31.92 -27.68
C ILE EB 34 -183.50 32.02 -29.11
N ARG EB 35 -182.19 32.13 -29.24
CA ARG EB 35 -181.55 32.25 -30.54
C ARG EB 35 -180.87 30.96 -30.98
N TYR EB 36 -180.12 30.32 -30.09
CA TYR EB 36 -179.43 29.09 -30.43
C TYR EB 36 -179.24 28.28 -29.14
N ASN EB 37 -178.82 27.03 -29.31
CA ASN EB 37 -178.45 26.20 -28.18
C ASN EB 37 -177.11 26.67 -27.63
N SER EB 38 -177.15 27.42 -26.54
CA SER EB 38 -175.92 27.90 -25.94
C SER EB 38 -175.12 26.82 -25.23
N LYS EB 39 -175.70 25.63 -25.06
CA LYS EB 39 -175.05 24.55 -24.33
C LYS EB 39 -174.51 23.46 -25.25
N ARG EB 40 -174.27 23.79 -26.53
CA ARG EB 40 -173.60 22.85 -27.41
C ARG EB 40 -172.15 22.65 -26.98
N ARG EB 41 -171.70 21.40 -26.97
CA ARG EB 41 -170.32 21.08 -26.64
C ARG EB 41 -169.70 20.36 -27.82
N HIS EB 42 -168.43 20.65 -28.08
CA HIS EB 42 -167.66 19.98 -29.11
C HIS EB 42 -166.62 19.10 -28.44
N TRP EB 43 -166.46 17.89 -28.95
CA TRP EB 43 -165.59 16.91 -28.30
C TRP EB 43 -164.15 17.43 -28.22
N ARG EB 44 -163.69 18.10 -29.26
CA ARG EB 44 -162.33 18.62 -29.27
C ARG EB 44 -162.17 19.89 -28.45
N ARG EB 45 -163.22 20.71 -28.36
CA ARG EB 45 -163.09 22.01 -27.69
C ARG EB 45 -163.09 21.86 -26.18
N THR EB 46 -164.18 21.33 -25.62
CA THR EB 46 -164.30 21.15 -24.19
C THR EB 46 -164.68 19.71 -23.88
N LYS EB 47 -164.09 19.17 -22.83
CA LYS EB 47 -164.30 17.78 -22.44
C LYS EB 47 -165.27 17.71 -21.27
N LEU EB 48 -166.01 16.61 -21.22
CA LEU EB 48 -166.95 16.38 -20.13
C LEU EB 48 -166.20 16.28 -18.81
N GLY EB 49 -166.97 16.36 -17.72
CA GLY EB 49 -166.35 16.42 -16.40
C GLY EB 49 -165.45 15.24 -16.11
N LEU EB 50 -165.90 14.05 -16.46
CA LEU EB 50 -165.07 12.85 -16.33
C LEU EB 50 -163.94 12.88 -17.34
N ILE FB 1 -58.53 77.52 -35.88
CA ILE FB 1 -57.46 78.35 -36.42
C ILE FB 1 -58.01 79.72 -36.81
N ILE FB 2 -59.18 80.07 -36.29
CA ILE FB 2 -59.76 81.38 -36.56
C ILE FB 2 -58.91 82.44 -35.87
N GLU FB 3 -58.52 83.45 -36.64
CA GLU FB 3 -57.61 84.46 -36.10
C GLU FB 3 -58.34 85.34 -35.10
N PRO FB 4 -57.69 85.76 -34.00
CA PRO FB 4 -58.44 86.21 -32.82
C PRO FB 4 -59.44 87.33 -33.06
N SER FB 5 -59.13 88.34 -33.88
CA SER FB 5 -60.10 89.42 -34.07
C SER FB 5 -61.36 88.90 -34.74
N LEU FB 6 -61.22 87.98 -35.70
CA LEU FB 6 -62.38 87.33 -36.27
C LEU FB 6 -63.14 86.53 -35.21
N ARG FB 7 -62.42 85.84 -34.33
CA ARG FB 7 -63.07 85.05 -33.29
C ARG FB 7 -63.90 85.93 -32.38
N GLN FB 8 -63.33 87.05 -31.92
CA GLN FB 8 -64.09 87.95 -31.06
C GLN FB 8 -65.16 88.69 -31.83
N LEU FB 9 -65.01 88.79 -33.16
CA LEU FB 9 -66.08 89.34 -33.97
C LEU FB 9 -67.31 88.45 -33.92
N ALA FB 10 -67.13 87.14 -34.11
CA ALA FB 10 -68.25 86.22 -34.01
C ALA FB 10 -68.79 86.16 -32.59
N GLN FB 11 -67.90 86.22 -31.60
CA GLN FB 11 -68.33 86.10 -30.20
C GLN FB 11 -69.26 87.23 -29.78
N LYS FB 12 -69.23 88.37 -30.48
CA LYS FB 12 -70.05 89.48 -30.02
C LYS FB 12 -71.52 89.25 -30.32
N TYR FB 13 -71.82 88.51 -31.38
CA TYR FB 13 -73.17 88.09 -31.72
C TYR FB 13 -73.55 86.76 -31.09
N ASN FB 14 -72.57 86.00 -30.61
CA ASN FB 14 -72.73 84.59 -30.34
C ASN FB 14 -72.59 84.23 -28.87
N CYS FB 15 -71.50 84.64 -28.23
CA CYS FB 15 -71.20 84.27 -26.85
C CYS FB 15 -71.47 85.40 -25.86
N ASP FB 16 -71.02 86.61 -26.16
CA ASP FB 16 -71.18 87.73 -25.23
C ASP FB 16 -72.64 88.17 -25.30
N LYS FB 17 -73.48 87.44 -24.57
CA LYS FB 17 -74.90 87.74 -24.47
C LYS FB 17 -75.32 87.71 -23.02
N MET FB 18 -76.63 87.81 -22.79
CA MET FB 18 -77.22 87.72 -21.48
C MET FB 18 -78.43 86.80 -21.54
N ILE FB 19 -78.61 85.97 -20.53
CA ILE FB 19 -79.64 84.95 -20.52
C ILE FB 19 -80.61 85.23 -19.37
N CYS FB 20 -81.89 85.30 -19.68
CA CYS FB 20 -82.90 85.40 -18.64
C CYS FB 20 -82.96 84.10 -17.86
N ARG FB 21 -82.99 84.21 -16.53
CA ARG FB 21 -83.02 83.03 -15.70
C ARG FB 21 -84.37 82.33 -15.72
N LYS FB 22 -85.42 83.01 -16.16
CA LYS FB 22 -86.78 82.46 -16.11
C LYS FB 22 -87.19 81.83 -17.43
N CYS FB 23 -86.84 82.43 -18.56
CA CYS FB 23 -87.29 81.94 -19.85
C CYS FB 23 -86.15 81.65 -20.83
N TYR FB 24 -84.90 81.68 -20.36
CA TYR FB 24 -83.75 81.24 -21.16
C TYR FB 24 -83.56 82.07 -22.42
N ALA FB 25 -84.12 83.27 -22.46
CA ALA FB 25 -84.01 84.09 -23.66
C ALA FB 25 -82.58 84.61 -23.82
N ARG FB 26 -82.24 84.95 -25.06
CA ARG FB 26 -80.92 85.49 -25.39
C ARG FB 26 -81.00 87.00 -25.53
N LEU FB 27 -80.29 87.71 -24.66
CA LEU FB 27 -80.40 89.16 -24.55
C LEU FB 27 -79.04 89.80 -24.78
N HIS FB 28 -79.06 91.06 -25.19
CA HIS FB 28 -77.84 91.81 -25.40
C HIS FB 28 -77.09 91.98 -24.08
N PRO FB 29 -75.76 92.11 -24.12
CA PRO FB 29 -74.99 92.08 -22.87
C PRO FB 29 -75.39 93.13 -21.85
N ARG FB 30 -75.73 94.34 -22.30
CA ARG FB 30 -76.06 95.45 -21.42
C ARG FB 30 -77.52 95.46 -21.00
N ALA FB 31 -78.18 94.31 -21.03
CA ALA FB 31 -79.58 94.23 -20.67
C ALA FB 31 -79.75 94.25 -19.15
N VAL FB 32 -80.97 94.59 -18.72
CA VAL FB 32 -81.36 94.55 -17.32
C VAL FB 32 -82.59 93.69 -17.11
N ASN FB 33 -83.65 93.95 -17.89
CA ASN FB 33 -84.88 93.18 -17.83
C ASN FB 33 -85.10 92.44 -19.14
N CYS FB 34 -85.66 91.24 -19.03
CA CYS FB 34 -85.93 90.44 -20.22
C CYS FB 34 -86.99 91.11 -21.09
N ARG FB 35 -86.84 90.94 -22.40
CA ARG FB 35 -87.74 91.54 -23.37
C ARG FB 35 -88.96 90.69 -23.67
N LYS FB 36 -89.05 89.49 -23.10
CA LYS FB 36 -90.09 88.55 -23.46
C LYS FB 36 -91.15 88.50 -22.36
N LYS FB 37 -92.41 88.63 -22.76
CA LYS FB 37 -93.47 88.89 -21.81
C LYS FB 37 -93.79 87.69 -20.94
N LYS FB 38 -93.53 86.46 -21.43
CA LYS FB 38 -93.96 85.29 -20.69
C LYS FB 38 -93.29 85.21 -19.33
N CYS FB 39 -92.11 85.79 -19.19
CA CYS FB 39 -91.44 85.84 -17.90
C CYS FB 39 -91.74 87.12 -17.14
N GLY FB 40 -92.57 88.01 -17.71
CA GLY FB 40 -92.94 89.22 -17.01
C GLY FB 40 -91.86 90.28 -16.97
N HIS FB 41 -90.95 90.27 -17.95
CA HIS FB 41 -89.85 91.23 -18.03
C HIS FB 41 -89.01 91.20 -16.75
N THR FB 42 -88.78 90.00 -16.23
CA THR FB 42 -88.05 89.88 -14.99
C THR FB 42 -86.60 90.34 -15.18
N ASN FB 43 -86.01 90.81 -14.09
CA ASN FB 43 -84.62 91.23 -14.08
C ASN FB 43 -83.68 90.14 -13.61
N ASN FB 44 -84.18 88.93 -13.36
CA ASN FB 44 -83.33 87.81 -12.99
C ASN FB 44 -82.56 87.37 -14.23
N LEU FB 45 -81.38 87.93 -14.41
CA LEU FB 45 -80.56 87.68 -15.60
C LEU FB 45 -79.23 87.09 -15.18
N ARG FB 46 -78.61 86.36 -16.09
CA ARG FB 46 -77.27 85.87 -15.89
C ARG FB 46 -76.51 86.05 -17.20
N PRO FB 47 -75.19 86.20 -17.14
CA PRO FB 47 -74.41 86.18 -18.37
C PRO FB 47 -74.43 84.79 -19.00
N LYS FB 48 -74.32 84.75 -20.33
CA LYS FB 48 -74.17 83.48 -21.01
C LYS FB 48 -72.83 82.87 -20.66
N LYS FB 49 -72.84 81.58 -20.31
CA LYS FB 49 -71.64 80.91 -19.84
C LYS FB 49 -70.61 80.83 -20.95
N LYS FB 50 -69.34 81.01 -20.60
CA LYS FB 50 -68.26 80.97 -21.57
C LYS FB 50 -67.76 79.55 -21.73
N VAL FB 51 -66.84 79.34 -22.67
CA VAL FB 51 -66.33 78.00 -22.99
C VAL FB 51 -65.09 77.70 -22.17
N LYS FB 52 -64.83 78.50 -21.14
CA LYS FB 52 -63.64 78.32 -20.31
C LYS FB 52 -63.61 76.95 -19.65
N MET GB 1 -73.16 -1.70 23.39
CA MET GB 1 -74.60 -1.81 23.53
C MET GB 1 -75.01 -3.23 23.17
N ARG GB 2 -76.09 -3.71 23.80
CA ARG GB 2 -76.52 -5.09 23.63
C ARG GB 2 -76.77 -5.40 22.15
N ALA GB 3 -76.26 -6.54 21.70
CA ALA GB 3 -76.27 -6.84 20.27
C ALA GB 3 -77.69 -7.01 19.75
N LYS GB 4 -78.58 -7.56 20.56
CA LYS GB 4 -79.96 -7.75 20.10
C LYS GB 4 -80.67 -6.42 19.93
N TRP GB 5 -80.47 -5.47 20.84
CA TRP GB 5 -81.12 -4.17 20.71
C TRP GB 5 -80.55 -3.38 19.54
N ARG GB 6 -79.23 -3.42 19.34
CA ARG GB 6 -78.66 -2.84 18.15
C ARG GB 6 -79.27 -3.45 16.89
N LYS GB 7 -79.52 -4.76 16.93
CA LYS GB 7 -80.23 -5.40 15.82
C LYS GB 7 -81.64 -4.85 15.69
N LYS GB 8 -82.36 -4.76 16.80
CA LYS GB 8 -83.72 -4.24 16.77
C LYS GB 8 -83.74 -2.78 16.34
N ARG GB 9 -82.81 -1.97 16.86
CA ARG GB 9 -82.83 -0.54 16.54
C ARG GB 9 -82.58 -0.30 15.06
N MET GB 10 -81.62 -0.99 14.46
CA MET GB 10 -81.36 -0.80 13.04
C MET GB 10 -82.49 -1.34 12.17
N ARG GB 11 -83.35 -2.18 12.74
CA ARG GB 11 -84.54 -2.60 12.01
C ARG GB 11 -85.55 -1.47 11.90
N ARG GB 12 -85.71 -0.70 12.96
CA ARG GB 12 -86.54 0.50 12.90
C ARG GB 12 -85.95 1.50 11.91
N LEU GB 13 -84.63 1.67 11.92
CA LEU GB 13 -84.00 2.60 11.01
C LEU GB 13 -84.22 2.20 9.57
N LYS GB 14 -83.90 0.95 9.21
CA LYS GB 14 -84.04 0.55 7.81
C LYS GB 14 -85.49 0.48 7.40
N ARG GB 15 -86.40 0.20 8.34
CA ARG GB 15 -87.81 0.35 8.05
C ARG GB 15 -88.16 1.82 7.80
N LYS GB 16 -87.61 2.73 8.61
CA LYS GB 16 -87.93 4.14 8.46
C LYS GB 16 -87.46 4.66 7.11
N ARG GB 17 -86.25 4.28 6.68
CA ARG GB 17 -85.74 4.81 5.44
C ARG GB 17 -86.44 4.18 4.24
N ARG GB 18 -87.24 3.15 4.47
CA ARG GB 18 -88.11 2.63 3.42
C ARG GB 18 -89.32 3.53 3.23
N LYS GB 19 -89.54 4.47 4.16
CA LYS GB 19 -90.68 5.37 4.03
C LYS GB 19 -90.39 6.49 3.06
N MET GB 20 -89.28 7.21 3.28
CA MET GB 20 -88.96 8.32 2.38
C MET GB 20 -88.44 7.85 1.03
N ARG GB 21 -88.00 6.61 0.91
CA ARG GB 21 -87.54 6.13 -0.39
C ARG GB 21 -88.70 5.95 -1.36
N GLN GB 22 -89.77 5.29 -0.92
CA GLN GB 22 -90.95 5.18 -1.78
C GLN GB 22 -91.68 6.50 -1.89
N ARG GB 23 -91.56 7.37 -0.89
CA ARG GB 23 -92.22 8.67 -0.95
C ARG GB 23 -91.71 9.49 -2.13
N SER GB 24 -90.40 9.46 -2.37
CA SER GB 24 -89.81 10.19 -3.48
C SER GB 24 -90.28 9.65 -4.84
N VAL HB 1 -122.64 53.37 58.08
CA VAL HB 1 -122.75 54.34 59.17
C VAL HB 1 -122.91 53.63 60.49
N ASN HB 2 -122.77 54.37 61.58
CA ASN HB 2 -122.90 53.85 62.93
C ASN HB 2 -123.94 54.66 63.68
N VAL HB 3 -124.86 53.98 64.36
CA VAL HB 3 -125.86 54.68 65.17
C VAL HB 3 -125.98 53.97 66.50
N PRO HB 4 -126.20 54.74 67.56
CA PRO HB 4 -126.27 54.16 68.90
C PRO HB 4 -127.51 53.31 69.07
N LYS HB 5 -127.42 52.32 69.96
CA LYS HB 5 -128.55 51.42 70.19
C LYS HB 5 -129.70 52.11 70.90
N THR HB 6 -129.47 53.24 71.57
CA THR HB 6 -130.53 53.97 72.23
C THR HB 6 -130.38 55.46 71.92
N ARG HB 7 -131.51 56.15 71.89
CA ARG HB 7 -131.49 57.59 71.68
C ARG HB 7 -132.80 58.19 72.18
N ARG HB 8 -132.71 59.39 72.73
CA ARG HB 8 -133.90 60.13 73.12
C ARG HB 8 -134.47 60.85 71.92
N THR HB 9 -135.77 60.65 71.67
CA THR HB 9 -136.43 61.31 70.56
C THR HB 9 -137.93 61.29 70.85
N PHE HB 10 -138.66 62.07 70.06
CA PHE HB 10 -140.09 62.28 70.31
C PHE HB 10 -140.85 60.97 70.23
N CYS HB 11 -141.57 60.64 71.30
CA CYS HB 11 -142.45 59.48 71.33
C CYS HB 11 -143.88 59.97 71.14
N LYS HB 12 -144.56 59.41 70.14
CA LYS HB 12 -145.85 59.96 69.74
C LYS HB 12 -146.95 59.62 70.74
N LYS HB 13 -146.84 58.50 71.43
CA LYS HB 13 -147.89 58.08 72.36
C LYS HB 13 -147.99 59.04 73.54
N CYS HB 14 -146.86 59.30 74.20
CA CYS HB 14 -146.85 60.14 75.40
C CYS HB 14 -146.58 61.60 75.11
N GLY HB 15 -146.30 61.95 73.86
CA GLY HB 15 -146.19 63.34 73.46
C GLY HB 15 -145.05 64.11 74.10
N LYS HB 16 -143.92 63.45 74.34
CA LYS HB 16 -142.72 64.14 74.79
C LYS HB 16 -141.52 63.30 74.42
N HIS HB 17 -140.34 63.92 74.44
CA HIS HB 17 -139.11 63.19 74.17
C HIS HB 17 -138.89 62.17 75.27
N GLN HB 18 -138.64 60.93 74.88
CA GLN HB 18 -138.38 59.84 75.81
C GLN HB 18 -137.25 58.99 75.27
N PRO HB 19 -136.54 58.27 76.13
CA PRO HB 19 -135.53 57.33 75.65
C PRO HB 19 -136.16 56.25 74.80
N HIS HB 20 -135.48 55.91 73.71
CA HIS HB 20 -135.92 54.86 72.82
C HIS HB 20 -134.77 53.88 72.63
N LYS HB 21 -135.10 52.63 72.34
CA LYS HB 21 -134.09 51.66 71.95
C LYS HB 21 -134.30 51.27 70.50
N VAL HB 22 -133.25 51.40 69.70
CA VAL HB 22 -133.35 51.21 68.26
C VAL HB 22 -132.82 49.83 67.91
N THR HB 23 -133.33 49.31 66.80
CA THR HB 23 -132.85 48.05 66.24
C THR HB 23 -133.20 48.05 64.76
N GLN HB 24 -132.38 47.34 63.98
CA GLN HB 24 -132.57 47.31 62.53
C GLN HB 24 -133.85 46.56 62.22
N TYR HB 25 -134.75 47.21 61.48
CA TYR HB 25 -136.00 46.58 61.10
C TYR HB 25 -135.78 45.54 60.03
N LYS HB 26 -136.51 44.44 60.11
CA LYS HB 26 -136.42 43.35 59.15
C LYS HB 26 -137.81 43.04 58.62
N LYS HB 27 -137.91 42.85 57.30
CA LYS HB 27 -139.20 42.56 56.69
C LYS HB 27 -139.71 41.21 57.15
N GLY HB 28 -140.97 41.16 57.56
CA GLY HB 28 -141.57 39.92 57.99
C GLY HB 28 -141.89 39.00 56.83
N LYS HB 29 -142.26 37.77 57.17
CA LYS HB 29 -142.60 36.80 56.14
C LYS HB 29 -143.98 37.07 55.58
N ASP HB 30 -144.18 36.71 54.32
CA ASP HB 30 -145.46 36.96 53.66
C ASP HB 30 -146.56 36.13 54.29
N SER HB 31 -147.76 36.71 54.37
CA SER HB 31 -148.82 36.10 55.15
C SER HB 31 -149.42 34.88 54.45
N LEU HB 32 -149.32 34.83 53.12
CA LEU HB 32 -149.88 33.74 52.32
C LEU HB 32 -151.41 33.78 52.34
N TYR HB 33 -151.97 34.71 53.11
CA TYR HB 33 -153.42 34.90 53.13
C TYR HB 33 -153.80 36.37 53.01
N ALA HB 34 -152.89 37.23 52.59
CA ALA HB 34 -153.25 38.58 52.23
C ALA HB 34 -153.98 38.58 50.90
N GLN HB 35 -154.77 39.62 50.65
CA GLN HB 35 -155.61 39.64 49.47
C GLN HB 35 -154.78 39.60 48.20
N GLY HB 36 -153.64 40.28 48.17
CA GLY HB 36 -152.78 40.25 47.00
C GLY HB 36 -152.19 38.87 46.76
N LYS HB 37 -151.74 38.21 47.82
CA LYS HB 37 -151.23 36.85 47.67
C LYS HB 37 -152.34 35.88 47.29
N ARG HB 38 -153.52 36.07 47.88
CA ARG HB 38 -154.66 35.22 47.53
C ARG HB 38 -155.04 35.39 46.06
N ARG HB 39 -155.02 36.63 45.58
CA ARG HB 39 -155.34 36.87 44.17
C ARG HB 39 -154.26 36.30 43.26
N TYR HB 40 -152.99 36.53 43.60
CA TYR HB 40 -151.90 36.04 42.77
C TYR HB 40 -151.88 34.52 42.71
N ASP HB 41 -152.09 33.87 43.87
CA ASP HB 41 -152.08 32.42 43.89
C ASP HB 41 -153.20 31.84 43.06
N ARG HB 42 -154.40 32.46 43.12
CA ARG HB 42 -155.49 32.01 42.28
C ARG HB 42 -155.15 32.20 40.80
N LYS HB 43 -154.52 33.32 40.46
CA LYS HB 43 -154.12 33.56 39.09
C LYS HB 43 -153.15 32.50 38.60
N GLN HB 44 -152.15 32.17 39.42
CA GLN HB 44 -151.13 31.21 39.00
C GLN HB 44 -151.67 29.79 38.88
N SER HB 45 -152.81 29.50 39.48
CA SER HB 45 -153.40 28.18 39.37
C SER HB 45 -153.85 27.93 37.94
N GLY HB 46 -153.89 26.65 37.56
CA GLY HB 46 -154.28 26.30 36.22
C GLY HB 46 -153.14 26.50 35.23
N TYR HB 47 -153.51 26.55 33.97
CA TYR HB 47 -152.55 26.73 32.89
C TYR HB 47 -152.35 28.22 32.62
N GLY HB 48 -151.51 28.54 31.65
CA GLY HB 48 -151.16 29.91 31.36
C GLY HB 48 -149.80 30.32 31.86
N GLY HB 49 -149.18 29.54 32.74
CA GLY HB 49 -147.86 29.89 33.17
C GLY HB 49 -147.86 31.09 34.09
N GLN HB 50 -146.69 31.72 34.21
CA GLN HB 50 -146.54 32.88 35.07
C GLN HB 50 -147.37 34.03 34.53
N THR HB 51 -148.12 34.67 35.41
CA THR HB 51 -149.10 35.67 35.04
C THR HB 51 -148.68 37.10 35.36
N LYS HB 52 -147.89 37.29 36.41
CA LYS HB 52 -147.42 38.59 36.83
C LYS HB 52 -145.93 38.72 36.55
N PRO HB 53 -145.43 39.94 36.34
CA PRO HB 53 -144.01 40.09 35.96
C PRO HB 53 -143.07 39.69 37.08
N ILE HB 54 -141.84 39.34 36.70
CA ILE HB 54 -140.73 39.14 37.61
C ILE HB 54 -139.68 40.19 37.32
N PHE HB 55 -139.28 40.95 38.33
CA PHE HB 55 -138.48 42.15 38.11
C PHE HB 55 -137.19 41.83 37.36
N ARG HB 56 -136.30 41.07 37.99
CA ARG HB 56 -135.00 40.67 37.44
C ARG HB 56 -134.26 41.76 36.67
N LYS HB 57 -134.16 42.96 37.24
CA LYS HB 57 -133.24 43.98 36.74
C LYS HB 57 -132.22 44.37 37.79
N LYS HB 58 -132.66 44.68 39.02
CA LYS HB 58 -131.78 44.91 40.15
C LYS HB 58 -130.73 45.97 39.84
N ALA HB 59 -131.21 47.19 39.59
CA ALA HB 59 -130.30 48.31 39.38
C ALA HB 59 -129.70 48.83 40.68
N LYS HB 60 -130.48 48.84 41.77
CA LYS HB 60 -130.00 49.36 43.03
C LYS HB 60 -128.90 48.48 43.60
N THR HB 61 -127.98 49.11 44.33
CA THR HB 61 -126.90 48.38 44.98
C THR HB 61 -127.14 48.21 46.47
N THR HB 62 -127.70 49.22 47.11
CA THR HB 62 -127.93 49.22 48.55
C THR HB 62 -129.41 49.39 48.84
N LYS HB 63 -129.74 49.48 50.13
CA LYS HB 63 -131.10 49.64 50.59
C LYS HB 63 -131.18 50.78 51.58
N LYS HB 64 -132.34 51.45 51.61
CA LYS HB 64 -132.61 52.38 52.70
C LYS HB 64 -132.78 51.59 53.99
N ILE HB 65 -132.18 52.07 55.05
CA ILE HB 65 -132.19 51.36 56.33
C ILE HB 65 -133.25 51.98 57.23
N VAL HB 66 -134.04 51.12 57.86
CA VAL HB 66 -135.09 51.55 58.78
C VAL HB 66 -134.75 51.10 60.18
N LEU HB 67 -134.81 52.03 61.13
CA LEU HB 67 -134.55 51.75 62.53
C LEU HB 67 -135.89 51.64 63.23
N ARG HB 68 -136.17 50.47 63.80
CA ARG HB 68 -137.38 50.29 64.58
C ARG HB 68 -137.11 50.66 66.03
N LEU HB 69 -137.60 51.80 66.45
CA LEU HB 69 -137.33 52.33 67.79
C LEU HB 69 -138.60 52.34 68.62
N GLU HB 70 -138.49 51.89 69.86
CA GLU HB 70 -139.60 51.85 70.80
C GLU HB 70 -139.19 52.52 72.09
N CYS HB 71 -140.14 53.23 72.71
CA CYS HB 71 -139.83 53.98 73.91
C CYS HB 71 -139.72 53.04 75.11
N VAL HB 72 -138.77 53.34 76.00
CA VAL HB 72 -138.46 52.46 77.12
C VAL HB 72 -139.45 52.60 78.27
N GLU HB 73 -140.39 53.52 78.17
CA GLU HB 73 -141.44 53.62 79.17
C GLU HB 73 -142.18 52.29 79.27
N PRO HB 74 -142.45 51.81 80.47
CA PRO HB 74 -143.10 50.51 80.59
C PRO HB 74 -144.59 50.58 80.36
N ASN HB 75 -145.20 51.72 80.68
CA ASN HB 75 -146.64 51.88 80.46
C ASN HB 75 -146.96 51.88 78.98
N CYS HB 76 -146.27 52.70 78.19
CA CYS HB 76 -146.45 52.76 76.75
C CYS HB 76 -145.17 52.28 76.09
N ARG HB 77 -145.30 51.38 75.12
CA ARG HB 77 -144.16 50.82 74.43
C ARG HB 77 -144.34 50.94 72.92
N SER HB 78 -144.78 52.10 72.47
CA SER HB 78 -145.03 52.30 71.05
C SER HB 78 -143.74 52.24 70.26
N LYS HB 79 -143.81 51.61 69.09
CA LYS HB 79 -142.66 51.43 68.21
C LYS HB 79 -142.90 52.22 66.94
N ARG HB 80 -141.97 53.11 66.62
CA ARG HB 80 -142.04 53.92 65.42
C ARG HB 80 -140.95 53.47 64.45
N MET HB 81 -141.10 53.84 63.19
CA MET HB 81 -140.13 53.49 62.16
C MET HB 81 -139.53 54.75 61.57
N LEU HB 82 -138.20 54.83 61.58
CA LEU HB 82 -137.46 55.98 61.09
C LEU HB 82 -136.43 55.49 60.08
N ALA HB 83 -136.28 56.23 58.99
CA ALA HB 83 -135.40 55.80 57.90
C ALA HB 83 -134.21 56.72 57.76
N ILE HB 84 -133.06 56.13 57.43
CA ILE HB 84 -131.86 56.90 57.14
C ILE HB 84 -131.50 56.67 55.68
N LYS HB 85 -130.50 57.38 55.18
CA LYS HB 85 -130.18 57.34 53.77
C LYS HB 85 -129.57 55.98 53.40
N ARG HB 86 -129.29 55.81 52.11
CA ARG HB 86 -128.65 54.61 51.63
C ARG HB 86 -127.26 54.46 52.24
N CYS HB 87 -126.89 53.22 52.54
CA CYS HB 87 -125.57 52.94 53.07
C CYS HB 87 -125.17 51.52 52.71
N LYS HB 88 -123.91 51.35 52.29
CA LYS HB 88 -123.42 50.01 51.99
C LYS HB 88 -123.15 49.21 53.25
N HIS HB 89 -122.57 49.83 54.27
CA HIS HB 89 -122.26 49.16 55.52
C HIS HB 89 -123.02 49.84 56.65
N PHE HB 90 -123.76 49.05 57.42
CA PHE HB 90 -124.56 49.56 58.52
C PHE HB 90 -124.20 48.83 59.80
N GLU HB 91 -123.83 49.61 60.81
CA GLU HB 91 -123.39 49.10 62.10
C GLU HB 91 -124.27 49.68 63.19
N LEU HB 92 -124.74 48.83 64.08
CA LEU HB 92 -125.60 49.25 65.18
C LEU HB 92 -124.77 49.31 66.47
N GLY HB 93 -124.68 50.49 67.05
CA GLY HB 93 -123.96 50.64 68.31
C GLY HB 93 -122.49 50.32 68.22
N GLY HB 94 -121.83 50.74 67.15
CA GLY HB 94 -120.40 50.57 67.05
C GLY HB 94 -119.65 51.45 68.03
N ASP HB 95 -118.39 51.11 68.25
CA ASP HB 95 -117.60 51.85 69.22
C ASP HB 95 -117.28 53.25 68.71
N LYS HB 96 -117.40 54.22 69.62
CA LYS HB 96 -117.24 55.62 69.26
C LYS HB 96 -115.80 55.89 68.85
N LYS HB 97 -115.62 56.63 67.76
CA LYS HB 97 -114.28 56.96 67.29
C LYS HB 97 -113.71 58.13 68.07
N ARG HB 98 -112.38 58.21 68.11
CA ARG HB 98 -111.66 59.26 68.83
C ARG HB 98 -110.66 59.91 67.90
N LYS HB 99 -110.51 61.24 68.01
CA LYS HB 99 -109.56 61.95 67.16
C LYS HB 99 -108.14 61.87 67.70
N GLY HB 100 -107.95 62.10 69.00
CA GLY HB 100 -106.62 62.06 69.57
C GLY HB 100 -106.10 60.65 69.73
N GLN HB 101 -105.96 59.93 68.61
CA GLN HB 101 -105.50 58.55 68.63
C GLN HB 101 -104.38 58.35 67.61
N VAL HB 102 -103.53 57.38 67.91
CA VAL HB 102 -102.41 57.03 67.06
C VAL HB 102 -102.92 56.15 65.93
N ILE HB 103 -102.72 56.60 64.69
CA ILE HB 103 -103.13 55.85 63.51
C ILE HB 103 -101.95 55.85 62.56
N GLN HB 104 -101.14 54.80 62.59
CA GLN HB 104 -101.30 53.64 63.47
C GLN HB 104 -100.02 53.45 64.29
N PHE HB 105 -99.93 52.31 64.98
CA PHE HB 105 -98.77 52.01 65.82
C PHE HB 105 -97.48 51.98 65.00
N ALA IB 1 -103.08 -23.43 -19.14
CA ALA IB 1 -101.97 -22.81 -18.42
C ALA IB 1 -102.45 -22.16 -17.14
N LYS IB 2 -101.50 -21.74 -16.29
CA LYS IB 2 -101.84 -21.05 -15.06
C LYS IB 2 -102.38 -19.67 -15.41
N ARG IB 3 -103.71 -19.52 -15.33
CA ARG IB 3 -104.33 -18.31 -15.86
C ARG IB 3 -104.07 -17.10 -14.97
N THR IB 4 -104.03 -17.30 -13.65
CA THR IB 4 -103.74 -16.24 -12.70
C THR IB 4 -102.67 -16.68 -11.73
N LYS IB 5 -101.91 -15.70 -11.22
CA LYS IB 5 -100.86 -16.02 -10.26
C LYS IB 5 -101.43 -16.45 -8.92
N LYS IB 6 -102.21 -15.59 -8.29
CA LYS IB 6 -102.79 -15.92 -7.00
C LYS IB 6 -104.26 -15.52 -6.83
N VAL IB 7 -104.83 -14.72 -7.72
CA VAL IB 7 -106.16 -14.19 -7.48
C VAL IB 7 -107.21 -15.31 -7.50
N GLY IB 8 -106.98 -16.34 -8.28
CA GLY IB 8 -107.82 -17.52 -8.23
C GLY IB 8 -109.26 -17.23 -8.62
N ILE IB 9 -110.19 -17.83 -7.87
CA ILE IB 9 -111.61 -17.74 -8.23
C ILE IB 9 -112.13 -16.32 -8.10
N VAL IB 10 -111.63 -15.57 -7.11
CA VAL IB 10 -112.14 -14.23 -6.82
C VAL IB 10 -111.84 -13.29 -7.99
N GLY IB 11 -110.95 -13.70 -8.87
CA GLY IB 11 -110.54 -12.88 -9.99
C GLY IB 11 -111.69 -12.32 -10.83
N LYS IB 12 -112.92 -12.80 -10.60
CA LYS IB 12 -114.07 -12.22 -11.27
C LYS IB 12 -114.36 -10.81 -10.79
N TYR IB 13 -113.85 -10.44 -9.63
CA TYR IB 13 -114.11 -9.13 -9.04
C TYR IB 13 -113.17 -8.05 -9.55
N GLY IB 14 -112.26 -8.39 -10.44
CA GLY IB 14 -111.40 -7.38 -11.03
C GLY IB 14 -110.52 -6.71 -9.99
N THR IB 15 -110.57 -5.38 -9.95
CA THR IB 15 -109.68 -4.59 -9.11
C THR IB 15 -110.42 -3.89 -7.99
N ARG IB 16 -111.52 -4.46 -7.52
CA ARG IB 16 -112.42 -3.78 -6.61
C ARG IB 16 -112.36 -4.37 -5.22
N TYR IB 17 -112.85 -3.59 -4.25
CA TYR IB 17 -113.16 -3.97 -2.88
C TYR IB 17 -111.94 -4.20 -2.00
N GLY IB 18 -110.73 -4.14 -2.54
CA GLY IB 18 -109.56 -4.33 -1.71
C GLY IB 18 -109.09 -5.76 -1.68
N ALA IB 19 -107.77 -5.96 -1.79
CA ALA IB 19 -107.23 -7.31 -1.89
C ALA IB 19 -107.53 -8.12 -0.64
N SER IB 20 -107.26 -7.57 0.53
CA SER IB 20 -107.43 -8.32 1.77
C SER IB 20 -108.90 -8.65 2.02
N LEU IB 21 -109.80 -7.88 1.43
CA LEU IB 21 -111.22 -8.18 1.55
C LEU IB 21 -111.66 -9.15 0.46
N ARG IB 22 -111.03 -9.07 -0.71
CA ARG IB 22 -111.23 -10.10 -1.72
C ARG IB 22 -110.60 -11.42 -1.30
N LYS IB 23 -109.40 -11.35 -0.69
CA LYS IB 23 -108.69 -12.56 -0.33
C LYS IB 23 -109.43 -13.33 0.75
N MET IB 24 -110.04 -12.61 1.70
CA MET IB 24 -110.72 -13.28 2.80
C MET IB 24 -112.08 -13.84 2.40
N VAL IB 25 -112.61 -13.42 1.25
CA VAL IB 25 -113.85 -14.01 0.74
C VAL IB 25 -113.56 -15.15 -0.23
N LYS IB 26 -112.30 -15.34 -0.63
CA LYS IB 26 -111.96 -16.39 -1.57
C LYS IB 26 -112.24 -17.77 -0.99
N LYS IB 27 -111.73 -18.03 0.22
CA LYS IB 27 -111.91 -19.35 0.81
C LYS IB 27 -113.38 -19.65 1.06
N ILE IB 28 -114.15 -18.61 1.35
CA ILE IB 28 -115.59 -18.79 1.56
C ILE IB 28 -116.28 -19.10 0.23
N GLU IB 29 -115.88 -18.41 -0.83
CA GLU IB 29 -116.46 -18.68 -2.15
C GLU IB 29 -116.15 -20.11 -2.59
N ILE IB 30 -114.93 -20.57 -2.35
CA ILE IB 30 -114.54 -21.92 -2.75
C ILE IB 30 -115.37 -22.97 -2.01
N SER IB 31 -115.50 -22.83 -0.69
CA SER IB 31 -116.21 -23.85 0.09
C SER IB 31 -117.68 -23.88 -0.28
N GLN IB 32 -118.27 -22.70 -0.52
CA GLN IB 32 -119.71 -22.62 -0.79
C GLN IB 32 -120.08 -23.24 -2.12
N HIS IB 33 -119.24 -23.10 -3.14
CA HIS IB 33 -119.54 -23.60 -4.47
C HIS IB 33 -119.01 -24.99 -4.72
N ALA IB 34 -118.20 -25.55 -3.81
CA ALA IB 34 -117.63 -26.86 -4.02
C ALA IB 34 -118.68 -27.94 -3.80
N LYS IB 35 -118.34 -29.16 -4.22
CA LYS IB 35 -119.21 -30.32 -4.05
C LYS IB 35 -118.57 -31.26 -3.04
N TYR IB 36 -119.30 -31.53 -1.95
CA TYR IB 36 -118.85 -32.48 -0.95
C TYR IB 36 -119.41 -33.87 -1.25
N THR IB 37 -118.78 -34.87 -0.64
CA THR IB 37 -119.26 -36.24 -0.77
C THR IB 37 -120.48 -36.43 0.10
N CYS IB 38 -121.57 -36.90 -0.50
CA CYS IB 38 -122.80 -37.15 0.24
C CYS IB 38 -122.56 -38.23 1.28
N SER IB 39 -123.00 -37.98 2.51
CA SER IB 39 -122.80 -38.94 3.59
C SER IB 39 -123.75 -40.11 3.52
N PHE IB 40 -124.99 -39.89 3.06
CA PHE IB 40 -125.99 -40.96 2.97
C PHE IB 40 -125.96 -41.68 1.65
N CYS IB 41 -125.13 -41.25 0.71
CA CYS IB 41 -125.25 -41.65 -0.68
C CYS IB 41 -123.92 -42.09 -1.29
N GLY IB 42 -122.79 -41.66 -0.75
CA GLY IB 42 -121.49 -42.02 -1.27
C GLY IB 42 -121.00 -41.16 -2.40
N LYS IB 43 -121.91 -40.64 -3.22
CA LYS IB 43 -121.52 -39.83 -4.37
C LYS IB 43 -121.05 -38.45 -3.91
N THR IB 44 -120.22 -37.83 -4.72
CA THR IB 44 -119.72 -36.48 -4.45
C THR IB 44 -120.62 -35.45 -5.12
N LYS IB 45 -121.92 -35.50 -4.84
CA LYS IB 45 -122.89 -34.64 -5.50
C LYS IB 45 -123.54 -33.65 -4.56
N MET IB 46 -123.15 -33.64 -3.29
CA MET IB 46 -123.73 -32.68 -2.36
C MET IB 46 -123.30 -31.27 -2.72
N LYS IB 47 -124.26 -30.36 -2.81
CA LYS IB 47 -123.97 -28.98 -3.16
C LYS IB 47 -125.01 -28.08 -2.52
N ARG IB 48 -124.61 -26.84 -2.28
CA ARG IB 48 -125.48 -25.89 -1.61
C ARG IB 48 -126.63 -25.50 -2.51
N ARG IB 49 -127.80 -25.29 -1.91
CA ARG IB 49 -128.97 -24.84 -2.64
C ARG IB 49 -129.34 -23.41 -2.25
N ALA IB 50 -129.42 -23.15 -0.95
CA ALA IB 50 -129.59 -21.82 -0.42
C ALA IB 50 -128.65 -21.68 0.76
N VAL IB 51 -128.80 -20.60 1.54
CA VAL IB 51 -127.97 -20.46 2.72
C VAL IB 51 -128.37 -21.51 3.74
N GLY IB 52 -127.38 -22.26 4.22
CA GLY IB 52 -127.61 -23.29 5.21
C GLY IB 52 -128.37 -24.51 4.73
N ILE IB 53 -128.65 -24.65 3.44
CA ILE IB 53 -129.36 -25.79 2.90
C ILE IB 53 -128.44 -26.52 1.95
N TRP IB 54 -128.20 -27.80 2.21
CA TRP IB 54 -127.31 -28.62 1.42
C TRP IB 54 -128.09 -29.83 0.91
N HIS IB 55 -127.97 -30.10 -0.38
CA HIS IB 55 -128.82 -31.08 -1.05
C HIS IB 55 -128.00 -31.91 -2.02
N CYS IB 56 -128.19 -33.23 -1.96
CA CYS IB 56 -127.51 -34.15 -2.85
C CYS IB 56 -128.37 -34.39 -4.09
N GLY IB 57 -127.82 -34.05 -5.25
CA GLY IB 57 -128.57 -34.23 -6.48
C GLY IB 57 -128.83 -35.69 -6.82
N SER IB 58 -128.06 -36.60 -6.24
CA SER IB 58 -128.18 -38.02 -6.60
C SER IB 58 -129.31 -38.70 -5.83
N CYS IB 59 -129.20 -38.77 -4.51
CA CYS IB 59 -130.19 -39.44 -3.69
C CYS IB 59 -131.29 -38.51 -3.21
N MET IB 60 -131.19 -37.22 -3.52
CA MET IB 60 -132.20 -36.23 -3.17
C MET IB 60 -132.48 -36.23 -1.67
N LYS IB 61 -131.44 -35.92 -0.90
CA LYS IB 61 -131.55 -35.71 0.53
C LYS IB 61 -131.12 -34.29 0.85
N THR IB 62 -131.91 -33.59 1.64
CA THR IB 62 -131.64 -32.22 2.03
C THR IB 62 -131.29 -32.16 3.50
N VAL IB 63 -130.11 -31.64 3.81
CA VAL IB 63 -129.61 -31.58 5.17
C VAL IB 63 -129.18 -30.15 5.48
N ALA IB 64 -129.61 -29.65 6.62
CA ALA IB 64 -129.25 -28.31 7.06
C ALA IB 64 -127.76 -28.26 7.39
N GLY IB 65 -127.09 -27.20 6.96
CA GLY IB 65 -125.67 -27.05 7.21
C GLY IB 65 -125.28 -25.61 7.47
N GLY IB 66 -124.02 -25.28 7.23
CA GLY IB 66 -123.56 -23.92 7.40
C GLY IB 66 -123.91 -23.05 6.20
N ALA IB 67 -123.65 -21.76 6.34
CA ALA IB 67 -123.90 -20.83 5.24
C ALA IB 67 -123.00 -21.13 4.06
N TRP IB 68 -121.74 -21.47 4.33
CA TRP IB 68 -120.76 -21.68 3.28
C TRP IB 68 -120.13 -23.06 3.29
N THR IB 69 -120.27 -23.81 4.36
CA THR IB 69 -119.66 -25.13 4.46
C THR IB 69 -120.72 -26.15 4.87
N TYR IB 70 -120.43 -27.42 4.57
CA TYR IB 70 -121.39 -28.47 4.88
C TYR IB 70 -121.59 -28.60 6.38
N ASN IB 71 -120.52 -28.83 7.12
CA ASN IB 71 -120.58 -28.94 8.57
C ASN IB 71 -119.65 -27.90 9.18
N THR IB 72 -120.16 -27.17 10.16
CA THR IB 72 -119.39 -26.16 10.87
C THR IB 72 -118.72 -26.79 12.09
N THR IB 73 -117.51 -26.32 12.38
CA THR IB 73 -116.76 -26.86 13.51
C THR IB 73 -117.51 -26.65 14.81
N SER IB 74 -118.42 -25.67 14.84
CA SER IB 74 -119.26 -25.49 16.03
C SER IB 74 -120.25 -26.64 16.18
N ALA IB 75 -120.83 -27.10 15.07
CA ALA IB 75 -121.84 -28.15 15.16
C ALA IB 75 -121.23 -29.52 15.42
N VAL IB 76 -120.08 -29.80 14.82
CA VAL IB 76 -119.46 -31.10 15.01
C VAL IB 76 -119.10 -31.30 16.48
N THR IB 77 -118.56 -30.27 17.12
CA THR IB 77 -118.27 -30.36 18.54
C THR IB 77 -119.53 -30.61 19.35
N VAL IB 78 -120.62 -29.94 19.00
CA VAL IB 78 -121.87 -30.13 19.71
C VAL IB 78 -122.42 -31.54 19.49
N LYS IB 79 -122.35 -32.05 18.26
CA LYS IB 79 -122.82 -33.41 17.98
C LYS IB 79 -122.08 -34.42 18.84
N SER IB 80 -120.75 -34.35 18.86
CA SER IB 80 -119.98 -35.25 19.70
C SER IB 80 -120.30 -35.05 21.17
N ALA IB 81 -120.39 -33.78 21.60
CA ALA IB 81 -120.68 -33.50 23.00
C ALA IB 81 -122.03 -34.05 23.41
N ILE IB 82 -123.01 -33.98 22.51
CA ILE IB 82 -124.30 -34.59 22.78
C ILE IB 82 -124.14 -36.09 22.93
N ARG IB 83 -123.33 -36.71 22.06
CA ARG IB 83 -123.03 -38.13 22.21
C ARG IB 83 -122.35 -38.41 23.54
N ARG IB 84 -121.34 -37.61 23.91
CA ARG IB 84 -120.58 -37.89 25.12
C ARG IB 84 -121.48 -37.86 26.35
N LEU IB 85 -122.37 -36.88 26.42
CA LEU IB 85 -123.26 -36.74 27.56
C LEU IB 85 -124.55 -37.53 27.37
N LYS IB 86 -124.69 -38.21 26.24
CA LYS IB 86 -125.71 -39.25 26.11
C LYS IB 86 -125.19 -40.57 26.64
N GLU IB 87 -123.98 -40.96 26.25
CA GLU IB 87 -123.42 -42.23 26.69
C GLU IB 87 -123.06 -42.22 28.17
N LEU IB 88 -123.08 -41.05 28.82
CA LEU IB 88 -122.88 -41.04 30.26
C LEU IB 88 -124.18 -40.77 31.00
N LYS IB 89 -125.25 -40.43 30.29
CA LYS IB 89 -126.57 -40.39 30.92
C LYS IB 89 -127.14 -41.79 31.08
N ASP IB 90 -126.87 -42.68 30.12
CA ASP IB 90 -127.15 -44.09 30.25
C ASP IB 90 -125.83 -44.86 30.35
N GLN IB 91 -125.93 -46.10 30.79
CA GLN IB 91 -124.74 -46.93 30.96
C GLN IB 91 -124.91 -48.27 30.26
N SER JB 1 -202.96 89.34 13.07
CA SER JB 1 -202.51 90.71 12.85
C SER JB 1 -201.77 90.86 11.53
N ALA JB 2 -201.57 92.10 11.10
CA ALA JB 2 -200.92 92.35 9.82
C ALA JB 2 -199.48 91.88 9.83
N HIS JB 3 -198.78 92.05 10.95
CA HIS JB 3 -197.36 91.76 10.97
C HIS JB 3 -197.09 90.29 11.32
N LEU JB 4 -198.03 89.60 11.93
CA LEU JB 4 -197.89 88.15 12.08
C LEU JB 4 -197.95 87.47 10.73
N GLN JB 5 -199.08 87.63 10.03
CA GLN JB 5 -199.28 86.93 8.78
C GLN JB 5 -198.22 87.30 7.76
N TRP JB 6 -197.59 88.47 7.91
CA TRP JB 6 -196.48 88.81 7.03
C TRP JB 6 -195.28 87.90 7.28
N MET JB 7 -194.89 87.77 8.55
CA MET JB 7 -193.72 86.97 8.88
C MET JB 7 -194.01 85.48 8.83
N VAL JB 8 -195.25 85.09 8.56
CA VAL JB 8 -195.55 83.69 8.30
C VAL JB 8 -195.35 83.39 6.81
N VAL JB 9 -195.79 84.30 5.95
CA VAL JB 9 -195.82 84.06 4.52
C VAL JB 9 -194.82 84.90 3.74
N ARG JB 10 -193.87 85.56 4.42
CA ARG JB 10 -192.90 86.34 3.67
C ARG JB 10 -191.99 85.47 2.82
N ASN JB 11 -191.80 84.21 3.19
CA ASN JB 11 -190.94 83.32 2.43
C ASN JB 11 -191.62 82.04 1.99
N CYS JB 12 -192.71 81.64 2.64
CA CYS JB 12 -193.45 80.47 2.20
C CYS JB 12 -194.86 80.91 1.85
N SER JB 13 -195.29 80.62 0.63
CA SER JB 13 -196.58 81.07 0.15
C SER JB 13 -196.85 80.40 -1.19
N SER JB 14 -198.12 80.13 -1.45
CA SER JB 14 -198.49 79.60 -2.76
C SER JB 14 -198.24 80.62 -3.85
N PHE JB 15 -198.51 81.89 -3.56
CA PHE JB 15 -198.39 82.94 -4.57
C PHE JB 15 -196.95 83.35 -4.84
N LEU JB 16 -196.01 82.98 -3.97
CA LEU JB 16 -194.66 83.48 -4.07
C LEU JB 16 -193.91 82.79 -5.21
N ILE JB 17 -193.27 83.58 -6.06
CA ILE JB 17 -192.49 83.07 -7.19
C ILE JB 17 -191.07 83.58 -7.05
N LYS JB 18 -190.17 82.71 -6.57
CA LYS JB 18 -188.76 83.03 -6.50
C LYS JB 18 -188.08 82.51 -7.75
N ARG JB 19 -187.90 83.39 -8.73
CA ARG JB 19 -187.28 83.01 -9.99
C ARG JB 19 -185.99 83.80 -10.14
N ASN JB 20 -185.40 83.81 -11.33
CA ASN JB 20 -183.99 84.13 -11.46
C ASN JB 20 -183.70 85.59 -11.12
N LYS JB 21 -183.43 85.82 -9.84
CA LYS JB 21 -183.00 87.11 -9.28
C LYS JB 21 -184.13 88.11 -9.14
N GLN JB 22 -185.38 87.64 -9.19
CA GLN JB 22 -186.53 88.46 -8.84
C GLN JB 22 -187.49 87.61 -8.04
N THR JB 23 -188.42 88.28 -7.36
CA THR JB 23 -189.46 87.58 -6.61
C THR JB 23 -190.78 88.31 -6.85
N TYR JB 24 -191.85 87.53 -7.00
CA TYR JB 24 -193.16 88.05 -7.32
C TYR JB 24 -194.21 87.30 -6.52
N SER JB 25 -195.37 87.93 -6.38
CA SER JB 25 -196.52 87.30 -5.76
C SER JB 25 -197.72 87.48 -6.67
N THR JB 26 -198.54 86.45 -6.77
CA THR JB 26 -199.67 86.44 -7.69
C THR JB 26 -200.97 86.49 -6.92
N GLU JB 27 -200.97 87.19 -5.79
CA GLU JB 27 -202.17 87.33 -5.00
C GLU JB 27 -203.21 88.16 -5.75
N PRO JB 28 -204.50 87.94 -5.49
CA PRO JB 28 -205.53 88.64 -6.26
C PRO JB 28 -205.46 90.16 -6.14
N ASN JB 29 -205.06 90.69 -4.99
CA ASN JB 29 -205.10 92.13 -4.75
C ASN JB 29 -203.73 92.69 -4.39
N ASN JB 30 -202.68 92.21 -5.04
CA ASN JB 30 -201.33 92.65 -4.74
C ASN JB 30 -200.89 93.59 -5.86
N LEU JB 31 -201.11 94.89 -5.65
CA LEU JB 31 -200.60 95.89 -6.57
C LEU JB 31 -199.10 95.76 -6.74
N LYS JB 32 -198.62 96.15 -7.92
CA LYS JB 32 -197.18 96.19 -8.22
C LYS JB 32 -196.63 94.76 -8.31
N ALA JB 33 -197.48 93.78 -8.03
CA ALA JB 33 -197.18 92.35 -8.24
C ALA JB 33 -195.89 91.91 -7.57
N ARG JB 34 -195.45 92.62 -6.54
CA ARG JB 34 -194.19 92.31 -5.89
C ARG JB 34 -194.45 91.80 -4.48
N ASN JB 35 -193.53 90.96 -4.01
CA ASN JB 35 -193.61 90.38 -2.67
C ASN JB 35 -193.13 91.44 -1.69
N SER JB 36 -194.07 92.22 -1.17
CA SER JB 36 -193.74 93.24 -0.19
C SER JB 36 -194.84 93.33 0.84
N PHE JB 37 -194.46 93.68 2.07
CA PHE JB 37 -195.45 93.88 3.11
C PHE JB 37 -196.38 95.05 2.76
N ARG JB 38 -195.85 96.05 2.09
CA ARG JB 38 -196.66 97.20 1.72
C ARG JB 38 -197.69 96.83 0.65
N TYR JB 39 -197.28 96.06 -0.35
CA TYR JB 39 -198.15 95.72 -1.47
C TYR JB 39 -198.77 94.34 -1.35
N ASN JB 40 -198.60 93.68 -0.22
CA ASN JB 40 -199.27 92.40 0.00
C ASN JB 40 -200.77 92.59 0.00
N GLY JB 41 -201.47 91.73 -0.74
CA GLY JB 41 -202.89 91.86 -0.94
C GLY JB 41 -203.77 90.98 -0.10
N LEU JB 42 -203.25 90.43 0.98
CA LEU JB 42 -204.08 89.51 1.76
C LEU JB 42 -204.07 89.81 3.25
N ILE JB 43 -203.03 90.46 3.75
CA ILE JB 43 -202.85 90.52 5.20
C ILE JB 43 -203.48 91.77 5.78
N HIS JB 44 -203.55 92.85 5.01
CA HIS JB 44 -203.87 94.15 5.54
C HIS JB 44 -205.36 94.30 5.78
N ARG JB 45 -205.70 95.13 6.78
CA ARG JB 45 -207.10 95.42 7.05
C ARG JB 45 -207.74 96.22 5.94
N LYS JB 46 -206.96 96.97 5.18
CA LYS JB 46 -207.47 97.79 4.10
C LYS JB 46 -206.60 97.54 2.86
N THR JB 47 -207.24 97.20 1.75
CA THR JB 47 -206.52 96.76 0.57
C THR JB 47 -207.26 97.19 -0.69
N VAL JB 48 -206.50 97.65 -1.69
CA VAL JB 48 -207.06 98.00 -2.99
C VAL JB 48 -206.45 97.11 -4.05
N GLY JB 49 -207.15 96.99 -5.16
CA GLY JB 49 -206.66 96.22 -6.29
C GLY JB 49 -207.38 96.63 -7.54
N VAL JB 50 -206.64 96.69 -8.64
CA VAL JB 50 -207.18 97.09 -9.93
C VAL JB 50 -206.96 95.95 -10.91
N GLU JB 51 -208.04 95.49 -11.52
CA GLU JB 51 -208.00 94.40 -12.48
C GLU JB 51 -208.82 94.79 -13.71
N PRO JB 52 -208.51 94.21 -14.86
CA PRO JB 52 -209.35 94.44 -16.04
C PRO JB 52 -210.76 93.91 -15.81
N ALA JB 53 -211.73 94.57 -16.43
CA ALA JB 53 -213.12 94.21 -16.24
C ALA JB 53 -213.38 92.78 -16.70
N ALA JB 54 -214.56 92.27 -16.32
CA ALA JB 54 -214.90 90.90 -16.69
C ALA JB 54 -214.93 90.73 -18.20
N ASP JB 55 -215.54 91.68 -18.90
CA ASP JB 55 -215.50 91.68 -20.35
C ASP JB 55 -214.19 92.29 -20.83
N GLY JB 56 -214.10 92.54 -22.14
CA GLY JB 56 -212.87 93.05 -22.70
C GLY JB 56 -212.67 94.54 -22.56
N LYS JB 57 -213.63 95.26 -21.97
CA LYS JB 57 -213.56 96.71 -21.87
C LYS JB 57 -213.84 97.15 -20.43
N GLY JB 58 -213.05 98.11 -19.96
CA GLY JB 58 -213.22 98.68 -18.64
C GLY JB 58 -212.25 98.09 -17.64
N VAL JB 59 -212.19 98.73 -16.47
CA VAL JB 59 -211.37 98.28 -15.36
C VAL JB 59 -212.24 98.16 -14.12
N VAL JB 60 -212.02 97.12 -13.33
CA VAL JB 60 -212.74 96.90 -12.09
C VAL JB 60 -211.77 97.11 -10.93
N VAL JB 61 -212.24 97.77 -9.88
CA VAL JB 61 -211.42 98.06 -8.71
C VAL JB 61 -212.08 97.42 -7.50
N VAL JB 62 -211.28 96.76 -6.68
CA VAL JB 62 -211.76 95.96 -5.56
C VAL JB 62 -211.24 96.56 -4.27
N ILE JB 63 -212.14 96.78 -3.31
CA ILE JB 63 -211.83 97.38 -2.03
C ILE JB 63 -212.25 96.40 -0.94
N LYS JB 64 -211.38 96.20 0.05
CA LYS JB 64 -211.73 95.36 1.18
C LYS JB 64 -212.41 96.20 2.25
N ARG JB 65 -213.60 95.77 2.68
CA ARG JB 65 -214.33 96.51 3.70
C ARG JB 65 -213.73 96.24 5.07
N ARG JB 66 -214.25 96.95 6.07
CA ARG JB 66 -213.64 96.90 7.39
C ARG JB 66 -214.23 95.81 8.27
N SER JB 67 -215.56 95.66 8.26
CA SER JB 67 -216.21 94.80 9.25
C SER JB 67 -215.92 93.33 9.02
N GLY JB 68 -216.06 92.85 7.78
CA GLY JB 68 -215.99 91.43 7.53
C GLY JB 68 -214.58 90.92 7.25
N GLN JB 69 -213.66 91.15 8.18
CA GLN JB 69 -212.29 90.69 7.96
C GLN JB 69 -212.21 89.17 7.95
N ARG JB 70 -212.92 88.51 8.87
CA ARG JB 70 -212.84 87.06 8.96
C ARG JB 70 -213.59 86.37 7.82
N LYS JB 71 -214.78 86.87 7.46
CA LYS JB 71 -215.58 86.24 6.43
C LYS JB 71 -215.17 86.79 5.07
N PRO JB 72 -214.57 85.98 4.20
CA PRO JB 72 -214.09 86.50 2.92
C PRO JB 72 -215.15 86.53 1.83
N ALA JB 73 -216.32 85.94 2.05
CA ALA JB 73 -217.36 85.96 1.04
C ALA JB 73 -217.82 87.38 0.76
N THR JB 74 -217.99 88.19 1.80
CA THR JB 74 -218.45 89.55 1.68
C THR JB 74 -217.39 90.57 2.06
N SER JB 75 -216.11 90.19 2.03
CA SER JB 75 -215.07 91.08 2.52
C SER JB 75 -214.64 92.11 1.50
N TYR JB 76 -214.85 91.87 0.21
CA TYR JB 76 -214.43 92.79 -0.83
C TYR JB 76 -215.64 93.34 -1.56
N VAL JB 77 -215.53 94.60 -1.97
CA VAL JB 77 -216.55 95.27 -2.76
C VAL JB 77 -215.93 95.68 -4.08
N ARG JB 78 -216.55 95.30 -5.19
CA ARG JB 78 -216.01 95.52 -6.52
C ARG JB 78 -216.91 96.47 -7.29
N THR JB 79 -216.32 97.56 -7.77
CA THR JB 79 -217.03 98.52 -8.60
C THR JB 79 -216.29 98.65 -9.93
N THR JB 80 -217.03 98.60 -11.03
CA THR JB 80 -216.44 98.62 -12.35
C THR JB 80 -216.61 99.99 -12.99
N ILE JB 81 -215.51 100.52 -13.51
CA ILE JB 81 -215.46 101.84 -14.12
C ILE JB 81 -215.05 101.66 -15.57
N ASN JB 82 -215.89 102.14 -16.49
CA ASN JB 82 -215.73 101.90 -17.91
C ASN JB 82 -215.84 103.21 -18.67
N LYS JB 83 -215.10 104.21 -18.20
CA LYS JB 83 -215.14 105.54 -18.78
C LYS JB 83 -213.77 105.85 -19.39
N ASN JB 84 -213.61 107.10 -19.84
CA ASN JB 84 -212.36 107.50 -20.47
C ASN JB 84 -211.20 107.43 -19.46
N ALA JB 85 -209.99 107.31 -20.00
CA ALA JB 85 -208.83 107.04 -19.16
C ALA JB 85 -208.59 108.16 -18.15
N ARG JB 86 -208.77 109.42 -18.57
CA ARG JB 86 -208.55 110.53 -17.65
C ARG JB 86 -209.56 110.51 -16.52
N ALA JB 87 -210.83 110.27 -16.84
CA ALA JB 87 -211.86 110.32 -15.80
C ALA JB 87 -211.75 109.13 -14.85
N THR JB 88 -211.50 107.93 -15.38
CA THR JB 88 -211.41 106.77 -14.52
C THR JB 88 -210.20 106.84 -13.61
N LEU JB 89 -209.10 107.42 -14.09
CA LEU JB 89 -207.93 107.61 -13.23
C LEU JB 89 -208.29 108.51 -12.05
N SER JB 90 -208.98 109.60 -12.31
CA SER JB 90 -209.38 110.49 -11.23
C SER JB 90 -210.34 109.80 -10.27
N SER JB 91 -211.21 108.93 -10.79
CA SER JB 91 -212.14 108.22 -9.93
C SER JB 91 -211.41 107.34 -8.93
N ILE JB 92 -210.42 106.58 -9.39
CA ILE JB 92 -209.63 105.78 -8.47
C ILE JB 92 -208.67 106.66 -7.68
N ARG JB 93 -208.39 107.87 -8.16
CA ARG JB 93 -207.66 108.82 -7.33
C ARG JB 93 -208.53 109.35 -6.20
N HIS JB 94 -209.79 109.65 -6.49
CA HIS JB 94 -210.69 110.12 -5.45
C HIS JB 94 -210.93 109.04 -4.39
N MET JB 95 -211.06 107.79 -4.83
CA MET JB 95 -211.41 106.71 -3.91
C MET JB 95 -210.35 106.53 -2.84
N ILE JB 96 -209.08 106.63 -3.23
CA ILE JB 96 -207.99 106.48 -2.28
C ILE JB 96 -207.69 107.78 -1.54
N ARG JB 97 -207.63 108.90 -2.26
CA ARG JB 97 -207.24 110.16 -1.63
C ARG JB 97 -208.32 110.69 -0.70
N LYS JB 98 -209.55 110.79 -1.18
CA LYS JB 98 -210.60 111.39 -0.36
C LYS JB 98 -210.95 110.55 0.85
N ASN JB 99 -210.83 109.23 0.73
CA ASN JB 99 -211.19 108.31 1.81
C ASN JB 99 -210.03 107.98 2.73
N LYS JB 100 -208.81 108.43 2.41
CA LYS JB 100 -207.61 108.04 3.11
C LYS JB 100 -207.46 106.52 3.18
N TYR JB 101 -207.98 105.81 2.19
CA TYR JB 101 -207.97 104.36 2.17
C TYR JB 101 -206.61 103.89 1.70
N ARG JB 102 -205.67 103.81 2.64
CA ARG JB 102 -204.29 103.42 2.35
C ARG JB 102 -203.71 104.32 1.28
N PRO JB 103 -203.47 105.60 1.58
CA PRO JB 103 -203.05 106.53 0.54
C PRO JB 103 -201.56 106.43 0.23
N ASP JB 104 -201.05 105.21 0.16
CA ASP JB 104 -199.67 105.00 -0.25
C ASP JB 104 -199.65 104.15 -1.52
N LEU JB 105 -200.74 103.41 -1.75
CA LEU JB 105 -200.97 102.74 -3.01
C LEU JB 105 -201.64 103.65 -4.03
N ARG JB 106 -201.80 104.94 -3.72
CA ARG JB 106 -202.57 105.82 -4.58
C ARG JB 106 -202.01 105.85 -5.99
N MET JB 107 -200.72 106.14 -6.13
CA MET JB 107 -200.13 106.18 -7.46
C MET JB 107 -199.88 104.80 -8.04
N ALA JB 108 -199.63 103.81 -7.19
CA ALA JB 108 -199.47 102.45 -7.70
C ALA JB 108 -200.74 101.97 -8.38
N ALA JB 109 -201.89 102.27 -7.78
CA ALA JB 109 -203.17 101.92 -8.40
C ALA JB 109 -203.38 102.70 -9.69
N ILE JB 110 -203.01 103.98 -9.71
CA ILE JB 110 -203.18 104.79 -10.91
C ILE JB 110 -202.31 104.24 -12.04
N ARG JB 111 -201.07 103.87 -11.71
CA ARG JB 111 -200.21 103.30 -12.73
C ARG JB 111 -200.74 101.98 -13.25
N ARG JB 112 -201.34 101.16 -12.36
CA ARG JB 112 -201.91 99.91 -12.83
C ARG JB 112 -203.14 100.14 -13.67
N ALA JB 113 -204.03 101.04 -13.23
CA ALA JB 113 -205.23 101.32 -14.02
C ALA JB 113 -204.84 101.82 -15.40
N SER JB 114 -203.87 102.73 -15.48
CA SER JB 114 -203.42 103.21 -16.78
C SER JB 114 -202.81 102.08 -17.59
N ALA JB 115 -202.03 101.21 -16.96
CA ALA JB 115 -201.43 100.10 -17.68
C ALA JB 115 -202.48 99.15 -18.22
N ILE JB 116 -203.53 98.90 -17.43
CA ILE JB 116 -204.54 97.92 -17.82
C ILE JB 116 -205.27 98.38 -19.08
N LEU JB 117 -205.76 99.62 -19.09
CA LEU JB 117 -206.61 100.05 -20.19
C LEU JB 117 -205.78 100.46 -21.40
N ARG JB 118 -204.47 100.64 -21.24
CA ARG JB 118 -203.63 100.73 -22.43
C ARG JB 118 -203.62 99.42 -23.18
N SER JB 119 -203.52 98.30 -22.45
CA SER JB 119 -203.60 96.99 -23.08
C SER JB 119 -204.99 96.72 -23.64
N GLN JB 120 -206.01 97.31 -23.03
CA GLN JB 120 -207.38 97.00 -23.42
C GLN JB 120 -207.72 97.62 -24.77
N LYS JB 121 -207.09 98.75 -25.10
CA LYS JB 121 -207.30 99.37 -26.38
C LYS JB 121 -206.61 98.55 -27.47
N PRO JB 122 -207.12 98.59 -28.71
CA PRO JB 122 -206.56 97.75 -29.77
C PRO JB 122 -205.16 98.19 -30.16
N VAL JB 123 -204.34 97.20 -30.51
CA VAL JB 123 -202.93 97.40 -30.81
C VAL JB 123 -202.80 97.80 -32.27
N MET JB 124 -202.07 98.88 -32.53
CA MET JB 124 -201.93 99.39 -33.87
C MET JB 124 -200.86 98.62 -34.64
N VAL JB 125 -201.02 98.58 -35.96
CA VAL JB 125 -200.09 97.85 -36.82
C VAL JB 125 -198.99 98.78 -37.30
N MET KB 1 -139.12 9.41 97.59
CA MET KB 1 -140.05 9.51 96.47
C MET KB 1 -141.28 10.29 96.90
N SER KB 2 -142.21 9.59 97.52
CA SER KB 2 -143.48 10.14 97.96
C SER KB 2 -143.89 9.39 99.22
N SER KB 3 -145.18 9.46 99.57
CA SER KB 3 -145.69 8.72 100.71
C SER KB 3 -145.61 7.22 100.41
N LYS KB 4 -145.86 6.38 101.42
CA LYS KB 4 -145.68 4.94 101.25
C LYS KB 4 -146.77 4.35 100.36
N VAL KB 5 -148.02 4.75 100.56
CA VAL KB 5 -149.12 4.15 99.81
C VAL KB 5 -149.09 4.57 98.34
N SER KB 6 -148.83 5.85 98.07
CA SER KB 6 -148.69 6.37 96.70
C SER KB 6 -149.93 6.07 95.86
N ARG KB 7 -151.07 6.65 96.26
CA ARG KB 7 -152.30 6.49 95.50
C ARG KB 7 -153.13 7.77 95.59
N ASP KB 8 -153.93 8.01 94.57
CA ASP KB 8 -154.83 9.16 94.52
C ASP KB 8 -155.97 8.84 93.58
N THR KB 9 -157.16 9.39 93.89
CA THR KB 9 -158.34 9.13 93.08
C THR KB 9 -159.13 10.37 92.68
N LEU KB 10 -159.12 11.44 93.46
CA LEU KB 10 -159.93 12.63 93.18
C LEU KB 10 -159.20 13.57 92.24
N TYR KB 11 -159.99 14.40 91.56
CA TYR KB 11 -159.41 15.34 90.59
C TYR KB 11 -158.62 16.44 91.28
N GLU KB 12 -159.12 16.95 92.41
CA GLU KB 12 -158.41 17.92 93.25
C GLU KB 12 -158.05 19.19 92.46
N ALA KB 13 -159.09 19.80 91.87
CA ALA KB 13 -158.92 20.95 91.00
C ALA KB 13 -158.52 22.19 91.81
N VAL KB 14 -158.39 23.33 91.12
CA VAL KB 14 -157.96 24.56 91.80
C VAL KB 14 -159.06 25.05 92.74
N ARG KB 15 -160.32 24.97 92.32
CA ARG KB 15 -161.42 25.42 93.15
C ARG KB 15 -161.79 24.34 94.16
N GLU KB 16 -160.77 23.77 94.80
CA GLU KB 16 -160.91 22.82 95.90
C GLU KB 16 -159.52 22.53 96.44
N VAL KB 17 -159.40 22.44 97.77
CA VAL KB 17 -158.21 21.82 98.37
C VAL KB 17 -158.70 20.73 99.29
N LEU KB 18 -159.44 21.11 100.33
CA LEU KB 18 -160.26 20.24 101.17
C LEU KB 18 -159.61 18.90 101.48
N HIS KB 19 -158.33 18.89 101.81
CA HIS KB 19 -157.63 17.64 102.10
C HIS KB 19 -156.50 17.90 103.09
N GLY KB 20 -156.08 16.84 103.78
CA GLY KB 20 -155.02 16.92 104.75
C GLY KB 20 -155.51 16.76 106.17
N ASN KB 21 -155.43 15.55 106.71
CA ASN KB 21 -155.91 15.25 108.06
C ASN KB 21 -154.91 14.50 108.92
N GLN KB 22 -153.90 13.85 108.34
CA GLN KB 22 -152.94 13.04 109.10
C GLN KB 22 -151.52 13.29 108.61
N ARG KB 23 -151.17 14.56 108.40
CA ARG KB 23 -149.79 14.88 108.02
C ARG KB 23 -148.81 14.52 109.12
N LYS KB 24 -149.20 14.75 110.38
CA LYS KB 24 -148.36 14.41 111.53
C LYS KB 24 -148.64 12.97 111.98
N ARG KB 25 -148.45 12.04 111.03
CA ARG KB 25 -148.64 10.63 111.33
C ARG KB 25 -147.65 10.16 112.40
N ARG KB 26 -146.40 10.59 112.29
CA ARG KB 26 -145.42 10.32 113.33
C ARG KB 26 -145.48 11.41 114.39
N LYS KB 27 -144.53 11.37 115.33
CA LYS KB 27 -144.48 12.36 116.40
C LYS KB 27 -143.82 13.66 115.95
N PHE KB 28 -143.29 13.71 114.73
CA PHE KB 28 -142.61 14.90 114.21
C PHE KB 28 -143.62 15.88 113.63
N LEU KB 29 -143.08 16.94 113.04
CA LEU KB 29 -143.88 17.97 112.38
C LEU KB 29 -143.49 18.01 110.90
N GLU KB 30 -144.48 17.77 110.03
CA GLU KB 30 -144.24 17.79 108.60
C GLU KB 30 -143.86 19.18 108.13
N THR KB 31 -142.93 19.26 107.18
CA THR KB 31 -142.48 20.53 106.62
C THR KB 31 -143.25 20.78 105.33
N VAL KB 32 -144.31 21.59 105.43
CA VAL KB 32 -145.15 21.86 104.26
C VAL KB 32 -144.40 22.78 103.29
N GLU KB 33 -144.60 22.53 102.00
CA GLU KB 33 -144.01 23.34 100.96
C GLU KB 33 -145.05 23.64 99.90
N LEU KB 34 -144.86 24.74 99.18
CA LEU KB 34 -145.65 25.07 98.01
C LEU KB 34 -144.70 25.35 96.85
N GLN KB 35 -145.01 24.78 95.69
CA GLN KB 35 -144.09 24.85 94.55
C GLN KB 35 -144.81 25.31 93.29
N ILE KB 36 -144.08 25.35 92.18
CA ILE KB 36 -144.62 25.66 90.86
C ILE KB 36 -144.20 24.56 89.90
N SER KB 37 -145.04 24.34 88.90
CA SER KB 37 -144.95 23.18 88.01
C SER KB 37 -144.61 23.57 86.58
N LEU KB 38 -143.62 24.46 86.41
CA LEU KB 38 -143.22 24.90 85.08
C LEU KB 38 -142.65 23.74 84.27
N LYS KB 39 -142.98 23.72 82.98
CA LYS KB 39 -142.36 22.80 82.01
C LYS KB 39 -142.42 23.48 80.66
N ASN KB 40 -142.21 22.71 79.59
CA ASN KB 40 -142.22 23.21 78.22
C ASN KB 40 -141.22 24.36 78.06
N TYR KB 41 -140.03 24.15 78.63
CA TYR KB 41 -139.00 25.17 78.68
C TYR KB 41 -137.81 24.76 77.83
N ASP KB 42 -137.36 25.67 77.00
CA ASP KB 42 -136.19 25.41 76.16
C ASP KB 42 -134.92 25.53 77.01
N PRO KB 43 -134.09 24.49 77.09
CA PRO KB 43 -132.86 24.60 77.88
C PRO KB 43 -131.93 25.70 77.40
N GLN KB 44 -131.97 26.05 76.11
CA GLN KB 44 -131.17 27.14 75.57
C GLN KB 44 -131.91 28.47 75.63
N LYS KB 45 -132.40 28.81 76.82
CA LYS KB 45 -133.16 30.04 77.02
C LYS KB 45 -132.95 30.51 78.46
N ASP KB 46 -133.25 31.78 78.72
CA ASP KB 46 -133.23 32.34 80.06
C ASP KB 46 -134.61 32.91 80.39
N LYS KB 47 -135.00 32.77 81.65
CA LYS KB 47 -136.27 33.28 82.15
C LYS KB 47 -136.01 34.21 83.32
N ARG KB 48 -136.92 35.16 83.50
CA ARG KB 48 -136.71 36.28 84.43
C ARG KB 48 -138.04 36.54 85.15
N PHE KB 49 -138.18 37.74 85.70
CA PHE KB 49 -139.34 38.16 86.50
C PHE KB 49 -139.39 37.40 87.82
N SER KB 50 -138.27 37.43 88.56
CA SER KB 50 -138.23 36.82 89.87
C SER KB 50 -139.11 37.57 90.85
N GLY KB 51 -139.89 36.83 91.63
CA GLY KB 51 -140.81 37.43 92.57
C GLY KB 51 -140.88 36.62 93.85
N THR KB 52 -141.46 37.25 94.87
CA THR KB 52 -141.56 36.66 96.21
C THR KB 52 -142.99 36.80 96.70
N VAL KB 53 -143.52 35.72 97.29
CA VAL KB 53 -144.90 35.67 97.75
C VAL KB 53 -144.92 35.39 99.25
N ARG KB 54 -146.06 35.67 99.85
CA ARG KB 54 -146.26 35.53 101.29
C ARG KB 54 -147.36 34.50 101.56
N LEU KB 55 -147.02 33.48 102.33
CA LEU KB 55 -147.96 32.41 102.69
C LEU KB 55 -147.96 32.24 104.20
N LYS KB 56 -149.16 32.22 104.80
CA LYS KB 56 -149.31 32.08 106.24
C LYS KB 56 -149.69 30.65 106.58
N SER KB 57 -148.82 29.96 107.32
CA SER KB 57 -149.11 28.61 107.76
C SER KB 57 -148.63 28.34 109.19
N THR KB 58 -148.21 29.36 109.93
CA THR KB 58 -147.60 29.24 111.26
C THR KB 58 -146.46 28.24 111.22
N PRO KB 59 -145.39 28.53 110.47
CA PRO KB 59 -144.34 27.54 110.23
C PRO KB 59 -143.29 27.48 111.34
N ARG KB 60 -142.75 26.30 111.54
CA ARG KB 60 -141.69 26.10 112.53
C ARG KB 60 -140.34 26.58 111.99
N PRO KB 61 -139.87 26.09 110.81
CA PRO KB 61 -138.59 26.62 110.31
C PRO KB 61 -138.78 28.00 109.72
N LYS KB 62 -138.33 29.03 110.46
CA LYS KB 62 -138.56 30.41 110.07
C LYS KB 62 -137.28 31.21 110.24
N PHE KB 63 -136.94 31.99 109.22
CA PHE KB 63 -135.86 32.96 109.31
C PHE KB 63 -136.46 34.35 109.13
N SER KB 64 -136.16 35.23 110.08
CA SER KB 64 -136.73 36.58 110.09
C SER KB 64 -135.72 37.57 109.53
N VAL KB 65 -136.16 38.81 109.40
CA VAL KB 65 -135.31 39.91 108.90
C VAL KB 65 -135.34 40.99 109.97
N CYS KB 66 -134.38 40.93 110.90
CA CYS KB 66 -134.20 41.95 111.92
C CYS KB 66 -132.91 42.74 111.72
N VAL KB 67 -131.80 42.05 111.48
CA VAL KB 67 -130.55 42.73 111.18
C VAL KB 67 -130.64 43.36 109.80
N LEU KB 68 -130.28 44.65 109.72
CA LEU KB 68 -129.79 45.45 110.83
C LEU KB 68 -130.71 46.61 111.21
N GLY KB 69 -131.08 47.44 110.22
CA GLY KB 69 -131.85 48.62 110.51
C GLY KB 69 -131.04 49.71 111.20
N ASP KB 70 -130.12 50.33 110.46
CA ASP KB 70 -129.13 51.25 111.02
C ASP KB 70 -129.79 52.52 111.51
N GLN KB 71 -130.44 52.43 112.67
CA GLN KB 71 -130.96 53.58 113.41
C GLN KB 71 -131.93 54.42 112.58
N GLN KB 72 -132.63 53.79 111.63
CA GLN KB 72 -133.64 54.49 110.84
C GLN KB 72 -135.04 54.21 111.38
N HIS KB 73 -135.43 52.94 111.44
CA HIS KB 73 -136.69 52.53 112.06
C HIS KB 73 -136.41 52.05 113.49
N CYS KB 74 -136.03 53.01 114.33
CA CYS KB 74 -135.75 52.70 115.73
C CYS KB 74 -136.99 52.20 116.45
N ASP KB 75 -138.15 52.81 116.19
CA ASP KB 75 -139.37 52.41 116.86
C ASP KB 75 -139.77 50.99 116.50
N GLU KB 76 -139.67 50.63 115.21
CA GLU KB 76 -140.00 49.28 114.78
C GLU KB 76 -139.01 48.27 115.36
N ALA KB 77 -137.72 48.63 115.41
CA ALA KB 77 -136.72 47.71 115.94
C ALA KB 77 -136.98 47.42 117.42
N LYS KB 78 -137.35 48.43 118.20
CA LYS KB 78 -137.64 48.21 119.61
C LYS KB 78 -138.89 47.35 119.81
N ALA KB 79 -139.90 47.52 118.95
CA ALA KB 79 -141.09 46.68 119.06
C ALA KB 79 -140.77 45.22 118.80
N VAL KB 80 -139.95 44.94 117.77
CA VAL KB 80 -139.57 43.56 117.47
C VAL KB 80 -138.45 43.06 118.35
N ASP KB 81 -137.89 43.91 119.22
CA ASP KB 81 -136.89 43.53 120.21
C ASP KB 81 -135.63 42.94 119.55
N ILE KB 82 -134.95 43.78 118.80
CA ILE KB 82 -133.65 43.47 118.22
C ILE KB 82 -132.64 44.47 118.77
N PRO KB 83 -131.51 44.02 119.31
CA PRO KB 83 -130.52 44.96 119.86
C PRO KB 83 -129.96 45.89 118.79
N HIS KB 84 -129.71 47.13 119.18
CA HIS KB 84 -129.07 48.07 118.27
C HIS KB 84 -127.61 47.68 118.05
N MET KB 85 -127.19 47.69 116.78
CA MET KB 85 -125.91 47.14 116.41
C MET KB 85 -125.37 47.91 115.21
N ASP KB 86 -124.10 48.28 115.25
CA ASP KB 86 -123.53 49.23 114.31
C ASP KB 86 -122.78 48.51 113.19
N ILE KB 87 -122.00 49.29 112.42
CA ILE KB 87 -121.38 48.76 111.21
C ILE KB 87 -120.28 47.77 111.55
N GLU KB 88 -119.41 48.13 112.50
CA GLU KB 88 -118.28 47.28 112.82
C GLU KB 88 -118.73 45.92 113.37
N ALA KB 89 -119.79 45.93 114.17
CA ALA KB 89 -120.39 44.67 114.60
C ALA KB 89 -121.06 43.95 113.43
N LEU KB 90 -121.67 44.69 112.52
CA LEU KB 90 -122.26 44.06 111.34
C LEU KB 90 -121.19 43.39 110.49
N LYS KB 91 -120.02 44.04 110.35
CA LYS KB 91 -118.90 43.40 109.69
C LYS KB 91 -118.48 42.14 110.43
N LYS KB 92 -118.51 42.18 111.77
CA LYS KB 92 -118.14 41.02 112.56
C LYS KB 92 -119.11 39.86 112.36
N LEU KB 93 -120.42 40.13 112.45
CA LEU KB 93 -121.38 39.03 112.42
C LEU KB 93 -121.46 38.39 111.05
N ASN KB 94 -120.88 39.01 110.02
CA ASN KB 94 -120.85 38.41 108.70
C ASN KB 94 -119.85 37.24 108.68
N LYS KB 95 -119.85 36.52 107.56
CA LYS KB 95 -119.10 35.27 107.46
C LYS KB 95 -117.59 35.47 107.32
N ASN KB 96 -117.02 36.66 107.50
CA ASN KB 96 -115.57 36.80 107.41
C ASN KB 96 -114.86 36.33 108.66
N LYS KB 97 -115.48 36.46 109.83
CA LYS KB 97 -114.84 36.17 111.10
C LYS KB 97 -115.07 34.71 111.51
N LYS KB 98 -114.47 34.32 112.64
CA LYS KB 98 -114.50 32.94 113.11
C LYS KB 98 -114.65 32.87 114.63
N LEU KB 99 -115.16 33.94 115.24
CA LEU KB 99 -115.21 33.98 116.70
C LEU KB 99 -116.26 33.02 117.25
N VAL KB 100 -117.47 33.03 116.68
CA VAL KB 100 -118.59 32.28 117.24
C VAL KB 100 -119.14 31.33 116.17
N LYS KB 101 -119.78 30.26 116.65
CA LYS KB 101 -120.42 29.29 115.76
C LYS KB 101 -121.72 29.86 115.21
N LYS KB 102 -121.63 30.71 114.19
CA LYS KB 102 -122.79 31.41 113.64
C LYS KB 102 -122.95 31.03 112.17
N LEU KB 103 -124.18 30.68 111.80
CA LEU KB 103 -124.46 30.36 110.40
C LEU KB 103 -124.32 31.59 109.53
N ALA KB 104 -123.63 31.45 108.40
CA ALA KB 104 -123.48 32.54 107.46
C ALA KB 104 -124.79 32.89 106.77
N LYS KB 105 -125.64 31.89 106.52
CA LYS KB 105 -126.89 32.06 105.78
C LYS KB 105 -128.11 31.95 106.70
N LYS KB 106 -128.00 32.54 107.90
CA LYS KB 106 -129.15 32.56 108.80
C LYS KB 106 -130.31 33.34 108.20
N TYR KB 107 -130.02 34.47 107.57
CA TYR KB 107 -131.03 35.33 106.96
C TYR KB 107 -130.83 35.26 105.44
N ASP KB 108 -131.74 34.56 104.76
CA ASP KB 108 -131.62 34.42 103.31
C ASP KB 108 -131.93 35.72 102.60
N ALA KB 109 -132.45 36.72 103.32
CA ALA KB 109 -132.65 38.06 102.78
C ALA KB 109 -132.45 39.07 103.90
N PHE KB 110 -131.71 40.14 103.60
CA PHE KB 110 -131.29 41.12 104.58
C PHE KB 110 -132.21 42.33 104.57
N LEU KB 111 -132.14 43.11 105.66
CA LEU KB 111 -132.93 44.33 105.77
C LEU KB 111 -132.46 45.39 104.78
N ALA KB 112 -133.40 46.00 104.08
CA ALA KB 112 -133.09 47.02 103.08
C ALA KB 112 -133.03 48.39 103.75
N SER KB 113 -131.98 49.15 103.41
CA SER KB 113 -131.76 50.48 103.97
C SER KB 113 -131.27 51.38 102.83
N GLU KB 114 -130.71 52.53 103.19
CA GLU KB 114 -130.20 53.47 102.20
C GLU KB 114 -128.71 53.80 102.35
N SER KB 115 -128.18 53.83 103.57
CA SER KB 115 -126.80 54.28 103.75
C SER KB 115 -125.81 53.13 103.60
N LEU KB 116 -126.21 51.92 103.97
CA LEU KB 116 -125.27 50.80 104.06
C LEU KB 116 -125.21 49.95 102.80
N ILE KB 117 -126.20 50.05 101.90
CA ILE KB 117 -126.27 49.13 100.77
C ILE KB 117 -125.09 49.34 99.83
N LYS KB 118 -124.63 50.59 99.69
CA LYS KB 118 -123.49 50.86 98.82
C LYS KB 118 -122.18 50.37 99.42
N GLN KB 119 -122.08 50.36 100.75
CA GLN KB 119 -120.81 50.09 101.42
C GLN KB 119 -120.59 48.62 101.76
N ILE KB 120 -121.56 47.75 101.49
CA ILE KB 120 -121.38 46.33 101.81
C ILE KB 120 -120.33 45.64 100.93
N PRO KB 121 -120.32 45.80 99.55
CA PRO KB 121 -119.41 45.00 98.74
C PRO KB 121 -118.05 45.65 98.50
N ARG KB 122 -117.48 46.24 99.55
CA ARG KB 122 -116.18 46.89 99.38
C ARG KB 122 -115.20 46.50 100.49
N ILE KB 123 -115.70 46.38 101.71
CA ILE KB 123 -114.87 46.14 102.88
C ILE KB 123 -115.14 44.77 103.50
N LEU KB 124 -116.36 44.26 103.33
CA LEU KB 124 -116.66 42.89 103.72
C LEU KB 124 -116.04 41.92 102.71
N GLY KB 125 -115.66 40.74 103.20
CA GLY KB 125 -115.01 39.76 102.38
C GLY KB 125 -115.93 39.17 101.33
N PRO KB 126 -115.39 38.30 100.47
CA PRO KB 126 -116.17 37.75 99.36
C PRO KB 126 -117.15 36.66 99.73
N GLY KB 127 -117.32 36.35 101.02
CA GLY KB 127 -118.23 35.29 101.40
C GLY KB 127 -119.68 35.62 101.08
N LEU KB 128 -120.13 36.83 101.44
CA LEU KB 128 -121.54 37.17 101.27
C LEU KB 128 -121.94 37.24 99.80
N ASN KB 129 -121.10 37.86 98.97
CA ASN KB 129 -121.43 37.98 97.55
C ASN KB 129 -121.37 36.63 96.85
N LYS KB 130 -120.50 35.73 97.34
CA LYS KB 130 -120.45 34.38 96.78
C LYS KB 130 -121.73 33.62 97.07
N ALA KB 131 -122.26 33.76 98.28
CA ALA KB 131 -123.52 33.09 98.62
C ALA KB 131 -124.69 33.68 97.84
N GLY KB 132 -124.75 34.99 97.72
CA GLY KB 132 -125.78 35.65 96.97
C GLY KB 132 -126.91 36.28 97.75
N LYS KB 133 -126.75 36.47 99.06
CA LYS KB 133 -127.76 37.11 99.89
C LYS KB 133 -127.44 38.61 99.99
N PHE KB 134 -128.41 39.43 99.63
CA PHE KB 134 -128.20 40.87 99.56
C PHE KB 134 -129.42 41.58 100.14
N PRO KB 135 -129.21 42.78 100.71
CA PRO KB 135 -130.35 43.56 101.27
C PRO KB 135 -131.19 44.22 100.19
N SER KB 136 -131.80 43.41 99.35
CA SER KB 136 -132.63 43.88 98.25
C SER KB 136 -134.10 43.84 98.66
N LEU KB 137 -134.95 44.41 97.83
CA LEU KB 137 -136.39 44.41 98.07
C LEU KB 137 -137.05 43.11 97.63
N LEU KB 138 -136.26 42.09 97.31
CA LEU KB 138 -136.85 40.77 97.06
C LEU KB 138 -137.52 40.22 98.31
N THR KB 139 -137.07 40.66 99.49
CA THR KB 139 -137.73 40.27 100.74
C THR KB 139 -139.03 41.03 100.96
N HIS KB 140 -139.15 42.22 100.38
CA HIS KB 140 -140.28 43.13 100.64
C HIS KB 140 -140.40 43.41 102.14
N ASN KB 141 -139.28 43.79 102.75
CA ASN KB 141 -139.21 44.00 104.19
C ASN KB 141 -138.62 45.36 104.52
N GLU KB 142 -139.13 46.42 103.88
CA GLU KB 142 -138.59 47.76 104.12
C GLU KB 142 -138.79 48.20 105.57
N ASN KB 143 -140.02 48.07 106.07
CA ASN KB 143 -140.34 48.36 107.48
C ASN KB 143 -139.95 49.80 107.85
N MET KB 144 -140.53 50.76 107.12
CA MET KB 144 -140.25 52.17 107.35
C MET KB 144 -141.26 52.81 108.31
N VAL KB 145 -142.55 52.82 107.98
CA VAL KB 145 -143.48 53.69 108.70
C VAL KB 145 -143.99 53.04 109.98
N ALA KB 146 -144.81 51.99 109.86
CA ALA KB 146 -145.26 51.31 111.07
C ALA KB 146 -144.92 49.82 111.09
N LYS KB 147 -145.44 49.08 110.11
CA LYS KB 147 -145.28 47.63 110.06
C LYS KB 147 -145.81 47.07 108.73
N VAL KB 148 -145.02 46.25 108.04
CA VAL KB 148 -145.52 45.60 106.84
C VAL KB 148 -145.33 44.08 106.91
N ASP KB 149 -144.10 43.60 107.08
CA ASP KB 149 -143.86 42.16 107.15
C ASP KB 149 -142.76 41.80 108.14
N GLU KB 150 -142.61 42.59 109.21
CA GLU KB 150 -141.52 42.35 110.16
C GLU KB 150 -141.70 41.02 110.89
N VAL KB 151 -142.91 40.70 111.30
CA VAL KB 151 -143.13 39.50 112.12
C VAL KB 151 -143.48 38.27 111.29
N LYS KB 152 -143.94 38.43 110.05
CA LYS KB 152 -144.25 37.26 109.22
C LYS KB 152 -142.98 36.74 108.55
N SER KB 153 -142.38 37.54 107.68
CA SER KB 153 -141.13 37.22 106.99
C SER KB 153 -141.19 35.83 106.33
N THR KB 154 -142.13 35.70 105.40
CA THR KB 154 -142.27 34.44 104.68
C THR KB 154 -141.00 34.11 103.90
N ILE KB 155 -140.67 32.83 103.86
CA ILE KB 155 -139.42 32.39 103.22
C ILE KB 155 -139.44 32.77 101.75
N LYS KB 156 -138.53 33.66 101.36
CA LYS KB 156 -138.47 34.18 100.01
C LYS KB 156 -137.94 33.11 99.06
N PHE KB 157 -138.48 33.13 97.84
CA PHE KB 157 -138.13 32.16 96.81
C PHE KB 157 -137.79 32.89 95.53
N GLN KB 158 -136.77 32.40 94.84
CA GLN KB 158 -136.30 32.98 93.59
C GLN KB 158 -136.50 31.99 92.46
N MET KB 159 -137.20 32.42 91.41
CA MET KB 159 -137.40 31.62 90.20
C MET KB 159 -136.29 31.98 89.22
N LYS KB 160 -135.43 31.03 88.92
CA LYS KB 160 -134.26 31.26 88.07
C LYS KB 160 -134.37 30.41 86.81
N LYS KB 161 -133.29 30.41 86.01
CA LYS KB 161 -133.27 29.68 84.76
C LYS KB 161 -133.29 28.16 84.94
N VAL KB 162 -133.11 27.67 86.16
CA VAL KB 162 -133.13 26.23 86.39
C VAL KB 162 -134.54 25.68 86.17
N LEU KB 163 -134.60 24.38 85.91
CA LEU KB 163 -135.88 23.75 85.57
C LEU KB 163 -136.75 23.54 86.80
N CYS KB 164 -136.15 23.19 87.94
CA CYS KB 164 -136.90 22.96 89.16
C CYS KB 164 -136.10 23.42 90.37
N LEU KB 165 -136.81 23.87 91.40
CA LEU KB 165 -136.20 24.33 92.63
C LEU KB 165 -137.25 24.29 93.73
N ALA KB 166 -136.82 23.98 94.95
CA ALA KB 166 -137.73 23.82 96.09
C ALA KB 166 -137.44 24.88 97.14
N VAL KB 167 -138.49 25.43 97.75
CA VAL KB 167 -138.39 26.33 98.88
C VAL KB 167 -139.44 25.92 99.90
N ALA KB 168 -139.02 25.72 101.15
CA ALA KB 168 -139.90 25.25 102.21
C ALA KB 168 -140.51 26.43 102.94
N VAL KB 169 -141.83 26.58 102.83
CA VAL KB 169 -142.53 27.63 103.57
C VAL KB 169 -142.56 27.31 105.06
N GLY KB 170 -142.37 26.05 105.42
CA GLY KB 170 -142.32 25.67 106.81
C GLY KB 170 -143.32 24.59 107.16
N HIS KB 171 -144.11 24.81 108.21
CA HIS KB 171 -145.06 23.83 108.70
C HIS KB 171 -146.46 24.43 108.71
N VAL KB 172 -147.44 23.56 108.99
CA VAL KB 172 -148.83 23.98 109.20
C VAL KB 172 -149.31 23.57 110.59
N LYS KB 173 -149.28 22.27 110.90
CA LYS KB 173 -149.52 21.63 112.19
C LYS KB 173 -150.94 21.85 112.76
N MET KB 174 -151.93 22.15 111.92
CA MET KB 174 -153.31 21.76 112.22
C MET KB 174 -154.04 21.52 110.90
N THR KB 175 -155.36 21.43 111.00
CA THR KB 175 -156.19 21.17 109.83
C THR KB 175 -156.08 22.31 108.83
N ASP KB 176 -156.15 21.95 107.54
CA ASP KB 176 -155.97 22.90 106.46
C ASP KB 176 -157.18 23.78 106.24
N ASP KB 177 -158.08 23.88 107.23
CA ASP KB 177 -159.20 24.81 107.14
C ASP KB 177 -158.72 26.26 107.05
N GLU KB 178 -157.47 26.52 107.41
CA GLU KB 178 -156.89 27.83 107.13
C GLU KB 178 -156.16 27.85 105.79
N LEU KB 179 -155.78 26.69 105.27
CA LEU KB 179 -155.07 26.64 103.99
C LEU KB 179 -156.02 26.74 102.81
N VAL KB 180 -157.34 26.64 103.06
CA VAL KB 180 -158.30 26.75 101.96
C VAL KB 180 -158.33 28.16 101.40
N TYR KB 181 -158.23 29.17 102.26
CA TYR KB 181 -158.17 30.56 101.82
C TYR KB 181 -156.76 31.12 101.76
N ASN KB 182 -155.83 30.57 102.54
CA ASN KB 182 -154.45 31.07 102.51
C ASN KB 182 -153.80 30.79 101.16
N ILE KB 183 -153.92 29.57 100.65
CA ILE KB 183 -153.21 29.22 99.43
C ILE KB 183 -154.15 29.11 98.25
N HIS KB 184 -154.40 30.24 97.58
CA HIS KB 184 -154.77 30.26 96.17
C HIS KB 184 -153.93 31.36 95.54
N LEU KB 185 -152.66 31.07 95.29
CA LEU KB 185 -151.77 32.02 94.65
C LEU KB 185 -150.80 31.42 93.64
N ALA KB 186 -150.49 30.13 93.71
CA ALA KB 186 -149.48 29.55 92.83
C ALA KB 186 -149.97 29.52 91.39
N VAL KB 187 -151.20 29.03 91.18
CA VAL KB 187 -151.73 28.93 89.83
C VAL KB 187 -151.94 30.32 89.22
N ASN KB 188 -152.53 31.24 90.00
CA ASN KB 188 -152.79 32.57 89.47
C ASN KB 188 -151.49 33.30 89.14
N PHE KB 189 -150.49 33.21 90.02
CA PHE KB 189 -149.20 33.85 89.74
C PHE KB 189 -148.47 33.15 88.61
N LEU KB 190 -148.81 31.89 88.32
CA LEU KB 190 -148.23 31.22 87.17
C LEU KB 190 -148.86 31.71 85.87
N VAL KB 191 -150.17 31.99 85.88
CA VAL KB 191 -150.85 32.46 84.67
C VAL KB 191 -150.87 33.97 84.55
N SER KB 192 -150.49 34.70 85.60
CA SER KB 192 -150.47 36.16 85.51
C SER KB 192 -149.38 36.65 84.56
N LEU KB 193 -148.34 35.85 84.34
CA LEU KB 193 -147.22 36.24 83.50
C LEU KB 193 -146.49 34.97 83.07
N LEU KB 194 -145.30 35.14 82.48
CA LEU KB 194 -144.45 34.05 81.99
C LEU KB 194 -145.25 33.06 81.13
N LYS KB 195 -146.02 33.61 80.19
CA LYS KB 195 -146.86 32.79 79.32
C LYS KB 195 -146.06 31.90 78.38
N LYS KB 196 -144.87 32.31 77.96
CA LYS KB 196 -144.07 31.55 77.00
C LYS KB 196 -143.53 30.31 77.70
N ASN KB 197 -144.43 29.36 77.96
CA ASN KB 197 -144.12 28.20 78.79
C ASN KB 197 -145.28 27.20 78.67
N TRP KB 198 -145.23 26.19 79.55
CA TRP KB 198 -146.24 25.16 79.67
C TRP KB 198 -147.60 25.77 80.04
N GLN KB 199 -148.63 24.93 80.04
CA GLN KB 199 -150.01 25.37 80.20
C GLN KB 199 -150.28 25.81 81.64
N ASN KB 200 -151.55 26.06 81.95
CA ASN KB 200 -151.89 26.78 83.17
C ASN KB 200 -151.63 25.95 84.42
N VAL KB 201 -152.34 24.83 84.57
CA VAL KB 201 -152.36 24.11 85.83
C VAL KB 201 -152.18 22.62 85.61
N ARG KB 202 -151.74 21.94 86.66
CA ARG KB 202 -151.68 20.49 86.78
C ARG KB 202 -151.48 20.19 88.26
N ALA KB 203 -151.24 18.93 88.59
CA ALA KB 203 -150.98 18.57 89.98
C ALA KB 203 -149.68 19.21 90.46
N LEU KB 204 -149.69 19.65 91.72
CA LEU KB 204 -148.53 20.26 92.33
C LEU KB 204 -147.99 19.32 93.40
N TYR KB 205 -146.68 19.09 93.37
CA TYR KB 205 -146.01 18.10 94.21
C TYR KB 205 -145.48 18.79 95.46
N ILE KB 206 -145.94 18.34 96.63
CA ILE KB 206 -145.64 19.00 97.89
C ILE KB 206 -145.03 18.03 98.89
N LYS KB 207 -144.29 17.04 98.38
CA LYS KB 207 -143.70 16.02 99.25
C LYS KB 207 -142.67 16.62 100.20
N SER KB 208 -142.47 15.95 101.31
CA SER KB 208 -141.63 16.42 102.42
C SER KB 208 -141.04 15.19 103.10
N THR KB 209 -140.58 15.38 104.35
CA THR KB 209 -140.07 14.27 105.16
C THR KB 209 -140.94 13.02 105.00
N MET KB 210 -142.23 13.15 105.29
CA MET KB 210 -143.24 12.20 104.83
C MET KB 210 -144.34 13.04 104.20
N GLY KB 211 -144.15 13.39 102.93
CA GLY KB 211 -145.06 14.29 102.27
C GLY KB 211 -146.34 13.63 101.84
N LYS KB 212 -147.42 13.91 102.55
CA LYS KB 212 -148.72 13.35 102.19
C LYS KB 212 -149.17 13.93 100.86
N PRO KB 213 -149.62 13.09 99.92
CA PRO KB 213 -150.03 13.62 98.61
C PRO KB 213 -151.23 14.54 98.71
N GLN KB 214 -150.99 15.83 98.50
CA GLN KB 214 -152.07 16.82 98.46
C GLN KB 214 -151.98 17.57 97.14
N ARG KB 215 -151.87 16.81 96.04
CA ARG KB 215 -151.67 17.35 94.71
C ARG KB 215 -152.77 18.34 94.33
N LEU KB 216 -152.40 19.61 94.20
CA LEU KB 216 -153.34 20.68 93.88
C LEU KB 216 -153.41 20.81 92.36
N TYR KB 217 -154.34 20.09 91.75
CA TYR KB 217 -154.47 20.09 90.30
C TYR KB 217 -155.02 21.42 89.79
N MET LB 1 -66.91 -22.62 75.44
CA MET LB 1 -66.17 -22.99 74.25
C MET LB 1 -64.87 -22.19 74.09
N GLY LB 2 -64.90 -21.13 73.29
CA GLY LB 2 -63.67 -20.44 72.94
C GLY LB 2 -62.68 -21.37 72.29
N ARG LB 3 -63.18 -22.41 71.63
CA ARG LB 3 -62.42 -23.58 71.20
C ARG LB 3 -62.06 -23.49 69.72
N VAL LB 4 -61.77 -22.28 69.26
CA VAL LB 4 -61.47 -22.06 67.84
C VAL LB 4 -60.08 -21.48 67.71
N ARG LB 5 -59.26 -22.14 66.88
CA ARG LB 5 -57.91 -21.69 66.56
C ARG LB 5 -57.75 -21.74 65.05
N THR LB 6 -56.52 -21.52 64.61
CA THR LB 6 -56.14 -21.73 63.22
C THR LB 6 -55.15 -22.88 63.14
N LYS LB 7 -55.06 -23.47 61.94
CA LYS LB 7 -54.04 -24.50 61.70
C LYS LB 7 -52.65 -23.99 62.05
N THR LB 8 -52.35 -22.76 61.64
CA THR LB 8 -51.03 -22.18 61.78
C THR LB 8 -50.66 -21.96 63.26
N VAL LB 9 -51.56 -21.36 64.03
CA VAL LB 9 -51.32 -21.18 65.46
C VAL LB 9 -51.29 -22.50 66.23
N LYS LB 10 -51.40 -23.65 65.56
CA LYS LB 10 -51.00 -24.89 66.20
C LYS LB 10 -49.55 -25.23 65.92
N LYS LB 11 -48.96 -24.59 64.90
CA LYS LB 11 -47.53 -24.72 64.65
C LYS LB 11 -46.86 -23.99 65.80
N ALA LB 12 -46.74 -24.67 66.94
CA ALA LB 12 -46.38 -23.91 68.13
C ALA LB 12 -45.19 -24.47 68.92
N ALA LB 13 -45.12 -25.77 69.12
CA ALA LB 13 -44.26 -26.35 70.15
C ALA LB 13 -43.39 -27.49 69.67
N ARG LB 14 -43.78 -28.20 68.61
CA ARG LB 14 -42.90 -29.18 67.99
C ARG LB 14 -41.66 -28.53 67.37
N VAL LB 15 -41.56 -27.20 67.43
CA VAL LB 15 -40.27 -26.53 67.27
C VAL LB 15 -39.38 -26.83 68.45
N ILE LB 16 -39.94 -27.33 69.54
CA ILE LB 16 -39.20 -27.54 70.78
C ILE LB 16 -39.12 -29.02 71.14
N ILE LB 17 -40.26 -29.70 71.29
CA ILE LB 17 -40.34 -30.97 72.01
C ILE LB 17 -39.29 -31.97 71.52
N GLU LB 18 -39.36 -32.34 70.23
CA GLU LB 18 -38.44 -33.34 69.72
C GLU LB 18 -37.03 -32.77 69.50
N LYS LB 19 -36.93 -31.46 69.21
CA LYS LB 19 -35.62 -30.83 69.20
C LYS LB 19 -34.92 -31.05 70.52
N TYR LB 20 -35.68 -31.15 71.61
CA TYR LB 20 -35.17 -31.40 72.94
C TYR LB 20 -35.89 -32.58 73.56
N TYR LB 21 -35.92 -33.69 72.81
CA TYR LB 21 -36.70 -34.87 73.19
C TYR LB 21 -36.29 -35.42 74.55
N THR LB 22 -35.22 -34.89 75.15
CA THR LB 22 -34.67 -35.47 76.36
C THR LB 22 -35.12 -34.78 77.64
N ARG LB 23 -35.84 -33.66 77.56
CA ARG LB 23 -36.21 -32.88 78.75
C ARG LB 23 -37.67 -32.45 78.71
N LEU LB 24 -38.59 -33.38 78.51
CA LEU LB 24 -40.00 -33.07 78.73
C LEU LB 24 -40.60 -34.11 79.69
N GLY LB 25 -41.92 -34.08 79.82
CA GLY LB 25 -42.58 -34.94 80.77
C GLY LB 25 -44.07 -35.07 80.52
N ASN LB 26 -44.84 -35.21 81.63
CA ASN LB 26 -46.30 -35.23 81.63
C ASN LB 26 -46.73 -34.25 82.74
N ASP LB 27 -46.73 -32.96 82.43
CA ASP LB 27 -46.04 -32.06 83.35
C ASP LB 27 -46.69 -30.67 83.42
N PHE LB 28 -46.46 -29.96 84.57
CA PHE LB 28 -47.12 -28.69 84.90
C PHE LB 28 -46.21 -27.55 85.42
N HIS LB 29 -45.02 -27.83 86.02
CA HIS LB 29 -44.19 -26.73 86.53
C HIS LB 29 -42.66 -26.79 86.40
N THR LB 30 -42.04 -27.86 85.92
CA THR LB 30 -40.57 -27.91 85.85
C THR LB 30 -40.04 -27.79 84.43
N ASN LB 31 -40.55 -28.59 83.49
CA ASN LB 31 -40.29 -28.32 82.08
C ASN LB 31 -40.83 -26.97 81.67
N LYS LB 32 -41.74 -26.44 82.49
CA LYS LB 32 -42.02 -25.01 82.55
C LYS LB 32 -40.69 -24.25 82.45
N ARG LB 33 -39.78 -24.53 83.39
CA ARG LB 33 -38.50 -23.82 83.40
C ARG LB 33 -37.72 -24.06 82.11
N VAL LB 34 -37.68 -25.30 81.62
CA VAL LB 34 -36.81 -25.59 80.49
C VAL LB 34 -37.28 -24.88 79.23
N CYS LB 35 -38.55 -24.51 79.15
CA CYS LB 35 -39.10 -23.87 77.96
C CYS LB 35 -38.85 -22.37 77.94
N GLU LB 36 -38.17 -21.83 78.95
CA GLU LB 36 -37.95 -20.39 79.01
C GLU LB 36 -36.77 -19.97 78.14
N GLU LB 37 -35.75 -20.82 78.04
CA GLU LB 37 -34.43 -20.40 77.56
C GLU LB 37 -34.00 -21.09 76.27
N ILE LB 38 -34.93 -21.35 75.36
CA ILE LB 38 -34.55 -22.17 74.21
C ILE LB 38 -34.93 -21.59 72.84
N ALA LB 39 -35.03 -20.26 72.73
CA ALA LB 39 -35.49 -19.69 71.45
C ALA LB 39 -35.38 -18.16 71.46
N ILE LB 40 -35.32 -17.58 70.25
CA ILE LB 40 -35.33 -16.13 70.02
C ILE LB 40 -36.73 -15.74 69.55
N ILE LB 41 -37.59 -15.38 70.49
CA ILE LB 41 -39.04 -15.36 70.24
C ILE LB 41 -39.73 -14.21 70.98
N PRO LB 42 -39.74 -12.97 70.39
CA PRO LB 42 -40.00 -11.73 71.17
C PRO LB 42 -41.41 -11.33 71.60
N SER LB 43 -41.91 -11.88 72.71
CA SER LB 43 -42.91 -11.23 73.57
C SER LB 43 -43.13 -12.08 74.80
N LYS LB 44 -44.11 -11.69 75.62
CA LYS LB 44 -44.23 -12.28 76.96
C LYS LB 44 -45.44 -13.20 77.07
N LYS LB 45 -46.54 -12.87 76.38
CA LYS LB 45 -47.82 -13.50 76.69
C LYS LB 45 -47.90 -14.95 76.23
N LEU LB 46 -47.47 -15.25 75.00
CA LEU LB 46 -47.83 -16.50 74.35
C LEU LB 46 -47.01 -17.70 74.82
N ARG LB 47 -46.35 -17.61 75.98
CA ARG LB 47 -45.54 -18.73 76.47
C ARG LB 47 -46.42 -19.94 76.79
N ASN LB 48 -47.60 -19.71 77.38
CA ASN LB 48 -48.45 -20.81 77.83
C ASN LB 48 -49.10 -21.53 76.65
N LYS LB 49 -49.45 -20.79 75.61
CA LYS LB 49 -50.12 -21.41 74.46
C LYS LB 49 -49.16 -22.30 73.67
N ILE LB 50 -47.88 -21.93 73.59
CA ILE LB 50 -46.88 -22.86 73.11
C ILE LB 50 -46.83 -24.07 74.02
N ALA LB 51 -46.91 -23.85 75.33
CA ALA LB 51 -46.54 -24.84 76.33
C ALA LB 51 -47.72 -25.36 77.14
N GLY LB 52 -48.88 -25.51 76.50
CA GLY LB 52 -50.02 -26.16 77.14
C GLY LB 52 -49.99 -27.67 77.00
N TYR LB 53 -49.96 -28.14 75.75
CA TYR LB 53 -49.93 -29.55 75.39
C TYR LB 53 -48.51 -30.09 75.24
N VAL LB 54 -47.46 -29.31 75.56
CA VAL LB 54 -46.09 -29.71 75.27
C VAL LB 54 -45.78 -31.06 75.89
N THR LB 55 -46.12 -31.23 77.17
CA THR LB 55 -45.83 -32.48 77.85
C THR LB 55 -46.90 -33.53 77.61
N HIS LB 56 -48.02 -33.15 77.00
CA HIS LB 56 -49.01 -34.12 76.60
C HIS LB 56 -48.51 -35.03 75.49
N LEU LB 57 -47.42 -34.66 74.81
CA LEU LB 57 -46.84 -35.52 73.77
C LEU LB 57 -46.14 -36.72 74.39
N MET LB 58 -45.33 -36.48 75.43
CA MET LB 58 -44.66 -37.60 76.09
C MET LB 58 -45.66 -38.44 76.88
N LYS LB 59 -46.88 -37.92 77.08
CA LYS LB 59 -48.00 -38.76 77.47
C LYS LB 59 -48.32 -39.77 76.39
N ARG LB 60 -48.33 -39.33 75.12
CA ARG LB 60 -48.61 -40.26 74.03
C ARG LB 60 -47.52 -41.30 73.89
N ILE LB 61 -46.25 -40.87 73.92
CA ILE LB 61 -45.15 -41.77 73.60
C ILE LB 61 -45.13 -42.99 74.52
N GLN LB 62 -45.54 -42.84 75.76
CA GLN LB 62 -45.66 -43.99 76.65
C GLN LB 62 -46.86 -44.86 76.33
N ARG LB 63 -47.82 -44.35 75.57
CA ARG LB 63 -48.95 -45.15 75.10
C ARG LB 63 -49.04 -45.28 73.59
N GLY LB 64 -48.13 -44.67 72.83
CA GLY LB 64 -48.14 -44.79 71.39
C GLY LB 64 -47.18 -43.85 70.70
N PRO LB 65 -46.71 -44.23 69.50
CA PRO LB 65 -45.77 -43.37 68.77
C PRO LB 65 -46.47 -42.18 68.14
N VAL LB 66 -45.68 -41.14 67.87
CA VAL LB 66 -46.22 -39.88 67.37
C VAL LB 66 -45.11 -39.03 66.78
N ARG LB 67 -45.44 -38.23 65.76
CA ARG LB 67 -44.51 -37.21 65.28
C ARG LB 67 -44.61 -35.98 66.15
N GLY LB 68 -43.46 -35.49 66.63
CA GLY LB 68 -42.21 -36.17 66.38
C GLY LB 68 -41.46 -35.74 65.13
N ILE LB 69 -40.50 -36.57 64.72
CA ILE LB 69 -40.22 -37.81 65.43
C ILE LB 69 -39.04 -37.63 66.39
N SER LB 70 -39.25 -38.02 67.65
CA SER LB 70 -38.15 -38.12 68.59
C SER LB 70 -37.34 -39.35 68.20
N ILE LB 71 -36.05 -39.15 67.93
CA ILE LB 71 -35.23 -40.15 67.25
C ILE LB 71 -35.05 -41.39 68.11
N LYS LB 72 -35.59 -41.39 69.32
CA LYS LB 72 -35.58 -42.57 70.17
C LYS LB 72 -36.92 -43.29 70.17
N LEU LB 73 -37.99 -42.64 69.68
CA LEU LB 73 -39.30 -43.28 69.65
C LEU LB 73 -39.30 -44.55 68.81
N GLN LB 74 -38.79 -44.47 67.58
CA GLN LB 74 -39.02 -45.55 66.63
C GLN LB 74 -38.24 -46.81 66.98
N GLU LB 75 -36.94 -46.69 67.26
CA GLU LB 75 -36.13 -47.88 67.46
C GLU LB 75 -36.38 -48.52 68.82
N GLU LB 76 -36.79 -47.74 69.82
CA GLU LB 76 -37.18 -48.33 71.10
C GLU LB 76 -38.46 -49.14 70.96
N GLU LB 77 -39.49 -48.54 70.33
CA GLU LB 77 -40.78 -49.20 70.20
C GLU LB 77 -40.77 -50.30 69.14
N ARG LB 78 -40.06 -50.10 68.02
CA ARG LB 78 -39.93 -51.13 67.00
C ARG LB 78 -39.06 -52.30 67.45
N GLU LB 79 -38.05 -52.04 68.27
CA GLU LB 79 -37.25 -53.14 68.82
C GLU LB 79 -38.13 -54.15 69.53
N ARG LB 80 -39.16 -53.68 70.24
CA ARG LB 80 -40.16 -54.58 70.77
C ARG LB 80 -40.86 -55.34 69.66
N ARG LB 81 -41.22 -54.63 68.59
CA ARG LB 81 -42.01 -55.23 67.50
C ARG LB 81 -41.26 -56.39 66.86
N ASP LB 82 -39.93 -56.30 66.76
CA ASP LB 82 -39.14 -57.39 66.18
C ASP LB 82 -39.31 -58.69 66.95
N ASN LB 83 -39.61 -58.62 68.25
CA ASN LB 83 -39.62 -59.79 69.10
C ASN LB 83 -40.82 -60.68 68.78
N TYR LB 84 -40.93 -61.79 69.52
CA TYR LB 84 -41.90 -62.85 69.29
C TYR LB 84 -41.78 -63.42 67.87
N VAL LB 85 -40.62 -64.04 67.64
CA VAL LB 85 -40.44 -64.98 66.55
C VAL LB 85 -41.04 -66.31 66.99
N PRO LB 86 -41.89 -66.95 66.19
CA PRO LB 86 -42.72 -68.03 66.72
C PRO LB 86 -42.03 -69.38 66.69
N GLU LB 87 -42.38 -70.22 67.66
CA GLU LB 87 -41.86 -71.57 67.72
C GLU LB 87 -42.50 -72.46 66.66
N VAL LB 88 -43.81 -72.38 66.52
CA VAL LB 88 -44.55 -73.16 65.55
C VAL LB 88 -44.99 -72.24 64.42
N SER LB 89 -45.44 -72.84 63.31
CA SER LB 89 -45.79 -72.07 62.13
C SER LB 89 -47.28 -71.77 62.08
N ALA LB 90 -47.61 -70.57 61.60
CA ALA LB 90 -49.01 -70.23 61.35
C ALA LB 90 -49.56 -71.01 60.16
N LEU LB 91 -48.69 -71.43 59.24
CA LEU LB 91 -49.09 -72.25 58.09
C LEU LB 91 -48.29 -73.54 58.16
N ASP LB 92 -48.80 -74.48 58.94
CA ASP LB 92 -48.24 -75.83 58.99
C ASP LB 92 -49.35 -76.86 59.15
N GLN LB 93 -50.60 -76.46 58.92
CA GLN LB 93 -51.72 -77.26 59.37
C GLN LB 93 -51.88 -78.50 58.54
N GLU LB 94 -51.37 -78.50 57.31
CA GLU LB 94 -51.31 -79.69 56.45
C GLU LB 94 -52.69 -80.27 56.17
N ILE LB 95 -53.74 -79.48 56.35
CA ILE LB 95 -55.07 -79.88 55.90
C ILE LB 95 -55.77 -78.62 55.39
N ILE LB 96 -55.67 -78.36 54.10
CA ILE LB 96 -55.96 -77.06 53.52
C ILE LB 96 -57.11 -77.22 52.54
N GLU LB 97 -58.18 -76.50 52.78
CA GLU LB 97 -59.34 -76.53 51.88
C GLU LB 97 -59.00 -75.84 50.57
N VAL LB 98 -59.39 -76.47 49.45
CA VAL LB 98 -59.26 -75.91 48.13
C VAL LB 98 -60.52 -76.20 47.34
N ASP LB 99 -60.69 -75.51 46.24
CA ASP LB 99 -61.78 -75.75 45.31
C ASP LB 99 -61.32 -76.72 44.22
N PRO LB 100 -62.21 -77.39 43.51
CA PRO LB 100 -61.86 -78.23 42.40
C PRO LB 100 -61.14 -77.49 41.31
N ASP LB 101 -61.46 -76.21 41.11
CA ASP LB 101 -60.77 -75.42 40.08
C ASP LB 101 -59.28 -75.33 40.38
N THR LB 102 -58.92 -75.09 41.64
CA THR LB 102 -57.51 -75.13 42.01
C THR LB 102 -56.94 -76.52 41.81
N LYS LB 103 -57.68 -77.55 42.21
CA LYS LB 103 -57.16 -78.91 42.16
C LYS LB 103 -56.76 -79.30 40.74
N GLU LB 104 -57.62 -79.04 39.77
CA GLU LB 104 -57.25 -79.37 38.39
C GLU LB 104 -56.15 -78.46 37.89
N MET LB 105 -56.12 -77.22 38.37
CA MET LB 105 -55.05 -76.31 37.99
C MET LB 105 -53.72 -76.69 38.61
N LEU LB 106 -53.71 -77.50 39.67
CA LEU LB 106 -52.46 -78.08 40.11
C LEU LB 106 -52.13 -79.35 39.34
N LYS LB 107 -53.09 -79.88 38.57
CA LYS LB 107 -52.78 -81.04 37.74
C LYS LB 107 -51.86 -80.67 36.59
N LEU LB 108 -51.99 -79.44 36.06
CA LEU LB 108 -51.03 -78.97 35.07
C LEU LB 108 -49.66 -78.71 35.69
N LEU LB 109 -49.60 -78.52 37.01
CA LEU LB 109 -48.31 -78.46 37.70
C LEU LB 109 -47.65 -79.83 37.75
N ASP LB 110 -48.36 -80.88 37.36
CA ASP LB 110 -47.86 -82.25 37.34
C ASP LB 110 -47.65 -82.80 38.75
N PHE LB 111 -48.50 -82.37 39.69
CA PHE LB 111 -48.62 -83.07 40.96
C PHE LB 111 -49.96 -82.65 41.59
N GLY LB 112 -50.76 -83.63 41.96
CA GLY LB 112 -51.94 -83.39 42.77
C GLY LB 112 -52.18 -84.53 43.73
N SER LB 113 -51.17 -85.37 43.91
CA SER LB 113 -51.32 -86.64 44.60
C SER LB 113 -50.41 -86.81 45.80
N LEU LB 114 -49.21 -86.25 45.79
CA LEU LB 114 -48.27 -86.42 46.89
C LEU LB 114 -48.42 -85.36 47.97
N SER LB 115 -49.54 -84.64 47.98
CA SER LB 115 -49.86 -83.66 49.02
C SER LB 115 -51.10 -84.11 49.78
N ASN LB 116 -51.29 -83.51 50.96
CA ASN LB 116 -52.44 -83.86 51.80
C ASN LB 116 -53.72 -83.25 51.22
N LEU LB 117 -53.81 -81.92 51.23
CA LEU LB 117 -54.67 -81.12 50.35
C LEU LB 117 -56.08 -81.70 50.24
N GLN LB 118 -56.82 -81.61 51.33
CA GLN LB 118 -58.22 -82.01 51.25
C GLN LB 118 -59.02 -80.96 50.47
N VAL LB 119 -60.01 -81.43 49.72
CA VAL LB 119 -60.84 -80.56 48.90
C VAL LB 119 -62.13 -80.28 49.65
N THR LB 120 -62.44 -79.00 49.83
CA THR LB 120 -63.78 -78.61 50.22
C THR LB 120 -64.63 -78.51 48.96
N GLN LB 121 -65.87 -78.95 49.07
CA GLN LB 121 -66.76 -78.92 47.88
C GLN LB 121 -66.91 -77.46 47.31
N PRO LB 122 -66.80 -77.10 46.11
CA PRO LB 122 -67.37 -75.81 45.70
C PRO LB 122 -68.75 -75.36 46.38
N THR LB 123 -68.96 -74.02 46.23
CA THR LB 123 -70.18 -73.43 46.73
C THR LB 123 -71.40 -74.18 46.21
N VAL LB 124 -71.44 -74.42 44.89
CA VAL LB 124 -72.51 -75.17 44.24
C VAL LB 124 -73.84 -74.52 44.57
N GLY LB 125 -74.26 -73.57 43.75
CA GLY LB 125 -75.31 -72.66 44.14
C GLY LB 125 -74.79 -71.24 43.99
N MET LB 126 -73.48 -71.08 44.20
CA MET LB 126 -72.74 -69.89 43.80
C MET LB 126 -73.36 -68.63 44.44
N ASN LB 127 -73.33 -68.64 45.77
CA ASN LB 127 -73.97 -67.59 46.55
C ASN LB 127 -73.04 -66.39 46.73
N PHE LB 128 -71.96 -66.37 45.94
CA PHE LB 128 -71.27 -65.14 45.57
C PHE LB 128 -72.12 -64.53 44.46
N LYS LB 129 -71.49 -63.87 43.47
CA LYS LB 129 -72.21 -63.13 42.43
C LYS LB 129 -72.93 -61.94 43.09
N THR LB 130 -72.12 -60.94 43.49
CA THR LB 130 -72.56 -59.68 44.07
C THR LB 130 -73.76 -59.12 43.30
N PRO LB 131 -74.63 -58.39 43.98
CA PRO LB 131 -75.96 -58.12 43.43
C PRO LB 131 -75.92 -57.13 42.27
N ARG LB 132 -77.09 -56.96 41.64
CA ARG LB 132 -77.27 -56.02 40.54
C ARG LB 132 -78.75 -55.85 40.23
N GLY LB 133 -79.22 -54.60 40.20
CA GLY LB 133 -80.57 -54.26 39.83
C GLY LB 133 -81.49 -54.00 40.98
N PRO LB 134 -82.66 -53.44 40.69
CA PRO LB 134 -83.88 -53.94 41.33
C PRO LB 134 -84.52 -55.01 40.46
N VAL LB 135 -85.71 -55.49 40.79
CA VAL LB 135 -86.45 -56.40 39.92
C VAL LB 135 -86.63 -55.81 38.53
N MET MB 1 -14.32 21.66 90.09
CA MET MB 1 -14.00 21.72 91.52
C MET MB 1 -14.85 22.75 92.23
N ALA MB 2 -14.38 24.02 92.19
CA ALA MB 2 -15.17 25.10 92.78
C ALA MB 2 -16.53 25.22 92.07
N VAL MB 3 -16.52 25.12 90.75
CA VAL MB 3 -17.77 24.94 90.00
C VAL MB 3 -17.86 23.45 89.70
N GLN MB 4 -18.45 22.72 90.63
CA GLN MB 4 -18.64 21.28 90.49
C GLN MB 4 -19.98 21.02 89.81
N ILE MB 5 -19.98 20.14 88.84
CA ILE MB 5 -21.14 19.87 88.02
C ILE MB 5 -21.86 18.65 88.57
N SER MB 6 -23.20 18.70 88.55
CA SER MB 6 -23.99 17.57 89.01
C SER MB 6 -23.69 16.34 88.16
N LYS MB 7 -23.65 15.17 88.81
CA LYS MB 7 -23.41 13.95 88.08
C LYS MB 7 -24.50 13.72 87.03
N LYS MB 8 -25.68 14.28 87.27
CA LYS MB 8 -26.73 14.24 86.25
C LYS MB 8 -26.27 14.93 84.98
N ARG MB 9 -25.64 16.09 85.11
CA ARG MB 9 -25.17 16.84 83.95
C ARG MB 9 -23.80 16.39 83.47
N LYS MB 10 -22.97 15.83 84.34
CA LYS MB 10 -21.63 15.41 83.90
C LYS MB 10 -21.72 14.22 82.97
N PHE MB 11 -22.69 13.32 83.20
CA PHE MB 11 -22.86 12.18 82.31
C PHE MB 11 -23.30 12.64 80.93
N VAL MB 12 -24.27 13.55 80.86
CA VAL MB 12 -24.75 14.04 79.57
C VAL MB 12 -23.64 14.78 78.85
N ALA MB 13 -22.92 15.65 79.56
CA ALA MB 13 -21.82 16.38 78.94
C ALA MB 13 -20.72 15.43 78.49
N ASP MB 14 -20.55 14.31 79.21
CA ASP MB 14 -19.65 13.27 78.73
C ASP MB 14 -20.16 12.71 77.42
N GLY MB 15 -21.46 12.42 77.33
CA GLY MB 15 -22.01 11.90 76.09
C GLY MB 15 -21.90 12.87 74.94
N ILE MB 16 -22.21 14.14 75.18
CA ILE MB 16 -22.07 15.15 74.13
C ILE MB 16 -20.62 15.27 73.70
N PHE MB 17 -19.70 15.28 74.66
CA PHE MB 17 -18.29 15.34 74.32
C PHE MB 17 -17.88 14.15 73.46
N LYS MB 18 -18.40 12.97 73.80
CA LYS MB 18 -18.21 11.81 72.93
C LYS MB 18 -18.83 12.04 71.56
N ALA MB 19 -20.03 12.63 71.53
CA ALA MB 19 -20.73 12.83 70.27
C ALA MB 19 -19.96 13.77 69.35
N GLU MB 20 -19.38 14.83 69.91
CA GLU MB 20 -18.74 15.84 69.06
C GLU MB 20 -17.54 15.25 68.32
N LEU MB 21 -16.67 14.53 69.03
CA LEU MB 21 -15.54 13.88 68.35
C LEU MB 21 -16.04 12.89 67.31
N ASN MB 22 -17.03 12.06 67.67
CA ASN MB 22 -17.51 11.04 66.77
C ASN MB 22 -17.94 11.65 65.44
N GLU MB 23 -18.65 12.77 65.50
CA GLU MB 23 -19.01 13.46 64.27
C GLU MB 23 -17.80 14.15 63.66
N PHE MB 24 -17.00 14.83 64.48
CA PHE MB 24 -15.84 15.53 63.95
C PHE MB 24 -14.84 14.57 63.33
N LEU MB 25 -14.56 13.45 63.99
CA LEU MB 25 -13.64 12.48 63.42
C LEU MB 25 -14.22 11.85 62.16
N THR MB 26 -15.52 11.55 62.16
CA THR MB 26 -16.13 10.97 60.96
C THR MB 26 -16.01 11.92 59.78
N ARG MB 27 -16.27 13.20 60.00
CA ARG MB 27 -16.14 14.16 58.92
C ARG MB 27 -14.68 14.33 58.49
N GLU MB 28 -13.73 14.06 59.39
CA GLU MB 28 -12.33 14.27 59.09
C GLU MB 28 -11.67 13.02 58.49
N LEU MB 29 -11.93 11.85 59.10
CA LEU MB 29 -11.26 10.62 58.73
C LEU MB 29 -12.17 9.65 57.99
N ALA MB 30 -13.24 10.14 57.36
CA ALA MB 30 -14.10 9.24 56.59
C ALA MB 30 -13.34 8.62 55.44
N GLU MB 31 -12.66 9.44 54.64
CA GLU MB 31 -11.90 8.93 53.50
C GLU MB 31 -10.70 8.10 53.95
N ASP MB 32 -10.36 8.17 55.22
CA ASP MB 32 -9.26 7.42 55.80
C ASP MB 32 -9.77 6.15 56.50
N GLY MB 33 -11.10 5.97 56.56
CA GLY MB 33 -11.70 4.79 57.17
C GLY MB 33 -11.84 4.90 58.67
N TYR MB 34 -12.55 5.94 59.12
CA TYR MB 34 -12.64 6.27 60.53
C TYR MB 34 -13.12 5.10 61.38
N SER MB 35 -14.30 4.58 61.08
CA SER MB 35 -14.81 3.34 61.69
C SER MB 35 -15.05 3.46 63.19
N GLY MB 36 -15.17 4.68 63.71
CA GLY MB 36 -15.53 4.86 65.10
C GLY MB 36 -14.32 5.12 66.00
N VAL MB 37 -14.61 5.59 67.21
CA VAL MB 37 -13.58 5.92 68.20
C VAL MB 37 -14.05 5.44 69.56
N GLU MB 38 -13.13 5.47 70.52
CA GLU MB 38 -13.39 5.13 71.91
C GLU MB 38 -12.51 6.02 72.78
N VAL MB 39 -13.04 6.45 73.91
CA VAL MB 39 -12.37 7.46 74.73
C VAL MB 39 -11.89 6.83 76.03
N ARG MB 40 -10.62 7.08 76.35
CA ARG MB 40 -9.96 6.56 77.56
C ARG MB 40 -9.73 7.74 78.49
N VAL MB 41 -10.44 7.78 79.61
CA VAL MB 41 -10.42 8.94 80.49
C VAL MB 41 -9.82 8.56 81.83
N THR MB 42 -8.65 9.12 82.12
CA THR MB 42 -8.12 9.18 83.47
C THR MB 42 -8.20 10.63 83.93
N PRO MB 43 -8.36 10.87 85.24
CA PRO MB 43 -8.56 12.26 85.70
C PRO MB 43 -7.40 13.18 85.39
N THR MB 44 -6.17 12.68 85.33
CA THR MB 44 -5.01 13.50 85.04
C THR MB 44 -4.61 13.48 83.57
N ARG MB 45 -4.71 12.34 82.90
CA ARG MB 45 -4.28 12.20 81.52
C ARG MB 45 -5.35 11.45 80.75
N THR MB 46 -5.98 12.13 79.79
CA THR MB 46 -7.06 11.55 79.01
C THR MB 46 -6.59 11.31 77.58
N GLU MB 47 -6.71 10.07 77.12
CA GLU MB 47 -6.33 9.72 75.75
C GLU MB 47 -7.55 9.27 74.97
N ILE MB 48 -7.49 9.48 73.66
CA ILE MB 48 -8.52 9.07 72.73
C ILE MB 48 -7.87 8.16 71.69
N ILE MB 49 -8.51 7.04 71.39
CA ILE MB 49 -7.95 6.04 70.49
C ILE MB 49 -8.90 5.85 69.32
N ILE MB 50 -8.45 6.22 68.13
CA ILE MB 50 -9.23 6.04 66.91
C ILE MB 50 -9.14 4.60 66.45
N LEU MB 51 -10.24 4.07 65.93
CA LEU MB 51 -10.30 2.69 65.48
C LEU MB 51 -10.32 2.64 63.96
N ALA MB 52 -9.54 3.49 63.31
CA ALA MB 52 -9.53 3.56 61.86
C ALA MB 52 -8.99 2.27 61.25
N THR MB 53 -9.29 2.09 59.97
CA THR MB 53 -8.82 0.90 59.26
C THR MB 53 -7.36 1.05 58.84
N ARG MB 54 -7.07 2.04 58.00
CA ARG MB 54 -5.71 2.29 57.52
C ARG MB 54 -5.16 3.48 58.30
N THR MB 55 -4.42 3.16 59.35
CA THR MB 55 -3.89 4.20 60.24
C THR MB 55 -2.75 4.98 59.60
N GLN MB 56 -2.12 4.43 58.57
CA GLN MB 56 -0.95 5.07 57.99
C GLN MB 56 -1.29 6.43 57.41
N ASN MB 57 -2.55 6.65 57.05
CA ASN MB 57 -2.98 7.97 56.61
C ASN MB 57 -3.43 8.84 57.79
N VAL MB 58 -3.84 8.23 58.90
CA VAL MB 58 -4.04 9.01 60.12
C VAL MB 58 -2.72 9.56 60.61
N LEU MB 59 -1.65 8.77 60.48
CA LEU MB 59 -0.33 9.18 60.90
C LEU MB 59 0.37 9.84 59.72
N GLY MB 60 0.46 11.17 59.75
CA GLY MB 60 1.17 11.89 58.71
C GLY MB 60 2.66 11.60 58.74
N GLU MB 61 3.44 12.36 58.00
CA GLU MB 61 4.89 12.16 58.02
C GLU MB 61 5.40 12.37 59.44
N LYS MB 62 6.03 11.34 60.00
CA LYS MB 62 6.50 11.34 61.38
C LYS MB 62 5.38 11.78 62.34
N GLY MB 63 4.18 11.26 62.11
CA GLY MB 63 3.04 11.60 62.94
C GLY MB 63 2.59 13.04 62.84
N ARG MB 64 2.62 13.60 61.64
CA ARG MB 64 2.22 14.99 61.45
C ARG MB 64 0.73 15.19 61.73
N ARG MB 65 -0.11 14.36 61.11
CA ARG MB 65 -1.55 14.58 61.17
C ARG MB 65 -2.09 14.37 62.57
N ILE MB 66 -1.75 13.25 63.20
CA ILE MB 66 -2.21 13.00 64.56
C ILE MB 66 -1.65 14.04 65.52
N ARG MB 67 -0.51 14.66 65.17
CA ARG MB 67 -0.02 15.80 65.94
C ARG MB 67 -0.98 16.97 65.82
N GLU MB 68 -1.49 17.21 64.61
CA GLU MB 68 -2.45 18.28 64.40
C GLU MB 68 -3.78 17.96 65.07
N LEU MB 69 -4.27 16.73 64.93
CA LEU MB 69 -5.57 16.36 65.48
C LEU MB 69 -5.58 16.53 67.00
N THR MB 70 -4.46 16.22 67.65
CA THR MB 70 -4.38 16.43 69.09
C THR MB 70 -4.55 17.90 69.44
N ALA MB 71 -3.85 18.78 68.72
CA ALA MB 71 -3.87 20.20 69.07
C ALA MB 71 -5.25 20.80 68.86
N VAL MB 72 -5.93 20.42 67.77
CA VAL MB 72 -7.21 21.05 67.48
C VAL MB 72 -8.27 20.60 68.48
N VAL MB 73 -8.32 19.31 68.79
CA VAL MB 73 -9.20 18.85 69.86
C VAL MB 73 -8.83 19.52 71.17
N GLN MB 74 -7.53 19.68 71.42
CA GLN MB 74 -7.07 20.46 72.56
C GLN MB 74 -7.64 21.87 72.51
N LYS MB 75 -7.53 22.54 71.38
CA LYS MB 75 -7.85 23.96 71.28
C LYS MB 75 -9.35 24.23 71.25
N ARG MB 76 -10.19 23.20 71.14
CA ARG MB 76 -11.62 23.38 70.95
C ARG MB 76 -12.44 22.90 72.13
N PHE MB 77 -11.94 21.93 72.89
CA PHE MB 77 -12.56 21.50 74.13
C PHE MB 77 -11.89 22.08 75.36
N GLY MB 78 -10.70 22.66 75.22
CA GLY MB 78 -10.03 23.34 76.31
C GLY MB 78 -9.59 22.46 77.46
N PHE MB 79 -9.00 21.29 77.18
CA PHE MB 79 -8.37 20.53 78.23
C PHE MB 79 -7.10 21.25 78.70
N PRO MB 80 -6.62 20.92 79.90
CA PRO MB 80 -5.31 21.43 80.30
C PRO MB 80 -4.24 20.99 79.32
N GLU MB 81 -3.27 21.86 79.07
CA GLU MB 81 -2.20 21.53 78.15
C GLU MB 81 -1.39 20.36 78.69
N GLY MB 82 -1.03 19.44 77.81
CA GLY MB 82 -0.34 18.23 78.23
C GLY MB 82 -1.23 17.31 79.03
N SER MB 83 -2.49 17.18 78.61
CA SER MB 83 -3.42 16.24 79.21
C SER MB 83 -4.19 15.43 78.18
N VAL MB 84 -3.83 15.52 76.90
CA VAL MB 84 -4.50 14.79 75.84
C VAL MB 84 -3.46 14.11 74.96
N GLU MB 85 -3.88 13.04 74.29
CA GLU MB 85 -3.05 12.34 73.33
C GLU MB 85 -3.95 11.42 72.51
N LEU MB 86 -3.55 11.20 71.26
CA LEU MB 86 -4.31 10.40 70.32
C LEU MB 86 -3.48 9.24 69.84
N TYR MB 87 -4.10 8.07 69.72
CA TYR MB 87 -3.47 6.90 69.13
C TYR MB 87 -4.43 6.30 68.10
N ALA MB 88 -3.86 5.66 67.09
CA ALA MB 88 -4.63 5.08 66.00
C ALA MB 88 -4.35 3.58 65.96
N GLU MB 89 -5.38 2.79 66.25
CA GLU MB 89 -5.28 1.35 66.16
C GLU MB 89 -6.07 0.83 64.97
N LYS MB 90 -5.42 0.02 64.14
CA LYS MB 90 -6.11 -0.61 63.02
C LYS MB 90 -7.20 -1.55 63.54
N VAL MB 91 -8.33 -1.55 62.86
CA VAL MB 91 -9.44 -2.41 63.26
C VAL MB 91 -9.33 -3.74 62.52
N ALA MB 92 -9.20 -4.82 63.27
CA ALA MB 92 -9.07 -6.14 62.67
C ALA MB 92 -10.41 -6.58 62.09
N THR MB 93 -10.35 -7.45 61.08
CA THR MB 93 -11.53 -7.91 60.36
C THR MB 93 -12.37 -6.73 59.86
N ARG MB 94 -11.76 -6.01 58.91
CA ARG MB 94 -12.40 -4.82 58.34
C ARG MB 94 -13.77 -5.14 57.76
N GLY MB 95 -13.96 -6.37 57.29
CA GLY MB 95 -15.20 -6.75 56.63
C GLY MB 95 -16.44 -6.65 57.49
N LEU MB 96 -16.28 -6.57 58.80
CA LEU MB 96 -17.42 -6.61 59.70
C LEU MB 96 -17.78 -5.26 60.29
N CYS MB 97 -17.03 -4.21 59.99
CA CYS MB 97 -17.34 -2.86 60.44
C CYS MB 97 -18.19 -2.19 59.36
N ALA MB 98 -19.45 -1.93 59.68
CA ALA MB 98 -20.36 -1.36 58.68
C ALA MB 98 -19.90 0.02 58.22
N ILE MB 99 -19.21 0.76 59.08
CA ILE MB 99 -18.83 2.13 58.72
C ILE MB 99 -17.86 2.13 57.56
N ALA MB 100 -16.82 1.30 57.63
CA ALA MB 100 -15.80 1.28 56.59
C ALA MB 100 -16.36 0.81 55.26
N GLN MB 101 -17.18 -0.24 55.28
CA GLN MB 101 -17.73 -0.77 54.04
C GLN MB 101 -18.63 0.25 53.35
N ALA MB 102 -19.41 1.00 54.13
CA ALA MB 102 -20.19 2.08 53.55
C ALA MB 102 -19.29 3.15 52.94
N GLU MB 103 -18.15 3.43 53.60
CA GLU MB 103 -17.18 4.35 53.01
C GLU MB 103 -16.64 3.81 51.69
N SER MB 104 -16.29 2.52 51.66
CA SER MB 104 -15.82 1.92 50.41
C SER MB 104 -16.88 1.99 49.34
N LEU MB 105 -18.13 1.70 49.71
CA LEU MB 105 -19.23 1.82 48.75
C LEU MB 105 -19.37 3.25 48.26
N ARG MB 106 -19.17 4.23 49.15
CA ARG MB 106 -19.09 5.61 48.70
C ARG MB 106 -17.89 5.81 47.79
N TYR MB 107 -16.75 5.23 48.15
CA TYR MB 107 -15.56 5.36 47.31
C TYR MB 107 -15.77 4.71 45.95
N LYS MB 108 -16.41 3.54 45.93
CA LYS MB 108 -16.65 2.85 44.66
C LYS MB 108 -17.58 3.63 43.76
N LEU MB 109 -18.64 4.21 44.32
CA LEU MB 109 -19.63 4.91 43.51
C LEU MB 109 -19.07 6.22 42.97
N LEU MB 110 -18.35 6.97 43.80
CA LEU MB 110 -17.74 8.20 43.32
C LEU MB 110 -16.73 7.91 42.22
N GLY MB 111 -16.14 6.72 42.21
CA GLY MB 111 -15.25 6.35 41.14
C GLY MB 111 -15.95 6.13 39.82
N GLY MB 112 -17.26 5.96 39.86
CA GLY MB 112 -18.06 5.75 38.66
C GLY MB 112 -18.54 4.34 38.43
N LEU MB 113 -18.32 3.43 39.36
CA LEU MB 113 -18.76 2.05 39.19
C LEU MB 113 -20.28 1.96 39.23
N ALA MB 114 -20.82 0.94 38.55
CA ALA MB 114 -22.26 0.71 38.57
C ALA MB 114 -22.69 0.22 39.95
N VAL MB 115 -23.93 0.54 40.31
CA VAL MB 115 -24.39 0.26 41.67
C VAL MB 115 -24.43 -1.23 41.93
N ARG MB 116 -25.05 -2.00 41.03
CA ARG MB 116 -25.23 -3.42 41.30
C ARG MB 116 -23.89 -4.16 41.21
N ARG MB 117 -22.92 -3.58 40.52
CA ARG MB 117 -21.56 -4.08 40.60
C ARG MB 117 -20.96 -3.82 41.98
N ALA MB 118 -21.11 -2.58 42.46
CA ALA MB 118 -20.47 -2.20 43.73
C ALA MB 118 -21.08 -2.97 44.90
N CYS MB 119 -22.41 -3.09 44.93
CA CYS MB 119 -23.05 -3.79 46.03
C CYS MB 119 -22.69 -5.27 46.04
N TYR MB 120 -22.50 -5.87 44.87
CA TYR MB 120 -21.97 -7.24 44.83
C TYR MB 120 -20.55 -7.28 45.39
N GLY MB 121 -19.73 -6.28 45.04
CA GLY MB 121 -18.35 -6.28 45.49
C GLY MB 121 -18.23 -6.27 47.00
N VAL MB 122 -18.99 -5.40 47.66
CA VAL MB 122 -18.96 -5.37 49.12
C VAL MB 122 -19.60 -6.64 49.68
N LEU MB 123 -20.71 -7.07 49.09
CA LEU MB 123 -21.37 -8.29 49.55
C LEU MB 123 -20.46 -9.49 49.40
N ARG MB 124 -19.75 -9.58 48.27
CA ARG MB 124 -18.80 -10.68 48.11
C ARG MB 124 -17.68 -10.58 49.13
N PHE MB 125 -17.18 -9.37 49.39
CA PHE MB 125 -16.02 -9.23 50.27
C PHE MB 125 -16.37 -9.54 51.71
N ILE MB 126 -17.56 -9.14 52.15
CA ILE MB 126 -17.89 -9.32 53.56
C ILE MB 126 -18.06 -10.80 53.90
N MET MB 127 -18.63 -11.58 52.97
CA MET MB 127 -18.85 -13.00 53.25
C MET MB 127 -17.53 -13.74 53.41
N GLU MB 128 -16.54 -13.46 52.55
CA GLU MB 128 -15.22 -14.05 52.76
C GLU MB 128 -14.60 -13.53 54.05
N SER MB 129 -14.96 -12.31 54.45
CA SER MB 129 -14.49 -11.80 55.74
C SER MB 129 -15.10 -12.57 56.89
N GLY MB 130 -16.29 -13.14 56.69
CA GLY MB 130 -16.89 -13.99 57.69
C GLY MB 130 -17.98 -13.29 58.47
N ALA MB 131 -19.24 -13.57 58.11
CA ALA MB 131 -20.39 -13.01 58.80
C ALA MB 131 -21.59 -13.90 58.52
N LYS MB 132 -22.53 -13.91 59.47
CA LYS MB 132 -23.72 -14.72 59.29
C LYS MB 132 -24.61 -14.21 58.17
N GLY MB 133 -24.40 -12.97 57.74
CA GLY MB 133 -25.21 -12.39 56.68
C GLY MB 133 -24.93 -10.92 56.55
N CYS MB 134 -25.62 -10.30 55.60
CA CYS MB 134 -25.47 -8.86 55.40
C CYS MB 134 -26.64 -8.33 54.61
N GLU MB 135 -26.78 -7.01 54.63
CA GLU MB 135 -27.86 -6.33 53.93
C GLU MB 135 -27.37 -4.96 53.50
N VAL MB 136 -27.39 -4.71 52.20
CA VAL MB 136 -26.98 -3.41 51.66
C VAL MB 136 -28.16 -2.83 50.90
N VAL MB 137 -28.52 -1.59 51.23
CA VAL MB 137 -29.62 -0.90 50.60
C VAL MB 137 -29.09 0.39 50.00
N VAL MB 138 -29.29 0.58 48.69
CA VAL MB 138 -28.92 1.81 48.01
C VAL MB 138 -30.21 2.48 47.55
N SER MB 139 -30.41 3.71 48.00
CA SER MB 139 -31.65 4.44 47.76
C SER MB 139 -31.34 5.80 47.18
N GLY MB 140 -32.24 6.29 46.34
CA GLY MB 140 -32.12 7.61 45.76
C GLY MB 140 -32.22 7.56 44.27
N LYS MB 141 -32.13 8.74 43.66
CA LYS MB 141 -32.23 8.86 42.21
C LYS MB 141 -30.86 8.64 41.60
N LEU MB 142 -30.71 7.55 40.86
CA LEU MB 142 -29.57 7.33 39.99
C LEU MB 142 -29.79 8.15 38.73
N ARG MB 143 -29.07 7.83 37.65
CA ARG MB 143 -29.37 8.44 36.35
C ARG MB 143 -30.87 8.45 36.11
N GLY MB 144 -31.36 9.53 35.51
CA GLY MB 144 -32.79 9.75 35.40
C GLY MB 144 -33.31 10.63 36.52
N GLN MB 145 -34.64 10.81 36.53
CA GLN MB 145 -35.28 11.71 37.48
C GLN MB 145 -36.17 11.01 38.49
N ARG MB 146 -36.47 9.74 38.32
CA ARG MB 146 -37.32 9.04 39.29
C ARG MB 146 -36.46 8.15 40.17
N ALA MB 147 -36.68 8.21 41.47
CA ALA MB 147 -35.83 7.55 42.45
C ALA MB 147 -36.51 6.29 42.98
N LYS MB 148 -35.73 5.23 43.11
CA LYS MB 148 -36.21 4.00 43.71
C LYS MB 148 -35.00 3.22 44.22
N SER MB 149 -35.22 2.48 45.30
CA SER MB 149 -34.14 1.76 45.95
C SER MB 149 -34.08 0.31 45.48
N MET MB 150 -32.94 -0.31 45.74
CA MET MB 150 -32.74 -1.73 45.45
C MET MB 150 -31.96 -2.35 46.59
N LYS MB 151 -32.50 -3.43 47.12
CA LYS MB 151 -32.01 -4.05 48.35
C LYS MB 151 -31.22 -5.30 48.00
N PHE MB 152 -30.03 -5.43 48.57
CA PHE MB 152 -29.18 -6.59 48.38
C PHE MB 152 -29.00 -7.30 49.71
N VAL MB 153 -29.45 -8.55 49.77
CA VAL MB 153 -29.40 -9.34 50.99
C VAL MB 153 -28.70 -10.65 50.69
N ASP MB 154 -28.06 -11.21 51.71
CA ASP MB 154 -27.41 -12.52 51.59
C ASP MB 154 -27.19 -13.05 52.99
N GLY MB 155 -27.57 -14.31 53.20
CA GLY MB 155 -27.39 -14.92 54.50
C GLY MB 155 -28.43 -14.48 55.52
N LEU MB 156 -28.02 -14.50 56.78
CA LEU MB 156 -28.92 -14.29 57.91
C LEU MB 156 -29.15 -12.80 58.11
N MET MB 157 -30.30 -12.45 58.70
CA MET MB 157 -30.70 -11.07 58.92
C MET MB 157 -31.66 -11.02 60.10
N ILE MB 158 -31.12 -10.75 61.29
CA ILE MB 158 -31.97 -10.53 62.46
C ILE MB 158 -32.60 -9.15 62.34
N HIS MB 159 -33.89 -9.07 62.67
CA HIS MB 159 -34.62 -7.84 62.41
C HIS MB 159 -35.32 -7.28 63.65
N SER MB 160 -35.69 -8.13 64.60
CA SER MB 160 -36.51 -7.69 65.71
C SER MB 160 -35.96 -8.19 67.04
N GLY MB 161 -36.01 -7.34 68.05
CA GLY MB 161 -35.67 -7.72 69.40
C GLY MB 161 -34.40 -7.05 69.90
N ASP MB 162 -33.97 -7.51 71.08
CA ASP MB 162 -32.72 -7.03 71.65
C ASP MB 162 -31.48 -7.34 70.81
N PRO MB 163 -31.26 -8.56 70.29
CA PRO MB 163 -29.92 -8.89 69.75
C PRO MB 163 -29.48 -7.97 68.64
N VAL MB 164 -30.40 -7.30 67.95
CA VAL MB 164 -29.98 -6.30 66.98
C VAL MB 164 -29.17 -5.20 67.64
N ASN MB 165 -29.33 -4.98 68.95
CA ASN MB 165 -28.51 -3.98 69.61
C ASN MB 165 -27.06 -4.42 69.72
N TYR MB 166 -26.79 -5.73 69.74
CA TYR MB 166 -25.43 -6.22 69.93
C TYR MB 166 -24.99 -7.22 68.87
N TYR MB 167 -25.87 -7.60 67.93
CA TYR MB 167 -25.43 -8.43 66.82
C TYR MB 167 -25.27 -7.63 65.53
N VAL MB 168 -26.29 -6.96 65.06
CA VAL MB 168 -26.14 -6.19 63.83
C VAL MB 168 -25.54 -4.84 64.17
N ASP MB 169 -24.52 -4.46 63.42
CA ASP MB 169 -24.01 -3.09 63.43
C ASP MB 169 -24.27 -2.52 62.05
N THR MB 170 -24.62 -1.24 62.01
CA THR MB 170 -25.09 -0.62 60.79
C THR MB 170 -24.50 0.77 60.62
N ALA MB 171 -24.57 1.27 59.41
CA ALA MB 171 -24.08 2.61 59.11
C ALA MB 171 -24.87 3.17 57.94
N VAL MB 172 -25.10 4.48 57.96
CA VAL MB 172 -25.82 5.17 56.92
C VAL MB 172 -24.93 6.28 56.40
N ARG MB 173 -24.70 6.30 55.09
CA ARG MB 173 -23.86 7.31 54.46
C ARG MB 173 -24.61 8.00 53.35
N HIS MB 174 -24.28 9.28 53.14
CA HIS MB 174 -24.88 10.07 52.09
C HIS MB 174 -23.85 10.28 50.99
N VAL MB 175 -24.19 9.88 49.77
CA VAL MB 175 -23.27 9.96 48.63
C VAL MB 175 -23.51 11.26 47.89
N LEU MB 176 -22.46 12.06 47.77
CA LEU MB 176 -22.56 13.37 47.13
C LEU MB 176 -22.40 13.20 45.62
N LEU MB 177 -23.34 12.47 45.03
CA LEU MB 177 -23.33 12.30 43.59
C LEU MB 177 -24.00 13.49 42.93
N ARG MB 178 -23.55 13.82 41.71
CA ARG MB 178 -23.90 15.09 41.10
C ARG MB 178 -25.40 15.25 40.90
N GLN MB 179 -26.14 14.14 40.86
CA GLN MB 179 -27.58 14.20 40.64
C GLN MB 179 -28.37 14.35 41.94
N GLY MB 180 -27.72 14.26 43.09
CA GLY MB 180 -28.45 14.35 44.35
C GLY MB 180 -27.70 13.69 45.49
N VAL MB 181 -28.42 12.97 46.34
CA VAL MB 181 -27.82 12.24 47.43
C VAL MB 181 -28.36 10.82 47.42
N LEU MB 182 -27.44 9.86 47.44
CA LEU MB 182 -27.77 8.44 47.38
C LEU MB 182 -27.54 7.82 48.75
N GLY MB 183 -28.61 7.54 49.48
CA GLY MB 183 -28.52 6.99 50.81
C GLY MB 183 -28.06 5.54 50.76
N ILE MB 184 -27.13 5.20 51.64
CA ILE MB 184 -26.56 3.86 51.70
C ILE MB 184 -26.77 3.31 53.11
N LYS MB 185 -27.34 2.11 53.20
CA LYS MB 185 -27.45 1.38 54.44
C LYS MB 185 -26.68 0.08 54.32
N VAL MB 186 -25.91 -0.26 55.34
CA VAL MB 186 -25.24 -1.54 55.42
C VAL MB 186 -25.52 -2.13 56.80
N LYS MB 187 -25.93 -3.38 56.84
CA LYS MB 187 -26.28 -4.05 58.09
C LYS MB 187 -25.61 -5.42 58.11
N ILE MB 188 -24.86 -5.71 59.18
CA ILE MB 188 -24.09 -6.94 59.30
C ILE MB 188 -24.20 -7.44 60.74
N MET MB 189 -24.40 -8.75 60.91
CA MET MB 189 -24.26 -9.34 62.22
C MET MB 189 -22.87 -9.93 62.39
N LEU MB 190 -22.36 -9.86 63.61
CA LEU MB 190 -21.07 -10.45 63.92
C LEU MB 190 -21.26 -11.86 64.43
N PRO MB 191 -20.58 -12.86 63.86
CA PRO MB 191 -20.75 -14.23 64.36
C PRO MB 191 -20.31 -14.34 65.81
N TRP MB 192 -21.01 -15.18 66.57
CA TRP MB 192 -20.78 -15.21 68.01
C TRP MB 192 -19.48 -15.89 68.38
N ASP MB 193 -18.81 -16.52 67.42
CA ASP MB 193 -17.73 -17.45 67.70
C ASP MB 193 -16.60 -16.64 68.69
N PRO MB 194 -16.09 -15.46 68.82
CA PRO MB 194 -14.82 -15.47 69.24
C PRO MB 194 -14.96 -15.39 70.74
N THR MB 195 -16.22 -15.05 71.17
CA THR MB 195 -16.58 -14.86 72.57
C THR MB 195 -15.61 -13.91 73.27
N GLY MB 196 -15.59 -12.67 72.79
CA GLY MB 196 -14.76 -11.62 73.33
C GLY MB 196 -13.98 -10.86 72.28
N LYS MB 197 -13.59 -11.54 71.20
CA LYS MB 197 -12.97 -10.90 70.05
C LYS MB 197 -14.04 -10.28 69.17
N ILE MB 198 -13.72 -10.01 67.90
CA ILE MB 198 -14.56 -9.25 66.98
C ILE MB 198 -16.04 -9.60 67.10
N GLY MB 199 -16.37 -10.88 67.21
CA GLY MB 199 -17.74 -11.29 67.41
C GLY MB 199 -18.11 -11.38 68.89
N PRO MB 200 -19.36 -11.09 69.21
CA PRO MB 200 -19.76 -11.06 70.61
C PRO MB 200 -20.04 -12.46 71.17
N LYS MB 201 -20.08 -12.52 72.50
CA LYS MB 201 -20.53 -13.71 73.21
C LYS MB 201 -22.05 -13.75 73.19
N LYS MB 202 -22.66 -14.57 74.06
CA LYS MB 202 -24.09 -14.50 74.31
C LYS MB 202 -24.88 -14.75 73.04
N PRO MB 203 -25.00 -16.00 72.61
CA PRO MB 203 -25.56 -16.29 71.30
C PRO MB 203 -27.03 -15.89 71.20
N LEU MB 204 -27.57 -16.05 70.00
CA LEU MB 204 -29.01 -15.98 69.84
C LEU MB 204 -29.64 -17.11 70.65
N PRO MB 205 -30.67 -16.83 71.45
CA PRO MB 205 -31.19 -17.86 72.36
C PRO MB 205 -31.74 -19.10 71.69
N ASP MB 206 -32.03 -19.08 70.39
CA ASP MB 206 -32.43 -20.33 69.74
C ASP MB 206 -31.18 -21.13 69.36
N HIS MB 207 -30.28 -21.32 70.31
CA HIS MB 207 -29.03 -22.01 70.03
C HIS MB 207 -28.63 -22.89 71.19
N VAL MB 208 -29.60 -23.53 71.84
CA VAL MB 208 -29.29 -24.43 72.93
C VAL MB 208 -28.65 -25.68 72.33
N SER MB 209 -27.33 -25.71 72.33
CA SER MB 209 -26.59 -26.84 71.76
C SER MB 209 -26.60 -27.97 72.77
N ILE MB 210 -27.02 -29.15 72.32
CA ILE MB 210 -27.05 -30.30 73.23
C ILE MB 210 -25.64 -30.86 73.34
N VAL MB 211 -25.14 -30.94 74.57
CA VAL MB 211 -23.83 -31.53 74.82
C VAL MB 211 -23.91 -33.03 74.57
N GLU MB 212 -23.01 -33.54 73.76
CA GLU MB 212 -23.04 -34.95 73.38
C GLU MB 212 -22.32 -35.78 74.43
N PRO MB 213 -22.97 -36.75 75.06
CA PRO MB 213 -22.29 -37.58 76.07
C PRO MB 213 -21.40 -38.65 75.45
N LYS MB 214 -20.84 -39.50 76.29
CA LYS MB 214 -20.00 -40.61 75.87
C LYS MB 214 -20.81 -41.90 75.93
N ASP MB 215 -20.14 -43.04 75.73
CA ASP MB 215 -20.85 -44.32 75.72
C ASP MB 215 -21.51 -44.60 77.08
N GLU MB 216 -20.70 -44.79 78.12
CA GLU MB 216 -21.19 -44.92 79.49
C GLU MB 216 -22.20 -46.05 79.64
N ILE MB 217 -21.83 -47.25 79.17
CA ILE MB 217 -22.74 -48.39 79.24
C ILE MB 217 -22.42 -49.28 80.44
N LEU MB 218 -21.22 -49.88 80.46
CA LEU MB 218 -20.71 -50.73 81.53
C LEU MB 218 -21.78 -51.65 82.11
N PRO MB 219 -22.23 -52.66 81.37
CA PRO MB 219 -23.26 -53.58 81.87
C PRO MB 219 -22.73 -54.81 82.59
N THR MB 220 -21.45 -54.85 82.93
CA THR MB 220 -20.83 -56.07 83.43
C THR MB 220 -21.24 -56.35 84.88
N THR MB 221 -20.67 -57.42 85.43
CA THR MB 221 -20.84 -57.76 86.83
C THR MB 221 -20.27 -56.65 87.71
N PRO MB 222 -20.81 -56.46 88.92
CA PRO MB 222 -20.23 -55.44 89.81
C PRO MB 222 -18.75 -55.67 90.08
N ILE MB 223 -17.92 -54.75 89.60
CA ILE MB 223 -16.47 -54.86 89.66
C ILE MB 223 -15.94 -53.92 90.73
N SER MB 224 -15.06 -54.42 91.59
CA SER MB 224 -14.43 -53.61 92.62
C SER MB 224 -13.06 -53.17 92.15
N GLU MB 225 -12.68 -51.94 92.49
CA GLU MB 225 -11.31 -51.47 92.35
C GLU MB 225 -10.85 -50.87 93.68
N GLN MB 226 -9.69 -51.31 94.14
CA GLN MB 226 -9.12 -50.85 95.41
C GLN MB 226 -8.06 -49.80 95.13
N LYS MB 227 -8.28 -48.60 95.66
CA LYS MB 227 -7.31 -47.52 95.53
C LYS MB 227 -7.61 -46.42 96.54
N ASP NB 1 -73.80 -13.35 114.47
CA ASP NB 1 -72.41 -13.72 114.70
C ASP NB 1 -71.46 -12.71 114.08
N ILE NB 2 -71.86 -12.14 112.95
CA ILE NB 2 -71.02 -11.19 112.23
C ILE NB 2 -71.44 -9.75 112.45
N LYS NB 3 -72.67 -9.49 112.91
CA LYS NB 3 -73.17 -8.17 113.29
C LYS NB 3 -72.79 -7.08 112.30
N LEU NB 4 -73.35 -7.14 111.09
CA LEU NB 4 -73.12 -6.11 110.08
C LEU NB 4 -73.42 -4.73 110.64
N PHE NB 5 -72.39 -3.88 110.72
CA PHE NB 5 -72.46 -2.61 111.43
C PHE NB 5 -72.89 -2.82 112.87
N GLY NB 6 -72.37 -3.87 113.50
CA GLY NB 6 -72.72 -4.17 114.88
C GLY NB 6 -74.14 -4.64 115.08
N LYS NB 7 -74.90 -4.89 114.01
CA LYS NB 7 -76.29 -5.28 114.09
C LYS NB 7 -76.64 -6.05 112.83
N TRP NB 8 -77.94 -6.28 112.60
CA TRP NB 8 -78.44 -6.90 111.37
C TRP NB 8 -77.73 -8.23 111.11
N SER NB 9 -77.96 -9.16 112.04
CA SER NB 9 -77.34 -10.47 111.96
C SER NB 9 -77.71 -11.19 110.67
N THR NB 10 -76.74 -11.90 110.11
CA THR NB 10 -76.92 -12.50 108.79
C THR NB 10 -77.93 -13.65 108.82
N ASP NB 11 -77.83 -14.52 109.83
CA ASP NB 11 -78.56 -15.78 109.80
C ASP NB 11 -80.03 -15.59 110.17
N ASP NB 12 -80.70 -14.68 109.47
CA ASP NB 12 -82.15 -14.56 109.55
C ASP NB 12 -82.79 -14.32 108.19
N VAL NB 13 -82.02 -14.03 107.15
CA VAL NB 13 -82.57 -13.67 105.85
C VAL NB 13 -82.98 -14.92 105.09
N GLN NB 14 -84.22 -14.95 104.63
CA GLN NB 14 -84.74 -16.04 103.81
C GLN NB 14 -85.12 -15.52 102.44
N ILE NB 15 -84.55 -16.13 101.40
CA ILE NB 15 -84.78 -15.73 100.02
C ILE NB 15 -85.71 -16.75 99.37
N ASN NB 16 -86.66 -16.24 98.58
CA ASN NB 16 -87.81 -17.05 98.18
C ASN NB 16 -87.48 -18.01 97.04
N ASP NB 17 -87.15 -17.47 95.86
CA ASP NB 17 -87.11 -18.25 94.64
C ASP NB 17 -85.76 -18.93 94.45
N ILE NB 18 -85.80 -20.23 94.13
CA ILE NB 18 -84.57 -21.01 94.02
C ILE NB 18 -83.72 -20.61 92.82
N SER NB 19 -84.28 -19.83 91.89
CA SER NB 19 -83.47 -19.36 90.78
C SER NB 19 -82.39 -18.38 91.21
N LEU NB 20 -82.47 -17.89 92.45
CA LEU NB 20 -81.55 -16.85 92.93
C LEU NB 20 -80.82 -17.21 94.22
N GLN NB 21 -81.13 -18.35 94.83
CA GLN NB 21 -80.60 -18.65 96.17
C GLN NB 21 -79.08 -18.57 96.20
N ASP NB 22 -78.43 -18.96 95.11
CA ASP NB 22 -76.98 -18.97 95.04
C ASP NB 22 -76.40 -17.70 94.45
N TYR NB 23 -77.24 -16.77 93.98
CA TYR NB 23 -76.75 -15.54 93.36
C TYR NB 23 -76.91 -14.32 94.26
N ILE NB 24 -77.94 -14.29 95.10
CA ILE NB 24 -77.90 -13.39 96.25
C ILE NB 24 -76.85 -13.91 97.21
N ALA NB 25 -75.97 -13.02 97.62
CA ALA NB 25 -74.80 -13.36 98.36
C ALA NB 25 -74.89 -12.71 99.74
N VAL NB 26 -76.01 -12.94 100.42
CA VAL NB 26 -76.32 -12.29 101.68
C VAL NB 26 -76.12 -13.22 102.87
N LYS NB 27 -75.65 -14.45 102.64
CA LYS NB 27 -75.57 -15.44 103.70
C LYS NB 27 -74.23 -15.38 104.43
N GLU NB 28 -73.97 -16.40 105.26
CA GLU NB 28 -72.98 -16.31 106.32
C GLU NB 28 -71.54 -16.63 105.90
N LYS NB 29 -71.33 -17.43 104.85
CA LYS NB 29 -69.96 -17.77 104.52
C LYS NB 29 -69.22 -16.55 104.01
N TYR NB 30 -69.89 -15.76 103.18
CA TYR NB 30 -69.52 -14.37 102.94
C TYR NB 30 -70.29 -13.40 103.83
N ALA NB 31 -70.30 -13.63 105.14
CA ALA NB 31 -70.85 -12.64 106.06
C ALA NB 31 -69.79 -11.56 106.23
N LYS NB 32 -69.83 -10.56 105.36
CA LYS NB 32 -68.81 -9.54 105.37
C LYS NB 32 -69.11 -8.50 106.45
N TYR NB 33 -68.05 -8.03 107.09
CA TYR NB 33 -68.12 -7.03 108.15
C TYR NB 33 -68.72 -5.74 107.60
N LEU NB 34 -68.32 -5.38 106.40
CA LEU NB 34 -68.60 -4.07 105.82
C LEU NB 34 -68.58 -4.20 104.31
N PRO NB 35 -69.59 -3.69 103.59
CA PRO NB 35 -69.57 -3.82 102.13
C PRO NB 35 -68.44 -3.03 101.51
N HIS NB 36 -67.22 -3.52 101.70
CA HIS NB 36 -66.03 -2.92 101.11
C HIS NB 36 -64.93 -3.95 101.16
N SER NB 37 -64.43 -4.36 99.99
CA SER NB 37 -63.28 -5.25 99.94
C SER NB 37 -62.66 -5.23 98.55
N ALA NB 38 -61.36 -4.91 98.48
CA ALA NB 38 -60.62 -4.98 97.23
C ALA NB 38 -60.33 -6.46 96.93
N GLY NB 39 -61.35 -7.11 96.38
CA GLY NB 39 -61.35 -8.55 96.24
C GLY NB 39 -61.22 -9.09 94.83
N ARG NB 40 -60.94 -8.25 93.84
CA ARG NB 40 -60.77 -8.70 92.45
C ARG NB 40 -61.99 -9.47 91.96
N TYR NB 41 -63.18 -8.96 92.31
CA TYR NB 41 -64.38 -9.75 92.07
C TYR NB 41 -64.81 -9.73 90.61
N ALA NB 42 -64.26 -8.83 89.81
CA ALA NB 42 -64.55 -8.76 88.38
C ALA NB 42 -63.36 -9.11 87.52
N ALA NB 43 -62.24 -9.54 88.12
CA ALA NB 43 -61.05 -9.86 87.35
C ALA NB 43 -61.31 -11.02 86.40
N LYS NB 44 -62.03 -12.03 86.86
CA LYS NB 44 -62.37 -13.20 86.07
C LYS NB 44 -63.89 -13.35 86.04
N ARG NB 45 -64.38 -14.25 85.20
CA ARG NB 45 -65.81 -14.49 85.14
C ARG NB 45 -66.31 -15.14 86.42
N PHE NB 46 -67.61 -15.02 86.66
CA PHE NB 46 -68.29 -15.76 87.73
C PHE NB 46 -67.92 -15.35 89.15
N ARG NB 47 -66.97 -14.43 89.31
CA ARG NB 47 -66.65 -14.04 90.68
C ARG NB 47 -67.58 -12.94 91.17
N LYS NB 48 -68.07 -12.09 90.26
CA LYS NB 48 -69.05 -11.09 90.66
C LYS NB 48 -70.38 -11.72 91.03
N ALA NB 49 -70.56 -13.01 90.73
CA ALA NB 49 -71.80 -13.68 91.10
C ALA NB 49 -71.93 -13.81 92.61
N GLN NB 50 -70.85 -14.18 93.29
CA GLN NB 50 -70.89 -14.41 94.73
C GLN NB 50 -70.50 -13.19 95.55
N CYS NB 51 -70.29 -12.05 94.91
CA CYS NB 51 -70.01 -10.83 95.66
C CYS NB 51 -71.20 -10.50 96.55
N PRO NB 52 -70.96 -10.17 97.82
CA PRO NB 52 -72.08 -9.83 98.70
C PRO NB 52 -72.92 -8.71 98.11
N ILE NB 53 -74.24 -8.90 98.12
CA ILE NB 53 -75.13 -8.02 97.38
C ILE NB 53 -75.03 -6.59 97.90
N VAL NB 54 -74.82 -6.41 99.20
CA VAL NB 54 -74.61 -5.07 99.73
C VAL NB 54 -73.33 -4.47 99.14
N GLU NB 55 -72.29 -5.29 98.98
CA GLU NB 55 -71.07 -4.80 98.35
C GLU NB 55 -71.31 -4.41 96.91
N ARG NB 56 -72.29 -5.03 96.26
CA ARG NB 56 -72.61 -4.64 94.89
C ARG NB 56 -73.34 -3.31 94.85
N LEU NB 57 -74.31 -3.11 95.74
CA LEU NB 57 -75.01 -1.83 95.79
C LEU NB 57 -74.06 -0.69 96.06
N THR NB 58 -73.20 -0.84 97.06
CA THR NB 58 -72.21 0.18 97.32
C THR NB 58 -71.17 0.27 96.20
N ASN NB 59 -71.17 -0.68 95.27
CA ASN NB 59 -70.39 -0.55 94.05
C ASN NB 59 -71.22 0.01 92.90
N SER NB 60 -72.47 -0.41 92.78
CA SER NB 60 -73.30 0.11 91.70
C SER NB 60 -73.76 1.54 91.97
N MET NB 61 -73.88 1.93 93.24
CA MET NB 61 -74.32 3.28 93.56
C MET NB 61 -73.27 4.31 93.21
N MET NB 62 -72.07 3.84 92.94
CA MET NB 62 -70.93 4.63 92.48
C MET NB 62 -71.05 5.02 91.01
N MET NB 63 -72.15 5.67 90.60
CA MET NB 63 -72.32 5.89 89.17
C MET NB 63 -73.13 7.16 88.92
N HIS NB 64 -72.42 8.26 88.69
CA HIS NB 64 -72.91 9.41 87.94
C HIS NB 64 -71.88 9.89 86.92
N GLY NB 65 -70.60 9.60 87.10
CA GLY NB 65 -69.54 10.25 86.40
C GLY NB 65 -68.88 11.36 87.20
N ARG NB 66 -69.61 11.94 88.15
CA ARG NB 66 -69.05 12.89 89.09
C ARG NB 66 -68.56 12.20 90.35
N ASN NB 67 -68.99 10.96 90.56
CA ASN NB 67 -68.53 10.14 91.67
C ASN NB 67 -68.14 8.75 91.18
N ASN NB 68 -66.84 8.55 91.01
CA ASN NB 68 -66.34 7.23 90.65
C ASN NB 68 -65.20 6.77 91.54
N GLY NB 69 -64.85 7.55 92.56
CA GLY NB 69 -63.85 7.15 93.52
C GLY NB 69 -64.36 7.34 94.93
N LYS NB 70 -65.62 7.75 95.05
CA LYS NB 70 -66.20 8.03 96.36
C LYS NB 70 -66.98 6.84 96.91
N LYS NB 71 -66.28 5.71 97.04
CA LYS NB 71 -66.88 4.51 97.59
C LYS NB 71 -67.17 4.70 99.06
N LEU NB 72 -66.25 5.36 99.76
CA LEU NB 72 -66.52 5.69 101.16
C LEU NB 72 -67.77 6.55 101.30
N MET NB 73 -67.99 7.46 100.34
CA MET NB 73 -69.17 8.31 100.41
C MET NB 73 -70.44 7.52 100.16
N THR NB 74 -70.39 6.54 99.25
CA THR NB 74 -71.60 5.80 98.95
C THR NB 74 -71.88 4.73 100.00
N VAL NB 75 -70.82 4.19 100.62
CA VAL NB 75 -71.04 3.16 101.63
C VAL NB 75 -71.69 3.75 102.87
N ARG NB 76 -71.37 4.99 103.21
CA ARG NB 76 -72.08 5.66 104.30
C ARG NB 76 -73.48 6.07 103.85
N ILE NB 77 -73.67 6.27 102.55
CA ILE NB 77 -75.00 6.52 102.04
C ILE NB 77 -75.87 5.27 102.21
N VAL NB 78 -75.31 4.10 101.91
CA VAL NB 78 -76.02 2.85 102.17
C VAL NB 78 -76.18 2.58 103.66
N LYS NB 79 -75.19 2.89 104.48
CA LYS NB 79 -75.28 2.62 105.91
C LYS NB 79 -76.41 3.40 106.57
N HIS NB 80 -76.53 4.69 106.27
CA HIS NB 80 -77.66 5.46 106.80
C HIS NB 80 -78.97 4.99 106.20
N ALA NB 81 -78.97 4.63 104.91
CA ALA NB 81 -80.18 4.16 104.27
C ALA NB 81 -80.73 2.92 104.96
N PHE NB 82 -79.85 1.96 105.27
CA PHE NB 82 -80.30 0.79 106.01
C PHE NB 82 -80.86 1.18 107.37
N GLU NB 83 -80.15 2.03 108.10
CA GLU NB 83 -80.65 2.51 109.39
C GLU NB 83 -82.01 3.18 109.23
N ILE NB 84 -82.23 3.88 108.12
CA ILE NB 84 -83.55 4.41 107.84
C ILE NB 84 -84.55 3.28 107.67
N ILE NB 85 -84.16 2.22 106.97
CA ILE NB 85 -85.09 1.17 106.61
C ILE NB 85 -85.57 0.42 107.86
N HIS NB 86 -84.62 -0.02 108.69
CA HIS NB 86 -85.01 -0.69 109.94
C HIS NB 86 -85.88 0.23 110.78
N LEU NB 87 -85.60 1.52 110.78
CA LEU NB 87 -86.46 2.47 111.46
C LEU NB 87 -87.84 2.51 110.81
N LEU NB 88 -87.89 2.51 109.48
CA LEU NB 88 -89.15 2.70 108.79
C LEU NB 88 -89.99 1.42 108.77
N THR NB 89 -89.34 0.25 108.88
CA THR NB 89 -90.04 -1.01 108.81
C THR NB 89 -89.92 -1.87 110.07
N GLY NB 90 -88.77 -1.88 110.73
CA GLY NB 90 -88.59 -2.69 111.90
C GLY NB 90 -87.93 -4.03 111.67
N GLU NB 91 -87.91 -4.51 110.44
CA GLU NB 91 -87.33 -5.81 110.13
C GLU NB 91 -85.95 -5.59 109.52
N ASN NB 92 -85.27 -6.66 109.16
CA ASN NB 92 -83.85 -6.56 108.81
C ASN NB 92 -83.66 -5.79 107.51
N PRO NB 93 -82.75 -4.82 107.45
CA PRO NB 93 -82.52 -4.11 106.18
C PRO NB 93 -82.07 -5.03 105.07
N LEU NB 94 -81.37 -6.12 105.41
CA LEU NB 94 -80.91 -7.06 104.40
C LEU NB 94 -82.08 -7.75 103.70
N GLN NB 95 -83.13 -8.07 104.46
CA GLN NB 95 -84.27 -8.77 103.88
C GLN NB 95 -84.99 -7.93 102.83
N VAL NB 96 -85.32 -6.69 103.19
CA VAL NB 96 -86.05 -5.82 102.26
C VAL NB 96 -85.23 -5.58 101.00
N LEU NB 97 -83.91 -5.44 101.14
CA LEU NB 97 -83.05 -5.41 99.96
C LEU NB 97 -83.16 -6.71 99.17
N VAL NB 98 -83.09 -7.84 99.86
CA VAL NB 98 -83.22 -9.14 99.20
C VAL NB 98 -84.60 -9.26 98.55
N ASN NB 99 -85.66 -8.89 99.28
CA ASN NB 99 -87.00 -8.98 98.72
C ASN NB 99 -87.16 -8.07 97.51
N ALA NB 100 -86.58 -6.86 97.58
CA ALA NB 100 -86.68 -5.94 96.45
C ALA NB 100 -86.00 -6.51 95.22
N ILE NB 101 -84.79 -7.06 95.38
CA ILE NB 101 -84.03 -7.53 94.22
C ILE NB 101 -84.80 -8.62 93.49
N ILE NB 102 -85.34 -9.59 94.23
CA ILE NB 102 -86.08 -10.67 93.59
C ILE NB 102 -87.38 -10.14 93.00
N ASN NB 103 -87.95 -9.09 93.58
CA ASN NB 103 -89.17 -8.50 93.05
C ASN NB 103 -88.91 -7.46 91.97
N SER NB 104 -87.67 -6.98 91.83
CA SER NB 104 -87.32 -5.98 90.84
C SER NB 104 -86.47 -6.53 89.70
N GLY NB 105 -86.21 -7.84 89.70
CA GLY NB 105 -85.49 -8.46 88.61
C GLY NB 105 -86.44 -9.03 87.58
N PRO NB 106 -86.45 -8.45 86.38
CA PRO NB 106 -87.33 -8.95 85.33
C PRO NB 106 -86.93 -10.34 84.91
N ARG NB 107 -87.87 -11.02 84.24
CA ARG NB 107 -87.63 -12.40 83.81
C ARG NB 107 -87.72 -12.58 82.31
N GLU NB 108 -88.38 -11.68 81.59
CA GLU NB 108 -88.50 -11.78 80.14
C GLU NB 108 -88.12 -10.46 79.49
N ASP NB 109 -87.23 -10.53 78.50
CA ASP NB 109 -86.83 -9.38 77.71
C ASP NB 109 -86.90 -9.72 76.23
N SER NB 110 -86.48 -8.82 75.35
CA SER NB 110 -86.56 -9.05 73.91
C SER NB 110 -85.26 -8.62 73.23
N THR NB 111 -84.64 -9.55 72.49
CA THR NB 111 -83.42 -9.25 71.74
C THR NB 111 -83.33 -10.20 70.55
N ARG NB 112 -82.88 -9.68 69.41
CA ARG NB 112 -82.77 -10.46 68.17
C ARG NB 112 -81.92 -9.64 67.20
N ILE NB 113 -81.84 -10.12 65.95
CA ILE NB 113 -81.10 -9.41 64.90
C ILE NB 113 -81.96 -9.06 63.70
N GLY NB 114 -83.22 -9.45 63.67
CA GLY NB 114 -84.09 -9.07 62.57
C GLY NB 114 -84.48 -7.61 62.67
N ARG NB 115 -85.49 -7.24 61.90
CA ARG NB 115 -86.01 -5.88 61.92
C ARG NB 115 -86.89 -5.72 63.16
N ALA NB 116 -86.36 -5.04 64.17
CA ALA NB 116 -87.02 -4.96 65.46
C ALA NB 116 -88.38 -4.30 65.36
N GLY NB 117 -89.37 -4.90 66.02
CA GLY NB 117 -90.70 -4.32 66.05
C GLY NB 117 -90.79 -3.06 66.89
N THR NB 118 -90.65 -3.21 68.20
CA THR NB 118 -90.63 -2.06 69.11
C THR NB 118 -89.33 -1.92 69.88
N VAL NB 119 -88.85 -2.99 70.52
CA VAL NB 119 -87.53 -3.01 71.14
C VAL NB 119 -86.67 -3.95 70.31
N ARG NB 120 -87.15 -5.19 70.15
CA ARG NB 120 -86.52 -6.17 69.29
C ARG NB 120 -87.64 -7.05 68.73
N ARG NB 121 -87.27 -8.19 68.16
CA ARG NB 121 -88.27 -9.06 67.54
C ARG NB 121 -88.79 -10.12 68.52
N GLN NB 122 -87.89 -10.97 69.02
CA GLN NB 122 -88.28 -12.18 69.72
C GLN NB 122 -88.01 -11.99 71.21
N ALA NB 123 -89.02 -12.29 72.02
CA ALA NB 123 -88.87 -12.16 73.47
C ALA NB 123 -87.94 -13.25 73.99
N VAL NB 124 -87.24 -12.93 75.08
CA VAL NB 124 -86.22 -13.82 75.61
C VAL NB 124 -86.27 -13.76 77.13
N ASP NB 125 -86.13 -14.91 77.77
CA ASP NB 125 -85.96 -14.93 79.21
C ASP NB 125 -84.55 -14.45 79.56
N VAL NB 126 -84.35 -14.09 80.82
CA VAL NB 126 -83.08 -13.58 81.29
C VAL NB 126 -82.54 -14.51 82.35
N SER NB 127 -81.26 -14.86 82.22
CA SER NB 127 -80.63 -15.74 83.19
C SER NB 127 -80.51 -15.04 84.54
N PRO NB 128 -80.56 -15.78 85.64
CA PRO NB 128 -80.67 -15.14 86.96
C PRO NB 128 -79.36 -14.61 87.51
N LEU NB 129 -78.52 -14.05 86.66
CA LEU NB 129 -77.42 -13.21 87.08
C LEU NB 129 -77.54 -11.82 86.48
N ARG NB 130 -77.78 -11.74 85.17
CA ARG NB 130 -78.09 -10.46 84.56
C ARG NB 130 -79.42 -9.94 85.05
N ARG NB 131 -80.36 -10.83 85.37
CA ARG NB 131 -81.61 -10.41 86.00
C ARG NB 131 -81.32 -9.75 87.34
N VAL NB 132 -80.51 -10.40 88.17
CA VAL NB 132 -80.07 -9.77 89.41
C VAL NB 132 -79.30 -8.50 89.10
N ASN NB 133 -78.43 -8.55 88.09
CA ASN NB 133 -77.60 -7.40 87.76
C ASN NB 133 -78.44 -6.20 87.35
N GLN NB 134 -79.49 -6.43 86.55
CA GLN NB 134 -80.36 -5.32 86.21
C GLN NB 134 -81.35 -5.02 87.33
N ALA NB 135 -81.54 -5.97 88.24
CA ALA NB 135 -82.35 -5.69 89.43
C ALA NB 135 -81.67 -4.65 90.30
N ILE NB 136 -80.39 -4.86 90.61
CA ILE NB 136 -79.65 -3.88 91.37
C ILE NB 136 -79.45 -2.62 90.55
N TRP NB 137 -79.24 -2.77 89.23
CA TRP NB 137 -79.09 -1.60 88.37
C TRP NB 137 -80.33 -0.73 88.39
N LEU NB 138 -81.50 -1.34 88.25
CA LEU NB 138 -82.74 -0.55 88.21
C LEU NB 138 -82.97 0.16 89.53
N LEU NB 139 -82.74 -0.51 90.65
CA LEU NB 139 -82.89 0.13 91.95
C LEU NB 139 -81.92 1.29 92.09
N CYS NB 140 -80.67 1.10 91.66
CA CYS NB 140 -79.65 2.10 91.91
C CYS NB 140 -79.95 3.41 91.18
N THR NB 141 -80.33 3.33 89.90
CA THR NB 141 -80.60 4.55 89.15
C THR NB 141 -81.93 5.16 89.55
N GLY NB 142 -82.85 4.35 90.07
CA GLY NB 142 -84.12 4.89 90.54
C GLY NB 142 -83.93 5.91 91.65
N ALA NB 143 -82.99 5.63 92.55
CA ALA NB 143 -82.75 6.57 93.64
C ALA NB 143 -82.07 7.84 93.15
N ARG NB 144 -81.03 7.71 92.33
CA ARG NB 144 -80.28 8.90 91.92
C ARG NB 144 -81.14 9.84 91.09
N GLU NB 145 -82.10 9.30 90.34
CA GLU NB 145 -83.02 10.16 89.62
C GLU NB 145 -84.07 10.76 90.55
N ALA NB 146 -84.47 10.00 91.58
CA ALA NB 146 -85.43 10.51 92.55
C ALA NB 146 -84.83 11.66 93.35
N ALA NB 147 -83.56 11.54 93.74
CA ALA NB 147 -82.92 12.53 94.59
C ALA NB 147 -82.19 13.61 93.79
N PHE NB 148 -82.32 13.62 92.46
CA PHE NB 148 -81.53 14.55 91.66
C PHE NB 148 -81.85 16.01 92.00
N ARG NB 149 -83.07 16.45 91.72
CA ARG NB 149 -83.46 17.83 91.95
C ARG NB 149 -84.37 17.98 93.16
N ASN NB 150 -84.17 17.17 94.19
CA ASN NB 150 -85.07 17.13 95.33
C ASN NB 150 -84.33 17.42 96.63
N ILE NB 151 -85.06 17.98 97.58
CA ILE NB 151 -84.51 18.17 98.92
C ILE NB 151 -84.17 16.84 99.56
N LYS NB 152 -84.93 15.79 99.24
CA LYS NB 152 -84.64 14.47 99.76
C LYS NB 152 -83.23 14.05 99.36
N THR NB 153 -82.49 13.52 100.32
CA THR NB 153 -81.16 13.03 100.06
C THR NB 153 -81.24 11.60 99.52
N ILE NB 154 -80.15 11.14 98.92
CA ILE NB 154 -80.12 9.80 98.36
C ILE NB 154 -80.31 8.75 99.46
N ALA NB 155 -80.00 9.09 100.70
CA ALA NB 155 -80.12 8.14 101.79
C ALA NB 155 -81.54 7.58 101.89
N GLU NB 156 -82.55 8.44 101.72
CA GLU NB 156 -83.92 7.93 101.79
C GLU NB 156 -84.51 7.65 100.43
N CYS NB 157 -83.98 8.25 99.36
CA CYS NB 157 -84.58 8.04 98.04
C CYS NB 157 -84.42 6.59 97.59
N LEU NB 158 -83.30 5.95 97.92
CA LEU NB 158 -83.24 4.52 97.69
C LEU NB 158 -84.06 3.77 98.73
N ALA NB 159 -84.14 4.31 99.94
CA ALA NB 159 -84.93 3.67 100.98
C ALA NB 159 -86.40 3.58 100.57
N ASP NB 160 -86.92 4.64 99.96
CA ASP NB 160 -88.26 4.56 99.37
C ASP NB 160 -88.27 3.64 98.16
N GLU NB 161 -87.19 3.66 97.39
CA GLU NB 161 -87.11 2.74 96.25
C GLU NB 161 -87.08 1.29 96.70
N LEU NB 162 -86.32 0.99 97.76
CA LEU NB 162 -86.23 -0.39 98.22
C LEU NB 162 -87.57 -0.88 98.75
N ILE NB 163 -88.23 -0.11 99.63
CA ILE NB 163 -89.47 -0.57 100.23
C ILE NB 163 -90.55 -0.72 99.16
N ASN NB 164 -90.67 0.24 98.25
CA ASN NB 164 -91.68 0.16 97.22
C ASN NB 164 -91.39 -0.99 96.25
N ALA NB 165 -90.11 -1.28 96.03
CA ALA NB 165 -89.76 -2.43 95.20
C ALA NB 165 -89.94 -3.73 95.96
N ALA NB 166 -89.63 -3.74 97.26
CA ALA NB 166 -89.76 -4.96 98.04
C ALA NB 166 -91.21 -5.39 98.16
N LYS NB 167 -92.08 -4.47 98.56
CA LYS NB 167 -93.49 -4.81 98.65
C LYS NB 167 -94.16 -4.85 97.28
N GLY NB 168 -93.79 -3.94 96.38
CA GLY NB 168 -94.36 -3.90 95.05
C GLY NB 168 -95.52 -2.94 94.97
N SER NB 169 -95.31 -1.77 94.36
CA SER NB 169 -96.36 -0.76 94.34
C SER NB 169 -96.50 -0.04 93.00
N SER NB 170 -95.70 -0.36 91.99
CA SER NB 170 -95.77 0.28 90.68
C SER NB 170 -95.57 1.79 90.78
N ASN NB 171 -94.90 2.25 91.83
CA ASN NB 171 -94.52 3.65 91.95
C ASN NB 171 -93.02 3.85 92.10
N SER NB 172 -92.29 2.87 92.60
CA SER NB 172 -90.84 2.90 92.53
C SER NB 172 -90.41 2.79 91.08
N TYR NB 173 -89.39 3.57 90.72
CA TYR NB 173 -88.93 3.61 89.34
C TYR NB 173 -88.47 2.24 88.87
N ALA NB 174 -88.01 1.40 89.81
CA ALA NB 174 -87.48 0.09 89.43
C ALA NB 174 -88.55 -0.79 88.81
N ILE NB 175 -89.57 -1.16 89.59
CA ILE NB 175 -90.56 -2.11 89.08
C ILE NB 175 -91.51 -1.43 88.11
N LYS NB 176 -91.49 -0.10 88.06
CA LYS NB 176 -92.20 0.59 86.99
C LYS NB 176 -91.58 0.27 85.64
N LYS NB 177 -90.26 0.06 85.62
CA LYS NB 177 -89.60 -0.37 84.39
C LYS NB 177 -89.46 -1.88 84.31
N LYS NB 178 -89.49 -2.58 85.43
CA LYS NB 178 -89.40 -4.04 85.40
C LYS NB 178 -90.58 -4.62 84.61
N ASP NB 179 -91.80 -4.23 84.99
CA ASP NB 179 -92.98 -4.76 84.30
C ASP NB 179 -93.05 -4.28 82.85
N GLU NB 180 -92.61 -3.05 82.59
CA GLU NB 180 -92.68 -2.52 81.24
C GLU NB 180 -91.84 -3.32 80.27
N LEU NB 181 -90.62 -3.69 80.67
CA LEU NB 181 -89.83 -4.59 79.84
C LEU NB 181 -90.53 -5.93 79.68
N GLU NB 182 -91.17 -6.42 80.75
CA GLU NB 182 -91.91 -7.67 80.66
C GLU NB 182 -93.06 -7.56 79.68
N ARG NB 183 -93.86 -6.50 79.79
CA ARG NB 183 -95.09 -6.43 79.01
C ARG NB 183 -94.82 -6.05 77.56
N VAL NB 184 -93.84 -5.19 77.29
CA VAL NB 184 -93.52 -4.88 75.91
C VAL NB 184 -92.91 -6.10 75.22
N ALA NB 185 -92.11 -6.88 75.96
CA ALA NB 185 -91.63 -8.15 75.40
C ALA NB 185 -92.78 -9.14 75.27
N LYS NB 186 -93.78 -9.03 76.14
CA LYS NB 186 -94.94 -9.92 76.01
C LYS NB 186 -95.69 -9.64 74.72
N SER NB 187 -95.70 -8.38 74.27
CA SER NB 187 -96.29 -8.07 72.98
C SER NB 187 -95.47 -8.63 71.82
N ASN NB 188 -94.24 -9.03 72.08
CA ASN NB 188 -93.32 -9.46 71.04
C ASN NB 188 -92.95 -10.93 71.15
N ARG NB 189 -93.78 -11.76 71.76
CA ARG NB 189 -93.58 -13.21 71.69
C ARG NB 189 -93.75 -13.69 70.25
N MET OB 1 -12.94 43.57 54.24
CA MET OB 1 -12.55 43.45 55.65
C MET OB 1 -11.62 44.58 56.05
N LEU OB 2 -12.16 45.57 56.74
CA LEU OB 2 -11.40 46.76 57.11
C LEU OB 2 -10.54 46.53 58.34
N MET OB 3 -10.19 45.30 58.66
CA MET OB 3 -9.36 44.99 59.82
C MET OB 3 -8.04 45.74 59.77
N PRO OB 4 -7.60 46.35 60.86
CA PRO OB 4 -6.24 46.93 60.88
C PRO OB 4 -5.19 45.83 60.95
N LYS OB 5 -3.98 46.08 60.45
CA LYS OB 5 -2.95 45.04 60.42
C LYS OB 5 -2.64 44.48 61.80
N LYS OB 6 -2.88 45.26 62.85
CA LYS OB 6 -2.54 44.84 64.20
C LYS OB 6 -3.23 43.52 64.54
N ASN OB 7 -4.49 43.37 64.13
CA ASN OB 7 -5.18 42.09 64.32
C ASN OB 7 -4.55 40.98 63.49
N ARG OB 8 -4.24 41.27 62.21
CA ARG OB 8 -3.55 40.32 61.34
C ARG OB 8 -2.27 39.80 61.99
N ILE OB 9 -1.43 40.71 62.46
CA ILE OB 9 -0.13 40.34 63.01
C ILE OB 9 -0.32 39.75 64.40
N ALA OB 10 -1.54 39.82 64.93
CA ALA OB 10 -1.84 39.18 66.20
C ALA OB 10 -2.42 37.79 66.03
N ILE OB 11 -2.76 37.39 64.80
CA ILE OB 11 -3.36 36.09 64.56
C ILE OB 11 -2.49 35.20 63.70
N TYR OB 12 -1.95 35.70 62.58
CA TYR OB 12 -1.18 34.86 61.68
C TYR OB 12 0.04 34.29 62.37
N GLU OB 13 0.72 35.10 63.18
CA GLU OB 13 1.85 34.58 63.93
C GLU OB 13 1.40 33.56 64.98
N LEU OB 14 0.18 33.70 65.50
CA LEU OB 14 -0.33 32.68 66.41
C LEU OB 14 -0.63 31.38 65.66
N LEU OB 15 -1.19 31.48 64.45
CA LEU OB 15 -1.31 30.29 63.61
C LEU OB 15 0.06 29.71 63.30
N PHE OB 16 1.08 30.56 63.30
CA PHE OB 16 2.43 30.05 63.10
C PHE OB 16 2.94 29.31 64.33
N LYS OB 17 2.76 29.90 65.52
CA LYS OB 17 3.24 29.25 66.73
C LYS OB 17 2.42 27.99 67.03
N GLU OB 18 1.15 28.01 66.66
CA GLU OB 18 0.28 26.85 66.80
C GLU OB 18 -0.35 26.59 65.43
N GLY OB 19 0.06 25.50 64.79
CA GLY OB 19 -0.26 25.26 63.39
C GLY OB 19 -1.73 25.14 63.08
N VAL OB 20 -2.55 24.91 64.11
CA VAL OB 20 -4.00 24.83 63.96
C VAL OB 20 -4.65 25.73 65.01
N MET OB 21 -5.73 26.39 64.63
CA MET OB 21 -6.52 27.16 65.57
C MET OB 21 -8.00 26.91 65.31
N VAL OB 22 -8.81 27.10 66.34
CA VAL OB 22 -10.23 26.74 66.31
C VAL OB 22 -11.05 27.98 66.63
N ALA OB 23 -12.14 28.17 65.88
CA ALA OB 23 -13.10 29.22 66.14
C ALA OB 23 -14.51 28.66 65.99
N LYS OB 24 -15.40 29.06 66.90
CA LYS OB 24 -16.79 28.63 66.81
C LYS OB 24 -17.54 29.46 65.78
N LYS OB 25 -18.47 28.83 65.08
CA LYS OB 25 -19.24 29.52 64.06
C LYS OB 25 -20.17 30.50 64.76
N ASP OB 26 -19.62 31.69 65.02
CA ASP OB 26 -20.35 32.77 65.65
C ASP OB 26 -19.57 34.04 65.32
N VAL OB 27 -20.16 34.89 64.46
CA VAL OB 27 -19.47 36.10 64.02
C VAL OB 27 -19.56 37.23 65.02
N HIS OB 28 -20.31 37.07 66.11
CA HIS OB 28 -20.79 38.22 66.85
C HIS OB 28 -20.59 38.04 68.35
N MET OB 29 -19.42 37.57 68.75
CA MET OB 29 -18.96 37.77 70.11
C MET OB 29 -17.74 38.67 70.08
N PRO OB 30 -17.52 39.45 71.13
CA PRO OB 30 -16.52 40.52 71.05
C PRO OB 30 -15.08 40.06 70.89
N LYS OB 31 -14.64 39.08 71.67
CA LYS OB 31 -13.23 38.68 71.68
C LYS OB 31 -13.14 37.16 71.51
N HIS OB 32 -12.27 36.73 70.60
CA HIS OB 32 -11.98 35.32 70.43
C HIS OB 32 -11.27 34.77 71.66
N PRO OB 33 -11.71 33.62 72.21
CA PRO OB 33 -11.13 33.16 73.48
C PRO OB 33 -9.63 32.93 73.45
N GLU OB 34 -9.09 32.43 72.34
CA GLU OB 34 -7.68 32.07 72.33
C GLU OB 34 -6.77 33.27 72.13
N LEU OB 35 -7.30 34.40 71.67
CA LEU OB 35 -6.51 35.62 71.57
C LEU OB 35 -6.92 36.68 72.57
N ALA OB 36 -8.22 36.94 72.73
CA ALA OB 36 -8.74 37.75 73.83
C ALA OB 36 -8.14 39.15 73.87
N ASP OB 37 -7.10 39.33 74.68
CA ASP OB 37 -6.55 40.65 75.00
C ASP OB 37 -6.15 41.47 73.78
N LYS OB 38 -6.03 40.86 72.61
CA LYS OB 38 -5.73 41.63 71.41
C LYS OB 38 -6.97 42.29 70.82
N ASN OB 39 -8.14 42.10 71.43
CA ASN OB 39 -9.39 42.73 71.01
C ASN OB 39 -9.78 42.28 69.60
N VAL OB 40 -9.90 40.96 69.44
CA VAL OB 40 -10.16 40.36 68.15
C VAL OB 40 -11.43 39.50 68.22
N PRO OB 41 -12.49 39.86 67.52
CA PRO OB 41 -13.69 39.02 67.49
C PRO OB 41 -13.55 37.84 66.52
N ASN OB 42 -14.46 36.88 66.65
CA ASN OB 42 -14.45 35.78 65.69
C ASN OB 42 -14.81 36.23 64.29
N LEU OB 43 -15.58 37.32 64.17
CA LEU OB 43 -15.76 37.93 62.86
C LEU OB 43 -14.42 38.24 62.23
N HIS OB 44 -13.45 38.64 63.06
CA HIS OB 44 -12.14 39.01 62.54
C HIS OB 44 -11.33 37.77 62.15
N VAL OB 45 -11.36 36.72 62.95
CA VAL OB 45 -10.56 35.53 62.61
C VAL OB 45 -11.12 34.84 61.38
N MET OB 46 -12.44 34.64 61.34
CA MET OB 46 -13.08 33.89 60.27
C MET OB 46 -12.71 34.43 58.90
N LYS OB 47 -13.07 35.69 58.65
CA LYS OB 47 -12.96 36.23 57.30
C LYS OB 47 -11.51 36.53 56.94
N ALA OB 48 -10.67 36.76 57.96
CA ALA OB 48 -9.24 36.94 57.69
C ALA OB 48 -8.60 35.66 57.15
N MET OB 49 -8.87 34.54 57.80
CA MET OB 49 -8.19 33.30 57.44
C MET OB 49 -8.98 32.44 56.46
N GLN OB 50 -10.28 32.69 56.30
CA GLN OB 50 -10.95 32.13 55.14
C GLN OB 50 -10.42 32.72 53.85
N SER OB 51 -9.74 33.87 53.93
CA SER OB 51 -9.01 34.37 52.78
C SER OB 51 -7.80 33.49 52.48
N LEU OB 52 -7.20 32.92 53.52
CA LEU OB 52 -6.14 31.94 53.30
C LEU OB 52 -6.68 30.69 52.62
N LYS OB 53 -7.87 30.24 53.01
CA LYS OB 53 -8.48 29.09 52.38
C LYS OB 53 -8.71 29.33 50.89
N SER OB 54 -9.25 30.50 50.55
CA SER OB 54 -9.39 30.85 49.15
C SER OB 54 -8.04 30.95 48.47
N ARG OB 55 -7.06 31.55 49.14
CA ARG OB 55 -5.69 31.52 48.62
C ARG OB 55 -5.14 30.11 48.57
N GLY OB 56 -5.67 29.20 49.39
CA GLY OB 56 -5.17 27.85 49.43
C GLY OB 56 -4.05 27.61 50.41
N TYR OB 57 -3.86 28.49 51.38
CA TYR OB 57 -2.83 28.32 52.40
C TYR OB 57 -3.36 27.69 53.67
N VAL OB 58 -4.54 27.08 53.64
CA VAL OB 58 -5.10 26.41 54.80
C VAL OB 58 -6.22 25.50 54.32
N LYS OB 59 -6.37 24.36 54.98
CA LYS OB 59 -7.51 23.49 54.74
C LYS OB 59 -8.26 23.30 56.06
N GLU OB 60 -9.58 23.21 55.96
CA GLU OB 60 -10.42 23.34 57.15
C GLU OB 60 -11.54 22.32 57.10
N GLN OB 61 -12.09 22.03 58.28
CA GLN OB 61 -13.21 21.11 58.46
C GLN OB 61 -14.22 21.74 59.42
N PHE OB 62 -15.49 21.41 59.23
CA PHE OB 62 -16.56 21.96 60.06
C PHE OB 62 -17.25 20.82 60.83
N ALA OB 63 -17.32 20.96 62.14
CA ALA OB 63 -18.16 20.15 63.00
C ALA OB 63 -19.49 20.86 63.21
N TRP OB 64 -20.22 20.50 64.27
CA TRP OB 64 -21.45 21.17 64.67
C TRP OB 64 -21.36 22.69 64.54
N ARG OB 65 -20.41 23.30 65.25
CA ARG OB 65 -20.30 24.75 65.30
C ARG OB 65 -18.89 25.29 65.20
N HIS OB 66 -17.86 24.47 64.99
CA HIS OB 66 -16.49 24.94 65.02
C HIS OB 66 -15.74 24.51 63.76
N PHE OB 67 -14.92 25.40 63.25
CA PHE OB 67 -14.02 25.09 62.15
C PHE OB 67 -12.67 24.65 62.70
N TYR OB 68 -11.92 23.90 61.90
CA TYR OB 68 -10.67 23.31 62.36
C TYR OB 68 -9.55 23.46 61.34
N TRP OB 69 -9.30 24.68 60.87
CA TRP OB 69 -8.31 24.91 59.81
C TRP OB 69 -6.96 24.30 60.16
N TYR OB 70 -6.33 23.66 59.18
CA TYR OB 70 -4.96 23.17 59.28
C TYR OB 70 -4.11 23.83 58.21
N LEU OB 71 -2.90 24.23 58.58
CA LEU OB 71 -2.00 24.89 57.62
C LEU OB 71 -1.47 23.91 56.59
N THR OB 72 -1.76 24.18 55.32
CA THR OB 72 -1.21 23.38 54.25
C THR OB 72 0.25 23.75 54.01
N ASN OB 73 0.97 22.91 53.27
CA ASN OB 73 2.39 23.13 53.05
C ASN OB 73 2.64 24.49 52.40
N GLU OB 74 1.81 24.87 51.43
CA GLU OB 74 1.93 26.19 50.83
C GLU OB 74 1.68 27.29 51.85
N GLY OB 75 1.08 26.97 52.99
CA GLY OB 75 0.68 27.97 53.95
C GLY OB 75 1.75 28.50 54.89
N ILE OB 76 2.76 27.69 55.22
CA ILE OB 76 3.78 28.17 56.15
C ILE OB 76 4.69 29.18 55.46
N GLN OB 77 5.26 28.80 54.30
CA GLN OB 77 6.24 29.67 53.66
C GLN OB 77 5.60 30.98 53.23
N TYR OB 78 4.27 31.02 53.15
CA TYR OB 78 3.58 32.29 52.96
C TYR OB 78 3.73 33.15 54.21
N LEU OB 79 3.58 32.55 55.40
CA LEU OB 79 3.79 33.29 56.63
C LEU OB 79 5.27 33.51 56.90
N ARG OB 80 6.12 32.58 56.46
CA ARG OB 80 7.56 32.69 56.69
C ARG OB 80 8.12 34.01 56.18
N ASP OB 81 7.75 34.37 54.94
CA ASP OB 81 8.23 35.65 54.40
C ASP OB 81 7.29 36.80 54.67
N TYR OB 82 6.07 36.54 55.17
CA TYR OB 82 5.18 37.62 55.56
C TYR OB 82 5.62 38.26 56.86
N LEU OB 83 5.93 37.46 57.88
CA LEU OB 83 6.47 37.96 59.12
C LEU OB 83 7.98 38.10 59.09
N HIS OB 84 8.61 37.75 57.97
CA HIS OB 84 10.05 37.87 57.77
C HIS OB 84 10.80 37.08 58.86
N LEU OB 85 10.57 35.78 58.84
CA LEU OB 85 11.18 34.83 59.77
C LEU OB 85 12.21 33.86 59.13
N PRO OB 86 13.09 33.15 59.75
CA PRO OB 86 14.10 32.46 59.07
C PRO OB 86 13.61 31.09 58.79
N PRO OB 87 14.19 30.38 57.88
CA PRO OB 87 13.70 29.01 57.63
C PRO OB 87 14.12 27.99 58.69
N GLU OB 88 13.99 28.36 59.96
CA GLU OB 88 14.35 27.49 61.08
C GLU OB 88 13.20 27.47 62.07
N ILE OB 89 12.32 28.47 61.99
CA ILE OB 89 11.16 28.52 62.87
C ILE OB 89 10.01 27.76 62.21
N VAL OB 90 9.36 26.88 62.97
CA VAL OB 90 8.35 25.99 62.42
C VAL OB 90 7.14 25.87 63.35
N PRO OB 91 5.93 25.69 62.83
CA PRO OB 91 4.79 25.46 63.71
C PRO OB 91 4.96 24.19 64.52
N ALA OB 92 4.22 24.12 65.64
CA ALA OB 92 4.28 22.96 66.50
C ALA OB 92 3.79 21.71 65.78
N THR OB 93 2.70 21.84 65.03
CA THR OB 93 2.07 20.68 64.39
C THR OB 93 3.01 19.97 63.43
N LEU OB 94 3.99 20.68 62.85
CA LEU OB 94 4.90 20.07 61.91
C LEU OB 94 5.90 19.17 62.61
N ARG OB 95 6.69 19.73 63.52
CA ARG OB 95 7.73 18.93 64.17
C ARG OB 95 7.75 19.07 65.68
N ARG OB 96 7.53 20.29 66.21
CA ARG OB 96 7.75 20.67 67.60
C ARG OB 96 8.95 19.98 68.26
N SER OB 97 8.86 18.66 68.46
CA SER OB 97 9.77 17.96 69.36
C SER OB 97 11.11 17.64 68.72
N ARG OB 98 11.12 16.81 67.68
CA ARG OB 98 12.36 16.24 67.18
C ARG OB 98 12.80 16.85 65.86
N THR PB 1 -58.86 67.59 85.94
CA THR PB 1 -57.96 67.03 86.94
C THR PB 1 -57.58 65.60 86.60
N TYR PB 2 -56.72 65.00 87.43
CA TYR PB 2 -56.35 63.60 87.27
C TYR PB 2 -56.78 62.75 88.45
N ARG PB 3 -56.32 63.06 89.66
CA ARG PB 3 -56.67 62.29 90.84
C ARG PB 3 -57.00 63.23 91.99
N GLY PB 4 -57.85 64.20 91.71
CA GLY PB 4 -58.20 65.21 92.69
C GLY PB 4 -57.24 66.39 92.75
N VAL PB 5 -56.21 66.38 91.93
CA VAL PB 5 -55.25 67.48 91.86
C VAL PB 5 -55.28 68.06 90.46
N ASP PB 6 -55.23 69.39 90.39
CA ASP PB 6 -55.45 70.11 89.13
C ASP PB 6 -54.26 69.95 88.19
N LEU PB 7 -54.54 70.11 86.90
CA LEU PB 7 -53.51 69.97 85.88
C LEU PB 7 -52.36 70.95 86.12
N ASP PB 8 -52.65 72.13 86.66
CA ASP PB 8 -51.60 73.10 86.89
C ASP PB 8 -50.56 72.57 87.86
N GLN PB 9 -50.98 71.79 88.85
CA GLN PB 9 -50.03 71.21 89.78
C GLN PB 9 -49.30 70.02 89.18
N LEU PB 10 -49.89 69.38 88.17
CA LEU PB 10 -49.22 68.26 87.51
C LEU PB 10 -47.95 68.71 86.80
N LEU PB 11 -48.00 69.85 86.11
CA LEU PB 11 -46.90 70.25 85.24
C LEU PB 11 -45.62 70.48 86.03
N ASP PB 12 -45.72 71.10 87.20
CA ASP PB 12 -44.56 71.40 88.02
C ASP PB 12 -44.26 70.32 89.05
N MET PB 13 -45.13 69.33 89.20
CA MET PB 13 -44.91 68.27 90.16
C MET PB 13 -43.83 67.33 89.66
N SER PB 14 -43.15 66.66 90.60
CA SER PB 14 -41.97 65.88 90.30
C SER PB 14 -42.31 64.38 90.23
N TYR PB 15 -41.34 63.59 89.80
CA TYR PB 15 -41.57 62.16 89.58
C TYR PB 15 -41.95 61.45 90.88
N GLU PB 16 -41.21 61.71 91.96
CA GLU PB 16 -41.32 60.88 93.15
C GLU PB 16 -42.72 60.86 93.75
N GLN PB 17 -43.55 61.85 93.47
CA GLN PB 17 -44.94 61.80 93.91
C GLN PB 17 -45.93 61.63 92.77
N LEU PB 18 -45.47 61.54 91.52
CA LEU PB 18 -46.31 60.96 90.49
C LEU PB 18 -46.38 59.44 90.62
N MET PB 19 -45.42 58.81 91.30
CA MET PB 19 -45.51 57.39 91.57
C MET PB 19 -46.79 57.05 92.32
N GLN PB 20 -47.09 57.83 93.36
CA GLN PB 20 -48.34 57.64 94.08
C GLN PB 20 -49.54 57.95 93.21
N LEU PB 21 -49.45 59.00 92.38
CA LEU PB 21 -50.56 59.39 91.55
C LEU PB 21 -50.92 58.34 90.52
N TYR PB 22 -49.93 57.64 89.98
CA TYR PB 22 -50.16 56.73 88.87
C TYR PB 22 -50.73 55.40 89.35
N SER PB 23 -51.08 54.56 88.39
CA SER PB 23 -51.55 53.22 88.69
C SER PB 23 -50.35 52.29 88.94
N ALA PB 24 -50.66 51.02 89.24
CA ALA PB 24 -49.59 50.07 89.54
C ALA PB 24 -48.70 49.83 88.34
N ARG PB 25 -49.29 49.73 87.15
CA ARG PB 25 -48.50 49.43 85.96
C ARG PB 25 -47.51 50.53 85.65
N GLN PB 26 -47.96 51.78 85.67
CA GLN PB 26 -47.07 52.89 85.33
C GLN PB 26 -46.03 53.12 86.42
N ARG PB 27 -46.44 53.03 87.69
CA ARG PB 27 -45.52 53.30 88.78
C ARG PB 27 -44.33 52.35 88.74
N ARG PB 28 -44.58 51.08 88.43
CA ARG PB 28 -43.49 50.12 88.27
C ARG PB 28 -42.61 50.49 87.08
N ARG PB 29 -43.21 50.96 85.98
CA ARG PB 29 -42.44 51.32 84.81
C ARG PB 29 -41.53 52.50 85.08
N LEU PB 30 -42.07 53.57 85.65
CA LEU PB 30 -41.29 54.75 85.97
C LEU PB 30 -40.31 54.52 87.12
N ASN PB 31 -40.65 53.64 88.06
CA ASN PB 31 -39.71 53.29 89.12
C ASN PB 31 -38.42 52.77 88.53
N ARG PB 32 -38.51 51.86 87.56
CA ARG PB 32 -37.34 51.50 86.79
C ARG PB 32 -36.95 52.65 85.88
N GLY PB 33 -35.67 52.74 85.58
CA GLY PB 33 -35.15 53.93 84.91
C GLY PB 33 -35.75 54.10 83.52
N LEU PB 34 -35.84 55.36 83.10
CA LEU PB 34 -36.27 55.70 81.75
C LEU PB 34 -35.04 55.81 80.84
N ARG PB 35 -35.15 55.21 79.67
CA ARG PB 35 -33.99 55.01 78.81
C ARG PB 35 -33.75 56.22 77.91
N ARG PB 36 -32.59 56.22 77.25
CA ARG PB 36 -32.16 57.38 76.49
C ARG PB 36 -33.17 57.75 75.42
N LYS PB 37 -33.76 56.76 74.77
CA LYS PB 37 -34.70 57.04 73.68
C LYS PB 37 -35.85 57.90 74.15
N GLN PB 38 -36.57 57.46 75.17
CA GLN PB 38 -37.71 58.24 75.64
C GLN PB 38 -37.29 59.60 76.15
N HIS PB 39 -36.10 59.70 76.76
CA HIS PB 39 -35.57 61.00 77.13
C HIS PB 39 -35.39 61.89 75.91
N SER PB 40 -34.85 61.32 74.83
CA SER PB 40 -34.70 62.10 73.61
C SER PB 40 -36.05 62.44 72.99
N LEU PB 41 -37.10 61.69 73.33
CA LEU PB 41 -38.43 62.01 72.83
C LEU PB 41 -39.01 63.21 73.56
N LEU PB 42 -38.74 63.30 74.87
CA LEU PB 42 -39.22 64.45 75.63
C LEU PB 42 -38.48 65.72 75.22
N LYS PB 43 -37.16 65.62 75.03
CA LYS PB 43 -36.37 66.79 74.64
C LYS PB 43 -36.77 67.26 73.25
N ARG PB 44 -37.11 66.33 72.35
CA ARG PB 44 -37.64 66.73 71.06
C ARG PB 44 -39.00 67.37 71.22
N LEU PB 45 -39.78 66.92 72.19
CA LEU PB 45 -41.11 67.48 72.41
C LEU PB 45 -41.04 68.84 73.11
N ARG PB 46 -40.12 68.99 74.08
CA ARG PB 46 -39.98 70.30 74.71
C ARG PB 46 -39.45 71.33 73.71
N LYS PB 47 -38.49 70.94 72.86
CA LYS PB 47 -37.95 71.88 71.90
C LYS PB 47 -38.99 72.29 70.87
N ALA PB 48 -40.02 71.47 70.68
CA ALA PB 48 -41.13 71.86 69.82
C ALA PB 48 -42.07 72.85 70.52
N LYS PB 49 -42.28 72.66 71.81
CA LYS PB 49 -43.19 73.53 72.56
C LYS PB 49 -42.64 74.95 72.66
N LYS PB 50 -41.36 75.08 73.00
CA LYS PB 50 -40.76 76.41 73.06
C LYS PB 50 -40.70 77.05 71.68
N GLU PB 51 -40.55 76.24 70.64
CA GLU PB 51 -40.57 76.74 69.28
C GLU PB 51 -42.00 76.94 68.77
N ALA PB 52 -42.99 76.48 69.53
CA ALA PB 52 -44.37 76.62 69.09
C ALA PB 52 -44.82 78.07 69.23
N PRO PB 53 -45.28 78.69 68.15
CA PRO PB 53 -45.74 80.09 68.21
C PRO PB 53 -46.96 80.22 69.11
N PRO PB 54 -47.24 81.42 69.61
CA PRO PB 54 -48.38 81.61 70.51
C PRO PB 54 -49.70 81.28 69.85
N MET PB 55 -50.66 80.85 70.68
CA MET PB 55 -52.01 80.52 70.26
C MET PB 55 -52.01 79.55 69.09
N GLU PB 56 -51.12 78.57 69.13
CA GLU PB 56 -50.92 77.66 68.00
C GLU PB 56 -50.37 76.34 68.51
N LYS PB 57 -50.93 75.25 68.03
CA LYS PB 57 -50.47 73.93 68.43
C LYS PB 57 -49.12 73.63 67.79
N PRO PB 58 -48.21 72.94 68.46
CA PRO PB 58 -46.84 72.85 67.96
C PRO PB 58 -46.76 71.97 66.72
N GLU PB 59 -45.60 72.01 66.06
CA GLU PB 59 -45.37 71.14 64.93
C GLU PB 59 -45.30 69.69 65.40
N VAL PB 60 -45.70 68.77 64.52
CA VAL PB 60 -45.86 67.36 64.88
C VAL PB 60 -44.50 66.69 64.95
N VAL PB 61 -44.29 65.88 65.98
CA VAL PB 61 -43.10 65.04 66.10
C VAL PB 61 -43.52 63.60 65.88
N LYS PB 62 -42.83 62.92 64.97
CA LYS PB 62 -43.10 61.53 64.67
C LYS PB 62 -42.36 60.63 65.64
N THR PB 63 -42.94 59.47 65.93
CA THR PB 63 -42.32 58.57 66.89
C THR PB 63 -42.70 57.13 66.59
N HIS PB 64 -41.75 56.23 66.85
CA HIS PB 64 -42.00 54.79 66.88
C HIS PB 64 -42.36 54.30 68.28
N LEU PB 65 -42.26 55.16 69.28
CA LEU PB 65 -42.27 54.73 70.69
C LEU PB 65 -43.71 54.60 71.16
N ARG PB 66 -44.35 53.52 70.75
CA ARG PB 66 -45.70 53.25 71.23
C ARG PB 66 -45.68 52.43 72.52
N ASP PB 67 -44.83 52.87 73.45
CA ASP PB 67 -44.88 52.35 74.81
C ASP PB 67 -44.56 53.42 75.84
N MET PB 68 -44.36 54.68 75.44
CA MET PB 68 -44.09 55.76 76.36
C MET PB 68 -45.34 56.07 77.16
N ILE PB 69 -45.27 55.88 78.47
CA ILE PB 69 -46.34 56.34 79.35
C ILE PB 69 -46.45 57.84 79.18
N ILE PB 70 -47.58 58.29 78.62
CA ILE PB 70 -47.73 59.70 78.25
C ILE PB 70 -47.75 60.54 79.51
N LEU PB 71 -46.84 61.50 79.58
CA LEU PB 71 -46.62 62.31 80.77
C LEU PB 71 -47.41 63.60 80.71
N PRO PB 72 -47.74 64.18 81.87
CA PRO PB 72 -48.39 65.51 81.86
C PRO PB 72 -47.52 66.59 81.25
N GLU PB 73 -46.20 66.38 81.20
CA GLU PB 73 -45.29 67.41 80.70
C GLU PB 73 -45.62 67.79 79.26
N MET PB 74 -45.84 66.81 78.39
CA MET PB 74 -46.09 67.07 76.98
C MET PB 74 -47.56 66.93 76.59
N VAL PB 75 -48.47 67.21 77.53
CA VAL PB 75 -49.89 67.27 77.18
C VAL PB 75 -50.11 68.40 76.20
N GLY PB 76 -51.15 68.28 75.38
CA GLY PB 76 -51.45 69.28 74.39
C GLY PB 76 -50.37 69.42 73.33
N SER PB 77 -49.95 68.31 72.75
CA SER PB 77 -48.84 68.31 71.81
C SER PB 77 -49.23 67.53 70.56
N MET PB 78 -48.60 67.89 69.46
CA MET PB 78 -48.74 67.22 68.17
C MET PB 78 -47.73 66.07 68.14
N VAL PB 79 -48.22 64.84 68.23
CA VAL PB 79 -47.35 63.67 68.19
C VAL PB 79 -47.89 62.70 67.14
N GLY PB 80 -47.01 62.16 66.31
CA GLY PB 80 -47.38 61.15 65.36
C GLY PB 80 -46.73 59.82 65.70
N VAL PB 81 -47.53 58.87 66.15
CA VAL PB 81 -47.03 57.58 66.63
C VAL PB 81 -47.23 56.53 65.55
N TYR PB 82 -46.19 55.74 65.31
CA TYR PB 82 -46.28 54.65 64.35
C TYR PB 82 -47.24 53.58 64.83
N ASN PB 83 -47.96 52.97 63.89
CA ASN PB 83 -48.80 51.82 64.16
C ASN PB 83 -48.44 50.63 63.30
N GLY PB 84 -47.24 50.63 62.72
CA GLY PB 84 -46.81 49.63 61.76
C GLY PB 84 -46.85 50.12 60.32
N LYS PB 85 -47.83 50.95 59.98
CA LYS PB 85 -47.93 51.54 58.65
C LYS PB 85 -47.55 53.01 58.62
N THR PB 86 -48.23 53.83 59.41
CA THR PB 86 -48.08 55.28 59.34
C THR PB 86 -47.92 55.85 60.74
N PHE PB 87 -47.59 57.14 60.79
CA PHE PB 87 -47.51 57.90 62.04
C PHE PB 87 -48.82 58.65 62.20
N ASN PB 88 -49.80 57.99 62.81
CA ASN PB 88 -51.13 58.58 62.93
C ASN PB 88 -51.09 59.81 63.84
N GLN PB 89 -51.82 60.85 63.43
CA GLN PB 89 -51.76 62.13 64.11
C GLN PB 89 -52.54 62.07 65.42
N VAL PB 90 -51.82 62.21 66.53
CA VAL PB 90 -52.43 62.17 67.85
C VAL PB 90 -52.10 63.44 68.61
N GLU PB 91 -53.07 63.91 69.37
CA GLU PB 91 -52.91 65.05 70.24
C GLU PB 91 -53.38 64.68 71.64
N ILE PB 92 -52.63 65.14 72.64
CA ILE PB 92 -52.77 64.67 74.02
C ILE PB 92 -53.63 65.65 74.80
N LYS PB 93 -54.49 65.12 75.66
CA LYS PB 93 -55.34 65.89 76.54
C LYS PB 93 -55.12 65.40 77.97
N PRO PB 94 -55.41 66.23 78.97
CA PRO PB 94 -55.15 65.84 80.36
C PRO PB 94 -55.81 64.53 80.79
N GLU PB 95 -56.69 63.95 79.99
CA GLU PB 95 -57.35 62.70 80.36
C GLU PB 95 -56.60 61.48 79.86
N MET PB 96 -55.32 61.65 79.51
CA MET PB 96 -54.50 60.54 79.08
C MET PB 96 -53.38 60.22 80.07
N ILE PB 97 -53.38 60.89 81.23
CA ILE PB 97 -52.19 60.93 82.09
C ILE PB 97 -51.55 59.57 82.29
N GLY PB 98 -52.35 58.52 82.40
CA GLY PB 98 -51.80 57.21 82.70
C GLY PB 98 -51.96 56.19 81.61
N HIS PB 99 -51.74 56.58 80.36
CA HIS PB 99 -51.99 55.72 79.22
C HIS PB 99 -50.72 55.61 78.37
N TYR PB 100 -50.87 55.00 77.21
CA TYR PB 100 -49.76 54.72 76.31
C TYR PB 100 -50.04 55.36 74.95
N LEU PB 101 -48.99 55.86 74.31
CA LEU PB 101 -49.17 56.40 72.96
C LEU PB 101 -49.70 55.31 72.02
N GLY PB 102 -49.16 54.11 72.14
CA GLY PB 102 -49.65 53.02 71.31
C GLY PB 102 -51.05 52.59 71.66
N GLU PB 103 -51.46 52.78 72.92
CA GLU PB 103 -52.81 52.41 73.30
C GLU PB 103 -53.85 53.28 72.59
N PHE PB 104 -53.44 54.46 72.11
CA PHE PB 104 -54.38 55.28 71.35
C PHE PB 104 -54.48 54.80 69.91
N SER PB 105 -53.39 54.93 69.15
CA SER PB 105 -53.41 54.66 67.72
C SER PB 105 -53.64 53.18 67.47
N ILE PB 106 -54.57 52.86 66.58
CA ILE PB 106 -54.94 51.48 66.35
C ILE PB 106 -54.11 50.89 65.22
N THR PB 107 -53.62 49.67 65.42
CA THR PB 107 -52.69 49.03 64.50
C THR PB 107 -53.38 48.14 63.47
N TYR PB 108 -54.69 48.28 63.30
CA TYR PB 108 -55.40 47.52 62.28
C TYR PB 108 -56.64 48.30 61.86
N LYS PB 109 -57.14 48.01 60.66
CA LYS PB 109 -58.42 48.71 60.62
C LYS PB 109 -59.54 47.75 60.99
N PRO PB 110 -60.59 48.24 61.66
CA PRO PB 110 -61.64 47.33 62.14
C PRO PB 110 -62.30 46.59 60.99
N VAL PB 111 -62.57 45.31 61.25
CA VAL PB 111 -63.13 44.44 60.21
C VAL PB 111 -64.59 44.81 60.00
N LYS PB 112 -64.96 45.08 58.74
CA LYS PB 112 -66.38 45.31 58.49
C LYS PB 112 -67.11 43.99 58.27
N HIS PB 113 -66.95 43.39 57.08
CA HIS PB 113 -67.06 41.95 56.84
C HIS PB 113 -67.04 41.71 55.33
N GLY PB 114 -67.07 40.42 54.97
CA GLY PB 114 -67.30 40.02 53.60
C GLY PB 114 -68.12 38.73 53.56
N ARG PB 115 -68.60 38.42 52.37
CA ARG PB 115 -69.42 37.23 52.18
C ARG PB 115 -68.56 35.98 52.30
N PRO PB 116 -68.94 34.99 53.12
CA PRO PB 116 -68.15 33.76 53.20
C PRO PB 116 -68.15 33.00 51.88
N GLY PB 117 -67.05 32.32 51.60
CA GLY PB 117 -66.88 31.66 50.32
C GLY PB 117 -66.75 30.15 50.38
N ILE PB 118 -65.55 29.64 50.11
CA ILE PB 118 -65.34 28.20 50.00
C ILE PB 118 -65.62 27.50 51.33
N GLY PB 119 -65.23 28.13 52.43
CA GLY PB 119 -65.39 27.53 53.75
C GLY PB 119 -66.80 27.70 54.29
N ALA PB 120 -66.90 27.50 55.61
CA ALA PB 120 -68.18 27.52 56.32
C ALA PB 120 -69.12 26.44 55.76
N THR PB 121 -68.65 25.20 55.83
CA THR PB 121 -69.42 24.05 55.37
C THR PB 121 -70.31 23.49 56.47
N SER QB 1 -40.74 -14.62 133.04
CA SER QB 1 -41.04 -13.36 133.71
C SER QB 1 -40.44 -12.18 132.93
N LYS QB 2 -39.17 -11.88 133.20
CA LYS QB 2 -38.47 -10.76 132.58
C LYS QB 2 -37.52 -11.22 131.49
N GLY QB 3 -37.91 -12.25 130.73
CA GLY QB 3 -37.08 -12.77 129.66
C GLY QB 3 -36.82 -11.74 128.59
N PRO QB 4 -35.60 -11.71 128.05
CA PRO QB 4 -35.27 -10.75 127.00
C PRO QB 4 -35.55 -11.26 125.59
N LEU QB 5 -35.86 -10.33 124.68
CA LEU QB 5 -36.04 -10.56 123.25
C LEU QB 5 -37.03 -11.67 122.90
N GLN QB 6 -38.22 -11.67 123.50
CA GLN QB 6 -39.33 -12.46 122.97
C GLN QB 6 -40.21 -11.62 122.06
N SER QB 7 -39.64 -11.07 120.99
CA SER QB 7 -40.35 -10.16 120.12
C SER QB 7 -40.24 -10.60 118.67
N VAL QB 8 -41.29 -10.33 117.91
CA VAL QB 8 -41.31 -10.55 116.47
C VAL QB 8 -41.73 -9.25 115.80
N GLN QB 9 -41.21 -9.04 114.59
CA GLN QB 9 -41.51 -7.84 113.83
C GLN QB 9 -41.71 -8.23 112.38
N VAL QB 10 -42.82 -7.79 111.78
CA VAL QB 10 -43.27 -8.25 110.48
C VAL QB 10 -43.55 -7.02 109.61
N PHE QB 11 -44.07 -7.25 108.41
CA PHE QB 11 -44.51 -6.17 107.54
C PHE QB 11 -45.61 -6.68 106.63
N GLY QB 12 -46.43 -5.74 106.16
CA GLY QB 12 -47.40 -6.03 105.13
C GLY QB 12 -47.68 -4.77 104.32
N ARG QB 13 -48.00 -4.96 103.04
CA ARG QB 13 -48.22 -3.84 102.15
C ARG QB 13 -49.54 -4.02 101.41
N LYS QB 14 -50.16 -2.88 101.07
CA LYS QB 14 -51.30 -2.84 100.15
C LYS QB 14 -50.99 -1.79 99.08
N LYS QB 15 -50.21 -2.21 98.10
CA LYS QB 15 -50.06 -1.60 96.78
C LYS QB 15 -49.30 -0.28 96.76
N THR QB 16 -49.12 0.38 97.90
CA THR QB 16 -47.97 1.27 98.06
C THR QB 16 -47.49 1.29 99.51
N ALA QB 17 -48.43 1.03 100.42
CA ALA QB 17 -48.27 1.39 101.82
C ALA QB 17 -47.70 0.20 102.59
N THR QB 18 -46.49 0.36 103.12
CA THR QB 18 -45.82 -0.70 103.86
C THR QB 18 -46.03 -0.46 105.36
N ALA QB 19 -46.85 -1.29 105.98
CA ALA QB 19 -47.10 -1.24 107.42
C ALA QB 19 -46.27 -2.33 108.08
N VAL QB 20 -45.39 -1.91 108.98
CA VAL QB 20 -44.50 -2.82 109.69
C VAL QB 20 -45.00 -2.93 111.12
N ALA QB 21 -45.38 -4.14 111.53
CA ALA QB 21 -45.95 -4.38 112.85
C ALA QB 21 -44.93 -5.05 113.74
N HIS QB 22 -44.71 -4.46 114.92
CA HIS QB 22 -43.81 -5.02 115.92
C HIS QB 22 -44.62 -5.60 117.06
N CYS QB 23 -44.32 -6.85 117.41
CA CYS QB 23 -45.03 -7.57 118.46
C CYS QB 23 -44.05 -8.01 119.53
N LYS QB 24 -44.32 -7.62 120.78
CA LYS QB 24 -43.55 -8.07 121.92
C LYS QB 24 -44.51 -8.64 122.96
N ARG QB 25 -43.99 -9.52 123.81
CA ARG QB 25 -44.79 -10.06 124.88
C ARG QB 25 -45.14 -8.96 125.87
N GLY QB 26 -46.43 -8.77 126.10
CA GLY QB 26 -46.91 -7.75 127.01
C GLY QB 26 -48.39 -7.89 127.24
N ASN QB 27 -48.98 -6.89 127.87
CA ASN QB 27 -50.39 -6.94 128.27
C ASN QB 27 -51.20 -6.01 127.36
N GLY QB 28 -51.55 -6.50 126.18
CA GLY QB 28 -52.54 -5.87 125.32
C GLY QB 28 -52.30 -4.43 124.91
N LEU QB 29 -51.08 -4.08 124.51
CA LEU QB 29 -50.81 -2.75 123.97
C LEU QB 29 -51.18 -2.75 122.50
N ILE QB 30 -52.23 -2.00 122.14
CA ILE QB 30 -52.77 -2.02 120.79
C ILE QB 30 -52.82 -0.57 120.31
N LYS QB 31 -51.77 -0.14 119.62
CA LYS QB 31 -51.71 1.23 119.12
C LYS QB 31 -50.99 1.25 117.78
N VAL QB 32 -51.34 2.21 116.93
CA VAL QB 32 -50.80 2.34 115.59
C VAL QB 32 -50.26 3.75 115.41
N ASN QB 33 -49.00 3.85 114.98
CA ASN QB 33 -48.34 5.14 114.81
C ASN QB 33 -48.43 5.97 116.09
N GLY QB 34 -48.30 5.29 117.23
CA GLY QB 34 -48.44 5.95 118.52
C GLY QB 34 -49.87 6.04 118.98
N ARG QB 35 -50.79 6.28 118.05
CA ARG QB 35 -52.18 6.47 118.39
C ARG QB 35 -52.91 5.13 118.42
N PRO QB 36 -54.00 5.03 119.19
CA PRO QB 36 -54.76 3.77 119.22
C PRO QB 36 -55.42 3.51 117.89
N LEU QB 37 -55.75 2.24 117.65
CA LEU QB 37 -56.32 1.89 116.35
C LEU QB 37 -57.80 2.23 116.24
N GLU QB 38 -58.44 2.66 117.33
CA GLU QB 38 -59.78 3.19 117.26
C GLU QB 38 -59.80 4.70 117.04
N MET QB 39 -58.73 5.25 116.48
CA MET QB 39 -58.48 6.69 116.54
C MET QB 39 -58.02 7.21 115.17
N ILE QB 40 -58.52 6.60 114.10
CA ILE QB 40 -57.93 6.79 112.78
C ILE QB 40 -59.02 7.28 111.82
N GLU QB 41 -58.68 7.32 110.54
CA GLU QB 41 -59.40 7.83 109.38
C GLU QB 41 -60.84 7.30 109.33
N PRO QB 42 -61.71 7.83 108.46
CA PRO QB 42 -62.99 8.41 108.95
C PRO QB 42 -63.75 7.66 110.02
N ARG QB 43 -63.40 6.41 110.30
CA ARG QB 43 -64.16 5.45 111.07
C ARG QB 43 -65.29 4.86 110.25
N THR QB 44 -65.49 5.33 109.02
CA THR QB 44 -66.35 4.60 108.10
C THR QB 44 -65.83 3.20 107.89
N LEU QB 45 -64.52 3.02 107.92
CA LEU QB 45 -63.91 1.69 107.89
C LEU QB 45 -63.13 1.43 109.19
N GLN QB 46 -63.54 2.04 110.29
CA GLN QB 46 -62.93 1.70 111.57
C GLN QB 46 -63.13 0.23 111.88
N TYR QB 47 -64.35 -0.26 111.70
CA TYR QB 47 -64.71 -1.61 112.06
C TYR QB 47 -64.30 -2.58 110.96
N LYS QB 48 -63.90 -2.04 109.81
CA LYS QB 48 -63.14 -2.81 108.83
C LYS QB 48 -61.76 -3.17 109.37
N LEU QB 49 -61.05 -2.17 109.90
CA LEU QB 49 -59.66 -2.36 110.29
C LEU QB 49 -59.54 -3.14 111.59
N LEU QB 50 -60.43 -2.87 112.56
CA LEU QB 50 -60.41 -3.56 113.83
C LEU QB 50 -61.04 -4.95 113.76
N GLU QB 51 -61.25 -5.49 112.56
CA GLU QB 51 -61.87 -6.79 112.42
C GLU QB 51 -61.04 -7.94 113.01
N PRO QB 52 -59.72 -8.03 112.82
CA PRO QB 52 -59.00 -9.20 113.37
C PRO QB 52 -59.11 -9.31 114.87
N VAL QB 53 -59.07 -8.19 115.59
CA VAL QB 53 -59.17 -8.24 117.05
C VAL QB 53 -60.57 -8.64 117.47
N LEU QB 54 -61.55 -8.53 116.57
CA LEU QB 54 -62.92 -8.90 116.92
C LEU QB 54 -63.14 -10.40 116.87
N LEU QB 55 -62.85 -11.01 115.72
CA LEU QB 55 -63.21 -12.41 115.53
C LEU QB 55 -62.16 -13.36 116.11
N LEU QB 56 -61.05 -12.82 116.62
CA LEU QB 56 -60.10 -13.65 117.34
C LEU QB 56 -60.24 -13.47 118.85
N GLY QB 57 -60.56 -12.26 119.29
CA GLY QB 57 -60.81 -12.02 120.70
C GLY QB 57 -59.63 -11.48 121.46
N LYS QB 58 -59.91 -10.72 122.52
CA LYS QB 58 -58.85 -10.09 123.31
C LYS QB 58 -58.04 -11.10 124.10
N GLU QB 59 -58.48 -12.36 124.18
CA GLU QB 59 -57.77 -13.32 125.01
C GLU QB 59 -56.42 -13.71 124.43
N ARG QB 60 -56.16 -13.37 123.17
CA ARG QB 60 -54.87 -13.64 122.56
C ARG QB 60 -54.01 -12.39 122.39
N PHE QB 61 -54.62 -11.26 122.04
CA PHE QB 61 -53.90 -9.99 122.02
C PHE QB 61 -53.57 -9.50 123.43
N ALA QB 62 -54.10 -10.16 124.47
CA ALA QB 62 -53.69 -9.83 125.82
C ALA QB 62 -52.23 -10.19 126.06
N GLY QB 63 -51.67 -11.07 125.23
CA GLY QB 63 -50.28 -11.45 125.36
C GLY QB 63 -49.39 -10.90 124.26
N VAL QB 64 -49.63 -9.66 123.83
CA VAL QB 64 -48.89 -9.07 122.73
C VAL QB 64 -49.06 -7.55 122.76
N ASP QB 65 -48.16 -6.85 122.07
CA ASP QB 65 -48.01 -5.39 122.12
C ASP QB 65 -47.87 -4.79 120.73
N ILE QB 66 -48.80 -5.08 119.82
CA ILE QB 66 -48.69 -4.58 118.46
C ILE QB 66 -48.41 -3.09 118.43
N ARG QB 67 -47.28 -2.73 117.83
CA ARG QB 67 -46.99 -1.35 117.45
C ARG QB 67 -46.58 -1.36 115.99
N VAL QB 68 -47.27 -0.58 115.17
CA VAL QB 68 -47.06 -0.59 113.73
C VAL QB 68 -46.76 0.82 113.24
N ARG QB 69 -45.72 0.95 112.43
CA ARG QB 69 -45.36 2.19 111.78
C ARG QB 69 -45.76 2.10 110.31
N VAL QB 70 -46.11 3.24 109.72
CA VAL QB 70 -46.62 3.28 108.36
C VAL QB 70 -45.85 4.33 107.59
N LYS QB 71 -45.68 4.10 106.28
CA LYS QB 71 -45.01 5.04 105.40
C LYS QB 71 -45.50 4.82 103.99
N GLY QB 72 -45.95 5.89 103.35
CA GLY QB 72 -46.44 5.79 101.98
C GLY QB 72 -47.86 5.27 101.91
N GLY QB 73 -48.39 5.32 100.69
CA GLY QB 73 -49.72 4.80 100.42
C GLY QB 73 -50.79 5.87 100.45
N GLY QB 74 -52.01 5.43 100.15
CA GLY QB 74 -53.17 6.28 100.24
C GLY QB 74 -53.91 6.08 101.55
N HIS QB 75 -55.09 6.70 101.64
CA HIS QB 75 -55.89 6.61 102.85
C HIS QB 75 -56.32 5.17 103.12
N VAL QB 76 -57.14 4.61 102.24
CA VAL QB 76 -57.60 3.25 102.47
C VAL QB 76 -56.47 2.25 102.26
N ALA QB 77 -55.56 2.54 101.33
CA ALA QB 77 -54.43 1.63 101.11
C ALA QB 77 -53.59 1.48 102.37
N GLN QB 78 -53.57 2.52 103.21
CA GLN QB 78 -52.90 2.39 104.49
C GLN QB 78 -53.62 1.39 105.40
N ILE QB 79 -54.93 1.56 105.56
CA ILE QB 79 -55.63 0.76 106.57
C ILE QB 79 -55.69 -0.69 106.17
N TYR QB 80 -55.66 -0.99 104.87
CA TYR QB 80 -55.48 -2.37 104.45
C TYR QB 80 -54.12 -2.90 104.86
N ALA QB 81 -53.09 -2.07 104.73
CA ALA QB 81 -51.76 -2.48 105.18
C ALA QB 81 -51.73 -2.70 106.68
N ILE QB 82 -52.49 -1.90 107.44
CA ILE QB 82 -52.52 -2.07 108.88
C ILE QB 82 -53.07 -3.43 109.25
N ARG QB 83 -54.27 -3.75 108.76
CA ARG QB 83 -54.92 -5.00 109.13
C ARG QB 83 -54.13 -6.21 108.64
N GLN QB 84 -53.57 -6.13 107.43
CA GLN QB 84 -52.79 -7.25 106.92
C GLN QB 84 -51.50 -7.44 107.70
N SER QB 85 -50.82 -6.35 108.05
CA SER QB 85 -49.56 -6.46 108.78
C SER QB 85 -49.78 -7.06 110.17
N ILE QB 86 -50.80 -6.61 110.88
CA ILE QB 86 -51.01 -7.10 112.23
C ILE QB 86 -51.47 -8.54 112.25
N SER QB 87 -52.14 -9.01 111.18
CA SER QB 87 -52.47 -10.42 111.09
C SER QB 87 -51.23 -11.26 110.81
N LYS QB 88 -50.38 -10.80 109.89
CA LYS QB 88 -49.10 -11.46 109.67
C LYS QB 88 -48.23 -11.41 110.91
N ALA QB 89 -48.33 -10.34 111.70
CA ALA QB 89 -47.59 -10.27 112.95
C ALA QB 89 -48.04 -11.35 113.92
N LEU QB 90 -49.35 -11.56 114.00
CA LEU QB 90 -49.90 -12.48 114.99
C LEU QB 90 -49.48 -13.91 114.69
N VAL QB 91 -49.56 -14.33 113.43
CA VAL QB 91 -49.16 -15.68 113.07
C VAL QB 91 -47.65 -15.84 113.19
N ALA QB 92 -46.88 -14.80 112.87
CA ALA QB 92 -45.43 -14.87 113.06
C ALA QB 92 -45.09 -15.02 114.54
N TYR QB 93 -45.77 -14.27 115.41
CA TYR QB 93 -45.62 -14.49 116.84
C TYR QB 93 -46.13 -15.86 117.24
N TYR QB 94 -47.13 -16.37 116.52
CA TYR QB 94 -47.67 -17.68 116.85
C TYR QB 94 -46.88 -18.79 116.18
N GLN QB 95 -45.88 -18.43 115.37
CA GLN QB 95 -44.92 -19.41 114.91
C GLN QB 95 -43.64 -19.34 115.73
N LYS QB 96 -43.12 -18.13 115.95
CA LYS QB 96 -41.80 -17.98 116.56
C LYS QB 96 -41.78 -18.51 117.99
N TYR QB 97 -42.72 -18.09 118.83
CA TYR QB 97 -42.62 -18.36 120.26
C TYR QB 97 -43.62 -19.38 120.75
N VAL QB 98 -44.91 -19.12 120.60
CA VAL QB 98 -45.90 -20.11 121.02
C VAL QB 98 -46.02 -21.19 119.95
N ASP QB 99 -46.30 -22.41 120.40
CA ASP QB 99 -46.29 -23.57 119.50
C ASP QB 99 -47.25 -23.36 118.34
N GLU QB 100 -46.80 -23.72 117.14
CA GLU QB 100 -47.49 -23.41 115.90
C GLU QB 100 -48.72 -24.24 115.68
N ALA QB 101 -48.96 -25.33 116.40
CA ALA QB 101 -50.23 -26.04 116.26
C ALA QB 101 -51.39 -25.09 116.49
N SER QB 102 -51.24 -24.17 117.45
CA SER QB 102 -52.23 -23.14 117.67
C SER QB 102 -52.32 -22.17 116.50
N LYS QB 103 -51.18 -21.83 115.89
CA LYS QB 103 -51.19 -20.87 114.79
C LYS QB 103 -51.95 -21.42 113.58
N LYS QB 104 -51.96 -22.75 113.43
CA LYS QB 104 -52.77 -23.35 112.38
C LYS QB 104 -54.24 -23.07 112.62
N GLU QB 105 -54.67 -23.04 113.88
CA GLU QB 105 -56.07 -22.84 114.20
C GLU QB 105 -56.52 -21.40 113.99
N ILE QB 106 -55.60 -20.46 113.78
CA ILE QB 106 -55.98 -19.07 113.60
C ILE QB 106 -55.75 -18.69 112.15
N LYS QB 107 -54.81 -19.37 111.49
CA LYS QB 107 -54.51 -19.05 110.11
C LYS QB 107 -55.60 -19.53 109.19
N ASP QB 108 -56.19 -20.69 109.49
CA ASP QB 108 -57.32 -21.14 108.69
C ASP QB 108 -58.44 -20.11 108.73
N ILE QB 109 -59.00 -19.86 109.91
CA ILE QB 109 -60.16 -18.98 110.03
C ILE QB 109 -59.89 -17.63 109.40
N LEU QB 110 -58.63 -17.20 109.42
CA LEU QB 110 -58.26 -15.94 108.77
C LEU QB 110 -58.19 -16.08 107.25
N ILE QB 111 -58.26 -17.30 106.72
CA ILE QB 111 -57.95 -17.48 105.30
C ILE QB 111 -59.18 -17.80 104.45
N GLN QB 112 -60.25 -18.35 105.01
CA GLN QB 112 -61.48 -18.44 104.23
C GLN QB 112 -62.36 -17.23 104.45
N TYR QB 113 -61.95 -16.31 105.32
CA TYR QB 113 -62.58 -15.01 105.46
C TYR QB 113 -61.54 -13.98 105.05
N ASP QB 114 -61.77 -13.32 103.92
CA ASP QB 114 -60.96 -12.19 103.48
C ASP QB 114 -59.48 -12.61 103.37
N ARG QB 115 -59.23 -13.50 102.40
CA ARG QB 115 -57.92 -14.11 102.26
C ARG QB 115 -56.80 -13.08 102.13
N THR QB 116 -57.12 -11.85 101.77
CA THR QB 116 -56.08 -10.83 101.63
C THR QB 116 -55.48 -10.41 102.97
N LEU QB 117 -56.02 -10.90 104.09
CA LEU QB 117 -55.40 -10.62 105.38
C LEU QB 117 -53.98 -11.17 105.46
N LEU QB 118 -53.64 -12.17 104.65
CA LEU QB 118 -52.32 -12.76 104.64
C LEU QB 118 -51.60 -12.58 103.32
N VAL QB 119 -52.22 -12.95 102.21
CA VAL QB 119 -51.56 -12.82 100.91
C VAL QB 119 -51.70 -11.39 100.42
N ALA QB 120 -50.56 -10.75 100.17
CA ALA QB 120 -50.58 -9.39 99.68
C ALA QB 120 -51.15 -9.33 98.26
N ASP QB 121 -51.82 -8.23 97.95
CA ASP QB 121 -52.39 -8.03 96.62
C ASP QB 121 -51.24 -7.78 95.64
N PRO QB 122 -51.18 -8.49 94.51
CA PRO QB 122 -50.05 -8.29 93.60
C PRO QB 122 -50.20 -7.10 92.68
N ARG QB 123 -51.36 -6.44 92.68
CA ARG QB 123 -51.65 -5.41 91.70
C ARG QB 123 -51.26 -4.04 92.24
N ARG QB 124 -50.36 -3.35 91.53
CA ARG QB 124 -50.01 -1.97 91.86
C ARG QB 124 -50.75 -0.96 91.00
N CYS QB 125 -50.43 -0.94 89.71
CA CYS QB 125 -50.87 0.08 88.76
C CYS QB 125 -50.27 -0.25 87.40
N GLU QB 126 -50.62 0.50 86.36
CA GLU QB 126 -49.92 0.34 85.08
C GLU QB 126 -49.74 1.70 84.42
N SER QB 127 -48.68 1.78 83.62
CA SER QB 127 -48.24 3.05 83.07
C SER QB 127 -49.20 3.59 82.03
N LYS QB 128 -49.30 4.91 81.96
CA LYS QB 128 -50.12 5.58 80.96
C LYS QB 128 -49.36 5.65 79.64
N LYS QB 129 -50.01 5.25 78.56
CA LYS QB 129 -49.35 5.26 77.26
C LYS QB 129 -49.48 6.64 76.62
N PHE QB 130 -48.64 6.89 75.61
CA PHE QB 130 -48.56 8.18 74.96
C PHE QB 130 -49.61 8.40 73.91
N GLY QB 131 -50.68 7.66 73.93
CA GLY QB 131 -51.71 8.10 72.97
C GLY QB 131 -53.05 8.44 73.63
N GLY QB 132 -53.10 8.48 74.97
CA GLY QB 132 -54.31 8.87 75.64
C GLY QB 132 -54.06 9.42 77.03
N PRO QB 133 -55.14 9.73 77.74
CA PRO QB 133 -54.98 10.32 79.08
C PRO QB 133 -54.53 9.29 80.10
N GLY QB 134 -55.11 8.09 80.03
CA GLY QB 134 -54.80 7.02 80.95
C GLY QB 134 -53.97 5.93 80.31
N ALA QB 135 -54.07 4.73 80.89
CA ALA QB 135 -53.30 3.60 80.40
C ALA QB 135 -54.01 2.92 79.25
N ARG QB 136 -55.30 2.62 79.42
CA ARG QB 136 -56.03 1.89 78.40
C ARG QB 136 -56.82 2.78 77.47
N ALA QB 137 -57.50 3.80 77.98
CA ALA QB 137 -58.26 4.69 77.12
C ALA QB 137 -57.31 5.60 76.33
N ARG QB 138 -57.77 6.05 75.16
CA ARG QB 138 -57.03 7.02 74.37
C ARG QB 138 -57.93 8.23 74.12
N TYR QB 139 -57.33 9.32 73.65
CA TYR QB 139 -58.12 10.51 73.38
C TYR QB 139 -59.13 10.23 72.28
N GLN QB 140 -60.22 10.98 72.31
CA GLN QB 140 -61.26 10.83 71.31
C GLN QB 140 -60.75 11.28 69.95
N LYS QB 141 -61.08 10.50 68.93
CA LYS QB 141 -60.64 10.78 67.56
C LYS QB 141 -61.86 11.05 66.69
N SER QB 142 -61.71 12.01 65.77
CA SER QB 142 -62.77 12.37 64.84
C SER QB 142 -62.14 12.48 63.45
N TYR QB 143 -62.83 11.95 62.44
CA TYR QB 143 -62.28 11.88 61.10
C TYR QB 143 -63.26 12.29 60.00
N ARG QB 144 -63.92 13.44 60.15
CA ARG QB 144 -64.71 13.99 59.04
C ARG QB 144 -64.66 15.52 59.06
N MET RB 1 -87.25 29.53 115.31
CA MET RB 1 -87.21 29.65 116.77
C MET RB 1 -88.36 30.51 117.28
N SER RB 2 -88.84 31.42 116.44
CA SER RB 2 -89.93 32.30 116.86
C SER RB 2 -91.26 31.59 116.65
N LEU RB 3 -92.12 31.67 117.67
CA LEU RB 3 -93.42 31.02 117.62
C LEU RB 3 -94.25 31.52 116.45
N VAL RB 4 -94.12 32.79 116.09
CA VAL RB 4 -94.80 33.39 114.96
C VAL RB 4 -93.81 34.33 114.28
N ILE RB 5 -94.18 34.82 113.11
CA ILE RB 5 -93.33 35.76 112.38
C ILE RB 5 -93.41 37.12 113.06
N PRO RB 6 -92.28 37.70 113.48
CA PRO RB 6 -92.33 39.02 114.10
C PRO RB 6 -93.08 40.04 113.27
N GLU RB 7 -93.71 40.99 113.96
CA GLU RB 7 -94.44 42.05 113.29
C GLU RB 7 -93.50 42.92 112.46
N LYS RB 8 -92.28 43.12 112.91
CA LYS RB 8 -91.32 43.93 112.18
C LYS RB 8 -90.62 43.16 111.08
N PHE RB 9 -90.91 41.86 110.93
CA PHE RB 9 -90.31 41.10 109.85
C PHE RB 9 -90.83 41.61 108.52
N GLN RB 10 -89.91 41.96 107.64
CA GLN RB 10 -90.24 42.51 106.33
C GLN RB 10 -90.00 41.45 105.26
N HIS RB 11 -91.05 41.14 104.49
CA HIS RB 11 -90.85 40.27 103.34
C HIS RB 11 -89.92 40.91 102.33
N ILE RB 12 -90.05 42.22 102.14
CA ILE RB 12 -89.16 42.98 101.27
C ILE RB 12 -88.66 44.19 102.03
N LEU RB 13 -87.49 44.68 101.62
CA LEU RB 13 -86.92 45.92 102.13
C LEU RB 13 -86.53 46.79 100.95
N ARG RB 14 -86.68 48.10 101.10
CA ARG RB 14 -86.53 49.04 100.01
C ARG RB 14 -85.32 49.95 100.24
N VAL RB 15 -84.22 49.36 100.67
CA VAL RB 15 -83.02 50.12 100.99
C VAL RB 15 -82.33 50.57 99.69
N LEU RB 16 -81.56 51.64 99.81
CA LEU RB 16 -80.81 52.21 98.69
C LEU RB 16 -81.74 52.55 97.54
N ASN RB 17 -81.59 51.85 96.42
CA ASN RB 17 -82.42 52.10 95.26
C ASN RB 17 -82.90 50.81 94.61
N THR RB 18 -83.20 49.79 95.40
CA THR RB 18 -83.81 48.57 94.92
C THR RB 18 -84.44 47.84 96.10
N ASN RB 19 -85.08 46.72 95.82
CA ASN RB 19 -85.81 45.96 96.83
C ASN RB 19 -85.04 44.69 97.17
N ILE RB 20 -84.90 44.44 98.47
CA ILE RB 20 -84.12 43.33 98.99
C ILE RB 20 -85.09 42.31 99.57
N ASP RB 21 -84.93 41.04 99.19
CA ASP RB 21 -85.72 39.96 99.75
C ASP RB 21 -85.26 39.70 101.19
N GLY RB 22 -86.23 39.56 102.09
CA GLY RB 22 -85.92 39.36 103.48
C GLY RB 22 -85.97 37.93 103.95
N ARG RB 23 -86.53 37.04 103.13
CA ARG RB 23 -86.64 35.63 103.53
C ARG RB 23 -85.27 34.97 103.64
N ARG RB 24 -84.34 35.35 102.77
CA ARG RB 24 -83.02 34.75 102.76
C ARG RB 24 -82.16 35.29 103.89
N LYS RB 25 -80.96 34.72 104.02
CA LYS RB 25 -80.03 35.12 105.08
C LYS RB 25 -79.60 36.57 104.92
N ILE RB 26 -79.19 37.18 106.03
CA ILE RB 26 -78.92 38.60 106.04
C ILE RB 26 -77.70 38.93 105.19
N ALA RB 27 -76.60 38.18 105.33
CA ALA RB 27 -75.40 38.48 104.57
C ALA RB 27 -75.63 38.26 103.08
N PHE RB 28 -76.38 37.21 102.73
CA PHE RB 28 -76.66 36.92 101.34
C PHE RB 28 -77.90 37.62 100.83
N ALA RB 29 -78.50 38.50 101.62
CA ALA RB 29 -79.57 39.37 101.14
C ALA RB 29 -79.04 40.72 100.68
N ILE RB 30 -78.34 41.44 101.57
CA ILE RB 30 -77.84 42.75 101.19
C ILE RB 30 -76.72 42.62 100.18
N THR RB 31 -76.38 41.40 99.77
CA THR RB 31 -75.58 41.23 98.56
C THR RB 31 -76.41 41.43 97.30
N ALA RB 32 -77.73 41.60 97.42
CA ALA RB 32 -78.58 41.83 96.27
C ALA RB 32 -78.39 43.20 95.65
N ILE RB 33 -77.99 44.21 96.43
CA ILE RB 33 -77.67 45.50 95.85
C ILE RB 33 -76.36 45.39 95.07
N LYS RB 34 -76.19 46.28 94.09
CA LYS RB 34 -74.99 46.27 93.29
C LYS RB 34 -73.79 46.71 94.12
N GLY RB 35 -72.60 46.37 93.65
CA GLY RB 35 -71.39 46.86 94.26
C GLY RB 35 -70.94 46.12 95.52
N VAL RB 36 -71.72 45.16 96.01
CA VAL RB 36 -71.39 44.44 97.23
C VAL RB 36 -71.44 42.95 96.97
N GLY RB 37 -70.36 42.25 97.32
CA GLY RB 37 -70.32 40.81 97.26
C GLY RB 37 -70.49 40.17 98.63
N ARG RB 38 -70.31 38.85 98.65
CA ARG RB 38 -70.43 38.12 99.91
C ARG RB 38 -69.35 38.52 100.88
N ARG RB 39 -68.12 38.73 100.39
CA ARG RB 39 -67.05 39.17 101.27
C ARG RB 39 -67.34 40.56 101.82
N TYR RB 40 -67.85 41.46 100.98
CA TYR RB 40 -68.19 42.79 101.47
C TYR RB 40 -69.39 42.74 102.40
N ALA RB 41 -70.36 41.89 102.11
CA ALA RB 41 -71.52 41.78 102.98
C ALA RB 41 -71.10 41.32 104.37
N HIS RB 42 -70.27 40.29 104.46
CA HIS RB 42 -69.89 39.75 105.75
C HIS RB 42 -69.04 40.74 106.56
N VAL RB 43 -68.12 41.43 105.89
CA VAL RB 43 -67.24 42.35 106.62
C VAL RB 43 -68.03 43.51 107.17
N VAL RB 44 -69.07 43.96 106.45
CA VAL RB 44 -69.94 45.00 106.98
C VAL RB 44 -70.69 44.47 108.20
N LEU RB 45 -71.26 43.27 108.09
CA LEU RB 45 -72.06 42.72 109.19
C LEU RB 45 -71.22 42.53 110.44
N ARG RB 46 -70.00 42.01 110.27
CA ARG RB 46 -69.10 41.88 111.41
C ARG RB 46 -68.75 43.23 112.00
N LYS RB 47 -68.46 44.22 111.14
CA LYS RB 47 -68.24 45.57 111.61
C LYS RB 47 -69.53 46.22 112.10
N ALA RB 48 -70.69 45.74 111.65
CA ALA RB 48 -71.96 46.21 112.17
C ALA RB 48 -72.26 45.69 113.56
N ASP RB 49 -71.53 44.68 114.01
CA ASP RB 49 -71.70 44.09 115.34
C ASP RB 49 -73.15 43.65 115.57
N ILE RB 50 -73.61 42.77 114.68
CA ILE RB 50 -74.93 42.17 114.82
C ILE RB 50 -74.83 40.72 114.35
N ASP RB 51 -75.80 39.92 114.79
CA ASP RB 51 -75.76 38.48 114.53
C ASP RB 51 -75.93 38.20 113.04
N LEU RB 52 -75.30 37.12 112.57
CA LEU RB 52 -75.35 36.75 111.16
C LEU RB 52 -76.27 35.57 110.85
N THR RB 53 -76.49 34.68 111.82
CA THR RB 53 -77.36 33.53 111.53
C THR RB 53 -78.81 33.95 111.38
N LYS RB 54 -79.15 35.18 111.74
CA LYS RB 54 -80.50 35.70 111.62
C LYS RB 54 -80.81 36.06 110.18
N ARG RB 55 -82.08 35.92 109.81
CA ARG RB 55 -82.52 36.20 108.45
C ARG RB 55 -82.72 37.70 108.27
N ALA RB 56 -82.61 38.15 107.01
CA ALA RB 56 -82.64 39.58 106.73
C ALA RB 56 -84.01 40.18 107.02
N GLY RB 57 -85.08 39.39 106.84
CA GLY RB 57 -86.40 39.91 107.11
C GLY RB 57 -86.59 40.34 108.54
N GLU RB 58 -85.91 39.66 109.48
CA GLU RB 58 -86.09 39.96 110.88
C GLU RB 58 -85.52 41.32 111.27
N LEU RB 59 -84.41 41.73 110.68
CA LEU RB 59 -83.65 42.88 111.15
C LEU RB 59 -84.55 44.10 111.33
N THR RB 60 -84.62 44.61 112.55
CA THR RB 60 -85.43 45.78 112.84
C THR RB 60 -84.77 47.01 112.23
N GLU RB 61 -85.36 48.18 112.44
CA GLU RB 61 -84.94 49.36 111.70
C GLU RB 61 -83.54 49.82 112.07
N ASP RB 62 -83.17 49.71 113.36
CA ASP RB 62 -81.97 50.39 113.83
C ASP RB 62 -80.72 49.90 113.11
N GLU RB 63 -80.59 48.59 112.92
CA GLU RB 63 -79.43 48.09 112.18
C GLU RB 63 -79.51 48.39 110.70
N VAL RB 64 -80.70 48.62 110.16
CA VAL RB 64 -80.82 48.97 108.75
C VAL RB 64 -80.02 50.24 108.49
N GLU RB 65 -80.41 51.36 109.11
CA GLU RB 65 -79.62 52.58 108.89
C GLU RB 65 -78.23 52.47 109.49
N ARG RB 66 -78.00 51.48 110.36
CA ARG RB 66 -76.65 51.22 110.83
C ARG RB 66 -75.78 50.64 109.72
N VAL RB 67 -76.31 49.66 108.99
CA VAL RB 67 -75.49 49.07 107.93
C VAL RB 67 -75.34 50.05 106.78
N ILE RB 68 -76.40 50.78 106.42
CA ILE RB 68 -76.30 51.68 105.27
C ILE RB 68 -75.21 52.72 105.52
N THR RB 69 -75.25 53.39 106.67
CA THR RB 69 -74.20 54.36 106.96
C THR RB 69 -72.83 53.70 107.03
N ILE RB 70 -72.77 52.41 107.34
CA ILE RB 70 -71.47 51.72 107.37
C ILE RB 70 -70.85 51.70 105.99
N MET RB 71 -71.64 51.30 104.98
CA MET RB 71 -71.12 51.23 103.63
C MET RB 71 -71.09 52.58 102.92
N GLN RB 72 -71.72 53.63 103.47
CA GLN RB 72 -71.54 54.95 102.89
C GLN RB 72 -70.13 55.47 103.14
N ASN RB 73 -69.67 55.41 104.39
CA ASN RB 73 -68.38 55.99 104.78
C ASN RB 73 -67.60 54.99 105.63
N PRO RB 74 -67.01 53.98 105.00
CA PRO RB 74 -66.21 52.99 105.74
C PRO RB 74 -64.73 53.28 105.82
N ARG RB 75 -64.20 54.25 105.08
CA ARG RB 75 -62.77 54.52 105.05
C ARG RB 75 -62.25 54.86 106.44
N GLN RB 76 -62.77 55.94 107.03
CA GLN RB 76 -62.38 56.29 108.39
C GLN RB 76 -62.97 55.32 109.41
N TYR RB 77 -63.80 54.39 108.97
CA TYR RB 77 -64.58 53.53 109.87
C TYR RB 77 -63.94 52.15 109.96
N LYS RB 78 -62.61 52.10 109.81
CA LYS RB 78 -61.82 50.87 109.98
C LYS RB 78 -62.29 49.75 109.04
N ILE RB 79 -62.53 50.10 107.79
CA ILE RB 79 -62.68 49.13 106.71
C ILE RB 79 -61.43 49.26 105.85
N PRO RB 80 -60.72 48.17 105.58
CA PRO RB 80 -59.39 48.30 104.95
C PRO RB 80 -59.48 48.86 103.55
N ASP RB 81 -58.40 49.54 103.17
CA ASP RB 81 -58.32 50.22 101.89
C ASP RB 81 -58.52 49.27 100.72
N TRP RB 82 -58.22 48.00 100.91
CA TRP RB 82 -58.22 47.03 99.83
C TRP RB 82 -59.53 46.26 99.71
N PHE RB 83 -60.59 46.74 100.34
CA PHE RB 83 -61.92 46.19 100.13
C PHE RB 83 -62.76 46.96 99.13
N LEU RB 84 -62.50 48.26 98.96
CA LEU RB 84 -63.42 49.13 98.27
C LEU RB 84 -63.40 48.85 96.76
N ASN RB 85 -64.13 49.68 96.02
CA ASN RB 85 -64.19 49.57 94.57
C ASN RB 85 -63.48 50.70 93.85
N ARG RB 86 -63.87 51.94 94.12
CA ARG RB 86 -63.25 53.09 93.45
C ARG RB 86 -62.11 53.64 94.30
N GLN RB 87 -61.17 52.77 94.65
CA GLN RB 87 -59.95 53.23 95.29
C GLN RB 87 -59.09 53.96 94.27
N LYS RB 88 -58.57 55.10 94.66
CA LYS RB 88 -57.75 55.96 93.79
C LYS RB 88 -58.49 56.22 92.48
N ASP RB 89 -59.65 56.86 92.63
CA ASP RB 89 -60.51 57.11 91.47
C ASP RB 89 -59.78 57.97 90.45
N VAL RB 90 -60.01 57.63 89.17
CA VAL RB 90 -59.31 58.29 88.07
C VAL RB 90 -59.80 59.71 87.85
N LYS RB 91 -60.75 60.18 88.65
CA LYS RB 91 -61.20 61.57 88.57
C LYS RB 91 -60.83 62.38 89.80
N ASP RB 92 -61.19 61.93 91.00
CA ASP RB 92 -60.90 62.68 92.21
C ASP RB 92 -59.84 62.05 93.10
N GLY RB 93 -59.34 60.87 92.77
CA GLY RB 93 -58.22 60.29 93.48
C GLY RB 93 -58.46 59.95 94.93
N LYS RB 94 -59.72 59.82 95.35
CA LYS RB 94 -60.01 59.49 96.74
C LYS RB 94 -60.40 58.02 96.86
N TYR RB 95 -59.95 57.40 97.95
CA TYR RB 95 -60.28 56.01 98.24
C TYR RB 95 -61.71 56.00 98.75
N SER RB 96 -62.60 55.35 98.01
CA SER RB 96 -64.01 55.30 98.34
C SER RB 96 -64.63 54.08 97.68
N GLN RB 97 -65.84 53.74 98.11
CA GLN RB 97 -66.52 52.54 97.62
C GLN RB 97 -67.92 52.92 97.14
N VAL RB 98 -68.23 52.59 95.89
CA VAL RB 98 -69.53 52.87 95.28
C VAL RB 98 -70.30 51.57 95.11
N LEU RB 99 -71.58 51.58 95.49
CA LEU RB 99 -72.36 50.34 95.56
C LEU RB 99 -73.80 50.54 95.10
N ALA RB 100 -74.02 51.45 94.16
CA ALA RB 100 -75.38 51.80 93.79
C ALA RB 100 -75.38 52.33 92.37
N ASN RB 101 -76.46 53.01 92.00
CA ASN RB 101 -76.49 53.81 90.78
C ASN RB 101 -75.19 54.58 90.58
N GLY RB 102 -74.56 55.01 91.66
CA GLY RB 102 -73.23 55.58 91.55
C GLY RB 102 -72.25 54.62 90.90
N LEU RB 103 -72.36 53.34 91.22
CA LEU RB 103 -71.52 52.36 90.53
C LEU RB 103 -71.97 52.18 89.10
N ASP RB 104 -73.28 52.22 88.87
CA ASP RB 104 -73.80 52.06 87.51
C ASP RB 104 -73.34 53.20 86.60
N ASN RB 105 -73.14 54.39 87.18
CA ASN RB 105 -72.60 55.46 86.35
C ASN RB 105 -71.08 55.53 86.41
N LYS RB 106 -70.47 55.22 87.55
CA LYS RB 106 -69.00 55.22 87.61
C LYS RB 106 -68.43 54.27 86.57
N LEU RB 107 -69.18 53.24 86.19
CA LEU RB 107 -68.87 52.50 84.99
C LEU RB 107 -69.05 53.36 83.75
N ARG RB 108 -70.13 54.14 83.70
CA ARG RB 108 -70.45 54.89 82.48
C ARG RB 108 -69.46 56.05 82.28
N GLU RB 109 -69.08 56.74 83.36
CA GLU RB 109 -67.99 57.70 83.26
C GLU RB 109 -66.73 57.06 82.68
N ASP RB 110 -66.43 55.83 83.09
CA ASP RB 110 -65.25 55.16 82.55
C ASP RB 110 -65.36 54.97 81.05
N LEU RB 111 -66.52 54.49 80.58
CA LEU RB 111 -66.67 54.22 79.15
C LEU RB 111 -66.61 55.50 78.34
N GLU RB 112 -67.27 56.56 78.79
CA GLU RB 112 -67.26 57.78 77.99
C GLU RB 112 -65.88 58.42 77.97
N ARG RB 113 -65.17 58.40 79.09
CA ARG RB 113 -63.84 59.00 79.11
C ARG RB 113 -62.88 58.19 78.25
N LEU RB 114 -63.02 56.86 78.26
CA LEU RB 114 -62.24 56.03 77.33
C LEU RB 114 -62.65 56.30 75.89
N LYS RB 115 -63.95 56.45 75.64
CA LYS RB 115 -64.40 56.73 74.28
C LYS RB 115 -64.06 58.15 73.86
N LYS RB 116 -64.30 59.13 74.74
CA LYS RB 116 -64.01 60.51 74.39
C LYS RB 116 -62.53 60.74 74.14
N ILE RB 117 -61.66 60.07 74.91
CA ILE RB 117 -60.23 60.16 74.67
C ILE RB 117 -59.79 59.23 73.54
N ARG RB 118 -60.71 58.43 73.00
CA ARG RB 118 -60.45 57.50 71.90
C ARG RB 118 -59.43 56.43 72.25
N ALA RB 119 -59.41 55.98 73.51
CA ALA RB 119 -58.55 54.88 73.87
C ALA RB 119 -58.98 53.60 73.17
N HIS RB 120 -58.00 52.76 72.83
CA HIS RB 120 -58.31 51.51 72.13
C HIS RB 120 -59.28 50.66 72.92
N ARG RB 121 -59.16 50.68 74.24
CA ARG RB 121 -60.15 50.00 75.08
C ARG RB 121 -61.52 50.64 74.91
N GLY RB 122 -61.56 51.97 74.82
CA GLY RB 122 -62.84 52.65 74.64
C GLY RB 122 -63.50 52.32 73.31
N LEU RB 123 -62.70 52.27 72.24
CA LEU RB 123 -63.26 51.93 70.93
C LEU RB 123 -63.84 50.53 70.93
N ARG RB 124 -63.12 49.56 71.50
CA ARG RB 124 -63.63 48.19 71.54
C ARG RB 124 -64.88 48.09 72.39
N HIS RB 125 -65.04 48.98 73.37
CA HIS RB 125 -66.30 49.06 74.10
C HIS RB 125 -67.42 49.53 73.18
N PHE RB 126 -67.13 50.50 72.32
CA PHE RB 126 -68.14 51.00 71.39
C PHE RB 126 -68.61 49.91 70.44
N TRP RB 127 -67.67 49.13 69.90
CA TRP RB 127 -68.00 48.10 68.94
C TRP RB 127 -68.58 46.85 69.58
N GLY RB 128 -68.60 46.77 70.91
CA GLY RB 128 -69.10 45.59 71.58
C GLY RB 128 -68.12 44.44 71.66
N LEU RB 129 -66.91 44.62 71.15
CA LEU RB 129 -65.93 43.56 71.13
C LEU RB 129 -65.27 43.41 72.50
N ARG RB 130 -64.54 42.32 72.67
CA ARG RB 130 -63.84 42.08 73.94
C ARG RB 130 -62.70 43.06 74.12
N VAL RB 131 -62.47 43.46 75.38
CA VAL RB 131 -61.50 44.51 75.67
C VAL RB 131 -60.26 43.99 76.38
N ARG RB 132 -60.30 42.79 76.95
CA ARG RB 132 -59.17 42.25 77.70
C ARG RB 132 -58.28 41.36 76.85
N GLY RB 133 -58.37 41.48 75.52
CA GLY RB 133 -57.47 40.78 74.64
C GLY RB 133 -57.80 39.32 74.39
N GLN RB 134 -59.05 38.89 74.59
CA GLN RB 134 -59.39 37.52 74.27
C GLN RB 134 -59.30 37.30 72.77
N HIS RB 135 -59.54 36.05 72.38
CA HIS RB 135 -59.66 35.70 70.97
C HIS RB 135 -61.12 35.74 70.57
N THR RB 136 -61.43 36.49 69.53
CA THR RB 136 -62.81 36.65 69.07
C THR RB 136 -63.11 35.82 67.83
N LYS RB 137 -62.17 34.98 67.39
CA LYS RB 137 -62.38 34.17 66.19
C LYS RB 137 -63.44 33.11 66.40
N THR RB 138 -63.47 32.51 67.60
CA THR RB 138 -64.23 31.30 67.81
C THR RB 138 -65.30 31.42 68.90
N THR RB 139 -65.17 32.35 69.82
CA THR RB 139 -66.10 32.45 70.94
C THR RB 139 -66.85 33.77 70.90
N GLY RB 140 -67.94 33.83 71.66
CA GLY RB 140 -68.74 35.02 71.74
C GLY RB 140 -69.67 35.26 70.58
N ARG RB 141 -69.91 34.25 69.74
CA ARG RB 141 -70.77 34.43 68.58
C ARG RB 141 -72.18 34.85 68.98
N ARG RB 142 -72.58 34.53 70.22
CA ARG RB 142 -73.91 34.87 70.71
C ARG RB 142 -74.15 36.37 70.70
N GLY RB 143 -73.24 37.16 71.27
CA GLY RB 143 -73.45 38.59 71.35
C GLY RB 143 -73.57 39.28 70.02
N ARG RB 144 -72.84 38.80 69.02
CA ARG RB 144 -72.93 39.29 67.66
C ARG RB 144 -74.09 38.70 66.88
N THR RB 145 -74.51 37.48 67.21
CA THR RB 145 -75.69 36.86 66.62
C THR RB 145 -76.43 36.03 67.66
N PRO SB 1 -54.32 7.44 134.08
CA PRO SB 1 -53.39 6.79 133.16
C PRO SB 1 -53.02 7.68 131.97
N GLY SB 2 -51.94 7.35 131.29
CA GLY SB 2 -51.48 8.23 130.23
C GLY SB 2 -51.10 9.58 130.78
N VAL SB 3 -51.50 10.63 130.05
CA VAL SB 3 -52.18 10.53 128.77
C VAL SB 3 -51.61 11.57 127.80
N THR SB 4 -51.32 11.12 126.58
CA THR SB 4 -50.82 11.99 125.53
C THR SB 4 -52.01 12.49 124.70
N VAL SB 5 -51.72 13.25 123.64
CA VAL SB 5 -52.80 13.76 122.80
C VAL SB 5 -53.27 12.75 121.77
N LYS SB 6 -52.49 11.70 121.51
CA LYS SB 6 -52.75 10.82 120.38
C LYS SB 6 -53.91 9.87 120.62
N ASP SB 7 -54.45 9.79 121.83
CA ASP SB 7 -55.56 8.88 122.11
C ASP SB 7 -56.88 9.61 122.29
N VAL SB 8 -56.99 10.82 121.74
CA VAL SB 8 -58.25 11.53 121.62
C VAL SB 8 -58.38 12.00 120.18
N ASN SB 9 -59.61 12.16 119.70
CA ASN SB 9 -59.79 12.68 118.35
C ASN SB 9 -59.28 14.11 118.30
N GLN SB 10 -58.42 14.40 117.32
CA GLN SB 10 -57.98 15.77 117.12
C GLN SB 10 -59.14 16.66 116.73
N GLN SB 11 -60.27 16.07 116.32
CA GLN SB 11 -61.40 16.87 115.87
C GLN SB 11 -61.97 17.73 117.01
N GLU SB 12 -62.22 17.13 118.18
CA GLU SB 12 -62.69 17.96 119.28
C GLU SB 12 -61.62 18.23 120.33
N PHE SB 13 -60.45 17.58 120.21
CA PHE SB 13 -59.32 18.03 121.00
C PHE SB 13 -58.95 19.46 120.64
N VAL SB 14 -58.98 19.77 119.34
CA VAL SB 14 -58.72 21.14 118.91
C VAL SB 14 -59.83 22.07 119.37
N ARG SB 15 -61.07 21.60 119.41
CA ARG SB 15 -62.16 22.42 119.93
C ARG SB 15 -62.01 22.64 121.41
N ALA SB 16 -61.73 21.56 122.16
CA ALA SB 16 -61.56 21.70 123.60
C ALA SB 16 -60.36 22.58 123.94
N LEU SB 17 -59.24 22.38 123.24
CA LEU SB 17 -58.07 23.21 123.48
C LEU SB 17 -58.32 24.65 123.06
N ALA SB 18 -59.02 24.86 121.95
CA ALA SB 18 -59.39 26.23 121.58
C ALA SB 18 -60.25 26.88 122.64
N ALA SB 19 -61.22 26.14 123.17
CA ALA SB 19 -62.06 26.68 124.24
C ALA SB 19 -61.23 27.02 125.46
N PHE SB 20 -60.19 26.23 125.74
CA PHE SB 20 -59.27 26.57 126.81
C PHE SB 20 -58.61 27.92 126.55
N LEU SB 21 -58.12 28.12 125.31
CA LEU SB 21 -57.44 29.36 124.98
C LEU SB 21 -58.41 30.55 125.02
N LYS SB 22 -59.68 30.32 124.75
CA LYS SB 22 -60.67 31.39 124.85
C LYS SB 22 -60.80 31.89 126.29
N LYS SB 23 -60.86 30.96 127.25
CA LYS SB 23 -61.05 31.36 128.64
C LYS SB 23 -59.83 32.13 129.16
N SER SB 24 -58.64 31.56 128.97
CA SER SB 24 -57.41 32.22 129.39
C SER SB 24 -57.00 33.22 128.32
N GLY SB 25 -57.72 34.35 128.30
CA GLY SB 25 -57.52 35.28 127.21
C GLY SB 25 -56.28 36.10 127.39
N LYS SB 26 -55.21 35.70 126.69
CA LYS SB 26 -53.98 36.45 126.62
C LYS SB 26 -53.39 36.53 125.22
N LEU SB 27 -53.90 35.75 124.27
CA LEU SB 27 -53.37 35.80 122.92
C LEU SB 27 -53.70 37.14 122.27
N LYS SB 28 -52.72 37.69 121.57
CA LYS SB 28 -52.92 38.94 120.85
C LYS SB 28 -53.62 38.67 119.53
N VAL SB 29 -54.93 38.88 119.50
CA VAL SB 29 -55.72 38.75 118.27
C VAL SB 29 -55.75 40.12 117.61
N PRO SB 30 -55.16 40.28 116.43
CA PRO SB 30 -55.05 41.61 115.82
C PRO SB 30 -56.40 42.16 115.39
N GLU SB 31 -56.47 43.49 115.31
CA GLU SB 31 -57.70 44.20 114.97
C GLU SB 31 -58.26 43.84 113.61
N TRP SB 32 -57.54 43.02 112.83
CA TRP SB 32 -57.88 42.73 111.45
C TRP SB 32 -58.55 41.39 111.27
N VAL SB 33 -58.90 40.72 112.37
CA VAL SB 33 -59.39 39.34 112.33
C VAL SB 33 -60.61 39.23 111.42
N ASP SB 34 -61.46 40.24 111.41
CA ASP SB 34 -62.65 40.19 110.55
C ASP SB 34 -62.27 40.14 109.08
N THR SB 35 -61.14 40.75 108.71
CA THR SB 35 -60.72 40.87 107.32
C THR SB 35 -59.36 40.20 107.15
N VAL SB 36 -59.35 38.88 106.96
CA VAL SB 36 -58.08 38.19 106.78
C VAL SB 36 -58.10 37.35 105.51
N LYS SB 37 -59.29 36.92 105.10
CA LYS SB 37 -59.52 36.11 103.91
C LYS SB 37 -58.97 34.69 104.10
N LEU SB 38 -58.15 34.50 105.13
CA LEU SB 38 -57.75 33.17 105.60
C LEU SB 38 -57.38 32.19 104.49
N ALA SB 39 -56.18 32.33 103.92
CA ALA SB 39 -55.73 31.45 102.83
C ALA SB 39 -56.48 31.69 101.54
N LYS SB 40 -56.07 32.75 100.82
CA LYS SB 40 -56.70 33.33 99.65
C LYS SB 40 -57.44 32.34 98.76
N HIS SB 41 -56.87 31.16 98.51
CA HIS SB 41 -57.58 30.18 97.69
C HIS SB 41 -58.94 29.86 98.26
N LYS SB 42 -59.11 29.99 99.58
CA LYS SB 42 -60.40 29.89 100.22
C LYS SB 42 -60.97 31.28 100.44
N GLU SB 43 -62.12 31.55 99.84
CA GLU SB 43 -62.77 32.85 99.97
C GLU SB 43 -63.88 32.78 101.01
N LEU SB 44 -64.51 33.93 101.27
CA LEU SB 44 -65.57 34.02 102.27
C LEU SB 44 -65.07 33.59 103.65
N ALA SB 45 -64.20 34.43 104.20
CA ALA SB 45 -63.52 34.23 105.49
C ALA SB 45 -64.44 33.60 106.53
N PRO SB 46 -63.91 32.74 107.40
CA PRO SB 46 -64.76 31.83 108.18
C PRO SB 46 -65.78 32.58 109.02
N TYR SB 47 -66.91 31.90 109.28
CA TYR SB 47 -68.02 32.55 109.96
C TYR SB 47 -67.69 32.82 111.42
N ASP SB 48 -67.07 31.88 112.10
CA ASP SB 48 -66.78 32.03 113.52
C ASP SB 48 -65.59 32.95 113.68
N GLU SB 49 -65.79 34.07 114.38
CA GLU SB 49 -64.71 35.00 114.66
C GLU SB 49 -63.67 34.42 115.60
N ASN SB 50 -63.96 33.29 116.23
CA ASN SB 50 -62.98 32.58 117.05
C ASN SB 50 -62.11 31.65 116.22
N TRP SB 51 -62.02 31.86 114.91
CA TRP SB 51 -61.15 31.02 114.09
C TRP SB 51 -59.70 31.11 114.54
N PHE SB 52 -59.27 32.30 114.98
CA PHE SB 52 -57.91 32.43 115.49
C PHE SB 52 -57.70 31.52 116.69
N TYR SB 53 -58.65 31.53 117.62
CA TYR SB 53 -58.56 30.63 118.77
C TYR SB 53 -58.57 29.18 118.32
N THR SB 54 -59.35 28.87 117.29
CA THR SB 54 -59.30 27.54 116.69
C THR SB 54 -58.00 27.31 115.94
N ARG SB 55 -57.59 28.29 115.12
CA ARG SB 55 -56.31 28.18 114.43
C ARG SB 55 -55.18 27.98 115.42
N ALA SB 56 -55.12 28.81 116.47
CA ALA SB 56 -54.06 28.71 117.46
C ALA SB 56 -54.06 27.33 118.10
N ALA SB 57 -55.24 26.80 118.40
CA ALA SB 57 -55.33 25.43 118.91
C ALA SB 57 -54.81 24.44 117.89
N SER SB 58 -55.16 24.63 116.62
CA SER SB 58 -54.79 23.67 115.59
C SER SB 58 -53.28 23.67 115.36
N THR SB 59 -52.67 24.85 115.22
CA THR SB 59 -51.24 24.88 114.92
C THR SB 59 -50.42 24.28 116.05
N ALA SB 60 -50.75 24.64 117.30
CA ALA SB 60 -50.01 24.10 118.44
C ALA SB 60 -50.11 22.58 118.48
N ARG SB 61 -51.26 22.03 118.09
CA ARG SB 61 -51.38 20.59 117.97
C ARG SB 61 -50.43 20.05 116.91
N HIS SB 62 -50.28 20.77 115.80
CA HIS SB 62 -49.43 20.29 114.72
C HIS SB 62 -47.96 20.36 115.11
N LEU SB 63 -47.51 21.48 115.67
CA LEU SB 63 -46.12 21.55 116.11
C LEU SB 63 -45.83 20.52 117.21
N TYR SB 64 -46.86 20.08 117.93
CA TYR SB 64 -46.67 19.02 118.91
C TYR SB 64 -46.20 17.75 118.23
N LEU SB 65 -46.87 17.35 117.16
CA LEU SB 65 -46.54 16.10 116.49
C LEU SB 65 -45.27 16.23 115.65
N ARG SB 66 -45.12 17.35 114.95
CA ARG SB 66 -43.95 17.57 114.08
C ARG SB 66 -43.36 18.93 114.45
N GLY SB 67 -42.30 18.90 115.26
CA GLY SB 67 -41.62 20.11 115.65
C GLY SB 67 -40.72 20.65 114.56
N GLY SB 68 -40.14 21.81 114.83
CA GLY SB 68 -39.28 22.48 113.88
C GLY SB 68 -40.03 22.95 112.65
N ALA SB 69 -41.21 23.54 112.87
CA ALA SB 69 -42.07 24.01 111.79
C ALA SB 69 -41.96 25.52 111.68
N GLY SB 70 -41.95 26.01 110.44
CA GLY SB 70 -41.86 27.43 110.19
C GLY SB 70 -43.08 27.94 109.46
N VAL SB 71 -43.07 29.22 109.08
CA VAL SB 71 -44.23 29.80 108.42
C VAL SB 71 -44.49 29.10 107.08
N GLY SB 72 -43.42 28.75 106.35
CA GLY SB 72 -43.60 28.04 105.11
C GLY SB 72 -44.19 26.65 105.31
N SER SB 73 -43.71 25.94 106.33
CA SER SB 73 -44.34 24.69 106.70
C SER SB 73 -45.72 24.93 107.29
N MET SB 74 -45.91 26.07 107.95
CA MET SB 74 -47.21 26.39 108.52
C MET SB 74 -48.26 26.60 107.44
N THR SB 75 -47.90 27.32 106.37
CA THR SB 75 -48.86 27.56 105.31
C THR SB 75 -49.08 26.33 104.45
N LYS SB 76 -48.12 25.41 104.43
CA LYS SB 76 -48.26 24.22 103.62
C LYS SB 76 -49.26 23.23 104.22
N ILE SB 77 -49.36 23.19 105.56
CA ILE SB 77 -50.30 22.29 106.21
C ILE SB 77 -51.74 22.69 105.88
N TYR SB 78 -52.00 24.00 105.86
CA TYR SB 78 -53.34 24.53 105.64
C TYR SB 78 -53.58 24.89 104.18
N GLY SB 79 -52.74 24.42 103.28
CA GLY SB 79 -53.01 24.60 101.86
C GLY SB 79 -54.22 23.79 101.41
N GLY SB 80 -54.86 24.27 100.35
CA GLY SB 80 -56.03 23.61 99.86
C GLY SB 80 -56.20 23.81 98.38
N ARG SB 81 -57.43 23.59 97.91
CA ARG SB 81 -57.74 23.69 96.50
C ARG SB 81 -58.11 25.11 96.12
N GLN SB 82 -57.32 25.71 95.23
CA GLN SB 82 -57.65 26.99 94.63
C GLN SB 82 -58.53 26.70 93.44
N ARG SB 83 -59.84 26.85 93.62
CA ARG SB 83 -60.77 26.60 92.51
C ARG SB 83 -60.68 27.77 91.55
N ASN SB 84 -59.84 27.63 90.53
CA ASN SB 84 -59.64 28.70 89.56
C ASN SB 84 -60.83 28.88 88.62
N GLY SB 85 -61.93 28.19 88.86
CA GLY SB 85 -63.12 28.36 88.04
C GLY SB 85 -63.03 27.56 86.77
N VAL SB 86 -63.14 28.24 85.62
CA VAL SB 86 -63.00 27.55 84.34
C VAL SB 86 -61.60 26.97 84.20
N MET SB 87 -60.59 27.71 84.62
CA MET SB 87 -59.26 27.16 84.80
C MET SB 87 -59.34 25.94 85.72
N PRO SB 88 -58.67 24.84 85.40
CA PRO SB 88 -58.69 23.69 86.32
C PRO SB 88 -58.11 24.06 87.67
N SER SB 89 -58.64 23.43 88.71
CA SER SB 89 -58.23 23.75 90.06
C SER SB 89 -56.80 23.29 90.32
N HIS SB 90 -56.20 23.82 91.38
CA HIS SB 90 -54.83 23.49 91.75
C HIS SB 90 -54.69 23.50 93.26
N PHE SB 91 -53.45 23.47 93.72
CA PHE SB 91 -53.13 23.54 95.14
C PHE SB 91 -52.46 24.87 95.44
N SER SB 92 -52.98 25.58 96.44
CA SER SB 92 -52.45 26.87 96.82
C SER SB 92 -52.14 26.88 98.31
N ARG SB 93 -51.03 27.52 98.66
CA ARG SB 93 -50.62 27.63 100.05
C ARG SB 93 -51.53 28.58 100.80
N GLY SB 94 -51.60 28.39 102.11
CA GLY SB 94 -52.35 29.30 102.94
C GLY SB 94 -51.64 30.62 103.14
N SER SB 95 -52.37 31.58 103.70
CA SER SB 95 -51.80 32.89 103.94
C SER SB 95 -50.74 32.84 105.03
N LYS SB 96 -49.66 33.57 104.83
CA LYS SB 96 -48.53 33.56 105.76
C LYS SB 96 -48.67 34.55 106.90
N SER SB 97 -49.37 35.67 106.69
CA SER SB 97 -49.50 36.66 107.75
C SER SB 97 -50.27 36.09 108.94
N VAL SB 98 -51.33 35.33 108.67
CA VAL SB 98 -52.03 34.67 109.77
C VAL SB 98 -51.15 33.61 110.40
N ALA SB 99 -50.36 32.91 109.58
CA ALA SB 99 -49.45 31.91 110.13
C ALA SB 99 -48.39 32.55 111.02
N ARG SB 100 -47.81 33.67 110.60
CA ARG SB 100 -46.85 34.34 111.46
C ARG SB 100 -47.54 34.95 112.69
N ARG SB 101 -48.74 35.53 112.48
CA ARG SB 101 -49.42 36.19 113.59
C ARG SB 101 -49.79 35.20 114.68
N VAL SB 102 -50.26 34.00 114.29
CA VAL SB 102 -50.53 33.00 115.30
C VAL SB 102 -49.23 32.54 115.94
N LEU SB 103 -48.15 32.48 115.16
CA LEU SB 103 -46.87 32.07 115.72
C LEU SB 103 -46.30 33.15 116.65
N GLN SB 104 -46.28 34.40 116.19
CA GLN SB 104 -45.88 35.48 117.10
C GLN SB 104 -46.73 35.49 118.36
N ALA SB 105 -48.02 35.13 118.25
CA ALA SB 105 -48.87 35.08 119.42
C ALA SB 105 -48.40 34.02 120.40
N LEU SB 106 -48.00 32.86 119.89
CA LEU SB 106 -47.68 31.74 120.78
C LEU SB 106 -46.41 32.00 121.58
N GLU SB 107 -45.44 32.72 121.02
CA GLU SB 107 -44.29 33.12 121.80
C GLU SB 107 -44.70 33.95 123.00
N GLY SB 108 -45.58 34.92 122.79
CA GLY SB 108 -46.05 35.73 123.89
C GLY SB 108 -46.75 34.92 124.96
N LEU SB 109 -47.34 33.79 124.55
CA LEU SB 109 -47.97 32.91 125.52
C LEU SB 109 -47.02 31.86 126.07
N LYS SB 110 -45.72 32.00 125.81
CA LYS SB 110 -44.66 31.12 126.32
C LYS SB 110 -45.04 29.64 126.17
N MET SB 111 -45.55 29.27 125.00
CA MET SB 111 -45.82 27.87 124.67
C MET SB 111 -44.82 27.30 123.67
N VAL SB 112 -44.21 28.15 122.86
CA VAL SB 112 -43.39 27.73 121.73
C VAL SB 112 -42.16 28.61 121.69
N GLU SB 113 -41.02 28.05 121.31
CA GLU SB 113 -39.77 28.81 121.22
C GLU SB 113 -39.07 28.47 119.92
N LYS SB 114 -38.06 29.28 119.60
CA LYS SB 114 -37.24 29.04 118.44
C LYS SB 114 -36.34 27.82 118.67
N ASP SB 115 -35.48 27.54 117.69
CA ASP SB 115 -34.61 26.40 117.75
C ASP SB 115 -33.18 26.79 117.37
N GLN SB 116 -32.23 25.92 117.74
CA GLN SB 116 -30.86 26.10 117.29
C GLN SB 116 -30.74 25.96 115.78
N ASP SB 117 -31.75 25.38 115.13
CA ASP SB 117 -31.95 25.46 113.70
C ASP SB 117 -33.23 26.25 113.43
N GLY SB 118 -33.64 26.26 112.16
CA GLY SB 118 -34.87 26.95 111.81
C GLY SB 118 -36.09 26.30 112.42
N GLY SB 119 -37.22 26.99 112.28
CA GLY SB 119 -38.48 26.48 112.79
C GLY SB 119 -38.62 26.67 114.29
N ARG SB 120 -39.83 26.43 114.78
CA ARG SB 120 -40.13 26.57 116.19
C ARG SB 120 -40.75 25.28 116.73
N LYS SB 121 -40.44 25.00 117.99
CA LYS SB 121 -40.85 23.75 118.64
C LYS SB 121 -41.59 24.10 119.93
N LEU SB 122 -42.10 23.07 120.60
CA LEU SB 122 -42.84 23.24 121.85
C LEU SB 122 -41.88 23.29 123.02
N THR SB 123 -41.98 24.35 123.81
CA THR SB 123 -41.22 24.40 125.05
C THR SB 123 -41.81 23.44 126.07
N PRO SB 124 -41.01 22.83 126.94
CA PRO SB 124 -41.60 21.99 127.99
C PRO SB 124 -42.85 22.58 128.66
N GLN SB 125 -42.84 23.87 128.96
CA GLN SB 125 -43.99 24.50 129.61
C GLN SB 125 -45.21 24.47 128.68
N GLY SB 126 -45.01 24.71 127.38
CA GLY SB 126 -46.12 24.66 126.46
C GLY SB 126 -46.70 23.27 126.26
N GLN SB 127 -45.84 22.26 126.08
CA GLN SB 127 -46.30 20.89 125.98
C GLN SB 127 -46.85 20.39 127.31
N ARG SB 128 -46.33 20.92 128.42
CA ARG SB 128 -46.93 20.68 129.73
C ARG SB 128 -48.43 20.97 129.69
N ASP SB 129 -48.80 22.13 129.15
CA ASP SB 129 -50.21 22.49 129.05
C ASP SB 129 -50.94 21.56 128.08
N LEU SB 130 -50.31 21.15 126.99
CA LEU SB 130 -51.02 20.43 125.94
C LEU SB 130 -51.53 19.07 126.42
N ASP SB 131 -50.82 18.45 127.36
CA ASP SB 131 -51.25 17.13 127.82
C ASP SB 131 -52.45 17.21 128.77
N ARG SB 132 -52.50 18.21 129.66
CA ARG SB 132 -53.65 18.33 130.55
C ARG SB 132 -54.94 18.60 129.79
N ILE SB 133 -54.89 19.48 128.77
CA ILE SB 133 -56.10 19.68 127.98
C ILE SB 133 -56.47 18.41 127.24
N ALA SB 134 -55.48 17.72 126.68
CA ALA SB 134 -55.74 16.39 126.14
C ALA SB 134 -56.14 15.42 127.25
N GLY SB 135 -55.76 15.74 128.49
CA GLY SB 135 -56.13 14.89 129.60
C GLY SB 135 -57.59 15.02 129.98
N GLN SB 136 -58.01 16.23 130.35
CA GLN SB 136 -59.39 16.43 130.79
C GLN SB 136 -60.38 16.19 129.67
N VAL SB 137 -59.98 16.40 128.42
CA VAL SB 137 -60.88 16.05 127.32
C VAL SB 137 -61.02 14.54 127.21
N ALA SB 138 -59.95 13.79 127.49
CA ALA SB 138 -60.02 12.33 127.42
C ALA SB 138 -61.01 11.78 128.44
N ALA SB 139 -60.98 12.32 129.66
CA ALA SB 139 -61.96 11.91 130.66
C ALA SB 139 -63.37 12.35 130.27
N ALA SB 140 -63.49 13.58 129.73
CA ALA SB 140 -64.81 14.13 129.47
C ALA SB 140 -65.54 13.36 128.38
N ASN SB 141 -64.85 13.04 127.28
CA ASN SB 141 -65.50 12.29 126.21
C ASN SB 141 -65.76 10.85 126.61
N LYS SB 142 -64.89 10.29 127.46
CA LYS SB 142 -65.06 8.91 127.91
C LYS SB 142 -66.36 8.78 128.71
N LYS SB 143 -66.65 9.75 129.57
CA LYS SB 143 -67.94 9.81 130.25
C LYS SB 143 -68.64 11.14 129.99
CA ALA TB 1 -1.62 7.87 109.88
C ALA TB 1 -3.05 7.51 109.52
N ILE TB 2 -3.81 7.06 110.52
CA ILE TB 2 -5.16 6.57 110.27
C ILE TB 2 -6.02 7.68 109.71
N HIS TB 3 -6.57 7.47 108.51
CA HIS TB 3 -7.47 8.41 107.87
C HIS TB 3 -8.75 7.69 107.50
N ARG TB 4 -9.89 8.36 107.71
CA ARG TB 4 -11.20 7.79 107.37
C ARG TB 4 -11.54 8.07 105.90
N ILE TB 5 -10.72 7.50 105.03
CA ILE TB 5 -10.82 7.76 103.59
C ILE TB 5 -12.08 7.13 103.03
N ARG TB 6 -12.86 7.92 102.31
CA ARG TB 6 -14.08 7.45 101.66
C ARG TB 6 -13.88 7.40 100.15
N ILE TB 7 -14.25 6.28 99.55
CA ILE TB 7 -14.11 6.08 98.11
C ILE TB 7 -15.49 5.79 97.53
N THR TB 8 -15.97 6.69 96.70
CA THR TB 8 -17.24 6.54 95.99
C THR TB 8 -16.96 6.44 94.50
N LEU TB 9 -17.86 5.77 93.79
CA LEU TB 9 -17.69 5.61 92.35
C LEU TB 9 -19.04 5.39 91.71
N THR TB 10 -19.17 5.84 90.47
CA THR TB 10 -20.42 5.73 89.73
C THR TB 10 -20.11 5.43 88.28
N SER TB 11 -21.09 4.86 87.60
CA SER TB 11 -20.98 4.53 86.18
C SER TB 11 -22.38 4.23 85.65
N ARG TB 12 -22.51 4.18 84.33
CA ARG TB 12 -23.79 3.95 83.68
C ARG TB 12 -24.19 2.49 83.63
N ASN TB 13 -23.27 1.59 83.31
CA ASN TB 13 -23.58 0.16 83.24
C ASN TB 13 -23.17 -0.51 84.54
N VAL TB 14 -23.81 -1.63 84.84
CA VAL TB 14 -23.67 -2.28 86.15
C VAL TB 14 -22.55 -3.30 86.12
N LYS TB 15 -22.46 -4.06 85.03
CA LYS TB 15 -21.55 -5.20 85.00
C LYS TB 15 -20.10 -4.77 85.23
N SER TB 16 -19.62 -3.78 84.47
CA SER TB 16 -18.25 -3.33 84.70
C SER TB 16 -18.15 -2.59 86.03
N LEU TB 17 -19.21 -1.86 86.41
CA LEU TB 17 -19.21 -1.17 87.69
C LEU TB 17 -19.15 -2.14 88.85
N GLU TB 18 -19.86 -3.27 88.73
CA GLU TB 18 -19.84 -4.25 89.81
C GLU TB 18 -18.48 -4.93 89.91
N LYS TB 19 -17.78 -5.08 88.78
CA LYS TB 19 -16.51 -5.80 88.82
C LYS TB 19 -15.39 -4.95 89.41
N VAL TB 20 -15.51 -3.62 89.33
CA VAL TB 20 -14.44 -2.78 89.87
C VAL TB 20 -14.66 -2.52 91.35
N CYS TB 21 -15.92 -2.43 91.78
CA CYS TB 21 -16.17 -2.34 93.21
C CYS TB 21 -15.81 -3.64 93.92
N ALA TB 22 -15.92 -4.77 93.21
CA ALA TB 22 -15.41 -6.02 93.75
C ALA TB 22 -13.88 -5.98 93.86
N ASP TB 23 -13.23 -5.24 92.96
CA ASP TB 23 -11.78 -5.16 92.97
C ASP TB 23 -11.30 -4.38 94.19
N LEU TB 24 -11.90 -3.21 94.43
CA LEU TB 24 -11.43 -2.36 95.52
C LEU TB 24 -11.58 -3.05 96.87
N ILE TB 25 -12.70 -3.74 97.08
CA ILE TB 25 -12.90 -4.42 98.36
C ILE TB 25 -11.89 -5.56 98.51
N ARG TB 26 -11.66 -6.34 97.47
CA ARG TB 26 -10.73 -7.45 97.59
C ARG TB 26 -9.29 -6.96 97.73
N GLY TB 27 -8.95 -5.87 97.04
CA GLY TB 27 -7.63 -5.27 97.23
C GLY TB 27 -7.47 -4.70 98.63
N ALA TB 28 -8.57 -4.26 99.24
CA ALA TB 28 -8.49 -3.76 100.61
C ALA TB 28 -8.46 -4.90 101.62
N LYS TB 29 -9.16 -5.99 101.33
CA LYS TB 29 -9.12 -7.13 102.25
C LYS TB 29 -7.77 -7.83 102.23
N GLU TB 30 -7.17 -7.99 101.04
CA GLU TB 30 -5.84 -8.57 100.98
C GLU TB 30 -4.81 -7.69 101.67
N LYS TB 31 -5.07 -6.39 101.75
CA LYS TB 31 -4.24 -5.49 102.55
C LYS TB 31 -4.64 -5.50 104.02
N ASN TB 32 -5.68 -6.24 104.38
CA ASN TB 32 -6.16 -6.36 105.75
C ASN TB 32 -6.51 -4.99 106.34
N LEU TB 33 -7.51 -4.36 105.71
CA LEU TB 33 -7.97 -3.04 106.10
C LEU TB 33 -9.41 -3.12 106.61
N LYS TB 34 -9.72 -2.23 107.55
CA LYS TB 34 -11.07 -2.08 108.08
C LYS TB 34 -11.96 -1.50 106.99
N VAL TB 35 -12.79 -2.34 106.39
CA VAL TB 35 -13.53 -1.99 105.18
C VAL TB 35 -15.01 -2.00 105.49
N LYS TB 36 -15.69 -0.90 105.16
CA LYS TB 36 -17.15 -0.84 105.25
C LYS TB 36 -17.72 -1.44 103.98
N GLY TB 37 -18.92 -2.01 104.08
CA GLY TB 37 -19.54 -2.68 102.96
C GLY TB 37 -19.84 -1.71 101.83
N PRO TB 38 -19.98 -2.23 100.60
CA PRO TB 38 -20.33 -1.36 99.48
C PRO TB 38 -21.71 -0.76 99.65
N VAL TB 39 -21.76 0.52 100.03
CA VAL TB 39 -23.03 1.21 100.19
C VAL TB 39 -23.58 1.54 98.81
N ARG TB 40 -24.85 1.24 98.61
CA ARG TB 40 -25.44 1.18 97.26
C ARG TB 40 -26.52 2.25 97.16
N MET TB 41 -26.20 3.35 96.48
CA MET TB 41 -27.16 4.43 96.35
C MET TB 41 -28.21 4.08 95.31
N PRO TB 42 -29.43 4.59 95.43
CA PRO TB 42 -30.48 4.23 94.46
C PRO TB 42 -30.16 4.78 93.08
N THR TB 43 -30.74 4.13 92.08
CA THR TB 43 -30.52 4.51 90.69
C THR TB 43 -31.17 5.86 90.39
N LYS TB 44 -30.57 6.57 89.43
CA LYS TB 44 -31.18 7.76 88.84
C LYS TB 44 -31.43 7.48 87.38
N THR TB 45 -32.66 7.74 86.93
CA THR TB 45 -33.05 7.50 85.54
C THR TB 45 -33.35 8.82 84.86
N LEU TB 46 -32.74 9.05 83.71
CA LEU TB 46 -33.02 10.23 82.93
C LEU TB 46 -33.96 9.86 81.80
N ARG TB 47 -35.06 10.62 81.68
CA ARG TB 47 -36.25 10.19 80.98
C ARG TB 47 -36.69 11.21 79.94
N ILE TB 48 -35.76 11.65 79.10
CA ILE TB 48 -36.13 12.53 78.00
C ILE TB 48 -37.00 11.78 77.02
N THR TB 49 -38.19 12.30 76.76
CA THR TB 49 -39.13 11.71 75.81
C THR TB 49 -39.41 12.74 74.73
N THR TB 50 -39.51 12.27 73.48
CA THR TB 50 -39.51 13.17 72.34
C THR TB 50 -40.57 12.74 71.33
N ARG TB 51 -40.71 13.56 70.29
CA ARG TB 51 -41.83 13.45 69.36
C ARG TB 51 -41.63 12.35 68.32
N LYS TB 52 -40.41 11.86 68.12
CA LYS TB 52 -40.13 10.71 67.27
C LYS TB 52 -40.27 11.04 65.79
N THR TB 53 -40.78 12.22 65.45
CA THR TB 53 -41.00 12.56 64.04
C THR TB 53 -40.37 13.92 63.74
N PRO TB 54 -39.56 14.02 62.68
CA PRO TB 54 -39.02 15.34 62.31
C PRO TB 54 -40.08 16.36 61.95
N CYS TB 55 -41.15 15.94 61.28
CA CYS TB 55 -42.21 16.85 60.85
C CYS TB 55 -43.37 16.78 61.84
N GLY TB 56 -44.48 17.40 61.48
CA GLY TB 56 -45.64 17.42 62.34
C GLY TB 56 -46.64 16.34 62.01
N GLU TB 57 -46.61 15.86 60.77
CA GLU TB 57 -47.51 14.80 60.36
C GLU TB 57 -47.11 13.51 61.06
N GLY TB 58 -48.10 12.78 61.55
CA GLY TB 58 -47.86 11.49 62.16
C GLY TB 58 -49.06 11.03 62.95
N SER TB 59 -48.90 9.87 63.58
CA SER TB 59 -49.92 9.30 64.45
C SER TB 59 -49.63 9.61 65.92
N LYS TB 60 -48.92 10.70 66.17
CA LYS TB 60 -48.61 11.15 67.53
C LYS TB 60 -47.81 10.09 68.29
N THR TB 61 -46.88 9.45 67.61
CA THR TB 61 -45.99 8.49 68.26
C THR TB 61 -44.91 9.21 69.05
N TRP TB 62 -44.45 8.56 70.12
CA TRP TB 62 -43.48 9.16 71.02
C TRP TB 62 -42.36 8.17 71.30
N ASP TB 63 -41.17 8.70 71.54
CA ASP TB 63 -40.02 7.91 71.94
C ASP TB 63 -39.75 8.12 73.42
N ARG TB 64 -39.35 7.05 74.10
CA ARG TB 64 -39.03 7.09 75.52
C ARG TB 64 -37.58 6.70 75.68
N PHE TB 65 -36.68 7.66 75.52
CA PHE TB 65 -35.25 7.43 75.68
C PHE TB 65 -34.95 7.38 77.18
N GLN TB 66 -34.06 6.48 77.57
CA GLN TB 66 -33.69 6.30 78.96
C GLN TB 66 -32.18 6.36 79.12
N MET TB 67 -31.76 6.57 80.37
CA MET TB 67 -30.34 6.63 80.70
C MET TB 67 -30.24 6.49 82.21
N ARG TB 68 -29.52 5.48 82.67
CA ARG TB 68 -29.43 5.15 84.09
C ARG TB 68 -28.05 5.51 84.64
N ILE TB 69 -28.03 5.91 85.91
CA ILE TB 69 -26.80 6.19 86.63
C ILE TB 69 -26.86 5.49 87.99
N HIS TB 70 -25.83 4.72 88.29
CA HIS TB 70 -25.75 3.98 89.55
C HIS TB 70 -24.55 4.47 90.34
N LYS TB 71 -24.78 4.74 91.62
CA LYS TB 71 -23.72 5.14 92.53
C LYS TB 71 -23.53 4.06 93.58
N ARG TB 72 -22.26 3.84 93.95
CA ARG TB 72 -21.92 3.03 95.11
C ARG TB 72 -20.70 3.64 95.78
N LEU TB 73 -20.61 3.49 97.10
CA LEU TB 73 -19.55 4.10 97.86
C LEU TB 73 -18.98 3.10 98.86
N ILE TB 74 -17.65 3.12 98.99
CA ILE TB 74 -16.95 2.30 99.96
C ILE TB 74 -16.34 3.23 101.00
N ASP TB 75 -16.02 2.68 102.16
CA ASP TB 75 -15.35 3.43 103.22
C ASP TB 75 -14.17 2.64 103.73
N LEU TB 76 -13.03 3.33 103.85
CA LEU TB 76 -11.79 2.73 104.32
C LEU TB 76 -11.31 3.49 105.55
N HIS TB 77 -10.43 2.87 106.33
CA HIS TB 77 -9.83 3.52 107.48
C HIS TB 77 -8.32 3.39 107.42
N SER TB 78 -7.74 3.67 106.26
CA SER TB 78 -6.33 3.44 106.00
C SER TB 78 -5.64 4.69 105.49
N PRO TB 79 -4.31 4.80 105.58
CA PRO TB 79 -3.71 6.07 105.24
C PRO TB 79 -3.52 6.19 103.75
N SER TB 80 -3.43 7.42 103.26
CA SER TB 80 -3.44 7.69 101.83
C SER TB 80 -2.22 7.11 101.11
N GLU TB 81 -1.06 7.09 101.76
CA GLU TB 81 0.18 6.73 101.07
C GLU TB 81 0.20 5.25 100.63
N ILE TB 82 -0.65 4.40 101.21
CA ILE TB 82 -0.68 2.98 100.82
C ILE TB 82 -1.84 2.66 99.90
N VAL TB 83 -2.91 3.46 99.93
CA VAL TB 83 -4.10 3.19 99.14
C VAL TB 83 -4.08 3.88 97.79
N LYS TB 84 -3.29 4.95 97.62
CA LYS TB 84 -3.20 5.64 96.34
C LYS TB 84 -2.82 4.68 95.22
N GLN TB 85 -1.80 3.84 95.43
CA GLN TB 85 -1.31 2.98 94.35
C GLN TB 85 -2.27 1.81 94.12
N ILE TB 86 -2.96 1.34 95.15
CA ILE TB 86 -3.83 0.17 94.97
C ILE TB 86 -5.15 0.58 94.31
N THR TB 87 -5.56 1.84 94.48
CA THR TB 87 -6.79 2.32 93.89
C THR TB 87 -6.61 2.88 92.49
N SER TB 88 -5.51 3.60 92.25
CA SER TB 88 -5.23 4.13 90.92
C SER TB 88 -4.87 3.05 89.92
N ILE TB 89 -4.59 1.82 90.39
CA ILE TB 89 -4.10 0.79 89.49
C ILE TB 89 -5.23 0.20 88.67
N SER TB 90 -6.45 0.24 89.20
CA SER TB 90 -7.61 -0.13 88.39
C SER TB 90 -8.01 1.03 87.50
N ILE TB 91 -8.09 0.78 86.20
CA ILE TB 91 -8.35 1.87 85.25
C ILE TB 91 -9.81 1.85 84.84
N GLU TB 92 -10.22 0.80 84.11
CA GLU TB 92 -11.62 0.55 83.73
C GLU TB 92 -12.37 1.76 83.11
N PRO TB 93 -12.36 2.06 81.62
CA PRO TB 93 -12.47 3.40 81.34
C PRO TB 93 -13.99 3.60 81.25
N GLY TB 94 -14.77 2.66 81.79
CA GLY TB 94 -16.20 2.76 81.75
C GLY TB 94 -16.82 3.32 83.00
N VAL TB 95 -16.03 3.52 84.06
CA VAL TB 95 -16.53 3.93 85.35
C VAL TB 95 -15.80 5.21 85.78
N GLU TB 96 -16.31 5.83 86.85
CA GLU TB 96 -15.75 7.05 87.37
C GLU TB 96 -15.44 6.89 88.86
N VAL TB 97 -14.30 7.43 89.29
CA VAL TB 97 -13.81 7.23 90.65
C VAL TB 97 -13.32 8.55 91.21
N GLU TB 98 -13.78 8.90 92.41
CA GLU TB 98 -13.28 10.06 93.13
C GLU TB 98 -13.12 9.70 94.60
N VAL TB 99 -12.20 10.38 95.27
CA VAL TB 99 -11.79 10.03 96.63
C VAL TB 99 -11.95 11.26 97.51
N THR TB 100 -12.38 11.06 98.75
CA THR TB 100 -12.48 12.12 99.74
C THR TB 100 -11.45 11.88 100.85
N ILE TB 101 -10.90 12.98 101.36
CA ILE TB 101 -9.93 12.91 102.45
C ILE TB 101 -10.65 12.61 103.75
N ALA TB 102 -9.89 12.29 104.80
CA ALA TB 102 -10.48 11.89 106.07
C ALA TB 102 -11.38 12.98 106.65
N ASP TB 103 -10.88 14.21 106.77
CA ASP TB 103 -11.66 15.26 107.43
C ASP TB 103 -12.92 15.60 106.64
N ALA TB 104 -12.78 15.86 105.34
CA ALA TB 104 -13.91 16.13 104.46
C ALA TB 104 -14.88 17.17 105.03
N ARG UB 1 -105.62 -20.02 83.56
CA ARG UB 1 -105.47 -20.28 82.13
C ARG UB 1 -104.02 -20.21 81.70
N VAL UB 2 -103.37 -19.08 82.03
CA VAL UB 2 -101.96 -18.89 81.69
C VAL UB 2 -101.11 -19.92 82.42
N GLN UB 3 -100.07 -20.40 81.75
CA GLN UB 3 -99.13 -21.32 82.38
C GLN UB 3 -98.50 -20.64 83.59
N PRO UB 4 -98.33 -21.33 84.70
CA PRO UB 4 -97.75 -20.69 85.89
C PRO UB 4 -96.25 -20.53 85.73
N ILE UB 5 -95.68 -19.73 86.64
CA ILE UB 5 -94.23 -19.64 86.72
C ILE UB 5 -93.68 -21.02 87.11
N LYS UB 6 -92.53 -21.35 86.54
CA LYS UB 6 -91.90 -22.63 86.83
C LYS UB 6 -90.40 -22.50 86.61
N LEU UB 7 -89.66 -23.38 87.27
CA LEU UB 7 -88.21 -23.37 87.23
C LEU UB 7 -87.72 -24.37 86.19
N ALA UB 8 -86.42 -24.30 85.89
CA ALA UB 8 -85.85 -25.18 84.87
C ALA UB 8 -84.35 -25.28 85.12
N ARG UB 9 -83.89 -26.47 85.52
CA ARG UB 9 -82.47 -26.75 85.54
C ARG UB 9 -81.89 -26.65 84.14
N VAL UB 10 -80.78 -25.93 84.01
CA VAL UB 10 -80.09 -25.84 82.73
C VAL UB 10 -79.09 -26.98 82.61
N THR UB 11 -79.29 -27.83 81.62
CA THR UB 11 -78.32 -28.87 81.27
C THR UB 11 -77.38 -28.29 80.21
N LYS UB 12 -76.61 -29.15 79.54
CA LYS UB 12 -75.50 -28.70 78.71
C LYS UB 12 -75.89 -27.54 77.80
N VAL UB 13 -75.03 -26.52 77.80
CA VAL UB 13 -75.22 -25.31 77.01
C VAL UB 13 -74.72 -25.58 75.61
N LEU UB 14 -75.51 -25.19 74.61
CA LEU UB 14 -75.13 -25.45 73.22
C LEU UB 14 -74.35 -24.31 72.57
N GLY UB 15 -74.21 -23.18 73.24
CA GLY UB 15 -73.42 -22.08 72.72
C GLY UB 15 -74.26 -20.86 72.41
N ARG UB 16 -73.55 -19.78 72.08
CA ARG UB 16 -74.21 -18.51 71.83
C ARG UB 16 -75.00 -18.57 70.52
N THR UB 17 -75.93 -17.64 70.39
CA THR UB 17 -76.77 -17.52 69.21
C THR UB 17 -77.25 -16.08 69.13
N GLY UB 18 -78.00 -15.75 68.08
CA GLY UB 18 -78.36 -14.37 67.85
C GLY UB 18 -77.29 -13.57 67.15
N SER UB 19 -76.29 -14.22 66.57
CA SER UB 19 -75.27 -13.59 65.73
C SER UB 19 -74.52 -12.47 66.43
N GLN UB 20 -74.79 -12.25 67.72
CA GLN UB 20 -74.10 -11.22 68.47
C GLN UB 20 -73.74 -11.67 69.88
N GLY UB 21 -74.04 -12.91 70.25
CA GLY UB 21 -73.72 -13.41 71.57
C GLY UB 21 -74.71 -13.03 72.64
N GLN UB 22 -75.85 -12.44 72.27
CA GLN UB 22 -76.80 -12.01 73.28
C GLN UB 22 -77.81 -13.08 73.65
N CYS UB 23 -77.74 -14.27 73.05
CA CYS UB 23 -78.59 -15.38 73.43
C CYS UB 23 -77.82 -16.69 73.33
N THR UB 24 -78.19 -17.64 74.17
CA THR UB 24 -77.54 -18.95 74.18
C THR UB 24 -78.59 -20.04 74.28
N GLN UB 25 -78.35 -21.16 73.62
CA GLN UB 25 -79.16 -22.37 73.81
C GLN UB 25 -78.74 -23.02 75.12
N VAL UB 26 -79.72 -23.54 75.85
CA VAL UB 26 -79.49 -23.95 77.23
C VAL UB 26 -79.92 -25.38 77.54
N ARG UB 27 -80.88 -25.97 76.84
CA ARG UB 27 -81.35 -27.32 77.12
C ARG UB 27 -81.87 -27.46 78.56
N VAL UB 28 -83.00 -26.81 78.81
CA VAL UB 28 -83.58 -26.79 80.15
C VAL UB 28 -84.61 -27.90 80.32
N GLU UB 29 -84.86 -28.23 81.59
CA GLU UB 29 -85.87 -29.19 82.01
C GLU UB 29 -86.40 -28.74 83.37
N PHE UB 30 -87.68 -29.02 83.64
CA PHE UB 30 -88.38 -28.42 84.76
C PHE UB 30 -88.37 -29.28 86.03
N MET UB 31 -87.33 -30.11 86.22
CA MET UB 31 -87.05 -30.87 87.44
C MET UB 31 -88.23 -31.68 87.97
N ASP UB 32 -89.27 -31.84 87.17
CA ASP UB 32 -90.35 -32.79 87.48
C ASP UB 32 -90.68 -33.67 86.30
N ASP UB 33 -90.60 -33.15 85.08
CA ASP UB 33 -90.60 -33.94 83.86
C ASP UB 33 -89.17 -34.28 83.47
N THR UB 34 -88.45 -34.84 84.45
CA THR UB 34 -87.00 -34.94 84.36
C THR UB 34 -86.54 -35.69 83.11
N SER UB 35 -87.31 -36.66 82.64
CA SER UB 35 -86.98 -37.32 81.38
C SER UB 35 -87.38 -36.48 80.16
N ARG UB 36 -88.07 -35.36 80.36
CA ARG UB 36 -88.56 -34.52 79.29
C ARG UB 36 -87.91 -33.14 79.40
N SER UB 37 -87.38 -32.64 78.28
CA SER UB 37 -86.67 -31.37 78.31
C SER UB 37 -87.20 -30.49 77.18
N ILE UB 38 -86.49 -29.37 76.96
CA ILE UB 38 -86.86 -28.42 75.93
C ILE UB 38 -85.67 -27.49 75.66
N ILE UB 39 -85.56 -27.03 74.41
CA ILE UB 39 -84.56 -26.03 74.07
C ILE UB 39 -85.04 -24.66 74.51
N ARG UB 40 -84.10 -23.74 74.74
CA ARG UB 40 -84.40 -22.37 75.12
C ARG UB 40 -83.22 -21.47 74.79
N ASN UB 41 -83.52 -20.18 74.56
CA ASN UB 41 -82.51 -19.17 74.32
C ASN UB 41 -82.62 -18.09 75.38
N VAL UB 42 -81.51 -17.79 76.05
CA VAL UB 42 -81.49 -16.88 77.18
C VAL UB 42 -80.32 -15.90 77.01
N LYS UB 43 -80.47 -14.72 77.62
CA LYS UB 43 -79.43 -13.70 77.59
C LYS UB 43 -78.77 -13.56 78.95
N GLY UB 44 -77.54 -13.06 78.95
CA GLY UB 44 -76.74 -12.99 80.15
C GLY UB 44 -75.96 -14.27 80.34
N PRO UB 45 -75.02 -14.28 81.28
CA PRO UB 45 -74.27 -15.52 81.55
C PRO UB 45 -75.21 -16.64 81.92
N VAL UB 46 -74.86 -17.86 81.53
CA VAL UB 46 -75.84 -18.94 81.51
C VAL UB 46 -75.60 -19.95 82.63
N ARG UB 47 -74.35 -20.34 82.83
CA ARG UB 47 -73.95 -21.14 83.98
C ARG UB 47 -74.66 -22.49 84.02
N GLU UB 48 -74.29 -23.34 83.06
CA GLU UB 48 -74.78 -24.70 82.98
C GLU UB 48 -74.78 -25.37 84.35
N GLY UB 49 -75.91 -25.96 84.71
CA GLY UB 49 -76.10 -26.60 86.00
C GLY UB 49 -76.88 -25.76 87.00
N ASP UB 50 -77.21 -24.52 86.66
CA ASP UB 50 -78.00 -23.67 87.54
C ASP UB 50 -79.48 -23.86 87.22
N VAL UB 51 -80.33 -23.03 87.84
CA VAL UB 51 -81.77 -23.09 87.63
C VAL UB 51 -82.25 -21.72 87.21
N LEU UB 52 -83.17 -21.73 86.24
CA LEU UB 52 -83.62 -20.50 85.60
C LEU UB 52 -85.14 -20.50 85.54
N THR UB 53 -85.72 -19.34 85.86
CA THR UB 53 -87.17 -19.19 85.82
C THR UB 53 -87.67 -19.30 84.39
N LEU UB 54 -88.97 -19.56 84.25
CA LEU UB 54 -89.57 -19.74 82.94
C LEU UB 54 -91.08 -19.62 83.08
N LEU UB 55 -91.69 -18.73 82.30
CA LEU UB 55 -93.12 -18.49 82.41
C LEU UB 55 -93.92 -19.43 81.52
N GLU UB 56 -93.71 -19.35 80.22
CA GLU UB 56 -94.43 -20.16 79.26
C GLU UB 56 -93.44 -21.19 78.72
N SER UB 57 -93.74 -22.48 78.91
CA SER UB 57 -92.77 -23.52 78.63
C SER UB 57 -92.49 -23.63 77.13
N GLU UB 58 -93.55 -23.74 76.34
CA GLU UB 58 -93.44 -24.04 74.92
C GLU UB 58 -93.60 -22.75 74.11
N ARG UB 59 -92.45 -22.10 73.91
CA ARG UB 59 -92.37 -20.86 73.15
C ARG UB 59 -91.59 -21.05 71.85
N GLU UB 60 -90.40 -21.66 71.92
CA GLU UB 60 -89.55 -21.76 70.73
C GLU UB 60 -88.85 -23.10 70.71
N ALA UB 61 -88.45 -23.51 69.50
CA ALA UB 61 -87.69 -24.75 69.30
C ALA UB 61 -86.93 -24.64 67.98
N ARG UB 62 -85.62 -24.40 68.04
CA ARG UB 62 -84.76 -24.42 66.86
C ARG UB 62 -83.36 -24.87 67.22
N ARG UB 63 -82.65 -25.39 66.22
CA ARG UB 63 -81.28 -25.84 66.35
C ARG UB 63 -80.41 -25.12 65.33
N LEU UB 64 -79.17 -24.82 65.70
CA LEU UB 64 -78.23 -24.22 64.77
C LEU UB 64 -77.47 -25.28 63.99
N GLY VB 1 -23.30 47.20 62.03
CA GLY VB 1 -22.75 48.46 61.56
C GLY VB 1 -23.71 49.62 61.73
N HIS VB 2 -23.35 50.58 62.60
CA HIS VB 2 -22.11 50.58 63.36
C HIS VB 2 -22.22 49.71 64.61
N GLN VB 3 -21.24 49.86 65.51
CA GLN VB 3 -21.20 49.03 66.70
C GLN VB 3 -22.43 49.21 67.58
N GLN VB 4 -22.89 50.45 67.75
CA GLN VB 4 -23.98 50.71 68.68
C GLN VB 4 -25.28 50.02 68.25
N LEU VB 5 -25.55 49.98 66.95
CA LEU VB 5 -26.85 49.54 66.46
C LEU VB 5 -26.91 48.06 66.08
N TYR VB 6 -25.77 47.44 65.76
CA TYR VB 6 -25.81 46.09 65.21
C TYR VB 6 -26.42 45.09 66.19
N TRP VB 7 -26.12 45.23 67.48
CA TRP VB 7 -26.70 44.40 68.51
C TRP VB 7 -27.47 45.23 69.52
N SER VB 8 -28.16 46.27 69.05
CA SER VB 8 -28.92 47.12 69.95
C SER VB 8 -29.89 46.31 70.79
N HIS VB 9 -30.52 45.32 70.19
CA HIS VB 9 -31.45 44.49 70.94
C HIS VB 9 -30.67 43.47 71.76
N PRO VB 10 -31.06 43.20 73.01
CA PRO VB 10 -30.23 42.36 73.88
C PRO VB 10 -30.36 40.87 73.59
N ARG VB 11 -29.25 40.18 73.74
CA ARG VB 11 -29.19 38.72 73.62
C ARG VB 11 -29.29 38.07 74.99
N LYS VB 12 -30.35 38.45 75.69
CA LYS VB 12 -30.69 37.90 76.99
C LYS VB 12 -31.61 36.70 76.77
N PHE VB 13 -32.33 36.31 77.83
CA PHE VB 13 -33.35 35.27 77.79
C PHE VB 13 -34.13 35.24 76.49
N GLY VB 14 -34.42 34.03 76.01
CA GLY VB 14 -35.30 33.84 74.89
C GLY VB 14 -34.60 33.15 73.73
N GLN VB 15 -35.41 32.84 72.71
CA GLN VB 15 -34.91 32.19 71.51
C GLN VB 15 -33.89 33.02 70.76
N GLY VB 16 -33.83 34.33 71.02
CA GLY VB 16 -32.74 35.13 70.49
C GLY VB 16 -31.40 34.66 71.00
N SER VB 17 -31.36 34.16 72.22
CA SER VB 17 -30.15 33.58 72.78
C SER VB 17 -30.09 32.07 72.57
N ARG VB 18 -31.14 31.37 72.98
CA ARG VB 18 -31.15 29.92 72.89
C ARG VB 18 -31.18 29.47 71.44
N SER VB 19 -30.50 28.36 71.16
CA SER VB 19 -30.46 27.76 69.83
C SER VB 19 -29.89 26.36 69.99
N CYS VB 20 -30.08 25.54 68.96
CA CYS VB 20 -29.49 24.21 69.01
C CYS VB 20 -27.98 24.31 68.89
N ARG VB 21 -27.29 23.41 69.61
CA ARG VB 21 -25.83 23.39 69.61
C ARG VB 21 -25.28 22.63 68.42
N VAL VB 22 -26.13 22.14 67.52
CA VAL VB 22 -25.67 21.37 66.38
C VAL VB 22 -26.06 22.06 65.08
N CYS VB 23 -27.34 22.39 64.93
CA CYS VB 23 -27.85 22.93 63.67
C CYS VB 23 -28.21 24.40 63.77
N SER VB 24 -27.94 25.06 64.89
CA SER VB 24 -28.23 26.47 65.09
C SER VB 24 -29.73 26.78 65.00
N ASN VB 25 -30.57 25.76 64.98
CA ASN VB 25 -32.01 25.96 64.96
C ASN VB 25 -32.52 26.30 66.36
N ARG VB 26 -33.59 27.09 66.40
CA ARG VB 26 -34.15 27.54 67.67
C ARG VB 26 -35.51 26.93 67.95
N HIS VB 27 -35.88 25.89 67.20
CA HIS VB 27 -37.18 25.25 67.36
C HIS VB 27 -36.99 23.80 67.74
N GLY VB 28 -37.70 23.38 68.78
CA GLY VB 28 -37.63 22.01 69.25
C GLY VB 28 -36.51 21.73 70.22
N LEU VB 29 -36.03 22.76 70.91
CA LEU VB 29 -34.88 22.60 71.80
C LEU VB 29 -35.23 21.73 73.00
N ILE VB 30 -34.19 21.14 73.58
CA ILE VB 30 -34.29 20.36 74.81
C ILE VB 30 -33.27 20.92 75.78
N ARG VB 31 -33.69 21.83 76.65
CA ARG VB 31 -32.81 22.43 77.63
C ARG VB 31 -32.72 21.59 78.91
N LYS VB 32 -33.24 20.37 78.87
CA LYS VB 32 -33.13 19.50 80.03
C LYS VB 32 -31.69 19.01 80.16
N TYR VB 33 -31.18 19.03 81.39
CA TYR VB 33 -29.81 18.61 81.69
C TYR VB 33 -28.78 19.43 80.94
N GLY VB 34 -29.14 20.66 80.58
CA GLY VB 34 -28.20 21.57 79.95
C GLY VB 34 -27.57 21.04 78.68
N LEU VB 35 -28.27 20.18 77.95
CA LEU VB 35 -27.73 19.62 76.73
C LEU VB 35 -27.97 20.50 75.51
N ASN VB 36 -29.06 21.27 75.50
CA ASN VB 36 -29.31 22.34 74.53
C ASN VB 36 -29.17 21.81 73.09
N MET VB 37 -30.05 20.90 72.75
CA MET VB 37 -30.09 20.31 71.42
C MET VB 37 -31.53 20.13 70.98
N CYS VB 38 -31.79 20.40 69.71
CA CYS VB 38 -33.14 20.24 69.19
C CYS VB 38 -33.53 18.78 69.19
N ARG VB 39 -34.84 18.54 69.26
CA ARG VB 39 -35.35 17.16 69.37
C ARG VB 39 -34.88 16.31 68.20
N GLN VB 40 -34.97 16.84 66.99
CA GLN VB 40 -34.65 16.05 65.81
C GLN VB 40 -33.18 15.68 65.76
N CYS VB 41 -32.29 16.61 66.11
CA CYS VB 41 -30.88 16.24 66.21
C CYS VB 41 -30.61 15.33 67.40
N PHE VB 42 -31.42 15.43 68.45
CA PHE VB 42 -31.22 14.54 69.60
C PHE VB 42 -31.42 13.09 69.22
N ARG VB 43 -32.43 12.81 68.40
CA ARG VB 43 -32.66 11.44 67.94
C ARG VB 43 -31.49 10.93 67.12
N GLN VB 44 -30.92 11.78 66.26
CA GLN VB 44 -29.82 11.35 65.41
C GLN VB 44 -28.62 10.91 66.24
N TYR VB 45 -28.44 11.51 67.41
CA TYR VB 45 -27.23 11.30 68.20
C TYR VB 45 -27.50 10.54 69.50
N ALA VB 46 -28.76 10.23 69.81
CA ALA VB 46 -29.13 9.82 71.17
C ALA VB 46 -28.31 8.63 71.66
N LYS VB 47 -27.86 7.76 70.76
CA LYS VB 47 -27.01 6.65 71.19
C LYS VB 47 -25.64 7.17 71.65
N ASP VB 48 -25.11 8.18 70.97
CA ASP VB 48 -23.78 8.68 71.33
C ASP VB 48 -23.76 9.32 72.70
N ILE VB 49 -24.77 10.13 73.03
CA ILE VB 49 -24.86 10.63 74.39
C ILE VB 49 -25.07 9.48 75.37
N GLY VB 50 -25.69 8.40 74.92
CA GLY VB 50 -25.86 7.23 75.76
C GLY VB 50 -27.28 7.02 76.19
N PHE VB 51 -28.20 7.73 75.57
CA PHE VB 51 -29.62 7.54 75.86
C PHE VB 51 -30.14 6.40 75.00
N ILE VB 52 -30.09 5.19 75.54
CA ILE VB 52 -30.45 4.01 74.78
C ILE VB 52 -31.97 3.93 74.67
N LYS VB 53 -32.45 3.38 73.56
CA LYS VB 53 -33.88 3.13 73.39
C LYS VB 53 -34.25 1.91 74.22
N LEU VB 54 -34.37 2.09 75.53
CA LEU VB 54 -34.55 0.94 76.40
C LEU VB 54 -35.97 0.42 76.32
N ASP VB 55 -36.93 1.23 76.73
CA ASP VB 55 -38.34 0.87 76.70
C ASP VB 55 -39.23 2.09 76.71
N THR WB 1 -45.62 -63.98 112.62
CA THR WB 1 -46.86 -63.24 112.71
C THR WB 1 -46.62 -61.74 112.63
N GLU WB 2 -45.35 -61.35 112.56
CA GLU WB 2 -45.00 -59.95 112.45
C GLU WB 2 -45.44 -59.39 111.10
N GLN WB 3 -46.05 -58.21 111.12
CA GLN WB 3 -46.59 -57.58 109.93
C GLN WB 3 -46.20 -56.12 109.89
N MET WB 4 -46.19 -55.55 108.69
CA MET WB 4 -46.01 -54.12 108.48
C MET WB 4 -47.39 -53.54 108.16
N THR WB 5 -47.98 -52.85 109.13
CA THR WB 5 -49.26 -52.19 108.93
C THR WB 5 -49.07 -50.68 108.88
N LEU WB 6 -50.15 -49.98 108.55
CA LEU WB 6 -50.13 -48.52 108.49
C LEU WB 6 -50.56 -47.99 109.86
N ARG WB 7 -49.61 -47.38 110.57
CA ARG WB 7 -49.90 -46.76 111.86
C ARG WB 7 -50.21 -45.28 111.61
N GLY WB 8 -51.50 -45.02 111.42
CA GLY WB 8 -51.99 -43.66 111.26
C GLY WB 8 -51.46 -42.95 110.03
N THR WB 9 -51.90 -41.71 109.89
CA THR WB 9 -51.48 -40.83 108.80
C THR WB 9 -51.15 -39.46 109.36
N LEU WB 10 -50.20 -38.78 108.70
CA LEU WB 10 -49.64 -37.55 109.20
C LEU WB 10 -49.77 -36.45 108.16
N LYS WB 11 -50.48 -35.38 108.52
CA LYS WB 11 -50.71 -34.24 107.65
C LYS WB 11 -49.68 -33.15 107.91
N GLY WB 12 -49.47 -32.29 106.92
CA GLY WB 12 -48.56 -31.17 107.11
C GLY WB 12 -48.14 -30.44 105.86
N HIS WB 13 -46.82 -30.28 105.71
CA HIS WB 13 -46.21 -29.51 104.64
C HIS WB 13 -46.81 -29.81 103.28
N ASN WB 14 -46.97 -28.76 102.48
CA ASN WB 14 -47.80 -28.78 101.27
C ASN WB 14 -47.04 -29.26 100.04
N GLY WB 15 -45.75 -29.52 100.16
CA GLY WB 15 -44.99 -29.97 99.01
C GLY WB 15 -44.78 -31.47 99.04
N TRP WB 16 -43.67 -31.93 98.45
CA TRP WB 16 -43.28 -33.32 98.56
C TRP WB 16 -42.64 -33.55 99.93
N VAL WB 17 -41.96 -34.69 100.07
CA VAL WB 17 -41.14 -34.98 101.23
C VAL WB 17 -39.79 -35.45 100.71
N THR WB 18 -38.79 -34.58 100.81
CA THR WB 18 -37.47 -34.98 100.32
C THR WB 18 -36.77 -35.94 101.28
N GLN WB 19 -36.91 -35.74 102.58
CA GLN WB 19 -36.03 -36.41 103.52
C GLN WB 19 -36.68 -36.41 104.90
N ILE WB 20 -36.62 -37.55 105.59
CA ILE WB 20 -37.11 -37.64 106.97
C ILE WB 20 -36.09 -38.40 107.80
N ALA WB 21 -35.79 -37.89 108.99
CA ALA WB 21 -34.73 -38.46 109.80
C ALA WB 21 -35.26 -38.65 111.22
N THR WB 22 -34.44 -39.29 112.06
CA THR WB 22 -34.86 -39.64 113.40
C THR WB 22 -33.65 -39.66 114.32
N THR WB 23 -33.91 -39.57 115.62
CA THR WB 23 -32.87 -39.62 116.62
C THR WB 23 -33.27 -40.57 117.73
N PRO WB 24 -32.32 -41.33 118.29
CA PRO WB 24 -32.68 -42.28 119.35
C PRO WB 24 -32.81 -41.65 120.72
N GLN WB 25 -32.07 -40.56 121.00
CA GLN WB 25 -32.17 -39.91 122.31
C GLN WB 25 -33.57 -39.36 122.54
N PHE WB 26 -34.16 -38.77 121.51
CA PHE WB 26 -35.50 -38.18 121.59
C PHE WB 26 -36.41 -38.99 120.68
N PRO WB 27 -37.26 -39.85 121.26
CA PRO WB 27 -38.19 -40.65 120.44
C PRO WB 27 -39.54 -39.99 120.19
N ASP WB 28 -39.71 -38.73 120.60
CA ASP WB 28 -40.95 -37.99 120.39
C ASP WB 28 -40.73 -36.85 119.39
N MET WB 29 -39.68 -36.86 118.63
CA MET WB 29 -39.46 -35.82 117.64
C MET WB 29 -39.11 -36.47 116.31
N ILE WB 30 -39.74 -36.01 115.22
CA ILE WB 30 -39.43 -36.43 113.87
C ILE WB 30 -39.47 -35.23 112.95
N LEU WB 31 -38.49 -35.11 112.07
CA LEU WB 31 -38.40 -34.02 111.12
C LEU WB 31 -38.71 -34.55 109.72
N SER WB 32 -39.38 -33.72 108.92
CA SER WB 32 -39.75 -34.09 107.56
C SER WB 32 -39.36 -32.96 106.61
N ALA WB 33 -38.24 -33.15 105.90
CA ALA WB 33 -37.77 -32.16 104.92
C ALA WB 33 -38.68 -32.26 103.71
N SER WB 34 -39.20 -31.13 103.26
CA SER WB 34 -40.26 -31.08 102.27
C SER WB 34 -39.85 -30.21 101.09
N ARG WB 35 -40.83 -29.95 100.23
CA ARG WB 35 -40.64 -29.15 99.03
C ARG WB 35 -41.06 -27.70 99.22
N ASP WB 36 -41.57 -27.33 100.39
CA ASP WB 36 -41.96 -25.95 100.67
C ASP WB 36 -40.87 -25.20 101.41
N LYS WB 37 -39.62 -25.52 101.10
CA LYS WB 37 -38.43 -24.94 101.73
C LYS WB 37 -38.59 -24.79 103.24
N THR WB 38 -39.18 -25.80 103.87
CA THR WB 38 -39.33 -25.82 105.31
C THR WB 38 -39.03 -27.22 105.82
N ILE WB 39 -38.30 -27.28 106.93
CA ILE WB 39 -38.19 -28.47 107.75
C ILE WB 39 -39.22 -28.34 108.85
N ILE WB 40 -39.88 -29.45 109.19
CA ILE WB 40 -40.98 -29.41 110.14
C ILE WB 40 -40.72 -30.47 111.20
N MET WB 41 -40.63 -30.04 112.45
CA MET WB 41 -40.41 -30.92 113.58
C MET WB 41 -41.75 -31.20 114.24
N TRP WB 42 -42.06 -32.48 114.43
CA TRP WB 42 -43.36 -32.90 114.95
C TRP WB 42 -43.13 -33.66 116.24
N LYS WB 43 -43.98 -33.43 117.23
CA LYS WB 43 -43.94 -34.25 118.43
C LYS WB 43 -44.92 -35.40 118.29
N LEU WB 44 -44.42 -36.63 118.46
CA LEU WB 44 -45.20 -37.83 118.18
C LEU WB 44 -46.08 -38.13 119.38
N THR WB 45 -47.29 -37.59 119.35
CA THR WB 45 -48.28 -37.81 120.40
C THR WB 45 -48.89 -39.20 120.36
N ARG WB 46 -48.74 -39.93 119.25
CA ARG WB 46 -49.19 -41.32 119.11
C ARG WB 46 -50.69 -41.48 119.30
N ASP WB 47 -51.43 -40.40 119.51
CA ASP WB 47 -52.85 -40.51 119.81
C ASP WB 47 -53.69 -40.35 118.54
N GLU WB 48 -54.95 -40.77 118.65
CA GLU WB 48 -55.82 -40.89 117.49
C GLU WB 48 -56.03 -39.54 116.81
N THR WB 49 -56.09 -39.57 115.48
CA THR WB 49 -56.31 -38.49 114.52
C THR WB 49 -55.10 -37.58 114.34
N ASN WB 50 -54.07 -37.68 115.17
CA ASN WB 50 -52.86 -36.89 114.94
C ASN WB 50 -51.72 -37.59 115.71
N TYR WB 51 -50.92 -38.37 114.98
CA TYR WB 51 -49.79 -39.02 115.63
C TYR WB 51 -48.64 -38.05 115.85
N GLY WB 52 -48.46 -37.07 114.97
CA GLY WB 52 -47.46 -36.03 115.19
C GLY WB 52 -47.95 -34.65 114.85
N ILE WB 53 -48.06 -33.77 115.85
CA ILE WB 53 -48.45 -32.38 115.64
C ILE WB 53 -47.19 -31.60 115.26
N PRO WB 54 -47.18 -30.90 114.14
CA PRO WB 54 -45.95 -30.23 113.70
C PRO WB 54 -45.66 -28.96 114.48
N GLN WB 55 -45.54 -29.04 115.79
CA GLN WB 55 -45.53 -27.86 116.64
C GLN WB 55 -44.34 -26.94 116.39
N ARG WB 56 -43.30 -27.40 115.71
CA ARG WB 56 -42.18 -26.55 115.35
C ARG WB 56 -41.82 -26.78 113.89
N ALA WB 57 -41.75 -25.70 113.12
CA ALA WB 57 -41.25 -25.76 111.76
C ALA WB 57 -39.84 -25.19 111.72
N LEU WB 58 -39.28 -25.07 110.52
CA LEU WB 58 -37.91 -24.59 110.35
C LEU WB 58 -37.86 -23.87 109.00
N ARG WB 59 -37.92 -22.55 109.04
CA ARG WB 59 -38.03 -21.73 107.84
C ARG WB 59 -36.78 -20.88 107.68
N GLY WB 60 -36.51 -20.49 106.44
CA GLY WB 60 -35.33 -19.68 106.16
C GLY WB 60 -34.45 -20.20 105.05
N HIS WB 61 -35.01 -21.04 104.18
CA HIS WB 61 -34.28 -21.62 103.06
C HIS WB 61 -34.84 -21.09 101.75
N SER WB 62 -33.94 -20.60 100.89
CA SER WB 62 -34.39 -19.98 99.64
C SER WB 62 -35.14 -20.98 98.77
N HIS WB 63 -34.59 -22.17 98.61
CA HIS WB 63 -35.27 -23.24 97.90
C HIS WB 63 -35.49 -24.39 98.85
N PHE WB 64 -36.12 -25.45 98.34
CA PHE WB 64 -36.60 -26.52 99.21
C PHE WB 64 -35.46 -27.35 99.77
N VAL WB 65 -35.66 -27.88 100.98
CA VAL WB 65 -34.62 -28.58 101.70
C VAL WB 65 -34.56 -30.03 101.24
N SER WB 66 -33.36 -30.50 100.89
CA SER WB 66 -33.21 -31.82 100.30
C SER WB 66 -32.90 -32.87 101.35
N ASP WB 67 -32.04 -32.55 102.32
CA ASP WB 67 -31.63 -33.52 103.33
C ASP WB 67 -31.55 -32.82 104.68
N VAL WB 68 -31.81 -33.60 105.74
CA VAL WB 68 -31.70 -33.09 107.11
C VAL WB 68 -31.17 -34.23 107.98
N VAL WB 69 -30.25 -33.88 108.89
CA VAL WB 69 -29.64 -34.85 109.79
C VAL WB 69 -29.59 -34.23 111.18
N ILE WB 70 -29.84 -35.05 112.20
CA ILE WB 70 -29.82 -34.61 113.58
C ILE WB 70 -28.43 -34.84 114.15
N SER WB 71 -27.97 -33.90 114.98
CA SER WB 71 -26.76 -34.14 115.76
C SER WB 71 -27.03 -35.18 116.83
N SER WB 72 -25.97 -35.81 117.31
CA SER WB 72 -26.13 -36.81 118.37
C SER WB 72 -26.22 -36.17 119.74
N ASP WB 73 -26.98 -35.08 119.85
CA ASP WB 73 -27.41 -34.54 121.14
C ASP WB 73 -28.86 -34.10 121.15
N GLY WB 74 -29.50 -33.95 119.99
CA GLY WB 74 -30.85 -33.47 119.93
C GLY WB 74 -30.99 -31.97 120.00
N GLN WB 75 -29.89 -31.24 120.14
CA GLN WB 75 -29.91 -29.79 120.23
C GLN WB 75 -29.52 -29.12 118.93
N PHE WB 76 -28.81 -29.82 118.07
CA PHE WB 76 -28.48 -29.35 116.73
C PHE WB 76 -29.01 -30.33 115.70
N ALA WB 77 -29.39 -29.80 114.53
CA ALA WB 77 -29.84 -30.61 113.41
C ALA WB 77 -29.61 -29.83 112.13
N LEU WB 78 -28.60 -30.23 111.35
CA LEU WB 78 -28.21 -29.52 110.14
C LEU WB 78 -29.05 -30.00 108.98
N SER WB 79 -29.05 -29.23 107.88
CA SER WB 79 -29.93 -29.48 106.75
C SER WB 79 -29.21 -29.17 105.44
N GLY WB 80 -29.70 -29.76 104.36
CA GLY WB 80 -29.23 -29.44 103.02
C GLY WB 80 -30.37 -28.97 102.15
N SER WB 81 -30.32 -27.70 101.76
CA SER WB 81 -31.34 -27.11 100.90
C SER WB 81 -30.92 -27.24 99.44
N TRP WB 82 -31.61 -26.54 98.57
CA TRP WB 82 -31.27 -26.48 97.15
C TRP WB 82 -30.70 -25.12 96.78
N ASP WB 83 -29.95 -24.52 97.71
CA ASP WB 83 -29.37 -23.20 97.49
C ASP WB 83 -27.85 -23.24 97.38
N GLY WB 84 -27.24 -24.41 97.57
CA GLY WB 84 -25.83 -24.45 97.83
C GLY WB 84 -25.49 -24.05 99.24
N THR WB 85 -26.49 -23.92 100.10
CA THR WB 85 -26.32 -23.48 101.48
C THR WB 85 -26.76 -24.61 102.40
N LEU WB 86 -26.07 -24.72 103.54
CA LEU WB 86 -26.44 -25.66 104.59
C LEU WB 86 -26.71 -24.89 105.87
N ARG WB 87 -27.70 -25.34 106.62
CA ARG WB 87 -28.11 -24.63 107.83
C ARG WB 87 -28.20 -25.61 108.99
N LEU WB 88 -27.35 -25.40 109.98
CA LEU WB 88 -27.38 -26.16 111.23
C LEU WB 88 -28.23 -25.40 112.23
N TRP WB 89 -29.46 -25.86 112.42
CA TRP WB 89 -30.39 -25.16 113.30
C TRP WB 89 -30.29 -25.71 114.72
N ASP WB 90 -30.61 -24.84 115.67
CA ASP WB 90 -30.85 -25.28 117.04
C ASP WB 90 -32.33 -25.58 117.20
N LEU WB 91 -32.65 -26.84 117.50
CA LEU WB 91 -34.05 -27.25 117.55
C LEU WB 91 -34.82 -26.47 118.61
N THR WB 92 -34.13 -25.95 119.63
CA THR WB 92 -34.78 -25.07 120.58
C THR WB 92 -35.09 -23.74 119.90
N THR WB 93 -36.37 -23.37 119.87
CA THR WB 93 -36.87 -22.14 119.26
C THR WB 93 -36.58 -22.04 117.77
N GLY WB 94 -36.04 -23.10 117.16
CA GLY WB 94 -35.81 -23.11 115.73
C GLY WB 94 -34.97 -21.97 115.21
N THR WB 95 -33.78 -21.77 115.77
CA THR WB 95 -32.91 -20.66 115.42
C THR WB 95 -31.73 -21.15 114.60
N THR WB 96 -31.41 -20.41 113.54
CA THR WB 96 -30.26 -20.73 112.71
C THR WB 96 -28.99 -20.45 113.50
N THR WB 97 -28.28 -21.51 113.89
CA THR WB 97 -27.05 -21.32 114.65
C THR WB 97 -25.88 -21.01 113.73
N ARG WB 98 -25.55 -21.92 112.82
CA ARG WB 98 -24.45 -21.71 111.91
C ARG WB 98 -24.86 -22.15 110.51
N ARG WB 99 -24.83 -21.21 109.58
CA ARG WB 99 -25.11 -21.53 108.19
C ARG WB 99 -23.81 -21.81 107.44
N PHE WB 100 -23.87 -22.80 106.55
CA PHE WB 100 -22.72 -23.16 105.73
C PHE WB 100 -22.98 -22.83 104.28
N VAL WB 101 -22.06 -22.06 103.70
CA VAL WB 101 -22.10 -21.64 102.31
C VAL WB 101 -20.73 -21.90 101.70
N GLY WB 102 -20.72 -22.12 100.38
CA GLY WB 102 -19.49 -22.48 99.70
C GLY WB 102 -19.69 -23.43 98.53
N HIS WB 103 -20.88 -24.01 98.43
CA HIS WB 103 -21.19 -24.85 97.28
C HIS WB 103 -21.84 -24.01 96.19
N THR WB 104 -21.23 -24.02 95.00
CA THR WB 104 -21.67 -23.13 93.94
C THR WB 104 -23.01 -23.54 93.36
N LYS WB 105 -23.33 -24.84 93.41
CA LYS WB 105 -24.63 -25.33 92.99
C LYS WB 105 -25.33 -25.97 94.18
N ASP WB 106 -26.60 -26.31 93.96
CA ASP WB 106 -27.44 -26.81 95.05
C ASP WB 106 -26.95 -28.16 95.54
N VAL WB 107 -27.01 -28.34 96.85
CA VAL WB 107 -26.66 -29.63 97.45
C VAL WB 107 -27.88 -30.54 97.41
N LEU WB 108 -27.64 -31.83 97.58
CA LEU WB 108 -28.71 -32.80 97.68
C LEU WB 108 -28.64 -33.67 98.92
N SER WB 109 -27.51 -33.69 99.62
CA SER WB 109 -27.34 -34.57 100.76
C SER WB 109 -26.34 -33.98 101.73
N VAL WB 110 -26.49 -34.31 103.01
CA VAL WB 110 -25.58 -33.86 104.05
C VAL WB 110 -25.27 -35.04 104.96
N ALA WB 111 -23.99 -35.23 105.27
CA ALA WB 111 -23.56 -36.31 106.13
C ALA WB 111 -23.06 -35.74 107.45
N PHE WB 112 -23.29 -36.50 108.51
CA PHE WB 112 -22.97 -36.07 109.86
C PHE WB 112 -22.10 -37.13 110.52
N SER WB 113 -20.93 -36.72 110.99
CA SER WB 113 -19.94 -37.66 111.49
C SER WB 113 -20.40 -38.25 112.83
N SER WB 114 -19.76 -39.36 113.20
CA SER WB 114 -20.09 -40.02 114.46
C SER WB 114 -19.78 -39.12 115.66
N ASP WB 115 -18.60 -38.52 115.68
CA ASP WB 115 -18.17 -37.68 116.79
C ASP WB 115 -18.72 -36.27 116.70
N ASN WB 116 -19.65 -36.02 115.78
CA ASN WB 116 -20.37 -34.75 115.67
C ASN WB 116 -19.41 -33.59 115.38
N ARG WB 117 -18.21 -33.91 114.93
CA ARG WB 117 -17.16 -32.93 114.71
C ARG WB 117 -16.97 -32.60 113.24
N GLN WB 118 -17.17 -33.58 112.36
CA GLN WB 118 -16.97 -33.40 110.93
C GLN WB 118 -18.30 -33.51 110.18
N ILE WB 119 -18.35 -32.84 109.03
CA ILE WB 119 -19.56 -32.79 108.20
C ILE WB 119 -19.13 -32.72 106.74
N VAL WB 120 -19.65 -33.61 105.91
CA VAL WB 120 -19.41 -33.57 104.47
C VAL WB 120 -20.75 -33.41 103.74
N SER WB 121 -20.70 -32.77 102.57
CA SER WB 121 -21.90 -32.42 101.83
C SER WB 121 -21.75 -32.85 100.38
N GLY WB 122 -22.68 -33.66 99.89
CA GLY WB 122 -22.69 -34.09 98.52
C GLY WB 122 -23.60 -33.21 97.69
N SER WB 123 -23.00 -32.42 96.81
CA SER WB 123 -23.70 -31.35 96.12
C SER WB 123 -23.62 -31.52 94.61
N ARG WB 124 -24.50 -30.83 93.89
CA ARG WB 124 -24.65 -30.99 92.46
C ARG WB 124 -23.46 -30.51 91.66
N ASP WB 125 -22.50 -29.82 92.30
CA ASP WB 125 -21.32 -29.30 91.62
C ASP WB 125 -20.21 -30.33 91.52
N LYS WB 126 -20.56 -31.63 91.54
CA LYS WB 126 -19.64 -32.77 91.49
C LYS WB 126 -18.46 -32.60 92.44
N THR WB 127 -18.68 -31.97 93.59
CA THR WB 127 -17.68 -31.86 94.64
C THR WB 127 -18.34 -32.10 95.98
N ILE WB 128 -17.60 -32.74 96.88
CA ILE WB 128 -18.03 -32.93 98.25
C ILE WB 128 -17.01 -32.28 99.18
N LYS WB 129 -17.51 -31.44 100.07
CA LYS WB 129 -16.67 -30.65 100.95
C LYS WB 129 -16.79 -31.15 102.38
N LEU WB 130 -15.68 -31.14 103.10
CA LEU WB 130 -15.65 -31.52 104.51
C LEU WB 130 -15.66 -30.25 105.35
N TRP WB 131 -16.68 -30.10 106.19
CA TRP WB 131 -16.84 -28.90 106.98
C TRP WB 131 -16.50 -29.16 108.44
N ASN WB 132 -16.06 -28.10 109.11
CA ASN WB 132 -15.83 -28.12 110.55
C ASN WB 132 -17.00 -27.39 111.24
N THR WB 133 -17.12 -27.59 112.55
CA THR WB 133 -18.30 -27.11 113.25
C THR WB 133 -18.34 -25.59 113.35
N LEU WB 134 -17.16 -24.95 113.46
CA LEU WB 134 -17.13 -23.50 113.61
C LEU WB 134 -17.78 -22.80 112.40
N GLY WB 135 -17.72 -23.42 111.23
CA GLY WB 135 -18.40 -22.85 110.07
C GLY WB 135 -17.54 -22.80 108.82
N VAL WB 136 -16.29 -23.24 108.93
CA VAL WB 136 -15.37 -23.24 107.80
C VAL WB 136 -15.24 -24.67 107.28
N CYS WB 137 -15.05 -24.79 105.97
CA CYS WB 137 -14.83 -26.08 105.35
C CYS WB 137 -13.34 -26.38 105.24
N LYS WB 138 -12.97 -27.61 105.61
CA LYS WB 138 -11.57 -28.02 105.64
C LYS WB 138 -11.07 -28.40 104.24
N TYR WB 139 -11.67 -29.41 103.63
CA TYR WB 139 -11.20 -29.90 102.33
C TYR WB 139 -12.37 -30.01 101.37
N THR WB 140 -12.13 -29.59 100.13
CA THR WB 140 -13.08 -29.80 99.03
C THR WB 140 -12.53 -30.92 98.17
N VAL WB 141 -13.33 -31.96 97.97
CA VAL WB 141 -12.89 -33.16 97.27
C VAL WB 141 -13.23 -33.02 95.80
N GLN WB 142 -12.24 -33.19 94.94
CA GLN WB 142 -12.41 -33.09 93.49
C GLN WB 142 -11.27 -33.86 92.84
N ASP WB 143 -11.35 -33.98 91.51
CA ASP WB 143 -10.40 -34.66 90.61
C ASP WB 143 -10.49 -36.17 90.74
N GLU WB 144 -11.30 -36.66 91.68
CA GLU WB 144 -11.54 -38.09 91.81
C GLU WB 144 -12.98 -38.44 92.14
N SER WB 145 -13.85 -37.46 92.35
CA SER WB 145 -15.23 -37.72 92.73
C SER WB 145 -16.05 -38.06 91.49
N HIS WB 146 -17.37 -38.11 91.64
CA HIS WB 146 -18.25 -38.36 90.51
C HIS WB 146 -18.15 -37.20 89.52
N SER WB 147 -18.01 -37.54 88.23
CA SER WB 147 -18.01 -36.52 87.20
C SER WB 147 -19.40 -35.92 87.01
N GLU WB 148 -20.45 -36.68 87.34
CA GLU WB 148 -21.79 -36.12 87.41
C GLU WB 148 -22.08 -35.69 88.84
N TRP WB 149 -23.34 -35.40 89.13
CA TRP WB 149 -23.73 -34.93 90.46
C TRP WB 149 -23.42 -36.00 91.50
N VAL WB 150 -22.85 -35.59 92.62
CA VAL WB 150 -22.62 -36.53 93.72
C VAL WB 150 -23.82 -36.51 94.65
N SER WB 151 -24.64 -37.56 94.58
CA SER WB 151 -25.84 -37.72 95.37
C SER WB 151 -25.50 -38.20 96.77
N CYS WB 152 -26.50 -38.75 97.48
CA CYS WB 152 -26.45 -39.07 98.89
C CYS WB 152 -25.07 -39.54 99.36
N VAL WB 153 -24.59 -38.95 100.44
CA VAL WB 153 -23.30 -39.27 101.01
C VAL WB 153 -23.48 -39.52 102.50
N ARG WB 154 -22.87 -40.59 103.00
CA ARG WB 154 -23.06 -40.98 104.38
C ARG WB 154 -21.72 -41.28 105.03
N PHE WB 155 -21.69 -41.13 106.35
CA PHE WB 155 -20.49 -41.33 107.14
C PHE WB 155 -20.34 -42.80 107.56
N SER WB 156 -19.32 -43.05 108.38
CA SER WB 156 -19.07 -44.38 108.91
C SER WB 156 -19.79 -44.53 110.24
N PRO WB 157 -20.79 -45.41 110.35
CA PRO WB 157 -21.46 -45.59 111.65
C PRO WB 157 -20.56 -46.18 112.71
N ASN WB 158 -19.43 -46.77 112.33
CA ASN WB 158 -18.53 -47.36 113.31
C ASN WB 158 -17.39 -46.39 113.61
N SER WB 159 -17.00 -46.33 114.89
CA SER WB 159 -15.99 -45.36 115.32
C SER WB 159 -14.66 -45.60 114.64
N SER WB 160 -14.24 -46.85 114.51
CA SER WB 160 -13.03 -47.16 113.77
C SER WB 160 -13.30 -47.02 112.28
N ASN WB 161 -12.33 -47.49 111.47
CA ASN WB 161 -12.29 -47.47 110.00
C ASN WB 161 -13.08 -46.27 109.48
N PRO WB 162 -12.62 -45.04 109.73
CA PRO WB 162 -13.43 -43.87 109.39
C PRO WB 162 -13.60 -43.76 107.88
N ILE WB 163 -14.80 -44.03 107.40
CA ILE WB 163 -15.05 -44.24 105.99
C ILE WB 163 -16.14 -43.30 105.54
N ILE WB 164 -16.05 -42.84 104.29
CA ILE WB 164 -17.07 -42.00 103.68
C ILE WB 164 -17.54 -42.69 102.42
N VAL WB 165 -18.75 -43.20 102.45
CA VAL WB 165 -19.38 -43.75 101.27
C VAL WB 165 -20.09 -42.60 100.57
N SER WB 166 -20.21 -42.68 99.25
CA SER WB 166 -20.72 -41.55 98.49
C SER WB 166 -21.44 -42.06 97.25
N CYS WB 167 -22.77 -42.07 97.31
CA CYS WB 167 -23.57 -42.30 96.12
C CYS WB 167 -23.36 -41.14 95.14
N GLY WB 168 -23.56 -41.43 93.86
CA GLY WB 168 -23.32 -40.41 92.86
C GLY WB 168 -24.15 -40.66 91.62
N TRP WB 169 -24.02 -39.74 90.67
CA TRP WB 169 -24.72 -39.86 89.39
C TRP WB 169 -23.82 -40.42 88.30
N ASP WB 170 -22.62 -40.91 88.65
CA ASP WB 170 -21.70 -41.50 87.70
C ASP WB 170 -21.93 -42.99 87.51
N LYS WB 171 -22.96 -43.54 88.13
CA LYS WB 171 -23.27 -44.97 88.11
C LYS WB 171 -22.20 -45.80 88.81
N LEU WB 172 -21.49 -45.22 89.77
CA LEU WB 172 -20.63 -46.00 90.65
C LEU WB 172 -20.61 -45.33 92.02
N VAL WB 173 -20.18 -46.09 93.02
CA VAL WB 173 -20.15 -45.65 94.41
C VAL WB 173 -18.71 -45.46 94.82
N LYS WB 174 -18.39 -44.26 95.32
CA LYS WB 174 -17.07 -43.94 95.81
C LYS WB 174 -17.01 -44.17 97.32
N VAL WB 175 -15.85 -44.59 97.79
CA VAL WB 175 -15.63 -44.92 99.19
C VAL WB 175 -14.40 -44.13 99.65
N TRP WB 176 -14.62 -43.09 100.43
CA TRP WB 176 -13.54 -42.21 100.89
C TRP WB 176 -13.24 -42.42 102.36
N ASN WB 177 -12.02 -42.08 102.74
CA ASN WB 177 -11.59 -42.13 104.13
C ASN WB 177 -11.64 -40.73 104.73
N LEU WB 178 -11.20 -40.62 105.98
CA LEU WB 178 -11.24 -39.36 106.71
C LEU WB 178 -9.87 -38.80 107.03
N ALA WB 179 -8.89 -39.65 107.33
CA ALA WB 179 -7.58 -39.18 107.77
C ALA WB 179 -6.95 -38.28 106.72
N ASN WB 180 -6.69 -38.82 105.54
CA ASN WB 180 -6.09 -38.07 104.44
C ASN WB 180 -7.09 -37.87 103.31
N CYS WB 181 -8.29 -38.44 103.46
CA CYS WB 181 -9.47 -38.16 102.63
C CYS WB 181 -9.20 -38.32 101.14
N LYS WB 182 -8.84 -39.53 100.73
CA LYS WB 182 -8.85 -39.89 99.32
C LYS WB 182 -9.73 -41.13 99.11
N LEU WB 183 -9.81 -41.53 97.85
CA LEU WB 183 -10.67 -42.64 97.47
C LEU WB 183 -10.07 -43.94 98.00
N LYS WB 184 -10.95 -44.81 98.49
CA LYS WB 184 -10.55 -46.14 98.92
C LYS WB 184 -11.01 -47.25 98.00
N THR WB 185 -12.25 -47.22 97.55
CA THR WB 185 -12.81 -48.32 96.78
C THR WB 185 -13.65 -47.77 95.64
N ASN WB 186 -13.18 -47.97 94.41
CA ASN WB 186 -13.95 -47.61 93.23
C ASN WB 186 -14.78 -48.84 92.89
N HIS WB 187 -15.97 -48.90 93.44
CA HIS WB 187 -16.83 -50.06 93.30
C HIS WB 187 -17.95 -49.73 92.34
N ILE WB 188 -18.01 -50.46 91.21
CA ILE WB 188 -19.01 -50.21 90.17
C ILE WB 188 -19.90 -51.44 90.04
N GLY WB 189 -20.86 -51.37 89.11
CA GLY WB 189 -21.75 -52.48 88.85
C GLY WB 189 -23.18 -52.07 88.56
N HIS WB 190 -23.41 -50.78 88.43
CA HIS WB 190 -24.77 -50.24 88.29
C HIS WB 190 -25.04 -49.87 86.84
N THR WB 191 -26.17 -50.34 86.31
CA THR WB 191 -26.63 -49.97 84.97
C THR WB 191 -27.64 -48.81 85.07
N GLY WB 192 -27.19 -47.73 85.68
CA GLY WB 192 -28.04 -46.58 85.91
C GLY WB 192 -27.46 -45.68 86.98
N TYR WB 193 -27.95 -44.46 87.00
CA TYR WB 193 -27.44 -43.49 87.96
C TYR WB 193 -27.87 -43.87 89.37
N LEU WB 194 -26.92 -43.79 90.31
CA LEU WB 194 -27.22 -44.07 91.70
C LEU WB 194 -28.05 -42.94 92.29
N ASN WB 195 -28.91 -43.28 93.25
CA ASN WB 195 -29.79 -42.31 93.88
C ASN WB 195 -29.55 -42.15 95.37
N THR WB 196 -29.41 -43.26 96.10
CA THR WB 196 -29.18 -43.21 97.54
C THR WB 196 -28.18 -44.29 97.93
N VAL WB 197 -27.58 -44.10 99.11
CA VAL WB 197 -26.69 -45.09 99.69
C VAL WB 197 -27.00 -45.20 101.18
N THR WB 198 -26.91 -46.42 101.70
CA THR WB 198 -27.31 -46.70 103.07
C THR WB 198 -26.39 -47.74 103.67
N VAL WB 199 -26.08 -47.60 104.96
CA VAL WB 199 -25.22 -48.53 105.68
C VAL WB 199 -25.99 -49.07 106.89
N SER WB 200 -25.74 -50.33 107.23
CA SER WB 200 -26.35 -51.03 108.36
C SER WB 200 -26.18 -50.24 109.66
N PRO WB 201 -26.97 -50.51 110.69
CA PRO WB 201 -26.82 -49.76 111.94
C PRO WB 201 -25.41 -49.84 112.52
N ASP WB 202 -24.71 -50.93 112.27
CA ASP WB 202 -23.29 -51.01 112.52
C ASP WB 202 -22.53 -50.75 111.23
N GLY WB 203 -21.31 -50.23 111.37
CA GLY WB 203 -20.52 -49.88 110.20
C GLY WB 203 -19.95 -51.10 109.49
N SER WB 204 -20.80 -51.91 108.88
CA SER WB 204 -20.40 -53.17 108.29
C SER WB 204 -20.56 -53.21 106.77
N LEU WB 205 -21.75 -52.93 106.25
CA LEU WB 205 -22.01 -53.14 104.84
C LEU WB 205 -22.99 -52.09 104.34
N CYS WB 206 -22.83 -51.71 103.08
CA CYS WB 206 -23.58 -50.62 102.47
C CYS WB 206 -24.44 -51.14 101.33
N ALA WB 207 -25.40 -50.31 100.93
CA ALA WB 207 -26.35 -50.65 99.88
C ALA WB 207 -26.63 -49.41 99.05
N SER WB 208 -26.67 -49.56 97.73
CA SER WB 208 -26.89 -48.46 96.81
C SER WB 208 -27.87 -48.88 95.73
N GLY WB 209 -28.54 -47.89 95.15
CA GLY WB 209 -29.51 -48.14 94.09
C GLY WB 209 -29.88 -46.87 93.37
N GLY WB 210 -30.60 -47.04 92.26
CA GLY WB 210 -30.97 -45.91 91.42
C GLY WB 210 -32.04 -46.21 90.39
N LYS WB 211 -31.85 -45.70 89.17
CA LYS WB 211 -32.87 -45.85 88.13
C LYS WB 211 -33.10 -47.31 87.77
N ASP WB 212 -32.01 -48.08 87.67
CA ASP WB 212 -32.12 -49.44 87.17
C ASP WB 212 -32.85 -50.36 88.13
N GLY WB 213 -33.14 -49.91 89.35
CA GLY WB 213 -33.93 -50.67 90.28
C GLY WB 213 -33.22 -51.81 90.96
N GLN WB 214 -31.91 -51.96 90.73
CA GLN WB 214 -31.14 -53.02 91.37
C GLN WB 214 -30.59 -52.50 92.69
N ALA WB 215 -31.03 -53.09 93.79
CA ALA WB 215 -30.50 -52.78 95.11
C ALA WB 215 -29.47 -53.84 95.47
N MET WB 216 -28.20 -53.45 95.49
CA MET WB 216 -27.11 -54.39 95.64
C MET WB 216 -26.41 -54.19 96.98
N LEU WB 217 -25.96 -55.29 97.57
CA LEU WB 217 -25.39 -55.28 98.91
C LEU WB 217 -23.87 -55.39 98.85
N TRP WB 218 -23.20 -54.46 99.54
CA TRP WB 218 -21.80 -54.11 99.32
C TRP WB 218 -21.08 -54.00 100.67
N ASP WB 219 -19.84 -54.47 100.70
CA ASP WB 219 -19.01 -54.41 101.90
C ASP WB 219 -18.17 -53.14 101.92
N LEU WB 220 -18.07 -52.52 103.10
CA LEU WB 220 -17.23 -51.34 103.29
C LEU WB 220 -16.02 -51.60 104.17
N ASN WB 221 -16.06 -52.62 105.03
CA ASN WB 221 -14.87 -52.96 105.80
C ASN WB 221 -13.72 -53.39 104.91
N GLU WB 222 -14.00 -54.03 103.78
CA GLU WB 222 -12.93 -54.45 102.88
C GLU WB 222 -13.22 -54.00 101.45
N GLY WB 223 -14.50 -54.00 101.05
CA GLY WB 223 -14.86 -53.56 99.72
C GLY WB 223 -15.14 -54.62 98.66
N LYS WB 224 -16.08 -55.52 98.92
CA LYS WB 224 -16.60 -56.43 97.91
C LYS WB 224 -18.12 -56.42 97.88
N HIS WB 225 -18.65 -56.81 96.73
CA HIS WB 225 -20.08 -57.02 96.52
C HIS WB 225 -20.47 -58.43 96.95
N LEU WB 226 -21.70 -58.56 97.47
CA LEU WB 226 -22.15 -59.87 97.90
C LEU WB 226 -23.54 -60.23 97.39
N TYR WB 227 -24.42 -59.24 97.16
CA TYR WB 227 -25.78 -59.55 96.75
C TYR WB 227 -26.30 -58.44 95.86
N THR WB 228 -26.93 -58.84 94.75
CA THR WB 228 -27.59 -57.95 93.80
C THR WB 228 -29.08 -58.25 93.84
N LEU WB 229 -29.83 -57.48 94.61
CA LEU WB 229 -31.25 -57.75 94.73
C LEU WB 229 -32.05 -56.74 93.93
N ASP WB 230 -32.93 -57.25 93.07
CA ASP WB 230 -33.61 -56.45 92.07
C ASP WB 230 -34.95 -55.98 92.60
N GLY WB 231 -35.25 -54.68 92.39
CA GLY WB 231 -36.54 -54.13 92.73
C GLY WB 231 -37.45 -54.01 91.51
N GLY WB 232 -38.71 -53.65 91.79
CA GLY WB 232 -39.68 -53.53 90.72
C GLY WB 232 -39.36 -52.41 89.75
N ASP WB 233 -38.99 -51.25 90.28
CA ASP WB 233 -38.67 -50.09 89.44
C ASP WB 233 -37.65 -49.24 90.19
N ILE WB 234 -37.53 -47.97 89.79
CA ILE WB 234 -36.57 -47.06 90.41
C ILE WB 234 -36.75 -47.05 91.91
N ILE WB 235 -35.65 -47.11 92.64
CA ILE WB 235 -35.66 -46.97 94.08
C ILE WB 235 -35.11 -45.58 94.43
N ASN WB 236 -35.59 -45.05 95.56
CA ASN WB 236 -35.19 -43.71 95.94
C ASN WB 236 -34.89 -43.58 97.43
N ALA WB 237 -34.90 -44.67 98.19
CA ALA WB 237 -34.59 -44.62 99.61
C ALA WB 237 -34.31 -46.02 100.12
N LEU WB 238 -33.16 -46.18 100.76
CA LEU WB 238 -32.78 -47.42 101.41
C LEU WB 238 -32.54 -47.13 102.88
N CYS WB 239 -33.09 -47.97 103.75
CA CYS WB 239 -32.92 -47.76 105.19
C CYS WB 239 -32.78 -49.11 105.86
N PHE WB 240 -31.84 -49.19 106.80
CA PHE WB 240 -31.64 -50.39 107.60
C PHE WB 240 -32.35 -50.24 108.94
N SER WB 241 -33.03 -51.30 109.35
CA SER WB 241 -33.67 -51.28 110.65
C SER WB 241 -32.60 -51.26 111.75
N PRO WB 242 -32.88 -50.60 112.88
CA PRO WB 242 -31.86 -50.44 113.91
C PRO WB 242 -31.48 -51.75 114.58
N ASN WB 243 -32.47 -52.52 115.01
CA ASN WB 243 -32.21 -53.76 115.74
C ASN WB 243 -31.91 -54.92 114.79
N ARG WB 244 -32.87 -55.27 113.95
CA ARG WB 244 -32.68 -56.29 112.94
C ARG WB 244 -32.19 -55.67 111.64
N TYR WB 245 -31.49 -56.47 110.83
CA TYR WB 245 -30.91 -55.93 109.61
C TYR WB 245 -32.01 -55.49 108.64
N TRP WB 246 -32.79 -56.46 108.13
CA TRP WB 246 -34.07 -56.19 107.45
C TRP WB 246 -34.06 -54.97 106.56
N LEU WB 247 -33.26 -54.97 105.49
CA LEU WB 247 -33.21 -53.82 104.60
C LEU WB 247 -34.59 -53.54 104.00
N CYS WB 248 -35.02 -52.29 104.10
CA CYS WB 248 -36.26 -51.84 103.47
C CYS WB 248 -35.92 -50.75 102.47
N ALA WB 249 -36.45 -50.88 101.26
CA ALA WB 249 -36.14 -49.97 100.16
C ALA WB 249 -37.45 -49.42 99.59
N ALA WB 250 -37.46 -48.13 99.29
CA ALA WB 250 -38.60 -47.51 98.63
C ALA WB 250 -38.49 -47.74 97.12
N THR WB 251 -39.18 -48.77 96.62
CA THR WB 251 -39.12 -49.11 95.20
C THR WB 251 -40.32 -48.47 94.52
N GLY WB 252 -40.09 -47.38 93.79
CA GLY WB 252 -41.16 -46.65 93.17
C GLY WB 252 -42.15 -46.14 94.19
N PRO WB 253 -43.43 -46.29 93.90
CA PRO WB 253 -44.49 -45.90 94.84
C PRO WB 253 -44.82 -47.00 95.85
N SER WB 254 -43.79 -47.61 96.42
CA SER WB 254 -43.96 -48.73 97.33
C SER WB 254 -42.63 -49.04 97.99
N ILE WB 255 -42.71 -49.57 99.19
CA ILE WB 255 -41.54 -49.93 99.98
C ILE WB 255 -41.45 -51.44 100.00
N LYS WB 256 -40.26 -51.97 99.70
CA LYS WB 256 -40.04 -53.41 99.73
C LYS WB 256 -39.09 -53.74 100.88
N ILE WB 257 -39.49 -54.69 101.71
CA ILE WB 257 -38.75 -55.06 102.92
C ILE WB 257 -38.26 -56.50 102.76
N TRP WB 258 -36.97 -56.70 102.94
CA TRP WB 258 -36.35 -58.01 102.79
C TRP WB 258 -35.22 -58.16 103.80
N ASP WB 259 -34.86 -59.41 104.08
CA ASP WB 259 -33.77 -59.70 104.99
C ASP WB 259 -32.60 -60.29 104.22
N LEU WB 260 -31.39 -59.91 104.65
CA LEU WB 260 -30.18 -60.34 103.94
C LEU WB 260 -29.81 -61.78 104.23
N GLU WB 261 -30.19 -62.31 105.39
CA GLU WB 261 -30.01 -63.73 105.67
C GLU WB 261 -31.15 -64.55 105.08
N GLY WB 262 -32.39 -64.18 105.42
CA GLY WB 262 -33.55 -64.73 104.75
C GLY WB 262 -33.83 -63.96 103.47
N LYS WB 263 -33.06 -64.26 102.41
CA LYS WB 263 -33.03 -63.44 101.20
C LYS WB 263 -34.42 -63.17 100.64
N ILE WB 264 -35.43 -63.95 101.06
CA ILE WB 264 -36.78 -63.75 100.57
C ILE WB 264 -37.32 -62.41 101.06
N ILE WB 265 -38.15 -61.76 100.23
CA ILE WB 265 -38.81 -60.53 100.66
C ILE WB 265 -39.73 -60.86 101.83
N VAL WB 266 -39.78 -59.95 102.81
CA VAL WB 266 -40.53 -60.24 104.02
C VAL WB 266 -41.97 -59.76 103.89
N ASP WB 267 -42.17 -58.50 103.50
CA ASP WB 267 -43.50 -57.99 103.19
C ASP WB 267 -43.38 -57.03 102.01
N GLU WB 268 -44.52 -56.46 101.64
CA GLU WB 268 -44.60 -55.45 100.57
C GLU WB 268 -45.40 -54.27 101.11
N LEU WB 269 -44.73 -53.12 101.23
CA LEU WB 269 -45.38 -51.92 101.74
C LEU WB 269 -45.91 -51.10 100.57
N LYS WB 270 -47.19 -51.26 100.27
CA LYS WB 270 -47.85 -50.51 99.21
C LYS WB 270 -48.68 -49.41 99.83
N GLN WB 271 -48.72 -48.24 99.18
CA GLN WB 271 -49.60 -47.18 99.63
C GLN WB 271 -51.04 -47.49 99.23
N GLU WB 272 -51.96 -47.25 100.17
CA GLU WB 272 -53.36 -47.59 99.94
C GLU WB 272 -53.90 -46.82 98.75
N VAL WB 273 -54.75 -47.49 97.96
CA VAL WB 273 -55.20 -46.96 96.68
C VAL WB 273 -56.69 -46.70 96.73
N ILE WB 274 -57.20 -46.36 97.92
CA ILE WB 274 -58.61 -46.03 98.06
C ILE WB 274 -58.93 -44.82 97.20
N SER WB 275 -60.19 -44.72 96.76
CA SER WB 275 -60.64 -43.69 95.82
C SER WB 275 -59.77 -43.71 94.56
N THR WB 276 -59.83 -44.85 93.87
CA THR WB 276 -58.92 -45.18 92.77
C THR WB 276 -58.89 -44.11 91.69
N SER WB 277 -57.72 -43.50 91.50
CA SER WB 277 -57.54 -42.55 90.40
C SER WB 277 -57.52 -43.26 89.05
N SER WB 278 -56.73 -44.33 88.94
CA SER WB 278 -56.59 -45.16 87.75
C SER WB 278 -56.01 -44.42 86.55
N LYS WB 279 -55.62 -43.15 86.73
CA LYS WB 279 -55.03 -42.37 85.66
C LYS WB 279 -53.73 -41.70 86.06
N ALA WB 280 -53.37 -41.74 87.34
CA ALA WB 280 -52.19 -41.03 87.83
C ALA WB 280 -51.27 -42.02 88.55
N GLU WB 281 -49.98 -41.77 88.45
CA GLU WB 281 -49.01 -42.60 89.15
C GLU WB 281 -49.22 -42.47 90.66
N PRO WB 282 -49.32 -43.59 91.38
CA PRO WB 282 -49.52 -43.50 92.82
C PRO WB 282 -48.37 -42.76 93.47
N PRO WB 283 -48.62 -42.04 94.56
CA PRO WB 283 -47.60 -41.16 95.15
C PRO WB 283 -46.27 -41.89 95.37
N GLN WB 284 -45.23 -41.37 94.74
CA GLN WB 284 -43.89 -41.94 94.84
C GLN WB 284 -43.33 -41.72 96.23
N CYS WB 285 -43.05 -42.81 96.94
CA CYS WB 285 -42.45 -42.70 98.28
C CYS WB 285 -40.99 -42.30 98.12
N THR WB 286 -40.69 -41.05 98.49
CA THR WB 286 -39.34 -40.53 98.27
C THR WB 286 -38.41 -40.89 99.42
N SER WB 287 -38.79 -40.51 100.64
CA SER WB 287 -37.94 -40.68 101.81
C SER WB 287 -38.42 -41.85 102.65
N LEU WB 288 -37.48 -42.48 103.34
CA LEU WB 288 -37.75 -43.64 104.17
C LEU WB 288 -36.80 -43.64 105.36
N ALA WB 289 -37.36 -43.80 106.55
CA ALA WB 289 -36.57 -43.75 107.78
C ALA WB 289 -37.19 -44.66 108.82
N TRP WB 290 -36.46 -44.88 109.90
CA TRP WB 290 -36.86 -45.82 110.94
C TRP WB 290 -37.16 -45.07 112.23
N SER WB 291 -37.50 -45.83 113.27
CA SER WB 291 -37.88 -45.26 114.56
C SER WB 291 -36.80 -45.43 115.62
N ALA WB 292 -35.55 -45.63 115.19
CA ALA WB 292 -34.37 -45.64 116.05
C ALA WB 292 -34.33 -46.84 116.99
N ASP WB 293 -35.45 -47.57 117.13
CA ASP WB 293 -35.43 -48.82 117.87
C ASP WB 293 -36.27 -49.89 117.18
N GLY WB 294 -36.65 -49.69 115.93
CA GLY WB 294 -37.36 -50.70 115.17
C GLY WB 294 -38.75 -51.04 115.66
N GLN WB 295 -39.57 -50.05 115.99
CA GLN WB 295 -40.97 -50.28 116.34
C GLN WB 295 -41.92 -49.80 115.27
N THR WB 296 -41.61 -48.67 114.62
CA THR WB 296 -42.47 -48.07 113.63
C THR WB 296 -41.64 -47.62 112.44
N LEU WB 297 -42.27 -47.57 111.27
CA LEU WB 297 -41.61 -47.26 110.02
C LEU WB 297 -42.09 -45.90 109.53
N PHE WB 298 -41.16 -45.03 109.17
CA PHE WB 298 -41.46 -43.69 108.70
C PHE WB 298 -41.05 -43.58 107.23
N ALA WB 299 -41.97 -43.16 106.36
CA ALA WB 299 -41.73 -43.13 104.93
C ALA WB 299 -42.26 -41.82 104.34
N GLY WB 300 -41.38 -41.07 103.71
CA GLY WB 300 -41.75 -39.80 103.10
C GLY WB 300 -42.21 -39.99 101.67
N TYR WB 301 -43.37 -39.41 101.35
CA TYR WB 301 -44.01 -39.58 100.05
C TYR WB 301 -43.92 -38.28 99.24
N THR WB 302 -44.41 -38.35 98.01
CA THR WB 302 -44.47 -37.16 97.16
C THR WB 302 -45.58 -36.20 97.56
N ASP WB 303 -46.60 -36.68 98.27
CA ASP WB 303 -47.83 -35.92 98.42
C ASP WB 303 -47.75 -34.95 99.59
N ASN WB 304 -48.89 -34.37 99.93
CA ASN WB 304 -49.01 -33.51 101.10
C ASN WB 304 -48.58 -34.22 102.38
N LEU WB 305 -48.77 -35.54 102.42
CA LEU WB 305 -48.84 -36.27 103.66
C LEU WB 305 -47.75 -37.33 103.76
N VAL WB 306 -47.62 -37.90 104.95
CA VAL WB 306 -46.71 -38.99 105.24
C VAL WB 306 -47.49 -39.97 106.12
N ARG WB 307 -47.95 -41.06 105.54
CA ARG WB 307 -48.59 -42.11 106.32
C ARG WB 307 -47.52 -43.04 106.85
N VAL WB 308 -47.65 -43.46 108.11
CA VAL WB 308 -46.57 -44.07 108.86
C VAL WB 308 -46.86 -45.55 109.02
N TRP WB 309 -45.84 -46.38 108.80
CA TRP WB 309 -45.96 -47.82 108.96
C TRP WB 309 -45.41 -48.25 110.31
N GLN WB 310 -45.72 -49.50 110.67
CA GLN WB 310 -45.36 -50.03 111.99
C GLN WB 310 -45.13 -51.52 111.87
N VAL WB 311 -44.17 -52.02 112.65
CA VAL WB 311 -43.91 -53.45 112.77
C VAL WB 311 -44.94 -54.00 113.75
N THR WB 312 -45.94 -54.69 113.22
CA THR WB 312 -47.02 -55.23 114.04
C THR WB 312 -46.60 -56.58 114.60
N ILE WB 313 -46.16 -56.58 115.86
CA ILE WB 313 -45.72 -57.78 116.56
C ILE WB 313 -44.58 -58.45 115.79
N VAL XB 1 30.03 55.97 48.32
CA VAL XB 1 28.57 55.91 48.26
C VAL XB 1 28.09 54.52 48.64
N MET XB 2 29.00 53.54 48.58
CA MET XB 2 28.64 52.17 48.94
C MET XB 2 28.19 52.08 50.39
N ASP XB 3 28.88 52.78 51.29
CA ASP XB 3 28.57 52.76 52.71
C ASP XB 3 27.46 53.73 53.08
N VAL XB 4 26.86 54.41 52.09
CA VAL XB 4 25.69 55.24 52.30
C VAL XB 4 24.50 54.76 51.48
N ASN XB 5 24.74 54.30 50.25
CA ASN XB 5 23.64 53.79 49.43
C ASN XB 5 23.13 52.47 49.99
N THR XB 6 24.03 51.54 50.28
CA THR XB 6 23.61 50.23 50.79
C THR XB 6 23.23 50.30 52.26
N ALA XB 7 23.95 51.09 53.05
CA ALA XB 7 23.63 51.21 54.47
C ALA XB 7 22.23 51.76 54.67
N LEU XB 8 21.88 52.80 53.91
CA LEU XB 8 20.52 53.33 53.96
C LEU XB 8 19.52 52.31 53.43
N GLN XB 9 19.93 51.54 52.42
CA GLN XB 9 19.04 50.53 51.84
C GLN XB 9 18.70 49.46 52.87
N GLU XB 10 19.71 48.89 53.53
CA GLU XB 10 19.46 47.82 54.49
C GLU XB 10 18.71 48.33 55.72
N VAL XB 11 19.06 49.54 56.18
CA VAL XB 11 18.48 50.03 57.43
C VAL XB 11 16.99 50.26 57.28
N LEU XB 12 16.53 50.70 56.10
CA LEU XB 12 15.10 50.88 55.90
C LEU XB 12 14.38 49.56 55.66
N LYS XB 13 15.04 48.60 55.01
CA LYS XB 13 14.47 47.27 54.87
C LYS XB 13 14.22 46.66 56.24
N THR XB 14 15.25 46.65 57.10
CA THR XB 14 15.07 46.16 58.46
C THR XB 14 14.06 47.00 59.22
N ALA XB 15 14.04 48.31 58.98
CA ALA XB 15 13.05 49.16 59.62
C ALA XB 15 11.64 48.81 59.16
N LEU XB 16 11.46 48.57 57.87
CA LEU XB 16 10.16 48.16 57.36
C LEU XB 16 9.69 46.84 57.93
N ILE XB 17 10.63 45.96 58.31
CA ILE XB 17 10.27 44.60 58.70
C ILE XB 17 9.35 44.59 59.91
N HIS XB 18 9.74 45.32 60.97
CA HIS XB 18 9.00 45.27 62.22
C HIS XB 18 8.71 46.68 62.74
N ASP XB 19 8.40 47.61 61.84
CA ASP XB 19 8.17 49.00 62.21
C ASP XB 19 7.64 49.74 60.99
N GLY XB 20 6.60 50.54 61.20
CA GLY XB 20 6.07 51.33 60.11
C GLY XB 20 6.94 52.55 59.83
N LEU XB 21 7.21 52.80 58.56
CA LEU XB 21 8.15 53.86 58.20
C LEU XB 21 7.47 55.20 57.94
N ALA XB 22 6.19 55.34 58.29
CA ALA XB 22 5.45 56.59 58.12
C ALA XB 22 5.64 57.14 56.71
N ARG XB 23 5.44 56.27 55.73
CA ARG XB 23 5.67 56.63 54.34
C ARG XB 23 4.61 57.64 53.89
N GLY XB 24 5.05 58.86 53.62
CA GLY XB 24 4.12 59.90 53.18
C GLY XB 24 4.22 61.18 53.99
N ILE XB 25 3.75 62.29 53.41
CA ILE XB 25 3.85 63.58 54.10
C ILE XB 25 3.15 63.52 55.45
N ARG XB 26 1.86 63.20 55.44
CA ARG XB 26 1.05 63.36 56.64
C ARG XB 26 1.58 62.52 57.78
N GLU XB 27 1.89 61.25 57.49
CA GLU XB 27 2.40 60.37 58.53
C GLU XB 27 3.78 60.79 59.01
N ALA XB 28 4.71 61.02 58.07
CA ALA XB 28 6.06 61.41 58.46
C ALA XB 28 6.08 62.76 59.14
N ALA XB 29 5.32 63.73 58.63
CA ALA XB 29 5.22 65.02 59.30
C ALA XB 29 4.60 64.86 60.69
N LYS XB 30 3.94 63.73 60.93
CA LYS XB 30 3.43 63.45 62.26
C LYS XB 30 4.32 62.47 63.00
N ALA XB 31 5.07 61.63 62.27
CA ALA XB 31 5.99 60.70 62.93
C ALA XB 31 7.07 61.45 63.68
N LEU XB 32 7.71 62.42 63.04
CA LEU XB 32 8.73 63.21 63.71
C LEU XB 32 8.17 64.46 64.37
N ASP XB 33 6.87 64.72 64.24
CA ASP XB 33 6.26 65.80 65.03
C ASP XB 33 6.41 65.50 66.51
N LYS XB 34 6.22 64.23 66.90
CA LYS XB 34 6.76 63.74 68.15
C LYS XB 34 8.28 63.76 68.05
N ARG XB 35 8.96 64.28 69.07
CA ARG XB 35 10.40 64.47 68.99
C ARG XB 35 11.14 63.18 69.33
N GLN XB 36 10.74 62.07 68.71
CA GLN XB 36 11.35 60.77 68.96
C GLN XB 36 11.64 59.95 67.71
N ALA XB 37 11.10 60.32 66.55
CA ALA XB 37 11.41 59.59 65.33
C ALA XB 37 12.86 59.83 64.92
N HIS XB 38 13.51 58.77 64.45
CA HIS XB 38 14.90 58.85 64.01
C HIS XB 38 15.01 59.40 62.60
N LEU XB 39 16.18 59.20 61.98
CA LEU XB 39 16.54 59.77 60.69
C LEU XB 39 15.39 59.78 59.70
N CYS XB 40 15.20 60.93 59.06
CA CYS XB 40 14.21 61.13 58.02
C CYS XB 40 14.91 61.47 56.71
N VAL XB 41 14.35 60.99 55.61
CA VAL XB 41 14.94 61.16 54.29
C VAL XB 41 13.87 61.64 53.33
N LEU XB 42 14.30 62.19 52.19
CA LEU XB 42 13.41 62.71 51.17
C LEU XB 42 13.78 62.18 49.80
N ALA XB 43 12.80 62.21 48.90
CA ALA XB 43 13.04 62.09 47.46
C ALA XB 43 13.36 63.48 46.90
N SER XB 44 14.38 63.54 46.04
CA SER XB 44 14.79 64.82 45.48
C SER XB 44 14.05 65.20 44.21
N ASN XB 45 13.36 64.26 43.57
CA ASN XB 45 12.73 64.51 42.29
C ASN XB 45 11.28 64.99 42.41
N CYS XB 46 10.80 65.23 43.63
CA CYS XB 46 9.45 65.77 43.79
C CYS XB 46 9.37 67.14 43.13
N ASP XB 47 8.35 67.32 42.30
CA ASP XB 47 8.22 68.54 41.50
C ASP XB 47 7.66 69.72 42.28
N GLU XB 48 7.18 69.50 43.50
CA GLU XB 48 6.49 70.56 44.22
C GLU XB 48 7.47 71.31 45.11
N PRO XB 49 7.52 72.64 45.04
CA PRO XB 49 8.51 73.38 45.85
C PRO XB 49 8.17 73.46 47.32
N MET XB 50 6.92 73.73 47.68
CA MET XB 50 6.54 73.74 49.08
C MET XB 50 6.68 72.35 49.69
N TYR XB 51 6.69 71.33 48.83
CA TYR XB 51 6.99 69.97 49.31
C TYR XB 51 8.39 69.88 49.92
N VAL XB 52 9.41 70.32 49.18
CA VAL XB 52 10.79 70.11 49.62
C VAL XB 52 11.13 71.05 50.77
N LYS XB 53 10.67 72.30 50.69
CA LYS XB 53 10.99 73.26 51.74
C LYS XB 53 10.33 72.89 53.05
N LEU XB 54 9.10 72.39 52.99
CA LEU XB 54 8.32 72.12 54.20
C LEU XB 54 9.02 71.07 55.07
N VAL XB 55 9.43 69.96 54.48
CA VAL XB 55 10.14 68.94 55.24
C VAL XB 55 11.50 69.46 55.69
N GLU XB 56 12.21 70.18 54.82
CA GLU XB 56 13.54 70.67 55.17
C GLU XB 56 13.47 71.71 56.29
N ALA XB 57 12.37 72.47 56.35
CA ALA XB 57 12.18 73.39 57.46
C ALA XB 57 11.86 72.63 58.74
N LEU XB 58 11.08 71.55 58.63
CA LEU XB 58 10.63 70.82 59.81
C LEU XB 58 11.66 69.82 60.32
N CYS XB 59 12.61 69.38 59.49
CA CYS XB 59 13.62 68.48 60.01
C CYS XB 59 14.71 69.24 60.75
N ALA XB 60 15.32 70.22 60.09
CA ALA XB 60 16.48 70.90 60.66
C ALA XB 60 16.12 71.81 61.82
N GLU XB 61 14.84 72.05 62.09
CA GLU XB 61 14.50 72.92 63.20
C GLU XB 61 14.91 72.29 64.53
N HIS XB 62 14.53 71.04 64.76
CA HIS XB 62 14.89 70.45 66.04
C HIS XB 62 16.31 69.90 66.02
N GLN XB 63 16.52 68.77 65.36
CA GLN XB 63 17.88 68.31 65.08
C GLN XB 63 18.01 67.44 63.84
N ILE XB 64 16.93 67.19 63.10
CA ILE XB 64 16.86 65.99 62.27
C ILE XB 64 17.68 66.17 61.00
N ASN XB 65 18.56 65.20 60.73
CA ASN XB 65 19.29 65.16 59.48
C ASN XB 65 18.40 64.63 58.36
N LEU XB 66 18.43 65.31 57.23
CA LEU XB 66 17.68 64.90 56.05
C LEU XB 66 18.67 64.30 55.06
N ILE XB 67 18.36 63.09 54.58
CA ILE XB 67 19.18 62.40 53.59
C ILE XB 67 18.43 62.42 52.27
N LYS XB 68 19.10 62.89 51.22
CA LYS XB 68 18.48 62.97 49.90
C LYS XB 68 18.54 61.60 49.23
N VAL XB 69 17.65 61.38 48.27
CA VAL XB 69 17.74 60.24 47.37
C VAL XB 69 17.36 60.74 45.98
N ASP XB 70 17.73 59.94 44.97
CA ASP XB 70 17.67 60.42 43.59
C ASP XB 70 16.24 60.78 43.17
N ASP XB 71 15.30 59.86 43.36
CA ASP XB 71 13.95 60.08 42.82
C ASP XB 71 12.92 59.37 43.69
N ASN XB 72 11.66 59.72 43.45
CA ASN XB 72 10.55 59.19 44.25
C ASN XB 72 10.31 57.72 43.95
N LYS XB 73 10.45 57.30 42.69
CA LYS XB 73 10.12 55.94 42.33
C LYS XB 73 11.09 54.94 42.93
N LYS XB 74 12.38 55.27 42.96
CA LYS XB 74 13.37 54.36 43.53
C LYS XB 74 13.22 54.24 45.04
N LEU XB 75 12.85 55.34 45.71
CA LEU XB 75 12.68 55.31 47.15
C LEU XB 75 11.51 54.39 47.54
N GLY XB 76 10.41 54.48 46.80
CA GLY XB 76 9.27 53.63 47.09
C GLY XB 76 9.56 52.16 46.86
N GLU XB 77 10.41 51.86 45.88
CA GLU XB 77 10.84 50.48 45.67
C GLU XB 77 11.58 49.94 46.88
N TRP XB 78 12.48 50.72 47.45
CA TRP XB 78 13.20 50.31 48.65
C TRP XB 78 12.23 50.10 49.80
N VAL XB 79 11.31 51.05 50.00
CA VAL XB 79 10.48 51.09 51.20
C VAL XB 79 9.41 50.02 51.23
N GLY XB 80 9.18 49.31 50.12
CA GLY XB 80 8.14 48.32 50.03
C GLY XB 80 6.89 48.78 49.30
N LEU XB 81 6.86 50.03 48.82
CA LEU XB 81 5.71 50.51 48.07
C LEU XB 81 5.73 49.90 46.68
N CYS XB 82 5.56 48.60 46.60
CA CYS XB 82 5.66 47.89 45.32
C CYS XB 82 4.93 46.56 45.43
N LYS XB 83 4.54 46.04 44.27
CA LYS XB 83 3.95 44.72 44.17
C LYS XB 83 5.09 43.74 43.94
N ILE XB 84 5.37 42.90 44.95
CA ILE XB 84 6.51 42.00 44.87
C ILE XB 84 6.21 40.94 43.83
N ASP XB 85 6.80 41.08 42.64
CA ASP XB 85 6.54 40.17 41.53
C ASP XB 85 7.79 39.54 40.93
N ARG XB 86 8.99 40.07 41.22
CA ARG XB 86 10.24 39.55 40.68
C ARG XB 86 10.17 39.48 39.16
N GLU XB 87 9.46 38.49 38.62
CA GLU XB 87 9.29 38.38 37.18
C GLU XB 87 8.49 39.55 36.61
N GLY XB 88 7.44 39.98 37.31
CA GLY XB 88 6.60 41.05 36.83
C GLY XB 88 7.23 42.41 37.06
N LYS XB 89 6.37 43.42 37.11
CA LYS XB 89 6.83 44.79 37.33
C LYS XB 89 6.50 45.19 38.76
N PRO XB 90 7.48 45.29 39.64
CA PRO XB 90 7.21 45.82 40.99
C PRO XB 90 7.24 47.33 41.02
N ARG XB 91 8.00 47.93 40.11
CA ARG XB 91 8.27 49.36 40.12
C ARG XB 91 7.10 50.20 39.63
N LYS XB 92 6.02 49.58 39.13
CA LYS XB 92 4.91 50.34 38.58
C LYS XB 92 4.16 51.15 39.63
N VAL XB 93 4.41 50.90 40.92
CA VAL XB 93 3.75 51.64 41.98
C VAL XB 93 4.42 53.01 42.11
N VAL XB 94 3.63 54.07 42.00
CA VAL XB 94 4.15 55.42 42.12
C VAL XB 94 4.80 55.60 43.48
N GLY XB 95 6.04 56.07 43.49
CA GLY XB 95 6.88 56.03 44.66
C GLY XB 95 6.52 57.07 45.72
N CYS XB 96 7.11 56.88 46.89
CA CYS XB 96 6.97 57.80 48.00
C CYS XB 96 7.98 58.94 47.88
N SER XB 97 7.87 59.90 48.80
CA SER XB 97 8.80 61.02 48.83
C SER XB 97 9.47 61.22 50.17
N CYS XB 98 8.77 60.97 51.27
CA CYS XB 98 9.34 61.19 52.60
C CYS XB 98 9.01 60.01 53.50
N VAL XB 99 10.05 59.38 54.04
CA VAL XB 99 9.92 58.25 54.94
C VAL XB 99 10.83 58.49 56.14
N VAL XB 100 10.57 57.79 57.23
CA VAL XB 100 11.37 57.91 58.45
C VAL XB 100 11.69 56.53 58.98
N VAL XB 101 12.98 56.28 59.19
CA VAL XB 101 13.44 55.09 59.90
C VAL XB 101 13.26 55.37 61.38
N LYS XB 102 12.60 54.44 62.07
CA LYS XB 102 12.53 54.51 63.53
C LYS XB 102 12.66 53.13 64.16
N ASP XB 103 13.41 52.23 63.53
CA ASP XB 103 13.64 50.89 64.07
C ASP XB 103 15.10 50.67 64.44
N TYR XB 104 16.03 50.83 63.50
CA TYR XB 104 17.43 50.46 63.71
C TYR XB 104 17.54 49.07 64.32
N GLY XB 105 16.90 48.10 63.66
CA GLY XB 105 16.72 46.80 64.29
C GLY XB 105 18.01 46.08 64.61
N LYS XB 106 18.97 46.12 63.69
CA LYS XB 106 20.25 45.45 63.86
C LYS XB 106 21.36 46.49 63.77
N GLU XB 107 22.46 46.22 64.47
CA GLU XB 107 23.64 47.08 64.45
C GLU XB 107 24.76 46.50 63.60
N SER XB 108 24.43 45.67 62.61
CA SER XB 108 25.44 45.14 61.71
C SER XB 108 25.91 46.22 60.74
N GLN XB 109 24.99 47.04 60.25
CA GLN XB 109 25.36 48.13 59.35
C GLN XB 109 24.58 49.41 59.64
N ALA XB 110 23.80 49.47 60.72
CA ALA XB 110 23.17 50.72 61.10
C ALA XB 110 24.17 51.73 61.65
N LYS XB 111 25.34 51.26 62.08
CA LYS XB 111 26.40 52.18 62.49
C LYS XB 111 26.83 53.05 61.33
N ASP XB 112 26.98 52.47 60.14
CA ASP XB 112 27.31 53.26 58.96
C ASP XB 112 26.22 54.30 58.69
N VAL XB 113 24.96 53.93 58.93
CA VAL XB 113 23.88 54.90 58.83
C VAL XB 113 24.08 56.02 59.84
N ILE XB 114 24.45 55.67 61.07
CA ILE XB 114 24.76 56.68 62.08
C ILE XB 114 25.96 57.51 61.66
N GLU XB 115 26.97 56.86 61.06
CA GLU XB 115 28.16 57.59 60.63
C GLU XB 115 27.83 58.58 59.52
N GLU XB 116 26.86 58.26 58.66
CA GLU XB 116 26.40 59.25 57.69
C GLU XB 116 25.83 60.46 58.40
N TYR XB 117 25.03 60.24 59.44
CA TYR XB 117 24.57 61.33 60.29
C TYR XB 117 25.76 62.10 60.87
N PHE XB 118 26.82 61.39 61.22
CA PHE XB 118 28.01 62.06 61.74
C PHE XB 118 28.68 62.91 60.66
N LYS XB 119 29.16 62.30 59.57
CA LYS XB 119 29.96 63.06 58.64
C LYS XB 119 29.12 63.98 57.75
N CYS XB 120 27.79 63.91 57.83
CA CYS XB 120 26.96 64.94 57.20
C CYS XB 120 26.81 66.17 58.08
N LYS XB 121 26.69 65.98 59.40
CA LYS XB 121 26.56 67.09 60.32
C LYS XB 121 27.88 67.84 60.53
N LYS XB 122 29.00 67.23 60.19
CA LYS XB 122 30.31 67.86 60.36
C LYS XB 122 30.59 68.84 59.24
N ARG YB 1 -95.29 21.07 89.94
CA ARG YB 1 -94.18 21.64 90.69
C ARG YB 1 -93.67 22.91 90.01
N ASP YB 2 -93.99 24.06 90.59
CA ASP YB 2 -93.53 25.34 90.06
C ASP YB 2 -92.56 26.04 91.01
N LYS YB 3 -92.98 26.30 92.25
CA LYS YB 3 -92.13 26.91 93.27
C LYS YB 3 -92.86 26.82 94.60
N LEU YB 4 -92.12 26.51 95.66
CA LEU YB 4 -92.68 26.47 97.00
C LEU YB 4 -92.37 27.72 97.80
N ASN YB 5 -91.09 28.12 97.88
CA ASN YB 5 -90.66 29.41 98.42
C ASN YB 5 -91.37 29.82 99.70
N ASN YB 6 -91.59 28.89 100.63
CA ASN YB 6 -92.33 29.19 101.85
C ASN YB 6 -91.61 28.64 103.04
N LEU YB 7 -90.73 29.43 103.67
CA LEU YB 7 -90.34 29.27 105.06
C LEU YB 7 -89.76 30.58 105.56
N VAL YB 8 -90.50 31.26 106.42
CA VAL YB 8 -89.97 32.33 107.24
C VAL YB 8 -90.39 32.03 108.67
N LEU YB 9 -89.58 31.23 109.37
CA LEU YB 9 -89.76 30.93 110.79
C LEU YB 9 -91.23 30.63 111.12
N PHE YB 10 -91.63 29.44 110.67
CA PHE YB 10 -93.01 29.00 110.53
C PHE YB 10 -93.93 29.55 111.62
N ASP YB 11 -95.12 29.95 111.20
CA ASP YB 11 -96.10 30.66 112.01
C ASP YB 11 -96.60 29.78 113.16
N LYS YB 12 -97.45 30.39 114.00
CA LYS YB 12 -98.06 29.67 115.11
C LYS YB 12 -98.98 28.56 114.61
N ALA YB 13 -99.75 28.84 113.56
CA ALA YB 13 -100.65 27.83 113.00
C ALA YB 13 -99.89 26.66 112.41
N THR YB 14 -98.59 26.83 112.15
CA THR YB 14 -97.77 25.70 111.74
C THR YB 14 -97.02 25.11 112.93
N TYR YB 15 -96.70 25.94 113.93
CA TYR YB 15 -96.05 25.44 115.13
C TYR YB 15 -96.90 24.37 115.82
N ASP YB 16 -98.17 24.69 116.07
CA ASP YB 16 -99.00 23.81 116.90
C ASP YB 16 -99.18 22.44 116.27
N LYS YB 17 -99.47 22.41 114.97
CA LYS YB 17 -99.84 21.15 114.33
C LYS YB 17 -98.62 20.24 114.16
N LEU YB 18 -97.43 20.82 114.06
CA LEU YB 18 -96.24 19.98 114.00
C LEU YB 18 -95.89 19.42 115.37
N CYS YB 19 -96.01 20.22 116.43
CA CYS YB 19 -95.58 19.77 117.75
C CYS YB 19 -96.35 18.55 118.23
N LYS YB 20 -97.58 18.35 117.76
CA LYS YB 20 -98.37 17.22 118.20
C LYS YB 20 -98.65 16.22 117.08
N GLU YB 21 -97.98 16.34 115.93
CA GLU YB 21 -98.09 15.31 114.91
C GLU YB 21 -96.71 14.83 114.46
N VAL YB 22 -95.72 15.73 114.42
CA VAL YB 22 -94.36 15.30 114.05
C VAL YB 22 -93.77 14.30 115.03
N PRO YB 23 -93.85 14.50 116.36
CA PRO YB 23 -93.28 13.50 117.26
C PRO YB 23 -94.14 12.25 117.38
N ASN YB 24 -95.12 12.11 116.49
CA ASN YB 24 -96.00 10.95 116.49
C ASN YB 24 -95.58 9.86 115.51
N TYR YB 25 -94.92 10.21 114.41
CA TYR YB 25 -94.42 9.22 113.46
C TYR YB 25 -92.89 9.24 113.45
N LYS YB 26 -92.30 8.06 113.27
CA LYS YB 26 -90.88 7.88 113.51
C LYS YB 26 -89.99 8.49 112.43
N LEU YB 27 -90.31 8.31 111.16
CA LEU YB 27 -89.41 8.78 110.10
C LEU YB 27 -89.47 10.30 110.01
N ILE YB 28 -88.56 10.99 110.67
CA ILE YB 28 -88.48 12.44 110.62
C ILE YB 28 -87.04 12.84 110.33
N THR YB 29 -86.84 13.55 109.23
CA THR YB 29 -85.59 14.13 108.78
C THR YB 29 -85.91 15.55 108.30
N PRO YB 30 -84.92 16.44 108.25
CA PRO YB 30 -85.20 17.77 107.69
C PRO YB 30 -85.66 17.71 106.25
N ALA YB 31 -85.40 16.60 105.56
CA ALA YB 31 -85.89 16.46 104.19
C ALA YB 31 -87.39 16.19 104.17
N VAL YB 32 -87.85 15.20 104.94
CA VAL YB 32 -89.25 14.80 104.84
C VAL YB 32 -90.16 15.91 105.36
N VAL YB 33 -89.78 16.57 106.45
CA VAL YB 33 -90.58 17.70 106.92
C VAL YB 33 -90.57 18.82 105.91
N SER YB 34 -89.48 18.97 105.15
CA SER YB 34 -89.47 19.96 104.08
C SER YB 34 -90.51 19.64 103.02
N GLU YB 35 -90.60 18.37 102.62
CA GLU YB 35 -91.66 17.98 101.69
C GLU YB 35 -93.02 18.00 102.35
N ARG YB 36 -93.09 17.58 103.61
CA ARG YB 36 -94.37 17.33 104.24
C ARG YB 36 -95.21 18.59 104.38
N LEU YB 37 -94.78 19.56 105.19
CA LEU YB 37 -95.70 20.65 105.47
C LEU YB 37 -95.63 21.75 104.43
N LYS YB 38 -94.62 22.62 104.55
CA LYS YB 38 -94.26 23.53 103.47
C LYS YB 38 -92.78 23.90 103.52
N ILE YB 39 -92.00 23.21 104.34
CA ILE YB 39 -90.76 23.72 104.88
C ILE YB 39 -89.65 23.79 103.83
N ARG YB 40 -88.80 24.82 103.89
CA ARG YB 40 -87.52 24.88 103.22
C ARG YB 40 -86.57 23.81 103.75
N GLY YB 41 -86.14 23.91 105.00
CA GLY YB 41 -85.17 22.96 105.50
C GLY YB 41 -84.16 23.52 106.47
N SER YB 42 -83.86 24.83 106.36
CA SER YB 42 -82.92 25.44 107.30
C SER YB 42 -83.42 25.32 108.73
N LEU YB 43 -84.66 25.72 108.98
CA LEU YB 43 -85.24 25.51 110.30
C LEU YB 43 -85.77 24.10 110.49
N ALA YB 44 -85.98 23.35 109.41
CA ALA YB 44 -86.32 21.94 109.57
C ALA YB 44 -85.24 21.24 110.38
N ARG YB 45 -83.98 21.58 110.13
CA ARG YB 45 -82.95 21.23 111.09
C ARG YB 45 -83.13 22.01 112.39
N ALA YB 46 -83.25 23.33 112.32
CA ALA YB 46 -83.19 24.16 113.51
C ALA YB 46 -84.37 23.89 114.45
N ALA YB 47 -85.54 23.59 113.89
CA ALA YB 47 -86.66 23.22 114.75
C ALA YB 47 -86.45 21.84 115.39
N LEU YB 48 -85.72 20.96 114.73
CA LEU YB 48 -85.65 19.58 115.19
C LEU YB 48 -84.78 19.44 116.44
N GLN YB 49 -83.58 20.04 116.48
CA GLN YB 49 -82.83 19.90 117.73
C GLN YB 49 -83.50 20.65 118.86
N GLU YB 50 -84.36 21.62 118.54
CA GLU YB 50 -85.24 22.18 119.56
C GLU YB 50 -86.15 21.09 120.11
N LEU YB 51 -86.69 20.26 119.22
CA LEU YB 51 -87.45 19.10 119.67
C LEU YB 51 -86.54 18.10 120.36
N LEU YB 52 -85.31 17.94 119.87
CA LEU YB 52 -84.34 17.10 120.57
C LEU YB 52 -84.00 17.70 121.93
N SER YB 53 -83.86 19.03 122.00
CA SER YB 53 -83.61 19.66 123.29
C SER YB 53 -84.81 19.49 124.22
N LYS YB 54 -86.03 19.59 123.69
CA LYS YB 54 -87.20 19.28 124.50
C LYS YB 54 -87.17 17.82 124.94
N GLY YB 55 -86.71 16.94 124.06
CA GLY YB 55 -86.48 15.55 124.42
C GLY YB 55 -87.53 14.56 123.98
N LEU YB 56 -88.46 14.97 123.12
CA LEU YB 56 -89.55 14.08 122.74
C LEU YB 56 -89.27 13.28 121.48
N ILE YB 57 -88.03 13.33 120.96
CA ILE YB 57 -87.57 12.47 119.87
C ILE YB 57 -86.13 12.07 120.16
N LYS YB 58 -85.68 11.00 119.52
CA LYS YB 58 -84.32 10.49 119.73
C LYS YB 58 -83.53 10.56 118.43
N LEU YB 59 -82.30 11.06 118.51
CA LEU YB 59 -81.36 11.03 117.40
C LEU YB 59 -80.71 9.67 117.27
N VAL YB 60 -80.56 9.20 116.03
CA VAL YB 60 -79.85 7.96 115.74
C VAL YB 60 -78.63 8.20 114.86
N SER YB 61 -78.72 9.12 113.89
CA SER YB 61 -77.71 9.20 112.84
C SER YB 61 -76.44 9.90 113.31
N LYS YB 62 -76.55 11.19 113.63
CA LYS YB 62 -75.40 12.06 113.88
C LYS YB 62 -74.41 12.02 112.72
N HIS YB 63 -74.88 12.51 111.57
CA HIS YB 63 -74.05 12.67 110.39
C HIS YB 63 -74.26 14.05 109.79
N ARG YB 64 -73.26 14.52 109.03
CA ARG YB 64 -73.30 15.85 108.45
C ARG YB 64 -74.46 16.01 107.48
N ALA YB 65 -74.47 15.23 106.40
CA ALA YB 65 -75.48 15.36 105.37
C ALA YB 65 -76.78 14.64 105.70
N GLN YB 66 -76.78 13.78 106.71
CA GLN YB 66 -77.96 12.99 107.05
C GLN YB 66 -78.16 13.04 108.55
N VAL YB 67 -79.32 13.53 108.97
CA VAL YB 67 -79.76 13.44 110.36
C VAL YB 67 -81.18 12.89 110.38
N ILE YB 68 -81.40 11.85 111.18
CA ILE YB 68 -82.70 11.19 111.27
C ILE YB 68 -83.04 10.94 112.73
N TYR YB 69 -84.26 11.30 113.11
CA TYR YB 69 -84.78 11.16 114.46
C TYR YB 69 -85.92 10.14 114.45
N THR YB 70 -86.51 9.90 115.63
CA THR YB 70 -87.56 8.89 115.73
C THR YB 70 -88.46 9.22 116.91
N ARG YB 71 -89.58 8.51 116.97
CA ARG YB 71 -90.54 8.66 118.05
C ARG YB 71 -89.93 8.27 119.40
N ASN YB 72 -90.59 8.68 120.47
CA ASN YB 72 -90.23 8.20 121.79
C ASN YB 72 -90.72 6.77 121.97
N THR YB 73 -90.07 6.05 122.88
CA THR YB 73 -90.39 4.65 123.11
C THR YB 73 -91.84 4.51 123.57
N LYS YB 74 -92.51 3.48 123.05
CA LYS YB 74 -93.88 3.20 123.44
C LYS YB 74 -93.95 1.87 124.18
N GLY YB 75 -94.63 1.86 125.32
CA GLY YB 75 -94.77 0.65 126.11
C GLY YB 75 -94.16 0.77 127.50
N TYR ZB 1 -38.17 48.24 45.77
CA TYR ZB 1 -38.57 48.25 44.37
C TYR ZB 1 -39.80 49.12 44.15
N THR ZB 2 -40.29 49.73 45.23
CA THR ZB 2 -41.38 50.68 45.15
C THR ZB 2 -40.91 52.11 44.89
N THR ZB 3 -39.58 52.33 44.86
CA THR ZB 3 -38.91 53.58 44.55
C THR ZB 3 -39.44 54.76 45.37
N PRO ZB 4 -39.25 54.76 46.69
CA PRO ZB 4 -39.68 55.93 47.48
C PRO ZB 4 -38.64 57.05 47.50
N LYS ZB 5 -37.37 56.66 47.44
CA LYS ZB 5 -36.25 57.60 47.41
C LYS ZB 5 -35.28 57.33 46.28
N LYS ZB 6 -35.38 56.20 45.60
CA LYS ZB 6 -34.60 55.81 44.43
C LYS ZB 6 -33.11 55.63 44.72
N ASN ZB 7 -32.67 56.01 45.92
CA ASN ZB 7 -31.25 55.90 46.28
C ASN ZB 7 -31.00 56.37 47.72
N LYS ZB 8 -29.98 55.82 48.35
CA LYS ZB 8 -29.36 56.42 49.53
C LYS ZB 8 -27.86 56.18 49.36
N HIS ZB 9 -27.18 57.13 48.74
CA HIS ZB 9 -25.77 56.99 48.41
C HIS ZB 9 -24.90 57.23 49.64
N LYS ZB 10 -23.59 57.27 49.44
CA LYS ZB 10 -22.71 57.46 50.56
C LYS ZB 10 -21.96 58.79 50.45
N ARG ZB 11 -21.41 59.24 51.58
CA ARG ZB 11 -20.64 60.48 51.61
C ARG ZB 11 -19.31 60.27 50.93
N LYS ZB 12 -19.06 60.99 49.83
CA LYS ZB 12 -17.75 60.90 49.20
C LYS ZB 12 -16.76 61.73 50.01
N LYS ZB 13 -15.59 61.95 49.41
CA LYS ZB 13 -14.52 62.68 50.04
C LYS ZB 13 -14.06 63.82 49.12
N VAL ZB 14 -13.70 64.96 49.72
CA VAL ZB 14 -13.23 66.10 48.93
C VAL ZB 14 -11.90 65.79 48.24
N LYS ZB 15 -11.14 64.83 48.76
CA LYS ZB 15 -9.92 64.33 48.12
C LYS ZB 15 -8.92 65.47 47.88
N LEU ZB 16 -8.46 66.05 48.97
CA LEU ZB 16 -7.51 67.15 48.89
C LEU ZB 16 -6.10 66.64 48.63
N ALA ZB 17 -5.39 67.30 47.73
CA ALA ZB 17 -4.07 66.87 47.29
C ALA ZB 17 -2.94 67.32 48.23
N VAL ZB 18 -3.25 68.11 49.24
CA VAL ZB 18 -2.24 68.56 50.21
C VAL ZB 18 -2.92 68.71 51.57
N LEU ZB 19 -2.13 69.02 52.60
CA LEU ZB 19 -2.69 69.35 53.91
C LEU ZB 19 -2.86 70.85 54.09
N LYS ZB 20 -1.81 71.63 53.84
CA LYS ZB 20 -1.79 73.06 54.14
C LYS ZB 20 -2.26 73.32 55.58
N TYR ZB 21 -1.48 72.81 56.52
CA TYR ZB 21 -1.80 72.86 57.92
C TYR ZB 21 -0.95 73.81 58.69
N TYR ZB 22 0.19 74.32 58.11
CA TYR ZB 22 1.07 75.23 58.85
C TYR ZB 22 1.97 76.01 57.91
N LYS ZB 23 2.54 77.09 58.45
CA LYS ZB 23 3.43 77.96 57.70
C LYS ZB 23 4.79 78.04 58.37
N VAL ZB 24 5.79 78.43 57.59
CA VAL ZB 24 7.15 78.65 58.08
C VAL ZB 24 7.66 79.97 57.53
N ASP ZB 25 8.29 80.77 58.39
CA ASP ZB 25 8.77 82.08 58.01
C ASP ZB 25 10.23 82.22 58.41
N GLU ZB 26 10.83 83.33 58.00
CA GLU ZB 26 12.23 83.70 58.29
C GLU ZB 26 13.14 82.48 58.22
N ASN ZB 27 13.21 81.93 57.00
CA ASN ZB 27 14.00 80.74 56.69
C ASN ZB 27 13.48 79.49 57.39
N GLY ZB 28 12.20 79.45 57.71
CA GLY ZB 28 11.59 78.25 58.26
C GLY ZB 28 11.37 78.27 59.76
N LYS ZB 29 10.14 78.57 60.17
CA LYS ZB 29 9.73 78.47 61.56
C LYS ZB 29 8.31 77.92 61.61
N ILE ZB 30 8.16 76.70 62.13
CA ILE ZB 30 6.87 76.03 62.16
C ILE ZB 30 5.86 76.88 62.93
N SER ZB 31 4.67 77.03 62.38
CA SER ZB 31 3.60 77.81 62.99
C SER ZB 31 2.29 77.05 62.83
N ARG ZB 32 1.86 76.37 63.88
CA ARG ZB 32 0.63 75.59 63.83
C ARG ZB 32 -0.57 76.49 63.55
N LEU ZB 33 -1.46 76.02 62.67
CA LEU ZB 33 -2.69 76.74 62.35
C LEU ZB 33 -3.86 76.33 63.22
N ARG ZB 34 -3.94 75.06 63.62
CA ARG ZB 34 -5.02 74.60 64.48
C ARG ZB 34 -4.42 73.99 65.74
N ARG ZB 35 -5.14 74.14 66.84
CA ARG ZB 35 -4.59 73.80 68.14
C ARG ZB 35 -4.35 72.30 68.25
N GLU ZB 36 -3.34 71.95 69.04
CA GLU ZB 36 -3.07 70.56 69.39
C GLU ZB 36 -4.21 70.03 70.25
N CYS ZB 37 -4.59 68.80 70.00
CA CYS ZB 37 -5.61 68.20 70.84
C CYS ZB 37 -5.01 67.88 72.21
N PRO ZB 38 -5.63 68.32 73.31
CA PRO ZB 38 -5.05 68.07 74.64
C PRO ZB 38 -5.19 66.65 75.15
N SER ZB 39 -5.70 65.71 74.35
CA SER ZB 39 -5.88 64.35 74.82
C SER ZB 39 -4.54 63.70 75.13
N ASP ZB 40 -4.54 62.81 76.12
CA ASP ZB 40 -3.31 62.13 76.51
C ASP ZB 40 -2.70 61.35 75.36
N GLU ZB 41 -3.55 60.71 74.55
CA GLU ZB 41 -3.05 59.98 73.39
C GLU ZB 41 -2.34 60.92 72.42
N CYS ZB 42 -2.91 62.11 72.20
CA CYS ZB 42 -2.37 63.04 71.22
C CYS ZB 42 -2.08 64.41 71.81
N GLY ZB 43 -1.62 64.48 73.06
CA GLY ZB 43 -1.17 65.73 73.62
C GLY ZB 43 0.00 66.29 72.84
N ALA ZB 44 -0.16 67.48 72.26
CA ALA ZB 44 0.77 68.02 71.29
C ALA ZB 44 1.01 67.01 70.16
N GLY ZB 45 -0.04 66.28 69.82
CA GLY ZB 45 0.07 65.18 68.88
C GLY ZB 45 -0.50 65.49 67.51
N VAL ZB 46 -1.58 64.80 67.14
CA VAL ZB 46 -2.13 64.89 65.79
C VAL ZB 46 -2.88 66.20 65.64
N PHE ZB 47 -2.98 66.70 64.41
CA PHE ZB 47 -3.66 67.95 64.12
C PHE ZB 47 -5.16 67.79 64.33
N MET ZB 48 -5.84 68.92 64.48
CA MET ZB 48 -7.22 68.93 64.96
C MET ZB 48 -8.04 69.89 64.11
N ALA ZB 49 -9.34 69.65 64.02
CA ALA ZB 49 -10.17 70.35 63.03
C ALA ZB 49 -10.38 71.81 63.41
N SER ZB 50 -10.74 72.61 62.40
CA SER ZB 50 -11.13 74.00 62.59
C SER ZB 50 -12.44 74.23 61.82
N HIS ZB 51 -13.56 73.97 62.48
CA HIS ZB 51 -14.86 74.18 61.85
C HIS ZB 51 -15.18 75.67 61.86
N PHE ZB 52 -16.40 76.04 61.47
CA PHE ZB 52 -16.73 77.45 61.36
C PHE ZB 52 -16.68 78.15 62.71
N ASP ZB 53 -17.21 77.52 63.75
CA ASP ZB 53 -17.13 78.11 65.07
C ASP ZB 53 -16.40 77.22 66.07
N ARG ZB 54 -16.75 75.95 66.14
CA ARG ZB 54 -16.22 75.04 67.15
C ARG ZB 54 -14.83 74.55 66.73
N HIS ZB 55 -14.22 73.74 67.60
CA HIS ZB 55 -12.96 73.08 67.27
C HIS ZB 55 -13.06 71.62 67.72
N TYR ZB 56 -12.74 70.71 66.81
CA TYR ZB 56 -13.06 69.29 66.95
C TYR ZB 56 -11.84 68.42 66.68
N CYS ZB 57 -11.66 67.39 67.49
CA CYS ZB 57 -10.58 66.42 67.29
C CYS ZB 57 -11.18 65.08 66.88
N GLY ZB 58 -10.57 64.46 65.87
CA GLY ZB 58 -11.08 63.21 65.35
C GLY ZB 58 -10.94 62.03 66.29
N LYS ZB 59 -9.70 61.72 66.70
CA LYS ZB 59 -9.45 60.49 67.43
C LYS ZB 59 -10.17 60.45 68.77
N CYS ZB 60 -9.80 61.34 69.69
CA CYS ZB 60 -10.38 61.28 71.02
C CYS ZB 60 -11.79 61.85 71.06
N CYS ZB 61 -12.24 62.50 69.98
CA CYS ZB 61 -13.64 62.88 69.80
C CYS ZB 61 -14.11 63.86 70.88
N LEU ZB 62 -13.48 65.02 70.89
CA LEU ZB 62 -13.90 66.10 71.77
C LEU ZB 62 -14.13 67.38 70.97
N THR ZB 63 -14.82 68.33 71.58
CA THR ZB 63 -15.10 69.61 70.95
C THR ZB 63 -15.09 70.70 72.00
N TYR ZB 64 -14.34 71.77 71.72
CA TYR ZB 64 -14.42 73.01 72.49
C TYR ZB 64 -14.93 74.11 71.58
N CYS ZB 65 -16.01 74.74 71.98
CA CYS ZB 65 -16.69 75.75 71.16
C CYS ZB 65 -16.20 77.13 71.54
N PHE ZB 66 -16.17 78.04 70.57
CA PHE ZB 66 -15.87 79.44 70.83
C PHE ZB 66 -17.18 80.14 71.15
N ASN ZB 67 -17.39 80.36 72.44
CA ASN ZB 67 -18.64 80.95 72.92
C ASN ZB 67 -18.40 81.77 74.18
N ASN BC 1 -43.86 39.62 -58.25
CA ASN BC 1 -44.35 38.26 -58.02
C ASN BC 1 -43.26 37.23 -58.30
N PHE BC 2 -42.26 37.17 -57.42
CA PHE BC 2 -41.15 36.23 -57.59
C PHE BC 2 -41.10 35.24 -56.43
N THR BC 3 -40.27 34.21 -56.56
CA THR BC 3 -40.24 33.10 -55.62
C THR BC 3 -39.58 33.53 -54.31
N VAL BC 4 -39.35 32.56 -53.43
CA VAL BC 4 -38.88 32.86 -52.09
C VAL BC 4 -37.37 33.04 -52.01
N ASP BC 5 -36.61 32.50 -52.96
CA ASP BC 5 -35.16 32.47 -52.85
C ASP BC 5 -34.45 33.39 -53.83
N GLN BC 6 -35.14 33.92 -54.84
CA GLN BC 6 -34.52 34.98 -55.62
C GLN BC 6 -34.31 36.24 -54.81
N ILE BC 7 -35.05 36.41 -53.72
CA ILE BC 7 -34.82 37.52 -52.79
C ILE BC 7 -33.38 37.54 -52.33
N ARG BC 8 -32.81 36.36 -52.06
CA ARG BC 8 -31.42 36.29 -51.65
C ARG BC 8 -30.51 36.96 -52.67
N ALA BC 9 -30.79 36.76 -53.96
CA ALA BC 9 -29.98 37.38 -55.00
C ALA BC 9 -29.95 38.90 -54.83
N ILE BC 10 -31.12 39.52 -54.63
CA ILE BC 10 -31.16 40.94 -54.37
C ILE BC 10 -30.68 41.24 -52.95
N MET BC 11 -31.08 40.42 -51.99
CA MET BC 11 -30.77 40.70 -50.59
C MET BC 11 -29.27 40.72 -50.32
N ASP BC 12 -28.47 39.93 -51.04
CA ASP BC 12 -27.03 40.10 -50.96
C ASP BC 12 -26.48 41.07 -52.01
N LYS BC 13 -27.31 41.49 -52.96
CA LYS BC 13 -26.90 42.53 -53.90
C LYS BC 13 -26.92 43.85 -53.14
N LYS BC 14 -25.82 44.12 -52.44
CA LYS BC 14 -25.71 45.28 -51.58
C LYS BC 14 -25.83 46.56 -52.39
N ALA BC 15 -26.10 47.66 -51.68
CA ALA BC 15 -26.27 48.99 -52.28
C ALA BC 15 -27.46 49.05 -53.23
N ASN BC 16 -28.42 48.15 -53.03
CA ASN BC 16 -29.67 48.18 -53.78
C ASN BC 16 -30.90 48.01 -52.90
N ILE BC 17 -30.76 47.48 -51.69
CA ILE BC 17 -31.88 47.38 -50.75
C ILE BC 17 -32.22 48.77 -50.23
N ARG BC 18 -33.51 49.01 -49.99
CA ARG BC 18 -33.97 50.26 -49.40
C ARG BC 18 -34.94 49.94 -48.28
N ASN BC 19 -34.57 50.33 -47.05
CA ASN BC 19 -35.33 50.01 -45.85
C ASN BC 19 -36.15 51.24 -45.45
N MET BC 20 -37.46 51.17 -45.69
CA MET BC 20 -38.34 52.30 -45.43
C MET BC 20 -39.22 52.05 -44.21
N SER BC 21 -39.44 53.10 -43.42
CA SER BC 21 -40.43 53.10 -42.35
C SER BC 21 -41.32 54.32 -42.50
N VAL BC 22 -42.62 54.09 -42.60
CA VAL BC 22 -43.60 55.16 -42.78
C VAL BC 22 -44.08 55.61 -41.41
N ILE BC 23 -44.00 56.92 -41.16
CA ILE BC 23 -44.38 57.49 -39.87
C ILE BC 23 -45.20 58.76 -40.10
N ALA BC 24 -46.23 58.94 -39.29
CA ALA BC 24 -47.14 60.06 -39.47
C ALA BC 24 -48.04 60.17 -38.24
N HIS BC 25 -48.97 61.13 -38.31
CA HIS BC 25 -49.98 61.29 -37.29
C HIS BC 25 -51.07 60.23 -37.46
N VAL BC 26 -51.98 60.16 -36.49
CA VAL BC 26 -53.07 59.20 -36.59
C VAL BC 26 -53.99 59.59 -37.75
N ASP BC 27 -54.65 58.59 -38.32
CA ASP BC 27 -55.59 58.77 -39.43
C ASP BC 27 -55.00 59.57 -40.58
N HIS BC 28 -53.68 59.52 -40.77
CA HIS BC 28 -53.04 60.23 -41.86
C HIS BC 28 -52.80 59.35 -43.08
N GLY BC 29 -53.46 58.21 -43.17
CA GLY BC 29 -53.37 57.39 -44.36
C GLY BC 29 -52.09 56.59 -44.48
N LYS BC 30 -51.38 56.38 -43.38
CA LYS BC 30 -50.19 55.53 -43.42
C LYS BC 30 -50.55 54.14 -43.93
N SER BC 31 -51.61 53.56 -43.38
CA SER BC 31 -52.02 52.22 -43.79
C SER BC 31 -52.44 52.18 -45.24
N THR BC 32 -53.22 53.16 -45.68
CA THR BC 32 -53.72 53.17 -47.05
C THR BC 32 -52.58 53.33 -48.05
N LEU BC 33 -51.61 54.19 -47.74
CA LEU BC 33 -50.50 54.41 -48.66
C LEU BC 33 -49.70 53.14 -48.89
N THR BC 34 -49.36 52.42 -47.82
CA THR BC 34 -48.62 51.17 -47.98
C THR BC 34 -49.46 50.15 -48.75
N ASP BC 35 -50.78 50.22 -48.61
CA ASP BC 35 -51.65 49.34 -49.37
C ASP BC 35 -51.48 49.57 -50.87
N SER BC 36 -51.35 50.83 -51.28
CA SER BC 36 -51.10 51.11 -52.69
C SER BC 36 -49.78 50.54 -53.15
N LEU BC 37 -48.74 50.66 -52.31
CA LEU BC 37 -47.43 50.15 -52.69
C LEU BC 37 -47.40 48.64 -52.78
N VAL BC 38 -48.13 47.96 -51.89
CA VAL BC 38 -48.10 46.49 -51.90
C VAL BC 38 -49.06 45.96 -52.95
N CYS BC 39 -50.07 46.76 -53.32
CA CYS BC 39 -51.03 46.33 -54.33
C CYS BC 39 -50.36 46.09 -55.67
N LYS BC 40 -49.89 47.17 -56.29
CA LYS BC 40 -49.32 47.04 -57.63
C LYS BC 40 -48.00 46.30 -57.60
N ALA BC 41 -47.24 46.47 -56.55
CA ALA BC 41 -45.98 45.77 -56.32
C ALA BC 41 -46.15 44.48 -55.61
N GLY BC 42 -45.04 43.92 -55.14
CA GLY BC 42 -45.10 42.73 -54.34
C GLY BC 42 -44.07 41.71 -54.77
N ILE BC 43 -43.23 41.25 -53.83
CA ILE BC 43 -42.23 40.26 -54.19
C ILE BC 43 -42.88 38.95 -54.61
N ILE BC 44 -43.88 38.50 -53.85
CA ILE BC 44 -44.82 37.50 -54.32
C ILE BC 44 -46.20 38.01 -53.91
N ALA BC 45 -46.21 39.13 -53.19
CA ALA BC 45 -47.46 39.70 -52.69
C ALA BC 45 -48.38 40.08 -53.84
N SER BC 46 -49.67 39.91 -53.61
CA SER BC 46 -50.65 39.98 -54.69
C SER BC 46 -51.00 41.43 -55.02
N ALA BC 47 -52.05 41.61 -55.82
CA ALA BC 47 -52.48 42.92 -56.31
C ALA BC 47 -53.78 43.33 -55.63
N ARG BC 48 -53.80 43.22 -54.31
CA ARG BC 48 -55.02 43.50 -53.55
C ARG BC 48 -55.45 44.94 -53.73
N ALA BC 49 -56.72 45.13 -54.07
CA ALA BC 49 -57.31 46.47 -54.21
C ALA BC 49 -58.50 46.67 -53.29
N GLY BC 50 -58.60 45.91 -52.20
CA GLY BC 50 -59.69 46.04 -51.27
C GLY BC 50 -59.41 46.94 -50.07
N GLU BC 51 -59.19 48.23 -50.34
CA GLU BC 51 -58.99 49.23 -49.30
C GLU BC 51 -57.86 48.84 -48.35
N THR BC 52 -58.19 48.55 -47.10
CA THR BC 52 -57.16 48.15 -46.15
C THR BC 52 -56.56 46.82 -46.55
N ARG BC 53 -55.25 46.69 -46.37
CA ARG BC 53 -54.50 45.56 -46.88
C ARG BC 53 -53.43 45.19 -45.84
N PHE BC 54 -52.41 44.45 -46.29
CA PHE BC 54 -51.49 43.74 -45.41
C PHE BC 54 -50.85 44.61 -44.33
N THR BC 55 -51.04 45.93 -44.37
CA THR BC 55 -50.44 46.79 -43.37
C THR BC 55 -50.87 46.44 -41.95
N ASP BC 56 -52.10 45.94 -41.78
CA ASP BC 56 -52.67 45.67 -40.46
C ASP BC 56 -52.95 44.18 -40.32
N THR BC 57 -51.96 43.45 -39.81
CA THR BC 57 -52.02 41.99 -39.72
C THR BC 57 -52.56 41.56 -38.35
N ARG BC 58 -53.77 42.03 -38.03
CA ARG BC 58 -54.29 41.72 -36.70
C ARG BC 58 -55.78 41.96 -36.68
N LYS BC 59 -56.44 41.33 -35.70
CA LYS BC 59 -57.80 41.70 -35.38
C LYS BC 59 -57.81 43.09 -34.75
N ASP BC 60 -59.01 43.68 -34.66
CA ASP BC 60 -59.24 44.98 -34.04
C ASP BC 60 -58.33 46.05 -34.62
N GLU BC 61 -57.73 45.78 -35.77
CA GLU BC 61 -57.08 46.81 -36.57
C GLU BC 61 -57.88 47.10 -37.83
N GLN BC 62 -58.25 46.06 -38.57
CA GLN BC 62 -59.11 46.24 -39.73
C GLN BC 62 -60.53 46.61 -39.33
N GLU BC 63 -60.96 46.23 -38.12
CA GLU BC 63 -62.30 46.56 -37.67
C GLU BC 63 -62.43 48.02 -37.22
N ARG BC 64 -61.38 48.61 -36.63
CA ARG BC 64 -61.45 50.01 -36.25
C ARG BC 64 -60.34 50.86 -36.89
N CYS BC 65 -59.74 50.40 -37.98
CA CYS BC 65 -58.89 51.23 -38.84
C CYS BC 65 -57.80 51.94 -38.04
N ILE BC 66 -57.20 51.23 -37.08
CA ILE BC 66 -56.11 51.75 -36.28
C ILE BC 66 -54.95 50.77 -36.34
N THR BC 67 -53.77 51.26 -36.68
CA THR BC 67 -52.56 50.46 -36.62
C THR BC 67 -52.02 50.49 -35.19
N ILE BC 68 -51.75 49.32 -34.62
CA ILE BC 68 -51.32 49.26 -33.23
C ILE BC 68 -49.94 48.59 -33.13
N LYS BC 69 -49.71 47.57 -33.94
CA LYS BC 69 -48.43 46.86 -33.95
C LYS BC 69 -47.74 47.10 -35.29
N SER BC 70 -46.45 47.43 -35.23
CA SER BC 70 -45.70 47.64 -36.46
C SER BC 70 -45.58 46.33 -37.23
N THR BC 71 -45.75 46.42 -38.54
CA THR BC 71 -45.73 45.25 -39.41
C THR BC 71 -44.72 45.48 -40.52
N ALA BC 72 -44.16 44.39 -41.04
CA ALA BC 72 -43.10 44.47 -42.04
C ALA BC 72 -43.51 43.73 -43.31
N ILE BC 73 -42.94 44.18 -44.42
CA ILE BC 73 -43.19 43.55 -45.71
C ILE BC 73 -42.04 43.89 -46.65
N SER BC 74 -41.52 42.86 -47.30
CA SER BC 74 -40.50 43.04 -48.32
C SER BC 74 -41.16 43.25 -49.68
N LEU BC 75 -40.54 44.10 -50.50
CA LEU BC 75 -41.14 44.50 -51.76
C LEU BC 75 -40.12 44.36 -52.88
N PHE BC 76 -40.60 43.95 -54.05
CA PHE BC 76 -39.77 43.75 -55.23
C PHE BC 76 -40.32 44.57 -56.38
N TYR BC 77 -39.42 45.01 -57.26
CA TYR BC 77 -39.81 45.63 -58.51
C TYR BC 77 -38.61 45.78 -59.43
N GLU BC 78 -38.87 45.68 -60.73
CA GLU BC 78 -37.89 45.93 -61.78
C GLU BC 78 -38.18 47.31 -62.36
N LEU BC 79 -37.15 48.15 -62.40
CA LEU BC 79 -37.28 49.53 -62.86
C LEU BC 79 -36.80 49.68 -64.29
N SER BC 80 -37.39 50.65 -64.99
CA SER BC 80 -36.95 50.98 -66.33
C SER BC 80 -35.56 51.63 -66.28
N GLU BC 81 -34.79 51.40 -67.35
CA GLU BC 81 -33.39 51.79 -67.36
C GLU BC 81 -33.19 53.29 -67.21
N ASN BC 82 -34.18 54.10 -67.61
CA ASN BC 82 -34.05 55.55 -67.46
C ASN BC 82 -33.99 55.94 -65.99
N ASP BC 83 -34.49 55.10 -65.10
CA ASP BC 83 -34.42 55.42 -63.68
C ASP BC 83 -33.12 54.93 -63.05
N LEU BC 84 -32.39 54.04 -63.70
CA LEU BC 84 -31.14 53.54 -63.15
C LEU BC 84 -30.02 54.56 -63.24
N ASN BC 85 -30.12 55.54 -64.14
CA ASN BC 85 -29.21 56.69 -64.09
C ASN BC 85 -29.82 57.86 -63.35
N PHE BC 86 -31.14 57.90 -63.20
CA PHE BC 86 -31.75 58.80 -62.22
C PHE BC 86 -31.23 58.49 -60.83
N ILE BC 87 -30.88 57.23 -60.58
CA ILE BC 87 -30.27 56.83 -59.33
C ILE BC 87 -28.94 57.56 -59.18
N LYS BC 88 -28.87 58.45 -58.20
CA LYS BC 88 -27.62 59.18 -57.97
C LYS BC 88 -26.64 58.34 -57.16
N GLN BC 89 -27.12 57.70 -56.10
CA GLN BC 89 -26.27 56.85 -55.28
C GLN BC 89 -25.93 55.57 -56.04
N SER BC 90 -25.23 54.66 -55.36
CA SER BC 90 -24.78 53.43 -55.99
C SER BC 90 -25.96 52.61 -56.52
N LYS BC 91 -25.78 52.02 -57.70
CA LYS BC 91 -26.81 51.22 -58.34
C LYS BC 91 -26.21 49.89 -58.77
N ASP BC 92 -27.03 48.84 -58.70
CA ASP BC 92 -26.63 47.50 -59.17
C ASP BC 92 -27.90 46.71 -59.45
N GLY BC 93 -28.15 46.45 -60.73
CA GLY BC 93 -29.33 45.71 -61.13
C GLY BC 93 -30.59 46.56 -61.09
N ALA BC 94 -31.65 46.01 -61.69
CA ALA BC 94 -32.93 46.70 -61.76
C ALA BC 94 -33.94 46.21 -60.73
N GLY BC 95 -33.69 45.07 -60.10
CA GLY BC 95 -34.62 44.51 -59.14
C GLY BC 95 -34.47 45.05 -57.73
N PHE BC 96 -34.96 46.26 -57.49
CA PHE BC 96 -34.87 46.87 -56.17
C PHE BC 96 -35.72 46.09 -55.16
N LEU BC 97 -35.17 45.89 -53.97
CA LEU BC 97 -35.91 45.28 -52.86
C LEU BC 97 -36.15 46.33 -51.79
N ILE BC 98 -37.41 46.49 -51.41
CA ILE BC 98 -37.83 47.49 -50.43
C ILE BC 98 -38.24 46.77 -49.16
N ASN BC 99 -37.63 47.15 -48.05
CA ASN BC 99 -38.01 46.62 -46.74
C ASN BC 99 -38.90 47.66 -46.07
N LEU BC 100 -40.20 47.55 -46.29
CA LEU BC 100 -41.17 48.51 -45.80
C LEU BC 100 -41.70 48.06 -44.45
N ILE BC 101 -41.71 48.97 -43.48
CA ILE BC 101 -42.31 48.72 -42.18
C ILE BC 101 -43.31 49.83 -41.91
N ASP BC 102 -44.55 49.46 -41.64
CA ASP BC 102 -45.58 50.41 -41.28
C ASP BC 102 -45.66 50.50 -39.77
N SER BC 103 -45.56 51.72 -39.24
CA SER BC 103 -45.47 51.91 -37.81
C SER BC 103 -46.65 52.74 -37.33
N PRO BC 104 -47.17 52.45 -36.14
CA PRO BC 104 -48.28 53.25 -35.60
C PRO BC 104 -47.77 54.59 -35.11
N GLY BC 105 -48.21 55.66 -35.76
CA GLY BC 105 -47.85 56.99 -35.33
C GLY BC 105 -48.87 57.52 -34.35
N HIS BC 106 -49.36 56.65 -33.49
CA HIS BC 106 -50.42 57.01 -32.57
C HIS BC 106 -49.89 57.84 -31.41
N VAL BC 107 -50.76 58.70 -30.89
CA VAL BC 107 -50.35 59.72 -29.94
C VAL BC 107 -49.89 59.14 -28.61
N ASP BC 108 -50.18 57.86 -28.36
CA ASP BC 108 -49.55 57.19 -27.24
C ASP BC 108 -48.06 57.06 -27.46
N PHE BC 109 -47.60 57.30 -28.70
CA PHE BC 109 -46.22 57.04 -29.10
C PHE BC 109 -45.85 55.59 -28.79
N SER BC 110 -46.66 54.70 -29.36
CA SER BC 110 -46.35 53.27 -29.34
C SER BC 110 -44.89 53.11 -29.73
N SER BC 111 -44.10 52.46 -28.88
CA SER BC 111 -42.65 52.39 -29.07
C SER BC 111 -42.30 51.59 -30.32
N GLU BC 112 -43.31 51.12 -31.04
CA GLU BC 112 -43.06 50.41 -32.30
C GLU BC 112 -42.38 51.31 -33.32
N VAL BC 113 -42.71 52.60 -33.33
CA VAL BC 113 -42.07 53.52 -34.26
C VAL BC 113 -40.58 53.65 -33.94
N THR BC 114 -40.24 53.69 -32.65
CA THR BC 114 -38.83 53.58 -32.29
C THR BC 114 -38.26 52.23 -32.69
N ALA BC 115 -39.02 51.16 -32.46
CA ALA BC 115 -38.59 49.85 -32.94
C ALA BC 115 -38.49 49.84 -34.46
N ALA BC 116 -39.45 50.48 -35.13
CA ALA BC 116 -39.39 50.58 -36.58
C ALA BC 116 -38.21 51.45 -37.02
N LEU BC 117 -38.02 52.60 -36.36
CA LEU BC 117 -36.99 53.53 -36.80
C LEU BC 117 -35.60 52.97 -36.55
N ARG BC 118 -35.47 52.07 -35.57
CA ARG BC 118 -34.16 51.50 -35.29
C ARG BC 118 -33.65 50.66 -36.45
N VAL BC 119 -34.54 49.88 -37.07
CA VAL BC 119 -34.12 48.92 -38.10
C VAL BC 119 -34.26 49.45 -39.52
N THR BC 120 -34.54 50.73 -39.69
CA THR BC 120 -34.65 51.33 -41.02
C THR BC 120 -33.64 52.46 -41.14
N ASP BC 121 -33.35 52.84 -42.39
CA ASP BC 121 -32.48 53.98 -42.65
C ASP BC 121 -33.16 55.11 -43.38
N GLY BC 122 -34.28 54.85 -44.06
CA GLY BC 122 -35.05 55.89 -44.72
C GLY BC 122 -36.45 55.92 -44.12
N ALA BC 123 -37.00 57.12 -43.98
CA ALA BC 123 -38.31 57.32 -43.39
C ALA BC 123 -39.20 58.10 -44.35
N LEU BC 124 -40.47 57.72 -44.39
CA LEU BC 124 -41.49 58.45 -45.13
C LEU BC 124 -42.38 59.15 -44.12
N VAL BC 125 -42.33 60.49 -44.11
CA VAL BC 125 -43.16 61.29 -43.21
C VAL BC 125 -44.39 61.75 -43.98
N VAL BC 126 -45.56 61.35 -43.50
CA VAL BC 126 -46.82 61.59 -44.17
C VAL BC 126 -47.60 62.63 -43.37
N VAL BC 127 -48.18 63.59 -44.07
CA VAL BC 127 -48.98 64.63 -43.43
C VAL BC 127 -50.18 64.93 -44.33
N ASP BC 128 -51.36 65.01 -43.73
CA ASP BC 128 -52.55 65.39 -44.48
C ASP BC 128 -52.45 66.85 -44.88
N CYS BC 129 -52.78 67.13 -46.14
CA CYS BC 129 -52.59 68.49 -46.65
C CYS BC 129 -53.48 69.49 -45.93
N VAL BC 130 -54.75 69.15 -45.73
CA VAL BC 130 -55.66 70.10 -45.10
C VAL BC 130 -55.39 70.23 -43.60
N SER BC 131 -55.01 69.13 -42.93
CA SER BC 131 -54.82 69.15 -41.49
C SER BC 131 -53.57 69.90 -41.06
N GLY BC 132 -52.69 70.23 -41.99
CA GLY BC 132 -51.43 70.83 -41.63
C GLY BC 132 -50.54 69.83 -40.90
N VAL BC 133 -49.36 70.30 -40.54
CA VAL BC 133 -48.45 69.47 -39.77
C VAL BC 133 -49.00 69.29 -38.37
N CYS BC 134 -49.15 68.05 -37.95
CA CYS BC 134 -49.76 67.72 -36.67
C CYS BC 134 -48.69 67.43 -35.62
N VAL BC 135 -49.15 67.15 -34.41
CA VAL BC 135 -48.24 66.93 -33.30
C VAL BC 135 -47.38 65.70 -33.55
N GLN BC 136 -48.01 64.60 -33.98
CA GLN BC 136 -47.29 63.33 -34.03
C GLN BC 136 -46.31 63.28 -35.19
N THR BC 137 -46.66 63.84 -36.36
CA THR BC 137 -45.70 63.88 -37.46
C THR BC 137 -44.44 64.62 -37.03
N GLU BC 138 -44.62 65.73 -36.31
CA GLU BC 138 -43.47 66.42 -35.73
C GLU BC 138 -42.76 65.52 -34.71
N THR BC 139 -43.53 64.80 -33.91
CA THR BC 139 -42.93 63.95 -32.88
C THR BC 139 -42.12 62.81 -33.50
N VAL BC 140 -42.69 62.13 -34.50
CA VAL BC 140 -42.02 60.95 -35.06
C VAL BC 140 -40.78 61.35 -35.84
N LEU BC 141 -40.84 62.47 -36.58
CA LEU BC 141 -39.65 62.90 -37.29
C LEU BC 141 -38.67 63.59 -36.35
N ARG BC 142 -39.13 63.99 -35.17
CA ARG BC 142 -38.20 64.45 -34.15
C ARG BC 142 -37.32 63.31 -33.66
N GLN BC 143 -37.83 62.08 -33.72
CA GLN BC 143 -37.01 60.92 -33.36
C GLN BC 143 -36.27 60.37 -34.58
N ALA BC 144 -36.77 60.65 -35.78
CA ALA BC 144 -36.07 60.21 -36.99
C ALA BC 144 -34.76 60.96 -37.16
N ILE BC 145 -34.78 62.27 -36.94
CA ILE BC 145 -33.53 63.05 -36.99
C ILE BC 145 -32.62 62.65 -35.84
N ALA BC 146 -33.20 62.29 -34.70
CA ALA BC 146 -32.39 61.87 -33.56
C ALA BC 146 -31.59 60.62 -33.88
N GLU BC 147 -32.18 59.69 -34.62
CA GLU BC 147 -31.51 58.47 -35.01
C GLU BC 147 -30.88 58.56 -36.39
N ARG BC 148 -30.88 59.74 -37.01
CA ARG BC 148 -30.24 59.99 -38.30
C ARG BC 148 -30.85 59.12 -39.40
N ILE BC 149 -32.14 59.30 -39.63
CA ILE BC 149 -32.88 58.61 -40.68
C ILE BC 149 -33.29 59.64 -41.72
N LYS BC 150 -32.92 59.41 -42.97
CA LYS BC 150 -33.17 60.39 -44.02
C LYS BC 150 -34.66 60.42 -44.34
N PRO BC 151 -35.32 61.58 -44.23
CA PRO BC 151 -36.76 61.64 -44.43
C PRO BC 151 -37.17 61.99 -45.85
N VAL BC 152 -38.42 61.67 -46.16
CA VAL BC 152 -39.05 62.04 -47.43
C VAL BC 152 -40.50 62.40 -47.16
N LEU BC 153 -40.91 63.59 -47.61
CA LEU BC 153 -42.24 64.09 -47.31
C LEU BC 153 -43.23 63.66 -48.39
N MET BC 154 -44.44 63.32 -47.97
CA MET BC 154 -45.48 62.81 -48.87
C MET BC 154 -46.83 63.29 -48.33
N MET BC 155 -47.31 64.42 -48.84
CA MET BC 155 -48.58 64.96 -48.39
C MET BC 155 -49.73 64.19 -49.01
N ASN BC 156 -50.61 63.70 -48.15
CA ASN BC 156 -51.67 62.76 -48.53
C ASN BC 156 -53.02 63.45 -48.39
N LYS BC 157 -54.02 62.85 -49.04
CA LYS BC 157 -55.42 63.28 -48.93
C LYS BC 157 -55.63 64.66 -49.54
N MET BC 158 -55.10 64.89 -50.74
CA MET BC 158 -55.44 66.10 -51.46
C MET BC 158 -56.88 66.11 -51.94
N ASP BC 159 -57.55 64.96 -51.93
CA ASP BC 159 -58.91 64.88 -52.46
C ASP BC 159 -59.84 65.80 -51.69
N ARG BC 160 -59.69 65.85 -50.36
CA ARG BC 160 -60.52 66.73 -49.56
C ARG BC 160 -60.24 68.20 -49.89
N ALA BC 161 -58.97 68.57 -50.04
CA ALA BC 161 -58.66 69.92 -50.48
C ALA BC 161 -59.16 70.14 -51.90
N LEU BC 162 -59.09 69.10 -52.73
CA LEU BC 162 -59.58 69.20 -54.10
C LEU BC 162 -61.09 69.39 -54.15
N LEU BC 163 -61.83 68.58 -53.38
CA LEU BC 163 -63.27 68.55 -53.53
C LEU BC 163 -64.04 68.88 -52.26
N GLU BC 164 -63.56 68.50 -51.08
CA GLU BC 164 -64.34 68.75 -49.88
C GLU BC 164 -64.28 70.21 -49.45
N LEU BC 165 -63.17 70.90 -49.73
CA LEU BC 165 -63.06 72.32 -49.43
C LEU BC 165 -63.24 73.21 -50.65
N GLN BC 166 -63.17 72.65 -51.86
CA GLN BC 166 -63.20 73.42 -53.10
C GLN BC 166 -62.22 74.59 -53.05
N LEU BC 167 -60.94 74.26 -52.89
CA LEU BC 167 -59.90 75.26 -52.91
C LEU BC 167 -59.51 75.60 -54.35
N GLU BC 168 -58.88 76.75 -54.51
CA GLU BC 168 -58.29 77.12 -55.79
C GLU BC 168 -56.84 76.68 -55.86
N PRO BC 169 -56.30 76.51 -57.06
CA PRO BC 169 -54.91 76.04 -57.17
C PRO BC 169 -53.91 76.94 -56.47
N GLU BC 170 -54.18 78.25 -56.43
CA GLU BC 170 -53.34 79.15 -55.65
C GLU BC 170 -53.41 78.81 -54.17
N GLU BC 171 -54.60 78.45 -53.68
CA GLU BC 171 -54.74 78.05 -52.29
C GLU BC 171 -53.93 76.80 -52.00
N LEU BC 172 -53.94 75.83 -52.91
CA LEU BC 172 -53.20 74.59 -52.70
C LEU BC 172 -51.70 74.84 -52.61
N TYR BC 173 -51.18 75.71 -53.48
CA TYR BC 173 -49.75 76.03 -53.43
C TYR BC 173 -49.41 76.71 -52.11
N GLN BC 174 -50.26 77.61 -51.64
CA GLN BC 174 -50.00 78.30 -50.38
C GLN BC 174 -49.95 77.31 -49.22
N THR BC 175 -50.96 76.45 -49.11
CA THR BC 175 -50.99 75.51 -48.00
C THR BC 175 -49.90 74.46 -48.13
N PHE BC 176 -49.57 74.05 -49.36
CA PHE BC 176 -48.46 73.14 -49.55
C PHE BC 176 -47.15 73.79 -49.10
N GLN BC 177 -46.94 75.04 -49.51
CA GLN BC 177 -45.75 75.76 -49.05
C GLN BC 177 -45.72 75.83 -47.54
N ARG BC 178 -46.82 76.21 -46.91
CA ARG BC 178 -46.83 76.38 -45.46
C ARG BC 178 -46.54 75.06 -44.75
N ILE BC 179 -47.07 73.96 -45.25
CA ILE BC 179 -46.77 72.66 -44.66
C ILE BC 179 -45.30 72.33 -44.86
N VAL BC 180 -44.81 72.47 -46.09
CA VAL BC 180 -43.45 72.03 -46.40
C VAL BC 180 -42.42 72.92 -45.71
N GLU BC 181 -42.73 74.21 -45.52
CA GLU BC 181 -41.84 75.05 -44.75
C GLU BC 181 -41.85 74.66 -43.28
N ASN BC 182 -43.02 74.33 -42.74
CA ASN BC 182 -43.11 73.93 -41.34
C ASN BC 182 -42.35 72.64 -41.09
N VAL BC 183 -42.42 71.69 -42.03
CA VAL BC 183 -41.59 70.50 -41.91
C VAL BC 183 -40.12 70.87 -41.98
N ASN BC 184 -39.79 71.85 -42.83
CA ASN BC 184 -38.40 72.29 -42.95
C ASN BC 184 -37.90 72.94 -41.67
N VAL BC 185 -38.71 73.81 -41.06
CA VAL BC 185 -38.22 74.56 -39.91
C VAL BC 185 -38.01 73.65 -38.70
N ILE BC 186 -38.91 72.68 -38.49
CA ILE BC 186 -38.75 71.76 -37.36
C ILE BC 186 -37.68 70.72 -37.61
N ILE BC 187 -37.25 70.54 -38.86
CA ILE BC 187 -36.11 69.67 -39.14
C ILE BC 187 -34.79 70.43 -39.02
N SER BC 188 -34.86 71.75 -38.88
CA SER BC 188 -33.64 72.52 -38.67
C SER BC 188 -33.33 72.70 -37.19
N THR BC 189 -34.26 73.27 -36.43
CA THR BC 189 -34.03 73.52 -35.01
C THR BC 189 -33.86 72.24 -34.22
N TYR BC 190 -34.40 71.12 -34.69
CA TYR BC 190 -34.31 69.84 -34.01
C TYR BC 190 -33.30 68.91 -34.66
N GLY BC 191 -33.36 68.76 -35.97
CA GLY BC 191 -32.36 67.97 -36.68
C GLY BC 191 -31.11 68.77 -36.92
N GLU BC 192 -30.34 69.01 -35.85
CA GLU BC 192 -29.13 69.83 -35.94
C GLU BC 192 -28.09 69.28 -36.89
N GLY BC 193 -28.32 68.09 -37.47
CA GLY BC 193 -27.40 67.54 -38.43
C GLY BC 193 -27.44 68.29 -39.75
N GLU BC 194 -27.02 69.54 -39.72
CA GLU BC 194 -26.90 70.37 -40.92
C GLU BC 194 -25.63 70.00 -41.65
N SER BC 195 -25.19 70.84 -42.58
CA SER BC 195 -23.94 70.59 -43.30
C SER BC 195 -22.83 70.24 -42.33
N GLY BC 196 -22.17 69.12 -42.58
CA GLY BC 196 -21.37 68.47 -41.57
C GLY BC 196 -21.68 66.99 -41.50
N PRO BC 197 -22.26 66.55 -40.38
CA PRO BC 197 -22.49 65.11 -40.19
C PRO BC 197 -23.35 64.47 -41.26
N MET BC 198 -24.29 65.21 -41.86
CA MET BC 198 -25.10 64.69 -42.94
C MET BC 198 -25.34 65.68 -44.06
N GLY BC 199 -24.65 66.81 -44.08
CA GLY BC 199 -24.96 67.78 -45.10
C GLY BC 199 -26.36 68.32 -44.87
N ASN BC 200 -27.02 68.65 -45.98
CA ASN BC 200 -28.38 69.17 -45.88
C ASN BC 200 -29.35 68.02 -45.58
N ILE BC 201 -30.40 68.33 -44.82
CA ILE BC 201 -31.52 67.41 -44.65
C ILE BC 201 -32.85 68.09 -44.95
N MET BC 202 -32.81 69.35 -45.40
CA MET BC 202 -34.03 70.08 -45.70
C MET BC 202 -34.85 69.36 -46.76
N ILE BC 203 -36.15 69.35 -46.59
CA ILE BC 203 -37.08 68.74 -47.54
C ILE BC 203 -37.49 69.82 -48.54
N ASP BC 204 -37.70 69.41 -49.79
CA ASP BC 204 -37.93 70.41 -50.84
C ASP BC 204 -38.59 69.76 -52.04
N PRO BC 205 -39.72 70.30 -52.51
CA PRO BC 205 -40.37 69.73 -53.70
C PRO BC 205 -39.55 69.87 -54.97
N VAL BC 206 -38.58 70.79 -55.00
CA VAL BC 206 -37.86 71.06 -56.24
C VAL BC 206 -36.96 69.89 -56.61
N LEU BC 207 -36.32 69.27 -55.62
CA LEU BC 207 -35.50 68.10 -55.89
C LEU BC 207 -36.27 66.80 -55.91
N GLY BC 208 -37.59 66.83 -55.70
CA GLY BC 208 -38.42 65.66 -55.84
C GLY BC 208 -38.52 64.76 -54.64
N THR BC 209 -38.00 65.18 -53.49
CA THR BC 209 -38.17 64.42 -52.26
C THR BC 209 -39.48 64.71 -51.56
N VAL BC 210 -40.41 65.37 -52.24
CA VAL BC 210 -41.73 65.69 -51.70
C VAL BC 210 -42.77 65.22 -52.70
N GLY BC 211 -43.75 64.46 -52.21
CA GLY BC 211 -44.81 63.95 -53.08
C GLY BC 211 -46.19 64.37 -52.64
N PHE BC 212 -47.16 64.24 -53.56
CA PHE BC 212 -48.53 64.66 -53.32
C PHE BC 212 -49.47 63.58 -53.81
N GLY BC 213 -50.65 63.49 -53.19
CA GLY BC 213 -51.61 62.51 -53.65
C GLY BC 213 -52.71 62.28 -52.63
N SER BC 214 -53.36 61.13 -52.76
CA SER BC 214 -54.42 60.72 -51.84
C SER BC 214 -54.40 59.20 -51.77
N GLY BC 215 -54.19 58.66 -50.57
CA GLY BC 215 -54.09 57.21 -50.40
C GLY BC 215 -55.37 56.46 -50.71
N LEU BC 216 -56.53 57.03 -50.38
CA LEU BC 216 -57.78 56.34 -50.63
C LEU BC 216 -57.97 56.06 -52.11
N HIS BC 217 -57.67 57.05 -52.96
CA HIS BC 217 -57.93 56.95 -54.38
C HIS BC 217 -56.74 56.38 -55.14
N GLY BC 218 -55.71 55.92 -54.45
CA GLY BC 218 -54.63 55.17 -55.05
C GLY BC 218 -53.84 55.91 -56.11
N TRP BC 219 -53.58 57.19 -55.89
CA TRP BC 219 -52.75 57.95 -56.81
C TRP BC 219 -51.81 58.84 -56.03
N ALA BC 220 -50.61 59.02 -56.58
CA ALA BC 220 -49.61 59.92 -56.02
C ALA BC 220 -48.73 60.40 -57.15
N PHE BC 221 -48.05 61.51 -56.93
CA PHE BC 221 -47.20 62.07 -57.97
C PHE BC 221 -46.22 63.04 -57.35
N THR BC 222 -45.05 63.14 -57.98
CA THR BC 222 -44.10 64.20 -57.72
C THR BC 222 -44.02 65.05 -58.98
N LEU BC 223 -43.30 66.17 -58.89
CA LEU BC 223 -43.12 66.99 -60.08
C LEU BC 223 -42.39 66.24 -61.18
N LYS BC 224 -41.67 65.17 -60.82
CA LYS BC 224 -40.92 64.40 -61.80
C LYS BC 224 -41.81 63.85 -62.91
N GLN BC 225 -43.00 63.37 -62.55
CA GLN BC 225 -43.88 62.78 -63.56
C GLN BC 225 -44.25 63.79 -64.65
N PHE BC 226 -44.75 64.96 -64.26
CA PHE BC 226 -45.02 65.98 -65.27
C PHE BC 226 -43.74 66.54 -65.85
N ALA BC 227 -42.67 66.60 -65.05
CA ALA BC 227 -41.36 66.90 -65.61
C ALA BC 227 -40.97 65.84 -66.64
N GLU BC 228 -41.32 64.58 -66.37
CA GLU BC 228 -41.02 63.52 -67.33
C GLU BC 228 -41.93 63.61 -68.56
N MET BC 229 -43.13 64.16 -68.39
CA MET BC 229 -44.07 64.21 -69.51
C MET BC 229 -43.88 65.47 -70.35
N TYR BC 230 -43.59 66.61 -69.74
CA TYR BC 230 -43.34 67.81 -70.53
C TYR BC 230 -42.09 67.64 -71.38
N VAL BC 231 -41.05 67.02 -70.81
CA VAL BC 231 -39.89 66.66 -71.61
C VAL BC 231 -40.29 65.73 -72.75
N ALA BC 232 -41.22 64.81 -72.47
CA ALA BC 232 -41.70 63.90 -73.50
C ALA BC 232 -42.39 64.65 -74.63
N LYS BC 233 -43.20 65.65 -74.29
CA LYS BC 233 -43.88 66.44 -75.31
C LYS BC 233 -43.04 67.62 -75.81
N PHE BC 234 -41.94 67.94 -75.13
CA PHE BC 234 -41.04 68.99 -75.59
C PHE BC 234 -40.37 68.61 -76.89
N ALA BC 235 -29.29 58.96 -70.32
CA ALA BC 235 -28.10 59.73 -69.94
C ALA BC 235 -28.47 61.19 -69.72
N GLU BC 236 -28.56 61.93 -70.83
CA GLU BC 236 -28.98 63.33 -70.76
C GLU BC 236 -30.44 63.47 -70.36
N ARG BC 237 -31.20 62.39 -70.41
CA ARG BC 237 -32.63 62.45 -70.09
C ARG BC 237 -32.86 62.90 -68.65
N ALA BC 238 -32.06 62.39 -67.72
CA ALA BC 238 -32.14 62.86 -66.33
C ALA BC 238 -31.62 64.29 -66.20
N LYS BC 239 -30.89 64.76 -67.21
CA LYS BC 239 -30.30 66.09 -67.13
C LYS BC 239 -31.26 67.18 -67.62
N LYS BC 240 -31.86 67.00 -68.80
CA LYS BC 240 -32.74 68.07 -69.27
C LYS BC 240 -34.03 68.14 -68.48
N VAL BC 241 -34.35 67.09 -67.72
CA VAL BC 241 -35.57 67.13 -66.91
C VAL BC 241 -35.36 67.90 -65.62
N GLU BC 242 -34.13 67.93 -65.08
CA GLU BC 242 -33.92 68.54 -63.78
C GLU BC 242 -33.90 70.05 -63.84
N ASP BC 243 -33.36 70.62 -64.93
CA ASP BC 243 -33.24 72.08 -65.01
C ASP BC 243 -34.62 72.74 -64.97
N MET BC 244 -35.56 72.24 -65.78
CA MET BC 244 -36.96 72.66 -65.67
C MET BC 244 -37.59 72.24 -64.35
N MET BC 245 -37.23 71.08 -63.81
CA MET BC 245 -37.68 70.67 -62.49
C MET BC 245 -37.18 71.64 -61.44
N LYS BC 246 -35.95 72.12 -61.59
CA LYS BC 246 -35.45 73.19 -60.72
C LYS BC 246 -36.23 74.48 -60.93
N LYS BC 247 -36.92 74.60 -62.06
CA LYS BC 247 -37.57 75.85 -62.42
C LYS BC 247 -39.08 75.79 -62.24
N LEU BC 248 -39.62 74.59 -61.96
CA LEU BC 248 -41.07 74.42 -62.00
C LEU BC 248 -41.74 74.91 -60.73
N TRP BC 249 -41.45 74.27 -59.59
CA TRP BC 249 -42.01 74.74 -58.33
C TRP BC 249 -41.38 76.07 -57.92
N GLY BC 250 -42.19 76.92 -57.27
CA GLY BC 250 -41.66 78.13 -56.70
C GLY BC 250 -42.43 79.34 -57.16
N ASP BC 251 -41.88 80.52 -56.86
CA ASP BC 251 -42.51 81.79 -57.18
C ASP BC 251 -42.36 82.15 -58.65
N ARG BC 252 -41.86 81.24 -59.48
CA ARG BC 252 -41.72 81.52 -60.91
C ARG BC 252 -43.04 81.29 -61.62
N TYR BC 253 -43.30 82.09 -62.65
CA TYR BC 253 -44.62 82.17 -63.26
C TYR BC 253 -44.57 81.65 -64.69
N PHE BC 254 -45.76 81.50 -65.29
CA PHE BC 254 -45.89 80.93 -66.63
C PHE BC 254 -47.13 81.53 -67.29
N ASP BC 255 -46.96 82.03 -68.51
CA ASP BC 255 -47.98 82.62 -69.37
C ASP BC 255 -48.36 81.67 -70.49
N PRO BC 256 -49.63 81.25 -70.57
CA PRO BC 256 -50.03 80.31 -71.62
C PRO BC 256 -50.11 80.93 -73.00
N ALA BC 257 -50.34 82.24 -73.07
CA ALA BC 257 -50.46 82.90 -74.36
C ALA BC 257 -49.18 82.78 -75.18
N ASN BC 258 -48.04 82.97 -74.53
CA ASN BC 258 -46.75 82.74 -75.16
C ASN BC 258 -46.19 81.35 -74.87
N GLY BC 259 -46.75 80.66 -73.88
CA GLY BC 259 -46.28 79.34 -73.49
C GLY BC 259 -44.84 79.34 -72.99
N LYS BC 260 -44.43 80.44 -72.36
CA LYS BC 260 -43.06 80.57 -71.89
C LYS BC 260 -43.06 80.99 -70.42
N PHE BC 261 -42.14 80.41 -69.66
CA PHE BC 261 -41.99 80.70 -68.25
C PHE BC 261 -41.46 82.12 -68.07
N SER BC 262 -41.80 82.73 -66.94
CA SER BC 262 -41.45 84.13 -66.73
C SER BC 262 -40.80 84.29 -65.37
N LYS BC 263 -39.66 84.99 -65.38
CA LYS BC 263 -39.00 85.39 -64.15
C LYS BC 263 -39.65 86.60 -63.50
N SER BC 264 -40.56 87.26 -64.19
CA SER BC 264 -41.27 88.41 -63.64
C SER BC 264 -42.59 87.97 -63.02
N ALA BC 265 -43.26 88.92 -62.36
CA ALA BC 265 -44.54 88.65 -61.73
C ALA BC 265 -45.72 88.86 -62.65
N THR BC 266 -45.51 89.44 -63.83
CA THR BC 266 -46.61 89.82 -64.70
C THR BC 266 -46.09 89.85 -66.13
N SER BC 267 -46.99 89.65 -67.08
CA SER BC 267 -46.66 89.70 -68.49
C SER BC 267 -46.11 91.08 -68.86
N PRO BC 268 -45.28 91.16 -69.90
CA PRO BC 268 -44.74 92.47 -70.30
C PRO BC 268 -45.81 93.47 -70.65
N GLU BC 269 -46.98 93.01 -71.10
CA GLU BC 269 -48.08 93.91 -71.44
C GLU BC 269 -48.91 94.33 -70.22
N GLY BC 270 -48.64 93.77 -69.04
CA GLY BC 270 -49.30 94.18 -67.82
C GLY BC 270 -50.39 93.27 -67.29
N LYS BC 271 -50.57 92.09 -67.87
CA LYS BC 271 -51.59 91.15 -67.42
C LYS BC 271 -50.98 90.12 -66.49
N LYS BC 272 -51.61 89.90 -65.34
CA LYS BC 272 -51.05 89.01 -64.33
C LYS BC 272 -51.35 87.55 -64.68
N LEU BC 273 -50.43 86.67 -64.28
CA LEU BC 273 -50.42 85.29 -64.69
C LEU BC 273 -50.18 84.40 -63.48
N PRO BC 274 -50.67 83.17 -63.50
CA PRO BC 274 -50.48 82.28 -62.35
C PRO BC 274 -49.04 81.75 -62.30
N ARG BC 275 -48.73 81.04 -61.23
CA ARG BC 275 -47.42 80.42 -61.16
C ARG BC 275 -47.43 79.10 -61.94
N THR BC 276 -46.23 78.52 -62.07
CA THR BC 276 -46.09 77.29 -62.85
C THR BC 276 -46.87 76.15 -62.21
N PHE BC 277 -46.79 76.02 -60.89
CA PHE BC 277 -47.36 74.87 -60.20
C PHE BC 277 -48.85 74.74 -60.52
N CYS BC 278 -49.60 75.81 -60.33
CA CYS BC 278 -51.03 75.77 -60.63
C CYS BC 278 -51.26 75.56 -62.12
N GLN BC 279 -50.43 76.19 -62.95
CA GLN BC 279 -50.61 76.14 -64.39
C GLN BC 279 -50.29 74.77 -64.98
N LEU BC 280 -49.05 74.29 -64.85
CA LEU BC 280 -48.63 73.06 -65.52
C LEU BC 280 -48.99 71.80 -64.77
N ILE BC 281 -49.43 71.90 -63.52
CA ILE BC 281 -49.62 70.74 -62.64
C ILE BC 281 -51.04 70.66 -62.11
N LEU BC 282 -51.53 71.74 -61.50
CA LEU BC 282 -52.88 71.75 -60.96
C LEU BC 282 -53.98 71.97 -62.00
N ASP BC 283 -53.72 72.75 -63.05
CA ASP BC 283 -54.76 72.96 -64.05
C ASP BC 283 -55.33 71.66 -64.62
N PRO BC 284 -54.53 70.69 -65.09
CA PRO BC 284 -55.17 69.52 -65.68
C PRO BC 284 -55.78 68.57 -64.65
N ILE BC 285 -55.23 68.45 -63.44
CA ILE BC 285 -55.93 67.65 -62.43
C ILE BC 285 -57.23 68.32 -62.05
N PHE BC 286 -57.24 69.66 -61.94
CA PHE BC 286 -58.50 70.34 -61.69
C PHE BC 286 -59.48 70.07 -62.83
N LYS BC 287 -58.99 70.14 -64.07
CA LYS BC 287 -59.85 69.79 -65.20
C LYS BC 287 -60.29 68.34 -65.11
N VAL BC 288 -59.39 67.44 -64.68
CA VAL BC 288 -59.78 66.05 -64.48
C VAL BC 288 -60.83 65.94 -63.39
N PHE BC 289 -60.63 66.65 -62.28
CA PHE BC 289 -61.56 66.58 -61.17
C PHE BC 289 -62.92 67.19 -61.53
N ASP BC 290 -62.91 68.37 -62.13
CA ASP BC 290 -64.15 69.09 -62.34
C ASP BC 290 -65.01 68.43 -63.40
N ALA BC 291 -64.40 67.96 -64.48
CA ALA BC 291 -65.18 67.42 -65.59
C ALA BC 291 -65.96 66.17 -65.20
N ILE BC 292 -65.39 65.32 -64.35
CA ILE BC 292 -66.04 64.05 -64.02
C ILE BC 292 -67.14 64.21 -62.97
N MET BC 293 -66.96 65.08 -61.98
CA MET BC 293 -67.99 65.28 -60.97
C MET BC 293 -69.23 65.97 -61.53
N ASN BC 294 -69.14 66.49 -62.75
CA ASN BC 294 -70.26 67.13 -63.43
C ASN BC 294 -70.53 66.55 -64.81
N PHE BC 295 -69.82 65.49 -65.19
CA PHE BC 295 -70.18 64.64 -66.34
C PHE BC 295 -70.20 65.42 -67.67
N LYS BC 296 -69.02 65.92 -68.04
CA LYS BC 296 -68.81 66.53 -69.36
C LYS BC 296 -68.10 65.50 -70.24
N LYS BC 297 -68.86 64.85 -71.12
CA LYS BC 297 -68.39 63.61 -71.74
C LYS BC 297 -67.37 63.86 -72.85
N GLU BC 298 -67.78 64.55 -73.92
CA GLU BC 298 -66.91 64.65 -75.09
C GLU BC 298 -65.59 65.32 -74.76
N GLU BC 299 -65.56 66.14 -73.72
CA GLU BC 299 -64.29 66.66 -73.22
C GLU BC 299 -63.44 65.55 -72.64
N THR BC 300 -64.04 64.64 -71.88
CA THR BC 300 -63.28 63.53 -71.31
C THR BC 300 -62.73 62.63 -72.40
N ALA BC 301 -63.50 62.41 -73.47
CA ALA BC 301 -63.03 61.57 -74.56
C ALA BC 301 -61.78 62.14 -75.22
N LYS BC 302 -61.78 63.45 -75.46
CA LYS BC 302 -60.57 64.08 -75.98
C LYS BC 302 -59.55 64.31 -74.89
N LEU BC 303 -59.97 64.34 -73.63
CA LEU BC 303 -59.03 64.52 -72.54
C LEU BC 303 -58.12 63.29 -72.38
N ILE BC 304 -58.71 62.10 -72.39
CA ILE BC 304 -57.93 60.89 -72.16
C ILE BC 304 -56.92 60.68 -73.29
N GLU BC 305 -57.31 60.96 -74.53
CA GLU BC 305 -56.34 60.90 -75.62
C GLU BC 305 -55.34 62.06 -75.55
N LYS BC 306 -55.78 63.22 -75.05
CA LYS BC 306 -54.83 64.27 -74.70
C LYS BC 306 -53.90 63.79 -73.59
N LEU BC 307 -54.39 62.89 -72.74
CA LEU BC 307 -53.63 62.27 -71.68
C LEU BC 307 -52.98 60.96 -72.11
N ASP BC 308 -53.21 60.53 -73.35
CA ASP BC 308 -52.71 59.28 -73.94
C ASP BC 308 -52.62 58.14 -72.94
N ILE BC 309 -53.69 57.99 -72.17
CA ILE BC 309 -53.82 56.91 -71.20
C ILE BC 309 -54.59 55.76 -71.83
N LYS BC 310 -54.16 54.54 -71.53
CA LYS BC 310 -54.80 53.37 -72.12
C LYS BC 310 -56.21 53.21 -71.58
N LEU BC 311 -57.03 52.48 -72.33
CA LEU BC 311 -58.44 52.27 -72.02
C LEU BC 311 -58.65 50.77 -71.80
N ASP BC 312 -58.45 50.32 -70.56
CA ASP BC 312 -58.59 48.90 -70.24
C ASP BC 312 -60.02 48.62 -69.80
N SER BC 313 -60.26 47.45 -69.24
CA SER BC 313 -61.61 46.99 -68.95
C SER BC 313 -62.19 47.73 -67.75
N GLU BC 314 -63.53 47.71 -67.68
CA GLU BC 314 -64.32 48.15 -66.53
C GLU BC 314 -64.20 49.65 -66.26
N ASP BC 315 -63.64 50.42 -67.18
CA ASP BC 315 -63.52 51.87 -67.00
C ASP BC 315 -64.18 52.68 -68.10
N LYS BC 316 -64.34 52.13 -69.30
CA LYS BC 316 -65.09 52.82 -70.34
C LYS BC 316 -66.59 52.67 -70.14
N ASP BC 317 -67.02 51.87 -69.17
CA ASP BC 317 -68.44 51.62 -68.89
C ASP BC 317 -68.92 52.36 -67.65
N LYS BC 318 -68.12 52.37 -66.59
CA LYS BC 318 -68.57 52.92 -65.32
C LYS BC 318 -68.46 54.44 -65.32
N GLU BC 319 -68.98 55.06 -64.26
CA GLU BC 319 -69.04 56.51 -64.15
C GLU BC 319 -69.20 56.90 -62.69
N GLY BC 320 -69.03 58.20 -62.43
CA GLY BC 320 -69.15 58.72 -61.09
C GLY BC 320 -67.80 58.82 -60.39
N LYS BC 321 -67.82 58.98 -59.07
CA LYS BC 321 -66.56 59.00 -58.32
C LYS BC 321 -65.75 57.71 -58.44
N PRO BC 322 -66.34 56.50 -58.55
CA PRO BC 322 -65.46 55.33 -58.77
C PRO BC 322 -64.66 55.45 -60.06
N LEU BC 323 -65.25 56.07 -61.09
CA LEU BC 323 -64.51 56.32 -62.31
C LEU BC 323 -63.35 57.26 -62.04
N LEU BC 324 -63.49 58.14 -61.05
CA LEU BC 324 -62.41 59.05 -60.71
C LEU BC 324 -61.23 58.27 -60.13
N LYS BC 325 -61.44 57.58 -59.02
CA LYS BC 325 -60.35 56.82 -58.41
C LYS BC 325 -59.83 55.75 -59.36
N ALA BC 326 -60.64 55.37 -60.36
CA ALA BC 326 -60.14 54.51 -61.42
C ALA BC 326 -59.29 55.31 -62.41
N VAL BC 327 -59.85 56.39 -62.95
CA VAL BC 327 -59.24 57.03 -64.12
C VAL BC 327 -57.90 57.65 -63.76
N MET BC 328 -57.76 58.23 -62.56
CA MET BC 328 -56.49 58.82 -62.21
C MET BC 328 -55.56 57.87 -61.48
N ARG BC 329 -56.03 56.67 -61.11
CA ARG BC 329 -55.10 55.66 -60.63
C ARG BC 329 -54.25 55.12 -61.77
N ARG BC 330 -54.87 54.79 -62.90
CA ARG BC 330 -54.09 54.31 -64.03
C ARG BC 330 -53.23 55.42 -64.63
N TRP BC 331 -53.75 56.65 -64.63
CA TRP BC 331 -53.01 57.75 -65.22
C TRP BC 331 -51.74 58.03 -64.44
N LEU BC 332 -51.81 58.01 -63.12
CA LEU BC 332 -50.64 58.18 -62.25
C LEU BC 332 -50.80 57.31 -61.02
N PRO BC 333 -50.37 56.05 -61.09
CA PRO BC 333 -50.49 55.17 -59.92
C PRO BC 333 -49.68 55.66 -58.75
N ALA BC 334 -50.22 55.46 -57.55
CA ALA BC 334 -49.54 55.87 -56.34
C ALA BC 334 -48.22 55.14 -56.15
N GLY BC 335 -48.21 53.82 -56.39
CA GLY BC 335 -47.00 53.04 -56.20
C GLY BC 335 -45.84 53.46 -57.08
N ASP BC 336 -46.10 53.64 -58.37
CA ASP BC 336 -45.03 54.04 -59.28
C ASP BC 336 -44.43 55.38 -58.91
N ALA BC 337 -45.24 56.26 -58.30
CA ALA BC 337 -44.75 57.54 -57.85
C ALA BC 337 -43.81 57.38 -56.67
N LEU BC 338 -44.30 56.77 -55.59
CA LEU BC 338 -43.50 56.62 -54.39
C LEU BC 338 -42.27 55.75 -54.63
N LEU BC 339 -42.44 54.65 -55.38
CA LEU BC 339 -41.33 53.73 -55.56
C LEU BC 339 -40.18 54.40 -56.31
N GLN BC 340 -40.48 55.17 -57.35
CA GLN BC 340 -39.42 55.91 -58.03
C GLN BC 340 -38.96 57.11 -57.23
N MET BC 341 -39.72 57.51 -56.21
CA MET BC 341 -39.26 58.56 -55.31
C MET BC 341 -38.30 58.01 -54.27
N ILE BC 342 -38.58 56.81 -53.75
CA ILE BC 342 -37.78 56.29 -52.65
C ILE BC 342 -36.52 55.60 -53.18
N THR BC 343 -36.52 55.15 -54.43
CA THR BC 343 -35.34 54.51 -54.97
C THR BC 343 -34.19 55.50 -55.13
N ILE BC 344 -34.51 56.76 -55.43
CA ILE BC 344 -33.46 57.75 -55.67
C ILE BC 344 -33.12 58.59 -54.45
N HIS BC 345 -33.96 58.59 -53.42
CA HIS BC 345 -33.77 59.47 -52.27
C HIS BC 345 -33.52 58.74 -50.97
N LEU BC 346 -34.29 57.70 -50.67
CA LEU BC 346 -34.01 56.91 -49.48
C LEU BC 346 -32.66 56.23 -49.60
N PRO BC 347 -31.89 56.14 -48.53
CA PRO BC 347 -30.51 55.68 -48.64
C PRO BC 347 -30.39 54.18 -48.49
N SER BC 348 -29.48 53.62 -49.28
CA SER BC 348 -29.10 52.23 -49.14
C SER BC 348 -28.36 52.03 -47.81
N PRO BC 349 -28.36 50.80 -47.28
CA PRO BC 349 -27.62 50.56 -46.04
C PRO BC 349 -26.15 50.91 -46.12
N VAL BC 350 -25.53 50.81 -47.30
CA VAL BC 350 -24.11 51.13 -47.43
C VAL BC 350 -23.84 52.56 -46.99
N THR BC 351 -24.67 53.50 -47.46
CA THR BC 351 -24.57 54.88 -47.03
C THR BC 351 -25.14 55.08 -45.63
N ALA BC 352 -26.03 54.19 -45.19
CA ALA BC 352 -26.67 54.35 -43.89
C ALA BC 352 -25.70 54.08 -42.76
N GLN BC 353 -24.94 52.98 -42.84
CA GLN BC 353 -24.11 52.57 -41.71
C GLN BC 353 -23.02 53.59 -41.42
N LYS BC 354 -22.59 54.36 -42.41
CA LYS BC 354 -21.47 55.26 -42.20
C LYS BC 354 -21.78 56.33 -41.15
N TYR BC 355 -23.06 56.65 -40.94
CA TYR BC 355 -23.42 57.65 -39.95
C TYR BC 355 -24.43 57.16 -38.92
N ARG BC 356 -24.89 55.91 -39.02
CA ARG BC 356 -25.88 55.41 -38.07
C ARG BC 356 -25.29 54.56 -36.95
N CYS BC 357 -24.02 54.24 -37.02
CA CYS BC 357 -23.47 53.24 -36.11
C CYS BC 357 -22.75 53.83 -34.91
N GLU BC 358 -22.48 55.14 -34.91
CA GLU BC 358 -21.99 55.76 -33.68
C GLU BC 358 -23.03 55.66 -32.58
N LEU BC 359 -24.31 55.80 -32.93
CA LEU BC 359 -25.41 55.64 -32.00
C LEU BC 359 -26.05 54.27 -32.07
N LEU BC 360 -25.30 53.26 -32.52
CA LEU BC 360 -25.80 51.90 -32.66
C LEU BC 360 -24.98 50.86 -31.90
N TYR BC 361 -23.69 51.09 -31.68
CA TYR BC 361 -22.80 50.12 -31.07
C TYR BC 361 -22.02 50.77 -29.94
N GLU BC 362 -22.06 50.16 -28.76
CA GLU BC 362 -21.32 50.67 -27.61
C GLU BC 362 -19.82 50.51 -27.76
N GLY BC 363 -19.37 49.46 -28.44
CA GLY BC 363 -17.96 49.28 -28.67
C GLY BC 363 -17.39 50.40 -29.50
N PRO BC 364 -16.16 50.80 -29.19
CA PRO BC 364 -15.52 51.90 -29.95
C PRO BC 364 -15.27 51.47 -31.38
N PRO BC 365 -15.15 52.42 -32.31
CA PRO BC 365 -15.12 52.07 -33.73
C PRO BC 365 -13.91 51.26 -34.17
N ASP BC 366 -13.03 50.86 -33.24
CA ASP BC 366 -11.86 50.08 -33.61
C ASP BC 366 -12.06 48.58 -33.45
N ASP BC 367 -13.04 48.15 -32.67
CA ASP BC 367 -13.26 46.73 -32.46
C ASP BC 367 -13.66 46.07 -33.77
N GLU BC 368 -13.37 44.76 -33.86
CA GLU BC 368 -13.56 44.00 -35.09
C GLU BC 368 -14.98 44.14 -35.62
N ALA BC 369 -15.99 44.04 -34.75
CA ALA BC 369 -17.36 44.17 -35.24
C ALA BC 369 -17.67 45.59 -35.68
N ALA BC 370 -16.95 46.58 -35.15
CA ALA BC 370 -17.27 47.98 -35.44
C ALA BC 370 -17.06 48.31 -36.91
N MET BC 371 -15.89 47.99 -37.47
CA MET BC 371 -15.68 48.25 -38.88
C MET BC 371 -16.50 47.32 -39.75
N GLY BC 372 -16.72 46.07 -39.31
CA GLY BC 372 -17.66 45.21 -40.00
C GLY BC 372 -19.07 45.78 -39.95
N ILE BC 373 -19.41 46.41 -38.84
CA ILE BC 373 -20.67 47.16 -38.75
C ILE BC 373 -20.67 48.34 -39.73
N LYS BC 374 -19.59 49.12 -39.77
CA LYS BC 374 -19.55 50.30 -40.62
C LYS BC 374 -19.68 49.93 -42.09
N SER BC 375 -18.96 48.90 -42.52
CA SER BC 375 -18.93 48.52 -43.92
C SER BC 375 -20.01 47.51 -44.30
N CYS BC 376 -20.61 46.84 -43.31
CA CYS BC 376 -21.57 45.77 -43.56
C CYS BC 376 -21.01 44.72 -44.51
N ASP BC 377 -19.93 44.09 -44.07
CA ASP BC 377 -19.33 43.00 -44.83
C ASP BC 377 -20.07 41.71 -44.50
N PRO BC 378 -20.87 41.17 -45.42
CA PRO BC 378 -21.68 39.99 -45.07
C PRO BC 378 -20.88 38.70 -45.07
N LYS BC 379 -19.68 38.75 -44.47
CA LYS BC 379 -18.86 37.56 -44.29
C LYS BC 379 -18.17 37.56 -42.93
N GLY BC 380 -18.55 38.45 -42.03
CA GLY BC 380 -17.82 38.63 -40.81
C GLY BC 380 -18.66 38.55 -39.55
N PRO BC 381 -18.46 39.51 -38.65
CA PRO BC 381 -19.06 39.41 -37.31
C PRO BC 381 -20.55 39.69 -37.32
N LEU BC 382 -21.34 38.64 -37.54
CA LEU BC 382 -22.80 38.72 -37.54
C LEU BC 382 -23.31 39.68 -36.48
N MET BC 383 -24.15 40.62 -36.89
CA MET BC 383 -24.70 41.63 -36.02
C MET BC 383 -26.22 41.65 -36.13
N MET BC 384 -26.89 41.42 -35.01
CA MET BC 384 -28.34 41.36 -34.95
C MET BC 384 -28.83 42.35 -33.91
N TYR BC 385 -30.01 42.92 -34.16
CA TYR BC 385 -30.69 43.69 -33.12
C TYR BC 385 -32.17 43.30 -33.16
N ILE BC 386 -32.58 42.52 -32.16
CA ILE BC 386 -33.97 42.13 -32.02
C ILE BC 386 -34.68 43.24 -31.25
N SER BC 387 -35.52 44.01 -31.95
CA SER BC 387 -36.25 45.10 -31.34
C SER BC 387 -37.72 44.78 -31.16
N LYS BC 388 -38.33 44.11 -32.13
CA LYS BC 388 -39.73 43.72 -32.05
C LYS BC 388 -39.85 42.22 -31.87
N MET BC 389 -40.79 41.82 -31.02
CA MET BC 389 -41.03 40.40 -30.74
C MET BC 389 -42.49 40.10 -31.06
N VAL BC 390 -42.76 39.71 -32.30
CA VAL BC 390 -44.11 39.47 -32.79
C VAL BC 390 -44.53 38.03 -32.51
N PRO BC 391 -45.73 37.80 -31.99
CA PRO BC 391 -46.13 36.43 -31.65
C PRO BC 391 -46.30 35.56 -32.88
N THR BC 392 -46.30 34.25 -32.65
CA THR BC 392 -46.43 33.26 -33.71
C THR BC 392 -47.89 32.84 -33.87
N SER BC 393 -48.12 31.85 -34.75
CA SER BC 393 -49.48 31.41 -35.04
C SER BC 393 -50.04 30.52 -33.94
N ASP BC 394 -49.19 29.80 -33.22
CA ASP BC 394 -49.67 28.83 -32.23
C ASP BC 394 -50.49 29.52 -31.14
N LYS BC 395 -49.81 30.34 -30.31
CA LYS BC 395 -50.39 31.16 -29.25
C LYS BC 395 -49.28 31.65 -28.33
N GLY BC 396 -48.47 30.71 -27.83
CA GLY BC 396 -47.53 31.01 -26.77
C GLY BC 396 -46.18 31.53 -27.20
N ARG BC 397 -45.73 31.14 -28.39
CA ARG BC 397 -44.41 31.53 -28.83
C ARG BC 397 -44.46 32.87 -29.56
N PHE BC 398 -43.27 33.37 -29.91
CA PHE BC 398 -43.14 34.64 -30.61
C PHE BC 398 -42.14 34.49 -31.74
N TYR BC 399 -42.15 35.46 -32.64
CA TYR BC 399 -41.11 35.61 -33.66
C TYR BC 399 -40.16 36.69 -33.19
N ALA BC 400 -38.86 36.42 -33.25
CA ALA BC 400 -37.85 37.39 -32.85
C ALA BC 400 -37.47 38.21 -34.07
N PHE BC 401 -38.04 39.42 -34.16
CA PHE BC 401 -37.88 40.26 -35.34
C PHE BC 401 -36.74 41.23 -35.12
N GLY BC 402 -35.83 41.31 -36.10
CA GLY BC 402 -34.73 42.24 -36.01
C GLY BC 402 -34.07 42.43 -37.36
N ARG BC 403 -33.16 43.39 -37.40
CA ARG BC 403 -32.41 43.68 -38.62
C ARG BC 403 -30.96 43.27 -38.44
N VAL BC 404 -30.45 42.51 -39.40
CA VAL BC 404 -29.03 42.18 -39.44
C VAL BC 404 -28.24 43.40 -39.86
N PHE BC 405 -27.08 43.60 -39.22
CA PHE BC 405 -26.25 44.76 -39.50
C PHE BC 405 -24.86 44.41 -39.98
N SER BC 406 -24.44 43.15 -39.84
CA SER BC 406 -23.15 42.70 -40.35
C SER BC 406 -23.19 41.20 -40.52
N GLY BC 407 -22.29 40.69 -41.34
CA GLY BC 407 -22.18 39.25 -41.52
C GLY BC 407 -23.39 38.66 -42.20
N LEU BC 408 -23.69 37.42 -41.84
CA LEU BC 408 -24.76 36.65 -42.46
C LEU BC 408 -25.32 35.68 -41.44
N VAL BC 409 -26.64 35.53 -41.47
CA VAL BC 409 -27.36 34.66 -40.54
C VAL BC 409 -27.88 33.45 -41.31
N SER BC 410 -27.78 32.28 -40.69
CA SER BC 410 -28.21 31.04 -41.32
C SER BC 410 -28.80 30.12 -40.27
N THR BC 411 -29.70 29.25 -40.71
CA THR BC 411 -30.35 28.32 -39.79
C THR BC 411 -29.31 27.39 -39.17
N GLY BC 412 -29.52 27.08 -37.89
CA GLY BC 412 -28.59 26.22 -37.18
C GLY BC 412 -27.20 26.77 -37.03
N LEU BC 413 -27.08 28.07 -36.73
CA LEU BC 413 -25.80 28.71 -36.48
C LEU BC 413 -25.69 29.04 -35.01
N LYS BC 414 -24.66 28.49 -34.35
CA LYS BC 414 -24.41 28.82 -32.96
C LYS BC 414 -24.02 30.28 -32.83
N VAL BC 415 -24.79 31.04 -32.06
CA VAL BC 415 -24.60 32.48 -31.94
C VAL BC 415 -24.69 32.86 -30.47
N ARG BC 416 -24.08 33.98 -30.11
CA ARG BC 416 -24.15 34.53 -28.76
C ARG BC 416 -25.36 35.44 -28.70
N ILE BC 417 -26.26 35.19 -27.74
CA ILE BC 417 -27.44 36.00 -27.56
C ILE BC 417 -27.31 36.73 -26.23
N MET BC 418 -27.22 38.05 -26.29
CA MET BC 418 -27.05 38.87 -25.09
C MET BC 418 -28.20 39.83 -24.94
N GLY BC 419 -28.65 40.02 -23.71
CA GLY BC 419 -29.73 40.93 -23.40
C GLY BC 419 -29.22 42.29 -23.01
N PRO BC 420 -30.11 43.14 -22.49
CA PRO BC 420 -29.71 44.52 -22.18
C PRO BC 420 -28.69 44.60 -21.06
N ASN BC 421 -28.93 43.90 -19.96
CA ASN BC 421 -28.05 43.94 -18.81
C ASN BC 421 -26.74 43.19 -19.03
N TYR BC 422 -26.49 42.70 -20.24
CA TYR BC 422 -25.28 41.94 -20.50
C TYR BC 422 -24.04 42.83 -20.43
N THR BC 423 -22.97 42.26 -19.91
CA THR BC 423 -21.66 42.89 -19.89
C THR BC 423 -20.64 41.89 -20.41
N PRO BC 424 -19.77 42.29 -21.34
CA PRO BC 424 -18.84 41.32 -21.94
C PRO BC 424 -17.89 40.68 -20.95
N GLY BC 425 -17.68 41.29 -19.78
CA GLY BC 425 -16.84 40.68 -18.77
C GLY BC 425 -17.55 39.67 -17.88
N LYS BC 426 -18.87 39.56 -17.97
CA LYS BC 426 -19.63 38.66 -17.11
C LYS BC 426 -20.55 37.80 -17.95
N LYS BC 427 -20.96 36.66 -17.38
CA LYS BC 427 -21.83 35.71 -18.06
C LYS BC 427 -23.30 36.11 -18.02
N GLU BC 428 -23.66 37.12 -17.24
CA GLU BC 428 -25.07 37.44 -17.02
C GLU BC 428 -25.72 37.89 -18.32
N ASP BC 429 -26.97 37.46 -18.51
CA ASP BC 429 -27.77 37.85 -19.68
C ASP BC 429 -27.06 37.46 -20.98
N LEU BC 430 -26.47 36.27 -20.99
CA LEU BC 430 -25.78 35.74 -22.17
C LEU BC 430 -26.31 34.35 -22.45
N TYR BC 431 -26.53 34.05 -23.73
CA TYR BC 431 -26.96 32.72 -24.14
C TYR BC 431 -26.14 32.27 -25.33
N LEU BC 432 -25.81 30.99 -25.36
CA LEU BC 432 -24.98 30.38 -26.39
C LEU BC 432 -25.81 29.25 -27.02
N LYS BC 433 -26.61 29.59 -28.01
CA LYS BC 433 -27.50 28.62 -28.63
C LYS BC 433 -27.68 28.97 -30.09
N PRO BC 434 -28.03 27.98 -30.93
CA PRO BC 434 -28.23 28.27 -32.35
C PRO BC 434 -29.64 28.77 -32.63
N ILE BC 435 -29.89 29.22 -33.86
CA ILE BC 435 -31.22 29.64 -34.26
C ILE BC 435 -31.92 28.45 -34.91
N GLN BC 436 -33.20 28.28 -34.59
CA GLN BC 436 -33.97 27.16 -35.12
C GLN BC 436 -34.16 27.30 -36.62
N ARG BC 437 -34.46 28.52 -37.08
CA ARG BC 437 -34.63 28.83 -38.49
C ARG BC 437 -34.77 30.34 -38.63
N THR BC 438 -34.42 30.85 -39.81
CA THR BC 438 -34.63 32.25 -40.13
C THR BC 438 -35.89 32.36 -40.98
N ILE BC 439 -36.74 33.33 -40.66
CA ILE BC 439 -38.07 33.43 -41.23
C ILE BC 439 -38.28 34.86 -41.72
N LEU BC 440 -38.68 35.00 -42.98
CA LEU BC 440 -38.99 36.31 -43.54
C LEU BC 440 -40.50 36.52 -43.51
N MET BC 441 -40.90 37.70 -43.07
CA MET BC 441 -42.31 38.07 -43.00
C MET BC 441 -42.58 39.21 -43.97
N MET BC 442 -43.66 39.09 -44.74
CA MET BC 442 -44.09 40.14 -45.66
C MET BC 442 -45.60 40.32 -45.50
N GLY BC 443 -45.98 41.37 -44.79
CA GLY BC 443 -47.38 41.65 -44.54
C GLY BC 443 -48.02 40.58 -43.68
N ARG BC 444 -49.08 39.95 -44.20
CA ARG BC 444 -49.77 38.90 -43.46
C ARG BC 444 -49.05 37.56 -43.49
N TYR BC 445 -48.59 37.11 -44.65
CA TYR BC 445 -47.89 35.84 -44.76
C TYR BC 445 -46.48 35.97 -44.22
N VAL BC 446 -45.86 34.83 -43.96
CA VAL BC 446 -44.43 34.74 -43.71
C VAL BC 446 -43.86 33.66 -44.61
N GLU BC 447 -42.58 33.77 -44.90
CA GLU BC 447 -41.95 32.81 -45.79
C GLU BC 447 -40.53 32.49 -45.33
N PRO BC 448 -40.21 31.22 -45.10
CA PRO BC 448 -38.86 30.86 -44.66
C PRO BC 448 -37.83 31.12 -45.74
N ILE BC 449 -36.63 31.49 -45.30
CA ILE BC 449 -35.50 31.76 -46.15
C ILE BC 449 -34.36 30.86 -45.70
N GLU BC 450 -33.48 30.49 -46.64
CA GLU BC 450 -32.30 29.74 -46.27
C GLU BC 450 -31.40 30.53 -45.34
N ASP BC 451 -31.17 31.80 -45.65
CA ASP BC 451 -30.23 32.62 -44.89
C ASP BC 451 -30.47 34.08 -45.27
N VAL BC 452 -29.86 34.98 -44.51
CA VAL BC 452 -30.02 36.41 -44.74
C VAL BC 452 -28.69 37.14 -44.59
N PRO BC 453 -28.18 37.78 -45.64
CA PRO BC 453 -26.93 38.56 -45.50
C PRO BC 453 -27.16 39.89 -44.79
N CYS BC 454 -26.10 40.63 -44.55
CA CYS BC 454 -26.16 41.81 -43.70
C CYS BC 454 -27.04 42.90 -44.36
N GLY BC 455 -27.55 43.80 -43.53
CA GLY BC 455 -28.24 44.97 -44.01
C GLY BC 455 -29.69 44.79 -44.35
N ASN BC 456 -30.36 43.77 -43.82
CA ASN BC 456 -31.77 43.56 -44.09
C ASN BC 456 -32.51 43.18 -42.82
N ILE BC 457 -33.82 43.17 -42.91
CA ILE BC 457 -34.68 42.80 -41.78
C ILE BC 457 -35.11 41.35 -41.96
N VAL BC 458 -35.32 40.67 -40.83
CA VAL BC 458 -35.67 39.25 -40.85
C VAL BC 458 -36.22 38.87 -39.48
N GLY BC 459 -36.99 37.79 -39.44
CA GLY BC 459 -37.46 37.22 -38.20
C GLY BC 459 -36.66 35.99 -37.84
N LEU BC 460 -36.64 35.67 -36.55
CA LEU BC 460 -35.96 34.50 -36.03
C LEU BC 460 -36.91 33.73 -35.12
N VAL BC 461 -36.68 32.42 -35.02
CA VAL BC 461 -37.52 31.55 -34.22
C VAL BC 461 -36.67 30.91 -33.13
N GLY BC 462 -37.28 30.63 -31.99
CA GLY BC 462 -36.64 29.93 -30.91
C GLY BC 462 -35.89 30.82 -29.94
N VAL BC 463 -35.82 32.12 -30.19
CA VAL BC 463 -35.06 33.03 -29.36
C VAL BC 463 -36.00 33.71 -28.38
N ASP BC 464 -37.23 33.19 -28.28
CA ASP BC 464 -38.21 33.79 -27.38
C ASP BC 464 -37.78 33.68 -25.93
N GLN BC 465 -37.42 32.47 -25.49
CA GLN BC 465 -37.19 32.25 -24.07
C GLN BC 465 -35.87 32.84 -23.59
N PHE BC 466 -34.88 32.96 -24.47
CA PHE BC 466 -33.59 33.52 -24.09
C PHE BC 466 -33.56 35.03 -24.22
N LEU BC 467 -34.64 35.66 -24.64
CA LEU BC 467 -34.72 37.11 -24.76
C LEU BC 467 -35.95 37.62 -24.05
N VAL BC 468 -35.83 38.80 -23.45
CA VAL BC 468 -36.97 39.52 -22.90
C VAL BC 468 -37.02 40.88 -23.58
N LYS BC 469 -38.21 41.25 -24.06
CA LYS BC 469 -38.45 42.54 -24.69
C LYS BC 469 -37.58 42.70 -25.94
N THR BC 470 -36.28 42.82 -25.75
CA THR BC 470 -35.35 43.09 -26.85
C THR BC 470 -33.99 42.50 -26.52
N GLY BC 471 -33.17 42.38 -27.54
CA GLY BC 471 -31.83 41.84 -27.36
C GLY BC 471 -31.03 41.90 -28.63
N THR BC 472 -29.82 41.34 -28.58
CA THR BC 472 -28.92 41.36 -29.71
C THR BC 472 -28.21 40.01 -29.83
N ILE BC 473 -27.78 39.69 -31.04
CA ILE BC 473 -27.16 38.42 -31.36
C ILE BC 473 -25.85 38.67 -32.10
N THR BC 474 -24.79 37.99 -31.68
CA THR BC 474 -23.47 38.15 -32.26
C THR BC 474 -22.80 36.79 -32.39
N THR BC 475 -21.86 36.68 -33.33
CA THR BC 475 -20.96 35.53 -33.36
C THR BC 475 -19.59 35.88 -32.81
N PHE BC 476 -19.15 37.12 -33.03
CA PHE BC 476 -17.85 37.58 -32.57
C PHE BC 476 -17.88 37.76 -31.05
N GLU BC 477 -16.91 37.16 -30.38
CA GLU BC 477 -16.99 36.85 -28.96
C GLU BC 477 -16.71 38.04 -28.04
N HIS BC 478 -16.22 39.16 -28.55
CA HIS BC 478 -15.97 40.31 -27.69
C HIS BC 478 -17.02 41.40 -27.81
N ALA BC 479 -18.06 41.20 -28.61
CA ALA BC 479 -19.02 42.26 -28.90
C ALA BC 479 -19.76 42.71 -27.66
N HIS BC 480 -19.89 44.02 -27.52
CA HIS BC 480 -20.72 44.60 -26.47
C HIS BC 480 -22.14 44.80 -27.01
N ASN BC 481 -23.06 45.19 -26.15
CA ASN BC 481 -24.45 45.35 -26.54
C ASN BC 481 -24.61 46.55 -27.48
N MET BC 482 -25.71 46.54 -28.23
CA MET BC 482 -26.11 47.72 -28.98
C MET BC 482 -26.83 48.69 -28.05
N ARG BC 483 -26.84 49.96 -28.43
CA ARG BC 483 -27.45 51.00 -27.61
C ARG BC 483 -28.93 50.68 -27.41
N VAL BC 484 -29.41 50.78 -26.16
CA VAL BC 484 -30.81 50.58 -25.88
C VAL BC 484 -31.60 51.76 -26.46
N MET BC 485 -32.79 51.46 -26.98
CA MET BC 485 -33.63 52.49 -27.58
C MET BC 485 -34.14 53.45 -26.53
N LYS BC 486 -34.35 54.70 -26.94
CA LYS BC 486 -34.92 55.73 -26.08
C LYS BC 486 -36.35 56.02 -26.52
N PHE BC 487 -37.26 56.11 -25.56
CA PHE BC 487 -38.65 56.43 -25.81
C PHE BC 487 -38.99 57.76 -25.15
N SER BC 488 -39.52 58.71 -25.93
CA SER BC 488 -39.91 59.98 -25.31
C SER BC 488 -41.11 59.81 -24.40
N VAL BC 489 -41.88 58.74 -24.56
CA VAL BC 489 -42.89 58.40 -23.57
C VAL BC 489 -42.27 57.48 -22.53
N SER BC 490 -42.90 57.38 -21.38
CA SER BC 490 -42.40 56.58 -20.27
C SER BC 490 -43.56 55.78 -19.70
N PRO BC 491 -43.26 54.67 -19.01
CA PRO BC 491 -44.34 53.88 -18.41
C PRO BC 491 -45.01 54.64 -17.26
N VAL BC 492 -45.86 55.60 -17.61
CA VAL BC 492 -46.45 56.52 -16.64
C VAL BC 492 -47.77 56.01 -16.10
N VAL BC 493 -48.78 55.86 -16.97
CA VAL BC 493 -50.08 55.39 -16.53
C VAL BC 493 -49.95 53.94 -16.06
N ARG BC 494 -50.53 53.65 -14.91
CA ARG BC 494 -50.41 52.35 -14.28
C ARG BC 494 -51.79 51.76 -14.02
N VAL BC 495 -51.86 50.43 -14.08
CA VAL BC 495 -53.10 49.71 -13.82
C VAL BC 495 -52.78 48.48 -12.98
N ALA BC 496 -53.72 48.13 -12.11
CA ALA BC 496 -53.61 46.95 -11.26
C ALA BC 496 -54.49 45.85 -11.83
N VAL BC 497 -53.93 44.67 -12.01
CA VAL BC 497 -54.63 43.55 -12.62
C VAL BC 497 -54.62 42.38 -11.66
N GLU BC 498 -55.79 41.81 -11.41
CA GLU BC 498 -55.93 40.61 -10.61
C GLU BC 498 -57.00 39.73 -11.25
N ALA BC 499 -56.76 38.42 -11.26
CA ALA BC 499 -57.73 37.50 -11.83
C ALA BC 499 -58.99 37.48 -10.98
N LYS BC 500 -60.14 37.32 -11.63
CA LYS BC 500 -61.41 37.27 -10.91
C LYS BC 500 -61.41 36.10 -9.93
N ASN BC 501 -61.03 34.92 -10.41
CA ASN BC 501 -60.93 33.74 -9.56
C ASN BC 501 -59.54 33.66 -8.93
N PRO BC 502 -59.48 33.41 -7.62
CA PRO BC 502 -58.17 33.37 -6.95
C PRO BC 502 -57.23 32.31 -7.50
N ALA BC 503 -57.75 31.23 -8.08
CA ALA BC 503 -56.91 30.15 -8.61
C ALA BC 503 -56.53 30.37 -10.07
N ASP BC 504 -56.08 31.57 -10.43
CA ASP BC 504 -55.62 31.85 -11.79
C ASP BC 504 -54.35 32.68 -11.80
N LEU BC 505 -53.70 32.86 -10.64
CA LEU BC 505 -52.44 33.61 -10.62
C LEU BC 505 -51.35 33.00 -11.51
N PRO BC 506 -51.13 31.68 -11.56
CA PRO BC 506 -50.09 31.18 -12.46
C PRO BC 506 -50.36 31.55 -13.91
N LYS BC 507 -51.61 31.50 -14.33
CA LYS BC 507 -51.94 31.94 -15.69
C LYS BC 507 -51.84 33.45 -15.81
N LEU BC 508 -52.07 34.16 -14.71
CA LEU BC 508 -51.98 35.61 -14.73
C LEU BC 508 -50.54 36.08 -14.85
N VAL BC 509 -49.65 35.53 -14.03
CA VAL BC 509 -48.25 35.95 -14.10
C VAL BC 509 -47.61 35.49 -15.40
N GLU BC 510 -47.97 34.30 -15.88
CA GLU BC 510 -47.45 33.83 -17.15
C GLU BC 510 -47.83 34.80 -18.26
N GLY BC 511 -49.13 35.12 -18.38
CA GLY BC 511 -49.55 36.11 -19.34
C GLY BC 511 -48.94 37.47 -19.10
N LEU BC 512 -48.76 37.84 -17.83
CA LEU BC 512 -48.09 39.11 -17.52
C LEU BC 512 -46.66 39.11 -18.06
N LYS BC 513 -45.94 38.01 -17.87
CA LYS BC 513 -44.59 37.93 -18.43
C LYS BC 513 -44.63 37.89 -19.95
N ARG BC 514 -45.61 37.19 -20.52
CA ARG BC 514 -45.77 37.18 -21.98
C ARG BC 514 -46.06 38.58 -22.50
N LEU BC 515 -46.95 39.31 -21.82
CA LEU BC 515 -47.30 40.66 -22.27
C LEU BC 515 -46.10 41.59 -22.19
N ALA BC 516 -45.28 41.45 -21.14
CA ALA BC 516 -44.06 42.24 -21.06
C ALA BC 516 -43.15 41.94 -22.24
N LYS BC 517 -43.09 40.68 -22.65
CA LYS BC 517 -42.29 40.32 -23.83
C LYS BC 517 -42.87 40.92 -25.09
N SER BC 518 -44.19 41.15 -25.13
CA SER BC 518 -44.85 41.54 -26.37
C SER BC 518 -44.54 42.97 -26.78
N ASP BC 519 -44.99 43.95 -26.00
CA ASP BC 519 -44.81 45.35 -26.33
C ASP BC 519 -43.50 45.83 -25.72
N PRO BC 520 -42.59 46.41 -26.48
CA PRO BC 520 -41.26 46.70 -25.93
C PRO BC 520 -41.19 48.01 -25.17
N MET BC 521 -42.23 48.32 -24.41
CA MET BC 521 -42.16 49.42 -23.45
C MET BC 521 -42.87 49.13 -22.13
N VAL BC 522 -43.73 48.13 -22.05
CA VAL BC 522 -44.54 47.91 -20.85
C VAL BC 522 -43.66 47.33 -19.75
N GLN BC 523 -44.08 47.57 -18.52
CA GLN BC 523 -43.38 47.07 -17.34
C GLN BC 523 -44.38 46.37 -16.43
N CYS BC 524 -44.05 45.18 -15.98
CA CYS BC 524 -44.83 44.46 -14.99
C CYS BC 524 -44.11 44.53 -13.65
N ILE BC 525 -44.79 45.06 -12.64
CA ILE BC 525 -44.19 45.34 -11.35
C ILE BC 525 -45.03 44.69 -10.26
N ILE BC 526 -44.37 44.06 -9.30
CA ILE BC 526 -45.02 43.57 -8.09
C ILE BC 526 -44.64 44.52 -6.97
N GLU BC 527 -45.64 45.24 -6.45
CA GLU BC 527 -45.36 46.30 -5.49
C GLU BC 527 -45.16 45.71 -4.09
N GLU BC 528 -44.97 46.60 -3.13
CA GLU BC 528 -44.91 46.20 -1.73
C GLU BC 528 -46.21 45.51 -1.30
N SER BC 529 -47.34 45.99 -1.81
CA SER BC 529 -48.64 45.42 -1.47
C SER BC 529 -48.94 44.14 -2.24
N GLY BC 530 -48.07 43.72 -3.15
CA GLY BC 530 -48.27 42.50 -3.91
C GLY BC 530 -49.12 42.64 -5.14
N GLU BC 531 -49.70 43.81 -5.39
CA GLU BC 531 -50.49 44.02 -6.58
C GLU BC 531 -49.62 43.99 -7.82
N HIS BC 532 -50.23 43.66 -8.94
CA HIS BC 532 -49.55 43.58 -10.23
C HIS BC 532 -49.85 44.87 -11.00
N ILE BC 533 -48.81 45.60 -11.36
CA ILE BC 533 -48.95 46.90 -11.99
C ILE BC 533 -48.41 46.83 -13.41
N ILE BC 534 -49.24 47.18 -14.37
CA ILE BC 534 -48.85 47.30 -15.77
C ILE BC 534 -48.73 48.77 -16.08
N ALA BC 535 -47.53 49.21 -16.45
CA ALA BC 535 -47.26 50.62 -16.70
C ALA BC 535 -47.06 50.84 -18.19
N GLY BC 536 -47.90 51.68 -18.78
CA GLY BC 536 -47.82 51.96 -20.19
C GLY BC 536 -47.72 53.44 -20.50
N ALA BC 537 -47.85 53.81 -21.76
CA ALA BC 537 -47.72 55.22 -22.14
C ALA BC 537 -49.00 55.99 -21.84
N GLY BC 538 -50.11 55.59 -22.47
CA GLY BC 538 -51.36 56.31 -22.32
C GLY BC 538 -52.51 55.36 -22.03
N GLU BC 539 -53.70 55.95 -21.96
CA GLU BC 539 -54.90 55.17 -21.68
C GLU BC 539 -55.18 54.17 -22.79
N LEU BC 540 -55.03 54.60 -24.04
CA LEU BC 540 -55.22 53.68 -25.16
C LEU BC 540 -54.16 52.57 -25.16
N HIS BC 541 -52.92 52.93 -24.84
CA HIS BC 541 -51.88 51.91 -24.73
C HIS BC 541 -52.23 50.91 -23.64
N LEU BC 542 -52.75 51.38 -22.51
CA LEU BC 542 -53.13 50.49 -21.44
C LEU BC 542 -54.34 49.64 -21.81
N GLU BC 543 -55.17 50.15 -22.72
CA GLU BC 543 -56.35 49.38 -23.15
C GLU BC 543 -55.95 48.20 -24.01
N ILE BC 544 -55.03 48.41 -24.95
CA ILE BC 544 -54.67 47.36 -25.90
C ILE BC 544 -54.03 46.18 -25.18
N CYS BC 545 -53.12 46.44 -24.24
CA CYS BC 545 -52.51 45.33 -23.51
C CYS BC 545 -53.54 44.59 -22.69
N LEU BC 546 -54.39 45.32 -21.97
CA LEU BC 546 -55.47 44.68 -21.23
C LEU BC 546 -56.44 43.96 -22.14
N LYS BC 547 -56.56 44.39 -23.40
CA LYS BC 547 -57.31 43.62 -24.39
C LYS BC 547 -56.61 42.32 -24.70
N ASP BC 548 -55.30 42.38 -24.94
CA ASP BC 548 -54.56 41.18 -25.33
C ASP BC 548 -54.31 40.26 -24.14
N LEU BC 549 -54.07 40.83 -22.96
CA LEU BC 549 -53.82 40.02 -21.78
C LEU BC 549 -55.01 39.11 -21.50
N GLU BC 550 -56.22 39.68 -21.52
CA GLU BC 550 -57.42 38.91 -21.25
C GLU BC 550 -57.73 37.94 -22.39
N GLU BC 551 -57.39 38.28 -23.62
CA GLU BC 551 -57.82 37.49 -24.77
C GLU BC 551 -56.83 36.37 -25.10
N ASP BC 552 -55.56 36.72 -25.32
CA ASP BC 552 -54.58 35.77 -25.83
C ASP BC 552 -53.39 35.50 -24.92
N HIS BC 553 -52.83 36.52 -24.27
CA HIS BC 553 -51.63 36.31 -23.46
C HIS BC 553 -51.89 35.34 -22.32
N ALA BC 554 -53.02 35.48 -21.64
CA ALA BC 554 -53.41 34.58 -20.57
C ALA BC 554 -54.75 33.90 -20.80
N CYS BC 555 -55.67 34.56 -21.52
CA CYS BC 555 -56.99 33.99 -21.84
C CYS BC 555 -57.78 33.65 -20.58
N ILE BC 556 -57.74 34.55 -19.60
CA ILE BC 556 -58.48 34.39 -18.35
C ILE BC 556 -59.22 35.69 -18.08
N PRO BC 557 -60.36 35.66 -17.40
CA PRO BC 557 -61.01 36.92 -16.99
C PRO BC 557 -60.28 37.53 -15.80
N ILE BC 558 -60.10 38.86 -15.85
CA ILE BC 558 -59.43 39.59 -14.79
C ILE BC 558 -60.27 40.81 -14.42
N LYS BC 559 -59.99 41.36 -13.25
CA LYS BC 559 -60.59 42.60 -12.81
C LYS BC 559 -59.51 43.66 -12.70
N LYS BC 560 -59.82 44.85 -13.19
CA LYS BC 560 -58.87 45.95 -13.26
C LYS BC 560 -59.24 47.01 -12.24
N SER BC 561 -58.22 47.75 -11.79
CA SER BC 561 -58.42 48.81 -10.82
C SER BC 561 -57.21 49.73 -10.85
N ASP BC 562 -57.39 50.93 -10.31
CA ASP BC 562 -56.29 51.85 -10.18
C ASP BC 562 -55.27 51.30 -9.17
N PRO BC 563 -53.99 51.61 -9.34
CA PRO BC 563 -53.00 51.13 -8.36
C PRO BC 563 -53.31 51.67 -6.98
N VAL BC 564 -53.05 50.86 -5.98
CA VAL BC 564 -53.35 51.24 -4.60
C VAL BC 564 -52.25 52.15 -4.07
N VAL BC 565 -52.65 53.24 -3.44
CA VAL BC 565 -51.71 54.26 -2.99
C VAL BC 565 -51.28 53.90 -1.58
N SER BC 566 -49.97 53.72 -1.39
CA SER BC 566 -49.46 53.38 -0.07
C SER BC 566 -49.22 54.65 0.73
N TYR BC 567 -49.37 54.53 2.05
CA TYR BC 567 -49.23 55.67 2.94
C TYR BC 567 -48.33 55.31 4.12
N ARG BC 568 -47.67 56.33 4.65
CA ARG BC 568 -46.94 56.24 5.90
C ARG BC 568 -47.46 57.31 6.85
N GLU BC 569 -47.27 57.09 8.14
CA GLU BC 569 -47.85 57.95 9.17
C GLU BC 569 -46.76 58.56 10.05
N THR BC 570 -47.13 59.63 10.75
CA THR BC 570 -46.19 60.36 11.58
C THR BC 570 -46.96 61.08 12.67
N VAL BC 571 -46.21 61.68 13.59
CA VAL BC 571 -46.75 62.53 14.63
C VAL BC 571 -46.44 63.98 14.28
N SER BC 572 -47.37 64.89 14.60
CA SER BC 572 -47.14 66.29 14.30
C SER BC 572 -46.16 66.91 15.28
N GLU BC 573 -46.11 66.41 16.51
CA GLU BC 573 -45.22 66.94 17.53
C GLU BC 573 -45.01 65.87 18.59
N GLU BC 574 -44.43 66.26 19.72
CA GLU BC 574 -44.18 65.35 20.83
C GLU BC 574 -45.50 64.92 21.47
N SER BC 575 -45.52 63.69 21.97
CA SER BC 575 -46.65 63.22 22.75
C SER BC 575 -46.75 64.02 24.04
N ASN BC 576 -47.99 64.25 24.48
CA ASN BC 576 -48.21 65.16 25.60
C ASN BC 576 -47.68 64.59 26.91
N VAL BC 577 -47.99 63.33 27.22
CA VAL BC 577 -47.55 62.71 28.46
C VAL BC 577 -46.76 61.44 28.17
N LEU BC 578 -46.31 60.80 29.24
CA LEU BC 578 -45.56 59.56 29.17
C LEU BC 578 -46.54 58.40 29.00
N CYS BC 579 -46.24 57.51 28.05
CA CYS BC 579 -47.14 56.39 27.78
C CYS BC 579 -46.90 55.26 28.78
N LEU BC 580 -47.96 54.81 29.42
CA LEU BC 580 -47.88 53.77 30.44
C LEU BC 580 -48.66 52.55 29.98
N SER BC 581 -47.97 51.41 29.88
CA SER BC 581 -48.55 50.15 29.46
C SER BC 581 -48.28 49.09 30.53
N LYS BC 582 -49.24 48.19 30.71
CA LYS BC 582 -49.17 47.16 31.74
C LYS BC 582 -49.11 45.78 31.09
N SER BC 583 -48.35 44.88 31.72
CA SER BC 583 -48.28 43.51 31.24
C SER BC 583 -49.58 42.77 31.52
N PRO BC 584 -49.89 41.74 30.73
CA PRO BC 584 -51.10 40.94 31.02
C PRO BC 584 -51.09 40.34 32.41
N ASN BC 585 -49.91 39.98 32.93
CA ASN BC 585 -49.81 39.51 34.32
C ASN BC 585 -49.57 40.66 35.29
N LYS BC 586 -49.42 41.88 34.79
CA LYS BC 586 -49.21 43.08 35.62
C LYS BC 586 -47.98 42.95 36.51
N HIS BC 587 -46.96 42.23 36.05
CA HIS BC 587 -45.66 42.19 36.70
C HIS BC 587 -44.67 43.19 36.13
N ASN BC 588 -45.04 43.96 35.10
CA ASN BC 588 -44.17 45.03 34.63
C ASN BC 588 -44.96 46.11 33.91
N ARG BC 589 -44.34 47.27 33.74
CA ARG BC 589 -44.94 48.43 33.10
C ARG BC 589 -43.90 49.14 32.25
N LEU BC 590 -44.38 49.88 31.25
CA LEU BC 590 -43.52 50.55 30.27
C LEU BC 590 -43.81 52.04 30.25
N TYR BC 591 -42.75 52.84 30.02
CA TYR BC 591 -42.82 54.30 30.00
C TYR BC 591 -42.03 54.80 28.80
N MET BC 592 -42.70 55.49 27.88
CA MET BC 592 -42.04 55.94 26.67
C MET BC 592 -42.78 57.14 26.08
N LYS BC 593 -42.11 57.82 25.14
CA LYS BC 593 -42.66 58.99 24.46
C LYS BC 593 -42.27 58.95 22.98
N ALA BC 594 -42.80 59.91 22.22
CA ALA BC 594 -42.64 59.95 20.77
C ALA BC 594 -42.28 61.35 20.29
N ARG BC 595 -41.35 61.40 19.34
CA ARG BC 595 -40.98 62.62 18.65
C ARG BC 595 -41.01 62.38 17.15
N PRO BC 596 -41.21 63.41 16.35
CA PRO BC 596 -40.86 63.36 14.93
C PRO BC 596 -39.46 63.90 14.72
N PHE BC 597 -38.79 63.39 13.66
CA PHE BC 597 -37.47 63.98 13.43
C PHE BC 597 -37.60 65.41 12.93
N PRO BC 598 -36.67 66.29 13.32
CA PRO BC 598 -36.78 67.70 12.93
C PRO BC 598 -36.72 67.95 11.43
N ASP BC 599 -36.01 67.13 10.68
CA ASP BC 599 -35.80 67.44 9.26
C ASP BC 599 -35.74 66.12 8.49
N GLY BC 600 -35.13 66.16 7.31
CA GLY BC 600 -35.07 65.00 6.44
C GLY BC 600 -34.06 63.96 6.88
N LEU BC 601 -34.08 63.59 8.16
CA LEU BC 601 -33.29 62.46 8.63
C LEU BC 601 -33.75 61.16 7.99
N ALA BC 602 -35.07 60.99 7.82
CA ALA BC 602 -35.58 59.78 7.18
C ALA BC 602 -35.06 59.64 5.76
N GLU BC 603 -35.08 60.73 4.99
CA GLU BC 603 -34.48 60.69 3.66
C GLU BC 603 -32.98 60.46 3.74
N ASP BC 604 -32.31 61.05 4.74
CA ASP BC 604 -30.90 60.80 4.95
C ASP BC 604 -30.66 59.32 5.24
N ILE BC 605 -31.55 58.70 6.00
CA ILE BC 605 -31.48 57.26 6.24
C ILE BC 605 -31.63 56.50 4.92
N ASP BC 606 -32.54 56.97 4.05
CA ASP BC 606 -32.78 56.27 2.81
C ASP BC 606 -31.54 56.26 1.92
N LYS BC 607 -30.81 57.38 1.87
CA LYS BC 607 -29.60 57.43 1.06
C LYS BC 607 -28.57 56.41 1.54
N GLY BC 608 -28.47 56.21 2.85
CA GLY BC 608 -27.55 55.26 3.43
C GLY BC 608 -26.57 55.84 4.42
N GLU BC 609 -26.50 57.17 4.54
CA GLU BC 609 -25.57 57.79 5.48
C GLU BC 609 -25.87 57.39 6.92
N VAL BC 610 -27.10 56.98 7.22
CA VAL BC 610 -27.47 56.46 8.52
C VAL BC 610 -28.06 55.07 8.31
N SER BC 611 -27.42 54.07 8.91
CA SER BC 611 -27.82 52.68 8.68
C SER BC 611 -27.56 51.86 9.94
N ALA BC 612 -28.23 50.71 10.00
CA ALA BC 612 -27.95 49.76 11.07
C ALA BC 612 -26.52 49.23 10.98
N ARG BC 613 -26.06 48.94 9.77
CA ARG BC 613 -24.69 48.47 9.58
C ARG BC 613 -23.67 49.51 10.03
N GLN BC 614 -24.06 50.79 10.03
CA GLN BC 614 -23.15 51.85 10.47
C GLN BC 614 -22.73 51.63 11.91
N GLU BC 615 -21.43 51.73 12.17
CA GLU BC 615 -20.94 51.56 13.53
C GLU BC 615 -21.32 52.78 14.37
N LEU BC 616 -21.70 52.50 15.63
CA LEU BC 616 -22.37 53.51 16.45
C LEU BC 616 -21.49 54.73 16.67
N LYS BC 617 -20.20 54.52 16.95
CA LYS BC 617 -19.33 55.63 17.32
C LYS BC 617 -19.28 56.71 16.23
N GLN BC 618 -19.00 56.31 14.99
CA GLN BC 618 -19.09 57.25 13.89
C GLN BC 618 -20.53 57.71 13.67
N ARG BC 619 -21.50 56.81 13.87
CA ARG BC 619 -22.90 57.19 13.77
C ARG BC 619 -23.26 58.21 14.84
N ALA BC 620 -22.72 58.04 16.05
CA ALA BC 620 -22.98 58.99 17.12
C ALA BC 620 -22.48 60.39 16.76
N ARG BC 621 -21.27 60.46 16.20
CA ARG BC 621 -20.67 61.75 15.89
C ARG BC 621 -21.47 62.47 14.81
N TYR BC 622 -21.86 61.75 13.75
CA TYR BC 622 -22.49 62.38 12.59
C TYR BC 622 -23.86 62.95 12.95
N LEU BC 623 -24.67 62.19 13.68
CA LEU BC 623 -25.97 62.71 14.10
C LEU BC 623 -25.80 63.88 15.06
N ALA BC 624 -24.86 63.78 16.01
CA ALA BC 624 -24.65 64.85 16.98
C ALA BC 624 -24.23 66.14 16.28
N GLU BC 625 -23.37 66.04 15.28
CA GLU BC 625 -22.86 67.23 14.60
C GLU BC 625 -23.87 67.83 13.62
N LYS BC 626 -24.86 67.06 13.16
CA LYS BC 626 -25.73 67.51 12.09
C LYS BC 626 -27.13 67.88 12.55
N TYR BC 627 -27.81 66.99 13.26
CA TYR BC 627 -29.21 67.17 13.62
C TYR BC 627 -29.34 67.44 15.11
N GLU BC 628 -28.36 68.19 15.65
CA GLU BC 628 -28.22 68.50 17.07
C GLU BC 628 -28.61 67.31 17.94
N TRP BC 629 -28.18 66.11 17.52
CA TRP BC 629 -28.49 64.88 18.23
C TRP BC 629 -27.63 64.78 19.48
N ASP BC 630 -28.23 64.25 20.54
CA ASP BC 630 -27.57 64.26 21.85
C ASP BC 630 -26.43 63.26 21.90
N VAL BC 631 -25.36 63.62 22.62
CA VAL BC 631 -24.27 62.70 22.89
C VAL BC 631 -24.68 61.69 23.96
N ALA BC 632 -25.48 62.12 24.94
CA ALA BC 632 -25.92 61.21 26.00
C ALA BC 632 -26.76 60.07 25.42
N GLU BC 633 -27.64 60.37 24.48
CA GLU BC 633 -28.44 59.36 23.82
C GLU BC 633 -27.72 58.73 22.64
N ALA BC 634 -26.53 59.22 22.29
CA ALA BC 634 -25.84 58.75 21.09
C ALA BC 634 -25.50 57.27 21.16
N ARG BC 635 -25.11 56.78 22.33
CA ARG BC 635 -24.75 55.39 22.51
C ARG BC 635 -25.95 54.51 22.89
N LYS BC 636 -27.15 55.09 22.95
CA LYS BC 636 -28.33 54.38 23.40
C LYS BC 636 -29.29 54.08 22.26
N ILE BC 637 -28.79 54.01 21.03
CA ILE BC 637 -29.62 53.66 19.89
C ILE BC 637 -30.10 52.23 20.05
N TRP BC 638 -31.40 52.01 19.84
CA TRP BC 638 -31.99 50.68 19.96
C TRP BC 638 -32.43 50.12 18.62
N CYS BC 639 -33.25 50.87 17.86
CA CYS BC 639 -33.89 50.30 16.69
C CYS BC 639 -33.78 51.26 15.51
N PHE BC 640 -33.82 50.69 14.31
CA PHE BC 640 -33.76 51.40 13.05
C PHE BC 640 -35.00 51.12 12.21
N GLY BC 641 -36.17 51.18 12.84
CA GLY BC 641 -37.42 51.03 12.13
C GLY BC 641 -37.65 49.62 11.64
N PRO BC 642 -38.63 49.45 10.75
CA PRO BC 642 -38.96 48.10 10.26
C PRO BC 642 -37.78 47.44 9.56
N ASP BC 643 -37.69 46.12 9.74
CA ASP BC 643 -36.66 45.29 9.12
C ASP BC 643 -35.25 45.75 9.49
N GLY BC 644 -35.12 46.50 10.58
CA GLY BC 644 -33.82 46.97 11.03
C GLY BC 644 -33.22 48.07 10.19
N THR BC 645 -33.91 48.55 9.16
CA THR BC 645 -33.42 49.64 8.34
C THR BC 645 -34.46 50.72 8.09
N GLY BC 646 -35.61 50.66 8.74
CA GLY BC 646 -36.68 51.60 8.48
C GLY BC 646 -36.38 52.98 9.02
N PRO BC 647 -36.99 53.99 8.40
CA PRO BC 647 -36.84 55.39 8.84
C PRO BC 647 -37.60 55.70 10.13
N ASN BC 648 -37.43 54.86 11.14
CA ASN BC 648 -37.95 55.09 12.47
C ASN BC 648 -36.91 54.66 13.48
N ILE BC 649 -36.76 55.42 14.57
CA ILE BC 649 -35.74 55.13 15.57
C ILE BC 649 -36.41 55.00 16.94
N LEU BC 650 -35.99 54.00 17.70
CA LEU BC 650 -36.30 53.87 19.11
C LEU BC 650 -35.00 53.80 19.89
N THR BC 651 -34.97 54.43 21.07
CA THR BC 651 -33.79 54.40 21.92
C THR BC 651 -34.23 54.24 23.36
N ASP BC 652 -33.25 54.18 24.26
CA ASP BC 652 -33.49 54.11 25.69
C ASP BC 652 -32.91 55.33 26.38
N ILE BC 653 -33.63 55.83 27.38
CA ILE BC 653 -33.15 56.91 28.23
C ILE BC 653 -33.21 56.56 29.71
N THR BC 654 -33.63 55.34 30.06
CA THR BC 654 -33.61 54.92 31.45
C THR BC 654 -32.17 54.73 31.92
N LYS BC 655 -31.89 55.15 33.15
CA LYS BC 655 -30.52 55.22 33.66
C LYS BC 655 -30.26 54.08 34.63
N GLY BC 656 -29.16 53.35 34.43
CA GLY BC 656 -28.67 52.39 35.39
C GLY BC 656 -29.58 51.22 35.68
N VAL BC 657 -30.72 51.12 34.98
CA VAL BC 657 -31.69 50.05 35.23
C VAL BC 657 -31.07 48.72 34.81
N GLN BC 658 -31.51 47.64 35.47
CA GLN BC 658 -30.77 46.38 35.45
C GLN BC 658 -31.29 45.38 34.42
N TYR BC 659 -32.58 45.04 34.47
CA TYR BC 659 -33.11 43.92 33.69
C TYR BC 659 -33.44 44.28 32.24
N LEU BC 660 -33.13 45.51 31.81
CA LEU BC 660 -33.53 45.93 30.47
C LEU BC 660 -32.66 45.29 29.39
N ASN BC 661 -31.43 44.90 29.74
CA ASN BC 661 -30.66 44.11 28.79
C ASN BC 661 -31.18 42.68 28.69
N GLU BC 662 -32.13 42.31 29.55
CA GLU BC 662 -32.93 41.11 29.37
C GLU BC 662 -34.33 41.42 28.84
N ILE BC 663 -34.62 42.69 28.55
CA ILE BC 663 -35.90 43.09 27.97
C ILE BC 663 -35.73 43.74 26.60
N LYS BC 664 -34.54 44.26 26.29
CA LYS BC 664 -34.34 45.02 25.05
C LYS BC 664 -34.68 44.20 23.83
N ASP BC 665 -34.32 42.90 23.84
CA ASP BC 665 -34.61 42.05 22.69
C ASP BC 665 -36.11 41.95 22.44
N SER BC 666 -36.90 41.80 23.51
CA SER BC 666 -38.34 41.70 23.34
C SER BC 666 -38.95 43.02 22.87
N VAL BC 667 -38.51 44.15 23.45
CA VAL BC 667 -39.05 45.45 23.04
C VAL BC 667 -38.72 45.73 21.59
N VAL BC 668 -37.50 45.39 21.16
CA VAL BC 668 -37.11 45.57 19.77
C VAL BC 668 -38.10 44.84 18.86
N ALA BC 669 -38.44 43.60 19.19
CA ALA BC 669 -39.46 42.88 18.42
C ALA BC 669 -40.80 43.57 18.54
N GLY BC 670 -41.14 44.06 19.73
CA GLY BC 670 -42.36 44.82 19.90
C GLY BC 670 -42.37 46.10 19.08
N PHE BC 671 -41.25 46.82 19.06
CA PHE BC 671 -41.14 47.98 18.18
C PHE BC 671 -41.23 47.58 16.72
N GLN BC 672 -40.54 46.50 16.34
CA GLN BC 672 -40.61 46.01 14.97
C GLN BC 672 -42.03 45.66 14.59
N TRP BC 673 -42.85 45.32 15.58
CA TRP BC 673 -44.17 44.74 15.31
C TRP BC 673 -45.22 45.84 15.15
N ALA BC 674 -44.95 47.02 15.72
CA ALA BC 674 -45.86 48.14 15.56
C ALA BC 674 -45.50 48.98 14.34
N THR BC 675 -44.20 49.18 14.10
CA THR BC 675 -43.76 49.99 12.98
C THR BC 675 -43.99 49.32 11.62
N LYS BC 676 -44.15 47.99 11.59
CA LYS BC 676 -44.39 47.28 10.35
C LYS BC 676 -45.80 47.53 9.83
N GLU BC 677 -46.82 47.31 10.67
CA GLU BC 677 -48.17 47.77 10.36
C GLU BC 677 -48.57 48.76 11.46
N GLY BC 678 -48.81 50.01 11.05
CA GLY BC 678 -48.92 51.12 11.97
C GLY BC 678 -50.16 51.16 12.85
N ALA BC 679 -50.56 52.37 13.24
CA ALA BC 679 -51.66 52.53 14.17
C ALA BC 679 -52.99 52.82 13.48
N LEU BC 680 -53.03 53.83 12.60
CA LEU BC 680 -54.30 54.24 12.01
C LEU BC 680 -54.80 53.23 10.99
N CYS BC 681 -53.92 52.77 10.09
CA CYS BC 681 -54.37 51.91 9.00
C CYS BC 681 -53.50 50.67 8.86
N GLU BC 682 -52.79 50.28 9.92
CA GLU BC 682 -51.81 49.20 9.84
C GLU BC 682 -50.82 49.47 8.71
N GLU BC 683 -50.41 50.73 8.60
CA GLU BC 683 -49.46 51.17 7.59
C GLU BC 683 -48.16 51.58 8.26
N ASN BC 684 -47.05 51.17 7.67
CA ASN BC 684 -45.74 51.53 8.18
C ASN BC 684 -45.65 53.05 8.37
N MET BC 685 -45.21 53.46 9.55
CA MET BC 685 -45.07 54.88 9.84
C MET BC 685 -43.72 55.37 9.38
N ARG BC 686 -43.60 56.70 9.22
CA ARG BC 686 -42.32 57.31 8.85
C ARG BC 686 -42.25 58.70 9.45
N GLY BC 687 -41.11 59.04 10.04
CA GLY BC 687 -41.03 60.31 10.72
C GLY BC 687 -41.48 60.29 12.17
N VAL BC 688 -41.10 59.26 12.93
CA VAL BC 688 -41.37 59.21 14.36
C VAL BC 688 -40.12 58.70 15.07
N ARG BC 689 -39.87 59.22 16.27
CA ARG BC 689 -38.78 58.79 17.13
C ARG BC 689 -39.35 58.39 18.48
N PHE BC 690 -38.87 57.28 19.02
CA PHE BC 690 -39.33 56.74 20.30
C PHE BC 690 -38.17 56.62 21.28
N ASP BC 691 -38.43 56.98 22.53
CA ASP BC 691 -37.49 56.76 23.62
C ASP BC 691 -38.25 56.13 24.78
N VAL BC 692 -37.83 54.94 25.21
CA VAL BC 692 -38.39 54.35 26.43
C VAL BC 692 -37.76 55.06 27.62
N HIS BC 693 -38.60 55.53 28.54
CA HIS BC 693 -38.14 56.40 29.61
C HIS BC 693 -37.94 55.69 30.94
N ASP BC 694 -38.95 54.97 31.42
CA ASP BC 694 -38.81 54.24 32.67
C ASP BC 694 -39.51 52.90 32.55
N VAL BC 695 -39.32 52.07 33.58
CA VAL BC 695 -39.90 50.74 33.65
C VAL BC 695 -40.04 50.34 35.11
N THR BC 696 -41.06 49.53 35.40
CA THR BC 696 -41.17 48.79 36.64
C THR BC 696 -41.28 47.33 36.23
N LEU BC 697 -40.35 46.49 36.69
CA LEU BC 697 -40.30 45.08 36.25
C LEU BC 697 -40.19 44.14 37.44
N HIS BC 698 -40.49 42.87 37.17
CA HIS BC 698 -40.30 41.81 38.14
C HIS BC 698 -38.81 41.46 38.25
N ALA BC 699 -38.42 41.01 39.45
CA ALA BC 699 -37.04 40.57 39.64
C ALA BC 699 -36.73 39.31 38.83
N ASP BC 700 -37.66 38.36 38.79
CA ASP BC 700 -37.45 37.09 38.12
C ASP BC 700 -37.98 37.16 36.69
N ALA BC 701 -37.16 36.72 35.74
CA ALA BC 701 -37.46 36.91 34.32
C ALA BC 701 -38.65 36.10 33.84
N ILE BC 702 -39.05 35.06 34.57
CA ILE BC 702 -40.14 34.18 34.13
C ILE BC 702 -41.45 34.94 33.96
N HIS BC 703 -41.64 36.03 34.66
CA HIS BC 703 -42.87 36.81 34.63
C HIS BC 703 -42.87 37.90 33.58
N ARG BC 704 -41.76 38.09 32.86
CA ARG BC 704 -41.64 39.17 31.90
C ARG BC 704 -41.33 38.63 30.51
N GLY BC 705 -42.08 37.60 30.09
CA GLY BC 705 -41.78 36.91 28.85
C GLY BC 705 -42.20 37.68 27.61
N GLY BC 706 -41.83 37.11 26.46
CA GLY BC 706 -42.13 37.77 25.20
C GLY BC 706 -43.61 37.87 24.91
N GLY BC 707 -44.37 36.83 25.26
CA GLY BC 707 -45.82 36.88 25.09
C GLY BC 707 -46.48 37.93 25.95
N GLN BC 708 -45.70 38.65 26.76
CA GLN BC 708 -46.21 39.68 27.65
C GLN BC 708 -45.59 41.05 27.40
N ILE BC 709 -44.40 41.09 26.80
CA ILE BC 709 -43.73 42.34 26.46
C ILE BC 709 -44.20 42.86 25.11
N ILE BC 710 -43.98 42.07 24.06
CA ILE BC 710 -44.33 42.52 22.70
C ILE BC 710 -45.79 42.95 22.60
N PRO BC 711 -46.77 42.21 23.15
CA PRO BC 711 -48.16 42.72 23.08
C PRO BC 711 -48.33 44.10 23.68
N THR BC 712 -47.61 44.39 24.76
CA THR BC 712 -47.76 45.70 25.40
C THR BC 712 -46.88 46.75 24.76
N ALA BC 713 -45.82 46.35 24.06
CA ALA BC 713 -44.98 47.31 23.36
C ALA BC 713 -45.76 47.99 22.24
N ARG BC 714 -46.44 47.21 21.40
CA ARG BC 714 -47.32 47.80 20.40
C ARG BC 714 -48.45 48.58 21.06
N ARG BC 715 -48.98 48.05 22.16
CA ARG BC 715 -50.04 48.73 22.89
C ARG BC 715 -49.58 50.09 23.38
N CYS BC 716 -48.37 50.16 23.92
CA CYS BC 716 -47.81 51.45 24.32
C CYS BC 716 -47.52 52.32 23.10
N LEU BC 717 -47.00 51.72 22.04
CA LEU BC 717 -46.59 52.49 20.87
C LEU BC 717 -47.78 53.14 20.18
N TYR BC 718 -48.89 52.42 20.07
CA TYR BC 718 -50.09 53.01 19.47
C TYR BC 718 -50.57 54.21 20.27
N ALA BC 719 -50.51 54.12 21.61
CA ALA BC 719 -50.87 55.27 22.43
C ALA BC 719 -49.91 56.43 22.22
N SER BC 720 -48.63 56.13 22.05
CA SER BC 720 -47.63 57.19 21.91
C SER BC 720 -47.93 58.07 20.70
N VAL BC 721 -48.13 57.46 19.53
CA VAL BC 721 -48.38 58.23 18.33
C VAL BC 721 -49.75 58.90 18.38
N LEU BC 722 -50.73 58.25 19.01
CA LEU BC 722 -52.11 58.72 18.94
C LEU BC 722 -52.30 60.01 19.75
N THR BC 723 -51.70 60.07 20.94
CA THR BC 723 -51.77 61.31 21.71
C THR BC 723 -50.97 62.43 21.08
N ALA BC 724 -50.02 62.11 20.22
CA ALA BC 724 -49.13 63.10 19.62
C ALA BC 724 -49.68 63.70 18.34
N GLN BC 725 -51.00 63.72 18.17
CA GLN BC 725 -51.66 64.31 17.01
C GLN BC 725 -51.13 63.70 15.72
N PRO BC 726 -51.50 62.46 15.41
CA PRO BC 726 -50.89 61.76 14.27
C PRO BC 726 -51.29 62.39 12.95
N ARG BC 727 -50.59 62.01 11.90
CA ARG BC 727 -50.82 62.55 10.56
C ARG BC 727 -50.41 61.51 9.51
N LEU BC 728 -50.85 61.75 8.28
CA LEU BC 728 -50.61 60.86 7.16
C LEU BC 728 -49.79 61.57 6.08
N MET BC 729 -48.88 60.83 5.45
CA MET BC 729 -48.21 61.30 4.27
C MET BC 729 -48.43 60.32 3.13
N GLU BC 730 -48.40 60.85 1.87
CA GLU BC 730 -48.57 60.22 0.58
C GLU BC 730 -47.29 60.35 -0.23
N PRO BC 731 -47.09 59.53 -1.27
CA PRO BC 731 -45.87 59.66 -2.07
C PRO BC 731 -45.94 60.71 -3.16
N ILE BC 732 -45.94 61.98 -2.75
CA ILE BC 732 -45.88 63.09 -3.69
C ILE BC 732 -44.57 62.97 -4.46
N TYR BC 733 -44.66 62.83 -5.78
CA TYR BC 733 -43.52 62.42 -6.58
C TYR BC 733 -43.24 63.39 -7.72
N LEU BC 734 -42.01 63.29 -8.23
CA LEU BC 734 -41.50 64.20 -9.25
C LEU BC 734 -42.11 63.89 -10.60
N VAL BC 735 -42.35 64.95 -11.39
CA VAL BC 735 -42.85 64.83 -12.74
C VAL BC 735 -41.84 65.46 -13.69
N GLU BC 736 -41.42 64.72 -14.70
CA GLU BC 736 -40.55 65.23 -15.75
C GLU BC 736 -41.36 65.32 -17.03
N ILE BC 737 -41.62 66.54 -17.50
CA ILE BC 737 -42.43 66.77 -18.69
C ILE BC 737 -41.64 67.63 -19.66
N GLN BC 738 -41.62 67.21 -20.92
CA GLN BC 738 -41.07 68.01 -22.01
C GLN BC 738 -42.25 68.67 -22.73
N CYS BC 739 -42.23 69.99 -22.80
CA CYS BC 739 -43.40 70.72 -23.25
C CYS BC 739 -42.96 71.97 -24.00
N PRO BC 740 -43.23 72.04 -25.31
CA PRO BC 740 -42.90 73.25 -26.07
C PRO BC 740 -43.44 74.52 -25.44
N GLU BC 741 -42.86 75.64 -25.89
CA GLU BC 741 -43.10 76.94 -25.25
C GLU BC 741 -44.59 77.28 -25.21
N GLN BC 742 -45.30 77.09 -26.31
CA GLN BC 742 -46.65 77.64 -26.42
C GLN BC 742 -47.61 77.08 -25.38
N VAL BC 743 -47.30 75.94 -24.76
CA VAL BC 743 -48.29 75.27 -23.93
C VAL BC 743 -47.70 74.99 -22.54
N VAL BC 744 -46.73 75.81 -22.13
CA VAL BC 744 -46.26 75.69 -20.75
C VAL BC 744 -47.32 76.16 -19.77
N GLY BC 745 -48.09 77.19 -20.14
CA GLY BC 745 -49.16 77.64 -19.26
C GLY BC 745 -50.21 76.57 -19.02
N GLY BC 746 -50.44 75.70 -20.00
CA GLY BC 746 -51.43 74.65 -19.82
C GLY BC 746 -51.03 73.65 -18.75
N ILE BC 747 -49.76 73.27 -18.72
CA ILE BC 747 -49.33 72.27 -17.75
C ILE BC 747 -49.33 72.85 -16.34
N TYR BC 748 -49.21 74.18 -16.21
CA TYR BC 748 -49.33 74.80 -14.90
C TYR BC 748 -50.74 74.67 -14.36
N GLY BC 749 -51.75 74.93 -15.20
CA GLY BC 749 -53.12 74.88 -14.74
C GLY BC 749 -53.61 73.49 -14.40
N VAL BC 750 -53.23 72.51 -15.23
CA VAL BC 750 -53.66 71.14 -14.96
C VAL BC 750 -53.02 70.60 -13.70
N LEU BC 751 -51.78 71.01 -13.42
CA LEU BC 751 -51.10 70.58 -12.21
C LEU BC 751 -51.71 71.22 -10.97
N ASN BC 752 -52.18 72.47 -11.11
CA ASN BC 752 -52.79 73.15 -9.96
C ASN BC 752 -54.09 72.45 -9.54
N ARG BC 753 -54.88 71.99 -10.50
CA ARG BC 753 -56.09 71.27 -10.15
C ARG BC 753 -55.77 69.96 -9.45
N LYS BC 754 -54.64 69.33 -9.79
CA LYS BC 754 -54.20 68.10 -9.16
C LYS BC 754 -53.30 68.34 -7.96
N ARG BC 755 -53.31 69.57 -7.43
CA ARG BC 755 -52.58 69.92 -6.21
C ARG BC 755 -51.08 69.69 -6.36
N GLY BC 756 -50.49 70.33 -7.36
CA GLY BC 756 -49.07 70.20 -7.62
C GLY BC 756 -48.45 71.52 -8.02
N HIS BC 757 -47.12 71.59 -7.94
CA HIS BC 757 -46.39 72.80 -8.23
C HIS BC 757 -45.18 72.51 -9.10
N VAL BC 758 -45.03 73.29 -10.17
CA VAL BC 758 -43.81 73.27 -10.94
C VAL BC 758 -42.73 74.02 -10.18
N PHE BC 759 -41.56 73.38 -10.03
CA PHE BC 759 -40.46 74.01 -9.31
C PHE BC 759 -39.23 74.21 -10.17
N GLU BC 760 -39.28 73.88 -11.47
CA GLU BC 760 -38.15 74.10 -12.35
C GLU BC 760 -38.65 74.09 -13.79
N GLU BC 761 -38.61 75.25 -14.45
CA GLU BC 761 -38.93 75.36 -15.86
C GLU BC 761 -37.73 75.96 -16.58
N SER BC 762 -37.27 75.28 -17.63
CA SER BC 762 -36.06 75.73 -18.31
C SER BC 762 -36.12 75.33 -19.78
N GLN BC 763 -35.45 76.13 -20.61
CA GLN BC 763 -35.27 75.83 -22.02
C GLN BC 763 -34.17 74.78 -22.21
N VAL BC 764 -34.04 74.31 -23.44
CA VAL BC 764 -32.88 73.56 -23.86
C VAL BC 764 -32.18 74.36 -24.96
N ALA BC 765 -31.00 73.88 -25.37
CA ALA BC 765 -30.22 74.56 -26.39
C ALA BC 765 -30.90 74.59 -27.75
N GLY BC 766 -31.88 73.71 -28.00
CA GLY BC 766 -32.53 73.67 -29.29
C GLY BC 766 -33.26 74.95 -29.63
N THR BC 767 -34.41 75.20 -28.96
CA THR BC 767 -35.18 76.44 -29.01
C THR BC 767 -36.53 76.29 -28.30
N PRO BC 768 -37.42 75.40 -28.73
CA PRO BC 768 -38.79 75.44 -28.23
C PRO BC 768 -39.10 74.48 -27.09
N MET BC 769 -38.21 73.55 -26.76
CA MET BC 769 -38.52 72.52 -25.77
C MET BC 769 -38.23 73.02 -24.37
N PHE BC 770 -39.21 72.88 -23.49
CA PHE BC 770 -39.11 73.30 -22.10
C PHE BC 770 -39.16 72.05 -21.23
N VAL BC 771 -38.07 71.78 -20.53
CA VAL BC 771 -38.03 70.68 -19.57
C VAL BC 771 -38.53 71.20 -18.23
N VAL BC 772 -39.58 70.58 -17.71
CA VAL BC 772 -40.28 71.08 -16.54
C VAL BC 772 -40.32 70.00 -15.47
N LYS BC 773 -39.90 70.35 -14.26
CA LYS BC 773 -39.97 69.47 -13.12
C LYS BC 773 -41.10 69.94 -12.22
N ALA BC 774 -41.93 69.00 -11.77
CA ALA BC 774 -43.09 69.33 -10.97
C ALA BC 774 -43.32 68.27 -9.93
N TYR BC 775 -44.03 68.64 -8.86
CA TYR BC 775 -44.40 67.72 -7.80
C TYR BC 775 -45.88 67.39 -7.90
N LEU BC 776 -46.21 66.13 -7.65
CA LEU BC 776 -47.54 65.62 -7.86
C LEU BC 776 -47.82 64.46 -6.91
N PRO BC 777 -48.91 64.50 -6.15
CA PRO BC 777 -49.28 63.34 -5.33
C PRO BC 777 -49.62 62.15 -6.21
N VAL BC 778 -49.41 60.95 -5.66
CA VAL BC 778 -49.71 59.73 -6.42
C VAL BC 778 -51.21 59.60 -6.66
N ASN BC 779 -52.00 59.81 -5.61
CA ASN BC 779 -53.45 59.62 -5.67
C ASN BC 779 -54.13 60.56 -6.65
N GLU BC 780 -53.51 61.69 -6.99
CA GLU BC 780 -54.05 62.58 -8.00
C GLU BC 780 -53.51 62.29 -9.40
N SER BC 781 -52.61 61.32 -9.53
CA SER BC 781 -52.03 61.00 -10.82
C SER BC 781 -52.88 60.05 -11.64
N PHE BC 782 -54.02 59.62 -11.12
CA PHE BC 782 -54.90 58.73 -11.87
C PHE BC 782 -55.64 59.55 -12.92
N GLY BC 783 -55.47 59.17 -14.19
CA GLY BC 783 -55.96 60.00 -15.27
C GLY BC 783 -55.19 61.28 -15.47
N PHE BC 784 -53.93 61.32 -15.04
CA PHE BC 784 -53.16 62.57 -15.14
C PHE BC 784 -52.82 62.90 -16.58
N THR BC 785 -52.35 61.91 -17.34
CA THR BC 785 -51.99 62.16 -18.73
C THR BC 785 -53.21 62.53 -19.57
N ALA BC 786 -54.35 61.87 -19.32
CA ALA BC 786 -55.54 62.13 -20.11
C ALA BC 786 -55.93 63.59 -20.06
N ASP BC 787 -55.91 64.18 -18.85
CA ASP BC 787 -56.20 65.61 -18.75
C ASP BC 787 -55.00 66.44 -19.20
N LEU BC 788 -53.80 65.89 -19.10
CA LEU BC 788 -52.61 66.61 -19.53
C LEU BC 788 -52.53 66.69 -21.05
N ARG BC 789 -52.80 65.56 -21.72
CA ARG BC 789 -52.81 65.57 -23.17
C ARG BC 789 -53.95 66.43 -23.71
N SER BC 790 -55.08 66.45 -23.00
CA SER BC 790 -56.22 67.24 -23.45
C SER BC 790 -55.89 68.73 -23.46
N ASN BC 791 -55.22 69.22 -22.43
CA ASN BC 791 -54.88 70.63 -22.37
C ASN BC 791 -53.55 70.96 -23.04
N THR BC 792 -52.85 69.96 -23.56
CA THR BC 792 -51.65 70.19 -24.35
C THR BC 792 -51.84 69.81 -25.81
N GLY BC 793 -52.95 69.16 -26.16
CA GLY BC 793 -53.10 68.64 -27.49
C GLY BC 793 -52.16 67.49 -27.79
N GLY BC 794 -51.93 66.61 -26.82
CA GLY BC 794 -51.03 65.50 -27.00
C GLY BC 794 -49.61 65.93 -27.28
N GLN BC 795 -49.26 67.13 -26.80
CA GLN BC 795 -48.00 67.79 -27.09
C GLN BC 795 -47.17 67.90 -25.81
N ALA BC 796 -47.22 66.82 -25.02
CA ALA BC 796 -46.55 66.77 -23.72
C ALA BC 796 -46.21 65.32 -23.40
N PHE BC 797 -45.03 65.12 -22.81
CA PHE BC 797 -44.50 63.79 -22.53
C PHE BC 797 -44.03 63.73 -21.07
N PRO BC 798 -44.94 63.44 -20.14
CA PRO BC 798 -44.65 63.52 -18.69
C PRO BC 798 -44.01 62.29 -18.04
N GLN BC 799 -42.69 62.18 -18.14
CA GLN BC 799 -41.97 61.15 -17.40
C GLN BC 799 -42.21 61.33 -15.90
N CYS BC 800 -42.39 60.21 -15.20
CA CYS BC 800 -42.81 60.23 -13.81
C CYS BC 800 -41.98 59.25 -12.99
N VAL BC 801 -41.44 59.73 -11.86
CA VAL BC 801 -40.62 58.93 -10.96
C VAL BC 801 -40.90 59.36 -9.54
N PHE BC 802 -40.94 58.39 -8.63
CA PHE BC 802 -41.22 58.67 -7.22
C PHE BC 802 -40.15 59.55 -6.60
N ASP BC 803 -40.57 60.48 -5.75
CA ASP BC 803 -39.61 61.39 -5.13
C ASP BC 803 -39.53 61.21 -3.62
N HIS BC 804 -40.63 61.37 -2.88
CA HIS BC 804 -40.58 61.50 -1.44
C HIS BC 804 -42.00 61.47 -0.89
N TRP BC 805 -42.13 61.71 0.41
CA TRP BC 805 -43.42 61.85 1.07
C TRP BC 805 -43.48 63.19 1.78
N GLN BC 806 -44.69 63.74 1.89
CA GLN BC 806 -44.91 64.99 2.60
C GLN BC 806 -46.27 64.95 3.27
N ILE BC 807 -46.41 65.75 4.32
CA ILE BC 807 -47.58 65.66 5.19
C ILE BC 807 -48.81 66.24 4.51
N LEU BC 808 -49.91 65.48 4.55
CA LEU BC 808 -51.21 66.00 4.13
C LEU BC 808 -51.71 67.01 5.15
N PRO BC 809 -52.11 68.21 4.72
CA PRO BC 809 -52.51 69.24 5.71
C PRO BC 809 -53.65 68.82 6.62
N GLY BC 810 -54.61 68.06 6.13
CA GLY BC 810 -55.75 67.70 6.95
C GLY BC 810 -55.37 66.81 8.13
N ASP BC 811 -56.26 66.78 9.12
CA ASP BC 811 -55.99 66.04 10.36
C ASP BC 811 -56.83 64.74 10.49
N PRO BC 812 -56.35 63.56 10.71
CA PRO BC 812 -57.17 62.44 10.39
C PRO BC 812 -58.12 62.21 11.54
N PHE BC 813 -57.84 62.90 12.69
CA PHE BC 813 -58.60 62.73 13.90
C PHE BC 813 -60.01 63.16 13.63
N ASP BC 814 -60.19 64.29 12.94
CA ASP BC 814 -61.52 64.73 12.57
C ASP BC 814 -62.08 63.84 11.47
N ASN BC 815 -63.42 63.70 11.46
CA ASN BC 815 -64.06 62.83 10.47
C ASN BC 815 -64.05 63.44 9.08
N SER BC 816 -64.36 64.73 8.97
CA SER BC 816 -64.67 65.34 7.68
C SER BC 816 -63.42 65.78 6.91
N SER BC 817 -62.22 65.53 7.42
CA SER BC 817 -61.00 65.97 6.76
C SER BC 817 -60.60 64.97 5.67
N ARG BC 818 -59.94 65.48 4.63
CA ARG BC 818 -59.49 64.63 3.54
C ARG BC 818 -58.65 63.43 3.99
N PRO BC 819 -57.64 63.58 4.87
CA PRO BC 819 -56.91 62.38 5.31
C PRO BC 819 -57.81 61.37 5.98
N SER BC 820 -58.86 61.80 6.68
CA SER BC 820 -59.77 60.87 7.32
C SER BC 820 -60.46 60.00 6.27
N GLN BC 821 -60.84 60.58 5.14
CA GLN BC 821 -61.43 59.80 4.06
C GLN BC 821 -60.43 58.78 3.52
N VAL BC 822 -59.13 59.07 3.64
CA VAL BC 822 -58.13 58.06 3.33
C VAL BC 822 -58.11 56.98 4.39
N VAL BC 823 -58.17 57.37 5.67
CA VAL BC 823 -58.20 56.38 6.76
C VAL BC 823 -59.43 55.50 6.63
N ALA BC 824 -60.59 56.10 6.33
CA ALA BC 824 -61.81 55.33 6.19
C ALA BC 824 -61.73 54.35 5.02
N GLU BC 825 -61.25 54.81 3.87
CA GLU BC 825 -61.15 53.94 2.70
C GLU BC 825 -60.08 52.88 2.89
N THR BC 826 -58.96 53.23 3.55
CA THR BC 826 -57.88 52.28 3.74
C THR BC 826 -58.32 51.11 4.63
N ARG BC 827 -59.10 51.40 5.68
CA ARG BC 827 -59.50 50.34 6.59
C ARG BC 827 -60.43 49.33 5.92
N LYS BC 828 -61.23 49.78 4.95
CA LYS BC 828 -62.14 48.86 4.28
C LYS BC 828 -61.41 47.97 3.28
N ARG BC 829 -60.41 48.52 2.58
CA ARG BC 829 -59.70 47.72 1.59
C ARG BC 829 -58.91 46.58 2.24
N LYS BC 830 -58.44 46.79 3.47
CA LYS BC 830 -57.79 45.72 4.23
C LYS BC 830 -58.79 44.86 4.96
N GLY BC 831 -60.07 45.20 4.90
CA GLY BC 831 -61.10 44.43 5.59
C GLY BC 831 -60.95 44.45 7.10
N LEU BC 832 -60.56 45.60 7.66
CA LEU BC 832 -60.33 45.72 9.09
C LEU BC 832 -61.36 46.68 9.69
N LYS BC 833 -61.34 46.80 11.01
CA LYS BC 833 -62.28 47.66 11.71
C LYS BC 833 -62.14 49.09 11.22
N GLU BC 834 -63.26 49.72 10.88
CA GLU BC 834 -63.21 51.05 10.27
C GLU BC 834 -62.82 52.11 11.29
N GLY BC 835 -63.43 52.07 12.48
CA GLY BC 835 -63.19 53.11 13.46
C GLY BC 835 -61.82 53.01 14.08
N ILE BC 836 -61.20 54.17 14.28
CA ILE BC 836 -59.91 54.23 14.96
C ILE BC 836 -60.10 53.83 16.42
N PRO BC 837 -59.35 52.86 16.93
CA PRO BC 837 -59.52 52.46 18.33
C PRO BC 837 -59.18 53.61 19.27
N ALA BC 838 -59.99 53.76 20.31
CA ALA BC 838 -59.82 54.85 21.25
C ALA BC 838 -58.55 54.69 22.07
N LEU BC 839 -58.27 55.69 22.89
CA LEU BC 839 -57.06 55.71 23.70
C LEU BC 839 -57.10 54.70 24.85
N ASP BC 840 -58.28 54.16 25.18
CA ASP BC 840 -58.40 53.31 26.36
C ASP BC 840 -57.57 52.03 26.23
N ASN BC 841 -57.76 51.30 25.13
CA ASN BC 841 -57.13 49.98 24.99
C ASN BC 841 -55.61 50.09 24.99
N PHE BC 842 -55.06 51.22 24.57
CA PHE BC 842 -53.61 51.40 24.52
C PHE BC 842 -53.06 51.94 25.83
N LEU BC 843 -53.59 53.07 26.30
CA LEU BC 843 -53.11 53.66 27.53
C LEU BC 843 -53.83 53.06 28.73
N ASP BC 844 -53.04 52.51 29.66
CA ASP BC 844 -53.55 51.90 30.87
C ASP BC 844 -52.95 52.60 32.08
N LYS BC 845 -53.60 52.42 33.23
CA LYS BC 845 -53.22 53.15 34.42
C LYS BC 845 -52.05 52.46 35.13
N LEU BC 846 -51.51 53.15 36.13
CA LEU BC 846 -50.34 52.71 36.88
C LEU BC 846 -50.50 51.33 37.49
N ASP EC 1 -68.41 115.95 2.63
CA ASP EC 1 -67.00 116.27 2.41
C ASP EC 1 -66.79 116.85 1.02
N ARG EC 2 -67.73 116.58 0.12
CA ARG EC 2 -67.62 117.08 -1.25
C ARG EC 2 -67.67 118.60 -1.29
N ALA EC 3 -68.52 119.21 -0.46
CA ALA EC 3 -68.60 120.67 -0.43
C ALA EC 3 -67.40 121.28 0.29
N THR EC 4 -66.98 120.66 1.40
CA THR EC 4 -65.78 121.11 2.09
C THR EC 4 -64.56 120.99 1.19
N TRP EC 5 -64.48 119.89 0.42
CA TRP EC 5 -63.36 119.74 -0.50
C TRP EC 5 -63.33 120.82 -1.56
N LYS EC 6 -64.49 121.22 -2.07
CA LYS EC 6 -64.53 122.30 -3.05
C LYS EC 6 -63.99 123.60 -2.47
N SER EC 7 -64.38 123.92 -1.23
CA SER EC 7 -63.89 125.14 -0.59
C SER EC 7 -62.39 125.07 -0.33
N ASN EC 8 -61.89 123.92 0.12
CA ASN EC 8 -60.47 123.79 0.37
C ASN EC 8 -59.67 123.97 -0.91
N TYR EC 9 -60.15 123.38 -2.02
CA TYR EC 9 -59.58 123.69 -3.32
C TYR EC 9 -59.79 125.16 -3.67
N PHE EC 10 -60.93 125.72 -3.27
CA PHE EC 10 -61.19 127.13 -3.55
C PHE EC 10 -60.21 128.02 -2.81
N LEU EC 11 -60.04 127.81 -1.49
CA LEU EC 11 -59.12 128.66 -0.75
C LEU EC 11 -57.69 128.43 -1.20
N LYS EC 12 -57.35 127.19 -1.56
CA LYS EC 12 -55.98 126.89 -1.98
C LYS EC 12 -55.62 127.63 -3.26
N ILE EC 13 -56.55 127.69 -4.21
CA ILE EC 13 -56.23 128.30 -5.50
C ILE EC 13 -56.11 129.81 -5.36
N ILE EC 14 -56.98 130.45 -4.57
CA ILE EC 14 -56.94 131.91 -4.45
C ILE EC 14 -55.65 132.36 -3.77
N GLN EC 15 -55.31 131.72 -2.65
CA GLN EC 15 -54.07 132.10 -1.96
C GLN EC 15 -52.85 131.81 -2.82
N LEU EC 16 -52.91 130.78 -3.65
CA LEU EC 16 -51.76 130.42 -4.47
C LEU EC 16 -51.63 131.36 -5.66
N LEU EC 17 -52.74 131.81 -6.23
CA LEU EC 17 -52.65 132.81 -7.30
C LEU EC 17 -52.32 134.19 -6.76
N ASP EC 18 -52.72 134.49 -5.52
CA ASP EC 18 -52.26 135.72 -4.88
C ASP EC 18 -50.75 135.70 -4.72
N ASP EC 19 -50.20 134.54 -4.36
CA ASP EC 19 -48.75 134.43 -4.14
C ASP EC 19 -47.99 134.57 -5.46
N TYR EC 20 -48.21 133.64 -6.38
CA TYR EC 20 -47.44 133.61 -7.62
C TYR EC 20 -47.98 134.64 -8.60
N PRO EC 21 -47.15 135.53 -9.12
CA PRO EC 21 -47.65 136.55 -10.04
C PRO EC 21 -47.62 136.09 -11.48
N LYS EC 22 -46.91 135.00 -11.77
CA LYS EC 22 -46.76 134.50 -13.12
C LYS EC 22 -47.35 133.10 -13.25
N CYS EC 23 -47.84 132.80 -14.44
CA CYS EC 23 -48.45 131.52 -14.78
C CYS EC 23 -47.93 131.06 -16.13
N PHE EC 24 -48.10 129.77 -16.40
CA PHE EC 24 -47.77 129.21 -17.71
C PHE EC 24 -48.72 128.05 -17.93
N ILE EC 25 -49.56 128.12 -18.96
CA ILE EC 25 -50.72 127.22 -19.05
C ILE EC 25 -50.30 125.89 -19.64
N VAL EC 26 -50.65 124.81 -18.95
CA VAL EC 26 -50.24 123.46 -19.29
C VAL EC 26 -51.40 122.71 -19.91
N GLY EC 27 -51.19 122.18 -21.11
CA GLY EC 27 -52.16 121.28 -21.70
C GLY EC 27 -51.86 119.84 -21.34
N ALA EC 28 -52.52 119.33 -20.29
CA ALA EC 28 -52.30 117.96 -19.86
C ALA EC 28 -52.90 117.00 -20.87
N ASP EC 29 -52.05 116.43 -21.72
CA ASP EC 29 -52.50 115.50 -22.75
C ASP EC 29 -52.77 114.15 -22.09
N ASN EC 30 -52.89 113.10 -22.91
CA ASN EC 30 -53.17 111.76 -22.40
C ASN EC 30 -51.90 111.20 -21.74
N VAL EC 31 -51.51 111.85 -20.65
CA VAL EC 31 -50.24 111.60 -19.99
C VAL EC 31 -50.48 110.73 -18.76
N GLY EC 32 -49.37 110.22 -18.21
CA GLY EC 32 -49.45 109.35 -17.06
C GLY EC 32 -49.17 110.04 -15.74
N SER EC 33 -49.76 109.50 -14.67
CA SER EC 33 -49.49 110.01 -13.33
C SER EC 33 -48.05 109.76 -12.94
N LYS EC 34 -47.50 108.59 -13.31
CA LYS EC 34 -46.09 108.31 -13.08
C LYS EC 34 -45.20 109.38 -13.69
N GLN EC 35 -45.44 109.70 -14.97
CA GLN EC 35 -44.77 110.84 -15.56
C GLN EC 35 -45.08 112.12 -14.78
N MET EC 36 -46.35 112.32 -14.42
CA MET EC 36 -46.71 113.54 -13.69
C MET EC 36 -46.08 113.56 -12.30
N GLN EC 37 -45.91 112.39 -11.67
CA GLN EC 37 -45.27 112.33 -10.36
C GLN EC 37 -43.83 112.81 -10.41
N GLN EC 38 -43.07 112.38 -11.42
CA GLN EC 38 -41.64 112.68 -11.45
C GLN EC 38 -41.36 114.13 -11.85
N ILE EC 39 -42.08 114.65 -12.85
CA ILE EC 39 -41.93 116.07 -13.18
C ILE EC 39 -42.34 116.93 -12.00
N ARG EC 40 -43.39 116.51 -11.29
CA ARG EC 40 -43.78 117.24 -10.09
C ARG EC 40 -42.71 117.16 -9.02
N MET EC 41 -41.89 116.11 -9.04
CA MET EC 41 -40.70 116.07 -8.20
C MET EC 41 -39.65 117.04 -8.72
N SER EC 42 -39.56 117.20 -10.05
CA SER EC 42 -38.54 118.05 -10.63
C SER EC 42 -38.77 119.52 -10.29
N LEU EC 43 -39.88 120.10 -10.72
CA LEU EC 43 -40.15 121.50 -10.45
C LEU EC 43 -40.66 121.75 -9.03
N ARG EC 44 -40.64 120.73 -8.17
CA ARG EC 44 -41.14 120.92 -6.80
C ARG EC 44 -40.35 121.99 -6.07
N GLY EC 45 -39.02 121.95 -6.18
CA GLY EC 45 -38.22 123.01 -5.61
C GLY EC 45 -38.42 124.34 -6.32
N LYS EC 46 -38.62 124.30 -7.63
CA LYS EC 46 -38.72 125.54 -8.41
C LYS EC 46 -40.16 126.07 -8.44
N ALA EC 47 -41.10 125.24 -8.89
CA ALA EC 47 -42.46 125.73 -9.12
C ALA EC 47 -43.51 124.85 -8.45
N VAL EC 48 -44.77 125.08 -8.78
CA VAL EC 48 -45.89 124.25 -8.30
C VAL EC 48 -46.87 124.06 -9.45
N VAL EC 49 -47.30 122.83 -9.67
CA VAL EC 49 -48.30 122.53 -10.69
C VAL EC 49 -49.61 122.22 -9.98
N LEU EC 50 -50.72 122.53 -10.65
CA LEU EC 50 -52.03 122.23 -10.12
C LEU EC 50 -53.04 122.21 -11.25
N MET EC 51 -53.80 121.13 -11.35
CA MET EC 51 -54.92 121.06 -12.26
C MET EC 51 -56.00 120.23 -11.58
N GLY EC 52 -57.23 120.42 -12.04
CA GLY EC 52 -58.36 119.72 -11.46
C GLY EC 52 -59.61 119.97 -12.29
N LYS EC 53 -60.75 120.16 -11.64
CA LYS EC 53 -61.95 120.51 -12.37
C LYS EC 53 -61.77 121.86 -13.04
N ASN EC 54 -61.81 121.89 -14.36
CA ASN EC 54 -61.54 123.12 -15.11
C ASN EC 54 -62.49 124.24 -14.73
N THR EC 55 -63.70 123.93 -14.28
CA THR EC 55 -64.64 124.94 -13.81
C THR EC 55 -64.42 125.31 -12.36
N MET EC 56 -63.56 124.61 -11.64
CA MET EC 56 -63.23 125.00 -10.27
C MET EC 56 -62.59 126.38 -10.23
N MET EC 57 -61.54 126.59 -11.03
CA MET EC 57 -60.80 127.85 -10.90
C MET EC 57 -61.55 129.01 -11.55
N ARG EC 58 -62.35 128.76 -12.58
CA ARG EC 58 -62.98 129.87 -13.29
C ARG EC 58 -63.83 130.71 -12.35
N LYS EC 59 -64.64 130.06 -11.51
CA LYS EC 59 -65.41 130.82 -10.53
C LYS EC 59 -64.50 131.50 -9.53
N ALA EC 60 -63.43 130.82 -9.11
CA ALA EC 60 -62.50 131.41 -8.14
C ALA EC 60 -61.86 132.67 -8.68
N ILE EC 61 -61.48 132.67 -9.97
CA ILE EC 61 -60.84 133.85 -10.56
C ILE EC 61 -61.85 134.86 -11.08
N ARG EC 62 -63.12 134.47 -11.24
CA ARG EC 62 -64.13 135.40 -11.71
C ARG EC 62 -65.03 135.91 -10.59
N GLY EC 63 -65.05 135.24 -9.44
CA GLY EC 63 -65.93 135.64 -8.37
C GLY EC 63 -65.24 136.24 -7.17
N HIS EC 64 -63.90 136.19 -7.16
CA HIS EC 64 -63.13 136.74 -6.05
C HIS EC 64 -61.93 137.57 -6.47
N LEU EC 65 -61.70 137.75 -7.77
CA LEU EC 65 -60.57 138.54 -8.26
C LEU EC 65 -60.99 139.96 -8.64
N GLU EC 66 -62.21 140.38 -8.25
CA GLU EC 66 -62.55 141.78 -8.37
C GLU EC 66 -61.59 142.65 -7.57
N ASN EC 67 -61.02 142.11 -6.50
CA ASN EC 67 -60.02 142.85 -5.72
C ASN EC 67 -58.66 142.88 -6.39
N ASN EC 68 -58.38 141.92 -7.27
CA ASN EC 68 -57.14 141.90 -8.05
C ASN EC 68 -57.57 141.72 -9.54
N PRO EC 69 -58.22 142.81 -10.28
CA PRO EC 69 -57.97 142.69 -11.69
C PRO EC 69 -56.64 142.29 -12.43
N ALA EC 70 -56.80 142.28 -13.76
CA ALA EC 70 -55.80 141.74 -14.66
C ALA EC 70 -55.60 140.24 -14.50
N LEU EC 71 -56.58 139.52 -13.95
CA LEU EC 71 -56.60 138.06 -13.98
C LEU EC 71 -57.86 137.57 -14.69
N GLU EC 72 -58.50 138.45 -15.45
CA GLU EC 72 -59.74 138.14 -16.15
C GLU EC 72 -59.53 137.71 -17.59
N LYS EC 73 -58.29 137.69 -18.07
CA LYS EC 73 -57.99 137.22 -19.41
C LYS EC 73 -57.80 135.71 -19.44
N LEU EC 74 -57.80 135.06 -18.28
CA LEU EC 74 -57.82 133.60 -18.25
C LEU EC 74 -59.23 133.05 -18.42
N LEU EC 75 -60.25 133.89 -18.31
CA LEU EC 75 -61.63 133.42 -18.52
C LEU EC 75 -61.81 132.73 -19.87
N PRO EC 76 -61.28 133.21 -20.99
CA PRO EC 76 -61.41 132.47 -22.25
C PRO EC 76 -60.23 131.54 -22.55
N HIS EC 77 -59.21 131.48 -21.69
CA HIS EC 77 -58.00 130.75 -22.01
C HIS EC 77 -57.83 129.42 -21.27
N ILE EC 78 -58.84 128.95 -20.56
CA ILE EC 78 -58.79 127.64 -19.93
C ILE EC 78 -60.01 126.86 -20.40
N ARG EC 79 -59.82 126.03 -21.43
CA ARG EC 79 -60.88 125.23 -22.02
C ARG EC 79 -60.31 123.86 -22.32
N GLY EC 80 -61.19 122.87 -22.38
CA GLY EC 80 -60.70 121.51 -22.52
C GLY EC 80 -59.87 121.13 -21.31
N ASN EC 81 -58.83 120.34 -21.54
CA ASN EC 81 -57.88 119.99 -20.48
C ASN EC 81 -56.82 121.07 -20.38
N VAL EC 82 -56.68 121.65 -19.20
CA VAL EC 82 -55.69 122.68 -18.94
C VAL EC 82 -54.99 122.36 -17.63
N GLY EC 83 -53.75 122.86 -17.50
CA GLY EC 83 -53.01 122.72 -16.27
C GLY EC 83 -52.39 124.04 -15.87
N PHE EC 84 -52.22 124.21 -14.57
CA PHE EC 84 -51.77 125.48 -14.01
C PHE EC 84 -50.44 125.26 -13.32
N VAL EC 85 -49.37 125.75 -13.93
CA VAL EC 85 -48.05 125.76 -13.32
C VAL EC 85 -47.76 127.19 -12.88
N PHE EC 86 -47.45 127.34 -11.61
CA PHE EC 86 -47.12 128.62 -11.02
C PHE EC 86 -45.63 128.61 -10.66
N THR EC 87 -44.87 129.47 -11.33
CA THR EC 87 -43.43 129.52 -11.13
C THR EC 87 -43.05 130.86 -10.54
N LYS EC 88 -41.93 130.87 -9.83
CA LYS EC 88 -41.35 132.08 -9.26
C LYS EC 88 -40.05 132.48 -9.93
N GLU EC 89 -39.31 131.52 -10.47
CA GLU EC 89 -38.10 131.80 -11.23
C GLU EC 89 -38.49 132.35 -12.60
N ASP EC 90 -37.50 132.55 -13.47
CA ASP EC 90 -37.79 133.07 -14.80
C ASP EC 90 -38.59 132.07 -15.61
N LEU EC 91 -39.49 132.59 -16.45
CA LEU EC 91 -40.27 131.74 -17.34
C LEU EC 91 -39.39 131.02 -18.34
N THR EC 92 -38.40 131.71 -18.90
CA THR EC 92 -37.60 131.15 -19.99
C THR EC 92 -36.92 129.85 -19.56
N GLU EC 93 -36.33 129.84 -18.36
CA GLU EC 93 -35.80 128.59 -17.82
C GLU EC 93 -36.90 127.55 -17.66
N ILE EC 94 -38.05 127.96 -17.11
CA ILE EC 94 -39.16 127.04 -16.98
C ILE EC 94 -39.63 126.58 -18.35
N ARG EC 95 -39.69 127.51 -19.31
CA ARG EC 95 -40.17 127.16 -20.65
C ARG EC 95 -39.28 126.11 -21.30
N ASP EC 96 -37.96 126.28 -21.21
CA ASP EC 96 -37.06 125.33 -21.85
C ASP EC 96 -37.00 124.02 -21.07
N MET EC 97 -37.02 124.10 -19.74
CA MET EC 97 -36.92 122.90 -18.93
C MET EC 97 -38.23 122.13 -18.90
N LEU EC 98 -39.35 122.79 -19.18
CA LEU EC 98 -40.63 122.07 -19.23
C LEU EC 98 -40.81 121.31 -20.52
N LEU EC 99 -40.35 121.85 -21.65
CA LEU EC 99 -40.34 121.09 -22.88
C LEU EC 99 -39.24 120.03 -22.88
N ALA EC 100 -38.23 120.19 -22.02
CA ALA EC 100 -37.12 119.24 -21.99
C ALA EC 100 -37.48 117.94 -21.29
N ASN EC 101 -38.28 117.99 -20.23
CA ASN EC 101 -38.55 116.81 -19.41
C ASN EC 101 -39.52 115.91 -20.17
N LYS EC 102 -39.04 115.37 -21.29
CA LYS EC 102 -39.81 114.48 -22.13
C LYS EC 102 -39.92 113.11 -21.49
N VAL EC 103 -40.86 112.32 -22.01
CA VAL EC 103 -40.99 110.91 -21.65
C VAL EC 103 -41.17 110.11 -22.93
N PRO EC 104 -40.65 108.89 -23.02
CA PRO EC 104 -40.98 108.03 -24.17
C PRO EC 104 -42.33 107.36 -23.97
N ALA EC 105 -43.39 108.09 -24.31
CA ALA EC 105 -44.74 107.56 -24.15
C ALA EC 105 -44.93 106.33 -25.04
N ALA EC 106 -45.56 105.31 -24.47
CA ALA EC 106 -45.71 104.02 -25.16
C ALA EC 106 -46.82 104.10 -26.19
N ALA EC 107 -47.17 102.94 -26.74
CA ALA EC 107 -48.20 102.82 -27.78
C ALA EC 107 -49.36 101.99 -27.22
N ARG EC 108 -50.37 102.68 -26.71
CA ARG EC 108 -51.58 102.01 -26.26
C ARG EC 108 -52.55 101.83 -27.43
N ALA EC 109 -53.35 100.77 -27.36
CA ALA EC 109 -54.28 100.47 -28.43
C ALA EC 109 -55.45 101.45 -28.43
N GLY EC 110 -55.97 101.74 -29.62
CA GLY EC 110 -57.11 102.62 -29.75
C GLY EC 110 -56.80 104.10 -29.78
N ALA EC 111 -55.59 104.47 -30.19
CA ALA EC 111 -55.15 105.87 -30.19
C ALA EC 111 -54.72 106.28 -31.59
N ILE EC 112 -54.63 107.60 -31.81
CA ILE EC 112 -54.11 108.11 -33.08
C ILE EC 112 -52.59 108.20 -33.01
N ALA EC 113 -51.97 108.31 -34.18
CA ALA EC 113 -50.51 108.30 -34.32
C ALA EC 113 -50.06 109.45 -35.20
N PRO EC 114 -49.99 110.67 -34.66
CA PRO EC 114 -49.46 111.79 -35.44
C PRO EC 114 -47.98 111.66 -35.77
N CYS EC 115 -47.25 110.79 -35.09
CA CYS EC 115 -45.83 110.59 -35.33
C CYS EC 115 -45.63 109.36 -36.19
N GLU EC 116 -44.76 109.48 -37.19
CA GLU EC 116 -44.48 108.41 -38.15
C GLU EC 116 -43.29 107.59 -37.66
N VAL EC 117 -43.54 106.32 -37.32
CA VAL EC 117 -42.51 105.41 -36.86
C VAL EC 117 -42.47 104.21 -37.78
N THR EC 118 -41.38 104.08 -38.53
CA THR EC 118 -41.17 102.96 -39.43
C THR EC 118 -40.01 102.12 -38.92
N VAL EC 119 -40.24 100.83 -38.76
CA VAL EC 119 -39.22 99.94 -38.19
C VAL EC 119 -38.09 99.75 -39.20
N PRO EC 120 -36.84 99.65 -38.76
CA PRO EC 120 -35.75 99.31 -39.67
C PRO EC 120 -35.57 97.81 -39.77
N ALA EC 121 -34.55 97.40 -40.52
CA ALA EC 121 -34.20 95.99 -40.70
C ALA EC 121 -32.92 95.72 -39.93
N GLN EC 122 -33.07 95.25 -38.69
CA GLN EC 122 -31.93 95.07 -37.80
C GLN EC 122 -32.22 93.92 -36.84
N ASN EC 123 -31.17 93.38 -36.25
CA ASN EC 123 -31.29 92.27 -35.31
C ASN EC 123 -31.84 92.77 -33.99
N THR EC 124 -33.06 92.34 -33.66
CA THR EC 124 -33.68 92.71 -32.39
C THR EC 124 -33.01 92.03 -31.20
N GLY EC 125 -32.51 90.82 -31.37
CA GLY EC 125 -31.89 90.08 -30.29
C GLY EC 125 -32.82 89.22 -29.47
N LEU EC 126 -34.13 89.29 -29.73
CA LEU EC 126 -35.09 88.52 -28.98
C LEU EC 126 -35.11 87.07 -29.49
N GLY EC 127 -35.49 86.15 -28.60
CA GLY EC 127 -35.43 84.73 -28.90
C GLY EC 127 -36.29 84.31 -30.07
N PRO EC 128 -36.01 83.13 -30.61
CA PRO EC 128 -36.71 82.65 -31.81
C PRO EC 128 -38.06 81.98 -31.52
N GLU EC 129 -38.92 82.69 -30.78
CA GLU EC 129 -40.22 82.18 -30.41
C GLU EC 129 -41.36 83.15 -30.63
N LYS EC 130 -41.08 84.44 -30.86
CA LYS EC 130 -42.11 85.44 -31.08
C LYS EC 130 -42.31 85.76 -32.57
N THR EC 131 -41.73 84.97 -33.46
CA THR EC 131 -41.77 85.27 -34.88
C THR EC 131 -43.17 85.20 -35.48
N SER EC 132 -44.11 84.53 -34.82
CA SER EC 132 -45.47 84.43 -35.36
C SER EC 132 -46.13 85.80 -35.43
N PHE EC 133 -45.81 86.69 -34.49
CA PHE EC 133 -46.38 88.04 -34.50
C PHE EC 133 -45.96 88.79 -35.76
N PHE EC 134 -44.68 88.71 -36.12
CA PHE EC 134 -44.22 89.35 -37.35
C PHE EC 134 -44.74 88.62 -38.57
N GLN EC 135 -44.85 87.28 -38.49
CA GLN EC 135 -45.49 86.52 -39.55
C GLN EC 135 -46.95 86.90 -39.71
N ALA EC 136 -47.65 87.12 -38.60
CA ALA EC 136 -49.06 87.48 -38.67
C ALA EC 136 -49.27 88.81 -39.38
N LEU EC 137 -48.43 89.80 -39.08
CA LEU EC 137 -48.56 91.11 -39.70
C LEU EC 137 -48.13 91.11 -41.16
N GLY EC 138 -47.18 90.25 -41.53
CA GLY EC 138 -46.73 90.18 -42.91
C GLY EC 138 -45.25 90.39 -43.08
N ILE EC 139 -44.46 90.10 -42.04
CA ILE EC 139 -43.01 90.25 -42.09
C ILE EC 139 -42.37 88.87 -42.17
N THR EC 140 -41.55 88.66 -43.19
CA THR EC 140 -40.80 87.42 -43.35
C THR EC 140 -39.44 87.58 -42.67
N THR EC 141 -39.20 86.78 -41.64
CA THR EC 141 -37.97 86.87 -40.86
C THR EC 141 -37.41 85.48 -40.61
N LYS EC 142 -36.08 85.38 -40.63
CA LYS EC 142 -35.36 84.15 -40.31
C LYS EC 142 -34.47 84.40 -39.10
N ILE EC 143 -34.31 83.36 -38.29
CA ILE EC 143 -33.52 83.48 -37.06
C ILE EC 143 -32.05 83.55 -37.40
N SER EC 144 -31.37 84.57 -36.88
CA SER EC 144 -29.94 84.78 -37.13
C SER EC 144 -29.20 84.77 -35.82
N ARG EC 145 -28.23 83.86 -35.70
CA ARG EC 145 -27.41 83.71 -34.49
C ARG EC 145 -28.29 83.44 -33.27
N GLY EC 146 -29.34 82.64 -33.47
CA GLY EC 146 -30.29 82.40 -32.42
C GLY EC 146 -31.11 83.61 -32.03
N THR EC 147 -31.23 84.60 -32.93
CA THR EC 147 -31.92 85.84 -32.65
C THR EC 147 -32.74 86.25 -33.86
N ILE EC 148 -33.77 87.06 -33.62
CA ILE EC 148 -34.66 87.47 -34.70
C ILE EC 148 -34.06 88.66 -35.44
N GLU EC 149 -34.21 88.66 -36.77
CA GLU EC 149 -33.67 89.69 -37.63
C GLU EC 149 -34.63 89.94 -38.78
N ILE EC 150 -34.99 91.20 -39.00
CA ILE EC 150 -35.83 91.58 -40.13
C ILE EC 150 -34.93 91.84 -41.33
N LEU EC 151 -35.23 91.19 -42.45
CA LEU EC 151 -34.37 91.31 -43.62
C LEU EC 151 -34.49 92.70 -44.25
N SER EC 152 -35.71 93.21 -44.40
CA SER EC 152 -35.94 94.49 -45.05
C SER EC 152 -36.94 95.30 -44.24
N ASP EC 153 -36.70 96.61 -44.15
CA ASP EC 153 -37.60 97.50 -43.44
C ASP EC 153 -38.82 97.83 -44.29
N VAL EC 154 -40.00 97.74 -43.67
CA VAL EC 154 -41.26 98.02 -44.35
C VAL EC 154 -42.00 99.08 -43.55
N GLN EC 155 -42.87 99.82 -44.24
CA GLN EC 155 -43.66 100.86 -43.59
C GLN EC 155 -44.65 100.26 -42.59
N LEU EC 156 -44.80 100.91 -41.44
CA LEU EC 156 -45.70 100.42 -40.40
C LEU EC 156 -46.85 101.40 -40.12
N ILE EC 157 -46.55 102.63 -39.75
CA ILE EC 157 -47.56 103.58 -39.26
C ILE EC 157 -47.33 104.93 -39.90
N LYS EC 158 -48.37 105.50 -40.49
CA LYS EC 158 -48.32 106.84 -41.04
C LYS EC 158 -48.79 107.84 -39.98
N THR EC 159 -49.07 109.08 -40.39
CA THR EC 159 -49.53 110.10 -39.47
C THR EC 159 -51.05 110.09 -39.38
N GLY EC 160 -51.55 110.16 -38.14
CA GLY EC 160 -52.99 110.23 -37.90
C GLY EC 160 -53.77 108.99 -38.30
N ASP EC 161 -53.25 107.82 -37.95
CA ASP EC 161 -53.91 106.55 -38.27
C ASP EC 161 -54.24 105.82 -36.97
N LYS EC 162 -54.71 104.58 -37.12
CA LYS EC 162 -54.98 103.70 -35.98
C LYS EC 162 -54.02 102.52 -36.03
N VAL EC 163 -53.42 102.21 -34.90
CA VAL EC 163 -52.47 101.12 -34.79
C VAL EC 163 -53.22 99.84 -34.44
N GLY EC 164 -52.61 98.69 -34.74
CA GLY EC 164 -53.20 97.42 -34.41
C GLY EC 164 -52.88 96.99 -33.00
N ALA EC 165 -53.55 95.91 -32.57
CA ALA EC 165 -53.28 95.34 -31.26
C ALA EC 165 -51.92 94.62 -31.24
N SER EC 166 -51.66 93.80 -32.26
CA SER EC 166 -50.36 93.14 -32.35
C SER EC 166 -49.31 94.07 -32.95
N GLU EC 167 -49.75 95.16 -33.59
CA GLU EC 167 -48.82 96.14 -34.12
C GLU EC 167 -48.19 96.95 -32.98
N ALA EC 168 -49.02 97.37 -32.03
CA ALA EC 168 -48.52 98.13 -30.89
C ALA EC 168 -47.61 97.27 -30.01
N THR EC 169 -47.98 95.99 -29.82
CA THR EC 169 -47.15 95.12 -29.01
C THR EC 169 -45.82 94.81 -29.68
N LEU EC 170 -45.72 94.96 -30.99
CA LEU EC 170 -44.43 94.83 -31.66
C LEU EC 170 -43.49 95.96 -31.24
N LEU EC 171 -44.00 97.19 -31.19
CA LEU EC 171 -43.21 98.30 -30.65
C LEU EC 171 -42.96 98.10 -29.17
N ASN EC 172 -43.83 97.33 -28.49
CA ASN EC 172 -43.65 97.08 -27.07
C ASN EC 172 -42.45 96.16 -26.81
N MET EC 173 -42.34 95.08 -27.58
CA MET EC 173 -41.20 94.17 -27.38
C MET EC 173 -39.90 94.80 -27.87
N LEU EC 174 -39.94 95.48 -29.02
CA LEU EC 174 -38.75 96.17 -29.50
C LEU EC 174 -38.32 97.31 -28.59
N ASN EC 175 -39.25 97.86 -27.80
CA ASN EC 175 -39.02 99.02 -26.94
C ASN EC 175 -38.61 100.25 -27.72
N ILE EC 176 -38.72 100.24 -29.05
CA ILE EC 176 -38.45 101.42 -29.85
C ILE EC 176 -39.50 102.47 -29.53
N SER EC 177 -39.04 103.69 -29.25
CA SER EC 177 -39.92 104.71 -28.70
C SER EC 177 -41.05 105.05 -29.67
N PRO EC 178 -42.30 104.78 -29.32
CA PRO EC 178 -43.40 105.20 -30.19
C PRO EC 178 -43.68 106.69 -30.04
N PHE EC 179 -44.78 107.16 -30.62
CA PHE EC 179 -45.26 108.52 -30.41
C PHE EC 179 -45.18 108.89 -28.93
N SER EC 180 -44.39 109.90 -28.61
CA SER EC 180 -44.12 110.29 -27.23
C SER EC 180 -44.61 111.70 -26.99
N PHE EC 181 -45.42 111.87 -25.95
CA PHE EC 181 -45.98 113.16 -25.60
C PHE EC 181 -46.10 113.26 -24.08
N GLY EC 182 -45.84 114.45 -23.55
CA GLY EC 182 -45.97 114.73 -22.14
C GLY EC 182 -46.86 115.95 -21.91
N LEU EC 183 -46.41 116.89 -21.08
CA LEU EC 183 -47.11 118.16 -20.89
C LEU EC 183 -46.86 119.06 -22.09
N VAL EC 184 -47.92 119.65 -22.64
CA VAL EC 184 -47.89 120.42 -23.88
C VAL EC 184 -48.39 121.82 -23.60
N ILE EC 185 -47.71 122.82 -24.13
CA ILE EC 185 -47.95 124.18 -23.70
C ILE EC 185 -48.72 124.93 -24.79
N GLN EC 186 -49.71 125.72 -24.36
CA GLN EC 186 -50.40 126.65 -25.25
C GLN EC 186 -50.13 128.11 -24.89
N GLN EC 187 -50.46 128.55 -23.67
CA GLN EC 187 -50.45 129.98 -23.36
C GLN EC 187 -49.67 130.27 -22.08
N VAL EC 188 -49.41 131.57 -21.86
CA VAL EC 188 -48.65 132.07 -20.72
C VAL EC 188 -49.23 133.40 -20.25
N PHE EC 189 -49.21 133.60 -18.93
CA PHE EC 189 -49.69 134.84 -18.31
C PHE EC 189 -48.63 135.38 -17.36
N ASP EC 190 -48.40 136.69 -17.42
CA ASP EC 190 -47.50 137.36 -16.46
C ASP EC 190 -48.07 138.77 -16.23
N ASN EC 191 -48.86 138.91 -15.16
CA ASN EC 191 -49.42 140.19 -14.74
C ASN EC 191 -50.20 140.86 -15.88
N GLY EC 192 -51.11 140.09 -16.48
CA GLY EC 192 -51.93 140.62 -17.57
C GLY EC 192 -51.15 140.78 -18.85
N SER EC 193 -50.64 139.67 -19.38
CA SER EC 193 -49.85 139.70 -20.60
C SER EC 193 -49.97 138.35 -21.29
N ILE EC 194 -50.01 138.37 -22.61
CA ILE EC 194 -50.21 137.18 -23.43
C ILE EC 194 -49.00 136.99 -24.33
N TYR EC 195 -48.45 135.78 -24.34
CA TYR EC 195 -47.34 135.43 -25.21
C TYR EC 195 -47.50 133.96 -25.62
N ASN EC 196 -46.48 133.42 -26.28
CA ASN EC 196 -46.57 132.06 -26.81
C ASN EC 196 -46.41 131.02 -25.71
N PRO FC 1 -23.92 97.45 -23.30
CA PRO FC 1 -24.71 97.48 -22.06
C PRO FC 1 -23.93 97.02 -20.84
N ASN FC 2 -22.85 97.74 -20.52
CA ASN FC 2 -22.01 97.49 -19.35
C ASN FC 2 -21.44 96.07 -19.33
N GLU FC 3 -21.41 95.41 -20.50
CA GLU FC 3 -20.93 94.05 -20.69
C GLU FC 3 -21.88 93.03 -20.06
N ILE FC 4 -22.87 93.51 -19.32
CA ILE FC 4 -23.87 92.66 -18.68
C ILE FC 4 -25.00 93.54 -18.16
N LYS FC 5 -26.23 93.01 -18.17
CA LYS FC 5 -27.38 93.74 -17.61
C LYS FC 5 -28.37 92.70 -17.09
N VAL FC 6 -28.27 92.40 -15.80
CA VAL FC 6 -29.12 91.41 -15.14
C VAL FC 6 -29.80 92.11 -13.96
N VAL FC 7 -30.14 93.38 -14.15
CA VAL FC 7 -30.56 94.26 -13.07
C VAL FC 7 -31.85 93.82 -12.37
N TYR FC 8 -32.51 92.77 -12.85
CA TYR FC 8 -33.80 92.39 -12.28
C TYR FC 8 -33.65 91.92 -10.84
N LEU FC 9 -34.69 92.15 -10.05
CA LEU FC 9 -34.68 91.94 -8.61
C LEU FC 9 -34.97 90.48 -8.25
N ARG FC 10 -34.97 90.22 -6.94
CA ARG FC 10 -35.26 88.90 -6.39
C ARG FC 10 -35.78 89.07 -4.97
N CYS FC 11 -36.53 88.09 -4.49
CA CYS FC 11 -37.22 88.17 -3.21
C CYS FC 11 -36.99 86.91 -2.39
N THR FC 12 -35.74 86.47 -2.31
CA THR FC 12 -35.34 85.37 -1.44
C THR FC 12 -34.42 85.89 -0.35
N GLY FC 13 -34.73 85.59 0.90
CA GLY FC 13 -33.98 86.15 1.98
C GLY FC 13 -34.05 85.33 3.24
N GLY FC 14 -33.56 85.93 4.33
CA GLY FC 14 -33.50 85.25 5.61
C GLY FC 14 -32.43 84.18 5.62
N GLU FC 15 -32.85 82.92 5.64
CA GLU FC 15 -31.92 81.81 5.52
C GLU FC 15 -31.33 81.79 4.11
N VAL FC 16 -30.24 81.03 3.95
CA VAL FC 16 -29.63 80.89 2.64
C VAL FC 16 -30.64 80.33 1.64
N GLY FC 17 -31.45 79.35 2.07
CA GLY FC 17 -32.46 78.78 1.22
C GLY FC 17 -31.89 77.81 0.21
N ALA FC 18 -31.21 78.35 -0.80
CA ALA FC 18 -30.47 77.57 -1.80
C ALA FC 18 -31.33 76.48 -2.42
N THR FC 19 -31.48 75.37 -1.71
CA THR FC 19 -32.29 74.27 -2.21
C THR FC 19 -33.77 74.62 -2.23
N SER FC 20 -34.25 75.32 -1.19
CA SER FC 20 -35.65 75.69 -1.10
C SER FC 20 -35.96 76.99 -1.83
N ALA FC 21 -34.97 77.64 -2.43
CA ALA FC 21 -35.18 78.92 -3.08
C ALA FC 21 -35.62 78.72 -4.53
N LEU FC 22 -35.82 79.83 -5.23
CA LEU FC 22 -36.20 79.84 -6.64
C LEU FC 22 -35.02 80.04 -7.57
N ALA FC 23 -33.79 79.92 -7.06
CA ALA FC 23 -32.61 80.05 -7.91
C ALA FC 23 -32.64 79.12 -9.12
N PRO FC 24 -33.04 77.84 -9.00
CA PRO FC 24 -33.23 77.04 -10.23
C PRO FC 24 -34.26 77.64 -11.17
N LYS FC 25 -35.33 78.24 -10.63
CA LYS FC 25 -36.37 78.81 -11.46
C LYS FC 25 -35.96 80.13 -12.11
N ILE FC 26 -35.06 80.88 -11.48
CA ILE FC 26 -34.64 82.18 -11.98
C ILE FC 26 -33.23 82.16 -12.54
N GLY FC 27 -32.68 80.98 -12.78
CA GLY FC 27 -31.34 80.84 -13.30
C GLY FC 27 -31.09 81.46 -14.67
N PRO FC 28 -31.84 81.05 -15.70
CA PRO FC 28 -31.42 81.36 -17.07
C PRO FC 28 -31.63 82.80 -17.50
N LEU FC 29 -32.09 83.69 -16.62
CA LEU FC 29 -32.17 85.10 -16.99
C LEU FC 29 -30.77 85.68 -17.26
N GLY FC 30 -29.78 85.29 -16.45
CA GLY FC 30 -28.42 85.73 -16.68
C GLY FC 30 -27.54 84.61 -17.22
N LEU FC 31 -27.87 83.37 -16.85
CA LEU FC 31 -27.22 82.16 -17.33
C LEU FC 31 -25.83 81.98 -16.72
N SER FC 32 -25.35 83.00 -15.98
CA SER FC 32 -24.09 82.91 -15.27
C SER FC 32 -24.17 82.31 -13.87
N PRO FC 33 -25.11 82.75 -12.98
CA PRO FC 33 -24.97 82.41 -11.56
C PRO FC 33 -25.14 80.93 -11.23
N LYS FC 34 -26.25 80.33 -11.64
CA LYS FC 34 -26.58 78.94 -11.33
C LYS FC 34 -26.62 78.77 -9.81
N LYS FC 35 -26.30 77.57 -9.32
CA LYS FC 35 -26.32 77.31 -7.88
C LYS FC 35 -25.29 78.15 -7.14
N VAL FC 36 -24.06 78.20 -7.66
CA VAL FC 36 -22.98 78.91 -6.96
C VAL FC 36 -23.27 80.40 -6.93
N GLY FC 37 -23.88 80.94 -7.99
CA GLY FC 37 -24.26 82.33 -7.97
C GLY FC 37 -25.27 82.65 -6.88
N ASP FC 38 -26.21 81.74 -6.64
CA ASP FC 38 -27.13 81.88 -5.52
C ASP FC 38 -26.37 81.77 -4.20
N ASP FC 39 -25.38 80.87 -4.14
CA ASP FC 39 -24.60 80.71 -2.92
C ASP FC 39 -23.75 81.93 -2.62
N ILE FC 40 -23.09 82.49 -3.65
CA ILE FC 40 -22.32 83.71 -3.41
C ILE FC 40 -23.25 84.90 -3.18
N ALA FC 41 -24.43 84.91 -3.80
CA ALA FC 41 -25.36 86.01 -3.60
C ALA FC 41 -25.85 86.05 -2.16
N LYS FC 42 -26.16 84.89 -1.59
CA LYS FC 42 -26.71 84.85 -0.23
C LYS FC 42 -25.62 84.90 0.83
N ALA FC 43 -24.35 84.78 0.44
CA ALA FC 43 -23.27 85.03 1.39
C ALA FC 43 -23.27 86.49 1.82
N THR FC 44 -23.57 87.39 0.90
CA THR FC 44 -23.68 88.81 1.20
C THR FC 44 -25.09 89.23 1.58
N GLY FC 45 -26.05 88.31 1.61
CA GLY FC 45 -27.43 88.64 1.90
C GLY FC 45 -28.14 87.77 2.91
N ASP FC 46 -27.42 86.97 3.69
CA ASP FC 46 -28.08 86.17 4.72
C ASP FC 46 -28.65 87.06 5.82
N TRP FC 47 -28.13 88.28 5.93
CA TRP FC 47 -28.57 89.24 6.92
C TRP FC 47 -28.79 90.59 6.25
N LYS FC 48 -29.73 91.37 6.79
CA LYS FC 48 -30.03 92.71 6.27
C LYS FC 48 -30.37 92.65 4.78
N GLY FC 49 -31.56 92.11 4.50
CA GLY FC 49 -32.62 91.96 5.48
C GLY FC 49 -32.81 90.63 6.17
N LEU FC 50 -33.90 90.54 6.93
CA LEU FC 50 -34.24 89.40 7.77
C LEU FC 50 -35.62 88.86 7.41
N ARG FC 51 -36.00 89.00 6.15
CA ARG FC 51 -37.37 88.81 5.71
C ARG FC 51 -37.30 88.08 4.37
N ILE FC 52 -38.39 88.16 3.59
CA ILE FC 52 -38.33 87.80 2.18
C ILE FC 52 -37.14 88.48 1.52
N THR FC 53 -36.78 89.67 2.00
CA THR FC 53 -35.54 90.35 1.67
C THR FC 53 -35.41 90.55 0.14
N VAL FC 54 -36.31 91.37 -0.38
CA VAL FC 54 -36.23 91.77 -1.77
C VAL FC 54 -34.92 92.49 -2.00
N LYS FC 55 -34.20 92.07 -3.05
CA LYS FC 55 -32.89 92.64 -3.35
C LYS FC 55 -32.80 92.92 -4.85
N LEU FC 56 -31.99 93.91 -5.19
CA LEU FC 56 -31.66 94.23 -6.57
C LEU FC 56 -30.33 93.59 -6.91
N THR FC 57 -30.26 92.90 -8.04
CA THR FC 57 -29.09 92.13 -8.44
C THR FC 57 -28.43 92.80 -9.63
N ILE FC 58 -27.16 93.16 -9.49
CA ILE FC 58 -26.39 93.76 -10.58
C ILE FC 58 -25.21 92.83 -10.87
N GLN FC 59 -25.12 92.38 -12.12
CA GLN FC 59 -24.20 91.32 -12.49
C GLN FC 59 -22.77 91.83 -12.66
N ASN FC 60 -21.82 90.96 -12.34
CA ASN FC 60 -20.38 91.24 -12.41
C ASN FC 60 -19.64 90.06 -13.04
N ARG FC 61 -20.14 89.60 -14.20
CA ARG FC 61 -19.58 88.47 -14.94
C ARG FC 61 -19.77 87.18 -14.15
N GLN FC 62 -19.17 87.09 -12.96
CA GLN FC 62 -19.39 85.94 -12.07
C GLN FC 62 -20.12 86.30 -10.79
N ALA FC 63 -19.77 87.43 -10.16
CA ALA FC 63 -20.44 87.84 -8.94
C ALA FC 63 -21.61 88.77 -9.26
N GLN FC 64 -22.32 89.18 -8.21
CA GLN FC 64 -23.44 90.10 -8.32
C GLN FC 64 -23.47 90.97 -7.07
N ILE FC 65 -24.03 92.17 -7.20
CA ILE FC 65 -24.27 93.04 -6.05
C ILE FC 65 -25.70 92.84 -5.60
N GLU FC 66 -25.87 92.35 -4.37
CA GLU FC 66 -27.20 92.08 -3.82
C GLU FC 66 -27.65 93.28 -3.01
N VAL FC 67 -27.76 94.41 -3.70
CA VAL FC 67 -28.18 95.64 -3.03
C VAL FC 67 -29.64 95.52 -2.63
N VAL FC 68 -29.87 95.34 -1.34
CA VAL FC 68 -31.23 95.30 -0.81
C VAL FC 68 -31.75 96.74 -0.79
N PRO FC 69 -32.88 97.01 -1.45
CA PRO FC 69 -33.45 98.36 -1.38
C PRO FC 69 -33.80 98.70 0.07
N SER FC 70 -33.63 99.98 0.42
CA SER FC 70 -33.94 100.44 1.76
C SER FC 70 -35.46 100.55 1.93
N ALA FC 71 -36.11 99.39 1.79
CA ALA FC 71 -37.55 99.32 1.87
C ALA FC 71 -38.00 99.37 3.32
N SER FC 72 -39.02 100.19 3.59
CA SER FC 72 -39.50 100.34 4.97
C SER FC 72 -40.02 99.02 5.51
N ALA FC 73 -40.77 98.27 4.71
CA ALA FC 73 -41.34 97.02 5.19
C ALA FC 73 -40.25 96.03 5.57
N LEU FC 74 -39.18 95.96 4.77
CA LEU FC 74 -38.09 95.04 5.08
C LEU FC 74 -37.31 95.48 6.31
N ILE FC 75 -37.01 96.78 6.40
CA ILE FC 75 -36.14 97.24 7.49
C ILE FC 75 -36.86 97.18 8.84
N ILE FC 76 -38.14 97.54 8.89
CA ILE FC 76 -38.84 97.60 10.17
C ILE FC 76 -38.90 96.22 10.80
N LYS FC 77 -39.20 95.18 10.01
CA LYS FC 77 -39.11 93.82 10.52
C LYS FC 77 -37.66 93.45 10.82
N ALA FC 78 -36.72 93.97 10.03
CA ALA FC 78 -35.30 93.75 10.31
C ALA FC 78 -34.86 94.50 11.57
N LEU FC 79 -35.68 95.43 12.05
CA LEU FC 79 -35.37 96.15 13.28
C LEU FC 79 -36.08 95.54 14.48
N LYS FC 80 -37.36 95.23 14.34
CA LYS FC 80 -38.09 94.57 15.42
C LYS FC 80 -37.57 93.16 15.63
N GLU FC 81 -37.42 92.79 16.89
CA GLU FC 81 -36.99 91.44 17.25
C GLU FC 81 -38.06 90.75 18.09
N ILE FC 82 -42.38 97.72 21.01
CA ILE FC 82 -41.12 98.43 21.14
C ILE FC 82 -41.21 99.78 20.41
N THR FC 83 -40.54 100.79 20.96
CA THR FC 83 -40.67 102.14 20.43
C THR FC 83 -39.88 102.33 19.14
N PHE FC 84 -38.61 101.93 19.14
CA PHE FC 84 -37.63 102.14 18.08
C PHE FC 84 -37.86 103.46 17.34
N ASP FC 85 -38.04 104.55 18.08
CA ASP FC 85 -38.44 105.80 17.44
C ASP FC 85 -37.28 106.42 16.67
N GLU FC 86 -36.06 106.30 17.20
CA GLU FC 86 -34.91 106.93 16.57
C GLU FC 86 -34.49 106.21 15.28
N ILE FC 87 -34.59 104.87 15.25
CA ILE FC 87 -34.07 104.11 14.12
C ILE FC 87 -35.01 104.20 12.93
N VAL FC 88 -36.29 104.47 13.18
CA VAL FC 88 -37.25 104.56 12.08
C VAL FC 88 -37.12 105.89 11.36
N ASN FC 89 -36.63 106.93 12.03
CA ASN FC 89 -36.40 108.19 11.33
C ASN FC 89 -35.20 108.08 10.40
N ILE FC 90 -34.11 107.48 10.88
CA ILE FC 90 -32.92 107.44 10.06
C ILE FC 90 -33.07 106.40 8.97
N ALA FC 91 -33.95 105.43 9.19
CA ALA FC 91 -34.32 104.53 8.10
C ALA FC 91 -34.98 105.29 6.97
N ARG FC 92 -35.75 106.33 7.31
CA ARG FC 92 -36.28 107.24 6.29
C ARG FC 92 -35.15 107.96 5.58
N GLN FC 93 -34.12 108.37 6.33
CA GLN FC 93 -33.00 109.10 5.73
C GLN FC 93 -32.22 108.21 4.79
N MET FC 94 -32.07 106.93 5.14
CA MET FC 94 -31.29 106.01 4.33
C MET FC 94 -31.97 105.66 3.01
N ARG FC 95 -33.30 105.58 2.99
CA ARG FC 95 -34.02 105.21 1.79
C ARG FC 95 -33.98 106.34 0.77
N HIS FC 96 -34.60 106.11 -0.39
CA HIS FC 96 -34.59 107.10 -1.46
C HIS FC 96 -35.30 108.38 -1.07
N ARG FC 97 -36.10 108.34 0.00
CA ARG FC 97 -36.77 109.51 0.58
C ARG FC 97 -37.88 110.06 -0.31
N SER FC 98 -38.02 109.56 -1.54
CA SER FC 98 -38.92 110.22 -2.48
C SER FC 98 -40.38 109.97 -2.12
N LEU FC 99 -40.84 108.73 -2.25
CA LEU FC 99 -42.20 108.34 -1.86
C LEU FC 99 -43.26 109.27 -2.43
N ALA FC 100 -42.95 109.92 -3.56
CA ALA FC 100 -43.73 111.04 -4.07
C ALA FC 100 -43.89 112.11 -2.98
N ARG FC 101 -42.75 112.68 -2.61
CA ARG FC 101 -42.70 113.65 -1.53
C ARG FC 101 -43.34 114.97 -1.92
N GLU FC 102 -43.61 115.78 -0.90
CA GLU FC 102 -43.73 117.23 -1.01
C GLU FC 102 -42.68 117.93 -0.17
N LEU FC 103 -42.53 117.51 1.08
CA LEU FC 103 -41.50 118.00 1.99
C LEU FC 103 -40.95 116.79 2.74
N SER FC 104 -40.07 117.06 3.70
CA SER FC 104 -39.55 115.97 4.53
C SER FC 104 -40.62 115.42 5.46
N GLY FC 105 -41.49 116.29 5.97
CA GLY FC 105 -42.56 115.83 6.85
C GLY FC 105 -43.49 114.85 6.17
N THR FC 106 -43.58 114.90 4.84
CA THR FC 106 -44.43 113.96 4.12
C THR FC 106 -43.96 112.52 4.32
N ILE FC 107 -42.65 112.30 4.24
CA ILE FC 107 -42.10 110.96 4.42
C ILE FC 107 -42.26 110.51 5.86
N LYS FC 108 -42.24 111.45 6.81
CA LYS FC 108 -42.33 111.10 8.22
C LYS FC 108 -43.61 110.33 8.52
N GLU FC 109 -44.73 110.80 7.94
CA GLU FC 109 -45.98 110.08 8.10
C GLU FC 109 -45.96 108.76 7.33
N ILE FC 110 -45.37 108.75 6.13
CA ILE FC 110 -45.46 107.58 5.26
C ILE FC 110 -44.81 106.37 5.91
N LEU FC 111 -43.58 106.52 6.40
CA LEU FC 111 -42.89 105.43 7.07
C LEU FC 111 -43.20 105.36 8.55
N GLY FC 112 -43.91 106.35 9.09
CA GLY FC 112 -44.39 106.27 10.45
C GLY FC 112 -45.71 105.52 10.49
N THR FC 113 -46.28 105.29 9.31
CA THR FC 113 -47.58 104.66 9.19
C THR FC 113 -47.58 103.45 8.27
N ALA FC 114 -46.48 103.18 7.56
CA ALA FC 114 -46.39 101.96 6.76
C ALA FC 114 -46.42 100.72 7.63
N GLN FC 115 -46.08 100.85 8.92
CA GLN FC 115 -46.07 99.75 9.87
C GLN FC 115 -47.29 99.78 10.78
N SER FC 116 -48.45 100.14 10.23
CA SER FC 116 -49.68 100.07 11.00
C SER FC 116 -49.93 98.66 11.53
N VAL FC 117 -49.40 97.65 10.86
CA VAL FC 117 -49.53 96.28 11.31
C VAL FC 117 -48.51 95.93 12.39
N GLY FC 118 -47.31 96.51 12.32
CA GLY FC 118 -46.27 96.19 13.27
C GLY FC 118 -46.26 97.06 14.52
N CYS FC 119 -47.36 97.80 14.74
CA CYS FC 119 -47.49 98.69 15.89
C CYS FC 119 -46.46 99.81 15.82
N ASN FC 120 -46.30 100.57 16.90
CA ASN FC 120 -45.44 101.75 16.87
C ASN FC 120 -44.89 102.01 18.27
N VAL FC 121 -44.47 103.25 18.51
CA VAL FC 121 -43.85 103.66 19.77
C VAL FC 121 -44.64 103.14 20.96
N ASP FC 122 -43.95 102.47 21.88
CA ASP FC 122 -44.48 101.92 23.13
C ASP FC 122 -45.93 101.46 22.99
N GLY FC 123 -46.80 101.92 23.89
CA GLY FC 123 -48.19 101.57 23.84
C GLY FC 123 -49.06 102.56 23.09
N ARG FC 124 -48.64 102.96 21.89
CA ARG FC 124 -49.52 103.76 21.04
C ARG FC 124 -49.39 103.28 19.59
N HIS FC 125 -50.55 103.05 18.98
CA HIS FC 125 -50.65 102.58 17.61
C HIS FC 125 -50.20 103.66 16.62
N PRO FC 126 -49.67 103.25 15.45
CA PRO FC 126 -49.05 104.21 14.52
C PRO FC 126 -49.99 105.08 13.71
N HIS FC 127 -50.93 105.75 14.34
CA HIS FC 127 -51.62 106.81 13.62
C HIS FC 127 -51.73 108.10 14.43
N ASP FC 128 -51.71 108.00 15.76
CA ASP FC 128 -51.78 109.21 16.58
C ASP FC 128 -50.55 110.09 16.37
N ILE FC 129 -49.37 109.47 16.30
CA ILE FC 129 -48.15 110.24 16.04
C ILE FC 129 -48.26 110.96 14.71
N ILE FC 130 -48.92 110.32 13.73
CA ILE FC 130 -49.09 110.93 12.43
C ILE FC 130 -49.94 112.19 12.53
N ASP FC 131 -50.92 112.20 13.45
CA ASP FC 131 -51.71 113.40 13.67
C ASP FC 131 -50.84 114.53 14.22
N ASP FC 132 -50.11 114.26 15.30
CA ASP FC 132 -49.21 115.25 15.89
C ASP FC 132 -47.76 114.99 15.48
N ILE FC 133 -47.46 115.28 14.23
CA ILE FC 133 -46.08 115.21 13.76
C ILE FC 133 -45.40 116.50 14.20
N ASN FC 134 -44.81 116.48 15.38
CA ASN FC 134 -44.20 117.66 15.98
C ASN FC 134 -42.77 117.44 16.46
N SER FC 135 -42.43 116.21 16.86
CA SER FC 135 -41.09 115.91 17.35
C SER FC 135 -40.17 115.68 16.16
N GLY FC 136 -39.36 116.68 15.84
CA GLY FC 136 -38.43 116.55 14.73
C GLY FC 136 -39.05 116.43 13.36
N ALA FC 137 -40.05 117.26 13.06
CA ALA FC 137 -40.65 117.26 11.72
C ALA FC 137 -39.65 117.69 10.66
N VAL FC 138 -38.62 118.44 11.02
CA VAL FC 138 -37.56 118.87 10.12
C VAL FC 138 -36.21 118.29 10.56
N GLU FC 139 -36.22 117.26 11.40
CA GLU FC 139 -34.98 116.69 11.91
C GLU FC 139 -34.16 116.02 10.81
N CYS FC 140 -34.81 115.57 9.74
CA CYS FC 140 -34.10 114.87 8.67
C CYS FC 140 -33.33 115.83 7.77
N PRO FC 141 -33.95 116.90 7.24
CA PRO FC 141 -33.11 117.76 6.40
C PRO FC 141 -32.24 118.71 7.22
N MET HC 1 155.05 -93.39 -23.25
CA MET HC 1 154.46 -93.97 -24.45
C MET HC 1 153.23 -94.78 -24.09
N LYS HC 2 152.13 -94.53 -24.79
CA LYS HC 2 150.84 -95.12 -24.45
C LYS HC 2 149.99 -95.26 -25.70
N VAL HC 3 148.97 -96.12 -25.60
CA VAL HC 3 148.07 -96.42 -26.72
C VAL HC 3 146.66 -96.07 -26.29
N GLU HC 4 145.95 -95.32 -27.14
CA GLU HC 4 144.59 -94.92 -26.87
C GLU HC 4 143.60 -95.70 -27.73
N LEU HC 5 142.61 -96.32 -27.08
CA LEU HC 5 141.62 -97.17 -27.72
C LEU HC 5 140.31 -96.41 -27.89
N CYS HC 6 139.63 -96.68 -29.01
CA CYS HC 6 138.34 -96.06 -29.29
C CYS HC 6 137.21 -96.92 -28.74
N SER HC 7 136.16 -96.28 -28.22
CA SER HC 7 135.04 -97.02 -27.65
C SER HC 7 133.98 -97.35 -28.69
N PHE HC 8 133.82 -96.51 -29.71
CA PHE HC 8 132.91 -96.79 -30.81
C PHE HC 8 133.50 -97.77 -31.82
N SER HC 9 134.55 -97.35 -32.52
CA SER HC 9 135.10 -98.17 -33.59
C SER HC 9 135.93 -99.32 -33.04
N GLY HC 10 136.51 -99.15 -31.86
CA GLY HC 10 137.53 -100.07 -31.43
C GLY HC 10 138.86 -99.86 -32.10
N TYR HC 11 138.99 -98.82 -32.92
CA TYR HC 11 140.27 -98.46 -33.49
C TYR HC 11 141.29 -98.21 -32.38
N LYS HC 12 142.55 -98.38 -32.71
CA LYS HC 12 143.62 -97.88 -31.85
C LYS HC 12 144.11 -96.54 -32.39
N ILE HC 13 144.42 -95.63 -31.49
CA ILE HC 13 144.73 -94.25 -31.85
C ILE HC 13 146.04 -93.85 -31.21
N TYR HC 14 147.00 -93.44 -32.03
CA TYR HC 14 148.24 -92.88 -31.50
C TYR HC 14 147.95 -91.60 -30.74
N PRO HC 15 148.45 -91.44 -29.52
CA PRO HC 15 148.19 -90.21 -28.77
C PRO HC 15 148.82 -88.97 -29.39
N GLY HC 16 149.78 -89.13 -30.29
CA GLY HC 16 150.44 -87.96 -30.87
C GLY HC 16 149.47 -87.01 -31.53
N HIS HC 17 148.50 -87.54 -32.27
CA HIS HC 17 147.43 -86.74 -32.84
C HIS HC 17 146.14 -87.55 -32.93
N GLY HC 18 145.02 -86.85 -33.00
CA GLY HC 18 143.71 -87.43 -32.79
C GLY HC 18 142.99 -86.55 -31.78
N ARG HC 19 141.89 -87.04 -31.21
CA ARG HC 19 141.17 -86.27 -30.21
C ARG HC 19 140.98 -87.12 -28.96
N ARG HC 20 140.58 -86.45 -27.88
CA ARG HC 20 140.28 -87.12 -26.62
C ARG HC 20 138.80 -86.94 -26.29
N TYR HC 21 138.41 -87.50 -25.15
CA TYR HC 21 137.05 -87.41 -24.62
C TYR HC 21 137.07 -87.93 -23.19
N ALA HC 22 136.40 -87.20 -22.29
CA ALA HC 22 136.38 -87.59 -20.89
C ALA HC 22 135.22 -86.92 -20.16
N ARG HC 23 134.33 -87.72 -19.58
CA ARG HC 23 133.20 -87.17 -18.84
C ARG HC 23 133.62 -86.82 -17.42
N THR HC 24 133.06 -85.73 -16.89
CA THR HC 24 133.50 -85.22 -15.60
C THR HC 24 133.21 -86.16 -14.44
N ASP HC 25 132.33 -87.15 -14.62
CA ASP HC 25 132.12 -88.14 -13.57
C ASP HC 25 133.32 -89.04 -13.40
N GLY HC 26 134.20 -89.11 -14.40
CA GLY HC 26 135.36 -89.97 -14.34
C GLY HC 26 135.55 -90.81 -15.58
N LYS HC 27 134.45 -91.10 -16.27
CA LYS HC 27 134.52 -91.91 -17.49
C LYS HC 27 135.30 -91.14 -18.56
N VAL HC 28 136.27 -91.80 -19.17
CA VAL HC 28 137.16 -91.20 -20.15
C VAL HC 28 137.10 -92.01 -21.43
N PHE HC 29 136.97 -91.33 -22.57
CA PHE HC 29 136.90 -91.97 -23.87
C PHE HC 29 138.09 -91.55 -24.72
N GLN HC 30 138.08 -92.04 -25.96
CA GLN HC 30 139.03 -91.63 -26.99
C GLN HC 30 138.49 -92.14 -28.31
N PHE HC 31 138.77 -91.41 -29.37
CA PHE HC 31 138.33 -91.83 -30.70
C PHE HC 31 139.46 -91.62 -31.70
N LEU HC 32 139.17 -91.84 -32.98
CA LEU HC 32 140.14 -91.48 -34.00
C LEU HC 32 140.25 -89.97 -34.16
N ASN HC 33 139.13 -89.28 -34.39
CA ASN HC 33 139.11 -87.84 -34.59
C ASN HC 33 137.67 -87.37 -34.36
N ALA HC 34 137.35 -86.17 -34.84
CA ALA HC 34 136.04 -85.56 -34.62
C ALA HC 34 134.87 -86.40 -35.11
N LYS HC 35 135.11 -87.35 -36.02
CA LYS HC 35 134.05 -88.20 -36.52
C LYS HC 35 133.33 -88.92 -35.39
N CYS HC 36 134.05 -89.76 -34.64
CA CYS HC 36 133.42 -90.42 -33.49
C CYS HC 36 133.17 -89.43 -32.35
N GLU HC 37 133.95 -88.36 -32.28
CA GLU HC 37 133.66 -87.28 -31.34
C GLU HC 37 132.29 -86.66 -31.64
N SER HC 38 131.83 -86.80 -32.89
CA SER HC 38 130.42 -86.53 -33.15
C SER HC 38 129.53 -87.65 -32.62
N ALA HC 39 129.96 -88.90 -32.76
CA ALA HC 39 129.07 -90.04 -32.58
C ALA HC 39 128.58 -90.16 -31.14
N PHE HC 40 129.50 -90.16 -30.18
CA PHE HC 40 129.08 -90.13 -28.78
C PHE HC 40 128.41 -88.81 -28.44
N LEU HC 41 129.01 -87.69 -28.86
CA LEU HC 41 128.42 -86.39 -28.60
C LEU HC 41 127.09 -86.21 -29.33
N SER HC 42 126.78 -87.07 -30.29
CA SER HC 42 125.43 -87.21 -30.82
C SER HC 42 124.86 -88.58 -30.47
N LYS HC 43 125.40 -89.20 -29.42
CA LYS HC 43 124.95 -90.49 -28.86
C LYS HC 43 124.56 -91.50 -29.95
N ARG HC 44 125.52 -91.86 -30.79
CA ARG HC 44 125.30 -92.82 -31.86
C ARG HC 44 125.41 -94.24 -31.29
N ASN HC 45 125.44 -95.24 -32.18
CA ASN HC 45 125.67 -96.63 -31.76
C ASN HC 45 126.65 -97.30 -32.73
N PRO HC 46 127.83 -97.70 -32.25
CA PRO HC 46 128.84 -98.26 -33.17
C PRO HC 46 128.45 -99.48 -33.89
N ARG HC 47 127.68 -100.31 -33.22
CA ARG HC 47 127.43 -101.66 -33.69
C ARG HC 47 126.37 -101.70 -34.79
N GLN HC 48 126.01 -100.54 -35.34
CA GLN HC 48 125.03 -100.47 -36.41
C GLN HC 48 125.63 -100.29 -37.79
N ILE HC 49 126.81 -99.68 -37.90
CA ILE HC 49 127.41 -99.37 -39.19
C ILE HC 49 128.78 -100.05 -39.27
N ASN HC 50 129.43 -99.87 -40.42
CA ASN HC 50 130.51 -100.73 -40.88
C ASN HC 50 131.87 -100.01 -40.80
N TRP HC 51 132.21 -99.34 -39.64
CA TRP HC 51 133.57 -98.84 -39.41
C TRP HC 51 134.06 -99.09 -37.93
N THR HC 52 133.51 -99.97 -37.16
CA THR HC 52 133.68 -100.20 -35.71
C THR HC 52 134.18 -101.64 -35.39
N VAL HC 53 135.49 -101.82 -35.35
CA VAL HC 53 136.07 -103.15 -35.30
C VAL HC 53 135.55 -104.01 -34.15
N LEU HC 54 134.66 -103.46 -33.31
CA LEU HC 54 133.80 -104.32 -32.51
C LEU HC 54 132.97 -105.24 -33.38
N TYR HC 55 132.36 -104.70 -34.44
CA TYR HC 55 131.62 -105.56 -35.36
C TYR HC 55 132.56 -106.44 -36.17
N ARG HC 56 133.82 -106.01 -36.34
CA ARG HC 56 134.82 -106.91 -36.90
C ARG HC 56 134.97 -108.13 -36.02
N ARG HC 57 134.83 -107.96 -34.71
CA ARG HC 57 134.82 -109.09 -33.79
C ARG HC 57 133.41 -109.62 -33.55
N LYS HC 58 132.39 -108.97 -34.09
CA LYS HC 58 131.02 -109.48 -34.02
C LYS HC 58 130.69 -110.41 -35.17
N HIS HC 59 130.93 -109.98 -36.41
CA HIS HC 59 130.64 -110.79 -37.59
C HIS HC 59 131.92 -111.31 -38.25
N LYS HC 60 132.95 -111.61 -37.44
CA LYS HC 60 134.14 -112.38 -37.83
C LYS HC 60 134.72 -111.89 -39.16
N LYS HC 61 135.21 -110.65 -39.13
CA LYS HC 61 135.94 -110.11 -40.28
C LYS HC 61 137.21 -110.93 -40.52
N GLY HC 62 138.12 -110.93 -39.55
CA GLY HC 62 139.33 -111.71 -39.67
C GLY HC 62 139.07 -113.20 -39.48
N GLN HC 63 140.07 -113.99 -39.82
CA GLN HC 63 139.99 -115.44 -39.69
C GLN HC 63 141.01 -115.98 -38.69
N LYS HC 70 140.96 -124.01 -27.15
CA LYS HC 70 141.52 -124.75 -28.28
C LYS HC 70 142.79 -125.47 -27.87
N ARG HC 71 143.81 -124.70 -27.48
CA ARG HC 71 145.09 -125.26 -27.06
C ARG HC 71 144.99 -125.75 -25.62
N THR HC 72 144.11 -126.74 -25.44
CA THR HC 72 143.83 -127.31 -24.12
C THR HC 72 145.00 -128.17 -23.70
N ARG HC 73 145.66 -127.79 -22.61
CA ARG HC 73 146.83 -128.49 -22.10
C ARG HC 73 146.50 -129.21 -20.81
N ARG HC 74 147.21 -130.31 -20.59
CA ARG HC 74 147.01 -131.15 -19.42
C ARG HC 74 148.34 -131.46 -18.78
N ALA HC 75 148.31 -131.73 -17.47
CA ALA HC 75 149.51 -132.09 -16.73
C ALA HC 75 149.08 -132.89 -15.50
N VAL HC 76 149.22 -134.22 -15.58
CA VAL HC 76 148.93 -135.11 -14.45
C VAL HC 76 150.22 -135.82 -14.07
N LYS HC 77 150.61 -135.71 -12.80
CA LYS HC 77 151.90 -136.19 -12.36
C LYS HC 77 151.86 -136.51 -10.88
N PHE HC 78 152.84 -137.31 -10.45
CA PHE HC 78 153.06 -137.57 -9.03
C PHE HC 78 154.54 -137.90 -8.85
N GLN HC 79 155.25 -137.08 -8.08
CA GLN HC 79 156.66 -137.35 -7.80
C GLN HC 79 157.10 -136.97 -6.41
N ARG HC 80 156.19 -136.59 -5.51
CA ARG HC 80 156.56 -136.04 -4.22
C ARG HC 80 156.40 -137.10 -3.12
N ALA HC 81 157.01 -136.82 -1.98
CA ALA HC 81 157.00 -137.70 -0.83
C ALA HC 81 155.96 -137.23 0.20
N ILE HC 82 155.89 -137.98 1.30
CA ILE HC 82 154.98 -137.69 2.40
C ILE HC 82 155.80 -137.61 3.68
N THR HC 83 155.51 -136.61 4.51
CA THR HC 83 156.18 -136.50 5.80
C THR HC 83 155.94 -137.77 6.61
N GLY HC 84 157.01 -138.33 7.16
CA GLY HC 84 156.96 -139.65 7.74
C GLY HC 84 157.28 -140.77 6.77
N ALA HC 85 157.67 -140.45 5.54
CA ALA HC 85 158.05 -141.45 4.55
C ALA HC 85 159.00 -140.78 3.56
N SER HC 86 159.24 -141.46 2.43
CA SER HC 86 160.03 -140.91 1.35
C SER HC 86 159.60 -141.58 0.05
N LEU HC 87 160.14 -141.09 -1.06
CA LEU HC 87 159.80 -141.66 -2.37
C LEU HC 87 160.21 -143.12 -2.44
N ALA HC 88 161.42 -143.44 -1.99
CA ALA HC 88 161.87 -144.82 -2.05
C ALA HC 88 161.04 -145.72 -1.14
N ASP HC 89 160.44 -145.15 -0.09
CA ASP HC 89 159.65 -145.94 0.85
C ASP HC 89 158.42 -146.54 0.17
N ILE HC 90 157.73 -145.73 -0.65
CA ILE HC 90 156.42 -146.17 -1.14
C ILE HC 90 156.48 -146.81 -2.52
N MET HC 91 157.62 -146.71 -3.24
CA MET HC 91 157.86 -147.70 -4.28
C MET HC 91 158.00 -149.08 -3.67
N ALA HC 92 158.71 -149.19 -2.55
CA ALA HC 92 158.87 -150.46 -1.85
C ALA HC 92 157.58 -150.95 -1.20
N LYS HC 93 156.53 -150.13 -1.17
CA LYS HC 93 155.24 -150.53 -0.65
C LYS HC 93 154.18 -150.66 -1.73
N ARG HC 94 154.54 -150.45 -2.99
CA ARG HC 94 153.58 -150.47 -4.10
C ARG HC 94 153.75 -151.66 -5.03
N ASN HC 95 154.99 -151.99 -5.39
CA ASN HC 95 155.28 -153.00 -6.41
C ASN HC 95 155.45 -154.39 -5.82
N GLN HC 96 154.73 -154.69 -4.74
CA GLN HC 96 154.84 -155.96 -4.04
C GLN HC 96 153.75 -156.92 -4.48
N LYS HC 97 153.32 -156.80 -5.73
CA LYS HC 97 152.41 -157.77 -6.32
C LYS HC 97 152.95 -159.20 -6.31
N PRO HC 98 154.23 -159.46 -6.66
CA PRO HC 98 154.66 -160.87 -6.79
C PRO HC 98 154.65 -161.63 -5.47
N GLU HC 99 153.46 -162.02 -5.04
CA GLU HC 99 153.27 -162.92 -3.89
C GLU HC 99 153.89 -162.35 -2.61
N VAL HC 100 153.73 -161.04 -2.42
CA VAL HC 100 154.07 -160.39 -1.17
C VAL HC 100 152.81 -159.94 -0.44
N ARG HC 101 151.80 -159.46 -1.18
CA ARG HC 101 150.52 -159.13 -0.55
C ARG HC 101 149.79 -160.38 -0.09
N LYS HC 102 149.81 -161.45 -0.89
CA LYS HC 102 149.20 -162.70 -0.47
C LYS HC 102 149.92 -163.27 0.74
N ALA HC 103 151.24 -163.09 0.80
CA ALA HC 103 152.01 -163.48 1.97
C ALA HC 103 151.56 -162.70 3.20
N GLN HC 104 151.21 -161.42 3.03
CA GLN HC 104 150.78 -160.61 4.15
C GLN HC 104 149.28 -160.72 4.40
N ARG HC 105 148.49 -161.01 3.35
CA ARG HC 105 147.04 -161.12 3.53
C ARG HC 105 146.67 -162.36 4.33
N GLU HC 106 147.41 -163.45 4.14
CA GLU HC 106 146.94 -164.75 4.61
C GLU HC 106 146.98 -164.88 6.13
N GLN HC 107 148.07 -164.43 6.77
CA GLN HC 107 148.14 -164.60 8.22
C GLN HC 107 147.21 -163.63 8.93
N ALA HC 108 146.84 -162.53 8.25
CA ALA HC 108 145.96 -161.55 8.86
C ALA HC 108 144.59 -162.13 9.20
N ILE HC 109 143.99 -162.88 8.27
CA ILE HC 109 142.73 -163.53 8.57
C ILE HC 109 142.93 -164.67 9.55
N ARG HC 110 144.02 -165.42 9.40
CA ARG HC 110 144.32 -166.50 10.34
C ARG HC 110 144.56 -165.95 11.75
N ALA HC 111 145.37 -164.91 11.87
CA ALA HC 111 145.57 -164.30 13.18
C ALA HC 111 144.27 -163.77 13.73
N ALA HC 112 143.45 -163.14 12.88
CA ALA HC 112 142.10 -162.80 13.29
C ALA HC 112 141.28 -164.04 13.63
N LYS HC 113 141.48 -165.13 12.87
CA LYS HC 113 140.81 -166.38 13.20
C LYS HC 113 141.29 -166.93 14.53
N GLU HC 114 142.60 -166.86 14.80
CA GLU HC 114 143.08 -167.21 16.13
C GLU HC 114 142.70 -166.16 17.16
N ALA HC 115 142.57 -164.89 16.75
CA ALA HC 115 142.10 -163.87 17.66
C ALA HC 115 140.68 -164.14 18.13
N LYS HC 116 139.81 -164.55 17.20
CA LYS HC 116 138.46 -164.91 17.59
C LYS HC 116 138.42 -166.27 18.28
N LYS HC 117 139.34 -167.17 17.93
CA LYS HC 117 139.44 -168.45 18.63
C LYS HC 117 139.87 -168.24 20.07
N ALA HC 118 140.81 -167.32 20.31
CA ALA HC 118 141.23 -167.01 21.67
C ALA HC 118 140.08 -166.43 22.47
N LYS HC 119 139.27 -165.57 21.84
CA LYS HC 119 138.06 -165.09 22.49
C LYS HC 119 137.10 -166.23 22.78
N GLN HC 120 136.90 -167.13 21.81
CA GLN HC 120 135.96 -168.22 21.99
C GLN HC 120 136.40 -169.14 23.12
N ALA HC 121 137.70 -169.35 23.28
CA ALA HC 121 138.19 -170.14 24.40
C ALA HC 121 137.85 -169.48 25.73
N SER HC 122 138.02 -168.16 25.81
CA SER HC 122 137.76 -167.46 27.07
C SER HC 122 136.26 -167.39 27.38
N LYS HC 123 135.46 -167.01 26.40
CA LYS HC 123 134.01 -166.84 26.65
C LYS HC 123 133.37 -168.18 26.96
N LYS HC 124 133.76 -169.23 26.24
CA LYS HC 124 133.22 -170.57 26.49
C LYS HC 124 134.31 -171.62 26.39
N ALA IC 1 106.53 -107.96 12.74
CA ALA IC 1 107.65 -108.87 12.86
C ALA IC 1 108.05 -109.43 11.50
N ARG IC 2 109.33 -109.73 11.34
CA ARG IC 2 109.84 -110.28 10.09
C ARG IC 2 109.69 -111.79 9.99
N GLY IC 3 109.15 -112.43 11.02
CA GLY IC 3 108.94 -113.86 11.00
C GLY IC 3 108.21 -114.34 12.24
N PRO IC 4 108.11 -115.65 12.42
CA PRO IC 4 107.45 -116.18 13.61
C PRO IC 4 108.20 -115.76 14.88
N LYS IC 5 107.42 -115.37 15.90
CA LYS IC 5 107.99 -114.94 17.16
C LYS IC 5 108.46 -116.14 17.97
N LYS IC 6 109.49 -115.91 18.79
CA LYS IC 6 110.06 -116.97 19.60
C LYS IC 6 110.19 -116.58 21.07
N HIS IC 7 109.55 -115.49 21.49
CA HIS IC 7 109.53 -115.07 22.88
C HIS IC 7 108.10 -115.08 23.39
N LEU IC 8 107.96 -114.81 24.68
CA LEU IC 8 106.65 -114.72 25.32
C LEU IC 8 106.81 -113.96 26.63
N LYS IC 9 105.91 -113.01 26.87
CA LYS IC 9 106.00 -112.19 28.07
C LYS IC 9 105.11 -112.76 29.17
N ARG IC 10 105.54 -112.55 30.42
CA ARG IC 10 104.87 -113.17 31.56
C ARG IC 10 103.40 -112.76 31.63
N VAL IC 11 103.11 -111.48 31.40
CA VAL IC 11 101.73 -111.01 31.40
C VAL IC 11 100.89 -111.64 30.31
N ALA IC 12 101.48 -111.89 29.14
CA ALA IC 12 100.74 -112.42 28.00
C ALA IC 12 100.53 -113.93 28.07
N ALA IC 13 101.06 -114.59 29.09
CA ALA IC 13 100.91 -116.03 29.20
C ALA IC 13 99.45 -116.40 29.50
N PRO IC 14 99.05 -117.63 29.20
CA PRO IC 14 97.67 -118.05 29.48
C PRO IC 14 97.33 -117.97 30.96
N LYS IC 15 96.05 -117.72 31.24
CA LYS IC 15 95.60 -117.47 32.60
C LYS IC 15 95.82 -118.68 33.50
N HIS IC 16 95.49 -119.87 33.03
CA HIS IC 16 95.57 -121.06 33.88
C HIS IC 16 97.01 -121.48 34.17
N TRP IC 17 97.99 -120.88 33.49
CA TRP IC 17 99.39 -121.18 33.81
C TRP IC 17 99.79 -120.71 35.20
N MET IC 18 99.01 -119.80 35.80
CA MET IC 18 99.20 -119.39 37.18
C MET IC 18 100.53 -118.68 37.40
N LEU IC 19 101.01 -117.98 36.38
CA LEU IC 19 102.25 -117.24 36.52
C LEU IC 19 102.06 -116.06 37.46
N ASP IC 20 103.15 -115.66 38.12
CA ASP IC 20 103.14 -114.49 38.99
C ASP IC 20 103.45 -113.24 38.16
N LYS IC 21 103.75 -112.13 38.84
CA LYS IC 21 104.11 -110.90 38.15
C LYS IC 21 105.45 -110.34 38.61
N LEU IC 22 106.20 -111.03 39.48
CA LEU IC 22 107.45 -110.50 39.99
C LEU IC 22 108.66 -111.37 39.71
N THR IC 23 108.48 -112.63 39.31
CA THR IC 23 109.62 -113.50 39.09
C THR IC 23 110.50 -112.98 37.95
N GLY IC 24 109.90 -112.57 36.84
CA GLY IC 24 110.67 -112.11 35.71
C GLY IC 24 109.77 -111.53 34.65
N VAL IC 25 110.41 -110.92 33.65
CA VAL IC 25 109.67 -110.28 32.57
C VAL IC 25 109.00 -111.31 31.68
N PHE IC 26 109.72 -112.38 31.35
CA PHE IC 26 109.33 -113.24 30.24
C PHE IC 26 108.44 -114.40 30.68
N ALA IC 27 108.10 -115.24 29.72
CA ALA IC 27 107.23 -116.39 29.86
C ALA IC 27 107.86 -117.58 29.16
N PRO IC 28 107.39 -118.80 29.45
CA PRO IC 28 108.05 -119.98 28.87
C PRO IC 28 108.16 -119.99 27.35
N ARG IC 29 107.17 -119.45 26.63
CA ARG IC 29 107.12 -119.56 25.17
C ARG IC 29 107.25 -121.02 24.77
N PRO IC 30 106.21 -121.81 24.96
CA PRO IC 30 106.30 -123.25 24.67
C PRO IC 30 106.64 -123.50 23.20
N SER IC 31 107.47 -124.51 22.98
CA SER IC 31 107.77 -124.93 21.62
C SER IC 31 106.55 -125.62 21.01
N THR IC 32 106.60 -125.80 19.70
CA THR IC 32 105.48 -126.39 18.99
C THR IC 32 105.33 -127.86 19.32
N GLY IC 33 104.15 -128.40 19.08
CA GLY IC 33 103.85 -129.77 19.42
C GLY IC 33 102.41 -130.16 19.16
N PRO IC 34 101.94 -131.21 19.82
CA PRO IC 34 100.57 -131.71 19.56
C PRO IC 34 99.47 -130.77 20.01
N HIS IC 35 99.71 -129.92 21.00
CA HIS IC 35 98.67 -129.11 21.61
C HIS IC 35 98.96 -127.62 21.42
N LYS IC 36 97.89 -126.88 21.11
CA LYS IC 36 98.01 -125.45 20.89
C LYS IC 36 98.51 -124.73 22.14
N LEU IC 37 99.33 -123.71 21.93
CA LEU IC 37 100.05 -123.08 23.04
C LEU IC 37 99.13 -122.41 24.03
N ARG IC 38 97.93 -122.00 23.61
CA ARG IC 38 97.04 -121.34 24.54
C ARG IC 38 96.36 -122.32 25.50
N GLU IC 39 96.06 -123.53 25.04
CA GLU IC 39 95.42 -124.54 25.88
C GLU IC 39 96.41 -125.57 26.41
N CYS IC 40 97.71 -125.32 26.30
CA CYS IC 40 98.73 -126.30 26.61
C CYS IC 40 99.33 -126.06 27.99
N LEU IC 41 100.30 -126.89 28.34
CA LEU IC 41 101.04 -126.76 29.59
C LEU IC 41 102.47 -127.23 29.36
N PRO IC 42 103.43 -126.32 29.26
CA PRO IC 42 104.83 -126.74 29.18
C PRO IC 42 105.29 -127.38 30.48
N LEU IC 43 106.22 -128.31 30.36
CA LEU IC 43 106.72 -129.01 31.54
C LEU IC 43 107.47 -128.07 32.47
N ILE IC 44 107.86 -126.89 31.99
CA ILE IC 44 108.64 -125.96 32.79
C ILE IC 44 107.82 -125.48 33.99
N ILE IC 45 106.55 -125.15 33.77
CA ILE IC 45 105.76 -124.58 34.86
C ILE IC 45 105.10 -125.68 35.69
N PHE IC 46 104.89 -126.86 35.10
CA PHE IC 46 104.23 -127.94 35.82
C PHE IC 46 105.06 -128.42 37.01
N LEU IC 47 106.27 -128.89 36.73
CA LEU IC 47 107.10 -129.46 37.78
C LEU IC 47 107.75 -128.38 38.64
N ARG IC 48 107.63 -127.11 38.24
CA ARG IC 48 108.23 -126.03 39.01
C ARG IC 48 107.22 -125.32 39.91
N ASN IC 49 106.08 -124.92 39.37
CA ASN IC 49 105.04 -124.25 40.15
C ASN IC 49 103.97 -125.20 40.69
N ARG IC 50 103.46 -126.11 39.85
CA ARG IC 50 102.36 -126.96 40.27
C ARG IC 50 102.82 -128.08 41.20
N LEU IC 51 104.05 -128.54 41.07
CA LEU IC 51 104.56 -129.62 41.91
C LEU IC 51 105.75 -129.23 42.76
N LYS IC 52 106.41 -128.12 42.45
CA LYS IC 52 107.52 -127.62 43.26
C LYS IC 52 108.65 -128.64 43.37
N TYR IC 53 108.83 -129.44 42.33
CA TYR IC 53 109.96 -130.37 42.32
C TYR IC 53 111.27 -129.63 42.19
N ALA IC 54 111.30 -128.56 41.42
CA ALA IC 54 112.48 -127.74 41.23
C ALA IC 54 112.15 -126.29 41.53
N LEU IC 55 113.19 -125.52 41.82
CA LEU IC 55 113.04 -124.13 42.24
C LEU IC 55 113.11 -123.14 41.09
N THR IC 56 114.07 -123.31 40.17
CA THR IC 56 114.23 -122.41 39.03
C THR IC 56 114.14 -123.19 37.73
N GLY IC 57 114.08 -122.44 36.63
CA GLY IC 57 114.05 -123.07 35.32
C GLY IC 57 115.29 -123.87 35.00
N ASP IC 58 116.45 -123.40 35.49
CA ASP IC 58 117.69 -124.15 35.29
C ASP IC 58 117.63 -125.52 35.95
N GLU IC 59 117.07 -125.59 37.16
CA GLU IC 59 116.94 -126.88 37.83
C GLU IC 59 115.95 -127.77 37.12
N VAL IC 60 114.92 -127.17 36.51
CA VAL IC 60 114.03 -127.94 35.65
C VAL IC 60 114.77 -128.42 34.41
N LYS IC 61 115.73 -127.64 33.92
CA LYS IC 61 116.49 -128.03 32.74
C LYS IC 61 117.30 -129.31 33.00
N LYS IC 62 117.90 -129.41 34.19
CA LYS IC 62 118.82 -130.50 34.48
C LYS IC 62 118.12 -131.76 34.99
N ILE IC 63 116.79 -131.79 35.00
CA ILE IC 63 116.06 -132.98 35.43
C ILE IC 63 115.36 -133.59 34.22
N CYS IC 64 115.06 -132.74 33.23
CA CYS IC 64 114.31 -133.19 32.06
C CYS IC 64 115.11 -134.18 31.22
N MET IC 65 116.36 -133.83 30.90
CA MET IC 65 117.21 -134.72 30.13
C MET IC 65 117.76 -135.88 30.95
N GLN IC 66 117.51 -135.92 32.25
CA GLN IC 66 117.88 -137.09 33.04
C GLN IC 66 117.02 -138.29 32.68
N ARG IC 67 115.96 -138.08 31.89
CA ARG IC 67 115.29 -139.12 31.12
C ARG IC 67 114.45 -140.06 31.98
N PHE IC 68 113.74 -139.52 32.96
CA PHE IC 68 112.54 -140.17 33.50
C PHE IC 68 111.42 -139.13 33.58
N ILE IC 69 110.85 -138.83 32.42
CA ILE IC 69 109.59 -138.12 32.28
C ILE IC 69 108.89 -138.74 31.08
N LYS IC 70 107.92 -139.61 31.34
CA LYS IC 70 107.30 -140.41 30.28
C LYS IC 70 105.89 -139.89 30.05
N ILE IC 71 105.77 -138.94 29.13
CA ILE IC 71 104.49 -138.40 28.71
C ILE IC 71 104.06 -139.13 27.45
N ASP IC 72 102.81 -139.59 27.43
CA ASP IC 72 102.29 -140.43 26.35
C ASP IC 72 103.18 -141.64 26.11
N GLY IC 73 103.86 -142.11 27.16
CA GLY IC 73 104.76 -143.24 27.02
C GLY IC 73 106.06 -142.94 26.31
N LYS IC 74 106.44 -141.67 26.20
CA LYS IC 74 107.69 -141.28 25.56
C LYS IC 74 108.51 -140.40 26.49
N VAL IC 75 109.82 -140.58 26.46
CA VAL IC 75 110.72 -139.70 27.20
C VAL IC 75 111.00 -138.46 26.36
N ARG IC 76 110.82 -137.28 26.95
CA ARG IC 76 110.90 -136.02 26.23
C ARG IC 76 112.06 -135.20 26.77
N THR IC 77 112.88 -134.67 25.85
CA THR IC 77 114.03 -133.84 26.20
C THR IC 77 113.72 -132.35 26.18
N ASP IC 78 112.58 -131.94 25.62
CA ASP IC 78 112.21 -130.53 25.57
C ASP IC 78 111.59 -130.13 26.90
N ILE IC 79 112.26 -129.23 27.62
CA ILE IC 79 111.75 -128.78 28.92
C ILE IC 79 110.42 -128.06 28.75
N THR IC 80 110.25 -127.32 27.67
CA THR IC 80 109.08 -126.51 27.44
C THR IC 80 108.02 -127.22 26.60
N TYR IC 81 108.02 -128.55 26.61
CA TYR IC 81 107.12 -129.31 25.75
C TYR IC 81 105.67 -129.07 26.16
N PRO IC 82 104.79 -128.75 25.22
CA PRO IC 82 103.38 -128.55 25.55
C PRO IC 82 102.70 -129.89 25.84
N ALA IC 83 102.42 -130.13 27.12
CA ALA IC 83 101.74 -131.38 27.48
C ALA IC 83 100.34 -131.42 26.94
N GLY IC 84 99.56 -130.37 27.16
CA GLY IC 84 98.23 -130.27 26.63
C GLY IC 84 97.24 -131.16 27.34
N PHE IC 85 96.01 -131.15 26.84
CA PHE IC 85 94.90 -131.78 27.52
C PHE IC 85 94.84 -133.27 27.27
N MET IC 86 94.47 -134.01 28.32
CA MET IC 86 94.24 -135.46 28.27
C MET IC 86 95.52 -136.17 27.80
N ASP IC 87 96.52 -136.11 28.66
CA ASP IC 87 97.77 -136.85 28.49
C ASP IC 87 98.22 -137.32 29.86
N VAL IC 88 99.12 -138.30 29.86
CA VAL IC 88 99.63 -138.89 31.10
C VAL IC 88 101.13 -138.64 31.18
N ILE IC 89 101.56 -138.01 32.26
CA ILE IC 89 102.97 -137.74 32.52
C ILE IC 89 103.43 -138.75 33.57
N SER IC 90 104.33 -139.65 33.17
CA SER IC 90 104.75 -140.74 34.03
C SER IC 90 106.21 -140.57 34.46
N ILE IC 91 106.41 -140.49 35.77
CA ILE IC 91 107.74 -140.47 36.34
C ILE IC 91 108.30 -141.87 36.56
N ASP IC 92 107.45 -142.82 36.92
CA ASP IC 92 107.65 -144.27 36.87
C ASP IC 92 108.59 -144.80 37.95
N LYS IC 93 109.22 -143.94 38.76
CA LYS IC 93 110.03 -144.42 39.86
C LYS IC 93 109.40 -144.16 41.22
N THR IC 94 108.42 -143.27 41.29
CA THR IC 94 107.63 -143.09 42.51
C THR IC 94 106.13 -143.17 42.23
N GLY IC 95 105.74 -143.61 41.03
CA GLY IC 95 104.35 -143.80 40.69
C GLY IC 95 103.52 -142.53 40.67
N GLU IC 96 104.11 -141.42 40.23
CA GLU IC 96 103.34 -140.20 40.07
C GLU IC 96 102.31 -140.32 38.95
N ASN IC 97 102.77 -140.76 37.77
CA ASN IC 97 101.96 -140.99 36.57
C ASN IC 97 100.83 -139.96 36.45
N PHE IC 98 101.21 -138.69 36.44
CA PHE IC 98 100.23 -137.62 36.41
C PHE IC 98 99.43 -137.64 35.11
N ARG IC 99 98.12 -137.40 35.24
CA ARG IC 99 97.22 -137.24 34.12
C ARG IC 99 96.67 -135.83 34.14
N LEU IC 100 96.79 -135.11 33.04
CA LEU IC 100 96.56 -133.67 33.02
C LEU IC 100 95.14 -133.41 32.49
N ILE IC 101 94.27 -132.91 33.37
CA ILE IC 101 92.85 -132.70 33.06
C ILE IC 101 92.41 -131.40 33.71
N TYR IC 102 91.52 -130.67 33.02
CA TYR IC 102 90.96 -129.45 33.59
C TYR IC 102 90.26 -129.73 34.90
N ASP IC 103 90.22 -128.72 35.77
CA ASP IC 103 89.41 -128.77 36.98
C ASP IC 103 88.17 -127.89 36.78
N THR IC 104 87.37 -127.74 37.85
CA THR IC 104 86.09 -127.07 37.73
C THR IC 104 86.24 -125.62 37.27
N LYS IC 105 87.31 -124.95 37.69
CA LYS IC 105 87.51 -123.53 37.41
C LYS IC 105 88.46 -123.30 36.23
N GLY IC 106 88.50 -124.22 35.28
CA GLY IC 106 89.26 -124.01 34.06
C GLY IC 106 90.76 -123.94 34.21
N ARG IC 107 91.34 -124.82 35.02
CA ARG IC 107 92.78 -124.84 35.22
C ARG IC 107 93.28 -126.28 35.13
N PHE IC 108 94.55 -126.41 34.76
CA PHE IC 108 95.18 -127.73 34.59
C PHE IC 108 95.57 -128.28 35.96
N ALA IC 109 94.55 -128.61 36.75
CA ALA IC 109 94.78 -129.12 38.10
C ALA IC 109 95.41 -130.50 38.06
N VAL IC 110 96.29 -130.75 39.02
CA VAL IC 110 96.96 -132.04 39.11
C VAL IC 110 95.95 -133.12 39.47
N HIS IC 111 96.27 -134.36 39.09
CA HIS IC 111 95.38 -135.48 39.39
C HIS IC 111 96.21 -136.77 39.39
N ARG IC 112 96.53 -137.26 40.59
CA ARG IC 112 97.18 -138.55 40.71
C ARG IC 112 96.24 -139.65 40.25
N ILE IC 113 96.77 -140.60 39.47
CA ILE IC 113 96.00 -141.70 38.94
C ILE IC 113 96.72 -143.00 39.27
N THR IC 114 96.12 -144.11 38.87
CA THR IC 114 96.74 -145.42 39.01
C THR IC 114 97.64 -145.71 37.80
N PRO IC 115 98.72 -146.46 37.99
CA PRO IC 115 99.54 -146.87 36.85
C PRO IC 115 98.78 -147.73 35.86
N GLU IC 116 97.67 -148.34 36.27
CA GLU IC 116 96.87 -149.11 35.33
C GLU IC 116 96.26 -148.22 34.25
N GLU IC 117 95.64 -147.10 34.65
CA GLU IC 117 94.98 -146.26 33.67
C GLU IC 117 95.93 -145.28 32.99
N ALA IC 118 97.15 -145.16 33.48
CA ALA IC 118 98.17 -144.34 32.81
C ALA IC 118 98.59 -144.92 31.47
N LYS IC 119 98.24 -146.17 31.19
CA LYS IC 119 98.65 -146.88 29.99
C LYS IC 119 97.73 -146.61 28.81
N TYR IC 120 96.54 -146.06 29.06
CA TYR IC 120 95.56 -145.78 28.03
C TYR IC 120 95.26 -144.29 28.01
N LYS IC 121 94.72 -143.83 26.88
CA LYS IC 121 94.41 -142.42 26.70
C LYS IC 121 93.29 -142.26 25.68
N LEU IC 122 92.33 -141.40 25.99
CA LEU IC 122 91.26 -141.05 25.06
C LEU IC 122 91.77 -140.04 24.05
N CYS IC 123 91.25 -140.11 22.83
CA CYS IC 123 91.55 -139.15 21.79
C CYS IC 123 90.25 -138.73 21.11
N LYS IC 124 90.11 -137.42 20.90
CA LYS IC 124 88.95 -136.87 20.20
C LYS IC 124 89.33 -136.63 18.74
N VAL IC 125 88.68 -137.37 17.84
CA VAL IC 125 88.98 -137.24 16.42
C VAL IC 125 88.51 -135.88 15.92
N ARG IC 126 89.41 -135.15 15.25
CA ARG IC 126 89.08 -133.84 14.71
C ARG IC 126 88.70 -133.89 13.24
N LYS IC 127 89.16 -134.89 12.50
CA LYS IC 127 88.93 -134.94 11.05
C LYS IC 127 89.30 -136.32 10.54
N ILE IC 128 88.46 -136.87 9.67
CA ILE IC 128 88.71 -138.15 9.01
C ILE IC 128 88.78 -137.91 7.52
N PHE IC 129 89.72 -138.57 6.86
CA PHE IC 129 89.92 -138.41 5.43
C PHE IC 129 90.57 -139.67 4.87
N VAL IC 130 90.21 -139.98 3.62
CA VAL IC 130 90.72 -141.15 2.93
C VAL IC 130 92.05 -140.77 2.28
N GLY IC 131 93.10 -141.50 2.61
CA GLY IC 131 94.42 -141.24 2.08
C GLY IC 131 94.67 -141.92 0.75
N THR IC 132 95.93 -141.94 0.35
CA THR IC 132 96.33 -142.53 -0.91
C THR IC 132 96.02 -144.03 -0.92
N LYS IC 133 95.94 -144.58 -2.14
CA LYS IC 133 95.66 -146.01 -2.36
C LYS IC 133 94.34 -146.43 -1.73
N GLY IC 134 93.37 -145.53 -1.66
CA GLY IC 134 92.07 -145.85 -1.14
C GLY IC 134 92.06 -146.30 0.31
N ILE IC 135 92.94 -145.74 1.13
CA ILE IC 135 93.02 -146.13 2.54
C ILE IC 135 92.48 -144.98 3.38
N PRO IC 136 91.81 -145.28 4.50
CA PRO IC 136 91.28 -144.20 5.34
C PRO IC 136 92.24 -143.79 6.44
N HIS IC 137 92.32 -142.49 6.66
CA HIS IC 137 93.14 -141.92 7.72
C HIS IC 137 92.24 -141.39 8.83
N LEU IC 138 92.87 -140.89 9.88
CA LEU IC 138 92.17 -140.29 11.00
C LEU IC 138 93.16 -139.52 11.86
N VAL IC 139 92.81 -138.28 12.21
CA VAL IC 139 93.62 -137.45 13.09
C VAL IC 139 92.81 -137.18 14.34
N THR IC 140 93.50 -137.00 15.46
CA THR IC 140 92.84 -136.75 16.73
C THR IC 140 92.99 -135.28 17.10
N HIS IC 141 92.54 -134.92 18.30
CA HIS IC 141 92.74 -133.57 18.79
C HIS IC 141 94.21 -133.26 19.00
N ASP IC 142 95.03 -134.28 19.21
CA ASP IC 142 96.47 -134.12 19.20
C ASP IC 142 97.00 -134.22 17.77
N ALA IC 143 98.27 -133.87 17.58
CA ALA IC 143 98.89 -133.94 16.27
C ALA IC 143 99.01 -135.36 15.74
N ARG IC 144 98.82 -136.36 16.59
CA ARG IC 144 98.92 -137.74 16.15
C ARG IC 144 97.86 -138.05 15.11
N THR IC 145 98.21 -138.91 14.15
CA THR IC 145 97.28 -139.40 13.15
C THR IC 145 97.46 -140.91 13.00
N ILE IC 146 96.40 -141.58 12.60
CA ILE IC 146 96.40 -143.02 12.45
C ILE IC 146 95.71 -143.40 11.15
N ARG IC 147 96.27 -144.42 10.50
CA ARG IC 147 95.64 -145.05 9.34
C ARG IC 147 94.85 -146.26 9.78
N TYR IC 148 93.86 -146.61 8.97
CA TYR IC 148 92.97 -147.73 9.23
C TYR IC 148 92.29 -147.65 10.61
N PRO IC 149 91.39 -146.65 10.77
CA PRO IC 149 90.54 -146.64 11.96
C PRO IC 149 89.23 -147.37 11.65
N ASP IC 150 88.41 -147.53 12.69
CA ASP IC 150 87.17 -148.25 12.53
C ASP IC 150 86.26 -147.52 11.54
N PRO IC 151 85.59 -148.25 10.63
CA PRO IC 151 84.69 -147.59 9.66
C PRO IC 151 83.46 -146.96 10.29
N LEU IC 152 83.31 -147.03 11.62
CA LEU IC 152 82.19 -146.38 12.29
C LEU IC 152 82.59 -145.09 13.00
N ILE IC 153 83.88 -144.76 13.04
CA ILE IC 153 84.33 -143.53 13.65
C ILE IC 153 84.00 -142.37 12.72
N LYS IC 154 83.35 -141.34 13.25
CA LYS IC 154 83.00 -140.17 12.47
C LYS IC 154 83.65 -138.92 13.09
N VAL IC 155 83.36 -137.77 12.50
CA VAL IC 155 83.91 -136.50 12.97
C VAL IC 155 83.44 -136.24 14.40
N ASN IC 156 84.20 -135.39 15.10
CA ASN IC 156 83.97 -134.94 16.47
C ASN IC 156 83.48 -136.06 17.40
N ASP IC 157 84.04 -137.25 17.23
CA ASP IC 157 83.85 -138.35 18.16
C ASP IC 157 85.10 -138.48 19.03
N THR IC 158 85.12 -139.50 19.89
CA THR IC 158 86.28 -139.78 20.72
C THR IC 158 86.60 -141.27 20.62
N ILE IC 159 87.89 -141.57 20.72
CA ILE IC 159 88.39 -142.94 20.55
C ILE IC 159 89.39 -143.25 21.65
N GLN IC 160 89.36 -144.48 22.13
CA GLN IC 160 90.34 -144.99 23.07
C GLN IC 160 91.57 -145.46 22.30
N ILE IC 161 92.74 -144.94 22.70
CA ILE IC 161 94.01 -145.29 22.11
C ILE IC 161 94.91 -145.81 23.21
N ASP IC 162 95.52 -146.97 22.99
CA ASP IC 162 96.47 -147.53 23.92
C ASP IC 162 97.86 -146.97 23.64
N LEU IC 163 98.56 -146.61 24.70
CA LEU IC 163 99.88 -146.02 24.58
C LEU IC 163 100.92 -147.13 24.30
N GLU IC 164 102.11 -146.70 23.89
CA GLU IC 164 103.22 -147.56 23.48
C GLU IC 164 102.92 -148.41 22.24
N THR IC 165 101.69 -148.36 21.73
CA THR IC 165 101.41 -148.94 20.43
C THR IC 165 100.60 -147.99 19.54
N GLY IC 166 99.83 -147.08 20.13
CA GLY IC 166 99.08 -146.11 19.37
C GLY IC 166 97.86 -146.64 18.65
N LYS IC 167 97.45 -147.88 18.94
CA LYS IC 167 96.31 -148.47 18.26
C LYS IC 167 95.01 -147.95 18.87
N ILE IC 168 93.89 -148.35 18.25
CA ILE IC 168 92.57 -147.96 18.69
C ILE IC 168 91.82 -149.21 19.14
N THR IC 169 91.21 -149.14 20.33
CA THR IC 169 90.55 -150.29 20.91
C THR IC 169 89.07 -150.07 21.21
N ASP IC 170 88.65 -148.84 21.47
CA ASP IC 170 87.27 -148.57 21.86
C ASP IC 170 86.97 -147.12 21.54
N PHE IC 171 85.69 -146.80 21.42
CA PHE IC 171 85.28 -145.47 20.99
C PHE IC 171 83.88 -145.18 21.50
N ILE IC 172 83.54 -143.89 21.49
CA ILE IC 172 82.22 -143.40 21.89
C ILE IC 172 81.57 -142.76 20.67
N LYS IC 173 80.32 -143.11 20.43
CA LYS IC 173 79.55 -142.44 19.37
C LYS IC 173 78.94 -141.17 19.95
N PHE IC 174 79.25 -140.03 19.32
CA PHE IC 174 78.72 -138.76 19.76
C PHE IC 174 77.20 -138.74 19.58
N ASP IC 175 76.47 -138.85 20.68
CA ASP IC 175 75.03 -139.06 20.64
C ASP IC 175 74.40 -138.32 21.82
N THR IC 176 73.14 -137.96 21.65
CA THR IC 176 72.39 -137.34 22.75
C THR IC 176 72.36 -138.27 23.95
N GLY IC 177 72.69 -137.71 25.11
CA GLY IC 177 72.72 -138.49 26.34
C GLY IC 177 74.03 -139.20 26.64
N ASN IC 178 75.16 -138.55 26.39
CA ASN IC 178 76.48 -139.12 26.66
C ASN IC 178 77.29 -138.16 27.52
N LEU IC 179 77.99 -138.71 28.51
CA LEU IC 179 78.70 -137.89 29.50
C LEU IC 179 79.98 -137.33 28.88
N CYS IC 180 80.20 -136.03 29.06
CA CYS IC 180 81.26 -135.33 28.35
C CYS IC 180 82.00 -134.37 29.27
N MET IC 181 83.16 -133.92 28.77
CA MET IC 181 83.97 -132.87 29.40
C MET IC 181 84.05 -131.70 28.42
N VAL IC 182 83.61 -130.53 28.87
CA VAL IC 182 83.67 -129.33 28.05
C VAL IC 182 85.01 -128.64 28.27
N THR IC 183 85.67 -128.30 27.17
CA THR IC 183 87.07 -127.90 27.15
C THR IC 183 87.28 -126.58 26.42
N GLY IC 184 86.47 -125.57 26.73
CA GLY IC 184 86.68 -124.30 26.07
C GLY IC 184 85.79 -123.16 26.53
N GLY IC 185 86.38 -121.96 26.60
CA GLY IC 185 85.61 -120.77 26.87
C GLY IC 185 85.24 -120.57 28.34
N ALA IC 186 84.14 -119.86 28.57
CA ALA IC 186 83.71 -119.55 29.93
C ALA IC 186 83.41 -120.81 30.75
N ASN IC 187 83.10 -121.93 30.09
CA ASN IC 187 82.84 -123.18 30.78
C ASN IC 187 84.05 -124.11 30.78
N LEU IC 188 85.27 -123.57 30.86
CA LEU IC 188 86.45 -124.41 30.95
C LEU IC 188 86.41 -125.31 32.18
N GLY IC 189 86.44 -126.62 31.97
CA GLY IC 189 86.55 -127.57 33.05
C GLY IC 189 85.26 -128.03 33.68
N ARG IC 190 84.17 -128.07 32.93
CA ARG IC 190 82.91 -128.56 33.45
C ARG IC 190 82.58 -129.93 32.86
N ILE IC 191 81.81 -130.72 33.60
CA ILE IC 191 81.44 -132.07 33.21
C ILE IC 191 79.92 -132.16 33.19
N GLY IC 192 79.37 -132.78 32.14
CA GLY IC 192 77.94 -133.01 32.10
C GLY IC 192 77.60 -133.89 30.91
N VAL IC 193 76.31 -134.14 30.77
CA VAL IC 193 75.80 -135.00 29.71
C VAL IC 193 75.20 -134.14 28.61
N ILE IC 194 75.37 -134.58 27.36
CA ILE IC 194 74.81 -133.87 26.22
C ILE IC 194 73.32 -134.16 26.15
N THR IC 195 72.51 -133.10 26.01
CA THR IC 195 71.07 -133.24 25.96
C THR IC 195 70.47 -132.84 24.61
N ASN IC 196 71.09 -131.91 23.90
CA ASN IC 196 70.51 -131.39 22.67
C ASN IC 196 71.64 -130.98 21.74
N ARG IC 197 71.34 -130.95 20.44
CA ARG IC 197 72.30 -130.49 19.42
C ARG IC 197 71.50 -129.84 18.30
N GLU IC 198 71.34 -128.52 18.35
CA GLU IC 198 70.80 -127.76 17.24
C GLU IC 198 71.95 -127.32 16.36
N ARG IC 199 71.77 -127.41 15.05
CA ARG IC 199 72.84 -127.13 14.10
C ARG IC 199 72.58 -125.83 13.36
N HIS IC 200 73.64 -125.05 13.19
CA HIS IC 200 73.60 -123.83 12.38
C HIS IC 200 74.53 -124.01 11.20
N PRO IC 201 74.02 -124.18 9.99
CA PRO IC 201 74.90 -124.46 8.84
C PRO IC 201 75.91 -123.34 8.64
N GLY IC 202 77.12 -123.74 8.28
CA GLY IC 202 78.20 -122.77 8.10
C GLY IC 202 78.85 -122.35 9.41
N SER IC 203 78.05 -121.82 10.32
CA SER IC 203 78.57 -121.33 11.59
C SER IC 203 78.90 -122.51 12.50
N PHE IC 204 79.33 -122.22 13.72
CA PHE IC 204 79.55 -123.25 14.70
C PHE IC 204 78.22 -123.82 15.18
N ASP IC 205 78.27 -125.06 15.66
CA ASP IC 205 77.10 -125.68 16.25
C ASP IC 205 77.20 -125.66 17.77
N VAL IC 206 76.07 -125.41 18.42
CA VAL IC 206 76.02 -125.34 19.87
C VAL IC 206 75.41 -126.63 20.39
N VAL IC 207 75.80 -127.00 21.61
CA VAL IC 207 75.31 -128.18 22.28
C VAL IC 207 74.96 -127.82 23.71
N HIS IC 208 73.84 -128.34 24.21
CA HIS IC 208 73.41 -128.09 25.58
C HIS IC 208 73.79 -129.27 26.45
N VAL IC 209 74.49 -128.98 27.54
CA VAL IC 209 75.09 -129.99 28.40
C VAL IC 209 74.55 -129.80 29.82
N LYS IC 210 74.03 -130.88 30.39
CA LYS IC 210 73.47 -130.86 31.74
C LYS IC 210 74.39 -131.64 32.66
N ASP IC 211 74.68 -131.06 33.82
CA ASP IC 211 75.51 -131.69 34.84
C ASP IC 211 74.64 -132.53 35.77
N ALA IC 212 75.29 -133.24 36.69
CA ALA IC 212 74.58 -134.07 37.67
C ALA IC 212 73.69 -133.23 38.57
N ASN IC 213 74.05 -131.98 38.83
CA ASN IC 213 73.24 -131.09 39.67
C ASN IC 213 72.13 -130.41 38.88
N GLY IC 214 72.20 -130.40 37.55
CA GLY IC 214 71.10 -129.94 36.73
C GLY IC 214 71.31 -128.64 35.99
N ASN IC 215 72.40 -127.92 36.23
CA ASN IC 215 72.64 -126.65 35.55
C ASN IC 215 73.01 -126.93 34.10
N SER IC 216 72.04 -126.79 33.21
CA SER IC 216 72.29 -126.93 31.78
C SER IC 216 73.05 -125.72 31.26
N PHE IC 217 74.00 -125.97 30.35
CA PHE IC 217 74.79 -124.90 29.76
C PHE IC 217 75.13 -125.29 28.33
N ALA IC 218 75.56 -124.28 27.57
CA ALA IC 218 75.87 -124.45 26.16
C ALA IC 218 77.29 -123.99 25.88
N THR IC 219 77.83 -124.47 24.75
CA THR IC 219 79.12 -124.03 24.23
C THR IC 219 79.19 -124.49 22.78
N ARG IC 220 80.19 -123.98 22.08
CA ARG IC 220 80.37 -124.37 20.68
C ARG IC 220 80.84 -125.81 20.58
N LEU IC 221 80.47 -126.45 19.47
CA LEU IC 221 80.74 -127.87 19.30
C LEU IC 221 82.24 -128.17 19.31
N SER IC 222 83.05 -127.20 18.91
CA SER IC 222 84.50 -127.40 18.87
C SER IC 222 85.12 -127.50 20.26
N ASN IC 223 84.41 -127.08 21.30
CA ASN IC 223 84.95 -127.09 22.66
C ASN IC 223 84.36 -128.20 23.52
N ILE IC 224 84.11 -129.37 22.94
CA ILE IC 224 83.44 -130.47 23.63
C ILE IC 224 84.30 -131.72 23.50
N PHE IC 225 84.55 -132.39 24.62
CA PHE IC 225 85.27 -133.66 24.67
C PHE IC 225 84.40 -134.65 25.43
N VAL IC 226 83.79 -135.60 24.72
CA VAL IC 226 82.97 -136.61 25.38
C VAL IC 226 83.89 -137.69 25.95
N ILE IC 227 83.75 -137.96 27.24
CA ILE IC 227 84.67 -138.87 27.93
C ILE IC 227 83.89 -139.91 28.72
N GLY IC 228 82.63 -140.10 28.35
CA GLY IC 228 81.82 -141.15 28.97
C GLY IC 228 80.84 -141.71 27.97
N LYS IC 229 80.53 -143.00 28.12
CA LYS IC 229 79.53 -143.66 27.30
C LYS IC 229 78.20 -143.53 28.02
N GLY IC 230 77.41 -142.53 27.63
CA GLY IC 230 76.12 -142.32 28.25
C GLY IC 230 76.20 -141.57 29.56
N ASN IC 231 76.64 -142.25 30.61
CA ASN IC 231 76.69 -141.67 31.94
C ASN IC 231 77.99 -141.86 32.69
N LYS IC 232 78.71 -142.96 32.49
CA LYS IC 232 79.84 -143.29 33.33
C LYS IC 232 81.14 -142.84 32.67
N PRO IC 233 81.86 -141.88 33.25
CA PRO IC 233 83.16 -141.51 32.69
C PRO IC 233 84.15 -142.64 32.82
N TRP IC 234 85.06 -142.71 31.85
CA TRP IC 234 86.12 -143.71 31.88
C TRP IC 234 87.40 -143.19 32.49
N ILE IC 235 87.41 -141.96 32.99
CA ILE IC 235 88.60 -141.36 33.56
C ILE IC 235 88.37 -141.10 35.04
N SER IC 236 89.44 -141.22 35.81
CA SER IC 236 89.39 -140.87 37.23
C SER IC 236 89.24 -139.36 37.33
N LEU IC 237 88.03 -138.90 37.61
CA LEU IC 237 87.73 -137.48 37.56
C LEU IC 237 88.50 -136.74 38.66
N PRO IC 238 88.83 -135.47 38.43
CA PRO IC 238 89.49 -134.68 39.49
C PRO IC 238 88.51 -134.32 40.59
N ARG IC 239 89.03 -133.80 41.71
CA ARG IC 239 88.17 -133.45 42.84
C ARG IC 239 87.13 -132.42 42.40
N GLY IC 240 85.91 -132.58 42.90
CA GLY IC 240 84.78 -131.79 42.47
C GLY IC 240 84.01 -132.38 41.31
N LYS IC 241 84.49 -133.48 40.75
CA LYS IC 241 83.82 -134.20 39.66
C LYS IC 241 83.57 -133.31 38.44
N GLY IC 242 84.36 -132.25 38.29
CA GLY IC 242 84.15 -131.33 37.19
C GLY IC 242 82.85 -130.58 37.25
N ILE IC 243 82.19 -130.57 38.39
CA ILE IC 243 80.95 -129.82 38.58
C ILE IC 243 81.32 -128.37 38.80
N ARG IC 244 80.64 -127.47 38.11
CA ARG IC 244 80.88 -126.05 38.32
C ARG IC 244 80.08 -125.56 39.52
N LEU IC 245 80.79 -124.99 40.49
CA LEU IC 245 80.18 -124.48 41.71
C LEU IC 245 80.22 -122.96 41.65
N THR IC 246 79.14 -122.33 42.12
CA THR IC 246 79.13 -120.88 42.18
C THR IC 246 80.08 -120.40 43.27
N ILE IC 247 80.35 -119.10 43.25
CA ILE IC 247 81.28 -118.54 44.22
C ILE IC 247 80.64 -118.53 45.62
N ALA IC 248 79.30 -118.57 45.70
CA ALA IC 248 78.65 -118.50 47.01
C ALA IC 248 78.98 -119.73 47.84
N GLU IC 249 78.61 -120.91 47.36
CA GLU IC 249 78.87 -122.10 48.15
C GLU IC 249 80.35 -122.48 48.15
N GLU IC 250 81.17 -121.89 47.28
CA GLU IC 250 82.62 -122.06 47.46
C GLU IC 250 83.08 -121.43 48.77
N ARG IC 251 82.57 -120.24 49.08
CA ARG IC 251 82.83 -119.65 50.40
C ARG IC 251 82.20 -120.50 51.50
N ASP IC 252 80.99 -120.99 51.27
CA ASP IC 252 80.30 -121.80 52.28
C ASP IC 252 81.09 -123.06 52.59
N LYS IC 253 81.60 -123.73 51.56
CA LYS IC 253 82.44 -124.91 51.79
C LYS IC 253 83.77 -124.50 52.41
N ARG IC 254 84.28 -123.33 52.05
CA ARG IC 254 85.53 -122.84 52.65
C ARG IC 254 85.35 -122.59 54.15
N LEU IC 255 84.19 -122.06 54.54
CA LEU IC 255 83.96 -121.77 55.95
C LEU IC 255 83.73 -123.03 56.76
N ALA IC 256 82.95 -123.97 56.24
CA ALA IC 256 82.71 -125.22 56.96
C ALA IC 256 83.98 -126.04 57.09
N ALA IC 257 84.81 -126.05 56.05
CA ALA IC 257 86.09 -126.77 56.11
C ALA IC 257 87.01 -126.14 57.15
N LYS IC 258 87.06 -124.82 57.21
CA LYS IC 258 87.93 -124.14 58.18
C LYS IC 258 87.48 -124.46 59.61
N GLN IC 259 86.17 -124.50 59.86
CA GLN IC 259 85.68 -124.82 61.19
C GLN IC 259 86.12 -126.23 61.61
N SER IC 260 86.16 -127.17 60.68
CA SER IC 260 86.68 -128.50 61.00
C SER IC 260 88.16 -128.45 61.35
N SER IC 261 88.88 -127.47 60.82
CA SER IC 261 90.32 -127.36 61.06
C SER IC 261 90.67 -126.64 62.35
N GLY IC 262 89.70 -126.05 63.03
CA GLY IC 262 89.96 -125.35 64.27
C GLY IC 262 89.04 -124.16 64.51
N GLY JC 1 111.24 -104.86 -7.02
CA GLY JC 1 110.73 -105.20 -8.34
C GLY JC 1 109.40 -104.56 -8.61
N ILE JC 2 108.65 -105.11 -9.57
CA ILE JC 2 107.33 -104.59 -9.85
C ILE JC 2 106.42 -104.83 -8.65
N SER JC 3 105.37 -104.03 -8.56
CA SER JC 3 104.52 -103.98 -7.36
C SER JC 3 103.24 -104.76 -7.61
N ARG JC 4 103.06 -105.83 -6.83
CA ARG JC 4 101.86 -106.66 -6.88
C ARG JC 4 100.81 -106.23 -5.87
N ASP JC 5 101.12 -105.25 -5.04
CA ASP JC 5 100.33 -104.93 -3.86
C ASP JC 5 98.98 -104.33 -4.25
N ASN JC 6 98.22 -103.96 -3.22
CA ASN JC 6 96.91 -103.33 -3.37
C ASN JC 6 96.96 -101.82 -3.23
N TRP JC 7 97.94 -101.28 -2.52
CA TRP JC 7 97.91 -99.89 -2.10
C TRP JC 7 98.61 -98.93 -3.06
N HIS JC 8 99.05 -99.41 -4.22
CA HIS JC 8 99.57 -98.52 -5.25
C HIS JC 8 98.47 -98.04 -6.20
N LYS JC 9 97.22 -98.39 -5.93
CA LYS JC 9 96.09 -98.00 -6.76
C LYS JC 9 95.22 -96.98 -6.05
N ARG JC 10 94.27 -96.43 -6.81
CA ARG JC 10 93.31 -95.50 -6.23
C ARG JC 10 92.29 -96.24 -5.37
N ARG JC 11 91.56 -95.48 -4.56
CA ARG JC 11 90.49 -96.05 -3.76
C ARG JC 11 89.22 -96.21 -4.60
N LYS JC 12 88.27 -96.99 -4.07
CA LYS JC 12 87.02 -97.21 -4.79
C LYS JC 12 86.26 -95.90 -4.98
N THR JC 13 86.23 -95.06 -3.94
CA THR JC 13 85.59 -93.75 -4.07
C THR JC 13 86.34 -92.81 -5.00
N GLY JC 14 87.56 -93.17 -5.41
CA GLY JC 14 88.37 -92.34 -6.25
C GLY JC 14 89.53 -91.66 -5.55
N GLY JC 15 89.58 -91.73 -4.23
CA GLY JC 15 90.65 -91.07 -3.51
C GLY JC 15 91.98 -91.77 -3.68
N LYS JC 16 93.05 -90.98 -3.64
CA LYS JC 16 94.40 -91.53 -3.63
C LYS JC 16 94.68 -92.14 -2.27
N ARG JC 17 95.56 -93.14 -2.24
CA ARG JC 17 95.95 -93.81 -1.01
C ARG JC 17 97.44 -93.60 -0.77
N LYS JC 18 97.79 -93.20 0.46
CA LYS JC 18 99.17 -92.99 0.83
C LYS JC 18 99.71 -94.26 1.47
N PRO JC 19 100.73 -94.89 0.91
CA PRO JC 19 101.28 -96.10 1.52
C PRO JC 19 101.83 -95.83 2.91
N TYR JC 20 101.65 -96.82 3.78
CA TYR JC 20 102.14 -96.76 5.15
C TYR JC 20 103.35 -97.65 5.39
N HIS JC 21 103.99 -98.13 4.33
CA HIS JC 21 105.18 -98.98 4.45
C HIS JC 21 105.83 -99.09 3.07
N LYS JC 22 107.07 -99.57 3.07
CA LYS JC 22 107.77 -99.83 1.82
C LYS JC 22 107.19 -101.05 1.14
N LYS JC 23 107.81 -101.45 0.03
CA LYS JC 23 107.41 -102.69 -0.63
C LYS JC 23 107.91 -103.89 0.16
N ARG JC 24 106.99 -104.72 0.63
CA ARG JC 24 107.36 -105.94 1.31
C ARG JC 24 107.69 -107.02 0.28
N LYS JC 25 108.46 -108.01 0.74
CA LYS JC 25 108.94 -109.03 -0.20
C LYS JC 25 107.80 -109.90 -0.73
N TYR JC 26 106.86 -110.28 0.13
CA TYR JC 26 105.85 -111.25 -0.28
C TYR JC 26 104.94 -110.73 -1.39
N GLU JC 27 104.89 -109.41 -1.60
CA GLU JC 27 104.07 -108.81 -2.64
C GLU JC 27 104.89 -108.47 -3.88
N LEU JC 28 105.93 -109.26 -4.17
CA LEU JC 28 106.74 -109.03 -5.35
C LEU JC 28 106.19 -109.83 -6.53
N GLY JC 29 106.72 -109.53 -7.71
CA GLY JC 29 106.43 -110.28 -8.91
C GLY JC 29 107.70 -110.40 -9.72
N ARG JC 30 107.57 -111.03 -10.88
CA ARG JC 30 108.70 -111.28 -11.74
C ARG JC 30 108.32 -111.05 -13.20
N PRO JC 31 109.30 -110.83 -14.07
CA PRO JC 31 108.99 -110.58 -15.48
C PRO JC 31 108.24 -111.74 -16.12
N ALA JC 32 107.43 -111.41 -17.11
CA ALA JC 32 106.68 -112.42 -17.85
C ALA JC 32 107.64 -113.36 -18.58
N ALA JC 33 107.24 -114.63 -18.66
CA ALA JC 33 108.10 -115.63 -19.29
C ALA JC 33 108.28 -115.37 -20.78
N ASN JC 34 107.18 -115.14 -21.49
CA ASN JC 34 107.17 -114.99 -22.94
C ASN JC 34 107.85 -116.20 -23.59
N THR JC 35 107.26 -117.38 -23.34
CA THR JC 35 107.81 -118.63 -23.83
C THR JC 35 107.66 -118.71 -25.34
N LYS JC 36 108.78 -118.59 -26.04
CA LYS JC 36 108.81 -118.74 -27.49
C LYS JC 36 108.66 -120.21 -27.86
N ILE JC 37 108.63 -120.49 -29.16
CA ILE JC 37 108.64 -121.86 -29.67
C ILE JC 37 110.03 -122.15 -30.19
N GLY JC 38 110.60 -123.28 -29.77
CA GLY JC 38 111.93 -123.66 -30.19
C GLY JC 38 112.50 -124.81 -29.39
N PRO JC 39 113.81 -125.00 -29.49
CA PRO JC 39 114.48 -126.03 -28.69
C PRO JC 39 114.25 -125.79 -27.20
N ARG JC 40 114.05 -126.87 -26.48
CA ARG JC 40 113.58 -126.77 -25.10
C ARG JC 40 114.66 -126.21 -24.19
N ARG JC 41 114.40 -125.03 -23.62
CA ARG JC 41 115.22 -124.46 -22.58
C ARG JC 41 114.29 -123.91 -21.50
N ILE JC 42 114.69 -124.06 -20.24
CA ILE JC 42 113.86 -123.67 -19.11
C ILE JC 42 114.76 -123.17 -17.98
N HIS JC 43 114.44 -122.00 -17.43
CA HIS JC 43 115.07 -121.50 -16.22
C HIS JC 43 114.13 -121.75 -15.05
N THR JC 44 114.63 -122.38 -14.01
CA THR JC 44 113.84 -122.52 -12.79
C THR JC 44 114.06 -121.33 -11.88
N VAL JC 45 113.05 -121.02 -11.08
CA VAL JC 45 113.11 -119.89 -10.16
C VAL JC 45 112.58 -120.32 -8.80
N ARG JC 46 113.21 -119.78 -7.76
CA ARG JC 46 112.77 -120.01 -6.39
C ARG JC 46 111.73 -118.95 -6.01
N VAL JC 47 110.71 -119.36 -5.28
CA VAL JC 47 109.58 -118.50 -4.98
C VAL JC 47 109.33 -118.47 -3.48
N ARG JC 48 108.25 -117.80 -3.07
CA ARG JC 48 107.87 -117.77 -1.67
C ARG JC 48 107.69 -119.19 -1.13
N GLY JC 49 108.29 -119.45 0.03
CA GLY JC 49 108.26 -120.77 0.62
C GLY JC 49 109.40 -121.68 0.20
N GLY JC 50 110.33 -121.20 -0.64
CA GLY JC 50 111.48 -121.97 -1.02
C GLY JC 50 111.24 -122.98 -2.13
N ASN JC 51 110.02 -123.08 -2.65
CA ASN JC 51 109.74 -124.02 -3.73
C ASN JC 51 110.20 -123.41 -5.06
N LYS JC 52 110.06 -124.19 -6.13
CA LYS JC 52 110.61 -123.82 -7.43
C LYS JC 52 109.52 -123.75 -8.47
N LYS JC 53 109.70 -122.84 -9.43
CA LYS JC 53 108.80 -122.68 -10.57
C LYS JC 53 109.59 -122.85 -11.86
N TYR JC 54 109.02 -123.61 -12.79
CA TYR JC 54 109.66 -123.90 -14.07
C TYR JC 54 109.27 -122.80 -15.06
N ARG JC 55 110.12 -121.80 -15.19
CA ARG JC 55 109.89 -120.69 -16.13
C ARG JC 55 110.38 -121.11 -17.51
N ALA JC 56 109.46 -121.49 -18.38
CA ALA JC 56 109.82 -121.87 -19.74
C ALA JC 56 110.21 -120.64 -20.56
N LEU JC 57 111.16 -120.83 -21.46
CA LEU JC 57 111.59 -119.78 -22.37
C LEU JC 57 111.45 -120.18 -23.83
N ARG JC 58 111.77 -121.42 -24.17
CA ARG JC 58 111.58 -121.95 -25.52
C ARG JC 58 111.02 -123.36 -25.40
N LEU JC 59 109.91 -123.62 -26.07
CA LEU JC 59 109.19 -124.87 -25.96
C LEU JC 59 108.91 -125.44 -27.34
N ASP JC 60 108.92 -126.77 -27.45
CA ASP JC 60 108.62 -127.43 -28.71
C ASP JC 60 107.55 -128.50 -28.60
N VAL JC 61 107.50 -129.23 -27.49
CA VAL JC 61 106.62 -130.38 -27.36
C VAL JC 61 105.69 -130.18 -26.16
N GLY JC 62 104.67 -131.02 -26.08
CA GLY JC 62 103.73 -130.96 -24.96
C GLY JC 62 102.74 -132.10 -25.02
N ASN JC 63 101.97 -132.23 -23.94
CA ASN JC 63 100.96 -133.27 -23.81
C ASN JC 63 99.60 -132.72 -24.23
N PHE JC 64 99.04 -133.27 -25.30
CA PHE JC 64 97.78 -132.82 -25.84
C PHE JC 64 96.82 -133.99 -25.91
N SER JC 65 95.62 -133.81 -25.37
CA SER JC 65 94.66 -134.90 -25.24
C SER JC 65 93.68 -134.89 -26.40
N TRP JC 66 93.37 -136.08 -26.93
CA TRP JC 66 92.43 -136.16 -28.04
C TRP JC 66 91.00 -135.88 -27.59
N GLY JC 67 90.72 -136.06 -26.29
CA GLY JC 67 89.43 -135.72 -25.75
C GLY JC 67 88.37 -136.78 -25.99
N SER JC 68 87.87 -136.87 -27.23
CA SER JC 68 86.84 -137.86 -27.53
C SER JC 68 87.42 -139.27 -27.53
N GLU JC 69 88.69 -139.43 -27.87
CA GLU JC 69 89.30 -140.75 -28.00
C GLU JC 69 90.15 -141.13 -26.79
N CYS JC 70 90.25 -140.26 -25.79
CA CYS JC 70 91.06 -140.50 -24.60
C CYS JC 70 92.49 -140.82 -24.98
N CYS JC 71 92.99 -140.13 -25.99
CA CYS JC 71 94.34 -140.31 -26.50
C CYS JC 71 95.15 -139.04 -26.23
N THR JC 72 96.29 -139.21 -25.58
CA THR JC 72 97.20 -138.10 -25.30
C THR JC 72 98.61 -138.54 -25.67
N ARG JC 73 99.14 -137.99 -26.77
CA ARG JC 73 100.46 -138.32 -27.24
C ARG JC 73 101.33 -137.08 -27.24
N LYS JC 74 102.63 -137.27 -27.02
CA LYS JC 74 103.57 -136.17 -26.95
C LYS JC 74 103.90 -135.71 -28.36
N THR JC 75 103.32 -134.59 -28.78
CA THR JC 75 103.51 -134.04 -30.11
C THR JC 75 104.29 -132.74 -30.03
N ARG JC 76 104.89 -132.36 -31.15
CA ARG JC 76 105.62 -131.12 -31.26
C ARG JC 76 104.66 -129.98 -31.60
N ILE JC 77 104.96 -128.79 -31.09
CA ILE JC 77 104.20 -127.60 -31.44
C ILE JC 77 104.80 -126.98 -32.70
N ILE JC 78 103.96 -126.76 -33.71
CA ILE JC 78 104.45 -126.17 -34.95
C ILE JC 78 104.44 -124.65 -34.85
N ASP JC 79 103.30 -124.07 -34.45
CA ASP JC 79 103.21 -122.64 -34.22
C ASP JC 79 101.95 -122.36 -33.41
N VAL JC 80 101.77 -121.09 -33.07
CA VAL JC 80 100.55 -120.61 -32.42
C VAL JC 80 99.81 -119.74 -33.41
N VAL JC 81 98.50 -119.97 -33.55
CA VAL JC 81 97.71 -119.28 -34.55
C VAL JC 81 96.71 -118.30 -33.95
N TYR JC 82 96.03 -118.65 -32.86
CA TYR JC 82 95.00 -117.78 -32.31
C TYR JC 82 95.22 -117.58 -30.83
N ASN JC 83 95.07 -116.33 -30.38
CA ASN JC 83 95.19 -115.97 -28.98
C ASN JC 83 94.04 -115.05 -28.63
N ALA JC 84 93.16 -115.49 -27.74
CA ALA JC 84 92.04 -114.65 -27.33
C ALA JC 84 92.51 -113.39 -26.60
N SER JC 85 93.72 -113.40 -26.05
CA SER JC 85 94.19 -112.26 -25.29
C SER JC 85 94.64 -111.12 -26.19
N ASN JC 86 95.65 -111.37 -27.02
CA ASN JC 86 96.29 -110.30 -27.77
C ASN JC 86 96.72 -110.81 -29.13
N ASN JC 87 96.41 -110.03 -30.17
CA ASN JC 87 96.86 -110.38 -31.51
C ASN JC 87 98.38 -110.29 -31.63
N GLU JC 88 99.00 -109.32 -30.95
CA GLU JC 88 100.45 -109.18 -31.03
C GLU JC 88 101.15 -110.41 -30.50
N LEU JC 89 100.58 -111.03 -29.46
CA LEU JC 89 101.16 -112.26 -28.92
C LEU JC 89 101.22 -113.36 -29.98
N VAL JC 90 100.23 -113.38 -30.87
CA VAL JC 90 100.26 -114.30 -32.00
C VAL JC 90 101.43 -113.96 -32.94
N ARG JC 91 101.62 -112.67 -33.21
CA ARG JC 91 102.69 -112.25 -34.13
C ARG JC 91 104.06 -112.63 -33.59
N THR JC 92 104.33 -112.29 -32.33
CA THR JC 92 105.61 -112.63 -31.72
C THR JC 92 105.71 -114.12 -31.38
N LYS JC 93 104.62 -114.86 -31.52
CA LYS JC 93 104.64 -116.32 -31.35
C LYS JC 93 105.11 -116.71 -29.95
N THR JC 94 104.36 -116.26 -28.96
CA THR JC 94 104.61 -116.63 -27.57
C THR JC 94 103.46 -117.49 -27.08
N LEU JC 95 103.77 -118.44 -26.20
CA LEU JC 95 102.79 -119.43 -25.76
C LEU JC 95 102.25 -119.03 -24.40
N VAL JC 96 100.92 -119.02 -24.28
CA VAL JC 96 100.26 -118.74 -23.01
C VAL JC 96 99.25 -119.85 -22.74
N LYS JC 97 98.46 -119.68 -21.68
CA LYS JC 97 97.57 -120.74 -21.24
C LYS JC 97 96.50 -121.07 -22.29
N ASN JC 98 95.88 -120.04 -22.87
CA ASN JC 98 94.67 -120.23 -23.64
C ASN JC 98 94.86 -120.05 -25.14
N CYS JC 99 96.07 -119.81 -25.61
CA CYS JC 99 96.28 -119.59 -27.04
C CYS JC 99 96.11 -120.90 -27.81
N ILE JC 100 95.65 -120.77 -29.06
CA ILE JC 100 95.42 -121.91 -29.94
C ILE JC 100 96.65 -122.13 -30.80
N VAL JC 101 97.14 -123.37 -30.83
CA VAL JC 101 98.42 -123.70 -31.42
C VAL JC 101 98.25 -124.75 -32.50
N LEU JC 102 99.34 -125.03 -33.20
CA LEU JC 102 99.40 -126.05 -34.24
C LEU JC 102 100.36 -127.16 -33.82
N ILE JC 103 99.89 -128.41 -33.89
CA ILE JC 103 100.70 -129.58 -33.57
C ILE JC 103 100.52 -130.61 -34.68
N ASP JC 104 101.59 -131.34 -34.98
CA ASP JC 104 101.51 -132.37 -36.00
C ASP JC 104 100.59 -133.50 -35.54
N SER JC 105 99.80 -134.01 -36.49
CA SER JC 105 98.83 -135.07 -36.20
C SER JC 105 99.45 -136.46 -36.27
N THR JC 106 100.75 -136.55 -36.57
CA THR JC 106 101.37 -137.84 -36.80
C THR JC 106 101.22 -138.80 -35.62
N PRO JC 107 101.46 -138.42 -34.35
CA PRO JC 107 101.23 -139.39 -33.28
C PRO JC 107 99.80 -139.87 -33.22
N TYR JC 108 98.84 -138.97 -33.48
CA TYR JC 108 97.45 -139.39 -33.51
C TYR JC 108 97.13 -140.19 -34.76
N ARG JC 109 97.91 -140.03 -35.82
CA ARG JC 109 97.73 -140.86 -37.00
C ARG JC 109 98.07 -142.32 -36.69
N GLN JC 110 99.22 -142.55 -36.04
CA GLN JC 110 99.64 -143.91 -35.74
C GLN JC 110 98.66 -144.58 -34.76
N TRP JC 111 98.18 -143.83 -33.78
CA TRP JC 111 97.24 -144.40 -32.81
C TRP JC 111 95.96 -144.85 -33.49
N TYR JC 112 95.41 -144.05 -34.40
CA TYR JC 112 94.17 -144.41 -35.07
C TYR JC 112 94.32 -145.68 -35.89
N GLU JC 113 95.43 -145.79 -36.64
CA GLU JC 113 95.68 -147.01 -37.39
C GLU JC 113 95.89 -148.19 -36.47
N SER JC 114 96.58 -147.97 -35.34
CA SER JC 114 96.83 -149.04 -34.39
C SER JC 114 95.63 -149.39 -33.54
N HIS JC 115 94.58 -148.55 -33.53
CA HIS JC 115 93.43 -148.79 -32.68
C HIS JC 115 92.14 -149.07 -33.45
N TYR JC 116 92.01 -148.55 -34.68
CA TYR JC 116 90.80 -148.75 -35.46
C TYR JC 116 91.04 -149.40 -36.81
N ALA JC 117 92.29 -149.57 -37.24
CA ALA JC 117 92.62 -150.27 -38.48
C ALA JC 117 91.87 -149.70 -39.68
N LEU JC 118 91.93 -148.39 -39.85
CA LEU JC 118 91.34 -147.71 -40.99
C LEU JC 118 92.22 -146.52 -41.35
N PRO JC 119 92.53 -146.35 -42.64
CA PRO JC 119 93.48 -145.30 -43.05
C PRO JC 119 92.84 -143.92 -42.94
N LEU JC 120 93.41 -143.08 -42.07
CA LEU JC 120 92.96 -141.72 -41.87
C LEU JC 120 94.09 -140.76 -42.25
N GLY JC 121 93.77 -139.76 -43.07
CA GLY JC 121 94.75 -138.83 -43.56
C GLY JC 121 95.49 -139.28 -44.79
N ARG JC 122 95.27 -140.50 -45.26
CA ARG JC 122 95.87 -140.97 -46.49
C ARG JC 122 94.98 -140.60 -47.67
N LYS JC 123 95.59 -140.44 -48.84
CA LYS JC 123 94.87 -139.93 -50.00
C LYS JC 123 94.31 -141.07 -50.86
N LYS JC 124 95.19 -141.90 -51.42
CA LYS JC 124 94.78 -143.01 -52.26
C LYS JC 124 95.26 -144.36 -51.72
N GLY JC 125 96.48 -144.42 -51.23
CA GLY JC 125 97.02 -145.62 -50.61
C GLY JC 125 98.24 -146.13 -51.35
N ALA JC 126 98.74 -147.28 -50.87
CA ALA JC 126 99.87 -147.97 -51.48
C ALA JC 126 101.09 -147.07 -51.60
N LYS JC 127 101.30 -146.20 -50.62
CA LYS JC 127 102.48 -145.33 -50.61
C LYS JC 127 103.32 -145.46 -49.35
N LEU JC 128 102.81 -146.11 -48.30
CA LEU JC 128 103.61 -146.44 -47.13
C LEU JC 128 103.63 -147.95 -46.95
N THR JC 129 103.92 -148.65 -48.05
CA THR JC 129 103.71 -150.09 -48.15
C THR JC 129 104.31 -150.94 -47.04
N PRO JC 130 105.55 -150.71 -46.57
CA PRO JC 130 106.21 -151.72 -45.72
C PRO JC 130 105.44 -152.08 -44.46
N GLU JC 131 104.59 -151.18 -43.93
CA GLU JC 131 103.90 -151.46 -42.69
C GLU JC 131 102.39 -151.25 -42.75
N GLU JC 132 101.86 -150.66 -43.82
CA GLU JC 132 100.42 -150.39 -43.87
C GLU JC 132 99.61 -151.69 -43.90
N GLU JC 133 100.05 -152.66 -44.70
CA GLU JC 133 99.31 -153.92 -44.78
C GLU JC 133 99.38 -154.69 -43.48
N GLU JC 134 100.41 -154.45 -42.67
CA GLU JC 134 100.50 -155.10 -41.36
C GLU JC 134 99.53 -154.47 -40.37
N ILE JC 135 99.40 -153.13 -40.40
CA ILE JC 135 98.47 -152.48 -39.49
C ILE JC 135 97.03 -152.56 -39.99
N LEU JC 136 96.83 -152.83 -41.28
CA LEU JC 136 95.48 -152.96 -41.82
C LEU JC 136 94.99 -154.40 -41.79
N ASN JC 137 95.71 -155.30 -42.47
CA ASN JC 137 95.27 -156.69 -42.55
C ASN JC 137 95.65 -157.45 -41.29
N LYS JC 138 96.94 -157.51 -40.97
CA LYS JC 138 97.49 -158.09 -39.75
C LYS JC 138 97.22 -159.59 -39.63
N LYS JC 139 96.51 -160.16 -40.62
CA LYS JC 139 96.30 -161.60 -40.77
C LYS JC 139 95.92 -162.29 -39.47
N ARG JC 140 95.33 -161.57 -38.52
CA ARG JC 140 95.09 -162.15 -37.21
C ARG JC 140 93.86 -163.05 -37.22
N SER JC 141 93.67 -163.77 -36.11
CA SER JC 141 92.60 -164.75 -36.02
C SER JC 141 91.24 -164.04 -35.99
N LYS JC 142 90.19 -164.83 -36.18
CA LYS JC 142 88.84 -164.27 -36.30
C LYS JC 142 88.42 -163.57 -35.00
N LYS JC 143 88.78 -164.16 -33.85
CA LYS JC 143 88.35 -163.59 -32.57
C LYS JC 143 88.80 -162.14 -32.42
N ILE JC 144 90.05 -161.84 -32.76
CA ILE JC 144 90.53 -160.47 -32.69
C ILE JC 144 89.85 -159.62 -33.76
N GLN JC 145 89.57 -160.22 -34.92
CA GLN JC 145 88.97 -159.47 -36.02
C GLN JC 145 87.60 -158.92 -35.66
N LYS JC 146 86.73 -159.72 -35.05
CA LYS JC 146 85.42 -159.21 -34.68
C LYS JC 146 85.53 -158.08 -33.66
N LYS JC 147 86.47 -158.20 -32.72
CA LYS JC 147 86.75 -157.10 -31.81
C LYS JC 147 87.13 -155.85 -32.58
N TYR JC 148 88.00 -156.00 -33.58
CA TYR JC 148 88.33 -154.85 -34.42
C TYR JC 148 87.14 -154.38 -35.24
N ASP JC 149 86.36 -155.33 -35.77
CA ASP JC 149 85.17 -154.96 -36.55
C ASP JC 149 84.17 -154.22 -35.68
N GLU JC 150 84.03 -154.62 -34.41
CA GLU JC 150 83.20 -153.86 -33.48
C GLU JC 150 83.75 -152.45 -33.29
N ARG JC 151 85.07 -152.31 -33.30
CA ARG JC 151 85.68 -150.99 -33.18
C ARG JC 151 85.58 -150.20 -34.48
N LYS JC 152 85.29 -150.88 -35.60
CA LYS JC 152 85.10 -150.18 -36.86
C LYS JC 152 83.74 -149.52 -36.93
N LYS JC 153 82.76 -149.99 -36.14
CA LYS JC 153 81.44 -149.38 -36.15
C LYS JC 153 81.45 -147.98 -35.56
N ASN JC 154 82.42 -147.66 -34.70
CA ASN JC 154 82.51 -146.38 -34.03
C ASN JC 154 83.73 -145.58 -34.49
N ALA JC 155 84.07 -145.67 -35.77
CA ALA JC 155 85.24 -144.98 -36.33
C ALA JC 155 84.85 -143.74 -37.11
N LYS JC 156 83.73 -143.12 -36.76
CA LYS JC 156 83.25 -141.92 -37.44
C LYS JC 156 83.97 -140.70 -36.89
N ILE JC 157 84.76 -140.05 -37.74
CA ILE JC 157 85.50 -138.85 -37.39
C ILE JC 157 84.87 -137.67 -38.10
N SER JC 158 84.63 -136.60 -37.35
CA SER JC 158 83.95 -135.44 -37.90
C SER JC 158 84.72 -134.86 -39.08
N SER JC 159 83.97 -134.39 -40.08
CA SER JC 159 84.57 -133.95 -41.34
C SER JC 159 85.59 -132.85 -41.11
N LEU JC 160 85.35 -131.98 -40.12
CA LEU JC 160 86.30 -130.90 -39.85
C LEU JC 160 87.49 -131.40 -39.04
N LEU JC 161 87.44 -132.64 -38.56
CA LEU JC 161 88.62 -133.23 -37.93
C LEU JC 161 89.50 -133.93 -38.96
N GLU JC 162 88.92 -134.85 -39.75
CA GLU JC 162 89.71 -135.61 -40.71
C GLU JC 162 90.32 -134.72 -41.78
N GLU JC 163 89.62 -133.66 -42.19
CA GLU JC 163 90.20 -132.71 -43.12
C GLU JC 163 91.45 -132.06 -42.55
N GLN JC 164 91.41 -131.71 -41.27
CA GLN JC 164 92.61 -131.24 -40.59
C GLN JC 164 93.68 -132.32 -40.57
N PHE JC 165 93.26 -133.59 -40.54
CA PHE JC 165 94.22 -134.69 -40.56
C PHE JC 165 94.93 -134.80 -41.92
N GLN JC 166 94.21 -134.53 -43.01
CA GLN JC 166 94.82 -134.66 -44.33
C GLN JC 166 95.97 -133.69 -44.50
N GLN JC 167 95.81 -132.45 -44.00
CA GLN JC 167 96.85 -131.45 -44.16
C GLN JC 167 98.14 -131.86 -43.46
N GLY JC 168 98.07 -132.52 -42.31
CA GLY JC 168 99.22 -133.08 -41.65
C GLY JC 168 99.51 -132.51 -40.28
N LYS JC 169 98.74 -131.54 -39.81
CA LYS JC 169 98.93 -130.96 -38.49
C LYS JC 169 97.57 -130.65 -37.87
N LEU JC 170 97.46 -130.84 -36.56
CA LEU JC 170 96.24 -130.53 -35.83
C LEU JC 170 96.35 -129.16 -35.17
N LEU JC 171 95.20 -128.50 -35.03
CA LEU JC 171 95.10 -127.21 -34.36
C LEU JC 171 94.40 -127.42 -33.03
N ALA JC 172 94.96 -126.85 -31.97
CA ALA JC 172 94.49 -127.11 -30.62
C ALA JC 172 94.83 -125.93 -29.71
N CYS JC 173 94.19 -125.91 -28.53
CA CYS JC 173 94.40 -124.87 -27.54
C CYS JC 173 95.10 -125.47 -26.34
N ILE JC 174 95.99 -124.69 -25.73
CA ILE JC 174 96.78 -125.16 -24.61
C ILE JC 174 95.91 -125.16 -23.35
N ALA JC 175 96.30 -125.98 -22.37
CA ALA JC 175 95.63 -126.03 -21.08
C ALA JC 175 96.51 -125.64 -19.91
N SER JC 176 97.80 -125.97 -19.94
CA SER JC 176 98.70 -125.65 -18.85
C SER JC 176 99.13 -124.19 -18.91
N ARG JC 177 100.07 -123.82 -18.06
CA ARG JC 177 100.57 -122.44 -17.98
C ARG JC 177 102.09 -122.44 -18.11
N PRO JC 178 102.61 -122.33 -19.34
CA PRO JC 178 104.05 -122.15 -19.49
C PRO JC 178 104.54 -120.91 -18.78
N GLY JC 179 105.74 -121.00 -18.21
CA GLY JC 179 106.22 -119.98 -17.30
C GLY JC 179 105.83 -120.21 -15.86
N GLN JC 180 104.87 -121.10 -15.61
CA GLN JC 180 104.50 -121.53 -14.27
C GLN JC 180 104.74 -123.01 -14.05
N CYS JC 181 104.26 -123.86 -14.96
CA CYS JC 181 104.48 -125.29 -14.90
C CYS JC 181 105.65 -125.76 -15.76
N GLY JC 182 106.16 -124.91 -16.64
CA GLY JC 182 107.25 -125.30 -17.50
C GLY JC 182 106.89 -126.29 -18.58
N ARG JC 183 105.61 -126.47 -18.86
CA ARG JC 183 105.15 -127.38 -19.91
C ARG JC 183 104.11 -126.69 -20.77
N ALA JC 184 103.93 -127.20 -21.98
CA ALA JC 184 102.83 -126.79 -22.84
C ALA JC 184 101.90 -128.00 -22.97
N ASP JC 185 101.04 -128.18 -21.98
CA ASP JC 185 100.14 -129.32 -21.93
C ASP JC 185 98.71 -128.87 -22.16
N GLY JC 186 98.01 -129.61 -23.01
CA GLY JC 186 96.66 -129.23 -23.39
C GLY JC 186 95.83 -130.34 -23.97
N TYR JC 187 94.97 -129.98 -24.91
CA TYR JC 187 94.00 -130.88 -25.51
C TYR JC 187 93.71 -130.36 -26.91
N VAL JC 188 93.21 -131.24 -27.76
CA VAL JC 188 92.83 -130.79 -29.10
C VAL JC 188 91.40 -130.30 -29.07
N LEU JC 189 91.18 -129.15 -29.68
CA LEU JC 189 89.86 -128.56 -29.79
C LEU JC 189 88.97 -129.52 -30.57
N GLU JC 190 87.69 -129.57 -30.22
CA GLU JC 190 86.81 -130.57 -30.83
C GLU JC 190 85.44 -129.98 -31.10
N GLY JC 191 84.83 -130.44 -32.20
CA GLY JC 191 83.46 -130.08 -32.51
C GLY JC 191 83.26 -128.59 -32.66
N LYS JC 192 82.27 -128.06 -31.94
CA LYS JC 192 82.01 -126.62 -31.98
C LYS JC 192 83.24 -125.82 -31.59
N GLU JC 193 84.09 -126.37 -30.72
CA GLU JC 193 85.28 -125.65 -30.29
C GLU JC 193 86.20 -125.38 -31.48
N LEU JC 194 86.26 -126.31 -32.42
CA LEU JC 194 86.81 -125.98 -33.74
C LEU JC 194 85.96 -124.94 -34.44
N GLU JC 195 84.64 -125.15 -34.47
CA GLU JC 195 83.79 -124.35 -35.33
C GLU JC 195 83.90 -122.86 -35.01
N PHE JC 196 83.88 -122.51 -33.72
CA PHE JC 196 84.03 -121.10 -33.35
C PHE JC 196 85.45 -120.62 -33.61
N TYR JC 197 86.46 -121.43 -33.27
CA TYR JC 197 87.83 -120.99 -33.38
C TYR JC 197 88.28 -120.89 -34.83
N LEU JC 198 88.00 -121.89 -35.65
CA LEU JC 198 88.37 -121.79 -37.06
C LEU JC 198 87.60 -120.70 -37.78
N ARG JC 199 86.37 -120.41 -37.33
CA ARG JC 199 85.64 -119.26 -37.85
C ARG JC 199 86.40 -117.97 -37.56
N LYS JC 200 86.97 -117.86 -36.36
CA LYS JC 200 87.75 -116.67 -36.03
C LYS JC 200 88.97 -116.55 -36.93
N ILE JC 201 89.68 -117.65 -37.15
CA ILE JC 201 90.88 -117.60 -38.00
C ILE JC 201 90.50 -117.17 -39.40
N LYS JC 202 89.40 -117.71 -39.93
CA LYS JC 202 88.91 -117.25 -41.23
C LYS JC 202 88.58 -115.76 -41.20
N ALA JC 203 88.15 -115.24 -40.06
CA ALA JC 203 87.86 -113.81 -39.97
C ALA JC 203 89.12 -112.98 -40.08
N ARG JC 204 90.23 -113.43 -39.50
CA ARG JC 204 91.45 -112.63 -39.50
C ARG JC 204 91.97 -112.42 -40.92
N LYS JC 205 91.93 -113.46 -41.74
CA LYS JC 205 92.46 -113.40 -43.09
C LYS JC 205 91.49 -114.03 -44.07
N GLY JC 206 91.27 -113.36 -45.20
CA GLY JC 206 90.36 -113.84 -46.22
C GLY JC 206 88.91 -113.78 -45.79
N ALA KC 1 70.73 -113.84 -28.98
CA ALA KC 1 72.17 -113.87 -29.24
C ALA KC 1 72.83 -114.99 -28.44
N ASP KC 2 73.84 -115.61 -29.05
CA ASP KC 2 74.55 -116.71 -28.41
C ASP KC 2 75.42 -116.18 -27.26
N ILE KC 3 76.05 -117.10 -26.55
CA ILE KC 3 76.97 -116.75 -25.48
C ILE KC 3 78.37 -116.62 -26.04
N GLN KC 4 78.56 -117.07 -27.28
CA GLN KC 4 79.87 -117.00 -27.93
C GLN KC 4 80.08 -115.61 -28.51
N THR KC 5 80.01 -114.62 -27.62
CA THR KC 5 80.07 -113.23 -28.00
C THR KC 5 81.49 -112.67 -28.06
N GLU KC 6 82.45 -113.32 -27.45
CA GLU KC 6 83.78 -112.75 -27.26
C GLU KC 6 84.81 -113.61 -27.96
N ARG KC 7 86.05 -113.09 -27.99
CA ARG KC 7 87.16 -113.75 -28.68
C ARG KC 7 87.50 -115.12 -28.10
N ALA KC 8 87.05 -115.42 -26.88
CA ALA KC 8 87.34 -116.69 -26.25
C ALA KC 8 86.07 -117.51 -26.13
N TYR KC 9 86.21 -118.81 -26.38
CA TYR KC 9 85.08 -119.72 -26.22
C TYR KC 9 84.66 -119.77 -24.76
N GLN KC 10 83.35 -119.88 -24.55
CA GLN KC 10 82.77 -119.89 -23.21
C GLN KC 10 82.06 -121.21 -22.97
N LYS KC 11 82.48 -121.92 -21.94
CA LYS KC 11 81.91 -123.22 -21.61
C LYS KC 11 82.15 -123.48 -20.13
N GLN KC 12 81.26 -124.25 -19.54
CA GLN KC 12 81.47 -124.69 -18.16
C GLN KC 12 82.63 -125.69 -18.13
N PRO KC 13 83.56 -125.56 -17.18
CA PRO KC 13 84.77 -126.38 -17.24
C PRO KC 13 84.56 -127.86 -16.96
N THR KC 14 83.41 -128.25 -16.42
CA THR KC 14 83.19 -129.62 -15.99
C THR KC 14 82.28 -130.40 -16.94
N ILE KC 15 82.20 -129.97 -18.20
CA ILE KC 15 81.30 -130.58 -19.17
C ILE KC 15 82.07 -130.90 -20.45
N PHE KC 16 81.90 -132.11 -20.97
CA PHE KC 16 82.35 -132.43 -22.31
C PHE KC 16 81.20 -132.19 -23.30
N GLN KC 17 81.49 -131.45 -24.35
CA GLN KC 17 80.52 -131.21 -25.41
C GLN KC 17 80.63 -132.20 -26.57
N ASN KC 18 81.86 -132.52 -26.99
CA ASN KC 18 82.08 -133.39 -28.15
C ASN KC 18 82.39 -134.83 -27.69
N LYS KC 19 81.38 -135.47 -27.11
CA LYS KC 19 81.55 -136.82 -26.56
C LYS KC 19 81.29 -137.88 -27.62
N LYS KC 20 82.31 -138.13 -28.44
CA LYS KC 20 82.35 -139.21 -29.42
C LYS KC 20 81.02 -139.42 -30.15
N ARG KC 21 80.45 -138.32 -30.67
CA ARG KC 21 79.10 -138.36 -31.24
C ARG KC 21 79.15 -139.19 -32.52
N VAL KC 22 78.81 -140.47 -32.37
CA VAL KC 22 78.85 -141.43 -33.47
C VAL KC 22 77.41 -141.86 -33.77
N LEU KC 23 77.24 -142.70 -34.79
CA LEU KC 23 75.90 -143.09 -35.25
C LEU KC 23 75.10 -143.80 -34.17
N LEU KC 24 75.74 -144.16 -33.04
CA LEU KC 24 74.99 -144.69 -31.91
C LEU KC 24 73.97 -143.68 -31.40
N GLY KC 25 74.28 -142.39 -31.48
CA GLY KC 25 73.36 -141.32 -31.15
C GLY KC 25 72.81 -140.68 -32.41
N GLU KC 26 71.60 -140.15 -32.32
CA GLU KC 26 70.92 -139.59 -33.48
C GLU KC 26 71.45 -138.18 -33.73
N THR KC 27 70.84 -137.47 -34.69
CA THR KC 27 71.32 -136.17 -35.15
C THR KC 27 70.15 -135.17 -35.25
N GLY KC 28 69.40 -134.99 -34.16
CA GLY KC 28 69.63 -135.46 -32.80
C GLY KC 28 68.40 -136.06 -32.14
N LYS KC 29 68.04 -135.53 -30.98
CA LYS KC 29 68.73 -134.37 -30.40
C LYS KC 29 69.76 -134.76 -29.34
N GLU KC 30 71.00 -134.38 -29.57
CA GLU KC 30 72.07 -134.55 -28.59
C GLU KC 30 72.14 -133.25 -27.80
N LYS KC 31 71.73 -133.29 -26.54
CA LYS KC 31 71.68 -132.10 -25.71
C LYS KC 31 72.95 -132.00 -24.87
N LEU KC 32 73.63 -130.88 -24.97
CA LEU KC 32 74.78 -130.62 -24.13
C LEU KC 32 74.33 -130.51 -22.68
N PRO KC 33 74.98 -131.17 -21.73
CA PRO KC 33 74.55 -131.10 -20.34
C PRO KC 33 74.81 -129.71 -19.76
N ARG KC 34 74.05 -129.38 -18.72
CA ARG KC 34 74.19 -128.13 -18.00
C ARG KC 34 74.64 -128.43 -16.58
N TYR KC 35 75.77 -127.86 -16.19
CA TYR KC 35 76.33 -128.09 -14.87
C TYR KC 35 75.77 -127.08 -13.89
N TYR KC 36 75.31 -127.56 -12.74
CA TYR KC 36 74.92 -126.71 -11.64
C TYR KC 36 75.34 -127.36 -10.33
N LYS KC 37 75.60 -126.53 -9.33
CA LYS KC 37 75.91 -127.03 -8.00
C LYS KC 37 74.97 -126.36 -7.00
N ASN KC 38 74.60 -127.13 -5.98
CA ASN KC 38 73.78 -126.62 -4.90
C ASN KC 38 74.65 -125.85 -3.93
N ILE KC 39 74.12 -124.76 -3.39
CA ILE KC 39 74.81 -123.99 -2.39
C ILE KC 39 74.16 -124.27 -1.05
N GLY KC 40 74.88 -123.97 0.03
CA GLY KC 40 74.40 -124.27 1.36
C GLY KC 40 73.32 -123.33 1.86
N LEU KC 41 72.99 -123.45 3.15
CA LEU KC 41 71.99 -122.60 3.81
C LEU KC 41 70.60 -122.81 3.23
N GLY KC 42 70.42 -123.88 2.44
CA GLY KC 42 69.13 -124.16 1.87
C GLY KC 42 68.63 -123.12 0.89
N PHE KC 43 69.51 -122.58 0.04
CA PHE KC 43 69.09 -121.63 -0.97
C PHE KC 43 68.73 -122.36 -2.26
N LYS KC 44 67.51 -122.15 -2.74
CA LYS KC 44 67.02 -122.87 -3.90
C LYS KC 44 67.66 -122.32 -5.18
N THR KC 45 68.26 -123.20 -5.95
CA THR KC 45 68.84 -122.80 -7.23
C THR KC 45 67.72 -122.42 -8.19
N PRO KC 46 67.87 -121.34 -8.95
CA PRO KC 46 66.80 -120.92 -9.85
C PRO KC 46 66.62 -121.87 -11.01
N LYS KC 47 65.38 -121.92 -11.52
CA LYS KC 47 65.10 -122.70 -12.72
C LYS KC 47 65.84 -122.15 -13.92
N GLU KC 48 65.93 -120.82 -14.02
CA GLU KC 48 66.62 -120.20 -15.15
C GLU KC 48 68.09 -120.62 -15.22
N ALA KC 49 68.65 -121.07 -14.10
CA ALA KC 49 69.99 -121.61 -14.13
C ALA KC 49 69.99 -123.12 -14.34
N ILE KC 50 68.86 -123.78 -14.06
CA ILE KC 50 68.81 -125.24 -14.16
C ILE KC 50 68.88 -125.68 -15.62
N GLU KC 51 68.10 -125.02 -16.49
CA GLU KC 51 68.09 -125.34 -17.91
C GLU KC 51 68.43 -124.10 -18.73
N GLY KC 52 69.26 -123.23 -18.17
CA GLY KC 52 69.64 -122.00 -18.84
C GLY KC 52 70.67 -122.22 -19.94
N THR KC 53 70.93 -121.14 -20.67
CA THR KC 53 71.89 -121.17 -21.77
C THR KC 53 73.11 -120.30 -21.54
N TYR KC 54 73.07 -119.41 -20.54
CA TYR KC 54 74.18 -118.49 -20.32
C TYR KC 54 75.42 -119.23 -19.83
N ILE KC 55 76.57 -118.57 -19.95
CA ILE KC 55 77.84 -119.06 -19.43
C ILE KC 55 78.40 -118.00 -18.50
N ASP KC 56 78.79 -118.42 -17.29
CA ASP KC 56 79.33 -117.50 -16.31
C ASP KC 56 80.22 -118.28 -15.35
N LYS KC 57 81.45 -117.81 -15.15
CA LYS KC 57 82.39 -118.48 -14.28
C LYS KC 57 82.30 -118.00 -12.83
N LYS KC 58 81.63 -116.88 -12.58
CA LYS KC 58 81.47 -116.35 -11.22
C LYS KC 58 80.06 -116.55 -10.68
N CYS KC 59 79.17 -117.16 -11.44
CA CYS KC 59 77.79 -117.34 -10.99
C CYS KC 59 77.75 -118.25 -9.76
N PRO KC 60 76.95 -117.90 -8.74
CA PRO KC 60 76.93 -118.71 -7.51
C PRO KC 60 76.44 -120.13 -7.71
N PHE KC 61 75.75 -120.43 -8.81
CA PHE KC 61 75.25 -121.77 -9.07
C PHE KC 61 75.96 -122.48 -10.20
N THR KC 62 76.42 -121.75 -11.22
CA THR KC 62 77.05 -122.33 -12.40
C THR KC 62 78.48 -121.86 -12.54
N GLY KC 63 79.12 -121.46 -11.44
CA GLY KC 63 80.49 -121.02 -11.48
C GLY KC 63 81.25 -121.47 -10.24
N ASN KC 64 82.56 -121.53 -10.39
CA ASN KC 64 83.44 -122.00 -9.31
C ASN KC 64 83.63 -120.93 -8.24
N VAL KC 65 82.52 -120.51 -7.65
CA VAL KC 65 82.54 -119.58 -6.52
C VAL KC 65 81.79 -120.23 -5.37
N SER KC 66 82.38 -120.14 -4.18
CA SER KC 66 81.84 -120.76 -2.98
C SER KC 66 81.30 -119.66 -2.08
N ILE KC 67 80.10 -119.87 -1.56
CA ILE KC 67 79.47 -118.91 -0.66
C ILE KC 67 79.86 -119.27 0.77
N ARG KC 68 80.63 -118.41 1.42
CA ARG KC 68 81.02 -118.61 2.80
C ARG KC 68 81.24 -117.24 3.43
N GLY KC 69 80.98 -117.14 4.72
CA GLY KC 69 81.12 -115.90 5.44
C GLY KC 69 79.79 -115.21 5.65
N ARG KC 70 79.82 -113.90 5.84
CA ARG KC 70 78.62 -113.14 6.19
C ARG KC 70 77.61 -113.18 5.06
N ILE KC 71 76.34 -113.41 5.43
CA ILE KC 71 75.24 -113.42 4.48
C ILE KC 71 74.21 -112.41 4.96
N LEU KC 72 73.86 -111.47 4.08
CA LEU KC 72 72.95 -110.39 4.44
C LEU KC 72 72.15 -110.00 3.22
N SER KC 73 71.33 -108.96 3.36
CA SER KC 73 70.43 -108.54 2.29
C SER KC 73 70.88 -107.18 1.74
N GLY KC 74 70.07 -106.66 0.83
CA GLY KC 74 70.37 -105.36 0.25
C GLY KC 74 69.23 -104.94 -0.67
N VAL KC 75 69.36 -103.70 -1.16
CA VAL KC 75 68.38 -103.11 -2.06
C VAL KC 75 69.12 -102.62 -3.31
N VAL KC 76 68.60 -102.99 -4.48
CA VAL KC 76 69.27 -102.71 -5.74
C VAL KC 76 69.25 -101.21 -6.02
N THR KC 77 70.37 -100.68 -6.49
CA THR KC 77 70.46 -99.25 -6.81
C THR KC 77 70.71 -98.97 -8.28
N LYS KC 78 71.74 -99.56 -8.88
CA LYS KC 78 72.13 -99.21 -10.25
C LYS KC 78 72.30 -100.46 -11.09
N MET KC 79 71.65 -100.49 -12.25
CA MET KC 79 71.70 -101.63 -13.16
C MET KC 79 72.90 -101.60 -14.10
N LYS KC 80 73.65 -100.51 -14.17
CA LYS KC 80 74.74 -100.40 -15.12
C LYS KC 80 75.93 -101.19 -14.61
N MET KC 81 77.08 -101.06 -15.28
CA MET KC 81 78.29 -101.82 -14.94
C MET KC 81 77.98 -103.32 -14.98
N GLN KC 82 77.78 -103.77 -16.22
CA GLN KC 82 77.17 -105.05 -16.55
C GLN KC 82 77.68 -106.21 -15.71
N ARG KC 83 76.79 -107.17 -15.45
CA ARG KC 83 77.07 -108.44 -14.78
C ARG KC 83 77.34 -108.25 -13.30
N THR KC 84 77.37 -107.00 -12.85
CA THR KC 84 77.52 -106.66 -11.44
C THR KC 84 76.55 -105.54 -11.10
N ILE KC 85 76.13 -105.51 -9.83
CA ILE KC 85 75.12 -104.58 -9.37
C ILE KC 85 75.63 -103.86 -8.13
N VAL KC 86 75.42 -102.55 -8.07
CA VAL KC 86 75.69 -101.78 -6.86
C VAL KC 86 74.40 -101.72 -6.05
N ILE KC 87 74.43 -102.27 -4.84
CA ILE KC 87 73.31 -102.17 -3.92
C ILE KC 87 73.77 -101.35 -2.72
N ARG KC 88 72.81 -100.72 -2.07
CA ARG KC 88 73.08 -99.95 -0.86
C ARG KC 88 72.46 -100.67 0.33
N ARG KC 89 73.07 -100.49 1.49
CA ARG KC 89 72.55 -101.04 2.74
C ARG KC 89 72.36 -99.89 3.71
N ASP KC 90 71.14 -99.70 4.17
CA ASP KC 90 70.83 -98.69 5.17
C ASP KC 90 70.90 -99.32 6.55
N TYR KC 91 71.52 -98.62 7.48
CA TYR KC 91 71.68 -99.13 8.83
C TYR KC 91 71.73 -97.97 9.81
N LEU KC 92 71.50 -98.27 11.07
CA LEU KC 92 71.50 -97.28 12.14
C LEU KC 92 72.71 -97.48 13.02
N HIS KC 93 73.48 -96.42 13.22
CA HIS KC 93 74.60 -96.42 14.14
C HIS KC 93 74.20 -95.73 15.43
N TYR KC 94 74.60 -96.32 16.54
CA TYR KC 94 74.25 -95.80 17.87
C TYR KC 94 75.32 -94.82 18.32
N ILE KC 95 74.88 -93.71 18.88
CA ILE KC 95 75.78 -92.68 19.41
C ILE KC 95 75.54 -92.60 20.92
N ARG KC 96 76.61 -92.74 21.70
CA ARG KC 96 76.44 -92.87 23.14
C ARG KC 96 76.08 -91.54 23.79
N LYS KC 97 76.73 -90.45 23.39
CA LYS KC 97 76.59 -89.20 24.13
C LYS KC 97 75.17 -88.66 24.05
N TYR KC 98 74.58 -88.68 22.87
CA TYR KC 98 73.24 -88.15 22.68
C TYR KC 98 72.16 -89.20 22.84
N ASN KC 99 72.54 -90.44 23.13
CA ASN KC 99 71.59 -91.55 23.29
C ASN KC 99 70.66 -91.65 22.09
N ARG KC 100 71.11 -91.18 20.94
CA ARG KC 100 70.30 -91.11 19.74
C ARG KC 100 71.07 -91.73 18.59
N PHE KC 101 70.35 -92.07 17.53
CA PHE KC 101 70.91 -92.83 16.44
C PHE KC 101 71.30 -91.92 15.28
N GLU KC 102 72.12 -92.48 14.39
CA GLU KC 102 72.60 -91.77 13.22
C GLU KC 102 72.52 -92.73 12.04
N LYS KC 103 71.59 -92.49 11.13
CA LYS KC 103 71.42 -93.40 10.00
C LYS KC 103 72.57 -93.23 9.02
N ARG KC 104 73.20 -94.33 8.67
CA ARG KC 104 74.29 -94.36 7.72
C ARG KC 104 74.01 -95.46 6.70
N HIS KC 105 74.63 -95.32 5.53
CA HIS KC 105 74.54 -96.34 4.50
C HIS KC 105 75.93 -96.61 3.95
N LYS KC 106 76.13 -97.85 3.50
CA LYS KC 106 77.40 -98.25 2.91
C LYS KC 106 77.07 -99.13 1.71
N ASN KC 107 76.94 -98.50 0.54
CA ASN KC 107 76.62 -99.24 -0.67
C ASN KC 107 77.78 -100.15 -1.05
N MET KC 108 77.45 -101.31 -1.61
CA MET KC 108 78.45 -102.33 -1.91
C MET KC 108 78.17 -102.89 -3.29
N SER KC 109 79.19 -102.86 -4.15
CA SER KC 109 79.05 -103.40 -5.49
C SER KC 109 79.10 -104.92 -5.44
N VAL KC 110 78.13 -105.55 -6.10
CA VAL KC 110 77.98 -106.99 -6.04
C VAL KC 110 77.75 -107.54 -7.44
N HIS KC 111 78.18 -108.78 -7.65
CA HIS KC 111 78.01 -109.44 -8.94
C HIS KC 111 76.63 -110.05 -9.05
N LEU KC 112 75.94 -109.75 -10.14
CA LEU KC 112 74.61 -110.30 -10.41
C LEU KC 112 74.75 -111.40 -11.44
N SER KC 113 74.50 -112.63 -11.02
CA SER KC 113 74.48 -113.73 -11.98
C SER KC 113 73.30 -113.58 -12.93
N PRO KC 114 73.50 -113.84 -14.22
CA PRO KC 114 72.43 -113.66 -15.20
C PRO KC 114 71.27 -114.64 -15.07
N CYS KC 115 71.34 -115.58 -14.13
CA CYS KC 115 70.21 -116.47 -13.90
C CYS KC 115 68.99 -115.75 -13.34
N PHE KC 116 69.19 -114.57 -12.75
CA PHE KC 116 68.08 -113.70 -12.35
C PHE KC 116 67.90 -112.64 -13.43
N ARG KC 117 66.76 -112.70 -14.12
CA ARG KC 117 66.51 -111.83 -15.27
C ARG KC 117 65.74 -110.57 -14.88
N ASP KC 118 64.75 -110.69 -14.00
CA ASP KC 118 63.89 -109.58 -13.63
C ASP KC 118 64.42 -108.93 -12.35
N VAL KC 119 65.24 -107.90 -12.51
CA VAL KC 119 65.72 -107.08 -11.40
C VAL KC 119 65.57 -105.62 -11.81
N GLN KC 120 64.91 -104.83 -10.96
CA GLN KC 120 64.72 -103.42 -11.19
C GLN KC 120 65.40 -102.62 -10.08
N ILE KC 121 65.24 -101.30 -10.13
CA ILE KC 121 65.81 -100.41 -9.13
C ILE KC 121 65.06 -100.58 -7.83
N GLY KC 122 65.79 -100.67 -6.72
CA GLY KC 122 65.19 -100.62 -5.41
C GLY KC 122 64.46 -101.86 -4.95
N ASP KC 123 64.95 -103.05 -5.29
CA ASP KC 123 64.31 -104.29 -4.88
C ASP KC 123 65.21 -105.01 -3.88
N ILE KC 124 64.59 -105.73 -2.94
CA ILE KC 124 65.34 -106.37 -1.87
C ILE KC 124 66.00 -107.64 -2.39
N VAL KC 125 67.31 -107.74 -2.19
CA VAL KC 125 68.10 -108.88 -2.65
C VAL KC 125 68.85 -109.47 -1.47
N THR KC 126 68.83 -110.80 -1.36
CA THR KC 126 69.63 -111.50 -0.37
C THR KC 126 70.96 -111.90 -1.00
N VAL KC 127 72.07 -111.49 -0.38
CA VAL KC 127 73.39 -111.63 -0.97
C VAL KC 127 74.31 -112.36 0.01
N GLY KC 128 75.21 -113.14 -0.56
CA GLY KC 128 76.13 -113.93 0.24
C GLY KC 128 77.57 -113.61 -0.08
N GLU KC 129 78.41 -113.70 0.94
CA GLU KC 129 79.83 -113.49 0.80
C GLU KC 129 80.46 -114.54 -0.09
N CYS KC 130 81.47 -114.14 -0.86
CA CYS KC 130 82.23 -115.06 -1.69
C CYS KC 130 83.67 -114.56 -1.78
N ARG KC 131 84.45 -115.21 -2.63
CA ARG KC 131 85.83 -114.80 -2.85
C ARG KC 131 85.87 -113.58 -3.75
N PRO KC 132 86.94 -112.77 -3.67
CA PRO KC 132 87.00 -111.55 -4.48
C PRO KC 132 86.96 -111.82 -5.97
N LEU KC 133 85.90 -111.36 -6.63
CA LEU KC 133 85.79 -111.48 -8.07
C LEU KC 133 86.34 -110.27 -8.81
N SER KC 134 86.38 -109.11 -8.16
CA SER KC 134 86.97 -107.91 -8.73
C SER KC 134 87.60 -107.12 -7.60
N LYS KC 135 88.17 -105.96 -7.94
CA LYS KC 135 88.84 -105.16 -6.91
C LYS KC 135 87.88 -104.75 -5.81
N THR KC 136 86.63 -104.46 -6.16
CA THR KC 136 85.62 -104.10 -5.18
C THR KC 136 84.42 -105.04 -5.17
N VAL KC 137 84.58 -106.26 -5.66
CA VAL KC 137 83.51 -107.26 -5.62
C VAL KC 137 83.97 -108.41 -4.73
N ARG KC 138 83.16 -108.70 -3.71
CA ARG KC 138 83.47 -109.80 -2.80
C ARG KC 138 82.23 -110.63 -2.45
N PHE KC 139 81.05 -110.23 -2.92
CA PHE KC 139 79.80 -110.88 -2.54
C PHE KC 139 79.10 -111.38 -3.79
N ASN KC 140 78.20 -112.35 -3.60
CA ASN KC 140 77.44 -112.94 -4.70
C ASN KC 140 75.96 -112.86 -4.38
N VAL KC 141 75.17 -112.38 -5.33
CA VAL KC 141 73.72 -112.35 -5.18
C VAL KC 141 73.20 -113.78 -5.10
N LEU KC 142 72.25 -114.02 -4.19
CA LEU KC 142 71.64 -115.33 -4.03
C LEU KC 142 70.14 -115.33 -4.24
N LYS KC 143 69.44 -114.23 -3.96
CA LYS KC 143 67.99 -114.23 -4.04
C LYS KC 143 67.52 -112.79 -4.18
N VAL KC 144 66.47 -112.61 -4.98
CA VAL KC 144 65.81 -111.31 -5.15
C VAL KC 144 64.34 -111.47 -4.77
N THR KC 145 63.79 -110.47 -4.09
CA THR KC 145 62.41 -110.49 -3.63
C THR KC 145 61.71 -109.21 -4.08
N LYS KC 146 60.63 -109.36 -4.84
CA LYS KC 146 59.90 -108.22 -5.37
C LYS KC 146 59.23 -107.43 -4.25
N ALA KC 147 59.23 -106.10 -4.39
CA ALA KC 147 58.65 -105.19 -3.42
C ALA KC 147 57.70 -104.23 -4.12
N ALA KC 148 56.47 -104.13 -3.62
CA ALA KC 148 55.46 -103.17 -4.11
C ALA KC 148 55.22 -103.29 -5.61
N GLY KC 149 55.61 -104.41 -6.20
CA GLY KC 149 55.42 -104.63 -7.62
C GLY KC 149 54.54 -105.81 -7.94
N THR KC 150 55.12 -106.83 -8.57
CA THR KC 150 54.48 -108.10 -8.90
C THR KC 150 53.31 -107.95 -9.88
N LYS KC 151 53.03 -106.74 -10.34
CA LYS KC 151 51.97 -106.50 -11.32
C LYS KC 151 52.17 -105.13 -11.91
N LYS KC 152 52.11 -105.02 -13.24
CA LYS KC 152 52.39 -103.78 -13.95
C LYS KC 152 51.17 -103.32 -14.73
N GLN KC 153 50.82 -102.05 -14.57
CA GLN KC 153 49.72 -101.46 -15.33
C GLN KC 153 50.23 -101.00 -16.69
N GLY LC 1 62.17 -74.80 19.43
CA GLY LC 1 63.22 -75.30 20.29
C GLY LC 1 64.23 -76.16 19.55
N LYS LC 2 64.58 -77.29 20.15
CA LYS LC 2 65.53 -78.23 19.56
C LYS LC 2 64.78 -79.47 19.09
N CYS LC 3 65.37 -80.15 18.10
CA CYS LC 3 64.84 -81.43 17.68
C CYS LC 3 65.05 -82.46 18.78
N ARG LC 4 64.17 -83.47 18.80
CA ARG LC 4 64.19 -84.44 19.88
C ARG LC 4 63.96 -85.87 19.40
N GLY LC 5 64.10 -86.13 18.11
CA GLY LC 5 63.80 -87.45 17.58
C GLY LC 5 64.83 -88.49 18.00
N LEU LC 6 64.56 -89.73 17.58
CA LEU LC 6 65.43 -90.82 17.98
C LEU LC 6 66.69 -90.87 17.13
N ARG LC 7 66.54 -90.90 15.81
CA ARG LC 7 67.71 -90.94 14.93
C ARG LC 7 68.05 -89.53 14.44
N THR LC 8 68.30 -88.64 15.42
CA THR LC 8 68.68 -87.26 15.15
C THR LC 8 69.97 -86.92 15.86
N ALA LC 9 70.82 -87.91 16.11
CA ALA LC 9 72.08 -87.66 16.79
C ALA LC 9 73.03 -86.82 15.95
N ARG LC 10 73.10 -87.07 14.64
CA ARG LC 10 74.05 -86.36 13.80
C ARG LC 10 73.75 -84.86 13.77
N LYS LC 11 72.48 -84.51 13.55
CA LYS LC 11 72.10 -83.10 13.61
C LYS LC 11 72.45 -82.51 14.97
N LEU LC 12 72.21 -83.28 16.03
CA LEU LC 12 72.58 -82.82 17.36
C LEU LC 12 74.10 -82.74 17.52
N ARG LC 13 74.79 -83.81 17.13
CA ARG LC 13 76.25 -83.82 17.31
C ARG LC 13 76.92 -82.76 16.44
N SER LC 14 76.43 -82.58 15.21
CA SER LC 14 77.02 -81.58 14.33
C SER LC 14 76.80 -80.18 14.87
N HIS LC 15 75.55 -79.86 15.24
CA HIS LC 15 75.24 -78.51 15.69
C HIS LC 15 76.03 -78.15 16.95
N ARG LC 16 76.11 -79.08 17.90
CA ARG LC 16 76.89 -78.81 19.11
C ARG LC 16 78.35 -78.58 18.75
N ARG LC 17 78.91 -79.43 17.89
CA ARG LC 17 80.31 -79.30 17.52
C ARG LC 17 80.60 -77.95 16.86
N ASP LC 18 79.71 -77.50 15.98
CA ASP LC 18 79.87 -76.19 15.38
C ASP LC 18 79.84 -75.09 16.43
N GLN LC 19 78.91 -75.17 17.38
CA GLN LC 19 78.74 -74.12 18.38
C GLN LC 19 79.79 -74.15 19.47
N LYS LC 20 80.64 -75.17 19.52
CA LYS LC 20 81.80 -75.09 20.40
C LYS LC 20 82.78 -74.01 19.97
N TRP LC 21 82.69 -73.54 18.73
CA TRP LC 21 83.64 -72.57 18.21
C TRP LC 21 83.31 -71.14 18.62
N HIS LC 22 82.21 -70.91 19.32
CA HIS LC 22 81.73 -69.57 19.59
C HIS LC 22 82.18 -69.02 20.94
N ASP LC 23 82.80 -69.82 21.79
CA ASP LC 23 83.33 -69.34 23.05
C ASP LC 23 84.86 -69.28 22.97
N LYS LC 24 85.42 -68.30 23.67
CA LYS LC 24 86.80 -67.91 23.42
C LYS LC 24 87.79 -69.01 23.78
N GLN LC 25 87.58 -69.68 24.91
CA GLN LC 25 88.58 -70.64 25.38
C GLN LC 25 88.81 -71.77 24.37
N TYR LC 26 87.72 -72.42 23.97
CA TYR LC 26 87.85 -73.55 23.04
C TYR LC 26 88.45 -73.11 21.72
N LYS LC 27 88.00 -71.96 21.21
CA LYS LC 27 88.56 -71.43 19.97
C LYS LC 27 90.05 -71.16 20.11
N LYS LC 28 90.45 -70.47 21.17
CA LYS LC 28 91.85 -70.12 21.35
C LYS LC 28 92.71 -71.36 21.48
N ALA LC 29 92.25 -72.35 22.23
CA ALA LC 29 93.05 -73.56 22.42
C ALA LC 29 93.22 -74.34 21.12
N HIS LC 30 92.16 -74.44 20.32
CA HIS LC 30 92.15 -75.39 19.22
C HIS LC 30 92.40 -74.76 17.85
N LEU LC 31 92.27 -73.44 17.71
CA LEU LC 31 92.56 -72.82 16.42
C LEU LC 31 94.03 -72.98 16.05
N GLY LC 32 94.92 -72.85 17.03
CA GLY LC 32 96.34 -73.01 16.81
C GLY LC 32 97.08 -71.71 16.59
N THR LC 33 96.38 -70.64 16.19
CA THR LC 33 97.04 -69.36 16.02
C THR LC 33 97.42 -68.77 17.37
N ALA LC 34 96.56 -68.91 18.38
CA ALA LC 34 96.89 -68.42 19.71
C ALA LC 34 98.13 -69.11 20.24
N LEU LC 35 98.25 -70.42 20.02
CA LEU LC 35 99.49 -71.12 20.32
C LEU LC 35 100.64 -70.56 19.51
N LYS LC 36 100.43 -70.32 18.21
CA LYS LC 36 101.51 -69.83 17.37
C LYS LC 36 101.86 -68.38 17.71
N ALA LC 37 100.86 -67.56 18.01
CA ALA LC 37 101.11 -66.18 18.43
C ALA LC 37 101.72 -66.09 19.81
N ASN LC 38 101.78 -67.19 20.54
CA ASN LC 38 102.37 -67.18 21.87
C ASN LC 38 103.88 -67.01 21.79
N PRO LC 39 104.46 -66.01 22.45
CA PRO LC 39 105.93 -65.95 22.52
C PRO LC 39 106.55 -67.15 23.21
N PHE LC 40 105.80 -67.84 24.07
CA PHE LC 40 106.32 -69.00 24.78
C PHE LC 40 106.09 -70.31 24.02
N GLY LC 41 105.34 -70.29 22.93
CA GLY LC 41 105.17 -71.47 22.11
C GLY LC 41 104.56 -72.66 22.82
N GLY LC 42 103.76 -72.42 23.84
CA GLY LC 42 103.11 -73.51 24.56
C GLY LC 42 103.93 -74.10 25.70
N ALA LC 43 105.02 -73.46 26.09
CA ALA LC 43 105.85 -73.94 27.18
C ALA LC 43 105.58 -73.14 28.45
N SER LC 44 105.76 -73.80 29.60
CA SER LC 44 105.56 -73.13 30.87
C SER LC 44 106.65 -72.10 31.13
N HIS LC 45 107.90 -72.48 30.95
CA HIS LC 45 109.04 -71.59 31.12
C HIS LC 45 109.90 -71.61 29.85
N ALA LC 46 110.72 -70.57 29.69
CA ALA LC 46 111.59 -70.47 28.53
C ALA LC 46 112.79 -69.61 28.89
N LYS LC 47 113.91 -69.88 28.22
CA LYS LC 47 115.15 -69.16 28.45
C LYS LC 47 115.27 -67.99 27.49
N GLY LC 48 115.89 -66.92 27.96
CA GLY LC 48 116.07 -65.74 27.13
C GLY LC 48 117.27 -64.93 27.59
N ILE LC 49 117.66 -63.99 26.74
CA ILE LC 49 118.74 -63.07 27.01
C ILE LC 49 118.14 -61.71 27.30
N VAL LC 50 118.62 -61.06 28.37
CA VAL LC 50 118.09 -59.76 28.74
C VAL LC 50 118.67 -58.70 27.80
N LEU LC 51 117.78 -57.98 27.13
CA LEU LC 51 118.21 -56.99 26.14
C LEU LC 51 118.52 -55.64 26.78
N GLU LC 52 117.63 -55.15 27.65
CA GLU LC 52 117.84 -53.89 28.34
C GLU LC 52 116.78 -53.76 29.43
N LYS LC 53 117.01 -52.81 30.33
CA LYS LC 53 116.08 -52.53 31.42
C LYS LC 53 115.16 -51.39 31.01
N VAL LC 54 113.85 -51.63 31.06
CA VAL LC 54 112.87 -50.62 30.71
C VAL LC 54 111.82 -50.57 31.81
N GLY LC 55 111.59 -49.36 32.33
CA GLY LC 55 110.60 -49.17 33.36
C GLY LC 55 109.26 -48.77 32.76
N VAL LC 56 108.17 -49.38 33.23
CA VAL LC 56 106.84 -49.12 32.72
C VAL LC 56 105.99 -48.52 33.83
N GLU LC 57 105.18 -47.52 33.47
CA GLU LC 57 104.31 -46.88 34.43
C GLU LC 57 103.18 -47.81 34.84
N ALA LC 58 102.51 -47.45 35.93
CA ALA LC 58 101.27 -48.12 36.30
C ALA LC 58 100.10 -47.49 35.56
N LYS LC 59 98.91 -48.04 35.80
CA LYS LC 59 97.71 -47.47 35.20
C LYS LC 59 97.37 -46.14 35.87
N GLN LC 60 96.33 -45.50 35.34
CA GLN LC 60 95.93 -44.19 35.88
C GLN LC 60 95.56 -44.23 37.37
N PRO LC 61 94.73 -45.15 37.86
CA PRO LC 61 94.34 -45.10 39.28
C PRO LC 61 95.52 -45.22 40.23
N ASN LC 62 96.57 -45.94 39.87
CA ASN LC 62 97.77 -46.03 40.68
C ASN LC 62 98.81 -45.04 40.16
N SER LC 63 99.93 -44.97 40.88
CA SER LC 63 101.03 -44.10 40.46
C SER LC 63 102.34 -44.74 40.92
N ALA LC 64 102.97 -45.48 40.01
CA ALA LC 64 104.24 -46.13 40.27
C ALA LC 64 104.89 -46.48 38.95
N ILE LC 65 106.21 -46.66 38.98
CA ILE LC 65 106.98 -47.10 37.83
C ILE LC 65 107.47 -48.52 38.09
N ARG LC 66 107.14 -49.42 37.18
CA ARG LC 66 107.41 -50.84 37.36
C ARG LC 66 108.79 -51.19 36.83
N LYS LC 67 109.43 -52.18 37.46
CA LYS LC 67 110.78 -52.58 37.14
C LYS LC 67 110.71 -53.89 36.35
N CYS LC 68 110.71 -53.76 35.02
CA CYS LC 68 110.69 -54.91 34.13
C CYS LC 68 111.87 -54.79 33.16
N VAL LC 69 112.07 -55.85 32.37
CA VAL LC 69 113.21 -55.91 31.46
C VAL LC 69 112.75 -56.39 30.10
N ARG LC 70 113.56 -56.07 29.09
CA ARG LC 70 113.31 -56.48 27.71
C ARG LC 70 114.19 -57.69 27.42
N VAL LC 71 113.57 -58.78 26.94
CA VAL LC 71 114.24 -60.07 26.83
C VAL LC 71 113.96 -60.65 25.44
N GLN LC 72 114.99 -61.23 24.83
CA GLN LC 72 114.85 -62.07 23.65
C GLN LC 72 115.18 -63.51 24.04
N LEU LC 73 114.35 -64.45 23.60
CA LEU LC 73 114.54 -65.85 23.95
C LEU LC 73 115.63 -66.49 23.09
N ILE LC 74 116.15 -67.61 23.58
CA ILE LC 74 117.15 -68.36 22.81
C ILE LC 74 116.53 -68.90 21.53
N LYS LC 75 115.50 -69.73 21.66
CA LYS LC 75 114.72 -70.12 20.49
C LYS LC 75 113.84 -68.95 20.06
N ASN LC 76 113.50 -68.96 18.76
CA ASN LC 76 112.54 -68.05 18.14
C ASN LC 76 112.57 -66.67 18.78
N GLY LC 77 113.74 -66.04 18.78
CA GLY LC 77 114.03 -64.95 19.68
C GLY LC 77 113.28 -63.66 19.44
N LYS LC 78 111.95 -63.72 19.47
CA LYS LC 78 111.14 -62.52 19.51
C LYS LC 78 111.36 -61.79 20.83
N LYS LC 79 111.23 -60.47 20.80
CA LYS LC 79 111.51 -59.65 21.98
C LYS LC 79 110.25 -59.51 22.81
N ILE LC 80 110.39 -59.65 24.13
CA ILE LC 80 109.27 -59.59 25.05
C ILE LC 80 109.71 -58.86 26.31
N THR LC 81 108.74 -58.31 27.04
CA THR LC 81 108.97 -57.63 28.31
C THR LC 81 108.47 -58.51 29.44
N ALA LC 82 109.36 -58.83 30.38
CA ALA LC 82 109.05 -59.69 31.50
C ALA LC 82 109.24 -58.92 32.80
N PHE LC 83 108.23 -58.94 33.65
CA PHE LC 83 108.30 -58.22 34.92
C PHE LC 83 109.30 -58.89 35.85
N VAL LC 84 109.84 -58.09 36.77
CA VAL LC 84 110.78 -58.58 37.77
C VAL LC 84 110.17 -58.36 39.14
N PRO LC 85 109.48 -59.35 39.71
CA PRO LC 85 108.68 -59.10 40.91
C PRO LC 85 109.46 -59.18 42.21
N ASN LC 86 109.81 -58.02 42.77
CA ASN LC 86 110.37 -57.92 44.12
C ASN LC 86 110.60 -56.46 44.50
N ASP LC 87 111.07 -56.23 45.72
CA ASP LC 87 111.49 -54.89 46.10
C ASP LC 87 112.69 -54.43 45.29
N GLY LC 88 113.74 -55.24 45.23
CA GLY LC 88 114.96 -54.81 44.57
C GLY LC 88 115.68 -55.86 43.74
N CYS LC 89 114.94 -56.81 43.16
CA CYS LC 89 115.59 -57.81 42.32
C CYS LC 89 116.05 -57.24 40.98
N LEU LC 90 115.63 -56.03 40.62
CA LEU LC 90 116.15 -55.44 39.39
C LEU LC 90 117.64 -55.17 39.50
N ASN LC 91 118.09 -54.69 40.67
CA ASN LC 91 119.52 -54.49 40.89
C ASN LC 91 120.29 -55.80 40.81
N PHE LC 92 119.57 -56.93 40.90
CA PHE LC 92 120.18 -58.24 40.69
C PHE LC 92 120.28 -58.59 39.21
N ILE LC 93 119.73 -57.76 38.33
CA ILE LC 93 119.81 -57.97 36.89
C ILE LC 93 120.88 -57.04 36.34
N GLU LC 94 121.55 -57.49 35.27
CA GLU LC 94 122.41 -56.64 34.48
C GLU LC 94 122.26 -57.01 33.01
N GLU LC 95 122.81 -56.16 32.14
CA GLU LC 95 122.66 -56.34 30.71
C GLU LC 95 123.20 -57.69 30.25
N ASN LC 96 122.50 -58.29 29.29
CA ASN LC 96 122.92 -59.53 28.64
C ASN LC 96 123.05 -60.68 29.66
N ASP LC 97 121.91 -61.02 30.27
CA ASP LC 97 121.83 -62.08 31.25
C ASP LC 97 120.84 -63.15 30.81
N GLU LC 98 121.22 -64.41 31.03
CA GLU LC 98 120.35 -65.54 30.73
C GLU LC 98 119.32 -65.69 31.84
N VAL LC 99 118.04 -65.70 31.46
CA VAL LC 99 116.96 -65.73 32.43
C VAL LC 99 115.92 -66.75 31.99
N LEU LC 100 115.15 -67.24 32.96
CA LEU LC 100 114.07 -68.19 32.71
C LEU LC 100 112.75 -67.44 32.84
N VAL LC 101 112.34 -66.80 31.76
CA VAL LC 101 111.07 -66.07 31.76
C VAL LC 101 109.95 -67.03 32.10
N ALA LC 102 109.00 -66.57 32.90
CA ALA LC 102 107.89 -67.41 33.34
C ALA LC 102 106.57 -66.69 33.13
N GLY LC 103 105.49 -67.46 33.10
CA GLY LC 103 104.17 -66.90 32.99
C GLY LC 103 103.83 -66.04 34.19
N PHE LC 104 102.77 -65.24 34.04
CA PHE LC 104 102.48 -64.23 35.05
C PHE LC 104 101.10 -64.39 35.65
N GLY LC 105 100.39 -65.46 35.34
CA GLY LC 105 99.27 -65.88 36.17
C GLY LC 105 97.95 -66.18 35.50
N ARG LC 106 97.57 -65.40 34.49
CA ARG LC 106 96.28 -65.61 33.83
C ARG LC 106 96.46 -65.96 32.36
N LYS LC 107 97.52 -66.70 32.05
CA LYS LC 107 97.74 -67.29 30.73
C LYS LC 107 97.76 -66.22 29.64
N GLY LC 108 98.73 -65.33 29.74
CA GLY LC 108 98.98 -64.36 28.70
C GLY LC 108 98.13 -63.12 28.73
N HIS LC 109 97.34 -62.91 29.78
CA HIS LC 109 96.60 -61.67 29.94
C HIS LC 109 97.32 -60.77 30.93
N ALA LC 110 97.22 -59.46 30.71
CA ALA LC 110 97.86 -58.50 31.59
C ALA LC 110 97.33 -58.65 33.01
N VAL LC 111 98.22 -58.57 33.98
CA VAL LC 111 97.87 -58.75 35.39
C VAL LC 111 97.94 -57.40 36.09
N GLY LC 112 96.83 -56.99 36.67
CA GLY LC 112 96.83 -55.80 37.49
C GLY LC 112 97.11 -54.55 36.69
N ASP LC 113 97.82 -53.61 37.33
CA ASP LC 113 98.05 -52.28 36.80
C ASP LC 113 99.18 -52.21 35.78
N ILE LC 114 99.88 -53.30 35.53
CA ILE LC 114 100.95 -53.30 34.54
C ILE LC 114 100.33 -53.52 33.16
N PRO LC 115 100.56 -52.62 32.20
CA PRO LC 115 99.95 -52.80 30.88
C PRO LC 115 100.78 -53.67 29.95
N GLY LC 116 100.17 -54.73 29.44
CA GLY LC 116 100.78 -55.52 28.38
C GLY LC 116 101.91 -56.41 28.79
N VAL LC 117 102.29 -56.43 30.07
CA VAL LC 117 103.34 -57.30 30.56
C VAL LC 117 102.69 -58.56 31.10
N ARG LC 118 102.87 -59.66 30.38
CA ARG LC 118 102.25 -60.93 30.75
C ARG LC 118 103.28 -61.95 31.21
N PHE LC 119 104.47 -61.52 31.60
CA PHE LC 119 105.53 -62.41 32.01
C PHE LC 119 106.26 -61.86 33.22
N LYS LC 120 106.58 -62.74 34.16
CA LYS LC 120 107.48 -62.44 35.26
C LYS LC 120 108.70 -63.32 35.13
N VAL LC 121 109.88 -62.75 35.38
CA VAL LC 121 111.12 -63.51 35.24
C VAL LC 121 111.46 -64.17 36.56
N VAL LC 122 111.71 -65.48 36.50
CA VAL LC 122 112.31 -66.22 37.61
C VAL LC 122 113.57 -66.88 37.05
N LYS LC 123 114.43 -67.33 37.96
CA LYS LC 123 115.65 -68.04 37.58
C LYS LC 123 116.51 -67.20 36.63
N VAL LC 124 117.06 -66.13 37.20
CA VAL LC 124 118.17 -65.38 36.62
C VAL LC 124 119.34 -66.36 36.50
N ALA LC 125 120.44 -65.91 35.89
CA ALA LC 125 121.63 -66.75 35.70
C ALA LC 125 121.79 -67.71 36.87
N ASN LC 126 122.16 -68.94 36.55
CA ASN LC 126 121.48 -70.15 37.03
C ASN LC 126 120.90 -70.08 38.45
N VAL LC 127 121.59 -69.42 39.39
CA VAL LC 127 121.03 -69.29 40.73
C VAL LC 127 119.67 -68.60 40.66
N SER LC 128 118.70 -69.16 41.38
CA SER LC 128 117.33 -68.66 41.33
C SER LC 128 117.22 -67.27 41.92
N LEU LC 129 116.20 -66.52 41.48
CA LEU LC 129 116.06 -65.12 41.89
C LEU LC 129 115.65 -64.99 43.36
N LEU LC 130 114.73 -65.85 43.82
CA LEU LC 130 114.24 -65.72 45.18
C LEU LC 130 115.34 -66.04 46.19
N ALA LC 131 116.28 -66.89 45.80
CA ALA LC 131 117.46 -67.12 46.63
C ALA LC 131 118.26 -65.84 46.79
N LEU LC 132 118.40 -65.07 45.71
CA LEU LC 132 119.11 -63.79 45.80
C LEU LC 132 118.41 -62.84 46.75
N TYR LC 133 117.09 -62.73 46.63
CA TYR LC 133 116.35 -61.76 47.44
C TYR LC 133 116.45 -62.08 48.92
N LYS LC 134 116.29 -63.36 49.28
CA LYS LC 134 116.37 -63.79 50.66
C LYS LC 134 117.80 -64.01 51.14
N GLY LC 135 118.78 -63.86 50.25
CA GLY LC 135 120.17 -63.98 50.66
C GLY LC 135 120.68 -65.38 50.87
N LYS LC 136 119.97 -66.39 50.37
CA LYS LC 136 120.44 -67.76 50.51
C LYS LC 136 121.76 -67.97 49.77
N LYS LC 137 121.90 -67.37 48.59
CA LYS LC 137 123.16 -67.40 47.86
C LYS LC 137 123.27 -66.13 47.02
N GLU LC 138 124.50 -65.83 46.62
CA GLU LC 138 124.84 -64.54 46.02
C GLU LC 138 125.08 -64.70 44.52
N ARG LC 139 125.49 -63.60 43.88
CA ARG LC 139 125.89 -63.63 42.49
C ARG LC 139 127.16 -64.48 42.33
N PRO LC 140 127.31 -65.17 41.20
CA PRO LC 140 128.52 -65.97 40.99
C PRO LC 140 129.73 -65.11 40.66
N ARG LC 141 130.38 -64.57 41.67
CA ARG LC 141 131.56 -63.73 41.46
C ARG LC 141 132.84 -64.52 41.67
N MET MC 1 160.75 -105.21 -9.53
CA MET MC 1 159.51 -105.87 -9.19
C MET MC 1 159.80 -107.31 -8.77
N LYS MC 2 159.05 -107.82 -7.81
CA LYS MC 2 159.35 -109.11 -7.22
C LYS MC 2 158.66 -110.24 -7.97
N LEU MC 3 159.36 -111.37 -8.08
CA LEU MC 3 158.86 -112.57 -8.74
C LEU MC 3 158.63 -113.62 -7.66
N ASN MC 4 157.43 -114.18 -7.60
CA ASN MC 4 157.12 -115.29 -6.71
C ASN MC 4 157.18 -116.57 -7.52
N ILE MC 5 158.30 -117.27 -7.44
CA ILE MC 5 158.49 -118.48 -8.23
C ILE MC 5 158.04 -119.68 -7.42
N SER MC 6 157.22 -120.52 -8.03
CA SER MC 6 156.70 -121.71 -7.39
C SER MC 6 156.78 -122.87 -8.36
N PHE MC 7 157.35 -123.98 -7.92
CA PHE MC 7 157.50 -125.16 -8.78
C PHE MC 7 156.62 -126.38 -8.31
N PRO MC 8 155.86 -127.16 -9.09
CA PRO MC 8 154.77 -127.77 -8.47
C PRO MC 8 155.16 -129.18 -8.08
N ALA MC 9 156.27 -129.70 -8.70
CA ALA MC 9 156.72 -131.04 -8.46
C ALA MC 9 157.42 -131.07 -7.12
N THR MC 10 158.08 -129.97 -6.75
CA THR MC 10 158.92 -129.98 -5.57
C THR MC 10 158.61 -128.86 -4.58
N GLY MC 11 157.76 -127.91 -4.95
CA GLY MC 11 157.51 -126.78 -4.07
C GLY MC 11 158.66 -125.80 -4.06
N CYS MC 12 159.21 -125.56 -2.87
CA CYS MC 12 160.37 -124.68 -2.70
C CYS MC 12 160.12 -123.30 -3.30
N GLN MC 13 158.97 -122.72 -2.99
CA GLN MC 13 158.65 -121.39 -3.50
C GLN MC 13 159.50 -120.33 -2.81
N LYS MC 14 160.00 -119.38 -3.59
CA LYS MC 14 160.78 -118.27 -3.07
C LYS MC 14 160.40 -117.00 -3.81
N LEU MC 15 160.79 -115.87 -3.24
CA LEU MC 15 160.56 -114.57 -3.86
C LEU MC 15 161.88 -114.01 -4.37
N ILE MC 16 161.91 -113.64 -5.65
CA ILE MC 16 163.07 -113.03 -6.27
C ILE MC 16 162.62 -111.72 -6.90
N GLU MC 17 163.56 -110.79 -7.02
CA GLU MC 17 163.29 -109.49 -7.61
C GLU MC 17 164.18 -109.30 -8.83
N VAL MC 18 163.65 -108.65 -9.86
CA VAL MC 18 164.40 -108.30 -11.05
C VAL MC 18 164.21 -106.81 -11.30
N ASP MC 19 165.29 -106.04 -11.15
CA ASP MC 19 165.23 -104.60 -11.33
C ASP MC 19 165.16 -104.19 -12.80
N ASP MC 20 165.93 -104.84 -13.66
CA ASP MC 20 166.07 -104.39 -15.04
C ASP MC 20 164.76 -104.56 -15.80
N GLU MC 21 164.43 -103.55 -16.61
CA GLU MC 21 163.17 -103.55 -17.36
C GLU MC 21 163.20 -104.52 -18.54
N ARG MC 22 164.38 -105.03 -18.91
CA ARG MC 22 164.45 -105.90 -20.09
C ARG MC 22 163.77 -107.24 -19.82
N LYS MC 23 164.07 -107.86 -18.68
CA LYS MC 23 163.44 -109.13 -18.31
C LYS MC 23 161.94 -108.99 -18.13
N LEU MC 24 161.45 -107.80 -17.80
CA LEU MC 24 160.02 -107.56 -17.64
C LEU MC 24 159.28 -107.48 -18.96
N ARG MC 25 159.98 -107.12 -20.05
CA ARG MC 25 159.30 -106.91 -21.33
C ARG MC 25 158.60 -108.16 -21.83
N THR MC 26 159.21 -109.34 -21.65
CA THR MC 26 158.60 -110.58 -22.12
C THR MC 26 157.33 -110.95 -21.37
N PHE MC 27 157.04 -110.27 -20.25
CA PHE MC 27 155.85 -110.54 -19.47
C PHE MC 27 154.77 -109.48 -19.64
N TYR MC 28 155.06 -108.38 -20.33
CA TYR MC 28 154.08 -107.33 -20.53
C TYR MC 28 153.01 -107.78 -21.52
N GLU MC 29 151.79 -107.28 -21.32
CA GLU MC 29 150.65 -107.62 -22.17
C GLU MC 29 150.41 -109.12 -22.23
N LYS MC 30 150.39 -109.77 -21.07
CA LYS MC 30 150.19 -111.21 -20.99
C LYS MC 30 148.97 -111.52 -20.12
N ARG MC 31 148.40 -112.70 -20.36
CA ARG MC 31 147.24 -113.18 -19.62
C ARG MC 31 147.60 -114.49 -18.94
N MET MC 32 146.90 -114.79 -17.85
CA MET MC 32 147.24 -115.99 -17.10
C MET MC 32 146.85 -117.24 -17.88
N ALA MC 33 147.32 -118.39 -17.38
CA ALA MC 33 147.12 -119.69 -17.99
C ALA MC 33 147.72 -119.79 -19.39
N THR MC 34 148.57 -118.82 -19.76
CA THR MC 34 149.32 -118.87 -21.00
C THR MC 34 150.79 -119.09 -20.65
N GLU MC 35 151.34 -120.21 -21.09
CA GLU MC 35 152.73 -120.54 -20.81
C GLU MC 35 153.65 -119.55 -21.51
N VAL MC 36 154.66 -119.06 -20.79
CA VAL MC 36 155.57 -118.04 -21.28
C VAL MC 36 157.00 -118.54 -21.07
N ALA MC 37 157.84 -118.38 -22.09
CA ALA MC 37 159.24 -118.75 -21.96
C ALA MC 37 159.96 -117.77 -21.04
N ALA MC 38 160.91 -118.29 -20.27
CA ALA MC 38 161.68 -117.45 -19.34
C ALA MC 38 163.16 -117.72 -19.48
N ASP MC 39 163.64 -117.88 -20.72
CA ASP MC 39 165.04 -118.20 -20.94
C ASP MC 39 165.94 -116.98 -20.78
N ALA MC 40 165.36 -115.79 -20.69
CA ALA MC 40 166.12 -114.54 -20.74
C ALA MC 40 166.83 -114.19 -19.42
N LEU MC 41 166.97 -115.05 -18.41
CA LEU MC 41 167.66 -114.67 -17.18
C LEU MC 41 169.02 -115.35 -17.13
N GLY MC 42 170.08 -114.55 -17.23
CA GLY MC 42 171.44 -115.01 -17.05
C GLY MC 42 171.81 -116.18 -17.94
N GLU MC 43 172.13 -117.32 -17.33
CA GLU MC 43 172.51 -118.51 -18.07
C GLU MC 43 171.89 -119.79 -17.53
N GLU MC 44 171.10 -119.74 -16.47
CA GLU MC 44 170.53 -120.94 -15.87
C GLU MC 44 169.03 -121.10 -16.11
N TRP MC 45 168.42 -120.23 -16.93
CA TRP MC 45 166.98 -120.23 -17.12
C TRP MC 45 166.57 -120.71 -18.50
N LYS MC 46 167.50 -121.22 -19.29
CA LYS MC 46 167.18 -121.63 -20.65
C LYS MC 46 166.26 -122.85 -20.64
N GLY MC 47 165.43 -122.95 -21.69
CA GLY MC 47 164.49 -124.05 -21.79
C GLY MC 47 163.45 -124.08 -20.70
N TYR MC 48 163.20 -122.94 -20.05
CA TYR MC 48 162.28 -122.84 -18.92
C TYR MC 48 161.07 -122.04 -19.35
N VAL MC 49 160.00 -122.74 -19.74
CA VAL MC 49 158.74 -122.10 -20.06
C VAL MC 49 157.90 -122.02 -18.80
N VAL MC 50 157.31 -120.86 -18.56
CA VAL MC 50 156.59 -120.61 -17.32
C VAL MC 50 155.19 -120.11 -17.65
N ARG MC 51 154.28 -120.28 -16.69
CA ARG MC 51 152.90 -119.89 -16.85
C ARG MC 51 152.53 -118.92 -15.73
N ILE MC 52 152.31 -117.66 -16.09
CA ILE MC 52 151.87 -116.67 -15.11
C ILE MC 52 150.48 -117.03 -14.64
N SER MC 53 150.22 -116.87 -13.33
CA SER MC 53 148.96 -117.29 -12.76
C SER MC 53 148.34 -116.28 -11.80
N GLY MC 54 149.00 -115.15 -11.55
CA GLY MC 54 148.43 -114.14 -10.69
C GLY MC 54 149.21 -112.84 -10.70
N GLY MC 55 149.22 -112.14 -9.59
CA GLY MC 55 149.93 -110.88 -9.48
C GLY MC 55 149.30 -109.99 -8.43
N ASN MC 56 149.78 -108.76 -8.37
CA ASN MC 56 149.33 -107.81 -7.37
C ASN MC 56 149.61 -106.40 -7.86
N ASP MC 57 148.62 -105.52 -7.73
CA ASP MC 57 148.77 -104.12 -8.10
C ASP MC 57 149.78 -103.44 -7.17
N LYS MC 58 150.37 -102.35 -7.67
CA LYS MC 58 151.40 -101.64 -6.89
C LYS MC 58 150.88 -101.24 -5.52
N GLN MC 59 149.59 -100.93 -5.41
CA GLN MC 59 148.96 -100.63 -4.13
C GLN MC 59 148.49 -101.87 -3.39
N GLY MC 60 148.60 -103.05 -4.00
CA GLY MC 60 148.27 -104.28 -3.32
C GLY MC 60 146.97 -104.94 -3.71
N PHE MC 61 146.28 -104.42 -4.72
CA PHE MC 61 145.00 -105.03 -5.08
C PHE MC 61 145.22 -106.32 -5.84
N PRO MC 62 144.71 -107.45 -5.35
CA PRO MC 62 144.82 -108.70 -6.12
C PRO MC 62 144.02 -108.63 -7.42
N MET MC 63 144.52 -109.33 -8.44
CA MET MC 63 143.93 -109.29 -9.78
C MET MC 63 143.11 -110.55 -10.03
N LYS MC 64 142.01 -110.39 -10.76
CA LYS MC 64 141.05 -111.45 -10.99
C LYS MC 64 141.13 -111.95 -12.43
N GLN MC 65 140.63 -113.16 -12.65
CA GLN MC 65 140.62 -113.76 -13.99
C GLN MC 65 139.41 -113.27 -14.77
N GLY MC 66 139.60 -113.09 -16.08
CA GLY MC 66 138.51 -112.72 -16.96
C GLY MC 66 138.26 -111.25 -17.10
N VAL MC 67 139.00 -110.40 -16.40
CA VAL MC 67 138.76 -108.97 -16.48
C VAL MC 67 139.00 -108.46 -17.89
N LEU MC 68 140.08 -108.93 -18.54
CA LEU MC 68 140.35 -108.66 -19.95
C LEU MC 68 140.59 -107.18 -20.20
N THR MC 69 141.26 -106.52 -19.26
CA THR MC 69 141.66 -105.14 -19.43
C THR MC 69 142.81 -104.84 -18.48
N HIS MC 70 143.66 -103.89 -18.84
CA HIS MC 70 144.77 -103.49 -17.99
C HIS MC 70 144.31 -102.36 -17.07
N GLY MC 71 144.59 -102.50 -15.79
CA GLY MC 71 144.24 -101.51 -14.80
C GLY MC 71 143.31 -102.07 -13.77
N ARG MC 72 142.66 -101.18 -13.03
CA ARG MC 72 141.83 -101.54 -11.89
C ARG MC 72 140.36 -101.30 -12.21
N VAL MC 73 139.51 -102.26 -11.84
CA VAL MC 73 138.08 -102.15 -12.00
C VAL MC 73 137.41 -102.53 -10.68
N ARG MC 74 136.27 -101.90 -10.41
CA ARG MC 74 135.44 -102.24 -9.26
C ARG MC 74 134.37 -103.23 -9.71
N LEU MC 75 134.25 -104.33 -8.98
CA LEU MC 75 133.32 -105.39 -9.34
C LEU MC 75 132.53 -105.83 -8.12
N LEU MC 76 131.26 -106.19 -8.36
CA LEU MC 76 130.38 -106.70 -7.31
C LEU MC 76 130.53 -108.22 -7.28
N LEU MC 77 131.47 -108.70 -6.47
CA LEU MC 77 131.77 -110.11 -6.40
C LEU MC 77 130.73 -110.86 -5.58
N SER MC 78 130.35 -112.04 -6.04
CA SER MC 78 129.48 -112.95 -5.32
C SER MC 78 130.31 -114.06 -4.69
N LYS MC 79 129.64 -115.04 -4.10
CA LYS MC 79 130.35 -116.12 -3.41
C LYS MC 79 131.02 -117.05 -4.41
N GLY MC 80 132.31 -117.31 -4.19
CA GLY MC 80 133.02 -118.34 -4.91
C GLY MC 80 133.79 -117.92 -6.13
N HIS MC 81 133.91 -116.64 -6.42
CA HIS MC 81 134.61 -116.22 -7.64
C HIS MC 81 136.13 -116.21 -7.42
N SER MC 82 136.60 -115.25 -6.62
CA SER MC 82 138.00 -115.06 -6.25
C SER MC 82 138.03 -113.81 -5.37
N CYS MC 83 139.19 -113.56 -4.76
CA CYS MC 83 139.46 -112.36 -3.96
C CYS MC 83 138.24 -111.94 -3.13
N TYR MC 84 137.65 -112.92 -2.46
CA TYR MC 84 136.44 -112.69 -1.67
C TYR MC 84 136.30 -113.79 -0.65
N ARG MC 85 136.18 -113.41 0.63
CA ARG MC 85 135.76 -114.32 1.69
C ARG MC 85 134.40 -113.85 2.19
N PRO MC 86 133.31 -114.44 1.70
CA PRO MC 86 131.99 -113.98 2.13
C PRO MC 86 131.73 -114.33 3.60
N ARG MC 87 131.59 -113.28 4.42
CA ARG MC 87 131.50 -113.48 5.86
C ARG MC 87 130.21 -114.23 6.24
N ARG MC 88 129.11 -113.92 5.57
CA ARG MC 88 127.84 -114.57 5.85
C ARG MC 88 127.23 -115.09 4.55
N THR MC 89 126.25 -115.98 4.69
CA THR MC 89 125.69 -116.67 3.55
C THR MC 89 124.95 -115.71 2.63
N GLY MC 90 125.27 -115.78 1.34
CA GLY MC 90 124.64 -114.92 0.36
C GLY MC 90 125.13 -113.49 0.36
N GLU MC 91 126.16 -113.17 1.14
CA GLU MC 91 126.65 -111.81 1.25
C GLU MC 91 127.42 -111.43 0.00
N ARG MC 92 127.12 -110.26 -0.54
CA ARG MC 92 127.82 -109.71 -1.70
C ARG MC 92 128.43 -108.36 -1.33
N LYS MC 93 129.66 -108.13 -1.78
CA LYS MC 93 130.33 -106.86 -1.58
C LYS MC 93 131.08 -106.47 -2.85
N ARG MC 94 131.00 -105.19 -3.20
CA ARG MC 94 131.68 -104.67 -4.38
C ARG MC 94 133.14 -104.41 -4.01
N LYS MC 95 134.04 -105.18 -4.59
CA LYS MC 95 135.47 -105.02 -4.37
C LYS MC 95 136.16 -104.58 -5.64
N SER MC 96 137.34 -103.98 -5.47
CA SER MC 96 138.15 -103.49 -6.57
C SER MC 96 139.15 -104.56 -6.96
N VAL MC 97 139.13 -104.96 -8.24
CA VAL MC 97 140.04 -105.98 -8.74
C VAL MC 97 140.84 -105.42 -9.90
N ARG MC 98 141.96 -106.06 -10.18
CA ARG MC 98 142.84 -105.66 -11.26
C ARG MC 98 142.71 -106.63 -12.43
N GLY MC 99 143.06 -106.15 -13.62
CA GLY MC 99 142.83 -106.92 -14.82
C GLY MC 99 143.92 -107.94 -15.11
N CYS MC 100 143.60 -108.86 -16.01
CA CYS MC 100 144.46 -110.00 -16.31
C CYS MC 100 145.61 -109.67 -17.23
N ILE MC 101 145.66 -108.45 -17.77
CA ILE MC 101 146.77 -108.05 -18.64
C ILE MC 101 147.90 -107.54 -17.75
N VAL MC 102 149.03 -108.23 -17.77
CA VAL MC 102 150.15 -107.89 -16.91
C VAL MC 102 150.88 -106.69 -17.50
N ASP MC 103 151.08 -105.67 -16.67
CA ASP MC 103 151.70 -104.42 -17.08
C ASP MC 103 152.97 -104.20 -16.27
N ALA MC 104 153.71 -103.16 -16.64
CA ALA MC 104 154.88 -102.76 -15.84
C ALA MC 104 154.46 -102.32 -14.45
N ASN MC 105 153.36 -101.58 -14.35
CA ASN MC 105 152.91 -101.00 -13.09
C ASN MC 105 152.20 -102.03 -12.22
N LEU MC 106 152.96 -103.04 -11.81
CA LEU MC 106 152.49 -104.11 -10.95
C LEU MC 106 153.43 -104.27 -9.77
N SER MC 107 152.91 -104.79 -8.66
CA SER MC 107 153.74 -104.95 -7.47
C SER MC 107 154.57 -106.22 -7.54
N VAL MC 108 153.92 -107.38 -7.57
CA VAL MC 108 154.59 -108.66 -7.66
C VAL MC 108 153.91 -109.50 -8.72
N LEU MC 109 154.69 -110.42 -9.31
CA LEU MC 109 154.19 -111.37 -10.29
C LEU MC 109 154.53 -112.77 -9.80
N ASN MC 110 153.51 -113.60 -9.61
CA ASN MC 110 153.69 -114.99 -9.21
C ASN MC 110 153.37 -115.89 -10.40
N LEU MC 111 154.28 -116.82 -10.68
CA LEU MC 111 154.22 -117.65 -11.88
C LEU MC 111 154.78 -119.03 -11.58
N VAL MC 112 154.30 -120.02 -12.32
CA VAL MC 112 154.59 -121.42 -12.04
C VAL MC 112 155.21 -122.06 -13.27
N ILE MC 113 156.33 -122.76 -13.07
CA ILE MC 113 157.00 -123.44 -14.17
C ILE MC 113 156.20 -124.68 -14.55
N VAL MC 114 156.13 -124.95 -15.85
CA VAL MC 114 155.45 -126.12 -16.39
C VAL MC 114 156.43 -127.23 -16.74
N LYS MC 115 157.56 -126.88 -17.36
CA LYS MC 115 158.57 -127.84 -17.76
C LYS MC 115 159.94 -127.37 -17.31
N LYS MC 116 160.79 -128.32 -16.91
CA LYS MC 116 162.14 -128.01 -16.47
C LYS MC 116 162.99 -127.53 -17.63
N GLY MC 117 164.03 -126.77 -17.29
CA GLY MC 117 164.94 -126.23 -18.28
C GLY MC 117 166.13 -127.13 -18.53
N GLU MC 118 167.32 -126.67 -18.16
CA GLU MC 118 168.52 -127.48 -18.29
C GLU MC 118 169.10 -127.94 -16.97
N LYS MC 119 169.09 -127.10 -15.94
CA LYS MC 119 169.66 -127.45 -14.64
C LYS MC 119 168.88 -126.71 -13.56
N ASP MC 120 169.27 -126.94 -12.32
CA ASP MC 120 168.50 -126.51 -11.17
C ASP MC 120 168.73 -125.03 -10.85
N ILE MC 121 167.71 -124.42 -10.28
CA ILE MC 121 167.78 -123.05 -9.77
C ILE MC 121 168.14 -123.14 -8.29
N PRO MC 122 169.06 -122.31 -7.77
CA PRO MC 122 169.48 -122.45 -6.37
C PRO MC 122 168.33 -122.41 -5.38
N GLY MC 123 168.09 -123.53 -4.71
CA GLY MC 123 167.03 -123.64 -3.73
C GLY MC 123 165.65 -123.94 -4.28
N LEU MC 124 165.52 -124.22 -5.58
CA LEU MC 124 164.22 -124.39 -6.21
C LEU MC 124 163.83 -125.84 -6.43
N THR MC 125 164.70 -126.64 -7.05
CA THR MC 125 164.38 -128.04 -7.27
C THR MC 125 164.94 -128.94 -6.17
N ASP MC 126 166.11 -128.60 -5.66
CA ASP MC 126 166.67 -129.31 -4.51
C ASP MC 126 165.95 -128.91 -3.23
N THR MC 127 166.25 -129.64 -2.15
CA THR MC 127 165.55 -129.51 -0.88
C THR MC 127 164.03 -129.72 -1.07
N THR MC 128 163.70 -130.86 -1.67
CA THR MC 128 162.33 -131.15 -2.05
C THR MC 128 161.47 -131.37 -0.81
N VAL MC 129 160.50 -130.48 -0.61
CA VAL MC 129 159.57 -130.60 0.51
C VAL MC 129 158.51 -131.63 0.15
N PRO MC 130 158.03 -132.43 1.09
CA PRO MC 130 157.03 -133.46 0.79
C PRO MC 130 155.62 -132.95 1.02
N ARG MC 131 154.66 -133.78 0.63
CA ARG MC 131 153.27 -133.51 0.95
C ARG MC 131 153.06 -133.59 2.45
N ARG MC 132 152.22 -132.69 2.97
CA ARG MC 132 152.06 -132.58 4.43
C ARG MC 132 151.49 -133.86 5.02
N LEU MC 133 150.51 -134.46 4.34
CA LEU MC 133 149.79 -135.60 4.92
C LEU MC 133 149.21 -136.43 3.79
N GLY MC 134 149.08 -137.73 4.06
CA GLY MC 134 148.63 -138.67 3.05
C GLY MC 134 147.13 -138.65 2.88
N PRO MC 135 146.66 -139.46 1.94
CA PRO MC 135 145.22 -139.55 1.68
C PRO MC 135 144.48 -140.10 2.89
N LYS MC 136 143.22 -139.70 3.00
CA LYS MC 136 142.38 -140.06 4.15
C LYS MC 136 141.15 -140.87 3.76
N ARG MC 137 140.59 -140.65 2.58
CA ARG MC 137 139.50 -141.48 2.10
C ARG MC 137 140.01 -142.85 1.70
N ALA MC 138 139.23 -143.89 2.01
CA ALA MC 138 139.70 -145.25 1.73
C ALA MC 138 139.49 -145.64 0.29
N SER MC 139 139.88 -144.77 -0.62
CA SER MC 139 140.07 -145.12 -2.02
C SER MC 139 141.40 -144.61 -2.56
N ARG MC 140 141.81 -143.41 -2.17
CA ARG MC 140 143.09 -142.87 -2.62
C ARG MC 140 144.24 -143.60 -1.94
N ILE MC 141 144.08 -143.94 -0.66
CA ILE MC 141 145.07 -144.76 0.03
C ILE MC 141 145.27 -146.09 -0.68
N ARG MC 142 144.21 -146.63 -1.29
CA ARG MC 142 144.28 -147.84 -2.09
C ARG MC 142 144.73 -147.55 -3.51
N LYS MC 143 144.22 -146.48 -4.11
CA LYS MC 143 144.62 -146.11 -5.47
C LYS MC 143 146.06 -145.65 -5.54
N LEU MC 144 146.66 -145.23 -4.43
CA LEU MC 144 148.06 -144.83 -4.41
C LEU MC 144 149.01 -146.01 -4.26
N PHE MC 145 148.56 -147.09 -3.62
CA PHE MC 145 149.43 -148.22 -3.35
C PHE MC 145 149.22 -149.38 -4.32
N ASN MC 146 148.45 -149.17 -5.39
CA ASN MC 146 148.13 -150.23 -6.34
C ASN MC 146 147.49 -151.41 -5.61
N LEU MC 147 146.37 -151.13 -4.95
CA LEU MC 147 145.63 -152.13 -4.20
C LEU MC 147 144.44 -152.60 -5.02
N SER MC 148 144.01 -153.83 -4.77
CA SER MC 148 142.90 -154.42 -5.52
C SER MC 148 141.67 -154.67 -4.67
N LYS MC 149 141.77 -155.49 -3.62
CA LYS MC 149 140.62 -155.81 -2.80
C LYS MC 149 141.08 -156.41 -1.48
N GLU MC 150 140.81 -155.70 -0.37
CA GLU MC 150 141.03 -156.21 0.98
C GLU MC 150 142.43 -156.78 1.16
N ASP MC 151 143.41 -156.09 0.61
CA ASP MC 151 144.81 -156.51 0.73
C ASP MC 151 145.42 -156.01 2.03
N ASP MC 152 144.75 -156.33 3.15
CA ASP MC 152 145.10 -155.82 4.47
C ASP MC 152 145.20 -154.30 4.44
N VAL MC 153 144.10 -153.67 4.02
CA VAL MC 153 144.04 -152.23 3.84
C VAL MC 153 144.33 -151.48 5.13
N ARG MC 154 144.01 -152.08 6.27
CA ARG MC 154 144.18 -151.40 7.56
C ARG MC 154 145.64 -151.02 7.79
N GLN MC 155 146.57 -151.86 7.33
CA GLN MC 155 147.98 -151.61 7.60
C GLN MC 155 148.51 -150.42 6.81
N TYR MC 156 148.15 -150.31 5.53
CA TYR MC 156 148.74 -149.30 4.65
C TYR MC 156 148.15 -147.93 4.96
N VAL MC 157 148.55 -147.39 6.11
CA VAL MC 157 148.30 -146.01 6.48
C VAL MC 157 149.62 -145.36 6.84
N VAL MC 158 149.86 -144.17 6.30
CA VAL MC 158 151.14 -143.50 6.51
C VAL MC 158 151.24 -143.08 7.97
N ARG MC 159 152.26 -143.58 8.66
CA ARG MC 159 152.48 -143.24 10.05
C ARG MC 159 153.17 -141.88 10.16
N LYS MC 160 152.83 -141.14 11.21
CA LYS MC 160 153.38 -139.79 11.38
C LYS MC 160 154.30 -139.74 12.58
N PRO MC 161 155.58 -139.44 12.41
CA PRO MC 161 156.49 -139.34 13.55
C PRO MC 161 156.38 -137.99 14.24
N LEU MC 162 156.39 -138.03 15.57
CA LEU MC 162 156.29 -136.82 16.39
C LEU MC 162 157.41 -136.92 17.43
N ASN MC 163 158.50 -136.19 17.18
CA ASN MC 163 159.77 -136.43 17.86
C ASN MC 163 160.35 -135.13 18.43
N LYS MC 164 159.52 -134.36 19.12
CA LYS MC 164 160.05 -133.19 19.81
C LYS MC 164 160.79 -133.61 21.08
N GLU MC 165 161.62 -132.69 21.58
CA GLU MC 165 162.53 -133.02 22.67
C GLU MC 165 161.81 -133.22 23.99
N GLY MC 166 160.61 -132.66 24.14
CA GLY MC 166 159.92 -132.68 25.41
C GLY MC 166 159.15 -133.95 25.73
N LYS MC 167 159.20 -134.96 24.87
CA LYS MC 167 158.37 -136.14 25.06
C LYS MC 167 159.04 -137.33 24.39
N LYS MC 168 158.58 -138.53 24.74
CA LYS MC 168 158.99 -139.71 24.03
C LYS MC 168 158.34 -139.74 22.65
N PRO MC 169 159.13 -139.91 21.59
CA PRO MC 169 158.57 -139.96 20.24
C PRO MC 169 157.50 -141.04 20.11
N ARG MC 170 156.47 -140.72 19.32
CA ARG MC 170 155.35 -141.61 19.09
C ARG MC 170 154.98 -141.55 17.61
N THR MC 171 154.01 -142.37 17.22
CA THR MC 171 153.51 -142.38 15.86
C THR MC 171 152.02 -142.07 15.88
N LYS MC 172 151.54 -141.48 14.80
CA LYS MC 172 150.16 -141.04 14.70
C LYS MC 172 149.60 -141.46 13.35
N ALA MC 173 148.38 -141.98 13.34
CA ALA MC 173 147.75 -142.41 12.11
C ALA MC 173 146.43 -141.69 11.91
N PRO MC 174 146.15 -141.25 10.69
CA PRO MC 174 144.85 -140.63 10.40
C PRO MC 174 143.72 -141.65 10.45
N LYS MC 175 142.52 -141.15 10.76
CA LYS MC 175 141.33 -141.98 10.71
C LYS MC 175 140.94 -142.17 9.25
N ILE MC 176 140.95 -143.41 8.80
CA ILE MC 176 140.61 -143.69 7.41
C ILE MC 176 139.11 -143.50 7.22
N GLN MC 177 138.72 -142.93 6.08
CA GLN MC 177 137.34 -142.57 5.82
C GLN MC 177 136.79 -143.36 4.64
N ARG MC 178 135.49 -143.65 4.71
CA ARG MC 178 134.78 -144.44 3.70
C ARG MC 178 135.34 -145.85 3.57
N LEU MC 179 135.86 -146.41 4.66
CA LEU MC 179 136.22 -147.81 4.71
C LEU MC 179 134.97 -148.61 5.04
N VAL MC 180 134.90 -149.85 4.55
CA VAL MC 180 133.77 -150.70 4.90
C VAL MC 180 133.97 -151.25 6.29
N THR MC 181 132.97 -151.09 7.15
CA THR MC 181 133.06 -151.43 8.55
C THR MC 181 131.90 -152.34 8.92
N PRO MC 182 132.12 -153.29 9.83
CA PRO MC 182 130.98 -154.07 10.36
C PRO MC 182 129.88 -153.19 10.92
N ARG MC 183 130.23 -152.08 11.57
CA ARG MC 183 129.23 -151.13 12.01
C ARG MC 183 128.45 -150.57 10.83
N VAL MC 184 129.15 -150.23 9.74
CA VAL MC 184 128.47 -149.82 8.52
C VAL MC 184 127.60 -150.94 8.00
N LEU MC 185 128.13 -152.17 7.98
CA LEU MC 185 127.32 -153.33 7.62
C LEU MC 185 126.21 -153.53 8.63
N GLN MC 186 126.50 -153.30 9.91
CA GLN MC 186 125.46 -153.34 10.93
C GLN MC 186 124.37 -152.32 10.64
N HIS MC 187 124.75 -151.09 10.29
CA HIS MC 187 123.75 -150.10 9.89
C HIS MC 187 123.04 -150.52 8.62
N LYS MC 188 123.75 -151.13 7.67
CA LYS MC 188 123.12 -151.61 6.46
C LYS MC 188 122.05 -152.66 6.77
N ARG MC 189 122.36 -153.59 7.67
CA ARG MC 189 121.34 -154.54 8.10
C ARG MC 189 120.19 -153.82 8.78
N ARG MC 190 120.50 -152.89 9.67
CA ARG MC 190 119.46 -152.21 10.44
C ARG MC 190 118.51 -151.45 9.51
N ARG MC 191 119.05 -150.85 8.45
CA ARG MC 191 118.19 -150.28 7.43
C ARG MC 191 117.31 -151.36 6.80
N ILE MC 192 117.92 -152.47 6.37
CA ILE MC 192 117.16 -153.55 5.75
C ILE MC 192 116.18 -154.16 6.75
N ALA MC 193 116.62 -154.35 8.00
CA ALA MC 193 115.74 -154.93 9.00
C ALA MC 193 114.55 -154.02 9.29
N LEU MC 194 114.78 -152.72 9.44
CA LEU MC 194 113.68 -151.80 9.63
C LEU MC 194 112.78 -151.75 8.39
N LYS MC 195 113.37 -151.91 7.21
CA LYS MC 195 112.57 -152.05 6.00
C LYS MC 195 111.64 -153.25 6.11
N LYS MC 196 112.15 -154.37 6.63
CA LYS MC 196 111.34 -155.57 6.77
C LYS MC 196 110.25 -155.37 7.81
N GLN MC 197 110.62 -154.89 9.01
CA GLN MC 197 109.64 -154.77 10.09
C GLN MC 197 108.61 -153.69 9.80
N ARG MC 198 108.93 -152.75 8.91
CA ARG MC 198 107.92 -151.77 8.49
C ARG MC 198 107.11 -152.27 7.31
N THR MC 199 107.73 -153.06 6.42
CA THR MC 199 106.96 -153.68 5.34
C THR MC 199 105.93 -154.66 5.87
N LYS MC 200 106.34 -155.50 6.84
CA LYS MC 200 105.42 -156.46 7.43
C LYS MC 200 104.27 -155.75 8.14
N LYS MC 201 104.56 -154.62 8.78
CA LYS MC 201 103.55 -153.95 9.60
C LYS MC 201 102.35 -153.52 8.75
N ASN MC 202 102.61 -153.04 7.53
CA ASN MC 202 101.51 -152.64 6.66
C ASN MC 202 100.66 -153.84 6.26
N LYS MC 203 101.31 -154.96 5.94
CA LYS MC 203 100.58 -156.11 5.42
C LYS MC 203 99.61 -156.67 6.45
N GLU MC 204 100.07 -156.88 7.68
CA GLU MC 204 99.22 -157.46 8.71
C GLU MC 204 98.08 -156.50 9.08
N GLU MC 205 98.38 -155.21 9.19
CA GLU MC 205 97.37 -154.26 9.64
C GLU MC 205 96.28 -154.07 8.59
N ALA MC 206 96.67 -153.98 7.31
CA ALA MC 206 95.68 -153.88 6.25
C ALA MC 206 94.80 -155.12 6.17
N ALA MC 207 95.42 -156.30 6.30
CA ALA MC 207 94.64 -157.52 6.39
C ALA MC 207 93.77 -157.52 7.65
N GLU MC 208 94.30 -157.02 8.76
CA GLU MC 208 93.51 -156.86 9.96
C GLU MC 208 92.33 -155.93 9.71
N TYR MC 209 92.58 -154.79 9.07
CA TYR MC 209 91.48 -153.90 8.71
C TYR MC 209 90.53 -154.56 7.72
N ALA MC 210 91.07 -155.32 6.76
CA ALA MC 210 90.21 -156.06 5.84
C ALA MC 210 89.31 -157.03 6.59
N LYS MC 211 89.85 -157.67 7.64
CA LYS MC 211 89.01 -158.53 8.46
C LYS MC 211 87.90 -157.74 9.14
N LEU MC 212 88.25 -156.62 9.77
CA LEU MC 212 87.24 -155.78 10.41
C LEU MC 212 86.26 -155.23 9.38
N LEU MC 213 86.78 -154.78 8.24
CA LEU MC 213 85.91 -154.34 7.15
C LEU MC 213 85.00 -155.47 6.68
N ALA MC 214 85.51 -156.70 6.63
CA ALA MC 214 84.65 -157.85 6.35
C ALA MC 214 83.72 -158.12 7.54
N LYS MC 215 84.25 -158.02 8.77
CA LYS MC 215 83.40 -158.19 9.94
C LYS MC 215 82.36 -157.07 10.01
N ARG MC 216 82.77 -155.84 9.73
CA ARG MC 216 81.82 -154.77 9.52
C ARG MC 216 81.06 -154.99 8.22
N MET MC 217 80.01 -154.19 8.04
CA MET MC 217 79.26 -154.14 6.79
C MET MC 217 78.41 -155.40 6.62
N LYS MC 218 78.63 -156.41 7.46
CA LYS MC 218 77.84 -157.62 7.42
C LYS MC 218 76.65 -157.59 8.37
N GLU MC 219 76.80 -156.95 9.53
CA GLU MC 219 75.62 -156.62 10.33
C GLU MC 219 74.84 -155.47 9.71
N ALA MC 220 75.52 -154.60 8.96
CA ALA MC 220 74.81 -153.65 8.11
C ALA MC 220 74.03 -154.39 7.02
N LYS MC 221 74.64 -155.41 6.41
CA LYS MC 221 73.89 -156.30 5.54
C LYS MC 221 72.78 -157.02 6.30
N GLU MC 222 73.08 -157.48 7.52
CA GLU MC 222 72.04 -158.04 8.37
C GLU MC 222 70.98 -156.99 8.70
N LYS MC 223 71.40 -155.76 8.98
CA LYS MC 223 70.43 -154.67 9.13
C LYS MC 223 69.68 -154.45 7.82
N ARG MC 224 70.39 -154.52 6.69
CA ARG MC 224 69.69 -154.53 5.41
C ARG MC 224 68.80 -155.76 5.31
N GLN MC 225 69.31 -156.93 5.69
CA GLN MC 225 68.49 -158.13 5.76
C GLN MC 225 67.34 -157.95 6.74
N GLU MC 226 67.54 -157.16 7.79
CA GLU MC 226 66.43 -156.85 8.70
C GLU MC 226 65.39 -155.98 8.00
N GLN MC 227 65.83 -155.09 7.10
CA GLN MC 227 64.88 -154.23 6.40
C GLN MC 227 64.08 -155.00 5.35
N ILE MC 228 64.75 -155.84 4.56
CA ILE MC 228 64.04 -156.58 3.51
C ILE MC 228 63.09 -157.60 4.13
N ALA MC 229 63.54 -158.28 5.18
CA ALA MC 229 62.62 -159.15 5.92
C ALA MC 229 61.49 -158.35 6.57
N LYS MC 230 61.76 -157.11 6.96
CA LYS MC 230 60.72 -156.23 7.48
C LYS MC 230 59.64 -155.96 6.43
N ARG MC 231 60.07 -155.71 5.18
CA ARG MC 231 59.10 -155.51 4.10
C ARG MC 231 58.29 -156.76 3.84
N ARG MC 232 58.96 -157.92 3.84
CA ARG MC 232 58.28 -159.19 3.60
C ARG MC 232 57.54 -159.72 4.81
N ARG MC 233 57.66 -159.05 5.96
CA ARG MC 233 57.00 -159.55 7.17
C ARG MC 233 55.50 -159.28 7.16
N LEU MC 234 55.10 -158.02 7.00
CA LEU MC 234 53.68 -157.67 6.96
C LEU MC 234 53.41 -156.88 5.68
N SER MC 235 52.56 -157.41 4.82
CA SER MC 235 52.06 -156.68 3.66
C SER MC 235 50.56 -156.89 3.46
N SER MC 236 49.91 -157.60 4.36
CA SER MC 236 48.48 -157.87 4.28
C SER MC 236 47.73 -157.52 5.56
N LEU MC 237 48.41 -157.51 6.70
CA LEU MC 237 47.77 -157.20 7.98
C LEU MC 237 48.23 -155.86 8.51
N PRO NC 1 109.89 -104.99 29.04
CA PRO NC 1 111.19 -104.43 29.43
C PRO NC 1 111.48 -104.56 30.91
N VAL NC 2 110.43 -104.44 31.72
CA VAL NC 2 110.58 -104.37 33.17
C VAL NC 2 109.49 -105.22 33.81
N ALA NC 3 109.85 -105.96 34.86
CA ALA NC 3 108.91 -106.80 35.59
C ALA NC 3 108.50 -106.19 36.92
N ARG NC 4 108.50 -104.86 37.03
CA ARG NC 4 108.03 -104.19 38.23
C ARG NC 4 106.51 -104.08 38.16
N SER NC 5 105.92 -103.32 39.10
CA SER NC 5 104.46 -103.25 39.21
C SER NC 5 103.91 -101.90 38.76
N TRP NC 6 104.43 -100.80 39.29
CA TRP NC 6 103.91 -99.45 39.07
C TRP NC 6 102.45 -99.32 39.48
N VAL NC 7 101.96 -100.23 40.31
CA VAL NC 7 100.57 -100.23 40.77
C VAL NC 7 100.54 -99.50 42.10
N CYS NC 8 99.90 -98.34 42.13
CA CYS NC 8 99.86 -97.55 43.34
C CYS NC 8 98.67 -96.59 43.29
N ARG NC 9 98.07 -96.37 44.45
CA ARG NC 9 96.99 -95.42 44.61
C ARG NC 9 97.21 -94.64 45.90
N LYS NC 10 96.66 -93.43 45.94
CA LYS NC 10 96.72 -92.61 47.14
C LYS NC 10 95.72 -93.13 48.16
N THR NC 11 96.05 -92.94 49.44
CA THR NC 11 95.18 -93.36 50.53
C THR NC 11 94.45 -92.19 51.19
N TYR NC 12 94.60 -90.98 50.67
CA TYR NC 12 93.95 -89.82 51.24
C TYR NC 12 93.54 -88.87 50.12
N VAL NC 13 92.56 -88.01 50.43
CA VAL NC 13 92.08 -87.00 49.50
C VAL NC 13 91.92 -85.69 50.25
N THR NC 14 92.44 -84.61 49.70
CA THR NC 14 92.33 -83.31 50.34
C THR NC 14 90.89 -82.82 50.28
N PRO NC 15 90.44 -82.05 51.27
CA PRO NC 15 89.08 -81.51 51.22
C PRO NC 15 88.91 -80.50 50.10
N ARG NC 16 87.69 -80.43 49.58
CA ARG NC 16 87.40 -79.56 48.45
C ARG NC 16 87.51 -78.09 48.83
N ARG NC 17 86.89 -77.70 49.94
CA ARG NC 17 86.87 -76.30 50.36
C ARG NC 17 87.84 -76.09 51.49
N PRO NC 18 88.96 -75.39 51.28
CA PRO NC 18 89.92 -75.18 52.36
C PRO NC 18 89.54 -73.97 53.21
N PHE NC 19 90.00 -74.00 54.45
CA PHE NC 19 89.95 -72.85 55.35
C PHE NC 19 88.53 -72.47 55.72
N GLU NC 20 87.73 -73.48 56.04
CA GLU NC 20 86.42 -73.29 56.67
C GLU NC 20 86.53 -73.69 58.13
N LYS NC 21 86.07 -72.82 59.02
CA LYS NC 21 86.31 -73.01 60.46
C LYS NC 21 85.67 -74.30 60.96
N SER NC 22 84.43 -74.58 60.55
CA SER NC 22 83.70 -75.71 61.12
C SER NC 22 84.40 -77.03 60.79
N ARG NC 23 84.75 -77.24 59.53
CA ARG NC 23 85.49 -78.44 59.17
C ARG NC 23 86.87 -78.44 59.81
N LEU NC 24 87.49 -77.27 59.92
CA LEU NC 24 88.81 -77.16 60.55
C LEU NC 24 88.76 -77.63 62.00
N ASP NC 25 87.80 -77.12 62.77
CA ASP NC 25 87.77 -77.42 64.20
C ASP NC 25 87.32 -78.85 64.48
N GLN NC 26 86.31 -79.34 63.75
CA GLN NC 26 85.88 -80.72 63.93
C GLN NC 26 87.01 -81.69 63.67
N GLU NC 27 87.76 -81.49 62.58
CA GLU NC 27 88.84 -82.41 62.26
C GLU NC 27 89.97 -82.32 63.29
N LEU NC 28 90.28 -81.12 63.76
CA LEU NC 28 91.39 -80.96 64.71
C LEU NC 28 91.02 -81.57 66.05
N LYS NC 29 89.73 -81.54 66.40
CA LYS NC 29 89.27 -82.19 67.62
C LYS NC 29 89.57 -83.68 67.58
N LEU NC 30 89.37 -84.30 66.43
CA LEU NC 30 89.64 -85.72 66.29
C LEU NC 30 91.12 -86.02 66.57
N ILE NC 31 92.01 -85.20 66.02
CA ILE NC 31 93.43 -85.37 66.29
C ILE NC 31 93.72 -85.16 67.77
N GLY NC 32 93.09 -84.13 68.36
CA GLY NC 32 93.36 -83.83 69.76
C GLY NC 32 92.95 -84.95 70.69
N GLU NC 33 92.11 -85.86 70.21
CA GLU NC 33 91.66 -86.94 71.09
C GLU NC 33 92.16 -88.31 70.62
N TYR NC 34 92.57 -88.46 69.37
CA TYR NC 34 93.36 -89.63 68.99
C TYR NC 34 94.85 -89.36 68.88
N GLY NC 35 95.31 -88.14 69.15
CA GLY NC 35 96.74 -87.87 69.14
C GLY NC 35 97.42 -88.19 67.82
N LEU NC 36 96.84 -87.76 66.71
CA LEU NC 36 97.38 -88.12 65.41
C LEU NC 36 98.47 -87.14 64.98
N ARG NC 37 99.29 -87.56 64.02
CA ARG NC 37 100.43 -86.74 63.61
C ARG NC 37 99.98 -85.45 62.95
N ASN NC 38 99.10 -85.53 61.96
CA ASN NC 38 98.54 -84.33 61.34
C ASN NC 38 97.28 -84.75 60.58
N LYS NC 39 96.71 -83.79 59.86
CA LYS NC 39 95.38 -83.95 59.31
C LYS NC 39 95.29 -84.87 58.11
N ARG NC 40 96.42 -85.32 57.55
CA ARG NC 40 96.35 -86.23 56.41
C ARG NC 40 95.73 -87.57 56.78
N GLU NC 41 96.08 -88.09 57.97
CA GLU NC 41 95.52 -89.38 58.39
C GLU NC 41 94.01 -89.31 58.56
N VAL NC 42 93.51 -88.19 59.10
CA VAL NC 42 92.07 -88.04 59.30
C VAL NC 42 91.34 -88.12 57.97
N TRP NC 43 91.89 -87.46 56.94
CA TRP NC 43 91.32 -87.58 55.61
C TRP NC 43 91.36 -89.02 55.11
N ARG NC 44 92.48 -89.72 55.36
CA ARG NC 44 92.57 -91.13 54.97
C ARG NC 44 91.44 -91.93 55.60
N VAL NC 45 91.22 -91.75 56.91
CA VAL NC 45 90.14 -92.46 57.57
C VAL NC 45 88.79 -92.07 56.97
N LYS NC 46 88.58 -90.77 56.75
CA LYS NC 46 87.37 -90.33 56.07
C LYS NC 46 87.31 -90.89 54.66
N PHE NC 47 88.45 -90.89 53.96
CA PHE NC 47 88.51 -91.46 52.62
C PHE NC 47 88.18 -92.95 52.65
N THR NC 48 88.72 -93.68 53.63
CA THR NC 48 88.37 -95.08 53.78
C THR NC 48 86.88 -95.24 54.10
N LEU NC 49 86.35 -94.36 54.96
CA LEU NC 49 84.92 -94.39 55.26
C LEU NC 49 84.09 -94.22 54.00
N ALA NC 50 84.47 -93.26 53.15
CA ALA NC 50 83.72 -93.02 51.92
C ALA NC 50 83.76 -94.24 51.02
N LYS NC 51 84.90 -94.93 50.95
CA LYS NC 51 84.97 -96.15 50.16
C LYS NC 51 84.02 -97.21 50.69
N ILE NC 52 83.94 -97.35 52.01
CA ILE NC 52 83.02 -98.33 52.58
C ILE NC 52 81.59 -97.96 52.28
N ARG NC 53 81.24 -96.68 52.47
CA ARG NC 53 79.88 -96.25 52.17
C ARG NC 53 79.57 -96.40 50.69
N LYS NC 54 80.48 -95.96 49.82
CA LYS NC 54 80.22 -96.06 48.38
C LYS NC 54 80.08 -97.52 47.96
N ALA NC 55 80.88 -98.41 48.55
CA ALA NC 55 80.64 -99.83 48.35
C ALA NC 55 79.29 -100.24 48.91
N ALA NC 56 78.94 -99.74 50.10
CA ALA NC 56 77.66 -100.08 50.71
C ALA NC 56 76.50 -99.49 49.92
N ARG NC 57 76.65 -98.25 49.44
CA ARG NC 57 75.52 -97.54 48.86
C ARG NC 57 75.00 -98.21 47.61
N GLU NC 58 75.88 -98.50 46.65
CA GLU NC 58 75.47 -99.09 45.39
C GLU NC 58 74.82 -100.45 45.57
N LEU NC 59 75.27 -101.25 46.52
CA LEU NC 59 74.65 -102.55 46.79
C LEU NC 59 73.19 -102.38 47.20
N LEU NC 60 72.89 -101.37 47.99
CA LEU NC 60 71.50 -101.10 48.35
C LEU NC 60 70.66 -100.81 47.11
N THR NC 61 71.22 -100.05 46.16
CA THR NC 61 70.53 -99.79 44.90
C THR NC 61 70.28 -101.07 44.11
N LEU NC 62 71.07 -102.12 44.35
CA LEU NC 62 70.93 -103.34 43.58
C LEU NC 62 69.76 -104.16 44.13
N ASP NC 63 68.98 -104.74 43.21
CA ASP NC 63 67.80 -105.48 43.59
C ASP NC 63 68.17 -106.76 44.32
N GLU NC 64 67.31 -107.18 45.25
CA GLU NC 64 67.59 -108.36 46.07
C GLU NC 64 67.53 -109.64 45.20
N LYS NC 65 67.89 -110.75 45.80
CA LYS NC 65 67.92 -112.10 45.26
C LYS NC 65 68.99 -112.25 44.23
N ASP NC 66 69.76 -111.20 43.98
CA ASP NC 66 70.90 -111.30 43.07
C ASP NC 66 72.11 -111.82 43.82
N PRO NC 67 72.76 -112.89 43.34
CA PRO NC 67 73.83 -113.52 44.13
C PRO NC 67 74.98 -112.58 44.45
N ARG NC 68 75.28 -111.62 43.57
CA ARG NC 68 76.35 -110.67 43.86
C ARG NC 68 76.04 -109.86 45.11
N ARG NC 69 74.81 -109.38 45.22
CA ARG NC 69 74.45 -108.50 46.33
C ARG NC 69 74.56 -109.23 47.67
N LEU NC 70 74.04 -110.46 47.74
CA LEU NC 70 74.09 -111.21 48.99
C LEU NC 70 75.52 -111.56 49.35
N PHE NC 71 76.32 -111.99 48.35
CA PHE NC 71 77.71 -112.33 48.63
C PHE NC 71 78.50 -111.08 48.94
N GLU NC 72 78.35 -110.04 48.13
CA GLU NC 72 79.08 -108.81 48.41
C GLU NC 72 78.65 -108.22 49.76
N GLY NC 73 77.37 -108.35 50.11
CA GLY NC 73 76.93 -107.86 51.40
C GLY NC 73 77.69 -108.49 52.55
N ASN NC 74 77.56 -109.80 52.72
CA ASN NC 74 78.20 -110.46 53.84
C ASN NC 74 79.73 -110.39 53.75
N ALA NC 75 80.26 -110.29 52.53
CA ALA NC 75 81.71 -110.17 52.37
C ALA NC 75 82.23 -108.93 53.08
N LEU NC 76 81.62 -107.78 52.83
CA LEU NC 76 81.93 -106.59 53.62
C LEU NC 76 81.47 -106.76 55.05
N LEU NC 77 80.23 -107.21 55.24
CA LEU NC 77 79.64 -107.25 56.58
C LEU NC 77 80.44 -108.14 57.52
N ARG NC 78 80.89 -109.30 57.05
CA ARG NC 78 81.79 -110.11 57.87
C ARG NC 78 83.10 -109.38 58.11
N ARG NC 79 83.62 -108.72 57.09
CA ARG NC 79 84.92 -108.05 57.23
C ARG NC 79 84.85 -106.93 58.25
N LEU NC 80 83.81 -106.10 58.17
CA LEU NC 80 83.71 -104.94 59.07
C LEU NC 80 83.55 -105.38 60.53
N VAL NC 81 82.68 -106.36 60.78
CA VAL NC 81 82.57 -106.89 62.14
C VAL NC 81 83.84 -107.63 62.55
N ARG NC 82 84.53 -108.26 61.61
CA ARG NC 82 85.82 -108.87 61.91
C ARG NC 82 86.82 -107.81 62.39
N ILE NC 83 86.83 -106.65 61.75
CA ILE NC 83 87.55 -105.50 62.28
C ILE NC 83 86.98 -105.11 63.64
N GLY NC 84 85.66 -105.19 63.79
CA GLY NC 84 85.01 -104.83 65.03
C GLY NC 84 84.36 -103.47 65.05
N VAL NC 85 84.39 -102.73 63.94
CA VAL NC 85 83.73 -101.44 63.88
C VAL NC 85 82.22 -101.56 63.83
N LEU NC 86 81.71 -102.77 63.63
CA LEU NC 86 80.29 -103.00 63.49
C LEU NC 86 79.88 -104.14 64.40
N ASP NC 87 78.77 -103.96 65.12
CA ASP NC 87 78.34 -104.96 66.08
C ASP NC 87 77.84 -106.21 65.39
N GLU NC 88 78.06 -107.36 66.04
CA GLU NC 88 77.74 -108.65 65.43
C GLU NC 88 76.25 -108.81 65.17
N GLY NC 89 75.41 -108.10 65.92
CA GLY NC 89 73.97 -108.19 65.71
C GLY NC 89 73.44 -107.32 64.60
N LYS NC 90 74.31 -106.62 63.88
CA LYS NC 90 73.94 -105.64 62.87
C LYS NC 90 74.51 -106.12 61.53
N MET NC 91 73.77 -107.01 60.86
CA MET NC 91 74.26 -107.54 59.59
C MET NC 91 73.35 -107.06 58.47
N LYS NC 92 72.83 -105.85 58.63
CA LYS NC 92 72.01 -105.22 57.60
C LYS NC 92 72.80 -104.07 56.98
N LEU NC 93 72.83 -104.04 55.65
CA LEU NC 93 73.66 -103.09 54.94
C LEU NC 93 73.26 -101.64 55.22
N ASP NC 94 72.05 -101.41 55.73
CA ASP NC 94 71.65 -100.04 56.07
C ASP NC 94 72.52 -99.48 57.19
N TYR NC 95 72.88 -100.30 58.17
CA TYR NC 95 73.64 -99.81 59.32
C TYR NC 95 75.02 -99.32 58.95
N ILE NC 96 75.55 -99.75 57.80
CA ILE NC 96 76.88 -99.28 57.40
C ILE NC 96 76.90 -97.77 57.24
N LEU NC 97 75.86 -97.21 56.62
CA LEU NC 97 75.74 -95.77 56.50
C LEU NC 97 75.62 -95.10 57.86
N GLY NC 98 75.22 -95.84 58.89
CA GLY NC 98 75.19 -95.30 60.23
C GLY NC 98 76.54 -95.19 60.90
N LEU NC 99 77.58 -95.75 60.29
CA LEU NC 99 78.91 -95.66 60.86
C LEU NC 99 79.45 -94.22 60.74
N LYS NC 100 80.41 -93.90 61.60
CA LYS NC 100 81.11 -92.63 61.56
C LYS NC 100 82.59 -92.90 61.28
N ILE NC 101 83.41 -91.85 61.43
CA ILE NC 101 84.85 -92.04 61.52
C ILE NC 101 85.29 -92.27 62.96
N GLU NC 102 84.41 -92.02 63.94
CA GLU NC 102 84.77 -92.23 65.33
C GLU NC 102 85.09 -93.69 65.59
N ASP NC 103 84.20 -94.59 65.18
CA ASP NC 103 84.39 -96.01 65.48
C ASP NC 103 85.53 -96.61 64.67
N PHE NC 104 85.74 -96.14 63.44
CA PHE NC 104 86.92 -96.60 62.69
C PHE NC 104 88.21 -96.24 63.40
N LEU NC 105 88.29 -95.01 63.91
CA LEU NC 105 89.52 -94.54 64.52
C LEU NC 105 89.81 -95.21 65.86
N GLU NC 106 88.77 -95.58 66.62
CA GLU NC 106 89.02 -96.21 67.91
C GLU NC 106 89.53 -97.63 67.75
N ARG NC 107 89.58 -98.14 66.52
CA ARG NC 107 90.25 -99.40 66.24
C ARG NC 107 91.75 -99.23 66.03
N ARG NC 108 92.26 -98.00 66.12
CA ARG NC 108 93.69 -97.77 65.93
C ARG NC 108 94.50 -98.44 67.03
N LEU NC 109 95.70 -98.88 66.67
CA LEU NC 109 96.61 -99.45 67.66
C LEU NC 109 96.95 -98.45 68.74
N GLN NC 110 97.00 -97.17 68.40
CA GLN NC 110 97.39 -96.16 69.37
C GLN NC 110 96.36 -96.04 70.49
N THR NC 111 95.07 -96.02 70.13
CA THR NC 111 94.06 -95.78 71.15
C THR NC 111 93.76 -97.02 71.98
N GLN NC 112 93.85 -98.22 71.38
CA GLN NC 112 93.50 -99.40 72.14
C GLN NC 112 94.60 -99.86 73.09
N VAL NC 113 95.78 -99.26 73.04
CA VAL NC 113 96.74 -99.43 74.11
C VAL NC 113 96.59 -98.35 75.18
N PHE NC 114 95.83 -97.30 74.90
CA PHE NC 114 95.42 -96.38 75.96
C PHE NC 114 94.34 -97.00 76.82
N LYS NC 115 93.18 -97.30 76.22
CA LYS NC 115 92.01 -97.74 76.95
C LYS NC 115 92.23 -99.07 77.66
N LEU NC 116 93.12 -99.92 77.16
CA LEU NC 116 93.50 -101.14 77.86
C LEU NC 116 94.50 -100.88 78.98
N GLY NC 117 94.98 -99.65 79.10
CA GLY NC 117 95.85 -99.27 80.19
C GLY NC 117 97.32 -99.54 79.99
N LEU NC 118 97.72 -100.08 78.84
CA LEU NC 118 99.13 -100.36 78.61
C LEU NC 118 99.96 -99.08 78.56
N ALA NC 119 99.31 -97.95 78.27
CA ALA NC 119 100.01 -96.67 78.21
C ALA NC 119 98.98 -95.55 78.34
N LYS NC 120 99.15 -94.71 79.36
CA LYS NC 120 98.29 -93.54 79.52
C LYS NC 120 98.70 -92.46 78.53
N SER NC 121 97.91 -91.38 78.50
CA SER NC 121 98.29 -90.15 77.81
C SER NC 121 98.59 -90.41 76.33
N ILE NC 122 97.51 -90.69 75.58
CA ILE NC 122 97.53 -91.39 74.31
C ILE NC 122 98.74 -91.05 73.44
N HIS NC 123 99.21 -89.81 73.53
CA HIS NC 123 100.45 -89.46 72.86
C HIS NC 123 101.63 -90.24 73.43
N HIS NC 124 101.65 -90.45 74.74
CA HIS NC 124 102.60 -91.39 75.33
C HIS NC 124 102.38 -92.79 74.78
N ALA NC 125 101.13 -93.16 74.54
CA ALA NC 125 100.83 -94.46 73.95
C ALA NC 125 101.34 -94.55 72.51
N ARG NC 126 101.07 -93.51 71.70
CA ARG NC 126 101.51 -93.53 70.31
C ARG NC 126 103.03 -93.60 70.20
N VAL NC 127 103.74 -92.72 70.93
CA VAL NC 127 105.19 -92.74 70.86
C VAL NC 127 105.73 -94.06 71.38
N LEU NC 128 104.98 -94.74 72.25
CA LEU NC 128 105.39 -96.06 72.71
C LEU NC 128 105.28 -97.09 71.59
N ILE NC 129 104.28 -96.94 70.73
CA ILE NC 129 104.10 -97.88 69.62
C ILE NC 129 105.28 -97.80 68.66
N ARG NC 130 105.61 -96.59 68.23
CA ARG NC 130 106.77 -96.40 67.35
C ARG NC 130 108.07 -96.70 68.09
N GLN NC 131 108.01 -96.85 69.41
CA GLN NC 131 109.17 -97.10 70.25
C GLN NC 131 109.55 -98.56 70.32
N ARG NC 132 108.78 -99.43 69.65
CA ARG NC 132 109.04 -100.87 69.65
C ARG NC 132 108.98 -101.45 71.06
N HIS NC 133 107.80 -101.35 71.67
CA HIS NC 133 107.57 -101.87 73.01
C HIS NC 133 106.36 -102.80 73.10
N ILE NC 134 105.32 -102.55 72.30
CA ILE NC 134 104.06 -103.27 72.41
C ILE NC 134 103.95 -104.24 71.23
N ARG NC 135 103.48 -105.46 71.50
CA ARG NC 135 103.34 -106.47 70.47
C ARG NC 135 101.95 -107.09 70.47
N VAL NC 136 101.59 -107.65 69.33
CA VAL NC 136 100.45 -108.55 69.19
C VAL NC 136 100.89 -109.92 69.71
N ARG NC 137 99.94 -110.86 69.78
CA ARG NC 137 100.12 -112.19 70.36
C ARG NC 137 101.52 -112.78 70.17
N LYS NC 138 102.08 -112.67 68.95
CA LYS NC 138 103.40 -113.19 68.70
C LYS NC 138 104.31 -112.28 67.88
N GLN NC 139 103.82 -111.13 67.41
CA GLN NC 139 104.60 -110.25 66.55
C GLN NC 139 104.58 -108.84 67.12
N VAL NC 140 105.71 -108.15 67.04
CA VAL NC 140 105.80 -106.76 67.44
C VAL NC 140 105.38 -105.90 66.26
N VAL NC 141 104.79 -104.75 66.58
CA VAL NC 141 104.34 -103.77 65.58
C VAL NC 141 104.71 -102.38 66.06
N ASN NC 142 105.25 -101.57 65.14
CA ASN NC 142 105.39 -100.13 65.40
C ASN NC 142 104.64 -99.38 64.28
N ILE NC 143 103.33 -99.29 64.47
CA ILE NC 143 102.38 -98.71 63.52
C ILE NC 143 101.21 -98.20 64.33
N PRO NC 144 101.10 -96.89 64.56
CA PRO NC 144 99.93 -96.37 65.28
C PRO NC 144 98.60 -96.66 64.59
N SER NC 145 98.61 -96.89 63.27
CA SER NC 145 97.41 -97.20 62.51
C SER NC 145 97.18 -98.70 62.33
N PHE NC 146 97.92 -99.53 63.05
CA PHE NC 146 97.69 -100.97 62.98
C PHE NC 146 96.28 -101.28 63.50
N ILE NC 147 95.39 -101.66 62.60
CA ILE NC 147 94.02 -101.95 62.99
C ILE NC 147 93.94 -103.35 63.56
N VAL NC 148 93.36 -103.47 64.75
CA VAL NC 148 93.34 -104.72 65.49
C VAL NC 148 91.94 -105.31 65.40
N ARG NC 149 91.86 -106.56 64.95
CA ARG NC 149 90.60 -107.28 64.89
C ARG NC 149 90.24 -107.80 66.27
N LEU NC 150 88.96 -108.16 66.44
CA LEU NC 150 88.49 -108.64 67.73
C LEU NC 150 89.19 -109.93 68.15
N ASP NC 151 89.57 -110.77 67.19
CA ASP NC 151 90.28 -112.00 67.51
C ASP NC 151 91.67 -111.71 68.07
N SER NC 152 92.16 -110.48 67.97
CA SER NC 152 93.46 -110.09 68.48
C SER NC 152 93.36 -109.03 69.59
N GLN NC 153 92.14 -108.65 69.97
CA GLN NC 153 91.98 -107.57 70.96
C GLN NC 153 92.55 -107.96 72.31
N LYS NC 154 92.34 -109.21 72.74
CA LYS NC 154 92.88 -109.69 74.01
C LYS NC 154 94.33 -110.11 73.92
N HIS NC 155 95.04 -109.69 72.86
CA HIS NC 155 96.40 -110.15 72.62
C HIS NC 155 97.37 -108.99 72.41
N ILE NC 156 97.07 -107.82 72.96
CA ILE NC 156 98.00 -106.69 72.95
C ILE NC 156 98.77 -106.73 74.25
N ASP NC 157 100.08 -106.98 74.16
CA ASP NC 157 100.93 -107.01 75.34
C ASP NC 157 102.24 -106.30 75.05
N PHE NC 158 103.11 -106.20 76.05
CA PHE NC 158 104.42 -105.61 75.86
C PHE NC 158 105.36 -106.60 75.21
N SER NC 159 106.31 -106.09 74.44
CA SER NC 159 107.31 -106.96 73.83
C SER NC 159 108.23 -107.54 74.90
N LEU NC 160 108.61 -108.80 74.71
CA LEU NC 160 109.44 -109.47 75.70
C LEU NC 160 110.79 -108.80 75.87
N ARG NC 161 111.39 -108.32 74.78
CA ARG NC 161 112.65 -107.61 74.83
C ARG NC 161 112.54 -106.27 75.55
N SER NC 162 111.36 -105.66 75.58
CA SER NC 162 111.19 -104.32 76.12
C SER NC 162 111.48 -104.29 77.62
N PRO NC 163 111.99 -103.17 78.14
CA PRO NC 163 112.15 -103.02 79.59
C PRO NC 163 110.85 -102.60 80.24
N TYR NC 164 109.75 -103.23 79.82
CA TYR NC 164 108.45 -103.04 80.44
C TYR NC 164 107.88 -104.42 80.74
N GLY NC 165 108.34 -105.41 79.99
CA GLY NC 165 108.07 -106.80 80.27
C GLY NC 165 109.28 -107.45 80.89
N GLY NC 166 110.06 -108.14 80.08
CA GLY NC 166 111.27 -108.80 80.54
C GLY NC 166 112.35 -107.81 80.92
N GLY NC 167 113.59 -108.30 80.87
CA GLY NC 167 114.74 -107.55 81.33
C GLY NC 167 115.34 -106.60 80.30
N ARG NC 168 116.66 -106.42 80.37
CA ARG NC 168 117.43 -105.49 79.56
C ARG NC 168 116.86 -104.07 79.65
N PRO NC 169 117.06 -103.37 80.76
CA PRO NC 169 116.65 -101.97 80.83
C PRO NC 169 117.39 -101.13 79.81
N GLY NC 170 116.72 -100.07 79.36
CA GLY NC 170 117.24 -99.23 78.30
C GLY NC 170 118.58 -98.59 78.57
N ARG NC 171 119.15 -97.92 77.56
CA ARG NC 171 120.50 -97.39 77.68
C ARG NC 171 120.60 -96.32 78.78
N VAL NC 172 119.52 -95.55 78.99
CA VAL NC 172 119.59 -94.51 80.02
C VAL NC 172 119.63 -95.14 81.40
N LYS NC 173 118.89 -96.24 81.62
CA LYS NC 173 118.99 -96.95 82.88
C LYS NC 173 120.37 -97.57 83.06
N ARG NC 174 120.93 -98.14 81.99
CA ARG NC 174 122.25 -98.74 82.06
C ARG NC 174 123.32 -97.70 82.35
N LYS NC 175 123.33 -96.62 81.57
CA LYS NC 175 124.35 -95.58 81.77
C LYS NC 175 124.22 -94.93 83.14
N ASN NC 176 122.99 -94.68 83.59
CA ASN NC 176 122.79 -94.14 84.93
C ASN NC 176 123.27 -95.12 85.99
N ALA NC 177 122.97 -96.41 85.82
CA ALA NC 177 123.46 -97.42 86.76
C ALA NC 177 124.98 -97.53 86.69
N LYS NC 178 125.55 -97.42 85.49
CA LYS NC 178 127.00 -97.51 85.34
C LYS NC 178 127.70 -96.37 86.08
N LYS NC 179 127.18 -95.15 85.97
CA LYS NC 179 127.77 -94.03 86.69
C LYS NC 179 127.64 -94.20 88.19
N GLY NC 180 126.46 -94.67 88.65
CA GLY NC 180 126.25 -94.83 90.07
C GLY NC 180 127.16 -95.87 90.69
N GLN NC 181 127.29 -97.03 90.04
CA GLN NC 181 128.20 -98.07 90.51
C GLN NC 181 129.66 -97.64 90.44
N GLY NC 182 130.00 -96.69 89.57
CA GLY NC 182 131.35 -96.20 89.47
C GLY NC 182 131.66 -95.10 90.47
N GLY NC 183 130.64 -94.67 91.21
CA GLY NC 183 130.80 -93.64 92.22
C GLY NC 183 131.17 -94.14 93.60
N ALA NC 184 131.41 -95.43 93.76
CA ALA NC 184 131.81 -96.00 95.05
C ALA NC 184 132.67 -97.23 94.78
N GLY NC 185 132.93 -98.00 95.84
CA GLY NC 185 133.73 -99.20 95.73
C GLY NC 185 133.29 -100.30 96.67
N ASN OC 1 123.18 -120.49 71.76
CA ASN OC 1 123.20 -121.94 71.85
C ASN OC 1 122.27 -122.44 72.96
N ASP OC 2 122.01 -121.56 73.94
CA ASP OC 2 121.18 -121.95 75.07
C ASP OC 2 119.75 -122.28 74.63
N THR OC 3 119.15 -121.42 73.81
CA THR OC 3 117.79 -121.62 73.33
C THR OC 3 117.74 -121.31 71.83
N VAL OC 4 118.05 -122.31 71.02
CA VAL OC 4 117.91 -122.22 69.57
C VAL OC 4 117.39 -123.54 69.06
N THR OC 5 116.26 -123.51 68.35
CA THR OC 5 115.60 -124.73 67.91
C THR OC 5 115.23 -124.62 66.44
N ILE OC 6 115.06 -125.78 65.81
CA ILE OC 6 114.81 -125.88 64.39
C ILE OC 6 113.45 -126.51 64.17
N ARG OC 7 112.65 -125.88 63.32
CA ARG OC 7 111.39 -126.46 62.88
C ARG OC 7 111.40 -126.56 61.36
N THR OC 8 110.81 -127.64 60.85
CA THR OC 8 110.78 -127.90 59.42
C THR OC 8 109.33 -128.01 58.96
N ARG OC 9 109.08 -127.53 57.75
CA ARG OC 9 107.75 -127.61 57.16
C ARG OC 9 107.88 -127.64 55.65
N LYS OC 10 106.75 -127.95 54.99
CA LYS OC 10 106.73 -128.18 53.54
C LYS OC 10 107.83 -129.15 53.13
N PHE OC 11 108.10 -130.13 54.00
CA PHE OC 11 109.12 -131.13 53.75
C PHE OC 11 108.55 -132.16 52.77
N MET OC 12 109.09 -132.18 51.56
CA MET OC 12 108.71 -133.17 50.56
C MET OC 12 109.97 -133.82 50.02
N THR OC 13 109.92 -135.13 49.81
CA THR OC 13 111.05 -135.89 49.31
C THR OC 13 110.92 -136.08 47.81
N ASN OC 14 112.06 -136.10 47.12
CA ASN OC 14 112.06 -136.30 45.68
C ASN OC 14 113.40 -136.87 45.25
N ARG OC 15 113.43 -138.18 45.00
CA ARG OC 15 114.62 -138.74 44.37
C ARG OC 15 114.75 -138.29 42.93
N LEU OC 16 113.71 -137.63 42.43
CA LEU OC 16 113.80 -136.94 41.15
C LEU OC 16 115.12 -136.20 41.03
N LEU OC 17 115.38 -135.28 41.96
CA LEU OC 17 116.66 -134.60 42.04
C LEU OC 17 117.54 -135.18 43.14
N GLN OC 18 117.21 -136.37 43.63
CA GLN OC 18 118.05 -137.11 44.57
C GLN OC 18 118.23 -136.33 45.88
N ARG OC 19 117.14 -135.76 46.37
CA ARG OC 19 117.22 -134.92 47.54
C ARG OC 19 115.84 -134.87 48.20
N LYS OC 20 115.83 -134.39 49.45
CA LYS OC 20 114.59 -134.07 50.14
C LYS OC 20 114.59 -132.59 50.49
N GLN OC 21 113.53 -131.88 50.10
CA GLN OC 21 113.48 -130.43 50.23
C GLN OC 21 112.48 -130.02 51.30
N MET OC 22 112.82 -128.95 52.02
CA MET OC 22 111.97 -128.42 53.07
C MET OC 22 112.33 -126.97 53.31
N VAL OC 23 111.44 -126.27 54.00
CA VAL OC 23 111.67 -124.91 54.45
C VAL OC 23 111.80 -124.94 55.97
N ILE OC 24 112.85 -124.29 56.49
CA ILE OC 24 113.17 -124.36 57.90
C ILE OC 24 113.15 -122.96 58.50
N ASP OC 25 112.45 -122.83 59.61
CA ASP OC 25 112.37 -121.58 60.35
C ASP OC 25 113.08 -121.75 61.69
N VAL OC 26 114.01 -120.84 61.98
CA VAL OC 26 114.85 -120.93 63.17
C VAL OC 26 114.28 -120.02 64.24
N LEU OC 27 114.78 -120.19 65.46
CA LEU OC 27 114.37 -119.41 66.60
C LEU OC 27 115.59 -118.81 67.29
N HIS OC 28 115.55 -117.50 67.49
CA HIS OC 28 116.61 -116.80 68.22
C HIS OC 28 116.00 -115.61 68.95
N PRO OC 29 115.22 -115.83 70.00
CA PRO OC 29 114.56 -114.71 70.68
C PRO OC 29 115.51 -113.68 71.25
N GLY OC 30 116.66 -114.08 71.76
CA GLY OC 30 117.54 -113.15 72.44
C GLY OC 30 118.86 -112.90 71.76
N LYS OC 31 119.12 -113.59 70.65
CA LYS OC 31 120.37 -113.47 69.92
C LYS OC 31 120.10 -112.99 68.51
N ALA OC 32 121.18 -112.76 67.76
CA ALA OC 32 121.06 -112.31 66.39
C ALA OC 32 120.60 -113.46 65.49
N THR OC 33 120.44 -113.15 64.22
CA THR OC 33 120.20 -114.19 63.23
C THR OC 33 121.40 -115.11 63.19
N VAL OC 34 121.24 -116.34 63.64
CA VAL OC 34 122.38 -117.25 63.76
C VAL OC 34 122.91 -117.57 62.36
N PRO OC 35 124.23 -117.66 62.17
CA PRO OC 35 124.77 -117.95 60.84
C PRO OC 35 124.39 -119.36 60.39
N LYS OC 36 124.48 -119.56 59.07
CA LYS OC 36 124.21 -120.88 58.50
C LYS OC 36 125.11 -121.95 59.10
N THR OC 37 126.32 -121.57 59.53
CA THR OC 37 127.30 -122.52 60.04
C THR OC 37 126.72 -123.39 61.15
N GLU OC 38 126.25 -122.76 62.23
CA GLU OC 38 125.63 -123.52 63.30
C GLU OC 38 124.29 -124.11 62.90
N ILE OC 39 123.64 -123.57 61.86
CA ILE OC 39 122.41 -124.17 61.39
C ILE OC 39 122.68 -125.55 60.80
N ARG OC 40 123.68 -125.64 59.92
CA ARG OC 40 123.94 -126.90 59.23
C ARG OC 40 124.29 -128.01 60.21
N GLU OC 41 125.13 -127.70 61.21
CA GLU OC 41 125.44 -128.70 62.23
C GLU OC 41 124.20 -129.09 63.01
N LYS OC 42 123.35 -128.11 63.36
CA LYS OC 42 122.22 -128.37 64.22
C LYS OC 42 121.12 -129.14 63.50
N LEU OC 43 120.79 -128.75 62.26
CA LEU OC 43 119.69 -129.40 61.57
C LEU OC 43 120.04 -130.83 61.18
N ALA OC 44 121.31 -131.07 60.84
CA ALA OC 44 121.69 -132.38 60.31
C ALA OC 44 121.66 -133.45 61.39
N LYS OC 45 121.96 -133.08 62.64
CA LYS OC 45 122.09 -134.08 63.69
C LYS OC 45 120.75 -134.66 64.08
N MET OC 46 119.66 -133.93 63.83
CA MET OC 46 118.33 -134.48 64.08
C MET OC 46 117.78 -135.25 62.90
N TYR OC 47 118.49 -135.25 61.77
CA TYR OC 47 118.33 -136.28 60.76
C TYR OC 47 119.53 -137.22 60.70
N LYS OC 48 120.50 -137.06 61.61
CA LYS OC 48 121.69 -137.93 61.68
C LYS OC 48 122.50 -137.85 60.39
N THR OC 49 122.88 -136.62 60.00
CA THR OC 49 123.65 -136.41 58.77
C THR OC 49 124.80 -135.43 59.00
N THR OC 50 125.67 -135.28 58.01
CA THR OC 50 126.82 -134.40 58.21
C THR OC 50 126.65 -133.11 57.44
N PRO OC 51 126.52 -131.76 58.26
CA PRO OC 51 126.76 -130.56 57.43
C PRO OC 51 127.74 -130.30 56.17
N ASP OC 52 127.75 -131.21 55.17
CA ASP OC 52 128.41 -130.84 53.91
C ASP OC 52 127.50 -131.24 52.75
N VAL OC 53 126.73 -132.31 52.95
CA VAL OC 53 125.62 -132.61 52.06
C VAL OC 53 124.53 -131.56 52.18
N ILE OC 54 124.45 -130.90 53.33
CA ILE OC 54 123.38 -129.94 53.60
C ILE OC 54 123.67 -128.64 52.85
N PHE OC 55 122.61 -128.05 52.27
CA PHE OC 55 122.69 -126.72 51.67
C PHE OC 55 121.57 -125.89 52.28
N VAL OC 56 121.84 -124.61 52.52
CA VAL OC 56 120.86 -123.70 53.09
C VAL OC 56 120.97 -122.35 52.41
N PHE OC 57 119.83 -121.74 52.13
CA PHE OC 57 119.80 -120.49 51.37
C PHE OC 57 118.49 -119.76 51.64
N GLY OC 58 118.47 -118.48 51.28
CA GLY OC 58 117.26 -117.67 51.33
C GLY OC 58 116.69 -117.46 52.72
N PHE OC 59 117.54 -117.13 53.68
CA PHE OC 59 117.12 -116.96 55.07
C PHE OC 59 116.58 -115.55 55.25
N ARG OC 60 115.26 -115.42 55.31
CA ARG OC 60 114.59 -114.14 55.55
C ARG OC 60 114.13 -114.12 57.00
N THR OC 61 114.22 -112.95 57.62
CA THR OC 61 113.90 -112.81 59.04
C THR OC 61 112.60 -112.06 59.24
N HIS OC 62 111.77 -112.59 60.14
CA HIS OC 62 110.54 -111.90 60.50
C HIS OC 62 110.85 -110.58 61.19
N PHE OC 63 109.91 -109.65 61.09
CA PHE OC 63 110.08 -108.36 61.74
C PHE OC 63 110.16 -108.53 63.26
N GLY OC 64 110.98 -107.69 63.88
CA GLY OC 64 111.20 -107.81 65.31
C GLY OC 64 111.94 -109.06 65.70
N GLY OC 65 112.88 -109.51 64.87
CA GLY OC 65 113.72 -110.64 65.21
C GLY OC 65 112.94 -111.93 65.38
N GLY OC 66 113.51 -112.83 66.17
CA GLY OC 66 112.87 -114.09 66.48
C GLY OC 66 112.91 -115.08 65.33
N LYS OC 67 111.75 -115.36 64.75
CA LYS OC 67 111.67 -116.34 63.68
C LYS OC 67 112.38 -115.83 62.42
N THR OC 68 113.22 -116.67 61.85
CA THR OC 68 113.90 -116.38 60.58
C THR OC 68 113.69 -117.58 59.67
N THR OC 69 113.06 -117.35 58.53
CA THR OC 69 112.69 -118.44 57.62
C THR OC 69 113.64 -118.51 56.44
N GLY OC 70 113.94 -119.74 56.04
CA GLY OC 70 114.79 -120.00 54.89
C GLY OC 70 114.60 -121.41 54.41
N PHE OC 71 115.26 -121.71 53.30
CA PHE OC 71 115.06 -122.96 52.56
C PHE OC 71 116.26 -123.85 52.76
N GLY OC 72 116.03 -125.06 53.26
CA GLY OC 72 117.07 -126.04 53.49
C GLY OC 72 117.15 -127.05 52.36
N MET OC 73 118.35 -127.59 52.19
CA MET OC 73 118.63 -128.49 51.08
C MET OC 73 119.53 -129.60 51.60
N ILE OC 74 118.96 -130.79 51.75
CA ILE OC 74 119.70 -131.99 52.12
C ILE OC 74 119.69 -132.91 50.91
N TYR OC 75 120.72 -133.73 50.77
CA TYR OC 75 120.87 -134.61 49.63
C TYR OC 75 121.07 -136.03 50.11
N ASP OC 76 121.41 -136.91 49.17
CA ASP OC 76 121.69 -138.30 49.49
C ASP OC 76 123.17 -138.62 49.42
N SER OC 77 123.97 -137.78 48.75
CA SER OC 77 125.41 -138.00 48.66
C SER OC 77 126.08 -136.68 48.32
N LEU OC 78 127.38 -136.62 48.59
CA LEU OC 78 128.14 -135.40 48.30
C LEU OC 78 128.28 -135.18 46.79
N ASP OC 79 128.56 -136.26 46.04
CA ASP OC 79 128.70 -136.12 44.59
C ASP OC 79 127.38 -135.75 43.93
N TYR OC 80 126.26 -136.28 44.44
CA TYR OC 80 124.96 -135.88 43.92
C TYR OC 80 124.70 -134.40 44.18
N ALA OC 81 125.05 -133.93 45.38
CA ALA OC 81 124.93 -132.51 45.68
C ALA OC 81 125.80 -131.69 44.74
N LYS OC 82 127.01 -132.17 44.45
CA LYS OC 82 127.84 -131.56 43.44
C LYS OC 82 127.19 -131.58 42.06
N LYS OC 83 126.46 -132.64 41.74
CA LYS OC 83 125.94 -132.82 40.39
C LYS OC 83 124.87 -131.79 40.06
N ASN OC 84 123.88 -131.62 40.94
CA ASN OC 84 122.75 -130.73 40.67
C ASN OC 84 122.57 -129.78 41.85
N GLU OC 85 123.31 -128.67 41.82
CA GLU OC 85 123.19 -127.55 42.74
C GLU OC 85 123.89 -126.38 42.08
N PRO OC 86 123.41 -125.15 42.25
CA PRO OC 86 124.04 -124.03 41.54
C PRO OC 86 125.47 -123.83 42.03
N LYS OC 87 126.35 -123.42 41.10
CA LYS OC 87 127.77 -123.34 41.39
C LYS OC 87 128.09 -122.35 42.50
N HIS OC 88 127.35 -121.25 42.61
CA HIS OC 88 127.60 -120.31 43.69
C HIS OC 88 127.36 -120.95 45.05
N ARG OC 89 126.32 -121.78 45.16
CA ARG OC 89 126.10 -122.50 46.41
C ARG OC 89 127.27 -123.42 46.74
N LEU OC 90 127.82 -124.11 45.74
CA LEU OC 90 129.00 -124.92 45.98
C LEU OC 90 130.18 -124.06 46.38
N ALA OC 91 130.19 -122.81 45.94
CA ALA OC 91 131.27 -121.89 46.27
C ALA OC 91 131.11 -121.27 47.65
N ARG OC 92 129.90 -121.27 48.20
CA ARG OC 92 129.66 -120.63 49.49
C ARG OC 92 130.51 -121.28 50.58
N HIS OC 93 130.25 -122.55 50.86
CA HIS OC 93 131.16 -123.38 51.65
C HIS OC 93 132.13 -123.98 50.64
N GLY OC 94 133.41 -123.63 50.76
CA GLY OC 94 134.32 -123.83 49.65
C GLY OC 94 134.43 -125.25 49.15
N LEU OC 95 133.81 -125.51 48.01
CA LEU OC 95 133.94 -126.75 47.26
C LEU OC 95 134.23 -126.52 45.79
N TYR OC 96 133.62 -125.52 45.19
CA TYR OC 96 133.81 -125.20 43.78
C TYR OC 96 134.55 -123.88 43.69
N GLU OC 97 135.70 -123.88 43.02
CA GLU OC 97 136.54 -122.68 42.95
C GLU OC 97 136.08 -121.81 41.80
N LYS OC 98 135.55 -120.64 42.12
CA LYS OC 98 135.13 -119.67 41.11
C LYS OC 98 136.30 -118.74 40.83
N LYS OC 99 136.93 -118.90 39.66
CA LYS OC 99 138.00 -118.00 39.25
C LYS OC 99 137.80 -117.73 37.77
N LYS OC 100 137.07 -116.67 37.48
CA LYS OC 100 136.85 -116.19 36.13
C LYS OC 100 137.02 -114.68 36.11
N THR OC 101 137.62 -114.18 35.03
CA THR OC 101 137.73 -112.75 34.85
C THR OC 101 136.34 -112.14 34.68
N SER OC 102 136.30 -110.82 34.64
CA SER OC 102 135.02 -110.15 34.44
C SER OC 102 134.50 -110.42 33.02
N ARG OC 103 133.26 -109.99 32.78
CA ARG OC 103 132.70 -110.14 31.44
C ARG OC 103 133.27 -109.13 30.47
N LYS OC 104 133.97 -108.10 30.96
CA LYS OC 104 134.57 -107.10 30.08
C LYS OC 104 135.66 -107.71 29.21
N GLN OC 105 136.63 -108.38 29.84
CA GLN OC 105 137.74 -108.96 29.09
C GLN OC 105 137.28 -110.11 28.21
N ARG OC 106 136.34 -110.93 28.70
CA ARG OC 106 135.84 -112.04 27.90
C ARG OC 106 135.24 -111.54 26.59
N LYS OC 107 134.38 -110.52 26.66
CA LYS OC 107 133.87 -109.91 25.44
C LYS OC 107 134.99 -109.26 24.64
N GLU OC 108 135.88 -108.53 25.32
CA GLU OC 108 137.01 -107.91 24.64
C GLU OC 108 137.85 -108.95 23.92
N ARG OC 109 138.17 -110.05 24.60
CA ARG OC 109 138.86 -111.15 23.94
C ARG OC 109 138.01 -111.72 22.82
N LYS OC 110 136.70 -111.86 23.06
CA LYS OC 110 135.82 -112.42 22.03
C LYS OC 110 135.81 -111.55 20.79
N ASN OC 111 135.79 -110.23 20.96
CA ASN OC 111 135.75 -109.35 19.80
C ASN OC 111 137.10 -109.29 19.09
N ARG OC 112 138.20 -109.47 19.84
CA ARG OC 112 139.51 -109.46 19.21
C ARG OC 112 139.76 -110.75 18.42
N MET OC 113 139.33 -111.89 18.98
CA MET OC 113 139.50 -113.16 18.25
C MET OC 113 138.69 -113.15 16.96
N LYS OC 114 137.62 -112.35 16.92
CA LYS OC 114 136.88 -112.18 15.68
C LYS OC 114 137.69 -111.37 14.67
N LYS OC 115 138.53 -110.45 15.15
CA LYS OC 115 139.35 -109.65 14.24
C LYS OC 115 140.36 -110.53 13.51
N VAL OC 116 141.09 -111.36 14.23
CA VAL OC 116 142.00 -112.31 13.62
C VAL OC 116 141.19 -113.46 13.05
N ARG OC 117 141.76 -114.18 12.10
CA ARG OC 117 141.05 -115.23 11.39
C ARG OC 117 141.94 -116.44 11.15
N GLY OC 118 141.36 -117.63 11.30
CA GLY OC 118 141.98 -118.86 10.84
C GLY OC 118 143.08 -119.40 11.72
N THR OC 119 144.24 -118.73 11.70
CA THR OC 119 145.41 -119.23 12.42
C THR OC 119 145.15 -119.28 13.92
N ALA OC 120 145.17 -120.49 14.47
CA ALA OC 120 145.09 -120.63 15.92
C ALA OC 120 146.29 -120.01 16.61
N LYS OC 121 147.43 -119.92 15.92
CA LYS OC 121 148.60 -119.28 16.50
C LYS OC 121 148.32 -117.83 16.86
N ALA OC 122 147.69 -117.08 15.95
CA ALA OC 122 147.20 -115.76 16.30
C ALA OC 122 145.99 -115.83 17.21
N ASN OC 123 145.09 -116.80 16.98
CA ASN OC 123 143.90 -116.93 17.81
C ASN OC 123 144.26 -117.17 19.28
N VAL OC 124 145.41 -117.78 19.54
CA VAL OC 124 145.96 -117.83 20.89
C VAL OC 124 146.99 -116.74 21.13
N GLY OC 125 147.50 -116.10 20.08
CA GLY OC 125 148.48 -115.04 20.23
C GLY OC 125 147.87 -113.65 20.26
N ALA OC 126 146.61 -113.54 19.85
CA ALA OC 126 145.95 -112.24 19.89
C ALA OC 126 145.52 -111.83 21.29
N GLY OC 127 145.54 -112.74 22.25
CA GLY OC 127 145.19 -112.41 23.60
C GLY OC 127 146.39 -112.15 24.49
N LYS OC 128 147.57 -112.04 23.88
CA LYS OC 128 148.82 -111.88 24.61
C LYS OC 128 149.21 -110.42 24.76
N LYS OC 129 149.36 -109.68 23.66
CA LYS OC 129 149.74 -108.28 23.75
C LYS OC 129 148.72 -107.41 24.49
N PRO OC 130 147.39 -107.52 24.26
CA PRO OC 130 146.49 -106.57 24.94
C PRO OC 130 145.99 -107.06 26.30
N LYS OC 131 146.88 -107.05 27.28
CA LYS OC 131 146.56 -107.53 28.62
C LYS OC 131 145.67 -106.55 29.37
N VAL PC 1 112.07 -45.08 28.68
CA VAL PC 1 113.17 -44.91 29.62
C VAL PC 1 113.47 -43.43 29.82
N HIS PC 2 113.22 -42.94 31.03
CA HIS PC 2 113.49 -41.55 31.39
C HIS PC 2 114.46 -41.43 32.56
N GLY PC 3 115.25 -42.46 32.83
CA GLY PC 3 116.18 -42.41 33.94
C GLY PC 3 115.53 -42.47 35.31
N SER PC 4 114.26 -42.88 35.37
CA SER PC 4 113.50 -42.89 36.60
C SER PC 4 113.70 -44.17 37.42
N LEU PC 5 114.28 -45.21 36.83
CA LEU PC 5 114.46 -46.48 37.52
C LEU PC 5 115.62 -46.48 38.50
N ALA PC 6 116.19 -45.30 38.80
CA ALA PC 6 117.34 -45.24 39.68
C ALA PC 6 117.00 -45.71 41.10
N ARG PC 7 115.74 -45.55 41.51
CA ARG PC 7 115.35 -45.83 42.89
C ARG PC 7 114.77 -47.23 43.08
N ALA PC 8 115.22 -48.20 42.29
CA ALA PC 8 114.78 -49.58 42.48
C ALA PC 8 115.32 -50.12 43.80
N GLY PC 9 114.46 -50.82 44.53
CA GLY PC 9 114.86 -51.42 45.80
C GLY PC 9 115.31 -50.40 46.83
N LYS PC 10 114.55 -49.30 46.93
CA LYS PC 10 114.93 -48.19 47.79
C LYS PC 10 114.51 -48.39 49.24
N VAL PC 11 113.25 -48.78 49.47
CA VAL PC 11 112.73 -48.86 50.83
C VAL PC 11 113.48 -49.91 51.64
N ARG PC 12 113.74 -51.08 51.04
CA ARG PC 12 114.46 -52.12 51.76
C ARG PC 12 115.80 -51.62 52.29
N GLY PC 13 116.50 -50.78 51.51
CA GLY PC 13 117.70 -50.16 52.02
C GLY PC 13 117.43 -49.20 53.15
N GLN PC 14 116.29 -48.50 53.10
CA GLN PC 14 115.97 -47.49 54.10
C GLN PC 14 115.51 -48.11 55.42
N THR PC 15 114.96 -49.32 55.39
CA THR PC 15 114.48 -49.94 56.62
C THR PC 15 115.66 -50.29 57.52
N PRO PC 16 115.65 -49.82 58.78
CA PRO PC 16 116.71 -50.21 59.71
C PRO PC 16 116.70 -51.71 59.96
N LYS PC 17 117.89 -52.27 60.13
CA LYS PC 17 118.08 -53.71 60.19
C LYS PC 17 118.07 -54.15 61.65
N VAL PC 18 116.88 -54.40 62.18
CA VAL PC 18 116.73 -55.06 63.46
C VAL PC 18 117.05 -56.54 63.29
N ALA PC 19 117.22 -57.24 64.40
CA ALA PC 19 117.69 -58.62 64.35
C ALA PC 19 116.62 -59.59 64.85
N LYS PC 20 116.81 -60.86 64.47
CA LYS PC 20 115.95 -61.95 64.93
C LYS PC 20 116.54 -62.48 66.24
N GLN PC 21 115.93 -62.10 67.35
CA GLN PC 21 116.39 -62.61 68.65
C GLN PC 21 116.06 -64.10 68.77
N GLU PC 22 116.87 -64.79 69.57
CA GLU PC 22 116.69 -66.22 69.75
C GLU PC 22 115.35 -66.53 70.37
N LYS PC 23 114.75 -67.63 69.96
CA LYS PC 23 113.46 -68.07 70.45
C LYS PC 23 113.50 -69.56 70.77
N LYS PC 24 112.60 -70.00 71.64
CA LYS PC 24 112.55 -71.40 72.03
C LYS PC 24 112.18 -72.25 70.82
N LYS PC 25 112.70 -73.47 70.78
CA LYS PC 25 112.40 -74.37 69.68
C LYS PC 25 110.94 -74.82 69.77
N LYS PC 26 110.11 -74.30 68.87
CA LYS PC 26 108.71 -74.67 68.85
C LYS PC 26 108.56 -76.14 68.48
N LYS PC 27 107.67 -76.83 69.18
CA LYS PC 27 107.42 -78.23 68.89
C LYS PC 27 106.77 -78.38 67.53
N THR PC 28 107.11 -79.47 66.83
CA THR PC 28 106.56 -79.75 65.52
C THR PC 28 105.95 -81.15 65.51
N GLY PC 29 105.22 -81.45 64.44
CA GLY PC 29 104.60 -82.75 64.30
C GLY PC 29 103.35 -82.90 65.13
N ARG PC 30 103.15 -84.08 65.70
CA ARG PC 30 101.98 -84.32 66.55
C ARG PC 30 101.96 -83.37 67.74
N ALA PC 31 103.12 -83.03 68.28
CA ALA PC 31 103.17 -82.10 69.41
C ALA PC 31 102.61 -80.74 69.02
N LYS PC 32 102.94 -80.25 67.83
CA LYS PC 32 102.35 -79.01 67.35
C LYS PC 32 100.84 -79.13 67.26
N ARG PC 33 100.36 -80.27 66.77
CA ARG PC 33 98.93 -80.54 66.84
C ARG PC 33 98.47 -80.66 68.29
N ARG PC 34 99.26 -81.35 69.12
CA ARG PC 34 98.90 -81.52 70.52
C ARG PC 34 98.81 -80.17 71.23
N MET PC 35 99.80 -79.31 71.03
CA MET PC 35 99.78 -78.00 71.68
C MET PC 35 98.59 -77.19 71.19
N GLN PC 36 98.34 -77.18 69.89
CA GLN PC 36 97.28 -76.33 69.34
C GLN PC 36 95.90 -76.83 69.74
N TYR PC 37 95.70 -78.13 69.85
CA TYR PC 37 94.41 -78.62 70.35
C TYR PC 37 94.17 -78.17 71.77
N ASN PC 38 95.19 -78.27 72.62
CA ASN PC 38 95.06 -77.82 74.00
C ASN PC 38 94.79 -76.32 74.07
N ARG PC 39 95.47 -75.55 73.22
CA ARG PC 39 95.41 -74.09 73.33
C ARG PC 39 94.02 -73.55 73.03
N ARG PC 40 93.37 -74.07 72.01
CA ARG PC 40 92.15 -73.44 71.50
C ARG PC 40 90.90 -74.27 71.67
N PHE PC 41 91.00 -75.49 72.21
CA PHE PC 41 89.82 -76.32 72.44
C PHE PC 41 89.52 -76.52 73.92
N VAL PC 42 90.46 -77.03 74.70
CA VAL PC 42 90.19 -77.34 76.12
C VAL PC 42 90.62 -76.11 76.91
N ASN PC 43 89.74 -75.12 76.94
CA ASN PC 43 89.90 -73.95 77.80
C ASN PC 43 88.59 -73.17 77.77
N VAL PC 44 88.20 -72.65 78.93
CA VAL PC 44 87.03 -71.79 79.06
C VAL PC 44 87.48 -70.52 79.77
N VAL PC 45 87.42 -69.40 79.07
CA VAL PC 45 87.94 -68.15 79.65
C VAL PC 45 86.96 -67.64 80.71
N PRO PC 46 87.43 -67.17 81.86
CA PRO PC 46 86.51 -66.66 82.88
C PRO PC 46 85.93 -65.29 82.52
N THR PC 47 86.74 -64.46 81.87
CA THR PC 47 86.30 -63.13 81.48
C THR PC 47 85.91 -63.10 80.01
N PHE PC 48 85.02 -62.17 79.67
CA PHE PC 48 84.59 -61.97 78.29
C PHE PC 48 85.65 -61.14 77.57
N GLY PC 49 85.26 -60.53 76.44
CA GLY PC 49 86.24 -59.98 75.52
C GLY PC 49 85.81 -60.08 74.08
N LYS PC 50 84.59 -60.56 73.86
CA LYS PC 50 83.92 -60.56 72.55
C LYS PC 50 84.47 -61.65 71.63
N LYS PC 51 84.72 -62.83 72.21
CA LYS PC 51 85.30 -63.95 71.48
C LYS PC 51 86.63 -63.53 70.84
N LYS PC 52 87.58 -63.23 71.72
CA LYS PC 52 88.86 -62.67 71.31
C LYS PC 52 89.54 -63.58 70.29
N GLY PC 53 90.03 -62.98 69.21
CA GLY PC 53 90.71 -63.72 68.17
C GLY PC 53 92.04 -64.25 68.66
N PRO PC 54 92.56 -65.27 67.98
CA PRO PC 54 93.85 -65.85 68.41
C PRO PC 54 94.98 -64.83 68.40
N ASN PC 55 95.01 -63.94 67.41
CA ASN PC 55 96.03 -62.90 67.34
C ASN PC 55 95.44 -61.53 67.60
N ALA PC 56 94.44 -61.45 68.48
CA ALA PC 56 93.86 -60.16 68.82
C ALA PC 56 94.89 -59.31 69.55
N ASN PC 57 95.07 -58.09 69.07
CA ASN PC 57 96.13 -57.20 69.55
C ASN PC 57 95.47 -56.08 70.35
N SER PC 58 95.61 -56.14 71.67
CA SER PC 58 95.06 -55.12 72.55
C SER PC 58 96.12 -54.12 72.96
N GLY QC 1 12.36 -80.16 50.08
CA GLY QC 1 13.34 -80.13 51.15
C GLY QC 1 13.36 -81.41 51.97
N ALA QC 2 14.51 -81.68 52.60
CA ALA QC 2 14.64 -82.87 53.43
C ALA QC 2 13.67 -82.83 54.60
N LEU QC 3 13.47 -81.66 55.19
CA LEU QC 3 12.52 -81.47 56.27
C LEU QC 3 11.36 -80.63 55.78
N ASP QC 4 10.14 -81.12 56.00
CA ASP QC 4 8.97 -80.33 55.68
C ASP QC 4 8.75 -79.22 56.70
N VAL QC 5 9.27 -79.40 57.91
CA VAL QC 5 9.31 -78.30 58.86
C VAL QC 5 10.21 -77.19 58.33
N LEU QC 6 11.34 -77.56 57.75
CA LEU QC 6 12.21 -76.61 57.05
C LEU QC 6 11.83 -76.56 55.57
N GLN QC 7 10.63 -76.07 55.32
CA GLN QC 7 10.12 -75.87 53.98
C GLN QC 7 9.89 -74.38 53.73
N MET QC 8 9.37 -74.06 52.55
CA MET QC 8 9.29 -72.66 52.13
C MET QC 8 8.38 -71.84 53.03
N LYS QC 9 7.28 -72.43 53.49
CA LYS QC 9 6.26 -71.71 54.24
C LYS QC 9 5.71 -70.55 53.40
N GLU QC 10 4.93 -70.94 52.38
CA GLU QC 10 4.50 -70.09 51.27
C GLU QC 10 4.17 -68.67 51.70
N GLU QC 11 3.64 -68.50 52.91
CA GLU QC 11 3.47 -67.15 53.44
C GLU QC 11 4.78 -66.38 53.41
N ASP QC 12 5.90 -67.08 53.51
CA ASP QC 12 7.22 -66.46 53.37
C ASP QC 12 7.53 -66.13 51.92
N VAL QC 13 7.13 -67.00 50.97
CA VAL QC 13 7.44 -66.66 49.59
C VAL QC 13 6.63 -65.45 49.14
N LEU QC 14 5.48 -65.21 49.77
CA LEU QC 14 4.79 -63.96 49.57
C LEU QC 14 5.70 -62.78 49.88
N LYS QC 15 6.72 -63.00 50.72
CA LYS QC 15 7.51 -61.87 51.21
C LYS QC 15 8.70 -61.54 50.34
N PHE QC 16 9.26 -62.48 49.57
CA PHE QC 16 10.27 -62.08 48.61
C PHE QC 16 9.74 -61.10 47.57
N LEU QC 17 8.78 -61.54 46.75
CA LEU QC 17 8.43 -60.80 45.54
C LEU QC 17 8.03 -59.36 45.84
N ALA QC 18 7.37 -59.13 46.98
CA ALA QC 18 6.91 -57.79 47.29
C ALA QC 18 8.05 -56.78 47.44
N ALA QC 19 9.14 -57.15 48.11
CA ALA QC 19 10.29 -56.27 48.26
C ALA QC 19 11.45 -56.68 47.35
N GLY QC 20 11.15 -57.19 46.15
CA GLY QC 20 12.17 -57.52 45.19
C GLY QC 20 12.83 -58.86 45.43
N THR QC 21 14.14 -58.81 45.74
CA THR QC 21 14.98 -59.96 46.03
C THR QC 21 14.75 -61.16 45.12
N HIS QC 22 14.38 -60.89 43.87
CA HIS QC 22 14.45 -61.90 42.82
C HIS QC 22 14.93 -61.30 41.50
N LEU QC 23 15.31 -60.03 41.48
CA LEU QC 23 15.78 -59.34 40.29
C LEU QC 23 17.26 -59.00 40.50
N GLY QC 24 18.11 -59.50 39.61
CA GLY QC 24 19.53 -59.36 39.83
C GLY QC 24 20.41 -59.10 38.62
N GLY QC 25 19.80 -58.87 37.46
CA GLY QC 25 20.56 -58.56 36.27
C GLY QC 25 21.23 -57.18 36.36
N THR QC 26 21.68 -56.71 35.21
CA THR QC 26 21.53 -57.37 33.92
C THR QC 26 22.77 -58.17 33.54
N ASN QC 27 23.73 -58.24 34.45
CA ASN QC 27 24.99 -58.93 34.21
C ASN QC 27 25.07 -60.17 35.09
N LEU QC 28 25.65 -61.23 34.52
CA LEU QC 28 25.79 -62.51 35.20
C LEU QC 28 27.26 -62.88 35.28
N ASP QC 29 27.77 -63.01 36.50
CA ASP QC 29 29.08 -63.59 36.72
C ASP QC 29 28.99 -65.10 36.49
N PHE QC 30 29.99 -65.65 35.80
CA PHE QC 30 29.93 -67.05 35.39
C PHE QC 30 29.82 -67.98 36.58
N GLN QC 31 30.32 -67.57 37.75
CA GLN QC 31 30.13 -68.34 38.96
C GLN QC 31 28.70 -68.33 39.46
N MET QC 32 27.93 -67.28 39.14
CA MET QC 32 26.52 -67.19 39.53
C MET QC 32 25.60 -67.86 38.53
N GLU QC 33 26.12 -68.68 37.61
CA GLU QC 33 25.28 -69.25 36.57
C GLU QC 33 24.20 -70.18 37.14
N GLN QC 34 24.57 -71.05 38.09
CA GLN QC 34 23.61 -72.04 38.55
C GLN QC 34 22.47 -71.42 39.34
N TYR QC 35 22.70 -70.29 39.99
CA TYR QC 35 21.63 -69.66 40.76
C TYR QC 35 20.60 -68.95 39.89
N ILE QC 36 20.97 -68.60 38.66
CA ILE QC 36 20.07 -67.86 37.79
C ILE QC 36 19.14 -68.85 37.10
N TYR QC 37 17.85 -68.58 37.14
CA TYR QC 37 16.92 -69.41 36.43
C TYR QC 37 16.88 -69.13 34.95
N LYS QC 38 16.62 -67.88 34.59
CA LYS QC 38 16.53 -67.52 33.18
C LYS QC 38 16.61 -66.00 33.03
N ARG QC 39 17.29 -65.54 31.99
CA ARG QC 39 17.34 -64.11 31.71
C ARG QC 39 16.09 -63.66 30.97
N LYS QC 40 15.44 -62.64 31.50
CA LYS QC 40 14.22 -62.14 30.87
C LYS QC 40 14.56 -61.29 29.64
N SER QC 41 13.57 -61.10 28.77
CA SER QC 41 13.69 -60.31 27.57
C SER QC 41 14.09 -58.86 27.83
N ASP QC 42 13.87 -58.33 29.04
CA ASP QC 42 14.33 -56.98 29.32
C ASP QC 42 15.79 -56.94 29.76
N GLY QC 43 16.43 -58.10 29.88
CA GLY QC 43 17.84 -58.18 30.23
C GLY QC 43 18.10 -58.48 31.69
N ILE QC 44 17.07 -58.48 32.52
CA ILE QC 44 17.24 -58.71 33.95
C ILE QC 44 17.47 -60.20 34.14
N TYR QC 45 18.01 -60.57 35.30
CA TYR QC 45 18.24 -61.98 35.61
C TYR QC 45 17.30 -62.43 36.72
N ILE QC 46 16.59 -63.54 36.48
CA ILE QC 46 15.70 -64.11 37.48
C ILE QC 46 16.42 -65.22 38.21
N ILE QC 47 16.47 -65.14 39.52
CA ILE QC 47 17.27 -66.03 40.36
C ILE QC 47 16.38 -67.13 40.92
N ASN QC 48 16.90 -68.35 40.96
CA ASN QC 48 16.18 -69.45 41.59
C ASN QC 48 15.99 -69.16 43.07
N LEU QC 49 14.73 -68.99 43.48
CA LEU QC 49 14.45 -68.65 44.87
C LEU QC 49 14.72 -69.82 45.80
N LYS QC 50 14.44 -71.05 45.36
CA LYS QC 50 14.78 -72.22 46.17
C LYS QC 50 16.29 -72.32 46.35
N ARG QC 51 17.05 -71.87 45.34
CA ARG QC 51 18.51 -71.85 45.47
C ARG QC 51 18.93 -70.83 46.52
N THR QC 52 18.39 -69.61 46.44
CA THR QC 52 18.72 -68.60 47.43
C THR QC 52 18.26 -69.02 48.81
N TRP QC 53 17.04 -69.55 48.93
CA TRP QC 53 16.52 -69.95 50.23
C TRP QC 53 17.34 -71.06 50.84
N GLU QC 54 17.70 -72.08 50.05
CA GLU QC 54 18.48 -73.18 50.58
C GLU QC 54 19.86 -72.73 51.02
N LYS QC 55 20.50 -71.87 50.23
CA LYS QC 55 21.76 -71.28 50.68
C LYS QC 55 21.54 -70.45 51.94
N LEU QC 56 20.41 -69.74 52.05
CA LEU QC 56 20.09 -69.04 53.27
C LEU QC 56 19.96 -70.01 54.44
N LEU QC 57 19.22 -71.10 54.24
CA LEU QC 57 19.14 -72.13 55.27
C LEU QC 57 20.49 -72.75 55.53
N LEU QC 58 21.25 -73.01 54.47
CA LEU QC 58 22.60 -73.56 54.63
C LEU QC 58 23.47 -72.61 55.45
N ALA QC 59 23.37 -71.30 55.17
CA ALA QC 59 24.13 -70.33 55.95
C ALA QC 59 23.69 -70.35 57.40
N ALA QC 60 22.39 -70.43 57.65
CA ALA QC 60 21.91 -70.43 59.03
C ALA QC 60 22.56 -71.53 59.85
N ARG QC 61 22.81 -72.69 59.22
CA ARG QC 61 23.54 -73.74 59.90
C ARG QC 61 24.95 -73.29 60.24
N ALA QC 62 25.62 -72.61 59.32
CA ALA QC 62 26.97 -72.15 59.56
C ALA QC 62 27.02 -71.12 60.69
N ILE QC 63 26.09 -70.18 60.69
CA ILE QC 63 26.10 -69.13 61.72
C ILE QC 63 25.88 -69.73 63.10
N VAL QC 64 24.89 -70.62 63.23
CA VAL QC 64 24.60 -71.18 64.55
C VAL QC 64 25.57 -72.27 64.95
N ALA QC 65 26.41 -72.75 64.02
CA ALA QC 65 27.33 -73.82 64.35
C ALA QC 65 28.28 -73.40 65.46
N ILE QC 66 28.86 -72.21 65.34
CA ILE QC 66 29.62 -71.64 66.44
C ILE QC 66 28.67 -71.28 67.56
N GLU QC 67 29.11 -71.45 68.81
CA GLU QC 67 28.25 -71.27 69.96
C GLU QC 67 28.43 -69.90 70.64
N ASN QC 68 29.23 -69.02 70.05
CA ASN QC 68 29.41 -67.68 70.60
C ASN QC 68 28.70 -66.69 69.69
N PRO QC 69 27.52 -66.19 70.07
CA PRO QC 69 26.85 -65.19 69.21
C PRO QC 69 27.70 -63.97 68.96
N ALA QC 70 28.46 -63.53 69.97
CA ALA QC 70 29.36 -62.40 69.81
C ALA QC 70 30.73 -62.86 69.31
N ASP QC 71 30.71 -63.63 68.22
CA ASP QC 71 31.92 -64.06 67.55
C ASP QC 71 31.86 -63.93 66.05
N VAL QC 72 30.67 -63.77 65.46
CA VAL QC 72 30.53 -63.49 64.05
C VAL QC 72 30.35 -61.99 63.90
N SER QC 73 31.21 -61.36 63.10
CA SER QC 73 31.05 -59.95 62.81
C SER QC 73 30.25 -59.77 61.53
N VAL QC 74 29.34 -58.80 61.54
CA VAL QC 74 28.48 -58.52 60.40
C VAL QC 74 28.79 -57.12 59.92
N ILE QC 75 29.30 -57.01 58.69
CA ILE QC 75 29.78 -55.74 58.18
C ILE QC 75 28.89 -55.29 57.02
N SER QC 76 28.83 -53.97 56.83
CA SER QC 76 28.07 -53.37 55.75
C SER QC 76 28.58 -51.96 55.54
N SER QC 77 28.80 -51.58 54.29
CA SER QC 77 29.41 -50.28 54.01
C SER QC 77 28.45 -49.32 53.33
N ARG QC 78 27.71 -49.78 52.32
CA ARG QC 78 26.81 -48.90 51.59
C ARG QC 78 25.68 -48.42 52.51
N ASN QC 79 25.11 -47.26 52.16
CA ASN QC 79 24.00 -46.70 52.93
C ASN QC 79 22.82 -47.66 53.00
N THR QC 80 22.69 -48.56 52.03
CA THR QC 80 21.67 -49.60 52.09
C THR QC 80 22.15 -50.80 52.90
N GLY QC 81 21.98 -50.77 54.21
CA GLY QC 81 22.22 -51.96 54.99
C GLY QC 81 22.79 -51.84 56.39
N GLN QC 82 23.34 -50.69 56.77
CA GLN QC 82 23.91 -50.58 58.12
C GLN QC 82 22.82 -50.76 59.18
N ARG QC 83 21.65 -50.18 58.95
CA ARG QC 83 20.55 -50.36 59.89
C ARG QC 83 20.15 -51.83 59.97
N ALA QC 84 20.06 -52.49 58.82
CA ALA QC 84 19.66 -53.89 58.83
C ALA QC 84 20.67 -54.74 59.58
N VAL QC 85 21.96 -54.52 59.33
CA VAL QC 85 22.99 -55.35 59.96
C VAL QC 85 23.10 -55.02 61.45
N LEU QC 86 22.98 -53.74 61.82
CA LEU QC 86 23.15 -53.36 63.22
C LEU QC 86 22.09 -54.00 64.10
N LYS QC 87 20.83 -53.92 63.68
CA LYS QC 87 19.77 -54.58 64.42
C LYS QC 87 19.71 -56.08 64.14
N PHE QC 88 20.35 -56.54 63.07
CA PHE QC 88 20.59 -57.97 62.90
C PHE QC 88 21.43 -58.50 64.05
N ALA QC 89 22.68 -58.02 64.15
CA ALA QC 89 23.56 -58.47 65.22
C ALA QC 89 22.95 -58.20 66.59
N ALA QC 90 22.14 -57.15 66.71
CA ALA QC 90 21.41 -56.94 67.95
C ALA QC 90 20.45 -58.09 68.22
N ALA QC 91 19.75 -58.55 67.17
CA ALA QC 91 18.80 -59.64 67.36
C ALA QC 91 19.52 -60.98 67.54
N THR QC 92 20.60 -61.19 66.81
CA THR QC 92 21.31 -62.47 66.83
C THR QC 92 22.52 -62.48 67.74
N GLY QC 93 22.77 -61.40 68.48
CA GLY QC 93 23.89 -61.35 69.38
C GLY QC 93 25.24 -61.20 68.73
N ALA QC 94 25.29 -60.88 67.43
CA ALA QC 94 26.55 -60.77 66.72
C ALA QC 94 27.21 -59.43 67.01
N THR QC 95 28.36 -59.20 66.39
CA THR QC 95 29.13 -57.97 66.57
C THR QC 95 29.18 -57.19 65.27
N PRO QC 96 28.30 -56.22 65.06
CA PRO QC 96 28.21 -55.56 63.75
C PRO QC 96 29.26 -54.49 63.55
N ILE QC 97 29.50 -54.17 62.28
CA ILE QC 97 30.33 -53.05 61.87
C ILE QC 97 29.66 -52.41 60.66
N ALA QC 98 29.59 -51.09 60.64
CA ALA QC 98 28.83 -50.37 59.63
C ALA QC 98 29.70 -49.35 58.92
N GLY QC 99 29.28 -49.01 57.71
CA GLY QC 99 29.91 -47.90 56.99
C GLY QC 99 31.38 -48.16 56.72
N ARG QC 100 32.21 -47.20 57.10
CA ARG QC 100 33.64 -47.30 56.83
C ARG QC 100 34.24 -48.50 57.55
N PHE QC 101 34.97 -49.31 56.81
CA PHE QC 101 35.64 -50.49 57.33
C PHE QC 101 37.13 -50.22 57.32
N THR QC 102 37.71 -49.99 58.49
CA THR QC 102 39.13 -49.67 58.58
C THR QC 102 39.94 -50.88 58.17
N PRO QC 103 40.81 -50.77 57.17
CA PRO QC 103 41.66 -51.90 56.79
C PRO QC 103 42.62 -52.25 57.92
N GLY QC 104 43.00 -53.52 57.97
CA GLY QC 104 43.89 -53.99 59.01
C GLY QC 104 43.24 -54.29 60.33
N THR QC 105 41.92 -54.13 60.44
CA THR QC 105 41.23 -54.48 61.67
C THR QC 105 41.34 -55.96 62.00
N PHE QC 106 41.66 -56.80 61.01
CA PHE QC 106 41.93 -58.20 61.25
C PHE QC 106 43.41 -58.54 61.21
N THR QC 107 44.25 -57.62 60.74
CA THR QC 107 45.67 -57.88 60.59
C THR QC 107 46.55 -57.01 61.49
N ASN QC 108 46.04 -55.89 61.99
CA ASN QC 108 46.78 -55.04 62.90
C ASN QC 108 46.35 -55.38 64.32
N GLN QC 109 47.18 -56.12 65.03
CA GLN QC 109 46.83 -56.63 66.34
C GLN QC 109 46.91 -55.57 67.44
N ILE QC 110 47.55 -54.44 67.16
CA ILE QC 110 47.77 -53.42 68.17
C ILE QC 110 46.72 -52.32 68.01
N GLN QC 111 45.66 -52.62 67.26
CA GLN QC 111 44.65 -51.64 66.95
C GLN QC 111 43.63 -51.57 68.07
N ALA QC 112 43.05 -50.38 68.25
CA ALA QC 112 41.93 -50.23 69.17
C ALA QC 112 40.70 -50.96 68.63
N ALA QC 113 40.43 -50.82 67.33
CA ALA QC 113 39.30 -51.50 66.70
C ALA QC 113 39.76 -52.82 66.09
N PHE QC 114 40.44 -53.62 66.90
CA PHE QC 114 40.99 -54.89 66.48
C PHE QC 114 40.00 -55.99 66.78
N ARG QC 115 39.52 -56.65 65.73
CA ARG QC 115 38.53 -57.71 65.85
C ARG QC 115 39.08 -58.98 65.21
N GLU QC 116 38.86 -60.10 65.90
CA GLU QC 116 39.25 -61.42 65.41
C GLU QC 116 38.01 -62.28 65.35
N PRO QC 117 37.23 -62.17 64.29
CA PRO QC 117 36.01 -62.97 64.19
C PRO QC 117 36.31 -64.40 63.77
N ARG QC 118 35.30 -65.25 63.95
CA ARG QC 118 35.36 -66.65 63.54
C ARG QC 118 34.56 -66.93 62.28
N LEU QC 119 33.68 -66.03 61.88
CA LEU QC 119 32.91 -66.18 60.66
C LEU QC 119 32.41 -64.82 60.23
N LEU QC 120 32.76 -64.41 59.02
CA LEU QC 120 32.42 -63.10 58.50
C LEU QC 120 31.17 -63.18 57.64
N VAL QC 121 30.37 -62.12 57.69
CA VAL QC 121 29.12 -62.02 56.94
C VAL QC 121 29.15 -60.69 56.21
N VAL QC 122 29.12 -60.74 54.89
CA VAL QC 122 29.19 -59.54 54.07
C VAL QC 122 27.78 -59.15 53.64
N THR QC 123 27.59 -57.86 53.36
CA THR QC 123 26.37 -57.40 52.73
C THR QC 123 26.48 -57.28 51.23
N ASP QC 124 27.70 -57.19 50.70
CA ASP QC 124 27.96 -57.19 49.27
C ASP QC 124 29.43 -57.54 49.02
N PRO QC 125 29.72 -58.56 48.21
CA PRO QC 125 31.12 -58.88 47.93
C PRO QC 125 31.88 -57.73 47.28
N ARG QC 126 31.20 -56.93 46.44
CA ARG QC 126 31.88 -55.85 45.75
C ARG QC 126 32.26 -54.72 46.71
N ALA QC 127 31.25 -54.17 47.41
CA ALA QC 127 31.49 -53.00 48.25
C ALA QC 127 32.35 -53.32 49.47
N ASP QC 128 32.50 -54.60 49.81
CA ASP QC 128 33.32 -54.96 50.97
C ASP QC 128 34.38 -55.96 50.56
N HIS QC 129 35.09 -55.67 49.47
CA HIS QC 129 36.27 -56.46 49.15
C HIS QC 129 37.27 -56.45 50.28
N GLN QC 130 37.38 -55.33 51.01
CA GLN QC 130 38.41 -55.19 52.02
C GLN QC 130 38.26 -56.20 53.15
N PRO QC 131 37.13 -56.32 53.84
CA PRO QC 131 37.02 -57.39 54.85
C PRO QC 131 37.18 -58.76 54.26
N LEU QC 132 36.67 -58.97 53.05
CA LEU QC 132 36.92 -60.23 52.36
C LEU QC 132 38.41 -60.43 52.10
N THR QC 133 39.10 -59.37 51.69
CA THR QC 133 40.54 -59.45 51.51
C THR QC 133 41.24 -59.74 52.84
N GLU QC 134 40.95 -58.96 53.87
CA GLU QC 134 41.50 -59.27 55.18
C GLU QC 134 41.01 -60.63 55.69
N ALA QC 135 39.79 -61.04 55.29
CA ALA QC 135 39.33 -62.37 55.64
C ALA QC 135 40.28 -63.43 55.13
N SER QC 136 40.81 -63.22 53.92
CA SER QC 136 41.73 -64.19 53.34
C SER QC 136 43.05 -64.23 54.09
N TYR QC 137 43.33 -63.22 54.91
CA TYR QC 137 44.59 -63.19 55.63
C TYR QC 137 44.47 -63.87 56.99
N VAL QC 138 43.24 -64.10 57.45
CA VAL QC 138 43.03 -64.65 58.78
C VAL QC 138 42.21 -65.93 58.67
N ASN QC 139 42.25 -66.55 57.50
CA ASN QC 139 41.79 -67.92 57.25
C ASN QC 139 40.46 -68.25 57.91
N LEU QC 140 39.54 -67.29 57.85
CA LEU QC 140 38.25 -67.63 58.43
C LEU QC 140 37.20 -67.80 57.35
N PRO QC 141 36.16 -68.61 57.59
CA PRO QC 141 35.10 -68.76 56.60
C PRO QC 141 34.29 -67.48 56.44
N THR QC 142 33.61 -67.39 55.30
CA THR QC 142 32.83 -66.21 54.96
C THR QC 142 31.51 -66.63 54.30
N ILE QC 143 30.46 -65.88 54.60
CA ILE QC 143 29.20 -66.01 53.87
C ILE QC 143 28.91 -64.65 53.25
N ALA QC 144 28.18 -64.67 52.13
CA ALA QC 144 28.05 -63.47 51.33
C ALA QC 144 26.61 -63.20 50.94
N LEU QC 145 26.35 -61.92 50.66
CA LEU QC 145 25.07 -61.45 50.13
C LEU QC 145 25.39 -60.97 48.71
N CYS QC 146 25.36 -61.88 47.77
CA CYS QC 146 25.85 -61.62 46.42
C CYS QC 146 24.71 -61.36 45.46
N ASN QC 147 25.04 -60.67 44.36
CA ASN QC 147 24.14 -60.46 43.25
C ASN QC 147 24.54 -61.38 42.11
N THR QC 148 23.86 -61.23 40.97
CA THR QC 148 24.22 -62.01 39.80
C THR QC 148 25.51 -61.50 39.16
N ASP QC 149 25.79 -60.22 39.29
CA ASP QC 149 26.99 -59.61 38.73
C ASP QC 149 28.15 -59.55 39.73
N SER QC 150 27.88 -59.78 41.01
CA SER QC 150 28.93 -59.64 42.02
C SER QC 150 29.99 -60.72 41.84
N PRO QC 151 31.26 -60.38 41.97
CA PRO QC 151 32.31 -61.40 41.93
C PRO QC 151 32.20 -62.33 43.13
N LEU QC 152 32.78 -63.51 42.98
CA LEU QC 152 32.62 -64.56 43.99
C LEU QC 152 33.96 -65.14 44.40
N ARG QC 153 34.99 -64.30 44.55
CA ARG QC 153 36.32 -64.79 44.84
C ARG QC 153 36.42 -65.46 46.20
N TYR QC 154 36.25 -64.71 47.28
CA TYR QC 154 36.67 -65.16 48.61
C TYR QC 154 35.50 -65.54 49.50
N VAL QC 155 34.40 -66.05 48.95
CA VAL QC 155 33.22 -66.32 49.74
C VAL QC 155 32.90 -67.81 49.68
N ASP QC 156 32.16 -68.28 50.67
CA ASP QC 156 31.83 -69.69 50.77
C ASP QC 156 30.33 -69.96 50.74
N ILE QC 157 29.53 -69.21 51.50
CA ILE QC 157 28.11 -69.51 51.61
C ILE QC 157 27.31 -68.34 51.03
N ALA QC 158 27.80 -67.76 49.93
CA ALA QC 158 27.13 -66.64 49.30
C ALA QC 158 25.68 -66.94 48.94
N ILE QC 159 24.77 -66.07 49.36
CA ILE QC 159 23.35 -66.22 49.05
C ILE QC 159 23.02 -65.24 47.92
N PRO QC 160 22.62 -65.72 46.75
CA PRO QC 160 22.46 -64.83 45.58
C PRO QC 160 21.05 -64.24 45.47
N CYS QC 161 20.61 -63.54 46.52
CA CYS QC 161 19.27 -62.97 46.51
C CYS QC 161 19.22 -61.62 45.81
N ASN QC 162 19.85 -60.60 46.40
CA ASN QC 162 19.86 -59.24 45.88
C ASN QC 162 20.70 -58.34 46.76
N ASN QC 163 21.27 -57.27 46.19
CA ASN QC 163 21.94 -56.28 47.02
C ASN QC 163 21.76 -54.84 46.54
N LYS QC 164 20.94 -54.58 45.52
CA LYS QC 164 20.79 -53.19 45.10
C LYS QC 164 19.63 -52.50 45.82
N GLY QC 165 18.45 -53.13 45.82
CA GLY QC 165 17.32 -52.52 46.49
C GLY QC 165 17.43 -52.62 48.00
N ALA QC 166 17.18 -51.49 48.67
CA ALA QC 166 17.19 -51.49 50.14
C ALA QC 166 16.07 -52.34 50.70
N HIS QC 167 14.98 -52.48 49.94
CA HIS QC 167 13.88 -53.34 50.38
C HIS QC 167 14.31 -54.79 50.47
N SER QC 168 15.06 -55.28 49.48
CA SER QC 168 15.52 -56.65 49.49
C SER QC 168 16.56 -56.88 50.59
N VAL QC 169 17.54 -55.98 50.69
CA VAL QC 169 18.65 -56.19 51.62
C VAL QC 169 18.15 -56.29 53.06
N GLY QC 170 17.33 -55.35 53.48
CA GLY QC 170 16.78 -55.41 54.83
C GLY QC 170 15.94 -56.65 55.05
N LEU QC 171 15.27 -57.11 53.99
CA LEU QC 171 14.41 -58.28 54.13
C LEU QC 171 15.25 -59.55 54.33
N MET QC 172 16.26 -59.76 53.48
CA MET QC 172 17.14 -60.90 53.64
C MET QC 172 17.83 -60.90 55.00
N TRP QC 173 18.22 -59.73 55.48
CA TRP QC 173 18.79 -59.65 56.82
C TRP QC 173 17.76 -60.10 57.85
N TRP QC 174 16.49 -59.76 57.62
CA TRP QC 174 15.45 -60.19 58.54
C TRP QC 174 15.21 -61.69 58.46
N MET QC 175 15.11 -62.25 57.24
CA MET QC 175 14.94 -63.70 57.13
C MET QC 175 16.14 -64.44 57.70
N LEU QC 176 17.35 -63.98 57.38
CA LEU QC 176 18.53 -64.60 57.97
C LEU QC 176 18.51 -64.44 59.48
N ALA QC 177 18.12 -63.25 59.97
CA ALA QC 177 17.89 -63.11 61.41
C ALA QC 177 16.75 -63.99 61.86
N ARG QC 178 15.69 -64.11 61.05
CA ARG QC 178 14.60 -65.00 61.40
C ARG QC 178 15.07 -66.43 61.54
N GLU QC 179 15.91 -66.88 60.60
CA GLU QC 179 16.33 -68.28 60.60
C GLU QC 179 17.24 -68.59 61.77
N VAL QC 180 18.23 -67.73 62.02
CA VAL QC 180 19.23 -68.05 63.03
C VAL QC 180 18.60 -68.18 64.40
N LEU QC 181 17.71 -67.25 64.77
CA LEU QC 181 17.07 -67.34 66.07
C LEU QC 181 16.19 -68.59 66.18
N ARG QC 182 15.45 -68.91 65.12
CA ARG QC 182 14.64 -70.13 65.13
C ARG QC 182 15.46 -71.37 64.90
N MET QC 183 16.64 -71.24 64.31
CA MET QC 183 17.54 -72.38 64.19
C MET QC 183 18.03 -72.82 65.57
N ARG QC 184 18.54 -71.89 66.36
CA ARG QC 184 18.73 -72.13 67.77
C ARG QC 184 17.38 -72.14 68.48
N GLY QC 185 17.40 -72.41 69.78
CA GLY QC 185 16.14 -72.41 70.49
C GLY QC 185 15.81 -71.04 71.07
N THR QC 186 15.08 -70.24 70.30
CA THR QC 186 14.48 -69.01 70.79
C THR QC 186 13.06 -68.79 70.28
N ILE QC 187 12.70 -69.34 69.13
CA ILE QC 187 11.40 -69.13 68.51
C ILE QC 187 10.70 -70.47 68.39
N SER QC 188 9.40 -70.48 68.66
CA SER QC 188 8.60 -71.70 68.64
C SER QC 188 8.47 -72.33 67.27
N ARG QC 189 9.07 -71.74 66.22
CA ARG QC 189 9.15 -72.32 64.89
C ARG QC 189 7.80 -72.29 64.18
N GLU QC 190 6.75 -71.90 64.90
CA GLU QC 190 5.41 -71.84 64.34
C GLU QC 190 4.78 -70.46 64.42
N HIS QC 191 4.96 -69.76 65.54
CA HIS QC 191 4.44 -68.41 65.65
C HIS QC 191 5.26 -67.45 64.80
N PRO QC 192 4.66 -66.37 64.30
CA PRO QC 192 5.45 -65.39 63.55
C PRO QC 192 6.40 -64.63 64.45
N TRP QC 193 7.53 -64.21 63.88
CA TRP QC 193 8.48 -63.41 64.62
C TRP QC 193 7.78 -62.10 64.98
N GLU QC 194 7.85 -61.72 66.26
CA GLU QC 194 7.04 -60.59 66.73
C GLU QC 194 7.33 -59.33 65.92
N VAL QC 195 8.60 -58.97 65.78
CA VAL QC 195 8.98 -57.80 64.99
C VAL QC 195 8.91 -58.13 63.51
N MET QC 196 8.80 -57.10 62.68
CA MET QC 196 8.58 -57.16 61.25
C MET QC 196 9.85 -56.85 60.47
N PRO QC 197 9.93 -57.31 59.21
CA PRO QC 197 11.10 -56.97 58.38
C PRO QC 197 11.28 -55.48 58.19
N ASP QC 198 10.20 -54.70 58.20
CA ASP QC 198 10.31 -53.26 58.02
C ASP QC 198 11.22 -52.62 59.05
N LEU QC 199 11.37 -53.23 60.22
CA LEU QC 199 12.30 -52.78 61.23
C LEU QC 199 13.74 -52.79 60.74
N TYR QC 200 14.08 -53.68 59.80
CA TYR QC 200 15.43 -53.79 59.26
C TYR QC 200 15.62 -52.95 58.00
N PHE QC 201 14.55 -52.32 57.51
CA PHE QC 201 14.60 -51.63 56.23
C PHE QC 201 15.40 -50.34 56.35
N TYR QC 202 16.16 -50.01 55.31
CA TYR QC 202 16.87 -48.74 55.27
C TYR QC 202 15.92 -47.63 54.85
N ARG QC 203 15.93 -46.52 55.58
CA ARG QC 203 15.06 -45.40 55.28
C ARG QC 203 15.85 -44.29 54.58
N ASP QC 204 15.25 -43.70 53.56
CA ASP QC 204 15.91 -42.67 52.78
C ASP QC 204 16.19 -41.45 53.64
N PRO QC 205 17.21 -40.65 53.30
CA PRO QC 205 17.63 -39.57 54.19
C PRO QC 205 16.73 -38.36 54.16
N GLU QC 206 15.54 -38.50 53.58
CA GLU QC 206 14.51 -37.47 53.67
C GLU QC 206 13.21 -37.98 54.29
N GLU QC 207 13.05 -39.29 54.44
CA GLU QC 207 11.85 -39.83 55.08
C GLU QC 207 11.75 -39.37 56.52
N ILE QC 208 12.83 -39.53 57.30
CA ILE QC 208 12.81 -39.13 58.70
C ILE QC 208 12.61 -37.63 58.86
N GLU QC 209 12.91 -36.85 57.82
CA GLU QC 209 12.65 -35.41 57.86
C GLU QC 209 11.17 -35.08 57.75
N LYS QC 210 10.36 -35.98 57.22
CA LYS QC 210 8.93 -35.70 57.03
C LYS QC 210 7.99 -36.77 57.56
N GLU QC 211 8.38 -38.04 57.58
CA GLU QC 211 7.43 -39.08 57.95
C GLU QC 211 7.03 -38.97 59.42
N GLU QC 212 7.99 -38.70 60.30
CA GLU QC 212 7.65 -38.51 61.71
C GLU QC 212 6.80 -37.25 61.91
N GLN QC 213 7.11 -36.19 61.16
CA GLN QC 213 6.27 -35.00 61.18
C GLN QC 213 4.88 -35.31 60.65
N ALA QC 214 4.80 -36.13 59.59
CA ALA QC 214 3.50 -36.50 59.04
C ALA QC 214 2.67 -37.27 60.05
N ALA QC 215 3.31 -38.17 60.81
CA ALA QC 215 2.57 -38.94 61.81
C ALA QC 215 2.13 -38.07 62.97
N ALA QC 216 2.95 -37.10 63.37
CA ALA QC 216 2.60 -36.22 64.48
C ALA QC 216 1.35 -35.41 64.16
N GLU QC 217 1.27 -34.85 62.95
CA GLU QC 217 0.11 -34.06 62.57
C GLU QC 217 -1.15 -34.93 62.47
N LYS QC 218 -1.02 -36.13 61.91
CA LYS QC 218 -2.17 -37.02 61.84
C LYS QC 218 -2.60 -37.50 63.22
N ALA QC 219 -1.65 -37.67 64.14
CA ALA QC 219 -1.98 -38.11 65.49
C ALA QC 219 -2.64 -37.00 66.29
N VAL QC 220 -2.11 -35.77 66.19
CA VAL QC 220 -2.65 -34.68 67.00
C VAL QC 220 -4.06 -34.30 66.56
N THR QC 221 -4.36 -34.41 65.28
CA THR QC 221 -5.70 -34.07 64.77
C THR QC 221 -6.43 -35.32 64.29
N VAL RC 1 43.53 9.71 -13.46
CA VAL RC 1 43.28 11.02 -12.89
C VAL RC 1 41.90 11.07 -12.22
N VAL RC 2 40.85 10.86 -13.02
CA VAL RC 2 39.49 10.86 -12.51
C VAL RC 2 39.20 9.51 -11.86
N ASP RC 3 38.09 9.44 -11.13
CA ASP RC 3 37.73 8.21 -10.43
C ASP RC 3 37.08 7.23 -11.40
N PRO RC 4 37.64 6.04 -11.60
CA PRO RC 4 37.08 5.12 -12.61
C PRO RC 4 35.65 4.69 -12.38
N PHE RC 5 35.09 4.89 -11.18
CA PHE RC 5 33.69 4.55 -10.96
C PHE RC 5 32.73 5.60 -11.52
N SER RC 6 33.23 6.77 -11.89
CA SER RC 6 32.41 7.69 -12.67
C SER RC 6 32.11 7.14 -14.06
N LYS RC 7 32.96 6.26 -14.57
CA LYS RC 7 32.80 5.68 -15.90
C LYS RC 7 32.07 4.34 -15.85
N LYS RC 8 31.30 4.07 -14.80
CA LYS RC 8 30.59 2.82 -14.67
C LYS RC 8 29.12 3.08 -14.36
N ASP RC 9 28.25 2.74 -15.30
CA ASP RC 9 26.83 2.64 -15.06
C ASP RC 9 26.52 1.23 -14.57
N TRP RC 10 25.55 1.12 -13.67
CA TRP RC 10 25.27 -0.17 -13.06
C TRP RC 10 24.01 -0.78 -13.68
N TYR RC 11 23.95 -2.11 -13.64
CA TYR RC 11 22.89 -2.86 -14.27
C TYR RC 11 22.33 -3.89 -13.29
N ASP RC 12 21.09 -4.29 -13.56
CA ASP RC 12 20.39 -5.22 -12.69
C ASP RC 12 20.26 -6.58 -13.37
N VAL RC 13 20.55 -7.63 -12.60
CA VAL RC 13 20.46 -9.00 -13.08
C VAL RC 13 19.10 -9.55 -12.72
N LYS RC 14 18.55 -10.36 -13.61
CA LYS RC 14 17.23 -10.96 -13.43
C LYS RC 14 17.36 -12.47 -13.42
N ALA RC 15 16.77 -13.11 -12.41
CA ALA RC 15 16.71 -14.56 -12.37
C ALA RC 15 15.74 -15.06 -13.44
N PRO RC 16 15.91 -16.30 -13.90
CA PRO RC 16 14.98 -16.86 -14.88
C PRO RC 16 13.59 -17.04 -14.29
N ALA RC 17 12.69 -17.54 -15.13
CA ALA RC 17 11.28 -17.65 -14.76
C ALA RC 17 11.04 -18.58 -13.58
N MET RC 18 11.76 -19.69 -13.49
CA MET RC 18 11.49 -20.68 -12.45
C MET RC 18 11.89 -20.21 -11.05
N PHE RC 19 12.28 -18.96 -10.89
CA PHE RC 19 12.56 -18.37 -9.58
C PHE RC 19 11.58 -17.23 -9.34
N ASN RC 20 10.83 -17.32 -8.25
CA ASN RC 20 9.82 -16.32 -7.93
C ASN RC 20 10.41 -14.98 -7.52
N ILE RC 21 11.72 -14.90 -7.26
CA ILE RC 21 12.37 -13.63 -6.99
C ILE RC 21 13.29 -13.30 -8.17
N ARG RC 22 12.76 -12.54 -9.13
CA ARG RC 22 13.50 -12.31 -10.37
C ARG RC 22 14.77 -11.50 -10.14
N ASN RC 23 14.71 -10.46 -9.32
CA ASN RC 23 15.85 -9.58 -9.11
C ASN RC 23 16.73 -10.18 -8.01
N ILE RC 24 18.01 -10.39 -8.34
CA ILE RC 24 18.98 -10.79 -7.34
C ILE RC 24 19.62 -9.57 -6.70
N GLY RC 25 20.03 -8.61 -7.53
CA GLY RC 25 20.69 -7.42 -7.02
C GLY RC 25 21.16 -6.56 -8.15
N LYS RC 26 22.22 -5.80 -7.88
CA LYS RC 26 22.78 -4.88 -8.86
C LYS RC 26 24.22 -5.24 -9.17
N THR RC 27 24.62 -5.02 -10.42
CA THR RC 27 25.98 -5.20 -10.88
C THR RC 27 26.37 -4.00 -11.73
N LEU RC 28 27.66 -3.89 -12.05
CA LEU RC 28 28.15 -2.73 -12.77
C LEU RC 28 29.33 -3.11 -13.65
N VAL RC 29 29.54 -2.32 -14.70
CA VAL RC 29 30.72 -2.44 -15.55
C VAL RC 29 30.84 -1.13 -16.32
N THR RC 30 32.05 -0.87 -16.84
CA THR RC 30 32.34 0.41 -17.47
C THR RC 30 31.50 0.61 -18.72
N ARG RC 31 31.31 1.89 -19.07
CA ARG RC 31 30.58 2.24 -20.27
C ARG RC 31 31.32 1.79 -21.52
N THR RC 32 30.56 1.55 -22.59
CA THR RC 32 31.14 1.18 -23.86
C THR RC 32 31.94 2.37 -24.40
N GLN RC 33 33.26 2.23 -24.40
CA GLN RC 33 34.14 3.28 -24.90
C GLN RC 33 35.25 2.63 -25.71
N GLY RC 34 35.39 3.05 -26.96
CA GLY RC 34 36.43 2.47 -27.80
C GLY RC 34 36.04 1.07 -28.25
N THR RC 35 37.03 0.17 -28.21
CA THR RC 35 36.80 -1.20 -28.66
C THR RC 35 35.98 -2.01 -27.67
N LYS RC 36 36.24 -1.87 -26.37
CA LYS RC 36 35.53 -2.64 -25.35
C LYS RC 36 34.07 -2.24 -25.34
N ILE RC 37 33.19 -3.22 -25.51
CA ILE RC 37 31.75 -2.99 -25.44
C ILE RC 37 31.28 -3.38 -24.05
N ALA RC 38 30.45 -2.51 -23.44
CA ALA RC 38 29.89 -2.84 -22.15
C ALA RC 38 29.00 -4.08 -22.23
N SER RC 39 28.42 -4.34 -23.40
CA SER RC 39 27.58 -5.53 -23.57
C SER RC 39 28.39 -6.80 -23.33
N ASP RC 40 29.55 -6.93 -23.99
CA ASP RC 40 30.37 -8.12 -23.84
C ASP RC 40 30.89 -8.27 -22.42
N GLY RC 41 31.31 -7.19 -21.78
CA GLY RC 41 31.80 -7.26 -20.42
C GLY RC 41 30.77 -7.76 -19.43
N LEU RC 42 29.49 -7.65 -19.77
CA LEU RC 42 28.43 -8.27 -18.96
C LEU RC 42 28.20 -9.73 -19.31
N LYS RC 43 28.51 -10.15 -20.54
CA LYS RC 43 28.42 -11.56 -20.88
C LYS RC 43 29.49 -12.35 -20.15
N GLY RC 44 29.20 -13.62 -19.88
CA GLY RC 44 30.15 -14.47 -19.19
C GLY RC 44 30.45 -14.06 -17.77
N ARG RC 45 29.42 -13.69 -17.01
CA ARG RC 45 29.56 -13.38 -15.59
C ARG RC 45 28.75 -14.37 -14.78
N VAL RC 46 29.38 -15.00 -13.80
CA VAL RC 46 28.74 -16.00 -12.95
C VAL RC 46 28.36 -15.34 -11.63
N PHE RC 47 27.11 -15.56 -11.21
CA PHE RC 47 26.57 -14.95 -10.00
C PHE RC 47 26.22 -16.03 -8.99
N GLU RC 48 27.20 -16.39 -8.15
CA GLU RC 48 27.02 -17.40 -7.13
C GLU RC 48 26.07 -16.86 -6.07
N VAL RC 49 24.82 -17.33 -6.10
CA VAL RC 49 23.78 -16.83 -5.22
C VAL RC 49 23.10 -18.02 -4.54
N SER RC 50 22.65 -17.80 -3.31
CA SER RC 50 22.03 -18.85 -2.52
C SER RC 50 20.62 -19.13 -3.01
N LEU RC 51 19.92 -20.03 -2.33
CA LEU RC 51 18.56 -20.37 -2.69
C LEU RC 51 17.52 -19.61 -1.88
N ALA RC 52 17.82 -19.30 -0.61
CA ALA RC 52 16.85 -18.64 0.24
C ALA RC 52 16.54 -17.22 -0.20
N ASP RC 53 17.43 -16.59 -0.98
CA ASP RC 53 17.18 -15.28 -1.54
C ASP RC 53 16.64 -15.34 -2.96
N LEU RC 54 16.43 -16.55 -3.49
CA LEU RC 54 15.77 -16.74 -4.78
C LEU RC 54 14.44 -17.45 -4.66
N GLN RC 55 14.24 -18.24 -3.61
CA GLN RC 55 12.93 -18.76 -3.27
C GLN RC 55 12.50 -18.22 -1.91
N ASN RC 56 11.19 -18.04 -1.75
CA ASN RC 56 10.65 -17.39 -0.56
C ASN RC 56 11.06 -18.09 0.72
N ASP RC 57 10.67 -19.35 0.91
CA ASP RC 57 10.82 -20.02 2.19
C ASP RC 57 11.41 -21.41 2.03
N GLU RC 58 12.49 -21.53 1.26
CA GLU RC 58 13.17 -22.81 1.12
C GLU RC 58 14.51 -22.78 1.84
N VAL RC 59 15.25 -23.89 1.71
CA VAL RC 59 16.52 -24.01 2.41
C VAL RC 59 17.54 -23.07 1.81
N ALA RC 60 18.52 -22.68 2.64
CA ALA RC 60 19.51 -21.69 2.25
C ALA RC 60 20.85 -22.31 1.86
N PHE RC 61 21.10 -23.57 2.21
CA PHE RC 61 22.43 -24.14 2.00
C PHE RC 61 22.72 -24.46 0.53
N ARG RC 62 21.74 -24.33 -0.35
CA ARG RC 62 21.94 -24.57 -1.77
C ARG RC 62 22.20 -23.25 -2.49
N LYS RC 63 23.22 -23.22 -3.33
CA LYS RC 63 23.57 -22.04 -4.11
C LYS RC 63 23.49 -22.36 -5.60
N PHE RC 64 23.40 -21.31 -6.42
CA PHE RC 64 23.28 -21.46 -7.87
C PHE RC 64 24.25 -20.52 -8.57
N LYS RC 65 24.57 -20.85 -9.82
CA LYS RC 65 25.59 -20.15 -10.59
C LYS RC 65 25.02 -18.99 -11.39
N LEU RC 66 24.09 -19.27 -12.31
CA LEU RC 66 23.33 -18.25 -13.03
C LEU RC 66 24.26 -17.32 -13.83
N ILE RC 67 24.91 -17.92 -14.83
CA ILE RC 67 25.75 -17.14 -15.74
C ILE RC 67 24.89 -16.21 -16.58
N THR RC 68 25.43 -15.04 -16.91
CA THR RC 68 24.76 -14.05 -17.73
C THR RC 68 25.01 -14.36 -19.20
N GLU RC 69 23.99 -14.15 -20.03
CA GLU RC 69 24.09 -14.46 -21.45
C GLU RC 69 23.80 -13.28 -22.36
N ASP RC 70 22.82 -12.45 -22.04
CA ASP RC 70 22.49 -11.30 -22.89
C ASP RC 70 22.10 -10.11 -22.03
N VAL RC 71 22.12 -8.94 -22.65
CA VAL RC 71 21.84 -7.67 -21.97
C VAL RC 71 20.81 -6.88 -22.79
N GLN RC 72 19.66 -6.62 -22.18
CA GLN RC 72 18.61 -5.82 -22.81
C GLN RC 72 18.61 -4.44 -22.16
N GLY RC 73 19.57 -3.62 -22.55
CA GLY RC 73 19.61 -2.27 -22.03
C GLY RC 73 20.27 -2.17 -20.66
N LYS RC 74 19.46 -2.07 -19.62
CA LYS RC 74 19.97 -1.91 -18.27
C LYS RC 74 19.78 -3.16 -17.42
N ASN RC 75 19.05 -4.16 -17.90
CA ASN RC 75 18.90 -5.43 -17.19
C ASN RC 75 19.47 -6.55 -18.06
N CYS RC 76 20.16 -7.49 -17.44
CA CYS RC 76 20.85 -8.57 -18.12
C CYS RC 76 20.21 -9.90 -17.74
N LEU RC 77 19.79 -10.68 -18.74
CA LEU RC 77 19.19 -11.97 -18.45
C LEU RC 77 20.25 -12.98 -18.05
N THR RC 78 19.79 -14.11 -17.53
CA THR RC 78 20.65 -15.18 -17.07
C THR RC 78 19.87 -16.48 -17.15
N ASN RC 79 20.59 -17.60 -16.99
CA ASN RC 79 19.98 -18.91 -16.96
C ASN RC 79 20.85 -19.82 -16.10
N PHE RC 80 20.42 -21.07 -15.94
CA PHE RC 80 21.11 -22.00 -15.06
C PHE RC 80 22.54 -22.26 -15.54
N HIS RC 81 23.46 -22.28 -14.58
CA HIS RC 81 24.86 -22.57 -14.87
C HIS RC 81 25.50 -23.54 -13.89
N GLY RC 82 24.88 -23.82 -12.75
CA GLY RC 82 25.44 -24.78 -11.80
C GLY RC 82 24.76 -24.62 -10.46
N MET RC 83 25.02 -25.60 -9.59
CA MET RC 83 24.48 -25.56 -8.24
C MET RC 83 25.36 -26.39 -7.32
N ASP RC 84 25.35 -26.05 -6.04
CA ASP RC 84 26.13 -26.78 -5.04
C ASP RC 84 25.55 -26.45 -3.66
N LEU RC 85 25.85 -27.32 -2.71
CA LEU RC 85 25.55 -27.06 -1.31
C LEU RC 85 26.70 -26.30 -0.66
N THR RC 86 26.36 -25.50 0.35
CA THR RC 86 27.34 -24.68 1.02
C THR RC 86 28.36 -25.54 1.76
N ARG RC 87 29.59 -25.02 1.86
CA ARG RC 87 30.63 -25.75 2.58
C ARG RC 87 30.23 -25.97 4.04
N ASP RC 88 29.61 -24.97 4.67
CA ASP RC 88 29.07 -25.15 6.01
C ASP RC 88 28.15 -26.37 6.07
N LYS RC 89 27.24 -26.49 5.10
CA LYS RC 89 26.34 -27.63 5.06
C LYS RC 89 27.11 -28.92 4.79
N MET RC 90 28.01 -28.88 3.82
CA MET RC 90 28.73 -30.09 3.39
C MET RC 90 29.48 -30.73 4.55
N CYS RC 91 30.22 -29.94 5.32
CA CYS RC 91 31.01 -30.52 6.40
C CYS RC 91 30.15 -30.92 7.59
N SER RC 92 28.86 -30.59 7.55
CA SER RC 92 27.97 -30.88 8.69
C SER RC 92 27.64 -32.36 8.82
N MET RC 93 27.06 -32.95 7.76
CA MET RC 93 26.58 -34.33 7.87
C MET RC 93 27.72 -35.33 7.89
N VAL RC 94 28.84 -34.99 7.29
CA VAL RC 94 29.96 -35.92 7.15
C VAL RC 94 30.41 -36.29 8.56
N LYS RC 95 30.17 -37.53 8.96
CA LYS RC 95 30.35 -37.95 10.34
C LYS RC 95 31.03 -39.30 10.37
N LYS RC 96 31.64 -39.61 11.50
CA LYS RC 96 32.30 -40.89 11.65
C LYS RC 96 31.28 -41.99 11.89
N TRP RC 97 31.78 -43.22 11.98
CA TRP RC 97 30.97 -44.40 12.29
C TRP RC 97 29.85 -44.59 11.27
N GLN RC 98 30.10 -44.17 10.03
CA GLN RC 98 29.15 -44.35 8.95
C GLN RC 98 29.89 -44.23 7.62
N THR RC 99 29.27 -44.73 6.56
CA THR RC 99 29.84 -44.71 5.23
C THR RC 99 29.09 -43.73 4.35
N MET RC 100 29.83 -42.95 3.58
CA MET RC 100 29.25 -41.97 2.67
C MET RC 100 29.54 -42.38 1.22
N ILE RC 101 28.51 -42.32 0.38
CA ILE RC 101 28.54 -42.88 -0.97
C ILE RC 101 28.40 -41.73 -1.97
N GLU RC 102 29.24 -41.73 -3.00
CA GLU RC 102 29.24 -40.66 -4.00
C GLU RC 102 28.72 -41.15 -5.34
N ALA RC 103 28.53 -40.19 -6.25
CA ALA RC 103 27.99 -40.48 -7.57
C ALA RC 103 28.36 -39.36 -8.53
N HIS RC 104 28.32 -39.68 -9.82
CA HIS RC 104 28.46 -38.71 -10.89
C HIS RC 104 28.05 -39.36 -12.19
N VAL RC 105 27.38 -38.58 -13.05
CA VAL RC 105 26.90 -39.12 -14.32
C VAL RC 105 26.81 -38.01 -15.35
N ASP RC 106 27.32 -38.26 -16.55
CA ASP RC 106 27.20 -37.33 -17.67
C ASP RC 106 25.90 -37.64 -18.40
N VAL RC 107 24.83 -36.96 -18.01
CA VAL RC 107 23.50 -37.16 -18.59
C VAL RC 107 23.06 -35.85 -19.23
N LYS RC 108 22.60 -35.93 -20.47
CA LYS RC 108 22.20 -34.76 -21.23
C LYS RC 108 20.69 -34.68 -21.29
N THR RC 109 20.15 -33.51 -20.96
CA THR RC 109 18.72 -33.28 -21.07
C THR RC 109 18.34 -33.04 -22.53
N THR RC 110 17.04 -32.84 -22.77
CA THR RC 110 16.52 -32.85 -24.13
C THR RC 110 17.09 -31.71 -24.97
N ASP RC 111 17.16 -30.50 -24.40
CA ASP RC 111 17.53 -29.33 -25.19
C ASP RC 111 19.01 -29.27 -25.53
N GLY RC 112 19.80 -30.23 -25.08
CA GLY RC 112 21.22 -30.29 -25.42
C GLY RC 112 22.17 -30.06 -24.26
N TYR RC 113 21.69 -29.66 -23.09
CA TYR RC 113 22.55 -29.41 -21.95
C TYR RC 113 23.01 -30.75 -21.38
N LEU RC 114 24.26 -31.13 -21.66
CA LEU RC 114 24.85 -32.28 -21.01
C LEU RC 114 25.20 -31.92 -19.57
N LEU RC 115 24.73 -32.72 -18.63
CA LEU RC 115 24.83 -32.39 -17.22
C LEU RC 115 25.59 -33.46 -16.46
N ARG RC 116 26.44 -33.01 -15.54
CA ARG RC 116 27.12 -33.87 -14.58
C ARG RC 116 26.50 -33.61 -13.22
N LEU RC 117 25.86 -34.63 -12.66
CA LEU RC 117 25.15 -34.50 -11.39
C LEU RC 117 25.91 -35.29 -10.33
N PHE RC 118 26.19 -34.65 -9.20
CA PHE RC 118 26.92 -35.25 -8.10
C PHE RC 118 25.97 -35.54 -6.96
N CYS RC 119 26.03 -36.77 -6.43
CA CYS RC 119 25.16 -37.17 -5.35
C CYS RC 119 25.95 -37.65 -4.14
N VAL RC 120 25.32 -37.54 -2.98
CA VAL RC 120 25.90 -37.95 -1.71
C VAL RC 120 24.90 -38.83 -1.00
N GLY RC 121 25.34 -39.50 0.05
CA GLY RC 121 24.45 -40.32 0.84
C GLY RC 121 25.11 -40.85 2.09
N PHE RC 122 24.37 -40.94 3.18
CA PHE RC 122 24.92 -41.39 4.45
C PHE RC 122 23.99 -42.43 5.05
N THR RC 123 24.57 -43.55 5.49
CA THR RC 123 23.79 -44.55 6.20
C THR RC 123 23.34 -44.00 7.55
N LYS RC 124 22.33 -44.65 8.12
CA LYS RC 124 21.68 -44.16 9.33
C LYS RC 124 21.87 -45.13 10.49
N LYS RC 125 21.82 -44.57 11.70
CA LYS RC 125 21.70 -45.37 12.91
C LYS RC 125 20.23 -45.41 13.32
N ARG RC 126 19.68 -46.61 13.47
CA ARG RC 126 18.26 -46.73 13.76
C ARG RC 126 17.97 -46.25 15.18
N ASN RC 127 16.69 -45.94 15.42
CA ASN RC 127 16.30 -45.34 16.68
C ASN RC 127 16.51 -46.31 17.85
N ASN RC 128 16.39 -47.60 17.60
CA ASN RC 128 16.64 -48.61 18.63
C ASN RC 128 18.01 -49.26 18.48
N GLN RC 129 18.84 -48.76 17.57
CA GLN RC 129 20.15 -49.36 17.32
C GLN RC 129 21.06 -49.18 18.52
N ILE RC 130 21.86 -50.19 18.83
CA ILE RC 130 22.79 -50.16 19.95
C ILE RC 130 24.24 -50.26 19.50
N ARG RC 131 24.50 -50.88 18.35
CA ARG RC 131 25.85 -50.91 17.82
C ARG RC 131 26.29 -49.50 17.46
N LYS RC 132 27.51 -49.14 17.90
CA LYS RC 132 27.96 -47.76 17.75
C LYS RC 132 28.06 -47.34 16.30
N THR RC 133 28.70 -48.16 15.47
CA THR RC 133 28.96 -47.79 14.10
C THR RC 133 27.81 -48.21 13.20
N SER RC 134 27.85 -47.73 11.95
CA SER RC 134 26.82 -48.07 10.96
C SER RC 134 27.50 -48.11 9.60
N TYR RC 135 27.91 -49.30 9.18
CA TYR RC 135 28.57 -49.49 7.90
C TYR RC 135 27.75 -50.41 7.01
N ALA RC 136 27.66 -50.04 5.73
CA ALA RC 136 27.01 -50.85 4.72
C ALA RC 136 28.06 -51.61 3.94
N GLN RC 137 27.76 -52.87 3.62
CA GLN RC 137 28.73 -53.71 2.95
C GLN RC 137 28.96 -53.23 1.52
N HIS RC 138 30.11 -53.63 0.96
CA HIS RC 138 30.55 -53.09 -0.31
C HIS RC 138 29.53 -53.37 -1.41
N GLN RC 139 29.06 -54.62 -1.51
CA GLN RC 139 28.05 -54.92 -2.50
C GLN RC 139 26.76 -54.16 -2.22
N GLN RC 140 26.42 -53.98 -0.95
CA GLN RC 140 25.32 -53.09 -0.62
C GLN RC 140 25.61 -51.68 -1.10
N VAL RC 141 26.82 -51.18 -0.81
CA VAL RC 141 27.18 -49.81 -1.20
C VAL RC 141 27.19 -49.66 -2.71
N ARG RC 142 27.76 -50.65 -3.41
CA ARG RC 142 27.74 -50.61 -4.86
C ARG RC 142 26.32 -50.65 -5.39
N GLN RC 143 25.48 -51.51 -4.81
CA GLN RC 143 24.14 -51.72 -5.36
C GLN RC 143 23.28 -50.48 -5.21
N ILE RC 144 23.33 -49.82 -4.05
CA ILE RC 144 22.60 -48.57 -3.91
C ILE RC 144 23.19 -47.55 -4.87
N ARG RC 145 24.51 -47.51 -4.98
CA ARG RC 145 25.15 -46.60 -5.94
C ARG RC 145 24.57 -46.78 -7.33
N LYS RC 146 24.74 -47.97 -7.92
CA LYS RC 146 24.22 -48.16 -9.27
C LYS RC 146 22.70 -48.03 -9.28
N LYS RC 147 22.06 -48.25 -8.14
CA LYS RC 147 20.63 -48.00 -8.06
C LYS RC 147 20.32 -46.52 -8.23
N MET RC 148 21.05 -45.64 -7.53
CA MET RC 148 20.70 -44.23 -7.63
C MET RC 148 21.52 -43.52 -8.70
N MET RC 149 22.46 -44.21 -9.36
CA MET RC 149 22.91 -43.75 -10.66
C MET RC 149 21.75 -43.74 -11.64
N GLU RC 150 20.90 -44.76 -11.55
CA GLU RC 150 19.80 -44.92 -12.51
C GLU RC 150 18.77 -43.82 -12.36
N ILE RC 151 18.46 -43.43 -11.12
CA ILE RC 151 17.35 -42.52 -10.89
C ILE RC 151 17.69 -41.11 -11.40
N MET RC 152 18.92 -40.66 -11.22
CA MET RC 152 19.28 -39.33 -11.68
C MET RC 152 19.32 -39.27 -13.20
N THR RC 153 19.81 -40.34 -13.83
CA THR RC 153 19.87 -40.38 -15.29
C THR RC 153 18.48 -40.49 -15.89
N ARG RC 154 17.55 -41.14 -15.18
CA ARG RC 154 16.19 -41.28 -15.70
C ARG RC 154 15.35 -40.05 -15.37
N GLU RC 155 15.80 -39.19 -14.45
CA GLU RC 155 15.07 -37.99 -14.08
C GLU RC 155 15.43 -36.78 -14.94
N VAL RC 156 16.41 -36.91 -15.84
CA VAL RC 156 16.91 -35.77 -16.58
C VAL RC 156 16.71 -35.91 -18.09
N GLN RC 157 16.98 -37.08 -18.66
CA GLN RC 157 16.98 -37.22 -20.12
C GLN RC 157 15.59 -36.99 -20.69
N THR RC 158 14.55 -37.25 -19.90
CA THR RC 158 13.20 -37.17 -20.42
C THR RC 158 12.79 -35.73 -20.69
N ASN RC 159 13.30 -34.79 -19.92
CA ASN RC 159 12.79 -33.43 -19.88
C ASN RC 159 13.84 -32.40 -20.27
N ASP RC 160 13.38 -31.16 -20.44
CA ASP RC 160 14.25 -30.01 -20.68
C ASP RC 160 14.90 -29.56 -19.36
N LEU RC 161 15.86 -28.63 -19.46
CA LEU RC 161 16.52 -28.14 -18.26
C LEU RC 161 15.55 -27.40 -17.34
N LYS RC 162 14.57 -26.72 -17.92
CA LYS RC 162 13.65 -25.90 -17.13
C LYS RC 162 12.94 -26.76 -16.09
N GLU RC 163 12.58 -27.99 -16.45
CA GLU RC 163 11.93 -28.88 -15.50
C GLU RC 163 12.95 -29.53 -14.59
N VAL RC 164 14.21 -29.63 -15.01
CA VAL RC 164 15.26 -29.99 -14.07
C VAL RC 164 15.28 -29.00 -12.92
N VAL RC 165 15.16 -27.71 -13.23
CA VAL RC 165 15.32 -26.66 -12.22
C VAL RC 165 14.23 -26.75 -11.16
N ASN RC 166 12.95 -26.74 -11.59
CA ASN RC 166 11.87 -26.65 -10.62
C ASN RC 166 11.78 -27.90 -9.76
N LYS RC 167 12.16 -29.06 -10.31
CA LYS RC 167 12.22 -30.25 -9.47
C LYS RC 167 13.49 -30.33 -8.64
N LEU RC 168 14.59 -29.74 -9.12
CA LEU RC 168 15.80 -29.63 -8.30
C LEU RC 168 15.67 -28.54 -7.25
N ILE RC 169 14.77 -27.58 -7.46
CA ILE RC 169 14.57 -26.52 -6.46
C ILE RC 169 14.25 -27.09 -5.09
N PRO RC 170 13.33 -28.05 -4.93
CA PRO RC 170 13.14 -28.70 -3.63
C PRO RC 170 13.93 -30.00 -3.45
N ASP RC 171 14.84 -30.32 -4.36
CA ASP RC 171 15.57 -31.59 -4.35
C ASP RC 171 14.61 -32.77 -4.39
N SER RC 172 13.74 -32.75 -5.40
CA SER RC 172 12.81 -33.85 -5.60
C SER RC 172 13.54 -35.15 -5.88
N ILE RC 173 14.76 -35.08 -6.44
CA ILE RC 173 15.52 -36.29 -6.72
C ILE RC 173 15.97 -36.95 -5.43
N GLY RC 174 16.47 -36.15 -4.48
CA GLY RC 174 16.97 -36.72 -3.24
C GLY RC 174 15.91 -37.48 -2.47
N LYS RC 175 14.70 -36.93 -2.38
CA LYS RC 175 13.61 -37.63 -1.72
C LYS RC 175 13.24 -38.90 -2.47
N ASP RC 176 13.23 -38.84 -3.81
CA ASP RC 176 12.96 -40.04 -4.59
C ASP RC 176 14.10 -41.05 -4.46
N ILE RC 177 15.32 -40.57 -4.20
CA ILE RC 177 16.39 -41.50 -3.88
C ILE RC 177 16.09 -42.20 -2.56
N GLU RC 178 15.72 -41.42 -1.54
CA GLU RC 178 15.43 -41.97 -0.22
C GLU RC 178 14.38 -43.07 -0.30
N LYS RC 179 13.28 -42.79 -1.01
CA LYS RC 179 12.23 -43.77 -1.16
C LYS RC 179 12.71 -45.01 -1.90
N ALA RC 180 13.83 -44.92 -2.61
CA ALA RC 180 14.34 -46.03 -3.39
C ALA RC 180 15.41 -46.85 -2.67
N CYS RC 181 15.90 -46.40 -1.52
CA CYS RC 181 16.99 -47.10 -0.85
C CYS RC 181 16.63 -47.68 0.50
N GLN RC 182 15.46 -47.33 1.06
CA GLN RC 182 15.13 -47.88 2.37
C GLN RC 182 14.86 -49.38 2.34
N SER RC 183 14.67 -49.94 1.14
CA SER RC 183 14.49 -51.38 1.00
C SER RC 183 15.80 -52.16 1.12
N ILE RC 184 16.94 -51.48 1.05
CA ILE RC 184 18.24 -52.13 1.02
C ILE RC 184 19.12 -51.63 2.16
N TYR RC 185 19.16 -50.31 2.34
CA TYR RC 185 19.89 -49.73 3.47
C TYR RC 185 19.39 -48.31 3.69
N PRO RC 186 18.87 -48.00 4.86
CA PRO RC 186 18.24 -46.70 5.07
C PRO RC 186 19.23 -45.55 5.15
N LEU RC 187 19.10 -44.58 4.25
CA LEU RC 187 19.88 -43.35 4.33
C LEU RC 187 19.04 -42.23 4.92
N HIS RC 188 19.70 -41.15 5.30
CA HIS RC 188 18.99 -39.96 5.77
C HIS RC 188 19.38 -38.68 5.06
N ASP RC 189 20.64 -38.52 4.64
CA ASP RC 189 21.14 -37.28 4.06
C ASP RC 189 21.63 -37.58 2.65
N VAL RC 190 20.72 -37.53 1.69
CA VAL RC 190 21.06 -37.68 0.27
C VAL RC 190 20.52 -36.47 -0.47
N PHE RC 191 21.41 -35.77 -1.15
CA PHE RC 191 21.06 -34.67 -2.04
C PHE RC 191 21.91 -34.79 -3.28
N VAL RC 192 21.46 -34.16 -4.37
CA VAL RC 192 22.30 -33.99 -5.54
C VAL RC 192 23.29 -32.88 -5.15
N ARG RC 193 24.50 -33.30 -4.73
CA ARG RC 193 25.43 -32.37 -4.11
C ARG RC 193 25.86 -31.28 -5.10
N LYS RC 194 26.16 -31.67 -6.33
CA LYS RC 194 26.67 -30.72 -7.30
C LYS RC 194 26.16 -31.04 -8.69
N VAL RC 195 25.83 -30.00 -9.44
CA VAL RC 195 25.56 -30.09 -10.87
C VAL RC 195 26.34 -28.98 -11.55
N LYS RC 196 27.19 -29.34 -12.50
CA LYS RC 196 27.99 -28.38 -13.25
C LYS RC 196 27.71 -28.52 -14.74
N MET RC 197 27.48 -27.41 -15.41
CA MET RC 197 27.19 -27.41 -16.84
C MET RC 197 28.45 -27.68 -17.63
N LEU RC 198 28.30 -28.43 -18.71
CA LEU RC 198 29.41 -28.76 -19.60
C LEU RC 198 29.30 -28.13 -20.96
N LYS RC 199 28.18 -28.35 -21.67
CA LYS RC 199 28.01 -27.87 -23.02
C LYS RC 199 26.72 -27.06 -23.12
N LYS RC 200 26.77 -26.01 -23.95
CA LYS RC 200 25.61 -25.18 -24.22
C LYS RC 200 25.45 -25.02 -25.73
N PRO RC 201 24.33 -25.47 -26.29
CA PRO RC 201 24.20 -25.49 -27.74
C PRO RC 201 23.78 -24.16 -28.35
N LYS RC 202 24.73 -23.53 -29.05
CA LYS RC 202 24.44 -22.50 -30.05
C LYS RC 202 23.98 -21.18 -29.42
N PHE RC 203 23.70 -21.19 -28.12
CA PHE RC 203 23.21 -20.01 -27.41
C PHE RC 203 22.03 -19.39 -28.17
N GLU RC 204 20.97 -20.16 -28.27
CA GLU RC 204 19.79 -19.70 -28.98
C GLU RC 204 18.98 -18.74 -28.11
N LEU RC 205 18.52 -17.66 -28.74
CA LEU RC 205 17.83 -16.57 -28.06
C LEU RC 205 16.39 -16.90 -27.69
N GLY RC 206 15.77 -17.85 -28.39
CA GLY RC 206 14.37 -18.13 -28.15
C GLY RC 206 14.10 -18.71 -26.77
N LYS RC 207 14.80 -19.78 -26.42
CA LYS RC 207 14.54 -20.41 -25.12
C LYS RC 207 14.84 -19.45 -23.98
N LEU RC 208 15.75 -18.50 -24.21
CA LEU RC 208 16.15 -17.60 -23.13
C LEU RC 208 15.03 -16.65 -22.74
N MET RC 209 14.31 -16.09 -23.71
CA MET RC 209 13.28 -15.12 -23.38
C MET RC 209 12.13 -15.78 -22.63
N GLU RC 210 11.69 -16.96 -23.09
CA GLU RC 210 10.65 -17.69 -22.36
C GLU RC 210 11.17 -18.13 -21.01
N LEU RC 211 12.44 -18.52 -20.93
CA LEU RC 211 13.03 -18.86 -19.65
C LEU RC 211 13.03 -17.67 -18.70
N HIS RC 212 12.86 -16.46 -19.23
CA HIS RC 212 12.73 -15.26 -18.42
C HIS RC 212 11.32 -14.69 -18.45
N GLY RC 213 10.68 -14.69 -19.62
CA GLY RC 213 9.33 -14.14 -19.74
C GLY RC 213 8.32 -15.15 -20.25
N GLU RC 214 7.66 -14.82 -21.35
CA GLU RC 214 6.61 -15.66 -21.90
C GLU RC 214 7.20 -16.93 -22.51
N SER SC 1 12.27 -137.70 13.05
CA SER SC 1 12.46 -136.25 13.15
C SER SC 1 13.09 -135.71 11.87
N ALA SC 2 12.41 -134.75 11.23
CA ALA SC 2 12.84 -134.21 9.96
C ALA SC 2 13.63 -132.93 10.14
N LYS SC 3 14.85 -132.91 9.61
CA LYS SC 3 15.74 -131.77 9.75
C LYS SC 3 16.16 -131.27 8.37
N ILE SC 4 15.18 -131.08 7.49
CA ILE SC 4 15.45 -130.84 6.08
C ILE SC 4 16.18 -129.52 5.83
N VAL SC 5 16.09 -128.56 6.74
CA VAL SC 5 16.78 -127.28 6.60
C VAL SC 5 17.57 -127.06 7.89
N LYS SC 6 18.81 -127.56 7.92
CA LYS SC 6 19.71 -127.44 9.06
C LYS SC 6 21.15 -127.72 8.66
N PRO SC 7 21.80 -126.87 7.86
CA PRO SC 7 23.24 -127.05 7.62
C PRO SC 7 24.04 -126.81 8.88
N ASN SC 8 25.16 -127.52 8.97
CA ASN SC 8 26.02 -127.49 10.15
C ASN SC 8 27.46 -127.68 9.69
N GLY SC 9 28.36 -127.96 10.64
CA GLY SC 9 29.74 -128.13 10.23
C GLY SC 9 29.95 -129.42 9.44
N GLU SC 10 29.95 -130.57 10.10
CA GLU SC 10 29.77 -131.84 9.40
C GLU SC 10 28.62 -132.66 9.99
N LYS SC 11 28.73 -133.08 11.26
CA LYS SC 11 27.80 -133.94 11.97
C LYS SC 11 26.64 -133.22 12.68
N PRO SC 12 26.91 -132.18 13.48
CA PRO SC 12 26.08 -131.93 14.66
C PRO SC 12 24.60 -131.70 14.37
N ASP SC 13 23.75 -132.46 15.06
CA ASP SC 13 22.34 -132.11 15.23
C ASP SC 13 21.87 -132.78 16.52
N GLU SC 14 21.92 -132.03 17.62
CA GLU SC 14 21.69 -132.59 18.96
C GLU SC 14 20.27 -132.26 19.38
N PHE SC 15 19.44 -133.31 19.50
CA PHE SC 15 18.02 -133.24 19.85
C PHE SC 15 17.35 -132.01 19.25
N GLU SC 16 17.59 -131.75 17.98
CA GLU SC 16 17.05 -130.54 17.39
C GLU SC 16 15.60 -130.67 17.04
N SER SC 17 14.95 -131.74 17.50
CA SER SC 17 13.52 -131.88 17.32
C SER SC 17 12.75 -130.71 17.91
N GLY SC 18 13.26 -130.11 18.98
CA GLY SC 18 12.61 -128.95 19.56
C GLY SC 18 12.84 -127.66 18.82
N ILE SC 19 13.75 -127.65 17.85
CA ILE SC 19 14.06 -126.43 17.11
C ILE SC 19 13.88 -126.68 15.62
N SER SC 20 14.51 -127.74 15.11
CA SER SC 20 14.41 -128.03 13.68
C SER SC 20 12.98 -128.32 13.26
N GLN SC 21 12.27 -129.13 14.05
CA GLN SC 21 10.89 -129.46 13.70
C GLN SC 21 9.99 -128.23 13.77
N ALA SC 22 10.25 -127.34 14.74
CA ALA SC 22 9.48 -126.11 14.84
C ALA SC 22 9.55 -125.31 13.55
N LEU SC 23 10.75 -125.18 12.98
CA LEU SC 23 10.88 -124.59 11.65
C LEU SC 23 10.47 -125.58 10.57
N LEU SC 24 10.63 -126.87 10.80
CA LEU SC 24 10.17 -127.87 9.85
C LEU SC 24 8.65 -127.83 9.74
N GLU SC 25 7.95 -127.83 10.87
CA GLU SC 25 6.50 -127.74 10.86
C GLU SC 25 6.01 -126.30 10.71
N LEU SC 26 6.86 -125.39 10.24
CA LEU SC 26 6.44 -124.01 10.04
C LEU SC 26 5.71 -123.79 8.73
N GLU SC 27 5.54 -124.82 7.91
CA GLU SC 27 4.83 -124.64 6.65
C GLU SC 27 3.37 -124.29 6.89
N MET SC 28 2.67 -123.99 5.78
CA MET SC 28 1.25 -123.66 5.78
C MET SC 28 0.95 -122.46 6.69
N ASN SC 29 1.84 -121.47 6.68
CA ASN SC 29 1.68 -120.28 7.49
C ASN SC 29 1.09 -119.15 6.65
N SER SC 30 0.99 -117.96 7.25
CA SER SC 30 0.42 -116.79 6.59
C SER SC 30 1.54 -116.03 5.88
N ASP SC 31 1.81 -116.41 4.64
CA ASP SC 31 2.75 -115.73 3.75
C ASP SC 31 4.19 -115.78 4.26
N LEU SC 32 4.45 -116.50 5.36
CA LEU SC 32 5.79 -116.59 5.91
C LEU SC 32 6.61 -117.73 5.30
N LYS SC 33 5.97 -118.69 4.65
CA LYS SC 33 6.70 -119.71 3.91
C LYS SC 33 7.32 -119.18 2.63
N ALA SC 34 6.98 -117.95 2.23
CA ALA SC 34 7.55 -117.36 1.03
C ALA SC 34 9.03 -117.10 1.15
N GLN SC 35 9.59 -117.16 2.36
CA GLN SC 35 11.00 -116.92 2.59
C GLN SC 35 11.71 -118.12 3.19
N LEU SC 36 11.13 -118.72 4.24
CA LEU SC 36 11.83 -119.74 5.02
C LEU SC 36 12.18 -120.98 4.20
N ARG SC 37 11.47 -121.24 3.10
CA ARG SC 37 11.74 -122.43 2.32
C ARG SC 37 13.10 -122.36 1.62
N GLU SC 38 13.72 -121.19 1.59
CA GLU SC 38 15.08 -121.03 1.10
C GLU SC 38 16.04 -120.63 2.21
N LEU SC 39 15.52 -120.09 3.31
CA LEU SC 39 16.31 -119.61 4.42
C LEU SC 39 16.73 -120.78 5.30
N ASN SC 40 17.99 -120.78 5.73
CA ASN SC 40 18.55 -121.90 6.48
C ASN SC 40 19.08 -121.45 7.83
N ILE SC 41 19.52 -122.42 8.62
CA ILE SC 41 19.98 -122.21 9.98
C ILE SC 41 21.29 -122.97 10.17
N THR SC 42 22.23 -122.39 10.90
CA THR SC 42 23.50 -123.07 11.13
C THR SC 42 23.52 -123.79 12.48
N ALA SC 43 23.16 -123.10 13.56
CA ALA SC 43 23.20 -123.69 14.88
C ALA SC 43 22.21 -123.00 15.80
N ALA SC 44 21.92 -123.64 16.93
CA ALA SC 44 21.04 -123.08 17.95
C ALA SC 44 21.41 -123.67 19.31
N LYS SC 45 20.95 -123.02 20.37
CA LYS SC 45 21.25 -123.47 21.72
C LYS SC 45 20.23 -122.88 22.69
N GLU SC 46 20.17 -123.46 23.89
CA GLU SC 46 19.23 -123.04 24.94
C GLU SC 46 19.95 -122.46 26.14
N ILE SC 47 20.92 -121.58 25.91
CA ILE SC 47 21.69 -121.00 27.02
C ILE SC 47 20.75 -120.30 27.99
N GLU SC 48 20.96 -120.55 29.27
CA GLU SC 48 20.15 -119.90 30.30
C GLU SC 48 20.63 -118.46 30.52
N VAL SC 49 19.68 -117.61 30.94
CA VAL SC 49 19.95 -116.21 31.21
C VAL SC 49 19.47 -115.92 32.64
N GLY SC 50 20.38 -115.45 33.48
CA GLY SC 50 20.05 -115.18 34.86
C GLY SC 50 19.69 -116.44 35.62
N GLY SC 51 18.43 -116.58 36.00
CA GLY SC 51 17.98 -117.75 36.74
C GLY SC 51 17.21 -118.72 35.89
N GLY SC 52 15.95 -118.96 36.24
CA GLY SC 52 15.10 -119.84 35.47
C GLY SC 52 14.69 -119.30 34.11
N ARG SC 53 15.04 -118.04 33.83
CA ARG SC 53 14.80 -117.47 32.51
C ARG SC 53 15.69 -118.15 31.48
N LYS SC 54 15.08 -118.60 30.40
CA LYS SC 54 15.78 -119.33 29.34
C LYS SC 54 15.65 -118.56 28.03
N ALA SC 55 16.72 -118.51 27.26
CA ALA SC 55 16.74 -117.79 26.00
C ALA SC 55 17.33 -118.67 24.91
N ILE SC 56 16.68 -118.66 23.74
CA ILE SC 56 17.14 -119.40 22.58
C ILE SC 56 17.87 -118.44 21.65
N ILE SC 57 19.03 -118.86 21.17
CA ILE SC 57 19.77 -118.12 20.16
C ILE SC 57 20.05 -119.09 19.02
N ILE SC 58 19.81 -118.63 17.80
CA ILE SC 58 19.92 -119.49 16.62
C ILE SC 58 20.90 -118.83 15.66
N PHE SC 59 21.90 -119.59 15.24
CA PHE SC 59 22.97 -119.06 14.43
C PHE SC 59 22.61 -119.12 12.95
N VAL SC 60 22.76 -118.00 12.26
CA VAL SC 60 22.33 -117.87 10.87
C VAL SC 60 23.54 -117.51 10.02
N PRO SC 61 23.55 -117.86 8.74
CA PRO SC 61 24.69 -117.49 7.88
C PRO SC 61 24.60 -116.04 7.44
N VAL SC 62 25.78 -115.42 7.34
CA VAL SC 62 25.91 -113.97 7.13
C VAL SC 62 25.30 -113.47 5.83
N PRO SC 63 25.67 -114.00 4.65
CA PRO SC 63 25.17 -113.39 3.40
C PRO SC 63 23.68 -113.41 3.29
N GLN SC 64 23.01 -114.38 3.91
CA GLN SC 64 21.57 -114.38 3.98
C GLN SC 64 21.03 -113.67 5.21
N LEU SC 65 21.90 -113.21 6.11
CA LEU SC 65 21.42 -112.45 7.27
C LEU SC 65 20.72 -111.19 6.83
N LYS SC 66 21.15 -110.62 5.69
CA LYS SC 66 20.43 -109.49 5.12
C LYS SC 66 19.04 -109.90 4.66
N SER SC 67 18.78 -111.20 4.54
CA SER SC 67 17.47 -111.67 4.09
C SER SC 67 16.52 -112.02 5.22
N PHE SC 68 17.00 -112.65 6.30
CA PHE SC 68 16.12 -112.82 7.44
C PHE SC 68 15.74 -111.48 8.07
N GLN SC 69 16.63 -110.49 7.97
CA GLN SC 69 16.34 -109.19 8.56
C GLN SC 69 15.11 -108.53 7.98
N LYS SC 70 14.77 -108.81 6.72
CA LYS SC 70 13.51 -108.29 6.19
C LYS SC 70 12.31 -108.88 6.91
N ILE SC 71 12.51 -110.01 7.59
CA ILE SC 71 11.43 -110.68 8.31
C ILE SC 71 11.81 -110.99 9.75
N GLN SC 72 12.82 -110.30 10.29
CA GLN SC 72 13.16 -110.45 11.71
C GLN SC 72 11.94 -110.28 12.61
N VAL SC 73 11.27 -109.13 12.52
CA VAL SC 73 10.23 -108.80 13.49
C VAL SC 73 9.07 -109.78 13.42
N ARG SC 74 8.99 -110.56 12.35
CA ARG SC 74 7.85 -111.46 12.19
C ARG SC 74 8.16 -112.83 12.79
N LEU SC 75 9.23 -113.47 12.34
CA LEU SC 75 9.48 -114.86 12.71
C LEU SC 75 9.88 -115.04 14.16
N VAL SC 76 10.16 -113.95 14.88
CA VAL SC 76 10.46 -114.06 16.30
C VAL SC 76 9.24 -114.47 17.09
N ARG SC 77 8.06 -113.93 16.73
CA ARG SC 77 6.89 -114.07 17.58
C ARG SC 77 6.42 -115.50 17.70
N GLU SC 78 6.19 -116.20 16.58
CA GLU SC 78 5.62 -117.53 16.66
C GLU SC 78 6.58 -118.49 17.35
N LEU SC 79 7.88 -118.33 17.11
CA LEU SC 79 8.88 -119.12 17.85
C LEU SC 79 8.73 -118.93 19.35
N GLU SC 80 8.45 -117.71 19.79
CA GLU SC 80 8.14 -117.49 21.21
C GLU SC 80 6.86 -118.22 21.59
N LYS SC 81 5.87 -118.22 20.71
CA LYS SC 81 4.63 -118.96 20.97
C LYS SC 81 4.78 -120.45 20.68
N LYS SC 82 5.79 -120.85 19.90
CA LYS SC 82 6.05 -122.27 19.72
C LYS SC 82 6.61 -122.92 20.98
N PHE SC 83 7.35 -122.15 21.79
CA PHE SC 83 7.68 -122.56 23.16
C PHE SC 83 7.82 -121.28 23.98
N SER SC 84 6.85 -121.03 24.85
CA SER SC 84 6.82 -119.81 25.63
C SER SC 84 7.93 -119.81 26.68
N GLY SC 85 8.31 -118.61 27.11
CA GLY SC 85 9.34 -118.44 28.11
C GLY SC 85 10.75 -118.37 27.56
N LYS SC 86 10.95 -118.62 26.27
CA LYS SC 86 12.26 -118.60 25.64
C LYS SC 86 12.41 -117.32 24.85
N HIS SC 87 13.43 -116.52 25.19
CA HIS SC 87 13.75 -115.34 24.41
C HIS SC 87 14.55 -115.74 23.18
N VAL SC 88 14.22 -115.13 22.05
CA VAL SC 88 14.73 -115.56 20.75
C VAL SC 88 15.54 -114.43 20.12
N VAL SC 89 16.67 -114.80 19.51
CA VAL SC 89 17.49 -113.85 18.77
C VAL SC 89 18.28 -114.63 17.72
N PHE SC 90 18.64 -113.94 16.64
CA PHE SC 90 19.39 -114.54 15.55
C PHE SC 90 20.76 -113.87 15.45
N ILE SC 91 21.82 -114.68 15.48
CA ILE SC 91 23.19 -114.19 15.44
C ILE SC 91 23.93 -114.97 14.36
N ALA SC 92 24.76 -114.26 13.59
CA ALA SC 92 25.53 -114.92 12.54
C ALA SC 92 26.75 -115.63 13.10
N GLN SC 93 27.21 -116.64 12.38
CA GLN SC 93 28.56 -117.15 12.60
C GLN SC 93 29.54 -116.26 11.87
N ARG SC 94 30.66 -115.95 12.51
CA ARG SC 94 31.54 -114.91 12.00
C ARG SC 94 32.92 -115.40 11.57
N ARG SC 95 33.32 -116.61 11.96
CA ARG SC 95 34.62 -117.17 11.59
C ARG SC 95 35.73 -116.21 12.00
N ILE SC 96 35.85 -116.04 13.33
CA ILE SC 96 36.87 -115.17 13.88
C ILE SC 96 38.25 -115.68 13.47
N LEU SC 97 39.05 -114.80 12.88
CA LEU SC 97 40.33 -115.37 12.52
C LEU SC 97 41.39 -115.01 13.54
N PRO SC 98 42.30 -115.93 13.84
CA PRO SC 98 43.30 -115.67 14.88
C PRO SC 98 44.25 -114.56 14.45
N LYS SC 99 44.74 -113.83 15.42
CA LYS SC 99 45.77 -112.84 15.16
C LYS SC 99 47.04 -113.57 14.77
N PRO SC 100 47.57 -113.37 13.57
CA PRO SC 100 48.75 -114.14 13.14
C PRO SC 100 50.01 -113.67 13.85
N THR SC 101 50.47 -114.45 14.81
CA THR SC 101 51.71 -114.17 15.51
C THR SC 101 52.89 -114.57 14.62
N ARG SC 102 54.11 -114.50 15.15
CA ARG SC 102 55.29 -114.85 14.37
C ARG SC 102 55.42 -116.35 14.15
N LYS SC 103 54.65 -117.17 14.87
CA LYS SC 103 54.76 -118.62 14.76
C LYS SC 103 53.52 -119.21 14.11
N LYS SC 107 51.19 -124.06 4.41
CA LYS SC 107 52.16 -123.13 4.97
C LYS SC 107 51.85 -121.70 4.53
N ASN SC 108 50.94 -121.56 3.57
CA ASN SC 108 50.69 -120.29 2.90
C ASN SC 108 49.32 -119.76 3.31
N LYS SC 109 49.30 -118.51 3.76
CA LYS SC 109 48.08 -117.79 4.09
C LYS SC 109 48.10 -116.43 3.42
N GLN SC 110 46.92 -115.97 3.02
CA GLN SC 110 46.77 -114.63 2.48
C GLN SC 110 46.27 -113.71 3.59
N LYS SC 111 46.02 -112.44 3.24
CA LYS SC 111 45.80 -111.42 4.26
C LYS SC 111 44.57 -111.74 5.10
N ARG SC 112 44.69 -111.50 6.39
CA ARG SC 112 43.57 -111.64 7.31
C ARG SC 112 42.64 -110.44 7.16
N PRO SC 113 41.39 -110.64 6.73
CA PRO SC 113 40.51 -109.49 6.53
C PRO SC 113 40.13 -108.81 7.83
N ARG SC 114 39.89 -107.51 7.75
CA ARG SC 114 39.42 -106.74 8.89
C ARG SC 114 37.98 -107.05 9.26
N SER SC 115 37.26 -107.80 8.42
CA SER SC 115 35.95 -108.28 8.82
C SER SC 115 36.05 -109.50 9.74
N ARG SC 116 37.03 -110.37 9.52
CA ARG SC 116 37.18 -111.59 10.29
C ARG SC 116 37.97 -111.41 11.57
N THR SC 117 38.47 -110.21 11.85
CA THR SC 117 39.20 -110.00 13.08
C THR SC 117 38.25 -110.02 14.27
N LEU SC 118 38.82 -110.15 15.46
CA LEU SC 118 38.01 -110.41 16.65
C LEU SC 118 37.15 -109.20 17.01
N THR SC 119 37.75 -108.02 17.08
CA THR SC 119 37.02 -106.84 17.54
C THR SC 119 35.89 -106.47 16.59
N ALA SC 120 36.16 -106.52 15.28
CA ALA SC 120 35.12 -106.23 14.30
C ALA SC 120 34.00 -107.27 14.34
N VAL SC 121 34.26 -108.44 14.92
CA VAL SC 121 33.21 -109.45 15.03
C VAL SC 121 32.31 -109.15 16.21
N HIS SC 122 32.89 -108.86 17.38
CA HIS SC 122 32.12 -108.71 18.58
C HIS SC 122 31.11 -107.56 18.47
N ASP SC 123 31.58 -106.38 18.10
CA ASP SC 123 30.67 -105.23 18.01
C ASP SC 123 29.60 -105.46 16.95
N ALA SC 124 29.89 -106.26 15.93
CA ALA SC 124 28.86 -106.63 14.97
C ALA SC 124 27.83 -107.57 15.60
N ILE SC 125 28.27 -108.41 16.53
CA ILE SC 125 27.36 -109.37 17.16
C ILE SC 125 26.27 -108.63 17.94
N LEU SC 126 26.67 -107.62 18.72
CA LEU SC 126 25.68 -106.88 19.48
C LEU SC 126 24.81 -106.01 18.57
N GLU SC 127 25.27 -105.74 17.35
CA GLU SC 127 24.46 -104.94 16.43
C GLU SC 127 23.24 -105.71 15.95
N ASP SC 128 23.43 -106.95 15.53
CA ASP SC 128 22.30 -107.77 15.09
C ASP SC 128 21.61 -108.49 16.24
N LEU SC 129 22.18 -108.45 17.44
CA LEU SC 129 21.52 -109.04 18.60
C LEU SC 129 20.26 -108.26 18.97
N VAL SC 130 20.16 -107.02 18.53
CA VAL SC 130 19.10 -106.11 18.98
C VAL SC 130 18.40 -105.46 17.79
N PHE SC 131 18.40 -106.14 16.64
CA PHE SC 131 18.05 -105.51 15.38
C PHE SC 131 16.76 -104.69 15.38
N PRO SC 132 15.66 -105.10 16.03
CA PRO SC 132 14.51 -104.19 16.12
C PRO SC 132 14.90 -102.80 16.63
N SER SC 133 16.01 -102.69 17.34
CA SER SC 133 16.58 -101.43 17.73
C SER SC 133 17.94 -101.24 17.05
N GLU SC 134 18.49 -100.03 17.16
CA GLU SC 134 19.80 -99.72 16.62
C GLU SC 134 20.67 -99.16 17.75
N ILE SC 135 21.98 -99.33 17.61
CA ILE SC 135 22.92 -98.86 18.63
C ILE SC 135 23.18 -97.38 18.42
N VAL SC 136 22.87 -96.58 19.44
CA VAL SC 136 23.10 -95.14 19.38
C VAL SC 136 24.25 -94.70 20.27
N GLY SC 137 24.78 -95.58 21.10
CA GLY SC 137 25.95 -95.26 21.90
C GLY SC 137 26.60 -96.45 22.56
N LYS SC 138 27.92 -96.52 22.54
CA LYS SC 138 28.68 -97.52 23.27
C LYS SC 138 29.73 -96.83 24.13
N ARG SC 139 29.70 -97.12 25.42
CA ARG SC 139 30.40 -96.34 26.45
C ARG SC 139 31.22 -97.26 27.34
N ILE SC 140 32.09 -98.08 26.73
CA ILE SC 140 32.88 -99.05 27.48
C ILE SC 140 33.51 -98.40 28.70
N ARG SC 141 33.26 -98.98 29.87
CA ARG SC 141 33.63 -98.41 31.16
C ARG SC 141 34.49 -99.39 31.93
N VAL SC 142 35.54 -98.88 32.56
CA VAL SC 142 36.54 -99.70 33.26
C VAL SC 142 36.33 -99.52 34.77
N LYS SC 143 36.06 -100.62 35.46
CA LYS SC 143 35.52 -100.59 36.82
C LYS SC 143 36.62 -100.67 37.88
N LEU SC 144 37.51 -99.68 37.88
CA LEU SC 144 38.41 -99.45 39.01
C LEU SC 144 39.44 -100.56 39.18
N ASP SC 145 39.31 -101.62 38.39
CA ASP SC 145 40.22 -102.76 38.52
C ASP SC 145 40.54 -103.39 37.18
N GLY SC 146 40.51 -102.63 36.09
CA GLY SC 146 40.73 -103.15 34.77
C GLY SC 146 39.54 -103.84 34.15
N SER SC 147 38.59 -104.30 34.97
CA SER SC 147 37.39 -104.92 34.45
C SER SC 147 36.56 -103.90 33.67
N ARG SC 148 36.24 -104.24 32.42
CA ARG SC 148 35.55 -103.33 31.52
C ARG SC 148 34.08 -103.71 31.44
N LEU SC 149 33.21 -102.72 31.67
CA LEU SC 149 31.77 -102.89 31.54
C LEU SC 149 31.31 -102.01 30.39
N ILE SC 150 30.65 -102.64 29.41
CA ILE SC 150 30.18 -101.90 28.24
C ILE SC 150 28.71 -101.55 28.45
N LYS SC 151 28.33 -100.36 28.00
CA LYS SC 151 26.94 -99.94 28.00
C LYS SC 151 26.54 -99.55 26.58
N VAL SC 152 25.35 -99.96 26.18
CA VAL SC 152 24.87 -99.80 24.81
C VAL SC 152 23.56 -99.02 24.84
N HIS SC 153 23.47 -98.00 23.99
CA HIS SC 153 22.34 -97.09 24.00
C HIS SC 153 21.46 -97.37 22.78
N LEU SC 154 20.15 -97.48 23.01
CA LEU SC 154 19.20 -97.80 21.95
C LEU SC 154 18.54 -96.53 21.44
N ASP SC 155 17.54 -96.68 20.56
CA ASP SC 155 17.00 -95.59 19.79
C ASP SC 155 15.91 -94.79 20.50
N LYS SC 156 15.52 -95.17 21.72
CA LYS SC 156 14.40 -94.52 22.41
C LYS SC 156 13.14 -94.59 21.56
N ALA SC 157 13.07 -95.55 20.65
CA ALA SC 157 11.92 -95.75 19.79
C ALA SC 157 11.28 -97.11 20.00
N GLN SC 158 12.07 -98.18 20.02
CA GLN SC 158 11.54 -99.51 20.31
C GLN SC 158 11.64 -99.84 21.80
N GLN SC 159 11.17 -98.92 22.63
CA GLN SC 159 11.06 -99.21 24.05
C GLN SC 159 9.93 -100.20 24.31
N ASN SC 160 8.84 -100.08 23.54
CA ASN SC 160 7.72 -101.00 23.67
C ASN SC 160 8.08 -102.40 23.17
N ASN SC 161 8.99 -102.49 22.21
CA ASN SC 161 9.30 -103.76 21.56
C ASN SC 161 10.44 -104.49 22.24
N VAL SC 162 11.59 -103.83 22.40
CA VAL SC 162 12.73 -104.43 23.10
C VAL SC 162 12.87 -103.71 24.44
N GLU SC 163 12.26 -104.29 25.47
CA GLU SC 163 12.48 -103.88 26.85
C GLU SC 163 12.56 -105.04 27.82
N HIS SC 164 12.00 -106.19 27.48
CA HIS SC 164 12.15 -107.42 28.25
C HIS SC 164 13.33 -108.23 27.80
N LYS SC 165 14.10 -107.73 26.84
CA LYS SC 165 15.26 -108.42 26.30
C LYS SC 165 16.58 -107.79 26.76
N VAL SC 166 16.52 -106.69 27.51
CA VAL SC 166 17.74 -106.01 27.93
C VAL SC 166 18.57 -106.91 28.84
N GLU SC 167 17.92 -107.57 29.80
CA GLU SC 167 18.67 -108.47 30.67
C GLU SC 167 19.01 -109.77 29.97
N THR SC 168 18.28 -110.12 28.90
CA THR SC 168 18.62 -111.29 28.11
C THR SC 168 19.84 -111.04 27.25
N PHE SC 169 19.94 -109.85 26.67
CA PHE SC 169 21.04 -109.54 25.77
C PHE SC 169 22.39 -109.66 26.47
N SER SC 170 22.47 -109.19 27.72
CA SER SC 170 23.71 -109.30 28.46
C SER SC 170 24.12 -110.75 28.66
N GLY SC 171 23.16 -111.60 29.05
CA GLY SC 171 23.49 -112.98 29.33
C GLY SC 171 24.06 -113.71 28.12
N VAL SC 172 23.38 -113.59 26.98
CA VAL SC 172 23.86 -114.25 25.77
C VAL SC 172 25.20 -113.66 25.35
N TYR SC 173 25.34 -112.34 25.41
CA TYR SC 173 26.62 -111.72 25.08
C TYR SC 173 27.69 -112.13 26.08
N LYS SC 174 27.35 -112.15 27.37
CA LYS SC 174 28.29 -112.64 28.36
C LYS SC 174 28.68 -114.08 28.06
N LYS SC 175 27.72 -114.87 27.56
CA LYS SC 175 28.00 -116.27 27.28
C LYS SC 175 28.98 -116.44 26.11
N LEU SC 176 28.74 -115.73 25.01
CA LEU SC 176 29.49 -115.97 23.78
C LEU SC 176 30.58 -114.93 23.52
N THR SC 177 30.77 -113.98 24.43
CA THR SC 177 31.84 -113.00 24.25
C THR SC 177 32.69 -112.78 25.49
N GLY SC 178 32.16 -113.00 26.70
CA GLY SC 178 32.90 -112.76 27.91
C GLY SC 178 32.88 -111.32 28.39
N LYS SC 179 32.09 -110.45 27.75
CA LYS SC 179 32.01 -109.04 28.12
C LYS SC 179 30.61 -108.74 28.64
N ASP SC 180 30.53 -108.26 29.86
CA ASP SC 180 29.25 -107.92 30.49
C ASP SC 180 28.78 -106.57 29.98
N VAL SC 181 27.67 -106.57 29.25
CA VAL SC 181 27.16 -105.38 28.59
C VAL SC 181 25.70 -105.18 28.96
N ASN SC 182 25.40 -104.10 29.65
CA ASN SC 182 24.03 -103.73 29.97
C ASN SC 182 23.58 -102.61 29.05
N PHE SC 183 22.30 -102.62 28.70
CA PHE SC 183 21.75 -101.71 27.70
C PHE SC 183 20.87 -100.69 28.38
N GLU SC 184 21.09 -99.42 28.08
CA GLU SC 184 20.33 -98.31 28.65
C GLU SC 184 19.79 -97.45 27.52
N PHE SC 185 18.71 -96.72 27.82
CA PHE SC 185 18.02 -95.94 26.80
C PHE SC 185 18.23 -94.46 27.03
N PRO SC 186 18.35 -93.63 25.97
CA PRO SC 186 18.71 -92.21 26.16
C PRO SC 186 17.51 -91.33 26.16
N GLU SC 187 17.78 -90.09 26.53
CA GLU SC 187 16.92 -89.01 26.05
C GLU SC 187 17.24 -88.74 24.59
N PHE SC 188 16.29 -88.14 23.88
CA PHE SC 188 16.45 -87.97 22.44
C PHE SC 188 17.70 -87.16 22.12
N GLN SC 189 18.43 -87.62 21.11
CA GLN SC 189 19.77 -87.11 20.83
C GLN SC 189 19.74 -85.82 19.99
N MET TC 1 55.24 -91.23 56.55
CA MET TC 1 55.70 -91.88 57.78
C MET TC 1 55.77 -93.39 57.61
N GLN TC 2 55.56 -94.12 58.69
CA GLN TC 2 55.46 -95.58 58.69
C GLN TC 2 56.75 -96.22 58.16
N ASN TC 3 57.81 -96.04 58.93
CA ASN TC 3 59.03 -96.81 58.70
C ASN TC 3 58.76 -98.30 58.92
N ASP TC 4 59.72 -99.12 58.53
CA ASP TC 4 59.59 -100.55 58.73
C ASP TC 4 59.37 -100.90 60.20
N ALA TC 5 59.84 -100.06 61.12
CA ALA TC 5 59.51 -100.25 62.52
C ALA TC 5 58.01 -100.15 62.75
N GLY TC 6 57.38 -99.12 62.18
CA GLY TC 6 55.93 -99.08 62.16
C GLY TC 6 55.26 -97.91 62.86
N GLU TC 7 55.98 -97.18 63.71
CA GLU TC 7 55.37 -96.08 64.42
C GLU TC 7 55.12 -94.91 63.48
N PHE TC 8 54.10 -94.12 63.81
CA PHE TC 8 53.74 -92.93 63.04
C PHE TC 8 54.80 -91.88 63.30
N VAL TC 9 55.95 -92.04 62.64
CA VAL TC 9 57.09 -91.18 62.91
C VAL TC 9 56.99 -89.92 62.07
N ASP TC 10 56.24 -88.94 62.58
CA ASP TC 10 56.11 -87.61 62.00
C ASP TC 10 55.45 -86.70 63.02
N LEU TC 11 55.93 -85.46 63.12
CA LEU TC 11 55.50 -84.59 64.20
C LEU TC 11 54.02 -84.21 64.08
N TYR TC 12 53.53 -84.05 62.86
CA TYR TC 12 52.09 -83.84 62.66
C TYR TC 12 51.74 -84.01 61.20
N VAL TC 13 50.50 -84.41 60.96
CA VAL TC 13 49.97 -84.69 59.64
C VAL TC 13 49.10 -83.50 59.20
N PRO TC 14 49.45 -82.71 58.21
CA PRO TC 14 48.50 -81.76 57.66
C PRO TC 14 47.11 -82.34 57.33
N ARG TC 15 46.11 -81.48 57.52
CA ARG TC 15 44.82 -81.87 56.98
C ARG TC 15 44.81 -81.64 55.47
N LYS TC 16 43.92 -82.33 54.79
CA LYS TC 16 43.71 -82.12 53.37
C LYS TC 16 42.37 -81.42 53.16
N CYS TC 17 42.34 -80.50 52.19
CA CYS TC 17 41.15 -79.70 51.97
C CYS TC 17 39.96 -80.59 51.60
N SER TC 18 38.76 -80.13 51.93
CA SER TC 18 37.56 -80.91 51.65
C SER TC 18 37.06 -80.75 50.22
N ALA TC 19 37.65 -79.83 49.45
CA ALA TC 19 37.22 -79.60 48.07
C ALA TC 19 38.05 -80.38 47.06
N SER TC 20 39.36 -80.15 47.04
CA SER TC 20 40.25 -80.84 46.12
C SER TC 20 41.26 -81.71 46.85
N ASN TC 21 40.95 -82.11 48.08
CA ASN TC 21 41.82 -82.99 48.86
C ASN TC 21 43.24 -82.44 49.01
N ARG TC 22 43.46 -81.16 48.65
CA ARG TC 22 44.78 -80.56 48.71
C ARG TC 22 45.22 -80.47 50.17
N ILE TC 23 46.51 -80.68 50.44
CA ILE TC 23 47.02 -80.43 51.77
C ILE TC 23 46.86 -78.95 52.13
N ILE TC 24 46.41 -78.71 53.35
CA ILE TC 24 46.32 -77.36 53.91
C ILE TC 24 47.68 -77.00 54.47
N GLY TC 25 48.33 -76.00 53.89
CA GLY TC 25 49.68 -75.65 54.31
C GLY TC 25 49.71 -75.09 55.73
N ALA TC 26 50.86 -75.28 56.39
CA ALA TC 26 50.99 -74.79 57.75
C ALA TC 26 50.88 -73.27 57.81
N LYS TC 27 51.43 -72.58 56.82
CA LYS TC 27 51.33 -71.13 56.74
C LYS TC 27 50.20 -70.67 55.83
N ASP TC 28 49.37 -71.59 55.34
CA ASP TC 28 48.29 -71.21 54.43
C ASP TC 28 47.31 -70.36 55.23
N HIS TC 29 47.33 -69.05 54.98
CA HIS TC 29 46.61 -68.09 55.79
C HIS TC 29 45.23 -67.76 55.24
N ALA TC 30 44.83 -68.40 54.14
CA ALA TC 30 43.50 -68.24 53.60
C ALA TC 30 42.62 -69.47 53.79
N SER TC 31 43.22 -70.65 53.80
CA SER TC 31 42.47 -71.89 53.97
C SER TC 31 41.71 -71.88 55.30
N ILE TC 32 40.44 -72.24 55.25
CA ILE TC 32 39.56 -72.11 56.39
C ILE TC 32 39.19 -73.49 56.93
N GLN TC 33 38.63 -73.49 58.14
CA GLN TC 33 37.96 -74.65 58.72
C GLN TC 33 36.64 -74.18 59.28
N MET TC 34 35.55 -74.81 58.87
CA MET TC 34 34.22 -74.39 59.29
C MET TC 34 33.39 -75.58 59.75
N ASN TC 35 32.28 -75.27 60.40
CA ASN TC 35 31.31 -76.26 60.85
C ASN TC 35 29.94 -75.85 60.35
N VAL TC 36 29.17 -76.84 59.88
CA VAL TC 36 27.79 -76.61 59.45
C VAL TC 36 26.88 -77.37 60.41
N ALA TC 37 26.00 -76.63 61.09
CA ALA TC 37 25.20 -77.21 62.14
C ALA TC 37 24.11 -78.12 61.58
N GLU TC 38 23.90 -79.25 62.24
CA GLU TC 38 22.83 -80.15 61.87
C GLU TC 38 21.62 -79.96 62.78
N VAL TC 39 20.45 -80.26 62.22
CA VAL TC 39 19.18 -79.99 62.90
C VAL TC 39 18.56 -81.30 63.33
N ASP TC 40 17.56 -81.20 64.19
CA ASP TC 40 16.72 -82.35 64.49
C ASP TC 40 15.70 -82.54 63.37
N LYS TC 41 15.43 -83.81 63.06
CA LYS TC 41 14.53 -84.13 61.97
C LYS TC 41 13.13 -83.58 62.21
N VAL TC 42 12.73 -83.46 63.48
CA VAL TC 42 11.36 -83.07 63.80
C VAL TC 42 11.19 -81.58 64.10
N THR TC 43 12.05 -80.99 64.93
CA THR TC 43 11.84 -79.62 65.38
C THR TC 43 12.76 -78.60 64.73
N GLY TC 44 13.66 -79.04 63.85
CA GLY TC 44 14.57 -78.09 63.21
C GLY TC 44 15.41 -77.32 64.20
N ARG TC 45 15.99 -78.00 65.18
CA ARG TC 45 16.72 -77.37 66.26
C ARG TC 45 18.13 -77.95 66.32
N PHE TC 46 19.08 -77.11 66.75
CA PHE TC 46 20.47 -77.51 66.83
C PHE TC 46 20.64 -78.65 67.82
N ASN TC 47 20.94 -79.86 67.32
CA ASN TC 47 21.09 -81.01 68.20
C ASN TC 47 22.35 -80.90 69.05
N GLY TC 48 23.43 -80.39 68.46
CA GLY TC 48 24.70 -80.31 69.17
C GLY TC 48 25.84 -80.84 68.32
N GLN TC 49 25.49 -81.56 67.27
CA GLN TC 49 26.48 -82.11 66.34
C GLN TC 49 26.40 -81.38 65.01
N PHE TC 50 27.51 -81.40 64.29
CA PHE TC 50 27.65 -80.65 63.05
C PHE TC 50 28.54 -81.43 62.10
N LYS TC 51 28.75 -80.86 60.92
CA LYS TC 51 29.72 -81.38 59.96
C LYS TC 51 30.78 -80.33 59.71
N THR TC 52 32.01 -80.79 59.49
CA THR TC 52 33.16 -79.91 59.38
C THR TC 52 33.85 -80.07 58.04
N TYR TC 53 34.22 -78.93 57.44
CA TYR TC 53 34.81 -78.89 56.11
C TYR TC 53 36.06 -78.03 56.15
N ALA TC 54 36.96 -78.29 55.20
CA ALA TC 54 38.21 -77.55 55.07
C ALA TC 54 38.41 -77.17 53.62
N ILE TC 55 38.49 -75.88 53.34
CA ILE TC 55 38.67 -75.35 51.99
C ILE TC 55 40.06 -74.76 51.90
N CYS TC 56 40.82 -75.16 50.89
CA CYS TC 56 42.19 -74.69 50.76
C CYS TC 56 42.24 -73.24 50.31
N GLY TC 57 43.37 -72.60 50.57
CA GLY TC 57 43.53 -71.20 50.19
C GLY TC 57 43.40 -70.97 48.70
N ALA TC 58 43.93 -71.89 47.89
CA ALA TC 58 43.85 -71.73 46.44
C ALA TC 58 42.41 -71.83 45.95
N ILE TC 59 41.68 -72.86 46.40
CA ILE TC 59 40.34 -73.11 45.86
C ILE TC 59 39.40 -71.95 46.18
N ARG TC 60 39.58 -71.34 47.35
CA ARG TC 60 38.79 -70.17 47.66
C ARG TC 60 39.40 -68.88 47.11
N ARG TC 61 40.59 -68.96 46.52
CA ARG TC 61 41.15 -67.78 45.87
C ARG TC 61 40.70 -67.64 44.43
N MET TC 62 40.53 -68.75 43.70
CA MET TC 62 40.03 -68.63 42.34
C MET TC 62 38.53 -68.44 42.31
N GLY TC 63 37.87 -68.50 43.46
CA GLY TC 63 36.46 -68.19 43.56
C GLY TC 63 35.54 -69.39 43.64
N GLU TC 64 36.06 -70.60 43.48
CA GLU TC 64 35.23 -71.80 43.45
C GLU TC 64 34.98 -72.39 44.83
N SER TC 65 35.09 -71.57 45.88
CA SER TC 65 34.80 -72.06 47.23
C SER TC 65 33.31 -72.31 47.40
N ASP TC 66 32.47 -71.41 46.90
CA ASP TC 66 31.02 -71.55 47.09
C ASP TC 66 30.47 -72.75 46.33
N ASP TC 67 31.10 -73.13 45.22
CA ASP TC 67 30.66 -74.32 44.51
C ASP TC 67 31.01 -75.58 45.31
N SER TC 68 32.23 -75.65 45.81
CA SER TC 68 32.69 -76.85 46.48
C SER TC 68 31.86 -77.16 47.72
N ILE TC 69 31.58 -76.15 48.54
CA ILE TC 69 30.70 -76.36 49.69
C ILE TC 69 29.34 -76.87 49.24
N LEU TC 70 28.83 -76.33 48.13
CA LEU TC 70 27.48 -76.69 47.71
C LEU TC 70 27.45 -78.11 47.16
N ARG TC 71 28.52 -78.53 46.47
CA ARG TC 71 28.67 -79.94 46.14
C ARG TC 71 28.78 -80.77 47.42
N LEU TC 72 29.66 -80.36 48.33
CA LEU TC 72 29.90 -81.13 49.55
C LEU TC 72 28.64 -81.21 50.40
N ALA TC 73 27.91 -80.10 50.52
CA ALA TC 73 26.69 -80.13 51.33
C ALA TC 73 25.69 -81.13 50.77
N LYS TC 74 25.55 -81.19 49.45
CA LYS TC 74 24.67 -82.18 48.84
C LYS TC 74 25.18 -83.60 49.10
N ALA TC 75 26.50 -83.77 49.20
CA ALA TC 75 27.07 -85.09 49.39
C ALA TC 75 26.64 -85.70 50.71
N ASP TC 76 26.68 -84.91 51.80
CA ASP TC 76 26.23 -85.43 53.09
C ASP TC 76 24.75 -85.22 53.32
N GLY TC 77 24.02 -84.66 52.37
CA GLY TC 77 22.58 -84.64 52.41
C GLY TC 77 21.94 -83.46 53.09
N ILE TC 78 22.44 -82.24 52.86
CA ILE TC 78 21.76 -81.07 53.40
C ILE TC 78 20.40 -80.91 52.71
N VAL TC 79 19.51 -80.18 53.39
CA VAL TC 79 18.06 -80.17 53.15
C VAL TC 79 17.66 -80.11 51.68
N SER TC 80 18.47 -79.45 50.84
CA SER TC 80 18.03 -79.20 49.48
C SER TC 80 17.78 -80.48 48.68
N LYS TC 81 18.85 -81.17 48.31
CA LYS TC 81 18.80 -82.49 47.68
C LYS TC 81 18.09 -82.47 46.32
N ASN TC 82 17.41 -81.35 46.02
CA ASN TC 82 16.66 -81.22 44.78
C ASN TC 82 16.84 -79.83 44.17
N PHE TC 83 17.65 -78.98 44.77
CA PHE TC 83 17.76 -77.57 44.39
C PHE TC 83 18.08 -77.37 42.91
N THR UC 1 62.61 -50.04 27.54
CA THR UC 1 61.45 -50.92 27.65
C THR UC 1 60.24 -50.35 26.94
N LYS UC 2 59.29 -51.22 26.60
CA LYS UC 2 58.07 -50.82 25.92
C LYS UC 2 57.25 -49.88 26.79
N LYS UC 3 57.09 -48.63 26.34
CA LYS UC 3 56.38 -47.65 27.14
C LYS UC 3 54.89 -47.97 27.23
N ARG UC 4 54.27 -48.30 26.11
CA ARG UC 4 52.83 -48.56 26.06
C ARG UC 4 52.61 -49.91 25.40
N ARG UC 5 51.50 -50.56 25.76
CA ARG UC 5 51.21 -51.90 25.23
C ARG UC 5 51.21 -51.88 23.71
N ASN UC 6 50.28 -51.15 23.11
CA ASN UC 6 50.47 -50.76 21.72
C ASN UC 6 51.58 -49.72 21.67
N ASN UC 7 52.18 -49.55 20.49
CA ASN UC 7 53.41 -48.80 20.36
C ASN UC 7 53.18 -47.29 20.27
N GLY UC 8 52.07 -46.80 20.80
CA GLY UC 8 51.68 -45.42 20.62
C GLY UC 8 50.90 -45.18 19.35
N ARG UC 9 50.66 -46.22 18.56
CA ARG UC 9 49.94 -46.10 17.31
C ARG UC 9 48.79 -47.09 17.32
N ALA UC 10 47.70 -46.71 16.67
CA ALA UC 10 46.51 -47.56 16.62
C ALA UC 10 46.55 -48.46 15.38
N LYS UC 11 47.61 -49.27 15.32
CA LYS UC 11 47.80 -50.24 14.24
C LYS UC 11 47.84 -51.63 14.86
N LYS UC 12 46.92 -52.48 14.46
CA LYS UC 12 46.91 -53.86 14.96
C LYS UC 12 46.78 -54.91 13.86
N GLY UC 13 46.00 -54.64 12.82
CA GLY UC 13 45.76 -55.67 11.82
C GLY UC 13 46.26 -55.35 10.44
N ARG UC 14 47.42 -54.70 10.35
CA ARG UC 14 47.98 -54.32 9.06
C ARG UC 14 49.50 -54.20 9.18
N GLY UC 15 50.15 -53.99 8.04
CA GLY UC 15 51.58 -53.82 8.02
C GLY UC 15 52.00 -52.37 7.88
N HIS UC 16 51.28 -51.61 7.05
CA HIS UC 16 51.62 -50.23 6.78
C HIS UC 16 50.35 -49.38 6.73
N VAL UC 17 50.47 -48.12 7.15
CA VAL UC 17 49.37 -47.17 7.16
C VAL UC 17 49.84 -45.91 6.46
N GLN UC 18 49.02 -45.39 5.56
CA GLN UC 18 49.40 -44.21 4.81
C GLN UC 18 49.58 -43.02 5.75
N PRO UC 19 50.58 -42.18 5.50
CA PRO UC 19 50.85 -41.05 6.40
C PRO UC 19 50.20 -39.75 5.97
N ILE UC 20 50.08 -38.85 6.95
CA ILE UC 20 49.57 -37.51 6.72
C ILE UC 20 50.51 -36.51 7.38
N ARG UC 21 50.33 -35.25 7.03
CA ARG UC 21 51.23 -34.18 7.46
C ARG UC 21 50.65 -33.50 8.69
N CYS UC 22 51.49 -33.33 9.71
CA CYS UC 22 51.08 -32.62 10.93
C CYS UC 22 50.71 -31.19 10.57
N THR UC 23 49.51 -30.78 10.98
CA THR UC 23 48.97 -29.49 10.56
C THR UC 23 49.67 -28.31 11.23
N ASN UC 24 50.56 -28.56 12.18
CA ASN UC 24 51.32 -27.48 12.80
C ASN UC 24 52.74 -27.37 12.25
N CYS UC 25 53.33 -28.46 11.78
CA CYS UC 25 54.70 -28.44 11.31
C CYS UC 25 54.94 -29.20 10.01
N ALA UC 26 53.89 -29.69 9.36
CA ALA UC 26 53.96 -30.33 8.04
C ALA UC 26 54.71 -31.65 8.05
N ARG UC 27 55.22 -32.11 9.19
CA ARG UC 27 55.91 -33.38 9.23
C ARG UC 27 54.93 -34.52 8.97
N CYS UC 28 55.35 -35.46 8.13
CA CYS UC 28 54.54 -36.62 7.82
C CYS UC 28 54.54 -37.57 9.01
N VAL UC 29 53.37 -38.09 9.34
CA VAL UC 29 53.22 -39.09 10.40
C VAL UC 29 52.14 -40.07 9.96
N PRO UC 30 52.20 -41.33 10.39
CA PRO UC 30 51.15 -42.28 10.02
C PRO UC 30 49.79 -41.82 10.54
N LYS UC 31 48.75 -42.17 9.80
CA LYS UC 31 47.40 -41.68 10.13
C LYS UC 31 46.97 -42.14 11.51
N ASP UC 32 47.22 -43.39 11.85
CA ASP UC 32 46.76 -43.93 13.12
C ASP UC 32 47.50 -43.34 14.32
N LYS UC 33 48.83 -43.27 14.25
CA LYS UC 33 49.60 -42.70 15.36
C LYS UC 33 49.30 -41.22 15.55
N ALA UC 34 48.89 -40.54 14.48
CA ALA UC 34 48.69 -39.10 14.54
C ALA UC 34 47.55 -38.74 15.49
N ILE UC 35 47.79 -37.74 16.33
CA ILE UC 35 46.77 -37.24 17.23
C ILE UC 35 45.81 -36.38 16.42
N LYS UC 36 44.51 -36.71 16.50
CA LYS UC 36 43.49 -36.06 15.69
C LYS UC 36 42.65 -35.11 16.54
N LYS UC 37 42.21 -34.03 15.91
CA LYS UC 37 41.26 -33.11 16.54
C LYS UC 37 40.24 -32.70 15.50
N PHE UC 38 38.98 -32.66 15.90
CA PHE UC 38 37.90 -32.23 15.01
C PHE UC 38 37.26 -30.99 15.61
N VAL UC 39 37.56 -29.83 15.03
CA VAL UC 39 37.10 -28.56 15.57
C VAL UC 39 35.76 -28.20 14.95
N ILE UC 40 34.76 -27.99 15.79
CA ILE UC 40 33.42 -27.61 15.35
C ILE UC 40 33.14 -26.19 15.85
N ARG UC 41 34.22 -25.43 16.08
CA ARG UC 41 34.08 -24.08 16.63
C ARG UC 41 33.30 -23.18 15.69
N ASN UC 42 32.55 -22.25 16.27
CA ASN UC 42 31.85 -21.25 15.49
C ASN UC 42 32.83 -20.34 14.78
N ILE UC 43 32.32 -19.58 13.82
CA ILE UC 43 33.18 -18.80 12.94
C ILE UC 43 33.13 -17.32 13.34
N VAL UC 44 32.36 -17.00 14.37
CA VAL UC 44 32.16 -15.61 14.72
C VAL UC 44 32.67 -15.34 16.13
N GLU UC 45 33.31 -16.33 16.75
CA GLU UC 45 33.74 -16.20 18.14
C GLU UC 45 32.54 -15.87 19.02
N ALA UC 46 31.66 -16.86 19.20
CA ALA UC 46 30.25 -16.73 19.51
C ALA UC 46 29.87 -15.51 20.35
N ALA UC 47 30.66 -15.19 21.37
CA ALA UC 47 30.30 -14.05 22.22
C ALA UC 47 30.63 -12.72 21.55
N ALA UC 48 30.86 -12.71 20.24
CA ALA UC 48 31.06 -11.48 19.47
C ALA UC 48 29.94 -11.28 18.46
N VAL UC 49 28.84 -12.00 18.63
CA VAL UC 49 27.87 -12.13 17.55
C VAL UC 49 26.85 -10.99 17.51
N ARG UC 50 26.55 -10.37 18.66
CA ARG UC 50 25.40 -9.47 18.74
C ARG UC 50 25.49 -8.33 17.73
N ASP UC 51 26.69 -7.85 17.42
CA ASP UC 51 26.83 -6.79 16.42
C ASP UC 51 26.38 -7.26 15.05
N ILE UC 52 26.76 -8.48 14.67
CA ILE UC 52 26.27 -9.05 13.42
C ILE UC 52 24.78 -9.31 13.50
N SER UC 53 24.30 -9.73 14.68
CA SER UC 53 22.87 -10.00 14.84
C SER UC 53 22.02 -8.76 14.55
N GLU UC 54 22.41 -7.60 15.10
CA GLU UC 54 21.64 -6.39 14.85
C GLU UC 54 21.87 -5.85 13.45
N ALA UC 55 22.99 -6.17 12.83
CA ALA UC 55 23.29 -5.73 11.48
C ALA UC 55 22.98 -6.79 10.43
N SER UC 56 22.35 -7.89 10.82
CA SER UC 56 22.06 -8.96 9.88
C SER UC 56 20.93 -8.58 8.92
N VAL UC 57 21.00 -9.12 7.70
CA VAL UC 57 19.86 -9.02 6.79
C VAL UC 57 18.69 -9.80 7.35
N PHE UC 58 18.95 -10.88 8.07
CA PHE UC 58 17.92 -11.77 8.54
C PHE UC 58 17.85 -11.71 10.07
N ASP UC 59 16.69 -12.06 10.61
CA ASP UC 59 16.52 -12.03 12.06
C ASP UC 59 16.79 -13.39 12.69
N ALA UC 60 16.15 -14.45 12.19
CA ALA UC 60 16.40 -15.79 12.69
C ALA UC 60 17.45 -16.50 11.81
N TYR UC 61 18.61 -15.86 11.70
CA TYR UC 61 19.70 -16.34 10.86
C TYR UC 61 20.59 -17.27 11.66
N VAL UC 62 20.59 -18.54 11.29
CA VAL UC 62 21.43 -19.54 11.94
C VAL UC 62 22.87 -19.30 11.52
N LEU UC 63 23.79 -19.57 12.43
CA LEU UC 63 25.19 -19.24 12.21
C LEU UC 63 25.93 -20.43 11.62
N PRO UC 64 26.53 -20.30 10.44
CA PRO UC 64 27.34 -21.39 9.91
C PRO UC 64 28.55 -21.64 10.79
N LYS UC 65 29.01 -22.89 10.78
CA LYS UC 65 30.10 -23.33 11.64
C LYS UC 65 31.34 -23.66 10.83
N LEU UC 66 32.49 -23.57 11.50
CA LEU UC 66 33.78 -23.93 10.93
C LEU UC 66 34.10 -25.37 11.29
N TYR UC 67 34.26 -26.21 10.29
CA TYR UC 67 34.54 -27.63 10.48
C TYR UC 67 35.92 -27.92 9.92
N VAL UC 68 36.90 -28.08 10.81
CA VAL UC 68 38.27 -28.39 10.43
C VAL UC 68 38.72 -29.60 11.21
N LYS UC 69 39.25 -30.60 10.50
CA LYS UC 69 39.86 -31.77 11.11
C LYS UC 69 41.37 -31.64 10.92
N LEU UC 70 42.09 -31.54 12.03
CA LEU UC 70 43.54 -31.31 11.99
C LEU UC 70 44.26 -32.40 12.75
N HIS UC 71 45.54 -32.57 12.44
CA HIS UC 71 46.36 -33.63 12.99
C HIS UC 71 47.70 -33.07 13.41
N TYR UC 72 48.32 -33.72 14.39
CA TYR UC 72 49.59 -33.28 14.93
C TYR UC 72 50.55 -34.45 15.05
N CYS UC 73 51.84 -34.15 14.98
CA CYS UC 73 52.83 -35.08 15.51
C CYS UC 73 52.88 -34.95 17.02
N VAL UC 74 53.37 -36.01 17.68
CA VAL UC 74 53.30 -36.06 19.13
C VAL UC 74 54.14 -34.96 19.76
N SER UC 75 55.28 -34.62 19.15
CA SER UC 75 56.08 -33.51 19.66
C SER UC 75 55.32 -32.20 19.55
N CYS UC 76 54.68 -31.96 18.41
CA CYS UC 76 53.86 -30.76 18.26
C CYS UC 76 52.67 -30.78 19.21
N ALA UC 77 52.09 -31.95 19.45
CA ALA UC 77 50.91 -32.03 20.30
C ALA UC 77 51.22 -31.52 21.70
N ILE UC 78 52.25 -32.06 22.34
CA ILE UC 78 52.59 -31.60 23.68
C ILE UC 78 53.02 -30.15 23.69
N HIS UC 79 53.77 -29.70 22.67
CA HIS UC 79 54.14 -28.29 22.62
C HIS UC 79 52.92 -27.40 22.48
N SER UC 80 51.82 -27.95 21.96
CA SER UC 80 50.55 -27.23 21.92
C SER UC 80 49.69 -27.48 23.14
N LYS UC 81 50.15 -28.31 24.09
CA LYS UC 81 49.46 -28.61 25.33
C LYS UC 81 48.12 -29.32 25.11
N VAL UC 82 47.84 -29.81 23.91
CA VAL UC 82 46.59 -30.53 23.70
C VAL UC 82 46.60 -31.83 24.50
N VAL UC 83 47.74 -32.51 24.56
CA VAL UC 83 47.90 -33.71 25.35
C VAL UC 83 48.86 -33.40 26.50
N ARG UC 84 48.91 -34.29 27.48
CA ARG UC 84 49.74 -34.07 28.65
C ARG UC 84 50.34 -35.38 29.14
N ASN UC 85 51.51 -35.26 29.75
CA ASN UC 85 52.19 -36.42 30.32
C ASN UC 85 51.43 -36.95 31.52
N ARG UC 86 51.20 -38.27 31.52
CA ARG UC 86 50.44 -38.92 32.56
C ARG UC 86 51.31 -39.95 33.25
N SER UC 87 50.92 -40.31 34.47
CA SER UC 87 51.62 -41.38 35.17
C SER UC 87 51.36 -42.71 34.48
N ARG UC 88 52.10 -43.73 34.92
CA ARG UC 88 52.02 -45.04 34.28
C ARG UC 88 50.59 -45.58 34.32
N GLU UC 89 49.91 -45.44 35.45
CA GLU UC 89 48.54 -45.90 35.55
C GLU UC 89 47.60 -44.99 34.78
N ALA UC 90 47.78 -43.67 34.93
CA ALA UC 90 46.98 -42.72 34.17
C ALA UC 90 47.23 -42.84 32.67
N ARG UC 91 48.38 -43.38 32.27
CA ARG UC 91 48.65 -43.58 30.85
C ARG UC 91 47.67 -44.58 30.26
N LYS UC 92 47.38 -45.67 30.98
CA LYS UC 92 46.53 -46.72 30.45
C LYS UC 92 45.06 -46.38 30.58
N ASP UC 93 44.65 -45.20 30.08
CA ASP UC 93 43.25 -44.82 30.07
C ASP UC 93 42.99 -44.04 28.80
N ARG UC 94 41.90 -44.42 28.10
CA ARG UC 94 41.57 -43.84 26.81
C ARG UC 94 40.32 -42.97 26.85
N THR UC 95 39.73 -42.76 28.03
CA THR UC 95 38.49 -41.99 28.12
C THR UC 95 38.74 -40.55 27.67
N PRO UC 96 37.93 -40.01 26.75
CA PRO UC 96 38.12 -38.63 26.33
C PRO UC 96 37.87 -37.67 27.51
N PRO UC 97 38.59 -36.56 27.56
CA PRO UC 97 38.37 -35.61 28.63
C PRO UC 97 36.85 -35.07 28.55
N PRO UC 98 36.25 -34.93 29.70
CA PRO UC 98 34.87 -34.42 29.71
C PRO UC 98 34.65 -33.17 28.89
N ARG UC 99 33.48 -33.13 28.24
CA ARG UC 99 33.11 -32.00 27.41
C ARG UC 99 32.78 -30.76 28.23
N PHE UC 100 32.69 -30.90 29.55
CA PHE UC 100 32.29 -29.84 30.48
C PHE UC 100 31.01 -29.15 30.00
N ARG UC 101 29.93 -29.93 29.98
CA ARG UC 101 28.65 -29.43 29.48
C ARG UC 101 28.10 -28.26 30.28
N PRO UC 102 28.09 -28.26 31.63
CA PRO UC 102 27.64 -27.06 32.32
C PRO UC 102 28.69 -25.96 32.36
N GLU VC 1 55.41 -61.45 82.46
CA GLU VC 1 55.73 -60.14 81.88
C GLU VC 1 55.09 -60.02 80.50
N TRP VC 2 54.88 -61.15 79.84
CA TRP VC 2 54.24 -61.16 78.53
C TRP VC 2 52.74 -61.16 78.69
N MET VC 3 52.11 -60.00 78.49
CA MET VC 3 50.66 -59.93 78.35
C MET VC 3 50.33 -60.13 76.88
N PRO VC 4 49.65 -61.20 76.51
CA PRO VC 4 49.29 -61.40 75.10
C PRO VC 4 48.01 -60.67 74.73
N VAL VC 5 48.02 -60.09 73.54
CA VAL VC 5 46.82 -59.54 72.92
C VAL VC 5 46.59 -60.34 71.66
N THR VC 6 45.90 -61.48 71.81
CA THR VC 6 45.40 -62.32 70.72
C THR VC 6 44.60 -63.43 71.37
N LYS VC 7 43.49 -63.84 70.76
CA LYS VC 7 42.82 -65.04 71.25
C LYS VC 7 43.77 -66.22 71.25
N LEU VC 8 44.51 -66.38 70.16
CA LEU VC 8 45.59 -67.36 70.11
C LEU VC 8 46.61 -67.11 71.22
N GLY VC 9 47.07 -65.86 71.33
CA GLY VC 9 48.08 -65.55 72.33
C GLY VC 9 47.59 -65.83 73.74
N ARG VC 10 46.30 -65.58 73.98
CA ARG VC 10 45.72 -65.88 75.28
C ARG VC 10 45.72 -67.37 75.56
N LEU VC 11 45.40 -68.19 74.54
CA LEU VC 11 45.23 -69.62 74.76
C LEU VC 11 46.52 -70.27 75.23
N VAL VC 12 47.65 -69.95 74.60
CA VAL VC 12 48.91 -70.58 74.96
C VAL VC 12 49.38 -70.11 76.33
N LYS VC 13 49.10 -68.86 76.67
CA LYS VC 13 49.69 -68.26 77.87
C LYS VC 13 49.34 -69.05 79.12
N ASP VC 14 48.08 -69.46 79.25
CA ASP VC 14 47.63 -70.23 80.41
C ASP VC 14 47.49 -71.71 80.09
N MET VC 15 48.33 -72.22 79.19
CA MET VC 15 48.52 -73.66 78.99
C MET VC 15 47.21 -74.38 78.64
N LYS VC 16 46.44 -73.83 77.70
CA LYS VC 16 45.34 -74.59 77.15
C LYS VC 16 45.75 -75.43 75.95
N ILE VC 17 46.79 -75.04 75.22
CA ILE VC 17 47.17 -75.70 73.98
C ILE VC 17 48.65 -76.01 74.00
N LYS VC 18 48.97 -77.29 73.91
CA LYS VC 18 50.33 -77.77 73.66
C LYS VC 18 50.37 -78.23 72.20
N SER VC 19 51.51 -78.80 71.79
CA SER VC 19 51.67 -79.33 70.43
C SER VC 19 51.49 -78.23 69.38
N LEU VC 20 52.50 -77.34 69.36
CA LEU VC 20 52.62 -76.35 68.29
C LEU VC 20 52.41 -76.98 66.91
N GLU VC 21 52.62 -78.29 66.79
CA GLU VC 21 52.25 -78.98 65.56
C GLU VC 21 50.77 -78.84 65.26
N GLU VC 22 49.93 -78.71 66.29
CA GLU VC 22 48.50 -78.62 66.07
C GLU VC 22 48.08 -77.28 65.48
N ILE VC 23 48.62 -76.16 65.98
CA ILE VC 23 48.31 -74.88 65.36
C ILE VC 23 48.76 -74.89 63.90
N TYR VC 24 49.90 -75.53 63.61
CA TYR VC 24 50.29 -75.73 62.23
C TYR VC 24 49.22 -76.50 61.46
N LEU VC 25 48.56 -77.45 62.13
CA LEU VC 25 47.52 -78.21 61.46
C LEU VC 25 46.36 -77.31 61.06
N PHE VC 26 46.00 -76.35 61.92
CA PHE VC 26 44.94 -75.42 61.60
C PHE VC 26 45.43 -74.16 60.89
N SER VC 27 46.75 -73.98 60.77
CA SER VC 27 47.34 -72.89 59.98
C SER VC 27 46.87 -71.53 60.47
N LEU VC 28 47.10 -71.25 61.75
CA LEU VC 28 46.71 -69.98 62.31
C LEU VC 28 47.81 -68.94 62.10
N PRO VC 29 47.45 -67.65 62.00
CA PRO VC 29 48.47 -66.60 61.88
C PRO VC 29 49.11 -66.29 63.23
N ILE VC 30 50.37 -66.67 63.38
CA ILE VC 30 51.10 -66.42 64.61
C ILE VC 30 51.63 -64.99 64.57
N LYS VC 31 50.98 -64.11 65.32
CA LYS VC 31 51.29 -62.68 65.26
C LYS VC 31 52.22 -62.20 66.35
N GLU VC 32 52.66 -63.06 67.27
CA GLU VC 32 53.46 -62.66 68.42
C GLU VC 32 54.61 -63.63 68.58
N SER VC 33 55.68 -63.21 69.26
CA SER VC 33 56.89 -64.02 69.34
C SER VC 33 56.87 -64.99 70.53
N GLU VC 34 56.17 -64.66 71.61
CA GLU VC 34 56.34 -65.38 72.87
C GLU VC 34 55.73 -66.77 72.88
N ILE VC 35 54.83 -67.08 71.93
CA ILE VC 35 54.22 -68.41 71.90
C ILE VC 35 55.27 -69.48 71.70
N ILE VC 36 56.14 -69.31 70.69
CA ILE VC 36 57.19 -70.30 70.48
C ILE VC 36 58.21 -70.24 71.61
N ASP VC 37 58.39 -69.08 72.23
CA ASP VC 37 59.19 -69.01 73.44
C ASP VC 37 58.58 -69.86 74.54
N PHE VC 38 57.25 -69.83 74.66
CA PHE VC 38 56.57 -70.76 75.56
C PHE VC 38 56.72 -72.20 75.09
N PHE VC 39 56.89 -72.40 73.78
CA PHE VC 39 56.93 -73.74 73.21
C PHE VC 39 58.36 -74.27 73.07
N LEU VC 40 59.20 -73.56 72.31
CA LEU VC 40 60.52 -74.05 71.97
C LEU VC 40 61.63 -73.21 72.60
N GLY VC 41 61.32 -72.46 73.65
CA GLY VC 41 62.35 -71.73 74.36
C GLY VC 41 63.38 -72.65 74.97
N ALA VC 42 64.59 -72.12 75.11
CA ALA VC 42 65.76 -72.85 75.61
C ALA VC 42 66.08 -74.09 74.77
N SER VC 43 65.55 -74.17 73.55
CA SER VC 43 65.85 -75.28 72.66
C SER VC 43 66.06 -74.81 71.22
N LEU VC 44 66.08 -73.51 70.99
CA LEU VC 44 66.10 -72.93 69.64
C LEU VC 44 67.37 -72.10 69.50
N LYS VC 45 68.20 -72.45 68.52
CA LYS VC 45 69.44 -71.72 68.29
C LYS VC 45 69.21 -70.59 67.30
N ASP VC 46 70.02 -69.54 67.44
CA ASP VC 46 69.91 -68.35 66.59
C ASP VC 46 71.30 -67.91 66.19
N GLU VC 47 71.44 -67.48 64.94
CA GLU VC 47 72.69 -66.92 64.45
C GLU VC 47 72.37 -65.96 63.32
N VAL VC 48 73.32 -65.06 63.06
CA VAL VC 48 73.16 -64.02 62.05
C VAL VC 48 73.85 -64.48 60.77
N LEU VC 49 73.07 -64.65 59.71
CA LEU VC 49 73.66 -65.04 58.44
C LEU VC 49 74.52 -63.91 57.86
N LYS VC 50 74.01 -62.68 57.90
CA LYS VC 50 74.73 -61.54 57.34
C LYS VC 50 74.01 -60.27 57.74
N ILE VC 51 74.77 -59.21 57.95
CA ILE VC 51 74.24 -57.85 58.05
C ILE VC 51 74.80 -57.06 56.87
N MET VC 52 73.96 -56.83 55.86
CA MET VC 52 74.37 -56.09 54.68
C MET VC 52 73.95 -54.64 54.82
N PRO VC 53 74.86 -53.69 54.67
CA PRO VC 53 74.55 -52.26 54.92
C PRO VC 53 73.87 -51.57 53.74
N VAL VC 54 72.57 -51.75 53.64
CA VAL VC 54 71.78 -51.11 52.60
C VAL VC 54 71.74 -49.61 52.85
N GLN VC 55 71.52 -48.84 51.79
CA GLN VC 55 71.37 -47.39 51.92
C GLN VC 55 70.51 -46.87 50.78
N LYS VC 56 69.91 -45.70 51.03
CA LYS VC 56 69.05 -45.03 50.06
C LYS VC 56 69.52 -43.60 49.90
N GLN VC 57 69.52 -43.12 48.65
CA GLN VC 57 70.02 -41.79 48.36
C GLN VC 57 68.96 -40.74 48.65
N THR VC 58 69.37 -39.69 49.36
CA THR VC 58 68.51 -38.59 49.75
C THR VC 58 69.06 -37.28 49.19
N ARG VC 59 68.37 -36.17 49.48
CA ARG VC 59 68.80 -34.87 48.98
C ARG VC 59 70.24 -34.57 49.38
N ALA VC 60 70.60 -34.87 50.62
CA ALA VC 60 71.95 -34.62 51.13
C ALA VC 60 72.58 -35.96 51.47
N GLY VC 61 73.40 -36.48 50.56
CA GLY VC 61 74.06 -37.74 50.81
C GLY VC 61 73.12 -38.92 50.72
N GLN VC 62 73.56 -40.02 51.33
CA GLN VC 62 72.83 -41.29 51.33
C GLN VC 62 72.64 -41.74 52.77
N ARG VC 63 71.40 -41.76 53.22
CA ARG VC 63 71.10 -42.37 54.52
C ARG VC 63 71.24 -43.87 54.40
N THR VC 64 71.83 -44.49 55.43
CA THR VC 64 72.24 -45.88 55.39
C THR VC 64 71.52 -46.67 56.46
N ARG VC 65 71.02 -47.85 56.10
CA ARG VC 65 70.38 -48.76 57.02
C ARG VC 65 71.13 -50.08 57.06
N PHE VC 66 70.55 -51.07 57.75
CA PHE VC 66 71.17 -52.38 57.88
C PHE VC 66 70.09 -53.45 57.77
N LYS VC 67 70.35 -54.48 56.98
CA LYS VC 67 69.44 -55.61 56.83
C LYS VC 67 70.12 -56.85 57.40
N ALA VC 68 69.59 -57.35 58.52
CA ALA VC 68 70.16 -58.47 59.24
C ALA VC 68 69.41 -59.74 58.86
N PHE VC 69 70.14 -60.73 58.37
CA PHE VC 69 69.58 -62.04 58.05
C PHE VC 69 69.94 -62.98 59.19
N VAL VC 70 68.94 -63.40 59.96
CA VAL VC 70 69.16 -64.28 61.09
C VAL VC 70 68.46 -65.61 60.82
N ALA VC 71 69.07 -66.67 61.33
CA ALA VC 71 68.56 -68.03 61.14
C ALA VC 71 68.31 -68.64 62.51
N ILE VC 72 67.04 -69.00 62.77
CA ILE VC 72 66.64 -69.57 64.06
C ILE VC 72 65.83 -70.84 63.81
N GLY VC 73 65.79 -71.69 64.82
CA GLY VC 73 65.06 -72.93 64.73
C GLY VC 73 65.76 -74.09 65.41
N ASP VC 74 65.01 -74.97 66.04
CA ASP VC 74 65.59 -76.12 66.69
C ASP VC 74 66.09 -77.13 65.64
N TYR VC 75 66.99 -78.01 66.09
CA TYR VC 75 67.58 -79.03 65.22
C TYR VC 75 66.71 -80.28 65.16
N ASN VC 76 65.42 -80.14 65.48
CA ASN VC 76 64.52 -81.27 65.48
C ASN VC 76 63.54 -81.26 64.30
N GLY VC 77 63.40 -80.13 63.61
CA GLY VC 77 62.44 -80.04 62.54
C GLY VC 77 61.67 -78.74 62.49
N HIS VC 78 62.06 -77.77 63.32
CA HIS VC 78 61.47 -76.44 63.31
C HIS VC 78 62.55 -75.43 62.96
N VAL VC 79 62.23 -74.50 62.07
CA VAL VC 79 63.21 -73.58 61.51
C VAL VC 79 62.54 -72.23 61.28
N GLY VC 80 63.36 -71.18 61.36
CA GLY VC 80 62.87 -69.83 61.08
C GLY VC 80 63.91 -68.88 60.54
N LEU VC 81 63.50 -68.00 59.64
CA LEU VC 81 64.38 -67.02 59.01
C LEU VC 81 63.67 -65.68 58.94
N GLY VC 82 64.40 -64.62 59.25
CA GLY VC 82 63.81 -63.29 59.28
C GLY VC 82 64.76 -62.24 58.74
N VAL VC 83 64.17 -61.28 58.03
CA VAL VC 83 64.90 -60.16 57.45
C VAL VC 83 64.31 -58.87 58.01
N LYS VC 84 65.17 -57.98 58.49
CA LYS VC 84 64.73 -56.74 59.10
C LYS VC 84 65.69 -55.61 58.72
N CYS VC 85 65.14 -54.44 58.43
CA CYS VC 85 65.93 -53.28 58.05
C CYS VC 85 65.70 -52.18 59.07
N SER VC 86 66.79 -51.63 59.58
CA SER VC 86 66.71 -50.56 60.59
C SER VC 86 68.00 -49.74 60.52
N LYS VC 87 68.00 -48.62 61.23
CA LYS VC 87 69.12 -47.69 61.14
C LYS VC 87 70.41 -48.30 61.69
N GLU VC 88 70.36 -48.84 62.91
CA GLU VC 88 71.53 -49.42 63.54
C GLU VC 88 71.48 -50.94 63.48
N VAL VC 89 72.67 -51.54 63.60
CA VAL VC 89 72.78 -52.99 63.48
C VAL VC 89 72.05 -53.68 64.61
N ALA VC 90 72.15 -53.13 65.83
CA ALA VC 90 71.62 -53.82 67.01
C ALA VC 90 70.14 -54.13 66.87
N THR VC 91 69.32 -53.13 66.54
CA THR VC 91 67.89 -53.36 66.41
C THR VC 91 67.57 -54.28 65.25
N ALA VC 92 68.38 -54.21 64.18
CA ALA VC 92 68.14 -55.07 63.01
C ALA VC 92 68.23 -56.53 63.40
N ILE VC 93 69.22 -56.89 64.22
CA ILE VC 93 69.32 -58.27 64.68
C ILE VC 93 68.10 -58.65 65.50
N ARG VC 94 67.68 -57.78 66.42
CA ARG VC 94 66.50 -58.07 67.21
C ARG VC 94 65.25 -58.15 66.34
N GLY VC 95 65.10 -57.22 65.40
CA GLY VC 95 63.93 -57.23 64.55
C GLY VC 95 63.83 -58.49 63.71
N ALA VC 96 64.94 -58.92 63.12
CA ALA VC 96 64.93 -60.15 62.34
C ALA VC 96 64.73 -61.36 63.21
N ILE VC 97 65.29 -61.35 64.43
CA ILE VC 97 65.08 -62.45 65.36
C ILE VC 97 63.61 -62.60 65.66
N ILE VC 98 62.93 -61.49 65.92
CA ILE VC 98 61.48 -61.52 66.15
C ILE VC 98 60.77 -61.99 64.89
N LEU VC 99 61.15 -61.46 63.74
CA LEU VC 99 60.52 -61.87 62.49
C LEU VC 99 60.78 -63.34 62.18
N ALA VC 100 62.02 -63.79 62.37
CA ALA VC 100 62.30 -65.21 62.27
C ALA VC 100 61.50 -66.01 63.28
N LYS VC 101 61.34 -65.45 64.49
CA LYS VC 101 60.45 -66.08 65.46
C LYS VC 101 59.03 -66.14 64.93
N LEU VC 102 58.58 -65.07 64.27
CA LEU VC 102 57.24 -65.08 63.68
C LEU VC 102 57.12 -66.15 62.61
N SER VC 103 58.14 -66.29 61.77
CA SER VC 103 58.09 -67.23 60.65
C SER VC 103 58.81 -68.52 61.04
N ILE VC 104 58.03 -69.45 61.59
CA ILE VC 104 58.54 -70.78 61.94
C ILE VC 104 57.65 -71.80 61.24
N VAL VC 105 58.26 -72.77 60.58
CA VAL VC 105 57.51 -73.77 59.82
C VAL VC 105 58.07 -75.15 60.15
N PRO VC 106 57.24 -76.18 60.22
CA PRO VC 106 57.77 -77.54 60.46
C PRO VC 106 58.52 -78.06 59.25
N VAL VC 107 59.45 -78.98 59.53
CA VAL VC 107 60.22 -79.66 58.50
C VAL VC 107 59.81 -81.12 58.47
N ARG VC 108 59.30 -81.57 57.33
CA ARG VC 108 58.97 -82.97 57.13
C ARG VC 108 60.22 -83.74 56.75
N ARG VC 109 60.66 -84.63 57.63
CA ARG VC 109 61.82 -85.46 57.36
C ARG VC 109 61.36 -86.81 56.80
N GLY VC 110 61.94 -87.21 55.68
CA GLY VC 110 61.59 -88.47 55.05
C GLY VC 110 62.72 -89.47 55.08
N TYR VC 111 62.69 -90.43 54.17
CA TYR VC 111 63.69 -91.48 54.10
C TYR VC 111 64.19 -91.64 52.68
N TRP VC 112 65.50 -91.88 52.54
CA TRP VC 112 66.07 -92.13 51.23
C TRP VC 112 65.69 -93.50 50.69
N GLY VC 113 65.30 -94.41 51.56
CA GLY VC 113 64.98 -95.78 51.19
C GLY VC 113 65.23 -96.71 52.35
N ASN VC 114 64.38 -97.74 52.46
CA ASN VC 114 64.44 -98.73 53.53
C ASN VC 114 64.34 -98.05 54.91
N LYS VC 115 63.19 -97.42 55.11
CA LYS VC 115 62.91 -96.66 56.32
C LYS VC 115 62.89 -97.56 57.56
N ILE VC 116 63.91 -97.45 58.41
CA ILE VC 116 64.05 -98.29 59.59
C ILE VC 116 64.02 -97.47 60.87
N GLY VC 117 64.94 -96.51 61.01
CA GLY VC 117 65.02 -95.68 62.19
C GLY VC 117 64.27 -94.37 62.05
N LYS VC 118 64.82 -93.33 62.68
CA LYS VC 118 64.26 -92.00 62.54
C LYS VC 118 64.50 -91.48 61.12
N PRO VC 119 63.67 -90.56 60.65
CA PRO VC 119 63.89 -90.00 59.31
C PRO VC 119 65.13 -89.12 59.28
N HIS VC 120 65.70 -89.00 58.09
CA HIS VC 120 67.01 -88.36 57.96
C HIS VC 120 67.12 -87.39 56.79
N THR VC 121 66.11 -87.25 55.95
CA THR VC 121 66.26 -86.48 54.72
C THR VC 121 64.90 -85.91 54.31
N VAL VC 122 64.91 -85.19 53.19
CA VAL VC 122 63.67 -84.62 52.66
C VAL VC 122 62.78 -85.75 52.14
N PRO VC 123 61.46 -85.61 52.18
CA PRO VC 123 60.59 -86.67 51.65
C PRO VC 123 60.80 -86.96 50.19
N CYS VC 124 61.10 -85.94 49.37
CA CYS VC 124 61.34 -86.11 47.96
C CYS VC 124 61.95 -84.82 47.44
N LYS VC 125 62.31 -84.81 46.16
CA LYS VC 125 62.98 -83.66 45.58
C LYS VC 125 62.02 -82.48 45.56
N VAL VC 126 62.28 -81.50 46.43
CA VAL VC 126 61.51 -80.27 46.49
C VAL VC 126 62.43 -79.12 46.09
N THR VC 127 61.83 -78.07 45.53
CA THR VC 127 62.59 -76.95 45.00
C THR VC 127 62.11 -75.65 45.63
N GLY VC 128 62.96 -74.63 45.54
CA GLY VC 128 62.63 -73.32 46.05
C GLY VC 128 63.09 -72.22 45.11
N ARG VC 129 62.30 -71.15 44.99
CA ARG VC 129 62.57 -70.08 44.06
C ARG VC 129 62.47 -68.74 44.75
N CYS VC 130 63.51 -67.92 44.61
CA CYS VC 130 63.49 -66.55 45.12
C CYS VC 130 64.36 -65.69 44.23
N GLY VC 131 63.80 -64.59 43.74
CA GLY VC 131 64.50 -63.81 42.74
C GLY VC 131 64.74 -64.68 41.54
N SER VC 132 66.01 -64.81 41.15
CA SER VC 132 66.40 -65.81 40.17
C SER VC 132 67.04 -67.03 40.81
N VAL VC 133 67.04 -67.12 42.14
CA VAL VC 133 67.69 -68.24 42.81
C VAL VC 133 66.74 -69.42 42.84
N LEU VC 134 67.22 -70.58 42.41
CA LEU VC 134 66.44 -71.82 42.40
C LEU VC 134 67.22 -72.84 43.20
N VAL VC 135 66.68 -73.23 44.35
CA VAL VC 135 67.32 -74.20 45.24
C VAL VC 135 66.49 -75.47 45.23
N ARG VC 136 67.12 -76.58 44.84
CA ARG VC 136 66.48 -77.89 44.82
C ARG VC 136 67.21 -78.80 45.80
N LEU VC 137 66.44 -79.59 46.54
CA LEU VC 137 66.98 -80.52 47.52
C LEU VC 137 66.64 -81.95 47.11
N ILE VC 138 67.63 -82.82 47.13
CA ILE VC 138 67.48 -84.20 46.68
C ILE VC 138 67.59 -85.13 47.90
N PRO VC 139 66.70 -86.11 48.04
CA PRO VC 139 66.87 -87.09 49.12
C PRO VC 139 68.19 -87.83 48.97
N ALA VC 140 68.85 -88.05 50.10
CA ALA VC 140 70.21 -88.56 50.13
C ALA VC 140 70.28 -89.74 51.08
N PRO VC 141 71.16 -90.70 50.81
CA PRO VC 141 71.30 -91.86 51.71
C PRO VC 141 71.81 -91.43 53.07
N ARG VC 142 71.56 -92.30 54.04
CA ARG VC 142 71.92 -92.00 55.43
C ARG VC 142 73.41 -91.76 55.56
N GLY VC 143 73.77 -90.83 56.43
CA GLY VC 143 75.16 -90.61 56.78
C GLY VC 143 75.99 -89.87 55.75
N THR VC 144 75.37 -89.30 54.73
CA THR VC 144 76.11 -88.53 53.74
C THR VC 144 76.32 -87.08 54.14
N GLY VC 145 75.76 -86.66 55.28
CA GLY VC 145 75.87 -85.28 55.67
C GLY VC 145 75.05 -84.38 54.76
N ILE VC 146 75.39 -83.10 54.79
CA ILE VC 146 74.75 -82.11 53.94
C ILE VC 146 75.78 -81.63 52.92
N VAL VC 147 75.46 -81.81 51.65
CA VAL VC 147 76.28 -81.28 50.55
C VAL VC 147 75.54 -80.08 49.98
N SER VC 148 76.11 -78.90 50.18
CA SER VC 148 75.44 -77.66 49.81
C SER VC 148 76.46 -76.54 49.85
N ALA VC 149 76.05 -75.36 49.42
CA ALA VC 149 76.82 -74.17 49.71
C ALA VC 149 76.76 -73.90 51.21
N PRO VC 150 77.76 -73.21 51.76
CA PRO VC 150 77.76 -72.98 53.21
C PRO VC 150 76.51 -72.29 53.72
N VAL VC 151 75.98 -71.31 52.99
CA VAL VC 151 74.82 -70.56 53.47
C VAL VC 151 73.59 -71.47 53.55
N PRO VC 152 73.23 -72.24 52.52
CA PRO VC 152 72.13 -73.19 52.72
C PRO VC 152 72.48 -74.35 53.64
N LYS VC 153 73.77 -74.68 53.77
CA LYS VC 153 74.16 -75.78 54.67
C LYS VC 153 73.80 -75.43 56.10
N LYS VC 154 74.01 -74.17 56.50
CA LYS VC 154 73.63 -73.74 57.84
C LYS VC 154 72.15 -73.95 58.09
N LEU VC 155 71.31 -73.64 57.11
CA LEU VC 155 69.88 -73.84 57.26
C LEU VC 155 69.52 -75.31 57.40
N LEU VC 156 70.16 -76.17 56.60
CA LEU VC 156 69.77 -77.58 56.58
C LEU VC 156 70.09 -78.31 57.87
N MET VC 157 71.29 -78.12 58.42
CA MET VC 157 71.60 -78.72 59.71
C MET VC 157 70.62 -78.22 60.76
N MET VC 158 70.49 -76.90 60.85
CA MET VC 158 69.58 -76.23 61.75
C MET VC 158 68.12 -76.62 61.52
N ALA VC 159 67.77 -77.05 60.30
CA ALA VC 159 66.45 -77.58 60.04
C ALA VC 159 66.23 -78.96 60.63
N GLY VC 160 67.29 -79.58 61.13
CA GLY VC 160 67.21 -80.93 61.62
C GLY VC 160 67.45 -82.01 60.59
N ILE VC 161 67.61 -81.64 59.33
CA ILE VC 161 67.88 -82.62 58.28
C ILE VC 161 69.26 -83.21 58.50
N ASP VC 162 69.37 -84.53 58.39
CA ASP VC 162 70.67 -85.18 58.56
C ASP VC 162 71.40 -85.34 57.24
N ASP VC 163 70.69 -85.67 56.17
CA ASP VC 163 71.30 -85.94 54.87
C ASP VC 163 70.46 -85.33 53.77
N CYS VC 164 71.14 -84.76 52.77
CA CYS VC 164 70.44 -84.14 51.65
C CYS VC 164 71.43 -83.81 50.54
N TYR VC 165 70.96 -83.89 49.30
CA TYR VC 165 71.70 -83.40 48.14
C TYR VC 165 71.04 -82.13 47.64
N THR VC 166 71.86 -81.20 47.15
CA THR VC 166 71.39 -79.84 46.84
C THR VC 166 71.81 -79.43 45.45
N SER VC 167 70.95 -78.67 44.77
CA SER VC 167 71.27 -78.02 43.52
C SER VC 167 70.77 -76.59 43.56
N ALA VC 168 71.63 -75.64 43.20
CA ALA VC 168 71.29 -74.22 43.23
C ALA VC 168 71.66 -73.57 41.90
N ARG VC 169 70.67 -72.95 41.27
CA ARG VC 169 70.84 -72.32 39.97
C ARG VC 169 70.43 -70.86 40.08
N GLY VC 170 71.18 -69.98 39.45
CA GLY VC 170 70.88 -68.56 39.43
C GLY VC 170 71.92 -67.76 40.18
N CYS VC 171 71.54 -66.54 40.56
CA CYS VC 171 72.44 -65.62 41.24
C CYS VC 171 72.62 -66.09 42.67
N THR VC 172 73.50 -67.07 42.85
CA THR VC 172 73.76 -67.64 44.16
C THR VC 172 74.55 -66.69 45.07
N ALA VC 173 75.08 -65.59 44.54
CA ALA VC 173 75.74 -64.58 45.33
C ALA VC 173 74.78 -63.54 45.88
N THR VC 174 73.51 -63.93 46.07
CA THR VC 174 72.44 -63.03 46.43
C THR VC 174 71.77 -63.52 47.71
N LEU VC 175 72.61 -63.74 48.74
CA LEU VC 175 72.28 -64.44 49.97
C LEU VC 175 70.84 -64.24 50.43
N GLY VC 176 70.38 -62.98 50.41
CA GLY VC 176 69.02 -62.71 50.86
C GLY VC 176 67.99 -63.51 50.09
N ASN VC 177 68.11 -63.52 48.76
CA ASN VC 177 67.27 -64.41 47.98
C ASN VC 177 67.69 -65.86 48.16
N PHE VC 178 69.00 -66.11 48.23
CA PHE VC 178 69.50 -67.47 48.38
C PHE VC 178 68.98 -68.12 49.66
N ALA VC 179 69.12 -67.41 50.79
CA ALA VC 179 68.59 -67.93 52.04
C ALA VC 179 67.08 -68.10 51.94
N LYS VC 180 66.39 -67.13 51.35
CA LYS VC 180 64.95 -67.23 51.19
C LYS VC 180 64.57 -68.34 50.23
N ALA VC 181 65.32 -68.53 49.14
CA ALA VC 181 64.97 -69.54 48.16
C ALA VC 181 64.99 -70.94 48.78
N THR VC 182 66.07 -71.28 49.46
CA THR VC 182 66.13 -72.58 50.10
C THR VC 182 65.10 -72.68 51.22
N PHE VC 183 64.98 -71.63 52.04
CA PHE VC 183 63.98 -71.64 53.12
C PHE VC 183 62.59 -71.85 52.58
N ASP VC 184 62.29 -71.32 51.39
CA ASP VC 184 61.03 -71.62 50.74
C ASP VC 184 60.90 -73.11 50.46
N ALA VC 185 62.00 -73.75 50.05
CA ALA VC 185 61.95 -75.16 49.70
C ALA VC 185 61.62 -76.02 50.92
N ILE VC 186 62.27 -75.77 52.06
CA ILE VC 186 62.01 -76.58 53.24
C ILE VC 186 60.59 -76.36 53.73
N SER VC 187 60.10 -75.12 53.65
CA SER VC 187 58.75 -74.83 54.12
C SER VC 187 57.72 -75.65 53.35
N LYS VC 188 57.88 -75.76 52.05
CA LYS VC 188 56.90 -76.45 51.21
C LYS VC 188 57.09 -77.96 51.21
N THR VC 189 57.93 -78.50 52.10
CA THR VC 189 58.05 -79.95 52.21
C THR VC 189 56.72 -80.57 52.61
N TYR VC 190 55.95 -79.87 53.45
CA TYR VC 190 54.64 -80.35 53.86
C TYR VC 190 53.58 -80.15 52.80
N SER VC 191 53.85 -79.35 51.77
CA SER VC 191 52.90 -79.12 50.69
C SER VC 191 53.09 -80.09 49.54
N TYR VC 192 53.66 -81.26 49.82
CA TYR VC 192 53.85 -82.29 48.82
C TYR VC 192 53.00 -83.50 49.19
N LEU VC 193 52.21 -83.98 48.23
CA LEU VC 193 51.33 -85.11 48.48
C LEU VC 193 52.10 -86.40 48.21
N THR VC 194 52.10 -87.30 49.18
CA THR VC 194 52.84 -88.55 49.11
C THR VC 194 51.94 -89.69 49.51
N PRO VC 195 52.25 -90.91 49.07
CA PRO VC 195 51.36 -92.05 49.37
C PRO VC 195 51.10 -92.27 50.83
N ASP VC 196 52.05 -91.96 51.71
CA ASP VC 196 51.80 -92.03 53.14
C ASP VC 196 50.68 -91.11 53.59
N LEU VC 197 50.34 -90.11 52.79
CA LEU VC 197 49.26 -89.18 53.09
C LEU VC 197 47.96 -89.51 52.40
N TRP VC 198 47.88 -90.65 51.69
CA TRP VC 198 46.65 -90.95 50.95
C TRP VC 198 45.44 -91.03 51.86
N LYS VC 199 45.64 -91.40 53.12
CA LYS VC 199 44.53 -91.59 54.04
C LYS VC 199 43.73 -90.30 54.19
N GLU VC 200 42.41 -90.45 54.23
CA GLU VC 200 41.53 -89.31 54.36
C GLU VC 200 41.74 -88.65 55.72
N THR VC 201 41.73 -87.32 55.71
CA THR VC 201 41.97 -86.56 56.93
C THR VC 201 40.76 -86.71 57.85
N VAL VC 202 41.02 -86.76 59.15
CA VAL VC 202 39.96 -86.68 60.13
C VAL VC 202 40.04 -85.32 60.82
N PHE VC 203 38.99 -84.54 60.70
CA PHE VC 203 38.97 -83.20 61.27
C PHE VC 203 38.94 -83.30 62.79
N THR VC 204 39.40 -82.24 63.44
CA THR VC 204 39.36 -82.13 64.89
C THR VC 204 38.77 -80.78 65.27
N LYS VC 205 38.32 -80.69 66.52
CA LYS VC 205 37.74 -79.46 67.02
C LYS VC 205 38.77 -78.34 66.92
N SER VC 206 38.34 -77.20 66.36
CA SER VC 206 39.24 -76.07 66.23
C SER VC 206 39.65 -75.57 67.60
N PRO VC 207 40.91 -75.14 67.75
CA PRO VC 207 41.34 -74.59 69.05
C PRO VC 207 40.50 -73.41 69.50
N TYR VC 208 39.97 -72.63 68.57
CA TYR VC 208 39.02 -71.57 68.94
C TYR VC 208 37.74 -72.15 69.50
N GLN VC 209 37.13 -73.10 68.77
CA GLN VC 209 35.84 -73.62 69.19
C GLN VC 209 35.92 -74.64 70.31
N GLU VC 210 37.10 -75.23 70.54
CA GLU VC 210 37.26 -76.13 71.66
C GLU VC 210 37.75 -75.43 72.92
N PHE VC 211 37.91 -74.10 72.87
CA PHE VC 211 38.24 -73.33 74.06
C PHE VC 211 37.48 -72.02 74.10
N THR VC 212 36.42 -71.91 73.31
CA THR VC 212 35.66 -70.66 73.23
C THR VC 212 35.01 -70.33 74.57
N ASP VC 213 34.47 -71.34 75.26
CA ASP VC 213 33.88 -71.11 76.56
C ASP VC 213 34.89 -70.50 77.52
N HIS VC 214 36.08 -71.10 77.59
CA HIS VC 214 37.14 -70.52 78.41
C HIS VC 214 37.53 -69.13 77.92
N LEU VC 215 37.46 -68.90 76.61
CA LEU VC 215 37.92 -67.64 76.05
C LEU VC 215 37.14 -66.45 76.61
N VAL VC 216 35.81 -66.53 76.63
CA VAL VC 216 35.02 -65.44 77.17
C VAL VC 216 35.27 -65.29 78.67
N LYS VC 217 35.55 -66.40 79.36
CA LYS VC 217 35.89 -66.31 80.78
C LYS VC 217 37.18 -65.51 80.98
N THR VC 218 38.19 -65.74 80.13
CA THR VC 218 39.53 -65.25 80.40
C THR VC 218 40.00 -64.13 79.49
N HIS VC 219 39.38 -63.94 78.32
CA HIS VC 219 39.87 -62.97 77.36
C HIS VC 219 38.88 -61.85 77.06
N THR VC 220 37.58 -62.16 76.96
CA THR VC 220 36.58 -61.17 76.58
C THR VC 220 35.55 -61.07 77.71
N ARG VC 221 35.77 -60.12 78.62
CA ARG VC 221 36.94 -59.25 78.60
C ARG VC 221 37.82 -59.49 79.82
N VAL VC 222 37.19 -59.42 81.00
CA VAL VC 222 37.83 -59.56 82.31
C VAL VC 222 39.25 -58.98 82.34
N GLY WC 1 45.95 -76.09 10.45
CA GLY WC 1 46.35 -75.04 9.53
C GLY WC 1 46.31 -75.47 8.08
N ARG WC 2 46.08 -74.52 7.18
CA ARG WC 2 46.01 -74.82 5.76
C ARG WC 2 47.39 -75.17 5.21
N MET WC 3 47.38 -75.89 4.08
CA MET WC 3 48.62 -76.26 3.41
C MET WC 3 49.43 -75.04 3.00
N HIS WC 4 48.80 -74.12 2.28
CA HIS WC 4 49.50 -72.95 1.74
C HIS WC 4 48.82 -71.64 2.13
N ALA WC 5 48.03 -71.65 3.19
CA ALA WC 5 47.37 -70.42 3.64
C ALA WC 5 47.45 -70.33 5.14
N PRO WC 6 47.55 -69.12 5.69
CA PRO WC 6 47.48 -68.94 7.14
C PRO WC 6 46.03 -68.93 7.60
N GLY WC 7 45.64 -69.99 8.30
CA GLY WC 7 44.27 -70.10 8.76
C GLY WC 7 44.01 -71.41 9.47
N LYS WC 8 43.10 -71.39 10.44
CA LYS WC 8 42.75 -72.56 11.22
C LYS WC 8 41.29 -72.93 10.95
N GLY WC 9 40.90 -72.85 9.69
CA GLY WC 9 39.53 -73.12 9.29
C GLY WC 9 39.10 -74.54 9.57
N LEU WC 10 37.94 -74.69 10.23
CA LEU WC 10 37.36 -76.00 10.51
C LEU WC 10 35.97 -75.99 9.89
N SER WC 11 35.90 -76.30 8.60
CA SER WC 11 34.63 -76.32 7.88
C SER WC 11 34.59 -77.62 7.10
N GLN WC 12 34.10 -78.67 7.74
CA GLN WC 12 34.04 -79.99 7.11
C GLN WC 12 32.77 -80.68 7.55
N SER WC 13 32.36 -81.67 6.77
CA SER WC 13 31.17 -82.42 7.10
C SER WC 13 31.40 -83.29 8.34
N ALA WC 14 30.31 -83.73 8.94
CA ALA WC 14 30.35 -84.57 10.13
C ALA WC 14 29.41 -85.75 9.92
N LEU WC 15 29.96 -86.88 9.51
CA LEU WC 15 29.14 -88.06 9.29
C LEU WC 15 28.48 -88.49 10.59
N PRO WC 16 27.25 -88.97 10.55
CA PRO WC 16 26.57 -89.40 11.77
C PRO WC 16 27.20 -90.66 12.33
N TYR WC 17 26.97 -90.87 13.64
CA TYR WC 17 27.43 -92.11 14.26
C TYR WC 17 26.80 -93.34 13.63
N ARG WC 18 25.49 -93.28 13.36
CA ARG WC 18 24.79 -94.42 12.79
C ARG WC 18 25.39 -94.76 11.43
N ARG WC 19 25.61 -96.05 11.18
CA ARG WC 19 26.09 -96.49 9.88
C ARG WC 19 24.99 -97.08 9.01
N SER WC 20 23.83 -97.37 9.58
CA SER WC 20 22.78 -98.08 8.86
C SER WC 20 22.10 -97.16 7.85
N VAL WC 21 21.56 -97.78 6.81
CA VAL WC 21 20.74 -97.04 5.86
C VAL WC 21 19.44 -96.63 6.54
N PRO WC 22 19.03 -95.36 6.47
CA PRO WC 22 17.74 -94.98 7.07
C PRO WC 22 16.60 -95.79 6.45
N THR WC 23 15.65 -96.17 7.31
CA THR WC 23 14.55 -97.04 6.88
C THR WC 23 13.70 -96.41 5.79
N TRP WC 24 13.77 -95.09 5.64
CA TRP WC 24 12.90 -94.30 4.77
C TRP WC 24 13.27 -94.42 3.30
N LEU WC 25 14.41 -95.04 2.99
CA LEU WC 25 15.01 -95.06 1.66
C LEU WC 25 14.56 -96.34 0.96
N LYS WC 26 13.45 -96.25 0.23
CA LYS WC 26 12.90 -97.41 -0.47
C LYS WC 26 13.62 -97.59 -1.81
N LEU WC 27 14.95 -97.56 -1.73
CA LEU WC 27 15.81 -97.61 -2.91
C LEU WC 27 16.96 -98.54 -2.56
N THR WC 28 17.24 -99.51 -3.43
CA THR WC 28 18.21 -100.54 -3.11
C THR WC 28 19.58 -100.18 -3.66
N SER WC 29 20.54 -101.11 -3.54
CA SER WC 29 21.91 -100.83 -3.94
C SER WC 29 22.05 -100.76 -5.46
N ASP WC 30 21.28 -101.57 -6.18
CA ASP WC 30 21.39 -101.59 -7.64
C ASP WC 30 20.72 -100.37 -8.25
N ASP WC 31 19.70 -99.81 -7.59
CA ASP WC 31 19.11 -98.57 -8.06
C ASP WC 31 20.15 -97.47 -8.14
N VAL WC 32 20.87 -97.25 -7.04
CA VAL WC 32 21.89 -96.20 -7.04
C VAL WC 32 23.07 -96.59 -7.91
N LYS WC 33 23.37 -97.90 -7.98
CA LYS WC 33 24.54 -98.36 -8.73
C LYS WC 33 24.47 -97.89 -10.18
N GLU WC 34 23.33 -98.09 -10.84
CA GLU WC 34 23.18 -97.61 -12.20
C GLU WC 34 23.14 -96.09 -12.26
N GLN WC 35 22.61 -95.44 -11.23
CA GLN WC 35 22.54 -93.97 -11.24
C GLN WC 35 23.93 -93.35 -11.32
N ILE WC 36 24.87 -93.86 -10.51
CA ILE WC 36 26.24 -93.35 -10.59
C ILE WC 36 26.83 -93.65 -11.96
N TYR WC 37 26.59 -94.85 -12.48
CA TYR WC 37 26.96 -95.13 -13.86
C TYR WC 37 26.27 -94.16 -14.80
N LYS WC 38 24.96 -93.99 -14.62
CA LYS WC 38 24.19 -93.10 -15.49
C LYS WC 38 24.67 -91.66 -15.35
N LEU WC 39 24.91 -91.21 -14.12
CA LEU WC 39 25.41 -89.86 -13.91
C LEU WC 39 26.84 -89.70 -14.41
N ALA WC 40 27.64 -90.76 -14.36
CA ALA WC 40 29.02 -90.66 -14.82
C ALA WC 40 29.09 -90.50 -16.34
N LYS WC 41 28.12 -91.08 -17.06
CA LYS WC 41 28.11 -90.93 -18.51
C LYS WC 41 27.99 -89.46 -18.90
N LYS WC 42 27.33 -88.66 -18.07
CA LYS WC 42 27.30 -87.21 -18.30
C LYS WC 42 28.63 -86.57 -17.94
N GLY WC 43 29.57 -87.33 -17.41
CA GLY WC 43 30.89 -86.80 -17.13
C GLY WC 43 30.96 -86.01 -15.84
N LEU WC 44 30.60 -86.65 -14.73
CA LEU WC 44 30.60 -86.03 -13.42
C LEU WC 44 31.58 -86.75 -12.50
N THR WC 45 32.42 -85.98 -11.81
CA THR WC 45 33.40 -86.54 -10.91
C THR WC 45 32.75 -87.03 -9.62
N PRO WC 46 33.36 -87.98 -8.92
CA PRO WC 46 32.77 -88.50 -7.68
C PRO WC 46 32.34 -87.42 -6.69
N SER WC 47 33.01 -86.26 -6.70
CA SER WC 47 32.61 -85.18 -5.80
C SER WC 47 31.20 -84.68 -6.13
N GLN WC 48 30.91 -84.47 -7.41
CA GLN WC 48 29.61 -83.90 -7.76
C GLN WC 48 28.51 -84.95 -7.74
N ILE WC 49 28.84 -86.22 -8.00
CA ILE WC 49 27.83 -87.27 -7.93
C ILE WC 49 27.33 -87.41 -6.50
N GLY WC 50 28.22 -87.22 -5.53
CA GLY WC 50 27.81 -87.38 -4.14
C GLY WC 50 26.73 -86.40 -3.73
N VAL WC 51 26.90 -85.12 -4.07
CA VAL WC 51 25.95 -84.10 -3.64
C VAL WC 51 24.62 -84.27 -4.36
N ILE WC 52 24.65 -84.60 -5.65
CA ILE WC 52 23.41 -84.80 -6.39
C ILE WC 52 22.65 -86.00 -5.83
N LEU WC 53 23.37 -87.08 -5.54
CA LEU WC 53 22.76 -88.19 -4.81
C LEU WC 53 22.30 -87.73 -3.43
N ARG WC 54 23.10 -86.89 -2.78
CA ARG WC 54 22.76 -86.43 -1.44
C ARG WC 54 21.57 -85.49 -1.45
N ASP WC 55 21.55 -84.54 -2.38
CA ASP WC 55 20.52 -83.51 -2.36
C ASP WC 55 19.18 -84.04 -2.86
N SER WC 56 19.13 -84.47 -4.11
CA SER WC 56 17.86 -84.82 -4.74
C SER WC 56 17.41 -86.23 -4.40
N HIS WC 57 18.34 -87.19 -4.51
CA HIS WC 57 17.98 -88.58 -4.27
C HIS WC 57 17.98 -88.95 -2.79
N GLY WC 58 18.42 -88.04 -1.93
CA GLY WC 58 18.26 -88.22 -0.49
C GLY WC 58 18.94 -89.43 0.10
N VAL WC 59 20.18 -89.68 -0.28
CA VAL WC 59 20.97 -90.76 0.33
C VAL WC 59 21.90 -90.14 1.36
N ALA WC 60 21.97 -90.76 2.54
CA ALA WC 60 22.86 -90.27 3.58
C ALA WC 60 24.32 -90.42 3.15
N GLN WC 61 24.75 -91.66 2.93
CA GLN WC 61 26.04 -91.95 2.33
C GLN WC 61 25.88 -93.15 1.41
N VAL WC 62 26.39 -93.00 0.19
CA VAL WC 62 26.44 -94.13 -0.73
C VAL WC 62 27.28 -95.25 -0.14
N ARG WC 63 28.30 -94.90 0.64
CA ARG WC 63 29.16 -95.91 1.26
C ARG WC 63 28.37 -96.80 2.20
N PHE WC 64 27.48 -96.21 3.01
CA PHE WC 64 26.63 -97.00 3.86
C PHE WC 64 25.64 -97.83 3.05
N VAL WC 65 25.16 -97.29 1.92
CA VAL WC 65 24.10 -97.94 1.18
C VAL WC 65 24.64 -99.13 0.40
N THR WC 66 25.71 -98.94 -0.36
CA THR WC 66 26.22 -99.98 -1.26
C THR WC 66 27.38 -100.77 -0.65
N GLY WC 67 27.93 -100.33 0.47
CA GLY WC 67 29.11 -100.97 1.00
C GLY WC 67 30.37 -100.69 0.21
N ASN WC 68 30.37 -99.61 -0.58
CA ASN WC 68 31.51 -99.28 -1.41
C ASN WC 68 31.54 -97.78 -1.64
N LYS WC 69 32.73 -97.26 -1.93
CA LYS WC 69 32.89 -95.84 -2.18
C LYS WC 69 32.63 -95.53 -3.66
N ILE WC 70 32.35 -94.25 -3.93
CA ILE WC 70 32.02 -93.83 -5.29
C ILE WC 70 33.16 -94.18 -6.25
N LEU WC 71 34.34 -93.59 -6.01
CA LEU WC 71 35.47 -93.82 -6.92
C LEU WC 71 35.78 -95.30 -7.06
N ARG WC 72 35.53 -96.09 -6.01
CA ARG WC 72 35.60 -97.54 -6.15
C ARG WC 72 34.60 -98.04 -7.17
N ILE WC 73 33.39 -97.49 -7.16
CA ILE WC 73 32.31 -98.00 -8.01
C ILE WC 73 32.64 -97.81 -9.49
N LEU WC 74 33.09 -96.61 -9.86
CA LEU WC 74 33.36 -96.36 -11.27
C LEU WC 74 34.49 -97.23 -11.78
N LYS WC 75 35.56 -97.39 -10.99
CA LYS WC 75 36.64 -98.29 -11.38
C LYS WC 75 36.15 -99.72 -11.50
N SER WC 76 35.23 -100.12 -10.62
CA SER WC 76 34.64 -101.44 -10.73
C SER WC 76 33.95 -101.62 -12.09
N LYS WC 77 33.14 -100.64 -12.49
CA LYS WC 77 32.61 -100.65 -13.84
C LYS WC 77 33.71 -100.44 -14.86
N GLY WC 78 34.65 -99.55 -14.59
CA GLY WC 78 35.75 -99.29 -15.47
C GLY WC 78 35.73 -97.95 -16.19
N LEU WC 79 34.77 -97.08 -15.88
CA LEU WC 79 34.68 -95.77 -16.49
C LEU WC 79 35.20 -94.65 -15.59
N ALA WC 80 35.88 -95.02 -14.50
CA ALA WC 80 36.47 -94.01 -13.63
C ALA WC 80 37.55 -93.24 -14.39
N PRO WC 81 37.65 -91.93 -14.18
CA PRO WC 81 38.67 -91.15 -14.90
C PRO WC 81 40.07 -91.54 -14.47
N ASP WC 82 40.99 -91.52 -15.44
CA ASP WC 82 42.37 -91.91 -15.17
C ASP WC 82 43.04 -90.91 -14.23
N LEU WC 83 42.97 -89.63 -14.56
CA LEU WC 83 43.54 -88.61 -13.71
C LEU WC 83 42.66 -88.45 -12.46
N PRO WC 84 43.25 -88.51 -11.27
CA PRO WC 84 42.45 -88.33 -10.05
C PRO WC 84 41.78 -86.95 -10.03
N GLU WC 85 40.59 -86.92 -9.42
CA GLU WC 85 39.77 -85.71 -9.48
C GLU WC 85 40.51 -84.50 -8.92
N ASP WC 86 41.29 -84.70 -7.86
CA ASP WC 86 42.10 -83.61 -7.32
C ASP WC 86 43.26 -83.29 -8.26
N LEU WC 87 43.98 -84.30 -8.71
CA LEU WC 87 45.08 -84.07 -9.63
C LEU WC 87 44.60 -83.37 -10.89
N TYR WC 88 43.42 -83.75 -11.37
CA TYR WC 88 42.83 -83.10 -12.54
C TYR WC 88 42.47 -81.64 -12.24
N HIS WC 89 41.92 -81.37 -11.07
CA HIS WC 89 41.41 -80.03 -10.80
C HIS WC 89 42.54 -79.02 -10.58
N LEU WC 90 43.57 -79.40 -9.82
CA LEU WC 90 44.66 -78.46 -9.57
C LEU WC 90 45.37 -78.06 -10.85
N ILE WC 91 45.54 -79.01 -11.77
CA ILE WC 91 46.16 -78.68 -13.06
C ILE WC 91 45.29 -77.69 -13.81
N LYS WC 92 43.97 -77.87 -13.79
CA LYS WC 92 43.07 -76.91 -14.43
C LYS WC 92 43.20 -75.53 -13.80
N LYS WC 93 43.32 -75.48 -12.47
CA LYS WC 93 43.64 -74.22 -11.81
C LYS WC 93 44.99 -73.69 -12.28
N ALA WC 94 45.96 -74.58 -12.42
CA ALA WC 94 47.33 -74.15 -12.73
C ALA WC 94 47.41 -73.50 -14.11
N VAL WC 95 46.85 -74.14 -15.12
CA VAL WC 95 46.97 -73.60 -16.48
C VAL WC 95 46.24 -72.27 -16.60
N ALA WC 96 45.05 -72.15 -16.01
CA ALA WC 96 44.24 -70.95 -16.19
C ALA WC 96 44.96 -69.71 -15.67
N VAL WC 97 45.55 -69.80 -14.48
CA VAL WC 97 46.29 -68.66 -13.96
C VAL WC 97 47.53 -68.40 -14.81
N ARG WC 98 48.14 -69.47 -15.33
CA ARG WC 98 49.21 -69.28 -16.30
C ARG WC 98 48.69 -68.59 -17.55
N LYS WC 99 47.49 -68.98 -18.01
CA LYS WC 99 46.84 -68.27 -19.09
C LYS WC 99 46.58 -66.82 -18.70
N HIS WC 100 46.14 -66.58 -17.47
CA HIS WC 100 46.03 -65.21 -16.98
C HIS WC 100 47.39 -64.57 -16.87
N LEU WC 101 48.41 -65.37 -16.53
CA LEU WC 101 49.77 -64.82 -16.38
C LEU WC 101 50.31 -64.33 -17.70
N GLU WC 102 50.17 -65.11 -18.76
CA GLU WC 102 50.75 -64.72 -20.04
C GLU WC 102 50.08 -63.49 -20.63
N ARG WC 103 48.90 -63.12 -20.14
CA ARG WC 103 48.27 -61.87 -20.54
C ARG WC 103 48.71 -60.73 -19.63
N ASN WC 104 48.70 -60.96 -18.31
CA ASN WC 104 49.10 -59.96 -17.34
C ASN WC 104 50.41 -60.39 -16.71
N ARG WC 105 51.53 -59.84 -17.22
CA ARG WC 105 52.84 -60.22 -16.70
C ARG WC 105 53.08 -59.67 -15.30
N LYS WC 106 52.48 -58.53 -14.98
CA LYS WC 106 52.72 -57.85 -13.71
C LYS WC 106 51.98 -58.49 -12.54
N ASP WC 107 51.11 -59.46 -12.79
CA ASP WC 107 50.29 -60.03 -11.72
C ASP WC 107 51.18 -60.92 -10.86
N LYS WC 108 52.00 -60.29 -10.02
CA LYS WC 108 52.87 -61.03 -9.11
C LYS WC 108 52.06 -61.86 -8.13
N ASP WC 109 50.94 -61.30 -7.64
CA ASP WC 109 50.07 -62.07 -6.76
C ASP WC 109 49.58 -63.33 -7.45
N ALA WC 110 49.19 -63.21 -8.72
CA ALA WC 110 48.91 -64.40 -9.51
C ALA WC 110 50.15 -65.28 -9.62
N LYS WC 111 51.32 -64.67 -9.82
CA LYS WC 111 52.55 -65.44 -9.87
C LYS WC 111 52.80 -66.17 -8.56
N PHE WC 112 52.69 -65.45 -7.44
CA PHE WC 112 52.90 -66.08 -6.14
C PHE WC 112 51.89 -67.19 -5.90
N ARG WC 113 50.62 -66.94 -6.25
CA ARG WC 113 49.61 -67.98 -6.17
C ARG WC 113 49.94 -69.13 -7.09
N LEU WC 114 50.42 -68.84 -8.30
CA LEU WC 114 50.81 -69.91 -9.22
C LEU WC 114 51.90 -70.77 -8.59
N ILE WC 115 52.82 -70.16 -7.85
CA ILE WC 115 53.86 -70.94 -7.20
C ILE WC 115 53.24 -71.90 -6.18
N LEU WC 116 52.26 -71.41 -5.43
CA LEU WC 116 51.65 -72.26 -4.41
C LEU WC 116 51.01 -73.50 -5.01
N ILE WC 117 50.30 -73.34 -6.14
CA ILE WC 117 49.54 -74.46 -6.67
C ILE WC 117 50.47 -75.51 -7.27
N GLU WC 118 51.50 -75.11 -8.00
CA GLU WC 118 52.30 -76.14 -8.64
C GLU WC 118 53.12 -76.91 -7.62
N SER WC 119 53.38 -76.30 -6.47
CA SER WC 119 53.96 -77.02 -5.35
C SER WC 119 53.04 -78.14 -4.89
N ARG WC 120 51.72 -77.87 -4.84
CA ARG WC 120 50.79 -78.89 -4.40
C ARG WC 120 50.71 -80.05 -5.39
N ILE WC 121 50.61 -79.74 -6.68
CA ILE WC 121 50.42 -80.79 -7.68
C ILE WC 121 51.62 -81.72 -7.70
N HIS WC 122 52.82 -81.16 -7.51
CA HIS WC 122 54.00 -82.00 -7.38
C HIS WC 122 53.95 -82.84 -6.10
N ARG WC 123 53.47 -82.25 -5.01
CA ARG WC 123 53.30 -83.01 -3.78
C ARG WC 123 52.30 -84.13 -3.97
N LEU WC 124 51.17 -83.83 -4.62
CA LEU WC 124 50.13 -84.84 -4.82
C LEU WC 124 50.59 -85.94 -5.78
N ALA WC 125 51.27 -85.55 -6.87
CA ALA WC 125 51.70 -86.54 -7.85
C ALA WC 125 52.66 -87.54 -7.23
N ARG WC 126 53.47 -87.09 -6.27
CA ARG WC 126 54.33 -88.02 -5.53
C ARG WC 126 53.51 -89.10 -4.85
N TYR WC 127 52.48 -88.70 -4.11
CA TYR WC 127 51.68 -89.65 -3.35
C TYR WC 127 50.98 -90.65 -4.26
N TYR WC 128 50.34 -90.15 -5.33
CA TYR WC 128 49.68 -91.05 -6.26
C TYR WC 128 50.66 -92.00 -6.92
N LYS WC 129 51.90 -91.56 -7.12
CA LYS WC 129 52.93 -92.44 -7.68
C LYS WC 129 53.28 -93.55 -6.69
N THR WC 130 53.49 -93.19 -5.42
CA THR WC 130 53.75 -94.21 -4.40
C THR WC 130 52.59 -95.19 -4.26
N LYS WC 131 51.37 -94.76 -4.56
CA LYS WC 131 50.21 -95.64 -4.58
C LYS WC 131 50.03 -96.30 -5.94
N ARG WC 132 50.91 -96.00 -6.90
CA ARG WC 132 50.87 -96.57 -8.25
C ARG WC 132 49.54 -96.32 -8.94
N VAL WC 133 48.82 -95.29 -8.52
CA VAL WC 133 47.66 -94.81 -9.26
C VAL WC 133 48.06 -94.34 -10.64
N LEU WC 134 49.16 -93.62 -10.73
CA LEU WC 134 49.78 -93.09 -11.92
C LEU WC 134 51.07 -93.83 -12.23
N PRO WC 135 51.52 -93.87 -13.48
CA PRO WC 135 52.75 -94.59 -13.79
C PRO WC 135 53.94 -93.88 -13.17
N PRO WC 136 54.99 -94.63 -12.84
CA PRO WC 136 56.09 -94.02 -12.06
C PRO WC 136 56.90 -92.99 -12.81
N ASN WC 137 56.69 -92.82 -14.12
CA ASN WC 137 57.45 -91.86 -14.90
C ASN WC 137 56.64 -90.61 -15.23
N TRP WC 138 55.47 -90.46 -14.61
CA TRP WC 138 54.61 -89.32 -14.92
C TRP WC 138 55.27 -88.02 -14.46
N LYS WC 139 55.15 -86.98 -15.29
CA LYS WC 139 55.70 -85.67 -14.97
C LYS WC 139 54.71 -84.60 -15.41
N TYR WC 140 54.42 -83.66 -14.51
CA TYR WC 140 53.62 -82.51 -14.87
C TYR WC 140 54.47 -81.50 -15.62
N GLU WC 141 53.96 -81.04 -16.77
CA GLU WC 141 54.65 -80.05 -17.57
C GLU WC 141 53.71 -78.88 -17.84
N SER WC 142 54.26 -77.66 -17.75
CA SER WC 142 53.45 -76.48 -17.98
C SER WC 142 52.91 -76.43 -19.41
N SER WC 143 53.75 -76.76 -20.38
CA SER WC 143 53.34 -76.67 -21.78
C SER WC 143 52.25 -77.68 -22.11
N THR WC 144 52.40 -78.92 -21.64
CA THR WC 144 51.46 -79.98 -21.98
C THR WC 144 50.18 -79.95 -21.17
N ALA WC 145 50.16 -79.25 -20.04
CA ALA WC 145 48.98 -79.25 -19.18
C ALA WC 145 47.79 -78.56 -19.82
N SER WC 146 48.02 -77.71 -20.83
CA SER WC 146 46.91 -77.01 -21.47
C SER WC 146 45.97 -77.99 -22.17
N ALA WC 147 46.54 -78.98 -22.84
CA ALA WC 147 45.73 -80.00 -23.51
C ALA WC 147 45.28 -81.11 -22.56
N LEU WC 148 45.96 -81.28 -21.43
CA LEU WC 148 45.62 -82.36 -20.51
C LEU WC 148 44.21 -82.20 -19.97
N VAL WC 149 43.86 -80.99 -19.52
CA VAL WC 149 42.52 -80.66 -19.06
C VAL WC 149 41.87 -79.77 -20.11
N ALA WC 150 40.65 -80.12 -20.51
CA ALA WC 150 39.95 -79.41 -21.57
C ALA WC 150 40.79 -79.33 -22.84
N GLU XC 1 23.32 10.25 -2.14
CA GLU XC 1 21.97 10.74 -2.41
C GLU XC 1 21.87 12.23 -2.10
N GLN XC 2 22.27 13.08 -3.05
CA GLN XC 2 22.77 12.71 -4.36
C GLN XC 2 24.29 12.77 -4.43
N VAL XC 3 24.87 11.94 -5.28
CA VAL XC 3 26.33 11.80 -5.38
C VAL XC 3 26.89 12.42 -6.67
N ILE XC 4 26.29 12.15 -7.83
CA ILE XC 4 25.10 11.41 -8.22
C ILE XC 4 25.46 10.10 -8.92
N SER XC 5 26.49 10.15 -9.76
CA SER XC 5 26.87 8.98 -10.56
C SER XC 5 27.18 7.77 -9.70
N LEU XC 6 27.83 7.96 -8.56
CA LEU XC 6 28.04 6.87 -7.62
C LEU XC 6 26.74 6.53 -6.92
N GLY XC 7 26.60 5.29 -6.49
CA GLY XC 7 25.34 4.89 -5.88
C GLY XC 7 24.24 4.62 -6.95
N PRO XC 8 23.35 3.63 -6.72
CA PRO XC 8 22.37 3.20 -7.73
C PRO XC 8 21.18 4.11 -7.66
N GLN XC 9 20.19 3.75 -8.44
CA GLN XC 9 18.91 4.43 -8.40
C GLN XC 9 17.89 3.49 -7.76
N VAL XC 10 17.79 3.56 -6.44
CA VAL XC 10 16.98 2.62 -5.66
C VAL XC 10 16.09 3.41 -4.70
N ALA XC 11 15.11 2.71 -4.13
CA ALA XC 11 14.28 3.32 -3.11
C ALA XC 11 15.03 3.35 -1.78
N GLU XC 12 14.35 3.68 -0.69
CA GLU XC 12 15.00 3.70 0.61
C GLU XC 12 14.96 2.33 1.28
N GLY XC 13 13.82 1.67 1.24
CA GLY XC 13 13.67 0.38 1.90
C GLY XC 13 14.57 -0.71 1.35
N GLU XC 14 14.53 -0.91 0.05
CA GLU XC 14 15.32 -1.97 -0.57
C GLU XC 14 16.79 -1.59 -0.59
N ASN XC 15 17.65 -2.61 -0.55
CA ASN XC 15 19.09 -2.43 -0.40
C ASN XC 15 19.85 -3.20 -1.47
N VAL XC 16 21.04 -2.72 -1.78
CA VAL XC 16 21.90 -3.31 -2.81
C VAL XC 16 23.01 -4.10 -2.12
N PHE XC 17 23.24 -5.33 -2.59
CA PHE XC 17 24.15 -6.26 -1.94
C PHE XC 17 25.52 -6.21 -2.58
N GLY XC 18 26.51 -6.71 -1.85
CA GLY XC 18 27.86 -6.89 -2.36
C GLY XC 18 28.44 -8.20 -1.87
N VAL XC 19 29.73 -8.44 -2.12
CA VAL XC 19 30.40 -9.64 -1.62
C VAL XC 19 31.77 -9.23 -1.08
N CYS XC 20 32.03 -9.58 0.17
CA CYS XC 20 33.32 -9.31 0.80
C CYS XC 20 34.11 -10.61 0.85
N HIS XC 21 35.05 -10.76 -0.08
CA HIS XC 21 35.94 -11.92 -0.12
C HIS XC 21 37.04 -11.70 0.90
N ILE XC 22 36.71 -11.89 2.17
CA ILE XC 22 37.64 -11.64 3.26
C ILE XC 22 38.65 -12.78 3.30
N PHE XC 23 39.89 -12.48 2.92
CA PHE XC 23 40.98 -13.43 2.96
C PHE XC 23 41.82 -13.11 4.20
N ALA XC 24 41.77 -13.98 5.19
CA ALA XC 24 42.43 -13.75 6.47
C ALA XC 24 43.41 -14.89 6.73
N SER XC 25 44.62 -14.74 6.22
CA SER XC 25 45.70 -15.68 6.48
C SER XC 25 46.61 -15.10 7.55
N PHE XC 26 47.77 -15.74 7.75
CA PHE XC 26 48.81 -15.13 8.55
C PHE XC 26 49.66 -14.21 7.68
N ASN XC 27 50.40 -13.32 8.35
CA ASN XC 27 51.35 -12.41 7.70
C ASN XC 27 50.65 -11.37 6.84
N ASP XC 28 49.31 -11.41 6.79
CA ASP XC 28 48.51 -10.43 6.07
C ASP XC 28 47.03 -10.76 6.30
N THR XC 29 46.18 -9.77 6.02
CA THR XC 29 44.74 -9.95 6.11
C THR XC 29 44.10 -9.15 4.98
N PHE XC 30 43.22 -9.79 4.21
CA PHE XC 30 42.56 -9.16 3.08
C PHE XC 30 41.08 -8.98 3.36
N VAL XC 31 40.56 -7.80 3.06
CA VAL XC 31 39.12 -7.56 3.11
C VAL XC 31 38.65 -7.09 1.73
N HIS XC 32 39.30 -7.60 0.69
CA HIS XC 32 38.90 -7.35 -0.68
C HIS XC 32 37.40 -7.54 -0.87
N VAL XC 33 36.73 -6.50 -1.36
CA VAL XC 33 35.29 -6.52 -1.59
C VAL XC 33 35.03 -6.36 -3.08
N THR XC 34 34.13 -7.17 -3.61
CA THR XC 34 33.76 -7.16 -5.02
C THR XC 34 32.25 -7.06 -5.16
N ASP XC 35 31.79 -7.13 -6.40
CA ASP XC 35 30.37 -7.15 -6.69
C ASP XC 35 29.82 -8.56 -6.46
N LEU XC 36 28.55 -8.77 -6.78
CA LEU XC 36 27.92 -10.07 -6.57
C LEU XC 36 28.60 -11.15 -7.41
N SER XC 37 28.87 -10.86 -8.68
CA SER XC 37 29.58 -11.82 -9.52
C SER XC 37 31.04 -11.97 -9.11
N GLY XC 38 31.65 -10.92 -8.59
CA GLY XC 38 33.05 -10.94 -8.24
C GLY XC 38 34.00 -10.62 -9.37
N LYS XC 39 33.49 -10.43 -10.59
CA LYS XC 39 34.34 -9.99 -11.69
C LYS XC 39 34.78 -8.55 -11.54
N GLU XC 40 33.90 -7.69 -11.05
CA GLU XC 40 34.23 -6.31 -10.76
C GLU XC 40 34.49 -6.16 -9.27
N THR XC 41 35.57 -5.47 -8.93
CA THR XC 41 35.97 -5.31 -7.54
C THR XC 41 35.72 -3.88 -7.09
N ILE XC 42 34.91 -3.74 -6.05
CA ILE XC 42 34.57 -2.41 -5.54
C ILE XC 42 35.78 -1.75 -4.90
N CYS XC 43 36.47 -2.48 -4.03
CA CYS XC 43 37.64 -1.96 -3.34
C CYS XC 43 38.36 -3.13 -2.68
N ARG XC 44 39.66 -2.94 -2.46
CA ARG XC 44 40.50 -3.96 -1.83
C ARG XC 44 41.52 -3.24 -0.96
N VAL XC 45 41.57 -3.58 0.32
CA VAL XC 45 42.56 -3.04 1.25
C VAL XC 45 43.00 -4.19 2.14
N THR XC 46 44.26 -4.14 2.56
CA THR XC 46 44.80 -5.17 3.44
C THR XC 46 45.33 -4.55 4.72
N GLY XC 47 45.65 -5.41 5.68
CA GLY XC 47 46.31 -4.93 6.88
C GLY XC 47 47.72 -4.43 6.63
N GLY XC 48 48.37 -4.93 5.59
CA GLY XC 48 49.72 -4.48 5.27
C GLY XC 48 49.79 -3.02 4.87
N MET XC 49 48.80 -2.55 4.10
CA MET XC 49 48.83 -1.17 3.65
C MET XC 49 48.44 -0.17 4.74
N LYS XC 50 48.00 -0.63 5.90
CA LYS XC 50 47.64 0.29 6.99
C LYS XC 50 48.77 0.43 8.01
N VAL XC 51 49.20 -0.66 8.59
CA VAL XC 51 50.31 -0.62 9.55
C VAL XC 51 51.62 -0.74 8.78
N LYS XC 52 52.70 -0.30 9.43
CA LYS XC 52 54.00 -0.24 8.78
C LYS XC 52 55.06 -0.95 9.61
N ALA XC 53 54.78 -2.17 10.06
CA ALA XC 53 55.72 -2.89 10.91
C ALA XC 53 56.09 -4.28 10.40
N ASP XC 54 55.43 -4.77 9.35
CA ASP XC 54 55.72 -6.04 8.68
C ASP XC 54 55.41 -7.25 9.55
N ARG XC 55 55.00 -7.05 10.80
CA ARG XC 55 54.73 -8.15 11.72
C ARG XC 55 53.26 -8.12 12.14
N ASP XC 56 52.70 -6.92 12.21
CA ASP XC 56 51.29 -6.73 12.53
C ASP XC 56 50.41 -6.78 11.29
N GLU XC 57 50.93 -7.31 10.18
CA GLU XC 57 50.15 -7.37 8.94
C GLU XC 57 48.91 -8.23 9.11
N SER XC 58 49.03 -9.36 9.77
CA SER XC 58 47.89 -10.20 10.08
C SER XC 58 47.30 -9.89 11.45
N SER XC 59 47.79 -8.87 12.13
CA SER XC 59 47.29 -8.53 13.45
C SER XC 59 45.83 -8.06 13.36
N PRO XC 60 45.02 -8.38 14.36
CA PRO XC 60 43.61 -7.98 14.31
C PRO XC 60 43.40 -6.49 14.18
N TYR XC 61 44.20 -5.67 14.85
CA TYR XC 61 43.99 -4.23 14.78
C TYR XC 61 44.17 -3.70 13.36
N ALA XC 62 45.21 -4.19 12.66
CA ALA XC 62 45.37 -3.83 11.26
C ALA XC 62 44.19 -4.31 10.43
N ALA XC 63 43.69 -5.52 10.71
CA ALA XC 63 42.49 -5.99 10.04
C ALA XC 63 41.30 -5.12 10.40
N MET XC 64 41.21 -4.70 11.67
CA MET XC 64 40.14 -3.78 12.04
C MET XC 64 40.32 -2.43 11.35
N LEU XC 65 41.55 -1.93 11.32
CA LEU XC 65 41.80 -0.65 10.64
C LEU XC 65 41.47 -0.75 9.16
N ALA XC 66 41.84 -1.85 8.51
CA ALA XC 66 41.48 -2.01 7.10
C ALA XC 66 39.97 -2.07 6.93
N ALA XC 67 39.25 -2.55 7.95
CA ALA XC 67 37.81 -2.82 7.79
C ALA XC 67 36.99 -1.54 7.70
N GLN XC 68 37.32 -0.49 8.47
CA GLN XC 68 36.61 0.77 8.27
C GLN XC 68 36.91 1.36 6.90
N ASP XC 69 38.15 1.22 6.43
CA ASP XC 69 38.57 1.87 5.20
C ASP XC 69 37.73 1.42 4.01
N VAL XC 70 37.48 0.11 3.90
CA VAL XC 70 36.54 -0.37 2.89
C VAL XC 70 35.13 0.13 3.22
N ALA XC 71 34.75 0.05 4.50
CA ALA XC 71 33.40 0.44 4.90
C ALA XC 71 33.13 1.91 4.58
N GLN XC 72 34.07 2.79 4.92
CA GLN XC 72 33.92 4.19 4.56
C GLN XC 72 33.88 4.36 3.05
N ARG XC 73 34.77 3.65 2.34
CA ARG XC 73 34.71 3.66 0.88
C ARG XC 73 33.43 3.01 0.39
N CYS XC 74 33.02 1.90 1.01
CA CYS XC 74 31.82 1.20 0.56
C CYS XC 74 30.58 2.08 0.68
N LYS XC 75 30.42 2.74 1.82
CA LYS XC 75 29.26 3.61 2.00
C LYS XC 75 29.30 4.80 1.05
N GLU XC 76 30.49 5.24 0.66
CA GLU XC 76 30.61 6.42 -0.19
C GLU XC 76 29.99 6.20 -1.56
N LEU XC 77 30.28 5.06 -2.18
CA LEU XC 77 29.87 4.83 -3.57
C LEU XC 77 28.54 4.08 -3.69
N GLY XC 78 27.78 3.97 -2.61
CA GLY XC 78 26.40 3.55 -2.73
C GLY XC 78 26.09 2.11 -2.41
N ILE XC 79 27.09 1.27 -2.19
CA ILE XC 79 26.83 -0.09 -1.73
C ILE XC 79 26.48 -0.03 -0.25
N THR XC 80 25.48 -0.80 0.15
CA THR XC 80 25.00 -0.78 1.53
C THR XC 80 24.74 -2.16 2.10
N ALA XC 81 24.90 -3.21 1.32
CA ALA XC 81 24.86 -4.58 1.82
C ALA XC 81 25.98 -5.37 1.16
N LEU XC 82 26.45 -6.40 1.86
CA LEU XC 82 27.55 -7.21 1.34
C LEU XC 82 27.46 -8.62 1.89
N HIS XC 83 27.76 -9.59 1.04
CA HIS XC 83 27.92 -10.96 1.50
C HIS XC 83 29.37 -11.22 1.88
N ILE XC 84 29.58 -12.26 2.68
CA ILE XC 84 30.88 -12.55 3.26
C ILE XC 84 31.33 -13.92 2.78
N LYS XC 85 32.56 -13.99 2.28
CA LYS XC 85 33.20 -15.24 1.89
C LYS XC 85 34.54 -15.31 2.61
N LEU XC 86 34.57 -16.08 3.70
CA LEU XC 86 35.79 -16.27 4.45
C LEU XC 86 36.74 -17.19 3.68
N ARG XC 87 38.00 -16.81 3.59
CA ARG XC 87 38.99 -17.64 2.94
C ARG XC 87 40.31 -17.56 3.69
N ALA XC 88 40.88 -18.73 3.96
CA ALA XC 88 42.23 -18.83 4.50
C ALA XC 88 43.21 -19.11 3.36
N THR XC 89 44.48 -19.28 3.70
CA THR XC 89 45.50 -19.56 2.68
C THR XC 89 45.21 -20.86 1.94
N GLY XC 90 44.43 -21.77 2.54
CA GLY XC 90 43.89 -22.93 1.87
C GLY XC 90 44.94 -23.83 1.25
N GLY XC 91 44.59 -24.43 0.12
CA GLY XC 91 45.47 -25.36 -0.55
C GLY XC 91 45.83 -26.52 0.35
N ASN XC 92 47.11 -26.87 0.36
CA ASN XC 92 47.62 -27.86 1.28
C ASN XC 92 48.09 -27.25 2.59
N ARG XC 93 48.05 -25.92 2.72
CA ARG XC 93 48.44 -25.26 3.95
C ARG XC 93 47.27 -25.31 4.94
N THR XC 94 47.37 -24.53 6.01
CA THR XC 94 46.38 -24.57 7.07
C THR XC 94 45.01 -24.11 6.56
N LYS XC 95 43.95 -24.63 7.17
CA LYS XC 95 42.59 -24.31 6.79
C LYS XC 95 41.97 -23.23 7.66
N THR XC 96 42.33 -23.15 8.93
CA THR XC 96 41.77 -22.19 9.86
C THR XC 96 42.22 -20.77 9.50
N PRO XC 97 41.30 -19.82 9.46
CA PRO XC 97 41.67 -18.43 9.16
C PRO XC 97 42.53 -17.84 10.27
N GLY XC 98 43.33 -16.84 9.88
CA GLY XC 98 44.24 -16.21 10.79
C GLY XC 98 43.52 -15.43 11.87
N PRO XC 99 44.30 -14.71 12.69
CA PRO XC 99 43.73 -13.97 13.81
C PRO XC 99 42.90 -12.77 13.41
N GLY XC 100 43.04 -12.28 12.18
CA GLY XC 100 42.38 -11.04 11.80
C GLY XC 100 41.01 -11.20 11.21
N ALA XC 101 40.52 -12.43 11.09
CA ALA XC 101 39.23 -12.66 10.47
C ALA XC 101 38.10 -12.02 11.27
N GLN XC 102 38.11 -12.21 12.59
CA GLN XC 102 37.01 -11.71 13.42
C GLN XC 102 37.11 -10.21 13.63
N SER XC 103 38.33 -9.67 13.74
CA SER XC 103 38.48 -8.24 13.93
C SER XC 103 37.92 -7.45 12.76
N ALA XC 104 38.20 -7.90 11.53
CA ALA XC 104 37.66 -7.23 10.36
C ALA XC 104 36.14 -7.37 10.28
N LEU XC 105 35.63 -8.57 10.56
CA LEU XC 105 34.19 -8.78 10.52
C LEU XC 105 33.48 -7.94 11.58
N ARG XC 106 34.07 -7.84 12.76
CA ARG XC 106 33.49 -6.98 13.80
C ARG XC 106 33.43 -5.54 13.34
N ALA XC 107 34.52 -5.02 12.77
CA ALA XC 107 34.53 -3.63 12.34
C ALA XC 107 33.63 -3.42 11.13
N LEU XC 108 33.48 -4.44 10.29
CA LEU XC 108 32.44 -4.40 9.26
C LEU XC 108 31.06 -4.23 9.90
N ALA XC 109 30.76 -5.06 10.91
CA ALA XC 109 29.48 -4.94 11.59
C ALA XC 109 29.34 -3.60 12.30
N ARG XC 110 30.41 -3.15 12.97
CA ARG XC 110 30.33 -1.96 13.80
C ARG XC 110 30.34 -0.67 12.99
N SER XC 111 30.70 -0.72 11.70
CA SER XC 111 30.75 0.48 10.87
C SER XC 111 29.45 0.73 10.13
N GLY XC 112 28.33 0.21 10.65
CA GLY XC 112 27.06 0.43 10.01
C GLY XC 112 26.85 -0.33 8.72
N MET XC 113 27.49 -1.49 8.57
CA MET XC 113 27.34 -2.30 7.37
C MET XC 113 26.41 -3.48 7.68
N LYS XC 114 25.55 -3.80 6.72
CA LYS XC 114 24.50 -4.79 6.95
C LYS XC 114 24.92 -6.12 6.32
N ILE XC 115 24.90 -7.17 7.14
CA ILE XC 115 25.62 -8.40 6.85
C ILE XC 115 24.63 -9.45 6.33
N GLY XC 116 24.95 -10.02 5.17
CA GLY XC 116 24.14 -11.07 4.58
C GLY XC 116 24.69 -12.46 4.84
N ARG XC 117 24.74 -13.27 3.79
CA ARG XC 117 25.23 -14.64 3.93
C ARG XC 117 26.74 -14.65 4.10
N ILE XC 118 27.21 -15.54 4.96
CA ILE XC 118 28.63 -15.66 5.29
C ILE XC 118 29.04 -17.11 5.15
N GLU XC 119 30.17 -17.34 4.49
CA GLU XC 119 30.58 -18.69 4.12
C GLU XC 119 32.10 -18.75 4.07
N ASP XC 120 32.64 -19.94 4.34
CA ASP XC 120 34.06 -20.20 4.14
C ASP XC 120 34.30 -20.65 2.71
N VAL XC 121 35.25 -20.01 2.04
CA VAL XC 121 35.63 -20.39 0.69
C VAL XC 121 37.11 -20.78 0.63
N THR XC 122 37.64 -21.29 1.73
CA THR XC 122 39.01 -21.77 1.76
C THR XC 122 39.15 -22.97 0.82
N PRO XC 123 40.05 -22.91 -0.16
CA PRO XC 123 40.12 -23.99 -1.16
C PRO XC 123 40.63 -25.29 -0.57
N ILE XC 124 39.76 -26.29 -0.49
CA ILE XC 124 40.08 -27.58 0.12
C ILE XC 124 40.35 -28.59 -0.99
N PRO XC 125 41.50 -29.24 -1.00
CA PRO XC 125 41.82 -30.19 -2.08
C PRO XC 125 41.43 -31.61 -1.71
N SER XC 126 41.59 -32.50 -2.69
CA SER XC 126 41.44 -33.94 -2.46
C SER XC 126 42.83 -34.58 -2.32
N ASP XC 127 43.53 -34.18 -1.27
CA ASP XC 127 44.81 -34.79 -0.86
C ASP XC 127 45.85 -34.72 -1.98
N SER XC 128 46.26 -33.49 -2.28
CA SER XC 128 47.15 -33.24 -3.40
C SER XC 128 48.35 -32.41 -2.95
N THR XC 129 49.35 -32.35 -3.84
CA THR XC 129 50.36 -31.29 -3.82
C THR XC 129 51.13 -31.27 -2.49
N ARG XC 130 51.95 -32.32 -2.32
CA ARG XC 130 52.74 -32.57 -1.12
C ARG XC 130 53.27 -31.28 -0.50
N ARG XC 131 53.07 -31.16 0.82
CA ARG XC 131 53.34 -29.91 1.53
C ARG XC 131 54.83 -29.60 1.58
N LYS XC 132 55.14 -28.31 1.71
CA LYS XC 132 56.52 -27.81 1.64
C LYS XC 132 57.14 -27.72 3.03
N GLY XC 133 57.33 -28.87 3.66
CA GLY XC 133 58.05 -28.91 4.92
C GLY XC 133 59.06 -30.03 4.99
N GLY XC 134 59.00 -30.96 4.05
CA GLY XC 134 59.80 -32.17 4.12
C GLY XC 134 59.13 -33.22 4.98
N ARG XC 135 59.75 -34.41 4.98
CA ARG XC 135 59.21 -35.51 5.77
C ARG XC 135 59.22 -35.17 7.26
N ARG XC 136 60.30 -34.58 7.75
CA ARG XC 136 60.41 -34.23 9.15
C ARG XC 136 59.75 -32.90 9.49
N GLY XC 137 59.34 -32.12 8.49
CA GLY XC 137 58.72 -30.83 8.75
C GLY XC 137 59.75 -29.80 9.19
N ARG XC 138 59.32 -28.54 9.16
CA ARG XC 138 60.20 -27.45 9.55
C ARG XC 138 60.35 -27.51 11.07
N ARG XC 139 61.41 -28.18 11.51
CA ARG XC 139 61.64 -28.44 12.94
C ARG XC 139 62.34 -27.24 13.56
N LEU XC 140 61.57 -26.18 13.79
CA LEU XC 140 62.13 -24.97 14.38
C LEU XC 140 62.55 -25.23 15.82
N VAL YC 1 52.03 -82.67 12.51
CA VAL YC 1 50.86 -81.93 12.96
C VAL YC 1 50.59 -82.19 14.46
N ARG YC 2 49.76 -83.20 14.79
CA ARG YC 2 49.56 -83.62 16.17
C ARG YC 2 50.18 -85.00 16.30
N MET YC 3 51.29 -85.07 17.04
CA MET YC 3 52.30 -86.07 16.74
C MET YC 3 52.28 -87.19 17.77
N ASN YC 4 52.36 -86.84 19.05
CA ASN YC 4 52.22 -87.80 20.14
C ASN YC 4 50.89 -87.55 20.84
N VAL YC 5 49.91 -88.41 20.59
CA VAL YC 5 48.57 -88.22 21.17
C VAL YC 5 48.60 -88.37 22.68
N LEU YC 6 49.43 -89.29 23.21
CA LEU YC 6 49.50 -89.46 24.66
C LEU YC 6 50.06 -88.23 25.34
N ALA YC 7 51.01 -87.55 24.69
CA ALA YC 7 51.60 -86.36 25.30
C ALA YC 7 50.57 -85.27 25.51
N ASP YC 8 49.73 -85.01 24.50
CA ASP YC 8 48.65 -84.05 24.67
C ASP YC 8 47.68 -84.51 25.76
N ALA YC 9 47.37 -85.81 25.79
CA ALA YC 9 46.52 -86.33 26.86
C ALA YC 9 47.14 -86.09 28.22
N LEU YC 10 48.42 -86.43 28.38
CA LEU YC 10 49.10 -86.23 29.64
C LEU YC 10 49.19 -84.74 29.99
N LYS YC 11 49.45 -83.90 29.00
CA LYS YC 11 49.38 -82.47 29.22
C LYS YC 11 47.98 -82.05 29.63
N SER YC 12 46.96 -82.63 28.99
CA SER YC 12 45.58 -82.32 29.37
C SER YC 12 45.31 -82.76 30.81
N ILE YC 13 45.82 -83.92 31.22
CA ILE YC 13 45.61 -84.39 32.58
C ILE YC 13 46.36 -83.50 33.57
N ASN YC 14 47.61 -83.17 33.27
CA ASN YC 14 48.40 -82.38 34.20
C ASN YC 14 47.81 -80.99 34.40
N ASN YC 15 47.37 -80.35 33.31
CA ASN YC 15 46.78 -79.02 33.43
C ASN YC 15 45.51 -79.06 34.26
N ALA YC 16 44.67 -80.08 34.05
CA ALA YC 16 43.44 -80.19 34.83
C ALA YC 16 43.74 -80.43 36.31
N GLU YC 17 44.75 -81.25 36.61
CA GLU YC 17 45.07 -81.55 38.00
C GLU YC 17 45.46 -80.29 38.75
N LYS YC 18 46.33 -79.47 38.16
CA LYS YC 18 46.71 -78.23 38.82
C LYS YC 18 45.52 -77.28 38.93
N ARG YC 19 44.68 -77.25 37.90
CA ARG YC 19 43.45 -76.46 37.95
C ARG YC 19 42.45 -77.02 38.95
N GLY YC 20 42.62 -78.26 39.39
CA GLY YC 20 41.74 -78.83 40.40
C GLY YC 20 40.39 -79.29 39.90
N LYS YC 21 40.23 -79.46 38.59
CA LYS YC 21 38.96 -79.92 38.06
C LYS YC 21 38.65 -81.34 38.52
N ARG YC 22 37.45 -81.80 38.22
CA ARG YC 22 37.02 -83.13 38.62
C ARG YC 22 37.18 -84.16 37.50
N GLN YC 23 36.74 -83.84 36.29
CA GLN YC 23 36.86 -84.75 35.17
C GLN YC 23 37.40 -84.00 33.95
N VAL YC 24 38.17 -84.72 33.13
CA VAL YC 24 38.78 -84.15 31.93
C VAL YC 24 38.54 -85.07 30.75
N LEU YC 25 38.59 -84.50 29.55
CA LEU YC 25 38.33 -85.18 28.30
C LEU YC 25 39.63 -85.35 27.53
N ILE YC 26 39.87 -86.55 27.02
CA ILE YC 26 41.00 -86.84 26.14
C ILE YC 26 40.44 -87.07 24.74
N ARG YC 27 40.73 -86.14 23.82
CA ARG YC 27 40.11 -86.21 22.50
C ARG YC 27 40.52 -87.46 21.74
N PRO YC 28 41.81 -87.78 21.59
CA PRO YC 28 42.17 -89.04 20.91
C PRO YC 28 42.41 -90.17 21.90
N CYS YC 29 41.95 -91.35 21.53
CA CYS YC 29 42.10 -92.55 22.36
C CYS YC 29 42.88 -93.61 21.61
N SER YC 30 43.61 -94.43 22.37
CA SER YC 30 44.40 -95.51 21.80
C SER YC 30 44.60 -96.59 22.85
N LYS YC 31 44.96 -97.79 22.39
CA LYS YC 31 45.36 -98.85 23.30
C LYS YC 31 46.51 -98.40 24.17
N VAL YC 32 47.52 -97.76 23.57
CA VAL YC 32 48.64 -97.21 24.34
C VAL YC 32 48.13 -96.18 25.32
N ILE YC 33 47.18 -95.35 24.88
CA ILE YC 33 46.56 -94.40 25.80
C ILE YC 33 45.76 -95.13 26.87
N VAL YC 34 44.93 -96.09 26.46
CA VAL YC 34 44.09 -96.81 27.40
C VAL YC 34 44.94 -97.59 28.39
N ARG YC 35 45.97 -98.28 27.91
CA ARG YC 35 46.83 -99.05 28.80
C ARG YC 35 47.59 -98.14 29.75
N PHE YC 36 47.62 -96.83 29.48
CA PHE YC 36 48.32 -95.92 30.37
C PHE YC 36 47.53 -95.70 31.66
N LEU YC 37 46.21 -95.49 31.54
CA LEU YC 37 45.45 -95.13 32.74
C LEU YC 37 45.24 -96.33 33.66
N THR YC 38 45.23 -97.55 33.12
CA THR YC 38 44.97 -98.69 33.99
C THR YC 38 46.12 -98.96 34.94
N VAL YC 39 47.36 -98.80 34.46
CA VAL YC 39 48.49 -98.82 35.38
C VAL YC 39 48.46 -97.59 36.28
N MET YC 40 47.89 -96.49 35.79
CA MET YC 40 47.64 -95.34 36.65
C MET YC 40 46.62 -95.67 37.73
N MET YC 41 45.56 -96.41 37.38
CA MET YC 41 44.47 -96.66 38.31
C MET YC 41 44.91 -97.58 39.47
N LYS YC 42 45.61 -98.68 39.17
CA LYS YC 42 45.85 -99.70 40.20
C LYS YC 42 46.69 -99.13 41.34
N HIS YC 43 47.43 -98.07 41.05
CA HIS YC 43 48.16 -97.34 42.08
C HIS YC 43 47.30 -96.29 42.74
N GLY YC 44 46.07 -96.12 42.29
CA GLY YC 44 45.09 -95.29 42.97
C GLY YC 44 45.16 -93.80 42.69
N TYR YC 45 46.01 -93.36 41.77
CA TYR YC 45 46.18 -91.92 41.58
C TYR YC 45 44.98 -91.30 40.86
N ILE YC 46 44.40 -92.02 39.91
CA ILE YC 46 43.26 -91.52 39.14
C ILE YC 46 42.06 -92.42 39.39
N GLY YC 47 40.88 -91.90 39.07
CA GLY YC 47 39.63 -92.60 39.31
C GLY YC 47 39.10 -93.30 38.09
N GLU YC 48 37.80 -93.58 38.09
CA GLU YC 48 37.18 -94.28 36.98
C GLU YC 48 37.19 -93.41 35.73
N PHE YC 49 37.57 -94.01 34.60
CA PHE YC 49 37.59 -93.30 33.34
C PHE YC 49 36.70 -94.02 32.34
N GLU YC 50 35.93 -93.24 31.58
CA GLU YC 50 34.95 -93.76 30.65
C GLU YC 50 35.42 -93.49 29.21
N ILE YC 51 35.18 -94.45 28.34
CA ILE YC 51 35.64 -94.39 26.95
C ILE YC 51 34.46 -94.01 26.06
N ILE YC 52 34.39 -92.74 25.68
CA ILE YC 52 33.40 -92.27 24.73
C ILE YC 52 33.82 -92.75 23.35
N ASP YC 53 33.08 -93.70 22.79
CA ASP YC 53 33.49 -94.38 21.56
C ASP YC 53 32.57 -93.90 20.43
N ASP YC 54 33.03 -92.91 19.68
CA ASP YC 54 32.45 -92.59 18.40
C ASP YC 54 33.10 -93.45 17.32
N HIS YC 55 32.51 -93.45 16.13
CA HIS YC 55 33.08 -94.25 15.05
C HIS YC 55 34.37 -93.67 14.50
N ARG YC 56 34.74 -92.45 14.88
CA ARG YC 56 36.06 -91.91 14.62
C ARG YC 56 37.01 -92.41 15.71
N ALA YC 57 38.17 -91.78 15.84
CA ALA YC 57 39.04 -92.05 16.98
C ALA YC 57 38.29 -91.76 18.27
N GLY YC 58 38.37 -92.68 19.22
CA GLY YC 58 37.57 -92.59 20.43
C GLY YC 58 38.03 -91.46 21.35
N LYS YC 59 37.15 -91.13 22.28
CA LYS YC 59 37.39 -90.10 23.28
C LYS YC 59 37.31 -90.70 24.67
N ILE YC 60 38.02 -90.08 25.61
CA ILE YC 60 38.13 -90.60 26.97
C ILE YC 60 37.90 -89.47 27.95
N VAL YC 61 37.04 -89.73 28.95
CA VAL YC 61 36.93 -88.90 30.15
C VAL YC 61 37.51 -89.69 31.30
N VAL YC 62 38.04 -88.98 32.30
CA VAL YC 62 38.55 -89.60 33.51
C VAL YC 62 38.04 -88.82 34.71
N ASN YC 63 37.96 -89.51 35.84
CA ASN YC 63 37.54 -88.89 37.10
C ASN YC 63 38.78 -88.57 37.91
N LEU YC 64 39.26 -87.34 37.80
CA LEU YC 64 40.45 -86.92 38.52
C LEU YC 64 40.19 -86.97 40.02
N THR YC 65 41.12 -87.59 40.74
CA THR YC 65 41.03 -87.72 42.19
C THR YC 65 41.81 -86.63 42.93
N GLY YC 66 42.63 -85.87 42.22
CA GLY YC 66 43.35 -84.78 42.82
C GLY YC 66 44.62 -85.16 43.54
N ARG YC 67 44.97 -86.44 43.61
CA ARG YC 67 46.17 -86.87 44.31
C ARG YC 67 47.33 -87.11 43.36
N LEU YC 68 47.36 -86.38 42.25
CA LEU YC 68 48.40 -86.50 41.24
C LEU YC 68 49.30 -85.27 41.30
N ASN YC 69 50.60 -85.49 41.26
CA ASN YC 69 51.57 -84.40 41.25
C ASN YC 69 52.05 -84.05 39.85
N LYS YC 70 52.25 -85.05 38.99
CA LYS YC 70 52.71 -84.83 37.63
C LYS YC 70 52.56 -86.13 36.87
N CYS YC 71 52.07 -86.05 35.64
CA CYS YC 71 51.83 -87.23 34.80
C CYS YC 71 52.56 -87.08 33.48
N GLY YC 72 53.84 -86.73 33.55
CA GLY YC 72 54.62 -86.40 32.38
C GLY YC 72 54.90 -87.59 31.48
N VAL YC 73 55.52 -87.28 30.35
CA VAL YC 73 55.82 -88.25 29.31
C VAL YC 73 57.20 -87.95 28.74
N ILE YC 74 57.92 -89.00 28.39
CA ILE YC 74 59.15 -88.87 27.60
C ILE YC 74 58.77 -89.17 26.16
N SER YC 75 58.91 -88.20 25.30
CA SER YC 75 58.43 -88.31 23.93
C SER YC 75 59.29 -89.24 23.09
N PRO YC 76 60.63 -89.08 23.05
CA PRO YC 76 61.43 -90.08 22.33
C PRO YC 76 61.48 -91.38 23.11
N ARG YC 77 60.91 -92.44 22.54
CA ARG YC 77 60.68 -93.68 23.27
C ARG YC 77 62.02 -94.38 23.48
N PHE YC 78 62.73 -93.94 24.52
CA PHE YC 78 64.06 -94.46 24.80
C PHE YC 78 64.00 -95.92 25.16
N ASP YC 79 64.93 -96.70 24.62
CA ASP YC 79 64.96 -98.15 24.82
C ASP YC 79 65.82 -98.43 26.05
N VAL YC 80 65.17 -98.57 27.18
CA VAL YC 80 65.86 -98.71 28.46
C VAL YC 80 65.98 -100.18 28.81
N GLN YC 81 67.17 -100.58 29.24
CA GLN YC 81 67.45 -101.94 29.67
C GLN YC 81 67.35 -102.01 31.20
N LEU YC 82 67.54 -103.21 31.73
CA LEU YC 82 67.49 -103.38 33.18
C LEU YC 82 68.77 -102.94 33.86
N LYS YC 83 69.85 -102.74 33.11
CA LYS YC 83 71.09 -102.26 33.71
C LYS YC 83 71.09 -100.75 33.90
N ASP YC 84 70.29 -100.01 33.11
CA ASP YC 84 70.31 -98.56 33.14
C ASP YC 84 68.98 -97.96 33.57
N LEU YC 85 68.14 -98.74 34.26
CA LEU YC 85 66.85 -98.21 34.70
C LEU YC 85 67.01 -97.32 35.92
N GLU YC 86 68.02 -97.59 36.75
CA GLU YC 86 68.15 -96.89 38.02
C GLU YC 86 68.51 -95.42 37.81
N LYS YC 87 69.26 -95.11 36.75
CA LYS YC 87 69.53 -93.71 36.44
C LYS YC 87 68.23 -92.97 36.11
N TRP YC 88 67.34 -93.62 35.36
CA TRP YC 88 66.09 -92.98 34.96
C TRP YC 88 65.24 -92.64 36.19
N GLN YC 89 65.16 -93.55 37.16
CA GLN YC 89 64.43 -93.27 38.39
C GLN YC 89 65.03 -92.06 39.10
N ASN YC 90 66.35 -92.07 39.29
CA ASN YC 90 67.01 -90.93 39.92
C ASN YC 90 66.81 -89.66 39.11
N ASN YC 91 66.63 -89.77 37.80
CA ASN YC 91 66.37 -88.63 36.95
C ASN YC 91 64.90 -88.24 36.89
N LEU YC 92 63.99 -89.21 36.95
CA LEU YC 92 62.57 -88.96 36.76
C LEU YC 92 61.72 -89.22 38.00
N LEU YC 93 62.24 -89.93 38.99
CA LEU YC 93 61.32 -90.20 40.08
C LEU YC 93 61.63 -89.31 41.27
N PRO YC 94 60.58 -88.72 41.86
CA PRO YC 94 60.82 -87.80 42.99
C PRO YC 94 61.49 -88.45 44.17
N SER YC 95 61.25 -89.75 44.37
CA SER YC 95 61.82 -90.47 45.50
C SER YC 95 61.87 -91.95 45.14
N ARG YC 96 62.62 -92.70 45.94
CA ARG YC 96 62.55 -94.15 45.85
C ARG YC 96 61.29 -94.72 46.46
N GLN YC 97 60.69 -94.00 47.41
CA GLN YC 97 59.46 -94.45 48.05
C GLN YC 97 58.29 -94.55 47.08
N PHE YC 98 58.14 -93.57 46.20
CA PHE YC 98 56.99 -93.53 45.31
C PHE YC 98 57.44 -92.94 43.97
N GLY YC 99 56.45 -92.63 43.13
CA GLY YC 99 56.74 -92.15 41.79
C GLY YC 99 57.10 -93.34 40.94
N PHE YC 100 56.44 -93.51 39.80
CA PHE YC 100 56.57 -94.75 39.04
C PHE YC 100 56.99 -94.40 37.62
N ILE YC 101 57.99 -95.12 37.11
CA ILE YC 101 58.35 -95.05 35.70
C ILE YC 101 57.73 -96.25 35.00
N VAL YC 102 56.96 -95.98 33.95
CA VAL YC 102 56.24 -97.03 33.23
C VAL YC 102 56.77 -97.09 31.80
N LEU YC 103 57.13 -98.29 31.36
CA LEU YC 103 57.70 -98.51 30.04
C LEU YC 103 57.04 -99.72 29.39
N THR YC 104 56.81 -99.63 28.09
CA THR YC 104 56.24 -100.75 27.35
C THR YC 104 57.31 -101.80 27.09
N THR YC 105 56.90 -103.05 27.09
CA THR YC 105 57.82 -104.16 26.90
C THR YC 105 57.08 -105.28 26.21
N SER YC 106 57.82 -106.35 25.90
CA SER YC 106 57.24 -107.48 25.18
C SER YC 106 56.06 -108.08 25.92
N ALA YC 107 55.97 -107.91 27.23
CA ALA YC 107 54.84 -108.41 28.00
C ALA YC 107 53.68 -107.43 28.07
N GLY YC 108 53.92 -106.14 27.85
CA GLY YC 108 52.87 -105.15 27.82
C GLY YC 108 53.26 -103.91 28.59
N ILE YC 109 52.37 -102.92 28.57
CA ILE YC 109 52.55 -101.69 29.33
C ILE YC 109 52.55 -102.04 30.81
N MET YC 110 53.54 -101.54 31.54
CA MET YC 110 53.93 -102.18 32.78
C MET YC 110 54.95 -101.32 33.54
N ASP YC 111 54.72 -101.16 34.84
CA ASP YC 111 55.55 -100.29 35.64
C ASP YC 111 56.90 -100.92 35.92
N HIS YC 112 57.86 -100.07 36.31
CA HIS YC 112 59.25 -100.52 36.42
C HIS YC 112 59.43 -101.53 37.53
N GLU YC 113 58.75 -101.33 38.67
CA GLU YC 113 58.86 -102.30 39.76
C GLU YC 113 58.38 -103.67 39.32
N GLU YC 114 57.25 -103.70 38.60
CA GLU YC 114 56.81 -104.96 38.04
C GLU YC 114 57.68 -105.34 36.85
N ALA YC 115 58.23 -104.34 36.13
CA ALA YC 115 59.13 -104.64 35.00
C ALA YC 115 60.37 -105.35 35.48
N ARG YC 116 60.93 -104.87 36.57
CA ARG YC 116 62.09 -105.51 37.15
C ARG YC 116 61.73 -106.81 37.84
N ARG YC 117 60.46 -106.99 38.21
CA ARG YC 117 60.04 -108.25 38.80
C ARG YC 117 59.86 -109.34 37.74
N LYS YC 118 59.56 -108.93 36.51
CA LYS YC 118 59.43 -109.84 35.39
C LYS YC 118 60.73 -109.99 34.60
N HIS YC 119 61.74 -109.18 34.91
CA HIS YC 119 63.03 -109.20 34.22
C HIS YC 119 62.86 -108.89 32.74
N THR YC 120 62.19 -107.77 32.47
CA THR YC 120 61.88 -107.36 31.11
C THR YC 120 62.19 -105.88 30.94
N GLY YC 121 62.75 -105.54 29.79
CA GLY YC 121 62.94 -104.16 29.40
C GLY YC 121 62.20 -103.83 28.12
N GLY YC 122 62.33 -102.58 27.71
CA GLY YC 122 61.64 -102.13 26.50
C GLY YC 122 61.80 -100.65 26.21
N LYS YC 123 60.72 -100.03 25.78
CA LYS YC 123 60.72 -98.64 25.36
C LYS YC 123 60.02 -97.79 26.42
N ILE YC 124 60.66 -96.72 26.84
CA ILE YC 124 60.10 -95.87 27.88
C ILE YC 124 58.87 -95.15 27.35
N LEU YC 125 57.88 -94.91 28.22
CA LEU YC 125 56.65 -94.25 27.84
C LEU YC 125 56.42 -92.96 28.63
N GLY YC 126 56.59 -93.01 29.95
CA GLY YC 126 56.32 -91.83 30.76
C GLY YC 126 56.57 -92.11 32.22
N PHE YC 127 56.07 -91.20 33.05
CA PHE YC 127 56.25 -91.27 34.49
C PHE YC 127 55.10 -90.54 35.16
N PHE YC 128 54.88 -90.86 36.44
CA PHE YC 128 53.82 -90.19 37.19
C PHE YC 128 54.09 -90.32 38.68
N PHE YC 129 53.64 -89.31 39.44
CA PHE YC 129 53.79 -89.30 40.88
C PHE YC 129 52.86 -88.26 41.51
N PRO ZC 1 33.75 -73.53 37.21
CA PRO ZC 1 33.23 -74.78 37.77
C PRO ZC 1 34.23 -75.91 37.66
N LEU ZC 2 34.09 -76.93 38.50
CA LEU ZC 2 35.01 -78.06 38.55
C LEU ZC 2 34.34 -79.40 38.37
N ALA ZC 3 33.13 -79.59 38.92
CA ALA ZC 3 32.42 -80.85 38.86
C ALA ZC 3 31.41 -80.89 37.72
N LYS ZC 4 31.70 -80.23 36.60
CA LYS ZC 4 30.80 -80.26 35.45
C LYS ZC 4 30.67 -81.68 34.93
N ASP ZC 5 29.46 -82.03 34.48
CA ASP ZC 5 29.18 -83.36 33.97
C ASP ZC 5 29.50 -83.39 32.49
N LEU ZC 6 30.75 -83.72 32.16
CA LEU ZC 6 31.10 -83.99 30.78
C LEU ZC 6 30.59 -85.35 30.32
N LEU ZC 7 30.26 -86.24 31.26
CA LEU ZC 7 29.78 -87.56 30.89
C LEU ZC 7 28.39 -87.52 30.26
N HIS ZC 8 27.46 -86.80 30.90
CA HIS ZC 8 26.07 -86.75 30.46
C HIS ZC 8 25.65 -85.31 30.35
N PRO ZC 9 26.14 -84.60 29.33
CA PRO ZC 9 25.82 -83.17 29.20
C PRO ZC 9 24.36 -82.94 28.89
N SER ZC 10 23.86 -81.79 29.31
CA SER ZC 10 22.49 -81.42 29.04
C SER ZC 10 22.28 -81.31 27.53
N PRO ZC 11 21.12 -81.73 27.01
CA PRO ZC 11 20.91 -81.64 25.56
C PRO ZC 11 20.90 -80.21 25.04
N GLU ZC 12 20.45 -79.25 25.86
CA GLU ZC 12 20.42 -77.86 25.43
C GLU ZC 12 21.82 -77.36 25.10
N GLU ZC 13 22.79 -77.64 25.99
CA GLU ZC 13 24.17 -77.32 25.69
C GLU ZC 13 24.68 -78.20 24.56
N GLU ZC 14 24.40 -79.50 24.64
CA GLU ZC 14 24.92 -80.45 23.66
C GLU ZC 14 24.52 -80.05 22.24
N LYS ZC 15 23.32 -79.47 22.08
CA LYS ZC 15 22.98 -78.83 20.82
C LYS ZC 15 23.71 -77.50 20.66
N ARG ZC 16 23.84 -76.74 21.73
CA ARG ZC 16 24.33 -75.36 21.62
C ARG ZC 16 25.76 -75.31 21.12
N LYS ZC 17 26.56 -76.32 21.43
CA LYS ZC 17 27.95 -76.35 21.00
C LYS ZC 17 28.04 -76.46 19.48
N HIS ZC 18 29.28 -76.43 18.98
CA HIS ZC 18 29.54 -76.59 17.55
C HIS ZC 18 29.07 -77.98 17.09
N LYS ZC 19 29.01 -78.15 15.76
CA LYS ZC 19 28.70 -79.46 15.21
C LYS ZC 19 29.76 -80.48 15.60
N LYS ZC 20 31.02 -80.08 15.54
CA LYS ZC 20 32.11 -80.84 16.16
C LYS ZC 20 32.16 -80.50 17.65
N LYS ZC 21 33.26 -80.85 18.30
CA LYS ZC 21 33.51 -80.57 19.72
C LYS ZC 21 32.51 -81.27 20.63
N ARG ZC 22 31.72 -82.20 20.10
CA ARG ZC 22 30.77 -82.96 20.89
C ARG ZC 22 31.35 -84.30 21.29
N LEU ZC 23 30.68 -84.98 22.22
CA LEU ZC 23 31.13 -86.31 22.63
C LEU ZC 23 31.13 -87.26 21.44
N VAL ZC 24 30.01 -87.34 20.74
CA VAL ZC 24 29.92 -88.05 19.47
C VAL ZC 24 29.29 -87.08 18.47
N GLN ZC 25 29.99 -86.86 17.36
CA GLN ZC 25 29.58 -85.82 16.43
C GLN ZC 25 28.29 -86.20 15.73
N SER ZC 26 27.37 -85.24 15.65
CA SER ZC 26 26.09 -85.40 15.02
C SER ZC 26 25.81 -84.16 14.19
N PRO ZC 27 25.53 -84.32 12.91
CA PRO ZC 27 25.39 -83.15 12.03
C PRO ZC 27 24.18 -82.31 12.37
N ASN ZC 28 24.29 -81.01 12.08
CA ASN ZC 28 23.16 -80.10 12.18
C ASN ZC 28 22.25 -80.21 10.97
N SER ZC 29 22.61 -81.00 9.97
CA SER ZC 29 21.84 -81.15 8.76
C SER ZC 29 20.74 -82.21 8.93
N TYR ZC 30 19.82 -82.25 7.97
CA TYR ZC 30 18.74 -83.22 7.99
C TYR ZC 30 18.18 -83.35 6.59
N PHE ZC 31 17.15 -84.18 6.46
CA PHE ZC 31 16.49 -84.42 5.19
C PHE ZC 31 15.01 -84.09 5.33
N MET ZC 32 14.46 -83.38 4.34
CA MET ZC 32 13.08 -82.92 4.39
C MET ZC 32 12.29 -83.59 3.28
N ASP ZC 33 10.97 -83.59 3.41
CA ASP ZC 33 10.07 -83.96 2.33
C ASP ZC 33 9.21 -82.75 1.99
N VAL ZC 34 9.37 -82.23 0.78
CA VAL ZC 34 8.64 -81.06 0.34
C VAL ZC 34 7.75 -81.45 -0.84
N LYS ZC 35 6.49 -81.04 -0.80
CA LYS ZC 35 5.56 -81.30 -1.90
C LYS ZC 35 5.17 -79.95 -2.51
N CYS ZC 36 5.62 -79.72 -3.73
CA CYS ZC 36 5.26 -78.48 -4.43
C CYS ZC 36 3.77 -78.46 -4.73
N PRO ZC 37 3.09 -77.33 -4.54
CA PRO ZC 37 1.64 -77.30 -4.69
C PRO ZC 37 1.20 -77.71 -6.09
N GLY ZC 38 0.07 -78.39 -6.18
CA GLY ZC 38 -0.45 -78.83 -7.45
C GLY ZC 38 0.18 -80.10 -7.99
N CYS ZC 39 1.05 -80.74 -7.23
CA CYS ZC 39 1.66 -81.98 -7.65
C CYS ZC 39 1.65 -82.95 -6.48
N TYR ZC 40 1.70 -84.25 -6.80
CA TYR ZC 40 1.50 -85.30 -5.82
C TYR ZC 40 2.78 -86.03 -5.40
N LYS ZC 41 3.84 -85.96 -6.19
CA LYS ZC 41 5.06 -86.67 -5.87
C LYS ZC 41 5.82 -85.96 -4.75
N ILE ZC 42 6.39 -86.75 -3.85
CA ILE ZC 42 7.12 -86.24 -2.69
C ILE ZC 42 8.60 -86.48 -2.92
N THR ZC 43 9.42 -85.49 -2.58
CA THR ZC 43 10.86 -85.56 -2.79
C THR ZC 43 11.57 -85.38 -1.44
N THR ZC 44 12.87 -85.67 -1.44
CA THR ZC 44 13.67 -85.78 -0.21
C THR ZC 44 14.89 -84.85 -0.31
N VAL ZC 45 14.61 -83.58 -0.61
CA VAL ZC 45 15.68 -82.60 -0.71
C VAL ZC 45 16.49 -82.54 0.60
N PHE ZC 46 17.74 -82.10 0.47
CA PHE ZC 46 18.67 -82.02 1.59
C PHE ZC 46 18.58 -80.66 2.25
N SER ZC 47 18.94 -80.61 3.54
CA SER ZC 47 18.82 -79.37 4.30
C SER ZC 47 19.77 -78.31 3.77
N HIS ZC 48 21.07 -78.59 3.81
CA HIS ZC 48 22.08 -77.68 3.26
C HIS ZC 48 22.37 -78.02 1.81
N ALA ZC 49 21.31 -78.07 1.01
CA ALA ZC 49 21.40 -78.51 -0.37
C ALA ZC 49 22.31 -77.60 -1.17
N GLN ZC 50 23.05 -78.20 -2.10
CA GLN ZC 50 24.07 -77.51 -2.86
C GLN ZC 50 23.61 -77.06 -4.24
N THR ZC 51 22.76 -77.85 -4.90
CA THR ZC 51 22.28 -77.53 -6.24
C THR ZC 51 20.78 -77.30 -6.23
N VAL ZC 52 20.31 -76.56 -7.23
CA VAL ZC 52 18.88 -76.33 -7.38
C VAL ZC 52 18.18 -77.65 -7.63
N VAL ZC 53 17.07 -77.88 -6.93
CA VAL ZC 53 16.36 -79.15 -6.97
C VAL ZC 53 15.06 -78.96 -7.74
N LEU ZC 54 14.81 -79.83 -8.71
CA LEU ZC 54 13.60 -79.84 -9.50
C LEU ZC 54 12.83 -81.13 -9.28
N CYS ZC 55 11.51 -81.03 -9.27
CA CYS ZC 55 10.69 -82.22 -9.23
C CYS ZC 55 10.66 -82.85 -10.63
N VAL ZC 56 10.83 -84.18 -10.70
CA VAL ZC 56 11.02 -84.84 -11.98
C VAL ZC 56 9.78 -84.67 -12.87
N GLY ZC 57 8.62 -84.49 -12.26
CA GLY ZC 57 7.39 -84.33 -13.01
C GLY ZC 57 7.16 -82.93 -13.53
N CYS ZC 58 7.13 -81.96 -12.63
CA CYS ZC 58 6.85 -80.57 -12.98
C CYS ZC 58 8.15 -79.79 -13.09
N SER ZC 59 8.30 -79.02 -14.17
CA SER ZC 59 9.50 -78.21 -14.38
C SER ZC 59 9.46 -77.00 -13.44
N THR ZC 60 9.67 -77.29 -12.17
CA THR ZC 60 9.61 -76.27 -11.12
C THR ZC 60 10.83 -76.40 -10.21
N VAL ZC 61 11.17 -75.29 -9.58
CA VAL ZC 61 12.32 -75.22 -8.68
C VAL ZC 61 11.82 -75.35 -7.24
N LEU ZC 62 12.47 -76.23 -6.48
CA LEU ZC 62 12.17 -76.38 -5.06
C LEU ZC 62 13.16 -75.66 -4.17
N CYS ZC 63 14.45 -75.98 -4.28
CA CYS ZC 63 15.46 -75.46 -3.38
C CYS ZC 63 16.36 -74.46 -4.11
N GLN ZC 64 16.55 -73.30 -3.50
CA GLN ZC 64 17.47 -72.28 -4.01
C GLN ZC 64 18.67 -72.23 -3.09
N PRO ZC 65 19.84 -72.68 -3.54
CA PRO ZC 65 20.99 -72.78 -2.63
C PRO ZC 65 21.40 -71.43 -2.08
N THR ZC 66 21.78 -71.43 -0.81
CA THR ZC 66 22.29 -70.25 -0.12
C THR ZC 66 23.54 -70.66 0.66
N GLY ZC 67 23.95 -69.79 1.59
CA GLY ZC 67 25.12 -70.07 2.39
C GLY ZC 67 25.01 -71.36 3.18
N GLY ZC 68 24.18 -71.37 4.22
CA GLY ZC 68 24.06 -72.55 5.05
C GLY ZC 68 22.92 -73.48 4.67
N LYS ZC 69 21.71 -72.94 4.53
CA LYS ZC 69 20.51 -73.74 4.37
C LYS ZC 69 19.87 -73.46 3.01
N ALA ZC 70 19.30 -74.51 2.43
CA ALA ZC 70 18.63 -74.36 1.14
C ALA ZC 70 17.29 -73.68 1.31
N ARG ZC 71 17.13 -72.51 0.69
CA ARG ZC 71 15.91 -71.73 0.79
C ARG ZC 71 14.86 -72.33 -0.16
N LEU ZC 72 13.75 -72.77 0.41
CA LEU ZC 72 12.65 -73.29 -0.37
C LEU ZC 72 11.93 -72.13 -1.06
N THR ZC 73 11.20 -72.45 -2.12
CA THR ZC 73 10.43 -71.47 -2.87
C THR ZC 73 9.19 -71.08 -2.06
N GLU ZC 74 8.23 -70.43 -2.71
CA GLU ZC 74 6.99 -70.06 -2.04
C GLU ZC 74 6.35 -71.26 -1.37
N GLY ZC 75 5.51 -71.00 -0.37
CA GLY ZC 75 5.06 -71.99 0.58
C GLY ZC 75 4.76 -73.39 0.08
N CYS ZC 76 5.47 -74.37 0.62
CA CYS ZC 76 5.26 -75.77 0.32
C CYS ZC 76 5.32 -76.58 1.61
N SER ZC 77 4.71 -77.76 1.60
CA SER ZC 77 4.54 -78.55 2.82
C SER ZC 77 5.89 -79.13 3.23
N PHE ZC 78 6.64 -78.31 3.96
CA PHE ZC 78 7.83 -78.75 4.65
C PHE ZC 78 7.50 -79.87 5.63
N ARG ZC 79 8.37 -80.87 5.72
CA ARG ZC 79 8.30 -81.84 6.81
C ARG ZC 79 9.64 -82.54 6.98
N ARG ZC 80 10.06 -82.70 8.22
CA ARG ZC 80 11.28 -83.40 8.59
C ARG ZC 80 10.91 -84.74 9.21
N LYS ZC 81 11.47 -85.82 8.66
CA LYS ZC 81 11.03 -87.17 8.98
C LYS ZC 81 12.04 -87.90 9.84
N GLN ZC 82 11.54 -88.48 10.94
CA GLN ZC 82 12.20 -89.49 11.76
C GLN ZC 82 13.55 -89.06 12.32
N HIS ZC 83 13.92 -87.80 12.15
CA HIS ZC 83 15.20 -87.26 12.62
C HIS ZC 83 16.38 -88.03 12.05
N GLY DD 1 89.93 -18.43 -47.68
CA GLY DD 1 88.91 -17.82 -48.51
C GLY DD 1 88.15 -18.84 -49.32
N ARG DD 2 88.09 -20.06 -48.81
CA ARG DD 2 87.39 -21.14 -49.48
C ARG DD 2 86.07 -21.41 -48.79
N VAL DD 3 85.04 -21.69 -49.58
CA VAL DD 3 83.72 -21.93 -49.02
C VAL DD 3 83.75 -23.20 -48.18
N ILE DD 4 82.94 -23.20 -47.13
CA ILE DD 4 82.93 -24.30 -46.18
C ILE DD 4 82.03 -25.42 -46.68
N ARG DD 5 82.22 -26.60 -46.13
CA ARG DD 5 81.27 -27.67 -46.33
C ARG DD 5 79.94 -27.28 -45.69
N GLY DD 6 78.85 -27.52 -46.41
CA GLY DD 6 77.57 -27.02 -45.98
C GLY DD 6 77.13 -25.89 -46.91
N GLN DD 7 78.09 -25.04 -47.27
CA GLN DD 7 77.85 -24.12 -48.37
C GLN DD 7 77.87 -24.86 -49.70
N ARG DD 8 78.81 -25.79 -49.85
CA ARG DD 8 78.86 -26.62 -51.05
C ARG DD 8 77.68 -27.56 -51.13
N LYS DD 9 77.00 -27.81 -50.01
CA LYS DD 9 75.88 -28.74 -50.00
C LYS DD 9 74.74 -28.27 -50.89
N GLY DD 10 74.43 -26.98 -50.87
CA GLY DD 10 73.30 -26.48 -51.64
C GLY DD 10 73.55 -26.41 -53.13
N ALA DD 11 74.77 -26.68 -53.57
CA ALA DD 11 75.07 -26.57 -54.99
C ALA DD 11 74.72 -27.83 -55.77
N GLY DD 12 74.18 -28.85 -55.12
CA GLY DD 12 73.80 -30.03 -55.88
C GLY DD 12 74.78 -31.18 -55.91
N SER DD 13 75.64 -31.17 -56.94
CA SER DD 13 76.18 -32.38 -57.56
C SER DD 13 76.47 -33.53 -56.60
N VAL DD 14 77.33 -33.31 -55.61
CA VAL DD 14 77.75 -34.43 -54.78
C VAL DD 14 76.89 -34.60 -53.53
N PHE DD 15 75.97 -33.68 -53.27
CA PHE DD 15 75.08 -33.79 -52.12
C PHE DD 15 73.64 -34.08 -52.53
N ARG DD 16 73.40 -34.41 -53.79
CA ARG DD 16 72.04 -34.72 -54.22
C ARG DD 16 71.62 -36.08 -53.69
N ALA DD 17 70.33 -36.22 -53.42
CA ALA DD 17 69.82 -37.40 -52.74
C ALA DD 17 69.97 -38.65 -53.59
N HIS DD 18 70.41 -39.73 -52.95
CA HIS DD 18 70.52 -41.03 -53.60
C HIS DD 18 69.12 -41.62 -53.68
N VAL DD 19 68.52 -41.57 -54.87
CA VAL DD 19 67.11 -41.94 -55.00
C VAL DD 19 66.90 -42.92 -56.14
N LYS DD 20 67.94 -43.67 -56.49
CA LYS DD 20 67.83 -44.56 -57.64
C LYS DD 20 66.85 -45.70 -57.37
N HIS DD 21 66.99 -46.38 -56.24
CA HIS DD 21 66.20 -47.56 -55.93
C HIS DD 21 64.93 -47.25 -55.17
N ARG DD 22 64.63 -45.98 -54.93
CA ARG DD 22 63.41 -45.64 -54.20
C ARG DD 22 62.18 -46.03 -55.00
N LYS DD 23 61.15 -46.48 -54.28
CA LYS DD 23 59.98 -47.07 -54.89
C LYS DD 23 58.96 -46.05 -55.37
N GLY DD 24 59.18 -44.77 -55.11
CA GLY DD 24 58.26 -43.73 -55.50
C GLY DD 24 57.93 -42.79 -54.35
N ALA DD 25 57.27 -41.70 -54.71
CA ALA DD 25 56.89 -40.71 -53.72
C ALA DD 25 55.73 -41.23 -52.89
N ALA DD 26 55.93 -41.30 -51.58
CA ALA DD 26 54.94 -41.84 -50.65
C ALA DD 26 53.99 -40.71 -50.28
N ARG DD 27 52.72 -40.87 -50.62
CA ARG DD 27 51.73 -39.82 -50.37
C ARG DD 27 50.34 -40.40 -50.52
N LEU DD 28 49.35 -39.62 -50.09
CA LEU DD 28 47.96 -40.02 -50.21
C LEU DD 28 47.50 -39.86 -51.66
N ARG DD 29 46.31 -40.38 -51.95
CA ARG DD 29 45.71 -40.13 -53.25
C ARG DD 29 45.11 -38.74 -53.29
N ALA DD 30 44.96 -38.23 -54.50
CA ALA DD 30 44.34 -36.91 -54.68
C ALA DD 30 42.86 -36.97 -54.31
N VAL DD 31 42.37 -35.88 -53.72
CA VAL DD 31 40.97 -35.80 -53.35
C VAL DD 31 40.10 -35.83 -54.60
N ASP DD 32 38.89 -36.34 -54.46
CA ASP DD 32 37.96 -36.42 -55.57
C ASP DD 32 36.54 -36.38 -55.02
N PHE DD 33 35.56 -36.68 -55.86
CA PHE DD 33 34.17 -36.66 -55.41
C PHE DD 33 33.94 -37.67 -54.29
N ALA DD 34 34.40 -38.91 -54.48
CA ALA DD 34 34.15 -39.93 -53.48
C ALA DD 34 34.83 -39.59 -52.16
N GLU DD 35 36.08 -39.14 -52.22
CA GLU DD 35 36.84 -38.79 -51.04
C GLU DD 35 36.27 -37.57 -50.32
N ARG DD 36 35.52 -36.73 -51.04
CA ARG DD 36 34.96 -35.50 -50.50
C ARG DD 36 33.53 -35.66 -50.01
N HIS DD 37 32.82 -36.67 -50.47
CA HIS DD 37 31.44 -36.90 -50.06
C HIS DD 37 31.23 -38.24 -49.36
N GLY DD 38 31.70 -39.34 -49.95
CA GLY DD 38 31.49 -40.63 -49.36
C GLY DD 38 32.79 -41.32 -48.96
N TYR DD 39 32.99 -42.54 -49.44
CA TYR DD 39 34.24 -43.25 -49.20
C TYR DD 39 34.48 -44.22 -50.35
N ILE DD 40 35.75 -44.55 -50.57
CA ILE DD 40 36.13 -45.52 -51.58
C ILE DD 40 36.96 -46.61 -50.92
N LYS DD 41 36.61 -47.86 -51.21
CA LYS DD 41 37.30 -49.02 -50.65
C LYS DD 41 38.54 -49.33 -51.47
N GLY DD 42 39.62 -49.70 -50.78
CA GLY DD 42 40.87 -50.01 -51.44
C GLY DD 42 41.55 -51.18 -50.77
N ILE DD 43 42.35 -51.88 -51.57
CA ILE DD 43 43.01 -53.10 -51.14
C ILE DD 43 44.52 -52.91 -51.24
N VAL DD 44 45.22 -53.15 -50.14
CA VAL DD 44 46.67 -53.14 -50.16
C VAL DD 44 47.18 -54.41 -50.83
N LYS DD 45 48.16 -54.27 -51.71
CA LYS DD 45 48.68 -55.41 -52.43
C LYS DD 45 49.96 -55.96 -51.84
N ASP DD 46 50.83 -55.10 -51.32
CA ASP DD 46 52.06 -55.57 -50.68
C ASP DD 46 52.61 -54.48 -49.79
N ILE DD 47 53.56 -54.87 -48.95
CA ILE DD 47 54.31 -53.95 -48.12
C ILE DD 47 55.77 -54.02 -48.56
N ILE DD 48 56.34 -52.89 -48.94
CA ILE DD 48 57.67 -52.86 -49.52
C ILE DD 48 58.54 -51.90 -48.73
N HIS DD 49 59.83 -52.21 -48.70
CA HIS DD 49 60.80 -51.42 -47.96
C HIS DD 49 61.44 -50.42 -48.90
N ASP DD 50 61.18 -49.13 -48.67
CA ASP DD 50 61.71 -48.08 -49.52
C ASP DD 50 63.07 -47.66 -48.99
N PRO DD 51 64.14 -47.80 -49.79
CA PRO DD 51 65.49 -47.58 -49.25
C PRO DD 51 65.67 -46.17 -48.69
N GLY DD 52 66.46 -46.09 -47.62
CA GLY DD 52 66.89 -44.81 -47.08
C GLY DD 52 65.87 -44.11 -46.22
N ARG DD 53 64.65 -44.60 -46.13
CA ARG DD 53 63.60 -43.96 -45.35
C ARG DD 53 62.92 -44.99 -44.46
N GLY DD 54 63.72 -45.78 -43.74
CA GLY DD 54 63.20 -47.03 -43.25
C GLY DD 54 61.96 -46.87 -42.40
N ALA DD 55 60.86 -47.15 -43.08
CA ALA DD 55 59.48 -47.23 -42.62
C ALA DD 55 58.74 -47.85 -43.79
N PRO DD 56 57.98 -48.92 -43.59
CA PRO DD 56 57.40 -49.62 -44.74
C PRO DD 56 56.34 -48.79 -45.43
N LEU DD 57 56.24 -49.01 -46.73
CA LEU DD 57 55.21 -48.41 -47.56
C LEU DD 57 54.28 -49.49 -48.07
N ALA DD 58 52.99 -49.17 -48.15
CA ALA DD 58 51.98 -50.10 -48.62
C ALA DD 58 51.58 -49.73 -50.04
N LYS DD 59 51.74 -50.67 -50.96
CA LYS DD 59 51.33 -50.48 -52.35
C LYS DD 59 49.87 -50.90 -52.43
N VAL DD 60 48.99 -49.92 -52.41
CA VAL DD 60 47.55 -50.16 -52.44
C VAL DD 60 47.05 -49.87 -53.83
N VAL DD 61 46.04 -50.62 -54.26
CA VAL DD 61 45.42 -50.46 -55.57
C VAL DD 61 43.95 -50.11 -55.35
N PHE DD 62 43.46 -49.14 -56.11
CA PHE DD 62 42.08 -48.69 -56.03
C PHE DD 62 41.37 -48.93 -57.36
N ARG DD 63 40.08 -48.64 -57.36
CA ARG DD 63 39.28 -48.66 -58.57
C ARG DD 63 39.00 -47.24 -59.01
N ASP DD 64 39.24 -46.96 -60.28
CA ASP DD 64 38.94 -45.64 -60.83
C ASP DD 64 37.44 -45.49 -61.04
N PRO DD 65 36.79 -44.52 -60.41
CA PRO DD 65 35.34 -44.35 -60.60
C PRO DD 65 34.95 -43.55 -61.82
N TYR DD 66 35.91 -43.08 -62.62
CA TYR DD 66 35.61 -42.29 -63.79
C TYR DD 66 35.98 -42.98 -65.09
N ARG DD 67 36.83 -44.01 -65.06
CA ARG DD 67 37.09 -44.83 -66.23
C ARG DD 67 37.43 -46.22 -65.74
N PHE DD 68 37.29 -47.19 -66.64
CA PHE DD 68 37.54 -48.57 -66.27
C PHE DD 68 39.03 -48.79 -66.12
N LYS DD 69 39.57 -48.53 -64.93
CA LYS DD 69 41.00 -48.66 -64.70
C LYS DD 69 41.24 -48.95 -63.23
N LYS DD 70 42.42 -49.51 -62.95
CA LYS DD 70 42.89 -49.73 -61.61
C LYS DD 70 44.01 -48.75 -61.31
N ARG DD 71 43.91 -48.05 -60.19
CA ARG DD 71 44.90 -47.06 -59.78
C ARG DD 71 45.63 -47.57 -58.56
N THR DD 72 46.93 -47.31 -58.50
CA THR DD 72 47.77 -47.76 -57.39
C THR DD 72 48.32 -46.56 -56.66
N GLU DD 73 48.24 -46.59 -55.34
CA GLU DD 73 48.79 -45.53 -54.51
C GLU DD 73 49.92 -46.09 -53.65
N LEU DD 74 50.61 -45.18 -52.96
CA LEU DD 74 51.81 -45.51 -52.22
C LEU DD 74 51.70 -45.02 -50.77
N PHE DD 75 50.60 -45.38 -50.11
CA PHE DD 75 50.37 -44.93 -48.74
C PHE DD 75 51.51 -45.35 -47.84
N ILE DD 76 51.82 -44.48 -46.88
CA ILE DD 76 52.73 -44.82 -45.79
C ILE DD 76 52.03 -45.78 -44.86
N ALA DD 77 52.64 -46.95 -44.65
CA ALA DD 77 51.95 -48.04 -43.96
C ALA DD 77 51.85 -47.78 -42.47
N ALA DD 78 50.65 -47.48 -41.99
CA ALA DD 78 50.41 -47.45 -40.55
C ALA DD 78 50.45 -48.87 -40.02
N GLU DD 79 51.20 -49.09 -38.94
CA GLU DD 79 51.49 -50.46 -38.55
C GLU DD 79 50.27 -51.14 -37.97
N GLY DD 80 50.28 -52.46 -38.04
CA GLY DD 80 49.14 -53.28 -37.71
C GLY DD 80 48.32 -53.71 -38.91
N ILE DD 81 48.49 -53.05 -40.05
CA ILE DD 81 47.81 -53.47 -41.26
C ILE DD 81 48.57 -54.62 -41.90
N HIS DD 82 47.93 -55.26 -42.87
CA HIS DD 82 48.49 -56.44 -43.51
C HIS DD 82 48.02 -56.50 -44.95
N THR DD 83 48.78 -57.21 -45.78
CA THR DD 83 48.37 -57.41 -47.15
C THR DD 83 47.06 -58.18 -47.19
N GLY DD 84 46.26 -57.93 -48.22
CA GLY DD 84 44.95 -58.53 -48.29
C GLY DD 84 43.92 -57.87 -47.41
N GLN DD 85 44.26 -56.76 -46.76
CA GLN DD 85 43.32 -56.03 -45.94
C GLN DD 85 42.75 -54.84 -46.70
N PHE DD 86 41.44 -54.69 -46.64
CA PHE DD 86 40.76 -53.58 -47.29
C PHE DD 86 40.97 -52.31 -46.49
N VAL DD 87 41.36 -51.25 -47.17
CA VAL DD 87 41.48 -49.94 -46.56
C VAL DD 87 40.39 -49.05 -47.13
N TYR DD 88 40.08 -47.96 -46.43
CA TYR DD 88 38.97 -47.10 -46.80
C TYR DD 88 39.43 -45.65 -46.86
N CYS DD 89 39.26 -45.04 -48.03
CA CYS DD 89 39.48 -43.62 -48.25
C CYS DD 89 38.12 -42.96 -48.35
N GLY DD 90 37.89 -41.93 -47.55
CA GLY DD 90 36.65 -41.19 -47.64
C GLY DD 90 36.24 -40.62 -46.30
N LYS DD 91 35.47 -39.54 -46.37
CA LYS DD 91 34.91 -38.91 -45.18
C LYS DD 91 33.84 -39.75 -44.51
N LYS DD 92 33.31 -40.77 -45.21
CA LYS DD 92 32.30 -41.65 -44.63
C LYS DD 92 32.89 -42.88 -43.97
N ALA DD 93 34.21 -43.08 -44.08
CA ALA DD 93 34.84 -44.23 -43.47
C ALA DD 93 34.85 -44.09 -41.95
N GLN DD 94 34.97 -45.22 -41.27
CA GLN DD 94 34.96 -45.25 -39.82
C GLN DD 94 36.37 -45.24 -39.27
N LEU DD 95 36.48 -45.34 -37.94
CA LEU DD 95 37.75 -45.21 -37.25
C LEU DD 95 38.42 -46.58 -37.15
N ASN DD 96 39.19 -46.91 -38.17
CA ASN DD 96 39.95 -48.16 -38.20
C ASN DD 96 41.39 -47.87 -38.60
N ILE DD 97 42.29 -48.69 -38.08
CA ILE DD 97 43.71 -48.54 -38.38
C ILE DD 97 43.92 -48.67 -39.88
N GLY DD 98 44.55 -47.66 -40.48
CA GLY DD 98 44.81 -47.70 -41.90
C GLY DD 98 43.91 -46.78 -42.69
N ASN DD 99 42.64 -46.68 -42.30
CA ASN DD 99 41.71 -45.84 -43.05
C ASN DD 99 42.06 -44.37 -42.85
N VAL DD 100 41.60 -43.56 -43.80
CA VAL DD 100 41.91 -42.14 -43.89
C VAL DD 100 40.62 -41.37 -44.06
N LEU DD 101 40.51 -40.25 -43.37
CA LEU DD 101 39.31 -39.42 -43.37
C LEU DD 101 39.69 -38.02 -42.96
N PRO DD 102 38.93 -37.02 -43.38
CA PRO DD 102 39.24 -35.63 -43.00
C PRO DD 102 39.27 -35.47 -41.49
N VAL DD 103 40.17 -34.58 -41.04
CA VAL DD 103 40.38 -34.40 -39.61
C VAL DD 103 39.19 -33.74 -38.94
N GLY DD 104 38.26 -33.20 -39.72
CA GLY DD 104 37.02 -32.72 -39.16
C GLY DD 104 36.16 -33.79 -38.52
N THR DD 105 36.41 -35.08 -38.82
CA THR DD 105 35.48 -36.16 -38.50
C THR DD 105 36.00 -37.08 -37.40
N MET DD 106 37.25 -36.98 -37.01
CA MET DD 106 37.46 -37.87 -35.87
C MET DD 106 37.39 -37.10 -34.57
N PRO DD 107 36.97 -37.73 -33.48
CA PRO DD 107 36.86 -37.01 -32.20
C PRO DD 107 38.22 -36.74 -31.59
N GLU DD 108 38.20 -35.89 -30.56
CA GLU DD 108 39.43 -35.27 -30.09
C GLU DD 108 40.26 -36.18 -29.19
N GLY DD 109 40.55 -37.38 -29.66
CA GLY DD 109 41.52 -38.23 -29.00
C GLY DD 109 42.30 -39.04 -30.00
N THR DD 110 42.02 -38.80 -31.28
CA THR DD 110 42.47 -39.68 -32.34
C THR DD 110 43.96 -39.49 -32.62
N ILE DD 111 44.57 -40.54 -33.17
CA ILE DD 111 45.99 -40.56 -33.48
C ILE DD 111 46.13 -40.74 -34.99
N VAL DD 112 46.80 -39.79 -35.64
CA VAL DD 112 46.97 -39.83 -37.08
C VAL DD 112 48.46 -39.94 -37.39
N CYS DD 113 48.76 -40.45 -38.59
CA CYS DD 113 50.16 -40.66 -38.95
C CYS DD 113 50.52 -40.35 -40.40
N CYS DD 114 49.65 -39.71 -41.16
CA CYS DD 114 50.09 -39.11 -42.43
C CYS DD 114 49.19 -37.89 -42.66
N LEU DD 115 49.65 -36.74 -42.19
CA LEU DD 115 48.79 -35.58 -42.08
C LEU DD 115 49.04 -34.61 -43.22
N GLU DD 116 48.03 -33.81 -43.53
CA GLU DD 116 48.10 -32.80 -44.58
C GLU DD 116 48.34 -31.44 -43.95
N GLU DD 117 49.47 -30.82 -44.28
CA GLU DD 117 49.74 -29.46 -43.82
C GLU DD 117 48.72 -28.49 -44.39
N LYS DD 118 48.21 -28.76 -45.58
CA LYS DD 118 47.21 -27.93 -46.25
C LYS DD 118 46.03 -28.79 -46.65
N PRO DD 119 44.85 -28.21 -46.75
CA PRO DD 119 43.67 -29.02 -47.08
C PRO DD 119 43.51 -29.30 -48.56
N GLY DD 120 44.21 -30.33 -49.04
CA GLY DD 120 44.09 -30.69 -50.44
C GLY DD 120 45.34 -31.30 -51.04
N ASP DD 121 46.47 -31.18 -50.38
CA ASP DD 121 47.67 -31.88 -50.82
C ASP DD 121 47.62 -33.31 -50.27
N ARG DD 122 48.73 -34.01 -50.33
CA ARG DD 122 48.81 -35.36 -49.80
C ARG DD 122 49.51 -35.32 -48.44
N GLY DD 123 49.81 -36.50 -47.90
CA GLY DD 123 50.41 -36.59 -46.58
C GLY DD 123 51.72 -35.85 -46.45
N LYS DD 124 51.84 -35.00 -45.43
CA LYS DD 124 53.01 -34.16 -45.26
C LYS DD 124 53.60 -34.14 -43.86
N LEU DD 125 52.84 -34.51 -42.83
CA LEU DD 125 53.30 -34.38 -41.45
C LEU DD 125 53.30 -35.74 -40.77
N ALA DD 126 54.21 -35.90 -39.82
CA ALA DD 126 54.31 -37.09 -38.98
C ALA DD 126 54.40 -38.35 -39.85
N ARG DD 127 55.47 -38.43 -40.64
CA ARG DD 127 55.65 -39.53 -41.56
C ARG DD 127 56.81 -40.45 -41.21
N ALA DD 128 57.76 -39.98 -40.41
CA ALA DD 128 58.91 -40.79 -40.05
C ALA DD 128 58.51 -41.94 -39.13
N SER DD 129 59.20 -43.06 -39.29
CA SER DD 129 58.82 -44.31 -38.62
C SER DD 129 58.71 -44.12 -37.11
N GLY DD 130 57.64 -44.64 -36.52
CA GLY DD 130 57.41 -44.55 -35.11
C GLY DD 130 56.79 -43.26 -34.64
N ASN DD 131 56.55 -42.30 -35.54
CA ASN DD 131 55.99 -41.02 -35.15
C ASN DD 131 54.49 -41.01 -35.38
N TYR DD 132 53.84 -39.98 -34.83
CA TYR DD 132 52.42 -39.78 -35.02
C TYR DD 132 52.05 -38.39 -34.57
N ALA DD 133 50.79 -38.04 -34.77
CA ALA DD 133 50.24 -36.79 -34.29
C ALA DD 133 48.88 -37.06 -33.67
N THR DD 134 48.49 -36.22 -32.72
CA THR DD 134 47.25 -36.39 -31.98
C THR DD 134 46.38 -35.16 -32.19
N VAL DD 135 45.11 -35.40 -32.50
CA VAL DD 135 44.14 -34.31 -32.61
C VAL DD 135 43.71 -33.90 -31.22
N ILE DD 136 43.79 -32.61 -30.92
CA ILE DD 136 43.48 -32.12 -29.59
C ILE DD 136 42.02 -31.69 -29.52
N SER DD 137 41.57 -30.96 -30.54
CA SER DD 137 40.19 -30.50 -30.58
C SER DD 137 39.90 -29.93 -31.96
N HIS DD 138 38.63 -29.68 -32.21
CA HIS DD 138 38.19 -28.90 -33.36
C HIS DD 138 37.44 -27.68 -32.88
N ASN DD 139 36.94 -26.93 -33.85
CA ASN DD 139 35.86 -25.99 -33.65
C ASN DD 139 35.05 -26.00 -34.94
N PRO DD 140 33.81 -26.49 -34.90
CA PRO DD 140 33.03 -26.57 -36.14
C PRO DD 140 32.88 -25.24 -36.84
N GLU DD 141 32.72 -24.16 -36.08
CA GLU DD 141 32.80 -22.83 -36.66
C GLU DD 141 34.23 -22.57 -37.12
N THR DD 142 34.36 -21.89 -38.26
CA THR DD 142 35.64 -21.65 -38.94
C THR DD 142 36.28 -22.94 -39.43
N LYS DD 143 35.64 -24.08 -39.16
CA LYS DD 143 36.08 -25.40 -39.62
C LYS DD 143 37.58 -25.61 -39.42
N LYS DD 144 38.03 -25.25 -38.22
CA LYS DD 144 39.44 -25.39 -37.86
C LYS DD 144 39.60 -26.53 -36.89
N THR DD 145 40.85 -26.82 -36.55
CA THR DD 145 41.17 -27.86 -35.59
C THR DD 145 42.56 -27.62 -35.02
N ARG DD 146 42.83 -28.28 -33.90
CA ARG DD 146 44.12 -28.17 -33.23
C ARG DD 146 44.69 -29.56 -33.01
N VAL DD 147 45.93 -29.76 -33.42
CA VAL DD 147 46.60 -31.05 -33.27
C VAL DD 147 47.98 -30.81 -32.69
N LYS DD 148 48.57 -31.87 -32.15
CA LYS DD 148 49.92 -31.84 -31.62
C LYS DD 148 50.83 -32.64 -32.54
N LEU DD 149 51.87 -31.99 -33.03
CA LEU DD 149 52.83 -32.65 -33.90
C LEU DD 149 53.79 -33.49 -33.08
N PRO DD 150 54.47 -34.46 -33.72
CA PRO DD 150 55.44 -35.27 -32.97
C PRO DD 150 56.53 -34.44 -32.31
N SER DD 151 56.89 -33.29 -32.86
CA SER DD 151 57.88 -32.43 -32.24
C SER DD 151 57.38 -31.82 -30.93
N GLY DD 152 56.10 -31.93 -30.64
CA GLY DD 152 55.54 -31.39 -29.43
C GLY DD 152 54.92 -30.02 -29.57
N SER DD 153 54.82 -29.49 -30.78
CA SER DD 153 54.22 -28.18 -31.02
C SER DD 153 52.78 -28.35 -31.48
N LYS DD 154 51.91 -27.50 -30.93
CA LYS DD 154 50.50 -27.51 -31.30
C LYS DD 154 50.29 -26.67 -32.56
N LYS DD 155 49.55 -27.21 -33.51
CA LYS DD 155 49.31 -26.53 -34.78
C LYS DD 155 47.82 -26.52 -35.07
N VAL DD 156 47.35 -25.44 -35.70
CA VAL DD 156 45.97 -25.32 -36.14
C VAL DD 156 45.95 -25.44 -37.66
N ILE DD 157 45.13 -26.36 -38.17
CA ILE DD 157 44.97 -26.55 -39.60
C ILE DD 157 43.48 -26.65 -39.92
N SER DD 158 43.18 -26.66 -41.21
CA SER DD 158 41.80 -26.81 -41.64
C SER DD 158 41.25 -28.18 -41.27
N SER DD 159 39.99 -28.20 -40.87
CA SER DD 159 39.33 -29.45 -40.50
C SER DD 159 39.13 -30.38 -41.68
N ALA DD 160 39.34 -29.90 -42.90
CA ALA DD 160 39.19 -30.74 -44.08
C ALA DD 160 40.44 -31.53 -44.43
N ASN DD 161 41.55 -31.30 -43.73
CA ASN DD 161 42.76 -32.07 -43.99
C ASN DD 161 42.53 -33.54 -43.66
N ARG DD 162 43.28 -34.41 -44.32
CA ARG DD 162 43.07 -35.84 -44.21
C ARG DD 162 44.32 -36.52 -43.65
N ALA DD 163 44.11 -37.70 -43.08
CA ALA DD 163 45.20 -38.44 -42.48
C ALA DD 163 44.80 -39.88 -42.23
N VAL DD 164 45.74 -40.80 -42.42
CA VAL DD 164 45.47 -42.20 -42.14
C VAL DD 164 45.46 -42.41 -40.62
N VAL DD 165 44.59 -43.31 -40.18
CA VAL DD 165 44.36 -43.53 -38.77
C VAL DD 165 45.39 -44.52 -38.23
N GLY DD 166 46.04 -44.16 -37.14
CA GLY DD 166 47.01 -45.03 -36.52
C GLY DD 166 48.38 -44.38 -36.42
N VAL DD 167 49.42 -45.19 -36.35
CA VAL DD 167 50.79 -44.70 -36.29
C VAL DD 167 51.59 -45.37 -37.40
N VAL DD 168 52.55 -44.62 -37.94
CA VAL DD 168 53.43 -45.19 -38.96
C VAL DD 168 54.17 -46.39 -38.39
N ALA DD 169 54.51 -47.32 -39.27
CA ALA DD 169 55.18 -48.54 -38.84
C ALA DD 169 56.65 -48.25 -38.58
N GLY DD 170 57.40 -49.33 -38.36
CA GLY DD 170 58.81 -49.22 -38.07
C GLY DD 170 59.14 -49.06 -36.61
N GLY DD 171 58.17 -48.67 -35.78
CA GLY DD 171 58.38 -48.61 -34.35
C GLY DD 171 59.62 -47.87 -33.91
N GLY DD 172 60.36 -48.48 -32.99
CA GLY DD 172 61.56 -47.88 -32.43
C GLY DD 172 62.83 -48.17 -33.20
N ARG DD 173 62.98 -47.52 -34.35
CA ARG DD 173 64.18 -47.74 -35.15
C ARG DD 173 65.44 -47.26 -34.43
N ILE DD 174 65.37 -46.10 -33.76
CA ILE DD 174 66.58 -45.51 -33.20
C ILE DD 174 67.08 -46.20 -31.95
N ASP DD 175 66.28 -47.09 -31.35
CA ASP DD 175 66.69 -47.71 -30.09
C ASP DD 175 67.91 -48.60 -30.28
N LYS DD 176 67.95 -49.39 -31.34
CA LYS DD 176 69.09 -50.25 -31.57
C LYS DD 176 70.32 -49.41 -31.90
N PRO DD 177 71.40 -49.50 -31.14
CA PRO DD 177 72.61 -48.76 -31.48
C PRO DD 177 73.16 -49.21 -32.82
N ILE DD 178 73.63 -48.25 -33.62
CA ILE DD 178 74.17 -48.58 -34.92
C ILE DD 178 75.40 -49.47 -34.78
N LEU DD 179 76.23 -49.18 -33.78
CA LEU DD 179 77.17 -50.15 -33.23
C LEU DD 179 78.39 -50.41 -34.10
N LYS DD 180 78.41 -49.86 -35.31
CA LYS DD 180 79.52 -50.10 -36.22
C LYS DD 180 79.55 -49.02 -37.28
N ALA DD 181 80.77 -48.60 -37.63
CA ALA DD 181 80.91 -47.60 -38.68
C ALA DD 181 80.29 -48.08 -39.99
N GLY DD 182 80.47 -49.35 -40.31
CA GLY DD 182 79.89 -49.88 -41.53
C GLY DD 182 78.38 -49.76 -41.55
N ARG DD 183 77.73 -50.08 -40.43
CA ARG DD 183 76.29 -49.91 -40.35
C ARG DD 183 75.92 -48.45 -40.55
N ALA DD 184 76.70 -47.54 -39.97
CA ALA DD 184 76.50 -46.12 -40.26
C ALA DD 184 76.77 -45.83 -41.74
N TYR DD 185 77.82 -46.42 -42.30
CA TYR DD 185 78.14 -46.16 -43.70
C TYR DD 185 77.03 -46.63 -44.62
N HIS DD 186 76.52 -47.85 -44.38
CA HIS DD 186 75.44 -48.35 -45.21
C HIS DD 186 74.19 -47.50 -45.10
N LYS DD 187 73.83 -47.10 -43.88
CA LYS DD 187 72.58 -46.39 -43.68
C LYS DD 187 72.55 -45.08 -44.47
N TYR DD 188 73.65 -44.35 -44.46
CA TYR DD 188 73.69 -43.06 -45.14
C TYR DD 188 74.03 -43.18 -46.62
N LYS DD 189 74.56 -44.32 -47.06
CA LYS DD 189 74.84 -44.47 -48.49
C LYS DD 189 73.55 -44.40 -49.29
N ALA DD 190 72.48 -45.02 -48.81
CA ALA DD 190 71.20 -44.95 -49.49
C ALA DD 190 70.50 -43.60 -49.33
N LYS DD 191 70.98 -42.75 -48.42
CA LYS DD 191 70.32 -41.47 -48.18
C LYS DD 191 70.95 -40.34 -48.97
N ARG DD 192 72.20 -40.01 -48.68
CA ARG DD 192 72.90 -38.89 -49.31
C ARG DD 192 74.33 -38.85 -48.79
N ASN DD 193 75.21 -38.22 -49.56
CA ASN DD 193 76.63 -38.14 -49.24
C ASN DD 193 76.82 -37.16 -48.09
N CYS DD 194 76.52 -37.61 -46.88
CA CYS DD 194 76.61 -36.73 -45.72
C CYS DD 194 77.18 -37.38 -44.48
N TRP DD 195 77.54 -38.66 -44.50
CA TRP DD 195 77.81 -39.35 -43.24
C TRP DD 195 79.14 -38.98 -42.60
N PRO DD 196 80.28 -39.17 -43.26
CA PRO DD 196 81.54 -38.94 -42.56
C PRO DD 196 81.71 -37.46 -42.26
N ARG DD 197 81.53 -37.08 -40.99
CA ARG DD 197 81.49 -35.67 -40.61
C ARG DD 197 82.81 -35.31 -39.95
N VAL DD 198 83.44 -34.26 -40.46
CA VAL DD 198 84.75 -33.84 -39.97
C VAL DD 198 84.56 -32.66 -39.03
N ARG DD 199 85.13 -32.76 -37.83
CA ARG DD 199 85.01 -31.68 -36.87
C ARG DD 199 85.69 -30.42 -37.38
N GLY DD 200 85.02 -29.28 -37.20
CA GLY DD 200 85.52 -28.03 -37.74
C GLY DD 200 86.89 -27.64 -37.21
N VAL DD 201 87.10 -27.82 -35.90
CA VAL DD 201 88.40 -27.48 -35.33
C VAL DD 201 89.50 -28.30 -35.98
N ALA DD 202 89.23 -29.57 -36.30
CA ALA DD 202 90.19 -30.38 -37.02
C ALA DD 202 90.52 -29.81 -38.39
N MET DD 203 89.60 -29.05 -38.99
CA MET DD 203 89.82 -28.48 -40.31
C MET DD 203 90.84 -27.36 -40.23
N ASN DD 204 91.16 -26.79 -41.36
CA ASN DD 204 92.01 -25.61 -41.45
C ASN DD 204 91.17 -24.36 -41.48
N PRO DD 205 91.72 -23.21 -41.11
CA PRO DD 205 90.93 -21.97 -41.08
C PRO DD 205 90.32 -21.59 -42.41
N VAL DD 206 90.90 -22.01 -43.53
CA VAL DD 206 90.36 -21.61 -44.82
C VAL DD 206 89.05 -22.33 -45.10
N GLU DD 207 88.87 -23.52 -44.53
CA GLU DD 207 87.67 -24.29 -44.75
C GLU DD 207 86.62 -24.09 -43.67
N HIS DD 208 86.93 -23.36 -42.62
CA HIS DD 208 85.98 -23.26 -41.52
C HIS DD 208 86.29 -22.07 -40.62
N PRO DD 209 85.27 -21.43 -40.04
CA PRO DD 209 85.54 -20.39 -39.04
C PRO DD 209 86.21 -20.92 -37.80
N PHE DD 210 86.22 -22.23 -37.59
CA PHE DD 210 86.79 -22.82 -36.38
C PHE DD 210 88.18 -23.40 -36.58
N GLY DD 211 88.56 -23.73 -37.81
CA GLY DD 211 89.80 -24.44 -38.03
C GLY DD 211 91.03 -23.62 -37.68
N GLY DD 212 92.12 -24.33 -37.43
CA GLY DD 212 93.39 -23.71 -37.13
C GLY DD 212 93.65 -23.61 -35.64
N GLY DD 213 94.85 -23.11 -35.32
CA GLY DD 213 95.29 -23.00 -33.96
C GLY DD 213 96.18 -24.16 -33.55
N ASN DD 214 97.07 -23.93 -32.59
CA ASN DD 214 97.94 -25.00 -32.12
C ASN DD 214 97.23 -25.93 -31.16
N HIS DD 215 96.00 -25.63 -30.77
CA HIS DD 215 95.18 -26.54 -29.98
C HIS DD 215 93.83 -26.69 -30.65
N GLN DD 216 93.23 -27.85 -30.49
CA GLN DD 216 91.90 -28.08 -31.04
C GLN DD 216 90.88 -27.34 -30.19
N HIS DD 217 90.66 -26.06 -30.51
CA HIS DD 217 89.75 -25.25 -29.71
C HIS DD 217 89.06 -24.25 -30.62
N ILE DD 218 87.87 -23.81 -30.18
CA ILE DD 218 87.08 -22.89 -30.99
C ILE DD 218 87.73 -21.51 -31.03
N GLY DD 219 87.94 -20.91 -29.86
CA GLY DD 219 88.53 -19.61 -29.76
C GLY DD 219 87.55 -18.46 -29.86
N LYS DD 220 86.35 -18.71 -30.34
CA LYS DD 220 85.27 -17.72 -30.38
C LYS DD 220 84.01 -18.40 -29.87
N PRO DD 221 83.05 -17.62 -29.38
CA PRO DD 221 81.80 -18.23 -28.90
C PRO DD 221 81.15 -19.09 -29.97
N SER DD 222 80.80 -20.31 -29.59
CA SER DD 222 80.23 -21.25 -30.55
C SER DD 222 78.88 -20.79 -31.05
N THR DD 223 78.03 -20.26 -30.17
CA THR DD 223 76.72 -19.79 -30.60
C THR DD 223 76.87 -18.65 -31.58
N ILE DD 224 76.08 -18.68 -32.65
CA ILE DD 224 76.19 -17.71 -33.72
C ILE DD 224 74.82 -17.15 -34.02
N ARG DD 225 74.76 -15.85 -34.30
CA ARG DD 225 73.48 -15.16 -34.49
C ARG DD 225 72.77 -15.66 -35.75
N ARG DD 226 71.44 -15.58 -35.70
CA ARG DD 226 70.63 -16.00 -36.83
C ARG DD 226 70.95 -15.21 -38.09
N ASP DD 227 71.29 -13.93 -37.94
CA ASP DD 227 71.51 -13.07 -39.08
C ASP DD 227 72.90 -13.22 -39.69
N ALA DD 228 73.69 -14.19 -39.22
CA ALA DD 228 75.04 -14.36 -39.72
C ALA DD 228 75.02 -14.73 -41.20
N PRO DD 229 76.04 -14.32 -41.95
CA PRO DD 229 76.08 -14.66 -43.38
C PRO DD 229 76.38 -16.14 -43.59
N ALA DD 230 75.99 -16.62 -44.76
CA ALA DD 230 76.32 -17.98 -45.15
C ALA DD 230 77.83 -18.18 -45.13
N GLY DD 231 78.26 -19.33 -44.66
CA GLY DD 231 79.67 -19.60 -44.49
C GLY DD 231 80.25 -19.06 -43.20
N ARG DD 232 79.44 -18.41 -42.37
CA ARG DD 232 79.85 -17.98 -41.05
C ARG DD 232 79.02 -18.60 -39.94
N LYS DD 233 77.70 -18.70 -40.13
CA LYS DD 233 76.89 -19.30 -39.09
C LYS DD 233 77.14 -20.81 -39.05
N VAL DD 234 77.98 -21.23 -38.11
CA VAL DD 234 78.27 -22.64 -37.90
C VAL DD 234 78.20 -22.91 -36.40
N GLY DD 235 78.14 -24.18 -36.07
CA GLY DD 235 78.00 -24.56 -34.67
C GLY DD 235 76.56 -24.47 -34.22
N LEU DD 236 76.32 -23.75 -33.14
CA LEU DD 236 74.97 -23.61 -32.58
C LEU DD 236 74.35 -22.36 -33.18
N ILE DD 237 73.38 -22.55 -34.08
CA ILE DD 237 72.78 -21.45 -34.82
C ILE DD 237 71.70 -20.81 -33.96
N ALA DD 238 71.92 -19.56 -33.56
CA ALA DD 238 70.90 -18.77 -32.86
C ALA DD 238 70.33 -19.52 -31.66
N ALA DD 239 71.21 -20.17 -30.91
CA ALA DD 239 70.76 -21.01 -29.81
C ALA DD 239 70.11 -20.17 -28.71
N ARG DD 240 68.89 -20.53 -28.34
CA ARG DD 240 68.22 -19.85 -27.24
C ARG DD 240 68.93 -20.09 -25.93
N ARG DD 241 69.43 -21.30 -25.70
CA ARG DD 241 70.16 -21.63 -24.49
C ARG DD 241 71.06 -22.82 -24.79
N THR DD 242 72.11 -22.95 -23.99
CA THR DD 242 72.98 -24.11 -24.11
C THR DD 242 73.05 -24.85 -22.78
N GLY DD 243 73.86 -25.90 -22.71
CA GLY DD 243 74.06 -26.60 -21.46
C GLY DD 243 73.44 -27.97 -21.44
N ARG DD 244 73.50 -28.59 -20.25
CA ARG DD 244 73.04 -29.95 -20.06
C ARG DD 244 71.55 -30.11 -20.28
N LEU DD 245 70.80 -29.00 -20.31
CA LEU DD 245 69.36 -29.02 -20.54
C LEU DD 245 68.64 -29.83 -19.45
N ARG DD 246 68.76 -29.32 -18.23
CA ARG DD 246 68.05 -29.86 -17.08
C ARG DD 246 66.78 -29.06 -16.88
N GLY DD 247 65.63 -29.74 -16.90
CA GLY DD 247 64.39 -29.08 -16.55
C GLY DD 247 63.19 -29.40 -17.43
N THR DD 248 63.43 -29.66 -18.71
CA THR DD 248 62.35 -29.97 -19.64
C THR DD 248 62.84 -30.79 -20.82
N SER ED 1 141.36 -32.03 -32.28
CA SER ED 1 141.19 -31.18 -31.11
C SER ED 1 140.98 -31.99 -29.87
N HIS ED 2 142.06 -32.53 -29.31
CA HIS ED 2 141.97 -33.35 -28.10
C HIS ED 2 141.04 -34.54 -28.32
N ARG ED 3 141.57 -35.51 -29.07
CA ARG ED 3 140.78 -36.64 -29.57
C ARG ED 3 140.10 -37.42 -28.45
N LYS ED 4 140.31 -37.01 -27.20
CA LYS ED 4 139.47 -37.34 -26.06
C LYS ED 4 139.64 -38.78 -25.59
N PHE ED 5 140.39 -39.58 -26.35
CA PHE ED 5 140.68 -40.95 -25.96
C PHE ED 5 141.97 -41.35 -26.67
N SER ED 6 143.07 -41.34 -25.91
CA SER ED 6 144.36 -41.67 -26.49
C SER ED 6 144.41 -43.13 -26.89
N ALA ED 7 145.19 -43.42 -27.94
CA ALA ED 7 145.33 -44.78 -28.43
C ALA ED 7 146.64 -44.87 -29.22
N PRO ED 8 147.38 -45.96 -29.08
CA PRO ED 8 148.59 -46.12 -29.88
C PRO ED 8 148.26 -46.19 -31.36
N ARG ED 9 149.19 -45.72 -32.18
CA ARG ED 9 148.96 -45.69 -33.61
C ARG ED 9 148.99 -47.09 -34.19
N HIS ED 10 148.45 -47.23 -35.40
CA HIS ED 10 148.46 -48.48 -36.12
C HIS ED 10 149.72 -48.55 -36.99
N GLY ED 11 150.30 -49.75 -37.08
CA GLY ED 11 151.45 -49.96 -37.93
C GLY ED 11 152.71 -49.34 -37.34
N SER ED 12 153.82 -49.54 -38.06
CA SER ED 12 155.11 -48.99 -37.66
C SER ED 12 155.54 -47.93 -38.65
N LEU ED 13 155.87 -46.75 -38.14
CA LEU ED 13 156.35 -45.66 -38.98
C LEU ED 13 157.69 -45.97 -39.62
N GLY ED 14 158.47 -46.89 -39.07
CA GLY ED 14 159.80 -47.17 -39.57
C GLY ED 14 159.85 -48.24 -40.64
N PHE ED 15 158.70 -48.75 -41.04
CA PHE ED 15 158.63 -49.82 -42.02
C PHE ED 15 157.83 -49.45 -43.26
N LEU ED 16 157.67 -48.17 -43.56
CA LEU ED 16 156.59 -47.89 -44.49
C LEU ED 16 156.94 -47.14 -45.76
N PRO ED 17 158.02 -47.46 -46.44
CA PRO ED 17 157.90 -47.56 -47.89
C PRO ED 17 157.36 -48.96 -48.16
N ARG ED 18 156.06 -49.08 -48.37
CA ARG ED 18 155.46 -50.41 -48.39
C ARG ED 18 155.33 -50.95 -49.81
N LYS ED 19 156.44 -50.90 -50.51
CA LYS ED 19 156.53 -51.37 -51.89
C LYS ED 19 157.03 -52.80 -51.91
N ARG ED 20 156.82 -53.47 -53.05
CA ARG ED 20 157.45 -54.75 -53.27
C ARG ED 20 158.96 -54.57 -53.21
N SER ED 21 159.64 -55.43 -52.46
CA SER ED 21 161.08 -55.29 -52.32
C SER ED 21 161.76 -55.40 -53.67
N SER ED 22 162.69 -54.48 -53.93
CA SER ED 22 163.35 -54.43 -55.23
C SER ED 22 164.20 -55.65 -55.51
N ARG ED 23 164.49 -56.46 -54.49
CA ARG ED 23 165.27 -57.68 -54.66
C ARG ED 23 164.44 -58.88 -54.25
N HIS ED 24 164.73 -60.02 -54.87
CA HIS ED 24 164.08 -61.28 -54.52
C HIS ED 24 164.88 -62.08 -53.51
N ARG ED 25 166.20 -61.86 -53.44
CA ARG ED 25 167.05 -62.60 -52.53
C ARG ED 25 166.94 -62.04 -51.11
N GLY ED 26 167.27 -60.77 -50.93
CA GLY ED 26 167.31 -60.17 -49.62
C GLY ED 26 168.74 -59.94 -49.16
N LYS ED 27 169.21 -58.71 -49.28
CA LYS ED 27 170.61 -58.41 -49.03
C LYS ED 27 170.86 -58.25 -47.53
N VAL ED 28 172.12 -58.05 -47.18
CA VAL ED 28 172.52 -58.05 -45.78
C VAL ED 28 172.38 -56.66 -45.17
N LYS ED 29 172.95 -55.65 -45.83
CA LYS ED 29 172.85 -54.24 -45.46
C LYS ED 29 173.65 -53.92 -44.20
N SER ED 30 174.13 -54.95 -43.51
CA SER ED 30 174.99 -54.75 -42.36
C SER ED 30 175.66 -56.06 -41.97
N PHE ED 31 176.96 -56.12 -42.06
CA PHE ED 31 177.63 -57.32 -41.61
C PHE ED 31 178.14 -57.14 -40.20
N PRO ED 32 178.29 -58.23 -39.44
CA PRO ED 32 178.89 -58.11 -38.11
C PRO ED 32 180.28 -57.52 -38.20
N LYS ED 33 180.55 -56.56 -37.31
CA LYS ED 33 181.81 -55.85 -37.36
C LYS ED 33 182.96 -56.82 -37.13
N ASP ED 34 184.07 -56.57 -37.82
CA ASP ED 34 185.20 -57.49 -37.82
C ASP ED 34 186.29 -57.00 -36.89
N ASP ED 35 186.80 -57.90 -36.06
CA ASP ED 35 187.99 -57.66 -35.26
C ASP ED 35 189.05 -58.68 -35.67
N PRO ED 36 190.29 -58.27 -35.92
CA PRO ED 36 191.30 -59.24 -36.39
C PRO ED 36 191.60 -60.35 -35.38
N SER ED 37 191.22 -60.19 -34.12
CA SER ED 37 191.58 -61.17 -33.10
C SER ED 37 190.97 -62.54 -33.39
N LYS ED 38 189.72 -62.58 -33.81
CA LYS ED 38 189.06 -63.85 -34.08
C LYS ED 38 189.67 -64.52 -35.30
N PRO ED 39 189.53 -65.85 -35.41
CA PRO ED 39 190.05 -66.54 -36.59
C PRO ED 39 189.13 -66.33 -37.79
N VAL ED 40 189.69 -66.61 -38.97
CA VAL ED 40 188.99 -66.34 -40.22
C VAL ED 40 187.78 -67.26 -40.33
N HIS ED 41 186.64 -66.67 -40.67
CA HIS ED 41 185.42 -67.45 -40.87
C HIS ED 41 184.45 -66.62 -41.70
N LEU ED 42 183.43 -67.29 -42.21
CA LEU ED 42 182.39 -66.62 -42.97
C LEU ED 42 181.33 -66.05 -42.04
N THR ED 43 180.48 -65.17 -42.60
CA THR ED 43 179.51 -64.44 -41.80
C THR ED 43 178.07 -64.70 -42.19
N ALA ED 44 177.82 -65.30 -43.34
CA ALA ED 44 176.45 -65.46 -43.82
C ALA ED 44 176.35 -66.73 -44.65
N PHE ED 45 175.11 -67.13 -44.90
CA PHE ED 45 174.84 -68.32 -45.71
C PHE ED 45 173.47 -68.13 -46.37
N LEU ED 46 173.20 -68.97 -47.36
CA LEU ED 46 171.94 -68.94 -48.09
C LEU ED 46 171.21 -70.27 -47.90
N GLY ED 47 169.92 -70.18 -47.58
CA GLY ED 47 169.10 -71.35 -47.41
C GLY ED 47 167.73 -71.14 -48.04
N TYR ED 48 166.92 -72.19 -47.98
CA TYR ED 48 165.60 -72.20 -48.59
C TYR ED 48 164.58 -72.70 -47.58
N LYS ED 49 163.52 -71.92 -47.39
CA LYS ED 49 162.46 -72.32 -46.46
C LYS ED 49 161.79 -73.57 -47.00
N ALA ED 50 162.08 -74.71 -46.39
CA ALA ED 50 161.52 -75.98 -46.83
C ALA ED 50 160.19 -76.27 -46.17
N GLY ED 51 160.15 -76.24 -44.85
CA GLY ED 51 158.94 -76.54 -44.12
C GLY ED 51 159.19 -76.35 -42.65
N MET ED 52 158.22 -76.77 -41.84
CA MET ED 52 158.34 -76.63 -40.41
C MET ED 52 157.46 -77.62 -39.66
N THR ED 53 157.86 -77.92 -38.43
CA THR ED 53 157.20 -78.88 -37.58
C THR ED 53 157.46 -78.53 -36.11
N HIS ED 54 157.07 -79.43 -35.22
CA HIS ED 54 157.24 -79.23 -33.79
C HIS ED 54 158.08 -80.35 -33.21
N ILE ED 55 158.90 -80.02 -32.22
CA ILE ED 55 159.81 -80.98 -31.61
C ILE ED 55 159.63 -80.94 -30.10
N VAL ED 56 159.92 -82.07 -29.46
CA VAL ED 56 159.85 -82.18 -28.01
C VAL ED 56 161.27 -82.15 -27.46
N ARG ED 57 161.54 -81.18 -26.59
CA ARG ED 57 162.85 -81.04 -26.00
C ARG ED 57 162.71 -80.77 -24.51
N GLU ED 58 163.76 -81.08 -23.78
CA GLU ED 58 163.82 -80.85 -22.34
C GLU ED 58 164.40 -79.46 -22.09
N VAL ED 59 163.75 -78.69 -21.23
CA VAL ED 59 164.14 -77.31 -20.96
C VAL ED 59 164.74 -77.22 -19.57
N ASP ED 60 165.94 -76.66 -19.49
CA ASP ED 60 166.60 -76.38 -18.23
C ASP ED 60 166.68 -74.86 -18.05
N ARG ED 61 165.98 -74.36 -17.05
CA ARG ED 61 165.92 -72.92 -16.83
C ARG ED 61 165.70 -72.66 -15.35
N PRO ED 62 166.77 -72.44 -14.58
CA PRO ED 62 166.61 -72.22 -13.13
C PRO ED 62 165.68 -71.06 -12.84
N GLY ED 63 164.76 -71.28 -11.91
CA GLY ED 63 163.76 -70.29 -11.58
C GLY ED 63 162.56 -70.25 -12.48
N SER ED 64 162.49 -71.13 -13.49
CA SER ED 64 161.35 -71.16 -14.39
C SER ED 64 160.33 -72.20 -13.95
N LYS ED 65 159.06 -71.81 -14.04
CA LYS ED 65 157.97 -72.72 -13.67
C LYS ED 65 158.00 -74.00 -14.50
N VAL ED 66 158.55 -73.94 -15.71
CA VAL ED 66 158.59 -75.09 -16.59
C VAL ED 66 159.95 -75.79 -16.57
N ASN ED 67 160.79 -75.47 -15.59
CA ASN ED 67 162.13 -76.03 -15.52
C ASN ED 67 162.10 -77.55 -15.43
N LYS ED 68 163.05 -78.19 -16.10
CA LYS ED 68 163.20 -79.65 -16.09
C LYS ED 68 161.91 -80.35 -16.48
N LYS ED 69 161.24 -79.81 -17.50
CA LYS ED 69 160.05 -80.40 -18.07
C LYS ED 69 160.14 -80.35 -19.58
N GLU ED 70 159.35 -81.21 -20.23
CA GLU ED 70 159.37 -81.29 -21.69
C GLU ED 70 158.33 -80.36 -22.29
N VAL ED 71 158.70 -79.69 -23.37
CA VAL ED 71 157.80 -78.82 -24.11
C VAL ED 71 157.92 -79.15 -25.60
N VAL ED 72 156.93 -78.69 -26.34
CA VAL ED 72 156.97 -78.76 -27.81
C VAL ED 72 157.17 -77.36 -28.33
N GLU ED 73 158.02 -77.22 -29.34
CA GLU ED 73 158.32 -75.93 -29.94
C GLU ED 73 158.27 -76.07 -31.45
N ALA ED 74 157.53 -75.18 -32.10
CA ALA ED 74 157.52 -75.14 -33.55
C ALA ED 74 158.92 -74.81 -34.06
N VAL ED 75 159.36 -75.55 -35.07
CA VAL ED 75 160.69 -75.38 -35.62
C VAL ED 75 160.60 -75.43 -37.15
N THR ED 76 161.45 -74.65 -37.79
CA THR ED 76 161.38 -74.43 -39.23
C THR ED 76 162.59 -75.07 -39.92
N ILE ED 77 162.34 -75.73 -41.04
CA ILE ED 77 163.35 -76.48 -41.76
C ILE ED 77 163.85 -75.64 -42.93
N VAL ED 78 165.16 -75.45 -43.00
CA VAL ED 78 165.78 -74.69 -44.07
C VAL ED 78 166.85 -75.57 -44.71
N GLU ED 79 166.63 -75.95 -45.96
CA GLU ED 79 167.61 -76.73 -46.70
C GLU ED 79 168.82 -75.86 -47.01
N THR ED 80 170.02 -76.36 -46.70
CA THR ED 80 171.25 -75.59 -46.84
C THR ED 80 172.30 -76.42 -47.55
N PRO ED 81 172.20 -76.54 -48.88
CA PRO ED 81 173.24 -77.25 -49.63
C PRO ED 81 174.56 -76.50 -49.56
N PRO ED 82 175.68 -77.19 -49.68
CA PRO ED 82 176.97 -76.50 -49.61
C PRO ED 82 177.09 -75.47 -50.72
N MET ED 83 177.61 -74.31 -50.36
CA MET ED 83 177.70 -73.18 -51.28
C MET ED 83 179.09 -73.16 -51.91
N VAL ED 84 179.15 -72.67 -53.16
CA VAL ED 84 180.37 -72.75 -53.95
C VAL ED 84 180.97 -71.35 -54.08
N VAL ED 85 182.21 -71.21 -53.63
CA VAL ED 85 182.95 -69.95 -53.71
C VAL ED 85 183.54 -69.83 -55.11
N VAL ED 86 183.29 -68.70 -55.76
CA VAL ED 86 183.80 -68.47 -57.11
C VAL ED 86 184.51 -67.14 -57.27
N GLY ED 87 184.32 -66.18 -56.37
CA GLY ED 87 184.91 -64.87 -56.58
C GLY ED 87 185.14 -64.14 -55.28
N ILE ED 88 186.02 -63.15 -55.33
CA ILE ED 88 186.38 -62.33 -54.20
C ILE ED 88 186.19 -60.86 -54.58
N VAL ED 89 185.55 -60.10 -53.69
CA VAL ED 89 185.42 -58.67 -53.85
C VAL ED 89 185.97 -57.98 -52.62
N GLY ED 90 186.86 -57.01 -52.84
CA GLY ED 90 187.42 -56.23 -51.76
C GLY ED 90 186.88 -54.82 -51.81
N TYR ED 91 186.81 -54.19 -50.65
CA TYR ED 91 186.25 -52.84 -50.52
C TYR ED 91 187.26 -51.93 -49.86
N VAL ED 92 187.26 -50.67 -50.29
CA VAL ED 92 188.17 -49.66 -49.78
C VAL ED 92 187.35 -48.57 -49.09
N GLU ED 93 187.80 -48.17 -47.90
CA GLU ED 93 187.07 -47.18 -47.13
C GLU ED 93 187.35 -45.78 -47.67
N THR ED 94 186.30 -45.06 -48.01
CA THR ED 94 186.37 -43.71 -48.53
C THR ED 94 185.49 -42.81 -47.68
N PRO ED 95 185.80 -41.51 -47.64
CA PRO ED 95 184.86 -40.57 -46.99
C PRO ED 95 183.49 -40.56 -47.64
N ARG ED 96 183.40 -40.88 -48.92
CA ARG ED 96 182.12 -40.96 -49.60
C ARG ED 96 181.43 -42.31 -49.40
N GLY ED 97 181.97 -43.17 -48.55
CA GLY ED 97 181.38 -44.45 -48.26
C GLY ED 97 182.33 -45.57 -48.60
N LEU ED 98 181.76 -46.74 -48.86
CA LEU ED 98 182.53 -47.93 -49.20
C LEU ED 98 182.45 -48.18 -50.70
N ARG ED 99 183.61 -48.23 -51.35
CA ARG ED 99 183.70 -48.35 -52.79
C ARG ED 99 184.30 -49.70 -53.16
N THR ED 100 183.71 -50.36 -54.14
CA THR ED 100 184.22 -51.64 -54.61
C THR ED 100 185.51 -51.43 -55.40
N PHE ED 101 186.63 -51.83 -54.81
CA PHE ED 101 187.93 -51.62 -55.45
C PHE ED 101 188.11 -52.53 -56.66
N LYS ED 102 187.99 -53.83 -56.47
CA LYS ED 102 188.16 -54.79 -57.55
C LYS ED 102 187.40 -56.06 -57.23
N THR ED 103 187.16 -56.86 -58.26
CA THR ED 103 186.61 -58.20 -58.12
C THR ED 103 187.49 -59.18 -58.88
N VAL ED 104 187.65 -60.38 -58.32
CA VAL ED 104 188.43 -61.43 -58.96
C VAL ED 104 187.58 -62.70 -58.97
N PHE ED 105 187.37 -63.24 -60.16
CA PHE ED 105 186.59 -64.46 -60.33
C PHE ED 105 187.52 -65.62 -60.66
N ALA ED 106 187.19 -66.79 -60.15
CA ALA ED 106 187.94 -67.99 -60.50
C ALA ED 106 187.44 -68.55 -61.82
N GLU ED 107 188.17 -69.53 -62.35
CA GLU ED 107 187.78 -70.22 -63.56
C GLU ED 107 186.93 -71.45 -63.21
N HIS ED 108 186.40 -72.08 -64.24
CA HIS ED 108 185.48 -73.21 -64.10
C HIS ED 108 184.28 -72.85 -63.23
N ILE ED 109 183.68 -71.71 -63.55
CA ILE ED 109 182.46 -71.29 -62.87
C ILE ED 109 181.34 -72.27 -63.19
N SER ED 110 180.55 -72.62 -62.18
CA SER ED 110 179.51 -73.62 -62.36
C SER ED 110 178.47 -73.16 -63.36
N ASP ED 111 177.93 -74.12 -64.13
CA ASP ED 111 176.95 -73.79 -65.15
C ASP ED 111 175.70 -73.16 -64.56
N GLU ED 112 175.21 -73.68 -63.44
CA GLU ED 112 174.09 -73.04 -62.77
C GLU ED 112 174.47 -71.64 -62.30
N CYS ED 113 175.69 -71.46 -61.82
CA CYS ED 113 176.15 -70.13 -61.45
C CYS ED 113 176.15 -69.20 -62.65
N LYS ED 114 176.53 -69.72 -63.82
CA LYS ED 114 176.44 -68.94 -65.05
C LYS ED 114 175.00 -68.63 -65.42
N ARG ED 115 174.04 -69.43 -64.96
CA ARG ED 115 172.64 -69.17 -65.30
C ARG ED 115 172.18 -67.83 -64.76
N ARG ED 116 172.79 -67.35 -63.68
CA ARG ED 116 172.37 -66.10 -63.09
C ARG ED 116 172.51 -64.93 -64.05
N PHE ED 117 173.63 -64.87 -64.78
CA PHE ED 117 173.95 -63.68 -65.55
C PHE ED 117 173.12 -63.53 -66.83
N TYR ED 118 172.35 -64.54 -67.21
CA TYR ED 118 171.50 -64.45 -68.40
C TYR ED 118 170.04 -64.37 -68.01
N LYS ED 119 169.34 -63.37 -68.54
CA LYS ED 119 167.89 -63.35 -68.44
C LYS ED 119 167.24 -64.32 -69.41
N ASN ED 120 167.99 -64.85 -70.37
CA ASN ED 120 167.49 -65.89 -71.26
C ASN ED 120 168.63 -66.88 -71.47
N TRP ED 121 168.70 -67.89 -70.61
CA TRP ED 121 169.70 -68.94 -70.75
C TRP ED 121 169.44 -69.82 -71.96
N HIS ED 122 168.18 -70.10 -72.27
CA HIS ED 122 167.85 -71.08 -73.30
C HIS ED 122 168.42 -70.67 -74.65
N LYS ED 123 168.07 -69.46 -75.11
CA LYS ED 123 168.56 -69.00 -76.40
C LYS ED 123 170.02 -68.56 -76.34
N SER ED 124 170.59 -68.44 -75.14
CA SER ED 124 171.92 -67.89 -75.00
C SER ED 124 172.98 -68.82 -75.56
N LYS ED 125 174.16 -68.25 -75.80
CA LYS ED 125 175.32 -69.01 -76.21
C LYS ED 125 176.20 -69.41 -75.03
N LYS ED 126 175.81 -69.03 -73.81
CA LYS ED 126 176.54 -69.39 -72.60
C LYS ED 126 178.00 -68.94 -72.67
N LYS ED 127 178.18 -67.66 -72.98
CA LYS ED 127 179.50 -67.10 -73.24
C LYS ED 127 180.07 -66.29 -72.08
N ALA ED 128 179.36 -66.21 -70.95
CA ALA ED 128 179.82 -65.37 -69.86
C ALA ED 128 181.19 -65.83 -69.34
N PHE ED 129 182.06 -64.86 -69.07
CA PHE ED 129 183.36 -65.10 -68.44
C PHE ED 129 184.28 -65.95 -69.29
N THR ED 130 183.86 -66.29 -70.52
CA THR ED 130 184.63 -67.22 -71.34
C THR ED 130 186.05 -66.72 -71.55
N LYS ED 131 186.21 -65.47 -71.96
CA LYS ED 131 187.55 -64.90 -72.11
C LYS ED 131 188.17 -64.57 -70.75
N TYR ED 132 187.36 -64.42 -69.72
CA TYR ED 132 187.91 -64.15 -68.40
C TYR ED 132 188.73 -65.33 -67.88
N CYS ED 133 188.23 -66.54 -68.08
CA CYS ED 133 188.96 -67.74 -67.64
C CYS ED 133 190.27 -67.92 -68.39
N LYS ED 134 190.33 -67.53 -69.66
CA LYS ED 134 191.57 -67.69 -70.41
C LYS ED 134 192.71 -66.91 -69.77
N LYS ED 135 192.40 -65.77 -69.17
CA LYS ED 135 193.44 -64.98 -68.51
C LYS ED 135 193.97 -65.65 -67.24
N TRP ED 136 193.31 -66.69 -66.74
CA TRP ED 136 193.79 -67.35 -65.54
C TRP ED 136 195.13 -68.03 -65.74
N GLN ED 137 195.29 -68.77 -66.83
CA GLN ED 137 196.43 -69.65 -66.99
C GLN ED 137 197.60 -69.03 -67.75
N ASP ED 138 197.34 -68.11 -68.68
CA ASP ED 138 198.44 -67.48 -69.39
C ASP ED 138 199.28 -66.64 -68.43
N GLU ED 139 200.56 -66.48 -68.79
CA GLU ED 139 201.51 -65.86 -67.88
C GLU ED 139 201.15 -64.41 -67.58
N ASP ED 140 200.74 -63.66 -68.61
CA ASP ED 140 200.48 -62.24 -68.43
C ASP ED 140 199.27 -61.99 -67.54
N GLY ED 141 198.17 -62.69 -67.82
CA GLY ED 141 196.99 -62.54 -66.98
C GLY ED 141 197.25 -62.98 -65.56
N LYS ED 142 197.95 -64.10 -65.39
CA LYS ED 142 198.27 -64.58 -64.05
C LYS ED 142 199.11 -63.58 -63.29
N LYS ED 143 200.11 -62.99 -63.96
CA LYS ED 143 200.85 -61.88 -63.35
C LYS ED 143 199.91 -60.71 -63.05
N GLN ED 144 199.01 -60.41 -63.98
CA GLN ED 144 198.00 -59.39 -63.71
C GLN ED 144 197.12 -59.80 -62.55
N LEU ED 145 196.68 -61.07 -62.53
CA LEU ED 145 195.87 -61.55 -61.41
C LEU ED 145 196.64 -61.49 -60.11
N GLU ED 146 197.92 -61.86 -60.14
CA GLU ED 146 198.76 -61.72 -58.95
C GLU ED 146 198.90 -60.26 -58.55
N LYS ED 147 199.05 -59.38 -59.54
CA LYS ED 147 199.09 -57.95 -59.25
C LYS ED 147 197.78 -57.49 -58.62
N ASP ED 148 196.65 -57.99 -59.13
CA ASP ED 148 195.36 -57.65 -58.55
C ASP ED 148 195.31 -58.06 -57.08
N PHE ED 149 195.83 -59.25 -56.77
CA PHE ED 149 195.82 -59.71 -55.39
C PHE ED 149 196.77 -58.90 -54.51
N SER ED 150 197.94 -58.54 -55.06
CA SER ED 150 198.88 -57.73 -54.29
C SER ED 150 198.28 -56.38 -53.95
N SER ED 151 197.66 -55.73 -54.92
CA SER ED 151 196.97 -54.46 -54.64
C SER ED 151 195.81 -54.68 -53.68
N MET ED 152 195.03 -55.74 -53.89
CA MET ED 152 194.00 -56.13 -52.93
C MET ED 152 194.55 -56.12 -51.50
N LYS ED 153 195.60 -56.89 -51.27
CA LYS ED 153 196.11 -57.04 -49.90
C LYS ED 153 196.63 -55.72 -49.36
N LYS ED 154 197.21 -54.88 -50.22
CA LYS ED 154 197.78 -53.63 -49.76
C LYS ED 154 196.71 -52.58 -49.46
N TYR ED 155 195.61 -52.58 -50.21
CA TYR ED 155 194.71 -51.43 -50.22
C TYR ED 155 193.38 -51.66 -49.52
N CYS ED 156 192.67 -52.73 -49.82
CA CYS ED 156 191.32 -52.89 -49.30
C CYS ED 156 191.34 -53.11 -47.79
N GLN ED 157 190.19 -52.81 -47.16
CA GLN ED 157 190.00 -53.02 -45.74
C GLN ED 157 189.13 -54.23 -45.44
N VAL ED 158 188.05 -54.40 -46.19
CA VAL ED 158 187.12 -55.50 -45.99
C VAL ED 158 186.92 -56.22 -47.32
N ILE ED 159 187.04 -57.54 -47.30
CA ILE ED 159 186.87 -58.35 -48.51
C ILE ED 159 185.74 -59.33 -48.29
N ARG ED 160 185.06 -59.67 -49.38
CA ARG ED 160 183.92 -60.58 -49.37
C ARG ED 160 184.07 -61.58 -50.50
N VAL ED 161 183.47 -62.75 -50.33
CA VAL ED 161 183.61 -63.84 -51.28
C VAL ED 161 182.31 -64.04 -52.04
N ILE ED 162 182.39 -64.00 -53.38
CA ILE ED 162 181.25 -64.27 -54.24
C ILE ED 162 181.01 -65.77 -54.23
N ALA ED 163 179.90 -66.18 -53.62
CA ALA ED 163 179.57 -67.59 -53.47
C ALA ED 163 178.15 -67.86 -53.96
N HIS ED 164 177.97 -69.04 -54.56
CA HIS ED 164 176.68 -69.43 -55.13
C HIS ED 164 176.32 -70.84 -54.69
N THR ED 165 175.02 -71.10 -54.61
CA THR ED 165 174.49 -72.35 -54.11
C THR ED 165 173.97 -73.23 -55.23
N GLN ED 166 174.03 -74.53 -55.02
CA GLN ED 166 173.79 -75.53 -56.06
C GLN ED 166 172.31 -75.88 -56.14
N MET ED 167 171.61 -75.35 -57.15
CA MET ED 167 170.27 -75.83 -57.45
C MET ED 167 170.24 -77.29 -57.87
N ARG ED 168 171.37 -77.86 -58.30
CA ARG ED 168 171.36 -79.24 -58.77
C ARG ED 168 170.99 -80.23 -57.67
N LEU ED 169 171.07 -79.82 -56.41
CA LEU ED 169 170.72 -80.67 -55.28
C LEU ED 169 169.44 -80.23 -54.60
N LEU ED 170 168.61 -79.45 -55.29
CA LEU ED 170 167.37 -78.95 -54.72
C LEU ED 170 166.19 -79.48 -55.51
N PRO ED 171 165.04 -79.67 -54.86
CA PRO ED 171 163.90 -80.28 -55.54
C PRO ED 171 163.10 -79.30 -56.37
N LEU ED 172 163.62 -78.09 -56.55
CA LEU ED 172 162.84 -77.03 -57.17
C LEU ED 172 162.98 -77.05 -58.69
N ARG ED 173 161.95 -76.50 -59.35
CA ARG ED 173 161.98 -76.37 -60.80
C ARG ED 173 163.06 -75.40 -61.26
N GLN ED 174 163.30 -74.35 -60.48
CA GLN ED 174 164.32 -73.38 -60.83
C GLN ED 174 165.70 -74.03 -60.86
N LYS ED 175 166.46 -73.74 -61.91
CA LYS ED 175 167.84 -74.16 -62.01
C LYS ED 175 168.82 -73.01 -61.93
N LYS ED 176 168.34 -71.77 -62.09
CA LYS ED 176 169.23 -70.61 -62.02
C LYS ED 176 169.80 -70.48 -60.61
N ALA ED 177 171.12 -70.28 -60.53
CA ALA ED 177 171.74 -70.17 -59.24
C ALA ED 177 171.38 -68.85 -58.56
N HIS ED 178 171.75 -68.74 -57.30
CA HIS ED 178 171.63 -67.52 -56.52
C HIS ED 178 173.03 -67.03 -56.21
N LEU ED 179 173.26 -65.73 -56.38
CA LEU ED 179 174.58 -65.16 -56.17
C LEU ED 179 174.56 -64.16 -55.03
N MET ED 180 175.67 -64.12 -54.29
CA MET ED 180 175.85 -63.20 -53.20
C MET ED 180 177.31 -63.25 -52.78
N GLU ED 181 177.73 -62.21 -52.06
CA GLU ED 181 179.02 -62.19 -51.42
C GLU ED 181 178.83 -62.36 -49.92
N ILE ED 182 179.80 -62.97 -49.27
CA ILE ED 182 179.80 -63.13 -47.81
C ILE ED 182 181.03 -62.44 -47.26
N GLN ED 183 180.81 -61.47 -46.38
CA GLN ED 183 181.93 -60.74 -45.81
C GLN ED 183 182.78 -61.67 -44.96
N VAL ED 184 184.08 -61.53 -45.08
CA VAL ED 184 185.04 -62.36 -44.35
C VAL ED 184 185.55 -61.56 -43.17
N ASN ED 185 185.35 -62.08 -41.97
CA ASN ED 185 185.76 -61.40 -40.75
C ASN ED 185 186.83 -62.22 -40.03
N GLY ED 186 187.40 -61.61 -38.99
CA GLY ED 186 188.37 -62.30 -38.17
C GLY ED 186 189.76 -62.40 -38.76
N GLY ED 187 190.43 -61.27 -38.92
CA GLY ED 187 191.82 -61.31 -39.33
C GLY ED 187 192.22 -60.06 -40.06
N THR ED 188 193.52 -59.91 -40.26
CA THR ED 188 194.04 -58.83 -41.08
C THR ED 188 193.80 -59.13 -42.56
N VAL ED 189 194.04 -58.12 -43.39
CA VAL ED 189 193.66 -58.19 -44.80
C VAL ED 189 194.35 -59.36 -45.50
N ALA ED 190 195.66 -59.49 -45.29
CA ALA ED 190 196.43 -60.49 -46.04
C ALA ED 190 195.97 -61.91 -45.71
N GLU ED 191 195.74 -62.18 -44.43
CA GLU ED 191 195.42 -63.54 -44.02
C GLU ED 191 194.08 -64.00 -44.61
N LYS ED 192 193.03 -63.19 -44.47
CA LYS ED 192 191.74 -63.58 -45.02
C LYS ED 192 191.80 -63.66 -46.54
N LEU ED 193 192.58 -62.78 -47.18
CA LEU ED 193 192.79 -62.89 -48.62
C LEU ED 193 193.45 -64.20 -48.97
N ASP ED 194 194.47 -64.58 -48.21
CA ASP ED 194 195.10 -65.89 -48.42
C ASP ED 194 194.14 -67.01 -48.08
N TRP ED 195 193.32 -66.81 -47.05
CA TRP ED 195 192.36 -67.85 -46.65
C TRP ED 195 191.40 -68.17 -47.77
N ALA ED 196 190.87 -67.14 -48.44
CA ALA ED 196 189.87 -67.35 -49.47
C ALA ED 196 190.47 -67.85 -50.78
N ARG ED 197 191.73 -67.51 -51.06
CA ARG ED 197 192.31 -67.83 -52.35
C ARG ED 197 192.30 -69.32 -52.62
N GLU ED 198 192.78 -70.11 -51.66
CA GLU ED 198 192.72 -71.56 -51.79
C GLU ED 198 191.32 -72.10 -51.55
N ARG ED 199 190.39 -71.28 -51.07
CA ARG ED 199 189.00 -71.68 -50.93
C ARG ED 199 188.19 -71.47 -52.20
N LEU ED 200 188.77 -70.83 -53.22
CA LEU ED 200 188.08 -70.67 -54.48
C LEU ED 200 187.81 -72.04 -55.12
N GLU ED 201 186.67 -72.14 -55.80
CA GLU ED 201 186.21 -73.35 -56.46
C GLU ED 201 185.89 -74.47 -55.48
N GLN ED 202 185.97 -74.22 -54.18
CA GLN ED 202 185.73 -75.23 -53.17
C GLN ED 202 184.27 -75.18 -52.74
N GLN ED 203 183.94 -75.95 -51.71
CA GLN ED 203 182.59 -75.97 -51.15
C GLN ED 203 182.67 -75.70 -49.65
N VAL ED 204 181.65 -75.02 -49.14
CA VAL ED 204 181.59 -74.70 -47.72
C VAL ED 204 180.28 -75.21 -47.14
N PRO ED 205 180.23 -76.46 -46.67
CA PRO ED 205 179.01 -76.94 -46.01
C PRO ED 205 178.70 -76.14 -44.76
N VAL ED 206 177.40 -76.09 -44.44
CA VAL ED 206 176.90 -75.15 -43.44
C VAL ED 206 177.53 -75.36 -42.07
N ASN ED 207 178.04 -76.56 -41.79
CA ASN ED 207 178.73 -76.78 -40.52
C ASN ED 207 179.97 -75.90 -40.37
N GLN ED 208 180.55 -75.45 -41.48
CA GLN ED 208 181.71 -74.58 -41.43
C GLN ED 208 181.32 -73.11 -41.22
N VAL ED 209 180.04 -72.79 -41.22
CA VAL ED 209 179.60 -71.41 -41.07
C VAL ED 209 178.94 -71.19 -39.71
N PHE ED 210 177.84 -71.88 -39.45
CA PHE ED 210 177.12 -71.77 -38.20
C PHE ED 210 177.45 -72.97 -37.31
N GLY ED 211 176.92 -72.94 -36.08
CA GLY ED 211 177.16 -74.01 -35.14
C GLY ED 211 175.90 -74.34 -34.37
N GLN ED 212 176.00 -75.38 -33.55
CA GLN ED 212 174.86 -75.80 -32.74
C GLN ED 212 174.47 -74.70 -31.76
N ASP ED 213 173.17 -74.59 -31.52
CA ASP ED 213 172.55 -73.65 -30.58
C ASP ED 213 173.28 -72.31 -30.57
N GLU ED 214 173.36 -71.70 -31.75
CA GLU ED 214 173.97 -70.39 -31.92
C GLU ED 214 172.91 -69.43 -32.42
N MET ED 215 172.81 -68.26 -31.79
CA MET ED 215 171.78 -67.29 -32.12
C MET ED 215 172.12 -66.65 -33.46
N ILE ED 216 171.18 -66.69 -34.41
CA ILE ED 216 171.40 -66.15 -35.74
C ILE ED 216 170.19 -65.33 -36.17
N ASP ED 217 170.41 -64.51 -37.19
CA ASP ED 217 169.36 -63.69 -37.80
C ASP ED 217 169.13 -64.15 -39.23
N VAL ED 218 167.90 -63.94 -39.72
CA VAL ED 218 167.49 -64.40 -41.03
C VAL ED 218 166.93 -63.21 -41.81
N ILE ED 219 167.34 -63.10 -43.07
CA ILE ED 219 166.88 -62.06 -43.98
C ILE ED 219 166.12 -62.72 -45.11
N GLY ED 220 164.92 -62.24 -45.39
CA GLY ED 220 164.14 -62.79 -46.48
C GLY ED 220 163.07 -61.84 -46.92
N VAL ED 221 162.24 -62.30 -47.85
CA VAL ED 221 161.14 -61.53 -48.40
C VAL ED 221 159.85 -62.17 -47.93
N THR ED 222 158.99 -61.38 -47.28
CA THR ED 222 157.73 -61.88 -46.74
C THR ED 222 156.87 -62.43 -47.87
N LYS ED 223 155.82 -63.16 -47.47
CA LYS ED 223 154.90 -63.72 -48.45
C LYS ED 223 154.13 -62.59 -49.14
N GLY ED 224 154.10 -62.62 -50.46
CA GLY ED 224 153.35 -61.64 -51.21
C GLY ED 224 151.85 -61.88 -51.04
N LYS ED 225 151.13 -60.80 -50.76
CA LYS ED 225 149.69 -60.88 -50.55
C LYS ED 225 148.90 -60.07 -51.56
N GLY ED 226 149.55 -59.20 -52.32
CA GLY ED 226 148.85 -58.41 -53.32
C GLY ED 226 148.19 -57.18 -52.73
N TYR ED 227 147.47 -56.49 -53.60
CA TYR ED 227 146.72 -55.30 -53.18
C TYR ED 227 145.76 -55.66 -52.06
N LYS ED 228 145.89 -54.98 -50.92
CA LYS ED 228 145.08 -55.28 -49.76
C LYS ED 228 144.51 -54.00 -49.17
N GLY ED 229 143.31 -54.11 -48.61
CA GLY ED 229 142.65 -52.98 -48.00
C GLY ED 229 143.32 -52.51 -46.73
N VAL ED 230 142.89 -51.33 -46.29
CA VAL ED 230 143.48 -50.71 -45.10
C VAL ED 230 143.32 -51.63 -43.90
N THR ED 231 142.14 -52.24 -43.76
CA THR ED 231 141.88 -53.06 -42.58
C THR ED 231 142.84 -54.24 -42.49
N SER ED 232 143.10 -54.90 -43.61
CA SER ED 232 144.02 -56.02 -43.62
C SER ED 232 145.48 -55.59 -43.68
N ARG ED 233 145.75 -54.41 -44.21
CA ARG ED 233 147.12 -53.93 -44.38
C ARG ED 233 147.66 -53.22 -43.15
N TRP ED 234 146.78 -52.62 -42.35
CA TRP ED 234 147.20 -51.84 -41.19
C TRP ED 234 146.49 -52.26 -39.91
N HIS ED 235 145.56 -53.23 -39.98
CA HIS ED 235 144.83 -53.69 -38.80
C HIS ED 235 144.11 -52.53 -38.10
N THR ED 236 143.47 -51.68 -38.88
CA THR ED 236 142.69 -50.60 -38.31
C THR ED 236 141.29 -51.08 -37.96
N LYS ED 237 140.63 -50.34 -37.08
CA LYS ED 237 139.32 -50.74 -36.59
C LYS ED 237 138.30 -50.70 -37.72
N LYS ED 238 137.45 -51.72 -37.78
CA LYS ED 238 136.40 -51.75 -38.80
C LYS ED 238 135.29 -50.78 -38.43
N LEU ED 239 134.81 -50.05 -39.42
CA LEU ED 239 133.72 -49.12 -39.20
C LEU ED 239 132.42 -49.89 -38.96
N PRO ED 240 131.45 -49.29 -38.27
CA PRO ED 240 130.24 -50.01 -37.91
C PRO ED 240 129.49 -50.53 -39.12
N ARG ED 241 128.51 -51.40 -38.84
CA ARG ED 241 127.81 -52.10 -39.90
C ARG ED 241 127.07 -51.14 -40.82
N LYS ED 242 126.40 -50.14 -40.25
CA LYS ED 242 125.63 -49.19 -41.05
C LYS ED 242 126.54 -48.06 -41.49
N THR ED 243 127.12 -48.23 -42.67
CA THR ED 243 127.97 -47.22 -43.28
C THR ED 243 127.66 -47.18 -44.77
N HIS ED 244 127.35 -45.99 -45.28
CA HIS ED 244 126.80 -45.87 -46.62
C HIS ED 244 127.78 -46.35 -47.68
N ARG ED 245 129.05 -45.98 -47.57
CA ARG ED 245 130.03 -46.24 -48.62
C ARG ED 245 131.17 -47.12 -48.13
N GLY ED 246 130.85 -48.14 -47.36
CA GLY ED 246 131.85 -49.12 -47.00
C GLY ED 246 132.33 -48.98 -45.57
N LEU ED 247 132.69 -50.12 -44.98
CA LEU ED 247 133.13 -50.17 -43.59
C LEU ED 247 134.58 -50.55 -43.42
N ARG ED 248 135.17 -51.25 -44.39
CA ARG ED 248 136.58 -51.61 -44.30
C ARG ED 248 137.48 -50.47 -44.77
N LYS ED 249 137.28 -49.30 -44.18
CA LYS ED 249 138.03 -48.11 -44.54
C LYS ED 249 138.35 -47.31 -43.29
N VAL ED 250 139.35 -46.46 -43.40
CA VAL ED 250 139.64 -45.47 -42.37
C VAL ED 250 138.68 -44.30 -42.57
N ALA ED 251 138.05 -43.87 -41.49
CA ALA ED 251 136.98 -42.88 -41.60
C ALA ED 251 137.54 -41.50 -41.92
N CYS ED 252 138.48 -41.02 -41.12
CA CYS ED 252 139.06 -39.70 -41.29
C CYS ED 252 140.53 -39.82 -41.66
N ILE ED 253 140.92 -39.13 -42.74
CA ILE ED 253 142.33 -39.10 -43.11
C ILE ED 253 142.85 -37.68 -42.93
N GLY ED 254 143.34 -37.38 -41.73
CA GLY ED 254 143.92 -36.07 -41.47
C GLY ED 254 142.89 -34.99 -41.24
N ALA ED 255 143.30 -33.92 -40.55
CA ALA ED 255 142.40 -32.82 -40.27
C ALA ED 255 142.38 -31.85 -41.46
N TRP ED 256 141.63 -30.76 -41.30
CA TRP ED 256 141.49 -29.81 -42.40
C TRP ED 256 142.81 -29.17 -42.74
N HIS ED 257 143.51 -28.65 -41.75
CA HIS ED 257 144.52 -27.69 -42.17
C HIS ED 257 145.95 -28.06 -41.80
N PRO ED 258 146.36 -29.30 -41.99
CA PRO ED 258 147.66 -29.54 -42.63
C PRO ED 258 147.56 -29.45 -44.14
N ALA ED 259 146.35 -29.22 -44.66
CA ALA ED 259 146.02 -28.93 -46.05
C ALA ED 259 146.29 -30.09 -47.00
N ARG ED 260 146.79 -31.21 -46.50
CA ARG ED 260 147.20 -32.30 -47.37
C ARG ED 260 146.89 -33.61 -46.67
N VAL ED 261 147.43 -34.70 -47.19
CA VAL ED 261 147.33 -36.01 -46.58
C VAL ED 261 148.71 -36.39 -46.08
N ALA ED 262 148.90 -36.33 -44.77
CA ALA ED 262 150.19 -36.66 -44.18
C ALA ED 262 150.51 -38.13 -44.40
N PHE ED 263 151.81 -38.40 -44.57
CA PHE ED 263 152.26 -39.76 -44.84
C PHE ED 263 151.93 -40.73 -43.72
N SER ED 264 151.81 -40.25 -42.48
CA SER ED 264 151.57 -41.14 -41.35
C SER ED 264 150.19 -41.74 -41.35
N VAL ED 265 149.36 -41.44 -42.35
CA VAL ED 265 147.99 -41.93 -42.42
C VAL ED 265 147.99 -43.25 -43.17
N ALA ED 266 147.37 -44.27 -42.59
CA ALA ED 266 147.29 -45.57 -43.24
C ALA ED 266 146.47 -45.48 -44.51
N ARG ED 267 146.95 -46.12 -45.57
CA ARG ED 267 146.28 -46.10 -46.86
C ARG ED 267 146.37 -47.47 -47.50
N ALA ED 268 145.42 -47.75 -48.38
CA ALA ED 268 145.42 -49.00 -49.11
C ALA ED 268 146.62 -49.07 -50.05
N GLY ED 269 147.01 -50.29 -50.40
CA GLY ED 269 148.15 -50.47 -51.28
C GLY ED 269 148.73 -51.86 -51.11
N GLN ED 270 149.97 -52.01 -51.56
CA GLN ED 270 150.62 -53.32 -51.54
C GLN ED 270 150.83 -53.79 -50.11
N LYS ED 271 150.57 -55.08 -49.88
CA LYS ED 271 150.84 -55.72 -48.60
C LYS ED 271 151.54 -57.05 -48.85
N GLY ED 272 152.53 -57.34 -48.02
CA GLY ED 272 153.34 -58.53 -48.20
C GLY ED 272 154.48 -58.29 -49.16
N TYR ED 273 155.28 -59.34 -49.35
CA TYR ED 273 156.44 -59.30 -50.22
C TYR ED 273 157.38 -58.16 -49.84
N HIS ED 274 157.45 -57.86 -48.56
CA HIS ED 274 158.38 -56.87 -48.06
C HIS ED 274 159.69 -57.54 -47.65
N HIS ED 275 160.70 -56.71 -47.44
CA HIS ED 275 162.02 -57.18 -47.04
C HIS ED 275 162.16 -56.98 -45.54
N ARG ED 276 162.43 -58.06 -44.81
CA ARG ED 276 162.58 -58.00 -43.38
C ARG ED 276 163.77 -58.83 -42.94
N THR ED 277 164.41 -58.40 -41.86
CA THR ED 277 165.50 -59.13 -41.23
C THR ED 277 165.12 -59.46 -39.81
N GLU ED 278 164.65 -60.67 -39.58
CA GLU ED 278 164.25 -61.13 -38.26
C GLU ED 278 165.50 -61.56 -37.50
N ILE ED 279 165.65 -61.05 -36.28
CA ILE ED 279 166.82 -61.30 -35.47
C ILE ED 279 166.45 -62.31 -34.39
N ASN ED 280 167.47 -62.81 -33.71
CA ASN ED 280 167.30 -63.70 -32.57
C ASN ED 280 166.52 -64.96 -32.96
N LYS ED 281 167.13 -65.74 -33.84
CA LYS ED 281 166.58 -67.03 -34.26
C LYS ED 281 167.60 -68.10 -33.88
N LYS ED 282 167.25 -68.89 -32.88
CA LYS ED 282 168.15 -69.93 -32.39
C LYS ED 282 168.19 -71.11 -33.34
N ILE ED 283 169.38 -71.69 -33.51
CA ILE ED 283 169.53 -72.93 -34.26
C ILE ED 283 169.27 -74.08 -33.31
N TYR ED 284 168.36 -74.97 -33.70
CA TYR ED 284 168.07 -76.10 -32.83
C TYR ED 284 168.83 -77.35 -33.24
N LYS ED 285 169.06 -77.58 -34.54
CA LYS ED 285 169.96 -78.65 -34.95
C LYS ED 285 170.36 -78.43 -36.39
N ILE ED 286 171.61 -78.74 -36.68
CA ILE ED 286 172.15 -78.71 -38.03
C ILE ED 286 172.00 -80.13 -38.59
N GLY ED 287 171.25 -80.26 -39.68
CA GLY ED 287 171.11 -81.54 -40.33
C GLY ED 287 172.41 -81.98 -40.98
N GLN ED 288 172.47 -83.26 -41.32
CA GLN ED 288 173.69 -83.79 -41.89
C GLN ED 288 173.55 -84.08 -43.38
N GLY ED 289 172.33 -84.21 -43.87
CA GLY ED 289 172.11 -84.52 -45.26
C GLY ED 289 172.11 -86.02 -45.51
N TYR ED 290 171.76 -86.39 -46.74
CA TYR ED 290 171.75 -87.79 -47.14
C TYR ED 290 173.17 -88.21 -47.53
N LEU ED 291 173.67 -89.28 -46.94
CA LEU ED 291 175.00 -89.79 -47.27
C LEU ED 291 174.90 -91.17 -47.90
N ILE ED 292 175.97 -91.57 -48.58
CA ILE ED 292 176.07 -92.88 -49.20
C ILE ED 292 177.46 -93.45 -48.94
N LYS ED 293 177.52 -94.46 -48.08
CA LYS ED 293 178.66 -95.36 -47.97
C LYS ED 293 178.28 -96.82 -48.14
N ASP ED 294 177.01 -97.15 -47.98
CA ASP ED 294 176.42 -98.46 -48.22
C ASP ED 294 174.97 -98.19 -48.63
N GLY ED 295 174.09 -99.17 -48.46
CA GLY ED 295 172.67 -98.87 -48.50
C GLY ED 295 172.38 -97.60 -47.74
N LYS ED 296 171.58 -96.71 -48.34
CA LYS ED 296 171.49 -95.33 -47.86
C LYS ED 296 171.01 -95.26 -46.42
N LEU ED 297 171.58 -94.34 -45.65
CA LEU ED 297 171.31 -94.19 -44.23
C LEU ED 297 170.68 -92.83 -43.96
N ILE ED 298 169.63 -92.81 -43.16
CA ILE ED 298 168.95 -91.59 -42.75
C ILE ED 298 168.90 -91.46 -41.23
N LYS ED 299 169.69 -92.27 -40.52
CA LYS ED 299 169.82 -92.11 -39.07
C LYS ED 299 170.31 -90.72 -38.69
N ASN ED 300 171.21 -90.13 -39.50
CA ASN ED 300 171.71 -88.79 -39.21
C ASN ED 300 170.60 -87.76 -39.23
N ASN ED 301 169.46 -88.09 -39.84
CA ASN ED 301 168.30 -87.23 -39.84
C ASN ED 301 167.57 -87.32 -38.51
N ALA ED 302 166.30 -86.92 -38.47
CA ALA ED 302 165.67 -86.60 -37.20
C ALA ED 302 165.47 -87.85 -36.34
N SER ED 303 166.59 -88.43 -35.93
CA SER ED 303 166.66 -89.40 -34.85
C SER ED 303 167.44 -88.74 -33.73
N THR ED 304 166.77 -88.49 -32.61
CA THR ED 304 167.22 -87.49 -31.65
C THR ED 304 167.71 -88.13 -30.37
N ASP ED 305 168.43 -89.25 -30.50
CA ASP ED 305 169.12 -89.87 -29.38
C ASP ED 305 168.14 -90.43 -28.35
N TYR ED 306 166.84 -90.26 -28.61
CA TYR ED 306 165.80 -90.93 -27.86
C TYR ED 306 164.74 -91.54 -28.76
N ASP ED 307 164.78 -91.28 -30.05
CA ASP ED 307 163.98 -91.99 -31.03
C ASP ED 307 164.73 -93.22 -31.56
N LEU ED 308 165.97 -93.00 -32.00
CA LEU ED 308 166.82 -94.07 -32.54
C LEU ED 308 166.12 -94.81 -33.68
N SER ED 309 165.40 -94.06 -34.50
CA SER ED 309 164.72 -94.63 -35.66
C SER ED 309 165.48 -94.28 -36.93
N ASP ED 310 165.06 -94.91 -38.02
CA ASP ED 310 165.63 -94.65 -39.33
C ASP ED 310 164.77 -93.67 -40.12
N LYS ED 311 164.16 -92.72 -39.43
CA LYS ED 311 163.27 -91.77 -40.08
C LYS ED 311 164.02 -90.51 -40.45
N SER ED 312 163.51 -89.83 -41.46
CA SER ED 312 164.08 -88.62 -42.00
C SER ED 312 163.42 -87.41 -41.36
N ILE ED 313 163.99 -86.23 -41.62
CA ILE ED 313 163.31 -84.99 -41.28
C ILE ED 313 162.14 -84.74 -42.21
N ASN ED 314 162.19 -85.28 -43.42
CA ASN ED 314 161.09 -85.12 -44.35
C ASN ED 314 159.84 -85.77 -43.76
N PRO ED 315 158.74 -85.03 -43.66
CA PRO ED 315 157.52 -85.61 -43.10
C PRO ED 315 156.96 -86.70 -44.01
N LEU ED 316 156.09 -87.51 -43.43
CA LEU ED 316 155.44 -88.59 -44.17
C LEU ED 316 154.74 -88.03 -45.40
N GLY ED 317 155.12 -88.53 -46.58
CA GLY ED 317 154.62 -88.01 -47.83
C GLY ED 317 155.43 -86.86 -48.40
N GLY ED 318 156.45 -86.40 -47.70
CA GLY ED 318 157.24 -85.28 -48.16
C GLY ED 318 156.66 -83.94 -47.74
N PHE ED 319 157.50 -82.92 -47.81
CA PHE ED 319 157.08 -81.59 -47.41
C PHE ED 319 156.02 -81.05 -48.35
N VAL ED 320 154.98 -80.44 -47.78
CA VAL ED 320 153.87 -79.94 -48.58
C VAL ED 320 154.35 -78.75 -49.41
N HIS ED 321 154.00 -78.76 -50.70
CA HIS ED 321 154.26 -77.66 -51.63
C HIS ED 321 155.74 -77.38 -51.83
N TYR ED 322 156.63 -78.14 -51.20
CA TYR ED 322 158.06 -77.95 -51.41
C TYR ED 322 158.75 -79.20 -51.92
N GLY ED 323 158.54 -80.34 -51.28
CA GLY ED 323 159.23 -81.54 -51.71
C GLY ED 323 159.85 -82.34 -50.58
N GLU ED 324 161.16 -82.58 -50.70
CA GLU ED 324 161.87 -83.39 -49.74
C GLU ED 324 163.32 -82.97 -49.73
N VAL ED 325 163.84 -82.68 -48.54
CA VAL ED 325 165.23 -82.27 -48.41
C VAL ED 325 166.12 -83.50 -48.51
N THR ED 326 167.32 -83.32 -49.06
CA THR ED 326 168.24 -84.43 -49.25
C THR ED 326 169.65 -84.05 -48.84
N ASN ED 327 169.90 -82.78 -48.50
CA ASN ED 327 171.23 -82.30 -48.22
C ASN ED 327 171.21 -81.64 -46.85
N ASP ED 328 172.30 -80.94 -46.52
CA ASP ED 328 172.40 -80.28 -45.23
C ASP ED 328 171.22 -79.36 -45.02
N PHE ED 329 170.65 -79.42 -43.82
CA PHE ED 329 169.54 -78.56 -43.45
C PHE ED 329 169.75 -78.05 -42.04
N VAL ED 330 169.29 -76.83 -41.78
CA VAL ED 330 169.35 -76.22 -40.47
C VAL ED 330 167.92 -75.99 -40.00
N MET ED 331 167.63 -76.36 -38.77
CA MET ED 331 166.30 -76.22 -38.22
C MET ED 331 166.29 -75.08 -37.22
N LEU ED 332 165.35 -74.16 -37.38
CA LEU ED 332 165.30 -72.94 -36.59
C LEU ED 332 164.09 -72.96 -35.66
N LYS ED 333 164.30 -72.47 -34.44
CA LYS ED 333 163.22 -72.39 -33.46
C LYS ED 333 162.22 -71.34 -33.89
N GLY ED 334 160.96 -71.75 -34.04
CA GLY ED 334 159.90 -70.81 -34.38
C GLY ED 334 159.78 -70.57 -35.87
N CYS ED 335 158.80 -69.74 -36.20
CA CYS ED 335 158.51 -69.42 -37.58
C CYS ED 335 159.58 -68.50 -38.17
N VAL ED 336 159.70 -68.53 -39.50
CA VAL ED 336 160.63 -67.68 -40.22
C VAL ED 336 159.86 -67.01 -41.34
N VAL ED 337 160.35 -65.85 -41.80
CA VAL ED 337 159.66 -65.10 -42.82
C VAL ED 337 159.72 -65.85 -44.14
N GLY ED 338 158.85 -65.45 -45.08
CA GLY ED 338 158.91 -65.98 -46.42
C GLY ED 338 158.01 -67.16 -46.66
N THR ED 339 157.76 -67.47 -47.93
CA THR ED 339 156.94 -68.60 -48.32
C THR ED 339 157.81 -69.86 -48.34
N LYS ED 340 157.21 -70.98 -48.75
CA LYS ED 340 157.99 -72.18 -48.99
C LYS ED 340 158.85 -71.98 -50.22
N LYS ED 341 159.89 -72.81 -50.33
CA LYS ED 341 160.91 -72.73 -51.37
C LYS ED 341 161.31 -71.29 -51.67
N ARG ED 342 161.45 -70.48 -50.62
CA ARG ED 342 161.87 -69.10 -50.75
C ARG ED 342 163.26 -68.96 -50.13
N VAL ED 343 164.20 -68.42 -50.91
CA VAL ED 343 165.58 -68.34 -50.46
C VAL ED 343 165.65 -67.47 -49.21
N LEU ED 344 166.48 -67.87 -48.26
CA LEU ED 344 166.70 -67.13 -47.03
C LEU ED 344 168.18 -66.88 -46.84
N THR ED 345 168.51 -65.72 -46.29
CA THR ED 345 169.89 -65.33 -46.05
C THR ED 345 170.14 -65.44 -44.54
N LEU ED 346 170.89 -66.47 -44.15
CA LEU ED 346 171.21 -66.67 -42.76
C LEU ED 346 172.57 -66.05 -42.45
N ARG ED 347 172.61 -65.14 -41.49
CA ARG ED 347 173.85 -64.46 -41.13
C ARG ED 347 174.06 -64.53 -39.63
N LYS ED 348 175.33 -64.51 -39.24
CA LYS ED 348 175.68 -64.58 -37.83
C LYS ED 348 175.13 -63.37 -37.08
N SER ED 349 174.72 -63.59 -35.85
CA SER ED 349 174.20 -62.50 -35.04
C SER ED 349 175.28 -61.45 -34.83
N LEU ED 350 174.94 -60.21 -35.12
CA LEU ED 350 175.88 -59.10 -35.01
C LEU ED 350 175.91 -58.50 -33.61
N LEU ED 351 175.13 -59.05 -32.68
CA LEU ED 351 175.16 -58.63 -31.29
C LEU ED 351 175.94 -59.65 -30.47
N VAL ED 352 176.08 -59.36 -29.17
CA VAL ED 352 176.78 -60.23 -28.24
C VAL ED 352 175.73 -60.93 -27.38
N GLN ED 353 175.65 -62.25 -27.51
CA GLN ED 353 174.62 -63.04 -26.83
C GLN ED 353 175.16 -63.45 -25.46
N THR ED 354 174.61 -62.85 -24.41
CA THR ED 354 174.97 -63.19 -23.04
C THR ED 354 173.77 -63.57 -22.19
N LYS ED 355 172.55 -63.36 -22.67
CA LYS ED 355 171.38 -63.67 -21.87
C LYS ED 355 171.20 -65.17 -21.70
N ARG ED 356 170.56 -65.55 -20.59
CA ARG ED 356 170.35 -66.96 -20.31
C ARG ED 356 169.45 -67.63 -21.34
N ARG ED 357 168.56 -66.86 -21.97
CA ARG ED 357 167.67 -67.44 -22.98
C ARG ED 357 168.48 -67.96 -24.16
N ALA ED 358 169.41 -67.16 -24.67
CA ALA ED 358 170.36 -67.67 -25.64
C ALA ED 358 171.48 -68.42 -24.92
N LEU ED 359 172.49 -68.82 -25.70
CA LEU ED 359 173.64 -69.59 -25.23
C LEU ED 359 173.23 -70.73 -24.30
N GLU ED 360 172.02 -71.24 -24.45
CA GLU ED 360 171.54 -72.34 -23.63
C GLU ED 360 171.53 -73.60 -24.48
N LYS ED 361 172.32 -74.58 -24.07
CA LYS ED 361 172.39 -75.83 -24.84
C LYS ED 361 171.03 -76.49 -24.89
N ILE ED 362 170.71 -77.09 -26.02
CA ILE ED 362 169.47 -77.80 -26.20
C ILE ED 362 169.76 -79.25 -26.56
N ASP ED 363 168.80 -80.12 -26.30
CA ASP ED 363 168.91 -81.53 -26.65
C ASP ED 363 167.53 -82.01 -27.05
N LEU ED 364 167.37 -82.36 -28.32
CA LEU ED 364 166.06 -82.77 -28.81
C LEU ED 364 165.71 -84.16 -28.30
N LYS ED 365 164.53 -84.30 -27.71
CA LYS ED 365 164.06 -85.60 -27.26
C LYS ED 365 163.24 -86.31 -28.33
N PHE ED 366 162.61 -85.58 -29.24
CA PHE ED 366 161.78 -86.18 -30.27
C PHE ED 366 161.46 -85.12 -31.32
N ILE ED 367 161.47 -85.53 -32.58
CA ILE ED 367 161.07 -84.66 -33.68
C ILE ED 367 159.85 -85.29 -34.35
N ASP ED 368 158.76 -84.54 -34.40
CA ASP ED 368 157.57 -85.03 -35.07
C ASP ED 368 157.77 -85.02 -36.58
N THR ED 369 157.30 -86.08 -37.24
CA THR ED 369 157.41 -86.18 -38.70
C THR ED 369 156.13 -86.71 -39.32
N THR ED 370 154.99 -86.57 -38.64
CA THR ED 370 153.73 -86.99 -39.21
C THR ED 370 153.43 -86.14 -40.46
N SER ED 371 152.53 -86.65 -41.29
CA SER ED 371 152.21 -85.97 -42.53
C SER ED 371 151.64 -84.58 -42.25
N LYS ED 372 152.19 -83.57 -42.90
CA LYS ED 372 151.68 -82.21 -42.81
C LYS ED 372 150.67 -81.91 -43.89
N PHE ED 373 150.41 -82.88 -44.79
CA PHE ED 373 149.42 -82.72 -45.84
C PHE ED 373 148.02 -83.11 -45.38
N GLY ED 374 147.78 -82.99 -44.08
CA GLY ED 374 146.54 -83.41 -43.48
C GLY ED 374 146.75 -83.62 -42.00
N HIS ED 375 145.77 -84.25 -41.35
CA HIS ED 375 145.89 -84.55 -39.92
C HIS ED 375 146.68 -85.85 -39.76
N GLY ED 376 147.99 -85.69 -39.76
CA GLY ED 376 148.87 -86.85 -39.70
C GLY ED 376 148.71 -87.60 -38.40
N ARG ED 377 148.87 -88.92 -38.48
CA ARG ED 377 148.67 -89.79 -37.33
C ARG ED 377 149.83 -90.75 -37.07
N PHE ED 378 150.59 -91.12 -38.09
CA PHE ED 378 151.70 -92.04 -37.95
C PHE ED 378 153.00 -91.30 -38.21
N GLN ED 379 154.03 -91.61 -37.43
CA GLN ED 379 155.31 -90.92 -37.60
C GLN ED 379 156.06 -91.40 -38.84
N THR ED 380 156.12 -92.71 -39.05
CA THR ED 380 156.90 -93.29 -40.12
C THR ED 380 156.07 -94.25 -40.96
N MET ED 381 156.53 -94.48 -42.18
CA MET ED 381 155.87 -95.45 -43.06
C MET ED 381 155.86 -96.84 -42.44
N GLU ED 382 157.00 -97.27 -41.91
CA GLU ED 382 157.09 -98.59 -41.32
C GLU ED 382 156.12 -98.74 -40.14
N GLU ED 383 156.02 -97.71 -39.30
CA GLU ED 383 155.09 -97.76 -38.19
C GLU ED 383 153.65 -97.78 -38.69
N LYS ED 384 153.37 -97.05 -39.78
CA LYS ED 384 152.02 -97.05 -40.36
C LYS ED 384 151.63 -98.45 -40.80
N LYS ED 385 152.47 -99.11 -41.60
CA LYS ED 385 152.16 -100.46 -42.05
C LYS ED 385 152.12 -101.44 -40.88
N ALA ED 386 153.05 -101.30 -39.94
CA ALA ED 386 153.04 -102.14 -38.75
C ALA ED 386 151.75 -102.00 -37.98
N PHE ED 387 151.12 -100.83 -38.00
CA PHE ED 387 149.81 -100.66 -37.38
C PHE ED 387 148.69 -101.06 -38.34
N MET ED 388 148.69 -100.45 -39.52
CA MET ED 388 147.59 -100.66 -40.45
C MET ED 388 147.44 -102.11 -40.87
N GLY ED 389 148.53 -102.87 -40.85
CA GLY ED 389 148.49 -104.25 -41.26
C GLY ED 389 148.29 -104.38 -42.75
N PRO ED 390 147.94 -105.58 -43.20
CA PRO ED 390 147.72 -105.79 -44.64
C PRO ED 390 146.48 -105.05 -45.12
N LEU ED 391 146.50 -104.69 -46.39
CA LEU ED 391 145.41 -103.98 -47.02
C LEU ED 391 144.90 -104.77 -48.22
N LYS ED 392 143.90 -104.21 -48.90
CA LYS ED 392 143.44 -104.81 -50.16
C LYS ED 392 144.50 -104.68 -51.24
N LYS ED 393 145.19 -103.53 -51.27
CA LYS ED 393 146.13 -103.28 -52.36
C LYS ED 393 147.33 -104.22 -52.29
N ASP ED 394 147.97 -104.33 -51.13
CA ASP ED 394 149.16 -105.17 -51.05
C ASP ED 394 148.80 -106.65 -51.09
N ARG ED 395 147.60 -107.01 -50.65
CA ARG ED 395 147.17 -108.40 -50.71
C ARG ED 395 147.14 -108.89 -52.15
N ILE ED 396 146.52 -108.13 -53.06
CA ILE ED 396 146.53 -108.50 -54.46
C ILE ED 396 147.94 -108.33 -55.04
N ALA ED 397 148.72 -107.39 -54.51
CA ALA ED 397 150.12 -107.29 -54.91
C ALA ED 397 150.88 -108.56 -54.54
N LYS ED 398 150.59 -109.12 -53.37
CA LYS ED 398 151.10 -110.45 -53.04
C LYS ED 398 150.48 -111.50 -53.93
N GLU ED 399 149.19 -111.36 -54.25
CA GLU ED 399 148.49 -112.36 -55.05
C GLU ED 399 149.09 -112.47 -56.46
N GLU ED 400 149.19 -111.34 -57.16
CA GLU ED 400 149.66 -111.40 -58.55
C GLU ED 400 151.12 -111.82 -58.64
N GLY ED 401 151.93 -111.45 -57.65
CA GLY ED 401 153.31 -111.89 -57.62
C GLY ED 401 153.53 -113.25 -56.98
N ALA ED 402 152.49 -113.82 -56.37
CA ALA ED 402 152.57 -115.11 -55.70
C ALA ED 402 153.68 -115.14 -54.66
N MET FD 1 122.01 49.50 -105.55
CA MET FD 1 123.26 50.21 -105.76
C MET FD 1 124.19 49.37 -106.61
N ALA FD 2 125.21 50.01 -107.19
CA ALA FD 2 126.12 49.37 -108.12
C ALA FD 2 127.56 49.52 -107.63
N CYS FD 3 128.37 48.47 -107.83
CA CYS FD 3 128.22 47.12 -108.41
C CYS FD 3 127.61 47.13 -109.81
N ALA FD 4 128.29 47.79 -110.73
CA ALA FD 4 127.75 47.98 -112.07
C ALA FD 4 127.53 46.65 -112.77
N ARG FD 5 126.36 46.53 -113.41
CA ARG FD 5 126.03 45.31 -114.14
C ARG FD 5 126.57 45.43 -115.56
N PRO FD 6 127.46 44.55 -115.98
CA PRO FD 6 127.90 44.59 -117.38
C PRO FD 6 126.81 44.15 -118.33
N LEU FD 7 127.11 44.13 -119.62
CA LEU FD 7 126.13 43.84 -120.66
C LEU FD 7 126.61 42.61 -121.43
N ILE FD 8 126.03 41.46 -121.12
CA ILE FD 8 126.39 40.23 -121.79
C ILE FD 8 125.48 40.02 -122.98
N SER FD 9 125.93 39.18 -123.91
CA SER FD 9 125.26 38.98 -125.18
C SER FD 9 124.50 37.67 -125.19
N VAL FD 10 123.53 37.58 -126.10
CA VAL FD 10 122.78 36.35 -126.34
C VAL FD 10 123.29 35.73 -127.64
N TYR FD 11 123.61 34.45 -127.59
CA TYR FD 11 124.16 33.74 -128.75
C TYR FD 11 123.05 33.08 -129.53
N SER FD 12 123.33 32.80 -130.81
CA SER FD 12 122.38 32.10 -131.66
C SER FD 12 122.55 30.59 -131.51
N GLU FD 13 121.59 29.85 -132.06
CA GLU FD 13 121.67 28.40 -132.00
C GLU FD 13 122.77 27.84 -132.89
N LYS FD 14 123.35 28.65 -133.78
CA LYS FD 14 124.59 28.28 -134.44
C LYS FD 14 125.81 28.48 -133.57
N GLY FD 15 125.68 29.17 -132.44
CA GLY FD 15 126.78 29.29 -131.52
C GLY FD 15 127.32 30.71 -131.37
N GLU FD 16 127.40 31.44 -132.47
CA GLU FD 16 128.00 32.77 -132.41
C GLU FD 16 126.98 33.79 -131.89
N SER FD 17 127.49 34.97 -131.56
CA SER FD 17 126.63 36.04 -131.08
C SER FD 17 125.69 36.51 -132.18
N SER FD 18 124.45 36.78 -131.81
CA SER FD 18 123.46 37.33 -132.73
C SER FD 18 123.41 38.85 -132.68
N GLY FD 19 124.29 39.47 -131.91
CA GLY FD 19 124.27 40.91 -131.75
C GLY FD 19 123.28 41.42 -130.73
N LYS FD 20 122.53 40.53 -130.09
CA LYS FD 20 121.57 40.92 -129.07
C LYS FD 20 122.21 40.74 -127.70
N ASN FD 21 122.03 41.73 -126.84
CA ASN FD 21 122.62 41.74 -125.52
C ASN FD 21 121.56 42.01 -124.47
N VAL FD 22 121.78 41.50 -123.27
CA VAL FD 22 120.90 41.71 -122.14
C VAL FD 22 121.76 42.08 -120.94
N THR FD 23 121.35 43.12 -120.21
CA THR FD 23 122.06 43.49 -119.01
C THR FD 23 121.99 42.38 -117.98
N LEU FD 24 123.06 42.25 -117.20
CA LEU FD 24 123.14 41.17 -116.23
C LEU FD 24 122.13 41.41 -115.11
N PRO FD 25 121.25 40.45 -114.83
CA PRO FD 25 120.33 40.60 -113.70
C PRO FD 25 121.10 40.69 -112.38
N ALA FD 26 120.50 41.42 -111.45
CA ALA FD 26 121.18 41.76 -110.20
C ALA FD 26 121.46 40.55 -109.32
N VAL FD 27 120.86 39.39 -109.61
CA VAL FD 27 121.10 38.22 -108.79
C VAL FD 27 122.57 37.83 -108.81
N PHE FD 28 123.22 37.95 -109.97
CA PHE FD 28 124.59 37.47 -110.10
C PHE FD 28 125.59 38.36 -109.37
N LYS FD 29 125.15 39.45 -108.76
CA LYS FD 29 125.98 40.25 -107.88
C LYS FD 29 125.64 40.03 -106.41
N ALA FD 30 124.63 39.21 -106.12
CA ALA FD 30 124.20 38.99 -104.76
C ALA FD 30 125.26 38.21 -103.98
N PRO FD 31 125.28 38.35 -102.66
CA PRO FD 31 126.31 37.65 -101.87
C PRO FD 31 126.21 36.14 -102.05
N ILE FD 32 127.37 35.48 -102.08
CA ILE FD 32 127.43 34.03 -102.21
C ILE FD 32 127.66 33.45 -100.82
N ARG FD 33 126.72 32.60 -100.38
CA ARG FD 33 126.73 32.04 -99.03
C ARG FD 33 126.54 30.54 -99.13
N PRO FD 34 127.60 29.80 -99.45
CA PRO FD 34 127.45 28.34 -99.56
C PRO FD 34 126.92 27.68 -98.30
N ASP FD 35 127.34 28.15 -97.12
CA ASP FD 35 126.84 27.55 -95.89
C ASP FD 35 125.32 27.68 -95.80
N ILE FD 36 124.79 28.85 -96.17
CA ILE FD 36 123.34 28.98 -96.26
C ILE FD 36 122.79 28.06 -97.33
N VAL FD 37 123.46 28.00 -98.49
CA VAL FD 37 123.02 27.10 -99.54
C VAL FD 37 123.06 25.66 -99.04
N ASN FD 38 124.17 25.25 -98.44
CA ASN FD 38 124.27 23.88 -97.95
C ASN FD 38 123.22 23.60 -96.88
N PHE FD 39 123.03 24.55 -95.95
CA PHE FD 39 122.04 24.36 -94.89
C PHE FD 39 120.64 24.25 -95.47
N VAL FD 40 120.29 25.14 -96.41
CA VAL FD 40 119.00 25.02 -97.08
C VAL FD 40 118.95 23.74 -97.89
N HIS FD 41 120.01 23.43 -98.61
CA HIS FD 41 120.06 22.18 -99.37
C HIS FD 41 119.94 20.98 -98.44
N THR FD 42 120.54 21.07 -97.26
CA THR FD 42 120.48 19.96 -96.32
C THR FD 42 119.04 19.68 -95.91
N ASN FD 43 118.37 20.66 -95.31
CA ASN FD 43 117.03 20.45 -94.80
C ASN FD 43 116.05 20.10 -95.90
N LEU FD 44 116.11 20.79 -97.03
CA LEU FD 44 115.20 20.50 -98.13
C LEU FD 44 115.37 19.11 -98.68
N ARG FD 45 116.61 18.60 -98.75
CA ARG FD 45 116.82 17.27 -99.29
C ARG FD 45 116.12 16.20 -98.49
N LYS FD 46 115.74 16.48 -97.25
CA LYS FD 46 114.98 15.53 -96.46
C LYS FD 46 113.52 15.45 -96.84
N ASN FD 47 112.93 16.53 -97.33
CA ASN FD 47 111.47 16.60 -97.47
C ASN FD 47 110.91 15.59 -98.45
N ASN FD 48 111.71 15.07 -99.37
CA ASN FD 48 111.22 14.10 -100.34
C ASN FD 48 111.37 12.67 -99.85
N ARG FD 49 111.81 12.47 -98.61
CA ARG FD 49 111.99 11.12 -98.09
C ARG FD 49 110.65 10.39 -97.98
N GLN FD 50 110.69 9.08 -98.16
CA GLN FD 50 109.54 8.25 -97.87
C GLN FD 50 109.77 7.52 -96.55
N PRO FD 51 108.75 7.43 -95.69
CA PRO FD 51 108.98 6.91 -94.35
C PRO FD 51 109.34 5.43 -94.37
N TYR FD 52 110.16 5.03 -93.41
CA TYR FD 52 110.49 3.64 -93.19
C TYR FD 52 110.51 3.35 -91.71
N ALA FD 53 109.94 2.21 -91.33
CA ALA FD 53 109.94 1.76 -89.96
C ALA FD 53 109.64 0.27 -89.93
N VAL FD 54 109.94 -0.35 -88.81
CA VAL FD 54 109.74 -1.78 -88.66
C VAL FD 54 108.35 -2.04 -88.11
N SER FD 55 107.86 -3.27 -88.32
CA SER FD 55 106.53 -3.62 -87.88
C SER FD 55 106.40 -3.46 -86.37
N GLU FD 56 105.32 -2.80 -85.94
CA GLU FD 56 105.11 -2.55 -84.53
C GLU FD 56 104.99 -3.83 -83.73
N LEU FD 57 104.61 -4.93 -84.38
CA LEU FD 57 104.48 -6.22 -83.71
C LEU FD 57 105.65 -7.14 -83.96
N ALA FD 58 106.77 -6.61 -84.43
CA ALA FD 58 107.92 -7.45 -84.75
C ALA FD 58 108.51 -8.07 -83.49
N GLY FD 59 108.50 -9.40 -83.44
CA GLY FD 59 109.14 -10.11 -82.35
C GLY FD 59 108.40 -10.09 -81.04
N HIS FD 60 107.18 -9.56 -81.00
CA HIS FD 60 106.40 -9.55 -79.78
C HIS FD 60 105.19 -10.47 -79.83
N GLN FD 61 105.04 -11.24 -80.90
CA GLN FD 61 103.94 -12.20 -81.02
C GLN FD 61 104.42 -13.60 -80.60
N THR FD 62 104.80 -13.69 -79.35
CA THR FD 62 105.46 -14.93 -78.93
C THR FD 62 104.86 -15.55 -77.67
N SER FD 63 104.42 -14.74 -76.71
CA SER FD 63 103.92 -15.23 -75.43
C SER FD 63 104.99 -16.06 -74.70
N ALA FD 64 106.07 -15.38 -74.36
CA ALA FD 64 107.21 -15.98 -73.67
C ALA FD 64 107.27 -15.48 -72.24
N GLU FD 65 107.52 -16.41 -71.31
CA GLU FD 65 107.66 -16.06 -69.90
C GLU FD 65 109.13 -15.95 -69.54
N SER FD 66 109.37 -15.50 -68.31
CA SER FD 66 110.70 -15.15 -67.85
C SER FD 66 111.51 -16.34 -67.36
N TRP FD 67 110.90 -17.52 -67.30
CA TRP FD 67 111.56 -18.77 -66.92
C TRP FD 67 111.99 -18.80 -65.47
N GLY FD 68 111.82 -17.72 -64.72
CA GLY FD 68 112.20 -17.72 -63.33
C GLY FD 68 113.70 -17.59 -63.14
N THR FD 69 114.14 -17.87 -61.91
CA THR FD 69 115.53 -17.76 -61.54
C THR FD 69 116.12 -19.01 -60.91
N GLY FD 70 115.30 -19.99 -60.53
CA GLY FD 70 115.85 -21.21 -59.95
C GLY FD 70 116.73 -21.97 -60.92
N ARG FD 71 116.26 -22.16 -62.15
CA ARG FD 71 117.04 -22.88 -63.14
C ARG FD 71 118.26 -22.04 -63.55
N ALA FD 72 119.38 -22.72 -63.70
CA ALA FD 72 120.66 -22.04 -63.92
C ALA FD 72 120.79 -21.50 -65.33
N VAL FD 73 119.96 -20.50 -65.67
CA VAL FD 73 120.06 -19.82 -66.95
C VAL FD 73 119.87 -18.33 -66.72
N ALA FD 74 120.04 -17.55 -67.79
CA ALA FD 74 119.83 -16.13 -67.71
C ALA FD 74 118.35 -15.81 -67.51
N ARG FD 75 118.09 -14.67 -66.87
CA ARG FD 75 116.73 -14.28 -66.54
C ARG FD 75 115.96 -13.75 -67.74
N ILE FD 76 116.48 -13.94 -68.95
CA ILE FD 76 115.82 -13.47 -70.16
C ILE FD 76 114.50 -14.21 -70.32
N PRO FD 77 113.46 -13.57 -70.83
CA PRO FD 77 112.23 -14.31 -71.16
C PRO FD 77 112.51 -15.37 -72.20
N ARG FD 78 111.85 -16.51 -72.06
CA ARG FD 78 112.11 -17.65 -72.91
C ARG FD 78 110.81 -18.15 -73.54
N VAL FD 79 110.90 -18.62 -74.79
CA VAL FD 79 109.73 -19.11 -75.49
C VAL FD 79 109.30 -20.45 -74.88
N ARG FD 80 108.01 -20.57 -74.61
CA ARG FD 80 107.46 -21.77 -74.01
C ARG FD 80 107.08 -22.78 -75.09
N GLY FD 81 106.79 -24.01 -74.65
CA GLY FD 81 106.51 -25.09 -75.58
C GLY FD 81 107.08 -26.41 -75.11
N GLY FD 82 107.94 -27.02 -75.91
CA GLY FD 82 108.59 -28.25 -75.48
C GLY FD 82 108.86 -29.27 -76.57
N GLY FD 83 108.36 -29.04 -77.78
CA GLY FD 83 108.59 -30.00 -78.85
C GLY FD 83 109.22 -29.37 -80.08
N THR FD 84 109.90 -28.24 -79.91
CA THR FD 84 110.39 -27.47 -81.04
C THR FD 84 111.74 -26.86 -80.70
N HIS FD 85 112.52 -26.58 -81.74
CA HIS FD 85 113.80 -25.92 -81.55
C HIS FD 85 113.62 -24.56 -80.89
N ARG FD 86 112.48 -23.91 -81.14
CA ARG FD 86 112.22 -22.62 -80.51
C ARG FD 86 111.92 -22.73 -79.03
N SER FD 87 111.59 -23.92 -78.55
CA SER FD 87 111.23 -24.08 -77.15
C SER FD 87 112.40 -23.74 -76.24
N GLY FD 88 112.15 -22.88 -75.26
CA GLY FD 88 113.17 -22.49 -74.31
C GLY FD 88 114.09 -21.38 -74.77
N GLN FD 89 114.08 -21.05 -76.06
CA GLN FD 89 114.94 -19.99 -76.56
C GLN FD 89 114.48 -18.64 -76.02
N GLY FD 90 115.41 -17.70 -75.95
CA GLY FD 90 115.08 -16.38 -75.48
C GLY FD 90 114.28 -15.59 -76.50
N ALA FD 91 113.69 -14.50 -76.03
CA ALA FD 91 112.89 -13.63 -76.88
C ALA FD 91 112.74 -12.27 -76.23
N PHE FD 92 112.03 -11.39 -76.91
CA PHE FD 92 111.61 -10.09 -76.37
C PHE FD 92 112.78 -9.13 -76.16
N GLY FD 93 114.00 -9.60 -76.40
CA GLY FD 93 115.19 -8.81 -76.13
C GLY FD 93 115.93 -8.46 -77.40
N ASN FD 94 116.59 -7.30 -77.38
CA ASN FD 94 117.43 -6.93 -78.51
C ASN FD 94 118.67 -7.80 -78.60
N MET FD 95 119.05 -8.47 -77.52
CA MET FD 95 120.11 -9.47 -77.60
C MET FD 95 119.64 -10.77 -78.24
N CYS FD 96 118.33 -11.04 -78.22
CA CYS FD 96 117.82 -12.35 -78.56
C CYS FD 96 117.62 -12.46 -80.07
N ARG FD 97 118.10 -13.57 -80.63
CA ARG FD 97 117.79 -13.87 -82.01
C ARG FD 97 116.29 -14.03 -82.18
N GLY FD 98 115.70 -13.24 -83.06
CA GLY FD 98 114.27 -13.23 -83.23
C GLY FD 98 113.52 -12.35 -82.25
N GLY FD 99 114.22 -11.70 -81.32
CA GLY FD 99 113.59 -10.78 -80.41
C GLY FD 99 113.34 -9.42 -81.04
N ARG FD 100 112.74 -8.54 -80.25
CA ARG FD 100 112.46 -7.19 -80.72
C ARG FD 100 113.73 -6.36 -80.68
N MET FD 101 113.90 -5.51 -81.69
CA MET FD 101 115.05 -4.62 -81.72
C MET FD 101 114.91 -3.55 -80.63
N PHE FD 102 116.04 -2.93 -80.31
CA PHE FD 102 116.02 -1.85 -79.34
C PHE FD 102 115.40 -0.60 -79.97
N ALA FD 103 114.49 0.03 -79.23
CA ALA FD 103 113.85 1.28 -79.62
C ALA FD 103 113.43 1.22 -81.09
N PRO FD 104 112.41 0.43 -81.42
CA PRO FD 104 112.08 0.22 -82.84
C PRO FD 104 111.76 1.53 -83.54
N THR FD 105 112.24 1.63 -84.77
CA THR FD 105 111.95 2.80 -85.58
C THR FD 105 110.45 2.94 -85.79
N LYS FD 106 109.96 4.17 -85.67
CA LYS FD 106 108.56 4.47 -85.85
C LYS FD 106 108.36 5.35 -87.07
N THR FD 107 107.14 5.35 -87.60
CA THR FD 107 106.82 6.18 -88.74
C THR FD 107 106.98 7.66 -88.43
N TRP FD 108 106.63 8.09 -87.22
CA TRP FD 108 106.62 9.51 -86.87
C TRP FD 108 108.00 9.99 -86.45
N ARG FD 109 108.96 9.84 -87.37
CA ARG FD 109 110.33 10.26 -87.11
C ARG FD 109 110.52 11.76 -87.31
N ARG FD 110 109.52 12.47 -87.83
CA ARG FD 110 109.65 13.87 -88.23
C ARG FD 110 110.71 14.01 -89.34
N TRP FD 111 110.43 13.31 -90.44
CA TRP FD 111 111.36 13.32 -91.56
C TRP FD 111 111.48 14.71 -92.17
N HIS FD 112 110.37 15.39 -92.36
CA HIS FD 112 110.35 16.63 -93.11
C HIS FD 112 110.86 17.80 -92.28
N ARG FD 113 111.24 18.86 -92.98
CA ARG FD 113 111.71 20.09 -92.35
C ARG FD 113 111.15 21.28 -93.12
N ARG FD 114 111.02 22.40 -92.43
CA ARG FD 114 110.60 23.65 -93.04
C ARG FD 114 111.67 24.70 -92.82
N VAL FD 115 111.97 25.46 -93.86
CA VAL FD 115 112.92 26.55 -93.77
C VAL FD 115 112.23 27.83 -94.22
N ASN FD 116 112.66 28.95 -93.65
CA ASN FD 116 111.97 30.20 -93.87
C ASN FD 116 111.95 30.55 -95.35
N THR FD 117 110.80 31.06 -95.82
CA THR FD 117 110.65 31.37 -97.23
C THR FD 117 111.71 32.35 -97.69
N THR FD 118 112.08 33.29 -96.82
CA THR FD 118 113.16 34.22 -97.17
C THR FD 118 114.47 33.48 -97.38
N GLN FD 119 114.76 32.51 -96.50
CA GLN FD 119 116.03 31.79 -96.63
C GLN FD 119 116.07 30.97 -97.91
N LYS FD 120 114.95 30.37 -98.30
CA LYS FD 120 114.93 29.62 -99.55
C LYS FD 120 115.29 30.52 -100.72
N ARG FD 121 114.68 31.70 -100.80
CA ARG FD 121 115.01 32.63 -101.88
C ARG FD 121 116.46 33.09 -101.75
N TYR FD 122 116.92 33.33 -100.52
CA TYR FD 122 118.31 33.69 -100.33
C TYR FD 122 119.24 32.59 -100.84
N ALA FD 123 118.91 31.33 -100.55
CA ALA FD 123 119.70 30.23 -101.06
C ALA FD 123 119.69 30.21 -102.58
N ILE FD 124 118.53 30.46 -103.19
CA ILE FD 124 118.45 30.50 -104.64
C ILE FD 124 119.30 31.63 -105.19
N CYS FD 125 119.20 32.82 -104.59
CA CYS FD 125 119.92 33.97 -105.12
C CYS FD 125 121.43 33.74 -105.09
N SER FD 126 121.94 33.22 -103.97
CA SER FD 126 123.37 32.97 -103.88
C SER FD 126 123.82 31.96 -104.92
N ALA FD 127 123.07 30.87 -105.09
CA ALA FD 127 123.46 29.86 -106.05
C ALA FD 127 123.48 30.41 -107.47
N LEU FD 128 122.48 31.23 -107.82
CA LEU FD 128 122.45 31.81 -109.15
C LEU FD 128 123.69 32.66 -109.40
N ALA FD 129 124.10 33.44 -108.42
CA ALA FD 129 125.32 34.24 -108.57
C ALA FD 129 126.53 33.35 -108.78
N ALA FD 130 126.61 32.26 -108.02
CA ALA FD 130 127.72 31.33 -108.18
C ALA FD 130 127.71 30.63 -109.53
N SER FD 131 126.58 30.63 -110.22
CA SER FD 131 126.51 30.06 -111.56
C SER FD 131 127.11 30.99 -112.61
N ALA FD 132 127.49 32.20 -112.23
CA ALA FD 132 127.99 33.20 -113.18
C ALA FD 132 129.48 33.47 -113.00
N LEU FD 133 130.19 32.61 -112.29
CA LEU FD 133 131.63 32.80 -112.08
C LEU FD 133 132.38 31.60 -112.63
N PRO FD 134 133.22 31.78 -113.65
CA PRO FD 134 133.82 30.61 -114.31
C PRO FD 134 134.61 29.71 -113.39
N ALA FD 135 135.34 30.28 -112.43
CA ALA FD 135 136.10 29.45 -111.51
C ALA FD 135 135.18 28.54 -110.70
N LEU FD 136 134.09 29.09 -110.18
CA LEU FD 136 133.18 28.28 -109.37
C LEU FD 136 132.58 27.14 -110.20
N VAL FD 137 132.06 27.46 -111.38
CA VAL FD 137 131.42 26.42 -112.19
C VAL FD 137 132.44 25.39 -112.65
N MET FD 138 133.66 25.84 -112.95
CA MET FD 138 134.71 24.88 -113.26
C MET FD 138 135.11 24.08 -112.03
N SER FD 139 134.99 24.67 -110.84
CA SER FD 139 135.29 23.95 -109.61
C SER FD 139 134.36 22.77 -109.38
N LYS FD 140 133.22 22.74 -110.05
CA LYS FD 140 132.35 21.57 -110.07
C LYS FD 140 132.79 20.55 -111.11
N GLY FD 141 133.86 20.84 -111.85
CA GLY FD 141 134.33 19.96 -112.90
C GLY FD 141 133.32 19.87 -114.03
N HIS FD 142 132.82 21.02 -114.48
CA HIS FD 142 131.77 21.06 -115.47
C HIS FD 142 132.31 21.11 -116.90
N ARG FD 143 133.63 21.06 -117.08
CA ARG FD 143 134.26 20.97 -118.39
C ARG FD 143 133.75 22.05 -119.34
N ILE FD 144 133.95 23.30 -118.93
CA ILE FD 144 133.53 24.45 -119.71
C ILE FD 144 134.78 25.28 -120.00
N GLU FD 145 135.40 25.01 -121.15
CA GLU FD 145 136.57 25.77 -121.56
C GLU FD 145 136.41 26.40 -122.93
N GLU FD 146 135.46 25.95 -123.75
CA GLU FD 146 135.23 26.52 -125.05
C GLU FD 146 133.92 27.32 -125.11
N VAL FD 147 133.15 27.33 -124.04
CA VAL FD 147 131.92 28.12 -124.01
C VAL FD 147 132.28 29.59 -123.86
N PRO FD 148 131.71 30.48 -124.65
CA PRO FD 148 131.93 31.91 -124.42
C PRO FD 148 130.86 32.50 -123.53
N GLU FD 149 131.19 33.55 -122.76
CA GLU FD 149 130.22 34.29 -121.98
C GLU FD 149 129.47 33.37 -121.01
N LEU FD 150 130.22 32.89 -120.02
CA LEU FD 150 129.77 31.86 -119.08
C LEU FD 150 128.28 31.92 -118.74
N PRO FD 151 127.71 33.07 -118.35
CA PRO FD 151 126.24 33.09 -118.27
C PRO FD 151 125.70 33.03 -119.68
N LEU FD 152 125.26 31.85 -120.10
CA LEU FD 152 125.01 31.56 -121.50
C LEU FD 152 123.52 31.72 -121.76
N VAL FD 153 123.16 32.70 -122.59
CA VAL FD 153 121.78 32.98 -122.94
C VAL FD 153 121.62 32.74 -124.43
N VAL FD 154 120.60 31.98 -124.80
CA VAL FD 154 120.37 31.59 -126.18
C VAL FD 154 119.03 32.15 -126.63
N GLU FD 155 118.93 32.42 -127.93
CA GLU FD 155 117.70 32.89 -128.54
C GLU FD 155 116.52 32.00 -128.15
N ASP FD 156 115.33 32.59 -128.19
CA ASP FD 156 114.13 31.88 -127.75
C ASP FD 156 113.75 30.72 -128.66
N LYS FD 157 114.35 30.61 -129.85
CA LYS FD 157 113.94 29.56 -130.78
C LYS FD 157 114.15 28.17 -130.20
N VAL FD 158 115.08 28.03 -129.25
CA VAL FD 158 115.33 26.73 -128.64
C VAL FD 158 114.08 26.22 -127.94
N GLU FD 159 113.28 27.12 -127.37
CA GLU FD 159 112.05 26.69 -126.71
C GLU FD 159 111.09 26.00 -127.67
N GLY FD 160 111.22 26.26 -128.97
CA GLY FD 160 110.35 25.63 -129.94
C GLY FD 160 110.90 24.34 -130.51
N TYR FD 161 112.02 23.88 -129.96
CA TYR FD 161 112.64 22.65 -130.44
C TYR FD 161 111.71 21.46 -130.20
N LYS FD 162 111.83 20.46 -131.05
CA LYS FD 162 110.97 19.28 -130.97
C LYS FD 162 111.72 17.97 -130.84
N LYS FD 163 112.82 17.81 -131.56
CA LYS FD 163 113.53 16.54 -131.63
C LYS FD 163 114.84 16.60 -130.87
N THR FD 164 115.32 15.42 -130.48
CA THR FD 164 116.61 15.34 -129.80
C THR FD 164 117.77 15.76 -130.69
N LYS FD 165 117.74 15.40 -131.97
CA LYS FD 165 118.86 15.67 -132.85
C LYS FD 165 119.17 17.16 -132.93
N GLU FD 166 118.15 18.00 -133.05
CA GLU FD 166 118.41 19.44 -133.10
C GLU FD 166 118.97 19.94 -131.79
N ALA FD 167 118.52 19.38 -130.66
CA ALA FD 167 119.01 19.85 -129.37
C ALA FD 167 120.48 19.53 -129.18
N VAL FD 168 120.87 18.27 -129.42
CA VAL FD 168 122.27 17.89 -129.23
C VAL FD 168 123.16 18.68 -130.17
N LEU FD 169 122.69 18.92 -131.40
CA LEU FD 169 123.44 19.76 -132.33
C LEU FD 169 123.66 21.14 -131.73
N LEU FD 170 122.64 21.69 -131.08
CA LEU FD 170 122.81 22.95 -130.37
C LEU FD 170 123.83 22.81 -129.25
N LEU FD 171 123.82 21.67 -128.56
CA LEU FD 171 124.80 21.44 -127.50
C LEU FD 171 126.21 21.36 -128.08
N LYS FD 172 126.37 20.71 -129.22
CA LYS FD 172 127.69 20.62 -129.84
C LYS FD 172 128.18 21.99 -130.30
N LYS FD 173 127.31 22.76 -130.96
CA LYS FD 173 127.71 24.07 -131.44
C LYS FD 173 128.09 24.99 -130.28
N LEU FD 174 127.31 24.98 -129.20
CA LEU FD 174 127.60 25.80 -128.04
C LEU FD 174 128.84 25.34 -127.29
N LYS FD 175 129.54 24.31 -127.77
CA LYS FD 175 130.72 23.77 -127.11
C LYS FD 175 130.41 23.26 -125.71
N ALA FD 176 129.14 22.93 -125.47
CA ALA FD 176 128.72 22.31 -124.21
C ALA FD 176 128.64 20.80 -124.31
N TRP FD 177 128.92 20.23 -125.48
CA TRP FD 177 128.81 18.78 -125.63
C TRP FD 177 129.86 18.03 -124.84
N ASN FD 178 130.97 18.69 -124.47
CA ASN FD 178 131.98 18.01 -123.68
C ASN FD 178 131.45 17.56 -122.33
N ASP FD 179 130.66 18.40 -121.66
CA ASP FD 179 130.12 18.02 -120.36
C ASP FD 179 129.24 16.78 -120.48
N ILE FD 180 128.45 16.69 -121.55
CA ILE FD 180 127.66 15.48 -121.76
C ILE FD 180 128.56 14.28 -121.97
N LYS FD 181 129.62 14.44 -122.77
CA LYS FD 181 130.58 13.36 -122.96
C LYS FD 181 131.16 12.92 -121.62
N LYS FD 182 131.40 13.86 -120.71
CA LYS FD 182 131.84 13.50 -119.37
C LYS FD 182 130.79 12.66 -118.66
N VAL FD 183 129.52 13.03 -118.80
CA VAL FD 183 128.45 12.26 -118.16
C VAL FD 183 128.44 10.84 -118.70
N TYR FD 184 128.60 10.69 -120.01
CA TYR FD 184 128.62 9.35 -120.60
C TYR FD 184 129.78 8.53 -120.06
N ALA FD 185 130.96 9.16 -119.95
CA ALA FD 185 132.09 8.46 -119.35
C ALA FD 185 131.92 8.28 -117.85
N SER FD 186 131.05 9.05 -117.21
CA SER FD 186 130.86 8.99 -115.77
C SER FD 186 129.87 7.92 -115.35
N GLN FD 187 129.11 7.34 -116.29
CA GLN FD 187 128.06 6.40 -115.95
C GLN FD 187 128.70 5.10 -115.47
N ARG FD 188 128.25 4.61 -114.32
CA ARG FD 188 128.75 3.36 -113.78
C ARG FD 188 127.77 2.86 -112.73
N MET FD 189 128.01 1.64 -112.26
CA MET FD 189 127.13 1.00 -111.30
C MET FD 189 127.29 1.65 -109.93
N ARG FD 190 126.21 1.68 -109.17
CA ARG FD 190 126.31 2.15 -107.80
C ARG FD 190 127.10 1.16 -106.95
N ALA FD 191 127.43 1.58 -105.73
CA ALA FD 191 128.21 0.77 -104.81
C ALA FD 191 127.36 0.32 -103.65
N GLY FD 192 127.33 -0.98 -103.39
CA GLY FD 192 126.67 -1.50 -102.23
C GLY FD 192 125.20 -1.80 -102.45
N LYS FD 193 124.45 -1.73 -101.35
CA LYS FD 193 123.08 -2.21 -101.29
C LYS FD 193 122.12 -1.43 -102.17
N GLY FD 194 122.51 -0.26 -102.69
CA GLY FD 194 121.60 0.50 -103.53
C GLY FD 194 121.13 -0.24 -104.76
N LYS FD 195 122.01 -1.05 -105.37
CA LYS FD 195 121.64 -1.83 -106.53
C LYS FD 195 120.46 -2.74 -106.27
N MET FD 196 120.29 -3.20 -105.03
CA MET FD 196 119.19 -4.10 -104.72
C MET FD 196 117.90 -3.35 -104.42
N ARG FD 197 117.91 -2.03 -104.49
CA ARG FD 197 116.73 -1.21 -104.21
C ARG FD 197 116.51 -0.18 -105.30
N ASN FD 198 116.65 -0.59 -106.55
CA ASN FD 198 116.29 0.15 -107.75
C ASN FD 198 117.22 1.32 -108.03
N ARG FD 199 118.15 1.63 -107.15
CA ARG FD 199 119.15 2.67 -107.41
C ARG FD 199 120.37 2.05 -108.08
N ARG FD 200 120.10 1.38 -109.21
CA ARG FD 200 121.06 0.46 -109.80
C ARG FD 200 122.31 1.18 -110.28
N ARG FD 201 122.14 2.23 -111.08
CA ARG FD 201 123.28 2.91 -111.69
C ARG FD 201 123.20 4.40 -111.42
N ILE FD 202 124.36 5.04 -111.43
CA ILE FD 202 124.49 6.47 -111.16
C ILE FD 202 125.16 7.13 -112.36
N GLN FD 203 125.20 8.45 -112.33
CA GLN FD 203 125.84 9.24 -113.36
C GLN FD 203 126.13 10.62 -112.79
N ARG FD 204 126.93 11.37 -113.51
CA ARG FD 204 127.27 12.73 -113.10
C ARG FD 204 126.05 13.63 -113.31
N ARG FD 205 126.21 14.91 -113.08
CA ARG FD 205 125.15 15.89 -113.30
C ARG FD 205 125.51 16.75 -114.50
N GLY FD 206 124.63 16.75 -115.50
CA GLY FD 206 124.88 17.49 -116.71
C GLY FD 206 124.41 18.93 -116.59
N PRO FD 207 124.57 19.70 -117.66
CA PRO FD 207 124.12 21.09 -117.65
C PRO FD 207 122.61 21.17 -117.46
N CYS FD 208 122.19 22.19 -116.74
CA CYS FD 208 120.78 22.44 -116.50
C CYS FD 208 120.30 23.54 -117.43
N ILE FD 209 119.21 23.28 -118.13
CA ILE FD 209 118.64 24.23 -119.08
C ILE FD 209 117.48 24.94 -118.41
N ILE FD 210 117.54 26.27 -118.40
CA ILE FD 210 116.48 27.10 -117.83
C ILE FD 210 115.65 27.65 -118.98
N TYR FD 211 114.33 27.46 -118.91
CA TYR FD 211 113.42 27.89 -119.94
C TYR FD 211 112.27 28.67 -119.33
N ASN FD 212 111.47 29.30 -120.19
CA ASN FD 212 110.34 30.12 -119.76
C ASN FD 212 109.00 29.54 -120.18
N GLU FD 213 108.86 29.12 -121.44
CA GLU FD 213 107.68 28.42 -121.90
C GLU FD 213 108.07 27.11 -122.55
N ASP FD 214 107.33 26.05 -122.25
CA ASP FD 214 107.61 24.73 -122.79
C ASP FD 214 106.86 24.62 -124.11
N ASN FD 215 107.60 24.67 -125.21
CA ASN FD 215 107.07 24.39 -126.54
C ASN FD 215 107.81 23.23 -127.19
N GLY FD 216 108.02 22.16 -126.43
CA GLY FD 216 108.69 20.97 -126.91
C GLY FD 216 110.15 20.87 -126.50
N ILE FD 217 110.69 21.90 -125.86
CA ILE FD 217 112.09 21.87 -125.45
C ILE FD 217 112.34 20.72 -124.49
N ILE FD 218 111.48 20.56 -123.49
CA ILE FD 218 111.66 19.48 -122.53
C ILE FD 218 111.52 18.14 -123.22
N LYS FD 219 110.66 18.06 -124.24
CA LYS FD 219 110.55 16.81 -124.98
C LYS FD 219 111.73 16.63 -125.93
N ALA FD 220 112.18 17.70 -126.56
CA ALA FD 220 113.38 17.61 -127.39
C ALA FD 220 114.58 17.20 -126.55
N PHE FD 221 114.73 17.82 -125.38
CA PHE FD 221 115.68 17.39 -124.38
C PHE FD 221 115.08 16.25 -123.57
N ARG FD 222 115.66 15.98 -122.40
CA ARG FD 222 115.23 15.03 -121.37
C ARG FD 222 115.63 13.59 -121.71
N ASN FD 223 116.13 13.32 -122.90
CA ASN FD 223 116.75 12.03 -123.16
C ASN FD 223 118.26 12.09 -123.07
N ILE FD 224 118.84 13.27 -123.12
CA ILE FD 224 120.28 13.46 -122.95
C ILE FD 224 120.60 13.23 -121.48
N PRO FD 225 121.54 12.34 -121.15
CA PRO FD 225 121.84 12.07 -119.75
C PRO FD 225 122.37 13.31 -119.05
N GLY FD 226 121.90 13.51 -117.82
CA GLY FD 226 122.36 14.61 -116.99
C GLY FD 226 121.67 15.93 -117.23
N ILE FD 227 120.87 16.04 -118.29
CA ILE FD 227 120.24 17.30 -118.64
C ILE FD 227 119.03 17.53 -117.74
N THR FD 228 118.89 18.74 -117.23
CA THR FD 228 117.79 19.11 -116.34
C THR FD 228 117.13 20.38 -116.84
N LEU FD 229 115.81 20.39 -116.88
CA LEU FD 229 115.03 21.57 -117.19
C LEU FD 229 114.54 22.21 -115.90
N LEU FD 230 114.34 23.52 -115.92
CA LEU FD 230 114.07 24.21 -114.67
C LEU FD 230 112.85 25.13 -114.67
N ASN FD 231 112.43 25.68 -115.81
CA ASN FD 231 111.22 26.49 -115.84
C ASN FD 231 111.33 27.68 -114.89
N VAL FD 232 112.15 28.67 -115.26
CA VAL FD 232 112.55 29.77 -114.38
C VAL FD 232 111.38 30.38 -113.61
N SER FD 233 110.15 30.19 -114.10
CA SER FD 233 109.01 30.66 -113.33
C SER FD 233 108.93 30.00 -111.96
N LYS FD 234 109.60 28.86 -111.78
CA LYS FD 234 109.65 28.18 -110.49
C LYS FD 234 111.00 27.46 -110.40
N LEU FD 235 111.88 27.99 -109.56
CA LEU FD 235 113.22 27.45 -109.41
C LEU FD 235 113.21 26.25 -108.46
N ASN FD 236 114.38 25.67 -108.24
CA ASN FD 236 114.53 24.56 -107.31
C ASN FD 236 115.99 24.49 -106.89
N ILE FD 237 116.26 24.79 -105.63
CA ILE FD 237 117.63 24.76 -105.13
C ILE FD 237 118.21 23.35 -105.22
N LEU FD 238 117.39 22.31 -105.05
CA LEU FD 238 117.90 20.95 -105.12
C LEU FD 238 118.49 20.64 -106.49
N LYS FD 239 117.96 21.26 -107.54
CA LYS FD 239 118.51 21.09 -108.89
C LYS FD 239 119.54 22.14 -109.25
N LEU FD 240 119.69 23.18 -108.44
CA LEU FD 240 120.70 24.20 -108.72
C LEU FD 240 121.97 23.97 -107.91
N ALA FD 241 121.90 23.19 -106.84
CA ALA FD 241 123.05 22.83 -106.02
C ALA FD 241 123.03 21.32 -105.87
N PRO FD 242 123.42 20.59 -106.92
CA PRO FD 242 123.19 19.13 -106.92
C PRO FD 242 123.83 18.42 -105.75
N GLY FD 243 125.00 18.86 -105.31
CA GLY FD 243 125.64 18.22 -104.18
C GLY FD 243 125.69 19.11 -102.96
N GLY FD 244 124.78 20.07 -102.89
CA GLY FD 244 124.89 21.11 -101.90
C GLY FD 244 126.06 22.04 -102.11
N HIS FD 245 126.73 21.94 -103.25
CA HIS FD 245 127.85 22.80 -103.60
C HIS FD 245 127.47 23.59 -104.83
N VAL FD 246 127.55 24.92 -104.73
CA VAL FD 246 127.06 25.78 -105.78
C VAL FD 246 127.94 25.65 -107.02
N GLY FD 247 127.44 26.21 -108.12
CA GLY FD 247 128.21 26.29 -109.34
C GLY FD 247 127.80 25.29 -110.40
N ARG FD 248 126.53 24.92 -110.45
CA ARG FD 248 126.04 24.06 -111.51
C ARG FD 248 126.02 24.84 -112.82
N PHE FD 249 126.54 24.21 -113.89
CA PHE FD 249 126.54 24.83 -115.20
C PHE FD 249 125.10 25.02 -115.67
N CYS FD 250 124.68 26.27 -115.79
CA CYS FD 250 123.31 26.61 -116.15
C CYS FD 250 123.30 27.32 -117.50
N ILE FD 251 122.34 26.96 -118.34
CA ILE FD 251 122.17 27.56 -119.66
C ILE FD 251 120.78 28.16 -119.72
N TRP FD 252 120.67 29.37 -120.26
CA TRP FD 252 119.46 30.17 -120.18
C TRP FD 252 118.87 30.43 -121.56
N THR FD 253 117.56 30.57 -121.60
CA THR FD 253 116.88 31.14 -122.75
C THR FD 253 116.74 32.65 -122.56
N GLU FD 254 116.57 33.35 -123.68
CA GLU FD 254 116.50 34.81 -123.63
C GLU FD 254 115.32 35.27 -122.79
N SER FD 255 114.15 34.66 -123.00
CA SER FD 255 112.99 35.05 -122.22
C SER FD 255 113.19 34.79 -120.74
N ALA FD 256 113.74 33.63 -120.39
CA ALA FD 256 114.00 33.33 -118.99
C ALA FD 256 114.96 34.33 -118.39
N PHE FD 257 116.01 34.69 -119.13
CA PHE FD 257 116.96 35.68 -118.64
C PHE FD 257 116.28 37.02 -118.40
N ARG FD 258 115.45 37.46 -119.35
CA ARG FD 258 114.77 38.74 -119.19
C ARG FD 258 113.78 38.72 -118.04
N LYS FD 259 113.05 37.61 -117.87
CA LYS FD 259 112.07 37.53 -116.80
C LYS FD 259 112.72 37.56 -115.43
N LEU FD 260 114.01 37.25 -115.34
CA LEU FD 260 114.66 37.09 -114.05
C LEU FD 260 114.70 38.41 -113.28
N ASP FD 261 114.93 39.52 -113.98
CA ASP FD 261 115.04 40.82 -113.31
C ASP FD 261 113.83 41.09 -112.44
N GLU FD 262 112.63 40.91 -112.99
CA GLU FD 262 111.42 41.12 -112.21
C GLU FD 262 111.07 39.93 -111.34
N LEU FD 263 111.70 38.77 -111.57
CA LEU FD 263 111.46 37.63 -110.70
C LEU FD 263 112.02 37.87 -109.30
N TYR FD 264 113.14 38.60 -109.21
CA TYR FD 264 113.79 38.82 -107.93
C TYR FD 264 114.05 40.28 -107.61
N GLY FD 265 113.92 41.18 -108.59
CA GLY FD 265 114.12 42.59 -108.33
C GLY FD 265 115.58 42.97 -108.20
N THR FD 266 115.92 44.19 -108.61
CA THR FD 266 117.25 44.72 -108.46
C THR FD 266 117.44 45.19 -107.03
N TRP FD 267 118.61 45.76 -106.73
CA TRP FD 267 118.79 46.40 -105.44
C TRP FD 267 118.07 47.73 -105.36
N ARG FD 268 117.61 48.25 -106.48
CA ARG FD 268 116.88 49.51 -106.50
C ARG FD 268 115.39 49.35 -106.65
N LYS FD 269 114.91 48.24 -107.22
CA LYS FD 269 113.49 47.97 -107.29
C LYS FD 269 113.26 46.53 -106.86
N ALA FD 270 112.19 46.31 -106.11
CA ALA FD 270 111.89 44.97 -105.62
C ALA FD 270 111.29 44.14 -106.74
N ALA FD 271 111.16 42.84 -106.48
CA ALA FD 271 110.60 41.93 -107.46
C ALA FD 271 109.16 42.30 -107.77
N SER FD 272 108.79 42.19 -109.04
CA SER FD 272 107.41 42.42 -109.47
C SER FD 272 106.59 41.15 -109.55
N LEU FD 273 107.13 40.02 -109.09
CA LEU FD 273 106.45 38.74 -109.18
C LEU FD 273 106.47 37.99 -107.85
N LYS FD 274 106.92 38.63 -106.78
CA LYS FD 274 106.89 38.03 -105.46
C LYS FD 274 106.25 38.92 -104.41
N SER FD 275 105.94 40.18 -104.72
CA SER FD 275 105.03 41.02 -103.98
C SER FD 275 105.58 41.44 -102.62
N ASN FD 276 106.66 40.83 -102.18
CA ASN FD 276 107.30 41.32 -100.97
C ASN FD 276 108.82 41.17 -100.97
N TYR FD 277 109.43 40.68 -102.03
CA TYR FD 277 110.81 40.24 -101.96
C TYR FD 277 111.77 41.27 -102.52
N ASN FD 278 112.96 41.33 -101.92
CA ASN FD 278 114.04 42.15 -102.41
C ASN FD 278 115.35 41.42 -102.20
N LEU FD 279 116.35 41.79 -102.99
CA LEU FD 279 117.63 41.12 -102.90
C LEU FD 279 118.26 41.32 -101.53
N PRO FD 280 118.94 40.30 -101.02
CA PRO FD 280 119.66 40.47 -99.75
C PRO FD 280 120.79 41.47 -99.89
N MET FD 281 121.07 42.16 -98.80
CA MET FD 281 122.09 43.19 -98.78
C MET FD 281 123.43 42.59 -98.40
N HIS FD 282 124.48 43.05 -99.09
CA HIS FD 282 125.83 42.64 -98.75
C HIS FD 282 126.24 43.18 -97.39
N LYS FD 283 126.98 42.38 -96.64
CA LYS FD 283 127.73 42.87 -95.50
C LYS FD 283 129.13 43.29 -95.87
N MET FD 284 129.47 43.19 -97.16
CA MET FD 284 130.79 43.60 -97.66
C MET FD 284 130.58 44.01 -99.12
N ILE FD 285 131.06 45.20 -99.49
CA ILE FD 285 130.77 45.69 -100.83
C ILE FD 285 131.90 45.42 -101.81
N ASN FD 286 133.16 45.44 -101.37
CA ASN FD 286 134.30 45.17 -102.24
C ASN FD 286 135.09 44.01 -101.62
N THR FD 287 134.73 42.79 -101.99
CA THR FD 287 135.37 41.61 -101.42
C THR FD 287 136.68 41.29 -102.11
N ASP FD 288 137.58 42.26 -102.14
CA ASP FD 288 138.91 42.09 -102.74
C ASP FD 288 139.93 42.69 -101.78
N LEU FD 289 140.41 41.88 -100.84
CA LEU FD 289 141.35 42.39 -99.85
C LEU FD 289 142.68 42.77 -100.49
N SER FD 290 143.07 42.08 -101.56
CA SER FD 290 144.33 42.39 -102.22
C SER FD 290 144.41 43.86 -102.59
N ARG FD 291 143.37 44.37 -103.25
CA ARG FD 291 143.30 45.81 -103.47
C ARG FD 291 143.14 46.56 -102.16
N ILE FD 292 142.29 46.05 -101.26
CA ILE FD 292 142.03 46.75 -100.01
C ILE FD 292 143.31 46.88 -99.19
N LEU FD 293 144.05 45.78 -99.06
CA LEU FD 293 145.30 45.83 -98.30
C LEU FD 293 146.32 46.74 -98.97
N LYS FD 294 146.43 46.67 -100.29
CA LYS FD 294 147.42 47.47 -101.01
C LYS FD 294 147.01 48.92 -101.18
N SER FD 295 145.85 49.30 -100.67
CA SER FD 295 145.42 50.69 -100.78
C SER FD 295 146.37 51.59 -99.97
N PRO FD 296 146.73 52.74 -100.53
CA PRO FD 296 147.71 53.61 -99.85
C PRO FD 296 147.28 54.08 -98.47
N GLU FD 297 145.98 54.33 -98.28
CA GLU FD 297 145.51 54.74 -96.97
C GLU FD 297 145.84 53.69 -95.93
N ILE FD 298 145.57 52.42 -96.24
CA ILE FD 298 145.97 51.34 -95.36
C ILE FD 298 147.49 51.33 -95.20
N GLN FD 299 148.21 51.43 -96.31
CA GLN FD 299 149.67 51.40 -96.24
C GLN FD 299 150.21 52.58 -95.46
N ARG FD 300 149.54 53.73 -95.55
CA ARG FD 300 149.95 54.87 -94.74
C ARG FD 300 149.80 54.58 -93.25
N ALA FD 301 148.68 53.96 -92.87
CA ALA FD 301 148.39 53.76 -91.45
C ALA FD 301 149.20 52.63 -90.82
N LEU FD 302 149.89 51.83 -91.63
CA LEU FD 302 150.58 50.68 -91.08
C LEU FD 302 151.86 51.08 -90.36
N ARG FD 303 152.28 50.21 -89.45
CA ARG FD 303 153.61 50.28 -88.85
C ARG FD 303 154.57 49.42 -89.66
N ALA FD 304 155.85 49.60 -89.40
CA ALA FD 304 156.85 48.80 -90.06
C ALA FD 304 156.74 47.35 -89.62
N PRO FD 305 156.91 46.40 -90.54
CA PRO FD 305 156.80 44.98 -90.18
C PRO FD 305 158.08 44.50 -89.53
N ARG FD 306 157.94 43.64 -88.51
CA ARG FD 306 159.09 43.03 -87.86
C ARG FD 306 159.29 41.65 -88.51
N LYS FD 307 160.23 41.58 -89.43
CA LYS FD 307 160.43 40.38 -90.23
C LYS FD 307 161.65 39.55 -89.80
N LYS FD 308 162.31 39.90 -88.71
CA LYS FD 308 163.49 39.17 -88.27
C LYS FD 308 163.07 38.05 -87.32
N ILE FD 309 163.60 36.86 -87.56
CA ILE FD 309 163.27 35.69 -86.75
C ILE FD 309 164.16 35.66 -85.52
N HIS FD 310 163.57 35.88 -84.34
CA HIS FD 310 164.30 35.87 -83.08
C HIS FD 310 164.35 34.43 -82.58
N ARG FD 311 165.26 33.65 -83.17
CA ARG FD 311 165.43 32.29 -82.69
C ARG FD 311 166.06 32.29 -81.30
N ARG FD 312 165.78 31.23 -80.55
CA ARG FD 312 166.28 31.14 -79.19
C ARG FD 312 167.80 31.11 -79.17
N VAL FD 313 168.37 31.68 -78.12
CA VAL FD 313 169.82 31.79 -77.98
C VAL FD 313 170.26 30.80 -76.91
N LEU FD 314 171.36 30.11 -77.19
CA LEU FD 314 171.92 29.19 -76.22
C LEU FD 314 172.70 29.95 -75.16
N LYS FD 315 172.32 29.81 -73.91
CA LYS FD 315 172.93 30.58 -72.83
C LYS FD 315 174.31 30.02 -72.58
N LYS FD 316 175.28 30.50 -73.36
CA LYS FD 316 176.67 30.12 -73.11
C LYS FD 316 177.08 30.58 -71.72
N ASN FD 317 177.79 29.70 -71.01
CA ASN FD 317 178.05 29.93 -69.61
C ASN FD 317 179.03 31.07 -69.41
N PRO FD 318 178.71 32.07 -68.61
CA PRO FD 318 179.75 32.93 -68.04
C PRO FD 318 180.59 32.13 -67.05
N LEU FD 319 181.73 32.71 -66.68
CA LEU FD 319 182.74 32.10 -65.82
C LEU FD 319 183.40 30.90 -66.47
N LYS FD 320 182.99 30.53 -67.67
CA LYS FD 320 183.65 29.49 -68.45
C LYS FD 320 183.90 29.88 -69.89
N ASN FD 321 183.15 30.84 -70.43
CA ASN FD 321 183.39 31.39 -71.75
C ASN FD 321 183.83 32.83 -71.58
N LEU FD 322 185.07 33.11 -71.96
CA LEU FD 322 185.67 34.42 -71.65
C LEU FD 322 184.90 35.55 -72.33
N ARG FD 323 184.63 35.42 -73.62
CA ARG FD 323 183.95 36.51 -74.32
C ARG FD 323 182.54 36.71 -73.80
N ILE FD 324 181.92 35.67 -73.24
CA ILE FD 324 180.62 35.85 -72.60
C ILE FD 324 180.76 36.77 -71.40
N MET FD 325 181.76 36.52 -70.56
CA MET FD 325 182.06 37.45 -69.47
C MET FD 325 182.19 38.88 -69.99
N LEU FD 326 182.89 39.06 -71.11
CA LEU FD 326 183.16 40.41 -71.59
C LEU FD 326 181.90 41.06 -72.14
N LYS FD 327 181.05 40.30 -72.83
CA LYS FD 327 179.86 40.88 -73.42
C LYS FD 327 178.93 41.42 -72.33
N LEU FD 328 178.65 40.62 -71.30
CA LEU FD 328 177.85 41.12 -70.19
C LEU FD 328 178.62 42.05 -69.29
N ASN FD 329 179.92 41.81 -69.11
CA ASN FD 329 180.73 42.63 -68.20
C ASN FD 329 182.11 42.84 -68.80
N PRO FD 330 182.29 43.92 -69.56
CA PRO FD 330 183.61 44.19 -70.15
C PRO FD 330 184.71 44.39 -69.13
N TYR FD 331 184.42 45.00 -67.99
CA TYR FD 331 185.46 45.32 -67.03
C TYR FD 331 186.10 44.08 -66.41
N ALA FD 332 185.48 42.91 -66.56
CA ALA FD 332 186.08 41.69 -66.05
C ALA FD 332 187.40 41.37 -66.73
N LYS FD 333 187.56 41.81 -67.99
CA LYS FD 333 188.83 41.58 -68.68
C LYS FD 333 189.98 42.20 -67.91
N THR FD 334 189.86 43.47 -67.55
CA THR FD 334 190.90 44.12 -66.76
C THR FD 334 191.03 43.46 -65.39
N MET FD 335 189.93 43.01 -64.81
CA MET FD 335 190.01 42.23 -63.59
C MET FD 335 190.91 41.02 -63.78
N ARG FD 336 190.64 40.22 -64.82
CA ARG FD 336 191.42 39.02 -65.04
C ARG FD 336 192.88 39.35 -65.35
N ARG FD 337 193.11 40.31 -66.23
CA ARG FD 337 194.49 40.65 -66.58
C ARG FD 337 195.25 41.16 -65.37
N ASN FD 338 194.61 42.04 -64.58
CA ASN FD 338 195.28 42.59 -63.40
C ASN FD 338 195.61 41.49 -62.39
N THR FD 339 194.66 40.60 -62.12
CA THR FD 339 194.91 39.59 -61.09
C THR FD 339 195.96 38.58 -61.53
N ILE FD 340 196.02 38.26 -62.82
CA ILE FD 340 197.04 37.31 -63.27
C ILE FD 340 198.43 37.88 -63.05
N LEU FD 341 198.63 39.15 -63.39
CA LEU FD 341 199.92 39.79 -63.15
C LEU FD 341 200.21 39.85 -61.66
N ARG FD 342 199.17 40.03 -60.84
CA ARG FD 342 199.37 40.04 -59.39
C ARG FD 342 199.88 38.70 -58.89
N GLN FD 343 199.25 37.60 -59.34
CA GLN FD 343 199.68 36.28 -58.90
C GLN FD 343 201.11 35.97 -59.35
N ALA FD 344 201.39 36.24 -60.63
CA ALA FD 344 202.73 35.94 -61.15
C ALA FD 344 203.79 36.76 -60.43
N ARG FD 345 203.52 38.04 -60.19
CA ARG FD 345 204.46 38.86 -59.42
C ARG FD 345 204.62 38.32 -58.01
N ASN FD 346 203.51 37.97 -57.37
CA ASN FD 346 203.59 37.37 -56.04
C ASN FD 346 204.28 36.01 -56.10
N HIS FD 347 203.96 35.22 -57.12
CA HIS FD 347 204.56 33.89 -57.23
C HIS FD 347 206.08 33.98 -57.37
N LYS FD 348 206.56 34.76 -58.33
CA LYS FD 348 208.00 34.87 -58.55
C LYS FD 348 208.69 35.48 -57.34
N LEU FD 349 208.06 36.48 -56.72
CA LEU FD 349 208.64 37.12 -55.54
C LEU FD 349 208.88 36.10 -54.44
N ARG FD 350 208.02 35.08 -54.36
CA ARG FD 350 208.24 34.03 -53.38
C ARG FD 350 209.39 33.12 -53.79
N VAL FD 351 209.49 32.79 -55.08
CA VAL FD 351 210.49 31.83 -55.52
C VAL FD 351 211.90 32.36 -55.27
N ASP FD 352 212.16 33.61 -55.65
CA ASP FD 352 213.49 34.16 -55.42
C ASP FD 352 213.73 34.38 -53.93
N LYS FD 353 212.67 34.67 -53.18
CA LYS FD 353 212.82 34.83 -51.74
C LYS FD 353 213.27 33.52 -51.09
N ALA FD 354 212.65 32.40 -51.47
CA ALA FD 354 213.11 31.11 -50.98
C ALA FD 354 214.52 30.81 -51.47
N ALA FD 355 214.82 31.16 -52.72
CA ALA FD 355 216.18 31.06 -53.21
C ALA FD 355 217.11 31.96 -52.41
N ALA FD 356 216.65 33.17 -52.08
CA ALA FD 356 217.42 34.02 -51.18
C ALA FD 356 217.60 33.36 -49.83
N ALA FD 357 216.54 32.74 -49.31
CA ALA FD 357 216.68 31.92 -48.12
C ALA FD 357 217.57 30.72 -48.37
N ALA FD 358 217.45 30.11 -49.56
CA ALA FD 358 218.31 28.98 -49.89
C ALA FD 358 219.77 29.39 -49.97
N ALA FD 359 220.04 30.55 -50.55
CA ALA FD 359 221.42 31.02 -50.66
C ALA FD 359 222.00 31.41 -49.31
N ALA FD 360 221.21 32.12 -48.49
CA ALA FD 360 221.71 32.60 -47.20
C ALA FD 360 221.99 31.43 -46.26
N LEU FD 361 221.20 30.36 -46.35
CA LEU FD 361 221.43 29.19 -45.51
C LEU FD 361 222.80 28.57 -45.80
N GLN FD 362 223.14 28.46 -47.09
CA GLN FD 362 224.46 27.94 -47.45
C GLN FD 362 225.56 28.90 -47.03
N ALA FD 363 225.30 30.21 -47.13
CA ALA FD 363 226.27 31.20 -46.69
C ALA FD 363 226.50 31.12 -45.19
N LYS FD 364 225.44 30.91 -44.41
CA LYS FD 364 225.55 30.81 -42.96
C LYS FD 364 225.97 29.43 -42.47
N SER FD 365 225.97 28.42 -43.34
CA SER FD 365 226.38 27.08 -42.96
C SER FD 365 227.74 26.68 -43.50
N ASP FD 366 228.13 27.19 -44.67
CA ASP FD 366 229.42 26.85 -45.28
C ASP FD 366 230.28 28.10 -45.47
N GLU FD 367 230.36 28.94 -44.44
CA GLU FD 367 231.13 30.18 -44.54
C GLU FD 367 232.64 29.96 -44.49
N LYS FD 368 233.09 28.76 -44.11
CA LYS FD 368 234.52 28.46 -44.00
C LYS FD 368 235.23 29.43 -43.07
N GLY GD 1 134.47 34.37 19.24
CA GLY GD 1 134.68 32.94 19.36
C GLY GD 1 133.39 32.17 19.40
N PHE GD 2 132.31 32.85 19.05
CA PHE GD 2 130.98 32.26 19.03
C PHE GD 2 130.33 32.40 17.67
N VAL GD 3 130.48 33.54 17.02
CA VAL GD 3 129.86 33.80 15.73
C VAL GD 3 130.93 33.85 14.66
N LYS GD 4 130.59 33.44 13.45
CA LYS GD 4 131.52 33.54 12.34
C LYS GD 4 131.53 34.98 11.82
N VAL GD 5 132.72 35.51 11.57
CA VAL GD 5 132.87 36.90 11.17
C VAL GD 5 132.42 37.02 9.71
N VAL GD 6 131.31 37.73 9.49
CA VAL GD 6 130.85 37.97 8.13
C VAL GD 6 131.82 38.88 7.40
N LYS GD 7 132.28 39.95 8.05
CA LYS GD 7 133.17 40.93 7.43
C LYS GD 7 134.62 40.47 7.52
N ASN GD 8 134.87 39.26 7.01
CA ASN GD 8 136.20 38.67 7.07
C ASN GD 8 137.06 39.19 5.92
N LYS GD 9 138.24 38.61 5.76
CA LYS GD 9 139.11 38.99 4.66
C LYS GD 9 138.48 38.69 3.31
N ALA GD 10 137.84 37.51 3.20
CA ALA GD 10 137.26 37.12 1.92
C ALA GD 10 136.15 38.06 1.48
N TYR GD 11 135.30 38.51 2.41
CA TYR GD 11 134.20 39.39 2.04
C TYR GD 11 134.72 40.65 1.36
N PHE GD 12 135.80 41.21 1.88
CA PHE GD 12 136.44 42.33 1.21
C PHE GD 12 137.02 41.91 -0.14
N LYS GD 13 137.58 40.70 -0.22
CA LYS GD 13 138.31 40.30 -1.41
C LYS GD 13 137.41 40.22 -2.64
N ARG GD 14 136.09 40.19 -2.43
CA ARG GD 14 135.16 40.19 -3.55
C ARG GD 14 133.98 41.13 -3.31
N TYR GD 15 134.24 42.29 -2.72
CA TYR GD 15 133.22 43.31 -2.55
C TYR GD 15 133.42 44.39 -3.60
N GLN GD 16 132.42 44.56 -4.46
CA GLN GD 16 132.45 45.58 -5.51
C GLN GD 16 131.70 46.81 -5.00
N VAL GD 17 132.41 47.92 -4.86
CA VAL GD 17 131.78 49.15 -4.40
C VAL GD 17 130.87 49.68 -5.48
N LYS GD 18 129.86 50.43 -5.08
CA LYS GD 18 129.02 51.12 -6.04
C LYS GD 18 129.70 52.43 -6.45
N PHE GD 19 129.00 53.21 -7.26
CA PHE GD 19 129.56 54.47 -7.71
C PHE GD 19 129.74 55.42 -6.53
N ARG GD 20 130.73 56.30 -6.65
CA ARG GD 20 131.06 57.20 -5.55
C ARG GD 20 129.85 58.03 -5.15
N ARG GD 21 129.21 58.70 -6.11
CA ARG GD 21 128.04 59.51 -5.80
C ARG GD 21 126.87 58.67 -5.34
N ARG GD 22 126.84 57.38 -5.69
CA ARG GD 22 125.89 56.47 -5.05
C ARG GD 22 126.34 56.12 -3.64
N ARG GD 23 127.64 55.92 -3.44
CA ARG GD 23 128.13 55.65 -2.10
C ARG GD 23 127.91 56.85 -1.19
N GLU GD 24 128.10 58.05 -1.71
CA GLU GD 24 127.74 59.24 -0.93
C GLU GD 24 126.25 59.47 -0.87
N GLY GD 25 125.47 58.68 -1.60
CA GLY GD 25 124.02 58.76 -1.53
C GLY GD 25 123.45 60.09 -1.98
N LYS GD 26 123.95 60.63 -3.08
CA LYS GD 26 123.49 61.90 -3.60
C LYS GD 26 122.89 61.83 -4.99
N THR GD 27 123.33 60.89 -5.82
CA THR GD 27 122.90 60.81 -7.21
C THR GD 27 122.16 59.49 -7.43
N ASP GD 28 120.99 59.57 -8.04
CA ASP GD 28 120.23 58.39 -8.43
C ASP GD 28 120.53 58.12 -9.90
N TYR GD 29 121.48 57.22 -10.15
CA TYR GD 29 121.88 56.93 -11.52
C TYR GD 29 120.75 56.33 -12.34
N TYR GD 30 119.81 55.65 -11.70
CA TYR GD 30 118.68 55.08 -12.44
C TYR GD 30 117.90 56.17 -13.16
N ALA GD 31 117.59 57.26 -12.45
CA ALA GD 31 116.89 58.38 -13.09
C ALA GD 31 117.83 59.16 -14.00
N ARG GD 32 119.08 59.38 -13.56
CA ARG GD 32 120.02 60.14 -14.35
C ARG GD 32 120.23 59.50 -15.70
N LYS GD 33 120.17 58.17 -15.76
CA LYS GD 33 120.21 57.46 -17.03
C LYS GD 33 119.14 57.99 -17.98
N ARG GD 34 117.90 58.05 -17.51
CA ARG GD 34 116.81 58.51 -18.36
C ARG GD 34 116.74 60.03 -18.45
N LEU GD 35 117.56 60.73 -17.67
CA LEU GD 35 117.49 62.18 -17.65
C LEU GD 35 118.48 62.83 -18.61
N VAL GD 36 119.75 62.43 -18.54
CA VAL GD 36 120.81 63.15 -19.23
C VAL GD 36 121.14 62.55 -20.59
N ILE GD 37 120.69 61.34 -20.89
CA ILE GD 37 121.13 60.63 -22.09
C ILE GD 37 120.34 61.16 -23.28
N GLN GD 38 121.05 61.77 -24.22
CA GLN GD 38 120.45 62.28 -25.43
C GLN GD 38 120.18 61.15 -26.41
N ASP GD 39 119.06 61.27 -27.14
CA ASP GD 39 118.78 60.32 -28.20
C ASP GD 39 119.90 60.33 -29.22
N LYS GD 40 120.36 59.13 -29.59
CA LYS GD 40 121.56 59.02 -30.40
C LYS GD 40 121.42 59.63 -31.78
N ASN GD 41 120.20 59.73 -32.30
CA ASN GD 41 120.03 60.35 -33.61
C ASN GD 41 119.82 61.85 -33.50
N LYS GD 42 120.68 62.51 -32.71
CA LYS GD 42 120.80 63.96 -32.70
C LYS GD 42 122.29 64.29 -32.73
N TYR GD 43 123.07 63.42 -32.12
CA TYR GD 43 124.53 63.29 -32.24
C TYR GD 43 125.32 64.41 -31.59
N ASN GD 44 124.69 65.56 -31.34
CA ASN GD 44 125.43 66.62 -30.65
C ASN GD 44 124.53 67.48 -29.78
N THR GD 45 123.24 67.26 -29.85
CA THR GD 45 122.31 68.20 -29.23
C THR GD 45 122.30 67.99 -27.72
N PRO GD 46 122.66 69.00 -26.93
CA PRO GD 46 122.64 68.83 -25.49
C PRO GD 46 121.22 68.66 -24.98
N LYS GD 47 121.08 67.89 -23.92
CA LYS GD 47 119.80 67.74 -23.23
C LYS GD 47 119.84 68.63 -22.02
N TYR GD 48 119.27 69.82 -22.13
CA TYR GD 48 119.30 70.77 -21.04
C TYR GD 48 118.41 70.30 -19.90
N ARG GD 49 118.97 70.30 -18.69
CA ARG GD 49 118.27 69.89 -17.50
C ARG GD 49 118.33 71.02 -16.49
N MET GD 50 117.21 71.28 -15.83
CA MET GD 50 117.18 72.24 -14.73
C MET GD 50 117.49 71.42 -13.49
N ILE GD 51 118.56 71.77 -12.80
CA ILE GD 51 118.98 71.08 -11.59
C ILE GD 51 118.58 71.97 -10.42
N VAL GD 52 117.77 71.44 -9.54
CA VAL GD 52 117.43 72.13 -8.29
C VAL GD 52 117.75 71.19 -7.15
N ARG GD 53 118.34 71.74 -6.09
CA ARG GD 53 118.66 71.00 -4.88
C ARG GD 53 118.43 71.95 -3.71
N VAL GD 54 117.52 71.60 -2.82
CA VAL GD 54 117.18 72.41 -1.66
C VAL GD 54 118.11 72.03 -0.52
N THR GD 55 118.75 73.03 0.07
CA THR GD 55 119.66 72.85 1.18
C THR GD 55 119.06 73.50 2.42
N ASN GD 56 119.52 73.07 3.59
CA ASN GD 56 118.92 73.51 4.85
C ASN GD 56 118.95 75.03 5.00
N ARG GD 57 119.90 75.70 4.35
CA ARG GD 57 119.95 77.16 4.37
C ARG GD 57 119.80 77.79 3.00
N ASP GD 58 120.02 77.05 1.91
CA ASP GD 58 120.06 77.62 0.58
C ASP GD 58 119.23 76.76 -0.36
N ILE GD 59 118.93 77.32 -1.53
CA ILE GD 59 118.37 76.58 -2.64
C ILE GD 59 119.30 76.74 -3.83
N ILE GD 60 119.78 75.61 -4.35
CA ILE GD 60 120.67 75.60 -5.49
C ILE GD 60 119.86 75.17 -6.70
N CYS GD 61 119.83 76.03 -7.72
CA CYS GD 61 119.08 75.76 -8.94
C CYS GD 61 119.94 76.16 -10.14
N GLN GD 62 120.28 75.20 -10.98
CA GLN GD 62 121.18 75.46 -12.08
C GLN GD 62 120.74 74.68 -13.32
N ILE GD 63 121.08 75.21 -14.49
CA ILE GD 63 120.80 74.58 -15.77
C ILE GD 63 122.07 73.91 -16.26
N ALA GD 64 121.95 72.66 -16.70
CA ALA GD 64 123.12 71.90 -17.09
C ALA GD 64 122.80 70.93 -18.21
N TYR GD 65 123.83 70.62 -19.00
CA TYR GD 65 123.81 69.52 -19.95
C TYR GD 65 125.06 68.68 -19.72
N ALA GD 66 125.00 67.42 -20.14
CA ALA GD 66 126.02 66.45 -19.76
C ALA GD 66 127.03 66.22 -20.88
N ARG GD 67 128.28 66.04 -20.50
CA ARG GD 67 129.35 65.66 -21.41
C ARG GD 67 130.16 64.53 -20.78
N ILE GD 68 131.00 63.88 -21.59
CA ILE GD 68 131.72 62.69 -21.12
C ILE GD 68 132.59 63.04 -19.91
N GLU GD 69 133.31 64.16 -19.99
CA GLU GD 69 134.10 64.64 -18.86
C GLU GD 69 133.25 64.96 -17.65
N GLY GD 70 131.97 65.25 -17.84
CA GLY GD 70 131.10 65.63 -16.75
C GLY GD 70 130.04 66.61 -17.22
N ASP GD 71 129.01 66.81 -16.40
CA ASP GD 71 127.94 67.73 -16.79
C ASP GD 71 128.49 69.15 -16.92
N MET GD 72 127.93 69.88 -17.88
CA MET GD 72 128.34 71.24 -18.19
C MET GD 72 127.30 72.20 -17.65
N ILE GD 73 127.72 73.19 -16.88
CA ILE GD 73 126.80 74.14 -16.26
C ILE GD 73 126.89 75.46 -17.04
N VAL GD 74 125.94 75.66 -17.95
CA VAL GD 74 125.93 76.90 -18.72
C VAL GD 74 125.67 78.10 -17.83
N CYS GD 75 124.70 78.00 -16.93
CA CYS GD 75 124.30 79.14 -16.14
C CYS GD 75 123.65 78.67 -14.84
N ALA GD 76 124.05 79.29 -13.74
CA ALA GD 76 123.62 78.87 -12.41
C ALA GD 76 123.24 80.08 -11.58
N ALA GD 77 122.31 79.87 -10.66
CA ALA GD 77 121.87 80.90 -9.72
C ALA GD 77 121.68 80.27 -8.36
N TYR GD 78 121.68 81.12 -7.33
CA TYR GD 78 121.60 80.64 -5.96
C TYR GD 78 120.56 81.47 -5.19
N ALA GD 79 119.93 80.83 -4.22
CA ALA GD 79 119.00 81.55 -3.36
C ALA GD 79 119.71 82.44 -2.36
N HIS GD 80 120.91 82.07 -1.91
CA HIS GD 80 121.64 82.92 -0.97
C HIS GD 80 122.05 84.24 -1.59
N GLU GD 81 122.02 84.37 -2.91
CA GLU GD 81 122.29 85.63 -3.57
C GLU GD 81 121.02 86.45 -3.80
N LEU GD 82 119.88 85.94 -3.37
CA LEU GD 82 118.66 86.75 -3.39
C LEU GD 82 118.78 88.04 -2.57
N PRO GD 83 119.41 88.05 -1.37
CA PRO GD 83 119.57 89.33 -0.64
C PRO GD 83 120.15 90.47 -1.46
N LYS GD 84 120.66 90.16 -2.65
CA LYS GD 84 121.13 91.21 -3.54
C LYS GD 84 120.03 92.21 -3.88
N TYR GD 85 118.78 91.75 -3.94
CA TYR GD 85 117.64 92.65 -4.09
C TYR GD 85 116.41 92.03 -3.43
N GLY GD 86 115.51 92.89 -2.95
CA GLY GD 86 114.25 92.44 -2.42
C GLY GD 86 114.37 91.60 -1.16
N VAL GD 87 114.16 90.29 -1.29
CA VAL GD 87 114.25 89.38 -0.16
C VAL GD 87 115.64 89.50 0.46
N LYS GD 88 115.70 89.44 1.79
CA LYS GD 88 116.96 89.31 2.50
C LYS GD 88 116.92 88.27 3.61
N VAL GD 89 115.73 87.93 4.12
CA VAL GD 89 115.58 86.95 5.18
C VAL GD 89 114.38 86.07 4.86
N GLY GD 90 114.53 84.76 5.07
CA GLY GD 90 113.44 83.85 4.81
C GLY GD 90 113.67 83.03 3.56
N LEU GD 91 114.91 82.64 3.34
CA LEU GD 91 115.27 81.90 2.14
C LEU GD 91 114.74 80.48 2.22
N THR GD 92 115.08 79.70 1.20
CA THR GD 92 114.70 78.29 1.04
C THR GD 92 113.26 78.01 1.45
N ASN GD 93 112.35 78.90 1.11
CA ASN GD 93 110.92 78.63 1.20
C ASN GD 93 110.36 78.52 -0.20
N TYR GD 94 109.09 78.13 -0.30
CA TYR GD 94 108.48 77.98 -1.62
C TYR GD 94 108.51 79.31 -2.38
N ALA GD 95 108.15 80.40 -1.71
CA ALA GD 95 108.20 81.70 -2.36
C ALA GD 95 109.61 82.04 -2.80
N ALA GD 96 110.59 81.83 -1.92
CA ALA GD 96 111.98 82.03 -2.31
C ALA GD 96 112.36 81.09 -3.43
N ALA GD 97 111.88 79.85 -3.38
CA ALA GD 97 112.10 78.93 -4.49
C ALA GD 97 111.55 79.50 -5.79
N TYR GD 98 110.47 80.28 -5.70
CA TYR GD 98 109.91 80.89 -6.91
C TYR GD 98 110.85 81.94 -7.49
N CYS GD 99 111.39 82.82 -6.65
CA CYS GD 99 112.20 83.92 -7.15
C CYS GD 99 113.48 83.42 -7.80
N THR GD 100 114.18 82.49 -7.15
CA THR GD 100 115.40 81.96 -7.73
C THR GD 100 115.13 81.27 -9.06
N GLY GD 101 113.93 80.71 -9.23
CA GLY GD 101 113.58 80.13 -10.51
C GLY GD 101 113.55 81.15 -11.63
N LEU GD 102 112.90 82.30 -11.39
CA LEU GD 102 112.87 83.34 -12.41
C LEU GD 102 114.25 83.85 -12.72
N LEU GD 103 115.10 83.98 -11.70
CA LEU GD 103 116.42 84.56 -11.90
C LEU GD 103 117.23 83.74 -12.90
N LEU GD 104 117.23 82.42 -12.75
CA LEU GD 104 117.93 81.57 -13.70
C LEU GD 104 117.41 81.80 -15.11
N ALA GD 105 116.09 81.71 -15.28
CA ALA GD 105 115.50 81.89 -16.60
C ALA GD 105 115.81 83.27 -17.16
N ARG GD 106 115.60 84.30 -16.35
CA ARG GD 106 115.89 85.66 -16.80
C ARG GD 106 117.37 85.83 -17.09
N ARG GD 107 118.23 85.29 -16.22
CA ARG GD 107 119.67 85.43 -16.44
C ARG GD 107 120.12 84.65 -17.67
N LEU GD 108 119.65 83.41 -17.83
CA LEU GD 108 120.13 82.59 -18.94
C LEU GD 108 119.63 83.12 -20.27
N LEU GD 109 118.36 83.53 -20.34
CA LEU GD 109 117.88 84.19 -21.54
C LEU GD 109 118.66 85.47 -21.79
N ASN GD 110 118.96 86.21 -20.73
CA ASN GD 110 119.77 87.42 -20.89
C ASN GD 110 121.14 87.07 -21.44
N ARG GD 111 121.80 86.07 -20.86
CA ARG GD 111 123.11 85.67 -21.37
C ARG GD 111 122.99 85.15 -22.79
N PHE GD 112 121.94 84.37 -23.08
CA PHE GD 112 121.76 83.87 -24.42
C PHE GD 112 121.30 84.94 -25.40
N GLY GD 113 120.69 86.02 -24.90
CA GLY GD 113 120.41 87.17 -25.74
C GLY GD 113 119.03 87.25 -26.34
N MET GD 114 118.05 86.50 -25.85
CA MET GD 114 116.67 86.72 -26.28
C MET GD 114 115.76 87.04 -25.10
N ASP GD 115 116.28 87.69 -24.07
CA ASP GD 115 115.40 88.12 -22.98
C ASP GD 115 114.35 89.10 -23.47
N LYS GD 116 114.62 89.83 -24.55
CA LYS GD 116 113.64 90.78 -25.08
C LYS GD 116 112.39 90.08 -25.57
N ILE GD 117 112.49 88.80 -25.91
CA ILE GD 117 111.33 88.00 -26.23
C ILE GD 117 111.13 86.98 -25.11
N TYR GD 118 110.01 86.27 -25.17
CA TYR GD 118 109.69 85.21 -24.20
C TYR GD 118 109.72 85.74 -22.77
N GLU GD 119 108.92 86.79 -22.52
CA GLU GD 119 108.90 87.40 -21.20
C GLU GD 119 108.25 86.50 -20.15
N GLY GD 120 107.53 85.47 -20.58
CA GLY GD 120 106.70 84.74 -19.64
C GLY GD 120 105.54 85.61 -19.18
N GLN GD 121 105.11 85.39 -17.94
CA GLN GD 121 104.04 86.18 -17.34
C GLN GD 121 104.67 87.25 -16.47
N VAL GD 122 104.55 88.51 -16.90
CA VAL GD 122 105.02 89.61 -16.06
C VAL GD 122 104.20 89.67 -14.78
N GLU GD 123 102.89 89.53 -14.90
CA GLU GD 123 102.01 89.41 -13.75
C GLU GD 123 101.95 87.93 -13.36
N VAL GD 124 102.10 87.66 -12.06
CA VAL GD 124 102.24 86.29 -11.57
C VAL GD 124 100.86 85.75 -11.25
N THR GD 125 100.39 84.82 -12.09
CA THR GD 125 99.15 84.11 -11.86
C THR GD 125 99.47 82.63 -11.65
N GLY GD 126 98.88 82.05 -10.61
CA GLY GD 126 99.25 80.70 -10.21
C GLY GD 126 98.55 79.58 -10.94
N ASP GD 127 98.43 79.68 -12.26
CA ASP GD 127 97.78 78.66 -13.06
C ASP GD 127 98.68 78.25 -14.23
N GLU GD 128 98.15 77.36 -15.07
CA GLU GD 128 98.92 76.78 -16.17
C GLU GD 128 99.45 77.87 -17.10
N TYR GD 129 100.71 77.73 -17.50
CA TYR GD 129 101.26 78.56 -18.57
C TYR GD 129 102.53 77.90 -19.07
N ASN GD 130 102.65 77.76 -20.39
CA ASN GD 130 103.88 77.35 -21.03
C ASN GD 130 104.17 78.31 -22.18
N VAL GD 131 105.44 78.66 -22.34
CA VAL GD 131 105.83 79.55 -23.43
C VAL GD 131 105.65 78.82 -24.76
N GLU GD 132 105.39 79.60 -25.81
CA GLU GD 132 105.30 79.08 -27.16
C GLU GD 132 106.28 79.83 -28.04
N SER GD 133 107.17 79.08 -28.69
CA SER GD 133 108.18 79.70 -29.53
C SER GD 133 107.52 80.41 -30.71
N ILE GD 134 107.96 81.63 -30.97
CA ILE GD 134 107.37 82.45 -32.03
C ILE GD 134 108.14 82.20 -33.32
N ASP GD 135 107.41 81.91 -34.39
CA ASP GD 135 108.02 81.61 -35.67
C ASP GD 135 108.91 82.76 -36.13
N GLY GD 136 110.07 82.43 -36.68
CA GLY GD 136 111.03 83.41 -37.11
C GLY GD 136 111.93 83.93 -36.01
N GLN GD 137 111.70 83.51 -34.76
CA GLN GD 137 112.49 83.91 -33.62
C GLN GD 137 113.33 82.73 -33.16
N PRO GD 138 114.37 82.96 -32.36
CA PRO GD 138 115.12 81.83 -31.80
C PRO GD 138 114.20 80.92 -31.01
N GLY GD 139 114.41 79.63 -31.15
CA GLY GD 139 113.54 78.67 -30.51
C GLY GD 139 113.52 78.82 -29.00
N ALA GD 140 112.35 78.62 -28.42
CA ALA GD 140 112.20 78.70 -26.98
C ALA GD 140 113.11 77.67 -26.32
N PHE GD 141 113.77 78.08 -25.25
CA PHE GD 141 114.69 77.21 -24.56
C PHE GD 141 113.92 76.09 -23.88
N THR GD 142 114.34 74.84 -24.09
CA THR GD 142 113.66 73.68 -23.55
C THR GD 142 114.57 72.95 -22.57
N CYS GD 143 114.01 72.53 -21.44
CA CYS GD 143 114.75 71.79 -20.45
C CYS GD 143 113.78 70.98 -19.62
N TYR GD 144 114.32 70.10 -18.79
CA TYR GD 144 113.52 69.24 -17.93
C TYR GD 144 113.95 69.40 -16.49
N LEU GD 145 113.08 68.95 -15.59
CA LEU GD 145 113.25 69.14 -14.16
C LEU GD 145 114.06 67.98 -13.59
N ASP GD 146 115.08 68.31 -12.79
CA ASP GD 146 115.87 67.31 -12.10
C ASP GD 146 115.49 67.33 -10.63
N ALA GD 147 114.48 66.56 -10.27
CA ALA GD 147 114.01 66.50 -8.90
C ALA GD 147 115.03 65.88 -7.95
N GLY GD 148 116.00 65.13 -8.46
CA GLY GD 148 116.95 64.49 -7.58
C GLY GD 148 116.28 63.45 -6.70
N LEU GD 149 116.76 63.32 -5.48
CA LEU GD 149 116.23 62.36 -4.54
C LEU GD 149 114.99 62.84 -3.81
N ALA GD 150 114.63 64.11 -3.94
CA ALA GD 150 113.52 64.66 -3.18
C ALA GD 150 112.21 63.98 -3.60
N ARG GD 151 111.35 63.73 -2.61
CA ARG GD 151 110.05 63.15 -2.90
C ARG GD 151 109.16 64.21 -3.55
N THR GD 152 108.71 63.94 -4.77
CA THR GD 152 107.95 64.93 -5.53
C THR GD 152 106.49 64.95 -5.09
N THR GD 153 106.30 65.28 -3.81
CA THR GD 153 104.97 65.48 -3.29
C THR GD 153 104.37 66.75 -3.88
N THR GD 154 103.04 66.80 -3.89
CA THR GD 154 102.35 67.97 -4.43
C THR GD 154 102.74 69.22 -3.66
N GLY GD 155 102.99 70.30 -4.38
CA GLY GD 155 103.41 71.55 -3.76
C GLY GD 155 104.78 71.47 -3.10
N ASN GD 156 105.69 70.68 -3.65
CA ASN GD 156 107.04 70.61 -3.13
C ASN GD 156 107.85 71.79 -3.65
N LYS GD 157 108.80 72.26 -2.81
CA LYS GD 157 109.56 73.45 -3.14
C LYS GD 157 110.26 73.33 -4.48
N VAL GD 158 110.63 72.11 -4.87
CA VAL GD 158 111.26 71.92 -6.17
C VAL GD 158 110.37 72.48 -7.27
N PHE GD 159 109.08 72.19 -7.21
CA PHE GD 159 108.16 72.72 -8.21
C PHE GD 159 107.99 74.22 -8.11
N GLY GD 160 108.30 74.81 -6.95
CA GLY GD 160 108.32 76.25 -6.86
C GLY GD 160 109.34 76.87 -7.80
N ALA GD 161 110.55 76.30 -7.82
CA ALA GD 161 111.53 76.71 -8.81
C ALA GD 161 111.02 76.43 -10.21
N LEU GD 162 110.30 75.32 -10.39
CA LEU GD 162 109.72 75.00 -11.69
C LEU GD 162 108.79 76.12 -12.14
N LYS GD 163 107.86 76.52 -11.28
CA LYS GD 163 106.94 77.59 -11.66
C LYS GD 163 107.70 78.89 -11.90
N GLY GD 164 108.69 79.18 -11.07
CA GLY GD 164 109.57 80.30 -11.36
C GLY GD 164 110.29 80.13 -12.67
N ALA GD 165 110.74 78.91 -12.95
CA ALA GD 165 111.44 78.66 -14.20
C ALA GD 165 110.53 78.86 -15.40
N VAL GD 166 109.36 78.21 -15.40
CA VAL GD 166 108.49 78.29 -16.56
C VAL GD 166 107.96 79.70 -16.73
N ASP GD 167 107.58 80.36 -15.64
CA ASP GD 167 107.17 81.75 -15.73
C ASP GD 167 108.30 82.63 -16.25
N GLY GD 168 109.55 82.24 -15.99
CA GLY GD 168 110.66 82.93 -16.61
C GLY GD 168 110.74 82.77 -18.10
N GLY GD 169 110.02 81.81 -18.67
CA GLY GD 169 109.92 81.65 -20.10
C GLY GD 169 110.56 80.39 -20.66
N LEU GD 170 111.02 79.47 -19.82
CA LEU GD 170 111.60 78.23 -20.31
C LEU GD 170 110.51 77.23 -20.67
N SER GD 171 110.61 76.66 -21.86
CA SER GD 171 109.68 75.62 -22.29
C SER GD 171 110.05 74.34 -21.55
N ILE GD 172 109.46 74.14 -20.38
CA ILE GD 172 109.74 72.97 -19.55
C ILE GD 172 108.46 72.16 -19.40
N PRO GD 173 108.35 71.00 -20.04
CA PRO GD 173 107.12 70.22 -19.91
C PRO GD 173 106.89 69.81 -18.46
N HIS GD 174 105.64 69.84 -18.05
CA HIS GD 174 105.24 69.57 -16.68
C HIS GD 174 103.72 69.54 -16.63
N SER GD 175 103.18 68.95 -15.57
CA SER GD 175 101.75 68.99 -15.32
C SER GD 175 101.54 69.65 -13.97
N THR GD 176 100.31 70.06 -13.71
CA THR GD 176 100.00 70.86 -12.54
C THR GD 176 99.63 70.02 -11.33
N LYS GD 177 99.74 68.70 -11.41
CA LYS GD 177 99.34 67.86 -10.30
C LYS GD 177 100.15 68.18 -9.05
N ARG GD 178 101.46 68.34 -9.20
CA ARG GD 178 102.34 68.60 -8.06
C ARG GD 178 102.52 70.10 -7.82
N PHE GD 179 101.41 70.81 -7.68
CA PHE GD 179 101.46 72.22 -7.39
C PHE GD 179 100.59 72.53 -6.17
N PRO GD 180 100.93 73.58 -5.40
CA PRO GD 180 100.22 73.81 -4.13
C PRO GD 180 98.72 74.01 -4.30
N GLY GD 181 98.26 74.51 -5.44
CA GLY GD 181 96.84 74.69 -5.66
C GLY GD 181 96.10 73.46 -6.15
N TYR GD 182 96.81 72.36 -6.35
CA TYR GD 182 96.14 71.13 -6.74
C TYR GD 182 95.35 70.55 -5.58
N ASP GD 183 94.22 69.95 -5.88
CA ASP GD 183 93.38 69.28 -4.89
C ASP GD 183 93.58 67.78 -5.08
N SER GD 184 93.92 67.09 -4.00
CA SER GD 184 94.21 65.67 -4.09
C SER GD 184 92.95 64.85 -4.32
N GLU GD 185 91.88 65.17 -3.58
CA GLU GD 185 90.69 64.32 -3.60
C GLU GD 185 89.75 64.68 -4.75
N SER GD 186 89.54 65.98 -4.99
CA SER GD 186 88.62 66.38 -6.04
C SER GD 186 89.31 66.50 -7.39
N LYS GD 187 90.64 66.59 -7.40
CA LYS GD 187 91.45 66.54 -8.63
C LYS GD 187 91.15 67.71 -9.56
N GLU GD 188 91.31 68.92 -9.04
CA GLU GD 188 91.42 70.12 -9.87
C GLU GD 188 92.47 71.03 -9.27
N PHE GD 189 92.79 72.08 -10.01
CA PHE GD 189 93.69 73.13 -9.54
C PHE GD 189 92.88 74.25 -8.92
N ASN GD 190 93.36 74.77 -7.79
CA ASN GD 190 92.75 75.97 -7.22
C ASN GD 190 93.12 77.22 -8.01
N ALA GD 191 94.38 77.30 -8.43
CA ALA GD 191 94.99 78.35 -9.25
C ALA GD 191 95.24 79.63 -8.47
N GLU GD 192 94.84 79.72 -7.21
CA GLU GD 192 95.02 80.93 -6.42
C GLU GD 192 95.79 80.69 -5.14
N VAL GD 193 95.51 79.60 -4.42
CA VAL GD 193 96.32 79.28 -3.25
C VAL GD 193 97.74 78.94 -3.67
N HIS GD 194 97.91 78.30 -4.83
CA HIS GD 194 99.25 78.20 -5.41
C HIS GD 194 99.81 79.58 -5.68
N ARG GD 195 98.98 80.49 -6.19
CA ARG GD 195 99.40 81.87 -6.32
C ARG GD 195 99.70 82.48 -4.95
N LYS GD 196 98.88 82.15 -3.95
CA LYS GD 196 99.16 82.62 -2.59
C LYS GD 196 100.50 82.10 -2.10
N HIS GD 197 100.77 80.81 -2.32
CA HIS GD 197 102.06 80.26 -1.91
C HIS GD 197 103.20 80.91 -2.67
N ILE GD 198 102.96 81.34 -3.91
CA ILE GD 198 104.00 81.97 -4.69
C ILE GD 198 104.45 83.26 -4.03
N MET GD 199 103.50 84.09 -3.60
CA MET GD 199 103.85 85.25 -2.78
C MET GD 199 104.19 84.88 -1.35
N GLY GD 200 104.25 83.60 -1.03
CA GLY GD 200 104.51 83.20 0.34
C GLY GD 200 103.45 83.66 1.30
N GLN GD 201 102.18 83.60 0.90
CA GLN GD 201 101.12 83.97 1.82
C GLN GD 201 101.04 83.01 2.99
N ASN GD 202 101.41 81.74 2.79
CA ASN GD 202 101.27 80.75 3.85
C ASN GD 202 102.14 81.08 5.05
N VAL GD 203 103.37 81.54 4.83
CA VAL GD 203 104.16 82.01 5.96
C VAL GD 203 103.60 83.32 6.48
N ALA GD 204 102.98 84.12 5.61
CA ALA GD 204 102.44 85.41 6.04
C ALA GD 204 101.39 85.24 7.12
N ASP GD 205 100.37 84.42 6.87
CA ASP GD 205 99.34 84.26 7.90
C ASP GD 205 99.81 83.37 9.04
N TYR GD 206 100.77 82.48 8.79
CA TYR GD 206 101.38 81.74 9.88
C TYR GD 206 101.91 82.69 10.94
N MET GD 207 102.45 83.82 10.51
CA MET GD 207 102.74 84.89 11.45
C MET GD 207 101.47 85.34 12.14
N ARG GD 208 100.52 85.89 11.37
CA ARG GD 208 99.32 86.47 11.95
C ARG GD 208 98.52 85.45 12.73
N TYR GD 209 98.60 84.18 12.34
CA TYR GD 209 98.00 83.12 13.16
C TYR GD 209 98.72 83.02 14.49
N LEU GD 210 100.03 83.29 14.50
CA LEU GD 210 100.80 83.08 15.72
C LEU GD 210 100.84 84.32 16.60
N MET GD 211 100.71 85.52 16.02
CA MET GD 211 100.59 86.72 16.84
C MET GD 211 99.49 86.59 17.88
N GLU GD 212 98.30 86.18 17.47
CA GLU GD 212 97.17 86.18 18.39
C GLU GD 212 97.33 85.17 19.51
N GLU GD 213 98.02 84.06 19.25
CA GLU GD 213 98.20 83.08 20.32
C GLU GD 213 99.43 83.35 21.17
N ASP GD 214 100.62 83.39 20.58
CA ASP GD 214 101.85 83.46 21.35
C ASP GD 214 102.72 84.60 20.83
N GLU GD 215 103.57 85.11 21.71
CA GLU GD 215 104.51 86.16 21.37
C GLU GD 215 105.95 85.67 21.40
N ASP GD 216 106.38 85.06 22.50
CA ASP GD 216 107.77 84.60 22.60
C ASP GD 216 108.10 83.50 21.60
N ALA GD 217 107.19 82.54 21.41
CA ALA GD 217 107.41 81.52 20.38
C ALA GD 217 107.44 82.16 19.00
N TYR GD 218 106.69 83.26 18.82
CA TYR GD 218 106.72 83.97 17.54
C TYR GD 218 108.11 84.51 17.25
N LYS GD 219 108.69 85.25 18.20
CA LYS GD 219 110.05 85.70 18.00
C LYS GD 219 111.05 84.56 18.09
N LYS GD 220 110.72 83.48 18.79
CA LYS GD 220 111.59 82.32 18.78
C LYS GD 220 111.67 81.69 17.40
N GLN GD 221 110.53 81.57 16.73
CA GLN GD 221 110.52 80.99 15.39
C GLN GD 221 111.01 81.99 14.36
N PHE GD 222 110.34 83.14 14.27
CA PHE GD 222 110.65 84.15 13.26
C PHE GD 222 111.58 85.23 13.81
N SER GD 223 112.70 84.78 14.38
CA SER GD 223 113.64 85.72 15.01
C SER GD 223 114.24 86.67 13.98
N GLN GD 224 114.76 86.14 12.88
CA GLN GD 224 115.36 86.99 11.86
C GLN GD 224 114.32 87.75 11.06
N TYR GD 225 113.03 87.47 11.27
CA TYR GD 225 112.00 88.31 10.68
C TYR GD 225 111.76 89.57 11.49
N ILE GD 226 112.01 89.52 12.81
CA ILE GD 226 111.89 90.73 13.63
C ILE GD 226 112.87 91.78 13.14
N LYS GD 227 114.12 91.38 12.90
CA LYS GD 227 115.07 92.29 12.29
C LYS GD 227 114.60 92.66 10.90
N ASN GD 228 114.91 93.89 10.50
CA ASN GD 228 114.46 94.48 9.23
C ASN GD 228 112.95 94.72 9.24
N SER GD 229 112.28 94.27 10.30
CA SER GD 229 110.85 94.46 10.47
C SER GD 229 110.05 93.79 9.36
N VAL GD 230 110.11 92.46 9.33
CA VAL GD 230 109.29 91.68 8.41
C VAL GD 230 107.95 91.38 9.09
N THR GD 231 107.02 92.33 9.01
CA THR GD 231 105.69 92.11 9.53
C THR GD 231 104.95 91.16 8.59
N PRO GD 232 103.91 90.46 9.08
CA PRO GD 232 103.21 89.50 8.20
C PRO GD 232 102.63 90.13 6.96
N ASP GD 233 102.30 91.41 6.99
CA ASP GD 233 101.84 92.06 5.77
C ASP GD 233 103.04 92.48 4.93
N MET GD 234 102.76 93.26 3.89
CA MET GD 234 103.66 94.05 3.04
C MET GD 234 104.75 93.18 2.42
N MET GD 235 104.72 91.89 2.70
CA MET GD 235 105.74 91.00 2.19
C MET GD 235 105.31 90.32 0.90
N GLU GD 236 104.00 90.35 0.61
CA GLU GD 236 103.55 89.96 -0.72
C GLU GD 236 103.93 91.03 -1.75
N GLU GD 237 103.88 92.30 -1.35
CA GLU GD 237 104.26 93.38 -2.26
C GLU GD 237 105.76 93.33 -2.55
N MET GD 238 106.58 93.17 -1.50
CA MET GD 238 108.02 93.20 -1.71
C MET GD 238 108.49 92.02 -2.56
N TYR GD 239 107.76 90.90 -2.51
CA TYR GD 239 108.01 89.83 -3.46
C TYR GD 239 107.79 90.29 -4.89
N LYS GD 240 106.70 91.04 -5.12
CA LYS GD 240 106.51 91.66 -6.43
C LYS GD 240 107.63 92.65 -6.72
N LYS GD 241 108.03 93.43 -5.71
CA LYS GD 241 109.22 94.25 -5.84
C LYS GD 241 110.44 93.40 -6.15
N ALA GD 242 110.51 92.22 -5.53
CA ALA GD 242 111.62 91.31 -5.83
C ALA GD 242 111.57 90.85 -7.28
N HIS GD 243 110.39 90.45 -7.75
CA HIS GD 243 110.28 89.95 -9.12
C HIS GD 243 110.71 90.99 -10.14
N ALA GD 244 110.15 92.19 -10.06
CA ALA GD 244 110.46 93.22 -11.03
C ALA GD 244 111.94 93.57 -11.02
N ALA GD 245 112.57 93.49 -9.85
CA ALA GD 245 114.00 93.71 -9.77
C ALA GD 245 114.77 92.69 -10.60
N ILE GD 246 114.39 91.41 -10.52
CA ILE GD 246 115.06 90.39 -11.32
C ILE GD 246 114.85 90.67 -12.80
N ARG GD 247 113.61 91.00 -13.18
CA ARG GD 247 113.32 91.26 -14.58
C ARG GD 247 114.17 92.41 -15.11
N GLU GD 248 114.36 93.45 -14.30
CA GLU GD 248 115.15 94.59 -14.75
C GLU GD 248 116.63 94.24 -14.85
N ASN GD 249 117.14 93.45 -13.90
CA ASN GD 249 118.56 93.10 -13.89
C ASN GD 249 118.71 91.65 -13.46
N PRO GD 250 118.88 90.74 -14.41
CA PRO GD 250 119.20 89.35 -14.09
C PRO GD 250 120.69 89.02 -14.14
N VAL GD 251 121.53 89.99 -14.53
CA VAL GD 251 122.95 89.72 -14.72
C VAL GD 251 123.58 89.32 -13.40
N TYR GD 252 124.48 88.35 -13.45
CA TYR GD 252 125.29 87.98 -12.29
C TYR GD 252 126.70 88.52 -12.45
N GLU GD 253 127.33 88.83 -11.32
CA GLU GD 253 128.72 89.22 -11.27
C GLU GD 253 129.35 88.60 -10.03
N LYS GD 254 130.68 88.46 -10.06
CA LYS GD 254 131.41 87.83 -8.98
C LYS GD 254 132.33 88.83 -8.31
N LYS GD 255 132.22 88.94 -6.98
CA LYS GD 255 133.10 89.84 -6.25
C LYS GD 255 134.50 89.22 -6.13
N PRO GD 256 135.54 90.00 -6.35
CA PRO GD 256 136.90 89.46 -6.30
C PRO GD 256 137.54 89.57 -4.93
N LYS GD 257 138.36 88.56 -4.62
CA LYS GD 257 139.15 88.53 -3.39
C LYS GD 257 140.41 87.74 -3.70
N LYS GD 258 141.49 88.46 -3.99
CA LYS GD 258 142.73 87.85 -4.45
C LYS GD 258 143.88 87.99 -3.46
N GLU GD 259 143.68 88.68 -2.34
CA GLU GD 259 144.74 88.86 -1.35
C GLU GD 259 144.78 87.69 -0.35
N VAL GD 260 144.76 86.48 -0.89
CA VAL GD 260 144.70 85.26 -0.08
C VAL GD 260 146.08 84.64 -0.04
N LYS GD 261 146.55 84.34 1.17
CA LYS GD 261 147.80 83.63 1.34
C LYS GD 261 147.58 82.14 1.08
N LYS GD 262 148.60 81.34 1.33
CA LYS GD 262 148.55 79.91 1.07
C LYS GD 262 148.75 79.12 2.37
N LYS GD 263 148.07 79.54 3.43
CA LYS GD 263 148.15 78.83 4.70
C LYS GD 263 147.49 77.46 4.57
N ARG GD 264 148.27 76.41 4.79
CA ARG GD 264 147.73 75.07 4.77
C ARG GD 264 146.87 74.83 6.01
N TRP GD 265 145.64 74.36 5.80
CA TRP GD 265 144.74 74.02 6.89
C TRP GD 265 144.72 72.54 7.21
N ASN GD 266 144.79 71.70 6.19
CA ASN GD 266 144.78 70.25 6.36
C ASN GD 266 146.20 69.72 6.51
N ARG GD 267 146.35 68.71 7.36
CA ARG GD 267 147.71 68.20 7.46
C ARG GD 267 148.06 67.34 6.25
N PRO GD 268 149.25 67.53 5.68
CA PRO GD 268 149.62 66.78 4.48
C PRO GD 268 150.00 65.35 4.82
N LYS GD 269 150.09 64.54 3.77
CA LYS GD 269 150.39 63.12 3.96
C LYS GD 269 151.84 62.92 4.35
N MET GD 270 152.07 62.44 5.56
CA MET GD 270 153.42 62.23 6.05
C MET GD 270 154.11 61.10 5.31
N SER GD 271 155.43 61.18 5.23
CA SER GD 271 156.20 60.50 4.18
C SER GD 271 156.49 59.04 4.54
N LEU GD 272 157.07 58.34 3.57
CA LEU GD 272 157.44 56.95 3.77
C LEU GD 272 158.52 56.81 4.83
N ALA GD 273 159.52 57.69 4.79
CA ALA GD 273 160.57 57.65 5.81
C ALA GD 273 160.00 57.92 7.19
N GLN GD 274 159.03 58.83 7.27
CA GLN GD 274 158.40 59.11 8.56
C GLN GD 274 157.70 57.86 9.10
N LYS GD 275 157.11 57.06 8.22
CA LYS GD 275 156.50 55.81 8.66
C LYS GD 275 157.54 54.88 9.24
N LYS GD 276 158.62 54.62 8.50
CA LYS GD 276 159.63 53.68 8.97
C LYS GD 276 160.29 54.18 10.24
N ASP GD 277 160.52 55.49 10.34
CA ASP GD 277 161.01 56.05 11.58
C ASP GD 277 160.04 55.81 12.72
N ARG GD 278 158.75 56.10 12.50
CA ARG GD 278 157.78 56.04 13.57
C ARG GD 278 157.68 54.64 14.14
N VAL GD 279 157.63 53.63 13.26
CA VAL GD 279 157.58 52.26 13.76
C VAL GD 279 158.89 51.89 14.44
N ALA GD 280 160.02 52.38 13.93
CA ALA GD 280 161.30 52.05 14.53
C ALA GD 280 161.38 52.53 15.97
N GLN GD 281 161.08 53.81 16.19
CA GLN GD 281 161.10 54.35 17.54
C GLN GD 281 159.98 53.76 18.40
N LYS GD 282 158.83 53.47 17.81
CA LYS GD 282 157.77 52.80 18.56
C LYS GD 282 158.24 51.43 19.04
N LYS GD 283 158.90 50.67 18.17
CA LYS GD 283 159.47 49.40 18.59
C LYS GD 283 160.57 49.61 19.62
N ALA GD 284 161.45 50.58 19.39
CA ALA GD 284 162.54 50.82 20.32
C ALA GD 284 162.01 51.27 21.68
N SER GD 285 161.03 52.16 21.69
CA SER GD 285 160.46 52.60 22.96
C SER GD 285 159.75 51.44 23.67
N PHE GD 286 159.14 50.54 22.89
CA PHE GD 286 158.49 49.39 23.49
C PHE GD 286 159.47 48.50 24.22
N LEU GD 287 160.64 48.25 23.63
CA LEU GD 287 161.63 47.40 24.27
C LEU GD 287 162.15 48.02 25.56
N ARG GD 288 162.34 49.34 25.57
CA ARG GD 288 162.88 50.01 26.75
C ARG GD 288 161.96 49.84 27.95
N ALA GD 289 160.66 50.05 27.74
CA ALA GD 289 159.69 49.78 28.80
C ALA GD 289 159.69 48.30 29.17
N GLN GD 290 159.79 47.43 28.16
CA GLN GD 290 159.89 46.00 28.41
C GLN GD 290 161.15 45.67 29.20
N GLU GD 291 162.28 46.30 28.84
CA GLU GD 291 163.52 46.05 29.55
C GLU GD 291 163.51 46.70 30.92
N ARG GD 292 162.86 47.86 31.06
CA ARG GD 292 162.90 48.60 32.32
C ARG GD 292 162.32 47.79 33.46
N ALA GD 293 161.18 47.14 33.23
CA ALA GD 293 160.53 46.27 34.23
C ALA GD 293 160.29 46.98 35.55
N PRO HD 1 203.78 46.13 -91.45
CA PRO HD 1 203.69 44.73 -91.06
C PRO HD 1 204.38 44.45 -89.74
N HIS HD 2 203.98 45.17 -88.69
CA HIS HD 2 204.63 45.04 -87.40
C HIS HD 2 204.12 43.79 -86.67
N CYS HD 3 204.84 43.43 -85.61
CA CYS HD 3 204.45 42.30 -84.78
C CYS HD 3 203.24 42.69 -83.92
N SER HD 4 202.80 41.78 -83.06
CA SER HD 4 201.55 42.00 -82.33
C SER HD 4 201.67 43.17 -81.37
N ARG HD 5 202.86 43.41 -80.82
CA ARG HD 5 203.11 44.53 -79.91
C ARG HD 5 202.29 44.40 -78.64
N ASN HD 6 201.51 43.33 -78.53
CA ASN HD 6 200.67 43.05 -77.37
C ASN HD 6 200.93 41.61 -76.97
N PRO HD 7 201.95 41.36 -76.15
CA PRO HD 7 202.24 39.99 -75.74
C PRO HD 7 201.08 39.39 -74.99
N VAL HD 8 200.84 38.11 -75.20
CA VAL HD 8 199.72 37.42 -74.59
C VAL HD 8 200.21 36.65 -73.37
N LEU HD 9 199.62 36.94 -72.21
CA LEU HD 9 199.91 36.22 -70.99
C LEU HD 9 198.94 35.08 -70.74
N VAL HD 10 197.75 35.14 -71.34
CA VAL HD 10 196.80 34.05 -71.30
C VAL HD 10 195.92 34.17 -72.54
N ARG HD 11 195.47 33.04 -73.06
CA ARG HD 11 194.72 33.05 -74.31
C ARG HD 11 193.49 33.93 -74.18
N GLY HD 12 193.38 34.90 -75.07
CA GLY HD 12 192.28 35.84 -75.10
C GLY HD 12 192.55 37.16 -74.43
N ILE HD 13 193.58 37.25 -73.59
CA ILE HD 13 193.91 38.47 -72.88
C ILE HD 13 195.36 38.84 -73.18
N GLY HD 14 195.58 40.06 -73.63
CA GLY HD 14 196.91 40.56 -73.85
C GLY HD 14 197.54 41.09 -72.58
N ARG HD 15 198.84 41.38 -72.66
CA ARG HD 15 199.56 41.86 -71.49
C ARG HD 15 199.12 43.26 -71.09
N TYR HD 16 198.73 44.08 -72.06
CA TYR HD 16 198.47 45.49 -71.82
C TYR HD 16 197.00 45.82 -72.02
N SER HD 17 196.61 46.98 -71.49
CA SER HD 17 195.24 47.45 -71.54
C SER HD 17 195.03 48.37 -72.74
N ARG HD 18 193.80 48.85 -72.89
CA ARG HD 18 193.45 49.67 -74.05
C ARG HD 18 194.31 50.93 -74.11
N SER HD 19 194.35 51.69 -73.02
CA SER HD 19 195.14 52.91 -73.01
C SER HD 19 196.61 52.61 -73.21
N ALA HD 20 197.10 51.53 -72.59
CA ALA HD 20 198.52 51.18 -72.69
C ALA HD 20 198.89 50.92 -74.14
N MET HD 21 198.05 50.18 -74.87
CA MET HD 21 198.35 49.93 -76.27
C MET HD 21 198.13 51.17 -77.14
N TYR HD 22 197.21 52.06 -76.74
CA TYR HD 22 197.04 53.29 -77.50
C TYR HD 22 198.32 54.08 -77.52
N SER HD 23 198.99 54.20 -76.38
CA SER HD 23 200.31 54.82 -76.34
C SER HD 23 201.32 53.99 -77.11
N ARG HD 24 201.30 52.66 -76.92
CA ARG HD 24 202.26 51.81 -77.60
C ARG HD 24 202.08 51.85 -79.11
N LYS HD 25 200.84 51.86 -79.57
CA LYS HD 25 200.58 51.93 -81.01
C LYS HD 25 200.77 53.33 -81.57
N ALA HD 26 201.06 54.31 -80.72
CA ALA HD 26 201.27 55.69 -81.13
C ALA HD 26 200.05 56.26 -81.85
N MET HD 27 198.86 55.81 -81.42
CA MET HD 27 197.61 56.31 -81.97
C MET HD 27 197.39 57.79 -81.71
N TYR HD 28 198.14 58.40 -80.78
CA TYR HD 28 197.95 59.82 -80.50
C TYR HD 28 198.34 60.68 -81.70
N LYS HD 29 199.41 60.32 -82.41
CA LYS HD 29 199.90 61.15 -83.51
C LYS HD 29 199.34 60.73 -84.86
N ARG HD 30 199.03 59.47 -85.07
CA ARG HD 30 198.46 59.04 -86.35
C ARG HD 30 196.93 58.87 -86.20
N LYS HD 31 196.25 60.00 -86.30
CA LYS HD 31 194.80 60.06 -86.28
C LYS HD 31 194.33 60.48 -87.67
N TYR HD 32 193.53 59.63 -88.31
CA TYR HD 32 193.07 59.85 -89.68
C TYR HD 32 191.61 60.25 -89.67
N SER HD 33 191.30 61.37 -90.31
CA SER HD 33 189.95 61.91 -90.28
C SER HD 33 189.03 61.16 -91.22
N ALA HD 34 189.36 61.15 -92.51
CA ALA HD 34 188.53 60.52 -93.52
C ALA HD 34 189.37 60.35 -94.79
N ALA HD 35 188.69 59.97 -95.87
CA ALA HD 35 189.34 59.81 -97.17
C ALA HD 35 189.99 61.11 -97.64
N VAL HD 47 183.87 43.22 -111.71
CA VAL HD 47 184.63 43.06 -112.94
C VAL HD 47 185.34 41.71 -112.97
N LEU HD 48 185.14 40.96 -114.06
CA LEU HD 48 184.27 41.31 -115.16
C LEU HD 48 183.31 40.17 -115.46
N ALA HD 49 182.07 40.50 -115.81
CA ALA HD 49 181.07 39.49 -116.10
C ALA HD 49 181.13 39.03 -117.55
N THR HD 50 181.11 39.97 -118.49
CA THR HD 50 181.12 39.67 -119.91
C THR HD 50 182.46 40.01 -120.54
N VAL HD 51 182.66 39.49 -121.75
CA VAL HD 51 183.83 39.79 -122.56
C VAL HD 51 183.38 39.98 -123.99
N THR HD 52 183.95 40.96 -124.67
CA THR HD 52 183.54 41.32 -126.03
C THR HD 52 184.40 40.54 -127.02
N LYS HD 53 183.84 39.46 -127.56
CA LYS HD 53 184.52 38.68 -128.58
C LYS HD 53 184.32 39.34 -129.95
N PRO HD 54 185.23 39.08 -130.89
CA PRO HD 54 185.09 39.65 -132.24
C PRO HD 54 183.83 39.13 -132.93
N VAL HD 55 183.59 39.68 -134.12
CA VAL HD 55 182.34 39.43 -134.83
C VAL HD 55 182.32 38.01 -135.38
N GLY HD 56 183.24 37.72 -136.31
CA GLY HD 56 183.15 36.47 -137.05
C GLY HD 56 182.09 36.56 -138.14
N GLY HD 57 182.27 37.49 -139.07
CA GLY HD 57 181.31 37.71 -140.14
C GLY HD 57 181.45 36.74 -141.29
N ASP HD 58 181.33 37.23 -142.52
CA ASP HD 58 181.06 38.62 -142.88
C ASP HD 58 179.58 38.92 -142.81
N LYS HD 59 179.25 40.21 -142.74
CA LYS HD 59 177.90 40.76 -142.65
C LYS HD 59 177.13 40.21 -141.46
N ASN HD 60 177.79 39.49 -140.56
CA ASN HD 60 177.29 39.17 -139.23
C ASN HD 60 177.66 40.23 -138.21
N GLY HD 61 177.86 41.46 -138.68
CA GLY HD 61 178.46 42.51 -137.88
C GLY HD 61 177.77 42.71 -136.55
N GLY HD 62 178.54 43.27 -135.63
CA GLY HD 62 178.14 43.36 -134.24
C GLY HD 62 178.89 42.34 -133.41
N THR HD 63 179.93 42.77 -132.72
CA THR HD 63 180.75 41.87 -131.92
C THR HD 63 179.89 41.16 -130.89
N ARG HD 64 179.99 39.84 -130.86
CA ARG HD 64 179.15 39.03 -129.98
C ARG HD 64 179.59 39.23 -128.53
N VAL HD 65 178.74 39.87 -127.73
CA VAL HD 65 179.08 40.17 -126.34
C VAL HD 65 178.77 38.92 -125.53
N VAL HD 66 179.74 38.03 -125.43
CA VAL HD 66 179.59 36.80 -124.69
C VAL HD 66 179.85 37.08 -123.22
N LYS HD 67 179.10 36.39 -122.35
CA LYS HD 67 179.21 36.58 -120.91
C LYS HD 67 179.50 35.25 -120.25
N LEU HD 68 180.50 35.24 -119.37
CA LEU HD 68 180.81 34.06 -118.60
C LEU HD 68 179.68 33.77 -117.60
N ARG HD 69 179.76 32.59 -116.99
CA ARG HD 69 178.77 32.16 -116.00
C ARG HD 69 177.36 32.27 -116.57
N LYS HD 70 177.16 31.63 -117.73
CA LYS HD 70 175.86 31.66 -118.38
C LYS HD 70 174.79 31.08 -117.47
N MET HD 71 173.55 31.49 -117.72
CA MET HD 71 172.47 31.14 -116.81
C MET HD 71 172.22 29.63 -116.83
N PRO HD 72 171.85 29.06 -115.69
CA PRO HD 72 171.74 27.59 -115.61
C PRO HD 72 170.65 27.06 -116.53
N ARG HD 73 170.95 25.94 -117.17
CA ARG HD 73 170.05 25.34 -118.17
C ARG HD 73 168.93 24.54 -117.56
N TYR HD 74 168.99 24.21 -116.27
CA TYR HD 74 167.92 23.46 -115.62
C TYR HD 74 167.95 23.77 -114.13
N TYR HD 75 166.76 23.86 -113.54
CA TYR HD 75 166.66 24.06 -112.10
C TYR HD 75 166.00 22.82 -111.50
N PRO HD 76 166.55 22.28 -110.42
CA PRO HD 76 165.87 21.19 -109.71
C PRO HD 76 164.54 21.66 -109.14
N THR HD 77 163.63 20.71 -108.96
CA THR HD 77 162.26 21.04 -108.58
C THR HD 77 162.22 21.82 -107.28
N GLU HD 78 162.98 21.39 -106.27
CA GLU HD 78 163.21 22.25 -105.11
C GLU HD 78 164.70 22.22 -104.77
N ASP HD 79 165.03 22.84 -103.65
CA ASP HD 79 166.40 22.88 -103.16
C ASP HD 79 166.38 22.94 -101.64
N VAL HD 80 167.56 23.09 -101.05
CA VAL HD 80 167.70 23.17 -99.60
C VAL HD 80 168.13 24.58 -99.21
N PRO HD 81 167.50 25.20 -98.23
CA PRO HD 81 167.93 26.54 -97.80
C PRO HD 81 169.32 26.50 -97.21
N ARG HD 82 170.03 27.63 -97.37
CA ARG HD 82 171.41 27.70 -96.92
C ARG HD 82 171.48 27.63 -95.40
N LYS HD 83 172.59 27.09 -94.91
CA LYS HD 83 172.82 27.00 -93.48
C LYS HD 83 173.10 28.38 -92.88
N LEU HD 84 172.97 28.46 -91.56
CA LEU HD 84 173.40 29.64 -90.84
C LEU HD 84 174.92 29.71 -90.81
N LEU HD 85 175.43 30.69 -90.08
CA LEU HD 85 176.87 30.89 -89.97
C LEU HD 85 177.35 30.43 -88.61
N SER HD 86 178.61 29.98 -88.54
CA SER HD 86 179.09 29.23 -87.40
C SER HD 86 180.18 29.93 -86.60
N HIS HD 87 180.96 30.82 -87.20
CA HIS HD 87 182.06 31.57 -86.59
C HIS HD 87 183.13 30.68 -85.98
N GLY HD 88 183.06 29.37 -86.18
CA GLY HD 88 184.08 28.43 -85.71
C GLY HD 88 184.23 27.30 -86.71
N LYS HD 89 184.49 26.11 -86.17
CA LYS HD 89 184.53 24.87 -86.95
C LYS HD 89 185.49 24.99 -88.13
N LYS HD 90 186.74 25.32 -87.82
CA LYS HD 90 187.77 25.40 -88.83
C LYS HD 90 188.06 24.00 -89.38
N PRO HD 91 188.37 23.89 -90.68
CA PRO HD 91 188.62 22.58 -91.27
C PRO HD 91 189.87 21.93 -90.68
N PHE HD 92 189.89 20.59 -90.79
CA PHE HD 92 190.94 19.80 -90.16
C PHE HD 92 192.34 20.20 -90.61
N SER HD 93 192.46 20.77 -91.81
CA SER HD 93 193.77 21.20 -92.29
C SER HD 93 194.39 22.24 -91.36
N GLN HD 94 193.57 23.16 -90.86
CA GLN HD 94 194.05 24.25 -90.01
C GLN HD 94 193.67 24.05 -88.55
N HIS HD 95 193.67 22.80 -88.09
CA HIS HD 95 193.43 22.54 -86.68
C HIS HD 95 194.72 22.71 -85.88
N VAL HD 96 194.57 22.90 -84.57
CA VAL HD 96 195.69 23.02 -83.66
C VAL HD 96 196.18 21.62 -83.32
N ARG HD 97 197.46 21.37 -83.54
CA ARG HD 97 198.05 20.05 -83.32
C ARG HD 97 198.58 19.97 -81.90
N LYS HD 98 197.98 19.10 -81.09
CA LYS HD 98 198.41 18.87 -79.73
C LYS HD 98 199.15 17.54 -79.65
N LEU HD 99 200.32 17.57 -79.01
CA LEU HD 99 201.16 16.40 -78.86
C LEU HD 99 201.36 16.10 -77.38
N ARG HD 100 201.28 14.83 -77.02
CA ARG HD 100 201.37 14.44 -75.62
C ARG HD 100 202.78 14.74 -75.08
N ALA HD 101 202.82 15.13 -73.80
CA ALA HD 101 204.08 15.58 -73.20
C ALA HD 101 205.13 14.50 -73.21
N SER HD 102 204.76 13.26 -72.88
CA SER HD 102 205.73 12.18 -72.86
C SER HD 102 206.34 11.91 -74.22
N ILE HD 103 205.68 12.32 -75.29
CA ILE HD 103 206.13 12.07 -76.65
C ILE HD 103 207.14 13.15 -77.02
N THR HD 104 208.41 12.78 -77.10
CA THR HD 104 209.47 13.68 -77.53
C THR HD 104 210.27 13.01 -78.63
N PRO HD 105 210.82 13.79 -79.56
CA PRO HD 105 211.65 13.21 -80.62
C PRO HD 105 212.75 12.32 -80.07
N GLY HD 106 212.68 11.02 -80.39
CA GLY HD 106 213.65 10.06 -79.92
C GLY HD 106 213.13 9.06 -78.91
N THR HD 107 211.93 9.28 -78.37
CA THR HD 107 211.36 8.31 -77.46
C THR HD 107 211.02 7.03 -78.21
N ILE HD 108 210.82 5.95 -77.45
CA ILE HD 108 210.45 4.67 -78.01
C ILE HD 108 208.98 4.44 -77.70
N LEU HD 109 208.20 4.18 -78.74
CA LEU HD 109 206.76 3.98 -78.62
C LEU HD 109 206.41 2.52 -78.89
N ILE HD 110 205.16 2.18 -78.58
CA ILE HD 110 204.63 0.84 -78.81
C ILE HD 110 203.36 0.97 -79.63
N ILE HD 111 203.34 0.34 -80.80
CA ILE HD 111 202.14 0.35 -81.62
C ILE HD 111 201.11 -0.60 -81.02
N LEU HD 112 199.88 -0.11 -80.88
CA LEU HD 112 198.84 -0.86 -80.20
C LEU HD 112 197.76 -1.40 -81.14
N THR HD 113 197.68 -0.88 -82.37
CA THR HD 113 196.53 -1.14 -83.21
C THR HD 113 196.85 -1.97 -84.44
N GLY HD 114 197.78 -1.52 -85.28
CA GLY HD 114 197.92 -2.03 -86.62
C GLY HD 114 198.66 -3.36 -86.69
N ARG HD 115 199.08 -3.70 -87.91
CA ARG HD 115 199.82 -4.93 -88.15
C ARG HD 115 201.05 -5.03 -87.26
N HIS HD 116 201.68 -3.89 -86.95
CA HIS HD 116 202.87 -3.86 -86.11
C HIS HD 116 202.50 -3.62 -84.65
N ARG HD 117 201.37 -4.15 -84.23
CA ARG HD 117 200.94 -4.02 -82.84
C ARG HD 117 202.00 -4.60 -81.91
N GLY HD 118 202.21 -3.95 -80.78
CA GLY HD 118 203.15 -4.42 -79.78
C GLY HD 118 204.61 -4.22 -80.14
N LYS HD 119 204.91 -3.64 -81.30
CA LYS HD 119 206.28 -3.40 -81.69
C LYS HD 119 206.80 -2.11 -81.08
N ARG HD 120 208.06 -2.13 -80.68
CA ARG HD 120 208.73 -0.98 -80.11
C ARG HD 120 209.52 -0.27 -81.20
N VAL HD 121 209.22 1.01 -81.41
CA VAL HD 121 209.85 1.83 -82.44
C VAL HD 121 210.22 3.17 -81.83
N VAL HD 122 211.15 3.86 -82.50
CA VAL HD 122 211.60 5.18 -82.07
C VAL HD 122 210.73 6.22 -82.74
N PHE HD 123 210.56 7.36 -82.08
CA PHE HD 123 209.66 8.41 -82.55
C PHE HD 123 210.49 9.56 -83.10
N LEU HD 124 210.39 9.79 -84.40
CA LEU HD 124 210.97 10.98 -85.03
C LEU HD 124 209.97 12.13 -84.89
N LYS HD 125 210.19 13.20 -85.64
CA LYS HD 125 209.32 14.37 -85.52
C LYS HD 125 207.88 14.01 -85.85
N GLN HD 126 206.96 14.86 -85.39
CA GLN HD 126 205.54 14.69 -85.61
C GLN HD 126 205.11 15.46 -86.85
N LEU HD 127 204.27 14.82 -87.67
CA LEU HD 127 203.87 15.39 -88.95
C LEU HD 127 202.92 16.56 -88.74
N ALA HD 128 202.72 17.33 -89.82
CA ALA HD 128 201.86 18.51 -89.78
C ALA HD 128 200.40 18.16 -89.51
N SER HD 129 199.96 16.98 -89.94
CA SER HD 129 198.60 16.53 -89.66
C SER HD 129 198.39 16.16 -88.20
N GLY HD 130 199.45 16.12 -87.41
CA GLY HD 130 199.40 15.59 -86.08
C GLY HD 130 199.78 14.13 -85.99
N LEU HD 131 199.79 13.43 -87.12
CA LEU HD 131 200.22 12.04 -87.16
C LEU HD 131 201.69 11.95 -86.80
N LEU HD 132 202.06 10.89 -86.08
CA LEU HD 132 203.46 10.71 -85.72
C LEU HD 132 204.21 9.95 -86.80
N LEU HD 133 205.28 10.53 -87.31
CA LEU HD 133 206.16 9.87 -88.26
C LEU HD 133 207.24 9.16 -87.45
N VAL HD 134 207.21 7.83 -87.49
CA VAL HD 134 208.19 7.02 -86.79
C VAL HD 134 208.71 5.96 -87.73
N THR HD 135 209.85 5.37 -87.36
CA THR HD 135 210.34 4.17 -87.99
C THR HD 135 211.04 3.32 -86.95
N GLY HD 136 210.74 2.03 -86.96
CA GLY HD 136 211.56 1.10 -86.24
C GLY HD 136 212.87 0.93 -86.99
N PRO HD 137 213.91 0.52 -86.29
CA PRO HD 137 215.15 0.20 -87.00
C PRO HD 137 214.95 -1.05 -87.82
N LEU HD 138 214.38 -0.87 -89.02
CA LEU HD 138 213.79 -1.95 -89.82
C LEU HD 138 214.56 -3.26 -89.75
N VAL HD 139 215.90 -3.17 -89.67
CA VAL HD 139 216.69 -4.37 -89.44
C VAL HD 139 216.31 -5.05 -88.13
N LEU HD 140 215.81 -4.30 -87.16
CA LEU HD 140 215.50 -4.85 -85.84
C LEU HD 140 214.07 -5.37 -85.75
N ASN HD 141 213.10 -4.61 -86.25
CA ASN HD 141 211.68 -4.95 -86.05
C ASN HD 141 210.88 -4.87 -87.34
N ARG HD 142 211.53 -4.64 -88.48
CA ARG HD 142 210.86 -4.61 -89.79
C ARG HD 142 209.78 -3.54 -89.85
N VAL HD 143 209.96 -2.46 -89.11
CA VAL HD 143 208.99 -1.35 -89.11
C VAL HD 143 209.59 -0.21 -89.91
N PRO HD 144 209.07 0.11 -91.08
CA PRO HD 144 209.64 1.18 -91.89
C PRO HD 144 209.15 2.56 -91.48
N LEU HD 145 209.54 3.58 -92.24
CA LEU HD 145 209.01 4.92 -92.03
C LEU HD 145 207.50 4.92 -92.26
N ARG HD 146 206.73 5.07 -91.20
CA ARG HD 146 205.29 4.90 -91.31
C ARG HD 146 204.61 5.76 -90.26
N ARG HD 147 203.53 6.42 -90.67
CA ARG HD 147 202.80 7.29 -89.77
C ARG HD 147 202.08 6.48 -88.69
N THR HD 148 202.02 7.05 -87.48
CA THR HD 148 201.26 6.48 -86.39
C THR HD 148 200.50 7.59 -85.68
N HIS HD 149 199.40 7.21 -85.03
CA HIS HD 149 198.55 8.15 -84.33
C HIS HD 149 198.91 8.15 -82.85
N GLN HD 150 199.08 9.35 -82.29
CA GLN HD 150 199.58 9.48 -80.93
C GLN HD 150 198.62 8.92 -79.90
N LYS HD 151 197.35 8.77 -80.23
CA LYS HD 151 196.39 8.22 -79.29
C LYS HD 151 196.44 6.71 -79.20
N PHE HD 152 197.09 6.03 -80.14
CA PHE HD 152 197.13 4.58 -80.17
C PHE HD 152 198.53 4.04 -79.91
N VAL HD 153 199.37 4.82 -79.23
CA VAL HD 153 200.71 4.39 -78.87
C VAL HD 153 200.93 4.67 -77.39
N ILE HD 154 201.96 4.05 -76.85
CA ILE HD 154 202.37 4.25 -75.46
C ILE HD 154 203.79 4.80 -75.47
N ALA HD 155 203.97 5.95 -74.83
CA ALA HD 155 205.27 6.60 -74.78
C ALA HD 155 206.04 6.11 -73.57
N THR HD 156 207.04 5.27 -73.81
CA THR HD 156 207.87 4.79 -72.72
C THR HD 156 208.79 5.90 -72.23
N SER HD 157 209.50 5.61 -71.14
CA SER HD 157 210.41 6.58 -70.54
C SER HD 157 211.82 6.48 -71.11
N THR HD 158 211.99 5.77 -72.22
CA THR HD 158 213.29 5.61 -72.85
C THR HD 158 213.41 6.58 -74.02
N LYS HD 159 214.44 7.42 -73.98
CA LYS HD 159 214.70 8.39 -75.03
C LYS HD 159 216.15 8.29 -75.48
N ILE HD 160 216.36 8.43 -76.78
CA ILE HD 160 217.68 8.44 -77.38
C ILE HD 160 217.86 9.77 -78.11
N ASP HD 161 219.09 10.29 -78.08
CA ASP HD 161 219.36 11.61 -78.63
C ASP HD 161 219.26 11.51 -80.15
N ILE HD 162 218.10 11.88 -80.70
CA ILE HD 162 217.97 11.95 -82.15
C ILE HD 162 218.06 13.41 -82.57
N SER HD 163 218.61 14.24 -81.70
CA SER HD 163 218.98 15.58 -82.13
C SER HD 163 220.16 15.50 -83.10
N ASN HD 164 220.27 16.51 -83.95
CA ASN HD 164 221.35 16.60 -84.94
C ASN HD 164 221.32 15.42 -85.91
N VAL HD 165 220.12 14.91 -86.21
CA VAL HD 165 219.94 13.97 -87.31
C VAL HD 165 219.08 14.67 -88.36
N LYS HD 166 219.36 14.38 -89.62
CA LYS HD 166 218.76 15.10 -90.73
C LYS HD 166 217.61 14.28 -91.29
N ILE HD 167 216.41 14.53 -90.77
CA ILE HD 167 215.20 13.94 -91.37
C ILE HD 167 214.90 14.69 -92.67
N PRO HD 168 214.84 14.00 -93.80
CA PRO HD 168 214.61 14.70 -95.07
C PRO HD 168 213.27 15.43 -95.06
N LYS HD 169 213.28 16.66 -95.57
CA LYS HD 169 212.11 17.53 -95.48
C LYS HD 169 210.97 17.07 -96.37
N HIS HD 170 211.26 16.29 -97.41
CA HIS HD 170 210.24 15.83 -98.35
C HIS HD 170 209.56 14.56 -97.84
N LEU HD 171 209.09 14.60 -96.60
CA LEU HD 171 208.39 13.48 -95.97
C LEU HD 171 207.09 13.95 -95.34
N THR HD 172 206.35 14.76 -96.08
CA THR HD 172 205.05 15.23 -95.61
C THR HD 172 204.03 14.10 -95.68
N ASP HD 173 202.84 14.36 -95.14
CA ASP HD 173 201.80 13.34 -95.13
C ASP HD 173 201.37 12.96 -96.54
N ALA HD 174 201.52 13.87 -97.50
CA ALA HD 174 201.22 13.53 -98.88
C ALA HD 174 202.13 12.40 -99.37
N TYR HD 175 203.39 12.40 -98.95
CA TYR HD 175 204.32 11.35 -99.34
C TYR HD 175 203.84 9.98 -98.84
N PHE HD 176 203.35 9.94 -97.61
CA PHE HD 176 202.88 8.68 -97.03
C PHE HD 176 201.42 8.39 -97.37
N LYS HD 177 200.76 9.29 -98.08
CA LYS HD 177 199.35 9.08 -98.41
C LYS HD 177 199.19 7.86 -99.30
N LYS HD 178 198.18 7.05 -98.99
CA LYS HD 178 197.92 5.85 -99.78
C LYS HD 178 197.53 6.22 -101.20
N LYS HD 179 197.98 5.42 -102.15
CA LYS HD 179 197.72 5.64 -103.57
C LYS HD 179 196.57 4.77 -104.04
N LYS HD 180 195.83 5.28 -105.02
CA LYS HD 180 194.69 4.57 -105.57
C LYS HD 180 194.73 4.62 -107.09
N LEU HD 181 194.31 3.51 -107.69
CA LEU HD 181 194.35 3.32 -109.15
C LEU HD 181 192.98 3.13 -109.78
N ARG HD 182 192.11 2.33 -109.15
CA ARG HD 182 190.79 2.07 -109.72
C ARG HD 182 190.02 3.36 -109.93
N LYS HD 183 189.40 3.48 -111.11
CA LYS HD 183 189.45 2.50 -112.19
C LYS HD 183 189.50 3.20 -113.53
N PRO HD 184 190.46 2.82 -114.38
CA PRO HD 184 190.58 3.45 -115.70
C PRO HD 184 189.55 2.94 -116.71
N ARG HD 185 188.55 3.77 -116.99
CA ARG HD 185 187.57 3.54 -118.05
C ARG HD 185 186.84 2.20 -117.91
N HIS HD 186 186.69 1.70 -116.69
CA HIS HD 186 185.90 0.52 -116.41
C HIS HD 186 184.86 0.84 -115.36
N GLN HD 187 183.59 0.59 -115.68
CA GLN HD 187 182.48 0.76 -114.75
C GLN HD 187 181.78 -0.55 -114.43
N GLU HD 188 181.39 -1.30 -115.45
CA GLU HD 188 180.83 -2.62 -115.25
C GLU HD 188 181.92 -3.56 -114.76
N GLY HD 189 181.71 -4.17 -113.59
CA GLY HD 189 182.73 -5.01 -113.00
C GLY HD 189 182.59 -6.48 -113.35
N GLU HD 190 183.37 -6.93 -114.34
CA GLU HD 190 183.39 -8.33 -114.73
C GLU HD 190 184.79 -8.90 -114.89
N ILE HD 191 185.80 -8.06 -115.10
CA ILE HD 191 187.19 -8.48 -115.10
C ILE HD 191 187.85 -7.75 -113.94
N PHE HD 192 187.85 -8.38 -112.77
CA PHE HD 192 188.46 -7.78 -111.59
C PHE HD 192 189.96 -7.67 -111.77
N ASP HD 193 190.52 -6.54 -111.35
CA ASP HD 193 191.94 -6.28 -111.53
C ASP HD 193 192.77 -7.26 -110.70
N THR HD 194 193.76 -7.87 -111.34
CA THR HD 194 194.69 -8.76 -110.67
C THR HD 194 196.01 -8.08 -110.33
N GLU HD 195 196.14 -6.80 -110.65
CA GLU HD 195 197.33 -6.00 -110.36
C GLU HD 195 197.01 -5.02 -109.25
N LYS HD 196 198.04 -4.32 -108.79
CA LYS HD 196 197.99 -3.32 -107.72
C LYS HD 196 197.74 -3.94 -106.35
N GLU HD 197 197.39 -5.23 -106.28
CA GLU HD 197 197.20 -5.85 -104.98
C GLU HD 197 198.53 -6.00 -104.26
N LYS HD 198 199.60 -6.27 -105.01
CA LYS HD 198 200.95 -6.19 -104.48
C LYS HD 198 201.35 -4.72 -104.45
N TYR HD 199 201.23 -4.08 -103.30
CA TYR HD 199 201.68 -2.71 -103.17
C TYR HD 199 203.19 -2.66 -103.32
N GLU HD 200 203.67 -1.67 -104.08
CA GLU HD 200 205.08 -1.59 -104.43
C GLU HD 200 205.81 -0.71 -103.44
N ILE HD 201 206.88 -1.25 -102.85
CA ILE HD 201 207.77 -0.46 -102.01
C ILE HD 201 208.66 0.35 -102.92
N THR HD 202 208.34 1.63 -103.09
CA THR HD 202 209.09 2.46 -104.01
C THR HD 202 210.53 2.63 -103.53
N GLU HD 203 211.43 2.74 -104.51
CA GLU HD 203 212.85 2.90 -104.23
C GLU HD 203 213.10 4.10 -103.33
N GLN HD 204 212.36 5.18 -103.54
CA GLN HD 204 212.53 6.35 -102.70
C GLN HD 204 212.28 6.02 -101.24
N ARG HD 205 211.25 5.22 -100.96
CA ARG HD 205 211.05 4.73 -99.60
C ARG HD 205 212.22 3.86 -99.16
N LYS HD 206 212.74 3.04 -100.07
CA LYS HD 206 213.85 2.16 -99.72
C LYS HD 206 215.09 2.96 -99.31
N ILE HD 207 215.50 3.90 -100.16
CA ILE HD 207 216.72 4.66 -99.90
C ILE HD 207 216.54 5.60 -98.72
N ASP HD 208 215.36 6.23 -98.62
CA ASP HD 208 215.10 7.09 -97.48
C ASP HD 208 215.16 6.28 -96.19
N GLN HD 209 214.55 5.09 -96.17
CA GLN HD 209 214.62 4.25 -94.98
C GLN HD 209 216.06 3.90 -94.66
N LYS HD 210 216.87 3.61 -95.67
CA LYS HD 210 218.29 3.42 -95.46
C LYS HD 210 218.94 4.69 -94.90
N ALA HD 211 218.57 5.85 -95.46
CA ALA HD 211 219.22 7.09 -95.05
C ALA HD 211 218.95 7.39 -93.58
N VAL HD 212 217.71 7.23 -93.13
CA VAL HD 212 217.41 7.49 -91.72
C VAL HD 212 218.01 6.39 -90.84
N ASP HD 213 217.89 5.14 -91.27
CA ASP HD 213 218.37 4.03 -90.43
C ASP HD 213 219.89 4.02 -90.35
N SER HD 214 220.58 4.58 -91.34
CA SER HD 214 222.04 4.59 -91.31
C SER HD 214 222.57 5.45 -90.16
N GLN HD 215 221.83 6.47 -89.76
CA GLN HD 215 222.30 7.40 -88.73
C GLN HD 215 221.70 7.14 -87.35
N ILE HD 216 220.51 6.55 -87.27
CA ILE HD 216 219.90 6.26 -85.97
C ILE HD 216 220.46 4.98 -85.37
N LEU HD 217 220.78 4.00 -86.23
CA LEU HD 217 221.34 2.74 -85.73
C LEU HD 217 222.59 2.94 -84.87
N PRO HD 218 223.55 3.80 -85.22
CA PRO HD 218 224.65 4.06 -84.28
C PRO HD 218 224.17 4.62 -82.95
N LYS HD 219 223.09 5.39 -82.95
CA LYS HD 219 222.62 6.04 -81.73
C LYS HD 219 221.96 5.07 -80.75
N ILE HD 220 221.40 3.96 -81.22
CA ILE HD 220 220.74 3.01 -80.33
C ILE HD 220 221.75 2.01 -79.82
N LYS HD 221 222.72 1.64 -80.66
CA LYS HD 221 223.74 0.67 -80.27
C LYS HD 221 224.61 1.16 -79.12
N ALA HD 222 224.62 2.46 -78.85
CA ALA HD 222 225.40 2.98 -77.74
C ALA HD 222 224.94 2.39 -76.42
N ILE HD 223 223.69 2.62 -76.05
CA ILE HD 223 223.16 2.07 -74.80
C ILE HD 223 223.04 0.56 -74.93
N PRO HD 224 223.46 -0.21 -73.93
CA PRO HD 224 223.48 -1.67 -74.06
C PRO HD 224 222.09 -2.25 -74.21
N GLN HD 225 222.03 -3.41 -74.87
CA GLN HD 225 220.85 -4.24 -75.09
C GLN HD 225 219.58 -3.44 -75.37
N LEU HD 226 219.70 -2.39 -76.18
CA LEU HD 226 218.51 -1.67 -76.60
C LEU HD 226 217.97 -2.21 -77.91
N GLN HD 227 218.85 -2.69 -78.79
CA GLN HD 227 218.38 -3.30 -80.03
C GLN HD 227 217.54 -4.54 -79.75
N GLY HD 228 218.01 -5.40 -78.84
CA GLY HD 228 217.19 -6.51 -78.41
C GLY HD 228 215.91 -6.07 -77.73
N TYR HD 229 215.99 -4.97 -76.98
CA TYR HD 229 214.78 -4.40 -76.40
C TYR HD 229 213.81 -3.98 -77.50
N LEU HD 230 214.31 -3.35 -78.55
CA LEU HD 230 213.46 -2.99 -79.68
C LEU HD 230 213.11 -4.19 -80.55
N ARG HD 231 213.97 -5.21 -80.59
CA ARG HD 231 213.62 -6.43 -81.31
C ARG HD 231 212.49 -7.18 -80.62
N SER HD 232 212.26 -6.91 -79.34
CA SER HD 232 211.21 -7.59 -78.60
C SER HD 232 209.86 -6.99 -78.94
N VAL HD 233 208.79 -7.67 -78.52
CA VAL HD 233 207.43 -7.21 -78.68
C VAL HD 233 206.76 -7.19 -77.32
N PHE HD 234 206.12 -6.07 -76.99
CA PHE HD 234 205.48 -5.95 -75.68
C PHE HD 234 204.32 -6.94 -75.56
N ALA HD 235 204.10 -7.42 -74.34
CA ALA HD 235 203.07 -8.40 -74.08
C ALA HD 235 202.59 -8.25 -72.65
N LEU HD 236 201.46 -8.89 -72.35
CA LEU HD 236 200.89 -8.90 -71.01
C LEU HD 236 200.90 -10.32 -70.46
N THR HD 237 201.36 -10.48 -69.22
CA THR HD 237 201.39 -11.76 -68.55
C THR HD 237 200.23 -11.88 -67.58
N ASN HD 238 200.05 -13.09 -67.05
CA ASN HD 238 199.00 -13.33 -66.06
C ASN HD 238 199.31 -12.71 -64.71
N GLY HD 239 200.40 -11.96 -64.67
CA GLY HD 239 200.90 -11.26 -63.51
C GLY HD 239 200.59 -9.78 -63.62
N ILE HD 240 201.55 -9.02 -64.15
CA ILE HD 240 201.48 -7.56 -64.16
C ILE HD 240 200.20 -7.02 -64.80
N TYR HD 241 199.86 -5.79 -64.44
CA TYR HD 241 198.75 -5.05 -64.98
C TYR HD 241 199.22 -3.67 -65.44
N PRO HD 242 198.68 -3.17 -66.55
CA PRO HD 242 199.18 -1.90 -67.09
C PRO HD 242 199.00 -0.72 -66.15
N HIS HD 243 197.94 -0.69 -65.34
CA HIS HD 243 197.72 0.42 -64.44
C HIS HD 243 198.76 0.50 -63.32
N LYS HD 244 199.54 -0.56 -63.11
CA LYS HD 244 200.64 -0.54 -62.18
C LYS HD 244 201.98 -0.31 -62.85
N LEU HD 245 202.08 -0.56 -64.15
CA LEU HD 245 203.35 -0.40 -64.85
C LEU HD 245 203.73 1.06 -64.98
N VAL HD 246 205.03 1.31 -65.01
CA VAL HD 246 205.59 2.63 -65.28
C VAL HD 246 206.32 2.53 -66.60
N PHE HD 247 205.78 3.19 -67.63
CA PHE HD 247 206.35 3.10 -68.97
C PHE HD 247 207.32 4.23 -69.24
N ASN ID 1 169.17 60.96 -105.95
CA ASN ID 1 168.76 60.77 -104.57
C ASN ID 1 169.49 59.58 -103.95
N PHE ID 2 170.16 58.78 -104.79
CA PHE ID 2 170.88 57.61 -104.30
C PHE ID 2 171.94 57.99 -103.29
N ALA ID 3 172.77 58.98 -103.62
CA ALA ID 3 173.86 59.37 -102.74
C ALA ID 3 173.35 59.93 -101.41
N GLU ID 4 172.33 60.78 -101.47
CA GLU ID 4 171.84 61.43 -100.25
C GLU ID 4 171.31 60.41 -99.25
N LEU ID 5 170.51 59.44 -99.71
CA LEU ID 5 169.95 58.47 -98.79
C LEU ID 5 171.04 57.67 -98.09
N LYS ID 6 172.16 57.43 -98.78
CA LYS ID 6 173.27 56.74 -98.15
C LYS ID 6 173.86 57.56 -97.00
N ILE ID 7 174.08 58.85 -97.22
CA ILE ID 7 174.71 59.66 -96.18
C ILE ID 7 173.77 59.86 -95.00
N LYS ID 8 172.45 59.86 -95.26
CA LYS ID 8 171.51 59.96 -94.17
C LYS ID 8 171.59 58.74 -93.27
N ARG ID 9 171.51 57.54 -93.86
CA ARG ID 9 171.58 56.33 -93.05
C ARG ID 9 172.99 56.04 -92.55
N LEU ID 10 174.01 56.42 -93.33
CA LEU ID 10 175.37 56.32 -92.80
C LEU ID 10 175.53 57.18 -91.55
N ARG ID 11 175.03 58.42 -91.60
CA ARG ID 11 175.00 59.24 -90.40
C ARG ID 11 174.15 58.59 -89.32
N LYS ID 12 173.09 57.89 -89.72
CA LYS ID 12 172.23 57.24 -88.73
C LYS ID 12 172.93 56.06 -88.07
N LYS ID 13 173.47 55.13 -88.87
CA LYS ID 13 174.19 54.00 -88.28
C LYS ID 13 175.41 54.48 -87.50
N PHE ID 14 175.98 55.60 -87.90
CA PHE ID 14 177.08 56.19 -87.15
C PHE ID 14 176.63 56.61 -85.76
N ALA ID 15 175.40 57.12 -85.64
CA ALA ID 15 174.97 57.74 -84.38
C ALA ID 15 175.01 56.76 -83.22
N GLN ID 16 174.16 55.73 -83.25
CA GLN ID 16 174.03 54.86 -82.08
C GLN ID 16 175.31 54.06 -81.86
N LYS ID 17 176.11 53.90 -82.91
CA LYS ID 17 177.36 53.16 -82.77
C LYS ID 17 178.23 53.75 -81.67
N MET ID 18 178.30 55.07 -81.60
CA MET ID 18 179.02 55.70 -80.50
C MET ID 18 178.20 55.67 -79.23
N LEU ID 19 176.88 55.79 -79.34
CA LEU ID 19 176.01 55.65 -78.17
C LEU ID 19 176.24 54.31 -77.50
N ARG ID 20 176.26 53.23 -78.29
CA ARG ID 20 176.60 51.92 -77.76
C ARG ID 20 177.98 51.94 -77.11
N LYS ID 21 178.95 52.56 -77.78
CA LYS ID 21 180.29 52.69 -77.21
C LYS ID 21 180.25 53.48 -75.91
N ALA ID 22 179.54 54.60 -75.91
CA ALA ID 22 179.43 55.40 -74.70
C ALA ID 22 178.77 54.60 -73.58
N ARG ID 23 177.71 53.87 -73.90
CA ARG ID 23 177.09 53.00 -72.91
C ARG ID 23 178.07 51.92 -72.46
N ARG ID 24 178.81 51.33 -73.41
CA ARG ID 24 179.75 50.27 -73.06
C ARG ID 24 180.82 50.77 -72.10
N LYS ID 25 181.38 51.95 -72.36
CA LYS ID 25 182.34 52.52 -71.43
C LYS ID 25 181.68 52.82 -70.09
N LEU ID 26 180.43 53.30 -70.12
CA LEU ID 26 179.73 53.58 -68.87
C LEU ID 26 179.60 52.32 -68.02
N ILE ID 27 179.34 51.18 -68.65
CA ILE ID 27 179.32 49.92 -67.91
C ILE ID 27 180.67 49.67 -67.26
N TYR ID 28 181.74 49.85 -68.04
CA TYR ID 28 183.09 49.55 -67.55
C TYR ID 28 183.42 50.39 -66.33
N GLU ID 29 183.22 51.71 -66.41
CA GLU ID 29 183.56 52.58 -65.29
C GLU ID 29 182.72 52.26 -64.07
N LYS ID 30 181.40 52.13 -64.25
CA LYS ID 30 180.53 51.85 -63.12
C LYS ID 30 180.83 50.48 -62.51
N ALA ID 31 181.20 49.51 -63.34
CA ALA ID 31 181.64 48.23 -62.81
C ALA ID 31 182.88 48.38 -61.94
N LYS ID 32 183.85 49.18 -62.40
CA LYS ID 32 185.00 49.48 -61.56
C LYS ID 32 184.57 50.21 -60.29
N HIS ID 33 183.62 51.14 -60.42
CA HIS ID 33 183.10 51.83 -59.25
C HIS ID 33 182.53 50.86 -58.25
N TYR ID 34 181.78 49.87 -58.71
CA TYR ID 34 181.23 48.87 -57.82
C TYR ID 34 182.33 48.09 -57.12
N HIS ID 35 183.37 47.69 -57.86
CA HIS ID 35 184.47 46.95 -57.26
C HIS ID 35 185.16 47.77 -56.18
N LYS ID 36 185.40 49.05 -56.45
CA LYS ID 36 185.98 49.91 -55.44
C LYS ID 36 185.09 49.97 -54.20
N GLU ID 37 183.78 50.08 -54.41
CA GLU ID 37 182.85 50.07 -53.29
C GLU ID 37 182.89 48.74 -52.54
N TYR ID 38 182.91 47.63 -53.28
CA TYR ID 38 182.95 46.33 -52.63
C TYR ID 38 184.19 46.17 -51.77
N ARG ID 39 185.34 46.57 -52.31
CA ARG ID 39 186.59 46.42 -51.56
C ARG ID 39 186.57 47.26 -50.29
N GLN ID 40 186.01 48.47 -50.37
CA GLN ID 40 185.91 49.31 -49.18
C GLN ID 40 185.07 48.64 -48.10
N MET ID 41 183.91 48.09 -48.48
CA MET ID 41 183.04 47.48 -47.49
C MET ID 41 183.73 46.31 -46.79
N TYR ID 42 184.43 45.47 -47.56
CA TYR ID 42 185.12 44.34 -46.97
C TYR ID 42 186.23 44.79 -46.03
N ARG ID 43 187.08 45.69 -46.50
CA ARG ID 43 188.20 46.14 -45.66
C ARG ID 43 187.73 46.98 -44.48
N THR ID 44 186.74 47.86 -44.69
CA THR ID 44 186.23 48.63 -43.56
C THR ID 44 185.72 47.72 -42.45
N GLU ID 45 184.95 46.70 -42.81
CA GLU ID 45 184.46 45.76 -41.81
C GLU ID 45 185.60 45.11 -41.06
N ILE ID 46 186.65 44.68 -41.76
CA ILE ID 46 187.79 44.06 -41.11
C ILE ID 46 188.47 45.03 -40.17
N ARG ID 47 188.76 46.24 -40.64
CA ARG ID 47 189.36 47.25 -39.80
C ARG ID 47 188.37 47.71 -38.78
N MET ID 48 187.10 47.80 -39.04
CA MET ID 48 186.14 48.20 -38.02
C MET ID 48 186.11 47.17 -36.90
N ALA ID 49 186.22 45.90 -37.24
CA ALA ID 49 186.36 44.88 -36.21
C ALA ID 49 187.74 44.91 -35.57
N ARG ID 50 188.73 45.48 -36.26
CA ARG ID 50 190.11 45.38 -35.79
C ARG ID 50 190.36 46.23 -34.56
N MET ID 51 190.06 47.53 -34.63
CA MET ID 51 190.45 48.43 -33.53
C MET ID 51 189.55 48.29 -32.31
N ALA ID 52 188.33 47.79 -32.48
CA ALA ID 52 187.52 47.46 -31.31
C ALA ID 52 188.23 46.43 -30.45
N ARG ID 53 188.83 45.42 -31.08
CA ARG ID 53 189.70 44.50 -30.36
C ARG ID 53 190.87 45.24 -29.73
N LYS ID 54 191.48 46.16 -30.48
CA LYS ID 54 192.55 46.97 -29.93
C LYS ID 54 192.06 47.79 -28.75
N ALA ID 55 190.86 48.37 -28.87
CA ALA ID 55 190.26 49.06 -27.75
C ALA ID 55 189.85 48.10 -26.64
N GLY ID 56 189.76 46.81 -26.93
CA GLY ID 56 189.35 45.82 -25.96
C GLY ID 56 187.86 45.56 -25.90
N ASN ID 57 187.06 46.35 -26.61
CA ASN ID 57 185.62 46.17 -26.61
C ASN ID 57 185.22 45.34 -27.83
N PHE ID 58 183.92 45.08 -27.97
CA PHE ID 58 183.39 44.23 -29.02
C PHE ID 58 182.64 45.09 -30.04
N TYR ID 59 182.89 44.82 -31.31
CA TYR ID 59 182.11 45.41 -32.38
C TYR ID 59 181.20 44.34 -32.97
N VAL ID 60 179.89 44.58 -32.89
CA VAL ID 60 178.88 43.69 -33.47
C VAL ID 60 178.62 44.14 -34.90
N PRO ID 61 178.73 43.25 -35.88
CA PRO ID 61 178.30 43.61 -37.23
C PRO ID 61 176.78 43.63 -37.31
N ALA ID 62 176.27 44.38 -38.27
CA ALA ID 62 174.83 44.47 -38.45
C ALA ID 62 174.30 43.15 -38.95
N GLU ID 63 173.16 42.73 -38.44
CA GLU ID 63 172.53 41.53 -38.95
C GLU ID 63 172.26 41.74 -40.44
N PRO ID 64 172.71 40.83 -41.31
CA PRO ID 64 172.69 41.10 -42.74
C PRO ID 64 171.28 41.34 -43.26
N LYS ID 65 171.19 42.24 -44.23
CA LYS ID 65 169.92 42.64 -44.80
C LYS ID 65 169.50 41.78 -45.99
N LEU ID 66 170.33 40.82 -46.38
CA LEU ID 66 170.03 39.95 -47.52
C LEU ID 66 170.19 38.50 -47.10
N ALA ID 67 169.22 37.67 -47.46
CA ALA ID 67 169.32 36.23 -47.25
C ALA ID 67 168.90 35.50 -48.51
N PHE ID 68 169.52 34.35 -48.73
CA PHE ID 68 169.17 33.46 -49.82
C PHE ID 68 168.55 32.21 -49.23
N VAL ID 69 167.41 31.81 -49.76
CA VAL ID 69 166.63 30.70 -49.20
C VAL ID 69 166.35 29.70 -50.31
N ILE ID 70 166.41 28.41 -49.98
CA ILE ID 70 166.17 27.33 -50.92
C ILE ID 70 165.17 26.36 -50.31
N ARG ID 71 164.13 26.01 -51.08
CA ARG ID 71 163.19 24.99 -50.65
C ARG ID 71 163.86 23.63 -50.75
N ILE ID 72 163.80 22.85 -49.66
CA ILE ID 72 164.53 21.60 -49.59
C ILE ID 72 163.60 20.43 -49.27
N ARG ID 73 162.33 20.54 -49.60
CA ARG ID 73 161.38 19.46 -49.41
C ARG ID 73 160.39 19.44 -50.56
N GLY ID 74 159.77 18.28 -50.76
CA GLY ID 74 158.85 18.09 -51.86
C GLY ID 74 157.56 18.87 -51.72
N ILE ID 75 156.55 18.47 -52.49
CA ILE ID 75 155.25 19.12 -52.46
C ILE ID 75 154.16 18.18 -52.00
N ASN ID 76 154.52 17.02 -51.45
CA ASN ID 76 153.55 16.05 -50.97
C ASN ID 76 153.22 16.36 -49.51
N GLY ID 77 151.94 16.56 -49.22
CA GLY ID 77 151.52 16.82 -47.85
C GLY ID 77 152.02 18.14 -47.32
N VAL ID 78 151.54 19.24 -47.87
CA VAL ID 78 151.95 20.57 -47.47
C VAL ID 78 150.81 21.25 -46.73
N SER ID 79 151.08 21.67 -45.49
CA SER ID 79 150.06 22.34 -44.71
C SER ID 79 149.67 23.65 -45.39
N PRO ID 80 148.42 24.08 -45.26
CA PRO ID 80 147.97 25.26 -46.02
C PRO ID 80 148.75 26.52 -45.71
N LYS ID 81 148.95 26.83 -44.44
CA LYS ID 81 149.73 28.01 -44.09
C LYS ID 81 151.16 27.91 -44.62
N VAL ID 82 151.77 26.73 -44.46
CA VAL ID 82 153.12 26.53 -44.99
C VAL ID 82 153.11 26.63 -46.50
N ARG ID 83 152.10 26.04 -47.15
CA ARG ID 83 152.05 26.07 -48.60
C ARG ID 83 151.95 27.49 -49.13
N LYS ID 84 151.09 28.31 -48.53
CA LYS ID 84 150.87 29.66 -49.04
C LYS ID 84 152.14 30.48 -48.98
N VAL ID 85 152.89 30.35 -47.89
CA VAL ID 85 154.12 31.12 -47.74
C VAL ID 85 155.10 30.79 -48.86
N LEU ID 86 155.21 29.51 -49.21
CA LEU ID 86 156.12 29.11 -50.27
C LEU ID 86 155.78 29.80 -51.58
N GLN ID 87 154.49 29.92 -51.90
CA GLN ID 87 154.09 30.66 -53.09
C GLN ID 87 154.48 32.13 -52.97
N LEU ID 88 154.32 32.72 -51.79
CA LEU ID 88 154.70 34.11 -51.59
C LEU ID 88 156.18 34.34 -51.81
N LEU ID 89 157.00 33.32 -51.64
CA LEU ID 89 158.43 33.43 -51.86
C LEU ID 89 158.86 32.93 -53.23
N ARG ID 90 157.91 32.50 -54.05
CA ARG ID 90 158.19 31.90 -55.36
C ARG ID 90 159.02 30.63 -55.23
N LEU ID 91 158.89 29.94 -54.09
CA LEU ID 91 159.53 28.64 -53.87
C LEU ID 91 158.51 27.55 -54.22
N ARG ID 92 158.14 27.51 -55.49
CA ARG ID 92 157.10 26.62 -55.96
C ARG ID 92 157.62 25.24 -56.32
N GLN ID 93 158.90 24.97 -56.08
CA GLN ID 93 159.51 23.72 -56.50
C GLN ID 93 160.63 23.39 -55.52
N ILE ID 94 160.98 22.11 -55.45
CA ILE ID 94 162.12 21.69 -54.66
C ILE ID 94 163.38 22.22 -55.32
N PHE ID 95 164.27 22.79 -54.52
CA PHE ID 95 165.50 23.42 -54.99
C PHE ID 95 165.20 24.54 -55.99
N ASN ID 96 164.50 25.56 -55.50
CA ASN ID 96 164.08 26.69 -56.32
C ASN ID 96 164.50 28.00 -55.68
N GLY ID 97 165.76 28.09 -55.28
CA GLY ID 97 166.16 29.17 -54.39
C GLY ID 97 166.02 30.55 -55.00
N THR ID 98 165.86 31.54 -54.13
CA THR ID 98 165.74 32.93 -54.51
C THR ID 98 166.19 33.81 -53.35
N PHE ID 99 166.38 35.09 -53.65
CA PHE ID 99 166.76 36.05 -52.63
C PHE ID 99 165.54 36.60 -51.91
N VAL ID 100 165.77 37.09 -50.70
CA VAL ID 100 164.72 37.71 -49.89
C VAL ID 100 165.35 38.81 -49.06
N LYS ID 101 164.85 40.04 -49.21
CA LYS ID 101 165.28 41.13 -48.36
C LYS ID 101 164.90 40.83 -46.92
N LEU ID 102 165.83 41.05 -46.00
CA LEU ID 102 165.65 40.64 -44.61
C LEU ID 102 165.03 41.78 -43.82
N ASN ID 103 163.98 41.47 -43.07
CA ASN ID 103 163.34 42.40 -42.15
C ASN ID 103 162.44 41.57 -41.24
N LYS ID 104 161.89 42.22 -40.21
CA LYS ID 104 161.11 41.50 -39.22
C LYS ID 104 159.92 40.80 -39.86
N ALA ID 105 159.22 41.48 -40.76
CA ALA ID 105 158.07 40.87 -41.42
C ALA ID 105 158.49 39.64 -42.22
N SER ID 106 159.53 39.78 -43.04
CA SER ID 106 160.00 38.65 -43.84
C SER ID 106 160.57 37.55 -42.95
N ILE ID 107 161.33 37.92 -41.91
CA ILE ID 107 161.96 36.91 -41.07
C ILE ID 107 160.91 36.00 -40.46
N ASN ID 108 159.83 36.57 -39.94
CA ASN ID 108 158.75 35.76 -39.43
C ASN ID 108 158.22 34.80 -40.48
N MET ID 109 158.09 35.26 -41.73
CA MET ID 109 157.66 34.37 -42.79
C MET ID 109 158.60 33.18 -42.92
N LEU ID 110 159.90 33.43 -42.84
CA LEU ID 110 160.86 32.32 -42.83
C LEU ID 110 160.62 31.41 -41.63
N ARG ID 111 160.29 31.98 -40.49
CA ARG ID 111 160.04 31.17 -39.30
C ARG ID 111 158.89 30.21 -39.51
N ILE ID 112 157.82 30.68 -40.17
CA ILE ID 112 156.67 29.81 -40.41
C ILE ID 112 157.07 28.60 -41.25
N VAL ID 113 157.77 28.83 -42.35
CA VAL ID 113 158.28 27.73 -43.17
C VAL ID 113 159.67 27.40 -42.64
N GLU ID 114 159.69 26.67 -41.53
CA GLU ID 114 160.96 26.24 -40.97
C GLU ID 114 161.50 24.98 -41.64
N PRO ID 115 160.74 23.88 -41.68
CA PRO ID 115 161.33 22.61 -42.13
C PRO ID 115 161.41 22.47 -43.64
N TYR ID 116 160.73 23.32 -44.39
CA TYR ID 116 160.70 23.19 -45.84
C TYR ID 116 161.81 23.96 -46.54
N ILE ID 117 162.57 24.78 -45.82
CA ILE ID 117 163.57 25.63 -46.43
C ILE ID 117 164.89 25.49 -45.69
N ALA ID 118 165.94 26.02 -46.33
CA ALA ID 118 167.25 26.16 -45.71
C ALA ID 118 167.84 27.45 -46.25
N TRP ID 119 168.18 28.38 -45.36
CA TRP ID 119 168.57 29.71 -45.79
C TRP ID 119 169.75 30.23 -44.98
N GLY ID 120 170.45 31.18 -45.58
CA GLY ID 120 171.60 31.78 -44.95
C GLY ID 120 171.94 33.08 -45.63
N TYR ID 121 173.15 33.57 -45.37
CA TYR ID 121 173.56 34.87 -45.90
C TYR ID 121 174.58 34.67 -46.99
N PRO ID 122 174.22 34.86 -48.25
CA PRO ID 122 175.19 34.66 -49.33
C PRO ID 122 176.25 35.75 -49.32
N ASN ID 123 177.41 35.43 -49.86
CA ASN ID 123 178.49 36.38 -49.96
C ASN ID 123 178.63 36.85 -51.41
N LEU ID 124 179.58 37.75 -51.65
CA LEU ID 124 179.68 38.40 -52.95
C LEU ID 124 179.98 37.40 -54.05
N LYS ID 125 180.86 36.43 -53.79
CA LYS ID 125 181.11 35.40 -54.79
C LYS ID 125 179.85 34.60 -55.07
N SER ID 126 179.10 34.24 -54.02
CA SER ID 126 177.89 33.45 -54.21
C SER ID 126 176.87 34.19 -55.06
N VAL ID 127 176.58 35.44 -54.71
CA VAL ID 127 175.60 36.20 -55.48
C VAL ID 127 176.08 36.37 -56.91
N ASN ID 128 177.39 36.53 -57.11
CA ASN ID 128 177.93 36.60 -58.46
C ASN ID 128 177.63 35.31 -59.23
N GLU ID 129 177.92 34.16 -58.60
CA GLU ID 129 177.77 32.90 -59.30
C GLU ID 129 176.31 32.64 -59.68
N LEU ID 130 175.38 32.96 -58.79
CA LEU ID 130 173.98 32.65 -59.03
C LEU ID 130 173.44 33.40 -60.25
N ILE ID 131 173.61 34.72 -60.27
CA ILE ID 131 173.02 35.49 -61.36
C ILE ID 131 173.73 35.19 -62.67
N TYR ID 132 175.02 34.88 -62.61
CA TYR ID 132 175.74 34.61 -63.85
C TYR ID 132 175.39 33.23 -64.39
N LYS ID 133 175.58 32.18 -63.59
CA LYS ID 133 175.43 30.82 -64.10
C LYS ID 133 173.97 30.45 -64.33
N ARG ID 134 173.09 30.86 -63.41
CA ARG ID 134 171.68 30.48 -63.48
C ARG ID 134 170.74 31.68 -63.40
N GLY ID 135 171.20 32.86 -63.83
CA GLY ID 135 170.33 34.02 -63.82
C GLY ID 135 169.37 34.08 -64.99
N TYR ID 136 168.08 34.14 -64.70
CA TYR ID 136 167.04 34.22 -65.71
C TYR ID 136 166.10 35.36 -65.39
N GLY ID 137 165.61 36.02 -66.43
CA GLY ID 137 164.77 37.20 -66.27
C GLY ID 137 163.32 36.91 -66.62
N LYS ID 138 162.43 37.67 -66.00
CA LYS ID 138 160.99 37.58 -66.27
C LYS ID 138 160.60 38.74 -67.17
N ILE ID 139 160.83 38.55 -68.47
CA ILE ID 139 160.47 39.52 -69.49
C ILE ID 139 159.19 39.05 -70.15
N ASN ID 140 158.16 39.91 -70.14
CA ASN ID 140 156.87 39.59 -70.72
C ASN ID 140 156.32 38.27 -70.16
N LYS ID 141 156.52 38.07 -68.87
CA LYS ID 141 156.11 36.84 -68.18
C LYS ID 141 156.72 35.60 -68.81
N LYS ID 142 157.88 35.75 -69.46
CA LYS ID 142 158.61 34.64 -70.05
C LYS ID 142 159.93 34.48 -69.33
N ARG ID 143 160.31 33.23 -69.07
CA ARG ID 143 161.60 32.95 -68.42
C ARG ID 143 162.68 33.03 -69.48
N ILE ID 144 163.43 34.14 -69.46
CA ILE ID 144 164.42 34.43 -70.49
C ILE ID 144 165.80 34.46 -69.83
N ALA ID 145 166.74 33.74 -70.45
CA ALA ID 145 168.11 33.75 -69.97
C ALA ID 145 168.74 35.13 -70.18
N LEU ID 146 169.49 35.58 -69.18
CA LEU ID 146 170.10 36.91 -69.20
C LEU ID 146 171.39 36.83 -69.99
N THR ID 147 171.25 36.65 -71.30
CA THR ID 147 172.41 36.53 -72.18
C THR ID 147 172.92 37.87 -72.68
N ASP ID 148 172.15 38.95 -72.52
CA ASP ID 148 172.57 40.25 -73.01
C ASP ID 148 172.14 41.31 -72.00
N ASN ID 149 172.98 42.34 -71.85
CA ASN ID 149 172.67 43.43 -70.94
C ASN ID 149 171.46 44.24 -71.38
N ALA ID 150 171.24 44.40 -72.69
CA ALA ID 150 170.11 45.19 -73.15
C ALA ID 150 168.79 44.60 -72.68
N LEU ID 151 168.75 43.30 -72.41
CA LEU ID 151 167.55 42.71 -71.83
C LEU ID 151 167.25 43.32 -70.46
N ILE ID 152 168.29 43.55 -69.66
CA ILE ID 152 168.10 44.19 -68.37
C ILE ID 152 167.60 45.62 -68.55
N ALA ID 153 168.22 46.36 -69.47
CA ALA ID 153 167.84 47.75 -69.69
C ALA ID 153 166.43 47.87 -70.25
N ARG ID 154 165.99 46.90 -71.06
CA ARG ID 154 164.65 46.98 -71.65
C ARG ID 154 163.58 46.98 -70.59
N SER ID 155 163.85 46.41 -69.41
CA SER ID 155 162.86 46.30 -68.35
C SER ID 155 163.24 47.07 -67.09
N LEU ID 156 164.52 47.08 -66.73
CA LEU ID 156 164.95 47.72 -65.50
C LEU ID 156 165.71 49.02 -65.73
N GLY ID 157 165.70 49.53 -66.97
CA GLY ID 157 166.40 50.77 -67.25
C GLY ID 157 165.88 51.95 -66.46
N LYS ID 158 164.57 51.97 -66.19
CA LYS ID 158 163.97 53.09 -65.47
C LYS ID 158 164.53 53.24 -64.07
N TYR ID 159 164.99 52.16 -63.45
CA TYR ID 159 165.46 52.19 -62.07
C TYR ID 159 166.96 52.33 -61.97
N GLY ID 160 167.65 52.62 -63.06
CA GLY ID 160 169.09 52.72 -63.05
C GLY ID 160 169.80 51.40 -63.17
N ILE ID 161 169.08 50.28 -63.18
CA ILE ID 161 169.68 48.97 -63.36
C ILE ID 161 169.77 48.74 -64.87
N ILE ID 162 170.96 48.99 -65.42
CA ILE ID 162 171.19 49.05 -66.85
C ILE ID 162 172.40 48.22 -67.27
N CYS ID 163 172.81 47.25 -66.46
CA CYS ID 163 173.84 46.31 -66.88
C CYS ID 163 173.80 45.11 -65.93
N MET ID 164 174.57 44.08 -66.29
CA MET ID 164 174.68 42.91 -65.44
C MET ID 164 175.14 43.29 -64.04
N GLU ID 165 176.17 44.12 -63.94
CA GLU ID 165 176.74 44.45 -62.64
C GLU ID 165 175.75 45.23 -61.78
N ASP ID 166 174.90 46.06 -62.39
CA ASP ID 166 173.88 46.75 -61.62
C ASP ID 166 173.00 45.77 -60.87
N LEU ID 167 172.59 44.69 -61.54
CA LEU ID 167 171.73 43.71 -60.89
C LEU ID 167 172.46 43.07 -59.72
N ILE ID 168 173.74 42.72 -59.91
CA ILE ID 168 174.52 42.20 -58.80
C ILE ID 168 174.61 43.22 -57.68
N HIS ID 169 174.96 44.47 -58.02
CA HIS ID 169 175.09 45.49 -56.99
C HIS ID 169 173.76 45.79 -56.31
N GLU ID 170 172.69 45.87 -57.09
CA GLU ID 170 171.38 46.11 -56.51
C GLU ID 170 170.98 44.98 -55.56
N ILE ID 171 171.42 43.76 -55.82
CA ILE ID 171 171.04 42.65 -54.97
C ILE ID 171 171.95 42.56 -53.75
N TYR ID 172 173.27 42.49 -53.98
CA TYR ID 172 174.22 42.20 -52.91
C TYR ID 172 174.03 43.13 -51.73
N THR ID 173 174.13 44.43 -51.97
CA THR ID 173 173.63 45.41 -51.01
C THR ID 173 172.23 45.80 -51.46
N VAL ID 174 171.25 45.61 -50.58
CA VAL ID 174 169.88 45.90 -50.97
C VAL ID 174 169.74 47.39 -51.27
N GLY ID 175 169.17 47.69 -52.43
CA GLY ID 175 169.00 49.04 -52.87
C GLY ID 175 167.58 49.54 -52.68
N LYS ID 176 167.38 50.82 -53.00
CA LYS ID 176 166.05 51.39 -52.93
C LYS ID 176 165.08 50.62 -53.81
N ARG ID 177 165.58 50.05 -54.90
CA ARG ID 177 164.76 49.30 -55.84
C ARG ID 177 165.08 47.81 -55.83
N PHE ID 178 165.35 47.27 -54.64
CA PHE ID 178 165.62 45.85 -54.54
C PHE ID 178 164.41 45.02 -54.95
N LYS ID 179 163.21 45.45 -54.54
CA LYS ID 179 162.02 44.66 -54.77
C LYS ID 179 161.77 44.44 -56.25
N GLU ID 180 161.91 45.49 -57.07
CA GLU ID 180 161.75 45.31 -58.51
C GLU ID 180 162.77 44.35 -59.07
N ALA ID 181 164.03 44.49 -58.65
CA ALA ID 181 165.07 43.61 -59.17
C ALA ID 181 164.82 42.16 -58.81
N ASN ID 182 164.46 41.90 -57.55
CA ASN ID 182 164.21 40.52 -57.14
C ASN ID 182 163.03 39.93 -57.89
N ASN ID 183 162.00 40.75 -58.13
CA ASN ID 183 160.86 40.26 -58.89
C ASN ID 183 161.21 40.04 -60.34
N PHE ID 184 162.13 40.84 -60.89
CA PHE ID 184 162.54 40.65 -62.27
C PHE ID 184 163.24 39.31 -62.47
N LEU ID 185 164.10 38.94 -61.51
CA LEU ID 185 164.83 37.69 -61.62
C LEU ID 185 163.86 36.52 -61.49
N TRP ID 186 163.99 35.56 -62.38
CA TRP ID 186 163.29 34.30 -62.19
C TRP ID 186 163.87 33.58 -60.98
N PRO ID 187 163.07 32.84 -60.22
CA PRO ID 187 163.62 32.04 -59.14
C PRO ID 187 164.64 31.05 -59.69
N PHE ID 188 165.74 30.89 -58.96
CA PHE ID 188 166.84 30.07 -59.44
C PHE ID 188 166.48 28.59 -59.36
N LYS ID 189 166.66 27.88 -60.46
CA LYS ID 189 166.35 26.45 -60.54
C LYS ID 189 167.67 25.69 -60.49
N LEU ID 190 168.11 25.39 -59.27
CA LEU ID 190 169.38 24.75 -59.05
C LEU ID 190 169.27 23.24 -59.18
N SER ID 191 170.40 22.60 -59.48
CA SER ID 191 170.49 21.15 -59.48
C SER ID 191 170.46 20.64 -58.08
N SER ID 192 170.36 19.33 -57.89
CA SER ID 192 170.41 18.73 -56.57
C SER ID 192 171.81 18.91 -55.96
N PRO ID 193 171.88 19.06 -54.64
CA PRO ID 193 173.19 19.34 -53.99
C PRO ID 193 174.15 18.20 -54.21
N ARG ID 194 175.20 18.46 -54.98
CA ARG ID 194 176.20 17.44 -55.20
C ARG ID 194 176.90 17.11 -53.90
N GLY ID 195 177.01 15.81 -53.60
CA GLY ID 195 177.62 15.36 -52.37
C GLY ID 195 176.68 15.17 -51.20
N GLY ID 196 175.37 15.13 -51.44
CA GLY ID 196 174.43 14.86 -50.38
C GLY ID 196 174.29 16.02 -49.41
N MET ID 197 173.40 15.83 -48.44
CA MET ID 197 173.13 16.89 -47.47
C MET ID 197 172.93 16.36 -46.05
N LYS ID 198 173.06 15.05 -45.83
CA LYS ID 198 173.18 14.44 -44.51
C LYS ID 198 171.88 14.47 -43.70
N LYS ID 199 170.87 15.19 -44.16
CA LYS ID 199 169.53 15.13 -43.57
C LYS ID 199 168.61 16.06 -44.35
N LYS ID 200 167.31 15.86 -44.18
CA LYS ID 200 166.33 16.72 -44.81
C LYS ID 200 165.24 17.12 -43.84
N THR ID 201 164.99 16.31 -42.83
CA THR ID 201 163.82 16.45 -41.98
C THR ID 201 164.12 17.14 -40.66
N THR ID 202 165.36 17.53 -40.39
CA THR ID 202 165.71 18.13 -39.11
C THR ID 202 166.42 19.46 -39.34
N HIS ID 203 166.47 20.25 -38.28
CA HIS ID 203 167.06 21.58 -38.38
C HIS ID 203 168.58 21.49 -38.53
N PHE ID 204 169.15 22.57 -39.07
CA PHE ID 204 170.60 22.61 -39.26
C PHE ID 204 171.33 22.53 -37.93
N VAL ID 205 170.85 23.25 -36.92
CA VAL ID 205 171.54 23.32 -35.63
C VAL ID 205 171.60 21.94 -34.98
N GLU ID 206 170.70 21.05 -35.38
CA GLU ID 206 170.68 19.68 -34.88
C GLU ID 206 171.20 18.71 -35.93
N GLY ID 207 172.17 19.16 -36.72
CA GLY ID 207 172.83 18.30 -37.69
C GLY ID 207 172.10 18.11 -38.99
N GLY ID 208 170.91 18.68 -39.14
CA GLY ID 208 170.16 18.59 -40.37
C GLY ID 208 170.46 19.75 -41.29
N ASP ID 209 169.50 20.07 -42.16
CA ASP ID 209 169.65 21.19 -43.08
C ASP ID 209 168.51 22.19 -43.00
N ALA ID 210 167.35 21.80 -42.51
CA ALA ID 210 166.23 22.72 -42.45
C ALA ID 210 166.55 23.89 -41.52
N GLY ID 211 165.99 25.04 -41.85
CA GLY ID 211 166.18 26.21 -41.01
C GLY ID 211 167.31 27.10 -41.46
N ASN ID 212 167.75 27.95 -40.54
CA ASN ID 212 168.71 29.01 -40.85
C ASN ID 212 170.10 28.55 -40.45
N ARG ID 213 170.94 28.29 -41.45
CA ARG ID 213 172.37 28.22 -41.21
C ARG ID 213 172.97 29.61 -41.44
N GLU ID 214 173.91 30.00 -40.60
CA GLU ID 214 174.40 31.38 -40.58
C GLU ID 214 174.98 31.79 -41.92
N ASP ID 215 176.08 31.17 -42.32
CA ASP ID 215 176.73 31.52 -43.57
C ASP ID 215 177.18 30.30 -44.36
N GLN ID 216 177.01 29.10 -43.81
CA GLN ID 216 177.33 27.88 -44.56
C GLN ID 216 176.41 27.69 -45.76
N ILE ID 217 175.44 28.57 -45.95
CA ILE ID 217 174.66 28.55 -47.17
C ILE ID 217 175.54 28.75 -48.39
N ASN ID 218 176.67 29.44 -48.22
CA ASN ID 218 177.61 29.60 -49.33
C ASN ID 218 178.20 28.26 -49.73
N ARG ID 219 178.56 27.43 -48.75
CA ARG ID 219 179.02 26.08 -49.07
C ARG ID 219 177.96 25.32 -49.87
N LEU ID 220 176.72 25.35 -49.39
CA LEU ID 220 175.66 24.62 -50.06
C LEU ID 220 175.44 25.14 -51.47
N ILE ID 221 175.56 26.45 -51.65
CA ILE ID 221 175.41 27.04 -52.98
C ILE ID 221 176.48 26.49 -53.92
N ARG ID 222 177.72 26.41 -53.46
CA ARG ID 222 178.78 25.86 -54.30
C ARG ID 222 178.48 24.43 -54.70
N ARG ID 223 177.66 23.73 -53.91
CA ARG ID 223 177.35 22.35 -54.20
C ARG ID 223 176.09 22.23 -55.05
N MET ID 224 175.22 23.22 -55.00
CA MET ID 224 174.04 23.19 -55.84
C MET ID 224 174.35 23.42 -57.30
N ASN ID 225 174.83 24.61 -57.60
CA ASN ID 225 175.12 25.00 -58.97
C ASN ID 225 176.62 24.92 -59.27
N LYS JD 1 2.94 -58.85 -74.73
CA LYS JD 1 2.09 -59.93 -75.21
C LYS JD 1 2.92 -61.04 -75.86
N VAL JD 2 3.82 -60.66 -76.76
CA VAL JD 2 4.79 -61.58 -77.35
C VAL JD 2 6.22 -61.09 -77.09
N VAL JD 3 6.37 -60.07 -76.24
CA VAL JD 3 7.70 -59.55 -75.93
C VAL JD 3 8.56 -60.68 -75.36
N ASN JD 4 9.77 -60.79 -75.87
CA ASN JD 4 10.63 -61.92 -75.55
C ASN JD 4 10.95 -61.96 -74.06
N PRO JD 5 10.78 -63.09 -73.39
CA PRO JD 5 11.07 -63.15 -71.94
C PRO JD 5 12.52 -62.86 -71.61
N LEU JD 6 13.47 -63.14 -72.50
CA LEU JD 6 14.87 -62.95 -72.17
C LEU JD 6 15.22 -61.49 -71.94
N PHE JD 7 14.34 -60.57 -72.35
CA PHE JD 7 14.58 -59.15 -72.10
C PHE JD 7 14.38 -58.84 -70.63
N GLU JD 8 15.16 -57.86 -70.14
CA GLU JD 8 14.97 -57.39 -68.77
C GLU JD 8 15.67 -56.04 -68.61
N LYS JD 9 15.38 -55.41 -67.48
CA LYS JD 9 16.08 -54.20 -67.09
C LYS JD 9 17.41 -54.56 -66.43
N ARG JD 10 18.36 -53.62 -66.52
CA ARG JD 10 19.64 -53.75 -65.83
C ARG JD 10 20.20 -52.36 -65.58
N PRO JD 11 19.57 -51.57 -64.72
CA PRO JD 11 20.10 -50.25 -64.41
C PRO JD 11 21.37 -50.37 -63.59
N LYS JD 12 22.22 -49.34 -63.70
CA LYS JD 12 23.45 -49.28 -62.93
C LYS JD 12 23.39 -48.07 -62.01
N ASN JD 13 23.32 -48.34 -60.71
CA ASN JD 13 23.29 -47.26 -59.72
C ASN JD 13 24.66 -46.60 -59.67
N PHE JD 14 24.67 -45.28 -59.73
CA PHE JD 14 25.91 -44.51 -59.83
C PHE JD 14 26.31 -43.90 -58.49
N GLY JD 15 25.97 -44.56 -57.39
CA GLY JD 15 26.44 -44.12 -56.10
C GLY JD 15 27.93 -44.36 -55.97
N ILE JD 16 28.51 -43.71 -54.95
CA ILE JD 16 29.95 -43.81 -54.74
C ILE JD 16 30.30 -45.25 -54.43
N GLY JD 17 31.32 -45.76 -55.13
CA GLY JD 17 31.74 -47.14 -54.97
C GLY JD 17 31.04 -48.13 -55.87
N GLN JD 18 30.00 -47.71 -56.58
CA GLN JD 18 29.28 -48.57 -57.51
C GLN JD 18 29.89 -48.44 -58.90
N ASP JD 19 29.16 -48.89 -59.92
CA ASP JD 19 29.66 -48.92 -61.29
C ASP JD 19 30.17 -47.54 -61.71
N ILE JD 20 31.02 -47.54 -62.75
CA ILE JD 20 31.71 -46.33 -63.17
C ILE JD 20 30.71 -45.26 -63.56
N GLN JD 21 31.01 -44.02 -63.19
CA GLN JD 21 30.12 -42.93 -63.48
C GLN JD 21 30.00 -42.72 -65.00
N PRO JD 22 28.85 -42.26 -65.47
CA PRO JD 22 28.65 -42.12 -66.91
C PRO JD 22 29.46 -40.96 -67.48
N LYS JD 23 29.57 -40.97 -68.81
CA LYS JD 23 30.29 -39.93 -69.55
C LYS JD 23 29.43 -38.67 -69.58
N ARG JD 24 29.23 -38.08 -68.41
CA ARG JD 24 28.45 -36.86 -68.32
C ARG JD 24 29.28 -35.66 -68.77
N ASP JD 25 28.65 -34.50 -68.82
CA ASP JD 25 29.35 -33.30 -69.27
C ASP JD 25 30.31 -32.81 -68.19
N LEU JD 26 31.42 -32.22 -68.64
CA LEU JD 26 32.41 -31.62 -67.74
C LEU JD 26 32.78 -30.22 -68.21
N THR JD 27 31.87 -29.57 -68.94
CA THR JD 27 32.18 -28.27 -69.52
C THR JD 27 32.56 -27.25 -68.46
N ARG JD 28 31.92 -27.32 -67.29
CA ARG JD 28 32.27 -26.40 -66.22
C ARG JD 28 33.67 -26.65 -65.69
N PHE JD 29 34.23 -27.84 -65.94
CA PHE JD 29 35.50 -28.25 -65.37
C PHE JD 29 36.53 -28.59 -66.44
N VAL JD 30 36.61 -27.78 -67.48
CA VAL JD 30 37.52 -28.02 -68.58
C VAL JD 30 38.79 -27.19 -68.38
N LYS JD 31 39.94 -27.83 -68.56
CA LYS JD 31 41.19 -27.09 -68.56
C LYS JD 31 41.25 -26.28 -69.85
N TRP JD 32 40.68 -25.09 -69.82
CA TRP JD 32 40.60 -24.28 -71.02
C TRP JD 32 41.98 -23.73 -71.39
N PRO JD 33 42.25 -23.56 -72.67
CA PRO JD 33 43.50 -22.91 -73.10
C PRO JD 33 43.62 -21.52 -72.47
N ARG JD 34 44.86 -21.00 -72.51
CA ARG JD 34 45.12 -19.72 -71.87
C ARG JD 34 44.27 -18.61 -72.46
N TYR JD 35 44.18 -18.54 -73.78
CA TYR JD 35 43.48 -17.42 -74.40
C TYR JD 35 41.99 -17.44 -74.07
N ILE JD 36 41.36 -18.61 -74.09
CA ILE JD 36 39.96 -18.68 -73.67
C ILE JD 36 39.83 -18.27 -72.22
N ARG JD 37 40.72 -18.76 -71.37
CA ARG JD 37 40.71 -18.36 -69.97
C ARG JD 37 40.86 -16.84 -69.84
N LEU JD 38 41.64 -16.24 -70.73
CA LEU JD 38 41.85 -14.80 -70.65
C LEU JD 38 40.55 -14.05 -70.91
N GLN JD 39 39.87 -14.38 -72.00
CA GLN JD 39 38.65 -13.65 -72.35
C GLN JD 39 37.58 -13.82 -71.28
N ARG JD 40 37.36 -15.05 -70.83
CA ARG JD 40 36.36 -15.28 -69.79
C ARG JD 40 36.73 -14.56 -68.52
N GLN JD 41 38.00 -14.59 -68.13
CA GLN JD 41 38.43 -13.85 -66.96
C GLN JD 41 38.31 -12.34 -67.19
N ARG JD 42 38.55 -11.88 -68.42
CA ARG JD 42 38.49 -10.45 -68.68
C ARG JD 42 37.07 -9.93 -68.48
N ALA JD 43 36.08 -10.61 -69.07
CA ALA JD 43 34.70 -10.18 -68.89
C ALA JD 43 34.30 -10.21 -67.42
N ILE JD 44 34.75 -11.24 -66.70
CA ILE JD 44 34.55 -11.28 -65.26
C ILE JD 44 35.16 -10.05 -64.60
N LEU JD 45 36.39 -9.72 -64.99
CA LEU JD 45 37.05 -8.55 -64.43
C LEU JD 45 36.23 -7.29 -64.70
N TYR JD 46 35.60 -7.21 -65.87
CA TYR JD 46 34.74 -6.07 -66.16
C TYR JD 46 33.53 -6.05 -65.25
N LYS JD 47 32.96 -7.22 -64.95
CA LYS JD 47 31.81 -7.28 -64.08
C LYS JD 47 32.15 -7.04 -62.62
N ARG JD 48 33.42 -7.08 -62.24
CA ARG JD 48 33.81 -6.99 -60.85
C ARG JD 48 34.16 -5.57 -60.42
N LEU JD 49 35.08 -4.92 -61.12
CA LEU JD 49 35.57 -3.62 -60.70
C LEU JD 49 34.52 -2.53 -60.92
N LYS JD 50 34.69 -1.42 -60.21
CA LYS JD 50 33.79 -0.28 -60.36
C LYS JD 50 34.06 0.38 -61.71
N VAL JD 51 33.30 0.00 -62.72
CA VAL JD 51 33.50 0.56 -64.05
C VAL JD 51 33.16 2.05 -64.01
N PRO JD 52 34.07 2.92 -64.41
CA PRO JD 52 33.75 4.34 -64.45
C PRO JD 52 32.61 4.60 -65.39
N PRO JD 53 31.72 5.54 -65.06
CA PRO JD 53 30.52 5.76 -65.87
C PRO JD 53 30.83 6.15 -67.31
N ALA JD 54 31.92 6.89 -67.54
CA ALA JD 54 32.24 7.29 -68.90
C ALA JD 54 32.49 6.08 -69.79
N ILE JD 55 32.83 4.94 -69.20
CA ILE JD 55 32.94 3.69 -69.93
C ILE JD 55 31.65 2.91 -69.74
N ASN JD 56 31.14 2.90 -68.50
CA ASN JD 56 29.93 2.16 -68.20
C ASN JD 56 28.75 2.65 -69.02
N GLN JD 57 28.79 3.89 -69.50
CA GLN JD 57 27.72 4.37 -70.36
C GLN JD 57 27.59 3.54 -71.63
N PHE JD 58 28.64 2.83 -72.02
CA PHE JD 58 28.57 1.96 -73.19
C PHE JD 58 27.91 0.63 -72.89
N THR JD 59 27.72 0.28 -71.63
CA THR JD 59 27.07 -1.00 -71.32
C THR JD 59 25.64 -1.03 -71.83
N GLN JD 60 24.84 -0.03 -71.48
CA GLN JD 60 23.49 0.07 -72.00
C GLN JD 60 23.55 0.50 -73.46
N ALA JD 61 22.64 -0.01 -74.28
CA ALA JD 61 22.61 0.31 -75.70
C ALA JD 61 21.16 0.42 -76.15
N LEU JD 62 20.97 0.51 -77.46
CA LEU JD 62 19.63 0.49 -78.02
C LEU JD 62 18.97 -0.86 -77.74
N ASP JD 63 17.66 -0.83 -77.51
CA ASP JD 63 16.94 -2.08 -77.37
C ASP JD 63 16.86 -2.79 -78.72
N ARG JD 64 16.29 -3.99 -78.70
CA ARG JD 64 16.30 -4.85 -79.89
C ARG JD 64 15.55 -4.21 -81.05
N GLN JD 65 14.31 -3.77 -80.82
CA GLN JD 65 13.48 -3.32 -81.93
C GLN JD 65 13.98 -2.01 -82.53
N THR JD 66 14.33 -1.03 -81.69
CA THR JD 66 14.71 0.27 -82.22
C THR JD 66 15.91 0.17 -83.14
N ALA JD 67 16.88 -0.67 -82.79
CA ALA JD 67 18.03 -0.87 -83.67
C ALA JD 67 17.60 -1.46 -85.01
N THR JD 68 16.68 -2.42 -84.99
CA THR JD 68 16.24 -3.04 -86.23
C THR JD 68 15.56 -2.03 -87.14
N GLN JD 69 14.67 -1.21 -86.58
CA GLN JD 69 14.07 -0.14 -87.38
C GLN JD 69 15.12 0.86 -87.83
N LEU JD 70 16.05 1.22 -86.95
CA LEU JD 70 17.10 2.16 -87.32
C LEU JD 70 17.97 1.59 -88.43
N LEU JD 71 18.39 0.33 -88.30
CA LEU JD 71 19.26 -0.27 -89.30
C LEU JD 71 18.56 -0.35 -90.65
N LYS JD 72 17.29 -0.74 -90.66
CA LYS JD 72 16.56 -0.83 -91.93
C LYS JD 72 16.49 0.54 -92.61
N LEU JD 73 16.35 1.61 -91.83
CA LEU JD 73 16.44 2.94 -92.39
C LEU JD 73 17.84 3.25 -92.87
N ALA JD 74 18.84 2.92 -92.05
CA ALA JD 74 20.23 3.16 -92.42
C ALA JD 74 20.63 2.35 -93.65
N HIS JD 75 20.14 1.12 -93.79
CA HIS JD 75 20.47 0.30 -94.93
C HIS JD 75 20.13 0.97 -96.25
N LYS JD 76 19.12 1.83 -96.28
CA LYS JD 76 18.77 2.52 -97.50
C LYS JD 76 19.79 3.59 -97.87
N TYR JD 77 20.74 3.88 -96.98
CA TYR JD 77 21.73 4.93 -97.22
C TYR JD 77 23.15 4.37 -97.20
N ARG JD 78 23.32 3.10 -97.55
CA ARG JD 78 24.66 2.53 -97.60
C ARG JD 78 25.48 3.28 -98.64
N PRO JD 79 26.76 3.55 -98.36
CA PRO JD 79 27.64 4.05 -99.41
C PRO JD 79 27.76 3.01 -100.52
N GLU JD 80 27.86 3.50 -101.75
CA GLU JD 80 27.98 2.60 -102.88
C GLU JD 80 29.25 1.78 -102.79
N THR JD 81 29.17 0.51 -103.13
CA THR JD 81 30.34 -0.34 -103.04
C THR JD 81 31.30 -0.03 -104.18
N LYS JD 82 32.48 -0.64 -104.11
CA LYS JD 82 33.48 -0.43 -105.15
C LYS JD 82 32.93 -0.78 -106.52
N GLN JD 83 32.28 -1.94 -106.64
CA GLN JD 83 31.73 -2.34 -107.93
C GLN JD 83 30.66 -1.38 -108.42
N GLU JD 84 29.71 -1.01 -107.54
CA GLU JD 84 28.69 -0.05 -107.92
C GLU JD 84 29.31 1.30 -108.26
N LYS JD 85 30.44 1.63 -107.63
CA LYS JD 85 31.16 2.84 -108.02
C LYS JD 85 31.62 2.75 -109.46
N LYS JD 86 32.11 1.59 -109.89
CA LYS JD 86 32.53 1.42 -111.28
C LYS JD 86 31.37 1.64 -112.24
N GLN JD 87 30.21 1.07 -111.92
CA GLN JD 87 29.04 1.25 -112.78
C GLN JD 87 28.62 2.71 -112.84
N ARG JD 88 28.70 3.41 -111.71
CA ARG JD 88 28.35 4.83 -111.72
C ARG JD 88 29.31 5.62 -112.60
N LEU JD 89 30.61 5.32 -112.52
CA LEU JD 89 31.59 6.15 -113.21
C LEU JD 89 31.62 5.91 -114.71
N LEU JD 90 31.39 4.67 -115.17
CA LEU JD 90 31.36 4.46 -116.61
C LEU JD 90 30.07 4.99 -117.21
N ALA JD 91 28.95 4.83 -116.50
CA ALA JD 91 27.71 5.44 -116.95
C ALA JD 91 27.83 6.95 -116.96
N ARG JD 92 28.44 7.53 -115.91
CA ARG JD 92 28.67 8.97 -115.91
C ARG JD 92 29.62 9.36 -117.04
N ALA JD 93 30.56 8.49 -117.40
CA ALA JD 93 31.48 8.81 -118.49
C ALA JD 93 30.73 8.92 -119.81
N GLU JD 94 29.70 8.09 -120.01
CA GLU JD 94 28.91 8.17 -121.24
C GLU JD 94 28.01 9.39 -121.24
N LYS JD 95 27.47 9.76 -120.07
CA LYS JD 95 26.48 10.83 -120.01
C LYS JD 95 27.10 12.18 -120.36
N LYS JD 96 28.27 12.48 -119.80
CA LYS JD 96 28.96 13.72 -120.16
C LYS JD 96 29.54 13.66 -121.57
N ALA JD 97 29.83 12.45 -122.06
CA ALA JD 97 30.38 12.30 -123.40
C ALA JD 97 29.40 12.82 -124.45
N ALA JD 98 28.12 12.47 -124.32
CA ALA JD 98 27.10 12.93 -125.24
C ALA JD 98 25.74 12.78 -124.58
N GLY JD 99 25.03 13.89 -124.37
CA GLY JD 99 25.51 15.23 -124.68
C GLY JD 99 25.04 16.26 -123.68
N LYS JD 100 24.63 15.79 -122.50
CA LYS JD 100 24.09 16.70 -121.48
C LYS JD 100 25.16 17.64 -120.95
N GLY JD 101 26.32 17.10 -120.56
CA GLY JD 101 27.38 17.92 -120.01
C GLY JD 101 27.89 17.42 -118.68
N ASP JD 102 28.33 18.33 -117.82
CA ASP JD 102 28.88 17.96 -116.53
C ASP JD 102 27.84 17.22 -115.68
N VAL JD 103 26.75 17.92 -115.34
CA VAL JD 103 25.63 17.35 -114.60
C VAL JD 103 26.10 16.69 -113.31
N PRO JD 104 26.48 17.46 -112.29
CA PRO JD 104 26.79 16.82 -110.99
C PRO JD 104 25.63 16.03 -110.43
N THR JD 105 24.39 16.46 -110.70
CA THR JD 105 23.18 15.72 -110.39
C THR JD 105 23.08 15.36 -108.90
N LYS JD 106 22.99 16.41 -108.07
CA LYS JD 106 22.58 16.32 -106.67
C LYS JD 106 23.25 15.16 -105.95
N ARG JD 107 24.54 15.19 -105.77
CA ARG JD 107 25.27 14.10 -105.11
C ARG JD 107 24.49 13.58 -103.91
N PRO JD 108 24.02 12.33 -103.97
CA PRO JD 108 23.00 11.88 -103.03
C PRO JD 108 23.56 11.85 -101.61
N PRO JD 109 22.70 11.91 -100.61
CA PRO JD 109 23.18 11.89 -99.22
C PRO JD 109 23.59 10.47 -98.84
N VAL JD 110 24.81 10.32 -98.37
CA VAL JD 110 25.41 9.02 -98.12
C VAL JD 110 25.69 8.92 -96.63
N LEU JD 111 25.50 7.73 -96.06
CA LEU JD 111 25.84 7.51 -94.66
C LEU JD 111 27.32 7.79 -94.46
N ARG JD 112 27.63 8.54 -93.42
CA ARG JD 112 28.99 9.01 -93.17
C ARG JD 112 29.59 8.24 -92.00
N ALA JD 113 30.73 7.61 -92.25
CA ALA JD 113 31.30 6.69 -91.29
C ALA JD 113 32.77 7.02 -91.10
N GLY JD 114 33.34 6.48 -90.04
CA GLY JD 114 34.71 6.75 -89.66
C GLY JD 114 34.71 7.80 -88.57
N VAL JD 115 35.34 7.47 -87.45
CA VAL JD 115 35.22 8.32 -86.27
C VAL JD 115 35.72 9.73 -86.56
N ASN JD 116 36.88 9.85 -87.19
CA ASN JD 116 37.43 11.18 -87.45
C ASN JD 116 36.52 11.97 -88.39
N THR JD 117 36.00 11.33 -89.43
CA THR JD 117 35.02 11.99 -90.28
C THR JD 117 33.75 12.29 -89.49
N VAL JD 118 33.33 11.35 -88.64
CA VAL JD 118 32.12 11.56 -87.86
C VAL JD 118 32.32 12.67 -86.84
N THR JD 119 33.42 12.62 -86.08
CA THR JD 119 33.60 13.61 -85.02
C THR JD 119 33.83 15.00 -85.58
N THR JD 120 34.37 15.10 -86.80
CA THR JD 120 34.50 16.42 -87.42
C THR JD 120 33.14 17.02 -87.70
N LEU JD 121 32.20 16.21 -88.19
CA LEU JD 121 30.86 16.70 -88.45
C LEU JD 121 30.18 17.17 -87.16
N VAL JD 122 30.37 16.42 -86.08
CA VAL JD 122 29.77 16.79 -84.80
C VAL JD 122 30.27 18.15 -84.36
N GLU JD 123 31.58 18.39 -84.46
CA GLU JD 123 32.11 19.71 -84.15
C GLU JD 123 31.51 20.77 -85.08
N ASN JD 124 31.25 20.41 -86.34
CA ASN JD 124 30.67 21.33 -87.30
C ASN JD 124 29.15 21.39 -87.24
N LYS JD 125 28.52 20.51 -86.44
CA LYS JD 125 27.07 20.48 -86.25
C LYS JD 125 26.31 20.05 -87.50
N LYS JD 126 26.99 19.43 -88.47
CA LYS JD 126 26.31 18.98 -89.67
C LYS JD 126 25.68 17.60 -89.51
N ALA JD 127 25.91 16.93 -88.39
CA ALA JD 127 25.39 15.59 -88.18
C ALA JD 127 24.06 15.66 -87.44
N GLN JD 128 23.02 15.05 -88.03
CA GLN JD 128 21.74 14.96 -87.36
C GLN JD 128 21.62 13.74 -86.47
N LEU JD 129 22.44 12.72 -86.71
CA LEU JD 129 22.35 11.48 -85.94
C LEU JD 129 23.70 10.77 -85.98
N VAL JD 130 24.16 10.32 -84.82
CA VAL JD 130 25.40 9.57 -84.69
C VAL JD 130 25.09 8.28 -83.95
N VAL JD 131 25.48 7.16 -84.57
CA VAL JD 131 25.33 5.85 -83.94
C VAL JD 131 26.71 5.31 -83.61
N ILE JD 132 26.86 4.82 -82.38
CA ILE JD 132 28.14 4.38 -81.85
C ILE JD 132 28.00 2.92 -81.46
N ALA JD 133 29.06 2.14 -81.66
CA ALA JD 133 29.07 0.75 -81.23
C ALA JD 133 29.72 0.64 -79.86
N HIS JD 134 29.20 -0.28 -79.03
CA HIS JD 134 29.64 -0.39 -77.65
C HIS JD 134 30.86 -1.27 -77.45
N ASP JD 135 31.28 -2.00 -78.48
CA ASP JD 135 32.32 -3.02 -78.32
C ASP JD 135 33.52 -2.76 -79.22
N VAL JD 136 33.99 -1.52 -79.29
CA VAL JD 136 35.34 -1.29 -79.80
C VAL JD 136 36.32 -1.84 -78.77
N ASP JD 137 37.44 -2.38 -79.23
CA ASP JD 137 38.32 -3.00 -78.26
C ASP JD 137 39.07 -1.92 -77.47
N PRO JD 138 39.84 -1.05 -78.12
CA PRO JD 138 40.45 0.05 -77.37
C PRO JD 138 39.43 1.14 -77.12
N ILE JD 139 38.69 1.07 -76.01
CA ILE JD 139 37.65 2.07 -75.85
C ILE JD 139 38.29 3.33 -75.31
N GLU JD 140 38.96 4.05 -76.21
CA GLU JD 140 39.30 5.44 -76.01
C GLU JD 140 39.00 6.29 -77.23
N LEU JD 141 38.93 5.70 -78.43
CA LEU JD 141 38.58 6.46 -79.62
C LEU JD 141 37.14 6.91 -79.60
N VAL JD 142 36.32 6.39 -78.69
CA VAL JD 142 34.89 6.67 -78.70
C VAL JD 142 34.37 7.15 -77.35
N VAL JD 143 35.13 7.03 -76.26
CA VAL JD 143 34.59 7.38 -74.95
C VAL JD 143 34.23 8.85 -74.86
N PHE JD 144 35.03 9.72 -75.47
CA PHE JD 144 34.72 11.15 -75.45
C PHE JD 144 33.52 11.49 -76.33
N LEU JD 145 33.19 10.64 -77.30
CA LEU JD 145 32.17 11.00 -78.27
C LEU JD 145 30.80 11.32 -77.66
N PRO JD 146 30.27 10.53 -76.71
CA PRO JD 146 28.96 10.91 -76.14
C PRO JD 146 28.92 12.32 -75.61
N ALA JD 147 29.85 12.68 -74.71
CA ALA JD 147 29.85 14.04 -74.16
C ALA JD 147 30.03 15.07 -75.25
N LEU JD 148 30.85 14.76 -76.25
CA LEU JD 148 31.00 15.64 -77.40
C LEU JD 148 29.68 15.83 -78.12
N CYS JD 149 29.00 14.73 -78.43
CA CYS JD 149 27.78 14.83 -79.22
C CYS JD 149 26.71 15.63 -78.50
N ARG JD 150 26.63 15.49 -77.17
CA ARG JD 150 25.64 16.25 -76.42
C ARG JD 150 25.94 17.73 -76.43
N LYS JD 151 27.20 18.11 -76.16
CA LYS JD 151 27.52 19.52 -76.06
C LYS JD 151 27.26 20.24 -77.38
N MET JD 152 27.55 19.57 -78.49
CA MET JD 152 27.14 20.07 -79.79
C MET JD 152 25.63 19.97 -79.99
N GLY JD 153 24.92 19.29 -79.09
CA GLY JD 153 23.48 19.20 -79.16
C GLY JD 153 22.94 18.13 -80.07
N VAL JD 154 23.78 17.50 -80.88
CA VAL JD 154 23.32 16.46 -81.79
C VAL JD 154 22.94 15.23 -80.97
N PRO JD 155 21.96 14.46 -81.40
CA PRO JD 155 21.58 13.25 -80.66
C PRO JD 155 22.48 12.08 -81.02
N TYR JD 156 22.76 11.25 -80.03
CA TYR JD 156 23.68 10.14 -80.18
C TYR JD 156 23.02 8.87 -79.66
N CYS JD 157 23.38 7.74 -80.25
CA CYS JD 157 22.87 6.46 -79.79
C CYS JD 157 24.01 5.45 -79.78
N ILE JD 158 23.93 4.50 -78.85
CA ILE JD 158 24.94 3.46 -78.68
C ILE JD 158 24.30 2.13 -79.03
N ILE JD 159 24.94 1.38 -79.92
CA ILE JD 159 24.37 0.15 -80.44
C ILE JD 159 25.30 -1.01 -80.11
N LYS JD 160 24.71 -2.19 -79.97
CA LYS JD 160 25.46 -3.40 -79.67
C LYS JD 160 26.07 -3.95 -80.95
N GLY JD 161 27.39 -4.02 -81.02
CA GLY JD 161 28.05 -4.70 -82.12
C GLY JD 161 28.58 -3.80 -83.22
N LYS JD 162 29.89 -3.61 -83.25
CA LYS JD 162 30.51 -2.84 -84.33
C LYS JD 162 30.49 -3.61 -85.65
N ALA JD 163 30.29 -4.93 -85.60
CA ALA JD 163 30.25 -5.71 -86.83
C ALA JD 163 29.08 -5.29 -87.71
N ARG JD 164 27.92 -5.03 -87.11
CA ARG JD 164 26.76 -4.62 -87.88
C ARG JD 164 27.03 -3.32 -88.63
N LEU JD 165 27.67 -2.36 -87.97
CA LEU JD 165 28.05 -1.13 -88.65
C LEU JD 165 29.00 -1.42 -89.80
N GLY JD 166 29.97 -2.31 -89.58
CA GLY JD 166 30.87 -2.68 -90.65
C GLY JD 166 30.14 -3.32 -91.82
N ARG JD 167 29.26 -4.28 -91.53
CA ARG JD 167 28.44 -4.86 -92.58
C ARG JD 167 27.56 -3.80 -93.22
N LEU JD 168 27.17 -2.78 -92.46
CA LEU JD 168 26.40 -1.67 -92.97
C LEU JD 168 27.20 -0.77 -93.90
N VAL JD 169 28.52 -0.90 -93.90
CA VAL JD 169 29.37 -0.02 -94.70
C VAL JD 169 30.31 -0.86 -95.56
N HIS JD 170 30.02 -2.16 -95.67
CA HIS JD 170 30.79 -3.07 -96.51
C HIS JD 170 32.25 -3.14 -96.05
N ARG JD 171 32.44 -3.20 -94.73
CA ARG JD 171 33.76 -3.37 -94.14
C ARG JD 171 33.65 -4.42 -93.04
N LYS JD 172 34.80 -4.88 -92.55
CA LYS JD 172 34.77 -5.86 -91.46
C LYS JD 172 34.14 -5.25 -90.22
N THR JD 173 34.46 -3.99 -89.93
CA THR JD 173 33.88 -3.29 -88.80
C THR JD 173 33.93 -1.79 -89.03
N CYS JD 174 33.17 -1.06 -88.22
CA CYS JD 174 33.18 0.39 -88.22
C CYS JD 174 32.82 0.86 -86.84
N THR JD 175 33.58 1.82 -86.30
CA THR JD 175 33.36 2.26 -84.94
C THR JD 175 32.05 3.00 -84.80
N THR JD 176 31.92 4.14 -85.49
CA THR JD 176 30.73 4.97 -85.38
C THR JD 176 30.30 5.47 -86.74
N VAL JD 177 29.02 5.79 -86.85
CA VAL JD 177 28.42 6.24 -88.09
C VAL JD 177 27.58 7.48 -87.82
N ALA JD 178 27.76 8.50 -88.66
CA ALA JD 178 27.01 9.75 -88.55
C ALA JD 178 26.00 9.83 -89.68
N PHE JD 179 24.87 10.46 -89.39
CA PHE JD 179 23.77 10.60 -90.34
C PHE JD 179 23.75 12.04 -90.84
N THR JD 180 24.05 12.23 -92.12
CA THR JD 180 23.98 13.55 -92.73
C THR JD 180 22.55 13.87 -93.12
N GLN JD 181 22.37 14.90 -93.95
CA GLN JD 181 21.06 15.23 -94.47
C GLN JD 181 20.43 14.01 -95.15
N VAL JD 182 19.11 14.01 -95.28
CA VAL JD 182 18.36 12.84 -95.69
C VAL JD 182 17.41 13.24 -96.80
N ASN JD 183 16.98 12.26 -97.59
CA ASN JD 183 15.89 12.50 -98.53
C ASN JD 183 14.59 12.71 -97.76
N SER JD 184 13.65 13.37 -98.43
CA SER JD 184 12.45 13.86 -97.75
C SER JD 184 11.61 12.72 -97.17
N GLU JD 185 11.50 11.60 -97.88
CA GLU JD 185 10.58 10.54 -97.45
C GLU JD 185 10.95 10.00 -96.08
N ASP JD 186 12.24 9.81 -95.82
CA ASP JD 186 12.71 9.22 -94.58
C ASP JD 186 12.71 10.21 -93.42
N LYS JD 187 12.50 11.50 -93.70
CA LYS JD 187 12.57 12.51 -92.65
C LYS JD 187 11.59 12.19 -91.52
N GLY JD 188 10.42 11.66 -91.85
CA GLY JD 188 9.50 11.24 -90.81
C GLY JD 188 10.06 10.12 -89.96
N ALA JD 189 10.73 9.15 -90.59
CA ALA JD 189 11.30 8.04 -89.85
C ALA JD 189 12.43 8.50 -88.94
N LEU JD 190 13.32 9.36 -89.45
CA LEU JD 190 14.44 9.81 -88.64
C LEU JD 190 13.98 10.69 -87.49
N ALA JD 191 13.03 11.58 -87.73
CA ALA JD 191 12.59 12.49 -86.68
C ALA JD 191 11.97 11.72 -85.52
N LYS JD 192 11.11 10.75 -85.82
CA LYS JD 192 10.56 9.92 -84.74
C LYS JD 192 11.66 9.12 -84.07
N LEU JD 193 12.69 8.74 -84.82
CA LEU JD 193 13.84 8.09 -84.20
C LEU JD 193 14.57 9.05 -83.29
N VAL JD 194 14.77 10.29 -83.74
CA VAL JD 194 15.55 11.27 -82.98
C VAL JD 194 14.92 11.50 -81.61
N GLU JD 195 13.60 11.65 -81.56
CA GLU JD 195 12.93 11.88 -80.29
C GLU JD 195 13.15 10.72 -79.33
N ALA JD 196 13.07 9.49 -79.83
CA ALA JD 196 13.20 8.33 -78.96
C ALA JD 196 14.57 8.26 -78.31
N ILE JD 197 15.64 8.36 -79.10
CA ILE JD 197 16.98 8.20 -78.56
C ILE JD 197 17.33 9.37 -77.65
N ARG JD 198 16.94 10.58 -78.03
CA ARG JD 198 17.27 11.76 -77.23
C ARG JD 198 16.69 11.63 -75.83
N THR JD 199 15.48 11.08 -75.71
CA THR JD 199 14.95 10.74 -74.39
C THR JD 199 15.82 9.71 -73.70
N ASN JD 200 16.45 8.82 -74.46
CA ASN JD 200 17.23 7.75 -73.87
C ASN JD 200 18.67 8.15 -73.55
N TYR JD 201 19.25 9.08 -74.30
CA TYR JD 201 20.66 9.39 -74.14
C TYR JD 201 20.94 10.83 -73.75
N ASN JD 202 20.45 11.80 -74.51
CA ASN JD 202 20.94 13.16 -74.35
C ASN JD 202 20.38 13.84 -73.09
N ASP JD 203 19.07 13.75 -72.86
CA ASP JD 203 18.51 14.53 -71.76
C ASP JD 203 18.83 13.95 -70.39
N ARG JD 204 19.20 12.67 -70.32
CA ARG JD 204 19.55 12.04 -69.06
C ARG JD 204 21.06 11.85 -68.96
N TYR JD 205 21.81 12.70 -69.65
CA TYR JD 205 23.27 12.66 -69.59
C TYR JD 205 23.78 12.90 -68.18
N ASP JD 206 23.19 13.84 -67.46
CA ASP JD 206 23.64 14.16 -66.12
C ASP JD 206 23.65 12.92 -65.22
N GLU JD 207 22.60 12.10 -65.34
CA GLU JD 207 22.55 10.88 -64.56
C GLU JD 207 23.45 9.78 -65.12
N ILE JD 208 23.63 9.74 -66.45
CA ILE JD 208 24.51 8.72 -67.02
C ILE JD 208 25.95 8.98 -66.58
N ARG JD 209 26.28 10.23 -66.31
CA ARG JD 209 27.61 10.56 -65.80
C ARG JD 209 27.85 10.01 -64.41
N ARG JD 210 26.81 9.84 -63.60
CA ARG JD 210 26.94 9.31 -62.24
C ARG JD 210 26.76 7.79 -62.17
N HIS JD 211 26.60 7.11 -63.30
CA HIS JD 211 26.23 5.69 -63.30
C HIS JD 211 27.49 4.84 -63.38
N TRP JD 212 28.07 4.53 -62.23
CA TRP JD 212 29.18 3.59 -62.18
C TRP JD 212 28.68 2.17 -62.42
N GLY JD 213 29.58 1.32 -62.91
CA GLY JD 213 29.26 -0.06 -63.21
C GLY JD 213 29.98 -1.04 -62.32
N GLY JD 214 29.77 -2.32 -62.62
CA GLY JD 214 30.46 -3.38 -61.92
C GLY JD 214 30.11 -3.41 -60.44
N ASN JD 215 31.11 -3.75 -59.62
CA ASN JD 215 30.96 -3.88 -58.18
C ASN JD 215 29.83 -4.86 -57.84
N VAL JD 216 29.80 -5.98 -58.54
CA VAL JD 216 28.93 -7.10 -58.18
C VAL JD 216 29.81 -8.33 -58.02
N LEU JD 217 29.68 -9.00 -56.88
CA LEU JD 217 30.53 -10.13 -56.58
C LEU JD 217 30.07 -11.35 -57.35
N GLY JD 218 30.77 -12.46 -57.16
CA GLY JD 218 30.39 -13.69 -57.79
C GLY JD 218 29.16 -14.29 -57.14
N PRO JD 219 28.48 -15.17 -57.86
CA PRO JD 219 27.32 -15.85 -57.25
C PRO JD 219 27.70 -16.62 -56.00
N LYS JD 220 28.89 -17.22 -56.00
CA LYS JD 220 29.36 -17.91 -54.80
C LYS JD 220 29.52 -16.93 -53.65
N SER JD 221 30.03 -15.73 -53.93
CA SER JD 221 30.10 -14.71 -52.90
C SER JD 221 28.71 -14.24 -52.50
N VAL JD 222 27.87 -13.91 -53.48
CA VAL JD 222 26.54 -13.40 -53.19
C VAL JD 222 25.73 -14.42 -52.40
N ALA JD 223 25.84 -15.69 -52.76
CA ALA JD 223 25.13 -16.72 -52.02
C ALA JD 223 25.63 -16.80 -50.58
N ARG JD 224 26.94 -16.71 -50.39
CA ARG JD 224 27.49 -16.90 -49.06
C ARG JD 224 27.07 -15.76 -48.12
N ILE JD 225 27.01 -14.53 -48.62
CA ILE JD 225 26.56 -13.44 -47.77
C ILE JD 225 25.06 -13.55 -47.52
N ALA JD 226 24.29 -13.92 -48.54
CA ALA JD 226 22.85 -14.02 -48.38
C ALA JD 226 22.47 -15.04 -47.33
N LYS JD 227 23.18 -16.18 -47.30
CA LYS JD 227 22.90 -17.19 -46.28
C LYS JD 227 23.10 -16.63 -44.88
N LEU JD 228 24.26 -16.03 -44.63
CA LEU JD 228 24.54 -15.52 -43.29
C LEU JD 228 23.60 -14.38 -42.93
N GLU JD 229 23.28 -13.52 -43.90
CA GLU JD 229 22.30 -12.46 -43.63
C GLU JD 229 20.94 -13.06 -43.31
N LYS JD 230 20.51 -14.05 -44.10
CA LYS JD 230 19.25 -14.74 -43.80
C LYS JD 230 19.35 -15.50 -42.50
N ALA JD 231 20.48 -16.17 -42.25
CA ALA JD 231 20.65 -16.90 -41.01
C ALA JD 231 20.64 -15.96 -39.81
N LYS JD 232 21.25 -14.78 -39.96
CA LYS JD 232 21.16 -13.78 -38.89
C LYS JD 232 19.74 -13.26 -38.75
N ALA JD 233 19.04 -13.07 -39.87
CA ALA JD 233 17.68 -12.54 -39.82
C ALA JD 233 16.67 -13.60 -39.39
N LYS JD 234 17.04 -14.87 -39.44
CA LYS JD 234 16.10 -15.92 -39.03
C LYS JD 234 15.88 -15.94 -37.53
N GLU JD 235 16.66 -15.17 -36.77
CA GLU JD 235 16.53 -15.14 -35.32
C GLU JD 235 16.33 -13.76 -34.74
N LEU JD 236 16.93 -12.71 -35.32
CA LEU JD 236 16.73 -11.37 -34.78
C LEU JD 236 15.28 -10.92 -34.90
N ALA JD 237 14.55 -11.44 -35.89
CA ALA JD 237 13.16 -11.05 -36.05
C ALA JD 237 12.24 -11.90 -35.18
N THR JD 238 12.73 -13.05 -34.72
CA THR JD 238 12.02 -13.78 -33.66
C THR JD 238 12.14 -13.06 -32.33
N LYS JD 239 13.18 -12.25 -32.16
CA LYS JD 239 13.28 -11.38 -30.99
C LYS JD 239 12.14 -10.36 -30.97
N LEU JD 240 11.78 -9.83 -32.14
CA LEU JD 240 10.67 -8.91 -32.25
C LEU JD 240 9.36 -9.63 -32.00
N GLY JD 241 8.52 -9.06 -31.14
CA GLY JD 241 7.24 -9.65 -30.82
C GLY JD 241 7.32 -10.67 -29.69
N MET KD 1 187.66 -1.59 -18.30
CA MET KD 1 188.91 -0.92 -17.98
C MET KD 1 190.05 -1.89 -18.26
N LYS KD 2 190.98 -1.49 -19.11
CA LYS KD 2 192.10 -2.34 -19.48
C LYS KD 2 193.34 -1.92 -18.70
N THR KD 3 193.84 -2.84 -17.87
CA THR KD 3 195.02 -2.56 -17.07
C THR KD 3 196.26 -2.59 -17.95
N ILE KD 4 197.26 -1.81 -17.56
CA ILE KD 4 198.52 -1.79 -18.29
C ILE KD 4 199.17 -3.17 -18.27
N LEU KD 5 199.29 -3.74 -17.07
CA LEU KD 5 199.94 -5.02 -16.88
C LEU KD 5 199.60 -5.51 -15.48
N SER KD 6 199.19 -6.76 -15.38
CA SER KD 6 199.08 -7.45 -14.10
C SER KD 6 199.98 -8.67 -14.16
N ASN KD 7 200.78 -8.87 -13.12
CA ASN KD 7 201.75 -9.95 -13.11
C ASN KD 7 201.99 -10.42 -11.70
N GLN KD 8 202.29 -11.70 -11.56
CA GLN KD 8 202.70 -12.29 -10.29
C GLN KD 8 203.60 -13.48 -10.60
N THR KD 9 204.56 -13.71 -9.71
CA THR KD 9 205.58 -14.73 -9.92
C THR KD 9 205.50 -15.79 -8.82
N VAL KD 10 206.14 -16.92 -9.08
CA VAL KD 10 206.31 -17.96 -8.09
C VAL KD 10 207.79 -18.31 -8.02
N ASP KD 11 208.20 -18.89 -6.91
CA ASP KD 11 209.58 -19.25 -6.66
C ASP KD 11 209.71 -20.77 -6.69
N ILE KD 12 210.52 -21.28 -7.61
CA ILE KD 12 210.64 -22.71 -7.87
C ILE KD 12 211.81 -23.25 -7.06
N PRO KD 13 211.64 -24.34 -6.32
CA PRO KD 13 212.76 -24.91 -5.57
C PRO KD 13 213.79 -25.53 -6.50
N GLU KD 14 214.98 -25.76 -5.93
CA GLU KD 14 216.11 -26.25 -6.73
C GLU KD 14 215.89 -27.68 -7.22
N ASN KD 15 215.29 -28.54 -6.41
CA ASN KD 15 215.18 -29.95 -6.76
C ASN KD 15 214.43 -30.19 -8.06
N VAL KD 16 213.59 -29.25 -8.48
CA VAL KD 16 212.84 -29.35 -9.72
C VAL KD 16 213.17 -28.14 -10.58
N ASP KD 17 213.53 -28.40 -11.84
CA ASP KD 17 213.65 -27.36 -12.84
C ASP KD 17 212.44 -27.38 -13.75
N ILE KD 18 212.12 -26.22 -14.31
CA ILE KD 18 210.92 -26.03 -15.10
C ILE KD 18 211.31 -25.68 -16.52
N THR KD 19 210.73 -26.38 -17.49
CA THR KD 19 210.98 -26.14 -18.91
C THR KD 19 209.72 -25.58 -19.54
N LEU KD 20 209.90 -24.56 -20.38
CA LEU KD 20 208.79 -23.85 -21.01
C LEU KD 20 208.80 -24.08 -22.51
N LYS KD 21 207.71 -24.64 -23.03
CA LYS KD 21 207.52 -24.88 -24.46
C LYS KD 21 206.28 -24.10 -24.87
N GLY KD 22 206.48 -22.85 -25.29
CA GLY KD 22 205.37 -21.98 -25.60
C GLY KD 22 204.58 -21.65 -24.35
N ARG KD 23 203.37 -22.21 -24.25
CA ARG KD 23 202.56 -22.09 -23.04
C ARG KD 23 202.40 -23.43 -22.33
N THR KD 24 203.34 -24.35 -22.53
CA THR KD 24 203.33 -25.65 -21.89
C THR KD 24 204.45 -25.66 -20.85
N VAL KD 25 204.10 -25.89 -19.60
CA VAL KD 25 205.06 -25.93 -18.51
C VAL KD 25 205.35 -27.38 -18.17
N ILE KD 26 206.63 -27.73 -18.15
CA ILE KD 26 207.07 -29.08 -17.82
C ILE KD 26 207.95 -28.99 -16.58
N VAL KD 27 207.63 -29.80 -15.57
CA VAL KD 27 208.41 -29.87 -14.35
C VAL KD 27 209.17 -31.19 -14.33
N LYS KD 28 210.31 -31.18 -13.65
CA LYS KD 28 211.19 -32.34 -13.59
C LYS KD 28 211.51 -32.68 -12.14
N GLY KD 29 210.46 -32.77 -11.32
CA GLY KD 29 210.65 -33.02 -9.91
C GLY KD 29 211.17 -34.42 -9.65
N PRO KD 30 211.63 -34.64 -8.42
CA PRO KD 30 212.17 -35.97 -8.08
C PRO KD 30 211.15 -37.09 -8.16
N ARG KD 31 209.88 -36.81 -7.85
CA ARG KD 31 208.88 -37.85 -7.81
C ARG KD 31 208.39 -38.26 -9.20
N GLY KD 32 208.77 -37.54 -10.23
CA GLY KD 32 208.36 -37.90 -11.57
C GLY KD 32 208.39 -36.68 -12.48
N THR KD 33 207.51 -36.71 -13.49
CA THR KD 33 207.44 -35.65 -14.48
C THR KD 33 205.99 -35.41 -14.87
N LEU KD 34 205.59 -34.15 -14.81
CA LEU KD 34 204.23 -33.76 -15.16
C LEU KD 34 204.27 -32.61 -16.16
N ARG KD 35 203.45 -32.71 -17.20
CA ARG KD 35 203.44 -31.72 -18.27
C ARG KD 35 202.02 -31.21 -18.44
N ARG KD 36 201.87 -29.89 -18.62
CA ARG KD 36 200.56 -29.29 -18.81
C ARG KD 36 200.71 -28.07 -19.71
N ASP KD 37 199.81 -27.94 -20.66
CA ASP KD 37 199.80 -26.79 -21.58
C ASP KD 37 198.79 -25.75 -21.11
N PHE KD 38 198.96 -24.53 -21.59
CA PHE KD 38 198.06 -23.43 -21.25
C PHE KD 38 197.74 -22.60 -22.49
N ASN KD 39 197.58 -23.28 -23.63
CA ASN KD 39 197.31 -22.60 -24.88
C ASN KD 39 195.95 -21.92 -24.91
N HIS KD 40 195.02 -22.34 -24.06
CA HIS KD 40 193.70 -21.71 -24.02
C HIS KD 40 193.71 -20.36 -23.32
N ILE KD 41 194.83 -19.97 -22.72
CA ILE KD 41 194.96 -18.69 -22.05
C ILE KD 41 196.12 -17.94 -22.69
N ASN KD 42 195.84 -16.71 -23.15
CA ASN KD 42 196.86 -15.89 -23.79
C ASN KD 42 197.62 -15.12 -22.72
N VAL KD 43 198.82 -15.61 -22.41
CA VAL KD 43 199.66 -14.99 -21.40
C VAL KD 43 201.11 -15.05 -21.85
N GLU KD 44 202.00 -14.51 -21.01
CA GLU KD 44 203.44 -14.52 -21.27
C GLU KD 44 204.12 -15.28 -20.14
N LEU KD 45 204.64 -16.45 -20.45
CA LEU KD 45 205.38 -17.27 -19.50
C LEU KD 45 206.87 -17.10 -19.75
N SER KD 46 207.62 -16.75 -18.72
CA SER KD 46 209.04 -16.48 -18.86
C SER KD 46 209.77 -16.89 -17.59
N LEU KD 47 210.90 -17.57 -17.76
CA LEU KD 47 211.76 -17.93 -16.64
C LEU KD 47 212.70 -16.77 -16.35
N LEU KD 48 212.85 -16.42 -15.08
CA LEU KD 48 213.51 -15.18 -14.71
C LEU KD 48 215.00 -15.35 -14.43
N GLY KD 49 215.34 -16.17 -13.44
CA GLY KD 49 216.70 -16.25 -12.94
C GLY KD 49 217.30 -17.63 -13.09
N LYS KD 50 218.61 -17.65 -13.33
CA LYS KD 50 219.38 -18.89 -13.39
C LYS KD 50 219.92 -19.30 -12.03
N LYS KD 51 219.61 -18.55 -11.00
CA LYS KD 51 220.11 -18.79 -9.65
C LYS KD 51 219.01 -19.17 -8.66
N LYS KD 52 217.79 -18.68 -8.87
CA LYS KD 52 216.68 -19.01 -7.98
C LYS KD 52 215.44 -19.49 -8.72
N LYS KD 53 215.47 -19.54 -10.06
CA LYS KD 53 214.43 -20.19 -10.86
C LYS KD 53 213.05 -19.57 -10.58
N ARG KD 54 212.90 -18.33 -10.99
CA ARG KD 54 211.63 -17.63 -10.91
C ARG KD 54 210.91 -17.69 -12.25
N LEU KD 55 209.59 -17.88 -12.19
CA LEU KD 55 208.74 -17.87 -13.36
C LEU KD 55 207.72 -16.76 -13.24
N ARG KD 56 207.58 -15.96 -14.29
CA ARG KD 56 206.73 -14.78 -14.28
C ARG KD 56 205.66 -14.89 -15.36
N VAL KD 57 204.45 -14.45 -15.03
CA VAL KD 57 203.30 -14.50 -15.93
C VAL KD 57 202.73 -13.10 -16.04
N ASP KD 58 202.50 -12.64 -17.28
CA ASP KD 58 201.97 -11.32 -17.54
C ASP KD 58 200.60 -11.42 -18.22
N LYS KD 59 199.89 -10.29 -18.22
CA LYS KD 59 198.57 -10.26 -18.84
C LYS KD 59 198.43 -9.23 -19.94
N TRP KD 60 198.97 -8.02 -19.76
CA TRP KD 60 199.10 -7.08 -20.88
C TRP KD 60 197.78 -6.69 -21.53
N TRP KD 61 197.01 -5.80 -20.87
CA TRP KD 61 195.72 -5.32 -21.37
C TRP KD 61 194.64 -6.39 -21.29
N GLY KD 62 194.47 -6.94 -20.09
CA GLY KD 62 193.36 -7.84 -19.82
C GLY KD 62 192.27 -7.14 -19.03
N ASN KD 63 191.03 -7.44 -19.38
CA ASN KD 63 189.90 -6.97 -18.58
C ASN KD 63 189.80 -7.80 -17.31
N ARG KD 64 188.99 -7.34 -16.37
CA ARG KD 64 188.90 -8.00 -15.08
C ARG KD 64 188.43 -9.45 -15.21
N LYS KD 65 187.75 -9.80 -16.30
CA LYS KD 65 187.38 -11.19 -16.51
C LYS KD 65 188.61 -12.06 -16.74
N GLU KD 66 189.53 -11.59 -17.58
CA GLU KD 66 190.75 -12.35 -17.82
C GLU KD 66 191.92 -11.89 -16.94
N LEU KD 67 191.68 -11.00 -16.00
CA LEU KD 67 192.71 -10.75 -14.99
C LEU KD 67 192.83 -11.90 -14.01
N ALA KD 68 191.76 -12.66 -13.82
CA ALA KD 68 191.76 -13.73 -12.83
C ALA KD 68 192.62 -14.92 -13.24
N THR KD 69 192.83 -15.13 -14.54
CA THR KD 69 193.60 -16.29 -14.98
C THR KD 69 195.07 -16.21 -14.60
N VAL KD 70 195.59 -15.02 -14.29
CA VAL KD 70 197.01 -14.90 -13.95
C VAL KD 70 197.31 -15.68 -12.67
N ARG KD 71 196.53 -15.46 -11.62
CA ARG KD 71 196.71 -16.22 -10.40
C ARG KD 71 196.37 -17.68 -10.60
N THR KD 72 195.35 -17.96 -11.43
CA THR KD 72 194.96 -19.34 -11.68
C THR KD 72 196.10 -20.13 -12.33
N ILE KD 73 196.80 -19.52 -13.29
CA ILE KD 73 197.96 -20.18 -13.88
C ILE KD 73 199.02 -20.46 -12.82
N CYS KD 74 199.33 -19.45 -11.99
CA CYS KD 74 200.34 -19.65 -10.96
C CYS KD 74 199.90 -20.70 -9.96
N SER KD 75 198.63 -20.67 -9.54
CA SER KD 75 198.14 -21.67 -8.61
C SER KD 75 198.24 -23.07 -9.21
N HIS KD 76 197.90 -23.21 -10.49
CA HIS KD 76 198.04 -24.49 -11.15
C HIS KD 76 199.48 -24.97 -11.10
N VAL KD 77 200.42 -24.08 -11.40
CA VAL KD 77 201.82 -24.44 -11.35
C VAL KD 77 202.25 -24.72 -9.92
N GLN KD 78 201.80 -23.91 -8.97
CA GLN KD 78 202.16 -24.15 -7.57
C GLN KD 78 201.68 -25.51 -7.10
N ASN KD 79 200.43 -25.87 -7.43
CA ASN KD 79 199.99 -27.23 -7.17
C ASN KD 79 200.76 -28.22 -8.03
N MET KD 80 201.13 -27.80 -9.24
CA MET KD 80 201.88 -28.65 -10.15
C MET KD 80 203.26 -28.96 -9.59
N ILE KD 81 203.98 -27.95 -9.11
CA ILE KD 81 205.32 -28.17 -8.58
C ILE KD 81 205.26 -28.90 -7.25
N LYS KD 82 204.29 -28.56 -6.41
CA LYS KD 82 204.16 -29.23 -5.11
C LYS KD 82 203.85 -30.70 -5.31
N GLY KD 83 203.11 -31.05 -6.36
CA GLY KD 83 202.74 -32.42 -6.59
C GLY KD 83 203.87 -33.32 -7.04
N VAL KD 84 204.98 -32.77 -7.52
CA VAL KD 84 206.07 -33.58 -8.03
C VAL KD 84 207.30 -33.56 -7.11
N THR KD 85 207.32 -32.67 -6.11
CA THR KD 85 208.35 -32.74 -5.08
C THR KD 85 207.79 -33.22 -3.75
N LEU KD 86 206.48 -33.17 -3.56
CA LEU KD 86 205.84 -33.66 -2.35
C LEU KD 86 204.82 -34.75 -2.60
N GLY KD 87 204.02 -34.64 -3.67
CA GLY KD 87 202.96 -35.59 -3.92
C GLY KD 87 201.67 -35.19 -3.25
N PHE KD 88 200.65 -36.02 -3.46
CA PHE KD 88 199.32 -35.75 -2.94
C PHE KD 88 198.81 -37.00 -2.23
N ARG KD 89 197.92 -36.79 -1.27
CA ARG KD 89 197.31 -37.89 -0.54
C ARG KD 89 196.01 -37.40 0.07
N TYR KD 90 194.88 -37.98 -0.36
CA TYR KD 90 193.56 -37.62 0.11
C TYR KD 90 193.00 -38.80 0.89
N LYS KD 91 193.23 -38.80 2.20
CA LYS KD 91 192.67 -39.83 3.05
C LYS KD 91 191.15 -39.81 2.94
N MET KD 92 190.56 -40.99 2.81
CA MET KD 92 189.14 -41.16 2.49
C MET KD 92 188.50 -42.09 3.50
N ARG KD 93 187.86 -41.53 4.53
CA ARG KD 93 187.13 -42.36 5.47
C ARG KD 93 185.94 -43.02 4.80
N SER KD 94 185.49 -44.13 5.38
CA SER KD 94 184.36 -44.88 4.88
C SER KD 94 183.35 -45.01 6.00
N VAL KD 95 182.32 -44.17 5.98
CA VAL KD 95 181.29 -44.15 7.02
C VAL KD 95 180.15 -45.05 6.61
N TYR KD 96 179.67 -45.86 7.56
CA TYR KD 96 178.53 -46.71 7.31
C TYR KD 96 177.75 -46.91 8.61
N ALA KD 97 176.45 -47.13 8.48
CA ALA KD 97 175.56 -47.26 9.63
C ALA KD 97 175.35 -48.71 10.05
N HIS KD 98 174.82 -49.54 9.15
CA HIS KD 98 174.48 -50.91 9.48
C HIS KD 98 175.27 -51.91 8.65
N PHE KD 99 175.25 -51.78 7.33
CA PHE KD 99 175.99 -52.68 6.47
C PHE KD 99 177.44 -52.23 6.39
N PRO KD 100 178.41 -53.10 6.70
CA PRO KD 100 179.81 -52.69 6.62
C PRO KD 100 180.25 -52.53 5.17
N ILE KD 101 180.91 -51.42 4.89
CA ILE KD 101 181.37 -51.11 3.54
C ILE KD 101 182.61 -51.94 3.27
N ASN KD 102 182.53 -52.84 2.30
CA ASN KD 102 183.62 -53.74 1.98
C ASN KD 102 184.26 -53.28 0.67
N VAL KD 103 185.52 -52.88 0.75
CA VAL KD 103 186.27 -52.42 -0.41
C VAL KD 103 187.56 -53.22 -0.50
N VAL KD 104 187.87 -53.72 -1.68
CA VAL KD 104 189.10 -54.44 -1.94
C VAL KD 104 189.82 -53.79 -3.11
N ILE KD 105 191.12 -53.56 -2.96
CA ILE KD 105 191.93 -52.90 -3.98
C ILE KD 105 192.28 -53.93 -5.04
N GLN KD 106 192.02 -53.60 -6.29
CA GLN KD 106 192.37 -54.48 -7.39
C GLN KD 106 193.79 -54.15 -7.86
N GLU KD 107 194.16 -54.64 -9.04
CA GLU KD 107 195.55 -54.57 -9.52
C GLU KD 107 196.12 -53.17 -9.42
N ASN KD 108 197.29 -53.07 -8.78
CA ASN KD 108 198.10 -51.85 -8.72
C ASN KD 108 197.29 -50.61 -8.33
N GLY KD 109 196.20 -50.80 -7.61
CA GLY KD 109 195.38 -49.66 -7.26
C GLY KD 109 194.76 -48.95 -8.44
N SER KD 110 194.73 -49.59 -9.61
CA SER KD 110 194.14 -48.99 -10.80
C SER KD 110 192.65 -49.27 -10.91
N LEU KD 111 192.14 -50.28 -10.20
CA LEU KD 111 190.71 -50.54 -10.10
C LEU KD 111 190.35 -50.76 -8.64
N VAL KD 112 189.20 -50.25 -8.23
CA VAL KD 112 188.66 -50.50 -6.89
C VAL KD 112 187.17 -50.79 -7.03
N GLU KD 113 186.68 -51.71 -6.20
CA GLU KD 113 185.28 -52.08 -6.21
C GLU KD 113 184.72 -51.98 -4.79
N ILE KD 114 183.55 -51.36 -4.66
CA ILE KD 114 182.85 -51.26 -3.40
C ILE KD 114 181.76 -52.31 -3.40
N ARG KD 115 181.85 -53.27 -2.48
CA ARG KD 115 181.01 -54.47 -2.56
C ARG KD 115 179.72 -54.32 -1.75
N ASN KD 116 179.83 -54.12 -0.44
CA ASN KD 116 178.68 -54.14 0.44
C ASN KD 116 178.23 -52.72 0.81
N PHE KD 117 177.74 -51.99 -0.17
CA PHE KD 117 177.22 -50.65 0.07
C PHE KD 117 175.74 -50.74 0.39
N LEU KD 118 175.36 -50.34 1.61
CA LEU KD 118 173.99 -50.33 2.06
C LEU KD 118 173.29 -51.68 1.87
N GLY KD 119 174.06 -52.77 1.86
CA GLY KD 119 173.48 -54.08 1.69
C GLY KD 119 173.00 -54.40 0.29
N GLU KD 120 173.43 -53.66 -0.72
CA GLU KD 120 173.05 -53.99 -2.09
C GLU KD 120 173.84 -55.21 -2.57
N LYS KD 121 173.19 -55.99 -3.43
CA LYS KD 121 173.87 -57.07 -4.12
C LYS KD 121 174.65 -56.58 -5.33
N TYR KD 122 174.48 -55.32 -5.71
CA TYR KD 122 175.20 -54.74 -6.82
C TYR KD 122 176.64 -54.49 -6.42
N ILE KD 123 177.56 -54.60 -7.38
CA ILE KD 123 178.97 -54.36 -7.16
C ILE KD 123 179.36 -53.11 -7.94
N ARG KD 124 179.99 -52.16 -7.26
CA ARG KD 124 180.34 -50.87 -7.85
C ARG KD 124 181.83 -50.86 -8.17
N ARG KD 125 182.15 -51.04 -9.45
CA ARG KD 125 183.53 -50.94 -9.93
C ARG KD 125 183.76 -49.55 -10.47
N VAL KD 126 184.83 -48.90 -10.01
CA VAL KD 126 185.16 -47.55 -10.44
C VAL KD 126 186.65 -47.48 -10.75
N ARG KD 127 186.97 -46.90 -11.90
CA ARG KD 127 188.36 -46.77 -12.35
C ARG KD 127 188.84 -45.35 -12.12
N MET KD 128 189.92 -45.22 -11.35
CA MET KD 128 190.53 -43.91 -11.12
C MET KD 128 191.49 -43.57 -12.25
N ARG KD 129 191.93 -42.32 -12.27
CA ARG KD 129 192.72 -41.81 -13.37
C ARG KD 129 194.07 -42.52 -13.43
N PRO KD 130 194.61 -42.70 -14.64
CA PRO KD 130 195.94 -43.30 -14.76
C PRO KD 130 196.98 -42.48 -14.01
N GLY KD 131 197.92 -43.18 -13.38
CA GLY KD 131 198.90 -42.53 -12.53
C GLY KD 131 198.44 -42.26 -11.12
N VAL KD 132 197.19 -42.61 -10.79
CA VAL KD 132 196.66 -42.48 -9.44
C VAL KD 132 196.31 -43.88 -8.96
N ALA KD 133 196.91 -44.29 -7.85
CA ALA KD 133 196.70 -45.62 -7.30
C ALA KD 133 196.20 -45.49 -5.89
N CYS KD 134 195.20 -46.29 -5.53
CA CYS KD 134 194.66 -46.28 -4.18
C CYS KD 134 195.32 -47.35 -3.33
N SER KD 135 195.04 -47.29 -2.04
CA SER KD 135 195.65 -48.21 -1.08
C SER KD 135 194.85 -48.17 0.20
N VAL KD 136 194.59 -49.34 0.77
CA VAL KD 136 193.88 -49.41 2.05
C VAL KD 136 194.82 -48.97 3.16
N SER KD 137 194.38 -48.01 3.97
CA SER KD 137 195.19 -47.54 5.08
C SER KD 137 195.36 -48.64 6.12
N GLN KD 138 196.53 -48.64 6.76
CA GLN KD 138 196.81 -49.61 7.81
C GLN KD 138 196.76 -49.00 9.20
N ALA KD 139 196.85 -47.67 9.31
CA ALA KD 139 196.87 -47.03 10.62
C ALA KD 139 195.53 -47.15 11.34
N GLN KD 140 194.42 -47.05 10.62
CA GLN KD 140 193.10 -47.14 11.23
C GLN KD 140 192.14 -47.88 10.31
N LYS KD 141 190.93 -48.14 10.83
CA LYS KD 141 190.15 -49.30 10.41
C LYS KD 141 189.74 -49.23 8.94
N ASP KD 142 189.11 -48.13 8.52
CA ASP KD 142 188.54 -48.10 7.17
C ASP KD 142 188.74 -46.71 6.59
N GLU KD 143 189.79 -46.58 5.78
CA GLU KD 143 190.01 -45.35 5.04
C GLU KD 143 190.95 -45.63 3.87
N LEU KD 144 190.53 -45.25 2.68
CA LEU KD 144 191.33 -45.46 1.49
C LEU KD 144 192.36 -44.35 1.34
N ILE KD 145 193.57 -44.75 0.96
CA ILE KD 145 194.66 -43.80 0.71
C ILE KD 145 195.04 -43.92 -0.76
N LEU KD 146 194.97 -42.82 -1.48
CA LEU KD 146 195.33 -42.77 -2.89
C LEU KD 146 196.39 -41.71 -3.09
N GLU KD 147 197.38 -42.02 -3.91
CA GLU KD 147 198.51 -41.13 -4.16
C GLU KD 147 198.60 -40.78 -5.63
N GLY KD 148 199.39 -39.76 -5.92
CA GLY KD 148 199.59 -39.34 -7.29
C GLY KD 148 200.46 -38.10 -7.33
N ASN KD 149 200.61 -37.57 -8.54
CA ASN KD 149 201.40 -36.38 -8.77
C ASN KD 149 200.57 -35.16 -9.15
N ASP KD 150 199.53 -35.34 -9.96
CA ASP KD 150 198.69 -34.23 -10.41
C ASP KD 150 197.47 -34.12 -9.50
N ILE KD 151 197.19 -32.90 -9.05
CA ILE KD 151 196.07 -32.69 -8.14
C ILE KD 151 194.74 -33.02 -8.81
N GLU KD 152 194.58 -32.68 -10.09
CA GLU KD 152 193.30 -32.91 -10.75
C GLU KD 152 193.00 -34.40 -10.85
N LEU KD 153 193.99 -35.20 -11.26
CA LEU KD 153 193.77 -36.63 -11.38
C LEU KD 153 193.44 -37.25 -10.03
N VAL KD 154 194.17 -36.89 -8.99
CA VAL KD 154 193.91 -37.45 -7.67
C VAL KD 154 192.56 -37.00 -7.16
N SER KD 155 192.25 -35.71 -7.30
CA SER KD 155 190.97 -35.20 -6.84
C SER KD 155 189.81 -35.82 -7.62
N ASN KD 156 189.89 -35.80 -8.95
CA ASN KD 156 188.81 -36.36 -9.74
C ASN KD 156 188.64 -37.85 -9.46
N SER KD 157 189.75 -38.57 -9.28
CA SER KD 157 189.65 -39.96 -8.86
C SER KD 157 188.98 -40.08 -7.51
N ALA KD 158 189.34 -39.19 -6.58
CA ALA KD 158 188.69 -39.19 -5.27
C ALA KD 158 187.20 -38.89 -5.40
N ALA KD 159 186.86 -37.90 -6.22
CA ALA KD 159 185.46 -37.54 -6.41
C ALA KD 159 184.67 -38.70 -7.01
N LEU KD 160 185.32 -39.49 -7.87
CA LEU KD 160 184.66 -40.67 -8.44
C LEU KD 160 184.17 -41.60 -7.34
N ILE KD 161 185.02 -41.84 -6.33
CA ILE KD 161 184.61 -42.68 -5.22
C ILE KD 161 183.46 -42.06 -4.46
N GLN KD 162 183.55 -40.75 -4.18
CA GLN KD 162 182.54 -40.10 -3.37
C GLN KD 162 181.17 -40.15 -4.03
N GLN KD 163 181.11 -39.90 -5.34
CA GLN KD 163 179.83 -39.93 -6.04
C GLN KD 163 179.31 -41.34 -6.27
N ALA KD 164 180.20 -42.32 -6.45
CA ALA KD 164 179.75 -43.68 -6.72
C ALA KD 164 178.92 -44.23 -5.56
N THR KD 165 179.37 -43.99 -4.33
CA THR KD 165 178.67 -44.45 -3.14
C THR KD 165 177.73 -43.33 -2.68
N THR KD 166 176.50 -43.36 -3.18
CA THR KD 166 175.50 -42.39 -2.81
C THR KD 166 174.16 -43.08 -2.62
N VAL KD 167 173.32 -42.48 -1.78
CA VAL KD 167 172.03 -43.06 -1.42
C VAL KD 167 170.97 -42.53 -2.36
N LYS KD 168 170.14 -43.43 -2.87
CA LYS KD 168 169.07 -43.08 -3.80
C LYS KD 168 167.72 -43.36 -3.17
N ASN KD 169 166.76 -42.46 -3.38
CA ASN KD 169 165.38 -42.64 -2.96
C ASN KD 169 165.25 -42.72 -1.44
N LYS KD 170 166.15 -42.05 -0.72
CA LYS KD 170 166.08 -41.98 0.73
C LYS KD 170 166.59 -40.61 1.17
N ASP KD 171 166.24 -40.25 2.40
CA ASP KD 171 166.79 -39.03 2.99
C ASP KD 171 168.30 -39.18 3.11
N ILE KD 172 169.04 -38.20 2.59
CA ILE KD 172 170.50 -38.25 2.65
C ILE KD 172 170.95 -37.53 3.90
N ARG KD 173 170.02 -36.84 4.57
CA ARG KD 173 170.34 -36.26 5.87
C ARG KD 173 170.50 -37.36 6.92
N LYS KD 174 169.60 -38.33 6.92
CA LYS KD 174 169.86 -39.62 7.55
C LYS KD 174 170.61 -40.48 6.53
N PHE KD 175 170.85 -41.74 6.86
CA PHE KD 175 171.56 -42.66 5.97
C PHE KD 175 172.87 -42.03 5.52
N LEU KD 176 173.64 -41.54 6.48
CA LEU KD 176 174.83 -40.76 6.18
C LEU KD 176 175.99 -41.61 5.69
N ASP KD 177 175.75 -42.88 5.39
CA ASP KD 177 176.84 -43.74 4.94
C ASP KD 177 177.32 -43.32 3.56
N GLY KD 178 178.53 -43.74 3.24
CA GLY KD 178 179.17 -43.35 2.00
C GLY KD 178 180.67 -43.26 2.22
N ILE KD 179 181.36 -42.82 1.17
CA ILE KD 179 182.81 -42.64 1.22
C ILE KD 179 183.12 -41.21 0.82
N TYR KD 180 183.78 -40.48 1.71
CA TYR KD 180 184.08 -39.05 1.52
C TYR KD 180 185.49 -38.75 2.03
N VAL KD 181 186.14 -37.76 1.41
CA VAL KD 181 187.52 -37.44 1.77
C VAL KD 181 187.54 -36.92 3.20
N SER KD 182 188.58 -37.29 3.95
CA SER KD 182 188.73 -36.78 5.30
C SER KD 182 189.64 -35.56 5.33
N GLU KD 183 190.78 -35.63 4.64
CA GLU KD 183 191.69 -34.51 4.53
C GLU KD 183 192.52 -34.68 3.27
N LYS KD 184 192.80 -33.56 2.61
CA LYS KD 184 193.56 -33.55 1.36
C LYS KD 184 194.99 -33.16 1.69
N GLY KD 185 195.78 -34.15 2.11
CA GLY KD 185 197.16 -33.95 2.49
C GLY KD 185 198.12 -34.23 1.36
N THR KD 186 199.34 -34.62 1.73
CA THR KD 186 200.40 -34.87 0.76
C THR KD 186 201.21 -36.08 1.23
N VAL KD 187 202.37 -36.25 0.62
CA VAL KD 187 203.27 -37.35 0.95
C VAL KD 187 204.62 -36.76 1.32
N GLN KD 188 205.38 -37.53 2.12
CA GLN KD 188 206.69 -37.16 2.65
C GLN KD 188 206.59 -36.11 3.74
N GLN KD 189 205.41 -35.50 3.89
CA GLN KD 189 205.14 -34.48 4.89
C GLN KD 189 206.26 -33.44 5.00
N ALA KD 190 206.98 -33.20 3.91
CA ALA KD 190 208.16 -32.35 3.94
C ALA KD 190 207.80 -30.89 3.73
N GLY LD 1 135.41 -9.12 -6.36
CA GLY LD 1 134.97 -8.83 -7.71
C GLY LD 1 135.50 -7.50 -8.21
N ARG LD 2 136.81 -7.38 -8.29
CA ARG LD 2 137.47 -6.17 -8.73
C ARG LD 2 138.34 -6.46 -9.95
N ARG LD 3 138.23 -5.61 -10.97
CA ARG LD 3 139.04 -5.77 -12.15
C ARG LD 3 140.51 -5.56 -11.83
N PRO LD 4 141.41 -6.18 -12.60
CA PRO LD 4 142.83 -5.93 -12.39
C PRO LD 4 143.16 -4.46 -12.54
N ALA LD 5 144.05 -3.98 -11.68
CA ALA LD 5 144.40 -2.57 -11.67
C ALA LD 5 145.04 -2.11 -12.97
N ARG LD 6 145.66 -3.03 -13.72
CA ARG LD 6 146.32 -2.66 -14.96
C ARG LD 6 145.35 -2.05 -15.96
N CYS LD 7 144.05 -2.31 -15.82
CA CYS LD 7 143.08 -1.73 -16.73
C CYS LD 7 142.80 -0.26 -16.44
N TYR LD 8 143.02 0.19 -15.22
CA TYR LD 8 142.70 1.55 -14.79
C TYR LD 8 143.96 2.24 -14.30
N ARG LD 9 145.02 2.13 -15.07
CA ARG LD 9 146.32 2.67 -14.69
C ARG LD 9 146.56 4.08 -15.20
N TYR LD 10 146.03 4.43 -16.37
CA TYR LD 10 146.42 5.65 -17.06
C TYR LD 10 145.36 6.73 -16.94
N CYS LD 11 145.80 7.94 -16.60
CA CYS LD 11 144.93 9.11 -16.53
C CYS LD 11 144.53 9.45 -17.96
N LYS LD 12 143.33 9.05 -18.35
CA LYS LD 12 142.87 9.28 -19.71
C LYS LD 12 141.39 9.66 -19.78
N ASN LD 13 140.79 10.07 -18.67
CA ASN LD 13 139.34 10.23 -18.68
C ASN LD 13 138.90 11.48 -17.95
N LYS LD 14 139.63 12.60 -18.14
CA LYS LD 14 139.08 13.93 -17.87
C LYS LD 14 138.49 14.04 -16.46
N PRO LD 15 139.32 14.24 -15.43
CA PRO LD 15 138.94 13.90 -14.05
C PRO LD 15 137.47 14.07 -13.70
N TYR LD 16 136.90 13.01 -13.13
CA TYR LD 16 135.46 12.80 -13.03
C TYR LD 16 135.15 12.59 -11.55
N PRO LD 17 134.96 13.66 -10.80
CA PRO LD 17 134.89 13.56 -9.35
C PRO LD 17 133.47 13.29 -8.85
N LYS LD 18 133.37 12.95 -7.58
CA LYS LD 18 132.10 12.69 -6.92
C LYS LD 18 131.41 14.01 -6.67
N SER LD 19 130.29 14.24 -7.36
CA SER LD 19 129.58 15.51 -7.26
C SER LD 19 128.10 15.25 -7.43
N ARG LD 20 127.34 16.33 -7.66
CA ARG LD 20 125.92 16.21 -7.91
C ARG LD 20 125.61 15.51 -9.22
N PHE LD 21 126.52 15.57 -10.19
CA PHE LD 21 126.35 14.83 -11.44
C PHE LD 21 126.70 13.36 -11.28
N CYS LD 22 127.50 13.04 -10.28
CA CYS LD 22 127.94 11.67 -10.03
C CYS LD 22 127.45 11.27 -8.65
N ARG LD 23 126.25 10.72 -8.58
CA ARG LD 23 125.68 10.27 -7.32
C ARG LD 23 125.77 8.76 -7.22
N GLY LD 24 125.44 8.24 -6.04
CA GLY LD 24 125.51 6.82 -5.79
C GLY LD 24 126.91 6.27 -5.92
N VAL LD 25 127.92 7.04 -5.52
CA VAL LD 25 129.32 6.63 -5.68
C VAL LD 25 129.76 5.89 -4.43
N PRO LD 26 130.29 4.68 -4.56
CA PRO LD 26 130.74 3.94 -3.37
C PRO LD 26 131.87 4.66 -2.67
N ASP LD 27 131.91 4.50 -1.35
CA ASP LD 27 132.94 5.13 -0.54
C ASP LD 27 134.31 4.55 -0.84
N ALA LD 28 135.33 5.37 -0.66
CA ALA LD 28 136.70 4.95 -0.95
C ALA LD 28 137.17 3.92 0.07
N LYS LD 29 138.23 3.20 -0.30
CA LYS LD 29 138.80 2.20 0.58
C LYS LD 29 139.61 2.82 1.72
N ILE LD 30 140.19 3.99 1.50
CA ILE LD 30 141.02 4.66 2.50
C ILE LD 30 140.19 5.75 3.16
N ARG LD 31 140.25 5.81 4.48
CA ARG LD 31 139.50 6.81 5.22
C ARG LD 31 140.41 7.57 6.17
N ILE LD 32 141.45 6.90 6.67
CA ILE LD 32 142.35 7.49 7.65
C ILE LD 32 143.68 7.78 6.95
N PHE LD 33 144.08 9.04 6.97
CA PHE LD 33 145.19 9.50 6.16
C PHE LD 33 146.45 9.83 6.94
N ASP LD 34 146.38 9.93 8.26
CA ASP LD 34 147.52 10.29 9.08
C ASP LD 34 147.56 9.40 10.32
N LEU LD 35 148.70 8.76 10.55
CA LEU LD 35 148.87 7.82 11.64
C LEU LD 35 150.04 8.25 12.52
N GLY LD 36 150.23 7.50 13.59
CA GLY LD 36 151.33 7.75 14.50
C GLY LD 36 151.10 8.97 15.38
N ARG LD 37 152.20 9.49 15.90
CA ARG LD 37 152.17 10.67 16.77
C ARG LD 37 151.90 11.91 15.92
N LYS LD 38 150.63 12.07 15.53
CA LYS LD 38 150.24 13.28 14.82
C LYS LD 38 150.33 14.51 15.72
N LYS LD 39 150.46 14.31 17.03
CA LYS LD 39 150.48 15.42 17.98
C LYS LD 39 151.88 15.98 18.22
N ALA LD 40 152.91 15.36 17.66
CA ALA LD 40 154.27 15.90 17.83
C ALA LD 40 154.33 17.31 17.26
N LYS LD 41 154.93 18.23 18.02
CA LYS LD 41 154.68 19.62 17.72
C LYS LD 41 155.47 20.11 16.51
N VAL LD 42 156.77 20.31 16.66
CA VAL LD 42 157.56 20.71 15.50
C VAL LD 42 158.90 20.00 15.44
N ASP LD 43 159.46 19.65 16.62
CA ASP LD 43 160.88 19.37 16.71
C ASP LD 43 161.20 17.91 17.00
N GLU LD 44 160.26 17.15 17.55
CA GLU LD 44 160.53 15.74 17.81
C GLU LD 44 160.74 14.97 16.51
N PHE LD 45 160.16 15.45 15.41
CA PHE LD 45 160.22 14.77 14.12
C PHE LD 45 160.78 15.76 13.10
N PRO LD 46 162.09 15.96 13.09
CA PRO LD 46 162.68 16.97 12.20
C PRO LD 46 162.92 16.49 10.79
N LEU LD 47 163.09 15.19 10.62
CA LEU LD 47 163.48 14.60 9.34
C LEU LD 47 162.22 14.28 8.54
N GLY LD 48 162.14 14.80 7.32
CA GLY LD 48 160.99 14.53 6.48
C GLY LD 48 161.31 13.67 5.28
N GLY LD 49 160.77 12.46 5.26
CA GLY LD 49 160.94 11.54 4.15
C GLY LD 49 159.76 11.60 3.21
N HIS LD 50 160.02 11.43 1.92
CA HIS LD 50 159.01 11.59 0.90
C HIS LD 50 159.02 10.41 -0.07
N MET LD 51 157.83 10.05 -0.52
CA MET LD 51 157.63 9.02 -1.53
C MET LD 51 157.14 9.72 -2.80
N VAL LD 52 158.01 9.80 -3.80
CA VAL LD 52 157.72 10.49 -5.04
C VAL LD 52 157.64 9.46 -6.16
N SER LD 53 156.63 9.61 -7.02
CA SER LD 53 156.45 8.73 -8.17
C SER LD 53 156.69 9.54 -9.43
N ASP LD 54 157.61 9.08 -10.26
CA ASP LD 54 157.88 9.72 -11.55
C ASP LD 54 157.03 9.10 -12.65
N GLU LD 55 155.72 9.04 -12.42
CA GLU LD 55 154.80 8.44 -13.37
C GLU LD 55 153.47 9.15 -13.31
N TYR LD 56 152.97 9.56 -14.47
CA TYR LD 56 151.70 10.27 -14.58
C TYR LD 56 150.58 9.24 -14.69
N GLU LD 57 150.18 8.69 -13.56
CA GLU LD 57 149.16 7.64 -13.53
C GLU LD 57 148.17 7.96 -12.42
N GLN LD 58 147.30 7.00 -12.11
CA GLN LD 58 146.41 7.11 -10.97
C GLN LD 58 146.58 5.88 -10.09
N LEU LD 59 146.30 6.05 -8.80
CA LEU LD 59 146.49 4.99 -7.82
C LEU LD 59 145.16 4.58 -7.23
N SER LD 60 144.91 3.27 -7.20
CA SER LD 60 143.68 2.77 -6.62
C SER LD 60 143.65 3.07 -5.13
N SER LD 61 142.49 3.54 -4.66
CA SER LD 61 142.34 3.90 -3.25
C SER LD 61 142.68 2.73 -2.36
N GLU LD 62 142.28 1.53 -2.75
CA GLU LD 62 142.64 0.33 -2.01
C GLU LD 62 144.15 0.15 -1.95
N ALA LD 63 144.86 0.48 -3.02
CA ALA LD 63 146.31 0.39 -3.00
C ALA LD 63 146.91 1.34 -1.97
N LEU LD 64 146.36 2.56 -1.87
CA LEU LD 64 146.81 3.48 -0.82
C LEU LD 64 146.63 2.86 0.56
N GLU LD 65 145.51 2.18 0.79
CA GLU LD 65 145.34 1.45 2.03
C GLU LD 65 146.42 0.40 2.19
N ALA LD 66 146.71 -0.33 1.11
CA ALA LD 66 147.74 -1.37 1.17
C ALA LD 66 149.09 -0.76 1.50
N ALA LD 67 149.41 0.39 0.90
CA ALA LD 67 150.70 1.02 1.18
C ALA LD 67 150.77 1.50 2.63
N ARG LD 68 149.76 2.25 3.08
CA ARG LD 68 149.78 2.77 4.44
C ARG LD 68 149.80 1.63 5.45
N ILE LD 69 148.95 0.62 5.25
CA ILE LD 69 148.90 -0.50 6.17
C ILE LD 69 150.25 -1.21 6.23
N CYS LD 70 150.83 -1.48 5.06
CA CYS LD 70 152.13 -2.13 5.04
C CYS LD 70 153.21 -1.23 5.61
N ALA LD 71 153.18 0.06 5.29
CA ALA LD 71 154.24 0.95 5.74
C ALA LD 71 154.14 1.21 7.24
N ASN LD 72 152.95 1.54 7.74
CA ASN LD 72 152.81 1.89 9.15
C ASN LD 72 153.20 0.72 10.04
N LYS LD 73 152.85 -0.50 9.65
CA LYS LD 73 153.19 -1.67 10.45
C LYS LD 73 154.69 -1.77 10.66
N TYR LD 74 155.48 -1.45 9.64
CA TYR LD 74 156.93 -1.55 9.76
C TYR LD 74 157.47 -0.59 10.80
N MET LD 75 156.96 0.65 10.82
CA MET LD 75 157.45 1.62 11.79
C MET LD 75 157.15 1.19 13.22
N VAL LD 76 155.93 0.74 13.49
CA VAL LD 76 155.58 0.33 14.84
C VAL LD 76 156.47 -0.82 15.28
N LYS LD 77 156.77 -1.73 14.35
CA LYS LD 77 157.71 -2.81 14.67
C LYS LD 77 159.10 -2.26 14.95
N SER LD 78 159.52 -1.24 14.20
CA SER LD 78 160.89 -0.74 14.31
C SER LD 78 160.99 0.54 15.12
N CYS LD 79 160.28 1.59 14.70
CA CYS LD 79 160.49 2.92 15.28
C CYS LD 79 159.66 3.17 16.51
N GLY LD 80 158.88 2.21 16.97
CA GLY LD 80 158.02 2.42 18.12
C GLY LD 80 156.68 3.02 17.74
N ARG LD 81 155.68 2.75 18.58
CA ARG LD 81 154.31 3.11 18.24
C ARG LD 81 154.10 4.62 18.19
N ASP LD 82 155.05 5.40 18.71
CA ASP LD 82 154.88 6.84 18.83
C ASP LD 82 156.10 7.61 18.32
N GLY LD 83 156.91 6.99 17.46
CA GLY LD 83 158.13 7.63 17.01
C GLY LD 83 158.11 8.06 15.56
N PHE LD 84 156.92 8.27 15.00
CA PHE LD 84 156.80 8.62 13.60
C PHE LD 84 155.46 9.28 13.36
N HIS LD 85 155.15 9.52 12.09
CA HIS LD 85 153.91 10.20 11.72
C HIS LD 85 153.66 9.93 10.24
N MET LD 86 152.55 9.26 9.94
CA MET LD 86 152.19 9.01 8.55
C MET LD 86 151.40 10.17 7.97
N ARG LD 87 151.58 10.40 6.67
CA ARG LD 87 150.73 11.35 5.96
C ARG LD 87 150.73 10.97 4.49
N VAL LD 88 149.63 10.39 4.01
CA VAL LD 88 149.46 10.13 2.59
C VAL LD 88 148.90 11.38 1.95
N ARG LD 89 149.64 11.94 0.99
CA ARG LD 89 149.33 13.24 0.43
C ARG LD 89 148.47 13.17 -0.81
N LEU LD 90 147.64 12.15 -0.94
CA LEU LD 90 146.67 12.06 -2.02
C LEU LD 90 145.28 11.82 -1.47
N HIS LD 91 144.27 12.18 -2.26
CA HIS LD 91 142.89 11.93 -1.94
C HIS LD 91 142.21 11.41 -3.21
N PRO LD 92 141.63 10.23 -3.18
CA PRO LD 92 141.11 9.66 -4.42
C PRO LD 92 139.79 10.29 -4.84
N PHE LD 93 139.86 11.45 -5.48
CA PHE LD 93 138.68 12.15 -5.93
C PHE LD 93 138.22 11.69 -7.31
N HIS LD 94 139.14 11.23 -8.14
CA HIS LD 94 138.77 10.73 -9.45
C HIS LD 94 137.99 9.42 -9.29
N VAL LD 95 136.84 9.34 -9.94
CA VAL LD 95 135.92 8.22 -9.79
C VAL LD 95 135.83 7.47 -11.11
N ILE LD 96 135.98 6.16 -11.04
CA ILE LD 96 136.07 5.29 -12.21
C ILE LD 96 134.74 4.58 -12.39
N ARG LD 97 134.39 4.33 -13.65
CA ARG LD 97 133.14 3.68 -14.00
C ARG LD 97 133.43 2.32 -14.63
N ILE LD 98 132.41 1.47 -14.63
CA ILE LD 98 132.49 0.15 -15.26
C ILE LD 98 131.21 -0.09 -16.04
N ASN LD 99 131.34 -0.57 -17.27
CA ASN LD 99 130.19 -0.97 -18.07
C ASN LD 99 130.00 -2.47 -17.89
N LYS LD 100 129.08 -2.83 -16.98
CA LYS LD 100 128.85 -4.23 -16.66
C LYS LD 100 128.39 -5.00 -17.88
N MET LD 101 128.83 -6.25 -17.99
CA MET LD 101 128.45 -7.14 -19.08
C MET LD 101 126.93 -7.23 -19.22
N GLY LD 113 124.06 -4.99 -25.65
CA GLY LD 113 125.39 -4.85 -26.23
C GLY LD 113 126.16 -3.68 -25.63
N MET LD 114 126.73 -2.85 -26.48
CA MET LD 114 127.44 -1.65 -26.03
C MET LD 114 126.55 -0.41 -26.03
N ARG LD 115 125.28 -0.54 -26.35
CA ARG LD 115 124.40 0.63 -26.37
C ARG LD 115 124.20 1.17 -24.96
N GLY LD 116 124.23 2.49 -24.83
CA GLY LD 116 124.10 3.10 -23.52
C GLY LD 116 125.25 2.72 -22.60
N ALA LD 117 126.47 2.80 -23.13
CA ALA LD 117 127.64 2.21 -22.49
C ALA LD 117 128.12 2.95 -21.25
N PHE LD 118 127.56 4.13 -20.96
CA PHE LD 118 128.04 4.89 -19.81
C PHE LD 118 127.81 4.11 -18.52
N GLY LD 119 128.88 3.65 -17.90
CA GLY LD 119 128.76 2.73 -16.79
C GLY LD 119 128.65 3.42 -15.45
N LYS LD 120 128.14 2.67 -14.49
CA LYS LD 120 128.03 3.13 -13.12
C LYS LD 120 129.43 3.20 -12.49
N PRO LD 121 129.60 4.04 -11.48
CA PRO LD 121 130.89 4.09 -10.79
C PRO LD 121 131.15 2.78 -10.05
N GLN LD 122 132.43 2.44 -9.91
CA GLN LD 122 132.81 1.25 -9.16
C GLN LD 122 133.92 1.49 -8.15
N GLY LD 123 134.68 2.56 -8.26
CA GLY LD 123 135.74 2.82 -7.31
C GLY LD 123 136.21 4.25 -7.47
N THR LD 124 137.19 4.60 -6.64
CA THR LD 124 137.83 5.91 -6.70
C THR LD 124 139.33 5.74 -6.72
N VAL LD 125 140.01 6.60 -7.49
CA VAL LD 125 141.45 6.59 -7.59
C VAL LD 125 141.96 8.01 -7.45
N ALA LD 126 143.24 8.13 -7.14
CA ALA LD 126 143.91 9.42 -6.98
C ALA LD 126 144.96 9.55 -8.08
N ARG LD 127 144.89 10.65 -8.81
CA ARG LD 127 145.83 10.88 -9.90
C ARG LD 127 147.06 11.61 -9.39
N VAL LD 128 148.22 11.30 -9.96
CA VAL LD 128 149.48 11.90 -9.56
C VAL LD 128 150.12 12.55 -10.77
N HIS LD 129 151.30 13.13 -10.54
CA HIS LD 129 152.09 13.75 -11.60
C HIS LD 129 153.54 13.32 -11.44
N ILE LD 130 154.37 13.70 -12.41
CA ILE LD 130 155.75 13.23 -12.43
C ILE LD 130 156.49 13.68 -11.17
N GLY LD 131 156.39 14.96 -10.83
CA GLY LD 131 156.91 15.39 -9.56
C GLY LD 131 155.78 15.49 -8.56
N GLN LD 132 155.62 14.46 -7.73
CA GLN LD 132 154.47 14.42 -6.84
C GLN LD 132 154.76 13.46 -5.70
N VAL LD 133 154.66 13.94 -4.47
CA VAL LD 133 154.86 13.12 -3.29
C VAL LD 133 153.60 12.29 -3.06
N ILE LD 134 153.76 11.13 -2.45
CA ILE LD 134 152.63 10.27 -2.16
C ILE LD 134 152.48 10.10 -0.65
N MET LD 135 153.50 9.53 -0.02
CA MET LD 135 153.51 9.31 1.42
C MET LD 135 154.61 10.17 2.04
N SER LD 136 154.27 10.82 3.16
CA SER LD 136 155.20 11.70 3.84
C SER LD 136 155.33 11.27 5.28
N ILE LD 137 156.59 11.16 5.74
CA ILE LD 137 156.90 10.64 7.06
C ILE LD 137 157.83 11.62 7.75
N ARG LD 138 157.50 11.99 8.98
CA ARG LD 138 158.39 12.79 9.81
C ARG LD 138 158.76 11.99 11.06
N THR LD 139 160.05 11.94 11.36
CA THR LD 139 160.56 11.17 12.48
C THR LD 139 161.89 11.77 12.91
N LYS LD 140 162.49 11.17 13.94
CA LYS LD 140 163.76 11.66 14.45
C LYS LD 140 164.85 11.55 13.40
N LEU LD 141 166.00 12.16 13.74
CA LEU LD 141 167.16 12.14 12.85
C LEU LD 141 167.70 10.72 12.64
N GLN LD 142 167.78 9.99 13.70
CA GLN LD 142 168.41 8.68 13.69
C GLN LD 142 167.52 7.57 13.16
N ASN LD 143 166.39 7.90 12.53
CA ASN LD 143 165.47 6.90 11.99
C ASN LD 143 165.45 6.89 10.47
N GLU LD 144 166.47 7.46 9.83
CA GLU LD 144 166.43 7.62 8.38
C GLU LD 144 166.38 6.27 7.67
N GLU LD 145 167.11 5.27 8.18
CA GLU LD 145 167.09 3.97 7.52
C GLU LD 145 165.72 3.33 7.61
N HIS LD 146 165.06 3.43 8.76
CA HIS LD 146 163.75 2.84 8.92
C HIS LD 146 162.76 3.40 7.91
N VAL LD 147 162.78 4.73 7.73
CA VAL LD 147 161.90 5.35 6.74
C VAL LD 147 162.24 4.85 5.35
N ILE LD 148 163.53 4.86 5.01
CA ILE LD 148 163.94 4.47 3.66
C ILE LD 148 163.55 3.04 3.38
N GLU LD 149 163.85 2.13 4.32
CA GLU LD 149 163.45 0.74 4.13
C GLU LD 149 161.94 0.59 4.07
N ALA LD 150 161.22 1.32 4.92
CA ALA LD 150 159.77 1.27 4.88
C ALA LD 150 159.22 1.71 3.53
N LEU LD 151 159.63 2.88 3.06
CA LEU LD 151 159.13 3.37 1.79
C LEU LD 151 159.48 2.44 0.64
N ARG LD 152 160.62 1.75 0.74
CA ARG LD 152 160.92 0.71 -0.23
C ARG LD 152 159.88 -0.41 -0.14
N ARG LD 153 159.50 -0.80 1.08
CA ARG LD 153 158.47 -1.81 1.24
C ARG LD 153 157.16 -1.35 0.63
N ALA LD 154 156.80 -0.08 0.87
CA ALA LD 154 155.55 0.45 0.36
C ALA LD 154 155.50 0.54 -1.15
N LYS LD 155 156.64 0.80 -1.81
CA LYS LD 155 156.65 0.94 -3.26
C LYS LD 155 156.09 -0.29 -3.95
N PHE LD 156 156.28 -1.47 -3.36
CA PHE LD 156 155.78 -2.69 -3.96
C PHE LD 156 154.26 -2.78 -3.96
N LYS LD 157 153.58 -1.89 -3.24
CA LYS LD 157 152.13 -1.83 -3.28
C LYS LD 157 151.61 -0.92 -4.38
N PHE LD 158 152.49 -0.39 -5.23
CA PHE LD 158 152.05 0.55 -6.25
C PHE LD 158 152.47 0.08 -7.63
N PRO LD 159 151.64 0.35 -8.64
CA PRO LD 159 151.93 -0.15 -10.00
C PRO LD 159 153.14 0.52 -10.65
N GLY LD 160 153.22 1.83 -10.56
CA GLY LD 160 154.27 2.57 -11.22
C GLY LD 160 155.60 2.45 -10.51
N ARG LD 161 156.57 3.19 -11.01
CA ARG LD 161 157.89 3.27 -10.39
C ARG LD 161 157.97 4.53 -9.54
N GLN LD 162 158.49 4.38 -8.33
CA GLN LD 162 158.49 5.46 -7.35
C GLN LD 162 159.91 5.70 -6.86
N LYS LD 163 160.16 6.95 -6.45
CA LYS LD 163 161.45 7.35 -5.92
C LYS LD 163 161.30 7.79 -4.47
N ILE LD 164 162.32 7.50 -3.67
CA ILE LD 164 162.36 7.83 -2.26
C ILE LD 164 163.29 9.02 -2.08
N HIS LD 165 162.85 10.00 -1.31
CA HIS LD 165 163.62 11.22 -1.11
C HIS LD 165 163.62 11.60 0.37
N ILE LD 166 164.69 12.24 0.80
CA ILE LD 166 164.76 12.87 2.11
C ILE LD 166 164.69 14.37 1.88
N SER LD 167 163.62 14.99 2.35
CA SER LD 167 163.40 16.40 2.07
C SER LD 167 164.41 17.26 2.85
N LYS LD 168 164.81 18.37 2.23
CA LYS LD 168 165.63 19.34 2.92
C LYS LD 168 164.81 20.23 3.84
N LYS LD 169 163.49 20.11 3.82
CA LYS LD 169 162.66 20.86 4.74
C LYS LD 169 162.75 20.26 6.13
N TRP LD 170 162.08 20.92 7.08
CA TRP LD 170 162.02 20.46 8.46
C TRP LD 170 160.62 19.93 8.73
N GLY LD 171 160.55 18.69 9.20
CA GLY LD 171 159.25 18.09 9.46
C GLY LD 171 158.41 18.06 8.20
N PHE LD 172 157.18 18.56 8.32
CA PHE LD 172 156.30 18.71 7.17
C PHE LD 172 156.22 20.16 6.70
N THR LD 173 157.03 21.05 7.27
CA THR LD 173 156.94 22.47 6.97
C THR LD 173 157.53 22.77 5.60
N LYS LD 174 157.23 23.97 5.10
CA LYS LD 174 157.69 24.42 3.79
C LYS LD 174 159.02 25.16 3.85
N PHE LD 175 159.74 25.04 4.96
CA PHE LD 175 161.01 25.74 5.15
C PHE LD 175 162.14 24.71 5.24
N ASN LD 176 163.28 25.04 4.65
CA ASN LD 176 164.40 24.11 4.64
C ASN LD 176 164.92 23.87 6.06
N ALA LD 177 165.67 22.79 6.21
CA ALA LD 177 166.09 22.36 7.54
C ALA LD 177 167.16 23.27 8.13
N ASP LD 178 168.17 23.64 7.33
CA ASP LD 178 169.35 24.27 7.90
C ASP LD 178 169.04 25.64 8.49
N GLU LD 179 168.17 26.41 7.84
CA GLU LD 179 167.80 27.74 8.31
C GLU LD 179 166.55 27.72 9.18
N PHE LD 180 166.01 26.53 9.45
CA PHE LD 180 164.74 26.45 10.17
C PHE LD 180 164.85 26.99 11.59
N GLU LD 181 165.84 26.51 12.35
CA GLU LD 181 165.81 26.70 13.80
C GLU LD 181 166.04 28.17 14.17
N ASP LD 182 166.95 28.84 13.48
CA ASP LD 182 167.22 30.24 13.80
C ASP LD 182 166.05 31.12 13.43
N MET LD 183 165.31 30.74 12.38
CA MET LD 183 164.07 31.42 12.05
C MET LD 183 163.10 31.37 13.23
N VAL LD 184 163.10 30.27 13.98
CA VAL LD 184 162.37 30.22 15.23
C VAL LD 184 163.04 31.09 16.28
N ALA LD 185 164.37 31.11 16.29
CA ALA LD 185 165.10 31.87 17.30
C ALA LD 185 164.76 33.35 17.25
N LYS LD 186 164.74 33.93 16.05
CA LYS LD 186 164.30 35.31 15.87
C LYS LD 186 162.79 35.41 15.77
N LYS LD 187 162.08 34.34 16.13
CA LYS LD 187 160.63 34.36 16.33
C LYS LD 187 159.88 34.75 15.05
N CYS LD 188 160.42 34.33 13.90
CA CYS LD 188 159.67 34.48 12.66
C CYS LD 188 158.58 33.43 12.53
N LEU LD 189 158.74 32.27 13.16
CA LEU LD 189 157.74 31.22 13.15
C LEU LD 189 157.37 30.85 14.57
N ILE LD 190 156.08 30.85 14.86
CA ILE LD 190 155.57 30.36 16.13
C ILE LD 190 155.02 28.95 15.89
N PRO LD 191 155.44 27.96 16.67
CA PRO LD 191 154.97 26.59 16.44
C PRO LD 191 153.66 26.32 17.15
N ASP LD 192 152.79 25.57 16.49
CA ASP LD 192 151.57 25.07 17.11
C ASP LD 192 151.08 23.88 16.29
N GLY LD 193 150.55 22.88 16.98
CA GLY LD 193 150.11 21.70 16.28
C GLY LD 193 151.29 20.97 15.65
N CYS LD 194 151.00 20.20 14.60
CA CYS LD 194 152.03 19.48 13.89
C CYS LD 194 152.79 20.37 12.91
N GLY LD 195 152.54 21.67 12.90
CA GLY LD 195 153.19 22.56 11.95
C GLY LD 195 153.61 23.89 12.55
N VAL LD 196 153.80 24.89 11.69
CA VAL LD 196 154.31 26.19 12.10
C VAL LD 196 153.41 27.28 11.52
N LYS LD 197 153.54 28.47 12.08
CA LYS LD 197 152.86 29.67 11.59
C LYS LD 197 153.92 30.72 11.26
N TYR LD 198 154.07 31.02 9.99
CA TYR LD 198 155.00 32.07 9.58
C TYR LD 198 154.45 33.42 9.99
N VAL LD 199 155.31 34.26 10.56
CA VAL LD 199 154.89 35.58 11.02
C VAL LD 199 155.58 36.64 10.20
N PRO LD 200 154.98 37.09 9.10
CA PRO LD 200 155.58 38.18 8.33
C PRO LD 200 155.59 39.47 9.14
N SER LD 201 156.57 40.32 8.85
CA SER LD 201 156.79 41.52 9.65
C SER LD 201 156.04 42.72 9.08
N HIS LD 202 154.77 42.51 8.72
CA HIS LD 202 153.96 43.62 8.21
C HIS LD 202 152.53 43.56 8.73
N GLY LD 203 152.33 43.04 9.93
CA GLY LD 203 151.02 43.03 10.53
C GLY LD 203 150.77 44.29 11.33
N PRO LD 204 149.70 44.29 12.13
CA PRO LD 204 149.51 45.36 13.12
C PRO LD 204 150.62 45.30 14.16
N LEU LD 205 150.99 46.48 14.66
CA LEU LD 205 152.12 46.54 15.58
C LEU LD 205 151.78 45.83 16.89
N ASP LD 206 150.52 45.88 17.32
CA ASP LD 206 150.16 45.21 18.57
C ASP LD 206 150.43 43.72 18.49
N LYS LD 207 150.18 43.08 17.35
CA LYS LD 207 150.55 41.68 17.18
C LYS LD 207 152.05 41.50 17.27
N TRP LD 208 152.82 42.48 16.79
CA TRP LD 208 154.26 42.45 17.01
C TRP LD 208 154.59 42.56 18.48
N ARG LD 209 153.85 43.38 19.23
CA ARG LD 209 154.21 43.70 20.60
C ARG LD 209 153.74 42.68 21.62
N VAL LD 210 152.61 41.99 21.37
CA VAL LD 210 152.29 40.84 22.21
C VAL LD 210 153.36 39.77 22.02
N LEU LD 211 153.80 39.58 20.78
CA LEU LD 211 154.95 38.74 20.50
C LEU LD 211 156.21 39.47 20.94
N HIS LD 212 157.29 38.71 21.11
CA HIS LD 212 158.54 39.18 21.71
C HIS LD 212 158.35 39.69 23.13
N SER LD 213 157.21 39.39 23.74
CA SER LD 213 156.93 39.82 25.11
C SER LD 213 155.96 38.88 25.80
N GLN MD 1 134.52 70.67 34.65
CA GLN MD 1 133.86 71.89 34.23
C GLN MD 1 133.90 72.04 32.71
N ASP MD 2 134.82 72.88 32.23
CA ASP MD 2 134.93 73.15 30.80
C ASP MD 2 135.40 71.93 30.01
N GLN MD 3 136.09 70.98 30.65
CA GLN MD 3 136.62 69.83 29.92
C GLN MD 3 135.53 68.81 29.58
N GLY MD 4 134.39 68.87 30.26
CA GLY MD 4 133.32 67.93 29.97
C GLY MD 4 132.18 68.53 29.18
N GLU MD 5 131.74 69.73 29.54
CA GLU MD 5 130.55 70.34 28.97
C GLU MD 5 130.88 71.12 27.69
N LYS MD 6 131.28 70.37 26.66
CA LYS MD 6 131.44 70.91 25.32
C LYS MD 6 130.54 70.22 24.31
N GLU MD 7 130.52 68.90 24.29
CA GLU MD 7 129.72 68.12 23.37
C GLU MD 7 128.51 67.48 24.03
N ASN MD 8 128.41 67.56 25.36
CA ASN MD 8 127.22 67.06 26.06
C ASN MD 8 125.90 67.62 25.55
N PRO MD 9 125.75 68.92 25.23
CA PRO MD 9 124.41 69.41 24.85
C PRO MD 9 123.74 68.57 23.78
N MET MD 10 124.53 67.97 22.89
CA MET MD 10 123.96 67.09 21.89
C MET MD 10 124.42 65.64 22.03
N ARG MD 11 125.52 65.36 22.72
CA ARG MD 11 125.85 63.99 23.07
C ARG MD 11 125.02 63.49 24.23
N GLU MD 12 124.08 64.29 24.71
CA GLU MD 12 123.15 63.84 25.73
C GLU MD 12 122.22 62.79 25.14
N LEU MD 13 121.97 61.73 25.90
CA LEU MD 13 121.13 60.65 25.42
C LEU MD 13 119.66 61.09 25.40
N ARG MD 14 118.96 60.75 24.33
CA ARG MD 14 117.55 61.09 24.20
C ARG MD 14 116.78 59.84 23.80
N ILE MD 15 115.54 59.77 24.28
CA ILE MD 15 114.72 58.58 24.08
C ILE MD 15 113.96 58.69 22.77
N ARG MD 16 114.12 57.69 21.92
CA ARG MD 16 113.45 57.61 20.63
C ARG MD 16 112.15 56.81 20.79
N LYS MD 17 111.59 56.35 19.67
CA LYS MD 17 110.28 55.68 19.67
C LYS MD 17 110.16 54.65 20.78
N LEU MD 18 108.96 54.57 21.35
CA LEU MD 18 108.65 53.70 22.48
C LEU MD 18 108.42 52.25 22.05
N CYS MD 19 107.77 52.04 20.91
CA CYS MD 19 107.58 50.71 20.33
C CYS MD 19 106.79 49.80 21.28
N LEU MD 20 105.55 50.18 21.52
CA LEU MD 20 104.64 49.33 22.27
C LEU MD 20 104.19 48.15 21.42
N ASN MD 21 103.85 47.04 22.08
CA ASN MD 21 103.46 45.83 21.36
C ASN MD 21 102.63 44.94 22.26
N ILE MD 22 101.66 44.26 21.65
CA ILE MD 22 100.90 43.18 22.27
C ILE MD 22 100.84 42.05 21.26
N CYS MD 23 100.96 40.80 21.74
CA CYS MD 23 100.94 39.63 20.88
C CYS MD 23 100.01 38.59 21.47
N VAL MD 24 98.98 38.21 20.70
CA VAL MD 24 98.10 37.10 21.03
C VAL MD 24 97.83 36.34 19.73
N GLY MD 25 98.34 35.12 19.64
CA GLY MD 25 98.37 34.41 18.38
C GLY MD 25 97.03 33.89 17.90
N GLU MD 26 96.05 34.78 17.83
CA GLU MD 26 94.74 34.45 17.27
C GLU MD 26 94.10 35.73 16.80
N SER MD 27 93.12 35.59 15.90
CA SER MD 27 92.46 36.72 15.26
C SER MD 27 90.99 36.79 15.68
N GLY MD 28 90.50 38.00 15.82
CA GLY MD 28 89.09 38.21 16.06
C GLY MD 28 88.75 39.27 17.08
N ASP MD 29 87.65 39.06 17.81
CA ASP MD 29 87.18 40.03 18.79
C ASP MD 29 88.26 40.33 19.82
N ARG MD 30 89.10 39.35 20.14
CA ARG MD 30 90.17 39.57 21.10
C ARG MD 30 91.11 40.68 20.64
N LEU MD 31 91.38 40.73 19.33
CA LEU MD 31 92.29 41.75 18.82
C LEU MD 31 91.70 43.14 18.91
N THR MD 32 90.46 43.32 18.45
CA THR MD 32 89.88 44.66 18.41
C THR MD 32 89.74 45.23 19.81
N ARG MD 33 89.36 44.40 20.78
CA ARG MD 33 89.44 44.83 22.17
C ARG MD 33 90.87 45.15 22.56
N ALA MD 34 91.81 44.26 22.20
CA ALA MD 34 93.21 44.52 22.46
C ALA MD 34 93.68 45.75 21.71
N ALA MD 35 93.27 45.89 20.44
CA ALA MD 35 93.58 47.11 19.70
C ALA MD 35 92.95 48.32 20.36
N LYS MD 36 91.78 48.14 20.99
CA LYS MD 36 91.19 49.23 21.74
C LYS MD 36 92.07 49.62 22.92
N VAL MD 37 92.72 48.64 23.56
CA VAL MD 37 93.59 48.95 24.69
C VAL MD 37 94.68 49.93 24.27
N LEU MD 38 95.39 49.62 23.19
CA LEU MD 38 96.46 50.50 22.74
C LEU MD 38 95.93 51.88 22.39
N GLU MD 39 94.82 51.95 21.67
CA GLU MD 39 94.21 53.25 21.41
C GLU MD 39 93.81 53.90 22.72
N GLN MD 40 93.27 53.13 23.65
CA GLN MD 40 92.93 53.66 24.96
C GLN MD 40 94.17 53.97 25.76
N LEU MD 41 95.25 53.22 25.53
CA LEU MD 41 96.46 53.40 26.33
C LEU MD 41 97.33 54.55 25.84
N THR MD 42 97.41 54.75 24.52
CA THR MD 42 98.26 55.79 23.97
C THR MD 42 97.51 56.97 23.39
N GLY MD 43 96.19 56.84 23.20
CA GLY MD 43 95.46 57.89 22.50
C GLY MD 43 95.93 58.06 21.08
N GLN MD 44 96.40 56.98 20.47
CA GLN MD 44 96.95 57.03 19.12
C GLN MD 44 96.74 55.66 18.49
N THR MD 45 96.19 55.65 17.28
CA THR MD 45 95.73 54.39 16.70
C THR MD 45 96.90 53.43 16.50
N PRO MD 46 96.75 52.17 16.88
CA PRO MD 46 97.82 51.20 16.66
C PRO MD 46 97.75 50.56 15.29
N VAL MD 47 98.73 49.73 14.95
CA VAL MD 47 98.77 49.05 13.66
C VAL MD 47 98.94 47.57 13.88
N PHE MD 48 98.23 46.78 13.07
CA PHE MD 48 98.28 45.33 13.15
C PHE MD 48 99.60 44.81 12.60
N SER MD 49 99.97 43.62 13.05
CA SER MD 49 101.03 42.83 12.43
C SER MD 49 100.45 41.51 11.96
N LYS MD 50 101.05 40.94 10.92
CA LYS MD 50 100.54 39.74 10.29
C LYS MD 50 101.51 38.59 10.50
N ALA MD 51 100.97 37.42 10.82
CA ALA MD 51 101.79 36.22 10.87
C ALA MD 51 102.33 35.90 9.48
N ARG MD 52 103.62 35.60 9.41
CA ARG MD 52 104.30 35.44 8.14
C ARG MD 52 104.41 33.98 7.70
N TYR MD 53 104.40 33.04 8.64
CA TYR MD 53 104.45 31.63 8.32
C TYR MD 53 103.23 30.95 8.89
N THR MD 54 103.15 29.64 8.69
CA THR MD 54 102.14 28.81 9.33
C THR MD 54 102.86 27.70 10.10
N VAL MD 55 102.70 27.71 11.42
CA VAL MD 55 103.34 26.71 12.27
C VAL MD 55 102.32 25.76 12.90
N ARG MD 56 101.09 26.21 13.16
CA ARG MD 56 100.00 25.34 13.57
C ARG MD 56 100.24 24.77 14.97
N SER MD 57 101.41 25.01 15.55
CA SER MD 57 101.74 24.44 16.86
C SER MD 57 100.78 24.97 17.92
N PHE MD 58 100.85 26.27 18.20
CA PHE MD 58 99.82 26.94 18.98
C PHE MD 58 98.60 27.29 18.15
N GLY MD 59 98.71 27.23 16.83
CA GLY MD 59 97.60 27.41 15.93
C GLY MD 59 97.58 28.80 15.34
N ILE MD 60 98.18 28.93 14.16
CA ILE MD 60 98.30 30.21 13.44
C ILE MD 60 98.48 29.89 11.96
N ARG MD 61 98.23 30.89 11.13
CA ARG MD 61 98.44 30.76 9.70
C ARG MD 61 99.06 32.04 9.16
N ARG MD 62 99.68 31.94 7.99
CA ARG MD 62 100.31 33.10 7.40
C ARG MD 62 99.26 34.10 6.93
N ASN MD 63 99.67 35.37 6.89
CA ASN MD 63 98.79 36.48 6.53
C ASN MD 63 97.61 36.62 7.49
N GLU MD 64 97.68 35.95 8.63
CA GLU MD 64 96.67 36.15 9.66
C GLU MD 64 96.88 37.50 10.33
N LYS MD 65 95.95 37.86 11.22
CA LYS MD 65 96.13 38.99 12.11
C LYS MD 65 96.38 38.46 13.51
N ILE MD 66 97.57 38.72 14.03
CA ILE MD 66 98.01 38.09 15.28
C ILE MD 66 98.25 39.13 16.35
N ALA MD 67 99.14 40.08 16.06
CA ALA MD 67 99.62 41.01 17.07
C ALA MD 67 99.25 42.45 16.71
N VAL MD 68 99.25 43.29 17.73
CA VAL MD 68 99.01 44.72 17.58
C VAL MD 68 100.21 45.44 18.19
N HIS MD 69 100.73 46.43 17.47
CA HIS MD 69 101.85 47.22 17.98
C HIS MD 69 101.62 48.68 17.64
N CYS MD 70 102.26 49.54 18.44
CA CYS MD 70 102.20 50.97 18.24
C CYS MD 70 103.54 51.60 18.60
N THR MD 71 103.86 52.70 17.94
CA THR MD 71 105.09 53.43 18.18
C THR MD 71 104.76 54.83 18.67
N VAL MD 72 105.44 55.27 19.72
CA VAL MD 72 105.19 56.55 20.36
C VAL MD 72 106.52 57.26 20.56
N ARG MD 73 106.54 58.56 20.29
CA ARG MD 73 107.75 59.35 20.43
C ARG MD 73 107.45 60.63 21.20
N GLY MD 74 108.49 61.19 21.82
CA GLY MD 74 108.43 62.52 22.38
C GLY MD 74 107.77 62.63 23.74
N ALA MD 75 106.96 63.69 23.92
CA ALA MD 75 106.34 63.94 25.21
C ALA MD 75 105.40 62.80 25.60
N LYS MD 76 104.63 62.29 24.64
CA LYS MD 76 103.76 61.15 24.93
C LYS MD 76 104.57 59.96 25.37
N ALA MD 77 105.72 59.71 24.73
CA ALA MD 77 106.56 58.58 25.11
C ALA MD 77 107.02 58.71 26.56
N GLU MD 78 107.46 59.90 26.95
CA GLU MD 78 107.91 60.12 28.32
C GLU MD 78 106.84 59.73 29.32
N GLU MD 79 105.58 60.07 29.02
CA GLU MD 79 104.51 59.77 29.96
C GLU MD 79 104.22 58.28 30.05
N ILE MD 80 104.09 57.61 28.90
CA ILE MD 80 103.67 56.21 28.90
C ILE MD 80 104.72 55.31 29.52
N LEU MD 81 105.99 55.50 29.18
CA LEU MD 81 107.01 54.59 29.72
C LEU MD 81 107.17 54.78 31.22
N GLU MD 82 107.08 56.03 31.71
CA GLU MD 82 107.10 56.23 33.16
C GLU MD 82 105.96 55.47 33.82
N LYS MD 83 104.77 55.53 33.22
CA LYS MD 83 103.67 54.69 33.66
C LYS MD 83 104.09 53.23 33.65
N GLY MD 84 105.00 52.86 32.76
CA GLY MD 84 105.40 51.46 32.65
C GLY MD 84 106.25 50.96 33.81
N LEU MD 85 107.50 51.41 33.90
CA LEU MD 85 108.42 50.80 34.86
C LEU MD 85 108.02 51.11 36.30
N LYS MD 86 107.10 52.05 36.48
CA LYS MD 86 106.53 52.24 37.81
C LYS MD 86 105.89 50.97 38.33
N VAL MD 87 105.20 50.23 37.47
CA VAL MD 87 104.65 48.93 37.87
C VAL MD 87 105.79 47.98 38.23
N ARG MD 88 106.90 48.07 37.51
CA ARG MD 88 108.10 47.30 37.83
C ARG MD 88 108.96 47.98 38.87
N GLU MD 89 108.38 48.88 39.67
CA GLU MD 89 109.02 49.58 40.77
C GLU MD 89 110.45 50.02 40.41
N TYR MD 90 110.63 50.48 39.17
CA TYR MD 90 111.92 50.95 38.69
C TYR MD 90 112.99 49.87 38.88
N GLU MD 91 112.67 48.68 38.38
CA GLU MD 91 113.55 47.52 38.58
C GLU MD 91 113.52 46.66 37.31
N LEU MD 92 114.48 46.90 36.42
CA LEU MD 92 114.80 46.00 35.31
C LEU MD 92 116.16 45.40 35.61
N ARG MD 93 116.23 44.07 35.71
CA ARG MD 93 117.19 43.48 36.64
C ARG MD 93 118.60 43.43 36.07
N LYS MD 94 118.86 42.58 35.07
CA LYS MD 94 120.26 42.39 34.67
C LYS MD 94 120.52 42.63 33.19
N ASN MD 95 119.78 41.93 32.33
CA ASN MD 95 120.11 41.85 30.92
C ASN MD 95 118.90 42.20 30.04
N ASN MD 96 117.97 42.97 30.57
CA ASN MD 96 116.93 43.52 29.71
C ASN MD 96 117.48 44.56 28.75
N PHE MD 97 118.74 44.95 28.92
CA PHE MD 97 119.38 45.95 28.08
C PHE MD 97 120.08 45.25 26.92
N SER MD 98 119.94 45.80 25.72
CA SER MD 98 120.62 45.23 24.57
C SER MD 98 122.01 45.83 24.43
N ASP MD 99 122.93 45.05 23.86
CA ASP MD 99 124.25 45.59 23.54
C ASP MD 99 124.17 46.73 22.55
N THR MD 100 123.06 46.86 21.82
CA THR MD 100 122.81 48.01 20.96
C THR MD 100 122.61 49.29 21.75
N GLY MD 101 122.36 49.20 23.05
CA GLY MD 101 122.14 50.37 23.87
C GLY MD 101 120.70 50.71 24.17
N ASN MD 102 119.76 49.85 23.78
CA ASN MD 102 118.34 50.05 24.07
C ASN MD 102 117.91 48.95 25.02
N PHE MD 103 116.62 48.92 25.34
CA PHE MD 103 116.09 47.92 26.25
C PHE MD 103 114.59 47.77 26.10
N GLY MD 104 114.06 46.82 26.86
CA GLY MD 104 112.63 46.60 26.94
C GLY MD 104 112.30 45.67 28.08
N PHE MD 105 111.01 45.43 28.24
CA PHE MD 105 110.46 44.66 29.35
C PHE MD 105 108.98 44.46 29.10
N GLY MD 106 108.34 43.71 29.99
CA GLY MD 106 106.94 43.36 29.79
C GLY MD 106 106.05 43.52 31.00
N ILE MD 107 104.79 43.84 30.77
CA ILE MD 107 103.79 44.00 31.81
C ILE MD 107 102.68 42.99 31.60
N GLN MD 108 102.37 42.22 32.63
CA GLN MD 108 101.36 41.16 32.50
C GLN MD 108 99.95 41.69 32.64
N GLU MD 109 99.77 42.85 33.29
CA GLU MD 109 98.45 43.39 33.54
C GLU MD 109 98.47 44.89 33.31
N HIS MD 110 97.78 45.33 32.25
CA HIS MD 110 97.72 46.74 31.90
C HIS MD 110 96.80 47.56 32.78
N ILE MD 111 95.69 46.98 33.24
CA ILE MD 111 94.66 47.77 33.88
C ILE MD 111 95.10 48.38 35.21
N ASP MD 112 96.13 47.82 35.86
CA ASP MD 112 96.60 48.40 37.12
C ASP MD 112 96.89 49.88 36.97
N LEU MD 113 97.48 50.26 35.85
CA LEU MD 113 97.63 51.66 35.46
C LEU MD 113 98.02 51.68 33.99
N GLY MD 114 97.30 52.45 33.19
CA GLY MD 114 96.36 53.48 33.60
C GLY MD 114 94.91 53.07 33.62
N ILE MD 115 94.19 53.38 32.54
CA ILE MD 115 92.72 53.33 32.46
C ILE MD 115 92.16 52.10 33.15
N LYS MD 116 91.11 52.31 33.95
CA LYS MD 116 90.53 51.27 34.78
C LYS MD 116 89.77 50.26 33.93
N TYR MD 117 89.32 49.19 34.60
CA TYR MD 117 88.79 48.04 33.89
C TYR MD 117 87.45 48.35 33.23
N ASP MD 118 87.25 47.79 32.05
CA ASP MD 118 85.99 47.86 31.32
C ASP MD 118 85.62 46.42 30.98
N PRO MD 119 84.37 46.00 31.22
CA PRO MD 119 84.04 44.58 31.05
C PRO MD 119 84.01 44.14 29.60
N SER MD 120 83.72 45.03 28.67
CA SER MD 120 83.73 44.65 27.26
C SER MD 120 85.14 44.24 26.83
N ILE MD 121 86.14 45.04 27.16
CA ILE MD 121 87.52 44.76 26.78
C ILE MD 121 88.14 43.76 27.75
N GLY MD 122 89.29 43.21 27.39
CA GLY MD 122 89.92 42.13 28.14
C GLY MD 122 90.81 42.58 29.28
N ILE MD 123 91.81 41.76 29.57
CA ILE MD 123 92.68 41.94 30.73
C ILE MD 123 94.14 41.93 30.27
N TYR MD 124 94.37 42.35 29.03
CA TYR MD 124 95.64 42.09 28.36
C TYR MD 124 96.83 42.68 29.11
N GLY MD 125 97.94 41.94 29.08
CA GLY MD 125 99.25 42.48 29.35
C GLY MD 125 99.98 42.82 28.06
N LEU MD 126 101.23 43.25 28.20
CA LEU MD 126 101.98 43.76 27.06
C LEU MD 126 103.44 43.97 27.44
N ASP MD 127 104.25 44.36 26.45
CA ASP MD 127 105.67 44.63 26.66
C ASP MD 127 106.08 45.91 25.97
N PHE MD 128 106.93 46.69 26.63
CA PHE MD 128 107.61 47.82 26.03
C PHE MD 128 108.97 47.40 25.47
N TYR MD 129 109.51 48.22 24.59
CA TYR MD 129 110.93 48.15 24.23
C TYR MD 129 111.34 49.53 23.73
N VAL MD 130 112.04 50.28 24.57
CA VAL MD 130 112.47 51.60 24.17
C VAL MD 130 113.67 51.50 23.24
N VAL MD 131 113.97 52.61 22.57
CA VAL MD 131 115.22 52.78 21.85
C VAL MD 131 115.76 54.17 22.18
N LEU MD 132 117.04 54.23 22.54
CA LEU MD 132 117.69 55.47 22.90
C LEU MD 132 118.46 56.00 21.71
N GLY MD 133 118.92 57.24 21.82
CA GLY MD 133 119.74 57.81 20.78
C GLY MD 133 120.10 59.26 21.01
N ARG MD 134 121.34 59.61 20.74
CA ARG MD 134 121.71 61.02 20.75
C ARG MD 134 121.11 61.70 19.54
N PRO MD 135 120.94 63.02 19.57
CA PRO MD 135 120.54 63.73 18.36
C PRO MD 135 121.56 63.50 17.25
N GLY MD 136 121.05 63.42 16.02
CA GLY MD 136 121.85 63.05 14.87
C GLY MD 136 121.72 61.61 14.45
N PHE MD 137 121.02 60.78 15.23
CA PHE MD 137 120.82 59.39 14.83
C PHE MD 137 119.95 59.26 13.59
N SER MD 138 119.19 60.29 13.25
CA SER MD 138 118.28 60.24 12.12
C SER MD 138 118.99 60.19 10.77
N ILE MD 139 120.29 60.50 10.73
CA ILE MD 139 121.00 60.46 9.46
C ILE MD 139 121.03 59.05 8.88
N ALA MD 140 121.02 58.01 9.71
CA ALA MD 140 120.95 56.65 9.20
C ALA MD 140 119.62 56.38 8.51
N ASP MD 141 118.60 57.17 8.82
CA ASP MD 141 117.27 56.99 8.29
C ASP MD 141 116.98 57.96 7.15
N LYS MD 142 117.61 59.14 7.15
CA LYS MD 142 117.40 60.14 6.11
C LYS MD 142 117.57 59.53 4.72
N LYS MD 143 116.90 60.13 3.74
CA LYS MD 143 116.92 59.59 2.39
C LYS MD 143 118.12 60.08 1.60
N ARG MD 144 118.45 61.37 1.72
CA ARG MD 144 119.53 61.96 0.96
C ARG MD 144 120.81 61.94 1.80
N ARG MD 145 121.91 61.49 1.19
CA ARG MD 145 123.21 61.44 1.84
C ARG MD 145 123.15 60.65 3.14
N THR MD 146 122.47 59.53 3.11
CA THR MD 146 122.39 58.66 4.27
C THR MD 146 123.78 58.14 4.63
N GLY MD 147 124.11 58.18 5.92
CA GLY MD 147 125.42 57.75 6.37
C GLY MD 147 125.33 56.99 7.68
N CYS MD 148 126.43 56.32 8.01
CA CYS MD 148 126.53 55.59 9.26
C CYS MD 148 126.58 56.55 10.44
N ILE MD 149 126.25 56.03 11.62
CA ILE MD 149 126.16 56.88 12.81
C ILE MD 149 127.55 57.34 13.25
N GLY MD 150 128.56 56.51 13.05
CA GLY MD 150 129.88 56.76 13.58
C GLY MD 150 130.22 55.77 14.68
N ALA MD 151 131.45 55.87 15.17
CA ALA MD 151 131.96 54.91 16.13
C ALA MD 151 131.71 55.32 17.57
N LYS MD 152 132.27 56.45 17.99
CA LYS MD 152 132.13 56.86 19.39
C LYS MD 152 130.79 57.51 19.69
N HIS MD 153 130.04 57.87 18.66
CA HIS MD 153 128.71 58.41 18.84
C HIS MD 153 127.70 57.34 19.23
N ARG MD 154 128.09 56.07 19.19
CA ARG MD 154 127.17 54.98 19.46
C ARG MD 154 126.78 54.96 20.94
N ILE MD 155 125.88 54.05 21.28
CA ILE MD 155 125.33 53.93 22.62
C ILE MD 155 125.69 52.57 23.17
N SER MD 156 126.53 52.54 24.20
CA SER MD 156 126.89 51.28 24.82
C SER MD 156 125.81 50.84 25.81
N LYS MD 157 125.82 49.55 26.13
CA LYS MD 157 124.93 49.05 27.17
C LYS MD 157 125.24 49.69 28.51
N GLU MD 158 126.52 49.92 28.78
CA GLU MD 158 126.91 50.60 30.02
C GLU MD 158 126.33 52.00 30.09
N GLU MD 159 126.47 52.78 29.01
CA GLU MD 159 125.84 54.10 29.01
C GLU MD 159 124.33 53.99 29.03
N ALA MD 160 123.77 52.93 28.44
CA ALA MD 160 122.35 52.67 28.60
C ALA MD 160 122.02 52.39 30.06
N MET MD 161 122.90 51.65 30.74
CA MET MD 161 122.73 51.41 32.17
C MET MD 161 122.76 52.72 32.95
N ARG MD 162 123.77 53.56 32.69
CA ARG MD 162 123.96 54.77 33.47
C ARG MD 162 122.83 55.77 33.26
N TRP MD 163 122.35 55.91 32.02
CA TRP MD 163 121.27 56.85 31.76
C TRP MD 163 120.02 56.47 32.53
N PHE MD 164 119.72 55.18 32.60
CA PHE MD 164 118.56 54.74 33.37
C PHE MD 164 118.72 55.11 34.85
N GLN MD 165 119.93 54.93 35.38
CA GLN MD 165 120.16 55.23 36.79
C GLN MD 165 119.97 56.71 37.08
N GLN MD 166 120.58 57.58 36.29
CA GLN MD 166 120.64 59.00 36.64
C GLN MD 166 119.27 59.65 36.65
N LYS MD 167 118.43 59.31 35.67
CA LYS MD 167 117.16 60.02 35.46
C LYS MD 167 116.01 59.34 36.19
N TYR MD 168 116.12 58.05 36.46
CA TYR MD 168 115.03 57.32 37.08
C TYR MD 168 115.33 56.82 38.48
N ASP MD 169 116.60 56.79 38.88
CA ASP MD 169 117.03 56.27 40.18
C ASP MD 169 116.68 54.78 40.32
N GLY MD 170 116.75 54.05 39.22
CA GLY MD 170 116.42 52.65 39.23
C GLY MD 170 117.44 51.79 39.94
N ILE MD 171 117.39 50.50 39.64
CA ILE MD 171 118.35 49.53 40.16
C ILE MD 171 118.52 48.42 39.14
N ILE MD 172 119.79 48.14 38.80
CA ILE MD 172 120.12 47.15 37.78
C ILE MD 172 121.10 46.16 38.38
N LEU MD 173 121.20 44.99 37.74
CA LEU MD 173 122.07 43.88 38.12
C LEU MD 173 121.97 43.59 39.62
N PRO MD 174 120.86 43.04 40.08
CA PRO MD 174 120.79 42.62 41.49
C PRO MD 174 121.86 41.57 41.78
N GLY MD 175 122.39 41.63 43.00
CA GLY MD 175 123.57 40.86 43.35
C GLY MD 175 123.35 39.38 43.52
N LYS MD 176 123.03 38.69 42.43
CA LYS MD 176 122.91 37.23 42.42
C LYS MD 176 123.68 36.62 41.26
N ALA ND 1 111.29 14.86 -60.81
CA ALA ND 1 112.72 15.05 -60.57
C ALA ND 1 113.23 16.29 -61.29
N PRO ND 2 112.81 17.47 -60.84
CA PRO ND 2 113.32 18.70 -61.44
C PRO ND 2 114.81 18.83 -61.17
N SER ND 3 115.55 19.29 -62.17
CA SER ND 3 117.00 19.27 -62.05
C SER ND 3 117.52 20.48 -61.26
N ARG ND 4 117.41 21.67 -61.84
CA ARG ND 4 117.80 22.87 -61.11
C ARG ND 4 116.68 23.89 -61.09
N ASN ND 5 116.16 24.20 -62.27
CA ASN ND 5 115.21 25.31 -62.42
C ASN ND 5 114.67 25.20 -63.83
N GLY ND 6 113.35 25.21 -63.97
CA GLY ND 6 112.75 25.09 -65.28
C GLY ND 6 111.25 25.28 -65.20
N MET ND 7 110.62 25.04 -66.34
CA MET ND 7 109.18 25.05 -66.43
C MET ND 7 108.59 23.98 -65.53
N VAL ND 8 107.35 24.16 -65.12
CA VAL ND 8 106.63 23.07 -64.45
C VAL ND 8 105.77 22.40 -65.50
N LEU ND 9 106.24 21.27 -66.01
CA LEU ND 9 105.67 20.66 -67.19
C LEU ND 9 104.67 19.57 -66.83
N LYS ND 10 103.56 19.54 -67.57
CA LYS ND 10 102.52 18.52 -67.41
C LYS ND 10 102.23 17.94 -68.79
N PRO ND 11 103.12 17.10 -69.31
CA PRO ND 11 102.84 16.47 -70.60
C PRO ND 11 101.73 15.44 -70.46
N HIS ND 12 100.82 15.44 -71.41
CA HIS ND 12 99.64 14.58 -71.35
C HIS ND 12 99.86 13.26 -72.07
N PHE ND 13 100.82 12.47 -71.64
CA PHE ND 13 101.17 11.23 -72.33
C PHE ND 13 101.05 10.02 -71.40
N HIS ND 14 100.02 10.01 -70.55
CA HIS ND 14 99.74 8.88 -69.70
C HIS ND 14 98.61 8.01 -70.24
N LYS ND 15 98.20 8.24 -71.49
CA LYS ND 15 96.96 7.65 -72.00
C LYS ND 15 97.21 6.74 -73.19
N ASP ND 16 98.40 6.14 -73.27
CA ASP ND 16 98.76 5.24 -74.37
C ASP ND 16 98.53 5.93 -75.71
N TRP ND 17 99.01 7.17 -75.78
CA TRP ND 17 98.82 7.99 -76.98
C TRP ND 17 99.38 7.31 -78.22
N GLN ND 18 100.42 6.49 -78.06
CA GLN ND 18 101.04 5.84 -79.20
C GLN ND 18 100.07 4.98 -80.00
N ARG ND 19 99.03 4.45 -79.36
CA ARG ND 19 98.07 3.66 -80.11
C ARG ND 19 97.34 4.51 -81.13
N ARG ND 20 96.94 5.73 -80.77
CA ARG ND 20 96.21 6.61 -81.68
C ARG ND 20 97.09 7.81 -81.98
N VAL ND 21 97.88 7.68 -83.05
CA VAL ND 21 98.64 8.80 -83.59
C VAL ND 21 98.32 8.88 -85.08
N ALA ND 22 97.89 10.04 -85.52
CA ALA ND 22 97.49 10.26 -86.91
C ALA ND 22 98.66 10.87 -87.65
N THR ND 23 99.32 10.07 -88.49
CA THR ND 23 100.37 10.61 -89.33
C THR ND 23 99.75 11.35 -90.50
N TRP ND 24 100.57 12.17 -91.16
CA TRP ND 24 100.10 13.00 -92.26
C TRP ND 24 100.83 12.68 -93.56
N PHE ND 25 101.27 11.43 -93.73
CA PHE ND 25 102.01 11.08 -94.94
C PHE ND 25 101.14 11.14 -96.17
N ASN ND 26 99.82 11.16 -96.02
CA ASN ND 26 98.91 11.30 -97.15
C ASN ND 26 98.52 12.75 -97.41
N GLN ND 27 99.04 13.69 -96.62
CA GLN ND 27 98.66 15.09 -96.79
C GLN ND 27 98.84 15.58 -98.22
N PRO ND 28 99.96 15.33 -98.91
CA PRO ND 28 100.02 15.73 -100.31
C PRO ND 28 99.03 14.98 -101.18
N ALA ND 29 98.96 13.66 -101.03
CA ALA ND 29 98.04 12.87 -101.86
C ALA ND 29 96.60 13.31 -101.62
N ARG ND 30 96.25 13.60 -100.38
CA ARG ND 30 94.91 14.14 -100.10
C ARG ND 30 94.71 15.46 -100.83
N LYS ND 31 95.73 16.32 -100.81
CA LYS ND 31 95.61 17.62 -101.46
C LYS ND 31 95.42 17.45 -102.96
N ILE ND 32 96.14 16.52 -103.58
CA ILE ND 32 95.98 16.28 -105.01
C ILE ND 32 94.57 15.79 -105.30
N ARG ND 33 94.06 14.87 -104.49
CA ARG ND 33 92.75 14.31 -104.75
C ARG ND 33 91.66 15.38 -104.67
N ARG ND 34 91.75 16.26 -103.68
CA ARG ND 34 90.77 17.34 -103.56
C ARG ND 34 90.82 18.25 -104.78
N ARG ND 35 92.02 18.59 -105.24
CA ARG ND 35 92.15 19.45 -106.40
C ARG ND 35 91.57 18.78 -107.65
N LYS ND 36 91.86 17.50 -107.84
CA LYS ND 36 91.28 16.79 -108.98
C LYS ND 36 89.77 16.72 -108.88
N ALA ND 37 89.24 16.46 -107.68
CA ALA ND 37 87.80 16.50 -107.49
C ALA ND 37 87.25 17.90 -107.74
N ARG ND 38 87.96 18.93 -107.28
CA ARG ND 38 87.51 20.30 -107.48
C ARG ND 38 87.36 20.62 -108.96
N GLN ND 39 88.36 20.25 -109.77
CA GLN ND 39 88.30 20.53 -111.19
C GLN ND 39 87.15 19.77 -111.86
N ALA ND 40 86.94 18.52 -111.44
CA ALA ND 40 85.91 17.70 -112.07
C ALA ND 40 84.53 18.34 -111.95
N LYS ND 41 84.20 18.82 -110.76
CA LYS ND 41 82.91 19.50 -110.59
C LYS ND 41 82.83 20.75 -111.46
N ALA ND 42 83.88 21.56 -111.46
CA ALA ND 42 83.87 22.80 -112.24
C ALA ND 42 83.61 22.50 -113.71
N ARG ND 43 84.19 21.42 -114.24
CA ARG ND 43 83.89 21.02 -115.60
C ARG ND 43 82.53 20.35 -115.73
N ARG ND 44 82.01 19.77 -114.64
CA ARG ND 44 80.69 19.14 -114.71
C ARG ND 44 79.60 20.19 -114.90
N ILE ND 45 79.65 21.27 -114.13
CA ILE ND 45 78.70 22.37 -114.27
C ILE ND 45 79.33 23.35 -115.25
N ALA ND 46 78.91 23.28 -116.52
CA ALA ND 46 79.65 23.97 -117.58
C ALA ND 46 79.66 25.47 -117.40
N PRO ND 47 78.51 26.17 -117.26
CA PRO ND 47 78.57 27.62 -117.10
C PRO ND 47 78.46 28.12 -115.67
N ARG ND 48 78.12 27.24 -114.73
CA ARG ND 48 77.87 27.67 -113.36
C ARG ND 48 79.17 28.08 -112.68
N PRO ND 49 79.14 29.05 -111.77
CA PRO ND 49 80.39 29.74 -111.40
C PRO ND 49 81.29 28.99 -110.43
N ALA ND 50 81.47 27.69 -110.64
CA ALA ND 50 82.68 26.97 -110.22
C ALA ND 50 82.97 27.01 -108.72
N SER ND 51 82.15 27.72 -107.95
CA SER ND 51 82.46 27.89 -106.53
C SER ND 51 81.19 27.97 -105.68
N GLY ND 52 80.13 27.31 -106.11
CA GLY ND 52 78.89 27.32 -105.38
C GLY ND 52 78.11 28.59 -105.63
N PRO ND 53 76.97 28.72 -104.96
CA PRO ND 53 76.14 29.91 -105.14
C PRO ND 53 76.69 31.12 -104.41
N ILE ND 54 76.04 32.24 -104.53
CA ILE ND 54 76.49 33.47 -103.88
C ILE ND 54 76.10 33.43 -102.42
N ARG ND 55 76.79 34.22 -101.62
CA ARG ND 55 76.58 34.32 -100.18
C ARG ND 55 76.33 35.77 -99.79
N PRO ND 56 75.64 36.01 -98.67
CA PRO ND 56 75.31 37.37 -98.28
C PRO ND 56 76.42 38.03 -97.48
N ILE ND 57 76.27 39.34 -97.30
CA ILE ND 57 77.21 40.11 -96.48
C ILE ND 57 76.83 39.91 -95.02
N VAL ND 58 77.79 39.45 -94.22
CA VAL ND 58 77.52 39.00 -92.87
C VAL ND 58 78.57 39.53 -91.91
N ARG ND 59 78.12 40.09 -90.80
CA ARG ND 59 78.99 40.67 -89.78
C ARG ND 59 79.31 39.62 -88.72
N CYS ND 60 80.58 39.53 -88.35
CA CYS ND 60 81.01 38.54 -87.38
C CYS ND 60 80.42 38.84 -86.00
N PRO ND 61 79.92 37.83 -85.29
CA PRO ND 61 79.09 38.06 -84.10
C PRO ND 61 79.87 38.09 -82.79
N THR ND 62 80.82 39.02 -82.67
CA THR ND 62 81.44 39.24 -81.37
C THR ND 62 82.12 40.60 -81.36
N VAL ND 63 82.14 41.22 -80.18
CA VAL ND 63 82.83 42.49 -80.00
C VAL ND 63 84.27 42.41 -80.49
N ARG ND 64 84.89 41.24 -80.36
CA ARG ND 64 86.22 41.06 -80.93
C ARG ND 64 86.20 41.18 -82.44
N TYR ND 65 85.17 40.64 -83.08
CA TYR ND 65 85.14 40.54 -84.53
C TYR ND 65 84.04 41.34 -85.19
N HIS ND 66 83.18 42.02 -84.44
CA HIS ND 66 82.07 42.71 -85.09
C HIS ND 66 82.52 43.85 -85.98
N THR ND 67 83.77 44.27 -85.88
CA THR ND 67 84.29 45.27 -86.80
C THR ND 67 84.29 44.75 -88.23
N LYS ND 68 84.83 43.55 -88.44
CA LYS ND 68 84.98 43.02 -89.79
C LYS ND 68 83.65 42.53 -90.33
N VAL ND 69 83.71 41.93 -91.51
CA VAL ND 69 82.55 41.40 -92.20
C VAL ND 69 82.98 40.17 -92.99
N ARG ND 70 82.02 39.31 -93.31
CA ARG ND 70 82.35 38.06 -93.98
C ARG ND 70 81.13 37.56 -94.72
N ALA ND 71 81.25 36.37 -95.31
CA ALA ND 71 80.17 35.75 -96.06
C ALA ND 71 79.50 34.67 -95.23
N GLY ND 72 78.21 34.83 -94.97
CA GLY ND 72 77.47 33.89 -94.18
C GLY ND 72 76.93 32.72 -94.99
N ARG ND 73 76.11 31.91 -94.33
CA ARG ND 73 75.60 30.71 -94.98
C ARG ND 73 74.77 31.04 -96.21
N GLY ND 74 73.84 31.98 -96.08
CA GLY ND 74 72.98 32.29 -97.20
C GLY ND 74 72.05 33.44 -96.89
N PHE ND 75 71.27 33.81 -97.90
CA PHE ND 75 70.43 34.99 -97.79
C PHE ND 75 69.15 34.69 -97.03
N SER ND 76 68.75 35.63 -96.19
CA SER ND 76 67.52 35.49 -95.43
C SER ND 76 66.31 35.66 -96.35
N LEU ND 77 65.21 35.03 -95.95
CA LEU ND 77 63.97 35.16 -96.71
C LEU ND 77 63.53 36.60 -96.83
N GLU ND 78 63.76 37.40 -95.79
CA GLU ND 78 63.40 38.81 -95.85
C GLU ND 78 64.15 39.51 -96.99
N GLU ND 79 65.43 39.19 -97.16
CA GLU ND 79 66.19 39.78 -98.26
C GLU ND 79 65.62 39.37 -99.60
N LEU ND 80 65.22 38.09 -99.74
CA LEU ND 80 64.58 37.66 -100.98
C LEU ND 80 63.27 38.38 -101.19
N ARG ND 81 62.47 38.50 -100.12
CA ARG ND 81 61.15 39.12 -100.26
C ARG ND 81 61.27 40.57 -100.68
N VAL ND 82 62.19 41.32 -100.08
CA VAL ND 82 62.39 42.70 -100.47
C VAL ND 82 63.07 42.80 -101.83
N ALA ND 83 63.72 41.74 -102.29
CA ALA ND 83 64.31 41.73 -103.61
C ALA ND 83 63.42 41.05 -104.65
N GLY ND 84 62.32 40.44 -104.22
CA GLY ND 84 61.36 39.90 -105.15
C GLY ND 84 61.79 38.66 -105.91
N ILE ND 85 62.37 37.68 -105.22
CA ILE ND 85 62.63 36.37 -105.79
C ILE ND 85 61.95 35.32 -104.92
N HIS ND 86 61.24 34.41 -105.56
CA HIS ND 86 60.62 33.30 -104.84
C HIS ND 86 61.70 32.47 -104.15
N LYS ND 87 61.50 32.23 -102.86
CA LYS ND 87 62.51 31.52 -102.08
C LYS ND 87 62.82 30.13 -102.62
N LYS ND 88 61.87 29.50 -103.29
CA LYS ND 88 62.10 28.19 -103.89
C LYS ND 88 62.96 28.25 -105.14
N VAL ND 89 62.71 29.23 -106.02
CA VAL ND 89 63.48 29.34 -107.24
C VAL ND 89 64.88 29.90 -106.99
N ALA ND 90 65.13 30.46 -105.81
CA ALA ND 90 66.44 31.01 -105.51
C ALA ND 90 67.51 29.94 -105.57
N ARG ND 91 67.23 28.76 -105.01
CA ARG ND 91 68.19 27.68 -105.05
C ARG ND 91 68.44 27.20 -106.48
N THR ND 92 67.43 27.28 -107.34
CA THR ND 92 67.65 26.94 -108.75
C THR ND 92 68.61 27.91 -109.40
N ILE ND 93 68.52 29.19 -109.06
CA ILE ND 93 69.37 30.18 -109.70
C ILE ND 93 70.76 30.20 -109.06
N GLY ND 94 70.86 29.81 -107.79
CA GLY ND 94 72.12 29.87 -107.11
C GLY ND 94 72.21 31.04 -106.15
N ILE ND 95 71.17 31.24 -105.36
CA ILE ND 95 71.13 32.33 -104.40
C ILE ND 95 71.46 31.81 -103.01
N SER ND 96 71.26 30.52 -102.78
CA SER ND 96 71.63 29.86 -101.53
C SER ND 96 70.93 30.51 -100.34
N VAL ND 97 69.62 30.30 -100.28
CA VAL ND 97 68.82 30.87 -99.22
C VAL ND 97 69.16 30.23 -97.88
N ASP ND 98 69.26 31.06 -96.84
CA ASP ND 98 69.37 30.59 -95.46
C ASP ND 98 68.16 31.10 -94.69
N PRO ND 99 67.16 30.27 -94.45
CA PRO ND 99 65.92 30.77 -93.85
C PRO ND 99 66.05 31.15 -92.38
N ARG ND 100 66.78 30.35 -91.61
CA ARG ND 100 66.79 30.51 -90.16
C ARG ND 100 67.58 31.73 -89.70
N ARG ND 101 68.06 32.55 -90.62
CA ARG ND 101 68.74 33.79 -90.26
C ARG ND 101 67.76 34.95 -90.38
N ARG ND 102 67.67 35.74 -89.32
CA ARG ND 102 66.80 36.91 -89.28
C ARG ND 102 67.64 38.17 -89.25
N ASN ND 103 67.04 39.26 -89.71
CA ASN ND 103 67.75 40.53 -89.86
C ASN ND 103 67.21 41.50 -88.82
N LYS ND 104 68.02 41.77 -87.79
CA LYS ND 104 67.61 42.68 -86.74
C LYS ND 104 67.70 44.16 -87.16
N SER ND 105 68.58 44.50 -88.08
CA SER ND 105 68.79 45.89 -88.44
C SER ND 105 68.55 46.10 -89.93
N THR ND 106 68.14 47.31 -90.27
CA THR ND 106 67.94 47.67 -91.66
C THR ND 106 69.24 47.71 -92.45
N GLU ND 107 70.31 48.26 -91.85
CA GLU ND 107 71.55 48.50 -92.59
C GLU ND 107 72.10 47.22 -93.20
N SER ND 108 71.85 46.08 -92.56
CA SER ND 108 72.25 44.81 -93.14
C SER ND 108 71.43 44.51 -94.40
N LEU ND 109 70.13 44.81 -94.37
CA LEU ND 109 69.26 44.42 -95.47
C LEU ND 109 69.66 45.08 -96.78
N GLN ND 110 69.65 46.42 -96.83
CA GLN ND 110 69.82 47.09 -98.12
C GLN ND 110 71.13 46.69 -98.77
N ALA ND 111 72.19 46.51 -97.98
CA ALA ND 111 73.44 46.03 -98.54
C ALA ND 111 73.28 44.66 -99.18
N ASN ND 112 72.52 43.77 -98.52
CA ASN ND 112 72.31 42.44 -99.07
C ASN ND 112 71.40 42.47 -100.29
N VAL ND 113 70.29 43.20 -100.22
CA VAL ND 113 69.39 43.26 -101.37
C VAL ND 113 70.06 43.99 -102.54
N GLN ND 114 70.89 44.99 -102.24
CA GLN ND 114 71.72 45.56 -103.29
C GLN ND 114 72.65 44.51 -103.87
N ARG ND 115 73.25 43.70 -103.00
CA ARG ND 115 74.08 42.60 -103.49
C ARG ND 115 73.26 41.63 -104.32
N LEU ND 116 72.04 41.33 -103.88
CA LEU ND 116 71.15 40.49 -104.69
C LEU ND 116 70.85 41.14 -106.03
N LYS ND 117 70.46 42.41 -106.02
CA LYS ND 117 70.10 43.07 -107.28
C LYS ND 117 71.28 43.10 -108.24
N GLU ND 118 72.49 43.32 -107.72
CA GLU ND 118 73.67 43.26 -108.57
C GLU ND 118 73.87 41.87 -109.15
N TYR ND 119 73.64 40.83 -108.34
CA TYR ND 119 73.80 39.47 -108.83
C TYR ND 119 72.83 39.18 -109.96
N ARG ND 120 71.57 39.56 -109.80
CA ARG ND 120 70.59 39.36 -110.85
C ARG ND 120 70.94 40.16 -112.10
N SER ND 121 71.43 41.38 -111.93
CA SER ND 121 71.83 42.20 -113.07
C SER ND 121 73.01 41.60 -113.81
N LYS ND 122 73.89 40.91 -113.12
CA LYS ND 122 75.05 40.27 -113.74
C LYS ND 122 74.77 38.86 -114.20
N LEU ND 123 73.64 38.28 -113.82
CA LEU ND 123 73.37 36.87 -114.07
C LEU ND 123 72.90 36.68 -115.51
N ILE ND 124 73.37 35.61 -116.13
CA ILE ND 124 72.92 35.19 -117.44
C ILE ND 124 72.32 33.81 -117.31
N LEU ND 125 71.08 33.65 -117.77
CA LEU ND 125 70.34 32.42 -117.56
C LEU ND 125 70.02 31.77 -118.90
N PHE ND 126 70.46 30.54 -119.09
CA PHE ND 126 70.25 29.79 -120.33
C PHE ND 126 68.81 29.34 -120.43
N PRO ND 127 68.21 29.37 -121.62
CA PRO ND 127 66.90 28.73 -121.80
C PRO ND 127 67.01 27.24 -121.56
N ARG ND 128 65.97 26.67 -120.96
CA ARG ND 128 66.02 25.24 -120.65
C ARG ND 128 66.09 24.42 -121.94
N LYS ND 129 65.36 24.81 -122.96
CA LYS ND 129 65.56 24.26 -124.29
C LYS ND 129 66.28 25.30 -125.14
N PRO ND 130 67.51 25.03 -125.58
CA PRO ND 130 68.20 25.99 -126.44
C PRO ND 130 67.46 26.27 -127.74
N SER ND 131 66.78 25.27 -128.29
CA SER ND 131 66.06 25.47 -129.54
C SER ND 131 64.81 26.33 -129.36
N ALA ND 132 64.33 26.49 -128.12
CA ALA ND 132 63.10 27.24 -127.84
C ALA ND 132 63.39 28.28 -126.78
N PRO ND 133 63.99 29.41 -127.16
CA PRO ND 133 64.18 30.51 -126.21
C PRO ND 133 62.84 31.12 -125.84
N LYS ND 134 62.46 30.97 -124.56
CA LYS ND 134 61.18 31.48 -124.08
C LYS ND 134 61.34 32.73 -123.24
N LYS ND 135 62.13 32.67 -122.16
CA LYS ND 135 62.35 33.86 -121.34
C LYS ND 135 63.79 33.94 -120.81
N GLY ND 136 64.73 33.23 -121.41
CA GLY ND 136 66.05 33.13 -120.83
C GLY ND 136 66.87 34.39 -120.84
N ASP ND 137 67.34 34.79 -122.02
CA ASP ND 137 68.19 35.96 -122.21
C ASP ND 137 68.42 36.13 -123.71
N SER ND 138 69.33 37.03 -124.08
CA SER ND 138 69.68 37.27 -125.46
C SER ND 138 70.80 36.32 -125.88
N SER ND 139 70.52 35.47 -126.88
CA SER ND 139 71.48 34.45 -127.29
C SER ND 139 72.77 35.08 -127.81
N ALA ND 140 72.66 36.20 -128.55
CA ALA ND 140 73.85 36.83 -129.10
C ALA ND 140 74.83 37.22 -128.02
N GLU ND 141 74.32 37.73 -126.89
CA GLU ND 141 75.19 37.97 -125.75
C GLU ND 141 75.49 36.67 -125.02
N GLU ND 142 74.61 35.68 -125.12
CA GLU ND 142 74.70 34.49 -124.28
C GLU ND 142 75.96 33.69 -124.58
N LEU ND 143 76.23 33.42 -125.85
CA LEU ND 143 77.33 32.51 -126.18
C LEU ND 143 78.68 33.09 -125.78
N LYS ND 144 78.89 34.39 -126.01
CA LYS ND 144 80.21 34.96 -125.80
C LYS ND 144 80.45 35.38 -124.36
N LEU ND 145 79.43 35.83 -123.65
CA LEU ND 145 79.59 36.23 -122.26
C LEU ND 145 79.43 35.07 -121.29
N ALA ND 146 79.26 33.85 -121.78
CA ALA ND 146 79.18 32.67 -120.92
C ALA ND 146 80.58 32.27 -120.50
N THR ND 147 80.84 32.25 -119.19
CA THR ND 147 82.16 31.92 -118.67
C THR ND 147 82.05 31.35 -117.28
N GLN ND 148 83.11 30.66 -116.87
CA GLN ND 148 83.20 30.06 -115.54
C GLN ND 148 83.86 31.06 -114.60
N LEU ND 149 83.12 31.52 -113.60
CA LEU ND 149 83.68 32.43 -112.60
C LEU ND 149 84.56 31.63 -111.65
N THR ND 150 85.84 31.53 -111.97
CA THR ND 150 86.78 30.89 -111.07
C THR ND 150 86.92 31.74 -109.82
N GLY ND 151 87.12 31.08 -108.68
CA GLY ND 151 87.17 31.76 -107.41
C GLY ND 151 85.78 32.09 -106.93
N PRO ND 152 85.67 32.70 -105.75
CA PRO ND 152 84.36 33.01 -105.21
C PRO ND 152 83.64 34.06 -106.04
N VAL ND 153 82.31 34.00 -105.99
CA VAL ND 153 81.44 35.01 -106.59
C VAL ND 153 81.69 36.32 -105.86
N MET ND 154 81.14 37.43 -106.40
CA MET ND 154 81.52 38.80 -106.06
C MET ND 154 81.85 38.89 -104.57
N PRO ND 155 83.11 39.17 -104.24
CA PRO ND 155 83.61 38.86 -102.90
C PRO ND 155 83.12 39.84 -101.85
N VAL ND 156 82.89 39.30 -100.66
CA VAL ND 156 82.64 40.12 -99.48
C VAL ND 156 83.92 40.88 -99.17
N ARG ND 157 83.80 42.19 -98.97
CA ARG ND 157 84.96 43.04 -98.74
C ARG ND 157 84.74 43.89 -97.49
N ASN ND 158 85.81 44.03 -96.71
CA ASN ND 158 85.78 44.82 -95.48
C ASN ND 158 86.26 46.23 -95.82
N VAL ND 159 85.42 46.96 -96.56
CA VAL ND 159 85.78 48.29 -97.02
C VAL ND 159 85.80 49.24 -95.82
N TYR ND 160 86.73 50.19 -95.84
CA TYR ND 160 86.91 51.13 -94.75
C TYR ND 160 86.61 52.53 -95.23
N LYS ND 161 85.70 53.21 -94.55
CA LYS ND 161 85.38 54.58 -94.91
C LYS ND 161 86.56 55.49 -94.56
N LYS ND 162 86.96 56.33 -95.50
CA LYS ND 162 88.09 57.23 -95.33
C LYS ND 162 87.57 58.61 -94.97
N GLU ND 163 87.97 59.11 -93.81
CA GLU ND 163 87.52 60.40 -93.31
C GLU ND 163 88.58 61.45 -93.62
N LYS ND 164 88.21 62.43 -94.44
CA LYS ND 164 89.15 63.47 -94.82
C LYS ND 164 89.55 64.29 -93.59
N ALA ND 165 90.85 64.62 -93.51
CA ALA ND 165 91.33 65.46 -92.43
C ALA ND 165 90.62 66.80 -92.44
N ARG ND 166 90.15 67.22 -91.27
CA ARG ND 166 89.38 68.43 -91.14
C ARG ND 166 89.89 69.24 -89.97
N VAL ND 167 89.52 70.52 -89.95
CA VAL ND 167 89.85 71.39 -88.83
C VAL ND 167 89.14 70.87 -87.58
N ILE ND 168 89.83 70.90 -86.45
CA ILE ND 168 89.25 70.44 -85.20
C ILE ND 168 88.50 71.60 -84.57
N THR ND 169 87.42 71.31 -83.84
CA THR ND 169 86.60 72.37 -83.31
C THR ND 169 86.59 72.35 -81.78
N GLU ND 170 86.21 73.51 -81.22
CA GLU ND 170 86.42 73.79 -79.81
C GLU ND 170 85.65 72.85 -78.90
N GLU ND 171 84.38 72.57 -79.19
CA GLU ND 171 83.63 71.72 -78.25
C GLU ND 171 84.22 70.32 -78.21
N GLU ND 172 84.79 69.86 -79.32
CA GLU ND 172 85.56 68.62 -79.25
C GLU ND 172 86.85 68.79 -78.45
N LYS ND 173 87.38 70.01 -78.40
CA LYS ND 173 88.59 70.24 -77.61
C LYS ND 173 88.32 70.06 -76.12
N ASN ND 174 87.23 70.65 -75.62
CA ASN ND 174 86.91 70.59 -74.19
C ASN ND 174 85.97 69.47 -73.83
N PHE ND 175 86.20 68.26 -74.34
CA PHE ND 175 85.32 67.14 -74.12
C PHE ND 175 86.04 66.13 -73.23
N LYS ND 176 85.43 65.81 -72.10
CA LYS ND 176 86.07 64.94 -71.11
C LYS ND 176 85.89 63.49 -71.56
N ALA ND 177 86.81 63.04 -72.40
CA ALA ND 177 86.72 61.68 -72.93
C ALA ND 177 86.82 60.64 -71.83
N PHE ND 178 87.86 60.73 -71.00
CA PHE ND 178 88.06 59.73 -69.96
C PHE ND 178 86.98 59.82 -68.89
N ALA ND 179 86.64 61.04 -68.47
CA ALA ND 179 85.61 61.19 -67.45
C ALA ND 179 84.27 60.65 -67.93
N SER ND 180 83.92 60.94 -69.18
CA SER ND 180 82.63 60.48 -69.69
C SER ND 180 82.51 58.96 -69.63
N LEU ND 181 83.60 58.25 -69.94
CA LEU ND 181 83.58 56.80 -69.85
C LEU ND 181 83.32 56.35 -68.42
N ARG ND 182 83.94 57.01 -67.45
CA ARG ND 182 83.72 56.65 -66.06
C ARG ND 182 82.28 56.90 -65.64
N MET ND 183 81.68 57.99 -66.13
CA MET ND 183 80.26 58.22 -65.90
C MET ND 183 79.43 57.04 -66.38
N ALA ND 184 79.65 56.63 -67.63
CA ALA ND 184 78.84 55.56 -68.21
C ALA ND 184 79.00 54.26 -67.42
N ARG ND 185 80.22 53.90 -67.07
CA ARG ND 185 80.44 52.70 -66.27
C ARG ND 185 79.77 52.82 -64.92
N ALA ND 186 79.93 53.97 -64.26
CA ALA ND 186 79.28 54.17 -62.97
C ALA ND 186 77.76 54.19 -63.11
N ASN ND 187 77.25 54.92 -64.12
CA ASN ND 187 75.80 54.98 -64.30
C ASN ND 187 75.24 53.61 -64.64
N ALA ND 188 75.96 52.84 -65.45
CA ALA ND 188 75.52 51.48 -65.74
C ALA ND 188 75.50 50.63 -64.47
N ARG ND 189 76.53 50.75 -63.65
CA ARG ND 189 76.58 49.94 -62.44
C ARG ND 189 75.47 50.31 -61.47
N LEU ND 190 75.17 51.60 -61.35
CA LEU ND 190 74.28 52.09 -60.30
C LEU ND 190 72.87 52.39 -60.81
N PHE ND 191 72.56 52.04 -62.05
CA PHE ND 191 71.27 52.40 -62.62
C PHE ND 191 70.12 51.73 -61.87
N GLY ND 192 70.19 50.41 -61.71
CA GLY ND 192 69.10 49.70 -61.07
C GLY ND 192 68.91 50.10 -59.62
N ILE ND 193 70.00 50.17 -58.86
CA ILE ND 193 69.90 50.46 -57.44
C ILE ND 193 69.41 51.88 -57.20
N ARG ND 194 69.89 52.85 -57.99
CA ARG ND 194 69.42 54.22 -57.82
C ARG ND 194 67.91 54.31 -58.00
N ALA ND 195 67.37 53.57 -58.97
CA ALA ND 195 65.92 53.52 -59.14
C ALA ND 195 65.24 52.97 -57.90
N LYS ND 196 65.87 52.00 -57.24
CA LYS ND 196 65.28 51.45 -56.02
C LYS ND 196 65.17 52.51 -54.94
N ARG ND 197 66.27 53.19 -54.63
CA ARG ND 197 66.20 54.29 -53.68
C ARG ND 197 65.18 55.33 -54.13
N ALA ND 198 65.13 55.61 -55.43
CA ALA ND 198 64.11 56.50 -55.95
C ALA ND 198 62.72 55.93 -55.72
N LYS ND 199 62.55 54.63 -55.97
CA LYS ND 199 61.27 54.00 -55.69
C LYS ND 199 60.96 54.04 -54.20
N GLU ND 200 61.96 53.77 -53.36
CA GLU ND 200 61.75 53.90 -51.93
C GLU ND 200 61.47 55.35 -51.55
N ALA ND 201 62.22 56.30 -52.11
CA ALA ND 201 62.03 57.69 -51.76
C ALA ND 201 60.63 58.18 -52.11
N ALA ND 202 60.09 57.69 -53.22
CA ALA ND 202 58.71 58.03 -53.56
C ALA ND 202 57.75 57.54 -52.47
N GLU ND 203 57.97 56.33 -51.96
CA GLU ND 203 57.12 55.78 -50.92
C GLU ND 203 57.21 56.57 -49.62
N GLN ND 204 58.40 57.00 -49.22
CA GLN ND 204 58.54 57.76 -47.97
C GLN ND 204 57.86 59.12 -48.06
N ASP ND 205 57.47 59.55 -49.26
CA ASP ND 205 56.86 60.87 -49.40
C ASP ND 205 55.34 60.85 -49.35
N VAL ND 206 54.68 59.71 -49.59
CA VAL ND 206 53.22 59.72 -49.55
C VAL ND 206 52.72 59.92 -48.12
N GLU ND 207 53.45 59.41 -47.13
CA GLU ND 207 53.05 59.50 -45.73
C GLU ND 207 53.68 60.69 -45.02
N LYS ND 208 53.91 61.78 -45.75
CA LYS ND 208 54.60 62.93 -45.17
C LYS ND 208 53.81 63.56 -44.03
N LYS ND 209 52.50 63.74 -44.23
CA LYS ND 209 51.64 64.39 -43.24
C LYS ND 209 50.57 63.40 -42.78
N LYS ND 210 50.55 63.12 -41.49
CA LYS ND 210 49.57 62.21 -40.92
C LYS ND 210 49.43 62.43 -39.41
N VAL OD 1 209.58 -13.88 -26.60
CA VAL OD 1 208.25 -13.29 -26.63
C VAL OD 1 208.30 -11.82 -26.24
N PHE OD 2 207.69 -10.97 -27.07
CA PHE OD 2 207.67 -9.53 -26.86
C PHE OD 2 209.09 -8.98 -26.75
N ARG OD 3 209.82 -9.11 -27.86
CA ARG OD 3 211.17 -8.58 -27.94
C ARG OD 3 211.19 -7.07 -27.75
N ARG OD 4 210.26 -6.36 -28.39
CA ARG OD 4 210.22 -4.91 -28.37
C ARG OD 4 208.95 -4.43 -27.71
N PHE OD 5 209.03 -3.28 -27.05
CA PHE OD 5 207.91 -2.74 -26.29
C PHE OD 5 207.67 -1.29 -26.70
N VAL OD 6 206.56 -0.74 -26.20
CA VAL OD 6 206.21 0.66 -26.38
C VAL OD 6 206.67 1.39 -25.13
N GLU OD 7 207.71 2.20 -25.26
CA GLU OD 7 208.26 2.91 -24.12
C GLU OD 7 208.91 4.20 -24.59
N VAL OD 8 209.12 5.11 -23.65
CA VAL OD 8 209.59 6.45 -23.99
C VAL OD 8 211.00 6.36 -24.57
N GLY OD 9 211.13 6.71 -25.85
CA GLY OD 9 212.38 6.60 -26.56
C GLY OD 9 212.39 5.56 -27.66
N ARG OD 10 211.37 4.70 -27.72
CA ARG OD 10 211.33 3.67 -28.74
C ARG OD 10 211.09 4.30 -30.11
N VAL OD 11 211.85 3.86 -31.10
CA VAL OD 11 211.70 4.33 -32.47
C VAL OD 11 210.67 3.45 -33.16
N ALA OD 12 209.69 4.08 -33.81
CA ALA OD 12 208.63 3.37 -34.51
C ALA OD 12 208.62 3.78 -35.97
N TYR OD 13 207.90 2.99 -36.77
CA TYR OD 13 207.80 3.21 -38.21
C TYR OD 13 206.32 3.41 -38.54
N VAL OD 14 206.02 4.50 -39.25
CA VAL OD 14 204.65 4.77 -39.66
C VAL OD 14 204.30 3.88 -40.85
N SER OD 15 203.27 3.06 -40.68
CA SER OD 15 202.86 2.13 -41.72
C SER OD 15 201.98 2.78 -42.78
N PHE OD 16 200.94 3.48 -42.36
CA PHE OD 16 200.03 4.15 -43.28
C PHE OD 16 199.65 5.49 -42.67
N GLY OD 17 198.82 6.24 -43.39
CA GLY OD 17 198.44 7.56 -42.95
C GLY OD 17 199.26 8.65 -43.61
N PRO OD 18 199.08 9.89 -43.17
CA PRO OD 18 199.74 11.02 -43.84
C PRO OD 18 201.26 10.94 -43.81
N HIS OD 19 201.84 10.28 -42.80
CA HIS OD 19 203.29 10.23 -42.64
C HIS OD 19 203.84 8.85 -42.97
N ALA OD 20 203.14 8.11 -43.82
CA ALA OD 20 203.57 6.77 -44.18
C ALA OD 20 204.97 6.80 -44.79
N GLY OD 21 205.82 5.88 -44.35
CA GLY OD 21 207.19 5.83 -44.79
C GLY OD 21 208.17 6.58 -43.93
N LYS OD 22 207.70 7.33 -42.93
CA LYS OD 22 208.59 8.08 -42.05
C LYS OD 22 208.94 7.26 -40.81
N LEU OD 23 210.11 7.53 -40.27
CA LEU OD 23 210.53 6.94 -39.00
C LEU OD 23 210.27 7.91 -37.86
N VAL OD 24 209.86 7.38 -36.71
CA VAL OD 24 209.47 8.20 -35.59
C VAL OD 24 209.90 7.52 -34.30
N ALA OD 25 210.18 8.32 -33.28
CA ALA OD 25 210.34 7.84 -31.91
C ALA OD 25 209.22 8.42 -31.05
N ILE OD 26 208.57 7.56 -30.29
CA ILE OD 26 207.45 7.98 -29.44
C ILE OD 26 208.01 8.69 -28.21
N VAL OD 27 207.29 9.68 -27.71
CA VAL OD 27 207.74 10.49 -26.59
C VAL OD 27 206.88 10.26 -25.35
N ASP OD 28 205.55 10.22 -25.51
CA ASP OD 28 204.67 9.90 -24.39
C ASP OD 28 203.50 9.08 -24.90
N VAL OD 29 202.71 8.58 -23.95
CA VAL OD 29 201.64 7.63 -24.23
C VAL OD 29 200.33 8.20 -23.69
N ILE OD 30 199.30 8.17 -24.52
CA ILE OD 30 197.96 8.64 -24.14
C ILE OD 30 196.99 7.48 -24.33
N ASP OD 31 196.24 7.18 -23.28
CA ASP OD 31 195.04 6.32 -23.27
C ASP OD 31 195.08 5.13 -24.23
N GLN OD 32 196.20 4.42 -24.27
CA GLN OD 32 196.26 3.06 -24.81
C GLN OD 32 196.07 3.02 -26.32
N ASN OD 33 195.68 4.14 -26.92
CA ASN OD 33 195.39 4.15 -28.34
C ASN OD 33 196.29 5.08 -29.12
N ARG OD 34 196.47 6.30 -28.66
CA ARG OD 34 197.37 7.26 -29.30
C ARG OD 34 198.68 7.32 -28.54
N ALA OD 35 199.63 8.04 -29.12
CA ALA OD 35 200.94 8.21 -28.51
C ALA OD 35 201.40 9.62 -28.82
N LEU OD 36 202.35 10.12 -28.03
CA LEU OD 36 202.89 11.44 -28.33
C LEU OD 36 204.01 11.25 -29.34
N VAL OD 37 203.84 11.81 -30.53
CA VAL OD 37 204.60 11.45 -31.72
C VAL OD 37 205.42 12.65 -32.17
N ASP OD 38 206.72 12.43 -32.37
CA ASP OD 38 207.61 13.50 -32.83
C ASP OD 38 208.90 12.89 -33.35
N GLY OD 39 209.17 13.09 -34.64
CA GLY OD 39 210.50 12.88 -35.16
C GLY OD 39 211.02 14.13 -35.82
N PRO OD 40 211.98 14.79 -35.20
CA PRO OD 40 212.40 16.11 -35.69
C PRO OD 40 213.33 16.04 -36.89
N CYS OD 41 214.20 15.04 -36.92
CA CYS OD 41 215.18 14.89 -37.99
C CYS OD 41 214.60 14.15 -39.20
N THR OD 42 213.30 13.97 -39.26
CA THR OD 42 212.67 13.15 -40.28
C THR OD 42 211.39 13.77 -40.83
N GLN OD 43 211.27 15.10 -40.77
CA GLN OD 43 210.21 15.83 -41.45
C GLN OD 43 208.83 15.47 -40.93
N VAL OD 44 208.69 15.26 -39.62
CA VAL OD 44 207.40 15.03 -39.00
C VAL OD 44 207.37 15.78 -37.68
N ARG OD 45 206.58 16.84 -37.60
CA ARG OD 45 206.53 17.65 -36.39
C ARG OD 45 205.80 16.90 -35.28
N ARG OD 46 205.91 17.44 -34.07
CA ARG OD 46 205.34 16.78 -32.90
C ARG OD 46 203.82 16.77 -32.99
N GLN OD 47 203.23 15.59 -32.83
CA GLN OD 47 201.79 15.41 -32.93
C GLN OD 47 201.43 14.10 -32.23
N ALA OD 48 200.24 13.59 -32.53
CA ALA OD 48 199.78 12.31 -32.01
C ALA OD 48 199.13 11.50 -33.12
N MET OD 49 199.37 10.20 -33.12
CA MET OD 49 198.67 9.28 -34.00
C MET OD 49 198.34 7.99 -33.26
N PRO OD 50 197.27 7.31 -33.67
CA PRO OD 50 196.89 6.05 -33.01
C PRO OD 50 197.93 4.97 -33.24
N PHE OD 51 197.99 4.04 -32.29
CA PHE OD 51 199.02 3.01 -32.26
C PHE OD 51 198.99 2.10 -33.49
N LYS OD 52 197.83 1.93 -34.12
CA LYS OD 52 197.76 1.09 -35.30
C LYS OD 52 198.63 1.61 -36.43
N CYS OD 53 199.03 2.88 -36.37
CA CYS OD 53 199.94 3.42 -37.37
C CYS OD 53 201.37 2.96 -37.14
N MET OD 54 201.78 2.80 -35.88
CA MET OD 54 203.17 2.41 -35.61
C MET OD 54 203.46 0.99 -36.08
N GLN OD 55 204.73 0.76 -36.40
CA GLN OD 55 205.29 -0.56 -36.62
C GLN OD 55 206.64 -0.56 -35.88
N LEU OD 56 206.67 -1.17 -34.71
CA LEU OD 56 207.78 -0.96 -33.79
C LEU OD 56 209.11 -1.41 -34.37
N THR OD 57 210.17 -0.70 -34.01
CA THR OD 57 211.53 -1.01 -34.41
C THR OD 57 212.35 -1.43 -33.19
N ASP OD 58 213.63 -1.69 -33.41
CA ASP OD 58 214.54 -2.07 -32.33
C ASP OD 58 215.42 -0.93 -31.87
N PHE OD 59 215.12 0.30 -32.26
CA PHE OD 59 215.91 1.45 -31.86
C PHE OD 59 215.24 2.16 -30.70
N ILE OD 60 216.00 2.39 -29.63
CA ILE OD 60 215.48 3.00 -28.42
C ILE OD 60 216.34 4.20 -28.07
N LEU OD 61 215.71 5.34 -27.85
CA LEU OD 61 216.41 6.56 -27.47
C LEU OD 61 216.32 6.78 -25.97
N LYS OD 62 217.28 7.52 -25.43
CA LYS OD 62 217.33 7.86 -24.01
C LYS OD 62 216.98 9.33 -23.88
N PHE OD 63 215.72 9.61 -23.59
CA PHE OD 63 215.29 10.96 -23.23
C PHE OD 63 214.11 10.86 -22.27
N PRO OD 64 213.99 11.83 -21.37
CA PRO OD 64 212.82 11.87 -20.49
C PRO OD 64 211.54 12.12 -21.29
N HIS OD 65 210.44 11.60 -20.76
CA HIS OD 65 209.15 11.80 -21.39
C HIS OD 65 208.75 13.26 -21.34
N SER OD 66 207.95 13.69 -22.32
CA SER OD 66 207.48 15.08 -22.44
C SER OD 66 208.63 16.08 -22.46
N ALA OD 67 209.81 15.64 -22.88
CA ALA OD 67 210.89 16.57 -23.14
C ALA OD 67 210.64 17.30 -24.45
N HIS OD 68 211.24 18.48 -24.58
CA HIS OD 68 210.99 19.27 -25.78
C HIS OD 68 211.65 18.61 -26.99
N GLN OD 69 211.26 19.09 -28.17
CA GLN OD 69 211.70 18.47 -29.41
C GLN OD 69 213.21 18.54 -29.57
N LYS OD 70 213.82 19.64 -29.14
CA LYS OD 70 215.27 19.78 -29.31
C LYS OD 70 216.01 18.65 -28.60
N TYR OD 71 215.60 18.33 -27.36
CA TYR OD 71 216.19 17.19 -26.68
C TYR OD 71 215.97 15.92 -27.47
N VAL OD 72 214.77 15.75 -28.03
CA VAL OD 72 214.54 14.64 -28.94
C VAL OD 72 215.45 14.74 -30.15
N ARG OD 73 215.59 15.95 -30.71
CA ARG OD 73 216.51 16.13 -31.83
C ARG OD 73 217.95 15.88 -31.42
N GLN OD 74 218.34 16.37 -30.23
CA GLN OD 74 219.72 16.17 -29.78
C GLN OD 74 219.99 14.71 -29.44
N ALA OD 75 218.95 13.95 -29.08
CA ALA OD 75 219.14 12.54 -28.84
C ALA OD 75 219.24 11.74 -30.14
N TRP OD 76 218.59 12.24 -31.20
CA TRP OD 76 218.51 11.46 -32.43
C TRP OD 76 219.87 11.36 -33.12
N GLN OD 77 220.45 12.49 -33.52
CA GLN OD 77 221.63 12.44 -34.38
C GLN OD 77 222.82 11.84 -33.64
N LYS OD 78 222.91 12.06 -32.33
CA LYS OD 78 223.88 11.33 -31.54
C LYS OD 78 223.51 9.86 -31.54
N ALA OD 79 224.44 9.02 -31.98
CA ALA OD 79 224.14 7.62 -32.31
C ALA OD 79 222.92 7.55 -33.22
N ASP OD 80 223.09 8.13 -34.41
CA ASP OD 80 221.96 8.41 -35.28
C ASP OD 80 221.29 7.12 -35.75
N ILE OD 81 219.98 7.22 -35.99
CA ILE OD 81 219.20 6.11 -36.48
C ILE OD 81 219.08 6.12 -38.00
N ASN OD 82 219.13 7.29 -38.63
CA ASN OD 82 219.03 7.38 -40.08
C ASN OD 82 220.10 6.55 -40.78
N THR OD 83 221.23 6.30 -40.13
CA THR OD 83 222.26 5.44 -40.68
C THR OD 83 222.17 4.00 -40.18
N LYS OD 84 221.78 3.78 -38.93
CA LYS OD 84 221.53 2.42 -38.45
C LYS OD 84 220.42 1.77 -39.25
N TRP OD 85 219.20 2.32 -39.14
CA TRP OD 85 218.18 2.10 -40.15
C TRP OD 85 218.70 2.62 -41.48
N ALA OD 86 218.06 2.22 -42.58
CA ALA OD 86 218.53 2.66 -43.89
C ALA OD 86 219.94 2.17 -44.15
N ALA OD 87 220.06 0.91 -44.60
CA ALA OD 87 221.17 -0.04 -44.45
C ALA OD 87 221.00 -0.92 -43.22
N THR OD 88 219.80 -0.93 -42.64
CA THR OD 88 219.30 -2.10 -41.94
C THR OD 88 218.59 -2.99 -42.96
N ARG OD 89 218.44 -4.27 -42.61
CA ARG OD 89 217.74 -5.17 -43.53
C ARG OD 89 216.32 -4.72 -43.79
N TRP OD 90 215.65 -4.19 -42.76
CA TRP OD 90 214.26 -3.77 -42.90
C TRP OD 90 214.13 -2.67 -43.94
N ALA OD 91 214.90 -1.60 -43.79
CA ALA OD 91 214.78 -0.45 -44.69
C ALA OD 91 215.20 -0.80 -46.11
N LYS OD 92 216.34 -1.47 -46.27
CA LYS OD 92 216.78 -1.84 -47.61
C LYS OD 92 215.75 -2.72 -48.30
N LYS OD 93 215.01 -3.50 -47.52
CA LYS OD 93 213.94 -4.32 -48.08
C LYS OD 93 212.82 -3.44 -48.62
N ILE OD 94 212.50 -2.35 -47.91
CA ILE OD 94 211.53 -1.40 -48.42
C ILE OD 94 212.07 -0.71 -49.67
N GLU OD 95 213.35 -0.33 -49.64
CA GLU OD 95 213.94 0.38 -50.78
C GLU OD 95 213.92 -0.48 -52.04
N ALA OD 96 214.35 -1.74 -51.93
CA ALA OD 96 214.39 -2.60 -53.10
C ALA OD 96 213.00 -2.79 -53.69
N ARG OD 97 211.99 -3.04 -52.84
CA ARG OD 97 210.63 -3.16 -53.34
C ARG OD 97 210.18 -1.86 -53.99
N GLU OD 98 210.49 -0.72 -53.37
CA GLU OD 98 210.12 0.57 -53.94
C GLU OD 98 210.79 0.76 -55.29
N ARG OD 99 212.08 0.43 -55.40
CA ARG OD 99 212.77 0.60 -56.67
C ARG OD 99 212.35 -0.46 -57.69
N LYS OD 100 211.90 -1.61 -57.23
CA LYS OD 100 211.38 -2.62 -58.15
C LYS OD 100 210.11 -2.15 -58.83
N ALA OD 101 209.18 -1.54 -58.08
CA ALA OD 101 207.92 -1.10 -58.65
C ALA OD 101 208.08 0.13 -59.54
N LYS OD 102 209.15 0.91 -59.34
CA LYS OD 102 209.37 2.13 -60.11
C LYS OD 102 210.07 1.88 -61.43
N MET OD 103 210.50 0.64 -61.66
CA MET OD 103 211.30 0.34 -62.85
C MET OD 103 210.48 0.52 -64.11
N THR OD 104 211.15 0.92 -65.18
CA THR OD 104 210.51 1.14 -66.46
C THR OD 104 210.38 -0.17 -67.22
N ASP OD 105 209.71 -0.11 -68.37
CA ASP OD 105 209.60 -1.30 -69.21
C ASP OD 105 210.96 -1.76 -69.70
N PHE OD 106 211.84 -0.82 -70.05
CA PHE OD 106 213.17 -1.19 -70.51
C PHE OD 106 213.92 -1.95 -69.43
N ASP OD 107 213.84 -1.49 -68.19
CA ASP OD 107 214.48 -2.22 -67.10
C ASP OD 107 213.92 -3.62 -66.98
N ARG OD 108 212.60 -3.76 -67.13
CA ARG OD 108 211.99 -5.08 -67.03
C ARG OD 108 212.58 -6.04 -68.05
N PHE OD 109 212.79 -5.57 -69.28
CA PHE OD 109 213.45 -6.41 -70.27
C PHE OD 109 214.88 -6.71 -69.86
N LYS OD 110 215.60 -5.71 -69.37
CA LYS OD 110 216.96 -5.94 -68.90
C LYS OD 110 216.97 -6.93 -67.74
N VAL OD 111 216.02 -6.80 -66.82
CA VAL OD 111 215.91 -7.73 -65.70
C VAL OD 111 215.61 -9.13 -66.21
N MET OD 112 214.71 -9.25 -67.18
CA MET OD 112 214.30 -10.57 -67.67
C MET OD 112 215.47 -11.32 -68.27
N LYS OD 113 216.29 -10.63 -69.06
CA LYS OD 113 217.45 -11.29 -69.67
C LYS OD 113 218.47 -11.70 -68.62
N ALA OD 114 218.82 -10.78 -67.72
CA ALA OD 114 219.79 -11.11 -66.67
C ALA OD 114 219.26 -12.24 -65.78
N LYS OD 115 217.97 -12.17 -65.44
CA LYS OD 115 217.35 -13.26 -64.69
C LYS OD 115 217.40 -14.57 -65.48
N LYS OD 116 217.16 -14.48 -66.79
CA LYS OD 116 217.17 -15.69 -67.62
C LYS OD 116 218.55 -16.36 -67.58
N MET OD 117 219.61 -15.57 -67.74
CA MET OD 117 220.95 -16.13 -67.58
C MET OD 117 221.17 -16.63 -66.15
N ARG OD 118 220.79 -15.83 -65.16
CA ARG OD 118 221.04 -16.22 -63.78
C ARG OD 118 220.31 -17.51 -63.44
N ASN OD 119 219.07 -17.65 -63.92
CA ASN OD 119 218.34 -18.89 -63.68
C ASN OD 119 219.00 -20.08 -64.37
N ARG OD 120 219.41 -19.90 -65.63
CA ARG OD 120 219.90 -21.02 -66.42
C ARG OD 120 221.12 -21.66 -65.78
N ILE OD 121 222.10 -20.85 -65.40
CA ILE OD 121 223.36 -21.38 -64.88
C ILE OD 121 223.13 -22.11 -63.56
N ILE OD 122 222.32 -21.52 -62.67
CA ILE OD 122 222.10 -22.13 -61.36
C ILE OD 122 221.42 -23.49 -61.51
N LYS OD 123 220.46 -23.60 -62.43
CA LYS OD 123 219.80 -24.88 -62.66
C LYS OD 123 220.82 -25.94 -63.09
N ASN OD 124 221.69 -25.60 -64.04
CA ASN OD 124 222.68 -26.57 -64.49
C ASN OD 124 223.67 -26.91 -63.37
N GLU OD 125 224.13 -25.91 -62.63
CA GLU OD 125 225.01 -26.19 -61.50
C GLU OD 125 224.32 -27.04 -60.45
N VAL OD 126 223.05 -26.76 -60.17
CA VAL OD 126 222.25 -27.67 -59.36
C VAL OD 126 222.20 -29.05 -60.01
N LYS OD 127 221.98 -29.07 -61.33
CA LYS OD 127 221.94 -30.34 -62.05
C LYS OD 127 223.27 -31.06 -61.96
N LYS OD 128 224.38 -30.32 -62.01
CA LYS OD 128 225.68 -30.95 -61.84
C LYS OD 128 225.84 -31.52 -60.44
N LEU OD 129 225.51 -30.73 -59.43
CA LEU OD 129 225.74 -31.16 -58.05
C LEU OD 129 224.81 -32.29 -57.66
N GLN OD 130 223.57 -32.28 -58.16
CA GLN OD 130 222.69 -33.41 -57.96
C GLN OD 130 223.24 -34.67 -58.62
N LYS OD 131 223.81 -34.53 -59.81
CA LYS OD 131 224.44 -35.67 -60.47
C LYS OD 131 225.61 -36.19 -59.66
N ALA OD 132 226.42 -35.28 -59.11
CA ALA OD 132 227.57 -35.69 -58.31
C ALA OD 132 227.18 -36.27 -56.96
N ALA OD 133 226.10 -35.78 -56.35
CA ALA OD 133 225.74 -36.22 -55.01
C ALA OD 133 225.28 -37.67 -54.97
N LEU OD 134 224.78 -38.20 -56.08
CA LEU OD 134 224.23 -39.55 -56.10
C LEU OD 134 225.31 -40.63 -56.02
N LEU OD 135 226.58 -40.27 -56.17
CA LEU OD 135 227.67 -41.25 -56.16
C LEU OD 135 227.95 -41.66 -54.71
N LYS OD 136 227.11 -42.55 -54.21
CA LYS OD 136 227.26 -43.11 -52.86
C LYS OD 136 227.23 -44.62 -52.96
N ALA OD 137 228.25 -45.28 -52.41
CA ALA OD 137 228.36 -46.74 -52.40
C ALA OD 137 228.83 -47.24 -51.05
N SER OD 138 228.30 -46.65 -49.97
CA SER OD 138 228.68 -47.04 -48.62
C SER OD 138 227.52 -47.73 -47.91
N PRO OD 139 227.77 -48.92 -47.33
CA PRO OD 139 226.77 -49.71 -46.60
C PRO OD 139 226.09 -48.94 -45.47
N GLY PD 1 40.14 14.41 -86.69
CA GLY PD 1 39.67 15.27 -85.62
C GLY PD 1 39.69 14.59 -84.27
N ALA PD 2 39.32 13.31 -84.25
CA ALA PD 2 39.30 12.56 -83.00
C ALA PD 2 40.70 12.34 -82.44
N TYR PD 3 41.71 12.24 -83.30
CA TYR PD 3 43.05 11.95 -82.82
C TYR PD 3 43.54 13.01 -81.84
N LYS PD 4 43.07 14.25 -81.99
CA LYS PD 4 43.43 15.27 -81.02
C LYS PD 4 42.88 14.93 -79.64
N TYR PD 5 41.64 14.45 -79.58
CA TYR PD 5 41.03 14.16 -78.29
C TYR PD 5 41.76 13.05 -77.56
N ILE PD 6 42.00 11.93 -78.25
CA ILE PD 6 42.61 10.78 -77.59
C ILE PD 6 43.99 11.13 -77.05
N GLN PD 7 44.74 11.97 -77.77
CA GLN PD 7 46.01 12.44 -77.26
C GLN PD 7 45.83 13.22 -75.97
N GLU PD 8 44.94 14.23 -75.99
CA GLU PD 8 44.65 14.94 -74.76
C GLU PD 8 44.06 14.00 -73.74
N LEU PD 9 43.21 13.08 -74.19
CA LEU PD 9 42.70 12.04 -73.30
C LEU PD 9 43.85 11.26 -72.66
N TRP PD 10 44.88 10.93 -73.43
CA TRP PD 10 45.96 10.12 -72.88
C TRP PD 10 46.90 10.90 -71.99
N ARG PD 11 46.84 12.22 -71.95
CA ARG PD 11 47.69 12.98 -71.05
C ARG PD 11 47.10 13.08 -69.65
N LYS PD 12 46.11 12.25 -69.33
CA LYS PD 12 45.48 12.26 -68.03
C LYS PD 12 45.59 10.87 -67.39
N LYS PD 13 46.80 10.30 -67.41
CA LYS PD 13 46.98 8.93 -66.97
C LYS PD 13 46.60 8.72 -65.51
N GLN PD 14 46.55 9.78 -64.71
CA GLN PD 14 46.11 9.68 -63.33
C GLN PD 14 44.61 9.87 -63.16
N SER PD 15 43.88 10.01 -64.25
CA SER PD 15 42.43 10.15 -64.18
C SER PD 15 41.77 8.79 -63.94
N ASP PD 16 40.58 8.84 -63.34
CA ASP PD 16 39.88 7.61 -62.97
C ASP PD 16 39.59 6.77 -64.21
N VAL PD 17 39.05 7.38 -65.25
CA VAL PD 17 38.72 6.61 -66.45
C VAL PD 17 39.96 6.00 -67.07
N MET PD 18 41.04 6.79 -67.21
CA MET PD 18 42.31 6.21 -67.65
C MET PD 18 42.88 5.24 -66.63
N ARG PD 19 42.79 5.55 -65.35
CA ARG PD 19 43.37 4.65 -64.36
C ARG PD 19 42.78 3.26 -64.48
N PHE PD 20 41.46 3.15 -64.66
CA PHE PD 20 40.86 1.84 -64.80
C PHE PD 20 41.35 1.14 -66.07
N LEU PD 21 41.39 1.85 -67.19
CA LEU PD 21 41.81 1.23 -68.45
C LEU PD 21 43.23 0.70 -68.35
N LEU PD 22 44.11 1.46 -67.72
CA LEU PD 22 45.46 0.96 -67.49
C LEU PD 22 45.43 -0.27 -66.60
N ARG PD 23 44.55 -0.28 -65.59
CA ARG PD 23 44.50 -1.41 -64.66
C ARG PD 23 44.13 -2.69 -65.37
N VAL PD 24 43.10 -2.65 -66.21
CA VAL PD 24 42.66 -3.86 -66.88
C VAL PD 24 43.65 -4.29 -67.94
N ARG PD 25 44.12 -3.34 -68.75
CA ARG PD 25 44.99 -3.70 -69.87
C ARG PD 25 46.30 -4.30 -69.39
N CYS PD 26 46.92 -3.69 -68.38
CA CYS PD 26 48.18 -4.23 -67.87
C CYS PD 26 47.99 -5.63 -67.31
N TRP PD 27 46.90 -5.87 -66.59
CA TRP PD 27 46.63 -7.21 -66.11
C TRP PD 27 46.51 -8.19 -67.26
N GLN PD 28 45.78 -7.80 -68.31
CA GLN PD 28 45.65 -8.68 -69.47
C GLN PD 28 47.01 -8.95 -70.10
N TYR PD 29 47.82 -7.90 -70.24
CA TYR PD 29 49.16 -8.09 -70.79
C TYR PD 29 50.01 -8.95 -69.88
N ARG PD 30 49.89 -8.75 -68.57
CA ARG PD 30 50.67 -9.55 -67.62
C ARG PD 30 50.27 -11.02 -67.69
N GLN PD 31 49.10 -11.32 -68.26
CA GLN PD 31 48.70 -12.71 -68.40
C GLN PD 31 49.31 -13.37 -69.64
N LEU PD 32 49.87 -12.58 -70.55
CA LEU PD 32 50.44 -13.12 -71.78
C LEU PD 32 51.93 -13.43 -71.56
N SER PD 33 52.60 -13.85 -72.62
CA SER PD 33 54.04 -14.07 -72.57
C SER PD 33 54.79 -12.74 -72.68
N ALA PD 34 56.09 -12.79 -72.41
CA ALA PD 34 56.89 -11.57 -72.48
C ALA PD 34 56.91 -11.00 -73.89
N LEU PD 35 57.07 -11.85 -74.90
CA LEU PD 35 57.05 -11.46 -76.29
C LEU PD 35 55.74 -11.93 -76.91
N HIS PD 36 55.09 -11.06 -77.66
CA HIS PD 36 53.80 -11.38 -78.24
C HIS PD 36 53.44 -10.35 -79.29
N ARG PD 37 52.82 -10.79 -80.37
CA ARG PD 37 52.40 -9.88 -81.44
C ARG PD 37 51.05 -9.27 -81.10
N ALA PD 38 51.00 -7.94 -81.12
CA ALA PD 38 49.64 -7.44 -80.99
C ALA PD 38 48.99 -7.38 -82.37
N PRO PD 39 47.67 -7.56 -82.46
CA PRO PD 39 47.03 -7.55 -83.78
C PRO PD 39 46.92 -6.18 -84.40
N ARG PD 40 46.69 -5.14 -83.59
CA ARG PD 40 46.58 -3.78 -84.10
C ARG PD 40 47.07 -2.84 -83.01
N PRO PD 41 47.54 -1.66 -83.37
CA PRO PD 41 48.08 -0.73 -82.36
C PRO PD 41 47.05 -0.40 -81.31
N THR PD 42 47.47 -0.49 -80.04
CA THR PD 42 46.57 -0.21 -78.94
C THR PD 42 46.29 1.28 -78.81
N ARG PD 43 47.23 2.13 -79.24
CA ARG PD 43 47.05 3.58 -79.24
C ARG PD 43 47.32 4.05 -80.66
N PRO PD 44 46.35 3.93 -81.56
CA PRO PD 44 46.60 4.26 -82.97
C PRO PD 44 47.03 5.70 -83.16
N ASP PD 45 46.59 6.61 -82.29
CA ASP PD 45 47.02 8.00 -82.38
C ASP PD 45 48.53 8.11 -82.24
N LYS PD 46 49.10 7.51 -81.20
CA LYS PD 46 50.53 7.61 -80.97
C LYS PD 46 51.30 6.88 -82.06
N ALA PD 47 50.87 5.66 -82.39
CA ALA PD 47 51.60 4.85 -83.37
C ALA PD 47 51.64 5.55 -84.72
N ARG PD 48 50.49 6.01 -85.21
CA ARG PD 48 50.49 6.73 -86.47
C ARG PD 48 51.30 8.01 -86.38
N ARG PD 49 51.34 8.66 -85.21
CA ARG PD 49 52.21 9.81 -85.06
C ARG PD 49 53.67 9.41 -85.09
N LEU PD 50 53.98 8.22 -84.56
CA LEU PD 50 55.34 7.71 -84.55
C LEU PD 50 55.79 7.21 -85.92
N GLY PD 51 54.89 7.16 -86.89
CA GLY PD 51 55.27 6.79 -88.24
C GLY PD 51 54.50 5.61 -88.79
N TYR PD 52 53.81 4.88 -87.92
CA TYR PD 52 53.03 3.73 -88.35
C TYR PD 52 51.89 4.19 -89.26
N LYS PD 53 51.60 3.37 -90.27
CA LYS PD 53 50.47 3.61 -91.16
C LYS PD 53 49.71 2.32 -91.36
N ALA PD 54 48.39 2.40 -91.25
CA ALA PD 54 47.55 1.20 -91.28
C ALA PD 54 47.49 0.67 -92.71
N LYS PD 55 48.51 -0.11 -93.06
CA LYS PD 55 48.59 -0.75 -94.36
C LYS PD 55 49.44 -2.00 -94.23
N GLN PD 56 49.39 -2.84 -95.27
CA GLN PD 56 50.13 -4.10 -95.23
C GLN PD 56 51.62 -3.85 -95.09
N GLY PD 57 52.28 -4.72 -94.33
CA GLY PD 57 53.70 -4.60 -94.06
C GLY PD 57 54.05 -4.02 -92.72
N TYR PD 58 53.11 -3.37 -92.04
CA TYR PD 58 53.33 -2.78 -90.73
C TYR PD 58 52.81 -3.76 -89.68
N VAL PD 59 53.65 -4.11 -88.73
CA VAL PD 59 53.28 -5.06 -87.69
C VAL PD 59 53.67 -4.49 -86.33
N ILE PD 60 52.92 -4.86 -85.31
CA ILE PD 60 53.08 -4.34 -83.96
C ILE PD 60 53.26 -5.52 -83.02
N TYR PD 61 54.26 -5.43 -82.15
CA TYR PD 61 54.56 -6.48 -81.19
C TYR PD 61 54.46 -5.93 -79.78
N ARG PD 62 53.90 -6.71 -78.87
CA ARG PD 62 53.78 -6.35 -77.47
C ARG PD 62 54.89 -7.01 -76.67
N ILE PD 63 55.58 -6.23 -75.84
CA ILE PD 63 56.75 -6.70 -75.11
C ILE PD 63 56.61 -6.35 -73.64
N ARG PD 64 57.00 -7.28 -72.79
CA ARG PD 64 57.09 -7.07 -71.35
C ARG PD 64 58.55 -7.19 -70.94
N VAL PD 65 59.03 -6.24 -70.15
CA VAL PD 65 60.41 -6.23 -69.68
C VAL PD 65 60.40 -6.06 -68.17
N ARG PD 66 61.30 -6.76 -67.49
CA ARG PD 66 61.36 -6.69 -66.04
C ARG PD 66 62.00 -5.37 -65.61
N ARG PD 67 61.20 -4.48 -65.05
CA ARG PD 67 61.68 -3.17 -64.68
C ARG PD 67 62.47 -3.23 -63.37
N GLY PD 68 63.40 -2.30 -63.23
CA GLY PD 68 64.32 -2.25 -62.12
C GLY PD 68 65.73 -1.97 -62.60
N GLY PD 69 66.63 -1.88 -61.62
CA GLY PD 69 68.02 -1.56 -61.90
C GLY PD 69 68.74 -2.72 -62.57
N ARG PD 70 70.05 -2.59 -62.66
CA ARG PD 70 70.92 -3.62 -63.21
C ARG PD 70 71.89 -4.04 -62.12
N LYS PD 71 71.73 -5.26 -61.62
CA LYS PD 71 72.67 -5.82 -60.66
C LYS PD 71 73.89 -6.35 -61.39
N ARG PD 72 75.06 -6.07 -60.84
CA ARG PD 72 76.30 -6.49 -61.49
C ARG PD 72 76.36 -8.02 -61.52
N PRO PD 73 76.47 -8.62 -62.69
CA PRO PD 73 76.46 -10.09 -62.79
C PRO PD 73 77.79 -10.72 -62.37
N VAL PD 74 78.21 -10.42 -61.15
CA VAL PD 74 79.43 -10.96 -60.59
C VAL PD 74 79.05 -11.96 -59.50
N PRO PD 75 79.61 -13.17 -59.52
CA PRO PD 75 79.18 -14.19 -58.56
C PRO PD 75 79.41 -13.76 -57.12
N LYS PD 76 78.45 -14.11 -56.26
CA LYS PD 76 78.46 -13.77 -54.84
C LYS PD 76 78.63 -12.28 -54.60
N GLY PD 77 78.36 -11.46 -55.61
CA GLY PD 77 78.47 -10.02 -55.48
C GLY PD 77 79.83 -9.56 -55.04
N ALA PD 78 80.87 -10.20 -55.57
CA ALA PD 78 82.25 -9.94 -55.14
C ALA PD 78 83.08 -9.53 -56.35
N THR PD 79 83.06 -8.24 -56.66
CA THR PD 79 84.03 -7.70 -57.60
C THR PD 79 85.38 -7.56 -56.91
N TYR PD 80 86.40 -7.27 -57.70
CA TYR PD 80 87.78 -7.28 -57.21
C TYR PD 80 88.43 -5.93 -57.44
N GLY PD 81 89.12 -5.43 -56.43
CA GLY PD 81 90.04 -4.31 -56.55
C GLY PD 81 89.35 -2.97 -56.60
N LYS PD 82 90.07 -1.95 -56.11
CA LYS PD 82 89.69 -0.55 -56.23
C LYS PD 82 88.27 -0.30 -55.71
N PRO PD 83 88.10 -0.22 -54.38
CA PRO PD 83 86.75 -0.16 -53.79
C PRO PD 83 85.78 0.79 -54.46
N VAL PD 84 86.28 1.73 -55.26
CA VAL PD 84 85.37 2.58 -56.04
C VAL PD 84 84.54 1.71 -56.98
N HIS PD 85 85.02 0.54 -57.35
CA HIS PD 85 84.30 -0.36 -58.23
C HIS PD 85 83.60 -1.48 -57.47
N HIS PD 86 83.48 -1.36 -56.16
CA HIS PD 86 82.81 -2.37 -55.36
C HIS PD 86 81.32 -2.45 -55.63
N GLY PD 87 80.75 -1.50 -56.35
CA GLY PD 87 79.31 -1.42 -56.55
C GLY PD 87 78.69 -2.65 -57.17
N VAL PD 88 77.61 -3.13 -56.55
CA VAL PD 88 76.94 -4.34 -57.01
C VAL PD 88 75.46 -4.07 -57.21
N ASN PD 89 74.83 -3.42 -56.22
CA ASN PD 89 73.38 -3.32 -56.16
C ASN PD 89 72.82 -2.07 -56.82
N GLN PD 90 73.24 -0.90 -56.36
CA GLN PD 90 72.59 0.35 -56.74
C GLN PD 90 73.03 0.85 -58.11
N LEU PD 91 73.59 0.00 -58.95
CA LEU PD 91 73.98 0.42 -60.29
C LEU PD 91 72.74 0.68 -61.14
N LYS PD 92 72.97 1.29 -62.30
CA LYS PD 92 71.90 1.63 -63.23
C LYS PD 92 72.36 1.38 -64.65
N PHE PD 93 71.44 0.93 -65.50
CA PHE PD 93 71.76 0.63 -66.88
C PHE PD 93 71.87 1.91 -67.69
N ALA PD 94 72.73 1.88 -68.71
CA ALA PD 94 72.96 3.06 -69.53
C ALA PD 94 71.88 3.31 -70.56
N ARG PD 95 71.16 2.28 -71.00
CA ARG PD 95 70.12 2.43 -72.00
C ARG PD 95 68.76 2.34 -71.34
N SER PD 96 67.83 3.16 -71.82
CA SER PD 96 66.49 3.20 -71.25
C SER PD 96 65.80 1.85 -71.42
N LEU PD 97 64.95 1.52 -70.44
CA LEU PD 97 64.20 0.27 -70.50
C LEU PD 97 63.43 0.15 -71.80
N GLN PD 98 62.92 1.25 -72.32
CA GLN PD 98 62.22 1.23 -73.60
C GLN PD 98 63.11 0.66 -74.69
N SER PD 99 64.41 0.99 -74.67
CA SER PD 99 65.31 0.49 -75.69
C SER PD 99 65.45 -1.02 -75.62
N VAL PD 100 65.55 -1.57 -74.42
CA VAL PD 100 65.76 -3.00 -74.26
C VAL PD 100 64.63 -3.78 -74.93
N ALA PD 101 63.39 -3.36 -74.70
CA ALA PD 101 62.27 -4.03 -75.36
C ALA PD 101 62.43 -3.97 -76.88
N GLU PD 102 62.70 -2.80 -77.43
CA GLU PD 102 62.96 -2.69 -78.86
C GLU PD 102 64.10 -3.62 -79.26
N GLU PD 103 65.17 -3.63 -78.47
CA GLU PD 103 66.29 -4.49 -78.79
C GLU PD 103 65.87 -5.95 -78.78
N ARG PD 104 65.02 -6.33 -77.83
CA ARG PD 104 64.46 -7.69 -77.85
C ARG PD 104 63.58 -7.89 -79.07
N ALA PD 105 62.78 -6.88 -79.44
CA ALA PD 105 61.88 -7.02 -80.57
C ALA PD 105 62.65 -7.32 -81.85
N GLY PD 106 63.66 -6.50 -82.16
CA GLY PD 106 64.42 -6.70 -83.38
C GLY PD 106 65.11 -8.05 -83.40
N ARG PD 107 65.68 -8.45 -82.27
CA ARG PD 107 66.42 -9.71 -82.23
C ARG PD 107 65.55 -10.91 -82.53
N HIS PD 108 64.31 -10.93 -82.02
CA HIS PD 108 63.45 -12.07 -82.30
C HIS PD 108 63.00 -12.07 -83.76
N CYS PD 109 62.28 -11.03 -84.18
CA CYS PD 109 61.84 -10.92 -85.56
C CYS PD 109 62.97 -10.28 -86.36
N GLY PD 110 64.01 -11.08 -86.61
CA GLY PD 110 65.18 -10.58 -87.29
C GLY PD 110 64.93 -10.12 -88.71
N ALA PD 111 63.92 -10.68 -89.37
CA ALA PD 111 63.65 -10.32 -90.75
C ALA PD 111 63.03 -8.94 -90.91
N LEU PD 112 62.60 -8.31 -89.81
CA LEU PD 112 61.94 -7.02 -89.88
C LEU PD 112 62.86 -5.91 -89.35
N ARG PD 113 62.35 -4.69 -89.42
CA ARG PD 113 63.11 -3.52 -88.99
C ARG PD 113 62.30 -2.75 -87.95
N VAL PD 114 62.96 -2.35 -86.86
CA VAL PD 114 62.32 -1.57 -85.83
C VAL PD 114 62.14 -0.14 -86.32
N LEU PD 115 60.95 0.41 -86.12
CA LEU PD 115 60.69 1.81 -86.46
C LEU PD 115 60.79 2.71 -85.24
N ASN PD 116 59.96 2.45 -84.22
CA ASN PD 116 59.94 3.25 -83.00
C ASN PD 116 59.08 2.46 -82.01
N SER PD 117 58.85 3.00 -80.82
CA SER PD 117 58.05 2.28 -79.82
C SER PD 117 57.43 3.27 -78.85
N TYR PD 118 56.42 2.80 -78.12
CA TYR PD 118 55.73 3.64 -77.15
C TYR PD 118 55.36 2.81 -75.93
N TRP PD 119 54.71 3.45 -74.96
CA TRP PD 119 54.51 2.93 -73.61
C TRP PD 119 53.02 2.75 -73.38
N VAL PD 120 52.64 1.63 -72.76
CA VAL PD 120 51.22 1.31 -72.63
C VAL PD 120 50.83 0.99 -71.19
N GLY PD 121 51.51 1.59 -70.22
CA GLY PD 121 51.15 1.33 -68.84
C GLY PD 121 51.91 0.14 -68.30
N GLU PD 122 52.68 0.32 -67.24
CA GLU PD 122 53.64 -0.73 -66.94
C GLU PD 122 53.24 -1.76 -65.89
N ASP PD 123 53.49 -1.46 -64.62
CA ASP PD 123 53.37 -2.39 -63.49
C ASP PD 123 54.12 -1.75 -62.33
N SER PD 124 54.21 -2.46 -61.20
CA SER PD 124 55.37 -2.22 -60.35
C SER PD 124 56.60 -3.00 -60.79
N THR PD 125 56.42 -4.17 -61.41
CA THR PD 125 57.54 -5.05 -61.70
C THR PD 125 57.79 -5.26 -63.18
N TYR PD 126 56.92 -4.75 -64.05
CA TYR PD 126 57.11 -4.92 -65.48
C TYR PD 126 56.86 -3.60 -66.18
N LYS PD 127 57.32 -3.51 -67.41
CA LYS PD 127 57.01 -2.41 -68.31
C LYS PD 127 56.57 -3.00 -69.64
N PHE PD 128 55.47 -2.49 -70.17
CA PHE PD 128 54.91 -3.00 -71.41
C PHE PD 128 55.05 -1.96 -72.50
N PHE PD 129 55.47 -2.39 -73.69
CA PHE PD 129 55.69 -1.51 -74.81
C PHE PD 129 55.22 -2.17 -76.10
N GLU PD 130 54.84 -1.33 -77.05
CA GLU PD 130 54.56 -1.75 -78.42
C GLU PD 130 55.70 -1.29 -79.31
N VAL PD 131 56.22 -2.20 -80.12
CA VAL PD 131 57.26 -1.89 -81.10
C VAL PD 131 56.64 -2.01 -82.48
N ILE PD 132 56.72 -0.95 -83.26
CA ILE PD 132 56.20 -0.95 -84.62
C ILE PD 132 57.30 -1.45 -85.54
N LEU PD 133 57.04 -2.55 -86.24
CA LEU PD 133 57.99 -3.12 -87.18
C LEU PD 133 57.49 -2.90 -88.60
N ILE PD 134 58.45 -2.87 -89.52
CA ILE PD 134 58.15 -2.75 -90.95
C ILE PD 134 58.83 -3.91 -91.66
N ASP PD 135 58.06 -4.66 -92.42
CA ASP PD 135 58.64 -5.76 -93.18
C ASP PD 135 59.31 -5.18 -94.42
N PRO PD 136 60.65 -5.14 -94.46
CA PRO PD 136 61.33 -4.44 -95.55
C PRO PD 136 61.28 -5.16 -96.88
N PHE PD 137 60.51 -6.23 -97.01
CA PHE PD 137 60.39 -6.95 -98.26
C PHE PD 137 58.94 -7.10 -98.72
N HIS PD 138 58.04 -6.24 -98.25
CA HIS PD 138 56.67 -6.26 -98.72
C HIS PD 138 56.51 -5.26 -99.85
N LYS PD 139 55.93 -5.71 -100.97
CA LYS PD 139 55.85 -4.86 -102.15
C LYS PD 139 55.07 -3.58 -101.89
N ALA PD 140 54.13 -3.60 -100.96
CA ALA PD 140 53.46 -2.36 -100.58
C ALA PD 140 54.42 -1.39 -99.92
N ILE PD 141 55.52 -1.89 -99.35
CA ILE PD 141 56.52 -1.04 -98.74
C ILE PD 141 57.55 -0.57 -99.77
N ARG PD 142 58.05 -1.49 -100.59
CA ARG PD 142 59.13 -1.16 -101.52
C ARG PD 142 58.71 -0.12 -102.54
N ARG PD 143 57.47 -0.19 -103.01
CA ARG PD 143 57.03 0.63 -104.13
C ARG PD 143 56.51 2.00 -103.69
N ASN PD 144 56.52 2.29 -102.39
CA ASN PD 144 56.08 3.58 -101.89
C ASN PD 144 57.27 4.36 -101.35
N PRO PD 145 57.61 5.51 -101.92
CA PRO PD 145 58.73 6.29 -101.39
C PRO PD 145 58.41 6.88 -100.03
N ASP PD 146 59.37 7.60 -99.44
CA ASP PD 146 59.33 8.03 -98.05
C ASP PD 146 59.31 6.80 -97.14
N THR PD 147 59.45 5.63 -97.76
CA THR PD 147 59.47 4.36 -97.04
C THR PD 147 60.53 3.42 -97.58
N GLN PD 148 61.00 3.60 -98.82
CA GLN PD 148 62.06 2.77 -99.36
C GLN PD 148 63.33 2.85 -98.53
N TRP PD 149 63.51 3.93 -97.78
CA TRP PD 149 64.75 4.14 -97.04
C TRP PD 149 64.99 3.05 -96.01
N ILE PD 150 63.96 2.62 -95.29
CA ILE PD 150 64.15 1.60 -94.27
C ILE PD 150 64.56 0.28 -94.89
N THR PD 151 64.14 0.03 -96.14
CA THR PD 151 64.55 -1.17 -96.85
C THR PD 151 66.00 -1.13 -97.31
N LYS PD 152 66.67 0.01 -97.18
CA LYS PD 152 68.08 0.06 -97.49
C LYS PD 152 68.84 -0.86 -96.55
N PRO PD 153 69.95 -1.44 -97.02
CA PRO PD 153 70.71 -2.36 -96.14
C PRO PD 153 71.24 -1.70 -94.89
N VAL PD 154 71.59 -0.42 -94.94
CA VAL PD 154 72.20 0.24 -93.79
C VAL PD 154 71.25 0.41 -92.61
N HIS PD 155 69.93 0.32 -92.84
CA HIS PD 155 68.95 0.56 -91.80
C HIS PD 155 68.44 -0.72 -91.16
N LYS PD 156 69.22 -1.79 -91.20
CA LYS PD 156 68.83 -3.02 -90.54
C LYS PD 156 69.28 -2.98 -89.09
N HIS PD 157 68.41 -3.45 -88.20
CA HIS PD 157 68.69 -3.54 -86.77
C HIS PD 157 69.11 -2.18 -86.21
N ARG PD 158 68.33 -1.15 -86.56
CA ARG PD 158 68.61 0.18 -86.05
C ARG PD 158 68.60 0.21 -84.52
N GLU PD 159 67.71 -0.57 -83.90
CA GLU PD 159 67.63 -0.59 -82.44
C GLU PD 159 68.92 -1.11 -81.82
N MET PD 160 69.58 -2.06 -82.46
CA MET PD 160 70.82 -2.61 -81.92
C MET PD 160 71.93 -1.58 -81.91
N ARG PD 161 71.96 -0.70 -82.90
CA ARG PD 161 72.99 0.31 -83.04
C ARG PD 161 72.63 1.62 -82.35
N GLY PD 162 71.53 1.66 -81.61
CA GLY PD 162 71.09 2.89 -80.98
C GLY PD 162 70.67 3.97 -81.95
N LEU PD 163 69.91 3.61 -82.98
CA LEU PD 163 69.47 4.57 -83.97
C LEU PD 163 68.03 5.01 -83.80
N THR PD 164 67.21 4.25 -83.08
CA THR PD 164 65.82 4.62 -82.92
C THR PD 164 65.69 5.83 -81.99
N SER PD 165 64.45 6.29 -81.84
CA SER PD 165 64.19 7.42 -80.95
C SER PD 165 64.56 7.07 -79.52
N ALA PD 166 64.21 5.88 -79.06
CA ALA PD 166 64.60 5.46 -77.72
C ALA PD 166 66.11 5.33 -77.62
N GLY PD 167 66.74 4.72 -78.62
CA GLY PD 167 68.18 4.55 -78.58
C GLY PD 167 68.93 5.87 -78.64
N ARG PD 168 68.49 6.77 -79.51
CA ARG PD 168 69.18 8.05 -79.66
C ARG PD 168 69.22 8.83 -78.35
N LYS PD 169 68.24 8.60 -77.48
CA LYS PD 169 68.16 9.37 -76.24
C LYS PD 169 69.38 9.12 -75.35
N SER PD 170 69.80 7.86 -75.23
CA SER PD 170 70.90 7.54 -74.34
C SER PD 170 72.27 7.78 -74.95
N ARG PD 171 72.32 8.14 -76.23
CA ARG PD 171 73.60 8.48 -76.84
C ARG PD 171 74.22 9.72 -76.22
N GLY PD 172 73.42 10.56 -75.58
CA GLY PD 172 73.89 11.87 -75.18
C GLY PD 172 74.16 12.75 -76.38
N LEU PD 173 73.33 12.65 -77.40
CA LEU PD 173 73.49 13.46 -78.60
C LEU PD 173 72.71 14.75 -78.48
N GLY PD 174 72.76 15.57 -79.51
CA GLY PD 174 72.04 16.83 -79.51
C GLY PD 174 72.93 18.03 -79.72
N LYS PD 175 72.33 19.17 -80.04
CA LYS PD 175 73.07 20.40 -80.27
C LYS PD 175 73.04 21.25 -79.02
N GLY PD 176 74.15 21.90 -78.73
CA GLY PD 176 74.20 22.87 -77.65
C GLY PD 176 75.41 22.64 -76.77
N HIS PD 177 75.50 23.47 -75.74
CA HIS PD 177 76.56 23.33 -74.75
C HIS PD 177 76.29 22.19 -73.79
N LYS PD 178 75.11 21.58 -73.85
CA LYS PD 178 74.80 20.44 -73.01
C LYS PD 178 75.28 19.12 -73.59
N PHE PD 179 75.82 19.12 -74.80
CA PHE PD 179 76.19 17.86 -75.44
C PHE PD 179 77.58 17.91 -76.05
N HIS PD 180 78.56 18.40 -75.30
CA HIS PD 180 79.92 18.47 -75.80
C HIS PD 180 80.59 17.10 -75.86
N HIS PD 181 79.97 16.06 -75.32
CA HIS PD 181 80.57 14.74 -75.34
C HIS PD 181 80.39 14.04 -76.67
N THR PD 182 79.57 14.57 -77.57
CA THR PD 182 79.36 13.92 -78.85
C THR PD 182 79.53 14.90 -79.99
N ILE PD 183 80.49 15.82 -79.87
CA ILE PD 183 80.78 16.77 -80.94
C ILE PD 183 81.27 16.07 -82.20
N GLY PD 184 81.75 14.83 -82.10
CA GLY PD 184 82.11 14.05 -83.26
C GLY PD 184 80.98 13.22 -83.84
N GLY PD 185 79.76 13.37 -83.35
CA GLY PD 185 78.64 12.56 -83.76
C GLY PD 185 78.35 11.39 -82.87
N SER PD 186 79.30 10.99 -82.02
CA SER PD 186 79.08 9.95 -81.04
C SER PD 186 80.07 10.14 -79.92
N ARG PD 187 79.74 9.58 -78.76
CA ARG PD 187 80.61 9.73 -77.60
C ARG PD 187 82.00 9.18 -77.90
N ARG PD 188 82.06 7.97 -78.46
CA ARG PD 188 83.36 7.35 -78.71
C ARG PD 188 84.16 8.12 -79.74
N ALA PD 189 83.53 8.49 -80.86
CA ALA PD 189 84.26 9.19 -81.90
C ALA PD 189 84.77 10.54 -81.41
N ALA PD 190 83.94 11.26 -80.66
CA ALA PD 190 84.37 12.54 -80.11
C ALA PD 190 85.58 12.35 -79.21
N TRP PD 191 85.55 11.31 -78.37
CA TRP PD 191 86.72 11.00 -77.56
C TRP PD 191 87.92 10.68 -78.42
N ARG PD 192 87.71 9.89 -79.49
CA ARG PD 192 88.83 9.48 -80.32
C ARG PD 192 89.51 10.67 -80.97
N ARG PD 193 88.71 11.62 -81.47
CA ARG PD 193 89.29 12.78 -82.15
C ARG PD 193 90.08 13.65 -81.17
N ARG PD 194 89.58 13.83 -79.95
CA ARG PD 194 90.25 14.70 -79.00
C ARG PD 194 91.32 13.97 -78.18
N ASN PD 195 91.50 12.68 -78.39
CA ASN PD 195 92.52 11.94 -77.67
C ASN PD 195 93.57 11.33 -78.58
N THR PD 196 93.41 11.44 -79.90
CA THR PD 196 94.51 11.15 -80.78
C THR PD 196 95.45 12.34 -80.82
N LEU PD 197 96.64 12.13 -81.37
CA LEU PD 197 97.63 13.18 -81.52
C LEU PD 197 97.89 13.38 -83.00
N GLN PD 198 97.74 14.61 -83.46
CA GLN PD 198 97.97 14.93 -84.87
C GLN PD 198 99.44 15.28 -85.06
N LEU PD 199 100.09 14.59 -85.98
CA LEU PD 199 101.51 14.80 -86.26
C LEU PD 199 101.66 15.07 -87.75
N HIS PD 200 101.75 16.35 -88.10
CA HIS PD 200 101.89 16.74 -89.48
C HIS PD 200 103.29 16.40 -90.00
N ARG PD 201 103.43 16.44 -91.33
CA ARG PD 201 104.73 16.17 -91.93
C ARG PD 201 105.77 17.17 -91.45
N TYR PD 202 105.38 18.44 -91.32
CA TYR PD 202 106.22 19.46 -90.73
C TYR PD 202 105.73 19.71 -89.31
N ARG PD 203 106.65 20.05 -88.41
CA ARG PD 203 106.30 20.40 -87.05
C ARG PD 203 107.21 21.49 -86.51
N GLU QD 1 191.56 -14.46 -63.68
CA GLU QD 1 192.26 -15.74 -63.62
C GLU QD 1 191.44 -16.83 -64.32
N VAL QD 2 192.12 -17.74 -64.99
CA VAL QD 2 191.48 -18.84 -65.69
C VAL QD 2 191.55 -20.09 -64.83
N GLN QD 3 192.67 -20.27 -64.14
CA GLN QD 3 192.85 -21.45 -63.31
C GLN QD 3 191.84 -21.45 -62.16
N VAL QD 4 191.50 -22.65 -61.71
CA VAL QD 4 190.56 -22.78 -60.60
C VAL QD 4 191.22 -22.34 -59.29
N LEU QD 5 190.38 -21.90 -58.36
CA LEU QD 5 190.83 -21.43 -57.06
C LEU QD 5 190.60 -22.53 -56.04
N VAL QD 6 191.65 -22.90 -55.31
CA VAL QD 6 191.58 -23.94 -54.29
C VAL QD 6 191.85 -23.31 -52.93
N LEU QD 7 190.95 -23.56 -51.98
CA LEU QD 7 191.03 -22.93 -50.67
C LEU QD 7 191.11 -24.02 -49.60
N ASP QD 8 192.05 -23.84 -48.67
CA ASP QD 8 192.17 -24.72 -47.52
C ASP QD 8 191.24 -24.17 -46.43
N GLY QD 9 190.09 -24.80 -46.26
CA GLY QD 9 189.07 -24.29 -45.38
C GLY QD 9 189.43 -24.22 -43.92
N ARG QD 10 190.48 -24.92 -43.50
CA ARG QD 10 190.85 -24.95 -42.09
C ARG QD 10 191.17 -23.55 -41.60
N GLY QD 11 190.71 -23.23 -40.39
CA GLY QD 11 190.94 -21.92 -39.81
C GLY QD 11 190.05 -20.83 -40.31
N HIS QD 12 188.94 -21.16 -40.98
CA HIS QD 12 188.07 -20.17 -41.59
C HIS QD 12 186.69 -20.19 -40.94
N LEU QD 13 186.13 -19.01 -40.72
CA LEU QD 13 184.74 -18.93 -40.30
C LEU QD 13 183.83 -19.24 -41.47
N LEU QD 14 182.73 -19.94 -41.19
CA LEU QD 14 181.87 -20.42 -42.27
C LEU QD 14 181.25 -19.26 -43.04
N GLY QD 15 180.61 -18.33 -42.33
CA GLY QD 15 179.86 -17.29 -43.02
C GLY QD 15 180.73 -16.39 -43.88
N ARG QD 16 181.86 -15.93 -43.33
CA ARG QD 16 182.72 -15.02 -44.09
C ARG QD 16 183.36 -15.74 -45.28
N LEU QD 17 183.73 -17.00 -45.10
CA LEU QD 17 184.33 -17.75 -46.20
C LEU QD 17 183.33 -17.93 -47.34
N ALA QD 18 182.08 -18.28 -47.01
CA ALA QD 18 181.09 -18.50 -48.05
C ALA QD 18 180.84 -17.23 -48.86
N ALA QD 19 180.74 -16.09 -48.17
CA ALA QD 19 180.46 -14.84 -48.85
C ALA QD 19 181.53 -14.51 -49.88
N ILE QD 20 182.80 -14.64 -49.49
CA ILE QD 20 183.87 -14.39 -50.43
C ILE QD 20 183.91 -15.48 -51.49
N VAL QD 21 183.43 -16.67 -51.15
CA VAL QD 21 183.29 -17.72 -52.14
C VAL QD 21 182.11 -17.43 -53.06
N ALA QD 22 180.97 -17.04 -52.49
CA ALA QD 22 179.75 -16.88 -53.27
C ALA QD 22 179.92 -15.80 -54.32
N LYS QD 23 180.40 -14.62 -53.92
CA LYS QD 23 180.59 -13.54 -54.88
C LYS QD 23 181.56 -13.95 -55.96
N GLN QD 24 182.69 -14.56 -55.58
CA GLN QD 24 183.73 -14.89 -56.54
C GLN QD 24 183.22 -15.84 -57.61
N VAL QD 25 182.57 -16.95 -57.20
CA VAL QD 25 182.08 -17.91 -58.16
C VAL QD 25 181.00 -17.31 -59.05
N LEU QD 26 180.30 -16.27 -58.58
CA LEU QD 26 179.30 -15.60 -59.41
C LEU QD 26 179.91 -15.00 -60.66
N LEU QD 27 181.19 -14.63 -60.64
CA LEU QD 27 181.86 -14.10 -61.82
C LEU QD 27 182.61 -15.18 -62.59
N GLY QD 28 182.39 -16.45 -62.27
CA GLY QD 28 183.12 -17.52 -62.90
C GLY QD 28 184.25 -18.01 -62.01
N ARG QD 29 185.40 -18.32 -62.61
CA ARG QD 29 186.60 -18.79 -61.92
C ARG QD 29 186.25 -19.86 -60.88
N LYS QD 30 185.82 -21.00 -61.41
CA LYS QD 30 185.41 -22.15 -60.62
C LYS QD 30 186.32 -22.38 -59.42
N VAL QD 31 185.70 -22.54 -58.25
CA VAL QD 31 186.42 -22.63 -56.98
C VAL QD 31 186.16 -23.99 -56.37
N VAL QD 32 187.23 -24.65 -55.93
CA VAL QD 32 187.15 -25.91 -55.20
C VAL QD 32 187.66 -25.67 -53.79
N VAL QD 33 186.86 -26.00 -52.80
CA VAL QD 33 187.24 -25.86 -51.40
C VAL QD 33 187.46 -27.25 -50.83
N VAL QD 34 188.52 -27.42 -50.06
CA VAL QD 34 188.91 -28.71 -49.53
C VAL QD 34 189.06 -28.62 -48.02
N ARG QD 35 189.04 -29.78 -47.38
CA ARG QD 35 189.17 -29.89 -45.92
C ARG QD 35 188.07 -29.08 -45.22
N CYS QD 36 186.83 -29.30 -45.65
CA CYS QD 36 185.70 -28.60 -45.06
C CYS QD 36 185.51 -28.91 -43.59
N GLU QD 37 185.93 -30.10 -43.13
CA GLU QD 37 185.83 -30.44 -41.73
C GLU QD 37 186.63 -29.51 -40.82
N GLY QD 38 187.63 -28.81 -41.36
CA GLY QD 38 188.40 -27.85 -40.60
C GLY QD 38 187.78 -26.47 -40.50
N ILE QD 39 186.57 -26.28 -41.05
CA ILE QD 39 185.92 -24.98 -40.97
C ILE QD 39 185.52 -24.70 -39.52
N ASN QD 40 185.86 -23.51 -39.05
CA ASN QD 40 185.48 -23.10 -37.71
C ASN QD 40 184.26 -22.20 -37.76
N ILE QD 41 183.52 -22.18 -36.65
CA ILE QD 41 182.33 -21.35 -36.52
C ILE QD 41 182.35 -20.69 -35.16
N SER QD 42 182.05 -19.40 -35.12
CA SER QD 42 182.05 -18.66 -33.87
C SER QD 42 180.95 -19.16 -32.94
N GLY QD 43 181.12 -18.87 -31.66
CA GLY QD 43 180.22 -19.37 -30.65
C GLY QD 43 180.69 -20.70 -30.09
N ASN QD 44 180.18 -21.03 -28.90
CA ASN QD 44 180.59 -22.28 -28.28
C ASN QD 44 180.05 -23.46 -29.07
N PHE QD 45 180.65 -24.62 -28.82
CA PHE QD 45 180.26 -25.82 -29.56
C PHE QD 45 178.80 -26.16 -29.32
N TYR QD 46 178.34 -26.00 -28.08
CA TYR QD 46 177.00 -26.46 -27.73
C TYR QD 46 175.92 -25.72 -28.50
N ARG QD 47 176.00 -24.40 -28.55
CA ARG QD 47 174.94 -23.64 -29.21
C ARG QD 47 174.92 -23.89 -30.71
N ASN QD 48 176.08 -24.08 -31.34
CA ASN QD 48 176.11 -24.40 -32.75
C ASN QD 48 175.47 -25.75 -33.01
N LYS QD 49 175.68 -26.71 -32.12
CA LYS QD 49 174.96 -27.97 -32.20
C LYS QD 49 173.46 -27.74 -32.15
N LEU QD 50 173.01 -26.94 -31.17
CA LEU QD 50 171.59 -26.68 -31.03
C LEU QD 50 171.03 -25.98 -32.26
N LYS QD 51 171.81 -25.06 -32.85
CA LYS QD 51 171.34 -24.36 -34.04
C LYS QD 51 171.07 -25.33 -35.17
N TYR QD 52 171.96 -26.31 -35.37
CA TYR QD 52 171.71 -27.31 -36.41
C TYR QD 52 170.52 -28.19 -36.06
N LEU QD 53 170.37 -28.57 -34.79
CA LEU QD 53 169.25 -29.40 -34.40
C LEU QD 53 167.93 -28.70 -34.68
N ALA QD 54 167.87 -27.40 -34.43
CA ALA QD 54 166.70 -26.63 -34.83
C ALA QD 54 166.51 -26.68 -36.33
N PHE QD 55 167.60 -26.55 -37.09
CA PHE QD 55 167.52 -26.73 -38.53
C PHE QD 55 167.13 -28.16 -38.88
N LEU QD 56 167.67 -29.13 -38.13
CA LEU QD 56 167.28 -30.52 -38.32
C LEU QD 56 165.79 -30.72 -38.12
N ARG QD 57 165.21 -29.99 -37.16
CA ARG QD 57 163.79 -30.20 -36.83
C ARG QD 57 162.88 -29.73 -37.96
N LYS QD 58 163.22 -28.65 -38.65
CA LYS QD 58 162.38 -28.11 -39.71
C LYS QD 58 162.21 -29.17 -40.80
N ARG QD 59 160.98 -29.52 -41.12
CA ARG QD 59 160.71 -30.52 -42.14
C ARG QD 59 159.24 -30.47 -42.52
N MET QD 60 158.94 -30.96 -43.71
CA MET QD 60 157.56 -31.03 -44.19
C MET QD 60 156.77 -31.97 -43.29
N ASN QD 61 155.82 -31.43 -42.55
CA ASN QD 61 155.11 -32.23 -41.56
C ASN QD 61 154.27 -33.32 -42.20
N THR QD 62 153.84 -33.11 -43.44
CA THR QD 62 152.97 -34.08 -44.09
C THR QD 62 153.73 -35.16 -44.84
N ASN QD 63 154.85 -34.84 -45.46
CA ASN QD 63 155.63 -35.83 -46.18
C ASN QD 63 157.09 -35.43 -46.17
N PRO QD 64 157.85 -35.86 -45.16
CA PRO QD 64 159.23 -35.36 -45.03
C PRO QD 64 160.13 -35.70 -46.20
N SER QD 65 159.77 -36.67 -47.03
CA SER QD 65 160.63 -37.04 -48.15
C SER QD 65 160.89 -35.85 -49.07
N ARG QD 66 159.89 -35.01 -49.28
CA ARG QD 66 160.08 -33.77 -50.03
C ARG QD 66 160.62 -32.64 -49.17
N GLY QD 67 160.83 -32.87 -47.89
CA GLY QD 67 161.18 -31.82 -46.97
C GLY QD 67 162.62 -31.36 -47.12
N PRO QD 68 163.01 -30.41 -46.28
CA PRO QD 68 164.39 -29.89 -46.34
C PRO QD 68 165.41 -31.02 -46.17
N TYR QD 69 166.30 -31.14 -47.13
CA TYR QD 69 167.29 -32.20 -47.16
C TYR QD 69 168.43 -31.84 -46.23
N HIS QD 70 168.35 -32.33 -44.99
CA HIS QD 70 169.38 -32.03 -43.99
C HIS QD 70 170.62 -32.82 -44.34
N PHE QD 71 171.56 -32.18 -45.04
CA PHE QD 71 172.82 -32.83 -45.33
C PHE QD 71 173.70 -32.87 -44.09
N ARG QD 72 174.47 -33.95 -43.96
CA ARG QD 72 175.33 -34.17 -42.80
C ARG QD 72 176.81 -34.00 -43.09
N ALA QD 73 177.24 -34.21 -44.33
CA ALA QD 73 178.65 -34.07 -44.65
C ALA QD 73 179.09 -32.62 -44.51
N PRO QD 74 180.25 -32.37 -43.91
CA PRO QD 74 180.71 -30.99 -43.74
C PRO QD 74 180.83 -30.25 -45.06
N SER QD 75 181.25 -30.93 -46.12
CA SER QD 75 181.31 -30.29 -47.43
C SER QD 75 179.93 -29.83 -47.87
N ARG QD 76 178.93 -30.69 -47.69
CA ARG QD 76 177.57 -30.32 -48.11
C ARG QD 76 177.00 -29.21 -47.24
N ILE QD 77 177.29 -29.23 -45.94
CA ILE QD 77 176.83 -28.16 -45.06
C ILE QD 77 177.36 -26.82 -45.55
N PHE QD 78 178.67 -26.78 -45.84
CA PHE QD 78 179.23 -25.57 -46.43
C PHE QD 78 178.60 -25.30 -47.79
N TRP QD 79 178.40 -26.34 -48.59
CA TRP QD 79 177.76 -26.16 -49.89
C TRP QD 79 176.34 -25.62 -49.72
N ARG QD 80 175.60 -26.15 -48.74
CA ARG QD 80 174.26 -25.63 -48.49
C ARG QD 80 174.31 -24.17 -48.03
N THR QD 81 175.23 -23.83 -47.14
CA THR QD 81 175.34 -22.45 -46.70
C THR QD 81 175.63 -21.54 -47.88
N VAL QD 82 176.53 -21.96 -48.77
CA VAL QD 82 176.78 -21.19 -49.98
C VAL QD 82 175.51 -21.09 -50.82
N ARG QD 83 174.74 -22.18 -50.88
CA ARG QD 83 173.54 -22.18 -51.71
C ARG QD 83 172.57 -21.10 -51.28
N GLY QD 84 172.40 -20.92 -49.97
CA GLY QD 84 171.56 -19.86 -49.48
C GLY QD 84 172.11 -18.46 -49.69
N MET QD 85 173.28 -18.34 -50.32
CA MET QD 85 173.90 -17.05 -50.61
C MET QD 85 173.76 -16.69 -52.08
N LEU QD 86 173.03 -17.49 -52.85
CA LEU QD 86 172.94 -17.37 -54.29
C LEU QD 86 171.49 -17.37 -54.75
N PRO QD 87 171.21 -16.70 -55.86
CA PRO QD 87 169.89 -16.86 -56.48
C PRO QD 87 169.73 -18.23 -57.14
N HIS QD 88 169.77 -19.26 -56.30
CA HIS QD 88 169.85 -20.64 -56.78
C HIS QD 88 168.62 -21.09 -57.53
N LYS QD 89 167.49 -20.42 -57.37
CA LYS QD 89 166.28 -20.77 -58.08
C LYS QD 89 166.31 -20.32 -59.54
N THR QD 90 167.35 -19.61 -59.95
CA THR QD 90 167.46 -19.03 -61.27
C THR QD 90 168.54 -19.74 -62.09
N LYS QD 91 168.51 -19.49 -63.39
CA LYS QD 91 169.51 -20.06 -64.29
C LYS QD 91 170.91 -19.58 -63.92
N ARG QD 92 171.06 -18.28 -63.67
CA ARG QD 92 172.38 -17.75 -63.36
C ARG QD 92 172.93 -18.35 -62.09
N GLY QD 93 172.10 -18.45 -61.05
CA GLY QD 93 172.58 -19.00 -59.79
C GLY QD 93 173.01 -20.45 -59.91
N GLN QD 94 172.19 -21.27 -60.57
CA GLN QD 94 172.54 -22.67 -60.74
C GLN QD 94 173.82 -22.81 -61.57
N ALA QD 95 174.00 -21.95 -62.56
CA ALA QD 95 175.23 -21.98 -63.34
C ALA QD 95 176.43 -21.71 -62.46
N ALA QD 96 176.34 -20.72 -61.57
CA ALA QD 96 177.43 -20.47 -60.64
C ALA QD 96 177.61 -21.62 -59.67
N LEU QD 97 176.51 -22.20 -59.18
CA LEU QD 97 176.60 -23.26 -58.19
C LEU QD 97 177.31 -24.49 -58.76
N ASP QD 98 177.20 -24.70 -60.06
CA ASP QD 98 177.93 -25.79 -60.69
C ASP QD 98 179.44 -25.60 -60.56
N ARG QD 99 179.92 -24.37 -60.75
CA ARG QD 99 181.35 -24.09 -60.75
C ARG QD 99 182.00 -24.32 -59.40
N LEU QD 100 181.23 -24.45 -58.33
CA LEU QD 100 181.76 -24.62 -56.99
C LEU QD 100 181.81 -26.10 -56.64
N LYS QD 101 182.92 -26.53 -56.06
CA LYS QD 101 183.09 -27.91 -55.61
C LYS QD 101 183.60 -27.91 -54.18
N VAL QD 102 183.05 -28.81 -53.37
CA VAL QD 102 183.38 -28.90 -51.95
C VAL QD 102 183.92 -30.29 -51.68
N PHE QD 103 184.81 -30.40 -50.69
CA PHE QD 103 185.44 -31.67 -50.38
C PHE QD 103 185.86 -31.73 -48.92
N ASP QD 104 185.37 -32.75 -48.23
CA ASP QD 104 185.90 -33.12 -46.93
C ASP QD 104 187.30 -33.67 -47.13
N GLY QD 105 188.26 -33.17 -46.37
CA GLY QD 105 189.62 -33.57 -46.63
C GLY QD 105 190.09 -33.01 -47.96
N ILE QD 106 191.10 -33.67 -48.53
CA ILE QD 106 191.67 -33.24 -49.79
C ILE QD 106 191.80 -34.43 -50.73
N PRO QD 107 190.90 -34.59 -51.69
CA PRO QD 107 190.99 -35.69 -52.65
C PRO QD 107 192.24 -35.55 -53.51
N PRO QD 108 192.73 -36.64 -54.06
CA PRO QD 108 194.00 -36.59 -54.80
C PRO QD 108 193.82 -36.27 -56.28
N PRO QD 109 192.98 -35.29 -56.66
CA PRO QD 109 193.36 -34.45 -57.81
C PRO QD 109 193.93 -33.12 -57.35
N TYR QD 110 193.85 -32.85 -56.05
CA TYR QD 110 194.20 -31.55 -55.51
C TYR QD 110 195.28 -31.57 -54.45
N ASP QD 111 195.62 -32.73 -53.88
CA ASP QD 111 196.60 -32.76 -52.80
C ASP QD 111 197.96 -32.25 -53.24
N LYS QD 112 198.25 -32.28 -54.54
CA LYS QD 112 199.53 -31.85 -55.07
C LYS QD 112 199.49 -30.41 -55.55
N LYS QD 113 198.55 -29.61 -55.07
CA LYS QD 113 198.44 -28.22 -55.48
C LYS QD 113 198.53 -27.31 -54.26
N LYS QD 114 199.25 -26.21 -54.40
CA LYS QD 114 199.33 -25.22 -53.34
C LYS QD 114 197.96 -24.63 -53.07
N ARG QD 115 197.60 -24.51 -51.80
CA ARG QD 115 196.27 -24.11 -51.39
C ARG QD 115 196.26 -22.64 -50.98
N MET QD 116 195.51 -21.82 -51.71
CA MET QD 116 195.35 -20.44 -51.33
C MET QD 116 194.43 -20.33 -50.11
N VAL QD 117 194.64 -19.27 -49.34
CA VAL QD 117 193.93 -19.05 -48.09
C VAL QD 117 193.35 -17.64 -48.12
N VAL QD 118 192.16 -17.47 -47.55
CA VAL QD 118 191.48 -16.18 -47.52
C VAL QD 118 191.71 -15.55 -46.15
N PRO QD 119 192.46 -14.46 -46.06
CA PRO QD 119 192.68 -13.84 -44.74
C PRO QD 119 191.43 -13.26 -44.14
N ALA QD 120 190.63 -12.52 -44.92
CA ALA QD 120 189.47 -11.83 -44.39
C ALA QD 120 188.43 -12.77 -43.79
N ALA QD 121 188.50 -14.06 -44.08
CA ALA QD 121 187.60 -15.04 -43.49
C ALA QD 121 188.31 -15.96 -42.51
N LEU QD 122 189.61 -15.78 -42.30
CA LEU QD 122 190.34 -16.64 -41.39
C LEU QD 122 189.89 -16.41 -39.95
N LYS QD 123 189.73 -17.51 -39.21
CA LYS QD 123 189.30 -17.41 -37.82
C LYS QD 123 190.30 -16.63 -36.99
N VAL QD 124 191.59 -16.68 -37.37
CA VAL QD 124 192.62 -16.10 -36.53
C VAL QD 124 192.46 -14.59 -36.40
N VAL QD 125 192.02 -13.91 -37.47
CA VAL QD 125 191.93 -12.46 -37.44
C VAL QD 125 190.52 -11.95 -37.16
N ARG QD 126 189.49 -12.73 -37.45
CA ARG QD 126 188.12 -12.27 -37.28
C ARG QD 126 187.58 -12.52 -35.88
N LEU QD 127 188.27 -13.28 -35.06
CA LEU QD 127 187.79 -13.64 -33.73
C LEU QD 127 188.78 -13.17 -32.67
N LYS QD 128 188.25 -12.57 -31.62
CA LYS QD 128 189.06 -12.28 -30.45
C LYS QD 128 189.53 -13.59 -29.83
N PRO QD 129 190.75 -13.64 -29.29
CA PRO QD 129 191.23 -14.91 -28.72
C PRO QD 129 190.35 -15.44 -27.61
N THR QD 130 189.73 -14.55 -26.83
CA THR QD 130 188.88 -14.96 -25.71
C THR QD 130 187.45 -15.23 -26.18
N ARG QD 131 187.30 -16.06 -27.21
CA ARG QD 131 185.99 -16.42 -27.71
C ARG QD 131 185.98 -17.88 -28.11
N LYS QD 132 184.93 -18.59 -27.73
CA LYS QD 132 184.83 -20.01 -28.03
C LYS QD 132 184.32 -20.21 -29.46
N PHE QD 133 184.90 -21.21 -30.12
CA PHE QD 133 184.52 -21.51 -31.49
C PHE QD 133 184.35 -23.02 -31.65
N ALA QD 134 183.58 -23.41 -32.65
CA ALA QD 134 183.24 -24.80 -32.88
C ALA QD 134 183.73 -25.26 -34.25
N TYR QD 135 184.37 -26.42 -34.27
CA TYR QD 135 184.83 -27.01 -35.52
C TYR QD 135 183.67 -27.64 -36.27
N LEU QD 136 183.67 -27.49 -37.59
CA LEU QD 136 182.64 -28.13 -38.39
C LEU QD 136 182.75 -29.64 -38.34
N GLY QD 137 183.97 -30.17 -38.38
CA GLY QD 137 184.15 -31.62 -38.42
C GLY QD 137 183.56 -32.32 -37.20
N ARG QD 138 183.85 -31.80 -36.01
CA ARG QD 138 183.28 -32.39 -34.82
C ARG QD 138 181.76 -32.24 -34.81
N LEU QD 139 181.26 -31.08 -35.23
CA LEU QD 139 179.82 -30.84 -35.22
C LEU QD 139 179.09 -31.80 -36.14
N ALA QD 140 179.60 -31.98 -37.36
CA ALA QD 140 178.95 -32.88 -38.31
C ALA QD 140 178.93 -34.30 -37.79
N HIS QD 141 180.06 -34.77 -37.27
CA HIS QD 141 180.11 -36.09 -36.67
C HIS QD 141 179.10 -36.23 -35.55
N GLU QD 142 178.93 -35.18 -34.75
CA GLU QD 142 177.92 -35.20 -33.71
C GLU QD 142 176.52 -35.26 -34.31
N VAL QD 143 176.29 -34.53 -35.40
CA VAL QD 143 174.97 -34.51 -36.01
C VAL QD 143 174.60 -35.87 -36.58
N GLY QD 144 175.57 -36.61 -37.11
CA GLY QD 144 175.26 -37.87 -37.74
C GLY QD 144 176.14 -38.20 -38.93
N TRP QD 145 177.07 -37.32 -39.25
CA TRP QD 145 178.07 -37.64 -40.26
C TRP QD 145 178.84 -38.89 -39.83
N LYS QD 146 179.00 -39.82 -40.77
CA LYS QD 146 179.53 -41.15 -40.46
C LYS QD 146 180.95 -41.37 -40.96
N TYR QD 147 181.65 -40.31 -41.36
CA TYR QD 147 182.93 -40.47 -42.05
C TYR QD 147 183.99 -39.55 -41.46
N GLN QD 148 183.86 -39.23 -40.17
CA GLN QD 148 184.88 -38.40 -39.54
C GLN QD 148 186.14 -39.20 -39.24
N ALA QD 149 186.01 -40.49 -38.94
CA ALA QD 149 187.18 -41.28 -38.54
C ALA QD 149 188.04 -41.64 -39.76
N VAL QD 150 187.42 -42.23 -40.79
CA VAL QD 150 188.18 -42.64 -41.96
C VAL QD 150 188.83 -41.44 -42.64
N THR QD 151 188.13 -40.31 -42.67
CA THR QD 151 188.71 -39.10 -43.26
C THR QD 151 189.94 -38.67 -42.49
N ALA QD 152 189.88 -38.70 -41.16
CA ALA QD 152 191.03 -38.30 -40.35
C ALA QD 152 192.24 -39.18 -40.66
N THR QD 153 192.02 -40.50 -40.78
CA THR QD 153 193.13 -41.39 -41.09
C THR QD 153 193.74 -41.05 -42.45
N LEU QD 154 192.89 -40.82 -43.46
CA LEU QD 154 193.41 -40.45 -44.76
C LEU QD 154 194.17 -39.14 -44.72
N GLU QD 155 193.66 -38.15 -43.99
CA GLU QD 155 194.36 -36.88 -43.87
C GLU QD 155 195.74 -37.07 -43.24
N GLU QD 156 195.82 -37.86 -42.17
CA GLU QD 156 197.12 -38.17 -41.58
C GLU QD 156 198.01 -38.87 -42.59
N LYS QD 157 197.49 -39.87 -43.28
CA LYS QD 157 198.28 -40.59 -44.27
C LYS QD 157 198.75 -39.64 -45.37
N ARG QD 158 197.87 -38.74 -45.81
CA ARG QD 158 198.28 -37.71 -46.74
C ARG QD 158 199.34 -36.79 -46.12
N LYS QD 159 199.23 -36.53 -44.82
CA LYS QD 159 200.19 -35.65 -44.17
C LYS QD 159 201.59 -36.23 -44.22
N GLU QD 160 201.74 -37.54 -44.01
CA GLU QD 160 203.05 -38.16 -44.10
C GLU QD 160 203.63 -38.00 -45.50
N LYS QD 161 202.81 -38.23 -46.52
CA LYS QD 161 203.28 -38.01 -47.89
C LYS QD 161 203.71 -36.57 -48.10
N ALA QD 162 203.00 -35.63 -47.48
CA ALA QD 162 203.38 -34.23 -47.59
C ALA QD 162 204.75 -33.96 -47.00
N LYS QD 163 205.06 -34.57 -45.86
CA LYS QD 163 206.35 -34.33 -45.21
C LYS QD 163 207.49 -34.82 -46.08
N ILE QD 164 207.34 -35.98 -46.71
CA ILE QD 164 208.41 -36.51 -47.55
C ILE QD 164 208.61 -35.63 -48.79
N HIS QD 165 207.52 -35.03 -49.28
CA HIS QD 165 207.65 -34.09 -50.38
C HIS QD 165 208.24 -32.77 -49.90
N TYR QD 166 207.80 -32.30 -48.74
CA TYR QD 166 208.32 -31.06 -48.19
C TYR QD 166 209.81 -31.17 -47.87
N ARG QD 167 210.21 -32.28 -47.26
CA ARG QD 167 211.63 -32.48 -46.96
C ARG QD 167 212.45 -32.52 -48.24
N LYS QD 168 211.91 -33.12 -49.29
CA LYS QD 168 212.58 -33.10 -50.59
C LYS QD 168 212.69 -31.68 -51.11
N LYS QD 169 211.64 -30.88 -50.91
CA LYS QD 169 211.69 -29.48 -51.34
C LYS QD 169 212.78 -28.72 -50.61
N LYS QD 170 212.89 -28.92 -49.30
CA LYS QD 170 213.99 -28.31 -48.55
C LYS QD 170 215.33 -28.90 -48.97
N GLN QD 171 215.33 -30.14 -49.44
CA GLN QD 171 216.57 -30.78 -49.89
C GLN QD 171 217.12 -30.06 -51.12
N LEU QD 172 216.33 -29.98 -52.19
CA LEU QD 172 216.78 -29.33 -53.41
C LEU QD 172 217.01 -27.84 -53.20
N MET QD 173 216.16 -27.19 -52.40
CA MET QD 173 216.32 -25.76 -52.15
C MET QD 173 217.64 -25.47 -51.46
N ARG QD 174 218.03 -26.31 -50.50
CA ARG QD 174 219.34 -26.17 -49.88
C ARG QD 174 220.44 -26.23 -50.93
N LEU QD 175 220.33 -27.17 -51.86
CA LEU QD 175 221.30 -27.25 -52.95
C LEU QD 175 221.27 -25.99 -53.81
N ARG QD 176 220.09 -25.39 -53.97
CA ARG QD 176 220.01 -24.16 -54.74
C ARG QD 176 220.84 -23.05 -54.12
N LYS QD 177 220.75 -22.87 -52.80
CA LYS QD 177 221.55 -21.85 -52.15
C LYS QD 177 223.03 -22.16 -52.29
N GLN QD 178 223.42 -23.42 -52.07
CA GLN QD 178 224.82 -23.78 -52.19
C GLN QD 178 225.32 -23.59 -53.62
N ALA QD 179 224.52 -23.97 -54.62
CA ALA QD 179 224.87 -23.69 -56.00
C ALA QD 179 224.96 -22.18 -56.24
N GLU QD 180 224.04 -21.42 -55.66
CA GLU QD 180 224.15 -19.97 -55.71
C GLU QD 180 225.43 -19.49 -55.04
N LYS QD 181 225.78 -20.06 -53.88
CA LYS QD 181 227.01 -19.68 -53.22
C LYS QD 181 228.22 -20.32 -53.89
N ASN QD 182 228.02 -21.31 -54.75
CA ASN QD 182 229.14 -21.94 -55.46
C ASN QD 182 229.59 -21.08 -56.63
N VAL QD 183 228.67 -20.70 -57.51
CA VAL QD 183 229.00 -19.83 -58.63
C VAL QD 183 228.49 -18.42 -58.38
N GLU QD 184 229.43 -17.49 -58.18
CA GLU QD 184 229.08 -16.09 -58.01
C GLU QD 184 229.94 -15.14 -58.83
N LYS QD 185 231.18 -15.52 -59.14
CA LYS QD 185 232.02 -14.63 -59.96
C LYS QD 185 231.51 -14.59 -61.39
N LYS QD 186 230.71 -15.57 -61.79
CA LYS QD 186 230.01 -15.57 -63.06
C LYS QD 186 228.58 -15.08 -62.93
N ILE QD 187 228.20 -14.62 -61.73
CA ILE QD 187 226.82 -14.27 -61.43
C ILE QD 187 226.65 -12.83 -60.97
N ASP QD 188 227.70 -12.20 -60.43
CA ASP QD 188 227.56 -10.84 -59.93
C ASP QD 188 227.11 -9.87 -61.01
N LYS QD 189 227.60 -10.03 -62.24
CA LYS QD 189 227.17 -9.16 -63.33
C LYS QD 189 225.68 -9.30 -63.61
N TYR QD 190 225.08 -10.45 -63.28
CA TYR QD 190 223.64 -10.59 -63.32
C TYR QD 190 222.96 -10.26 -62.00
N THR QD 191 223.54 -10.70 -60.89
CA THR QD 191 222.93 -10.44 -59.58
C THR QD 191 222.83 -8.94 -59.31
N GLU QD 192 223.89 -8.19 -59.59
CA GLU QD 192 223.86 -6.76 -59.35
C GLU QD 192 222.77 -6.09 -60.17
N VAL QD 193 222.61 -6.49 -61.43
CA VAL QD 193 221.52 -5.97 -62.24
C VAL QD 193 220.19 -6.30 -61.59
N LEU QD 194 220.02 -7.55 -61.14
CA LEU QD 194 218.85 -7.91 -60.35
C LEU QD 194 218.82 -7.14 -59.04
N LYS QD 195 219.99 -6.92 -58.43
CA LYS QD 195 220.05 -6.12 -57.22
C LYS QD 195 219.67 -4.67 -57.49
N THR QD 196 220.13 -4.10 -58.61
CA THR QD 196 219.86 -2.71 -58.93
C THR QD 196 218.40 -2.45 -59.25
N HIS QD 197 217.57 -3.48 -59.38
CA HIS QD 197 216.17 -3.28 -59.77
C HIS QD 197 215.21 -3.90 -58.79
N GLY QD 198 215.63 -4.14 -57.55
CA GLY QD 198 214.72 -4.55 -56.51
C GLY QD 198 214.80 -6.01 -56.12
N LEU QD 199 214.98 -6.88 -57.10
CA LEU QD 199 215.02 -8.32 -56.83
C LEU QD 199 216.23 -8.68 -56.00
N LEU QD 200 216.04 -9.62 -55.07
CA LEU QD 200 217.09 -10.15 -54.21
C LEU QD 200 217.78 -9.03 -53.43
N VAL QD 201 216.99 -8.43 -52.53
CA VAL QD 201 217.47 -7.40 -51.63
C VAL QD 201 218.75 -7.84 -50.89
N VAL RD 1 142.28 -36.53 -105.97
CA VAL RD 1 142.06 -35.33 -105.17
C VAL RD 1 143.39 -34.88 -104.58
N ARG RD 2 143.42 -33.67 -104.01
CA ARG RD 2 144.62 -33.11 -103.43
C ARG RD 2 144.90 -33.74 -102.07
N TYR RD 3 146.09 -34.30 -101.93
CA TYR RD 3 146.54 -34.87 -100.66
C TYR RD 3 147.46 -33.89 -99.96
N SER RD 4 147.30 -33.79 -98.64
CA SER RD 4 148.23 -33.04 -97.84
C SER RD 4 149.60 -33.70 -97.90
N LEU RD 5 150.64 -32.87 -98.00
CA LEU RD 5 152.02 -33.35 -98.05
C LEU RD 5 152.23 -34.28 -99.25
N ASP RD 6 152.13 -33.68 -100.42
CA ASP RD 6 152.22 -34.43 -101.67
C ASP RD 6 153.58 -35.13 -101.80
N PRO RD 7 153.66 -36.21 -102.56
CA PRO RD 7 154.92 -36.97 -102.64
C PRO RD 7 156.01 -36.18 -103.35
N GLU RD 8 157.25 -36.59 -103.11
CA GLU RD 8 158.38 -35.95 -103.74
C GLU RD 8 158.32 -36.10 -105.26
N ASN RD 9 158.08 -37.32 -105.74
CA ASN RD 9 157.89 -37.57 -107.18
C ASN RD 9 156.61 -38.37 -107.35
N PRO RD 10 155.69 -37.92 -108.20
CA PRO RD 10 154.47 -38.70 -108.44
C PRO RD 10 154.69 -39.74 -109.52
N THR RD 11 155.80 -40.47 -109.43
CA THR RD 11 156.11 -41.52 -110.39
C THR RD 11 156.41 -42.86 -109.74
N LYS RD 12 157.08 -42.87 -108.60
CA LYS RD 12 157.33 -44.09 -107.83
C LYS RD 12 156.50 -44.10 -106.55
N SER RD 13 155.28 -43.59 -106.63
CA SER RD 13 154.44 -43.43 -105.45
C SER RD 13 152.99 -43.66 -105.82
N CYS RD 14 152.25 -44.29 -104.91
CA CYS RD 14 150.83 -44.52 -105.08
C CYS RD 14 150.08 -44.00 -103.88
N LYS RD 15 148.83 -43.60 -104.10
CA LYS RD 15 148.03 -42.95 -103.08
C LYS RD 15 146.73 -43.72 -102.86
N SER RD 16 146.15 -43.50 -101.69
CA SER RD 16 144.82 -43.98 -101.37
C SER RD 16 144.31 -43.17 -100.19
N ARG RD 17 142.99 -43.13 -100.04
CA ARG RD 17 142.41 -42.36 -98.95
C ARG RD 17 141.09 -42.98 -98.54
N GLY RD 18 140.66 -42.61 -97.33
CA GLY RD 18 139.37 -43.04 -96.84
C GLY RD 18 138.65 -41.87 -96.22
N SER RD 19 137.34 -41.84 -96.43
CA SER RD 19 136.50 -40.76 -95.92
C SER RD 19 135.26 -41.34 -95.26
N ASN RD 20 134.92 -40.80 -94.09
CA ASN RD 20 133.75 -41.24 -93.33
C ASN RD 20 133.79 -42.74 -93.06
N LEU RD 21 134.93 -43.23 -92.59
CA LEU RD 21 135.05 -44.62 -92.24
C LEU RD 21 134.74 -44.83 -90.76
N ARG RD 22 133.77 -45.71 -90.49
CA ARG RD 22 133.20 -45.85 -89.15
C ARG RD 22 134.17 -46.56 -88.21
N VAL RD 23 135.23 -45.85 -87.85
CA VAL RD 23 136.20 -46.33 -86.87
C VAL RD 23 136.39 -45.23 -85.83
N HIS RD 24 136.82 -45.65 -84.64
CA HIS RD 24 137.12 -44.68 -83.59
C HIS RD 24 138.36 -43.88 -83.98
N PHE RD 25 138.24 -42.56 -83.91
CA PHE RD 25 139.32 -41.70 -84.38
C PHE RD 25 140.58 -41.88 -83.56
N LYS RD 26 140.46 -41.83 -82.24
CA LYS RD 26 141.65 -41.85 -81.39
C LYS RD 26 142.43 -43.14 -81.58
N ASN RD 27 141.75 -44.28 -81.60
CA ASN RD 27 142.43 -45.54 -81.87
C ASN RD 27 143.06 -45.53 -83.25
N THR RD 28 142.34 -45.00 -84.24
CA THR RD 28 142.89 -44.93 -85.59
C THR RD 28 144.13 -44.05 -85.63
N ARG RD 29 144.13 -42.95 -84.87
CA ARG RD 29 145.31 -42.09 -84.83
C ARG RD 29 146.51 -42.82 -84.26
N GLU RD 30 146.30 -43.54 -83.15
CA GLU RD 30 147.43 -44.19 -82.49
C GLU RD 30 148.06 -45.24 -83.38
N THR RD 31 147.24 -46.09 -84.01
CA THR RD 31 147.81 -47.07 -84.93
C THR RD 31 148.42 -46.39 -86.14
N ALA RD 32 147.93 -45.20 -86.51
CA ALA RD 32 148.51 -44.47 -87.62
C ALA RD 32 149.92 -43.97 -87.28
N GLN RD 33 150.12 -43.50 -86.06
CA GLN RD 33 151.45 -43.07 -85.65
C GLN RD 33 152.43 -44.24 -85.65
N ALA RD 34 152.01 -45.38 -85.14
CA ALA RD 34 152.89 -46.55 -85.13
C ALA RD 34 153.18 -47.02 -86.54
N ILE RD 35 152.16 -47.07 -87.40
CA ILE RD 35 152.31 -47.73 -88.69
C ILE RD 35 153.23 -46.93 -89.60
N LYS RD 36 153.31 -45.63 -89.39
CA LYS RD 36 154.05 -44.78 -90.30
C LYS RD 36 155.53 -45.14 -90.28
N GLY RD 37 156.13 -45.24 -91.47
CA GLY RD 37 157.56 -45.33 -91.60
C GLY RD 37 158.13 -46.71 -91.89
N MET RD 38 157.34 -47.77 -91.80
CA MET RD 38 157.94 -49.08 -92.04
C MET RD 38 157.59 -49.62 -93.43
N HIS RD 39 158.29 -50.69 -93.78
CA HIS RD 39 158.13 -51.33 -95.07
C HIS RD 39 156.75 -51.97 -95.20
N ILE RD 40 156.28 -52.09 -96.45
CA ILE RD 40 154.90 -52.51 -96.68
C ILE RD 40 154.65 -53.92 -96.14
N ARG RD 41 155.56 -54.86 -96.42
CA ARG RD 41 155.36 -56.21 -95.93
C ARG RD 41 155.44 -56.26 -94.40
N LYS RD 42 156.37 -55.50 -93.82
CA LYS RD 42 156.43 -55.42 -92.37
C LYS RD 42 155.15 -54.82 -91.79
N ALA RD 43 154.55 -53.87 -92.51
CA ALA RD 43 153.32 -53.25 -92.05
C ALA RD 43 152.19 -54.27 -91.97
N THR RD 44 151.95 -55.03 -93.03
CA THR RD 44 150.82 -55.94 -93.05
C THR RD 44 150.92 -56.98 -91.96
N LYS RD 45 152.11 -57.55 -91.76
CA LYS RD 45 152.28 -58.56 -90.72
C LYS RD 45 151.99 -57.97 -89.35
N TYR RD 46 152.52 -56.78 -89.07
CA TYR RD 46 152.35 -56.18 -87.75
C TYR RD 46 150.88 -55.96 -87.44
N LEU RD 47 150.10 -55.49 -88.43
CA LEU RD 47 148.68 -55.29 -88.20
C LEU RD 47 147.98 -56.61 -87.90
N LYS RD 48 148.36 -57.68 -88.59
CA LYS RD 48 147.76 -58.98 -88.31
C LYS RD 48 148.05 -59.44 -86.90
N ASP RD 49 149.29 -59.24 -86.44
CA ASP RD 49 149.62 -59.58 -85.05
C ASP RD 49 148.80 -58.75 -84.08
N VAL RD 50 148.56 -57.48 -84.41
CA VAL RD 50 147.69 -56.65 -83.59
C VAL RD 50 146.31 -57.27 -83.51
N THR RD 51 145.78 -57.74 -84.65
CA THR RD 51 144.52 -58.47 -84.64
C THR RD 51 144.63 -59.73 -83.79
N LEU RD 52 145.76 -60.42 -83.88
CA LEU RD 52 146.01 -61.60 -83.07
C LEU RD 52 146.52 -61.25 -81.68
N GLN RD 53 146.71 -59.96 -81.38
CA GLN RD 53 147.18 -59.49 -80.07
C GLN RD 53 148.57 -60.00 -79.76
N LYS RD 54 149.35 -60.28 -80.80
CA LYS RD 54 150.73 -60.71 -80.61
C LYS RD 54 151.66 -59.55 -80.24
N GLN RD 55 151.48 -58.40 -80.86
CA GLN RD 55 152.20 -57.19 -80.49
C GLN RD 55 151.25 -56.01 -80.58
N CYS RD 56 151.40 -55.07 -79.64
CA CYS RD 56 150.42 -54.01 -79.47
C CYS RD 56 150.83 -52.76 -80.24
N VAL RD 57 150.08 -51.69 -80.02
CA VAL RD 57 150.37 -50.38 -80.59
C VAL RD 57 150.55 -49.40 -79.44
N PRO RD 58 151.62 -48.61 -79.41
CA PRO RD 58 151.85 -47.69 -78.29
C PRO RD 58 150.84 -46.56 -78.32
N PHE RD 59 149.88 -46.61 -77.39
CA PHE RD 59 148.95 -45.49 -77.19
C PHE RD 59 149.73 -44.37 -76.54
N ARG RD 60 150.05 -43.33 -77.32
CA ARG RD 60 150.92 -42.28 -76.84
C ARG RD 60 150.19 -40.98 -76.55
N ARG RD 61 149.39 -40.48 -77.49
CA ARG RD 61 148.71 -39.21 -77.29
C ARG RD 61 147.41 -39.36 -76.53
N TYR RD 62 146.49 -40.17 -77.02
CA TYR RD 62 145.21 -40.39 -76.33
C TYR RD 62 145.32 -41.62 -75.43
N ASN RD 63 146.13 -41.46 -74.39
CA ASN RD 63 146.48 -42.55 -73.49
C ASN RD 63 145.60 -42.62 -72.26
N GLY RD 64 144.61 -41.73 -72.15
CA GLY RD 64 143.80 -41.65 -70.94
C GLY RD 64 143.16 -42.95 -70.53
N GLY RD 65 143.58 -43.50 -69.40
CA GLY RD 65 143.01 -44.72 -68.89
C GLY RD 65 143.37 -45.97 -69.64
N VAL RD 66 144.21 -45.87 -70.67
CA VAL RD 66 144.59 -47.05 -71.44
C VAL RD 66 145.51 -47.92 -70.59
N GLY RD 67 145.18 -49.21 -70.51
CA GLY RD 67 145.91 -50.09 -69.62
C GLY RD 67 147.32 -50.37 -70.11
N ARG RD 68 148.20 -50.70 -69.16
CA ARG RD 68 149.55 -51.12 -69.49
C ARG RD 68 149.54 -52.52 -70.11
N CYS RD 69 150.56 -52.79 -70.92
CA CYS RD 69 150.68 -54.11 -71.53
C CYS RD 69 152.15 -54.40 -71.79
N ALA RD 70 152.49 -55.68 -71.72
CA ALA RD 70 153.86 -56.10 -71.95
C ALA RD 70 154.33 -55.80 -73.36
N GLN RD 71 153.44 -55.96 -74.35
CA GLN RD 71 153.82 -55.71 -75.74
C GLN RD 71 154.06 -54.24 -76.05
N ALA RD 72 154.11 -53.38 -75.04
CA ALA RD 72 154.36 -51.96 -75.24
C ALA RD 72 155.80 -51.57 -74.97
N LYS RD 73 156.71 -52.54 -74.89
CA LYS RD 73 158.08 -52.25 -74.52
C LYS RD 73 159.04 -52.15 -75.69
N GLN RD 74 158.79 -52.87 -76.78
CA GLN RD 74 159.66 -52.76 -77.96
C GLN RD 74 159.65 -51.33 -78.48
N TRP RD 75 158.48 -50.70 -78.51
CA TRP RD 75 158.40 -49.26 -78.59
C TRP RD 75 158.64 -48.71 -77.19
N GLY RD 76 159.40 -47.62 -77.09
CA GLY RD 76 159.60 -47.07 -75.77
C GLY RD 76 158.30 -46.52 -75.23
N TRP RD 77 157.67 -47.28 -74.34
CA TRP RD 77 156.38 -46.92 -73.78
C TRP RD 77 155.92 -47.91 -72.74
N THR RD 78 154.76 -47.68 -72.16
CA THR RD 78 154.24 -48.59 -71.14
C THR RD 78 152.83 -49.06 -71.43
N GLN RD 79 152.00 -48.22 -72.06
CA GLN RD 79 150.60 -48.56 -72.29
C GLN RD 79 150.32 -48.67 -73.78
N GLY RD 80 149.65 -49.75 -74.16
CA GLY RD 80 149.23 -49.94 -75.53
C GLY RD 80 148.00 -50.83 -75.57
N ARG RD 81 147.46 -50.99 -76.76
CA ARG RD 81 146.25 -51.80 -76.94
C ARG RD 81 146.33 -52.52 -78.27
N TRP RD 82 145.23 -53.17 -78.64
CA TRP RD 82 145.13 -53.91 -79.89
C TRP RD 82 143.80 -53.56 -80.55
N PRO RD 83 143.69 -52.36 -81.10
CA PRO RD 83 142.41 -51.94 -81.67
C PRO RD 83 142.10 -52.72 -82.94
N LYS RD 84 141.19 -53.69 -82.83
CA LYS RD 84 140.94 -54.59 -83.94
C LYS RD 84 140.29 -53.86 -85.12
N LYS RD 85 139.30 -53.00 -84.84
CA LYS RD 85 138.64 -52.30 -85.93
C LYS RD 85 139.60 -51.34 -86.63
N SER RD 86 140.44 -50.65 -85.87
CA SER RD 86 141.49 -49.84 -86.48
C SER RD 86 142.41 -50.71 -87.32
N ALA RD 87 142.69 -51.93 -86.84
CA ALA RD 87 143.62 -52.79 -87.55
C ALA RD 87 143.07 -53.23 -88.90
N GLU RD 88 141.84 -53.74 -88.93
CA GLU RD 88 141.30 -54.24 -90.19
C GLU RD 88 141.12 -53.13 -91.21
N PHE RD 89 140.65 -51.96 -90.76
CA PHE RD 89 140.36 -50.88 -91.71
C PHE RD 89 141.63 -50.42 -92.42
N LEU RD 90 142.73 -50.28 -91.67
CA LEU RD 90 143.99 -49.93 -92.31
C LEU RD 90 144.39 -50.99 -93.33
N LEU RD 91 144.23 -52.26 -92.97
CA LEU RD 91 144.59 -53.33 -93.90
C LEU RD 91 143.77 -53.25 -95.17
N HIS RD 92 142.46 -53.03 -95.06
CA HIS RD 92 141.65 -52.85 -96.25
C HIS RD 92 142.11 -51.64 -97.04
N MET RD 93 142.37 -50.52 -96.35
CA MET RD 93 142.93 -49.36 -97.03
C MET RD 93 144.32 -49.68 -97.60
N LEU RD 94 145.15 -50.36 -96.82
CA LEU RD 94 146.45 -50.78 -97.34
C LEU RD 94 146.28 -51.72 -98.53
N LYS RD 95 145.37 -52.70 -98.40
CA LYS RD 95 145.15 -53.63 -99.50
C LYS RD 95 144.78 -52.89 -100.78
N ASN RD 96 143.97 -51.84 -100.64
CA ASN RD 96 143.64 -51.02 -101.80
C ASN RD 96 144.87 -50.32 -102.34
N ALA RD 97 145.85 -50.04 -101.48
CA ALA RD 97 147.00 -49.25 -101.91
C ALA RD 97 147.88 -50.00 -102.89
N GLU RD 98 148.27 -51.24 -102.57
CA GLU RD 98 149.11 -51.99 -103.50
C GLU RD 98 148.36 -52.27 -104.80
N SER RD 99 147.04 -52.42 -104.72
CA SER RD 99 146.25 -52.53 -105.94
C SER RD 99 146.47 -51.32 -106.83
N ASN RD 100 146.53 -50.13 -106.23
CA ASN RD 100 146.92 -48.95 -107.00
C ASN RD 100 148.35 -49.10 -107.50
N ALA RD 101 149.24 -49.59 -106.64
CA ALA RD 101 150.65 -49.69 -107.01
C ALA RD 101 150.82 -50.61 -108.23
N GLU RD 102 150.20 -51.76 -108.21
CA GLU RD 102 150.33 -52.66 -109.36
C GLU RD 102 149.74 -52.03 -110.61
N LEU RD 103 148.66 -51.26 -110.45
CA LEU RD 103 147.98 -50.70 -111.61
C LEU RD 103 148.87 -49.75 -112.38
N LYS RD 104 149.63 -48.90 -111.68
CA LYS RD 104 150.50 -47.93 -112.34
C LYS RD 104 151.94 -48.40 -112.45
N GLY RD 105 152.16 -49.71 -112.54
CA GLY RD 105 153.45 -50.24 -112.93
C GLY RD 105 154.61 -49.99 -111.99
N LEU RD 106 154.58 -50.61 -110.82
CA LEU RD 106 155.70 -50.51 -109.88
C LEU RD 106 155.68 -51.71 -108.96
N ASP RD 107 156.87 -52.14 -108.53
CA ASP RD 107 157.01 -53.32 -107.70
C ASP RD 107 156.45 -53.08 -106.30
N VAL RD 108 156.07 -54.16 -105.64
CA VAL RD 108 155.42 -54.07 -104.33
C VAL RD 108 156.43 -54.13 -103.20
N ASP RD 109 157.32 -55.12 -103.21
CA ASP RD 109 158.20 -55.42 -102.08
C ASP RD 109 159.14 -54.27 -101.73
N SER RD 110 159.23 -53.18 -102.49
CA SER RD 110 160.12 -52.07 -102.15
C SER RD 110 159.35 -50.86 -101.65
N LEU RD 111 158.08 -51.02 -101.27
CA LEU RD 111 157.23 -49.92 -100.88
C LEU RD 111 157.37 -49.64 -99.39
N VAL RD 112 157.48 -48.37 -99.03
CA VAL RD 112 157.46 -47.94 -97.65
C VAL RD 112 156.31 -46.97 -97.46
N ILE RD 113 155.73 -46.99 -96.27
CA ILE RD 113 154.71 -46.02 -95.90
C ILE RD 113 155.45 -44.75 -95.48
N GLU RD 114 155.30 -43.70 -96.28
CA GLU RD 114 156.09 -42.49 -96.08
C GLU RD 114 155.30 -41.34 -95.50
N HIS RD 115 153.97 -41.37 -95.62
CA HIS RD 115 153.14 -40.32 -95.03
C HIS RD 115 151.73 -40.84 -94.87
N ILE RD 116 151.24 -40.86 -93.63
CA ILE RD 116 149.89 -41.30 -93.32
C ILE RD 116 149.30 -40.34 -92.31
N GLN RD 117 148.04 -39.96 -92.50
CA GLN RD 117 147.42 -38.98 -91.64
C GLN RD 117 145.95 -39.34 -91.42
N VAL RD 118 145.43 -38.90 -90.28
CA VAL RD 118 144.05 -39.17 -89.90
C VAL RD 118 143.40 -37.84 -89.54
N ASN RD 119 142.16 -37.66 -89.99
CA ASN RD 119 141.40 -36.45 -89.68
C ASN RD 119 140.00 -36.84 -89.20
N LYS RD 120 139.48 -36.03 -88.28
CA LYS RD 120 138.16 -36.29 -87.74
C LYS RD 120 137.09 -36.04 -88.80
N ALA RD 121 136.28 -37.06 -89.06
CA ALA RD 121 135.17 -36.95 -89.99
C ALA RD 121 133.98 -36.32 -89.30
N PRO RD 122 133.00 -35.81 -90.05
CA PRO RD 122 131.80 -35.26 -89.41
C PRO RD 122 131.13 -36.29 -88.54
N LYS RD 123 130.67 -35.86 -87.37
CA LYS RD 123 130.16 -36.77 -86.37
C LYS RD 123 128.74 -37.20 -86.71
N MET RD 124 128.44 -38.47 -86.46
CA MET RD 124 127.09 -39.00 -86.63
C MET RD 124 126.41 -39.06 -85.27
N ARG RD 125 125.14 -38.67 -85.25
CA ARG RD 125 124.43 -38.36 -84.03
C ARG RD 125 123.53 -39.50 -83.58
N ARG RD 126 123.60 -39.84 -82.30
CA ARG RD 126 122.65 -40.74 -81.68
C ARG RD 126 122.29 -40.19 -80.30
N ARG RD 127 121.23 -40.73 -79.73
CA ARG RD 127 120.74 -40.29 -78.43
C ARG RD 127 120.88 -41.41 -77.41
N THR RD 128 120.91 -41.03 -76.14
CA THR RD 128 120.87 -42.00 -75.04
C THR RD 128 120.02 -41.41 -73.93
N TYR RD 129 119.67 -42.26 -72.96
CA TYR RD 129 118.70 -41.91 -71.92
C TYR RD 129 119.41 -41.86 -70.57
N ARG RD 130 119.32 -40.70 -69.93
CA ARG RD 130 119.96 -40.48 -68.64
C ARG RD 130 118.91 -40.54 -67.53
N ALA RD 131 119.35 -40.23 -66.30
CA ALA RD 131 118.56 -40.56 -65.12
C ALA RD 131 117.23 -39.82 -65.10
N HIS RD 132 117.26 -38.50 -65.01
CA HIS RD 132 116.06 -37.73 -64.70
C HIS RD 132 115.42 -37.20 -65.99
N GLY RD 133 114.89 -38.13 -66.77
CA GLY RD 133 114.25 -37.76 -68.02
C GLY RD 133 115.16 -36.98 -68.95
N ARG RD 134 116.46 -37.19 -68.84
CA ARG RD 134 117.44 -36.43 -69.59
C ARG RD 134 117.95 -37.22 -70.79
N ILE RD 135 118.11 -36.52 -71.89
CA ILE RD 135 118.62 -37.09 -73.13
C ILE RD 135 120.03 -36.58 -73.33
N ASN RD 136 120.96 -37.49 -73.60
CA ASN RD 136 122.34 -37.09 -73.81
C ASN RD 136 122.83 -37.59 -75.16
N PRO RD 137 123.76 -36.85 -75.78
CA PRO RD 137 124.24 -37.25 -77.09
C PRO RD 137 125.01 -38.55 -77.06
N TYR RD 138 125.03 -39.24 -78.19
CA TYR RD 138 125.82 -40.44 -78.41
C TYR RD 138 126.68 -40.29 -79.64
N MET RD 139 127.36 -39.15 -79.72
CA MET RD 139 128.12 -38.82 -80.92
C MET RD 139 129.16 -39.89 -81.23
N SER RD 140 129.24 -40.26 -82.51
CA SER RD 140 130.31 -41.09 -83.02
C SER RD 140 131.43 -40.20 -83.55
N SER RD 141 132.60 -40.80 -83.74
CA SER RD 141 133.78 -40.09 -84.21
C SER RD 141 134.43 -40.84 -85.36
N PRO RD 142 133.79 -40.82 -86.53
CA PRO RD 142 134.43 -41.39 -87.71
C PRO RD 142 135.64 -40.56 -88.11
N CYS RD 143 136.49 -41.16 -88.93
CA CYS RD 143 137.77 -40.53 -89.27
C CYS RD 143 138.05 -40.65 -90.75
N HIS RD 144 138.65 -39.59 -91.30
CA HIS RD 144 139.23 -39.63 -92.63
C HIS RD 144 140.67 -40.10 -92.53
N ILE RD 145 141.07 -40.99 -93.43
CA ILE RD 145 142.41 -41.55 -93.44
C ILE RD 145 142.97 -41.41 -94.85
N GLU RD 146 144.23 -40.99 -94.94
CA GLU RD 146 144.93 -40.91 -96.21
C GLU RD 146 146.38 -41.30 -95.99
N MET RD 147 147.00 -41.86 -97.02
CA MET RD 147 148.37 -42.32 -96.92
C MET RD 147 149.02 -42.34 -98.29
N ILE RD 148 150.34 -42.33 -98.29
CA ILE RD 148 151.14 -42.33 -99.51
C ILE RD 148 152.26 -43.35 -99.37
N LEU RD 149 152.44 -44.17 -100.40
CA LEU RD 149 153.52 -45.15 -100.45
C LEU RD 149 154.60 -44.68 -101.40
N THR RD 150 155.82 -45.16 -101.17
CA THR RD 150 156.97 -44.77 -101.98
C THR RD 150 157.98 -45.90 -102.00
N GLU RD 151 158.74 -45.99 -103.09
CA GLU RD 151 159.81 -46.97 -103.19
C GLU RD 151 161.07 -46.45 -102.52
N LYS RD 152 161.61 -47.24 -101.60
CA LYS RD 152 162.90 -46.98 -100.96
C LYS RD 152 163.63 -48.30 -100.79
N GLU RD 153 164.81 -48.40 -101.36
CA GLU RD 153 165.58 -49.63 -101.29
C GLU RD 153 167.04 -49.39 -101.67
N GLY SD 1 158.05 18.31 -60.26
CA GLY SD 1 156.71 18.57 -59.76
C GLY SD 1 156.56 19.93 -59.13
N VAL SD 2 155.80 20.81 -59.77
CA VAL SD 2 155.55 22.15 -59.27
C VAL SD 2 154.06 22.27 -58.97
N ASP SD 3 153.73 22.80 -57.80
CA ASP SD 3 152.35 22.90 -57.37
C ASP SD 3 151.69 24.14 -57.95
N ILE SD 4 150.93 23.96 -59.03
CA ILE SD 4 150.09 25.03 -59.57
C ILE SD 4 148.73 24.42 -59.87
N ARG SD 5 147.73 25.27 -59.99
CA ARG SD 5 146.38 24.85 -60.34
C ARG SD 5 146.15 25.11 -61.82
N HIS SD 6 145.80 24.07 -62.56
CA HIS SD 6 145.66 24.16 -64.01
C HIS SD 6 144.23 24.39 -64.45
N ASN SD 7 143.28 24.55 -63.53
CA ASN SD 7 141.90 24.77 -63.93
C ASN SD 7 141.73 26.08 -64.69
N LYS SD 8 142.56 27.08 -64.38
CA LYS SD 8 142.54 28.36 -65.08
C LYS SD 8 143.65 28.46 -66.11
N ASP SD 9 144.32 27.35 -66.41
CA ASP SD 9 145.46 27.38 -67.30
C ASP SD 9 145.06 27.85 -68.68
N ARG SD 10 143.93 27.35 -69.20
CA ARG SD 10 143.46 27.70 -70.53
C ARG SD 10 142.44 28.82 -70.40
N LYS SD 11 142.84 30.03 -70.77
CA LYS SD 11 141.88 31.12 -70.84
C LYS SD 11 140.86 30.81 -71.93
N VAL SD 12 139.58 30.92 -71.58
CA VAL SD 12 138.50 30.64 -72.51
C VAL SD 12 138.03 31.96 -73.10
N ARG SD 13 138.06 32.05 -74.43
CA ARG SD 13 137.69 33.28 -75.12
C ARG SD 13 137.62 32.98 -76.61
N ARG SD 14 136.79 33.74 -77.31
CA ARG SD 14 136.64 33.55 -78.75
C ARG SD 14 137.94 33.91 -79.46
N LYS SD 15 138.47 32.95 -80.22
CA LYS SD 15 139.70 33.15 -80.97
C LYS SD 15 139.46 33.28 -82.47
N GLU SD 16 138.41 32.65 -82.99
CA GLU SD 16 137.96 32.85 -84.36
C GLU SD 16 136.44 32.75 -84.36
N PRO SD 17 135.76 33.43 -85.28
CA PRO SD 17 134.30 33.37 -85.30
C PRO SD 17 133.84 31.94 -85.54
N LYS SD 18 132.76 31.56 -84.87
CA LYS SD 18 132.25 30.20 -85.02
C LYS SD 18 131.49 30.01 -86.31
N SER SD 19 130.91 31.08 -86.85
CA SER SD 19 130.11 30.97 -88.05
C SER SD 19 130.96 30.61 -89.25
N GLN SD 20 130.30 30.14 -90.30
CA GLN SD 20 130.95 29.89 -91.59
C GLN SD 20 130.60 30.95 -92.63
N ASP SD 21 130.04 32.08 -92.19
CA ASP SD 21 129.80 33.18 -93.10
C ASP SD 21 131.12 33.66 -93.68
N ILE SD 22 131.35 33.38 -94.96
CA ILE SD 22 132.64 33.70 -95.54
C ILE SD 22 132.87 35.21 -95.58
N TYR SD 23 131.83 35.98 -95.92
CA TYR SD 23 131.96 37.42 -95.87
C TYR SD 23 132.38 37.87 -94.48
N LEU SD 24 131.78 37.31 -93.45
CA LEU SD 24 132.23 37.59 -92.09
C LEU SD 24 133.66 37.12 -91.88
N ARG SD 25 134.01 35.96 -92.44
CA ARG SD 25 135.39 35.52 -92.37
C ARG SD 25 136.33 36.51 -93.04
N LEU SD 26 135.88 37.15 -94.12
CA LEU SD 26 136.76 37.98 -94.92
C LEU SD 26 137.30 39.15 -94.11
N LEU SD 27 136.42 40.04 -93.65
CA LEU SD 27 136.89 41.20 -92.91
C LEU SD 27 137.54 40.82 -91.59
N VAL SD 28 137.29 39.62 -91.09
CA VAL SD 28 138.09 39.13 -89.97
C VAL SD 28 139.56 39.07 -90.37
N LYS SD 29 139.84 38.50 -91.54
CA LYS SD 29 141.21 38.57 -92.06
C LYS SD 29 141.67 40.01 -92.17
N LEU SD 30 140.80 40.88 -92.69
CA LEU SD 30 141.17 42.28 -92.86
C LEU SD 30 141.47 42.93 -91.52
N TYR SD 31 140.55 42.83 -90.57
CA TYR SD 31 140.76 43.50 -89.30
C TYR SD 31 141.79 42.81 -88.42
N ARG SD 32 141.96 41.50 -88.57
CA ARG SD 32 143.07 40.85 -87.89
C ARG SD 32 144.40 41.44 -88.34
N PHE SD 33 144.53 41.68 -89.65
CA PHE SD 33 145.70 42.39 -90.16
C PHE SD 33 145.76 43.81 -89.60
N LEU SD 34 144.60 44.48 -89.50
CA LEU SD 34 144.58 45.86 -89.05
C LEU SD 34 145.09 45.98 -87.61
N ALA SD 35 144.56 45.16 -86.71
CA ALA SD 35 145.00 45.23 -85.32
C ALA SD 35 146.45 44.77 -85.18
N ARG SD 36 146.87 43.81 -85.99
CA ARG SD 36 148.23 43.31 -85.88
C ARG SD 36 149.25 44.36 -86.30
N ARG SD 37 148.96 45.09 -87.38
CA ARG SD 37 149.94 45.98 -87.99
C ARG SD 37 149.71 47.45 -87.64
N THR SD 38 148.89 47.73 -86.64
CA THR SD 38 148.68 49.09 -86.18
C THR SD 38 148.73 49.13 -84.67
N ASN SD 39 148.86 50.33 -84.13
CA ASN SD 39 148.76 50.57 -82.71
C ASN SD 39 147.37 51.05 -82.31
N SER SD 40 146.44 51.11 -83.25
CA SER SD 40 145.11 51.62 -82.97
C SER SD 40 144.33 50.59 -82.16
N THR SD 41 144.13 50.86 -80.87
CA THR SD 41 143.35 49.98 -80.02
C THR SD 41 141.92 49.81 -80.52
N PHE SD 42 141.39 50.79 -81.23
CA PHE SD 42 140.03 50.69 -81.73
C PHE SD 42 139.84 49.46 -82.60
N ASN SD 43 140.88 49.08 -83.34
CA ASN SD 43 140.78 47.87 -84.16
C ASN SD 43 140.57 46.63 -83.30
N GLN SD 44 141.29 46.54 -82.18
CA GLN SD 44 141.22 45.33 -81.35
C GLN SD 44 139.80 45.08 -80.89
N VAL SD 45 139.10 46.12 -80.44
CA VAL SD 45 137.72 45.94 -79.99
C VAL SD 45 136.83 45.51 -81.15
N VAL SD 46 137.02 46.13 -82.33
CA VAL SD 46 136.26 45.73 -83.50
C VAL SD 46 136.57 44.28 -83.85
N LEU SD 47 137.86 43.93 -83.87
CA LEU SD 47 138.23 42.55 -84.12
C LEU SD 47 137.70 41.64 -83.03
N LYS SD 48 137.76 42.10 -81.78
CA LYS SD 48 137.19 41.32 -80.69
C LYS SD 48 135.68 41.18 -80.84
N ARG SD 49 135.02 42.21 -81.37
CA ARG SD 49 133.57 42.15 -81.48
C ARG SD 49 133.12 41.23 -82.60
N LEU SD 50 133.89 41.14 -83.69
CA LEU SD 50 133.48 40.29 -84.79
C LEU SD 50 133.38 38.82 -84.40
N PHE SD 51 134.10 38.40 -83.37
CA PHE SD 51 134.03 37.01 -82.93
C PHE SD 51 132.75 36.70 -82.20
N MET SD 52 132.20 37.66 -81.46
CA MET SD 52 131.18 37.37 -80.47
C MET SD 52 129.86 36.99 -81.14
N SER SD 53 129.04 36.27 -80.39
CA SER SD 53 127.82 35.65 -80.86
C SER SD 53 126.75 36.67 -81.18
N ARG SD 54 125.72 36.22 -81.90
CA ARG SD 54 124.60 37.11 -82.23
C ARG SD 54 123.98 37.69 -80.97
N THR SD 55 123.76 36.84 -79.95
CA THR SD 55 123.28 37.36 -78.69
C THR SD 55 124.26 38.32 -78.05
N ASN SD 56 125.56 38.17 -78.31
CA ASN SD 56 126.54 39.08 -77.76
C ASN SD 56 126.77 40.29 -78.65
N ARG SD 57 126.12 40.35 -79.81
CA ARG SD 57 126.15 41.50 -80.70
C ARG SD 57 124.71 41.97 -80.86
N PRO SD 58 124.10 42.49 -79.80
CA PRO SD 58 122.66 42.73 -79.83
C PRO SD 58 122.32 43.80 -80.85
N PRO SD 59 121.17 43.70 -81.48
CA PRO SD 59 120.76 44.76 -82.42
C PRO SD 59 120.64 46.10 -81.73
N LEU SD 60 121.13 47.13 -82.42
CA LEU SD 60 121.17 48.48 -81.88
C LEU SD 60 120.04 49.29 -82.51
N SER SD 61 119.10 49.72 -81.67
CA SER SD 61 117.95 50.47 -82.17
C SER SD 61 118.40 51.80 -82.75
N LEU SD 62 117.66 52.26 -83.76
CA LEU SD 62 117.97 53.54 -84.39
C LEU SD 62 117.86 54.69 -83.40
N SER SD 63 116.82 54.68 -82.57
CA SER SD 63 116.62 55.77 -81.63
C SER SD 63 117.76 55.85 -80.62
N ARG SD 64 118.26 54.70 -80.18
CA ARG SD 64 119.40 54.69 -79.26
C ARG SD 64 120.62 55.33 -79.90
N MET SD 65 120.86 55.03 -81.19
CA MET SD 65 121.96 55.68 -81.90
C MET SD 65 121.79 57.19 -81.93
N ILE SD 66 120.58 57.65 -82.26
CA ILE SD 66 120.33 59.09 -82.31
C ILE SD 66 120.63 59.72 -80.95
N ARG SD 67 120.13 59.10 -79.89
CA ARG SD 67 120.36 59.63 -78.55
C ARG SD 67 121.84 59.69 -78.23
N LYS SD 68 122.58 58.63 -78.56
CA LYS SD 68 124.01 58.61 -78.29
C LYS SD 68 124.79 59.50 -79.22
N MET SD 69 124.34 59.71 -80.46
CA MET SD 69 125.02 60.58 -81.39
C MET SD 69 124.60 62.04 -81.25
N LYS SD 70 123.54 62.32 -80.49
CA LYS SD 70 123.18 63.70 -80.20
C LYS SD 70 124.06 64.31 -79.13
N LEU SD 71 124.91 63.52 -78.48
CA LEU SD 71 125.72 64.05 -77.40
C LEU SD 71 126.67 65.13 -77.92
N PRO SD 72 126.95 66.14 -77.10
CA PRO SD 72 127.80 67.24 -77.56
C PRO SD 72 129.19 66.77 -77.95
N GLY SD 73 129.78 67.44 -78.93
CA GLY SD 73 131.11 67.11 -79.38
C GLY SD 73 131.22 65.81 -80.13
N ARG SD 74 130.10 65.27 -80.63
CA ARG SD 74 130.10 64.00 -81.33
C ARG SD 74 129.60 64.13 -82.77
N GLU SD 75 129.36 65.34 -83.26
CA GLU SD 75 128.83 65.51 -84.59
C GLU SD 75 129.87 65.15 -85.64
N ASN SD 76 129.39 64.91 -86.86
CA ASN SD 76 130.24 64.60 -88.02
C ASN SD 76 131.19 63.44 -87.75
N LYS SD 77 130.83 62.61 -86.78
CA LYS SD 77 131.63 61.45 -86.40
C LYS SD 77 130.93 60.18 -86.85
N THR SD 78 131.71 59.26 -87.42
CA THR SD 78 131.15 58.03 -87.94
C THR SD 78 130.81 57.08 -86.81
N ALA SD 79 129.55 56.65 -86.78
CA ALA SD 79 129.07 55.71 -85.76
C ALA SD 79 129.25 54.29 -86.27
N VAL SD 80 129.90 53.46 -85.46
CA VAL SD 80 130.22 52.09 -85.84
C VAL SD 80 129.69 51.17 -84.75
N VAL SD 81 128.95 50.14 -85.16
CA VAL SD 81 128.52 49.07 -84.26
C VAL SD 81 128.68 47.74 -84.99
N VAL SD 82 129.19 46.75 -84.28
CA VAL SD 82 129.36 45.40 -84.86
C VAL SD 82 128.07 44.66 -84.56
N GLY SD 83 127.08 44.85 -85.42
CA GLY SD 83 125.79 44.21 -85.21
C GLY SD 83 124.79 44.66 -86.26
N THR SD 84 123.52 44.44 -85.96
CA THR SD 84 122.43 44.73 -86.87
C THR SD 84 121.75 46.03 -86.44
N ILE SD 85 121.56 46.94 -87.39
CA ILE SD 85 120.93 48.23 -87.13
C ILE SD 85 119.47 48.13 -87.50
N THR SD 86 118.60 48.49 -86.58
CA THR SD 86 117.17 48.31 -86.73
C THR SD 86 116.44 49.65 -86.69
N ASP SD 87 115.41 49.76 -87.51
CA ASP SD 87 114.52 50.91 -87.44
C ASP SD 87 113.78 50.91 -86.10
N ASP SD 88 113.58 52.11 -85.57
CA ASP SD 88 112.74 52.32 -84.39
C ASP SD 88 111.63 53.28 -84.79
N VAL SD 89 110.43 52.75 -85.05
CA VAL SD 89 109.30 53.60 -85.40
C VAL SD 89 108.90 54.51 -84.26
N ARG SD 90 109.54 54.39 -83.11
CA ARG SD 90 109.26 55.27 -82.00
C ARG SD 90 109.81 56.68 -82.19
N VAL SD 91 110.60 56.90 -83.24
CA VAL SD 91 111.10 58.23 -83.58
C VAL SD 91 110.73 58.52 -85.04
N GLN SD 92 110.41 59.77 -85.32
CA GLN SD 92 109.90 60.16 -86.64
C GLN SD 92 110.86 61.05 -87.40
N GLU SD 93 111.56 61.95 -86.74
CA GLU SD 93 112.54 62.80 -87.39
C GLU SD 93 113.93 62.27 -87.07
N VAL SD 94 114.84 62.39 -88.03
CA VAL SD 94 116.18 61.82 -87.92
C VAL SD 94 117.15 62.78 -88.60
N PRO SD 95 118.29 63.08 -87.99
CA PRO SD 95 119.25 63.98 -88.64
C PRO SD 95 120.21 63.24 -89.55
N LYS SD 96 121.14 63.97 -90.15
CA LYS SD 96 122.15 63.38 -91.01
C LYS SD 96 123.10 62.54 -90.16
N LEU SD 97 123.56 61.41 -90.71
CA LEU SD 97 124.44 60.51 -89.99
C LEU SD 97 125.41 59.85 -90.94
N LYS SD 98 126.58 59.49 -90.42
CA LYS SD 98 127.51 58.59 -91.09
C LYS SD 98 127.64 57.34 -90.25
N VAL SD 99 127.12 56.22 -90.75
CA VAL SD 99 126.95 55.01 -89.96
C VAL SD 99 127.65 53.86 -90.64
N CYS SD 100 128.47 53.14 -89.90
CA CYS SD 100 129.05 51.88 -90.35
C CYS SD 100 128.48 50.77 -89.50
N ALA SD 101 127.87 49.78 -90.15
CA ALA SD 101 127.22 48.70 -89.45
C ALA SD 101 127.40 47.40 -90.22
N LEU SD 102 127.33 46.29 -89.50
CA LEU SD 102 127.47 44.98 -90.12
C LEU SD 102 126.22 44.62 -90.90
N ARG SD 103 125.07 45.14 -90.50
CA ARG SD 103 123.80 44.83 -91.15
C ARG SD 103 122.79 45.91 -90.79
N VAL SD 104 122.04 46.38 -91.78
CA VAL SD 104 120.99 47.35 -91.57
C VAL SD 104 119.71 46.83 -92.20
N THR SD 105 118.64 46.80 -91.41
CA THR SD 105 117.36 46.32 -91.92
C THR SD 105 116.85 47.25 -93.02
N SER SD 106 116.03 46.67 -93.90
CA SER SD 106 115.62 47.39 -95.11
C SER SD 106 114.90 48.68 -94.78
N ARG SD 107 113.99 48.66 -93.81
CA ARG SD 107 113.30 49.88 -93.42
C ARG SD 107 114.27 50.90 -92.85
N ALA SD 108 115.20 50.45 -92.01
CA ALA SD 108 116.15 51.38 -91.39
C ALA SD 108 117.03 52.05 -92.43
N ARG SD 109 117.45 51.29 -93.44
CA ARG SD 109 118.28 51.88 -94.49
C ARG SD 109 117.56 52.98 -95.22
N SER SD 110 116.28 52.78 -95.53
CA SER SD 110 115.53 53.79 -96.27
C SER SD 110 115.48 55.10 -95.51
N ARG SD 111 115.11 55.05 -94.23
CA ARG SD 111 114.97 56.27 -93.44
C ARG SD 111 116.30 57.02 -93.34
N ILE SD 112 117.39 56.29 -93.11
CA ILE SD 112 118.69 56.94 -92.99
C ILE SD 112 119.07 57.62 -94.30
N LEU SD 113 118.98 56.89 -95.41
CA LEU SD 113 119.33 57.46 -96.70
C LEU SD 113 118.37 58.58 -97.09
N ARG SD 114 117.08 58.39 -96.82
CA ARG SD 114 116.11 59.44 -97.13
C ARG SD 114 116.43 60.73 -96.37
N ALA SD 115 116.90 60.61 -95.13
CA ALA SD 115 117.35 61.79 -94.41
C ALA SD 115 118.64 62.35 -94.97
N GLY SD 116 119.27 61.68 -95.94
CA GLY SD 116 120.49 62.15 -96.54
C GLY SD 116 121.75 61.57 -95.93
N GLY SD 117 121.64 60.61 -95.02
CA GLY SD 117 122.79 60.01 -94.40
C GLY SD 117 123.53 59.10 -95.36
N LYS SD 118 124.64 58.55 -94.85
CA LYS SD 118 125.46 57.62 -95.62
C LYS SD 118 125.73 56.38 -94.77
N ILE SD 119 125.64 55.22 -95.41
CA ILE SD 119 125.82 53.94 -94.74
C ILE SD 119 127.14 53.33 -95.18
N LEU SD 120 127.96 52.93 -94.22
CA LEU SD 120 129.25 52.34 -94.50
C LEU SD 120 129.29 50.89 -94.05
N THR SD 121 130.11 50.11 -94.75
CA THR SD 121 130.51 48.78 -94.33
C THR SD 121 131.99 48.80 -94.00
N PHE SD 122 132.38 47.90 -93.08
CA PHE SD 122 133.68 48.01 -92.44
C PHE SD 122 134.82 48.01 -93.45
N ASP SD 123 134.66 47.33 -94.58
CA ASP SD 123 135.67 47.41 -95.63
C ASP SD 123 135.88 48.86 -96.08
N GLN SD 124 134.79 49.58 -96.37
CA GLN SD 124 134.92 51.00 -96.67
C GLN SD 124 135.38 51.78 -95.45
N LEU SD 125 134.87 51.43 -94.26
CA LEU SD 125 135.33 52.09 -93.05
C LEU SD 125 136.84 51.92 -92.88
N ALA SD 126 137.36 50.74 -93.20
CA ALA SD 126 138.80 50.55 -93.20
C ALA SD 126 139.47 51.50 -94.17
N LEU SD 127 138.92 51.65 -95.37
CA LEU SD 127 139.43 52.63 -96.31
C LEU SD 127 139.33 54.05 -95.79
N ASP SD 128 138.25 54.36 -95.06
CA ASP SD 128 138.03 55.74 -94.62
C ASP SD 128 138.91 56.08 -93.42
N SER SD 129 138.75 55.36 -92.33
CA SER SD 129 139.48 55.62 -91.09
C SER SD 129 140.17 54.34 -90.65
N PRO SD 130 141.30 54.00 -91.28
CA PRO SD 130 142.01 52.77 -90.88
C PRO SD 130 142.36 52.73 -89.40
N LYS SD 131 142.77 53.85 -88.83
CA LYS SD 131 143.00 53.93 -87.40
C LYS SD 131 141.72 54.16 -86.62
N GLY SD 132 140.58 54.19 -87.29
CA GLY SD 132 139.33 54.51 -86.63
C GLY SD 132 139.26 55.93 -86.12
N CYS SD 133 139.83 56.87 -86.86
CA CYS SD 133 139.88 58.25 -86.43
C CYS SD 133 138.52 58.91 -86.54
N GLY SD 134 138.18 59.70 -85.53
CA GLY SD 134 136.94 60.44 -85.54
C GLY SD 134 135.69 59.58 -85.51
N THR SD 135 135.74 58.44 -84.83
CA THR SD 135 134.61 57.54 -84.75
C THR SD 135 134.19 57.34 -83.29
N VAL SD 136 132.95 56.92 -83.12
CA VAL SD 136 132.42 56.53 -81.82
C VAL SD 136 131.95 55.08 -81.93
N LEU SD 137 132.29 54.28 -80.93
CA LEU SD 137 131.96 52.86 -80.92
C LEU SD 137 130.72 52.66 -80.08
N LEU SD 138 129.58 52.50 -80.74
CA LEU SD 138 128.32 52.25 -80.06
C LEU SD 138 128.12 50.75 -79.88
N SER SD 139 127.10 50.40 -79.11
CA SER SD 139 126.73 49.01 -78.94
C SER SD 139 125.29 48.93 -78.49
N GLY SD 140 124.62 47.86 -78.91
CA GLY SD 140 123.28 47.59 -78.44
C GLY SD 140 123.31 47.16 -76.99
N PRO SD 141 122.20 47.29 -76.30
CA PRO SD 141 122.16 46.88 -74.89
C PRO SD 141 122.30 45.38 -74.75
N ARG SD 142 123.46 44.93 -74.25
CA ARG SD 142 123.74 43.49 -74.21
C ARG SD 142 122.74 42.77 -73.33
N LYS SD 143 122.42 43.33 -72.16
CA LYS SD 143 121.52 42.69 -71.23
C LYS SD 143 120.06 42.91 -71.58
N GLY SD 144 119.77 43.42 -72.76
CA GLY SD 144 118.39 43.53 -73.19
C GLY SD 144 117.95 42.24 -73.84
N ARG SD 145 117.30 41.38 -73.06
CA ARG SD 145 116.91 40.04 -73.49
C ARG SD 145 116.06 39.45 -72.38
N GLU SD 146 115.12 38.60 -72.76
CA GLU SD 146 114.22 38.02 -71.76
C GLU SD 146 114.98 37.21 -70.72
N VAL SD 147 116.00 36.47 -71.17
CA VAL SD 147 116.66 35.50 -70.31
C VAL SD 147 117.23 36.18 -69.07
N TYR SD 148 117.57 37.46 -69.18
CA TYR SD 148 118.07 38.17 -68.02
C TYR SD 148 116.97 38.56 -67.05
N ARG SD 149 115.70 38.38 -67.44
CA ARG SD 149 114.62 38.50 -66.47
C ARG SD 149 114.61 37.32 -65.52
N HIS SD 150 114.87 36.12 -66.04
CA HIS SD 150 114.88 34.92 -65.21
C HIS SD 150 116.21 34.69 -64.51
N PHE SD 151 117.24 35.45 -64.85
CA PHE SD 151 118.52 35.28 -64.17
C PHE SD 151 118.52 36.06 -62.86
N GLY SD 152 119.46 35.71 -61.99
CA GLY SD 152 119.57 36.36 -60.71
C GLY SD 152 119.26 35.42 -59.57
N LYS SD 153 118.97 35.97 -58.40
CA LYS SD 153 118.64 35.14 -57.25
C LYS SD 153 117.34 34.39 -57.50
N ALA SD 154 117.18 33.26 -56.83
CA ALA SD 154 116.04 32.41 -57.08
C ALA SD 154 114.74 33.14 -56.74
N PRO SD 155 113.70 32.93 -57.53
CA PRO SD 155 112.46 33.73 -57.35
C PRO SD 155 111.85 33.60 -55.98
N GLY SD 156 111.96 32.45 -55.35
CA GLY SD 156 111.34 32.25 -54.04
C GLY SD 156 112.21 32.70 -52.89
N THR SD 157 113.26 33.45 -53.19
CA THR SD 157 114.21 33.90 -52.19
C THR SD 157 114.02 35.36 -51.87
N PRO SD 158 113.85 35.71 -50.60
CA PRO SD 158 113.72 37.12 -50.23
C PRO SD 158 115.05 37.84 -50.29
N HIS SD 159 115.08 38.92 -51.06
CA HIS SD 159 113.93 39.40 -51.81
C HIS SD 159 114.32 39.58 -53.26
N SER SD 160 114.21 38.52 -54.03
CA SER SD 160 114.55 38.57 -55.45
C SER SD 160 113.40 39.16 -56.25
N HIS SD 161 113.69 39.56 -57.48
CA HIS SD 161 112.71 40.08 -58.41
C HIS SD 161 112.90 39.47 -59.78
N THR SD 162 113.06 38.16 -59.83
CA THR SD 162 113.37 37.45 -61.06
C THR SD 162 112.12 36.75 -61.58
N LYS SD 163 111.95 36.75 -62.90
CA LYS SD 163 110.77 36.17 -63.51
C LYS SD 163 110.84 34.65 -63.47
N PRO SD 164 109.89 33.98 -62.81
CA PRO SD 164 109.88 32.51 -62.82
C PRO SD 164 109.32 31.99 -64.15
N TYR SD 165 109.48 30.69 -64.33
CA TYR SD 165 109.04 30.02 -65.54
C TYR SD 165 107.63 29.50 -65.31
N VAL SD 166 106.67 30.04 -66.05
CA VAL SD 166 105.29 29.60 -65.98
C VAL SD 166 104.77 29.41 -67.40
N ARG SD 167 103.98 28.36 -67.60
CA ARG SD 167 103.41 28.09 -68.91
C ARG SD 167 102.20 28.94 -69.22
N SER SD 168 101.67 29.66 -68.23
CA SER SD 168 100.59 30.60 -68.47
C SER SD 168 100.65 31.69 -67.40
N LYS SD 169 100.04 32.83 -67.71
CA LYS SD 169 100.03 33.98 -66.81
C LYS SD 169 98.60 34.21 -66.33
N GLY SD 170 98.30 33.76 -65.13
CA GLY SD 170 96.95 33.89 -64.60
C GLY SD 170 96.94 33.54 -63.14
N ARG SD 171 95.83 33.89 -62.50
CA ARG SD 171 95.69 33.69 -61.06
C ARG SD 171 95.81 32.23 -60.66
N LYS SD 172 95.59 31.29 -61.56
CA LYS SD 172 95.73 29.87 -61.23
C LYS SD 172 97.15 29.37 -61.35
N PHE SD 173 98.08 30.20 -61.81
CA PHE SD 173 99.44 29.77 -62.08
C PHE SD 173 100.43 30.56 -61.22
N GLU SD 174 100.80 29.97 -60.08
CA GLU SD 174 101.85 30.47 -59.21
C GLU SD 174 101.59 31.91 -58.77
N ARG SD 175 100.48 32.08 -58.07
CA ARG SD 175 100.24 33.24 -57.22
C ARG SD 175 99.75 32.80 -55.85
N ALA SD 176 99.82 31.51 -55.55
CA ALA SD 176 99.30 30.91 -54.34
C ALA SD 176 100.37 30.93 -53.26
N ARG SD 177 100.22 30.10 -52.23
CA ARG SD 177 101.13 30.04 -51.09
C ARG SD 177 102.58 30.19 -51.51
N GLY SD 178 103.24 31.18 -50.92
CA GLY SD 178 104.59 31.57 -51.29
C GLY SD 178 104.68 32.97 -51.85
N ARG SD 179 103.59 33.51 -52.37
CA ARG SD 179 103.57 34.86 -52.90
C ARG SD 179 102.68 35.81 -52.12
N ARG SD 180 102.09 35.35 -51.03
CA ARG SD 180 101.17 36.19 -50.27
C ARG SD 180 101.03 35.60 -48.88
N ALA SD 181 101.15 36.46 -47.86
CA ALA SD 181 101.14 35.97 -46.49
C ALA SD 181 99.83 35.33 -46.11
N SER SD 182 98.77 35.57 -46.90
CA SER SD 182 97.49 34.94 -46.61
C SER SD 182 97.57 33.42 -46.72
N ARG SD 183 98.49 32.91 -47.52
CA ARG SD 183 98.65 31.48 -47.74
C ARG SD 183 100.09 31.09 -47.40
N GLY SD 184 100.27 30.56 -46.20
CA GLY SD 184 101.57 30.00 -45.84
C GLY SD 184 102.59 31.04 -45.45
N TYR SD 185 103.14 31.75 -46.43
CA TYR SD 185 104.15 32.76 -46.15
C TYR SD 185 104.32 33.65 -47.37
N LYS SD 186 105.09 34.71 -47.19
CA LYS SD 186 105.35 35.66 -48.26
C LYS SD 186 106.80 35.61 -48.73
N ASN SD 187 107.76 35.83 -47.83
CA ASN SD 187 109.17 35.97 -48.16
C ASN SD 187 109.42 37.08 -49.20
N SER TD 1 118.78 -72.37 -95.38
CA SER TD 1 119.24 -70.99 -95.21
C SER TD 1 118.66 -70.39 -93.94
N MET TD 2 117.34 -70.19 -93.95
CA MET TD 2 116.62 -69.59 -92.83
C MET TD 2 115.22 -70.17 -92.88
N LEU TD 3 114.92 -71.10 -91.98
CA LEU TD 3 113.71 -71.91 -92.04
C LEU TD 3 112.75 -71.60 -90.88
N ARG TD 4 112.71 -70.35 -90.46
CA ARG TD 4 111.73 -69.94 -89.46
C ARG TD 4 110.32 -70.13 -90.00
N LEU TD 5 110.10 -69.75 -91.26
CA LEU TD 5 108.77 -69.85 -91.85
C LEU TD 5 108.31 -71.30 -91.94
N GLN TD 6 109.20 -72.19 -92.40
CA GLN TD 6 108.81 -73.58 -92.57
C GLN TD 6 108.45 -74.21 -91.23
N LYS TD 7 109.24 -73.93 -90.20
CA LYS TD 7 108.92 -74.43 -88.87
C LYS TD 7 107.55 -73.92 -88.42
N ARG TD 8 107.30 -72.63 -88.63
CA ARG TD 8 106.00 -72.07 -88.26
C ARG TD 8 104.87 -72.75 -89.02
N LEU TD 9 105.05 -72.92 -90.33
CA LEU TD 9 104.01 -73.55 -91.12
C LEU TD 9 103.80 -75.00 -90.72
N ALA TD 10 104.89 -75.74 -90.51
CA ALA TD 10 104.77 -77.14 -90.11
C ALA TD 10 104.10 -77.29 -88.78
N SER TD 11 104.45 -76.43 -87.85
CA SER TD 11 103.83 -76.49 -86.53
C SER TD 11 102.33 -76.29 -86.63
N SER TD 12 101.89 -75.33 -87.44
CA SER TD 12 100.47 -75.12 -87.63
C SER TD 12 99.81 -76.33 -88.26
N VAL TD 13 100.45 -76.90 -89.28
CA VAL TD 13 99.85 -78.04 -89.98
C VAL TD 13 99.73 -79.24 -89.05
N LEU TD 14 100.80 -79.55 -88.33
CA LEU TD 14 100.81 -80.73 -87.46
C LEU TD 14 99.93 -80.56 -86.23
N ARG TD 15 99.40 -79.36 -85.99
CA ARG TD 15 98.65 -79.06 -84.77
C ARG TD 15 99.49 -79.30 -83.52
N CYS TD 16 100.79 -79.11 -83.64
CA CYS TD 16 101.73 -79.31 -82.54
C CYS TD 16 102.60 -78.07 -82.38
N GLY TD 17 103.14 -77.91 -81.18
CA GLY TD 17 103.99 -76.77 -80.91
C GLY TD 17 105.31 -76.84 -81.64
N LYS TD 18 105.96 -75.67 -81.72
CA LYS TD 18 107.25 -75.58 -82.40
C LYS TD 18 108.33 -76.40 -81.72
N LYS TD 19 108.13 -76.82 -80.47
CA LYS TD 19 109.10 -77.71 -79.84
C LYS TD 19 109.12 -79.06 -80.54
N LYS TD 20 107.95 -79.59 -80.88
CA LYS TD 20 107.87 -80.96 -81.37
C LYS TD 20 108.19 -81.09 -82.85
N VAL TD 21 108.20 -80.00 -83.60
CA VAL TD 21 108.48 -80.10 -85.03
C VAL TD 21 109.98 -80.25 -85.23
N TRP TD 22 110.37 -81.23 -86.05
CA TRP TD 22 111.76 -81.57 -86.28
C TRP TD 22 112.04 -81.47 -87.78
N LEU TD 23 113.02 -80.66 -88.15
CA LEU TD 23 113.39 -80.49 -89.55
C LEU TD 23 114.70 -81.20 -89.82
N ASP TD 24 114.73 -81.99 -90.87
CA ASP TD 24 115.90 -82.81 -91.16
C ASP TD 24 117.12 -81.94 -91.39
N PRO TD 25 118.18 -82.07 -90.61
CA PRO TD 25 119.30 -81.12 -90.67
C PRO TD 25 120.03 -81.12 -92.00
N ASN TD 26 120.53 -82.29 -92.41
CA ASN TD 26 121.32 -82.37 -93.63
C ASN TD 26 120.48 -82.12 -94.89
N GLU TD 27 119.16 -82.19 -94.78
CA GLU TD 27 118.28 -81.92 -95.92
C GLU TD 27 117.56 -80.60 -95.68
N THR TD 28 118.17 -79.52 -96.18
CA THR TD 28 117.68 -78.18 -95.92
C THR TD 28 117.28 -77.40 -97.16
N ASN TD 29 118.01 -77.53 -98.27
CA ASN TD 29 117.76 -76.68 -99.42
C ASN TD 29 116.36 -76.91 -99.99
N GLU TD 30 115.96 -78.18 -100.10
CA GLU TD 30 114.61 -78.49 -100.56
C GLU TD 30 113.55 -78.01 -99.58
N ILE TD 31 113.88 -77.87 -98.30
CA ILE TD 31 112.90 -77.38 -97.34
C ILE TD 31 112.50 -75.96 -97.67
N ALA TD 32 113.47 -75.10 -97.98
CA ALA TD 32 113.18 -73.72 -98.34
C ALA TD 32 112.33 -73.64 -99.61
N ASN TD 33 112.36 -74.67 -100.45
CA ASN TD 33 111.50 -74.72 -101.62
C ASN TD 33 110.02 -74.82 -101.25
N ALA TD 34 109.72 -75.27 -100.03
CA ALA TD 34 108.34 -75.39 -99.57
C ALA TD 34 107.93 -74.07 -98.93
N ASN TD 35 107.17 -73.27 -99.68
CA ASN TD 35 106.77 -71.94 -99.25
C ASN TD 35 105.27 -71.85 -99.00
N SER TD 36 104.60 -72.98 -98.86
CA SER TD 36 103.15 -72.97 -98.69
C SER TD 36 102.71 -74.26 -98.02
N ARG TD 37 101.49 -74.23 -97.49
CA ARG TD 37 100.86 -75.48 -97.11
C ARG TD 37 100.51 -76.27 -98.36
N GLN TD 38 100.28 -77.57 -98.16
CA GLN TD 38 100.10 -78.54 -99.25
C GLN TD 38 101.42 -78.73 -99.97
N GLN TD 39 102.42 -77.95 -99.57
CA GLN TD 39 103.82 -78.22 -99.88
C GLN TD 39 104.56 -78.78 -98.69
N ILE TD 40 104.28 -78.24 -97.51
CA ILE TD 40 104.82 -78.81 -96.28
C ILE TD 40 104.26 -80.20 -96.05
N ARG TD 41 102.96 -80.39 -96.31
CA ARG TD 41 102.35 -81.70 -96.13
C ARG TD 41 103.07 -82.76 -96.94
N LYS TD 42 103.61 -82.38 -98.10
CA LYS TD 42 104.41 -83.31 -98.89
C LYS TD 42 105.55 -83.89 -98.05
N LEU TD 43 106.32 -83.00 -97.45
CA LEU TD 43 107.47 -83.45 -96.66
C LEU TD 43 107.03 -84.20 -95.41
N ILE TD 44 105.80 -83.97 -94.96
CA ILE TD 44 105.28 -84.75 -93.83
C ILE TD 44 105.20 -86.21 -94.21
N LYS TD 45 104.40 -86.55 -95.22
CA LYS TD 45 104.33 -87.93 -95.68
C LYS TD 45 105.63 -88.41 -96.28
N ASP TD 46 106.44 -87.50 -96.84
CA ASP TD 46 107.72 -87.86 -97.41
C ASP TD 46 108.76 -88.23 -96.35
N GLY TD 47 108.45 -88.00 -95.08
CA GLY TD 47 109.37 -88.31 -94.01
C GLY TD 47 110.41 -87.25 -93.73
N LEU TD 48 110.38 -86.13 -94.44
CA LEU TD 48 111.35 -85.07 -94.21
C LEU TD 48 111.09 -84.27 -92.95
N ILE TD 49 109.83 -84.09 -92.57
CA ILE TD 49 109.47 -83.34 -91.37
C ILE TD 49 108.78 -84.30 -90.43
N ILE TD 50 109.29 -84.41 -89.22
CA ILE TD 50 108.84 -85.42 -88.26
C ILE TD 50 108.34 -84.71 -87.01
N ARG TD 51 107.17 -85.15 -86.53
CA ARG TD 51 106.62 -84.68 -85.27
C ARG TD 51 107.32 -85.44 -84.14
N LYS TD 52 108.19 -84.76 -83.42
CA LYS TD 52 108.89 -85.41 -82.32
C LYS TD 52 107.90 -85.86 -81.25
N PRO TD 53 108.13 -87.00 -80.62
CA PRO TD 53 107.19 -87.49 -79.61
C PRO TD 53 107.25 -86.63 -78.35
N VAL TD 54 106.19 -86.76 -77.54
CA VAL TD 54 106.12 -85.99 -76.31
C VAL TD 54 107.18 -86.48 -75.33
N THR TD 55 107.89 -85.53 -74.72
CA THR TD 55 108.90 -85.87 -73.73
C THR TD 55 108.27 -86.65 -72.58
N VAL TD 56 109.00 -87.64 -72.09
CA VAL TD 56 108.44 -88.58 -71.11
C VAL TD 56 108.17 -87.85 -69.80
N HIS TD 57 107.09 -88.25 -69.13
CA HIS TD 57 106.84 -87.89 -67.74
C HIS TD 57 106.03 -89.03 -67.13
N SER TD 58 106.72 -89.98 -66.52
CA SER TD 58 106.06 -91.17 -66.01
C SER TD 58 105.46 -90.90 -64.64
N ARG TD 59 104.38 -91.61 -64.34
CA ARG TD 59 103.72 -91.54 -63.05
C ARG TD 59 104.06 -92.73 -62.17
N ALA TD 60 105.02 -93.56 -62.59
CA ALA TD 60 105.35 -94.76 -61.83
C ALA TD 60 105.87 -94.41 -60.45
N ARG TD 61 106.69 -93.36 -60.35
CA ARG TD 61 107.23 -92.97 -59.06
C ARG TD 61 106.10 -92.69 -58.07
N CYS TD 62 105.09 -91.95 -58.50
CA CYS TD 62 103.92 -91.77 -57.65
C CYS TD 62 103.19 -93.08 -57.43
N ARG TD 63 103.03 -93.88 -58.48
CA ARG TD 63 102.23 -95.09 -58.37
C ARG TD 63 102.80 -96.03 -57.33
N LYS TD 64 104.12 -96.24 -57.35
CA LYS TD 64 104.73 -97.05 -56.29
C LYS TD 64 104.53 -96.41 -54.93
N ASN TD 65 104.62 -95.08 -54.85
CA ASN TD 65 104.41 -94.41 -53.57
C ASN TD 65 102.94 -94.47 -53.17
N THR TD 66 102.03 -94.35 -54.13
CA THR TD 66 100.62 -94.44 -53.84
C THR TD 66 100.29 -95.78 -53.19
N LEU TD 67 100.81 -96.87 -53.73
CA LEU TD 67 100.62 -98.17 -53.12
C LEU TD 67 101.20 -98.21 -51.71
N ALA TD 68 102.37 -97.59 -51.53
CA ALA TD 68 102.97 -97.53 -50.20
C ALA TD 68 102.10 -96.71 -49.25
N ARG TD 69 101.52 -95.62 -49.74
CA ARG TD 69 100.61 -94.85 -48.90
C ARG TD 69 99.41 -95.68 -48.48
N ARG TD 70 98.84 -96.43 -49.42
CA ARG TD 70 97.70 -97.29 -49.09
C ARG TD 70 98.11 -98.38 -48.10
N LYS TD 71 99.38 -98.78 -48.11
CA LYS TD 71 99.88 -99.67 -47.07
C LYS TD 71 100.11 -98.95 -45.75
N GLY TD 72 99.89 -97.63 -45.70
CA GLY TD 72 100.08 -96.85 -44.50
C GLY TD 72 101.43 -96.16 -44.42
N ARG TD 73 102.32 -96.41 -45.37
CA ARG TD 73 103.64 -95.81 -45.33
C ARG TD 73 103.56 -94.33 -45.66
N HIS TD 74 104.54 -93.58 -45.16
CA HIS TD 74 104.70 -92.16 -45.40
C HIS TD 74 103.53 -91.33 -44.88
N MET TD 75 102.69 -91.88 -44.00
CA MET TD 75 101.67 -91.08 -43.34
C MET TD 75 102.21 -90.50 -42.04
N GLY TD 76 102.60 -91.37 -41.10
CA GLY TD 76 103.33 -91.07 -39.88
C GLY TD 76 102.85 -89.81 -39.19
N ILE TD 77 103.80 -89.10 -38.61
CA ILE TD 77 103.55 -87.78 -38.04
C ILE TD 77 104.39 -86.71 -38.70
N GLY TD 78 105.65 -86.97 -39.01
CA GLY TD 78 106.51 -85.98 -39.62
C GLY TD 78 106.24 -85.79 -41.10
N LYS TD 79 105.23 -86.49 -41.62
CA LYS TD 79 104.87 -86.37 -43.02
C LYS TD 79 103.49 -85.74 -43.23
N ARG TD 80 102.86 -85.25 -42.17
CA ARG TD 80 101.59 -84.53 -42.30
C ARG TD 80 101.82 -83.08 -41.87
N LYS TD 81 101.35 -82.15 -42.71
CA LYS TD 81 101.55 -80.73 -42.46
C LYS TD 81 100.27 -79.99 -42.09
N GLY TD 82 99.14 -80.38 -42.65
CA GLY TD 82 97.88 -79.76 -42.27
C GLY TD 82 97.32 -80.34 -40.98
N THR TD 83 96.34 -79.65 -40.43
CA THR TD 83 95.69 -80.15 -39.24
C THR TD 83 94.78 -81.33 -39.58
N ALA TD 84 94.36 -82.06 -38.54
CA ALA TD 84 93.49 -83.21 -38.75
C ALA TD 84 92.21 -82.80 -39.46
N ASN TD 85 91.69 -81.62 -39.14
CA ASN TD 85 90.55 -81.11 -39.89
C ASN TD 85 90.89 -80.93 -41.36
N ALA TD 86 92.08 -80.39 -41.64
CA ALA TD 86 92.46 -80.14 -43.03
C ALA TD 86 92.54 -81.42 -43.83
N ARG TD 87 93.16 -82.47 -43.27
CA ARG TD 87 93.26 -83.72 -43.99
C ARG TD 87 91.91 -84.40 -44.13
N MET TD 88 91.09 -84.35 -43.09
CA MET TD 88 89.74 -84.89 -43.14
C MET TD 88 88.85 -84.05 -42.25
N PRO TD 89 87.99 -83.22 -42.82
CA PRO TD 89 87.12 -82.36 -42.00
C PRO TD 89 86.17 -83.18 -41.14
N GLU TD 90 85.97 -82.72 -39.91
CA GLU TD 90 85.04 -83.40 -39.01
C GLU TD 90 83.63 -83.37 -39.56
N LYS TD 91 83.21 -82.24 -40.12
CA LYS TD 91 81.89 -82.16 -40.71
C LYS TD 91 81.77 -83.19 -41.82
N VAL TD 92 82.79 -83.30 -42.68
CA VAL TD 92 82.78 -84.33 -43.72
C VAL TD 92 82.64 -85.71 -43.10
N THR TD 93 83.35 -85.96 -42.00
CA THR TD 93 83.14 -87.21 -41.27
C THR TD 93 81.70 -87.30 -40.76
N TRP TD 94 81.16 -86.20 -40.25
CA TRP TD 94 79.86 -86.25 -39.60
C TRP TD 94 78.75 -86.61 -40.59
N MET TD 95 78.71 -85.97 -41.75
CA MET TD 95 77.66 -86.30 -42.72
C MET TD 95 77.81 -87.75 -43.18
N ARG TD 96 79.04 -88.18 -43.45
CA ARG TD 96 79.23 -89.55 -43.90
C ARG TD 96 78.76 -90.54 -42.85
N ARG TD 97 79.06 -90.28 -41.58
CA ARG TD 97 78.55 -91.14 -40.53
C ARG TD 97 77.03 -91.08 -40.45
N MET TD 98 76.48 -89.88 -40.54
CA MET TD 98 75.02 -89.72 -40.45
C MET TD 98 74.30 -90.33 -41.63
N ARG TD 99 74.80 -90.08 -42.83
CA ARG TD 99 74.15 -90.64 -44.01
C ARG TD 99 74.14 -92.16 -43.94
N ILE TD 100 75.10 -92.74 -43.24
CA ILE TD 100 75.17 -94.20 -43.14
C ILE TD 100 74.09 -94.72 -42.21
N LEU TD 101 73.99 -94.15 -41.01
CA LEU TD 101 73.09 -94.71 -40.01
C LEU TD 101 71.64 -94.43 -40.36
N ARG TD 102 71.36 -93.25 -40.94
CA ARG TD 102 70.00 -92.96 -41.37
C ARG TD 102 69.56 -93.92 -42.46
N ARG TD 103 70.47 -94.25 -43.39
CA ARG TD 103 70.13 -95.21 -44.43
C ARG TD 103 69.87 -96.59 -43.87
N LEU TD 104 70.74 -97.05 -42.97
CA LEU TD 104 70.57 -98.38 -42.40
C LEU TD 104 69.26 -98.47 -41.64
N LEU TD 105 68.89 -97.41 -40.93
CA LEU TD 105 67.60 -97.40 -40.25
C LEU TD 105 66.45 -97.54 -41.24
N ARG TD 106 66.53 -96.82 -42.37
CA ARG TD 106 65.47 -96.88 -43.35
C ARG TD 106 65.32 -98.28 -43.93
N ARG TD 107 66.45 -98.94 -44.22
CA ARG TD 107 66.38 -100.36 -44.57
C ARG TD 107 65.75 -101.15 -43.46
N TYR TD 108 66.14 -100.86 -42.22
CA TYR TD 108 65.61 -101.60 -41.08
C TYR TD 108 64.13 -101.32 -40.85
N ARG TD 109 63.71 -100.06 -40.95
CA ARG TD 109 62.32 -99.74 -40.74
C ARG TD 109 61.44 -100.36 -41.80
N GLU TD 110 61.84 -100.26 -43.07
CA GLU TD 110 61.04 -100.82 -44.16
C GLU TD 110 60.94 -102.33 -44.08
N SER TD 111 61.99 -103.02 -43.62
CA SER TD 111 61.98 -104.46 -43.53
C SER TD 111 61.15 -104.97 -42.35
N LYS TD 112 60.42 -104.08 -41.68
CA LYS TD 112 59.42 -104.45 -40.68
C LYS TD 112 60.02 -105.13 -39.46
N LYS TD 113 61.34 -105.13 -39.32
CA LYS TD 113 61.95 -105.57 -38.09
C LYS TD 113 61.97 -104.48 -37.03
N ILE TD 114 61.54 -103.27 -37.39
CA ILE TD 114 61.40 -102.15 -36.46
C ILE TD 114 60.13 -101.41 -36.81
N ASP TD 115 59.44 -100.92 -35.78
CA ASP TD 115 58.21 -100.18 -35.97
C ASP TD 115 58.55 -98.74 -36.35
N ARG TD 116 57.52 -97.91 -36.47
CA ARG TD 116 57.75 -96.47 -36.61
C ARG TD 116 58.38 -95.90 -35.36
N HIS TD 117 57.94 -96.36 -34.19
CA HIS TD 117 58.21 -95.64 -32.96
C HIS TD 117 59.66 -95.81 -32.50
N MET TD 118 60.09 -97.03 -32.20
CA MET TD 118 61.46 -97.21 -31.72
C MET TD 118 62.46 -96.78 -32.78
N TYR TD 119 62.07 -96.88 -34.05
CA TYR TD 119 62.88 -96.26 -35.11
C TYR TD 119 63.02 -94.77 -34.88
N HIS TD 120 61.90 -94.09 -34.61
CA HIS TD 120 61.94 -92.65 -34.45
C HIS TD 120 62.85 -92.25 -33.30
N SER TD 121 62.76 -92.95 -32.17
CA SER TD 121 63.60 -92.61 -31.02
C SER TD 121 65.07 -92.79 -31.36
N LEU TD 122 65.42 -93.88 -32.05
CA LEU TD 122 66.79 -94.06 -32.47
C LEU TD 122 67.22 -92.97 -33.44
N TYR TD 123 66.33 -92.57 -34.34
CA TYR TD 123 66.65 -91.47 -35.26
C TYR TD 123 66.98 -90.21 -34.48
N LEU TD 124 66.21 -89.92 -33.43
CA LEU TD 124 66.58 -88.83 -32.54
C LEU TD 124 67.87 -89.14 -31.80
N LYS TD 125 68.05 -90.40 -31.38
CA LYS TD 125 69.24 -90.76 -30.63
C LYS TD 125 70.48 -90.77 -31.51
N VAL TD 126 70.36 -91.24 -32.74
CA VAL TD 126 71.52 -91.19 -33.62
C VAL TD 126 71.88 -89.74 -33.93
N LYS TD 127 70.88 -88.87 -34.04
CA LYS TD 127 71.17 -87.44 -34.18
C LYS TD 127 71.86 -86.91 -32.94
N GLY TD 128 71.71 -87.60 -31.81
CA GLY TD 128 72.35 -87.21 -30.57
C GLY TD 128 73.77 -87.65 -30.43
N ASN TD 129 74.33 -88.30 -31.45
CA ASN TD 129 75.73 -88.73 -31.44
C ASN TD 129 76.01 -89.68 -30.28
N VAL TD 130 75.35 -90.82 -30.32
CA VAL TD 130 75.56 -91.88 -29.33
C VAL TD 130 75.98 -93.19 -29.96
N PHE TD 131 76.04 -93.27 -31.28
CA PHE TD 131 76.51 -94.46 -31.99
C PHE TD 131 77.72 -94.08 -32.82
N LYS TD 132 78.85 -94.74 -32.57
CA LYS TD 132 80.09 -94.39 -33.24
C LYS TD 132 80.17 -94.93 -34.66
N ASN TD 133 79.36 -95.93 -34.99
CA ASN TD 133 79.43 -96.59 -36.28
C ASN TD 133 78.25 -97.53 -36.39
N LYS TD 134 78.02 -98.05 -37.60
CA LYS TD 134 76.90 -98.96 -37.79
C LYS TD 134 77.03 -100.22 -36.97
N ARG TD 135 78.26 -100.66 -36.68
CA ARG TD 135 78.46 -101.86 -35.88
C ARG TD 135 77.90 -101.67 -34.49
N ILE TD 136 78.24 -100.56 -33.83
CA ILE TD 136 77.74 -100.32 -32.48
C ILE TD 136 76.22 -100.21 -32.49
N LEU TD 137 75.67 -99.46 -33.45
CA LEU TD 137 74.21 -99.41 -33.57
C LEU TD 137 73.65 -100.79 -33.84
N MET TD 138 74.35 -101.58 -34.65
CA MET TD 138 73.87 -102.91 -35.02
C MET TD 138 73.71 -103.77 -33.78
N GLU TD 139 74.67 -103.70 -32.87
CA GLU TD 139 74.55 -104.44 -31.61
C GLU TD 139 73.43 -103.89 -30.75
N HIS TD 140 73.35 -102.57 -30.61
CA HIS TD 140 72.44 -101.98 -29.64
C HIS TD 140 70.99 -102.29 -29.98
N ILE TD 141 70.64 -102.26 -31.26
CA ILE TD 141 69.24 -102.49 -31.65
C ILE TD 141 68.83 -103.92 -31.30
N HIS TD 142 69.77 -104.86 -31.42
CA HIS TD 142 69.45 -106.25 -31.10
C HIS TD 142 68.99 -106.38 -29.66
N LYS TD 143 69.71 -105.76 -28.73
CA LYS TD 143 69.38 -105.90 -27.32
C LYS TD 143 68.01 -105.30 -27.02
N LEU TD 144 67.70 -104.16 -27.63
CA LEU TD 144 66.36 -103.60 -27.48
C LEU TD 144 65.30 -104.54 -28.03
N LYS TD 145 65.54 -105.11 -29.22
CA LYS TD 145 64.63 -106.10 -29.75
C LYS TD 145 64.60 -107.34 -28.85
N ALA TD 146 65.77 -107.79 -28.40
CA ALA TD 146 65.82 -108.95 -27.51
C ALA TD 146 65.04 -108.70 -26.24
N ASP TD 147 65.22 -107.52 -25.64
CA ASP TD 147 64.46 -107.18 -24.44
C ASP TD 147 62.96 -107.11 -24.73
N LYS TD 148 62.59 -106.51 -25.87
CA LYS TD 148 61.18 -106.40 -26.21
C LYS TD 148 60.54 -107.77 -26.34
N ALA TD 149 61.25 -108.72 -26.96
CA ALA TD 149 60.72 -110.07 -27.07
C ALA TD 149 60.53 -110.71 -25.70
N ARG TD 150 61.50 -110.53 -24.80
CA ARG TD 150 61.43 -111.21 -23.52
C ARG TD 150 60.25 -110.72 -22.70
N LYS TD 151 60.07 -109.40 -22.60
CA LYS TD 151 58.94 -108.87 -21.84
C LYS TD 151 57.62 -109.29 -22.45
N LYS TD 152 57.52 -109.27 -23.79
CA LYS TD 152 56.30 -109.71 -24.46
C LYS TD 152 55.99 -111.16 -24.12
N LEU TD 153 57.00 -112.03 -24.20
CA LEU TD 153 56.81 -113.41 -23.77
C LEU TD 153 56.49 -113.47 -22.28
N LEU TD 154 57.18 -112.66 -21.48
CA LEU TD 154 56.92 -112.65 -20.04
C LEU TD 154 55.52 -112.15 -19.75
N ALA TD 155 55.07 -111.13 -20.49
CA ALA TD 155 53.72 -110.62 -20.28
C ALA TD 155 52.66 -111.68 -20.58
N ASP TD 156 52.85 -112.42 -21.66
CA ASP TD 156 51.85 -113.42 -22.05
C ASP TD 156 51.99 -114.70 -21.23
N GLN TD 157 53.21 -115.07 -20.86
CA GLN TD 157 53.38 -116.25 -20.02
C GLN TD 157 52.73 -116.06 -18.65
N ALA TD 158 52.91 -114.88 -18.05
CA ALA TD 158 52.18 -114.56 -16.83
C ALA TD 158 50.70 -114.43 -17.11
N GLU TD 159 50.35 -113.94 -18.30
CA GLU TD 159 48.96 -113.96 -18.74
C GLU TD 159 48.46 -115.39 -18.87
N ALA TD 160 49.34 -116.32 -19.26
CA ALA TD 160 48.94 -117.72 -19.33
C ALA TD 160 48.74 -118.31 -17.94
N ARG TD 161 49.68 -118.09 -17.03
CA ARG TD 161 49.47 -118.53 -15.65
C ARG TD 161 48.37 -117.72 -14.97
N ARG TD 162 48.04 -116.54 -15.51
CA ARG TD 162 46.87 -115.82 -15.03
C ARG TD 162 45.60 -116.64 -15.27
N SER TD 163 45.48 -117.22 -16.46
CA SER TD 163 44.27 -117.97 -16.80
C SER TD 163 44.12 -119.21 -15.93
N LYS TD 164 45.22 -119.93 -15.68
CA LYS TD 164 45.16 -121.19 -14.93
C LYS TD 164 44.43 -120.99 -13.60
N THR TD 165 44.74 -119.90 -12.90
CA THR TD 165 44.14 -119.66 -11.60
C THR TD 165 42.83 -118.89 -11.72
N LYS TD 166 42.75 -117.93 -12.65
CA LYS TD 166 41.53 -117.15 -12.82
C LYS TD 166 40.38 -118.03 -13.27
N GLU TD 167 40.66 -119.02 -14.13
CA GLU TD 167 39.59 -119.85 -14.66
C GLU TD 167 39.23 -120.98 -13.71
N ALA TD 168 40.22 -121.59 -13.06
CA ALA TD 168 39.95 -122.75 -12.20
C ALA TD 168 38.95 -122.42 -11.10
N ARG TD 169 38.92 -121.18 -10.65
CA ARG TD 169 37.91 -120.76 -9.68
C ARG TD 169 36.65 -120.25 -10.37
N LYS TD 170 36.79 -119.55 -11.50
CA LYS TD 170 35.63 -118.99 -12.18
C LYS TD 170 34.66 -120.07 -12.64
N ARG TD 171 35.20 -121.18 -13.17
CA ARG TD 171 34.34 -122.26 -13.63
C ARG TD 171 33.71 -122.99 -12.45
N ARG TD 172 34.45 -123.14 -11.34
CA ARG TD 172 33.95 -123.89 -10.21
C ARG TD 172 32.75 -123.20 -9.56
N GLU TD 173 32.84 -121.89 -9.34
CA GLU TD 173 31.71 -121.18 -8.77
C GLU TD 173 30.49 -121.32 -9.66
N GLU TD 174 30.67 -121.22 -10.98
CA GLU TD 174 29.54 -121.24 -11.90
C GLU TD 174 28.89 -122.61 -11.96
N ARG TD 175 29.62 -123.67 -11.59
CA ARG TD 175 29.09 -125.01 -11.82
C ARG TD 175 28.46 -125.63 -10.57
N LEU TD 176 28.95 -125.33 -9.36
CA LEU TD 176 28.25 -125.76 -8.16
C LEU TD 176 27.15 -124.79 -7.75
N GLN TD 177 27.17 -123.56 -8.25
CA GLN TD 177 26.02 -122.69 -8.06
C GLN TD 177 24.81 -123.23 -8.81
N ALA TD 178 25.06 -123.96 -9.90
CA ALA TD 178 23.99 -124.75 -10.51
C ALA TD 178 23.72 -126.01 -9.70
N LYS TD 179 24.74 -126.55 -9.04
CA LYS TD 179 24.58 -127.73 -8.20
C LYS TD 179 24.16 -127.39 -6.78
N LYS TD 180 23.99 -126.10 -6.46
CA LYS TD 180 23.16 -125.73 -5.31
C LYS TD 180 21.70 -125.58 -5.74
N GLU TD 181 21.47 -125.33 -7.03
CA GLU TD 181 20.11 -125.27 -7.56
C GLU TD 181 19.51 -126.66 -7.72
N GLU TD 182 20.35 -127.68 -7.90
CA GLU TD 182 19.82 -129.03 -8.12
C GLU TD 182 19.04 -129.53 -6.92
N ILE TD 183 19.46 -129.14 -5.71
CA ILE TD 183 18.72 -129.53 -4.52
C ILE TD 183 17.36 -128.82 -4.49
N ILE TD 184 17.33 -127.56 -4.95
CA ILE TD 184 16.12 -126.74 -4.82
C ILE TD 184 15.23 -126.77 -6.05
N LYS TD 185 15.64 -127.43 -7.13
CA LYS TD 185 14.82 -127.52 -8.32
C LYS TD 185 13.89 -128.73 -8.31
N THR TD 186 13.91 -129.53 -7.25
CA THR TD 186 13.01 -130.67 -7.13
C THR TD 186 12.41 -130.80 -5.74
N LEU TD 187 12.55 -129.80 -4.87
CA LEU TD 187 12.02 -129.83 -3.51
C LEU TD 187 12.55 -131.03 -2.73
N LYS UD 1 171.44 18.23 -31.29
CA LYS UD 1 172.83 18.56 -31.56
C LYS UD 1 173.61 17.33 -32.00
N ALA UD 2 174.03 17.32 -33.26
CA ALA UD 2 174.85 16.23 -33.78
C ALA UD 2 176.29 16.44 -33.33
N SER UD 3 177.22 15.70 -33.93
CA SER UD 3 178.61 15.78 -33.50
C SER UD 3 179.50 15.48 -34.70
N GLY UD 4 180.75 15.15 -34.41
CA GLY UD 4 181.82 15.06 -35.37
C GLY UD 4 183.11 15.19 -34.59
N THR UD 5 183.97 16.12 -34.97
CA THR UD 5 184.99 16.64 -34.08
C THR UD 5 184.51 17.99 -33.57
N LEU UD 6 184.70 18.26 -32.29
CA LEU UD 6 184.13 19.46 -31.70
C LEU UD 6 185.18 20.55 -31.58
N ARG UD 7 184.71 21.77 -31.33
CA ARG UD 7 185.56 22.92 -31.14
C ARG UD 7 185.03 23.74 -29.98
N GLU UD 8 185.94 24.35 -29.23
CA GLU UD 8 185.57 25.20 -28.12
C GLU UD 8 185.36 26.63 -28.61
N TYR UD 9 184.18 27.18 -28.36
CA TYR UD 9 183.81 28.50 -28.84
C TYR UD 9 183.53 29.42 -27.66
N LYS UD 10 184.13 30.61 -27.69
CA LYS UD 10 183.87 31.66 -26.70
C LYS UD 10 182.76 32.54 -27.23
N VAL UD 11 181.58 32.45 -26.62
CA VAL UD 11 180.41 33.18 -27.08
C VAL UD 11 179.94 34.11 -25.96
N VAL UD 12 179.77 35.38 -26.29
CA VAL UD 12 179.38 36.41 -25.34
C VAL UD 12 178.13 37.10 -25.87
N GLY UD 13 177.14 37.29 -24.99
CA GLY UD 13 175.88 37.87 -25.40
C GLY UD 13 175.28 38.73 -24.32
N ARG UD 14 174.20 39.41 -24.69
CA ARG UD 14 173.51 40.32 -23.77
C ARG UD 14 172.16 40.67 -24.33
N CYS UD 15 171.35 41.32 -23.50
CA CYS UD 15 170.09 41.91 -23.94
C CYS UD 15 170.38 43.08 -24.88
N LEU UD 16 169.38 43.42 -25.69
CA LEU UD 16 169.38 44.73 -26.30
C LEU UD 16 169.21 45.78 -25.20
N PRO UD 17 169.83 46.94 -25.35
CA PRO UD 17 169.70 47.95 -24.30
C PRO UD 17 168.30 48.54 -24.27
N THR UD 18 167.53 48.12 -23.27
CA THR UD 18 166.17 48.60 -23.12
C THR UD 18 166.16 50.03 -22.60
N PRO UD 19 165.06 50.76 -22.80
CA PRO UD 19 164.94 52.06 -22.12
C PRO UD 19 164.54 51.87 -20.66
N LYS UD 20 165.14 50.90 -20.01
CA LYS UD 20 165.11 50.71 -18.57
C LYS UD 20 166.51 50.55 -18.00
N CYS UD 21 167.38 49.81 -18.68
CA CYS UD 21 168.81 49.76 -18.38
C CYS UD 21 169.55 49.98 -19.68
N HIS UD 22 170.51 50.90 -19.67
CA HIS UD 22 171.21 51.26 -20.89
C HIS UD 22 172.44 50.40 -21.14
N THR UD 23 172.97 49.75 -20.12
CA THR UD 23 174.16 48.90 -20.24
C THR UD 23 173.85 47.55 -19.61
N PRO UD 24 173.17 46.66 -20.34
CA PRO UD 24 172.93 45.33 -19.82
C PRO UD 24 174.23 44.59 -19.59
N PRO UD 25 174.29 43.73 -18.58
CA PRO UD 25 175.54 43.02 -18.30
C PRO UD 25 175.89 42.05 -19.41
N LEU UD 26 177.19 41.77 -19.51
CA LEU UD 26 177.72 40.87 -20.52
C LEU UD 26 177.93 39.48 -19.91
N TYR UD 27 177.43 38.46 -20.61
CA TYR UD 27 177.53 37.08 -20.15
C TYR UD 27 178.33 36.25 -21.14
N ARG UD 28 179.23 35.44 -20.60
CA ARG UD 28 180.15 34.63 -21.39
C ARG UD 28 180.07 33.19 -20.90
N MET UD 29 180.25 32.24 -21.83
CA MET UD 29 180.55 30.88 -21.45
C MET UD 29 181.36 30.22 -22.54
N ARG UD 30 182.01 29.12 -22.19
CA ARG UD 30 182.69 28.26 -23.15
C ARG UD 30 181.71 27.20 -23.62
N ILE UD 31 181.57 27.05 -24.95
CA ILE UD 31 180.63 26.12 -25.54
C ILE UD 31 181.35 25.30 -26.60
N PHE UD 32 181.07 24.00 -26.64
CA PHE UD 32 181.64 23.09 -27.60
C PHE UD 32 180.58 22.69 -28.61
N ALA UD 33 180.92 22.77 -29.89
CA ALA UD 33 179.99 22.46 -30.96
C ALA UD 33 180.78 22.19 -32.23
N PRO UD 34 180.19 21.47 -33.20
CA PRO UD 34 180.88 21.30 -34.49
C PRO UD 34 181.13 22.60 -35.20
N ASN UD 35 180.27 23.60 -35.01
CA ASN UD 35 180.40 24.87 -35.72
C ASN UD 35 179.90 25.98 -34.82
N HIS UD 36 180.28 27.21 -35.17
CA HIS UD 36 179.88 28.36 -34.38
C HIS UD 36 178.36 28.53 -34.35
N VAL UD 37 177.69 28.25 -35.47
CA VAL UD 37 176.25 28.44 -35.53
C VAL UD 37 175.55 27.61 -34.48
N VAL UD 38 175.94 26.33 -34.36
CA VAL UD 38 175.38 25.48 -33.32
C VAL UD 38 175.72 26.04 -31.95
N ALA UD 39 176.98 26.46 -31.77
CA ALA UD 39 177.38 27.05 -30.51
C ALA UD 39 176.50 28.24 -30.15
N LYS UD 40 176.23 29.11 -31.13
CA LYS UD 40 175.29 30.19 -30.90
C LYS UD 40 173.92 29.66 -30.49
N SER UD 41 173.47 28.60 -31.17
CA SER UD 41 172.19 27.99 -30.79
C SER UD 41 172.26 27.43 -29.38
N ARG UD 42 173.35 26.74 -29.04
CA ARG UD 42 173.49 26.24 -27.68
C ARG UD 42 173.63 27.37 -26.69
N PHE UD 43 174.20 28.50 -27.13
CA PHE UD 43 174.35 29.64 -26.23
C PHE UD 43 173.00 30.13 -25.76
N TRP UD 44 172.06 30.31 -26.68
CA TRP UD 44 170.73 30.74 -26.30
C TRP UD 44 170.05 29.68 -25.45
N TYR UD 45 170.32 28.41 -25.73
CA TYR UD 45 169.73 27.33 -24.93
C TYR UD 45 170.19 27.42 -23.49
N PHE UD 46 171.50 27.50 -23.27
CA PHE UD 46 172.00 27.54 -21.90
C PHE UD 46 171.59 28.83 -21.21
N VAL UD 47 171.70 29.97 -21.90
CA VAL UD 47 171.44 31.24 -21.25
C VAL UD 47 170.00 31.31 -20.77
N SER UD 48 169.07 30.87 -21.61
CA SER UD 48 167.66 31.00 -21.28
C SER UD 48 167.30 30.27 -19.99
N GLN UD 49 168.07 29.26 -19.60
CA GLN UD 49 167.76 28.55 -18.36
C GLN UD 49 168.23 29.34 -17.13
N LEU UD 50 169.45 29.87 -17.16
CA LEU UD 50 170.00 30.55 -16.00
C LEU UD 50 169.50 32.00 -15.89
N LYS UD 51 169.49 32.72 -17.00
CA LYS UD 51 168.97 34.08 -17.00
C LYS UD 51 167.71 34.16 -17.86
N LYS UD 52 166.81 35.06 -17.49
CA LYS UD 52 165.56 35.25 -18.22
C LYS UD 52 165.83 36.00 -19.52
N MET UD 53 166.47 35.30 -20.44
CA MET UD 53 166.99 35.85 -21.68
C MET UD 53 166.51 35.00 -22.84
N LYS UD 54 166.40 35.63 -24.02
CA LYS UD 54 165.96 34.91 -25.21
C LYS UD 54 166.64 35.46 -26.45
N LYS UD 55 166.72 34.62 -27.47
CA LYS UD 55 167.40 34.98 -28.70
C LYS UD 55 166.77 36.21 -29.34
N SER UD 56 165.44 36.29 -29.32
CA SER UD 56 164.80 37.49 -29.84
C SER UD 56 165.14 38.70 -28.97
N SER UD 57 165.05 38.56 -27.66
CA SER UD 57 165.35 39.65 -26.74
C SER UD 57 166.80 39.63 -26.30
N GLY UD 58 167.72 39.64 -27.25
CA GLY UD 58 169.13 39.65 -26.92
C GLY UD 58 169.94 39.30 -28.16
N GLU UD 59 171.25 39.54 -28.05
CA GLU UD 59 172.11 39.31 -29.20
C GLU UD 59 173.43 38.72 -28.73
N ILE UD 60 174.13 38.06 -29.64
CA ILE UD 60 175.50 37.64 -29.41
C ILE UD 60 176.42 38.79 -29.78
N VAL UD 61 177.38 39.10 -28.90
CA VAL UD 61 178.34 40.15 -29.19
C VAL UD 61 179.69 39.59 -29.68
N TYR UD 62 179.91 38.29 -29.53
CA TYR UD 62 181.15 37.67 -29.97
C TYR UD 62 180.96 36.17 -29.98
N CYS UD 63 181.56 35.50 -30.97
CA CYS UD 63 181.54 34.04 -31.03
C CYS UD 63 182.77 33.60 -31.80
N GLY UD 64 183.79 33.15 -31.08
CA GLY UD 64 185.04 32.75 -31.71
C GLY UD 64 185.55 31.45 -31.14
N GLN UD 65 186.23 30.70 -31.99
CA GLN UD 65 186.86 29.47 -31.54
C GLN UD 65 188.03 29.77 -30.61
N VAL UD 66 188.12 29.00 -29.53
CA VAL UD 66 189.24 29.08 -28.62
C VAL UD 66 190.16 27.91 -28.92
N PHE UD 67 191.34 28.20 -29.45
CA PHE UD 67 192.30 27.16 -29.73
C PHE UD 67 192.95 26.68 -28.45
N GLU UD 68 193.48 25.47 -28.48
CA GLU UD 68 194.15 24.93 -27.30
C GLU UD 68 195.38 25.76 -26.98
N LYS UD 69 195.52 26.12 -25.70
CA LYS UD 69 196.66 26.92 -25.28
C LYS UD 69 197.96 26.14 -25.38
N SER UD 70 197.91 24.82 -25.27
CA SER UD 70 199.11 24.01 -25.39
C SER UD 70 198.76 22.65 -25.99
N PRO UD 71 198.31 22.59 -27.24
CA PRO UD 71 197.95 21.30 -27.85
C PRO UD 71 199.12 20.36 -28.04
N LEU UD 72 200.31 20.75 -27.61
CA LEU UD 72 201.53 19.97 -27.78
C LEU UD 72 202.00 19.39 -26.45
N ARG UD 73 201.05 19.01 -25.59
CA ARG UD 73 201.38 18.46 -24.29
C ARG UD 73 200.26 17.54 -23.84
N VAL UD 74 200.62 16.37 -23.32
CA VAL UD 74 199.63 15.45 -22.76
C VAL UD 74 199.07 16.07 -21.49
N LYS UD 75 197.74 16.07 -21.37
CA LYS UD 75 197.08 16.67 -20.22
C LYS UD 75 195.85 15.86 -19.85
N ASN UD 76 195.66 15.66 -18.55
CA ASN UD 76 194.53 14.93 -18.02
C ASN UD 76 193.39 15.90 -17.73
N PHE UD 77 192.27 15.72 -18.41
CA PHE UD 77 191.14 16.63 -18.32
C PHE UD 77 190.09 16.07 -17.36
N GLY UD 78 189.58 16.94 -16.49
CA GLY UD 78 188.49 16.59 -15.62
C GLY UD 78 187.22 17.28 -16.06
N ILE UD 79 186.20 16.48 -16.37
CA ILE UD 79 184.98 16.96 -16.99
C ILE UD 79 183.84 16.83 -15.98
N TRP UD 80 183.12 17.91 -15.76
CA TRP UD 80 181.88 17.89 -14.99
C TRP UD 80 180.71 17.99 -15.95
N LEU UD 81 179.91 16.93 -16.02
CA LEU UD 81 178.78 16.90 -16.94
C LEU UD 81 177.55 16.37 -16.22
N ARG UD 82 176.39 16.76 -16.73
CA ARG UD 82 175.14 16.18 -16.28
C ARG UD 82 174.30 15.79 -17.49
N TYR UD 83 173.44 14.79 -17.29
CA TYR UD 83 172.62 14.26 -18.36
C TYR UD 83 171.43 13.55 -17.74
N ASP UD 84 170.45 13.24 -18.59
CA ASP UD 84 169.28 12.48 -18.18
C ASP UD 84 169.26 11.16 -18.93
N SER UD 85 169.05 10.08 -18.20
CA SER UD 85 168.95 8.75 -18.79
C SER UD 85 167.51 8.53 -19.25
N ARG UD 86 167.17 7.29 -19.60
CA ARG UD 86 165.77 6.93 -19.74
C ARG UD 86 165.04 7.14 -18.43
N SER UD 87 165.73 6.94 -17.31
CA SER UD 87 165.25 7.32 -16.00
C SER UD 87 165.59 8.79 -15.76
N GLY UD 88 165.58 9.22 -14.50
CA GLY UD 88 165.87 10.60 -14.17
C GLY UD 88 167.27 11.03 -14.60
N THR UD 89 167.57 12.28 -14.28
CA THR UD 89 168.84 12.89 -14.64
C THR UD 89 169.83 12.83 -13.48
N HIS UD 90 171.12 12.85 -13.82
CA HIS UD 90 172.18 12.70 -12.84
C HIS UD 90 173.30 13.69 -13.12
N ASN UD 91 173.95 14.13 -12.05
CA ASN UD 91 175.21 14.84 -12.15
C ASN UD 91 176.34 13.83 -12.08
N MET UD 92 177.42 14.07 -12.81
CA MET UD 92 178.43 13.05 -13.01
C MET UD 92 179.76 13.68 -13.42
N TYR UD 93 180.85 12.99 -13.06
CA TYR UD 93 182.20 13.49 -13.29
C TYR UD 93 183.05 12.38 -13.90
N ARG UD 94 183.83 12.73 -14.91
CA ARG UD 94 184.71 11.78 -15.58
C ARG UD 94 186.07 12.42 -15.83
N GLU UD 95 187.02 11.60 -16.27
CA GLU UD 95 188.35 12.04 -16.63
C GLU UD 95 188.74 11.46 -17.98
N TYR UD 96 189.48 12.25 -18.77
CA TYR UD 96 190.00 11.81 -20.06
C TYR UD 96 191.35 12.43 -20.30
N ARG UD 97 192.18 11.72 -21.05
CA ARG UD 97 193.53 12.17 -21.41
C ARG UD 97 193.55 12.48 -22.89
N ASP UD 98 193.82 13.73 -23.23
CA ASP UD 98 193.85 14.16 -24.61
C ASP UD 98 194.69 15.43 -24.72
N LEU UD 99 195.18 15.68 -25.93
CA LEU UD 99 195.93 16.91 -26.17
C LEU UD 99 195.04 18.14 -26.15
N THR UD 100 193.86 18.06 -26.75
CA THR UD 100 192.99 19.21 -26.92
C THR UD 100 191.81 19.12 -25.97
N THR UD 101 191.37 20.28 -25.48
CA THR UD 101 190.17 20.32 -24.65
C THR UD 101 188.96 19.86 -25.42
N ALA UD 102 188.85 20.28 -26.68
CA ALA UD 102 187.74 19.80 -27.52
C ALA UD 102 187.80 18.30 -27.69
N GLY UD 103 188.98 17.73 -27.91
CA GLY UD 103 189.10 16.29 -28.02
C GLY UD 103 188.65 15.58 -26.75
N ALA UD 104 188.98 16.15 -25.59
CA ALA UD 104 188.52 15.58 -24.33
C ALA UD 104 186.99 15.58 -24.28
N VAL UD 105 186.37 16.70 -24.67
CA VAL UD 105 184.92 16.74 -24.75
C VAL UD 105 184.42 15.76 -25.81
N THR UD 106 185.12 15.71 -26.95
CA THR UD 106 184.75 14.76 -28.00
C THR UD 106 184.76 13.33 -27.47
N GLN UD 107 185.82 12.94 -26.78
CA GLN UD 107 185.88 11.59 -26.23
C GLN UD 107 184.76 11.34 -25.25
N CYS UD 108 184.48 12.33 -24.39
CA CYS UD 108 183.41 12.17 -23.40
C CYS UD 108 182.07 11.94 -24.08
N TYR UD 109 181.78 12.69 -25.14
CA TYR UD 109 180.54 12.49 -25.86
C TYR UD 109 180.48 11.09 -26.47
N ARG UD 110 181.57 10.64 -27.09
CA ARG UD 110 181.60 9.29 -27.63
C ARG UD 110 181.45 8.26 -26.52
N ASP UD 111 182.12 8.49 -25.38
CA ASP UD 111 182.01 7.56 -24.26
C ASP UD 111 180.59 7.50 -23.74
N MET UD 112 179.93 8.66 -23.63
CA MET UD 112 178.59 8.69 -23.05
C MET UD 112 177.62 7.84 -23.85
N GLY UD 113 177.67 7.95 -25.18
CA GLY UD 113 176.86 7.05 -25.99
C GLY UD 113 177.24 5.59 -25.77
N ALA UD 114 178.53 5.33 -25.54
CA ALA UD 114 178.99 3.96 -25.41
C ALA UD 114 178.51 3.33 -24.11
N ARG UD 115 178.67 4.02 -22.99
CA ARG UD 115 178.42 3.40 -21.70
C ARG UD 115 177.06 3.76 -21.12
N HIS UD 116 176.38 4.77 -21.66
CA HIS UD 116 175.07 5.15 -21.14
C HIS UD 116 174.08 5.49 -22.23
N ARG UD 117 174.38 5.16 -23.49
CA ARG UD 117 173.44 5.26 -24.60
C ARG UD 117 172.83 6.66 -24.69
N ALA UD 118 173.52 7.67 -24.17
CA ALA UD 118 172.97 9.02 -24.09
C ALA UD 118 173.32 9.75 -25.38
N ARG UD 119 172.29 10.19 -26.09
CA ARG UD 119 172.51 10.96 -27.30
C ARG UD 119 172.99 12.36 -26.96
N ALA UD 120 173.68 12.98 -27.91
CA ALA UD 120 174.37 14.24 -27.65
C ALA UD 120 173.42 15.34 -27.18
N HIS UD 121 172.15 15.27 -27.54
CA HIS UD 121 171.21 16.28 -27.08
C HIS UD 121 170.96 16.23 -25.58
N SER UD 122 171.19 15.09 -24.95
CA SER UD 122 170.80 14.91 -23.56
C SER UD 122 171.89 15.26 -22.57
N ILE UD 123 173.02 15.77 -23.04
CA ILE UD 123 174.18 16.04 -22.19
C ILE UD 123 174.29 17.54 -21.96
N GLN UD 124 174.69 17.93 -20.76
CA GLN UD 124 175.03 19.31 -20.45
C GLN UD 124 176.41 19.32 -19.81
N ILE UD 125 177.39 19.88 -20.52
CA ILE UD 125 178.71 20.06 -19.97
C ILE UD 125 178.73 21.34 -19.14
N MET UD 126 179.12 21.23 -17.88
CA MET UD 126 179.27 22.42 -17.05
C MET UD 126 180.72 22.83 -16.88
N LYS UD 127 181.58 21.92 -16.42
CA LYS UD 127 182.95 22.29 -16.12
C LYS UD 127 183.94 21.34 -16.78
N VAL UD 128 184.96 21.92 -17.42
CA VAL UD 128 186.12 21.18 -17.91
C VAL UD 128 187.36 21.98 -17.56
N GLU UD 129 188.32 21.34 -16.90
CA GLU UD 129 189.59 21.98 -16.53
C GLU UD 129 190.72 20.98 -16.65
N GLU UD 130 191.93 21.50 -16.87
CA GLU UD 130 193.11 20.67 -16.82
C GLU UD 130 193.39 20.25 -15.38
N ILE UD 131 193.61 18.96 -15.18
CA ILE UD 131 193.82 18.40 -13.84
C ILE UD 131 195.16 17.69 -13.82
N ALA UD 132 195.96 17.98 -12.81
CA ALA UD 132 197.26 17.35 -12.66
C ALA UD 132 197.10 15.87 -12.33
N ALA UD 133 198.19 15.12 -12.54
CA ALA UD 133 198.14 13.67 -12.32
C ALA UD 133 197.86 13.33 -10.87
N SER UD 134 198.28 14.19 -9.94
CA SER UD 134 198.10 13.88 -8.52
C SER UD 134 196.64 13.77 -8.13
N LYS UD 135 195.81 14.72 -8.55
CA LYS UD 135 194.41 14.76 -8.15
C LYS UD 135 193.51 13.94 -9.05
N CYS UD 136 194.06 13.26 -10.05
CA CYS UD 136 193.26 12.38 -10.88
C CYS UD 136 192.63 11.27 -10.02
N ARG UD 137 191.38 10.95 -10.33
CA ARG UD 137 190.62 10.02 -9.52
C ARG UD 137 190.26 8.73 -10.24
N ARG UD 138 190.33 8.67 -11.56
CA ARG UD 138 189.91 7.49 -12.29
C ARG UD 138 191.10 6.61 -12.62
N PRO UD 139 191.11 5.36 -12.19
CA PRO UD 139 192.28 4.50 -12.43
C PRO UD 139 192.63 4.32 -13.88
N ALA UD 140 191.64 4.35 -14.78
CA ALA UD 140 191.91 4.14 -16.20
C ALA UD 140 192.90 5.15 -16.76
N VAL UD 141 192.88 6.38 -16.27
CA VAL UD 141 193.88 7.36 -16.64
C VAL UD 141 195.04 7.41 -15.65
N LYS UD 142 194.81 7.09 -14.38
CA LYS UD 142 195.89 7.10 -13.40
C LYS UD 142 196.99 6.11 -13.74
N GLN UD 143 196.64 4.96 -14.30
CA GLN UD 143 197.64 3.96 -14.66
C GLN UD 143 198.67 4.50 -15.65
N PHE UD 144 198.34 5.55 -16.39
CA PHE UD 144 199.29 6.17 -17.30
C PHE UD 144 200.19 7.17 -16.61
N HIS UD 145 199.99 7.42 -15.31
CA HIS UD 145 200.86 8.31 -14.55
C HIS UD 145 202.09 7.54 -14.07
N ASP UD 146 202.88 7.09 -15.04
CA ASP UD 146 204.10 6.34 -14.78
C ASP UD 146 205.21 6.94 -15.62
N SER UD 147 206.39 7.08 -15.03
CA SER UD 147 207.50 7.69 -15.75
C SER UD 147 208.21 6.71 -16.68
N LYS UD 148 207.86 5.43 -16.61
CA LYS UD 148 208.52 4.40 -17.40
C LYS UD 148 207.54 3.43 -18.03
N ILE UD 149 206.49 3.95 -18.67
CA ILE UD 149 205.50 3.10 -19.31
C ILE UD 149 206.17 2.19 -20.32
N LYS UD 150 205.81 0.91 -20.30
CA LYS UD 150 206.41 -0.08 -21.18
C LYS UD 150 205.43 -1.21 -21.38
N PHE UD 151 204.98 -1.41 -22.61
CA PHE UD 151 204.05 -2.50 -22.90
C PHE UD 151 204.24 -2.92 -24.34
N PRO UD 152 203.92 -4.16 -24.68
CA PRO UD 152 203.94 -4.59 -26.08
C PRO UD 152 202.56 -4.44 -26.72
N LEU UD 153 202.55 -4.58 -28.04
CA LEU UD 153 201.30 -4.66 -28.81
C LEU UD 153 201.07 -6.13 -29.11
N PRO UD 154 200.33 -6.85 -28.27
CA PRO UD 154 200.34 -8.32 -28.35
C PRO UD 154 199.76 -8.89 -29.63
N HIS UD 155 198.51 -8.55 -29.93
CA HIS UD 155 197.76 -9.19 -31.00
C HIS UD 155 197.56 -8.17 -32.11
N ARG UD 156 198.52 -8.10 -33.03
CA ARG UD 156 198.42 -7.24 -34.20
C ARG UD 156 197.50 -7.92 -35.22
N VAL UD 157 196.22 -7.57 -35.17
CA VAL UD 157 195.26 -8.14 -36.11
C VAL UD 157 195.52 -7.56 -37.50
N LEU UD 158 195.50 -8.42 -38.50
CA LEU UD 158 195.67 -7.97 -39.88
C LEU UD 158 194.51 -7.06 -40.26
N ARG UD 159 194.83 -5.92 -40.88
CA ARG UD 159 193.80 -4.97 -41.28
C ARG UD 159 193.61 -4.88 -42.78
N ARG UD 160 194.66 -5.08 -43.57
CA ARG UD 160 194.54 -5.09 -45.03
C ARG UD 160 194.12 -6.49 -45.50
N GLN UD 161 193.01 -6.96 -44.94
CA GLN UD 161 192.56 -8.32 -45.18
C GLN UD 161 192.17 -8.55 -46.63
N HIS UD 162 191.94 -7.48 -47.39
CA HIS UD 162 191.53 -7.60 -48.78
C HIS UD 162 192.64 -7.24 -49.76
N LYS UD 163 193.80 -6.83 -49.27
CA LYS UD 163 194.92 -6.43 -50.13
C LYS UD 163 196.17 -7.14 -49.66
N PRO UD 164 196.40 -8.39 -50.12
CA PRO UD 164 195.60 -9.14 -51.09
C PRO UD 164 194.37 -9.77 -50.45
N ARG UD 165 193.42 -10.20 -51.28
CA ARG UD 165 192.23 -10.90 -50.80
C ARG UD 165 192.41 -12.41 -50.79
N PHE UD 166 193.21 -12.94 -51.70
CA PHE UD 166 193.53 -14.36 -51.76
C PHE UD 166 195.03 -14.51 -51.71
N THR UD 167 195.52 -15.27 -50.72
CA THR UD 167 196.95 -15.48 -50.54
C THR UD 167 197.23 -16.94 -50.24
N THR UD 168 198.50 -17.25 -50.12
CA THR UD 168 198.94 -18.62 -49.83
C THR UD 168 199.46 -18.77 -48.40
N LYS UD 169 200.13 -17.76 -47.87
CA LYS UD 169 200.69 -17.85 -46.53
C LYS UD 169 199.69 -17.31 -45.50
N ARG UD 170 199.50 -18.08 -44.44
CA ARG UD 170 198.65 -17.61 -43.37
C ARG UD 170 199.30 -16.43 -42.65
N PRO UD 171 198.52 -15.47 -42.17
CA PRO UD 171 199.10 -14.24 -41.63
C PRO UD 171 199.77 -14.46 -40.29
N ASN UD 172 200.70 -13.57 -39.98
CA ASN UD 172 201.30 -13.47 -38.67
C ASN UD 172 200.56 -12.43 -37.83
N THR UD 173 200.73 -12.51 -36.52
CA THR UD 173 200.25 -11.48 -35.61
C THR UD 173 201.28 -11.02 -34.60
N PHE UD 174 202.32 -11.81 -34.34
CA PHE UD 174 203.34 -11.45 -33.38
C PHE UD 174 204.35 -10.53 -34.05
N PHE UD 175 204.55 -9.35 -33.48
CA PHE UD 175 205.46 -8.37 -34.07
C PHE UD 175 206.13 -7.53 -33.00
N THR VD 1 122.64 17.53 -32.72
CA THR VD 1 122.25 17.21 -31.35
C THR VD 1 122.20 18.43 -30.49
N ASN VD 2 123.34 19.09 -30.33
CA ASN VD 2 123.41 20.29 -29.51
C ASN VD 2 122.41 21.33 -30.02
N THR VD 3 121.73 21.97 -29.07
CA THR VD 3 120.61 22.83 -29.40
C THR VD 3 121.07 24.05 -30.19
N LYS VD 4 120.10 24.77 -30.72
CA LYS VD 4 120.34 26.01 -31.45
C LYS VD 4 119.70 27.19 -30.73
N GLY VD 5 119.72 27.15 -29.41
CA GLY VD 5 119.22 28.27 -28.64
C GLY VD 5 120.01 29.54 -28.90
N LYS VD 6 119.31 30.67 -28.81
CA LYS VD 6 119.92 31.93 -29.20
C LYS VD 6 121.04 32.38 -28.27
N ARG VD 7 121.20 31.75 -27.11
CA ARG VD 7 122.21 32.16 -26.14
C ARG VD 7 123.01 30.98 -25.65
N ARG VD 8 122.91 29.85 -26.36
CA ARG VD 8 123.62 28.64 -25.96
C ARG VD 8 125.12 28.89 -26.02
N GLY VD 9 125.84 28.36 -25.04
CA GLY VD 9 127.28 28.50 -25.00
C GLY VD 9 127.77 29.88 -24.64
N THR VD 10 126.90 30.76 -24.17
CA THR VD 10 127.28 32.13 -23.83
C THR VD 10 127.35 32.34 -22.32
N ARG VD 11 127.68 31.29 -21.57
CA ARG VD 11 127.71 31.41 -20.12
C ARG VD 11 128.77 32.40 -19.66
N TYR VD 12 129.96 32.35 -20.26
CA TYR VD 12 131.04 33.23 -19.85
C TYR VD 12 131.19 34.46 -20.74
N MET VD 13 130.81 34.35 -22.02
CA MET VD 13 130.99 35.45 -22.95
C MET VD 13 130.25 36.69 -22.47
N PHE VD 14 128.97 36.55 -22.15
CA PHE VD 14 128.17 37.69 -21.72
C PHE VD 14 128.30 37.98 -20.24
N SER VD 15 128.99 37.13 -19.49
CA SER VD 15 129.17 37.36 -18.07
C SER VD 15 130.00 38.63 -17.86
N ARG VD 16 129.58 39.44 -16.90
CA ARG VD 16 130.31 40.64 -16.58
C ARG VD 16 131.66 40.28 -15.97
N PRO VD 17 132.69 41.10 -16.20
CA PRO VD 17 134.00 40.83 -15.61
C PRO VD 17 133.92 40.83 -14.08
N PHE VD 18 134.98 40.31 -13.47
CA PHE VD 18 135.01 40.17 -12.02
C PHE VD 18 134.90 41.52 -11.34
N ARG VD 19 134.04 41.60 -10.32
CA ARG VD 19 133.85 42.81 -9.53
C ARG VD 19 133.50 44.02 -10.40
N LYS VD 20 132.67 43.82 -11.41
CA LYS VD 20 132.23 44.91 -12.28
C LYS VD 20 130.76 44.78 -12.63
N HIS VD 21 129.98 44.16 -11.76
CA HIS VD 21 128.54 44.10 -11.93
C HIS VD 21 127.93 45.46 -11.62
N GLY VD 22 126.61 45.55 -11.69
CA GLY VD 22 125.91 46.73 -11.26
C GLY VD 22 125.43 47.63 -12.38
N VAL VD 23 125.24 48.91 -12.07
CA VAL VD 23 124.73 49.86 -13.05
C VAL VD 23 125.80 50.17 -14.08
N VAL VD 24 125.43 50.13 -15.35
CA VAL VD 24 126.34 50.41 -16.45
C VAL VD 24 126.88 51.83 -16.32
N PRO VD 25 128.19 52.03 -16.51
CA PRO VD 25 128.73 53.40 -16.48
C PRO VD 25 128.08 54.26 -17.55
N LEU VD 26 127.82 55.51 -17.19
CA LEU VD 26 127.06 56.40 -18.06
C LEU VD 26 127.84 56.86 -19.29
N ALA VD 27 129.17 56.94 -19.21
CA ALA VD 27 129.94 57.45 -20.33
C ALA VD 27 129.75 56.61 -21.59
N THR VD 28 129.38 55.34 -21.44
CA THR VD 28 129.12 54.52 -22.62
C THR VD 28 127.99 55.05 -23.47
N TYR VD 29 126.93 55.54 -22.85
CA TYR VD 29 125.78 56.05 -23.59
C TYR VD 29 126.06 57.35 -24.30
N MET VD 30 126.76 58.27 -23.64
CA MET VD 30 126.97 59.62 -24.14
C MET VD 30 127.92 59.66 -25.32
N ARG VD 31 128.56 58.55 -25.66
CA ARG VD 31 129.40 58.49 -26.85
C ARG VD 31 128.56 58.75 -28.10
N ILE VD 32 129.19 59.33 -29.10
CA ILE VD 32 128.52 59.71 -30.35
C ILE VD 32 129.00 58.76 -31.45
N TYR VD 33 128.05 58.23 -32.20
CA TYR VD 33 128.33 57.30 -33.29
C TYR VD 33 127.85 57.90 -34.59
N LYS VD 34 128.76 58.52 -35.33
CA LYS VD 34 128.44 59.05 -36.64
C LYS VD 34 128.35 57.92 -37.66
N LYS VD 35 127.44 58.08 -38.61
CA LYS VD 35 127.29 57.07 -39.65
C LYS VD 35 128.57 56.91 -40.44
N GLY VD 36 129.00 55.68 -40.62
CA GLY VD 36 130.21 55.40 -41.38
C GLY VD 36 131.48 55.28 -40.59
N ASP VD 37 131.41 55.03 -39.28
CA ASP VD 37 132.61 54.82 -38.48
C ASP VD 37 132.66 53.38 -37.99
N ILE VD 38 133.82 53.01 -37.47
CA ILE VD 38 134.15 51.61 -37.17
C ILE VD 38 134.01 51.38 -35.68
N VAL VD 39 133.29 50.32 -35.31
CA VAL VD 39 133.05 49.99 -33.92
C VAL VD 39 133.29 48.51 -33.70
N ASP VD 40 133.42 48.12 -32.44
CA ASP VD 40 133.62 46.73 -32.05
C ASP VD 40 132.43 46.25 -31.23
N ILE VD 41 131.85 45.13 -31.63
CA ILE VD 41 130.71 44.56 -30.92
C ILE VD 41 131.23 43.76 -29.73
N LYS VD 42 130.74 44.08 -28.54
CA LYS VD 42 131.09 43.35 -27.33
C LYS VD 42 129.95 42.47 -26.85
N GLY VD 43 128.77 43.05 -26.62
CA GLY VD 43 127.64 42.28 -26.13
C GLY VD 43 127.60 42.15 -24.62
N MET VD 44 127.57 43.28 -23.93
CA MET VD 44 127.51 43.27 -22.48
C MET VD 44 126.17 42.70 -22.01
N GLY VD 45 126.23 41.85 -20.99
CA GLY VD 45 125.07 41.17 -20.49
C GLY VD 45 124.26 41.89 -19.43
N THR VD 46 124.66 43.10 -19.04
CA THR VD 46 123.89 43.83 -18.03
C THR VD 46 122.48 44.13 -18.53
N VAL VD 47 122.36 44.56 -19.77
CA VAL VD 47 121.07 44.76 -20.41
C VAL VD 47 120.77 43.53 -21.25
N GLN VD 48 119.50 43.37 -21.59
CA GLN VD 48 119.08 42.27 -22.44
C GLN VD 48 118.49 42.73 -23.76
N LYS VD 49 117.84 43.88 -23.79
CA LYS VD 49 117.27 44.39 -25.03
C LYS VD 49 118.37 44.77 -26.01
N GLY VD 50 118.14 44.47 -27.28
CA GLY VD 50 119.06 44.88 -28.33
C GLY VD 50 120.43 44.25 -28.27
N MET VD 51 120.61 43.18 -27.53
CA MET VD 51 121.93 42.57 -27.49
C MET VD 51 122.21 41.85 -28.81
N PRO VD 52 123.48 41.75 -29.19
CA PRO VD 52 123.83 41.09 -30.44
C PRO VD 52 123.84 39.58 -30.27
N HIS VD 53 123.94 38.88 -31.41
CA HIS VD 53 124.05 37.44 -31.37
C HIS VD 53 125.48 37.04 -31.02
N LYS VD 54 125.63 35.78 -30.59
CA LYS VD 54 126.92 35.30 -30.12
C LYS VD 54 127.99 35.35 -31.21
N CYS VD 55 127.64 35.01 -32.45
CA CYS VD 55 128.61 34.99 -33.53
C CYS VD 55 129.12 36.36 -33.93
N TYR VD 56 128.69 37.42 -33.23
CA TYR VD 56 129.15 38.76 -33.52
C TYR VD 56 129.97 39.38 -32.39
N HIS VD 57 130.01 38.74 -31.22
CA HIS VD 57 130.83 39.24 -30.13
C HIS VD 57 132.29 39.26 -30.53
N GLY VD 58 132.98 40.33 -30.14
CA GLY VD 58 134.40 40.45 -30.42
C GLY VD 58 134.75 40.81 -31.83
N LYS VD 59 133.77 41.06 -32.68
CA LYS VD 59 134.02 41.39 -34.08
C LYS VD 59 133.88 42.88 -34.30
N THR VD 60 134.31 43.33 -35.48
CA THR VD 60 134.37 44.75 -35.81
C THR VD 60 133.45 45.02 -36.99
N GLY VD 61 132.83 46.20 -36.99
CA GLY VD 61 131.94 46.58 -38.08
C GLY VD 61 131.80 48.08 -38.16
N ARG VD 62 131.12 48.52 -39.21
CA ARG VD 62 130.90 49.93 -39.46
C ARG VD 62 129.42 50.28 -39.31
N VAL VD 63 129.15 51.54 -38.99
CA VAL VD 63 127.81 52.02 -38.71
C VAL VD 63 127.22 52.59 -39.98
N TYR VD 64 126.01 52.15 -40.32
CA TYR VD 64 125.30 52.70 -41.46
C TYR VD 64 123.96 53.33 -41.12
N ASN VD 65 123.44 53.09 -39.93
CA ASN VD 65 122.17 53.67 -39.50
C ASN VD 65 122.23 53.99 -38.02
N VAL VD 66 121.54 55.04 -37.62
CA VAL VD 66 121.50 55.49 -36.23
C VAL VD 66 120.06 55.74 -35.83
N THR VD 67 119.68 55.22 -34.65
CA THR VD 67 118.33 55.42 -34.12
C THR VD 67 118.40 56.02 -32.73
N GLN VD 68 117.28 56.01 -32.02
CA GLN VD 68 117.24 56.60 -30.68
C GLN VD 68 118.19 55.89 -29.73
N HIS VD 69 118.18 54.56 -29.73
CA HIS VD 69 118.90 53.79 -28.73
C HIS VD 69 119.80 52.71 -29.31
N ALA VD 70 119.92 52.62 -30.63
CA ALA VD 70 120.72 51.57 -31.24
C ALA VD 70 121.28 52.07 -32.56
N VAL VD 71 122.12 51.24 -33.17
CA VAL VD 71 122.75 51.57 -34.45
C VAL VD 71 122.66 50.37 -35.37
N GLY VD 72 122.77 50.65 -36.67
CA GLY VD 72 122.85 49.61 -37.67
C GLY VD 72 124.31 49.35 -38.04
N ILE VD 73 124.71 48.09 -37.97
CA ILE VD 73 126.10 47.69 -38.15
C ILE VD 73 126.19 46.79 -39.38
N VAL VD 74 127.15 47.10 -40.25
CA VAL VD 74 127.53 46.21 -41.34
C VAL VD 74 128.77 45.46 -40.87
N VAL VD 75 128.65 44.15 -40.74
CA VAL VD 75 129.72 43.31 -40.22
C VAL VD 75 129.87 42.09 -41.11
N ASN VD 76 131.11 41.66 -41.33
CA ASN VD 76 131.36 40.48 -42.15
C ASN VD 76 131.32 39.23 -41.31
N LYS VD 77 130.38 38.34 -41.61
CA LYS VD 77 130.26 37.06 -40.93
C LYS VD 77 130.70 35.97 -41.89
N GLN VD 78 131.32 34.92 -41.34
CA GLN VD 78 131.82 33.82 -42.15
C GLN VD 78 130.84 32.66 -42.06
N VAL VD 79 130.04 32.49 -43.12
CA VAL VD 79 129.26 31.28 -43.29
C VAL VD 79 130.18 30.26 -43.94
N LYS VD 80 129.84 28.97 -43.82
CA LYS VD 80 130.73 27.86 -44.14
C LYS VD 80 131.60 28.11 -45.36
N GLY VD 81 131.00 28.55 -46.46
CA GLY VD 81 131.75 28.68 -47.69
C GLY VD 81 132.16 30.10 -48.05
N LYS VD 82 131.26 31.05 -47.85
CA LYS VD 82 131.47 32.40 -48.35
C LYS VD 82 131.30 33.41 -47.24
N ILE VD 83 131.77 34.63 -47.50
CA ILE VD 83 131.62 35.76 -46.59
C ILE VD 83 130.50 36.63 -47.12
N LEU VD 84 129.61 37.06 -46.23
CA LEU VD 84 128.60 38.04 -46.60
C LEU VD 84 128.44 39.04 -45.47
N ALA VD 85 128.15 40.28 -45.84
CA ALA VD 85 128.07 41.38 -44.89
C ALA VD 85 126.67 41.40 -44.29
N LYS VD 86 126.57 41.02 -43.03
CA LYS VD 86 125.29 41.06 -42.33
C LYS VD 86 125.05 42.45 -41.75
N ARG VD 87 123.80 42.89 -41.84
CA ARG VD 87 123.36 44.14 -41.22
C ARG VD 87 122.63 43.79 -39.94
N ILE VD 88 123.08 44.35 -38.82
CA ILE VD 88 122.48 44.07 -37.53
C ILE VD 88 122.19 45.39 -36.82
N ASN VD 89 121.23 45.34 -35.92
CA ASN VD 89 120.85 46.47 -35.08
C ASN VD 89 121.24 46.16 -33.65
N VAL VD 90 122.14 46.96 -33.08
CA VAL VD 90 122.70 46.70 -31.76
C VAL VD 90 122.56 47.96 -30.91
N ARG VD 91 122.04 47.80 -29.70
CA ARG VD 91 121.98 48.92 -28.79
C ARG VD 91 123.38 49.31 -28.33
N ILE VD 92 123.57 50.61 -28.10
CA ILE VD 92 124.91 51.18 -27.98
C ILE VD 92 125.66 50.74 -26.74
N GLU VD 93 125.02 50.00 -25.84
CA GLU VD 93 125.75 49.47 -24.69
C GLU VD 93 126.80 48.45 -25.12
N HIS VD 94 126.47 47.63 -26.11
CA HIS VD 94 127.29 46.50 -26.50
C HIS VD 94 128.42 46.87 -27.45
N ILE VD 95 128.53 48.15 -27.81
CA ILE VD 95 129.53 48.59 -28.78
C ILE VD 95 130.45 49.60 -28.12
N LYS VD 96 131.61 49.80 -28.74
CA LYS VD 96 132.51 50.87 -28.37
C LYS VD 96 133.36 51.20 -29.58
N HIS VD 97 133.78 52.46 -29.65
CA HIS VD 97 134.52 52.94 -30.82
C HIS VD 97 135.80 52.13 -31.01
N SER VD 98 136.08 51.77 -32.25
CA SER VD 98 137.26 50.98 -32.57
C SER VD 98 138.48 51.90 -32.68
N LYS VD 99 139.43 51.74 -31.78
CA LYS VD 99 140.57 52.63 -31.73
C LYS VD 99 141.53 52.44 -32.89
N SER VD 100 141.51 51.27 -33.55
CA SER VD 100 142.44 51.05 -34.67
C SER VD 100 142.25 52.10 -35.74
N ARG VD 101 141.00 52.38 -36.11
CA ARG VD 101 140.73 53.45 -37.05
C ARG VD 101 141.18 54.79 -36.49
N ASP VD 102 140.95 55.01 -35.20
CA ASP VD 102 141.37 56.26 -34.58
C ASP VD 102 142.88 56.41 -34.61
N SER VD 103 143.61 55.30 -34.45
CA SER VD 103 145.05 55.36 -34.62
C SER VD 103 145.43 55.76 -36.04
N PHE VD 104 144.70 55.22 -37.03
CA PHE VD 104 145.03 55.52 -38.42
C PHE VD 104 144.76 56.97 -38.76
N LEU VD 105 143.56 57.47 -38.46
CA LEU VD 105 143.22 58.83 -38.87
C LEU VD 105 144.07 59.86 -38.14
N LYS VD 106 144.57 59.49 -36.96
CA LYS VD 106 145.58 60.33 -36.32
C LYS VD 106 146.87 60.32 -37.12
N ARG VD 107 147.27 59.16 -37.63
CA ARG VD 107 148.48 59.09 -38.45
C ARG VD 107 148.33 59.87 -39.74
N VAL VD 108 147.19 59.74 -40.42
CA VAL VD 108 147.02 60.40 -41.71
C VAL VD 108 147.06 61.91 -41.56
N LYS VD 109 146.60 62.41 -40.41
CA LYS VD 109 146.71 63.83 -40.14
C LYS VD 109 148.16 64.26 -40.11
N GLU VD 110 149.01 63.48 -39.44
CA GLU VD 110 150.44 63.74 -39.48
C GLU VD 110 150.99 63.59 -40.89
N ASN VD 111 150.50 62.61 -41.63
CA ASN VD 111 150.97 62.38 -42.99
C ASN VD 111 150.74 63.62 -43.86
N ASP VD 112 149.56 64.22 -43.75
CA ASP VD 112 149.32 65.49 -44.42
C ASP VD 112 150.21 66.59 -43.84
N GLN VD 113 150.38 66.60 -42.51
CA GLN VD 113 151.16 67.66 -41.88
C GLN VD 113 152.62 67.61 -42.32
N LYS VD 114 153.21 66.42 -42.37
CA LYS VD 114 154.61 66.33 -42.75
C LYS VD 114 154.80 66.56 -44.24
N LYS VD 115 153.82 66.19 -45.06
CA LYS VD 115 153.89 66.50 -46.48
C LYS VD 115 153.91 68.01 -46.70
N LYS VD 116 152.98 68.72 -46.07
CA LYS VD 116 152.93 70.17 -46.25
C LYS VD 116 154.16 70.84 -45.63
N GLU VD 117 154.63 70.33 -44.49
CA GLU VD 117 155.84 70.89 -43.89
C GLU VD 117 157.04 70.66 -44.78
N ALA VD 118 157.17 69.46 -45.36
CA ALA VD 118 158.29 69.20 -46.26
C ALA VD 118 158.19 70.03 -47.53
N LYS VD 119 156.98 70.21 -48.06
CA LYS VD 119 156.80 70.96 -49.29
C LYS VD 119 157.22 72.42 -49.11
N GLU VD 120 156.81 73.05 -48.02
CA GLU VD 120 157.22 74.43 -47.78
C GLU VD 120 158.70 74.50 -47.43
N LYS VD 121 159.16 73.60 -46.57
CA LYS VD 121 160.57 73.63 -46.17
C LYS VD 121 161.49 73.17 -47.30
N GLY VD 122 161.08 72.14 -48.03
CA GLY VD 122 161.78 71.79 -49.25
C GLY VD 122 162.27 70.36 -49.42
N THR VD 123 162.85 69.76 -48.38
CA THR VD 123 163.48 68.45 -48.56
C THR VD 123 162.41 67.35 -48.48
N TRP VD 124 162.87 66.10 -48.53
CA TRP VD 124 162.01 64.93 -48.63
C TRP VD 124 161.87 64.30 -47.26
N VAL VD 125 160.65 63.83 -46.95
CA VAL VD 125 160.35 63.23 -45.66
C VAL VD 125 159.76 61.85 -45.90
N GLN VD 126 159.94 60.97 -44.92
CA GLN VD 126 159.46 59.60 -45.00
C GLN VD 126 158.11 59.46 -44.32
N LEU VD 127 157.20 58.73 -44.96
CA LEU VD 127 155.85 58.54 -44.46
C LEU VD 127 155.40 57.09 -44.43
N LYS VD 128 155.93 56.23 -45.31
CA LYS VD 128 155.59 54.82 -45.27
C LYS VD 128 156.37 54.13 -44.16
N ARG VD 129 155.66 53.45 -43.26
CA ARG VD 129 156.30 52.81 -42.12
C ARG VD 129 157.09 51.61 -42.61
N GLN VD 130 158.37 51.57 -42.24
CA GLN VD 130 159.22 50.47 -42.64
C GLN VD 130 159.17 49.35 -41.61
N PRO VD 131 159.25 48.09 -42.05
CA PRO VD 131 158.98 46.95 -41.17
C PRO VD 131 160.16 46.45 -40.32
N ALA VD 132 160.53 47.27 -39.33
CA ALA VD 132 161.46 46.87 -38.28
C ALA VD 132 162.75 46.30 -38.86
N PRO VD 133 163.63 47.14 -39.40
CA PRO VD 133 164.78 46.65 -40.16
C PRO VD 133 165.78 45.93 -39.26
N PRO VD 134 166.85 45.37 -39.84
CA PRO VD 134 167.91 44.76 -39.02
C PRO VD 134 168.63 45.78 -38.16
N ARG VD 135 169.70 45.37 -37.47
CA ARG VD 135 170.06 46.04 -36.22
C ARG VD 135 171.38 46.82 -36.23
N GLU VD 136 171.62 47.64 -37.26
CA GLU VD 136 172.50 48.82 -37.18
C GLU VD 136 173.80 48.59 -36.40
N ALA VD 137 174.75 47.84 -36.99
CA ALA VD 137 176.02 47.49 -36.35
C ALA VD 137 176.56 48.57 -35.42
N HIS VD 138 176.88 48.20 -34.19
CA HIS VD 138 177.26 49.16 -33.17
C HIS VD 138 178.34 48.54 -32.30
N PHE VD 139 178.57 49.14 -31.13
CA PHE VD 139 179.64 48.75 -30.23
C PHE VD 139 179.07 48.29 -28.89
N VAL VD 140 179.79 47.42 -28.22
CA VAL VD 140 179.50 47.01 -26.85
C VAL VD 140 180.76 47.22 -26.02
N ARG VD 141 180.71 48.18 -25.10
CA ARG VD 141 181.89 48.51 -24.31
C ARG VD 141 181.98 47.61 -23.08
N THR VD 142 183.22 47.31 -22.68
CA THR VD 142 183.44 46.49 -21.50
C THR VD 142 183.53 47.32 -20.22
N ASN VD 143 183.97 48.58 -20.32
CA ASN VD 143 184.09 49.47 -19.17
C ASN VD 143 184.97 48.85 -18.08
N GLY VD 144 186.01 48.15 -18.50
CA GLY VD 144 186.94 47.55 -17.57
C GLY VD 144 186.37 46.40 -16.78
N LYS VD 145 185.25 45.83 -17.21
CA LYS VD 145 184.60 44.73 -16.52
C LYS VD 145 184.52 43.53 -17.46
N GLU VD 146 185.07 42.40 -17.03
CA GLU VD 146 185.05 41.21 -17.84
C GLU VD 146 183.66 40.59 -17.81
N PRO VD 147 183.25 39.90 -18.88
CA PRO VD 147 181.94 39.23 -18.86
C PRO VD 147 181.96 38.05 -17.90
N GLU VD 148 180.92 37.96 -17.08
CA GLU VD 148 180.83 36.88 -16.11
C GLU VD 148 180.70 35.54 -16.83
N LEU VD 149 181.37 34.52 -16.29
CA LEU VD 149 181.29 33.18 -16.86
C LEU VD 149 180.01 32.50 -16.38
N LEU VD 150 179.35 31.80 -17.29
CA LEU VD 150 178.16 31.04 -16.97
C LEU VD 150 178.39 29.56 -17.19
N GLU VD 151 177.91 28.75 -16.26
CA GLU VD 151 177.97 27.31 -16.40
C GLU VD 151 176.60 26.79 -16.01
N PRO VD 152 176.07 25.80 -16.74
CA PRO VD 152 174.78 25.23 -16.35
C PRO VD 152 174.83 24.67 -14.95
N ILE VD 153 173.74 24.84 -14.21
CA ILE VD 153 173.69 24.44 -12.82
C ILE VD 153 173.66 22.91 -12.76
N PRO VD 154 174.29 22.30 -11.78
CA PRO VD 154 174.17 20.84 -11.64
C PRO VD 154 172.82 20.46 -11.08
N TYR VD 155 172.36 19.28 -11.46
CA TYR VD 155 171.05 18.80 -11.07
C TYR VD 155 170.97 18.58 -9.57
N GLU VD 156 169.79 18.78 -9.02
CA GLU VD 156 169.48 18.33 -7.66
C GLU VD 156 167.96 18.24 -7.57
N PHE VD 157 167.47 17.16 -6.96
CA PHE VD 157 166.04 16.89 -6.86
C PHE VD 157 165.42 17.84 -5.85
N MET VD 158 164.60 18.79 -6.34
CA MET VD 158 163.83 19.62 -5.42
C MET VD 158 162.86 18.78 -4.60
N ALA VD 159 161.82 18.26 -5.23
CA ALA VD 159 160.74 17.56 -4.55
C ALA VD 159 159.71 17.08 -5.57
N GLN WD 1 88.83 -117.71 -75.56
CA GLN WD 1 89.36 -118.03 -76.87
C GLN WD 1 90.19 -116.87 -77.42
N VAL WD 2 91.40 -116.72 -76.88
CA VAL WD 2 92.32 -115.65 -77.26
C VAL WD 2 93.43 -116.25 -78.09
N LEU WD 3 93.13 -117.35 -78.77
CA LEU WD 3 94.13 -118.09 -79.54
C LEU WD 3 94.44 -117.35 -80.84
N LYS WD 4 95.30 -117.95 -81.66
CA LYS WD 4 95.62 -117.49 -83.01
C LYS WD 4 96.22 -116.08 -82.99
N PHE WD 5 97.35 -115.98 -82.30
CA PHE WD 5 98.17 -114.76 -82.29
C PHE WD 5 99.44 -115.08 -83.07
N THR WD 6 99.69 -114.36 -84.16
CA THR WD 6 100.82 -114.66 -85.03
C THR WD 6 101.80 -113.51 -85.10
N LEU WD 7 103.07 -113.85 -85.35
CA LEU WD 7 104.21 -112.93 -85.29
C LEU WD 7 105.13 -113.27 -86.46
N ASP WD 8 105.08 -112.47 -87.52
CA ASP WD 8 105.88 -112.76 -88.71
C ASP WD 8 107.25 -112.11 -88.62
N CYS WD 9 108.25 -112.84 -89.12
CA CYS WD 9 109.59 -112.27 -89.33
C CYS WD 9 110.17 -113.02 -90.53
N THR WD 10 110.03 -112.43 -91.71
CA THR WD 10 110.40 -113.12 -92.95
C THR WD 10 111.63 -112.53 -93.60
N HIS WD 11 111.62 -111.23 -93.89
CA HIS WD 11 112.78 -110.60 -94.54
C HIS WD 11 114.08 -110.83 -93.79
N PRO WD 12 114.17 -110.63 -92.48
CA PRO WD 12 115.45 -110.85 -91.81
C PRO WD 12 115.88 -112.31 -91.76
N VAL WD 13 114.93 -113.24 -91.72
CA VAL WD 13 115.31 -114.63 -91.64
C VAL WD 13 115.69 -115.18 -93.01
N GLU WD 14 115.17 -114.59 -94.08
CA GLU WD 14 115.56 -115.06 -95.41
C GLU WD 14 116.86 -114.44 -95.87
N ASP WD 15 117.23 -113.28 -95.32
CA ASP WD 15 118.56 -112.73 -95.56
C ASP WD 15 119.56 -113.16 -94.50
N GLY WD 16 119.15 -114.00 -93.56
CA GLY WD 16 120.06 -114.61 -92.62
C GLY WD 16 120.52 -113.73 -91.48
N ILE WD 17 119.98 -112.51 -91.38
CA ILE WD 17 120.41 -111.61 -90.30
C ILE WD 17 119.95 -112.16 -88.95
N MET WD 18 118.89 -112.96 -88.94
CA MET WD 18 118.36 -113.54 -87.71
C MET WD 18 117.84 -114.95 -87.97
N ASP WD 19 117.69 -115.71 -86.87
CA ASP WD 19 117.29 -117.10 -86.93
C ASP WD 19 115.99 -117.28 -86.16
N ALA WD 20 115.04 -117.97 -86.78
CA ALA WD 20 113.77 -118.25 -86.13
C ALA WD 20 113.88 -119.35 -85.07
N ALA WD 21 114.91 -120.19 -85.16
CA ALA WD 21 115.02 -121.31 -84.23
C ALA WD 21 115.23 -120.82 -82.79
N ASN WD 22 116.28 -120.05 -82.55
CA ASN WD 22 116.50 -119.53 -81.21
C ASN WD 22 115.43 -118.52 -80.80
N PHE WD 23 114.69 -117.99 -81.77
CA PHE WD 23 113.52 -117.19 -81.43
C PHE WD 23 112.50 -118.02 -80.66
N GLU WD 24 112.20 -119.21 -81.15
CA GLU WD 24 111.23 -120.07 -80.46
C GLU WD 24 111.70 -120.36 -79.04
N GLN WD 25 112.96 -120.78 -78.89
CA GLN WD 25 113.50 -121.01 -77.56
C GLN WD 25 113.65 -119.73 -76.77
N PHE WD 26 113.63 -118.56 -77.44
CA PHE WD 26 113.68 -117.30 -76.72
C PHE WD 26 112.36 -117.03 -75.99
N LEU WD 27 111.24 -117.37 -76.63
CA LEU WD 27 109.94 -117.30 -75.98
C LEU WD 27 109.53 -118.61 -75.34
N GLN WD 28 110.40 -119.63 -75.38
CA GLN WD 28 110.11 -120.88 -74.70
C GLN WD 28 110.17 -120.71 -73.18
N GLU WD 29 110.80 -119.65 -72.70
CA GLU WD 29 110.82 -119.37 -71.27
C GLU WD 29 110.41 -117.96 -70.90
N ARG WD 30 110.49 -116.98 -71.80
CA ARG WD 30 110.23 -115.59 -71.43
C ARG WD 30 108.78 -115.19 -71.67
N ILE WD 31 107.85 -115.99 -71.17
CA ILE WD 31 106.43 -115.64 -71.14
C ILE WD 31 105.96 -115.81 -69.71
N LYS WD 32 105.32 -114.78 -69.16
CA LYS WD 32 104.88 -114.80 -67.77
C LYS WD 32 103.37 -114.94 -67.72
N VAL WD 33 102.89 -116.18 -67.63
CA VAL WD 33 101.49 -116.45 -67.37
C VAL WD 33 101.29 -116.45 -65.86
N ASN WD 34 100.31 -115.68 -65.39
CA ASN WD 34 100.18 -115.38 -63.96
C ASN WD 34 101.48 -114.76 -63.46
N GLY WD 35 102.16 -114.05 -64.35
CA GLY WD 35 103.40 -113.39 -64.02
C GLY WD 35 104.59 -114.30 -63.84
N LYS WD 36 104.47 -115.58 -64.21
CA LYS WD 36 105.53 -116.55 -64.00
C LYS WD 36 106.10 -117.03 -65.32
N ALA WD 37 107.42 -116.92 -65.47
CA ALA WD 37 108.11 -117.32 -66.68
C ALA WD 37 108.57 -118.77 -66.57
N GLY WD 38 108.97 -119.32 -67.71
CA GLY WD 38 109.39 -120.71 -67.76
C GLY WD 38 108.22 -121.67 -67.90
N ASN WD 39 108.38 -122.66 -68.77
CA ASN WD 39 107.41 -123.75 -68.99
C ASN WD 39 106.06 -123.25 -69.46
N LEU WD 40 105.94 -121.95 -69.76
CA LEU WD 40 104.72 -121.36 -70.32
C LEU WD 40 103.51 -121.59 -69.42
N GLY WD 41 103.73 -121.81 -68.12
CA GLY WD 41 102.64 -122.17 -67.25
C GLY WD 41 102.28 -123.64 -67.39
N GLY WD 42 102.68 -124.24 -68.51
CA GLY WD 42 102.45 -125.63 -68.79
C GLY WD 42 101.29 -125.81 -69.75
N GLY WD 43 101.60 -125.93 -71.04
CA GLY WD 43 100.60 -126.18 -72.06
C GLY WD 43 99.48 -125.16 -72.14
N VAL WD 44 99.52 -124.12 -71.30
CA VAL WD 44 98.48 -123.10 -71.28
C VAL WD 44 98.55 -122.31 -72.58
N VAL WD 45 99.76 -121.90 -72.94
CA VAL WD 45 100.01 -121.20 -74.19
C VAL WD 45 101.07 -121.97 -74.97
N THR WD 46 100.87 -122.09 -76.28
CA THR WD 46 101.71 -122.90 -77.13
C THR WD 46 102.45 -122.01 -78.13
N ILE WD 47 103.66 -122.41 -78.48
CA ILE WD 47 104.45 -121.73 -79.50
C ILE WD 47 104.76 -122.74 -80.61
N GLU WD 48 104.51 -122.34 -81.85
CA GLU WD 48 104.83 -123.15 -83.01
C GLU WD 48 105.54 -122.27 -84.04
N ARG WD 49 106.08 -122.92 -85.06
CA ARG WD 49 106.86 -122.20 -86.06
C ARG WD 49 106.66 -122.85 -87.42
N SER WD 50 106.03 -122.13 -88.34
CA SER WD 50 105.98 -122.56 -89.73
C SER WD 50 107.14 -121.97 -90.52
N LYS WD 51 108.33 -122.08 -89.93
CA LYS WD 51 109.63 -121.83 -90.54
C LYS WD 51 109.85 -120.34 -90.85
N SER WD 52 108.80 -119.53 -90.78
CA SER WD 52 108.96 -118.08 -90.89
C SER WD 52 107.98 -117.31 -90.02
N LYS WD 53 107.16 -117.97 -89.22
CA LYS WD 53 105.97 -117.35 -88.65
C LYS WD 53 105.64 -118.04 -87.34
N ILE WD 54 105.58 -117.27 -86.26
CA ILE WD 54 105.30 -117.79 -84.93
C ILE WD 54 103.81 -117.61 -84.67
N THR WD 55 103.19 -118.60 -84.02
CA THR WD 55 101.81 -118.50 -83.58
C THR WD 55 101.74 -118.75 -82.08
N VAL WD 56 100.94 -117.96 -81.39
CA VAL WD 56 100.95 -117.94 -79.94
C VAL WD 56 99.57 -118.31 -79.40
N THR WD 57 98.90 -119.25 -80.07
CA THR WD 57 97.59 -119.73 -79.64
C THR WD 57 97.56 -119.95 -78.13
N SER WD 58 96.66 -119.22 -77.46
CA SER WD 58 96.61 -119.22 -76.01
C SER WD 58 95.17 -119.34 -75.54
N GLU WD 59 95.00 -119.89 -74.34
CA GLU WD 59 93.70 -120.03 -73.70
C GLU WD 59 93.55 -119.09 -72.51
N VAL WD 60 94.27 -117.98 -72.54
CA VAL WD 60 94.31 -117.03 -71.43
C VAL WD 60 94.19 -115.63 -72.01
N PRO WD 61 93.70 -114.63 -71.25
CA PRO WD 61 93.55 -113.28 -71.80
C PRO WD 61 94.85 -112.62 -72.25
N PHE WD 62 95.95 -113.39 -72.23
CA PHE WD 62 97.25 -112.96 -72.73
C PHE WD 62 97.11 -112.06 -73.95
N SER WD 63 97.76 -110.90 -73.90
CA SER WD 63 97.48 -109.78 -74.79
C SER WD 63 98.23 -109.93 -76.12
N LYS WD 64 98.11 -108.90 -76.94
CA LYS WD 64 98.88 -108.78 -78.17
C LYS WD 64 100.13 -107.96 -77.98
N ARG WD 65 100.02 -106.85 -77.23
CA ARG WD 65 101.18 -106.00 -76.99
C ARG WD 65 102.29 -106.71 -76.23
N TYR WD 66 101.98 -107.83 -75.58
CA TYR WD 66 103.03 -108.64 -74.97
C TYR WD 66 104.07 -109.02 -76.00
N LEU WD 67 103.63 -109.46 -77.17
CA LEU WD 67 104.56 -109.95 -78.18
C LEU WD 67 105.53 -108.85 -78.59
N LYS WD 68 105.02 -107.64 -78.81
CA LYS WD 68 105.90 -106.53 -79.13
C LYS WD 68 106.96 -106.34 -78.07
N TYR WD 69 106.60 -106.58 -76.80
CA TYR WD 69 107.51 -106.30 -75.70
C TYR WD 69 108.70 -107.24 -75.72
N LEU WD 70 108.48 -108.55 -75.86
CA LEU WD 70 109.59 -109.46 -76.00
C LEU WD 70 110.35 -109.19 -77.29
N THR WD 71 109.63 -108.98 -78.39
CA THR WD 71 110.29 -108.75 -79.66
C THR WD 71 111.20 -107.53 -79.58
N LYS WD 72 110.70 -106.41 -79.04
CA LYS WD 72 111.57 -105.30 -78.74
C LYS WD 72 112.74 -105.74 -77.88
N LYS WD 73 112.45 -106.47 -76.80
CA LYS WD 73 113.52 -106.98 -75.94
C LYS WD 73 114.39 -107.98 -76.68
N TYR WD 74 113.87 -108.56 -77.77
CA TYR WD 74 114.67 -109.51 -78.53
C TYR WD 74 115.74 -108.81 -79.34
N LEU WD 75 115.35 -107.94 -80.27
CA LEU WD 75 116.34 -107.30 -81.13
C LEU WD 75 117.38 -106.54 -80.34
N LYS WD 76 116.95 -105.83 -79.29
CA LYS WD 76 117.91 -105.09 -78.48
C LYS WD 76 118.94 -106.01 -77.85
N LYS WD 77 118.54 -107.23 -77.49
CA LYS WD 77 119.48 -108.18 -76.90
C LYS WD 77 120.60 -108.52 -77.86
N ASN WD 78 120.26 -108.82 -79.12
CA ASN WD 78 121.24 -109.21 -80.11
C ASN WD 78 121.53 -108.09 -81.11
N ASN WD 79 121.09 -106.86 -80.80
CA ASN WD 79 121.54 -105.66 -81.49
C ASN WD 79 121.07 -105.61 -82.94
N LEU WD 80 119.78 -105.85 -83.12
CA LEU WD 80 119.13 -105.64 -84.41
C LEU WD 80 118.04 -104.57 -84.36
N ARG WD 81 117.79 -103.96 -83.20
CA ARG WD 81 116.78 -102.90 -83.11
C ARG WD 81 117.35 -101.59 -83.61
N ASP WD 82 117.98 -101.65 -84.78
CA ASP WD 82 118.37 -100.47 -85.53
C ASP WD 82 118.05 -100.59 -87.00
N TRP WD 83 118.01 -101.80 -87.56
CA TRP WD 83 117.60 -102.03 -88.94
C TRP WD 83 116.27 -102.76 -89.07
N LEU WD 84 115.61 -103.07 -87.96
CA LEU WD 84 114.30 -103.69 -87.99
C LEU WD 84 113.29 -102.89 -87.19
N ARG WD 85 112.06 -102.84 -87.69
CA ARG WD 85 110.99 -102.07 -87.06
C ARG WD 85 109.74 -102.93 -87.07
N VAL WD 86 109.45 -103.55 -85.93
CA VAL WD 86 108.35 -104.50 -85.82
C VAL WD 86 107.04 -103.73 -85.86
N VAL WD 87 106.18 -104.06 -86.81
CA VAL WD 87 104.93 -103.33 -87.00
C VAL WD 87 103.81 -104.32 -87.31
N ALA WD 88 102.69 -104.14 -86.62
CA ALA WD 88 101.50 -104.94 -86.88
C ALA WD 88 100.97 -104.68 -88.28
N ASN WD 89 100.44 -105.72 -88.91
CA ASN WD 89 99.85 -105.61 -90.25
C ASN WD 89 98.36 -105.84 -90.25
N SER WD 90 97.83 -106.58 -89.29
CA SER WD 90 96.40 -106.80 -89.13
C SER WD 90 96.16 -107.32 -87.73
N LYS WD 91 94.89 -107.44 -87.36
CA LYS WD 91 94.54 -107.99 -86.06
C LYS WD 91 95.04 -109.42 -85.96
N GLU WD 92 95.35 -109.83 -84.73
CA GLU WD 92 96.05 -111.07 -84.40
C GLU WD 92 97.13 -111.42 -85.43
N SER WD 93 97.84 -110.40 -85.91
CA SER WD 93 98.99 -110.56 -86.78
C SER WD 93 100.01 -109.49 -86.42
N TYR WD 94 101.28 -109.80 -86.58
CA TYR WD 94 102.30 -108.85 -86.13
C TYR WD 94 103.55 -109.07 -86.96
N GLU WD 95 103.76 -108.23 -87.98
CA GLU WD 95 104.85 -108.41 -88.94
C GLU WD 95 106.09 -107.65 -88.47
N LEU WD 96 107.26 -108.06 -88.96
CA LEU WD 96 108.52 -107.41 -88.57
C LEU WD 96 109.24 -107.06 -89.86
N ARG WD 97 109.16 -105.81 -90.26
CA ARG WD 97 109.68 -105.36 -91.54
C ARG WD 97 110.87 -104.44 -91.36
N TYR WD 98 111.52 -104.11 -92.47
CA TYR WD 98 112.71 -103.28 -92.49
C TYR WD 98 112.34 -101.83 -92.21
N PHE WD 99 113.36 -100.99 -92.10
CA PHE WD 99 113.15 -99.55 -91.95
C PHE WD 99 112.94 -98.90 -93.32
N GLN WD 100 112.95 -97.56 -93.33
CA GLN WD 100 112.94 -96.81 -94.56
C GLN WD 100 114.20 -97.09 -95.37
N ILE WD 101 114.04 -97.25 -96.67
CA ILE WD 101 115.18 -97.50 -97.54
C ILE WD 101 115.54 -96.21 -98.28
N SER XD 1 160.43 -69.16 -8.29
CA SER XD 1 159.00 -68.91 -8.27
C SER XD 1 158.31 -69.52 -9.47
N GLY XD 2 158.33 -68.80 -10.58
CA GLY XD 2 157.72 -69.25 -11.81
C GLY XD 2 156.37 -68.60 -12.06
N ALA XD 3 156.36 -67.56 -12.89
CA ALA XD 3 155.11 -66.89 -13.21
C ALA XD 3 154.34 -67.68 -14.26
N LYS XD 4 153.01 -67.53 -14.22
CA LYS XD 4 152.17 -68.24 -15.16
C LYS XD 4 152.38 -67.74 -16.58
N PHE XD 5 152.10 -68.60 -17.54
CA PHE XD 5 152.31 -68.28 -18.95
C PHE XD 5 151.05 -67.67 -19.55
N ARG XD 6 151.26 -66.91 -20.63
CA ARG XD 6 150.14 -66.29 -21.32
C ARG XD 6 149.23 -67.37 -21.89
N ILE XD 7 147.92 -67.22 -21.65
CA ILE XD 7 146.94 -68.20 -22.07
C ILE XD 7 145.80 -67.48 -22.77
N SER XD 8 145.12 -68.21 -23.65
CA SER XD 8 143.93 -67.67 -24.27
C SER XD 8 142.89 -67.38 -23.21
N LEU XD 9 142.35 -66.17 -23.23
CA LEU XD 9 141.45 -65.74 -22.17
C LEU XD 9 140.04 -66.30 -22.38
N GLY XD 10 139.39 -65.88 -23.46
CA GLY XD 10 138.07 -66.40 -23.76
C GLY XD 10 137.04 -66.17 -22.67
N LEU XD 11 137.15 -65.06 -21.95
CA LEU XD 11 136.16 -64.70 -20.93
C LEU XD 11 136.13 -63.19 -20.80
N PRO XD 12 135.41 -62.51 -21.70
CA PRO XD 12 135.29 -61.05 -21.60
C PRO XD 12 134.49 -60.62 -20.39
N VAL XD 13 134.29 -59.31 -20.26
CA VAL XD 13 133.60 -58.77 -19.09
C VAL XD 13 132.21 -59.35 -18.93
N GLY XD 14 131.42 -59.35 -20.00
CA GLY XD 14 130.04 -59.74 -19.87
C GLY XD 14 129.81 -61.20 -19.55
N ALA XD 15 130.84 -62.02 -19.60
CA ALA XD 15 130.68 -63.45 -19.35
C ALA XD 15 130.19 -63.70 -17.93
N VAL XD 16 129.21 -64.59 -17.81
CA VAL XD 16 128.70 -65.04 -16.53
C VAL XD 16 128.99 -66.53 -16.42
N ILE XD 17 129.58 -66.93 -15.30
CA ILE XD 17 130.01 -68.31 -15.10
C ILE XD 17 129.37 -68.84 -13.82
N ASN XD 18 129.11 -70.14 -13.80
CA ASN XD 18 128.47 -70.75 -12.66
C ASN XD 18 129.46 -70.90 -11.52
N CYS XD 19 129.00 -70.61 -10.31
CA CYS XD 19 129.83 -70.80 -9.12
C CYS XD 19 130.10 -72.29 -8.94
N ALA XD 20 131.31 -72.61 -8.48
CA ALA XD 20 131.73 -74.00 -8.33
C ALA XD 20 131.89 -74.40 -6.87
N ASP XD 21 131.46 -73.56 -5.95
CA ASP XD 21 131.64 -73.82 -4.53
C ASP XD 21 130.29 -73.94 -3.83
N ASN XD 22 130.33 -74.02 -2.50
CA ASN XD 22 129.14 -74.18 -1.67
C ASN XD 22 128.79 -72.91 -0.92
N THR XD 23 129.21 -71.76 -1.44
CA THR XD 23 128.90 -70.49 -0.80
C THR XD 23 127.43 -70.10 -0.92
N GLY XD 24 126.66 -70.82 -1.73
CA GLY XD 24 125.30 -70.45 -2.02
C GLY XD 24 125.12 -69.69 -3.32
N ALA XD 25 126.21 -69.18 -3.89
CA ALA XD 25 126.13 -68.54 -5.19
C ALA XD 25 125.97 -69.60 -6.27
N LYS XD 26 125.25 -69.24 -7.33
CA LYS XD 26 125.08 -70.11 -8.49
C LYS XD 26 125.56 -69.48 -9.78
N ASN XD 27 125.82 -68.18 -9.80
CA ASN XD 27 126.27 -67.50 -11.01
C ASN XD 27 127.25 -66.40 -10.62
N LEU XD 28 128.33 -66.31 -11.38
CA LEU XD 28 129.32 -65.25 -11.22
C LEU XD 28 129.37 -64.46 -12.52
N TYR XD 29 129.01 -63.19 -12.45
CA TYR XD 29 128.99 -62.31 -13.61
C TYR XD 29 130.19 -61.38 -13.54
N ILE XD 30 131.18 -61.63 -14.40
CA ILE XD 30 132.40 -60.83 -14.40
C ILE XD 30 132.06 -59.37 -14.66
N ILE XD 31 132.80 -58.48 -14.00
CA ILE XD 31 132.75 -57.06 -14.33
C ILE XD 31 134.10 -56.46 -14.64
N SER XD 32 135.20 -57.07 -14.22
CA SER XD 32 136.54 -56.60 -14.56
C SER XD 32 137.56 -57.61 -14.05
N VAL XD 33 138.75 -57.55 -14.65
CA VAL XD 33 139.82 -58.49 -14.36
C VAL XD 33 140.95 -57.73 -13.69
N LYS XD 34 141.43 -58.25 -12.56
CA LYS XD 34 142.54 -57.60 -11.88
C LYS XD 34 143.80 -57.66 -12.73
N GLY XD 35 144.59 -56.60 -12.69
CA GLY XD 35 145.85 -56.56 -13.39
C GLY XD 35 145.78 -56.22 -14.86
N ILE XD 36 144.60 -55.86 -15.37
CA ILE XD 36 144.46 -55.49 -16.77
C ILE XD 36 144.58 -53.98 -16.90
N LYS XD 37 145.55 -53.53 -17.69
CA LYS XD 37 145.64 -52.11 -18.00
C LYS XD 37 144.57 -51.70 -18.99
N GLY XD 38 144.56 -52.32 -20.16
CA GLY XD 38 143.50 -52.15 -21.13
C GLY XD 38 144.01 -51.55 -22.43
N ARG XD 39 143.05 -51.37 -23.34
CA ARG XD 39 143.32 -50.78 -24.64
C ARG XD 39 142.02 -50.16 -25.13
N LEU XD 40 142.12 -49.28 -26.12
CA LEU XD 40 140.94 -48.61 -26.62
C LEU XD 40 139.99 -49.62 -27.27
N ASN XD 41 138.77 -49.69 -26.74
CA ASN XD 41 137.69 -50.55 -27.19
C ASN XD 41 137.98 -52.04 -27.02
N ARG XD 42 139.12 -52.42 -26.47
CA ARG XD 42 139.38 -53.83 -26.21
C ARG XD 42 138.73 -54.24 -24.90
N LEU XD 43 137.90 -55.26 -24.95
CA LEU XD 43 137.23 -55.73 -23.75
C LEU XD 43 138.22 -56.42 -22.83
N PRO XD 44 138.31 -56.03 -21.57
CA PRO XD 44 139.13 -56.79 -20.63
C PRO XD 44 138.62 -58.20 -20.48
N ALA XD 45 139.53 -59.16 -20.59
CA ALA XD 45 139.15 -60.56 -20.56
C ALA XD 45 139.96 -61.31 -19.51
N ALA XD 46 139.55 -62.54 -19.23
CA ALA XD 46 140.21 -63.35 -18.23
C ALA XD 46 140.34 -64.79 -18.72
N GLY XD 47 141.33 -65.48 -18.18
CA GLY XD 47 141.47 -66.90 -18.41
C GLY XD 47 141.46 -67.64 -17.08
N VAL XD 48 141.89 -68.89 -17.08
CA VAL XD 48 141.97 -69.63 -15.83
C VAL XD 48 143.12 -69.09 -15.01
N GLY XD 49 142.85 -68.78 -13.74
CA GLY XD 49 143.85 -68.34 -12.80
C GLY XD 49 143.87 -66.86 -12.52
N ASP XD 50 143.02 -66.07 -13.20
CA ASP XD 50 143.00 -64.64 -12.94
C ASP XD 50 141.96 -64.30 -11.88
N MET XD 51 142.34 -63.41 -10.96
CA MET XD 51 141.42 -62.88 -9.97
C MET XD 51 140.49 -61.88 -10.65
N VAL XD 52 139.19 -61.97 -10.35
CA VAL XD 52 138.18 -61.26 -11.10
C VAL XD 52 137.22 -60.56 -10.15
N MET XD 53 136.96 -59.29 -10.44
CA MET XD 53 135.84 -58.58 -9.85
C MET XD 53 134.58 -59.06 -10.53
N ALA XD 54 133.62 -59.55 -9.73
CA ALA XD 54 132.37 -60.05 -10.28
C ALA XD 54 131.29 -59.97 -9.22
N THR XD 55 130.06 -60.11 -9.68
CA THR XD 55 128.89 -60.06 -8.81
C THR XD 55 128.11 -61.36 -8.94
N VAL XD 56 127.33 -61.66 -7.91
CA VAL XD 56 126.44 -62.81 -7.93
C VAL XD 56 125.10 -62.37 -8.49
N LYS XD 57 124.71 -62.96 -9.63
CA LYS XD 57 123.44 -62.61 -10.24
C LYS XD 57 122.29 -63.40 -9.64
N LYS XD 58 122.38 -64.73 -9.66
CA LYS XD 58 121.39 -65.56 -9.02
C LYS XD 58 122.08 -66.45 -7.99
N GLY XD 59 121.44 -66.60 -6.84
CA GLY XD 59 122.01 -67.36 -5.75
C GLY XD 59 121.39 -66.92 -4.44
N LYS XD 60 122.08 -67.24 -3.36
CA LYS XD 60 121.60 -66.90 -2.03
C LYS XD 60 121.56 -65.38 -1.88
N PRO XD 61 120.44 -64.82 -1.38
CA PRO XD 61 120.15 -63.39 -1.62
C PRO XD 61 121.18 -62.41 -1.12
N GLU XD 62 121.73 -62.60 0.07
CA GLU XD 62 122.55 -61.56 0.68
C GLU XD 62 123.91 -61.41 0.01
N LEU XD 63 124.25 -62.28 -0.94
CA LEU XD 63 125.45 -62.12 -1.74
C LEU XD 63 125.15 -61.54 -3.12
N ARG XD 64 123.89 -61.21 -3.41
CA ARG XD 64 123.53 -60.83 -4.77
C ARG XD 64 124.05 -59.44 -5.13
N LYS XD 65 123.60 -58.43 -4.40
CA LYS XD 65 123.85 -57.05 -4.78
C LYS XD 65 125.15 -56.51 -4.21
N LYS XD 66 126.26 -57.19 -4.50
CA LYS XD 66 127.56 -56.81 -3.96
C LYS XD 66 128.63 -57.06 -5.01
N VAL XD 67 129.87 -56.80 -4.63
CA VAL XD 67 131.02 -56.95 -5.53
C VAL XD 67 132.02 -57.85 -4.82
N HIS XD 68 132.17 -59.08 -5.31
CA HIS XD 68 133.23 -59.82 -4.63
C HIS XD 68 134.31 -60.25 -5.61
N PRO XD 69 135.53 -60.41 -5.13
CA PRO XD 69 136.58 -60.98 -5.98
C PRO XD 69 136.29 -62.42 -6.29
N ALA XD 70 136.80 -62.87 -7.44
CA ALA XD 70 136.58 -64.25 -7.87
C ALA XD 70 137.76 -64.69 -8.72
N VAL XD 71 137.93 -66.01 -8.79
CA VAL XD 71 139.02 -66.62 -9.54
C VAL XD 71 138.42 -67.65 -10.48
N VAL XD 72 138.84 -67.62 -11.74
CA VAL XD 72 138.31 -68.52 -12.75
C VAL XD 72 139.11 -69.81 -12.71
N ILE XD 73 138.42 -70.94 -12.63
CA ILE XD 73 139.06 -72.25 -12.58
C ILE XD 73 138.75 -73.10 -13.80
N ARG XD 74 137.59 -72.95 -14.40
CA ARG XD 74 137.21 -73.78 -15.54
C ARG XD 74 136.74 -72.87 -16.65
N GLN XD 75 137.12 -73.22 -17.88
CA GLN XD 75 136.73 -72.43 -19.03
C GLN XD 75 136.58 -73.33 -20.25
N ARG XD 76 135.83 -72.86 -21.23
CA ARG XD 76 135.55 -73.66 -22.42
C ARG XD 76 136.44 -73.30 -23.60
N LYS XD 77 137.19 -72.21 -23.52
CA LYS XD 77 138.10 -71.84 -24.60
C LYS XD 77 139.38 -72.64 -24.46
N SER XD 78 139.65 -73.48 -25.45
CA SER XD 78 140.85 -74.33 -25.42
C SER XD 78 142.10 -73.45 -25.41
N TYR XD 79 143.11 -73.90 -24.68
CA TYR XD 79 144.33 -73.13 -24.54
C TYR XD 79 145.52 -74.07 -24.44
N ARG XD 80 146.67 -73.57 -24.87
CA ARG XD 80 147.91 -74.33 -24.92
C ARG XD 80 148.55 -74.34 -23.53
N ARG XD 81 149.23 -75.44 -23.19
CA ARG XD 81 149.82 -75.61 -21.88
C ARG XD 81 151.32 -75.36 -21.87
N LYS XD 82 151.86 -74.74 -22.93
CA LYS XD 82 153.30 -74.55 -23.10
C LYS XD 82 153.99 -75.91 -23.16
N ASP XD 83 153.18 -76.96 -23.27
CA ASP XD 83 153.62 -78.35 -23.19
C ASP XD 83 153.34 -79.13 -24.47
N GLY XD 84 152.18 -78.91 -25.09
CA GLY XD 84 151.84 -79.59 -26.32
C GLY XD 84 150.38 -79.97 -26.37
N VAL XD 85 149.73 -79.95 -25.23
CA VAL XD 85 148.33 -80.33 -25.13
C VAL XD 85 147.47 -79.08 -25.17
N PHE XD 86 146.29 -79.21 -25.76
CA PHE XD 86 145.28 -78.17 -25.76
C PHE XD 86 144.10 -78.65 -24.94
N LEU XD 87 143.77 -77.92 -23.88
CA LEU XD 87 142.78 -78.34 -22.91
C LEU XD 87 141.68 -77.30 -22.82
N TYR XD 88 140.44 -77.77 -22.83
CA TYR XD 88 139.30 -76.94 -22.43
C TYR XD 88 138.38 -77.80 -21.57
N PHE XD 89 137.63 -77.14 -20.71
CA PHE XD 89 136.74 -77.83 -19.79
C PHE XD 89 135.34 -77.90 -20.36
N GLU XD 90 134.43 -78.47 -19.57
CA GLU XD 90 133.05 -78.60 -20.02
C GLU XD 90 132.31 -77.28 -19.91
N ASP XD 91 132.62 -76.47 -18.90
CA ASP XD 91 131.89 -75.23 -18.66
C ASP XD 91 132.82 -74.22 -18.01
N ASN XD 92 132.41 -72.97 -18.03
CA ASN XD 92 133.14 -71.91 -17.35
C ASN XD 92 132.68 -71.81 -15.91
N ALA XD 93 133.61 -72.02 -14.97
CA ALA XD 93 133.27 -72.01 -13.55
C ALA XD 93 134.33 -71.24 -12.78
N GLY XD 94 133.92 -70.72 -11.62
CA GLY XD 94 134.81 -69.95 -10.78
C GLY XD 94 134.33 -69.99 -9.34
N VAL XD 95 135.16 -69.44 -8.44
CA VAL XD 95 134.85 -69.41 -7.03
C VAL XD 95 135.08 -68.01 -6.48
N ILE XD 96 134.41 -67.73 -5.37
CA ILE XD 96 134.49 -66.44 -4.71
C ILE XD 96 135.61 -66.46 -3.68
N VAL XD 97 136.54 -65.52 -3.82
CA VAL XD 97 137.69 -65.39 -2.92
C VAL XD 97 137.76 -63.96 -2.43
N ASN XD 98 138.61 -63.72 -1.43
CA ASN XD 98 138.88 -62.39 -0.94
C ASN XD 98 140.19 -61.87 -1.56
N ASN XD 99 140.52 -60.63 -1.23
CA ASN XD 99 141.70 -59.99 -1.78
C ASN XD 99 142.97 -60.78 -1.52
N LYS XD 100 143.10 -61.35 -0.32
CA LYS XD 100 144.24 -62.21 -0.02
C LYS XD 100 144.19 -63.54 -0.76
N GLY XD 101 143.08 -63.86 -1.41
CA GLY XD 101 142.93 -65.11 -2.12
C GLY XD 101 142.34 -66.24 -1.32
N GLU XD 102 141.99 -65.99 -0.06
CA GLU XD 102 141.37 -67.03 0.76
C GLU XD 102 139.92 -67.22 0.31
N MET XD 103 139.57 -68.47 -0.02
CA MET XD 103 138.23 -68.74 -0.51
C MET XD 103 137.20 -68.54 0.60
N LYS XD 104 136.09 -67.89 0.25
CA LYS XD 104 135.02 -67.66 1.21
C LYS XD 104 134.29 -68.96 1.54
N GLY XD 105 134.37 -69.96 0.67
CA GLY XD 105 133.66 -71.20 0.85
C GLY XD 105 134.47 -72.24 1.60
N SER XD 106 134.17 -73.50 1.31
CA SER XD 106 134.84 -74.63 1.94
C SER XD 106 135.25 -75.73 0.97
N ALA XD 107 134.62 -75.83 -0.20
CA ALA XD 107 134.94 -76.91 -1.13
C ALA XD 107 134.55 -76.47 -2.53
N ILE XD 108 135.08 -77.17 -3.52
CA ILE XD 108 134.81 -76.89 -4.93
C ILE XD 108 134.36 -78.17 -5.60
N THR XD 109 133.30 -78.08 -6.40
CA THR XD 109 132.82 -79.21 -7.16
C THR XD 109 133.44 -79.19 -8.55
N GLY XD 110 133.73 -80.37 -9.08
CA GLY XD 110 134.27 -80.47 -10.41
C GLY XD 110 135.78 -80.34 -10.45
N PRO XD 111 136.36 -80.47 -11.63
CA PRO XD 111 137.82 -80.43 -11.78
C PRO XD 111 138.34 -79.02 -11.59
N VAL XD 112 139.67 -78.91 -11.59
CA VAL XD 112 140.36 -77.64 -11.39
C VAL XD 112 141.52 -77.55 -12.37
N ALA XD 113 141.64 -76.40 -13.04
CA ALA XD 113 142.78 -76.17 -13.91
C ALA XD 113 144.05 -76.04 -13.08
N LYS XD 114 145.11 -76.69 -13.55
CA LYS XD 114 146.35 -76.75 -12.78
C LYS XD 114 146.92 -75.35 -12.58
N GLU XD 115 146.93 -74.52 -13.62
CA GLU XD 115 147.47 -73.18 -13.51
C GLU XD 115 146.76 -72.40 -12.40
N CYS XD 116 145.44 -72.52 -12.32
CA CYS XD 116 144.73 -71.90 -11.21
C CYS XD 116 145.16 -72.50 -9.88
N ALA XD 117 145.36 -73.82 -9.83
CA ALA XD 117 145.69 -74.48 -8.57
C ALA XD 117 147.04 -74.01 -8.04
N ASP XD 118 148.08 -74.07 -8.86
CA ASP XD 118 149.41 -73.68 -8.39
C ASP XD 118 149.53 -72.19 -8.17
N LEU XD 119 148.65 -71.38 -8.77
CA LEU XD 119 148.68 -69.95 -8.51
C LEU XD 119 148.11 -69.62 -7.13
N TRP XD 120 147.04 -70.30 -6.74
CA TRP XD 120 146.40 -70.06 -5.44
C TRP XD 120 146.46 -71.34 -4.61
N PRO XD 121 147.41 -71.45 -3.67
CA PRO XD 121 147.54 -72.70 -2.92
C PRO XD 121 146.30 -73.08 -2.15
N ARG XD 122 145.60 -72.12 -1.54
CA ARG XD 122 144.41 -72.48 -0.77
C ARG XD 122 143.32 -73.03 -1.67
N ILE XD 123 143.16 -72.47 -2.86
CA ILE XD 123 142.20 -73.03 -3.82
C ILE XD 123 142.60 -74.46 -4.15
N ALA XD 124 143.88 -74.69 -4.44
CA ALA XD 124 144.35 -76.04 -4.69
C ALA XD 124 144.18 -76.95 -3.48
N SER XD 125 144.22 -76.39 -2.27
CA SER XD 125 144.11 -77.22 -1.08
C SER XD 125 142.77 -77.93 -1.03
N ASN XD 126 141.69 -77.24 -1.40
CA ASN XD 126 140.36 -77.83 -1.39
C ASN XD 126 139.95 -78.34 -2.76
N ALA XD 127 140.85 -78.30 -3.74
CA ALA XD 127 140.50 -78.72 -5.10
C ALA XD 127 140.23 -80.21 -5.12
N GLY XD 128 139.08 -80.59 -5.69
CA GLY XD 128 138.73 -82.00 -5.79
C GLY XD 128 139.65 -82.77 -6.69
N SER XD 129 139.98 -82.21 -7.85
CA SER XD 129 140.82 -82.89 -8.82
C SER XD 129 141.50 -81.85 -9.70
N ILE XD 130 142.74 -82.14 -10.08
CA ILE XD 130 143.57 -81.22 -10.85
C ILE XD 130 143.57 -81.68 -12.30
N ALA XD 131 143.35 -80.75 -13.22
CA ALA XD 131 143.38 -81.05 -14.65
C ALA XD 131 144.25 -80.05 -15.40
N LYS YD 1 24.70 -30.80 -76.55
CA LYS YD 1 23.55 -31.43 -77.18
C LYS YD 1 23.40 -30.95 -78.62
N LYS YD 2 23.89 -31.74 -79.57
CA LYS YD 2 24.53 -33.03 -79.33
C LYS YD 2 26.02 -32.86 -79.07
N LYS YD 3 26.52 -31.63 -79.19
CA LYS YD 3 27.91 -31.36 -78.84
C LYS YD 3 28.08 -31.45 -77.34
N ILE YD 4 29.09 -32.22 -76.91
CA ILE YD 4 29.28 -32.54 -75.51
C ILE YD 4 30.76 -32.65 -75.23
N ARG YD 5 31.14 -32.45 -73.97
CA ARG YD 5 32.53 -32.55 -73.53
C ARG YD 5 32.56 -33.54 -72.38
N THR YD 6 33.14 -34.71 -72.64
CA THR YD 6 33.22 -35.77 -71.65
C THR YD 6 34.62 -35.91 -71.06
N SER YD 7 35.48 -34.90 -71.22
CA SER YD 7 36.83 -34.94 -70.69
C SER YD 7 37.23 -33.54 -70.28
N PRO YD 8 37.83 -33.38 -69.10
CA PRO YD 8 38.27 -32.04 -68.68
C PRO YD 8 39.43 -31.50 -69.51
N THR YD 9 40.13 -32.36 -70.23
CA THR YD 9 41.24 -31.94 -71.08
C THR YD 9 40.72 -31.43 -72.41
N PHE YD 10 41.17 -30.23 -72.78
CA PHE YD 10 40.81 -29.62 -74.06
C PHE YD 10 41.98 -29.85 -75.02
N ARG YD 11 41.77 -30.68 -76.02
CA ARG YD 11 42.79 -30.96 -77.02
C ARG YD 11 42.66 -29.98 -78.17
N ARG YD 12 43.78 -29.68 -78.82
CA ARG YD 12 43.74 -28.85 -80.01
C ARG YD 12 43.00 -29.59 -81.11
N PRO YD 13 41.95 -29.00 -81.69
CA PRO YD 13 41.23 -29.68 -82.77
C PRO YD 13 42.14 -29.89 -83.96
N LYS YD 14 41.95 -31.04 -84.62
CA LYS YD 14 42.73 -31.37 -85.79
C LYS YD 14 42.21 -30.58 -86.99
N THR YD 15 43.12 -29.85 -87.64
CA THR YD 15 42.79 -29.12 -88.87
C THR YD 15 43.58 -29.75 -90.02
N LEU YD 16 42.98 -29.70 -91.20
CA LEU YD 16 43.59 -30.37 -92.34
C LEU YD 16 44.91 -29.69 -92.71
N ARG YD 17 45.72 -30.41 -93.47
CA ARG YD 17 46.95 -29.88 -94.02
C ARG YD 17 46.99 -30.23 -95.50
N LEU YD 18 46.70 -29.26 -96.35
CA LEU YD 18 46.73 -29.49 -97.79
C LEU YD 18 48.17 -29.69 -98.25
N ARG YD 19 48.34 -30.59 -99.21
CA ARG YD 19 49.67 -30.94 -99.67
C ARG YD 19 50.33 -29.77 -100.39
N ARG YD 20 51.66 -29.75 -100.36
CA ARG YD 20 52.41 -28.72 -101.04
C ARG YD 20 52.11 -28.73 -102.53
N GLN YD 21 51.79 -27.57 -103.07
CA GLN YD 21 51.55 -27.39 -104.50
C GLN YD 21 52.39 -26.21 -104.96
N PRO YD 22 53.70 -26.41 -105.09
CA PRO YD 22 54.59 -25.28 -105.35
C PRO YD 22 54.30 -24.64 -106.69
N LYS YD 23 54.47 -23.31 -106.74
CA LYS YD 23 54.29 -22.58 -107.98
C LYS YD 23 55.40 -22.83 -108.98
N TYR YD 24 56.49 -23.48 -108.55
CA TYR YD 24 57.62 -23.76 -109.42
C TYR YD 24 58.53 -24.72 -108.69
N PRO YD 25 59.08 -25.73 -109.37
CA PRO YD 25 60.08 -26.59 -108.73
C PRO YD 25 61.28 -25.76 -108.30
N ARG YD 26 61.81 -26.10 -107.12
CA ARG YD 26 62.91 -25.31 -106.57
C ARG YD 26 64.16 -25.42 -107.44
N LYS YD 27 64.52 -26.63 -107.84
CA LYS YD 27 65.61 -26.86 -108.78
C LYS YD 27 65.02 -27.33 -110.10
N SER YD 28 65.49 -26.75 -111.20
CA SER YD 28 64.81 -26.90 -112.48
C SER YD 28 64.74 -28.36 -112.91
N ALA YD 29 65.85 -29.08 -112.83
CA ALA YD 29 65.90 -30.45 -113.27
C ALA YD 29 66.61 -31.29 -112.22
N PRO YD 30 66.25 -32.56 -112.09
CA PRO YD 30 66.93 -33.41 -111.10
C PRO YD 30 68.32 -33.76 -111.58
N ARG YD 31 69.31 -33.51 -110.73
CA ARG YD 31 70.68 -33.86 -111.07
C ARG YD 31 70.81 -35.37 -111.21
N ARG YD 32 71.37 -35.80 -112.33
CA ARG YD 32 71.44 -37.22 -112.63
C ARG YD 32 72.22 -37.96 -111.55
N ASN YD 33 71.77 -39.17 -111.26
CA ASN YD 33 72.44 -39.99 -110.27
C ASN YD 33 73.86 -40.27 -110.73
N LYS YD 34 74.83 -39.71 -110.02
CA LYS YD 34 76.23 -39.91 -110.37
C LYS YD 34 76.72 -41.31 -110.07
N LEU YD 35 76.00 -42.06 -109.24
CA LEU YD 35 76.40 -43.41 -108.86
C LEU YD 35 75.82 -44.42 -109.83
N ASP YD 36 76.09 -44.21 -111.11
CA ASP YD 36 75.62 -45.11 -112.15
C ASP YD 36 76.39 -46.43 -112.09
N HIS YD 37 76.08 -47.32 -113.03
CA HIS YD 37 76.75 -48.62 -113.07
C HIS YD 37 78.26 -48.48 -113.13
N TYR YD 38 78.75 -47.70 -114.09
CA TYR YD 38 80.18 -47.60 -114.30
C TYR YD 38 80.89 -46.90 -113.14
N ALA YD 39 80.17 -46.07 -112.40
CA ALA YD 39 80.71 -45.51 -111.17
C ALA YD 39 80.83 -46.53 -110.06
N ILE YD 40 80.04 -47.60 -110.12
CA ILE YD 40 80.10 -48.61 -109.07
C ILE YD 40 81.37 -49.44 -109.19
N ILE YD 41 81.59 -50.05 -110.35
CA ILE YD 41 82.73 -50.93 -110.54
C ILE YD 41 83.88 -50.12 -111.14
N LYS YD 42 84.85 -49.78 -110.30
CA LYS YD 42 86.01 -49.05 -110.80
C LYS YD 42 86.93 -49.95 -111.60
N PHE YD 43 87.40 -51.04 -110.98
CA PHE YD 43 88.25 -52.00 -111.66
C PHE YD 43 88.34 -53.26 -110.82
N PRO YD 44 88.66 -54.39 -111.43
CA PRO YD 44 88.80 -55.63 -110.65
C PRO YD 44 90.23 -55.83 -110.17
N LEU YD 45 90.34 -56.56 -109.06
CA LEU YD 45 91.61 -56.83 -108.42
C LEU YD 45 92.25 -58.06 -109.05
N THR YD 46 93.57 -58.03 -109.16
CA THR YD 46 94.30 -59.08 -109.85
C THR YD 46 95.42 -59.68 -109.00
N THR YD 47 95.36 -59.50 -107.69
CA THR YD 47 96.37 -60.05 -106.82
C THR YD 47 96.37 -61.57 -106.92
N GLU YD 48 97.43 -62.19 -106.41
CA GLU YD 48 97.47 -63.64 -106.33
C GLU YD 48 96.27 -64.17 -105.57
N SER YD 49 95.84 -63.45 -104.53
CA SER YD 49 94.62 -63.83 -103.82
C SER YD 49 93.40 -63.74 -104.74
N ALA YD 50 93.36 -62.73 -105.60
CA ALA YD 50 92.27 -62.66 -106.57
C ALA YD 50 92.33 -63.85 -107.52
N MET YD 51 93.49 -64.10 -108.12
CA MET YD 51 93.64 -65.28 -108.97
C MET YD 51 93.46 -66.57 -108.19
N LYS YD 52 93.53 -66.53 -106.86
CA LYS YD 52 93.12 -67.70 -106.12
C LYS YD 52 91.60 -67.80 -106.06
N LYS YD 53 90.94 -66.73 -105.65
CA LYS YD 53 89.49 -66.75 -105.48
C LYS YD 53 88.73 -66.84 -106.79
N ILE YD 54 89.35 -66.45 -107.91
CA ILE YD 54 88.66 -66.54 -109.19
C ILE YD 54 88.33 -68.00 -109.52
N GLU YD 55 89.16 -68.91 -109.03
CA GLU YD 55 89.06 -70.32 -109.43
C GLU YD 55 88.34 -71.18 -108.40
N ASP YD 56 88.84 -71.23 -107.16
CA ASP YD 56 88.50 -72.32 -106.25
C ASP YD 56 87.01 -72.34 -105.92
N ASN YD 57 86.42 -71.18 -105.71
CA ASN YD 57 85.01 -71.08 -105.33
C ASN YD 57 84.22 -70.21 -106.30
N ASN YD 58 84.77 -69.94 -107.49
CA ASN YD 58 84.03 -69.33 -108.59
C ASN YD 58 83.44 -67.97 -108.19
N THR YD 59 84.29 -67.01 -107.87
CA THR YD 59 83.85 -65.67 -107.56
C THR YD 59 84.76 -64.64 -108.21
N LEU YD 60 84.16 -63.57 -108.72
CA LEU YD 60 84.93 -62.41 -109.15
C LEU YD 60 85.26 -61.55 -107.95
N VAL YD 61 86.14 -60.57 -108.16
CA VAL YD 61 86.49 -59.61 -107.12
C VAL YD 61 86.70 -58.26 -107.78
N PHE YD 62 86.30 -57.20 -107.11
CA PHE YD 62 86.33 -55.86 -107.69
C PHE YD 62 86.69 -54.82 -106.65
N ILE YD 63 87.13 -53.67 -107.14
CA ILE YD 63 87.24 -52.46 -106.34
C ILE YD 63 86.09 -51.56 -106.75
N VAL YD 64 85.30 -51.12 -105.77
CA VAL YD 64 84.05 -50.43 -106.03
C VAL YD 64 84.03 -49.13 -105.25
N ASP YD 65 83.10 -48.27 -105.63
CA ASP YD 65 82.87 -47.05 -104.87
C ASP YD 65 82.38 -47.41 -103.47
N VAL YD 66 82.91 -46.70 -102.46
CA VAL YD 66 82.62 -47.02 -101.09
C VAL YD 66 81.15 -46.85 -100.72
N LYS YD 67 80.42 -46.01 -101.45
CA LYS YD 67 79.03 -45.74 -101.10
C LYS YD 67 78.07 -46.80 -101.63
N ALA YD 68 78.51 -47.66 -102.53
CA ALA YD 68 77.63 -48.65 -103.12
C ALA YD 68 77.27 -49.72 -102.09
N ASN YD 69 75.99 -50.08 -102.04
CA ASN YD 69 75.54 -51.14 -101.16
C ASN YD 69 75.43 -52.46 -101.94
N LYS YD 70 75.37 -53.56 -101.20
CA LYS YD 70 75.50 -54.89 -101.81
C LYS YD 70 74.52 -55.09 -102.95
N HIS YD 71 73.29 -54.59 -102.81
CA HIS YD 71 72.34 -54.67 -103.91
C HIS YD 71 72.86 -53.90 -105.11
N GLN YD 72 73.36 -52.69 -104.90
CA GLN YD 72 73.89 -51.91 -106.00
C GLN YD 72 75.05 -52.62 -106.67
N ILE YD 73 75.97 -53.18 -105.88
CA ILE YD 73 77.05 -53.97 -106.46
C ILE YD 73 76.47 -55.12 -107.29
N LYS YD 74 75.52 -55.85 -106.72
CA LYS YD 74 74.89 -56.94 -107.46
C LYS YD 74 74.19 -56.41 -108.70
N GLN YD 75 73.44 -55.31 -108.56
CA GLN YD 75 72.75 -54.75 -109.71
C GLN YD 75 73.72 -54.26 -110.77
N ALA YD 76 74.84 -53.66 -110.33
CA ALA YD 76 75.79 -53.12 -111.29
C ALA YD 76 76.39 -54.23 -112.16
N VAL YD 77 76.87 -55.30 -111.54
CA VAL YD 77 77.62 -56.31 -112.28
C VAL YD 77 76.74 -57.00 -113.30
N LYS YD 78 75.50 -57.35 -112.91
CA LYS YD 78 74.67 -58.15 -113.79
C LYS YD 78 74.33 -57.41 -115.08
N LYS YD 79 74.20 -56.09 -115.01
CA LYS YD 79 73.82 -55.34 -116.20
C LYS YD 79 75.00 -55.16 -117.14
N LEU YD 80 76.05 -54.50 -116.67
CA LEU YD 80 77.14 -54.11 -117.56
C LEU YD 80 78.06 -55.27 -117.92
N TYR YD 81 77.93 -56.43 -117.28
CA TYR YD 81 78.74 -57.59 -117.63
C TYR YD 81 77.91 -58.80 -118.05
N ASP YD 82 76.60 -58.78 -117.83
CA ASP YD 82 75.68 -59.81 -118.30
C ASP YD 82 76.01 -61.18 -117.70
N ILE YD 83 75.90 -61.25 -116.38
CA ILE YD 83 75.87 -62.50 -115.63
C ILE YD 83 74.80 -62.34 -114.55
N ASP YD 84 74.63 -63.37 -113.73
CA ASP YD 84 73.78 -63.29 -112.55
C ASP YD 84 74.58 -63.79 -111.35
N VAL YD 85 74.62 -63.00 -110.30
CA VAL YD 85 75.42 -63.30 -109.13
C VAL YD 85 74.56 -63.99 -108.09
N ALA YD 86 75.20 -64.83 -107.27
CA ALA YD 86 74.51 -65.54 -106.21
C ALA YD 86 74.49 -64.70 -104.93
N LYS YD 87 75.66 -64.35 -104.41
CA LYS YD 87 75.74 -63.54 -103.20
C LYS YD 87 76.98 -62.68 -103.26
N VAL YD 88 76.94 -61.55 -102.56
CA VAL YD 88 78.00 -60.56 -102.58
C VAL YD 88 78.47 -60.33 -101.16
N ASN YD 89 79.78 -60.47 -100.94
CA ASN YD 89 80.42 -60.13 -99.67
C ASN YD 89 81.39 -59.00 -99.93
N THR YD 90 81.32 -57.95 -99.11
CA THR YD 90 82.13 -56.76 -99.31
C THR YD 90 82.90 -56.41 -98.05
N LEU YD 91 83.99 -55.68 -98.24
CA LEU YD 91 84.75 -55.11 -97.14
C LEU YD 91 85.47 -53.87 -97.64
N ILE YD 92 85.87 -53.01 -96.71
CA ILE YD 92 86.60 -51.79 -97.03
C ILE YD 92 88.07 -52.03 -96.72
N ARG YD 93 88.91 -51.93 -97.74
CA ARG YD 93 90.32 -52.14 -97.56
C ARG YD 93 90.91 -51.06 -96.67
N PRO YD 94 91.99 -51.38 -95.95
CA PRO YD 94 92.61 -50.37 -95.08
C PRO YD 94 93.03 -49.13 -95.83
N ASP YD 95 93.41 -49.26 -97.10
CA ASP YD 95 93.78 -48.11 -97.92
C ASP YD 95 92.65 -47.10 -98.08
N GLY YD 96 91.40 -47.55 -98.03
CA GLY YD 96 90.26 -46.66 -98.12
C GLY YD 96 89.31 -46.91 -99.27
N GLU YD 97 89.43 -48.02 -99.98
CA GLU YD 97 88.51 -48.36 -101.06
C GLU YD 97 87.83 -49.70 -100.79
N LYS YD 98 86.53 -49.75 -101.05
CA LYS YD 98 85.76 -50.95 -100.82
C LYS YD 98 86.14 -52.04 -101.82
N LYS YD 99 86.17 -53.28 -101.34
CA LYS YD 99 86.41 -54.45 -102.17
C LYS YD 99 85.18 -55.35 -102.06
N ALA YD 100 84.81 -55.98 -103.16
CA ALA YD 100 83.60 -56.80 -103.22
C ALA YD 100 83.94 -58.20 -103.70
N TYR YD 101 83.53 -59.19 -102.93
CA TYR YD 101 83.60 -60.60 -103.33
C TYR YD 101 82.23 -60.97 -103.86
N VAL YD 102 82.14 -61.21 -105.16
CA VAL YD 102 80.87 -61.43 -105.83
C VAL YD 102 80.87 -62.85 -106.38
N ARG YD 103 79.84 -63.62 -106.00
CA ARG YD 103 79.75 -65.02 -106.37
C ARG YD 103 78.68 -65.19 -107.44
N LEU YD 104 79.03 -65.86 -108.54
CA LEU YD 104 78.11 -66.05 -109.63
C LEU YD 104 77.19 -67.24 -109.37
N ALA YD 105 76.24 -67.44 -110.28
CA ALA YD 105 75.38 -68.59 -110.23
C ALA YD 105 76.17 -69.85 -110.60
N PRO YD 106 75.72 -71.02 -110.12
CA PRO YD 106 76.50 -72.25 -110.38
C PRO YD 106 76.74 -72.53 -111.86
N ASP YD 107 75.73 -72.31 -112.70
CA ASP YD 107 75.87 -72.57 -114.13
C ASP YD 107 76.96 -71.74 -114.78
N TYR YD 108 77.04 -70.46 -114.43
CA TYR YD 108 78.06 -69.56 -114.97
C TYR YD 108 79.37 -69.88 -114.26
N ASP YD 109 80.44 -70.04 -115.05
CA ASP YD 109 81.76 -70.33 -114.51
C ASP YD 109 82.52 -69.01 -114.43
N ALA YD 110 83.31 -68.85 -113.38
CA ALA YD 110 84.01 -67.58 -113.19
C ALA YD 110 85.15 -67.38 -114.18
N LEU YD 111 85.78 -68.47 -114.64
CA LEU YD 111 86.96 -68.34 -115.46
C LEU YD 111 86.65 -67.66 -116.80
N ASP YD 112 85.59 -68.08 -117.48
CA ASP YD 112 85.30 -67.55 -118.81
C ASP YD 112 85.06 -66.05 -118.80
N VAL YD 113 84.21 -65.57 -117.89
CA VAL YD 113 83.92 -64.15 -117.84
C VAL YD 113 85.19 -63.37 -117.53
N ALA YD 114 86.05 -63.94 -116.67
CA ALA YD 114 87.33 -63.31 -116.39
C ALA YD 114 88.13 -63.14 -117.68
N ASN YD 115 88.20 -64.21 -118.51
CA ASN YD 115 88.85 -64.06 -119.81
C ASN YD 115 88.05 -63.11 -120.68
N LYS YD 116 86.73 -63.21 -120.59
CA LYS YD 116 85.88 -62.31 -121.35
C LYS YD 116 86.12 -60.86 -120.96
N ILE YD 117 86.59 -60.62 -119.74
CA ILE YD 117 86.87 -59.25 -119.32
C ILE YD 117 88.36 -58.96 -119.43
N GLY YD 118 89.17 -60.00 -119.60
CA GLY YD 118 90.57 -59.81 -119.89
C GLY YD 118 91.44 -59.59 -118.67
N ILE YD 119 90.91 -59.88 -117.48
CA ILE YD 119 91.71 -59.78 -116.27
C ILE YD 119 92.81 -60.83 -116.23
N ILE YD 120 92.58 -62.00 -116.80
CA ILE YD 120 93.64 -62.99 -116.94
C ILE YD 120 94.70 -62.47 -117.88
N MET ZD 1 112.39 8.35 -120.55
CA MET ZD 1 112.32 7.32 -119.53
C MET ZD 1 110.90 7.18 -119.03
N LYS ZD 2 110.58 5.97 -118.59
CA LYS ZD 2 109.20 5.52 -118.38
C LYS ZD 2 108.35 6.55 -117.65
N PHE ZD 3 107.12 6.73 -118.12
CA PHE ZD 3 106.23 7.73 -117.58
C PHE ZD 3 104.86 7.14 -117.26
N ASN ZD 4 104.54 6.00 -117.83
CA ASN ZD 4 103.28 5.36 -117.50
C ASN ZD 4 103.32 4.97 -116.03
N PRO ZD 5 102.39 5.44 -115.20
CA PRO ZD 5 102.48 5.17 -113.76
C PRO ZD 5 102.07 3.77 -113.37
N PHE ZD 6 101.63 2.93 -114.30
CA PHE ZD 6 101.12 1.61 -113.98
C PHE ZD 6 102.04 0.48 -114.42
N VAL ZD 7 103.22 0.79 -114.95
CA VAL ZD 7 104.23 -0.22 -115.23
C VAL ZD 7 105.42 0.06 -114.34
N THR ZD 8 105.88 -0.96 -113.62
CA THR ZD 8 106.87 -0.77 -112.58
C THR ZD 8 108.28 -0.86 -113.14
N SER ZD 9 109.20 -0.19 -112.45
CA SER ZD 9 110.63 -0.36 -112.68
C SER ZD 9 111.29 -1.10 -111.53
N ASP ZD 10 110.49 -1.66 -110.62
CA ASP ZD 10 111.04 -2.41 -109.49
C ASP ZD 10 111.80 -3.62 -110.01
N ARG ZD 11 113.06 -3.74 -109.60
CA ARG ZD 11 113.90 -4.81 -110.12
C ARG ZD 11 113.36 -6.18 -109.76
N SER ZD 12 112.91 -6.34 -108.50
CA SER ZD 12 112.37 -7.63 -108.09
C SER ZD 12 111.10 -7.97 -108.86
N LYS ZD 13 110.21 -6.99 -109.02
CA LYS ZD 13 108.94 -7.26 -109.68
C LYS ZD 13 109.14 -7.76 -111.11
N ASN ZD 14 110.01 -7.09 -111.86
CA ASN ZD 14 110.24 -7.50 -113.24
C ASN ZD 14 110.83 -8.89 -113.31
N ARG ZD 15 111.80 -9.19 -112.43
CA ARG ZD 15 112.39 -10.52 -112.42
C ARG ZD 15 111.35 -11.58 -112.08
N LYS ZD 16 110.57 -11.35 -111.01
CA LYS ZD 16 109.56 -12.33 -110.62
C LYS ZD 16 108.53 -12.52 -111.73
N ARG ZD 17 108.08 -11.43 -112.33
CA ARG ZD 17 107.13 -11.52 -113.43
C ARG ZD 17 107.72 -12.29 -114.61
N HIS ZD 18 108.98 -12.03 -114.95
CA HIS ZD 18 109.59 -12.73 -116.07
C HIS ZD 18 109.85 -14.19 -115.73
N PHE ZD 19 110.35 -14.47 -114.53
CA PHE ZD 19 110.67 -15.85 -114.18
C PHE ZD 19 109.41 -16.71 -114.08
N ASN ZD 20 108.35 -16.19 -113.47
CA ASN ZD 20 107.10 -16.92 -113.34
C ASN ZD 20 106.12 -16.60 -114.46
N ALA ZD 21 106.63 -16.18 -115.60
CA ALA ZD 21 105.77 -15.79 -116.70
C ALA ZD 21 105.04 -16.99 -117.28
N PRO ZD 22 103.75 -16.87 -117.57
CA PRO ZD 22 103.03 -17.96 -118.23
C PRO ZD 22 103.54 -18.18 -119.65
N SER ZD 23 103.20 -19.36 -120.19
CA SER ZD 23 103.77 -19.78 -121.46
C SER ZD 23 103.28 -18.92 -122.61
N HIS ZD 24 102.01 -18.49 -122.59
CA HIS ZD 24 101.44 -17.80 -123.74
C HIS ZD 24 102.17 -16.50 -124.04
N ILE ZD 25 102.69 -15.82 -123.03
CA ILE ZD 25 103.56 -14.66 -123.24
C ILE ZD 25 105.03 -15.00 -123.06
N ARG ZD 26 105.35 -16.16 -122.47
CA ARG ZD 26 106.73 -16.62 -122.51
C ARG ZD 26 107.21 -16.74 -123.94
N ARG ZD 27 106.35 -17.24 -124.84
CA ARG ZD 27 106.71 -17.28 -126.24
C ARG ZD 27 107.09 -15.90 -126.76
N LYS ZD 28 106.38 -14.86 -126.30
CA LYS ZD 28 106.69 -13.51 -126.75
C LYS ZD 28 108.08 -13.08 -126.31
N ILE ZD 29 108.49 -13.47 -125.10
CA ILE ZD 29 109.83 -13.10 -124.63
C ILE ZD 29 110.90 -13.77 -125.46
N MET ZD 30 110.55 -14.83 -126.18
CA MET ZD 30 111.50 -15.57 -127.01
C MET ZD 30 111.72 -14.93 -128.36
N SER ZD 31 111.35 -13.67 -128.54
CA SER ZD 31 111.48 -13.03 -129.83
C SER ZD 31 112.94 -13.00 -130.27
N SER ZD 32 113.16 -13.27 -131.55
CA SER ZD 32 114.50 -13.31 -132.12
C SER ZD 32 114.55 -12.47 -133.38
N PRO ZD 33 115.66 -11.78 -133.62
CA PRO ZD 33 115.77 -10.96 -134.82
C PRO ZD 33 115.91 -11.81 -136.06
N LEU ZD 34 115.66 -11.18 -137.20
CA LEU ZD 34 115.82 -11.83 -138.49
C LEU ZD 34 116.97 -11.18 -139.26
N SER ZD 35 117.37 -11.84 -140.35
CA SER ZD 35 118.51 -11.37 -141.11
C SER ZD 35 118.15 -10.06 -141.83
N LYS ZD 36 119.20 -9.39 -142.32
CA LYS ZD 36 118.98 -8.20 -143.14
C LYS ZD 36 118.16 -8.52 -144.36
N GLU ZD 37 118.41 -9.68 -144.98
CA GLU ZD 37 117.60 -10.10 -146.12
C GLU ZD 37 116.14 -10.23 -145.74
N LEU ZD 38 115.86 -10.83 -144.58
CA LEU ZD 38 114.49 -10.94 -144.11
C LEU ZD 38 113.97 -9.61 -143.57
N ARG ZD 39 114.82 -8.86 -142.87
CA ARG ZD 39 114.40 -7.55 -142.36
C ARG ZD 39 114.20 -6.55 -143.48
N GLN ZD 40 114.61 -6.88 -144.70
CA GLN ZD 40 114.31 -6.06 -145.87
C GLN ZD 40 113.09 -6.60 -146.59
N LYS ZD 41 113.10 -7.91 -146.92
CA LYS ZD 41 111.99 -8.49 -147.65
C LYS ZD 41 110.70 -8.48 -146.84
N TYR ZD 42 110.79 -8.34 -145.52
CA TYR ZD 42 109.68 -7.85 -144.74
C TYR ZD 42 110.11 -6.57 -144.03
N ASN ZD 43 109.21 -5.99 -143.24
CA ASN ZD 43 109.50 -4.73 -142.55
C ASN ZD 43 109.38 -4.88 -141.03
N VAL ZD 44 109.89 -5.98 -140.48
CA VAL ZD 44 109.77 -6.26 -139.06
C VAL ZD 44 111.15 -6.60 -138.51
N ARG ZD 45 111.45 -6.02 -137.35
CA ARG ZD 45 112.77 -6.20 -136.74
C ARG ZD 45 112.93 -7.56 -136.08
N SER ZD 46 111.96 -7.97 -135.26
CA SER ZD 46 112.09 -9.20 -134.50
C SER ZD 46 110.85 -10.07 -134.65
N MET ZD 47 110.98 -11.31 -134.16
CA MET ZD 47 109.99 -12.36 -134.35
C MET ZD 47 110.09 -13.36 -133.22
N PRO ZD 48 108.99 -13.77 -132.62
CA PRO ZD 48 109.02 -14.92 -131.72
C PRO ZD 48 109.45 -16.16 -132.49
N ILE ZD 49 110.16 -17.04 -131.82
CA ILE ZD 49 110.75 -18.19 -132.48
C ILE ZD 49 109.66 -19.18 -132.84
N ARG ZD 50 109.96 -20.05 -133.80
CA ARG ZD 50 109.08 -21.10 -134.28
C ARG ZD 50 109.78 -22.44 -134.16
N LYS ZD 51 109.04 -23.52 -134.43
CA LYS ZD 51 109.60 -24.85 -134.24
C LYS ZD 51 110.59 -25.24 -135.34
N ASP ZD 52 110.33 -24.85 -136.59
CA ASP ZD 52 111.06 -25.41 -137.73
C ASP ZD 52 111.58 -24.31 -138.64
N ASP ZD 53 112.23 -23.31 -138.06
CA ASP ZD 53 112.76 -22.20 -138.81
C ASP ZD 53 114.29 -22.23 -138.80
N GLU ZD 54 114.88 -21.97 -139.96
CA GLU ZD 54 116.33 -21.96 -140.09
C GLU ZD 54 116.93 -20.80 -139.32
N VAL ZD 55 118.04 -21.06 -138.63
CA VAL ZD 55 118.60 -20.11 -137.67
C VAL ZD 55 120.07 -20.41 -137.46
N GLN ZD 56 120.84 -19.34 -137.21
CA GLN ZD 56 122.28 -19.46 -136.97
C GLN ZD 56 122.66 -18.70 -135.72
N VAL ZD 57 123.72 -19.16 -135.06
CA VAL ZD 57 124.15 -18.57 -133.79
C VAL ZD 57 125.22 -17.51 -134.03
N VAL ZD 58 125.15 -16.43 -133.27
CA VAL ZD 58 126.10 -15.34 -133.40
C VAL ZD 58 126.87 -15.05 -132.12
N ARG ZD 59 126.57 -15.70 -131.01
CA ARG ZD 59 127.27 -15.45 -129.76
C ARG ZD 59 127.59 -16.77 -129.08
N GLY ZD 60 128.72 -16.80 -128.38
CA GLY ZD 60 129.08 -17.94 -127.57
C GLY ZD 60 129.97 -18.94 -128.30
N HIS ZD 61 130.14 -20.09 -127.64
CA HIS ZD 61 131.04 -21.12 -128.13
C HIS ZD 61 130.58 -21.70 -129.46
N TYR ZD 62 129.32 -21.50 -129.84
CA TYR ZD 62 128.80 -22.05 -131.08
C TYR ZD 62 128.53 -20.98 -132.13
N LYS ZD 63 129.37 -19.96 -132.18
CA LYS ZD 63 129.28 -18.99 -133.27
C LYS ZD 63 129.64 -19.65 -134.59
N GLY ZD 64 129.07 -19.14 -135.66
CA GLY ZD 64 129.38 -19.65 -136.99
C GLY ZD 64 128.21 -19.40 -137.93
N GLN ZD 65 128.46 -19.71 -139.19
CA GLN ZD 65 127.47 -19.57 -140.24
C GLN ZD 65 126.74 -20.86 -140.54
N GLN ZD 66 127.02 -21.94 -139.82
CA GLN ZD 66 126.36 -23.21 -140.07
C GLN ZD 66 124.89 -23.10 -139.72
N ILE ZD 67 124.03 -22.99 -140.73
CA ILE ZD 67 122.61 -22.79 -140.52
C ILE ZD 67 122.00 -24.12 -140.10
N GLY ZD 68 121.36 -24.13 -138.95
CA GLY ZD 68 120.71 -25.33 -138.44
C GLY ZD 68 119.25 -25.09 -138.16
N LYS ZD 69 118.48 -26.18 -138.13
CA LYS ZD 69 117.05 -26.09 -137.87
C LYS ZD 69 116.79 -26.21 -136.38
N VAL ZD 70 115.83 -25.42 -135.88
CA VAL ZD 70 115.40 -25.59 -134.50
C VAL ZD 70 114.74 -26.95 -134.36
N VAL ZD 71 115.15 -27.70 -133.35
CA VAL ZD 71 114.58 -29.01 -133.09
C VAL ZD 71 113.57 -28.97 -131.94
N GLN ZD 72 113.71 -28.05 -131.00
CA GLN ZD 72 112.77 -27.92 -129.90
C GLN ZD 72 112.97 -26.59 -129.19
N VAL ZD 73 111.88 -25.93 -128.84
CA VAL ZD 73 111.92 -24.73 -128.01
C VAL ZD 73 111.40 -25.10 -126.63
N TYR ZD 74 112.19 -24.79 -125.61
CA TYR ZD 74 111.89 -25.20 -124.24
C TYR ZD 74 111.49 -23.95 -123.47
N ARG ZD 75 110.18 -23.66 -123.48
CA ARG ZD 75 109.71 -22.44 -122.84
C ARG ZD 75 109.86 -22.49 -121.33
N LYS ZD 76 110.12 -23.67 -120.76
CA LYS ZD 76 110.42 -23.74 -119.34
C LYS ZD 76 111.83 -23.24 -119.05
N LYS ZD 77 112.81 -23.64 -119.87
CA LYS ZD 77 114.20 -23.30 -119.63
C LYS ZD 77 114.67 -22.10 -120.45
N TYR ZD 78 113.75 -21.44 -121.16
CA TYR ZD 78 114.06 -20.20 -121.89
C TYR ZD 78 115.13 -20.43 -122.96
N VAL ZD 79 115.16 -21.64 -123.52
CA VAL ZD 79 116.20 -22.02 -124.47
C VAL ZD 79 115.57 -22.68 -125.69
N ILE ZD 80 116.40 -22.94 -126.69
CA ILE ZD 80 116.01 -23.62 -127.92
C ILE ZD 80 117.08 -24.65 -128.27
N TYR ZD 81 116.72 -25.54 -129.19
CA TYR ZD 81 117.62 -26.60 -129.63
C TYR ZD 81 117.73 -26.60 -131.14
N ILE ZD 82 118.97 -26.65 -131.63
CA ILE ZD 82 119.26 -26.65 -133.05
C ILE ZD 82 119.99 -27.95 -133.39
N GLU ZD 83 119.87 -28.38 -134.65
CA GLU ZD 83 120.37 -29.68 -135.06
C GLU ZD 83 121.85 -29.85 -134.72
N ARG ZD 84 122.69 -28.87 -135.08
CA ARG ZD 84 124.12 -29.04 -134.98
C ARG ZD 84 124.71 -28.62 -133.63
N VAL ZD 85 123.97 -27.88 -132.80
CA VAL ZD 85 124.55 -27.44 -131.53
C VAL ZD 85 124.48 -28.60 -130.56
N GLN ZD 86 125.52 -29.42 -130.55
CA GLN ZD 86 125.51 -30.66 -129.80
C GLN ZD 86 126.85 -30.87 -129.12
N ARG ZD 87 126.82 -31.51 -127.96
CA ARG ZD 87 128.01 -32.01 -127.31
C ARG ZD 87 127.72 -33.42 -126.82
N GLU ZD 88 128.78 -34.21 -126.71
CA GLU ZD 88 128.67 -35.60 -126.29
C GLU ZD 88 128.99 -35.71 -124.82
N LYS ZD 89 128.09 -36.32 -124.06
CA LYS ZD 89 128.32 -36.51 -122.64
C LYS ZD 89 129.29 -37.68 -122.45
N ALA ZD 90 129.44 -38.12 -121.19
CA ALA ZD 90 130.46 -39.12 -120.90
C ALA ZD 90 130.16 -40.44 -121.61
N ASN ZD 91 128.91 -40.89 -121.59
CA ASN ZD 91 128.58 -42.20 -122.12
C ASN ZD 91 128.71 -42.29 -123.64
N GLY ZD 92 128.66 -41.16 -124.35
CA GLY ZD 92 128.81 -41.12 -125.79
C GLY ZD 92 127.62 -40.56 -126.54
N THR ZD 93 126.42 -40.70 -125.98
CA THR ZD 93 125.23 -40.18 -126.64
C THR ZD 93 125.32 -38.67 -126.79
N THR ZD 94 124.77 -38.16 -127.89
CA THR ZD 94 124.79 -36.73 -128.16
C THR ZD 94 123.56 -36.06 -127.54
N VAL ZD 95 123.77 -34.87 -126.98
CA VAL ZD 95 122.71 -34.09 -126.38
C VAL ZD 95 122.82 -32.65 -126.88
N HIS ZD 96 121.69 -32.08 -127.28
CA HIS ZD 96 121.66 -30.70 -127.72
C HIS ZD 96 121.97 -29.78 -126.55
N VAL ZD 97 122.57 -28.62 -126.84
CA VAL ZD 97 122.86 -27.63 -125.83
C VAL ZD 97 121.95 -26.42 -126.09
N GLY ZD 98 121.18 -26.03 -125.08
CA GLY ZD 98 120.25 -24.94 -125.25
C GLY ZD 98 120.96 -23.61 -125.29
N ILE ZD 99 120.47 -22.70 -126.14
CA ILE ZD 99 120.96 -21.33 -126.19
C ILE ZD 99 119.76 -20.40 -126.17
N HIS ZD 100 119.99 -19.19 -125.70
CA HIS ZD 100 118.90 -18.23 -125.60
C HIS ZD 100 118.52 -17.70 -126.98
N PRO ZD 101 117.23 -17.53 -127.25
CA PRO ZD 101 116.81 -17.05 -128.58
C PRO ZD 101 117.27 -15.64 -128.89
N SER ZD 102 117.66 -14.86 -127.89
CA SER ZD 102 118.13 -13.50 -128.16
C SER ZD 102 119.50 -13.48 -128.82
N LYS ZD 103 120.22 -14.60 -128.82
CA LYS ZD 103 121.55 -14.67 -129.39
C LYS ZD 103 121.57 -15.31 -130.77
N VAL ZD 104 120.43 -15.42 -131.42
CA VAL ZD 104 120.35 -16.04 -132.73
C VAL ZD 104 119.63 -15.10 -133.68
N VAL ZD 105 119.78 -15.36 -134.98
CA VAL ZD 105 119.10 -14.60 -136.02
C VAL ZD 105 118.35 -15.57 -136.91
N ILE ZD 106 117.24 -15.11 -137.46
CA ILE ZD 106 116.37 -15.94 -138.30
C ILE ZD 106 116.81 -15.79 -139.74
N THR ZD 107 117.01 -16.93 -140.42
CA THR ZD 107 117.39 -16.93 -141.82
C THR ZD 107 116.33 -17.49 -142.75
N ARG ZD 108 115.42 -18.32 -142.25
CA ARG ZD 108 114.33 -18.84 -143.07
C ARG ZD 108 113.21 -19.22 -142.11
N LEU ZD 109 112.08 -18.52 -142.22
CA LEU ZD 109 111.00 -18.70 -141.27
C LEU ZD 109 110.19 -19.96 -141.60
N LYS ZD 110 109.19 -20.22 -140.78
CA LYS ZD 110 108.21 -21.28 -141.02
C LYS ZD 110 106.91 -20.60 -141.41
N LEU ZD 111 106.74 -20.37 -142.72
CA LEU ZD 111 105.61 -19.60 -143.22
C LEU ZD 111 104.34 -20.44 -143.16
N ASP ZD 112 103.27 -19.84 -142.66
CA ASP ZD 112 101.96 -20.47 -142.64
C ASP ZD 112 100.91 -19.36 -142.71
N LYS ZD 113 99.65 -19.73 -142.51
CA LYS ZD 113 98.58 -18.73 -142.52
C LYS ZD 113 98.76 -17.74 -141.37
N ASP ZD 114 98.91 -18.25 -140.15
CA ASP ZD 114 98.99 -17.36 -139.00
C ASP ZD 114 100.30 -16.58 -138.99
N ARG ZD 115 101.42 -17.25 -139.31
CA ARG ZD 115 102.70 -16.57 -139.35
C ARG ZD 115 102.66 -15.36 -140.26
N LYS ZD 116 101.96 -15.47 -141.40
CA LYS ZD 116 101.79 -14.33 -142.27
C LYS ZD 116 100.98 -13.24 -141.59
N LYS ZD 117 100.02 -13.62 -140.74
CA LYS ZD 117 99.16 -12.63 -140.11
C LYS ZD 117 99.97 -11.67 -139.24
N ILE ZD 118 100.85 -12.20 -138.40
CA ILE ZD 118 101.66 -11.33 -137.55
C ILE ZD 118 102.65 -10.53 -138.39
N LEU ZD 119 103.21 -11.16 -139.43
CA LEU ZD 119 104.24 -10.51 -140.22
C LEU ZD 119 103.72 -9.23 -140.86
N GLU ZD 120 102.60 -9.33 -141.59
CA GLU ZD 120 102.05 -8.14 -142.24
C GLU ZD 120 101.56 -7.13 -141.20
N ARG ZD 121 100.94 -7.61 -140.13
CA ARG ZD 121 100.40 -6.69 -139.13
C ARG ZD 121 101.51 -5.91 -138.45
N LYS ZD 122 102.60 -6.60 -138.08
CA LYS ZD 122 103.74 -5.90 -137.53
C LYS ZD 122 104.32 -4.92 -138.54
N ALA ZD 123 104.40 -5.33 -139.81
CA ALA ZD 123 104.88 -4.44 -140.85
C ALA ZD 123 103.97 -3.23 -141.01
N LYS ZD 124 102.66 -3.45 -140.99
CA LYS ZD 124 101.72 -2.34 -141.18
C LYS ZD 124 101.87 -1.30 -140.07
N SER ZD 125 102.00 -1.76 -138.82
CA SER ZD 125 102.18 -0.81 -137.72
C SER ZD 125 103.47 -0.02 -137.89
N ARG ZD 126 104.55 -0.70 -138.29
CA ARG ZD 126 105.81 0.00 -138.50
C ARG ZD 126 105.69 1.02 -139.62
N GLN ZD 127 105.04 0.65 -140.72
CA GLN ZD 127 104.83 1.60 -141.81
C GLN ZD 127 103.96 2.77 -141.35
N VAL ZD 128 102.94 2.49 -140.55
CA VAL ZD 128 102.15 3.57 -139.95
C VAL ZD 128 103.05 4.47 -139.12
N GLY ZD 129 103.93 3.88 -138.30
CA GLY ZD 129 104.84 4.68 -137.52
C GLY ZD 129 105.81 5.49 -138.36
N LYS ZD 130 106.32 4.89 -139.44
CA LYS ZD 130 107.24 5.62 -140.31
C LYS ZD 130 106.56 6.84 -140.92
N GLU ZD 131 105.31 6.68 -141.36
CA GLU ZD 131 104.57 7.82 -141.88
C GLU ZD 131 104.25 8.83 -140.78
N LYS ZD 132 103.98 8.34 -139.57
CA LYS ZD 132 103.78 9.25 -138.45
C LYS ZD 132 105.04 10.05 -138.17
N GLY ZD 133 106.20 9.40 -138.25
CA GLY ZD 133 107.46 10.09 -138.10
C GLY ZD 133 107.95 10.70 -139.40
N LYS ZD 134 107.11 11.52 -140.03
CA LYS ZD 134 107.48 12.20 -141.26
C LYS ZD 134 108.23 13.49 -140.96
N GLY AE 1 21.32 -82.79 -43.46
CA GLY AE 1 21.10 -84.02 -44.20
C GLY AE 1 21.65 -83.96 -45.61
N LYS AE 2 21.60 -85.09 -46.32
CA LYS AE 2 22.09 -85.13 -47.69
C LYS AE 2 21.29 -84.16 -48.56
N PHE AE 3 22.02 -83.39 -49.38
CA PHE AE 3 21.41 -82.34 -50.18
C PHE AE 3 21.81 -82.33 -51.64
N MET AE 4 22.80 -83.13 -52.05
CA MET AE 4 23.26 -83.12 -53.44
C MET AE 4 22.53 -84.20 -54.23
N LYS AE 5 21.24 -83.96 -54.43
CA LYS AE 5 20.39 -84.79 -55.27
C LYS AE 5 20.47 -84.35 -56.71
N PRO AE 6 20.03 -85.20 -57.65
CA PRO AE 6 19.95 -84.77 -59.04
C PRO AE 6 18.99 -83.60 -59.21
N GLY AE 7 19.28 -82.75 -60.18
CA GLY AE 7 18.43 -81.61 -60.47
C GLY AE 7 18.87 -80.31 -59.84
N LYS AE 8 19.97 -80.30 -59.08
CA LYS AE 8 20.43 -79.09 -58.40
C LYS AE 8 21.57 -78.44 -59.20
N VAL AE 9 21.54 -77.12 -59.31
CA VAL AE 9 22.62 -76.42 -59.99
C VAL AE 9 23.89 -76.47 -59.16
N VAL AE 10 25.01 -76.76 -59.82
CA VAL AE 10 26.27 -76.93 -59.13
C VAL AE 10 27.33 -76.17 -59.91
N LEU AE 11 28.43 -75.85 -59.23
CA LEU AE 11 29.47 -75.03 -59.80
C LEU AE 11 30.73 -75.86 -60.01
N VAL AE 12 31.30 -75.74 -61.20
CA VAL AE 12 32.56 -76.41 -61.54
C VAL AE 12 33.70 -75.67 -60.86
N LEU AE 13 34.62 -76.41 -60.26
CA LEU AE 13 35.78 -75.79 -59.61
C LEU AE 13 37.08 -75.97 -60.37
N ALA AE 14 37.26 -77.10 -61.05
CA ALA AE 14 38.52 -77.39 -61.71
C ALA AE 14 38.22 -77.94 -63.10
N GLY AE 15 39.25 -78.47 -63.75
CA GLY AE 15 39.09 -79.00 -65.08
C GLY AE 15 38.93 -77.91 -66.11
N ARG AE 16 38.73 -78.34 -67.35
CA ARG AE 16 38.68 -77.40 -68.46
C ARG AE 16 37.55 -76.40 -68.31
N TYR AE 17 36.40 -76.84 -67.80
CA TYR AE 17 35.23 -76.00 -67.69
C TYR AE 17 35.08 -75.33 -66.34
N SER AE 18 36.19 -75.02 -65.68
CA SER AE 18 36.13 -74.37 -64.38
C SER AE 18 35.37 -73.05 -64.48
N GLY AE 19 34.44 -72.84 -63.56
CA GLY AE 19 33.62 -71.65 -63.57
C GLY AE 19 32.31 -71.76 -64.34
N ARG AE 20 31.90 -72.96 -64.72
CA ARG AE 20 30.65 -73.14 -65.45
C ARG AE 20 29.57 -73.70 -64.53
N LYS AE 21 28.37 -73.11 -64.63
CA LYS AE 21 27.22 -73.67 -63.94
C LYS AE 21 26.83 -75.00 -64.56
N ALA AE 22 26.27 -75.88 -63.73
CA ALA AE 22 25.93 -77.22 -64.20
C ALA AE 22 24.94 -77.84 -63.23
N VAL AE 23 24.26 -78.89 -63.67
CA VAL AE 23 23.21 -79.54 -62.91
C VAL AE 23 23.51 -81.02 -62.74
N ILE AE 24 23.19 -81.55 -61.56
CA ILE AE 24 23.38 -82.97 -61.27
C ILE AE 24 22.35 -83.78 -62.05
N VAL AE 25 22.81 -84.81 -62.73
CA VAL AE 25 21.92 -85.77 -63.37
C VAL AE 25 21.71 -86.99 -62.48
N LYS AE 26 22.80 -87.52 -61.91
CA LYS AE 26 22.70 -88.61 -60.95
C LYS AE 26 23.96 -88.60 -60.09
N ASN AE 27 23.76 -88.66 -58.77
CA ASN AE 27 24.86 -88.66 -57.83
C ASN AE 27 25.15 -90.07 -57.36
N ILE AE 28 26.42 -90.35 -57.12
CA ILE AE 28 26.88 -91.65 -56.67
C ILE AE 28 27.22 -91.63 -55.19
N ASP AE 29 28.09 -90.71 -54.78
CA ASP AE 29 28.44 -90.36 -53.40
C ASP AE 29 28.80 -91.57 -52.54
N ASP AE 30 29.03 -92.71 -53.17
CA ASP AE 30 29.52 -93.94 -52.54
C ASP AE 30 30.70 -94.53 -53.28
N GLY AE 31 30.82 -94.28 -54.57
CA GLY AE 31 31.89 -94.88 -55.35
C GLY AE 31 31.49 -96.26 -55.86
N THR AE 32 32.01 -96.59 -57.05
CA THR AE 32 31.64 -97.83 -57.74
C THR AE 32 32.86 -98.71 -58.01
N SER AE 33 33.82 -98.72 -57.09
CA SER AE 33 35.01 -99.55 -57.12
C SER AE 33 35.96 -99.19 -58.25
N ASP AE 34 35.57 -98.25 -59.12
CA ASP AE 34 36.49 -97.66 -60.08
C ASP AE 34 36.68 -96.17 -59.85
N ARG AE 35 35.73 -95.52 -59.19
CA ARG AE 35 35.86 -94.15 -58.71
C ARG AE 35 35.50 -94.21 -57.24
N PRO AE 36 36.38 -94.76 -56.40
CA PRO AE 36 36.00 -94.99 -54.99
C PRO AE 36 35.62 -93.73 -54.25
N TYR AE 37 36.09 -92.58 -54.70
CA TYR AE 37 35.68 -91.31 -54.17
C TYR AE 37 34.23 -91.01 -54.56
N SER AE 38 33.55 -90.24 -53.71
CA SER AE 38 32.18 -89.84 -53.97
C SER AE 38 32.14 -88.89 -55.16
N HIS AE 39 31.31 -89.22 -56.15
CA HIS AE 39 31.28 -88.49 -57.41
C HIS AE 39 29.85 -88.41 -57.91
N ALA AE 40 29.67 -87.71 -59.03
CA ALA AE 40 28.35 -87.53 -59.61
C ALA AE 40 28.46 -87.15 -61.08
N LEU AE 41 27.64 -87.78 -61.92
CA LEU AE 41 27.49 -87.35 -63.31
C LEU AE 41 26.86 -85.98 -63.33
N VAL AE 42 27.37 -85.10 -64.19
CA VAL AE 42 26.88 -83.73 -64.27
C VAL AE 42 26.84 -83.29 -65.73
N ALA AE 43 25.80 -82.53 -66.07
CA ALA AE 43 25.64 -81.95 -67.39
C ALA AE 43 25.64 -80.43 -67.22
N GLY AE 44 26.53 -79.75 -67.95
CA GLY AE 44 26.72 -78.34 -67.79
C GLY AE 44 26.72 -77.57 -69.11
N ILE AE 45 27.15 -76.32 -69.04
CA ILE AE 45 27.10 -75.41 -70.17
C ILE AE 45 28.50 -74.91 -70.45
N ASP AE 46 28.92 -75.02 -71.72
CA ASP AE 46 30.24 -74.51 -72.11
C ASP AE 46 30.17 -73.06 -72.52
N ARG AE 47 29.24 -72.72 -73.42
CA ARG AE 47 29.07 -71.36 -73.91
C ARG AE 47 27.76 -70.80 -73.39
N TYR AE 48 27.85 -69.77 -72.57
CA TYR AE 48 26.66 -69.07 -72.13
C TYR AE 48 26.03 -68.30 -73.28
N PRO AE 49 24.71 -68.12 -73.27
CA PRO AE 49 24.08 -67.34 -74.33
C PRO AE 49 24.48 -65.88 -74.23
N ARG AE 50 24.77 -65.29 -75.38
CA ARG AE 50 25.10 -63.87 -75.41
C ARG AE 50 23.89 -63.05 -75.00
N LYS AE 51 24.15 -61.95 -74.30
CA LYS AE 51 23.08 -61.07 -73.84
C LYS AE 51 22.27 -60.57 -75.02
N VAL AE 52 20.95 -60.63 -74.90
CA VAL AE 52 20.05 -60.19 -75.95
C VAL AE 52 19.24 -59.01 -75.41
N THR AE 53 18.91 -58.08 -76.30
CA THR AE 53 18.17 -56.88 -75.95
C THR AE 53 17.16 -56.61 -77.05
N ALA AE 54 16.36 -55.56 -76.84
CA ALA AE 54 15.21 -55.32 -77.71
C ALA AE 54 15.64 -55.10 -79.15
N ALA AE 55 16.69 -54.34 -79.38
CA ALA AE 55 17.01 -53.87 -80.73
C ALA AE 55 18.09 -54.73 -81.40
N MET AE 56 17.72 -55.97 -81.71
CA MET AE 56 18.52 -56.74 -82.65
C MET AE 56 17.70 -57.41 -83.74
N GLY AE 57 16.47 -57.79 -83.43
CA GLY AE 57 15.68 -58.58 -84.37
C GLY AE 57 15.85 -60.07 -84.13
N LYS AE 58 14.89 -60.83 -84.68
CA LYS AE 58 14.80 -62.25 -84.35
C LYS AE 58 15.98 -63.05 -84.89
N LYS AE 59 16.39 -62.79 -86.14
CA LYS AE 59 17.41 -63.63 -86.76
C LYS AE 59 18.72 -63.56 -86.01
N LYS AE 60 19.15 -62.37 -85.60
CA LYS AE 60 20.38 -62.25 -84.84
C LYS AE 60 20.23 -62.81 -83.44
N ILE AE 61 19.02 -62.69 -82.86
CA ILE AE 61 18.80 -63.19 -81.51
C ILE AE 61 19.03 -64.70 -81.43
N ALA AE 62 18.47 -65.44 -82.38
CA ALA AE 62 18.56 -66.89 -82.33
C ALA AE 62 20.00 -67.37 -82.39
N LYS AE 63 20.79 -66.79 -83.29
CA LYS AE 63 22.20 -67.16 -83.38
C LYS AE 63 22.94 -66.86 -82.09
N ARG AE 64 22.60 -65.74 -81.44
CA ARG AE 64 23.22 -65.43 -80.15
C ARG AE 64 22.73 -66.35 -79.05
N SER AE 65 21.45 -66.72 -79.07
CA SER AE 65 20.87 -67.56 -78.04
C SER AE 65 21.10 -69.04 -78.36
N LYS AE 66 22.37 -69.40 -78.49
CA LYS AE 66 22.78 -70.78 -78.72
C LYS AE 66 23.73 -71.22 -77.63
N ILE AE 67 23.61 -72.47 -77.22
CA ILE AE 67 24.29 -72.99 -76.03
C ILE AE 67 25.17 -74.17 -76.44
N LYS AE 68 26.35 -74.24 -75.84
CA LYS AE 68 27.21 -75.40 -75.92
C LYS AE 68 27.21 -76.10 -74.58
N SER AE 69 27.01 -77.40 -74.58
CA SER AE 69 26.85 -78.17 -73.35
C SER AE 69 27.92 -79.24 -73.25
N PHE AE 70 27.98 -79.87 -72.08
CA PHE AE 70 28.97 -80.91 -71.82
C PHE AE 70 28.47 -81.80 -70.70
N VAL AE 71 29.09 -82.97 -70.58
CA VAL AE 71 28.75 -83.95 -69.56
C VAL AE 71 30.03 -84.53 -69.00
N LYS AE 72 30.10 -84.65 -67.68
CA LYS AE 72 31.28 -85.20 -67.02
C LYS AE 72 30.88 -85.70 -65.64
N VAL AE 73 31.86 -86.28 -64.94
CA VAL AE 73 31.60 -87.04 -63.72
C VAL AE 73 32.39 -86.48 -62.54
N TYR AE 74 32.46 -85.15 -62.44
CA TYR AE 74 33.33 -84.49 -61.47
C TYR AE 74 33.26 -85.12 -60.09
N ASN AE 75 34.43 -85.28 -59.48
CA ASN AE 75 34.50 -85.61 -58.07
C ASN AE 75 33.91 -84.47 -57.25
N TYR AE 76 33.32 -84.83 -56.10
CA TYR AE 76 32.61 -83.85 -55.30
C TYR AE 76 33.52 -82.70 -54.89
N ASN AE 77 34.77 -82.99 -54.56
CA ASN AE 77 35.67 -81.97 -54.04
C ASN AE 77 35.99 -80.90 -55.08
N HIS AE 78 35.66 -81.14 -56.34
CA HIS AE 78 35.76 -80.14 -57.38
C HIS AE 78 34.42 -79.49 -57.69
N LEU AE 79 33.42 -79.65 -56.83
CA LEU AE 79 32.07 -79.27 -57.20
C LEU AE 79 31.46 -78.42 -56.10
N MET AE 80 30.82 -77.32 -56.49
CA MET AE 80 30.27 -76.37 -55.52
C MET AE 80 28.75 -76.41 -55.52
N PRO AE 81 28.10 -76.95 -54.49
CA PRO AE 81 26.63 -77.01 -54.51
C PRO AE 81 26.02 -75.63 -54.33
N THR AE 82 24.81 -75.49 -54.86
CA THR AE 82 24.15 -74.19 -54.87
C THR AE 82 22.69 -74.38 -54.47
N ARG AE 83 22.16 -73.43 -53.70
CA ARG AE 83 20.79 -73.52 -53.21
C ARG AE 83 19.79 -73.61 -54.35
N TYR AE 84 20.10 -73.01 -55.50
CA TYR AE 84 19.18 -73.08 -56.63
C TYR AE 84 19.13 -74.50 -57.18
N SER AE 85 18.09 -74.76 -57.98
CA SER AE 85 17.91 -76.04 -58.62
C SER AE 85 17.02 -75.84 -59.84
N VAL AE 86 17.15 -76.74 -60.81
CA VAL AE 86 16.40 -76.64 -62.06
C VAL AE 86 15.69 -77.97 -62.31
N ASP AE 87 14.43 -77.87 -62.73
CA ASP AE 87 13.60 -79.04 -63.01
C ASP AE 87 13.59 -79.32 -64.51
N ILE AE 88 14.75 -79.69 -65.03
CA ILE AE 88 14.89 -79.97 -66.45
C ILE AE 88 15.04 -81.48 -66.62
N PRO AE 89 14.07 -82.16 -67.20
CA PRO AE 89 14.12 -83.63 -67.36
C PRO AE 89 15.04 -84.12 -68.48
N LEU AE 90 16.33 -84.22 -68.17
CA LEU AE 90 17.24 -84.92 -69.08
C LEU AE 90 16.87 -86.40 -69.15
N ASP AE 91 17.01 -86.98 -70.34
CA ASP AE 91 16.68 -88.38 -70.53
C ASP AE 91 17.77 -89.24 -69.91
N LYS AE 92 17.39 -90.09 -68.96
CA LYS AE 92 18.37 -90.92 -68.28
C LYS AE 92 18.94 -91.99 -69.20
N THR AE 93 18.15 -92.42 -70.20
CA THR AE 93 18.58 -93.52 -71.05
C THR AE 93 19.79 -93.14 -71.90
N VAL AE 94 19.80 -91.94 -72.47
CA VAL AE 94 20.94 -91.51 -73.26
C VAL AE 94 21.97 -90.76 -72.43
N VAL AE 95 21.59 -90.25 -71.26
CA VAL AE 95 22.53 -89.61 -70.35
C VAL AE 95 22.66 -90.47 -69.10
N ASN AE 96 23.74 -91.25 -69.01
CA ASN AE 96 23.95 -92.20 -67.94
C ASN AE 96 25.42 -92.20 -67.56
N LYS AE 97 25.86 -93.28 -66.92
CA LYS AE 97 27.26 -93.36 -66.49
C LYS AE 97 28.16 -93.91 -67.59
N ASP AE 98 27.60 -94.66 -68.54
CA ASP AE 98 28.40 -95.29 -69.58
C ASP AE 98 28.50 -94.45 -70.85
N VAL AE 99 28.32 -93.13 -70.74
CA VAL AE 99 28.47 -92.24 -71.89
C VAL AE 99 29.92 -92.13 -72.34
N PHE AE 100 30.87 -92.03 -71.42
CA PHE AE 100 32.26 -91.69 -71.76
C PHE AE 100 33.04 -92.91 -72.21
N ARG AE 101 32.41 -93.71 -73.02
CA ARG AE 101 32.98 -94.94 -73.53
C ARG AE 101 32.97 -94.98 -75.05
N ASP AE 102 32.03 -94.26 -75.68
CA ASP AE 102 32.09 -94.07 -77.12
C ASP AE 102 31.81 -92.60 -77.42
N PRO AE 103 32.56 -91.98 -78.33
CA PRO AE 103 32.29 -90.57 -78.67
C PRO AE 103 30.92 -90.36 -79.29
N ALA AE 104 30.41 -91.33 -80.06
CA ALA AE 104 29.17 -91.12 -80.79
C ALA AE 104 28.00 -90.89 -79.86
N LEU AE 105 27.81 -91.79 -78.89
CA LEU AE 105 26.67 -91.65 -77.99
C LEU AE 105 26.88 -90.47 -77.04
N LYS AE 106 28.14 -90.14 -76.74
CA LYS AE 106 28.40 -88.92 -76.00
C LYS AE 106 27.95 -87.69 -76.78
N ARG AE 107 28.24 -87.66 -78.09
CA ARG AE 107 27.80 -86.54 -78.91
C ARG AE 107 26.28 -86.43 -78.91
N LYS AE 108 25.59 -87.57 -78.89
CA LYS AE 108 24.14 -87.53 -78.72
C LYS AE 108 23.77 -86.93 -77.36
N ALA AE 109 24.50 -87.34 -76.31
CA ALA AE 109 24.17 -86.86 -74.98
C ALA AE 109 24.29 -85.35 -74.89
N ARG AE 110 25.40 -84.79 -75.37
CA ARG AE 110 25.54 -83.34 -75.35
C ARG AE 110 24.51 -82.69 -76.26
N ARG AE 111 24.17 -83.33 -77.38
CA ARG AE 111 23.08 -82.85 -78.20
C ARG AE 111 21.76 -82.92 -77.45
N GLU AE 112 21.49 -84.05 -76.78
CA GLU AE 112 20.30 -84.15 -75.95
C GLU AE 112 20.36 -83.10 -74.85
N ALA AE 113 21.53 -82.93 -74.25
CA ALA AE 113 21.68 -81.86 -73.28
C ALA AE 113 21.44 -80.50 -73.92
N LYS AE 114 22.09 -80.23 -75.06
CA LYS AE 114 22.06 -78.90 -75.65
C LYS AE 114 20.63 -78.40 -75.84
N VAL AE 115 19.77 -79.22 -76.43
CA VAL AE 115 18.42 -78.77 -76.76
C VAL AE 115 17.65 -78.41 -75.50
N LYS AE 116 17.78 -79.22 -74.45
CA LYS AE 116 16.96 -79.02 -73.25
C LYS AE 116 17.22 -77.66 -72.61
N PHE AE 117 18.49 -77.26 -72.48
CA PHE AE 117 18.76 -75.93 -71.95
C PHE AE 117 18.19 -74.85 -72.86
N GLU AE 118 18.34 -75.02 -74.18
CA GLU AE 118 17.81 -74.03 -75.10
C GLU AE 118 16.30 -73.88 -74.94
N GLU AE 119 15.60 -75.00 -74.78
CA GLU AE 119 14.19 -74.93 -74.42
C GLU AE 119 14.02 -74.24 -73.08
N ARG AE 120 14.84 -74.60 -72.10
CA ARG AE 120 14.76 -73.97 -70.79
C ARG AE 120 15.25 -72.54 -70.82
N TYR AE 121 16.19 -72.22 -71.71
CA TYR AE 121 16.68 -70.85 -71.81
C TYR AE 121 15.56 -69.90 -72.17
N LYS AE 122 14.75 -70.28 -73.15
CA LYS AE 122 13.58 -69.50 -73.48
C LYS AE 122 12.60 -69.51 -72.31
N THR AE 123 11.61 -68.64 -72.40
CA THR AE 123 10.60 -68.37 -71.36
C THR AE 123 11.22 -67.75 -70.12
N GLY AE 124 12.53 -67.59 -70.05
CA GLY AE 124 13.16 -66.80 -69.00
C GLY AE 124 12.91 -67.29 -67.59
N LYS AE 125 12.84 -68.60 -67.39
CA LYS AE 125 12.80 -69.15 -66.04
C LYS AE 125 14.07 -69.93 -65.76
N ASN AE 126 14.41 -70.02 -64.48
CA ASN AE 126 15.76 -70.44 -64.05
C ASN AE 126 16.81 -69.51 -64.67
N LYS AE 127 16.58 -68.21 -64.55
CA LYS AE 127 17.47 -67.23 -65.16
C LYS AE 127 18.88 -67.35 -64.61
N TRP AE 128 19.02 -67.51 -63.29
CA TRP AE 128 20.33 -67.50 -62.66
C TRP AE 128 21.23 -68.59 -63.21
N PHE AE 129 20.65 -69.66 -63.74
CA PHE AE 129 21.48 -70.75 -64.24
C PHE AE 129 22.25 -70.35 -65.50
N PHE AE 130 21.69 -69.49 -66.34
CA PHE AE 130 22.26 -69.25 -67.65
C PHE AE 130 23.16 -68.02 -67.72
N GLN AE 131 23.38 -67.34 -66.60
CA GLN AE 131 24.32 -66.23 -66.57
C GLN AE 131 25.73 -66.77 -66.34
N LYS AE 132 26.67 -66.31 -67.15
CA LYS AE 132 28.06 -66.60 -66.90
C LYS AE 132 28.47 -66.01 -65.56
N LEU AE 133 29.14 -66.80 -64.74
CA LEU AE 133 29.56 -66.31 -63.43
C LEU AE 133 30.73 -65.35 -63.60
N ARG AE 134 30.63 -64.18 -62.97
CA ARG AE 134 31.70 -63.20 -63.00
C ARG AE 134 32.67 -63.46 -61.86
N PHE AE 135 33.95 -63.55 -62.20
CA PHE AE 135 34.96 -63.90 -61.21
C PHE AE 135 36.35 -63.50 -61.70
N PRO BE 1 121.13 14.34 -86.10
CA PRO BE 1 122.48 13.89 -86.45
C PRO BE 1 123.17 13.21 -85.29
N SER BE 2 122.97 11.89 -85.18
CA SER BE 2 123.55 11.11 -84.11
C SER BE 2 125.07 11.17 -84.07
N ARG BE 3 125.71 11.39 -85.21
CA ARG BE 3 127.17 11.34 -85.27
C ARG BE 3 127.83 12.46 -84.47
N LEU BE 4 127.08 13.46 -84.04
CA LEU BE 4 127.62 14.53 -83.21
C LEU BE 4 127.24 14.37 -81.74
N ARG BE 5 126.38 13.42 -81.42
CA ARG BE 5 125.87 13.31 -80.06
C ARG BE 5 126.93 12.78 -79.11
N LYS BE 6 126.71 13.03 -77.82
CA LYS BE 6 127.61 12.57 -76.79
C LYS BE 6 127.74 11.06 -76.76
N THR BE 7 126.75 10.33 -77.28
CA THR BE 7 126.79 8.88 -77.21
C THR BE 7 127.99 8.30 -77.94
N ARG BE 8 128.26 8.77 -79.15
CA ARG BE 8 129.37 8.21 -79.91
C ARG BE 8 130.70 8.44 -79.23
N LYS BE 9 130.83 9.52 -78.45
CA LYS BE 9 132.04 9.74 -77.68
C LYS BE 9 132.10 8.82 -76.47
N LEU BE 10 130.94 8.42 -75.93
CA LEU BE 10 130.88 7.57 -74.76
C LEU BE 10 130.80 6.10 -75.09
N ARG BE 11 130.89 5.74 -76.37
CA ARG BE 11 130.74 4.32 -76.71
C ARG BE 11 132.07 3.61 -76.47
N GLY BE 12 132.68 3.86 -75.32
CA GLY BE 12 133.83 3.10 -74.88
C GLY BE 12 133.92 2.95 -73.39
N HIS BE 13 132.97 3.52 -72.66
CA HIS BE 13 133.10 3.70 -71.22
C HIS BE 13 132.04 2.88 -70.48
N VAL BE 14 132.43 2.37 -69.32
CA VAL BE 14 131.60 1.38 -68.63
C VAL BE 14 130.26 1.97 -68.21
N SER BE 15 130.29 3.13 -67.57
CA SER BE 15 129.08 3.67 -66.99
C SER BE 15 128.28 4.55 -67.94
N HIS BE 16 128.75 4.74 -69.17
CA HIS BE 16 128.04 5.55 -70.15
C HIS BE 16 127.73 6.94 -69.61
N GLY BE 17 128.72 7.53 -68.94
CA GLY BE 17 128.56 8.89 -68.45
C GLY BE 17 127.47 9.08 -67.44
N HIS BE 18 127.11 8.03 -66.71
CA HIS BE 18 126.11 8.14 -65.66
C HIS BE 18 126.66 7.77 -64.29
N GLY BE 19 127.94 7.51 -64.18
CA GLY BE 19 128.55 7.25 -62.88
C GLY BE 19 128.53 5.77 -62.52
N ARG BE 20 129.56 5.33 -61.83
CA ARG BE 20 129.63 3.95 -61.38
C ARG BE 20 128.78 3.72 -60.15
N ILE BE 21 128.98 4.52 -59.10
CA ILE BE 21 128.12 4.41 -57.93
C ILE BE 21 126.67 4.64 -58.32
N GLY BE 22 126.42 5.75 -59.02
CA GLY BE 22 125.18 5.99 -59.73
C GLY BE 22 123.93 5.48 -59.06
N LYS BE 23 123.16 4.71 -59.81
CA LYS BE 23 123.42 4.48 -61.23
C LYS BE 23 122.29 5.12 -62.00
N HIS BE 24 122.27 4.95 -63.32
CA HIS BE 24 121.15 5.49 -64.08
C HIS BE 24 119.98 4.54 -63.94
N ARG BE 25 119.27 4.67 -62.82
CA ARG BE 25 118.16 3.78 -62.51
C ARG BE 25 116.90 4.26 -63.22
N LYS BE 26 115.78 3.60 -62.92
CA LYS BE 26 114.56 3.82 -63.71
C LYS BE 26 113.92 5.16 -63.42
N HIS BE 27 113.49 5.38 -62.18
CA HIS BE 27 112.81 6.63 -61.80
C HIS BE 27 113.10 6.92 -60.34
N PRO BE 28 114.33 7.25 -60.01
CA PRO BE 28 114.68 7.50 -58.61
C PRO BE 28 114.02 8.77 -58.12
N GLY BE 29 113.25 8.65 -57.04
CA GLY BE 29 112.57 9.77 -56.43
C GLY BE 29 111.15 9.97 -56.87
N GLY BE 30 110.69 9.30 -57.90
CA GLY BE 30 109.34 9.46 -58.37
C GLY BE 30 109.26 10.01 -59.78
N ARG BE 31 108.08 9.90 -60.37
CA ARG BE 31 107.84 10.27 -61.75
C ARG BE 31 107.20 11.65 -61.84
N GLY BE 32 107.60 12.42 -62.84
CA GLY BE 32 107.00 13.73 -63.04
C GLY BE 32 107.24 14.64 -61.85
N ASN BE 33 106.17 15.22 -61.33
CA ASN BE 33 106.24 16.16 -60.21
C ASN BE 33 105.93 15.46 -58.90
N ALA BE 34 106.37 14.22 -58.74
CA ALA BE 34 106.10 13.48 -57.53
C ALA BE 34 106.73 14.15 -56.32
N GLY BE 35 106.08 14.03 -55.17
CA GLY BE 35 106.62 14.54 -53.92
C GLY BE 35 106.84 16.03 -53.93
N GLY BE 36 105.97 16.79 -54.60
CA GLY BE 36 106.15 18.22 -54.69
C GLY BE 36 106.20 18.93 -53.36
N LEU BE 37 105.62 18.33 -52.32
CA LEU BE 37 105.64 18.89 -50.99
C LEU BE 37 106.58 18.16 -50.05
N HIS BE 38 107.02 16.95 -50.39
CA HIS BE 38 107.68 16.08 -49.44
C HIS BE 38 109.19 16.04 -49.61
N HIS BE 39 109.69 15.66 -50.78
CA HIS BE 39 111.12 15.54 -50.97
C HIS BE 39 111.65 16.34 -52.16
N HIS BE 40 110.79 16.78 -53.07
CA HIS BE 40 111.17 17.79 -54.03
C HIS BE 40 110.68 19.17 -53.61
N ARG BE 41 110.29 19.33 -52.35
CA ARG BE 41 109.76 20.60 -51.90
C ARG BE 41 110.77 21.71 -52.06
N ILE BE 42 112.04 21.47 -51.69
CA ILE BE 42 113.04 22.53 -51.70
C ILE BE 42 113.18 23.12 -53.09
N ASN BE 43 113.18 22.27 -54.11
CA ASN BE 43 113.24 22.78 -55.47
C ASN BE 43 111.99 23.56 -55.81
N PHE BE 44 110.83 23.10 -55.35
CA PHE BE 44 109.58 23.72 -55.76
C PHE BE 44 109.43 25.13 -55.22
N ASP BE 45 109.61 25.33 -53.91
CA ASP BE 45 109.33 26.65 -53.33
C ASP BE 45 110.41 27.66 -53.65
N LYS BE 46 111.62 27.20 -53.96
CA LYS BE 46 112.71 28.11 -54.28
C LYS BE 46 112.66 28.59 -55.72
N TYR BE 47 112.07 27.79 -56.62
CA TYR BE 47 112.05 28.14 -58.03
C TYR BE 47 110.65 28.30 -58.59
N HIS BE 48 109.61 27.91 -57.87
CA HIS BE 48 108.23 28.15 -58.27
C HIS BE 48 107.38 28.48 -57.06
N PRO BE 49 107.65 29.60 -56.41
CA PRO BE 49 106.78 30.02 -55.29
C PRO BE 49 105.37 30.27 -55.80
N GLY BE 50 104.39 29.95 -54.96
CA GLY BE 50 103.00 30.10 -55.32
C GLY BE 50 102.40 28.94 -56.06
N TYR BE 51 103.13 27.82 -56.18
CA TYR BE 51 102.65 26.72 -57.01
C TYR BE 51 101.49 25.98 -56.37
N PHE BE 52 101.35 26.04 -55.04
CA PHE BE 52 100.35 25.27 -54.33
C PHE BE 52 99.32 26.19 -53.70
N GLY BE 53 98.05 25.96 -54.02
CA GLY BE 53 96.94 26.67 -53.40
C GLY BE 53 96.05 27.33 -54.42
N LYS BE 54 94.99 27.96 -53.91
CA LYS BE 54 94.04 28.72 -54.71
C LYS BE 54 94.03 30.18 -54.28
N VAL BE 55 93.87 31.07 -55.25
CA VAL BE 55 93.61 32.48 -54.99
C VAL BE 55 92.53 32.94 -55.97
N GLY BE 56 91.83 34.01 -55.59
CA GLY BE 56 90.86 34.62 -56.48
C GLY BE 56 89.59 33.82 -56.61
N MET BE 57 88.73 34.31 -57.51
CA MET BE 57 87.42 33.70 -57.75
C MET BE 57 87.44 33.01 -59.10
N LYS BE 58 86.96 31.77 -59.12
CA LYS BE 58 86.82 31.11 -60.40
C LYS BE 58 85.63 31.70 -61.16
N HIS BE 59 85.63 31.46 -62.47
CA HIS BE 59 84.57 32.00 -63.33
C HIS BE 59 84.29 30.96 -64.42
N TYR BE 60 83.17 30.26 -64.29
CA TYR BE 60 82.83 29.23 -65.24
C TYR BE 60 82.52 29.83 -66.61
N HIS BE 61 82.83 29.06 -67.66
CA HIS BE 61 82.48 29.40 -69.03
C HIS BE 61 83.03 30.77 -69.43
N LEU BE 62 84.35 30.89 -69.30
CA LEU BE 62 85.02 32.16 -69.58
C LEU BE 62 85.19 32.32 -71.08
N LYS BE 63 84.43 33.22 -71.67
CA LYS BE 63 84.59 33.57 -73.08
C LYS BE 63 85.66 34.65 -73.18
N ARG BE 64 86.82 34.27 -73.71
CA ARG BE 64 87.89 35.25 -73.87
C ARG BE 64 87.50 36.39 -74.81
N ASN BE 65 86.56 36.15 -75.71
CA ASN BE 65 86.24 37.14 -76.74
C ASN BE 65 85.62 38.40 -76.15
N GLN BE 66 84.74 38.27 -75.17
CA GLN BE 66 84.08 39.45 -74.64
C GLN BE 66 85.02 40.34 -73.83
N SER BE 67 86.22 39.86 -73.52
CA SER BE 67 87.23 40.68 -72.87
C SER BE 67 88.32 41.15 -73.85
N PHE BE 68 88.09 40.99 -75.15
CA PHE BE 68 89.10 41.31 -76.15
C PHE BE 68 89.26 42.81 -76.27
N CYS BE 69 90.47 43.31 -76.00
CA CYS BE 69 90.73 44.74 -76.07
C CYS BE 69 92.21 45.01 -76.28
N PRO BE 70 92.72 44.81 -77.49
CA PRO BE 70 94.13 45.12 -77.75
C PRO BE 70 94.37 46.61 -77.61
N THR BE 71 95.58 46.94 -77.15
CA THR BE 71 95.94 48.30 -76.81
C THR BE 71 97.10 48.77 -77.67
N VAL BE 72 97.09 50.07 -77.98
CA VAL BE 72 98.16 50.70 -78.74
C VAL BE 72 98.60 51.96 -77.99
N ASN BE 73 99.90 52.14 -77.85
CA ASN BE 73 100.43 53.31 -77.18
C ASN BE 73 100.45 54.51 -78.11
N LEU BE 74 100.48 55.70 -77.51
CA LEU BE 74 100.55 56.91 -78.29
C LEU BE 74 101.79 56.97 -79.16
N ASP BE 75 102.89 56.39 -78.69
CA ASP BE 75 104.15 56.56 -79.40
C ASP BE 75 104.05 55.89 -80.77
N LYS BE 76 103.46 54.71 -80.82
CA LYS BE 76 103.19 54.04 -82.08
C LYS BE 76 102.03 54.66 -82.85
N LEU BE 77 101.24 55.53 -82.21
CA LEU BE 77 99.95 55.95 -82.77
C LEU BE 77 100.09 56.55 -84.16
N TRP BE 78 101.21 57.20 -84.46
CA TRP BE 78 101.39 57.75 -85.80
C TRP BE 78 101.72 56.69 -86.83
N THR BE 79 102.11 55.50 -86.41
CA THR BE 79 102.47 54.46 -87.37
C THR BE 79 101.27 53.85 -88.07
N LEU BE 80 100.06 54.02 -87.51
CA LEU BE 80 98.87 53.44 -88.12
C LEU BE 80 98.29 54.29 -89.22
N VAL BE 81 99.01 55.32 -89.67
CA VAL BE 81 98.65 56.06 -90.86
C VAL BE 81 99.88 56.20 -91.73
N SER BE 82 99.65 56.40 -93.02
CA SER BE 82 100.77 56.57 -93.95
C SER BE 82 101.56 57.82 -93.60
N GLU BE 83 102.88 57.72 -93.77
CA GLU BE 83 103.74 58.87 -93.51
C GLU BE 83 103.43 60.04 -94.42
N GLN BE 84 102.89 59.77 -95.61
CA GLN BE 84 102.38 60.85 -96.44
C GLN BE 84 101.28 61.62 -95.71
N THR BE 85 100.37 60.91 -95.05
CA THR BE 85 99.34 61.58 -94.27
C THR BE 85 99.97 62.47 -93.21
N ARG BE 86 101.08 62.01 -92.63
CA ARG BE 86 101.73 62.77 -91.56
C ARG BE 86 102.32 64.07 -92.10
N VAL BE 87 103.08 63.99 -93.19
CA VAL BE 87 103.85 65.15 -93.63
C VAL BE 87 102.94 66.25 -94.16
N ASN BE 88 101.89 65.88 -94.88
CA ASN BE 88 100.91 66.90 -95.30
C ASN BE 88 100.27 67.55 -94.09
N ALA BE 89 99.97 66.77 -93.05
CA ALA BE 89 99.50 67.35 -91.80
C ALA BE 89 100.54 68.28 -91.20
N ALA BE 90 101.82 67.89 -91.29
CA ALA BE 90 102.88 68.75 -90.78
C ALA BE 90 102.95 70.07 -91.55
N LYS BE 91 102.81 70.01 -92.86
CA LYS BE 91 102.90 71.20 -93.70
C LYS BE 91 101.54 71.87 -93.91
N ASN BE 92 100.48 71.34 -93.31
CA ASN BE 92 99.15 71.87 -93.53
C ASN BE 92 99.06 73.32 -93.09
N LYS BE 93 98.33 74.14 -93.85
CA LYS BE 93 98.24 75.55 -93.53
C LYS BE 93 97.11 75.82 -92.54
N THR BE 94 95.96 75.20 -92.72
CA THR BE 94 94.86 75.36 -91.78
C THR BE 94 95.11 74.47 -90.57
N GLY BE 95 94.20 74.50 -89.59
CA GLY BE 95 94.34 73.70 -88.40
C GLY BE 95 93.81 72.30 -88.59
N ALA BE 96 93.62 71.90 -89.84
CA ALA BE 96 93.08 70.58 -90.13
C ALA BE 96 94.03 69.50 -89.62
N ALA BE 97 93.45 68.45 -89.05
CA ALA BE 97 94.22 67.36 -88.49
C ALA BE 97 93.77 66.03 -89.07
N PRO BE 98 94.69 65.10 -89.31
CA PRO BE 98 94.30 63.79 -89.87
C PRO BE 98 93.44 63.01 -88.89
N ILE BE 99 92.49 62.26 -89.44
CA ILE BE 99 91.65 61.37 -88.63
C ILE BE 99 92.37 60.04 -88.49
N ILE BE 100 92.48 59.55 -87.26
CA ILE BE 100 93.11 58.27 -86.99
C ILE BE 100 92.07 57.35 -86.37
N ASP BE 101 91.89 56.19 -86.98
CA ASP BE 101 90.91 55.20 -86.55
C ASP BE 101 91.68 53.96 -86.13
N VAL BE 102 91.96 53.85 -84.83
CA VAL BE 102 92.69 52.69 -84.33
C VAL BE 102 91.86 51.42 -84.38
N VAL BE 103 90.54 51.54 -84.39
CA VAL BE 103 89.70 50.37 -84.58
C VAL BE 103 89.91 49.79 -85.96
N ARG BE 104 90.14 50.64 -86.95
CA ARG BE 104 90.40 50.17 -88.31
C ARG BE 104 91.65 49.31 -88.36
N SER BE 105 92.70 49.73 -87.65
CA SER BE 105 93.93 48.95 -87.61
C SER BE 105 93.83 47.73 -86.70
N GLY BE 106 92.85 47.68 -85.81
CA GLY BE 106 92.66 46.53 -84.96
C GLY BE 106 92.98 46.73 -83.49
N TYR BE 107 92.89 47.95 -82.98
CA TYR BE 107 93.08 48.23 -81.57
C TYR BE 107 91.84 48.89 -81.00
N TYR BE 108 91.58 48.65 -79.71
CA TYR BE 108 90.41 49.21 -79.04
C TYR BE 108 90.75 50.35 -78.10
N LYS BE 109 91.79 50.20 -77.30
CA LYS BE 109 92.16 51.15 -76.27
C LYS BE 109 93.51 51.78 -76.62
N VAL BE 110 93.68 53.03 -76.22
CA VAL BE 110 94.90 53.77 -76.50
C VAL BE 110 95.55 54.11 -75.16
N LEU BE 111 96.76 53.59 -74.95
CA LEU BE 111 97.50 53.80 -73.72
C LEU BE 111 98.52 54.91 -73.90
N GLY BE 112 98.91 55.51 -72.78
CA GLY BE 112 99.61 56.78 -72.77
C GLY BE 112 101.13 56.78 -72.84
N LYS BE 113 101.75 55.63 -73.07
CA LYS BE 113 103.21 55.60 -73.10
C LYS BE 113 103.73 56.39 -74.30
N GLY BE 114 104.78 57.16 -74.07
CA GLY BE 114 105.41 57.95 -75.11
C GLY BE 114 105.00 59.42 -75.07
N LYS BE 115 105.39 60.13 -76.12
CA LYS BE 115 105.06 61.54 -76.25
C LYS BE 115 104.62 61.81 -77.68
N LEU BE 116 104.08 62.99 -77.89
CA LEU BE 116 103.52 63.25 -79.21
C LEU BE 116 104.32 64.35 -79.92
N PRO BE 117 104.56 64.19 -81.22
CA PRO BE 117 105.08 65.32 -82.00
C PRO BE 117 104.04 66.41 -82.06
N LYS BE 118 104.50 67.65 -82.07
CA LYS BE 118 103.60 68.79 -81.89
C LYS BE 118 102.85 69.06 -83.20
N GLN BE 119 101.72 68.36 -83.36
CA GLN BE 119 100.73 68.62 -84.39
C GLN BE 119 99.44 67.95 -83.97
N PRO BE 120 98.34 68.69 -83.92
CA PRO BE 120 97.09 68.11 -83.41
C PRO BE 120 96.56 67.01 -84.31
N VAL BE 121 95.75 66.14 -83.70
CA VAL BE 121 95.23 64.96 -84.40
C VAL BE 121 94.02 64.48 -83.64
N ILE BE 122 93.05 63.96 -84.37
CA ILE BE 122 91.84 63.39 -83.79
C ILE BE 122 91.95 61.88 -83.88
N VAL BE 123 91.61 61.19 -82.79
CA VAL BE 123 91.80 59.76 -82.67
C VAL BE 123 90.45 59.12 -82.37
N LYS BE 124 90.09 58.09 -83.12
CA LYS BE 124 88.89 57.31 -82.86
C LYS BE 124 89.30 56.03 -82.15
N ALA BE 125 88.76 55.82 -80.95
CA ALA BE 125 89.12 54.65 -80.17
C ALA BE 125 87.96 54.27 -79.26
N LYS BE 126 87.95 53.01 -78.82
CA LYS BE 126 86.90 52.56 -77.92
C LYS BE 126 87.15 53.02 -76.49
N PHE BE 127 88.42 53.14 -76.10
CA PHE BE 127 88.77 53.60 -74.76
C PHE BE 127 90.06 54.40 -74.82
N PHE BE 128 90.21 55.28 -73.83
CA PHE BE 128 91.40 56.11 -73.69
C PHE BE 128 91.95 55.98 -72.27
N SER BE 129 93.27 55.88 -72.16
CA SER BE 129 93.88 56.02 -70.85
C SER BE 129 93.86 57.48 -70.43
N ARG BE 130 93.85 57.71 -69.12
CA ARG BE 130 93.74 59.09 -68.63
C ARG BE 130 94.95 59.91 -69.05
N ARG BE 131 96.16 59.40 -68.82
CA ARG BE 131 97.34 60.10 -69.30
C ARG BE 131 97.39 60.14 -70.81
N ALA BE 132 96.79 59.16 -71.48
CA ALA BE 132 96.67 59.23 -72.93
C ALA BE 132 95.74 60.35 -73.35
N GLU BE 133 94.94 60.85 -72.41
CA GLU BE 133 93.88 61.78 -72.76
C GLU BE 133 94.39 63.21 -72.83
N GLU BE 134 95.01 63.71 -71.76
CA GLU BE 134 95.53 65.06 -71.78
C GLU BE 134 96.74 65.18 -72.71
N LYS BE 135 97.49 64.09 -72.88
CA LYS BE 135 98.67 64.16 -73.74
C LYS BE 135 98.29 64.57 -75.15
N ILE BE 136 97.27 63.93 -75.74
CA ILE BE 136 96.83 64.34 -77.07
C ILE BE 136 96.17 65.72 -76.98
N LYS BE 137 95.47 66.00 -75.89
CA LYS BE 137 94.91 67.34 -75.71
C LYS BE 137 96.01 68.38 -75.68
N SER BE 138 97.12 68.09 -74.99
CA SER BE 138 98.19 69.06 -74.85
C SER BE 138 98.79 69.46 -76.19
N VAL BE 139 98.82 68.55 -77.16
CA VAL BE 139 99.36 68.87 -78.47
C VAL BE 139 98.23 69.38 -79.35
N GLY BE 140 97.11 69.69 -78.73
CA GLY BE 140 95.98 70.27 -79.43
C GLY BE 140 95.03 69.30 -80.04
N GLY BE 141 95.33 68.00 -80.02
CA GLY BE 141 94.41 67.01 -80.53
C GLY BE 141 93.24 66.79 -79.59
N ALA BE 142 92.26 66.04 -80.08
CA ALA BE 142 91.06 65.75 -79.32
C ALA BE 142 90.71 64.27 -79.44
N CYS BE 143 90.05 63.75 -78.43
CA CYS BE 143 89.67 62.34 -78.36
C CYS BE 143 88.20 62.20 -78.71
N VAL BE 144 87.89 61.23 -79.56
CA VAL BE 144 86.51 60.89 -79.86
C VAL BE 144 86.33 59.39 -79.63
N LEU BE 145 85.11 59.02 -79.29
CA LEU BE 145 84.79 57.65 -78.90
C LEU BE 145 83.95 56.97 -79.97
N VAL BE 146 84.17 55.67 -80.12
CA VAL BE 146 83.45 54.86 -81.09
C VAL BE 146 82.92 53.63 -80.37
N ALA BE 147 81.62 53.40 -80.46
CA ALA BE 147 81.00 52.24 -79.84
C ALA BE 147 81.32 50.98 -80.64
N ALA CE 1 123.63 -0.18 -41.95
CA ALA CE 1 122.91 0.25 -40.76
C ALA CE 1 123.44 1.59 -40.29
N LYS CE 2 124.18 1.58 -39.18
CA LYS CE 2 124.76 2.81 -38.65
C LYS CE 2 125.71 3.41 -39.68
N SER CE 3 125.72 4.74 -39.73
CA SER CE 3 126.51 5.46 -40.71
C SER CE 3 127.12 6.67 -40.03
N LYS CE 4 128.15 7.24 -40.67
CA LYS CE 4 128.81 8.39 -40.09
C LYS CE 4 127.84 9.56 -40.02
N ASN CE 5 127.56 10.02 -38.80
CA ASN CE 5 126.48 10.99 -38.60
C ASN CE 5 126.83 12.34 -39.18
N HIS CE 6 127.91 12.96 -38.71
CA HIS CE 6 128.27 14.27 -39.22
C HIS CE 6 129.77 14.47 -39.08
N THR CE 7 130.35 15.18 -40.04
CA THR CE 7 131.72 15.63 -39.95
C THR CE 7 131.90 16.84 -40.85
N THR CE 8 132.94 17.62 -40.57
CA THR CE 8 133.26 18.81 -41.35
C THR CE 8 134.60 18.64 -42.05
N HIS CE 9 135.14 17.44 -42.07
CA HIS CE 9 136.43 17.21 -42.70
C HIS CE 9 136.35 17.48 -44.20
N ASN CE 10 137.44 18.04 -44.74
CA ASN CE 10 137.59 18.32 -46.16
C ASN CE 10 136.70 19.47 -46.59
N GLN CE 11 135.83 19.95 -45.70
CA GLN CE 11 135.02 21.12 -46.02
C GLN CE 11 135.88 22.36 -46.14
N SER CE 12 136.86 22.51 -45.25
CA SER CE 12 137.73 23.68 -45.31
C SER CE 12 138.48 23.73 -46.63
N ARG CE 13 139.00 22.59 -47.08
CA ARG CE 13 139.65 22.55 -48.38
C ARG CE 13 138.66 22.85 -49.50
N LYS CE 14 137.43 22.33 -49.39
CA LYS CE 14 136.48 22.40 -50.49
C LYS CE 14 136.23 23.85 -50.90
N TRP CE 15 135.90 24.70 -49.94
CA TRP CE 15 135.52 26.07 -50.27
C TRP CE 15 136.71 27.01 -50.37
N HIS CE 16 137.91 26.58 -50.00
CA HIS CE 16 139.10 27.34 -50.32
C HIS CE 16 139.51 27.19 -51.77
N ARG CE 17 139.02 26.16 -52.46
CA ARG CE 17 139.45 25.93 -53.83
C ARG CE 17 139.06 27.09 -54.73
N ASN CE 18 137.86 27.62 -54.56
CA ASN CE 18 137.44 28.83 -55.26
C ASN CE 18 137.83 30.09 -54.52
N GLY CE 19 138.37 29.96 -53.31
CA GLY CE 19 138.76 31.13 -52.55
C GLY CE 19 137.58 31.75 -51.84
N ILE CE 20 137.75 32.02 -50.54
CA ILE CE 20 136.69 32.64 -49.74
C ILE CE 20 136.79 34.14 -50.01
N LYS CE 21 135.94 34.62 -50.90
CA LYS CE 21 136.00 36.00 -51.38
C LYS CE 21 135.24 36.93 -50.45
N LYS CE 22 135.82 38.09 -50.17
CA LYS CE 22 135.11 39.14 -49.46
C LYS CE 22 134.01 39.70 -50.35
N PRO CE 23 132.93 40.22 -49.76
CA PRO CE 23 131.88 40.84 -50.57
C PRO CE 23 132.44 42.05 -51.33
N ARG CE 24 131.91 42.27 -52.52
CA ARG CE 24 132.41 43.36 -53.36
C ARG CE 24 131.88 44.69 -52.83
N SER CE 25 132.60 45.26 -51.85
CA SER CE 25 132.24 46.57 -51.34
C SER CE 25 132.52 47.63 -52.39
N GLN CE 26 131.65 48.61 -52.49
CA GLN CE 26 131.77 49.66 -53.48
C GLN CE 26 131.16 50.96 -52.95
N ARG CE 27 131.59 52.06 -53.55
CA ARG CE 27 131.04 53.36 -53.20
C ARG CE 27 129.56 53.42 -53.54
N TYR CE 28 128.82 54.25 -52.80
CA TYR CE 28 127.37 54.34 -52.90
C TYR CE 28 126.70 52.99 -52.59
N GLU CE 29 126.84 52.59 -51.32
CA GLU CE 29 126.17 51.41 -50.83
C GLU CE 29 124.65 51.62 -50.79
N SER CE 30 123.92 50.51 -50.72
CA SER CE 30 122.47 50.57 -50.61
C SER CE 30 122.05 51.14 -49.25
N LEU CE 31 120.96 51.90 -49.26
CA LEU CE 31 120.51 52.57 -48.05
C LEU CE 31 119.26 51.95 -47.44
N LYS CE 32 118.91 50.73 -47.85
CA LYS CE 32 117.74 50.07 -47.26
C LYS CE 32 118.01 49.76 -45.80
N GLY CE 33 116.94 49.82 -45.00
CA GLY CE 33 117.00 49.51 -43.60
C GLY CE 33 117.30 50.68 -42.68
N VAL CE 34 117.67 51.84 -43.23
CA VAL CE 34 117.89 53.02 -42.42
C VAL CE 34 116.56 53.58 -41.97
N ASP CE 35 116.57 54.53 -41.05
CA ASP CE 35 115.35 55.08 -40.48
C ASP CE 35 114.46 55.63 -41.60
N PRO CE 36 113.23 55.14 -41.72
CA PRO CE 36 112.33 55.70 -42.75
C PRO CE 36 112.08 57.18 -42.57
N LYS CE 37 111.97 57.65 -41.33
CA LYS CE 37 111.73 59.08 -41.12
C LYS CE 37 112.93 59.90 -41.57
N PHE CE 38 114.14 59.44 -41.25
CA PHE CE 38 115.33 60.15 -41.71
C PHE CE 38 115.47 60.04 -43.22
N LEU CE 39 115.03 58.92 -43.80
CA LEU CE 39 115.04 58.78 -45.25
C LEU CE 39 114.19 59.84 -45.92
N ARG CE 40 112.93 59.98 -45.48
CA ARG CE 40 112.02 60.86 -46.18
C ARG CE 40 112.49 62.30 -46.14
N ASN CE 41 113.17 62.71 -45.06
CA ASN CE 41 113.76 64.04 -45.05
C ASN CE 41 114.85 64.16 -46.10
N MET CE 42 115.68 63.13 -46.23
CA MET CE 42 116.74 63.17 -47.23
C MET CE 42 116.18 63.32 -48.64
N ARG CE 43 115.09 62.62 -48.95
CA ARG CE 43 114.47 62.76 -50.25
C ARG CE 43 114.02 64.19 -50.49
N PHE CE 44 113.41 64.82 -49.48
CA PHE CE 44 113.02 66.21 -49.60
C PHE CE 44 114.23 67.10 -49.85
N ALA CE 45 115.32 66.85 -49.14
CA ALA CE 45 116.53 67.63 -49.35
C ALA CE 45 117.04 67.45 -50.78
N LYS CE 46 117.07 66.22 -51.27
CA LYS CE 46 117.44 65.99 -52.66
C LYS CE 46 116.42 66.60 -53.61
N LYS CE 47 115.13 66.47 -53.30
CA LYS CE 47 114.11 67.02 -54.17
C LYS CE 47 114.19 68.54 -54.25
N HIS CE 48 114.43 69.19 -53.12
CA HIS CE 48 114.49 70.64 -53.07
C HIS CE 48 115.89 71.19 -53.23
N ASN CE 49 116.86 70.33 -53.54
CA ASN CE 49 118.18 70.82 -53.90
C ASN CE 49 118.14 71.69 -55.15
N LYS CE 50 117.15 71.48 -56.02
CA LYS CE 50 117.04 72.29 -57.23
C LYS CE 50 116.85 73.76 -56.88
N LYS CE 51 116.02 74.06 -55.88
CA LYS CE 51 115.86 75.45 -55.48
C LYS CE 51 117.16 75.95 -54.85
N GLY CE 52 117.39 77.25 -55.01
CA GLY CE 52 118.66 77.81 -54.63
C GLY CE 52 119.78 77.49 -55.56
N LEU CE 53 119.50 76.93 -56.75
CA LEU CE 53 120.55 76.64 -57.70
C LEU CE 53 121.20 77.91 -58.22
N LYS CE 54 120.40 78.95 -58.42
CA LYS CE 54 120.97 80.19 -58.93
C LYS CE 54 122.04 80.74 -57.96
N LYS CE 55 121.99 80.33 -56.72
CA LYS CE 55 122.99 80.76 -55.75
C LYS CE 55 124.32 80.05 -55.94
N MET CE 56 124.28 78.77 -56.35
CA MET CE 56 125.51 77.99 -56.46
C MET CE 56 126.53 78.63 -57.39
N GLN CE 57 126.20 78.73 -58.68
CA GLN CE 57 127.20 79.25 -59.62
C GLN CE 57 127.46 80.72 -59.37
N ALA CE 58 126.51 81.42 -58.76
CA ALA CE 58 126.82 82.75 -58.25
C ALA CE 58 127.91 82.67 -57.19
N ASN CE 59 127.69 81.84 -56.15
CA ASN CE 59 128.69 81.68 -55.12
C ASN CE 59 129.96 81.05 -55.67
N ASN CE 60 129.82 80.03 -56.53
CA ASN CE 60 130.98 79.31 -57.02
C ASN CE 60 131.84 80.19 -57.92
N ALA CE 61 131.21 80.90 -58.86
CA ALA CE 61 131.99 81.74 -59.78
C ALA CE 61 132.71 82.85 -59.03
N LYS CE 62 132.05 83.47 -58.04
CA LYS CE 62 132.73 84.45 -57.20
C LYS CE 62 133.95 83.82 -56.54
N ALA CE 63 133.82 82.58 -56.08
CA ALA CE 63 135.00 81.85 -55.63
C ALA CE 63 135.92 81.57 -56.80
N MET CE 64 135.37 81.24 -57.97
CA MET CE 64 136.22 80.99 -59.13
C MET CE 64 137.02 82.23 -59.50
N SER CE 65 136.36 83.39 -59.50
CA SER CE 65 137.07 84.62 -59.83
C SER CE 65 138.10 84.97 -58.76
N ALA CE 66 137.71 84.86 -57.49
CA ALA CE 66 138.61 85.27 -56.41
C ALA CE 66 139.84 84.37 -56.35
N ARG CE 67 139.67 83.07 -56.53
CA ARG CE 67 140.81 82.17 -56.45
C ARG CE 67 141.77 82.39 -57.61
N ALA CE 68 141.23 82.73 -58.79
CA ALA CE 68 142.08 82.96 -59.94
C ALA CE 68 142.96 84.20 -59.75
N GLU CE 69 142.34 85.33 -59.36
CA GLU CE 69 143.10 86.58 -59.24
C GLU CE 69 144.20 86.46 -58.19
N ALA CE 70 143.91 85.82 -57.06
CA ALA CE 70 144.96 85.59 -56.07
C ALA CE 70 146.07 84.72 -56.63
N ILE CE 71 145.70 83.65 -57.35
CA ILE CE 71 146.70 82.82 -58.01
C ILE CE 71 147.40 83.61 -59.11
N LYS CE 72 146.65 84.37 -59.90
CA LYS CE 72 147.22 85.16 -60.98
C LYS CE 72 147.99 86.37 -60.48
N ALA CE 73 148.14 86.55 -59.17
CA ALA CE 73 148.92 87.64 -58.61
C ALA CE 73 150.41 87.34 -58.74
N LEU CE 74 150.85 87.19 -59.98
CA LEU CE 74 152.23 86.88 -60.27
C LEU CE 74 153.11 88.12 -60.13
N VAL CE 75 154.42 87.89 -60.03
CA VAL CE 75 155.45 88.93 -59.87
C VAL CE 75 155.02 90.05 -58.93
N VAL CE 88 181.66 70.08 -60.55
CA VAL CE 88 182.85 69.26 -60.40
C VAL CE 88 183.00 68.31 -61.59
N SER CE 89 183.96 67.39 -61.48
CA SER CE 89 184.18 66.41 -62.55
C SER CE 89 183.11 65.33 -62.52
N ARG CE 90 183.05 64.57 -61.42
CA ARG CE 90 182.04 63.53 -61.21
C ARG CE 90 182.00 62.57 -62.40
N LYS CE 91 183.12 61.83 -62.52
CA LYS CE 91 183.39 61.04 -63.72
C LYS CE 91 182.26 60.06 -64.03
N LEU CE 92 181.80 59.31 -63.03
CA LEU CE 92 180.71 58.39 -63.25
C LEU CE 92 179.46 59.13 -63.73
N ASP CE 93 179.12 60.22 -63.07
CA ASP CE 93 177.98 61.04 -63.50
C ASP CE 93 178.25 61.64 -64.88
N ARG CE 94 179.47 62.11 -65.12
CA ARG CE 94 179.79 62.72 -66.40
C ARG CE 94 179.53 61.75 -67.55
N LEU CE 95 180.07 60.53 -67.45
CA LEU CE 95 179.87 59.56 -68.52
C LEU CE 95 178.41 59.22 -68.73
N ALA CE 96 177.65 59.08 -67.63
CA ALA CE 96 176.22 58.79 -67.75
C ALA CE 96 175.50 59.87 -68.54
N TYR CE 97 175.89 61.13 -68.33
CA TYR CE 97 175.28 62.22 -69.08
C TYR CE 97 175.54 62.07 -70.57
N ILE CE 98 176.77 61.69 -70.94
CA ILE CE 98 177.07 61.44 -72.34
C ILE CE 98 176.25 60.27 -72.86
N ALA CE 99 176.08 59.23 -72.04
CA ALA CE 99 175.36 58.04 -72.46
C ALA CE 99 173.88 58.31 -72.71
N HIS CE 100 173.33 59.40 -72.22
CA HIS CE 100 171.90 59.66 -72.41
C HIS CE 100 171.61 59.84 -73.90
N PRO CE 101 170.56 59.21 -74.43
CA PRO CE 101 170.29 59.32 -75.86
C PRO CE 101 170.06 60.74 -76.34
N LYS CE 102 169.39 61.57 -75.56
CA LYS CE 102 169.10 62.94 -75.97
C LYS CE 102 170.10 63.93 -75.41
N LEU CE 103 170.32 63.90 -74.10
CA LEU CE 103 171.15 64.90 -73.45
C LEU CE 103 172.61 64.82 -73.86
N GLY CE 104 173.12 63.62 -74.16
CA GLY CE 104 174.50 63.46 -74.56
C GLY CE 104 174.67 63.33 -76.06
N LYS CE 105 173.65 63.74 -76.82
CA LYS CE 105 173.68 63.61 -78.28
C LYS CE 105 174.86 64.34 -78.88
N ARG CE 106 174.93 65.66 -78.69
CA ARG CE 106 176.05 66.42 -79.24
C ARG CE 106 177.33 66.20 -78.45
N ALA CE 107 177.23 65.85 -77.16
CA ALA CE 107 178.42 65.64 -76.35
C ALA CE 107 179.25 64.47 -76.90
N ARG CE 108 178.61 63.32 -77.08
CA ARG CE 108 179.29 62.18 -77.69
C ARG CE 108 179.68 62.47 -79.13
N ALA CE 109 179.06 63.45 -79.78
CA ALA CE 109 179.43 63.79 -81.14
C ALA CE 109 180.77 64.55 -81.17
N ARG CE 110 181.00 65.42 -80.19
CA ARG CE 110 182.24 66.18 -80.17
C ARG CE 110 183.45 65.27 -80.00
N ILE CE 111 183.36 64.31 -79.07
CA ILE CE 111 184.47 63.37 -78.89
C ILE CE 111 184.58 62.44 -80.10
N ALA CE 112 183.48 62.25 -80.82
CA ALA CE 112 183.50 61.38 -81.98
C ALA CE 112 184.35 61.95 -83.11
N LYS CE 113 184.14 63.23 -83.44
CA LYS CE 113 184.90 63.83 -84.53
C LYS CE 113 186.36 63.99 -84.18
N GLY CE 114 186.68 64.29 -82.93
CA GLY CE 114 188.05 64.54 -82.54
C GLY CE 114 188.95 63.33 -82.72
N LEU CE 115 188.43 62.13 -82.47
CA LEU CE 115 189.24 60.92 -82.60
C LEU CE 115 189.55 60.57 -84.04
N ARG CE 116 188.91 61.22 -85.01
CA ARG CE 116 189.33 61.16 -86.41
C ARG CE 116 189.49 62.61 -86.88
N LEU CE 117 190.62 63.21 -86.53
CA LEU CE 117 191.00 64.58 -86.90
C LEU CE 117 192.35 64.91 -86.28
N CYS CE 118 193.03 65.93 -86.80
CA CYS CE 118 194.32 66.35 -86.24
C CYS CE 118 194.57 67.80 -86.63
N ARG CE 119 194.46 68.70 -85.66
CA ARG CE 119 194.80 70.10 -85.85
C ARG CE 119 195.82 70.51 -84.80
N PRO CE 120 197.00 70.97 -85.20
CA PRO CE 120 198.08 71.22 -84.25
C PRO CE 120 197.85 72.53 -83.51
N LYS CE 121 198.85 72.90 -82.69
CA LYS CE 121 198.85 74.14 -81.92
C LYS CE 121 197.70 74.17 -80.93
N LYS DE 1 30.72 -67.63 -18.29
CA LYS DE 1 30.56 -69.02 -17.89
C LYS DE 1 30.24 -69.91 -19.08
N SER DE 2 30.01 -69.28 -20.24
CA SER DE 2 29.74 -70.06 -21.45
C SER DE 2 31.03 -70.64 -22.02
N LEU DE 3 32.15 -69.94 -21.84
CA LEU DE 3 33.42 -70.41 -22.37
C LEU DE 3 33.83 -71.74 -21.74
N GLU DE 4 33.68 -71.86 -20.43
CA GLU DE 4 33.96 -73.14 -19.79
C GLU DE 4 32.86 -74.15 -20.10
N SER DE 5 31.67 -73.68 -20.47
CA SER DE 5 30.59 -74.59 -20.83
C SER DE 5 30.89 -75.33 -22.13
N ILE DE 6 31.33 -74.59 -23.16
CA ILE DE 6 31.65 -75.22 -24.43
C ILE DE 6 32.92 -76.05 -24.31
N ASN DE 7 33.93 -75.55 -23.61
CA ASN DE 7 35.19 -76.28 -23.49
C ASN DE 7 34.98 -77.63 -22.84
N SER DE 8 34.34 -77.66 -21.67
CA SER DE 8 34.12 -78.93 -20.98
C SER DE 8 33.23 -79.84 -21.82
N ARG DE 9 32.19 -79.28 -22.44
CA ARG DE 9 31.34 -80.08 -23.31
C ARG DE 9 32.11 -80.61 -24.51
N LEU DE 10 32.93 -79.78 -25.14
CA LEU DE 10 33.75 -80.27 -26.26
C LEU DE 10 34.82 -81.23 -25.75
N GLN DE 11 35.28 -81.03 -24.52
CA GLN DE 11 36.16 -82.03 -23.92
C GLN DE 11 35.44 -83.35 -23.74
N LEU DE 12 34.18 -83.31 -23.32
CA LEU DE 12 33.47 -84.54 -23.00
C LEU DE 12 33.03 -85.30 -24.24
N VAL DE 13 32.69 -84.61 -25.33
CA VAL DE 13 32.35 -85.31 -26.56
C VAL DE 13 33.57 -86.05 -27.09
N MET DE 14 34.75 -85.58 -26.73
CA MET DE 14 35.94 -86.40 -26.90
C MET DE 14 35.75 -87.70 -26.12
N LYS DE 15 36.21 -88.79 -26.70
CA LYS DE 15 36.18 -90.14 -26.11
C LYS DE 15 34.78 -90.57 -25.67
N SER DE 16 33.75 -89.81 -26.00
CA SER DE 16 32.38 -90.22 -25.73
C SER DE 16 31.45 -90.01 -26.90
N GLY DE 17 31.84 -89.24 -27.90
CA GLY DE 17 31.02 -89.03 -29.08
C GLY DE 17 31.90 -88.91 -30.30
N LYS DE 18 31.32 -89.26 -31.44
CA LYS DE 18 32.11 -89.30 -32.67
C LYS DE 18 32.28 -87.90 -33.25
N TYR DE 19 33.49 -87.63 -33.73
CA TYR DE 19 33.91 -86.30 -34.17
C TYR DE 19 34.73 -86.45 -35.43
N VAL DE 20 35.15 -85.31 -35.98
CA VAL DE 20 36.13 -85.28 -37.06
C VAL DE 20 36.93 -84.00 -36.95
N LEU DE 21 38.14 -84.01 -37.50
CA LEU DE 21 39.06 -82.89 -37.41
C LEU DE 21 39.58 -82.55 -38.79
N GLY DE 22 39.73 -81.26 -39.06
CA GLY DE 22 40.22 -80.79 -40.34
C GLY DE 22 39.13 -80.20 -41.20
N TYR DE 23 39.50 -79.87 -42.43
CA TYR DE 23 38.58 -79.20 -43.34
C TYR DE 23 38.04 -80.15 -44.40
N LYS DE 24 38.92 -80.88 -45.09
CA LYS DE 24 38.45 -81.82 -46.10
C LYS DE 24 37.59 -82.91 -45.47
N GLN DE 25 38.03 -83.46 -44.35
CA GLN DE 25 37.24 -84.48 -43.67
C GLN DE 25 35.89 -83.93 -43.25
N THR DE 26 35.85 -82.75 -42.65
CA THR DE 26 34.58 -82.18 -42.24
C THR DE 26 33.73 -81.82 -43.44
N LEU DE 27 34.35 -81.47 -44.56
CA LEU DE 27 33.58 -81.23 -45.77
C LEU DE 27 32.96 -82.53 -46.28
N LYS DE 28 33.74 -83.61 -46.26
CA LYS DE 28 33.22 -84.90 -46.69
C LYS DE 28 32.07 -85.35 -45.79
N MET DE 29 32.16 -85.05 -44.49
CA MET DE 29 31.09 -85.44 -43.57
C MET DE 29 29.82 -84.65 -43.84
N ILE DE 30 29.92 -83.34 -44.04
CA ILE DE 30 28.72 -82.53 -44.14
C ILE DE 30 28.01 -82.79 -45.47
N ARG DE 31 28.77 -82.98 -46.55
CA ARG DE 31 28.12 -83.38 -47.79
C ARG DE 31 27.51 -84.77 -47.67
N GLN DE 32 27.98 -85.58 -46.72
CA GLN DE 32 27.31 -86.82 -46.39
C GLN DE 32 26.14 -86.64 -45.45
N GLY DE 33 25.96 -85.43 -44.92
CA GLY DE 33 24.83 -85.17 -44.04
C GLY DE 33 24.94 -85.77 -42.67
N LYS DE 34 26.13 -86.27 -42.29
CA LYS DE 34 26.33 -86.90 -41.00
C LYS DE 34 26.97 -85.95 -39.99
N ALA DE 35 26.84 -84.64 -40.21
CA ALA DE 35 27.38 -83.64 -39.29
C ALA DE 35 26.24 -82.86 -38.68
N LYS DE 36 26.26 -82.72 -37.36
CA LYS DE 36 25.23 -81.98 -36.65
C LYS DE 36 25.66 -80.55 -36.34
N LEU DE 37 26.81 -80.40 -35.69
CA LEU DE 37 27.36 -79.09 -35.39
C LEU DE 37 28.78 -79.01 -35.95
N VAL DE 38 29.15 -77.83 -36.42
CA VAL DE 38 30.51 -77.58 -36.89
C VAL DE 38 31.07 -76.40 -36.10
N ILE DE 39 32.34 -76.51 -35.74
CA ILE DE 39 33.01 -75.53 -34.89
C ILE DE 39 34.00 -74.75 -35.75
N LEU DE 40 33.99 -73.43 -35.58
CA LEU DE 40 34.85 -72.53 -36.34
C LEU DE 40 35.79 -71.80 -35.40
N ALA DE 41 37.05 -71.68 -35.82
CA ALA DE 41 37.99 -70.84 -35.10
C ALA DE 41 37.98 -69.43 -35.65
N ASN DE 42 38.22 -68.45 -34.78
CA ASN DE 42 38.29 -67.07 -35.24
C ASN DE 42 39.43 -66.87 -36.22
N ASN DE 43 40.48 -67.68 -36.12
CA ASN DE 43 41.60 -67.64 -37.05
C ASN DE 43 41.23 -68.16 -38.44
N CYS DE 44 40.10 -68.84 -38.58
CA CYS DE 44 39.78 -69.48 -39.85
C CYS DE 44 39.74 -68.45 -40.97
N PRO DE 45 40.24 -68.81 -42.16
CA PRO DE 45 40.13 -67.91 -43.30
C PRO DE 45 38.68 -67.59 -43.60
N ALA DE 46 38.43 -66.32 -43.97
CA ALA DE 46 37.06 -65.86 -44.12
C ALA DE 46 36.34 -66.62 -45.22
N LEU DE 47 37.01 -66.85 -46.35
CA LEU DE 47 36.36 -67.58 -47.44
C LEU DE 47 35.99 -68.99 -47.01
N ARG DE 48 36.93 -69.70 -46.39
CA ARG DE 48 36.63 -71.04 -45.90
C ARG DE 48 35.55 -70.99 -44.82
N LYS DE 49 35.58 -69.95 -43.96
CA LYS DE 49 34.53 -69.80 -42.97
C LYS DE 49 33.18 -69.60 -43.63
N SER DE 50 33.10 -68.73 -44.63
CA SER DE 50 31.83 -68.47 -45.29
C SER DE 50 31.35 -69.70 -46.06
N GLU DE 51 32.29 -70.42 -46.69
CA GLU DE 51 31.91 -71.56 -47.52
C GLU DE 51 31.16 -72.62 -46.72
N ILE DE 52 31.71 -73.00 -45.56
CA ILE DE 52 31.06 -74.04 -44.76
C ILE DE 52 29.72 -73.53 -44.22
N GLU DE 53 29.64 -72.23 -43.96
CA GLU DE 53 28.36 -71.65 -43.55
C GLU DE 53 27.31 -71.87 -44.63
N TYR DE 54 27.67 -71.62 -45.89
CA TYR DE 54 26.78 -71.95 -46.99
C TYR DE 54 26.54 -73.45 -47.06
N TYR DE 55 27.60 -74.24 -46.86
CA TYR DE 55 27.43 -75.69 -46.79
C TYR DE 55 26.48 -76.08 -45.67
N ALA DE 56 26.64 -75.46 -44.50
CA ALA DE 56 25.80 -75.79 -43.37
C ALA DE 56 24.34 -75.44 -43.63
N MET DE 57 24.09 -74.30 -44.28
CA MET DE 57 22.71 -73.92 -44.60
C MET DE 57 22.10 -74.95 -45.54
N LEU DE 58 22.89 -75.49 -46.47
CA LEU DE 58 22.39 -76.55 -47.34
C LEU DE 58 22.01 -77.78 -46.52
N ALA DE 59 22.84 -78.13 -45.55
CA ALA DE 59 22.58 -79.28 -44.70
C ALA DE 59 21.69 -78.95 -43.51
N LYS DE 60 21.31 -77.68 -43.34
CA LYS DE 60 20.44 -77.26 -42.25
C LYS DE 60 21.03 -77.61 -40.89
N THR DE 61 22.35 -77.53 -40.79
CA THR DE 61 23.05 -77.82 -39.55
C THR DE 61 23.66 -76.55 -38.98
N GLY DE 62 23.63 -76.44 -37.66
CA GLY DE 62 24.13 -75.25 -37.01
C GLY DE 62 25.65 -75.16 -37.06
N VAL DE 63 26.13 -73.94 -36.89
CA VAL DE 63 27.56 -73.65 -36.87
C VAL DE 63 27.89 -72.99 -35.54
N HIS DE 64 29.13 -73.12 -35.10
CA HIS DE 64 29.60 -72.32 -33.98
C HIS DE 64 30.86 -71.57 -34.37
N HIS DE 65 31.25 -70.63 -33.51
CA HIS DE 65 32.30 -69.66 -33.79
C HIS DE 65 33.24 -69.56 -32.59
N TYR DE 66 33.76 -70.70 -32.16
CA TYR DE 66 34.59 -70.84 -30.96
C TYR DE 66 35.48 -69.64 -30.70
N SER DE 67 35.45 -69.14 -29.47
CA SER DE 67 36.01 -67.84 -29.13
C SER DE 67 37.53 -67.83 -29.05
N GLY DE 68 38.19 -68.88 -29.52
CA GLY DE 68 39.63 -68.89 -29.57
C GLY DE 68 40.14 -68.87 -30.99
N ASN DE 69 41.13 -69.70 -31.29
CA ASN DE 69 41.62 -69.84 -32.65
C ASN DE 69 41.97 -71.30 -32.86
N ASN DE 70 42.63 -71.59 -33.99
CA ASN DE 70 42.94 -72.97 -34.33
C ASN DE 70 43.82 -73.62 -33.27
N ILE DE 71 44.64 -72.84 -32.57
CA ILE DE 71 45.51 -73.42 -31.54
C ILE DE 71 44.69 -73.82 -30.32
N GLU DE 72 44.00 -72.85 -29.71
CA GLU DE 72 43.25 -73.16 -28.50
C GLU DE 72 42.16 -74.18 -28.75
N LEU DE 73 41.50 -74.09 -29.90
CA LEU DE 73 40.49 -75.10 -30.24
C LEU DE 73 41.13 -76.48 -30.31
N GLY DE 74 42.28 -76.59 -30.98
CA GLY DE 74 43.02 -77.84 -30.94
C GLY DE 74 43.46 -78.17 -29.53
N THR DE 75 43.92 -77.17 -28.79
CA THR DE 75 44.22 -77.39 -27.38
C THR DE 75 42.99 -77.84 -26.61
N ALA DE 76 41.85 -77.20 -26.88
CA ALA DE 76 40.61 -77.63 -26.26
C ALA DE 76 40.15 -78.98 -26.78
N CYS DE 77 40.47 -79.31 -28.04
CA CYS DE 77 40.08 -80.59 -28.62
C CYS DE 77 40.82 -81.76 -28.01
N GLY DE 78 41.77 -81.51 -27.11
CA GLY DE 78 42.58 -82.57 -26.55
C GLY DE 78 43.76 -82.98 -27.38
N LYS DE 79 44.04 -82.27 -28.47
CA LYS DE 79 45.16 -82.58 -29.33
C LYS DE 79 46.25 -81.54 -29.17
N TYR DE 80 47.40 -81.83 -29.78
CA TYR DE 80 48.57 -80.96 -29.69
C TYR DE 80 48.79 -80.15 -30.95
N TYR DE 81 47.90 -80.25 -31.92
CA TYR DE 81 48.06 -79.62 -33.22
C TYR DE 81 46.85 -78.72 -33.50
N ARG DE 82 47.08 -77.71 -34.32
CA ARG DE 82 46.04 -76.76 -34.69
C ARG DE 82 44.93 -77.47 -35.45
N VAL DE 83 43.70 -77.02 -35.24
CA VAL DE 83 42.55 -77.44 -36.03
C VAL DE 83 41.71 -76.22 -36.37
N CYS DE 84 41.44 -76.02 -37.65
CA CYS DE 84 40.69 -74.85 -38.10
C CYS DE 84 39.19 -75.07 -38.02
N THR DE 85 38.72 -76.19 -38.57
CA THR DE 85 37.30 -76.52 -38.60
C THR DE 85 37.12 -77.97 -38.16
N LEU DE 86 35.93 -78.28 -37.64
CA LEU DE 86 35.63 -79.63 -37.21
C LEU DE 86 34.12 -79.80 -37.15
N ALA DE 87 33.69 -81.06 -37.15
CA ALA DE 87 32.28 -81.41 -37.09
C ALA DE 87 32.08 -82.59 -36.15
N ILE DE 88 30.85 -82.71 -35.65
CA ILE DE 88 30.46 -83.79 -34.76
C ILE DE 88 29.43 -84.65 -35.47
N ILE DE 89 29.68 -85.95 -35.53
CA ILE DE 89 28.67 -86.87 -36.04
C ILE DE 89 27.61 -87.14 -34.99
N ASP DE 90 28.02 -87.64 -33.82
CA ASP DE 90 27.07 -87.82 -32.73
C ASP DE 90 27.77 -87.55 -31.42
N PRO DE 91 27.14 -86.80 -30.52
CA PRO DE 91 27.75 -86.55 -29.21
C PRO DE 91 27.37 -87.60 -28.19
N GLY DE 92 27.82 -87.41 -26.95
CA GLY DE 92 27.38 -88.21 -25.83
C GLY DE 92 27.09 -87.33 -24.62
N ASP DE 93 26.83 -86.05 -24.88
CA ASP DE 93 26.67 -85.06 -23.82
C ASP DE 93 25.58 -84.04 -24.05
N SER DE 94 24.80 -84.16 -25.13
CA SER DE 94 23.80 -83.16 -25.49
C SER DE 94 24.43 -81.77 -25.64
N ASP DE 95 25.63 -81.72 -26.23
CA ASP DE 95 26.23 -80.45 -26.60
C ASP DE 95 25.32 -79.69 -27.55
N ILE DE 96 24.58 -80.42 -28.38
CA ILE DE 96 23.64 -79.81 -29.30
C ILE DE 96 22.70 -78.88 -28.54
N ILE DE 97 22.58 -77.65 -29.04
CA ILE DE 97 21.67 -76.67 -28.48
C ILE DE 97 20.94 -75.98 -29.64
N ARG DE 98 19.74 -75.50 -29.35
CA ARG DE 98 18.93 -74.81 -30.33
C ARG DE 98 18.58 -73.41 -29.83
N ASN EE 1 153.27 -89.89 -88.87
CA ASN EE 1 153.29 -89.00 -90.03
C ASN EE 1 152.45 -87.75 -89.77
N GLU EE 2 151.59 -87.40 -90.71
CA GLU EE 2 150.67 -86.28 -90.53
C GLU EE 2 149.24 -86.71 -90.23
N VAL EE 3 148.90 -87.98 -90.42
CA VAL EE 3 147.54 -88.44 -90.22
C VAL EE 3 147.55 -89.41 -89.04
N VAL EE 4 148.45 -89.19 -88.10
CA VAL EE 4 148.52 -90.03 -86.91
C VAL EE 4 147.29 -89.79 -86.04
N THR EE 5 146.71 -90.88 -85.55
CA THR EE 5 145.54 -90.83 -84.68
C THR EE 5 145.86 -91.52 -83.37
N ARG EE 6 145.58 -90.87 -82.26
CA ARG EE 6 145.84 -91.41 -80.94
C ARG EE 6 144.66 -91.17 -80.02
N GLU EE 7 144.59 -91.99 -78.97
CA GLU EE 7 143.56 -91.87 -77.95
C GLU EE 7 144.22 -91.48 -76.64
N TYR EE 8 143.72 -90.41 -76.02
CA TYR EE 8 144.25 -89.90 -74.77
C TYR EE 8 143.18 -89.93 -73.70
N THR EE 9 143.58 -89.58 -72.48
CA THR EE 9 142.66 -89.32 -71.38
C THR EE 9 143.02 -87.97 -70.77
N ILE EE 10 142.02 -87.22 -70.36
CA ILE EE 10 142.19 -85.86 -69.90
C ILE EE 10 141.78 -85.77 -68.43
N ASN EE 11 142.62 -85.13 -67.63
CA ASN EE 11 142.24 -84.80 -66.25
C ASN EE 11 141.52 -83.47 -66.27
N ILE EE 12 140.25 -83.51 -66.67
CA ILE EE 12 139.44 -82.28 -66.69
C ILE EE 12 139.34 -81.70 -65.29
N HIS EE 13 139.28 -82.56 -64.27
CA HIS EE 13 139.13 -82.07 -62.90
C HIS EE 13 140.29 -81.17 -62.52
N LYS EE 14 141.52 -81.53 -62.91
CA LYS EE 14 142.64 -80.66 -62.66
C LYS EE 14 142.64 -79.42 -63.54
N ARG EE 15 141.95 -79.47 -64.68
CA ARG EE 15 141.88 -78.31 -65.56
C ARG EE 15 140.73 -77.39 -65.21
N ILE EE 16 139.79 -77.83 -64.39
CA ILE EE 16 138.64 -77.04 -64.03
C ILE EE 16 138.70 -76.55 -62.59
N HIS EE 17 139.51 -77.19 -61.75
CA HIS EE 17 139.55 -76.92 -60.32
C HIS EE 17 139.62 -75.43 -60.01
N GLY EE 18 138.61 -74.94 -59.33
CA GLY EE 18 138.53 -73.54 -58.95
C GLY EE 18 137.66 -72.66 -59.83
N VAL EE 19 137.00 -73.23 -60.84
CA VAL EE 19 136.17 -72.48 -61.77
C VAL EE 19 134.73 -72.47 -61.26
N GLY EE 20 134.07 -71.32 -61.42
CA GLY EE 20 132.71 -71.16 -60.93
C GLY EE 20 131.74 -72.15 -61.55
N PHE EE 21 130.64 -72.36 -60.84
CA PHE EE 21 129.69 -73.42 -61.20
C PHE EE 21 129.14 -73.23 -62.59
N LYS EE 22 128.61 -72.04 -62.89
CA LYS EE 22 127.93 -71.82 -64.15
C LYS EE 22 128.87 -71.72 -65.33
N LYS EE 23 130.18 -71.74 -65.11
CA LYS EE 23 131.15 -71.69 -66.19
C LYS EE 23 131.90 -73.01 -66.37
N ARG EE 24 131.66 -74.00 -65.51
CA ARG EE 24 132.50 -75.19 -65.50
C ARG EE 24 132.42 -75.95 -66.82
N ALA EE 25 131.20 -76.27 -67.26
CA ALA EE 25 131.07 -77.04 -68.49
C ALA EE 25 131.67 -76.32 -69.69
N PRO EE 26 131.36 -75.04 -69.96
CA PRO EE 26 132.02 -74.39 -71.11
C PRO EE 26 133.52 -74.30 -70.97
N ARG EE 27 134.01 -73.90 -69.78
CA ARG EE 27 135.45 -73.87 -69.57
C ARG EE 27 136.07 -75.24 -69.76
N ALA EE 28 135.38 -76.30 -69.33
CA ALA EE 28 135.87 -77.65 -69.59
C ALA EE 28 135.96 -77.91 -71.08
N LEU EE 29 134.94 -77.52 -71.84
CA LEU EE 29 134.98 -77.76 -73.27
C LEU EE 29 136.00 -76.87 -73.96
N LYS EE 30 136.20 -75.65 -73.48
CA LYS EE 30 137.25 -74.82 -74.05
C LYS EE 30 138.62 -75.44 -73.80
N GLU EE 31 138.83 -76.03 -72.62
CA GLU EE 31 140.14 -76.57 -72.29
C GLU EE 31 140.50 -77.77 -73.16
N ILE EE 32 139.54 -78.66 -73.44
CA ILE EE 32 139.85 -79.82 -74.26
C ILE EE 32 140.24 -79.39 -75.67
N ARG EE 33 139.56 -78.37 -76.19
CA ARG EE 33 140.02 -77.76 -77.43
C ARG EE 33 141.45 -77.26 -77.29
N LYS EE 34 141.76 -76.63 -76.16
CA LYS EE 34 143.14 -76.23 -75.90
C LYS EE 34 144.04 -77.45 -75.79
N PHE EE 35 143.56 -78.51 -75.14
CA PHE EE 35 144.36 -79.73 -75.03
C PHE EE 35 144.67 -80.30 -76.41
N ALA EE 36 143.66 -80.37 -77.27
CA ALA EE 36 143.92 -80.75 -78.66
C ALA EE 36 144.82 -79.73 -79.35
N MET EE 37 144.55 -78.44 -79.12
CA MET EE 37 145.39 -77.39 -79.68
C MET EE 37 146.86 -77.59 -79.32
N LYS EE 38 147.15 -77.79 -78.04
CA LYS EE 38 148.55 -77.88 -77.63
C LYS EE 38 149.17 -79.19 -78.06
N GLU EE 39 148.50 -80.32 -77.79
CA GLU EE 39 149.11 -81.62 -78.03
C GLU EE 39 149.41 -81.82 -79.52
N MET EE 40 148.50 -81.38 -80.38
CA MET EE 40 148.65 -81.63 -81.80
C MET EE 40 148.92 -80.31 -82.52
N GLY EE 41 149.68 -80.39 -83.63
CA GLY EE 41 150.24 -79.21 -84.23
C GLY EE 41 149.34 -78.40 -85.14
N THR EE 42 148.04 -78.64 -85.15
CA THR EE 42 147.17 -77.95 -86.09
C THR EE 42 146.07 -77.19 -85.37
N PRO EE 43 145.71 -75.99 -85.86
CA PRO EE 43 144.48 -75.32 -85.42
C PRO EE 43 143.27 -75.95 -86.03
N ASP EE 44 142.11 -75.32 -85.84
CA ASP EE 44 140.84 -75.83 -86.34
C ASP EE 44 140.51 -77.17 -85.68
N VAL EE 45 140.39 -77.09 -84.36
CA VAL EE 45 140.00 -78.24 -83.54
C VAL EE 45 138.49 -78.39 -83.62
N ARG EE 46 138.04 -79.50 -84.18
CA ARG EE 46 136.62 -79.75 -84.38
C ARG EE 46 136.19 -80.81 -83.37
N ILE EE 47 135.21 -80.47 -82.55
CA ILE EE 47 134.77 -81.35 -81.48
C ILE EE 47 133.47 -82.03 -81.88
N ASP EE 48 133.43 -83.35 -81.75
CA ASP EE 48 132.23 -84.10 -82.08
C ASP EE 48 131.08 -83.71 -81.16
N THR EE 49 129.88 -83.75 -81.72
CA THR EE 49 128.68 -83.47 -80.92
C THR EE 49 128.55 -84.46 -79.78
N ARG EE 50 128.85 -85.74 -80.05
CA ARG EE 50 128.76 -86.75 -79.00
C ARG EE 50 129.67 -86.42 -77.83
N LEU EE 51 130.88 -85.95 -78.14
CA LEU EE 51 131.76 -85.51 -77.07
C LEU EE 51 131.15 -84.35 -76.29
N ASN EE 52 130.55 -83.39 -77.01
CA ASN EE 52 129.86 -82.31 -76.33
C ASN EE 52 128.72 -82.85 -75.46
N LYS EE 53 128.02 -83.87 -75.95
CA LYS EE 53 127.01 -84.52 -75.14
C LYS EE 53 127.63 -85.16 -73.90
N ALA EE 54 128.77 -85.82 -74.07
CA ALA EE 54 129.40 -86.52 -72.96
C ALA EE 54 129.78 -85.57 -71.83
N VAL EE 55 130.32 -84.41 -72.17
CA VAL EE 55 130.72 -83.45 -71.13
C VAL EE 55 129.51 -82.98 -70.35
N TRP EE 56 128.43 -82.62 -71.04
CA TRP EE 56 127.25 -82.05 -70.41
C TRP EE 56 126.33 -83.11 -69.82
N ALA EE 57 126.81 -84.35 -69.69
CA ALA EE 57 125.94 -85.43 -69.24
C ALA EE 57 125.45 -85.20 -67.82
N LYS EE 58 126.33 -84.71 -66.93
CA LYS EE 58 126.00 -84.49 -65.53
C LYS EE 58 125.74 -83.03 -65.23
N GLY EE 59 125.11 -82.32 -66.16
CA GLY EE 59 124.74 -80.95 -65.91
C GLY EE 59 125.90 -79.98 -66.09
N ILE EE 60 125.58 -78.70 -65.87
CA ILE EE 60 126.52 -77.65 -66.20
C ILE EE 60 127.72 -77.64 -65.25
N ARG EE 61 127.52 -77.99 -63.98
CA ARG EE 61 128.60 -77.80 -63.01
C ARG EE 61 129.39 -79.06 -62.72
N ASN EE 62 128.73 -80.18 -62.43
CA ASN EE 62 129.44 -81.40 -62.05
C ASN EE 62 129.90 -82.14 -63.30
N VAL EE 63 130.89 -81.55 -63.97
CA VAL EE 63 131.44 -82.15 -65.18
C VAL EE 63 132.14 -83.46 -64.81
N PRO EE 64 132.17 -84.45 -65.70
CA PRO EE 64 132.89 -85.69 -65.40
C PRO EE 64 134.37 -85.41 -65.18
N TYR EE 65 134.95 -86.11 -64.21
CA TYR EE 65 136.33 -85.84 -63.83
C TYR EE 65 137.30 -86.20 -64.96
N ARG EE 66 137.16 -87.40 -65.52
CA ARG EE 66 138.04 -87.86 -66.58
C ARG EE 66 137.20 -88.30 -67.77
N ILE EE 67 137.72 -88.05 -68.96
CA ILE EE 67 137.11 -88.52 -70.19
C ILE EE 67 138.19 -89.05 -71.11
N ARG EE 68 137.89 -90.15 -71.80
CA ARG EE 68 138.77 -90.78 -72.78
C ARG EE 68 138.33 -90.31 -74.16
N VAL EE 69 139.26 -89.75 -74.92
CA VAL EE 69 138.94 -89.16 -76.21
C VAL EE 69 139.87 -89.73 -77.27
N ARG EE 70 139.47 -89.56 -78.53
CA ARG EE 70 140.23 -90.04 -79.68
C ARG EE 70 140.44 -88.87 -80.62
N LEU EE 71 141.68 -88.39 -80.69
CA LEU EE 71 142.04 -87.32 -81.62
C LEU EE 71 142.70 -87.92 -82.86
N SER EE 72 142.54 -87.23 -83.99
CA SER EE 72 143.04 -87.71 -85.26
C SER EE 72 143.28 -86.49 -86.16
N ARG EE 73 144.51 -86.34 -86.64
CA ARG EE 73 144.82 -85.26 -87.58
C ARG EE 73 144.53 -85.73 -88.99
N LYS EE 74 143.25 -85.85 -89.30
CA LYS EE 74 142.85 -86.15 -90.66
C LYS EE 74 143.01 -84.89 -91.50
N ARG EE 75 143.51 -85.09 -92.73
CA ARG EE 75 143.94 -83.96 -93.54
C ARG EE 75 142.76 -83.09 -93.94
N ASN EE 76 142.98 -81.77 -93.94
CA ASN EE 76 142.00 -80.80 -94.41
C ASN EE 76 142.17 -80.49 -95.88
N GLU EE 77 142.73 -81.41 -96.66
CA GLU EE 77 142.95 -81.20 -98.09
C GLU EE 77 141.67 -81.44 -98.87
N ASP EE 78 140.65 -80.65 -98.54
CA ASP EE 78 139.39 -80.69 -99.28
C ASP EE 78 138.92 -79.31 -99.73
N GLU EE 79 139.53 -78.23 -99.25
CA GLU EE 79 139.21 -76.89 -99.71
C GLU EE 79 140.38 -75.98 -99.39
N ASP EE 80 140.38 -74.81 -99.99
CA ASP EE 80 141.39 -73.81 -99.67
C ASP EE 80 141.24 -73.39 -98.22
N SER EE 81 142.36 -73.30 -97.51
CA SER EE 81 142.37 -72.94 -96.11
C SER EE 81 143.79 -72.55 -95.72
N PRO EE 82 143.95 -71.67 -94.73
CA PRO EE 82 145.29 -71.41 -94.19
C PRO EE 82 145.94 -72.63 -93.60
N ASN EE 83 145.15 -73.59 -93.11
CA ASN EE 83 145.67 -74.80 -92.50
C ASN EE 83 145.26 -76.01 -93.34
N LYS EE 84 146.19 -76.94 -93.52
CA LYS EE 84 145.94 -78.17 -94.25
C LYS EE 84 145.50 -79.31 -93.35
N LEU EE 85 145.52 -79.12 -92.03
CA LEU EE 85 145.23 -80.17 -91.07
C LEU EE 85 144.19 -79.70 -90.08
N TYR EE 86 143.40 -80.65 -89.58
CA TYR EE 86 142.44 -80.35 -88.53
C TYR EE 86 142.15 -81.64 -87.77
N THR EE 87 141.85 -81.49 -86.49
CA THR EE 87 141.61 -82.62 -85.60
C THR EE 87 140.13 -82.69 -85.26
N LEU EE 88 139.50 -83.81 -85.59
CA LEU EE 88 138.15 -84.11 -85.14
C LEU EE 88 138.27 -85.05 -83.95
N VAL EE 89 137.97 -84.53 -82.77
CA VAL EE 89 138.06 -85.31 -81.53
C VAL EE 89 136.71 -85.93 -81.24
N THR EE 90 136.70 -87.22 -80.98
CA THR EE 90 135.49 -87.98 -80.66
C THR EE 90 135.49 -88.32 -79.18
N TYR EE 91 134.50 -89.12 -78.78
CA TYR EE 91 134.38 -89.59 -77.41
C TYR EE 91 134.64 -91.08 -77.36
N VAL EE 92 135.46 -91.50 -76.40
CA VAL EE 92 135.74 -92.92 -76.19
C VAL EE 92 134.99 -93.40 -74.96
N PRO EE 93 133.94 -94.22 -75.12
CA PRO EE 93 133.23 -94.75 -73.94
C PRO EE 93 134.10 -95.77 -73.22
N VAL EE 94 134.35 -95.52 -71.94
CA VAL EE 94 135.20 -96.37 -71.13
C VAL EE 94 134.50 -96.63 -69.80
N THR EE 95 134.94 -97.69 -69.11
CA THR EE 95 134.37 -98.05 -67.82
C THR EE 95 135.21 -97.53 -66.67
N THR EE 96 136.50 -97.84 -66.67
CA THR EE 96 137.43 -97.39 -65.64
C THR EE 96 138.66 -96.78 -66.27
N PHE EE 97 139.22 -95.78 -65.60
CA PHE EE 97 140.36 -95.03 -66.10
C PHE EE 97 141.69 -95.54 -65.56
N LYS EE 98 141.67 -96.64 -64.81
CA LYS EE 98 142.88 -97.12 -64.15
C LYS EE 98 143.84 -97.73 -65.15
N ASN EE 99 145.14 -97.44 -64.96
CA ASN EE 99 146.23 -97.91 -65.81
C ASN EE 99 145.87 -97.83 -67.30
N LEU EE 100 145.32 -96.70 -67.71
CA LEU EE 100 145.00 -96.45 -69.11
C LEU EE 100 146.01 -95.47 -69.67
N GLN EE 101 146.98 -95.98 -70.40
CA GLN EE 101 148.02 -95.12 -70.97
C GLN EE 101 147.51 -94.42 -72.22
N THR EE 102 148.37 -93.57 -72.78
CA THR EE 102 148.07 -92.89 -74.03
C THR EE 102 148.45 -93.81 -75.18
N VAL EE 103 147.46 -94.41 -75.82
CA VAL EE 103 147.68 -95.43 -76.83
C VAL EE 103 147.76 -94.80 -78.20
N ASN EE 104 148.70 -95.29 -79.01
CA ASN EE 104 148.78 -94.92 -80.42
C ASN EE 104 147.86 -95.87 -81.19
N VAL EE 105 146.58 -95.49 -81.25
CA VAL EE 105 145.59 -96.31 -81.95
C VAL EE 105 145.86 -96.25 -83.45
N ASP EE 106 145.36 -97.25 -84.17
CA ASP EE 106 145.56 -97.36 -85.61
C ASP EE 106 144.30 -96.97 -86.36
N GLU EE 107 144.35 -97.13 -87.67
CA GLU EE 107 143.24 -96.78 -88.55
C GLU EE 107 142.02 -97.64 -88.27
N ALA FE 1 171.50 3.79 -107.95
CA ALA FE 1 170.46 2.86 -108.34
C ALA FE 1 169.11 3.56 -108.41
N ALA FE 2 168.53 3.86 -107.25
CA ALA FE 2 167.22 4.48 -107.17
C ALA FE 2 167.35 6.00 -107.27
N LEU FE 3 166.26 6.70 -106.99
CA LEU FE 3 166.22 8.16 -107.07
C LEU FE 3 166.32 8.73 -105.66
N ARG FE 4 167.30 9.58 -105.44
CA ARG FE 4 167.55 10.11 -104.11
C ARG FE 4 166.52 11.19 -103.77
N PRO FE 5 166.13 11.29 -102.51
CA PRO FE 5 165.26 12.38 -102.09
C PRO FE 5 166.05 13.67 -101.91
N LEU FE 6 165.34 14.75 -101.62
CA LEU FE 6 165.99 16.03 -101.40
C LEU FE 6 166.92 15.97 -100.19
N VAL FE 7 166.47 15.33 -99.11
CA VAL FE 7 167.28 15.12 -97.91
C VAL FE 7 166.97 13.74 -97.36
N LYS FE 8 167.92 13.19 -96.62
CA LYS FE 8 167.74 11.92 -95.91
C LYS FE 8 168.18 12.11 -94.48
N PRO FE 9 167.39 12.79 -93.66
CA PRO FE 9 167.75 12.96 -92.25
C PRO FE 9 167.64 11.65 -91.51
N LYS FE 10 168.29 11.59 -90.35
CA LYS FE 10 168.32 10.38 -89.55
C LYS FE 10 166.95 10.19 -88.90
N ILE FE 11 166.16 9.27 -89.44
CA ILE FE 11 164.85 8.98 -88.88
C ILE FE 11 165.03 8.38 -87.49
N VAL FE 12 164.35 8.94 -86.51
CA VAL FE 12 164.43 8.47 -85.13
C VAL FE 12 163.03 8.12 -84.68
N LYS FE 13 162.82 6.85 -84.32
CA LYS FE 13 161.54 6.37 -83.84
C LYS FE 13 161.60 6.23 -82.33
N LYS FE 14 160.72 6.94 -81.63
CA LYS FE 14 160.70 6.86 -80.17
C LYS FE 14 160.34 5.46 -79.68
N ARG FE 15 159.58 4.70 -80.46
CA ARG FE 15 159.29 3.32 -80.11
C ARG FE 15 159.06 2.54 -81.40
N THR FE 16 159.53 1.31 -81.44
CA THR FE 16 159.36 0.46 -82.61
C THR FE 16 158.27 -0.59 -82.43
N LYS FE 17 158.26 -1.29 -81.30
CA LYS FE 17 157.30 -2.36 -81.09
C LYS FE 17 155.89 -1.80 -80.95
N LYS FE 18 154.93 -2.53 -81.52
CA LYS FE 18 153.54 -2.14 -81.46
C LYS FE 18 153.01 -2.22 -80.05
N PHE FE 19 151.99 -1.41 -79.76
CA PHE FE 19 151.26 -1.47 -78.50
C PHE FE 19 150.20 -2.55 -78.65
N ILE FE 20 150.42 -3.69 -78.00
CA ILE FE 20 149.43 -4.74 -78.02
C ILE FE 20 148.47 -4.55 -76.86
N ARG FE 21 147.18 -4.76 -77.12
CA ARG FE 21 146.17 -4.53 -76.12
C ARG FE 21 146.35 -5.46 -74.94
N HIS FE 22 146.01 -4.97 -73.75
CA HIS FE 22 146.12 -5.78 -72.54
C HIS FE 22 145.32 -7.06 -72.70
N GLN FE 23 145.95 -8.17 -72.33
CA GLN FE 23 145.34 -9.49 -72.39
C GLN FE 23 145.02 -9.91 -73.82
N SER FE 24 145.75 -9.36 -74.80
CA SER FE 24 145.65 -9.91 -76.15
C SER FE 24 146.24 -11.30 -76.23
N ASP FE 25 147.24 -11.59 -75.41
CA ASP FE 25 147.91 -12.89 -75.45
C ASP FE 25 146.99 -14.01 -74.99
N ARG FE 26 146.35 -13.84 -73.83
CA ARG FE 26 145.63 -14.95 -73.22
C ARG FE 26 144.42 -15.35 -74.04
N TYR FE 27 143.62 -14.40 -74.47
CA TYR FE 27 142.40 -14.69 -75.20
C TYR FE 27 142.57 -14.39 -76.68
N VAL FE 28 141.98 -15.24 -77.51
CA VAL FE 28 141.95 -14.99 -78.94
C VAL FE 28 140.82 -14.04 -79.32
N LYS FE 29 139.75 -13.99 -78.54
CA LYS FE 29 138.65 -13.08 -78.86
C LYS FE 29 139.07 -11.63 -78.71
N ILE FE 30 140.15 -11.36 -77.98
CA ILE FE 30 140.68 -10.01 -77.86
C ILE FE 30 141.75 -9.82 -78.92
N LYS FE 31 141.56 -8.84 -79.78
CA LYS FE 31 142.50 -8.56 -80.84
C LYS FE 31 143.64 -7.70 -80.33
N ARG FE 32 144.75 -7.71 -81.06
CA ARG FE 32 145.91 -6.92 -80.68
C ARG FE 32 145.68 -5.43 -80.81
N ASN FE 33 144.61 -5.00 -81.50
CA ASN FE 33 144.32 -3.58 -81.64
C ASN FE 33 144.18 -2.95 -80.27
N TRP FE 34 144.78 -1.77 -80.12
CA TRP FE 34 144.85 -1.14 -78.81
C TRP FE 34 143.48 -0.71 -78.32
N ARG FE 35 143.26 -0.86 -77.03
CA ARG FE 35 142.10 -0.30 -76.34
C ARG FE 35 142.54 0.21 -74.98
N LYS FE 36 142.01 1.35 -74.58
CA LYS FE 36 142.34 1.90 -73.28
C LYS FE 36 141.61 1.13 -72.20
N PRO FE 37 142.32 0.45 -71.29
CA PRO FE 37 141.63 -0.34 -70.26
C PRO FE 37 141.04 0.58 -69.21
N ARG FE 38 139.72 0.51 -69.05
CA ARG FE 38 138.99 1.32 -68.09
C ARG FE 38 138.41 0.37 -67.05
N GLY FE 39 139.20 0.07 -66.03
CA GLY FE 39 138.78 -0.84 -64.98
C GLY FE 39 139.20 -0.35 -63.62
N ILE FE 40 138.42 -0.73 -62.61
CA ILE FE 40 138.72 -0.30 -61.25
C ILE FE 40 139.98 -0.99 -60.75
N ASP FE 41 140.13 -2.29 -61.01
CA ASP FE 41 141.28 -3.06 -60.56
C ASP FE 41 142.38 -3.11 -61.60
N ASN FE 42 142.16 -2.51 -62.77
CA ASN FE 42 143.04 -2.72 -63.91
C ASN FE 42 144.45 -2.23 -63.61
N ARG FE 43 145.38 -3.18 -63.46
CA ARG FE 43 146.72 -2.88 -63.00
C ARG FE 43 147.61 -2.26 -64.06
N VAL FE 44 147.22 -2.32 -65.33
CA VAL FE 44 148.00 -1.64 -66.36
C VAL FE 44 147.42 -0.24 -66.55
N ARG FE 45 146.12 -0.08 -66.28
CA ARG FE 45 145.53 1.25 -66.31
C ARG FE 45 146.17 2.13 -65.24
N ARG FE 46 146.52 1.54 -64.11
CA ARG FE 46 147.17 2.29 -63.05
C ARG FE 46 148.66 2.52 -63.31
N ARG FE 47 149.20 1.93 -64.38
CA ARG FE 47 150.61 2.10 -64.75
C ARG FE 47 151.54 1.52 -63.69
N PHE FE 48 151.32 0.24 -63.38
CA PHE FE 48 152.21 -0.48 -62.49
C PHE FE 48 153.54 -0.74 -63.18
N LYS FE 49 154.57 -1.00 -62.36
CA LYS FE 49 155.87 -1.34 -62.90
C LYS FE 49 155.82 -2.67 -63.63
N GLY FE 50 156.67 -2.80 -64.65
CA GLY FE 50 156.80 -4.07 -65.35
C GLY FE 50 155.52 -4.58 -65.97
N GLN FE 51 154.81 -3.73 -66.69
CA GLN FE 51 153.56 -4.12 -67.34
C GLN FE 51 153.54 -3.60 -68.78
N ILE FE 52 152.38 -3.72 -69.41
CA ILE FE 52 152.21 -3.21 -70.76
C ILE FE 52 152.19 -1.69 -70.71
N LEU FE 53 152.90 -1.06 -71.63
CA LEU FE 53 152.92 0.39 -71.67
C LEU FE 53 151.64 0.92 -72.31
N MET FE 54 151.35 2.21 -72.07
CA MET FE 54 150.25 2.83 -72.77
C MET FE 54 150.76 3.63 -73.95
N PRO FE 55 149.94 3.83 -74.98
CA PRO FE 55 150.20 4.92 -75.91
C PRO FE 55 149.92 6.26 -75.24
N ASN FE 56 150.74 7.26 -75.56
CA ASN FE 56 150.47 8.63 -75.15
C ASN FE 56 151.25 9.55 -76.06
N ILE FE 57 150.92 10.84 -76.01
CA ILE FE 57 151.49 11.80 -76.93
C ILE FE 57 153.01 11.91 -76.79
N GLY FE 58 153.57 11.43 -75.67
CA GLY FE 58 155.00 11.44 -75.53
C GLY FE 58 155.73 10.59 -76.55
N TYR FE 59 155.06 9.60 -77.13
CA TYR FE 59 155.65 8.78 -78.17
C TYR FE 59 155.57 9.42 -79.54
N GLY FE 60 155.10 10.66 -79.64
CA GLY FE 60 154.97 11.29 -80.94
C GLY FE 60 156.31 11.42 -81.63
N SER FE 61 156.34 11.02 -82.90
CA SER FE 61 157.55 11.11 -83.70
C SER FE 61 157.83 12.56 -84.07
N ASN FE 62 159.06 12.80 -84.52
CA ASN FE 62 159.48 14.15 -84.87
C ASN FE 62 158.62 14.69 -86.01
N LYS FE 63 158.29 15.99 -85.91
CA LYS FE 63 157.47 16.62 -86.94
C LYS FE 63 158.16 16.58 -88.30
N LYS FE 64 159.46 16.85 -88.33
CA LYS FE 64 160.20 16.70 -89.58
C LYS FE 64 160.14 15.27 -90.08
N THR FE 65 160.29 14.31 -89.18
CA THR FE 65 160.46 12.92 -89.55
C THR FE 65 159.18 12.11 -89.47
N LYS FE 66 158.04 12.74 -89.20
CA LYS FE 66 156.79 11.99 -89.24
C LYS FE 66 156.48 11.60 -90.67
N HIS FE 67 156.00 10.36 -90.85
CA HIS FE 67 155.57 9.82 -92.14
C HIS FE 67 156.71 9.70 -93.15
N MET FE 68 157.96 9.65 -92.71
CA MET FE 68 159.06 9.29 -93.60
C MET FE 68 159.06 7.80 -93.87
N LEU FE 69 159.06 7.44 -95.15
CA LEU FE 69 159.37 6.09 -95.53
C LEU FE 69 160.81 5.79 -95.12
N PRO FE 70 161.17 4.51 -94.96
CA PRO FE 70 162.56 4.19 -94.61
C PRO FE 70 163.59 4.79 -95.54
N SER FE 71 163.19 5.33 -96.69
CA SER FE 71 164.11 5.97 -97.61
C SER FE 71 163.59 7.37 -97.93
N GLY FE 72 163.78 8.29 -96.99
CA GLY FE 72 163.67 9.72 -97.22
C GLY FE 72 162.45 10.25 -97.96
N PHE FE 73 161.38 9.46 -98.07
CA PHE FE 73 160.23 9.87 -98.86
C PHE FE 73 158.95 9.78 -98.06
N ARG FE 74 157.90 10.37 -98.63
CA ARG FE 74 156.56 10.28 -98.10
C ARG FE 74 155.67 9.61 -99.14
N LYS FE 75 154.60 8.98 -98.66
CA LYS FE 75 153.76 8.18 -99.52
C LYS FE 75 152.63 9.01 -100.12
N PHE FE 76 152.14 8.58 -101.27
CA PHE FE 76 150.95 9.14 -101.87
C PHE FE 76 150.27 8.04 -102.67
N LEU FE 77 148.94 8.06 -102.70
CA LEU FE 77 148.16 7.00 -103.32
C LEU FE 77 147.61 7.49 -104.65
N VAL FE 78 147.86 6.73 -105.71
CA VAL FE 78 147.34 7.03 -107.03
C VAL FE 78 146.51 5.85 -107.50
N HIS FE 79 145.60 6.13 -108.42
CA HIS FE 79 144.78 5.09 -109.02
C HIS FE 79 144.90 5.02 -110.53
N ASN FE 80 145.45 6.03 -111.17
CA ASN FE 80 145.74 6.01 -112.59
C ASN FE 80 146.67 7.16 -112.90
N VAL FE 81 147.08 7.26 -114.16
CA VAL FE 81 148.15 8.18 -114.53
C VAL FE 81 147.82 9.63 -114.20
N LYS FE 82 146.53 9.98 -114.14
CA LYS FE 82 146.17 11.39 -113.98
C LYS FE 82 146.69 11.97 -112.67
N GLU FE 83 146.46 11.28 -111.56
CA GLU FE 83 146.93 11.82 -110.28
C GLU FE 83 148.45 11.80 -110.17
N LEU FE 84 149.16 11.10 -111.05
CA LEU FE 84 150.61 11.09 -110.94
C LEU FE 84 151.21 12.45 -111.26
N GLU FE 85 150.58 13.20 -112.17
CA GLU FE 85 151.16 14.47 -112.57
C GLU FE 85 151.24 15.49 -111.45
N VAL FE 86 150.32 15.43 -110.47
CA VAL FE 86 150.40 16.39 -109.37
C VAL FE 86 151.64 16.16 -108.53
N LEU FE 87 152.32 15.03 -108.70
CA LEU FE 87 153.58 14.75 -108.02
C LEU FE 87 154.78 15.25 -108.80
N LEU FE 88 154.59 15.70 -110.05
CA LEU FE 88 155.75 16.09 -110.87
C LEU FE 88 156.51 17.23 -110.22
N MET FE 89 155.83 18.06 -109.44
CA MET FE 89 156.47 19.18 -108.78
C MET FE 89 156.95 18.87 -107.38
N CYS FE 90 156.50 17.79 -106.75
CA CYS FE 90 157.09 17.37 -105.48
C CYS FE 90 158.32 16.52 -105.79
N ASN FE 91 158.10 15.33 -106.34
CA ASN FE 91 159.08 14.61 -107.15
C ASN FE 91 160.34 14.25 -106.37
N LYS FE 92 160.50 14.81 -105.17
CA LYS FE 92 161.67 14.55 -104.35
C LYS FE 92 161.36 14.40 -102.87
N SER FE 93 160.19 14.83 -102.42
CA SER FE 93 159.79 14.64 -101.04
C SER FE 93 158.63 13.69 -100.89
N TYR FE 94 158.07 13.18 -101.98
CA TYR FE 94 156.94 12.27 -101.93
C TYR FE 94 157.14 11.21 -102.99
N CYS FE 95 156.84 9.97 -102.64
CA CYS FE 95 156.85 8.86 -103.58
C CYS FE 95 155.44 8.31 -103.71
N ALA FE 96 155.12 7.83 -104.91
CA ALA FE 96 153.81 7.29 -105.19
C ALA FE 96 153.86 5.77 -105.23
N GLU FE 97 152.73 5.16 -104.89
CA GLU FE 97 152.57 3.73 -105.06
C GLU FE 97 151.27 3.48 -105.81
N ILE FE 98 151.27 2.44 -106.60
CA ILE FE 98 150.07 2.06 -107.34
C ILE FE 98 149.11 1.40 -106.36
N ALA FE 99 147.85 1.80 -106.42
CA ALA FE 99 146.85 1.21 -105.57
C ALA FE 99 146.68 -0.27 -105.90
N HIS FE 100 146.35 -1.05 -104.87
CA HIS FE 100 146.15 -2.48 -105.05
C HIS FE 100 145.11 -2.81 -106.12
N ASN FE 101 144.11 -1.94 -106.29
CA ASN FE 101 143.01 -2.23 -107.18
C ASN FE 101 143.35 -2.08 -108.65
N VAL FE 102 144.43 -1.37 -108.97
CA VAL FE 102 144.74 -1.09 -110.37
C VAL FE 102 145.18 -2.36 -111.06
N SER FE 103 144.57 -2.65 -112.20
CA SER FE 103 144.89 -3.84 -112.96
C SER FE 103 146.32 -3.76 -113.50
N SER FE 104 146.79 -4.88 -114.05
CA SER FE 104 148.14 -4.93 -114.58
C SER FE 104 148.34 -3.96 -115.73
N LYS FE 105 147.46 -4.02 -116.73
CA LYS FE 105 147.71 -3.26 -117.96
C LYS FE 105 147.70 -1.76 -117.71
N ASN FE 106 146.80 -1.28 -116.85
CA ASN FE 106 146.85 0.13 -116.47
C ASN FE 106 148.12 0.45 -115.70
N ARG FE 107 148.50 -0.42 -114.76
CA ARG FE 107 149.66 -0.14 -113.93
C ARG FE 107 150.96 -0.24 -114.71
N LYS FE 108 150.99 -1.02 -115.79
CA LYS FE 108 152.19 -1.06 -116.62
C LYS FE 108 152.45 0.29 -117.28
N ALA FE 109 151.39 0.96 -117.75
CA ALA FE 109 151.59 2.26 -118.39
C ALA FE 109 152.02 3.31 -117.38
N ILE FE 110 151.49 3.24 -116.15
CA ILE FE 110 151.79 4.26 -115.16
C ILE FE 110 153.28 4.28 -114.84
N VAL FE 111 153.88 3.12 -114.59
CA VAL FE 111 155.28 3.09 -114.19
C VAL FE 111 156.17 3.66 -115.29
N GLU FE 112 155.85 3.38 -116.55
CA GLU FE 112 156.58 4.00 -117.65
C GLU FE 112 156.49 5.51 -117.55
N ARG FE 113 155.29 6.05 -117.38
CA ARG FE 113 155.14 7.48 -117.21
C ARG FE 113 155.84 7.94 -115.94
N ALA FE 114 155.80 7.12 -114.89
CA ALA FE 114 156.49 7.48 -113.65
C ALA FE 114 157.99 7.58 -113.86
N ALA FE 115 158.56 6.62 -114.60
CA ALA FE 115 160.00 6.65 -114.84
C ALA FE 115 160.41 7.88 -115.62
N GLN FE 116 159.66 8.22 -116.66
CA GLN FE 116 159.99 9.39 -117.47
C GLN FE 116 159.72 10.70 -116.73
N LEU FE 117 159.00 10.65 -115.61
CA LEU FE 117 158.79 11.82 -114.78
C LEU FE 117 159.70 11.85 -113.56
N ALA FE 118 160.66 10.94 -113.47
CA ALA FE 118 161.59 10.88 -112.34
C ALA FE 118 160.86 10.83 -111.01
N ILE FE 119 159.80 10.02 -110.97
CA ILE FE 119 158.98 9.83 -109.78
C ILE FE 119 159.32 8.47 -109.19
N ARG FE 120 159.56 8.45 -107.88
CA ARG FE 120 159.88 7.19 -107.22
C ARG FE 120 158.61 6.41 -106.93
N VAL FE 121 158.58 5.16 -107.36
CA VAL FE 121 157.42 4.30 -107.22
C VAL FE 121 157.73 3.24 -106.16
N THR FE 122 156.81 3.08 -105.20
CA THR FE 122 157.04 2.14 -104.12
C THR FE 122 156.92 0.69 -104.59
N ASN FE 123 156.02 0.42 -105.52
CA ASN FE 123 155.75 -0.94 -105.98
C ASN FE 123 155.81 -0.98 -107.50
N PRO FE 124 157.00 -0.88 -108.08
CA PRO FE 124 157.13 -0.94 -109.53
C PRO FE 124 156.78 -2.32 -110.07
N ASN FE 125 157.43 -3.35 -109.52
CA ASN FE 125 157.19 -4.73 -109.93
C ASN FE 125 156.01 -5.25 -109.12
N ALA FE 126 154.81 -4.96 -109.63
CA ALA FE 126 153.59 -5.28 -108.92
C ALA FE 126 152.66 -6.23 -109.67
N ARG FE 127 152.87 -6.47 -110.97
CA ARG FE 127 152.12 -7.47 -111.70
C ARG FE 127 153.03 -8.22 -112.66
N LEU FE 128 154.30 -8.35 -112.32
CA LEU FE 128 155.29 -8.88 -113.25
C LEU FE 128 156.50 -9.44 -112.51
N SER GE 1 201.36 -12.19 -80.40
CA SER GE 1 202.31 -12.80 -79.48
C SER GE 1 202.19 -12.18 -78.09
N GLY GE 2 201.23 -11.30 -77.93
CA GLY GE 2 201.02 -10.62 -76.65
C GLY GE 2 199.55 -10.50 -76.35
N ARG GE 3 199.23 -10.54 -75.05
CA ARG GE 3 197.82 -10.51 -74.67
C ARG GE 3 197.20 -9.15 -74.96
N LEU GE 4 197.96 -8.08 -74.81
CA LEU GE 4 197.64 -6.75 -75.31
C LEU GE 4 196.33 -6.18 -74.79
N TRP GE 5 195.69 -6.84 -73.82
CA TRP GE 5 194.49 -6.27 -73.21
C TRP GE 5 194.32 -6.88 -71.83
N SER GE 6 193.82 -6.07 -70.89
CA SER GE 6 193.56 -6.53 -69.54
C SER GE 6 192.20 -7.22 -69.50
N LYS GE 7 192.14 -8.31 -68.75
CA LYS GE 7 190.92 -9.10 -68.70
C LYS GE 7 189.93 -8.51 -67.70
N ALA GE 8 188.65 -8.61 -68.04
CA ALA GE 8 187.57 -8.09 -67.21
C ALA GE 8 186.43 -9.08 -67.19
N ILE GE 9 185.55 -8.93 -66.20
CA ILE GE 9 184.40 -9.80 -66.04
C ILE GE 9 183.15 -8.95 -66.04
N PHE GE 10 182.21 -9.29 -66.91
CA PHE GE 10 180.91 -8.63 -66.95
C PHE GE 10 180.14 -8.98 -65.68
N ALA GE 11 180.04 -8.00 -64.76
CA ALA GE 11 179.41 -8.23 -63.47
C ALA GE 11 177.94 -7.81 -63.41
N GLY GE 12 177.37 -7.34 -64.51
CA GLY GE 12 175.96 -6.99 -64.52
C GLY GE 12 175.68 -5.57 -64.96
N TYR GE 13 174.42 -5.28 -65.29
CA TYR GE 13 174.02 -3.95 -65.68
C TYR GE 13 173.90 -3.04 -64.47
N LYS GE 14 174.02 -1.73 -64.72
CA LYS GE 14 173.74 -0.77 -63.67
C LYS GE 14 172.29 -0.89 -63.24
N ARG GE 15 172.07 -0.91 -61.93
CA ARG GE 15 170.76 -1.29 -61.44
C ARG GE 15 170.56 -0.72 -60.04
N GLY GE 16 169.30 -0.55 -59.67
CA GLY GE 16 168.95 -0.34 -58.29
C GLY GE 16 168.82 -1.69 -57.63
N LEU GE 17 167.75 -1.91 -56.87
CA LEU GE 17 167.46 -3.23 -56.36
C LEU GE 17 166.40 -3.95 -57.19
N ARG GE 18 165.28 -3.28 -57.46
CA ARG GE 18 164.19 -3.84 -58.25
C ARG GE 18 164.08 -3.20 -59.62
N ASN GE 19 165.08 -2.42 -60.02
CA ASN GE 19 165.09 -1.81 -61.34
C ASN GE 19 166.50 -1.93 -61.91
N GLN GE 20 166.59 -2.24 -63.19
CA GLN GE 20 167.88 -2.49 -63.83
C GLN GE 20 167.95 -1.72 -65.13
N ARG GE 21 168.95 -0.86 -65.26
CA ARG GE 21 169.19 -0.09 -66.48
C ARG GE 21 170.17 -0.88 -67.33
N GLU GE 22 169.69 -1.37 -68.48
CA GLU GE 22 170.49 -2.26 -69.30
C GLU GE 22 171.53 -1.54 -70.14
N HIS GE 23 171.39 -0.22 -70.32
CA HIS GE 23 172.22 0.46 -71.31
C HIS GE 23 173.64 0.69 -70.83
N THR GE 24 173.94 0.52 -69.56
CA THR GE 24 175.31 0.59 -69.06
C THR GE 24 175.61 -0.65 -68.23
N ALA GE 25 176.80 -1.20 -68.40
CA ALA GE 25 177.20 -2.41 -67.71
C ALA GE 25 178.27 -2.12 -66.68
N LEU GE 26 178.32 -2.98 -65.66
CA LEU GE 26 179.30 -2.89 -64.59
C LEU GE 26 180.42 -3.88 -64.88
N LEU GE 27 181.62 -3.37 -65.16
CA LEU GE 27 182.75 -4.20 -65.50
C LEU GE 27 183.71 -4.28 -64.34
N LYS GE 28 184.33 -5.44 -64.17
CA LYS GE 28 185.30 -5.65 -63.11
C LYS GE 28 186.66 -5.89 -63.76
N ILE GE 29 187.50 -4.86 -63.77
CA ILE GE 29 188.87 -5.00 -64.26
C ILE GE 29 189.66 -5.77 -63.21
N GLU GE 30 190.28 -6.87 -63.62
CA GLU GE 30 191.04 -7.67 -62.67
C GLU GE 30 192.34 -6.98 -62.31
N GLY GE 31 192.64 -6.96 -61.01
CA GLY GE 31 193.83 -6.32 -60.52
C GLY GE 31 193.65 -4.95 -59.91
N VAL GE 32 192.48 -4.32 -60.06
CA VAL GE 32 192.21 -3.03 -59.45
C VAL GE 32 191.02 -3.17 -58.53
N TYR GE 33 191.18 -2.73 -57.29
CA TYR GE 33 190.17 -2.98 -56.26
C TYR GE 33 189.94 -1.74 -55.39
N ALA GE 34 190.18 -0.56 -55.94
CA ALA GE 34 189.89 0.69 -55.26
C ALA GE 34 189.58 1.76 -56.30
N ARG GE 35 188.87 2.81 -55.86
CA ARG GE 35 188.43 3.83 -56.80
C ARG GE 35 189.61 4.50 -57.48
N ASP GE 36 190.69 4.76 -56.73
CA ASP GE 36 191.78 5.59 -57.25
C ASP GE 36 192.46 4.99 -58.47
N GLU GE 37 192.77 3.70 -58.45
CA GLU GE 37 193.52 3.09 -59.55
C GLU GE 37 192.71 2.97 -60.82
N THR GE 38 191.42 3.27 -60.78
CA THR GE 38 190.60 3.19 -61.97
C THR GE 38 190.93 4.27 -62.99
N GLU GE 39 191.73 5.28 -62.62
CA GLU GE 39 191.93 6.41 -63.52
C GLU GE 39 192.65 5.99 -64.79
N PHE GE 40 193.40 4.88 -64.74
CA PHE GE 40 194.15 4.44 -65.91
C PHE GE 40 193.22 3.96 -67.01
N TYR GE 41 192.25 3.13 -66.66
CA TYR GE 41 191.30 2.58 -67.62
C TYR GE 41 190.12 3.50 -67.88
N LEU GE 42 190.12 4.70 -67.28
CA LEU GE 42 188.93 5.52 -67.19
C LEU GE 42 188.37 5.91 -68.56
N GLY GE 43 189.16 5.84 -69.63
CA GLY GE 43 188.64 6.16 -70.94
C GLY GE 43 188.88 5.10 -71.98
N LYS GE 44 189.44 3.97 -71.58
CA LYS GE 44 189.84 2.95 -72.53
C LYS GE 44 188.63 2.34 -73.21
N ARG GE 45 188.82 1.89 -74.45
CA ARG GE 45 187.76 1.23 -75.20
C ARG GE 45 187.76 -0.26 -74.88
N CYS GE 46 186.58 -0.81 -74.61
CA CYS GE 46 186.43 -2.20 -74.21
C CYS GE 46 185.69 -2.97 -75.29
N ALA GE 47 185.96 -4.27 -75.37
CA ALA GE 47 185.36 -5.13 -76.38
C ALA GE 47 184.91 -6.44 -75.78
N TYR GE 48 183.77 -6.93 -76.24
CA TYR GE 48 183.23 -8.24 -75.87
C TYR GE 48 183.29 -9.13 -77.11
N VAL GE 49 184.21 -10.09 -77.09
CA VAL GE 49 184.42 -10.99 -78.21
C VAL GE 49 183.73 -12.31 -77.91
N TYR GE 50 182.87 -12.76 -78.82
CA TYR GE 50 182.12 -13.98 -78.63
C TYR GE 50 181.98 -14.71 -79.96
N LYS GE 51 181.77 -16.02 -79.88
CA LYS GE 51 181.64 -16.84 -81.06
C LYS GE 51 180.17 -17.13 -81.37
N ALA GE 52 179.86 -17.24 -82.65
CA ALA GE 52 178.50 -17.45 -83.11
C ALA GE 52 178.50 -18.57 -84.14
N LYS GE 53 177.34 -18.81 -84.76
CA LYS GE 53 177.19 -19.91 -85.70
C LYS GE 53 177.54 -19.50 -87.13
N ASN GE 54 176.83 -18.51 -87.67
CA ASN GE 54 177.08 -18.09 -89.04
C ASN GE 54 178.31 -17.21 -89.10
N ASN GE 55 179.11 -17.42 -90.14
CA ASN GE 55 180.35 -16.67 -90.31
C ASN GE 55 180.07 -15.20 -90.58
N THR GE 56 180.96 -14.34 -90.07
CA THR GE 56 180.87 -12.90 -90.28
C THR GE 56 182.17 -12.38 -90.84
N VAL GE 57 182.06 -11.34 -91.67
CA VAL GE 57 183.24 -10.71 -92.25
C VAL GE 57 184.12 -10.14 -91.15
N THR GE 58 185.42 -10.04 -91.43
CA THR GE 58 186.39 -9.59 -90.45
C THR GE 58 187.26 -8.51 -91.08
N PRO GE 59 187.43 -7.36 -90.42
CA PRO GE 59 188.27 -6.30 -90.99
C PRO GE 59 189.72 -6.75 -91.06
N GLY GE 60 190.32 -6.58 -92.23
CA GLY GE 60 191.68 -7.05 -92.44
C GLY GE 60 191.83 -8.53 -92.19
N GLY GE 61 190.83 -9.32 -92.60
CA GLY GE 61 190.86 -10.74 -92.33
C GLY GE 61 189.72 -11.43 -93.05
N LYS GE 62 189.73 -12.75 -92.94
CA LYS GE 62 188.77 -13.59 -93.63
C LYS GE 62 187.52 -13.76 -92.79
N PRO GE 63 186.39 -14.09 -93.42
CA PRO GE 63 185.16 -14.32 -92.65
C PRO GE 63 185.32 -15.50 -91.70
N ASN GE 64 184.73 -15.35 -90.52
CA ASN GE 64 184.72 -16.42 -89.53
C ASN GE 64 183.53 -16.23 -88.62
N LYS GE 65 183.44 -17.07 -87.59
CA LYS GE 65 182.35 -17.04 -86.64
C LYS GE 65 182.53 -15.97 -85.57
N THR GE 66 183.64 -15.24 -85.59
CA THR GE 66 183.94 -14.29 -84.53
C THR GE 66 183.17 -13.00 -84.72
N ARG GE 67 182.38 -12.64 -83.72
CA ARG GE 67 181.69 -11.35 -83.63
C ARG GE 67 182.19 -10.62 -82.39
N VAL GE 68 181.88 -9.33 -82.31
CA VAL GE 68 182.37 -8.52 -81.19
C VAL GE 68 181.42 -7.36 -80.99
N ILE GE 69 181.22 -7.00 -79.72
CA ILE GE 69 180.43 -5.84 -79.34
C ILE GE 69 181.40 -4.80 -78.79
N TRP GE 70 181.41 -3.63 -79.40
CA TRP GE 70 182.34 -2.59 -78.98
C TRP GE 70 181.78 -1.75 -77.84
N GLY GE 71 182.67 -1.09 -77.14
CA GLY GE 71 182.27 -0.22 -76.05
C GLY GE 71 183.47 0.52 -75.50
N LYS GE 72 183.19 1.42 -74.57
CA LYS GE 72 184.25 2.20 -73.94
C LYS GE 72 183.91 2.42 -72.47
N VAL GE 73 184.95 2.58 -71.68
CA VAL GE 73 184.80 2.78 -70.24
C VAL GE 73 184.26 4.18 -69.99
N THR GE 74 183.24 4.28 -69.14
CA THR GE 74 182.67 5.58 -68.80
C THR GE 74 183.29 6.15 -67.53
N ARG GE 75 183.16 5.45 -66.41
CA ARG GE 75 183.71 5.90 -65.15
C ARG GE 75 183.76 4.73 -64.18
N ALA GE 76 184.44 4.93 -63.07
CA ALA GE 76 184.46 3.94 -62.00
C ALA GE 76 183.14 3.95 -61.27
N HIS GE 77 182.73 2.79 -60.76
CA HIS GE 77 181.46 2.67 -60.06
C HIS GE 77 181.71 2.06 -58.68
N GLY GE 78 182.15 2.90 -57.75
CA GLY GE 78 182.00 2.70 -56.32
C GLY GE 78 183.15 2.08 -55.56
N ASN GE 79 184.06 2.92 -55.07
CA ASN GE 79 184.88 2.66 -53.89
C ASN GE 79 185.81 1.46 -53.99
N SER GE 80 185.67 0.64 -55.04
CA SER GE 80 186.54 -0.53 -55.20
C SER GE 80 186.49 -0.96 -56.66
N GLY GE 81 187.48 -0.55 -57.44
CA GLY GE 81 187.51 -0.84 -58.87
C GLY GE 81 186.15 -0.68 -59.51
N MET GE 82 185.66 -1.75 -60.13
CA MET GE 82 184.27 -1.85 -60.56
C MET GE 82 183.89 -0.72 -61.51
N VAL GE 83 184.53 -0.72 -62.67
CA VAL GE 83 184.26 0.31 -63.67
C VAL GE 83 182.94 0.02 -64.37
N ARG GE 84 182.16 1.07 -64.60
CA ARG GE 84 180.98 1.00 -65.43
C ARG GE 84 181.31 1.50 -66.83
N ALA GE 85 180.72 0.87 -67.84
CA ALA GE 85 181.04 1.18 -69.23
C ALA GE 85 179.80 1.06 -70.09
N LYS GE 86 179.87 1.66 -71.27
CA LYS GE 86 178.80 1.67 -72.24
C LYS GE 86 179.18 0.84 -73.46
N PHE GE 87 178.17 0.48 -74.25
CA PHE GE 87 178.38 -0.28 -75.47
C PHE GE 87 177.44 0.21 -76.55
N ARG GE 88 177.81 -0.07 -77.81
CA ARG GE 88 176.98 0.36 -78.93
C ARG GE 88 175.63 -0.35 -78.91
N SER GE 89 175.62 -1.62 -78.54
CA SER GE 89 174.39 -2.34 -78.26
C SER GE 89 174.48 -2.91 -76.86
N ASN GE 90 173.35 -2.89 -76.14
CA ASN GE 90 173.34 -3.37 -74.77
C ASN GE 90 173.73 -4.83 -74.71
N LEU GE 91 174.55 -5.18 -73.72
CA LEU GE 91 175.09 -6.52 -73.63
C LEU GE 91 173.98 -7.54 -73.39
N PRO GE 92 174.00 -8.66 -74.12
CA PRO GE 92 173.07 -9.74 -73.82
C PRO GE 92 173.43 -10.39 -72.50
N ALA GE 93 172.39 -10.74 -71.74
CA ALA GE 93 172.59 -11.20 -70.37
C ALA GE 93 173.33 -12.52 -70.28
N LYS GE 94 173.46 -13.26 -71.38
CA LYS GE 94 174.19 -14.51 -71.31
C LYS GE 94 175.69 -14.32 -71.15
N ALA GE 95 176.17 -13.08 -71.26
CA ALA GE 95 177.59 -12.79 -71.12
C ALA GE 95 178.00 -12.52 -69.69
N ILE GE 96 177.10 -12.70 -68.72
CA ILE GE 96 177.43 -12.46 -67.32
C ILE GE 96 178.55 -13.40 -66.88
N GLY GE 97 179.59 -12.84 -66.29
CA GLY GE 97 180.68 -13.62 -65.75
C GLY GE 97 181.72 -14.07 -66.75
N HIS GE 98 181.67 -13.59 -67.98
CA HIS GE 98 182.61 -14.04 -69.00
C HIS GE 98 183.71 -13.01 -69.22
N ARG GE 99 184.53 -13.26 -70.22
CA ARG GE 99 185.69 -12.43 -70.47
C ARG GE 99 185.32 -11.16 -71.23
N ILE GE 100 185.74 -10.02 -70.70
CA ILE GE 100 185.65 -8.75 -71.39
C ILE GE 100 187.06 -8.18 -71.46
N ARG GE 101 187.49 -7.77 -72.64
CA ARG GE 101 188.81 -7.15 -72.78
C ARG GE 101 188.71 -5.64 -72.80
N VAL GE 102 189.66 -4.98 -72.15
CA VAL GE 102 189.89 -3.56 -72.30
C VAL GE 102 191.15 -3.40 -73.14
N MET GE 103 191.02 -2.68 -74.26
CA MET GE 103 191.93 -2.83 -75.38
C MET GE 103 193.20 -2.01 -75.24
N LEU GE 104 193.35 -1.26 -74.15
CA LEU GE 104 194.44 -0.28 -74.00
C LEU GE 104 194.37 0.81 -75.06
N TYR GE 105 193.22 1.00 -75.68
CA TYR GE 105 192.96 2.01 -76.71
C TYR GE 105 192.84 3.36 -76.02
N PRO GE 106 192.50 4.46 -76.74
CA PRO GE 106 193.28 5.69 -76.63
C PRO GE 106 193.86 5.97 -75.25
N SER GE 107 195.18 6.09 -75.21
CA SER GE 107 195.92 6.22 -73.97
C SER GE 107 196.36 7.66 -73.78
N ARG GE 108 196.05 8.21 -72.61
CA ARG GE 108 196.50 9.55 -72.23
C ARG GE 108 197.95 9.55 -71.77
N ILE GE 109 198.61 8.40 -71.74
CA ILE GE 109 199.96 8.30 -71.26
C ILE GE 109 200.93 8.36 -72.43
N VAL HE 1 95.48 -82.04 -70.79
CA VAL HE 1 94.41 -81.08 -70.99
C VAL HE 1 94.87 -79.96 -71.91
N GLN HE 2 93.93 -79.29 -72.55
CA GLN HE 2 94.21 -78.13 -73.38
C GLN HE 2 93.35 -76.96 -72.89
N ARG HE 3 93.99 -75.81 -72.70
CA ARG HE 3 93.30 -74.65 -72.16
C ARG HE 3 92.46 -73.97 -73.25
N LEU HE 4 91.38 -73.34 -72.82
CA LEU HE 4 90.35 -72.86 -73.73
C LEU HE 4 90.48 -71.38 -74.01
N THR HE 5 89.69 -70.92 -74.98
CA THR HE 5 89.65 -69.52 -75.37
C THR HE 5 88.23 -69.12 -75.72
N TYR HE 6 87.92 -67.84 -75.53
CA TYR HE 6 86.65 -67.30 -75.99
C TYR HE 6 86.62 -67.22 -77.51
N ARG HE 7 85.42 -67.23 -78.07
CA ARG HE 7 85.24 -67.16 -79.51
C ARG HE 7 84.60 -65.87 -79.99
N ARG HE 8 84.29 -64.95 -79.07
CA ARG HE 8 83.74 -63.65 -79.42
C ARG HE 8 84.58 -62.55 -78.79
N ARG HE 9 84.34 -61.32 -79.24
CA ARG HE 9 85.22 -60.22 -78.85
C ARG HE 9 84.96 -59.70 -77.44
N LEU HE 10 83.96 -60.22 -76.74
CA LEU HE 10 83.72 -59.79 -75.38
C LEU HE 10 84.45 -60.75 -74.45
N SER HE 11 85.33 -60.21 -73.60
CA SER HE 11 86.24 -61.02 -72.80
C SER HE 11 86.03 -60.87 -71.30
N TYR HE 12 84.81 -60.58 -70.85
CA TYR HE 12 84.52 -60.49 -69.44
C TYR HE 12 83.44 -61.49 -69.04
N ASN HE 13 83.53 -61.96 -67.81
CA ASN HE 13 82.61 -62.97 -67.28
C ASN HE 13 81.28 -62.31 -66.86
N THR HE 14 80.62 -61.69 -67.83
CA THR HE 14 79.37 -61.02 -67.56
C THR HE 14 78.25 -62.04 -67.34
N ALA HE 15 77.04 -61.53 -67.15
CA ALA HE 15 75.87 -62.39 -67.10
C ALA HE 15 75.41 -62.84 -68.47
N SER HE 16 75.88 -62.20 -69.53
CA SER HE 16 75.54 -62.56 -70.90
C SER HE 16 76.64 -63.35 -71.57
N ASN HE 17 77.73 -63.66 -70.86
CA ASN HE 17 78.87 -64.34 -71.43
C ASN HE 17 78.94 -65.81 -70.99
N LYS HE 18 77.84 -66.35 -70.50
CA LYS HE 18 77.90 -67.69 -69.92
C LYS HE 18 78.06 -68.72 -71.03
N THR HE 19 78.99 -69.65 -70.81
CA THR HE 19 79.40 -70.61 -71.83
C THR HE 19 79.13 -72.04 -71.35
N ARG HE 20 79.40 -72.98 -72.24
CA ARG HE 20 79.19 -74.40 -71.97
C ARG HE 20 80.37 -75.17 -72.54
N LEU HE 21 80.58 -76.36 -72.01
CA LEU HE 21 81.69 -77.22 -72.41
C LEU HE 21 81.17 -78.25 -73.41
N SER HE 22 81.95 -78.50 -74.46
CA SER HE 22 81.50 -79.39 -75.52
C SER HE 22 82.71 -80.05 -76.17
N ARG HE 23 82.44 -81.19 -76.83
CA ARG HE 23 83.44 -81.90 -77.61
C ARG HE 23 82.96 -81.98 -79.05
N THR HE 24 83.80 -81.57 -79.98
CA THR HE 24 83.45 -81.54 -81.40
C THR HE 24 83.69 -82.90 -82.04
N PRO HE 25 83.12 -83.12 -83.23
CA PRO HE 25 83.46 -84.33 -83.99
C PRO HE 25 84.95 -84.44 -84.27
N GLY HE 26 85.64 -83.33 -84.47
CA GLY HE 26 87.08 -83.37 -84.62
C GLY HE 26 87.84 -83.68 -83.36
N ASN HE 27 87.13 -84.09 -82.30
CA ASN HE 27 87.73 -84.47 -81.03
C ASN HE 27 88.57 -83.34 -80.46
N ARG HE 28 87.90 -82.21 -80.22
CA ARG HE 28 88.52 -81.10 -79.51
C ARG HE 28 87.45 -80.42 -78.67
N ILE HE 29 87.89 -79.69 -77.66
CA ILE HE 29 86.99 -79.02 -76.73
C ILE HE 29 86.90 -77.55 -77.09
N VAL HE 30 85.67 -77.06 -77.24
CA VAL HE 30 85.41 -75.67 -77.58
C VAL HE 30 84.29 -75.15 -76.68
N TYR HE 31 83.90 -73.91 -76.94
CA TYR HE 31 82.93 -73.20 -76.12
C TYR HE 31 81.64 -73.01 -76.90
N LEU HE 32 80.51 -73.28 -76.25
CA LEU HE 32 79.20 -72.89 -76.76
C LEU HE 32 78.58 -71.89 -75.82
N TYR HE 33 78.21 -70.74 -76.34
CA TYR HE 33 77.58 -69.69 -75.56
C TYR HE 33 76.12 -70.05 -75.37
N THR HE 34 75.67 -70.03 -74.12
CA THR HE 34 74.33 -70.50 -73.79
C THR HE 34 73.37 -69.33 -73.61
N LYS HE 35 72.10 -69.59 -73.92
CA LYS HE 35 71.05 -68.64 -73.61
C LYS HE 35 70.76 -68.66 -72.12
N LYS HE 36 70.21 -67.55 -71.62
CA LYS HE 36 69.83 -67.50 -70.22
C LYS HE 36 68.65 -68.43 -69.96
N VAL HE 37 68.55 -68.89 -68.71
CA VAL HE 37 67.49 -69.81 -68.35
C VAL HE 37 66.13 -69.11 -68.43
N GLY HE 38 65.12 -69.84 -68.86
CA GLY HE 38 63.76 -69.33 -68.85
C GLY HE 38 63.09 -69.53 -67.51
N LYS HE 39 62.06 -68.74 -67.26
CA LYS HE 39 61.30 -68.83 -66.02
C LYS HE 39 59.82 -68.86 -66.35
N ALA HE 40 59.12 -69.83 -65.77
CA ALA HE 40 57.68 -69.90 -65.92
C ALA HE 40 57.03 -68.69 -65.26
N PRO HE 41 55.87 -68.27 -65.74
CA PRO HE 41 55.21 -67.10 -65.14
C PRO HE 41 54.81 -67.37 -63.70
N LYS HE 42 54.85 -66.31 -62.89
CA LYS HE 42 54.27 -66.40 -61.56
C LYS HE 42 52.77 -66.13 -61.63
N SER HE 43 52.05 -66.61 -60.63
CA SER HE 43 50.61 -66.48 -60.64
C SER HE 43 50.20 -65.03 -60.44
N ALA HE 44 49.14 -64.63 -61.15
CA ALA HE 44 48.60 -63.28 -61.01
C ALA HE 44 47.97 -63.06 -59.64
N CYS HE 45 47.76 -64.12 -58.86
CA CYS HE 45 47.22 -63.96 -57.51
C CYS HE 45 48.07 -63.02 -56.68
N GLY HE 46 49.39 -63.04 -56.87
CA GLY HE 46 50.26 -62.30 -56.00
C GLY HE 46 50.45 -62.90 -54.63
N VAL HE 47 50.03 -64.15 -54.45
CA VAL HE 47 50.13 -64.83 -53.16
C VAL HE 47 50.93 -66.12 -53.27
N CYS HE 48 50.52 -67.01 -54.14
CA CYS HE 48 51.27 -68.24 -54.33
C CYS HE 48 52.64 -67.93 -54.91
N PRO HE 49 53.72 -68.35 -54.27
CA PRO HE 49 55.05 -67.98 -54.75
C PRO HE 49 55.55 -68.86 -55.88
N GLY HE 50 55.03 -70.07 -55.97
CA GLY HE 50 55.51 -71.00 -56.98
C GLY HE 50 55.13 -70.55 -58.38
N ARG HE 51 55.97 -70.94 -59.34
CA ARG HE 51 55.69 -70.63 -60.73
C ARG HE 51 54.55 -71.48 -61.26
N LEU HE 52 54.04 -71.09 -62.42
CA LEU HE 52 52.96 -71.83 -63.05
C LEU HE 52 53.45 -73.16 -63.60
N ARG HE 53 52.52 -74.04 -63.90
CA ARG HE 53 52.81 -75.33 -64.49
C ARG HE 53 52.16 -75.47 -65.85
N GLY HE 54 52.69 -76.39 -66.65
CA GLY HE 54 52.14 -76.66 -67.97
C GLY HE 54 52.56 -75.67 -69.04
N VAL HE 55 53.46 -74.74 -68.72
CA VAL HE 55 53.93 -73.74 -69.67
C VAL HE 55 55.44 -73.83 -69.76
N ARG HE 56 55.97 -73.86 -70.97
CA ARG HE 56 57.41 -73.92 -71.15
C ARG HE 56 58.07 -72.69 -70.55
N ALA HE 57 59.16 -72.90 -69.82
CA ALA HE 57 59.91 -71.82 -69.18
C ALA HE 57 61.05 -71.44 -70.10
N VAL HE 58 60.90 -70.32 -70.79
CA VAL HE 58 61.81 -69.91 -71.84
C VAL HE 58 61.92 -68.39 -71.84
N ARG HE 59 62.86 -67.88 -72.63
CA ARG HE 59 63.10 -66.46 -72.68
C ARG HE 59 61.87 -65.73 -73.23
N PRO HE 60 61.62 -64.51 -72.77
CA PRO HE 60 60.37 -63.82 -73.15
C PRO HE 60 60.20 -63.65 -74.64
N LYS HE 61 61.28 -63.35 -75.38
CA LYS HE 61 61.14 -63.12 -76.80
C LYS HE 61 60.81 -64.39 -77.57
N VAL HE 62 61.30 -65.55 -77.13
CA VAL HE 62 61.03 -66.78 -77.84
C VAL HE 62 59.56 -67.15 -77.76
N LEU HE 63 58.81 -66.51 -76.87
CA LEU HE 63 57.38 -66.79 -76.79
C LEU HE 63 56.67 -66.39 -78.07
N MET HE 64 57.31 -65.60 -78.93
CA MET HE 64 56.78 -65.36 -80.26
C MET HE 64 56.54 -66.66 -81.01
N ARG HE 65 57.57 -67.51 -81.10
CA ARG HE 65 57.54 -68.64 -82.01
C ARG HE 65 57.11 -69.94 -81.33
N LEU HE 66 56.66 -69.88 -80.09
CA LEU HE 66 56.09 -71.06 -79.46
C LEU HE 66 54.60 -71.16 -79.78
N SER HE 67 54.12 -72.39 -79.88
CA SER HE 67 52.72 -72.60 -80.21
C SER HE 67 51.83 -72.15 -79.06
N LYS HE 68 50.57 -71.86 -79.38
CA LYS HE 68 49.65 -71.30 -78.39
C LYS HE 68 49.48 -72.23 -77.21
N THR HE 69 49.21 -73.51 -77.46
CA THR HE 69 48.91 -74.43 -76.36
C THR HE 69 50.08 -74.59 -75.40
N LYS HE 70 51.30 -74.33 -75.84
CA LYS HE 70 52.45 -74.45 -74.95
C LYS HE 70 52.59 -73.25 -74.02
N LYS HE 71 51.82 -72.19 -74.22
CA LYS HE 71 51.92 -71.00 -73.39
C LYS HE 71 50.73 -70.81 -72.46
N HIS HE 72 49.88 -71.82 -72.31
CA HIS HE 72 48.72 -71.72 -71.44
C HIS HE 72 48.21 -73.12 -71.15
N VAL HE 73 47.22 -73.18 -70.26
CA VAL HE 73 46.56 -74.43 -69.91
C VAL HE 73 45.06 -74.25 -70.10
N SER HE 74 44.39 -75.33 -70.49
CA SER HE 74 42.97 -75.26 -70.87
C SER HE 74 42.13 -75.09 -69.62
N ARG HE 75 42.08 -73.85 -69.14
CA ARG HE 75 41.27 -73.50 -67.99
C ARG HE 75 41.06 -72.00 -67.98
N ALA HE 76 40.03 -71.57 -67.26
CA ALA HE 76 39.82 -70.14 -67.07
C ALA HE 76 41.03 -69.53 -66.38
N TYR HE 77 41.49 -68.40 -66.90
CA TYR HE 77 42.75 -67.79 -66.47
C TYR HE 77 43.93 -68.74 -66.66
N GLY HE 78 43.78 -69.70 -67.56
CA GLY HE 78 44.80 -70.72 -67.73
C GLY HE 78 46.08 -70.13 -68.30
N GLY HE 79 47.21 -70.50 -67.72
CA GLY HE 79 48.48 -69.96 -68.14
C GLY HE 79 48.82 -68.62 -67.53
N SER HE 80 47.92 -68.03 -66.74
CA SER HE 80 48.19 -66.78 -66.05
C SER HE 80 47.78 -66.76 -64.60
N MET HE 81 47.04 -67.75 -64.13
CA MET HE 81 46.69 -67.84 -62.72
C MET HE 81 46.78 -69.29 -62.25
N CYS HE 82 47.11 -69.45 -60.97
CA CYS HE 82 47.16 -70.77 -60.37
C CYS HE 82 45.75 -71.32 -60.15
N ALA HE 83 45.63 -72.64 -60.30
CA ALA HE 83 44.35 -73.29 -60.08
C ALA HE 83 43.85 -73.05 -58.67
N LYS HE 84 44.77 -73.02 -57.69
CA LYS HE 84 44.35 -72.86 -56.32
C LYS HE 84 43.66 -71.53 -56.09
N CYS HE 85 44.26 -70.44 -56.55
CA CYS HE 85 43.56 -69.17 -56.49
C CYS HE 85 42.41 -69.12 -57.47
N VAL HE 86 42.45 -69.93 -58.52
CA VAL HE 86 41.31 -70.01 -59.41
C VAL HE 86 40.08 -70.54 -58.68
N ARG HE 87 40.25 -71.65 -57.95
CA ARG HE 87 39.11 -72.19 -57.23
C ARG HE 87 38.61 -71.22 -56.16
N ASP HE 88 39.54 -70.64 -55.39
CA ASP HE 88 39.13 -69.72 -54.35
C ASP HE 88 38.43 -68.50 -54.94
N ARG HE 89 38.94 -67.98 -56.05
CA ARG HE 89 38.26 -66.88 -56.71
C ARG HE 89 36.85 -67.28 -57.10
N ILE HE 90 36.65 -68.54 -57.48
CA ILE HE 90 35.31 -69.00 -57.84
C ILE HE 90 34.39 -68.96 -56.63
N LYS HE 91 34.76 -69.66 -55.55
CA LYS HE 91 33.89 -69.70 -54.38
C LYS HE 91 33.69 -68.32 -53.78
N ARG HE 92 34.74 -67.51 -53.71
CA ARG HE 92 34.59 -66.16 -53.17
C ARG HE 92 33.63 -65.35 -54.01
N ALA HE 93 33.77 -65.42 -55.34
CA ALA HE 93 32.83 -64.72 -56.20
C ALA HE 93 31.41 -65.22 -55.99
N PHE HE 94 31.25 -66.54 -55.86
CA PHE HE 94 29.93 -67.10 -55.61
C PHE HE 94 29.38 -66.66 -54.26
N LEU HE 95 30.20 -66.77 -53.21
CA LEU HE 95 29.72 -66.50 -51.87
C LEU HE 95 29.33 -65.03 -51.70
N ILE HE 96 30.10 -64.11 -52.27
CA ILE HE 96 29.80 -62.69 -52.09
C ILE HE 96 28.45 -62.36 -52.69
N GLU HE 97 28.21 -62.75 -53.94
CA GLU HE 97 26.98 -62.37 -54.60
C GLU HE 97 25.76 -62.95 -53.89
N GLU HE 98 25.83 -64.23 -53.48
CA GLU HE 98 24.70 -64.81 -52.76
C GLU HE 98 24.50 -64.11 -51.43
N GLN HE 99 25.59 -63.74 -50.76
CA GLN HE 99 25.46 -62.95 -49.55
C GLN HE 99 24.86 -61.58 -49.86
N LYS HE 100 25.25 -60.99 -51.00
CA LYS HE 100 24.61 -59.77 -51.44
C LYS HE 100 23.11 -59.95 -51.59
N ILE HE 101 22.70 -61.09 -52.16
CA ILE HE 101 21.27 -61.39 -52.27
C ILE HE 101 20.64 -61.49 -50.90
N VAL HE 102 21.32 -62.16 -49.97
CA VAL HE 102 20.78 -62.35 -48.62
C VAL HE 102 20.55 -60.99 -47.94
N VAL HE 103 21.45 -60.04 -48.16
CA VAL HE 103 21.26 -58.72 -47.57
C VAL HE 103 19.97 -58.07 -48.06
N LYS HE 104 19.78 -58.03 -49.39
CA LYS HE 104 18.65 -57.30 -49.95
C LYS HE 104 17.32 -57.87 -49.45
N VAL HE 105 17.18 -59.19 -49.48
CA VAL HE 105 15.92 -59.80 -49.07
C VAL HE 105 15.67 -59.55 -47.58
N LEU HE 106 16.73 -59.54 -46.77
CA LEU HE 106 16.55 -59.24 -45.36
C LEU HE 106 16.07 -57.81 -45.16
N LYS HE 107 16.65 -56.85 -45.89
CA LYS HE 107 16.21 -55.47 -45.75
C LYS HE 107 14.81 -55.27 -46.30
N ALA HE 108 14.47 -55.97 -47.39
CA ALA HE 108 13.11 -55.92 -47.91
C ALA HE 108 12.12 -56.49 -46.88
N GLN HE 109 12.49 -57.59 -46.23
CA GLN HE 109 11.73 -58.09 -45.09
C GLN HE 109 11.73 -57.09 -43.94
N ALA HE 110 12.80 -56.30 -43.82
CA ALA HE 110 12.87 -55.25 -42.80
C ALA HE 110 12.12 -53.99 -43.20
N GLN HE 111 11.56 -53.95 -44.41
CA GLN HE 111 10.70 -52.85 -44.85
C GLN HE 111 9.23 -53.10 -44.54
N SER HE 112 8.95 -53.90 -43.51
CA SER HE 112 7.58 -54.23 -43.14
C SER HE 112 6.97 -53.23 -42.16
N GLN HE 113 7.74 -52.23 -41.73
CA GLN HE 113 7.25 -51.21 -40.81
C GLN HE 113 7.64 -49.84 -41.32
N LYS HE 114 6.85 -48.84 -40.96
CA LYS HE 114 7.08 -47.47 -41.42
C LYS HE 114 8.21 -46.79 -40.67
N ALA IE 1 89.76 -38.28 -134.75
CA ALA IE 1 88.82 -39.20 -134.11
C ALA IE 1 88.47 -38.70 -132.71
N LYS IE 2 89.16 -37.67 -132.26
CA LYS IE 2 88.92 -37.08 -130.96
C LYS IE 2 87.81 -36.05 -131.07
N ILE IE 3 86.68 -36.30 -130.41
CA ILE IE 3 85.51 -35.46 -130.59
C ILE IE 3 85.76 -34.05 -130.06
N LYS IE 4 84.92 -33.13 -130.50
CA LYS IE 4 84.94 -31.74 -130.06
C LYS IE 4 83.54 -31.35 -129.63
N ALA IE 5 83.38 -30.06 -129.31
CA ALA IE 5 82.07 -29.61 -128.84
C ALA IE 5 81.21 -29.06 -129.98
N ARG IE 6 81.82 -28.36 -130.94
CA ARG IE 6 81.04 -27.76 -132.02
C ARG IE 6 80.26 -28.81 -132.79
N ASP IE 7 80.94 -29.87 -133.23
CA ASP IE 7 80.27 -30.93 -133.98
C ASP IE 7 79.25 -31.68 -133.13
N LEU IE 8 79.49 -31.80 -131.83
CA LEU IE 8 78.57 -32.53 -130.96
C LEU IE 8 77.26 -31.78 -130.72
N ARG IE 9 77.28 -30.45 -130.82
CA ARG IE 9 76.11 -29.65 -130.46
C ARG IE 9 74.92 -29.87 -131.39
N GLY IE 10 75.13 -30.47 -132.55
CA GLY IE 10 74.04 -30.63 -133.50
C GLY IE 10 73.20 -31.87 -133.28
N LYS IE 11 73.80 -32.93 -132.73
CA LYS IE 11 73.10 -34.19 -132.59
C LYS IE 11 72.06 -34.12 -131.47
N LYS IE 12 71.24 -35.18 -131.40
CA LYS IE 12 70.15 -35.21 -130.44
C LYS IE 12 70.57 -36.00 -129.19
N LYS IE 13 69.67 -36.01 -128.21
CA LYS IE 13 70.02 -36.53 -126.88
C LYS IE 13 70.34 -38.02 -126.91
N GLU IE 14 69.54 -38.81 -127.63
CA GLU IE 14 69.66 -40.27 -127.55
C GLU IE 14 71.03 -40.73 -128.03
N GLU IE 15 71.42 -40.31 -129.24
CA GLU IE 15 72.76 -40.66 -129.72
C GLU IE 15 73.84 -40.07 -128.83
N LEU IE 16 73.63 -38.84 -128.35
CA LEU IE 16 74.54 -38.27 -127.36
C LEU IE 16 74.63 -39.17 -126.13
N LEU IE 17 73.47 -39.59 -125.61
CA LEU IE 17 73.48 -40.53 -124.49
C LEU IE 17 74.14 -41.84 -124.89
N LYS IE 18 73.85 -42.32 -126.11
CA LYS IE 18 74.57 -43.49 -126.62
C LYS IE 18 76.06 -43.19 -126.73
N GLN IE 19 76.40 -42.01 -127.24
CA GLN IE 19 77.82 -41.69 -127.42
C GLN IE 19 78.51 -41.54 -126.07
N LEU IE 20 77.77 -41.17 -125.03
CA LEU IE 20 78.34 -41.21 -123.69
C LEU IE 20 78.59 -42.65 -123.25
N ASP IE 21 77.77 -43.58 -123.73
CA ASP IE 21 77.81 -44.94 -123.23
C ASP IE 21 79.14 -45.61 -123.57
N ASP IE 22 79.53 -45.59 -124.85
CA ASP IE 22 80.68 -46.38 -125.27
C ASP IE 22 81.97 -45.86 -124.64
N LEU IE 23 82.06 -44.56 -124.36
CA LEU IE 23 83.20 -44.07 -123.61
C LEU IE 23 83.29 -44.73 -122.25
N LYS IE 24 82.16 -44.84 -121.56
CA LYS IE 24 82.16 -45.45 -120.24
C LYS IE 24 82.56 -46.91 -120.30
N VAL IE 25 82.06 -47.65 -121.30
CA VAL IE 25 82.46 -49.05 -121.41
C VAL IE 25 83.94 -49.14 -121.77
N GLU IE 26 84.42 -48.22 -122.60
CA GLU IE 26 85.83 -48.27 -123.00
C GLU IE 26 86.73 -47.83 -121.85
N LEU IE 27 86.30 -46.80 -121.10
CA LEU IE 27 87.06 -46.40 -119.93
C LEU IE 27 87.15 -47.53 -118.92
N SER IE 28 86.04 -48.21 -118.67
CA SER IE 28 86.08 -49.36 -117.78
C SER IE 28 86.99 -50.44 -118.35
N GLN IE 29 86.95 -50.65 -119.66
CA GLN IE 29 87.88 -51.58 -120.28
C GLN IE 29 89.31 -51.13 -120.10
N LEU IE 30 89.58 -49.84 -120.30
CA LEU IE 30 90.93 -49.33 -120.13
C LEU IE 30 91.41 -49.46 -118.69
N ARG IE 31 90.56 -49.09 -117.73
CA ARG IE 31 90.93 -49.22 -116.33
C ARG IE 31 91.28 -50.66 -115.99
N VAL IE 32 90.58 -51.61 -116.61
CA VAL IE 32 90.95 -53.01 -116.46
C VAL IE 32 92.37 -53.23 -116.96
N ALA IE 33 92.68 -52.68 -118.14
CA ALA IE 33 94.02 -52.85 -118.71
C ALA IE 33 95.08 -52.24 -117.82
N LYS IE 34 94.79 -51.10 -117.20
CA LYS IE 34 95.75 -50.49 -116.28
C LYS IE 34 96.11 -51.44 -115.16
N VAL IE 35 95.12 -52.16 -114.63
CA VAL IE 35 95.38 -53.08 -113.54
C VAL IE 35 96.20 -54.28 -114.00
N THR IE 36 95.90 -54.85 -115.16
CA THR IE 36 96.61 -56.03 -115.65
C THR IE 36 97.80 -55.62 -116.52
N GLY IE 37 98.64 -54.76 -115.95
CA GLY IE 37 99.84 -54.31 -116.64
C GLY IE 37 99.53 -53.34 -117.76
N GLY IE 38 98.89 -53.83 -118.81
CA GLY IE 38 98.52 -52.95 -119.91
C GLY IE 38 99.74 -52.44 -120.67
N ALA IE 39 99.49 -51.41 -121.48
CA ALA IE 39 100.54 -50.83 -122.30
C ALA IE 39 100.45 -49.31 -122.23
N ALA IE 40 101.59 -48.67 -122.45
CA ALA IE 40 101.65 -47.22 -122.35
C ALA IE 40 100.72 -46.54 -123.33
N SER IE 41 100.58 -47.11 -124.54
CA SER IE 41 99.63 -46.55 -125.51
C SER IE 41 98.22 -46.58 -124.94
N LYS IE 42 97.85 -47.67 -124.27
CA LYS IE 42 96.53 -47.73 -123.64
C LYS IE 42 96.45 -46.79 -122.45
N LEU IE 43 97.48 -46.77 -121.60
CA LEU IE 43 97.38 -46.02 -120.35
C LEU IE 43 97.22 -44.52 -120.62
N SER IE 44 97.96 -43.98 -121.57
CA SER IE 44 97.83 -42.56 -121.87
C SER IE 44 96.46 -42.22 -122.46
N LYS IE 45 95.71 -43.21 -122.92
CA LYS IE 45 94.38 -42.99 -123.45
C LYS IE 45 93.34 -42.80 -122.36
N ILE IE 46 93.73 -42.95 -121.09
CA ILE IE 46 92.83 -42.66 -119.98
C ILE IE 46 92.37 -41.21 -120.04
N ARG IE 47 93.32 -40.29 -120.14
CA ARG IE 47 93.00 -38.88 -120.09
C ARG IE 47 92.18 -38.45 -121.30
N VAL IE 48 92.50 -39.00 -122.48
CA VAL IE 48 91.78 -38.62 -123.69
C VAL IE 48 90.31 -38.95 -123.57
N VAL IE 49 89.99 -40.07 -122.93
CA VAL IE 49 88.60 -40.45 -122.79
C VAL IE 49 87.98 -39.76 -121.57
N ARG IE 50 88.73 -39.69 -120.47
CA ARG IE 50 88.20 -39.03 -119.28
C ARG IE 50 87.81 -37.59 -119.58
N LYS IE 51 88.59 -36.92 -120.42
CA LYS IE 51 88.14 -35.63 -120.92
C LYS IE 51 87.01 -35.79 -121.93
N SER IE 52 87.03 -36.86 -122.72
CA SER IE 52 85.98 -37.06 -123.71
C SER IE 52 84.61 -37.21 -123.05
N ILE IE 53 84.51 -38.06 -122.03
CA ILE IE 53 83.24 -38.19 -121.32
C ILE IE 53 82.86 -36.86 -120.70
N ALA IE 54 83.84 -36.13 -120.19
CA ALA IE 54 83.56 -34.80 -119.65
C ALA IE 54 83.00 -33.88 -120.73
N ARG IE 55 83.53 -33.99 -121.95
CA ARG IE 55 83.05 -33.13 -123.02
C ARG IE 55 81.60 -33.45 -123.38
N VAL IE 56 81.30 -34.73 -123.60
CA VAL IE 56 79.95 -35.11 -124.03
C VAL IE 56 78.95 -34.84 -122.91
N LEU IE 57 79.37 -35.00 -121.66
CA LEU IE 57 78.46 -34.71 -120.57
C LEU IE 57 78.13 -33.22 -120.50
N THR IE 58 79.13 -32.37 -120.76
CA THR IE 58 78.94 -30.94 -120.63
C THR IE 58 77.86 -30.42 -121.57
N VAL IE 59 77.92 -30.80 -122.85
CA VAL IE 59 76.92 -30.32 -123.80
C VAL IE 59 75.54 -30.80 -123.39
N ILE IE 60 75.44 -32.02 -122.86
CA ILE IE 60 74.17 -32.51 -122.34
C ILE IE 60 73.66 -31.57 -121.26
N ASN IE 61 74.52 -31.22 -120.30
CA ASN IE 61 74.10 -30.29 -119.26
C ASN IE 61 73.77 -28.92 -119.86
N GLN IE 62 74.58 -28.46 -120.81
CA GLN IE 62 74.29 -27.17 -121.44
C GLN IE 62 73.02 -27.23 -122.27
N THR IE 63 72.87 -28.27 -123.10
CA THR IE 63 71.70 -28.35 -123.97
C THR IE 63 70.42 -28.46 -123.15
N GLN IE 64 70.44 -29.31 -122.12
CA GLN IE 64 69.28 -29.39 -121.25
C GLN IE 64 69.03 -28.04 -120.57
N LYS IE 65 70.09 -27.34 -120.17
CA LYS IE 65 69.91 -26.12 -119.40
C LYS IE 65 69.21 -25.02 -120.20
N GLU IE 66 69.74 -24.69 -121.38
CA GLU IE 66 69.18 -23.53 -122.07
C GLU IE 66 67.81 -23.85 -122.63
N ASN IE 67 67.52 -25.13 -122.86
CA ASN IE 67 66.17 -25.53 -123.20
C ASN IE 67 65.20 -25.17 -122.09
N LEU IE 68 65.56 -25.47 -120.84
CA LEU IE 68 64.74 -25.08 -119.72
C LEU IE 68 64.67 -23.57 -119.57
N ARG IE 69 65.81 -22.89 -119.75
CA ARG IE 69 65.81 -21.43 -119.68
C ARG IE 69 64.85 -20.84 -120.71
N LYS IE 70 64.87 -21.38 -121.93
CA LYS IE 70 63.91 -20.94 -122.94
C LYS IE 70 62.48 -21.23 -122.50
N PHE IE 71 62.24 -22.43 -121.95
CA PHE IE 71 60.89 -22.80 -121.57
C PHE IE 71 60.35 -21.90 -120.46
N TYR IE 72 61.18 -21.58 -119.47
CA TYR IE 72 60.76 -20.75 -118.36
C TYR IE 72 60.80 -19.27 -118.68
N LYS IE 73 61.18 -18.90 -119.89
CA LYS IE 73 61.22 -17.48 -120.25
C LYS IE 73 59.83 -16.88 -120.15
N GLY IE 74 59.74 -15.76 -119.42
CA GLY IE 74 58.49 -15.06 -119.24
C GLY IE 74 57.60 -15.59 -118.15
N LYS IE 75 57.93 -16.74 -117.57
CA LYS IE 75 57.13 -17.28 -116.46
C LYS IE 75 57.30 -16.38 -115.25
N LYS IE 76 56.18 -16.13 -114.55
CA LYS IE 76 56.21 -15.15 -113.47
C LYS IE 76 57.16 -15.61 -112.38
N TYR IE 77 57.20 -16.90 -112.12
CA TYR IE 77 58.22 -17.49 -111.25
C TYR IE 77 59.16 -18.35 -112.09
N LYS IE 78 60.44 -18.36 -111.72
CA LYS IE 78 61.42 -19.18 -112.39
C LYS IE 78 62.25 -19.92 -111.36
N PRO IE 79 62.79 -21.07 -111.72
CA PRO IE 79 63.58 -21.85 -110.77
C PRO IE 79 64.80 -21.08 -110.29
N LEU IE 80 65.20 -21.36 -109.05
CA LEU IE 80 66.26 -20.59 -108.41
C LEU IE 80 67.57 -20.70 -109.17
N ASP IE 81 67.90 -21.89 -109.66
CA ASP IE 81 69.11 -22.05 -110.45
C ASP IE 81 69.05 -21.25 -111.74
N LEU IE 82 67.87 -20.84 -112.18
CA LEU IE 82 67.74 -20.06 -113.41
C LEU IE 82 67.79 -18.56 -113.18
N ARG IE 83 67.19 -18.07 -112.10
CA ARG IE 83 67.23 -16.65 -111.83
C ARG IE 83 68.66 -16.24 -111.47
N PRO IE 84 69.00 -14.96 -111.68
CA PRO IE 84 70.41 -14.56 -111.58
C PRO IE 84 71.01 -14.83 -110.21
N LYS IE 85 72.33 -15.09 -110.23
CA LYS IE 85 73.07 -15.54 -109.07
C LYS IE 85 73.98 -14.46 -108.50
N LYS IE 86 73.93 -13.24 -109.03
CA LYS IE 86 74.96 -12.22 -108.89
C LYS IE 86 75.61 -12.18 -107.51
N THR IE 87 74.81 -11.90 -106.48
CA THR IE 87 75.30 -11.77 -105.12
C THR IE 87 74.10 -11.66 -104.20
N ARG IE 88 74.18 -12.30 -103.03
CA ARG IE 88 73.08 -12.24 -102.08
C ARG IE 88 72.66 -10.79 -101.80
N ALA IE 89 73.64 -9.90 -101.69
CA ALA IE 89 73.34 -8.51 -101.40
C ALA IE 89 72.53 -7.87 -102.51
N MET IE 90 73.08 -7.80 -103.72
CA MET IE 90 72.44 -7.02 -104.78
C MET IE 90 71.09 -7.62 -105.18
N ARG IE 91 70.91 -8.93 -105.03
CA ARG IE 91 69.59 -9.50 -105.28
C ARG IE 91 68.55 -8.96 -104.31
N ARG IE 92 68.97 -8.61 -103.09
CA ARG IE 92 68.03 -8.07 -102.11
C ARG IE 92 67.61 -6.65 -102.46
N ARG IE 93 68.48 -5.88 -103.08
CA ARG IE 93 68.23 -4.45 -103.24
C ARG IE 93 67.10 -4.20 -104.23
N LEU IE 94 66.67 -2.94 -104.27
CA LEU IE 94 65.60 -2.54 -105.17
C LEU IE 94 66.03 -2.70 -106.62
N ASN IE 95 65.11 -3.19 -107.45
CA ASN IE 95 65.32 -3.15 -108.89
C ASN IE 95 65.04 -1.74 -109.39
N LYS IE 96 65.28 -1.52 -110.69
CA LYS IE 96 65.24 -0.18 -111.25
C LYS IE 96 63.86 0.45 -111.08
N HIS IE 97 62.80 -0.32 -111.33
CA HIS IE 97 61.48 0.28 -111.47
C HIS IE 97 60.98 0.89 -110.16
N GLU IE 98 61.31 0.26 -109.03
CA GLU IE 98 60.81 0.78 -107.76
C GLU IE 98 61.87 1.51 -106.96
N GLU IE 99 62.95 1.97 -107.59
CA GLU IE 99 63.86 2.90 -106.94
C GLU IE 99 63.86 4.28 -107.57
N ASN IE 100 63.48 4.40 -108.83
CA ASN IE 100 63.51 5.68 -109.54
C ASN IE 100 62.22 6.46 -109.43
N LEU IE 101 61.09 5.79 -109.15
CA LEU IE 101 59.84 6.50 -109.04
C LEU IE 101 59.86 7.42 -107.83
N LYS IE 102 59.29 8.62 -108.01
CA LYS IE 102 59.28 9.64 -106.98
C LYS IE 102 57.84 9.97 -106.60
N THR IE 103 57.68 10.55 -105.42
CA THR IE 103 56.35 10.92 -104.98
C THR IE 103 55.82 12.08 -105.82
N LYS IE 104 54.49 12.22 -105.81
CA LYS IE 104 53.87 13.31 -106.53
C LYS IE 104 54.35 14.65 -106.01
N LYS IE 105 54.51 14.78 -104.69
CA LYS IE 105 55.08 15.99 -104.11
C LYS IE 105 56.51 16.21 -104.60
N GLN IE 106 57.30 15.13 -104.65
CA GLN IE 106 58.65 15.23 -105.20
C GLN IE 106 58.61 15.56 -106.69
N GLN IE 107 57.73 14.90 -107.44
CA GLN IE 107 57.63 15.16 -108.86
C GLN IE 107 57.13 16.57 -109.12
N ARG IE 108 56.20 17.06 -108.28
CA ARG IE 108 55.68 18.41 -108.46
C ARG IE 108 56.79 19.44 -108.30
N LYS IE 109 57.66 19.24 -107.32
CA LYS IE 109 58.69 20.24 -107.02
C LYS IE 109 59.64 20.44 -108.20
N GLU IE 110 60.06 19.34 -108.84
CA GLU IE 110 61.02 19.46 -109.93
C GLU IE 110 60.40 20.13 -111.15
N ARG IE 111 59.12 19.85 -111.41
CA ARG IE 111 58.43 20.56 -112.48
C ARG IE 111 58.31 22.05 -112.16
N LEU IE 112 58.02 22.37 -110.91
CA LEU IE 112 57.80 23.77 -110.55
C LEU IE 112 59.10 24.55 -110.53
N TYR IE 113 60.17 23.95 -110.01
CA TYR IE 113 61.46 24.63 -109.86
C TYR IE 113 62.58 23.74 -110.38
N PRO IE 114 62.65 23.54 -111.69
CA PRO IE 114 63.76 22.77 -112.24
C PRO IE 114 65.07 23.54 -112.11
N LEU IE 115 66.16 22.79 -112.06
CA LEU IE 115 67.48 23.42 -111.97
C LEU IE 115 67.81 24.14 -113.28
N ARG IE 116 68.14 25.42 -113.18
CA ARG IE 116 68.44 26.23 -114.35
C ARG IE 116 69.92 26.25 -114.62
N LYS IE 117 70.28 26.11 -115.89
CA LYS IE 117 71.65 26.23 -116.34
C LYS IE 117 71.95 27.70 -116.54
N TYR IE 118 72.98 28.20 -115.86
CA TYR IE 118 73.22 29.63 -115.85
C TYR IE 118 74.71 29.92 -115.77
N ALA IE 119 75.07 31.13 -116.16
CA ALA IE 119 76.42 31.64 -116.00
C ALA IE 119 76.34 33.06 -115.49
N VAL IE 120 77.37 33.48 -114.76
CA VAL IE 120 77.46 34.84 -114.25
C VAL IE 120 78.76 35.45 -114.75
N LYS IE 121 78.67 36.64 -115.31
CA LYS IE 121 79.87 37.32 -115.75
C LYS IE 121 80.62 37.89 -114.55
N ALA IE 122 81.91 38.11 -114.75
CA ALA IE 122 82.73 38.73 -113.72
C ALA IE 122 82.30 40.18 -113.51
N ALA JE 1 81.32 66.08 -81.21
CA ALA JE 1 80.78 67.00 -80.28
C ALA JE 1 80.50 66.44 -78.93
N LEU JE 2 79.24 66.07 -78.71
CA LEU JE 2 78.80 65.48 -77.46
C LEU JE 2 78.01 64.19 -77.70
N ARG JE 3 78.02 63.33 -76.69
CA ARG JE 3 77.29 62.06 -76.71
C ARG JE 3 77.78 61.16 -77.84
N TYR JE 4 79.08 60.95 -77.88
CA TYR JE 4 79.56 60.00 -78.85
C TYR JE 4 79.10 58.60 -78.49
N PRO JE 5 78.81 57.76 -79.47
CA PRO JE 5 78.46 56.36 -79.18
C PRO JE 5 79.70 55.62 -78.68
N MET JE 6 79.60 55.10 -77.46
CA MET JE 6 80.69 54.39 -76.80
C MET JE 6 80.25 52.99 -76.46
N ALA JE 7 81.21 52.17 -76.03
CA ALA JE 7 80.97 50.76 -75.77
C ALA JE 7 80.60 50.47 -74.33
N VAL JE 8 80.37 51.51 -73.52
CA VAL JE 8 80.09 51.33 -72.10
C VAL JE 8 78.93 52.26 -71.72
N GLY JE 9 78.05 51.76 -70.88
CA GLY JE 9 76.96 52.55 -70.34
C GLY JE 9 75.61 52.06 -70.78
N LEU JE 10 74.58 52.78 -70.32
CA LEU JE 10 73.20 52.39 -70.58
C LEU JE 10 72.88 52.33 -72.07
N ASN JE 11 73.66 53.02 -72.90
CA ASN JE 11 73.46 52.97 -74.35
C ASN JE 11 74.82 52.73 -75.00
N LYS JE 12 75.12 51.47 -75.28
CA LYS JE 12 76.33 51.09 -75.99
C LYS JE 12 75.96 50.31 -77.24
N GLY JE 13 76.85 50.33 -78.21
CA GLY JE 13 76.64 49.64 -79.47
C GLY JE 13 76.73 50.60 -80.65
N HIS JE 14 76.97 50.00 -81.81
CA HIS JE 14 77.21 50.77 -83.03
C HIS JE 14 76.03 51.64 -83.42
N LYS JE 15 74.89 51.49 -82.77
CA LYS JE 15 73.71 52.32 -83.00
C LYS JE 15 73.24 52.23 -84.45
N VAL JE 16 72.80 51.04 -84.81
CA VAL JE 16 72.11 50.84 -86.07
C VAL JE 16 70.63 51.14 -85.88
N THR JE 17 69.93 51.31 -86.99
CA THR JE 17 68.49 51.54 -86.96
C THR JE 17 67.77 50.20 -86.96
N LYS JE 18 67.05 49.92 -85.88
CA LYS JE 18 66.42 48.61 -85.73
C LYS JE 18 65.35 48.40 -86.79
N ASN JE 19 65.42 47.24 -87.45
CA ASN JE 19 64.39 46.84 -88.40
C ASN JE 19 63.33 46.04 -87.66
N VAL JE 20 62.07 46.32 -87.95
CA VAL JE 20 60.94 45.64 -87.32
C VAL JE 20 60.27 44.76 -88.36
N SER JE 21 59.76 43.61 -87.93
CA SER JE 21 59.06 42.68 -88.79
C SER JE 21 58.20 41.76 -87.95
N LYS JE 22 57.25 41.10 -88.60
CA LYS JE 22 56.43 40.12 -87.90
C LYS JE 22 57.30 38.98 -87.39
N PRO JE 23 57.02 38.48 -86.18
CA PRO JE 23 57.80 37.36 -85.66
C PRO JE 23 57.63 36.13 -86.53
N ARG JE 24 58.68 35.30 -86.52
CA ARG JE 24 58.63 34.06 -87.27
C ARG JE 24 57.48 33.19 -86.77
N HIS JE 25 56.86 32.46 -87.70
CA HIS JE 25 55.68 31.67 -87.36
C HIS JE 25 55.97 30.62 -86.30
N SER JE 26 57.23 30.28 -86.09
CA SER JE 26 57.57 29.34 -85.02
C SER JE 26 57.42 29.96 -83.64
N ARG JE 27 57.53 31.28 -83.53
CA ARG JE 27 57.42 31.93 -82.23
C ARG JE 27 56.04 31.75 -81.59
N ARG JE 28 55.02 31.45 -82.39
CA ARG JE 28 53.67 31.30 -81.88
C ARG JE 28 53.39 29.91 -81.32
N ARG JE 29 54.42 29.09 -81.16
CA ARG JE 29 54.22 27.73 -80.65
C ARG JE 29 53.70 27.77 -79.21
N GLY JE 30 52.73 26.92 -78.93
CA GLY JE 30 52.15 26.83 -77.61
C GLY JE 30 50.99 27.76 -77.37
N ARG JE 31 50.79 28.77 -78.21
CA ARG JE 31 49.68 29.70 -78.02
C ARG JE 31 48.36 28.95 -78.08
N LEU JE 32 47.52 29.18 -77.07
CA LEU JE 32 46.23 28.50 -77.02
C LEU JE 32 45.31 29.04 -78.09
N THR JE 33 44.74 28.13 -78.89
CA THR JE 33 43.76 28.50 -79.89
C THR JE 33 42.36 28.12 -79.43
N LYS JE 34 41.36 28.61 -80.16
CA LYS JE 34 39.98 28.34 -79.78
C LYS JE 34 39.66 26.86 -79.84
N HIS JE 35 39.99 26.21 -80.97
CA HIS JE 35 39.60 24.82 -81.16
C HIS JE 35 40.28 23.92 -80.13
N THR JE 36 41.58 24.14 -79.88
CA THR JE 36 42.26 23.30 -78.90
C THR JE 36 41.75 23.57 -77.49
N LYS JE 37 41.48 24.83 -77.16
CA LYS JE 37 40.87 25.13 -75.87
C LYS JE 37 39.52 24.44 -75.75
N PHE JE 38 38.78 24.39 -76.86
CA PHE JE 38 37.53 23.64 -76.88
C PHE JE 38 37.78 22.17 -76.56
N VAL JE 39 38.78 21.56 -77.20
CA VAL JE 39 39.08 20.16 -76.94
C VAL JE 39 39.63 19.98 -75.53
N ARG JE 40 40.60 20.81 -75.14
CA ARG JE 40 41.27 20.63 -73.86
C ARG JE 40 40.30 20.82 -72.70
N ASP JE 41 39.32 21.71 -72.85
CA ASP JE 41 38.28 21.78 -71.85
C ASP JE 41 37.32 20.59 -71.98
N MET JE 42 37.03 20.19 -73.21
CA MET JE 42 36.05 19.11 -73.42
C MET JE 42 36.55 17.80 -72.84
N ILE JE 43 37.84 17.55 -72.91
CA ILE JE 43 38.35 16.34 -72.28
C ILE JE 43 38.26 16.47 -70.76
N ARG JE 44 38.39 17.69 -70.24
CA ARG JE 44 38.49 17.89 -68.79
C ARG JE 44 37.31 17.29 -68.04
N GLU JE 45 36.08 17.58 -68.48
CA GLU JE 45 34.92 17.11 -67.72
C GLU JE 45 34.71 15.61 -67.90
N VAL JE 46 34.86 15.09 -69.12
CA VAL JE 46 34.69 13.66 -69.32
C VAL JE 46 35.80 12.90 -68.61
N CYS JE 47 37.01 13.45 -68.61
CA CYS JE 47 38.11 12.83 -67.89
C CYS JE 47 37.95 12.99 -66.38
N GLY JE 48 37.94 14.23 -65.91
CA GLY JE 48 37.86 14.51 -64.49
C GLY JE 48 39.16 15.06 -63.94
N PHE JE 49 39.45 14.71 -62.70
CA PHE JE 49 40.60 15.23 -61.98
C PHE JE 49 41.43 14.09 -61.42
N ALA JE 50 42.75 14.25 -61.45
CA ALA JE 50 43.63 13.29 -60.81
C ALA JE 50 43.55 13.45 -59.29
N PRO JE 51 43.91 12.42 -58.53
CA PRO JE 51 43.74 12.49 -57.07
C PRO JE 51 44.48 13.65 -56.43
N TYR JE 52 45.65 14.04 -56.95
CA TYR JE 52 46.37 15.11 -56.29
C TYR JE 52 45.71 16.45 -56.52
N GLU JE 53 45.11 16.69 -57.69
CA GLU JE 53 44.34 17.91 -57.85
C GLU JE 53 43.16 17.93 -56.89
N ARG JE 54 42.33 16.88 -56.91
CA ARG JE 54 41.13 16.90 -56.08
C ARG JE 54 41.48 16.98 -54.61
N ARG JE 55 42.62 16.41 -54.20
CA ARG JE 55 43.10 16.67 -52.85
C ARG JE 55 43.58 18.10 -52.71
N ALA JE 56 44.39 18.57 -53.66
CA ALA JE 56 44.82 19.96 -53.63
C ALA JE 56 43.62 20.89 -53.68
N MET JE 57 42.62 20.55 -54.50
CA MET JE 57 41.37 21.31 -54.54
C MET JE 57 40.87 21.60 -53.15
N GLU JE 58 40.96 20.62 -52.25
CA GLU JE 58 40.28 20.74 -50.98
C GLU JE 58 40.97 21.75 -50.07
N LEU JE 59 42.30 21.89 -50.18
CA LEU JE 59 42.96 22.89 -49.35
C LEU JE 59 42.62 24.31 -49.78
N LEU JE 60 42.20 24.51 -51.03
CA LEU JE 60 41.66 25.82 -51.37
C LEU JE 60 40.24 25.98 -50.87
N LYS JE 61 39.52 24.88 -50.64
CA LYS JE 61 38.22 24.98 -49.98
C LYS JE 61 38.38 25.54 -48.58
N VAL JE 62 39.31 25.00 -47.80
CA VAL JE 62 39.66 25.59 -46.52
C VAL JE 62 40.53 26.82 -46.69
N SER JE 63 40.97 27.08 -47.93
CA SER JE 63 41.67 28.33 -48.29
C SER JE 63 43.02 28.44 -47.60
N LYS JE 64 43.74 27.33 -47.51
CA LYS JE 64 45.14 27.35 -47.06
C LYS JE 64 46.04 27.42 -48.29
N ASP JE 65 45.95 28.56 -48.96
CA ASP JE 65 46.62 28.73 -50.25
C ASP JE 65 48.12 28.48 -50.17
N LYS JE 66 48.76 28.93 -49.09
CA LYS JE 66 50.19 28.67 -48.92
C LYS JE 66 50.46 27.18 -48.82
N ARG JE 67 49.66 26.46 -48.04
CA ARG JE 67 49.85 25.03 -47.92
C ARG JE 67 49.58 24.32 -49.25
N ALA JE 68 48.55 24.76 -49.97
CA ALA JE 68 48.26 24.14 -51.26
C ALA JE 68 49.42 24.32 -52.22
N LEU JE 69 50.03 25.51 -52.24
CA LEU JE 69 51.16 25.76 -53.11
C LEU JE 69 52.32 24.84 -52.78
N LYS JE 70 52.58 24.61 -51.48
CA LYS JE 70 53.65 23.70 -51.09
C LYS JE 70 53.35 22.29 -51.58
N PHE JE 71 52.12 21.84 -51.44
CA PHE JE 71 51.79 20.46 -51.81
C PHE JE 71 51.99 20.22 -53.30
N ILE JE 72 51.54 21.16 -54.13
CA ILE JE 72 51.68 20.96 -55.57
C ILE JE 72 53.15 21.08 -55.98
N LYS JE 73 53.88 22.02 -55.38
CA LYS JE 73 55.31 22.12 -55.68
C LYS JE 73 56.03 20.82 -55.38
N LYS JE 74 55.71 20.20 -54.24
CA LYS JE 74 56.22 18.87 -53.97
C LYS JE 74 55.74 17.88 -55.03
N ARG JE 75 54.49 17.99 -55.45
CA ARG JE 75 53.95 17.07 -56.44
C ARG JE 75 54.45 17.40 -57.84
N VAL JE 76 54.52 18.69 -58.18
CA VAL JE 76 54.87 19.08 -59.54
C VAL JE 76 56.38 19.23 -59.69
N GLY JE 77 56.99 20.08 -58.87
CA GLY JE 77 58.43 20.18 -58.87
C GLY JE 77 59.00 21.58 -58.92
N THR JE 78 58.37 22.48 -59.65
CA THR JE 78 58.87 23.84 -59.81
C THR JE 78 57.82 24.85 -59.40
N HIS JE 79 58.30 25.95 -58.81
CA HIS JE 79 57.40 26.97 -58.29
C HIS JE 79 56.58 27.61 -59.39
N ILE JE 80 57.20 27.92 -60.53
CA ILE JE 80 56.49 28.62 -61.60
C ILE JE 80 55.35 27.75 -62.13
N ARG JE 81 55.62 26.47 -62.37
CA ARG JE 81 54.55 25.57 -62.79
C ARG JE 81 53.47 25.47 -61.73
N ALA JE 82 53.88 25.38 -60.46
CA ALA JE 82 52.91 25.25 -59.39
C ALA JE 82 51.98 26.45 -59.32
N LYS JE 83 52.53 27.65 -59.48
CA LYS JE 83 51.68 28.85 -59.44
C LYS JE 83 50.68 28.83 -60.58
N ARG JE 84 51.11 28.42 -61.77
CA ARG JE 84 50.16 28.26 -62.87
C ARG JE 84 49.09 27.23 -62.51
N LYS JE 85 49.51 26.09 -61.97
CA LYS JE 85 48.54 25.08 -61.56
C LYS JE 85 47.58 25.62 -60.52
N ARG JE 86 48.12 26.23 -59.47
CA ARG JE 86 47.26 26.72 -58.39
C ARG JE 86 46.19 27.67 -58.93
N GLU JE 87 46.58 28.57 -59.82
CA GLU JE 87 45.61 29.46 -60.43
C GLU JE 87 44.55 28.68 -61.20
N GLU JE 88 44.97 27.65 -61.93
CA GLU JE 88 44.01 26.86 -62.70
C GLU JE 88 42.99 26.17 -61.79
N LEU JE 89 43.46 25.56 -60.71
CA LEU JE 89 42.52 24.95 -59.77
C LEU JE 89 41.79 26.00 -58.96
N SER JE 90 42.39 27.18 -58.78
CA SER JE 90 41.66 28.26 -58.10
C SER JE 90 40.45 28.68 -58.92
N ASN JE 91 40.62 28.85 -60.23
CA ASN JE 91 39.54 29.36 -61.07
C ASN JE 91 38.38 28.37 -61.14
N VAL JE 92 38.68 27.08 -61.30
CA VAL JE 92 37.62 26.08 -61.36
C VAL JE 92 36.90 25.99 -60.03
N LEU JE 93 37.59 26.26 -58.93
CA LEU JE 93 36.90 26.35 -57.64
C LEU JE 93 35.93 27.51 -57.61
N ALA JE 94 36.30 28.63 -58.24
CA ALA JE 94 35.35 29.70 -58.44
C ALA JE 94 34.26 29.30 -59.42
N ALA JE 95 34.63 28.58 -60.47
CA ALA JE 95 33.67 28.27 -61.52
C ALA JE 95 32.52 27.41 -61.00
N MET JE 96 32.85 26.30 -60.34
CA MET JE 96 31.80 25.42 -59.84
C MET JE 96 31.01 26.07 -58.72
N ARG JE 97 31.65 26.99 -57.99
CA ARG JE 97 30.93 27.70 -56.94
C ARG JE 97 29.88 28.63 -57.54
N LYS JE 98 30.23 29.37 -58.59
CA LYS JE 98 29.26 30.23 -59.26
C LYS JE 98 28.19 29.41 -59.95
N ALA JE 99 28.57 28.27 -60.53
CA ALA JE 99 27.57 27.40 -61.15
C ALA JE 99 26.61 26.83 -60.11
N ALA JE 100 27.11 26.48 -58.92
CA ALA JE 100 26.27 25.94 -57.87
C ALA JE 100 25.55 27.01 -57.06
N ALA JE 101 25.99 28.26 -57.14
CA ALA JE 101 25.30 29.35 -56.43
C ALA JE 101 24.08 29.85 -57.17
N LYS JE 102 23.59 29.12 -58.16
CA LYS JE 102 22.41 29.52 -58.91
C LYS JE 102 21.79 28.32 -59.60
N THR KE 1 101.29 -43.09 -57.24
CA THR KE 1 102.38 -42.14 -57.32
C THR KE 1 102.18 -41.17 -58.48
N LYS KE 2 102.30 -39.88 -58.20
CA LYS KE 2 102.03 -38.85 -59.20
C LYS KE 2 102.94 -38.94 -60.41
N GLY KE 3 104.08 -39.61 -60.29
CA GLY KE 3 105.08 -39.57 -61.34
C GLY KE 3 104.79 -40.46 -62.53
N THR KE 4 105.82 -41.17 -62.99
CA THR KE 4 105.70 -41.98 -64.19
C THR KE 4 104.57 -42.99 -64.09
N SER KE 5 104.43 -43.64 -62.93
CA SER KE 5 103.40 -44.67 -62.77
C SER KE 5 102.02 -44.13 -63.09
N SER KE 6 101.77 -42.86 -62.79
CA SER KE 6 100.49 -42.25 -63.13
C SER KE 6 100.26 -42.21 -64.64
N PHE KE 7 101.31 -41.97 -65.42
CA PHE KE 7 101.16 -41.83 -66.86
C PHE KE 7 100.77 -43.13 -67.54
N GLY KE 8 100.80 -44.26 -66.83
CA GLY KE 8 100.47 -45.53 -67.44
C GLY KE 8 98.99 -45.76 -67.66
N LYS KE 9 98.14 -45.19 -66.82
CA LYS KE 9 96.72 -45.50 -66.84
C LYS KE 9 95.90 -44.44 -67.56
N ARG KE 10 96.46 -43.80 -68.57
CA ARG KE 10 95.72 -42.85 -69.41
C ARG KE 10 95.42 -43.54 -70.73
N ARG KE 11 94.21 -44.07 -70.85
CA ARG KE 11 93.82 -44.79 -72.06
C ARG KE 11 92.39 -44.46 -72.50
N ASN KE 12 91.87 -43.30 -72.09
CA ASN KE 12 90.51 -42.89 -72.44
C ASN KE 12 90.60 -41.50 -73.06
N LYS KE 13 90.22 -41.40 -74.33
CA LYS KE 13 90.38 -40.15 -75.04
C LYS KE 13 89.32 -39.14 -74.60
N THR KE 14 89.77 -37.93 -74.26
CA THR KE 14 88.86 -36.87 -73.90
C THR KE 14 88.33 -36.14 -75.12
N HIS KE 15 89.22 -35.66 -75.99
CA HIS KE 15 88.83 -34.87 -77.15
C HIS KE 15 88.88 -35.73 -78.40
N THR KE 16 87.94 -35.48 -79.31
CA THR KE 16 87.88 -36.18 -80.57
C THR KE 16 87.80 -35.17 -81.71
N LEU KE 17 87.74 -35.67 -82.93
CA LEU KE 17 87.74 -34.82 -84.11
C LEU KE 17 86.42 -34.06 -84.21
N CYS KE 18 86.48 -32.75 -84.03
CA CYS KE 18 85.30 -31.92 -84.23
C CYS KE 18 84.83 -32.01 -85.68
N ARG KE 19 83.55 -32.32 -85.87
CA ARG KE 19 83.05 -32.46 -87.23
C ARG KE 19 83.09 -31.15 -88.00
N ARG KE 20 83.09 -30.02 -87.30
CA ARG KE 20 83.34 -28.72 -87.89
C ARG KE 20 84.61 -28.19 -87.24
N CYS KE 21 85.46 -27.54 -88.03
CA CYS KE 21 86.80 -27.07 -87.73
C CYS KE 21 87.82 -28.19 -87.71
N GLY KE 22 87.39 -29.46 -87.79
CA GLY KE 22 88.28 -30.58 -88.04
C GLY KE 22 89.42 -30.79 -87.06
N SER KE 23 89.52 -29.97 -86.03
CA SER KE 23 90.59 -30.13 -85.06
C SER KE 23 90.17 -31.09 -83.98
N LYS KE 24 91.13 -31.83 -83.45
CA LYS KE 24 90.87 -32.81 -82.39
C LYS KE 24 90.67 -32.06 -81.09
N ALA KE 25 89.47 -31.53 -80.92
CA ALA KE 25 89.13 -30.80 -79.71
C ALA KE 25 87.72 -31.05 -79.19
N TYR KE 26 86.96 -31.95 -79.81
CA TYR KE 26 85.56 -32.12 -79.45
C TYR KE 26 85.50 -32.89 -78.13
N HIS KE 27 85.05 -32.23 -77.08
CA HIS KE 27 84.93 -32.87 -75.78
C HIS KE 27 83.81 -33.90 -75.80
N LEU KE 28 84.16 -35.17 -75.59
CA LEU KE 28 83.17 -36.23 -75.70
C LEU KE 28 82.09 -36.09 -74.64
N GLN KE 29 82.48 -35.97 -73.36
CA GLN KE 29 81.48 -35.87 -72.31
C GLN KE 29 80.66 -34.58 -72.44
N LYS KE 30 81.33 -33.46 -72.65
CA LYS KE 30 80.63 -32.19 -72.75
C LYS KE 30 79.93 -32.00 -74.09
N SER KE 31 80.24 -32.83 -75.08
CA SER KE 31 79.66 -32.70 -76.42
C SER KE 31 79.86 -31.29 -76.98
N THR KE 32 81.07 -30.77 -76.83
CA THR KE 32 81.37 -29.39 -77.20
C THR KE 32 82.80 -29.31 -77.72
N CYS KE 33 82.98 -28.69 -78.88
CA CYS KE 33 84.33 -28.43 -79.36
C CYS KE 33 84.99 -27.37 -78.51
N GLY KE 34 86.27 -27.53 -78.25
CA GLY KE 34 86.99 -26.50 -77.53
C GLY KE 34 87.50 -25.38 -78.40
N LYS KE 35 87.70 -25.62 -79.69
CA LYS KE 35 88.27 -24.61 -80.57
C LYS KE 35 87.21 -23.80 -81.29
N CYS KE 36 86.37 -24.44 -82.12
CA CYS KE 36 85.30 -23.74 -82.80
C CYS KE 36 84.03 -23.68 -81.96
N GLY KE 37 83.93 -24.50 -80.92
CA GLY KE 37 82.75 -24.52 -80.08
C GLY KE 37 81.48 -24.88 -80.83
N TYR KE 38 81.36 -26.12 -81.29
CA TYR KE 38 80.24 -26.52 -82.14
C TYR KE 38 79.28 -27.41 -81.35
N PRO KE 39 78.61 -26.86 -80.38
CA PRO KE 39 77.18 -27.16 -80.24
C PRO KE 39 76.41 -25.99 -80.81
N ALA KE 40 77.12 -24.91 -81.10
CA ALA KE 40 76.55 -23.59 -81.22
C ALA KE 40 76.69 -23.04 -82.63
N LYS KE 41 75.78 -22.13 -82.96
CA LYS KE 41 75.76 -21.54 -84.30
C LYS KE 41 77.02 -20.72 -84.56
N ARG KE 42 77.45 -19.94 -83.57
CA ARG KE 42 78.53 -18.98 -83.78
C ARG KE 42 79.88 -19.61 -83.46
N LYS KE 43 80.84 -19.42 -84.34
CA LYS KE 43 82.18 -19.95 -84.15
C LYS KE 43 82.85 -19.27 -82.98
N ARG KE 44 83.50 -20.07 -82.13
CA ARG KE 44 84.20 -19.52 -80.98
C ARG KE 44 85.52 -18.92 -81.42
N LYS KE 45 85.66 -17.61 -81.20
CA LYS KE 45 86.92 -16.94 -81.47
C LYS KE 45 87.08 -15.82 -80.45
N TYR KE 46 88.32 -15.37 -80.28
CA TYR KE 46 88.61 -14.41 -79.24
C TYR KE 46 89.71 -13.46 -79.70
N ASN KE 47 89.60 -12.21 -79.29
CA ASN KE 47 90.59 -11.21 -79.62
C ASN KE 47 91.82 -11.28 -78.74
N TRP KE 48 91.77 -12.00 -77.62
CA TRP KE 48 92.94 -12.05 -76.75
C TRP KE 48 94.02 -12.97 -77.27
N SER KE 49 93.77 -13.68 -78.37
CA SER KE 49 94.83 -14.44 -79.04
C SER KE 49 94.72 -14.16 -80.53
N ALA KE 50 95.40 -13.10 -80.98
CA ALA KE 50 95.38 -12.78 -82.39
C ALA KE 50 95.91 -13.94 -83.24
N LYS KE 51 96.91 -14.65 -82.72
CA LYS KE 51 97.48 -15.76 -83.48
C LYS KE 51 96.44 -16.84 -83.75
N ALA KE 52 95.52 -17.06 -82.81
CA ALA KE 52 94.45 -18.00 -83.05
C ALA KE 52 93.59 -17.56 -84.24
N LYS KE 53 93.27 -16.26 -84.31
CA LYS KE 53 92.44 -15.78 -85.40
C LYS KE 53 93.12 -15.98 -86.75
N ARG KE 54 94.41 -15.67 -86.83
CA ARG KE 54 95.12 -15.84 -88.09
C ARG KE 54 95.19 -17.29 -88.53
N ARG KE 55 95.14 -18.23 -87.60
CA ARG KE 55 95.36 -19.64 -87.94
C ARG KE 55 94.23 -20.22 -88.77
N ASN KE 56 93.03 -19.64 -88.72
CA ASN KE 56 91.91 -20.24 -89.45
C ASN KE 56 90.97 -19.23 -90.08
N THR KE 57 91.34 -17.95 -90.18
CA THR KE 57 90.46 -16.97 -90.79
C THR KE 57 90.35 -17.21 -92.29
N THR KE 58 89.62 -16.34 -92.97
CA THR KE 58 89.47 -16.46 -94.42
C THR KE 58 90.84 -16.44 -95.08
N GLY KE 59 90.95 -17.13 -96.21
CA GLY KE 59 92.19 -17.22 -96.95
C GLY KE 59 93.10 -18.33 -96.50
N THR KE 60 92.99 -18.76 -95.24
CA THR KE 60 93.72 -19.94 -94.81
C THR KE 60 93.28 -21.20 -95.54
N GLY KE 61 92.07 -21.20 -96.09
CA GLY KE 61 91.55 -22.37 -96.77
C GLY KE 61 91.48 -22.21 -98.28
N ARG KE 62 90.53 -22.90 -98.90
CA ARG KE 62 90.46 -22.93 -100.35
C ARG KE 62 89.88 -21.65 -100.92
N MET KE 63 88.88 -21.07 -100.24
CA MET KE 63 88.10 -19.96 -100.79
C MET KE 63 87.48 -20.34 -102.12
N ARG KE 64 86.73 -21.45 -102.14
CA ARG KE 64 86.15 -21.91 -103.39
C ARG KE 64 85.16 -20.90 -103.94
N HIS KE 65 84.33 -20.31 -103.08
CA HIS KE 65 83.33 -19.38 -103.56
C HIS KE 65 83.89 -17.97 -103.70
N LEU KE 66 84.78 -17.57 -102.79
CA LEU KE 66 85.21 -16.18 -102.78
C LEU KE 66 86.22 -15.88 -103.89
N LYS KE 67 87.10 -16.84 -104.21
CA LYS KE 67 88.13 -16.55 -105.19
C LYS KE 67 87.55 -16.28 -106.56
N ILE KE 68 86.37 -16.83 -106.86
CA ILE KE 68 85.74 -16.55 -108.15
C ILE KE 68 84.92 -15.28 -108.07
N VAL KE 69 84.37 -14.95 -106.91
CA VAL KE 69 83.65 -13.70 -106.75
C VAL KE 69 84.59 -12.52 -106.98
N TYR KE 70 85.79 -12.59 -106.40
CA TYR KE 70 86.80 -11.58 -106.67
C TYR KE 70 87.08 -11.46 -108.15
N ARG KE 71 87.07 -12.58 -108.87
CA ARG KE 71 87.25 -12.52 -110.31
C ARG KE 71 86.08 -11.84 -111.00
N ARG KE 72 84.85 -12.19 -110.62
CA ARG KE 72 83.68 -11.61 -111.28
C ARG KE 72 83.54 -10.13 -111.00
N PHE KE 73 84.01 -9.67 -109.84
CA PHE KE 73 83.82 -8.27 -109.47
C PHE KE 73 84.47 -7.33 -110.47
N ARG KE 74 85.52 -7.78 -111.15
CA ARG KE 74 86.16 -6.94 -112.15
C ARG KE 74 85.33 -6.78 -113.41
N HIS KE 75 84.28 -7.58 -113.58
CA HIS KE 75 83.41 -7.46 -114.73
C HIS KE 75 81.97 -7.10 -114.34
N GLY KE 76 81.78 -6.53 -113.15
CA GLY KE 76 80.45 -6.11 -112.74
C GLY KE 76 79.46 -7.22 -112.52
N PHE KE 77 79.93 -8.45 -112.32
CA PHE KE 77 79.07 -9.60 -112.04
C PHE KE 77 78.08 -9.84 -113.17
N ARG KE 78 78.54 -9.70 -114.41
CA ARG KE 78 77.69 -9.99 -115.55
C ARG KE 78 77.33 -11.47 -115.57
N GLU KE 79 76.09 -11.77 -115.93
CA GLU KE 79 75.63 -13.14 -116.09
C GLU KE 79 74.81 -13.24 -117.36
N GLY KE 80 74.77 -14.46 -117.92
CA GLY KE 80 74.02 -14.72 -119.12
C GLY KE 80 74.65 -14.19 -120.39
N THR KE 81 75.85 -13.65 -120.30
CA THR KE 81 76.53 -13.08 -121.45
C THR KE 81 77.53 -14.07 -122.04
N THR KE 82 77.77 -13.91 -123.34
CA THR KE 82 78.57 -14.83 -124.12
C THR KE 82 79.64 -14.02 -124.83
N PRO KE 83 80.82 -14.59 -125.03
CA PRO KE 83 81.93 -13.82 -125.61
C PRO KE 83 81.79 -13.55 -127.11
N LYS KE 84 80.57 -13.67 -127.66
CA LYS KE 84 80.34 -13.34 -129.07
C LYS KE 84 81.17 -14.26 -129.95
N PRO KE 85 80.77 -15.52 -130.11
CA PRO KE 85 81.64 -16.50 -130.75
C PRO KE 85 81.92 -16.16 -132.20
N LYS KE 86 83.08 -16.62 -132.68
CA LYS KE 86 83.50 -16.42 -134.06
C LYS KE 86 82.59 -17.16 -135.03
N PRO LE 1 67.51 -81.98 -89.53
CA PRO LE 1 67.33 -83.35 -89.99
C PRO LE 1 66.15 -84.03 -89.32
N ARG LE 2 65.55 -85.01 -89.99
CA ARG LE 2 64.42 -85.75 -89.44
C ARG LE 2 64.62 -87.23 -89.72
N LYS LE 3 64.01 -88.06 -88.89
CA LYS LE 3 64.04 -89.51 -89.05
C LYS LE 3 62.70 -89.99 -89.58
N ILE LE 4 62.74 -90.78 -90.64
CA ILE LE 4 61.54 -91.39 -91.19
C ILE LE 4 61.49 -92.84 -90.76
N GLU LE 5 60.38 -93.22 -90.12
CA GLU LE 5 60.29 -94.53 -89.48
C GLU LE 5 59.61 -95.56 -90.37
N GLU LE 6 58.70 -95.13 -91.24
CA GLU LE 6 57.92 -96.06 -92.04
C GLU LE 6 58.20 -95.80 -93.52
N ILE LE 7 58.19 -96.87 -94.31
CA ILE LE 7 58.73 -96.82 -95.65
C ILE LE 7 57.94 -95.90 -96.58
N LYS LE 8 56.60 -96.05 -96.63
CA LYS LE 8 55.82 -95.25 -97.56
C LYS LE 8 55.96 -93.76 -97.24
N ASP LE 9 56.04 -93.40 -95.96
CA ASP LE 9 56.25 -92.00 -95.61
C ASP LE 9 57.50 -91.45 -96.27
N PHE LE 10 58.55 -92.26 -96.38
CA PHE LE 10 59.73 -91.83 -97.13
C PHE LE 10 59.40 -91.63 -98.60
N LEU LE 11 58.58 -92.51 -99.17
CA LEU LE 11 58.26 -92.41 -100.59
C LEU LE 11 57.58 -91.09 -100.91
N LEU LE 12 56.54 -90.73 -100.15
CA LEU LE 12 55.85 -89.48 -100.42
C LEU LE 12 56.78 -88.28 -100.20
N THR LE 13 57.70 -88.40 -99.24
CA THR LE 13 58.72 -87.37 -99.09
C THR LE 13 59.61 -87.32 -100.33
N ALA LE 14 59.97 -88.48 -100.87
CA ALA LE 14 60.84 -88.51 -102.04
C ALA LE 14 60.15 -87.89 -103.26
N ARG LE 15 58.93 -88.31 -103.56
CA ARG LE 15 58.22 -87.76 -104.71
C ARG LE 15 57.77 -86.33 -104.50
N ARG LE 16 57.87 -85.82 -103.27
CA ARG LE 16 57.59 -84.41 -103.03
C ARG LE 16 58.57 -83.55 -103.81
N LYS LE 17 58.04 -82.43 -104.33
CA LYS LE 17 58.71 -81.72 -105.42
C LYS LE 17 60.11 -81.24 -105.01
N ASP LE 18 60.22 -80.62 -103.84
CA ASP LE 18 61.45 -79.93 -103.49
C ASP LE 18 62.62 -80.87 -103.21
N ALA LE 19 62.44 -82.18 -103.40
CA ALA LE 19 63.51 -83.13 -103.14
C ALA LE 19 64.65 -82.91 -104.13
N LYS LE 20 65.75 -82.35 -103.65
CA LYS LE 20 66.90 -82.11 -104.51
C LYS LE 20 67.57 -83.43 -104.91
N SER LE 21 67.82 -84.30 -103.94
CA SER LE 21 68.57 -85.51 -104.19
C SER LE 21 68.22 -86.54 -103.12
N VAL LE 22 68.54 -87.80 -103.42
CA VAL LE 22 68.52 -88.87 -102.44
C VAL LE 22 69.90 -89.50 -102.40
N LYS LE 23 70.44 -89.64 -101.19
CA LYS LE 23 71.73 -90.28 -100.99
C LYS LE 23 71.51 -91.58 -100.23
N ILE LE 24 72.28 -92.60 -100.58
CA ILE LE 24 72.16 -93.92 -99.98
C ILE LE 24 73.52 -94.34 -99.44
N LYS LE 25 73.57 -94.65 -98.16
CA LYS LE 25 74.78 -95.08 -97.47
C LYS LE 25 74.61 -96.53 -97.05
N LYS LE 26 75.62 -97.35 -97.32
CA LYS LE 26 75.62 -98.74 -96.94
C LYS LE 26 76.58 -98.92 -95.77
N ASN LE 27 76.05 -99.38 -94.64
CA ASN LE 27 76.86 -99.63 -93.47
C ASN LE 27 76.90 -101.13 -93.18
N LYS LE 28 77.82 -101.52 -92.31
CA LYS LE 28 78.00 -102.94 -92.00
C LYS LE 28 76.73 -103.58 -91.47
N ASP LE 29 75.85 -102.81 -90.82
CA ASP LE 29 74.66 -103.37 -90.20
C ASP LE 29 73.36 -102.91 -90.84
N ASN LE 30 73.33 -101.76 -91.49
CA ASN LE 30 72.06 -101.25 -92.02
C ASN LE 30 72.34 -100.37 -93.23
N VAL LE 31 71.27 -100.10 -93.97
CA VAL LE 31 71.30 -99.21 -95.12
C VAL LE 31 70.52 -97.96 -94.77
N LYS LE 32 71.15 -96.81 -94.90
CA LYS LE 32 70.50 -95.53 -94.64
C LYS LE 32 70.16 -94.85 -95.96
N PHE LE 33 68.98 -94.23 -96.00
CA PHE LE 33 68.53 -93.48 -97.16
C PHE LE 33 68.38 -92.03 -96.72
N LYS LE 34 69.08 -91.13 -97.40
CA LYS LE 34 69.00 -89.71 -97.10
C LYS LE 34 68.45 -88.98 -98.31
N VAL LE 35 67.37 -88.24 -98.12
CA VAL LE 35 66.80 -87.38 -99.17
C VAL LE 35 66.91 -85.94 -98.72
N ARG LE 36 67.52 -85.11 -99.56
CA ARG LE 36 67.72 -83.70 -99.24
C ARG LE 36 66.49 -82.92 -99.67
N CYS LE 37 65.80 -82.33 -98.72
CA CYS LE 37 64.67 -81.47 -99.00
C CYS LE 37 65.08 -80.02 -98.81
N SER LE 38 64.13 -79.11 -99.02
CA SER LE 38 64.46 -77.69 -98.92
C SER LE 38 64.87 -77.30 -97.50
N ARG LE 39 64.24 -77.91 -96.50
CA ARG LE 39 64.48 -77.52 -95.11
C ARG LE 39 65.08 -78.63 -94.26
N TYR LE 40 64.84 -79.90 -94.57
CA TYR LE 40 65.31 -80.98 -93.72
C TYR LE 40 66.06 -82.01 -94.55
N LEU LE 41 66.92 -82.77 -93.88
CA LEU LE 41 67.58 -83.94 -94.45
C LEU LE 41 66.90 -85.17 -93.88
N TYR LE 42 65.86 -85.65 -94.55
CA TYR LE 42 65.12 -86.80 -94.07
C TYR LE 42 65.94 -88.07 -94.29
N THR LE 43 66.17 -88.81 -93.21
CA THR LE 43 66.97 -90.03 -93.25
C THR LE 43 66.07 -91.21 -92.98
N LEU LE 44 66.29 -92.30 -93.72
CA LEU LE 44 65.54 -93.54 -93.54
C LEU LE 44 66.52 -94.69 -93.35
N VAL LE 45 66.30 -95.49 -92.30
CA VAL LE 45 67.19 -96.57 -91.94
C VAL LE 45 66.43 -97.89 -91.97
N ILE LE 46 67.00 -98.89 -92.64
CA ILE LE 46 66.48 -100.24 -92.65
C ILE LE 46 67.64 -101.20 -92.44
N THR LE 47 67.36 -102.29 -91.73
CA THR LE 47 68.38 -103.30 -91.43
C THR LE 47 68.42 -104.42 -92.46
N ASP LE 48 67.27 -104.83 -92.98
CA ASP LE 48 67.25 -105.90 -93.97
C ASP LE 48 67.60 -105.35 -95.34
N LYS LE 49 68.51 -106.05 -96.03
CA LYS LE 49 69.06 -105.53 -97.27
C LYS LE 49 68.07 -105.58 -98.42
N GLU LE 50 67.30 -106.67 -98.52
CA GLU LE 50 66.51 -106.90 -99.73
C GLU LE 50 65.41 -105.86 -99.89
N LYS LE 51 64.78 -105.45 -98.79
CA LYS LE 51 63.74 -104.42 -98.89
C LYS LE 51 64.33 -103.10 -99.33
N ALA LE 52 65.57 -102.80 -98.93
CA ALA LE 52 66.22 -101.58 -99.40
C ALA LE 52 66.45 -101.62 -100.90
N GLU LE 53 66.93 -102.76 -101.42
CA GLU LE 53 67.17 -102.87 -102.85
C GLU LE 53 65.88 -102.75 -103.64
N LYS LE 54 64.81 -103.37 -103.13
CA LYS LE 54 63.49 -103.14 -103.70
C LYS LE 54 63.12 -101.66 -103.66
N LEU LE 55 63.24 -101.03 -102.49
CA LEU LE 55 62.94 -99.61 -102.40
C LEU LE 55 63.92 -98.80 -103.25
N LYS LE 56 65.16 -99.28 -103.37
CA LYS LE 56 66.10 -98.67 -104.30
C LYS LE 56 65.53 -98.69 -105.71
N GLN LE 57 64.97 -99.83 -106.13
CA GLN LE 57 64.37 -99.90 -107.45
C GLN LE 57 63.04 -99.16 -107.51
N SER LE 58 62.32 -99.13 -106.39
CA SER LE 58 61.00 -98.50 -106.32
C SER LE 58 61.12 -97.02 -105.96
N LEU LE 59 61.74 -96.25 -106.84
CA LEU LE 59 61.97 -94.85 -106.56
C LEU LE 59 61.43 -93.99 -107.69
N PRO LE 60 60.61 -92.99 -107.39
CA PRO LE 60 60.20 -92.04 -108.42
C PRO LE 60 61.39 -91.43 -109.13
N PRO LE 61 61.39 -91.44 -110.46
CA PRO LE 61 62.57 -90.96 -111.19
C PRO LE 61 62.67 -89.44 -111.21
N GLY LE 62 63.64 -88.93 -111.96
CA GLY LE 62 63.84 -87.50 -112.05
C GLY LE 62 64.31 -86.87 -110.75
N LEU LE 63 65.26 -87.52 -110.08
CA LEU LE 63 65.74 -87.06 -108.79
C LEU LE 63 67.07 -87.73 -108.53
N ALA LE 64 68.10 -86.93 -108.26
CA ALA LE 64 69.45 -87.45 -108.16
C ALA LE 64 69.56 -88.51 -107.08
N VAL LE 65 70.18 -89.63 -107.43
CA VAL LE 65 70.26 -90.81 -106.58
C VAL LE 65 71.74 -91.15 -106.35
N LYS LE 66 72.56 -90.10 -106.23
CA LYS LE 66 74.01 -90.26 -106.11
C LYS LE 66 74.33 -91.28 -105.02
N GLU LE 67 75.12 -92.30 -105.38
CA GLU LE 67 75.52 -93.36 -104.49
C GLU LE 67 76.86 -93.01 -103.85
N LEU LE 68 76.91 -93.08 -102.52
CA LEU LE 68 78.14 -92.74 -101.82
C LEU LE 68 79.26 -93.75 -102.04
N LYS LE 69 78.94 -95.03 -102.22
CA LYS LE 69 79.94 -96.04 -102.56
C LYS LE 69 80.08 -96.17 -104.07
N SER ME 1 92.92 -50.39 -82.12
CA SER ME 1 91.76 -51.11 -81.60
C SER ME 1 90.95 -51.71 -82.73
N SER ME 2 90.41 -52.90 -82.51
CA SER ME 2 89.61 -53.55 -83.53
C SER ME 2 88.33 -52.78 -83.83
N HIS ME 3 87.67 -52.25 -82.80
CA HIS ME 3 86.42 -51.51 -82.98
C HIS ME 3 86.77 -50.11 -83.47
N LYS ME 4 86.34 -49.78 -84.68
CA LYS ME 4 86.54 -48.46 -85.25
C LYS ME 4 85.26 -47.98 -85.92
N THR ME 5 84.94 -46.72 -85.72
CA THR ME 5 83.89 -46.11 -86.51
C THR ME 5 84.42 -45.74 -87.88
N PHE ME 6 83.51 -45.48 -88.82
CA PHE ME 6 83.90 -45.39 -90.22
C PHE ME 6 84.90 -44.27 -90.45
N ARG ME 7 84.58 -43.05 -90.00
CA ARG ME 7 85.46 -41.93 -90.28
C ARG ME 7 86.83 -42.11 -89.64
N ILE ME 8 86.88 -42.83 -88.52
CA ILE ME 8 88.17 -43.14 -87.90
C ILE ME 8 89.03 -43.96 -88.85
N LYS ME 9 88.42 -45.00 -89.45
CA LYS ME 9 89.16 -45.81 -90.41
C LYS ME 9 89.55 -45.00 -91.63
N ARG ME 10 88.63 -44.19 -92.15
CA ARG ME 10 88.94 -43.40 -93.34
C ARG ME 10 90.10 -42.45 -93.07
N PHE ME 11 90.09 -41.80 -91.91
CA PHE ME 11 91.18 -40.89 -91.56
C PHE ME 11 92.51 -41.63 -91.51
N LEU ME 12 92.52 -42.80 -90.87
CA LEU ME 12 93.75 -43.60 -90.87
C LEU ME 12 94.11 -44.06 -92.26
N ALA ME 13 93.12 -44.29 -93.11
CA ALA ME 13 93.40 -44.72 -94.48
C ALA ME 13 94.25 -43.68 -95.21
N LYS ME 14 93.86 -42.41 -95.13
CA LYS ME 14 94.64 -41.38 -95.79
C LYS ME 14 96.03 -41.27 -95.18
N LYS ME 15 96.13 -41.35 -93.86
CA LYS ME 15 97.43 -41.27 -93.20
C LYS ME 15 98.35 -42.40 -93.66
N GLN ME 16 97.78 -43.54 -94.01
CA GLN ME 16 98.60 -44.61 -94.57
C GLN ME 16 98.96 -44.35 -96.02
N LYS ME 17 98.03 -43.78 -96.79
CA LYS ME 17 98.27 -43.57 -98.22
C LYS ME 17 99.42 -42.61 -98.45
N GLN ME 18 99.46 -41.51 -97.71
CA GLN ME 18 100.43 -40.46 -97.97
C GLN ME 18 101.76 -40.70 -97.28
N ASN ME 19 101.89 -41.75 -96.48
CA ASN ME 19 103.15 -42.07 -95.83
C ASN ME 19 103.92 -43.07 -96.68
N ARG ME 20 104.27 -42.63 -97.89
CA ARG ME 20 104.98 -43.45 -98.85
C ARG ME 20 106.10 -42.64 -99.45
N PRO ME 21 107.18 -43.29 -99.87
CA PRO ME 21 108.36 -42.55 -100.33
C PRO ME 21 108.07 -41.74 -101.59
N ILE ME 22 108.86 -40.69 -101.75
CA ILE ME 22 108.70 -39.78 -102.89
C ILE ME 22 109.08 -40.50 -104.18
N PRO ME 23 108.39 -40.27 -105.29
CA PRO ME 23 108.81 -40.89 -106.55
C PRO ME 23 110.20 -40.42 -106.97
N GLN ME 24 110.94 -41.32 -107.63
CA GLN ME 24 112.31 -41.02 -108.01
C GLN ME 24 112.37 -39.95 -109.11
N TRP ME 25 111.49 -40.05 -110.10
CA TRP ME 25 111.57 -39.17 -111.26
C TRP ME 25 111.30 -37.72 -110.91
N ILE ME 26 110.73 -37.44 -109.74
CA ILE ME 26 110.48 -36.06 -109.34
C ILE ME 26 111.79 -35.30 -109.25
N ARG ME 27 112.85 -35.96 -108.76
CA ARG ME 27 114.13 -35.30 -108.61
C ARG ME 27 114.66 -34.76 -109.93
N MET ME 28 114.25 -35.34 -111.06
CA MET ME 28 114.73 -34.91 -112.37
C MET ME 28 114.00 -33.68 -112.89
N LYS ME 29 112.96 -33.22 -112.21
CA LYS ME 29 112.20 -32.08 -112.69
C LYS ME 29 113.02 -30.80 -112.63
N THR ME 30 112.72 -29.88 -113.53
CA THR ME 30 113.39 -28.58 -113.53
C THR ME 30 113.02 -27.79 -112.29
N GLY ME 31 114.01 -27.18 -111.67
CA GLY ME 31 113.78 -26.45 -110.43
C GLY ME 31 113.22 -27.32 -109.33
N ASN ME 32 113.77 -28.52 -109.16
CA ASN ME 32 113.24 -29.48 -108.21
C ASN ME 32 113.29 -28.94 -106.79
N LYS ME 33 114.50 -28.70 -106.29
CA LYS ME 33 114.73 -28.20 -104.94
C LYS ME 33 113.97 -29.00 -103.90
N ILE ME 34 113.83 -30.30 -104.13
CA ILE ME 34 113.23 -31.21 -103.16
C ILE ME 34 113.85 -32.60 -103.37
N ARG ME 35 114.20 -33.25 -102.28
CA ARG ME 35 114.99 -34.47 -102.32
C ARG ME 35 114.25 -35.69 -101.78
N TYR ME 36 113.33 -35.49 -100.84
CA TYR ME 36 112.69 -36.60 -100.17
C TYR ME 36 111.51 -36.05 -99.38
N ASN ME 37 110.45 -36.85 -99.30
CA ASN ME 37 109.29 -36.46 -98.51
C ASN ME 37 109.71 -36.23 -97.07
N SER ME 38 109.66 -34.98 -96.63
CA SER ME 38 110.04 -34.66 -95.26
C SER ME 38 108.94 -34.92 -94.26
N LYS ME 39 107.70 -35.13 -94.72
CA LYS ME 39 106.58 -35.40 -93.82
C LYS ME 39 106.40 -36.88 -93.51
N ARG ME 40 107.40 -37.70 -93.78
CA ARG ME 40 107.25 -39.13 -93.52
C ARG ME 40 107.02 -39.36 -92.04
N ARG ME 41 106.16 -40.33 -91.75
CA ARG ME 41 105.74 -40.61 -90.39
C ARG ME 41 105.92 -42.09 -90.10
N HIS ME 42 106.45 -42.39 -88.92
CA HIS ME 42 106.65 -43.76 -88.48
C HIS ME 42 105.87 -44.01 -87.21
N TRP ME 43 105.22 -45.18 -87.14
CA TRP ME 43 104.31 -45.44 -86.04
C TRP ME 43 105.02 -45.42 -84.69
N ARG ME 44 106.21 -46.02 -84.60
CA ARG ME 44 106.87 -46.09 -83.31
C ARG ME 44 107.41 -44.74 -82.86
N ARG ME 45 107.88 -43.92 -83.81
CA ARG ME 45 108.54 -42.67 -83.43
C ARG ME 45 107.52 -41.64 -82.95
N THR ME 46 106.62 -41.22 -83.83
CA THR ME 46 105.63 -40.22 -83.52
C THR ME 46 104.24 -40.80 -83.73
N LYS ME 47 103.42 -40.77 -82.71
CA LYS ME 47 102.06 -41.24 -82.82
C LYS ME 47 101.19 -40.21 -83.51
N LEU ME 48 100.11 -40.68 -84.13
CA LEU ME 48 99.17 -39.77 -84.74
C LEU ME 48 98.59 -38.83 -83.70
N GLY ME 49 98.35 -37.59 -84.09
CA GLY ME 49 97.73 -36.64 -83.18
C GLY ME 49 96.39 -37.14 -82.67
N LEU ME 50 95.72 -37.96 -83.45
CA LEU ME 50 94.45 -38.57 -83.05
C LEU ME 50 94.67 -39.37 -81.77
N ILE NE 1 175.13 -45.79 14.39
CA ILE NE 1 176.13 -46.15 15.39
C ILE NE 1 177.45 -45.50 15.04
N ILE NE 2 177.40 -44.51 14.15
CA ILE NE 2 178.61 -43.91 13.63
C ILE NE 2 179.24 -43.02 14.69
N GLU NE 3 180.57 -43.05 14.78
CA GLU NE 3 181.29 -42.14 15.66
C GLU NE 3 180.96 -40.70 15.29
N PRO NE 4 180.70 -39.81 16.25
CA PRO NE 4 180.20 -38.48 15.92
C PRO NE 4 181.09 -37.68 14.98
N SER NE 5 182.42 -37.78 15.09
CA SER NE 5 183.28 -37.04 14.18
C SER NE 5 183.07 -37.50 12.74
N LEU NE 6 182.92 -38.80 12.52
CA LEU NE 6 182.58 -39.29 11.19
C LEU NE 6 181.22 -38.78 10.76
N ARG NE 7 180.26 -38.73 11.68
CA ARG NE 7 178.95 -38.16 11.35
C ARG NE 7 179.08 -36.72 10.90
N GLN NE 8 179.85 -35.91 11.63
CA GLN NE 8 180.06 -34.53 11.22
C GLN NE 8 180.74 -34.48 9.86
N LEU NE 9 181.67 -35.40 9.61
CA LEU NE 9 182.31 -35.47 8.30
C LEU NE 9 181.27 -35.70 7.20
N ALA NE 10 180.36 -36.63 7.42
CA ALA NE 10 179.28 -36.84 6.47
C ALA NE 10 178.37 -35.62 6.40
N GLN NE 11 178.06 -35.02 7.56
CA GLN NE 11 177.19 -33.86 7.59
C GLN NE 11 177.76 -32.69 6.79
N LYS NE 12 179.08 -32.64 6.66
CA LYS NE 12 179.71 -31.58 5.87
C LYS NE 12 179.27 -31.65 4.41
N TYR NE 13 179.13 -32.86 3.88
CA TYR NE 13 178.81 -33.02 2.47
C TYR NE 13 177.32 -33.20 2.21
N ASN NE 14 176.57 -33.68 3.19
CA ASN NE 14 175.17 -33.96 2.96
C ASN NE 14 174.25 -32.91 3.58
N CYS NE 15 174.51 -32.51 4.82
CA CYS NE 15 173.60 -31.64 5.56
C CYS NE 15 174.02 -30.18 5.55
N ASP NE 16 175.27 -29.89 5.90
CA ASP NE 16 175.69 -28.50 6.06
C ASP NE 16 175.86 -27.81 4.72
N LYS NE 17 174.75 -27.47 4.08
CA LYS NE 17 174.77 -26.83 2.76
C LYS NE 17 173.63 -25.83 2.66
N MET NE 18 173.76 -24.91 1.72
CA MET NE 18 172.78 -23.86 1.50
C MET NE 18 171.85 -24.29 0.38
N ILE NE 19 170.60 -23.86 0.45
CA ILE NE 19 169.60 -24.17 -0.57
C ILE NE 19 169.03 -22.87 -1.10
N CYS NE 20 168.98 -22.74 -2.42
CA CYS NE 20 168.38 -21.56 -3.04
C CYS NE 20 166.87 -21.59 -2.88
N ARG NE 21 166.29 -20.46 -2.50
CA ARG NE 21 164.86 -20.35 -2.24
C ARG NE 21 164.03 -20.39 -3.50
N LYS NE 22 164.62 -20.22 -4.68
CA LYS NE 22 163.89 -20.24 -5.94
C LYS NE 22 164.06 -21.53 -6.72
N CYS NE 23 165.27 -22.06 -6.83
CA CYS NE 23 165.50 -23.26 -7.64
C CYS NE 23 165.96 -24.47 -6.85
N TYR NE 24 166.00 -24.40 -5.52
CA TYR NE 24 166.36 -25.53 -4.66
C TYR NE 24 167.74 -26.09 -4.96
N ALA NE 25 168.66 -25.28 -5.47
CA ALA NE 25 169.99 -25.79 -5.72
C ALA NE 25 170.72 -26.06 -4.40
N ARG NE 26 171.72 -26.93 -4.47
CA ARG NE 26 172.56 -27.26 -3.33
C ARG NE 26 173.83 -26.44 -3.41
N LEU NE 27 174.08 -25.62 -2.39
CA LEU NE 27 175.21 -24.72 -2.38
C LEU NE 27 176.03 -24.90 -1.10
N HIS NE 28 177.29 -24.51 -1.19
CA HIS NE 28 178.16 -24.60 -0.02
C HIS NE 28 177.66 -23.64 1.06
N PRO NE 29 177.95 -23.94 2.34
CA PRO NE 29 177.32 -23.17 3.42
C PRO NE 29 177.66 -21.70 3.40
N ARG NE 30 178.70 -21.29 2.69
CA ARG NE 30 179.09 -19.89 2.61
C ARG NE 30 178.51 -19.18 1.40
N ALA NE 31 177.66 -19.84 0.62
CA ALA NE 31 177.13 -19.23 -0.59
C ALA NE 31 176.26 -18.02 -0.26
N VAL NE 32 176.34 -17.01 -1.13
CA VAL NE 32 175.57 -15.78 -0.95
C VAL NE 32 174.58 -15.64 -2.12
N ASN NE 33 174.98 -16.11 -3.29
CA ASN NE 33 174.14 -16.07 -4.48
C ASN NE 33 174.16 -17.43 -5.15
N CYS NE 34 173.01 -17.83 -5.67
CA CYS NE 34 172.91 -19.14 -6.31
C CYS NE 34 173.75 -19.18 -7.58
N ARG NE 35 174.44 -20.31 -7.76
CA ARG NE 35 175.36 -20.48 -8.88
C ARG NE 35 174.65 -20.85 -10.18
N LYS NE 36 173.34 -21.10 -10.15
CA LYS NE 36 172.63 -21.56 -11.32
C LYS NE 36 172.11 -20.39 -12.14
N LYS NE 37 171.98 -20.61 -13.45
CA LYS NE 37 171.43 -19.61 -14.35
C LYS NE 37 169.92 -19.55 -14.29
N LYS NE 38 169.25 -20.67 -14.05
CA LYS NE 38 167.80 -20.73 -14.21
C LYS NE 38 167.03 -19.95 -13.16
N CYS NE 39 167.67 -19.45 -12.11
CA CYS NE 39 166.99 -18.54 -11.19
C CYS NE 39 167.50 -17.11 -11.25
N GLY NE 40 168.53 -16.83 -12.03
CA GLY NE 40 169.07 -15.48 -12.09
C GLY NE 40 170.05 -15.15 -10.99
N HIS NE 41 170.70 -16.16 -10.41
CA HIS NE 41 171.69 -15.96 -9.36
C HIS NE 41 171.12 -15.12 -8.21
N THR NE 42 169.99 -15.57 -7.68
CA THR NE 42 169.37 -14.84 -6.59
C THR NE 42 170.19 -14.92 -5.32
N ASN NE 43 170.02 -13.93 -4.46
CA ASN NE 43 170.55 -13.96 -3.10
C ASN NE 43 169.51 -14.47 -2.10
N ASN NE 44 168.34 -14.87 -2.58
CA ASN NE 44 167.30 -15.44 -1.72
C ASN NE 44 167.71 -16.87 -1.36
N LEU NE 45 168.36 -17.00 -0.21
CA LEU NE 45 168.94 -18.26 0.23
C LEU NE 45 168.39 -18.68 1.58
N ARG NE 46 168.23 -19.98 1.75
CA ARG NE 46 167.85 -20.55 3.04
C ARG NE 46 168.74 -21.75 3.33
N PRO NE 47 169.04 -22.00 4.59
CA PRO NE 47 169.87 -23.17 4.92
C PRO NE 47 169.09 -24.45 4.76
N LYS NE 48 169.83 -25.52 4.51
CA LYS NE 48 169.22 -26.84 4.43
C LYS NE 48 168.67 -27.24 5.79
N LYS NE 49 167.44 -27.76 5.79
CA LYS NE 49 166.78 -28.08 7.04
C LYS NE 49 167.45 -29.27 7.71
N LYS NE 50 167.69 -29.16 9.01
CA LYS NE 50 168.33 -30.22 9.75
C LYS NE 50 167.31 -31.25 10.23
N VAL NE 51 167.79 -32.45 10.54
CA VAL NE 51 166.93 -33.52 11.04
C VAL NE 51 166.70 -33.45 12.53
N LYS NE 52 167.22 -32.42 13.21
CA LYS NE 52 167.03 -32.29 14.65
C LYS NE 52 165.55 -32.27 14.99
N MET OE 1 79.86 -41.81 18.87
CA MET OE 1 79.24 -41.24 17.69
C MET OE 1 78.01 -42.05 17.28
N ARG OE 2 77.22 -41.51 16.35
CA ARG OE 2 76.03 -42.22 15.88
C ARG OE 2 76.43 -43.50 15.17
N ALA OE 3 75.68 -44.57 15.43
CA ALA OE 3 76.00 -45.86 14.83
C ALA OE 3 75.84 -45.83 13.32
N LYS OE 4 74.75 -45.24 12.81
CA LYS OE 4 74.51 -45.27 11.37
C LYS OE 4 75.60 -44.52 10.61
N TRP OE 5 76.01 -43.35 11.11
CA TRP OE 5 77.06 -42.61 10.43
C TRP OE 5 78.38 -43.34 10.47
N ARG OE 6 78.67 -44.02 11.59
CA ARG OE 6 79.87 -44.86 11.63
C ARG OE 6 79.87 -45.87 10.49
N LYS OE 7 78.71 -46.49 10.24
CA LYS OE 7 78.60 -47.38 9.08
C LYS OE 7 78.89 -46.62 7.79
N LYS OE 8 78.30 -45.43 7.63
CA LYS OE 8 78.56 -44.64 6.44
C LYS OE 8 80.02 -44.25 6.34
N ARG OE 9 80.61 -43.82 7.45
CA ARG OE 9 82.02 -43.44 7.44
C ARG OE 9 82.89 -44.63 7.08
N MET OE 10 82.58 -45.80 7.64
CA MET OE 10 83.31 -47.00 7.27
C MET OE 10 83.02 -47.39 5.83
N ARG OE 11 81.78 -47.20 5.38
CA ARG OE 11 81.40 -47.58 4.02
C ARG OE 11 82.27 -46.87 2.99
N ARG OE 12 82.37 -45.54 3.09
CA ARG OE 12 83.21 -44.82 2.14
C ARG OE 12 84.69 -45.14 2.35
N LEU OE 13 85.06 -45.60 3.54
CA LEU OE 13 86.44 -46.03 3.75
C LEU OE 13 86.76 -47.27 2.92
N LYS OE 14 85.85 -48.25 2.90
CA LYS OE 14 86.06 -49.44 2.07
C LYS OE 14 86.27 -49.07 0.61
N ARG OE 15 85.40 -48.20 0.09
CA ARG OE 15 85.52 -47.79 -1.30
C ARG OE 15 86.87 -47.13 -1.56
N LYS OE 16 87.35 -46.32 -0.61
CA LYS OE 16 88.69 -45.77 -0.73
C LYS OE 16 89.72 -46.88 -0.76
N ARG OE 17 89.60 -47.86 0.13
CA ARG OE 17 90.52 -48.99 0.10
C ARG OE 17 90.37 -49.80 -1.17
N ARG OE 18 89.12 -50.06 -1.58
CA ARG OE 18 88.91 -50.83 -2.81
C ARG OE 18 89.52 -50.11 -4.00
N LYS OE 19 89.30 -48.81 -4.11
CA LYS OE 19 89.89 -48.05 -5.20
C LYS OE 19 91.41 -48.02 -5.09
N MET OE 20 91.92 -47.82 -3.87
CA MET OE 20 93.37 -47.84 -3.67
C MET OE 20 93.93 -49.22 -3.96
N ARG OE 21 93.24 -50.26 -3.49
CA ARG OE 21 93.69 -51.63 -3.74
C ARG OE 21 93.67 -51.95 -5.23
N GLN OE 22 92.58 -51.63 -5.91
CA GLN OE 22 92.46 -51.95 -7.33
C GLN OE 22 93.50 -51.21 -8.15
N ARG OE 23 94.09 -50.16 -7.62
CA ARG OE 23 95.15 -49.44 -8.33
C ARG OE 23 96.34 -50.36 -8.60
N SER OE 24 96.68 -51.21 -7.65
CA SER OE 24 97.75 -52.18 -7.84
C SER OE 24 97.19 -53.57 -8.07
N VAL PE 1 94.01 31.07 -17.17
CA VAL PE 1 94.14 32.51 -16.99
C VAL PE 1 92.78 33.16 -16.81
N ASN PE 2 92.77 34.28 -16.12
CA ASN PE 2 91.57 35.08 -15.91
C ASN PE 2 91.73 36.41 -16.63
N VAL PE 3 90.69 36.83 -17.34
CA VAL PE 3 90.74 38.08 -18.09
C VAL PE 3 89.45 38.85 -17.84
N PRO PE 4 89.53 40.15 -17.57
CA PRO PE 4 88.31 40.93 -17.28
C PRO PE 4 87.35 40.92 -18.45
N LYS PE 5 86.05 40.96 -18.13
CA LYS PE 5 85.01 40.94 -19.14
C LYS PE 5 84.98 42.20 -19.99
N THR PE 6 85.71 43.25 -19.59
CA THR PE 6 85.77 44.47 -20.37
C THR PE 6 87.16 45.06 -20.29
N ARG PE 7 87.53 45.80 -21.33
CA ARG PE 7 88.81 46.49 -21.39
C ARG PE 7 88.73 47.57 -22.46
N ARG PE 8 89.61 48.56 -22.33
CA ARG PE 8 89.67 49.68 -23.24
C ARG PE 8 90.76 49.43 -24.27
N THR PE 9 90.40 49.47 -25.55
CA THR PE 9 91.32 49.08 -26.61
C THR PE 9 90.93 49.80 -27.90
N PHE PE 10 91.85 49.83 -28.85
CA PHE PE 10 91.61 50.46 -30.13
C PHE PE 10 90.44 49.82 -30.86
N CYS PE 11 89.57 50.65 -31.42
CA CYS PE 11 88.54 50.22 -32.34
C CYS PE 11 88.86 50.80 -33.72
N LYS PE 12 89.18 49.93 -34.66
CA LYS PE 12 89.52 50.39 -36.01
C LYS PE 12 88.40 51.18 -36.65
N LYS PE 13 87.15 50.97 -36.22
CA LYS PE 13 86.05 51.77 -36.74
C LYS PE 13 86.07 53.18 -36.15
N CYS PE 14 86.28 53.29 -34.84
CA CYS PE 14 86.42 54.58 -34.19
C CYS PE 14 87.78 55.23 -34.43
N GLY PE 15 88.82 54.43 -34.70
CA GLY PE 15 90.14 54.99 -34.87
C GLY PE 15 90.80 55.44 -33.59
N LYS PE 16 90.37 54.94 -32.44
CA LYS PE 16 90.97 55.31 -31.16
C LYS PE 16 90.56 54.28 -30.12
N HIS PE 17 91.08 54.45 -28.92
CA HIS PE 17 90.80 53.53 -27.82
C HIS PE 17 89.34 53.68 -27.39
N GLN PE 18 88.63 52.56 -27.34
CA GLN PE 18 87.28 52.49 -26.84
C GLN PE 18 87.12 51.28 -25.95
N PRO PE 19 86.21 51.32 -24.99
CA PRO PE 19 85.91 50.12 -24.20
C PRO PE 19 85.29 49.05 -25.08
N HIS PE 20 85.51 47.80 -24.72
CA HIS PE 20 84.96 46.65 -25.44
C HIS PE 20 84.42 45.63 -24.46
N LYS PE 21 83.29 45.03 -24.81
CA LYS PE 21 82.84 43.84 -24.09
C LYS PE 21 83.62 42.64 -24.59
N VAL PE 22 84.04 41.79 -23.67
CA VAL PE 22 84.86 40.63 -23.99
C VAL PE 22 84.02 39.37 -23.77
N THR PE 23 83.92 38.56 -24.80
CA THR PE 23 83.29 37.25 -24.70
C THR PE 23 84.13 36.23 -25.46
N GLN PE 24 84.18 35.02 -24.94
CA GLN PE 24 84.94 33.97 -25.59
C GLN PE 24 84.25 33.54 -26.88
N TYR PE 25 85.07 33.25 -27.89
CA TYR PE 25 84.56 32.83 -29.20
C TYR PE 25 84.34 31.33 -29.18
N LYS PE 26 83.34 30.89 -29.93
CA LYS PE 26 83.08 29.47 -30.14
C LYS PE 26 82.85 29.23 -31.63
N LYS PE 27 83.39 28.13 -32.15
CA LYS PE 27 83.24 27.82 -33.56
C LYS PE 27 81.77 27.62 -33.91
N GLY PE 28 81.32 28.28 -34.96
CA GLY PE 28 79.94 28.21 -35.35
C GLY PE 28 79.61 26.91 -36.07
N LYS PE 29 78.31 26.71 -36.27
CA LYS PE 29 77.84 25.54 -37.01
C LYS PE 29 78.26 25.65 -38.47
N ASP PE 30 78.59 24.50 -39.06
CA ASP PE 30 79.02 24.47 -40.44
C ASP PE 30 77.87 24.88 -41.37
N SER PE 31 78.23 25.50 -42.50
CA SER PE 31 77.20 25.89 -43.45
C SER PE 31 76.54 24.69 -44.11
N LEU PE 32 77.32 23.67 -44.46
CA LEU PE 32 76.87 22.50 -45.20
C LEU PE 32 76.46 22.91 -46.61
N TYR PE 33 76.52 24.21 -46.91
CA TYR PE 33 76.41 24.72 -48.27
C TYR PE 33 77.65 25.50 -48.70
N ALA PE 34 78.73 25.44 -47.93
CA ALA PE 34 79.98 26.02 -48.38
C ALA PE 34 80.52 25.22 -49.56
N GLN PE 35 81.42 25.86 -50.32
CA GLN PE 35 81.93 25.23 -51.53
C GLN PE 35 82.65 23.92 -51.21
N GLY PE 36 83.50 23.92 -50.20
CA GLY PE 36 84.25 22.72 -49.87
C GLY PE 36 83.35 21.58 -49.40
N LYS PE 37 82.42 21.88 -48.49
CA LYS PE 37 81.53 20.84 -48.00
C LYS PE 37 80.66 20.29 -49.12
N ARG PE 38 80.22 21.17 -50.03
CA ARG PE 38 79.47 20.70 -51.19
C ARG PE 38 80.30 19.72 -52.00
N ARG PE 39 81.56 20.06 -52.25
CA ARG PE 39 82.44 19.15 -52.98
C ARG PE 39 82.65 17.85 -52.22
N TYR PE 40 82.79 17.95 -50.89
CA TYR PE 40 83.01 16.74 -50.11
C TYR PE 40 81.83 15.78 -50.22
N ASP PE 41 80.61 16.31 -50.14
CA ASP PE 41 79.44 15.46 -50.33
C ASP PE 41 79.40 14.88 -51.73
N ARG PE 42 79.69 15.70 -52.73
CA ARG PE 42 79.71 15.22 -54.12
C ARG PE 42 80.76 14.14 -54.31
N LYS PE 43 81.95 14.34 -53.72
CA LYS PE 43 82.99 13.33 -53.81
C LYS PE 43 82.57 12.04 -53.11
N GLN PE 44 82.03 12.15 -51.89
CA GLN PE 44 81.65 10.96 -51.14
C GLN PE 44 80.41 10.29 -51.72
N SER PE 45 79.71 10.95 -52.64
CA SER PE 45 78.50 10.36 -53.22
C SER PE 45 78.85 9.11 -54.00
N GLY PE 46 77.99 8.10 -53.92
CA GLY PE 46 78.20 6.87 -54.65
C GLY PE 46 79.10 5.91 -53.92
N TYR PE 47 79.86 5.12 -54.66
CA TYR PE 47 80.79 4.17 -54.07
C TYR PE 47 82.20 4.76 -54.06
N GLY PE 48 83.08 4.11 -53.32
CA GLY PE 48 84.44 4.57 -53.20
C GLY PE 48 84.87 4.74 -51.76
N GLY PE 49 83.92 4.63 -50.85
CA GLY PE 49 84.24 4.75 -49.45
C GLY PE 49 84.68 6.16 -49.08
N GLN PE 50 85.37 6.27 -47.95
CA GLN PE 50 85.91 7.55 -47.52
C GLN PE 50 86.88 8.08 -48.56
N THR PE 51 86.71 9.34 -48.95
CA THR PE 51 87.51 9.93 -50.01
C THR PE 51 88.48 11.00 -49.53
N LYS PE 52 88.45 11.36 -48.25
CA LYS PE 52 89.35 12.37 -47.73
C LYS PE 52 89.93 11.90 -46.40
N PRO PE 53 91.14 12.33 -46.06
CA PRO PE 53 91.78 11.85 -44.84
C PRO PE 53 91.00 12.25 -43.59
N ILE PE 54 91.08 11.41 -42.58
CA ILE PE 54 90.48 11.66 -41.28
C ILE PE 54 91.60 11.66 -40.26
N PHE PE 55 91.74 12.76 -39.54
CA PHE PE 55 93.00 13.08 -38.86
C PHE PE 55 93.34 12.09 -37.74
N ARG PE 56 92.47 11.95 -36.74
CA ARG PE 56 92.55 10.88 -35.74
C ARG PE 56 93.94 10.69 -35.15
N LYS PE 57 94.65 11.78 -34.89
CA LYS PE 57 95.97 11.70 -34.25
C LYS PE 57 95.98 12.38 -32.88
N LYS PE 58 95.56 13.63 -32.79
CA LYS PE 58 95.32 14.33 -31.52
C LYS PE 58 96.59 14.36 -30.67
N ALA PE 59 97.56 15.13 -31.16
CA ALA PE 59 98.76 15.36 -30.38
C ALA PE 59 98.57 16.51 -29.39
N LYS PE 60 97.85 17.55 -29.78
CA LYS PE 60 97.63 18.68 -28.91
C LYS PE 60 96.71 18.32 -27.76
N THR PE 61 96.65 19.20 -26.77
CA THR PE 61 95.74 19.04 -25.65
C THR PE 61 94.91 20.27 -25.34
N THR PE 62 95.34 21.46 -25.75
CA THR PE 62 94.62 22.70 -25.51
C THR PE 62 94.34 23.37 -26.84
N LYS PE 63 93.76 24.57 -26.79
CA LYS PE 63 93.52 25.37 -27.97
C LYS PE 63 93.94 26.81 -27.70
N LYS PE 64 94.30 27.51 -28.77
CA LYS PE 64 94.55 28.94 -28.67
C LYS PE 64 93.23 29.65 -28.38
N ILE PE 65 93.08 30.13 -27.15
CA ILE PE 65 91.87 30.85 -26.77
C ILE PE 65 91.80 32.16 -27.55
N VAL PE 66 90.60 32.51 -28.02
CA VAL PE 66 90.38 33.71 -28.81
C VAL PE 66 89.25 34.50 -28.19
N LEU PE 67 89.44 35.81 -28.10
CA LEU PE 67 88.50 36.72 -27.45
C LEU PE 67 87.79 37.55 -28.50
N ARG PE 68 86.48 37.67 -28.36
CA ARG PE 68 85.68 38.51 -29.24
C ARG PE 68 85.51 39.89 -28.59
N LEU PE 69 85.99 40.91 -29.28
CA LEU PE 69 85.97 42.28 -28.76
C LEU PE 69 84.98 43.10 -29.57
N GLU PE 70 83.86 43.44 -28.95
CA GLU PE 70 82.83 44.24 -29.60
C GLU PE 70 82.89 45.66 -29.03
N CYS PE 71 82.89 46.65 -29.92
CA CYS PE 71 83.00 48.03 -29.48
C CYS PE 71 81.71 48.45 -28.77
N VAL PE 72 81.87 49.02 -27.57
CA VAL PE 72 80.71 49.41 -26.77
C VAL PE 72 80.03 50.67 -27.27
N GLU PE 73 80.64 51.39 -28.19
CA GLU PE 73 80.03 52.61 -28.70
C GLU PE 73 78.72 52.25 -29.39
N PRO PE 74 77.61 52.92 -29.06
CA PRO PE 74 76.30 52.45 -29.52
C PRO PE 74 76.12 52.46 -31.04
N ASN PE 75 76.75 53.38 -31.77
CA ASN PE 75 76.53 53.43 -33.21
C ASN PE 75 77.27 52.33 -33.94
N CYS PE 76 78.60 52.28 -33.80
CA CYS PE 76 79.39 51.25 -34.45
C CYS PE 76 79.62 50.10 -33.48
N ARG PE 77 79.39 48.89 -33.95
CA ARG PE 77 79.51 47.69 -33.13
C ARG PE 77 80.39 46.66 -33.82
N SER PE 78 81.53 47.12 -34.34
CA SER PE 78 82.48 46.21 -34.96
C SER PE 78 83.07 45.29 -33.91
N LYS PE 79 83.07 43.99 -34.21
CA LYS PE 79 83.65 43.00 -33.32
C LYS PE 79 85.00 42.55 -33.86
N ARG PE 80 86.00 42.61 -32.99
CA ARG PE 80 87.36 42.22 -33.37
C ARG PE 80 87.77 41.00 -32.57
N MET PE 81 88.36 40.04 -33.26
CA MET PE 81 88.85 38.81 -32.64
C MET PE 81 90.27 39.01 -32.17
N LEU PE 82 90.55 38.51 -30.96
CA LEU PE 82 91.90 38.56 -30.39
C LEU PE 82 92.22 37.21 -29.79
N ALA PE 83 93.41 36.71 -30.06
CA ALA PE 83 93.83 35.38 -29.61
C ALA PE 83 94.91 35.52 -28.54
N ILE PE 84 94.84 34.67 -27.52
CA ILE PE 84 95.84 34.62 -26.48
C ILE PE 84 96.58 33.28 -26.57
N LYS PE 85 97.61 33.13 -25.75
CA LYS PE 85 98.43 31.93 -25.78
C LYS PE 85 97.61 30.72 -25.31
N ARG PE 86 98.22 29.55 -25.45
CA ARG PE 86 97.57 28.32 -25.03
C ARG PE 86 97.30 28.34 -23.53
N CYS PE 87 96.21 27.70 -23.11
CA CYS PE 87 95.94 27.54 -21.69
C CYS PE 87 94.94 26.42 -21.49
N LYS PE 88 95.25 25.51 -20.57
CA LYS PE 88 94.35 24.40 -20.28
C LYS PE 88 93.03 24.89 -19.72
N HIS PE 89 93.08 25.72 -18.68
CA HIS PE 89 91.89 26.18 -17.99
C HIS PE 89 91.67 27.65 -18.31
N PHE PE 90 90.48 27.97 -18.80
CA PHE PE 90 90.11 29.35 -19.08
C PHE PE 90 88.98 29.75 -18.15
N GLU PE 91 89.13 30.90 -17.51
CA GLU PE 91 88.05 31.54 -16.78
C GLU PE 91 87.96 32.99 -17.21
N LEU PE 92 86.73 33.45 -17.45
CA LEU PE 92 86.48 34.76 -18.04
C LEU PE 92 85.85 35.67 -17.00
N GLY PE 93 86.60 36.70 -16.59
CA GLY PE 93 86.04 37.73 -15.73
C GLY PE 93 85.59 37.30 -14.35
N GLY PE 94 86.42 36.54 -13.65
CA GLY PE 94 86.05 36.06 -12.33
C GLY PE 94 86.55 36.93 -11.21
N ASP PE 95 86.87 36.28 -10.10
CA ASP PE 95 87.23 36.95 -8.86
C ASP PE 95 88.71 37.32 -8.93
N LYS PE 96 89.00 38.61 -8.76
CA LYS PE 96 90.39 39.07 -8.82
C LYS PE 96 91.17 38.59 -7.59
N LYS PE 97 92.35 38.03 -7.83
CA LYS PE 97 93.17 37.55 -6.73
C LYS PE 97 93.78 38.70 -5.95
N ARG PE 98 93.93 38.50 -4.65
CA ARG PE 98 94.50 39.48 -3.74
C ARG PE 98 95.66 38.85 -2.98
N LYS PE 99 96.56 39.69 -2.49
CA LYS PE 99 97.87 39.22 -2.04
C LYS PE 99 98.01 39.11 -0.53
N GLY PE 100 97.06 39.60 0.26
CA GLY PE 100 97.32 39.70 1.69
C GLY PE 100 96.39 38.97 2.64
N GLN PE 101 95.63 37.99 2.15
CA GLN PE 101 94.68 37.29 2.99
C GLN PE 101 95.16 35.87 3.24
N VAL PE 102 94.45 35.18 4.13
CA VAL PE 102 94.84 33.85 4.57
C VAL PE 102 94.31 32.81 3.58
N ILE PE 103 95.19 31.91 3.16
CA ILE PE 103 94.85 30.88 2.19
C ILE PE 103 95.62 29.62 2.56
N GLN PE 104 94.92 28.59 3.02
CA GLN PE 104 93.52 28.50 3.38
C GLN PE 104 93.40 27.58 4.58
N PHE PE 105 92.17 27.13 4.87
CA PHE PE 105 91.96 26.10 5.87
C PHE PE 105 92.69 24.82 5.49
N ALA QE 1 76.16 -78.17 -24.87
CA ALA QE 1 76.34 -77.63 -23.54
C ALA QE 1 76.12 -76.13 -23.52
N LYS QE 2 76.26 -75.53 -22.34
CA LYS QE 2 76.10 -74.09 -22.18
C LYS QE 2 77.36 -73.42 -22.71
N ARG QE 3 77.32 -72.99 -23.97
CA ARG QE 3 78.51 -72.50 -24.63
C ARG QE 3 79.05 -71.22 -24.00
N THR QE 4 78.18 -70.30 -23.60
CA THR QE 4 78.61 -69.03 -23.02
C THR QE 4 77.85 -68.76 -21.73
N LYS QE 5 78.46 -67.93 -20.88
CA LYS QE 5 77.84 -67.63 -19.59
C LYS QE 5 76.67 -66.67 -19.75
N LYS QE 6 76.95 -65.44 -20.19
CA LYS QE 6 75.89 -64.44 -20.34
C LYS QE 6 75.95 -63.63 -21.62
N VAL QE 7 76.93 -63.87 -22.50
CA VAL QE 7 76.97 -63.11 -23.74
C VAL QE 7 75.83 -63.51 -24.68
N GLY QE 8 75.54 -64.80 -24.77
CA GLY QE 8 74.41 -65.24 -25.57
C GLY QE 8 74.60 -64.97 -27.06
N ILE QE 9 73.63 -64.28 -27.65
CA ILE QE 9 73.58 -64.12 -29.10
C ILE QE 9 74.71 -63.22 -29.59
N VAL QE 10 75.07 -62.19 -28.84
CA VAL QE 10 75.92 -61.12 -29.34
C VAL QE 10 77.38 -61.55 -29.29
N GLY QE 11 77.63 -62.81 -28.98
CA GLY QE 11 78.99 -63.32 -28.98
C GLY QE 11 79.71 -63.15 -30.30
N LYS QE 12 78.98 -62.99 -31.40
CA LYS QE 12 79.63 -62.77 -32.69
C LYS QE 12 80.42 -61.47 -32.72
N TYR QE 13 80.16 -60.55 -31.79
CA TYR QE 13 80.90 -59.29 -31.75
C TYR QE 13 82.19 -59.38 -30.96
N GLY QE 14 82.43 -60.49 -30.26
CA GLY QE 14 83.68 -60.63 -29.53
C GLY QE 14 83.78 -59.62 -28.40
N THR QE 15 84.82 -58.81 -28.43
CA THR QE 15 85.16 -57.92 -27.33
C THR QE 15 85.03 -56.45 -27.71
N ARG QE 16 84.28 -56.13 -28.76
CA ARG QE 16 84.20 -54.78 -29.27
C ARG QE 16 82.95 -54.08 -28.77
N TYR QE 17 82.93 -52.75 -28.97
CA TYR QE 17 81.76 -51.91 -28.78
C TYR QE 17 81.36 -51.78 -27.32
N GLY QE 18 82.04 -52.48 -26.42
CA GLY QE 18 81.69 -52.37 -25.01
C GLY QE 18 80.65 -53.37 -24.60
N ALA QE 19 80.76 -53.83 -23.35
CA ALA QE 19 79.82 -54.82 -22.84
C ALA QE 19 78.43 -54.24 -22.71
N SER QE 20 78.31 -53.08 -22.07
CA SER QE 20 76.99 -52.51 -21.82
C SER QE 20 76.25 -52.26 -23.13
N LEU QE 21 76.95 -51.72 -24.12
CA LEU QE 21 76.32 -51.53 -25.43
C LEU QE 21 75.90 -52.86 -26.03
N ARG QE 22 76.74 -53.89 -25.89
CA ARG QE 22 76.34 -55.21 -26.33
C ARG QE 22 75.10 -55.69 -25.58
N LYS QE 23 75.00 -55.36 -24.30
CA LYS QE 23 73.83 -55.77 -23.53
C LYS QE 23 72.57 -55.10 -24.06
N MET QE 24 72.63 -53.80 -24.37
CA MET QE 24 71.43 -53.11 -24.83
C MET QE 24 70.93 -53.68 -26.14
N VAL QE 25 71.84 -53.99 -27.07
CA VAL QE 25 71.40 -54.62 -28.32
C VAL QE 25 71.00 -56.07 -28.12
N LYS QE 26 71.41 -56.69 -27.01
CA LYS QE 26 71.17 -58.11 -26.81
C LYS QE 26 69.68 -58.42 -26.74
N LYS QE 27 68.88 -57.51 -26.20
CA LYS QE 27 67.45 -57.78 -26.15
C LYS QE 27 66.78 -57.43 -27.47
N ILE QE 28 67.51 -56.81 -28.40
CA ILE QE 28 66.89 -56.35 -29.63
C ILE QE 28 66.96 -57.41 -30.72
N GLU QE 29 68.17 -57.87 -31.07
CA GLU QE 29 68.31 -58.75 -32.22
C GLU QE 29 67.56 -60.05 -31.99
N ILE QE 30 67.52 -60.54 -30.76
CA ILE QE 30 66.74 -61.73 -30.44
C ILE QE 30 65.27 -61.49 -30.78
N SER QE 31 64.80 -60.27 -30.54
CA SER QE 31 63.42 -59.95 -30.90
C SER QE 31 63.28 -59.85 -32.41
N GLN QE 32 64.22 -59.20 -33.09
CA GLN QE 32 64.13 -59.08 -34.54
C GLN QE 32 64.42 -60.39 -35.26
N HIS QE 33 65.05 -61.36 -34.59
CA HIS QE 33 65.34 -62.63 -35.20
C HIS QE 33 64.42 -63.74 -34.71
N ALA QE 34 63.70 -63.52 -33.62
CA ALA QE 34 62.78 -64.53 -33.15
C ALA QE 34 61.64 -64.73 -34.14
N LYS QE 35 61.19 -65.97 -34.24
CA LYS QE 35 60.06 -66.32 -35.09
C LYS QE 35 58.78 -66.17 -34.27
N TYR QE 36 57.99 -65.16 -34.59
CA TYR QE 36 56.72 -64.95 -33.94
C TYR QE 36 55.67 -65.90 -34.50
N THR QE 37 54.55 -65.99 -33.80
CA THR QE 37 53.45 -66.84 -34.23
C THR QE 37 52.47 -66.01 -35.05
N CYS QE 38 52.23 -66.42 -36.30
CA CYS QE 38 51.33 -65.69 -37.17
C CYS QE 38 49.90 -65.79 -36.64
N SER QE 39 49.22 -64.66 -36.59
CA SER QE 39 47.85 -64.62 -36.10
C SER QE 39 46.83 -64.95 -37.18
N PHE QE 40 47.25 -65.03 -38.45
CA PHE QE 40 46.32 -65.35 -39.53
C PHE QE 40 46.32 -66.83 -39.87
N CYS QE 41 47.47 -67.49 -39.84
CA CYS QE 41 47.54 -68.91 -40.12
C CYS QE 41 47.91 -69.75 -38.92
N GLY QE 42 48.12 -69.15 -37.75
CA GLY QE 42 48.42 -69.89 -36.56
C GLY QE 42 49.84 -70.38 -36.43
N LYS QE 43 50.49 -70.75 -37.53
CA LYS QE 43 51.84 -71.27 -37.46
C LYS QE 43 52.81 -70.16 -37.05
N THR QE 44 53.95 -70.58 -36.50
CA THR QE 44 54.96 -69.64 -36.03
C THR QE 44 56.03 -69.39 -37.09
N LYS QE 45 55.57 -69.06 -38.29
CA LYS QE 45 56.47 -68.70 -39.39
C LYS QE 45 56.61 -67.20 -39.56
N MET QE 46 56.04 -66.40 -38.66
CA MET QE 46 56.08 -64.95 -38.77
C MET QE 46 57.49 -64.48 -38.50
N LYS QE 47 58.19 -64.07 -39.55
CA LYS QE 47 59.57 -63.62 -39.44
C LYS QE 47 59.71 -62.25 -40.09
N ARG QE 48 60.66 -61.47 -39.59
CA ARG QE 48 60.93 -60.16 -40.16
C ARG QE 48 61.65 -60.32 -41.49
N ARG QE 49 61.26 -59.51 -42.47
CA ARG QE 49 61.95 -59.48 -43.76
C ARG QE 49 62.81 -58.24 -43.89
N ALA QE 50 62.31 -57.10 -43.40
CA ALA QE 50 63.05 -55.86 -43.35
C ALA QE 50 62.54 -55.06 -42.15
N VAL QE 51 63.19 -53.93 -41.89
CA VAL QE 51 62.77 -53.08 -40.78
C VAL QE 51 61.32 -52.68 -40.98
N GLY QE 52 60.52 -52.79 -39.92
CA GLY QE 52 59.11 -52.48 -40.00
C GLY QE 52 58.27 -53.44 -40.81
N ILE QE 53 58.89 -54.33 -41.59
CA ILE QE 53 58.17 -55.26 -42.45
C ILE QE 53 58.24 -56.64 -41.83
N TRP QE 54 57.09 -57.22 -41.52
CA TRP QE 54 56.99 -58.56 -41.00
C TRP QE 54 56.20 -59.41 -41.97
N HIS QE 55 56.72 -60.59 -42.29
CA HIS QE 55 56.09 -61.47 -43.25
C HIS QE 55 56.01 -62.88 -42.70
N CYS QE 56 54.90 -63.56 -42.97
CA CYS QE 56 54.73 -64.95 -42.60
C CYS QE 56 55.00 -65.81 -43.83
N GLY QE 57 55.84 -66.83 -43.66
CA GLY QE 57 56.12 -67.72 -44.77
C GLY QE 57 55.01 -68.70 -45.07
N SER QE 58 54.15 -68.99 -44.09
CA SER QE 58 53.15 -70.04 -44.26
C SER QE 58 51.98 -69.58 -45.11
N CYS QE 59 51.27 -68.56 -44.66
CA CYS QE 59 50.09 -68.09 -45.36
C CYS QE 59 50.37 -66.97 -46.35
N MET QE 60 51.63 -66.56 -46.48
CA MET QE 60 52.02 -65.50 -47.40
C MET QE 60 51.27 -64.20 -47.11
N LYS QE 61 51.45 -63.69 -45.89
CA LYS QE 61 50.76 -62.49 -45.44
C LYS QE 61 51.77 -61.56 -44.79
N THR QE 62 52.07 -60.46 -45.48
CA THR QE 62 53.01 -59.48 -44.95
C THR QE 62 52.30 -58.49 -44.05
N VAL QE 63 52.91 -58.16 -42.91
CA VAL QE 63 52.31 -57.29 -41.92
C VAL QE 63 53.29 -56.19 -41.56
N ALA QE 64 52.82 -54.94 -41.56
CA ALA QE 64 53.63 -53.84 -41.07
C ALA QE 64 53.84 -53.97 -39.57
N GLY QE 65 55.05 -53.66 -39.12
CA GLY QE 65 55.37 -53.80 -37.71
C GLY QE 65 56.46 -52.86 -37.25
N GLY QE 66 57.02 -53.12 -36.07
CA GLY QE 66 58.07 -52.28 -35.55
C GLY QE 66 59.43 -52.62 -36.10
N ALA QE 67 60.43 -51.86 -35.67
CA ALA QE 67 61.78 -52.09 -36.14
C ALA QE 67 62.30 -53.45 -35.69
N TRP QE 68 62.04 -53.83 -34.45
CA TRP QE 68 62.62 -55.04 -33.89
C TRP QE 68 61.61 -56.00 -33.31
N THR QE 69 60.40 -55.57 -33.03
CA THR QE 69 59.36 -56.44 -32.50
C THR QE 69 58.18 -56.46 -33.47
N TYR QE 70 57.40 -57.54 -33.41
CA TYR QE 70 56.25 -57.66 -34.29
C TYR QE 70 55.23 -56.57 -34.01
N ASN QE 71 54.97 -56.30 -32.73
CA ASN QE 71 54.01 -55.28 -32.32
C ASN QE 71 54.62 -54.45 -31.21
N THR QE 72 54.73 -53.15 -31.43
CA THR QE 72 55.29 -52.26 -30.43
C THR QE 72 54.23 -51.88 -29.40
N THR QE 73 54.71 -51.47 -28.22
CA THR QE 73 53.80 -51.15 -27.13
C THR QE 73 52.91 -49.97 -27.48
N SER QE 74 53.44 -48.98 -28.19
CA SER QE 74 52.66 -47.81 -28.52
C SER QE 74 51.46 -48.15 -29.40
N ALA QE 75 51.65 -49.07 -30.36
CA ALA QE 75 50.58 -49.34 -31.31
C ALA QE 75 49.42 -50.08 -30.66
N VAL QE 76 49.72 -51.08 -29.85
CA VAL QE 76 48.63 -51.85 -29.24
C VAL QE 76 47.78 -50.95 -28.35
N THR QE 77 48.37 -49.93 -27.74
CA THR QE 77 47.59 -48.99 -26.96
C THR QE 77 46.70 -48.14 -27.85
N VAL QE 78 47.26 -47.58 -28.92
CA VAL QE 78 46.44 -46.73 -29.79
C VAL QE 78 45.40 -47.56 -30.53
N LYS QE 79 45.74 -48.79 -30.90
CA LYS QE 79 44.74 -49.66 -31.51
C LYS QE 79 43.57 -49.88 -30.56
N SER QE 80 43.86 -50.14 -29.28
CA SER QE 80 42.80 -50.21 -28.29
C SER QE 80 42.11 -48.86 -28.14
N ALA QE 81 42.88 -47.78 -28.20
CA ALA QE 81 42.29 -46.44 -28.06
C ALA QE 81 41.35 -46.15 -29.21
N ILE QE 82 41.75 -46.47 -30.44
CA ILE QE 82 40.90 -46.21 -31.60
C ILE QE 82 39.61 -47.02 -31.50
N ARG QE 83 39.72 -48.31 -31.14
CA ARG QE 83 38.53 -49.11 -30.94
C ARG QE 83 37.65 -48.51 -29.85
N ARG QE 84 38.26 -48.05 -28.76
CA ARG QE 84 37.51 -47.35 -27.73
C ARG QE 84 36.86 -46.10 -28.29
N LEU QE 85 37.61 -45.34 -29.10
CA LEU QE 85 37.08 -44.09 -29.60
C LEU QE 85 36.02 -44.32 -30.67
N LYS QE 86 36.15 -45.39 -31.45
CA LYS QE 86 35.14 -45.68 -32.45
C LYS QE 86 33.80 -46.01 -31.82
N GLU QE 87 33.79 -46.93 -30.84
CA GLU QE 87 32.54 -47.29 -30.20
C GLU QE 87 31.96 -46.12 -29.42
N LEU QE 88 32.79 -45.17 -29.03
CA LEU QE 88 32.28 -43.97 -28.35
C LEU QE 88 31.64 -42.99 -29.31
N LYS QE 89 32.07 -42.97 -30.57
CA LYS QE 89 31.40 -42.15 -31.56
C LYS QE 89 29.95 -42.56 -31.76
N ASP QE 90 29.63 -43.84 -31.56
CA ASP QE 90 28.28 -44.34 -31.60
C ASP QE 90 27.82 -44.62 -30.18
N GLN QE 91 26.52 -44.91 -30.03
CA GLN QE 91 25.95 -45.18 -28.72
C GLN QE 91 24.86 -46.26 -28.82
N SER RE 1 135.57 37.94 -107.64
CA SER RE 1 136.69 38.25 -106.76
C SER RE 1 137.44 36.99 -106.37
N ALA RE 2 138.77 37.07 -106.37
CA ALA RE 2 139.58 35.90 -106.03
C ALA RE 2 139.32 35.46 -104.60
N HIS RE 3 139.40 36.39 -103.66
CA HIS RE 3 139.29 36.04 -102.24
C HIS RE 3 137.94 35.42 -101.93
N LEU RE 4 136.85 36.03 -102.41
CA LEU RE 4 135.53 35.46 -102.20
C LEU RE 4 135.44 34.07 -102.81
N GLN RE 5 135.97 33.91 -104.02
CA GLN RE 5 135.95 32.59 -104.65
C GLN RE 5 136.85 31.62 -103.89
N TRP RE 6 137.98 32.09 -103.37
CA TRP RE 6 138.88 31.19 -102.66
C TRP RE 6 138.22 30.60 -101.43
N MET RE 7 137.50 31.42 -100.67
CA MET RE 7 136.74 30.89 -99.54
C MET RE 7 135.75 29.83 -99.98
N VAL RE 8 135.15 29.99 -101.16
CA VAL RE 8 134.16 29.03 -101.62
C VAL RE 8 134.81 27.69 -101.90
N VAL RE 9 135.97 27.69 -102.56
CA VAL RE 9 136.55 26.46 -103.08
C VAL RE 9 137.84 26.08 -102.35
N ARG RE 10 138.14 26.71 -101.21
CA ARG RE 10 139.35 26.34 -100.49
C ARG RE 10 139.30 24.89 -100.03
N ASN RE 11 138.12 24.41 -99.67
CA ASN RE 11 137.95 23.04 -99.22
C ASN RE 11 136.81 22.31 -99.90
N CYS RE 12 136.24 22.85 -100.96
CA CYS RE 12 135.17 22.20 -101.71
C CYS RE 12 135.42 22.44 -103.19
N SER RE 13 136.04 21.46 -103.85
CA SER RE 13 136.31 21.54 -105.28
C SER RE 13 136.34 20.14 -105.87
N SER RE 14 136.05 20.05 -107.16
CA SER RE 14 136.24 18.79 -107.85
C SER RE 14 137.71 18.47 -108.05
N PHE RE 15 138.57 19.48 -108.03
CA PHE RE 15 140.01 19.28 -108.22
C PHE RE 15 140.74 18.96 -106.93
N LEU RE 16 140.06 19.00 -105.79
CA LEU RE 16 140.73 18.79 -104.52
C LEU RE 16 141.03 17.31 -104.32
N ILE RE 17 142.29 17.01 -104.04
CA ILE RE 17 142.76 15.66 -103.75
C ILE RE 17 143.32 15.70 -102.33
N LYS RE 18 142.54 15.26 -101.36
CA LYS RE 18 143.00 15.17 -99.98
C LYS RE 18 143.34 13.71 -99.70
N ARG RE 19 144.61 13.39 -99.75
CA ARG RE 19 145.10 12.05 -99.45
C ARG RE 19 146.01 12.13 -98.23
N ASN RE 20 146.69 11.02 -97.94
CA ASN RE 20 147.35 10.85 -96.65
C ASN RE 20 148.24 12.03 -96.30
N LYS RE 21 147.82 12.80 -95.30
CA LYS RE 21 148.55 13.96 -94.82
C LYS RE 21 148.96 14.89 -95.96
N GLN RE 22 148.22 14.87 -97.07
CA GLN RE 22 148.58 15.64 -98.24
C GLN RE 22 147.35 16.29 -98.84
N THR RE 23 147.58 17.36 -99.59
CA THR RE 23 146.54 17.99 -100.37
C THR RE 23 147.11 18.36 -101.73
N TYR RE 24 146.31 18.16 -102.77
CA TYR RE 24 146.73 18.47 -104.13
C TYR RE 24 145.53 18.94 -104.94
N SER RE 25 145.78 19.96 -105.76
CA SER RE 25 144.74 20.59 -106.57
C SER RE 25 145.05 20.32 -108.04
N THR RE 26 144.02 19.91 -108.78
CA THR RE 26 144.21 19.42 -110.13
C THR RE 26 143.57 20.33 -111.18
N GLU RE 27 143.39 21.60 -110.86
CA GLU RE 27 142.89 22.52 -111.87
C GLU RE 27 143.95 22.71 -112.96
N PRO RE 28 143.52 22.86 -114.21
CA PRO RE 28 144.47 22.75 -115.33
C PRO RE 28 145.59 23.78 -115.33
N ASN RE 29 145.35 24.96 -114.77
CA ASN RE 29 146.25 26.10 -114.96
C ASN RE 29 146.89 26.47 -113.62
N ASN RE 30 147.42 25.47 -112.92
CA ASN RE 30 148.04 25.67 -111.62
C ASN RE 30 149.45 25.10 -111.66
N LEU RE 31 150.38 25.79 -111.03
CA LEU RE 31 151.74 25.31 -110.90
C LEU RE 31 151.98 24.81 -109.49
N LYS RE 32 152.87 23.83 -109.38
CA LYS RE 32 153.24 23.14 -108.14
C LYS RE 32 152.14 22.21 -107.66
N ALA RE 33 150.95 22.23 -108.28
CA ALA RE 33 149.86 21.31 -108.00
C ALA RE 33 149.37 21.40 -106.57
N ARG RE 34 149.85 22.37 -105.79
CA ARG RE 34 149.47 22.49 -104.40
C ARG RE 34 148.25 23.38 -104.27
N ASN RE 35 147.36 23.00 -103.37
CA ASN RE 35 146.16 23.78 -103.09
C ASN RE 35 146.56 25.00 -102.28
N SER RE 36 146.47 26.18 -102.88
CA SER RE 36 146.83 27.41 -102.21
C SER RE 36 146.15 28.56 -102.91
N PHE RE 37 145.90 29.63 -102.16
CA PHE RE 37 145.34 30.83 -102.77
C PHE RE 37 146.29 31.44 -103.80
N ARG RE 38 147.58 31.48 -103.48
CA ARG RE 38 148.54 32.09 -104.39
C ARG RE 38 148.65 31.34 -105.70
N TYR RE 39 148.70 30.01 -105.64
CA TYR RE 39 149.03 29.19 -106.80
C TYR RE 39 147.81 28.66 -107.53
N ASN RE 40 146.60 28.86 -107.00
CA ASN RE 40 145.41 28.38 -107.69
C ASN RE 40 145.26 29.11 -109.01
N GLY RE 41 144.89 28.38 -110.06
CA GLY RE 41 144.81 28.94 -111.38
C GLY RE 41 143.44 29.28 -111.87
N LEU RE 42 142.43 29.28 -111.01
CA LEU RE 42 141.06 29.54 -111.43
C LEU RE 42 140.51 30.87 -110.94
N ILE RE 43 140.90 31.31 -109.74
CA ILE RE 43 140.27 32.46 -109.11
C ILE RE 43 140.97 33.77 -109.43
N HIS RE 44 142.17 33.73 -110.00
CA HIS RE 44 142.98 34.92 -110.17
C HIS RE 44 142.67 35.59 -111.50
N ARG RE 45 142.68 36.92 -111.49
CA ARG RE 45 142.47 37.67 -112.73
C ARG RE 45 143.57 37.37 -113.73
N LYS RE 46 144.82 37.37 -113.29
CA LYS RE 46 145.97 37.06 -114.13
C LYS RE 46 146.63 35.78 -113.63
N THR RE 47 146.71 34.77 -114.50
CA THR RE 47 147.29 33.48 -114.13
C THR RE 47 148.24 33.03 -115.23
N VAL RE 48 149.10 32.09 -114.87
CA VAL RE 48 150.13 31.55 -115.76
C VAL RE 48 150.16 30.04 -115.60
N GLY RE 49 150.47 29.32 -116.66
CA GLY RE 49 150.60 27.87 -116.58
C GLY RE 49 151.68 27.37 -117.51
N VAL RE 50 152.21 26.19 -117.18
CA VAL RE 50 153.26 25.54 -117.96
C VAL RE 50 152.87 24.08 -118.17
N GLU RE 51 152.48 23.75 -119.39
CA GLU RE 51 152.05 22.40 -119.76
C GLU RE 51 152.94 21.87 -120.87
N PRO RE 52 153.09 20.55 -120.98
CA PRO RE 52 153.80 20.00 -122.12
C PRO RE 52 153.06 20.28 -123.42
N ALA RE 53 153.81 20.32 -124.51
CA ALA RE 53 153.22 20.59 -125.81
C ALA RE 53 152.31 19.44 -126.24
N ALA RE 54 151.52 19.69 -127.28
CA ALA RE 54 150.66 18.65 -127.82
C ALA RE 54 151.48 17.47 -128.31
N ASP RE 55 152.56 17.74 -129.04
CA ASP RE 55 153.53 16.71 -129.35
C ASP RE 55 154.48 16.51 -128.17
N GLY RE 56 155.35 15.52 -128.30
CA GLY RE 56 156.29 15.24 -127.22
C GLY RE 56 157.27 16.37 -126.98
N LYS RE 57 157.78 16.97 -128.06
CA LYS RE 57 158.80 18.00 -127.93
C LYS RE 57 158.16 19.36 -127.67
N GLY RE 58 158.88 20.21 -126.96
CA GLY RE 58 158.43 21.56 -126.69
C GLY RE 58 157.55 21.66 -125.47
N VAL RE 59 157.32 22.91 -125.06
CA VAL RE 59 156.49 23.25 -123.92
C VAL RE 59 155.50 24.33 -124.34
N VAL RE 60 154.43 24.46 -123.56
CA VAL RE 60 153.37 25.42 -123.84
C VAL RE 60 153.13 26.26 -122.59
N VAL RE 61 153.03 27.57 -122.76
CA VAL RE 61 152.72 28.49 -121.68
C VAL RE 61 151.36 29.11 -121.96
N VAL RE 62 150.53 29.24 -120.93
CA VAL RE 62 149.18 29.76 -121.04
C VAL RE 62 149.08 30.99 -120.15
N ILE RE 63 148.54 32.07 -120.69
CA ILE RE 63 148.38 33.34 -119.98
C ILE RE 63 146.92 33.76 -120.07
N LYS RE 64 146.38 34.23 -118.94
CA LYS RE 64 145.00 34.70 -118.88
C LYS RE 64 144.98 36.20 -119.06
N ARG RE 65 144.25 36.67 -120.07
CA ARG RE 65 144.17 38.09 -120.36
C ARG RE 65 143.28 38.78 -119.33
N ARG RE 66 143.06 40.09 -119.55
CA ARG RE 66 142.39 40.92 -118.56
C ARG RE 66 140.96 41.26 -118.90
N SER RE 67 140.55 41.14 -120.16
CA SER RE 67 139.21 41.56 -120.55
C SER RE 67 138.20 40.42 -120.41
N GLY RE 68 138.45 39.31 -121.09
CA GLY RE 68 137.51 38.21 -121.07
C GLY RE 68 137.53 37.40 -119.78
N GLN RE 69 137.35 38.07 -118.64
CA GLN RE 69 137.34 37.37 -117.37
C GLN RE 69 136.15 36.41 -117.28
N ARG RE 70 135.01 36.82 -117.80
CA ARG RE 70 133.78 36.05 -117.71
C ARG RE 70 133.57 35.11 -118.89
N LYS RE 71 134.54 35.01 -119.79
CA LYS RE 71 134.40 34.26 -121.03
C LYS RE 71 135.58 33.31 -121.20
N PRO RE 72 135.49 32.08 -120.69
CA PRO RE 72 136.64 31.17 -120.76
C PRO RE 72 137.01 30.75 -122.18
N ALA RE 73 136.11 30.90 -123.15
CA ALA RE 73 136.42 30.51 -124.52
C ALA RE 73 137.63 31.25 -125.04
N THR RE 74 137.79 32.52 -124.65
CA THR RE 74 138.93 33.33 -125.04
C THR RE 74 139.63 33.96 -123.85
N SER RE 75 139.64 33.28 -122.71
CA SER RE 75 140.29 33.82 -121.51
C SER RE 75 141.72 33.33 -121.33
N TYR RE 76 142.23 32.53 -122.27
CA TYR RE 76 143.60 32.04 -122.19
C TYR RE 76 144.25 32.09 -123.56
N VAL RE 77 145.43 32.66 -123.63
CA VAL RE 77 146.23 32.69 -124.85
C VAL RE 77 147.39 31.71 -124.68
N ARG RE 78 147.45 30.72 -125.55
CA ARG RE 78 148.42 29.63 -125.44
C ARG RE 78 149.40 29.74 -126.60
N THR RE 79 150.67 29.58 -126.29
CA THR RE 79 151.74 29.56 -127.29
C THR RE 79 152.78 28.52 -126.90
N THR RE 80 153.44 27.94 -127.88
CA THR RE 80 154.37 26.85 -127.66
C THR RE 80 155.80 27.29 -127.93
N ILE RE 81 156.73 26.75 -127.15
CA ILE RE 81 158.14 27.04 -127.27
C ILE RE 81 158.90 25.73 -127.45
N ASN RE 82 159.71 25.64 -128.49
CA ASN RE 82 160.42 24.41 -128.85
C ASN RE 82 161.88 24.74 -129.14
N LYS RE 83 162.50 25.53 -128.29
CA LYS RE 83 163.90 25.90 -128.42
C LYS RE 83 164.71 25.31 -127.27
N ASN RE 84 166.00 25.62 -127.24
CA ASN RE 84 166.90 25.06 -126.23
C ASN RE 84 166.48 25.54 -124.84
N ALA RE 85 166.78 24.70 -123.84
CA ALA RE 85 166.26 24.95 -122.49
C ALA RE 85 166.68 26.32 -121.98
N ARG RE 86 167.99 26.61 -121.98
CA ARG RE 86 168.46 27.90 -121.49
C ARG RE 86 167.73 29.05 -122.15
N ALA RE 87 167.47 28.94 -123.45
CA ALA RE 87 166.67 29.96 -124.12
C ALA RE 87 165.24 29.98 -123.62
N THR RE 88 164.69 28.81 -123.27
CA THR RE 88 163.29 28.76 -122.86
C THR RE 88 163.06 29.52 -121.56
N LEU RE 89 163.73 29.12 -120.48
CA LEU RE 89 163.47 29.76 -119.20
C LEU RE 89 163.77 31.25 -119.25
N SER RE 90 164.87 31.63 -119.91
CA SER RE 90 165.13 33.06 -120.10
C SER RE 90 163.99 33.72 -120.87
N SER RE 91 163.48 33.04 -121.90
CA SER RE 91 162.30 33.55 -122.59
C SER RE 91 161.09 33.53 -121.67
N ILE RE 92 160.92 32.46 -120.89
CA ILE RE 92 159.83 32.42 -119.91
C ILE RE 92 160.01 33.53 -118.90
N ARG RE 93 161.23 33.71 -118.38
CA ARG RE 93 161.46 34.70 -117.34
C ARG RE 93 161.00 36.08 -117.79
N HIS RE 94 161.05 36.35 -119.09
CA HIS RE 94 160.65 37.66 -119.58
C HIS RE 94 159.14 37.82 -119.59
N MET RE 95 158.39 36.71 -119.70
CA MET RE 95 156.94 36.82 -119.60
C MET RE 95 156.50 37.36 -118.25
N ILE RE 96 157.10 36.87 -117.17
CA ILE RE 96 156.65 37.28 -115.84
C ILE RE 96 157.30 38.59 -115.42
N ARG RE 97 158.63 38.58 -115.27
CA ARG RE 97 159.30 39.71 -114.63
C ARG RE 97 159.18 40.97 -115.47
N LYS RE 98 159.47 40.88 -116.77
CA LYS RE 98 159.45 42.07 -117.59
C LYS RE 98 158.04 42.62 -117.74
N ASN RE 99 157.04 41.74 -117.85
CA ASN RE 99 155.67 42.19 -118.01
C ASN RE 99 154.96 42.41 -116.69
N LYS RE 100 155.61 42.11 -115.57
CA LYS RE 100 155.00 42.25 -114.24
C LYS RE 100 153.74 41.40 -114.10
N TYR RE 101 153.63 40.35 -114.91
CA TYR RE 101 152.46 39.47 -114.89
C TYR RE 101 152.64 38.49 -113.74
N ARG RE 102 152.22 38.92 -112.55
CA ARG RE 102 152.33 38.12 -111.33
C ARG RE 102 153.76 37.68 -111.09
N PRO RE 103 154.65 38.59 -110.72
CA PRO RE 103 156.05 38.21 -110.50
C PRO RE 103 156.25 37.46 -109.20
N ASP RE 104 155.38 36.48 -108.93
CA ASP RE 104 155.52 35.61 -107.78
C ASP RE 104 155.61 34.14 -108.15
N LEU RE 105 154.97 33.72 -109.25
CA LEU RE 105 155.15 32.38 -109.78
C LEU RE 105 156.31 32.29 -110.76
N ARG RE 106 157.14 33.33 -110.82
CA ARG RE 106 158.22 33.39 -111.79
C ARG RE 106 159.06 32.11 -111.75
N MET RE 107 159.48 31.71 -110.56
CA MET RE 107 160.31 30.51 -110.46
C MET RE 107 159.48 29.24 -110.53
N ALA RE 108 158.26 29.27 -109.98
CA ALA RE 108 157.39 28.10 -110.10
C ALA RE 108 157.20 27.71 -111.55
N ALA RE 109 157.12 28.70 -112.44
CA ALA RE 109 157.07 28.40 -113.87
C ALA RE 109 158.37 27.77 -114.34
N ILE RE 110 159.48 28.48 -114.20
CA ILE RE 110 160.75 27.99 -114.73
C ILE RE 110 161.16 26.69 -114.05
N ARG RE 111 160.85 26.55 -112.75
CA ARG RE 111 161.07 25.27 -112.11
C ARG RE 111 160.22 24.18 -112.75
N ARG RE 112 158.94 24.48 -112.98
CA ARG RE 112 158.08 23.54 -113.70
C ARG RE 112 158.55 23.36 -115.13
N ALA RE 113 158.96 24.45 -115.78
CA ALA RE 113 159.47 24.35 -117.14
C ALA RE 113 160.73 23.50 -117.21
N SER RE 114 161.63 23.66 -116.25
CA SER RE 114 162.83 22.84 -116.22
C SER RE 114 162.47 21.37 -116.06
N ALA RE 115 161.47 21.07 -115.24
CA ALA RE 115 161.08 19.68 -115.03
C ALA RE 115 160.52 19.06 -116.30
N ILE RE 116 159.58 19.73 -116.95
CA ILE RE 116 158.91 19.13 -118.10
C ILE RE 116 159.89 18.91 -119.24
N LEU RE 117 160.77 19.89 -119.48
CA LEU RE 117 161.79 19.72 -120.50
C LEU RE 117 162.69 18.54 -120.19
N ARG RE 118 163.08 18.38 -118.93
CA ARG RE 118 163.91 17.25 -118.57
C ARG RE 118 163.14 15.94 -118.67
N SER RE 119 161.81 16.01 -118.67
CA SER RE 119 161.01 14.81 -118.87
C SER RE 119 161.02 14.34 -120.32
N GLN RE 120 161.04 15.27 -121.28
CA GLN RE 120 160.90 14.88 -122.67
C GLN RE 120 162.16 14.27 -123.25
N LYS RE 121 163.33 14.72 -122.79
CA LYS RE 121 164.57 14.12 -123.29
C LYS RE 121 164.65 12.66 -122.88
N PRO RE 122 165.12 11.80 -123.76
CA PRO RE 122 164.99 10.36 -123.53
C PRO RE 122 165.80 9.89 -122.33
N VAL RE 123 165.26 8.86 -121.66
CA VAL RE 123 165.94 8.28 -120.52
C VAL RE 123 167.16 7.50 -120.99
N MET RE 124 168.13 7.33 -120.10
CA MET RE 124 169.33 6.55 -120.38
C MET RE 124 169.25 5.25 -119.61
N VAL RE 125 169.50 4.14 -120.31
CA VAL RE 125 169.46 2.83 -119.68
C VAL RE 125 170.75 2.55 -118.93
N MET SE 1 39.64 -15.38 58.32
CA MET SE 1 40.49 -14.55 57.49
C MET SE 1 41.95 -14.61 57.92
N GLY SE 2 42.63 -15.68 57.53
CA GLY SE 2 44.05 -15.84 57.80
C GLY SE 2 44.39 -16.53 59.11
N ARG SE 3 43.42 -17.01 59.88
CA ARG SE 3 43.65 -17.51 61.23
C ARG SE 3 43.13 -18.93 61.36
N VAL SE 4 43.57 -19.82 60.46
CA VAL SE 4 43.19 -21.22 60.55
C VAL SE 4 43.54 -21.76 61.93
N ARG SE 5 42.66 -22.60 62.47
CA ARG SE 5 42.89 -23.17 63.78
C ARG SE 5 43.58 -24.53 63.64
N THR SE 6 44.64 -24.73 64.41
CA THR SE 6 45.51 -25.87 64.25
C THR SE 6 44.86 -27.12 64.81
N LYS SE 7 45.61 -28.22 64.80
CA LYS SE 7 45.10 -29.49 65.31
C LYS SE 7 44.81 -29.41 66.81
N THR SE 8 45.73 -28.83 67.57
CA THR SE 8 45.59 -28.83 69.03
C THR SE 8 44.28 -28.19 69.45
N VAL SE 9 43.96 -27.02 68.92
CA VAL SE 9 42.72 -26.36 69.27
C VAL SE 9 41.53 -27.15 68.74
N LYS SE 10 41.65 -27.70 67.53
CA LYS SE 10 40.56 -28.48 66.96
C LYS SE 10 40.35 -29.78 67.73
N LYS SE 11 41.44 -30.41 68.18
CA LYS SE 11 41.31 -31.63 68.97
C LYS SE 11 40.77 -31.33 70.36
N ALA SE 12 41.29 -30.27 70.99
CA ALA SE 12 40.87 -29.95 72.36
C ALA SE 12 39.41 -29.54 72.40
N ALA SE 13 38.95 -28.80 71.39
CA ALA SE 13 37.56 -28.37 71.38
C ALA SE 13 36.61 -29.54 71.19
N ARG SE 14 37.01 -30.53 70.38
CA ARG SE 14 36.11 -31.64 70.08
C ARG SE 14 35.76 -32.44 71.33
N VAL SE 15 36.73 -32.68 72.20
CA VAL SE 15 36.45 -33.44 73.41
C VAL SE 15 35.60 -32.63 74.38
N ILE SE 16 35.75 -31.30 74.37
CA ILE SE 16 34.96 -30.47 75.29
C ILE SE 16 33.47 -30.66 75.02
N ILE SE 17 33.07 -30.52 73.76
CA ILE SE 17 31.65 -30.62 73.40
C ILE SE 17 31.13 -32.03 73.69
N GLU SE 18 31.96 -33.03 73.40
CA GLU SE 18 31.56 -34.40 73.72
C GLU SE 18 31.40 -34.61 75.21
N LYS SE 19 32.28 -34.00 76.02
CA LYS SE 19 32.30 -34.28 77.44
C LYS SE 19 31.30 -33.42 78.19
N TYR SE 20 31.41 -32.09 78.08
CA TYR SE 20 30.64 -31.19 78.92
C TYR SE 20 29.62 -30.43 78.09
N TYR SE 21 28.92 -31.16 77.21
CA TYR SE 21 27.87 -30.56 76.40
C TYR SE 21 26.87 -29.82 77.28
N THR SE 22 26.51 -30.42 78.42
CA THR SE 22 25.52 -29.81 79.31
C THR SE 22 26.00 -28.49 79.88
N ARG SE 23 27.23 -28.45 80.40
CA ARG SE 23 27.75 -27.22 81.00
C ARG SE 23 28.07 -26.16 79.96
N LEU SE 24 28.07 -26.52 78.68
CA LEU SE 24 28.56 -25.64 77.64
C LEU SE 24 27.44 -24.73 77.13
N GLY SE 25 27.82 -23.51 76.72
CA GLY SE 25 26.86 -22.52 76.29
C GLY SE 25 27.14 -21.92 74.94
N ASN SE 26 26.52 -20.78 74.64
CA ASN SE 26 26.60 -20.15 73.32
C ASN SE 26 27.47 -18.90 73.32
N ASP SE 27 27.29 -18.03 74.30
CA ASP SE 27 28.07 -16.80 74.35
C ASP SE 27 29.56 -17.13 74.46
N PHE SE 28 30.35 -16.49 73.61
CA PHE SE 28 31.77 -16.81 73.52
C PHE SE 28 32.46 -16.63 74.87
N HIS SE 29 32.20 -15.51 75.55
CA HIS SE 29 32.81 -15.27 76.84
C HIS SE 29 32.36 -16.30 77.87
N THR SE 30 31.09 -16.73 77.81
CA THR SE 30 30.64 -17.79 78.70
C THR SE 30 31.43 -19.07 78.45
N ASN SE 31 31.59 -19.46 77.19
CA ASN SE 31 32.43 -20.60 76.88
C ASN SE 31 33.89 -20.30 77.21
N LYS SE 32 34.30 -19.05 77.08
CA LYS SE 32 35.63 -18.67 77.57
C LYS SE 32 35.72 -18.88 79.08
N ARG SE 33 34.66 -18.52 79.81
CA ARG SE 33 34.69 -18.68 81.26
C ARG SE 33 34.68 -20.15 81.67
N VAL SE 34 33.88 -20.97 81.00
CA VAL SE 34 33.74 -22.35 81.44
C VAL SE 34 35.05 -23.10 81.25
N CYS SE 35 35.73 -22.91 80.12
CA CYS SE 35 36.92 -23.72 79.84
C CYS SE 35 38.07 -23.40 80.78
N GLU SE 36 38.00 -22.30 81.52
CA GLU SE 36 39.12 -21.90 82.37
C GLU SE 36 39.41 -22.94 83.45
N GLU SE 37 38.37 -23.49 84.08
CA GLU SE 37 38.56 -24.37 85.23
C GLU SE 37 38.32 -25.84 84.95
N ILE SE 38 37.46 -26.19 83.99
CA ILE SE 38 37.22 -27.60 83.74
C ILE SE 38 38.36 -28.20 82.92
N ALA SE 39 39.22 -27.37 82.35
CA ALA SE 39 40.40 -27.82 81.64
C ALA SE 39 41.49 -26.78 81.83
N ILE SE 40 42.72 -27.24 82.02
CA ILE SE 40 43.83 -26.31 82.26
C ILE SE 40 44.42 -25.87 80.94
N ILE SE 41 44.56 -24.57 80.76
CA ILE SE 41 45.17 -23.98 79.57
C ILE SE 41 46.21 -22.97 80.04
N PRO SE 42 47.48 -23.25 79.89
CA PRO SE 42 48.53 -22.30 80.33
C PRO SE 42 48.82 -21.21 79.30
N SER SE 43 47.77 -20.60 78.77
CA SER SE 43 47.92 -19.55 77.77
C SER SE 43 46.58 -18.84 77.59
N LYS SE 44 46.61 -17.50 77.64
CA LYS SE 44 45.41 -16.73 77.34
C LYS SE 44 44.96 -16.96 75.91
N LYS SE 45 45.88 -16.78 74.95
CA LYS SE 45 45.52 -16.81 73.55
C LYS SE 45 44.96 -18.18 73.15
N LEU SE 46 45.63 -19.26 73.59
CA LEU SE 46 45.11 -20.59 73.31
C LEU SE 46 43.75 -20.79 73.98
N ARG SE 47 43.59 -20.29 75.20
CA ARG SE 47 42.31 -20.39 75.88
C ARG SE 47 41.22 -19.65 75.13
N ASN SE 48 41.56 -18.47 74.59
CA ASN SE 48 40.53 -17.70 73.90
C ASN SE 48 40.18 -18.33 72.56
N LYS SE 49 41.18 -18.76 71.79
CA LYS SE 49 40.87 -19.39 70.51
C LYS SE 49 40.23 -20.76 70.71
N ILE SE 50 40.49 -21.41 71.85
CA ILE SE 50 39.76 -22.64 72.16
C ILE SE 50 38.28 -22.33 72.33
N ALA SE 51 37.97 -21.19 72.96
CA ALA SE 51 36.58 -20.80 73.14
C ALA SE 51 35.93 -20.46 71.80
N GLY SE 52 36.68 -19.79 70.91
CA GLY SE 52 36.12 -19.43 69.62
C GLY SE 52 35.69 -20.64 68.81
N TYR SE 53 36.54 -21.67 68.79
CA TYR SE 53 36.12 -22.90 68.13
C TYR SE 53 34.96 -23.56 68.86
N VAL SE 54 35.04 -23.67 70.18
CA VAL SE 54 33.87 -24.15 70.93
C VAL SE 54 32.67 -23.27 70.66
N THR SE 55 32.88 -21.96 70.56
CA THR SE 55 31.82 -21.08 70.08
C THR SE 55 31.41 -21.46 68.67
N HIS SE 56 32.38 -21.77 67.81
CA HIS SE 56 32.09 -22.06 66.41
C HIS SE 56 31.27 -23.33 66.26
N LEU SE 57 31.51 -24.33 67.13
CA LEU SE 57 30.78 -25.58 66.97
C LEU SE 57 29.33 -25.48 67.41
N MET SE 58 29.05 -24.88 68.58
CA MET SE 58 27.68 -24.98 69.07
C MET SE 58 26.71 -24.21 68.18
N LYS SE 59 27.23 -23.39 67.28
CA LYS SE 59 26.41 -22.85 66.19
C LYS SE 59 26.44 -23.74 64.95
N ARG SE 60 27.02 -24.93 65.04
CA ARG SE 60 26.97 -25.92 63.97
C ARG SE 60 26.27 -27.19 64.42
N ILE SE 61 26.66 -27.73 65.58
CA ILE SE 61 26.13 -29.00 66.06
C ILE SE 61 24.65 -28.90 66.37
N GLN SE 62 24.20 -27.76 66.88
CA GLN SE 62 22.82 -27.64 67.35
C GLN SE 62 21.82 -27.88 66.22
N ARG SE 63 22.23 -27.74 64.98
CA ARG SE 63 21.36 -27.93 63.83
C ARG SE 63 21.64 -29.19 63.05
N GLY SE 64 22.82 -29.78 63.19
CA GLY SE 64 23.18 -30.95 62.45
C GLY SE 64 24.16 -31.85 63.19
N PRO SE 65 24.33 -33.07 62.69
CA PRO SE 65 25.23 -34.03 63.36
C PRO SE 65 26.68 -33.77 63.00
N VAL SE 66 27.44 -33.26 63.97
CA VAL SE 66 28.86 -32.98 63.81
C VAL SE 66 29.60 -33.55 65.00
N ARG SE 67 30.86 -33.90 64.79
CA ARG SE 67 31.67 -34.49 65.85
C ARG SE 67 31.95 -33.43 66.93
N GLY SE 68 31.61 -33.75 68.17
CA GLY SE 68 30.98 -35.00 68.54
C GLY SE 68 31.95 -36.16 68.67
N ILE SE 69 31.40 -37.35 68.92
CA ILE SE 69 29.96 -37.52 69.04
C ILE SE 69 29.60 -37.85 70.50
N SER SE 70 28.98 -36.90 71.18
CA SER SE 70 28.77 -37.03 72.62
C SER SE 70 27.76 -38.13 72.90
N ILE SE 71 27.84 -38.69 74.11
CA ILE SE 71 27.02 -39.85 74.45
C ILE SE 71 25.54 -39.52 74.38
N LYS SE 72 25.13 -38.34 74.86
CA LYS SE 72 23.73 -38.10 75.19
C LYS SE 72 22.86 -37.78 73.98
N LEU SE 73 23.43 -37.45 72.82
CA LEU SE 73 22.61 -36.94 71.73
C LEU SE 73 22.28 -37.97 70.66
N GLN SE 74 23.23 -38.78 70.20
CA GLN SE 74 22.91 -39.69 69.12
C GLN SE 74 22.01 -40.83 69.58
N GLU SE 75 22.09 -41.20 70.87
CA GLU SE 75 21.21 -42.27 71.35
C GLU SE 75 19.75 -41.85 71.24
N GLU SE 76 19.45 -40.59 71.55
CA GLU SE 76 18.09 -40.12 71.32
C GLU SE 76 17.86 -39.77 69.85
N GLU SE 77 18.93 -39.46 69.11
CA GLU SE 77 18.79 -39.34 67.66
C GLU SE 77 18.44 -40.69 67.04
N ARG SE 78 19.23 -41.72 67.36
CA ARG SE 78 18.96 -43.05 66.84
C ARG SE 78 17.68 -43.63 67.41
N GLU SE 79 17.32 -43.25 68.65
CA GLU SE 79 16.09 -43.74 69.24
C GLU SE 79 14.89 -43.36 68.39
N ARG SE 80 14.83 -42.11 67.95
CA ARG SE 80 13.76 -41.69 67.05
C ARG SE 80 13.83 -42.44 65.72
N ARG SE 81 15.02 -42.97 65.40
CA ARG SE 81 15.17 -43.66 64.13
C ARG SE 81 14.52 -45.05 64.16
N ASP SE 82 14.54 -45.72 65.32
CA ASP SE 82 13.79 -46.96 65.44
C ASP SE 82 12.30 -46.74 65.25
N ASN SE 83 11.83 -45.51 65.44
CA ASN SE 83 10.42 -45.19 65.30
C ASN SE 83 10.01 -45.30 63.84
N TYR SE 84 8.73 -45.02 63.57
CA TYR SE 84 8.14 -45.10 62.24
C TYR SE 84 8.37 -46.47 61.61
N VAL SE 85 8.35 -47.51 62.44
CA VAL SE 85 8.12 -48.84 61.91
C VAL SE 85 6.64 -48.86 61.54
N PRO SE 86 6.30 -49.06 60.28
CA PRO SE 86 4.95 -48.71 59.80
C PRO SE 86 3.87 -49.50 60.51
N GLU SE 87 2.73 -48.83 60.72
CA GLU SE 87 1.57 -49.48 61.30
C GLU SE 87 1.04 -50.58 60.39
N VAL SE 88 1.29 -50.46 59.10
CA VAL SE 88 0.95 -51.48 58.11
C VAL SE 88 2.25 -51.96 57.50
N SER SE 89 2.45 -53.28 57.46
CA SER SE 89 3.72 -53.83 56.98
C SER SE 89 3.99 -53.35 55.57
N ALA SE 90 5.27 -53.03 55.31
CA ALA SE 90 5.66 -52.48 54.02
C ALA SE 90 5.37 -53.42 52.87
N LEU SE 91 5.19 -54.71 53.12
CA LEU SE 91 4.93 -55.70 52.06
C LEU SE 91 3.70 -56.53 52.42
N ASP SE 92 2.52 -55.96 52.16
CA ASP SE 92 1.28 -56.72 52.22
C ASP SE 92 0.29 -56.26 51.16
N GLN SE 93 0.78 -55.72 50.04
CA GLN SE 93 -0.09 -55.03 49.10
C GLN SE 93 -1.10 -55.94 48.42
N GLU SE 94 -0.91 -57.26 48.50
CA GLU SE 94 -1.86 -58.25 47.99
C GLU SE 94 -1.88 -58.25 46.46
N ILE SE 95 -1.19 -57.29 45.85
CA ILE SE 95 -1.02 -57.22 44.41
C ILE SE 95 0.47 -57.09 44.13
N ILE SE 96 1.04 -58.09 43.48
CA ILE SE 96 2.45 -58.09 43.12
C ILE SE 96 2.53 -58.12 41.60
N GLU SE 97 3.27 -57.17 41.03
CA GLU SE 97 3.43 -57.07 39.57
C GLU SE 97 4.43 -58.11 39.12
N VAL SE 98 3.94 -59.33 38.86
CA VAL SE 98 4.82 -60.40 38.42
C VAL SE 98 4.75 -60.48 36.90
N ASP SE 99 5.73 -61.13 36.32
CA ASP SE 99 5.86 -61.38 34.91
C ASP SE 99 5.87 -62.89 34.63
N PRO SE 100 5.75 -63.28 33.36
CA PRO SE 100 5.64 -64.72 33.06
C PRO SE 100 6.76 -65.56 33.63
N ASP SE 101 7.99 -65.05 33.60
CA ASP SE 101 9.14 -65.87 33.96
C ASP SE 101 9.11 -66.35 35.40
N THR SE 102 8.86 -65.45 36.33
CA THR SE 102 8.80 -65.88 37.72
C THR SE 102 7.55 -66.71 37.95
N LYS SE 103 6.49 -66.45 37.18
CA LYS SE 103 5.29 -67.28 37.27
C LYS SE 103 5.61 -68.71 36.89
N GLU SE 104 6.46 -68.90 35.87
CA GLU SE 104 7.01 -70.23 35.63
C GLU SE 104 7.82 -70.72 36.82
N MET SE 105 8.63 -69.86 37.42
CA MET SE 105 9.37 -70.25 38.62
C MET SE 105 8.43 -70.62 39.75
N LEU SE 106 7.36 -69.84 39.94
CA LEU SE 106 6.45 -70.11 41.05
C LEU SE 106 5.79 -71.48 40.95
N LYS SE 107 5.37 -71.92 39.76
CA LYS SE 107 4.84 -73.28 39.66
C LYS SE 107 5.94 -74.31 39.77
N LEU SE 108 7.19 -73.92 39.48
CA LEU SE 108 8.31 -74.84 39.75
C LEU SE 108 8.51 -74.98 41.25
N LEU SE 109 8.21 -73.93 42.01
CA LEU SE 109 8.18 -74.03 43.47
C LEU SE 109 6.87 -74.59 43.99
N ASP SE 110 5.98 -75.04 43.10
CA ASP SE 110 4.79 -75.85 43.40
C ASP SE 110 3.67 -75.06 44.08
N PHE SE 111 3.79 -73.74 44.21
CA PHE SE 111 2.71 -72.94 44.77
C PHE SE 111 2.53 -71.65 43.97
N GLY SE 112 2.52 -71.77 42.65
CA GLY SE 112 2.46 -70.59 41.80
C GLY SE 112 1.11 -69.94 41.63
N SER SE 113 0.03 -70.59 42.03
CA SER SE 113 -1.31 -70.05 41.81
C SER SE 113 -2.15 -69.93 43.06
N LEU SE 114 -1.73 -70.50 44.19
CA LEU SE 114 -2.52 -70.42 45.41
C LEU SE 114 -2.38 -69.09 46.11
N SER SE 115 -1.54 -68.19 45.62
CA SER SE 115 -1.47 -66.83 46.13
C SER SE 115 -2.29 -65.92 45.22
N ASN SE 116 -2.27 -64.61 45.48
CA ASN SE 116 -3.00 -63.68 44.63
C ASN SE 116 -2.22 -63.41 43.34
N LEU SE 117 -1.07 -62.74 43.46
CA LEU SE 117 0.01 -62.78 42.47
C LEU SE 117 -0.52 -62.63 41.04
N GLN SE 118 -1.02 -61.43 40.75
CA GLN SE 118 -1.47 -61.12 39.40
C GLN SE 118 -0.28 -60.93 38.46
N VAL SE 119 -0.48 -61.26 37.19
CA VAL SE 119 0.59 -61.31 36.20
C VAL SE 119 0.49 -60.13 35.26
N THR SE 120 1.64 -59.55 34.90
CA THR SE 120 1.71 -58.49 33.91
C THR SE 120 2.33 -59.00 32.62
N GLN SE 121 2.39 -58.12 31.62
CA GLN SE 121 2.86 -58.48 30.29
C GLN SE 121 4.35 -58.22 30.14
N PRO SE 122 5.02 -58.95 29.26
CA PRO SE 122 6.47 -58.73 29.05
C PRO SE 122 6.73 -57.40 28.36
N THR SE 123 8.01 -57.00 28.40
CA THR SE 123 8.40 -55.68 27.91
C THR SE 123 8.36 -55.58 26.39
N VAL SE 124 8.77 -56.64 25.69
CA VAL SE 124 8.94 -56.73 24.23
C VAL SE 124 9.92 -55.69 23.72
N GLY SE 125 10.59 -56.00 22.60
CA GLY SE 125 11.52 -55.11 21.95
C GLY SE 125 12.98 -55.37 22.28
N MET SE 126 13.27 -55.81 23.50
CA MET SE 126 14.64 -56.05 23.95
C MET SE 126 15.49 -54.80 23.72
N ASN SE 127 15.04 -53.68 24.27
CA ASN SE 127 15.70 -52.40 24.08
C ASN SE 127 16.49 -51.94 25.29
N PHE SE 128 17.06 -52.87 26.05
CA PHE SE 128 17.95 -52.55 27.15
C PHE SE 128 19.34 -52.24 26.58
N LYS SE 129 20.36 -52.22 27.44
CA LYS SE 129 21.75 -52.12 26.98
C LYS SE 129 21.99 -50.81 26.23
N THR SE 130 22.04 -49.73 27.02
CA THR SE 130 22.29 -48.35 26.60
C THR SE 130 23.29 -48.28 25.44
N PRO SE 131 23.05 -47.42 24.44
CA PRO SE 131 23.77 -47.56 23.17
C PRO SE 131 25.27 -47.41 23.33
N ARG SE 132 26.01 -48.09 22.45
CA ARG SE 132 27.44 -48.31 22.64
C ARG SE 132 28.24 -47.06 22.34
N GLY SE 133 28.95 -46.56 23.34
CA GLY SE 133 29.91 -45.50 23.17
C GLY SE 133 29.32 -44.18 22.70
N PRO SE 134 30.18 -43.18 22.53
CA PRO SE 134 29.71 -41.90 21.97
C PRO SE 134 29.23 -42.08 20.54
N VAL SE 135 28.23 -41.30 20.17
CA VAL SE 135 27.60 -41.37 18.84
C VAL SE 135 27.12 -42.77 18.54
N MET TE 1 82.29 0.31 103.04
CA MET TE 1 81.54 1.43 103.57
C MET TE 1 82.01 2.74 102.96
N ALA TE 2 83.33 2.88 102.80
CA ALA TE 2 83.87 4.08 102.17
C ALA TE 2 83.65 4.05 100.66
N VAL TE 3 83.77 2.88 100.03
CA VAL TE 3 83.58 2.72 98.60
C VAL TE 3 82.67 1.52 98.37
N GLN TE 4 81.63 1.72 97.55
CA GLN TE 4 80.65 0.69 97.27
C GLN TE 4 80.54 0.49 95.76
N ILE TE 5 80.07 -0.70 95.38
CA ILE TE 5 79.91 -1.07 93.99
C ILE TE 5 78.52 -0.69 93.52
N SER TE 6 78.42 -0.24 92.27
CA SER TE 6 77.12 0.09 91.70
C SER TE 6 76.26 -1.17 91.57
N LYS TE 7 74.95 -0.97 91.55
CA LYS TE 7 74.02 -2.09 91.54
C LYS TE 7 74.25 -3.00 90.33
N LYS TE 8 74.31 -2.42 89.14
CA LYS TE 8 74.47 -3.22 87.93
C LYS TE 8 75.73 -4.06 88.02
N ARG TE 9 76.84 -3.45 88.45
CA ARG TE 9 78.09 -4.19 88.57
C ARG TE 9 78.01 -5.27 89.64
N LYS TE 10 77.32 -4.99 90.75
CA LYS TE 10 77.24 -5.97 91.83
C LYS TE 10 76.61 -7.27 91.34
N PHE TE 11 75.46 -7.18 90.68
CA PHE TE 11 74.83 -8.39 90.16
C PHE TE 11 75.69 -9.05 89.11
N VAL TE 12 76.36 -8.25 88.28
CA VAL TE 12 77.34 -8.78 87.34
C VAL TE 12 78.46 -9.49 88.09
N ALA TE 13 78.98 -8.85 89.14
CA ALA TE 13 80.08 -9.44 89.90
C ALA TE 13 79.67 -10.76 90.55
N ASP TE 14 78.47 -10.80 91.12
CA ASP TE 14 78.00 -12.04 91.73
C ASP TE 14 77.85 -13.14 90.69
N GLY TE 15 77.36 -12.80 89.49
CA GLY TE 15 77.34 -13.76 88.41
C GLY TE 15 78.73 -14.27 88.08
N ILE TE 16 79.72 -13.38 88.14
CA ILE TE 16 81.10 -13.80 87.91
C ILE TE 16 81.54 -14.80 88.97
N PHE TE 17 81.23 -14.52 90.24
CA PHE TE 17 81.64 -15.42 91.31
C PHE TE 17 80.98 -16.79 91.16
N LYS TE 18 79.68 -16.81 90.83
CA LYS TE 18 79.01 -18.08 90.61
C LYS TE 18 79.63 -18.83 89.44
N ALA TE 19 79.95 -18.11 88.36
CA ALA TE 19 80.53 -18.77 87.19
C ALA TE 19 81.90 -19.35 87.50
N GLU TE 20 82.71 -18.63 88.27
CA GLU TE 20 84.07 -19.10 88.54
C GLU TE 20 84.06 -20.37 89.36
N LEU TE 21 83.34 -20.40 90.48
CA LEU TE 21 83.37 -21.58 91.34
C LEU TE 21 82.73 -22.78 90.66
N ASN TE 22 81.80 -22.53 89.74
CA ASN TE 22 81.14 -23.63 89.04
C ASN TE 22 82.14 -24.41 88.19
N GLU TE 23 82.91 -23.72 87.34
CA GLU TE 23 83.88 -24.40 86.50
C GLU TE 23 85.06 -24.90 87.33
N PHE TE 24 85.49 -24.10 88.31
CA PHE TE 24 86.60 -24.51 89.17
C PHE TE 24 86.32 -25.85 89.84
N LEU TE 25 85.14 -25.99 90.43
CA LEU TE 25 84.81 -27.26 91.08
C LEU TE 25 84.54 -28.33 90.03
N THR TE 26 84.12 -27.93 88.84
CA THR TE 26 83.88 -28.90 87.77
C THR TE 26 85.17 -29.60 87.37
N ARG TE 27 86.25 -28.84 87.20
CA ARG TE 27 87.55 -29.46 86.95
C ARG TE 27 88.00 -30.27 88.16
N GLU TE 28 87.47 -29.93 89.34
CA GLU TE 28 87.82 -30.66 90.55
C GLU TE 28 86.96 -31.92 90.72
N LEU TE 29 85.64 -31.78 90.56
CA LEU TE 29 84.71 -32.87 90.85
C LEU TE 29 83.99 -33.35 89.60
N ALA TE 30 84.71 -33.52 88.49
CA ALA TE 30 84.07 -34.03 87.27
C ALA TE 30 83.75 -35.51 87.41
N GLU TE 31 84.73 -36.29 87.90
CA GLU TE 31 84.54 -37.74 88.01
C GLU TE 31 83.56 -38.10 89.12
N ASP TE 32 83.45 -37.28 90.16
CA ASP TE 32 82.66 -37.60 91.33
C ASP TE 32 81.21 -37.16 91.23
N GLY TE 33 80.70 -36.97 90.01
CA GLY TE 33 79.29 -36.69 89.83
C GLY TE 33 78.87 -35.31 90.31
N TYR TE 34 79.28 -34.27 89.57
CA TYR TE 34 78.96 -32.89 89.96
C TYR TE 34 77.46 -32.70 90.14
N SER TE 35 76.69 -32.85 89.05
CA SER TE 35 75.23 -32.65 89.07
C SER TE 35 74.85 -31.28 89.60
N GLY TE 36 75.60 -30.26 89.22
CA GLY TE 36 75.25 -28.89 89.53
C GLY TE 36 75.69 -28.46 90.92
N VAL TE 37 75.62 -27.14 91.14
CA VAL TE 37 75.98 -26.51 92.40
C VAL TE 37 74.97 -25.40 92.65
N GLU TE 38 74.90 -24.95 93.90
CA GLU TE 38 73.96 -23.90 94.27
C GLU TE 38 74.63 -22.96 95.26
N VAL TE 39 74.49 -21.66 95.03
CA VAL TE 39 75.07 -20.63 95.89
C VAL TE 39 73.95 -19.98 96.69
N ARG TE 40 74.12 -19.92 98.00
CA ARG TE 40 73.12 -19.39 98.93
C ARG TE 40 73.73 -18.16 99.59
N VAL TE 41 73.15 -16.99 99.32
CA VAL TE 41 73.76 -15.73 99.70
C VAL TE 41 72.97 -15.10 100.84
N THR TE 42 73.72 -14.66 101.86
CA THR TE 42 73.22 -13.96 103.04
C THR TE 42 74.31 -13.00 103.48
N PRO TE 43 74.01 -11.71 103.70
CA PRO TE 43 75.10 -10.72 103.80
C PRO TE 43 75.88 -10.81 105.10
N THR TE 44 75.66 -11.86 105.89
CA THR TE 44 76.46 -12.11 107.08
C THR TE 44 77.30 -13.37 106.95
N ARG TE 45 76.83 -14.36 106.19
CA ARG TE 45 77.53 -15.63 106.03
C ARG TE 45 76.95 -16.33 104.83
N THR TE 46 77.80 -16.66 103.85
CA THR TE 46 77.35 -17.30 102.63
C THR TE 46 77.66 -18.79 102.66
N GLU TE 47 76.83 -19.57 101.96
CA GLU TE 47 77.02 -21.01 101.86
C GLU TE 47 76.74 -21.43 100.43
N ILE TE 48 77.45 -22.45 99.97
CA ILE TE 48 77.35 -22.94 98.60
C ILE TE 48 77.09 -24.43 98.66
N ILE TE 49 75.92 -24.84 98.17
CA ILE TE 49 75.48 -26.23 98.26
C ILE TE 49 76.05 -27.01 97.08
N ILE TE 50 76.68 -28.15 97.38
CA ILE TE 50 77.19 -29.05 96.35
C ILE TE 50 76.17 -30.15 96.15
N LEU TE 51 75.88 -30.45 94.89
CA LEU TE 51 74.84 -31.41 94.52
C LEU TE 51 75.44 -32.70 93.98
N ALA TE 52 76.52 -33.15 94.62
CA ALA TE 52 77.26 -34.31 94.14
C ALA TE 52 76.40 -35.57 94.13
N THR TE 53 76.52 -36.34 93.04
CA THR TE 53 75.89 -37.65 93.00
C THR TE 53 76.46 -38.57 94.06
N ARG TE 54 77.76 -38.52 94.27
CA ARG TE 54 78.43 -39.28 95.33
C ARG TE 54 78.92 -38.31 96.38
N THR TE 55 78.40 -38.43 97.59
CA THR TE 55 78.90 -37.70 98.75
C THR TE 55 79.83 -38.55 99.60
N GLN TE 56 79.79 -39.87 99.46
CA GLN TE 56 80.65 -40.74 100.24
C GLN TE 56 82.13 -40.53 99.95
N ASN TE 57 82.47 -39.88 98.84
CA ASN TE 57 83.86 -39.59 98.51
C ASN TE 57 84.20 -38.12 98.57
N VAL TE 58 83.29 -37.22 98.17
CA VAL TE 58 83.61 -35.80 98.18
C VAL TE 58 83.75 -35.30 99.62
N LEU TE 59 82.94 -35.82 100.54
CA LEU TE 59 83.20 -35.64 101.96
C LEU TE 59 84.39 -36.51 102.31
N GLY TE 60 85.49 -35.89 102.73
CA GLY TE 60 86.70 -36.61 103.01
C GLY TE 60 86.57 -37.58 104.17
N GLU TE 61 87.59 -38.41 104.31
CA GLU TE 61 87.67 -39.31 105.45
C GLU TE 61 87.71 -38.47 106.72
N LYS TE 62 86.65 -38.57 107.53
CA LYS TE 62 86.42 -37.64 108.64
C LYS TE 62 86.29 -36.22 108.10
N GLY TE 63 85.78 -36.09 106.88
CA GLY TE 63 85.57 -34.79 106.27
C GLY TE 63 86.82 -34.02 105.95
N ARG TE 64 87.89 -34.70 105.53
CA ARG TE 64 89.12 -33.99 105.21
C ARG TE 64 88.95 -33.10 103.98
N ARG TE 65 88.44 -33.67 102.89
CA ARG TE 65 88.39 -32.93 101.62
C ARG TE 65 87.38 -31.78 101.68
N ILE TE 66 86.21 -32.01 102.27
CA ILE TE 66 85.18 -30.98 102.26
C ILE TE 66 85.64 -29.76 103.07
N ARG TE 67 86.24 -29.98 104.24
CA ARG TE 67 86.83 -28.87 104.98
C ARG TE 67 87.99 -28.27 104.19
N GLU TE 68 88.76 -29.11 103.50
CA GLU TE 68 89.81 -28.60 102.63
C GLU TE 68 89.23 -27.74 101.52
N LEU TE 69 88.08 -28.13 100.97
CA LEU TE 69 87.41 -27.30 99.98
C LEU TE 69 87.02 -25.95 100.58
N THR TE 70 86.48 -25.96 101.80
CA THR TE 70 86.09 -24.72 102.46
C THR TE 70 87.30 -23.79 102.62
N ALA TE 71 88.46 -24.37 102.93
CA ALA TE 71 89.68 -23.58 102.97
C ALA TE 71 90.00 -22.99 101.60
N VAL TE 72 89.75 -23.75 100.55
CA VAL TE 72 90.06 -23.28 99.19
C VAL TE 72 89.14 -22.12 98.82
N VAL TE 73 87.86 -22.24 99.14
CA VAL TE 73 86.88 -21.24 98.71
C VAL TE 73 87.14 -19.90 99.39
N GLN TE 74 87.34 -19.91 100.71
CA GLN TE 74 87.57 -18.66 101.43
C GLN TE 74 88.88 -18.00 101.01
N LYS TE 75 89.90 -18.79 100.71
CA LYS TE 75 91.21 -18.23 100.38
C LYS TE 75 91.17 -17.47 99.06
N ARG TE 76 90.43 -17.98 98.08
CA ARG TE 76 90.51 -17.42 96.73
C ARG TE 76 89.79 -16.09 96.63
N PHE TE 77 88.47 -16.08 96.86
CA PHE TE 77 87.70 -14.85 96.59
C PHE TE 77 87.62 -13.96 97.81
N GLY TE 78 88.76 -13.70 98.46
CA GLY TE 78 88.84 -12.81 99.60
C GLY TE 78 87.70 -12.91 100.59
N PHE TE 79 87.19 -14.12 100.81
CA PHE TE 79 86.03 -14.32 101.66
C PHE TE 79 86.39 -14.23 103.13
N PRO TE 80 85.46 -13.77 103.97
CA PRO TE 80 85.76 -13.63 105.40
C PRO TE 80 85.93 -14.99 106.07
N GLU TE 81 86.69 -14.97 107.17
CA GLU TE 81 86.87 -16.18 107.97
C GLU TE 81 85.53 -16.58 108.59
N GLY TE 82 85.27 -17.88 108.62
CA GLY TE 82 84.05 -18.39 109.22
C GLY TE 82 82.78 -17.84 108.63
N SER TE 83 82.81 -17.41 107.36
CA SER TE 83 81.65 -16.85 106.71
C SER TE 83 81.21 -17.63 105.48
N VAL TE 84 82.03 -18.55 104.97
CA VAL TE 84 81.70 -19.35 103.80
C VAL TE 84 81.89 -20.82 104.14
N GLU TE 85 80.90 -21.64 103.80
CA GLU TE 85 80.96 -23.07 104.03
C GLU TE 85 80.25 -23.78 102.89
N LEU TE 86 80.47 -25.08 102.80
CA LEU TE 86 79.91 -25.91 101.74
C LEU TE 86 79.00 -26.98 102.34
N TYR TE 87 77.86 -27.17 101.69
CA TYR TE 87 76.95 -28.27 102.01
C TYR TE 87 76.88 -29.21 100.81
N ALA TE 88 77.06 -30.50 101.05
CA ALA TE 88 77.02 -31.50 100.00
C ALA TE 88 75.71 -32.27 100.07
N GLU TE 89 74.99 -32.31 98.96
CA GLU TE 89 73.68 -32.93 98.91
C GLU TE 89 73.63 -33.96 97.78
N LYS TE 90 72.88 -35.03 98.02
CA LYS TE 90 72.61 -36.03 96.99
C LYS TE 90 71.48 -35.54 96.11
N VAL TE 91 71.69 -35.61 94.79
CA VAL TE 91 70.63 -35.31 93.85
C VAL TE 91 69.75 -36.56 93.71
N ALA TE 92 68.53 -36.47 94.23
CA ALA TE 92 67.59 -37.56 94.05
C ALA TE 92 67.21 -37.67 92.58
N THR TE 93 66.91 -38.90 92.13
CA THR TE 93 66.68 -39.19 90.72
C THR TE 93 67.88 -38.74 89.88
N ARG TE 94 69.00 -39.43 90.12
CA ARG TE 94 70.27 -39.14 89.45
C ARG TE 94 70.15 -39.33 87.94
N GLY TE 95 69.14 -40.06 87.50
CA GLY TE 95 68.96 -40.33 86.08
C GLY TE 95 68.34 -39.21 85.30
N LEU TE 96 68.13 -38.05 85.92
CA LEU TE 96 67.57 -36.88 85.26
C LEU TE 96 68.54 -35.70 85.32
N CYS TE 97 69.83 -35.99 85.35
CA CYS TE 97 70.86 -34.96 85.38
C CYS TE 97 71.81 -35.20 84.22
N ALA TE 98 71.79 -34.28 83.24
CA ALA TE 98 72.70 -34.42 82.10
C ALA TE 98 74.16 -34.36 82.54
N ILE TE 99 74.47 -33.53 83.54
CA ILE TE 99 75.85 -33.36 83.97
C ILE TE 99 76.41 -34.68 84.48
N ALA TE 100 75.66 -35.37 85.34
CA ALA TE 100 76.13 -36.65 85.86
C ALA TE 100 76.25 -37.68 84.75
N GLN TE 101 75.24 -37.78 83.89
CA GLN TE 101 75.28 -38.78 82.84
C GLN TE 101 76.37 -38.49 81.81
N ALA TE 102 76.61 -37.21 81.52
CA ALA TE 102 77.70 -36.87 80.61
C ALA TE 102 79.05 -37.28 81.21
N GLU TE 103 79.26 -36.99 82.50
CA GLU TE 103 80.51 -37.38 83.14
C GLU TE 103 80.64 -38.89 83.24
N SER TE 104 79.54 -39.59 83.54
CA SER TE 104 79.58 -41.03 83.54
C SER TE 104 79.89 -41.57 82.15
N LEU TE 105 79.30 -40.97 81.11
CA LEU TE 105 79.68 -41.32 79.75
C LEU TE 105 81.15 -41.04 79.52
N ARG TE 106 81.66 -39.91 80.02
CA ARG TE 106 83.10 -39.69 79.98
C ARG TE 106 83.83 -40.76 80.77
N TYR TE 107 83.32 -41.09 81.96
CA TYR TE 107 83.96 -42.13 82.78
C TYR TE 107 83.97 -43.47 82.06
N LYS TE 108 82.83 -43.86 81.47
CA LYS TE 108 82.78 -45.12 80.74
C LYS TE 108 83.67 -45.09 79.50
N LEU TE 109 83.72 -43.95 78.80
CA LEU TE 109 84.52 -43.86 77.59
C LEU TE 109 86.02 -43.91 77.88
N LEU TE 110 86.49 -43.28 78.97
CA LEU TE 110 87.90 -43.38 79.32
C LEU TE 110 88.30 -44.82 79.61
N GLY TE 111 87.35 -45.65 80.03
CA GLY TE 111 87.65 -47.03 80.33
C GLY TE 111 87.80 -47.88 79.08
N GLY TE 112 87.56 -47.29 77.92
CA GLY TE 112 87.64 -48.00 76.67
C GLY TE 112 86.43 -48.82 76.31
N LEU TE 113 85.33 -48.67 77.05
CA LEU TE 113 84.12 -49.41 76.73
C LEU TE 113 83.58 -49.00 75.37
N ALA TE 114 82.91 -49.93 74.70
CA ALA TE 114 82.43 -49.70 73.35
C ALA TE 114 81.53 -48.47 73.31
N VAL TE 115 81.78 -47.60 72.32
CA VAL TE 115 81.14 -46.28 72.32
C VAL TE 115 79.63 -46.42 72.12
N ARG TE 116 79.20 -47.30 71.21
CA ARG TE 116 77.76 -47.46 70.99
C ARG TE 116 77.08 -48.07 72.21
N ARG TE 117 77.67 -49.13 72.78
CA ARG TE 117 77.10 -49.74 73.96
C ARG TE 117 77.05 -48.76 75.13
N ALA TE 118 78.12 -47.98 75.31
CA ALA TE 118 78.15 -47.02 76.39
C ALA TE 118 77.04 -45.98 76.25
N CYS TE 119 76.82 -45.48 75.03
CA CYS TE 119 75.72 -44.55 74.80
C CYS TE 119 74.39 -45.21 75.09
N TYR TE 120 74.23 -46.46 74.66
CA TYR TE 120 73.03 -47.22 75.02
C TYR TE 120 72.92 -47.40 76.52
N GLY TE 121 74.04 -47.65 77.19
CA GLY TE 121 73.99 -47.87 78.63
C GLY TE 121 73.38 -46.71 79.38
N VAL TE 122 73.76 -45.48 79.01
CA VAL TE 122 73.17 -44.31 79.65
C VAL TE 122 71.72 -44.14 79.22
N LEU TE 123 71.43 -44.44 77.95
CA LEU TE 123 70.08 -44.25 77.43
C LEU TE 123 69.06 -45.06 78.21
N ARG TE 124 69.31 -46.35 78.38
CA ARG TE 124 68.35 -47.20 79.08
C ARG TE 124 68.18 -46.74 80.52
N PHE TE 125 69.28 -46.37 81.17
CA PHE TE 125 69.22 -45.94 82.57
C PHE TE 125 68.40 -44.66 82.71
N ILE TE 126 68.54 -43.73 81.76
CA ILE TE 126 67.75 -42.50 81.82
C ILE TE 126 66.27 -42.80 81.61
N MET TE 127 65.95 -43.62 80.60
CA MET TE 127 64.56 -44.00 80.37
C MET TE 127 63.97 -44.72 81.58
N GLU TE 128 64.75 -45.63 82.18
CA GLU TE 128 64.29 -46.29 83.40
C GLU TE 128 64.08 -45.27 84.52
N SER TE 129 64.94 -44.26 84.59
CA SER TE 129 64.82 -43.22 85.61
C SER TE 129 63.53 -42.41 85.49
N GLY TE 130 62.90 -42.41 84.32
CA GLY TE 130 61.66 -41.69 84.14
C GLY TE 130 61.85 -40.32 83.52
N ALA TE 131 61.55 -40.20 82.22
CA ALA TE 131 61.69 -38.95 81.51
C ALA TE 131 60.80 -38.99 80.28
N LYS TE 132 60.44 -37.81 79.78
CA LYS TE 132 59.67 -37.75 78.55
C LYS TE 132 60.49 -38.26 77.37
N GLY TE 133 61.80 -38.10 77.44
CA GLY TE 133 62.69 -38.61 76.41
C GLY TE 133 64.07 -38.01 76.49
N CYS TE 134 65.06 -38.73 75.98
CA CYS TE 134 66.44 -38.29 76.07
C CYS TE 134 67.09 -38.36 74.70
N GLU TE 135 68.06 -37.49 74.48
CA GLU TE 135 68.86 -37.51 73.25
C GLU TE 135 70.32 -37.35 73.61
N VAL TE 136 71.13 -38.34 73.26
CA VAL TE 136 72.57 -38.31 73.48
C VAL TE 136 73.25 -38.42 72.12
N VAL TE 137 74.12 -37.45 71.82
CA VAL TE 137 74.87 -37.41 70.58
C VAL TE 137 76.34 -37.25 70.94
N VAL TE 138 77.18 -38.14 70.41
CA VAL TE 138 78.61 -38.11 70.65
C VAL TE 138 79.27 -37.66 69.35
N SER TE 139 80.14 -36.66 69.44
CA SER TE 139 80.84 -36.13 68.28
C SER TE 139 82.32 -36.44 68.37
N GLY TE 140 82.99 -36.32 67.24
CA GLY TE 140 84.42 -36.51 67.17
C GLY TE 140 84.79 -37.68 66.28
N LYS TE 141 86.10 -37.92 66.21
CA LYS TE 141 86.66 -39.01 65.42
C LYS TE 141 86.89 -40.20 66.33
N LEU TE 142 86.25 -41.32 66.02
CA LEU TE 142 86.55 -42.57 66.69
C LEU TE 142 87.82 -43.13 66.08
N ARG TE 143 88.13 -44.40 66.35
CA ARG TE 143 89.22 -45.05 65.66
C ARG TE 143 89.02 -44.89 64.16
N GLY TE 144 89.90 -44.14 63.52
CA GLY TE 144 89.69 -43.73 62.14
C GLY TE 144 89.76 -42.21 62.02
N GLN TE 145 90.48 -41.72 61.01
CA GLN TE 145 90.81 -40.30 60.91
C GLN TE 145 89.65 -39.44 60.43
N ARG TE 146 88.59 -40.03 59.87
CA ARG TE 146 87.47 -39.26 59.35
C ARG TE 146 86.39 -39.19 60.41
N ALA TE 147 86.20 -38.00 60.99
CA ALA TE 147 85.27 -37.83 62.08
C ALA TE 147 83.83 -37.95 61.61
N LYS TE 148 82.95 -38.38 62.52
CA LYS TE 148 81.53 -38.47 62.25
C LYS TE 148 80.79 -38.50 63.58
N SER TE 149 79.53 -38.07 63.54
CA SER TE 149 78.70 -37.98 64.73
C SER TE 149 77.53 -38.95 64.64
N MET TE 150 77.35 -39.73 65.71
CA MET TE 150 76.22 -40.66 65.79
C MET TE 150 75.28 -40.17 66.88
N LYS TE 151 73.99 -40.35 66.63
CA LYS TE 151 72.92 -39.78 67.43
C LYS TE 151 72.11 -40.89 68.08
N PHE TE 152 71.56 -40.62 69.26
CA PHE TE 152 70.70 -41.55 69.98
C PHE TE 152 69.57 -40.78 70.62
N VAL TE 153 68.36 -40.94 70.09
CA VAL TE 153 67.17 -40.25 70.58
C VAL TE 153 66.11 -41.29 70.92
N ASP TE 154 65.47 -41.11 72.08
CA ASP TE 154 64.34 -41.97 72.46
C ASP TE 154 63.29 -41.12 73.16
N GLY TE 155 62.02 -41.46 72.93
CA GLY TE 155 60.92 -40.77 73.59
C GLY TE 155 60.58 -39.43 72.99
N LEU TE 156 59.96 -38.59 73.81
CA LEU TE 156 59.64 -37.24 73.44
C LEU TE 156 60.94 -36.44 73.45
N MET TE 157 61.09 -35.46 72.48
CA MET TE 157 62.20 -34.47 72.56
C MET TE 157 61.82 -33.23 71.73
N ILE TE 158 61.55 -32.05 72.38
CA ILE TE 158 61.17 -30.85 71.61
C ILE TE 158 62.40 -29.99 71.36
N HIS TE 159 62.26 -29.05 70.42
CA HIS TE 159 63.42 -28.35 69.87
C HIS TE 159 63.32 -26.83 69.87
N SER TE 160 62.13 -26.24 69.86
CA SER TE 160 61.97 -24.81 69.68
C SER TE 160 61.06 -24.22 70.75
N GLY TE 161 61.21 -22.92 70.96
CA GLY TE 161 60.36 -22.18 71.87
C GLY TE 161 60.89 -22.12 73.29
N ASP TE 162 60.16 -21.38 74.11
CA ASP TE 162 60.49 -21.29 75.52
C ASP TE 162 60.55 -22.64 76.23
N PRO TE 163 59.61 -23.59 76.01
CA PRO TE 163 59.66 -24.85 76.78
C PRO TE 163 61.01 -25.56 76.74
N VAL TE 164 61.80 -25.32 75.69
CA VAL TE 164 63.14 -25.90 75.64
C VAL TE 164 63.96 -25.44 76.83
N ASN TE 165 63.72 -24.22 77.31
CA ASN TE 165 64.55 -23.67 78.38
C ASN TE 165 64.36 -24.41 79.69
N TYR TE 166 63.11 -24.64 80.09
CA TYR TE 166 62.83 -25.18 81.42
C TYR TE 166 62.50 -26.67 81.43
N TYR TE 167 62.21 -27.27 80.28
CA TYR TE 167 61.93 -28.70 80.23
C TYR TE 167 63.14 -29.54 79.86
N VAL TE 168 64.17 -28.93 79.27
CA VAL TE 168 65.32 -29.67 78.73
C VAL TE 168 66.57 -29.18 79.45
N ASP TE 169 67.34 -30.11 79.97
CA ASP TE 169 68.68 -29.82 80.46
C ASP TE 169 69.71 -30.45 79.54
N THR TE 170 70.88 -29.83 79.48
CA THR TE 170 71.90 -30.24 78.53
C THR TE 170 73.26 -30.23 79.22
N ALA TE 171 74.16 -31.06 78.70
CA ALA TE 171 75.53 -31.07 79.20
C ALA TE 171 76.47 -31.29 78.02
N VAL TE 172 77.50 -30.45 77.95
CA VAL TE 172 78.54 -30.55 76.93
C VAL TE 172 79.82 -31.02 77.61
N ARG TE 173 80.36 -32.14 77.16
CA ARG TE 173 81.56 -32.71 77.76
C ARG TE 173 82.57 -33.08 76.68
N HIS TE 174 83.81 -32.71 76.92
CA HIS TE 174 84.92 -33.02 76.02
C HIS TE 174 85.73 -34.15 76.61
N VAL TE 175 85.88 -35.24 75.86
CA VAL TE 175 86.62 -36.41 76.29
C VAL TE 175 87.93 -36.47 75.51
N LEU TE 176 89.04 -36.57 76.22
CA LEU TE 176 90.38 -36.57 75.63
C LEU TE 176 90.81 -38.01 75.38
N LEU TE 177 90.69 -38.46 74.14
CA LEU TE 177 91.16 -39.77 73.74
C LEU TE 177 92.62 -39.68 73.28
N ARG TE 178 93.29 -40.83 73.23
CA ARG TE 178 94.66 -40.87 72.75
C ARG TE 178 94.79 -40.54 71.27
N GLN TE 179 93.67 -40.47 70.55
CA GLN TE 179 93.65 -40.04 69.15
C GLN TE 179 93.18 -38.60 68.98
N GLY TE 180 92.56 -38.02 70.01
CA GLY TE 180 91.99 -36.69 69.88
C GLY TE 180 90.92 -36.39 70.90
N VAL TE 181 89.93 -35.57 70.50
CA VAL TE 181 88.90 -35.08 71.41
C VAL TE 181 87.54 -35.58 70.94
N LEU TE 182 86.78 -36.15 71.86
CA LEU TE 182 85.41 -36.58 71.61
C LEU TE 182 84.46 -35.62 72.30
N GLY TE 183 83.50 -35.09 71.54
CA GLY TE 183 82.51 -34.17 72.09
C GLY TE 183 81.24 -34.92 72.49
N ILE TE 184 80.79 -34.68 73.71
CA ILE TE 184 79.64 -35.37 74.29
C ILE TE 184 78.56 -34.35 74.59
N LYS TE 185 77.36 -34.58 74.06
CA LYS TE 185 76.19 -33.77 74.33
C LYS TE 185 75.05 -34.68 74.75
N VAL TE 186 74.39 -34.35 75.85
CA VAL TE 186 73.28 -35.14 76.36
C VAL TE 186 72.12 -34.20 76.66
N LYS TE 187 70.94 -34.54 76.15
CA LYS TE 187 69.74 -33.74 76.36
C LYS TE 187 68.61 -34.65 76.82
N ILE TE 188 67.90 -34.21 77.86
CA ILE TE 188 66.83 -34.97 78.49
C ILE TE 188 65.66 -34.03 78.73
N MET TE 189 64.45 -34.46 78.39
CA MET TE 189 63.25 -33.81 78.90
C MET TE 189 62.90 -34.39 80.26
N LEU TE 190 62.80 -33.58 81.18
CA LEU TE 190 62.26 -33.91 82.49
C LEU TE 190 60.75 -34.10 82.38
N PRO TE 191 60.16 -35.03 83.15
CA PRO TE 191 58.69 -35.13 83.17
C PRO TE 191 58.08 -34.14 84.13
N TRP TE 192 56.85 -33.73 83.83
CA TRP TE 192 56.21 -32.64 84.57
C TRP TE 192 55.45 -33.13 85.79
N ASP TE 193 55.36 -34.44 86.00
CA ASP TE 193 54.45 -35.01 87.00
C ASP TE 193 54.60 -34.45 88.41
N PRO TE 194 55.80 -34.37 89.01
CA PRO TE 194 55.85 -33.93 90.41
C PRO TE 194 55.43 -32.49 90.64
N THR TE 195 55.55 -31.63 89.63
CA THR TE 195 55.09 -30.24 89.71
C THR TE 195 55.66 -29.53 90.95
N GLY TE 196 56.97 -29.37 90.94
CA GLY TE 196 57.66 -28.70 92.03
C GLY TE 196 58.92 -29.40 92.47
N LYS TE 197 58.92 -30.72 92.36
CA LYS TE 197 60.11 -31.53 92.62
C LYS TE 197 61.00 -31.49 91.39
N ILE TE 198 61.90 -32.47 91.27
CA ILE TE 198 62.80 -32.60 90.14
C ILE TE 198 62.06 -32.34 88.85
N GLY TE 199 60.81 -32.77 88.77
CA GLY TE 199 59.96 -32.46 87.64
C GLY TE 199 59.38 -31.06 87.74
N PRO TE 200 59.48 -30.30 86.65
CA PRO TE 200 59.03 -28.91 86.68
C PRO TE 200 57.52 -28.80 86.68
N LYS TE 201 57.04 -27.62 87.11
CA LYS TE 201 55.64 -27.26 86.99
C LYS TE 201 55.39 -26.61 85.63
N LYS TE 202 54.24 -25.96 85.48
CA LYS TE 202 53.88 -25.23 84.25
C LYS TE 202 53.98 -26.15 83.05
N PRO TE 203 53.00 -27.03 82.84
CA PRO TE 203 53.13 -28.04 81.77
C PRO TE 203 53.23 -27.43 80.38
N LEU TE 204 53.43 -28.27 79.38
CA LEU TE 204 53.60 -27.77 78.02
C LEU TE 204 52.37 -26.97 77.61
N PRO TE 205 52.55 -25.87 76.88
CA PRO TE 205 51.40 -25.03 76.52
C PRO TE 205 50.33 -25.78 75.75
N ASP TE 206 50.72 -26.73 74.91
CA ASP TE 206 49.77 -27.56 74.16
C ASP TE 206 49.50 -28.87 74.88
N HIS TE 207 48.97 -28.76 76.09
CA HIS TE 207 48.68 -29.91 76.94
C HIS TE 207 47.28 -29.79 77.54
N VAL TE 208 46.28 -29.57 76.68
CA VAL TE 208 44.90 -29.49 77.15
C VAL TE 208 44.51 -30.77 77.87
N SER TE 209 44.24 -30.65 79.17
CA SER TE 209 43.85 -31.79 80.00
C SER TE 209 42.54 -31.47 80.68
N ILE TE 210 41.60 -32.43 80.67
CA ILE TE 210 40.21 -32.20 81.00
C ILE TE 210 39.82 -33.05 82.19
N VAL TE 211 39.06 -32.45 83.11
CA VAL TE 211 38.51 -33.19 84.25
C VAL TE 211 37.24 -33.90 83.82
N GLU TE 212 36.98 -35.05 84.44
CA GLU TE 212 35.89 -35.96 84.11
C GLU TE 212 34.58 -35.51 84.74
N PRO TE 213 33.44 -35.81 84.10
CA PRO TE 213 32.14 -35.39 84.67
C PRO TE 213 31.53 -36.41 85.61
N LYS TE 214 30.39 -36.06 86.19
CA LYS TE 214 29.61 -36.98 87.02
C LYS TE 214 28.27 -37.28 86.35
N ASP TE 215 27.46 -38.12 86.98
CA ASP TE 215 26.14 -38.44 86.43
C ASP TE 215 25.25 -37.20 86.36
N GLU TE 216 24.88 -36.68 87.53
CA GLU TE 216 24.16 -35.40 87.65
C GLU TE 216 23.01 -35.29 86.65
N ILE TE 217 22.12 -36.27 86.66
CA ILE TE 217 21.07 -36.35 85.65
C ILE TE 217 19.79 -35.66 86.12
N LEU TE 218 19.32 -35.99 87.33
CA LEU TE 218 18.13 -35.42 87.96
C LEU TE 218 17.00 -35.20 86.99
N PRO TE 219 16.48 -36.18 86.28
CA PRO TE 219 15.36 -36.01 85.36
C PRO TE 219 13.99 -36.32 85.95
N THR TE 220 13.88 -36.48 87.26
CA THR TE 220 12.66 -36.97 87.90
C THR TE 220 11.72 -35.81 88.22
N THR TE 221 10.69 -36.08 89.00
CA THR TE 221 9.75 -35.05 89.41
C THR TE 221 10.43 -34.07 90.36
N PRO TE 222 10.10 -32.78 90.28
CA PRO TE 222 10.76 -31.78 91.13
C PRO TE 222 10.27 -31.87 92.56
N ILE TE 223 11.17 -32.21 93.48
CA ILE TE 223 10.86 -32.25 94.90
C ILE TE 223 11.59 -31.10 95.58
N SER TE 224 11.19 -30.82 96.82
CA SER TE 224 11.80 -29.80 97.64
C SER TE 224 12.40 -30.49 98.86
N GLU TE 225 13.73 -30.57 98.91
CA GLU TE 225 14.41 -31.13 100.06
C GLU TE 225 14.48 -30.04 101.13
N GLN TE 226 13.71 -30.21 102.20
CA GLN TE 226 13.63 -29.24 103.28
C GLN TE 226 14.58 -29.65 104.39
N LYS TE 227 15.59 -28.83 104.64
CA LYS TE 227 16.53 -29.06 105.72
C LYS TE 227 17.27 -27.77 106.03
N ASP UE 1 32.84 27.82 54.81
CA ASP UE 1 32.38 26.99 55.92
C ASP UE 1 33.50 26.11 56.44
N ILE UE 2 34.48 25.83 55.58
CA ILE UE 2 35.64 25.03 55.94
C ILE UE 2 36.94 25.82 55.81
N LYS UE 3 37.07 26.63 54.75
CA LYS UE 3 38.09 27.65 54.62
C LYS UE 3 39.50 27.05 54.70
N LEU UE 4 39.81 26.24 53.69
CA LEU UE 4 41.12 25.62 53.58
C LEU UE 4 42.23 26.67 53.59
N PHE UE 5 43.08 26.63 54.62
CA PHE UE 5 44.16 27.59 54.82
C PHE UE 5 43.64 29.01 55.03
N GLY UE 6 42.41 29.16 55.50
CA GLY UE 6 41.83 30.47 55.72
C GLY UE 6 41.21 31.13 54.50
N LYS UE 7 41.17 30.44 53.37
CA LYS UE 7 40.59 30.95 52.13
C LYS UE 7 40.31 29.77 51.22
N TRP UE 8 40.00 30.04 49.95
CA TRP UE 8 39.83 29.00 48.93
C TRP UE 8 38.95 27.86 49.43
N SER UE 9 37.68 28.21 49.69
CA SER UE 9 36.72 27.26 50.22
C SER UE 9 36.51 26.11 49.26
N THR UE 10 35.77 25.09 49.72
CA THR UE 10 35.59 23.87 48.95
C THR UE 10 34.34 23.88 48.08
N ASP UE 11 33.25 24.52 48.52
CA ASP UE 11 32.01 24.45 47.76
C ASP UE 11 32.00 25.46 46.61
N ASP UE 12 33.07 25.46 45.82
CA ASP UE 12 33.11 26.12 44.53
C ASP UE 12 33.92 25.37 43.50
N VAL UE 13 34.68 24.35 43.90
CA VAL UE 13 35.48 23.54 42.99
C VAL UE 13 34.68 22.31 42.59
N GLN UE 14 34.51 22.12 41.29
CA GLN UE 14 33.77 20.98 40.77
C GLN UE 14 34.61 20.28 39.71
N ILE UE 15 34.32 18.99 39.54
CA ILE UE 15 35.09 18.12 38.66
C ILE UE 15 34.22 17.75 37.47
N ASN UE 16 34.78 17.89 36.26
CA ASN UE 16 34.00 17.65 35.05
C ASN UE 16 34.00 16.16 34.68
N ASP UE 17 35.18 15.58 34.49
CA ASP UE 17 35.26 14.17 34.13
C ASP UE 17 34.75 13.31 35.28
N ILE UE 18 33.76 12.47 35.00
CA ILE UE 18 33.10 11.67 36.02
C ILE UE 18 34.11 10.67 36.60
N SER UE 19 35.10 10.30 35.79
CA SER UE 19 36.03 9.25 36.18
C SER UE 19 36.89 9.61 37.38
N LEU UE 20 36.93 10.87 37.78
CA LEU UE 20 37.77 11.30 38.90
C LEU UE 20 36.96 11.80 40.09
N GLN UE 21 35.63 11.72 40.02
CA GLN UE 21 34.81 12.25 41.11
C GLN UE 21 35.09 11.53 42.42
N ASP UE 22 35.20 10.21 42.40
CA ASP UE 22 35.41 9.43 43.61
C ASP UE 22 36.87 9.35 44.00
N TYR UE 23 37.76 9.99 43.27
CA TYR UE 23 39.18 9.94 43.59
C TYR UE 23 39.77 11.31 43.91
N ILE UE 24 39.31 12.37 43.25
CA ILE UE 24 39.70 13.71 43.64
C ILE UE 24 39.01 14.06 44.97
N ALA UE 25 39.79 14.53 45.92
CA ALA UE 25 39.39 14.60 47.32
C ALA UE 25 39.46 16.03 47.85
N VAL UE 26 38.79 16.95 47.14
CA VAL UE 26 38.67 18.33 47.61
C VAL UE 26 37.29 18.61 48.21
N LYS UE 27 36.42 17.61 48.25
CA LYS UE 27 34.99 17.85 48.49
C LYS UE 27 34.74 18.07 49.99
N GLU UE 28 33.44 18.11 50.34
CA GLU UE 28 33.03 18.70 51.61
C GLU UE 28 33.45 17.86 52.80
N LYS UE 29 33.10 16.57 52.80
CA LYS UE 29 33.28 15.75 53.99
C LYS UE 29 34.76 15.63 54.36
N TYR UE 30 35.61 15.40 53.37
CA TYR UE 30 37.06 15.36 53.58
C TYR UE 30 37.70 16.67 53.15
N ALA UE 31 37.33 17.73 53.86
CA ALA UE 31 37.88 19.07 53.67
C ALA UE 31 38.63 19.44 54.94
N LYS UE 32 39.96 19.40 54.90
CA LYS UE 32 40.80 19.65 56.06
C LYS UE 32 41.40 21.05 56.00
N TYR UE 33 41.75 21.55 57.18
CA TYR UE 33 42.35 22.88 57.28
C TYR UE 33 43.75 22.90 56.67
N LEU UE 34 44.52 21.84 56.91
CA LEU UE 34 45.88 21.71 56.42
C LEU UE 34 46.07 20.36 55.76
N PRO UE 35 46.95 20.26 54.78
CA PRO UE 35 47.28 18.97 54.18
C PRO UE 35 48.32 18.21 54.98
N HIS UE 36 48.00 17.92 56.24
CA HIS UE 36 48.93 17.23 57.14
C HIS UE 36 48.11 16.40 58.11
N SER UE 37 48.23 15.08 58.00
CA SER UE 37 47.54 14.17 58.91
C SER UE 37 48.15 12.79 58.77
N ALA UE 38 48.52 12.19 59.90
CA ALA UE 38 49.00 10.81 59.91
C ALA UE 38 47.77 9.90 59.85
N GLY UE 39 47.23 9.78 58.64
CA GLY UE 39 45.95 9.12 58.42
C GLY UE 39 46.00 7.64 58.09
N ARG UE 40 47.17 7.00 58.16
CA ARG UE 40 47.31 5.59 57.81
C ARG UE 40 46.74 5.31 56.42
N TYR UE 41 47.09 6.19 55.48
CA TYR UE 41 46.46 6.23 54.17
C TYR UE 41 46.90 5.09 53.26
N ALA UE 42 47.92 4.32 53.64
CA ALA UE 42 48.43 3.25 52.79
C ALA UE 42 48.23 1.86 53.42
N ALA UE 43 47.51 1.77 54.53
CA ALA UE 43 47.30 0.48 55.17
C ALA UE 43 46.50 -0.45 54.27
N LYS UE 44 45.48 0.07 53.59
CA LYS UE 44 44.66 -0.70 52.68
C LYS UE 44 44.58 0.05 51.36
N ARG UE 45 44.26 -0.69 50.30
CA ARG UE 45 44.16 -0.06 48.98
C ARG UE 45 43.04 0.96 48.98
N PHE UE 46 43.22 2.01 48.17
CA PHE UE 46 42.25 3.07 47.93
C PHE UE 46 42.07 3.95 49.16
N ARG UE 47 42.71 3.63 50.29
CA ARG UE 47 42.74 4.57 51.41
C ARG UE 47 43.53 5.81 51.04
N LYS UE 48 44.45 5.68 50.07
CA LYS UE 48 45.09 6.86 49.51
C LYS UE 48 44.12 7.67 48.67
N ALA UE 49 43.08 7.05 48.12
CA ALA UE 49 42.08 7.81 47.38
C ALA UE 49 41.31 8.74 48.30
N GLN UE 50 40.91 8.24 49.48
CA GLN UE 50 40.22 9.08 50.45
C GLN UE 50 41.12 10.14 51.06
N CYS UE 51 42.43 9.99 50.92
CA CYS UE 51 43.34 11.04 51.34
C CYS UE 51 43.12 12.29 50.50
N PRO UE 52 43.06 13.47 51.11
CA PRO UE 52 42.89 14.70 50.31
C PRO UE 52 44.03 14.87 49.32
N ILE UE 53 43.67 15.30 48.12
CA ILE UE 53 44.68 15.46 47.07
C ILE UE 53 45.69 16.54 47.46
N VAL UE 54 45.23 17.57 48.16
CA VAL UE 54 46.14 18.60 48.64
C VAL UE 54 47.15 17.99 49.61
N GLU UE 55 46.73 17.01 50.42
CA GLU UE 55 47.68 16.23 51.18
C GLU UE 55 48.48 15.31 50.27
N ARG UE 56 47.83 14.76 49.25
CA ARG UE 56 48.53 13.85 48.33
C ARG UE 56 49.63 14.58 47.58
N LEU UE 57 49.36 15.80 47.13
CA LEU UE 57 50.36 16.54 46.36
C LEU UE 57 51.59 16.85 47.20
N THR UE 58 51.38 17.41 48.39
CA THR UE 58 52.52 17.73 49.24
C THR UE 58 53.20 16.48 49.76
N ASN UE 59 52.49 15.36 49.77
CA ASN UE 59 53.10 14.09 50.16
C ASN UE 59 54.14 13.64 49.14
N SER UE 60 54.07 14.16 47.92
CA SER UE 60 55.03 13.81 46.88
C SER UE 60 56.02 14.93 46.58
N MET UE 61 55.74 16.17 47.00
CA MET UE 61 56.77 17.19 47.01
C MET UE 61 57.95 16.82 47.89
N MET UE 62 57.74 15.97 48.89
CA MET UE 62 58.81 15.59 49.81
C MET UE 62 59.57 14.38 49.31
N MET UE 63 60.05 14.41 48.07
CA MET UE 63 60.82 13.27 47.57
C MET UE 63 61.87 13.79 46.58
N HIS UE 64 63.09 13.99 47.09
CA HIS UE 64 64.28 13.84 46.26
C HIS UE 64 65.46 13.29 47.07
N GLY UE 65 65.23 12.80 48.28
CA GLY UE 65 66.32 12.44 49.16
C GLY UE 65 66.83 13.62 49.96
N ARG UE 66 67.09 14.73 49.26
CA ARG UE 66 67.49 15.95 49.94
C ARG UE 66 66.37 16.49 50.82
N ASN UE 67 65.13 16.41 50.36
CA ASN UE 67 63.96 16.89 51.10
C ASN UE 67 62.95 15.76 51.12
N ASN UE 68 63.07 14.88 52.12
CA ASN UE 68 62.24 13.69 52.17
C ASN UE 68 61.24 13.71 53.32
N GLY UE 69 61.70 13.89 54.55
CA GLY UE 69 60.79 13.95 55.66
C GLY UE 69 60.17 15.29 55.95
N LYS UE 70 60.59 16.35 55.26
CA LYS UE 70 60.21 17.70 55.63
C LYS UE 70 58.77 18.02 55.23
N LYS UE 71 57.82 17.68 56.10
CA LYS UE 71 56.45 18.09 55.87
C LYS UE 71 56.28 19.59 56.00
N LEU UE 72 56.97 20.20 56.97
CA LEU UE 72 56.85 21.63 57.19
C LEU UE 72 57.29 22.42 55.98
N MET UE 73 58.42 22.02 55.37
CA MET UE 73 58.85 22.67 54.14
C MET UE 73 57.80 22.56 53.05
N THR UE 74 57.27 21.35 52.86
CA THR UE 74 56.37 21.10 51.75
C THR UE 74 55.02 21.77 51.96
N VAL UE 75 54.53 21.82 53.20
CA VAL UE 75 53.22 22.41 53.44
C VAL UE 75 53.26 23.92 53.23
N ARG UE 76 54.41 24.56 53.49
CA ARG UE 76 54.55 25.96 53.11
C ARG UE 76 54.65 26.12 51.59
N ILE UE 77 55.32 25.17 50.94
CA ILE UE 77 55.54 25.26 49.49
C ILE UE 77 54.20 25.27 48.76
N VAL UE 78 53.28 24.38 49.16
CA VAL UE 78 51.97 24.38 48.54
C VAL UE 78 51.21 25.66 48.88
N LYS UE 79 51.27 26.09 50.14
CA LYS UE 79 50.53 27.29 50.54
C LYS UE 79 51.08 28.54 49.86
N HIS UE 80 52.40 28.59 49.64
CA HIS UE 80 52.96 29.76 48.97
C HIS UE 80 52.60 29.79 47.50
N ALA UE 81 52.76 28.65 46.81
CA ALA UE 81 52.32 28.57 45.42
C ALA UE 81 50.81 28.72 45.31
N PHE UE 82 50.09 28.34 46.38
CA PHE UE 82 48.64 28.44 46.38
C PHE UE 82 48.19 29.89 46.22
N GLU UE 83 48.80 30.79 46.99
CA GLU UE 83 48.41 32.20 46.93
C GLU UE 83 49.05 32.91 45.75
N ILE UE 84 50.07 32.31 45.14
CA ILE UE 84 50.59 32.86 43.89
C ILE UE 84 49.59 32.68 42.77
N ILE UE 85 49.00 31.49 42.67
CA ILE UE 85 48.06 31.20 41.60
C ILE UE 85 46.82 32.07 41.71
N HIS UE 86 46.28 32.22 42.92
CA HIS UE 86 45.12 33.09 43.11
C HIS UE 86 45.47 34.53 42.73
N LEU UE 87 46.70 34.95 43.04
CA LEU UE 87 47.19 36.26 42.61
C LEU UE 87 47.40 36.32 41.09
N LEU UE 88 47.59 35.17 40.44
CA LEU UE 88 47.85 35.18 39.00
C LEU UE 88 46.59 34.96 38.19
N THR UE 89 45.73 34.03 38.63
CA THR UE 89 44.53 33.67 37.90
C THR UE 89 43.25 34.28 38.47
N GLY UE 90 43.18 34.42 39.80
CA GLY UE 90 42.06 35.07 40.44
C GLY UE 90 40.94 34.16 40.88
N GLU UE 91 40.87 32.96 40.31
CA GLU UE 91 39.83 32.00 40.67
C GLU UE 91 40.46 30.95 41.58
N ASN UE 92 39.62 30.18 42.27
CA ASN UE 92 40.07 29.27 43.31
C ASN UE 92 41.12 28.30 42.78
N PRO UE 93 42.37 28.40 43.23
CA PRO UE 93 43.42 27.53 42.66
C PRO UE 93 43.14 26.05 42.87
N LEU UE 94 42.31 25.69 43.85
CA LEU UE 94 41.83 24.31 43.94
C LEU UE 94 41.21 23.86 42.63
N GLN UE 95 40.51 24.77 41.94
CA GLN UE 95 39.90 24.41 40.65
C GLN UE 95 40.98 24.09 39.63
N VAL UE 96 42.03 24.89 39.56
CA VAL UE 96 43.07 24.66 38.56
C VAL UE 96 44.01 23.54 38.98
N LEU UE 97 44.06 23.21 40.28
CA LEU UE 97 44.82 22.03 40.70
C LEU UE 97 44.18 20.76 40.17
N VAL UE 98 42.87 20.61 40.40
CA VAL UE 98 42.18 19.43 39.89
C VAL UE 98 42.12 19.45 38.38
N ASN UE 99 42.00 20.65 37.78
CA ASN UE 99 42.00 20.75 36.33
C ASN UE 99 43.34 20.31 35.74
N ALA UE 100 44.45 20.70 36.37
CA ALA UE 100 45.75 20.25 35.92
C ALA UE 100 45.90 18.74 36.06
N ILE UE 101 45.42 18.19 37.18
CA ILE UE 101 45.56 16.76 37.42
C ILE UE 101 44.78 15.97 36.37
N ILE UE 102 43.50 16.32 36.17
CA ILE UE 102 42.68 15.60 35.21
C ILE UE 102 43.10 15.85 33.77
N ASN UE 103 43.88 16.89 33.51
CA ASN UE 103 44.46 17.13 32.20
C ASN UE 103 45.85 16.54 32.05
N SER UE 104 46.54 16.25 33.16
CA SER UE 104 47.83 15.59 33.12
C SER UE 104 47.74 14.08 33.30
N GLY UE 105 46.56 13.56 33.66
CA GLY UE 105 46.40 12.14 33.86
C GLY UE 105 46.28 11.38 32.56
N PRO UE 106 47.28 10.55 32.26
CA PRO UE 106 47.24 9.78 31.02
C PRO UE 106 46.12 8.75 31.04
N ARG UE 107 45.71 8.34 29.84
CA ARG UE 107 44.59 7.43 29.69
C ARG UE 107 44.96 6.11 29.03
N GLU UE 108 46.07 6.03 28.31
CA GLU UE 108 46.54 4.79 27.70
C GLU UE 108 48.04 4.62 27.93
N ASP UE 109 48.46 3.37 28.06
CA ASP UE 109 49.86 3.01 28.22
C ASP UE 109 50.09 1.64 27.60
N SER UE 110 51.23 1.02 27.91
CA SER UE 110 51.57 -0.27 27.33
C SER UE 110 52.48 -1.04 28.29
N THR UE 111 52.02 -2.21 28.73
CA THR UE 111 52.86 -3.09 29.53
C THR UE 111 52.63 -4.53 29.09
N ARG UE 112 53.72 -5.26 28.94
CA ARG UE 112 53.70 -6.66 28.48
C ARG UE 112 55.09 -7.23 28.80
N ILE UE 113 55.32 -8.50 28.46
CA ILE UE 113 56.57 -9.16 28.80
C ILE UE 113 57.33 -9.69 27.59
N GLY UE 114 56.69 -9.89 26.44
CA GLY UE 114 57.37 -10.49 25.31
C GLY UE 114 58.28 -9.54 24.56
N ARG UE 115 58.32 -9.66 23.24
CA ARG UE 115 59.17 -8.83 22.40
C ARG UE 115 58.64 -7.40 22.40
N ALA UE 116 59.24 -6.55 23.23
CA ALA UE 116 58.75 -5.18 23.39
C ALA UE 116 58.92 -4.41 22.09
N GLY UE 117 57.83 -3.80 21.62
CA GLY UE 117 57.87 -3.07 20.38
C GLY UE 117 58.67 -1.79 20.47
N THR UE 118 58.15 -0.78 21.17
CA THR UE 118 58.89 0.46 21.38
C THR UE 118 58.91 0.84 22.86
N VAL UE 119 57.83 0.53 23.56
CA VAL UE 119 57.79 0.57 25.03
C VAL UE 119 57.34 -0.78 25.59
N ARG UE 120 56.17 -1.24 25.17
CA ARG UE 120 55.76 -2.62 25.38
C ARG UE 120 54.87 -3.03 24.21
N ARG UE 121 54.40 -4.27 24.23
CA ARG UE 121 53.73 -4.83 23.07
C ARG UE 121 52.34 -4.23 22.86
N GLN UE 122 51.44 -4.46 23.81
CA GLN UE 122 50.04 -4.10 23.66
C GLN UE 122 49.72 -2.84 24.44
N ALA UE 123 48.69 -2.14 23.99
CA ALA UE 123 48.21 -0.93 24.65
C ALA UE 123 47.25 -1.31 25.76
N VAL UE 124 47.40 -0.68 26.92
CA VAL UE 124 46.54 -0.93 28.06
C VAL UE 124 46.16 0.40 28.70
N ASP UE 125 44.88 0.57 28.98
CA ASP UE 125 44.40 1.77 29.65
C ASP UE 125 44.71 1.69 31.14
N VAL UE 126 44.91 2.85 31.75
CA VAL UE 126 45.20 2.92 33.18
C VAL UE 126 43.90 3.05 33.95
N SER UE 127 43.91 2.55 35.19
CA SER UE 127 42.77 2.68 36.08
C SER UE 127 42.73 4.09 36.67
N PRO UE 128 41.56 4.54 37.17
CA PRO UE 128 41.50 5.92 37.66
C PRO UE 128 42.04 6.04 39.07
N LEU UE 129 43.13 5.34 39.35
CA LEU UE 129 43.96 5.59 40.52
C LEU UE 129 45.42 5.74 40.16
N ARG UE 130 45.94 4.89 39.26
CA ARG UE 130 47.26 5.15 38.71
C ARG UE 130 47.27 6.45 37.92
N ARG UE 131 46.18 6.73 37.19
CA ARG UE 131 46.09 7.96 36.41
C ARG UE 131 46.33 9.18 37.28
N VAL UE 132 45.62 9.29 38.39
CA VAL UE 132 45.81 10.43 39.27
C VAL UE 132 47.18 10.38 39.93
N ASN UE 133 47.62 9.19 40.34
CA ASN UE 133 48.91 9.06 41.00
C ASN UE 133 50.05 9.52 40.08
N GLN UE 134 50.02 9.10 38.81
CA GLN UE 134 50.97 9.65 37.86
C GLN UE 134 50.76 11.14 37.67
N ALA UE 135 49.49 11.57 37.57
CA ALA UE 135 49.20 12.98 37.39
C ALA UE 135 49.84 13.82 38.49
N ILE UE 136 49.72 13.36 39.74
CA ILE UE 136 50.44 14.02 40.83
C ILE UE 136 51.94 13.92 40.59
N TRP UE 137 52.41 12.72 40.24
CA TRP UE 137 53.84 12.49 40.12
C TRP UE 137 54.44 13.34 39.01
N LEU UE 138 53.71 13.53 37.91
CA LEU UE 138 54.18 14.42 36.86
C LEU UE 138 54.35 15.84 37.37
N LEU UE 139 53.42 16.30 38.20
CA LEU UE 139 53.50 17.67 38.72
C LEU UE 139 54.76 17.87 39.54
N CYS UE 140 55.10 16.89 40.39
CA CYS UE 140 56.20 17.08 41.33
C CYS UE 140 57.55 17.07 40.62
N THR UE 141 57.77 16.11 39.73
CA THR UE 141 59.07 16.03 39.07
C THR UE 141 59.29 17.21 38.13
N GLY UE 142 58.24 17.73 37.51
CA GLY UE 142 58.40 18.90 36.66
C GLY UE 142 58.80 20.12 37.46
N ALA UE 143 58.16 20.33 38.61
CA ALA UE 143 58.50 21.48 39.43
C ALA UE 143 59.94 21.41 39.92
N ARG UE 144 60.39 20.22 40.30
CA ARG UE 144 61.74 20.08 40.83
C ARG UE 144 62.79 20.40 39.79
N GLU UE 145 62.62 19.90 38.57
CA GLU UE 145 63.61 20.15 37.53
C GLU UE 145 63.61 21.61 37.09
N ALA UE 146 62.44 22.27 37.11
CA ALA UE 146 62.37 23.66 36.71
C ALA UE 146 63.14 24.55 37.68
N ALA UE 147 63.08 24.25 38.97
CA ALA UE 147 63.75 25.04 40.00
C ALA UE 147 65.12 24.49 40.37
N PHE UE 148 65.61 23.48 39.65
CA PHE UE 148 66.84 22.79 40.03
C PHE UE 148 68.04 23.72 40.04
N ARG UE 149 68.41 24.26 38.88
CA ARG UE 149 69.57 25.12 38.76
C ARG UE 149 69.14 26.52 38.35
N ASN UE 150 67.97 26.93 38.81
CA ASN UE 150 67.34 28.14 38.32
C ASN UE 150 67.01 29.05 39.49
N ILE UE 151 66.91 30.35 39.21
CA ILE UE 151 66.71 31.34 40.26
C ILE UE 151 65.40 31.10 40.99
N LYS UE 152 64.34 30.81 40.25
CA LYS UE 152 63.00 30.78 40.82
C LYS UE 152 62.88 29.73 41.91
N THR UE 153 62.13 30.06 42.95
CA THR UE 153 61.86 29.12 44.02
C THR UE 153 60.80 28.12 43.57
N ILE UE 154 60.58 27.11 44.42
CA ILE UE 154 59.65 26.04 44.07
C ILE UE 154 58.24 26.58 43.88
N ALA UE 155 57.86 27.59 44.66
CA ALA UE 155 56.49 28.09 44.64
C ALA UE 155 56.06 28.47 43.22
N GLU UE 156 56.77 29.43 42.62
CA GLU UE 156 56.44 29.78 41.24
C GLU UE 156 56.70 28.62 40.29
N CYS UE 157 57.82 27.91 40.46
CA CYS UE 157 58.06 26.75 39.62
C CYS UE 157 57.02 25.67 39.80
N LEU UE 158 56.25 25.70 40.89
CA LEU UE 158 55.06 24.88 40.97
C LEU UE 158 53.84 25.66 40.50
N ALA UE 159 53.89 26.99 40.58
CA ALA UE 159 52.74 27.80 40.17
C ALA UE 159 52.56 27.78 38.66
N ASP UE 160 53.56 28.27 37.91
CA ASP UE 160 53.43 28.35 36.46
C ASP UE 160 53.15 26.98 35.84
N GLU UE 161 53.79 25.93 36.36
CA GLU UE 161 53.51 24.60 35.85
C GLU UE 161 52.08 24.17 36.17
N LEU UE 162 51.58 24.54 37.34
CA LEU UE 162 50.22 24.16 37.71
C LEU UE 162 49.19 24.80 36.80
N ILE UE 163 49.31 26.11 36.55
CA ILE UE 163 48.35 26.78 35.68
C ILE UE 163 48.52 26.31 34.24
N ASN UE 164 49.76 26.13 33.79
CA ASN UE 164 49.98 25.63 32.44
C ASN UE 164 49.35 24.26 32.24
N ALA UE 165 49.55 23.35 33.19
CA ALA UE 165 48.90 22.04 33.10
C ALA UE 165 47.40 22.14 33.24
N ALA UE 166 46.91 23.12 34.00
CA ALA UE 166 45.46 23.31 34.12
C ALA UE 166 44.85 23.71 32.80
N LYS UE 167 45.41 24.73 32.15
CA LYS UE 167 44.83 25.22 30.90
C LYS UE 167 45.07 24.25 29.74
N GLY UE 168 46.25 23.64 29.68
CA GLY UE 168 46.62 22.84 28.54
C GLY UE 168 47.41 23.69 27.58
N SER UE 169 48.73 23.51 27.56
CA SER UE 169 49.59 24.44 26.82
C SER UE 169 50.70 23.78 26.02
N SER UE 170 50.90 22.46 26.13
CA SER UE 170 52.06 21.79 25.53
C SER UE 170 53.36 22.46 25.97
N ASN UE 171 53.33 23.07 27.15
CA ASN UE 171 54.47 23.82 27.68
C ASN UE 171 54.86 23.28 29.05
N SER UE 172 53.85 22.86 29.83
CA SER UE 172 54.12 22.27 31.12
C SER UE 172 54.78 20.90 30.96
N TYR UE 173 55.73 20.61 31.84
CA TYR UE 173 56.41 19.32 31.78
C TYR UE 173 55.43 18.17 31.99
N ALA UE 174 54.43 18.38 32.86
CA ALA UE 174 53.47 17.32 33.14
C ALA UE 174 52.66 16.96 31.90
N ILE UE 175 52.07 17.96 31.25
CA ILE UE 175 51.26 17.67 30.07
C ILE UE 175 52.14 17.21 28.91
N LYS UE 176 53.38 17.68 28.85
CA LYS UE 176 54.29 17.25 27.79
C LYS UE 176 54.57 15.75 27.89
N LYS UE 177 54.75 15.24 29.12
CA LYS UE 177 55.03 13.82 29.27
C LYS UE 177 53.76 12.99 29.17
N LYS UE 178 52.60 13.64 29.07
CA LYS UE 178 51.35 12.88 28.96
C LYS UE 178 51.08 12.46 27.53
N ASP UE 179 51.02 13.43 26.61
CA ASP UE 179 50.67 13.11 25.23
C ASP UE 179 51.72 12.24 24.55
N GLU UE 180 53.00 12.45 24.85
CA GLU UE 180 54.01 11.55 24.32
C GLU UE 180 53.80 10.14 24.85
N LEU UE 181 53.39 10.03 26.11
CA LEU UE 181 53.00 8.73 26.65
C LEU UE 181 51.70 8.26 26.02
N GLU UE 182 50.83 9.20 25.65
CA GLU UE 182 49.62 8.83 24.94
C GLU UE 182 49.93 8.32 23.55
N ARG UE 183 50.78 9.03 22.82
CA ARG UE 183 51.05 8.68 21.42
C ARG UE 183 51.87 7.41 21.28
N VAL UE 184 52.73 7.10 22.24
CA VAL UE 184 53.47 5.84 22.16
C VAL UE 184 52.52 4.67 22.37
N ALA UE 185 51.56 4.81 23.28
CA ALA UE 185 50.54 3.78 23.43
C ALA UE 185 49.70 3.64 22.16
N LYS UE 186 49.37 4.76 21.53
CA LYS UE 186 48.66 4.71 20.25
C LYS UE 186 49.50 4.04 19.18
N SER UE 187 50.83 4.05 19.33
CA SER UE 187 51.68 3.36 18.37
C SER UE 187 51.64 1.85 18.57
N ASN UE 188 51.25 1.40 19.75
CA ASN UE 188 51.20 -0.03 20.05
C ASN UE 188 49.80 -0.46 20.46
N ARG UE 189 48.79 -0.03 19.69
CA ARG UE 189 47.41 -0.36 20.03
C ARG UE 189 47.17 -1.86 19.93
N MET VE 1 115.76 -23.53 91.00
CA MET VE 1 115.28 -22.15 91.00
C MET VE 1 116.11 -21.34 91.98
N LEU VE 2 116.40 -20.09 91.61
CA LEU VE 2 117.34 -19.26 92.36
C LEU VE 2 116.70 -18.73 93.63
N MET VE 3 115.50 -19.20 93.92
CA MET VE 3 114.74 -18.68 95.05
C MET VE 3 115.39 -19.12 96.36
N PRO VE 4 115.66 -18.17 97.27
CA PRO VE 4 116.45 -18.45 98.49
C PRO VE 4 115.70 -19.19 99.58
N LYS VE 5 116.30 -19.36 100.76
CA LYS VE 5 115.60 -20.04 101.84
C LYS VE 5 114.55 -19.15 102.49
N LYS VE 6 114.85 -17.88 102.69
CA LYS VE 6 113.99 -17.03 103.51
C LYS VE 6 112.56 -17.02 102.99
N ASN VE 7 112.37 -17.35 101.71
CA ASN VE 7 111.02 -17.38 101.17
C ASN VE 7 110.47 -18.80 101.06
N ARG VE 8 111.32 -19.81 100.90
CA ARG VE 8 110.81 -21.18 100.91
C ARG VE 8 110.25 -21.53 102.29
N ILE VE 9 110.93 -21.11 103.35
CA ILE VE 9 110.51 -21.38 104.71
C ILE VE 9 109.51 -20.32 105.13
N ALA VE 10 109.07 -19.52 104.15
CA ALA VE 10 107.94 -18.61 104.34
C ALA VE 10 106.67 -19.13 103.69
N ILE VE 11 106.76 -20.12 102.80
CA ILE VE 11 105.58 -20.62 102.10
C ILE VE 11 105.26 -22.01 102.58
N TYR VE 12 106.29 -22.83 102.81
CA TYR VE 12 106.07 -24.23 103.12
C TYR VE 12 105.22 -24.42 104.38
N GLU VE 13 105.60 -23.75 105.47
CA GLU VE 13 104.82 -23.87 106.69
C GLU VE 13 103.52 -23.08 106.62
N LEU VE 14 103.49 -21.95 105.91
CA LEU VE 14 102.20 -21.28 105.71
C LEU VE 14 101.28 -22.19 104.92
N LEU VE 15 101.84 -23.03 104.05
CA LEU VE 15 101.07 -24.05 103.36
C LEU VE 15 100.68 -25.18 104.31
N PHE VE 16 101.23 -25.16 105.52
CA PHE VE 16 100.96 -26.22 106.49
C PHE VE 16 99.83 -25.78 107.42
N LYS VE 17 99.92 -24.54 107.94
CA LYS VE 17 98.81 -24.01 108.75
C LYS VE 17 97.51 -24.05 107.98
N GLU VE 18 97.51 -23.54 106.75
CA GLU VE 18 96.37 -23.69 105.86
C GLU VE 18 96.73 -24.78 104.85
N GLY VE 19 95.88 -25.81 104.78
CA GLY VE 19 96.23 -27.03 104.07
C GLY VE 19 96.41 -26.86 102.58
N VAL VE 20 96.03 -25.72 102.02
CA VAL VE 20 96.07 -25.48 100.58
C VAL VE 20 96.60 -24.08 100.30
N MET VE 21 97.07 -23.88 99.08
CA MET VE 21 97.40 -22.56 98.57
C MET VE 21 96.69 -22.32 97.25
N VAL VE 22 96.43 -21.05 96.97
CA VAL VE 22 95.73 -20.61 95.77
C VAL VE 22 96.43 -19.39 95.23
N ALA VE 23 96.79 -19.41 93.94
CA ALA VE 23 97.51 -18.29 93.35
C ALA VE 23 97.07 -18.08 91.90
N LYS VE 24 96.78 -16.82 91.58
CA LYS VE 24 96.41 -16.44 90.22
C LYS VE 24 97.59 -16.59 89.28
N LYS VE 25 97.34 -17.09 88.08
CA LYS VE 25 98.45 -17.35 87.17
C LYS VE 25 99.05 -16.03 86.70
N ASP VE 26 100.06 -15.57 87.41
CA ASP VE 26 100.78 -14.37 86.99
C ASP VE 26 102.18 -14.49 87.54
N VAL VE 27 103.13 -14.89 86.69
CA VAL VE 27 104.51 -15.05 87.10
C VAL VE 27 105.11 -13.65 87.26
N HIS VE 28 104.27 -12.62 87.04
CA HIS VE 28 104.71 -11.24 86.99
C HIS VE 28 104.26 -10.40 88.16
N MET VE 29 103.36 -10.88 89.02
CA MET VE 29 102.90 -10.09 90.15
C MET VE 29 104.04 -9.91 91.14
N PRO VE 30 104.39 -8.68 91.50
CA PRO VE 30 105.49 -8.47 92.45
C PRO VE 30 105.24 -9.06 93.81
N LYS VE 31 104.01 -8.97 94.34
CA LYS VE 31 103.72 -9.34 95.71
C LYS VE 31 102.55 -10.31 95.77
N HIS VE 32 102.64 -11.25 96.70
CA HIS VE 32 101.56 -12.20 96.94
C HIS VE 32 100.57 -11.63 97.94
N PRO VE 33 99.28 -11.56 97.63
CA PRO VE 33 98.32 -11.02 98.61
C PRO VE 33 98.26 -11.80 99.91
N GLU VE 34 98.47 -13.12 99.87
CA GLU VE 34 98.41 -13.91 101.09
C GLU VE 34 99.57 -13.56 102.03
N LEU VE 35 100.79 -13.49 101.49
CA LEU VE 35 101.98 -13.28 102.30
C LEU VE 35 102.45 -11.83 102.29
N ALA VE 36 102.81 -11.32 101.10
CA ALA VE 36 103.22 -9.93 100.93
C ALA VE 36 104.35 -9.55 101.87
N ASP VE 37 104.03 -9.34 103.15
CA ASP VE 37 104.96 -8.81 104.14
C ASP VE 37 106.12 -9.75 104.41
N LYS VE 38 106.04 -11.00 103.98
CA LYS VE 38 107.15 -11.95 104.11
C LYS VE 38 108.07 -11.91 102.91
N ASN VE 39 107.85 -10.95 101.99
CA ASN VE 39 108.79 -10.61 100.93
C ASN VE 39 109.08 -11.81 100.03
N VAL VE 40 108.03 -12.26 99.35
CA VAL VE 40 108.16 -13.34 98.39
C VAL VE 40 107.31 -13.01 97.15
N PRO VE 41 107.90 -13.02 95.96
CA PRO VE 41 107.11 -12.74 94.75
C PRO VE 41 106.22 -13.90 94.38
N ASN VE 42 105.17 -13.58 93.61
CA ASN VE 42 104.25 -14.62 93.14
C ASN VE 42 104.98 -15.64 92.27
N LEU VE 43 106.05 -15.21 91.58
CA LEU VE 43 106.84 -16.12 90.78
C LEU VE 43 107.37 -17.27 91.63
N HIS VE 44 107.93 -16.94 92.79
CA HIS VE 44 108.60 -17.96 93.60
C HIS VE 44 107.62 -19.02 94.10
N VAL VE 45 106.45 -18.59 94.59
CA VAL VE 45 105.51 -19.53 95.17
C VAL VE 45 104.98 -20.48 94.10
N MET VE 46 104.77 -19.97 92.88
CA MET VE 46 104.39 -20.86 91.79
C MET VE 46 105.43 -21.95 91.58
N LYS VE 47 106.66 -21.58 91.23
CA LYS VE 47 107.61 -22.57 90.74
C LYS VE 47 108.32 -23.33 91.84
N ALA VE 48 108.24 -22.86 93.09
CA ALA VE 48 108.55 -23.75 94.20
C ALA VE 48 107.49 -24.83 94.33
N MET VE 49 106.22 -24.45 94.23
CA MET VE 49 105.14 -25.40 94.36
C MET VE 49 104.78 -26.09 93.05
N GLN VE 50 105.16 -25.50 91.92
CA GLN VE 50 105.17 -26.28 90.69
C GLN VE 50 106.26 -27.35 90.75
N SER VE 51 107.42 -27.01 91.33
CA SER VE 51 108.45 -28.02 91.55
C SER VE 51 107.99 -29.06 92.55
N LEU VE 52 107.07 -28.68 93.44
CA LEU VE 52 106.62 -29.59 94.48
C LEU VE 52 105.68 -30.64 93.90
N LYS VE 53 104.92 -30.30 92.86
CA LYS VE 53 104.00 -31.28 92.27
C LYS VE 53 104.75 -32.28 91.42
N SER VE 54 105.86 -31.85 90.81
CA SER VE 54 106.68 -32.80 90.06
C SER VE 54 107.26 -33.85 90.99
N ARG VE 55 107.51 -33.47 92.24
CA ARG VE 55 107.81 -34.43 93.29
C ARG VE 55 106.63 -35.34 93.62
N GLY VE 56 105.42 -34.98 93.20
CA GLY VE 56 104.25 -35.76 93.49
C GLY VE 56 103.64 -35.52 94.85
N TYR VE 57 104.14 -34.54 95.60
CA TYR VE 57 103.61 -34.27 96.93
C TYR VE 57 102.42 -33.31 96.92
N VAL VE 58 102.04 -32.78 95.75
CA VAL VE 58 100.90 -31.89 95.65
C VAL VE 58 100.28 -32.06 94.26
N LYS VE 59 98.96 -31.98 94.21
CA LYS VE 59 98.20 -32.07 92.97
C LYS VE 59 97.21 -30.92 92.91
N GLU VE 60 97.07 -30.33 91.72
CA GLU VE 60 96.22 -29.16 91.56
C GLU VE 60 95.35 -29.29 90.32
N GLN VE 61 94.19 -28.65 90.39
CA GLN VE 61 93.32 -28.46 89.24
C GLN VE 61 93.24 -26.97 88.95
N PHE VE 62 93.04 -26.64 87.69
CA PHE VE 62 93.21 -25.27 87.22
C PHE VE 62 91.86 -24.69 86.82
N ALA VE 63 91.50 -23.57 87.43
CA ALA VE 63 90.32 -22.82 87.07
C ALA VE 63 90.71 -21.76 86.05
N TRP VE 64 89.82 -20.79 85.81
CA TRP VE 64 90.05 -19.74 84.82
C TRP VE 64 91.44 -19.16 84.94
N ARG VE 65 91.69 -18.53 86.14
CA ARG VE 65 92.92 -17.77 86.33
C ARG VE 65 93.53 -17.99 87.74
N HIS VE 66 93.63 -19.26 88.25
CA HIS VE 66 94.14 -19.48 89.60
C HIS VE 66 94.57 -20.92 89.78
N PHE VE 67 95.73 -21.11 90.40
CA PHE VE 67 96.09 -22.44 90.86
C PHE VE 67 95.40 -22.75 92.18
N TYR VE 68 95.16 -24.04 92.42
CA TYR VE 68 94.43 -24.54 93.58
C TYR VE 68 95.10 -25.78 94.15
N TRP VE 69 96.40 -25.72 94.44
CA TRP VE 69 97.15 -26.91 94.84
C TRP VE 69 96.52 -27.62 96.05
N TYR VE 70 96.40 -28.95 95.95
CA TYR VE 70 95.96 -29.81 97.04
C TYR VE 70 97.13 -30.68 97.50
N LEU VE 71 97.49 -30.56 98.78
CA LEU VE 71 98.59 -31.34 99.34
C LEU VE 71 98.19 -32.79 99.56
N THR VE 72 99.21 -33.64 99.65
CA THR VE 72 99.03 -35.07 99.88
C THR VE 72 99.79 -35.48 101.12
N ASN VE 73 99.39 -36.63 101.69
CA ASN VE 73 100.11 -37.19 102.82
C ASN VE 73 101.55 -37.49 102.47
N GLU VE 74 101.84 -37.78 101.20
CA GLU VE 74 103.20 -37.95 100.75
C GLU VE 74 104.01 -36.66 100.90
N GLY VE 75 103.35 -35.51 100.95
CA GLY VE 75 104.03 -34.26 101.21
C GLY VE 75 103.95 -33.83 102.66
N ILE VE 76 103.12 -34.52 103.45
CA ILE VE 76 102.97 -34.16 104.86
C ILE VE 76 104.23 -34.51 105.64
N GLN VE 77 104.72 -35.74 105.46
CA GLN VE 77 105.92 -36.14 106.19
C GLN VE 77 107.16 -35.47 105.64
N TYR VE 78 107.20 -35.18 104.33
CA TYR VE 78 108.30 -34.39 103.79
C TYR VE 78 108.29 -32.99 104.37
N LEU VE 79 107.09 -32.40 104.50
CA LEU VE 79 106.98 -31.14 105.22
C LEU VE 79 107.33 -31.30 106.70
N ARG VE 80 106.99 -32.45 107.30
CA ARG VE 80 107.25 -32.66 108.72
C ARG VE 80 108.73 -32.53 109.04
N ASP VE 81 109.55 -33.37 108.41
CA ASP VE 81 110.98 -33.39 108.70
C ASP VE 81 111.71 -32.13 108.22
N TYR VE 82 111.26 -31.52 107.11
CA TYR VE 82 111.96 -30.34 106.61
C TYR VE 82 111.86 -29.17 107.57
N LEU VE 83 110.71 -29.02 108.23
CA LEU VE 83 110.55 -28.01 109.26
C LEU VE 83 110.79 -28.55 110.66
N HIS VE 84 111.13 -29.83 110.79
CA HIS VE 84 111.62 -30.43 112.04
C HIS VE 84 110.68 -30.17 113.20
N LEU VE 85 109.48 -30.73 113.12
CA LEU VE 85 108.55 -30.70 114.24
C LEU VE 85 107.90 -32.07 114.38
N PRO VE 86 107.73 -32.53 115.62
CA PRO VE 86 107.22 -33.90 115.81
C PRO VE 86 105.87 -34.06 115.27
N PRO VE 87 105.37 -35.31 115.06
CA PRO VE 87 104.05 -35.51 114.47
C PRO VE 87 102.92 -35.32 115.47
N GLU VE 88 102.72 -34.09 115.93
CA GLU VE 88 101.60 -33.73 116.79
C GLU VE 88 100.71 -32.67 116.16
N ILE VE 89 101.30 -31.61 115.62
CA ILE VE 89 100.53 -30.57 114.94
C ILE VE 89 100.41 -30.91 113.47
N VAL VE 90 99.19 -30.81 112.94
CA VAL VE 90 98.90 -31.16 111.55
C VAL VE 90 98.15 -30.00 110.91
N PRO VE 91 98.11 -29.91 109.57
CA PRO VE 91 97.25 -28.94 108.92
C PRO VE 91 95.89 -28.69 109.59
N ALA VE 92 95.42 -27.44 109.47
CA ALA VE 92 94.09 -27.11 109.96
C ALA VE 92 93.02 -27.91 109.23
N THR VE 93 93.18 -28.09 107.92
CA THR VE 93 92.18 -28.79 107.13
C THR VE 93 92.02 -30.24 107.55
N LEU VE 94 93.06 -30.84 108.15
CA LEU VE 94 92.98 -32.25 108.52
C LEU VE 94 91.94 -32.48 109.60
N ARG VE 95 91.96 -31.68 110.66
CA ARG VE 95 90.97 -31.85 111.71
C ARG VE 95 90.21 -30.58 112.05
N ARG VE 96 90.87 -29.42 112.05
CA ARG VE 96 90.26 -28.16 112.47
C ARG VE 96 89.46 -28.31 113.76
N SER VE 97 88.15 -28.44 113.63
CA SER VE 97 87.26 -28.50 114.80
C SER VE 97 87.38 -29.83 115.54
N ARG VE 98 87.49 -30.94 114.82
CA ARG VE 98 87.49 -32.24 115.45
C ARG VE 98 88.79 -32.99 115.18
N THR WE 1 120.02 32.26 62.82
CA THR WE 1 118.94 32.55 63.76
C THR WE 1 117.80 31.54 63.61
N TYR WE 2 117.05 31.32 64.70
CA TYR WE 2 116.01 30.31 64.69
C TYR WE 2 114.63 30.94 64.86
N ARG WE 3 114.52 31.97 65.70
CA ARG WE 3 113.28 32.73 65.83
C ARG WE 3 113.56 34.22 65.95
N GLY WE 4 114.43 34.72 65.08
CA GLY WE 4 114.87 36.11 65.16
C GLY WE 4 115.95 36.36 66.17
N VAL WE 5 116.27 35.37 66.99
CA VAL WE 5 117.37 35.42 67.94
C VAL WE 5 118.48 34.54 67.41
N ASP WE 6 119.73 34.92 67.68
CA ASP WE 6 120.87 34.30 67.01
C ASP WE 6 121.03 32.85 67.44
N LEU WE 7 121.69 32.07 66.58
CA LEU WE 7 122.07 30.72 66.96
C LEU WE 7 123.03 30.73 68.14
N ASP WE 8 123.98 31.67 68.15
CA ASP WE 8 124.89 31.82 69.27
C ASP WE 8 124.12 32.04 70.57
N GLN WE 9 122.97 32.71 70.47
CA GLN WE 9 122.06 32.78 71.60
C GLN WE 9 121.53 31.40 71.98
N LEU WE 10 121.24 30.56 70.99
CA LEU WE 10 120.58 29.28 71.26
C LEU WE 10 121.48 28.35 72.05
N LEU WE 11 122.80 28.44 71.86
CA LEU WE 11 123.71 27.60 72.64
C LEU WE 11 123.60 27.88 74.13
N ASP WE 12 123.57 29.15 74.53
CA ASP WE 12 123.62 29.52 75.94
C ASP WE 12 122.27 30.00 76.46
N MET WE 13 121.16 29.40 76.02
CA MET WE 13 119.86 29.60 76.62
C MET WE 13 119.52 28.43 77.53
N SER WE 14 118.90 28.73 78.66
CA SER WE 14 118.37 27.71 79.55
C SER WE 14 117.14 27.07 78.90
N TYR WE 15 116.56 26.08 79.58
CA TYR WE 15 115.42 25.33 79.07
C TYR WE 15 114.11 26.10 79.26
N GLU WE 16 114.11 27.14 80.10
CA GLU WE 16 112.87 27.75 80.53
C GLU WE 16 112.39 28.88 79.63
N GLN WE 17 113.21 29.42 78.73
CA GLN WE 17 112.78 30.53 77.88
C GLN WE 17 112.61 30.18 76.40
N LEU WE 18 113.31 29.18 75.88
CA LEU WE 18 112.96 28.66 74.57
C LEU WE 18 111.67 27.87 74.60
N MET WE 19 111.14 27.62 75.81
CA MET WE 19 109.88 26.90 75.99
C MET WE 19 108.77 27.53 75.16
N GLN WE 20 108.58 28.84 75.33
CA GLN WE 20 107.62 29.57 74.52
C GLN WE 20 108.17 29.86 73.12
N LEU WE 21 109.49 29.92 72.98
CA LEU WE 21 110.13 30.13 71.69
C LEU WE 21 110.10 28.89 70.82
N TYR WE 22 109.67 27.75 71.37
CA TYR WE 22 109.53 26.53 70.60
C TYR WE 22 108.11 26.48 70.03
N SER WE 23 107.73 25.32 69.50
CA SER WE 23 106.36 25.09 69.08
C SER WE 23 105.58 24.45 70.22
N ALA WE 24 104.28 24.23 70.01
CA ALA WE 24 103.44 23.70 71.08
C ALA WE 24 103.81 22.28 71.43
N ARG WE 25 104.01 21.43 70.43
CA ARG WE 25 104.29 20.02 70.69
C ARG WE 25 105.58 19.85 71.46
N GLN WE 26 106.66 20.47 70.99
CA GLN WE 26 107.93 20.37 71.68
C GLN WE 26 107.84 20.99 73.07
N ARG WE 27 107.17 22.13 73.19
CA ARG WE 27 107.00 22.77 74.49
C ARG WE 27 106.31 21.83 75.47
N ARG WE 28 105.20 21.21 75.05
CA ARG WE 28 104.52 20.25 75.93
C ARG WE 28 105.41 19.05 76.21
N ARG WE 29 106.12 18.56 75.20
CA ARG WE 29 107.05 17.45 75.41
C ARG WE 29 108.18 17.87 76.34
N LEU WE 30 108.74 19.06 76.12
CA LEU WE 30 109.75 19.58 77.02
C LEU WE 30 109.19 19.98 78.37
N ASN WE 31 107.92 20.37 78.43
CA ASN WE 31 107.30 20.65 79.71
C ASN WE 31 107.33 19.41 80.61
N ARG WE 32 106.87 18.28 80.09
CA ARG WE 32 107.05 17.02 80.80
C ARG WE 32 108.53 16.68 80.85
N GLY WE 33 108.98 16.19 82.00
CA GLY WE 33 110.40 15.96 82.22
C GLY WE 33 111.05 15.04 81.20
N LEU WE 34 112.16 15.48 80.64
CA LEU WE 34 112.90 14.65 79.70
C LEU WE 34 113.64 13.56 80.46
N ARG WE 35 113.32 12.31 80.14
CA ARG WE 35 113.72 11.17 80.96
C ARG WE 35 115.23 10.96 80.91
N ARG WE 36 115.70 10.01 81.73
CA ARG WE 36 117.13 9.78 81.88
C ARG WE 36 117.76 9.18 80.63
N LYS WE 37 116.98 8.50 79.79
CA LYS WE 37 117.54 7.97 78.55
C LYS WE 37 118.01 9.10 77.65
N GLN WE 38 117.23 10.18 77.55
CA GLN WE 38 117.65 11.34 76.78
C GLN WE 38 118.87 12.00 77.40
N HIS WE 39 118.89 12.12 78.73
CA HIS WE 39 120.05 12.69 79.40
C HIS WE 39 121.28 11.82 79.20
N SER WE 40 121.12 10.50 79.29
CA SER WE 40 122.26 9.59 79.12
C SER WE 40 122.86 9.72 77.73
N LEU WE 41 122.01 9.66 76.69
CA LEU WE 41 122.52 9.86 75.34
C LEU WE 41 123.04 11.28 75.17
N LEU WE 42 122.36 12.25 75.79
CA LEU WE 42 122.87 13.62 75.80
C LEU WE 42 124.28 13.68 76.36
N LYS WE 43 124.51 13.01 77.50
CA LYS WE 43 125.85 12.99 78.07
C LYS WE 43 126.83 12.34 77.12
N ARG WE 44 126.36 11.43 76.27
CA ARG WE 44 127.22 10.84 75.25
C ARG WE 44 127.54 11.85 74.16
N LEU WE 45 126.57 12.71 73.81
CA LEU WE 45 126.83 13.74 72.82
C LEU WE 45 127.86 14.73 73.33
N ARG WE 46 127.65 15.28 74.53
CA ARG WE 46 128.60 16.24 75.09
C ARG WE 46 129.98 15.62 75.21
N LYS WE 47 130.05 14.36 75.64
CA LYS WE 47 131.33 13.66 75.67
C LYS WE 47 131.90 13.50 74.27
N ALA WE 48 131.02 13.32 73.28
CA ALA WE 48 131.50 13.14 71.91
C ALA WE 48 132.06 14.42 71.33
N LYS WE 49 131.34 15.55 71.48
CA LYS WE 49 131.81 16.81 70.91
C LYS WE 49 133.13 17.25 71.53
N LYS WE 50 133.26 17.08 72.85
CA LYS WE 50 134.47 17.53 73.53
C LYS WE 50 135.67 16.65 73.22
N GLU WE 51 135.46 15.39 72.87
CA GLU WE 51 136.59 14.51 72.58
C GLU WE 51 137.21 14.78 71.22
N ALA WE 52 136.41 15.21 70.26
CA ALA WE 52 136.91 15.39 68.90
C ALA WE 52 137.97 16.50 68.85
N PRO WE 53 138.99 16.34 68.02
CA PRO WE 53 140.02 17.37 67.88
C PRO WE 53 139.45 18.62 67.24
N PRO WE 54 140.14 19.76 67.36
CA PRO WE 54 139.63 21.00 66.75
C PRO WE 54 139.53 20.90 65.24
N MET WE 55 138.52 21.56 64.69
CA MET WE 55 138.25 21.58 63.25
C MET WE 55 138.10 20.16 62.72
N GLU WE 56 137.69 19.23 63.57
CA GLU WE 56 137.55 17.83 63.22
C GLU WE 56 136.15 17.37 63.59
N LYS WE 57 135.50 16.69 62.67
CA LYS WE 57 134.12 16.25 62.89
C LYS WE 57 134.08 15.17 63.97
N PRO WE 58 133.09 15.23 64.87
CA PRO WE 58 133.06 14.27 65.98
C PRO WE 58 132.72 12.87 65.49
N GLU WE 59 133.12 11.89 66.29
CA GLU WE 59 132.82 10.50 65.98
C GLU WE 59 131.32 10.28 66.00
N VAL WE 60 130.89 9.18 65.41
CA VAL WE 60 129.47 8.83 65.41
C VAL WE 60 129.09 8.27 66.78
N VAL WE 61 127.91 8.67 67.26
CA VAL WE 61 127.29 8.04 68.42
C VAL WE 61 125.98 7.43 67.93
N LYS WE 62 125.66 6.25 68.43
CA LYS WE 62 124.51 5.51 67.95
C LYS WE 62 123.50 5.30 69.07
N THR WE 63 122.22 5.30 68.70
CA THR WE 63 121.15 5.25 69.67
C THR WE 63 119.89 4.69 69.01
N HIS WE 64 118.95 4.27 69.86
CA HIS WE 64 117.65 3.79 69.41
C HIS WE 64 116.57 4.84 69.44
N LEU WE 65 116.82 5.98 70.10
CA LEU WE 65 115.78 6.97 70.36
C LEU WE 65 115.58 7.84 69.12
N ARG WE 66 114.65 7.42 68.27
CA ARG WE 66 114.17 8.30 67.20
C ARG WE 66 112.92 9.05 67.66
N ASP WE 67 112.98 9.58 68.88
CA ASP WE 67 111.89 10.38 69.42
C ASP WE 67 112.40 11.56 70.23
N MET WE 68 113.70 11.77 70.30
CA MET WE 68 114.26 12.89 71.06
C MET WE 68 114.23 14.15 70.21
N ILE WE 69 113.88 15.26 70.83
CA ILE WE 69 113.83 16.53 70.13
C ILE WE 69 115.24 17.08 69.99
N ILE WE 70 115.60 17.52 68.79
CA ILE WE 70 116.92 18.12 68.60
C ILE WE 70 116.94 19.47 69.31
N LEU WE 71 117.94 19.67 70.13
CA LEU WE 71 118.15 20.74 71.08
C LEU WE 71 119.41 21.53 70.72
N PRO WE 72 119.44 22.84 70.95
CA PRO WE 72 120.57 23.63 70.45
C PRO WE 72 121.94 23.23 70.99
N GLU WE 73 122.04 22.43 72.03
CA GLU WE 73 123.35 22.12 72.59
C GLU WE 73 124.05 20.95 71.91
N MET WE 74 123.43 20.28 70.93
CA MET WE 74 124.14 19.28 70.14
C MET WE 74 124.08 19.58 68.64
N VAL WE 75 124.01 20.86 68.27
CA VAL WE 75 124.02 21.21 66.85
C VAL WE 75 125.36 20.86 66.24
N GLY WE 76 125.33 20.24 65.07
CA GLY WE 76 126.55 19.85 64.39
C GLY WE 76 127.16 18.59 64.95
N SER WE 77 126.37 17.53 65.04
CA SER WE 77 126.80 16.29 65.67
C SER WE 77 126.42 15.10 64.81
N MET WE 78 127.31 14.12 64.76
CA MET WE 78 127.04 12.86 64.06
C MET WE 78 126.43 11.86 65.02
N VAL WE 79 125.16 11.53 64.79
CA VAL WE 79 124.43 10.60 65.65
C VAL WE 79 123.81 9.51 64.79
N GLY WE 80 123.96 8.26 65.22
CA GLY WE 80 123.40 7.13 64.53
C GLY WE 80 122.06 6.74 65.13
N VAL WE 81 120.99 7.02 64.41
CA VAL WE 81 119.64 6.74 64.86
C VAL WE 81 119.13 5.50 64.12
N TYR WE 82 118.30 4.73 64.80
CA TYR WE 82 117.86 3.46 64.26
C TYR WE 82 116.74 3.65 63.24
N ASN WE 83 116.78 2.85 62.18
CA ASN WE 83 115.72 2.83 61.18
C ASN WE 83 114.92 1.54 61.18
N GLY WE 84 115.18 0.65 62.13
CA GLY WE 84 114.63 -0.69 62.07
C GLY WE 84 115.69 -1.73 61.75
N LYS WE 85 116.54 -1.46 60.76
CA LYS WE 85 117.75 -2.25 60.54
C LYS WE 85 119.04 -1.55 60.95
N THR WE 86 119.27 -0.34 60.44
CA THR WE 86 120.57 0.28 60.47
C THR WE 86 120.54 1.58 61.25
N PHE WE 87 121.71 1.97 61.75
CA PHE WE 87 121.88 3.23 62.46
C PHE WE 87 122.39 4.27 61.48
N ASN WE 88 121.49 5.10 60.98
CA ASN WE 88 121.79 6.05 59.92
C ASN WE 88 122.59 7.23 60.46
N GLN WE 89 123.43 7.79 59.60
CA GLN WE 89 124.32 8.89 59.96
C GLN WE 89 123.67 10.21 59.60
N VAL WE 90 123.62 11.12 60.57
CA VAL WE 90 123.03 12.44 60.35
C VAL WE 90 123.82 13.47 61.16
N GLU WE 91 124.24 14.54 60.48
CA GLU WE 91 124.77 15.72 61.15
C GLU WE 91 123.61 16.66 61.45
N ILE WE 92 123.62 17.25 62.64
CA ILE WE 92 122.51 18.10 63.05
C ILE WE 92 122.74 19.49 62.43
N LYS WE 93 121.90 19.84 61.46
CA LYS WE 93 121.96 21.17 60.87
C LYS WE 93 121.33 22.18 61.84
N PRO WE 94 121.91 23.38 61.91
CA PRO WE 94 121.26 24.44 62.70
C PRO WE 94 119.77 24.59 62.44
N GLU WE 95 119.28 24.20 61.27
CA GLU WE 95 117.84 24.10 61.03
C GLU WE 95 117.37 22.65 61.19
N MET WE 96 117.49 22.15 62.42
CA MET WE 96 116.94 20.84 62.76
C MET WE 96 116.33 20.84 64.16
N ILE WE 97 116.29 21.97 64.84
CA ILE WE 97 115.87 22.00 66.24
C ILE WE 97 114.42 21.57 66.39
N GLY WE 98 113.52 22.16 65.61
CA GLY WE 98 112.10 21.90 65.79
C GLY WE 98 111.63 20.60 65.17
N HIS WE 99 112.37 19.52 65.37
CA HIS WE 99 112.06 18.25 64.72
C HIS WE 99 112.70 17.10 65.51
N TYR WE 100 112.27 15.89 65.17
CA TYR WE 100 112.72 14.66 65.79
C TYR WE 100 113.90 14.09 65.03
N LEU WE 101 114.58 13.12 65.66
CA LEU WE 101 115.63 12.39 64.95
C LEU WE 101 115.08 11.57 63.80
N GLY WE 102 113.97 10.87 64.02
CA GLY WE 102 113.50 9.89 63.06
C GLY WE 102 113.05 10.46 61.74
N GLU WE 103 112.64 11.73 61.72
CA GLU WE 103 112.14 12.34 60.49
C GLU WE 103 113.20 12.46 59.41
N PHE WE 104 114.48 12.31 59.77
CA PHE WE 104 115.56 12.42 58.80
C PHE WE 104 116.12 11.07 58.37
N SER WE 105 115.79 10.00 59.08
CA SER WE 105 116.22 8.65 58.71
C SER WE 105 114.98 7.83 58.42
N ILE WE 106 114.79 7.46 57.16
CA ILE WE 106 113.57 6.79 56.75
C ILE WE 106 113.57 5.35 57.26
N THR WE 107 112.37 4.80 57.48
CA THR WE 107 112.21 3.41 57.85
C THR WE 107 111.79 2.55 56.68
N TYR WE 108 111.61 3.15 55.50
CA TYR WE 108 111.11 2.43 54.35
C TYR WE 108 111.71 3.05 53.09
N LYS WE 109 112.37 2.23 52.31
CA LYS WE 109 112.85 2.74 51.04
C LYS WE 109 111.67 3.02 50.12
N PRO WE 110 111.60 4.20 49.51
CA PRO WE 110 110.46 4.52 48.66
C PRO WE 110 110.34 3.54 47.50
N VAL WE 111 109.11 3.11 47.25
CA VAL WE 111 108.84 2.16 46.19
C VAL WE 111 108.98 2.88 44.85
N LYS WE 112 109.71 2.27 43.91
CA LYS WE 112 109.80 2.85 42.58
C LYS WE 112 108.54 2.44 41.81
N HIS WE 113 108.44 1.14 41.47
CA HIS WE 113 107.20 0.41 41.27
C HIS WE 113 107.50 -0.99 40.75
N GLY WE 114 106.45 -1.81 40.60
CA GLY WE 114 106.55 -3.07 39.88
C GLY WE 114 105.39 -3.22 38.91
N ARG WE 115 105.63 -4.01 37.87
CA ARG WE 115 104.58 -4.30 36.89
C ARG WE 115 103.46 -5.09 37.56
N PRO WE 116 102.19 -4.77 37.31
CA PRO WE 116 101.11 -5.58 37.88
C PRO WE 116 101.20 -7.04 37.45
N GLY WE 117 100.91 -7.93 38.39
CA GLY WE 117 101.06 -9.35 38.15
C GLY WE 117 99.76 -10.09 37.96
N ILE WE 118 99.55 -11.14 38.76
CA ILE WE 118 98.37 -11.99 38.61
C ILE WE 118 97.10 -11.22 38.93
N GLY WE 119 97.11 -10.41 39.99
CA GLY WE 119 95.96 -9.62 40.34
C GLY WE 119 95.70 -8.50 39.34
N ALA WE 120 94.80 -7.59 39.73
CA ALA WE 120 94.42 -6.44 38.93
C ALA WE 120 93.89 -6.90 37.56
N THR WE 121 92.73 -7.55 37.63
CA THR WE 121 92.04 -8.16 36.47
C THR WE 121 92.16 -7.37 35.16
N SER XE 1 27.73 29.73 92.45
CA SER XE 1 28.48 30.93 92.10
C SER XE 1 29.98 30.71 92.26
N LYS XE 2 30.35 29.85 93.20
CA LYS XE 2 31.74 29.56 93.51
C LYS XE 2 31.97 28.07 93.66
N GLY XE 3 31.39 27.28 92.74
CA GLY XE 3 31.48 25.84 92.79
C GLY XE 3 32.90 25.34 92.56
N PRO XE 4 33.44 24.61 93.55
CA PRO XE 4 34.80 24.09 93.42
C PRO XE 4 34.83 22.69 92.83
N LEU XE 5 36.04 22.13 92.70
CA LEU XE 5 36.28 20.79 92.18
C LEU XE 5 35.46 20.51 90.92
N GLN XE 6 35.22 21.56 90.14
CA GLN XE 6 34.44 21.45 88.90
C GLN XE 6 35.42 21.27 87.73
N SER XE 7 36.20 20.20 87.82
CA SER XE 7 37.36 20.04 86.95
C SER XE 7 37.54 18.59 86.55
N VAL XE 8 38.31 18.38 85.49
CA VAL XE 8 38.65 17.05 85.00
C VAL XE 8 39.99 17.14 84.28
N GLN XE 9 40.80 16.09 84.42
CA GLN XE 9 42.14 16.04 83.85
C GLN XE 9 42.22 14.84 82.91
N VAL XE 10 42.66 15.08 81.68
CA VAL XE 10 42.76 14.03 80.67
C VAL XE 10 44.13 14.16 80.00
N PHE XE 11 44.62 13.05 79.44
CA PHE XE 11 45.88 13.07 78.73
C PHE XE 11 45.66 12.71 77.26
N GLY XE 12 46.74 12.82 76.48
CA GLY XE 12 46.73 12.50 75.06
C GLY XE 12 48.13 12.28 74.54
N ARG XE 13 48.32 11.31 73.64
CA ARG XE 13 49.64 10.90 73.21
C ARG XE 13 49.73 10.89 71.68
N LYS XE 14 50.91 11.26 71.16
CA LYS XE 14 51.27 10.99 69.77
C LYS XE 14 52.65 10.35 69.78
N LYS XE 15 52.67 9.05 70.07
CA LYS XE 15 53.76 8.10 69.84
C LYS XE 15 54.98 8.31 70.73
N THR XE 16 55.17 9.51 71.30
CA THR XE 16 56.06 9.66 72.44
C THR XE 16 55.57 10.77 73.35
N ALA XE 17 54.72 11.64 72.82
CA ALA XE 17 54.42 12.91 73.47
C ALA XE 17 53.07 12.78 74.18
N THR XE 18 53.12 12.65 75.50
CA THR XE 18 51.91 12.56 76.31
C THR XE 18 51.66 13.93 76.94
N ALA XE 19 50.64 14.62 76.44
CA ALA XE 19 50.22 15.90 76.98
C ALA XE 19 48.94 15.71 77.78
N VAL XE 20 48.95 16.15 79.02
CA VAL XE 20 47.79 16.04 79.90
C VAL XE 20 47.06 17.37 79.88
N ALA XE 21 45.74 17.32 79.70
CA ALA XE 21 44.91 18.51 79.64
C ALA XE 21 44.04 18.58 80.88
N HIS XE 22 44.06 19.71 81.56
CA HIS XE 22 43.28 19.92 82.77
C HIS XE 22 42.17 20.88 82.43
N CYS XE 23 40.92 20.43 82.61
CA CYS XE 23 39.75 21.27 82.38
C CYS XE 23 39.25 21.84 83.70
N LYS XE 24 38.94 23.14 83.68
CA LYS XE 24 38.39 23.81 84.84
C LYS XE 24 37.13 24.55 84.43
N ARG XE 25 36.11 24.53 85.29
CA ARG XE 25 34.94 25.36 85.05
C ARG XE 25 35.30 26.83 85.27
N GLY XE 26 34.98 27.67 84.30
CA GLY XE 26 35.29 29.08 84.41
C GLY XE 26 34.91 29.88 83.19
N ASN XE 27 35.81 30.74 82.71
CA ASN XE 27 35.52 31.67 81.64
C ASN XE 27 36.65 31.70 80.61
N GLY XE 28 36.55 30.84 79.60
CA GLY XE 28 37.28 30.99 78.36
C GLY XE 28 38.79 31.07 78.41
N LEU XE 29 39.43 30.17 79.14
CA LEU XE 29 40.88 30.13 79.20
C LEU XE 29 41.39 28.89 78.49
N ILE XE 30 42.38 29.07 77.61
CA ILE XE 30 43.09 27.97 76.98
C ILE XE 30 44.55 28.38 76.86
N LYS XE 31 45.42 27.69 77.60
CA LYS XE 31 46.84 28.01 77.56
C LYS XE 31 47.64 26.72 77.59
N VAL XE 32 48.84 26.78 77.02
CA VAL XE 32 49.72 25.62 76.89
C VAL XE 32 50.97 25.91 77.70
N ASN XE 33 51.09 25.26 78.86
CA ASN XE 33 52.23 25.38 79.77
C ASN XE 33 52.78 26.81 79.82
N GLY XE 34 51.88 27.74 80.15
CA GLY XE 34 52.22 29.15 80.17
C GLY XE 34 51.86 29.88 78.89
N ARG XE 35 52.18 29.28 77.74
CA ARG XE 35 51.87 29.93 76.47
C ARG XE 35 50.38 29.76 76.14
N PRO XE 36 49.82 30.66 75.34
CA PRO XE 36 48.44 30.47 74.86
C PRO XE 36 48.41 29.64 73.58
N LEU XE 37 47.22 29.41 73.04
CA LEU XE 37 47.06 28.48 71.93
C LEU XE 37 47.61 28.99 70.61
N GLU XE 38 47.90 30.29 70.47
CA GLU XE 38 48.42 30.80 69.22
C GLU XE 38 49.85 31.33 69.34
N MET XE 39 50.58 30.94 70.37
CA MET XE 39 51.96 31.40 70.60
C MET XE 39 52.89 30.21 70.80
N ILE XE 40 52.84 29.25 69.88
CA ILE XE 40 53.60 28.02 69.98
C ILE XE 40 54.38 27.77 68.69
N GLU XE 41 54.90 26.55 68.54
CA GLU XE 41 55.81 26.04 67.52
C GLU XE 41 55.23 26.26 66.11
N PRO XE 42 55.95 25.87 65.04
CA PRO XE 42 56.22 26.79 63.93
C PRO XE 42 55.03 27.50 63.29
N ARG XE 43 53.81 27.21 63.73
CA ARG XE 43 52.63 27.98 63.37
C ARG XE 43 52.23 27.72 61.92
N THR XE 44 53.04 26.96 61.20
CA THR XE 44 52.59 26.45 59.91
C THR XE 44 51.49 25.44 60.11
N LEU XE 45 51.45 24.81 61.29
CA LEU XE 45 50.38 23.90 61.67
C LEU XE 45 49.32 24.63 62.49
N GLN XE 46 49.34 25.97 62.48
CA GLN XE 46 48.54 26.74 63.42
C GLN XE 46 47.08 26.31 63.41
N TYR XE 47 46.50 26.20 62.21
CA TYR XE 47 45.11 25.76 62.07
C TYR XE 47 44.90 24.34 62.58
N LYS XE 48 45.95 23.53 62.64
CA LYS XE 48 45.83 22.23 63.29
C LYS XE 48 45.66 22.36 64.79
N LEU XE 49 46.26 23.39 65.40
CA LEU XE 49 46.18 23.53 66.84
C LEU XE 49 44.77 23.88 67.29
N LEU XE 50 44.26 25.02 66.85
CA LEU XE 50 42.90 25.41 67.22
C LEU XE 50 41.86 24.70 66.37
N GLU XE 51 42.26 23.64 65.68
CA GLU XE 51 41.30 22.87 64.88
C GLU XE 51 40.09 22.44 65.68
N PRO XE 52 40.21 21.80 66.85
CA PRO XE 52 39.02 21.57 67.66
C PRO XE 52 38.33 22.85 68.08
N VAL XE 53 39.09 23.92 68.32
CA VAL XE 53 38.50 25.18 68.75
C VAL XE 53 37.58 25.74 67.68
N LEU XE 54 38.04 25.75 66.42
CA LEU XE 54 37.26 26.40 65.38
C LEU XE 54 36.08 25.55 64.95
N LEU XE 55 36.23 24.22 64.97
CA LEU XE 55 35.14 23.36 64.54
C LEU XE 55 34.12 23.09 65.64
N LEU XE 56 34.36 23.58 66.86
CA LEU XE 56 33.41 23.41 67.95
C LEU XE 56 32.73 24.71 68.34
N GLY XE 57 33.39 25.85 68.14
CA GLY XE 57 32.84 27.13 68.51
C GLY XE 57 33.29 27.58 69.88
N LYS XE 58 33.44 28.89 70.02
CA LYS XE 58 33.97 29.45 71.26
C LYS XE 58 32.99 29.28 72.41
N GLU XE 59 31.69 29.21 72.10
CA GLU XE 59 30.67 29.16 73.16
C GLU XE 59 30.78 27.88 73.97
N ARG XE 60 31.16 26.77 73.35
CA ARG XE 60 31.35 25.51 74.07
C ARG XE 60 32.70 25.44 74.76
N PHE XE 61 33.55 26.44 74.57
CA PHE XE 61 34.78 26.59 75.34
C PHE XE 61 34.74 27.75 76.32
N ALA XE 62 33.65 28.51 76.34
CA ALA XE 62 33.55 29.65 77.24
C ALA XE 62 33.57 29.21 78.70
N GLY XE 63 32.88 28.13 79.03
CA GLY XE 63 32.76 27.71 80.41
C GLY XE 63 33.97 26.98 80.96
N VAL XE 64 35.00 26.75 80.14
CA VAL XE 64 36.12 25.91 80.54
C VAL XE 64 37.41 26.74 80.54
N ASP XE 65 38.42 26.21 81.22
CA ASP XE 65 39.72 26.86 81.43
C ASP XE 65 40.86 25.89 81.17
N ILE XE 66 40.83 25.22 80.01
CA ILE XE 66 41.82 24.19 79.72
C ILE XE 66 43.24 24.72 79.86
N ARG XE 67 44.06 23.98 80.61
CA ARG XE 67 45.47 24.30 80.78
C ARG XE 67 46.26 23.01 80.59
N VAL XE 68 47.08 22.96 79.54
CA VAL XE 68 47.76 21.74 79.15
C VAL XE 68 49.27 21.95 79.23
N ARG XE 69 49.96 20.94 79.75
CA ARG XE 69 51.42 20.89 79.75
C ARG XE 69 51.86 19.63 79.02
N VAL XE 70 52.91 19.74 78.22
CA VAL XE 70 53.31 18.68 77.32
C VAL XE 70 54.82 18.43 77.45
N LYS XE 71 55.21 17.16 77.41
CA LYS XE 71 56.61 16.76 77.43
C LYS XE 71 56.80 15.55 76.54
N GLY XE 72 58.05 15.30 76.16
CA GLY XE 72 58.40 14.15 75.37
C GLY XE 72 58.08 14.32 73.89
N GLY XE 73 58.60 13.39 73.10
CA GLY XE 73 58.33 13.38 71.68
C GLY XE 73 58.99 14.54 70.94
N GLY XE 74 58.53 14.74 69.71
CA GLY XE 74 58.97 15.84 68.88
C GLY XE 74 57.86 16.84 68.63
N HIS XE 75 58.22 17.93 67.95
CA HIS XE 75 57.33 19.07 67.80
C HIS XE 75 55.95 18.67 67.32
N VAL XE 76 55.87 18.10 66.11
CA VAL XE 76 54.56 17.81 65.52
C VAL XE 76 53.82 16.76 66.33
N ALA XE 77 54.56 15.80 66.90
CA ALA XE 77 53.93 14.84 67.79
C ALA XE 77 53.32 15.54 69.00
N GLN XE 78 54.03 16.51 69.56
CA GLN XE 78 53.45 17.34 70.61
C GLN XE 78 52.24 18.11 70.08
N ILE XE 79 52.30 18.56 68.84
CA ILE XE 79 51.19 19.30 68.25
C ILE XE 79 49.96 18.40 68.14
N TYR XE 80 50.15 17.17 67.63
CA TYR XE 80 49.05 16.23 67.59
C TYR XE 80 48.61 15.82 68.99
N ALA XE 81 49.55 15.86 69.94
CA ALA XE 81 49.25 15.40 71.29
C ALA XE 81 48.21 16.28 71.96
N ILE XE 82 48.45 17.60 71.99
CA ILE XE 82 47.59 18.52 72.71
C ILE XE 82 46.24 18.67 72.02
N ARG XE 83 46.23 18.72 70.69
CA ARG XE 83 44.94 18.82 70.02
C ARG XE 83 44.11 17.58 70.30
N GLN XE 84 44.77 16.43 70.46
CA GLN XE 84 44.08 15.25 70.95
C GLN XE 84 43.78 15.39 72.43
N SER XE 85 44.61 16.12 73.16
CA SER XE 85 44.39 16.29 74.60
C SER XE 85 43.17 17.16 74.87
N ILE XE 86 43.03 18.28 74.16
CA ILE XE 86 41.88 19.15 74.40
C ILE XE 86 40.59 18.48 73.95
N SER XE 87 40.64 17.69 72.87
CA SER XE 87 39.44 17.02 72.40
C SER XE 87 38.94 16.02 73.43
N LYS XE 88 39.85 15.23 74.01
CA LYS XE 88 39.45 14.30 75.06
C LYS XE 88 38.99 15.06 76.30
N ALA XE 89 39.56 16.24 76.55
CA ALA XE 89 39.23 16.98 77.76
C ALA XE 89 37.79 17.46 77.75
N LEU XE 90 37.37 18.12 76.68
CA LEU XE 90 36.00 18.63 76.63
C LEU XE 90 34.99 17.50 76.63
N VAL XE 91 35.23 16.45 75.85
CA VAL XE 91 34.29 15.34 75.82
C VAL XE 91 34.27 14.63 77.17
N ALA XE 92 35.40 14.58 77.87
CA ALA XE 92 35.39 14.07 79.23
C ALA XE 92 34.64 15.02 80.16
N TYR XE 93 34.93 16.32 80.06
CA TYR XE 93 34.20 17.30 80.85
C TYR XE 93 32.71 17.26 80.53
N TYR XE 94 32.36 17.29 79.24
CA TYR XE 94 30.96 17.20 78.86
C TYR XE 94 30.37 15.83 79.17
N GLN XE 95 31.21 14.80 79.35
CA GLN XE 95 30.71 13.54 79.86
C GLN XE 95 30.33 13.62 81.33
N LYS XE 96 31.13 14.34 82.11
CA LYS XE 96 30.98 14.36 83.56
C LYS XE 96 30.08 15.49 84.03
N TYR XE 97 30.44 16.73 83.71
CA TYR XE 97 29.84 17.89 84.34
C TYR XE 97 28.59 18.40 83.63
N VAL XE 98 28.23 17.82 82.49
CA VAL XE 98 26.97 18.14 81.83
C VAL XE 98 26.43 16.85 81.24
N ASP XE 99 25.16 16.89 80.83
CA ASP XE 99 24.53 15.73 80.23
C ASP XE 99 25.28 15.28 78.99
N GLU XE 100 25.40 13.97 78.81
CA GLU XE 100 26.17 13.42 77.70
C GLU XE 100 25.56 13.73 76.34
N ALA XE 101 24.31 14.18 76.27
CA ALA XE 101 23.71 14.51 74.98
C ALA XE 101 24.54 15.57 74.27
N SER XE 102 24.88 16.66 74.95
CA SER XE 102 25.77 17.65 74.36
C SER XE 102 27.15 17.07 74.11
N LYS XE 103 27.64 16.22 75.02
CA LYS XE 103 28.88 15.50 74.77
C LYS XE 103 28.76 14.63 73.52
N LYS XE 104 27.61 13.99 73.35
CA LYS XE 104 27.42 13.10 72.20
C LYS XE 104 27.42 13.90 70.89
N GLU XE 105 26.66 14.99 70.83
CA GLU XE 105 26.59 15.76 69.59
C GLU XE 105 27.96 16.32 69.21
N ILE XE 106 28.69 16.86 70.17
CA ILE XE 106 30.04 17.33 69.91
C ILE XE 106 30.96 16.19 69.47
N LYS XE 107 30.88 15.05 70.14
CA LYS XE 107 31.71 13.90 69.76
C LYS XE 107 31.47 13.54 68.30
N ASP XE 108 30.23 13.60 67.83
CA ASP XE 108 29.92 13.27 66.45
C ASP XE 108 30.75 14.08 65.47
N ILE XE 109 30.59 15.41 65.48
CA ILE XE 109 31.29 16.28 64.53
C ILE XE 109 32.78 16.17 64.75
N LEU XE 110 33.19 15.80 65.97
CA LEU XE 110 34.60 15.69 66.30
C LEU XE 110 35.18 14.32 65.97
N ILE XE 111 34.36 13.31 65.71
CA ILE XE 111 34.84 12.04 65.20
C ILE XE 111 34.43 11.79 63.75
N GLN XE 112 33.37 12.44 63.25
CA GLN XE 112 33.14 12.42 61.81
C GLN XE 112 34.22 13.18 61.06
N TYR XE 113 35.02 13.97 61.76
CA TYR XE 113 36.15 14.67 61.18
C TYR XE 113 37.39 14.30 61.98
N ASP XE 114 38.32 13.60 61.32
CA ASP XE 114 39.64 13.28 61.89
C ASP XE 114 39.50 12.53 63.22
N ARG XE 115 39.07 11.28 63.10
CA ARG XE 115 38.91 10.36 64.23
C ARG XE 115 40.06 10.42 65.23
N THR XE 116 41.26 10.79 64.77
CA THR XE 116 42.44 10.76 65.60
C THR XE 116 42.44 11.78 66.74
N LEU XE 117 41.52 12.75 66.76
CA LEU XE 117 41.48 13.66 67.89
C LEU XE 117 41.10 12.95 69.18
N LEU XE 118 40.26 11.91 69.10
CA LEU XE 118 39.87 11.15 70.28
C LEU XE 118 40.59 9.82 70.39
N VAL XE 119 40.55 8.99 69.35
CA VAL XE 119 41.31 7.76 69.34
C VAL XE 119 42.80 8.10 69.25
N ALA XE 120 43.63 7.19 69.73
CA ALA XE 120 45.07 7.39 69.73
C ALA XE 120 45.71 6.63 68.59
N ASP XE 121 46.67 7.26 67.93
CA ASP XE 121 47.43 6.56 66.90
C ASP XE 121 48.23 5.46 67.57
N PRO XE 122 48.03 4.19 67.20
CA PRO XE 122 48.63 3.10 67.97
C PRO XE 122 50.06 2.75 67.61
N ARG XE 123 50.56 3.19 66.46
CA ARG XE 123 51.90 2.84 66.01
C ARG XE 123 52.91 3.77 66.66
N ARG XE 124 54.00 3.20 67.18
CA ARG XE 124 55.03 4.01 67.82
C ARG XE 124 56.29 4.08 66.99
N CYS XE 125 56.89 2.93 66.71
CA CYS XE 125 58.19 2.86 66.03
C CYS XE 125 58.51 1.42 65.67
N GLU XE 126 59.73 1.17 65.21
CA GLU XE 126 60.17 -0.20 64.93
C GLU XE 126 61.66 -0.30 65.23
N SER XE 127 62.05 -1.41 65.83
CA SER XE 127 63.44 -1.58 66.26
C SER XE 127 64.35 -1.86 65.08
N LYS XE 128 65.64 -1.59 65.27
CA LYS XE 128 66.65 -1.82 64.25
C LYS XE 128 67.22 -3.22 64.40
N LYS XE 129 67.18 -4.01 63.33
CA LYS XE 129 67.80 -5.33 63.32
C LYS XE 129 69.30 -5.20 63.12
N PHE XE 130 70.00 -6.30 63.39
CA PHE XE 130 71.45 -6.35 63.28
C PHE XE 130 71.93 -6.78 61.90
N GLY XE 131 71.08 -6.69 60.89
CA GLY XE 131 71.47 -7.07 59.55
C GLY XE 131 71.48 -5.90 58.59
N GLY XE 132 71.02 -4.74 59.06
CA GLY XE 132 70.95 -3.56 58.23
C GLY XE 132 70.93 -2.30 59.06
N PRO XE 133 71.14 -1.15 58.40
CA PRO XE 133 71.21 0.11 59.14
C PRO XE 133 69.87 0.59 59.68
N GLY XE 134 68.76 0.05 59.19
CA GLY XE 134 67.46 0.54 59.62
C GLY XE 134 66.58 -0.54 60.21
N ALA XE 135 65.30 -0.24 60.39
CA ALA XE 135 64.37 -1.20 60.94
C ALA XE 135 64.01 -2.29 59.94
N ARG XE 136 64.03 -1.97 58.66
CA ARG XE 136 63.69 -2.92 57.60
C ARG XE 136 64.77 -3.04 56.55
N ALA XE 137 65.45 -1.94 56.22
CA ALA XE 137 66.46 -1.98 55.18
C ALA XE 137 67.68 -2.77 55.63
N ARG XE 138 68.45 -3.26 54.65
CA ARG XE 138 69.63 -4.05 54.89
C ARG XE 138 70.83 -3.40 54.23
N TYR XE 139 72.01 -3.70 54.77
CA TYR XE 139 73.25 -3.22 54.16
C TYR XE 139 73.39 -3.80 52.76
N GLN XE 140 74.03 -3.04 51.88
CA GLN XE 140 74.16 -3.45 50.49
C GLN XE 140 74.95 -4.75 50.39
N LYS XE 141 74.46 -5.67 49.55
CA LYS XE 141 75.12 -6.94 49.30
C LYS XE 141 75.87 -6.87 47.98
N SER XE 142 77.16 -7.20 48.02
CA SER XE 142 78.00 -7.26 46.84
C SER XE 142 78.62 -8.64 46.74
N TYR XE 143 78.63 -9.19 45.52
CA TYR XE 143 79.14 -10.54 45.32
C TYR XE 143 80.09 -10.64 44.14
N ARG XE 144 80.64 -9.51 43.69
CA ARG XE 144 81.60 -9.54 42.60
C ARG XE 144 83.01 -9.35 43.12
N MET YE 1 70.32 50.05 44.50
CA MET YE 1 69.53 51.12 45.08
C MET YE 1 69.86 52.47 44.44
N SER YE 2 71.12 52.62 44.02
CA SER YE 2 71.55 53.83 43.34
C SER YE 2 70.77 54.01 42.05
N LEU YE 3 70.40 55.26 41.76
CA LEU YE 3 69.59 55.55 40.58
C LEU YE 3 70.26 55.06 39.31
N VAL YE 4 71.57 55.31 39.19
CA VAL YE 4 72.38 54.77 38.11
C VAL YE 4 73.62 54.16 38.74
N ILE YE 5 74.33 53.35 37.96
CA ILE YE 5 75.61 52.82 38.45
C ILE YE 5 76.49 53.99 38.84
N PRO YE 6 77.16 53.96 39.99
CA PRO YE 6 78.09 55.03 40.35
C PRO YE 6 79.07 55.28 39.22
N GLU YE 7 79.16 56.55 38.79
CA GLU YE 7 79.99 56.89 37.64
C GLU YE 7 81.47 56.62 37.88
N LYS YE 8 81.88 56.44 39.14
CA LYS YE 8 83.24 56.01 39.46
C LYS YE 8 83.29 54.55 39.86
N PHE YE 9 82.23 53.78 39.59
CA PHE YE 9 82.28 52.35 39.84
C PHE YE 9 83.33 51.70 38.96
N GLN YE 10 84.26 50.98 39.59
CA GLN YE 10 85.27 50.20 38.88
C GLN YE 10 84.90 48.73 38.99
N HIS YE 11 85.21 47.95 37.96
CA HIS YE 11 84.75 46.58 37.93
C HIS YE 11 85.79 45.61 38.48
N ILE YE 12 87.07 45.93 38.33
CA ILE YE 12 88.16 45.06 38.74
C ILE YE 12 89.27 45.90 39.37
N LEU YE 13 89.55 45.66 40.65
CA LEU YE 13 90.61 46.37 41.35
C LEU YE 13 91.91 45.60 41.28
N ARG YE 14 93.01 46.34 41.27
CA ARG YE 14 94.36 45.78 41.33
C ARG YE 14 94.98 45.96 42.70
N VAL YE 15 94.18 45.83 43.76
CA VAL YE 15 94.72 45.88 45.11
C VAL YE 15 95.72 44.74 45.28
N LEU YE 16 96.75 44.98 46.10
CA LEU YE 16 97.91 44.08 46.20
C LEU YE 16 98.45 43.89 44.77
N ASN YE 17 98.54 42.67 44.27
CA ASN YE 17 98.89 42.44 42.87
C ASN YE 17 97.88 41.50 42.20
N THR YE 18 96.72 41.31 42.81
CA THR YE 18 95.71 40.38 42.31
C THR YE 18 94.44 41.14 41.97
N ASN YE 19 93.89 40.86 40.78
CA ASN YE 19 92.66 41.50 40.33
C ASN YE 19 91.51 41.05 41.22
N ILE YE 20 90.64 41.98 41.58
CA ILE YE 20 89.46 41.67 42.39
C ILE YE 20 88.23 42.25 41.72
N ASP YE 21 87.26 41.39 41.47
CA ASP YE 21 85.98 41.82 40.92
C ASP YE 21 85.26 42.71 41.91
N GLY YE 22 84.93 43.93 41.50
CA GLY YE 22 84.17 44.82 42.35
C GLY YE 22 82.69 44.52 42.42
N ARG YE 23 82.21 43.58 41.59
CA ARG YE 23 80.79 43.26 41.58
C ARG YE 23 80.37 42.48 42.82
N ARG YE 24 81.22 41.56 43.28
CA ARG YE 24 80.88 40.77 44.45
C ARG YE 24 80.88 41.64 45.71
N LYS YE 25 80.15 41.19 46.72
CA LYS YE 25 80.06 41.92 47.97
C LYS YE 25 81.45 42.08 48.58
N ILE YE 26 81.70 43.27 49.16
CA ILE YE 26 83.04 43.61 49.62
C ILE YE 26 83.54 42.61 50.65
N ALA YE 27 82.64 42.07 51.47
CA ALA YE 27 83.05 41.05 52.44
C ALA YE 27 83.60 39.82 51.74
N PHE YE 28 82.99 39.42 50.63
CA PHE YE 28 83.41 38.26 49.86
C PHE YE 28 84.15 38.65 48.59
N ALA YE 29 84.59 39.90 48.49
CA ALA YE 29 85.35 40.38 47.34
C ALA YE 29 86.86 40.31 47.57
N ILE YE 30 87.34 40.80 48.72
CA ILE YE 30 88.77 40.81 49.00
C ILE YE 30 89.33 39.44 49.31
N THR YE 31 88.49 38.40 49.29
CA THR YE 31 88.96 37.03 49.41
C THR YE 31 89.85 36.61 48.26
N ALA YE 32 89.75 37.28 47.10
CA ALA YE 32 90.43 36.82 45.89
C ALA YE 32 91.94 36.78 46.07
N ILE YE 33 92.50 37.61 46.94
CA ILE YE 33 93.93 37.52 47.20
C ILE YE 33 94.20 36.38 48.16
N LYS YE 34 95.33 35.72 47.97
CA LYS YE 34 95.72 34.64 48.87
C LYS YE 34 96.02 35.18 50.26
N GLY YE 35 95.91 34.31 51.26
CA GLY YE 35 96.18 34.66 52.63
C GLY YE 35 94.97 35.11 53.42
N VAL YE 36 93.85 35.35 52.75
CA VAL YE 36 92.62 35.79 53.42
C VAL YE 36 91.46 34.90 52.96
N GLY YE 37 90.72 34.37 53.94
CA GLY YE 37 89.55 33.58 53.63
C GLY YE 37 88.29 34.41 53.79
N ARG YE 38 87.50 34.12 54.82
CA ARG YE 38 86.30 34.89 55.10
C ARG YE 38 86.34 35.58 56.46
N ARG YE 39 86.79 34.88 57.50
CA ARG YE 39 86.95 35.51 58.80
C ARG YE 39 88.01 36.59 58.76
N TYR YE 40 89.18 36.29 58.17
CA TYR YE 40 90.18 37.33 57.96
C TYR YE 40 89.68 38.38 56.99
N ALA YE 41 88.79 38.00 56.07
CA ALA YE 41 88.17 38.98 55.19
C ALA YE 41 87.19 39.87 55.94
N HIS YE 42 86.43 39.28 56.86
CA HIS YE 42 85.44 40.06 57.58
C HIS YE 42 86.08 41.02 58.58
N VAL YE 43 87.02 40.52 59.39
CA VAL YE 43 87.55 41.30 60.49
C VAL YE 43 88.35 42.51 59.99
N VAL YE 44 89.03 42.37 58.85
CA VAL YE 44 89.78 43.50 58.30
C VAL YE 44 88.82 44.62 57.92
N LEU YE 45 87.63 44.26 57.45
CA LEU YE 45 86.63 45.28 57.10
C LEU YE 45 85.99 45.88 58.32
N ARG YE 46 85.76 45.08 59.37
CA ARG YE 46 85.16 45.61 60.58
C ARG YE 46 86.12 46.53 61.32
N LYS YE 47 87.40 46.14 61.40
CA LYS YE 47 88.41 47.04 61.95
C LYS YE 47 88.65 48.25 61.06
N ALA YE 48 88.30 48.15 59.77
CA ALA YE 48 88.34 49.31 58.89
C ALA YE 48 87.17 50.25 59.11
N ASP YE 49 86.18 49.84 59.91
CA ASP YE 49 84.98 50.64 60.19
C ASP YE 49 84.27 51.02 58.90
N ILE YE 50 83.81 49.99 58.19
CA ILE YE 50 83.09 50.17 56.94
C ILE YE 50 81.83 49.33 56.99
N ASP YE 51 80.88 49.66 56.13
CA ASP YE 51 79.62 48.94 56.07
C ASP YE 51 79.71 47.81 55.04
N LEU YE 52 79.37 46.60 55.47
CA LEU YE 52 79.34 45.45 54.58
C LEU YE 52 78.16 45.48 53.62
N THR YE 53 77.23 46.43 53.79
CA THR YE 53 76.09 46.52 52.90
C THR YE 53 76.52 46.81 51.46
N LYS YE 54 77.47 47.71 51.28
CA LYS YE 54 77.93 48.06 49.95
C LYS YE 54 78.83 46.96 49.38
N ARG YE 55 78.88 46.89 48.06
CA ARG YE 55 79.80 45.98 47.38
C ARG YE 55 81.21 46.55 47.40
N ALA YE 56 82.10 45.93 46.63
CA ALA YE 56 83.47 46.39 46.53
C ALA YE 56 83.63 47.58 45.59
N GLY YE 57 82.56 48.01 44.93
CA GLY YE 57 82.67 49.06 43.92
C GLY YE 57 82.51 50.47 44.43
N GLU YE 58 81.43 50.74 45.17
CA GLU YE 58 81.24 52.07 45.73
C GLU YE 58 82.29 52.41 46.77
N LEU YE 59 83.05 51.42 47.24
CA LEU YE 59 84.15 51.64 48.17
C LEU YE 59 85.15 52.62 47.57
N THR YE 60 85.26 53.80 48.17
CA THR YE 60 86.10 54.85 47.64
C THR YE 60 87.58 54.47 47.78
N GLU YE 61 88.40 55.06 46.89
CA GLU YE 61 89.82 54.73 46.87
C GLU YE 61 90.50 55.03 48.19
N ASP YE 62 90.00 56.00 48.94
CA ASP YE 62 90.57 56.30 50.26
C ASP YE 62 90.39 55.12 51.20
N GLU YE 63 89.21 54.50 51.21
CA GLU YE 63 89.00 53.34 52.07
C GLU YE 63 89.72 52.12 51.51
N VAL YE 64 89.99 52.09 50.21
CA VAL YE 64 90.80 51.02 49.64
C VAL YE 64 92.18 51.01 50.28
N GLU YE 65 92.78 52.19 50.42
CA GLU YE 65 94.08 52.29 51.08
C GLU YE 65 93.98 51.85 52.53
N ARG YE 66 92.86 52.17 53.18
CA ARG YE 66 92.71 51.86 54.60
C ARG YE 66 92.64 50.36 54.82
N VAL YE 67 91.78 49.67 54.06
CA VAL YE 67 91.64 48.22 54.25
C VAL YE 67 92.94 47.52 53.90
N ILE YE 68 93.77 48.11 53.04
CA ILE YE 68 95.10 47.55 52.80
C ILE YE 68 95.99 47.77 54.01
N THR YE 69 95.97 48.98 54.57
CA THR YE 69 96.84 49.30 55.70
C THR YE 69 96.65 48.32 56.85
N ILE YE 70 95.40 48.05 57.23
CA ILE YE 70 95.12 47.03 58.23
C ILE YE 70 95.58 45.66 57.76
N MET YE 71 95.37 45.35 56.47
CA MET YE 71 95.80 44.05 55.97
C MET YE 71 97.31 43.86 56.02
N GLN YE 72 98.09 44.86 55.62
CA GLN YE 72 99.53 44.68 55.52
C GLN YE 72 100.18 44.49 56.89
N ASN YE 73 99.85 45.36 57.84
CA ASN YE 73 100.47 45.35 59.17
C ASN YE 73 99.35 45.35 60.21
N PRO YE 74 98.73 44.20 60.46
CA PRO YE 74 97.61 44.15 61.40
C PRO YE 74 98.01 44.02 62.86
N ARG YE 75 99.26 43.65 63.15
CA ARG YE 75 99.67 43.41 64.53
C ARG YE 75 99.55 44.67 65.39
N GLN YE 76 99.96 45.81 64.85
CA GLN YE 76 99.86 47.08 65.54
C GLN YE 76 98.44 47.64 65.53
N TYR YE 77 97.55 47.05 64.73
CA TYR YE 77 96.19 47.54 64.57
C TYR YE 77 95.21 46.77 65.45
N LYS YE 78 95.70 46.27 66.58
CA LYS YE 78 94.91 45.53 67.56
C LYS YE 78 94.15 44.35 66.97
N ILE YE 79 94.78 43.63 66.05
CA ILE YE 79 94.21 42.36 65.56
C ILE YE 79 94.61 41.25 66.53
N PRO YE 80 93.68 40.36 66.90
CA PRO YE 80 94.04 39.28 67.83
C PRO YE 80 95.20 38.47 67.30
N ASP YE 81 96.16 38.19 68.18
CA ASP YE 81 97.41 37.60 67.75
C ASP YE 81 97.26 36.19 67.21
N TRP YE 82 96.11 35.56 67.43
CA TRP YE 82 95.83 34.23 66.90
C TRP YE 82 95.17 34.27 65.54
N PHE YE 83 95.13 35.43 64.89
CA PHE YE 83 94.46 35.58 63.61
C PHE YE 83 95.41 35.54 62.42
N LEU YE 84 96.71 35.35 62.67
CA LEU YE 84 97.69 35.44 61.61
C LEU YE 84 98.11 34.06 61.13
N ASN YE 85 98.60 33.99 59.90
CA ASN YE 85 99.01 32.71 59.32
C ASN YE 85 100.48 32.43 59.61
N ARG YE 86 101.33 33.45 59.50
CA ARG YE 86 102.75 33.32 59.81
C ARG YE 86 102.99 33.78 61.25
N GLN YE 87 102.33 33.09 62.17
CA GLN YE 87 102.59 33.28 63.59
C GLN YE 87 103.87 32.55 63.95
N LYS YE 88 104.81 33.28 64.56
CA LYS YE 88 106.09 32.71 64.99
C LYS YE 88 106.81 32.08 63.79
N ASP YE 89 107.19 32.96 62.86
CA ASP YE 89 107.87 32.54 61.63
C ASP YE 89 109.05 31.65 61.96
N VAL YE 90 109.16 30.54 61.21
CA VAL YE 90 110.16 29.51 61.51
C VAL YE 90 111.57 30.07 61.43
N LYS YE 91 111.79 31.14 60.66
CA LYS YE 91 113.08 31.79 60.59
C LYS YE 91 113.23 32.91 61.62
N ASP YE 92 112.34 33.90 61.60
CA ASP YE 92 112.48 35.08 62.45
C ASP YE 92 111.45 35.17 63.56
N GLY YE 93 110.36 34.41 63.49
CA GLY YE 93 109.41 34.36 64.58
C GLY YE 93 108.43 35.50 64.67
N LYS YE 94 108.42 36.43 63.71
CA LYS YE 94 107.52 37.57 63.82
C LYS YE 94 106.08 37.12 63.60
N TYR YE 95 105.20 37.56 64.49
CA TYR YE 95 103.77 37.33 64.32
C TYR YE 95 103.32 38.19 63.16
N SER YE 96 103.12 37.57 61.99
CA SER YE 96 103.00 38.33 60.76
C SER YE 96 102.01 37.66 59.82
N GLN YE 97 101.50 38.46 58.89
CA GLN YE 97 100.64 37.99 57.82
C GLN YE 97 101.28 38.26 56.47
N VAL YE 98 100.93 37.42 55.49
CA VAL YE 98 101.34 37.63 54.10
C VAL YE 98 100.11 37.44 53.22
N LEU YE 99 99.85 38.41 52.34
CA LEU YE 99 98.56 38.52 51.68
C LEU YE 99 98.69 38.52 50.15
N ALA YE 100 99.79 38.04 49.63
CA ALA YE 100 100.06 38.17 48.19
C ALA YE 100 100.98 37.05 47.76
N ASN YE 101 101.61 37.22 46.59
CA ASN YE 101 102.57 36.24 46.10
C ASN YE 101 103.72 36.00 47.06
N GLY YE 102 103.85 36.82 48.10
CA GLY YE 102 104.76 36.47 49.18
C GLY YE 102 104.46 35.11 49.76
N LEU YE 103 103.18 34.82 49.98
CA LEU YE 103 102.79 33.50 50.49
C LEU YE 103 103.25 32.40 49.54
N ASP YE 104 103.17 32.65 48.24
CA ASP YE 104 103.62 31.67 47.26
C ASP YE 104 105.11 31.39 47.39
N ASN YE 105 105.90 32.41 47.76
CA ASN YE 105 107.33 32.18 47.89
C ASN YE 105 107.73 31.79 49.31
N LYS YE 106 107.00 32.25 50.34
CA LYS YE 106 107.26 31.76 51.68
C LYS YE 106 106.99 30.26 51.77
N LEU YE 107 105.85 29.82 51.25
CA LEU YE 107 105.53 28.40 51.29
C LEU YE 107 106.59 27.59 50.56
N ARG YE 108 107.10 28.11 49.43
CA ARG YE 108 108.15 27.42 48.70
C ARG YE 108 109.42 27.30 49.53
N GLU YE 109 109.79 28.36 50.25
CA GLU YE 109 111.02 28.28 51.04
C GLU YE 109 110.82 27.44 52.30
N ASP YE 110 109.60 27.39 52.84
CA ASP YE 110 109.31 26.36 53.83
C ASP YE 110 109.45 24.97 53.20
N LEU YE 111 108.97 24.82 51.96
CA LEU YE 111 109.22 23.58 51.23
C LEU YE 111 110.70 23.38 50.95
N GLU YE 112 111.36 24.43 50.42
CA GLU YE 112 112.76 24.27 50.02
C GLU YE 112 113.64 23.94 51.21
N ARG YE 113 113.44 24.61 52.34
CA ARG YE 113 114.27 24.31 53.51
C ARG YE 113 114.04 22.88 53.97
N LEU YE 114 112.80 22.40 53.89
CA LEU YE 114 112.52 21.01 54.23
C LEU YE 114 113.25 20.06 53.28
N LYS YE 115 113.31 20.42 52.00
CA LYS YE 115 114.10 19.63 51.05
C LYS YE 115 115.56 19.63 51.45
N LYS YE 116 116.09 20.78 51.89
CA LYS YE 116 117.50 20.87 52.22
C LYS YE 116 117.87 20.00 53.41
N ILE YE 117 117.02 19.96 54.44
CA ILE YE 117 117.34 19.19 55.64
C ILE YE 117 116.95 17.73 55.50
N ARG YE 118 116.35 17.33 54.39
CA ARG YE 118 116.02 15.92 54.11
C ARG YE 118 115.08 15.36 55.16
N ALA YE 119 114.17 16.18 55.67
CA ALA YE 119 113.17 15.72 56.62
C ALA YE 119 112.15 14.83 55.92
N HIS YE 120 111.46 14.01 56.73
CA HIS YE 120 110.46 13.12 56.17
C HIS YE 120 109.34 13.90 55.49
N ARG YE 121 108.92 15.01 56.10
CA ARG YE 121 107.92 15.86 55.46
C ARG YE 121 108.42 16.40 54.12
N GLY YE 122 109.67 16.83 54.09
CA GLY YE 122 110.23 17.35 52.83
C GLY YE 122 110.32 16.29 51.76
N LEU YE 123 110.80 15.10 52.12
CA LEU YE 123 111.00 14.06 51.11
C LEU YE 123 109.68 13.62 50.50
N ARG YE 124 108.64 13.44 51.32
CA ARG YE 124 107.34 13.09 50.78
C ARG YE 124 106.79 14.20 49.90
N HIS YE 125 107.08 15.46 50.24
CA HIS YE 125 106.71 16.57 49.38
C HIS YE 125 107.41 16.47 48.03
N PHE YE 126 108.71 16.15 48.04
CA PHE YE 126 109.46 16.04 46.80
C PHE YE 126 108.94 14.88 45.94
N TRP YE 127 108.63 13.76 46.57
CA TRP YE 127 108.14 12.59 45.84
C TRP YE 127 106.70 12.72 45.39
N GLY YE 128 105.98 13.76 45.84
CA GLY YE 128 104.60 13.94 45.43
C GLY YE 128 103.57 13.19 46.24
N LEU YE 129 103.97 12.58 47.35
CA LEU YE 129 103.05 11.82 48.18
C LEU YE 129 102.40 12.72 49.22
N ARG YE 130 101.39 12.18 49.90
CA ARG YE 130 100.76 12.90 50.99
C ARG YE 130 101.70 12.94 52.20
N VAL YE 131 101.63 14.04 52.95
CA VAL YE 131 102.56 14.28 54.05
C VAL YE 131 101.90 14.25 55.41
N ARG YE 132 100.58 14.05 55.50
CA ARG YE 132 99.87 14.11 56.76
C ARG YE 132 99.34 12.75 57.21
N GLY YE 133 100.11 11.70 56.95
CA GLY YE 133 99.78 10.38 57.48
C GLY YE 133 98.66 9.66 56.78
N GLN YE 134 98.18 10.17 55.65
CA GLN YE 134 97.13 9.49 54.92
C GLN YE 134 97.65 8.18 54.31
N HIS YE 135 96.78 7.19 54.26
CA HIS YE 135 97.12 5.94 53.61
C HIS YE 135 97.18 6.17 52.10
N THR YE 136 98.34 5.88 51.51
CA THR YE 136 98.56 6.09 50.08
C THR YE 136 98.18 4.88 49.24
N LYS YE 137 97.67 3.81 49.85
CA LYS YE 137 97.34 2.60 49.10
C LYS YE 137 96.30 2.88 48.03
N THR YE 138 95.17 3.46 48.40
CA THR YE 138 93.96 3.40 47.59
C THR YE 138 93.62 4.69 46.88
N THR YE 139 93.51 5.80 47.60
CA THR YE 139 93.03 7.05 47.03
C THR YE 139 94.20 7.90 46.58
N GLY YE 140 93.87 9.05 45.98
CA GLY YE 140 94.89 9.89 45.38
C GLY YE 140 95.38 9.41 44.03
N ARG YE 141 94.67 8.47 43.40
CA ARG YE 141 95.07 7.97 42.09
C ARG YE 141 94.94 9.02 41.00
N ARG YE 142 94.03 9.98 41.14
CA ARG YE 142 93.84 10.98 40.11
C ARG YE 142 95.10 11.83 39.93
N GLY YE 143 95.90 11.95 41.00
CA GLY YE 143 97.17 12.63 40.88
C GLY YE 143 98.19 11.90 40.02
N ARG YE 144 97.96 10.63 39.73
CA ARG YE 144 98.87 9.84 38.90
C ARG YE 144 98.31 9.60 37.50
N THR YE 145 97.13 8.99 37.41
CA THR YE 145 96.51 8.68 36.13
C THR YE 145 95.04 8.29 36.31
N PRO ZE 1 45.55 44.17 81.67
CA PRO ZE 1 45.70 42.72 81.53
C PRO ZE 1 47.14 42.31 81.27
N GLY ZE 2 47.53 41.12 81.73
CA GLY ZE 2 48.87 40.64 81.50
C GLY ZE 2 49.91 41.50 82.22
N VAL ZE 3 51.09 41.55 81.62
CA VAL ZE 3 51.49 40.82 80.43
C VAL ZE 3 52.77 40.05 80.71
N THR ZE 4 52.67 38.73 80.76
CA THR ZE 4 53.84 37.89 81.01
C THR ZE 4 54.54 37.61 79.67
N VAL ZE 5 55.87 37.48 79.70
CA VAL ZE 5 56.63 37.23 78.49
C VAL ZE 5 56.22 35.93 77.80
N LYS ZE 6 55.58 35.01 78.52
CA LYS ZE 6 55.08 33.79 77.90
C LYS ZE 6 53.83 34.04 77.06
N ASP ZE 7 53.21 35.21 77.20
CA ASP ZE 7 52.04 35.57 76.42
C ASP ZE 7 52.38 36.51 75.27
N VAL ZE 8 53.58 36.38 74.70
CA VAL ZE 8 53.98 37.16 73.55
C VAL ZE 8 54.98 36.33 72.76
N ASN ZE 9 54.91 36.45 71.43
CA ASN ZE 9 55.84 35.73 70.57
C ASN ZE 9 57.27 36.09 70.93
N GLN ZE 10 58.14 35.08 70.95
CA GLN ZE 10 59.47 35.29 71.51
C GLN ZE 10 60.39 36.05 70.58
N GLN ZE 11 60.17 35.96 69.27
CA GLN ZE 11 61.14 36.49 68.31
C GLN ZE 11 61.24 38.01 68.37
N GLU ZE 12 60.09 38.70 68.46
CA GLU ZE 12 60.16 40.16 68.53
C GLU ZE 12 60.51 40.63 69.93
N PHE ZE 13 60.14 39.85 70.95
CA PHE ZE 13 60.49 40.23 72.31
C PHE ZE 13 62.01 40.28 72.47
N VAL ZE 14 62.71 39.25 72.00
CA VAL ZE 14 64.15 39.22 72.12
C VAL ZE 14 64.78 40.32 71.26
N ARG ZE 15 64.18 40.62 70.11
CA ARG ZE 15 64.67 41.73 69.32
C ARG ZE 15 64.30 43.06 69.97
N ALA ZE 16 63.18 43.10 70.68
CA ALA ZE 16 62.83 44.30 71.45
C ALA ZE 16 63.67 44.37 72.71
N LEU ZE 17 63.92 43.23 73.36
CA LEU ZE 17 64.77 43.22 74.54
C LEU ZE 17 66.17 43.70 74.20
N ALA ZE 18 66.72 43.25 73.07
CA ALA ZE 18 67.98 43.82 72.61
C ALA ZE 18 67.82 45.30 72.30
N ALA ZE 19 66.74 45.67 71.61
CA ALA ZE 19 66.51 47.07 71.27
C ALA ZE 19 66.31 47.91 72.53
N PHE ZE 20 65.56 47.40 73.50
CA PHE ZE 20 65.46 48.08 74.78
C PHE ZE 20 66.84 48.19 75.42
N LEU ZE 21 67.62 47.12 75.35
CA LEU ZE 21 68.96 47.12 75.92
C LEU ZE 21 69.88 48.07 75.16
N LYS ZE 22 69.63 48.25 73.86
CA LYS ZE 22 70.48 49.13 73.07
C LYS ZE 22 70.31 50.60 73.48
N LYS ZE 23 69.07 51.07 73.56
CA LYS ZE 23 68.85 52.49 73.84
C LYS ZE 23 69.30 52.85 75.25
N SER ZE 24 69.07 51.95 76.21
CA SER ZE 24 69.58 52.13 77.56
C SER ZE 24 70.94 51.42 77.68
N GLY ZE 25 71.94 52.06 77.10
CA GLY ZE 25 73.25 51.44 76.96
C GLY ZE 25 74.11 51.51 78.20
N LYS ZE 26 74.24 50.37 78.90
CA LYS ZE 26 75.18 50.28 80.01
C LYS ZE 26 75.99 49.00 80.04
N LEU ZE 27 75.79 48.07 79.11
CA LEU ZE 27 76.56 46.84 79.12
C LEU ZE 27 78.04 47.09 78.88
N LYS ZE 28 78.86 46.18 79.39
CA LYS ZE 28 80.30 46.19 79.14
C LYS ZE 28 80.59 45.14 78.07
N VAL ZE 29 80.38 45.52 76.82
CA VAL ZE 29 80.74 44.65 75.69
C VAL ZE 29 82.24 44.40 75.71
N PRO ZE 30 82.70 43.17 75.56
CA PRO ZE 30 84.13 42.88 75.56
C PRO ZE 30 84.80 43.54 74.37
N GLU ZE 31 86.13 43.67 74.46
CA GLU ZE 31 86.90 44.19 73.34
C GLU ZE 31 86.76 43.30 72.11
N TRP ZE 32 86.45 42.01 72.32
CA TRP ZE 32 86.46 41.04 71.25
C TRP ZE 32 85.08 40.71 70.69
N VAL ZE 33 84.14 41.66 70.74
CA VAL ZE 33 82.85 41.43 70.10
C VAL ZE 33 83.03 41.20 68.60
N ASP ZE 34 84.04 41.84 68.02
CA ASP ZE 34 84.29 41.71 66.59
C ASP ZE 34 84.77 40.31 66.23
N THR ZE 35 85.76 39.79 66.95
CA THR ZE 35 86.45 38.55 66.59
C THR ZE 35 86.24 37.51 67.69
N VAL ZE 36 85.15 36.75 67.58
CA VAL ZE 36 84.86 35.72 68.58
C VAL ZE 36 84.61 34.37 67.93
N LYS ZE 37 84.09 34.40 66.70
CA LYS ZE 37 83.69 33.23 65.91
C LYS ZE 37 82.49 32.52 66.54
N LEU ZE 38 82.09 32.93 67.75
CA LEU ZE 38 80.81 32.55 68.32
C LEU ZE 38 80.53 31.05 68.30
N ALA ZE 39 81.16 30.30 69.23
CA ALA ZE 39 80.90 28.86 69.33
C ALA ZE 39 81.43 28.09 68.12
N LYS ZE 40 82.73 27.85 68.14
CA LYS ZE 40 83.57 27.40 67.02
C LYS ZE 40 82.89 26.44 66.05
N HIS ZE 41 81.89 25.68 66.52
CA HIS ZE 41 81.05 24.97 65.56
C HIS ZE 41 80.48 25.94 64.53
N LYS ZE 42 80.16 27.15 64.95
CA LYS ZE 42 79.76 28.20 64.04
C LYS ZE 42 81.00 28.87 63.44
N GLU ZE 43 80.76 29.63 62.36
CA GLU ZE 43 81.83 30.26 61.61
C GLU ZE 43 81.28 31.54 61.02
N LEU ZE 44 82.17 32.39 60.52
CA LEU ZE 44 81.74 33.64 59.92
C LEU ZE 44 80.95 34.45 60.94
N ALA ZE 45 81.65 34.97 61.97
CA ALA ZE 45 81.11 35.62 63.16
C ALA ZE 45 79.89 36.48 62.82
N PRO ZE 46 78.90 36.55 63.71
CA PRO ZE 46 77.54 36.89 63.29
C PRO ZE 46 77.45 38.20 62.52
N TYR ZE 47 76.51 38.22 61.58
CA TYR ZE 47 76.43 39.32 60.62
C TYR ZE 47 76.16 40.66 61.29
N ASP ZE 48 75.22 40.70 62.23
CA ASP ZE 48 74.84 41.97 62.83
C ASP ZE 48 75.92 42.44 63.78
N GLU ZE 49 76.03 43.77 63.95
CA GLU ZE 49 77.14 44.33 64.71
C GLU ZE 49 76.94 44.21 66.21
N ASN ZE 50 75.71 44.40 66.71
CA ASN ZE 50 75.45 44.33 68.14
C ASN ZE 50 74.84 42.99 68.53
N TRP ZE 51 75.41 41.91 67.98
CA TRP ZE 51 74.95 40.57 68.29
C TRP ZE 51 74.91 40.31 69.80
N PHE ZE 52 75.83 40.91 70.54
CA PHE ZE 52 75.90 40.67 71.99
C PHE ZE 52 74.60 41.05 72.67
N TYR ZE 53 74.02 42.18 72.29
CA TYR ZE 53 72.77 42.62 72.90
C TYR ZE 53 71.64 41.65 72.57
N THR ZE 54 71.60 41.14 71.34
CA THR ZE 54 70.62 40.11 71.01
C THR ZE 54 70.85 38.86 71.85
N ARG ZE 55 72.12 38.43 71.99
CA ARG ZE 55 72.40 37.31 72.87
C ARG ZE 55 72.12 37.67 74.32
N ALA ZE 56 72.53 38.86 74.75
CA ALA ZE 56 72.19 39.31 76.09
C ALA ZE 56 70.67 39.39 76.24
N ALA ZE 57 69.98 39.76 75.17
CA ALA ZE 57 68.52 39.61 75.16
C ALA ZE 57 68.13 38.13 75.26
N SER ZE 58 68.80 37.28 74.50
CA SER ZE 58 68.53 35.85 74.59
C SER ZE 58 68.94 35.29 75.94
N THR ZE 59 69.90 35.96 76.59
CA THR ZE 59 70.47 35.42 77.82
C THR ZE 59 69.47 35.43 78.96
N ALA ZE 60 68.79 36.55 79.16
CA ALA ZE 60 67.88 36.67 80.30
C ALA ZE 60 66.64 35.81 80.12
N ARG ZE 61 66.07 35.80 78.91
CA ARG ZE 61 64.79 35.15 78.71
C ARG ZE 61 64.89 33.64 78.91
N HIS ZE 62 65.92 33.00 78.35
CA HIS ZE 62 66.14 31.58 78.65
C HIS ZE 62 66.38 31.37 80.13
N LEU ZE 63 67.17 32.26 80.74
CA LEU ZE 63 67.33 32.21 82.19
C LEU ZE 63 66.01 32.46 82.91
N TYR ZE 64 65.11 33.25 82.32
CA TYR ZE 64 63.81 33.47 82.94
C TYR ZE 64 62.98 32.19 82.94
N LEU ZE 65 62.83 31.57 81.78
CA LEU ZE 65 61.94 30.41 81.67
C LEU ZE 65 62.49 29.23 82.44
N ARG ZE 66 63.78 28.96 82.29
CA ARG ZE 66 64.46 27.92 83.07
C ARG ZE 66 65.49 28.61 83.96
N GLY ZE 67 65.16 28.74 85.24
CA GLY ZE 67 66.05 29.42 86.17
C GLY ZE 67 67.19 28.56 86.65
N GLY ZE 68 68.19 29.22 87.22
CA GLY ZE 68 69.36 28.54 87.75
C GLY ZE 68 70.22 27.86 86.71
N ALA ZE 69 70.49 28.53 85.60
CA ALA ZE 69 71.32 28.00 84.53
C ALA ZE 69 72.72 28.59 84.65
N GLY ZE 70 73.71 27.74 84.93
CA GLY ZE 70 75.09 28.18 84.97
C GLY ZE 70 75.64 28.42 83.58
N VAL ZE 71 76.95 28.65 83.52
CA VAL ZE 71 77.59 28.88 82.22
C VAL ZE 71 77.58 27.60 81.39
N GLY ZE 72 77.72 26.44 82.02
CA GLY ZE 72 77.79 25.19 81.27
C GLY ZE 72 76.51 24.88 80.52
N SER ZE 73 75.35 24.99 81.18
CA SER ZE 73 74.09 24.80 80.48
C SER ZE 73 73.89 25.87 79.43
N MET ZE 74 74.50 27.04 79.64
CA MET ZE 74 74.29 28.16 78.72
C MET ZE 74 74.97 27.92 77.39
N THR ZE 75 76.13 27.28 77.38
CA THR ZE 75 76.80 27.00 76.12
C THR ZE 75 75.97 26.08 75.24
N LYS ZE 76 75.48 24.98 75.79
CA LYS ZE 76 74.64 24.07 75.02
C LYS ZE 76 73.29 24.68 74.64
N ILE ZE 77 72.92 25.80 75.25
CA ILE ZE 77 71.74 26.54 74.80
C ILE ZE 77 71.96 27.05 73.38
N TYR ZE 78 73.13 27.66 73.13
CA TYR ZE 78 73.50 28.15 71.82
C TYR ZE 78 74.41 27.17 71.07
N GLY ZE 79 74.40 25.90 71.43
CA GLY ZE 79 75.12 24.90 70.67
C GLY ZE 79 74.48 24.67 69.31
N GLY ZE 80 75.23 24.02 68.43
CA GLY ZE 80 74.73 23.79 67.10
C GLY ZE 80 75.39 22.60 66.45
N ARG ZE 81 75.00 22.37 65.19
CA ARG ZE 81 75.47 21.22 64.43
C ARG ZE 81 76.80 21.56 63.78
N GLN ZE 82 77.88 21.04 64.35
CA GLN ZE 82 79.22 21.27 63.80
C GLN ZE 82 79.37 20.44 62.53
N ARG ZE 83 79.38 21.10 61.38
CA ARG ZE 83 79.66 20.44 60.12
C ARG ZE 83 81.17 20.28 60.01
N ASN ZE 84 81.66 19.09 60.35
CA ASN ZE 84 83.07 18.78 60.25
C ASN ZE 84 83.52 18.56 58.80
N GLY ZE 85 82.62 18.74 57.85
CA GLY ZE 85 82.95 18.54 56.45
C GLY ZE 85 82.74 17.12 56.00
N VAL ZE 86 83.83 16.44 55.63
CA VAL ZE 86 83.74 15.04 55.23
C VAL ZE 86 83.21 14.17 56.36
N MET ZE 87 83.63 14.44 57.59
CA MET ZE 87 83.13 13.69 58.73
C MET ZE 87 81.63 13.96 58.88
N PRO ZE 88 80.85 12.94 59.24
CA PRO ZE 88 79.42 13.18 59.51
C PRO ZE 88 79.23 14.18 60.63
N SER ZE 89 78.19 15.00 60.50
CA SER ZE 89 78.00 16.13 61.37
C SER ZE 89 77.75 15.68 62.81
N HIS ZE 90 78.22 16.50 63.75
CA HIS ZE 90 78.06 16.29 65.18
C HIS ZE 90 77.54 17.57 65.81
N PHE ZE 91 77.27 17.52 67.10
CA PHE ZE 91 76.80 18.67 67.84
C PHE ZE 91 77.88 19.15 68.81
N SER ZE 92 78.08 20.46 68.86
CA SER ZE 92 79.05 21.08 69.76
C SER ZE 92 78.38 22.20 70.53
N ARG ZE 93 78.87 22.46 71.74
CA ARG ZE 93 78.26 23.45 72.61
C ARG ZE 93 78.60 24.85 72.13
N GLY ZE 94 77.95 25.83 72.76
CA GLY ZE 94 78.23 27.22 72.47
C GLY ZE 94 79.57 27.65 73.04
N SER ZE 95 79.92 28.90 72.78
CA SER ZE 95 81.17 29.44 73.28
C SER ZE 95 81.09 29.66 74.78
N LYS ZE 96 82.07 29.15 75.51
CA LYS ZE 96 82.07 29.21 76.96
C LYS ZE 96 82.29 30.63 77.45
N SER ZE 97 83.20 31.37 76.82
CA SER ZE 97 83.47 32.74 77.26
C SER ZE 97 82.26 33.64 77.06
N VAL ZE 98 81.63 33.58 75.88
CA VAL ZE 98 80.51 34.47 75.61
C VAL ZE 98 79.33 34.11 76.51
N ALA ZE 99 79.14 32.82 76.79
CA ALA ZE 99 78.13 32.44 77.77
C ALA ZE 99 78.49 32.97 79.15
N ARG ZE 100 79.76 32.87 79.53
CA ARG ZE 100 80.21 33.40 80.80
C ARG ZE 100 80.11 34.92 80.83
N ARG ZE 101 80.70 35.59 79.83
CA ARG ZE 101 80.76 37.05 79.84
C ARG ZE 101 79.37 37.68 79.77
N VAL ZE 102 78.49 37.12 78.95
CA VAL ZE 102 77.15 37.69 78.83
C VAL ZE 102 76.43 37.63 80.17
N LEU ZE 103 76.77 36.67 81.02
CA LEU ZE 103 76.25 36.66 82.38
C LEU ZE 103 76.86 37.80 83.20
N GLN ZE 104 78.20 37.94 83.14
CA GLN ZE 104 78.86 38.99 83.92
C GLN ZE 104 78.36 40.37 83.53
N ALA ZE 105 78.18 40.62 82.24
CA ALA ZE 105 77.60 41.88 81.81
C ALA ZE 105 76.19 42.03 82.38
N LEU ZE 106 75.43 40.93 82.44
CA LEU ZE 106 74.10 41.01 83.03
C LEU ZE 106 74.16 41.09 84.54
N GLU ZE 107 75.21 40.55 85.16
CA GLU ZE 107 75.45 40.82 86.57
C GLU ZE 107 75.63 42.31 86.81
N GLY ZE 108 76.38 42.98 85.93
CA GLY ZE 108 76.60 44.41 86.09
C GLY ZE 108 75.32 45.21 86.00
N LEU ZE 109 74.30 44.66 85.35
CA LEU ZE 109 72.99 45.30 85.30
C LEU ZE 109 72.20 45.09 86.58
N LYS ZE 110 72.77 44.40 87.57
CA LYS ZE 110 72.05 44.01 88.78
C LYS ZE 110 70.80 43.20 88.42
N MET ZE 111 70.88 42.53 87.28
CA MET ZE 111 69.73 41.93 86.62
C MET ZE 111 69.61 40.45 86.94
N VAL ZE 112 70.73 39.76 87.04
CA VAL ZE 112 70.80 38.37 87.43
C VAL ZE 112 71.91 38.25 88.46
N GLU ZE 113 71.72 37.34 89.42
CA GLU ZE 113 72.68 37.20 90.50
C GLU ZE 113 72.93 35.71 90.72
N LYS ZE 114 73.98 35.42 91.47
CA LYS ZE 114 74.28 34.04 91.80
C LYS ZE 114 73.23 33.47 92.74
N ASP ZE 115 73.07 32.15 92.68
CA ASP ZE 115 72.12 31.43 93.51
C ASP ZE 115 72.82 30.82 94.72
N GLN ZE 116 72.02 30.45 95.71
CA GLN ZE 116 72.54 29.63 96.81
C GLN ZE 116 72.97 28.27 96.30
N ASP ZE 117 72.24 27.72 95.34
CA ASP ZE 117 72.61 26.52 94.61
C ASP ZE 117 73.30 26.95 93.31
N GLY ZE 118 73.54 25.98 92.42
CA GLY ZE 118 74.21 26.27 91.19
C GLY ZE 118 73.37 27.16 90.27
N GLY ZE 119 74.05 27.76 89.30
CA GLY ZE 119 73.38 28.58 88.32
C GLY ZE 119 72.96 29.92 88.88
N ARG ZE 120 72.27 30.68 88.03
CA ARG ZE 120 71.84 32.03 88.36
C ARG ZE 120 70.40 32.23 87.90
N LYS ZE 121 69.66 33.05 88.65
CA LYS ZE 121 68.31 33.45 88.26
C LYS ZE 121 68.16 34.96 88.37
N LEU ZE 122 67.09 35.46 87.77
CA LEU ZE 122 66.86 36.88 87.63
C LEU ZE 122 66.67 37.57 88.97
N THR ZE 123 67.05 38.84 89.01
CA THR ZE 123 66.64 39.72 90.08
C THR ZE 123 65.14 40.00 90.00
N PRO ZE 124 64.45 40.10 91.13
CA PRO ZE 124 63.06 40.57 91.10
C PRO ZE 124 62.89 41.89 90.36
N GLN ZE 125 63.84 42.80 90.51
CA GLN ZE 125 63.84 44.00 89.68
C GLN ZE 125 64.00 43.63 88.21
N GLY ZE 126 64.84 42.65 87.95
CA GLY ZE 126 65.05 42.29 86.59
C GLY ZE 126 63.85 41.74 85.87
N GLN ZE 127 63.21 40.75 86.46
CA GLN ZE 127 62.02 40.20 85.86
C GLN ZE 127 60.89 41.21 85.83
N ARG ZE 128 61.01 42.28 86.63
CA ARG ZE 128 60.09 43.40 86.52
C ARG ZE 128 60.24 44.10 85.17
N ASP ZE 129 61.49 44.34 84.76
CA ASP ZE 129 61.72 45.10 83.53
C ASP ZE 129 61.49 44.24 82.29
N LEU ZE 130 61.88 42.96 82.32
CA LEU ZE 130 61.55 42.08 81.20
C LEU ZE 130 60.05 42.00 81.01
N ASP ZE 131 59.30 41.94 82.10
CA ASP ZE 131 57.85 41.85 81.96
C ASP ZE 131 57.26 43.19 81.52
N ARG ZE 132 57.95 44.29 81.84
CA ARG ZE 132 57.46 45.61 81.42
C ARG ZE 132 57.47 45.75 79.90
N ILE ZE 133 58.62 45.46 79.28
CA ILE ZE 133 58.71 45.57 77.81
C ILE ZE 133 57.82 44.52 77.16
N ALA ZE 134 57.72 43.33 77.77
CA ALA ZE 134 56.80 42.32 77.28
C ALA ZE 134 55.38 42.87 77.18
N GLY ZE 135 54.98 43.68 78.17
CA GLY ZE 135 53.73 44.41 78.02
C GLY ZE 135 53.82 45.47 76.94
N GLN ZE 136 54.97 46.12 76.81
CA GLN ZE 136 55.13 47.16 75.80
C GLN ZE 136 55.15 46.57 74.39
N VAL ZE 137 55.94 45.51 74.18
CA VAL ZE 137 56.00 44.90 72.86
C VAL ZE 137 54.67 44.24 72.51
N ALA ZE 138 53.93 43.75 73.51
CA ALA ZE 138 52.60 43.22 73.24
C ALA ZE 138 51.67 44.32 72.75
N ALA ZE 139 51.78 45.52 73.31
CA ALA ZE 139 50.96 46.64 72.86
C ALA ZE 139 51.25 46.97 71.41
N ALA ZE 140 52.53 46.95 71.02
CA ALA ZE 140 52.88 47.21 69.62
C ALA ZE 140 52.38 46.09 68.72
N ASN ZE 141 52.50 44.84 69.16
CA ASN ZE 141 52.07 43.72 68.34
C ASN ZE 141 50.55 43.74 68.13
N LYS ZE 142 49.80 44.08 69.17
CA LYS ZE 142 48.35 44.11 69.06
C LYS ZE 142 47.89 45.14 68.05
N LYS ZE 143 48.53 46.31 68.03
CA LYS ZE 143 48.19 47.36 67.08
C LYS ZE 143 49.44 48.01 66.49
CA ALA AF 1 61.78 4.76 119.75
C ALA AF 1 61.30 4.61 118.31
N ILE AF 2 60.22 5.31 117.97
CA ILE AF 2 59.63 5.18 116.65
C ILE AF 2 60.65 5.63 115.61
N HIS AF 3 60.99 4.70 114.69
CA HIS AF 3 61.99 4.94 113.67
C HIS AF 3 61.42 4.68 112.29
N ARG AF 4 61.65 5.61 111.37
CA ARG AF 4 61.16 5.49 110.00
C ARG AF 4 62.14 4.64 109.19
N ILE AF 5 62.17 3.36 109.55
CA ILE AF 5 63.17 2.44 109.00
C ILE AF 5 62.76 2.05 107.58
N ARG AF 6 63.70 2.17 106.65
CA ARG AF 6 63.47 1.86 105.25
C ARG AF 6 64.41 0.75 104.80
N ILE AF 7 63.88 -0.17 104.00
CA ILE AF 7 64.65 -1.29 103.46
C ILE AF 7 64.40 -1.35 101.97
N THR AF 8 65.47 -1.52 101.19
CA THR AF 8 65.36 -1.66 99.74
C THR AF 8 65.89 -3.03 99.32
N LEU AF 9 65.17 -3.64 98.38
CA LEU AF 9 65.46 -4.99 97.93
C LEU AF 9 65.47 -5.02 96.41
N THR AF 10 66.29 -5.92 95.85
CA THR AF 10 66.33 -6.08 94.41
C THR AF 10 66.89 -7.45 94.07
N SER AF 11 66.50 -7.95 92.89
CA SER AF 11 67.02 -9.17 92.32
C SER AF 11 66.54 -9.25 90.88
N ARG AF 12 66.80 -10.39 90.23
CA ARG AF 12 66.37 -10.58 88.84
C ARG AF 12 64.95 -11.11 88.77
N ASN AF 13 64.72 -12.27 89.37
CA ASN AF 13 63.40 -12.90 89.33
C ASN AF 13 62.40 -12.04 90.08
N VAL AF 14 61.52 -11.38 89.33
CA VAL AF 14 60.51 -10.53 89.94
C VAL AF 14 59.56 -11.34 90.80
N LYS AF 15 59.23 -12.57 90.37
CA LYS AF 15 58.35 -13.42 91.15
C LYS AF 15 58.92 -13.70 92.54
N SER AF 16 60.26 -13.74 92.65
CA SER AF 16 60.87 -13.77 93.97
C SER AF 16 60.57 -12.48 94.72
N LEU AF 17 60.83 -11.33 94.08
CA LEU AF 17 60.64 -10.05 94.75
C LEU AF 17 59.19 -9.83 95.14
N GLU AF 18 58.25 -10.16 94.24
CA GLU AF 18 56.85 -9.99 94.57
C GLU AF 18 56.47 -10.80 95.81
N LYS AF 19 57.07 -11.99 95.97
CA LYS AF 19 56.79 -12.78 97.15
C LYS AF 19 57.45 -12.19 98.38
N VAL AF 20 58.67 -11.69 98.26
CA VAL AF 20 59.37 -11.14 99.41
C VAL AF 20 58.66 -9.90 99.94
N CYS AF 21 58.33 -8.96 99.04
CA CYS AF 21 57.72 -7.72 99.48
C CYS AF 21 56.35 -7.95 100.09
N ALA AF 22 55.58 -8.85 99.47
CA ALA AF 22 54.30 -9.12 100.00
C ALA AF 22 54.47 -9.70 101.44
N ASP AF 23 55.31 -10.75 101.57
CA ASP AF 23 55.37 -11.45 102.85
C ASP AF 23 55.69 -10.49 103.98
N LEU AF 24 56.63 -9.58 103.74
CA LEU AF 24 56.91 -8.54 104.73
C LEU AF 24 55.75 -7.57 104.85
N ILE AF 25 55.03 -7.31 103.75
CA ILE AF 25 53.94 -6.34 103.81
C ILE AF 25 52.75 -6.91 104.57
N ARG AF 26 52.51 -8.23 104.47
CA ARG AF 26 51.60 -8.83 105.44
C ARG AF 26 52.31 -9.04 106.77
N GLY AF 27 53.61 -9.32 106.76
CA GLY AF 27 54.34 -9.42 108.00
C GLY AF 27 54.32 -8.13 108.78
N ALA AF 28 54.57 -7.00 108.12
CA ALA AF 28 54.50 -5.71 108.79
C ALA AF 28 53.08 -5.39 109.22
N LYS AF 29 52.08 -5.93 108.51
CA LYS AF 29 50.69 -5.59 108.81
C LYS AF 29 50.20 -6.30 110.06
N GLU AF 30 50.59 -7.56 110.27
CA GLU AF 30 50.10 -8.29 111.44
C GLU AF 30 50.64 -7.71 112.73
N LYS AF 31 51.73 -6.95 112.68
CA LYS AF 31 52.26 -6.26 113.85
C LYS AF 31 51.72 -4.86 114.00
N ASN AF 32 50.79 -4.46 113.12
CA ASN AF 32 50.08 -3.19 113.23
C ASN AF 32 51.05 -2.01 113.22
N LEU AF 33 52.08 -2.15 112.39
CA LEU AF 33 53.07 -1.10 112.19
C LEU AF 33 52.58 -0.17 111.09
N LYS AF 34 53.25 0.98 110.97
CA LYS AF 34 52.91 1.94 109.93
C LYS AF 34 53.53 1.44 108.63
N VAL AF 35 52.75 0.67 107.86
CA VAL AF 35 53.25 -0.06 106.71
C VAL AF 35 53.24 0.86 105.49
N LYS AF 36 54.37 0.95 104.81
CA LYS AF 36 54.50 1.67 103.56
C LYS AF 36 54.25 0.72 102.41
N GLY AF 37 53.46 1.15 101.43
CA GLY AF 37 53.15 0.34 100.29
C GLY AF 37 54.38 0.04 99.45
N PRO AF 38 54.27 -0.96 98.58
CA PRO AF 38 55.44 -1.36 97.78
C PRO AF 38 55.75 -0.35 96.69
N VAL AF 39 56.82 0.42 96.89
CA VAL AF 39 57.20 1.43 95.90
C VAL AF 39 58.18 0.77 94.93
N ARG AF 40 57.83 0.79 93.65
CA ARG AF 40 58.48 -0.03 92.63
C ARG AF 40 59.40 0.87 91.80
N MET AF 41 60.70 0.61 91.87
CA MET AF 41 61.65 1.34 91.04
C MET AF 41 61.59 0.84 89.60
N PRO AF 42 61.88 1.71 88.63
CA PRO AF 42 61.89 1.27 87.22
C PRO AF 42 62.97 0.24 86.98
N THR AF 43 62.70 -0.66 86.04
CA THR AF 43 63.62 -1.74 85.75
C THR AF 43 64.94 -1.22 85.19
N LYS AF 44 66.01 -1.91 85.54
CA LYS AF 44 67.34 -1.64 85.00
C LYS AF 44 67.77 -2.85 84.20
N THR AF 45 67.98 -2.67 82.91
CA THR AF 45 68.30 -3.76 82.00
C THR AF 45 69.70 -3.56 81.43
N LEU AF 46 70.41 -4.66 81.23
CA LEU AF 46 71.74 -4.66 80.63
C LEU AF 46 71.66 -5.39 79.30
N ARG AF 47 72.22 -4.79 78.25
CA ARG AF 47 71.94 -5.17 76.87
C ARG AF 47 73.22 -5.46 76.10
N ILE AF 48 74.10 -6.29 76.67
CA ILE AF 48 75.33 -6.66 75.95
C ILE AF 48 74.98 -7.43 74.69
N THR AF 49 75.65 -7.07 73.59
CA THR AF 49 75.43 -7.70 72.30
C THR AF 49 76.77 -8.19 71.75
N THR AF 50 76.78 -9.39 71.18
CA THR AF 50 78.02 -10.03 70.78
C THR AF 50 77.93 -10.53 69.34
N ARG AF 51 79.11 -10.72 68.74
CA ARG AF 51 79.22 -11.12 67.34
C ARG AF 51 78.67 -12.52 67.10
N LYS AF 52 78.44 -13.30 68.16
CA LYS AF 52 77.72 -14.57 68.10
C LYS AF 52 78.57 -15.67 67.47
N THR AF 53 79.70 -15.32 66.90
CA THR AF 53 80.50 -16.30 66.18
C THR AF 53 81.96 -16.19 66.57
N PRO AF 54 82.63 -17.31 66.86
CA PRO AF 54 84.04 -17.24 67.30
C PRO AF 54 84.97 -16.60 66.28
N CYS AF 55 84.73 -16.80 64.99
CA CYS AF 55 85.58 -16.24 63.96
C CYS AF 55 84.82 -15.17 63.17
N GLY AF 56 85.48 -14.61 62.16
CA GLY AF 56 84.87 -13.57 61.36
C GLY AF 56 83.92 -14.08 60.30
N GLU AF 57 84.01 -15.37 60.01
CA GLU AF 57 83.12 -15.98 59.03
C GLU AF 57 81.71 -16.02 59.57
N GLY AF 58 80.73 -15.77 58.71
CA GLY AF 58 79.34 -15.82 59.12
C GLY AF 58 78.55 -14.76 58.38
N SER AF 59 77.24 -14.77 58.64
CA SER AF 59 76.32 -13.85 58.01
C SER AF 59 76.11 -12.57 58.82
N LYS AF 60 77.09 -12.21 59.66
CA LYS AF 60 77.05 -11.00 60.48
C LYS AF 60 75.84 -10.98 61.40
N THR AF 61 75.55 -12.13 62.02
CA THR AF 61 74.51 -12.21 63.03
C THR AF 61 75.04 -11.78 64.39
N TRP AF 62 74.13 -11.56 65.33
CA TRP AF 62 74.49 -11.07 66.64
C TRP AF 62 73.69 -11.80 67.70
N ASP AF 63 73.85 -11.36 68.96
CA ASP AF 63 73.15 -11.93 70.10
C ASP AF 63 72.75 -10.82 71.05
N ARG AF 64 71.47 -10.77 71.40
CA ARG AF 64 70.95 -9.80 72.35
C ARG AF 64 70.79 -10.49 73.69
N PHE AF 65 71.59 -10.09 74.67
CA PHE AF 65 71.54 -10.64 76.02
C PHE AF 65 70.92 -9.62 76.96
N GLN AF 66 69.96 -10.05 77.76
CA GLN AF 66 69.21 -9.17 78.63
C GLN AF 66 69.35 -9.62 80.08
N MET AF 67 69.44 -8.64 80.97
CA MET AF 67 69.47 -8.88 82.40
C MET AF 67 68.62 -7.82 83.07
N ARG AF 68 67.45 -8.22 83.56
CA ARG AF 68 66.50 -7.30 84.16
C ARG AF 68 66.64 -7.33 85.68
N ILE AF 69 66.95 -6.17 86.26
CA ILE AF 69 67.08 -6.02 87.70
C ILE AF 69 66.02 -5.03 88.15
N HIS AF 70 65.22 -5.43 89.13
CA HIS AF 70 64.07 -4.64 89.56
C HIS AF 70 64.21 -4.35 91.05
N LYS AF 71 64.03 -3.09 91.42
CA LYS AF 71 64.25 -2.65 92.79
C LYS AF 71 62.94 -2.25 93.45
N ARG AF 72 62.76 -2.68 94.70
CA ARG AF 72 61.66 -2.23 95.53
C ARG AF 72 62.23 -1.82 96.89
N LEU AF 73 61.64 -0.78 97.47
CA LEU AF 73 62.05 -0.32 98.79
C LEU AF 73 60.82 -0.17 99.67
N ILE AF 74 60.95 -0.56 100.93
CA ILE AF 74 59.84 -0.63 101.88
C ILE AF 74 60.22 0.19 103.11
N ASP AF 75 59.27 0.98 103.61
CA ASP AF 75 59.49 1.82 104.78
C ASP AF 75 58.61 1.36 105.93
N LEU AF 76 59.19 1.31 107.12
CA LEU AF 76 58.43 1.07 108.35
C LEU AF 76 58.74 2.19 109.34
N HIS AF 77 57.76 2.50 110.18
CA HIS AF 77 57.84 3.63 111.11
C HIS AF 77 57.79 3.13 112.54
N SER AF 78 58.60 2.12 112.83
CA SER AF 78 58.63 1.46 114.13
C SER AF 78 60.08 1.22 114.51
N PRO AF 79 60.36 0.99 115.80
CA PRO AF 79 61.75 0.79 116.22
C PRO AF 79 62.31 -0.53 115.71
N SER AF 80 63.64 -0.63 115.74
CA SER AF 80 64.34 -1.77 115.16
C SER AF 80 64.08 -3.06 115.92
N GLU AF 81 63.99 -2.99 117.26
CA GLU AF 81 63.91 -4.19 118.08
C GLU AF 81 62.70 -5.05 117.75
N ILE AF 82 61.66 -4.50 117.13
CA ILE AF 82 60.50 -5.27 116.72
C ILE AF 82 60.58 -5.70 115.26
N VAL AF 83 61.51 -5.14 114.47
CA VAL AF 83 61.58 -5.46 113.05
C VAL AF 83 62.87 -6.18 112.65
N LYS AF 84 63.82 -6.36 113.57
CA LYS AF 84 65.04 -7.07 113.20
C LYS AF 84 64.83 -8.57 113.14
N GLN AF 85 63.93 -9.12 113.96
CA GLN AF 85 63.73 -10.56 113.96
C GLN AF 85 63.00 -11.03 112.71
N ILE AF 86 62.28 -10.12 112.04
CA ILE AF 86 61.37 -10.54 110.99
C ILE AF 86 62.02 -10.48 109.61
N THR AF 87 62.91 -9.51 109.39
CA THR AF 87 63.69 -9.53 108.15
C THR AF 87 64.73 -10.64 108.14
N SER AF 88 65.09 -11.17 109.31
CA SER AF 88 66.09 -12.22 109.42
C SER AF 88 65.48 -13.62 109.34
N ILE AF 89 64.17 -13.76 109.49
CA ILE AF 89 63.48 -15.00 109.16
C ILE AF 89 63.10 -15.05 107.70
N SER AF 90 63.25 -13.95 106.97
CA SER AF 90 63.10 -13.90 105.52
C SER AF 90 64.46 -14.21 104.91
N ILE AF 91 64.48 -15.20 104.02
CA ILE AF 91 65.75 -15.70 103.50
C ILE AF 91 65.85 -15.50 101.99
N GLU AF 92 65.00 -16.17 101.21
CA GLU AF 92 64.83 -15.92 99.79
C GLU AF 92 66.16 -15.88 99.04
N PRO AF 93 66.76 -17.04 98.74
CA PRO AF 93 68.17 -17.07 98.30
C PRO AF 93 68.46 -16.24 97.05
N GLY AF 94 67.45 -16.07 96.19
CA GLY AF 94 67.68 -15.30 94.97
C GLY AF 94 67.68 -13.81 95.17
N VAL AF 95 67.38 -13.34 96.38
CA VAL AF 95 67.19 -11.93 96.67
C VAL AF 95 68.21 -11.48 97.70
N GLU AF 96 68.78 -10.30 97.51
CA GLU AF 96 69.63 -9.68 98.50
C GLU AF 96 68.77 -8.85 99.47
N VAL AF 97 69.43 -8.23 100.45
CA VAL AF 97 68.74 -7.39 101.42
C VAL AF 97 69.65 -6.24 101.85
N GLU AF 98 69.15 -5.01 101.73
CA GLU AF 98 69.84 -3.82 102.20
C GLU AF 98 68.93 -3.05 103.14
N VAL AF 99 69.49 -2.65 104.28
CA VAL AF 99 68.73 -1.96 105.31
C VAL AF 99 69.47 -0.68 105.67
N THR AF 100 68.76 0.45 105.67
CA THR AF 100 69.33 1.73 106.03
C THR AF 100 68.38 2.47 106.96
N ILE AF 101 68.95 3.21 107.91
CA ILE AF 101 68.20 3.80 109.02
C ILE AF 101 67.41 5.00 108.52
N ALA AF 102 66.50 5.51 109.36
CA ALA AF 102 65.64 6.61 108.95
C ALA AF 102 66.44 7.87 108.59
N ASP AF 103 67.42 8.23 109.41
CA ASP AF 103 68.21 9.43 109.16
C ASP AF 103 69.09 9.31 107.93
N ALA AF 104 69.24 8.12 107.37
CA ALA AF 104 70.02 7.87 106.16
C ALA AF 104 71.49 8.26 106.34
N ARG BF 1 36.40 11.76 11.71
CA ARG BF 1 37.04 10.47 11.47
C ARG BF 1 37.08 9.63 12.74
N VAL BF 2 37.91 10.05 13.69
CA VAL BF 2 38.08 9.29 14.92
C VAL BF 2 36.83 9.42 15.78
N GLN BF 3 36.53 8.34 16.50
CA GLN BF 3 35.52 8.14 17.53
C GLN BF 3 35.94 8.86 18.82
N PRO BF 4 35.07 9.66 19.41
CA PRO BF 4 35.48 10.45 20.56
C PRO BF 4 35.55 9.59 21.81
N ILE BF 5 35.95 10.18 22.93
CA ILE BF 5 36.31 9.44 24.12
C ILE BF 5 35.06 8.85 24.75
N LYS BF 6 35.08 7.55 25.02
CA LYS BF 6 34.01 6.88 25.74
C LYS BF 6 34.34 6.81 27.23
N LEU BF 7 33.29 6.76 28.03
CA LEU BF 7 33.38 6.44 29.45
C LEU BF 7 32.70 5.10 29.69
N ALA BF 8 33.19 4.37 30.68
CA ALA BF 8 32.74 3.00 30.87
C ALA BF 8 32.90 2.58 32.33
N ARG BF 9 31.80 2.26 32.98
CA ARG BF 9 31.85 1.70 34.32
C ARG BF 9 32.37 0.27 34.25
N VAL BF 10 33.06 -0.17 35.30
CA VAL BF 10 33.65 -1.49 35.31
C VAL BF 10 32.71 -2.47 35.99
N THR BF 11 32.59 -3.67 35.42
CA THR BF 11 31.91 -4.79 36.04
C THR BF 11 32.95 -5.62 36.79
N LYS BF 12 32.57 -6.84 37.15
CA LYS BF 12 33.44 -7.71 37.95
C LYS BF 12 34.79 -7.88 37.29
N VAL BF 13 35.85 -7.72 38.10
CA VAL BF 13 37.22 -7.88 37.62
C VAL BF 13 37.48 -9.34 37.30
N LEU BF 14 38.39 -9.57 36.35
CA LEU BF 14 38.70 -10.91 35.87
C LEU BF 14 40.17 -11.26 36.08
N GLY BF 15 40.71 -10.94 37.25
CA GLY BF 15 42.03 -11.40 37.61
C GLY BF 15 43.16 -10.60 36.98
N ARG BF 16 44.37 -11.05 37.29
CA ARG BF 16 45.60 -10.40 36.85
C ARG BF 16 46.08 -11.01 35.54
N THR BF 17 46.80 -10.19 34.77
CA THR BF 17 47.32 -10.60 33.47
C THR BF 17 48.63 -9.89 33.23
N GLY BF 18 49.39 -10.39 32.25
CA GLY BF 18 50.68 -9.83 31.90
C GLY BF 18 51.88 -10.60 32.43
N SER BF 19 51.66 -11.75 33.04
CA SER BF 19 52.70 -12.59 33.64
C SER BF 19 53.48 -11.89 34.74
N GLN BF 20 53.03 -10.69 35.15
CA GLN BF 20 53.66 -9.99 36.25
C GLN BF 20 52.64 -9.38 37.20
N GLY BF 21 51.35 -9.61 36.97
CA GLY BF 21 50.33 -8.87 37.69
C GLY BF 21 50.18 -7.44 37.26
N GLN BF 22 50.83 -7.04 36.17
CA GLN BF 22 50.76 -5.66 35.71
C GLN BF 22 49.34 -5.30 35.26
N CYS BF 23 48.66 -6.24 34.60
CA CYS BF 23 47.41 -5.96 33.94
C CYS BF 23 46.25 -6.61 34.66
N THR BF 24 45.05 -6.04 34.46
CA THR BF 24 43.80 -6.56 34.99
C THR BF 24 42.73 -6.43 33.91
N GLN BF 25 41.97 -7.50 33.70
CA GLN BF 25 40.82 -7.44 32.80
C GLN BF 25 39.56 -7.19 33.62
N VAL BF 26 38.78 -6.18 33.23
CA VAL BF 26 37.77 -5.67 34.16
C VAL BF 26 36.36 -5.73 33.57
N ARG BF 27 36.23 -5.97 32.26
CA ARG BF 27 34.93 -6.22 31.64
C ARG BF 27 33.99 -5.02 31.83
N VAL BF 28 34.39 -3.90 31.21
CA VAL BF 28 33.71 -2.63 31.39
C VAL BF 28 32.38 -2.59 30.63
N GLU BF 29 31.55 -1.60 30.93
CA GLU BF 29 30.32 -1.33 30.18
C GLU BF 29 30.22 0.17 29.93
N PHE BF 30 29.72 0.53 28.74
CA PHE BF 30 29.84 1.86 28.19
C PHE BF 30 28.92 2.91 28.81
N MET BF 31 28.09 2.53 29.79
CA MET BF 31 27.20 3.44 30.52
C MET BF 31 26.12 4.08 29.65
N ASP BF 32 26.05 3.75 28.37
CA ASP BF 32 25.05 4.36 27.49
C ASP BF 32 24.06 3.33 26.95
N ASP BF 33 24.56 2.31 26.25
CA ASP BF 33 23.78 1.13 25.93
C ASP BF 33 24.27 0.06 26.91
N THR BF 34 23.69 0.07 28.11
CA THR BF 34 24.15 -0.82 29.16
C THR BF 34 23.98 -2.28 28.78
N SER BF 35 23.11 -2.58 27.81
CA SER BF 35 23.02 -3.94 27.29
C SER BF 35 24.30 -4.38 26.58
N ARG BF 36 25.11 -3.44 26.10
CA ARG BF 36 26.35 -3.74 25.39
C ARG BF 36 27.52 -3.48 26.33
N SER BF 37 28.34 -4.52 26.53
CA SER BF 37 29.55 -4.40 27.33
C SER BF 37 30.65 -5.21 26.65
N ILE BF 38 31.89 -4.75 26.81
CA ILE BF 38 33.04 -5.44 26.25
C ILE BF 38 34.12 -5.53 27.33
N ILE BF 39 34.95 -6.56 27.22
CA ILE BF 39 36.02 -6.82 28.18
C ILE BF 39 37.27 -6.08 27.74
N ARG BF 40 37.84 -5.29 28.63
CA ARG BF 40 39.04 -4.52 28.37
C ARG BF 40 40.08 -4.83 29.44
N ASN BF 41 41.34 -4.59 29.10
CA ASN BF 41 42.46 -4.82 30.00
C ASN BF 41 42.93 -3.47 30.54
N VAL BF 42 43.06 -3.38 31.87
CA VAL BF 42 43.33 -2.12 32.54
C VAL BF 42 44.46 -2.33 33.53
N LYS BF 43 45.42 -1.40 33.53
CA LYS BF 43 46.51 -1.42 34.49
C LYS BF 43 46.20 -0.50 35.65
N GLY BF 44 46.82 -0.81 36.80
CA GLY BF 44 46.59 -0.06 38.01
C GLY BF 44 45.46 -0.64 38.84
N PRO BF 45 45.45 -0.35 40.13
CA PRO BF 45 44.35 -0.81 40.99
C PRO BF 45 43.01 -0.28 40.49
N VAL BF 46 42.01 -1.15 40.50
CA VAL BF 46 40.82 -0.93 39.69
C VAL BF 46 39.67 -0.32 40.47
N ARG BF 47 39.42 -0.83 41.67
CA ARG BF 47 38.23 -0.47 42.46
C ARG BF 47 36.94 -0.83 41.71
N GLU BF 48 36.72 -2.14 41.56
CA GLU BF 48 35.51 -2.68 40.96
C GLU BF 48 34.28 -1.88 41.38
N GLY BF 49 33.48 -1.46 40.41
CA GLY BF 49 32.34 -0.58 40.65
C GLY BF 49 32.56 0.85 40.20
N ASP BF 50 33.71 1.17 39.62
CA ASP BF 50 33.97 2.52 39.16
C ASP BF 50 34.01 2.56 37.63
N VAL BF 51 34.38 3.72 37.09
CA VAL BF 51 34.23 4.02 35.67
C VAL BF 51 35.61 4.30 35.07
N LEU BF 52 35.75 4.02 33.77
CA LEU BF 52 36.97 4.31 33.03
C LEU BF 52 36.66 5.07 31.75
N THR BF 53 37.55 5.99 31.38
CA THR BF 53 37.54 6.59 30.06
C THR BF 53 38.19 5.66 29.04
N LEU BF 54 37.54 5.52 27.89
CA LEU BF 54 38.01 4.60 26.85
C LEU BF 54 38.31 5.39 25.59
N LEU BF 55 39.34 4.94 24.86
CA LEU BF 55 39.75 5.61 23.65
C LEU BF 55 39.14 4.97 22.40
N GLU BF 56 39.16 3.65 22.31
CA GLU BF 56 38.51 2.93 21.23
C GLU BF 56 37.60 1.86 21.82
N SER BF 57 36.59 1.46 21.04
CA SER BF 57 35.56 0.58 21.57
C SER BF 57 36.07 -0.85 21.69
N GLU BF 58 36.39 -1.48 20.57
CA GLU BF 58 36.77 -2.89 20.53
C GLU BF 58 38.23 -2.96 20.12
N ARG BF 59 39.09 -3.38 21.04
CA ARG BF 59 40.51 -3.52 20.77
C ARG BF 59 40.99 -4.95 20.88
N GLU BF 60 40.82 -5.59 22.05
CA GLU BF 60 41.39 -6.90 22.31
C GLU BF 60 40.97 -7.43 23.68
N ALA BF 61 41.06 -8.74 23.87
CA ALA BF 61 40.91 -9.36 25.19
C ALA BF 61 41.49 -10.77 25.15
N ARG BF 62 42.16 -11.16 26.23
CA ARG BF 62 42.76 -12.48 26.34
C ARG BF 62 42.20 -13.20 27.57
N ARG BF 63 41.66 -14.40 27.34
CA ARG BF 63 41.08 -15.16 28.44
C ARG BF 63 42.18 -15.81 29.29
N LEU BF 64 41.83 -16.15 30.53
CA LEU BF 64 42.78 -16.65 31.50
C LEU BF 64 42.55 -18.12 31.81
N GLY CF 1 115.43 -11.42 82.67
CA GLY CF 1 115.74 -10.39 83.64
C GLY CF 1 116.85 -9.46 83.20
N HIS CF 2 117.39 -8.68 84.13
CA HIS CF 2 116.98 -8.68 85.53
C HIS CF 2 115.82 -7.73 85.80
N GLN CF 3 115.56 -7.48 87.08
CA GLN CF 3 114.36 -6.75 87.49
C GLN CF 3 114.34 -5.32 86.94
N GLN CF 4 115.51 -4.68 86.86
CA GLN CF 4 115.55 -3.29 86.40
C GLN CF 4 115.01 -3.12 84.99
N LEU CF 5 115.04 -4.18 84.17
CA LEU CF 5 114.57 -4.10 82.80
C LEU CF 5 113.54 -5.17 82.43
N TYR CF 6 113.24 -6.09 83.34
CA TYR CF 6 112.31 -7.16 83.02
C TYR CF 6 110.94 -6.60 82.67
N TRP CF 7 110.24 -6.01 83.63
CA TRP CF 7 109.06 -5.18 83.38
C TRP CF 7 109.42 -3.71 83.30
N SER CF 8 110.40 -3.35 82.47
CA SER CF 8 110.72 -1.95 82.26
C SER CF 8 109.62 -1.24 81.49
N HIS CF 9 109.05 -1.92 80.51
CA HIS CF 9 107.94 -1.34 79.74
C HIS CF 9 106.69 -1.32 80.59
N PRO CF 10 105.92 -0.22 80.58
CA PRO CF 10 104.69 -0.17 81.40
C PRO CF 10 103.66 -1.17 80.91
N ARG CF 11 102.98 -1.80 81.87
CA ARG CF 11 101.78 -2.58 81.60
C ARG CF 11 100.54 -1.79 82.01
N LYS CF 12 100.67 -0.47 81.89
CA LYS CF 12 99.64 0.50 82.21
C LYS CF 12 98.63 0.60 81.08
N PHE CF 13 97.94 1.72 81.02
CA PHE CF 13 96.93 2.06 80.02
C PHE CF 13 97.18 1.41 78.66
N GLY CF 14 96.15 0.77 78.11
CA GLY CF 14 96.23 0.21 76.78
C GLY CF 14 95.75 -1.22 76.76
N GLN CF 15 95.80 -1.82 75.56
CA GLN CF 15 95.37 -3.20 75.39
C GLN CF 15 96.20 -4.19 76.18
N GLY CF 16 97.52 -4.00 76.24
CA GLY CF 16 98.37 -4.96 76.93
C GLY CF 16 97.96 -5.18 78.36
N SER CF 17 97.58 -4.10 79.06
CA SER CF 17 97.13 -4.23 80.43
C SER CF 17 95.91 -5.13 80.54
N ARG CF 18 94.88 -4.85 79.74
CA ARG CF 18 93.63 -5.56 79.83
C ARG CF 18 93.76 -6.98 79.31
N SER CF 19 93.02 -7.90 79.92
CA SER CF 19 93.04 -9.30 79.52
C SER CF 19 91.75 -9.96 79.95
N CYS CF 20 91.38 -11.03 79.25
CA CYS CF 20 90.20 -11.79 79.63
C CYS CF 20 90.49 -12.60 80.89
N ARG CF 21 89.58 -12.53 81.85
CA ARG CF 21 89.80 -13.15 83.14
C ARG CF 21 89.61 -14.67 83.11
N VAL CF 22 89.47 -15.27 81.93
CA VAL CF 22 89.34 -16.72 81.81
C VAL CF 22 90.45 -17.27 80.92
N CYS CF 23 90.45 -16.89 79.65
CA CYS CF 23 91.39 -17.42 78.67
C CYS CF 23 92.63 -16.57 78.52
N SER CF 24 92.78 -15.50 79.30
CA SER CF 24 93.89 -14.57 79.21
C SER CF 24 94.15 -14.09 77.79
N ASN CF 25 93.12 -14.07 76.96
CA ASN CF 25 93.23 -13.56 75.61
C ASN CF 25 93.01 -12.05 75.61
N ARG CF 26 93.65 -11.38 74.65
CA ARG CF 26 93.66 -9.93 74.59
C ARG CF 26 92.94 -9.44 73.35
N HIS CF 27 91.80 -10.05 73.04
CA HIS CF 27 90.98 -9.63 71.91
C HIS CF 27 89.52 -9.94 72.22
N GLY CF 28 88.62 -9.18 71.61
CA GLY CF 28 87.20 -9.38 71.82
C GLY CF 28 86.77 -9.14 73.25
N LEU CF 29 87.42 -8.20 73.93
CA LEU CF 29 87.12 -7.94 75.33
C LEU CF 29 85.77 -7.24 75.46
N ILE CF 30 85.23 -7.26 76.68
CA ILE CF 30 84.02 -6.54 77.02
C ILE CF 30 84.23 -5.91 78.40
N ARG CF 31 84.39 -4.59 78.43
CA ARG CF 31 84.56 -3.87 79.69
C ARG CF 31 83.24 -3.39 80.28
N LYS CF 32 82.12 -3.62 79.62
CA LYS CF 32 80.85 -3.11 80.11
C LYS CF 32 80.47 -3.78 81.42
N TYR CF 33 80.04 -2.96 82.39
CA TYR CF 33 79.62 -3.44 83.70
C TYR CF 33 80.73 -4.21 84.40
N GLY CF 34 81.98 -3.86 84.12
CA GLY CF 34 83.12 -4.52 84.72
C GLY CF 34 83.22 -6.00 84.45
N LEU CF 35 82.84 -6.44 83.25
CA LEU CF 35 82.89 -7.87 82.94
C LEU CF 35 84.33 -8.35 82.88
N ASN CF 36 85.14 -7.72 82.02
CA ASN CF 36 86.46 -8.22 81.68
C ASN CF 36 86.35 -9.64 81.11
N MET CF 37 85.52 -9.78 80.06
CA MET CF 37 85.34 -11.04 79.33
C MET CF 37 85.77 -10.88 77.89
N CYS CF 38 86.43 -11.90 77.36
CA CYS CF 38 86.45 -12.11 75.93
C CYS CF 38 85.08 -12.57 75.47
N ARG CF 39 84.71 -12.21 74.24
CA ARG CF 39 83.37 -12.51 73.74
C ARG CF 39 83.11 -14.02 73.71
N GLN CF 40 84.12 -14.81 73.36
CA GLN CF 40 83.92 -16.25 73.24
C GLN CF 40 83.65 -16.89 74.60
N CYS CF 41 84.46 -16.56 75.61
CA CYS CF 41 84.22 -17.08 76.94
C CYS CF 41 82.89 -16.60 77.49
N PHE CF 42 82.53 -15.35 77.21
CA PHE CF 42 81.25 -14.83 77.65
C PHE CF 42 80.09 -15.61 77.04
N ARG CF 43 80.21 -15.96 75.76
CA ARG CF 43 79.14 -16.70 75.11
C ARG CF 43 78.86 -18.02 75.81
N GLN CF 44 79.91 -18.68 76.32
CA GLN CF 44 79.71 -19.92 77.05
C GLN CF 44 79.06 -19.66 78.41
N TYR CF 45 79.55 -18.67 79.14
CA TYR CF 45 79.08 -18.42 80.49
C TYR CF 45 77.91 -17.44 80.55
N ALA CF 46 77.40 -16.98 79.41
CA ALA CF 46 76.33 -15.99 79.41
C ALA CF 46 75.14 -16.45 80.22
N LYS CF 47 74.81 -17.74 80.17
CA LYS CF 47 73.72 -18.26 80.98
C LYS CF 47 74.07 -18.27 82.46
N ASP CF 48 75.36 -18.26 82.80
CA ASP CF 48 75.77 -18.52 84.17
C ASP CF 48 75.78 -17.23 84.99
N ILE CF 49 76.26 -16.14 84.41
CA ILE CF 49 76.16 -14.85 85.09
C ILE CF 49 74.71 -14.47 85.30
N GLY CF 50 73.88 -14.67 84.27
CA GLY CF 50 72.49 -14.31 84.36
C GLY CF 50 71.98 -13.62 83.10
N PHE CF 51 72.84 -13.54 82.09
CA PHE CF 51 72.43 -12.96 80.82
C PHE CF 51 71.59 -13.98 80.05
N ILE CF 52 70.39 -13.56 79.64
CA ILE CF 52 69.48 -14.44 78.94
C ILE CF 52 69.18 -13.86 77.56
N LYS CF 53 68.66 -14.70 76.69
CA LYS CF 53 68.26 -14.32 75.35
C LYS CF 53 66.74 -14.23 75.29
N LEU CF 54 66.21 -13.05 74.99
CA LEU CF 54 64.77 -12.85 74.92
C LEU CF 54 64.30 -12.38 73.55
N ASP CF 55 64.93 -11.36 72.98
CA ASP CF 55 64.46 -10.78 71.73
C ASP CF 55 65.62 -10.21 70.93
N THR DF 1 -8.93 -6.92 74.76
CA THR DF 1 -8.72 -5.61 74.17
C THR DF 1 -7.32 -5.09 74.50
N GLU DF 2 -6.62 -5.82 75.36
CA GLU DF 2 -5.27 -5.45 75.77
C GLU DF 2 -4.24 -5.93 74.75
N GLN DF 3 -3.21 -5.13 74.53
CA GLN DF 3 -2.21 -5.39 73.50
C GLN DF 3 -0.82 -5.01 74.00
N MET DF 4 0.17 -5.87 73.74
CA MET DF 4 1.58 -5.54 73.91
C MET DF 4 2.09 -4.96 72.60
N THR DF 5 2.19 -3.64 72.53
CA THR DF 5 2.73 -2.98 71.36
C THR DF 5 4.03 -2.25 71.71
N LEU DF 6 4.90 -2.13 70.71
CA LEU DF 6 6.23 -1.56 70.91
C LEU DF 6 6.13 -0.05 71.03
N ARG DF 7 6.61 0.49 72.15
CA ARG DF 7 6.67 1.94 72.35
C ARG DF 7 8.02 2.50 71.90
N GLY DF 8 8.40 2.18 70.67
CA GLY DF 8 9.66 2.65 70.13
C GLY DF 8 10.85 1.89 70.69
N THR DF 9 12.03 2.44 70.44
CA THR DF 9 13.29 1.86 70.85
C THR DF 9 14.11 2.92 71.59
N LEU DF 10 15.12 2.45 72.32
CA LEU DF 10 16.03 3.34 73.05
C LEU DF 10 17.43 3.19 72.46
N LYS DF 11 17.72 3.96 71.42
CA LYS DF 11 19.04 3.96 70.82
C LYS DF 11 20.08 4.45 71.83
N GLY DF 12 21.18 3.70 71.94
CA GLY DF 12 22.13 3.96 73.01
C GLY DF 12 23.39 3.12 72.95
N HIS DF 13 23.74 2.52 74.09
CA HIS DF 13 25.01 1.81 74.30
C HIS DF 13 25.37 0.84 73.18
N ASN DF 14 26.66 0.60 73.01
CA ASN DF 14 27.21 -0.17 71.88
C ASN DF 14 27.51 -1.61 72.26
N GLY DF 15 26.73 -2.22 73.15
CA GLY DF 15 26.97 -3.61 73.52
C GLY DF 15 25.71 -4.39 73.79
N TRP DF 16 25.84 -5.50 74.50
CA TRP DF 16 24.67 -6.21 74.98
C TRP DF 16 23.97 -5.40 76.06
N VAL DF 17 22.71 -5.72 76.30
CA VAL DF 17 21.97 -5.19 77.44
C VAL DF 17 21.96 -6.26 78.51
N THR DF 18 22.71 -6.04 79.59
CA THR DF 18 22.95 -7.10 80.54
C THR DF 18 21.89 -7.17 81.63
N GLN DF 19 21.41 -6.03 82.12
CA GLN DF 19 20.44 -6.02 83.19
C GLN DF 19 19.73 -4.67 83.21
N ILE DF 20 18.40 -4.69 83.32
CA ILE DF 20 17.58 -3.50 83.34
C ILE DF 20 16.89 -3.41 84.70
N ALA DF 21 17.00 -2.25 85.34
CA ALA DF 21 16.35 -2.00 86.62
C ALA DF 21 15.57 -0.70 86.57
N THR DF 22 14.53 -0.61 87.41
CA THR DF 22 13.72 0.58 87.53
C THR DF 22 13.61 0.96 89.00
N THR DF 23 12.93 2.08 89.25
CA THR DF 23 12.69 2.50 90.63
C THR DF 23 11.23 2.91 90.80
N PRO DF 24 10.62 2.59 91.93
CA PRO DF 24 9.21 2.95 92.15
C PRO DF 24 9.04 4.41 92.54
N GLN DF 25 10.00 4.94 93.29
CA GLN DF 25 9.89 6.33 93.75
C GLN DF 25 9.97 7.31 92.58
N PHE DF 26 10.72 6.96 91.52
CA PHE DF 26 10.92 7.86 90.39
C PHE DF 26 10.66 7.07 89.11
N PRO DF 27 9.39 6.89 88.73
CA PRO DF 27 9.10 6.15 87.48
C PRO DF 27 9.85 6.67 86.28
N ASP DF 28 10.00 7.98 86.14
CA ASP DF 28 10.82 8.54 85.07
C ASP DF 28 12.30 8.33 85.36
N MET DF 29 12.73 7.08 85.52
CA MET DF 29 14.13 6.80 85.84
C MET DF 29 14.37 5.31 85.64
N ILE DF 30 15.35 4.94 84.82
CA ILE DF 30 15.66 3.53 84.60
C ILE DF 30 17.17 3.34 84.47
N LEU DF 31 17.60 2.09 84.63
CA LEU DF 31 18.98 1.69 84.49
C LEU DF 31 19.08 0.55 83.48
N SER DF 32 20.21 0.49 82.78
CA SER DF 32 20.41 -0.52 81.74
C SER DF 32 21.87 -0.96 81.78
N ALA DF 33 22.11 -2.18 82.25
CA ALA DF 33 23.46 -2.72 82.25
C ALA DF 33 23.87 -3.12 80.85
N SER DF 34 25.03 -2.65 80.42
CA SER DF 34 25.51 -2.89 79.07
C SER DF 34 26.82 -3.68 79.11
N ARG DF 35 27.09 -4.38 78.01
CA ARG DF 35 28.29 -5.19 77.90
C ARG DF 35 29.50 -4.38 77.44
N ASP DF 36 29.39 -3.06 77.41
CA ASP DF 36 30.53 -2.20 77.13
C ASP DF 36 31.09 -1.57 78.41
N LYS DF 37 30.97 -2.27 79.54
CA LYS DF 37 31.56 -1.85 80.80
C LYS DF 37 31.00 -0.51 81.28
N THR DF 38 29.81 -0.15 80.84
CA THR DF 38 29.24 1.14 81.21
C THR DF 38 27.77 0.99 81.58
N ILE DF 39 27.37 1.66 82.66
CA ILE DF 39 25.98 1.77 83.05
C ILE DF 39 25.45 3.08 82.49
N ILE DF 40 24.29 3.04 81.86
CA ILE DF 40 23.71 4.23 81.23
C ILE DF 40 22.48 4.64 82.02
N MET DF 41 22.43 5.91 82.37
CA MET DF 41 21.45 6.43 83.32
C MET DF 41 20.48 7.25 82.48
N TRP DF 42 19.28 6.74 82.24
CA TRP DF 42 18.34 7.35 81.30
C TRP DF 42 17.20 8.04 82.03
N LYS DF 43 16.88 9.26 81.62
CA LYS DF 43 15.61 9.86 81.98
C LYS DF 43 14.64 9.67 80.82
N LEU DF 44 13.45 9.18 81.13
CA LEU DF 44 12.48 8.78 80.10
C LEU DF 44 11.71 10.02 79.66
N THR DF 45 12.06 10.53 78.46
CA THR DF 45 11.41 11.73 77.96
C THR DF 45 9.96 11.51 77.60
N ARG DF 46 9.50 10.26 77.47
CA ARG DF 46 8.11 9.95 77.17
C ARG DF 46 7.67 10.59 75.85
N ASP DF 47 8.64 10.82 74.97
CA ASP DF 47 8.42 11.63 73.77
C ASP DF 47 8.36 10.76 72.52
N GLU DF 48 7.90 11.39 71.44
CA GLU DF 48 7.85 10.75 70.13
C GLU DF 48 9.24 10.27 69.70
N THR DF 49 9.27 9.05 69.15
CA THR DF 49 10.43 8.41 68.55
C THR DF 49 11.62 8.32 69.50
N ASN DF 50 11.43 8.69 70.76
CA ASN DF 50 12.49 8.60 71.76
C ASN DF 50 11.88 8.57 73.15
N TYR DF 51 11.87 7.39 73.77
CA TYR DF 51 11.28 7.28 75.10
C TYR DF 51 12.17 7.94 76.15
N GLY DF 52 13.48 7.78 76.02
CA GLY DF 52 14.39 8.34 77.01
C GLY DF 52 15.71 8.86 76.46
N ILE DF 53 16.27 9.86 77.14
CA ILE DF 53 17.57 10.42 76.79
C ILE DF 53 18.55 10.05 77.90
N PRO DF 54 19.75 9.57 77.59
CA PRO DF 54 20.73 9.29 78.64
C PRO DF 54 21.24 10.60 79.23
N GLN DF 55 21.14 10.73 80.55
CA GLN DF 55 21.53 11.98 81.21
C GLN DF 55 22.83 11.85 82.01
N ARG DF 56 23.12 10.68 82.57
CA ARG DF 56 24.40 10.43 83.23
C ARG DF 56 25.02 9.19 82.64
N ALA DF 57 26.34 9.21 82.46
CA ALA DF 57 27.09 8.08 81.95
C ALA DF 57 27.94 7.53 83.08
N LEU DF 58 27.74 6.25 83.40
CA LEU DF 58 28.41 5.61 84.51
C LEU DF 58 29.47 4.65 83.97
N ARG DF 59 30.69 4.77 84.49
CA ARG DF 59 31.79 3.93 84.05
C ARG DF 59 32.85 3.89 85.13
N GLY DF 60 33.84 3.02 84.95
CA GLY DF 60 34.90 2.86 85.91
C GLY DF 60 35.15 1.42 86.29
N HIS DF 61 34.68 0.49 85.45
CA HIS DF 61 34.84 -0.93 85.69
C HIS DF 61 35.73 -1.56 84.62
N SER DF 62 36.64 -2.43 85.05
CA SER DF 62 37.55 -3.09 84.12
C SER DF 62 36.78 -3.91 83.09
N HIS DF 63 35.91 -4.80 83.55
CA HIS DF 63 35.13 -5.66 82.67
C HIS DF 63 33.69 -5.17 82.62
N PHE DF 64 32.90 -5.79 81.74
CA PHE DF 64 31.54 -5.35 81.55
C PHE DF 64 30.65 -5.79 82.72
N VAL DF 65 29.68 -4.93 83.04
CA VAL DF 65 28.80 -5.12 84.19
C VAL DF 65 27.87 -6.30 83.94
N SER DF 66 27.39 -6.91 85.02
CA SER DF 66 26.54 -8.09 84.92
C SER DF 66 25.13 -7.89 85.47
N ASP DF 67 24.98 -7.12 86.54
CA ASP DF 67 23.67 -6.92 87.16
C ASP DF 67 23.65 -5.60 87.90
N VAL DF 68 22.55 -4.88 87.79
CA VAL DF 68 22.41 -3.57 88.41
C VAL DF 68 20.98 -3.38 88.90
N VAL DF 69 20.85 -2.80 90.08
CA VAL DF 69 19.54 -2.44 90.62
C VAL DF 69 19.72 -1.23 91.51
N ILE DF 70 18.62 -0.64 91.94
CA ILE DF 70 18.63 0.58 92.72
C ILE DF 70 18.06 0.30 94.10
N SER DF 71 18.56 1.03 95.10
CA SER DF 71 17.99 0.93 96.44
C SER DF 71 16.62 1.60 96.48
N SER DF 72 15.84 1.23 97.49
CA SER DF 72 14.50 1.79 97.63
C SER DF 72 14.55 3.18 98.24
N ASP DF 73 15.33 4.07 97.65
CA ASP DF 73 15.40 5.46 98.07
C ASP DF 73 15.65 6.45 96.94
N GLY DF 74 16.15 6.01 95.78
CA GLY DF 74 16.53 6.91 94.72
C GLY DF 74 17.86 7.59 94.93
N GLN DF 75 18.68 7.11 95.87
CA GLN DF 75 19.94 7.74 96.21
C GLN DF 75 21.16 6.88 95.93
N PHE DF 76 21.05 5.56 96.10
CA PHE DF 76 22.20 4.68 95.95
C PHE DF 76 21.82 3.50 95.07
N ALA DF 77 22.83 2.94 94.41
CA ALA DF 77 22.66 1.79 93.54
C ALA DF 77 24.05 1.26 93.22
N LEU DF 78 24.23 -0.05 93.26
CA LEU DF 78 25.50 -0.66 92.91
C LEU DF 78 25.32 -1.68 91.80
N SER DF 79 26.36 -1.85 91.01
CA SER DF 79 26.37 -2.77 89.89
C SER DF 79 27.52 -3.75 90.03
N GLY DF 80 27.30 -4.97 89.57
CA GLY DF 80 28.31 -6.01 89.65
C GLY DF 80 28.97 -6.28 88.33
N SER DF 81 30.24 -5.93 88.21
CA SER DF 81 31.01 -6.12 86.99
C SER DF 81 31.59 -7.53 86.96
N TRP DF 82 32.29 -7.85 85.88
CA TRP DF 82 32.99 -9.12 85.76
C TRP DF 82 34.39 -9.05 86.32
N ASP DF 83 34.76 -7.94 86.94
CA ASP DF 83 35.95 -7.89 87.77
C ASP DF 83 35.77 -8.67 89.07
N GLY DF 84 34.55 -9.10 89.36
CA GLY DF 84 34.23 -9.66 90.66
C GLY DF 84 34.08 -8.64 91.75
N THR DF 85 34.11 -7.35 91.42
CA THR DF 85 34.04 -6.28 92.41
C THR DF 85 32.82 -5.42 92.13
N LEU DF 86 32.10 -5.07 93.18
CA LEU DF 86 30.89 -4.27 93.07
C LEU DF 86 31.20 -2.83 93.40
N ARG DF 87 30.48 -1.92 92.76
CA ARG DF 87 30.74 -0.49 92.89
C ARG DF 87 29.44 0.19 93.34
N LEU DF 88 29.40 0.62 94.60
CA LEU DF 88 28.29 1.41 95.08
C LEU DF 88 28.29 2.74 94.36
N TRP DF 89 27.31 2.95 93.47
CA TRP DF 89 27.35 4.04 92.52
C TRP DF 89 26.35 5.12 92.94
N ASP DF 90 26.86 6.22 93.48
CA ASP DF 90 26.03 7.38 93.80
C ASP DF 90 25.52 7.97 92.50
N LEU DF 91 24.24 7.78 92.21
CA LEU DF 91 23.69 8.19 90.92
C LEU DF 91 23.76 9.69 90.72
N THR DF 92 23.70 10.46 91.80
CA THR DF 92 23.95 11.90 91.71
C THR DF 92 25.41 12.13 91.36
N THR DF 93 25.65 12.89 90.28
CA THR DF 93 26.96 13.19 89.72
C THR DF 93 27.64 11.97 89.10
N GLY DF 94 27.03 10.79 89.19
CA GLY DF 94 27.61 9.59 88.59
C GLY DF 94 28.99 9.24 89.11
N THR DF 95 29.21 9.45 90.41
CA THR DF 95 30.50 9.17 91.03
C THR DF 95 30.36 8.02 92.01
N THR DF 96 31.40 7.18 92.07
CA THR DF 96 31.35 6.01 92.92
C THR DF 96 31.64 6.39 94.37
N THR DF 97 31.13 5.58 95.29
CA THR DF 97 31.38 5.75 96.72
C THR DF 97 32.19 4.62 97.30
N ARG DF 98 31.82 3.38 97.03
CA ARG DF 98 32.52 2.23 97.60
C ARG DF 98 32.63 1.13 96.55
N ARG DF 99 33.83 0.58 96.44
CA ARG DF 99 34.08 -0.60 95.62
C ARG DF 99 34.39 -1.77 96.55
N PHE DF 100 33.52 -2.77 96.57
CA PHE DF 100 33.65 -3.91 97.47
C PHE DF 100 34.46 -4.98 96.74
N VAL DF 101 35.57 -5.39 97.37
CA VAL DF 101 36.48 -6.37 96.79
C VAL DF 101 36.55 -7.58 97.70
N GLY DF 102 36.85 -8.73 97.11
CA GLY DF 102 36.94 -9.97 97.87
C GLY DF 102 36.52 -11.19 97.08
N HIS DF 103 35.87 -10.99 95.95
CA HIS DF 103 35.49 -12.10 95.07
C HIS DF 103 36.65 -12.47 94.17
N THR DF 104 37.01 -13.76 94.15
CA THR DF 104 38.12 -14.19 93.32
C THR DF 104 37.78 -14.10 91.84
N LYS DF 105 36.62 -14.60 91.44
CA LYS DF 105 36.20 -14.62 90.05
C LYS DF 105 35.16 -13.52 89.81
N ASP DF 106 34.61 -13.53 88.59
CA ASP DF 106 33.66 -12.50 88.20
C ASP DF 106 32.36 -12.63 88.99
N VAL DF 107 31.74 -11.49 89.28
CA VAL DF 107 30.48 -11.47 90.00
C VAL DF 107 29.34 -11.62 89.01
N LEU DF 108 28.41 -12.52 89.32
CA LEU DF 108 27.23 -12.70 88.49
C LEU DF 108 26.11 -11.73 88.82
N SER DF 109 25.85 -11.45 90.10
CA SER DF 109 24.68 -10.67 90.45
C SER DF 109 24.84 -10.08 91.85
N VAL DF 110 23.95 -9.15 92.16
CA VAL DF 110 23.84 -8.52 93.47
C VAL DF 110 22.36 -8.33 93.80
N ALA DF 111 22.08 -7.96 95.05
CA ALA DF 111 20.72 -7.62 95.44
C ALA DF 111 20.79 -6.75 96.70
N PHE DF 112 19.73 -5.96 96.91
CA PHE DF 112 19.64 -5.06 98.06
C PHE DF 112 18.54 -5.54 98.99
N SER DF 113 18.77 -5.40 100.29
CA SER DF 113 17.84 -5.90 101.31
C SER DF 113 16.62 -4.99 101.41
N SER DF 114 15.75 -5.30 102.37
CA SER DF 114 14.54 -4.51 102.59
C SER DF 114 14.88 -3.09 103.03
N ASP DF 115 15.83 -2.94 103.94
CA ASP DF 115 16.25 -1.63 104.41
C ASP DF 115 17.45 -1.08 103.64
N ASN DF 116 17.90 -1.79 102.60
CA ASN DF 116 19.11 -1.44 101.86
C ASN DF 116 20.33 -1.37 102.77
N ARG DF 117 20.37 -2.25 103.77
CA ARG DF 117 21.49 -2.33 104.70
C ARG DF 117 22.41 -3.51 104.42
N GLN DF 118 21.85 -4.65 104.02
CA GLN DF 118 22.64 -5.84 103.73
C GLN DF 118 22.69 -6.06 102.22
N ILE DF 119 23.90 -6.29 101.70
CA ILE DF 119 24.14 -6.50 100.28
C ILE DF 119 24.62 -7.93 100.09
N VAL DF 120 24.07 -8.61 99.08
CA VAL DF 120 24.46 -9.97 98.74
C VAL DF 120 25.04 -9.95 97.34
N SER DF 121 25.89 -10.94 97.05
CA SER DF 121 26.59 -10.97 95.78
C SER DF 121 26.78 -12.41 95.34
N GLY DF 122 26.33 -12.72 94.12
CA GLY DF 122 26.58 -14.01 93.50
C GLY DF 122 27.64 -13.86 92.43
N SER DF 123 28.56 -14.82 92.39
CA SER DF 123 29.75 -14.69 91.57
C SER DF 123 30.14 -16.06 91.00
N ARG DF 124 31.25 -16.07 90.26
CA ARG DF 124 31.76 -17.26 89.61
C ARG DF 124 32.71 -18.04 90.49
N ASP DF 125 32.92 -17.61 91.74
CA ASP DF 125 33.86 -18.25 92.64
C ASP DF 125 33.20 -19.31 93.52
N LYS DF 126 32.05 -19.86 93.09
CA LYS DF 126 31.38 -20.96 93.78
C LYS DF 126 30.96 -20.55 95.19
N THR DF 127 31.05 -19.26 95.51
CA THR DF 127 30.66 -18.79 96.82
C THR DF 127 29.83 -17.52 96.68
N ILE DF 128 29.03 -17.24 97.70
CA ILE DF 128 28.17 -16.07 97.76
C ILE DF 128 28.51 -15.28 99.01
N LYS DF 129 28.69 -13.97 98.85
CA LYS DF 129 29.15 -13.11 99.93
C LYS DF 129 28.07 -12.12 100.34
N LEU DF 130 28.12 -11.72 101.61
CA LEU DF 130 27.22 -10.73 102.17
C LEU DF 130 28.05 -9.57 102.71
N TRP DF 131 27.71 -8.35 102.32
CA TRP DF 131 28.50 -7.17 102.63
C TRP DF 131 27.66 -6.15 103.38
N ASN DF 132 28.36 -5.23 104.04
CA ASN DF 132 27.70 -4.09 104.67
C ASN DF 132 27.62 -2.93 103.68
N THR DF 133 26.96 -1.86 104.08
CA THR DF 133 26.88 -0.68 103.23
C THR DF 133 28.21 0.07 103.20
N LEU DF 134 29.09 -0.20 104.17
CA LEU DF 134 30.39 0.46 104.25
C LEU DF 134 31.47 -0.27 103.44
N GLY DF 135 31.14 -1.39 102.80
CA GLY DF 135 32.10 -2.05 101.94
C GLY DF 135 32.80 -3.24 102.54
N VAL DF 136 32.36 -3.74 103.69
CA VAL DF 136 33.01 -4.84 104.38
C VAL DF 136 32.04 -6.02 104.46
N CYS DF 137 32.47 -7.16 103.93
CA CYS DF 137 31.68 -8.38 104.06
C CYS DF 137 31.80 -8.93 105.47
N LYS DF 138 30.81 -9.72 105.88
CA LYS DF 138 30.79 -10.28 107.22
C LYS DF 138 30.95 -11.78 107.25
N TYR DF 139 30.10 -12.52 106.53
CA TYR DF 139 30.15 -13.97 106.52
C TYR DF 139 30.28 -14.46 105.09
N THR DF 140 31.35 -15.20 104.81
CA THR DF 140 31.55 -15.81 103.50
C THR DF 140 31.07 -17.26 103.55
N VAL DF 141 29.75 -17.40 103.45
CA VAL DF 141 29.12 -18.71 103.56
C VAL DF 141 29.68 -19.64 102.48
N GLN DF 142 29.99 -20.87 102.87
CA GLN DF 142 30.71 -21.80 102.01
C GLN DF 142 30.40 -23.22 102.46
N ASP DF 143 30.95 -24.19 101.70
CA ASP DF 143 30.94 -25.62 101.99
C ASP DF 143 29.53 -26.21 101.97
N GLU DF 144 28.53 -25.38 101.75
CA GLU DF 144 27.16 -25.83 101.54
C GLU DF 144 26.45 -25.12 100.40
N SER DF 145 27.06 -24.08 99.84
CA SER DF 145 26.48 -23.39 98.71
C SER DF 145 26.73 -24.18 97.43
N HIS DF 146 26.41 -23.55 96.29
CA HIS DF 146 26.49 -24.24 95.01
C HIS DF 146 27.93 -24.61 94.67
N SER DF 147 28.11 -25.80 94.11
CA SER DF 147 29.44 -26.25 93.71
C SER DF 147 29.94 -25.51 92.48
N GLU DF 148 29.10 -25.34 91.46
CA GLU DF 148 29.47 -24.52 90.32
C GLU DF 148 28.97 -23.08 90.57
N TRP DF 149 28.98 -22.25 89.54
CA TRP DF 149 28.71 -20.82 89.70
C TRP DF 149 27.35 -20.59 90.34
N VAL DF 150 27.27 -19.54 91.16
CA VAL DF 150 26.00 -19.08 91.70
C VAL DF 150 25.50 -17.95 90.79
N SER DF 151 24.32 -18.13 90.23
CA SER DF 151 23.73 -17.15 89.33
C SER DF 151 22.94 -16.12 90.14
N CYS DF 152 22.08 -15.36 89.47
CA CYS DF 152 21.34 -14.25 90.06
C CYS DF 152 20.76 -14.60 91.42
N VAL DF 153 20.77 -13.61 92.33
CA VAL DF 153 20.25 -13.79 93.68
C VAL DF 153 19.40 -12.57 94.03
N ARG DF 154 18.50 -12.75 94.99
CA ARG DF 154 17.61 -11.68 95.42
C ARG DF 154 17.22 -11.88 96.87
N PHE DF 155 16.90 -10.77 97.53
CA PHE DF 155 16.30 -10.80 98.86
C PHE DF 155 14.80 -11.06 98.75
N SER DF 156 14.15 -11.21 99.91
CA SER DF 156 12.70 -11.36 99.99
C SER DF 156 12.05 -10.00 100.14
N PRO DF 157 11.11 -9.66 99.26
CA PRO DF 157 10.45 -8.34 99.39
C PRO DF 157 9.78 -8.13 100.73
N ASN DF 158 9.28 -9.20 101.35
CA ASN DF 158 8.69 -9.06 102.68
C ASN DF 158 9.77 -8.89 103.74
N SER DF 159 9.58 -7.90 104.61
CA SER DF 159 10.48 -7.73 105.75
C SER DF 159 10.33 -8.88 106.73
N SER DF 160 9.16 -9.50 106.77
CA SER DF 160 8.99 -10.74 107.52
C SER DF 160 9.73 -11.86 106.80
N ASN DF 161 9.96 -12.96 107.54
CA ASN DF 161 10.71 -14.15 107.12
C ASN DF 161 11.85 -13.79 106.17
N PRO DF 162 12.78 -12.93 106.58
CA PRO DF 162 13.78 -12.42 105.62
C PRO DF 162 14.77 -13.49 105.19
N ILE DF 163 14.60 -13.98 103.96
CA ILE DF 163 15.46 -15.00 103.39
C ILE DF 163 15.80 -14.58 101.96
N ILE DF 164 16.88 -15.15 101.43
CA ILE DF 164 17.31 -14.84 100.08
C ILE DF 164 17.21 -16.09 99.22
N VAL DF 165 17.03 -15.87 97.92
CA VAL DF 165 16.97 -16.94 96.94
C VAL DF 165 18.23 -16.86 96.10
N SER DF 166 18.92 -18.00 95.97
CA SER DF 166 20.20 -18.07 95.28
C SER DF 166 20.15 -19.20 94.26
N CYS DF 167 19.74 -18.89 93.03
CA CYS DF 167 19.86 -19.86 91.97
C CYS DF 167 21.32 -19.95 91.52
N GLY DF 168 21.75 -21.15 91.15
CA GLY DF 168 23.08 -21.33 90.64
C GLY DF 168 23.08 -22.33 89.51
N TRP DF 169 24.26 -22.52 88.92
CA TRP DF 169 24.44 -23.49 87.85
C TRP DF 169 24.29 -24.92 88.34
N ASP DF 170 23.94 -25.12 89.61
CA ASP DF 170 23.69 -26.43 90.18
C ASP DF 170 22.34 -27.00 89.78
N LYS DF 171 21.65 -26.38 88.82
CA LYS DF 171 20.32 -26.81 88.40
C LYS DF 171 19.32 -26.78 89.57
N LEU DF 172 19.49 -25.83 90.49
CA LEU DF 172 18.68 -25.79 91.70
C LEU DF 172 18.72 -24.40 92.30
N VAL DF 173 17.90 -24.21 93.33
CA VAL DF 173 17.90 -22.99 94.13
C VAL DF 173 18.19 -23.37 95.59
N LYS DF 174 19.17 -22.70 96.18
CA LYS DF 174 19.45 -22.83 97.60
C LYS DF 174 18.85 -21.63 98.33
N VAL DF 175 18.01 -21.90 99.32
CA VAL DF 175 17.32 -20.85 100.06
C VAL DF 175 17.98 -20.75 101.43
N TRP DF 176 18.51 -19.56 101.72
CA TRP DF 176 19.23 -19.29 102.96
C TRP DF 176 18.55 -18.14 103.68
N ASN DF 177 18.55 -18.20 105.00
CA ASN DF 177 18.00 -17.14 105.81
C ASN DF 177 19.04 -16.05 106.01
N LEU DF 178 18.76 -15.13 106.93
CA LEU DF 178 19.68 -14.04 107.23
C LEU DF 178 20.18 -14.04 108.67
N ALA DF 179 19.31 -14.32 109.63
CA ALA DF 179 19.72 -14.30 111.04
C ALA DF 179 20.81 -15.32 111.31
N ASN DF 180 20.66 -16.54 110.78
CA ASN DF 180 21.70 -17.56 110.88
C ASN DF 180 22.27 -17.97 109.53
N CYS DF 181 21.73 -17.46 108.42
CA CYS DF 181 22.18 -17.73 107.05
C CYS DF 181 22.51 -19.20 106.84
N LYS DF 182 21.52 -20.05 107.07
CA LYS DF 182 21.66 -21.48 106.92
C LYS DF 182 20.64 -21.98 105.90
N LEU DF 183 21.02 -23.04 105.18
CA LEU DF 183 20.19 -23.55 104.09
C LEU DF 183 18.82 -23.99 104.60
N LYS DF 184 17.80 -23.64 103.83
CA LYS DF 184 16.43 -24.01 104.18
C LYS DF 184 15.74 -24.87 103.12
N THR DF 185 15.81 -24.49 101.86
CA THR DF 185 15.09 -25.21 100.81
C THR DF 185 16.07 -25.55 99.68
N ASN DF 186 16.38 -26.83 99.54
CA ASN DF 186 17.16 -27.32 98.40
C ASN DF 186 16.22 -27.89 97.35
N HIS DF 187 15.38 -27.02 96.82
CA HIS DF 187 14.43 -27.43 95.80
C HIS DF 187 15.16 -27.69 94.49
N ILE DF 188 14.96 -28.89 93.94
CA ILE DF 188 15.62 -29.32 92.71
C ILE DF 188 14.54 -29.67 91.70
N GLY DF 189 14.95 -30.19 90.55
CA GLY DF 189 13.99 -30.59 89.53
C GLY DF 189 14.25 -29.91 88.20
N HIS DF 190 15.46 -29.40 88.02
CA HIS DF 190 15.87 -28.77 86.78
C HIS DF 190 16.73 -29.75 85.98
N THR DF 191 16.34 -30.00 84.74
CA THR DF 191 17.17 -30.78 83.82
C THR DF 191 18.07 -29.80 83.04
N GLY DF 192 18.87 -29.07 83.81
CA GLY DF 192 19.69 -28.01 83.27
C GLY DF 192 19.95 -26.92 84.29
N TYR DF 193 21.02 -26.15 84.10
CA TYR DF 193 21.44 -25.17 85.09
C TYR DF 193 20.36 -24.12 85.29
N LEU DF 194 20.56 -23.28 86.30
CA LEU DF 194 19.63 -22.22 86.63
C LEU DF 194 20.26 -20.87 86.32
N ASN DF 195 19.51 -20.05 85.57
CA ASN DF 195 20.00 -18.78 85.07
C ASN DF 195 19.62 -17.62 85.97
N THR DF 196 18.33 -17.44 86.22
CA THR DF 196 17.83 -16.31 86.99
C THR DF 196 16.86 -16.78 88.04
N VAL DF 197 16.90 -16.15 89.22
CA VAL DF 197 15.89 -16.36 90.24
C VAL DF 197 15.25 -15.01 90.56
N THR DF 198 13.93 -15.01 90.65
CA THR DF 198 13.16 -13.79 90.90
C THR DF 198 11.95 -14.12 91.74
N VAL DF 199 11.54 -13.17 92.57
CA VAL DF 199 10.50 -13.36 93.57
C VAL DF 199 9.33 -12.46 93.24
N SER DF 200 8.13 -12.87 93.66
CA SER DF 200 6.92 -12.11 93.42
C SER DF 200 6.99 -10.77 94.17
N PRO DF 201 6.08 -9.83 93.85
CA PRO DF 201 6.06 -8.57 94.61
C PRO DF 201 5.93 -8.77 96.11
N ASP DF 202 5.23 -9.83 96.54
CA ASP DF 202 5.25 -10.26 97.92
C ASP DF 202 6.05 -11.55 98.03
N GLY DF 203 6.76 -11.71 99.14
CA GLY DF 203 7.65 -12.85 99.32
C GLY DF 203 6.94 -14.16 99.56
N SER DF 204 6.23 -14.66 98.54
CA SER DF 204 5.50 -15.91 98.65
C SER DF 204 5.82 -16.90 97.54
N LEU DF 205 6.16 -16.44 96.35
CA LEU DF 205 6.41 -17.30 95.21
C LEU DF 205 7.71 -16.90 94.53
N CYS DF 206 8.36 -17.88 93.90
CA CYS DF 206 9.61 -17.65 93.20
C CYS DF 206 9.60 -18.38 91.86
N ALA DF 207 10.34 -17.84 90.88
CA ALA DF 207 10.40 -18.39 89.54
C ALA DF 207 11.85 -18.46 89.07
N SER DF 208 12.17 -19.52 88.31
CA SER DF 208 13.53 -19.73 87.83
C SER DF 208 13.49 -20.74 86.68
N GLY DF 209 14.50 -20.62 85.80
CA GLY DF 209 14.61 -21.54 84.68
C GLY DF 209 15.93 -21.37 83.97
N GLY DF 210 16.31 -22.39 83.21
CA GLY DF 210 17.57 -22.36 82.50
C GLY DF 210 17.49 -22.86 81.06
N LYS DF 211 18.39 -23.76 80.67
CA LYS DF 211 18.39 -24.28 79.31
C LYS DF 211 17.10 -25.05 79.02
N ASP DF 212 16.63 -25.84 80.00
CA ASP DF 212 15.48 -26.70 79.78
C ASP DF 212 14.23 -25.90 79.44
N GLY DF 213 14.23 -24.60 79.74
CA GLY DF 213 13.10 -23.76 79.45
C GLY DF 213 11.97 -23.84 80.46
N GLN DF 214 12.11 -24.68 81.48
CA GLN DF 214 11.06 -24.82 82.50
C GLN DF 214 11.07 -23.58 83.37
N ALA DF 215 10.06 -22.73 83.20
CA ALA DF 215 9.86 -21.58 84.08
C ALA DF 215 9.21 -22.11 85.36
N MET DF 216 9.94 -22.96 86.05
CA MET DF 216 9.38 -23.70 87.18
C MET DF 216 9.07 -22.75 88.33
N LEU DF 217 7.81 -22.75 88.75
CA LEU DF 217 7.32 -21.84 89.77
C LEU DF 217 7.13 -22.59 91.08
N TRP DF 218 7.66 -22.04 92.16
CA TRP DF 218 7.54 -22.62 93.48
C TRP DF 218 7.15 -21.55 94.48
N ASP DF 219 6.46 -21.97 95.52
CA ASP DF 219 6.13 -21.10 96.63
C ASP DF 219 7.40 -20.80 97.42
N LEU DF 220 7.39 -19.69 98.15
CA LEU DF 220 8.56 -19.25 98.90
C LEU DF 220 8.43 -19.49 100.40
N ASN DF 221 7.26 -19.23 100.99
CA ASN DF 221 7.14 -19.39 102.44
C ASN DF 221 7.11 -20.85 102.85
N GLU DF 222 6.33 -21.68 102.14
CA GLU DF 222 6.17 -23.08 102.51
C GLU DF 222 7.21 -24.00 101.89
N GLY DF 223 7.72 -23.67 100.71
CA GLY DF 223 8.80 -24.44 100.12
C GLY DF 223 8.42 -25.79 99.54
N LYS DF 224 7.61 -25.77 98.48
CA LYS DF 224 7.32 -26.99 97.73
C LYS DF 224 7.10 -26.61 96.27
N HIS DF 225 7.18 -27.62 95.41
CA HIS DF 225 6.91 -27.41 94.00
C HIS DF 225 5.43 -27.32 93.72
N LEU DF 226 5.04 -26.37 92.85
CA LEU DF 226 3.65 -26.26 92.45
C LEU DF 226 3.44 -26.53 90.97
N TYR DF 227 4.05 -25.76 90.07
CA TYR DF 227 3.76 -25.83 88.65
C TYR DF 227 5.04 -25.86 87.83
N THR DF 228 5.03 -26.65 86.76
CA THR DF 228 6.16 -26.76 85.84
C THR DF 228 5.67 -26.44 84.43
N LEU DF 229 5.76 -25.17 84.04
CA LEU DF 229 5.49 -24.78 82.67
C LEU DF 229 6.76 -24.30 82.00
N ASP DF 230 6.89 -24.60 80.71
CA ASP DF 230 8.13 -24.42 79.99
C ASP DF 230 7.96 -23.45 78.84
N GLY DF 231 9.09 -22.92 78.36
CA GLY DF 231 9.15 -22.10 77.18
C GLY DF 231 9.65 -22.90 75.99
N GLY DF 232 9.63 -22.24 74.83
CA GLY DF 232 10.06 -22.91 73.61
C GLY DF 232 11.55 -23.22 73.60
N ASP DF 233 12.36 -22.34 74.16
CA ASP DF 233 13.81 -22.49 74.10
C ASP DF 233 14.42 -21.88 75.36
N ILE DF 234 15.72 -21.55 75.28
CA ILE DF 234 16.42 -20.91 76.38
C ILE DF 234 15.62 -19.75 76.94
N ILE DF 235 15.52 -19.70 78.27
CA ILE DF 235 14.98 -18.55 78.99
C ILE DF 235 16.04 -18.09 79.98
N ASN DF 236 16.28 -16.77 79.99
CA ASN DF 236 17.34 -16.24 80.85
C ASN DF 236 16.94 -14.93 81.53
N ALA DF 237 15.65 -14.61 81.57
CA ALA DF 237 15.19 -13.40 82.26
C ALA DF 237 13.72 -13.56 82.61
N LEU DF 238 13.41 -13.44 83.90
CA LEU DF 238 12.06 -13.56 84.40
C LEU DF 238 11.77 -12.39 85.34
N CYS DF 239 10.50 -12.01 85.43
CA CYS DF 239 10.09 -10.96 86.36
C CYS DF 239 8.62 -11.15 86.70
N PHE DF 240 8.20 -10.53 87.80
CA PHE DF 240 6.80 -10.42 88.16
C PHE DF 240 6.38 -8.95 88.03
N SER DF 241 5.23 -8.72 87.42
CA SER DF 241 4.70 -7.37 87.32
C SER DF 241 4.25 -6.88 88.70
N PRO DF 242 4.27 -5.56 88.93
CA PRO DF 242 3.85 -5.03 90.23
C PRO DF 242 2.36 -5.22 90.51
N ASN DF 243 1.52 -4.81 89.57
CA ASN DF 243 0.07 -4.82 89.82
C ASN DF 243 -0.51 -6.21 89.68
N ARG DF 244 -0.46 -6.77 88.48
CA ARG DF 244 -0.81 -8.16 88.28
C ARG DF 244 0.41 -9.03 88.56
N TYR DF 245 0.18 -10.32 88.74
CA TYR DF 245 1.31 -11.23 88.93
C TYR DF 245 2.05 -11.45 87.63
N TRP DF 246 1.37 -12.01 86.63
CA TRP DF 246 1.80 -12.02 85.23
C TRP DF 246 3.27 -12.41 85.09
N LEU DF 247 3.56 -13.65 85.45
CA LEU DF 247 4.91 -14.17 85.31
C LEU DF 247 5.33 -14.12 83.85
N CYS DF 248 6.55 -13.62 83.60
CA CYS DF 248 7.05 -13.41 82.26
C CYS DF 248 8.39 -14.11 82.10
N ALA DF 249 8.68 -14.58 80.88
CA ALA DF 249 9.91 -15.29 80.58
C ALA DF 249 10.54 -14.74 79.31
N ALA DF 250 11.85 -14.51 79.35
CA ALA DF 250 12.61 -14.12 78.16
C ALA DF 250 13.00 -15.39 77.41
N THR DF 251 12.01 -15.96 76.71
CA THR DF 251 12.18 -17.23 76.04
C THR DF 251 12.89 -16.97 74.72
N GLY DF 252 14.21 -17.04 74.73
CA GLY DF 252 15.01 -16.74 73.56
C GLY DF 252 14.85 -15.30 73.13
N PRO DF 253 14.98 -15.04 71.83
CA PRO DF 253 14.72 -13.70 71.32
C PRO DF 253 13.24 -13.41 71.18
N SER DF 254 12.49 -13.72 72.23
CA SER DF 254 11.06 -13.44 72.30
C SER DF 254 10.67 -13.47 73.77
N ILE DF 255 9.55 -12.82 74.08
CA ILE DF 255 9.03 -12.74 75.45
C ILE DF 255 7.74 -13.55 75.50
N LYS DF 256 7.67 -14.47 76.46
CA LYS DF 256 6.47 -15.26 76.69
C LYS DF 256 5.91 -14.92 78.06
N ILE DF 257 4.65 -14.47 78.09
CA ILE DF 257 4.01 -13.96 79.30
C ILE DF 257 2.74 -14.76 79.52
N TRP DF 258 2.58 -15.30 80.73
CA TRP DF 258 1.39 -16.04 81.12
C TRP DF 258 0.91 -15.53 82.47
N ASP DF 259 -0.32 -15.90 82.82
CA ASP DF 259 -0.89 -15.54 84.10
C ASP DF 259 -0.78 -16.71 85.07
N LEU DF 260 -0.45 -16.41 86.32
CA LEU DF 260 -0.33 -17.44 87.34
C LEU DF 260 -1.63 -18.20 87.55
N GLU DF 261 -2.77 -17.57 87.29
CA GLU DF 261 -4.05 -18.25 87.30
C GLU DF 261 -4.56 -18.57 85.91
N GLY DF 262 -4.41 -17.64 84.97
CA GLY DF 262 -4.67 -17.87 83.56
C GLY DF 262 -3.49 -18.48 82.85
N LYS DF 263 -3.27 -19.78 83.04
CA LYS DF 263 -2.04 -20.41 82.57
C LYS DF 263 -1.92 -20.42 81.05
N ILE DF 264 -3.00 -20.12 80.34
CA ILE DF 264 -2.88 -19.92 78.90
C ILE DF 264 -2.11 -18.63 78.63
N ILE DF 265 -1.12 -18.71 77.74
CA ILE DF 265 -0.27 -17.56 77.47
C ILE DF 265 -1.11 -16.44 76.86
N VAL DF 266 -1.06 -15.26 77.50
CA VAL DF 266 -1.90 -14.16 77.05
C VAL DF 266 -1.42 -13.60 75.71
N ASP DF 267 -0.11 -13.49 75.51
CA ASP DF 267 0.42 -12.86 74.31
C ASP DF 267 1.86 -13.31 74.11
N GLU DF 268 2.13 -13.86 72.92
CA GLU DF 268 3.49 -14.23 72.54
C GLU DF 268 4.19 -12.97 72.04
N LEU DF 269 5.02 -12.38 72.90
CA LEU DF 269 5.73 -11.15 72.56
C LEU DF 269 7.01 -11.52 71.83
N LYS DF 270 7.10 -11.13 70.57
CA LYS DF 270 8.29 -11.34 69.75
C LYS DF 270 8.89 -10.01 69.36
N GLN DF 271 10.14 -10.06 68.89
CA GLN DF 271 10.83 -8.86 68.41
C GLN DF 271 10.69 -8.75 66.90
N GLU DF 272 10.41 -7.54 66.43
CA GLU DF 272 10.25 -7.31 65.00
C GLU DF 272 11.53 -7.69 64.26
N VAL DF 273 11.36 -8.46 63.18
CA VAL DF 273 12.48 -9.01 62.44
C VAL DF 273 12.31 -8.68 60.96
N ILE DF 274 11.62 -7.56 60.68
CA ILE DF 274 11.38 -7.14 59.30
C ILE DF 274 12.71 -7.07 58.54
N SER DF 275 12.65 -7.38 57.24
CA SER DF 275 13.83 -7.69 56.43
C SER DF 275 14.57 -8.89 57.04
N THR DF 276 13.86 -10.01 57.04
CA THR DF 276 14.34 -11.23 57.69
C THR DF 276 15.67 -11.66 57.09
N SER DF 277 16.69 -11.73 57.94
CA SER DF 277 18.00 -12.21 57.50
C SER DF 277 17.91 -13.65 57.00
N SER DF 278 17.05 -14.46 57.62
CA SER DF 278 16.89 -15.87 57.31
C SER DF 278 18.16 -16.64 57.63
N LYS DF 279 19.17 -15.94 58.16
CA LYS DF 279 20.43 -16.57 58.51
C LYS DF 279 20.96 -16.14 59.87
N ALA DF 280 20.55 -14.99 60.39
CA ALA DF 280 21.02 -14.49 61.67
C ALA DF 280 19.94 -14.64 62.71
N GLU DF 281 20.32 -15.09 63.90
CA GLU DF 281 19.35 -15.29 64.97
C GLU DF 281 18.92 -13.94 65.54
N PRO DF 282 17.63 -13.79 65.89
CA PRO DF 282 17.20 -12.52 66.49
C PRO DF 282 17.86 -12.31 67.84
N PRO DF 283 18.03 -11.06 68.26
CA PRO DF 283 18.77 -10.80 69.50
C PRO DF 283 18.03 -11.35 70.72
N GLN DF 284 18.73 -12.21 71.46
CA GLN DF 284 18.15 -12.90 72.61
C GLN DF 284 17.90 -11.90 73.74
N CYS DF 285 16.74 -12.02 74.38
CA CYS DF 285 16.35 -11.11 75.46
C CYS DF 285 17.16 -11.43 76.70
N THR DF 286 18.29 -10.73 76.87
CA THR DF 286 19.18 -11.01 77.99
C THR DF 286 18.57 -10.62 79.32
N SER DF 287 17.92 -9.47 79.39
CA SER DF 287 17.34 -9.00 80.64
C SER DF 287 16.10 -8.19 80.35
N LEU DF 288 15.29 -7.98 81.39
CA LEU DF 288 14.02 -7.29 81.26
C LEU DF 288 13.62 -6.72 82.61
N ALA DF 289 12.70 -5.76 82.57
CA ALA DF 289 12.13 -5.18 83.78
C ALA DF 289 10.81 -4.51 83.43
N TRP DF 290 10.02 -4.26 84.46
CA TRP DF 290 8.80 -3.46 84.33
C TRP DF 290 9.13 -2.01 84.64
N SER DF 291 8.10 -1.18 84.76
CA SER DF 291 8.26 0.21 85.15
C SER DF 291 7.95 0.45 86.62
N ALA DF 292 8.08 -0.59 87.45
CA ALA DF 292 7.75 -0.56 88.87
C ALA DF 292 6.27 -0.30 89.14
N ASP DF 293 5.46 -0.22 88.09
CA ASP DF 293 4.01 -0.09 88.24
C ASP DF 293 3.24 -0.96 87.26
N GLY DF 294 3.92 -1.71 86.40
CA GLY DF 294 3.23 -2.63 85.50
C GLY DF 294 2.61 -1.99 84.28
N GLN DF 295 2.92 -0.73 83.99
CA GLN DF 295 2.37 -0.04 82.83
C GLN DF 295 3.18 -0.30 81.57
N THR DF 296 4.48 -0.01 81.59
CA THR DF 296 5.36 -0.26 80.46
C THR DF 296 6.26 -1.46 80.74
N LEU DF 297 6.77 -2.04 79.65
CA LEU DF 297 7.60 -3.24 79.70
C LEU DF 297 8.97 -2.86 79.15
N PHE DF 298 10.03 -3.19 79.88
CA PHE DF 298 11.39 -3.00 79.39
C PHE DF 298 12.04 -4.34 79.12
N ALA DF 299 12.82 -4.41 78.04
CA ALA DF 299 13.54 -5.62 77.68
C ALA DF 299 14.66 -5.26 76.72
N GLY DF 300 15.90 -5.48 77.18
CA GLY DF 300 17.08 -5.23 76.37
C GLY DF 300 17.71 -6.55 75.96
N TYR DF 301 18.19 -6.61 74.73
CA TYR DF 301 18.60 -7.86 74.11
C TYR DF 301 20.09 -7.82 73.79
N THR DF 302 20.56 -8.86 73.09
CA THR DF 302 21.96 -8.93 72.70
C THR DF 302 22.34 -7.86 71.69
N ASP DF 303 21.36 -7.24 71.04
CA ASP DF 303 21.65 -6.18 70.10
C ASP DF 303 22.09 -4.91 70.85
N ASN DF 304 22.48 -3.90 70.08
CA ASN DF 304 22.88 -2.62 70.66
C ASN DF 304 21.69 -1.77 71.07
N LEU DF 305 20.49 -2.34 71.10
CA LEU DF 305 19.26 -1.57 71.21
C LEU DF 305 18.45 -2.02 72.43
N VAL DF 306 17.58 -1.13 72.89
CA VAL DF 306 16.62 -1.41 73.95
C VAL DF 306 15.26 -0.98 73.43
N ARG DF 307 14.32 -1.92 73.35
CA ARG DF 307 12.96 -1.61 72.94
C ARG DF 307 12.00 -1.82 74.10
N VAL DF 308 11.12 -0.86 74.30
CA VAL DF 308 10.19 -0.82 75.42
C VAL DF 308 8.80 -1.19 74.94
N TRP DF 309 8.18 -2.17 75.59
CA TRP DF 309 6.80 -2.52 75.34
C TRP DF 309 5.90 -1.87 76.39
N GLN DF 310 4.60 -1.83 76.08
CA GLN DF 310 3.63 -1.19 76.96
C GLN DF 310 2.26 -1.81 76.72
N VAL DF 311 1.58 -2.13 77.81
CA VAL DF 311 0.22 -2.65 77.74
C VAL DF 311 -0.72 -1.48 77.44
N THR DF 312 -1.69 -1.72 76.56
CA THR DF 312 -2.67 -0.71 76.17
C THR DF 312 -4.07 -1.27 76.34
N ILE DF 313 -4.95 -0.48 76.93
CA ILE DF 313 -6.35 -0.85 77.15
C ILE DF 313 -6.44 -2.15 77.95
N VAL EF 1 134.90 -38.25 126.13
CA VAL EF 1 134.39 -37.26 125.19
C VAL EF 1 132.86 -37.32 125.20
N MET EF 2 132.33 -38.21 126.04
CA MET EF 2 130.88 -38.35 126.16
C MET EF 2 130.22 -37.04 126.58
N ASP EF 3 130.82 -36.34 127.53
CA ASP EF 3 130.31 -35.03 127.92
C ASP EF 3 130.71 -33.94 126.95
N VAL EF 4 131.52 -34.26 125.94
CA VAL EF 4 132.00 -33.25 125.01
C VAL EF 4 131.42 -33.50 123.61
N ASN EF 5 131.63 -34.71 123.08
CA ASN EF 5 131.23 -34.96 121.70
C ASN EF 5 129.71 -34.94 121.54
N THR EF 6 128.98 -35.58 122.45
CA THR EF 6 127.52 -35.51 122.39
C THR EF 6 127.02 -34.12 122.72
N ALA EF 7 127.68 -33.45 123.66
CA ALA EF 7 127.33 -32.06 123.95
C ALA EF 7 127.51 -31.18 122.73
N LEU EF 8 128.63 -31.34 122.02
CA LEU EF 8 128.80 -30.68 120.73
C LEU EF 8 127.74 -31.14 119.74
N GLN EF 9 127.49 -32.46 119.72
CA GLN EF 9 126.56 -33.02 118.75
C GLN EF 9 125.16 -32.45 118.97
N GLU EF 10 124.75 -32.32 120.23
CA GLU EF 10 123.38 -31.88 120.51
C GLU EF 10 123.19 -30.38 120.26
N VAL EF 11 124.18 -29.56 120.60
CA VAL EF 11 123.99 -28.11 120.49
C VAL EF 11 123.90 -27.68 119.03
N LEU EF 12 124.65 -28.34 118.15
CA LEU EF 12 124.55 -28.01 116.73
C LEU EF 12 123.28 -28.57 116.12
N LYS EF 13 122.78 -29.69 116.64
CA LYS EF 13 121.55 -30.29 116.09
C LYS EF 13 120.33 -29.47 116.46
N THR EF 14 120.25 -28.99 117.70
CA THR EF 14 119.21 -28.03 118.02
C THR EF 14 119.44 -26.70 117.32
N ALA EF 15 120.64 -26.48 116.77
CA ALA EF 15 120.94 -25.22 116.10
C ALA EF 15 120.57 -25.27 114.63
N LEU EF 16 120.86 -26.38 113.93
CA LEU EF 16 120.56 -26.44 112.52
C LEU EF 16 119.05 -26.43 112.26
N ILE EF 17 118.25 -26.65 113.30
CA ILE EF 17 116.80 -26.58 113.15
C ILE EF 17 116.37 -25.19 112.72
N HIS EF 18 116.88 -24.15 113.40
CA HIS EF 18 116.41 -22.80 113.16
C HIS EF 18 117.54 -21.77 113.20
N ASP EF 19 118.74 -22.16 112.78
CA ASP EF 19 119.87 -21.23 112.80
C ASP EF 19 120.81 -21.56 111.66
N GLY EF 20 121.39 -20.52 111.07
CA GLY EF 20 122.46 -20.72 110.10
C GLY EF 20 123.78 -20.90 110.81
N LEU EF 21 124.37 -22.09 110.68
CA LEU EF 21 125.53 -22.47 111.48
C LEU EF 21 126.84 -21.89 110.96
N ALA EF 22 126.81 -21.14 109.86
CA ALA EF 22 127.98 -20.43 109.36
C ALA EF 22 129.15 -21.37 109.06
N ARG EF 23 128.83 -22.56 108.56
CA ARG EF 23 129.86 -23.48 108.10
C ARG EF 23 130.58 -22.91 106.88
N GLY EF 24 131.89 -23.08 106.82
CA GLY EF 24 132.71 -22.52 105.76
C GLY EF 24 133.49 -21.30 106.23
N ILE EF 25 134.57 -21.00 105.51
CA ILE EF 25 135.47 -19.93 105.93
C ILE EF 25 134.76 -18.60 105.97
N ARG EF 26 133.96 -18.29 104.95
CA ARG EF 26 133.40 -16.94 104.85
C ARG EF 26 132.33 -16.71 105.90
N GLU EF 27 131.47 -17.71 106.09
CA GLU EF 27 130.35 -17.55 107.01
C GLU EF 27 130.80 -17.63 108.46
N ALA EF 28 131.73 -18.54 108.77
CA ALA EF 28 132.23 -18.63 110.14
C ALA EF 28 133.00 -17.38 110.54
N ALA EF 29 133.85 -16.88 109.63
CA ALA EF 29 134.57 -15.64 109.91
C ALA EF 29 133.59 -14.48 110.07
N LYS EF 30 132.58 -14.40 109.20
CA LYS EF 30 131.60 -13.33 109.30
C LYS EF 30 130.79 -13.43 110.59
N ALA EF 31 130.63 -14.63 111.13
CA ALA EF 31 129.99 -14.75 112.44
C ALA EF 31 130.92 -14.24 113.54
N LEU EF 32 132.21 -14.58 113.45
CA LEU EF 32 133.13 -14.28 114.55
C LEU EF 32 133.49 -12.80 114.61
N ASP EF 33 133.76 -12.18 113.46
CA ASP EF 33 134.17 -10.77 113.48
C ASP EF 33 133.04 -9.87 113.95
N LYS EF 34 131.81 -10.38 113.93
CA LYS EF 34 130.72 -9.77 114.68
C LYS EF 34 130.80 -10.23 116.13
N ARG EF 35 130.89 -9.28 117.06
CA ARG EF 35 131.15 -9.59 118.45
C ARG EF 35 129.88 -10.00 119.18
N GLN EF 36 129.12 -10.91 118.57
CA GLN EF 36 127.92 -11.44 119.19
C GLN EF 36 127.74 -12.93 118.94
N ALA EF 37 128.68 -13.60 118.30
CA ALA EF 37 128.56 -15.02 118.00
C ALA EF 37 128.83 -15.85 119.26
N HIS EF 38 128.17 -17.01 119.30
CA HIS EF 38 128.31 -17.95 120.41
C HIS EF 38 129.43 -18.94 120.07
N LEU EF 39 129.46 -20.07 120.77
CA LEU EF 39 130.51 -21.08 120.63
C LEU EF 39 130.87 -21.36 119.17
N CYS EF 40 132.16 -21.62 118.95
CA CYS EF 40 132.69 -21.97 117.65
C CYS EF 40 133.49 -23.26 117.76
N VAL EF 41 133.57 -23.99 116.64
CA VAL EF 41 134.25 -25.27 116.57
C VAL EF 41 135.22 -25.25 115.40
N LEU EF 42 136.16 -26.19 115.41
CA LEU EF 42 137.14 -26.32 114.34
C LEU EF 42 137.44 -27.78 114.08
N ALA EF 43 138.07 -28.04 112.95
CA ALA EF 43 138.46 -29.39 112.55
C ALA EF 43 139.98 -29.52 112.56
N SER EF 44 140.45 -30.73 112.85
CA SER EF 44 141.88 -30.97 113.02
C SER EF 44 142.55 -31.39 111.71
N ASN EF 45 141.96 -32.37 111.02
CA ASN EF 45 142.62 -33.02 109.90
C ASN EF 45 142.84 -32.11 108.70
N CYS EF 46 142.46 -30.83 108.76
CA CYS EF 46 142.78 -29.91 107.68
C CYS EF 46 144.28 -29.74 107.57
N ASP EF 47 144.80 -29.86 106.34
CA ASP EF 47 146.24 -29.85 106.13
C ASP EF 47 146.82 -28.44 106.04
N GLU EF 48 145.98 -27.42 105.87
CA GLU EF 48 146.47 -26.08 105.62
C GLU EF 48 146.90 -25.43 106.93
N PRO EF 49 148.16 -25.02 107.07
CA PRO EF 49 148.61 -24.42 108.33
C PRO EF 49 148.18 -22.96 108.46
N MET EF 50 147.97 -22.30 107.33
CA MET EF 50 147.52 -20.90 107.38
C MET EF 50 146.07 -20.82 107.83
N TYR EF 51 145.23 -21.77 107.42
CA TYR EF 51 143.82 -21.76 107.81
C TYR EF 51 143.68 -21.76 109.32
N VAL EF 52 144.36 -22.69 110.00
CA VAL EF 52 144.20 -22.79 111.44
C VAL EF 52 144.71 -21.51 112.10
N LYS EF 53 145.83 -20.99 111.67
CA LYS EF 53 146.46 -19.90 112.42
C LYS EF 53 145.62 -18.63 112.44
N LEU EF 54 144.88 -18.35 111.37
CA LEU EF 54 144.09 -17.12 111.32
C LEU EF 54 142.95 -17.13 112.32
N VAL EF 55 142.30 -18.28 112.49
CA VAL EF 55 141.08 -18.33 113.29
C VAL EF 55 141.41 -18.51 114.77
N GLU EF 56 142.59 -19.05 115.08
CA GLU EF 56 143.03 -19.07 116.48
C GLU EF 56 143.15 -17.66 117.02
N ALA EF 57 143.82 -16.78 116.29
CA ALA EF 57 143.81 -15.37 116.67
C ALA EF 57 142.39 -14.82 116.59
N LEU EF 58 141.67 -15.15 115.52
CA LEU EF 58 140.32 -14.59 115.32
C LEU EF 58 139.39 -14.98 116.46
N CYS EF 59 139.30 -16.27 116.77
CA CYS EF 59 138.41 -16.70 117.85
C CYS EF 59 138.85 -16.15 119.19
N ALA EF 60 140.16 -16.22 119.48
CA ALA EF 60 140.65 -15.79 120.78
C ALA EF 60 140.64 -14.26 120.91
N GLU EF 61 140.64 -13.54 119.79
CA GLU EF 61 140.70 -12.08 119.88
C GLU EF 61 139.44 -11.50 120.50
N HIS EF 62 138.26 -11.92 120.03
CA HIS EF 62 137.07 -11.26 120.53
C HIS EF 62 136.58 -11.84 121.85
N GLN EF 63 135.99 -13.05 121.84
CA GLN EF 63 135.62 -13.69 123.09
C GLN EF 63 135.59 -15.21 123.05
N ILE EF 64 135.91 -15.82 121.92
CA ILE EF 64 135.42 -17.16 121.61
C ILE EF 64 136.52 -18.20 121.78
N ASN EF 65 136.18 -19.28 122.48
CA ASN EF 65 137.08 -20.42 122.63
C ASN EF 65 137.02 -21.33 121.42
N LEU EF 66 137.59 -22.53 121.57
CA LEU EF 66 137.60 -23.52 120.51
C LEU EF 66 137.46 -24.92 121.11
N ILE EF 67 136.83 -25.81 120.34
CA ILE EF 67 136.80 -27.24 120.65
C ILE EF 67 137.27 -28.01 119.42
N LYS EF 68 138.21 -28.92 119.61
CA LYS EF 68 138.74 -29.72 118.53
C LYS EF 68 137.87 -30.95 118.29
N VAL EF 69 137.78 -31.37 117.02
CA VAL EF 69 137.13 -32.62 116.66
C VAL EF 69 138.17 -33.48 115.94
N ASP EF 70 137.92 -34.78 115.91
CA ASP EF 70 138.87 -35.71 115.31
C ASP EF 70 139.09 -35.40 113.83
N ASP EF 71 138.02 -35.13 113.08
CA ASP EF 71 138.13 -34.96 111.65
C ASP EF 71 137.08 -33.99 111.15
N ASN EF 72 137.30 -33.49 109.94
CA ASN EF 72 136.36 -32.59 109.29
C ASN EF 72 135.12 -33.31 108.79
N LYS EF 73 135.27 -34.55 108.30
CA LYS EF 73 134.13 -35.27 107.77
C LYS EF 73 133.09 -35.55 108.85
N LYS EF 74 133.54 -35.95 110.04
CA LYS EF 74 132.61 -36.07 111.16
C LYS EF 74 132.01 -34.72 111.52
N LEU EF 75 132.83 -33.67 111.51
CA LEU EF 75 132.30 -32.32 111.69
C LEU EF 75 131.38 -31.95 110.54
N GLY EF 76 131.73 -32.37 109.32
CA GLY EF 76 130.81 -32.18 108.19
C GLY EF 76 129.62 -33.10 108.27
N GLU EF 77 129.77 -34.26 108.91
CA GLU EF 77 128.63 -35.11 109.17
C GLU EF 77 127.63 -34.45 110.10
N TRP EF 78 128.12 -33.79 111.14
CA TRP EF 78 127.25 -33.25 112.18
C TRP EF 78 126.50 -32.00 111.71
N VAL EF 79 127.18 -31.13 110.96
CA VAL EF 79 126.59 -29.86 110.56
C VAL EF 79 125.34 -30.03 109.71
N GLY EF 80 125.15 -31.21 109.11
CA GLY EF 80 124.00 -31.45 108.26
C GLY EF 80 124.31 -31.38 106.77
N LEU EF 81 125.53 -31.01 106.40
CA LEU EF 81 125.93 -30.91 105.00
C LEU EF 81 126.27 -32.31 104.51
N CYS EF 82 125.22 -33.09 104.24
CA CYS EF 82 125.40 -34.50 103.89
C CYS EF 82 124.34 -34.90 102.87
N LYS EF 83 124.64 -35.96 102.12
CA LYS EF 83 123.67 -36.56 101.21
C LYS EF 83 122.71 -37.39 102.03
N ILE EF 84 121.54 -36.83 102.32
CA ILE EF 84 120.63 -37.42 103.28
C ILE EF 84 119.92 -38.61 102.64
N ASP EF 85 120.46 -39.80 102.86
CA ASP EF 85 119.81 -41.04 102.43
C ASP EF 85 119.83 -42.11 103.51
N ARG EF 86 120.71 -42.00 104.51
CA ARG EF 86 120.81 -42.95 105.61
C ARG EF 86 121.19 -44.33 105.07
N GLU EF 87 120.28 -44.95 104.31
CA GLU EF 87 120.60 -46.20 103.63
C GLU EF 87 121.57 -45.99 102.47
N GLY EF 88 121.71 -44.75 102.01
CA GLY EF 88 122.63 -44.43 100.92
C GLY EF 88 124.02 -44.08 101.41
N LYS EF 89 124.48 -42.86 101.11
CA LYS EF 89 125.81 -42.43 101.54
C LYS EF 89 125.73 -41.10 102.27
N PRO EF 90 125.28 -41.07 103.53
CA PRO EF 90 125.30 -39.81 104.28
C PRO EF 90 126.70 -39.23 104.47
N ARG EF 91 127.70 -40.11 104.66
CA ARG EF 91 129.03 -39.69 105.06
C ARG EF 91 130.02 -39.66 103.90
N LYS EF 92 129.57 -39.90 102.66
CA LYS EF 92 130.47 -39.89 101.52
C LYS EF 92 130.69 -38.50 100.94
N VAL EF 93 129.90 -37.51 101.35
CA VAL EF 93 130.10 -36.15 100.84
C VAL EF 93 131.23 -35.47 101.60
N VAL EF 94 131.71 -34.36 101.04
CA VAL EF 94 132.74 -33.59 101.70
C VAL EF 94 132.18 -32.99 103.00
N GLY EF 95 133.07 -32.72 103.93
CA GLY EF 95 132.70 -32.19 105.22
C GLY EF 95 133.23 -30.80 105.48
N CYS EF 96 132.59 -30.11 106.41
CA CYS EF 96 133.01 -28.78 106.80
C CYS EF 96 134.25 -28.85 107.69
N SER EF 97 134.90 -27.70 107.86
CA SER EF 97 136.04 -27.61 108.75
C SER EF 97 135.91 -26.55 109.83
N CYS EF 98 134.92 -25.66 109.75
CA CYS EF 98 134.72 -24.63 110.76
C CYS EF 98 133.23 -24.34 110.92
N VAL EF 99 132.72 -24.54 112.13
CA VAL EF 99 131.31 -24.35 112.43
C VAL EF 99 131.19 -23.43 113.65
N VAL EF 100 130.35 -22.41 113.52
CA VAL EF 100 130.10 -21.46 114.62
C VAL EF 100 128.61 -21.43 114.89
N VAL EF 101 128.23 -21.87 116.08
CA VAL EF 101 126.83 -21.82 116.51
C VAL EF 101 126.61 -20.52 117.25
N LYS EF 102 125.44 -19.90 117.03
CA LYS EF 102 125.08 -18.67 117.71
C LYS EF 102 123.61 -18.66 118.14
N ASP EF 103 123.04 -19.84 118.41
CA ASP EF 103 121.61 -19.97 118.66
C ASP EF 103 121.30 -20.30 120.11
N TYR EF 104 121.86 -21.39 120.65
CA TYR EF 104 121.51 -21.90 121.97
C TYR EF 104 120.00 -22.05 122.11
N GLY EF 105 119.39 -22.66 121.08
CA GLY EF 105 117.95 -22.79 121.05
C GLY EF 105 117.40 -23.62 122.18
N LYS EF 106 118.06 -24.74 122.50
CA LYS EF 106 117.65 -25.62 123.59
C LYS EF 106 118.73 -25.60 124.67
N GLU EF 107 118.29 -25.59 125.92
CA GLU EF 107 119.20 -25.56 127.06
C GLU EF 107 119.05 -26.80 127.94
N SER EF 108 118.39 -27.85 127.44
CA SER EF 108 118.22 -29.07 128.23
C SER EF 108 119.56 -29.74 128.51
N GLN EF 109 120.47 -29.72 127.53
CA GLN EF 109 121.82 -30.22 127.75
C GLN EF 109 122.86 -29.14 127.43
N ALA EF 110 122.44 -27.92 127.12
CA ALA EF 110 123.40 -26.87 126.81
C ALA EF 110 124.29 -26.52 127.98
N LYS EF 111 123.90 -26.90 129.20
CA LYS EF 111 124.78 -26.73 130.35
C LYS EF 111 126.03 -27.59 130.25
N ASP EF 112 126.00 -28.65 129.43
CA ASP EF 112 127.17 -29.48 129.24
C ASP EF 112 128.28 -28.70 128.54
N VAL EF 113 127.93 -27.90 127.54
CA VAL EF 113 128.93 -27.09 126.85
C VAL EF 113 129.26 -25.82 127.62
N ILE EF 114 128.37 -25.36 128.50
CA ILE EF 114 128.67 -24.19 129.32
C ILE EF 114 129.72 -24.54 130.37
N GLU EF 115 129.57 -25.69 131.03
CA GLU EF 115 130.61 -26.17 131.93
C GLU EF 115 131.86 -26.56 131.17
N GLU EF 116 131.71 -26.93 129.91
CA GLU EF 116 132.88 -27.13 129.05
C GLU EF 116 133.68 -25.83 128.93
N TYR EF 117 132.98 -24.72 128.72
CA TYR EF 117 133.64 -23.41 128.70
C TYR EF 117 134.29 -23.09 130.04
N PHE EF 118 133.61 -23.41 131.14
CA PHE EF 118 134.16 -23.12 132.46
C PHE EF 118 135.45 -23.89 132.70
N LYS EF 119 135.43 -25.21 132.53
CA LYS EF 119 136.58 -26.02 132.87
C LYS EF 119 137.69 -25.94 131.84
N CYS EF 120 137.37 -25.62 130.58
CA CYS EF 120 138.41 -25.37 129.60
C CYS EF 120 139.15 -24.07 129.92
N LYS EF 121 138.42 -23.04 130.34
CA LYS EF 121 139.05 -21.77 130.68
C LYS EF 121 139.79 -21.82 132.02
N LYS EF 122 139.53 -22.82 132.85
CA LYS EF 122 140.26 -22.97 134.11
C LYS EF 122 141.64 -23.55 133.86
N ARG FF 1 71.28 28.99 27.28
CA ARG FF 1 71.52 28.93 28.72
C ARG FF 1 72.95 28.51 29.00
N ASP FF 2 73.88 29.46 28.93
CA ASP FF 2 75.29 29.18 29.22
C ASP FF 2 75.78 29.98 30.42
N LYS FF 3 75.62 31.31 30.41
CA LYS FF 3 76.19 32.15 31.45
C LYS FF 3 75.63 33.56 31.30
N LEU FF 4 75.16 34.14 32.41
CA LEU FF 4 74.63 35.49 32.39
C LEU FF 4 75.44 36.46 33.24
N ASN FF 5 75.59 36.20 34.54
CA ASN FF 5 76.41 36.98 35.48
C ASN FF 5 76.20 38.50 35.35
N ASN FF 6 75.02 38.93 34.91
CA ASN FF 6 74.84 40.32 34.49
C ASN FF 6 73.67 41.01 35.18
N LEU FF 7 73.99 41.82 36.19
CA LEU FF 7 73.32 43.10 36.42
C LEU FF 7 74.05 43.82 37.55
N VAL FF 8 74.17 45.13 37.41
CA VAL FF 8 74.96 45.95 38.31
C VAL FF 8 74.13 47.19 38.62
N LEU FF 9 73.63 47.28 39.86
CA LEU FF 9 73.03 48.50 40.39
C LEU FF 9 72.21 49.25 39.34
N PHE FF 10 71.15 48.59 38.86
CA PHE FF 10 70.53 48.88 37.56
C PHE FF 10 70.42 50.38 37.29
N ASP FF 11 70.71 50.73 36.03
CA ASP FF 11 70.88 52.12 35.62
C ASP FF 11 69.52 52.83 35.51
N LYS FF 12 69.56 54.09 35.08
CA LYS FF 12 68.34 54.87 34.92
C LYS FF 12 67.44 54.30 33.83
N ALA FF 13 68.03 53.89 32.71
CA ALA FF 13 67.24 53.30 31.64
C ALA FF 13 66.56 52.03 32.12
N THR FF 14 67.27 51.21 32.89
CA THR FF 14 66.65 50.06 33.53
C THR FF 14 65.71 50.49 34.65
N TYR FF 15 65.99 51.62 35.31
CA TYR FF 15 65.14 52.07 36.40
C TYR FF 15 63.74 52.41 35.90
N ASP FF 16 63.64 53.14 34.78
CA ASP FF 16 62.34 53.62 34.34
C ASP FF 16 61.39 52.47 34.03
N LYS FF 17 61.84 51.45 33.30
CA LYS FF 17 60.94 50.34 33.00
C LYS FF 17 60.70 49.50 34.24
N LEU FF 18 61.66 49.48 35.17
CA LEU FF 18 61.37 48.90 36.48
C LEU FF 18 60.28 49.70 37.19
N CYS FF 19 60.38 51.03 37.16
CA CYS FF 19 59.37 51.85 37.81
C CYS FF 19 58.05 51.84 37.06
N LYS FF 20 58.11 51.78 35.72
CA LYS FF 20 56.92 51.96 34.90
C LYS FF 20 56.29 50.67 34.42
N GLU FF 21 56.97 49.54 34.52
CA GLU FF 21 56.37 48.32 33.98
C GLU FF 21 56.20 47.22 35.01
N VAL FF 22 57.08 47.16 36.02
CA VAL FF 22 56.88 46.20 37.10
C VAL FF 22 55.53 46.36 37.78
N PRO FF 23 55.04 47.57 38.07
CA PRO FF 23 53.70 47.70 38.68
C PRO FF 23 52.56 47.20 37.81
N ASN FF 24 52.82 46.79 36.57
CA ASN FF 24 51.76 46.45 35.62
C ASN FF 24 51.53 44.96 35.45
N TYR FF 25 52.17 44.12 36.27
CA TYR FF 25 51.86 42.70 36.26
C TYR FF 25 51.72 42.19 37.69
N LYS FF 26 50.93 41.13 37.84
CA LYS FF 26 50.55 40.67 39.17
C LYS FF 26 51.73 40.06 39.93
N LEU FF 27 52.60 39.33 39.24
CA LEU FF 27 53.63 38.56 39.94
C LEU FF 27 54.89 39.41 40.11
N ILE FF 28 55.10 39.93 41.31
CA ILE FF 28 56.33 40.67 41.65
C ILE FF 28 56.96 39.95 42.84
N THR FF 29 57.87 39.01 42.56
CA THR FF 29 58.79 38.35 43.52
C THR FF 29 60.28 38.37 43.05
N PRO FF 30 61.39 37.96 43.77
CA PRO FF 30 62.55 38.62 43.39
C PRO FF 30 63.15 37.74 42.31
N ALA FF 31 62.45 36.60 42.01
CA ALA FF 31 62.88 35.70 40.98
C ALA FF 31 62.35 36.18 39.65
N VAL FF 32 61.03 36.44 39.60
CA VAL FF 32 60.42 36.86 38.34
C VAL FF 32 61.01 38.19 37.88
N VAL FF 33 61.16 39.15 38.80
CA VAL FF 33 61.76 40.42 38.43
C VAL FF 33 63.21 40.23 38.03
N SER FF 34 63.91 39.27 38.62
CA SER FF 34 65.28 38.98 38.19
C SER FF 34 65.32 38.52 36.75
N GLU FF 35 64.51 37.52 36.40
CA GLU FF 35 64.47 37.04 35.01
C GLU FF 35 63.76 38.04 34.11
N ARG FF 36 62.84 38.83 34.66
CA ARG FF 36 62.03 39.69 33.80
C ARG FF 36 62.88 40.69 33.05
N LEU FF 37 63.50 41.64 33.74
CA LEU FF 37 64.41 42.48 32.97
C LEU FF 37 65.81 41.88 32.90
N LYS FF 38 66.62 41.97 33.96
CA LYS FF 38 67.85 41.20 33.96
C LYS FF 38 68.33 40.97 35.39
N ILE FF 39 67.54 41.42 36.37
CA ILE FF 39 68.08 41.68 37.70
C ILE FF 39 68.79 40.45 38.29
N ARG FF 40 69.85 40.73 39.06
CA ARG FF 40 70.62 39.66 39.70
C ARG FF 40 69.76 38.88 40.69
N GLY FF 41 69.20 39.56 41.69
CA GLY FF 41 68.36 38.90 42.67
C GLY FF 41 68.61 39.36 44.09
N SER FF 42 69.86 39.67 44.41
CA SER FF 42 70.14 40.33 45.69
C SER FF 42 69.81 41.81 45.61
N LEU FF 43 70.30 42.47 44.56
CA LEU FF 43 69.86 43.83 44.28
C LEU FF 43 68.36 43.90 44.03
N ALA FF 44 67.75 42.79 43.61
CA ALA FF 44 66.30 42.73 43.52
C ALA FF 44 65.70 43.06 44.88
N ARG FF 45 65.93 42.19 45.87
CA ARG FF 45 65.23 42.30 47.14
C ARG FF 45 65.34 43.70 47.72
N ALA FF 46 66.50 44.33 47.57
CA ALA FF 46 66.63 45.74 47.96
C ALA FF 46 65.75 46.64 47.11
N ALA FF 47 65.65 46.33 45.81
CA ALA FF 47 64.85 47.16 44.92
C ALA FF 47 63.35 47.00 45.19
N LEU FF 48 62.87 45.75 45.30
CA LEU FF 48 61.44 45.57 45.52
C LEU FF 48 61.01 46.09 46.88
N GLN FF 49 61.83 45.91 47.92
CA GLN FF 49 61.50 46.51 49.20
C GLN FF 49 61.55 48.03 49.13
N GLU FF 50 62.38 48.58 48.24
CA GLU FF 50 62.36 50.02 47.99
C GLU FF 50 61.03 50.43 47.38
N LEU FF 51 60.49 49.60 46.48
CA LEU FF 51 59.16 49.87 45.93
C LEU FF 51 58.10 49.84 47.01
N LEU FF 52 58.27 49.00 48.03
CA LEU FF 52 57.39 49.06 49.20
C LEU FF 52 57.44 50.45 49.85
N SER FF 53 58.64 50.97 50.09
CA SER FF 53 58.75 52.30 50.67
C SER FF 53 58.13 53.34 49.77
N LYS FF 54 58.15 53.12 48.45
CA LYS FF 54 57.41 53.96 47.53
C LYS FF 54 55.90 53.78 47.67
N GLY FF 55 55.45 52.69 48.27
CA GLY FF 55 54.03 52.49 48.52
C GLY FF 55 53.20 52.23 47.28
N LEU FF 56 53.82 51.75 46.20
CA LEU FF 56 53.10 51.46 44.98
C LEU FF 56 52.88 49.97 44.75
N ILE FF 57 53.37 49.11 45.64
CA ILE FF 57 53.13 47.68 45.62
C ILE FF 57 52.66 47.26 47.00
N LYS FF 58 51.93 46.13 47.03
CA LYS FF 58 51.37 45.61 48.28
C LYS FF 58 51.87 44.18 48.49
N LEU FF 59 52.43 43.91 49.66
CA LEU FF 59 52.89 42.57 49.98
C LEU FF 59 51.71 41.68 50.33
N VAL FF 60 51.89 40.37 50.12
CA VAL FF 60 50.91 39.36 50.53
C VAL FF 60 51.54 38.30 51.42
N SER FF 61 52.71 37.78 51.04
CA SER FF 61 53.28 36.61 51.70
C SER FF 61 54.21 36.99 52.84
N LYS FF 62 55.32 37.67 52.56
CA LYS FF 62 56.34 38.04 53.54
C LYS FF 62 56.80 36.79 54.31
N HIS FF 63 57.48 35.92 53.58
CA HIS FF 63 58.18 34.78 54.15
C HIS FF 63 59.67 34.90 53.85
N ARG FF 64 60.47 34.18 54.65
CA ARG FF 64 61.93 34.26 54.48
C ARG FF 64 62.35 33.79 53.09
N ALA FF 65 61.75 32.72 52.59
CA ALA FF 65 62.10 32.16 51.30
C ALA FF 65 61.15 32.56 50.17
N GLN FF 66 60.05 33.23 50.47
CA GLN FF 66 59.10 33.65 49.44
C GLN FF 66 58.45 34.96 49.85
N VAL FF 67 58.76 36.01 49.11
CA VAL FF 67 58.15 37.32 49.28
C VAL FF 67 57.59 37.75 47.93
N ILE FF 68 56.31 38.10 47.88
CA ILE FF 68 55.64 38.39 46.62
C ILE FF 68 54.65 39.53 46.82
N TYR FF 69 54.45 40.32 45.76
CA TYR FF 69 53.52 41.44 45.76
C TYR FF 69 52.58 41.33 44.57
N THR FF 70 51.72 42.33 44.44
CA THR FF 70 50.81 42.42 43.31
C THR FF 70 50.53 43.89 43.02
N ARG FF 71 49.80 44.16 41.95
CA ARG FF 71 49.49 45.52 41.54
C ARG FF 71 48.38 46.09 42.42
N ASN FF 72 47.90 47.28 42.06
CA ASN FF 72 46.84 47.94 42.79
C ASN FF 72 45.47 47.43 42.31
N THR FF 73 44.42 47.89 42.98
CA THR FF 73 43.07 47.49 42.65
C THR FF 73 42.51 48.45 41.60
N LYS FF 74 42.38 47.98 40.36
CA LYS FF 74 41.80 48.78 39.32
C LYS FF 74 40.32 49.03 39.58
N GLY FF 75 39.85 50.22 39.20
CA GLY FF 75 38.46 50.58 39.32
C GLY FF 75 37.91 50.55 40.74
N TYR GF 1 120.63 -17.35 64.17
CA TYR GF 1 121.39 -18.15 63.20
C TYR GF 1 121.87 -17.28 62.07
N THR GF 2 121.62 -15.98 62.21
CA THR GF 2 122.23 -15.02 61.30
C THR GF 2 123.65 -14.66 61.73
N THR GF 3 124.03 -14.96 62.98
CA THR GF 3 125.39 -14.91 63.53
C THR GF 3 126.13 -13.62 63.21
N PRO GF 4 125.99 -12.55 64.04
CA PRO GF 4 126.85 -11.39 63.89
C PRO GF 4 128.03 -11.45 64.87
N LYS GF 5 128.03 -12.45 65.78
CA LYS GF 5 129.11 -12.62 66.74
C LYS GF 5 129.55 -14.07 66.93
N LYS GF 6 128.69 -15.05 66.59
CA LYS GF 6 129.01 -16.47 66.66
C LYS GF 6 129.08 -17.01 68.08
N ASN GF 7 129.14 -16.11 69.08
CA ASN GF 7 129.15 -16.52 70.48
C ASN GF 7 129.10 -15.29 71.37
N LYS GF 8 128.31 -15.37 72.44
CA LYS GF 8 128.33 -14.40 73.53
C LYS GF 8 128.47 -15.22 74.80
N HIS GF 9 129.70 -15.57 75.15
CA HIS GF 9 129.94 -16.39 76.32
C HIS GF 9 129.67 -15.59 77.59
N LYS GF 10 129.10 -16.26 78.59
CA LYS GF 10 128.75 -15.60 79.83
C LYS GF 10 129.98 -15.45 80.72
N ARG GF 11 129.87 -14.60 81.74
CA ARG GF 11 130.93 -14.46 82.72
C ARG GF 11 131.06 -15.73 83.53
N LYS GF 12 132.28 -16.16 83.76
CA LYS GF 12 132.55 -17.32 84.61
C LYS GF 12 133.02 -16.83 85.98
N LYS GF 13 133.31 -17.78 86.86
CA LYS GF 13 133.76 -17.48 88.20
C LYS GF 13 135.26 -17.76 88.30
N VAL GF 14 136.00 -16.80 88.87
CA VAL GF 14 137.46 -16.90 88.91
C VAL GF 14 137.90 -18.01 89.86
N LYS GF 15 137.07 -18.36 90.84
CA LYS GF 15 137.32 -19.46 91.77
C LYS GF 15 138.64 -19.28 92.52
N LEU GF 16 138.68 -18.22 93.33
CA LEU GF 16 139.75 -18.03 94.31
C LEU GF 16 139.27 -18.55 95.65
N ALA GF 17 140.11 -19.36 96.30
CA ALA GF 17 139.71 -20.13 97.48
C ALA GF 17 140.40 -19.65 98.75
N VAL GF 18 140.64 -18.35 98.88
CA VAL GF 18 141.21 -17.80 100.11
C VAL GF 18 140.75 -16.35 100.22
N LEU GF 19 140.38 -15.96 101.44
CA LEU GF 19 140.00 -14.58 101.69
C LEU GF 19 141.17 -13.73 102.19
N LYS GF 20 141.97 -14.27 103.11
CA LYS GF 20 143.21 -13.64 103.59
C LYS GF 20 143.02 -12.15 103.85
N TYR GF 21 141.83 -11.78 104.30
CA TYR GF 21 141.45 -10.39 104.47
C TYR GF 21 142.12 -9.74 105.68
N TYR GF 22 143.05 -10.43 106.34
CA TYR GF 22 143.73 -9.89 107.50
C TYR GF 22 145.01 -10.67 107.75
N LYS GF 23 145.93 -10.01 108.46
CA LYS GF 23 147.20 -10.61 108.85
C LYS GF 23 147.25 -10.73 110.36
N VAL GF 24 148.05 -11.68 110.84
CA VAL GF 24 148.20 -11.95 112.27
C VAL GF 24 149.68 -11.92 112.60
N ASP GF 25 150.05 -11.08 113.57
CA ASP GF 25 151.45 -10.87 113.93
C ASP GF 25 151.64 -11.12 115.42
N GLU GF 26 152.88 -11.45 115.78
CA GLU GF 26 153.30 -11.76 117.15
C GLU GF 26 152.24 -12.58 117.90
N ASN GF 27 151.80 -13.66 117.25
CA ASN GF 27 150.77 -14.54 117.78
C ASN GF 27 149.49 -13.77 118.12
N GLY GF 28 149.02 -13.00 117.15
CA GLY GF 28 147.75 -12.31 117.24
C GLY GF 28 147.81 -10.81 117.30
N LYS GF 29 147.59 -10.17 116.14
CA LYS GF 29 147.33 -8.74 116.04
C LYS GF 29 146.29 -8.54 114.94
N ILE GF 30 145.26 -7.76 115.25
CA ILE GF 30 144.20 -7.50 114.28
C ILE GF 30 144.72 -6.50 113.25
N SER GF 31 144.79 -6.94 111.99
CA SER GF 31 145.26 -6.07 110.91
C SER GF 31 144.54 -6.48 109.63
N ARG GF 32 143.42 -5.81 109.34
CA ARG GF 32 142.66 -6.06 108.13
C ARG GF 32 143.09 -5.04 107.08
N LEU GF 33 143.56 -5.53 105.93
CA LEU GF 33 143.91 -4.64 104.82
C LEU GF 33 142.68 -4.09 104.12
N ARG GF 34 141.49 -4.60 104.43
CA ARG GF 34 140.24 -4.10 103.87
C ARG GF 34 139.50 -3.29 104.92
N ARG GF 35 139.08 -2.08 104.54
CA ARG GF 35 138.40 -1.20 105.47
C ARG GF 35 137.03 -1.78 105.83
N GLU GF 36 136.55 -1.44 107.03
CA GLU GF 36 135.22 -1.86 107.46
C GLU GF 36 134.16 -1.03 106.74
N CYS GF 37 132.96 -1.61 106.57
CA CYS GF 37 131.88 -0.93 105.86
C CYS GF 37 131.27 0.18 106.71
N PRO GF 38 131.15 1.40 106.18
CA PRO GF 38 130.47 2.47 106.92
C PRO GF 38 128.96 2.47 106.76
N SER GF 39 128.40 1.52 106.01
CA SER GF 39 126.96 1.41 105.88
C SER GF 39 126.35 0.88 107.17
N ASP GF 40 125.08 1.24 107.39
CA ASP GF 40 124.42 0.97 108.66
C ASP GF 40 124.31 -0.52 108.97
N GLU GF 41 123.92 -1.34 108.00
CA GLU GF 41 123.72 -2.76 108.27
C GLU GF 41 125.00 -3.57 108.16
N CYS GF 42 126.07 -3.01 107.62
CA CYS GF 42 127.35 -3.71 107.46
C CYS GF 42 128.43 -3.14 108.38
N GLY GF 43 128.06 -2.68 109.57
CA GLY GF 43 129.02 -2.06 110.46
C GLY GF 43 130.09 -2.99 110.97
N ALA GF 44 131.33 -2.80 110.52
CA ALA GF 44 132.48 -3.57 110.98
C ALA GF 44 132.28 -5.06 110.78
N GLY GF 45 131.50 -5.41 109.77
CA GLY GF 45 131.24 -6.80 109.42
C GLY GF 45 132.02 -7.19 108.19
N VAL GF 46 131.35 -7.16 107.03
CA VAL GF 46 132.01 -7.42 105.76
C VAL GF 46 132.97 -6.28 105.45
N PHE GF 47 133.76 -6.45 104.39
CA PHE GF 47 134.77 -5.49 104.00
C PHE GF 47 134.41 -4.85 102.67
N MET GF 48 135.37 -4.10 102.12
CA MET GF 48 135.24 -3.47 100.82
C MET GF 48 136.11 -4.20 99.83
N ALA GF 49 135.73 -4.16 98.56
CA ALA GF 49 136.70 -4.31 97.50
C ALA GF 49 137.70 -3.17 97.57
N SER GF 50 138.98 -3.50 97.41
CA SER GF 50 140.04 -2.51 97.35
C SER GF 50 140.52 -2.48 95.90
N HIS GF 51 139.96 -1.56 95.12
CA HIS GF 51 140.25 -1.48 93.70
C HIS GF 51 141.55 -0.68 93.48
N PHE GF 52 142.02 -0.67 92.23
CA PHE GF 52 143.30 -0.03 91.92
C PHE GF 52 143.25 1.47 92.16
N ASP GF 53 142.09 2.08 92.06
CA ASP GF 53 141.98 3.48 92.45
C ASP GF 53 140.82 3.73 93.40
N ARG GF 54 139.73 2.98 93.28
CA ARG GF 54 138.51 3.27 94.00
C ARG GF 54 138.25 2.25 95.10
N HIS GF 55 137.22 2.52 95.88
CA HIS GF 55 136.78 1.65 96.97
C HIS GF 55 135.36 1.22 96.67
N TYR GF 56 134.97 0.03 97.13
CA TYR GF 56 133.65 -0.48 96.75
C TYR GF 56 133.18 -1.56 97.71
N CYS GF 57 131.90 -1.50 98.06
CA CYS GF 57 131.24 -2.52 98.88
C CYS GF 57 130.34 -3.38 98.01
N GLY GF 58 130.47 -4.69 98.16
CA GLY GF 58 129.65 -5.61 97.42
C GLY GF 58 128.32 -5.94 98.05
N LYS GF 59 128.03 -5.37 99.21
CA LYS GF 59 126.78 -5.61 99.91
C LYS GF 59 125.70 -4.62 99.53
N CYS GF 60 125.97 -3.32 99.65
CA CYS GF 60 125.00 -2.28 99.32
C CYS GF 60 125.50 -1.32 98.25
N CYS GF 61 126.66 -1.60 97.63
CA CYS GF 61 127.15 -0.88 96.46
C CYS GF 61 127.34 0.62 96.75
N LEU GF 62 128.27 0.90 97.67
CA LEU GF 62 128.75 2.25 97.90
C LEU GF 62 130.25 2.30 97.60
N THR GF 63 130.67 3.38 96.93
CA THR GF 63 132.02 3.52 96.44
C THR GF 63 132.59 4.86 96.81
N TYR GF 64 133.90 4.89 97.06
CA TYR GF 64 134.61 6.12 97.39
C TYR GF 64 135.71 6.36 96.36
N CYS GF 65 135.88 7.62 96.00
CA CYS GF 65 136.88 8.03 95.02
C CYS GF 65 138.17 8.46 95.71
N PHE GF 66 139.27 8.24 95.02
CA PHE GF 66 140.60 8.62 95.50
C PHE GF 66 141.02 9.87 94.73
N ASN GF 67 140.79 11.03 95.35
CA ASN GF 67 141.13 12.30 94.75
C ASN GF 67 142.02 13.12 95.68
CA GLU KF 1 161.72 -98.16 37.16
C GLU KF 1 162.00 -96.92 36.32
N LYS KF 2 160.94 -96.29 35.85
CA LYS KF 2 161.02 -95.06 35.07
C LYS KF 2 160.48 -93.89 35.88
N THR KF 3 161.11 -92.73 35.70
CA THR KF 3 160.67 -91.50 36.35
C THR KF 3 160.17 -90.52 35.31
N HIS KF 4 159.55 -89.45 35.78
CA HIS KF 4 158.91 -88.47 34.92
C HIS KF 4 159.32 -87.06 35.34
N ILE KF 5 159.48 -86.19 34.35
CA ILE KF 5 159.87 -84.80 34.60
C ILE KF 5 159.43 -83.97 33.40
N ASN KF 6 159.06 -82.72 33.68
CA ASN KF 6 158.64 -81.79 32.64
C ASN KF 6 159.80 -80.87 32.28
N ILE KF 7 160.04 -80.72 30.98
CA ILE KF 7 161.14 -79.91 30.46
C ILE KF 7 160.54 -78.76 29.66
N VAL KF 8 161.09 -77.56 29.83
CA VAL KF 8 160.67 -76.38 29.08
C VAL KF 8 161.90 -75.76 28.44
N VAL KF 9 161.77 -75.39 27.16
CA VAL KF 9 162.86 -74.73 26.43
C VAL KF 9 162.45 -73.27 26.29
N ILE KF 10 163.20 -72.41 26.96
CA ILE KF 10 162.94 -70.97 26.96
C ILE KF 10 164.09 -70.26 26.25
N GLY KF 11 163.75 -69.33 25.38
CA GLY KF 11 164.78 -68.62 24.64
C GLY KF 11 164.20 -67.51 23.81
N HIS KF 12 165.04 -66.92 22.97
CA HIS KF 12 164.67 -65.78 22.16
C HIS KF 12 163.98 -66.23 20.87
N VAL KF 13 163.37 -65.26 20.18
CA VAL KF 13 162.74 -65.51 18.90
C VAL KF 13 163.81 -65.88 17.87
N ASP KF 14 163.47 -66.81 16.98
CA ASP KF 14 164.38 -67.28 15.93
C ASP KF 14 165.68 -67.83 16.50
N SER KF 15 165.64 -68.34 17.72
CA SER KF 15 166.79 -68.99 18.33
C SER KF 15 166.84 -70.48 18.01
N GLY KF 16 165.94 -70.97 17.18
CA GLY KF 16 165.89 -72.39 16.88
C GLY KF 16 165.40 -73.23 18.04
N LYS KF 17 164.81 -72.59 19.06
CA LYS KF 17 164.31 -73.32 20.23
C LYS KF 17 163.26 -74.33 19.82
N SER KF 18 162.36 -73.94 18.90
CA SER KF 18 161.45 -74.91 18.33
C SER KF 18 162.18 -75.90 17.43
N THR KF 19 163.21 -75.42 16.72
CA THR KF 19 163.96 -76.29 15.83
C THR KF 19 164.72 -77.35 16.60
N THR KF 20 165.50 -76.93 17.61
CA THR KF 20 166.35 -77.90 18.30
C THR KF 20 165.55 -78.92 19.08
N THR KF 21 164.36 -78.54 19.55
CA THR KF 21 163.53 -79.50 20.29
C THR KF 21 162.84 -80.47 19.35
N GLY KF 22 162.57 -80.07 18.11
CA GLY KF 22 161.95 -80.98 17.16
C GLY KF 22 162.91 -82.05 16.67
N HIS KF 23 164.21 -81.78 16.74
CA HIS KF 23 165.20 -82.76 16.30
C HIS KF 23 165.36 -83.87 17.33
N LEU KF 24 165.25 -83.53 18.62
CA LEU KF 24 165.42 -84.53 19.67
C LEU KF 24 164.33 -85.59 19.59
N ILE KF 25 163.08 -85.17 19.46
CA ILE KF 25 161.96 -86.12 19.41
C ILE KF 25 162.08 -87.01 18.18
N TYR KF 26 162.45 -86.42 17.04
CA TYR KF 26 162.60 -87.21 15.82
C TYR KF 26 163.72 -88.24 15.96
N LYS KF 27 164.76 -87.92 16.73
CA LYS KF 27 165.86 -88.83 17.00
C LYS KF 27 165.68 -89.62 18.29
N CYS KF 28 164.60 -89.39 19.04
CA CYS KF 28 164.30 -90.17 20.22
C CYS KF 28 163.28 -91.27 19.96
N GLY KF 29 163.09 -91.65 18.70
CA GLY KF 29 162.17 -92.71 18.35
C GLY KF 29 160.72 -92.43 18.70
N GLY KF 30 160.31 -91.16 18.67
CA GLY KF 30 158.94 -90.81 18.97
C GLY KF 30 158.11 -90.59 17.73
N ILE KF 31 158.71 -90.01 16.69
CA ILE KF 31 158.04 -89.74 15.44
C ILE KF 31 158.89 -90.31 14.30
N ASP KF 32 158.23 -90.56 13.18
CA ASP KF 32 158.84 -91.26 12.06
C ASP KF 32 159.39 -90.29 11.02
N LYS KF 33 160.22 -90.84 10.13
CA LYS KF 33 160.85 -90.05 9.09
C LYS KF 33 159.86 -89.50 8.08
N ARG KF 34 158.89 -90.31 7.65
CA ARG KF 34 157.95 -89.87 6.62
C ARG KF 34 157.13 -88.69 7.11
N THR KF 35 156.76 -88.67 8.39
CA THR KF 35 156.02 -87.54 8.94
C THR KF 35 156.86 -86.26 8.86
N ILE KF 36 158.15 -86.37 9.16
CA ILE KF 36 159.03 -85.20 9.10
C ILE KF 36 159.16 -84.70 7.67
N GLU KF 37 159.37 -85.61 6.71
CA GLU KF 37 159.55 -85.18 5.33
C GLU KF 37 158.30 -84.50 4.79
N LYS KF 38 157.11 -84.89 5.27
CA LYS KF 38 155.89 -84.20 4.88
C LYS KF 38 155.90 -82.76 5.38
N PHE KF 39 156.42 -82.54 6.59
CA PHE KF 39 156.51 -81.18 7.13
C PHE KF 39 157.40 -80.31 6.26
N GLU KF 40 158.54 -80.86 5.82
CA GLU KF 40 159.39 -80.12 4.89
C GLU KF 40 158.71 -79.90 3.56
N LYS KF 41 157.98 -80.90 3.05
CA LYS KF 41 157.32 -80.74 1.76
C LYS KF 41 156.36 -79.57 1.78
N GLU KF 42 155.44 -79.56 2.75
CA GLU KF 42 154.52 -78.43 2.86
C GLU KF 42 155.27 -77.13 3.13
N ALA KF 43 156.28 -77.17 4.00
CA ALA KF 43 157.09 -75.98 4.25
C ALA KF 43 157.81 -75.54 2.99
N ALA KF 44 158.25 -76.50 2.16
CA ALA KF 44 158.90 -76.14 0.91
C ALA KF 44 157.96 -75.39 -0.02
N GLU KF 45 156.72 -75.85 -0.12
CA GLU KF 45 155.75 -75.14 -0.95
C GLU KF 45 155.47 -73.75 -0.39
N MET KF 46 155.30 -73.64 0.93
CA MET KF 46 155.00 -72.36 1.54
C MET KF 46 156.21 -71.45 1.65
N GLY KF 47 157.42 -72.01 1.81
CA GLY KF 47 158.65 -71.27 1.75
C GLY KF 47 159.54 -71.41 2.97
N LYS KF 48 158.97 -71.40 4.17
CA LYS KF 48 159.76 -71.44 5.40
C LYS KF 48 160.29 -72.84 5.68
N GLY KF 49 161.12 -73.34 4.76
CA GLY KF 49 161.69 -74.68 4.91
C GLY KF 49 162.76 -74.80 5.97
N SER KF 50 163.27 -73.66 6.47
CA SER KF 50 164.26 -73.68 7.54
C SER KF 50 163.66 -74.09 8.89
N PHE KF 51 162.38 -74.43 8.93
CA PHE KF 51 161.71 -74.83 10.15
C PHE KF 51 161.11 -76.24 10.02
N LYS KF 52 161.89 -77.16 9.45
CA LYS KF 52 161.47 -78.56 9.43
C LYS KF 52 161.27 -79.09 10.83
N TYR KF 53 162.27 -78.94 11.70
CA TYR KF 53 162.16 -79.41 13.07
C TYR KF 53 161.32 -78.48 13.94
N ALA KF 54 161.25 -77.19 13.57
CA ALA KF 54 160.50 -76.23 14.35
C ALA KF 54 159.00 -76.32 14.14
N TRP KF 55 158.55 -76.96 13.07
CA TRP KF 55 157.12 -77.10 12.82
C TRP KF 55 156.45 -78.14 13.71
N VAL KF 56 157.19 -79.18 14.12
CA VAL KF 56 156.57 -80.26 14.89
C VAL KF 56 155.99 -79.72 16.18
N LEU KF 57 156.74 -78.87 16.87
CA LEU KF 57 156.24 -78.24 18.09
C LEU KF 57 155.37 -77.02 17.79
N ASP KF 58 155.27 -76.61 16.53
CA ASP KF 58 154.36 -75.54 16.11
C ASP KF 58 153.23 -76.19 15.33
N LYS KF 59 152.23 -76.69 16.07
CA LYS KF 59 151.09 -77.35 15.46
C LYS KF 59 150.07 -76.38 14.89
N LEU KF 60 150.08 -75.13 15.32
CA LEU KF 60 149.07 -74.18 14.91
C LEU KF 60 149.29 -73.75 13.46
N LYS KF 61 148.21 -73.24 12.84
CA LYS KF 61 148.31 -72.74 11.47
C LYS KF 61 149.15 -71.48 11.40
N ALA KF 62 148.86 -70.50 12.28
CA ALA KF 62 149.63 -69.26 12.28
C ALA KF 62 151.05 -69.47 12.80
N GLU KF 63 151.24 -70.42 13.70
CA GLU KF 63 152.58 -70.76 14.17
C GLU KF 63 153.48 -71.19 13.02
N ARG KF 64 152.89 -71.70 11.93
CA ARG KF 64 153.62 -72.10 10.75
C ARG KF 64 153.85 -70.95 9.78
N GLU KF 65 152.80 -70.18 9.49
CA GLU KF 65 152.93 -69.05 8.57
C GLU KF 65 153.86 -67.99 9.13
N ARG KF 66 153.61 -67.55 10.37
CA ARG KF 66 154.47 -66.55 10.98
C ARG KF 66 155.80 -67.13 11.43
N GLY KF 67 155.88 -68.44 11.60
CA GLY KF 67 157.12 -69.09 11.98
C GLY KF 67 157.49 -68.97 13.43
N ILE KF 68 156.66 -68.32 14.24
CA ILE KF 68 156.95 -68.07 15.64
C ILE KF 68 155.91 -68.79 16.48
N THR KF 69 156.38 -69.55 17.47
CA THR KF 69 155.47 -70.22 18.39
C THR KF 69 154.61 -69.20 19.12
N ILE KF 70 153.31 -69.49 19.24
CA ILE KF 70 152.37 -68.59 19.89
C ILE KF 70 151.96 -69.12 21.26
N ASP KF 71 151.51 -70.36 21.33
CA ASP KF 71 151.12 -70.99 22.57
C ASP KF 71 151.89 -72.29 22.72
N ILE KF 72 152.17 -72.66 23.97
CA ILE KF 72 153.05 -73.80 24.24
C ILE KF 72 152.40 -75.09 23.75
N SER KF 73 153.21 -76.14 23.68
CA SER KF 73 152.74 -77.44 23.21
C SER KF 73 153.54 -78.53 23.91
N LEU KF 74 152.98 -79.74 23.90
CA LEU KF 74 153.54 -80.86 24.63
C LEU KF 74 153.89 -82.00 23.68
N TRP KF 75 154.85 -82.82 24.11
CA TRP KF 75 155.20 -84.05 23.38
C TRP KF 75 155.91 -85.00 24.32
N LYS KF 76 155.87 -86.28 23.96
CA LYS KF 76 156.40 -87.34 24.80
C LYS KF 76 157.46 -88.14 24.05
N PHE KF 77 158.42 -88.66 24.80
CA PHE KF 77 159.45 -89.54 24.27
C PHE KF 77 160.17 -90.19 25.43
N GLU KF 78 160.74 -91.36 25.19
CA GLU KF 78 161.47 -92.11 26.21
C GLU KF 78 162.97 -91.98 25.97
N THR KF 79 163.71 -91.67 27.03
CA THR KF 79 165.16 -91.60 26.96
C THR KF 79 165.75 -92.93 27.44
N SER KF 80 167.08 -92.97 27.59
CA SER KF 80 167.73 -94.18 28.04
C SER KF 80 167.41 -94.48 29.50
N LYS KF 81 167.16 -93.43 30.30
CA LYS KF 81 167.01 -93.60 31.73
C LYS KF 81 165.56 -93.56 32.21
N TYR KF 82 164.74 -92.65 31.69
CA TYR KF 82 163.39 -92.49 32.20
C TYR KF 82 162.53 -91.75 31.18
N TYR KF 83 161.35 -91.32 31.64
CA TYR KF 83 160.34 -90.68 30.80
C TYR KF 83 160.42 -89.17 30.99
N VAL KF 84 160.46 -88.44 29.88
CA VAL KF 84 160.66 -87.00 29.91
C VAL KF 84 159.74 -86.33 28.89
N THR KF 85 159.08 -85.26 29.32
CA THR KF 85 158.22 -84.44 28.46
C THR KF 85 158.83 -83.06 28.28
N ILE KF 86 158.51 -82.43 27.15
CA ILE KF 86 159.07 -81.13 26.79
C ILE KF 86 157.95 -80.14 26.49
N ILE KF 87 158.26 -78.86 26.70
CA ILE KF 87 157.33 -77.76 26.46
C ILE KF 87 158.02 -76.74 25.58
N ASP KF 88 157.33 -76.29 24.53
CA ASP KF 88 157.86 -75.31 23.58
C ASP KF 88 157.37 -73.93 23.98
N ALA KF 89 158.24 -73.13 24.57
CA ALA KF 89 157.88 -71.77 24.93
C ALA KF 89 157.80 -70.91 23.67
N PRO KF 90 156.84 -69.98 23.60
CA PRO KF 90 156.69 -69.16 22.39
C PRO KF 90 157.93 -68.35 22.02
N GLY KF 91 158.62 -67.77 22.98
CA GLY KF 91 159.82 -67.00 22.68
C GLY KF 91 159.57 -65.67 22.01
N HIS KF 92 158.87 -64.76 22.68
CA HIS KF 92 158.69 -63.40 22.20
C HIS KF 92 158.24 -62.52 23.36
N ARG KF 93 158.41 -61.20 23.19
CA ARG KF 93 158.02 -60.25 24.21
C ARG KF 93 156.51 -60.21 24.41
N ASP KF 94 155.75 -60.45 23.35
CA ASP KF 94 154.30 -60.31 23.43
C ASP KF 94 153.60 -61.57 23.92
N PHE KF 95 154.25 -62.72 23.86
CA PHE KF 95 153.66 -63.98 24.31
C PHE KF 95 154.36 -64.52 25.56
N ILE KF 96 154.74 -63.62 26.47
CA ILE KF 96 155.36 -64.05 27.72
C ILE KF 96 154.33 -64.74 28.61
N LYS KF 97 153.09 -64.25 28.60
CA LYS KF 97 152.06 -64.81 29.48
C LYS KF 97 151.83 -66.29 29.18
N ASN KF 98 152.05 -66.71 27.93
CA ASN KF 98 151.97 -68.13 27.63
C ASN KF 98 153.17 -68.87 28.19
N MET KF 99 154.36 -68.28 28.08
CA MET KF 99 155.56 -69.01 28.47
C MET KF 99 155.56 -69.35 29.96
N ILE KF 100 155.42 -68.36 30.85
CA ILE KF 100 155.40 -68.69 32.28
C ILE KF 100 154.21 -69.57 32.66
N THR KF 101 153.16 -69.62 31.84
CA THR KF 101 152.13 -70.63 32.05
C THR KF 101 152.70 -72.04 31.90
N GLY KF 102 153.57 -72.24 30.91
CA GLY KF 102 154.18 -73.54 30.72
C GLY KF 102 155.34 -73.79 31.68
N THR KF 103 156.17 -72.77 31.93
CA THR KF 103 157.36 -72.98 32.75
C THR KF 103 156.98 -73.32 34.19
N SER KF 104 155.86 -72.79 34.68
CA SER KF 104 155.37 -73.20 35.99
C SER KF 104 154.99 -74.68 35.99
N GLN KF 105 154.59 -75.21 34.84
CA GLN KF 105 154.26 -76.62 34.70
C GLN KF 105 155.48 -77.45 34.33
N ALA KF 106 156.56 -77.29 35.09
CA ALA KF 106 157.80 -77.97 34.79
C ALA KF 106 158.65 -78.08 36.05
N ASP KF 107 159.63 -78.97 35.99
CA ASP KF 107 160.61 -79.15 37.05
C ASP KF 107 161.96 -78.54 36.70
N CYS KF 108 162.49 -78.89 35.53
CA CYS KF 108 163.75 -78.37 35.02
C CYS KF 108 163.50 -77.50 33.80
N ALA KF 109 164.59 -76.96 33.25
CA ALA KF 109 164.49 -76.09 32.08
C ALA KF 109 165.81 -76.13 31.32
N VAL KF 110 165.78 -75.64 30.09
CA VAL KF 110 166.98 -75.51 29.27
C VAL KF 110 167.00 -74.11 28.66
N LEU KF 111 168.14 -73.45 28.74
CA LEU KF 111 168.33 -72.12 28.18
C LEU KF 111 169.00 -72.26 26.81
N ILE KF 112 168.50 -71.51 25.83
CA ILE KF 112 169.01 -71.59 24.47
C ILE KF 112 169.39 -70.19 24.00
N VAL KF 113 170.61 -70.05 23.49
CA VAL KF 113 171.12 -68.80 22.96
C VAL KF 113 171.84 -69.07 21.66
N ALA KF 114 171.68 -68.18 20.69
CA ALA KF 114 172.31 -68.35 19.38
C ALA KF 114 173.81 -68.07 19.50
N ALA KF 115 174.61 -69.03 19.04
CA ALA KF 115 176.06 -68.86 19.02
C ALA KF 115 176.53 -67.98 17.88
N GLY KF 116 175.66 -67.69 16.90
CA GLY KF 116 176.05 -66.86 15.79
C GLY KF 116 176.32 -65.43 16.21
N VAL KF 117 176.80 -64.65 15.24
CA VAL KF 117 177.19 -63.28 15.49
C VAL KF 117 176.00 -62.36 15.24
N GLY KF 118 175.82 -61.38 16.10
CA GLY KF 118 174.79 -60.38 15.91
C GLY KF 118 173.52 -60.64 16.71
N GLU KF 119 173.37 -61.86 17.21
CA GLU KF 119 172.15 -62.22 17.94
C GLU KF 119 172.39 -62.45 19.42
N PHE KF 120 173.59 -62.89 19.82
CA PHE KF 120 173.78 -63.30 21.21
C PHE KF 120 173.72 -62.12 22.16
N GLU KF 121 174.44 -61.03 21.87
CA GLU KF 121 174.41 -59.87 22.74
C GLU KF 121 173.02 -59.23 22.76
N ALA KF 122 172.26 -59.40 21.67
CA ALA KF 122 170.88 -58.94 21.67
C ALA KF 122 170.00 -59.83 22.54
N GLY KF 123 170.39 -61.09 22.72
CA GLY KF 123 169.61 -61.98 23.57
C GLY KF 123 169.59 -61.55 25.02
N ILE KF 124 170.74 -61.13 25.53
CA ILE KF 124 170.87 -60.66 26.91
C ILE KF 124 170.97 -59.13 26.84
N SER KF 125 169.91 -58.45 27.25
CA SER KF 125 169.87 -56.99 27.24
C SER KF 125 168.67 -56.53 28.07
N LYS KF 126 168.50 -55.21 28.15
CA LYS KF 126 167.34 -54.67 28.84
C LYS KF 126 166.05 -55.07 28.12
N ASN KF 127 166.05 -54.98 26.79
CA ASN KF 127 164.92 -55.47 26.00
C ASN KF 127 164.99 -56.97 25.76
N GLY KF 128 166.09 -57.62 26.11
CA GLY KF 128 166.22 -59.05 25.92
C GLY KF 128 165.35 -59.83 26.89
N GLN KF 129 165.13 -61.10 26.53
CA GLN KF 129 164.27 -61.99 27.29
C GLN KF 129 165.02 -63.03 28.08
N THR KF 130 166.24 -63.39 27.67
CA THR KF 130 166.98 -64.45 28.36
C THR KF 130 167.21 -64.10 29.83
N ARG KF 131 167.39 -62.81 30.12
CA ARG KF 131 167.40 -62.37 31.50
C ARG KF 131 166.07 -62.65 32.17
N GLU KF 132 164.96 -62.32 31.48
CA GLU KF 132 163.63 -62.59 32.03
C GLU KF 132 163.40 -64.08 32.18
N HIS KF 133 163.79 -64.88 31.19
CA HIS KF 133 163.52 -66.32 31.23
C HIS KF 133 164.21 -66.98 32.43
N ALA KF 134 165.51 -66.73 32.61
CA ALA KF 134 166.22 -67.31 33.74
C ALA KF 134 165.71 -66.73 35.06
N LEU KF 135 165.28 -65.47 35.04
CA LEU KF 135 164.65 -64.89 36.22
C LEU KF 135 163.37 -65.64 36.56
N LEU KF 136 162.52 -65.89 35.57
CA LEU KF 136 161.23 -66.50 35.85
C LEU KF 136 161.36 -67.99 36.11
N ALA KF 137 162.43 -68.62 35.62
CA ALA KF 137 162.66 -70.03 35.95
C ALA KF 137 162.96 -70.20 37.42
N TYR KF 138 163.90 -69.42 37.95
CA TYR KF 138 164.20 -69.50 39.37
C TYR KF 138 163.05 -68.97 40.22
N THR KF 139 162.32 -67.97 39.72
CA THR KF 139 161.24 -67.37 40.49
C THR KF 139 160.10 -68.35 40.72
N LEU KF 140 159.64 -69.01 39.65
CA LEU KF 140 158.43 -69.82 39.72
C LEU KF 140 158.63 -71.16 40.41
N GLY KF 141 159.86 -71.64 40.53
CA GLY KF 141 160.08 -72.88 41.24
C GLY KF 141 160.95 -73.90 40.54
N VAL KF 142 161.56 -73.50 39.42
CA VAL KF 142 162.50 -74.36 38.72
C VAL KF 142 163.87 -74.17 39.35
N LYS KF 143 164.44 -75.26 39.87
CA LYS KF 143 165.68 -75.20 40.65
C LYS KF 143 166.88 -75.77 39.92
N GLN KF 144 166.71 -76.87 39.18
CA GLN KF 144 167.78 -77.46 38.40
C GLN KF 144 167.49 -77.25 36.92
N LEU KF 145 168.54 -76.91 36.17
CA LEU KF 145 168.35 -76.53 34.78
C LEU KF 145 169.63 -76.81 33.99
N ILE KF 146 169.49 -76.79 32.66
CA ILE KF 146 170.61 -76.91 31.75
C ILE KF 146 170.56 -75.74 30.78
N VAL KF 147 171.57 -75.65 29.93
CA VAL KF 147 171.67 -74.61 28.92
C VAL KF 147 172.48 -75.12 27.74
N GLY KF 148 171.99 -74.88 26.53
CA GLY KF 148 172.70 -75.28 25.34
C GLY KF 148 172.75 -74.19 24.29
N VAL KF 149 173.95 -73.75 23.92
CA VAL KF 149 174.08 -72.75 22.88
C VAL KF 149 173.68 -73.36 21.54
N ASN KF 150 173.23 -72.51 20.61
CA ASN KF 150 172.65 -72.98 19.36
C ASN KF 150 173.24 -72.22 18.18
N LYS KF 151 173.29 -72.91 17.04
CA LYS KF 151 173.72 -72.33 15.77
C LYS KF 151 175.19 -71.89 15.83
N MET KF 152 176.03 -72.78 16.33
CA MET KF 152 177.47 -72.56 16.18
C MET KF 152 177.90 -72.62 14.73
N ASP KF 153 177.10 -73.26 13.88
CA ASP KF 153 177.33 -73.31 12.45
C ASP KF 153 177.17 -71.96 11.78
N SER KF 154 176.46 -71.01 12.40
CA SER KF 154 176.28 -69.68 11.86
C SER KF 154 177.37 -68.70 12.30
N THR KF 155 178.12 -69.01 13.34
CA THR KF 155 179.22 -68.16 13.77
C THR KF 155 180.50 -68.56 13.03
N GLU KF 156 181.45 -67.63 13.01
CA GLU KF 156 182.70 -67.83 12.29
C GLU KF 156 183.87 -67.70 13.26
N PRO KF 157 184.79 -68.66 13.28
CA PRO KF 157 184.78 -69.92 12.50
C PRO KF 157 183.75 -70.88 13.06
N PRO KF 158 183.16 -71.72 12.20
CA PRO KF 158 182.12 -72.64 12.68
C PRO KF 158 182.65 -73.59 13.75
N TYR KF 159 181.85 -73.80 14.77
CA TYR KF 159 182.17 -74.70 15.87
C TYR KF 159 183.51 -74.34 16.51
N SEP KF 160 183.59 -73.14 17.06
CA SEP KF 160 184.84 -72.64 17.65
CB SEP KF 160 185.07 -71.18 17.24
OG SEP KF 160 185.76 -70.47 18.26
C SEP KF 160 184.86 -72.76 19.16
O SEP KF 160 183.82 -72.74 19.81
P SEP KF 160 187.35 -70.42 17.96
O1P SEP KF 160 188.14 -70.90 19.28
O2P SEP KF 160 187.78 -68.91 17.60
O3P SEP KF 160 187.71 -71.39 16.74
N GLN KF 161 186.07 -72.87 19.70
CA GLN KF 161 186.26 -72.88 21.15
C GLN KF 161 185.95 -71.50 21.73
N LYS KF 162 186.55 -70.47 21.14
CA LYS KF 162 186.50 -69.14 21.72
C LYS KF 162 185.07 -68.69 21.96
N ARG KF 163 184.19 -68.88 20.97
CA ARG KF 163 182.80 -68.46 21.12
C ARG KF 163 182.11 -69.22 22.25
N TYR KF 164 182.37 -70.52 22.36
CA TYR KF 164 181.79 -71.31 23.44
C TYR KF 164 182.29 -70.84 24.80
N GLU KF 165 183.60 -70.57 24.90
CA GLU KF 165 184.17 -70.21 26.20
C GLU KF 165 183.62 -68.89 26.71
N GLU KF 166 183.45 -67.90 25.83
CA GLU KF 166 183.00 -66.58 26.30
C GLU KF 166 181.53 -66.59 26.68
N ILE KF 167 180.69 -67.29 25.90
CA ILE KF 167 179.26 -67.26 26.18
C ILE KF 167 178.95 -67.95 27.50
N VAL KF 168 179.61 -69.07 27.78
CA VAL KF 168 179.44 -69.71 29.08
C VAL KF 168 180.01 -68.82 30.18
N LYS KF 169 181.10 -68.12 29.89
CA LYS KF 169 181.64 -67.14 30.83
C LYS KF 169 180.66 -65.98 31.03
N GLU KF 170 180.06 -65.50 29.93
CA GLU KF 170 179.11 -64.39 30.03
C GLU KF 170 177.88 -64.79 30.84
N VAL KF 171 177.32 -65.96 30.56
CA VAL KF 171 176.08 -66.35 31.23
C VAL KF 171 176.34 -66.75 32.68
N SER KF 172 177.52 -67.32 32.97
CA SER KF 172 177.78 -67.82 34.32
C SER KF 172 177.73 -66.70 35.35
N THR KF 173 178.30 -65.54 35.02
CA THR KF 173 178.27 -64.42 35.96
C THR KF 173 176.89 -63.79 36.07
N TYR KF 174 175.98 -64.10 35.14
CA TYR KF 174 174.61 -63.61 35.29
C TYR KF 174 173.82 -64.51 36.24
N ILE KF 175 173.78 -65.81 35.97
CA ILE KF 175 173.05 -66.71 36.85
C ILE KF 175 173.72 -66.81 38.21
N LYS KF 176 175.00 -66.46 38.30
CA LYS KF 176 175.63 -66.30 39.62
C LYS KF 176 174.93 -65.21 40.42
N LYS KF 177 174.69 -64.06 39.79
CA LYS KF 177 173.96 -62.98 40.44
C LYS KF 177 172.48 -63.34 40.61
N ILE KF 178 171.93 -64.10 39.66
CA ILE KF 178 170.57 -64.59 39.81
C ILE KF 178 170.46 -65.51 41.02
N GLY KF 179 171.42 -66.44 41.15
CA GLY KF 179 171.39 -67.40 42.24
C GLY KF 179 171.72 -68.81 41.77
N TYR KF 180 171.63 -69.04 40.46
CA TYR KF 180 171.98 -70.34 39.91
C TYR KF 180 173.48 -70.58 40.02
N ASN KF 181 173.86 -71.76 40.49
CA ASN KF 181 175.27 -72.11 40.57
C ASN KF 181 175.74 -72.61 39.21
N PRO KF 182 176.70 -71.94 38.57
CA PRO KF 182 177.12 -72.38 37.22
C PRO KF 182 177.73 -73.77 37.19
N ASP KF 183 178.21 -74.27 38.33
CA ASP KF 183 178.79 -75.61 38.37
C ASP KF 183 177.72 -76.67 38.12
N THR KF 184 176.57 -76.56 38.80
CA THR KF 184 175.53 -77.58 38.73
C THR KF 184 174.80 -77.61 37.40
N VAL KF 185 174.86 -76.54 36.61
CA VAL KF 185 174.18 -76.48 35.32
C VAL KF 185 175.15 -76.93 34.23
N ALA KF 186 174.69 -77.84 33.38
CA ALA KF 186 175.52 -78.35 32.30
C ALA KF 186 175.41 -77.47 31.07
N PHE KF 187 176.48 -77.43 30.29
CA PHE KF 187 176.54 -76.61 29.08
C PHE KF 187 176.85 -77.52 27.89
N VAL KF 188 176.08 -77.38 26.83
CA VAL KF 188 176.26 -78.21 25.63
C VAL KF 188 176.22 -77.34 24.38
N PRO KF 189 177.21 -77.44 23.49
CA PRO KF 189 177.08 -76.80 22.19
C PRO KF 189 176.33 -77.68 21.21
N ILE KF 190 175.18 -77.22 20.71
CA ILE KF 190 174.30 -78.03 19.89
C ILE KF 190 173.81 -77.22 18.69
N SER KF 191 173.77 -77.89 17.53
CA SER KF 191 173.28 -77.27 16.29
C SER KF 191 171.96 -77.95 15.96
N GLY KF 192 170.85 -77.28 16.26
CA GLY KF 192 169.55 -77.85 15.97
C GLY KF 192 169.32 -78.04 14.48
N TRP KF 193 169.74 -77.06 13.67
CA TRP KF 193 169.55 -77.18 12.23
C TRP KF 193 170.42 -78.30 11.66
N ASN KF 194 171.71 -78.31 11.98
CA ASN KF 194 172.59 -79.34 11.42
C ASN KF 194 172.36 -80.69 12.05
N GLY KF 195 172.03 -80.72 13.35
CA GLY KF 195 171.85 -81.98 14.04
C GLY KF 195 173.17 -82.57 14.47
N ASP KF 196 173.94 -81.82 15.25
CA ASP KF 196 175.29 -82.21 15.63
C ASP KF 196 175.43 -82.19 17.15
N ASN KF 197 176.08 -83.21 17.70
CA ASN KF 197 176.46 -83.26 19.11
C ASN KF 197 175.23 -83.22 20.01
N MET KF 198 174.30 -84.13 19.75
CA MET KF 198 173.13 -84.30 20.61
C MET KF 198 173.00 -85.74 21.07
N LEU KF 199 173.34 -86.68 20.20
CA LEU KF 199 173.31 -88.11 20.51
C LEU KF 199 174.69 -88.74 20.45
N GLU KF 200 175.49 -88.39 19.45
CA GLU KF 200 176.84 -88.88 19.25
C GLU KF 200 177.81 -87.71 19.15
N PRO KF 201 178.93 -87.76 19.87
CA PRO KF 201 179.94 -86.69 19.74
C PRO KF 201 180.39 -86.55 18.29
N SER KF 202 180.06 -85.42 17.67
CA SER KF 202 180.26 -85.26 16.24
C SER KF 202 181.73 -85.02 15.92
N ALA KF 203 182.13 -85.43 14.72
CA ALA KF 203 183.50 -85.26 14.25
C ALA KF 203 183.75 -83.90 13.62
N ASN KF 204 182.70 -83.09 13.43
CA ASN KF 204 182.92 -81.72 12.98
C ASN KF 204 183.56 -80.88 14.07
N MET KF 205 183.22 -81.17 15.33
CA MET KF 205 183.60 -80.41 16.49
C MET KF 205 184.42 -81.29 17.41
N PRO KF 206 185.76 -81.26 17.33
CA PRO KF 206 186.56 -82.27 18.03
C PRO KF 206 187.14 -81.86 19.37
N TRP KF 207 187.08 -80.58 19.74
CA TRP KF 207 187.94 -80.13 20.83
C TRP KF 207 187.35 -80.39 22.22
N PHE KF 208 186.04 -80.61 22.34
CA PHE KF 208 185.43 -80.69 23.66
C PHE KF 208 185.92 -81.93 24.39
N LYS KF 209 186.13 -81.81 25.70
CA LYS KF 209 186.47 -82.98 26.51
C LYS KF 209 185.22 -83.64 27.07
N GLY KF 210 184.16 -82.86 27.30
CA GLY KF 210 182.94 -83.36 27.93
C GLY KF 210 182.72 -82.57 29.21
N TRP KF 211 181.53 -81.99 29.33
CA TRP KF 211 181.23 -81.12 30.45
C TRP KF 211 181.17 -81.92 31.75
N LYS KF 212 181.00 -81.20 32.86
CA LYS KF 212 181.02 -81.81 34.18
C LYS KF 212 180.30 -80.88 35.15
N VAL KF 213 179.42 -81.47 35.97
CA VAL KF 213 178.77 -80.76 37.05
C VAL KF 213 179.11 -81.47 38.35
N THR KF 214 179.04 -80.71 39.44
CA THR KF 214 179.32 -81.24 40.78
C THR KF 214 178.12 -80.90 41.67
N ARG KF 215 177.12 -81.77 41.66
CA ARG KF 215 175.93 -81.60 42.48
C ARG KF 215 176.15 -82.25 43.84
N LYS KF 216 175.48 -81.70 44.85
CA LYS KF 216 175.57 -82.26 46.18
C LYS KF 216 175.03 -83.68 46.24
N ASP KF 217 174.12 -84.04 45.34
CA ASP KF 217 173.61 -85.40 45.28
C ASP KF 217 174.51 -86.34 44.49
N GLY KF 218 175.45 -85.82 43.74
CA GLY KF 218 176.34 -86.63 42.93
C GLY KF 218 176.79 -85.90 41.69
N ASN KF 219 177.92 -86.35 41.16
CA ASN KF 219 178.53 -85.71 40.00
C ASN KF 219 177.83 -86.14 38.71
N ALA KF 220 178.24 -85.55 37.60
CA ALA KF 220 177.71 -85.91 36.30
C ALA KF 220 178.63 -85.36 35.22
N SER KF 221 179.06 -86.24 34.32
CA SER KF 221 179.82 -85.87 33.13
C SER KF 221 179.07 -86.32 31.89
N GLY KF 222 179.15 -85.52 30.84
CA GLY KF 222 178.41 -85.82 29.63
C GLY KF 222 179.12 -85.33 28.39
N THR KF 223 178.86 -86.03 27.29
CA THR KF 223 179.40 -85.65 25.99
C THR KF 223 178.32 -85.29 24.98
N THR KF 224 177.09 -85.78 25.16
CA THR KF 224 175.97 -85.44 24.31
C THR KF 224 174.77 -85.12 25.18
N LEU KF 225 173.75 -84.49 24.56
CA LEU KF 225 172.58 -84.07 25.33
C LEU KF 225 171.91 -85.26 26.00
N LEU KF 226 171.90 -86.41 25.34
CA LEU KF 226 171.30 -87.60 25.95
C LEU KF 226 171.97 -87.94 27.28
N GLU KF 227 173.24 -87.59 27.44
CA GLU KF 227 173.89 -87.74 28.74
C GLU KF 227 173.40 -86.67 29.72
N ALA KF 228 173.08 -85.47 29.21
CA ALA KF 228 172.78 -84.35 30.09
C ALA KF 228 171.49 -84.57 30.88
N LEU KF 229 170.41 -84.93 30.20
CA LEU KF 229 169.14 -85.06 30.90
C LEU KF 229 168.94 -86.42 31.53
N ASP KF 230 169.84 -87.37 31.33
CA ASP KF 230 169.71 -88.67 31.97
C ASP KF 230 170.15 -88.65 33.43
N CYS KF 231 170.92 -87.63 33.85
CA CYS KF 231 171.38 -87.53 35.23
C CYS KF 231 170.62 -86.46 36.01
N ILE KF 232 169.59 -85.86 35.42
CA ILE KF 232 168.82 -84.83 36.11
C ILE KF 232 168.21 -85.42 37.37
N LEU KF 233 168.31 -84.67 38.46
CA LEU KF 233 167.82 -85.17 39.74
C LEU KF 233 166.29 -85.22 39.72
N PRO KF 234 165.69 -86.38 39.96
CA PRO KF 234 164.23 -86.47 40.05
C PRO KF 234 163.72 -85.68 41.24
N PRO KF 235 162.79 -84.75 41.02
CA PRO KF 235 162.33 -83.92 42.13
C PRO KF 235 161.43 -84.70 43.09
N THR KF 236 161.45 -84.28 44.35
CA THR KF 236 160.59 -84.89 45.35
C THR KF 236 159.16 -84.41 45.17
N ARG KF 237 158.22 -85.35 45.11
CA ARG KF 237 156.82 -85.02 44.91
C ARG KF 237 156.10 -85.05 46.24
N PRO KF 238 155.55 -83.94 46.72
CA PRO KF 238 154.76 -83.98 47.95
C PRO KF 238 153.44 -84.69 47.76
N THR KF 239 153.49 -86.01 47.61
CA THR KF 239 152.31 -86.82 47.34
C THR KF 239 151.39 -86.96 48.54
N ASP KF 240 151.92 -86.84 49.76
CA ASP KF 240 151.06 -86.86 50.94
C ASP KF 240 150.19 -85.63 51.05
N LYS KF 241 150.61 -84.52 50.45
CA LYS KF 241 149.84 -83.29 50.51
C LYS KF 241 148.53 -83.44 49.73
N PRO KF 242 147.48 -82.74 50.15
CA PRO KF 242 146.22 -82.80 49.41
C PRO KF 242 146.38 -82.34 47.97
N LEU KF 243 145.60 -82.95 47.10
CA LEU KF 243 145.69 -82.68 45.67
C LEU KF 243 145.41 -81.22 45.36
N ARG KF 244 146.26 -80.62 44.52
CA ARG KF 244 146.07 -79.26 44.03
C ARG KF 244 146.52 -79.25 42.58
N LEU KF 245 145.58 -79.02 41.67
CA LEU KF 245 145.81 -79.23 40.24
C LEU KF 245 145.60 -77.95 39.44
N PRO KF 246 146.66 -77.22 39.08
CA PRO KF 246 146.50 -76.07 38.19
C PRO KF 246 146.04 -76.51 36.80
N LEU KF 247 145.37 -75.59 36.11
CA LEU KF 247 144.68 -75.90 34.85
C LEU KF 247 145.40 -75.23 33.69
N GLN KF 248 145.73 -76.03 32.67
CA GLN KF 248 146.38 -75.49 31.48
C GLN KF 248 145.35 -75.06 30.44
N ASP KF 249 144.48 -75.97 30.02
CA ASP KF 249 143.46 -75.69 29.02
C ASP KF 249 142.34 -76.70 29.16
N VAL KF 250 141.20 -76.38 28.56
CA VAL KF 250 140.01 -77.23 28.61
C VAL KF 250 139.57 -77.48 27.17
N TYR KF 251 139.70 -78.72 26.71
CA TYR KF 251 139.20 -79.13 25.40
C TYR KF 251 137.91 -79.92 25.58
N LYS KF 252 137.15 -80.01 24.50
CA LYS KF 252 135.90 -80.78 24.47
C LYS KF 252 136.05 -81.86 23.40
N ILE KF 253 136.64 -82.98 23.80
CA ILE KF 253 136.86 -84.09 22.88
C ILE KF 253 135.52 -84.69 22.50
N GLY KF 254 135.23 -84.74 21.20
CA GLY KF 254 133.98 -85.28 20.73
C GLY KF 254 133.81 -86.75 21.06
N GLY KF 255 132.92 -87.05 22.00
CA GLY KF 255 132.64 -88.41 22.38
C GLY KF 255 132.77 -88.68 23.86
N ILE KF 256 133.63 -87.92 24.53
CA ILE KF 256 133.89 -88.13 25.96
C ILE KF 256 133.43 -86.97 26.82
N GLY KF 257 133.53 -85.73 26.37
CA GLY KF 257 133.14 -84.61 27.18
C GLY KF 257 134.30 -83.68 27.50
N THR KF 258 134.17 -82.89 28.55
CA THR KF 258 135.19 -81.92 28.92
C THR KF 258 136.31 -82.60 29.69
N VAL KF 259 137.54 -82.37 29.23
CA VAL KF 259 138.71 -82.97 29.86
C VAL KF 259 139.71 -81.87 30.19
N PRO KF 260 139.65 -81.29 31.38
CA PRO KF 260 140.65 -80.29 31.78
C PRO KF 260 142.05 -80.89 31.84
N VAL KF 261 143.05 -80.06 31.56
CA VAL KF 261 144.44 -80.49 31.46
C VAL KF 261 145.31 -79.61 32.36
N GLY KF 262 146.26 -80.23 33.04
CA GLY KF 262 147.20 -79.48 33.85
C GLY KF 262 148.25 -80.38 34.45
N ARG KF 263 149.11 -79.80 35.28
CA ARG KF 263 150.15 -80.54 35.97
C ARG KF 263 149.67 -80.86 37.38
N VAL KF 264 149.93 -82.08 37.83
CA VAL KF 264 149.61 -82.45 39.21
C VAL KF 264 150.71 -81.91 40.10
N GLU KF 265 150.35 -80.96 40.97
CA GLU KF 265 151.32 -80.32 41.85
C GLU KF 265 151.58 -81.17 43.10
N THR KF 266 150.52 -81.44 43.86
CA THR KF 266 150.56 -82.36 44.98
C THR KF 266 149.37 -83.32 44.86
N GLY KF 267 149.35 -84.31 45.75
CA GLY KF 267 148.24 -85.22 45.84
C GLY KF 267 148.14 -86.19 44.67
N VAL KF 268 147.49 -87.31 44.93
CA VAL KF 268 147.29 -88.35 43.92
C VAL KF 268 145.87 -88.23 43.38
N LEU KF 269 145.75 -88.32 42.06
CA LEU KF 269 144.47 -88.24 41.37
C LEU KF 269 144.12 -89.59 40.79
N LYS KF 270 142.90 -90.05 41.06
CA LYS KF 270 142.38 -91.28 40.50
C LYS KF 270 140.99 -91.02 39.93
N PRO KF 271 140.62 -91.73 38.88
CA PRO KF 271 139.25 -91.63 38.37
C PRO KF 271 138.25 -92.11 39.40
N GLY KF 272 137.11 -91.43 39.47
CA GLY KF 272 136.03 -91.89 40.32
C GLY KF 272 135.97 -91.23 41.68
N MET KF 273 136.46 -90.00 41.78
CA MET KF 273 136.34 -89.24 43.02
C MET KF 273 136.16 -87.78 42.67
N VAL KF 274 135.22 -87.14 43.38
CA VAL KF 274 134.84 -85.76 43.10
C VAL KF 274 135.99 -84.83 43.48
N VAL KF 275 136.16 -83.76 42.69
CA VAL KF 275 137.17 -82.75 42.93
C VAL KF 275 136.49 -81.39 42.92
N THR KF 276 137.18 -80.40 43.50
CA THR KF 276 136.65 -79.05 43.65
C THR KF 276 137.52 -78.06 42.90
N PHE KF 277 136.88 -77.14 42.19
CA PHE KF 277 137.54 -76.07 41.46
C PHE KF 277 137.38 -74.77 42.23
N ALA KF 278 138.49 -74.06 42.43
CA ALA KF 278 138.46 -72.90 43.31
C ALA KF 278 137.80 -71.68 42.67
N PRO KF 279 138.25 -71.19 41.51
CA PRO KF 279 137.71 -69.91 41.01
C PRO KF 279 136.22 -69.96 40.67
N VAL KF 280 135.63 -71.15 40.50
CA VAL KF 280 134.23 -71.24 40.13
C VAL KF 280 133.38 -71.97 41.16
N ASN KF 281 133.99 -72.61 42.16
CA ASN KF 281 133.26 -73.34 43.20
C ASN KF 281 132.31 -74.37 42.58
N VAL KF 282 132.88 -75.24 41.74
CA VAL KF 282 132.15 -76.33 41.13
C VAL KF 282 132.81 -77.65 41.51
N THR KF 283 132.01 -78.60 41.97
CA THR KF 283 132.48 -79.90 42.37
C THR KF 283 131.82 -80.96 41.50
N THR KF 284 132.64 -81.86 40.93
CA THR KF 284 132.12 -82.90 40.05
C THR KF 284 133.05 -84.09 40.11
N GLU KF 285 132.50 -85.27 39.80
CA GLU KF 285 133.25 -86.50 39.85
C GLU KF 285 134.14 -86.64 38.62
N VAL KF 286 135.28 -87.30 38.80
CA VAL KF 286 136.21 -87.56 37.71
C VAL KF 286 135.84 -88.88 37.06
N LYS KF 287 135.68 -88.87 35.73
CA LYS KF 287 135.25 -90.06 35.01
C LYS KF 287 136.44 -90.94 34.64
N SER KF 288 137.47 -90.36 34.02
CA SER KF 288 138.61 -91.14 33.57
C SER KF 288 139.85 -90.26 33.51
N VAL KF 289 141.02 -90.91 33.54
CA VAL KF 289 142.31 -90.22 33.50
C VAL KF 289 143.09 -90.74 32.29
N GLU KF 290 143.96 -89.88 31.76
CA GLU KF 290 144.73 -90.19 30.57
C GLU KF 290 145.86 -89.20 30.35
N MET KF 291 147.03 -89.68 29.94
CA MET KF 291 148.15 -88.81 29.59
C MET KF 291 148.78 -89.29 28.29
N HIS KF 292 149.11 -88.34 27.41
CA HIS KF 292 149.70 -88.61 26.11
C HIS KF 292 148.95 -89.73 25.38
N HIS KF 293 147.62 -89.65 25.43
CA HIS KF 293 146.73 -90.66 24.87
C HIS KF 293 147.07 -92.06 25.37
N GLU KF 294 147.32 -92.17 26.67
CA GLU KF 294 147.50 -93.46 27.34
C GLU KF 294 146.71 -93.43 28.64
N ALA KF 295 145.82 -94.39 28.80
CA ALA KF 295 145.02 -94.47 30.03
C ALA KF 295 145.87 -94.96 31.19
N LEU KF 296 145.55 -94.48 32.39
CA LEU KF 296 146.28 -94.85 33.60
C LEU KF 296 145.31 -95.34 34.67
N SER KF 297 145.85 -95.53 35.87
CA SER KF 297 145.08 -95.84 37.07
C SER KF 297 145.34 -94.84 38.18
N GLU KF 298 146.51 -94.23 38.21
CA GLU KF 298 146.85 -93.19 39.18
C GLU KF 298 147.63 -92.09 38.48
N ALA KF 299 147.56 -90.88 39.05
CA ALA KF 299 148.23 -89.71 38.50
C ALA KF 299 149.11 -89.10 39.58
N LEU KF 300 150.36 -89.57 39.65
CA LEU KF 300 151.33 -89.07 40.60
C LEU KF 300 151.70 -87.62 40.25
N PRO KF 301 151.96 -86.79 41.27
CA PRO KF 301 152.20 -85.37 41.01
C PRO KF 301 153.37 -85.13 40.06
N GLY KF 302 153.28 -84.04 39.30
CA GLY KF 302 154.25 -83.72 38.29
C GLY KF 302 153.95 -84.27 36.92
N ASP KF 303 152.87 -85.03 36.77
CA ASP KF 303 152.49 -85.60 35.49
C ASP KF 303 151.48 -84.68 34.82
N ASN KF 304 151.84 -84.11 33.68
CA ASN KF 304 150.94 -83.26 32.92
C ASN KF 304 149.85 -84.13 32.33
N VAL KF 305 148.69 -84.16 32.98
CA VAL KF 305 147.66 -85.16 32.72
C VAL KF 305 146.34 -84.46 32.43
N GLY KF 306 145.47 -85.17 31.70
CA GLY KF 306 144.15 -84.66 31.39
C GLY KF 306 143.08 -85.59 31.92
N PHE KF 307 142.21 -85.07 32.78
CA PHE KF 307 141.19 -85.85 33.47
C PHE KF 307 139.81 -85.51 32.92
N ASN KF 308 139.02 -86.53 32.65
CA ASN KF 308 137.67 -86.35 32.12
C ASN KF 308 136.69 -86.21 33.29
N VAL KF 309 135.91 -85.13 33.27
CA VAL KF 309 134.87 -84.91 34.25
C VAL KF 309 133.51 -85.01 33.58
N LYS KF 310 132.46 -85.10 34.39
CA LYS KF 310 131.12 -85.34 33.91
C LYS KF 310 130.21 -84.16 34.22
N ASN KF 311 129.02 -84.19 33.61
CA ASN KF 311 127.92 -83.25 33.85
C ASN KF 311 128.39 -81.81 34.02
N VAL KF 312 129.31 -81.38 33.16
CA VAL KF 312 129.78 -80.00 33.14
C VAL KF 312 129.91 -79.55 31.69
N SER KF 313 129.99 -78.24 31.52
CA SER KF 313 130.21 -77.63 30.22
C SER KF 313 131.57 -76.96 30.15
N VAL KF 314 132.06 -76.76 28.92
CA VAL KF 314 133.42 -76.28 28.73
C VAL KF 314 133.59 -74.84 29.16
N LYS KF 315 132.52 -74.05 29.22
CA LYS KF 315 132.62 -72.68 29.69
C LYS KF 315 132.56 -72.56 31.20
N ASP KF 316 132.04 -73.58 31.88
CA ASP KF 316 131.97 -73.54 33.34
C ASP KF 316 133.36 -73.58 33.96
N VAL KF 317 134.26 -74.36 33.40
CA VAL KF 317 135.61 -74.53 33.91
C VAL KF 317 136.60 -74.08 32.83
N ARG KF 318 137.49 -73.16 33.19
CA ARG KF 318 138.41 -72.56 32.22
C ARG KF 318 139.83 -72.60 32.79
N ARG KF 319 140.79 -72.23 31.94
CA ARG KF 319 142.20 -72.20 32.34
C ARG KF 319 142.42 -71.18 33.45
N GLY KF 320 143.33 -71.50 34.36
CA GLY KF 320 143.63 -70.68 35.50
C GLY KF 320 143.03 -71.19 36.80
N ASN KF 321 142.09 -72.12 36.72
CA ASN KF 321 141.53 -72.74 37.90
C ASN KF 321 142.51 -73.76 38.47
N VAL KF 322 142.36 -74.02 39.76
CA VAL KF 322 143.12 -75.06 40.44
C VAL KF 322 142.13 -76.05 41.05
N ALA KF 323 142.34 -77.34 40.79
CA ALA KF 323 141.44 -78.40 41.22
C ALA KF 323 142.09 -79.22 42.32
N GLY KF 324 141.25 -79.81 43.17
CA GLY KF 324 141.76 -80.63 44.26
C GLY KF 324 140.65 -81.49 44.82
N ASP KF 325 141.06 -82.48 45.61
CA ASP KF 325 140.13 -83.42 46.21
C ASP KF 325 139.11 -82.70 47.08
N SER KF 326 137.83 -83.06 46.90
CA SER KF 326 136.78 -82.50 47.73
C SER KF 326 136.78 -83.12 49.12
N LYS KF 327 137.26 -84.36 49.25
CA LYS KF 327 137.34 -84.99 50.56
C LYS KF 327 138.43 -84.37 51.42
N ASN KF 328 139.58 -84.05 50.81
CA ASN KF 328 140.61 -83.29 51.51
C ASN KF 328 140.21 -81.81 51.53
N ASP KF 329 141.13 -80.94 51.90
CA ASP KF 329 140.84 -79.52 51.90
C ASP KF 329 140.61 -79.05 50.47
N PRO KF 330 139.42 -78.56 50.14
CA PRO KF 330 139.18 -78.12 48.77
C PRO KF 330 139.68 -76.71 48.56
N PRO KF 331 140.40 -76.45 47.48
CA PRO KF 331 140.81 -75.07 47.18
C PRO KF 331 139.60 -74.19 46.97
N MET KF 332 139.71 -72.94 47.44
CA MET KF 332 138.58 -72.03 47.40
C MET KF 332 139.13 -70.61 47.24
N GLU KF 333 138.25 -69.68 46.90
CA GLU KF 333 138.67 -68.31 46.63
C GLU KF 333 139.38 -67.71 47.83
N ALA KF 334 140.27 -66.75 47.55
CA ALA KF 334 141.03 -66.03 48.56
C ALA KF 334 140.61 -64.57 48.51
N ALA KF 335 139.95 -64.09 49.57
CA ALA KF 335 139.57 -62.69 49.63
C ALA KF 335 140.80 -61.78 49.60
N GLY KF 336 141.86 -62.17 50.31
CA GLY KF 336 143.10 -61.42 50.27
C GLY KF 336 144.25 -62.29 50.72
N PHE KF 337 145.46 -61.78 50.50
CA PHE KF 337 146.66 -62.48 50.92
C PHE KF 337 147.80 -61.48 51.01
N THR KF 338 148.84 -61.88 51.74
CA THR KF 338 150.05 -61.08 51.90
C THR KF 338 151.22 -61.84 51.32
N ALA KF 339 152.28 -61.12 50.95
CA ALA KF 339 153.45 -61.74 50.34
C ALA KF 339 154.68 -60.91 50.62
N GLN KF 340 155.84 -61.57 50.57
CA GLN KF 340 157.14 -60.92 50.68
C GLN KF 340 157.70 -60.75 49.28
N VAL KF 341 157.64 -59.52 48.78
CA VAL KF 341 157.96 -59.25 47.38
C VAL KF 341 159.35 -58.63 47.30
N ILE KF 342 160.03 -58.91 46.18
CA ILE KF 342 161.32 -58.33 45.86
C ILE KF 342 161.17 -57.59 44.55
N ILE KF 343 161.48 -56.30 44.55
CA ILE KF 343 161.31 -55.48 43.36
C ILE KF 343 162.62 -55.47 42.57
N LEU KF 344 162.52 -55.76 41.27
CA LEU KF 344 163.72 -55.86 40.45
C LEU KF 344 164.13 -54.52 39.86
N ASN KF 345 163.25 -53.93 39.04
CA ASN KF 345 163.63 -52.79 38.22
C ASN KF 345 162.37 -52.04 37.85
N HIS KF 346 162.10 -50.94 38.55
CA HIS KF 346 160.96 -50.13 38.20
C HIS KF 346 161.40 -48.67 38.04
N PRO KF 347 161.26 -48.10 36.84
CA PRO KF 347 161.75 -46.72 36.63
C PRO KF 347 161.15 -45.70 37.58
N GLY KF 348 159.88 -45.87 37.93
CA GLY KF 348 159.21 -44.99 38.87
C GLY KF 348 159.28 -45.51 40.30
N GLN KF 349 158.34 -45.04 41.11
CA GLN KF 349 158.23 -45.49 42.50
C GLN KF 349 156.94 -46.28 42.70
N ILE KF 350 157.03 -47.32 43.53
CA ILE KF 350 155.90 -48.18 43.85
C ILE KF 350 155.24 -47.61 45.10
N SER KF 351 153.92 -47.45 45.04
CA SER KF 351 153.13 -47.01 46.19
C SER KF 351 151.79 -47.74 46.17
N ALA KF 352 150.87 -47.24 46.99
CA ALA KF 352 149.56 -47.86 47.11
C ALA KF 352 148.76 -47.68 45.82
N GLY KF 353 147.77 -48.56 45.65
CA GLY KF 353 146.90 -48.52 44.49
C GLY KF 353 147.53 -48.99 43.20
N TYR KF 354 148.78 -49.42 43.23
CA TYR KF 354 149.46 -49.93 42.04
C TYR KF 354 148.88 -51.30 41.71
N ALA KF 355 148.51 -51.51 40.45
CA ALA KF 355 147.81 -52.71 40.02
C ALA KF 355 148.57 -53.37 38.88
N PRO KF 356 149.65 -54.08 39.19
CA PRO KF 356 150.32 -54.89 38.17
C PRO KF 356 149.67 -56.27 38.07
N VAL KF 357 149.87 -56.90 36.91
CA VAL KF 357 149.41 -58.27 36.76
C VAL KF 357 150.30 -59.19 37.58
N LEU KF 358 149.67 -59.93 38.48
CA LEU KF 358 150.37 -60.85 39.37
C LEU KF 358 150.25 -62.24 38.77
N ASP KF 359 151.39 -62.90 38.61
CA ASP KF 359 151.47 -64.16 37.88
C ASP KF 359 151.79 -65.29 38.84
N CYS KF 360 150.83 -66.19 39.03
CA CYS KF 360 151.01 -67.39 39.83
C CYS KF 360 150.41 -68.57 39.09
N HIS KF 361 151.06 -69.72 39.24
CA HIS KF 361 150.78 -70.95 38.48
C HIS KF 361 150.39 -70.64 37.04
N THR KF 362 149.13 -70.88 36.69
CA THR KF 362 148.63 -70.68 35.34
C THR KF 362 147.82 -69.39 35.18
N ALA KF 363 147.30 -68.84 36.27
CA ALA KF 363 146.34 -67.75 36.21
C ALA KF 363 147.05 -66.40 36.35
N HIS KF 364 146.73 -65.48 35.46
CA HIS KF 364 147.37 -64.17 35.40
C HIS KF 364 146.28 -63.10 35.55
N ILE KF 365 146.09 -62.63 36.78
CA ILE KF 365 145.14 -61.57 37.10
C ILE KF 365 145.86 -60.46 37.83
N ALA KF 366 145.60 -59.22 37.42
CA ALA KF 366 146.17 -58.05 38.09
C ALA KF 366 145.63 -57.93 39.51
N CYS KF 367 146.51 -57.62 40.46
CA CYS KF 367 146.14 -57.42 41.85
C CYS KF 367 146.53 -56.02 42.30
N LYS KF 368 145.60 -55.35 42.98
CA LYS KF 368 145.82 -53.98 43.46
C LYS KF 368 146.46 -54.00 44.83
N PHE KF 369 147.55 -53.24 44.98
CA PHE KF 369 148.20 -53.09 46.28
C PHE KF 369 147.32 -52.23 47.19
N ALA KF 370 146.57 -52.88 48.07
CA ALA KF 370 145.67 -52.16 48.95
C ALA KF 370 146.44 -51.29 49.94
N GLU KF 371 147.41 -51.88 50.63
CA GLU KF 371 148.21 -51.14 51.60
C GLU KF 371 149.55 -51.82 51.77
N LEU KF 372 150.49 -51.07 52.32
CA LEU KF 372 151.83 -51.54 52.52
C LEU KF 372 152.12 -51.71 54.01
N LYS KF 373 152.56 -52.92 54.39
CA LYS KF 373 152.74 -53.22 55.81
C LYS KF 373 154.10 -52.73 56.32
N GLU KF 374 155.18 -53.28 55.79
CA GLU KF 374 156.53 -52.84 56.16
C GLU KF 374 157.48 -53.06 54.99
N LYS KF 375 158.68 -52.50 55.13
CA LYS KF 375 159.80 -52.80 54.25
C LYS KF 375 160.76 -53.75 54.96
N ILE KF 376 161.13 -54.83 54.28
CA ILE KF 376 161.87 -55.93 54.90
C ILE KF 376 163.25 -56.01 54.25
N ASP KF 377 164.23 -56.49 55.02
CA ASP KF 377 165.55 -56.73 54.47
C ASP KF 377 165.51 -57.84 53.42
N ARG KF 378 166.44 -57.77 52.47
CA ARG KF 378 166.50 -58.76 51.40
C ARG KF 378 166.70 -60.17 51.96
N ARG KF 379 167.58 -60.33 52.94
CA ARG KF 379 167.92 -61.64 53.48
C ARG KF 379 167.59 -61.68 54.97
N SER KF 380 167.31 -62.89 55.45
CA SER KF 380 166.97 -63.22 56.83
C SER KF 380 165.65 -62.60 57.29
N GLY KF 381 164.94 -61.88 56.43
CA GLY KF 381 163.66 -61.31 56.79
C GLY KF 381 163.72 -60.34 57.94
N LYS KF 382 164.67 -59.41 57.92
CA LYS KF 382 164.87 -58.46 59.00
C LYS KF 382 164.01 -57.23 58.77
N LYS KF 383 163.13 -56.94 59.72
CA LYS KF 383 162.29 -55.74 59.62
C LYS KF 383 163.14 -54.51 59.93
N LEU KF 384 163.07 -53.51 59.05
CA LEU KF 384 163.80 -52.27 59.26
C LEU KF 384 162.91 -51.03 59.27
N GLU KF 385 161.93 -50.95 58.39
CA GLU KF 385 161.04 -49.79 58.30
C GLU KF 385 159.59 -50.20 58.47
N ASP KF 386 158.83 -49.34 59.14
CA ASP KF 386 157.41 -49.59 59.39
C ASP KF 386 156.57 -48.59 58.62
N GLY KF 387 155.41 -49.03 58.14
CA GLY KF 387 154.50 -48.16 57.46
C GLY KF 387 155.05 -47.71 56.05
N PRO KF 388 155.06 -48.26 54.95
CA PRO KF 388 156.11 -47.89 54.02
C PRO KF 388 155.38 -46.70 53.31
N LYS KF 389 156.00 -45.65 52.76
CA LYS KF 389 155.33 -44.63 51.95
C LYS KF 389 155.46 -44.84 50.44
N PHE KF 390 156.69 -44.94 49.94
CA PHE KF 390 156.97 -45.26 48.54
C PHE KF 390 158.19 -46.17 48.50
N LEU KF 391 158.25 -47.02 47.48
CA LEU KF 391 159.34 -47.97 47.34
C LEU KF 391 159.97 -47.82 45.97
N LYS KF 392 161.13 -48.46 45.79
CA LYS KF 392 161.83 -48.42 44.51
C LYS KF 392 162.35 -49.81 44.14
N SER KF 393 163.16 -49.88 43.09
CA SER KF 393 163.75 -51.14 42.66
C SER KF 393 164.78 -51.62 43.68
N GLY KF 394 165.07 -52.92 43.63
CA GLY KF 394 166.03 -53.51 44.54
C GLY KF 394 165.62 -53.43 45.99
N ASP KF 395 164.33 -53.49 46.28
CA ASP KF 395 163.81 -53.35 47.63
C ASP KF 395 162.93 -54.55 47.96
N ALA KF 396 162.99 -54.99 49.21
CA ALA KF 396 162.16 -56.07 49.72
C ALA KF 396 161.19 -55.51 50.74
N ALA KF 397 159.98 -56.05 50.76
CA ALA KF 397 158.94 -55.53 51.64
C ALA KF 397 157.76 -56.49 51.67
N ILE KF 398 156.94 -56.35 52.69
CA ILE KF 398 155.67 -57.07 52.77
C ILE KF 398 154.59 -56.16 52.22
N VAL KF 399 153.77 -56.70 51.31
CA VAL KF 399 152.70 -55.96 50.66
C VAL KF 399 151.38 -56.64 50.95
N ASP KF 400 150.30 -55.87 50.89
CA ASP KF 400 148.94 -56.38 51.04
C ASP KF 400 148.15 -56.04 49.79
N MET KF 401 147.54 -57.04 49.17
CA MET KF 401 146.91 -56.85 47.88
C MET KF 401 145.59 -57.60 47.82
N VAL KF 402 144.72 -57.14 46.93
CA VAL KF 402 143.45 -57.79 46.63
C VAL KF 402 143.34 -57.95 45.12
N PRO KF 403 143.11 -59.17 44.63
CA PRO KF 403 143.04 -59.36 43.17
C PRO KF 403 141.85 -58.63 42.56
N GLY KF 404 142.03 -58.20 41.31
CA GLY KF 404 140.95 -57.58 40.57
C GLY KF 404 139.92 -58.54 40.00
N LYS KF 405 140.28 -59.81 39.85
CA LYS KF 405 139.38 -60.89 39.46
C LYS KF 405 139.63 -62.05 40.41
N PRO KF 406 138.61 -62.86 40.68
CA PRO KF 406 138.76 -63.95 41.66
C PRO KF 406 139.99 -64.81 41.39
N MET KF 407 140.72 -65.12 42.47
CA MET KF 407 141.93 -65.93 42.42
C MET KF 407 141.87 -66.93 43.57
N CYS KF 408 142.61 -68.01 43.43
CA CYS KF 408 142.98 -68.89 44.52
C CYS KF 408 144.50 -68.85 44.69
N VAL KF 409 144.95 -68.52 45.90
CA VAL KF 409 146.36 -68.50 46.20
C VAL KF 409 146.59 -69.31 47.47
N GLU KF 410 147.78 -69.88 47.57
CA GLU KF 410 148.12 -70.77 48.68
C GLU KF 410 149.51 -70.40 49.19
N SER KF 411 149.72 -70.60 50.48
CA SER KF 411 150.91 -70.14 51.15
C SER KF 411 152.10 -71.06 50.88
N PHE KF 412 153.30 -70.51 51.02
CA PHE KF 412 154.52 -71.26 50.75
C PHE KF 412 154.68 -72.43 51.71
N SER KF 413 154.42 -72.20 53.00
CA SER KF 413 154.56 -73.27 53.98
C SER KF 413 153.61 -74.42 53.68
N ASP KF 414 152.45 -74.13 53.10
CA ASP KF 414 151.47 -75.14 52.76
C ASP KF 414 151.84 -75.85 51.46
N TYR KF 415 151.94 -75.10 50.37
CA TYR KF 415 152.22 -75.65 49.05
C TYR KF 415 153.38 -74.93 48.39
N PRO KF 416 154.54 -75.57 48.25
CA PRO KF 416 155.73 -74.88 47.72
C PRO KF 416 155.55 -74.40 46.28
N PRO KF 417 155.20 -75.27 45.33
CA PRO KF 417 155.19 -74.81 43.92
C PRO KF 417 154.19 -73.69 43.67
N LEU KF 418 153.07 -73.66 44.38
CA LEU KF 418 152.10 -72.59 44.20
C LEU KF 418 152.53 -71.31 44.89
N GLY KF 419 153.28 -71.41 45.99
CA GLY KF 419 153.69 -70.21 46.71
C GLY KF 419 154.53 -69.27 45.89
N ARG KF 420 155.32 -69.81 44.96
CA ARG KF 420 156.10 -68.98 44.07
C ARG KF 420 155.18 -68.16 43.16
N PHE KF 421 155.56 -66.91 42.92
CA PHE KF 421 154.84 -66.06 41.98
C PHE KF 421 155.78 -65.00 41.42
N ALA KF 422 155.37 -64.41 40.30
CA ALA KF 422 156.10 -63.33 39.66
C ALA KF 422 155.11 -62.24 39.30
N VAL KF 423 155.64 -61.05 39.00
CA VAL KF 423 154.83 -59.89 38.64
C VAL KF 423 155.40 -59.28 37.37
N ARG KF 424 154.54 -58.98 36.41
CA ARG KF 424 154.95 -58.50 35.10
C ARG KF 424 154.23 -57.20 34.76
N ASP KF 425 155.00 -56.21 34.31
CA ASP KF 425 154.42 -54.98 33.76
C ASP KF 425 155.48 -54.32 32.88
N MET KF 426 155.00 -53.58 31.88
CA MET KF 426 155.87 -52.98 30.85
C MET KF 426 156.75 -54.04 30.19
N ARG KF 427 156.28 -55.29 30.21
CA ARG KF 427 156.99 -56.43 29.63
C ARG KF 427 158.35 -56.64 30.27
N GLN KF 428 158.48 -56.27 31.55
CA GLN KF 428 159.64 -56.63 32.35
C GLN KF 428 159.16 -57.08 33.72
N THR KF 429 159.98 -57.91 34.36
CA THR KF 429 159.64 -58.47 35.67
C THR KF 429 159.84 -57.42 36.76
N VAL KF 430 158.80 -56.65 37.04
CA VAL KF 430 158.94 -55.53 37.98
C VAL KF 430 159.09 -56.05 39.42
N ALA KF 431 158.43 -57.17 39.73
CA ALA KF 431 158.41 -57.67 41.11
C ALA KF 431 158.46 -59.19 41.11
N VAL KF 432 159.16 -59.76 42.09
CA VAL KF 432 159.24 -61.21 42.31
C VAL KF 432 159.10 -61.47 43.80
N GLY KF 433 158.27 -62.44 44.17
CA GLY KF 433 158.06 -62.74 45.56
C GLY KF 433 157.35 -64.06 45.77
N VAL KF 434 157.00 -64.32 47.03
CA VAL KF 434 156.30 -65.54 47.42
C VAL KF 434 155.27 -65.20 48.50
N ILE KF 435 154.29 -66.08 48.65
CA ILE KF 435 153.14 -65.86 49.52
C ILE KF 435 153.31 -66.64 50.81
N LYS KF 436 153.02 -65.98 51.93
CA LYS KF 436 153.17 -66.57 53.26
C LYS KF 436 151.84 -66.76 53.99
N ALA KF 437 150.95 -65.77 53.94
CA ALA KF 437 149.66 -65.84 54.61
C ALA KF 437 148.55 -65.50 53.63
N VAL KF 438 147.55 -66.36 53.57
CA VAL KF 438 146.42 -66.22 52.65
C VAL KF 438 145.14 -66.17 53.46
N ASP KF 439 144.33 -65.14 53.23
CA ASP KF 439 143.03 -65.01 53.87
C ASP KF 439 142.00 -65.74 53.01
N LYS KF 440 141.35 -66.75 53.60
CA LYS KF 440 140.42 -67.57 52.85
C LYS KF 440 139.04 -66.89 52.79
N LYS KF 441 138.25 -67.30 51.81
CA LYS KF 441 136.93 -66.72 51.60
C LYS KF 441 135.83 -67.73 51.93
N PRO MF 1 182.10 -33.50 51.84
CA PRO MF 1 181.98 -32.06 51.58
C PRO MF 1 180.81 -31.42 52.34
N ASN MF 2 181.09 -30.86 53.52
CA ASN MF 2 180.12 -30.15 54.35
C ASN MF 2 178.97 -31.06 54.81
N GLU MF 3 179.10 -32.37 54.55
CA GLU MF 3 178.18 -33.42 54.98
C GLU MF 3 176.86 -33.37 54.23
N ILE MF 4 176.63 -32.31 53.46
CA ILE MF 4 175.50 -32.22 52.54
C ILE MF 4 175.72 -30.99 51.66
N LYS MF 5 175.36 -31.10 50.37
CA LYS MF 5 175.46 -29.97 49.45
C LYS MF 5 174.26 -30.04 48.50
N VAL MF 6 173.25 -29.21 48.76
CA VAL MF 6 172.08 -29.09 47.90
C VAL MF 6 172.01 -27.62 47.50
N VAL MF 7 173.19 -27.03 47.28
CA VAL MF 7 173.41 -25.60 47.03
C VAL MF 7 172.37 -25.00 46.10
N TYR MF 8 171.86 -25.80 45.17
CA TYR MF 8 171.02 -25.34 44.07
C TYR MF 8 169.97 -24.34 44.56
N LEU MF 9 169.98 -23.16 43.95
CA LEU MF 9 169.15 -22.05 44.39
C LEU MF 9 167.69 -22.29 44.04
N ARG MF 10 166.83 -21.31 44.34
CA ARG MF 10 165.42 -21.38 43.99
C ARG MF 10 164.91 -19.97 43.76
N CYS MF 11 164.09 -19.81 42.72
CA CYS MF 11 163.57 -18.51 42.30
C CYS MF 11 162.15 -18.27 42.78
N THR MF 12 161.79 -18.79 43.94
CA THR MF 12 160.47 -18.56 44.52
C THR MF 12 160.62 -18.02 45.93
N GLY MF 13 159.81 -17.02 46.27
CA GLY MF 13 159.86 -16.41 47.57
C GLY MF 13 158.56 -15.69 47.86
N GLY MF 14 158.55 -14.97 48.98
CA GLY MF 14 157.40 -14.19 49.37
C GLY MF 14 156.27 -15.04 49.94
N GLU MF 15 155.14 -15.08 49.25
CA GLU MF 15 153.99 -15.83 49.72
C GLU MF 15 154.29 -17.33 49.68
N VAL MF 16 153.75 -18.04 50.66
CA VAL MF 16 154.11 -19.45 50.85
C VAL MF 16 153.76 -20.27 49.60
N GLY MF 17 152.47 -20.33 49.28
CA GLY MF 17 152.04 -21.12 48.14
C GLY MF 17 152.02 -22.61 48.39
N ALA MF 18 153.14 -23.14 48.88
CA ALA MF 18 153.30 -24.55 49.24
C ALA MF 18 153.15 -25.45 48.03
N THR MF 19 151.91 -25.60 47.52
CA THR MF 19 151.71 -26.40 46.32
C THR MF 19 152.23 -25.68 45.08
N SER MF 20 152.02 -24.37 45.00
CA SER MF 20 152.48 -23.60 43.85
C SER MF 20 154.00 -23.57 43.76
N ALA MF 21 154.71 -23.92 44.84
CA ALA MF 21 156.16 -23.99 44.79
C ALA MF 21 156.60 -25.19 43.96
N LEU MF 22 157.80 -25.09 43.39
CA LEU MF 22 158.34 -26.12 42.52
C LEU MF 22 159.25 -27.10 43.25
N ALA MF 23 159.05 -27.29 44.56
CA ALA MF 23 159.88 -28.22 45.31
C ALA MF 23 159.76 -29.67 44.85
N PRO MF 24 158.57 -30.22 44.57
CA PRO MF 24 158.51 -31.59 44.03
C PRO MF 24 159.32 -31.80 42.76
N LYS MF 25 159.41 -30.80 41.89
CA LYS MF 25 160.15 -30.94 40.65
C LYS MF 25 161.66 -30.99 40.87
N ILE MF 26 162.19 -30.20 41.80
CA ILE MF 26 163.62 -30.16 42.07
C ILE MF 26 164.00 -31.01 43.27
N GLY MF 27 163.03 -31.48 44.06
CA GLY MF 27 163.30 -32.33 45.20
C GLY MF 27 164.09 -33.58 44.94
N PRO MF 28 163.80 -34.35 43.88
CA PRO MF 28 164.57 -35.57 43.62
C PRO MF 28 166.02 -35.33 43.24
N LEU MF 29 166.50 -34.09 43.25
CA LEU MF 29 167.91 -33.83 42.98
C LEU MF 29 168.77 -34.18 44.19
N GLY MF 30 168.27 -33.93 45.39
CA GLY MF 30 169.04 -34.18 46.60
C GLY MF 30 168.34 -35.10 47.59
N LEU MF 31 167.02 -35.26 47.40
CA LEU MF 31 166.18 -36.21 48.14
C LEU MF 31 165.92 -35.77 49.58
N SER MF 32 166.57 -34.70 50.03
CA SER MF 32 166.40 -34.24 51.41
C SER MF 32 165.10 -33.46 51.64
N PRO MF 33 164.85 -32.34 50.92
CA PRO MF 33 163.74 -31.46 51.32
C PRO MF 33 162.36 -32.07 51.21
N LYS MF 34 161.98 -32.53 50.01
CA LYS MF 34 160.63 -33.00 49.73
C LYS MF 34 159.63 -31.90 50.07
N LYS MF 35 158.39 -32.28 50.41
CA LYS MF 35 157.37 -31.28 50.70
C LYS MF 35 157.72 -30.47 51.95
N VAL MF 36 158.11 -31.15 53.03
CA VAL MF 36 158.38 -30.46 54.28
C VAL MF 36 159.58 -29.53 54.14
N GLY MF 37 160.55 -29.91 53.31
CA GLY MF 37 161.69 -29.04 53.08
C GLY MF 37 161.30 -27.68 52.54
N ASP MF 38 160.32 -27.65 51.63
CA ASP MF 38 159.77 -26.38 51.18
C ASP MF 38 159.11 -25.63 52.34
N ASP MF 39 158.37 -26.36 53.19
CA ASP MF 39 157.69 -25.72 54.31
C ASP MF 39 158.69 -25.10 55.28
N ILE MF 40 159.79 -25.79 55.57
CA ILE MF 40 160.77 -25.25 56.50
C ILE MF 40 161.65 -24.21 55.83
N ALA MF 41 161.87 -24.33 54.51
CA ALA MF 41 162.62 -23.31 53.79
C ALA MF 41 161.84 -22.03 53.62
N LYS MF 42 160.51 -22.12 53.48
CA LYS MF 42 159.68 -20.95 53.21
C LYS MF 42 159.38 -20.14 54.46
N ALA MF 43 159.23 -20.80 55.62
CA ALA MF 43 158.82 -20.10 56.83
C ALA MF 43 159.82 -19.02 57.22
N THR MF 44 161.11 -19.33 57.12
CA THR MF 44 162.14 -18.35 57.43
C THR MF 44 162.30 -17.33 56.31
N GLY MF 45 162.09 -17.74 55.06
CA GLY MF 45 162.22 -16.84 53.93
C GLY MF 45 160.90 -16.30 53.43
N ASP MF 46 159.93 -16.14 54.33
CA ASP MF 46 158.62 -15.68 53.93
C ASP MF 46 158.64 -14.22 53.48
N TRP MF 47 159.33 -13.36 54.23
CA TRP MF 47 159.32 -11.93 53.97
C TRP MF 47 160.74 -11.42 53.74
N LYS MF 48 160.82 -10.24 53.12
CA LYS MF 48 162.09 -9.58 52.82
C LYS MF 48 163.01 -10.48 51.98
N GLY MF 49 162.58 -10.69 50.73
CA GLY MF 49 161.47 -10.00 50.11
C GLY MF 49 160.15 -10.76 50.12
N LEU MF 50 159.08 -10.05 49.81
CA LEU MF 50 157.74 -10.62 49.63
C LEU MF 50 157.49 -10.77 48.13
N ARG MF 51 158.51 -11.16 47.40
CA ARG MF 51 158.50 -11.12 45.95
C ARG MF 51 159.16 -12.40 45.45
N ILE MF 52 159.54 -12.42 44.17
CA ILE MF 52 160.18 -13.59 43.57
C ILE MF 52 161.27 -14.12 44.48
N THR MF 53 162.15 -13.23 44.93
CA THR MF 53 163.09 -13.50 46.03
C THR MF 53 163.89 -14.77 45.80
N VAL MF 54 164.73 -14.71 44.76
CA VAL MF 54 165.66 -15.81 44.51
C VAL MF 54 166.55 -16.01 45.73
N LYS MF 55 166.62 -17.25 46.20
CA LYS MF 55 167.29 -17.56 47.46
C LYS MF 55 168.33 -18.65 47.26
N LEU MF 56 169.43 -18.53 48.00
CA LEU MF 56 170.43 -19.58 48.06
C LEU MF 56 170.15 -20.45 49.28
N THR MF 57 170.05 -21.77 49.06
CA THR MF 57 169.67 -22.71 50.10
C THR MF 57 170.84 -23.68 50.35
N ILE MF 58 171.51 -23.49 51.48
CA ILE MF 58 172.54 -24.41 51.94
C ILE MF 58 171.90 -25.37 52.94
N GLN MF 59 172.00 -26.67 52.68
CA GLN MF 59 171.26 -27.67 53.42
C GLN MF 59 171.86 -27.86 54.82
N ASN MF 60 171.06 -28.49 55.68
CA ASN MF 60 171.45 -28.79 57.06
C ASN MF 60 171.02 -30.22 57.42
N ARG MF 61 171.18 -31.12 56.44
CA ARG MF 61 170.91 -32.56 56.51
C ARG MF 61 169.42 -32.89 56.55
N GLN MF 62 168.60 -31.93 56.94
CA GLN MF 62 167.19 -31.87 56.56
C GLN MF 62 166.70 -30.44 56.41
N ALA MF 63 167.30 -29.51 57.13
CA ALA MF 63 166.90 -28.11 57.15
C ALA MF 63 167.79 -27.31 56.21
N GLN MF 64 167.60 -26.00 56.18
CA GLN MF 64 168.34 -25.15 55.26
C GLN MF 64 168.51 -23.76 55.87
N ILE MF 65 169.51 -23.04 55.35
CA ILE MF 65 169.69 -21.63 55.66
C ILE MF 65 169.41 -20.87 54.37
N GLU MF 66 168.37 -20.03 54.39
CA GLU MF 66 167.78 -19.48 53.17
C GLU MF 66 168.40 -18.12 52.85
N VAL MF 67 169.72 -18.11 52.74
CA VAL MF 67 170.42 -16.87 52.46
C VAL MF 67 170.00 -16.35 51.09
N VAL MF 68 169.48 -15.13 51.07
CA VAL MF 68 169.01 -14.53 49.82
C VAL MF 68 170.18 -13.82 49.15
N PRO MF 69 170.63 -14.27 47.98
CA PRO MF 69 171.70 -13.54 47.27
C PRO MF 69 171.26 -12.14 46.90
N SER MF 70 171.92 -11.13 47.46
CA SER MF 70 171.42 -9.77 47.42
C SER MF 70 171.56 -9.14 46.04
N ALA MF 71 170.68 -9.50 45.11
CA ALA MF 71 170.61 -8.78 43.85
C ALA MF 71 170.07 -7.38 44.11
N SER MF 72 170.38 -6.47 43.18
CA SER MF 72 169.85 -5.11 43.27
C SER MF 72 168.32 -5.13 43.23
N ALA MF 73 167.74 -5.93 42.33
CA ALA MF 73 166.32 -5.80 42.03
C ALA MF 73 165.45 -6.29 43.19
N LEU MF 74 165.84 -7.39 43.84
CA LEU MF 74 164.93 -8.05 44.78
C LEU MF 74 164.63 -7.17 46.00
N ILE MF 75 165.59 -6.31 46.38
CA ILE MF 75 165.38 -5.50 47.58
C ILE MF 75 164.77 -4.15 47.22
N ILE MF 76 165.14 -3.58 46.07
CA ILE MF 76 164.67 -2.23 45.73
C ILE MF 76 163.17 -2.22 45.47
N LYS MF 77 162.65 -3.20 44.73
CA LYS MF 77 161.21 -3.30 44.55
C LYS MF 77 160.49 -3.57 45.86
N ALA MF 78 161.07 -4.43 46.71
CA ALA MF 78 160.47 -4.73 48.01
C ALA MF 78 160.46 -3.52 48.93
N LEU MF 79 161.56 -2.76 48.99
CA LEU MF 79 161.61 -1.60 49.86
C LEU MF 79 160.78 -0.44 49.34
N LYS MF 80 160.36 -0.48 48.07
CA LYS MF 80 159.51 0.57 47.52
C LYS MF 80 158.11 0.46 48.10
N GLU MF 81 157.59 1.59 48.58
CA GLU MF 81 156.22 1.64 49.11
C GLU MF 81 155.43 2.76 48.44
N ILE MF 82 159.73 8.56 45.66
CA ILE MF 82 160.07 8.40 47.07
C ILE MF 82 161.59 8.26 47.22
N THR MF 83 162.12 8.77 48.33
CA THR MF 83 163.56 8.96 48.48
C THR MF 83 164.38 7.68 48.46
N PHE MF 84 164.24 6.88 49.51
CA PHE MF 84 165.08 5.72 49.82
C PHE MF 84 166.54 5.94 49.40
N ASP MF 85 167.10 7.11 49.71
CA ASP MF 85 168.49 7.38 49.34
C ASP MF 85 169.46 6.66 50.28
N GLU MF 86 169.33 6.92 51.58
CA GLU MF 86 170.08 6.13 52.55
C GLU MF 86 169.62 4.68 52.56
N ILE MF 87 168.35 4.42 52.26
CA ILE MF 87 167.83 3.06 52.24
C ILE MF 87 168.52 2.24 51.15
N VAL MF 88 168.67 2.81 49.95
CA VAL MF 88 169.41 2.11 48.92
C VAL MF 88 170.89 2.06 49.26
N ASN MF 89 171.41 3.07 49.95
CA ASN MF 89 172.82 3.06 50.33
C ASN MF 89 173.10 1.96 51.34
N ILE MF 90 172.26 1.85 52.37
CA ILE MF 90 172.44 0.78 53.35
C ILE MF 90 172.15 -0.59 52.74
N ALA MF 91 171.20 -0.68 51.82
CA ALA MF 91 170.99 -1.91 51.08
C ALA MF 91 172.20 -2.24 50.22
N ARG MF 92 172.85 -1.21 49.69
CA ARG MF 92 174.08 -1.39 48.93
C ARG MF 92 175.22 -1.88 49.80
N GLN MF 93 175.32 -1.40 51.03
CA GLN MF 93 176.47 -1.74 51.87
C GLN MF 93 176.36 -3.16 52.43
N MET MF 94 175.14 -3.68 52.57
CA MET MF 94 174.92 -5.00 53.15
C MET MF 94 175.26 -6.12 52.18
N ARG MF 95 175.28 -5.85 50.87
CA ARG MF 95 175.47 -6.90 49.87
C ARG MF 95 176.90 -7.43 49.92
N HIS MF 96 177.21 -8.40 49.05
CA HIS MF 96 178.58 -8.90 48.95
C HIS MF 96 179.55 -7.81 48.53
N ARG MF 97 179.07 -6.79 47.81
CA ARG MF 97 179.85 -5.60 47.48
C ARG MF 97 181.10 -5.91 46.67
N SER MF 98 181.06 -6.96 45.85
CA SER MF 98 182.18 -7.20 44.94
C SER MF 98 182.03 -6.36 43.66
N LEU MF 99 181.02 -6.68 42.86
CA LEU MF 99 180.60 -5.89 41.69
C LEU MF 99 181.76 -5.54 40.75
N ALA MF 100 182.90 -6.20 40.91
CA ALA MF 100 184.13 -5.83 40.20
C ALA MF 100 184.45 -4.35 40.39
N ARG MF 101 184.10 -3.82 41.56
CA ARG MF 101 184.23 -2.40 41.83
C ARG MF 101 185.68 -2.01 42.03
N GLU MF 102 185.95 -0.72 41.87
CA GLU MF 102 187.25 -0.14 42.20
C GLU MF 102 187.16 0.83 43.37
N LEU MF 103 186.14 1.69 43.39
CA LEU MF 103 185.94 2.63 44.48
C LEU MF 103 184.47 2.64 44.88
N SER MF 104 184.10 3.52 45.82
CA SER MF 104 182.71 3.61 46.23
C SER MF 104 181.85 4.31 45.17
N GLY MF 105 182.40 5.33 44.50
CA GLY MF 105 181.67 5.98 43.44
C GLY MF 105 181.26 5.01 42.35
N THR MF 106 182.02 3.94 42.17
CA THR MF 106 181.64 2.88 41.25
C THR MF 106 180.36 2.19 41.70
N ILE MF 107 180.30 1.80 42.98
CA ILE MF 107 179.25 0.90 43.43
C ILE MF 107 177.94 1.63 43.68
N LYS MF 108 178.01 2.94 43.99
CA LYS MF 108 176.78 3.69 44.23
C LYS MF 108 175.95 3.81 42.96
N GLU MF 109 176.60 4.13 41.84
CA GLU MF 109 175.87 4.25 40.59
C GLU MF 109 175.47 2.89 40.02
N ILE MF 110 176.15 1.82 40.47
CA ILE MF 110 175.76 0.48 40.05
C ILE MF 110 174.37 0.14 40.59
N LEU MF 111 174.17 0.39 41.87
CA LEU MF 111 172.86 0.19 42.49
C LEU MF 111 171.90 1.34 42.19
N GLY MF 112 172.41 2.46 41.68
CA GLY MF 112 171.56 3.60 41.39
C GLY MF 112 170.68 3.40 40.18
N THR MF 113 171.29 3.24 39.01
CA THR MF 113 170.55 3.04 37.78
C THR MF 113 170.00 1.63 37.65
N ALA MF 114 170.31 0.74 38.59
CA ALA MF 114 169.76 -0.60 38.58
C ALA MF 114 168.24 -0.62 38.69
N GLN MF 115 167.63 0.47 39.16
CA GLN MF 115 166.19 0.60 39.28
C GLN MF 115 165.65 1.68 38.34
N SER MF 116 166.11 1.67 37.09
CA SER MF 116 165.50 2.54 36.09
C SER MF 116 164.01 2.26 35.95
N VAL MF 117 163.58 1.03 36.28
CA VAL MF 117 162.16 0.72 36.39
C VAL MF 117 161.64 0.92 37.81
N GLY MF 118 162.50 1.31 38.75
CA GLY MF 118 162.08 1.48 40.13
C GLY MF 118 162.30 2.87 40.70
N CYS MF 119 162.47 3.86 39.82
CA CYS MF 119 162.58 5.27 40.19
C CYS MF 119 163.69 5.52 41.21
N ASN MF 120 163.69 6.73 41.79
CA ASN MF 120 164.73 7.12 42.75
C ASN MF 120 164.13 8.20 43.65
N VAL MF 121 165.01 8.95 44.32
CA VAL MF 121 164.56 10.01 45.23
C VAL MF 121 163.52 10.90 44.58
N ASP MF 122 162.55 11.34 45.39
CA ASP MF 122 161.46 12.25 45.03
C ASP MF 122 161.11 12.25 43.54
N GLY MF 123 161.11 13.42 42.91
CA GLY MF 123 160.70 13.55 41.53
C GLY MF 123 161.82 13.48 40.52
N ARG MF 124 162.58 12.37 40.50
CA ARG MF 124 163.62 12.19 39.51
C ARG MF 124 163.91 10.70 39.36
N HIS MF 125 164.46 10.32 38.17
CA HIS MF 125 164.74 8.97 37.74
C HIS MF 125 166.20 8.68 37.88
N PRO MF 126 166.50 7.40 38.45
CA PRO MF 126 167.92 7.08 38.59
C PRO MF 126 169.06 7.21 37.51
N HIS MF 127 169.09 8.32 36.75
CA HIS MF 127 170.16 8.49 35.76
C HIS MF 127 170.78 9.88 35.84
N ASP MF 128 169.95 10.91 36.04
CA ASP MF 128 170.49 12.27 36.12
C ASP MF 128 171.33 12.46 37.38
N ILE MF 129 171.03 11.72 38.45
CA ILE MF 129 171.90 11.72 39.62
C ILE MF 129 173.23 11.04 39.29
N ILE MF 130 173.20 10.05 38.40
CA ILE MF 130 174.41 9.31 38.07
C ILE MF 130 175.44 10.21 37.40
N ASP MF 131 174.97 11.19 36.61
CA ASP MF 131 175.89 12.11 35.95
C ASP MF 131 176.76 12.83 36.96
N ASP MF 132 176.13 13.63 37.82
CA ASP MF 132 176.84 14.43 38.81
C ASP MF 132 176.81 13.75 40.19
N ILE MF 133 177.46 12.59 40.27
CA ILE MF 133 177.57 11.86 41.52
C ILE MF 133 178.59 12.61 42.38
N ASN MF 134 178.09 13.43 43.29
CA ASN MF 134 178.93 14.19 44.21
C ASN MF 134 178.50 14.01 45.66
N SER MF 135 177.21 13.84 45.90
CA SER MF 135 176.70 13.65 47.26
C SER MF 135 177.07 12.25 47.75
N GLY MF 136 177.92 12.20 48.78
CA GLY MF 136 178.34 10.92 49.32
C GLY MF 136 179.33 10.17 48.45
N ALA MF 137 180.13 10.87 47.65
CA ALA MF 137 181.11 10.21 46.80
C ALA MF 137 182.15 9.43 47.59
N VAL MF 138 182.38 9.79 48.85
CA VAL MF 138 183.28 9.07 49.73
C VAL MF 138 182.63 8.73 51.07
N GLU MF 139 181.30 8.62 51.12
CA GLU MF 139 180.61 8.60 52.41
C GLU MF 139 180.75 7.26 53.13
N CYS MF 140 180.80 6.15 52.39
CA CYS MF 140 180.85 4.86 53.07
C CYS MF 140 182.24 4.51 53.60
N PRO MF 141 183.35 4.85 52.90
CA PRO MF 141 184.60 4.48 53.56
C PRO MF 141 184.96 5.41 54.72
N MET NF 1 34.01 37.03 -22.78
CA MET NF 1 33.04 36.66 -23.81
C MET NF 1 32.84 37.84 -24.77
N SER NF 2 31.60 38.28 -24.97
CA SER NF 2 31.28 39.31 -25.94
C SER NF 2 29.91 39.88 -25.59
N SER NF 3 29.35 40.67 -26.50
CA SER NF 3 28.05 41.29 -26.28
C SER NF 3 26.94 40.24 -26.31
N LYS NF 4 25.71 40.71 -26.08
CA LYS NF 4 24.56 39.81 -26.11
C LYS NF 4 24.11 39.50 -27.54
N VAL NF 5 24.50 40.30 -28.53
CA VAL NF 5 24.12 40.03 -29.91
C VAL NF 5 25.31 39.47 -30.67
N SER NF 6 26.50 40.06 -30.48
CA SER NF 6 27.75 39.56 -31.07
C SER NF 6 27.62 39.30 -32.57
N ARG NF 7 27.10 40.29 -33.30
CA ARG NF 7 26.86 40.15 -34.73
C ARG NF 7 27.38 41.37 -35.47
N ASP NF 8 28.10 41.12 -36.56
CA ASP NF 8 28.57 42.18 -37.44
C ASP NF 8 28.74 41.61 -38.85
N THR NF 9 28.41 42.43 -39.84
CA THR NF 9 28.60 42.08 -41.24
C THR NF 9 29.39 43.11 -42.03
N LEU NF 10 29.64 44.29 -41.48
CA LEU NF 10 30.39 45.35 -42.15
C LEU NF 10 31.88 45.15 -41.95
N TYR NF 11 32.66 46.11 -42.45
CA TYR NF 11 34.11 46.04 -42.38
C TYR NF 11 34.73 47.16 -41.55
N GLU NF 12 34.40 48.41 -41.86
CA GLU NF 12 35.00 49.59 -41.21
C GLU NF 12 36.53 49.55 -41.32
N ALA NF 13 37.00 49.65 -42.55
CA ALA NF 13 38.43 49.63 -42.84
C ALA NF 13 39.04 51.00 -42.56
N VAL NF 14 40.27 51.21 -43.05
CA VAL NF 14 40.97 52.47 -42.77
C VAL NF 14 40.23 53.65 -43.37
N ARG NF 15 39.51 53.44 -44.49
CA ARG NF 15 38.74 54.51 -45.09
C ARG NF 15 37.29 54.51 -44.62
N GLU NF 16 37.09 54.41 -43.30
CA GLU NF 16 35.75 54.40 -42.72
C GLU NF 16 35.79 54.56 -41.21
N VAL NF 17 35.07 55.56 -40.68
CA VAL NF 17 34.79 55.52 -39.24
C VAL NF 17 33.29 55.57 -39.00
N LEU NF 18 32.69 56.75 -39.19
CA LEU NF 18 31.25 56.95 -39.38
C LEU NF 18 30.34 56.01 -38.59
N HIS NF 19 30.66 55.73 -37.33
CA HIS NF 19 29.91 54.70 -36.62
C HIS NF 19 29.80 55.03 -35.14
N GLY NF 20 28.76 54.49 -34.53
CA GLY NF 20 28.50 54.61 -33.11
C GLY NF 20 27.43 55.64 -32.80
N ASN NF 21 26.20 55.18 -32.66
CA ASN NF 21 25.08 56.04 -32.26
C ASN NF 21 24.16 55.42 -31.22
N GLN NF 22 24.08 54.10 -31.13
CA GLN NF 22 23.20 53.41 -30.19
C GLN NF 22 23.98 52.87 -28.99
N ARG NF 23 25.07 53.54 -28.64
CA ARG NF 23 25.94 53.12 -27.53
C ARG NF 23 25.44 53.63 -26.19
N LYS NF 24 24.14 53.91 -26.07
CA LYS NF 24 23.58 54.52 -24.86
C LYS NF 24 22.49 53.61 -24.32
N ARG NF 25 22.82 52.80 -23.30
CA ARG NF 25 21.85 51.87 -22.73
C ARG NF 25 21.82 51.86 -21.20
N ARG NF 26 22.86 52.28 -20.51
CA ARG NF 26 22.94 52.12 -19.06
C ARG NF 26 23.21 53.43 -18.33
N LYS NF 27 23.56 53.33 -17.05
CA LYS NF 27 23.74 54.47 -16.17
C LYS NF 27 25.20 54.90 -16.06
N PHE NF 28 26.08 54.37 -16.90
CA PHE NF 28 27.51 54.67 -16.88
C PHE NF 28 27.89 55.43 -18.14
N LEU NF 29 29.19 55.69 -18.30
CA LEU NF 29 29.74 56.32 -19.49
C LEU NF 29 30.76 55.40 -20.15
N GLU NF 30 30.65 55.25 -21.48
CA GLU NF 30 31.58 54.44 -22.24
C GLU NF 30 32.96 55.07 -22.26
N THR NF 31 33.97 54.23 -22.45
CA THR NF 31 35.32 54.70 -22.74
C THR NF 31 35.61 54.53 -24.23
N VAL NF 32 36.17 55.55 -24.84
CA VAL NF 32 36.61 55.50 -26.22
C VAL NF 32 38.13 55.51 -26.22
N GLU NF 33 38.73 54.36 -26.51
CA GLU NF 33 40.17 54.15 -26.41
C GLU NF 33 40.75 53.88 -27.79
N LEU NF 34 42.04 53.56 -27.82
CA LEU NF 34 42.69 53.10 -29.03
C LEU NF 34 43.79 52.13 -28.62
N GLN NF 35 44.01 51.09 -29.42
CA GLN NF 35 44.95 50.04 -29.07
C GLN NF 35 45.70 49.59 -30.32
N ILE NF 36 46.59 48.62 -30.14
CA ILE NF 36 47.41 48.09 -31.21
C ILE NF 36 47.19 46.59 -31.29
N SER NF 37 47.50 46.02 -32.46
CA SER NF 37 47.20 44.62 -32.75
C SER NF 37 48.45 43.90 -33.23
N LEU NF 38 49.55 44.06 -32.49
CA LEU NF 38 50.77 43.37 -32.85
C LEU NF 38 50.73 41.91 -32.43
N LYS NF 39 51.00 41.03 -33.38
CA LYS NF 39 51.12 39.60 -33.16
C LYS NF 39 52.46 39.15 -33.69
N ASN NF 40 52.64 37.83 -33.80
CA ASN NF 40 53.88 37.25 -34.33
C ASN NF 40 55.06 37.89 -33.59
N TYR NF 41 55.09 37.69 -32.28
CA TYR NF 41 56.15 38.22 -31.44
C TYR NF 41 56.62 37.13 -30.49
N ASP NF 42 57.92 37.01 -30.32
CA ASP NF 42 58.47 36.00 -29.42
C ASP NF 42 58.36 36.49 -27.99
N PRO NF 43 57.60 35.81 -27.12
CA PRO NF 43 57.40 36.32 -25.75
C PRO NF 43 58.68 36.44 -24.94
N GLN NF 44 59.66 35.57 -25.19
CA GLN NF 44 60.91 35.62 -24.43
C GLN NF 44 61.94 36.51 -25.13
N LYS NF 45 61.52 37.73 -25.45
CA LYS NF 45 62.37 38.74 -26.04
C LYS NF 45 62.11 40.06 -25.31
N ASP NF 46 62.70 41.14 -25.81
CA ASP NF 46 62.53 42.47 -25.23
C ASP NF 46 62.12 43.44 -26.32
N LYS NF 47 61.02 44.16 -26.10
CA LYS NF 47 60.53 45.16 -27.03
C LYS NF 47 60.68 46.53 -26.39
N ARG NF 48 61.20 47.48 -27.16
CA ARG NF 48 61.56 48.79 -26.65
C ARG NF 48 61.10 49.89 -27.58
N PHE NF 49 61.61 51.10 -27.38
CA PHE NF 49 61.26 52.27 -28.19
C PHE NF 49 59.77 52.60 -28.05
N SER NF 50 59.37 52.81 -26.80
CA SER NF 50 57.97 53.08 -26.49
C SER NF 50 57.54 54.41 -27.10
N GLY NF 51 56.35 54.43 -27.71
CA GLY NF 51 55.82 55.64 -28.30
C GLY NF 51 54.78 56.31 -27.43
N THR NF 52 54.50 57.58 -27.76
CA THR NF 52 53.53 58.37 -27.02
C THR NF 52 52.88 59.36 -27.98
N VAL NF 53 51.55 59.45 -27.93
CA VAL NF 53 50.80 60.27 -28.87
C VAL NF 53 49.88 61.21 -28.09
N ARG NF 54 49.31 62.21 -28.77
CA ARG NF 54 48.43 63.21 -28.17
C ARG NF 54 47.07 63.14 -28.84
N LEU NF 55 46.18 62.28 -28.33
CA LEU NF 55 44.85 62.14 -28.91
C LEU NF 55 43.93 63.21 -28.35
N LYS NF 56 43.16 63.85 -29.23
CA LYS NF 56 42.35 65.01 -28.89
C LYS NF 56 40.87 64.63 -29.06
N SER NF 57 40.29 64.08 -27.99
CA SER NF 57 38.89 63.68 -28.00
C SER NF 57 38.13 64.24 -26.82
N THR NF 58 38.65 65.32 -26.22
CA THR NF 58 38.10 65.94 -25.01
C THR NF 58 37.94 64.89 -23.90
N PRO NF 59 39.03 64.32 -23.40
CA PRO NF 59 38.94 63.21 -22.44
C PRO NF 59 38.77 63.72 -21.02
N ARG NF 60 37.67 63.32 -20.38
CA ARG NF 60 37.52 63.60 -18.95
C ARG NF 60 38.62 63.00 -18.10
N PRO NF 61 39.07 61.73 -18.31
CA PRO NF 61 40.18 61.23 -17.50
C PRO NF 61 41.44 62.06 -17.67
N LYS NF 62 41.83 62.76 -16.60
CA LYS NF 62 42.88 63.78 -16.67
C LYS NF 62 43.77 63.64 -15.43
N PHE NF 63 44.85 62.87 -15.56
CA PHE NF 63 45.97 62.97 -14.64
C PHE NF 63 47.02 63.86 -15.31
N SER NF 64 47.40 64.94 -14.61
CA SER NF 64 48.18 65.98 -15.25
C SER NF 64 49.67 65.72 -15.07
N VAL NF 65 50.48 66.67 -15.57
CA VAL NF 65 51.92 66.66 -15.39
C VAL NF 65 52.28 68.04 -14.85
N CYS NF 66 52.33 68.16 -13.52
CA CYS NF 66 52.63 69.43 -12.86
C CYS NF 66 53.66 69.32 -11.75
N VAL NF 67 54.07 68.11 -11.36
CA VAL NF 67 55.03 67.91 -10.28
C VAL NF 67 56.39 67.61 -10.91
N LEU NF 68 57.40 68.42 -10.55
CA LEU NF 68 57.30 69.51 -9.59
C LEU NF 68 57.59 70.88 -10.20
N GLY NF 69 58.74 70.99 -10.89
CA GLY NF 69 59.13 72.25 -11.49
C GLY NF 69 59.57 73.30 -10.49
N ASP NF 70 60.72 73.08 -9.86
CA ASP NF 70 61.21 74.00 -8.85
C ASP NF 70 61.77 75.29 -9.46
N GLN NF 71 60.90 76.27 -9.68
CA GLN NF 71 61.32 77.60 -10.13
C GLN NF 71 62.00 77.56 -11.50
N GLN NF 72 61.58 76.63 -12.36
CA GLN NF 72 62.12 76.62 -13.72
C GLN NF 72 61.16 77.27 -14.71
N HIS NF 73 59.95 76.73 -14.83
CA HIS NF 73 58.94 77.23 -15.78
C HIS NF 73 57.77 77.76 -14.95
N CYS NF 74 57.87 79.03 -14.56
CA CYS NF 74 56.84 79.63 -13.71
C CYS NF 74 55.53 79.83 -14.45
N ASP NF 75 55.58 80.25 -15.72
CA ASP NF 75 54.36 80.58 -16.45
C ASP NF 75 53.49 79.34 -16.63
N GLU NF 76 54.09 78.21 -16.99
CA GLU NF 76 53.32 76.98 -17.19
C GLU NF 76 52.68 76.53 -15.88
N ALA NF 77 53.43 76.60 -14.78
CA ALA NF 77 52.89 76.16 -13.49
C ALA NF 77 51.74 77.04 -13.03
N LYS NF 78 51.86 78.35 -13.19
CA LYS NF 78 50.82 79.26 -12.69
C LYS NF 78 49.58 79.26 -13.58
N ALA NF 79 49.75 79.07 -14.88
CA ALA NF 79 48.62 79.05 -15.81
C ALA NF 79 47.81 77.76 -15.73
N VAL NF 80 48.34 76.71 -15.10
CA VAL NF 80 47.65 75.44 -14.97
C VAL NF 80 47.08 75.24 -13.57
N ASP NF 81 47.26 76.20 -12.67
CA ASP NF 81 46.68 76.18 -11.32
C ASP NF 81 47.17 74.97 -10.52
N ILE NF 82 48.47 74.95 -10.26
CA ILE NF 82 49.07 73.96 -9.37
C ILE NF 82 49.87 74.68 -8.30
N PRO NF 83 49.75 74.31 -7.03
CA PRO NF 83 50.57 74.96 -5.99
C PRO NF 83 52.06 74.73 -6.24
N HIS NF 84 52.84 75.75 -5.96
CA HIS NF 84 54.25 75.77 -6.33
C HIS NF 84 55.07 75.23 -5.16
N MET NF 85 55.51 73.97 -5.25
CA MET NF 85 56.04 73.26 -4.10
C MET NF 85 57.53 72.97 -4.28
N ASP NF 86 58.20 72.71 -3.16
CA ASP NF 86 59.62 72.42 -3.10
C ASP NF 86 59.87 70.92 -2.99
N ILE NF 87 61.14 70.54 -2.83
CA ILE NF 87 61.53 69.13 -2.78
C ILE NF 87 61.05 68.48 -1.48
N GLU NF 88 61.15 69.21 -0.36
CA GLU NF 88 60.68 68.66 0.90
C GLU NF 88 59.18 68.38 0.86
N ALA NF 89 58.40 69.31 0.31
CA ALA NF 89 56.99 69.04 0.08
C ALA NF 89 56.79 67.93 -0.95
N LEU NF 90 57.68 67.86 -1.95
CA LEU NF 90 57.65 66.74 -2.88
C LEU NF 90 57.91 65.43 -2.16
N LYS NF 91 58.83 65.43 -1.19
CA LYS NF 91 59.04 64.25 -0.35
C LYS NF 91 57.78 63.90 0.43
N LYS NF 92 56.98 64.92 0.78
CA LYS NF 92 55.77 64.68 1.56
C LYS NF 92 54.71 63.93 0.75
N LEU NF 93 54.53 64.29 -0.52
CA LEU NF 93 53.44 63.71 -1.30
C LEU NF 93 53.69 62.25 -1.63
N ASN NF 94 54.96 61.86 -1.76
CA ASN NF 94 55.29 60.51 -2.18
C ASN NF 94 55.10 59.53 -1.03
N LYS NF 95 55.41 58.25 -1.29
CA LYS NF 95 55.06 57.17 -0.38
C LYS NF 95 56.09 56.93 0.72
N ASN NF 96 57.09 57.78 0.85
CA ASN NF 96 58.04 57.63 1.95
C ASN NF 96 57.35 57.80 3.30
N LYS NF 97 56.47 58.79 3.40
CA LYS NF 97 55.80 59.14 4.65
C LYS NF 97 54.29 58.90 4.55
N LYS NF 98 53.63 58.89 5.70
CA LYS NF 98 52.23 58.51 5.82
C LYS NF 98 51.41 59.60 6.50
N LEU NF 99 51.60 60.84 6.05
CA LEU NF 99 50.88 61.95 6.66
C LEU NF 99 49.39 61.90 6.36
N VAL NF 100 49.03 61.93 5.07
CA VAL NF 100 47.65 62.00 4.64
C VAL NF 100 47.42 60.94 3.57
N LYS NF 101 46.15 60.64 3.31
CA LYS NF 101 45.76 59.64 2.33
C LYS NF 101 45.99 60.14 0.91
N LYS NF 102 47.20 59.99 0.41
CA LYS NF 102 47.57 60.46 -0.93
C LYS NF 102 48.34 59.36 -1.65
N LEU NF 103 48.02 59.15 -2.91
CA LEU NF 103 48.66 58.12 -3.71
C LEU NF 103 49.92 58.64 -4.37
N ALA NF 104 50.94 57.78 -4.47
CA ALA NF 104 52.20 58.21 -5.05
C ALA NF 104 52.18 58.17 -6.57
N LYS NF 105 51.19 57.49 -7.17
CA LYS NF 105 51.12 57.33 -8.61
C LYS NF 105 50.06 58.21 -9.26
N LYS NF 106 49.67 59.32 -8.61
CA LYS NF 106 48.72 60.23 -9.23
C LYS NF 106 49.26 60.81 -10.53
N TYR NF 107 50.49 61.27 -10.50
CA TYR NF 107 51.17 61.77 -11.70
C TYR NF 107 52.01 60.62 -12.24
N ASP NF 108 51.42 59.81 -13.11
CA ASP NF 108 52.13 58.66 -13.68
C ASP NF 108 53.37 59.12 -14.45
N ALA NF 109 53.41 60.37 -14.87
CA ALA NF 109 54.61 60.96 -15.45
C ALA NF 109 54.82 62.32 -14.82
N PHE NF 110 55.96 62.50 -14.14
CA PHE NF 110 56.25 63.76 -13.48
C PHE NF 110 56.70 64.80 -14.50
N LEU NF 111 56.84 66.04 -14.03
CA LEU NF 111 57.23 67.14 -14.91
C LEU NF 111 58.64 66.92 -15.46
N ALA NF 112 58.77 67.11 -16.77
CA ALA NF 112 60.06 66.91 -17.44
C ALA NF 112 60.97 68.09 -17.10
N SER NF 113 61.50 68.06 -15.88
CA SER NF 113 62.40 69.09 -15.40
C SER NF 113 63.85 68.67 -15.69
N GLU NF 114 64.80 69.44 -15.17
CA GLU NF 114 66.21 69.10 -15.34
C GLU NF 114 67.02 69.36 -14.07
N SER NF 115 66.38 69.63 -12.94
CA SER NF 115 67.06 69.84 -11.67
C SER NF 115 66.78 68.73 -10.68
N LEU NF 116 65.57 68.17 -10.70
CA LEU NF 116 65.16 67.09 -9.82
C LEU NF 116 65.38 65.70 -10.43
N ILE NF 117 65.95 65.63 -11.62
CA ILE NF 117 66.08 64.34 -12.30
C ILE NF 117 67.09 63.45 -11.58
N LYS NF 118 68.26 63.99 -11.23
CA LYS NF 118 69.33 63.20 -10.65
C LYS NF 118 69.32 63.18 -9.12
N GLN NF 119 68.39 63.90 -8.48
CA GLN NF 119 68.36 63.97 -7.03
C GLN NF 119 67.16 63.26 -6.41
N ILE NF 120 66.18 62.87 -7.22
CA ILE NF 120 65.03 62.13 -6.68
C ILE NF 120 65.37 60.70 -6.34
N PRO NF 121 65.93 59.85 -7.26
CA PRO NF 121 66.19 58.44 -6.92
C PRO NF 121 67.43 58.26 -6.05
N ARG NF 122 67.56 59.08 -5.02
CA ARG NF 122 68.71 59.03 -4.12
C ARG NF 122 68.31 58.93 -2.65
N ILE NF 123 67.25 59.59 -2.23
CA ILE NF 123 66.94 59.77 -0.82
C ILE NF 123 65.60 59.17 -0.43
N LEU NF 124 64.54 59.52 -1.16
CA LEU NF 124 63.20 59.09 -0.77
C LEU NF 124 62.98 57.62 -1.10
N GLY NF 125 61.74 57.17 -0.93
CA GLY NF 125 61.39 55.78 -1.10
C GLY NF 125 61.53 55.29 -2.53
N PRO NF 126 61.75 53.99 -2.70
CA PRO NF 126 61.92 53.43 -4.04
C PRO NF 126 60.61 53.02 -4.70
N GLY NF 127 59.49 53.51 -4.16
CA GLY NF 127 58.19 53.12 -4.68
C GLY NF 127 57.86 53.70 -6.03
N LEU NF 128 58.48 54.81 -6.41
CA LEU NF 128 58.21 55.41 -7.71
C LEU NF 128 58.75 54.55 -8.84
N ASN NF 129 60.00 54.09 -8.73
CA ASN NF 129 60.60 53.26 -9.76
C ASN NF 129 59.89 51.91 -9.88
N LYS NF 130 59.43 51.35 -8.76
CA LYS NF 130 58.66 50.11 -8.81
C LYS NF 130 57.38 50.30 -9.61
N ALA NF 131 56.70 51.44 -9.41
CA ALA NF 131 55.45 51.69 -10.11
C ALA NF 131 55.65 52.01 -11.58
N GLY NF 132 56.88 52.32 -11.99
CA GLY NF 132 57.15 52.63 -13.38
C GLY NF 132 56.81 54.06 -13.76
N LYS NF 133 57.32 55.01 -12.99
CA LYS NF 133 57.09 56.43 -13.25
C LYS NF 133 58.37 57.21 -13.03
N PHE NF 134 58.66 58.13 -13.94
CA PHE NF 134 59.81 59.00 -13.85
C PHE NF 134 59.48 60.32 -14.53
N PRO NF 135 60.18 61.41 -14.16
CA PRO NF 135 60.04 62.70 -14.86
C PRO NF 135 60.83 62.76 -16.17
N SER NF 136 60.72 61.70 -16.98
CA SER NF 136 61.51 61.55 -18.18
C SER NF 136 60.90 62.36 -19.33
N LEU NF 137 61.46 62.18 -20.52
CA LEU NF 137 60.94 62.84 -21.72
C LEU NF 137 59.69 62.16 -22.26
N LEU NF 138 59.38 60.94 -21.80
CA LEU NF 138 58.22 60.21 -22.28
C LEU NF 138 56.91 60.93 -22.00
N THR NF 139 56.88 61.88 -21.06
CA THR NF 139 55.68 62.65 -20.80
C THR NF 139 55.39 63.67 -21.91
N HIS NF 140 56.42 64.14 -22.61
CA HIS NF 140 56.28 65.21 -23.59
C HIS NF 140 55.61 66.44 -22.98
N ASN NF 141 56.06 66.79 -21.77
CA ASN NF 141 55.58 67.95 -21.04
C ASN NF 141 56.76 68.79 -20.57
N GLU NF 142 57.72 69.03 -21.47
CA GLU NF 142 58.87 69.87 -21.14
C GLU NF 142 58.43 71.28 -20.77
N ASN NF 143 57.52 71.85 -21.57
CA ASN NF 143 56.94 73.17 -21.32
C ASN NF 143 58.01 74.25 -21.17
N MET NF 144 59.09 74.15 -21.95
CA MET NF 144 60.21 75.07 -21.79
C MET NF 144 59.89 76.42 -22.44
N VAL NF 145 59.64 76.44 -23.74
CA VAL NF 145 59.53 77.71 -24.45
C VAL NF 145 58.17 78.36 -24.19
N ALA NF 146 57.09 77.75 -24.68
CA ALA NF 146 55.75 78.24 -24.37
C ALA NF 146 54.87 77.20 -23.71
N LYS NF 147 54.65 76.05 -24.36
CA LYS NF 147 53.70 75.05 -23.93
C LYS NF 147 53.80 73.85 -24.87
N VAL NF 148 53.67 72.63 -24.32
CA VAL NF 148 53.67 71.46 -25.17
C VAL NF 148 52.36 70.68 -24.97
N ASP NF 149 52.15 70.13 -23.77
CA ASP NF 149 50.92 69.41 -23.48
C ASP NF 149 50.46 69.63 -22.04
N GLU NF 150 50.72 70.81 -21.49
CA GLU NF 150 50.44 71.05 -20.07
C GLU NF 150 48.95 70.94 -19.77
N VAL NF 151 48.11 71.60 -20.57
CA VAL NF 151 46.67 71.63 -20.29
C VAL NF 151 45.95 70.38 -20.76
N LYS NF 152 46.55 69.59 -21.65
CA LYS NF 152 45.91 68.38 -22.15
C LYS NF 152 46.35 67.15 -21.36
N SER NF 153 47.65 66.87 -21.36
CA SER NF 153 48.24 65.74 -20.64
C SER NF 153 47.55 64.43 -21.02
N THR NF 154 47.61 64.11 -22.30
CA THR NF 154 47.13 62.82 -22.79
C THR NF 154 47.89 61.70 -22.09
N ILE NF 155 47.16 60.70 -21.61
CA ILE NF 155 47.76 59.60 -20.87
C ILE NF 155 48.80 58.92 -21.76
N LYS NF 156 50.05 58.94 -21.32
CA LYS NF 156 51.12 58.35 -22.10
C LYS NF 156 50.98 56.84 -22.10
N PHE NF 157 51.04 56.24 -23.30
CA PHE NF 157 50.89 54.81 -23.46
C PHE NF 157 52.24 54.18 -23.77
N GLN NF 158 52.33 52.88 -23.57
CA GLN NF 158 53.57 52.14 -23.81
C GLN NF 158 53.23 50.69 -24.05
N MET NF 159 54.08 50.02 -24.82
CA MET NF 159 53.95 48.58 -25.08
C MET NF 159 55.29 47.91 -24.78
N LYS NF 160 55.24 46.91 -23.91
CA LYS NF 160 56.43 46.32 -23.31
C LYS NF 160 56.79 44.99 -23.97
N LYS NF 161 57.80 44.32 -23.42
CA LYS NF 161 58.27 43.04 -23.93
C LYS NF 161 57.22 41.95 -23.86
N VAL NF 162 56.19 42.13 -23.04
CA VAL NF 162 55.12 41.15 -22.96
C VAL NF 162 54.05 41.47 -24.00
N LEU NF 163 53.33 40.43 -24.43
CA LEU NF 163 52.23 40.58 -25.39
C LEU NF 163 51.05 41.37 -24.82
N CYS NF 164 51.03 41.61 -23.50
CA CYS NF 164 49.83 42.11 -22.85
C CYS NF 164 50.23 43.12 -21.78
N LEU NF 165 49.77 44.37 -21.93
CA LEU NF 165 50.03 45.42 -20.97
C LEU NF 165 49.02 46.53 -21.17
N ALA NF 166 48.54 47.11 -20.06
CA ALA NF 166 47.42 48.03 -20.09
C ALA NF 166 47.86 49.47 -19.90
N VAL NF 167 47.12 50.39 -20.54
CA VAL NF 167 47.31 51.83 -20.39
C VAL NF 167 45.96 52.50 -20.28
N ALA NF 168 45.93 53.84 -20.23
CA ALA NF 168 44.68 54.59 -20.18
C ALA NF 168 44.62 55.54 -21.38
N VAL NF 169 43.40 55.89 -21.78
CA VAL NF 169 43.21 56.71 -22.97
C VAL NF 169 42.41 57.98 -22.67
N GLY NF 170 41.16 57.83 -22.26
CA GLY NF 170 40.32 58.99 -22.00
C GLY NF 170 38.90 58.77 -22.52
N HIS NF 171 38.16 59.86 -22.64
CA HIS NF 171 36.75 59.83 -22.98
C HIS NF 171 36.45 60.59 -24.27
N VAL NF 172 35.27 60.29 -24.82
CA VAL NF 172 34.64 61.13 -25.84
C VAL NF 172 33.29 61.64 -25.38
N LYS NF 173 32.48 60.76 -24.76
CA LYS NF 173 31.24 61.08 -24.05
C LYS NF 173 30.16 61.68 -24.93
N MET NF 174 30.42 61.82 -26.23
CA MET NF 174 29.42 62.30 -27.18
C MET NF 174 29.61 61.46 -28.44
N THR NF 175 28.74 61.65 -29.45
CA THR NF 175 28.75 60.78 -30.62
C THR NF 175 30.13 60.79 -31.30
N ASP NF 176 30.47 59.67 -31.93
CA ASP NF 176 31.82 59.44 -32.43
C ASP NF 176 32.06 60.10 -33.79
N ASP NF 177 31.29 61.12 -34.14
CA ASP NF 177 31.52 61.86 -35.38
C ASP NF 177 32.89 62.51 -35.41
N GLU NF 178 33.44 62.89 -34.26
CA GLU NF 178 34.74 63.54 -34.22
C GLU NF 178 35.90 62.56 -34.33
N LEU NF 179 35.65 61.26 -34.13
CA LEU NF 179 36.71 60.26 -34.29
C LEU NF 179 37.18 60.13 -35.73
N VAL NF 180 36.38 60.58 -36.70
CA VAL NF 180 36.77 60.47 -38.10
C VAL NF 180 38.02 61.30 -38.39
N TYR NF 181 38.18 62.45 -37.74
CA TYR NF 181 39.37 63.27 -37.90
C TYR NF 181 40.29 63.24 -36.70
N ASN NF 182 39.78 62.93 -35.51
CA ASN NF 182 40.64 62.89 -34.32
C ASN NF 182 41.57 61.69 -34.36
N ILE NF 183 41.07 60.52 -34.77
CA ILE NF 183 41.85 59.29 -34.70
C ILE NF 183 42.13 58.74 -36.09
N HIS NF 184 43.27 59.15 -36.67
CA HIS NF 184 43.95 58.40 -37.72
C HIS NF 184 45.42 58.33 -37.29
N LEU NF 185 45.70 57.42 -36.35
CA LEU NF 185 47.07 57.21 -35.87
C LEU NF 185 47.46 55.76 -35.63
N ALA NF 186 46.50 54.85 -35.41
CA ALA NF 186 46.84 53.51 -34.95
C ALA NF 186 47.63 52.75 -36.02
N VAL NF 187 47.26 52.90 -37.28
CA VAL NF 187 47.90 52.15 -38.35
C VAL NF 187 49.29 52.71 -38.64
N ASN NF 188 49.39 54.02 -38.83
CA ASN NF 188 50.64 54.61 -39.31
C ASN NF 188 51.78 54.46 -38.31
N PHE NF 189 51.50 54.66 -37.03
CA PHE NF 189 52.54 54.55 -36.02
C PHE NF 189 52.94 53.10 -35.77
N LEU NF 190 51.99 52.17 -35.89
CA LEU NF 190 52.34 50.76 -35.79
C LEU NF 190 53.23 50.32 -36.94
N VAL NF 191 52.95 50.81 -38.15
CA VAL NF 191 53.74 50.44 -39.32
C VAL NF 191 54.96 51.32 -39.52
N SER NF 192 55.09 52.41 -38.76
CA SER NF 192 56.26 53.27 -38.87
C SER NF 192 57.54 52.55 -38.44
N LEU NF 193 57.42 51.47 -37.67
CA LEU NF 193 58.58 50.70 -37.22
C LEU NF 193 58.08 49.34 -36.74
N LEU NF 194 58.98 48.55 -36.16
CA LEU NF 194 58.74 47.15 -35.80
C LEU NF 194 58.28 46.35 -37.03
N LYS NF 195 59.18 46.27 -38.02
CA LYS NF 195 58.85 45.57 -39.25
C LYS NF 195 58.87 44.05 -39.05
N LYS NF 196 59.85 43.56 -38.30
CA LYS NF 196 60.03 42.11 -38.12
C LYS NF 196 59.00 41.57 -37.13
N ASN NF 197 57.74 41.78 -37.48
CA ASN NF 197 56.61 41.34 -36.66
C ASN NF 197 55.43 41.07 -37.59
N TRP NF 198 54.23 41.01 -37.02
CA TRP NF 198 53.02 40.68 -37.75
C TRP NF 198 52.66 41.80 -38.73
N GLN NF 199 51.60 41.57 -39.49
CA GLN NF 199 51.22 42.47 -40.58
C GLN NF 199 50.58 43.75 -39.99
N ASN NF 200 50.00 44.58 -40.86
CA ASN NF 200 49.70 45.95 -40.45
C ASN NF 200 48.31 46.10 -39.84
N VAL NF 201 47.25 45.77 -40.58
CA VAL NF 201 45.90 46.14 -40.18
C VAL NF 201 45.03 44.90 -40.05
N ARG NF 202 44.23 44.87 -38.99
CA ARG NF 202 43.27 43.80 -38.73
C ARG NF 202 42.08 44.40 -37.99
N ALA NF 203 41.27 43.54 -37.38
CA ALA NF 203 40.15 43.98 -36.57
C ALA NF 203 40.66 44.46 -35.21
N LEU NF 204 40.45 45.74 -34.91
CA LEU NF 204 40.75 46.31 -33.61
C LEU NF 204 39.48 46.89 -33.01
N TYR NF 205 39.43 46.99 -31.68
CA TYR NF 205 38.33 47.66 -31.02
C TYR NF 205 38.68 47.89 -29.55
N ILE NF 206 37.70 48.31 -28.77
CA ILE NF 206 37.88 48.71 -27.37
C ILE NF 206 36.72 48.12 -26.57
N LYS NF 207 37.03 47.32 -25.56
CA LYS NF 207 36.04 46.40 -24.99
C LYS NF 207 36.07 46.45 -23.46
N SER NF 208 34.96 46.07 -22.83
CA SER NF 208 34.89 45.85 -21.37
C SER NF 208 33.67 45.00 -21.03
N THR NF 209 33.30 44.99 -19.75
CA THR NF 209 32.49 43.93 -19.15
C THR NF 209 31.32 43.47 -20.02
N MET NF 210 30.37 44.37 -20.32
CA MET NF 210 29.18 43.99 -21.08
C MET NF 210 28.58 45.20 -21.78
N GLY NF 211 28.49 45.13 -23.11
CA GLY NF 211 27.99 46.24 -23.88
C GLY NF 211 28.21 46.02 -25.36
N LYS NF 212 27.91 47.05 -26.14
CA LYS NF 212 27.94 46.96 -27.59
C LYS NF 212 29.37 46.83 -28.11
N PRO NF 213 29.56 46.03 -29.16
CA PRO NF 213 30.87 45.97 -29.82
C PRO NF 213 31.13 47.21 -30.68
N GLN NF 214 32.42 47.47 -30.88
CA GLN NF 214 32.87 48.60 -31.70
C GLN NF 214 33.92 48.13 -32.70
N ARG NF 215 33.62 47.03 -33.38
CA ARG NF 215 34.53 46.43 -34.36
C ARG NF 215 34.95 47.40 -35.44
N LEU NF 216 36.24 47.71 -35.53
CA LEU NF 216 36.81 48.48 -36.64
C LEU NF 216 37.98 47.68 -37.20
N TYR NF 217 37.93 47.40 -38.50
CA TYR NF 217 38.91 46.50 -39.12
C TYR NF 217 40.01 47.28 -39.84
N ASP OF 1 182.98 9.26 18.36
CA ASP OF 1 183.17 8.43 19.56
C ASP OF 1 184.51 7.71 19.49
N ARG OF 2 184.82 7.13 18.33
CA ARG OF 2 186.09 6.44 18.15
C ARG OF 2 187.26 7.41 18.33
N ALA OF 3 187.14 8.61 17.76
CA ALA OF 3 188.18 9.62 17.96
C ALA OF 3 188.30 9.99 19.43
N THR OF 4 187.18 10.07 20.14
CA THR OF 4 187.22 10.28 21.59
C THR OF 4 187.85 9.10 22.31
N TRP OF 5 187.53 7.87 21.86
CA TRP OF 5 188.00 6.69 22.57
C TRP OF 5 189.52 6.57 22.52
N LYS OF 6 190.10 6.81 21.34
CA LYS OF 6 191.55 6.66 21.20
C LYS OF 6 192.28 7.73 22.01
N SER OF 7 191.86 8.99 21.88
CA SER OF 7 192.60 10.08 22.51
C SER OF 7 192.63 9.92 24.02
N ASN OF 8 191.50 9.58 24.63
CA ASN OF 8 191.49 9.38 26.07
C ASN OF 8 192.21 8.10 26.45
N TYR OF 9 192.39 7.17 25.50
CA TYR OF 9 193.30 6.06 25.74
C TYR OF 9 194.74 6.54 25.72
N PHE OF 10 195.08 7.46 24.81
CA PHE OF 10 196.44 7.99 24.76
C PHE OF 10 196.81 8.69 26.05
N LEU OF 11 195.97 9.62 26.52
CA LEU OF 11 196.30 10.32 27.75
C LEU OF 11 196.20 9.39 28.96
N LYS OF 12 195.46 8.29 28.82
CA LYS OF 12 195.35 7.33 29.92
C LYS OF 12 196.68 6.65 30.18
N ILE OF 13 197.31 6.13 29.13
CA ILE OF 13 198.62 5.51 29.29
C ILE OF 13 199.68 6.55 29.61
N ILE OF 14 199.62 7.72 28.99
CA ILE OF 14 200.66 8.72 29.16
C ILE OF 14 200.73 9.20 30.60
N GLN OF 15 199.59 9.59 31.17
CA GLN OF 15 199.60 10.09 32.54
C GLN OF 15 199.96 8.99 33.53
N LEU OF 16 199.49 7.77 33.30
CA LEU OF 16 199.74 6.69 34.24
C LEU OF 16 201.16 6.17 34.16
N LEU OF 17 201.75 6.10 32.97
CA LEU OF 17 203.16 5.73 32.89
C LEU OF 17 204.04 6.81 33.49
N ASP OF 18 203.68 8.08 33.30
CA ASP OF 18 204.34 9.15 34.02
C ASP OF 18 204.07 9.09 35.53
N ASP OF 19 203.03 8.36 35.94
CA ASP OF 19 202.75 8.14 37.35
C ASP OF 19 203.29 6.80 37.85
N TYR OF 20 203.37 5.81 36.98
CA TYR OF 20 203.82 4.47 37.34
C TYR OF 20 205.05 4.15 36.49
N PRO OF 21 206.26 4.09 37.08
CA PRO OF 21 207.46 3.93 36.27
C PRO OF 21 207.85 2.48 36.01
N LYS OF 22 207.32 1.55 36.79
CA LYS OF 22 207.69 0.15 36.70
C LYS OF 22 206.51 -0.68 36.21
N CYS OF 23 206.80 -1.64 35.35
CA CYS OF 23 205.76 -2.35 34.61
C CYS OF 23 206.19 -3.77 34.29
N PHE OF 24 205.21 -4.61 33.99
CA PHE OF 24 205.41 -5.96 33.47
C PHE OF 24 204.84 -6.04 32.07
N ILE OF 25 205.40 -6.92 31.25
CA ILE OF 25 204.75 -7.34 30.02
C ILE OF 25 204.13 -8.70 30.28
N VAL OF 26 202.81 -8.75 30.30
CA VAL OF 26 202.05 -9.93 30.74
C VAL OF 26 201.42 -10.56 29.53
N GLY OF 27 201.70 -11.83 29.30
CA GLY OF 27 201.12 -12.54 28.17
C GLY OF 27 199.62 -12.71 28.32
N ALA OF 28 198.85 -11.97 27.51
CA ALA OF 28 197.40 -12.08 27.52
C ALA OF 28 197.02 -13.35 26.76
N ASP OF 29 197.13 -14.47 27.47
CA ASP OF 29 196.89 -15.78 26.87
C ASP OF 29 195.40 -16.05 26.76
N ASN OF 30 195.02 -17.28 26.46
CA ASN OF 30 193.62 -17.68 26.38
C ASN OF 30 193.05 -17.61 27.80
N VAL OF 31 192.67 -16.40 28.19
CA VAL OF 31 192.27 -16.09 29.55
C VAL OF 31 190.83 -15.60 29.53
N GLY OF 32 189.95 -16.33 30.19
CA GLY OF 32 188.57 -15.93 30.27
C GLY OF 32 188.39 -14.59 30.97
N SER OF 33 187.30 -13.90 30.59
CA SER OF 33 187.04 -12.59 31.17
C SER OF 33 186.63 -12.68 32.64
N LYS OF 34 186.07 -13.82 33.05
CA LYS OF 34 185.73 -14.01 34.46
C LYS OF 34 186.99 -14.02 35.32
N GLN OF 35 188.10 -14.52 34.79
CA GLN OF 35 189.35 -14.48 35.55
C GLN OF 35 189.93 -13.08 35.54
N MET OF 36 189.80 -12.37 34.42
CA MET OF 36 190.36 -11.04 34.29
C MET OF 36 189.71 -10.08 35.28
N GLN OF 37 188.39 -10.16 35.43
CA GLN OF 37 187.76 -9.37 36.48
C GLN OF 37 188.17 -9.86 37.86
N GLN OF 38 188.48 -11.15 38.00
CA GLN OF 38 188.92 -11.67 39.29
C GLN OF 38 190.37 -11.30 39.56
N ILE OF 39 191.21 -11.34 38.52
CA ILE OF 39 192.64 -11.10 38.72
C ILE OF 39 192.89 -9.68 39.19
N ARG OF 40 192.08 -8.73 38.73
CA ARG OF 40 192.15 -7.38 39.26
C ARG OF 40 191.45 -7.26 40.61
N MET OF 41 190.43 -8.08 40.87
CA MET OF 41 189.81 -8.06 42.19
C MET OF 41 190.80 -8.53 43.26
N SER OF 42 191.62 -9.53 42.94
CA SER OF 42 192.72 -9.89 43.83
C SER OF 42 193.81 -8.83 43.82
N LEU OF 43 193.83 -7.98 42.79
CA LEU OF 43 194.84 -6.93 42.62
C LEU OF 43 194.28 -5.54 42.85
N ARG OF 44 193.04 -5.42 43.32
CA ARG OF 44 192.39 -4.11 43.40
C ARG OF 44 193.13 -3.17 44.34
N GLY OF 45 193.59 -3.70 45.47
CA GLY OF 45 194.32 -2.87 46.41
C GLY OF 45 195.79 -2.68 46.13
N LYS OF 46 196.32 -3.33 45.10
CA LYS OF 46 197.75 -3.30 44.83
C LYS OF 46 198.10 -2.69 43.49
N ALA OF 47 197.46 -3.11 42.40
CA ALA OF 47 197.88 -2.71 41.07
C ALA OF 47 196.66 -2.69 40.16
N VAL OF 48 196.91 -2.63 38.85
CA VAL OF 48 195.87 -2.68 37.83
C VAL OF 48 196.45 -3.33 36.58
N VAL OF 49 195.67 -4.20 35.96
CA VAL OF 49 196.04 -4.78 34.68
C VAL OF 49 195.53 -3.87 33.57
N LEU OF 50 196.34 -3.70 32.53
CA LEU OF 50 196.02 -2.77 31.45
C LEU OF 50 196.71 -3.25 30.18
N MET OF 51 195.98 -3.23 29.07
CA MET OF 51 196.56 -3.62 27.79
C MET OF 51 195.72 -2.99 26.69
N GLY OF 52 195.88 -3.46 25.46
CA GLY OF 52 195.14 -2.92 24.33
C GLY OF 52 195.70 -3.45 23.04
N LYS OF 53 195.56 -2.63 21.98
CA LYS OF 53 196.17 -2.99 20.72
C LYS OF 53 197.68 -2.86 20.81
N ASN OF 54 198.38 -3.78 20.16
CA ASN OF 54 199.83 -3.82 20.27
C ASN OF 54 200.48 -2.56 19.71
N THR OF 55 199.86 -1.95 18.70
CA THR OF 55 200.35 -0.66 18.21
C THR OF 55 199.71 0.50 18.94
N MET OF 56 198.59 0.27 19.63
CA MET OF 56 197.96 1.32 20.43
C MET OF 56 198.92 1.80 21.52
N MET OF 57 199.47 0.86 22.28
CA MET OF 57 200.47 1.23 23.28
C MET OF 57 201.77 1.68 22.62
N ARG OF 58 202.08 1.13 21.44
CA ARG OF 58 203.36 1.44 20.81
C ARG OF 58 203.43 2.91 20.40
N LYS OF 59 202.53 3.37 19.54
CA LYS OF 59 202.54 4.78 19.15
C LYS OF 59 202.36 5.69 20.36
N ALA OF 60 201.75 5.17 21.44
CA ALA OF 60 201.69 5.94 22.67
C ALA OF 60 203.09 6.20 23.22
N ILE OF 61 203.99 5.21 23.14
CA ILE OF 61 205.32 5.35 23.74
C ILE OF 61 206.36 5.88 22.77
N ARG OF 62 206.08 5.92 21.48
CA ARG OF 62 206.97 6.65 20.57
C ARG OF 62 206.46 8.06 20.31
N GLY OF 63 205.15 8.25 20.33
CA GLY OF 63 204.58 9.55 20.00
C GLY OF 63 204.64 10.57 21.12
N HIS OF 64 204.72 10.10 22.37
CA HIS OF 64 204.65 11.01 23.51
C HIS OF 64 205.74 10.77 24.55
N LEU OF 65 206.77 9.97 24.24
CA LEU OF 65 207.85 9.73 25.19
C LEU OF 65 209.21 10.09 24.59
N GLU OF 66 209.25 11.09 23.73
CA GLU OF 66 210.53 11.71 23.41
C GLU OF 66 210.99 12.61 24.53
N ASN OF 67 210.08 13.04 25.41
CA ASN OF 67 210.47 13.85 26.56
C ASN OF 67 211.36 13.06 27.51
N ASN OF 68 211.01 11.80 27.80
CA ASN OF 68 211.89 10.96 28.60
C ASN OF 68 212.13 9.61 27.92
N PRO OF 69 213.22 9.50 27.17
CA PRO OF 69 213.64 8.19 26.65
C PRO OF 69 214.00 7.18 27.72
N ALA OF 70 214.54 6.04 27.29
CA ALA OF 70 214.93 4.88 28.08
C ALA OF 70 213.74 3.98 28.38
N LEU OF 71 212.54 4.32 27.93
CA LEU OF 71 211.43 3.38 27.90
C LEU OF 71 211.27 2.71 26.54
N GLU OF 72 212.15 3.02 25.59
CA GLU OF 72 212.10 2.46 24.25
C GLU OF 72 212.72 1.07 24.16
N LYS OF 73 213.11 0.49 25.30
CA LYS OF 73 213.59 -0.89 25.29
C LYS OF 73 212.50 -1.85 24.85
N LEU OF 74 211.23 -1.49 25.07
CA LEU OF 74 210.11 -2.35 24.75
C LEU OF 74 209.71 -2.31 23.28
N LEU OF 75 210.29 -1.40 22.48
CA LEU OF 75 209.78 -1.20 21.12
C LEU OF 75 209.90 -2.44 20.25
N PRO OF 76 211.03 -3.14 20.18
CA PRO OF 76 211.00 -4.53 19.72
C PRO OF 76 209.98 -5.42 20.40
N HIS OF 77 209.82 -5.29 21.71
CA HIS OF 77 209.24 -6.29 22.59
C HIS OF 77 207.75 -6.52 22.37
N ILE OF 78 206.96 -5.46 22.16
CA ILE OF 78 205.51 -5.64 22.16
C ILE OF 78 205.09 -6.37 20.89
N ARG OF 79 204.96 -7.69 20.99
CA ARG OF 79 204.54 -8.55 19.90
C ARG OF 79 203.51 -9.53 20.44
N GLY OF 80 202.49 -9.81 19.66
CA GLY OF 80 201.47 -10.73 20.10
C GLY OF 80 200.61 -10.12 21.21
N ASN OF 81 199.81 -10.98 21.82
CA ASN OF 81 198.93 -10.55 22.90
C ASN OF 81 199.76 -10.27 24.15
N VAL OF 82 199.76 -9.01 24.57
CA VAL OF 82 200.58 -8.59 25.71
C VAL OF 82 199.71 -7.92 26.75
N GLY OF 83 200.30 -7.59 27.90
CA GLY OF 83 199.57 -6.91 28.94
C GLY OF 83 200.51 -6.17 29.87
N PHE OF 84 200.02 -5.07 30.43
CA PHE OF 84 200.80 -4.24 31.35
C PHE OF 84 200.12 -4.23 32.71
N VAL OF 85 200.80 -4.79 33.71
CA VAL OF 85 200.40 -4.66 35.10
C VAL OF 85 201.23 -3.53 35.70
N PHE OF 86 200.64 -2.81 36.65
CA PHE OF 86 201.24 -1.57 37.15
C PHE OF 86 201.06 -1.49 38.65
N THR OF 87 202.07 -1.94 39.38
CA THR OF 87 202.15 -1.78 40.83
C THR OF 87 203.29 -0.83 41.17
N LYS OF 88 203.24 -0.26 42.37
CA LYS OF 88 204.32 0.57 42.89
C LYS OF 88 205.11 -0.15 43.97
N GLU OF 89 204.89 -1.45 44.14
CA GLU OF 89 205.55 -2.24 45.16
C GLU OF 89 206.76 -2.97 44.56
N ASP OF 90 207.32 -3.90 45.31
CA ASP OF 90 208.49 -4.64 44.88
C ASP OF 90 208.18 -5.51 43.67
N LEU OF 91 209.19 -6.21 43.18
CA LEU OF 91 209.11 -6.95 41.92
C LEU OF 91 208.73 -8.41 42.12
N THR OF 92 209.48 -9.15 42.94
CA THR OF 92 209.25 -10.58 43.06
C THR OF 92 207.91 -10.89 43.70
N GLU OF 93 207.53 -10.16 44.75
CA GLU OF 93 206.25 -10.43 45.42
C GLU OF 93 205.08 -10.17 44.47
N ILE OF 94 205.16 -9.09 43.70
CA ILE OF 94 204.12 -8.87 42.70
C ILE OF 94 204.31 -9.82 41.52
N ARG OF 95 205.52 -10.35 41.36
CA ARG OF 95 205.75 -11.33 40.29
C ARG OF 95 205.00 -12.62 40.55
N ASP OF 96 205.16 -13.20 41.74
CA ASP OF 96 204.64 -14.54 41.99
C ASP OF 96 203.14 -14.57 42.24
N MET OF 97 202.57 -13.51 42.81
CA MET OF 97 201.15 -13.54 43.14
C MET OF 97 200.30 -13.60 41.88
N LEU OF 98 200.72 -12.92 40.82
CA LEU OF 98 200.06 -13.09 39.53
C LEU OF 98 200.26 -14.50 38.99
N LEU OF 99 201.48 -15.04 39.16
CA LEU OF 99 201.74 -16.42 38.76
C LEU OF 99 200.98 -17.41 39.64
N ALA OF 100 200.95 -17.18 40.95
CA ALA OF 100 200.31 -18.12 41.84
C ALA OF 100 198.79 -18.15 41.64
N ASN OF 101 198.19 -17.01 41.38
CA ASN OF 101 196.73 -16.92 41.22
C ASN OF 101 196.35 -17.39 39.81
N LYS OF 102 196.38 -18.71 39.65
CA LYS OF 102 196.00 -19.35 38.39
C LYS OF 102 194.68 -20.07 38.56
N VAL OF 103 193.75 -19.84 37.63
CA VAL OF 103 192.40 -20.40 37.69
C VAL OF 103 192.36 -21.65 36.81
N PRO OF 104 191.85 -22.78 37.30
CA PRO OF 104 191.80 -23.99 36.47
C PRO OF 104 190.74 -23.91 35.38
N ALA OF 105 191.08 -23.23 34.28
CA ALA OF 105 190.15 -23.10 33.17
C ALA OF 105 189.92 -24.45 32.50
N ALA OF 106 188.76 -24.61 31.90
CA ALA OF 106 188.40 -25.86 31.25
C ALA OF 106 189.14 -26.00 29.93
N ALA OF 107 188.91 -27.14 29.25
CA ALA OF 107 189.54 -27.44 27.97
C ALA OF 107 188.57 -27.09 26.86
N ARG OF 108 188.73 -25.89 26.29
CA ARG OF 108 187.87 -25.47 25.19
C ARG OF 108 188.07 -26.38 23.99
N ALA OF 109 186.97 -26.68 23.31
CA ALA OF 109 186.98 -27.61 22.18
C ALA OF 109 187.59 -26.89 20.98
N GLY OF 110 188.80 -27.30 20.61
CA GLY OF 110 189.48 -26.72 19.47
C GLY OF 110 190.76 -26.00 19.83
N ALA OF 111 191.26 -26.26 21.04
CA ALA OF 111 192.45 -25.60 21.55
C ALA OF 111 193.53 -26.62 21.84
N ILE OF 112 194.76 -26.28 21.46
CA ILE OF 112 195.88 -27.19 21.65
C ILE OF 112 196.24 -27.31 23.13
N ALA OF 113 196.67 -28.50 23.54
CA ALA OF 113 196.94 -28.81 24.92
C ALA OF 113 198.44 -28.91 25.16
N PRO OF 114 198.99 -28.17 26.14
CA PRO OF 114 200.41 -28.31 26.48
C PRO OF 114 200.71 -29.29 27.59
N CYS OF 115 199.70 -29.87 28.22
CA CYS OF 115 199.88 -30.75 29.36
C CYS OF 115 199.29 -32.12 29.07
N GLU OF 116 199.81 -33.13 29.75
CA GLU OF 116 199.36 -34.51 29.61
C GLU OF 116 198.78 -34.97 30.95
N VAL OF 117 197.49 -35.30 30.95
CA VAL OF 117 196.79 -35.72 32.16
C VAL OF 117 196.09 -37.05 31.88
N THR OF 118 196.25 -37.99 32.81
CA THR OF 118 195.65 -39.31 32.70
C THR OF 118 194.84 -39.58 33.96
N VAL OF 119 193.60 -40.03 33.77
CA VAL OF 119 192.70 -40.24 34.91
C VAL OF 119 193.20 -41.42 35.74
N PRO OF 120 193.14 -41.35 37.07
CA PRO OF 120 193.39 -42.55 37.88
C PRO OF 120 192.15 -43.40 38.04
N ALA OF 121 192.27 -44.53 38.72
CA ALA OF 121 191.15 -45.44 38.91
C ALA OF 121 190.36 -45.03 40.14
N GLN OF 122 189.06 -44.79 39.97
CA GLN OF 122 188.20 -44.41 41.09
C GLN OF 122 186.75 -44.49 40.64
N ASN OF 123 185.85 -44.55 41.62
CA ASN OF 123 184.41 -44.48 41.38
C ASN OF 123 184.02 -43.01 41.43
N THR OF 124 183.67 -42.45 40.26
CA THR OF 124 183.33 -41.04 40.18
C THR OF 124 182.09 -40.70 40.99
N GLY OF 125 181.07 -41.55 40.97
CA GLY OF 125 179.90 -41.35 41.79
C GLY OF 125 178.74 -40.64 41.13
N LEU OF 126 178.87 -40.25 39.86
CA LEU OF 126 177.77 -39.61 39.17
C LEU OF 126 176.65 -40.63 38.89
N GLY OF 127 175.59 -40.13 38.26
CA GLY OF 127 174.46 -40.98 37.90
C GLY OF 127 174.82 -42.00 36.84
N PRO OF 128 174.21 -43.19 36.93
CA PRO OF 128 174.46 -44.26 35.96
C PRO OF 128 173.62 -44.14 34.70
N GLU OF 129 173.54 -42.92 34.16
CA GLU OF 129 172.82 -42.67 32.92
C GLU OF 129 173.70 -42.06 31.84
N LYS OF 130 174.95 -41.72 32.16
CA LYS OF 130 175.90 -41.18 31.20
C LYS OF 130 176.90 -42.24 30.73
N THR OF 131 176.52 -43.53 30.83
CA THR OF 131 177.45 -44.60 30.49
C THR OF 131 177.71 -44.67 28.99
N SER OF 132 176.81 -44.09 28.19
CA SER OF 132 176.97 -44.13 26.74
C SER OF 132 178.20 -43.38 26.26
N PHE OF 133 178.54 -42.25 26.91
CA PHE OF 133 179.72 -41.49 26.52
C PHE OF 133 180.99 -42.31 26.71
N PHE OF 134 181.08 -43.06 27.81
CA PHE OF 134 182.28 -43.85 28.07
C PHE OF 134 182.49 -44.90 26.98
N GLN OF 135 181.40 -45.50 26.49
CA GLN OF 135 181.52 -46.44 25.38
C GLN OF 135 182.06 -45.76 24.13
N ALA OF 136 181.62 -44.52 23.88
CA ALA OF 136 182.13 -43.78 22.72
C ALA OF 136 183.63 -43.53 22.85
N LEU OF 137 184.10 -43.21 24.05
CA LEU OF 137 185.53 -42.97 24.26
C LEU OF 137 186.33 -44.25 24.32
N GLY OF 138 185.68 -45.42 24.40
CA GLY OF 138 186.35 -46.69 24.36
C GLY OF 138 186.50 -47.39 25.70
N ILE OF 139 186.35 -46.67 26.82
CA ILE OF 139 186.49 -47.27 28.13
C ILE OF 139 185.22 -48.03 28.47
N THR OF 140 185.38 -49.22 29.06
CA THR OF 140 184.25 -50.01 29.54
C THR OF 140 184.07 -49.76 31.03
N THR OF 141 182.82 -49.55 31.44
CA THR OF 141 182.49 -49.25 32.82
C THR OF 141 181.30 -50.11 33.25
N LYS OF 142 181.22 -50.36 34.56
CA LYS OF 142 180.13 -51.12 35.14
C LYS OF 142 179.58 -50.38 36.35
N ILE OF 143 178.37 -50.74 36.75
CA ILE OF 143 177.65 -50.07 37.83
C ILE OF 143 178.03 -50.72 39.16
N SER OF 144 178.70 -49.97 40.01
CA SER OF 144 179.01 -50.39 41.38
C SER OF 144 178.35 -49.41 42.32
N ARG OF 145 177.47 -49.92 43.19
CA ARG OF 145 176.72 -49.09 44.14
C ARG OF 145 175.90 -48.02 43.42
N GLY OF 146 175.38 -48.37 42.25
CA GLY OF 146 174.52 -47.46 41.52
C GLY OF 146 175.21 -46.23 40.96
N THR OF 147 176.51 -46.31 40.70
CA THR OF 147 177.27 -45.18 40.16
C THR OF 147 178.26 -45.69 39.12
N ILE OF 148 178.78 -44.75 38.32
CA ILE OF 148 179.68 -45.11 37.23
C ILE OF 148 181.09 -45.30 37.78
N GLU OF 149 181.66 -46.48 37.52
CA GLU OF 149 183.00 -46.84 37.97
C GLU OF 149 183.84 -47.24 36.77
N ILE OF 150 185.04 -46.69 36.67
CA ILE OF 150 185.95 -47.04 35.58
C ILE OF 150 186.81 -48.23 36.00
N LEU OF 151 186.81 -49.28 35.16
CA LEU OF 151 187.53 -50.50 35.52
C LEU OF 151 189.03 -50.28 35.60
N SER OF 152 189.61 -49.71 34.54
CA SER OF 152 191.05 -49.63 34.41
C SER OF 152 191.44 -48.25 33.88
N ASP OF 153 192.73 -47.95 33.97
CA ASP OF 153 193.27 -46.68 33.53
C ASP OF 153 193.65 -46.76 32.06
N VAL OF 154 193.14 -45.80 31.28
CA VAL OF 154 193.49 -45.66 29.88
C VAL OF 154 193.92 -44.21 29.66
N GLN OF 155 194.70 -43.99 28.61
CA GLN OF 155 195.24 -42.67 28.34
C GLN OF 155 194.13 -41.71 27.95
N LEU OF 156 194.21 -40.48 28.46
CA LEU OF 156 193.17 -39.48 28.25
C LEU OF 156 193.54 -38.49 27.14
N ILE OF 157 194.65 -37.78 27.30
CA ILE OF 157 195.04 -36.76 26.34
C ILE OF 157 196.53 -36.51 26.48
N LYS OF 158 197.23 -36.45 25.36
CA LYS OF 158 198.64 -36.09 25.32
C LYS OF 158 198.78 -34.60 25.00
N THR OF 159 200.02 -34.13 24.97
CA THR OF 159 200.27 -32.73 24.68
C THR OF 159 200.26 -32.49 23.16
N GLY OF 160 199.79 -31.31 22.78
CA GLY OF 160 199.78 -30.91 21.38
C GLY OF 160 198.87 -31.73 20.49
N ASP OF 161 197.63 -31.99 20.93
CA ASP OF 161 196.67 -32.73 20.14
C ASP OF 161 195.32 -32.02 20.18
N LYS OF 162 194.48 -32.32 19.19
CA LYS OF 162 193.14 -31.75 19.12
C LYS OF 162 192.19 -32.55 20.01
N VAL OF 163 191.41 -31.83 20.82
CA VAL OF 163 190.51 -32.47 21.77
C VAL OF 163 189.19 -32.80 21.08
N GLY OF 164 188.43 -33.71 21.68
CA GLY OF 164 187.16 -34.16 21.14
C GLY OF 164 186.00 -33.59 21.93
N ALA OF 165 184.85 -33.46 21.26
CA ALA OF 165 183.69 -32.83 21.90
C ALA OF 165 183.18 -33.65 23.08
N SER OF 166 182.96 -34.96 22.87
CA SER OF 166 182.46 -35.80 23.94
C SER OF 166 183.49 -35.91 25.07
N GLU OF 167 184.77 -36.00 24.73
CA GLU OF 167 185.80 -35.98 25.76
C GLU OF 167 185.81 -34.65 26.51
N ALA OF 168 185.63 -33.54 25.80
CA ALA OF 168 185.62 -32.23 26.44
C ALA OF 168 184.49 -32.13 27.46
N THR OF 169 183.31 -32.61 27.09
CA THR OF 169 182.19 -32.63 28.04
C THR OF 169 182.44 -33.60 29.19
N LEU OF 170 182.92 -34.80 28.90
CA LEU OF 170 183.12 -35.79 29.95
C LEU OF 170 184.16 -35.32 30.96
N LEU OF 171 185.21 -34.64 30.48
CA LEU OF 171 186.20 -34.09 31.40
C LEU OF 171 185.57 -33.07 32.34
N ASN OF 172 184.64 -32.26 31.84
CA ASN OF 172 183.97 -31.29 32.70
C ASN OF 172 183.01 -31.96 33.67
N MET OF 173 182.28 -33.00 33.23
CA MET OF 173 181.35 -33.68 34.13
C MET OF 173 182.07 -34.37 35.27
N LEU OF 174 183.24 -34.97 35.02
CA LEU OF 174 184.01 -35.57 36.10
C LEU OF 174 184.55 -34.54 37.08
N ASN OF 175 184.48 -33.25 36.75
CA ASN OF 175 184.97 -32.17 37.61
C ASN OF 175 186.47 -32.32 37.86
N ILE OF 176 187.19 -32.85 36.87
CA ILE OF 176 188.63 -33.02 36.95
C ILE OF 176 189.28 -31.96 36.08
N SER OF 177 190.23 -31.23 36.65
CA SER OF 177 190.82 -30.08 35.98
C SER OF 177 191.60 -30.51 34.76
N PRO OF 178 191.40 -29.89 33.60
CA PRO OF 178 192.26 -30.17 32.44
C PRO OF 178 193.50 -29.31 32.47
N PHE OF 179 194.29 -29.35 31.39
CA PHE OF 179 195.36 -28.37 31.22
C PHE OF 179 194.79 -26.97 31.31
N SER OF 180 195.39 -26.14 32.16
CA SER OF 180 194.85 -24.82 32.42
C SER OF 180 196.00 -23.85 32.69
N PHE OF 181 195.81 -22.60 32.28
CA PHE OF 181 196.77 -21.54 32.51
C PHE OF 181 196.04 -20.21 32.62
N GLY OF 182 196.72 -19.24 33.22
CA GLY OF 182 196.20 -17.89 33.36
C GLY OF 182 197.17 -16.88 32.79
N LEU OF 183 197.19 -15.70 33.41
CA LEU OF 183 198.11 -14.64 33.00
C LEU OF 183 199.54 -15.07 33.31
N VAL OF 184 200.39 -15.07 32.28
CA VAL OF 184 201.78 -15.46 32.42
C VAL OF 184 202.67 -14.27 32.06
N ILE OF 185 203.62 -13.97 32.93
CA ILE OF 185 204.51 -12.84 32.76
C ILE OF 185 205.74 -13.29 31.99
N GLN OF 186 206.08 -12.55 30.93
CA GLN OF 186 207.26 -12.89 30.15
C GLN OF 186 208.51 -12.29 30.77
N GLN OF 187 208.61 -10.96 30.80
CA GLN OF 187 209.73 -10.24 31.38
C GLN OF 187 209.24 -8.94 32.00
N VAL OF 188 210.16 -8.13 32.50
CA VAL OF 188 209.82 -7.05 33.43
C VAL OF 188 210.53 -5.76 33.01
N PHE OF 189 209.82 -4.63 33.16
CA PHE OF 189 210.39 -3.29 32.99
C PHE OF 189 210.34 -2.58 34.34
N ASP OF 190 211.52 -2.29 34.91
CA ASP OF 190 211.62 -1.64 36.22
C ASP OF 190 212.55 -0.45 36.09
N ASN OF 191 211.99 0.69 35.65
CA ASN OF 191 212.74 1.93 35.45
C ASN OF 191 213.95 1.72 34.54
N GLY OF 192 213.70 1.14 33.37
CA GLY OF 192 214.76 0.91 32.41
C GLY OF 192 215.54 -0.37 32.59
N SER OF 193 215.09 -1.26 33.47
CA SER OF 193 215.78 -2.53 33.71
C SER OF 193 215.02 -3.65 33.00
N ILE OF 194 215.78 -4.64 32.51
CA ILE OF 194 215.22 -5.78 31.80
C ILE OF 194 215.51 -7.04 32.60
N TYR OF 195 214.44 -7.78 32.94
CA TYR OF 195 214.56 -8.98 33.75
C TYR OF 195 213.41 -9.91 33.40
N ASN OF 196 213.73 -11.20 33.26
CA ASN OF 196 212.74 -12.20 32.86
C ASN OF 196 211.66 -12.37 33.93
ZN ZN PF . -85.85 -19.84 41.20
MG MG QF . -131.36 95.38 3.47
MG MG RF . -97.81 107.13 48.82
MG MG SF . -118.84 103.85 15.50
MG MG TF . -184.74 61.83 -14.31
MG MG UF . -179.56 -24.71 35.55
MG MG VF . -211.41 10.99 -15.91
MG MG WF . -125.74 19.33 12.44
MG MG XF . -114.24 76.28 15.21
MG MG YF . -147.05 31.03 -31.00
MG MG ZF . -104.66 41.91 -27.64
MG MG AG . -160.55 66.10 -20.83
ZN ZN BG . -140.43 -41.86 -5.49
ZN ZN CG . -171.27 11.90 -3.35
MG MG DG . -154.30 6.84 -6.79
ZN ZN EG . -87.10 86.21 -19.78
ZN ZN FG . -143.69 56.40 74.90
ZN ZN GG . -126.35 -38.67 -1.97
MG MG HG . -41.15 -9.29 69.34
MG MG IG . -65.91 -16.52 17.97
MG MG JG . -66.41 -19.43 39.15
MG MG KG . -82.86 -27.51 20.81
MG MG LG . -54.57 -18.63 9.31
MG MG MG . -47.03 -4.16 -60.91
MG MG NG . -43.95 -5.26 -35.57
MG MG OG . -54.57 0.47 -44.91
MG MG PG . -59.10 3.35 -45.56
MG MG QG . -54.89 -1.27 -25.72
MG MG RG . -47.71 -4.54 -22.65
MG MG SG . -12.08 13.76 -4.57
MG MG TG . -26.02 11.60 17.15
MG MG UG . -43.97 -11.91 -3.15
MG MG VG . -73.90 -35.87 -7.99
MG MG WG . -60.43 -51.01 -7.88
MG MG XG . -106.22 -7.52 51.51
MG MG YG . -92.83 -19.73 18.30
MG MG ZG . -62.14 -8.39 7.79
MG MG AH . -74.83 32.94 94.00
MG MG BH . -57.15 8.23 86.28
MG MG CH . -78.67 -7.29 35.61
MG MG DH . -75.88 -3.63 37.09
MG MG EH . -81.47 -12.74 42.82
MG MG FH . -104.63 -14.34 17.08
MG MG GH . -78.69 -5.63 32.48
MG MG HH . -103.55 -12.07 35.88
MG MG IH . -64.85 -36.65 2.17
MG MG JH . -37.50 -0.40 -82.62
MG MG KH . -165.88 62.81 -41.28
MG MG LH . -172.76 58.71 -32.20
MG MG MH . -123.02 73.50 27.47
MG MG NH . -152.16 -45.31 -18.90
MG MG OH . -191.57 -10.71 11.88
MG MG PH . -150.44 48.02 16.87
MG MG QH . -151.23 43.78 20.42
MG MG RH . -147.18 41.44 17.51
MG MG SH . -166.27 37.70 29.11
MG MG TH . -171.00 27.08 15.07
MG MG UH . -182.44 13.03 12.94
MG MG VH . -191.03 22.40 27.25
MG MG WH . -189.25 20.79 32.87
MG MG XH . -177.64 55.94 36.13
MG MG YH . -202.31 8.47 42.47
MG MG ZH . -216.83 48.05 -14.34
MG MG AI . -203.23 53.02 -18.17
MG MG BI . -207.28 53.69 -14.66
MG MG CI . -173.79 44.60 -5.44
MG MG DI . -176.20 42.35 -11.69
MG MG EI . -173.87 40.42 -10.17
MG MG FI . -157.22 21.49 -18.67
MG MG GI . -186.88 54.93 -33.94
MG MG HI . -180.42 51.44 -32.12
MG MG II . -122.81 29.66 -2.08
MG MG JI . -128.76 24.43 3.26
MG MG KI . -127.10 19.29 3.37
MG MG LI . -157.33 64.84 -7.10
MG MG MI . -161.05 48.89 5.30
MG MG NI . -156.91 42.87 4.64
MG MG OI . -140.23 49.55 -1.62
MG MG PI . -136.56 55.19 -10.92
MG MG QI . -129.72 52.68 -19.20
MG MG RI . -125.45 50.32 -22.64
MG MG SI . -118.29 52.51 -15.66
MG MG TI . -133.91 49.75 -16.61
MG MG UI . -126.85 41.87 -20.01
MG MG VI . -132.60 65.94 -12.55
MG MG WI . -145.24 68.55 -9.01
MG MG XI . -144.96 73.97 -2.96
MG MG YI . -144.36 71.06 3.86
MG MG ZI . -144.42 63.75 10.58
MG MG AJ . -137.98 67.36 15.61
MG MG BJ . -140.36 44.11 -0.97
MG MG CJ . -143.68 59.71 4.71
MG MG DJ . -135.12 64.49 0.37
MG MG EJ . -130.72 61.96 0.80
MG MG FJ . -146.48 83.94 6.05
MG MG GJ . -154.87 87.50 5.07
MG MG HJ . -157.76 86.22 0.54
MG MG IJ . -157.58 74.07 1.65
MG MG JJ . -160.08 68.84 10.24
MG MG KJ . -149.08 34.64 16.64
MG MG LJ . -139.06 27.64 19.68
MG MG MJ . -153.69 34.47 27.17
MG MG NJ . -190.23 58.20 42.78
MG MG OJ . -169.38 36.92 56.89
MG MG PJ . -169.41 59.87 -12.33
MG MG QJ . -176.53 30.33 -8.65
MG MG RJ . -188.89 58.51 -35.01
MG MG SJ . -141.05 112.02 -16.85
MG MG TJ . -197.67 1.91 46.50
MG MG UJ . -150.85 101.41 -14.51
MG MG VJ . -137.82 88.10 -12.05
MG MG WJ . -130.61 94.42 -19.86
MG MG XJ . -126.35 86.16 -13.35
MG MG YJ . -134.74 100.54 -27.97
MG MG ZJ . -136.03 93.55 0.89
MG MG AK . -163.37 67.17 23.07
MG MG BK . -121.42 -2.33 -16.37
MG MG CK . -119.93 1.66 -20.15
MG MG DK . -122.11 1.26 -13.88
MG MG EK . -118.15 12.14 -13.16
MG MG FK . -121.01 23.73 -13.86
MG MG GK . -117.38 8.95 -6.57
MG MG HK . -126.89 20.92 -14.83
MG MG IK . -131.04 21.43 -11.56
MG MG JK . -115.76 23.63 17.95
MG MG KK . -110.88 1.93 6.05
MG MG LK . -123.81 5.89 5.95
MG MG MK . -168.95 85.67 -18.88
MG MG NK . -137.37 58.46 30.62
MG MG OK . -140.54 53.09 17.79
MG MG PK . -128.05 86.87 26.86
MG MG QK . -126.46 84.54 30.05
MG MG RK . -120.28 83.91 31.95
MG MG SK . -135.32 7.20 -53.44
MG MG TK . -134.60 6.50 -48.13
MG MG UK . -132.56 10.60 -44.03
MG MG VK . -143.00 55.76 -3.83
MG MG WK . -146.62 54.73 -16.19
MG MG XK . -161.63 58.99 -13.99
MG MG YK . -170.49 57.83 -2.54
MG MG ZK . -162.15 -2.29 -33.39
MG MG AL . -163.15 -2.04 -38.45
MG MG BL . -164.40 11.53 -40.98
MG MG CL . -157.55 30.51 -42.91
MG MG DL . -147.21 23.49 -47.88
MG MG EL . -137.89 22.46 -45.81
MG MG FL . -170.07 18.01 -35.43
MG MG GL . -173.40 -8.43 -26.74
MG MG HL . -157.31 18.05 -25.45
MG MG IL . -148.75 25.18 -21.97
MG MG JL . -103.84 27.79 -42.01
MG MG KL . -109.21 23.82 -53.99
MG MG LL . -174.83 110.28 -12.94
MG MG ML . -170.12 93.74 46.22
MG MG NL . -122.83 33.32 -24.83
MG MG OL . -127.19 29.35 -23.11
MG MG PL . -113.75 20.26 -26.44
MG MG QL . -144.28 21.03 -7.91
MG MG RL . -110.77 89.50 25.32
MG MG SL . -105.10 88.27 -15.44
MG MG TL . -100.05 72.73 -22.04
MG MG UL . -143.11 41.32 -42.16
MG MG VL . -138.47 44.20 -41.04
MG MG WL . -155.77 -12.53 -17.65
MG MG XL . -156.86 -10.68 -13.97
MG MG YL . -163.77 -9.97 -6.85
MG MG ZL . -165.66 -7.29 -8.78
MG MG AM . -129.27 -1.85 -69.89
MG MG BM . -154.89 -30.40 -45.91
MG MG CM . -161.04 -18.29 -62.11
MG MG DM . -148.80 2.93 -36.59
MG MG EM . -148.50 19.43 -37.73
MG MG FM . -147.39 16.52 -30.74
MG MG GM . -100.83 23.43 -43.87
MG MG HM . -103.89 29.92 -24.36
MG MG IM . -101.52 33.73 -23.44
MG MG JM . -102.97 37.89 -23.98
MG MG KM . -99.14 28.71 -18.58
MG MG LM . -102.07 5.51 -19.10
MG MG MM . -108.74 9.41 19.50
MG MG NM . -116.80 13.59 32.15
MG MG OM . -112.92 15.01 31.26
MG MG PM . -132.89 11.36 48.57
MG MG QM . -95.47 18.83 15.22
MG MG RM . -97.74 25.11 6.70
MG MG SM . -95.77 22.54 -3.08
MG MG TM . -127.98 69.41 -23.53
MG MG UM . -131.80 52.70 -5.40
MG MG VM . -134.13 20.06 16.45
MG MG WM . -129.53 26.27 30.74
MG MG XM . -122.27 71.22 31.04
MG MG YM . -119.63 84.73 72.32
MG MG ZM . -116.93 80.68 66.91
MG MG AN . -140.80 75.34 65.43
MG MG BN . -125.27 58.84 -1.86
MG MG CN . -105.73 69.43 -1.13
MG MG DN . -100.91 68.08 -0.23
MG MG EN . -70.22 75.06 -1.19
MG MG FN . -74.59 67.09 -29.60
MG MG GN . -104.51 63.51 -37.31
MG MG HN . -103.92 57.01 -24.85
MG MG IN . -117.62 32.38 -11.71
MG MG JN . -140.66 50.94 -38.45
MG MG KN . -113.83 73.63 -47.00
MG MG LN . -116.00 17.24 -57.63
MG MG MN . -108.31 35.59 -65.09
MG MG NN . -94.23 80.25 -44.70
MG MG ON . -92.73 87.71 -42.83
MG MG PN . -90.82 89.36 -32.58
MG MG QN . -141.42 53.33 29.81
MG MG RN . -142.26 35.13 15.76
MG MG SN . -141.47 147.21 12.39
MG MG TN . -151.29 154.05 18.20
MG MG UN . -135.35 138.71 -8.45
MG MG VN . -148.73 7.50 -9.20
MG MG WN . -164.35 56.33 11.93
MG MG XN . -129.88 18.72 -23.68
MG MG YN . -144.29 19.75 14.23
MG MG ZN . -89.94 15.56 6.15
MG MG AO . -140.39 85.85 0.55
MG MG BO . -104.23 27.14 -2.74
MG MG CO . -100.94 85.49 35.58
MG MG DO . -138.56 35.67 -41.52
MG MG EO . -152.25 63.58 13.24
MG MG FO . -103.21 44.51 -48.46
MG MG GO . -128.95 67.40 7.34
MG MG HO . -167.93 33.07 -45.43
MG MG IO . -128.39 73.89 55.09
MG MG JO . -112.19 11.65 36.81
MG MG KO . -201.83 42.00 33.67
MG MG LO . -216.83 43.53 -1.96
MG MG MO . -189.33 62.95 38.84
MG MG NO . -164.05 81.20 51.63
MG MG OO . -153.99 95.80 -0.74
MG MG PO . -185.50 69.24 -26.97
MG MG QO . -166.44 -22.43 11.31
MG MG RO . -121.49 1.42 -65.46
MG MG SO . -121.08 2.64 -57.22
MG MG TO . -150.41 -28.54 -40.79
MG MG UO . -125.31 -48.67 -20.87
MG MG VO . -103.36 -6.53 -52.58
MG MG WO . -142.81 -3.61 20.97
MG MG XO . -121.93 29.13 -77.98
MG MG YO . -140.34 29.25 5.57
MG MG ZO . -148.22 24.18 5.65
MG MG AP . -121.88 1.90 7.79
MG MG BP . -154.83 52.74 -14.30
MG MG CP . -198.92 56.27 19.02
MG MG DP . -133.95 77.56 74.60
MG MG EP . -77.81 106.63 -34.39
MG MG FP . -127.02 74.08 9.15
MG MG GP . -192.82 21.91 46.26
MG MG HP . -161.23 -24.65 -57.11
MG MG IP . -152.90 46.83 50.54
MG MG JP . -108.54 6.48 28.18
MG MG KP . -109.03 6.28 0.01
MG MG LP . -133.85 12.08 -10.88
MG MG MP . -126.91 7.17 -26.01
MG MG NP . -145.65 60.79 -4.01
MG MG OP . -116.60 31.71 -10.57
MG MG PP . -177.60 50.62 -19.42
ZN ZN QP . 54.20 -31.24 14.20
MG MG RP . 55.05 -23.01 -98.41
MG MG SP . 107.73 2.82 -56.78
MG MG TP . 101.56 4.65 -55.47
MG MG UP . 101.66 -1.27 -53.71
MG MG VP . 89.66 10.87 -68.34
MG MG WP . 87.79 -4.31 -77.53
MG MG XP . 75.51 -11.04 -88.43
MG MG YP . 73.70 7.44 -92.30
MG MG ZP . 70.57 10.41 -88.45
MG MG AQ . 99.36 29.67 -75.95
MG MG BQ . 52.38 13.92 -98.71
MG MG CQ . 113.44 -3.01 -129.92
MG MG DQ . 122.07 -7.79 -118.60
MG MG EQ . 119.85 -3.84 -120.44
MG MG FQ . 113.21 -9.81 -85.63
MG MG GQ . 114.13 -15.67 -90.45
MG MG HQ . 112.91 -18.13 -87.51
MG MG IQ . 103.65 -37.69 -74.79
MG MG JQ . 135.21 -23.03 -107.59
MG MG KQ . 132.26 -24.55 -100.44
MG MG LQ . 107.43 -29.11 -36.68
MG MG MQ . 99.43 -27.07 -41.22
MG MG NQ . 95.35 -30.31 -39.38
MG MG OQ . 133.21 -4.54 -70.80
MG MG PQ . 112.50 -2.76 -70.43
MG MG QQ . 108.82 -8.47 -67.08
MG MG RQ . 120.92 -14.34 -53.50
MG MG SQ . 131.18 -18.17 -52.48
MG MG TQ . 133.65 -27.47 -48.31
MG MG UQ . 134.50 -34.04 -44.97
MG MG VQ . 134.12 -28.45 -36.65
MG MG WQ . 129.47 -25.64 -51.67
MG MG XQ . 126.70 -35.71 -45.83
MG MG YQ . 140.60 -14.84 -47.43
MG MG ZQ . 139.03 -7.26 -59.66
MG MG AR . 141.07 2.00 -57.01
MG MG BR . 134.76 4.46 -54.70
MG MG CR . 124.83 5.12 -52.46
MG MG DR . 126.70 9.06 -46.01
MG MG ER . 115.52 -16.40 -52.98
MG MG FR . 124.46 -1.05 -54.71
MG MG GR . 132.69 -5.15 -47.63
MG MG HR . 130.92 -6.29 -42.88
MG MG IR . 143.39 14.09 -54.97
MG MG JR . 145.39 18.05 -63.54
MG MG KR . 146.82 14.14 -68.40
MG MG LR . 135.88 8.06 -67.54
MG MG MR . 126.11 13.61 -66.54
MG MG NR . 96.79 -5.08 -55.59
MG MG OR . 90.74 -9.61 -45.45
MG MG PR . 91.66 4.11 -57.81
MG MG QR . 95.02 39.28 -85.84
MG MG RR . 73.41 33.37 -62.72
MG MG SR . 129.55 -7.70 -83.52
MG MG TR . 103.08 -19.34 -90.70
MG MG UR . 138.37 -21.37 -108.43
MG MG VR . 179.43 11.44 -56.29
MG MG WR . 45.89 12.92 -93.37
MG MG XR . 169.01 9.66 -65.77
MG MG YR . 158.22 -0.14 -53.24
MG MG ZR . 168.49 -4.33 -48.18
MG MG AS . 159.69 -4.80 -42.53
MG MG BS . 178.16 -5.85 -55.31
MG MG CS . 155.80 12.19 -46.89
MG MG DS . 117.59 22.45 -66.38
MG MG ES . 89.17 -59.19 -40.47
MG MG FS . 94.50 -59.74 -40.21
MG MG GS . 91.91 -55.53 -41.30
MG MG HS . 101.01 -48.11 -35.63
MG MG IS . 109.25 -43.12 -39.34
MG MG JS . 93.20 -46.43 -33.68
MG MG KS . 106.07 -43.35 -44.74
MG MG LS . 105.07 -38.66 -47.85
MG MG MS . 93.01 -18.80 -24.60
MG MG NS . 81.85 -42.31 -23.66
MG MG OS . 84.82 -36.81 -37.05
MG MG PS . 154.99 2.09 -85.01
MG MG QS . 110.02 16.56 -39.98
MG MG RS . 113.18 4.40 -47.16
MG MG SS . 138.87 27.06 -30.47
MG MG TS . 134.21 27.90 -28.80
MG MG US . 133.78 27.01 -23.00
MG MG VS . 114.97 -78.66 -65.33
MG MG WS . 111.84 -75.33 -63.80
MG MG XS . 112.79 -70.87 -60.04
MG MG YS . 126.32 -10.73 -56.14
MG MG ZS . 131.30 -20.20 -63.07
MG MG AT . 131.79 -11.78 -77.26
MG MG BT . 122.69 -1.00 -81.50
MG MG CT . 91.41 -61.39 -85.27
MG MG DT . 93.84 -64.27 -87.76
MG MG ET . 106.14 -59.77 -88.93
MG MG FT . 124.87 -50.71 -83.29
MG MG GT . 123.48 -62.44 -74.72
MG MG HT . 123.14 -63.93 -65.89
MG MG IT . 108.60 -48.61 -92.60
MG MG JT . 80.67 -56.52 -93.66
MG MG KT . 105.05 -45.12 -76.97
MG MG LT . 110.22 -40.07 -68.05
MG MG MT . 130.43 -66.81 -31.85
MG MG NT . 133.67 -77.12 -41.18
MG MG OT . 171.50 21.26 -87.48
MG MG PT . 126.86 56.76 -66.48
MG MG QT . 122.66 -44.96 -44.20
MG MG RT . 117.85 -45.25 -46.60
MG MG ST . 114.69 -56.37 -36.78
MG MG TT . 99.64 -33.02 -58.63
MG MG UT . 143.93 22.19 -15.37
MG MG VT . 165.01 -11.46 -23.07
MG MG WT . 157.78 -26.65 -20.05
MG MG XT . 135.31 -48.69 -68.68
MG MG YT . 137.50 -47.21 -64.04
MG MG ZT . 75.48 -56.62 -73.55
MG MG AU . 74.61 -53.59 -74.44
MG MG BU . 70.57 -44.88 -77.85
MG MG CU . 73.89 -44.67 -80.42
MG MG DU . 117.39 -98.31 -64.76
MG MG EU . 76.12 -88.52 -82.77
MG MG FU . 94.19 -94.55 -91.68
MG MG GU . 99.99 -63.29 -73.60
MG MG HU . 115.54 -56.21 -73.50
MG MG IU . 107.82 -52.09 -69.28
MG MG JU . 130.03 -71.31 -30.98
MG MG KU . 123.69 -51.99 -26.95
MG MG LU . 125.33 -50.38 -23.40
MG MG MU . 128.89 -47.44 -24.65
MG MG NU . 119.94 -48.94 -21.06
MG MG OU . 100.02 -61.97 -23.91
MG MG PU . 81.97 -29.05 -16.94
MG MG QU . 75.96 -13.39 -20.57
MG MG RU . 79.74 -14.42 -17.59
MG MG SU . 62.78 0.74 -31.18
MG MG TU . 92.99 -29.47 -5.41
MG MG UU . 103.14 -32.56 -10.22
MG MG VU . 106.42 -41.44 -11.38
MG MG WU . 150.67 -21.85 -47.17
MG MG XU . 125.33 -15.93 -46.28
MG MG YU . 87.80 -17.73 -41.89
MG MG ZU . 86.24 -1.59 -37.94
MG MG AV . 123.56 19.96 -24.70
MG MG BV . 112.41 58.69 -9.62
MG MG CV . 111.84 51.79 -8.92
MG MG DV . 105.34 54.65 -32.04
MG MG EV . 130.79 -11.20 -36.52
MG MG FV . 141.97 -10.88 -19.46
MG MG GV . 141.94 -12.68 -14.98
MG MG HV . 153.34 -15.82 13.34
MG MG IV . 160.74 -42.68 0.42
MG MG JV . 157.72 -42.04 -30.73
MG MG KV . 145.57 -36.36 -24.52
MG MG LV . 115.45 -37.19 -35.15
MG MG MV . 140.81 -41.51 -64.71
MG MG NV . 168.65 -41.87 -41.74
MG MG OV . 128.48 -81.26 -49.39
MG MG PV . 148.58 -79.01 -43.05
MG MG QV . 176.35 -41.81 -22.20
MG MG RV . 181.69 -36.22 -20.65
MG MG SV . 177.87 -26.86 -16.03
MG MG TV . 107.02 13.96 -43.92
MG MG UV . 99.38 -7.12 -49.19
MG MG VV . 192.98 54.93 -45.96
MG MG WV . 193.96 65.20 -54.08
MG MG XV . 198.39 30.89 -47.78
MG MG YV . 87.44 -40.55 -63.95
MG MG ZV . 114.21 9.80 -71.37
MG MG AW . 108.35 -50.57 -51.06
MG MG BW . 86.35 -17.35 -53.00
MG MG CW . 96.25 -39.51 -2.19
MG MG DW . 152.17 8.42 -55.65
MG MG EW . 108.36 -36.32 -18.52
MG MG FW . 135.98 25.60 -2.90
MG MG GW . 130.49 -52.96 -65.85
MG MG HW . 121.01 7.90 -57.43
MG MG IW . 148.44 -63.27 -31.38
MG MG JW . 132.91 0.87 -38.85
MG MG KW . 126.17 -49.37 -93.37
MG MG LW . 111.52 40.71 -23.84
MG MG MW . 73.58 -12.90 -14.95
MG MG NW . 85.02 26.16 -100.57
MG MG OW . 103.33 3.55 -125.10
MG MG PW . 100.01 39.18 -86.56
MG MG QW . 114.92 53.77 -57.41
MG MG RW . 156.80 18.22 -64.48
MG MG SW . 142.89 -9.81 -103.24
MG MG TW . 49.50 -37.29 -74.94
MG MG UW . 118.22 -95.34 -57.37
MG MG VW . 113.99 -87.19 -53.63
MG MG WW . 77.74 -84.08 -77.24
MG MG XW . 51.82 -89.44 -49.51
MG MG YW . 109.43 -95.06 -35.40
MG MG ZW . 63.89 -25.61 -48.82
MG MG AX . 147.68 -89.60 -59.37
MG MG BX . 99.35 -19.18 -50.77
MG MG CX . 94.32 -19.53 -58.61
MG MG DX . 79.75 -37.14 -33.21
MG MG EX . 127.16 -16.83 -70.69
MG MG FX . 104.69 22.79 -101.20
MG MG GX . 103.49 60.19 -22.17
MG MG HX . 194.37 -21.60 -3.42
MG MG IX . 137.40 5.09 -35.65
MG MG JX . 63.46 22.56 -88.08
MG MG KX . 87.27 -94.16 -91.30
MG MG LX . 88.89 29.98 -48.26
MG MG MX . 74.38 -22.22 -14.18
MG MG NX . 89.23 -44.66 -23.64
MG MG OX . 86.23 -38.44 -68.84
MG MG PX . 97.93 -43.31 -52.44
MG MG QX . 101.58 -60.38 -47.83
MG MG RX . 130.42 -6.11 -57.98
MG MG SX . 113.02 -35.66 -31.54
MG MG TX . 124.79 -15.91 -95.05
MG MG UX . 149.25 -27.56 -88.76
MG MG VX . 141.77 -23.75 -92.73
MG MG WX . 137.54 8.00 -22.11
MG MG XX . 126.62 18.94 -26.16
MG MG YX . 157.04 14.00 -41.53
MG MG ZX . 147.75 47.19 3.92
MG MG AY . 159.48 24.98 -25.49
MG MG BY . 129.98 -4.19 -98.75
MG MG CY . 32.42 -18.50 -82.14
MG MG DY . 88.20 -25.66 -123.52
MG MG EY . 90.88 -23.22 -35.62
MG MG FY . 120.60 -44.71 -69.03
MG MG GY . 134.13 -47.49 -27.70
MG MG HY . 143.04 -12.94 -78.99
MG MG IY . 50.98 -75.56 -72.23
ZN ZN JY . 47.72 -68.06 -56.12
ZN ZN KY . 85.39 -27.48 -83.51
ZN ZN LY . 168.97 -20.81 -7.42
ZN ZN MY . 83.94 51.43 -32.36
ZN ZN NY . 50.72 -67.06 -41.35
MG MG OY . 70.04 -56.54 23.41
MG MG PY . 60.89 -40.65 31.41
MG MG QY . 56.35 -52.15 7.81
MG MG RY . 73.04 -68.45 29.92
MG MG SY . 116.80 -121.35 6.96
MG MG TY . 105.27 -102.63 19.66
MG MG UY . 112.31 -102.33 9.41
MG MG VY . 116.76 -101.38 4.28
MG MG WY . 103.38 -87.30 14.47
MG MG XY . 100.79 -90.19 22.13
MG MG YY . 115.36 -81.70 61.59
MG MG ZY . 103.14 -57.39 57.68
MG MG AZ . 86.27 -80.84 35.53
MG MG BZ . 60.99 -82.36 1.89
MG MG CZ . 50.20 -94.47 14.15
MG MG DZ . 58.01 -10.01 0.45
MG MG EZ . 60.19 -48.54 -5.19
MG MG FZ . 80.72 -62.50 22.49
MG MG GZ . 57.59 -20.58 66.47
MG MG HZ . 80.23 30.12 51.81
MG MG IZ . 66.09 6.25 58.65
MG MG JZ . 69.71 -32.85 17.44
MG MG KZ . 69.16 -32.97 18.34
MG MG LZ . 62.18 -28.25 20.46
MG MG MZ . 65.22 -42.16 -15.80
MG MG NZ . 70.46 -33.49 17.09
MG MG OZ . 60.45 -24.26 -3.98
MG MG PZ . 59.22 -78.76 16.82
MG MG QZ . 132.38 -141.69 8.25
#